data_7AX3
#
_entry.id   7AX3
#
_cell.length_a   1.00
_cell.length_b   1.00
_cell.length_c   1.00
_cell.angle_alpha   90.00
_cell.angle_beta   90.00
_cell.angle_gamma   90.00
#
_symmetry.space_group_name_H-M   'P 1'
#
loop_
_entity.id
_entity.type
_entity.pdbx_description
1 polymer Dynamin-1
2 non-polymer 'PHOSPHOMETHYLPHOSPHONIC ACID GUANYLATE ESTER'
3 non-polymer 'MAGNESIUM ION'
#
_entity_poly.entity_id   1
_entity_poly.type   'polypeptide(L)'
_entity_poly.pdbx_seq_one_letter_code
;MGNRGMEDLIPLVNRLQDAFSAIGQNADLDLPQIAVVGGQSAGKSSVLENFVGRDFLPRGSGIVTRRPLVLQLVNATTEY
AEFLHCKGKKFTDFEEVRLEIEAETDRVTGTNKGISPVPINLRVYSPHVLNLTLVDLPGMTKVPVGDQPPDIEFQIRDML
MQFVTKENCLILAVSPANSDLANSDALKVAKEVDPQGQRTIGVITKLDLMDEGTDARDVLENKLLPLRRGYIGVVNRSQK
DIDGKKDITAALAAERKFFLSHPSYRHLADRMGTPYLQKVLNQQLTNHIRDTLPGLRNKLQSQLLSIEKEVEEYKNFRPD
DPARKTKALLQMVQQFAVDFEKRIEGSGDQIDTYELSGGARINRIFHERFPFELVKMEFDEKELRREISYAIKNIHGIRT
GLFTPDMAFETIVKKQVKKIREPCLKCVDMVISELISTVRQCTKKLQQYPRLREEMERIVTTHIREREGRTKEQVMLLID
IELAYMNTNHEDFIGFANAQQRSNQMNKKKTSGNQDEILVIRKGWLTINNIGIMKGGSKEYWFVLTAENLSWYKDDEEKE
KKYMLSVDNLKLRDVEKGFMSSKHIFALFNTEQRNVYKDYRQLELACETQEEVDSWKASFLRAGVYPERVGDKEKASETE
ENGSDSFMHSMDPQLERQVETIRNLVDSYMAIVNKTVRDLMPKTIMHLMINNTKEFIFSELLANLYSCGDQNTLMEESAE
QAQRRDEMLRMYHALKEALSIIGNINTTTVSTPMPPPVDDSWLQVQSVPAGRRSPTSSPTPQRRAPAVPPARPGSRGPAP
GPPPAGSALGGAPPVPSRPGASPDPFGPPPQVPSRPNRAPPGVPSRSGQASPSRPESPRPPFDL
;
_entity_poly.pdbx_strand_id   C2,D2,A2,B2,A,B,C,D,E,F,G,H,I,J,K,L,M,N,O,P,Q,R,S,T,U,V,W,X,Y,Z,E2,F2,G2,H2,I2,J2
#
loop_
_chem_comp.id
_chem_comp.type
_chem_comp.name
_chem_comp.formula
GCP non-polymer 'PHOSPHOMETHYLPHOSPHONIC ACID GUANYLATE ESTER' 'C11 H18 N5 O13 P3'
MG non-polymer 'MAGNESIUM ION' 'Mg 2'
#
# COMPACT_ATOMS: atom_id res chain seq x y z
N ASN A 3 77.01 -78.70 -143.67
CA ASN A 3 77.72 -77.44 -143.46
C ASN A 3 78.99 -77.64 -142.65
N ARG A 4 80.08 -76.99 -143.08
CA ARG A 4 81.37 -77.16 -142.43
C ARG A 4 81.47 -76.45 -141.09
N GLY A 5 80.59 -75.47 -140.85
CA GLY A 5 80.61 -74.79 -139.56
C GLY A 5 80.36 -75.74 -138.41
N MET A 6 79.52 -76.76 -138.64
CA MET A 6 79.21 -77.71 -137.58
C MET A 6 80.36 -78.70 -137.38
N GLU A 7 81.05 -79.08 -138.47
CA GLU A 7 82.30 -79.82 -138.35
C GLU A 7 83.34 -79.03 -137.55
N ASP A 8 83.33 -77.71 -137.65
CA ASP A 8 84.26 -76.90 -136.87
C ASP A 8 84.01 -77.03 -135.37
N LEU A 9 82.79 -77.39 -134.98
CA LEU A 9 82.43 -77.42 -133.57
C LEU A 9 82.28 -78.83 -132.99
N ILE A 10 82.12 -79.86 -133.82
CA ILE A 10 81.99 -81.22 -133.30
C ILE A 10 83.15 -81.65 -132.42
N PRO A 11 84.42 -81.36 -132.73
CA PRO A 11 85.48 -81.86 -131.84
C PRO A 11 85.50 -81.16 -130.49
N LEU A 12 85.22 -79.87 -130.45
CA LEU A 12 85.29 -79.13 -129.19
C LEU A 12 84.13 -79.45 -128.25
N VAL A 13 83.11 -80.16 -128.72
CA VAL A 13 82.02 -80.59 -127.85
C VAL A 13 82.16 -82.08 -127.58
N ASN A 14 82.71 -82.81 -128.55
CA ASN A 14 82.91 -84.24 -128.37
C ASN A 14 84.04 -84.51 -127.38
N ARG A 15 85.05 -83.64 -127.34
CA ARG A 15 86.12 -83.74 -126.37
C ARG A 15 85.67 -83.25 -125.00
N LEU A 16 84.57 -82.51 -124.94
CA LEU A 16 84.10 -81.85 -123.73
C LEU A 16 83.06 -82.67 -122.98
N GLN A 17 81.94 -82.95 -123.64
CA GLN A 17 80.83 -83.62 -122.98
C GLN A 17 81.20 -85.05 -122.58
N ASP A 18 82.05 -85.71 -123.37
CA ASP A 18 82.48 -87.05 -123.00
C ASP A 18 83.21 -87.03 -121.66
N ALA A 19 84.05 -86.02 -121.43
CA ALA A 19 84.75 -85.93 -120.15
C ALA A 19 83.80 -85.56 -119.02
N PHE A 20 82.98 -84.53 -119.22
CA PHE A 20 82.04 -84.14 -118.17
C PHE A 20 81.02 -85.23 -117.84
N SER A 21 80.83 -86.20 -118.73
CA SER A 21 79.97 -87.34 -118.42
C SER A 21 80.76 -88.55 -117.94
N ALA A 22 82.05 -88.62 -118.26
CA ALA A 22 82.90 -89.68 -117.73
C ALA A 22 83.21 -89.48 -116.27
N ILE A 23 83.23 -88.21 -115.81
CA ILE A 23 83.33 -87.97 -114.38
C ILE A 23 82.09 -88.43 -113.63
N GLY A 24 81.02 -88.78 -114.36
CA GLY A 24 79.80 -89.28 -113.76
C GLY A 24 78.80 -88.23 -113.35
N GLN A 25 79.20 -86.96 -113.28
CA GLN A 25 78.27 -85.92 -112.88
C GLN A 25 77.28 -85.61 -114.00
N ASN A 26 76.11 -85.11 -113.61
CA ASN A 26 75.13 -84.65 -114.57
C ASN A 26 75.45 -83.24 -115.04
N ALA A 27 76.69 -83.01 -115.46
CA ALA A 27 77.10 -81.74 -116.02
C ALA A 27 76.83 -81.73 -117.51
N ASP A 28 76.24 -80.64 -117.99
CA ASP A 28 75.82 -80.58 -119.38
C ASP A 28 76.06 -79.19 -119.93
N LEU A 29 76.20 -79.11 -121.25
CA LEU A 29 76.40 -77.83 -121.92
C LEU A 29 75.09 -77.10 -122.17
N ASP A 30 74.04 -77.85 -122.52
CA ASP A 30 72.74 -77.28 -122.86
C ASP A 30 72.86 -76.32 -124.03
N LEU A 31 73.21 -76.87 -125.18
CA LEU A 31 73.18 -76.11 -126.42
C LEU A 31 71.76 -75.59 -126.65
N PRO A 32 71.58 -74.30 -126.92
CA PRO A 32 70.24 -73.78 -127.12
C PRO A 32 69.56 -74.44 -128.33
N GLN A 33 68.26 -74.61 -128.21
CA GLN A 33 67.48 -75.20 -129.29
C GLN A 33 66.96 -74.12 -130.23
N ILE A 34 66.90 -74.45 -131.51
CA ILE A 34 66.61 -73.48 -132.55
C ILE A 34 65.14 -73.62 -132.96
N ALA A 35 64.35 -72.60 -132.69
CA ALA A 35 62.96 -72.54 -133.13
C ALA A 35 62.80 -71.37 -134.09
N VAL A 36 61.81 -71.47 -134.98
CA VAL A 36 61.53 -70.44 -135.97
C VAL A 36 60.08 -70.01 -135.82
N VAL A 37 59.85 -68.70 -135.89
CA VAL A 37 58.50 -68.15 -135.77
C VAL A 37 58.28 -67.18 -136.92
N GLY A 38 57.01 -66.90 -137.18
CA GLY A 38 56.63 -65.98 -138.24
C GLY A 38 55.25 -66.32 -138.77
N GLY A 39 54.85 -65.58 -139.79
CA GLY A 39 53.58 -65.81 -140.43
C GLY A 39 53.66 -66.91 -141.47
N GLN A 40 52.49 -67.30 -141.97
CA GLN A 40 52.43 -68.35 -142.98
C GLN A 40 53.15 -67.91 -144.24
N SER A 41 53.78 -68.88 -144.90
CA SER A 41 54.50 -68.67 -146.16
C SER A 41 55.67 -67.71 -145.98
N ALA A 42 56.29 -67.70 -144.81
CA ALA A 42 57.50 -66.93 -144.60
C ALA A 42 58.76 -67.67 -145.03
N GLY A 43 58.68 -68.98 -145.25
CA GLY A 43 59.84 -69.74 -145.68
C GLY A 43 60.61 -70.43 -144.58
N LYS A 44 59.98 -70.70 -143.44
CA LYS A 44 60.71 -71.23 -142.29
C LYS A 44 61.29 -72.60 -142.57
N SER A 45 60.50 -73.49 -143.17
CA SER A 45 60.99 -74.82 -143.48
C SER A 45 62.18 -74.77 -144.43
N SER A 46 62.14 -73.88 -145.42
CA SER A 46 63.26 -73.72 -146.33
C SER A 46 64.45 -73.07 -145.66
N VAL A 47 64.24 -72.30 -144.59
CA VAL A 47 65.36 -71.79 -143.81
C VAL A 47 66.04 -72.92 -143.05
N LEU A 48 65.26 -73.78 -142.39
CA LEU A 48 65.85 -74.90 -141.66
C LEU A 48 66.56 -75.86 -142.59
N GLU A 49 65.96 -76.16 -143.75
CA GLU A 49 66.60 -77.03 -144.71
C GLU A 49 67.97 -76.50 -145.12
N ASN A 50 68.07 -75.20 -145.37
CA ASN A 50 69.34 -74.62 -145.81
C ASN A 50 70.33 -74.51 -144.67
N PHE A 51 69.85 -74.29 -143.44
CA PHE A 51 70.77 -74.27 -142.30
C PHE A 51 71.38 -75.64 -142.06
N VAL A 52 70.58 -76.70 -142.20
CA VAL A 52 71.12 -78.05 -142.06
C VAL A 52 72.05 -78.38 -143.22
N GLY A 53 71.51 -78.35 -144.44
CA GLY A 53 72.31 -78.64 -145.61
C GLY A 53 71.78 -79.81 -146.42
N ARG A 54 70.62 -80.32 -146.05
CA ARG A 54 70.03 -81.46 -146.74
C ARG A 54 68.54 -81.22 -146.93
N ASP A 55 67.98 -81.85 -147.95
CA ASP A 55 66.60 -81.60 -148.39
C ASP A 55 65.70 -82.67 -147.76
N PHE A 56 65.17 -82.36 -146.57
CA PHE A 56 64.34 -83.32 -145.86
C PHE A 56 63.13 -82.67 -145.21
N LEU A 57 62.62 -81.60 -145.79
CA LEU A 57 61.47 -80.92 -145.19
C LEU A 57 60.43 -80.62 -146.26
N PRO A 58 59.16 -80.53 -145.88
CA PRO A 58 58.12 -80.18 -146.85
C PRO A 58 57.97 -78.66 -146.97
N ARG A 59 57.70 -78.22 -148.19
CA ARG A 59 57.52 -76.80 -148.44
C ARG A 59 56.70 -76.62 -149.71
N GLY A 60 56.06 -75.46 -149.82
CA GLY A 60 55.28 -75.15 -151.00
C GLY A 60 54.34 -74.00 -150.74
N SER A 61 53.62 -73.62 -151.78
CA SER A 61 52.60 -72.59 -151.65
C SER A 61 51.48 -73.08 -150.74
N GLY A 62 50.72 -72.14 -150.20
CA GLY A 62 49.70 -72.52 -149.25
C GLY A 62 50.32 -72.94 -147.93
N ILE A 63 49.52 -73.66 -147.15
CA ILE A 63 49.95 -74.14 -145.84
C ILE A 63 50.61 -75.50 -146.01
N VAL A 64 51.84 -75.63 -145.51
CA VAL A 64 52.61 -76.87 -145.68
C VAL A 64 53.03 -77.41 -144.32
N THR A 65 53.82 -76.64 -143.58
CA THR A 65 54.26 -77.08 -142.26
C THR A 65 53.06 -77.05 -141.32
N ARG A 66 52.37 -78.17 -141.20
CA ARG A 66 51.08 -78.22 -140.54
C ARG A 66 51.16 -78.82 -139.13
N ARG A 67 52.29 -79.45 -138.79
CA ARG A 67 52.51 -80.00 -137.47
C ARG A 67 53.92 -79.63 -137.01
N PRO A 68 54.09 -79.29 -135.74
CA PRO A 68 55.43 -78.98 -135.24
C PRO A 68 56.37 -80.16 -135.44
N LEU A 69 57.60 -79.88 -135.84
CA LEU A 69 58.59 -80.90 -136.11
C LEU A 69 59.78 -80.68 -135.18
N VAL A 70 60.03 -81.64 -134.30
CA VAL A 70 61.18 -81.58 -133.40
C VAL A 70 62.26 -82.44 -134.04
N LEU A 71 63.09 -81.81 -134.87
CA LEU A 71 64.27 -82.46 -135.39
C LEU A 71 65.34 -82.50 -134.32
N GLN A 72 66.05 -83.62 -134.24
CA GLN A 72 67.18 -83.76 -133.33
C GLN A 72 68.35 -84.29 -134.15
N LEU A 73 69.31 -83.40 -134.41
CA LEU A 73 70.57 -83.83 -134.98
C LEU A 73 71.39 -84.47 -133.88
N VAL A 74 71.89 -85.69 -134.13
CA VAL A 74 72.65 -86.45 -133.15
C VAL A 74 73.92 -86.98 -133.82
N ASN A 75 75.06 -86.73 -133.18
CA ASN A 75 76.33 -87.22 -133.69
C ASN A 75 76.41 -88.73 -133.53
N ALA A 76 76.74 -89.43 -134.62
CA ALA A 76 76.78 -90.88 -134.61
C ALA A 76 77.81 -91.34 -135.63
N THR A 77 77.83 -92.65 -135.89
CA THR A 77 78.82 -93.23 -136.79
C THR A 77 78.49 -92.97 -138.24
N THR A 78 77.32 -93.46 -138.69
CA THR A 78 76.90 -93.36 -140.07
C THR A 78 75.73 -92.38 -140.21
N GLU A 79 75.37 -92.12 -141.46
CA GLU A 79 74.31 -91.18 -141.80
C GLU A 79 73.00 -91.93 -141.99
N TYR A 80 71.99 -91.57 -141.21
CA TYR A 80 70.64 -92.08 -141.39
C TYR A 80 69.70 -91.20 -140.57
N ALA A 81 68.40 -91.51 -140.63
CA ALA A 81 67.41 -90.77 -139.87
C ALA A 81 66.25 -91.70 -139.55
N GLU A 82 65.64 -91.48 -138.38
CA GLU A 82 64.50 -92.27 -137.96
C GLU A 82 63.46 -91.40 -137.30
N PHE A 83 62.20 -91.72 -137.58
CA PHE A 83 61.08 -91.11 -136.90
C PHE A 83 60.88 -91.74 -135.53
N LEU A 84 59.79 -91.37 -134.87
CA LEU A 84 59.45 -91.95 -133.58
C LEU A 84 58.23 -92.86 -133.64
N HIS A 85 57.24 -92.52 -134.46
CA HIS A 85 56.06 -93.36 -134.62
C HIS A 85 56.37 -94.66 -135.35
N CYS A 86 57.53 -94.78 -135.99
CA CYS A 86 57.93 -95.95 -136.78
C CYS A 86 59.28 -96.46 -136.31
N LYS A 87 59.41 -96.68 -135.00
CA LYS A 87 60.69 -97.07 -134.40
C LYS A 87 61.33 -98.22 -135.17
N GLY A 88 62.65 -98.13 -135.33
CA GLY A 88 63.42 -99.14 -136.03
C GLY A 88 63.48 -98.98 -137.53
N LYS A 89 62.61 -98.16 -138.11
CA LYS A 89 62.61 -97.95 -139.57
C LYS A 89 63.59 -96.83 -139.87
N LYS A 90 64.85 -97.19 -140.15
CA LYS A 90 65.89 -96.23 -140.47
C LYS A 90 65.71 -95.71 -141.89
N PHE A 91 65.78 -94.40 -142.05
CA PHE A 91 65.61 -93.76 -143.35
C PHE A 91 66.95 -93.20 -143.82
N THR A 92 67.32 -93.55 -145.05
CA THR A 92 68.50 -93.00 -145.70
C THR A 92 68.15 -92.16 -146.92
N ASP A 93 67.00 -92.39 -147.56
CA ASP A 93 66.59 -91.63 -148.72
C ASP A 93 65.79 -90.41 -148.25
N PHE A 94 66.38 -89.23 -148.40
CA PHE A 94 65.75 -88.02 -147.92
C PHE A 94 64.46 -87.70 -148.66
N GLU A 95 64.31 -88.18 -149.90
CA GLU A 95 63.02 -88.06 -150.57
C GLU A 95 61.95 -88.87 -149.83
N GLU A 96 62.31 -90.08 -149.38
CA GLU A 96 61.38 -90.84 -148.55
C GLU A 96 61.09 -90.13 -147.24
N VAL A 97 62.11 -89.50 -146.65
CA VAL A 97 61.87 -88.73 -145.43
C VAL A 97 60.86 -87.60 -145.68
N ARG A 98 61.04 -86.88 -146.78
CA ARG A 98 60.15 -85.77 -147.12
C ARG A 98 58.73 -86.26 -147.38
N LEU A 99 58.59 -87.38 -148.08
CA LEU A 99 57.25 -87.92 -148.31
C LEU A 99 56.61 -88.38 -147.01
N GLU A 100 57.38 -89.07 -146.17
CA GLU A 100 56.81 -89.64 -144.95
C GLU A 100 56.43 -88.55 -143.96
N ILE A 101 57.18 -87.45 -143.91
CA ILE A 101 56.85 -86.41 -142.93
C ILE A 101 55.50 -85.78 -143.25
N GLU A 102 55.21 -85.52 -144.52
CA GLU A 102 53.90 -84.99 -144.85
C GLU A 102 52.82 -86.06 -144.80
N ALA A 103 53.17 -87.32 -145.04
CA ALA A 103 52.20 -88.39 -144.83
C ALA A 103 51.77 -88.47 -143.37
N GLU A 104 52.72 -88.38 -142.45
CA GLU A 104 52.37 -88.32 -141.03
C GLU A 104 51.63 -87.02 -140.70
N THR A 105 51.99 -85.94 -141.39
CA THR A 105 51.36 -84.64 -141.13
C THR A 105 49.87 -84.69 -141.43
N ASP A 106 49.49 -85.28 -142.56
CA ASP A 106 48.07 -85.33 -142.88
C ASP A 106 47.38 -86.59 -142.35
N ARG A 107 48.14 -87.59 -141.88
CA ARG A 107 47.55 -88.77 -141.28
C ARG A 107 46.81 -88.46 -139.98
N VAL A 108 47.07 -87.30 -139.38
CA VAL A 108 46.45 -86.94 -138.12
C VAL A 108 45.40 -85.86 -138.28
N THR A 109 45.57 -84.93 -139.22
CA THR A 109 44.68 -83.79 -139.37
C THR A 109 43.79 -83.86 -140.61
N GLY A 110 44.19 -84.61 -141.63
CA GLY A 110 43.46 -84.62 -142.89
C GLY A 110 44.11 -83.73 -143.92
N THR A 111 43.36 -83.47 -144.98
CA THR A 111 43.81 -82.62 -146.07
C THR A 111 43.12 -81.26 -146.04
N ASN A 112 42.34 -80.98 -144.99
CA ASN A 112 41.55 -79.77 -144.92
C ASN A 112 42.23 -78.71 -144.04
N LYS A 113 43.56 -78.71 -144.02
CA LYS A 113 44.36 -77.63 -143.43
C LYS A 113 44.10 -77.44 -141.93
N GLY A 114 43.69 -78.49 -141.22
CA GLY A 114 43.63 -78.42 -139.78
C GLY A 114 44.97 -78.76 -139.16
N ILE A 115 45.19 -78.35 -137.91
CA ILE A 115 46.49 -78.56 -137.28
C ILE A 115 46.29 -79.32 -135.97
N SER A 116 47.41 -79.85 -135.47
CA SER A 116 47.44 -80.65 -134.26
C SER A 116 48.64 -80.18 -133.43
N PRO A 117 48.43 -79.90 -132.15
CA PRO A 117 49.54 -79.42 -131.31
C PRO A 117 50.43 -80.54 -130.80
N VAL A 118 50.31 -81.73 -131.38
CA VAL A 118 51.12 -82.88 -130.97
C VAL A 118 52.36 -82.92 -131.87
N PRO A 119 53.56 -82.76 -131.33
CA PRO A 119 54.75 -82.65 -132.18
C PRO A 119 55.04 -83.91 -132.97
N ILE A 120 56.06 -83.84 -133.84
CA ILE A 120 56.54 -84.98 -134.59
C ILE A 120 58.04 -85.06 -134.30
N ASN A 121 58.45 -86.02 -133.50
CA ASN A 121 59.87 -86.19 -133.23
C ASN A 121 60.57 -86.84 -134.41
N LEU A 122 61.80 -86.43 -134.65
CA LEU A 122 62.61 -86.98 -135.73
C LEU A 122 64.05 -86.90 -135.28
N ARG A 123 64.85 -87.91 -135.59
CA ARG A 123 66.26 -87.91 -135.19
C ARG A 123 67.12 -88.25 -136.39
N VAL A 124 67.99 -87.32 -136.77
CA VAL A 124 68.97 -87.56 -137.83
C VAL A 124 70.31 -87.85 -137.18
N TYR A 125 70.79 -89.08 -137.34
CA TYR A 125 72.07 -89.49 -136.80
C TYR A 125 73.12 -89.37 -137.90
N SER A 126 74.19 -88.64 -137.62
CA SER A 126 75.21 -88.42 -138.62
C SER A 126 76.49 -87.98 -137.93
N PRO A 127 77.66 -88.28 -138.51
CA PRO A 127 78.91 -87.75 -137.97
C PRO A 127 79.09 -86.26 -138.23
N HIS A 128 78.18 -85.63 -138.98
CA HIS A 128 78.32 -84.25 -139.40
C HIS A 128 77.38 -83.31 -138.66
N VAL A 129 76.84 -83.75 -137.52
CA VAL A 129 75.89 -82.95 -136.76
C VAL A 129 76.27 -82.94 -135.29
N LEU A 130 75.83 -81.89 -134.59
CA LEU A 130 75.95 -81.81 -133.15
C LEU A 130 74.80 -82.56 -132.50
N ASN A 131 74.61 -82.36 -131.20
CA ASN A 131 73.41 -82.83 -130.50
C ASN A 131 72.40 -81.68 -130.36
N LEU A 132 71.85 -81.28 -131.51
CA LEU A 132 71.01 -80.09 -131.58
C LEU A 132 69.53 -80.43 -131.72
N THR A 133 68.70 -79.50 -131.25
CA THR A 133 67.25 -79.59 -131.33
C THR A 133 66.74 -78.44 -132.18
N LEU A 134 66.23 -78.76 -133.36
CA LEU A 134 65.67 -77.79 -134.29
C LEU A 134 64.15 -77.94 -134.28
N VAL A 135 63.46 -76.92 -133.80
CA VAL A 135 62.01 -77.00 -133.63
C VAL A 135 61.37 -76.19 -134.75
N ASP A 136 61.03 -76.87 -135.85
CA ASP A 136 60.22 -76.23 -136.87
C ASP A 136 58.79 -76.12 -136.40
N LEU A 137 58.16 -75.00 -136.68
CA LEU A 137 56.83 -74.69 -136.18
C LEU A 137 55.92 -74.33 -137.34
N PRO A 138 54.62 -74.53 -137.18
CA PRO A 138 53.69 -74.15 -138.26
C PRO A 138 53.56 -72.63 -138.36
N GLY A 139 53.23 -72.19 -139.57
CA GLY A 139 53.04 -70.76 -139.78
C GLY A 139 51.89 -70.23 -138.97
N MET A 140 52.01 -68.97 -138.54
CA MET A 140 50.98 -68.32 -137.76
C MET A 140 49.85 -67.86 -138.67
N THR A 141 48.62 -68.05 -138.19
CA THR A 141 47.41 -67.77 -138.96
C THR A 141 46.48 -66.93 -138.10
N LYS A 142 45.66 -66.11 -138.77
CA LYS A 142 44.78 -65.20 -138.04
C LYS A 142 43.30 -65.49 -138.31
N VAL A 143 42.99 -65.98 -139.52
CA VAL A 143 41.60 -66.34 -139.83
C VAL A 143 41.54 -67.82 -140.19
N PRO A 144 40.56 -68.55 -139.67
CA PRO A 144 40.52 -70.00 -139.91
C PRO A 144 40.10 -70.36 -141.33
N VAL A 145 41.03 -70.93 -142.10
CA VAL A 145 40.74 -71.43 -143.43
C VAL A 145 40.60 -72.94 -143.36
N GLY A 146 39.57 -73.47 -144.02
CA GLY A 146 39.30 -74.89 -143.95
C GLY A 146 38.41 -75.26 -142.79
N ASP A 147 38.67 -76.41 -142.17
CA ASP A 147 37.90 -76.86 -141.01
C ASP A 147 38.56 -76.47 -139.69
N GLN A 148 39.47 -75.49 -139.71
CA GLN A 148 40.13 -75.08 -138.49
C GLN A 148 39.12 -74.43 -137.54
N PRO A 149 39.27 -74.66 -136.23
CA PRO A 149 38.33 -74.09 -135.26
C PRO A 149 38.46 -72.58 -135.20
N PRO A 150 37.49 -71.89 -134.59
CA PRO A 150 37.52 -70.42 -134.59
C PRO A 150 38.72 -69.82 -133.89
N ASP A 151 39.42 -70.56 -133.04
CA ASP A 151 40.55 -70.03 -132.28
C ASP A 151 41.88 -70.60 -132.79
N ILE A 152 42.00 -70.66 -134.13
CA ILE A 152 43.24 -71.16 -134.72
C ILE A 152 44.42 -70.27 -134.35
N GLU A 153 44.20 -68.96 -134.32
CA GLU A 153 45.28 -68.04 -133.97
C GLU A 153 45.76 -68.28 -132.54
N PHE A 154 44.82 -68.49 -131.63
CA PHE A 154 45.20 -68.65 -130.23
C PHE A 154 45.85 -70.02 -130.01
N GLN A 155 45.38 -71.05 -130.69
CA GLN A 155 46.03 -72.34 -130.47
C GLN A 155 47.30 -72.51 -131.28
N ILE A 156 47.62 -71.58 -132.19
CA ILE A 156 48.96 -71.57 -132.78
C ILE A 156 49.91 -70.71 -131.96
N ARG A 157 49.41 -69.61 -131.39
CA ARG A 157 50.26 -68.81 -130.51
C ARG A 157 50.61 -69.58 -129.24
N ASP A 158 49.64 -70.26 -128.64
CA ASP A 158 49.93 -71.09 -127.49
C ASP A 158 50.80 -72.28 -127.86
N MET A 159 50.71 -72.73 -129.12
CA MET A 159 51.64 -73.73 -129.61
C MET A 159 53.06 -73.21 -129.58
N LEU A 160 53.26 -71.97 -130.06
CA LEU A 160 54.60 -71.43 -130.17
C LEU A 160 55.18 -71.05 -128.80
N MET A 161 54.32 -70.66 -127.84
CA MET A 161 54.83 -70.28 -126.54
C MET A 161 55.55 -71.43 -125.84
N GLN A 162 54.96 -72.63 -125.87
CA GLN A 162 55.59 -73.73 -125.14
C GLN A 162 56.93 -74.13 -125.74
N PHE A 163 57.25 -73.66 -126.93
CA PHE A 163 58.52 -73.96 -127.57
C PHE A 163 59.52 -72.81 -127.54
N VAL A 164 59.05 -71.56 -127.42
CA VAL A 164 59.97 -70.42 -127.46
C VAL A 164 60.12 -69.72 -126.13
N THR A 165 59.24 -69.97 -125.14
CA THR A 165 59.37 -69.26 -123.88
C THR A 165 60.53 -69.82 -123.05
N LYS A 166 60.92 -71.06 -123.28
CA LYS A 166 62.01 -71.67 -122.53
C LYS A 166 63.33 -71.00 -122.90
N GLU A 167 64.13 -70.70 -121.89
CA GLU A 167 65.42 -70.08 -122.13
C GLU A 167 66.32 -71.03 -122.91
N ASN A 168 67.42 -70.49 -123.41
CA ASN A 168 68.32 -71.22 -124.31
C ASN A 168 67.54 -71.75 -125.51
N CYS A 169 66.71 -70.89 -126.08
CA CYS A 169 65.96 -71.19 -127.29
C CYS A 169 66.16 -70.05 -128.27
N LEU A 170 67.08 -70.24 -129.21
CA LEU A 170 67.27 -69.27 -130.28
C LEU A 170 65.98 -69.13 -131.07
N ILE A 171 65.52 -67.89 -131.23
CA ILE A 171 64.28 -67.61 -131.92
C ILE A 171 64.63 -66.96 -133.25
N LEU A 172 64.47 -67.71 -134.33
CA LEU A 172 64.62 -67.17 -135.67
C LEU A 172 63.29 -66.54 -136.05
N ALA A 173 63.22 -65.22 -135.92
CA ALA A 173 62.06 -64.46 -136.38
C ALA A 173 62.19 -64.33 -137.89
N VAL A 174 61.48 -65.19 -138.63
CA VAL A 174 61.54 -65.18 -140.08
C VAL A 174 60.41 -64.29 -140.60
N SER A 175 60.77 -63.26 -141.34
CA SER A 175 59.80 -62.34 -141.89
C SER A 175 60.02 -62.22 -143.39
N PRO A 176 58.94 -62.11 -144.17
CA PRO A 176 59.10 -61.95 -145.61
C PRO A 176 59.41 -60.51 -145.96
N ALA A 177 60.21 -60.33 -147.01
CA ALA A 177 60.56 -58.99 -147.44
C ALA A 177 59.37 -58.28 -148.06
N ASN A 178 58.54 -59.01 -148.81
CA ASN A 178 57.41 -58.40 -149.49
C ASN A 178 56.47 -57.74 -148.51
N SER A 179 56.09 -58.44 -147.45
CA SER A 179 55.26 -57.82 -146.43
C SER A 179 56.07 -56.81 -145.63
N ASP A 180 55.36 -55.84 -145.07
CA ASP A 180 56.03 -54.82 -144.28
C ASP A 180 56.53 -55.43 -142.98
N LEU A 181 57.65 -54.88 -142.47
CA LEU A 181 58.26 -55.43 -141.27
C LEU A 181 57.40 -55.22 -140.05
N ALA A 182 56.61 -54.14 -140.02
CA ALA A 182 55.75 -53.88 -138.89
C ALA A 182 54.66 -54.93 -138.75
N ASN A 183 54.43 -55.73 -139.79
CA ASN A 183 53.45 -56.80 -139.75
C ASN A 183 54.05 -58.16 -139.44
N SER A 184 55.30 -58.22 -138.99
CA SER A 184 55.97 -59.49 -138.74
C SER A 184 55.47 -60.07 -137.42
N ASP A 185 54.59 -61.07 -137.51
CA ASP A 185 54.19 -61.81 -136.32
C ASP A 185 55.39 -62.43 -135.64
N ALA A 186 56.41 -62.79 -136.41
CA ALA A 186 57.65 -63.28 -135.84
C ALA A 186 58.24 -62.27 -134.88
N LEU A 187 58.36 -61.02 -135.32
CA LEU A 187 58.94 -60.00 -134.45
C LEU A 187 58.02 -59.67 -133.29
N LYS A 188 56.69 -59.76 -133.49
CA LYS A 188 55.79 -59.56 -132.35
C LYS A 188 56.03 -60.60 -131.28
N VAL A 189 56.12 -61.87 -131.68
CA VAL A 189 56.38 -62.95 -130.73
C VAL A 189 57.75 -62.77 -130.08
N ALA A 190 58.75 -62.36 -130.87
CA ALA A 190 60.09 -62.19 -130.34
C ALA A 190 60.13 -61.08 -129.29
N LYS A 191 59.46 -59.96 -129.55
CA LYS A 191 59.41 -58.90 -128.56
C LYS A 191 58.51 -59.24 -127.38
N GLU A 192 57.62 -60.23 -127.52
CA GLU A 192 56.85 -60.67 -126.37
C GLU A 192 57.65 -61.59 -125.46
N VAL A 193 58.36 -62.56 -126.02
CA VAL A 193 59.01 -63.60 -125.24
C VAL A 193 60.52 -63.39 -125.15
N ASP A 194 61.02 -62.24 -125.59
CA ASP A 194 62.44 -61.94 -125.56
C ASP A 194 62.61 -60.43 -125.71
N PRO A 195 62.24 -59.65 -124.69
CA PRO A 195 62.18 -58.19 -124.89
C PRO A 195 63.49 -57.57 -125.35
N GLN A 196 64.59 -57.84 -124.65
CA GLN A 196 65.86 -57.23 -125.01
C GLN A 196 66.47 -57.82 -126.27
N GLY A 197 65.89 -58.89 -126.81
CA GLY A 197 66.44 -59.52 -128.00
C GLY A 197 67.78 -60.18 -127.78
N GLN A 198 67.97 -60.81 -126.63
CA GLN A 198 69.24 -61.48 -126.36
C GLN A 198 69.44 -62.69 -127.27
N ARG A 199 68.38 -63.45 -127.51
CA ARG A 199 68.45 -64.72 -128.23
C ARG A 199 67.54 -64.73 -129.45
N THR A 200 67.42 -63.58 -130.11
CA THR A 200 66.54 -63.42 -131.26
C THR A 200 67.39 -63.13 -132.49
N ILE A 201 67.24 -63.94 -133.53
CA ILE A 201 67.91 -63.75 -134.81
C ILE A 201 66.84 -63.38 -135.82
N GLY A 202 66.96 -62.20 -136.42
CA GLY A 202 66.04 -61.78 -137.46
C GLY A 202 66.49 -62.27 -138.82
N VAL A 203 65.55 -62.86 -139.56
CA VAL A 203 65.83 -63.35 -140.90
C VAL A 203 64.80 -62.74 -141.84
N ILE A 204 65.27 -62.26 -142.99
CA ILE A 204 64.42 -61.63 -143.99
C ILE A 204 64.46 -62.49 -145.25
N THR A 205 63.32 -63.03 -145.63
CA THR A 205 63.22 -63.96 -146.75
C THR A 205 62.52 -63.29 -147.93
N LYS A 206 62.65 -63.92 -149.10
CA LYS A 206 62.00 -63.47 -150.33
C LYS A 206 62.43 -62.05 -150.69
N LEU A 207 63.73 -61.87 -150.83
CA LEU A 207 64.28 -60.59 -151.24
C LEU A 207 64.28 -60.41 -152.75
N ASP A 208 64.02 -61.46 -153.52
CA ASP A 208 63.95 -61.36 -154.96
C ASP A 208 62.54 -61.11 -155.47
N LEU A 209 61.56 -60.97 -154.56
CA LEU A 209 60.18 -60.73 -154.95
C LEU A 209 59.64 -59.43 -154.36
N MET A 210 60.52 -58.51 -153.97
CA MET A 210 60.07 -57.24 -153.41
C MET A 210 59.37 -56.40 -154.47
N ASP A 211 58.52 -55.49 -154.00
CA ASP A 211 57.82 -54.58 -154.89
C ASP A 211 58.83 -53.79 -155.71
N GLU A 212 58.60 -53.73 -157.02
CA GLU A 212 59.57 -53.11 -157.92
C GLU A 212 59.83 -51.66 -157.53
N GLY A 213 61.10 -51.27 -157.54
CA GLY A 213 61.49 -49.95 -157.14
C GLY A 213 61.68 -49.74 -155.66
N THR A 214 61.50 -50.78 -154.86
CA THR A 214 61.68 -50.71 -153.42
C THR A 214 62.79 -51.67 -153.01
N ASP A 215 63.37 -51.41 -151.84
CA ASP A 215 64.43 -52.26 -151.30
C ASP A 215 64.39 -52.20 -149.79
N ALA A 216 64.68 -53.34 -149.15
CA ALA A 216 64.65 -53.46 -147.70
C ALA A 216 65.98 -53.09 -147.06
N ARG A 217 66.78 -52.22 -147.72
CA ARG A 217 68.08 -51.85 -147.19
C ARG A 217 67.99 -51.30 -145.77
N ASP A 218 67.01 -50.45 -145.51
CA ASP A 218 66.85 -49.88 -144.18
C ASP A 218 66.45 -50.90 -143.14
N VAL A 219 66.02 -52.09 -143.56
CA VAL A 219 65.74 -53.18 -142.62
C VAL A 219 66.98 -54.05 -142.43
N LEU A 220 67.62 -54.44 -143.53
CA LEU A 220 68.79 -55.30 -143.46
C LEU A 220 69.95 -54.60 -142.76
N GLU A 221 69.99 -53.26 -142.77
CA GLU A 221 71.01 -52.53 -142.06
C GLU A 221 70.60 -52.22 -140.62
N ASN A 222 69.61 -52.94 -140.09
CA ASN A 222 69.18 -52.82 -138.70
C ASN A 222 68.83 -51.38 -138.34
N LYS A 223 68.27 -50.65 -139.29
CA LYS A 223 67.90 -49.25 -139.09
C LYS A 223 66.43 -49.08 -138.74
N LEU A 224 65.54 -49.74 -139.47
CA LEU A 224 64.10 -49.57 -139.23
C LEU A 224 63.72 -50.04 -137.84
N LEU A 225 63.88 -51.33 -137.57
CA LEU A 225 63.55 -51.91 -136.27
C LEU A 225 64.82 -52.38 -135.59
N PRO A 226 65.29 -51.71 -134.54
CA PRO A 226 66.57 -52.08 -133.94
C PRO A 226 66.50 -53.48 -133.32
N LEU A 227 67.45 -54.32 -133.73
CA LEU A 227 67.55 -55.69 -133.23
C LEU A 227 68.99 -55.96 -132.84
N ARG A 228 69.17 -56.67 -131.73
CA ARG A 228 70.52 -56.82 -131.17
C ARG A 228 71.44 -57.58 -132.11
N ARG A 229 70.97 -58.71 -132.63
CA ARG A 229 71.80 -59.53 -133.51
C ARG A 229 71.70 -59.12 -134.97
N GLY A 230 70.84 -58.18 -135.31
CA GLY A 230 70.69 -57.74 -136.68
C GLY A 230 69.90 -58.72 -137.52
N TYR A 231 69.60 -58.30 -138.74
CA TYR A 231 68.83 -59.11 -139.67
C TYR A 231 69.75 -59.73 -140.72
N ILE A 232 69.36 -60.90 -141.19
CA ILE A 232 70.10 -61.62 -142.22
C ILE A 232 69.16 -61.87 -143.37
N GLY A 233 69.48 -61.32 -144.53
CA GLY A 233 68.68 -61.59 -145.71
C GLY A 233 69.08 -62.88 -146.39
N VAL A 234 68.08 -63.60 -146.89
CA VAL A 234 68.31 -64.85 -147.60
C VAL A 234 67.31 -64.95 -148.74
N VAL A 235 67.75 -65.59 -149.82
CA VAL A 235 66.90 -65.88 -150.98
C VAL A 235 66.87 -67.40 -151.14
N ASN A 236 65.68 -67.97 -151.07
CA ASN A 236 65.50 -69.41 -151.13
C ASN A 236 65.05 -69.80 -152.54
N ARG A 237 64.75 -71.08 -152.71
CA ARG A 237 64.23 -71.54 -154.00
C ARG A 237 62.80 -71.06 -154.18
N SER A 238 62.51 -70.51 -155.35
CA SER A 238 61.15 -70.11 -155.66
C SER A 238 60.26 -71.34 -155.79
N GLN A 239 58.95 -71.11 -155.79
CA GLN A 239 58.01 -72.22 -155.91
C GLN A 239 58.18 -72.94 -157.24
N LYS A 240 58.44 -72.18 -158.31
CA LYS A 240 58.74 -72.81 -159.59
C LYS A 240 60.00 -73.66 -159.50
N ASP A 241 61.01 -73.19 -158.77
CA ASP A 241 62.22 -73.98 -158.58
C ASP A 241 61.94 -75.26 -157.81
N ILE A 242 61.08 -75.18 -156.79
CA ILE A 242 60.70 -76.38 -156.05
C ILE A 242 59.99 -77.38 -156.95
N ASP A 243 59.08 -76.89 -157.79
CA ASP A 243 58.38 -77.78 -158.70
C ASP A 243 59.33 -78.39 -159.74
N GLY A 244 60.29 -77.60 -160.22
CA GLY A 244 61.29 -78.09 -161.14
C GLY A 244 62.43 -78.85 -160.53
N LYS A 245 62.43 -79.00 -159.20
CA LYS A 245 63.44 -79.76 -158.47
C LYS A 245 64.84 -79.18 -158.69
N LYS A 246 64.97 -77.88 -158.43
CA LYS A 246 66.27 -77.24 -158.49
C LYS A 246 67.15 -77.72 -157.34
N ASP A 247 68.46 -77.60 -157.54
CA ASP A 247 69.41 -78.14 -156.58
C ASP A 247 70.03 -77.04 -155.71
N ILE A 248 70.65 -77.48 -154.61
CA ILE A 248 71.26 -76.57 -153.66
C ILE A 248 72.39 -75.77 -154.30
N THR A 249 73.16 -76.41 -155.18
CA THR A 249 74.29 -75.72 -155.80
C THR A 249 73.81 -74.53 -156.62
N ALA A 250 72.85 -74.75 -157.51
CA ALA A 250 72.33 -73.66 -158.34
C ALA A 250 71.61 -72.62 -157.49
N ALA A 251 70.87 -73.07 -156.47
CA ALA A 251 70.18 -72.11 -155.60
C ALA A 251 71.18 -71.20 -154.89
N LEU A 252 72.25 -71.77 -154.37
CA LEU A 252 73.27 -70.97 -153.69
C LEU A 252 73.98 -70.05 -154.66
N ALA A 253 74.26 -70.52 -155.87
CA ALA A 253 74.91 -69.66 -156.87
C ALA A 253 74.03 -68.46 -157.19
N ALA A 254 72.74 -68.70 -157.42
CA ALA A 254 71.82 -67.61 -157.72
C ALA A 254 71.68 -66.65 -156.54
N GLU A 255 71.59 -67.20 -155.33
CA GLU A 255 71.46 -66.36 -154.15
C GLU A 255 72.70 -65.49 -153.95
N ARG A 256 73.88 -66.05 -154.19
CA ARG A 256 75.11 -65.28 -154.06
C ARG A 256 75.21 -64.20 -155.12
N LYS A 257 74.87 -64.54 -156.37
CA LYS A 257 74.97 -63.55 -157.44
C LYS A 257 73.90 -62.46 -157.32
N PHE A 258 72.78 -62.74 -156.66
CA PHE A 258 71.75 -61.73 -156.51
C PHE A 258 72.24 -60.54 -155.69
N PHE A 259 72.89 -60.81 -154.56
CA PHE A 259 73.35 -59.73 -153.70
C PHE A 259 74.51 -58.96 -154.30
N LEU A 260 75.14 -59.49 -155.35
CA LEU A 260 76.10 -58.70 -156.12
C LEU A 260 75.44 -57.91 -157.23
N SER A 261 74.39 -58.47 -157.84
CA SER A 261 73.68 -57.75 -158.89
C SER A 261 72.91 -56.56 -158.34
N HIS A 262 72.31 -56.70 -157.17
CA HIS A 262 71.45 -55.64 -156.65
C HIS A 262 72.28 -54.45 -156.20
N PRO A 263 72.05 -53.25 -156.74
CA PRO A 263 72.83 -52.08 -156.32
C PRO A 263 72.70 -51.73 -154.85
N SER A 264 71.52 -51.94 -154.26
CA SER A 264 71.32 -51.59 -152.86
C SER A 264 71.99 -52.56 -151.90
N TYR A 265 72.27 -53.79 -152.35
CA TYR A 265 72.84 -54.82 -151.49
C TYR A 265 74.24 -55.23 -151.94
N ARG A 266 74.85 -54.50 -152.87
CA ARG A 266 76.19 -54.86 -153.34
C ARG A 266 77.20 -54.81 -152.20
N HIS A 267 77.06 -53.83 -151.29
CA HIS A 267 77.99 -53.66 -150.19
C HIS A 267 77.62 -54.50 -148.97
N LEU A 268 76.80 -55.54 -149.16
CA LEU A 268 76.43 -56.42 -148.06
C LEU A 268 76.46 -57.88 -148.45
N ALA A 269 77.00 -58.23 -149.62
CA ALA A 269 76.93 -59.60 -150.10
C ALA A 269 77.60 -60.57 -149.14
N ASP A 270 78.71 -60.17 -148.52
CA ASP A 270 79.38 -61.05 -147.57
C ASP A 270 78.61 -61.16 -146.25
N ARG A 271 77.81 -60.16 -145.90
CA ARG A 271 77.09 -60.15 -144.64
C ARG A 271 75.66 -60.65 -144.74
N MET A 272 75.18 -60.96 -145.95
CA MET A 272 73.85 -61.49 -146.18
C MET A 272 73.96 -62.81 -146.92
N GLY A 273 73.00 -63.70 -146.66
CA GLY A 273 72.98 -64.98 -147.35
C GLY A 273 72.93 -66.18 -146.42
N THR A 274 72.57 -67.33 -146.97
CA THR A 274 72.49 -68.55 -146.17
C THR A 274 73.82 -68.96 -145.53
N PRO A 275 74.96 -68.93 -146.23
CA PRO A 275 76.23 -69.23 -145.52
C PRO A 275 76.49 -68.31 -144.35
N TYR A 276 76.18 -67.01 -144.49
CA TYR A 276 76.39 -66.11 -143.37
C TYR A 276 75.40 -66.38 -142.25
N LEU A 277 74.18 -66.82 -142.59
CA LEU A 277 73.23 -67.24 -141.57
C LEU A 277 73.76 -68.43 -140.78
N GLN A 278 74.34 -69.40 -141.49
CA GLN A 278 74.95 -70.54 -140.81
C GLN A 278 76.09 -70.08 -139.90
N LYS A 279 76.92 -69.17 -140.40
CA LYS A 279 78.04 -68.66 -139.60
C LYS A 279 77.55 -67.96 -138.34
N VAL A 280 76.51 -67.15 -138.46
CA VAL A 280 75.98 -66.44 -137.29
C VAL A 280 75.39 -67.42 -136.29
N LEU A 281 74.64 -68.42 -136.77
CA LEU A 281 74.05 -69.39 -135.86
C LEU A 281 75.13 -70.18 -135.12
N ASN A 282 76.17 -70.60 -135.84
CA ASN A 282 77.23 -71.36 -135.20
C ASN A 282 78.02 -70.48 -134.23
N GLN A 283 78.21 -69.20 -134.58
CA GLN A 283 78.83 -68.27 -133.65
C GLN A 283 78.01 -68.13 -132.39
N GLN A 284 76.68 -68.09 -132.53
CA GLN A 284 75.82 -67.96 -131.36
C GLN A 284 75.86 -69.20 -130.49
N LEU A 285 76.01 -70.38 -131.11
CA LEU A 285 76.17 -71.60 -130.33
C LEU A 285 77.49 -71.61 -129.59
N THR A 286 78.57 -71.20 -130.27
CA THR A 286 79.88 -71.17 -129.64
C THR A 286 79.93 -70.16 -128.50
N ASN A 287 79.26 -69.02 -128.67
CA ASN A 287 79.21 -68.00 -127.63
C ASN A 287 78.35 -68.42 -126.45
N HIS A 288 77.71 -69.59 -126.51
CA HIS A 288 77.09 -70.21 -125.35
C HIS A 288 77.94 -71.31 -124.76
N ILE A 289 78.55 -72.14 -125.62
CA ILE A 289 79.47 -73.17 -125.13
C ILE A 289 80.58 -72.52 -124.31
N ARG A 290 81.21 -71.48 -124.85
CA ARG A 290 82.29 -70.79 -124.17
C ARG A 290 81.78 -69.86 -123.08
N ASP A 291 80.49 -69.47 -123.14
CA ASP A 291 79.91 -68.70 -122.05
C ASP A 291 79.76 -69.54 -120.80
N THR A 292 79.38 -70.81 -120.96
CA THR A 292 79.08 -71.65 -119.80
C THR A 292 80.34 -72.02 -119.02
N LEU A 293 81.50 -72.05 -119.69
CA LEU A 293 82.70 -72.63 -119.08
C LEU A 293 83.10 -72.04 -117.73
N PRO A 294 83.05 -70.73 -117.49
CA PRO A 294 83.42 -70.23 -116.15
C PRO A 294 82.63 -70.86 -115.02
N GLY A 295 81.32 -71.05 -115.19
CA GLY A 295 80.53 -71.67 -114.15
C GLY A 295 80.96 -73.09 -113.87
N LEU A 296 81.16 -73.88 -114.94
CA LEU A 296 81.63 -75.24 -114.77
C LEU A 296 82.98 -75.28 -114.08
N ARG A 297 83.89 -74.39 -114.48
CA ARG A 297 85.23 -74.41 -113.91
C ARG A 297 85.20 -74.10 -112.42
N ASN A 298 84.44 -73.07 -112.02
CA ASN A 298 84.43 -72.72 -110.60
C ASN A 298 83.71 -73.77 -109.77
N LYS A 299 82.61 -74.33 -110.30
CA LYS A 299 81.89 -75.37 -109.55
C LYS A 299 82.75 -76.62 -109.39
N LEU A 300 83.46 -77.03 -110.44
CA LEU A 300 84.33 -78.20 -110.33
C LEU A 300 85.53 -77.90 -109.46
N GLN A 301 86.00 -76.64 -109.42
CA GLN A 301 87.04 -76.27 -108.47
C GLN A 301 86.54 -76.44 -107.04
N SER A 302 85.30 -76.02 -106.78
CA SER A 302 84.72 -76.23 -105.45
C SER A 302 84.61 -77.70 -105.10
N GLN A 303 84.19 -78.53 -106.07
CA GLN A 303 84.08 -79.96 -105.79
C GLN A 303 85.44 -80.61 -105.56
N LEU A 304 86.46 -80.21 -106.35
CA LEU A 304 87.81 -80.71 -106.11
C LEU A 304 88.34 -80.22 -104.77
N LEU A 305 87.95 -79.02 -104.35
CA LEU A 305 88.29 -78.54 -103.01
C LEU A 305 87.66 -79.45 -101.96
N SER A 306 86.43 -79.89 -102.19
CA SER A 306 85.77 -80.79 -101.24
C SER A 306 86.50 -82.13 -101.17
N ILE A 307 86.95 -82.65 -102.31
CA ILE A 307 87.52 -84.00 -102.29
C ILE A 307 89.01 -84.00 -101.92
N GLU A 308 89.71 -82.88 -102.09
CA GLU A 308 91.15 -82.89 -101.90
C GLU A 308 91.52 -83.15 -100.45
N LYS A 309 90.69 -82.70 -99.50
CA LYS A 309 90.96 -82.96 -98.10
C LYS A 309 90.96 -84.46 -97.82
N GLU A 310 89.98 -85.18 -98.37
CA GLU A 310 89.97 -86.62 -98.22
C GLU A 310 91.15 -87.26 -98.93
N VAL A 311 91.57 -86.69 -100.06
CA VAL A 311 92.74 -87.21 -100.75
C VAL A 311 94.03 -86.94 -99.96
N GLU A 312 94.01 -85.97 -99.05
CA GLU A 312 95.22 -85.64 -98.29
C GLU A 312 95.69 -86.82 -97.45
N GLU A 313 94.77 -87.43 -96.69
CA GLU A 313 95.13 -88.64 -95.97
C GLU A 313 95.21 -89.85 -96.89
N TYR A 314 94.83 -89.71 -98.16
CA TYR A 314 94.89 -90.79 -99.13
C TYR A 314 95.86 -90.48 -100.28
N LYS A 315 96.99 -89.84 -99.97
CA LYS A 315 98.03 -89.68 -100.98
C LYS A 315 98.56 -91.04 -101.42
N ASN A 316 98.80 -91.93 -100.47
CA ASN A 316 99.44 -93.21 -100.71
C ASN A 316 98.69 -94.35 -100.03
N PHE A 317 98.80 -95.54 -100.60
CA PHE A 317 98.19 -96.74 -100.03
C PHE A 317 98.98 -97.95 -100.53
N ARG A 318 99.70 -98.60 -99.62
CA ARG A 318 100.43 -99.82 -99.93
C ARG A 318 99.70 -101.03 -99.34
N PRO A 319 99.94 -102.23 -99.89
CA PRO A 319 99.37 -103.43 -99.28
C PRO A 319 99.86 -103.59 -97.85
N ASP A 320 98.94 -104.05 -96.99
CA ASP A 320 99.19 -104.38 -95.59
C ASP A 320 99.39 -103.15 -94.72
N ASP A 321 99.47 -101.96 -95.33
CA ASP A 321 99.46 -100.67 -94.64
C ASP A 321 100.32 -100.66 -93.38
N PRO A 322 101.65 -100.63 -93.50
CA PRO A 322 102.50 -100.81 -92.32
C PRO A 322 102.26 -99.79 -91.22
N ALA A 323 102.01 -98.53 -91.57
CA ALA A 323 101.83 -97.47 -90.58
C ALA A 323 100.44 -96.86 -90.59
N ARG A 324 99.74 -96.91 -91.73
CA ARG A 324 98.37 -96.41 -91.77
C ARG A 324 97.51 -97.18 -90.78
N LYS A 325 97.77 -98.47 -90.61
CA LYS A 325 97.00 -99.27 -89.66
C LYS A 325 97.16 -98.74 -88.23
N THR A 326 98.40 -98.48 -87.81
CA THR A 326 98.62 -97.95 -86.47
C THR A 326 98.01 -96.57 -86.32
N LYS A 327 98.17 -95.72 -87.33
CA LYS A 327 97.61 -94.37 -87.25
C LYS A 327 96.09 -94.42 -87.11
N ALA A 328 95.43 -95.23 -87.94
CA ALA A 328 93.98 -95.34 -87.87
C ALA A 328 93.53 -95.97 -86.57
N LEU A 329 94.30 -96.91 -86.04
CA LEU A 329 93.98 -97.48 -84.73
C LEU A 329 94.00 -96.39 -83.67
N LEU A 330 95.02 -95.53 -83.70
CA LEU A 330 95.07 -94.44 -82.72
C LEU A 330 93.89 -93.50 -82.90
N GLN A 331 93.54 -93.18 -84.14
CA GLN A 331 92.41 -92.28 -84.38
C GLN A 331 91.12 -92.88 -83.82
N MET A 332 90.88 -94.17 -84.10
CA MET A 332 89.68 -94.81 -83.59
C MET A 332 89.67 -94.85 -82.06
N VAL A 333 90.81 -95.16 -81.45
CA VAL A 333 90.87 -95.23 -79.99
C VAL A 333 90.59 -93.87 -79.38
N GLN A 334 91.17 -92.81 -79.95
CA GLN A 334 90.93 -91.47 -79.44
C GLN A 334 89.47 -91.06 -79.64
N GLN A 335 88.88 -91.40 -80.79
CA GLN A 335 87.46 -91.10 -81.00
C GLN A 335 86.60 -91.81 -79.98
N PHE A 336 86.89 -93.09 -79.72
CA PHE A 336 86.10 -93.83 -78.74
C PHE A 336 86.25 -93.23 -77.35
N ALA A 337 87.47 -92.87 -76.96
CA ALA A 337 87.69 -92.31 -75.63
C ALA A 337 86.98 -90.98 -75.47
N VAL A 338 87.11 -90.09 -76.46
CA VAL A 338 86.49 -88.78 -76.35
C VAL A 338 84.97 -88.92 -76.40
N ASP A 339 84.45 -89.89 -77.14
CA ASP A 339 83.01 -90.06 -77.19
C ASP A 339 82.47 -90.68 -75.90
N PHE A 340 83.23 -91.59 -75.28
CA PHE A 340 82.84 -92.10 -73.98
C PHE A 340 82.80 -90.97 -72.96
N GLU A 341 83.85 -90.14 -72.93
CA GLU A 341 83.87 -89.03 -71.99
C GLU A 341 82.76 -88.03 -72.28
N LYS A 342 82.47 -87.78 -73.56
CA LYS A 342 81.38 -86.88 -73.91
C LYS A 342 80.03 -87.47 -73.52
N ARG A 343 79.88 -88.79 -73.63
CA ARG A 343 78.60 -89.43 -73.35
C ARG A 343 78.32 -89.48 -71.86
N ILE A 344 79.36 -89.68 -71.05
CA ILE A 344 79.20 -89.87 -69.60
C ILE A 344 79.56 -88.62 -68.82
N GLU A 345 80.81 -88.17 -68.91
CA GLU A 345 81.22 -86.97 -68.20
C GLU A 345 80.44 -85.75 -68.68
N GLY A 346 80.29 -85.61 -70.00
CA GLY A 346 79.62 -84.46 -70.56
C GLY A 346 80.58 -83.39 -71.04
N SER A 347 81.62 -83.80 -71.77
CA SER A 347 82.57 -82.85 -72.30
C SER A 347 81.91 -81.94 -73.32
N GLY A 348 82.67 -80.96 -73.80
CA GLY A 348 82.14 -80.02 -74.75
C GLY A 348 81.96 -80.57 -76.15
N ASP A 349 81.95 -79.68 -77.14
CA ASP A 349 81.89 -80.04 -78.56
C ASP A 349 80.61 -80.79 -78.92
N GLN A 350 79.50 -80.11 -78.74
CA GLN A 350 78.23 -80.47 -79.38
C GLN A 350 77.70 -81.85 -79.02
N ILE A 351 77.30 -82.05 -77.77
CA ILE A 351 76.57 -83.26 -77.41
C ILE A 351 75.14 -83.16 -77.94
N ASP A 352 74.61 -84.27 -78.45
CA ASP A 352 73.32 -84.26 -79.12
C ASP A 352 72.19 -83.90 -78.17
N THR A 353 71.18 -83.22 -78.70
CA THR A 353 70.02 -82.79 -77.95
C THR A 353 68.75 -83.53 -78.33
N TYR A 354 68.85 -84.60 -79.11
CA TYR A 354 67.65 -85.25 -79.64
C TYR A 354 66.92 -86.04 -78.56
N GLU A 355 67.62 -86.93 -77.87
CA GLU A 355 67.00 -87.82 -76.90
C GLU A 355 67.56 -87.54 -75.51
N LEU A 356 67.19 -88.40 -74.56
CA LEU A 356 67.81 -88.36 -73.26
C LEU A 356 69.31 -88.66 -73.36
N SER A 357 69.71 -89.28 -74.47
CA SER A 357 71.05 -89.16 -75.05
C SER A 357 72.15 -89.62 -74.09
N GLY A 358 72.14 -90.91 -73.84
CA GLY A 358 73.33 -91.54 -73.30
C GLY A 358 73.18 -91.95 -71.85
N GLY A 359 74.13 -92.78 -71.41
CA GLY A 359 74.06 -93.34 -70.08
C GLY A 359 74.13 -92.29 -68.99
N ALA A 360 74.82 -91.18 -69.23
CA ALA A 360 75.12 -90.22 -68.18
C ALA A 360 73.87 -89.84 -67.40
N ARG A 361 72.81 -89.46 -68.12
CA ARG A 361 71.59 -89.06 -67.41
C ARG A 361 70.73 -90.27 -67.09
N ILE A 362 70.82 -91.35 -67.86
CA ILE A 362 70.23 -92.62 -67.43
C ILE A 362 70.90 -93.10 -66.15
N ASN A 363 72.22 -93.00 -66.10
CA ASN A 363 72.96 -93.33 -64.90
C ASN A 363 72.53 -92.43 -63.74
N ARG A 364 72.35 -91.14 -64.01
CA ARG A 364 71.79 -90.27 -62.98
C ARG A 364 70.39 -90.68 -62.54
N ILE A 365 69.50 -91.02 -63.48
CA ILE A 365 68.15 -91.34 -63.04
C ILE A 365 68.20 -92.58 -62.17
N PHE A 366 69.20 -93.44 -62.38
CA PHE A 366 69.43 -94.53 -61.43
C PHE A 366 69.87 -94.00 -60.07
N HIS A 367 70.90 -93.13 -60.05
CA HIS A 367 71.39 -92.61 -58.77
C HIS A 367 70.36 -91.78 -58.02
N GLU A 368 69.30 -91.33 -58.69
CA GLU A 368 68.28 -90.54 -58.02
C GLU A 368 66.89 -91.16 -58.09
N ARG A 369 66.78 -92.42 -58.52
CA ARG A 369 65.58 -93.23 -58.31
C ARG A 369 65.80 -94.37 -57.34
N PHE A 370 67.05 -94.82 -57.18
CA PHE A 370 67.42 -95.77 -56.14
C PHE A 370 67.03 -95.26 -54.76
N PRO A 371 67.12 -93.94 -54.45
CA PRO A 371 66.50 -93.45 -53.22
C PRO A 371 64.98 -93.55 -53.17
N PHE A 372 64.35 -94.08 -54.23
CA PHE A 372 62.97 -94.53 -54.11
C PHE A 372 62.86 -96.02 -53.91
N GLU A 373 63.76 -96.79 -54.50
CA GLU A 373 63.79 -98.24 -54.26
C GLU A 373 64.18 -98.57 -52.83
N LEU A 374 64.94 -97.69 -52.17
CA LEU A 374 65.21 -97.88 -50.75
C LEU A 374 63.94 -97.67 -49.92
N VAL A 375 63.20 -96.59 -50.20
CA VAL A 375 62.01 -96.28 -49.43
C VAL A 375 60.94 -97.32 -49.64
N LYS A 376 60.72 -97.74 -50.89
CA LYS A 376 59.56 -98.56 -51.22
C LYS A 376 59.63 -99.93 -50.57
N MET A 377 60.75 -100.63 -50.74
CA MET A 377 60.80 -102.05 -50.42
C MET A 377 60.73 -102.32 -48.91
N GLU A 378 61.31 -101.45 -48.10
CA GLU A 378 61.47 -101.72 -46.68
C GLU A 378 60.34 -101.09 -45.87
N PHE A 379 59.65 -101.90 -45.10
CA PHE A 379 58.58 -101.44 -44.22
C PHE A 379 58.12 -102.59 -43.32
N ASP A 380 57.73 -102.23 -42.10
CA ASP A 380 56.95 -103.09 -41.21
C ASP A 380 56.51 -102.24 -40.02
N GLU A 381 55.43 -102.67 -39.38
CA GLU A 381 54.90 -101.94 -38.23
C GLU A 381 53.98 -102.86 -37.45
N LYS A 382 53.88 -102.59 -36.15
CA LYS A 382 52.99 -103.28 -35.21
C LYS A 382 53.39 -104.74 -34.98
N GLU A 383 54.41 -105.20 -35.69
CA GLU A 383 55.15 -106.40 -35.32
C GLU A 383 56.46 -106.06 -34.64
N LEU A 384 57.10 -104.97 -35.09
CA LEU A 384 58.25 -104.44 -34.37
C LEU A 384 57.86 -104.02 -32.96
N ARG A 385 56.61 -103.62 -32.74
CA ARG A 385 56.17 -103.33 -31.39
C ARG A 385 56.30 -104.55 -30.49
N ARG A 386 55.82 -105.70 -30.97
CA ARG A 386 55.93 -106.94 -30.20
C ARG A 386 57.40 -107.33 -30.01
N GLU A 387 58.20 -107.22 -31.08
CA GLU A 387 59.60 -107.57 -30.96
C GLU A 387 60.33 -106.69 -29.95
N ILE A 388 60.04 -105.38 -29.96
CA ILE A 388 60.65 -104.47 -29.01
C ILE A 388 60.19 -104.79 -27.60
N SER A 389 58.90 -105.08 -27.42
CA SER A 389 58.40 -105.43 -26.09
C SER A 389 59.17 -106.63 -25.55
N TYR A 390 59.35 -107.67 -26.36
CA TYR A 390 60.06 -108.84 -25.89
C TYR A 390 61.54 -108.54 -25.64
N ALA A 391 62.15 -107.71 -26.47
CA ALA A 391 63.54 -107.34 -26.23
C ALA A 391 63.69 -106.60 -24.92
N ILE A 392 62.77 -105.69 -24.61
CA ILE A 392 62.80 -104.96 -23.35
C ILE A 392 62.66 -105.94 -22.19
N LYS A 393 61.68 -106.84 -22.29
CA LYS A 393 61.44 -107.79 -21.20
C LYS A 393 62.47 -108.90 -21.12
N ASN A 394 63.42 -108.96 -22.05
CA ASN A 394 64.43 -110.00 -21.99
C ASN A 394 65.87 -109.54 -21.80
N ILE A 395 66.21 -108.30 -22.15
CA ILE A 395 67.61 -107.90 -22.03
C ILE A 395 67.95 -107.37 -20.64
N HIS A 396 66.96 -107.05 -19.81
CA HIS A 396 67.22 -106.93 -18.38
C HIS A 396 66.39 -108.02 -17.73
N GLY A 397 66.52 -109.23 -18.28
CA GLY A 397 65.49 -110.24 -18.17
C GLY A 397 65.19 -110.72 -16.77
N ILE A 398 66.19 -110.72 -15.87
CA ILE A 398 65.95 -111.28 -14.54
C ILE A 398 65.48 -110.23 -13.54
N ARG A 399 65.75 -108.95 -13.77
CA ARG A 399 65.56 -107.93 -12.76
C ARG A 399 64.75 -106.77 -13.32
N THR A 400 63.93 -106.17 -12.46
CA THR A 400 63.06 -105.09 -12.88
C THR A 400 63.87 -103.93 -13.46
N GLY A 401 63.76 -103.72 -14.76
CA GLY A 401 64.48 -102.64 -15.41
C GLY A 401 63.76 -101.33 -15.19
N LEU A 402 64.38 -100.45 -14.42
CA LEU A 402 63.81 -99.15 -14.12
C LEU A 402 64.26 -98.07 -15.10
N PHE A 403 65.01 -98.46 -16.15
CA PHE A 403 65.42 -97.57 -17.21
C PHE A 403 65.25 -98.28 -18.53
N THR A 404 64.82 -97.55 -19.55
CA THR A 404 64.59 -98.17 -20.85
C THR A 404 65.92 -98.68 -21.40
N PRO A 405 66.04 -99.99 -21.67
CA PRO A 405 67.33 -100.55 -22.04
C PRO A 405 67.71 -100.22 -23.48
N ASP A 406 68.95 -100.57 -23.81
CA ASP A 406 69.66 -100.03 -24.97
C ASP A 406 69.98 -101.07 -26.02
N MET A 407 70.38 -102.27 -25.61
CA MET A 407 70.64 -103.34 -26.56
C MET A 407 69.39 -103.67 -27.36
N ALA A 408 68.20 -103.35 -26.86
CA ALA A 408 66.99 -103.54 -27.67
C ALA A 408 66.97 -102.59 -28.86
N PHE A 409 67.26 -101.31 -28.63
CA PHE A 409 67.39 -100.38 -29.75
C PHE A 409 68.46 -100.84 -30.72
N GLU A 410 69.60 -101.28 -30.19
CA GLU A 410 70.67 -101.77 -31.05
C GLU A 410 70.20 -102.95 -31.89
N THR A 411 69.51 -103.90 -31.27
CA THR A 411 69.04 -105.08 -31.99
C THR A 411 68.01 -104.74 -33.04
N ILE A 412 67.09 -103.83 -32.77
CA ILE A 412 66.09 -103.46 -33.76
C ILE A 412 66.74 -102.77 -34.96
N VAL A 413 67.60 -101.79 -34.71
CA VAL A 413 68.20 -101.08 -35.84
C VAL A 413 69.14 -102.01 -36.61
N LYS A 414 69.84 -102.91 -35.92
CA LYS A 414 70.71 -103.84 -36.62
C LYS A 414 69.92 -104.84 -37.44
N LYS A 415 68.75 -105.26 -36.95
CA LYS A 415 67.88 -106.15 -37.70
C LYS A 415 67.21 -105.44 -38.87
N GLN A 416 67.14 -104.11 -38.83
CA GLN A 416 66.49 -103.38 -39.91
C GLN A 416 67.45 -102.82 -40.96
N VAL A 417 68.71 -102.59 -40.61
CA VAL A 417 69.67 -102.02 -41.58
C VAL A 417 70.41 -103.14 -42.29
N LYS A 418 69.94 -104.38 -42.15
CA LYS A 418 70.52 -105.48 -42.90
C LYS A 418 69.70 -105.86 -44.12
N LYS A 419 68.52 -105.29 -44.29
CA LYS A 419 67.74 -105.51 -45.50
C LYS A 419 68.17 -104.60 -46.65
N ILE A 420 69.11 -103.68 -46.40
CA ILE A 420 69.59 -102.78 -47.44
C ILE A 420 70.47 -103.51 -48.43
N ARG A 421 70.92 -104.73 -48.12
CA ARG A 421 71.81 -105.45 -49.02
C ARG A 421 71.19 -105.71 -50.38
N GLU A 422 69.87 -105.81 -50.48
CA GLU A 422 69.26 -106.07 -51.77
C GLU A 422 69.19 -104.81 -52.64
N PRO A 423 68.62 -103.70 -52.16
CA PRO A 423 68.50 -102.52 -53.05
C PRO A 423 69.84 -102.00 -53.56
N CYS A 424 70.88 -102.05 -52.73
CA CYS A 424 72.18 -101.53 -53.17
C CYS A 424 72.77 -102.39 -54.28
N LEU A 425 72.70 -103.72 -54.14
CA LEU A 425 73.19 -104.59 -55.19
C LEU A 425 72.36 -104.45 -56.45
N LYS A 426 71.04 -104.27 -56.30
CA LYS A 426 70.21 -104.04 -57.47
C LYS A 426 70.62 -102.76 -58.19
N CYS A 427 70.90 -101.70 -57.43
CA CYS A 427 71.36 -100.45 -58.03
C CYS A 427 72.68 -100.64 -58.76
N VAL A 428 73.61 -101.38 -58.16
CA VAL A 428 74.92 -101.60 -58.81
C VAL A 428 74.73 -102.35 -60.11
N ASP A 429 73.92 -103.41 -60.11
CA ASP A 429 73.72 -104.16 -61.35
C ASP A 429 72.99 -103.34 -62.40
N MET A 430 72.04 -102.49 -61.98
CA MET A 430 71.32 -101.65 -62.93
C MET A 430 72.27 -100.66 -63.60
N VAL A 431 73.14 -100.03 -62.81
CA VAL A 431 74.15 -99.13 -63.36
C VAL A 431 75.09 -99.88 -64.28
N ILE A 432 75.46 -101.10 -63.92
CA ILE A 432 76.32 -101.91 -64.79
C ILE A 432 75.64 -102.11 -66.14
N SER A 433 74.35 -102.44 -66.12
CA SER A 433 73.63 -102.67 -67.36
C SER A 433 73.63 -101.41 -68.24
N GLU A 434 73.29 -100.26 -67.65
CA GLU A 434 73.23 -99.07 -68.48
C GLU A 434 74.60 -98.67 -68.99
N LEU A 435 75.64 -98.90 -68.20
CA LEU A 435 76.98 -98.52 -68.63
C LEU A 435 77.54 -99.45 -69.68
N ILE A 436 77.10 -100.71 -69.72
CA ILE A 436 77.46 -101.55 -70.85
C ILE A 436 76.68 -101.14 -72.09
N SER A 437 75.42 -100.74 -71.92
CA SER A 437 74.65 -100.25 -73.06
C SER A 437 75.31 -99.01 -73.65
N THR A 438 75.82 -98.13 -72.79
CA THR A 438 76.50 -96.93 -73.28
C THR A 438 77.74 -97.27 -74.08
N VAL A 439 78.53 -98.25 -73.62
CA VAL A 439 79.71 -98.65 -74.36
C VAL A 439 79.34 -99.18 -75.72
N ARG A 440 78.31 -100.04 -75.78
CA ARG A 440 77.89 -100.55 -77.09
C ARG A 440 77.39 -99.42 -77.99
N GLN A 441 76.62 -98.48 -77.42
CA GLN A 441 76.06 -97.39 -78.20
C GLN A 441 77.13 -96.48 -78.75
N CYS A 442 78.18 -96.21 -77.97
CA CYS A 442 79.25 -95.32 -78.41
C CYS A 442 80.39 -96.07 -79.09
N THR A 443 80.27 -97.38 -79.25
CA THR A 443 81.13 -98.10 -80.18
C THR A 443 80.46 -98.39 -81.50
N LYS A 444 79.12 -98.33 -81.56
CA LYS A 444 78.41 -98.56 -82.82
C LYS A 444 78.95 -97.70 -83.95
N LYS A 445 79.30 -96.45 -83.66
CA LYS A 445 79.81 -95.56 -84.70
C LYS A 445 81.21 -95.90 -85.15
N LEU A 446 81.80 -96.99 -84.69
CA LEU A 446 83.11 -97.42 -85.16
C LEU A 446 83.01 -98.48 -86.25
N GLN A 447 81.80 -98.69 -86.77
CA GLN A 447 81.53 -99.72 -87.77
C GLN A 447 82.34 -99.53 -89.05
N GLN A 448 83.14 -98.47 -89.13
CA GLN A 448 84.05 -98.31 -90.26
C GLN A 448 84.98 -99.51 -90.38
N TYR A 449 85.61 -99.90 -89.27
CA TYR A 449 86.39 -101.13 -89.24
C TYR A 449 85.64 -102.19 -88.47
N PRO A 450 85.22 -103.28 -89.09
CA PRO A 450 84.81 -104.45 -88.32
C PRO A 450 86.03 -105.16 -87.75
N ARG A 451 85.78 -106.12 -86.88
CA ARG A 451 86.78 -106.93 -86.21
C ARG A 451 87.62 -106.13 -85.24
N LEU A 452 87.41 -104.81 -85.13
CA LEU A 452 88.01 -104.01 -84.07
C LEU A 452 86.99 -103.49 -83.09
N ARG A 453 85.77 -103.19 -83.54
CA ARG A 453 84.69 -102.89 -82.60
C ARG A 453 84.42 -104.08 -81.70
N GLU A 454 84.50 -105.29 -82.26
CA GLU A 454 84.32 -106.49 -81.46
C GLU A 454 85.37 -106.58 -80.36
N GLU A 455 86.64 -106.37 -80.71
CA GLU A 455 87.71 -106.41 -79.71
C GLU A 455 87.53 -105.32 -78.66
N MET A 456 87.19 -104.10 -79.09
CA MET A 456 87.07 -102.99 -78.16
C MET A 456 85.93 -103.24 -77.17
N GLU A 457 84.78 -103.68 -77.66
CA GLU A 457 83.67 -104.01 -76.77
C GLU A 457 84.02 -105.18 -75.87
N ARG A 458 84.66 -106.22 -76.41
CA ARG A 458 85.05 -107.38 -75.63
C ARG A 458 86.07 -107.07 -74.55
N ILE A 459 86.85 -106.01 -74.72
CA ILE A 459 87.79 -105.62 -73.68
C ILE A 459 87.14 -104.72 -72.64
N VAL A 460 86.42 -103.70 -73.08
CA VAL A 460 85.81 -102.77 -72.12
C VAL A 460 84.77 -103.48 -71.27
N THR A 461 83.92 -104.30 -71.89
CA THR A 461 82.88 -104.99 -71.13
C THR A 461 83.47 -105.98 -70.15
N THR A 462 84.54 -106.69 -70.55
CA THR A 462 85.19 -107.59 -69.61
C THR A 462 85.79 -106.81 -68.45
N HIS A 463 86.36 -105.62 -68.72
CA HIS A 463 86.87 -104.82 -67.62
C HIS A 463 85.76 -104.41 -66.67
N ILE A 464 84.62 -103.99 -67.21
CA ILE A 464 83.50 -103.59 -66.36
C ILE A 464 83.01 -104.76 -65.52
N ARG A 465 82.94 -105.96 -66.11
CA ARG A 465 82.54 -107.13 -65.35
C ARG A 465 83.56 -107.48 -64.28
N GLU A 466 84.85 -107.37 -64.61
CA GLU A 466 85.88 -107.63 -63.61
C GLU A 466 85.88 -106.59 -62.50
N ARG A 467 85.27 -105.43 -62.74
CA ARG A 467 85.14 -104.40 -61.71
C ARG A 467 83.85 -104.51 -60.90
N GLU A 468 82.83 -105.16 -61.45
CA GLU A 468 81.57 -105.28 -60.70
C GLU A 468 81.77 -106.04 -59.40
N GLY A 469 82.66 -107.05 -59.41
CA GLY A 469 82.90 -107.79 -58.18
C GLY A 469 83.44 -106.91 -57.07
N ARG A 470 84.44 -106.08 -57.39
CA ARG A 470 85.01 -105.19 -56.39
C ARG A 470 84.00 -104.16 -55.91
N THR A 471 83.22 -103.58 -56.83
CA THR A 471 82.29 -102.56 -56.37
C THR A 471 81.18 -103.17 -55.53
N LYS A 472 80.70 -104.37 -55.86
CA LYS A 472 79.70 -105.02 -55.04
C LYS A 472 80.27 -105.38 -53.67
N GLU A 473 81.53 -105.82 -53.64
CA GLU A 473 82.17 -106.13 -52.37
C GLU A 473 82.23 -104.90 -51.47
N GLN A 474 82.65 -103.77 -52.02
CA GLN A 474 82.69 -102.54 -51.23
C GLN A 474 81.29 -102.08 -50.83
N VAL A 475 80.30 -102.28 -51.70
CA VAL A 475 78.93 -101.91 -51.38
C VAL A 475 78.44 -102.70 -50.17
N MET A 476 78.67 -104.01 -50.17
CA MET A 476 78.29 -104.82 -49.03
C MET A 476 79.05 -104.39 -47.78
N LEU A 477 80.35 -104.12 -47.92
CA LEU A 477 81.16 -103.81 -46.76
C LEU A 477 80.77 -102.46 -46.14
N LEU A 478 80.26 -101.52 -46.93
CA LEU A 478 79.85 -100.24 -46.36
C LEU A 478 78.70 -100.42 -45.38
N ILE A 479 77.63 -101.10 -45.80
CA ILE A 479 76.52 -101.31 -44.88
C ILE A 479 76.91 -102.28 -43.76
N ASP A 480 77.79 -103.23 -44.05
CA ASP A 480 78.27 -104.10 -42.99
C ASP A 480 79.01 -103.31 -41.92
N ILE A 481 79.72 -102.26 -42.33
CA ILE A 481 80.28 -101.32 -41.38
C ILE A 481 79.18 -100.59 -40.62
N GLU A 482 78.14 -100.17 -41.35
CA GLU A 482 77.03 -99.47 -40.70
C GLU A 482 76.37 -100.33 -39.61
N LEU A 483 76.41 -101.65 -39.77
CA LEU A 483 75.88 -102.56 -38.76
C LEU A 483 76.79 -102.71 -37.55
N ALA A 484 77.74 -101.82 -37.31
CA ALA A 484 78.71 -102.05 -36.24
C ALA A 484 78.52 -101.18 -35.02
N TYR A 485 78.24 -99.89 -35.17
CA TYR A 485 78.39 -98.98 -34.03
C TYR A 485 77.10 -98.32 -33.59
N MET A 486 76.19 -97.99 -34.50
CA MET A 486 74.93 -97.33 -34.17
C MET A 486 75.17 -96.02 -33.42
N ASN A 487 75.81 -95.08 -34.11
CA ASN A 487 76.16 -93.81 -33.51
C ASN A 487 74.91 -93.05 -33.10
N THR A 488 74.98 -92.40 -31.94
CA THR A 488 73.82 -91.66 -31.44
C THR A 488 74.23 -90.28 -30.95
N ASN A 489 75.50 -89.90 -31.06
CA ASN A 489 75.92 -88.55 -30.77
C ASN A 489 75.98 -87.73 -32.07
N HIS A 490 75.33 -88.20 -33.12
CA HIS A 490 75.13 -87.46 -34.35
C HIS A 490 74.02 -86.44 -34.11
N GLU A 491 73.53 -85.81 -35.17
CA GLU A 491 72.38 -84.92 -34.96
C GLU A 491 71.09 -85.68 -34.66
N ASP A 492 71.16 -87.01 -34.49
CA ASP A 492 70.05 -87.75 -33.91
C ASP A 492 69.66 -87.16 -32.57
N PHE A 493 68.38 -86.83 -32.41
CA PHE A 493 67.92 -86.21 -31.19
C PHE A 493 67.93 -87.20 -30.04
N ILE A 494 68.16 -86.68 -28.83
CA ILE A 494 68.19 -87.50 -27.64
C ILE A 494 66.82 -88.11 -27.36
N PRO A 653 51.01 -100.81 -19.56
CA PRO A 653 51.96 -100.62 -18.46
C PRO A 653 53.02 -99.58 -18.80
N GLN A 654 54.26 -99.83 -18.39
CA GLN A 654 55.40 -99.06 -18.82
C GLN A 654 55.95 -99.54 -20.16
N LEU A 655 55.54 -100.72 -20.61
CA LEU A 655 56.02 -101.28 -21.87
C LEU A 655 55.61 -100.41 -23.05
N GLU A 656 54.38 -99.89 -23.03
CA GLU A 656 53.94 -99.08 -24.16
C GLU A 656 54.75 -97.80 -24.28
N ARG A 657 55.02 -97.13 -23.16
CA ARG A 657 55.85 -95.93 -23.21
C ARG A 657 57.28 -96.26 -23.63
N GLN A 658 57.83 -97.37 -23.12
CA GLN A 658 59.17 -97.76 -23.53
C GLN A 658 59.25 -98.05 -25.02
N VAL A 659 58.25 -98.77 -25.55
CA VAL A 659 58.25 -99.11 -26.97
C VAL A 659 58.05 -97.87 -27.83
N GLU A 660 57.20 -96.95 -27.39
CA GLU A 660 57.04 -95.70 -28.15
C GLU A 660 58.35 -94.91 -28.18
N THR A 661 59.04 -94.84 -27.04
CA THR A 661 60.32 -94.16 -27.02
C THR A 661 61.35 -94.86 -27.88
N ILE A 662 61.29 -96.19 -27.95
CA ILE A 662 62.23 -96.92 -28.80
C ILE A 662 61.92 -96.70 -30.27
N ARG A 663 60.64 -96.66 -30.63
CA ARG A 663 60.26 -96.45 -32.02
C ARG A 663 60.61 -95.04 -32.49
N ASN A 664 60.36 -94.03 -31.65
CA ASN A 664 60.69 -92.67 -32.03
C ASN A 664 62.18 -92.48 -32.26
N LEU A 665 63.01 -93.38 -31.75
CA LEU A 665 64.45 -93.34 -31.99
C LEU A 665 64.85 -94.24 -33.16
N VAL A 666 64.19 -95.39 -33.30
CA VAL A 666 64.48 -96.29 -34.39
C VAL A 666 64.17 -95.63 -35.72
N ASP A 667 63.04 -94.92 -35.81
CA ASP A 667 62.71 -94.22 -37.05
C ASP A 667 63.75 -93.17 -37.38
N SER A 668 64.18 -92.40 -36.38
CA SER A 668 65.18 -91.37 -36.62
C SER A 668 66.48 -91.98 -37.12
N TYR A 669 66.95 -93.04 -36.47
CA TYR A 669 68.20 -93.62 -36.91
C TYR A 669 68.06 -94.32 -38.25
N MET A 670 66.88 -94.84 -38.56
CA MET A 670 66.63 -95.37 -39.90
C MET A 670 66.77 -94.28 -40.94
N ALA A 671 66.22 -93.10 -40.67
CA ALA A 671 66.37 -91.99 -41.59
C ALA A 671 67.83 -91.56 -41.72
N ILE A 672 68.56 -91.53 -40.61
CA ILE A 672 69.94 -91.05 -40.64
C ILE A 672 70.89 -92.06 -41.26
N VAL A 673 70.57 -93.35 -41.23
CA VAL A 673 71.36 -94.31 -41.96
C VAL A 673 70.95 -94.36 -43.42
N ASN A 674 69.68 -94.07 -43.72
CA ASN A 674 69.27 -93.97 -45.12
C ASN A 674 69.96 -92.81 -45.80
N LYS A 675 70.08 -91.66 -45.11
CA LYS A 675 70.80 -90.53 -45.69
C LYS A 675 72.24 -90.89 -46.01
N THR A 676 72.91 -91.56 -45.07
CA THR A 676 74.31 -91.88 -45.22
C THR A 676 74.57 -92.97 -46.25
N VAL A 677 73.64 -93.90 -46.44
CA VAL A 677 73.81 -94.87 -47.51
C VAL A 677 73.41 -94.29 -48.86
N ARG A 678 72.46 -93.35 -48.88
CA ARG A 678 72.06 -92.68 -50.10
C ARG A 678 73.12 -91.73 -50.62
N ASP A 679 73.90 -91.13 -49.73
CA ASP A 679 74.99 -90.25 -50.16
C ASP A 679 76.25 -91.02 -50.54
N LEU A 680 76.36 -92.29 -50.18
CA LEU A 680 77.57 -93.05 -50.45
C LEU A 680 77.34 -94.26 -51.34
N MET A 681 76.13 -94.48 -51.83
CA MET A 681 75.98 -95.51 -52.86
C MET A 681 76.45 -95.00 -54.21
N PRO A 682 76.05 -93.78 -54.66
CA PRO A 682 76.62 -93.25 -55.90
C PRO A 682 78.13 -93.19 -55.84
N LYS A 683 78.67 -92.50 -54.84
CA LYS A 683 80.11 -92.32 -54.73
C LYS A 683 80.82 -93.66 -54.72
N THR A 684 80.26 -94.65 -54.03
CA THR A 684 80.87 -95.97 -53.99
C THR A 684 80.91 -96.60 -55.38
N ILE A 685 79.80 -96.53 -56.11
CA ILE A 685 79.77 -97.14 -57.43
C ILE A 685 80.79 -96.49 -58.36
N MET A 686 80.80 -95.16 -58.40
CA MET A 686 81.55 -94.46 -59.42
C MET A 686 83.05 -94.47 -59.15
N HIS A 687 83.45 -94.31 -57.88
CA HIS A 687 84.87 -94.34 -57.58
C HIS A 687 85.48 -95.70 -57.92
N LEU A 688 84.67 -96.75 -57.96
CA LEU A 688 85.16 -98.07 -58.31
C LEU A 688 84.87 -98.46 -59.74
N MET A 689 83.71 -98.08 -60.27
CA MET A 689 83.28 -98.50 -61.60
C MET A 689 83.58 -97.46 -62.67
N ILE A 690 83.05 -96.25 -62.53
CA ILE A 690 83.05 -95.29 -63.64
C ILE A 690 84.35 -94.51 -63.67
N ASN A 691 84.72 -93.90 -62.56
CA ASN A 691 85.98 -93.17 -62.52
C ASN A 691 87.18 -94.10 -62.53
N ASN A 692 86.96 -95.40 -62.73
CA ASN A 692 88.04 -96.33 -63.02
C ASN A 692 87.99 -96.88 -64.43
N THR A 693 86.80 -97.13 -64.98
CA THR A 693 86.72 -97.52 -66.38
C THR A 693 87.13 -96.36 -67.28
N LYS A 694 86.89 -95.13 -66.83
CA LYS A 694 87.33 -93.97 -67.60
C LYS A 694 88.85 -93.93 -67.70
N GLU A 695 89.54 -94.14 -66.58
CA GLU A 695 90.99 -94.19 -66.61
C GLU A 695 91.50 -95.40 -67.37
N PHE A 696 90.78 -96.53 -67.30
CA PHE A 696 91.17 -97.67 -68.13
C PHE A 696 91.10 -97.31 -69.60
N ILE A 697 90.04 -96.62 -70.02
CA ILE A 697 89.91 -96.20 -71.41
C ILE A 697 91.04 -95.26 -71.79
N PHE A 698 91.31 -94.28 -70.94
CA PHE A 698 92.29 -93.25 -71.28
C PHE A 698 93.73 -93.71 -71.14
N SER A 699 93.99 -94.84 -70.47
CA SER A 699 95.37 -95.28 -70.26
C SER A 699 95.67 -96.62 -70.88
N GLU A 700 94.88 -97.65 -70.58
CA GLU A 700 95.29 -99.03 -70.81
C GLU A 700 94.68 -99.66 -72.06
N LEU A 701 93.63 -99.06 -72.62
CA LEU A 701 92.98 -99.66 -73.79
C LEU A 701 93.94 -99.76 -74.96
N LEU A 702 94.73 -98.72 -75.19
CA LEU A 702 95.64 -98.69 -76.32
C LEU A 702 96.65 -99.82 -76.23
N ALA A 703 97.18 -100.08 -75.03
CA ALA A 703 98.16 -101.15 -74.87
C ALA A 703 97.56 -102.51 -75.23
N ASN A 704 96.37 -102.80 -74.72
CA ASN A 704 95.74 -104.09 -75.01
C ASN A 704 95.47 -104.23 -76.50
N LEU A 705 94.91 -103.19 -77.12
CA LEU A 705 94.57 -103.26 -78.53
C LEU A 705 95.80 -103.44 -79.39
N TYR A 706 96.89 -102.73 -79.08
CA TYR A 706 98.09 -102.87 -79.89
C TYR A 706 98.81 -104.18 -79.61
N SER A 707 98.68 -104.72 -78.40
CA SER A 707 99.40 -105.92 -78.03
C SER A 707 98.71 -107.20 -78.49
N CYS A 708 97.38 -107.17 -78.67
CA CYS A 708 96.71 -108.35 -79.16
C CYS A 708 97.22 -108.70 -80.56
N GLY A 709 97.27 -109.99 -80.85
CA GLY A 709 97.96 -110.46 -82.03
C GLY A 709 97.25 -110.13 -83.33
N ASP A 710 98.00 -110.34 -84.42
CA ASP A 710 97.51 -110.18 -85.79
C ASP A 710 97.01 -108.75 -86.03
N GLN A 711 97.98 -107.83 -85.98
CA GLN A 711 97.72 -106.43 -86.29
C GLN A 711 97.06 -106.27 -87.66
N ASN A 712 97.46 -107.10 -88.63
CA ASN A 712 96.92 -106.96 -89.98
C ASN A 712 95.42 -107.25 -90.02
N THR A 713 94.91 -108.07 -89.10
CA THR A 713 93.50 -108.40 -89.08
C THR A 713 92.73 -107.65 -88.00
N LEU A 714 93.41 -107.02 -87.06
CA LEU A 714 92.68 -106.19 -86.11
C LEU A 714 92.02 -105.02 -86.80
N MET A 715 92.68 -104.44 -87.81
CA MET A 715 92.10 -103.41 -88.65
C MET A 715 91.76 -104.02 -90.00
N GLU A 716 90.54 -104.50 -90.13
CA GLU A 716 90.01 -104.94 -91.42
C GLU A 716 89.36 -103.75 -92.11
N GLU A 717 89.82 -103.46 -93.31
CA GLU A 717 89.09 -102.53 -94.17
C GLU A 717 87.71 -103.11 -94.46
N SER A 718 86.67 -102.35 -94.14
CA SER A 718 85.34 -102.76 -94.51
C SER A 718 85.13 -102.48 -96.00
N ALA A 719 84.33 -103.33 -96.63
CA ALA A 719 84.03 -103.14 -98.05
C ALA A 719 83.48 -101.75 -98.31
N GLU A 720 82.67 -101.23 -97.38
CA GLU A 720 82.09 -99.91 -97.56
C GLU A 720 83.17 -98.84 -97.68
N GLN A 721 84.09 -98.78 -96.72
CA GLN A 721 85.07 -97.71 -96.76
C GLN A 721 86.10 -97.94 -97.86
N ALA A 722 86.41 -99.20 -98.17
CA ALA A 722 87.38 -99.45 -99.23
C ALA A 722 86.83 -99.08 -100.60
N GLN A 723 85.59 -99.48 -100.90
CA GLN A 723 84.97 -99.07 -102.14
C GLN A 723 84.79 -97.57 -102.21
N ARG A 724 84.39 -96.94 -101.09
CA ARG A 724 84.25 -95.50 -101.08
C ARG A 724 85.58 -94.82 -101.35
N ARG A 725 86.67 -95.32 -100.76
CA ARG A 725 87.97 -94.72 -100.95
C ARG A 725 88.43 -94.85 -102.40
N ASP A 726 88.27 -96.03 -102.99
CA ASP A 726 88.67 -96.20 -104.38
C ASP A 726 87.83 -95.33 -105.31
N GLU A 727 86.53 -95.21 -105.02
CA GLU A 727 85.68 -94.39 -105.87
C GLU A 727 86.01 -92.90 -105.70
N MET A 728 86.41 -92.49 -104.49
CA MET A 728 86.98 -91.15 -104.32
C MET A 728 88.21 -90.94 -105.18
N LEU A 729 89.11 -91.93 -105.20
CA LEU A 729 90.32 -91.78 -106.00
C LEU A 729 89.98 -91.62 -107.49
N ARG A 730 89.08 -92.47 -108.00
CA ARG A 730 88.68 -92.37 -109.39
C ARG A 730 87.98 -91.04 -109.67
N MET A 731 87.15 -90.58 -108.73
CA MET A 731 86.47 -89.30 -108.89
C MET A 731 87.45 -88.15 -108.97
N TYR A 732 88.47 -88.17 -108.11
CA TYR A 732 89.48 -87.12 -108.13
C TYR A 732 90.24 -87.12 -109.44
N HIS A 733 90.61 -88.30 -109.95
CA HIS A 733 91.31 -88.36 -111.23
C HIS A 733 90.42 -87.86 -112.37
N ALA A 734 89.13 -88.24 -112.36
CA ALA A 734 88.22 -87.78 -113.39
C ALA A 734 88.04 -86.26 -113.34
N LEU A 735 87.93 -85.70 -112.14
CA LEU A 735 87.83 -84.24 -112.02
C LEU A 735 89.09 -83.55 -112.49
N LYS A 736 90.26 -84.13 -112.22
CA LYS A 736 91.51 -83.58 -112.74
C LYS A 736 91.49 -83.55 -114.27
N GLU A 737 91.04 -84.65 -114.88
CA GLU A 737 90.94 -84.69 -116.34
C GLU A 737 89.94 -83.66 -116.85
N ALA A 738 88.81 -83.49 -116.16
CA ALA A 738 87.81 -82.52 -116.59
C ALA A 738 88.35 -81.10 -116.54
N LEU A 739 89.07 -80.75 -115.47
CA LEU A 739 89.66 -79.42 -115.40
C LEU A 739 90.78 -79.22 -116.42
N SER A 740 91.53 -80.27 -116.75
CA SER A 740 92.49 -80.16 -117.84
C SER A 740 91.79 -79.91 -119.17
N ILE A 741 90.65 -80.56 -119.39
CA ILE A 741 89.89 -80.35 -120.62
C ILE A 741 89.34 -78.93 -120.67
N ILE A 742 88.85 -78.42 -119.55
CA ILE A 742 88.41 -77.02 -119.51
C ILE A 742 89.58 -76.10 -119.84
N GLY A 743 90.76 -76.38 -119.29
CA GLY A 743 91.92 -75.55 -119.60
C GLY A 743 92.26 -75.55 -121.08
N ASN A 744 92.26 -76.74 -121.69
CA ASN A 744 92.64 -76.85 -123.10
C ASN A 744 91.52 -76.51 -124.07
N ILE A 745 90.31 -76.27 -123.58
CA ILE A 745 89.20 -75.86 -124.43
C ILE A 745 88.96 -74.36 -124.34
N ASN A 746 89.07 -73.79 -123.13
CA ASN A 746 88.86 -72.36 -122.96
C ASN A 746 89.86 -71.54 -123.77
N THR A 747 91.02 -72.13 -124.08
CA THR A 747 92.02 -71.46 -124.91
C THR A 747 91.63 -71.50 -126.38
N ILE B 10 25.84 -43.98 -168.03
CA ILE B 10 26.04 -43.51 -166.66
C ILE B 10 24.97 -44.09 -165.76
N PRO B 11 25.35 -44.44 -164.53
CA PRO B 11 24.40 -45.12 -163.63
C PRO B 11 23.23 -44.24 -163.24
N LEU B 12 22.06 -44.89 -163.10
CA LEU B 12 20.84 -44.19 -162.78
C LEU B 12 20.87 -43.60 -161.38
N VAL B 13 21.64 -44.19 -160.47
CA VAL B 13 21.79 -43.57 -159.15
C VAL B 13 22.55 -42.25 -159.26
N ASN B 14 23.59 -42.20 -160.11
CA ASN B 14 24.24 -40.93 -160.39
C ASN B 14 23.28 -39.93 -161.03
N ARG B 15 22.46 -40.38 -161.98
CA ARG B 15 21.52 -39.45 -162.60
C ARG B 15 20.50 -38.94 -161.59
N LEU B 16 20.04 -39.80 -160.69
CA LEU B 16 19.13 -39.38 -159.64
C LEU B 16 19.77 -38.37 -158.72
N GLN B 17 21.04 -38.58 -158.36
CA GLN B 17 21.74 -37.59 -157.53
C GLN B 17 21.91 -36.27 -158.26
N ASP B 18 22.18 -36.33 -159.56
CA ASP B 18 22.26 -35.11 -160.36
C ASP B 18 20.93 -34.36 -160.32
N ALA B 19 19.82 -35.09 -160.47
CA ALA B 19 18.51 -34.45 -160.41
C ALA B 19 18.23 -33.87 -159.03
N PHE B 20 18.68 -34.56 -157.97
CA PHE B 20 18.51 -34.04 -156.62
C PHE B 20 19.29 -32.75 -156.42
N SER B 21 20.53 -32.70 -156.91
CA SER B 21 21.30 -31.46 -156.84
C SER B 21 20.62 -30.37 -157.66
N ALA B 22 20.04 -30.72 -158.80
CA ALA B 22 19.35 -29.74 -159.63
C ALA B 22 18.16 -29.14 -158.90
N ILE B 23 17.33 -29.98 -158.27
CA ILE B 23 16.21 -29.45 -157.51
C ILE B 23 16.71 -28.69 -156.29
N GLY B 24 17.94 -28.97 -155.84
CA GLY B 24 18.58 -28.20 -154.81
C GLY B 24 17.97 -28.28 -153.43
N GLN B 25 16.84 -28.97 -153.27
CA GLN B 25 16.28 -29.16 -151.94
C GLN B 25 17.24 -30.00 -151.10
N ASN B 26 17.25 -29.74 -149.80
CA ASN B 26 18.21 -30.36 -148.89
C ASN B 26 17.83 -31.81 -148.61
N ALA B 27 17.77 -32.58 -149.69
CA ALA B 27 17.48 -34.01 -149.63
C ALA B 27 18.68 -34.80 -150.13
N ASP B 28 18.76 -36.05 -149.69
CA ASP B 28 19.86 -36.92 -150.04
C ASP B 28 19.37 -38.35 -150.13
N LEU B 29 20.06 -39.15 -150.94
CA LEU B 29 19.68 -40.55 -151.10
C LEU B 29 20.02 -41.39 -149.88
N ASP B 30 20.81 -40.85 -148.95
CA ASP B 30 21.15 -41.52 -147.69
C ASP B 30 21.90 -42.84 -147.95
N LEU B 31 22.99 -42.74 -148.69
CA LEU B 31 23.82 -43.90 -148.93
C LEU B 31 24.61 -44.25 -147.66
N PRO B 32 24.96 -45.51 -147.48
CA PRO B 32 25.86 -45.88 -146.38
C PRO B 32 27.27 -45.40 -146.66
N GLN B 33 28.01 -45.14 -145.59
CA GLN B 33 29.40 -44.75 -145.74
C GLN B 33 30.24 -45.95 -146.11
N ILE B 34 31.43 -45.69 -146.65
CA ILE B 34 32.37 -46.73 -147.04
C ILE B 34 33.65 -46.53 -146.24
N ALA B 35 34.18 -47.63 -145.71
CA ALA B 35 35.45 -47.59 -145.00
C ALA B 35 36.39 -48.61 -145.63
N VAL B 36 37.60 -48.19 -145.96
CA VAL B 36 38.60 -49.07 -146.55
C VAL B 36 39.60 -49.43 -145.45
N VAL B 37 39.78 -50.73 -145.22
CA VAL B 37 40.62 -51.19 -144.13
C VAL B 37 41.44 -52.39 -144.60
N GLY B 38 42.58 -52.58 -143.97
CA GLY B 38 43.47 -53.67 -144.32
C GLY B 38 44.76 -53.60 -143.53
N GLY B 39 45.71 -54.43 -143.93
CA GLY B 39 47.02 -54.40 -143.31
C GLY B 39 47.86 -53.26 -143.84
N GLN B 40 48.96 -53.01 -143.14
CA GLN B 40 49.89 -51.97 -143.57
C GLN B 40 50.51 -52.36 -144.91
N SER B 41 50.62 -51.38 -145.80
CA SER B 41 51.14 -51.56 -147.16
C SER B 41 50.31 -52.52 -147.99
N ALA B 42 49.02 -52.66 -147.67
CA ALA B 42 48.15 -53.51 -148.47
C ALA B 42 47.84 -52.89 -149.82
N GLY B 43 47.53 -51.60 -149.84
CA GLY B 43 47.11 -50.94 -151.07
C GLY B 43 45.80 -50.20 -150.89
N LYS B 44 45.45 -49.93 -149.63
CA LYS B 44 44.15 -49.37 -149.31
C LYS B 44 43.96 -47.99 -149.95
N SER B 45 44.92 -47.08 -149.74
CA SER B 45 44.80 -45.74 -150.29
C SER B 45 44.78 -45.77 -151.82
N SER B 46 45.58 -46.64 -152.42
CA SER B 46 45.60 -46.72 -153.88
C SER B 46 44.26 -47.20 -154.43
N VAL B 47 43.67 -48.22 -153.80
CA VAL B 47 42.35 -48.67 -154.22
C VAL B 47 41.33 -47.56 -154.05
N LEU B 48 41.39 -46.83 -152.95
CA LEU B 48 40.43 -45.76 -152.72
C LEU B 48 40.55 -44.68 -153.79
N GLU B 49 41.77 -44.26 -154.13
CA GLU B 49 41.90 -43.19 -155.12
C GLU B 49 41.53 -43.69 -156.50
N ASN B 50 41.80 -44.95 -156.82
CA ASN B 50 41.40 -45.47 -158.11
C ASN B 50 39.89 -45.60 -158.22
N PHE B 51 39.21 -45.90 -157.11
CA PHE B 51 37.76 -45.89 -157.11
C PHE B 51 37.21 -44.48 -157.27
N VAL B 52 37.85 -43.50 -156.64
CA VAL B 52 37.44 -42.11 -156.84
C VAL B 52 37.62 -41.71 -158.29
N GLY B 53 38.75 -42.07 -158.90
CA GLY B 53 39.05 -41.78 -160.28
C GLY B 53 40.15 -40.77 -160.46
N ARG B 54 40.56 -40.07 -159.41
CA ARG B 54 41.54 -38.99 -159.52
C ARG B 54 42.56 -39.13 -158.39
N ASP B 55 43.82 -38.89 -158.73
CA ASP B 55 44.95 -39.21 -157.84
C ASP B 55 45.22 -38.04 -156.91
N PHE B 56 44.74 -38.15 -155.67
CA PHE B 56 44.94 -37.10 -154.68
C PHE B 56 45.22 -37.68 -153.29
N LEU B 57 45.83 -38.85 -153.21
CA LEU B 57 46.06 -39.50 -151.93
C LEU B 57 47.52 -39.87 -151.76
N PRO B 58 48.04 -39.81 -150.54
CA PRO B 58 49.43 -40.17 -150.29
C PRO B 58 49.64 -41.66 -150.46
N ARG B 59 50.57 -42.05 -151.33
CA ARG B 59 50.82 -43.46 -151.64
C ARG B 59 52.33 -43.68 -151.76
N GLY B 60 52.88 -44.48 -150.86
CA GLY B 60 54.29 -44.82 -150.91
C GLY B 60 54.59 -46.01 -150.04
N SER B 61 55.82 -46.49 -150.14
CA SER B 61 56.24 -47.61 -149.31
C SER B 61 56.39 -47.17 -147.87
N GLY B 62 56.27 -48.13 -146.96
CA GLY B 62 56.33 -47.84 -145.55
C GLY B 62 54.98 -47.36 -145.04
N ILE B 63 55.00 -46.70 -143.89
CA ILE B 63 53.80 -46.13 -143.31
C ILE B 63 53.52 -44.79 -143.97
N VAL B 64 52.36 -44.67 -144.60
CA VAL B 64 52.02 -43.47 -145.36
C VAL B 64 50.69 -42.91 -144.86
N THR B 65 49.62 -43.69 -144.98
CA THR B 65 48.30 -43.26 -144.55
C THR B 65 48.25 -43.33 -143.02
N ARG B 66 48.79 -42.29 -142.38
CA ARG B 66 48.99 -42.28 -140.94
C ARG B 66 47.97 -41.43 -140.20
N ARG B 67 46.81 -41.17 -140.79
CA ARG B 67 45.77 -40.40 -140.11
C ARG B 67 44.45 -40.63 -140.82
N PRO B 68 43.36 -40.87 -140.08
CA PRO B 68 42.09 -41.24 -140.73
C PRO B 68 41.54 -40.11 -141.58
N LEU B 69 41.49 -40.35 -142.89
CA LEU B 69 41.00 -39.37 -143.84
C LEU B 69 39.52 -39.62 -144.11
N VAL B 70 38.67 -38.69 -143.65
CA VAL B 70 37.23 -38.77 -143.87
C VAL B 70 36.95 -37.95 -145.13
N LEU B 71 36.95 -38.62 -146.28
CA LEU B 71 36.58 -38.05 -147.55
C LEU B 71 35.06 -37.96 -147.67
N GLN B 72 34.59 -36.88 -148.28
CA GLN B 72 33.18 -36.76 -148.68
C GLN B 72 33.13 -36.34 -150.14
N LEU B 73 32.85 -37.30 -151.01
CA LEU B 73 32.57 -36.99 -152.40
C LEU B 73 31.16 -36.42 -152.51
N VAL B 74 31.03 -35.23 -153.08
CA VAL B 74 29.74 -34.58 -153.25
C VAL B 74 29.61 -34.13 -154.70
N ASN B 75 28.39 -33.80 -155.08
CA ASN B 75 28.07 -33.44 -156.46
C ASN B 75 27.92 -31.94 -156.59
N ALA B 76 28.51 -31.38 -157.64
CA ALA B 76 28.41 -29.96 -157.94
C ALA B 76 28.73 -29.76 -159.41
N THR B 77 28.76 -28.49 -159.83
CA THR B 77 28.96 -28.19 -161.24
C THR B 77 30.35 -28.60 -161.72
N THR B 78 31.39 -28.18 -161.00
CA THR B 78 32.76 -28.52 -161.37
C THR B 78 33.57 -28.84 -160.12
N GLU B 79 34.72 -29.45 -160.35
CA GLU B 79 35.46 -30.15 -159.30
C GLU B 79 36.47 -29.26 -158.60
N TYR B 80 36.55 -29.42 -157.28
CA TYR B 80 37.59 -28.85 -156.44
C TYR B 80 37.60 -29.63 -155.14
N ALA B 81 38.36 -29.15 -154.16
CA ALA B 81 38.43 -29.81 -152.87
C ALA B 81 38.60 -28.76 -151.77
N GLU B 82 38.00 -29.05 -150.62
CA GLU B 82 38.12 -28.18 -149.46
C GLU B 82 38.32 -29.00 -148.21
N PHE B 83 39.25 -28.54 -147.35
CA PHE B 83 39.48 -29.15 -146.06
C PHE B 83 38.59 -28.46 -145.03
N LEU B 84 38.81 -28.77 -143.75
CA LEU B 84 38.17 -28.05 -142.65
C LEU B 84 39.16 -27.26 -141.82
N HIS B 85 40.33 -26.96 -142.38
CA HIS B 85 41.28 -26.07 -141.73
C HIS B 85 41.69 -24.92 -142.63
N CYS B 86 41.82 -25.14 -143.93
CA CYS B 86 42.05 -24.05 -144.88
C CYS B 86 40.72 -23.47 -145.36
N LYS B 87 39.95 -23.00 -144.38
CA LYS B 87 38.60 -22.52 -144.65
C LYS B 87 38.62 -21.38 -145.65
N GLY B 88 37.74 -21.47 -146.65
CA GLY B 88 37.68 -20.52 -147.74
C GLY B 88 38.52 -20.91 -148.94
N LYS B 89 39.67 -21.53 -148.71
CA LYS B 89 40.54 -21.94 -149.80
C LYS B 89 39.91 -23.06 -150.60
N LYS B 90 40.15 -23.06 -151.91
CA LYS B 90 39.59 -24.03 -152.83
C LYS B 90 40.75 -24.72 -153.56
N PHE B 91 41.29 -25.77 -152.96
CA PHE B 91 42.32 -26.55 -153.62
C PHE B 91 41.80 -27.12 -154.91
N THR B 92 42.57 -26.99 -155.98
CA THR B 92 42.11 -27.40 -157.29
C THR B 92 43.04 -28.39 -157.98
N ASP B 93 44.35 -28.25 -157.82
CA ASP B 93 45.30 -29.19 -158.40
C ASP B 93 45.70 -30.23 -157.36
N PHE B 94 45.62 -31.49 -157.76
CA PHE B 94 45.67 -32.59 -156.82
C PHE B 94 47.07 -32.86 -156.30
N GLU B 95 48.12 -32.41 -157.00
CA GLU B 95 49.43 -32.41 -156.39
C GLU B 95 49.45 -31.53 -155.15
N GLU B 96 48.88 -30.32 -155.25
CA GLU B 96 48.76 -29.46 -154.08
C GLU B 96 47.87 -30.10 -153.03
N VAL B 97 46.79 -30.78 -153.45
CA VAL B 97 45.92 -31.43 -152.48
C VAL B 97 46.69 -32.49 -151.69
N ARG B 98 47.47 -33.33 -152.39
CA ARG B 98 48.22 -34.37 -151.72
C ARG B 98 49.29 -33.80 -150.80
N LEU B 99 49.99 -32.76 -151.25
CA LEU B 99 50.99 -32.14 -150.40
C LEU B 99 50.36 -31.55 -149.15
N GLU B 100 49.21 -30.90 -149.29
CA GLU B 100 48.51 -30.38 -148.13
C GLU B 100 48.08 -31.51 -147.19
N ILE B 101 47.64 -32.64 -147.75
CA ILE B 101 47.23 -33.76 -146.92
C ILE B 101 48.41 -34.26 -146.08
N GLU B 102 49.55 -34.49 -146.73
CA GLU B 102 50.69 -35.02 -145.99
C GLU B 102 51.22 -34.02 -144.98
N ALA B 103 51.22 -32.73 -145.34
CA ALA B 103 51.64 -31.70 -144.38
C ALA B 103 50.70 -31.66 -143.19
N GLU B 104 49.40 -31.78 -143.43
CA GLU B 104 48.44 -31.78 -142.33
C GLU B 104 48.65 -32.96 -141.42
N THR B 105 48.92 -34.14 -142.00
CA THR B 105 49.22 -35.32 -141.18
C THR B 105 50.45 -35.07 -140.32
N ASP B 106 51.51 -34.52 -140.93
CA ASP B 106 52.76 -34.32 -140.19
C ASP B 106 52.62 -33.28 -139.10
N ARG B 107 51.79 -32.26 -139.32
CA ARG B 107 51.71 -31.16 -138.36
C ARG B 107 51.19 -31.59 -136.99
N VAL B 108 50.55 -32.77 -136.90
CA VAL B 108 50.08 -33.29 -135.63
C VAL B 108 50.76 -34.61 -135.27
N THR B 109 51.00 -35.48 -136.25
CA THR B 109 51.59 -36.77 -135.95
C THR B 109 53.08 -36.66 -135.67
N GLY B 110 53.78 -35.81 -136.40
CA GLY B 110 55.23 -35.75 -136.36
C GLY B 110 55.85 -36.45 -137.56
N THR B 111 57.16 -36.29 -137.66
CA THR B 111 57.93 -36.80 -138.80
C THR B 111 58.76 -38.03 -138.42
N ASN B 112 58.22 -38.89 -137.56
CA ASN B 112 58.89 -40.11 -137.16
C ASN B 112 57.90 -41.27 -137.12
N LYS B 113 57.05 -41.35 -138.16
CA LYS B 113 56.11 -42.45 -138.36
C LYS B 113 55.07 -42.54 -137.25
N GLY B 114 54.87 -41.48 -136.48
CA GLY B 114 53.78 -41.46 -135.53
C GLY B 114 52.44 -41.33 -136.21
N ILE B 115 51.37 -41.69 -135.47
CA ILE B 115 50.01 -41.61 -135.99
C ILE B 115 49.15 -40.84 -134.99
N SER B 116 47.96 -40.44 -135.46
CA SER B 116 47.03 -39.68 -134.66
C SER B 116 45.61 -40.06 -135.06
N PRO B 117 44.74 -40.36 -134.10
CA PRO B 117 43.37 -40.78 -134.43
C PRO B 117 42.44 -39.65 -134.83
N VAL B 118 42.89 -38.40 -134.77
CA VAL B 118 42.01 -37.26 -135.08
C VAL B 118 41.76 -37.20 -136.58
N PRO B 119 40.50 -37.24 -137.01
CA PRO B 119 40.21 -37.36 -138.44
C PRO B 119 40.52 -36.08 -139.22
N ILE B 120 41.01 -36.27 -140.44
CA ILE B 120 41.16 -35.18 -141.40
C ILE B 120 39.89 -35.16 -142.24
N ASN B 121 39.06 -34.14 -142.05
CA ASN B 121 37.78 -34.03 -142.76
C ASN B 121 38.02 -33.31 -144.08
N LEU B 122 37.84 -34.02 -145.19
CA LEU B 122 38.07 -33.46 -146.51
C LEU B 122 36.82 -33.65 -147.36
N ARG B 123 36.56 -32.71 -148.25
CA ARG B 123 35.40 -32.79 -149.13
C ARG B 123 35.85 -32.52 -150.56
N VAL B 124 35.38 -33.34 -151.49
CA VAL B 124 35.69 -33.19 -152.91
C VAL B 124 34.37 -32.97 -153.64
N TYR B 125 34.40 -32.12 -154.66
CA TYR B 125 33.23 -31.88 -155.50
C TYR B 125 33.49 -32.49 -156.87
N SER B 126 32.43 -33.03 -157.47
CA SER B 126 32.56 -33.69 -158.76
C SER B 126 31.21 -33.67 -159.45
N PRO B 127 31.18 -33.71 -160.78
CA PRO B 127 29.90 -33.57 -161.48
C PRO B 127 29.00 -34.80 -161.41
N HIS B 128 29.57 -36.01 -161.35
CA HIS B 128 28.78 -37.23 -161.47
C HIS B 128 29.17 -38.24 -160.41
N VAL B 129 29.21 -37.82 -159.15
CA VAL B 129 29.46 -38.74 -158.05
C VAL B 129 28.35 -38.60 -157.02
N LEU B 130 28.15 -39.66 -156.24
CA LEU B 130 27.17 -39.65 -155.17
C LEU B 130 27.67 -38.77 -154.03
N ASN B 131 26.76 -38.45 -153.11
CA ASN B 131 27.14 -37.86 -151.83
C ASN B 131 27.67 -38.94 -150.90
N LEU B 132 28.81 -39.51 -151.31
CA LEU B 132 29.38 -40.62 -150.59
C LEU B 132 30.12 -40.13 -149.36
N THR B 133 30.59 -41.08 -148.54
CA THR B 133 31.40 -40.77 -147.36
C THR B 133 32.46 -41.85 -147.26
N LEU B 134 33.62 -41.57 -147.85
CA LEU B 134 34.72 -42.52 -147.85
C LEU B 134 35.58 -42.31 -146.62
N VAL B 135 36.15 -43.38 -146.10
CA VAL B 135 37.02 -43.31 -144.93
C VAL B 135 38.26 -44.14 -145.22
N ASP B 136 39.39 -43.46 -145.43
CA ASP B 136 40.67 -44.13 -145.51
C ASP B 136 41.28 -44.17 -144.11
N LEU B 137 41.85 -45.31 -143.76
CA LEU B 137 42.35 -45.56 -142.43
C LEU B 137 43.77 -46.09 -142.49
N PRO B 138 44.55 -45.92 -141.43
CA PRO B 138 45.87 -46.55 -141.37
C PRO B 138 45.77 -48.06 -141.31
N GLY B 139 46.80 -48.71 -141.84
CA GLY B 139 46.85 -50.16 -141.79
C GLY B 139 47.12 -50.66 -140.38
N MET B 140 46.94 -51.96 -140.20
CA MET B 140 47.08 -52.59 -138.90
C MET B 140 48.49 -53.11 -138.71
N THR B 141 49.13 -52.71 -137.62
CA THR B 141 50.49 -53.12 -137.28
C THR B 141 50.51 -53.66 -135.86
N LYS B 142 51.49 -54.53 -135.59
CA LYS B 142 51.62 -55.13 -134.27
C LYS B 142 52.83 -54.60 -133.49
N VAL B 143 53.99 -54.51 -134.13
CA VAL B 143 55.20 -54.01 -133.48
C VAL B 143 55.33 -52.52 -133.75
N PRO B 144 55.44 -51.68 -132.72
CA PRO B 144 55.65 -50.25 -132.97
C PRO B 144 56.99 -50.01 -133.63
N VAL B 145 57.02 -48.99 -134.50
CA VAL B 145 58.23 -48.57 -135.19
C VAL B 145 58.36 -47.06 -135.02
N GLY B 146 59.59 -46.58 -135.03
CA GLY B 146 59.81 -45.16 -134.81
C GLY B 146 59.47 -44.78 -133.38
N ASP B 147 58.62 -43.77 -133.22
CA ASP B 147 58.26 -43.27 -131.90
C ASP B 147 56.82 -43.62 -131.52
N GLN B 148 56.22 -44.60 -132.18
CA GLN B 148 54.86 -45.00 -131.84
C GLN B 148 54.84 -45.59 -130.43
N PRO B 149 53.73 -45.43 -129.70
CA PRO B 149 53.62 -46.02 -128.38
C PRO B 149 53.62 -47.54 -128.47
N PRO B 150 53.98 -48.23 -127.39
CA PRO B 150 54.06 -49.70 -127.45
C PRO B 150 52.74 -50.38 -127.76
N ASP B 151 51.60 -49.72 -127.51
CA ASP B 151 50.28 -50.29 -127.78
C ASP B 151 49.72 -49.82 -129.11
N ILE B 152 50.60 -49.62 -130.11
CA ILE B 152 50.16 -49.12 -131.40
C ILE B 152 49.15 -50.06 -132.05
N GLU B 153 49.28 -51.36 -131.79
CA GLU B 153 48.34 -52.31 -132.37
C GLU B 153 46.92 -52.05 -131.88
N PHE B 154 46.76 -51.96 -130.55
CA PHE B 154 45.44 -51.68 -129.99
C PHE B 154 44.95 -50.30 -130.41
N GLN B 155 45.87 -49.34 -130.49
CA GLN B 155 45.48 -47.98 -130.89
C GLN B 155 44.87 -47.99 -132.29
N ILE B 156 45.58 -48.57 -133.26
CA ILE B 156 45.02 -48.64 -134.62
C ILE B 156 43.74 -49.47 -134.63
N ARG B 157 43.74 -50.58 -133.89
CA ARG B 157 42.58 -51.46 -133.89
C ARG B 157 41.33 -50.73 -133.45
N ASP B 158 41.31 -50.21 -132.23
CA ASP B 158 40.08 -49.56 -131.76
C ASP B 158 39.83 -48.25 -132.50
N MET B 159 40.89 -47.61 -133.01
CA MET B 159 40.70 -46.38 -133.78
C MET B 159 39.91 -46.63 -135.05
N LEU B 160 40.18 -47.73 -135.75
CA LEU B 160 39.38 -48.04 -136.92
C LEU B 160 38.10 -48.80 -136.56
N MET B 161 38.07 -49.44 -135.39
CA MET B 161 36.84 -50.09 -134.94
C MET B 161 35.75 -49.06 -134.67
N GLN B 162 36.14 -47.92 -134.10
CA GLN B 162 35.17 -46.86 -133.82
C GLN B 162 34.54 -46.31 -135.10
N PHE B 163 35.16 -46.54 -136.26
CA PHE B 163 34.59 -46.15 -137.53
C PHE B 163 33.89 -47.28 -138.26
N VAL B 164 34.30 -48.52 -138.05
CA VAL B 164 33.75 -49.63 -138.84
C VAL B 164 32.55 -50.26 -138.13
N THR B 165 32.61 -50.36 -136.80
CA THR B 165 31.60 -51.10 -136.06
C THR B 165 30.21 -50.48 -136.18
N LYS B 166 30.12 -49.22 -136.60
CA LYS B 166 28.81 -48.63 -136.84
C LYS B 166 28.15 -49.27 -138.04
N GLU B 167 26.82 -49.30 -138.02
CA GLU B 167 26.07 -49.86 -139.13
C GLU B 167 26.15 -48.91 -140.34
N ASN B 168 25.53 -49.30 -141.45
CA ASN B 168 25.59 -48.60 -142.73
C ASN B 168 27.01 -48.16 -143.05
N CYS B 169 27.97 -49.04 -142.79
CA CYS B 169 29.39 -48.79 -143.06
C CYS B 169 29.91 -49.98 -143.84
N LEU B 170 29.83 -49.88 -145.17
CA LEU B 170 30.40 -50.92 -146.02
C LEU B 170 31.90 -51.01 -145.77
N ILE B 171 32.43 -52.23 -145.87
CA ILE B 171 33.82 -52.50 -145.56
C ILE B 171 34.51 -52.95 -146.84
N LEU B 172 35.64 -52.32 -147.16
CA LEU B 172 36.53 -52.78 -148.21
C LEU B 172 37.73 -53.43 -147.52
N ALA B 173 37.71 -54.76 -147.47
CA ALA B 173 38.79 -55.53 -146.85
C ALA B 173 39.88 -55.73 -147.90
N VAL B 174 40.95 -54.96 -147.77
CA VAL B 174 42.05 -54.99 -148.72
C VAL B 174 43.10 -55.98 -148.24
N SER B 175 43.49 -56.90 -149.11
CA SER B 175 44.55 -57.83 -148.76
C SER B 175 45.48 -57.98 -149.95
N PRO B 176 46.79 -58.04 -149.72
CA PRO B 176 47.71 -58.29 -150.82
C PRO B 176 47.63 -59.73 -151.26
N ALA B 177 48.08 -59.97 -152.48
CA ALA B 177 48.23 -61.33 -152.99
C ALA B 177 49.59 -61.91 -152.67
N ASN B 178 50.42 -61.18 -151.94
CA ASN B 178 51.74 -61.68 -151.58
C ASN B 178 51.67 -62.60 -150.37
N SER B 179 51.22 -62.08 -149.24
CA SER B 179 51.02 -62.90 -148.07
C SER B 179 49.86 -63.87 -148.31
N ASP B 180 49.94 -65.04 -147.66
CA ASP B 180 48.84 -65.98 -147.71
C ASP B 180 47.60 -65.35 -147.11
N LEU B 181 46.44 -65.63 -147.72
CA LEU B 181 45.21 -64.95 -147.33
C LEU B 181 44.88 -65.17 -145.86
N ALA B 182 45.36 -66.26 -145.27
CA ALA B 182 45.04 -66.57 -143.89
C ALA B 182 45.54 -65.52 -142.91
N ASN B 183 46.50 -64.69 -143.31
CA ASN B 183 47.07 -63.68 -142.43
C ASN B 183 46.33 -62.34 -142.50
N SER B 184 45.26 -62.25 -143.27
CA SER B 184 44.67 -60.95 -143.60
C SER B 184 44.11 -60.23 -142.38
N ASP B 185 44.80 -59.17 -141.96
CA ASP B 185 44.29 -58.31 -140.90
C ASP B 185 42.98 -57.65 -141.30
N ALA B 186 42.75 -57.48 -142.61
CA ALA B 186 41.46 -56.96 -143.06
C ALA B 186 40.36 -57.98 -142.81
N LEU B 187 40.59 -59.22 -143.21
CA LEU B 187 39.56 -60.25 -143.06
C LEU B 187 39.28 -60.54 -141.59
N LYS B 188 40.29 -60.44 -140.72
CA LYS B 188 40.04 -60.65 -139.30
C LYS B 188 39.00 -59.67 -138.79
N VAL B 189 39.20 -58.38 -139.04
CA VAL B 189 38.25 -57.36 -138.58
C VAL B 189 36.92 -57.52 -139.30
N ALA B 190 36.96 -57.87 -140.59
CA ALA B 190 35.73 -58.02 -141.36
C ALA B 190 34.84 -59.10 -140.77
N LYS B 191 35.41 -60.28 -140.50
CA LYS B 191 34.63 -61.34 -139.88
C LYS B 191 34.35 -61.08 -138.41
N GLU B 192 35.10 -60.19 -137.76
CA GLU B 192 34.81 -59.87 -136.37
C GLU B 192 33.61 -58.95 -136.23
N VAL B 193 33.44 -58.00 -137.14
CA VAL B 193 32.40 -56.99 -136.99
C VAL B 193 31.18 -57.32 -137.87
N ASP B 194 31.42 -58.05 -138.96
CA ASP B 194 30.37 -58.42 -139.91
C ASP B 194 30.46 -59.92 -140.11
N PRO B 195 29.90 -60.71 -139.19
CA PRO B 195 30.07 -62.17 -139.28
C PRO B 195 29.48 -62.76 -140.54
N GLN B 196 28.23 -62.44 -140.87
CA GLN B 196 27.59 -63.00 -142.06
C GLN B 196 28.18 -62.46 -143.35
N GLY B 197 29.00 -61.42 -143.29
CA GLY B 197 29.59 -60.86 -144.50
C GLY B 197 28.58 -60.23 -145.43
N GLN B 198 27.62 -59.47 -144.88
CA GLN B 198 26.60 -58.84 -145.71
C GLN B 198 26.94 -57.40 -146.10
N ARG B 199 27.92 -56.78 -145.43
CA ARG B 199 28.38 -55.45 -145.78
C ARG B 199 29.89 -55.43 -145.91
N THR B 200 30.46 -56.54 -146.39
CA THR B 200 31.90 -56.70 -146.54
C THR B 200 32.21 -57.10 -147.96
N ILE B 201 33.21 -56.45 -148.55
CA ILE B 201 33.67 -56.79 -149.89
C ILE B 201 35.18 -56.94 -149.84
N GLY B 202 35.68 -58.05 -150.38
CA GLY B 202 37.10 -58.36 -150.34
C GLY B 202 37.78 -57.99 -151.64
N VAL B 203 38.93 -57.34 -151.53
CA VAL B 203 39.72 -56.96 -152.69
C VAL B 203 41.14 -57.48 -152.50
N ILE B 204 41.70 -58.05 -153.56
CA ILE B 204 43.02 -58.65 -153.58
C ILE B 204 43.89 -57.78 -154.47
N THR B 205 44.91 -57.17 -153.88
CA THR B 205 45.82 -56.30 -154.59
C THR B 205 47.11 -57.03 -154.92
N LYS B 206 48.01 -56.35 -155.62
CA LYS B 206 49.36 -56.83 -155.86
C LYS B 206 49.39 -58.18 -156.56
N LEU B 207 48.38 -58.45 -157.40
CA LEU B 207 48.33 -59.73 -158.11
C LEU B 207 49.49 -59.91 -159.08
N ASP B 208 50.22 -58.85 -159.39
CA ASP B 208 51.40 -58.95 -160.24
C ASP B 208 52.66 -59.28 -159.47
N LEU B 209 52.59 -59.35 -158.15
CA LEU B 209 53.77 -59.56 -157.31
C LEU B 209 53.80 -60.95 -156.68
N MET B 210 53.05 -61.90 -157.25
CA MET B 210 53.01 -63.24 -156.70
C MET B 210 54.22 -64.04 -157.15
N ASP B 211 54.60 -65.01 -156.32
CA ASP B 211 55.80 -65.80 -156.59
C ASP B 211 55.63 -66.64 -157.85
N GLU B 212 56.76 -66.92 -158.50
CA GLU B 212 56.76 -67.73 -159.71
C GLU B 212 56.13 -69.09 -159.43
N GLY B 213 55.23 -69.51 -160.31
CA GLY B 213 54.54 -70.77 -160.16
C GLY B 213 53.34 -70.74 -159.25
N THR B 214 53.06 -69.62 -158.62
CA THR B 214 51.91 -69.47 -157.74
C THR B 214 50.86 -68.58 -158.41
N ASP B 215 49.60 -68.80 -158.05
CA ASP B 215 48.51 -68.02 -158.58
C ASP B 215 47.41 -67.93 -157.54
N ALA B 216 46.62 -66.86 -157.62
CA ALA B 216 45.52 -66.62 -156.69
C ALA B 216 44.19 -67.15 -157.20
N ARG B 217 44.21 -68.20 -158.01
CA ARG B 217 42.96 -68.76 -158.55
C ARG B 217 42.06 -69.27 -157.43
N ASP B 218 42.64 -70.00 -156.47
CA ASP B 218 41.86 -70.62 -155.41
C ASP B 218 41.14 -69.60 -154.54
N VAL B 219 41.63 -68.37 -154.48
CA VAL B 219 41.02 -67.37 -153.62
C VAL B 219 40.11 -66.46 -154.45
N LEU B 220 40.49 -66.20 -155.70
CA LEU B 220 39.64 -65.36 -156.55
C LEU B 220 38.38 -66.09 -156.99
N GLU B 221 38.43 -67.42 -157.09
CA GLU B 221 37.21 -68.19 -157.31
C GLU B 221 36.39 -68.34 -156.03
N ASN B 222 36.77 -67.62 -154.97
CA ASN B 222 36.00 -67.59 -153.72
C ASN B 222 35.83 -68.98 -153.13
N LYS B 223 36.84 -69.82 -153.29
CA LYS B 223 36.81 -71.18 -152.75
C LYS B 223 37.67 -71.34 -151.50
N LEU B 224 38.86 -70.73 -151.47
CA LEU B 224 39.76 -70.89 -150.34
C LEU B 224 39.12 -70.37 -149.06
N LEU B 225 38.63 -69.14 -149.09
CA LEU B 225 37.87 -68.56 -147.97
C LEU B 225 36.57 -68.02 -148.56
N PRO B 226 35.55 -68.86 -148.69
CA PRO B 226 34.29 -68.41 -149.29
C PRO B 226 33.68 -67.21 -148.59
N LEU B 227 33.64 -66.09 -149.31
CA LEU B 227 32.98 -64.88 -148.83
C LEU B 227 31.80 -64.59 -149.74
N ARG B 228 30.72 -64.07 -149.15
CA ARG B 228 29.46 -63.95 -149.88
C ARG B 228 29.60 -63.04 -151.09
N ARG B 229 30.26 -61.89 -150.93
CA ARG B 229 30.30 -60.89 -151.98
C ARG B 229 31.40 -61.13 -153.01
N GLY B 230 32.26 -62.12 -152.79
CA GLY B 230 33.32 -62.42 -153.72
C GLY B 230 34.54 -61.54 -153.53
N TYR B 231 35.61 -61.90 -154.24
CA TYR B 231 36.88 -61.20 -154.15
C TYR B 231 37.19 -60.57 -155.50
N ILE B 232 37.45 -59.26 -155.50
CA ILE B 232 37.78 -58.53 -156.71
C ILE B 232 39.28 -58.30 -156.74
N GLY B 233 39.91 -58.67 -157.86
CA GLY B 233 41.35 -58.56 -157.99
C GLY B 233 41.74 -57.31 -158.75
N VAL B 234 42.59 -56.49 -158.13
CA VAL B 234 43.03 -55.25 -158.74
C VAL B 234 44.56 -55.24 -158.81
N VAL B 235 45.07 -54.46 -159.76
CA VAL B 235 46.51 -54.31 -159.94
C VAL B 235 46.83 -52.82 -160.08
N ASN B 236 47.31 -52.21 -159.00
CA ASN B 236 47.57 -50.78 -158.98
C ASN B 236 48.91 -50.46 -159.63
N ARG B 237 49.40 -49.24 -159.45
CA ARG B 237 50.68 -48.81 -159.99
C ARG B 237 51.78 -49.11 -158.99
N SER B 238 52.87 -49.72 -159.48
CA SER B 238 53.99 -50.04 -158.62
C SER B 238 54.66 -48.76 -158.10
N GLN B 239 55.56 -48.93 -157.14
CA GLN B 239 56.27 -47.79 -156.58
C GLN B 239 57.13 -47.11 -157.64
N LYS B 240 57.74 -47.89 -158.53
CA LYS B 240 58.48 -47.30 -159.64
C LYS B 240 57.57 -46.46 -160.52
N ASP B 241 56.37 -46.95 -160.81
CA ASP B 241 55.42 -46.18 -161.62
C ASP B 241 54.98 -44.92 -160.89
N ILE B 242 54.80 -45.01 -159.57
CA ILE B 242 54.41 -43.82 -158.80
C ILE B 242 55.50 -42.77 -158.88
N ASP B 243 56.76 -43.19 -158.73
CA ASP B 243 57.87 -42.24 -158.85
C ASP B 243 57.99 -41.69 -160.26
N GLY B 244 57.68 -42.51 -161.27
CA GLY B 244 57.71 -42.09 -162.65
C GLY B 244 56.44 -41.40 -163.14
N LYS B 245 55.48 -41.17 -162.25
CA LYS B 245 54.26 -40.44 -162.56
C LYS B 245 53.46 -41.13 -163.67
N LYS B 246 53.22 -42.43 -163.50
CA LYS B 246 52.37 -43.15 -164.44
C LYS B 246 50.93 -42.67 -164.32
N ASP B 247 50.25 -42.61 -165.46
CA ASP B 247 48.89 -42.09 -165.52
C ASP B 247 47.85 -43.19 -165.42
N ILE B 248 46.66 -42.80 -164.94
CA ILE B 248 45.62 -43.77 -164.61
C ILE B 248 45.19 -44.56 -165.85
N THR B 249 45.08 -43.89 -167.00
CA THR B 249 44.56 -44.56 -168.18
C THR B 249 45.48 -45.67 -168.65
N ALA B 250 46.78 -45.39 -168.77
CA ALA B 250 47.71 -46.44 -169.19
C ALA B 250 47.88 -47.48 -168.10
N ALA B 251 47.77 -47.09 -166.83
CA ALA B 251 47.81 -48.08 -165.76
C ALA B 251 46.64 -49.07 -165.88
N LEU B 252 45.44 -48.55 -166.15
CA LEU B 252 44.29 -49.43 -166.34
C LEU B 252 44.44 -50.30 -167.58
N ALA B 253 45.00 -49.74 -168.65
CA ALA B 253 45.25 -50.53 -169.85
C ALA B 253 46.22 -51.67 -169.55
N ALA B 254 47.28 -51.39 -168.79
CA ALA B 254 48.23 -52.43 -168.42
C ALA B 254 47.58 -53.49 -167.52
N GLU B 255 46.71 -53.06 -166.60
CA GLU B 255 46.01 -54.02 -165.76
C GLU B 255 45.11 -54.94 -166.60
N ARG B 256 44.40 -54.36 -167.56
CA ARG B 256 43.57 -55.16 -168.45
C ARG B 256 44.42 -56.14 -169.27
N LYS B 257 45.57 -55.67 -169.75
CA LYS B 257 46.47 -56.55 -170.48
C LYS B 257 46.96 -57.70 -169.61
N PHE B 258 47.31 -57.41 -168.36
CA PHE B 258 47.78 -58.46 -167.46
C PHE B 258 46.69 -59.47 -167.19
N PHE B 259 45.46 -59.02 -166.95
CA PHE B 259 44.37 -59.96 -166.73
C PHE B 259 44.07 -60.80 -167.95
N LEU B 260 44.16 -60.23 -169.15
CA LEU B 260 43.95 -61.01 -170.36
C LEU B 260 45.10 -61.95 -170.68
N SER B 261 46.31 -61.63 -170.22
CA SER B 261 47.48 -62.45 -170.55
C SER B 261 47.75 -63.55 -169.54
N HIS B 262 47.40 -63.35 -168.27
CA HIS B 262 47.71 -64.36 -167.26
C HIS B 262 46.82 -65.58 -167.45
N PRO B 263 47.39 -66.78 -167.63
CA PRO B 263 46.55 -67.96 -167.90
C PRO B 263 45.62 -68.33 -166.75
N SER B 264 45.93 -67.92 -165.53
CA SER B 264 45.13 -68.32 -164.37
C SER B 264 44.04 -67.33 -164.02
N TYR B 265 43.87 -66.26 -164.79
CA TYR B 265 42.85 -65.27 -164.49
C TYR B 265 42.02 -64.83 -165.70
N ARG B 266 42.41 -65.19 -166.92
CA ARG B 266 41.71 -64.69 -168.09
C ARG B 266 40.24 -65.12 -168.11
N HIS B 267 39.93 -66.29 -167.55
CA HIS B 267 38.55 -66.73 -167.47
C HIS B 267 37.73 -65.88 -166.51
N LEU B 268 38.37 -65.06 -165.67
CA LEU B 268 37.68 -64.14 -164.78
C LEU B 268 38.06 -62.70 -165.03
N ALA B 269 38.69 -62.40 -166.17
CA ALA B 269 39.12 -61.03 -166.46
C ALA B 269 37.94 -60.08 -166.47
N ASP B 270 36.79 -60.53 -166.96
CA ASP B 270 35.61 -59.67 -166.99
C ASP B 270 35.19 -59.27 -165.58
N ARG B 271 35.20 -60.20 -164.64
CA ARG B 271 34.81 -59.91 -163.27
C ARG B 271 35.94 -59.35 -162.42
N MET B 272 37.16 -59.29 -162.93
CA MET B 272 38.26 -58.68 -162.19
C MET B 272 38.51 -57.26 -162.70
N GLY B 273 39.30 -56.52 -161.94
CA GLY B 273 39.68 -55.17 -162.32
C GLY B 273 38.98 -54.12 -161.48
N THR B 274 39.59 -52.93 -161.47
CA THR B 274 39.01 -51.80 -160.73
C THR B 274 37.64 -51.37 -161.24
N PRO B 275 37.37 -51.26 -162.54
CA PRO B 275 36.02 -50.87 -162.97
C PRO B 275 34.94 -51.81 -162.45
N TYR B 276 35.24 -53.10 -162.35
CA TYR B 276 34.27 -54.02 -161.78
C TYR B 276 34.02 -53.70 -160.31
N LEU B 277 35.06 -53.31 -159.58
CA LEU B 277 34.87 -52.94 -158.18
C LEU B 277 34.02 -51.69 -158.07
N GLN B 278 34.23 -50.71 -158.95
CA GLN B 278 33.36 -49.54 -158.98
C GLN B 278 31.93 -49.95 -159.26
N LYS B 279 31.72 -50.85 -160.21
CA LYS B 279 30.38 -51.30 -160.55
C LYS B 279 29.73 -52.03 -159.38
N VAL B 280 30.50 -52.82 -158.64
CA VAL B 280 29.95 -53.56 -157.51
C VAL B 280 29.57 -52.61 -156.38
N LEU B 281 30.40 -51.60 -156.12
CA LEU B 281 30.02 -50.59 -155.14
C LEU B 281 28.76 -49.85 -155.59
N ASN B 282 28.66 -49.55 -156.89
CA ASN B 282 27.45 -48.93 -157.40
C ASN B 282 26.23 -49.83 -157.16
N GLN B 283 26.38 -51.13 -157.37
CA GLN B 283 25.28 -52.06 -157.15
C GLN B 283 24.87 -52.08 -155.68
N GLN B 284 25.84 -52.12 -154.77
CA GLN B 284 25.52 -52.12 -153.35
C GLN B 284 24.81 -50.83 -152.95
N LEU B 285 25.29 -49.70 -153.45
CA LEU B 285 24.65 -48.43 -153.13
C LEU B 285 23.24 -48.35 -153.73
N THR B 286 23.06 -48.91 -154.93
CA THR B 286 21.72 -48.96 -155.51
C THR B 286 20.78 -49.80 -154.64
N ASN B 287 21.26 -50.94 -154.16
CA ASN B 287 20.44 -51.78 -153.31
C ASN B 287 20.20 -51.16 -151.94
N HIS B 288 21.06 -50.24 -151.51
CA HIS B 288 20.88 -49.63 -150.20
C HIS B 288 20.08 -48.33 -150.21
N ILE B 289 20.05 -47.60 -151.33
CA ILE B 289 19.27 -46.36 -151.37
C ILE B 289 17.78 -46.65 -151.29
N ARG B 290 17.33 -47.74 -151.91
CA ARG B 290 15.93 -48.13 -151.82
C ARG B 290 15.62 -48.59 -150.40
N ASP B 291 14.37 -48.99 -150.15
CA ASP B 291 13.73 -49.19 -148.86
C ASP B 291 13.41 -47.82 -148.25
N THR B 292 13.86 -46.72 -148.86
CA THR B 292 13.46 -45.39 -148.47
C THR B 292 12.80 -44.61 -149.60
N LEU B 293 12.95 -45.05 -150.85
CA LEU B 293 12.34 -44.37 -151.99
C LEU B 293 10.84 -44.15 -151.85
N PRO B 294 10.03 -45.14 -151.46
CA PRO B 294 8.59 -44.86 -151.30
C PRO B 294 8.31 -43.73 -150.32
N GLY B 295 9.09 -43.63 -149.25
CA GLY B 295 8.99 -42.46 -148.41
C GLY B 295 9.46 -41.20 -149.11
N LEU B 296 10.57 -41.29 -149.84
CA LEU B 296 11.13 -40.12 -150.51
C LEU B 296 10.35 -39.76 -151.77
N ARG B 297 9.86 -40.76 -152.50
CA ARG B 297 9.06 -40.46 -153.68
C ARG B 297 7.80 -39.69 -153.29
N ASN B 298 7.15 -40.10 -152.20
CA ASN B 298 6.02 -39.33 -151.68
C ASN B 298 6.50 -37.98 -151.14
N LYS B 299 7.66 -37.97 -150.48
CA LYS B 299 8.16 -36.74 -149.85
C LYS B 299 8.36 -35.64 -150.87
N LEU B 300 8.76 -35.98 -152.09
CA LEU B 300 8.84 -34.96 -153.14
C LEU B 300 7.64 -34.96 -154.08
N GLN B 301 6.79 -35.98 -154.05
CA GLN B 301 5.53 -35.93 -154.77
C GLN B 301 4.62 -34.85 -154.18
N SER B 302 4.58 -34.75 -152.86
CA SER B 302 3.84 -33.67 -152.23
C SER B 302 4.43 -32.32 -152.61
N GLN B 303 5.77 -32.26 -152.73
CA GLN B 303 6.42 -31.04 -153.20
C GLN B 303 5.95 -30.68 -154.60
N LEU B 304 5.89 -31.66 -155.50
CA LEU B 304 5.37 -31.38 -156.84
C LEU B 304 3.91 -30.97 -156.80
N LEU B 305 3.15 -31.52 -155.85
CA LEU B 305 1.75 -31.13 -155.70
C LEU B 305 1.63 -29.67 -155.32
N SER B 306 2.51 -29.19 -154.44
CA SER B 306 2.41 -27.83 -153.92
C SER B 306 2.67 -26.76 -154.97
N ILE B 307 3.17 -27.16 -156.14
CA ILE B 307 3.48 -26.23 -157.21
C ILE B 307 2.73 -26.52 -158.51
N GLU B 308 2.20 -27.73 -158.69
CA GLU B 308 1.51 -28.07 -159.94
C GLU B 308 0.39 -27.08 -160.26
N LYS B 309 -0.22 -26.47 -159.25
CA LYS B 309 -1.31 -25.53 -159.50
C LYS B 309 -0.82 -24.29 -160.24
N GLU B 310 0.28 -23.69 -159.78
CA GLU B 310 0.83 -22.52 -160.44
C GLU B 310 1.55 -22.89 -161.74
N VAL B 311 2.07 -24.12 -161.82
CA VAL B 311 2.66 -24.58 -163.07
C VAL B 311 1.65 -24.57 -164.18
N GLU B 312 0.36 -24.72 -163.87
CA GLU B 312 -0.69 -24.64 -164.88
C GLU B 312 -0.69 -23.28 -165.56
N GLU B 313 -0.64 -22.21 -164.77
CA GLU B 313 -0.52 -20.87 -165.35
C GLU B 313 0.83 -20.68 -166.04
N TYR B 314 1.89 -21.32 -165.53
CA TYR B 314 3.22 -21.05 -166.07
C TYR B 314 3.61 -21.85 -167.32
N LYS B 315 2.94 -22.97 -167.66
CA LYS B 315 3.41 -23.74 -168.82
C LYS B 315 3.22 -22.96 -170.12
N ASN B 316 2.06 -22.35 -170.30
CA ASN B 316 1.74 -21.66 -171.54
C ASN B 316 1.42 -20.21 -171.19
N PHE B 317 2.47 -19.41 -171.04
CA PHE B 317 2.37 -17.97 -170.85
C PHE B 317 2.99 -17.29 -172.06
N ARG B 318 2.25 -16.38 -172.67
CA ARG B 318 2.78 -15.56 -173.74
C ARG B 318 2.51 -14.10 -173.44
N PRO B 319 3.50 -13.22 -173.55
CA PRO B 319 3.24 -11.80 -173.29
C PRO B 319 2.19 -11.26 -174.24
N ASP B 320 1.36 -10.34 -173.73
CA ASP B 320 0.26 -9.67 -174.43
C ASP B 320 -0.97 -10.54 -174.58
N ASP B 321 -1.06 -11.67 -173.88
CA ASP B 321 -2.25 -12.51 -174.00
C ASP B 321 -3.45 -11.87 -173.31
N PRO B 322 -4.42 -11.36 -174.07
CA PRO B 322 -5.55 -10.65 -173.44
C PRO B 322 -6.35 -11.52 -172.50
N ALA B 323 -6.53 -12.80 -172.83
CA ALA B 323 -7.34 -13.67 -171.99
C ALA B 323 -6.75 -13.80 -170.59
N ARG B 324 -5.47 -14.18 -170.51
CA ARG B 324 -4.84 -14.31 -169.21
C ARG B 324 -4.76 -12.97 -168.49
N LYS B 325 -4.42 -11.90 -169.23
CA LYS B 325 -4.27 -10.61 -168.58
C LYS B 325 -5.58 -10.16 -167.94
N THR B 326 -6.68 -10.22 -168.70
CA THR B 326 -7.96 -9.78 -168.16
C THR B 326 -8.48 -10.71 -167.08
N LYS B 327 -8.27 -12.02 -167.21
CA LYS B 327 -8.67 -12.93 -166.15
C LYS B 327 -7.93 -12.64 -164.85
N ALA B 328 -6.62 -12.39 -164.95
CA ALA B 328 -5.85 -12.04 -163.77
C ALA B 328 -6.33 -10.73 -163.17
N LEU B 329 -6.62 -9.74 -164.02
CA LEU B 329 -7.12 -8.46 -163.53
C LEU B 329 -8.42 -8.65 -162.76
N LEU B 330 -9.35 -9.43 -163.32
CA LEU B 330 -10.65 -9.62 -162.68
C LEU B 330 -10.50 -10.32 -161.34
N GLN B 331 -9.68 -11.38 -161.27
CA GLN B 331 -9.54 -12.07 -160.00
C GLN B 331 -8.81 -11.21 -158.98
N MET B 332 -7.83 -10.40 -159.41
CA MET B 332 -7.14 -9.51 -158.49
C MET B 332 -8.13 -8.50 -157.90
N VAL B 333 -8.98 -7.92 -158.75
CA VAL B 333 -9.96 -6.95 -158.28
C VAL B 333 -10.93 -7.59 -157.30
N GLN B 334 -11.39 -8.81 -157.61
CA GLN B 334 -12.34 -9.47 -156.74
C GLN B 334 -11.73 -9.75 -155.37
N GLN B 335 -10.48 -10.23 -155.33
CA GLN B 335 -9.90 -10.50 -154.02
C GLN B 335 -9.62 -9.21 -153.28
N PHE B 336 -9.25 -8.14 -154.00
CA PHE B 336 -9.07 -6.85 -153.34
C PHE B 336 -10.36 -6.41 -152.65
N ALA B 337 -11.48 -6.50 -153.37
CA ALA B 337 -12.75 -6.14 -152.75
C ALA B 337 -13.00 -6.97 -151.51
N VAL B 338 -13.07 -8.30 -151.66
CA VAL B 338 -13.47 -9.14 -150.54
C VAL B 338 -12.51 -8.97 -149.36
N ASP B 339 -11.23 -8.70 -149.64
CA ASP B 339 -10.29 -8.38 -148.58
C ASP B 339 -10.67 -7.07 -147.89
N PHE B 340 -11.12 -6.08 -148.67
CA PHE B 340 -11.50 -4.80 -148.08
C PHE B 340 -12.68 -4.96 -147.13
N GLU B 341 -13.73 -5.67 -147.56
CA GLU B 341 -14.83 -5.89 -146.62
C GLU B 341 -14.40 -6.77 -145.45
N LYS B 342 -13.49 -7.71 -145.67
CA LYS B 342 -13.00 -8.51 -144.55
C LYS B 342 -12.29 -7.65 -143.51
N ARG B 343 -11.54 -6.65 -143.97
CA ARG B 343 -10.79 -5.80 -143.05
C ARG B 343 -11.64 -4.68 -142.45
N ILE B 344 -12.75 -4.31 -143.09
CA ILE B 344 -13.56 -3.24 -142.55
C ILE B 344 -14.71 -3.80 -141.73
N GLU B 345 -15.63 -4.54 -142.38
CA GLU B 345 -16.74 -5.12 -141.63
C GLU B 345 -16.31 -6.27 -140.75
N GLY B 346 -15.13 -6.81 -140.97
CA GLY B 346 -14.70 -7.98 -140.21
C GLY B 346 -15.50 -9.23 -140.50
N SER B 347 -15.83 -9.46 -141.78
CA SER B 347 -16.55 -10.67 -142.14
C SER B 347 -15.73 -11.89 -141.74
N GLY B 348 -16.37 -12.82 -141.05
CA GLY B 348 -15.63 -13.89 -140.41
C GLY B 348 -14.98 -14.88 -141.34
N ASP B 349 -13.66 -14.77 -141.48
CA ASP B 349 -12.77 -15.79 -142.04
C ASP B 349 -11.35 -15.25 -141.95
N GLN B 350 -10.39 -16.17 -141.87
CA GLN B 350 -8.95 -15.90 -141.93
C GLN B 350 -8.57 -14.62 -141.18
N ILE B 351 -9.14 -14.43 -139.99
CA ILE B 351 -9.00 -13.17 -139.27
C ILE B 351 -7.64 -13.13 -138.58
N ASP B 352 -6.88 -12.07 -138.84
CA ASP B 352 -5.64 -11.86 -138.12
C ASP B 352 -5.95 -11.54 -136.66
N THR B 353 -5.20 -12.16 -135.75
CA THR B 353 -5.34 -11.93 -134.32
C THR B 353 -4.04 -11.38 -133.73
N TYR B 354 -3.30 -10.63 -134.52
CA TYR B 354 -1.99 -10.12 -134.11
C TYR B 354 -1.99 -8.62 -133.87
N GLU B 355 -2.81 -7.87 -134.58
CA GLU B 355 -2.97 -6.44 -134.40
C GLU B 355 -4.40 -6.13 -134.00
N LEU B 356 -4.64 -4.90 -133.56
CA LEU B 356 -6.01 -4.50 -133.21
C LEU B 356 -6.93 -4.62 -134.42
N SER B 357 -6.45 -4.21 -135.59
CA SER B 357 -7.07 -4.47 -136.87
C SER B 357 -6.19 -3.87 -137.95
N GLY B 358 -6.56 -4.14 -139.20
CA GLY B 358 -5.99 -3.39 -140.31
C GLY B 358 -6.61 -2.01 -140.34
N GLY B 359 -7.93 -1.96 -140.43
CA GLY B 359 -8.63 -0.69 -140.37
C GLY B 359 -9.98 -0.71 -139.70
N ALA B 360 -10.25 -1.74 -138.90
CA ALA B 360 -11.58 -1.89 -138.33
C ALA B 360 -11.67 -1.30 -136.91
N ARG B 361 -10.90 -1.86 -135.97
CA ARG B 361 -10.89 -1.31 -134.62
C ARG B 361 -10.02 -0.08 -134.49
N ILE B 362 -9.01 0.09 -135.34
CA ILE B 362 -8.35 1.39 -135.36
C ILE B 362 -9.34 2.49 -135.75
N ASN B 363 -10.49 2.11 -136.33
CA ASN B 363 -11.53 3.06 -136.71
C ASN B 363 -12.63 3.16 -135.65
N ARG B 364 -13.12 2.02 -135.17
CA ARG B 364 -14.05 2.05 -134.03
C ARG B 364 -13.46 2.79 -132.83
N ILE B 365 -12.16 2.64 -132.58
CA ILE B 365 -11.59 3.34 -131.44
C ILE B 365 -11.59 4.84 -131.72
N PHE B 366 -11.53 5.25 -132.99
CA PHE B 366 -11.77 6.66 -133.29
C PHE B 366 -13.18 7.05 -132.89
N HIS B 367 -14.18 6.26 -133.32
CA HIS B 367 -15.57 6.64 -133.06
C HIS B 367 -15.91 6.70 -131.57
N GLU B 368 -15.36 5.82 -130.74
CA GLU B 368 -15.59 5.88 -129.30
C GLU B 368 -14.34 6.24 -128.51
N ARG B 369 -13.43 7.00 -129.11
CA ARG B 369 -12.39 7.74 -128.39
C ARG B 369 -12.48 9.23 -128.61
N PHE B 370 -12.99 9.67 -129.77
CA PHE B 370 -13.33 11.06 -130.07
C PHE B 370 -14.02 11.78 -128.91
N PRO B 371 -14.86 11.11 -128.11
CA PRO B 371 -15.31 11.72 -126.86
C PRO B 371 -14.17 12.24 -125.99
N PHE B 372 -12.98 11.64 -126.07
CA PHE B 372 -11.84 12.21 -125.36
C PHE B 372 -11.53 13.60 -125.89
N GLU B 373 -11.59 13.79 -127.21
CA GLU B 373 -11.39 15.12 -127.77
C GLU B 373 -12.47 16.09 -127.28
N LEU B 374 -13.73 15.66 -127.34
CA LEU B 374 -14.81 16.57 -126.93
C LEU B 374 -14.67 16.97 -125.48
N VAL B 375 -14.29 16.04 -124.61
CA VAL B 375 -14.05 16.39 -123.20
C VAL B 375 -12.82 17.28 -123.08
N LYS B 376 -11.79 17.01 -123.89
CA LYS B 376 -10.57 17.78 -123.86
C LYS B 376 -10.77 19.19 -124.39
N MET B 377 -11.94 19.49 -124.93
CA MET B 377 -12.30 20.88 -125.18
C MET B 377 -12.20 21.67 -123.86
N GLU B 378 -12.20 23.00 -123.98
CA GLU B 378 -11.76 23.89 -122.91
C GLU B 378 -12.33 23.59 -121.52
N PHE B 379 -13.64 23.74 -121.32
CA PHE B 379 -14.34 23.41 -120.07
C PHE B 379 -13.71 24.01 -118.81
N ASP B 380 -12.76 24.94 -118.91
CA ASP B 380 -12.04 25.40 -117.71
C ASP B 380 -11.97 26.93 -117.66
N GLU B 381 -13.00 27.54 -117.09
CA GLU B 381 -13.05 28.96 -116.73
C GLU B 381 -14.22 29.20 -115.79
N LYS B 382 -14.05 30.22 -114.95
CA LYS B 382 -15.18 30.95 -114.36
C LYS B 382 -15.48 32.23 -115.14
N GLU B 383 -14.65 32.56 -116.13
CA GLU B 383 -14.91 33.69 -117.01
C GLU B 383 -16.23 33.53 -117.74
N LEU B 384 -16.73 32.30 -117.87
CA LEU B 384 -18.05 32.08 -118.46
C LEU B 384 -19.13 32.85 -117.72
N ARG B 385 -19.00 32.96 -116.40
CA ARG B 385 -20.00 33.70 -115.63
C ARG B 385 -20.03 35.17 -116.03
N ARG B 386 -18.86 35.80 -116.17
CA ARG B 386 -18.81 37.16 -116.69
C ARG B 386 -19.35 37.22 -118.11
N GLU B 387 -19.02 36.22 -118.91
CA GLU B 387 -19.43 36.19 -120.31
C GLU B 387 -20.95 36.16 -120.43
N ILE B 388 -21.62 35.48 -119.51
CA ILE B 388 -23.08 35.41 -119.58
C ILE B 388 -23.71 36.58 -118.84
N SER B 389 -23.03 37.16 -117.85
CA SER B 389 -23.54 38.36 -117.21
C SER B 389 -23.60 39.52 -118.19
N TYR B 390 -22.60 39.63 -119.07
CA TYR B 390 -22.67 40.66 -120.10
C TYR B 390 -23.83 40.42 -121.05
N ALA B 391 -24.12 39.15 -121.37
CA ALA B 391 -25.29 38.86 -122.20
C ALA B 391 -26.57 39.29 -121.51
N ILE B 392 -26.69 39.00 -120.21
CA ILE B 392 -27.82 39.49 -119.43
C ILE B 392 -27.92 41.00 -119.55
N LYS B 393 -26.79 41.70 -119.38
CA LYS B 393 -26.82 43.15 -119.32
C LYS B 393 -27.03 43.79 -120.69
N ASN B 394 -26.83 43.05 -121.77
CA ASN B 394 -27.10 43.58 -123.10
C ASN B 394 -28.53 43.29 -123.56
N ILE B 395 -29.09 42.13 -123.25
CA ILE B 395 -30.48 41.90 -123.64
C ILE B 395 -31.48 42.42 -122.61
N HIS B 396 -31.01 42.90 -121.47
CA HIS B 396 -31.84 43.76 -120.61
C HIS B 396 -31.56 45.22 -120.90
N GLY B 397 -31.31 45.52 -122.17
CA GLY B 397 -30.70 46.77 -122.60
C GLY B 397 -31.12 48.02 -121.88
N ILE B 398 -32.41 48.32 -121.87
CA ILE B 398 -32.95 49.50 -121.20
C ILE B 398 -33.93 49.12 -120.10
N ARG B 399 -34.87 48.24 -120.40
CA ARG B 399 -35.86 47.81 -119.41
C ARG B 399 -35.16 47.12 -118.25
N THR B 400 -35.91 46.90 -117.16
CA THR B 400 -35.24 46.63 -115.90
C THR B 400 -36.03 45.66 -115.04
N GLY B 401 -35.30 45.03 -114.11
CA GLY B 401 -35.86 44.43 -112.93
C GLY B 401 -36.65 43.16 -113.12
N LEU B 402 -36.58 42.53 -114.29
CA LEU B 402 -37.36 41.34 -114.54
C LEU B 402 -36.49 40.08 -114.42
N PHE B 403 -37.19 38.95 -114.39
CA PHE B 403 -36.69 37.71 -113.80
C PHE B 403 -35.34 37.27 -114.34
N THR B 404 -35.31 36.84 -115.61
CA THR B 404 -34.18 36.32 -116.37
C THR B 404 -34.57 36.27 -117.84
N PRO B 405 -33.69 36.69 -118.73
CA PRO B 405 -33.96 36.54 -120.17
C PRO B 405 -33.43 35.21 -120.71
N ASP B 406 -34.25 34.50 -121.48
CA ASP B 406 -33.84 33.18 -121.97
C ASP B 406 -32.84 33.29 -123.12
N MET B 407 -32.87 34.38 -123.88
CA MET B 407 -31.94 34.43 -124.99
C MET B 407 -30.50 34.57 -124.50
N ALA B 408 -30.29 34.88 -123.21
CA ALA B 408 -28.94 34.78 -122.67
C ALA B 408 -28.44 33.35 -122.72
N PHE B 409 -29.24 32.41 -122.22
CA PHE B 409 -28.95 30.99 -122.37
C PHE B 409 -28.78 30.63 -123.83
N GLU B 410 -29.64 31.16 -124.69
CA GLU B 410 -29.56 30.88 -126.11
C GLU B 410 -28.19 31.28 -126.69
N THR B 411 -27.79 32.53 -126.45
CA THR B 411 -26.55 33.05 -127.01
C THR B 411 -25.35 32.31 -126.45
N ILE B 412 -25.39 31.96 -125.17
CA ILE B 412 -24.24 31.29 -124.58
C ILE B 412 -24.09 29.87 -125.11
N VAL B 413 -25.19 29.14 -125.27
CA VAL B 413 -25.03 27.82 -125.84
C VAL B 413 -24.64 27.91 -127.31
N LYS B 414 -25.12 28.93 -128.04
CA LYS B 414 -24.68 29.11 -129.41
C LYS B 414 -23.20 29.42 -129.50
N LYS B 415 -22.64 30.09 -128.49
CA LYS B 415 -21.21 30.34 -128.45
C LYS B 415 -20.43 29.11 -128.03
N GLN B 416 -20.99 28.28 -127.16
CA GLN B 416 -20.30 27.09 -126.69
C GLN B 416 -20.23 26.00 -127.77
N VAL B 417 -21.34 25.80 -128.50
CA VAL B 417 -21.38 24.72 -129.48
C VAL B 417 -20.83 25.12 -130.84
N LYS B 418 -20.33 26.35 -130.99
CA LYS B 418 -19.69 26.73 -132.24
C LYS B 418 -18.25 26.25 -132.30
N LYS B 419 -17.66 25.85 -131.17
CA LYS B 419 -16.31 25.32 -131.17
C LYS B 419 -16.28 23.79 -131.21
N ILE B 420 -17.45 23.14 -131.23
CA ILE B 420 -17.49 21.71 -131.52
C ILE B 420 -17.09 21.44 -132.96
N ARG B 421 -17.12 22.48 -133.80
CA ARG B 421 -16.82 22.31 -135.22
C ARG B 421 -15.40 21.83 -135.48
N GLU B 422 -14.48 22.07 -134.56
CA GLU B 422 -13.10 21.64 -134.78
C GLU B 422 -12.88 20.17 -134.46
N PRO B 423 -13.31 19.66 -133.30
CA PRO B 423 -13.07 18.23 -133.03
C PRO B 423 -13.73 17.30 -134.02
N CYS B 424 -14.91 17.63 -134.53
CA CYS B 424 -15.58 16.75 -135.48
C CYS B 424 -14.79 16.68 -136.79
N LEU B 425 -14.33 17.82 -137.29
CA LEU B 425 -13.49 17.81 -138.49
C LEU B 425 -12.18 17.08 -138.24
N LYS B 426 -11.62 17.21 -137.03
CA LYS B 426 -10.41 16.47 -136.71
C LYS B 426 -10.65 14.97 -136.72
N CYS B 427 -11.80 14.52 -136.21
CA CYS B 427 -12.13 13.10 -136.26
C CYS B 427 -12.32 12.63 -137.69
N VAL B 428 -12.93 13.46 -138.53
CA VAL B 428 -13.07 13.11 -139.94
C VAL B 428 -11.70 12.96 -140.59
N ASP B 429 -10.78 13.86 -140.25
CA ASP B 429 -9.41 13.76 -140.76
C ASP B 429 -8.74 12.48 -140.29
N MET B 430 -8.96 12.11 -139.02
CA MET B 430 -8.37 10.89 -138.50
C MET B 430 -8.92 9.65 -139.21
N VAL B 431 -10.24 9.61 -139.44
CA VAL B 431 -10.83 8.50 -140.15
C VAL B 431 -10.27 8.41 -141.57
N ILE B 432 -10.13 9.55 -142.23
CA ILE B 432 -9.48 9.57 -143.54
C ILE B 432 -8.08 8.99 -143.46
N SER B 433 -7.28 9.48 -142.51
CA SER B 433 -5.88 9.07 -142.43
C SER B 433 -5.74 7.60 -142.08
N GLU B 434 -6.76 7.01 -141.46
CA GLU B 434 -6.65 5.60 -141.10
C GLU B 434 -7.16 4.70 -142.22
N LEU B 435 -8.30 5.03 -142.81
CA LEU B 435 -8.83 4.22 -143.91
C LEU B 435 -7.92 4.28 -145.12
N ILE B 436 -7.34 5.45 -145.42
CA ILE B 436 -6.51 5.54 -146.61
C ILE B 436 -5.23 4.75 -146.42
N SER B 437 -4.82 4.50 -145.18
CA SER B 437 -3.70 3.62 -144.92
C SER B 437 -4.11 2.15 -144.94
N THR B 438 -5.33 1.85 -144.51
CA THR B 438 -5.80 0.47 -144.62
C THR B 438 -5.94 0.03 -146.08
N VAL B 439 -6.36 0.94 -146.96
CA VAL B 439 -6.39 0.62 -148.38
C VAL B 439 -4.99 0.25 -148.86
N ARG B 440 -3.98 1.01 -148.43
CA ARG B 440 -2.60 0.67 -148.77
C ARG B 440 -2.21 -0.68 -148.20
N GLN B 441 -2.64 -0.96 -146.97
CA GLN B 441 -2.30 -2.23 -146.33
C GLN B 441 -2.90 -3.41 -147.08
N CYS B 442 -4.08 -3.23 -147.68
CA CYS B 442 -4.72 -4.33 -148.41
C CYS B 442 -4.41 -4.30 -149.90
N THR B 443 -3.66 -3.32 -150.38
CA THR B 443 -3.16 -3.35 -151.75
C THR B 443 -1.69 -3.69 -151.87
N LYS B 444 -0.88 -3.41 -150.86
CA LYS B 444 0.56 -3.66 -150.97
C LYS B 444 0.86 -5.15 -150.99
N LYS B 445 0.15 -5.94 -150.20
CA LYS B 445 0.55 -7.32 -149.98
C LYS B 445 -0.09 -8.30 -150.97
N LEU B 446 -1.33 -8.04 -151.39
CA LEU B 446 -1.94 -8.90 -152.40
C LEU B 446 -1.35 -8.65 -153.77
N GLN B 447 -1.03 -7.40 -154.10
CA GLN B 447 -0.62 -7.03 -155.44
C GLN B 447 0.91 -7.12 -155.55
N GLN B 448 1.39 -8.23 -156.12
CA GLN B 448 2.76 -8.27 -156.59
C GLN B 448 2.94 -7.40 -157.82
N TYR B 449 1.87 -7.17 -158.56
CA TYR B 449 1.95 -6.46 -159.82
C TYR B 449 2.42 -5.02 -159.58
N PRO B 450 3.32 -4.51 -160.40
CA PRO B 450 3.58 -3.06 -160.41
C PRO B 450 2.55 -2.33 -161.24
N ARG B 451 2.27 -1.10 -160.83
CA ARG B 451 1.37 -0.16 -161.49
C ARG B 451 -0.09 -0.56 -161.30
N LEU B 452 -0.34 -1.79 -160.85
CA LEU B 452 -1.70 -2.19 -160.52
C LEU B 452 -1.97 -2.07 -159.02
N ARG B 453 -0.93 -1.96 -158.21
CA ARG B 453 -1.06 -1.43 -156.87
C ARG B 453 -0.93 0.08 -156.85
N GLU B 454 -0.70 0.70 -158.01
CA GLU B 454 -0.64 2.15 -158.14
C GLU B 454 -1.94 2.71 -158.67
N GLU B 455 -2.45 2.19 -159.79
CA GLU B 455 -3.73 2.65 -160.31
C GLU B 455 -4.86 2.38 -159.32
N MET B 456 -4.85 1.20 -158.69
CA MET B 456 -5.88 0.85 -157.73
C MET B 456 -5.88 1.81 -156.55
N GLU B 457 -4.71 2.03 -155.95
CA GLU B 457 -4.59 2.96 -154.84
C GLU B 457 -4.99 4.36 -155.26
N ARG B 458 -4.55 4.80 -156.44
CA ARG B 458 -4.90 6.13 -156.90
C ARG B 458 -6.41 6.30 -157.01
N ILE B 459 -7.08 5.37 -157.67
CA ILE B 459 -8.51 5.50 -157.88
C ILE B 459 -9.26 5.48 -156.55
N VAL B 460 -8.94 4.52 -155.69
CA VAL B 460 -9.66 4.41 -154.42
C VAL B 460 -9.42 5.64 -153.56
N THR B 461 -8.17 6.11 -153.50
CA THR B 461 -7.84 7.25 -152.68
C THR B 461 -8.48 8.53 -153.20
N THR B 462 -8.55 8.69 -154.53
CA THR B 462 -9.24 9.85 -155.08
C THR B 462 -10.72 9.81 -154.75
N HIS B 463 -11.33 8.62 -154.80
CA HIS B 463 -12.73 8.55 -154.40
C HIS B 463 -12.92 8.90 -152.94
N ILE B 464 -12.01 8.44 -152.08
CA ILE B 464 -12.12 8.74 -150.65
C ILE B 464 -11.96 10.24 -150.40
N ARG B 465 -11.00 10.86 -151.06
CA ARG B 465 -10.79 12.30 -150.90
C ARG B 465 -11.86 13.13 -151.61
N GLU B 466 -12.62 12.52 -152.52
CA GLU B 466 -13.81 13.17 -153.02
C GLU B 466 -14.94 13.10 -151.99
N ARG B 467 -15.03 11.98 -151.27
CA ARG B 467 -16.09 11.83 -150.28
C ARG B 467 -15.82 12.65 -149.02
N GLU B 468 -14.55 12.96 -148.73
CA GLU B 468 -14.27 13.71 -147.52
C GLU B 468 -14.89 15.10 -147.56
N GLY B 469 -14.94 15.71 -148.76
CA GLY B 469 -15.60 17.00 -148.87
C GLY B 469 -17.07 16.93 -148.50
N ARG B 470 -17.77 15.92 -149.03
CA ARG B 470 -19.19 15.78 -148.73
C ARG B 470 -19.42 15.51 -147.24
N THR B 471 -18.59 14.65 -146.64
CA THR B 471 -18.84 14.35 -145.23
C THR B 471 -18.51 15.54 -144.33
N LYS B 472 -17.47 16.31 -144.67
CA LYS B 472 -17.20 17.53 -143.92
C LYS B 472 -18.33 18.53 -144.07
N GLU B 473 -18.87 18.66 -145.29
CA GLU B 473 -20.02 19.54 -145.49
C GLU B 473 -21.20 19.10 -144.62
N GLN B 474 -21.47 17.80 -144.57
CA GLN B 474 -22.60 17.33 -143.77
C GLN B 474 -22.36 17.55 -142.29
N VAL B 475 -21.12 17.38 -141.82
CA VAL B 475 -20.84 17.64 -140.40
C VAL B 475 -21.03 19.12 -140.08
N MET B 476 -20.52 20.00 -140.94
CA MET B 476 -20.73 21.43 -140.73
C MET B 476 -22.22 21.77 -140.72
N LEU B 477 -22.99 21.18 -141.63
CA LEU B 477 -24.40 21.48 -141.69
C LEU B 477 -25.15 20.89 -140.50
N LEU B 478 -24.67 19.78 -139.95
CA LEU B 478 -25.24 19.27 -138.70
C LEU B 478 -25.01 20.25 -137.57
N ILE B 479 -23.80 20.82 -137.49
CA ILE B 479 -23.54 21.83 -136.47
C ILE B 479 -24.45 23.05 -136.68
N ASP B 480 -24.57 23.50 -137.93
CA ASP B 480 -25.42 24.66 -138.21
C ASP B 480 -26.90 24.37 -137.99
N ILE B 481 -27.32 23.11 -138.02
CA ILE B 481 -28.65 22.76 -137.56
C ILE B 481 -28.74 22.83 -136.04
N GLU B 482 -27.70 22.37 -135.34
CA GLU B 482 -27.75 22.42 -133.89
C GLU B 482 -27.63 23.83 -133.34
N LEU B 483 -27.27 24.79 -134.18
CA LEU B 483 -27.38 26.22 -133.84
C LEU B 483 -28.67 26.84 -134.37
N ALA B 484 -29.80 26.14 -134.32
CA ALA B 484 -31.03 26.70 -134.86
C ALA B 484 -32.17 26.83 -133.85
N TYR B 485 -32.40 25.84 -133.01
CA TYR B 485 -33.61 25.90 -132.19
C TYR B 485 -33.32 25.87 -130.70
N MET B 486 -32.33 25.11 -130.25
CA MET B 486 -31.96 25.04 -128.84
C MET B 486 -33.14 24.57 -127.99
N ASN B 487 -33.54 23.33 -128.22
CA ASN B 487 -34.75 22.80 -127.61
C ASN B 487 -34.62 22.72 -126.09
N THR B 488 -35.77 22.77 -125.43
CA THR B 488 -35.83 22.59 -123.99
C THR B 488 -36.85 21.54 -123.59
N ASN B 489 -37.73 21.11 -124.51
CA ASN B 489 -38.68 20.05 -124.23
C ASN B 489 -38.01 18.69 -124.06
N HIS B 490 -36.72 18.59 -124.36
CA HIS B 490 -35.98 17.34 -124.20
C HIS B 490 -35.75 17.08 -122.71
N GLU B 491 -34.98 16.04 -122.40
CA GLU B 491 -34.78 15.58 -121.04
C GLU B 491 -33.83 16.45 -120.23
N ASP B 492 -33.45 17.65 -120.65
CA ASP B 492 -32.79 18.58 -119.74
C ASP B 492 -33.80 19.11 -118.73
N PHE B 493 -33.38 19.24 -117.48
CA PHE B 493 -34.27 19.70 -116.44
C PHE B 493 -34.40 21.22 -116.48
N ILE B 494 -35.62 21.71 -116.38
CA ILE B 494 -35.90 23.13 -116.46
C ILE B 494 -35.79 23.78 -115.09
N ASP B 652 -24.52 41.28 -105.03
CA ASP B 652 -25.28 40.20 -105.67
C ASP B 652 -26.69 40.65 -106.04
N PRO B 653 -26.80 41.68 -106.88
CA PRO B 653 -28.13 42.20 -107.20
C PRO B 653 -28.87 41.30 -108.18
N GLN B 654 -29.43 40.20 -107.65
CA GLN B 654 -30.10 39.17 -108.44
C GLN B 654 -29.11 38.46 -109.37
N LEU B 655 -27.85 38.90 -109.36
CA LEU B 655 -26.85 38.29 -110.23
C LEU B 655 -26.53 36.87 -109.77
N GLU B 656 -26.24 36.70 -108.48
CA GLU B 656 -25.97 35.35 -107.98
C GLU B 656 -27.18 34.43 -108.09
N ARG B 657 -28.32 34.95 -108.56
CA ARG B 657 -29.48 34.14 -108.86
C ARG B 657 -29.63 33.87 -110.36
N GLN B 658 -29.29 34.85 -111.19
CA GLN B 658 -29.47 34.72 -112.64
C GLN B 658 -28.26 34.08 -113.31
N VAL B 659 -27.05 34.56 -113.01
CA VAL B 659 -25.85 34.06 -113.66
C VAL B 659 -25.64 32.58 -113.33
N GLU B 660 -25.85 32.20 -112.08
CA GLU B 660 -25.64 30.81 -111.69
C GLU B 660 -26.69 29.90 -112.34
N THR B 661 -27.94 30.36 -112.40
CA THR B 661 -28.97 29.58 -113.06
C THR B 661 -28.66 29.40 -114.54
N ILE B 662 -28.21 30.46 -115.20
CA ILE B 662 -27.87 30.36 -116.61
C ILE B 662 -26.72 29.38 -116.81
N ARG B 663 -25.71 29.43 -115.93
CA ARG B 663 -24.61 28.50 -116.05
C ARG B 663 -25.06 27.05 -115.86
N ASN B 664 -25.89 26.81 -114.84
CA ASN B 664 -26.33 25.46 -114.54
C ASN B 664 -27.34 24.94 -115.55
N LEU B 665 -27.89 25.81 -116.40
CA LEU B 665 -28.68 25.34 -117.53
C LEU B 665 -27.85 25.16 -118.80
N VAL B 666 -26.85 26.02 -119.00
CA VAL B 666 -25.94 25.82 -120.12
C VAL B 666 -25.21 24.49 -120.00
N ASP B 667 -24.77 24.14 -118.78
CA ASP B 667 -24.13 22.84 -118.61
C ASP B 667 -25.10 21.70 -118.88
N SER B 668 -26.34 21.85 -118.40
CA SER B 668 -27.34 20.80 -118.58
C SER B 668 -27.72 20.62 -120.05
N TYR B 669 -27.56 21.65 -120.87
CA TYR B 669 -27.80 21.48 -122.29
C TYR B 669 -26.55 21.10 -123.08
N MET B 670 -25.36 21.45 -122.57
CA MET B 670 -24.13 20.98 -123.19
C MET B 670 -23.98 19.48 -123.04
N ALA B 671 -24.43 18.94 -121.91
CA ALA B 671 -24.45 17.47 -121.79
C ALA B 671 -25.24 16.85 -122.93
N ILE B 672 -26.44 17.38 -123.20
CA ILE B 672 -27.30 16.78 -124.22
C ILE B 672 -26.75 16.99 -125.62
N VAL B 673 -26.23 18.19 -125.92
CA VAL B 673 -25.73 18.42 -127.27
C VAL B 673 -24.48 17.58 -127.52
N ASN B 674 -23.62 17.44 -126.50
CA ASN B 674 -22.47 16.57 -126.64
C ASN B 674 -22.89 15.12 -126.87
N LYS B 675 -23.90 14.66 -126.12
CA LYS B 675 -24.36 13.29 -126.32
C LYS B 675 -24.92 13.08 -127.72
N THR B 676 -25.72 14.02 -128.20
CA THR B 676 -26.35 13.86 -129.50
C THR B 676 -25.43 14.20 -130.66
N VAL B 677 -24.22 14.70 -130.39
CA VAL B 677 -23.25 14.82 -131.47
C VAL B 677 -22.34 13.59 -131.46
N ARG B 678 -22.07 13.05 -130.27
CA ARG B 678 -21.26 11.82 -130.21
C ARG B 678 -22.03 10.63 -130.76
N ASP B 679 -23.34 10.59 -130.56
CA ASP B 679 -24.14 9.48 -131.05
C ASP B 679 -24.44 9.59 -132.55
N LEU B 680 -24.20 10.75 -133.16
CA LEU B 680 -24.58 10.99 -134.53
C LEU B 680 -23.42 11.23 -135.49
N MET B 681 -22.25 11.64 -135.00
CA MET B 681 -21.16 11.97 -135.91
C MET B 681 -20.54 10.72 -136.53
N PRO B 682 -20.39 9.61 -135.81
CA PRO B 682 -20.00 8.37 -136.51
C PRO B 682 -20.95 7.97 -137.62
N LYS B 683 -22.26 8.11 -137.40
CA LYS B 683 -23.23 7.66 -138.40
C LYS B 683 -23.09 8.45 -139.69
N THR B 684 -22.91 9.76 -139.61
CA THR B 684 -22.87 10.56 -140.83
C THR B 684 -21.63 10.26 -141.66
N ILE B 685 -20.46 10.17 -141.01
CA ILE B 685 -19.25 9.85 -141.75
C ILE B 685 -19.35 8.46 -142.33
N MET B 686 -19.95 7.52 -141.60
CA MET B 686 -19.93 6.15 -142.05
C MET B 686 -21.09 5.83 -143.00
N HIS B 687 -22.01 6.77 -143.19
CA HIS B 687 -22.93 6.70 -144.31
C HIS B 687 -22.45 7.44 -145.55
N LEU B 688 -21.67 8.50 -145.39
CA LEU B 688 -21.22 9.26 -146.55
C LEU B 688 -19.89 8.80 -147.09
N MET B 689 -19.06 8.12 -146.28
CA MET B 689 -17.72 7.73 -146.67
C MET B 689 -17.54 6.22 -146.69
N ILE B 690 -17.78 5.55 -145.55
CA ILE B 690 -17.50 4.13 -145.45
C ILE B 690 -18.38 3.35 -146.40
N ASN B 691 -19.69 3.42 -146.18
CA ASN B 691 -20.66 2.67 -146.95
C ASN B 691 -20.88 3.24 -148.35
N ASN B 692 -20.08 4.23 -148.74
CA ASN B 692 -20.09 4.68 -150.13
C ASN B 692 -18.82 4.30 -150.87
N THR B 693 -17.65 4.41 -150.25
CA THR B 693 -16.46 3.88 -150.88
C THR B 693 -16.49 2.36 -150.94
N LYS B 694 -17.15 1.72 -149.97
CA LYS B 694 -17.31 0.28 -150.03
C LYS B 694 -18.18 -0.11 -151.22
N GLU B 695 -19.28 0.60 -151.42
CA GLU B 695 -20.13 0.35 -152.59
C GLU B 695 -19.39 0.63 -153.88
N PHE B 696 -18.57 1.69 -153.89
CA PHE B 696 -17.76 1.99 -155.07
C PHE B 696 -16.80 0.85 -155.37
N ILE B 697 -16.19 0.28 -154.33
CA ILE B 697 -15.31 -0.87 -154.50
C ILE B 697 -16.08 -2.06 -155.08
N PHE B 698 -17.30 -2.32 -154.57
CA PHE B 698 -18.11 -3.37 -155.21
C PHE B 698 -18.36 -3.09 -156.68
N SER B 699 -18.85 -1.91 -157.02
CA SER B 699 -19.61 -1.79 -158.26
C SER B 699 -19.05 -0.83 -159.29
N GLU B 700 -17.90 -0.20 -159.05
CA GLU B 700 -17.37 0.70 -160.05
C GLU B 700 -15.86 0.59 -160.26
N LEU B 701 -15.14 -0.13 -159.41
CA LEU B 701 -13.68 -0.12 -159.48
C LEU B 701 -13.17 -0.69 -160.81
N LEU B 702 -13.79 -1.77 -161.29
CA LEU B 702 -13.34 -2.36 -162.54
C LEU B 702 -13.66 -1.47 -163.73
N ALA B 703 -14.80 -0.78 -163.70
CA ALA B 703 -15.22 0.01 -164.84
C ALA B 703 -14.22 1.12 -165.16
N ASN B 704 -13.77 1.86 -164.14
CA ASN B 704 -12.80 2.90 -164.38
C ASN B 704 -11.36 2.38 -164.36
N LEU B 705 -11.14 1.21 -163.74
CA LEU B 705 -9.81 0.61 -163.81
C LEU B 705 -9.48 0.16 -165.22
N TYR B 706 -10.49 -0.32 -165.95
CA TYR B 706 -10.30 -0.60 -167.38
C TYR B 706 -9.95 0.66 -168.15
N SER B 707 -10.53 1.80 -167.79
CA SER B 707 -10.38 3.02 -168.57
C SER B 707 -9.08 3.75 -168.29
N CYS B 708 -8.63 3.75 -167.04
CA CYS B 708 -7.40 4.46 -166.70
C CYS B 708 -6.19 3.72 -167.26
N GLY B 709 -5.29 4.46 -167.88
CA GLY B 709 -4.09 3.88 -168.44
C GLY B 709 -4.32 3.27 -169.81
N ASP B 710 -3.47 2.29 -170.12
CA ASP B 710 -3.50 1.64 -171.43
C ASP B 710 -4.50 0.50 -171.51
N GLN B 711 -4.75 -0.18 -170.38
CA GLN B 711 -5.54 -1.40 -170.30
C GLN B 711 -4.79 -2.55 -170.98
N ASN B 712 -3.65 -2.23 -171.59
CA ASN B 712 -2.78 -3.23 -172.19
C ASN B 712 -1.41 -3.27 -171.52
N THR B 713 -0.75 -2.13 -171.38
CA THR B 713 0.49 -2.07 -170.59
C THR B 713 0.17 -1.82 -169.13
N LEU B 714 -0.77 -2.60 -168.62
CA LEU B 714 -1.11 -2.66 -167.21
C LEU B 714 -0.93 -4.09 -166.76
N MET B 715 -0.78 -4.29 -165.45
CA MET B 715 -0.51 -5.59 -164.86
C MET B 715 0.64 -6.31 -165.59
N GLU B 716 1.72 -5.57 -165.77
CA GLU B 716 2.96 -6.12 -166.31
C GLU B 716 3.73 -6.78 -165.17
N GLU B 717 4.33 -7.93 -165.47
CA GLU B 717 5.04 -8.68 -164.45
C GLU B 717 6.21 -7.87 -163.91
N SER B 718 6.27 -7.74 -162.58
CA SER B 718 7.45 -7.20 -161.95
C SER B 718 8.63 -8.12 -162.21
N ALA B 719 9.83 -7.54 -162.29
CA ALA B 719 11.02 -8.33 -162.57
C ALA B 719 11.17 -9.48 -161.59
N GLU B 720 10.77 -9.27 -160.33
CA GLU B 720 10.80 -10.35 -159.36
C GLU B 720 9.92 -11.52 -159.78
N GLN B 721 8.70 -11.24 -160.23
CA GLN B 721 7.82 -12.31 -160.69
C GLN B 721 8.33 -12.94 -161.98
N ALA B 722 8.93 -12.14 -162.86
CA ALA B 722 9.47 -12.67 -164.11
C ALA B 722 10.59 -13.66 -163.84
N GLN B 723 11.47 -13.34 -162.90
CA GLN B 723 12.55 -14.28 -162.55
C GLN B 723 12.08 -15.37 -161.59
N ARG B 724 10.92 -15.22 -160.97
CA ARG B 724 10.38 -16.25 -160.11
C ARG B 724 9.68 -17.34 -160.91
N ARG B 725 8.93 -16.96 -161.94
CA ARG B 725 8.22 -17.96 -162.74
C ARG B 725 9.20 -18.90 -163.43
N ASP B 726 10.31 -18.37 -163.93
CA ASP B 726 11.28 -19.21 -164.63
C ASP B 726 11.86 -20.28 -163.71
N GLU B 727 12.23 -19.89 -162.50
CA GLU B 727 12.79 -20.87 -161.58
C GLU B 727 11.73 -21.84 -161.09
N MET B 728 10.50 -21.37 -160.88
CA MET B 728 9.43 -22.27 -160.46
C MET B 728 8.98 -23.21 -161.57
N LEU B 729 9.32 -22.91 -162.83
CA LEU B 729 9.06 -23.83 -163.92
C LEU B 729 10.21 -24.82 -164.12
N ARG B 730 11.45 -24.36 -164.00
CA ARG B 730 12.56 -25.30 -164.09
C ARG B 730 12.56 -26.27 -162.92
N MET B 731 12.09 -25.84 -161.75
CA MET B 731 11.94 -26.77 -160.64
C MET B 731 10.87 -27.81 -160.93
N TYR B 732 9.79 -27.42 -161.63
CA TYR B 732 8.81 -28.41 -162.07
C TYR B 732 9.44 -29.43 -162.99
N HIS B 733 10.23 -28.97 -163.96
CA HIS B 733 10.89 -29.90 -164.88
C HIS B 733 11.83 -30.83 -164.12
N ALA B 734 12.60 -30.29 -163.17
CA ALA B 734 13.54 -31.11 -162.42
C ALA B 734 12.82 -32.14 -161.56
N LEU B 735 11.70 -31.75 -160.93
CA LEU B 735 10.94 -32.70 -160.14
C LEU B 735 10.36 -33.80 -161.01
N LYS B 736 9.87 -33.45 -162.20
CA LYS B 736 9.37 -34.46 -163.12
C LYS B 736 10.49 -35.43 -163.50
N GLU B 737 11.69 -34.91 -163.76
CA GLU B 737 12.80 -35.79 -164.11
C GLU B 737 13.19 -36.69 -162.95
N ALA B 738 13.18 -36.15 -161.72
CA ALA B 738 13.52 -36.97 -160.56
C ALA B 738 12.52 -38.10 -160.37
N LEU B 739 11.22 -37.81 -160.54
CA LEU B 739 10.22 -38.87 -160.45
C LEU B 739 10.39 -39.89 -161.56
N SER B 740 10.76 -39.44 -162.76
CA SER B 740 11.03 -40.38 -163.84
C SER B 740 12.18 -41.31 -163.49
N ILE B 741 13.25 -40.77 -162.89
CA ILE B 741 14.39 -41.60 -162.52
C ILE B 741 14.01 -42.57 -161.41
N ILE B 742 13.19 -42.13 -160.46
CA ILE B 742 12.74 -43.04 -159.41
C ILE B 742 11.93 -44.19 -160.00
N GLY B 743 11.05 -43.88 -160.94
CA GLY B 743 10.32 -44.93 -161.62
C GLY B 743 11.22 -45.88 -162.38
N ASN B 744 12.24 -45.33 -163.05
CA ASN B 744 13.17 -46.18 -163.80
C ASN B 744 13.95 -47.10 -162.87
N ILE B 745 14.40 -46.59 -161.72
CA ILE B 745 15.17 -47.43 -160.81
C ILE B 745 14.28 -48.46 -160.13
N ASN B 746 13.00 -48.12 -159.90
CA ASN B 746 12.07 -49.12 -159.39
C ASN B 746 11.83 -50.23 -160.42
N THR B 747 11.76 -49.85 -161.70
CA THR B 747 11.71 -50.87 -162.76
C THR B 747 12.96 -51.72 -162.74
N THR B 748 14.12 -51.10 -162.58
CA THR B 748 15.41 -51.79 -162.53
C THR B 748 15.64 -52.66 -163.76
N ASN C 3 58.90 -11.05 -173.09
CA ASN C 3 59.62 -9.88 -172.58
C ASN C 3 61.04 -10.23 -172.16
N ARG C 4 62.00 -9.38 -172.53
CA ARG C 4 63.40 -9.64 -172.25
C ARG C 4 63.76 -9.43 -170.78
N GLY C 5 62.94 -8.69 -170.04
CA GLY C 5 63.22 -8.50 -168.64
C GLY C 5 63.24 -9.81 -167.87
N MET C 6 62.39 -10.76 -168.28
CA MET C 6 62.34 -12.05 -167.60
C MET C 6 63.52 -12.93 -168.01
N GLU C 7 63.97 -12.85 -169.27
CA GLU C 7 65.24 -13.45 -169.66
C GLU C 7 66.40 -12.91 -168.85
N ASP C 8 66.34 -11.63 -168.46
CA ASP C 8 67.41 -11.06 -167.63
C ASP C 8 67.48 -11.73 -166.27
N LEU C 9 66.38 -12.32 -165.80
CA LEU C 9 66.33 -12.88 -164.45
C LEU C 9 66.34 -14.40 -164.41
N ILE C 10 66.03 -15.09 -165.52
CA ILE C 10 66.04 -16.56 -165.50
C ILE C 10 67.37 -17.15 -165.08
N PRO C 11 68.54 -16.65 -165.50
CA PRO C 11 69.77 -17.34 -165.08
C PRO C 11 70.06 -17.15 -163.60
N LEU C 12 69.78 -15.98 -163.04
CA LEU C 12 70.10 -15.73 -161.63
C LEU C 12 69.17 -16.46 -160.68
N VAL C 13 68.09 -17.06 -161.16
CA VAL C 13 67.22 -17.87 -160.31
C VAL C 13 67.45 -19.34 -160.63
N ASN C 14 67.78 -19.63 -161.89
CA ASN C 14 68.05 -21.01 -162.29
C ASN C 14 69.36 -21.51 -161.70
N ARG C 15 70.34 -20.61 -161.53
CA ARG C 15 71.59 -20.94 -160.89
C ARG C 15 71.45 -21.00 -159.37
N LEU C 16 70.36 -20.44 -158.84
CA LEU C 16 70.15 -20.28 -157.41
C LEU C 16 69.32 -21.42 -156.83
N GLN C 17 68.08 -21.55 -157.32
CA GLN C 17 67.16 -22.52 -156.75
C GLN C 17 67.63 -23.94 -156.96
N ASP C 18 68.31 -24.20 -158.09
CA ASP C 18 68.83 -25.55 -158.32
C ASP C 18 69.83 -25.92 -157.23
N ALA C 19 70.69 -24.99 -156.82
CA ALA C 19 71.64 -25.28 -155.75
C ALA C 19 70.95 -25.43 -154.40
N PHE C 20 70.07 -24.47 -154.05
CA PHE C 20 69.38 -24.57 -152.77
C PHE C 20 68.47 -25.79 -152.67
N SER C 21 68.11 -26.40 -153.80
CA SER C 21 67.36 -27.65 -153.75
C SER C 21 68.26 -28.87 -153.91
N ALA C 22 69.46 -28.71 -154.48
CA ALA C 22 70.41 -29.81 -154.55
C ALA C 22 71.03 -30.09 -153.19
N ILE C 23 71.12 -29.07 -152.33
CA ILE C 23 71.53 -29.34 -150.95
C ILE C 23 70.48 -30.14 -150.19
N GLY C 24 69.29 -30.32 -150.78
CA GLY C 24 68.24 -31.11 -150.18
C GLY C 24 67.32 -30.37 -149.24
N GLN C 25 67.70 -29.18 -148.79
CA GLN C 25 66.86 -28.43 -147.86
C GLN C 25 65.64 -27.85 -148.59
N ASN C 26 64.59 -27.62 -147.82
CA ASN C 26 63.40 -26.96 -148.35
C ASN C 26 63.59 -25.44 -148.32
N ALA C 27 64.71 -24.97 -148.86
CA ALA C 27 64.97 -23.55 -148.99
C ALA C 27 64.38 -23.05 -150.30
N ASP C 28 63.69 -21.92 -150.23
CA ASP C 28 62.98 -21.41 -151.40
C ASP C 28 63.06 -19.90 -151.43
N LEU C 29 62.92 -19.35 -152.64
CA LEU C 29 62.95 -17.91 -152.83
C LEU C 29 61.60 -17.27 -152.54
N ASP C 30 60.51 -17.95 -152.92
CA ASP C 30 59.16 -17.43 -152.78
C ASP C 30 59.00 -16.09 -153.52
N LEU C 31 59.11 -16.18 -154.84
CA LEU C 31 58.80 -15.03 -155.68
C LEU C 31 57.36 -14.61 -155.43
N PRO C 32 57.09 -13.33 -155.18
CA PRO C 32 55.73 -12.91 -154.92
C PRO C 32 54.84 -13.16 -156.12
N GLN C 33 53.58 -13.48 -155.83
CA GLN C 33 52.60 -13.73 -156.88
C GLN C 33 51.87 -12.44 -157.24
N ILE C 34 51.54 -12.31 -158.52
CA ILE C 34 51.02 -11.07 -159.07
C ILE C 34 49.50 -11.20 -159.20
N ALA C 35 48.76 -10.41 -158.43
CA ALA C 35 47.32 -10.34 -158.55
C ALA C 35 46.93 -8.93 -158.97
N VAL C 36 45.78 -8.81 -159.63
CA VAL C 36 45.27 -7.52 -160.10
C VAL C 36 43.87 -7.31 -159.54
N VAL C 37 43.61 -6.09 -159.07
CA VAL C 37 42.31 -5.74 -158.51
C VAL C 37 41.83 -4.46 -159.17
N GLY C 38 40.53 -4.23 -159.06
CA GLY C 38 39.91 -3.05 -159.62
C GLY C 38 38.46 -3.30 -159.96
N GLY C 39 37.83 -2.29 -160.54
CA GLY C 39 36.46 -2.41 -160.97
C GLY C 39 36.34 -3.06 -162.34
N GLN C 40 35.10 -3.36 -162.70
CA GLN C 40 34.84 -3.99 -163.98
C GLN C 40 35.27 -3.07 -165.13
N SER C 41 35.76 -3.69 -166.20
CA SER C 41 36.20 -2.98 -167.40
C SER C 41 37.35 -2.03 -167.12
N ALA C 42 38.21 -2.38 -166.16
CA ALA C 42 39.42 -1.61 -165.93
C ALA C 42 40.57 -2.03 -166.83
N GLY C 43 40.48 -3.19 -167.49
CA GLY C 43 41.53 -3.63 -168.38
C GLY C 43 42.54 -4.58 -167.77
N LYS C 44 42.17 -5.30 -166.71
CA LYS C 44 43.14 -6.12 -165.99
C LYS C 44 43.68 -7.25 -166.86
N SER C 45 42.79 -7.94 -167.58
CA SER C 45 43.23 -9.04 -168.44
C SER C 45 44.18 -8.54 -169.51
N SER C 46 43.91 -7.37 -170.08
CA SER C 46 44.81 -6.79 -171.07
C SER C 46 46.10 -6.30 -170.45
N VAL C 47 46.11 -5.99 -169.15
CA VAL C 47 47.36 -5.67 -168.48
C VAL C 47 48.22 -6.93 -168.33
N LEU C 48 47.61 -8.02 -167.89
CA LEU C 48 48.36 -9.27 -167.74
C LEU C 48 48.88 -9.77 -169.08
N GLU C 49 48.05 -9.71 -170.12
CA GLU C 49 48.49 -10.12 -171.45
C GLU C 49 49.73 -9.36 -171.88
N ASN C 50 49.74 -8.04 -171.66
CA ASN C 50 50.87 -7.24 -172.09
C ASN C 50 52.09 -7.43 -171.20
N PHE C 51 51.88 -7.71 -169.91
CA PHE C 51 53.02 -7.99 -169.04
C PHE C 51 53.69 -9.30 -169.44
N VAL C 52 52.90 -10.31 -169.80
CA VAL C 52 53.48 -11.57 -170.26
C VAL C 52 54.15 -11.39 -171.62
N GLY C 53 53.37 -10.98 -172.61
CA GLY C 53 53.89 -10.76 -173.95
C GLY C 53 53.24 -11.62 -175.00
N ARG C 54 52.18 -12.34 -174.62
CA ARG C 54 51.49 -13.22 -175.55
C ARG C 54 49.98 -13.07 -175.34
N ASP C 55 49.23 -13.36 -176.41
CA ASP C 55 47.79 -13.11 -176.45
C ASP C 55 47.06 -14.40 -176.08
N PHE C 56 46.79 -14.58 -174.79
CA PHE C 56 46.16 -15.80 -174.33
C PHE C 56 45.11 -15.53 -173.25
N LEU C 57 44.45 -14.38 -173.30
CA LEU C 57 43.45 -14.07 -172.30
C LEU C 57 42.19 -13.52 -172.96
N PRO C 58 41.04 -13.69 -172.34
CA PRO C 58 39.81 -13.12 -172.89
C PRO C 58 39.61 -11.68 -172.43
N ARG C 59 39.07 -10.86 -173.33
CA ARG C 59 38.81 -9.46 -173.01
C ARG C 59 37.74 -8.93 -173.94
N GLY C 60 37.07 -7.88 -173.50
CA GLY C 60 36.05 -7.26 -174.32
C GLY C 60 35.17 -6.35 -173.48
N SER C 61 34.22 -5.72 -174.16
CA SER C 61 33.25 -4.89 -173.47
C SER C 61 32.35 -5.77 -172.60
N GLY C 62 31.71 -5.15 -171.62
CA GLY C 62 30.91 -5.94 -170.70
C GLY C 62 31.82 -6.74 -169.77
N ILE C 63 31.22 -7.76 -169.15
CA ILE C 63 31.93 -8.62 -168.22
C ILE C 63 32.57 -9.77 -169.00
N VAL C 64 33.88 -9.95 -168.83
CA VAL C 64 34.61 -10.97 -169.56
C VAL C 64 35.31 -11.91 -168.61
N THR C 65 36.23 -11.38 -167.81
CA THR C 65 36.95 -12.21 -166.85
C THR C 65 35.99 -12.61 -165.75
N ARG C 66 35.35 -13.77 -165.91
CA ARG C 66 34.24 -14.18 -165.08
C ARG C 66 34.64 -15.21 -164.03
N ARG C 67 35.81 -15.82 -164.16
CA ARG C 67 36.34 -16.77 -163.20
C ARG C 67 37.79 -16.45 -162.92
N PRO C 68 38.23 -16.56 -161.67
CA PRO C 68 39.64 -16.33 -161.36
C PRO C 68 40.54 -17.27 -162.15
N LEU C 69 41.64 -16.74 -162.65
CA LEU C 69 42.58 -17.51 -163.46
C LEU C 69 43.93 -17.50 -162.75
N VAL C 70 44.38 -18.68 -162.34
CA VAL C 70 45.69 -18.84 -161.73
C VAL C 70 46.63 -19.31 -162.83
N LEU C 71 47.25 -18.36 -163.51
CA LEU C 71 48.31 -18.67 -164.46
C LEU C 71 49.59 -18.97 -163.70
N GLN C 72 50.31 -19.97 -164.16
CA GLN C 72 51.61 -20.32 -163.61
C GLN C 72 52.59 -20.41 -164.76
N LEU C 73 53.46 -19.41 -164.86
CA LEU C 73 54.57 -19.49 -165.79
C LEU C 73 55.63 -20.40 -165.18
N VAL C 74 56.08 -21.39 -165.94
CA VAL C 74 57.05 -22.37 -165.47
C VAL C 74 58.15 -22.51 -166.51
N ASN C 75 59.40 -22.39 -166.06
CA ASN C 75 60.55 -22.55 -166.95
C ASN C 75 60.68 -24.00 -167.36
N ALA C 76 60.78 -24.23 -168.67
CA ALA C 76 60.86 -25.60 -169.20
C ALA C 76 61.66 -25.57 -170.49
N THR C 77 61.65 -26.69 -171.21
CA THR C 77 62.44 -26.83 -172.42
C THR C 77 61.79 -26.11 -173.60
N THR C 78 60.57 -26.52 -173.95
CA THR C 78 59.86 -25.98 -175.10
C THR C 78 58.67 -25.14 -174.65
N GLU C 79 58.04 -24.49 -175.62
CA GLU C 79 56.91 -23.60 -175.39
C GLU C 79 55.61 -24.35 -175.58
N TYR C 80 54.78 -24.39 -174.55
CA TYR C 80 53.43 -24.93 -174.63
C TYR C 80 52.67 -24.49 -173.38
N ALA C 81 51.41 -24.88 -173.30
CA ALA C 81 50.59 -24.54 -172.15
C ALA C 81 49.53 -25.62 -171.97
N GLU C 82 49.19 -25.89 -170.71
CA GLU C 82 48.18 -26.88 -170.40
C GLU C 82 47.27 -26.41 -169.28
N PHE C 83 45.99 -26.73 -169.40
CA PHE C 83 45.03 -26.50 -168.34
C PHE C 83 45.15 -27.58 -167.29
N LEU C 84 44.22 -27.59 -166.34
CA LEU C 84 44.18 -28.60 -165.31
C LEU C 84 42.98 -29.55 -165.46
N HIS C 85 41.83 -29.04 -165.89
CA HIS C 85 40.67 -29.88 -166.12
C HIS C 85 40.85 -30.81 -167.32
N CYS C 86 41.84 -30.58 -168.17
CA CYS C 86 42.08 -31.35 -169.38
C CYS C 86 43.51 -31.86 -169.40
N LYS C 87 43.93 -32.51 -168.31
CA LYS C 87 45.30 -32.97 -168.16
C LYS C 87 45.79 -33.71 -169.39
N GLY C 88 47.04 -33.44 -169.76
CA GLY C 88 47.66 -34.07 -170.91
C GLY C 88 47.40 -33.39 -172.24
N LYS C 89 46.42 -32.50 -172.31
CA LYS C 89 46.11 -31.79 -173.56
C LYS C 89 46.98 -30.55 -173.62
N LYS C 90 48.14 -30.68 -174.25
CA LYS C 90 49.08 -29.57 -174.37
C LYS C 90 48.58 -28.61 -175.46
N PHE C 91 48.59 -27.31 -175.15
CA PHE C 91 48.14 -26.28 -176.06
C PHE C 91 49.34 -25.48 -176.55
N THR C 92 49.44 -25.34 -177.87
CA THR C 92 50.44 -24.48 -178.49
C THR C 92 49.83 -23.30 -179.23
N ASP C 93 48.57 -23.41 -179.67
CA ASP C 93 47.90 -22.33 -180.39
C ASP C 93 47.20 -21.43 -179.36
N PHE C 94 47.72 -20.22 -179.18
CA PHE C 94 47.18 -19.32 -178.17
C PHE C 94 45.76 -18.89 -178.49
N GLU C 95 45.35 -18.91 -179.76
CA GLU C 95 43.95 -18.69 -180.09
C GLU C 95 43.08 -19.81 -179.51
N GLU C 96 43.55 -21.05 -179.60
CA GLU C 96 42.84 -22.15 -178.95
C GLU C 96 42.82 -21.97 -177.43
N VAL C 97 43.92 -21.48 -176.86
CA VAL C 97 43.94 -21.23 -175.41
C VAL C 97 42.88 -20.19 -175.05
N ARG C 98 42.81 -19.10 -175.83
CA ARG C 98 41.85 -18.04 -175.55
C ARG C 98 40.41 -18.55 -175.70
N LEU C 99 40.14 -19.35 -176.72
CA LEU C 99 38.80 -19.90 -176.87
C LEU C 99 38.46 -20.85 -175.72
N GLU C 100 39.40 -21.72 -175.35
CA GLU C 100 39.11 -22.71 -174.33
C GLU C 100 38.94 -22.09 -172.96
N ILE C 101 39.66 -21.01 -172.67
CA ILE C 101 39.53 -20.41 -171.34
C ILE C 101 38.12 -19.85 -171.14
N GLU C 102 37.57 -19.19 -172.15
CA GLU C 102 36.20 -18.70 -172.00
C GLU C 102 35.18 -19.82 -172.12
N ALA C 103 35.50 -20.88 -172.88
CA ALA C 103 34.62 -22.04 -172.90
C ALA C 103 34.51 -22.67 -171.51
N GLU C 104 35.63 -22.81 -170.81
CA GLU C 104 35.59 -23.28 -169.43
C GLU C 104 34.93 -22.26 -168.52
N THR C 105 35.10 -20.97 -168.83
CA THR C 105 34.52 -19.92 -168.00
C THR C 105 33.00 -20.01 -168.00
N ASP C 106 32.39 -20.19 -169.18
CA ASP C 106 30.94 -20.27 -169.21
C ASP C 106 30.41 -21.69 -169.05
N ARG C 107 31.27 -22.71 -169.13
CA ARG C 107 30.82 -24.08 -168.90
C ARG C 107 30.39 -24.32 -167.46
N VAL C 108 30.75 -23.42 -166.54
CA VAL C 108 30.42 -23.58 -165.15
C VAL C 108 29.32 -22.62 -164.69
N THR C 109 29.28 -21.41 -165.25
CA THR C 109 28.35 -20.38 -164.80
C THR C 109 27.23 -20.10 -165.78
N GLY C 110 27.40 -20.40 -167.07
CA GLY C 110 26.42 -20.04 -168.07
C GLY C 110 26.83 -18.79 -168.81
N THR C 111 25.85 -18.25 -169.54
CA THR C 111 26.04 -17.03 -170.32
C THR C 111 25.35 -15.84 -169.67
N ASN C 112 24.81 -16.02 -168.46
CA ASN C 112 24.02 -14.99 -167.80
C ASN C 112 24.86 -14.24 -166.75
N LYS C 113 26.16 -14.12 -166.98
CA LYS C 113 27.05 -13.25 -166.21
C LYS C 113 27.12 -13.63 -164.73
N GLY C 114 26.88 -14.88 -164.38
CA GLY C 114 27.13 -15.33 -163.02
C GLY C 114 28.58 -15.74 -162.84
N ILE C 115 29.05 -15.77 -161.59
CA ILE C 115 30.46 -16.06 -161.35
C ILE C 115 30.57 -17.24 -160.40
N SER C 116 31.77 -17.82 -160.35
CA SER C 116 32.08 -18.97 -159.53
C SER C 116 33.41 -18.71 -158.83
N PRO C 117 33.48 -18.93 -157.52
CA PRO C 117 34.73 -18.67 -156.80
C PRO C 117 35.74 -19.80 -156.91
N VAL C 118 35.52 -20.72 -157.84
CA VAL C 118 36.42 -21.86 -158.05
C VAL C 118 37.43 -21.47 -159.13
N PRO C 119 38.72 -21.39 -158.80
CA PRO C 119 39.70 -20.87 -159.77
C PRO C 119 39.84 -21.74 -161.00
N ILE C 120 40.65 -21.28 -161.95
CA ILE C 120 40.98 -22.03 -163.16
C ILE C 120 42.50 -22.05 -163.21
N ASN C 121 43.09 -23.20 -162.91
CA ASN C 121 44.54 -23.31 -162.99
C ASN C 121 44.98 -23.44 -164.44
N LEU C 122 46.13 -22.85 -164.74
CA LEU C 122 46.69 -22.92 -166.08
C LEU C 122 48.20 -22.86 -165.92
N ARG C 123 48.94 -23.62 -166.73
CA ARG C 123 50.40 -23.63 -166.63
C ARG C 123 50.99 -23.45 -168.02
N VAL C 124 51.75 -22.37 -168.19
CA VAL C 124 52.47 -22.12 -169.43
C VAL C 124 53.93 -22.49 -169.19
N TYR C 125 54.38 -23.54 -169.88
CA TYR C 125 55.76 -23.99 -169.79
C TYR C 125 56.54 -23.39 -170.95
N SER C 126 57.63 -22.70 -170.64
CA SER C 126 58.42 -22.04 -171.67
C SER C 126 59.81 -21.76 -171.13
N PRO C 127 60.83 -21.72 -171.99
CA PRO C 127 62.16 -21.29 -171.54
C PRO C 127 62.25 -19.80 -171.28
N HIS C 128 61.20 -19.04 -171.56
CA HIS C 128 61.22 -17.59 -171.46
C HIS C 128 60.43 -17.06 -170.26
N VAL C 129 60.16 -17.93 -169.27
CA VAL C 129 59.37 -17.54 -168.12
C VAL C 129 60.06 -18.01 -166.84
N LEU C 130 59.76 -17.32 -165.75
CA LEU C 130 60.18 -17.73 -164.41
C LEU C 130 59.21 -18.77 -163.88
N ASN C 131 59.29 -19.05 -162.58
CA ASN C 131 58.28 -19.84 -161.88
C ASN C 131 57.30 -18.92 -161.16
N LEU C 132 56.51 -18.21 -161.94
CA LEU C 132 55.65 -17.15 -161.42
C LEU C 132 54.19 -17.56 -161.38
N THR C 133 53.47 -16.93 -160.46
CA THR C 133 52.03 -17.13 -160.28
C THR C 133 51.33 -15.80 -160.54
N LEU C 134 50.58 -15.75 -161.65
CA LEU C 134 49.82 -14.56 -162.03
C LEU C 134 48.35 -14.86 -161.78
N VAL C 135 47.74 -14.14 -160.84
CA VAL C 135 46.37 -14.41 -160.43
C VAL C 135 45.50 -13.32 -161.04
N ASP C 136 44.94 -13.61 -162.22
CA ASP C 136 43.92 -12.73 -162.78
C ASP C 136 42.62 -12.94 -162.02
N LEU C 137 41.92 -11.84 -161.76
CA LEU C 137 40.72 -11.86 -160.93
C LEU C 137 39.58 -11.20 -161.68
N PRO C 138 38.34 -11.57 -161.36
CA PRO C 138 37.19 -10.92 -162.02
C PRO C 138 37.03 -9.49 -161.55
N GLY C 139 36.43 -8.68 -162.42
CA GLY C 139 36.18 -7.30 -162.07
C GLY C 139 35.21 -7.19 -160.91
N MET C 140 35.40 -6.15 -160.10
CA MET C 140 34.54 -5.93 -158.94
C MET C 140 33.24 -5.29 -159.38
N THR C 141 32.14 -5.74 -158.77
CA THR C 141 30.79 -5.34 -159.14
C THR C 141 30.04 -4.94 -157.89
N LYS C 142 29.08 -4.01 -158.04
CA LYS C 142 28.36 -3.51 -156.88
C LYS C 142 26.87 -3.83 -156.95
N VAL C 143 26.31 -3.89 -158.15
CA VAL C 143 24.90 -4.24 -158.31
C VAL C 143 24.79 -5.51 -159.15
N PRO C 144 23.96 -6.47 -158.76
CA PRO C 144 23.90 -7.73 -159.50
C PRO C 144 23.20 -7.61 -160.84
N VAL C 145 23.95 -7.78 -161.92
CA VAL C 145 23.39 -7.81 -163.28
C VAL C 145 23.29 -9.26 -163.73
N GLY C 146 22.16 -9.62 -164.32
CA GLY C 146 21.94 -10.99 -164.72
C GLY C 146 21.32 -11.83 -163.62
N ASP C 147 21.73 -13.09 -163.52
CA ASP C 147 21.24 -13.98 -162.48
C ASP C 147 22.17 -14.03 -161.26
N GLN C 148 23.02 -13.03 -161.10
CA GLN C 148 23.91 -13.00 -159.96
C GLN C 148 23.13 -12.83 -158.68
N PRO C 149 23.55 -13.48 -157.60
CA PRO C 149 22.84 -13.38 -156.33
C PRO C 149 22.94 -11.98 -155.75
N PRO C 150 22.12 -11.65 -154.75
CA PRO C 150 22.12 -10.28 -154.22
C PRO C 150 23.42 -9.84 -153.59
N ASP C 151 24.31 -10.77 -153.22
CA ASP C 151 25.56 -10.43 -152.56
C ASP C 151 26.76 -10.65 -153.48
N ILE C 152 26.60 -10.24 -154.74
CA ILE C 152 27.68 -10.37 -155.71
C ILE C 152 28.90 -9.56 -155.27
N GLU C 153 28.67 -8.36 -154.72
CA GLU C 153 29.78 -7.52 -154.28
C GLU C 153 30.55 -8.20 -153.16
N PHE C 154 29.83 -8.80 -152.22
CA PHE C 154 30.52 -9.41 -151.09
C PHE C 154 31.22 -10.70 -151.50
N GLN C 155 30.63 -11.49 -152.40
CA GLN C 155 31.35 -12.70 -152.79
C GLN C 155 32.42 -12.44 -153.84
N ILE C 156 32.51 -11.23 -154.39
CA ILE C 156 33.70 -10.90 -155.19
C ILE C 156 34.78 -10.29 -154.32
N ARG C 157 34.40 -9.50 -153.30
CA ARG C 157 35.39 -8.98 -152.37
C ARG C 157 36.03 -10.11 -151.56
N ASP C 158 35.22 -11.06 -151.07
CA ASP C 158 35.77 -12.20 -150.37
C ASP C 158 36.55 -13.10 -151.31
N MET C 159 36.21 -13.09 -152.60
CA MET C 159 37.04 -13.76 -153.59
C MET C 159 38.43 -13.14 -153.66
N LEU C 160 38.48 -11.81 -153.67
CA LEU C 160 39.77 -11.13 -153.83
C LEU C 160 40.61 -11.21 -152.56
N MET C 161 39.97 -11.26 -151.39
CA MET C 161 40.74 -11.32 -150.15
C MET C 161 41.61 -12.56 -150.07
N GLN C 162 41.06 -13.72 -150.42
CA GLN C 162 41.85 -14.95 -150.27
C GLN C 162 43.03 -14.99 -151.22
N PHE C 163 43.08 -14.09 -152.20
CA PHE C 163 44.19 -14.03 -153.14
C PHE C 163 45.15 -12.87 -152.88
N VAL C 164 44.70 -11.80 -152.24
CA VAL C 164 45.57 -10.63 -152.04
C VAL C 164 45.97 -10.42 -150.59
N THR C 165 45.34 -11.09 -149.63
CA THR C 165 45.73 -10.86 -148.23
C THR C 165 47.04 -11.56 -147.90
N LYS C 166 47.39 -12.60 -148.64
CA LYS C 166 48.63 -13.32 -148.38
C LYS C 166 49.83 -12.44 -148.73
N GLU C 167 50.82 -12.44 -147.85
CA GLU C 167 52.02 -11.66 -148.10
C GLU C 167 52.75 -12.19 -149.33
N ASN C 168 53.71 -11.40 -149.80
CA ASN C 168 54.40 -11.68 -151.06
C ASN C 168 53.41 -11.83 -152.20
N CYS C 169 52.46 -10.90 -152.24
CA CYS C 169 51.47 -10.83 -153.32
C CYS C 169 51.44 -9.41 -153.83
N LEU C 170 52.13 -9.17 -154.94
CA LEU C 170 52.07 -7.87 -155.59
C LEU C 170 50.64 -7.59 -156.02
N ILE C 171 50.14 -6.42 -155.62
CA ILE C 171 48.77 -6.04 -155.91
C ILE C 171 48.82 -4.94 -156.95
N LEU C 172 48.44 -5.28 -158.18
CA LEU C 172 48.29 -4.28 -159.24
C LEU C 172 46.90 -3.69 -159.10
N ALA C 173 46.82 -2.51 -158.50
CA ALA C 173 45.58 -1.75 -158.42
C ALA C 173 45.38 -1.09 -159.78
N VAL C 174 44.55 -1.70 -160.63
CA VAL C 174 44.30 -1.18 -161.95
C VAL C 174 43.08 -0.28 -161.88
N SER C 175 43.24 0.98 -162.26
CA SER C 175 42.16 1.94 -162.24
C SER C 175 42.04 2.59 -163.61
N PRO C 176 40.83 2.86 -164.07
CA PRO C 176 40.67 3.54 -165.35
C PRO C 176 40.88 5.03 -165.20
N ALA C 177 41.42 5.63 -166.27
CA ALA C 177 41.65 7.08 -166.23
C ALA C 177 40.34 7.84 -166.32
N ASN C 178 39.38 7.33 -167.09
CA ASN C 178 38.12 8.04 -167.29
C ASN C 178 37.40 8.23 -165.97
N SER C 179 37.26 7.16 -165.19
CA SER C 179 36.66 7.29 -163.87
C SER C 179 37.60 8.04 -162.93
N ASP C 180 37.02 8.69 -161.93
CA ASP C 180 37.82 9.42 -160.97
C ASP C 180 38.59 8.44 -160.10
N LEU C 181 39.78 8.88 -159.65
CA LEU C 181 40.65 8.00 -158.88
C LEU C 181 40.06 7.70 -157.52
N ALA C 182 39.28 8.63 -156.95
CA ALA C 182 38.67 8.38 -155.66
C ALA C 182 37.66 7.25 -155.70
N ASN C 183 37.23 6.84 -156.90
CA ASN C 183 36.30 5.74 -157.06
C ASN C 183 36.99 4.42 -157.39
N SER C 184 38.30 4.34 -157.23
CA SER C 184 39.03 3.13 -157.59
C SER C 184 38.84 2.07 -156.51
N ASP C 185 37.98 1.09 -156.78
CA ASP C 185 37.85 -0.05 -155.89
C ASP C 185 39.19 -0.76 -155.73
N ALA C 186 40.02 -0.73 -156.77
CA ALA C 186 41.38 -1.27 -156.66
C ALA C 186 42.14 -0.60 -155.52
N LEU C 187 42.13 0.73 -155.49
CA LEU C 187 42.85 1.43 -154.44
C LEU C 187 42.20 1.24 -153.09
N LYS C 188 40.87 1.10 -153.03
CA LYS C 188 40.22 0.81 -151.76
C LYS C 188 40.71 -0.52 -151.21
N VAL C 189 40.74 -1.55 -152.05
CA VAL C 189 41.22 -2.87 -151.61
C VAL C 189 42.69 -2.80 -151.23
N ALA C 190 43.49 -2.05 -152.00
CA ALA C 190 44.91 -1.93 -151.70
C ALA C 190 45.15 -1.27 -150.36
N LYS C 191 44.42 -0.19 -150.06
CA LYS C 191 44.55 0.44 -148.75
C LYS C 191 43.94 -0.38 -147.64
N GLU C 192 43.06 -1.34 -147.95
CA GLU C 192 42.56 -2.22 -146.90
C GLU C 192 43.55 -3.32 -146.56
N VAL C 193 44.15 -3.96 -147.56
CA VAL C 193 44.97 -5.14 -147.35
C VAL C 193 46.46 -4.84 -147.48
N ASP C 194 46.82 -3.57 -147.58
CA ASP C 194 48.21 -3.15 -147.71
C ASP C 194 48.33 -1.68 -147.33
N PRO C 195 48.17 -1.34 -146.05
CA PRO C 195 48.04 0.08 -145.69
C PRO C 195 49.21 0.94 -146.13
N GLN C 196 50.43 0.55 -145.80
CA GLN C 196 51.58 1.37 -146.16
C GLN C 196 51.91 1.31 -147.64
N GLY C 197 51.26 0.45 -148.41
CA GLY C 197 51.55 0.34 -149.82
C GLY C 197 52.93 -0.22 -150.12
N GLN C 198 53.37 -1.21 -149.34
CA GLN C 198 54.68 -1.81 -149.58
C GLN C 198 54.70 -2.59 -150.88
N ARG C 199 53.63 -3.32 -151.18
CA ARG C 199 53.57 -4.24 -152.31
C ARG C 199 52.42 -3.91 -153.24
N THR C 200 52.14 -2.62 -153.41
CA THR C 200 51.04 -2.14 -154.23
C THR C 200 51.60 -1.36 -155.42
N ILE C 201 51.24 -1.78 -156.62
CA ILE C 201 51.62 -1.09 -157.84
C ILE C 201 50.35 -0.49 -158.43
N GLY C 202 50.32 0.83 -158.58
CA GLY C 202 49.18 1.49 -159.19
C GLY C 202 49.34 1.56 -160.69
N VAL C 203 48.28 1.18 -161.41
CA VAL C 203 48.28 1.22 -162.86
C VAL C 203 47.06 2.01 -163.31
N ILE C 204 47.26 2.91 -164.26
CA ILE C 204 46.20 3.77 -164.78
C ILE C 204 45.99 3.41 -166.25
N THR C 205 44.81 2.93 -166.58
CA THR C 205 44.49 2.45 -167.91
C THR C 205 43.54 3.42 -168.60
N LYS C 206 43.43 3.25 -169.93
CA LYS C 206 42.53 4.03 -170.76
C LYS C 206 42.83 5.52 -170.66
N LEU C 207 44.08 5.87 -170.97
CA LEU C 207 44.50 7.26 -171.00
C LEU C 207 44.17 7.96 -172.30
N ASP C 208 43.78 7.22 -173.34
CA ASP C 208 43.41 7.81 -174.61
C ASP C 208 41.91 8.09 -174.71
N LEU C 209 41.14 7.82 -173.65
CA LEU C 209 39.70 8.04 -173.64
C LEU C 209 39.28 8.99 -172.52
N MET C 210 40.20 9.80 -172.01
CA MET C 210 39.87 10.74 -170.96
C MET C 210 38.94 11.83 -171.47
N ASP C 211 38.18 12.42 -170.55
CA ASP C 211 37.30 13.53 -170.91
C ASP C 211 38.10 14.64 -171.56
N GLU C 212 37.59 15.14 -172.69
CA GLU C 212 38.33 16.12 -173.47
C GLU C 212 38.64 17.36 -172.64
N GLY C 213 39.86 17.84 -172.75
CA GLY C 213 40.31 18.99 -171.98
C GLY C 213 40.79 18.67 -170.60
N THR C 214 40.83 17.40 -170.21
CA THR C 214 41.30 16.98 -168.90
C THR C 214 42.50 16.05 -169.09
N ASP C 215 43.31 15.94 -168.04
CA ASP C 215 44.48 15.06 -168.07
C ASP C 215 44.76 14.58 -166.65
N ALA C 216 45.20 13.33 -166.54
CA ALA C 216 45.48 12.71 -165.26
C ALA C 216 46.91 12.96 -164.79
N ARG C 217 47.52 14.06 -165.23
CA ARG C 217 48.91 14.35 -164.86
C ARG C 217 49.11 14.36 -163.35
N ASP C 218 48.19 14.97 -162.62
CA ASP C 218 48.30 15.03 -161.17
C ASP C 218 48.16 13.66 -160.51
N VAL C 219 47.68 12.66 -161.24
CA VAL C 219 47.63 11.29 -160.74
C VAL C 219 48.88 10.53 -161.11
N LEU C 220 49.29 10.62 -162.39
CA LEU C 220 50.47 9.90 -162.84
C LEU C 220 51.73 10.42 -162.17
N GLU C 221 51.74 11.66 -161.72
CA GLU C 221 52.88 12.21 -160.99
C GLU C 221 52.78 11.95 -159.50
N ASN C 222 51.93 11.01 -159.08
CA ASN C 222 51.82 10.58 -157.68
C ASN C 222 51.52 11.77 -156.77
N LYS C 223 50.75 12.73 -157.27
CA LYS C 223 50.41 13.92 -156.51
C LYS C 223 49.05 13.82 -155.83
N LEU C 224 48.03 13.37 -156.58
CA LEU C 224 46.68 13.32 -156.02
C LEU C 224 46.61 12.35 -154.85
N LEU C 225 46.85 11.08 -155.09
CA LEU C 225 46.81 10.04 -154.05
C LEU C 225 48.21 9.49 -153.85
N PRO C 226 48.88 9.79 -152.74
CA PRO C 226 50.26 9.35 -152.57
C PRO C 226 50.36 7.83 -152.50
N LEU C 227 51.22 7.28 -153.35
CA LEU C 227 51.44 5.85 -153.42
C LEU C 227 52.94 5.59 -153.44
N ARG C 228 53.38 4.56 -152.72
CA ARG C 228 54.81 4.35 -152.51
C ARG C 228 55.52 4.05 -153.83
N ARG C 229 54.97 3.14 -154.63
CA ARG C 229 55.61 2.76 -155.88
C ARG C 229 55.20 3.64 -157.05
N GLY C 230 54.26 4.56 -156.85
CA GLY C 230 53.81 5.43 -157.91
C GLY C 230 52.88 4.73 -158.88
N TYR C 231 52.32 5.53 -159.78
CA TYR C 231 51.38 5.03 -160.78
C TYR C 231 52.08 4.91 -162.13
N ILE C 232 51.62 3.94 -162.92
CA ILE C 232 52.14 3.69 -164.26
C ILE C 232 50.97 3.78 -165.23
N GLY C 233 51.02 4.73 -166.15
CA GLY C 233 50.00 4.83 -167.15
C GLY C 233 50.27 3.89 -168.32
N VAL C 234 49.20 3.30 -168.85
CA VAL C 234 49.30 2.40 -169.99
C VAL C 234 48.09 2.61 -170.88
N VAL C 235 48.29 2.43 -172.19
CA VAL C 235 47.22 2.49 -173.18
C VAL C 235 47.18 1.13 -173.87
N ASN C 236 46.04 0.47 -173.77
CA ASN C 236 45.88 -0.88 -174.32
C ASN C 236 45.15 -0.80 -175.66
N ARG C 237 44.85 -1.96 -176.23
CA ARG C 237 44.08 -1.99 -177.47
C ARG C 237 42.63 -1.61 -177.19
N SER C 238 42.09 -0.70 -178.00
CA SER C 238 40.69 -0.36 -177.87
C SER C 238 39.81 -1.55 -178.27
N GLN C 239 38.53 -1.46 -177.92
CA GLN C 239 37.61 -2.54 -178.26
C GLN C 239 37.51 -2.72 -179.77
N LYS C 240 37.52 -1.63 -180.51
CA LYS C 240 37.55 -1.73 -181.97
C LYS C 240 38.81 -2.43 -182.44
N ASP C 241 39.94 -2.15 -181.79
CA ASP C 241 41.18 -2.84 -182.14
C ASP C 241 41.10 -4.33 -181.85
N ILE C 242 40.47 -4.69 -180.73
CA ILE C 242 40.28 -6.11 -180.41
C ILE C 242 39.42 -6.79 -181.46
N ASP C 243 38.34 -6.13 -181.87
CA ASP C 243 37.47 -6.71 -182.89
C ASP C 243 38.20 -6.83 -184.23
N GLY C 244 39.01 -5.83 -184.57
CA GLY C 244 39.80 -5.86 -185.79
C GLY C 244 41.07 -6.68 -185.72
N LYS C 245 41.36 -7.28 -184.56
CA LYS C 245 42.51 -8.16 -184.37
C LYS C 245 43.82 -7.40 -184.62
N LYS C 246 43.97 -6.27 -183.95
CA LYS C 246 45.22 -5.52 -184.02
C LYS C 246 46.34 -6.28 -183.31
N ASP C 247 47.57 -5.99 -183.70
CA ASP C 247 48.71 -6.75 -183.20
C ASP C 247 49.48 -5.96 -182.13
N ILE C 248 50.33 -6.70 -181.41
CA ILE C 248 51.11 -6.11 -180.32
C ILE C 248 52.06 -5.04 -180.85
N THR C 249 52.65 -5.26 -182.03
CA THR C 249 53.60 -4.28 -182.56
C THR C 249 52.94 -2.93 -182.78
N ALA C 250 51.80 -2.93 -183.49
CA ALA C 250 51.10 -1.67 -183.75
C ALA C 250 50.56 -1.06 -182.46
N ALA C 251 50.06 -1.90 -181.55
CA ALA C 251 49.56 -1.39 -180.29
C ALA C 251 50.66 -0.69 -179.50
N LEU C 252 51.84 -1.31 -179.42
CA LEU C 252 52.96 -0.70 -178.72
C LEU C 252 53.43 0.57 -179.40
N ALA C 253 53.46 0.58 -180.74
CA ALA C 253 53.86 1.79 -181.44
C ALA C 253 52.91 2.94 -181.15
N ALA C 254 51.60 2.67 -181.19
CA ALA C 254 50.62 3.70 -180.90
C ALA C 254 50.72 4.16 -179.45
N GLU C 255 50.89 3.23 -178.52
CA GLU C 255 51.01 3.59 -177.11
C GLU C 255 52.24 4.45 -176.86
N ARG C 256 53.36 4.12 -177.51
CA ARG C 256 54.57 4.91 -177.35
C ARG C 256 54.42 6.29 -177.95
N LYS C 257 53.82 6.39 -179.14
CA LYS C 257 53.67 7.69 -179.77
C LYS C 257 52.64 8.56 -179.07
N PHE C 258 51.69 7.96 -178.35
CA PHE C 258 50.69 8.76 -177.65
C PHE C 258 51.32 9.62 -176.57
N PHE C 259 52.21 9.04 -175.76
CA PHE C 259 52.82 9.79 -174.67
C PHE C 259 53.81 10.82 -175.16
N LEU C 260 54.21 10.77 -176.44
CA LEU C 260 54.97 11.86 -177.03
C LEU C 260 54.06 12.92 -177.63
N SER C 261 52.92 12.51 -178.19
CA SER C 261 51.98 13.48 -178.75
C SER C 261 51.33 14.33 -177.67
N HIS C 262 51.00 13.73 -176.53
CA HIS C 262 50.25 14.45 -175.51
C HIS C 262 51.13 15.49 -174.83
N PRO C 263 50.76 16.77 -174.84
CA PRO C 263 51.60 17.78 -174.20
C PRO C 263 51.77 17.58 -172.70
N SER C 264 50.76 17.07 -172.00
CA SER C 264 50.85 16.89 -170.56
C SER C 264 51.73 15.71 -170.18
N TYR C 265 51.93 14.75 -171.07
CA TYR C 265 52.70 13.55 -170.78
C TYR C 265 53.98 13.45 -171.60
N ARG C 266 54.36 14.52 -172.30
CA ARG C 266 55.57 14.47 -173.12
C ARG C 266 56.80 14.22 -172.25
N HIS C 267 56.84 14.80 -171.06
CA HIS C 267 57.98 14.67 -170.16
C HIS C 267 57.90 13.41 -169.29
N LEU C 268 57.08 12.43 -169.68
CA LEU C 268 56.96 11.19 -168.92
C LEU C 268 56.95 9.96 -169.81
N ALA C 269 57.23 10.11 -171.10
CA ALA C 269 57.09 8.98 -172.03
C ALA C 269 57.97 7.81 -171.64
N ASP C 270 59.17 8.08 -171.14
CA ASP C 270 60.04 6.99 -170.71
C ASP C 270 59.58 6.34 -169.41
N ARG C 271 58.85 7.08 -168.57
CA ARG C 271 58.42 6.58 -167.28
C ARG C 271 57.01 6.02 -167.28
N MET C 272 56.29 6.11 -168.40
CA MET C 272 54.95 5.56 -168.54
C MET C 272 54.92 4.60 -169.72
N GLY C 273 54.06 3.59 -169.63
CA GLY C 273 53.92 2.63 -170.70
C GLY C 273 54.09 1.19 -170.29
N THR C 274 53.65 0.27 -171.14
CA THR C 274 53.75 -1.15 -170.83
C THR C 274 55.20 -1.62 -170.65
N PRO C 275 56.17 -1.24 -171.49
CA PRO C 275 57.56 -1.65 -171.21
C PRO C 275 58.05 -1.18 -169.85
N TYR C 276 57.69 0.05 -169.45
CA TYR C 276 58.12 0.52 -168.14
C TYR C 276 57.39 -0.22 -167.03
N LEU C 277 56.14 -0.63 -167.27
CA LEU C 277 55.44 -1.46 -166.29
C LEU C 277 56.15 -2.80 -166.12
N GLN C 278 56.58 -3.40 -167.23
CA GLN C 278 57.35 -4.64 -167.13
C GLN C 278 58.65 -4.42 -166.37
N LYS C 279 59.33 -3.32 -166.64
CA LYS C 279 60.59 -3.03 -165.96
C LYS C 279 60.36 -2.86 -164.45
N VAL C 280 59.30 -2.15 -164.06
CA VAL C 280 59.02 -1.96 -162.64
C VAL C 280 58.67 -3.28 -161.96
N LEU C 281 57.86 -4.11 -162.62
CA LEU C 281 57.50 -5.39 -162.02
C LEU C 281 58.73 -6.27 -161.84
N ASN C 282 59.60 -6.33 -162.86
CA ASN C 282 60.79 -7.15 -162.75
C ASN C 282 61.75 -6.60 -161.70
N GLN C 283 61.83 -5.27 -161.59
CA GLN C 283 62.62 -4.66 -160.53
C GLN C 283 62.08 -5.05 -159.16
N GLN C 284 60.75 -5.09 -159.03
CA GLN C 284 60.16 -5.45 -157.75
C GLN C 284 60.41 -6.92 -157.42
N LEU C 285 60.45 -7.79 -158.43
CA LEU C 285 60.80 -9.19 -158.19
C LEU C 285 62.25 -9.33 -157.77
N THR C 286 63.15 -8.60 -158.46
CA THR C 286 64.56 -8.67 -158.13
C THR C 286 64.83 -8.12 -156.73
N ASN C 287 64.12 -7.07 -156.34
CA ASN C 287 64.28 -6.49 -155.01
C ASN C 287 63.69 -7.37 -153.93
N HIS C 288 63.09 -8.49 -154.29
CA HIS C 288 62.73 -9.54 -153.33
C HIS C 288 63.72 -10.70 -153.36
N ILE C 289 64.14 -11.11 -154.55
CA ILE C 289 65.17 -12.15 -154.65
C ILE C 289 66.42 -11.73 -153.88
N ARG C 290 66.88 -10.51 -154.13
CA ARG C 290 68.08 -10.01 -153.46
C ARG C 290 67.79 -9.56 -152.03
N ASP C 291 66.52 -9.30 -151.70
CA ASP C 291 66.16 -9.02 -150.32
C ASP C 291 66.30 -10.26 -149.44
N THR C 292 65.92 -11.42 -149.98
CA THR C 292 65.90 -12.64 -149.17
C THR C 292 67.30 -13.14 -148.84
N LEU C 293 68.29 -12.82 -149.68
CA LEU C 293 69.60 -13.46 -149.57
C LEU C 293 70.27 -13.34 -148.20
N PRO C 294 70.24 -12.20 -147.49
CA PRO C 294 70.88 -12.17 -146.16
C PRO C 294 70.36 -13.24 -145.21
N GLY C 295 69.05 -13.47 -145.17
CA GLY C 295 68.51 -14.49 -144.30
C GLY C 295 69.02 -15.88 -144.64
N LEU C 296 69.00 -16.22 -145.93
CA LEU C 296 69.52 -17.51 -146.37
C LEU C 296 70.99 -17.65 -146.01
N ARG C 297 71.78 -16.59 -146.23
CA ARG C 297 73.21 -16.68 -145.97
C ARG C 297 73.49 -16.91 -144.49
N ASN C 298 72.81 -16.17 -143.62
CA ASN C 298 73.10 -16.34 -142.19
C ASN C 298 72.59 -17.68 -141.69
N LYS C 299 71.42 -18.12 -142.16
CA LYS C 299 70.90 -19.42 -141.71
C LYS C 299 71.79 -20.57 -142.18
N LEU C 300 72.27 -20.51 -143.43
CA LEU C 300 73.17 -21.55 -143.91
C LEU C 300 74.53 -21.46 -143.24
N GLN C 301 74.97 -20.26 -142.84
CA GLN C 301 76.18 -20.16 -142.03
C GLN C 301 75.99 -20.84 -140.69
N SER C 302 74.83 -20.67 -140.07
CA SER C 302 74.55 -21.38 -138.83
C SER C 302 74.55 -22.89 -139.02
N GLN C 303 73.95 -23.37 -140.12
CA GLN C 303 73.93 -24.81 -140.36
C GLN C 303 75.33 -25.36 -140.64
N LEU C 304 76.13 -24.62 -141.41
CA LEU C 304 77.52 -25.04 -141.64
C LEU C 304 78.31 -25.00 -140.34
N LEU C 305 78.00 -24.06 -139.45
CA LEU C 305 78.60 -24.06 -138.12
C LEU C 305 78.25 -25.33 -137.37
N SER C 306 76.99 -25.77 -137.50
CA SER C 306 76.58 -27.00 -136.84
C SER C 306 77.33 -28.22 -137.39
N ILE C 307 77.53 -28.26 -138.71
CA ILE C 307 78.11 -29.47 -139.30
C ILE C 307 79.65 -29.46 -139.24
N GLU C 308 80.27 -28.28 -139.13
CA GLU C 308 81.73 -28.22 -139.23
C GLU C 308 82.40 -28.94 -138.07
N LYS C 309 81.78 -28.93 -136.89
CA LYS C 309 82.36 -29.64 -135.75
C LYS C 309 82.45 -31.14 -136.04
N GLU C 310 81.39 -31.71 -136.61
CA GLU C 310 81.44 -33.11 -137.00
C GLU C 310 82.45 -33.34 -138.11
N VAL C 311 82.60 -32.37 -139.01
CA VAL C 311 83.62 -32.51 -140.06
C VAL C 311 85.02 -32.41 -139.48
N GLU C 312 85.19 -31.82 -138.29
CA GLU C 312 86.52 -31.67 -137.71
C GLU C 312 87.18 -33.02 -137.47
N GLU C 313 86.47 -33.94 -136.82
CA GLU C 313 86.99 -35.29 -136.68
C GLU C 313 86.91 -36.08 -137.97
N TYR C 314 86.26 -35.54 -139.00
CA TYR C 314 86.12 -36.20 -140.29
C TYR C 314 86.82 -35.42 -141.41
N LYS C 315 87.98 -34.82 -141.11
CA LYS C 315 88.77 -34.23 -142.17
C LYS C 315 89.23 -35.29 -143.18
N ASN C 316 89.68 -36.43 -142.67
CA ASN C 316 90.29 -37.47 -143.49
C ASN C 316 89.72 -38.84 -143.13
N PHE C 317 89.73 -39.74 -144.10
CA PHE C 317 89.28 -41.12 -143.90
C PHE C 317 89.96 -41.99 -144.94
N ARG C 318 90.87 -42.85 -144.50
CA ARG C 318 91.54 -43.81 -145.35
C ARG C 318 90.98 -45.21 -145.12
N PRO C 319 91.12 -46.11 -146.09
CA PRO C 319 90.72 -47.50 -145.86
C PRO C 319 91.50 -48.10 -144.71
N ASP C 320 90.80 -48.92 -143.91
CA ASP C 320 91.35 -49.69 -142.81
C ASP C 320 91.70 -48.84 -141.60
N ASP C 321 91.64 -47.50 -141.75
CA ASP C 321 91.74 -46.54 -140.65
C ASP C 321 92.85 -46.89 -139.66
N PRO C 322 94.12 -46.70 -140.02
CA PRO C 322 95.20 -47.20 -139.16
C PRO C 322 95.18 -46.65 -137.75
N ALA C 323 94.85 -45.38 -137.56
CA ALA C 323 94.86 -44.76 -136.25
C ALA C 323 93.49 -44.31 -135.76
N ARG C 324 92.57 -44.03 -136.68
CA ARG C 324 91.21 -43.69 -136.27
C ARG C 324 90.58 -44.83 -135.49
N LYS C 325 90.91 -46.06 -135.85
CA LYS C 325 90.38 -47.21 -135.13
C LYS C 325 90.83 -47.20 -133.66
N THR C 326 92.13 -46.99 -133.42
CA THR C 326 92.62 -46.95 -132.05
C THR C 326 92.02 -45.77 -131.29
N LYS C 327 91.94 -44.61 -131.94
CA LYS C 327 91.39 -43.44 -131.27
C LYS C 327 89.94 -43.68 -130.87
N ALA C 328 89.13 -44.20 -131.80
CA ALA C 328 87.73 -44.46 -131.49
C ALA C 328 87.58 -45.55 -130.44
N LEU C 329 88.47 -46.54 -130.45
CA LEU C 329 88.45 -47.56 -129.40
C LEU C 329 88.67 -46.92 -128.04
N LEU C 330 89.64 -46.01 -127.95
CA LEU C 330 89.88 -45.33 -126.68
C LEU C 330 88.68 -44.50 -126.27
N GLN C 331 88.06 -43.80 -127.23
CA GLN C 331 86.88 -42.99 -126.90
C GLN C 331 85.76 -43.86 -126.36
N MET C 332 85.49 -44.99 -127.02
CA MET C 332 84.43 -45.88 -126.56
C MET C 332 84.75 -46.45 -125.19
N VAL C 333 86.00 -46.85 -124.96
CA VAL C 333 86.37 -47.42 -123.67
C VAL C 333 86.20 -46.39 -122.56
N GLN C 334 86.63 -45.15 -122.81
CA GLN C 334 86.47 -44.09 -121.81
C GLN C 334 85.00 -43.78 -121.56
N GLN C 335 84.18 -43.76 -122.62
CA GLN C 335 82.76 -43.54 -122.44
C GLN C 335 82.14 -44.65 -121.59
N PHE C 336 82.50 -45.89 -121.88
CA PHE C 336 81.96 -47.01 -121.10
C PHE C 336 82.39 -46.91 -119.64
N ALA C 337 83.67 -46.60 -119.39
CA ALA C 337 84.14 -46.52 -118.02
C ALA C 337 83.45 -45.41 -117.25
N VAL C 338 83.36 -44.22 -117.86
CA VAL C 338 82.75 -43.10 -117.17
C VAL C 338 81.26 -43.35 -116.97
N ASP C 339 80.61 -44.06 -117.90
CA ASP C 339 79.19 -44.33 -117.72
C ASP C 339 78.96 -45.41 -116.67
N PHE C 340 79.84 -46.40 -116.59
CA PHE C 340 79.76 -47.37 -115.50
C PHE C 340 79.91 -46.68 -114.16
N GLU C 341 80.91 -45.81 -114.04
CA GLU C 341 81.13 -45.10 -112.78
C GLU C 341 79.96 -44.18 -112.46
N LYS C 342 79.40 -43.53 -113.48
CA LYS C 342 78.25 -42.67 -113.27
C LYS C 342 77.02 -43.49 -112.87
N ARG C 343 76.87 -44.68 -113.42
CA ARG C 343 75.70 -45.50 -113.15
C ARG C 343 75.74 -46.11 -111.75
N ILE C 344 76.93 -46.47 -111.28
CA ILE C 344 77.08 -47.17 -110.00
C ILE C 344 77.58 -46.24 -108.90
N GLU C 345 78.78 -45.68 -109.07
CA GLU C 345 79.31 -44.77 -108.06
C GLU C 345 78.43 -43.53 -107.91
N GLY C 346 78.00 -42.96 -109.04
CA GLY C 346 77.19 -41.76 -109.00
C GLY C 346 78.00 -40.50 -109.24
N SER C 347 78.87 -40.52 -110.25
CA SER C 347 79.68 -39.36 -110.57
C SER C 347 78.78 -38.22 -111.05
N GLY C 348 79.40 -37.06 -111.27
CA GLY C 348 78.66 -35.91 -111.70
C GLY C 348 78.21 -35.96 -113.14
N ASP C 349 77.97 -34.78 -113.73
CA ASP C 349 77.63 -34.62 -115.14
C ASP C 349 76.30 -35.32 -115.49
N GLN C 350 75.23 -34.85 -114.86
CA GLN C 350 73.87 -35.08 -115.33
C GLN C 350 73.45 -36.54 -115.40
N ILE C 351 73.33 -37.20 -114.26
CA ILE C 351 72.72 -38.53 -114.23
C ILE C 351 71.21 -38.38 -114.40
N ASP C 352 70.61 -39.28 -115.16
CA ASP C 352 69.21 -39.17 -115.53
C ASP C 352 68.30 -39.28 -114.31
N THR C 353 67.18 -38.56 -114.36
CA THR C 353 66.20 -38.53 -113.28
C THR C 353 64.89 -39.19 -113.66
N TYR C 354 64.85 -39.93 -114.78
CA TYR C 354 63.58 -40.45 -115.26
C TYR C 354 63.10 -41.64 -114.43
N GLU C 355 63.96 -42.64 -114.25
CA GLU C 355 63.59 -43.88 -113.57
C GLU C 355 64.42 -44.05 -112.31
N LEU C 356 64.27 -45.21 -111.69
CA LEU C 356 65.16 -45.57 -110.59
C LEU C 356 66.60 -45.68 -111.09
N SER C 357 66.77 -45.82 -112.41
CA SER C 357 67.95 -45.37 -113.16
C SER C 357 69.24 -46.03 -112.65
N GLY C 358 69.31 -47.34 -112.88
CA GLY C 358 70.60 -48.00 -112.86
C GLY C 358 70.77 -48.90 -111.66
N GLY C 359 71.81 -49.73 -111.74
CA GLY C 359 72.04 -50.72 -110.71
C GLY C 359 72.32 -50.13 -109.34
N ALA C 360 72.92 -48.93 -109.30
CA ALA C 360 73.41 -48.38 -108.04
C ALA C 360 72.36 -48.42 -106.97
N ARG C 361 71.16 -47.92 -107.27
CA ARG C 361 70.12 -47.91 -106.24
C ARG C 361 69.36 -49.23 -106.23
N ILE C 362 69.30 -49.96 -107.35
CA ILE C 362 68.84 -51.35 -107.29
C ILE C 362 69.79 -52.18 -106.42
N ASN C 363 71.09 -51.97 -106.61
CA ASN C 363 72.07 -52.64 -105.76
C ASN C 363 71.88 -52.24 -104.30
N ARG C 364 71.63 -50.96 -104.05
CA ARG C 364 71.27 -50.58 -102.68
C ARG C 364 70.01 -51.22 -102.17
N ILE C 365 68.94 -51.31 -102.97
CA ILE C 365 67.73 -51.89 -102.43
C ILE C 365 67.99 -53.34 -102.09
N PHE C 366 68.93 -53.98 -102.78
CA PHE C 366 69.40 -55.30 -102.36
C PHE C 366 70.11 -55.24 -101.02
N HIS C 367 71.08 -54.34 -100.88
CA HIS C 367 71.84 -54.25 -99.62
C HIS C 367 70.98 -53.84 -98.43
N GLU C 368 69.79 -53.29 -98.68
CA GLU C 368 68.91 -52.88 -97.58
C GLU C 368 67.55 -53.57 -97.60
N ARG C 369 67.38 -54.61 -98.43
CA ARG C 369 66.27 -55.55 -98.31
C ARG C 369 66.72 -56.92 -97.87
N PHE C 370 67.98 -57.29 -98.14
CA PHE C 370 68.59 -58.49 -97.60
C PHE C 370 68.48 -58.56 -96.07
N PRO C 371 68.61 -57.41 -95.34
CA PRO C 371 68.25 -57.45 -93.92
C PRO C 371 66.78 -57.69 -93.62
N PHE C 372 65.96 -57.89 -94.65
CA PHE C 372 64.64 -58.47 -94.45
C PHE C 372 64.61 -59.95 -94.78
N GLU C 373 65.38 -60.39 -95.78
CA GLU C 373 65.48 -61.80 -96.08
C GLU C 373 66.18 -62.58 -94.97
N LEU C 374 67.04 -61.92 -94.19
CA LEU C 374 67.62 -62.56 -93.02
C LEU C 374 66.55 -62.77 -91.95
N VAL C 375 65.75 -61.75 -91.67
CA VAL C 375 64.75 -61.84 -90.62
C VAL C 375 63.66 -62.85 -90.99
N LYS C 376 63.20 -62.81 -92.24
CA LYS C 376 62.01 -63.57 -92.61
C LYS C 376 62.25 -65.07 -92.54
N MET C 377 63.32 -65.56 -93.15
CA MET C 377 63.47 -66.99 -93.39
C MET C 377 63.72 -67.77 -92.10
N GLU C 378 64.44 -67.19 -91.14
CA GLU C 378 64.91 -67.92 -89.97
C GLU C 378 63.97 -67.72 -88.79
N PHE C 379 63.46 -68.83 -88.25
CA PHE C 379 62.61 -68.81 -87.08
C PHE C 379 62.37 -70.23 -86.58
N ASP C 380 62.24 -70.36 -85.26
CA ASP C 380 61.68 -71.55 -84.61
C ASP C 380 61.49 -71.21 -83.14
N GLU C 381 60.58 -71.94 -82.51
CA GLU C 381 60.29 -71.71 -81.09
C GLU C 381 59.58 -72.93 -80.53
N LYS C 382 59.76 -73.15 -79.22
CA LYS C 382 59.10 -74.19 -78.45
C LYS C 382 59.56 -75.59 -78.84
N GLU C 383 60.44 -75.67 -79.85
CA GLU C 383 61.25 -76.86 -80.09
C GLU C 383 62.67 -76.65 -79.61
N LEU C 384 63.18 -75.42 -79.73
CA LEU C 384 64.44 -75.08 -79.11
C LEU C 384 64.36 -75.20 -77.60
N ARG C 385 63.18 -75.03 -77.02
CA ARG C 385 63.02 -75.28 -75.59
C ARG C 385 63.37 -76.72 -75.25
N ARG C 386 62.82 -77.66 -76.01
CA ARG C 386 63.12 -79.08 -75.78
C ARG C 386 64.60 -79.37 -76.03
N GLU C 387 65.15 -78.81 -77.10
CA GLU C 387 66.56 -79.06 -77.41
C GLU C 387 67.46 -78.52 -76.30
N ILE C 388 67.15 -77.33 -75.79
CA ILE C 388 67.93 -76.74 -74.70
C ILE C 388 67.79 -77.57 -73.44
N SER C 389 66.57 -78.03 -73.14
CA SER C 389 66.38 -78.88 -71.96
C SER C 389 67.27 -80.11 -72.03
N TYR C 390 67.29 -80.78 -73.19
CA TYR C 390 68.11 -81.98 -73.32
C TYR C 390 69.60 -81.64 -73.27
N ALA C 391 70.01 -80.51 -73.85
CA ALA C 391 71.41 -80.11 -73.76
C ALA C 391 71.83 -79.87 -72.32
N ILE C 392 70.97 -79.22 -71.54
CA ILE C 392 71.25 -78.99 -70.13
C ILE C 392 71.37 -80.31 -69.40
N LYS C 393 70.43 -81.21 -69.63
CA LYS C 393 70.43 -82.49 -68.94
C LYS C 393 71.48 -83.46 -69.46
N ASN C 394 72.22 -83.11 -70.52
CA ASN C 394 73.24 -84.00 -71.03
C ASN C 394 74.66 -83.49 -70.97
N ILE C 395 74.91 -82.18 -70.91
CA ILE C 395 76.29 -81.73 -70.92
C ILE C 395 76.92 -81.68 -69.52
N HIS C 396 76.12 -81.77 -68.46
CA HIS C 396 76.66 -82.13 -67.16
C HIS C 396 76.02 -83.46 -66.80
N GLY C 397 76.05 -84.37 -67.77
CA GLY C 397 75.09 -85.45 -67.84
C GLY C 397 75.11 -86.42 -66.67
N ILE C 398 76.28 -86.64 -66.05
CA ILE C 398 76.33 -87.64 -64.98
C ILE C 398 76.07 -87.07 -63.60
N ARG C 399 76.26 -85.77 -63.40
CA ARG C 399 76.27 -85.19 -62.08
C ARG C 399 75.34 -83.99 -62.01
N THR C 400 74.71 -83.81 -60.85
CA THR C 400 73.75 -82.72 -60.67
C THR C 400 74.40 -81.37 -60.93
N GLY C 401 74.00 -80.73 -62.04
CA GLY C 401 74.54 -79.43 -62.37
C GLY C 401 73.86 -78.36 -61.55
N LEU C 402 74.62 -77.74 -60.65
CA LEU C 402 74.10 -76.69 -59.80
C LEU C 402 74.30 -75.31 -60.39
N PHE C 403 74.82 -75.24 -61.62
CA PHE C 403 74.98 -73.99 -62.35
C PHE C 403 74.54 -74.21 -63.78
N THR C 404 73.89 -73.22 -64.37
CA THR C 404 73.41 -73.35 -65.73
C THR C 404 74.59 -73.52 -66.69
N PRO C 405 74.67 -74.62 -67.42
CA PRO C 405 75.88 -74.90 -68.20
C PRO C 405 75.93 -74.06 -69.48
N ASP C 406 77.08 -74.14 -70.14
CA ASP C 406 77.51 -73.17 -71.13
C ASP C 406 77.62 -73.73 -72.55
N MET C 407 78.12 -74.96 -72.67
CA MET C 407 78.19 -75.60 -73.97
C MET C 407 76.81 -75.75 -74.59
N ALA C 408 75.74 -75.73 -73.78
CA ALA C 408 74.39 -75.74 -74.36
C ALA C 408 74.09 -74.46 -75.10
N PHE C 409 74.40 -73.31 -74.49
CA PHE C 409 74.27 -72.03 -75.18
C PHE C 409 75.12 -72.03 -76.45
N GLU C 410 76.36 -72.51 -76.34
CA GLU C 410 77.23 -72.55 -77.51
C GLU C 410 76.62 -73.41 -78.61
N THR C 411 76.09 -74.58 -78.25
CA THR C 411 75.50 -75.47 -79.25
C THR C 411 74.27 -74.89 -79.89
N ILE C 412 73.40 -74.22 -79.13
CA ILE C 412 72.21 -73.62 -79.71
C ILE C 412 72.58 -72.50 -80.69
N VAL C 413 73.46 -71.59 -80.27
CA VAL C 413 73.79 -70.48 -81.15
C VAL C 413 74.55 -70.98 -82.37
N LYS C 414 75.40 -72.00 -82.20
CA LYS C 414 76.13 -72.55 -83.35
C LYS C 414 75.19 -73.26 -84.30
N LYS C 415 74.16 -73.93 -83.79
CA LYS C 415 73.17 -74.58 -84.63
C LYS C 415 72.26 -73.58 -85.30
N GLN C 416 72.16 -72.35 -84.78
CA GLN C 416 71.28 -71.36 -85.36
C GLN C 416 71.99 -70.39 -86.32
N VAL C 417 73.30 -70.16 -86.15
CA VAL C 417 74.00 -69.21 -87.01
C VAL C 417 74.60 -69.93 -88.21
N LYS C 418 74.20 -71.18 -88.44
CA LYS C 418 74.63 -71.89 -89.64
C LYS C 418 73.57 -71.90 -90.73
N LYS C 419 72.37 -71.42 -90.45
CA LYS C 419 71.35 -71.26 -91.48
C LYS C 419 71.52 -69.98 -92.28
N ILE C 420 72.46 -69.12 -91.90
CA ILE C 420 72.70 -67.87 -92.62
C ILE C 420 73.36 -68.12 -93.96
N ARG C 421 73.88 -69.33 -94.20
CA ARG C 421 74.58 -69.60 -95.45
C ARG C 421 73.68 -69.42 -96.67
N GLU C 422 72.38 -69.61 -96.53
CA GLU C 422 71.51 -69.46 -97.69
C GLU C 422 71.24 -67.98 -98.02
N PRO C 423 70.76 -67.17 -97.06
CA PRO C 423 70.43 -65.77 -97.42
C PRO C 423 71.61 -64.99 -97.96
N CYS C 424 72.81 -65.21 -97.43
CA CYS C 424 73.97 -64.46 -97.89
C CYS C 424 74.32 -64.82 -99.33
N LEU C 425 74.32 -66.11 -99.66
CA LEU C 425 74.60 -66.50 -101.03
C LEU C 425 73.51 -66.01 -101.98
N LYS C 426 72.25 -66.02 -101.52
CA LYS C 426 71.18 -65.47 -102.34
C LYS C 426 71.40 -63.99 -102.61
N CYS C 427 71.82 -63.25 -101.59
CA CYS C 427 72.12 -61.83 -101.77
C CYS C 427 73.25 -61.63 -102.76
N VAL C 428 74.31 -62.42 -102.66
CA VAL C 428 75.44 -62.28 -103.58
C VAL C 428 75.01 -62.54 -105.01
N ASP C 429 74.23 -63.61 -105.23
CA ASP C 429 73.78 -63.90 -106.59
C ASP C 429 72.83 -62.83 -107.12
N MET C 430 71.98 -62.28 -106.24
CA MET C 430 71.06 -61.23 -106.67
C MET C 430 71.82 -59.98 -107.10
N VAL C 431 72.83 -59.59 -106.32
CA VAL C 431 73.68 -58.45 -106.69
C VAL C 431 74.41 -58.74 -107.99
N ILE C 432 74.87 -59.99 -108.17
CA ILE C 432 75.54 -60.35 -109.42
C ILE C 432 74.60 -60.13 -110.59
N SER C 433 73.34 -60.57 -110.45
CA SER C 433 72.38 -60.41 -111.53
C SER C 433 72.16 -58.94 -111.87
N GLU C 434 71.94 -58.10 -110.85
CA GLU C 434 71.67 -56.70 -111.17
C GLU C 434 72.90 -56.02 -111.76
N LEU C 435 74.10 -56.42 -111.31
CA LEU C 435 75.31 -55.78 -111.82
C LEU C 435 75.64 -56.22 -113.23
N ILE C 436 75.23 -57.43 -113.63
CA ILE C 436 75.36 -57.78 -115.04
C ILE C 436 74.33 -57.04 -115.88
N SER C 437 73.11 -56.86 -115.33
CA SER C 437 72.12 -56.07 -116.04
C SER C 437 72.60 -54.65 -116.26
N THR C 438 73.27 -54.07 -115.26
CA THR C 438 73.80 -52.71 -115.39
C THR C 438 74.86 -52.64 -116.49
N VAL C 439 75.74 -53.63 -116.57
CA VAL C 439 76.75 -53.63 -117.62
C VAL C 439 76.10 -53.70 -118.99
N ARG C 440 75.10 -54.57 -119.15
CA ARG C 440 74.42 -54.62 -120.45
C ARG C 440 73.71 -53.30 -120.76
N GLN C 441 73.08 -52.70 -119.76
CA GLN C 441 72.33 -51.47 -119.96
C GLN C 441 73.25 -50.32 -120.35
N CYS C 442 74.43 -50.25 -119.74
CA CYS C 442 75.37 -49.17 -120.02
C CYS C 442 76.35 -49.50 -121.12
N THR C 443 76.22 -50.69 -121.72
CA THR C 443 76.88 -50.95 -122.99
C THR C 443 75.94 -50.82 -124.19
N LYS C 444 74.63 -50.88 -123.96
CA LYS C 444 73.67 -50.73 -125.06
C LYS C 444 73.94 -49.47 -125.88
N LYS C 445 74.31 -48.38 -125.24
CA LYS C 445 74.57 -47.12 -125.95
C LYS C 445 75.85 -47.15 -126.75
N LEU C 446 76.54 -48.29 -126.85
CA LEU C 446 77.74 -48.40 -127.67
C LEU C 446 77.42 -49.01 -129.04
N GLN C 447 76.13 -49.14 -129.36
CA GLN C 447 75.67 -49.77 -130.59
C GLN C 447 76.19 -49.07 -131.85
N GLN C 448 76.94 -47.98 -131.69
CA GLN C 448 77.58 -47.35 -132.83
C GLN C 448 78.49 -48.34 -133.56
N TYR C 449 79.34 -49.03 -132.81
CA TYR C 449 80.14 -50.11 -133.38
C TYR C 449 79.59 -51.44 -132.91
N PRO C 450 79.07 -52.28 -133.80
CA PRO C 450 78.85 -53.68 -133.44
C PRO C 450 80.18 -54.41 -133.41
N ARG C 451 80.14 -55.65 -132.91
CA ARG C 451 81.28 -56.53 -132.79
C ARG C 451 82.29 -56.05 -131.76
N LEU C 452 82.09 -54.88 -131.16
CA LEU C 452 82.88 -54.44 -130.02
C LEU C 452 82.08 -54.41 -128.73
N ARG C 453 80.79 -54.08 -128.80
CA ARG C 453 79.94 -54.23 -127.64
C ARG C 453 79.89 -55.68 -127.19
N GLU C 454 79.87 -56.61 -128.15
CA GLU C 454 79.89 -58.02 -127.81
C GLU C 454 81.14 -58.39 -127.05
N GLU C 455 82.31 -57.95 -127.54
CA GLU C 455 83.57 -58.23 -126.84
C GLU C 455 83.60 -57.60 -125.46
N MET C 456 83.16 -56.35 -125.35
CA MET C 456 83.21 -55.66 -124.08
C MET C 456 82.31 -56.34 -123.04
N GLU C 457 81.09 -56.70 -123.43
CA GLU C 457 80.20 -57.41 -122.53
C GLU C 457 80.77 -58.78 -122.19
N ARG C 458 81.29 -59.51 -123.18
CA ARG C 458 81.86 -60.82 -122.98
C ARG C 458 83.07 -60.80 -122.07
N ILE C 459 83.78 -59.69 -121.98
CA ILE C 459 84.92 -59.60 -121.08
C ILE C 459 84.48 -59.19 -119.68
N VAL C 460 83.67 -58.15 -119.57
CA VAL C 460 83.27 -57.68 -118.24
C VAL C 460 82.44 -58.73 -117.52
N THR C 461 81.50 -59.37 -118.22
CA THR C 461 80.66 -60.37 -117.58
C THR C 461 81.47 -61.59 -117.16
N THR C 462 82.43 -62.00 -117.99
CA THR C 462 83.29 -63.11 -117.58
C THR C 462 84.12 -62.73 -116.36
N HIS C 463 84.58 -61.49 -116.28
CA HIS C 463 85.30 -61.05 -115.09
C HIS C 463 84.41 -61.11 -113.85
N ILE C 464 83.17 -60.66 -113.98
CA ILE C 464 82.25 -60.68 -112.85
C ILE C 464 81.98 -62.11 -112.40
N ARG C 465 81.81 -63.02 -113.37
CA ARG C 465 81.59 -64.43 -113.02
C ARG C 465 82.83 -65.03 -112.37
N GLU C 466 84.02 -64.70 -112.87
CA GLU C 466 85.25 -65.17 -112.25
C GLU C 466 85.46 -64.60 -110.87
N ARG C 467 84.79 -63.49 -110.54
CA ARG C 467 84.87 -62.91 -109.22
C ARG C 467 83.78 -63.41 -108.26
N GLU C 468 82.67 -63.94 -108.80
CA GLU C 468 81.61 -64.42 -107.92
C GLU C 468 82.09 -65.57 -107.05
N GLY C 469 82.98 -66.42 -107.59
CA GLY C 469 83.51 -67.51 -106.79
C GLY C 469 84.25 -67.03 -105.56
N ARG C 470 85.14 -66.05 -105.75
CA ARG C 470 85.90 -65.52 -104.62
C ARG C 470 84.99 -64.82 -103.62
N THR C 471 84.01 -64.04 -104.10
CA THR C 471 83.19 -63.34 -103.13
C THR C 471 82.29 -64.30 -102.36
N LYS C 472 81.78 -65.34 -103.01
CA LYS C 472 80.99 -66.34 -102.30
C LYS C 472 81.85 -67.10 -101.31
N GLU C 473 83.09 -67.41 -101.67
CA GLU C 473 83.99 -68.07 -100.74
C GLU C 473 84.22 -67.23 -99.49
N GLN C 474 84.49 -65.94 -99.67
CA GLN C 474 84.68 -65.07 -98.50
C GLN C 474 83.39 -64.92 -97.71
N VAL C 475 82.24 -64.89 -98.39
CA VAL C 475 80.96 -64.79 -97.69
C VAL C 475 80.75 -65.99 -96.78
N MET C 476 81.00 -67.19 -97.31
CA MET C 476 80.89 -68.39 -96.47
C MET C 476 81.90 -68.35 -95.33
N LEU C 477 83.12 -67.93 -95.62
CA LEU C 477 84.17 -67.96 -94.59
C LEU C 477 83.88 -66.97 -93.47
N LEU C 478 83.21 -65.86 -93.75
CA LEU C 478 82.90 -64.90 -92.69
C LEU C 478 81.98 -65.53 -91.63
N ILE C 479 80.86 -66.11 -92.05
CA ILE C 479 79.97 -66.74 -91.08
C ILE C 479 80.62 -67.99 -90.49
N ASP C 480 81.44 -68.70 -91.27
CA ASP C 480 82.15 -69.84 -90.71
C ASP C 480 83.09 -69.40 -89.59
N ILE C 481 83.66 -68.21 -89.72
CA ILE C 481 84.40 -67.61 -88.61
C ILE C 481 83.47 -67.31 -87.46
N GLU C 482 82.30 -66.76 -87.76
CA GLU C 482 81.34 -66.44 -86.70
C GLU C 482 80.94 -67.68 -85.90
N LEU C 483 80.97 -68.85 -86.52
CA LEU C 483 80.69 -70.10 -85.83
C LEU C 483 81.84 -70.59 -84.95
N ALA C 484 82.80 -69.75 -84.61
CA ALA C 484 83.98 -70.25 -83.89
C ALA C 484 84.04 -69.88 -82.42
N TYR C 485 83.71 -68.65 -82.05
CA TYR C 485 84.08 -68.18 -80.71
C TYR C 485 82.90 -67.84 -79.81
N MET C 486 81.82 -67.30 -80.36
CA MET C 486 80.64 -66.94 -79.56
C MET C 486 81.01 -65.95 -78.45
N ASN C 487 81.48 -64.77 -78.87
CA ASN C 487 81.92 -63.76 -77.93
C ASN C 487 80.76 -63.31 -77.03
N THR C 488 81.07 -63.11 -75.75
CA THR C 488 80.02 -62.71 -74.82
C THR C 488 80.50 -61.55 -73.94
N ASN C 489 81.71 -61.04 -74.15
CA ASN C 489 82.16 -59.84 -73.47
C ASN C 489 81.93 -58.62 -74.38
N HIS C 490 81.08 -58.76 -75.38
CA HIS C 490 80.60 -57.65 -76.19
C HIS C 490 79.55 -56.89 -75.39
N GLU C 491 78.84 -55.98 -76.04
CA GLU C 491 77.74 -55.33 -75.31
C GLU C 491 76.56 -56.28 -75.06
N ASP C 492 76.68 -57.55 -75.39
CA ASP C 492 75.73 -58.56 -74.94
C ASP C 492 75.64 -58.52 -73.41
N PHE C 493 74.41 -58.38 -72.91
CA PHE C 493 74.21 -58.27 -71.47
C PHE C 493 74.49 -59.60 -70.78
N ILE C 494 74.96 -59.51 -69.54
CA ILE C 494 75.26 -60.70 -68.76
C ILE C 494 73.99 -61.49 -68.47
N PRO C 653 60.46 -77.55 -62.90
CA PRO C 653 61.63 -77.67 -62.02
C PRO C 653 62.57 -76.48 -62.15
N GLN C 654 63.87 -76.75 -62.11
CA GLN C 654 64.88 -75.77 -62.44
C GLN C 654 65.14 -75.70 -63.94
N LEU C 655 64.66 -76.68 -64.69
CA LEU C 655 64.88 -76.71 -66.13
C LEU C 655 64.21 -75.53 -66.82
N GLU C 656 63.00 -75.17 -66.39
CA GLU C 656 62.31 -74.05 -67.04
C GLU C 656 63.06 -72.75 -66.84
N ARG C 657 63.55 -72.49 -65.62
CA ARG C 657 64.32 -71.27 -65.40
C ARG C 657 65.62 -71.30 -66.17
N GLN C 658 66.30 -72.46 -66.22
CA GLN C 658 67.54 -72.56 -66.98
C GLN C 658 67.29 -72.30 -68.47
N VAL C 659 66.22 -72.87 -69.02
CA VAL C 659 65.93 -72.69 -70.44
C VAL C 659 65.51 -71.26 -70.74
N GLU C 660 64.76 -70.62 -69.83
CA GLU C 660 64.42 -69.22 -70.04
C GLU C 660 65.67 -68.36 -70.04
N THR C 661 66.60 -68.62 -69.11
CA THR C 661 67.84 -67.86 -69.08
C THR C 661 68.68 -68.12 -70.33
N ILE C 662 68.62 -69.34 -70.87
CA ILE C 662 69.38 -69.64 -72.08
C ILE C 662 68.76 -68.94 -73.28
N ARG C 663 67.42 -68.90 -73.35
CA ARG C 663 66.76 -68.25 -74.47
C ARG C 663 66.97 -66.74 -74.46
N ASN C 664 66.88 -66.12 -73.28
CA ASN C 664 67.10 -64.69 -73.19
C ASN C 664 68.50 -64.28 -73.63
N LEU C 665 69.44 -65.23 -73.63
CA LEU C 665 70.79 -64.97 -74.11
C LEU C 665 70.95 -65.36 -75.59
N VAL C 666 70.30 -66.44 -76.00
CA VAL C 666 70.37 -66.88 -77.38
C VAL C 666 69.77 -65.82 -78.29
N ASP C 667 68.63 -65.24 -77.91
CA ASP C 667 68.03 -64.20 -78.72
C ASP C 667 68.95 -62.98 -78.84
N SER C 668 69.58 -62.58 -77.73
CA SER C 668 70.47 -61.43 -77.77
C SER C 668 71.65 -61.71 -78.70
N TYR C 669 72.27 -62.88 -78.58
CA TYR C 669 73.41 -63.16 -79.43
C TYR C 669 73.00 -63.35 -80.89
N MET C 670 71.79 -63.85 -81.12
CA MET C 670 71.27 -63.89 -82.49
C MET C 670 71.16 -62.49 -83.07
N ALA C 671 70.66 -61.54 -82.28
CA ALA C 671 70.59 -60.16 -82.76
C ALA C 671 71.98 -59.59 -83.01
N ILE C 672 72.93 -59.88 -82.11
CA ILE C 672 74.26 -59.28 -82.24
C ILE C 672 75.07 -59.92 -83.36
N VAL C 673 74.79 -61.16 -83.72
CA VAL C 673 75.43 -61.72 -84.90
C VAL C 673 74.71 -61.30 -86.17
N ASN C 674 73.41 -61.05 -86.09
CA ASN C 674 72.70 -60.50 -87.24
C ASN C 674 73.21 -59.11 -87.58
N LYS C 675 73.46 -58.28 -86.56
CA LYS C 675 74.01 -56.95 -86.82
C LYS C 675 75.36 -57.04 -87.51
N THR C 676 76.23 -57.93 -87.03
CA THR C 676 77.57 -58.04 -87.56
C THR C 676 77.62 -58.67 -88.95
N VAL C 677 76.68 -59.56 -89.27
CA VAL C 677 76.65 -60.07 -90.63
C VAL C 677 75.95 -59.09 -91.57
N ARG C 678 75.01 -58.31 -91.06
CA ARG C 678 74.34 -57.29 -91.86
C ARG C 678 75.26 -56.13 -92.20
N ASP C 679 76.19 -55.79 -91.32
CA ASP C 679 77.14 -54.73 -91.61
C ASP C 679 78.31 -55.18 -92.47
N LEU C 680 78.51 -56.48 -92.62
CA LEU C 680 79.65 -56.99 -93.38
C LEU C 680 79.26 -57.83 -94.57
N MET C 681 77.98 -57.98 -94.88
CA MET C 681 77.63 -58.59 -96.16
C MET C 681 77.80 -57.60 -97.30
N PRO C 682 77.29 -56.35 -97.18
CA PRO C 682 77.57 -55.36 -98.23
C PRO C 682 79.06 -55.18 -98.45
N LYS C 683 79.77 -54.83 -97.39
CA LYS C 683 81.21 -54.57 -97.51
C LYS C 683 81.93 -55.76 -98.11
N THR C 684 81.55 -56.98 -97.73
CA THR C 684 82.19 -58.16 -98.30
C THR C 684 81.93 -58.25 -99.79
N ILE C 685 80.69 -58.03 -100.23
CA ILE C 685 80.38 -58.15 -101.65
C ILE C 685 81.17 -57.13 -102.45
N MET C 686 81.16 -55.87 -102.01
CA MET C 686 81.66 -54.78 -102.83
C MET C 686 83.18 -54.75 -102.88
N HIS C 687 83.84 -55.00 -101.74
CA HIS C 687 85.30 -55.01 -101.75
C HIS C 687 85.84 -56.09 -102.67
N LEU C 688 85.06 -57.13 -102.93
CA LEU C 688 85.49 -58.19 -103.82
C LEU C 688 84.90 -58.09 -105.22
N MET C 689 83.65 -57.66 -105.34
CA MET C 689 82.95 -57.62 -106.62
C MET C 689 83.01 -56.25 -107.27
N ILE C 690 82.48 -55.23 -106.61
CA ILE C 690 82.23 -53.95 -107.27
C ILE C 690 83.48 -53.09 -107.27
N ASN C 691 84.07 -52.87 -106.10
CA ASN C 691 85.29 -52.08 -106.04
C ASN C 691 86.48 -52.82 -106.62
N ASN C 692 86.25 -53.98 -107.23
CA ASN C 692 87.26 -54.65 -108.04
C ASN C 692 86.92 -54.67 -109.52
N THR C 693 85.64 -54.83 -109.88
CA THR C 693 85.28 -54.71 -111.28
C THR C 693 85.46 -53.28 -111.76
N LYS C 694 85.29 -52.30 -110.87
CA LYS C 694 85.55 -50.91 -111.22
C LYS C 694 87.01 -50.70 -111.59
N GLU C 695 87.92 -51.22 -110.78
CA GLU C 695 89.33 -51.12 -111.11
C GLU C 695 89.69 -51.94 -112.34
N PHE C 696 89.03 -53.08 -112.55
CA PHE C 696 89.25 -53.81 -113.79
C PHE C 696 88.86 -52.97 -114.99
N ILE C 697 87.72 -52.28 -114.91
CA ILE C 697 87.29 -51.42 -116.01
C ILE C 697 88.30 -50.30 -116.23
N PHE C 698 88.72 -49.65 -115.15
CA PHE C 698 89.58 -48.48 -115.27
C PHE C 698 91.03 -48.83 -115.59
N SER C 699 91.45 -50.08 -115.44
CA SER C 699 92.85 -50.43 -115.67
C SER C 699 93.04 -51.46 -116.78
N GLU C 700 92.35 -52.59 -116.72
CA GLU C 700 92.73 -53.75 -117.52
C GLU C 700 91.88 -53.95 -118.77
N LEU C 701 90.71 -53.30 -118.86
CA LEU C 701 89.84 -53.52 -120.02
C LEU C 701 90.53 -53.11 -121.31
N LEU C 702 91.24 -51.98 -121.28
CA LEU C 702 91.89 -51.48 -122.49
C LEU C 702 92.92 -52.46 -123.01
N ALA C 703 93.70 -53.07 -122.11
CA ALA C 703 94.71 -54.03 -122.55
C ALA C 703 94.07 -55.22 -123.24
N ASN C 704 93.02 -55.80 -122.65
CA ASN C 704 92.37 -56.95 -123.27
C ASN C 704 91.79 -56.59 -124.63
N LEU C 705 91.10 -55.46 -124.70
CA LEU C 705 90.45 -55.07 -125.95
C LEU C 705 91.48 -54.81 -127.05
N TYR C 706 92.60 -54.15 -126.71
CA TYR C 706 93.59 -53.88 -127.73
C TYR C 706 94.38 -55.13 -128.09
N SER C 707 94.52 -56.07 -127.15
CA SER C 707 95.34 -57.27 -127.39
C SER C 707 94.58 -58.35 -128.13
N CYS C 708 93.25 -58.39 -128.04
CA CYS C 708 92.51 -59.39 -128.79
C CYS C 708 92.72 -59.17 -130.28
N GLY C 709 92.73 -60.27 -131.03
CA GLY C 709 93.17 -60.24 -132.41
C GLY C 709 92.19 -59.54 -133.33
N ASP C 710 92.68 -59.28 -134.54
CA ASP C 710 91.91 -58.69 -135.64
C ASP C 710 91.35 -57.32 -135.25
N GLN C 711 92.28 -56.39 -135.05
CA GLN C 711 91.94 -55.00 -134.78
C GLN C 711 91.00 -54.44 -135.84
N ASN C 712 91.20 -54.82 -137.11
CA ASN C 712 90.38 -54.28 -138.18
C ASN C 712 88.91 -54.68 -138.05
N THR C 713 88.63 -55.81 -137.40
CA THR C 713 87.26 -56.26 -137.23
C THR C 713 86.71 -56.01 -135.83
N LEU C 714 87.58 -55.70 -134.86
CA LEU C 714 87.04 -55.33 -133.56
C LEU C 714 86.23 -54.04 -133.64
N MET C 715 86.66 -53.09 -134.47
CA MET C 715 85.89 -51.89 -134.75
C MET C 715 85.29 -52.02 -136.15
N GLU C 716 84.07 -52.54 -136.21
CA GLU C 716 83.28 -52.55 -137.44
C GLU C 716 82.47 -51.27 -137.52
N GLU C 717 82.66 -50.52 -138.60
CA GLU C 717 81.75 -49.43 -138.89
C GLU C 717 80.36 -50.00 -139.11
N SER C 718 79.40 -49.51 -138.34
CA SER C 718 78.01 -49.87 -138.58
C SER C 718 77.50 -49.13 -139.79
N ALA C 719 76.59 -49.77 -140.52
CA ALA C 719 76.00 -49.13 -141.69
C ALA C 719 75.37 -47.78 -141.31
N GLU C 720 74.78 -47.70 -140.12
CA GLU C 720 74.13 -46.47 -139.69
C GLU C 720 75.14 -45.32 -139.62
N GLN C 721 76.24 -45.52 -138.90
CA GLN C 721 77.18 -44.41 -138.74
C GLN C 721 77.94 -44.14 -140.02
N ALA C 722 78.21 -45.18 -140.83
CA ALA C 722 78.94 -44.96 -142.07
C ALA C 722 78.11 -44.18 -143.08
N GLN C 723 76.83 -44.56 -143.26
CA GLN C 723 75.95 -43.81 -144.13
C GLN C 723 75.73 -42.40 -143.61
N ARG C 724 75.57 -42.26 -142.28
CA ARG C 724 75.40 -40.92 -141.72
C ARG C 724 76.63 -40.06 -141.98
N ARG C 725 77.83 -40.63 -141.84
CA ARG C 725 79.05 -39.89 -142.04
C ARG C 725 79.20 -39.45 -143.49
N ASP C 726 78.94 -40.37 -144.44
CA ASP C 726 79.04 -40.00 -145.85
C ASP C 726 78.01 -38.94 -146.21
N GLU C 727 76.79 -39.05 -145.66
CA GLU C 727 75.76 -38.07 -145.97
C GLU C 727 76.09 -36.72 -145.34
N MET C 728 76.72 -36.71 -144.17
CA MET C 728 77.29 -35.48 -143.62
C MET C 728 78.31 -34.87 -144.58
N LEU C 729 79.20 -35.69 -145.14
CA LEU C 729 80.21 -35.16 -146.05
C LEU C 729 79.57 -34.52 -147.27
N ARG C 730 78.59 -35.22 -147.86
CA ARG C 730 77.90 -34.67 -149.02
C ARG C 730 77.13 -33.41 -148.67
N MET C 731 76.51 -33.38 -147.48
CA MET C 731 75.78 -32.21 -147.03
C MET C 731 76.71 -31.01 -146.87
N TYR C 732 77.88 -31.23 -146.29
CA TYR C 732 78.85 -30.15 -146.13
C TYR C 732 79.30 -29.61 -147.48
N HIS C 733 79.59 -30.51 -148.43
CA HIS C 733 79.99 -30.04 -149.76
C HIS C 733 78.87 -29.26 -150.44
N ALA C 734 77.63 -29.74 -150.32
CA ALA C 734 76.50 -29.03 -150.92
C ALA C 734 76.30 -27.67 -150.29
N LEU C 735 76.46 -27.57 -148.97
CA LEU C 735 76.35 -26.26 -148.31
C LEU C 735 77.47 -25.33 -148.74
N LYS C 736 78.68 -25.86 -148.92
CA LYS C 736 79.77 -25.04 -149.44
C LYS C 736 79.42 -24.48 -150.81
N GLU C 737 78.87 -25.33 -151.69
CA GLU C 737 78.46 -24.87 -153.01
C GLU C 737 77.36 -23.82 -152.91
N ALA C 738 76.41 -24.01 -152.00
CA ALA C 738 75.32 -23.07 -151.85
C ALA C 738 75.83 -21.70 -151.39
N LEU C 739 76.76 -21.69 -150.43
CA LEU C 739 77.32 -20.41 -150.00
C LEU C 739 78.19 -19.76 -151.08
N SER C 740 78.87 -20.56 -151.90
CA SER C 740 79.58 -19.97 -153.04
C SER C 740 78.60 -19.34 -154.03
N ILE C 741 77.45 -19.99 -154.25
CA ILE C 741 76.45 -19.42 -155.15
C ILE C 741 75.87 -18.15 -154.58
N ILE C 742 75.62 -18.10 -153.27
CA ILE C 742 75.18 -16.85 -152.65
C ILE C 742 76.22 -15.77 -152.84
N GLY C 743 77.50 -16.11 -152.67
CA GLY C 743 78.54 -15.12 -152.87
C GLY C 743 78.57 -14.57 -154.28
N ASN C 744 78.46 -15.46 -155.27
CA ASN C 744 78.54 -15.04 -156.67
C ASN C 744 77.22 -14.49 -157.21
N ILE C 745 76.14 -14.56 -156.46
CA ILE C 745 74.88 -13.97 -156.87
C ILE C 745 74.63 -12.63 -156.19
N ASN C 746 74.97 -12.52 -154.90
CA ASN C 746 74.78 -11.26 -154.18
C ASN C 746 75.57 -10.13 -154.83
N THR C 747 76.64 -10.45 -155.55
CA THR C 747 77.43 -9.44 -156.24
C THR C 747 76.74 -8.99 -157.53
N ILE D 10 3.04 24.96 -172.90
CA ILE D 10 3.53 24.93 -171.52
C ILE D 10 2.68 23.97 -170.70
N PRO D 11 3.32 23.25 -169.78
CA PRO D 11 2.60 22.22 -169.03
C PRO D 11 1.52 22.79 -168.13
N LEU D 12 0.42 22.02 -168.02
CA LEU D 12 -0.72 22.45 -167.22
C LEU D 12 -0.40 22.51 -165.74
N VAL D 13 0.56 21.72 -165.27
CA VAL D 13 0.98 21.85 -163.87
C VAL D 13 1.67 23.20 -163.64
N ASN D 14 2.49 23.63 -164.60
CA ASN D 14 3.05 24.98 -164.52
C ASN D 14 1.97 26.04 -164.56
N ARG D 15 0.97 25.87 -165.42
CA ARG D 15 -0.10 26.87 -165.47
C ARG D 15 -0.90 26.89 -164.17
N LEU D 16 -1.13 25.72 -163.58
CA LEU D 16 -1.81 25.67 -162.29
C LEU D 16 -0.99 26.35 -161.20
N GLN D 17 0.32 26.15 -161.20
CA GLN D 17 1.16 26.84 -160.23
C GLN D 17 1.15 28.34 -160.45
N ASP D 18 1.13 28.78 -161.71
CA ASP D 18 1.01 30.20 -162.01
C ASP D 18 -0.30 30.75 -161.45
N ALA D 19 -1.40 30.02 -161.62
CA ALA D 19 -2.68 30.47 -161.09
C ALA D 19 -2.65 30.50 -159.56
N PHE D 20 -1.98 29.53 -158.94
CA PHE D 20 -1.87 29.54 -157.49
C PHE D 20 -1.09 30.74 -156.99
N SER D 21 0.02 31.07 -157.65
CA SER D 21 0.75 32.27 -157.30
C SER D 21 -0.11 33.51 -157.50
N ALA D 22 -0.91 33.53 -158.57
CA ALA D 22 -1.78 34.67 -158.83
C ALA D 22 -2.80 34.86 -157.72
N ILE D 23 -3.46 33.77 -157.30
CA ILE D 23 -4.40 33.91 -156.19
C ILE D 23 -3.66 34.22 -154.90
N GLY D 24 -2.37 33.92 -154.83
CA GLY D 24 -1.53 34.34 -153.73
C GLY D 24 -1.83 33.73 -152.39
N GLN D 25 -2.88 32.92 -152.28
CA GLN D 25 -3.14 32.23 -151.03
C GLN D 25 -2.01 31.25 -150.74
N ASN D 26 -1.73 31.04 -149.46
CA ASN D 26 -0.59 30.23 -149.04
C ASN D 26 -0.87 28.74 -149.24
N ALA D 27 -1.14 28.39 -150.50
CA ALA D 27 -1.39 27.01 -150.91
C ALA D 27 -0.30 26.56 -151.88
N ASP D 28 -0.10 25.25 -151.93
CA ASP D 28 0.91 24.67 -152.79
C ASP D 28 0.43 23.32 -153.30
N LEU D 29 0.96 22.92 -154.45
CA LEU D 29 0.58 21.65 -155.03
C LEU D 29 1.19 20.46 -154.29
N ASP D 30 2.14 20.72 -153.39
CA ASP D 30 2.76 19.68 -152.56
C ASP D 30 3.46 18.62 -153.41
N LEU D 31 4.37 19.07 -154.26
CA LEU D 31 5.16 18.16 -155.06
C LEU D 31 6.20 17.47 -154.19
N PRO D 32 6.60 16.25 -154.54
CA PRO D 32 7.73 15.61 -153.84
C PRO D 32 9.04 16.29 -154.19
N GLN D 33 9.98 16.23 -153.27
CA GLN D 33 11.30 16.78 -153.53
C GLN D 33 12.07 15.86 -154.47
N ILE D 34 13.10 16.42 -155.09
CA ILE D 34 13.96 15.67 -156.00
C ILE D 34 15.37 15.69 -155.45
N ALA D 35 16.03 14.54 -155.47
CA ALA D 35 17.43 14.44 -155.05
C ALA D 35 18.22 13.80 -156.18
N VAL D 36 19.32 14.44 -156.56
CA VAL D 36 20.20 13.92 -157.61
C VAL D 36 21.41 13.29 -156.94
N VAL D 37 21.67 12.01 -157.22
CA VAL D 37 22.74 11.28 -156.56
C VAL D 37 23.45 10.41 -157.59
N GLY D 38 24.71 10.12 -157.29
CA GLY D 38 25.52 9.31 -158.18
C GLY D 38 26.94 9.22 -157.68
N GLY D 39 27.80 8.68 -158.52
CA GLY D 39 29.22 8.61 -158.20
C GLY D 39 29.91 9.93 -158.44
N GLN D 40 31.13 10.03 -157.91
CA GLN D 40 31.91 11.24 -158.11
C GLN D 40 32.24 11.41 -159.59
N SER D 41 32.15 12.64 -160.08
CA SER D 41 32.37 13.01 -161.47
C SER D 41 31.38 12.31 -162.42
N ALA D 42 30.20 11.96 -161.92
CA ALA D 42 29.19 11.34 -162.80
C ALA D 42 28.60 12.38 -163.75
N GLY D 43 28.26 13.56 -163.24
CA GLY D 43 27.58 14.56 -164.04
C GLY D 43 26.32 15.06 -163.36
N LYS D 44 26.25 14.84 -162.05
CA LYS D 44 25.03 15.13 -161.29
C LYS D 44 24.68 16.62 -161.34
N SER D 45 25.65 17.47 -161.01
CA SER D 45 25.39 18.91 -161.00
C SER D 45 25.03 19.42 -162.40
N SER D 46 25.71 18.90 -163.42
CA SER D 46 25.42 19.33 -164.79
C SER D 46 24.01 18.95 -165.20
N VAL D 47 23.58 17.73 -164.89
CA VAL D 47 22.21 17.32 -165.19
C VAL D 47 21.22 18.21 -164.43
N LEU D 48 21.51 18.50 -163.17
CA LEU D 48 20.60 19.33 -162.39
C LEU D 48 20.46 20.73 -163.00
N GLU D 49 21.58 21.35 -163.39
CA GLU D 49 21.48 22.70 -163.92
C GLU D 49 20.82 22.69 -165.29
N ASN D 50 21.04 21.64 -166.09
CA ASN D 50 20.39 21.58 -167.39
C ASN D 50 18.89 21.35 -167.25
N PHE D 51 18.47 20.61 -166.21
CA PHE D 51 17.05 20.48 -165.93
C PHE D 51 16.45 21.80 -165.46
N VAL D 52 17.21 22.56 -164.65
CA VAL D 52 16.74 23.88 -164.25
C VAL D 52 16.58 24.79 -165.46
N GLY D 53 17.57 24.76 -166.36
CA GLY D 53 17.55 25.55 -167.57
C GLY D 53 18.58 26.67 -167.59
N ARG D 54 19.19 26.99 -166.46
CA ARG D 54 20.10 28.12 -166.35
C ARG D 54 21.33 27.70 -165.57
N ASP D 55 22.50 28.16 -166.03
CA ASP D 55 23.79 27.66 -165.56
C ASP D 55 24.23 28.45 -164.33
N PHE D 56 24.03 27.86 -163.15
CA PHE D 56 24.42 28.51 -161.90
C PHE D 56 25.00 27.51 -160.90
N LEU D 57 25.63 26.44 -161.38
CA LEU D 57 26.14 25.42 -160.49
C LEU D 57 27.61 25.16 -160.74
N PRO D 58 28.38 24.84 -159.70
CA PRO D 58 29.81 24.54 -159.88
C PRO D 58 29.99 23.23 -160.61
N ARG D 59 30.73 23.27 -161.72
CA ARG D 59 30.93 22.09 -162.56
C ARG D 59 32.38 22.07 -163.04
N GLY D 60 33.12 21.06 -162.63
CA GLY D 60 34.51 20.90 -163.06
C GLY D 60 35.01 19.50 -162.76
N SER D 61 36.20 19.21 -163.26
CA SER D 61 36.82 17.92 -162.99
C SER D 61 37.25 17.84 -161.53
N GLY D 62 37.36 16.61 -161.05
CA GLY D 62 37.70 16.40 -159.65
C GLY D 62 36.47 16.53 -158.76
N ILE D 63 36.74 16.75 -157.48
CA ILE D 63 35.67 16.96 -156.50
C ILE D 63 35.24 18.42 -156.57
N VAL D 64 33.96 18.64 -156.88
CA VAL D 64 33.45 19.99 -157.07
C VAL D 64 32.25 20.22 -156.15
N THR D 65 31.20 19.43 -156.34
CA THR D 65 29.98 19.54 -155.53
C THR D 65 30.27 18.94 -154.17
N ARG D 66 30.90 19.74 -153.31
CA ARG D 66 31.41 19.26 -152.03
C ARG D 66 30.56 19.70 -150.84
N ARG D 67 29.29 20.04 -151.07
CA ARG D 67 28.41 20.41 -149.98
C ARG D 67 26.97 20.32 -150.45
N PRO D 68 26.07 19.74 -149.65
CA PRO D 68 24.70 19.50 -150.13
C PRO D 68 23.96 20.80 -150.40
N LEU D 69 23.63 21.03 -151.67
CA LEU D 69 22.93 22.24 -152.08
C LEU D 69 21.43 21.95 -152.13
N VAL D 70 20.68 22.57 -151.22
CA VAL D 70 19.23 22.44 -151.18
C VAL D 70 18.66 23.62 -151.97
N LEU D 71 18.44 23.39 -153.25
CA LEU D 71 17.79 24.33 -154.14
C LEU D 71 16.28 24.32 -153.93
N GLN D 72 15.67 25.49 -154.00
CA GLN D 72 14.21 25.61 -154.05
C GLN D 72 13.84 26.50 -155.22
N LEU D 73 13.40 25.89 -156.31
CA LEU D 73 12.81 26.65 -157.41
C LEU D 73 11.41 27.07 -157.03
N VAL D 74 11.14 28.37 -157.09
CA VAL D 74 9.83 28.91 -156.77
C VAL D 74 9.39 29.83 -157.89
N ASN D 75 8.10 30.15 -157.90
CA ASN D 75 7.49 30.94 -158.96
C ASN D 75 7.28 32.38 -158.50
N ALA D 76 7.62 33.31 -159.38
CA ALA D 76 7.43 34.74 -159.11
C ALA D 76 7.43 35.47 -160.44
N THR D 77 7.35 36.80 -160.37
CA THR D 77 7.23 37.60 -161.58
C THR D 77 8.49 37.51 -162.44
N THR D 78 9.66 37.74 -161.83
CA THR D 78 10.92 37.69 -162.56
C THR D 78 11.98 37.04 -161.69
N GLU D 79 13.08 36.65 -162.34
CA GLU D 79 14.03 35.71 -161.78
C GLU D 79 15.15 36.38 -161.01
N TYR D 80 15.52 35.78 -159.88
CA TYR D 80 16.70 36.12 -159.12
C TYR D 80 17.00 34.93 -158.20
N ALA D 81 17.95 35.12 -157.29
CA ALA D 81 18.30 34.06 -156.36
C ALA D 81 18.68 34.65 -155.02
N GLU D 82 18.35 33.94 -153.95
CA GLU D 82 18.69 34.36 -152.60
C GLU D 82 19.19 33.17 -151.79
N PHE D 83 20.25 33.39 -151.03
CA PHE D 83 20.77 32.38 -150.12
C PHE D 83 20.11 32.59 -148.76
N LEU D 84 20.60 31.87 -147.74
CA LEU D 84 20.19 32.10 -146.37
C LEU D 84 21.33 32.64 -145.51
N HIS D 85 22.34 33.21 -146.13
CA HIS D 85 23.39 33.91 -145.40
C HIS D 85 23.58 35.34 -145.88
N CYS D 86 23.43 35.60 -147.17
CA CYS D 86 23.43 36.97 -147.69
C CYS D 86 22.03 37.55 -147.66
N LYS D 87 21.46 37.58 -146.45
CA LYS D 87 20.07 37.99 -146.26
C LYS D 87 19.86 39.40 -146.77
N GLY D 88 18.80 39.58 -147.55
CA GLY D 88 18.48 40.84 -148.17
C GLY D 88 19.05 40.97 -149.58
N LYS D 89 20.24 40.43 -149.80
CA LYS D 89 20.87 40.52 -151.11
C LYS D 89 20.09 39.69 -152.13
N LYS D 90 20.06 40.18 -153.37
CA LYS D 90 19.34 39.53 -154.45
C LYS D 90 20.32 39.27 -155.59
N PHE D 91 20.99 38.12 -155.54
CA PHE D 91 21.88 37.72 -156.61
C PHE D 91 21.09 37.59 -157.90
N THR D 92 21.62 38.17 -158.97
CA THR D 92 20.91 38.20 -160.24
C THR D 92 21.69 37.60 -161.40
N ASP D 93 23.00 37.81 -161.45
CA ASP D 93 23.82 37.22 -162.50
C ASP D 93 24.45 35.92 -162.01
N PHE D 94 24.30 34.89 -162.82
CA PHE D 94 24.58 33.53 -162.37
C PHE D 94 26.07 33.24 -162.26
N GLU D 95 26.93 34.00 -162.93
CA GLU D 95 28.35 33.91 -162.63
C GLU D 95 28.61 34.30 -161.18
N GLU D 96 28.01 35.40 -160.73
CA GLU D 96 28.13 35.78 -159.33
C GLU D 96 27.49 34.74 -158.43
N VAL D 97 26.37 34.15 -158.85
CA VAL D 97 25.73 33.12 -158.03
C VAL D 97 26.67 31.93 -157.85
N ARG D 98 27.29 31.47 -158.93
CA ARG D 98 28.20 30.33 -158.86
C ARG D 98 29.43 30.64 -158.01
N LEU D 99 29.99 31.84 -158.18
CA LEU D 99 31.15 32.21 -157.37
C LEU D 99 30.78 32.27 -155.89
N GLU D 100 29.61 32.81 -155.57
CA GLU D 100 29.17 32.82 -154.18
C GLU D 100 28.98 31.41 -153.65
N ILE D 101 28.44 30.50 -154.49
CA ILE D 101 28.25 29.13 -154.06
C ILE D 101 29.59 28.49 -153.70
N GLU D 102 30.57 28.60 -154.59
CA GLU D 102 31.85 27.96 -154.33
C GLU D 102 32.56 28.59 -153.15
N ALA D 103 32.46 29.91 -153.00
CA ALA D 103 33.06 30.58 -151.85
C ALA D 103 32.40 30.12 -150.56
N GLU D 104 31.07 29.96 -150.57
CA GLU D 104 30.37 29.49 -149.38
C GLU D 104 30.79 28.08 -149.02
N THR D 105 30.95 27.21 -150.03
CA THR D 105 31.44 25.87 -149.77
C THR D 105 32.83 25.91 -149.13
N ASP D 106 33.73 26.74 -149.69
CA ASP D 106 35.10 26.78 -149.20
C ASP D 106 35.17 27.35 -147.79
N ARG D 107 34.29 28.31 -147.46
CA ARG D 107 34.39 28.98 -146.17
C ARG D 107 34.19 28.05 -144.99
N VAL D 108 33.61 26.87 -145.20
CA VAL D 108 33.43 25.88 -144.14
C VAL D 108 34.20 24.60 -144.42
N THR D 109 34.24 24.15 -145.68
CA THR D 109 34.91 22.90 -145.99
C THR D 109 36.42 23.05 -145.98
N GLY D 110 36.93 24.17 -146.47
CA GLY D 110 38.35 24.34 -146.69
C GLY D 110 38.72 24.17 -148.15
N THR D 111 39.98 24.47 -148.45
CA THR D 111 40.50 24.47 -149.81
C THR D 111 41.40 23.28 -150.08
N ASN D 112 41.08 22.13 -149.50
CA ASN D 112 41.85 20.90 -149.70
C ASN D 112 40.90 19.72 -149.90
N LYS D 113 39.86 19.93 -150.70
CA LYS D 113 38.92 18.88 -151.10
C LYS D 113 38.14 18.30 -149.93
N GLY D 114 38.09 19.01 -148.80
CA GLY D 114 37.23 18.58 -147.72
C GLY D 114 35.76 18.82 -148.03
N ILE D 115 34.89 18.13 -147.29
CA ILE D 115 33.45 18.26 -147.46
C ILE D 115 32.81 18.55 -146.11
N SER D 116 31.54 18.96 -146.17
CA SER D 116 30.79 19.30 -144.98
C SER D 116 29.32 18.95 -145.21
N PRO D 117 28.68 18.25 -144.27
CA PRO D 117 27.28 17.85 -144.47
C PRO D 117 26.27 18.95 -144.24
N VAL D 118 26.68 20.15 -143.83
CA VAL D 118 25.74 21.22 -143.53
C VAL D 118 25.18 21.79 -144.83
N PRO D 119 23.86 21.78 -144.98
CA PRO D 119 23.27 22.14 -146.29
C PRO D 119 23.39 23.62 -146.58
N ILE D 120 23.61 23.94 -147.86
CA ILE D 120 23.52 25.29 -148.37
C ILE D 120 22.09 25.49 -148.89
N ASN D 121 21.31 26.30 -148.18
CA ASN D 121 19.91 26.53 -148.54
C ASN D 121 19.85 27.67 -149.53
N LEU D 122 19.45 27.39 -150.77
CA LEU D 122 19.39 28.40 -151.82
C LEU D 122 17.99 28.39 -152.41
N ARG D 123 17.52 29.56 -152.84
CA ARG D 123 16.20 29.68 -153.45
C ARG D 123 16.33 30.48 -154.74
N VAL D 124 15.69 29.99 -155.81
CA VAL D 124 15.69 30.66 -157.09
C VAL D 124 14.24 30.99 -157.43
N TYR D 125 14.03 32.15 -158.06
CA TYR D 125 12.71 32.54 -158.51
C TYR D 125 12.67 32.49 -160.03
N SER D 126 11.53 32.09 -160.57
CA SER D 126 11.39 31.94 -162.02
C SER D 126 9.92 32.08 -162.37
N PRO D 127 9.61 32.50 -163.60
CA PRO D 127 8.19 32.75 -163.94
C PRO D 127 7.37 31.49 -164.14
N HIS D 128 7.96 30.40 -164.63
CA HIS D 128 7.19 29.23 -165.04
C HIS D 128 7.82 27.95 -164.52
N VAL D 129 8.11 27.90 -163.22
CA VAL D 129 8.62 26.69 -162.59
C VAL D 129 7.73 26.35 -161.40
N LEU D 130 7.74 25.07 -161.04
CA LEU D 130 7.01 24.62 -159.86
C LEU D 130 7.72 25.08 -158.60
N ASN D 131 7.02 24.98 -157.47
CA ASN D 131 7.66 25.12 -156.16
C ASN D 131 8.40 23.83 -155.81
N LEU D 132 9.42 23.55 -156.60
CA LEU D 132 10.16 22.31 -156.46
C LEU D 132 11.14 22.42 -155.31
N THR D 133 11.79 21.30 -154.99
CA THR D 133 12.82 21.25 -153.95
C THR D 133 13.91 20.30 -154.46
N LEU D 134 14.91 20.87 -155.12
CA LEU D 134 16.00 20.10 -155.68
C LEU D 134 17.10 19.94 -154.63
N VAL D 135 17.79 18.82 -154.66
CA VAL D 135 18.88 18.56 -153.74
C VAL D 135 20.05 18.01 -154.54
N ASP D 136 21.10 18.82 -154.70
CA ASP D 136 22.35 18.35 -155.26
C ASP D 136 23.23 17.88 -154.13
N LEU D 137 23.89 16.75 -154.32
CA LEU D 137 24.68 16.10 -153.29
C LEU D 137 26.05 15.76 -153.82
N PRO D 138 27.04 15.62 -152.94
CA PRO D 138 28.36 15.14 -153.36
C PRO D 138 28.30 13.70 -153.84
N GLY D 139 29.20 13.37 -154.76
CA GLY D 139 29.29 12.02 -155.25
C GLY D 139 29.86 11.08 -154.19
N MET D 140 29.76 9.79 -154.47
CA MET D 140 30.18 8.77 -153.53
C MET D 140 31.61 8.35 -153.82
N THR D 141 32.46 8.40 -152.80
CA THR D 141 33.86 8.02 -152.91
C THR D 141 34.21 7.03 -151.81
N LYS D 142 35.23 6.22 -152.07
CA LYS D 142 35.66 5.21 -151.11
C LYS D 142 36.99 5.54 -150.44
N VAL D 143 37.99 5.96 -151.20
CA VAL D 143 39.30 6.30 -150.67
C VAL D 143 39.34 7.81 -150.40
N PRO D 144 39.64 8.24 -149.18
CA PRO D 144 39.78 9.68 -148.92
C PRO D 144 40.94 10.27 -149.70
N VAL D 145 40.77 11.52 -150.13
CA VAL D 145 41.79 12.27 -150.84
C VAL D 145 41.92 13.63 -150.16
N GLY D 146 43.12 14.20 -150.23
CA GLY D 146 43.34 15.47 -149.55
C GLY D 146 43.31 15.28 -148.05
N ASP D 147 42.49 16.09 -147.38
CA ASP D 147 42.41 16.07 -145.93
C ASP D 147 41.10 15.47 -145.43
N GLN D 148 40.39 14.73 -146.27
CA GLN D 148 39.15 14.11 -145.84
C GLN D 148 39.43 13.05 -144.76
N PRO D 149 38.51 12.86 -143.84
CA PRO D 149 38.69 11.82 -142.81
C PRO D 149 38.69 10.44 -143.45
N PRO D 150 39.30 9.46 -142.78
CA PRO D 150 39.39 8.11 -143.38
C PRO D 150 38.04 7.46 -143.66
N ASP D 151 36.98 7.89 -142.98
CA ASP D 151 35.64 7.31 -143.18
C ASP D 151 34.80 8.18 -144.11
N ILE D 152 35.43 8.79 -145.12
CA ILE D 152 34.72 9.67 -146.03
C ILE D 152 33.63 8.93 -146.77
N GLU D 153 33.82 7.63 -147.03
CA GLU D 153 32.80 6.86 -147.72
C GLU D 153 31.53 6.79 -146.90
N PHE D 154 31.64 6.40 -145.63
CA PHE D 154 30.47 6.34 -144.76
C PHE D 154 29.88 7.72 -144.54
N GLN D 155 30.74 8.74 -144.45
CA GLN D 155 30.25 10.10 -144.26
C GLN D 155 29.35 10.52 -145.41
N ILE D 156 29.83 10.39 -146.64
CA ILE D 156 29.00 10.75 -147.80
C ILE D 156 27.78 9.86 -147.86
N ARG D 157 27.95 8.57 -147.59
CA ARG D 157 26.84 7.62 -147.69
C ARG D 157 25.69 8.04 -146.79
N ASP D 158 25.93 8.10 -145.48
CA ASP D 158 24.82 8.41 -144.58
C ASP D 158 24.39 9.87 -144.73
N MET D 159 25.29 10.76 -145.16
CA MET D 159 24.92 12.15 -145.39
C MET D 159 23.89 12.28 -146.48
N LEU D 160 24.02 11.54 -147.57
CA LEU D 160 22.99 11.57 -148.60
C LEU D 160 21.84 10.62 -148.30
N MET D 161 22.07 9.61 -147.47
CA MET D 161 20.98 8.73 -147.04
C MET D 161 19.95 9.49 -146.21
N GLN D 162 20.43 10.39 -145.35
CA GLN D 162 19.52 11.19 -144.54
C GLN D 162 18.63 12.09 -145.38
N PHE D 163 18.99 12.33 -146.64
CA PHE D 163 18.15 13.10 -147.55
C PHE D 163 17.33 12.24 -148.49
N VAL D 164 17.80 11.03 -148.83
CA VAL D 164 17.12 10.22 -149.84
C VAL D 164 16.11 9.28 -149.19
N THR D 165 16.46 8.72 -148.03
CA THR D 165 15.64 7.68 -147.43
C THR D 165 14.25 8.17 -147.05
N LYS D 166 14.04 9.48 -146.95
CA LYS D 166 12.70 9.99 -146.70
C LYS D 166 11.81 9.75 -147.91
N GLU D 167 10.51 9.59 -147.65
CA GLU D 167 9.55 9.38 -148.72
C GLU D 167 9.36 10.69 -149.48
N ASN D 168 8.53 10.67 -150.53
CA ASN D 168 8.29 11.77 -151.44
C ASN D 168 9.61 12.43 -151.85
N CYS D 169 10.62 11.61 -152.12
CA CYS D 169 11.94 12.07 -152.55
C CYS D 169 12.31 11.29 -153.80
N LEU D 170 11.94 11.84 -154.96
CA LEU D 170 12.33 11.23 -156.22
C LEU D 170 13.86 11.19 -156.31
N ILE D 171 14.37 10.14 -156.94
CA ILE D 171 15.81 9.93 -157.03
C ILE D 171 16.22 10.01 -158.49
N LEU D 172 17.24 10.81 -158.76
CA LEU D 172 17.89 10.84 -160.07
C LEU D 172 19.22 10.10 -159.91
N ALA D 173 19.25 8.84 -160.34
CA ALA D 173 20.45 8.01 -160.26
C ALA D 173 21.28 8.31 -161.49
N VAL D 174 22.35 9.08 -161.31
CA VAL D 174 23.23 9.48 -162.40
C VAL D 174 24.36 8.48 -162.51
N SER D 175 24.58 7.97 -163.72
CA SER D 175 25.70 7.09 -163.94
C SER D 175 26.37 7.46 -165.26
N PRO D 176 27.69 7.44 -165.31
CA PRO D 176 28.37 7.68 -166.59
C PRO D 176 28.22 6.48 -167.50
N ALA D 177 28.41 6.73 -168.79
CA ALA D 177 28.46 5.67 -169.77
C ALA D 177 29.87 5.13 -169.94
N ASN D 178 30.82 5.64 -169.18
CA ASN D 178 32.20 5.18 -169.29
C ASN D 178 32.41 3.89 -168.51
N SER D 179 32.20 3.93 -167.19
CA SER D 179 32.27 2.73 -166.38
C SER D 179 31.12 1.80 -166.73
N ASP D 180 31.36 0.50 -166.59
CA ASP D 180 30.28 -0.47 -166.76
C ASP D 180 29.19 -0.20 -165.74
N LEU D 181 27.93 -0.37 -166.17
CA LEU D 181 26.79 0.01 -165.34
C LEU D 181 26.79 -0.73 -164.02
N ALA D 182 27.40 -1.91 -163.97
CA ALA D 182 27.40 -2.72 -162.76
C ALA D 182 28.08 -2.03 -161.58
N ASN D 183 28.91 -1.03 -161.83
CA ASN D 183 29.64 -0.34 -160.77
C ASN D 183 28.88 0.86 -160.21
N SER D 184 27.65 1.11 -160.66
CA SER D 184 26.99 2.39 -160.38
C SER D 184 26.68 2.58 -158.90
N ASP D 185 27.44 3.48 -158.27
CA ASP D 185 27.15 3.87 -156.90
C ASP D 185 25.76 4.49 -156.77
N ALA D 186 25.26 5.09 -157.85
CA ALA D 186 23.89 5.61 -157.83
C ALA D 186 22.88 4.48 -157.76
N LEU D 187 23.04 3.47 -158.63
CA LEU D 187 22.10 2.36 -158.64
C LEU D 187 22.15 1.55 -157.36
N LYS D 188 23.32 1.44 -156.74
CA LYS D 188 23.38 0.71 -155.46
C LYS D 188 22.44 1.35 -154.43
N VAL D 189 22.57 2.66 -154.24
CA VAL D 189 21.72 3.36 -153.28
C VAL D 189 20.27 3.34 -153.73
N ALA D 190 20.04 3.47 -155.04
CA ALA D 190 18.68 3.48 -155.56
C ALA D 190 17.96 2.18 -155.24
N LYS D 191 18.59 1.05 -155.53
CA LYS D 191 17.99 -0.24 -155.21
C LYS D 191 18.02 -0.53 -153.71
N GLU D 192 18.87 0.14 -152.94
CA GLU D 192 18.89 -0.07 -151.50
C GLU D 192 17.72 0.62 -150.81
N VAL D 193 17.34 1.81 -151.27
CA VAL D 193 16.33 2.59 -150.57
C VAL D 193 14.98 2.47 -151.24
N ASP D 194 14.97 2.20 -152.55
CA ASP D 194 13.76 2.09 -153.35
C ASP D 194 13.83 0.77 -154.10
N PRO D 195 13.50 -0.33 -153.43
CA PRO D 195 13.67 -1.65 -154.07
C PRO D 195 12.84 -1.82 -155.33
N GLN D 196 11.54 -1.52 -155.27
CA GLN D 196 10.68 -1.69 -156.44
C GLN D 196 10.97 -0.68 -157.54
N GLY D 197 11.75 0.35 -157.26
CA GLY D 197 12.06 1.35 -158.27
C GLY D 197 10.86 2.17 -158.69
N GLN D 198 10.03 2.59 -157.74
CA GLN D 198 8.85 3.38 -158.07
C GLN D 198 9.07 4.88 -157.97
N ARG D 199 10.15 5.32 -157.32
CA ARG D 199 10.50 6.73 -157.25
C ARG D 199 11.96 6.93 -157.65
N THR D 200 12.42 6.12 -158.60
CA THR D 200 13.80 6.16 -159.06
C THR D 200 13.81 6.31 -160.57
N ILE D 201 14.65 7.22 -161.07
CA ILE D 201 14.82 7.42 -162.50
C ILE D 201 16.31 7.40 -162.80
N GLY D 202 16.71 6.60 -163.79
CA GLY D 202 18.11 6.44 -164.13
C GLY D 202 18.49 7.30 -165.32
N VAL D 203 19.61 7.98 -165.21
CA VAL D 203 20.14 8.82 -166.29
C VAL D 203 21.58 8.39 -166.56
N ILE D 204 21.90 8.28 -167.85
CA ILE D 204 23.20 7.86 -168.34
C ILE D 204 23.85 9.07 -169.00
N THR D 205 24.95 9.52 -168.44
CA THR D 205 25.66 10.68 -168.94
C THR D 205 26.88 10.23 -169.76
N LYS D 206 27.59 11.20 -170.32
CA LYS D 206 28.87 10.96 -170.98
C LYS D 206 28.76 9.94 -172.11
N LEU D 207 27.61 9.89 -172.78
CA LEU D 207 27.44 8.95 -173.87
C LEU D 207 28.37 9.23 -175.05
N ASP D 208 29.00 10.40 -175.10
CA ASP D 208 29.96 10.71 -176.13
C ASP D 208 31.37 10.25 -175.79
N LEU D 209 31.59 9.73 -174.59
CA LEU D 209 32.92 9.34 -174.13
C LEU D 209 33.11 7.83 -174.08
N MET D 210 32.28 7.08 -174.79
CA MET D 210 32.38 5.63 -174.76
C MET D 210 33.48 5.15 -175.70
N ASP D 211 34.05 4.00 -175.37
CA ASP D 211 35.17 3.47 -176.13
C ASP D 211 34.76 3.13 -177.55
N GLU D 212 35.73 3.20 -178.46
CA GLU D 212 35.48 2.85 -179.86
C GLU D 212 34.96 1.43 -179.97
N GLY D 213 33.90 1.26 -180.76
CA GLY D 213 33.29 -0.03 -180.95
C GLY D 213 32.31 -0.44 -179.87
N THR D 214 32.15 0.37 -178.83
CA THR D 214 31.19 0.09 -177.77
C THR D 214 30.02 1.05 -177.84
N ASP D 215 28.87 0.59 -177.35
CA ASP D 215 27.67 1.42 -177.34
C ASP D 215 26.82 1.02 -176.15
N ALA D 216 26.00 1.97 -175.69
CA ALA D 216 25.13 1.76 -174.54
C ALA D 216 23.73 1.32 -174.94
N ARG D 217 23.60 0.63 -176.06
CA ARG D 217 22.28 0.18 -176.51
C ARG D 217 21.66 -0.78 -175.50
N ASP D 218 22.44 -1.73 -175.00
CA ASP D 218 21.91 -2.76 -174.13
C ASP D 218 21.37 -2.20 -172.82
N VAL D 219 21.84 -1.01 -172.40
CA VAL D 219 21.41 -0.43 -171.15
C VAL D 219 20.33 0.62 -171.40
N LEU D 220 20.42 1.33 -172.52
CA LEU D 220 19.39 2.33 -172.82
C LEU D 220 18.09 1.68 -173.25
N GLU D 221 18.13 0.48 -173.84
CA GLU D 221 16.91 -0.27 -174.07
C GLU D 221 16.39 -0.94 -172.81
N ASN D 222 16.97 -0.61 -171.65
CA ASN D 222 16.48 -1.07 -170.35
C ASN D 222 16.47 -2.61 -170.28
N LYS D 223 17.44 -3.23 -170.93
CA LYS D 223 17.57 -4.69 -170.93
C LYS D 223 18.66 -5.19 -170.00
N LEU D 224 19.82 -4.53 -169.99
CA LEU D 224 20.94 -5.00 -169.19
C LEU D 224 20.58 -5.01 -167.71
N LEU D 225 20.08 -3.90 -167.19
CA LEU D 225 19.56 -3.82 -165.82
C LEU D 225 18.16 -3.24 -165.91
N PRO D 226 17.15 -4.07 -166.14
CA PRO D 226 15.78 -3.56 -166.28
C PRO D 226 15.31 -2.75 -165.10
N LEU D 227 15.09 -1.46 -165.33
CA LEU D 227 14.53 -0.56 -164.33
C LEU D 227 13.18 -0.08 -164.83
N ARG D 228 12.23 0.09 -163.89
CA ARG D 228 10.85 0.34 -164.27
C ARG D 228 10.70 1.63 -165.08
N ARG D 229 11.37 2.69 -164.64
CA ARG D 229 11.16 4.01 -165.24
C ARG D 229 12.02 4.24 -166.49
N GLY D 230 12.93 3.33 -166.81
CA GLY D 230 13.76 3.48 -167.97
C GLY D 230 14.98 4.34 -167.71
N TYR D 231 15.87 4.37 -168.69
CA TYR D 231 17.12 5.11 -168.61
C TYR D 231 17.13 6.19 -169.67
N ILE D 232 17.35 7.44 -169.24
CA ILE D 232 17.41 8.58 -170.14
C ILE D 232 18.86 8.94 -170.38
N GLY D 233 19.25 9.04 -171.65
CA GLY D 233 20.62 9.33 -172.01
C GLY D 233 20.81 10.80 -172.32
N VAL D 234 21.76 11.43 -171.63
CA VAL D 234 22.05 12.84 -171.81
C VAL D 234 23.51 13.02 -172.16
N VAL D 235 23.81 14.13 -172.85
CA VAL D 235 25.17 14.48 -173.23
C VAL D 235 25.41 15.93 -172.88
N ASN D 236 26.11 16.17 -171.78
CA ASN D 236 26.34 17.52 -171.28
C ASN D 236 27.50 18.17 -172.03
N ARG D 237 27.98 19.29 -171.51
CA ARG D 237 29.12 20.00 -172.09
C ARG D 237 30.42 19.48 -171.50
N SER D 238 31.38 19.19 -172.37
CA SER D 238 32.68 18.70 -171.93
C SER D 238 33.40 19.77 -171.12
N GLN D 239 34.49 19.36 -170.47
CA GLN D 239 35.28 20.31 -169.69
C GLN D 239 35.88 21.39 -170.58
N LYS D 240 36.30 21.03 -171.79
CA LYS D 240 36.78 22.03 -172.73
C LYS D 240 35.69 23.04 -173.05
N ASP D 241 34.46 22.57 -173.26
CA ASP D 241 33.36 23.48 -173.54
C ASP D 241 33.05 24.35 -172.33
N ILE D 242 33.15 23.80 -171.12
CA ILE D 242 32.91 24.59 -169.92
C ILE D 242 33.95 25.70 -169.81
N ASP D 243 35.22 25.39 -170.08
CA ASP D 243 36.24 26.42 -170.05
C ASP D 243 36.05 27.44 -171.17
N GLY D 244 35.56 26.99 -172.33
CA GLY D 244 35.27 27.87 -173.44
C GLY D 244 33.93 28.56 -173.40
N LYS D 245 33.18 28.37 -172.31
CA LYS D 245 31.90 29.04 -172.09
C LYS D 245 30.90 28.72 -173.20
N LYS D 246 30.72 27.42 -173.48
CA LYS D 246 29.71 27.00 -174.42
C LYS D 246 28.32 27.26 -173.87
N ASP D 247 27.41 27.65 -174.75
CA ASP D 247 26.06 28.04 -174.36
C ASP D 247 25.09 26.87 -174.47
N ILE D 248 24.01 26.95 -173.67
CA ILE D 248 23.09 25.84 -173.51
C ILE D 248 22.42 25.49 -174.84
N THR D 249 22.05 26.51 -175.62
CA THR D 249 21.30 26.25 -176.85
C THR D 249 22.13 25.47 -177.86
N ALA D 250 23.37 25.90 -178.11
CA ALA D 250 24.21 25.15 -179.05
C ALA D 250 24.63 23.81 -178.48
N ALA D 251 24.78 23.73 -177.15
CA ALA D 251 25.06 22.43 -176.53
C ALA D 251 23.92 21.45 -176.78
N LEU D 252 22.68 21.90 -176.62
CA LEU D 252 21.53 21.05 -176.87
C LEU D 252 21.43 20.68 -178.35
N ALA D 253 21.74 21.63 -179.24
CA ALA D 253 21.74 21.33 -180.67
C ALA D 253 22.77 20.26 -180.99
N ALA D 254 23.96 20.36 -180.40
CA ALA D 254 24.99 19.35 -180.63
C ALA D 254 24.57 17.99 -180.07
N GLU D 255 23.92 17.98 -178.90
CA GLU D 255 23.42 16.73 -178.34
C GLU D 255 22.39 16.08 -179.27
N ARG D 256 21.47 16.88 -179.81
CA ARG D 256 20.49 16.37 -180.75
C ARG D 256 21.17 15.83 -182.00
N LYS D 257 22.18 16.54 -182.50
CA LYS D 257 22.92 16.06 -183.67
C LYS D 257 23.61 14.73 -183.37
N PHE D 258 24.21 14.60 -182.19
CA PHE D 258 24.88 13.36 -181.84
C PHE D 258 23.89 12.21 -181.75
N PHE D 259 22.73 12.44 -181.14
CA PHE D 259 21.73 11.37 -181.06
C PHE D 259 21.19 10.99 -182.43
N LEU D 260 21.02 11.96 -183.33
CA LEU D 260 20.56 11.62 -184.68
C LEU D 260 21.65 10.98 -185.54
N SER D 261 22.91 11.21 -185.24
CA SER D 261 24.00 10.68 -186.05
C SER D 261 24.50 9.33 -185.57
N HIS D 262 24.42 9.04 -184.29
CA HIS D 262 24.97 7.78 -183.79
C HIS D 262 24.08 6.62 -184.23
N PRO D 263 24.63 5.62 -184.93
CA PRO D 263 23.78 4.53 -185.44
C PRO D 263 23.12 3.70 -184.36
N SER D 264 23.66 3.68 -183.15
CA SER D 264 23.15 2.82 -182.09
C SER D 264 22.13 3.52 -181.20
N TYR D 265 21.78 4.77 -181.48
CA TYR D 265 20.82 5.50 -180.65
C TYR D 265 19.76 6.25 -181.44
N ARG D 266 19.88 6.38 -182.76
CA ARG D 266 18.94 7.19 -183.51
C ARG D 266 17.51 6.65 -183.41
N HIS D 267 17.35 5.34 -183.25
CA HIS D 267 16.02 4.78 -183.07
C HIS D 267 15.41 5.15 -181.73
N LEU D 268 16.20 5.68 -180.80
CA LEU D 268 15.70 6.16 -179.52
C LEU D 268 15.98 7.63 -179.29
N ALA D 269 16.35 8.37 -180.35
CA ALA D 269 16.69 9.77 -180.19
C ALA D 269 15.51 10.56 -179.63
N ASP D 270 14.29 10.20 -180.02
CA ASP D 270 13.12 10.90 -179.52
C ASP D 270 12.99 10.74 -178.00
N ARG D 271 13.24 9.55 -177.48
CA ARG D 271 13.13 9.30 -176.05
C ARG D 271 14.41 9.64 -175.28
N MET D 272 15.48 9.99 -175.97
CA MET D 272 16.71 10.40 -175.30
C MET D 272 16.82 11.92 -175.29
N GLY D 273 17.74 12.42 -174.47
CA GLY D 273 18.00 13.84 -174.40
C GLY D 273 17.47 14.48 -173.12
N THR D 274 18.04 15.63 -172.80
CA THR D 274 17.63 16.37 -171.61
C THR D 274 16.17 16.82 -171.65
N PRO D 275 15.63 17.35 -172.75
CA PRO D 275 14.20 17.73 -172.74
C PRO D 275 13.28 16.58 -172.40
N TYR D 276 13.62 15.37 -172.84
CA TYR D 276 12.81 14.21 -172.46
C TYR D 276 12.87 13.97 -170.95
N LEU D 277 14.04 14.18 -170.35
CA LEU D 277 14.14 14.02 -168.89
C LEU D 277 13.31 15.07 -168.18
N GLN D 278 13.31 16.30 -168.68
CA GLN D 278 12.44 17.33 -168.11
C GLN D 278 10.98 16.91 -168.23
N LYS D 279 10.59 16.38 -169.40
CA LYS D 279 9.22 15.95 -169.61
C LYS D 279 8.84 14.80 -168.67
N VAL D 280 9.77 13.87 -168.44
CA VAL D 280 9.49 12.74 -167.57
C VAL D 280 9.34 13.19 -166.12
N LEU D 281 10.19 14.13 -165.68
CA LEU D 281 10.00 14.69 -164.34
C LEU D 281 8.67 15.42 -164.24
N ASN D 282 8.29 16.13 -165.30
CA ASN D 282 6.98 16.77 -165.31
C ASN D 282 5.86 15.75 -165.18
N GLN D 283 6.00 14.61 -165.88
CA GLN D 283 4.98 13.57 -165.79
C GLN D 283 4.89 13.00 -164.38
N GLN D 284 6.03 12.73 -163.75
CA GLN D 284 6.03 12.20 -162.39
C GLN D 284 5.40 13.19 -161.43
N LEU D 285 5.73 14.47 -161.57
CA LEU D 285 5.15 15.48 -160.69
C LEU D 285 3.66 15.62 -160.94
N THR D 286 3.22 15.51 -162.19
CA THR D 286 1.79 15.53 -162.49
C THR D 286 1.08 14.36 -161.83
N ASN D 287 1.67 13.18 -161.89
CA ASN D 287 1.07 12.02 -161.26
C ASN D 287 1.12 12.10 -159.74
N HIS D 288 2.02 12.90 -159.18
CA HIS D 288 2.11 12.98 -157.73
C HIS D 288 1.32 14.12 -157.11
N ILE D 289 1.03 15.18 -157.87
CA ILE D 289 0.24 16.28 -157.30
C ILE D 289 -1.20 15.83 -157.05
N ARG D 290 -1.75 15.00 -157.93
CA ARG D 290 -3.09 14.47 -157.71
C ARG D 290 -3.08 13.52 -156.52
N ASP D 291 -4.24 12.95 -156.20
CA ASP D 291 -4.58 12.24 -154.97
C ASP D 291 -4.80 13.26 -153.86
N THR D 292 -4.51 14.55 -154.11
CA THR D 292 -4.85 15.62 -153.20
C THR D 292 -5.74 16.68 -153.82
N LEU D 293 -5.86 16.71 -155.14
CA LEU D 293 -6.71 17.69 -155.82
C LEU D 293 -8.15 17.70 -155.31
N PRO D 294 -8.84 16.56 -155.17
CA PRO D 294 -10.22 16.63 -154.65
C PRO D 294 -10.31 17.32 -153.29
N GLY D 295 -9.32 17.11 -152.43
CA GLY D 295 -9.25 17.90 -151.21
C GLY D 295 -8.96 19.36 -151.48
N LEU D 296 -8.04 19.64 -152.40
CA LEU D 296 -7.66 21.01 -152.70
C LEU D 296 -8.70 21.72 -153.56
N ARG D 297 -9.31 21.00 -154.50
CA ARG D 297 -10.35 21.61 -155.31
C ARG D 297 -11.51 22.07 -154.43
N ASN D 298 -11.91 21.26 -153.46
CA ASN D 298 -12.91 21.69 -152.49
C ASN D 298 -12.35 22.80 -151.61
N LYS D 299 -11.08 22.69 -151.21
CA LYS D 299 -10.48 23.65 -150.30
C LYS D 299 -10.53 25.06 -150.87
N LEU D 300 -10.40 25.21 -152.18
CA LEU D 300 -10.55 26.53 -152.78
C LEU D 300 -11.93 26.75 -153.41
N GLN D 301 -12.73 25.70 -153.59
CA GLN D 301 -14.12 25.89 -153.98
C GLN D 301 -14.90 26.60 -152.89
N SER D 302 -14.66 26.22 -151.63
CA SER D 302 -15.27 26.95 -150.52
C SER D 302 -14.79 28.39 -150.50
N GLN D 303 -13.52 28.61 -150.84
CA GLN D 303 -13.01 29.97 -150.95
C GLN D 303 -13.77 30.76 -152.01
N LEU D 304 -14.00 30.16 -153.18
CA LEU D 304 -14.80 30.83 -154.20
C LEU D 304 -16.23 31.07 -153.72
N LEU D 305 -16.76 30.14 -152.92
CA LEU D 305 -18.10 30.32 -152.37
C LEU D 305 -18.17 31.54 -151.47
N SER D 306 -17.13 31.76 -150.66
CA SER D 306 -17.14 32.84 -149.67
C SER D 306 -17.13 34.23 -150.31
N ILE D 307 -16.88 34.31 -151.61
CA ILE D 307 -16.83 35.59 -152.31
C ILE D 307 -17.83 35.69 -153.46
N GLU D 308 -18.37 34.58 -153.95
CA GLU D 308 -19.30 34.64 -155.08
C GLU D 308 -20.48 35.57 -154.81
N LYS D 309 -20.88 35.72 -153.54
CA LYS D 309 -22.01 36.58 -153.22
C LYS D 309 -21.72 38.04 -153.54
N GLU D 310 -20.56 38.54 -153.12
CA GLU D 310 -20.18 39.93 -153.40
C GLU D 310 -19.75 40.09 -154.85
N VAL D 311 -19.23 39.02 -155.47
CA VAL D 311 -18.91 39.09 -156.89
C VAL D 311 -20.15 39.40 -157.71
N GLU D 312 -21.34 39.02 -157.23
CA GLU D 312 -22.57 39.35 -157.93
C GLU D 312 -22.75 40.86 -158.05
N GLU D 313 -22.55 41.58 -156.96
CA GLU D 313 -22.58 43.04 -157.03
C GLU D 313 -21.41 43.60 -157.84
N TYR D 314 -20.26 42.92 -157.82
CA TYR D 314 -19.09 43.49 -158.46
C TYR D 314 -18.95 43.21 -159.97
N LYS D 315 -19.65 42.23 -160.55
CA LYS D 315 -19.43 41.96 -161.98
C LYS D 315 -19.90 43.12 -162.84
N ASN D 316 -21.09 43.64 -162.57
CA ASN D 316 -21.67 44.69 -163.38
C ASN D 316 -21.95 45.89 -162.48
N PHE D 317 -20.91 46.68 -162.26
CA PHE D 317 -20.99 47.94 -161.54
C PHE D 317 -20.66 49.06 -162.52
N ARG D 318 -21.53 50.05 -162.61
CA ARG D 318 -21.25 51.24 -163.39
C ARG D 318 -21.49 52.47 -162.52
N PRO D 319 -20.56 53.42 -162.50
CA PRO D 319 -20.79 54.63 -161.70
C PRO D 319 -22.03 55.37 -162.17
N ASP D 320 -22.74 55.96 -161.21
CA ASP D 320 -23.98 56.73 -161.39
C ASP D 320 -25.20 55.85 -161.62
N ASP D 321 -25.12 54.56 -161.36
CA ASP D 321 -26.28 53.69 -161.55
C ASP D 321 -27.33 53.94 -160.46
N PRO D 322 -28.45 54.59 -160.78
CA PRO D 322 -29.42 54.92 -159.73
C PRO D 322 -29.98 53.70 -159.04
N ALA D 323 -30.20 52.60 -159.76
CA ALA D 323 -30.81 51.42 -159.15
C ALA D 323 -29.93 50.87 -158.05
N ARG D 324 -28.65 50.61 -158.35
CA ARG D 324 -27.76 50.09 -157.33
C ARG D 324 -27.54 51.11 -156.21
N LYS D 325 -27.40 52.38 -156.56
CA LYS D 325 -27.15 53.38 -155.53
C LYS D 325 -28.29 53.46 -154.53
N THR D 326 -29.53 53.56 -155.03
CA THR D 326 -30.68 53.66 -154.14
C THR D 326 -30.92 52.36 -153.38
N LYS D 327 -30.72 51.20 -154.02
CA LYS D 327 -30.88 49.94 -153.30
C LYS D 327 -29.88 49.84 -152.15
N ALA D 328 -28.63 50.23 -152.41
CA ALA D 328 -27.62 50.21 -151.35
C ALA D 328 -27.99 51.19 -150.24
N LEU D 329 -28.47 52.38 -150.60
CA LEU D 329 -28.88 53.34 -149.59
C LEU D 329 -29.99 52.78 -148.71
N LEU D 330 -31.00 52.16 -149.33
CA LEU D 330 -32.12 51.63 -148.57
C LEU D 330 -31.68 50.52 -147.63
N GLN D 331 -30.85 49.59 -148.11
CA GLN D 331 -30.42 48.51 -147.22
C GLN D 331 -29.50 49.03 -146.11
N MET D 332 -28.66 50.03 -146.41
CA MET D 332 -27.81 50.60 -145.38
C MET D 332 -28.66 51.24 -144.29
N VAL D 333 -29.69 52.00 -144.68
CA VAL D 333 -30.57 52.65 -143.71
C VAL D 333 -31.29 51.61 -142.87
N GLN D 334 -31.78 50.55 -143.50
CA GLN D 334 -32.52 49.53 -142.75
C GLN D 334 -31.62 48.84 -141.73
N GLN D 335 -30.38 48.51 -142.11
CA GLN D 335 -29.53 47.85 -141.14
C GLN D 335 -29.12 48.82 -140.04
N PHE D 336 -28.94 50.11 -140.38
CA PHE D 336 -28.65 51.09 -139.34
C PHE D 336 -29.76 51.14 -138.31
N ALA D 337 -31.00 51.19 -138.78
CA ALA D 337 -32.13 51.19 -137.85
C ALA D 337 -32.09 49.96 -136.96
N VAL D 338 -32.16 48.78 -137.57
CA VAL D 338 -32.30 47.56 -136.78
C VAL D 338 -31.11 47.40 -135.82
N ASP D 339 -29.92 47.87 -136.22
CA ASP D 339 -28.79 47.88 -135.32
C ASP D 339 -29.04 48.83 -134.16
N PHE D 340 -29.66 49.98 -134.41
CA PHE D 340 -29.93 50.93 -133.34
C PHE D 340 -30.88 50.34 -132.30
N GLU D 341 -31.98 49.73 -132.75
CA GLU D 341 -32.85 49.09 -131.76
C GLU D 341 -32.17 47.90 -131.09
N LYS D 342 -31.29 47.18 -131.81
CA LYS D 342 -30.57 46.09 -131.18
C LYS D 342 -29.67 46.61 -130.05
N ARG D 343 -29.06 47.77 -130.25
CA ARG D 343 -28.15 48.30 -129.25
C ARG D 343 -28.87 49.05 -128.14
N ILE D 344 -30.09 49.52 -128.36
CA ILE D 344 -30.79 50.27 -127.33
C ILE D 344 -31.73 49.33 -126.57
N GLU D 345 -32.76 48.79 -127.25
CA GLU D 345 -33.67 47.89 -126.56
C GLU D 345 -33.03 46.54 -126.26
N GLY D 346 -31.91 46.22 -126.88
CA GLY D 346 -31.30 44.91 -126.69
C GLY D 346 -32.13 43.78 -127.26
N SER D 347 -32.72 43.97 -128.44
CA SER D 347 -33.47 42.90 -129.08
C SER D 347 -32.56 41.71 -129.31
N GLY D 348 -33.03 40.53 -128.90
CA GLY D 348 -32.15 39.39 -128.83
C GLY D 348 -31.69 38.85 -130.17
N ASP D 349 -30.43 39.12 -130.51
CA ASP D 349 -29.67 38.45 -131.56
C ASP D 349 -28.27 39.06 -131.55
N GLN D 350 -27.30 38.26 -132.00
CA GLN D 350 -25.91 38.68 -132.24
C GLN D 350 -25.40 39.64 -131.16
N ILE D 351 -25.71 39.36 -129.90
CA ILE D 351 -25.44 40.28 -128.81
C ILE D 351 -23.97 40.21 -128.43
N ASP D 352 -23.30 41.36 -128.43
CA ASP D 352 -21.94 41.43 -127.93
C ASP D 352 -21.93 41.19 -126.42
N THR D 353 -20.99 40.36 -125.97
CA THR D 353 -20.83 40.07 -124.56
C THR D 353 -19.46 40.49 -124.06
N TYR D 354 -18.90 41.54 -124.65
CA TYR D 354 -17.56 41.99 -124.35
C TYR D 354 -17.52 43.31 -123.59
N GLU D 355 -18.50 44.18 -123.81
CA GLU D 355 -18.64 45.44 -123.09
C GLU D 355 -19.96 45.44 -122.35
N LEU D 356 -20.13 46.41 -121.45
CA LEU D 356 -21.39 46.53 -120.72
C LEU D 356 -22.55 46.76 -121.69
N SER D 357 -22.34 47.60 -122.70
CA SER D 357 -23.22 47.74 -123.85
C SER D 357 -22.60 48.76 -124.79
N GLY D 358 -23.22 48.91 -125.95
CA GLY D 358 -22.91 50.05 -126.79
C GLY D 358 -23.55 51.29 -126.21
N GLY D 359 -24.87 51.24 -126.03
CA GLY D 359 -25.56 52.34 -125.38
C GLY D 359 -26.73 51.95 -124.51
N ALA D 360 -26.81 50.69 -124.10
CA ALA D 360 -27.98 50.23 -123.37
C ALA D 360 -27.78 50.27 -121.85
N ARG D 361 -26.82 49.49 -121.35
CA ARG D 361 -26.52 49.53 -119.92
C ARG D 361 -25.67 50.72 -119.52
N ILE D 362 -24.87 51.28 -120.43
CA ILE D 362 -24.26 52.55 -120.11
C ILE D 362 -25.33 53.61 -119.87
N ASN D 363 -26.57 53.36 -120.32
CA ASN D 363 -27.69 54.28 -120.11
C ASN D 363 -28.54 53.88 -118.90
N ARG D 364 -28.89 52.61 -118.78
CA ARG D 364 -29.55 52.15 -117.55
C ARG D 364 -28.74 52.49 -116.31
N ILE D 365 -27.41 52.37 -116.37
CA ILE D 365 -26.63 52.69 -115.19
C ILE D 365 -26.70 54.17 -114.91
N PHE D 366 -26.93 55.01 -115.93
CA PHE D 366 -27.26 56.40 -115.65
C PHE D 366 -28.57 56.50 -114.87
N HIS D 367 -29.61 55.82 -115.35
CA HIS D 367 -30.92 55.95 -114.72
C HIS D 367 -30.94 55.45 -113.27
N GLU D 368 -30.21 54.39 -112.94
CA GLU D 368 -30.12 53.92 -111.56
C GLU D 368 -28.73 54.10 -110.94
N ARG D 369 -27.99 55.11 -111.38
CA ARG D 369 -26.84 55.64 -110.67
C ARG D 369 -27.00 57.10 -110.31
N PHE D 370 -27.76 57.87 -111.11
CA PHE D 370 -28.19 59.24 -110.82
C PHE D 370 -28.62 59.44 -109.37
N PRO D 371 -29.26 58.46 -108.72
CA PRO D 371 -29.44 58.55 -107.27
C PRO D 371 -28.15 58.82 -106.50
N PHE D 372 -27.00 58.41 -107.02
CA PHE D 372 -25.75 58.80 -106.39
C PHE D 372 -25.58 60.31 -106.42
N GLU D 373 -25.92 60.94 -107.55
CA GLU D 373 -25.87 62.40 -107.62
C GLU D 373 -26.84 63.02 -106.62
N LEU D 374 -28.08 62.53 -106.58
CA LEU D 374 -29.06 63.13 -105.68
C LEU D 374 -28.62 63.01 -104.22
N VAL D 375 -28.06 61.87 -103.85
CA VAL D 375 -27.53 61.73 -102.49
C VAL D 375 -26.32 62.63 -102.29
N LYS D 376 -25.46 62.76 -103.32
CA LYS D 376 -24.28 63.60 -103.25
C LYS D 376 -24.62 65.07 -103.19
N MET D 377 -25.89 65.43 -103.34
CA MET D 377 -26.32 66.78 -103.00
C MET D 377 -25.96 67.06 -101.53
N GLU D 378 -26.00 68.35 -101.15
CA GLU D 378 -25.36 68.84 -99.94
C GLU D 378 -25.62 68.01 -98.67
N PHE D 379 -26.86 67.96 -98.18
CA PHE D 379 -27.27 67.16 -97.03
C PHE D 379 -26.40 67.32 -95.78
N ASP D 380 -25.51 68.32 -95.72
CA ASP D 380 -24.57 68.40 -94.60
C ASP D 380 -24.51 69.81 -94.02
N GLU D 381 -25.41 70.09 -93.07
CA GLU D 381 -25.41 71.27 -92.22
C GLU D 381 -26.35 71.07 -91.06
N LYS D 382 -26.03 71.74 -89.94
CA LYS D 382 -27.02 72.10 -88.94
C LYS D 382 -27.50 73.53 -89.12
N GLU D 383 -26.92 74.26 -90.07
CA GLU D 383 -27.38 75.60 -90.40
C GLU D 383 -28.82 75.60 -90.88
N LEU D 384 -29.31 74.44 -91.34
CA LEU D 384 -30.72 74.32 -91.72
C LEU D 384 -31.63 74.67 -90.54
N ARG D 385 -31.23 74.32 -89.33
CA ARG D 385 -32.05 74.65 -88.15
C ARG D 385 -32.19 76.16 -87.99
N ARG D 386 -31.10 76.91 -88.12
CA ARG D 386 -31.18 78.36 -88.10
C ARG D 386 -32.02 78.86 -89.28
N GLU D 387 -31.85 78.24 -90.43
CA GLU D 387 -32.55 78.66 -91.64
C GLU D 387 -34.05 78.53 -91.47
N ILE D 388 -34.50 77.51 -90.75
CA ILE D 388 -35.94 77.33 -90.55
C ILE D 388 -36.43 78.10 -89.34
N SER D 389 -35.55 78.36 -88.35
CA SER D 389 -35.94 79.21 -87.23
C SER D 389 -36.23 80.62 -87.71
N TYR D 390 -35.43 81.13 -88.65
CA TYR D 390 -35.74 82.45 -89.21
C TYR D 390 -37.08 82.44 -89.94
N ALA D 391 -37.41 81.34 -90.63
CA ALA D 391 -38.72 81.25 -91.28
C ALA D 391 -39.84 81.29 -90.24
N ILE D 392 -39.67 80.55 -89.14
CA ILE D 392 -40.61 80.63 -88.03
C ILE D 392 -40.77 82.07 -87.57
N LYS D 393 -39.65 82.76 -87.38
CA LYS D 393 -39.69 84.10 -86.80
C LYS D 393 -40.20 85.15 -87.77
N ASN D 394 -40.23 84.85 -89.06
CA ASN D 394 -40.78 85.78 -90.03
C ASN D 394 -42.26 85.56 -90.29
N ILE D 395 -42.73 84.30 -90.32
CA ILE D 395 -44.17 84.08 -90.49
C ILE D 395 -44.92 84.12 -89.17
N HIS D 396 -44.24 84.22 -88.04
CA HIS D 396 -44.87 84.63 -86.79
C HIS D 396 -44.70 86.13 -86.57
N GLY D 397 -44.73 86.88 -87.66
CA GLY D 397 -44.25 88.24 -87.74
C GLY D 397 -44.53 89.12 -86.53
N ILE D 398 -45.80 89.27 -86.18
CA ILE D 398 -46.20 90.08 -85.04
C ILE D 398 -46.91 89.25 -83.98
N ARG D 399 -47.89 88.44 -84.39
CA ARG D 399 -48.62 87.61 -83.46
C ARG D 399 -47.68 86.62 -82.78
N THR D 400 -48.17 85.97 -81.72
CA THR D 400 -47.25 85.35 -80.80
C THR D 400 -47.82 84.06 -80.21
N GLY D 401 -46.90 83.22 -79.73
CA GLY D 401 -47.18 82.18 -78.77
C GLY D 401 -47.97 80.99 -79.25
N LEU D 402 -48.12 80.83 -80.56
CA LEU D 402 -48.92 79.72 -81.07
C LEU D 402 -48.03 78.60 -81.58
N PHE D 403 -48.68 77.47 -81.83
CA PHE D 403 -48.04 76.15 -81.84
C PHE D 403 -46.83 76.06 -82.74
N THR D 404 -47.07 76.10 -84.06
CA THR D 404 -46.11 76.00 -85.16
C THR D 404 -46.81 76.43 -86.45
N PRO D 405 -46.14 77.21 -87.27
CA PRO D 405 -46.71 77.55 -88.59
C PRO D 405 -46.28 76.55 -89.67
N ASP D 406 -47.24 76.08 -90.47
CA ASP D 406 -46.92 75.07 -91.47
C ASP D 406 -46.19 75.66 -92.67
N MET D 407 -46.40 76.94 -92.97
CA MET D 407 -45.73 77.46 -94.14
C MET D 407 -44.21 77.55 -93.92
N ALA D 408 -43.75 77.42 -92.68
CA ALA D 408 -42.31 77.27 -92.47
C ALA D 408 -41.81 76.00 -93.15
N PHE D 409 -42.46 74.87 -92.86
CA PHE D 409 -42.18 73.63 -93.57
C PHE D 409 -42.31 73.82 -95.07
N GLU D 410 -43.36 74.54 -95.49
CA GLU D 410 -43.57 74.78 -96.91
C GLU D 410 -42.36 75.48 -97.55
N THR D 411 -41.94 76.60 -96.96
CA THR D 411 -40.87 77.39 -97.52
C THR D 411 -39.56 76.63 -97.51
N ILE D 412 -39.32 75.85 -96.46
CA ILE D 412 -38.06 75.13 -96.38
C ILE D 412 -37.99 74.01 -97.41
N VAL D 413 -39.09 73.28 -97.61
CA VAL D 413 -39.04 72.26 -98.64
C VAL D 413 -38.96 72.90 -100.03
N LYS D 414 -39.61 74.06 -100.22
CA LYS D 414 -39.48 74.74 -101.50
C LYS D 414 -38.06 75.21 -101.75
N LYS D 415 -37.31 75.54 -100.69
CA LYS D 415 -35.90 75.89 -100.85
C LYS D 415 -35.03 74.67 -101.06
N GLN D 416 -35.38 73.53 -100.46
CA GLN D 416 -34.57 72.33 -100.59
C GLN D 416 -34.73 71.69 -101.97
N VAL D 417 -35.95 71.67 -102.51
CA VAL D 417 -36.19 71.00 -103.78
C VAL D 417 -35.94 71.89 -104.98
N LYS D 418 -35.52 73.13 -104.77
CA LYS D 418 -35.16 73.99 -105.90
C LYS D 418 -33.76 73.71 -106.40
N LYS D 419 -32.94 72.99 -105.63
CA LYS D 419 -31.61 72.62 -106.08
C LYS D 419 -31.55 71.22 -106.68
N ILE D 420 -32.68 70.50 -106.72
CA ILE D 420 -32.76 69.27 -107.49
C ILE D 420 -32.68 69.57 -108.97
N ARG D 421 -32.90 70.83 -109.35
CA ARG D 421 -32.91 71.19 -110.77
C ARG D 421 -31.58 70.97 -111.45
N GLU D 422 -30.48 70.96 -110.70
CA GLU D 422 -29.17 70.77 -111.32
C GLU D 422 -28.85 69.31 -111.61
N PRO D 423 -29.02 68.38 -110.66
CA PRO D 423 -28.69 66.98 -110.97
C PRO D 423 -29.54 66.39 -112.08
N CYS D 424 -30.81 66.76 -112.19
CA CYS D 424 -31.64 66.22 -113.26
C CYS D 424 -31.15 66.68 -114.63
N LEU D 425 -30.83 67.97 -114.77
CA LEU D 425 -30.27 68.45 -116.02
C LEU D 425 -28.92 67.81 -116.30
N LYS D 426 -28.12 67.56 -115.26
CA LYS D 426 -26.85 66.87 -115.47
C LYS D 426 -27.06 65.46 -115.98
N CYS D 427 -28.06 64.75 -115.45
CA CYS D 427 -28.37 63.42 -115.95
C CYS D 427 -28.85 63.47 -117.39
N VAL D 428 -29.65 64.48 -117.74
CA VAL D 428 -30.08 64.63 -119.13
C VAL D 428 -28.88 64.84 -120.02
N ASP D 429 -27.92 65.66 -119.58
CA ASP D 429 -26.69 65.87 -120.34
C ASP D 429 -25.91 64.57 -120.50
N MET D 430 -25.85 63.77 -119.44
CA MET D 430 -25.14 62.49 -119.52
C MET D 430 -25.80 61.54 -120.51
N VAL D 431 -27.13 61.46 -120.47
CA VAL D 431 -27.85 60.61 -121.42
C VAL D 431 -27.60 61.08 -122.84
N ILE D 432 -27.62 62.40 -123.07
CA ILE D 432 -27.27 62.93 -124.38
C ILE D 432 -25.88 62.49 -124.79
N SER D 433 -24.90 62.70 -123.91
CA SER D 433 -23.51 62.41 -124.24
C SER D 433 -23.28 60.93 -124.48
N GLU D 434 -24.13 60.07 -123.94
CA GLU D 434 -23.91 58.64 -124.13
C GLU D 434 -24.62 58.15 -125.39
N LEU D 435 -25.88 58.56 -125.59
CA LEU D 435 -26.61 58.13 -126.78
C LEU D 435 -25.98 58.70 -128.04
N ILE D 436 -25.50 59.94 -128.00
CA ILE D 436 -24.95 60.53 -129.21
C ILE D 436 -23.63 59.86 -129.58
N SER D 437 -22.96 59.22 -128.61
CA SER D 437 -21.79 58.41 -128.90
C SER D 437 -22.17 57.02 -129.37
N THR D 438 -23.27 56.47 -128.87
CA THR D 438 -23.73 55.18 -129.36
C THR D 438 -24.17 55.25 -130.83
N VAL D 439 -24.78 56.37 -131.22
CA VAL D 439 -25.11 56.57 -132.63
C VAL D 439 -23.83 56.53 -133.47
N ARG D 440 -22.77 57.18 -133.00
CA ARG D 440 -21.49 57.13 -133.71
C ARG D 440 -20.96 55.70 -133.74
N GLN D 441 -21.12 54.96 -132.64
CA GLN D 441 -20.63 53.59 -132.58
C GLN D 441 -21.34 52.70 -133.57
N CYS D 442 -22.62 52.96 -133.83
CA CYS D 442 -23.39 52.14 -134.76
C CYS D 442 -23.41 52.71 -136.18
N THR D 443 -22.79 53.87 -136.40
CA THR D 443 -22.60 54.37 -137.76
C THR D 443 -21.18 54.22 -138.29
N LYS D 444 -20.17 54.21 -137.41
CA LYS D 444 -18.80 54.16 -137.88
C LYS D 444 -18.46 52.80 -138.50
N LYS D 445 -18.98 51.72 -137.93
CA LYS D 445 -18.52 50.39 -138.31
C LYS D 445 -19.34 49.77 -139.43
N LEU D 446 -20.65 50.04 -139.48
CA LEU D 446 -21.44 49.53 -140.60
C LEU D 446 -21.16 50.30 -141.88
N GLN D 447 -20.94 51.62 -141.78
CA GLN D 447 -20.83 52.47 -142.96
C GLN D 447 -19.37 52.56 -143.38
N GLN D 448 -19.00 51.77 -144.38
CA GLN D 448 -17.75 52.03 -145.09
C GLN D 448 -17.86 53.29 -145.94
N TYR D 449 -19.07 53.66 -146.33
CA TYR D 449 -19.27 54.78 -147.23
C TYR D 449 -18.80 56.07 -146.58
N PRO D 450 -18.10 56.94 -147.32
CA PRO D 450 -17.87 58.30 -146.85
C PRO D 450 -19.07 59.18 -147.16
N ARG D 451 -19.27 60.16 -146.27
CA ARG D 451 -20.32 61.17 -146.36
C ARG D 451 -21.69 60.59 -146.05
N LEU D 452 -21.82 59.27 -146.04
CA LEU D 452 -23.07 58.64 -145.61
C LEU D 452 -23.02 58.22 -144.16
N ARG D 453 -21.82 58.13 -143.58
CA ARG D 453 -21.67 58.14 -142.14
C ARG D 453 -21.58 59.56 -141.59
N GLU D 454 -21.60 60.56 -142.47
CA GLU D 454 -21.60 61.96 -142.09
C GLU D 454 -23.01 62.55 -142.10
N GLU D 455 -23.73 62.40 -143.22
CA GLU D 455 -25.10 62.89 -143.28
C GLU D 455 -25.99 62.19 -142.27
N MET D 456 -25.82 60.88 -142.12
CA MET D 456 -26.62 60.11 -141.18
C MET D 456 -26.38 60.59 -139.74
N GLU D 457 -25.11 60.70 -139.36
CA GLU D 457 -24.78 61.18 -138.02
C GLU D 457 -25.29 62.60 -137.82
N ARG D 458 -25.12 63.46 -138.82
CA ARG D 458 -25.58 64.84 -138.70
C ARG D 458 -27.08 64.89 -138.44
N ILE D 459 -27.86 64.18 -139.26
CA ILE D 459 -29.31 64.24 -139.12
C ILE D 459 -29.75 63.69 -137.76
N VAL D 460 -29.23 62.52 -137.39
CA VAL D 460 -29.67 61.91 -136.14
C VAL D 460 -29.27 62.78 -134.95
N THR D 461 -28.05 63.31 -134.98
CA THR D 461 -27.58 64.12 -133.86
C THR D 461 -28.34 65.44 -133.77
N THR D 462 -28.69 66.04 -134.90
CA THR D 462 -29.50 67.25 -134.85
C THR D 462 -30.88 66.95 -134.28
N HIS D 463 -31.46 65.81 -134.63
CA HIS D 463 -32.74 65.46 -134.04
C HIS D 463 -32.62 65.26 -132.53
N ILE D 464 -31.54 64.62 -132.09
CA ILE D 464 -31.36 64.40 -130.66
C ILE D 464 -31.17 65.72 -129.92
N ARG D 465 -30.38 66.62 -130.49
CA ARG D 465 -30.18 67.92 -129.86
C ARG D 465 -31.39 68.83 -130.00
N GLU D 466 -32.31 68.52 -130.90
CA GLU D 466 -33.59 69.19 -130.88
C GLU D 466 -34.47 68.66 -129.76
N ARG D 467 -34.39 67.35 -129.49
CA ARG D 467 -35.21 66.77 -128.43
C ARG D 467 -34.69 67.11 -127.04
N GLU D 468 -33.40 67.43 -126.91
CA GLU D 468 -32.87 67.72 -125.58
C GLU D 468 -33.52 68.98 -125.02
N GLY D 469 -33.84 69.96 -125.86
CA GLY D 469 -34.53 71.13 -125.38
C GLY D 469 -35.89 70.79 -124.79
N ARG D 470 -36.66 69.98 -125.50
CA ARG D 470 -37.98 69.60 -124.99
C ARG D 470 -37.89 68.81 -123.70
N THR D 471 -36.93 67.88 -123.62
CA THR D 471 -36.87 67.09 -122.39
C THR D 471 -36.37 67.91 -121.21
N LYS D 472 -35.45 68.85 -121.44
CA LYS D 472 -35.05 69.74 -120.36
C LYS D 472 -36.20 70.63 -119.92
N GLU D 473 -36.99 71.12 -120.88
CA GLU D 473 -38.17 71.89 -120.52
C GLU D 473 -39.13 71.08 -119.66
N GLN D 474 -39.35 69.82 -120.03
CA GLN D 474 -40.28 68.99 -119.27
C GLN D 474 -39.73 68.69 -117.88
N VAL D 475 -38.42 68.50 -117.74
CA VAL D 475 -37.86 68.27 -116.42
C VAL D 475 -37.99 69.51 -115.55
N MET D 476 -37.71 70.70 -116.10
CA MET D 476 -37.89 71.93 -115.36
C MET D 476 -39.35 72.10 -114.94
N LEU D 477 -40.28 71.79 -115.84
CA LEU D 477 -41.68 71.96 -115.51
C LEU D 477 -42.15 70.92 -114.50
N LEU D 478 -41.54 69.74 -114.49
CA LEU D 478 -41.82 68.78 -113.43
C LEU D 478 -41.36 69.31 -112.07
N ILE D 479 -40.18 69.93 -112.03
CA ILE D 479 -39.74 70.55 -110.78
C ILE D 479 -40.69 71.66 -110.37
N ASP D 480 -41.09 72.51 -111.32
CA ASP D 480 -41.99 73.60 -110.99
C ASP D 480 -43.38 73.12 -110.61
N ILE D 481 -43.78 71.92 -111.01
CA ILE D 481 -44.98 71.31 -110.46
C ILE D 481 -44.73 70.83 -109.04
N GLU D 482 -43.57 70.25 -108.77
CA GLU D 482 -43.31 69.78 -107.42
C GLU D 482 -43.10 70.92 -106.43
N LEU D 483 -42.94 72.14 -106.92
CA LEU D 483 -43.01 73.33 -106.07
C LEU D 483 -44.39 73.98 -106.06
N ALA D 484 -45.47 73.21 -106.07
CA ALA D 484 -46.80 73.80 -106.12
C ALA D 484 -47.69 73.47 -104.93
N TYR D 485 -47.72 72.22 -104.49
CA TYR D 485 -48.73 71.87 -103.47
C TYR D 485 -48.13 71.35 -102.17
N MET D 486 -47.06 70.58 -102.24
CA MET D 486 -46.38 70.05 -101.05
C MET D 486 -47.35 69.21 -100.21
N ASN D 487 -47.76 68.10 -100.80
CA ASN D 487 -48.81 67.28 -100.20
C ASN D 487 -48.35 66.68 -98.88
N THR D 488 -49.34 66.39 -98.03
CA THR D 488 -49.09 65.72 -96.76
C THR D 488 -49.98 64.49 -96.59
N ASN D 489 -51.01 64.33 -97.41
CA ASN D 489 -51.87 63.16 -97.36
C ASN D 489 -51.15 61.89 -97.83
N HIS D 490 -49.95 62.02 -98.39
CA HIS D 490 -49.18 60.87 -98.84
C HIS D 490 -48.62 60.14 -97.61
N GLU D 491 -47.79 59.13 -97.85
CA GLU D 491 -47.28 58.24 -96.81
C GLU D 491 -46.20 58.86 -95.94
N ASP D 492 -45.95 60.17 -95.97
CA ASP D 492 -45.13 60.77 -94.93
C ASP D 492 -45.91 60.81 -93.63
N PHE D 493 -45.23 60.54 -92.52
CA PHE D 493 -45.89 60.52 -91.22
C PHE D 493 -46.05 61.95 -90.70
N ILE D 494 -47.24 62.24 -90.19
CA ILE D 494 -47.56 63.58 -89.69
C ILE D 494 -47.18 63.71 -88.23
N ASP D 652 -34.36 77.56 -74.89
CA ASP D 652 -35.21 76.72 -75.71
C ASP D 652 -36.67 77.13 -75.62
N PRO D 653 -36.98 78.37 -75.99
CA PRO D 653 -38.36 78.85 -75.84
C PRO D 653 -39.27 78.28 -76.91
N GLN D 654 -39.68 77.01 -76.72
CA GLN D 654 -40.48 76.26 -77.69
C GLN D 654 -39.70 76.03 -78.98
N LEU D 655 -38.48 76.55 -79.05
CA LEU D 655 -37.68 76.38 -80.26
C LEU D 655 -37.23 74.93 -80.41
N GLU D 656 -36.68 74.35 -79.35
CA GLU D 656 -36.28 72.95 -79.44
C GLU D 656 -37.46 72.01 -79.64
N ARG D 657 -38.69 72.54 -79.65
CA ARG D 657 -39.88 71.79 -80.01
C ARG D 657 -40.34 72.05 -81.44
N GLN D 658 -40.21 73.29 -81.91
CA GLN D 658 -40.67 73.65 -83.24
C GLN D 658 -39.64 73.40 -84.32
N VAL D 659 -38.40 73.86 -84.10
CA VAL D 659 -37.35 73.73 -85.11
C VAL D 659 -37.05 72.27 -85.39
N GLU D 660 -36.97 71.44 -84.35
CA GLU D 660 -36.67 70.04 -84.53
C GLU D 660 -37.80 69.32 -85.24
N THR D 661 -39.05 69.64 -84.91
CA THR D 661 -40.19 69.05 -85.59
C THR D 661 -40.19 69.43 -87.07
N ILE D 662 -39.91 70.70 -87.37
CA ILE D 662 -39.88 71.13 -88.77
C ILE D 662 -38.78 70.40 -89.51
N ARG D 663 -37.61 70.24 -88.88
CA ARG D 663 -36.53 69.51 -89.55
C ARG D 663 -36.91 68.05 -89.80
N ASN D 664 -37.50 67.39 -88.80
CA ASN D 664 -37.85 65.98 -88.94
C ASN D 664 -39.03 65.76 -89.85
N LEU D 665 -39.77 66.81 -90.21
CA LEU D 665 -40.77 66.69 -91.25
C LEU D 665 -40.22 67.04 -92.63
N VAL D 666 -39.31 68.01 -92.71
CA VAL D 666 -38.66 68.31 -93.98
C VAL D 666 -37.90 67.09 -94.47
N ASP D 667 -37.20 66.39 -93.59
CA ASP D 667 -36.51 65.18 -94.02
C ASP D 667 -37.50 64.12 -94.49
N SER D 668 -38.61 63.96 -93.77
CA SER D 668 -39.60 62.96 -94.12
C SER D 668 -40.28 63.26 -95.44
N TYR D 669 -40.32 64.53 -95.86
CA TYR D 669 -40.86 64.85 -97.17
C TYR D 669 -39.79 64.88 -98.25
N MET D 670 -38.52 65.15 -97.90
CA MET D 670 -37.45 65.05 -98.87
C MET D 670 -37.25 63.61 -99.31
N ALA D 671 -37.43 62.66 -98.40
CA ALA D 671 -37.40 61.26 -98.80
C ALA D 671 -38.41 61.00 -99.92
N ILE D 672 -39.65 61.47 -99.74
CA ILE D 672 -40.69 61.19 -100.72
C ILE D 672 -40.44 61.93 -102.03
N VAL D 673 -40.03 63.20 -101.96
CA VAL D 673 -39.84 63.93 -103.21
C VAL D 673 -38.65 63.35 -103.99
N ASN D 674 -37.60 62.95 -103.27
CA ASN D 674 -36.48 62.30 -103.94
C ASN D 674 -36.91 61.00 -104.58
N LYS D 675 -37.72 60.20 -103.88
CA LYS D 675 -38.19 58.94 -104.47
C LYS D 675 -39.04 59.20 -105.71
N THR D 676 -39.94 60.16 -105.66
CA THR D 676 -40.83 60.40 -106.78
C THR D 676 -40.18 61.22 -107.89
N VAL D 677 -38.95 61.71 -107.70
CA VAL D 677 -38.24 62.28 -108.82
C VAL D 677 -37.33 61.23 -109.43
N ARG D 678 -36.79 60.33 -108.60
CA ARG D 678 -35.97 59.25 -109.14
C ARG D 678 -36.81 58.26 -109.94
N ASP D 679 -38.05 58.02 -109.50
CA ASP D 679 -38.92 57.08 -110.21
C ASP D 679 -39.52 57.68 -111.47
N LEU D 680 -39.44 59.00 -111.65
CA LEU D 680 -40.12 59.65 -112.75
C LEU D 680 -39.19 60.33 -113.75
N MET D 681 -37.96 60.65 -113.38
CA MET D 681 -37.10 61.39 -114.30
C MET D 681 -36.60 60.49 -115.44
N PRO D 682 -36.27 59.21 -115.22
CA PRO D 682 -36.02 58.34 -116.38
C PRO D 682 -37.17 58.27 -117.36
N LYS D 683 -38.41 58.20 -116.85
CA LYS D 683 -39.56 58.03 -117.74
C LYS D 683 -39.72 59.23 -118.66
N THR D 684 -39.55 60.45 -118.15
CA THR D 684 -39.79 61.62 -118.98
C THR D 684 -38.75 61.76 -120.08
N ILE D 685 -37.47 61.56 -119.74
CA ILE D 685 -36.44 61.64 -120.77
C ILE D 685 -36.63 60.53 -121.79
N MET D 686 -37.04 59.34 -121.33
CA MET D 686 -37.10 58.22 -122.25
C MET D 686 -38.41 58.15 -123.01
N HIS D 687 -39.37 59.01 -122.67
CA HIS D 687 -40.52 59.24 -123.54
C HIS D 687 -40.33 60.41 -124.49
N LEU D 688 -39.55 61.42 -124.11
CA LEU D 688 -39.38 62.57 -124.98
C LEU D 688 -38.17 62.46 -125.90
N MET D 689 -37.19 61.63 -125.56
CA MET D 689 -35.95 61.52 -126.32
C MET D 689 -35.75 60.14 -126.91
N ILE D 690 -35.73 59.10 -126.08
CA ILE D 690 -35.40 57.76 -126.56
C ILE D 690 -36.46 57.28 -127.53
N ASN D 691 -37.69 57.15 -127.05
CA ASN D 691 -38.78 56.62 -127.85
C ASN D 691 -39.30 57.62 -128.86
N ASN D 692 -38.64 58.76 -129.02
CA ASN D 692 -38.94 59.66 -130.12
C ASN D 692 -37.86 59.69 -131.18
N THR D 693 -36.58 59.69 -130.80
CA THR D 693 -35.54 59.53 -131.80
C THR D 693 -35.56 58.14 -132.39
N LYS D 694 -35.98 57.13 -131.61
CA LYS D 694 -36.12 55.80 -132.16
C LYS D 694 -37.22 55.76 -133.22
N GLU D 695 -38.36 56.40 -132.93
CA GLU D 695 -39.43 56.48 -133.92
C GLU D 695 -38.98 57.28 -135.15
N PHE D 696 -38.21 58.34 -134.93
CA PHE D 696 -37.67 59.11 -136.04
C PHE D 696 -36.77 58.25 -136.92
N ILE D 697 -35.95 57.40 -136.30
CA ILE D 697 -35.10 56.47 -137.03
C ILE D 697 -35.95 55.50 -137.85
N PHE D 698 -37.03 54.96 -137.25
CA PHE D 698 -37.94 54.13 -138.05
C PHE D 698 -38.50 54.88 -139.25
N SER D 699 -39.08 56.05 -139.04
CA SER D 699 -40.09 56.53 -139.96
C SER D 699 -39.78 57.84 -140.67
N GLU D 700 -38.62 58.44 -140.45
CA GLU D 700 -38.33 59.69 -141.13
C GLU D 700 -36.90 59.80 -141.66
N LEU D 701 -36.00 58.90 -141.27
CA LEU D 701 -34.59 59.08 -141.63
C LEU D 701 -34.37 59.06 -143.13
N LEU D 702 -35.05 58.16 -143.85
CA LEU D 702 -34.86 58.09 -145.29
C LEU D 702 -35.45 59.31 -145.99
N ALA D 703 -36.57 59.82 -145.48
CA ALA D 703 -37.25 60.93 -146.17
C ALA D 703 -36.36 62.17 -146.24
N ASN D 704 -35.71 62.53 -145.13
CA ASN D 704 -34.83 63.69 -145.16
C ASN D 704 -33.42 63.33 -145.61
N LEU D 705 -33.04 62.05 -145.51
CA LEU D 705 -31.75 61.64 -146.05
C LEU D 705 -31.72 61.75 -147.56
N TYR D 706 -32.85 61.46 -148.21
CA TYR D 706 -32.97 61.71 -149.65
C TYR D 706 -32.81 63.19 -149.97
N SER D 707 -33.32 64.07 -149.10
CA SER D 707 -33.37 65.49 -149.41
C SER D 707 -32.05 66.20 -149.14
N CYS D 708 -31.34 65.82 -148.09
CA CYS D 708 -30.09 66.47 -147.76
C CYS D 708 -29.01 66.09 -148.76
N GLY D 709 -28.28 67.09 -149.23
CA GLY D 709 -27.21 66.85 -150.19
C GLY D 709 -27.71 66.74 -151.61
N ASP D 710 -26.95 66.01 -152.42
CA ASP D 710 -27.23 65.87 -153.84
C ASP D 710 -28.21 64.74 -154.13
N GLN D 711 -28.20 63.69 -153.30
CA GLN D 711 -28.93 62.45 -153.53
C GLN D 711 -28.32 61.68 -154.69
N ASN D 712 -27.34 62.30 -155.36
CA ASN D 712 -26.59 61.66 -156.44
C ASN D 712 -25.12 61.52 -156.10
N THR D 713 -24.46 62.60 -155.69
CA THR D 713 -23.09 62.50 -155.19
C THR D 713 -23.08 62.18 -153.70
N LEU D 714 -23.88 61.19 -153.34
CA LEU D 714 -23.91 60.61 -152.01
C LEU D 714 -23.61 59.13 -152.15
N MET D 715 -23.18 58.51 -151.06
CA MET D 715 -22.77 57.11 -151.04
C MET D 715 -21.80 56.81 -152.19
N GLU D 716 -20.78 57.66 -152.29
CA GLU D 716 -19.68 57.46 -153.22
C GLU D 716 -18.67 56.51 -152.57
N GLU D 717 -18.13 55.60 -153.38
CA GLU D 717 -17.20 54.62 -152.85
C GLU D 717 -15.96 55.30 -152.29
N SER D 718 -15.62 54.96 -151.04
CA SER D 718 -14.34 55.36 -150.50
C SER D 718 -13.22 54.69 -151.30
N ALA D 719 -12.08 55.38 -151.40
CA ALA D 719 -10.95 54.86 -152.16
C ALA D 719 -10.58 53.45 -151.71
N GLU D 720 -10.71 53.17 -150.42
CA GLU D 720 -10.45 51.82 -149.92
C GLU D 720 -11.38 50.80 -150.56
N GLN D 721 -12.68 51.11 -150.64
CA GLN D 721 -13.61 50.19 -151.27
C GLN D 721 -13.37 50.10 -152.77
N ALA D 722 -12.99 51.21 -153.40
CA ALA D 722 -12.73 51.20 -154.84
C ALA D 722 -11.55 50.29 -155.17
N GLN D 723 -10.49 50.34 -154.36
CA GLN D 723 -9.35 49.45 -154.59
C GLN D 723 -9.58 48.05 -154.03
N ARG D 724 -10.59 47.87 -153.18
CA ARG D 724 -10.91 46.55 -152.66
C ARG D 724 -11.74 45.74 -153.65
N ARG D 725 -12.70 46.39 -154.31
CA ARG D 725 -13.55 45.68 -155.26
C ARG D 725 -12.72 45.13 -156.43
N ASP D 726 -11.75 45.91 -156.90
CA ASP D 726 -10.94 45.47 -158.03
C ASP D 726 -10.16 44.20 -157.69
N GLU D 727 -9.54 44.17 -156.51
CA GLU D 727 -8.77 42.99 -156.14
C GLU D 727 -9.69 41.82 -155.84
N MET D 728 -10.85 42.06 -155.25
CA MET D 728 -11.79 40.97 -154.99
C MET D 728 -12.45 40.45 -156.25
N LEU D 729 -12.39 41.20 -157.35
CA LEU D 729 -12.86 40.70 -158.63
C LEU D 729 -11.77 39.96 -159.39
N ARG D 730 -10.53 40.46 -159.35
CA ARG D 730 -9.45 39.72 -160.00
C ARG D 730 -9.19 38.41 -159.27
N MET D 731 -9.41 38.36 -157.96
CA MET D 731 -9.29 37.09 -157.26
C MET D 731 -10.38 36.11 -157.69
N TYR D 732 -11.59 36.62 -157.98
CA TYR D 732 -12.62 35.76 -158.55
C TYR D 732 -12.18 35.19 -159.88
N HIS D 733 -11.63 36.03 -160.75
CA HIS D 733 -11.16 35.55 -162.05
C HIS D 733 -10.06 34.50 -161.88
N ALA D 734 -9.12 34.75 -160.97
CA ALA D 734 -8.02 33.82 -160.76
C ALA D 734 -8.52 32.48 -160.20
N LEU D 735 -9.49 32.52 -159.28
CA LEU D 735 -10.04 31.28 -158.76
C LEU D 735 -10.78 30.50 -159.84
N LYS D 736 -11.52 31.21 -160.69
CA LYS D 736 -12.18 30.54 -161.81
C LYS D 736 -11.16 29.87 -162.72
N GLU D 737 -10.05 30.55 -163.00
CA GLU D 737 -9.02 29.97 -163.86
C GLU D 737 -8.37 28.77 -163.19
N ALA D 738 -8.13 28.84 -161.88
CA ALA D 738 -7.53 27.69 -161.18
C ALA D 738 -8.45 26.48 -161.22
N LEU D 739 -9.76 26.69 -161.02
CA LEU D 739 -10.69 25.58 -161.13
C LEU D 739 -10.75 25.03 -162.55
N SER D 740 -10.65 25.91 -163.55
CA SER D 740 -10.60 25.43 -164.93
C SER D 740 -9.38 24.55 -165.17
N ILE D 741 -8.22 24.95 -164.63
CA ILE D 741 -7.01 24.16 -164.81
C ILE D 741 -7.13 22.83 -164.07
N ILE D 742 -7.73 22.83 -162.89
CA ILE D 742 -7.93 21.57 -162.17
C ILE D 742 -8.82 20.63 -162.99
N GLY D 743 -9.89 21.16 -163.56
CA GLY D 743 -10.74 20.34 -164.42
C GLY D 743 -9.98 19.81 -165.63
N ASN D 744 -9.15 20.65 -166.24
CA ASN D 744 -8.38 20.21 -167.40
C ASN D 744 -7.40 19.10 -167.04
N ILE D 745 -6.72 19.23 -165.90
CA ILE D 745 -5.77 18.19 -165.51
C ILE D 745 -6.48 16.91 -165.10
N ASN D 746 -7.68 17.02 -164.52
CA ASN D 746 -8.46 15.82 -164.23
C ASN D 746 -8.89 15.14 -165.52
N THR D 747 -9.25 15.92 -166.55
CA THR D 747 -9.51 15.35 -167.86
C THR D 747 -8.26 14.66 -168.41
N THR D 748 -7.10 15.29 -168.26
CA THR D 748 -5.81 14.76 -168.70
C THR D 748 -5.84 14.39 -170.18
N ASN E 3 33.58 60.54 -171.94
CA ASN E 3 34.36 61.52 -171.19
C ASN E 3 35.84 61.18 -171.20
N ARG E 4 36.68 62.20 -171.41
CA ARG E 4 38.12 62.00 -171.53
C ARG E 4 38.78 61.72 -170.18
N GLY E 5 38.12 62.07 -169.07
CA GLY E 5 38.69 61.77 -167.78
C GLY E 5 38.90 60.29 -167.57
N MET E 6 38.00 59.47 -168.11
CA MET E 6 38.12 58.02 -167.95
C MET E 6 39.21 57.45 -168.86
N GLU E 7 39.37 58.02 -170.07
CA GLU E 7 40.54 57.72 -170.90
C GLU E 7 41.84 58.06 -170.18
N ASP E 8 41.83 59.09 -169.34
CA ASP E 8 43.04 59.44 -168.60
C ASP E 8 43.42 58.35 -167.60
N LEU E 9 42.45 57.53 -167.17
CA LEU E 9 42.70 56.53 -166.15
C LEU E 9 42.76 55.10 -166.66
N ILE E 10 42.22 54.82 -167.86
CA ILE E 10 42.27 53.44 -168.38
C ILE E 10 43.68 52.87 -168.46
N PRO E 11 44.72 53.60 -168.89
CA PRO E 11 46.02 52.92 -168.98
C PRO E 11 46.62 52.61 -167.62
N LEU E 12 46.44 53.48 -166.63
CA LEU E 12 47.05 53.26 -165.33
C LEU E 12 46.36 52.15 -164.53
N VAL E 13 45.21 51.65 -164.99
CA VAL E 13 44.56 50.52 -164.34
C VAL E 13 44.75 49.28 -165.21
N ASN E 14 44.81 49.48 -166.52
CA ASN E 14 45.02 48.36 -167.43
C ASN E 14 46.44 47.83 -167.33
N ARG E 15 47.41 48.70 -167.04
CA ARG E 15 48.79 48.28 -166.81
C ARG E 15 48.96 47.68 -165.42
N LEU E 16 48.00 47.92 -164.53
CA LEU E 16 48.10 47.54 -163.13
C LEU E 16 47.42 46.20 -162.84
N GLN E 17 46.12 46.12 -163.11
CA GLN E 17 45.35 44.93 -162.76
C GLN E 17 45.81 43.73 -163.56
N ASP E 18 46.23 43.95 -164.81
CA ASP E 18 46.73 42.83 -165.61
C ASP E 18 47.93 42.19 -164.94
N ALA E 19 48.84 42.99 -164.39
CA ALA E 19 50.00 42.45 -163.71
C ALA E 19 49.61 41.77 -162.39
N PHE E 20 48.82 42.45 -161.57
CA PHE E 20 48.41 41.84 -160.29
C PHE E 20 47.58 40.59 -160.48
N SER E 21 47.00 40.37 -161.66
CA SER E 21 46.31 39.13 -161.93
C SER E 21 47.17 38.12 -162.69
N ALA E 22 48.22 38.60 -163.37
CA ALA E 22 49.16 37.70 -164.01
C ALA E 22 50.06 37.01 -162.99
N ILE E 23 50.32 37.66 -161.85
CA ILE E 23 51.00 36.97 -160.77
C ILE E 23 50.15 35.85 -160.17
N GLY E 24 48.87 35.78 -160.54
CA GLY E 24 47.99 34.74 -160.08
C GLY E 24 47.29 35.00 -158.77
N GLN E 25 47.73 36.00 -158.01
CA GLN E 25 47.08 36.30 -156.74
C GLN E 25 45.74 36.97 -156.96
N ASN E 26 44.85 36.81 -155.97
CA ASN E 26 43.58 37.50 -155.98
C ASN E 26 43.74 38.92 -155.44
N ALA E 27 44.70 39.66 -155.99
CA ALA E 27 44.89 41.05 -155.64
C ALA E 27 44.03 41.92 -156.54
N ASP E 28 43.34 42.89 -155.93
CA ASP E 28 42.39 43.69 -156.67
C ASP E 28 42.44 45.12 -156.17
N LEU E 29 42.02 46.05 -157.05
CA LEU E 29 41.99 47.46 -156.70
C LEU E 29 40.72 47.82 -155.95
N ASP E 30 39.58 47.22 -156.34
CA ASP E 30 38.28 47.53 -155.76
C ASP E 30 37.94 49.01 -155.93
N LEU E 31 37.78 49.41 -157.18
CA LEU E 31 37.26 50.73 -157.48
C LEU E 31 35.91 50.91 -156.82
N PRO E 32 35.68 51.99 -156.07
CA PRO E 32 34.38 52.16 -155.42
C PRO E 32 33.26 52.26 -156.44
N GLN E 33 32.10 51.74 -156.04
CA GLN E 33 30.93 51.78 -156.91
C GLN E 33 30.12 53.04 -156.63
N ILE E 34 29.53 53.57 -157.69
CA ILE E 34 28.86 54.87 -157.64
C ILE E 34 27.36 54.65 -157.52
N ALA E 35 26.78 55.03 -156.38
CA ALA E 35 25.35 55.01 -156.19
C ALA E 35 24.85 56.44 -155.99
N VAL E 36 23.58 56.67 -156.33
CA VAL E 36 22.96 57.98 -156.19
C VAL E 36 21.71 57.85 -155.34
N VAL E 37 21.52 58.79 -154.42
CA VAL E 37 20.37 58.80 -153.53
C VAL E 37 19.73 60.18 -153.58
N GLY E 38 18.48 60.23 -153.15
CA GLY E 38 17.73 61.47 -153.12
C GLY E 38 16.25 61.21 -153.24
N GLY E 39 15.49 62.29 -153.28
CA GLY E 39 14.06 62.20 -153.45
C GLY E 39 13.67 62.06 -154.90
N GLN E 40 12.38 61.80 -155.12
CA GLN E 40 11.87 61.62 -156.47
C GLN E 40 12.03 62.92 -157.26
N SER E 41 12.29 62.78 -158.56
CA SER E 41 12.44 63.90 -159.48
C SER E 41 13.61 64.79 -159.10
N ALA E 42 14.66 64.21 -158.51
CA ALA E 42 15.88 64.96 -158.25
C ALA E 42 16.82 65.00 -159.45
N GLY E 43 16.61 64.14 -160.45
CA GLY E 43 17.46 64.14 -161.63
C GLY E 43 18.59 63.14 -161.61
N LYS E 44 18.47 62.07 -160.83
CA LYS E 44 19.59 61.14 -160.66
C LYS E 44 19.95 60.44 -161.95
N SER E 45 18.94 59.97 -162.69
CA SER E 45 19.21 59.29 -163.96
C SER E 45 19.91 60.21 -164.94
N SER E 46 19.49 61.49 -164.99
CA SER E 46 20.16 62.45 -165.85
C SER E 46 21.54 62.81 -165.36
N VAL E 47 21.81 62.66 -164.07
CA VAL E 47 23.18 62.83 -163.58
C VAL E 47 24.06 61.70 -164.05
N LEU E 48 23.59 60.46 -163.94
CA LEU E 48 24.38 59.31 -164.39
C LEU E 48 24.61 59.36 -165.89
N GLU E 49 23.58 59.71 -166.65
CA GLU E 49 23.73 59.84 -168.10
C GLU E 49 24.83 60.81 -168.46
N ASN E 50 24.86 61.96 -167.79
CA ASN E 50 25.86 62.98 -168.11
C ASN E 50 27.25 62.59 -167.60
N PHE E 51 27.32 61.88 -166.48
CA PHE E 51 28.63 61.41 -166.01
C PHE E 51 29.22 60.39 -166.97
N VAL E 52 28.40 59.50 -167.52
CA VAL E 52 28.90 58.55 -168.51
C VAL E 52 29.25 59.26 -169.81
N GLY E 53 28.26 59.91 -170.42
CA GLY E 53 28.49 60.63 -171.65
C GLY E 53 27.64 60.13 -172.80
N ARG E 54 26.71 59.23 -172.52
CA ARG E 54 25.84 58.67 -173.55
C ARG E 54 24.42 58.59 -173.01
N ASP E 55 23.47 58.62 -173.94
CA ASP E 55 22.04 58.73 -173.62
C ASP E 55 21.44 57.33 -173.61
N PHE E 56 21.45 56.69 -172.44
CA PHE E 56 20.96 55.32 -172.35
C PHE E 56 20.15 55.09 -171.07
N LEU E 57 19.48 56.12 -170.57
CA LEU E 57 18.71 55.97 -169.34
C LEU E 57 17.33 56.59 -169.51
N PRO E 58 16.34 56.10 -168.78
CA PRO E 58 15.01 56.71 -168.85
C PRO E 58 14.88 57.86 -167.87
N ARG E 59 14.15 58.90 -168.29
CA ARG E 59 13.93 60.06 -167.44
C ARG E 59 12.67 60.78 -167.89
N GLY E 60 12.09 61.55 -166.98
CA GLY E 60 10.91 62.31 -167.31
C GLY E 60 10.21 62.77 -166.04
N SER E 61 9.13 63.52 -166.25
CA SER E 61 8.31 63.94 -165.13
C SER E 61 7.63 62.74 -164.49
N GLY E 62 7.20 62.91 -163.25
CA GLY E 62 6.64 61.78 -162.55
C GLY E 62 7.73 60.79 -162.16
N ILE E 63 7.31 59.57 -161.85
CA ILE E 63 8.21 58.51 -161.45
C ILE E 63 8.69 57.78 -162.69
N VAL E 64 10.01 57.68 -162.85
CA VAL E 64 10.59 57.06 -164.04
C VAL E 64 11.51 55.91 -163.64
N THR E 65 12.56 56.21 -162.89
CA THR E 65 13.49 55.18 -162.45
C THR E 65 12.79 54.32 -161.41
N ARG E 66 12.15 53.24 -161.87
CA ARG E 66 11.25 52.46 -161.03
C ARG E 66 11.89 51.17 -160.52
N ARG E 67 13.02 50.75 -161.09
CA ARG E 67 13.76 49.58 -160.66
C ARG E 67 15.23 49.93 -160.57
N PRO E 68 15.93 49.42 -159.54
CA PRO E 68 17.38 49.68 -159.45
C PRO E 68 18.09 49.16 -160.68
N LEU E 69 19.06 49.93 -161.16
CA LEU E 69 19.82 49.59 -162.35
C LEU E 69 21.29 49.47 -161.97
N VAL E 70 21.84 48.28 -162.11
CA VAL E 70 23.25 48.05 -161.85
C VAL E 70 23.94 48.08 -163.21
N LEU E 71 24.39 49.26 -163.61
CA LEU E 71 25.22 49.41 -164.78
C LEU E 71 26.64 48.98 -164.45
N GLN E 72 27.27 48.28 -165.38
CA GLN E 72 28.66 47.88 -165.25
C GLN E 72 29.38 48.30 -166.52
N LEU E 73 30.18 49.35 -166.41
CA LEU E 73 31.07 49.71 -167.50
C LEU E 73 32.25 48.75 -167.47
N VAL E 74 32.56 48.14 -168.61
CA VAL E 74 33.63 47.15 -168.73
C VAL E 74 34.48 47.49 -169.94
N ASN E 75 35.79 47.57 -169.72
CA ASN E 75 36.72 47.84 -170.81
C ASN E 75 36.80 46.64 -171.74
N ALA E 76 36.63 46.88 -173.04
CA ALA E 76 36.62 45.82 -174.02
C ALA E 76 37.12 46.36 -175.34
N THR E 77 36.97 45.57 -176.40
CA THR E 77 37.49 45.94 -177.71
C THR E 77 36.59 46.95 -178.40
N THR E 78 35.34 46.58 -178.64
CA THR E 78 34.39 47.42 -179.35
C THR E 78 33.30 47.93 -178.41
N GLU E 79 32.47 48.82 -178.95
CA GLU E 79 31.40 49.46 -178.20
C GLU E 79 30.10 48.70 -178.39
N TYR E 80 29.51 48.23 -177.30
CA TYR E 80 28.19 47.62 -177.31
C TYR E 80 27.70 47.52 -175.87
N ALA E 81 26.49 47.01 -175.70
CA ALA E 81 25.93 46.84 -174.38
C ALA E 81 24.96 45.66 -174.40
N GLU E 82 24.90 44.95 -173.28
CA GLU E 82 23.99 43.81 -173.16
C GLU E 82 23.34 43.77 -171.79
N PHE E 83 22.07 43.40 -171.77
CA PHE E 83 21.35 43.15 -170.53
C PHE E 83 21.72 41.79 -169.99
N LEU E 84 21.01 41.37 -168.95
CA LEU E 84 21.21 40.04 -168.36
C LEU E 84 20.03 39.10 -168.62
N HIS E 85 18.80 39.62 -168.60
CA HIS E 85 17.63 38.80 -168.90
C HIS E 85 17.57 38.37 -170.36
N CYS E 86 18.36 38.98 -171.24
CA CYS E 86 18.36 38.70 -172.67
C CYS E 86 19.76 38.38 -173.15
N LYS E 87 20.41 37.43 -172.47
CA LYS E 87 21.79 37.08 -172.76
C LYS E 87 22.02 36.87 -174.25
N GLY E 88 23.17 37.37 -174.73
CA GLY E 88 23.54 37.24 -176.12
C GLY E 88 23.00 38.32 -177.04
N LYS E 89 21.99 39.08 -176.60
CA LYS E 89 21.40 40.14 -177.40
C LYS E 89 22.22 41.41 -177.18
N LYS E 90 23.22 41.62 -178.03
CA LYS E 90 24.08 42.78 -177.92
C LYS E 90 23.35 44.01 -178.47
N PHE E 91 23.40 45.10 -177.72
CA PHE E 91 22.74 46.34 -178.09
C PHE E 91 23.78 47.39 -178.48
N THR E 92 23.60 47.99 -179.65
CA THR E 92 24.43 49.10 -180.10
C THR E 92 23.64 50.40 -180.23
N ASP E 93 22.33 50.33 -180.43
CA ASP E 93 21.50 51.53 -180.56
C ASP E 93 21.02 51.93 -179.16
N PHE E 94 21.54 53.04 -178.67
CA PHE E 94 21.20 53.48 -177.32
C PHE E 94 19.74 53.87 -177.18
N GLU E 95 19.08 54.25 -178.27
CA GLU E 95 17.63 54.42 -178.22
C GLU E 95 16.93 53.10 -177.93
N GLU E 96 17.40 52.01 -178.55
CA GLU E 96 16.86 50.70 -178.21
C GLU E 96 17.16 50.33 -176.77
N VAL E 97 18.34 50.69 -176.28
CA VAL E 97 18.67 50.43 -174.87
C VAL E 97 17.69 51.17 -173.96
N ARG E 98 17.44 52.44 -174.27
CA ARG E 98 16.53 53.25 -173.44
C ARG E 98 15.11 52.69 -173.47
N LEU E 99 14.65 52.27 -174.65
CA LEU E 99 13.31 51.68 -174.73
C LEU E 99 13.24 50.37 -173.97
N GLU E 100 14.25 49.52 -174.12
CA GLU E 100 14.22 48.20 -173.50
C GLU E 100 14.32 48.29 -171.98
N ILE E 101 15.07 49.26 -171.46
CA ILE E 101 15.22 49.34 -170.01
C ILE E 101 13.87 49.66 -169.36
N GLU E 102 13.10 50.58 -169.94
CA GLU E 102 11.79 50.86 -169.36
C GLU E 102 10.78 49.75 -169.68
N ALA E 103 10.97 49.06 -170.81
CA ALA E 103 10.13 47.89 -171.08
C ALA E 103 10.32 46.81 -170.02
N GLU E 104 11.57 46.54 -169.65
CA GLU E 104 11.83 45.62 -168.56
C GLU E 104 11.36 46.19 -167.23
N THR E 105 11.44 47.51 -167.08
CA THR E 105 11.03 48.15 -165.84
C THR E 105 9.54 47.93 -165.56
N ASP E 106 8.70 48.11 -166.59
CA ASP E 106 7.28 47.91 -166.37
C ASP E 106 6.82 46.48 -166.64
N ARG E 107 7.67 45.63 -167.25
CA ARG E 107 7.32 44.23 -167.44
C ARG E 107 7.19 43.47 -166.14
N VAL E 108 7.73 44.02 -165.04
CA VAL E 108 7.70 43.35 -163.76
C VAL E 108 6.70 43.98 -162.79
N THR E 109 6.52 45.30 -162.86
CA THR E 109 5.69 46.02 -161.90
C THR E 109 4.38 46.51 -162.46
N GLY E 110 4.28 46.70 -163.78
CA GLY E 110 3.10 47.29 -164.38
C GLY E 110 3.30 48.75 -164.69
N THR E 111 2.19 49.42 -164.97
CA THR E 111 2.19 50.85 -165.27
C THR E 111 1.63 51.66 -164.11
N ASN E 112 1.37 51.02 -162.98
CA ASN E 112 0.71 51.68 -161.85
C ASN E 112 1.74 52.08 -160.78
N LYS E 113 2.96 52.40 -161.20
CA LYS E 113 3.98 53.02 -160.35
C LYS E 113 4.36 52.17 -159.14
N GLY E 114 4.23 50.85 -159.24
CA GLY E 114 4.78 49.98 -158.21
C GLY E 114 6.24 49.67 -158.47
N ILE E 115 6.97 49.26 -157.43
CA ILE E 115 8.40 49.03 -157.59
C ILE E 115 8.73 47.61 -157.15
N SER E 116 9.93 47.18 -157.55
CA SER E 116 10.43 45.85 -157.30
C SER E 116 11.87 45.96 -156.81
N PRO E 117 12.23 45.31 -155.71
CA PRO E 117 13.60 45.43 -155.20
C PRO E 117 14.58 44.51 -155.90
N VAL E 118 14.18 43.96 -157.05
CA VAL E 118 15.04 43.05 -157.82
C VAL E 118 15.80 43.90 -158.84
N PRO E 119 17.12 43.99 -158.77
CA PRO E 119 17.86 44.89 -159.66
C PRO E 119 17.76 44.52 -161.13
N ILE E 120 18.32 45.37 -161.98
CA ILE E 120 18.41 45.11 -163.41
C ILE E 120 19.89 45.26 -163.76
N ASN E 121 20.55 44.14 -164.01
CA ASN E 121 21.95 44.20 -164.41
C ASN E 121 22.07 44.63 -165.87
N LEU E 122 23.12 45.40 -166.15
CA LEU E 122 23.39 45.85 -167.50
C LEU E 122 24.89 46.00 -167.62
N ARG E 123 25.46 45.64 -168.76
CA ARG E 123 26.90 45.74 -168.96
C ARG E 123 27.18 46.46 -170.27
N VAL E 124 27.86 47.60 -170.19
CA VAL E 124 28.30 48.34 -171.37
C VAL E 124 29.78 48.05 -171.57
N TYR E 125 30.10 47.35 -172.66
CA TYR E 125 31.48 47.04 -173.00
C TYR E 125 31.97 48.07 -173.99
N SER E 126 33.10 48.70 -173.67
CA SER E 126 33.63 49.75 -174.52
C SER E 126 35.10 49.97 -174.19
N PRO E 127 35.91 50.39 -175.16
CA PRO E 127 37.30 50.77 -174.85
C PRO E 127 37.41 52.08 -174.09
N HIS E 128 36.30 52.78 -173.87
CA HIS E 128 36.32 54.10 -173.26
C HIS E 128 35.79 54.09 -171.82
N VAL E 129 35.75 52.92 -171.19
CA VAL E 129 35.23 52.80 -169.84
C VAL E 129 36.18 51.98 -168.97
N LEU E 130 36.10 52.22 -167.67
CA LEU E 130 36.81 51.40 -166.68
C LEU E 130 35.99 50.16 -166.39
N ASN E 131 36.36 49.44 -165.32
CA ASN E 131 35.54 48.37 -164.77
C ASN E 131 34.73 48.88 -163.59
N LEU E 132 33.76 49.74 -163.90
CA LEU E 132 33.02 50.47 -162.88
C LEU E 132 31.60 49.93 -162.71
N THR E 133 31.07 50.13 -161.49
CA THR E 133 29.72 49.73 -161.14
C THR E 133 28.95 50.99 -160.76
N LEU E 134 27.99 51.37 -161.59
CA LEU E 134 27.13 52.54 -161.37
C LEU E 134 25.75 52.03 -160.97
N VAL E 135 25.35 52.31 -159.75
CA VAL E 135 24.10 51.78 -159.20
C VAL E 135 23.09 52.94 -159.20
N ASP E 136 22.30 53.02 -160.27
CA ASP E 136 21.18 53.93 -160.26
C ASP E 136 20.06 53.36 -159.41
N LEU E 137 19.42 54.21 -158.63
CA LEU E 137 18.42 53.79 -157.65
C LEU E 137 17.13 54.55 -157.88
N PRO E 138 16.00 53.99 -157.48
CA PRO E 138 14.73 54.71 -157.63
C PRO E 138 14.63 55.86 -156.65
N GLY E 139 13.85 56.86 -157.04
CA GLY E 139 13.65 58.00 -156.16
C GLY E 139 12.94 57.61 -154.88
N MET E 140 13.29 58.30 -153.80
CA MET E 140 12.68 58.03 -152.50
C MET E 140 11.30 58.66 -152.43
N THR E 141 10.37 57.92 -151.83
CA THR E 141 8.97 58.29 -151.76
C THR E 141 8.49 58.15 -150.32
N LYS E 142 7.51 58.97 -149.94
CA LYS E 142 7.04 58.97 -148.56
C LYS E 142 5.59 58.56 -148.46
N VAL E 143 4.78 58.87 -149.47
CA VAL E 143 3.37 58.45 -149.47
C VAL E 143 3.11 57.56 -150.68
N PRO E 144 2.40 56.45 -150.51
CA PRO E 144 2.21 55.52 -151.63
C PRO E 144 1.24 56.04 -152.67
N VAL E 145 1.75 56.33 -153.87
CA VAL E 145 0.92 56.72 -155.00
C VAL E 145 0.75 55.52 -155.93
N GLY E 146 -0.48 55.28 -156.38
CA GLY E 146 -0.74 54.12 -157.20
C GLY E 146 -1.10 52.90 -156.38
N ASP E 147 -0.64 51.72 -156.82
CA ASP E 147 -0.88 50.48 -156.10
C ASP E 147 0.27 50.11 -155.18
N GLN E 148 1.12 51.06 -154.84
CA GLN E 148 2.24 50.77 -153.96
C GLN E 148 1.74 50.41 -152.57
N PRO E 149 2.40 49.46 -151.90
CA PRO E 149 1.97 49.04 -150.57
C PRO E 149 2.17 50.15 -149.56
N PRO E 150 1.57 50.03 -148.37
CA PRO E 150 1.65 51.14 -147.39
C PRO E 150 3.06 51.45 -146.91
N ASP E 151 4.01 50.54 -147.08
CA ASP E 151 5.37 50.74 -146.59
C ASP E 151 6.34 50.98 -147.75
N ILE E 152 5.91 51.78 -148.71
CA ILE E 152 6.78 52.11 -149.86
C ILE E 152 8.04 52.82 -149.39
N GLU E 153 7.91 53.73 -148.42
CA GLU E 153 9.06 54.45 -147.92
C GLU E 153 10.07 53.50 -147.30
N PHE E 154 9.58 52.54 -146.51
CA PHE E 154 10.50 51.65 -145.83
C PHE E 154 11.13 50.66 -146.80
N GLN E 155 10.39 50.19 -147.80
CA GLN E 155 11.02 49.26 -148.73
C GLN E 155 11.84 49.97 -149.80
N ILE E 156 11.80 51.30 -149.88
CA ILE E 156 12.76 52.01 -150.71
C ILE E 156 14.00 52.37 -149.91
N ARG E 157 13.83 52.72 -148.63
CA ARG E 157 14.99 52.96 -147.78
C ARG E 157 15.80 51.70 -147.56
N ASP E 158 15.14 50.57 -147.31
CA ASP E 158 15.85 49.30 -147.19
C ASP E 158 16.44 48.87 -148.53
N MET E 159 15.82 49.31 -149.63
CA MET E 159 16.42 49.10 -150.94
C MET E 159 17.76 49.83 -151.04
N LEU E 160 17.79 51.09 -150.58
CA LEU E 160 19.00 51.90 -150.72
C LEU E 160 20.09 51.47 -149.77
N MET E 161 19.72 50.95 -148.59
CA MET E 161 20.74 50.54 -147.63
C MET E 161 21.62 49.43 -148.17
N GLN E 162 21.04 48.41 -148.80
CA GLN E 162 21.86 47.29 -149.26
C GLN E 162 22.82 47.70 -150.37
N PHE E 163 22.64 48.89 -150.95
CA PHE E 163 23.53 49.38 -151.99
C PHE E 163 24.49 50.46 -151.52
N VAL E 164 24.16 51.19 -150.46
CA VAL E 164 25.03 52.29 -150.03
C VAL E 164 25.73 52.02 -148.71
N THR E 165 25.34 51.00 -147.94
CA THR E 165 26.00 50.77 -146.67
C THR E 165 27.36 50.13 -146.87
N LYS E 166 27.57 49.45 -147.99
CA LYS E 166 28.85 48.81 -148.25
C LYS E 166 29.93 49.86 -148.47
N GLU E 167 31.09 49.66 -147.86
CA GLU E 167 32.20 50.59 -148.03
C GLU E 167 32.65 50.59 -149.49
N ASN E 168 33.49 51.57 -149.82
CA ASN E 168 33.90 51.82 -151.20
C ASN E 168 32.68 51.98 -152.11
N CYS E 169 31.72 52.77 -151.63
CA CYS E 169 30.52 53.12 -152.39
C CYS E 169 30.36 54.63 -152.34
N LEU E 170 30.79 55.30 -153.40
CA LEU E 170 30.56 56.74 -153.51
C LEU E 170 29.07 57.01 -153.52
N ILE E 171 28.64 57.91 -152.65
CA ILE E 171 27.23 58.24 -152.51
C ILE E 171 27.03 59.63 -153.06
N LEU E 172 26.41 59.71 -154.24
CA LEU E 172 26.02 60.99 -154.81
C LEU E 172 24.68 61.36 -154.21
N ALA E 173 24.71 62.24 -153.22
CA ALA E 173 23.50 62.80 -152.64
C ALA E 173 23.00 63.87 -153.59
N VAL E 174 22.02 63.52 -154.43
CA VAL E 174 21.48 64.45 -155.42
C VAL E 174 20.28 65.14 -154.78
N SER E 175 20.33 66.47 -154.70
CA SER E 175 19.26 67.24 -154.13
C SER E 175 18.85 68.32 -155.12
N PRO E 176 17.55 68.62 -155.21
CA PRO E 176 17.11 69.68 -156.11
C PRO E 176 17.32 71.05 -155.47
N ALA E 177 17.61 72.02 -156.32
CA ALA E 177 17.81 73.37 -155.82
C ALA E 177 16.50 73.99 -155.37
N ASN E 178 15.41 73.71 -156.08
CA ASN E 178 14.12 74.30 -155.76
C ASN E 178 13.68 73.95 -154.34
N SER E 179 13.75 72.67 -153.99
CA SER E 179 13.43 72.28 -152.63
C SER E 179 14.54 72.74 -151.68
N ASP E 180 14.17 72.93 -150.42
CA ASP E 180 15.14 73.36 -149.43
C ASP E 180 16.10 72.22 -149.14
N LEU E 181 17.35 72.59 -148.81
CA LEU E 181 18.39 71.58 -148.58
C LEU E 181 18.10 70.76 -147.34
N ALA E 182 17.45 71.36 -146.34
CA ALA E 182 17.13 70.61 -145.13
C ALA E 182 16.16 69.47 -145.39
N ASN E 183 15.49 69.48 -146.53
CA ASN E 183 14.57 68.41 -146.90
C ASN E 183 15.20 67.36 -147.80
N SER E 184 16.51 67.36 -147.96
CA SER E 184 17.18 66.43 -148.86
C SER E 184 17.24 65.05 -148.22
N ASP E 185 16.36 64.15 -148.66
CA ASP E 185 16.45 62.76 -148.23
C ASP E 185 17.81 62.17 -148.59
N ALA E 186 18.41 62.64 -149.68
CA ALA E 186 19.76 62.24 -150.04
C ALA E 186 20.73 62.53 -148.92
N LEU E 187 20.70 63.76 -148.40
CA LEU E 187 21.62 64.12 -147.33
C LEU E 187 21.27 63.41 -146.04
N LYS E 188 19.99 63.14 -145.79
CA LYS E 188 19.63 62.34 -144.60
C LYS E 188 20.27 60.96 -144.67
N VAL E 189 20.12 60.30 -145.82
CA VAL E 189 20.71 58.96 -145.99
C VAL E 189 22.23 59.04 -145.90
N ALA E 190 22.83 60.08 -146.48
CA ALA E 190 24.28 60.21 -146.45
C ALA E 190 24.79 60.40 -145.02
N LYS E 191 24.11 61.22 -144.23
CA LYS E 191 24.52 61.37 -142.83
C LYS E 191 24.17 60.14 -141.98
N GLU E 192 23.26 59.30 -142.45
CA GLU E 192 23.01 58.05 -141.72
C GLU E 192 24.09 57.00 -141.99
N VAL E 193 24.46 56.81 -143.26
CA VAL E 193 25.33 55.71 -143.65
C VAL E 193 26.75 56.19 -143.95
N ASP E 194 27.07 57.44 -143.64
CA ASP E 194 28.39 58.01 -143.88
C ASP E 194 28.54 59.26 -143.02
N PRO E 195 28.65 59.11 -141.70
CA PRO E 195 28.57 60.30 -140.82
C PRO E 195 29.60 61.37 -141.15
N GLN E 196 30.88 61.00 -141.23
CA GLN E 196 31.92 62.00 -141.47
C GLN E 196 31.93 62.50 -142.90
N GLY E 197 31.14 61.90 -143.79
CA GLY E 197 31.12 62.32 -145.18
C GLY E 197 32.41 62.03 -145.92
N GLN E 198 33.03 60.88 -145.64
CA GLN E 198 34.27 60.54 -146.34
C GLN E 198 34.04 60.26 -147.81
N ARG E 199 32.93 59.58 -148.14
CA ARG E 199 32.66 59.11 -149.49
C ARG E 199 31.33 59.64 -150.00
N THR E 200 30.99 60.88 -149.64
CA THR E 200 29.73 61.50 -150.01
C THR E 200 30.01 62.69 -150.90
N ILE E 201 29.41 62.69 -152.09
CA ILE E 201 29.50 63.80 -153.02
C ILE E 201 28.13 64.44 -153.10
N GLY E 202 28.04 65.72 -152.75
CA GLY E 202 26.78 66.44 -152.85
C GLY E 202 26.62 67.05 -154.23
N VAL E 203 25.44 66.84 -154.82
CA VAL E 203 25.12 67.38 -156.13
C VAL E 203 23.82 68.16 -156.01
N ILE E 204 23.79 69.35 -156.60
CA ILE E 204 22.62 70.23 -156.57
C ILE E 204 22.12 70.40 -157.99
N THR E 205 20.90 69.94 -158.24
CA THR E 205 20.32 69.93 -159.56
C THR E 205 19.22 70.99 -159.67
N LYS E 206 18.84 71.28 -160.92
CA LYS E 206 17.76 72.21 -161.22
C LYS E 206 18.05 73.60 -160.64
N LEU E 207 19.20 74.15 -161.05
CA LEU E 207 19.58 75.49 -160.64
C LEU E 207 18.96 76.57 -161.52
N ASP E 208 18.38 76.20 -162.66
CA ASP E 208 17.71 77.16 -163.52
C ASP E 208 16.24 77.31 -163.23
N LEU E 209 15.72 76.62 -162.21
CA LEU E 209 14.31 76.69 -161.85
C LEU E 209 14.11 77.15 -160.41
N MET E 210 15.11 77.80 -159.83
CA MET E 210 14.98 78.28 -158.46
C MET E 210 13.94 79.38 -158.36
N ASP E 211 13.39 79.54 -157.16
CA ASP E 211 12.42 80.61 -156.92
C ASP E 211 13.04 81.95 -157.26
N GLU E 212 12.29 82.76 -158.01
CA GLU E 212 12.83 84.02 -158.52
C GLU E 212 13.28 84.91 -157.36
N GLY E 213 14.45 85.53 -157.53
CA GLY E 213 15.02 86.36 -156.50
C GLY E 213 15.81 85.63 -155.44
N THR E 214 15.93 84.31 -155.55
CA THR E 214 16.69 83.51 -154.60
C THR E 214 17.85 82.83 -155.33
N ASP E 215 18.87 82.43 -154.57
CA ASP E 215 20.01 81.74 -155.14
C ASP E 215 20.60 80.82 -154.08
N ALA E 216 21.08 79.67 -154.51
CA ALA E 216 21.65 78.66 -153.62
C ALA E 216 23.13 78.87 -153.38
N ARG E 217 23.62 80.10 -153.50
CA ARG E 217 25.03 80.38 -153.33
C ARG E 217 25.57 79.88 -151.99
N ASP E 218 24.80 80.10 -150.91
CA ASP E 218 25.23 79.66 -149.59
C ASP E 218 25.26 78.14 -149.47
N VAL E 219 24.65 77.42 -150.40
CA VAL E 219 24.73 75.97 -150.42
C VAL E 219 25.89 75.50 -151.29
N LEU E 220 26.01 76.07 -152.49
CA LEU E 220 27.09 75.67 -153.39
C LEU E 220 28.46 76.04 -152.83
N GLU E 221 28.53 77.05 -151.97
CA GLU E 221 29.78 77.40 -151.33
C GLU E 221 30.02 76.64 -150.04
N ASN E 222 29.30 75.53 -149.84
CA ASN E 222 29.49 74.65 -148.70
C ASN E 222 29.37 75.39 -147.38
N LYS E 223 28.49 76.39 -147.34
CA LYS E 223 28.30 77.21 -146.14
C LYS E 223 27.11 76.74 -145.31
N LEU E 224 25.97 76.49 -145.94
CA LEU E 224 24.77 76.11 -145.21
C LEU E 224 24.97 74.80 -144.47
N LEU E 225 25.18 73.72 -145.20
CA LEU E 225 25.39 72.39 -144.62
C LEU E 225 26.81 71.93 -144.91
N PRO E 226 27.69 71.89 -143.91
CA PRO E 226 29.10 71.56 -144.17
C PRO E 226 29.23 70.13 -144.69
N LEU E 227 29.90 69.99 -145.83
CA LEU E 227 30.13 68.70 -146.45
C LEU E 227 31.59 68.61 -146.85
N ARG E 228 32.20 67.44 -146.64
CA ARG E 228 33.64 67.31 -146.81
C ARG E 228 34.06 67.56 -148.26
N ARG E 229 33.38 66.95 -149.21
CA ARG E 229 33.74 67.09 -150.61
C ARG E 229 33.07 68.28 -151.28
N GLY E 230 32.18 68.97 -150.58
CA GLY E 230 31.50 70.11 -151.15
C GLY E 230 30.40 69.71 -152.11
N TYR E 231 29.63 70.72 -152.53
CA TYR E 231 28.52 70.51 -153.45
C TYR E 231 28.91 70.93 -154.85
N ILE E 232 28.32 70.26 -155.84
CA ILE E 232 28.55 70.55 -157.24
C ILE E 232 27.19 70.85 -157.88
N GLY E 233 27.03 72.07 -158.38
CA GLY E 233 25.81 72.40 -159.07
C GLY E 233 25.85 71.97 -160.53
N VAL E 234 24.71 71.50 -161.01
CA VAL E 234 24.58 71.07 -162.40
C VAL E 234 23.19 71.46 -162.91
N VAL E 235 23.12 71.78 -164.20
CA VAL E 235 21.86 72.06 -164.88
C VAL E 235 21.70 71.04 -165.99
N ASN E 236 20.62 70.28 -165.93
CA ASN E 236 20.38 69.21 -166.88
C ASN E 236 19.39 69.67 -167.94
N ARG E 237 18.98 68.76 -168.82
CA ARG E 237 17.98 69.09 -169.81
C ARG E 237 16.62 69.21 -169.14
N SER E 238 15.88 70.28 -169.45
CA SER E 238 14.53 70.43 -168.94
C SER E 238 13.63 69.38 -169.56
N GLN E 239 12.44 69.22 -168.98
CA GLN E 239 11.49 68.23 -169.50
C GLN E 239 11.08 68.57 -170.92
N LYS E 240 10.90 69.87 -171.21
CA LYS E 240 10.63 70.29 -172.57
C LYS E 240 11.77 69.91 -173.50
N ASP E 241 13.01 70.05 -173.03
CA ASP E 241 14.16 69.66 -173.83
C ASP E 241 14.17 68.15 -174.09
N ILE E 242 13.80 67.36 -173.08
CA ILE E 242 13.73 65.91 -173.26
C ILE E 242 12.67 65.56 -174.30
N ASP E 243 11.51 66.22 -174.22
CA ASP E 243 10.46 65.95 -175.21
C ASP E 243 10.88 66.39 -176.60
N GLY E 244 11.59 67.51 -176.71
CA GLY E 244 12.10 67.97 -177.99
C GLY E 244 13.36 67.31 -178.46
N LYS E 245 13.91 66.37 -177.67
CA LYS E 245 15.09 65.61 -178.04
C LYS E 245 16.30 66.52 -178.25
N LYS E 246 16.58 67.36 -177.26
CA LYS E 246 17.76 68.20 -177.29
C LYS E 246 19.02 67.35 -177.13
N ASP E 247 20.14 67.87 -177.61
CA ASP E 247 21.38 67.11 -177.65
C ASP E 247 22.33 67.54 -176.54
N ILE E 248 23.34 66.69 -176.31
CA ILE E 248 24.32 66.92 -175.26
C ILE E 248 25.11 68.19 -175.53
N THR E 249 25.44 68.46 -176.79
CA THR E 249 26.23 69.64 -177.11
C THR E 249 25.50 70.93 -176.70
N ALA E 250 24.25 71.07 -177.13
CA ALA E 250 23.49 72.26 -176.77
C ALA E 250 23.22 72.31 -175.27
N ALA E 251 22.94 71.17 -174.66
CA ALA E 251 22.71 71.17 -173.21
C ALA E 251 23.94 71.64 -172.45
N LEU E 252 25.12 71.15 -172.84
CA LEU E 252 26.35 71.58 -172.19
C LEU E 252 26.64 73.05 -172.45
N ALA E 253 26.38 73.53 -173.66
CA ALA E 253 26.60 74.94 -173.95
C ALA E 253 25.70 75.82 -173.08
N ALA E 254 24.42 75.46 -172.97
CA ALA E 254 23.51 76.22 -172.13
C ALA E 254 23.91 76.16 -170.67
N GLU E 255 24.29 74.98 -170.19
CA GLU E 255 24.70 74.83 -168.79
C GLU E 255 25.94 75.66 -168.50
N ARG E 256 26.90 75.69 -169.42
CA ARG E 256 28.10 76.48 -169.22
C ARG E 256 27.79 77.98 -169.23
N LYS E 257 26.96 78.42 -170.18
CA LYS E 257 26.65 79.85 -170.25
C LYS E 257 25.77 80.31 -169.09
N PHE E 258 25.01 79.41 -168.47
CA PHE E 258 24.16 79.80 -167.35
C PHE E 258 25.00 80.29 -166.18
N PHE E 259 26.04 79.55 -165.82
CA PHE E 259 26.86 79.93 -164.68
C PHE E 259 27.70 81.17 -164.94
N LEU E 260 27.82 81.60 -166.19
CA LEU E 260 28.41 82.89 -166.50
C LEU E 260 27.37 84.00 -166.48
N SER E 261 26.15 83.71 -166.91
CA SER E 261 25.10 84.72 -166.90
C SER E 261 24.67 85.07 -165.48
N HIS E 262 24.61 84.07 -164.60
CA HIS E 262 24.07 84.32 -163.27
C HIS E 262 25.06 85.13 -162.43
N PRO E 263 24.67 86.30 -161.92
CA PRO E 263 25.60 87.10 -161.12
C PRO E 263 26.10 86.40 -159.86
N SER E 264 25.26 85.59 -159.22
CA SER E 264 25.67 84.94 -157.98
C SER E 264 26.64 83.77 -158.22
N TYR E 265 26.65 83.21 -159.43
CA TYR E 265 27.49 82.07 -159.74
C TYR E 265 28.57 82.38 -160.77
N ARG E 266 28.77 83.66 -161.10
CA ARG E 266 29.78 84.02 -162.08
C ARG E 266 31.18 83.60 -161.63
N HIS E 267 31.45 83.72 -160.33
CA HIS E 267 32.76 83.39 -159.79
C HIS E 267 32.89 81.92 -159.42
N LEU E 268 32.03 81.07 -159.98
CA LEU E 268 32.11 79.63 -159.71
C LEU E 268 31.93 78.79 -160.97
N ALA E 269 31.92 79.41 -162.16
CA ALA E 269 31.60 78.67 -163.37
C ALA E 269 32.57 77.52 -163.61
N ASP E 270 33.85 77.71 -163.29
CA ASP E 270 34.81 76.63 -163.46
C ASP E 270 34.66 75.53 -162.41
N ARG E 271 34.11 75.86 -161.25
CA ARG E 271 33.97 74.89 -160.16
C ARG E 271 32.60 74.24 -160.10
N MET E 272 31.67 74.65 -160.95
CA MET E 272 30.34 74.05 -161.02
C MET E 272 30.07 73.57 -162.44
N GLY E 273 29.27 72.52 -162.55
CA GLY E 273 28.93 71.98 -163.85
C GLY E 273 29.22 70.51 -164.03
N THR E 274 28.61 69.90 -165.05
CA THR E 274 28.83 68.48 -165.31
C THR E 274 30.28 68.12 -165.59
N PRO E 275 31.04 68.86 -166.41
CA PRO E 275 32.46 68.51 -166.56
C PRO E 275 33.21 68.53 -165.24
N TYR E 276 32.93 69.49 -164.37
CA TYR E 276 33.62 69.52 -163.08
C TYR E 276 33.16 68.38 -162.20
N LEU E 277 31.90 67.96 -162.32
CA LEU E 277 31.44 66.77 -161.61
C LEU E 277 32.20 65.53 -162.06
N GLN E 278 32.40 65.39 -163.37
CA GLN E 278 33.20 64.28 -163.89
C GLN E 278 34.61 64.34 -163.36
N LYS E 279 35.21 65.53 -163.34
CA LYS E 279 36.58 65.69 -162.85
C LYS E 279 36.67 65.29 -161.37
N VAL E 280 35.71 65.72 -160.55
CA VAL E 280 35.73 65.37 -159.14
C VAL E 280 35.56 63.88 -158.93
N LEU E 281 34.64 63.26 -159.67
CA LEU E 281 34.44 61.82 -159.53
C LEU E 281 35.70 61.04 -159.92
N ASN E 282 36.33 61.43 -161.03
CA ASN E 282 37.54 60.75 -161.46
C ASN E 282 38.69 60.99 -160.48
N GLN E 283 38.76 62.20 -159.92
CA GLN E 283 39.75 62.46 -158.88
C GLN E 283 39.52 61.57 -157.67
N GLN E 284 38.25 61.36 -157.30
CA GLN E 284 37.96 60.52 -156.15
C GLN E 284 38.31 59.06 -156.43
N LEU E 285 38.14 58.61 -157.68
CA LEU E 285 38.56 57.25 -158.04
C LEU E 285 40.08 57.12 -157.98
N THR E 286 40.79 58.12 -158.52
CA THR E 286 42.25 58.08 -158.51
C THR E 286 42.80 58.13 -157.09
N ASN E 287 42.17 58.91 -156.22
CA ASN E 287 42.59 59.00 -154.83
C ASN E 287 42.27 57.74 -154.04
N HIS E 288 41.62 56.75 -154.65
CA HIS E 288 41.50 55.42 -154.09
C HIS E 288 42.48 54.44 -154.72
N ILE E 289 42.64 54.51 -156.05
CA ILE E 289 43.65 53.68 -156.72
C ILE E 289 45.02 53.92 -156.09
N ARG E 290 45.40 55.19 -155.97
CA ARG E 290 46.70 55.53 -155.41
C ARG E 290 46.71 55.42 -153.89
N ASP E 291 45.53 55.42 -153.24
CA ASP E 291 45.48 55.18 -151.81
C ASP E 291 45.82 53.72 -151.50
N THR E 292 45.36 52.80 -152.33
CA THR E 292 45.54 51.38 -152.03
C THR E 292 46.99 50.94 -152.17
N LEU E 293 47.77 51.61 -153.02
CA LEU E 293 49.09 51.11 -153.40
C LEU E 293 50.04 50.81 -152.24
N PRO E 294 50.14 51.61 -151.17
CA PRO E 294 51.04 51.24 -150.07
C PRO E 294 50.77 49.86 -149.48
N GLY E 295 49.49 49.51 -149.29
CA GLY E 295 49.17 48.20 -148.76
C GLY E 295 49.62 47.08 -149.67
N LEU E 296 49.35 47.21 -150.97
CA LEU E 296 49.78 46.21 -151.93
C LEU E 296 51.30 46.10 -151.94
N ARG E 297 52.00 47.23 -151.91
CA ARG E 297 53.45 47.19 -151.98
C ARG E 297 54.04 46.49 -150.77
N ASN E 298 53.56 46.81 -149.56
CA ASN E 298 54.14 46.18 -148.38
C ASN E 298 53.78 44.70 -148.31
N LYS E 299 52.55 44.35 -148.67
CA LYS E 299 52.16 42.93 -148.64
C LYS E 299 52.96 42.11 -149.65
N LEU E 300 53.15 42.65 -150.85
CA LEU E 300 53.95 41.93 -151.84
C LEU E 300 55.42 41.91 -151.47
N GLN E 301 55.90 42.93 -150.75
CA GLN E 301 57.26 42.87 -150.21
C GLN E 301 57.39 41.73 -149.20
N SER E 302 56.38 41.57 -148.34
CA SER E 302 56.39 40.44 -147.41
C SER E 302 56.37 39.10 -148.13
N GLN E 303 55.57 38.99 -149.19
CA GLN E 303 55.52 37.73 -149.94
C GLN E 303 56.83 37.45 -150.66
N LEU E 304 57.44 38.48 -151.25
CA LEU E 304 58.75 38.31 -151.87
C LEU E 304 59.81 37.96 -150.84
N LEU E 305 59.68 38.50 -149.62
CA LEU E 305 60.54 38.09 -148.52
C LEU E 305 60.38 36.61 -148.22
N SER E 306 59.14 36.12 -148.25
CA SER E 306 58.90 34.70 -148.02
C SER E 306 59.54 33.84 -149.11
N ILE E 307 59.46 34.27 -150.37
CA ILE E 307 59.93 33.41 -151.45
C ILE E 307 61.44 33.55 -151.70
N GLU E 308 62.05 34.67 -151.29
CA GLU E 308 63.44 34.91 -151.63
C GLU E 308 64.37 33.89 -150.97
N LYS E 309 64.01 33.43 -149.76
CA LYS E 309 64.84 32.42 -149.09
C LYS E 309 64.89 31.14 -149.92
N GLU E 310 63.74 30.70 -150.44
CA GLU E 310 63.74 29.54 -151.31
C GLU E 310 64.49 29.81 -152.60
N VAL E 311 64.43 31.04 -153.11
CA VAL E 311 65.20 31.38 -154.30
C VAL E 311 66.70 31.40 -154.01
N GLU E 312 67.10 31.56 -152.74
CA GLU E 312 68.52 31.63 -152.42
C GLU E 312 69.24 30.34 -152.81
N GLU E 313 68.71 29.19 -152.41
CA GLU E 313 69.27 27.93 -152.86
C GLU E 313 68.94 27.64 -154.31
N TYR E 314 68.07 28.43 -154.94
CA TYR E 314 67.69 28.26 -156.33
C TYR E 314 68.10 29.44 -157.20
N LYS E 315 69.28 30.01 -156.93
CA LYS E 315 69.82 31.01 -157.84
C LYS E 315 70.08 30.41 -159.22
N ASN E 316 70.65 29.22 -159.26
CA ASN E 316 71.09 28.59 -160.50
C ASN E 316 70.64 27.14 -160.56
N PHE E 317 70.46 26.64 -161.78
CA PHE E 317 70.09 25.24 -162.01
C PHE E 317 70.56 24.85 -163.41
N ARG E 318 71.55 23.98 -163.47
CA ARG E 318 72.04 23.46 -164.73
C ARG E 318 71.58 22.01 -164.92
N PRO E 319 71.53 21.53 -166.16
CA PRO E 319 71.22 20.11 -166.38
C PRO E 319 72.24 19.22 -165.70
N ASP E 320 71.73 18.12 -165.13
CA ASP E 320 72.53 17.06 -164.51
C ASP E 320 73.11 17.47 -163.16
N ASP E 321 72.99 18.75 -162.80
CA ASP E 321 73.30 19.28 -161.47
C ASP E 321 74.60 18.72 -160.91
N PRO E 322 75.76 19.15 -161.40
CA PRO E 322 77.02 18.48 -161.02
C PRO E 322 77.29 18.50 -159.53
N ALA E 323 76.97 19.58 -158.83
CA ALA E 323 77.25 19.70 -157.41
C ALA E 323 76.01 19.82 -156.54
N ARG E 324 74.90 20.32 -157.11
CA ARG E 324 73.66 20.36 -156.35
C ARG E 324 73.24 18.97 -155.92
N LYS E 325 73.51 17.96 -156.76
CA LYS E 325 73.17 16.60 -156.41
C LYS E 325 73.91 16.14 -155.17
N THR E 326 75.23 16.37 -155.12
CA THR E 326 76.00 15.98 -153.94
C THR E 326 75.56 16.76 -152.71
N LYS E 327 75.32 18.06 -152.87
CA LYS E 327 74.90 18.87 -151.72
C LYS E 327 73.57 18.37 -151.16
N ALA E 328 72.60 18.12 -152.04
CA ALA E 328 71.29 17.64 -151.60
C ALA E 328 71.40 16.24 -151.00
N LEU E 329 72.28 15.40 -151.54
CA LEU E 329 72.51 14.09 -150.94
C LEU E 329 73.00 14.24 -149.52
N LEU E 330 73.95 15.14 -149.29
CA LEU E 330 74.44 15.35 -147.94
C LEU E 330 73.34 15.87 -147.03
N GLN E 331 72.51 16.80 -147.53
CA GLN E 331 71.42 17.33 -146.71
C GLN E 331 70.45 16.21 -146.33
N MET E 332 70.08 15.37 -147.28
CA MET E 332 69.16 14.27 -146.99
C MET E 332 69.77 13.29 -145.99
N VAL E 333 71.05 12.96 -146.17
CA VAL E 333 71.70 12.02 -145.26
C VAL E 333 71.75 12.58 -143.85
N GLN E 334 72.09 13.87 -143.72
CA GLN E 334 72.13 14.47 -142.39
C GLN E 334 70.74 14.53 -141.77
N GLN E 335 69.72 14.85 -142.57
CA GLN E 335 68.35 14.85 -142.05
C GLN E 335 67.95 13.48 -141.56
N PHE E 336 68.26 12.44 -142.34
CA PHE E 336 67.93 11.08 -141.93
C PHE E 336 68.66 10.70 -140.65
N ALA E 337 69.96 11.03 -140.56
CA ALA E 337 70.71 10.66 -139.37
C ALA E 337 70.19 11.38 -138.13
N VAL E 338 69.94 12.68 -138.24
CA VAL E 338 69.46 13.41 -137.08
C VAL E 338 68.05 12.98 -136.71
N ASP E 339 67.23 12.58 -137.69
CA ASP E 339 65.89 12.12 -137.36
C ASP E 339 65.91 10.73 -136.74
N PHE E 340 66.81 9.86 -137.19
CA PHE E 340 66.99 8.58 -136.53
C PHE E 340 67.41 8.76 -135.08
N GLU E 341 68.40 9.62 -134.85
CA GLU E 341 68.86 9.87 -133.49
C GLU E 341 67.76 10.50 -132.64
N LYS E 342 66.98 11.41 -133.23
CA LYS E 342 65.88 12.03 -132.50
C LYS E 342 64.79 11.01 -132.20
N ARG E 343 64.55 10.07 -133.11
CA ARG E 343 63.48 9.11 -132.93
C ARG E 343 63.84 8.06 -131.88
N ILE E 344 65.12 7.66 -131.81
CA ILE E 344 65.54 6.58 -130.93
C ILE E 344 66.24 7.11 -129.69
N GLU E 345 67.37 7.81 -129.87
CA GLU E 345 68.08 8.36 -128.71
C GLU E 345 67.22 9.37 -127.97
N GLY E 346 66.55 10.25 -128.70
CA GLY E 346 65.75 11.28 -128.08
C GLY E 346 66.47 12.61 -127.99
N SER E 347 67.09 13.03 -129.09
CA SER E 347 67.79 14.31 -129.12
C SER E 347 66.80 15.46 -128.97
N GLY E 348 67.33 16.66 -128.88
CA GLY E 348 66.48 17.83 -128.71
C GLY E 348 65.74 18.23 -129.96
N ASP E 349 65.36 19.52 -130.01
CA ASP E 349 64.71 20.12 -131.18
C ASP E 349 63.36 19.47 -131.50
N GLN E 350 62.44 19.59 -130.54
CA GLN E 350 61.02 19.40 -130.80
C GLN E 350 60.63 18.02 -131.32
N ILE E 351 60.77 17.00 -130.49
CA ILE E 351 60.19 15.69 -130.83
C ILE E 351 58.69 15.75 -130.64
N ASP E 352 57.96 15.11 -131.55
CA ASP E 352 56.51 15.21 -131.56
C ASP E 352 55.88 14.59 -130.32
N THR E 353 54.76 15.17 -129.89
CA THR E 353 54.03 14.73 -128.71
C THR E 353 52.69 14.12 -129.04
N TYR E 354 52.42 13.83 -130.32
CA TYR E 354 51.08 13.39 -130.71
C TYR E 354 50.84 11.94 -130.28
N GLU E 355 51.72 11.03 -130.65
CA GLU E 355 51.52 9.61 -130.41
C GLU E 355 52.61 9.09 -129.48
N LEU E 356 52.63 7.77 -129.30
CA LEU E 356 53.74 7.14 -128.61
C LEU E 356 55.04 7.34 -129.38
N SER E 357 54.93 7.69 -130.66
CA SER E 357 55.91 8.48 -131.40
C SER E 357 57.29 7.81 -131.43
N GLY E 358 57.33 6.69 -132.13
CA GLY E 358 58.61 6.19 -132.59
C GLY E 358 59.06 4.94 -131.85
N GLY E 359 60.07 4.29 -132.43
CA GLY E 359 60.54 3.03 -131.89
C GLY E 359 61.09 3.14 -130.48
N ALA E 360 61.66 4.29 -130.14
CA ALA E 360 62.40 4.42 -128.88
C ALA E 360 61.60 3.90 -127.70
N ARG E 361 60.35 4.35 -127.57
CA ARG E 361 59.55 3.91 -126.44
C ARG E 361 58.84 2.60 -126.75
N ILE E 362 58.57 2.30 -128.03
CA ILE E 362 58.16 0.95 -128.39
C ILE E 362 59.29 -0.03 -128.09
N ASN E 363 60.51 0.34 -128.42
CA ASN E 363 61.66 -0.48 -128.08
C ASN E 363 61.78 -0.64 -126.57
N ARG E 364 61.56 0.44 -125.82
CA ARG E 364 61.50 0.29 -124.38
C ARG E 364 60.38 -0.62 -123.89
N ILE E 365 59.19 -0.52 -124.45
CA ILE E 365 58.12 -1.36 -123.94
C ILE E 365 58.48 -2.82 -124.20
N PHE E 366 59.27 -3.06 -125.25
CA PHE E 366 59.83 -4.40 -125.43
C PHE E 366 60.82 -4.75 -124.31
N HIS E 367 61.78 -3.87 -124.05
CA HIS E 367 62.78 -4.15 -123.01
C HIS E 367 62.18 -4.26 -121.62
N GLU E 368 60.95 -3.78 -121.41
CA GLU E 368 60.33 -3.86 -120.10
C GLU E 368 59.01 -4.64 -120.11
N ARG E 369 58.68 -5.33 -121.20
CA ARG E 369 57.65 -6.35 -121.21
C ARG E 369 58.21 -7.75 -121.41
N PHE E 370 59.39 -7.87 -122.02
CA PHE E 370 60.12 -9.13 -122.08
C PHE E 370 60.34 -9.72 -120.69
N PRO E 371 60.60 -8.91 -119.63
CA PRO E 371 60.56 -9.46 -118.28
C PRO E 371 59.19 -9.94 -117.82
N PHE E 372 58.17 -9.84 -118.67
CA PHE E 372 56.94 -10.58 -118.44
C PHE E 372 56.87 -11.85 -119.27
N GLU E 373 57.42 -11.83 -120.49
CA GLU E 373 57.48 -13.03 -121.30
C GLU E 373 58.41 -14.08 -120.69
N LEU E 374 59.40 -13.65 -119.92
CA LEU E 374 60.24 -14.60 -119.19
C LEU E 374 59.43 -15.28 -118.09
N VAL E 375 58.68 -14.50 -117.31
CA VAL E 375 57.93 -15.05 -116.19
C VAL E 375 56.81 -15.96 -116.67
N LYS E 376 56.10 -15.54 -117.72
CA LYS E 376 54.87 -16.23 -118.11
C LYS E 376 55.15 -17.63 -118.62
N MET E 377 56.07 -17.76 -119.57
CA MET E 377 56.19 -19.00 -120.33
C MET E 377 56.74 -20.16 -119.49
N GLU E 378 57.64 -19.88 -118.54
CA GLU E 378 58.36 -20.93 -117.83
C GLU E 378 57.68 -21.25 -116.50
N PHE E 379 57.33 -22.51 -116.31
CA PHE E 379 56.74 -22.99 -115.06
C PHE E 379 56.65 -24.51 -115.08
N ASP E 380 56.80 -25.10 -113.91
CA ASP E 380 56.43 -26.48 -113.63
C ASP E 380 56.55 -26.71 -112.13
N GLU E 381 55.80 -27.70 -111.64
CA GLU E 381 55.82 -28.00 -110.21
C GLU E 381 55.26 -29.41 -110.01
N LYS E 382 55.73 -30.04 -108.93
CA LYS E 382 55.27 -31.35 -108.47
C LYS E 382 55.67 -32.47 -109.43
N GLU E 383 56.30 -32.12 -110.54
CA GLU E 383 57.07 -33.05 -111.35
C GLU E 383 58.57 -32.90 -111.11
N LEU E 384 59.00 -31.66 -110.87
CA LEU E 384 60.36 -31.43 -110.42
C LEU E 384 60.61 -32.09 -109.08
N ARG E 385 59.57 -32.24 -108.25
CA ARG E 385 59.73 -32.98 -107.01
C ARG E 385 60.18 -34.42 -107.28
N ARG E 386 59.50 -35.09 -108.21
CA ARG E 386 59.87 -36.46 -108.57
C ARG E 386 61.26 -36.50 -109.19
N GLU E 387 61.56 -35.56 -110.08
CA GLU E 387 62.88 -35.54 -110.71
C GLU E 387 63.98 -35.33 -109.68
N ILE E 388 63.77 -34.43 -108.72
CA ILE E 388 64.75 -34.19 -107.68
C ILE E 388 64.90 -35.42 -106.79
N SER E 389 63.78 -36.08 -106.44
CA SER E 389 63.87 -37.29 -105.64
C SER E 389 64.74 -38.33 -106.32
N TYR E 390 64.53 -38.54 -107.62
CA TYR E 390 65.33 -39.54 -108.33
C TYR E 390 66.78 -39.10 -108.45
N ALA E 391 67.04 -37.80 -108.65
CA ALA E 391 68.42 -37.33 -108.70
C ALA E 391 69.13 -37.57 -107.36
N ILE E 392 68.44 -37.30 -106.26
CA ILE E 392 69.01 -37.56 -104.94
C ILE E 392 69.31 -39.05 -104.78
N LYS E 393 68.36 -39.89 -105.13
CA LYS E 393 68.55 -41.32 -104.97
C LYS E 393 69.47 -41.94 -106.00
N ASN E 394 69.96 -41.17 -106.97
CA ASN E 394 70.86 -41.73 -107.96
C ASN E 394 72.26 -41.15 -107.99
N ILE E 395 72.48 -39.92 -107.51
CA ILE E 395 73.82 -39.36 -107.62
C ILE E 395 74.73 -39.74 -106.45
N HIS E 396 74.18 -40.28 -105.36
CA HIS E 396 75.00 -41.01 -104.41
C HIS E 396 74.47 -42.44 -104.44
N GLY E 397 74.32 -42.94 -105.66
CA GLY E 397 73.39 -44.02 -105.93
C GLY E 397 73.68 -45.33 -105.21
N ILE E 398 74.95 -45.64 -104.95
CA ILE E 398 75.26 -46.94 -104.36
C ILE E 398 75.28 -46.91 -102.83
N ARG E 399 75.48 -45.75 -102.22
CA ARG E 399 75.76 -45.67 -100.80
C ARG E 399 74.84 -44.67 -100.13
N THR E 400 74.47 -44.97 -98.89
CA THR E 400 73.55 -44.11 -98.15
C THR E 400 74.09 -42.70 -98.02
N GLY E 401 73.46 -41.76 -98.72
CA GLY E 401 73.89 -40.38 -98.66
C GLY E 401 73.38 -39.72 -97.39
N LEU E 402 74.30 -39.39 -96.49
CA LEU E 402 73.95 -38.75 -95.23
C LEU E 402 74.00 -37.24 -95.33
N PHE E 403 74.23 -36.70 -96.51
CA PHE E 403 74.21 -35.26 -96.75
C PHE E 403 73.48 -35.02 -98.07
N THR E 404 72.71 -33.95 -98.11
CA THR E 404 71.94 -33.64 -99.31
C THR E 404 72.89 -33.35 -100.46
N PRO E 405 72.84 -34.11 -101.55
CA PRO E 405 73.86 -33.98 -102.60
C PRO E 405 73.62 -32.74 -103.45
N ASP E 406 74.60 -32.48 -104.32
CA ASP E 406 74.79 -31.18 -104.95
C ASP E 406 74.61 -31.21 -106.46
N MET E 407 75.10 -32.26 -107.12
CA MET E 407 74.90 -32.40 -108.55
C MET E 407 73.42 -32.45 -108.91
N ALA E 408 72.55 -32.81 -107.97
CA ALA E 408 71.11 -32.76 -108.23
C ALA E 408 70.64 -31.33 -108.38
N PHE E 409 71.04 -30.45 -107.47
CA PHE E 409 70.75 -29.03 -107.62
C PHE E 409 71.30 -28.50 -108.93
N GLU E 410 72.54 -28.87 -109.25
CA GLU E 410 73.14 -28.41 -110.50
C GLU E 410 72.33 -28.89 -111.70
N THR E 411 71.91 -30.15 -111.69
CA THR E 411 71.15 -30.69 -112.81
C THR E 411 69.79 -30.04 -112.96
N ILE E 412 69.10 -29.77 -111.84
CA ILE E 412 67.79 -29.12 -111.93
C ILE E 412 67.92 -27.70 -112.49
N VAL E 413 68.85 -26.92 -111.94
CA VAL E 413 68.96 -25.54 -112.41
C VAL E 413 69.46 -25.50 -113.85
N LYS E 414 70.34 -26.43 -114.23
CA LYS E 414 70.82 -26.47 -115.61
C LYS E 414 69.71 -26.89 -116.57
N LYS E 415 68.84 -27.80 -116.14
CA LYS E 415 67.70 -28.20 -116.94
C LYS E 415 66.64 -27.12 -117.02
N GLN E 416 66.64 -26.17 -116.08
CA GLN E 416 65.64 -25.12 -116.09
C GLN E 416 66.10 -23.82 -116.74
N VAL E 417 67.41 -23.54 -116.76
CA VAL E 417 67.90 -22.30 -117.34
C VAL E 417 68.23 -22.48 -118.81
N LYS E 418 67.81 -23.60 -119.39
CA LYS E 418 68.01 -23.80 -120.82
C LYS E 418 66.73 -23.53 -121.63
N LYS E 419 65.61 -23.30 -120.96
CA LYS E 419 64.39 -22.90 -121.65
C LYS E 419 64.36 -21.40 -121.95
N ILE E 420 65.35 -20.65 -121.47
CA ILE E 420 65.39 -19.21 -121.72
C ILE E 420 65.76 -18.91 -123.16
N ARG E 421 66.24 -19.89 -123.91
CA ARG E 421 66.67 -19.64 -125.29
C ARG E 421 65.53 -19.14 -126.17
N GLU E 422 64.29 -19.48 -125.86
CA GLU E 422 63.18 -19.03 -126.69
C GLU E 422 62.82 -17.57 -126.40
N PRO E 423 62.53 -17.18 -125.15
CA PRO E 423 62.11 -15.79 -124.91
C PRO E 423 63.13 -14.76 -125.34
N CYS E 424 64.42 -15.04 -125.17
CA CYS E 424 65.44 -14.06 -125.53
C CYS E 424 65.49 -13.86 -127.04
N LEU E 425 65.44 -14.94 -127.82
CA LEU E 425 65.42 -14.82 -129.27
C LEU E 425 64.15 -14.12 -129.74
N LYS E 426 63.02 -14.41 -129.09
CA LYS E 426 61.79 -13.72 -129.42
C LYS E 426 61.92 -12.22 -129.17
N CYS E 427 62.54 -11.85 -128.05
CA CYS E 427 62.75 -10.43 -127.77
C CYS E 427 63.64 -9.79 -128.82
N VAL E 428 64.72 -10.47 -129.22
CA VAL E 428 65.62 -9.90 -130.22
C VAL E 428 64.89 -9.69 -131.55
N ASP E 429 64.11 -10.68 -131.98
CA ASP E 429 63.38 -10.52 -133.24
C ASP E 429 62.32 -9.43 -133.14
N MET E 430 61.67 -9.31 -131.99
CA MET E 430 60.65 -8.27 -131.83
C MET E 430 61.28 -6.88 -131.91
N VAL E 431 62.43 -6.70 -131.25
CA VAL E 431 63.15 -5.43 -131.34
C VAL E 431 63.60 -5.17 -132.77
N ILE E 432 64.04 -6.22 -133.47
CA ILE E 432 64.43 -6.05 -134.86
C ILE E 432 63.26 -5.53 -135.68
N SER E 433 62.07 -6.10 -135.47
CA SER E 433 60.90 -5.68 -136.21
C SER E 433 60.57 -4.20 -135.95
N GLU E 434 60.57 -3.80 -134.67
CA GLU E 434 60.20 -2.41 -134.41
C GLU E 434 61.26 -1.46 -134.93
N LEU E 435 62.53 -1.86 -134.89
CA LEU E 435 63.60 -0.98 -135.36
C LEU E 435 63.63 -0.87 -136.88
N ILE E 436 63.17 -1.89 -137.60
CA ILE E 436 63.00 -1.72 -139.04
C ILE E 436 61.80 -0.83 -139.33
N SER E 437 60.72 -0.96 -138.54
CA SER E 437 59.59 -0.08 -138.71
C SER E 437 59.98 1.37 -138.49
N THR E 438 60.84 1.62 -137.49
CA THR E 438 61.30 2.98 -137.23
C THR E 438 62.09 3.54 -138.40
N VAL E 439 62.96 2.72 -139.00
CA VAL E 439 63.72 3.20 -140.16
C VAL E 439 62.80 3.54 -141.31
N ARG E 440 61.80 2.69 -141.58
CA ARG E 440 60.87 3.03 -142.65
C ARG E 440 60.08 4.30 -142.33
N GLN E 441 59.66 4.44 -141.06
CA GLN E 441 58.86 5.59 -140.66
C GLN E 441 59.65 6.89 -140.77
N CYS E 442 60.93 6.87 -140.42
CA CYS E 442 61.76 8.06 -140.46
C CYS E 442 62.50 8.22 -141.78
N THR E 443 62.27 7.31 -142.74
CA THR E 443 62.65 7.58 -144.11
C THR E 443 61.48 8.02 -144.97
N LYS E 444 60.24 7.76 -144.53
CA LYS E 444 59.07 8.20 -145.30
C LYS E 444 59.13 9.69 -145.64
N LYS E 445 59.60 10.51 -144.73
CA LYS E 445 59.68 11.95 -144.99
C LYS E 445 60.76 12.33 -145.98
N LEU E 446 61.44 11.38 -146.60
CA LEU E 446 62.44 11.68 -147.63
C LEU E 446 61.85 11.54 -149.02
N GLN E 447 60.52 11.43 -149.12
CA GLN E 447 59.82 11.22 -150.39
C GLN E 447 60.04 12.35 -151.37
N GLN E 448 60.79 13.40 -150.98
CA GLN E 448 61.16 14.45 -151.92
C GLN E 448 61.91 13.86 -153.11
N TYR E 449 62.92 13.03 -152.85
CA TYR E 449 63.61 12.31 -153.90
C TYR E 449 63.19 10.85 -153.85
N PRO E 450 62.51 10.32 -154.87
CA PRO E 450 62.40 8.88 -155.00
C PRO E 450 63.72 8.31 -155.50
N ARG E 451 63.81 6.98 -155.48
CA ARG E 451 64.97 6.21 -155.91
C ARG E 451 66.17 6.41 -155.00
N LEU E 452 66.07 7.26 -153.98
CA LEU E 452 67.08 7.35 -152.94
C LEU E 452 66.58 6.87 -151.59
N ARG E 453 65.30 7.07 -151.30
CA ARG E 453 64.71 6.43 -150.12
C ARG E 453 64.79 4.92 -150.23
N GLU E 454 64.59 4.40 -151.44
CA GLU E 454 64.69 2.96 -151.65
C GLU E 454 66.10 2.47 -151.32
N GLU E 455 67.13 3.17 -151.83
CA GLU E 455 68.50 2.78 -151.54
C GLU E 455 68.82 2.89 -150.06
N MET E 456 68.39 3.97 -149.42
CA MET E 456 68.70 4.17 -148.01
C MET E 456 68.06 3.09 -147.15
N GLU E 457 66.78 2.79 -147.40
CA GLU E 457 66.13 1.71 -146.67
C GLU E 457 66.78 0.37 -146.96
N ARG E 458 67.09 0.10 -148.23
CA ARG E 458 67.72 -1.16 -148.62
C ARG E 458 69.10 -1.34 -148.02
N ILE E 459 69.79 -0.26 -147.68
CA ILE E 459 71.09 -0.37 -147.04
C ILE E 459 70.96 -0.53 -145.52
N VAL E 460 70.15 0.32 -144.89
CA VAL E 460 70.05 0.26 -143.44
C VAL E 460 69.41 -1.05 -143.00
N THR E 461 68.35 -1.49 -143.69
CA THR E 461 67.69 -2.73 -143.30
C THR E 461 68.60 -3.94 -143.51
N THR E 462 69.36 -3.95 -144.60
CA THR E 462 70.31 -5.03 -144.80
C THR E 462 71.37 -5.02 -143.71
N HIS E 463 71.82 -3.84 -143.27
CA HIS E 463 72.77 -3.79 -142.17
C HIS E 463 72.17 -4.37 -140.89
N ILE E 464 70.92 -4.01 -140.60
CA ILE E 464 70.27 -4.52 -139.40
C ILE E 464 70.12 -6.04 -139.47
N ARG E 465 69.76 -6.56 -140.64
CA ARG E 465 69.67 -8.01 -140.78
C ARG E 465 71.02 -8.68 -140.65
N GLU E 466 72.08 -8.08 -141.21
CA GLU E 466 73.41 -8.63 -141.06
C GLU E 466 73.90 -8.56 -139.62
N ARG E 467 73.29 -7.71 -138.81
CA ARG E 467 73.64 -7.62 -137.40
C ARG E 467 72.80 -8.52 -136.50
N GLU E 468 71.61 -8.93 -136.97
CA GLU E 468 70.76 -9.79 -136.14
C GLU E 468 71.45 -11.11 -135.86
N GLY E 469 72.22 -11.63 -136.82
CA GLY E 469 72.91 -12.89 -136.59
C GLY E 469 73.89 -12.79 -135.44
N ARG E 470 74.70 -11.73 -135.42
CA ARG E 470 75.67 -11.56 -134.35
C ARG E 470 74.99 -11.34 -133.00
N THR E 471 73.92 -10.53 -132.98
CA THR E 471 73.31 -10.30 -131.67
C THR E 471 72.61 -11.55 -131.15
N LYS E 472 71.99 -12.35 -132.03
CA LYS E 472 71.39 -13.60 -131.59
C LYS E 472 72.46 -14.57 -131.11
N GLU E 473 73.61 -14.61 -131.80
CA GLU E 473 74.70 -15.47 -131.36
C GLU E 473 75.17 -15.10 -129.96
N GLN E 474 75.37 -13.81 -129.71
CA GLN E 474 75.79 -13.40 -128.37
C GLN E 474 74.69 -13.65 -127.34
N VAL E 475 73.42 -13.50 -127.73
CA VAL E 475 72.32 -13.77 -126.81
C VAL E 475 72.34 -15.23 -126.39
N MET E 476 72.49 -16.14 -127.34
CA MET E 476 72.59 -17.56 -127.00
C MET E 476 73.81 -17.83 -126.12
N LEU E 477 74.95 -17.21 -126.47
CA LEU E 477 76.18 -17.50 -125.75
C LEU E 477 76.12 -17.00 -124.31
N LEU E 478 75.38 -15.93 -124.04
CA LEU E 478 75.28 -15.44 -122.66
C LEU E 478 74.63 -16.48 -121.75
N ILE E 479 73.46 -16.98 -122.13
CA ILE E 479 72.81 -17.99 -121.31
C ILE E 479 73.58 -19.30 -121.34
N ASP E 480 74.24 -19.61 -122.46
CA ASP E 480 75.07 -20.80 -122.50
C ASP E 480 76.22 -20.69 -121.49
N ILE E 481 76.74 -19.48 -121.29
CA ILE E 481 77.68 -19.24 -120.22
C ILE E 481 77.01 -19.44 -118.86
N GLU E 482 75.78 -18.95 -118.72
CA GLU E 482 75.06 -19.11 -117.46
C GLU E 482 74.89 -20.58 -117.10
N LEU E 483 74.80 -21.45 -118.10
CA LEU E 483 74.70 -22.89 -117.86
C LEU E 483 76.01 -23.54 -117.46
N ALA E 484 77.02 -22.78 -117.02
CA ALA E 484 78.32 -23.38 -116.78
C ALA E 484 78.69 -23.55 -115.32
N TYR E 485 78.42 -22.57 -114.46
CA TYR E 485 79.06 -22.56 -113.15
C TYR E 485 78.10 -22.67 -111.98
N MET E 486 76.90 -22.08 -112.08
CA MET E 486 75.92 -22.12 -110.99
C MET E 486 76.50 -21.57 -109.69
N ASN E 487 76.83 -20.28 -109.74
CA ASN E 487 77.46 -19.62 -108.59
C ASN E 487 76.51 -19.62 -107.40
N THR E 488 77.06 -19.86 -106.21
CA THR E 488 76.25 -19.91 -105.01
C THR E 488 76.87 -19.09 -103.88
N ASN E 489 78.00 -18.42 -104.13
CA ASN E 489 78.56 -17.50 -103.16
C ASN E 489 78.12 -16.08 -103.50
N HIS E 490 77.07 -15.93 -104.30
CA HIS E 490 76.41 -14.66 -104.55
C HIS E 490 75.54 -14.33 -103.34
N GLU E 491 74.68 -13.33 -103.46
CA GLU E 491 73.76 -13.09 -102.35
C GLU E 491 72.67 -14.16 -102.24
N ASP E 492 72.75 -15.23 -103.04
CA ASP E 492 71.94 -16.41 -102.79
C ASP E 492 72.17 -16.92 -101.38
N PHE E 493 71.09 -17.09 -100.63
CA PHE E 493 71.19 -17.50 -99.24
C PHE E 493 71.63 -18.96 -99.14
N ILE E 494 72.35 -19.26 -98.07
CA ILE E 494 72.85 -20.61 -97.84
C ILE E 494 71.68 -21.57 -97.62
N PRO E 653 59.99 -39.78 -95.76
CA PRO E 653 61.32 -40.10 -95.23
C PRO E 653 62.19 -38.85 -95.10
N GLN E 654 63.47 -38.99 -95.41
CA GLN E 654 64.36 -37.86 -95.55
C GLN E 654 64.29 -37.24 -96.94
N LEU E 655 63.69 -37.95 -97.89
CA LEU E 655 63.59 -37.45 -99.25
C LEU E 655 62.77 -36.18 -99.32
N GLU E 656 61.67 -36.10 -98.57
CA GLU E 656 60.84 -34.91 -98.62
C GLU E 656 61.58 -33.69 -98.11
N ARG E 657 62.32 -33.83 -97.00
CA ARG E 657 63.09 -32.70 -96.51
C ARG E 657 64.20 -32.33 -97.48
N GLN E 658 64.87 -33.32 -98.06
CA GLN E 658 65.92 -33.02 -99.04
C GLN E 658 65.36 -32.29 -100.25
N VAL E 659 64.20 -32.73 -100.75
CA VAL E 659 63.61 -32.11 -101.93
C VAL E 659 63.12 -30.70 -101.61
N GLU E 660 62.56 -30.50 -100.41
CA GLU E 660 62.16 -29.15 -100.02
C GLU E 660 63.37 -28.23 -99.95
N THR E 661 64.47 -28.71 -99.37
CA THR E 661 65.67 -27.88 -99.31
C THR E 661 66.23 -27.62 -100.70
N ILE E 662 66.09 -28.57 -101.62
CA ILE E 662 66.57 -28.35 -102.98
C ILE E 662 65.70 -27.34 -103.70
N ARG E 663 64.38 -27.41 -103.50
CA ARG E 663 63.47 -26.47 -104.16
C ARG E 663 63.64 -25.05 -103.64
N ASN E 664 63.81 -24.89 -102.32
CA ASN E 664 64.00 -23.57 -101.77
C ASN E 664 65.28 -22.91 -102.28
N LEU E 665 66.22 -23.69 -102.82
CA LEU E 665 67.42 -23.14 -103.43
C LEU E 665 67.28 -22.98 -104.93
N VAL E 666 66.56 -23.91 -105.58
CA VAL E 666 66.36 -23.83 -107.01
C VAL E 666 65.54 -22.59 -107.35
N ASP E 667 64.51 -22.29 -106.56
CA ASP E 667 63.73 -21.08 -106.82
C ASP E 667 64.57 -19.83 -106.66
N SER E 668 65.41 -19.78 -105.62
CA SER E 668 66.26 -18.61 -105.42
C SER E 668 67.21 -18.43 -106.59
N TYR E 669 67.86 -19.51 -107.02
CA TYR E 669 68.82 -19.35 -108.12
C TYR E 669 68.11 -19.06 -109.43
N MET E 670 66.87 -19.56 -109.60
CA MET E 670 66.08 -19.17 -110.76
C MET E 670 65.83 -17.67 -110.76
N ALA E 671 65.48 -17.12 -109.61
CA ALA E 671 65.28 -15.67 -109.52
C ALA E 671 66.57 -14.92 -109.82
N ILE E 672 67.69 -15.41 -109.28
CA ILE E 672 68.96 -14.68 -109.44
C ILE E 672 69.53 -14.80 -110.84
N VAL E 673 69.20 -15.86 -111.58
CA VAL E 673 69.59 -15.91 -112.98
C VAL E 673 68.61 -15.15 -113.85
N ASN E 674 67.34 -15.06 -113.44
CA ASN E 674 66.39 -14.21 -114.15
C ASN E 674 66.80 -12.75 -114.06
N LYS E 675 67.23 -12.31 -112.88
CA LYS E 675 67.69 -10.93 -112.73
C LYS E 675 68.86 -10.64 -113.66
N THR E 676 69.83 -11.55 -113.70
CA THR E 676 71.03 -11.35 -114.48
C THR E 676 70.80 -11.44 -115.98
N VAL E 677 69.83 -12.25 -116.43
CA VAL E 677 69.52 -12.25 -117.85
C VAL E 677 68.61 -11.09 -118.21
N ARG E 678 67.78 -10.61 -117.28
CA ARG E 678 66.94 -9.45 -117.51
C ARG E 678 67.74 -8.16 -117.58
N ASP E 679 68.83 -8.07 -116.83
CA ASP E 679 69.68 -6.89 -116.89
C ASP E 679 70.65 -6.90 -118.06
N LEU E 680 70.84 -8.03 -118.72
CA LEU E 680 71.80 -8.13 -119.81
C LEU E 680 71.18 -8.53 -121.13
N MET E 681 69.87 -8.69 -121.21
CA MET E 681 69.27 -8.85 -122.53
C MET E 681 69.17 -7.50 -123.24
N PRO E 682 68.67 -6.43 -122.59
CA PRO E 682 68.69 -5.12 -123.25
C PRO E 682 70.10 -4.73 -123.67
N LYS E 683 71.02 -4.71 -122.70
CA LYS E 683 72.38 -4.29 -122.99
C LYS E 683 72.99 -5.11 -124.11
N THR E 684 72.72 -6.41 -124.14
CA THR E 684 73.25 -7.25 -125.21
C THR E 684 72.68 -6.85 -126.55
N ILE E 685 71.38 -6.61 -126.63
CA ILE E 685 70.78 -6.25 -127.91
C ILE E 685 71.36 -4.94 -128.42
N MET E 686 71.40 -3.92 -127.56
CA MET E 686 71.70 -2.57 -128.02
C MET E 686 73.17 -2.39 -128.34
N HIS E 687 74.05 -2.96 -127.52
CA HIS E 687 75.48 -2.82 -127.81
C HIS E 687 75.84 -3.45 -129.15
N LEU E 688 75.05 -4.41 -129.61
CA LEU E 688 75.30 -5.05 -130.89
C LEU E 688 74.43 -4.51 -132.00
N MET E 689 73.17 -4.19 -131.72
CA MET E 689 72.22 -3.78 -132.74
C MET E 689 72.10 -2.27 -132.86
N ILE E 690 71.71 -1.59 -131.77
CA ILE E 690 71.29 -0.20 -131.87
C ILE E 690 72.50 0.73 -131.80
N ASN E 691 73.31 0.58 -130.77
CA ASN E 691 74.51 1.41 -130.67
C ASN E 691 75.56 1.03 -131.69
N ASN E 692 75.23 0.15 -132.62
CA ASN E 692 76.05 -0.10 -133.80
C ASN E 692 75.40 0.37 -135.09
N THR E 693 74.09 0.22 -135.23
CA THR E 693 73.42 0.79 -136.39
C THR E 693 73.47 2.31 -136.36
N LYS E 694 73.49 2.89 -135.14
CA LYS E 694 73.62 4.34 -135.02
C LYS E 694 74.97 4.80 -135.56
N GLU E 695 76.04 4.11 -135.19
CA GLU E 695 77.35 4.47 -135.71
C GLU E 695 77.46 4.16 -137.20
N PHE E 696 76.79 3.11 -137.68
CA PHE E 696 76.76 2.89 -139.12
C PHE E 696 76.10 4.05 -139.84
N ILE E 697 74.99 4.55 -139.30
CA ILE E 697 74.31 5.70 -139.90
C ILE E 697 75.23 6.92 -139.90
N PHE E 698 75.85 7.19 -138.75
CA PHE E 698 76.65 8.40 -138.60
C PHE E 698 78.00 8.32 -139.30
N SER E 699 78.47 7.15 -139.70
CA SER E 699 79.80 7.03 -140.30
C SER E 699 79.78 6.49 -141.72
N GLU E 700 79.13 5.35 -141.96
CA GLU E 700 79.35 4.58 -143.17
C GLU E 700 78.26 4.75 -144.22
N LEU E 701 77.09 5.28 -143.85
CA LEU E 701 76.00 5.39 -144.81
C LEU E 701 76.38 6.29 -145.98
N LEU E 702 77.06 7.41 -145.67
CA LEU E 702 77.42 8.35 -146.72
C LEU E 702 78.34 7.72 -147.75
N ALA E 703 79.31 6.91 -147.29
CA ALA E 703 80.22 6.26 -148.23
C ALA E 703 79.47 5.33 -149.18
N ASN E 704 78.59 4.49 -148.65
CA ASN E 704 77.85 3.57 -149.51
C ASN E 704 76.97 4.33 -150.50
N LEU E 705 76.26 5.35 -150.02
CA LEU E 705 75.36 6.08 -150.90
C LEU E 705 76.13 6.80 -151.99
N TYR E 706 77.27 7.40 -151.67
CA TYR E 706 78.02 8.10 -152.70
C TYR E 706 78.75 7.14 -153.63
N SER E 707 79.10 5.95 -153.14
CA SER E 707 79.87 5.01 -153.94
C SER E 707 79.00 4.18 -154.87
N CYS E 708 77.72 3.98 -154.54
CA CYS E 708 76.86 3.24 -155.44
C CYS E 708 76.72 3.98 -156.77
N GLY E 709 76.60 3.22 -157.85
CA GLY E 709 76.73 3.78 -159.17
C GLY E 709 75.57 4.67 -159.58
N ASP E 710 75.79 5.38 -160.69
CA ASP E 710 74.80 6.23 -161.33
C ASP E 710 74.29 7.31 -160.37
N GLN E 711 75.23 8.20 -160.03
CA GLN E 711 74.93 9.37 -159.22
C GLN E 711 73.78 10.17 -159.80
N ASN E 712 73.70 10.27 -161.13
CA ASN E 712 72.66 11.08 -161.76
C ASN E 712 71.27 10.52 -161.50
N THR E 713 71.15 9.21 -161.27
CA THR E 713 69.85 8.60 -161.01
C THR E 713 69.62 8.30 -159.54
N LEU E 714 70.65 8.33 -158.71
CA LEU E 714 70.41 8.17 -157.28
C LEU E 714 69.57 9.31 -156.73
N MET E 715 69.79 10.53 -157.23
CA MET E 715 68.96 11.68 -156.91
C MET E 715 68.07 11.98 -158.11
N GLU E 716 66.88 11.40 -158.12
CA GLU E 716 65.85 11.75 -159.10
C GLU E 716 65.02 12.90 -158.55
N GLU E 717 64.96 13.99 -159.30
CA GLU E 717 63.98 15.02 -159.00
C GLU E 717 62.58 14.43 -159.14
N SER E 718 61.80 14.53 -158.07
CA SER E 718 60.41 14.13 -158.16
C SER E 718 59.62 15.21 -158.89
N ALA E 719 58.59 14.78 -159.62
CA ALA E 719 57.76 15.73 -160.34
C ALA E 719 57.20 16.78 -159.39
N GLU E 720 56.87 16.39 -158.16
CA GLU E 720 56.32 17.33 -157.19
C GLU E 720 57.28 18.47 -156.92
N GLN E 721 58.52 18.14 -156.54
CA GLN E 721 59.44 19.21 -156.17
C GLN E 721 59.91 19.97 -157.40
N ALA E 722 60.02 19.31 -158.55
CA ALA E 722 60.46 20.03 -159.75
C ALA E 722 59.41 21.03 -160.22
N GLN E 723 58.15 20.61 -160.28
CA GLN E 723 57.08 21.53 -160.64
C GLN E 723 56.94 22.64 -159.60
N ARG E 724 57.07 22.29 -158.31
CA ARG E 724 57.00 23.32 -157.28
C ARG E 724 58.12 24.34 -157.45
N ARG E 725 59.34 23.86 -157.75
CA ARG E 725 60.48 24.75 -157.91
C ARG E 725 60.30 25.68 -159.10
N ASP E 726 59.86 25.13 -160.24
CA ASP E 726 59.65 25.98 -161.41
C ASP E 726 58.54 26.99 -161.16
N GLU E 727 57.48 26.58 -160.47
CA GLU E 727 56.38 27.50 -160.19
C GLU E 727 56.81 28.57 -159.20
N MET E 728 57.68 28.23 -158.24
CA MET E 728 58.32 29.25 -157.42
C MET E 728 59.10 30.25 -158.26
N LEU E 729 59.87 29.77 -159.23
CA LEU E 729 60.66 30.67 -160.07
C LEU E 729 59.76 31.64 -160.83
N ARG E 730 58.69 31.10 -161.44
CA ARG E 730 57.75 31.95 -162.16
C ARG E 730 57.05 32.92 -161.24
N MET E 731 56.70 32.47 -160.03
CA MET E 731 56.05 33.35 -159.05
C MET E 731 56.97 34.49 -158.65
N TYR E 732 58.25 34.19 -158.43
CA TYR E 732 59.21 35.23 -158.06
C TYR E 732 59.35 36.26 -159.20
N HIS E 733 59.44 35.78 -160.44
CA HIS E 733 59.54 36.72 -161.55
C HIS E 733 58.29 37.57 -161.69
N ALA E 734 57.10 36.97 -161.51
CA ALA E 734 55.86 37.72 -161.60
C ALA E 734 55.77 38.76 -160.48
N LEU E 735 56.20 38.41 -159.27
CA LEU E 735 56.21 39.38 -158.18
C LEU E 735 57.20 40.51 -158.44
N LYS E 736 58.36 40.20 -159.04
CA LYS E 736 59.29 41.25 -159.42
C LYS E 736 58.65 42.21 -160.41
N GLU E 737 57.95 41.67 -161.40
CA GLU E 737 57.26 42.52 -162.37
C GLU E 737 56.18 43.36 -161.69
N ALA E 738 55.44 42.77 -160.74
CA ALA E 738 54.39 43.51 -160.05
C ALA E 738 54.95 44.65 -159.24
N LEU E 739 56.07 44.43 -158.54
CA LEU E 739 56.68 45.53 -157.79
C LEU E 739 57.28 46.58 -158.71
N SER E 740 57.79 46.20 -159.87
CA SER E 740 58.23 47.20 -160.84
C SER E 740 57.05 48.04 -161.32
N ILE E 741 55.89 47.42 -161.53
CA ILE E 741 54.71 48.15 -161.96
C ILE E 741 54.25 49.10 -160.87
N ILE E 742 54.27 48.65 -159.61
CA ILE E 742 53.95 49.55 -158.50
C ILE E 742 54.91 50.74 -158.49
N GLY E 743 56.20 50.48 -158.69
CA GLY E 743 57.16 51.57 -158.72
C GLY E 743 56.87 52.58 -159.82
N ASN E 744 56.57 52.09 -161.02
CA ASN E 744 56.34 52.97 -162.16
C ASN E 744 54.93 53.55 -162.21
N ILE E 745 54.03 53.11 -161.33
CA ILE E 745 52.69 53.68 -161.26
C ILE E 745 52.57 54.68 -160.10
N ASN E 746 53.18 54.37 -158.95
CA ASN E 746 53.12 55.26 -157.81
C ASN E 746 53.74 56.63 -158.12
N THR E 747 54.63 56.68 -159.11
CA THR E 747 55.23 57.94 -159.53
C THR E 747 54.27 58.74 -160.42
N ILE F 10 -21.69 88.67 -148.02
CA ILE F 10 -20.92 88.21 -146.87
C ILE F 10 -21.56 86.94 -146.31
N PRO F 11 -20.72 86.01 -145.85
CA PRO F 11 -21.24 84.72 -145.40
C PRO F 11 -22.13 84.83 -144.17
N LEU F 12 -23.15 83.98 -144.13
CA LEU F 12 -24.10 83.98 -143.04
C LEU F 12 -23.48 83.56 -141.72
N VAL F 13 -22.43 82.75 -141.76
CA VAL F 13 -21.72 82.42 -140.52
C VAL F 13 -21.03 83.66 -139.96
N ASN F 14 -20.43 84.48 -140.83
CA ASN F 14 -19.89 85.76 -140.39
C ASN F 14 -20.99 86.66 -139.82
N ARG F 15 -22.15 86.71 -140.48
CA ARG F 15 -23.22 87.55 -139.96
C ARG F 15 -23.72 87.05 -138.61
N LEU F 16 -23.79 85.72 -138.45
CA LEU F 16 -24.19 85.16 -137.16
C LEU F 16 -23.18 85.50 -136.08
N GLN F 17 -21.88 85.43 -136.40
CA GLN F 17 -20.88 85.81 -135.42
C GLN F 17 -20.96 87.29 -135.08
N ASP F 18 -21.25 88.13 -136.07
CA ASP F 18 -21.47 89.54 -135.80
C ASP F 18 -22.62 89.74 -134.84
N ALA F 19 -23.72 89.02 -135.06
CA ALA F 19 -24.87 89.13 -134.16
C ALA F 19 -24.54 88.62 -132.76
N PHE F 20 -23.71 87.58 -132.67
CA PHE F 20 -23.30 87.07 -131.38
C PHE F 20 -22.45 88.10 -130.63
N SER F 21 -21.53 88.75 -131.33
CA SER F 21 -20.75 89.82 -130.71
C SER F 21 -21.66 90.96 -130.28
N ALA F 22 -22.68 91.27 -131.09
CA ALA F 22 -23.61 92.34 -130.76
C ALA F 22 -24.36 92.03 -129.47
N ILE F 23 -24.90 90.81 -129.36
CA ILE F 23 -25.58 90.45 -128.12
C ILE F 23 -24.60 90.37 -126.97
N GLY F 24 -23.31 90.19 -127.26
CA GLY F 24 -22.27 90.28 -126.26
C GLY F 24 -22.26 89.20 -125.21
N GLN F 25 -23.25 88.31 -125.20
CA GLN F 25 -23.21 87.20 -124.26
C GLN F 25 -22.03 86.30 -124.57
N ASN F 26 -21.48 85.69 -123.53
CA ASN F 26 -20.26 84.89 -123.67
C ASN F 26 -20.55 83.55 -124.33
N ALA F 27 -21.07 83.64 -125.55
CA ALA F 27 -21.38 82.47 -126.37
C ALA F 27 -20.51 82.49 -127.63
N ASP F 28 -20.30 81.31 -128.19
CA ASP F 28 -19.48 81.17 -129.37
C ASP F 28 -20.02 80.04 -130.23
N LEU F 29 -19.75 80.12 -131.54
CA LEU F 29 -20.22 79.09 -132.45
C LEU F 29 -19.44 77.80 -132.32
N ASP F 30 -18.32 77.81 -131.60
CA ASP F 30 -17.52 76.62 -131.33
C ASP F 30 -16.99 75.99 -132.62
N LEU F 31 -16.30 76.80 -133.42
CA LEU F 31 -15.68 76.30 -134.62
C LEU F 31 -14.46 75.45 -134.27
N PRO F 32 -14.12 74.48 -135.12
CA PRO F 32 -12.87 73.75 -134.92
C PRO F 32 -11.67 74.64 -135.25
N GLN F 33 -10.54 74.33 -134.60
CA GLN F 33 -9.33 75.07 -134.90
C GLN F 33 -8.75 74.62 -136.23
N ILE F 34 -7.89 75.45 -136.81
CA ILE F 34 -7.24 75.16 -138.07
C ILE F 34 -5.73 75.12 -137.83
N ALA F 35 -5.07 74.12 -138.38
CA ALA F 35 -3.62 74.02 -138.31
C ALA F 35 -3.07 73.89 -139.72
N VAL F 36 -2.08 74.72 -140.04
CA VAL F 36 -1.44 74.68 -141.35
C VAL F 36 -0.11 73.98 -141.21
N VAL F 37 0.11 72.91 -141.98
CA VAL F 37 1.31 72.10 -141.85
C VAL F 37 1.80 71.72 -143.23
N GLY F 38 3.10 71.46 -143.31
CA GLY F 38 3.72 71.10 -144.57
C GLY F 38 5.22 70.97 -144.41
N GLY F 39 5.90 70.85 -145.55
CA GLY F 39 7.33 70.81 -145.55
C GLY F 39 7.94 72.20 -145.42
N GLN F 40 9.24 72.23 -145.14
CA GLN F 40 9.94 73.49 -145.04
C GLN F 40 9.95 74.20 -146.40
N SER F 41 9.72 75.51 -146.37
CA SER F 41 9.63 76.35 -147.56
C SER F 41 8.49 75.94 -148.48
N ALA F 42 7.45 75.32 -147.93
CA ALA F 42 6.29 74.97 -148.75
C ALA F 42 5.48 76.20 -149.14
N GLY F 43 5.24 77.10 -148.18
CA GLY F 43 4.38 78.24 -148.41
C GLY F 43 3.29 78.35 -147.37
N LYS F 44 3.50 77.68 -146.24
CA LYS F 44 2.46 77.57 -145.22
C LYS F 44 2.08 78.93 -144.65
N SER F 45 3.08 79.72 -144.23
CA SER F 45 2.80 81.02 -143.65
C SER F 45 2.14 81.96 -144.67
N SER F 46 2.60 81.89 -145.93
CA SER F 46 2.01 82.74 -146.96
C SER F 46 0.55 82.40 -147.19
N VAL F 47 0.23 81.11 -147.28
CA VAL F 47 -1.16 80.70 -147.43
C VAL F 47 -1.99 81.16 -146.24
N LEU F 48 -1.44 81.02 -145.02
CA LEU F 48 -2.18 81.44 -143.84
C LEU F 48 -2.48 82.94 -143.87
N GLU F 49 -1.49 83.76 -144.21
CA GLU F 49 -1.73 85.19 -144.19
C GLU F 49 -2.66 85.61 -145.32
N ASN F 50 -2.59 84.93 -146.47
CA ASN F 50 -3.50 85.26 -147.55
C ASN F 50 -4.93 84.85 -147.22
N PHE F 51 -5.10 83.77 -146.45
CA PHE F 51 -6.43 83.41 -145.97
C PHE F 51 -6.94 84.41 -144.95
N VAL F 52 -6.06 84.91 -144.08
CA VAL F 52 -6.45 85.96 -143.14
C VAL F 52 -6.88 87.21 -143.91
N GLY F 53 -6.11 87.60 -144.92
CA GLY F 53 -6.39 88.75 -145.73
C GLY F 53 -5.42 89.90 -145.56
N ARG F 54 -4.60 89.86 -144.51
CA ARG F 54 -3.71 90.96 -144.18
C ARG F 54 -2.32 90.43 -143.86
N ASP F 55 -1.29 91.12 -144.33
CA ASP F 55 0.08 90.62 -144.33
C ASP F 55 0.76 90.96 -143.01
N PHE F 56 0.83 89.98 -142.11
CA PHE F 56 1.46 90.19 -140.81
C PHE F 56 2.25 88.96 -140.36
N LEU F 57 2.80 88.20 -141.30
CA LEU F 57 3.50 86.98 -140.96
C LEU F 57 4.90 86.97 -141.58
N PRO F 58 5.87 86.37 -140.89
CA PRO F 58 7.24 86.31 -141.43
C PRO F 58 7.29 85.35 -142.61
N ARG F 59 7.76 85.84 -143.75
CA ARG F 59 7.81 85.07 -144.98
C ARG F 59 9.12 85.35 -145.70
N GLY F 60 9.96 84.33 -145.83
CA GLY F 60 11.21 84.47 -146.55
C GLY F 60 11.79 83.11 -146.87
N SER F 61 12.86 83.12 -147.67
CA SER F 61 13.55 81.89 -148.01
C SER F 61 14.30 81.34 -146.80
N GLY F 62 14.53 80.04 -146.82
CA GLY F 62 15.16 79.39 -145.68
C GLY F 62 14.15 79.08 -144.59
N ILE F 63 14.68 78.87 -143.38
CA ILE F 63 13.84 78.62 -142.22
C ILE F 63 13.37 79.96 -141.67
N VAL F 64 12.05 80.16 -141.63
CA VAL F 64 11.49 81.43 -141.21
C VAL F 64 10.51 81.21 -140.07
N THR F 65 9.45 80.44 -140.33
CA THR F 65 8.43 80.14 -139.31
C THR F 65 9.02 79.13 -138.33
N ARG F 66 9.80 79.63 -137.38
CA ARG F 66 10.59 78.79 -136.49
C ARG F 66 10.00 78.71 -135.08
N ARG F 67 8.70 78.98 -134.93
CA ARG F 67 8.07 78.86 -133.62
C ARG F 67 6.56 78.80 -133.81
N PRO F 68 5.86 77.90 -133.12
CA PRO F 68 4.43 77.71 -133.39
C PRO F 68 3.62 78.94 -133.01
N LEU F 69 3.03 79.56 -134.02
CA LEU F 69 2.22 80.77 -133.84
C LEU F 69 0.76 80.37 -133.69
N VAL F 70 0.21 80.57 -132.50
CA VAL F 70 -1.20 80.29 -132.22
C VAL F 70 -1.94 81.60 -132.41
N LEU F 71 -2.44 81.82 -133.62
CA LEU F 71 -3.28 82.95 -133.97
C LEU F 71 -4.70 82.72 -133.49
N GLN F 72 -5.35 83.78 -133.02
CA GLN F 72 -6.77 83.76 -132.74
C GLN F 72 -7.41 84.96 -133.41
N LEU F 73 -8.07 84.73 -134.55
CA LEU F 73 -8.88 85.77 -135.17
C LEU F 73 -10.18 85.89 -134.39
N VAL F 74 -10.49 87.10 -133.93
CA VAL F 74 -11.71 87.37 -133.19
C VAL F 74 -12.40 88.58 -133.80
N ASN F 75 -13.66 88.76 -133.43
CA ASN F 75 -14.50 89.80 -134.00
C ASN F 75 -14.64 90.95 -133.02
N ALA F 76 -14.50 92.17 -133.55
CA ALA F 76 -14.67 93.38 -132.76
C ALA F 76 -14.97 94.53 -133.70
N THR F 77 -15.07 95.74 -133.14
CA THR F 77 -15.45 96.90 -133.94
C THR F 77 -14.40 97.24 -134.99
N THR F 78 -13.14 97.35 -134.58
CA THR F 78 -12.05 97.68 -135.50
C THR F 78 -10.82 96.87 -135.15
N GLU F 79 -9.88 96.85 -136.08
CA GLU F 79 -8.82 95.86 -136.10
C GLU F 79 -7.56 96.33 -135.37
N TYR F 80 -6.96 95.40 -134.63
CA TYR F 80 -5.64 95.57 -134.04
C TYR F 80 -5.14 94.17 -133.69
N ALA F 81 -4.01 94.11 -132.96
CA ALA F 81 -3.45 92.83 -132.57
C ALA F 81 -2.81 92.97 -131.20
N GLU F 82 -2.88 91.89 -130.43
CA GLU F 82 -2.27 91.84 -129.11
C GLU F 82 -1.60 90.49 -128.89
N PHE F 83 -0.40 90.54 -128.33
CA PHE F 83 0.32 89.34 -127.95
C PHE F 83 -0.03 88.98 -126.51
N LEU F 84 0.68 88.01 -125.94
CA LEU F 84 0.57 87.70 -124.53
C LEU F 84 1.85 88.01 -123.76
N HIS F 85 2.69 88.86 -124.32
CA HIS F 85 3.86 89.36 -123.60
C HIS F 85 3.92 90.87 -123.55
N CYS F 86 3.49 91.56 -124.61
CA CYS F 86 3.35 93.01 -124.60
C CYS F 86 1.97 93.41 -124.08
N LYS F 87 1.68 92.96 -122.86
CA LYS F 87 0.36 93.14 -122.28
C LYS F 87 0.01 94.62 -122.18
N GLY F 88 -1.20 94.95 -122.62
CA GLY F 88 -1.66 96.32 -122.68
C GLY F 88 -1.42 96.99 -124.02
N LYS F 89 -0.29 96.67 -124.66
CA LYS F 89 0.04 97.27 -125.94
C LYS F 89 -0.92 96.78 -127.01
N LYS F 90 -1.22 97.67 -127.96
CA LYS F 90 -2.15 97.37 -129.06
C LYS F 90 -1.42 97.62 -130.37
N PHE F 91 -0.74 96.59 -130.86
CA PHE F 91 -0.09 96.68 -132.16
C PHE F 91 -1.12 96.94 -133.25
N THR F 92 -0.84 97.90 -134.11
CA THR F 92 -1.82 98.30 -135.11
C THR F 92 -1.30 98.23 -136.53
N ASP F 93 -0.03 98.56 -136.76
CA ASP F 93 0.56 98.46 -138.09
C ASP F 93 1.32 97.15 -138.22
N PHE F 94 1.02 96.45 -139.32
CA PHE F 94 1.42 95.05 -139.44
C PHE F 94 2.90 94.88 -139.74
N GLU F 95 3.57 95.91 -140.24
CA GLU F 95 5.03 95.86 -140.27
C GLU F 95 5.59 95.74 -138.86
N GLU F 96 5.08 96.56 -137.94
CA GLU F 96 5.48 96.43 -136.54
C GLU F 96 5.08 95.07 -135.97
N VAL F 97 3.90 94.58 -136.36
CA VAL F 97 3.47 93.27 -135.86
C VAL F 97 4.45 92.18 -136.31
N ARG F 98 4.84 92.19 -137.58
CA ARG F 98 5.76 91.18 -138.10
C ARG F 98 7.13 91.29 -137.44
N LEU F 99 7.62 92.53 -137.28
CA LEU F 99 8.92 92.71 -136.62
C LEU F 99 8.88 92.21 -135.18
N GLU F 100 7.79 92.48 -134.47
CA GLU F 100 7.65 91.97 -133.12
C GLU F 100 7.60 90.45 -133.11
N ILE F 101 6.93 89.85 -134.10
CA ILE F 101 6.86 88.39 -134.17
C ILE F 101 8.25 87.80 -134.33
N GLU F 102 9.02 88.31 -135.29
CA GLU F 102 10.35 87.74 -135.54
C GLU F 102 11.28 88.00 -134.35
N ALA F 103 11.18 89.17 -133.73
CA ALA F 103 12.00 89.43 -132.54
C ALA F 103 11.64 88.49 -131.40
N GLU F 104 10.34 88.22 -131.22
CA GLU F 104 9.92 87.30 -130.18
C GLU F 104 10.44 85.90 -130.44
N THR F 105 10.40 85.46 -131.70
CA THR F 105 10.97 84.16 -132.05
C THR F 105 12.45 84.11 -131.71
N ASP F 106 13.19 85.17 -132.09
CA ASP F 106 14.63 85.17 -131.89
C ASP F 106 15.00 85.20 -130.41
N ARG F 107 14.19 85.90 -129.60
CA ARG F 107 14.56 86.10 -128.20
C ARG F 107 14.63 84.79 -127.41
N VAL F 108 14.03 83.71 -127.92
CA VAL F 108 14.10 82.40 -127.28
C VAL F 108 14.83 81.38 -128.15
N THR F 109 14.60 81.40 -129.46
CA THR F 109 15.21 80.41 -130.33
C THR F 109 16.69 80.69 -130.55
N GLY F 110 17.06 81.95 -130.70
CA GLY F 110 18.40 82.32 -131.11
C GLY F 110 18.45 82.72 -132.57
N THR F 111 19.61 83.22 -132.97
CA THR F 111 19.82 83.75 -134.31
C THR F 111 20.68 82.81 -135.17
N ASN F 112 20.51 81.51 -134.99
CA ASN F 112 21.24 80.51 -135.77
C ASN F 112 20.30 79.39 -136.20
N LYS F 113 19.11 79.77 -136.65
CA LYS F 113 18.13 78.84 -137.22
C LYS F 113 17.63 77.81 -136.20
N GLY F 114 17.80 78.07 -134.91
CA GLY F 114 17.20 77.22 -133.91
C GLY F 114 15.69 77.40 -133.83
N ILE F 115 15.02 76.42 -133.24
CA ILE F 115 13.58 76.46 -133.08
C ILE F 115 13.23 76.20 -131.62
N SER F 116 11.97 76.47 -131.27
CA SER F 116 11.48 76.31 -129.93
C SER F 116 10.01 75.93 -129.98
N PRO F 117 9.59 74.88 -129.26
CA PRO F 117 8.19 74.43 -129.31
C PRO F 117 7.23 75.29 -128.50
N VAL F 118 7.70 76.29 -127.78
CA VAL F 118 6.83 77.11 -126.93
C VAL F 118 5.98 78.03 -127.80
N PRO F 119 4.66 77.96 -127.70
CA PRO F 119 3.80 78.69 -128.64
C PRO F 119 3.82 80.19 -128.40
N ILE F 120 3.76 80.94 -129.50
CA ILE F 120 3.53 82.38 -129.46
C ILE F 120 2.03 82.60 -129.58
N ASN F 121 1.39 83.04 -128.50
CA ASN F 121 -0.05 83.24 -128.47
C ASN F 121 -0.35 84.65 -128.94
N LEU F 122 -1.00 84.78 -130.11
CA LEU F 122 -1.30 86.08 -130.69
C LEU F 122 -2.80 86.15 -130.96
N ARG F 123 -3.37 87.34 -130.84
CA ARG F 123 -4.79 87.55 -131.10
C ARG F 123 -4.95 88.75 -132.01
N VAL F 124 -5.79 88.60 -133.04
CA VAL F 124 -6.10 89.67 -133.98
C VAL F 124 -7.58 89.96 -133.88
N TYR F 125 -7.95 91.24 -134.00
CA TYR F 125 -9.34 91.64 -134.00
C TYR F 125 -9.70 92.12 -135.41
N SER F 126 -10.92 91.82 -135.83
CA SER F 126 -11.36 92.17 -137.18
C SER F 126 -12.88 92.28 -137.17
N PRO F 127 -13.45 93.08 -138.07
CA PRO F 127 -14.91 93.30 -138.02
C PRO F 127 -15.74 92.12 -138.51
N HIS F 128 -15.24 91.33 -139.45
CA HIS F 128 -16.06 90.30 -140.11
C HIS F 128 -15.31 88.99 -140.22
N VAL F 129 -14.74 88.52 -139.11
CA VAL F 129 -14.09 87.21 -139.06
C VAL F 129 -14.69 86.40 -137.93
N LEU F 130 -14.59 85.08 -138.06
CA LEU F 130 -15.03 84.18 -137.02
C LEU F 130 -14.08 84.24 -135.83
N ASN F 131 -14.52 83.68 -134.70
CA ASN F 131 -13.62 83.41 -133.58
C ASN F 131 -12.80 82.16 -133.87
N LEU F 132 -11.96 82.28 -134.90
CA LEU F 132 -11.18 81.14 -135.36
C LEU F 132 -9.97 80.92 -134.44
N THR F 133 -9.25 79.84 -134.69
CA THR F 133 -8.03 79.53 -133.96
C THR F 133 -7.05 78.93 -134.96
N LEU F 134 -6.23 79.79 -135.56
CA LEU F 134 -5.26 79.36 -136.56
C LEU F 134 -3.97 78.97 -135.87
N VAL F 135 -3.27 77.99 -136.44
CA VAL F 135 -2.00 77.53 -135.90
C VAL F 135 -1.03 77.41 -137.05
N ASP F 136 -0.05 78.32 -137.11
CA ASP F 136 1.06 78.21 -138.03
C ASP F 136 2.19 77.46 -137.33
N LEU F 137 2.81 76.53 -138.05
CA LEU F 137 3.80 75.64 -137.48
C LEU F 137 5.04 75.64 -138.36
N PRO F 138 6.20 75.30 -137.80
CA PRO F 138 7.40 75.13 -138.61
C PRO F 138 7.27 73.94 -139.55
N GLY F 139 7.97 74.04 -140.69
CA GLY F 139 7.98 72.96 -141.64
C GLY F 139 8.78 71.78 -141.12
N MET F 140 8.65 70.66 -141.83
CA MET F 140 9.27 69.42 -141.42
C MET F 140 10.62 69.27 -142.11
N THR F 141 11.67 69.04 -141.32
CA THR F 141 13.02 68.86 -141.83
C THR F 141 13.61 67.59 -141.25
N LYS F 142 14.58 67.01 -141.98
CA LYS F 142 15.22 65.78 -141.54
C LYS F 142 16.66 65.99 -141.07
N VAL F 143 17.46 66.74 -141.81
CA VAL F 143 18.85 67.00 -141.44
C VAL F 143 18.91 68.31 -140.67
N PRO F 144 19.46 68.32 -139.45
CA PRO F 144 19.62 69.58 -138.72
C PRO F 144 20.57 70.52 -139.43
N VAL F 145 20.29 71.81 -139.35
CA VAL F 145 21.12 72.86 -139.91
C VAL F 145 21.36 73.90 -138.84
N GLY F 146 22.50 74.58 -138.92
CA GLY F 146 22.84 75.54 -137.89
C GLY F 146 23.13 74.84 -136.58
N ASP F 147 22.46 75.28 -135.51
CA ASP F 147 22.69 74.74 -134.19
C ASP F 147 21.53 73.88 -133.69
N GLN F 148 20.67 73.42 -134.60
CA GLN F 148 19.57 72.57 -134.18
C GLN F 148 20.10 71.25 -133.64
N PRO F 149 19.39 70.65 -132.69
CA PRO F 149 19.82 69.34 -132.17
C PRO F 149 19.72 68.27 -133.24
N PRO F 150 20.47 67.18 -133.11
CA PRO F 150 20.45 66.15 -134.16
C PRO F 150 19.10 65.51 -134.39
N ASP F 151 18.19 65.56 -133.41
CA ASP F 151 16.86 64.97 -133.55
C ASP F 151 15.82 66.02 -133.92
N ILE F 152 16.21 67.00 -134.75
CA ILE F 152 15.30 68.08 -135.12
C ILE F 152 14.09 67.53 -135.85
N GLU F 153 14.25 66.44 -136.60
CA GLU F 153 13.12 65.85 -137.31
C GLU F 153 12.05 65.39 -136.33
N PHE F 154 12.43 64.59 -135.34
CA PHE F 154 11.48 64.12 -134.35
C PHE F 154 10.93 65.27 -133.54
N GLN F 155 11.76 66.28 -133.25
CA GLN F 155 11.29 67.43 -132.48
C GLN F 155 10.16 68.14 -133.21
N ILE F 156 10.37 68.49 -134.48
CA ILE F 156 9.32 69.16 -135.24
C ILE F 156 8.12 68.23 -135.39
N ARG F 157 8.37 66.94 -135.65
CA ARG F 157 7.29 65.99 -135.86
C ARG F 157 6.34 65.95 -134.67
N ASP F 158 6.86 65.57 -133.49
CA ASP F 158 5.96 65.45 -132.35
C ASP F 158 5.47 66.81 -131.87
N MET F 159 6.25 67.87 -132.13
CA MET F 159 5.82 69.21 -131.75
C MET F 159 4.56 69.63 -132.51
N LEU F 160 4.49 69.33 -133.81
CA LEU F 160 3.26 69.62 -134.53
C LEU F 160 2.21 68.52 -134.38
N MET F 161 2.63 67.30 -134.02
CA MET F 161 1.67 66.24 -133.75
C MET F 161 0.84 66.56 -132.51
N GLN F 162 1.47 67.14 -131.50
CA GLN F 162 0.73 67.50 -130.29
C GLN F 162 -0.33 68.56 -130.57
N PHE F 163 -0.26 69.26 -131.70
CA PHE F 163 -1.29 70.21 -132.09
C PHE F 163 -2.27 69.65 -133.11
N VAL F 164 -1.85 68.71 -133.94
CA VAL F 164 -2.72 68.24 -135.02
C VAL F 164 -3.54 67.02 -134.58
N THR F 165 -2.94 66.14 -133.78
CA THR F 165 -3.60 64.88 -133.45
C THR F 165 -4.89 65.06 -132.66
N LYS F 166 -5.10 66.23 -132.06
CA LYS F 166 -6.36 66.49 -131.39
C LYS F 166 -7.48 66.61 -132.41
N GLU F 167 -8.69 66.25 -131.98
CA GLU F 167 -9.86 66.33 -132.85
C GLU F 167 -10.23 67.81 -133.03
N ASN F 168 -11.27 68.05 -133.84
CA ASN F 168 -11.72 69.38 -134.23
C ASN F 168 -10.53 70.27 -134.62
N CYS F 169 -9.58 69.70 -135.36
CA CYS F 169 -8.40 70.40 -135.83
C CYS F 169 -8.29 70.15 -137.33
N LEU F 170 -8.90 71.03 -138.12
CA LEU F 170 -8.77 70.93 -139.55
C LEU F 170 -7.31 71.07 -139.95
N ILE F 171 -6.92 70.37 -141.00
CA ILE F 171 -5.52 70.34 -141.44
C ILE F 171 -5.45 70.96 -142.81
N LEU F 172 -4.52 71.91 -142.97
CA LEU F 172 -4.16 72.45 -144.28
C LEU F 172 -2.81 71.84 -144.65
N ALA F 173 -2.85 70.81 -145.50
CA ALA F 173 -1.64 70.13 -145.96
C ALA F 173 -1.10 70.92 -147.14
N VAL F 174 -0.03 71.67 -146.90
CA VAL F 174 0.57 72.52 -147.91
C VAL F 174 1.69 71.73 -148.60
N SER F 175 1.66 71.70 -149.92
CA SER F 175 2.72 71.06 -150.67
C SER F 175 3.07 71.93 -151.86
N PRO F 176 4.36 72.06 -152.17
CA PRO F 176 4.75 72.79 -153.37
C PRO F 176 4.43 71.97 -154.62
N ALA F 177 4.34 72.68 -155.74
CA ALA F 177 4.19 72.04 -157.03
C ALA F 177 5.55 71.73 -157.65
N ASN F 178 6.64 72.03 -156.95
CA ASN F 178 7.96 71.77 -157.48
C ASN F 178 8.36 70.32 -157.27
N SER F 179 8.44 69.88 -156.02
CA SER F 179 8.70 68.48 -155.73
C SER F 179 7.51 67.63 -156.17
N ASP F 180 7.81 66.38 -156.55
CA ASP F 180 6.74 65.45 -156.85
C ASP F 180 5.89 65.23 -155.61
N LEU F 181 4.57 65.10 -155.83
CA LEU F 181 3.63 65.06 -154.72
C LEU F 181 3.92 63.90 -153.77
N ALA F 182 4.56 62.85 -154.27
CA ALA F 182 4.84 61.67 -153.46
C ALA F 182 5.74 61.96 -152.26
N ASN F 183 6.47 63.07 -152.29
CA ASN F 183 7.39 63.41 -151.21
C ASN F 183 6.75 64.26 -150.12
N SER F 184 5.45 64.53 -150.21
CA SER F 184 4.84 65.56 -149.37
C SER F 184 4.85 65.20 -147.89
N ASP F 185 5.70 65.88 -147.13
CA ASP F 185 5.70 65.74 -145.68
C ASP F 185 4.37 66.15 -145.07
N ALA F 186 3.63 67.03 -145.74
CA ALA F 186 2.29 67.37 -145.28
C ALA F 186 1.34 66.20 -145.43
N LEU F 187 1.33 65.57 -146.61
CA LEU F 187 0.43 64.45 -146.85
C LEU F 187 0.76 63.26 -145.98
N LYS F 188 2.04 63.05 -145.67
CA LYS F 188 2.39 61.94 -144.79
C LYS F 188 1.69 62.08 -143.44
N VAL F 189 1.82 63.25 -142.81
CA VAL F 189 1.18 63.47 -141.51
C VAL F 189 -0.33 63.48 -141.67
N ALA F 190 -0.84 64.03 -142.77
CA ALA F 190 -2.28 64.09 -142.98
C ALA F 190 -2.88 62.70 -143.02
N LYS F 191 -2.30 61.80 -143.81
CA LYS F 191 -2.80 60.44 -143.86
C LYS F 191 -2.45 59.64 -142.61
N GLU F 192 -1.46 60.09 -141.83
CA GLU F 192 -1.13 59.38 -140.60
C GLU F 192 -2.14 59.68 -139.50
N VAL F 193 -2.62 60.91 -139.41
CA VAL F 193 -3.49 61.30 -138.29
C VAL F 193 -4.95 61.29 -138.70
N ASP F 194 -5.23 61.49 -139.98
CA ASP F 194 -6.59 61.56 -140.52
C ASP F 194 -6.64 60.59 -141.69
N PRO F 195 -6.80 59.30 -141.42
CA PRO F 195 -6.75 58.31 -142.52
C PRO F 195 -7.82 58.52 -143.57
N GLN F 196 -9.09 58.64 -143.15
CA GLN F 196 -10.18 58.81 -144.11
C GLN F 196 -10.14 60.16 -144.81
N GLY F 197 -9.34 61.10 -144.34
CA GLY F 197 -9.28 62.42 -144.95
C GLY F 197 -10.55 63.21 -144.82
N GLN F 198 -11.17 63.20 -143.63
CA GLN F 198 -12.42 63.92 -143.42
C GLN F 198 -12.20 65.32 -142.83
N ARG F 199 -11.02 65.60 -142.29
CA ARG F 199 -10.69 66.93 -141.78
C ARG F 199 -9.36 67.40 -142.35
N THR F 200 -9.09 67.01 -143.59
CA THR F 200 -7.85 67.35 -144.27
C THR F 200 -8.16 68.02 -145.60
N ILE F 201 -7.47 69.11 -145.88
CA ILE F 201 -7.61 69.82 -147.15
C ILE F 201 -6.21 70.05 -147.71
N GLY F 202 -6.02 69.68 -148.97
CA GLY F 202 -4.73 69.79 -149.62
C GLY F 202 -4.64 71.05 -150.47
N VAL F 203 -3.51 71.75 -150.33
CA VAL F 203 -3.24 72.95 -151.11
C VAL F 203 -1.91 72.80 -151.80
N ILE F 204 -1.86 73.17 -153.07
CA ILE F 204 -0.68 73.08 -153.91
C ILE F 204 -0.22 74.49 -154.21
N THR F 205 0.98 74.83 -153.74
CA THR F 205 1.54 76.16 -153.92
C THR F 205 2.56 76.13 -155.06
N LYS F 206 3.11 77.30 -155.36
CA LYS F 206 4.24 77.43 -156.29
C LYS F 206 3.91 76.87 -157.67
N LEU F 207 2.64 76.95 -158.08
CA LEU F 207 2.26 76.43 -159.39
C LEU F 207 2.91 77.19 -160.54
N ASP F 208 3.49 78.36 -160.27
CA ASP F 208 4.21 79.11 -161.29
C ASP F 208 5.66 78.69 -161.42
N LEU F 209 6.14 77.80 -160.55
CA LEU F 209 7.55 77.42 -160.52
C LEU F 209 7.77 76.00 -161.06
N MET F 210 6.82 75.47 -161.82
CA MET F 210 6.96 74.12 -162.35
C MET F 210 7.85 74.11 -163.58
N ASP F 211 8.49 72.98 -163.81
CA ASP F 211 9.44 72.86 -164.91
C ASP F 211 8.74 72.99 -166.25
N GLU F 212 9.49 73.47 -167.24
CA GLU F 212 8.96 73.61 -168.59
C GLU F 212 8.45 72.28 -169.11
N GLY F 213 7.25 72.29 -169.69
CA GLY F 213 6.65 71.09 -170.22
C GLY F 213 5.92 70.25 -169.18
N THR F 214 5.97 70.62 -167.92
CA THR F 214 5.28 69.89 -166.87
C THR F 214 4.10 70.71 -166.36
N ASP F 215 3.08 70.00 -165.85
CA ASP F 215 1.90 70.64 -165.32
C ASP F 215 1.32 69.77 -164.21
N ALA F 216 0.61 70.42 -163.29
CA ALA F 216 0.02 69.74 -162.15
C ALA F 216 -1.43 69.34 -162.41
N ARG F 217 -1.79 69.07 -163.66
CA ARG F 217 -3.16 68.68 -163.97
C ARG F 217 -3.54 67.38 -163.29
N ASP F 218 -2.65 66.39 -163.33
CA ASP F 218 -2.96 65.06 -162.79
C ASP F 218 -3.21 65.10 -161.29
N VAL F 219 -2.70 66.09 -160.58
CA VAL F 219 -2.86 66.15 -159.14
C VAL F 219 -3.99 67.11 -158.78
N LEU F 220 -4.15 68.18 -159.56
CA LEU F 220 -5.23 69.12 -159.27
C LEU F 220 -6.60 68.54 -159.66
N GLU F 221 -6.65 67.64 -160.64
CA GLU F 221 -7.88 66.90 -160.88
C GLU F 221 -8.10 65.79 -159.87
N ASN F 222 -7.29 65.74 -158.81
CA ASN F 222 -7.48 64.80 -157.70
C ASN F 222 -7.46 63.35 -158.19
N LYS F 223 -6.62 63.08 -159.20
CA LYS F 223 -6.47 61.74 -159.74
C LYS F 223 -5.20 61.05 -159.28
N LEU F 224 -4.08 61.79 -159.26
CA LEU F 224 -2.80 61.18 -158.91
C LEU F 224 -2.83 60.60 -157.49
N LEU F 225 -3.24 61.41 -156.53
CA LEU F 225 -3.46 60.96 -155.15
C LEU F 225 -4.85 61.40 -154.74
N PRO F 226 -5.87 60.60 -155.06
CA PRO F 226 -7.25 61.00 -154.76
C PRO F 226 -7.47 61.30 -153.29
N LEU F 227 -7.77 62.56 -152.98
CA LEU F 227 -8.12 63.00 -151.65
C LEU F 227 -9.56 63.49 -151.67
N ARG F 228 -10.28 63.23 -150.58
CA ARG F 228 -11.72 63.46 -150.57
C ARG F 228 -12.06 64.93 -150.81
N ARG F 229 -11.34 65.83 -150.14
CA ARG F 229 -11.70 67.24 -150.19
C ARG F 229 -11.13 67.98 -151.39
N GLY F 230 -10.29 67.33 -152.19
CA GLY F 230 -9.72 67.95 -153.36
C GLY F 230 -8.50 68.79 -153.04
N TYR F 231 -7.84 69.24 -154.11
CA TYR F 231 -6.61 70.02 -153.99
C TYR F 231 -6.85 71.40 -154.57
N ILE F 232 -6.57 72.44 -153.77
CA ILE F 232 -6.74 73.82 -154.18
C ILE F 232 -5.37 74.37 -154.56
N GLY F 233 -5.26 74.96 -155.75
CA GLY F 233 -4.02 75.48 -156.24
C GLY F 233 -3.92 76.97 -156.04
N VAL F 234 -2.86 77.40 -155.36
CA VAL F 234 -2.65 78.82 -155.07
C VAL F 234 -1.29 79.25 -155.60
N VAL F 235 -1.18 80.55 -155.88
CA VAL F 235 0.06 81.14 -156.37
C VAL F 235 0.35 82.41 -155.58
N ASN F 236 1.26 82.31 -154.61
CA ASN F 236 1.55 83.41 -153.71
C ASN F 236 2.53 84.39 -154.38
N ARG F 237 3.09 85.30 -153.59
CA ARG F 237 4.04 86.27 -154.09
C ARG F 237 5.45 85.70 -153.98
N SER F 238 6.21 85.83 -155.06
CA SER F 238 7.58 85.34 -155.09
C SER F 238 8.45 86.13 -154.10
N GLN F 239 9.66 85.62 -153.88
CA GLN F 239 10.58 86.31 -152.96
C GLN F 239 10.95 87.69 -153.49
N LYS F 240 11.11 87.81 -154.81
CA LYS F 240 11.35 89.12 -155.40
C LYS F 240 10.20 90.07 -155.12
N ASP F 241 8.96 89.59 -155.25
CA ASP F 241 7.81 90.43 -154.96
C ASP F 241 7.75 90.79 -153.48
N ILE F 242 8.11 89.86 -152.60
CA ILE F 242 8.13 90.16 -151.17
C ILE F 242 9.13 91.25 -150.87
N ASP F 243 10.32 91.17 -151.47
CA ASP F 243 11.31 92.23 -151.27
C ASP F 243 10.86 93.54 -151.88
N GLY F 244 10.15 93.49 -153.01
CA GLY F 244 9.62 94.67 -153.64
C GLY F 244 8.29 95.17 -153.10
N LYS F 245 7.79 94.53 -152.04
CA LYS F 245 6.58 94.96 -151.35
C LYS F 245 5.36 94.95 -152.28
N LYS F 246 5.17 93.83 -152.97
CA LYS F 246 3.98 93.67 -153.79
C LYS F 246 2.74 93.59 -152.92
N ASP F 247 1.65 94.17 -153.43
CA ASP F 247 0.41 94.27 -152.66
C ASP F 247 -0.54 93.11 -152.99
N ILE F 248 -1.42 92.81 -152.03
CA ILE F 248 -2.27 91.63 -152.11
C ILE F 248 -3.20 91.71 -153.32
N THR F 249 -3.74 92.89 -153.59
CA THR F 249 -4.73 93.00 -154.66
C THR F 249 -4.12 92.71 -156.03
N ALA F 250 -2.97 93.31 -156.35
CA ALA F 250 -2.34 93.03 -157.63
C ALA F 250 -1.78 91.62 -157.67
N ALA F 251 -1.35 91.09 -156.51
CA ALA F 251 -0.92 89.70 -156.48
C ALA F 251 -2.05 88.76 -156.85
N LEU F 252 -3.24 89.01 -156.29
CA LEU F 252 -4.40 88.18 -156.62
C LEU F 252 -4.81 88.35 -158.08
N ALA F 253 -4.72 89.58 -158.60
CA ALA F 253 -5.02 89.79 -160.01
C ALA F 253 -4.05 89.01 -160.89
N ALA F 254 -2.77 89.01 -160.55
CA ALA F 254 -1.79 88.25 -161.32
C ALA F 254 -2.06 86.75 -161.22
N GLU F 255 -2.44 86.27 -160.03
CA GLU F 255 -2.78 84.86 -159.88
C GLU F 255 -3.98 84.48 -160.76
N ARG F 256 -5.00 85.32 -160.78
CA ARG F 256 -6.15 85.08 -161.64
C ARG F 256 -5.74 85.08 -163.11
N LYS F 257 -4.88 86.02 -163.50
CA LYS F 257 -4.39 86.05 -164.88
C LYS F 257 -3.63 84.77 -165.22
N PHE F 258 -2.79 84.30 -164.31
CA PHE F 258 -2.04 83.08 -164.56
C PHE F 258 -2.96 81.88 -164.72
N PHE F 259 -3.96 81.76 -163.85
CA PHE F 259 -4.90 80.65 -163.97
C PHE F 259 -5.71 80.72 -165.26
N LEU F 260 -6.09 81.92 -165.70
CA LEU F 260 -6.82 82.03 -166.96
C LEU F 260 -5.93 81.84 -168.18
N SER F 261 -4.63 82.08 -168.06
CA SER F 261 -3.74 81.97 -169.21
C SER F 261 -3.11 80.59 -169.36
N HIS F 262 -2.91 79.86 -168.28
CA HIS F 262 -2.25 78.56 -168.38
C HIS F 262 -3.18 77.56 -169.04
N PRO F 263 -2.78 76.93 -170.14
CA PRO F 263 -3.70 76.01 -170.83
C PRO F 263 -4.10 74.79 -170.02
N SER F 264 -3.30 74.41 -169.03
CA SER F 264 -3.56 73.18 -168.28
C SER F 264 -4.38 73.42 -167.01
N TYR F 265 -4.81 74.66 -166.75
CA TYR F 265 -5.57 74.95 -165.55
C TYR F 265 -6.80 75.82 -165.79
N ARG F 266 -6.97 76.41 -166.97
CA ARG F 266 -8.07 77.34 -167.18
C ARG F 266 -9.42 76.67 -167.01
N HIS F 267 -9.52 75.37 -167.32
CA HIS F 267 -10.77 74.65 -167.10
C HIS F 267 -11.09 74.47 -165.62
N LEU F 268 -10.13 74.72 -164.73
CA LEU F 268 -10.36 74.67 -163.30
C LEU F 268 -10.06 75.99 -162.62
N ALA F 269 -9.94 77.08 -163.38
CA ALA F 269 -9.61 78.38 -162.79
C ALA F 269 -10.65 78.80 -161.76
N ASP F 270 -11.92 78.48 -162.02
CA ASP F 270 -12.98 78.84 -161.08
C ASP F 270 -12.78 78.16 -159.73
N ARG F 271 -12.40 76.88 -159.75
CA ARG F 271 -12.19 76.15 -158.51
C ARG F 271 -10.79 76.31 -157.92
N MET F 272 -9.88 76.99 -158.63
CA MET F 272 -8.56 77.24 -158.10
C MET F 272 -8.47 78.68 -157.57
N GLY F 273 -7.42 78.94 -156.82
CA GLY F 273 -7.18 80.26 -156.29
C GLY F 273 -7.43 80.36 -154.80
N THR F 274 -6.82 81.38 -154.19
CA THR F 274 -7.00 81.61 -152.76
C THR F 274 -8.44 81.90 -152.35
N PRO F 275 -9.21 82.74 -153.06
CA PRO F 275 -10.60 82.94 -152.64
C PRO F 275 -11.41 81.66 -152.57
N TYR F 276 -11.15 80.72 -153.47
CA TYR F 276 -11.84 79.43 -153.38
C TYR F 276 -11.46 78.69 -152.11
N LEU F 277 -10.18 78.79 -151.71
CA LEU F 277 -9.77 78.15 -150.46
C LEU F 277 -10.46 78.78 -149.27
N GLN F 278 -10.59 80.11 -149.28
CA GLN F 278 -11.34 80.78 -148.22
C GLN F 278 -12.79 80.29 -148.20
N LYS F 279 -13.39 80.17 -149.37
CA LYS F 279 -14.78 79.71 -149.46
C LYS F 279 -14.92 78.28 -148.96
N VAL F 280 -13.93 77.42 -149.26
CA VAL F 280 -14.00 76.03 -148.82
C VAL F 280 -13.85 75.94 -147.30
N LEU F 281 -12.94 76.73 -146.73
CA LEU F 281 -12.85 76.77 -145.28
C LEU F 281 -14.15 77.29 -144.66
N ASN F 282 -14.77 78.28 -145.29
CA ASN F 282 -16.06 78.77 -144.82
C ASN F 282 -17.10 77.66 -144.86
N GLN F 283 -17.10 76.86 -145.93
CA GLN F 283 -18.05 75.75 -146.04
C GLN F 283 -17.82 74.72 -144.95
N GLN F 284 -16.57 74.36 -144.69
CA GLN F 284 -16.27 73.40 -143.63
C GLN F 284 -16.70 73.92 -142.27
N LEU F 285 -16.43 75.20 -142.00
CA LEU F 285 -16.83 75.77 -140.72
C LEU F 285 -18.35 75.85 -140.61
N THR F 286 -19.04 76.14 -141.71
CA THR F 286 -20.50 76.13 -141.71
C THR F 286 -21.03 74.74 -141.39
N ASN F 287 -20.44 73.71 -141.99
CA ASN F 287 -20.87 72.35 -141.72
C ASN F 287 -20.50 71.89 -140.31
N HIS F 288 -19.52 72.53 -139.68
CA HIS F 288 -19.11 72.11 -138.34
C HIS F 288 -19.78 72.88 -137.22
N ILE F 289 -20.25 74.11 -137.46
CA ILE F 289 -20.92 74.86 -136.40
C ILE F 289 -22.27 74.22 -136.05
N ARG F 290 -22.98 73.69 -137.06
CA ARG F 290 -24.22 72.99 -136.79
C ARG F 290 -23.95 71.70 -136.05
N ASP F 291 -25.00 70.93 -135.74
CA ASP F 291 -25.05 69.81 -134.82
C ASP F 291 -25.06 70.37 -133.39
N THR F 292 -24.84 71.68 -133.20
CA THR F 292 -25.00 72.32 -131.91
C THR F 292 -26.03 73.44 -131.93
N LEU F 293 -26.43 73.93 -133.11
CA LEU F 293 -27.43 74.99 -133.20
C LEU F 293 -28.72 74.69 -132.47
N PRO F 294 -29.34 73.51 -132.60
CA PRO F 294 -30.58 73.26 -131.85
C PRO F 294 -30.39 73.42 -130.35
N GLY F 295 -29.23 73.02 -129.82
CA GLY F 295 -28.92 73.33 -128.44
C GLY F 295 -28.74 74.82 -128.21
N LEU F 296 -28.03 75.48 -129.13
CA LEU F 296 -27.75 76.90 -128.98
C LEU F 296 -28.97 77.77 -129.31
N ARG F 297 -29.74 77.36 -130.31
CA ARG F 297 -30.96 78.11 -130.62
C ARG F 297 -31.90 78.13 -129.43
N ASN F 298 -32.08 76.98 -128.77
CA ASN F 298 -32.85 76.96 -127.53
C ASN F 298 -32.14 77.74 -126.43
N LYS F 299 -30.82 77.62 -126.36
CA LYS F 299 -30.05 78.25 -125.29
C LYS F 299 -30.25 79.77 -125.29
N LEU F 300 -30.40 80.37 -126.46
CA LEU F 300 -30.72 81.80 -126.50
C LEU F 300 -32.20 82.09 -126.74
N GLN F 301 -32.99 81.09 -127.12
CA GLN F 301 -34.44 81.28 -127.15
C GLN F 301 -34.98 81.48 -125.75
N SER F 302 -34.47 80.71 -124.78
CA SER F 302 -34.85 80.95 -123.39
C SER F 302 -34.41 82.33 -122.93
N GLN F 303 -33.25 82.78 -123.41
CA GLN F 303 -32.79 84.12 -123.12
C GLN F 303 -33.77 85.16 -123.65
N LEU F 304 -34.25 84.98 -124.88
CA LEU F 304 -35.26 85.89 -125.43
C LEU F 304 -36.55 85.81 -124.63
N LEU F 305 -36.88 84.62 -124.14
CA LEU F 305 -38.08 84.46 -123.30
C LEU F 305 -37.97 85.28 -122.04
N SER F 306 -36.79 85.31 -121.41
CA SER F 306 -36.62 85.96 -120.12
C SER F 306 -36.77 87.47 -120.19
N ILE F 307 -36.81 88.03 -121.40
CA ILE F 307 -36.93 89.47 -121.59
C ILE F 307 -38.16 89.87 -122.41
N GLU F 308 -38.78 88.95 -123.16
CA GLU F 308 -39.92 89.32 -123.99
C GLU F 308 -41.04 89.98 -123.18
N LYS F 309 -41.15 89.64 -121.89
CA LYS F 309 -42.21 90.22 -121.07
C LYS F 309 -42.02 91.72 -120.89
N GLU F 310 -40.81 92.15 -120.54
CA GLU F 310 -40.53 93.57 -120.38
C GLU F 310 -40.42 94.28 -121.72
N VAL F 311 -40.02 93.55 -122.77
CA VAL F 311 -40.01 94.13 -124.10
C VAL F 311 -41.41 94.59 -124.51
N GLU F 312 -42.45 93.95 -123.98
CA GLU F 312 -43.82 94.39 -124.25
C GLU F 312 -44.04 95.83 -123.79
N GLU F 313 -43.63 96.14 -122.56
CA GLU F 313 -43.71 97.51 -122.09
C GLU F 313 -42.76 98.43 -122.86
N TYR F 314 -41.61 97.90 -123.30
CA TYR F 314 -40.61 98.77 -123.91
C TYR F 314 -40.80 99.05 -125.41
N LYS F 315 -41.58 98.26 -126.17
CA LYS F 315 -41.67 98.54 -127.61
C LYS F 315 -42.34 99.87 -127.89
N ASN F 316 -43.44 100.15 -127.22
CA ASN F 316 -44.22 101.37 -127.47
C ASN F 316 -44.31 102.13 -126.16
N PHE F 317 -43.27 102.89 -125.88
CA PHE F 317 -43.22 103.81 -124.74
C PHE F 317 -43.13 105.23 -125.30
N ARG F 318 -44.02 106.10 -124.86
CA ARG F 318 -43.94 107.50 -125.18
C ARG F 318 -44.01 108.33 -123.92
N PRO F 319 -43.12 109.29 -123.72
CA PRO F 319 -43.20 110.12 -122.51
C PRO F 319 -44.52 110.85 -122.44
N ASP F 320 -45.03 111.01 -121.21
CA ASP F 320 -46.28 111.67 -120.85
C ASP F 320 -47.51 110.80 -121.14
N ASP F 321 -47.35 109.52 -121.41
CA ASP F 321 -48.51 108.67 -121.65
C ASP F 321 -49.30 108.42 -120.37
N PRO F 322 -50.48 109.03 -120.22
CA PRO F 322 -51.22 108.87 -118.96
C PRO F 322 -51.59 107.43 -118.65
N ALA F 323 -51.94 106.65 -119.67
CA ALA F 323 -52.38 105.28 -119.42
C ALA F 323 -51.26 104.46 -118.79
N ARG F 324 -50.08 104.45 -119.40
CA ARG F 324 -48.97 103.69 -118.83
C ARG F 324 -48.55 104.26 -117.48
N LYS F 325 -48.51 105.59 -117.37
CA LYS F 325 -48.06 106.20 -116.11
C LYS F 325 -48.97 105.79 -114.96
N THR F 326 -50.29 105.95 -115.14
CA THR F 326 -51.22 105.62 -114.07
C THR F 326 -51.28 104.12 -113.81
N LYS F 327 -51.19 103.29 -114.84
CA LYS F 327 -51.16 101.85 -114.61
C LYS F 327 -49.94 101.44 -113.79
N ALA F 328 -48.77 102.01 -114.12
CA ALA F 328 -47.57 101.73 -113.35
C ALA F 328 -47.73 102.21 -111.92
N LEU F 329 -48.29 103.40 -111.73
CA LEU F 329 -48.49 103.92 -110.38
C LEU F 329 -49.38 102.97 -109.57
N LEU F 330 -50.47 102.51 -110.16
CA LEU F 330 -51.40 101.64 -109.44
C LEU F 330 -50.74 100.33 -109.07
N GLN F 331 -50.02 99.71 -110.00
CA GLN F 331 -49.39 98.44 -109.66
C GLN F 331 -48.27 98.61 -108.65
N MET F 332 -47.52 99.73 -108.72
CA MET F 332 -46.49 99.99 -107.72
C MET F 332 -47.10 100.12 -106.33
N VAL F 333 -48.20 100.86 -106.23
CA VAL F 333 -48.87 101.05 -104.94
C VAL F 333 -49.37 99.71 -104.41
N GLN F 334 -49.97 98.90 -105.28
CA GLN F 334 -50.50 97.62 -104.83
C GLN F 334 -49.40 96.71 -104.31
N GLN F 335 -48.26 96.64 -105.02
CA GLN F 335 -47.21 95.78 -104.53
C GLN F 335 -46.59 96.34 -103.25
N PHE F 336 -46.51 97.66 -103.13
CA PHE F 336 -46.03 98.26 -101.88
C PHE F 336 -46.89 97.83 -100.71
N ALA F 337 -48.21 97.92 -100.88
CA ALA F 337 -49.11 97.49 -99.82
C ALA F 337 -48.86 96.04 -99.46
N VAL F 338 -49.03 95.14 -100.44
CA VAL F 338 -48.97 93.71 -100.12
C VAL F 338 -47.61 93.35 -99.54
N ASP F 339 -46.55 94.04 -99.96
CA ASP F 339 -45.24 93.84 -99.34
C ASP F 339 -45.26 94.30 -97.89
N PHE F 340 -45.94 95.40 -97.60
CA PHE F 340 -46.00 95.88 -96.22
C PHE F 340 -46.68 94.88 -95.31
N GLU F 341 -47.85 94.35 -95.72
CA GLU F 341 -48.47 93.33 -94.89
C GLU F 341 -47.63 92.06 -94.84
N LYS F 342 -46.93 91.73 -95.92
CA LYS F 342 -46.06 90.56 -95.88
C LYS F 342 -44.96 90.73 -94.84
N ARG F 343 -44.42 91.94 -94.72
CA ARG F 343 -43.33 92.18 -93.78
C ARG F 343 -43.81 92.43 -92.36
N ILE F 344 -45.07 92.82 -92.16
CA ILE F 344 -45.54 93.08 -90.81
C ILE F 344 -46.28 91.85 -90.28
N GLU F 345 -47.41 91.49 -90.90
CA GLU F 345 -48.14 90.32 -90.42
C GLU F 345 -47.43 89.02 -90.76
N GLY F 346 -46.46 89.05 -91.66
CA GLY F 346 -45.80 87.82 -92.07
C GLY F 346 -46.70 86.89 -92.84
N SER F 347 -47.53 87.42 -93.73
CA SER F 347 -48.38 86.57 -94.57
C SER F 347 -47.52 85.63 -95.37
N GLY F 348 -47.86 84.34 -95.33
CA GLY F 348 -46.96 83.33 -95.87
C GLY F 348 -46.79 83.35 -97.37
N ASP F 349 -45.64 83.84 -97.82
CA ASP F 349 -45.09 83.65 -99.16
C ASP F 349 -43.75 84.35 -99.21
N GLN F 350 -42.87 83.86 -100.10
CA GLN F 350 -41.58 84.46 -100.42
C GLN F 350 -40.88 85.03 -99.19
N ILE F 351 -40.91 84.30 -98.08
CA ILE F 351 -40.43 84.81 -96.81
C ILE F 351 -38.91 84.75 -96.76
N ASP F 352 -38.28 85.88 -96.48
CA ASP F 352 -36.84 85.90 -96.26
C ASP F 352 -36.51 85.16 -94.97
N THR F 353 -35.48 84.32 -95.03
CA THR F 353 -35.01 83.55 -93.88
C THR F 353 -33.57 83.92 -93.54
N TYR F 354 -33.18 85.16 -93.82
CA TYR F 354 -31.80 85.60 -93.63
C TYR F 354 -31.65 86.56 -92.45
N GLU F 355 -32.66 87.36 -92.16
CA GLU F 355 -32.66 88.26 -91.02
C GLU F 355 -33.81 87.88 -90.09
N LEU F 356 -33.79 88.46 -88.89
CA LEU F 356 -34.87 88.20 -87.94
C LEU F 356 -36.21 88.63 -88.51
N SER F 357 -36.23 89.78 -89.18
CA SER F 357 -37.36 90.23 -90.00
C SER F 357 -36.97 91.58 -90.60
N GLY F 358 -37.81 92.06 -91.50
CA GLY F 358 -37.73 93.45 -91.92
C GLY F 358 -38.26 94.34 -90.81
N GLY F 359 -39.50 94.10 -90.40
CA GLY F 359 -40.06 94.83 -89.29
C GLY F 359 -41.01 94.06 -88.41
N ALA F 360 -40.98 92.73 -88.48
CA ALA F 360 -41.95 91.93 -87.75
C ALA F 360 -41.43 91.46 -86.40
N ARG F 361 -40.37 90.66 -86.40
CA ARG F 361 -39.78 90.22 -85.13
C ARG F 361 -38.88 91.27 -84.50
N ILE F 362 -38.32 92.18 -85.28
CA ILE F 362 -37.66 93.32 -84.65
C ILE F 362 -38.68 94.13 -83.85
N ASN F 363 -39.98 93.92 -84.10
CA ASN F 363 -41.05 94.60 -83.37
C ASN F 363 -41.61 93.73 -82.24
N ARG F 364 -41.91 92.45 -82.53
CA ARG F 364 -42.28 91.55 -81.44
C ARG F 364 -41.22 91.50 -80.35
N ILE F 365 -39.94 91.54 -80.71
CA ILE F 365 -38.93 91.50 -79.67
C ILE F 365 -38.98 92.78 -78.85
N PHE F 366 -39.43 93.89 -79.44
CA PHE F 366 -39.72 95.07 -78.62
C PHE F 366 -40.84 94.75 -77.62
N HIS F 367 -41.95 94.19 -78.10
CA HIS F 367 -43.09 93.96 -77.22
C HIS F 367 -42.79 92.99 -76.08
N GLU F 368 -41.99 91.96 -76.31
CA GLU F 368 -41.60 91.04 -75.23
C GLU F 368 -40.12 91.12 -74.87
N ARG F 369 -39.51 92.30 -75.04
CA ARG F 369 -38.23 92.65 -74.43
C ARG F 369 -38.34 93.88 -73.55
N PHE F 370 -39.27 94.80 -73.85
CA PHE F 370 -39.65 95.92 -73.01
C PHE F 370 -39.77 95.56 -71.52
N PRO F 371 -40.24 94.36 -71.17
CA PRO F 371 -40.11 93.92 -69.78
C PRO F 371 -38.70 94.04 -69.23
N PHE F 372 -37.67 93.94 -70.07
CA PHE F 372 -36.32 94.21 -69.59
C PHE F 372 -36.19 95.64 -69.10
N GLU F 373 -36.79 96.59 -69.84
CA GLU F 373 -36.79 97.98 -69.38
C GLU F 373 -37.53 98.11 -68.06
N LEU F 374 -38.72 97.53 -67.97
CA LEU F 374 -39.50 97.67 -66.74
C LEU F 374 -38.75 97.09 -65.54
N VAL F 375 -38.10 95.95 -65.72
CA VAL F 375 -37.29 95.40 -64.64
C VAL F 375 -36.08 96.29 -64.36
N LYS F 376 -35.47 96.84 -65.41
CA LYS F 376 -34.32 97.72 -65.26
C LYS F 376 -34.66 99.04 -64.61
N MET F 377 -35.95 99.31 -64.38
CA MET F 377 -36.32 100.40 -63.49
C MET F 377 -35.67 100.18 -62.13
N GLU F 378 -35.65 101.25 -61.31
CA GLU F 378 -34.78 101.35 -60.15
C GLU F 378 -34.74 100.10 -59.25
N PHE F 379 -35.85 99.76 -58.57
CA PHE F 379 -35.98 98.57 -57.73
C PHE F 379 -34.88 98.38 -56.70
N ASP F 380 -34.02 99.37 -56.46
CA ASP F 380 -32.85 99.15 -55.59
C ASP F 380 -32.70 100.27 -54.55
N GLU F 381 -33.39 100.11 -53.42
CA GLU F 381 -33.22 100.92 -52.22
C GLU F 381 -33.90 100.22 -51.05
N LYS F 382 -33.36 100.49 -49.86
CA LYS F 382 -34.11 100.38 -48.61
C LYS F 382 -34.66 101.73 -48.17
N GLU F 383 -34.30 102.81 -48.88
CA GLU F 383 -34.85 104.13 -48.61
C GLU F 383 -36.36 104.14 -48.77
N LEU F 384 -36.91 103.18 -49.52
CA LEU F 384 -38.36 103.06 -49.63
C LEU F 384 -39.01 102.89 -48.26
N ARG F 385 -38.35 102.19 -47.35
CA ARG F 385 -38.92 102.01 -46.02
C ARG F 385 -39.05 103.34 -45.28
N ARG F 386 -38.02 104.18 -45.34
CA ARG F 386 -38.14 105.53 -44.78
C ARG F 386 -39.22 106.32 -45.51
N GLU F 387 -39.28 106.16 -46.84
CA GLU F 387 -40.22 106.91 -47.65
C GLU F 387 -41.66 106.59 -47.25
N ILE F 388 -41.92 105.34 -46.87
CA ILE F 388 -43.28 104.96 -46.48
C ILE F 388 -43.51 105.21 -45.00
N SER F 389 -42.46 105.18 -44.18
CA SER F 389 -42.61 105.55 -42.77
C SER F 389 -43.03 107.01 -42.64
N TYR F 390 -42.46 107.89 -43.47
CA TYR F 390 -42.91 109.28 -43.44
C TYR F 390 -44.38 109.40 -43.86
N ALA F 391 -44.81 108.59 -44.82
CA ALA F 391 -46.23 108.61 -45.19
C ALA F 391 -47.11 108.17 -44.02
N ILE F 392 -46.69 107.11 -43.31
CA ILE F 392 -47.37 106.70 -42.09
C ILE F 392 -47.47 107.88 -41.13
N LYS F 393 -46.34 108.55 -40.91
CA LYS F 393 -46.28 109.59 -39.90
C LYS F 393 -47.01 110.86 -40.30
N ASN F 394 -47.31 111.04 -41.58
CA ASN F 394 -48.08 112.19 -42.02
C ASN F 394 -49.57 111.93 -42.05
N ILE F 395 -50.01 110.73 -42.44
CA ILE F 395 -51.44 110.44 -42.40
C ILE F 395 -51.91 109.95 -41.04
N HIS F 396 -51.00 109.71 -40.11
CA HIS F 396 -51.37 109.60 -38.69
C HIS F 396 -51.18 110.93 -37.99
N GLY F 397 -51.45 112.01 -38.71
CA GLY F 397 -51.03 113.35 -38.37
C GLY F 397 -51.06 113.72 -36.91
N ILE F 398 -52.23 113.61 -36.28
CA ILE F 398 -52.40 113.94 -34.87
C ILE F 398 -52.85 112.72 -34.07
N ARG F 399 -53.87 112.02 -34.55
CA ARG F 399 -54.38 110.85 -33.86
C ARG F 399 -53.28 109.78 -33.77
N THR F 400 -53.53 108.75 -32.97
CA THR F 400 -52.42 107.94 -32.51
C THR F 400 -52.82 106.48 -32.33
N GLY F 401 -51.80 105.62 -32.38
CA GLY F 401 -51.84 104.29 -31.82
C GLY F 401 -52.69 103.27 -32.54
N LEU F 402 -53.13 103.56 -33.76
CA LEU F 402 -53.99 102.64 -34.48
C LEU F 402 -53.20 101.86 -35.52
N PHE F 403 -53.86 100.82 -36.04
CA PHE F 403 -53.22 99.66 -36.63
C PHE F 403 -52.22 100.00 -37.73
N THR F 404 -52.74 100.48 -38.87
CA THR F 404 -52.04 100.86 -40.10
C THR F 404 -53.00 101.65 -40.98
N PRO F 405 -52.55 102.73 -41.58
CA PRO F 405 -53.39 103.44 -42.54
C PRO F 405 -53.18 102.93 -43.97
N ASP F 406 -54.27 102.69 -44.69
CA ASP F 406 -54.16 102.12 -46.04
C ASP F 406 -53.71 103.16 -47.06
N MET F 407 -54.01 104.44 -46.82
CA MET F 407 -53.61 105.40 -47.83
C MET F 407 -52.09 105.55 -47.88
N ALA F 408 -51.37 105.04 -46.89
CA ALA F 408 -49.91 104.95 -47.03
C ALA F 408 -49.54 104.07 -48.20
N PHE F 409 -50.10 102.86 -48.23
CA PHE F 409 -49.95 101.97 -49.37
C PHE F 409 -50.40 102.65 -50.65
N GLU F 410 -51.52 103.37 -50.58
CA GLU F 410 -52.03 104.07 -51.75
C GLU F 410 -51.01 105.06 -52.30
N THR F 411 -50.50 105.94 -51.44
CA THR F 411 -49.59 106.99 -51.88
C THR F 411 -48.28 106.39 -52.39
N ILE F 412 -47.81 105.32 -51.76
CA ILE F 412 -46.55 104.75 -52.18
C ILE F 412 -46.68 104.07 -53.54
N VAL F 413 -47.78 103.35 -53.78
CA VAL F 413 -47.93 102.77 -55.11
C VAL F 413 -48.17 103.86 -56.15
N LYS F 414 -48.86 104.93 -55.79
CA LYS F 414 -49.02 106.04 -56.73
C LYS F 414 -47.69 106.69 -57.07
N LYS F 415 -46.75 106.70 -56.12
CA LYS F 415 -45.42 107.22 -56.40
C LYS F 415 -44.58 106.24 -57.20
N GLN F 416 -44.78 104.94 -57.00
CA GLN F 416 -43.99 103.94 -57.72
C GLN F 416 -44.42 103.81 -59.17
N VAL F 417 -45.73 103.86 -59.44
CA VAL F 417 -46.21 103.66 -60.80
C VAL F 417 -46.25 104.94 -61.61
N LYS F 418 -45.82 106.06 -61.05
CA LYS F 418 -45.73 107.28 -61.84
C LYS F 418 -44.46 107.33 -62.67
N LYS F 419 -43.48 106.48 -62.38
CA LYS F 419 -42.27 106.42 -63.18
C LYS F 419 -42.31 105.32 -64.24
N ILE F 420 -43.41 104.56 -64.32
CA ILE F 420 -43.62 103.67 -65.46
C ILE F 420 -43.87 104.48 -66.72
N ARG F 421 -44.19 105.75 -66.58
CA ARG F 421 -44.52 106.59 -67.73
C ARG F 421 -43.35 106.76 -68.69
N GLU F 422 -42.11 106.59 -68.22
CA GLU F 422 -40.96 106.76 -69.10
C GLU F 422 -40.70 105.52 -69.96
N PRO F 423 -40.62 104.30 -69.39
CA PRO F 423 -40.35 103.14 -70.24
C PRO F 423 -41.39 102.90 -71.32
N CYS F 424 -42.67 103.17 -71.04
CA CYS F 424 -43.70 102.95 -72.04
C CYS F 424 -43.53 103.91 -73.22
N LEU F 425 -43.27 105.18 -72.93
CA LEU F 425 -43.00 106.13 -74.02
C LEU F 425 -41.73 105.77 -74.76
N LYS F 426 -40.73 105.24 -74.06
CA LYS F 426 -39.51 104.81 -74.74
C LYS F 426 -39.79 103.64 -75.68
N CYS F 427 -40.64 102.70 -75.26
CA CYS F 427 -41.02 101.60 -76.14
C CYS F 427 -41.79 102.10 -77.34
N VAL F 428 -42.68 103.08 -77.14
CA VAL F 428 -43.40 103.67 -78.27
C VAL F 428 -42.41 104.30 -79.25
N ASP F 429 -41.40 105.00 -78.73
CA ASP F 429 -40.37 105.58 -79.58
C ASP F 429 -39.62 104.50 -80.35
N MET F 430 -39.32 103.38 -79.68
CA MET F 430 -38.60 102.29 -80.35
C MET F 430 -39.44 101.69 -81.47
N VAL F 431 -40.74 101.48 -81.21
CA VAL F 431 -41.62 100.94 -82.24
C VAL F 431 -41.70 101.90 -83.42
N ILE F 432 -41.79 103.20 -83.14
CA ILE F 432 -41.73 104.20 -84.22
C ILE F 432 -40.46 104.06 -85.01
N SER F 433 -39.31 104.03 -84.32
CA SER F 433 -38.02 104.02 -85.00
C SER F 433 -37.81 102.76 -85.80
N GLU F 434 -38.51 101.68 -85.45
CA GLU F 434 -38.31 100.44 -86.19
C GLU F 434 -39.27 100.34 -87.38
N LEU F 435 -40.54 100.68 -87.16
CA LEU F 435 -41.50 100.62 -88.27
C LEU F 435 -41.17 101.65 -89.34
N ILE F 436 -40.71 102.84 -88.93
CA ILE F 436 -40.45 103.86 -89.94
C ILE F 436 -39.23 103.49 -90.76
N SER F 437 -38.36 102.63 -90.24
CA SER F 437 -37.26 102.10 -91.03
C SER F 437 -37.70 100.92 -91.89
N THR F 438 -38.65 100.12 -91.42
CA THR F 438 -39.19 99.05 -92.25
C THR F 438 -39.93 99.60 -93.47
N VAL F 439 -40.63 100.71 -93.31
CA VAL F 439 -41.25 101.35 -94.46
C VAL F 439 -40.19 101.74 -95.49
N ARG F 440 -39.06 102.28 -95.02
CA ARG F 440 -37.96 102.59 -95.93
C ARG F 440 -37.43 101.33 -96.58
N GLN F 441 -37.33 100.25 -95.81
CA GLN F 441 -36.81 98.99 -96.35
C GLN F 441 -37.70 98.44 -97.44
N CYS F 442 -39.01 98.65 -97.34
CA CYS F 442 -39.94 98.14 -98.34
C CYS F 442 -40.28 99.16 -99.42
N THR F 443 -39.74 100.38 -99.33
CA THR F 443 -39.85 101.34 -100.42
C THR F 443 -38.57 101.53 -101.22
N LYS F 444 -37.40 101.30 -100.62
CA LYS F 444 -36.15 101.54 -101.34
C LYS F 444 -35.93 100.53 -102.45
N LYS F 445 -36.30 99.28 -102.22
CA LYS F 445 -35.90 98.21 -103.14
C LYS F 445 -36.92 97.94 -104.23
N LEU F 446 -38.22 98.10 -103.93
CA LEU F 446 -39.22 97.93 -104.97
C LEU F 446 -39.24 99.13 -105.92
N GLN F 447 -39.03 100.34 -105.39
CA GLN F 447 -39.19 101.55 -106.18
C GLN F 447 -37.86 101.92 -106.82
N GLN F 448 -37.70 101.58 -108.10
CA GLN F 448 -36.64 102.19 -108.88
C GLN F 448 -36.94 103.65 -109.17
N TYR F 449 -38.22 104.01 -109.16
CA TYR F 449 -38.62 105.35 -109.55
C TYR F 449 -38.05 106.37 -108.58
N PRO F 450 -37.55 107.51 -109.07
CA PRO F 450 -37.25 108.64 -108.19
C PRO F 450 -38.51 109.44 -107.92
N ARG F 451 -38.54 110.02 -106.72
CA ARG F 451 -39.59 110.90 -106.24
C ARG F 451 -40.87 110.12 -105.90
N LEU F 452 -40.96 108.87 -106.35
CA LEU F 452 -42.07 108.02 -105.95
C LEU F 452 -41.70 107.12 -104.78
N ARG F 453 -40.42 106.95 -104.51
CA ARG F 453 -39.95 106.47 -103.22
C ARG F 453 -39.78 107.61 -102.24
N GLU F 454 -40.01 108.85 -102.67
CA GLU F 454 -39.96 110.02 -101.81
C GLU F 454 -41.35 110.44 -101.35
N GLU F 455 -42.29 110.62 -102.27
CA GLU F 455 -43.65 110.98 -101.89
C GLU F 455 -44.29 109.88 -101.05
N MET F 456 -44.06 108.62 -101.42
CA MET F 456 -44.62 107.50 -100.68
C MET F 456 -44.10 107.47 -99.25
N GLU F 457 -42.77 107.55 -99.10
CA GLU F 457 -42.18 107.57 -97.77
C GLU F 457 -42.66 108.77 -96.97
N ARG F 458 -42.73 109.94 -97.60
CA ARG F 458 -43.18 111.13 -96.91
C ARG F 458 -44.59 110.96 -96.37
N ILE F 459 -45.51 110.50 -97.22
CA ILE F 459 -46.90 110.37 -96.79
C ILE F 459 -47.03 109.35 -95.68
N VAL F 460 -46.42 108.17 -95.86
CA VAL F 460 -46.57 107.12 -94.85
C VAL F 460 -45.94 107.55 -93.53
N THR F 461 -44.76 108.17 -93.60
CA THR F 461 -44.08 108.59 -92.37
C THR F 461 -44.83 109.70 -91.66
N THR F 462 -45.43 110.63 -92.42
CA THR F 462 -46.24 111.66 -91.78
C THR F 462 -47.46 111.06 -91.10
N HIS F 463 -48.08 110.06 -91.73
CA HIS F 463 -49.20 109.41 -91.06
C HIS F 463 -48.76 108.71 -89.78
N ILE F 464 -47.59 108.05 -89.82
CA ILE F 464 -47.10 107.36 -88.63
C ILE F 464 -46.79 108.35 -87.51
N ARG F 465 -46.16 109.47 -87.85
CA ARG F 465 -45.85 110.48 -86.85
C ARG F 465 -47.08 111.26 -86.42
N GLU F 466 -48.16 111.20 -87.18
CA GLU F 466 -49.43 111.69 -86.67
C GLU F 466 -50.04 110.72 -85.67
N ARG F 467 -49.87 109.42 -85.91
CA ARG F 467 -50.43 108.42 -85.01
C ARG F 467 -49.64 108.31 -83.71
N GLU F 468 -48.36 108.68 -83.73
CA GLU F 468 -47.57 108.55 -82.51
C GLU F 468 -48.10 109.45 -81.41
N GLY F 469 -48.61 110.62 -81.76
CA GLY F 469 -49.21 111.49 -80.77
C GLY F 469 -50.40 110.84 -80.09
N ARG F 470 -51.30 110.25 -80.88
CA ARG F 470 -52.47 109.60 -80.32
C ARG F 470 -52.08 108.42 -79.43
N THR F 471 -51.11 107.61 -79.87
CA THR F 471 -50.77 106.45 -79.06
C THR F 471 -50.05 106.85 -77.78
N LYS F 472 -49.22 107.90 -77.82
CA LYS F 472 -48.61 108.39 -76.59
C LYS F 472 -49.66 108.95 -75.65
N GLU F 473 -50.66 109.67 -76.19
CA GLU F 473 -51.75 110.15 -75.37
C GLU F 473 -52.48 109.00 -74.69
N GLN F 474 -52.75 107.93 -75.44
CA GLN F 474 -53.47 106.80 -74.87
C GLN F 474 -52.64 106.10 -73.80
N VAL F 475 -51.33 105.99 -74.01
CA VAL F 475 -50.48 105.38 -72.99
C VAL F 475 -50.47 106.21 -71.72
N MET F 476 -50.33 107.53 -71.85
CA MET F 476 -50.37 108.40 -70.69
C MET F 476 -51.70 108.29 -69.97
N LEU F 477 -52.80 108.22 -70.72
CA LEU F 477 -54.11 108.12 -70.10
C LEU F 477 -54.32 106.76 -69.45
N LEU F 478 -53.71 105.71 -70.00
CA LEU F 478 -53.72 104.42 -69.32
C LEU F 478 -53.01 104.49 -67.97
N ILE F 479 -51.85 105.17 -67.95
CA ILE F 479 -51.16 105.34 -66.66
C ILE F 479 -52.03 106.14 -65.70
N ASP F 480 -52.64 107.23 -66.18
CA ASP F 480 -53.48 108.06 -65.32
C ASP F 480 -54.75 107.33 -64.87
N ILE F 481 -55.20 106.31 -65.61
CA ILE F 481 -56.24 105.44 -65.09
C ILE F 481 -55.69 104.51 -64.01
N GLU F 482 -54.47 104.00 -64.20
CA GLU F 482 -53.92 103.11 -63.19
C GLU F 482 -53.53 103.85 -61.92
N LEU F 483 -53.50 105.17 -61.94
CA LEU F 483 -53.42 105.98 -60.72
C LEU F 483 -54.78 106.44 -60.23
N ALA F 484 -55.82 105.62 -60.30
CA ALA F 484 -57.14 106.07 -59.87
C ALA F 484 -57.75 105.26 -58.75
N TYR F 485 -57.66 103.93 -58.78
CA TYR F 485 -58.42 103.16 -57.80
C TYR F 485 -57.55 102.28 -56.91
N MET F 486 -56.49 101.69 -57.45
CA MET F 486 -55.57 100.85 -56.69
C MET F 486 -56.32 99.67 -56.05
N ASN F 487 -56.82 98.80 -56.91
CA ASN F 487 -57.71 97.73 -56.45
C ASN F 487 -56.96 96.75 -55.55
N THR F 488 -57.74 96.09 -54.69
CA THR F 488 -57.21 95.04 -53.83
C THR F 488 -58.02 93.76 -53.95
N ASN F 489 -59.20 93.80 -54.56
CA ASN F 489 -60.00 92.60 -54.77
C ASN F 489 -59.37 91.66 -55.79
N HIS F 490 -58.33 92.08 -56.48
CA HIS F 490 -57.63 91.25 -57.45
C HIS F 490 -56.82 90.18 -56.71
N GLU F 491 -56.04 89.41 -57.45
CA GLU F 491 -55.31 88.27 -56.93
C GLU F 491 -54.07 88.65 -56.12
N ASP F 492 -53.86 89.90 -55.72
CA ASP F 492 -52.85 90.17 -54.70
C ASP F 492 -53.34 89.68 -53.34
N PHE F 493 -52.43 89.11 -52.57
CA PHE F 493 -52.80 88.58 -51.26
C PHE F 493 -52.87 89.70 -50.24
N ILE F 494 -53.93 89.69 -49.44
CA ILE F 494 -54.15 90.73 -48.45
C ILE F 494 -53.47 90.38 -47.13
N ASP F 652 -38.39 99.86 -32.41
CA ASP F 652 -39.38 99.28 -33.31
C ASP F 652 -40.81 99.48 -32.78
N PRO F 653 -41.22 100.73 -32.62
CA PRO F 653 -42.54 101.00 -32.05
C PRO F 653 -43.64 100.75 -33.06
N GLN F 654 -43.98 99.48 -33.27
CA GLN F 654 -44.95 99.03 -34.26
C GLN F 654 -44.46 99.34 -35.66
N LEU F 655 -43.30 99.97 -35.79
CA LEU F 655 -42.77 100.31 -37.10
C LEU F 655 -42.33 99.05 -37.85
N GLU F 656 -41.56 98.20 -37.20
CA GLU F 656 -41.15 96.96 -37.87
C GLU F 656 -42.34 96.04 -38.16
N ARG F 657 -43.54 96.42 -37.75
CA ARG F 657 -44.77 95.73 -38.12
C ARG F 657 -45.52 96.43 -39.24
N GLN F 658 -45.52 97.76 -39.24
CA GLN F 658 -46.28 98.52 -40.24
C GLN F 658 -45.48 98.77 -41.51
N VAL F 659 -44.23 99.24 -41.38
CA VAL F 659 -43.42 99.59 -42.55
C VAL F 659 -43.16 98.34 -43.39
N GLU F 660 -42.85 97.22 -42.75
CA GLU F 660 -42.56 95.99 -43.49
C GLU F 660 -43.81 95.46 -44.19
N THR F 661 -44.96 95.53 -43.51
CA THR F 661 -46.20 95.10 -44.14
C THR F 661 -46.53 95.97 -45.35
N ILE F 662 -46.35 97.29 -45.22
CA ILE F 662 -46.63 98.18 -46.34
C ILE F 662 -45.69 97.86 -47.50
N ARG F 663 -44.41 97.60 -47.21
CA ARG F 663 -43.49 97.26 -48.29
C ARG F 663 -43.88 95.96 -48.97
N ASN F 664 -44.22 94.93 -48.18
CA ASN F 664 -44.56 93.64 -48.75
C ASN F 664 -45.92 93.64 -49.44
N LEU F 665 -46.72 94.67 -49.24
CA LEU F 665 -47.93 94.82 -50.05
C LEU F 665 -47.70 95.69 -51.28
N VAL F 666 -46.84 96.70 -51.18
CA VAL F 666 -46.49 97.49 -52.35
C VAL F 666 -45.82 96.61 -53.39
N ASP F 667 -44.93 95.71 -52.97
CA ASP F 667 -44.33 94.79 -53.93
C ASP F 667 -45.37 93.88 -54.56
N SER F 668 -46.30 93.37 -53.74
CA SER F 668 -47.33 92.46 -54.23
C SER F 668 -48.27 93.14 -55.20
N TYR F 669 -48.43 94.46 -55.11
CA TYR F 669 -49.23 95.17 -56.10
C TYR F 669 -48.43 95.69 -57.27
N MET F 670 -47.12 95.93 -57.09
CA MET F 670 -46.28 96.28 -58.23
C MET F 670 -46.15 95.10 -59.18
N ALA F 671 -46.11 93.88 -58.66
CA ALA F 671 -46.13 92.73 -59.53
C ALA F 671 -47.36 92.78 -60.46
N ILE F 672 -48.53 93.04 -59.90
CA ILE F 672 -49.75 93.01 -60.69
C ILE F 672 -49.81 94.18 -61.66
N VAL F 673 -49.42 95.39 -61.22
CA VAL F 673 -49.51 96.52 -62.14
C VAL F 673 -48.51 96.37 -63.27
N ASN F 674 -47.31 95.84 -62.97
CA ASN F 674 -46.35 95.57 -64.03
C ASN F 674 -46.89 94.55 -65.01
N LYS F 675 -47.51 93.48 -64.49
CA LYS F 675 -48.07 92.47 -65.40
C LYS F 675 -49.17 93.06 -66.28
N THR F 676 -50.06 93.86 -65.71
CA THR F 676 -51.17 94.39 -66.48
C THR F 676 -50.79 95.60 -67.32
N VAL F 677 -49.57 96.10 -67.20
CA VAL F 677 -49.12 97.11 -68.16
C VAL F 677 -48.34 96.41 -69.27
N ARG F 678 -47.62 95.34 -68.94
CA ARG F 678 -46.91 94.60 -69.98
C ARG F 678 -47.87 93.87 -70.89
N ASP F 679 -48.99 93.38 -70.36
CA ASP F 679 -49.97 92.67 -71.16
C ASP F 679 -50.84 93.61 -71.99
N LEU F 680 -50.83 94.91 -71.69
CA LEU F 680 -51.74 95.85 -72.33
C LEU F 680 -51.06 96.91 -73.18
N MET F 681 -49.79 97.19 -72.96
CA MET F 681 -49.16 98.28 -73.70
C MET F 681 -48.89 97.91 -75.16
N PRO F 682 -48.50 96.67 -75.48
CA PRO F 682 -48.47 96.29 -76.90
C PRO F 682 -49.82 96.45 -77.60
N LYS F 683 -50.91 96.08 -76.92
CA LYS F 683 -52.21 96.13 -77.57
C LYS F 683 -52.60 97.56 -77.95
N THR F 684 -52.34 98.53 -77.07
CA THR F 684 -52.78 99.89 -77.35
C THR F 684 -52.00 100.50 -78.51
N ILE F 685 -50.68 100.31 -78.53
CA ILE F 685 -49.90 100.85 -79.64
C ILE F 685 -50.27 100.15 -80.93
N MET F 686 -50.56 98.84 -80.86
CA MET F 686 -50.78 98.11 -82.09
C MET F 686 -52.23 98.19 -82.56
N HIS F 687 -53.11 98.78 -81.76
CA HIS F 687 -54.42 99.19 -82.25
C HIS F 687 -54.46 100.63 -82.72
N LEU F 688 -53.64 101.51 -82.16
CA LEU F 688 -53.68 102.91 -82.57
C LEU F 688 -52.70 103.24 -83.68
N MET F 689 -51.65 102.44 -83.86
CA MET F 689 -50.60 102.73 -84.82
C MET F 689 -50.50 101.66 -85.90
N ILE F 690 -50.27 100.40 -85.53
CA ILE F 690 -50.03 99.36 -86.51
C ILE F 690 -51.27 99.15 -87.37
N ASN F 691 -52.35 98.74 -86.75
CA ASN F 691 -53.59 98.42 -87.46
C ASN F 691 -54.34 99.66 -87.92
N ASN F 692 -53.74 100.84 -87.79
CA ASN F 692 -54.29 102.03 -88.40
C ASN F 692 -53.46 102.53 -89.57
N THR F 693 -52.13 102.52 -89.46
CA THR F 693 -51.32 102.82 -90.63
C THR F 693 -51.43 101.72 -91.67
N LYS F 694 -51.67 100.48 -91.24
CA LYS F 694 -51.90 99.41 -92.20
C LYS F 694 -53.19 99.64 -92.97
N GLU F 695 -54.26 100.03 -92.26
CA GLU F 695 -55.51 100.35 -92.92
C GLU F 695 -55.36 101.56 -93.84
N PHE F 696 -54.57 102.55 -93.40
CA PHE F 696 -54.30 103.71 -94.25
C PHE F 696 -53.59 103.30 -95.53
N ILE F 697 -52.64 102.37 -95.42
CA ILE F 697 -51.95 101.84 -96.60
C ILE F 697 -52.93 101.14 -97.52
N PHE F 698 -53.85 100.32 -96.97
CA PHE F 698 -54.89 99.74 -97.83
C PHE F 698 -55.71 100.80 -98.55
N SER F 699 -56.26 101.77 -97.81
CA SER F 699 -57.45 102.44 -98.30
C SER F 699 -57.32 103.94 -98.54
N GLU F 700 -56.15 104.54 -98.32
CA GLU F 700 -56.05 105.97 -98.56
C GLU F 700 -54.76 106.39 -99.26
N LEU F 701 -53.78 105.51 -99.42
CA LEU F 701 -52.48 105.92 -99.94
C LEU F 701 -52.59 106.45 -101.36
N LEU F 702 -53.39 105.80 -102.21
CA LEU F 702 -53.50 106.26 -103.59
C LEU F 702 -54.26 107.58 -103.67
N ALA F 703 -55.25 107.78 -102.81
CA ALA F 703 -56.08 108.98 -102.91
C ALA F 703 -55.27 110.24 -102.70
N ASN F 704 -54.41 110.26 -101.67
CA ASN F 704 -53.57 111.44 -101.46
C ASN F 704 -52.28 111.39 -102.26
N LEU F 705 -51.87 110.20 -102.71
CA LEU F 705 -50.71 110.13 -103.59
C LEU F 705 -51.01 110.76 -104.94
N TYR F 706 -52.25 110.60 -105.43
CA TYR F 706 -52.67 111.34 -106.62
C TYR F 706 -52.62 112.84 -106.41
N SER F 707 -52.95 113.31 -105.21
CA SER F 707 -53.09 114.74 -104.96
C SER F 707 -51.76 115.43 -104.71
N CYS F 708 -50.83 114.77 -104.03
CA CYS F 708 -49.55 115.38 -103.72
C CYS F 708 -48.71 115.49 -104.98
N GLY F 709 -48.10 116.66 -105.19
CA GLY F 709 -47.27 116.87 -106.36
C GLY F 709 -48.06 117.22 -107.61
N ASP F 710 -47.46 116.89 -108.74
CA ASP F 710 -48.05 117.24 -110.04
C ASP F 710 -49.03 116.18 -110.52
N GLN F 711 -48.84 114.92 -110.15
CA GLN F 711 -49.57 113.77 -110.66
C GLN F 711 -49.20 113.52 -112.13
N ASN F 712 -48.40 114.42 -112.70
CA ASN F 712 -47.89 114.28 -114.05
C ASN F 712 -46.37 114.17 -114.09
N THR F 713 -45.66 115.09 -113.44
CA THR F 713 -44.21 114.96 -113.28
C THR F 713 -43.88 114.15 -112.04
N LEU F 714 -44.57 113.01 -111.92
CA LEU F 714 -44.30 112.01 -110.90
C LEU F 714 -44.01 110.71 -111.63
N MET F 715 -43.34 109.79 -110.94
CA MET F 715 -42.90 108.51 -111.51
C MET F 715 -42.19 108.73 -112.85
N GLU F 716 -41.25 109.66 -112.83
CA GLU F 716 -40.36 109.90 -113.96
C GLU F 716 -39.23 108.89 -113.91
N GLU F 717 -38.84 108.38 -115.08
CA GLU F 717 -37.80 107.36 -115.14
C GLU F 717 -36.49 107.91 -114.61
N SER F 718 -35.89 107.19 -113.66
CA SER F 718 -34.52 107.50 -113.27
C SER F 718 -33.58 107.28 -114.45
N ALA F 719 -32.51 108.06 -114.50
CA ALA F 719 -31.56 107.94 -115.61
C ALA F 719 -31.07 106.51 -115.78
N GLU F 720 -30.92 105.78 -114.67
CA GLU F 720 -30.52 104.39 -114.76
C GLU F 720 -31.54 103.57 -115.54
N GLN F 721 -32.83 103.75 -115.25
CA GLN F 721 -33.86 103.03 -115.98
C GLN F 721 -33.95 103.49 -117.43
N ALA F 722 -33.74 104.79 -117.67
CA ALA F 722 -33.78 105.30 -119.03
C ALA F 722 -32.69 104.69 -119.89
N GLN F 723 -31.49 104.54 -119.33
CA GLN F 723 -30.41 103.91 -120.09
C GLN F 723 -30.47 102.39 -120.04
N ARG F 724 -31.28 101.83 -119.14
CA ARG F 724 -31.45 100.37 -119.08
C ARG F 724 -32.46 99.90 -120.11
N ARG F 725 -33.55 100.64 -120.29
CA ARG F 725 -34.56 100.23 -121.27
C ARG F 725 -33.99 100.20 -122.68
N ASP F 726 -33.16 101.19 -123.02
CA ASP F 726 -32.61 101.24 -124.37
C ASP F 726 -31.74 100.02 -124.66
N GLU F 727 -30.88 99.64 -123.71
CA GLU F 727 -30.03 98.48 -123.94
C GLU F 727 -30.84 97.19 -123.93
N MET F 728 -31.86 97.10 -123.07
CA MET F 728 -32.69 95.90 -123.05
C MET F 728 -33.59 95.80 -124.27
N LEU F 729 -33.78 96.89 -125.01
CA LEU F 729 -34.51 96.83 -126.27
C LEU F 729 -33.58 96.50 -127.44
N ARG F 730 -32.38 97.08 -127.45
CA ARG F 730 -31.45 96.71 -128.52
C ARG F 730 -31.00 95.26 -128.39
N MET F 731 -30.94 94.74 -127.16
CA MET F 731 -30.66 93.32 -127.01
C MET F 731 -31.79 92.47 -127.55
N TYR F 732 -33.03 92.91 -127.40
CA TYR F 732 -34.15 92.22 -128.02
C TYR F 732 -33.99 92.19 -129.54
N HIS F 733 -33.66 93.34 -130.13
CA HIS F 733 -33.47 93.38 -131.57
C HIS F 733 -32.33 92.46 -132.02
N ALA F 734 -31.23 92.46 -131.27
CA ALA F 734 -30.10 91.62 -131.63
C ALA F 734 -30.44 90.14 -131.51
N LEU F 735 -31.18 89.76 -130.47
CA LEU F 735 -31.59 88.36 -130.33
C LEU F 735 -32.52 87.94 -131.45
N LYS F 736 -33.45 88.83 -131.84
CA LYS F 736 -34.30 88.54 -132.98
C LYS F 736 -33.49 88.32 -134.24
N GLU F 737 -32.48 89.17 -134.47
CA GLU F 737 -31.65 89.03 -135.65
C GLU F 737 -30.84 87.73 -135.61
N ALA F 738 -30.34 87.36 -134.44
CA ALA F 738 -29.58 86.11 -134.33
C ALA F 738 -30.46 84.90 -134.62
N LEU F 739 -31.69 84.90 -134.11
CA LEU F 739 -32.61 83.81 -134.43
C LEU F 739 -32.95 83.79 -135.92
N SER F 740 -33.09 84.97 -136.53
CA SER F 740 -33.33 85.02 -137.97
C SER F 740 -32.17 84.40 -138.74
N ILE F 741 -30.94 84.69 -138.33
CA ILE F 741 -29.78 84.13 -139.02
C ILE F 741 -29.70 82.62 -138.81
N ILE F 742 -30.04 82.15 -137.61
CA ILE F 742 -30.06 80.71 -137.37
C ILE F 742 -31.07 80.03 -138.27
N GLY F 743 -32.26 80.62 -138.41
CA GLY F 743 -33.25 80.08 -139.32
C GLY F 743 -32.76 80.08 -140.76
N ASN F 744 -32.09 81.15 -141.18
CA ASN F 744 -31.58 81.22 -142.54
C ASN F 744 -30.52 80.16 -142.80
N ILE F 745 -29.62 79.93 -141.84
CA ILE F 745 -28.58 78.94 -142.05
C ILE F 745 -29.16 77.53 -141.99
N ASN F 746 -30.21 77.31 -141.20
CA ASN F 746 -30.89 76.03 -141.23
C ASN F 746 -31.57 75.79 -142.57
N THR F 747 -32.15 76.85 -143.15
CA THR F 747 -32.67 76.75 -144.51
C THR F 747 -31.56 76.41 -145.49
N THR F 748 -30.41 77.07 -145.35
CA THR F 748 -29.24 76.83 -146.20
C THR F 748 -29.57 77.02 -147.67
N ASN G 3 7.62 124.44 -140.14
CA ASN G 3 8.51 125.16 -139.25
C ASN G 3 9.97 124.99 -139.67
N ARG G 4 10.72 126.10 -139.65
CA ARG G 4 12.10 126.08 -140.10
C ARG G 4 13.04 125.41 -139.11
N GLY G 5 12.63 125.30 -137.85
CA GLY G 5 13.48 124.62 -136.87
C GLY G 5 13.74 123.18 -137.26
N MET G 6 12.78 122.52 -137.89
CA MET G 6 12.96 121.13 -138.29
C MET G 6 13.84 121.03 -139.53
N GLU G 7 13.72 121.99 -140.45
CA GLU G 7 14.69 122.11 -141.54
C GLU G 7 16.11 122.30 -141.02
N ASP G 8 16.26 122.97 -139.88
CA ASP G 8 17.59 123.15 -139.30
C ASP G 8 18.20 121.82 -138.86
N LEU G 9 17.36 120.81 -138.59
CA LEU G 9 17.85 119.55 -138.06
C LEU G 9 17.82 118.40 -139.05
N ILE G 10 17.06 118.51 -140.14
CA ILE G 10 17.02 117.40 -141.12
C ILE G 10 18.39 117.04 -141.68
N PRO G 11 19.30 117.97 -142.01
CA PRO G 11 20.56 117.50 -142.59
C PRO G 11 21.44 116.79 -141.58
N LEU G 12 21.46 117.24 -140.32
CA LEU G 12 22.34 116.63 -139.33
C LEU G 12 21.86 115.25 -138.88
N VAL G 13 20.65 114.83 -139.25
CA VAL G 13 20.17 113.50 -138.94
C VAL G 13 20.19 112.67 -140.21
N ASN G 14 19.97 113.32 -141.35
CA ASN G 14 20.00 112.61 -142.63
C ASN G 14 21.42 112.20 -143.00
N ARG G 15 22.41 113.01 -142.62
CA ARG G 15 23.81 112.67 -142.82
C ARG G 15 24.30 111.65 -141.80
N LEU G 16 23.55 111.46 -140.71
CA LEU G 16 23.94 110.63 -139.59
C LEU G 16 23.38 109.22 -139.68
N GLN G 17 22.05 109.11 -139.70
CA GLN G 17 21.40 107.81 -139.66
C GLN G 17 21.70 107.01 -140.92
N ASP G 18 21.84 107.69 -142.06
CA ASP G 18 22.17 106.97 -143.29
C ASP G 18 23.51 106.26 -143.15
N ALA G 19 24.49 106.91 -142.52
CA ALA G 19 25.79 106.27 -142.32
C ALA G 19 25.71 105.14 -141.30
N PHE G 20 25.09 105.42 -140.14
CA PHE G 20 24.98 104.36 -139.12
C PHE G 20 24.15 103.18 -139.59
N SER G 21 23.34 103.33 -140.63
CA SER G 21 22.63 102.20 -141.19
C SER G 21 23.33 101.61 -142.41
N ALA G 22 24.19 102.39 -143.07
CA ALA G 22 25.00 101.86 -144.17
C ALA G 22 26.10 100.95 -143.65
N ILE G 23 26.58 101.19 -142.43
CA ILE G 23 27.50 100.23 -141.82
C ILE G 23 26.82 98.91 -141.52
N GLY G 24 25.50 98.84 -141.63
CA GLY G 24 24.76 97.62 -141.43
C GLY G 24 24.35 97.35 -140.00
N GLN G 25 24.92 98.05 -139.03
CA GLN G 25 24.56 97.83 -137.64
C GLN G 25 23.18 98.39 -137.33
N ASN G 26 22.53 97.82 -136.31
CA ASN G 26 21.26 98.35 -135.83
C ASN G 26 21.51 99.49 -134.86
N ALA G 27 22.32 100.47 -135.27
CA ALA G 27 22.56 101.66 -134.48
C ALA G 27 21.50 102.70 -134.83
N ASP G 28 20.94 103.33 -133.80
CA ASP G 28 19.83 104.24 -134.00
C ASP G 28 19.96 105.41 -133.04
N LEU G 29 19.34 106.53 -133.43
CA LEU G 29 19.36 107.73 -132.59
C LEU G 29 18.27 107.68 -131.53
N ASP G 30 17.10 107.15 -131.88
CA ASP G 30 15.94 107.11 -130.98
C ASP G 30 15.54 108.51 -130.54
N LEU G 31 15.10 109.31 -131.52
CA LEU G 31 14.51 110.60 -131.20
C LEU G 31 13.32 110.39 -130.28
N PRO G 32 13.23 111.12 -129.17
CA PRO G 32 12.11 110.93 -128.25
C PRO G 32 10.79 111.26 -128.93
N GLN G 33 9.76 110.53 -128.55
CA GLN G 33 8.42 110.75 -129.09
C GLN G 33 7.66 111.75 -128.22
N ILE G 34 6.84 112.57 -128.88
CA ILE G 34 6.18 113.70 -128.23
C ILE G 34 4.74 113.31 -127.92
N ALA G 35 4.42 113.22 -126.63
CA ALA G 35 3.05 112.99 -126.20
C ALA G 35 2.58 114.20 -125.39
N VAL G 36 1.27 114.41 -125.37
CA VAL G 36 0.66 115.53 -124.66
C VAL G 36 -0.37 114.98 -123.69
N VAL G 37 -0.38 115.53 -122.48
CA VAL G 37 -1.31 115.11 -121.44
C VAL G 37 -1.98 116.35 -120.85
N GLY G 38 -3.11 116.13 -120.21
CA GLY G 38 -3.86 117.20 -119.58
C GLY G 38 -5.33 116.85 -119.50
N GLY G 39 -6.10 117.81 -119.00
CA GLY G 39 -7.53 117.65 -118.93
C GLY G 39 -8.23 117.98 -120.23
N GLN G 40 -9.52 117.69 -120.26
CA GLN G 40 -10.30 117.96 -121.46
C GLN G 40 -10.34 119.45 -121.74
N SER G 41 -10.37 119.79 -123.03
CA SER G 41 -10.43 121.18 -123.49
C SER G 41 -9.22 122.00 -123.05
N ALA G 42 -8.07 121.34 -122.92
CA ALA G 42 -6.83 122.07 -122.65
C ALA G 42 -6.18 122.61 -123.91
N GLY G 43 -6.58 122.14 -125.09
CA GLY G 43 -6.00 122.64 -126.33
C GLY G 43 -4.87 121.81 -126.90
N LYS G 44 -4.80 120.52 -126.55
CA LYS G 44 -3.66 119.71 -126.94
C LYS G 44 -3.56 119.54 -128.45
N SER G 45 -4.69 119.26 -129.10
CA SER G 45 -4.68 119.09 -130.55
C SER G 45 -4.24 120.37 -131.25
N SER G 46 -4.67 121.53 -130.76
CA SER G 46 -4.23 122.80 -131.31
C SER G 46 -2.78 123.09 -131.00
N VAL G 47 -2.24 122.52 -129.92
CA VAL G 47 -0.80 122.65 -129.68
C VAL G 47 -0.02 121.85 -130.70
N LEU G 48 -0.43 120.59 -130.95
CA LEU G 48 0.27 119.77 -131.93
C LEU G 48 0.17 120.37 -133.33
N GLU G 49 -1.01 120.85 -133.70
CA GLU G 49 -1.17 121.49 -135.00
C GLU G 49 -0.19 122.63 -135.18
N ASN G 50 -0.04 123.47 -134.17
CA ASN G 50 0.85 124.62 -134.28
C ASN G 50 2.31 124.22 -134.22
N PHE G 51 2.65 123.17 -133.48
CA PHE G 51 4.02 122.69 -133.46
C PHE G 51 4.43 122.14 -134.82
N VAL G 52 3.53 121.42 -135.49
CA VAL G 52 3.82 120.93 -136.82
C VAL G 52 3.87 122.08 -137.82
N GLY G 53 2.77 122.80 -137.96
CA GLY G 53 2.71 123.93 -138.87
C GLY G 53 1.65 123.79 -139.93
N ARG G 54 0.81 122.75 -139.82
CA ARG G 54 -0.24 122.51 -140.79
C ARG G 54 -1.52 122.11 -140.07
N ASP G 55 -2.65 122.38 -140.72
CA ASP G 55 -3.97 122.23 -140.11
C ASP G 55 -4.53 120.86 -140.49
N PHE G 56 -4.25 119.85 -139.66
CA PHE G 56 -4.69 118.50 -139.97
C PHE G 56 -5.20 117.76 -138.74
N LEU G 57 -5.77 118.49 -137.78
CA LEU G 57 -6.26 117.84 -136.57
C LEU G 57 -7.65 118.35 -136.23
N PRO G 58 -8.46 117.54 -135.55
CA PRO G 58 -9.78 118.00 -135.13
C PRO G 58 -9.72 118.72 -133.80
N ARG G 59 -10.54 119.76 -133.67
CA ARG G 59 -10.60 120.52 -132.44
C ARG G 59 -11.95 121.23 -132.35
N GLY G 60 -12.33 121.57 -131.13
CA GLY G 60 -13.58 122.29 -130.91
C GLY G 60 -14.00 122.21 -129.46
N SER G 61 -15.11 122.87 -129.18
CA SER G 61 -15.68 122.80 -127.84
C SER G 61 -16.18 121.38 -127.57
N GLY G 62 -16.34 121.07 -126.29
CA GLY G 62 -16.71 119.71 -125.95
C GLY G 62 -15.53 118.77 -126.15
N ILE G 63 -15.87 117.48 -126.24
CA ILE G 63 -14.87 116.43 -126.43
C ILE G 63 -14.65 116.24 -127.92
N VAL G 64 -13.40 116.32 -128.35
CA VAL G 64 -13.07 116.21 -129.77
C VAL G 64 -12.07 115.10 -130.00
N THR G 65 -10.89 115.21 -129.41
CA THR G 65 -9.87 114.18 -129.57
C THR G 65 -10.31 112.95 -128.79
N ARG G 66 -11.00 112.06 -129.47
CA ARG G 66 -11.70 110.95 -128.83
C ARG G 66 -10.94 109.63 -128.94
N ARG G 67 -9.95 109.55 -129.83
CA ARG G 67 -9.11 108.37 -130.00
C ARG G 67 -7.65 108.80 -130.08
N PRO G 68 -6.74 108.05 -129.47
CA PRO G 68 -5.32 108.39 -129.56
C PRO G 68 -4.87 108.40 -131.01
N LEU G 69 -4.05 109.38 -131.35
CA LEU G 69 -3.55 109.56 -132.71
C LEU G 69 -2.03 109.45 -132.69
N VAL G 70 -1.50 108.44 -133.35
CA VAL G 70 -0.06 108.27 -133.48
C VAL G 70 0.33 108.84 -134.83
N LEU G 71 0.66 110.13 -134.85
CA LEU G 71 1.22 110.75 -136.04
C LEU G 71 2.68 110.38 -136.15
N GLN G 72 3.12 110.10 -137.38
CA GLN G 72 4.51 109.82 -137.67
C GLN G 72 4.93 110.73 -138.81
N LEU G 73 5.71 111.75 -138.49
CA LEU G 73 6.35 112.54 -139.52
C LEU G 73 7.52 111.76 -140.07
N VAL G 74 7.58 111.62 -141.39
CA VAL G 74 8.62 110.84 -142.06
C VAL G 74 9.19 111.66 -143.21
N ASN G 75 10.52 111.78 -143.24
CA ASN G 75 11.19 112.50 -144.31
C ASN G 75 11.09 111.72 -145.61
N ALA G 76 10.64 112.38 -146.66
CA ALA G 76 10.44 111.73 -147.95
C ALA G 76 10.63 112.75 -149.05
N THR G 77 10.29 112.36 -150.28
CA THR G 77 10.51 113.21 -151.44
C THR G 77 9.46 114.33 -151.53
N THR G 78 8.19 113.94 -151.63
CA THR G 78 7.09 114.88 -151.81
C THR G 78 6.22 114.92 -150.55
N GLU G 79 5.27 115.85 -150.55
CA GLU G 79 4.38 116.08 -149.43
C GLU G 79 3.08 115.31 -149.64
N TYR G 80 2.75 114.43 -148.70
CA TYR G 80 1.47 113.75 -148.68
C TYR G 80 1.30 113.11 -147.30
N ALA G 81 0.17 112.45 -147.10
CA ALA G 81 -0.10 111.77 -145.84
C ALA G 81 -1.02 110.59 -146.10
N GLU G 82 -0.83 109.53 -145.32
CA GLU G 82 -1.66 108.34 -145.46
C GLU G 82 -2.00 107.78 -144.10
N PHE G 83 -3.23 107.29 -143.97
CA PHE G 83 -3.67 106.57 -142.80
C PHE G 83 -3.17 105.12 -142.87
N LEU G 84 -3.63 104.31 -141.94
CA LEU G 84 -3.29 102.89 -141.92
C LEU G 84 -4.46 101.99 -142.26
N HIS G 85 -5.67 102.35 -141.83
CA HIS G 85 -6.86 101.58 -142.16
C HIS G 85 -7.22 101.68 -143.64
N CYS G 86 -6.65 102.63 -144.37
CA CYS G 86 -6.96 102.87 -145.78
C CYS G 86 -5.68 102.87 -146.61
N LYS G 87 -4.88 101.82 -146.45
CA LYS G 87 -3.58 101.72 -147.10
C LYS G 87 -3.68 102.06 -148.59
N GLY G 88 -2.67 102.81 -149.07
CA GLY G 88 -2.61 103.22 -150.45
C GLY G 88 -3.35 104.48 -150.79
N LYS G 89 -4.26 104.94 -149.93
CA LYS G 89 -5.02 106.16 -150.17
C LYS G 89 -4.21 107.33 -149.66
N LYS G 90 -3.41 107.93 -150.55
CA LYS G 90 -2.57 109.07 -150.20
C LYS G 90 -3.43 110.33 -150.11
N PHE G 91 -3.25 111.09 -149.04
CA PHE G 91 -3.99 112.31 -148.81
C PHE G 91 -3.08 113.51 -148.98
N THR G 92 -3.52 114.47 -149.80
CA THR G 92 -2.84 115.74 -149.97
C THR G 92 -3.65 116.92 -149.46
N ASP G 93 -4.97 116.81 -149.42
CA ASP G 93 -5.84 117.88 -148.94
C ASP G 93 -6.02 117.72 -147.44
N PHE G 94 -5.42 118.64 -146.67
CA PHE G 94 -5.47 118.55 -145.22
C PHE G 94 -6.88 118.71 -144.67
N GLU G 95 -7.77 119.38 -145.41
CA GLU G 95 -9.18 119.39 -145.02
C GLU G 95 -9.77 117.99 -145.09
N GLU G 96 -9.43 117.24 -146.14
CA GLU G 96 -9.86 115.84 -146.21
C GLU G 96 -9.24 115.03 -145.09
N VAL G 97 -7.98 115.31 -144.73
CA VAL G 97 -7.37 114.60 -143.61
C VAL G 97 -8.13 114.88 -142.32
N ARG G 98 -8.48 116.15 -142.09
CA ARG G 98 -9.21 116.52 -140.88
C ARG G 98 -10.59 115.88 -140.83
N LEU G 99 -11.29 115.85 -141.97
CA LEU G 99 -12.60 115.21 -142.00
C LEU G 99 -12.47 113.70 -141.76
N GLU G 100 -11.49 113.06 -142.40
CA GLU G 100 -11.37 111.62 -142.31
C GLU G 100 -10.95 111.18 -140.92
N ILE G 101 -10.12 111.97 -140.23
CA ILE G 101 -9.67 111.56 -138.91
C ILE G 101 -10.85 111.50 -137.93
N GLU G 102 -11.74 112.49 -137.98
CA GLU G 102 -12.91 112.41 -137.10
C GLU G 102 -13.94 111.40 -137.61
N ALA G 103 -14.00 111.16 -138.93
CA ALA G 103 -14.85 110.09 -139.42
C ALA G 103 -14.41 108.74 -138.89
N GLU G 104 -13.10 108.47 -138.89
CA GLU G 104 -12.59 107.25 -138.28
C GLU G 104 -12.78 107.28 -136.76
N THR G 105 -12.70 108.47 -136.16
CA THR G 105 -12.85 108.59 -134.71
C THR G 105 -14.24 108.14 -134.27
N ASP G 106 -15.28 108.59 -134.98
CA ASP G 106 -16.62 108.19 -134.58
C ASP G 106 -17.09 106.90 -135.25
N ARG G 107 -16.38 106.42 -136.27
CA ARG G 107 -16.74 105.14 -136.89
C ARG G 107 -16.56 103.96 -135.95
N VAL G 108 -15.82 104.13 -134.86
CA VAL G 108 -15.56 103.07 -133.92
C VAL G 108 -16.33 103.23 -132.62
N THR G 109 -16.55 104.45 -132.17
CA THR G 109 -17.18 104.71 -130.87
C THR G 109 -18.59 105.24 -130.96
N GLY G 110 -18.96 105.87 -132.07
CA GLY G 110 -20.26 106.52 -132.18
C GLY G 110 -20.15 108.01 -131.97
N THR G 111 -21.32 108.62 -131.77
CA THR G 111 -21.42 110.05 -131.54
C THR G 111 -21.74 110.36 -130.08
N ASN G 112 -21.74 109.33 -129.21
CA ASN G 112 -22.14 109.49 -127.82
C ASN G 112 -20.93 109.59 -126.90
N LYS G 113 -19.83 110.15 -127.41
CA LYS G 113 -18.67 110.54 -126.61
C LYS G 113 -18.01 109.36 -125.89
N GLY G 114 -18.14 108.14 -126.42
CA GLY G 114 -17.36 107.03 -125.90
C GLY G 114 -15.98 106.97 -126.53
N ILE G 115 -15.04 106.30 -125.87
CA ILE G 115 -13.68 106.27 -126.37
C ILE G 115 -13.23 104.83 -126.56
N SER G 116 -12.13 104.68 -127.31
CA SER G 116 -11.56 103.40 -127.65
C SER G 116 -10.06 103.48 -127.44
N PRO G 117 -9.45 102.52 -126.75
CA PRO G 117 -8.01 102.58 -126.49
C PRO G 117 -7.18 102.06 -127.66
N VAL G 118 -7.80 101.90 -128.83
CA VAL G 118 -7.11 101.42 -130.02
C VAL G 118 -6.61 102.63 -130.80
N PRO G 119 -5.31 102.82 -130.95
CA PRO G 119 -4.79 104.04 -131.57
C PRO G 119 -5.20 104.20 -133.03
N ILE G 120 -4.84 105.34 -133.61
CA ILE G 120 -5.06 105.62 -135.03
C ILE G 120 -3.69 106.01 -135.58
N ASN G 121 -3.07 105.12 -136.33
CA ASN G 121 -1.79 105.45 -136.94
C ASN G 121 -2.00 106.38 -138.15
N LEU G 122 -1.04 107.29 -138.33
CA LEU G 122 -1.09 108.22 -139.44
C LEU G 122 0.36 108.53 -139.78
N ARG G 123 0.67 108.66 -141.07
CA ARG G 123 2.04 108.96 -141.49
C ARG G 123 2.01 110.11 -142.49
N VAL G 124 2.67 111.21 -142.12
CA VAL G 124 2.84 112.35 -143.03
C VAL G 124 4.24 112.29 -143.59
N TYR G 125 4.34 112.06 -144.90
CA TYR G 125 5.62 112.01 -145.59
C TYR G 125 5.86 113.38 -146.21
N SER G 126 7.03 113.96 -145.90
CA SER G 126 7.34 115.29 -146.41
C SER G 126 8.84 115.51 -146.31
N PRO G 127 9.42 116.32 -147.20
CA PRO G 127 10.83 116.70 -147.04
C PRO G 127 11.08 117.67 -145.90
N HIS G 128 10.02 118.14 -145.23
CA HIS G 128 10.14 119.16 -144.20
C HIS G 128 9.93 118.60 -142.80
N VAL G 129 10.05 117.27 -142.62
CA VAL G 129 9.84 116.65 -141.33
C VAL G 129 10.96 115.67 -141.04
N LEU G 130 11.17 115.43 -139.74
CA LEU G 130 12.08 114.40 -139.26
C LEU G 130 11.38 113.05 -139.29
N ASN G 131 11.98 112.05 -138.65
CA ASN G 131 11.31 110.77 -138.38
C ASN G 131 10.76 110.76 -136.96
N LEU G 132 9.74 111.58 -136.74
CA LEU G 132 9.22 111.82 -135.41
C LEU G 132 7.88 111.12 -135.17
N THR G 133 7.61 110.84 -133.90
CA THR G 133 6.38 110.22 -133.45
C THR G 133 5.68 111.19 -132.50
N LEU G 134 4.55 111.73 -132.94
CA LEU G 134 3.75 112.66 -132.15
C LEU G 134 2.50 111.92 -131.71
N VAL G 135 2.35 111.71 -130.41
CA VAL G 135 1.27 110.91 -129.86
C VAL G 135 0.25 111.88 -129.25
N ASP G 136 -0.74 112.26 -130.04
CA ASP G 136 -1.87 113.01 -129.49
C ASP G 136 -2.76 112.05 -128.70
N LEU G 137 -3.25 112.52 -127.56
CA LEU G 137 -4.00 111.69 -126.64
C LEU G 137 -5.32 112.36 -126.32
N PRO G 138 -6.32 111.58 -125.94
CA PRO G 138 -7.62 112.18 -125.58
C PRO G 138 -7.53 112.90 -124.25
N GLY G 139 -8.39 113.91 -124.09
CA GLY G 139 -8.42 114.65 -122.84
C GLY G 139 -8.83 113.75 -121.67
N MET G 140 -8.29 114.06 -120.50
CA MET G 140 -8.58 113.30 -119.31
C MET G 140 -9.93 113.72 -118.74
N THR G 141 -10.70 112.73 -118.28
CA THR G 141 -12.06 112.93 -117.82
C THR G 141 -12.21 112.24 -116.46
N LYS G 142 -13.11 112.78 -115.64
CA LYS G 142 -13.27 112.25 -114.28
C LYS G 142 -14.66 111.69 -114.06
N VAL G 143 -15.68 112.26 -114.71
CA VAL G 143 -17.03 111.74 -114.60
C VAL G 143 -17.53 111.29 -115.97
N PRO G 144 -18.15 110.14 -116.08
CA PRO G 144 -18.58 109.64 -117.40
C PRO G 144 -19.76 110.40 -117.98
N VAL G 145 -19.53 111.14 -119.06
CA VAL G 145 -20.58 111.82 -119.79
C VAL G 145 -20.92 111.01 -121.04
N GLY G 146 -22.21 110.82 -121.29
CA GLY G 146 -22.63 110.00 -122.42
C GLY G 146 -22.77 108.54 -122.05
N ASP G 147 -22.40 107.65 -122.96
CA ASP G 147 -22.45 106.21 -122.71
C ASP G 147 -21.11 105.65 -122.23
N GLN G 148 -20.23 106.51 -121.74
CA GLN G 148 -18.95 106.04 -121.26
C GLN G 148 -19.13 105.16 -120.02
N PRO G 149 -18.32 104.11 -119.88
CA PRO G 149 -18.46 103.22 -118.73
C PRO G 149 -18.06 103.91 -117.44
N PRO G 150 -18.39 103.34 -116.28
CA PRO G 150 -18.13 104.03 -115.01
C PRO G 150 -16.66 104.28 -114.73
N ASP G 151 -15.74 103.58 -115.40
CA ASP G 151 -14.31 103.73 -115.15
C ASP G 151 -13.62 104.44 -116.29
N ILE G 152 -14.25 105.50 -116.81
CA ILE G 152 -13.66 106.28 -117.90
C ILE G 152 -12.35 106.91 -117.45
N GLU G 153 -12.29 107.40 -116.21
CA GLU G 153 -11.07 108.02 -115.72
C GLU G 153 -9.93 107.01 -115.69
N PHE G 154 -10.21 105.79 -115.23
CA PHE G 154 -9.15 104.81 -115.10
C PHE G 154 -8.72 104.28 -116.47
N GLN G 155 -9.66 104.13 -117.41
CA GLN G 155 -9.22 103.65 -118.71
C GLN G 155 -8.66 104.76 -119.59
N ILE G 156 -8.76 106.02 -119.18
CA ILE G 156 -8.00 107.06 -119.87
C ILE G 156 -6.63 107.24 -119.23
N ARG G 157 -6.52 107.10 -117.90
CA ARG G 157 -5.22 107.15 -117.27
C ARG G 157 -4.36 105.97 -117.69
N ASP G 158 -4.93 104.76 -117.73
CA ASP G 158 -4.17 103.61 -118.23
C ASP G 158 -3.88 103.74 -119.71
N MET G 159 -4.72 104.47 -120.44
CA MET G 159 -4.41 104.79 -121.83
C MET G 159 -3.15 105.63 -121.91
N LEU G 160 -3.05 106.64 -121.04
CA LEU G 160 -1.91 107.57 -121.11
C LEU G 160 -0.63 106.93 -120.59
N MET G 161 -0.73 106.00 -119.64
CA MET G 161 0.48 105.38 -119.10
C MET G 161 1.24 104.63 -120.18
N GLN G 162 0.56 103.84 -121.01
CA GLN G 162 1.29 103.04 -121.99
C GLN G 162 1.98 103.90 -123.03
N PHE G 163 1.66 105.19 -123.10
CA PHE G 163 2.29 106.10 -124.04
C PHE G 163 3.31 107.03 -123.41
N VAL G 164 3.21 107.31 -122.11
CA VAL G 164 4.11 108.27 -121.48
C VAL G 164 5.09 107.62 -120.52
N THR G 165 4.89 106.37 -120.11
CA THR G 165 5.82 105.77 -119.17
C THR G 165 7.13 105.37 -119.84
N LYS G 166 7.10 105.15 -121.15
CA LYS G 166 8.31 104.76 -121.86
C LYS G 166 9.29 105.93 -121.89
N GLU G 167 10.56 105.63 -121.64
CA GLU G 167 11.58 106.67 -121.66
C GLU G 167 11.72 107.23 -123.09
N ASN G 168 12.44 108.34 -123.19
CA ASN G 168 12.54 109.09 -124.43
C ASN G 168 11.15 109.44 -124.96
N CYS G 169 10.30 109.92 -124.06
CA CYS G 169 8.96 110.39 -124.40
C CYS G 169 8.78 111.77 -123.78
N LEU G 170 8.97 112.81 -124.59
CA LEU G 170 8.70 114.15 -124.13
C LEU G 170 7.22 114.28 -123.75
N ILE G 171 6.97 114.77 -122.54
CA ILE G 171 5.62 114.88 -122.02
C ILE G 171 5.28 116.36 -122.00
N LEU G 172 4.42 116.79 -122.91
CA LEU G 172 3.89 118.15 -122.90
C LEU G 172 2.70 118.15 -121.96
N ALA G 173 2.92 118.63 -120.74
CA ALA G 173 1.85 118.83 -119.78
C ALA G 173 1.14 120.11 -120.17
N VAL G 174 0.01 119.98 -120.87
CA VAL G 174 -0.75 121.14 -121.32
C VAL G 174 -1.80 121.45 -120.26
N SER G 175 -1.76 122.66 -119.72
CA SER G 175 -2.70 123.09 -118.72
C SER G 175 -3.35 124.40 -119.15
N PRO G 176 -4.62 124.58 -118.88
CA PRO G 176 -5.27 125.83 -119.23
C PRO G 176 -4.97 126.91 -118.20
N ALA G 177 -4.87 128.15 -118.66
CA ALA G 177 -4.60 129.25 -117.76
C ALA G 177 -5.81 129.54 -116.87
N ASN G 178 -7.01 129.42 -117.42
CA ASN G 178 -8.21 129.74 -116.66
C ASN G 178 -8.33 128.88 -115.41
N SER G 179 -8.16 127.57 -115.57
CA SER G 179 -8.17 126.70 -114.41
C SER G 179 -6.90 126.90 -113.59
N ASP G 180 -7.00 126.60 -112.30
CA ASP G 180 -5.85 126.75 -111.42
C ASP G 180 -4.82 125.68 -111.76
N LEU G 181 -3.54 126.02 -111.56
CA LEU G 181 -2.46 125.11 -111.92
C LEU G 181 -2.45 123.87 -111.02
N ALA G 182 -2.89 124.02 -109.77
CA ALA G 182 -2.92 122.88 -108.87
C ALA G 182 -3.91 121.81 -109.34
N ASN G 183 -4.80 122.14 -110.26
CA ASN G 183 -5.77 121.20 -110.80
C ASN G 183 -5.32 120.60 -112.12
N SER G 184 -4.06 120.78 -112.51
CA SER G 184 -3.59 120.28 -113.80
C SER G 184 -3.36 118.77 -113.72
N ASP G 185 -4.30 118.01 -114.29
CA ASP G 185 -4.09 116.57 -114.41
C ASP G 185 -2.83 116.28 -115.22
N ALA G 186 -2.49 117.16 -116.16
CA ALA G 186 -1.24 117.04 -116.90
C ALA G 186 -0.06 117.01 -115.95
N LEU G 187 0.00 117.98 -115.03
CA LEU G 187 1.12 118.02 -114.10
C LEU G 187 1.07 116.87 -113.10
N LYS G 188 -0.12 116.41 -112.73
CA LYS G 188 -0.20 115.23 -111.88
C LYS G 188 0.43 114.02 -112.55
N VAL G 189 0.07 113.79 -113.82
CA VAL G 189 0.62 112.67 -114.57
C VAL G 189 2.13 112.85 -114.75
N ALA G 190 2.57 114.08 -115.02
CA ALA G 190 3.99 114.33 -115.22
C ALA G 190 4.78 114.05 -113.95
N LYS G 191 4.28 114.47 -112.79
CA LYS G 191 4.97 114.16 -111.55
C LYS G 191 4.84 112.70 -111.15
N GLU G 192 3.87 111.98 -111.71
CA GLU G 192 3.80 110.54 -111.45
C GLU G 192 4.81 109.77 -112.27
N VAL G 193 4.91 110.06 -113.56
CA VAL G 193 5.72 109.26 -114.49
C VAL G 193 7.03 109.94 -114.86
N ASP G 194 7.37 111.03 -114.19
CA ASP G 194 8.59 111.77 -114.46
C ASP G 194 8.90 112.65 -113.25
N PRO G 195 9.30 112.07 -112.12
CA PRO G 195 9.39 112.86 -110.88
C PRO G 195 10.30 114.07 -110.99
N GLN G 196 11.54 113.88 -111.43
CA GLN G 196 12.47 114.99 -111.50
C GLN G 196 12.16 115.96 -112.62
N GLY G 197 11.23 115.63 -113.49
CA GLY G 197 10.90 116.50 -114.61
C GLY G 197 12.01 116.62 -115.64
N GLN G 198 12.70 115.51 -115.92
CA GLN G 198 13.76 115.55 -116.92
C GLN G 198 13.23 115.79 -118.31
N ARG G 199 12.09 115.17 -118.65
CA ARG G 199 11.54 115.17 -120.00
C ARG G 199 10.12 115.72 -120.02
N THR G 200 9.85 116.71 -119.17
CA THR G 200 8.53 117.30 -119.04
C THR G 200 8.58 118.74 -119.49
N ILE G 201 7.74 119.10 -120.45
CA ILE G 201 7.61 120.47 -120.92
C ILE G 201 6.24 120.97 -120.50
N GLY G 202 6.20 122.03 -119.70
CA GLY G 202 4.94 122.61 -119.29
C GLY G 202 4.47 123.65 -120.30
N VAL G 203 3.20 123.54 -120.67
CA VAL G 203 2.59 124.47 -121.62
C VAL G 203 1.34 125.04 -120.97
N ILE G 204 1.16 126.35 -121.07
CA ILE G 204 0.01 127.04 -120.51
C ILE G 204 -0.79 127.64 -121.65
N THR G 205 -2.03 127.19 -121.80
CA THR G 205 -2.89 127.59 -122.90
C THR G 205 -4.00 128.50 -122.41
N LYS G 206 -4.64 129.17 -123.37
CA LYS G 206 -5.79 130.05 -123.10
C LYS G 206 -5.41 131.17 -122.13
N LEU G 207 -4.38 131.93 -122.51
CA LEU G 207 -3.96 133.08 -121.73
C LEU G 207 -4.76 134.33 -122.02
N ASP G 208 -5.57 134.33 -123.08
CA ASP G 208 -6.42 135.47 -123.40
C ASP G 208 -7.81 135.35 -122.79
N LEU G 209 -8.08 134.30 -122.03
CA LEU G 209 -9.39 134.11 -121.39
C LEU G 209 -9.28 134.01 -119.88
N MET G 210 -8.19 134.52 -119.29
CA MET G 210 -8.03 134.46 -117.85
C MET G 210 -9.05 135.36 -117.16
N ASP G 211 -9.33 135.05 -115.90
CA ASP G 211 -10.25 135.86 -115.11
C ASP G 211 -9.75 137.29 -115.06
N GLU G 212 -10.65 138.24 -115.30
CA GLU G 212 -10.26 139.63 -115.42
C GLU G 212 -9.60 140.12 -114.13
N GLY G 213 -8.50 140.85 -114.28
CA GLY G 213 -7.74 141.32 -113.15
C GLY G 213 -6.73 140.35 -112.59
N THR G 214 -6.60 139.17 -113.19
CA THR G 214 -5.64 138.16 -112.77
C THR G 214 -4.66 137.89 -113.91
N ASP G 215 -3.50 137.36 -113.55
CA ASP G 215 -2.48 137.02 -114.54
C ASP G 215 -1.66 135.85 -114.02
N ALA G 216 -1.26 134.96 -114.93
CA ALA G 216 -0.50 133.78 -114.58
C ALA G 216 1.00 134.02 -114.57
N ARG G 217 1.43 135.27 -114.32
CA ARG G 217 2.85 135.60 -114.34
C ARG G 217 3.65 134.72 -113.40
N ASP G 218 3.13 134.48 -112.20
CA ASP G 218 3.85 133.64 -111.23
C ASP G 218 3.93 132.19 -111.67
N VAL G 219 3.15 131.78 -112.66
CA VAL G 219 3.26 130.44 -113.23
C VAL G 219 4.22 130.42 -114.40
N LEU G 220 4.07 131.38 -115.32
CA LEU G 220 4.93 131.43 -116.49
C LEU G 220 6.38 131.72 -116.12
N GLU G 221 6.62 132.36 -114.98
CA GLU G 221 7.97 132.59 -114.51
C GLU G 221 8.49 131.44 -113.65
N ASN G 222 7.85 130.28 -113.73
CA ASN G 222 8.31 129.06 -113.05
C ASN G 222 8.45 129.29 -111.55
N LYS G 223 7.58 130.13 -110.98
CA LYS G 223 7.63 130.45 -109.57
C LYS G 223 6.66 129.61 -108.74
N LEU G 224 5.41 129.48 -109.19
CA LEU G 224 4.41 128.76 -108.43
C LEU G 224 4.80 127.29 -108.26
N LEU G 225 4.86 126.56 -109.37
CA LEU G 225 5.22 125.15 -109.36
C LEU G 225 6.55 124.97 -110.05
N PRO G 226 7.63 124.66 -109.33
CA PRO G 226 8.95 124.57 -109.97
C PRO G 226 9.01 123.43 -110.98
N LEU G 227 9.41 123.76 -112.19
CA LEU G 227 9.53 122.80 -113.28
C LEU G 227 10.88 123.00 -113.95
N ARG G 228 11.53 121.89 -114.30
CA ARG G 228 12.91 121.97 -114.78
C ARG G 228 13.01 122.75 -116.09
N ARG G 229 12.15 122.43 -117.05
CA ARG G 229 12.20 123.10 -118.34
C ARG G 229 11.38 124.38 -118.40
N GLY G 230 10.64 124.70 -117.34
CA GLY G 230 9.83 125.89 -117.31
C GLY G 230 8.56 125.75 -118.13
N TYR G 231 7.71 126.76 -118.00
CA TYR G 231 6.43 126.78 -118.69
C TYR G 231 6.49 127.70 -119.90
N ILE G 232 5.72 127.36 -120.92
CA ILE G 232 5.63 128.15 -122.15
C ILE G 232 4.18 128.51 -122.35
N GLY G 233 3.88 129.81 -122.34
CA GLY G 233 2.53 130.25 -122.62
C GLY G 233 2.26 130.36 -124.11
N VAL G 234 1.06 129.98 -124.50
CA VAL G 234 0.64 130.06 -125.90
C VAL G 234 -0.83 130.46 -125.95
N VAL G 235 -1.17 131.19 -127.01
CA VAL G 235 -2.56 131.58 -127.27
C VAL G 235 -2.93 131.00 -128.63
N ASN G 236 -3.96 130.17 -128.65
CA ASN G 236 -4.36 129.47 -129.86
C ASN G 236 -5.58 130.18 -130.45
N ARG G 237 -6.14 129.60 -131.51
CA ARG G 237 -7.34 130.16 -132.10
C ARG G 237 -8.53 129.90 -131.19
N SER G 238 -9.33 130.94 -130.95
CA SER G 238 -10.54 130.76 -130.16
C SER G 238 -11.54 129.92 -130.94
N GLN G 239 -12.57 129.45 -130.24
CA GLN G 239 -13.59 128.62 -130.88
C GLN G 239 -14.31 129.40 -131.98
N LYS G 240 -14.57 130.69 -131.74
CA LYS G 240 -15.14 131.53 -132.78
C LYS G 240 -14.20 131.61 -133.98
N ASP G 241 -12.89 131.70 -133.74
CA ASP G 241 -11.94 131.72 -134.85
C ASP G 241 -11.95 130.41 -135.62
N ILE G 242 -12.08 129.29 -134.92
CA ILE G 242 -12.16 128.00 -135.59
C ILE G 242 -13.41 127.93 -136.46
N ASP G 243 -14.54 128.40 -135.93
CA ASP G 243 -15.77 128.40 -136.72
C ASP G 243 -15.67 129.33 -137.92
N GLY G 244 -15.02 130.48 -137.75
CA GLY G 244 -14.80 131.41 -138.84
C GLY G 244 -13.66 131.08 -139.75
N LYS G 245 -12.94 129.98 -139.48
CA LYS G 245 -11.84 129.51 -140.32
C LYS G 245 -10.73 130.54 -140.42
N LYS G 246 -10.27 131.01 -139.25
CA LYS G 246 -9.14 131.92 -139.21
C LYS G 246 -7.86 131.19 -139.62
N ASP G 247 -6.88 131.95 -140.08
CA ASP G 247 -5.66 131.38 -140.62
C ASP G 247 -4.50 131.48 -139.65
N ILE G 248 -3.45 130.70 -139.93
CA ILE G 248 -2.27 130.65 -139.08
C ILE G 248 -1.58 132.00 -139.03
N THR G 249 -1.53 132.73 -140.14
CA THR G 249 -0.86 134.02 -140.16
C THR G 249 -1.50 134.99 -139.17
N ALA G 250 -2.83 135.16 -139.27
CA ALA G 250 -3.52 136.07 -138.38
C ALA G 250 -3.45 135.58 -136.93
N ALA G 251 -3.57 134.27 -136.73
CA ALA G 251 -3.49 133.74 -135.37
C ALA G 251 -2.14 134.03 -134.75
N LEU G 252 -1.05 133.83 -135.50
CA LEU G 252 0.28 134.12 -134.98
C LEU G 252 0.47 135.60 -134.74
N ALA G 253 -0.04 136.45 -135.63
CA ALA G 253 0.07 137.89 -135.42
C ALA G 253 -0.63 138.31 -134.14
N ALA G 254 -1.86 137.82 -133.92
CA ALA G 254 -2.58 138.16 -132.70
C ALA G 254 -1.88 137.62 -131.46
N GLU G 255 -1.37 136.38 -131.54
CA GLU G 255 -0.67 135.81 -130.40
C GLU G 255 0.58 136.60 -130.06
N ARG G 256 1.32 137.03 -131.08
CA ARG G 256 2.52 137.81 -130.84
C ARG G 256 2.18 139.18 -130.25
N LYS G 257 1.16 139.85 -130.79
CA LYS G 257 0.81 141.17 -130.28
C LYS G 257 0.20 141.12 -128.89
N PHE G 258 -0.40 139.98 -128.51
CA PHE G 258 -1.00 139.88 -127.18
C PHE G 258 0.07 140.01 -126.09
N PHE G 259 1.17 139.29 -126.23
CA PHE G 259 2.21 139.32 -125.21
C PHE G 259 2.95 140.64 -125.16
N LEU G 260 2.79 141.49 -126.18
CA LEU G 260 3.28 142.87 -126.09
C LEU G 260 2.25 143.81 -125.48
N SER G 261 0.95 143.56 -125.75
CA SER G 261 -0.09 144.39 -125.17
C SER G 261 -0.21 144.18 -123.67
N HIS G 262 -0.06 142.95 -123.21
CA HIS G 262 -0.30 142.65 -121.80
C HIS G 262 0.82 143.22 -120.93
N PRO G 263 0.53 144.08 -119.97
CA PRO G 263 1.60 144.64 -119.12
C PRO G 263 2.35 143.60 -118.32
N SER G 264 1.70 142.53 -117.87
CA SER G 264 2.37 141.53 -117.06
C SER G 264 3.29 140.63 -117.89
N TYR G 265 3.07 140.53 -119.19
CA TYR G 265 3.84 139.65 -120.06
C TYR G 265 4.65 140.41 -121.09
N ARG G 266 4.76 141.73 -120.96
CA ARG G 266 5.53 142.51 -121.94
C ARG G 266 7.00 142.09 -121.93
N HIS G 267 7.54 141.78 -120.76
CA HIS G 267 8.94 141.41 -120.62
C HIS G 267 9.18 139.92 -120.86
N LEU G 268 8.24 139.24 -121.51
CA LEU G 268 8.40 137.81 -121.79
C LEU G 268 7.97 137.45 -123.21
N ALA G 269 7.69 138.44 -124.06
CA ALA G 269 7.15 138.14 -125.39
C ALA G 269 8.07 137.26 -126.21
N ASP G 270 9.38 137.44 -126.09
CA ASP G 270 10.31 136.58 -126.82
C ASP G 270 10.40 135.19 -126.23
N ARG G 271 10.10 135.03 -124.94
CA ARG G 271 10.23 133.74 -124.28
C ARG G 271 8.91 132.97 -124.19
N MET G 272 7.81 133.56 -124.64
CA MET G 272 6.50 132.90 -124.67
C MET G 272 5.95 132.92 -126.08
N GLY G 273 5.17 131.90 -126.42
CA GLY G 273 4.57 131.83 -127.73
C GLY G 273 4.84 130.53 -128.47
N THR G 274 4.04 130.28 -129.52
CA THR G 274 4.23 129.06 -130.30
C THR G 274 5.60 128.96 -130.96
N PRO G 275 6.15 130.02 -131.60
CA PRO G 275 7.51 129.88 -132.13
C PRO G 275 8.53 129.51 -131.07
N TYR G 276 8.42 130.07 -129.87
CA TYR G 276 9.37 129.71 -128.82
C TYR G 276 9.13 128.29 -128.34
N LEU G 277 7.88 127.82 -128.36
CA LEU G 277 7.61 126.43 -128.05
C LEU G 277 8.28 125.50 -129.06
N GLN G 278 8.20 125.85 -130.34
CA GLN G 278 8.89 125.07 -131.37
C GLN G 278 10.39 125.08 -131.13
N LYS G 279 10.94 126.24 -130.79
CA LYS G 279 12.37 126.34 -130.56
C LYS G 279 12.80 125.47 -129.37
N VAL G 280 12.02 125.48 -128.29
CA VAL G 280 12.36 124.68 -127.13
C VAL G 280 12.26 123.19 -127.45
N LEU G 281 11.22 122.77 -128.17
CA LEU G 281 11.09 121.37 -128.52
C LEU G 281 12.25 120.90 -129.40
N ASN G 282 12.62 121.72 -130.39
CA ASN G 282 13.72 121.34 -131.26
C ASN G 282 15.04 121.34 -130.51
N GLN G 283 15.21 122.28 -129.56
CA GLN G 283 16.40 122.26 -128.72
C GLN G 283 16.45 120.98 -127.89
N GLN G 284 15.30 120.53 -127.39
CA GLN G 284 15.27 119.32 -126.59
C GLN G 284 15.58 118.09 -127.44
N LEU G 285 15.15 118.09 -128.70
CA LEU G 285 15.52 116.99 -129.60
C LEU G 285 17.02 117.00 -129.89
N THR G 286 17.57 118.18 -130.15
CA THR G 286 19.01 118.27 -130.44
C THR G 286 19.84 117.89 -129.23
N ASN G 287 19.39 118.25 -128.03
CA ASN G 287 20.10 117.88 -126.82
C ASN G 287 19.98 116.40 -126.49
N HIS G 288 19.24 115.64 -127.29
CA HIS G 288 19.27 114.18 -127.23
C HIS G 288 20.11 113.58 -128.35
N ILE G 289 19.99 114.14 -129.56
CA ILE G 289 20.85 113.69 -130.66
C ILE G 289 22.31 113.83 -130.28
N ARG G 290 22.69 115.00 -129.77
CA ARG G 290 24.06 115.25 -129.38
C ARG G 290 24.41 114.63 -128.04
N ASP G 291 23.40 114.28 -127.23
CA ASP G 291 23.65 113.54 -126.00
C ASP G 291 24.08 112.11 -126.30
N THR G 292 23.48 111.49 -127.32
CA THR G 292 23.74 110.09 -127.58
C THR G 292 25.14 109.86 -128.15
N LEU G 293 25.71 110.86 -128.83
CA LEU G 293 26.92 110.65 -129.61
C LEU G 293 28.10 110.05 -128.85
N PRO G 294 28.40 110.45 -127.61
CA PRO G 294 29.53 109.79 -126.90
C PRO G 294 29.42 108.28 -126.82
N GLY G 295 28.23 107.77 -126.52
CA GLY G 295 28.06 106.33 -126.45
C GLY G 295 28.32 105.64 -127.77
N LEU G 296 27.77 106.19 -128.85
CA LEU G 296 28.01 105.65 -130.18
C LEU G 296 29.49 105.68 -130.52
N ARG G 297 30.16 106.79 -130.22
CA ARG G 297 31.57 106.93 -130.57
C ARG G 297 32.42 105.90 -129.83
N ASN G 298 32.20 105.74 -128.53
CA ASN G 298 33.03 104.80 -127.79
C ASN G 298 32.72 103.35 -128.19
N LYS G 299 31.45 103.03 -128.42
CA LYS G 299 31.11 101.66 -128.81
C LYS G 299 31.69 101.34 -130.19
N LEU G 300 31.61 102.27 -131.13
CA LEU G 300 32.19 102.03 -132.45
C LEU G 300 33.71 102.01 -132.39
N GLN G 301 34.31 102.76 -131.46
CA GLN G 301 35.76 102.64 -131.26
C GLN G 301 36.11 101.25 -130.77
N SER G 302 35.31 100.69 -129.86
CA SER G 302 35.54 99.32 -129.41
C SER G 302 35.41 98.33 -130.56
N GLN G 303 34.40 98.51 -131.41
CA GLN G 303 34.21 97.59 -132.53
C GLN G 303 35.35 97.70 -133.55
N LEU G 304 35.80 98.93 -133.82
CA LEU G 304 36.95 99.11 -134.71
C LEU G 304 38.21 98.54 -134.08
N LEU G 305 38.32 98.60 -132.75
CA LEU G 305 39.42 97.92 -132.07
C LEU G 305 39.36 96.42 -132.30
N SER G 306 38.15 95.86 -132.27
CA SER G 306 37.99 94.44 -132.53
C SER G 306 38.40 94.07 -133.95
N ILE G 307 38.05 94.91 -134.93
CA ILE G 307 38.30 94.52 -136.32
C ILE G 307 39.71 94.88 -136.79
N GLU G 308 40.37 95.84 -136.12
CA GLU G 308 41.66 96.32 -136.62
C GLU G 308 42.72 95.23 -136.56
N LYS G 309 42.64 94.33 -135.56
CA LYS G 309 43.60 93.25 -135.47
C LYS G 309 43.51 92.35 -136.69
N GLU G 310 42.29 92.01 -137.10
CA GLU G 310 42.11 91.23 -138.32
C GLU G 310 42.58 92.01 -139.54
N VAL G 311 42.38 93.33 -139.55
CA VAL G 311 42.87 94.12 -140.67
C VAL G 311 44.40 94.20 -140.68
N GLU G 312 45.05 93.93 -139.55
CA GLU G 312 46.51 94.02 -139.50
C GLU G 312 47.16 93.03 -140.46
N GLU G 313 46.75 91.77 -140.41
CA GLU G 313 47.23 90.81 -141.38
C GLU G 313 46.59 91.00 -142.75
N TYR G 314 45.60 91.88 -142.86
CA TYR G 314 44.92 92.17 -144.13
C TYR G 314 45.13 93.61 -144.56
N LYS G 315 46.33 94.16 -144.36
CA LYS G 315 46.64 95.47 -144.92
C LYS G 315 46.60 95.42 -146.44
N ASN G 316 47.18 94.37 -147.03
CA ASN G 316 47.35 94.26 -148.47
C ASN G 316 46.93 92.88 -148.95
N PHE G 317 46.50 92.82 -150.22
CA PHE G 317 46.12 91.56 -150.86
C PHE G 317 46.29 91.73 -152.36
N ARG G 318 47.27 91.05 -152.94
CA ARG G 318 47.48 91.04 -154.37
C ARG G 318 47.03 89.72 -154.97
N PRO G 319 46.72 89.70 -156.26
CA PRO G 319 46.39 88.42 -156.91
C PRO G 319 47.55 87.45 -156.82
N ASP G 320 47.22 86.19 -156.60
CA ASP G 320 48.13 85.05 -156.57
C ASP G 320 48.99 85.02 -155.30
N ASP G 321 48.92 86.08 -154.49
CA ASP G 321 49.50 86.14 -153.14
C ASP G 321 50.90 85.54 -153.08
N PRO G 322 51.92 86.23 -153.61
CA PRO G 322 53.24 85.59 -153.73
C PRO G 322 53.83 85.11 -152.42
N ALA G 323 53.64 85.85 -151.32
CA ALA G 323 54.22 85.49 -150.03
C ALA G 323 53.19 85.18 -148.97
N ARG G 324 51.97 85.74 -149.09
CA ARG G 324 50.92 85.39 -148.15
C ARG G 324 50.63 83.90 -148.17
N LYS G 325 50.74 83.28 -149.36
CA LYS G 325 50.51 81.85 -149.47
C LYS G 325 51.51 81.06 -148.64
N THR G 326 52.80 81.38 -148.77
CA THR G 326 53.82 80.68 -147.98
C THR G 326 53.63 80.95 -146.49
N LYS G 327 53.33 82.19 -146.12
CA LYS G 327 53.15 82.50 -144.70
C LYS G 327 51.98 81.71 -144.12
N ALA G 328 50.85 81.70 -144.83
CA ALA G 328 49.69 80.96 -144.34
C ALA G 328 49.94 79.46 -144.32
N LEU G 329 50.71 78.95 -145.29
CA LEU G 329 51.08 77.54 -145.26
C LEU G 329 51.86 77.23 -144.00
N LEU G 330 52.82 78.09 -143.65
CA LEU G 330 53.58 77.86 -142.43
C LEU G 330 52.69 77.92 -141.21
N GLN G 331 51.76 78.88 -141.16
CA GLN G 331 50.86 78.97 -140.02
C GLN G 331 50.02 77.71 -139.87
N MET G 332 49.46 77.22 -140.99
CA MET G 332 48.65 76.00 -140.94
C MET G 332 49.48 74.81 -140.52
N VAL G 333 50.71 74.69 -141.04
CA VAL G 333 51.55 73.55 -140.68
C VAL G 333 51.89 73.58 -139.19
N GLN G 334 52.22 74.77 -138.67
CA GLN G 334 52.53 74.87 -137.25
C GLN G 334 51.31 74.58 -136.39
N GLN G 335 50.13 75.06 -136.81
CA GLN G 335 48.91 74.75 -136.08
C GLN G 335 48.65 73.26 -136.05
N PHE G 336 48.81 72.59 -137.20
CA PHE G 336 48.60 71.15 -137.24
C PHE G 336 49.59 70.42 -136.36
N ALA G 337 50.86 70.81 -136.40
CA ALA G 337 51.88 70.14 -135.60
C ALA G 337 51.61 70.31 -134.11
N VAL G 338 51.32 71.54 -133.69
CA VAL G 338 51.08 71.78 -132.27
C VAL G 338 49.80 71.10 -131.82
N ASP G 339 48.80 71.00 -132.70
CA ASP G 339 47.56 70.33 -132.30
C ASP G 339 47.74 68.82 -132.24
N PHE G 340 48.54 68.25 -133.15
CA PHE G 340 48.88 66.83 -133.05
C PHE G 340 49.60 66.55 -131.74
N GLU G 341 50.60 67.37 -131.41
CA GLU G 341 51.34 67.16 -130.17
C GLU G 341 50.44 67.36 -128.95
N LYS G 342 49.53 68.33 -129.01
CA LYS G 342 48.59 68.54 -127.92
C LYS G 342 47.61 67.38 -127.79
N ARG G 343 47.21 66.80 -128.92
CA ARG G 343 46.22 65.74 -128.90
C ARG G 343 46.81 64.43 -128.39
N ILE G 344 48.07 64.16 -128.71
CA ILE G 344 48.71 62.88 -128.38
C ILE G 344 49.65 63.02 -127.19
N GLU G 345 50.69 63.84 -127.32
CA GLU G 345 51.62 64.01 -126.20
C GLU G 345 50.93 64.61 -125.00
N GLY G 346 50.10 65.62 -125.20
CA GLY G 346 49.42 66.29 -124.12
C GLY G 346 50.11 67.58 -123.70
N SER G 347 50.49 68.40 -124.67
CA SER G 347 51.13 69.66 -124.37
C SER G 347 50.16 70.59 -123.63
N GLY G 348 50.69 71.74 -123.20
CA GLY G 348 49.88 72.68 -122.46
C GLY G 348 48.87 73.43 -123.32
N ASP G 349 48.45 74.60 -122.83
CA ASP G 349 47.56 75.51 -123.55
C ASP G 349 46.20 74.88 -123.82
N GLN G 350 45.50 74.58 -122.74
CA GLN G 350 44.06 74.36 -122.75
C GLN G 350 43.59 73.21 -123.65
N ILE G 351 43.92 71.97 -123.30
CA ILE G 351 43.32 70.83 -123.96
C ILE G 351 41.88 70.67 -123.48
N ASP G 352 41.00 70.32 -124.40
CA ASP G 352 39.57 70.28 -124.10
C ASP G 352 39.24 69.21 -123.07
N THR G 353 38.22 69.49 -122.25
CA THR G 353 37.78 68.60 -121.19
C THR G 353 36.40 68.01 -121.47
N TYR G 354 35.87 68.17 -122.68
CA TYR G 354 34.49 67.75 -122.95
C TYR G 354 34.37 66.23 -123.03
N GLU G 355 35.18 65.60 -123.87
CA GLU G 355 35.07 64.17 -124.12
C GLU G 355 36.34 63.47 -123.67
N LEU G 356 36.42 62.17 -123.99
CA LEU G 356 37.67 61.46 -123.79
C LEU G 356 38.77 62.04 -124.66
N SER G 357 38.37 62.80 -125.70
CA SER G 357 39.16 63.89 -126.28
C SER G 357 40.52 63.42 -126.81
N GLY G 358 40.44 62.61 -127.86
CA GLY G 358 41.59 62.43 -128.71
C GLY G 358 42.22 61.06 -128.57
N GLY G 359 43.09 60.74 -129.53
CA GLY G 359 43.69 59.42 -129.58
C GLY G 359 44.52 59.09 -128.37
N ALA G 360 45.14 60.10 -127.74
CA ALA G 360 46.12 59.85 -126.70
C ALA G 360 45.60 58.88 -125.64
N ARG G 361 44.41 59.14 -125.12
CA ARG G 361 43.87 58.25 -124.10
C ARG G 361 43.14 57.06 -124.72
N ILE G 362 42.61 57.21 -125.94
CA ILE G 362 42.16 56.04 -126.69
C ILE G 362 43.34 55.13 -126.97
N ASN G 363 44.46 55.71 -127.38
CA ASN G 363 45.67 54.93 -127.59
C ASN G 363 46.12 54.27 -126.29
N ARG G 364 46.04 54.99 -125.18
CA ARG G 364 46.29 54.35 -123.90
C ARG G 364 45.32 53.22 -123.57
N ILE G 365 44.03 53.39 -123.82
CA ILE G 365 43.11 52.33 -123.45
C ILE G 365 43.44 51.10 -124.28
N PHE G 366 43.99 51.30 -125.47
CA PHE G 366 44.53 50.17 -126.24
C PHE G 366 45.74 49.55 -125.53
N HIS G 367 46.72 50.38 -125.16
CA HIS G 367 47.93 49.85 -124.52
C HIS G 367 47.64 49.20 -123.16
N GLU G 368 46.48 49.46 -122.57
CA GLU G 368 46.15 48.86 -121.27
C GLU G 368 44.87 48.02 -121.31
N ARG G 369 44.34 47.73 -122.50
CA ARG G 369 43.34 46.68 -122.68
C ARG G 369 43.87 45.50 -123.47
N PHE G 370 44.90 45.71 -124.30
CA PHE G 370 45.63 44.63 -124.95
C PHE G 370 46.16 43.62 -123.94
N PRO G 371 46.62 44.03 -122.74
CA PRO G 371 46.88 43.03 -121.68
C PRO G 371 45.65 42.29 -121.18
N PHE G 372 44.47 42.60 -121.72
CA PHE G 372 43.33 41.69 -121.55
C PHE G 372 43.11 40.80 -122.75
N GLU G 373 43.38 41.30 -123.95
CA GLU G 373 43.30 40.46 -125.14
C GLU G 373 44.36 39.37 -125.14
N LEU G 374 45.49 39.59 -124.47
CA LEU G 374 46.47 38.52 -124.32
C LEU G 374 45.94 37.42 -123.40
N VAL G 375 45.35 37.82 -122.27
CA VAL G 375 44.87 36.84 -121.30
C VAL G 375 43.69 36.06 -121.85
N LYS G 376 42.76 36.74 -122.52
CA LYS G 376 41.49 36.12 -122.89
C LYS G 376 41.68 35.01 -123.92
N MET G 377 42.39 35.31 -125.01
CA MET G 377 42.37 34.43 -126.16
C MET G 377 43.10 33.12 -125.92
N GLU G 378 44.18 33.12 -125.13
CA GLU G 378 45.05 31.97 -125.01
C GLU G 378 44.69 31.16 -123.77
N PHE G 379 44.41 29.87 -123.99
CA PHE G 379 44.11 28.93 -122.91
C PHE G 379 44.05 27.51 -123.47
N ASP G 380 44.47 26.56 -122.64
CA ASP G 380 44.18 25.15 -122.81
C ASP G 380 44.62 24.43 -121.55
N GLU G 381 44.02 23.26 -121.31
CA GLU G 381 44.35 22.48 -120.13
C GLU G 381 43.88 21.04 -120.34
N LYS G 382 44.58 20.11 -119.67
CA LYS G 382 44.26 18.69 -119.65
C LYS G 382 44.46 18.02 -121.00
N GLU G 383 44.84 18.80 -122.01
CA GLU G 383 45.43 18.29 -123.23
C GLU G 383 46.94 18.49 -123.24
N LEU G 384 47.39 19.61 -122.66
CA LEU G 384 48.81 19.80 -122.43
C LEU G 384 49.36 18.73 -121.48
N ARG G 385 48.52 18.21 -120.59
CA ARG G 385 48.96 17.09 -119.75
C ARG G 385 49.37 15.89 -120.61
N ARG G 386 48.52 15.52 -121.57
CA ARG G 386 48.83 14.42 -122.47
C ARG G 386 50.07 14.73 -123.31
N GLU G 387 50.15 15.94 -123.84
CA GLU G 387 51.29 16.30 -124.66
C GLU G 387 52.59 16.25 -123.85
N ILE G 388 52.56 16.74 -122.62
CA ILE G 388 53.74 16.68 -121.76
C ILE G 388 54.10 15.23 -121.43
N SER G 389 53.10 14.40 -121.14
CA SER G 389 53.38 13.00 -120.86
C SER G 389 54.11 12.35 -122.03
N TYR G 390 53.63 12.59 -123.25
CA TYR G 390 54.28 11.99 -124.41
C TYR G 390 55.67 12.57 -124.64
N ALA G 391 55.84 13.87 -124.41
CA ALA G 391 57.18 14.46 -124.54
C ALA G 391 58.16 13.85 -123.55
N ILE G 392 57.71 13.64 -122.31
CA ILE G 392 58.56 13.00 -121.30
C ILE G 392 58.93 11.59 -121.75
N LYS G 393 57.93 10.83 -122.20
CA LYS G 393 58.18 9.45 -122.60
C LYS G 393 58.87 9.33 -123.95
N ASN G 394 59.13 10.43 -124.64
CA ASN G 394 59.81 10.33 -125.93
C ASN G 394 61.16 11.03 -126.01
N ILE G 395 61.45 12.02 -125.17
CA ILE G 395 62.73 12.72 -125.32
C ILE G 395 63.87 12.04 -124.56
N HIS G 396 63.58 11.11 -123.66
CA HIS G 396 64.60 10.17 -123.22
C HIS G 396 64.10 8.81 -123.66
N GLY G 397 63.70 8.74 -124.93
CA GLY G 397 62.76 7.73 -125.38
C GLY G 397 63.22 6.30 -125.27
N ILE G 398 64.52 6.04 -125.38
CA ILE G 398 64.97 4.65 -125.37
C ILE G 398 65.32 4.15 -123.97
N ARG G 399 65.63 5.03 -123.03
CA ARG G 399 66.20 4.64 -121.75
C ARG G 399 65.42 5.25 -120.61
N THR G 400 65.34 4.51 -119.50
CA THR G 400 64.57 4.95 -118.35
C THR G 400 65.10 6.28 -117.82
N GLY G 401 64.32 7.34 -118.00
CA GLY G 401 64.73 8.65 -117.52
C GLY G 401 64.48 8.76 -116.03
N LEU G 402 65.56 8.84 -115.28
CA LEU G 402 65.49 8.97 -113.83
C LEU G 402 65.47 10.41 -113.37
N PHE G 403 65.45 11.36 -114.31
CA PHE G 403 65.35 12.78 -114.00
C PHE G 403 64.35 13.40 -114.97
N THR G 404 63.55 14.33 -114.47
CA THR G 404 62.54 14.96 -115.31
C THR G 404 63.22 15.73 -116.44
N PRO G 405 62.96 15.39 -117.70
CA PRO G 405 63.72 15.98 -118.80
C PRO G 405 63.28 17.42 -119.10
N ASP G 406 64.04 18.05 -119.98
CA ASP G 406 64.07 19.50 -120.13
C ASP G 406 63.58 19.99 -121.48
N MET G 407 63.92 19.27 -122.54
CA MET G 407 63.43 19.64 -123.87
C MET G 407 61.91 19.56 -123.92
N ALA G 408 61.27 18.81 -123.03
CA ALA G 408 59.81 18.82 -122.97
C ALA G 408 59.28 20.17 -122.51
N PHE G 409 59.86 20.71 -121.43
CA PHE G 409 59.51 22.05 -120.99
C PHE G 409 59.76 23.06 -122.10
N GLU G 410 60.91 22.94 -122.77
CA GLU G 410 61.22 23.86 -123.86
C GLU G 410 60.18 23.76 -124.97
N THR G 411 59.79 22.54 -125.35
CA THR G 411 58.82 22.35 -126.41
C THR G 411 57.45 22.88 -126.04
N ILE G 412 57.00 22.68 -124.80
CA ILE G 412 55.70 23.19 -124.40
C ILE G 412 55.69 24.71 -124.42
N VAL G 413 56.69 25.35 -123.81
CA VAL G 413 56.67 26.80 -123.76
C VAL G 413 56.84 27.39 -125.16
N LYS G 414 57.65 26.74 -126.02
CA LYS G 414 57.82 27.23 -127.37
C LYS G 414 56.54 27.07 -128.19
N LYS G 415 55.80 25.98 -127.96
CA LYS G 415 54.52 25.78 -128.62
C LYS G 415 53.45 26.72 -128.10
N GLN G 416 53.63 27.27 -126.90
CA GLN G 416 52.62 28.16 -126.33
C GLN G 416 52.92 29.64 -126.54
N VAL G 417 54.18 30.04 -126.70
CA VAL G 417 54.51 31.45 -126.88
C VAL G 417 54.52 31.82 -128.35
N LYS G 418 54.02 30.94 -129.21
CA LYS G 418 53.90 31.27 -130.62
C LYS G 418 52.48 31.67 -131.02
N LYS G 419 51.52 31.56 -130.10
CA LYS G 419 50.18 32.06 -130.36
C LYS G 419 50.05 33.55 -130.08
N ILE G 420 51.10 34.19 -129.56
CA ILE G 420 51.07 35.62 -129.28
C ILE G 420 51.11 36.44 -130.55
N ARG G 421 51.44 35.83 -131.69
CA ARG G 421 51.55 36.58 -132.94
C ARG G 421 50.24 37.25 -133.35
N GLU G 422 49.11 36.70 -132.95
CA GLU G 422 47.83 37.31 -133.32
C GLU G 422 47.51 38.53 -132.47
N PRO G 423 47.49 38.42 -131.12
CA PRO G 423 47.11 39.60 -130.32
C PRO G 423 47.99 40.81 -130.54
N CYS G 424 49.29 40.61 -130.73
CA CYS G 424 50.18 41.76 -130.91
C CYS G 424 49.91 42.47 -132.22
N LEU G 425 49.72 41.73 -133.30
CA LEU G 425 49.39 42.35 -134.58
C LEU G 425 48.02 43.04 -134.52
N LYS G 426 47.07 42.42 -133.81
CA LYS G 426 45.77 43.08 -133.63
C LYS G 426 45.93 44.39 -132.89
N CYS G 427 46.77 44.42 -131.85
CA CYS G 427 47.01 45.66 -131.12
C CYS G 427 47.64 46.71 -132.01
N VAL G 428 48.61 46.32 -132.82
CA VAL G 428 49.27 47.27 -133.71
C VAL G 428 48.28 47.87 -134.70
N ASP G 429 47.44 47.03 -135.31
CA ASP G 429 46.46 47.55 -136.26
C ASP G 429 45.43 48.42 -135.58
N MET G 430 45.02 48.08 -134.35
CA MET G 430 44.06 48.88 -133.63
C MET G 430 44.62 50.28 -133.32
N VAL G 431 45.88 50.33 -132.88
CA VAL G 431 46.54 51.61 -132.64
C VAL G 431 46.67 52.39 -133.93
N ILE G 432 46.96 51.70 -135.04
CA ILE G 432 47.04 52.38 -136.33
C ILE G 432 45.71 53.03 -136.66
N SER G 433 44.61 52.31 -136.44
CA SER G 433 43.29 52.86 -136.74
C SER G 433 43.01 54.11 -135.91
N GLU G 434 43.26 54.03 -134.60
CA GLU G 434 42.94 55.20 -133.78
C GLU G 434 43.85 56.38 -134.12
N LEU G 435 45.10 56.12 -134.48
CA LEU G 435 46.02 57.20 -134.79
C LEU G 435 45.73 57.84 -136.13
N ILE G 436 45.15 57.09 -137.08
CA ILE G 436 44.66 57.74 -138.29
C ILE G 436 43.41 58.55 -138.00
N SER G 437 42.54 58.05 -137.12
CA SER G 437 41.36 58.82 -136.75
C SER G 437 41.77 60.14 -136.09
N THR G 438 42.81 60.10 -135.26
CA THR G 438 43.29 61.32 -134.61
C THR G 438 43.80 62.33 -135.64
N VAL G 439 44.55 61.86 -136.64
CA VAL G 439 45.03 62.77 -137.68
C VAL G 439 43.88 63.41 -138.42
N ARG G 440 42.86 62.62 -138.79
CA ARG G 440 41.71 63.22 -139.46
C ARG G 440 40.99 64.21 -138.55
N GLN G 441 40.85 63.87 -137.28
CA GLN G 441 40.13 64.72 -136.33
C GLN G 441 40.85 66.04 -136.12
N CYS G 442 42.18 66.02 -136.05
CA CYS G 442 42.95 67.23 -135.82
C CYS G 442 43.38 67.91 -137.11
N THR G 443 42.98 67.38 -138.26
CA THR G 443 43.04 68.14 -139.50
C THR G 443 41.70 68.74 -139.89
N LYS G 444 40.59 68.22 -139.35
CA LYS G 444 39.28 68.79 -139.65
C LYS G 444 39.23 70.30 -139.45
N LYS G 445 39.88 70.80 -138.40
CA LYS G 445 39.87 72.23 -138.14
C LYS G 445 40.70 73.03 -139.11
N LEU G 446 41.26 72.44 -140.15
CA LEU G 446 42.00 73.16 -141.17
C LEU G 446 41.13 73.47 -142.39
N GLN G 447 39.82 73.27 -142.26
CA GLN G 447 38.87 73.46 -143.36
C GLN G 447 38.85 74.89 -143.89
N GLN G 448 39.64 75.78 -143.30
CA GLN G 448 39.78 77.12 -143.85
C GLN G 448 40.27 77.07 -145.29
N TYR G 449 41.34 76.30 -145.54
CA TYR G 449 41.79 76.06 -146.90
C TYR G 449 41.43 74.65 -147.30
N PRO G 450 40.56 74.45 -148.28
CA PRO G 450 40.45 73.14 -148.92
C PRO G 450 41.65 72.90 -149.82
N ARG G 451 41.76 71.67 -150.30
CA ARG G 451 42.82 71.21 -151.20
C ARG G 451 44.18 71.19 -150.53
N LEU G 452 44.29 71.63 -149.27
CA LEU G 452 45.49 71.43 -148.48
C LEU G 452 45.30 70.46 -147.33
N ARG G 453 44.10 70.43 -146.74
CA ARG G 453 43.81 69.37 -145.78
C ARG G 453 43.89 68.01 -146.44
N GLU G 454 43.43 67.92 -147.70
CA GLU G 454 43.54 66.67 -148.43
C GLU G 454 44.98 66.23 -148.58
N GLU G 455 45.86 67.16 -148.99
CA GLU G 455 47.28 66.83 -149.13
C GLU G 455 47.90 66.44 -147.80
N MET G 456 47.59 67.19 -146.74
CA MET G 456 48.18 66.91 -145.44
C MET G 456 47.77 65.54 -144.92
N GLU G 457 46.48 65.22 -145.02
CA GLU G 457 46.02 63.90 -144.61
C GLU G 457 46.62 62.81 -145.48
N ARG G 458 46.66 63.04 -146.80
CA ARG G 458 47.21 62.06 -147.73
C ARG G 458 48.70 61.82 -147.52
N ILE G 459 49.42 62.77 -146.94
CA ILE G 459 50.83 62.56 -146.66
C ILE G 459 51.02 61.88 -145.32
N VAL G 460 50.36 62.38 -144.27
CA VAL G 460 50.56 61.80 -142.94
C VAL G 460 50.06 60.36 -142.90
N THR G 461 48.89 60.09 -143.48
CA THR G 461 48.35 58.73 -143.45
C THR G 461 49.22 57.78 -144.25
N THR G 462 49.74 58.22 -145.40
CA THR G 462 50.65 57.37 -146.15
C THR G 462 51.91 57.09 -145.36
N HIS G 463 52.42 58.08 -144.62
CA HIS G 463 53.58 57.83 -143.78
C HIS G 463 53.28 56.80 -142.71
N ILE G 464 52.11 56.91 -142.07
CA ILE G 464 51.73 55.94 -141.03
C ILE G 464 51.61 54.55 -141.62
N ARG G 465 51.03 54.43 -142.81
CA ARG G 465 50.93 53.12 -143.44
C ARG G 465 52.30 52.58 -143.82
N GLU G 466 53.18 53.44 -144.32
CA GLU G 466 54.54 53.00 -144.64
C GLU G 466 55.32 52.62 -143.40
N ARG G 467 54.89 53.07 -142.23
CA ARG G 467 55.53 52.69 -140.98
C ARG G 467 54.91 51.46 -140.33
N GLU G 468 53.66 51.12 -140.67
CA GLU G 468 53.04 49.96 -140.05
C GLU G 468 53.79 48.68 -140.41
N GLY G 469 54.34 48.60 -141.63
CA GLY G 469 55.11 47.43 -142.00
C GLY G 469 56.29 47.21 -141.10
N ARG G 470 57.07 48.26 -140.86
CA ARG G 470 58.24 48.14 -140.01
C ARG G 470 57.86 47.81 -138.57
N THR G 471 56.81 48.45 -138.05
CA THR G 471 56.48 48.15 -136.66
C THR G 471 55.94 46.74 -136.50
N LYS G 472 55.16 46.25 -137.47
CA LYS G 472 54.70 44.86 -137.40
C LYS G 472 55.86 43.89 -137.53
N GLU G 473 56.84 44.22 -138.39
CA GLU G 473 58.02 43.37 -138.52
C GLU G 473 58.76 43.26 -137.19
N GLN G 474 58.99 44.39 -136.53
CA GLN G 474 59.66 44.35 -135.24
C GLN G 474 58.82 43.65 -134.18
N VAL G 475 57.50 43.81 -134.24
CA VAL G 475 56.62 43.13 -133.28
C VAL G 475 56.76 41.62 -133.43
N MET G 476 56.74 41.12 -134.66
CA MET G 476 56.93 39.69 -134.88
C MET G 476 58.31 39.25 -134.41
N LEU G 477 59.33 40.05 -134.73
CA LEU G 477 60.69 39.65 -134.40
C LEU G 477 60.94 39.62 -132.90
N LEU G 478 60.25 40.44 -132.13
CA LEU G 478 60.44 40.41 -130.68
C LEU G 478 60.02 39.06 -130.09
N ILE G 479 58.80 38.61 -130.39
CA ILE G 479 58.37 37.32 -129.88
C ILE G 479 59.15 36.18 -130.54
N ASP G 480 59.55 36.34 -131.80
CA ASP G 480 60.38 35.34 -132.42
C ASP G 480 61.71 35.19 -131.69
N ILE G 481 62.23 36.30 -131.17
CA ILE G 481 63.39 36.25 -130.28
C ILE G 481 63.03 35.52 -128.99
N GLU G 482 61.84 35.81 -128.44
CA GLU G 482 61.41 35.15 -127.22
C GLU G 482 61.35 33.63 -127.39
N LEU G 483 61.07 33.16 -128.59
CA LEU G 483 61.05 31.73 -128.87
C LEU G 483 62.43 31.11 -129.00
N ALA G 484 63.49 31.76 -128.52
CA ALA G 484 64.83 31.25 -128.77
C ALA G 484 65.50 30.61 -127.56
N TYR G 485 65.41 31.20 -126.38
CA TYR G 485 66.31 30.80 -125.30
C TYR G 485 65.63 30.21 -124.09
N MET G 486 64.43 30.67 -123.73
CA MET G 486 63.70 30.16 -122.57
C MET G 486 64.52 30.28 -121.29
N ASN G 487 64.82 31.53 -120.93
CA ASN G 487 65.65 31.80 -119.76
C ASN G 487 64.98 31.29 -118.50
N THR G 488 65.79 30.72 -117.60
CA THR G 488 65.25 30.17 -116.38
C THR G 488 66.08 30.60 -115.17
N ASN G 489 67.12 31.41 -115.37
CA ASN G 489 67.85 31.99 -114.26
C ASN G 489 67.32 33.40 -113.97
N HIS G 490 66.12 33.71 -114.44
CA HIS G 490 65.40 34.92 -114.08
C HIS G 490 64.80 34.72 -112.69
N GLU G 491 63.91 35.61 -112.28
CA GLU G 491 63.25 35.37 -111.00
C GLU G 491 62.23 34.21 -111.08
N ASP G 492 62.16 33.51 -112.21
CA ASP G 492 61.45 32.23 -112.26
C ASP G 492 61.99 31.30 -111.19
N PHE G 493 61.09 30.77 -110.37
CA PHE G 493 61.49 29.91 -109.27
C PHE G 493 61.98 28.56 -109.79
N ILE G 494 62.92 27.97 -109.06
CA ILE G 494 63.48 26.68 -109.44
C ILE G 494 62.41 25.60 -109.36
N PRO G 653 51.75 6.84 -112.01
CA PRO G 653 53.17 6.50 -111.88
C PRO G 653 54.02 7.69 -111.48
N GLN G 654 55.22 7.80 -112.06
CA GLN G 654 56.03 8.99 -111.95
C GLN G 654 55.66 10.04 -112.98
N LEU G 655 54.87 9.65 -113.99
CA LEU G 655 54.48 10.59 -115.04
C LEU G 655 53.63 11.72 -114.48
N GLU G 656 52.72 11.42 -113.56
CA GLU G 656 51.87 12.47 -113.01
C GLU G 656 52.68 13.50 -112.25
N ARG G 657 53.63 13.06 -111.43
CA ARG G 657 54.49 14.01 -110.72
C ARG G 657 55.35 14.81 -111.68
N GLN G 658 55.91 14.15 -112.70
CA GLN G 658 56.71 14.86 -113.68
C GLN G 658 55.88 15.91 -114.42
N VAL G 659 54.67 15.57 -114.81
CA VAL G 659 53.82 16.50 -115.55
C VAL G 659 53.38 17.65 -114.65
N GLU G 660 53.08 17.37 -113.38
CA GLU G 660 52.75 18.46 -112.46
C GLU G 660 53.93 19.41 -112.29
N THR G 661 55.13 18.86 -112.15
CA THR G 661 56.31 19.72 -112.02
C THR G 661 56.54 20.52 -113.31
N ILE G 662 56.24 19.94 -114.46
CA ILE G 662 56.41 20.66 -115.73
C ILE G 662 55.37 21.77 -115.85
N ARG G 663 54.13 21.51 -115.43
CA ARG G 663 53.09 22.52 -115.52
C ARG G 663 53.35 23.68 -114.56
N ASN G 664 53.78 23.39 -113.33
CA ASN G 664 54.06 24.45 -112.39
C ASN G 664 55.18 25.37 -112.86
N LEU G 665 56.00 24.91 -113.81
CA LEU G 665 57.04 25.75 -114.41
C LEU G 665 56.57 26.41 -115.69
N VAL G 666 55.75 25.70 -116.48
CA VAL G 666 55.24 26.26 -117.72
C VAL G 666 54.35 27.46 -117.42
N ASP G 667 53.51 27.36 -116.40
CA ASP G 667 52.66 28.50 -116.03
C ASP G 667 53.49 29.69 -115.61
N SER G 668 54.53 29.46 -114.80
CA SER G 668 55.38 30.55 -114.36
C SER G 668 56.06 31.23 -115.54
N TYR G 669 56.62 30.44 -116.45
CA TYR G 669 57.31 31.06 -117.58
C TYR G 669 56.33 31.72 -118.54
N MET G 670 55.10 31.20 -118.64
CA MET G 670 54.07 31.89 -119.40
C MET G 670 53.79 33.26 -118.81
N ALA G 671 53.69 33.34 -117.49
CA ALA G 671 53.48 34.64 -116.85
C ALA G 671 54.67 35.57 -117.10
N ILE G 672 55.89 35.03 -117.00
CA ILE G 672 57.08 35.88 -117.13
C ILE G 672 57.33 36.32 -118.56
N VAL G 673 56.88 35.56 -119.54
CA VAL G 673 56.96 36.03 -120.92
C VAL G 673 55.80 36.96 -121.24
N ASN G 674 54.64 36.77 -120.60
CA ASN G 674 53.55 37.72 -120.76
C ASN G 674 53.94 39.09 -120.22
N LYS G 675 54.61 39.13 -119.07
CA LYS G 675 55.05 40.41 -118.53
C LYS G 675 56.00 41.12 -119.49
N THR G 676 56.94 40.37 -120.05
CA THR G 676 57.96 40.96 -120.92
C THR G 676 57.40 41.37 -122.28
N VAL G 677 56.39 40.68 -122.78
CA VAL G 677 55.77 41.14 -124.02
C VAL G 677 54.79 42.27 -123.76
N ARG G 678 54.17 42.30 -122.58
CA ARG G 678 53.27 43.38 -122.21
C ARG G 678 54.01 44.69 -121.95
N ASP G 679 55.24 44.62 -121.45
CA ASP G 679 56.03 45.82 -121.24
C ASP G 679 56.72 46.31 -122.50
N LEU G 680 56.79 45.50 -123.54
CA LEU G 680 57.50 45.88 -124.76
C LEU G 680 56.62 45.92 -126.00
N MET G 681 55.32 45.67 -125.87
CA MET G 681 54.46 45.92 -127.02
C MET G 681 54.18 47.42 -127.17
N PRO G 682 53.81 48.14 -126.08
CA PRO G 682 53.67 49.60 -126.21
C PRO G 682 54.94 50.24 -126.72
N LYS G 683 56.05 50.01 -126.01
CA LYS G 683 57.31 50.64 -126.39
C LYS G 683 57.68 50.32 -127.82
N THR G 684 57.44 49.09 -128.27
CA THR G 684 57.74 48.72 -129.64
C THR G 684 56.90 49.53 -130.63
N ILE G 685 55.60 49.65 -130.35
CA ILE G 685 54.73 50.38 -131.28
C ILE G 685 55.16 51.83 -131.38
N MET G 686 55.37 52.47 -130.24
CA MET G 686 55.52 53.93 -130.22
C MET G 686 56.90 54.35 -130.72
N HIS G 687 57.95 53.63 -130.35
CA HIS G 687 59.28 53.98 -130.85
C HIS G 687 59.35 53.90 -132.36
N LEU G 688 58.49 53.10 -132.98
CA LEU G 688 58.49 52.97 -134.43
C LEU G 688 57.38 53.78 -135.08
N MET G 689 56.21 53.85 -134.47
CA MET G 689 55.05 54.50 -135.07
C MET G 689 54.87 55.94 -134.60
N ILE G 690 54.72 56.15 -133.29
CA ILE G 690 54.26 57.45 -132.80
C ILE G 690 55.43 58.40 -132.63
N ASN G 691 56.46 57.98 -131.89
CA ASN G 691 57.62 58.83 -131.74
C ASN G 691 58.44 58.94 -133.01
N ASN G 692 57.93 58.41 -134.12
CA ASN G 692 58.50 58.67 -135.43
C ASN G 692 57.58 59.49 -136.32
N THR G 693 56.27 59.28 -136.24
CA THR G 693 55.36 60.15 -136.98
C THR G 693 55.39 61.56 -136.39
N LYS G 694 55.64 61.68 -135.09
CA LYS G 694 55.77 62.99 -134.48
C LYS G 694 56.96 63.75 -135.06
N GLU G 695 58.11 63.08 -135.18
CA GLU G 695 59.27 63.72 -135.78
C GLU G 695 59.06 63.97 -137.26
N PHE G 696 58.32 63.09 -137.95
CA PHE G 696 57.98 63.37 -139.34
C PHE G 696 57.17 64.65 -139.45
N ILE G 697 56.19 64.83 -138.56
CA ILE G 697 55.37 66.04 -138.57
C ILE G 697 56.25 67.26 -138.30
N PHE G 698 57.10 67.18 -137.28
CA PHE G 698 57.88 68.33 -136.86
C PHE G 698 59.06 68.63 -137.78
N SER G 699 59.45 67.72 -138.66
CA SER G 699 60.61 67.95 -139.50
C SER G 699 60.30 67.94 -140.99
N GLU G 700 59.65 66.89 -141.50
CA GLU G 700 59.63 66.61 -142.92
C GLU G 700 58.33 67.03 -143.60
N LEU G 701 57.26 67.29 -142.85
CA LEU G 701 55.98 67.63 -143.48
C LEU G 701 56.09 68.92 -144.29
N LEU G 702 56.79 69.91 -143.75
CA LEU G 702 56.91 71.20 -144.42
C LEU G 702 57.60 71.04 -145.77
N ALA G 703 58.64 70.23 -145.84
CA ALA G 703 59.35 70.04 -147.10
C ALA G 703 58.44 69.43 -148.16
N ASN G 704 57.70 68.38 -147.81
CA ASN G 704 56.82 67.75 -148.78
C ASN G 704 55.74 68.72 -149.24
N LEU G 705 55.12 69.43 -148.30
CA LEU G 705 54.05 70.34 -148.67
C LEU G 705 54.54 71.47 -149.55
N TYR G 706 55.72 72.02 -149.25
CA TYR G 706 56.21 73.11 -150.09
C TYR G 706 56.74 72.61 -151.42
N SER G 707 57.21 71.36 -151.48
CA SER G 707 57.82 70.83 -152.69
C SER G 707 56.78 70.30 -153.68
N CYS G 708 55.61 69.88 -153.19
CA CYS G 708 54.59 69.42 -154.13
C CYS G 708 54.16 70.56 -155.04
N GLY G 709 53.83 70.22 -156.27
CA GLY G 709 53.66 71.22 -157.32
C GLY G 709 52.42 72.07 -157.14
N ASP G 710 52.39 73.15 -157.93
CA ASP G 710 51.25 74.07 -158.02
C ASP G 710 50.95 74.69 -156.65
N GLN G 711 51.92 75.49 -156.21
CA GLN G 711 51.77 76.27 -154.99
C GLN G 711 50.51 77.12 -155.00
N ASN G 712 50.14 77.66 -156.16
CA ASN G 712 48.98 78.53 -156.25
C ASN G 712 47.68 77.78 -155.95
N THR G 713 47.65 76.47 -156.18
CA THR G 713 46.45 75.69 -155.92
C THR G 713 46.54 74.86 -154.65
N LEU G 714 47.73 74.71 -154.08
CA LEU G 714 47.80 74.04 -152.78
C LEU G 714 47.08 74.83 -151.71
N MET G 715 47.15 76.16 -151.76
CA MET G 715 46.39 77.04 -150.89
C MET G 715 45.26 77.66 -151.71
N GLU G 716 44.10 77.01 -151.70
CA GLU G 716 42.89 77.57 -152.27
C GLU G 716 42.16 78.37 -151.19
N GLU G 717 41.92 79.64 -151.48
CA GLU G 717 41.01 80.40 -150.63
C GLU G 717 39.63 79.77 -150.70
N SER G 718 39.08 79.41 -149.55
CA SER G 718 37.72 78.94 -149.51
C SER G 718 36.77 80.13 -149.63
N ALA G 719 35.63 79.87 -150.25
CA ALA G 719 34.63 80.94 -150.40
C ALA G 719 34.27 81.53 -149.05
N GLU G 720 34.22 80.70 -148.01
CA GLU G 720 33.86 81.19 -146.68
C GLU G 720 34.85 82.25 -146.21
N GLN G 721 36.14 81.93 -146.22
CA GLN G 721 37.09 82.88 -145.67
C GLN G 721 37.28 84.07 -146.60
N ALA G 722 37.15 83.87 -147.91
CA ALA G 722 37.32 84.99 -148.83
C ALA G 722 36.17 86.00 -148.70
N GLN G 723 34.92 85.50 -148.66
CA GLN G 723 33.79 86.38 -148.45
C GLN G 723 33.86 87.04 -147.08
N ARG G 724 34.25 86.29 -146.05
CA ARG G 724 34.39 86.87 -144.72
C ARG G 724 35.43 87.98 -144.73
N ARG G 725 36.56 87.76 -145.40
CA ARG G 725 37.63 88.76 -145.44
C ARG G 725 37.18 90.02 -146.17
N ASP G 726 36.52 89.87 -147.32
CA ASP G 726 36.04 91.04 -148.03
C ASP G 726 34.99 91.79 -147.23
N GLU G 727 34.11 91.06 -146.54
CA GLU G 727 33.08 91.72 -145.75
C GLU G 727 33.69 92.43 -144.54
N MET G 728 34.75 91.85 -143.96
CA MET G 728 35.54 92.57 -142.96
C MET G 728 36.09 93.87 -143.52
N LEU G 729 36.65 93.83 -144.73
CA LEU G 729 37.21 95.05 -145.30
C LEU G 729 36.15 96.12 -145.48
N ARG G 730 34.99 95.73 -146.02
CA ARG G 730 33.90 96.69 -146.21
C ARG G 730 33.39 97.21 -144.87
N MET G 731 33.32 96.33 -143.86
CA MET G 731 32.88 96.74 -142.53
C MET G 731 33.84 97.76 -141.92
N TYR G 732 35.14 97.52 -142.09
CA TYR G 732 36.14 98.46 -141.56
C TYR G 732 36.01 99.82 -142.24
N HIS G 733 35.84 99.82 -143.57
CA HIS G 733 35.69 101.09 -144.27
C HIS G 733 34.41 101.82 -143.83
N ALA G 734 33.31 101.08 -143.67
CA ALA G 734 32.06 101.69 -143.23
C ALA G 734 32.19 102.27 -141.82
N LEU G 735 32.87 101.55 -140.93
CA LEU G 735 33.09 102.08 -139.58
C LEU G 735 33.98 103.32 -139.61
N LYS G 736 34.98 103.34 -140.48
CA LYS G 736 35.80 104.55 -140.63
C LYS G 736 34.94 105.73 -141.06
N GLU G 737 34.06 105.51 -142.04
CA GLU G 737 33.15 106.57 -142.47
C GLU G 737 32.22 107.01 -141.34
N ALA G 738 31.72 106.06 -140.55
CA ALA G 738 30.83 106.40 -139.45
C ALA G 738 31.54 107.25 -138.40
N LEU G 739 32.78 106.90 -138.06
CA LEU G 739 33.51 107.72 -137.10
C LEU G 739 33.88 109.07 -137.66
N SER G 740 34.14 109.17 -138.97
CA SER G 740 34.34 110.49 -139.57
C SER G 740 33.07 111.33 -139.48
N ILE G 741 31.91 110.71 -139.67
CA ILE G 741 30.64 111.43 -139.58
C ILE G 741 30.41 111.88 -138.14
N ILE G 742 30.71 111.03 -137.16
CA ILE G 742 30.61 111.45 -135.76
C ILE G 742 31.53 112.64 -135.50
N GLY G 743 32.75 112.60 -136.04
CA GLY G 743 33.66 113.72 -135.85
C GLY G 743 33.12 115.01 -136.43
N ASN G 744 32.57 114.94 -137.65
CA ASN G 744 32.09 116.15 -138.32
C ASN G 744 30.69 116.56 -137.89
N ILE G 745 30.01 115.77 -137.08
CA ILE G 745 28.71 116.15 -136.54
C ILE G 745 28.81 116.65 -135.11
N ASN G 746 29.66 116.03 -134.29
CA ASN G 746 29.83 116.46 -132.90
C ASN G 746 30.33 117.90 -132.83
N THR G 747 31.00 118.37 -133.87
CA THR G 747 31.47 119.76 -133.92
C THR G 747 30.33 120.71 -134.25
N ILE H 10 -42.01 136.88 -97.56
CA ILE H 10 -41.01 136.13 -96.82
C ILE H 10 -41.47 134.69 -96.65
N PRO H 11 -40.54 133.75 -96.73
CA PRO H 11 -40.92 132.34 -96.68
C PRO H 11 -41.52 131.92 -95.34
N LEU H 12 -42.49 131.01 -95.43
CA LEU H 12 -43.20 130.55 -94.25
C LEU H 12 -42.29 129.75 -93.32
N VAL H 13 -41.26 129.10 -93.85
CA VAL H 13 -40.30 128.43 -92.97
C VAL H 13 -39.52 129.46 -92.14
N ASN H 14 -39.16 130.59 -92.76
CA ASN H 14 -38.55 131.67 -91.98
C ASN H 14 -39.52 132.21 -90.94
N ARG H 15 -40.80 132.38 -91.31
CA ARG H 15 -41.75 132.89 -90.32
C ARG H 15 -41.94 131.89 -89.18
N LEU H 16 -41.95 130.60 -89.49
CA LEU H 16 -42.05 129.58 -88.44
C LEU H 16 -40.84 129.61 -87.53
N GLN H 17 -39.64 129.79 -88.09
CA GLN H 17 -38.45 129.90 -87.26
C GLN H 17 -38.49 131.15 -86.39
N ASP H 18 -39.01 132.25 -86.94
CA ASP H 18 -39.19 133.46 -86.14
C ASP H 18 -40.12 133.19 -84.96
N ALA H 19 -41.23 132.49 -85.21
CA ALA H 19 -42.16 132.16 -84.13
C ALA H 19 -41.52 131.25 -83.11
N PHE H 20 -40.68 130.31 -83.56
CA PHE H 20 -39.98 129.43 -82.64
C PHE H 20 -39.02 130.20 -81.75
N SER H 21 -38.27 131.14 -82.33
CA SER H 21 -37.41 132.00 -81.53
C SER H 21 -38.24 132.83 -80.55
N ALA H 22 -39.40 133.31 -80.99
CA ALA H 22 -40.26 134.10 -80.12
C ALA H 22 -40.72 133.29 -78.91
N ILE H 23 -41.20 132.06 -79.14
CA ILE H 23 -41.58 131.23 -78.02
C ILE H 23 -40.37 130.84 -77.18
N GLY H 24 -39.17 130.90 -77.76
CA GLY H 24 -37.95 130.73 -77.01
C GLY H 24 -37.69 129.37 -76.45
N GLN H 25 -38.64 128.43 -76.56
CA GLN H 25 -38.38 127.07 -76.11
C GLN H 25 -37.28 126.45 -76.96
N ASN H 26 -36.50 125.57 -76.34
CA ASN H 26 -35.32 124.99 -76.98
C ASN H 26 -35.71 123.95 -78.01
N ALA H 27 -36.49 124.41 -79.00
CA ALA H 27 -36.94 123.58 -80.10
C ALA H 27 -36.36 124.12 -81.41
N ASP H 28 -36.25 123.24 -82.40
CA ASP H 28 -35.70 123.60 -83.68
C ASP H 28 -36.39 122.79 -84.77
N LEU H 29 -36.41 123.35 -85.98
CA LEU H 29 -37.05 122.67 -87.10
C LEU H 29 -36.22 121.49 -87.60
N ASP H 30 -34.98 121.36 -87.15
CA ASP H 30 -34.11 120.22 -87.49
C ASP H 30 -33.87 120.14 -89.00
N LEU H 31 -33.37 121.24 -89.56
CA LEU H 31 -33.02 121.26 -90.96
C LEU H 31 -31.73 120.45 -91.18
N PRO H 32 -31.55 119.88 -92.37
CA PRO H 32 -30.27 119.25 -92.69
C PRO H 32 -29.20 120.31 -92.90
N GLN H 33 -27.96 119.92 -92.64
CA GLN H 33 -26.84 120.82 -92.88
C GLN H 33 -26.56 120.92 -94.37
N ILE H 34 -25.85 121.97 -94.75
CA ILE H 34 -25.48 122.20 -96.14
C ILE H 34 -23.96 122.23 -96.22
N ALA H 35 -23.41 121.55 -97.22
CA ALA H 35 -21.98 121.57 -97.46
C ALA H 35 -21.74 122.00 -98.90
N VAL H 36 -20.86 122.99 -99.10
CA VAL H 36 -20.52 123.47 -100.43
C VAL H 36 -19.16 122.89 -100.80
N VAL H 37 -19.10 122.18 -101.92
CA VAL H 37 -17.88 121.49 -102.34
C VAL H 37 -17.68 121.67 -103.84
N GLY H 38 -16.42 121.59 -104.25
CA GLY H 38 -16.09 121.75 -105.65
C GLY H 38 -14.58 121.72 -105.84
N GLY H 39 -14.17 122.06 -107.04
CA GLY H 39 -12.76 122.17 -107.34
C GLY H 39 -12.17 123.47 -106.83
N GLN H 40 -10.84 123.52 -106.82
CA GLN H 40 -10.16 124.74 -106.41
C GLN H 40 -10.45 125.87 -107.38
N SER H 41 -10.70 127.06 -106.84
CA SER H 41 -11.05 128.25 -107.60
C SER H 41 -12.36 128.07 -108.38
N ALA H 42 -13.25 127.22 -107.90
CA ALA H 42 -14.55 127.06 -108.55
C ALA H 42 -15.44 128.26 -108.30
N GLY H 43 -15.50 128.73 -107.06
CA GLY H 43 -16.41 129.81 -106.69
C GLY H 43 -17.26 129.44 -105.49
N LYS H 44 -16.80 128.44 -104.74
CA LYS H 44 -17.59 127.88 -103.65
C LYS H 44 -17.87 128.91 -102.56
N SER H 45 -16.82 129.60 -102.09
CA SER H 45 -17.00 130.59 -101.04
C SER H 45 -17.87 131.74 -101.51
N SER H 46 -17.70 132.17 -102.76
CA SER H 46 -18.51 133.26 -103.27
C SER H 46 -19.98 132.89 -103.35
N VAL H 47 -20.28 131.68 -103.82
CA VAL H 47 -21.67 131.22 -103.84
C VAL H 47 -22.23 131.16 -102.43
N LEU H 48 -21.43 130.66 -101.48
CA LEU H 48 -21.91 130.57 -100.11
C LEU H 48 -22.23 131.94 -99.53
N GLU H 49 -21.35 132.92 -99.73
CA GLU H 49 -21.61 134.23 -99.15
C GLU H 49 -22.77 134.92 -99.86
N ASN H 50 -22.94 134.69 -101.16
CA ASN H 50 -24.07 135.29 -101.85
C ASN H 50 -25.38 134.65 -101.42
N PHE H 51 -25.37 133.36 -101.09
CA PHE H 51 -26.55 132.73 -100.52
C PHE H 51 -26.86 133.27 -99.13
N VAL H 52 -25.81 133.51 -98.33
CA VAL H 52 -26.03 134.12 -97.01
C VAL H 52 -26.63 135.51 -97.17
N GLY H 53 -26.10 136.30 -98.11
CA GLY H 53 -26.57 137.64 -98.37
C GLY H 53 -25.61 138.73 -97.98
N ARG H 54 -24.58 138.41 -97.21
CA ARG H 54 -23.67 139.41 -96.67
C ARG H 54 -22.24 138.93 -96.84
N ASP H 55 -21.34 139.84 -97.22
CA ASP H 55 -19.99 139.50 -97.67
C ASP H 55 -19.06 139.43 -96.46
N PHE H 56 -18.77 138.20 -96.01
CA PHE H 56 -17.89 138.01 -94.87
C PHE H 56 -16.98 136.78 -95.06
N LEU H 57 -16.64 136.46 -96.30
CA LEU H 57 -15.85 135.27 -96.57
C LEU H 57 -14.62 135.61 -97.40
N PRO H 58 -13.51 134.90 -97.17
CA PRO H 58 -12.30 135.16 -97.95
C PRO H 58 -12.48 134.69 -99.39
N ARG H 59 -12.26 135.60 -100.34
CA ARG H 59 -12.46 135.30 -101.75
C ARG H 59 -11.34 135.95 -102.56
N GLY H 60 -10.53 135.12 -103.21
CA GLY H 60 -9.46 135.62 -104.05
C GLY H 60 -8.93 134.52 -104.95
N SER H 61 -8.06 134.92 -105.88
CA SER H 61 -7.44 133.95 -106.76
C SER H 61 -6.45 133.10 -106.00
N GLY H 62 -6.20 131.91 -106.53
CA GLY H 62 -5.32 130.96 -105.86
C GLY H 62 -6.06 130.20 -104.77
N ILE H 63 -5.29 129.62 -103.86
CA ILE H 63 -5.85 128.91 -102.72
C ILE H 63 -6.22 129.92 -101.64
N VAL H 64 -7.50 129.96 -101.29
CA VAL H 64 -7.99 130.95 -100.33
C VAL H 64 -8.71 130.25 -99.19
N THR H 65 -9.77 129.51 -99.49
CA THR H 65 -10.54 128.79 -98.48
C THR H 65 -9.74 127.56 -98.07
N ARG H 66 -8.78 127.78 -97.17
CA ARG H 66 -7.81 126.75 -96.81
C ARG H 66 -8.09 126.13 -95.44
N ARG H 67 -9.32 126.20 -94.95
CA ARG H 67 -9.66 125.57 -93.68
C ARG H 67 -11.16 125.43 -93.59
N PRO H 68 -11.69 124.29 -93.16
CA PRO H 68 -13.14 124.07 -93.19
C PRO H 68 -13.88 125.01 -92.24
N LEU H 69 -14.68 125.89 -92.82
CA LEU H 69 -15.45 126.87 -92.07
C LEU H 69 -16.84 126.30 -91.80
N VAL H 70 -17.13 126.01 -90.53
CA VAL H 70 -18.44 125.52 -90.11
C VAL H 70 -19.23 126.76 -89.66
N LEU H 71 -19.97 127.32 -90.59
CA LEU H 71 -20.90 128.42 -90.34
C LEU H 71 -22.18 127.90 -89.72
N GLN H 72 -22.72 128.66 -88.78
CA GLN H 72 -24.07 128.40 -88.26
C GLN H 72 -24.86 129.70 -88.30
N LEU H 73 -25.72 129.82 -89.30
CA LEU H 73 -26.68 130.92 -89.34
C LEU H 73 -27.79 130.64 -88.34
N VAL H 74 -28.01 131.58 -87.42
CA VAL H 74 -29.05 131.45 -86.41
C VAL H 74 -29.89 132.72 -86.40
N ASN H 75 -31.05 132.64 -85.76
CA ASN H 75 -32.00 133.72 -85.74
C ASN H 75 -31.95 134.46 -84.40
N ALA H 76 -31.97 135.79 -84.47
CA ALA H 76 -31.97 136.62 -83.27
C ALA H 76 -32.50 138.00 -83.67
N THR H 77 -32.49 138.92 -82.70
CA THR H 77 -33.07 140.24 -82.93
C THR H 77 -32.27 141.02 -83.97
N THR H 78 -30.96 141.11 -83.80
CA THR H 78 -30.10 141.84 -84.72
C THR H 78 -28.81 141.07 -84.94
N GLU H 79 -28.09 141.48 -85.98
CA GLU H 79 -27.03 140.66 -86.56
C GLU H 79 -25.66 140.97 -85.95
N TYR H 80 -24.90 139.90 -85.73
CA TYR H 80 -23.48 139.97 -85.38
C TYR H 80 -22.88 138.60 -85.67
N ALA H 81 -21.64 138.40 -85.25
CA ALA H 81 -20.97 137.12 -85.45
C ALA H 81 -20.05 136.83 -84.29
N GLU H 82 -19.94 135.54 -83.95
CA GLU H 82 -19.06 135.09 -82.89
C GLU H 82 -18.32 133.84 -83.31
N PHE H 83 -17.03 133.79 -83.00
CA PHE H 83 -16.23 132.61 -83.24
C PHE H 83 -16.26 131.74 -81.98
N LEU H 84 -15.42 130.71 -81.95
CA LEU H 84 -15.22 129.91 -80.74
C LEU H 84 -13.81 130.06 -80.18
N HIS H 85 -13.12 131.13 -80.54
CA HIS H 85 -11.84 131.45 -79.94
C HIS H 85 -11.81 132.86 -79.36
N CYS H 86 -12.47 133.82 -79.99
CA CYS H 86 -12.62 135.16 -79.42
C CYS H 86 -13.88 135.21 -78.55
N LYS H 87 -13.89 134.34 -77.54
CA LYS H 87 -15.06 134.18 -76.69
C LYS H 87 -15.41 135.49 -76.01
N GLY H 88 -16.69 135.84 -76.05
CA GLY H 88 -17.19 137.10 -75.52
C GLY H 88 -17.24 138.20 -76.55
N LYS H 89 -16.27 138.24 -77.46
CA LYS H 89 -16.24 139.28 -78.47
C LYS H 89 -17.38 139.10 -79.45
N LYS H 90 -17.91 140.23 -79.94
CA LYS H 90 -19.04 140.25 -80.87
C LYS H 90 -18.62 141.01 -82.12
N PHE H 91 -18.03 140.29 -83.06
CA PHE H 91 -17.68 140.90 -84.34
C PHE H 91 -18.93 141.40 -85.03
N THR H 92 -18.86 142.63 -85.53
CA THR H 92 -20.03 143.27 -86.11
C THR H 92 -19.82 143.73 -87.54
N ASP H 93 -18.63 144.26 -87.86
CA ASP H 93 -18.35 144.68 -89.22
C ASP H 93 -17.61 143.57 -89.97
N PHE H 94 -18.12 143.27 -91.17
CA PHE H 94 -17.73 142.06 -91.87
C PHE H 94 -16.35 142.14 -92.48
N GLU H 95 -15.81 143.34 -92.70
CA GLU H 95 -14.39 143.45 -93.01
C GLU H 95 -13.54 142.90 -91.88
N GLU H 96 -13.86 143.29 -90.65
CA GLU H 96 -13.17 142.72 -89.49
C GLU H 96 -13.42 141.22 -89.39
N VAL H 97 -14.64 140.78 -89.70
CA VAL H 97 -14.92 139.34 -89.64
C VAL H 97 -14.03 138.57 -90.62
N ARG H 98 -13.93 139.08 -91.85
CA ARG H 98 -13.13 138.40 -92.86
C ARG H 98 -11.65 138.41 -92.49
N LEU H 99 -11.15 139.55 -91.98
CA LEU H 99 -9.75 139.62 -91.58
C LEU H 99 -9.47 138.64 -90.45
N GLU H 100 -10.39 138.54 -89.48
CA GLU H 100 -10.23 137.57 -88.40
C GLU H 100 -10.24 136.15 -88.94
N ILE H 101 -11.10 135.87 -89.92
CA ILE H 101 -11.15 134.53 -90.50
C ILE H 101 -9.81 134.17 -91.13
N GLU H 102 -9.28 135.06 -91.96
CA GLU H 102 -8.02 134.74 -92.65
C GLU H 102 -6.87 134.65 -91.67
N ALA H 103 -6.85 135.51 -90.65
CA ALA H 103 -5.81 135.43 -89.63
C ALA H 103 -5.90 134.12 -88.86
N GLU H 104 -7.12 133.68 -88.54
CA GLU H 104 -7.29 132.41 -87.84
C GLU H 104 -6.81 131.25 -88.69
N THR H 105 -7.11 131.28 -90.00
CA THR H 105 -6.60 130.24 -90.88
C THR H 105 -5.07 130.23 -90.88
N ASP H 106 -4.46 131.41 -90.99
CA ASP H 106 -3.01 131.47 -91.08
C ASP H 106 -2.34 131.04 -89.79
N ARG H 107 -2.96 131.32 -88.64
CA ARG H 107 -2.31 131.04 -87.37
C ARG H 107 -2.06 129.56 -87.13
N VAL H 108 -2.71 128.67 -87.88
CA VAL H 108 -2.48 127.25 -87.78
C VAL H 108 -1.95 126.66 -89.08
N THR H 109 -2.44 127.12 -90.22
CA THR H 109 -2.01 126.55 -91.49
C THR H 109 -0.62 127.03 -91.88
N GLY H 110 -0.31 128.30 -91.63
CA GLY H 110 0.89 128.92 -92.12
C GLY H 110 0.63 129.81 -93.33
N THR H 111 1.67 130.52 -93.73
CA THR H 111 1.57 131.50 -94.80
C THR H 111 2.25 131.01 -96.08
N ASN H 112 2.15 129.71 -96.37
CA ASN H 112 2.71 129.13 -97.57
C ASN H 112 1.73 128.13 -98.19
N LYS H 113 0.46 128.53 -98.25
CA LYS H 113 -0.60 127.78 -98.91
C LYS H 113 -0.85 126.42 -98.25
N GLY H 114 -0.41 126.23 -97.01
CA GLY H 114 -0.77 125.02 -96.30
C GLY H 114 -2.23 125.02 -95.86
N ILE H 115 -2.74 123.83 -95.56
CA ILE H 115 -4.12 123.67 -95.12
C ILE H 115 -4.14 122.88 -93.82
N SER H 116 -5.29 122.91 -93.16
CA SER H 116 -5.48 122.23 -91.89
C SER H 116 -6.92 121.74 -91.79
N PRO H 117 -7.15 120.49 -91.43
CA PRO H 117 -8.52 119.96 -91.37
C PRO H 117 -9.31 120.37 -90.15
N VAL H 118 -8.71 121.11 -89.21
CA VAL H 118 -9.41 121.49 -87.98
C VAL H 118 -10.44 122.57 -88.28
N PRO H 119 -11.71 122.34 -87.96
CA PRO H 119 -12.76 123.26 -88.39
C PRO H 119 -12.71 124.58 -87.62
N ILE H 120 -13.03 125.66 -88.34
CA ILE H 120 -13.27 126.96 -87.74
C ILE H 120 -14.77 127.07 -87.48
N ASN H 121 -15.16 127.03 -86.21
CA ASN H 121 -16.59 127.07 -85.84
C ASN H 121 -16.99 128.53 -85.71
N LEU H 122 -17.88 128.99 -86.59
CA LEU H 122 -18.34 130.37 -86.59
C LEU H 122 -19.85 130.38 -86.53
N ARG H 123 -20.41 131.40 -85.88
CA ARG H 123 -21.85 131.55 -85.77
C ARG H 123 -22.24 132.97 -86.14
N VAL H 124 -23.27 133.12 -86.96
CA VAL H 124 -23.79 134.42 -87.37
C VAL H 124 -25.23 134.50 -86.90
N TYR H 125 -25.63 135.70 -86.47
CA TYR H 125 -27.01 135.95 -86.07
C TYR H 125 -27.66 136.85 -87.12
N SER H 126 -28.94 136.60 -87.36
CA SER H 126 -29.67 137.35 -88.37
C SER H 126 -31.15 137.31 -88.04
N PRO H 127 -31.92 138.31 -88.47
CA PRO H 127 -33.34 138.36 -88.07
C PRO H 127 -34.23 137.35 -88.77
N HIS H 128 -33.93 137.00 -90.02
CA HIS H 128 -34.84 136.19 -90.83
C HIS H 128 -34.10 135.07 -91.55
N VAL H 129 -33.30 134.30 -90.81
CA VAL H 129 -32.64 133.13 -91.37
C VAL H 129 -32.96 131.92 -90.52
N LEU H 130 -32.86 130.75 -91.13
CA LEU H 130 -33.05 129.50 -90.42
C LEU H 130 -31.88 129.23 -89.50
N ASN H 131 -32.05 128.27 -88.60
CA ASN H 131 -30.93 127.72 -87.84
C ASN H 131 -30.16 126.73 -88.71
N LEU H 132 -29.56 127.28 -89.76
CA LEU H 132 -28.88 126.46 -90.74
C LEU H 132 -27.50 126.06 -90.23
N THR H 133 -26.82 125.20 -90.98
CA THR H 133 -25.45 124.77 -90.66
C THR H 133 -24.71 124.66 -91.99
N LEU H 134 -24.06 125.74 -92.37
CA LEU H 134 -23.31 125.78 -93.63
C LEU H 134 -21.89 125.30 -93.39
N VAL H 135 -21.32 124.66 -94.39
CA VAL H 135 -19.95 124.16 -94.32
C VAL H 135 -19.23 124.55 -95.60
N ASP H 136 -18.32 125.51 -95.50
CA ASP H 136 -17.43 125.83 -96.60
C ASP H 136 -16.17 125.00 -96.45
N LEU H 137 -15.70 124.45 -97.55
CA LEU H 137 -14.58 123.51 -97.56
C LEU H 137 -13.56 123.93 -98.59
N PRO H 138 -12.30 123.53 -98.42
CA PRO H 138 -11.30 123.77 -99.46
C PRO H 138 -11.60 122.98 -100.72
N GLY H 139 -11.17 123.55 -101.84
CA GLY H 139 -11.33 122.86 -103.12
C GLY H 139 -10.42 121.66 -103.22
N MET H 140 -10.68 120.85 -104.24
CA MET H 140 -9.95 119.61 -104.44
C MET H 140 -8.77 119.85 -105.39
N THR H 141 -7.59 119.45 -104.96
CA THR H 141 -6.37 119.60 -105.74
C THR H 141 -5.65 118.26 -105.79
N LYS H 142 -4.84 118.07 -106.83
CA LYS H 142 -4.09 116.84 -107.02
C LYS H 142 -2.60 117.00 -106.78
N VAL H 143 -1.98 118.04 -107.34
CA VAL H 143 -0.56 118.30 -107.18
C VAL H 143 -0.35 119.24 -106.01
N PRO H 144 0.44 118.88 -105.00
CA PRO H 144 0.73 119.81 -103.91
C PRO H 144 1.49 121.03 -104.42
N VAL H 145 1.20 122.18 -103.80
CA VAL H 145 1.86 123.43 -104.11
C VAL H 145 2.31 124.06 -102.78
N GLY H 146 3.40 124.81 -102.84
CA GLY H 146 3.93 125.39 -101.61
C GLY H 146 4.50 124.31 -100.73
N ASP H 147 4.07 124.28 -99.47
CA ASP H 147 4.59 123.33 -98.49
C ASP H 147 3.58 122.25 -98.14
N GLN H 148 2.56 122.05 -98.96
CA GLN H 148 1.58 121.01 -98.69
C GLN H 148 2.25 119.64 -98.77
N PRO H 149 1.77 118.68 -97.98
CA PRO H 149 2.32 117.32 -98.05
C PRO H 149 2.02 116.69 -99.40
N PRO H 150 2.80 115.70 -99.82
CA PRO H 150 2.59 115.10 -101.15
C PRO H 150 1.22 114.46 -101.33
N ASP H 151 0.54 114.08 -100.25
CA ASP H 151 -0.77 113.45 -100.32
C ASP H 151 -1.89 114.45 -100.09
N ILE H 152 -1.71 115.69 -100.56
CA ILE H 152 -2.69 116.74 -100.34
C ILE H 152 -4.03 116.37 -100.97
N GLU H 153 -4.00 115.63 -102.09
CA GLU H 153 -5.25 115.22 -102.72
C GLU H 153 -6.07 114.35 -101.80
N PHE H 154 -5.47 113.29 -101.26
CA PHE H 154 -6.18 112.42 -100.34
C PHE H 154 -6.58 113.16 -99.07
N GLN H 155 -5.72 114.07 -98.61
CA GLN H 155 -6.03 114.83 -97.41
C GLN H 155 -7.30 115.64 -97.59
N ILE H 156 -7.37 116.44 -98.66
CA ILE H 156 -8.58 117.22 -98.91
C ILE H 156 -9.77 116.29 -99.16
N ARG H 157 -9.55 115.20 -99.90
CA ARG H 157 -10.63 114.29 -100.23
C ARG H 157 -11.29 113.74 -98.98
N ASP H 158 -10.54 113.02 -98.15
CA ASP H 158 -11.17 112.43 -96.97
C ASP H 158 -11.56 113.49 -95.95
N MET H 159 -10.89 114.64 -95.95
CA MET H 159 -11.26 115.72 -95.04
C MET H 159 -12.66 116.24 -95.34
N LEU H 160 -13.00 116.41 -96.60
CA LEU H 160 -14.36 116.82 -96.93
C LEU H 160 -15.33 115.63 -96.99
N MET H 161 -14.81 114.42 -97.19
CA MET H 161 -15.67 113.24 -97.14
C MET H 161 -16.23 113.03 -95.74
N GLN H 162 -15.41 113.27 -94.71
CA GLN H 162 -15.87 113.13 -93.35
C GLN H 162 -17.00 114.10 -93.01
N PHE H 163 -17.17 115.16 -93.80
CA PHE H 163 -18.29 116.08 -93.62
C PHE H 163 -19.46 115.81 -94.56
N VAL H 164 -19.21 115.27 -95.74
CA VAL H 164 -20.27 115.12 -96.73
C VAL H 164 -20.95 113.76 -96.61
N THR H 165 -20.18 112.71 -96.32
CA THR H 165 -20.73 111.36 -96.35
C THR H 165 -21.82 111.13 -95.31
N LYS H 166 -21.92 111.99 -94.30
CA LYS H 166 -23.02 111.88 -93.35
C LYS H 166 -24.33 112.24 -94.02
N GLU H 167 -25.42 111.64 -93.53
CA GLU H 167 -26.74 111.90 -94.07
C GLU H 167 -27.18 113.31 -93.64
N ASN H 168 -28.37 113.71 -94.08
CA ASN H 168 -28.92 115.05 -93.87
C ASN H 168 -27.86 116.13 -94.12
N CYS H 169 -27.08 115.94 -95.19
CA CYS H 169 -26.04 116.88 -95.59
C CYS H 169 -26.25 117.18 -97.07
N LEU H 170 -27.03 118.21 -97.36
CA LEU H 170 -27.21 118.64 -98.74
C LEU H 170 -25.87 119.04 -99.31
N ILE H 171 -25.70 118.80 -100.60
CA ILE H 171 -24.43 119.04 -101.29
C ILE H 171 -24.65 120.12 -102.33
N LEU H 172 -23.81 121.15 -102.31
CA LEU H 172 -23.75 122.14 -103.38
C LEU H 172 -22.50 121.83 -104.19
N ALA H 173 -22.69 121.18 -105.33
CA ALA H 173 -21.60 120.82 -106.24
C ALA H 173 -21.34 122.01 -107.14
N VAL H 174 -20.26 122.72 -106.84
CA VAL H 174 -19.90 123.93 -107.58
C VAL H 174 -18.95 123.55 -108.69
N SER H 175 -19.26 123.98 -109.91
CA SER H 175 -18.37 123.74 -111.02
C SER H 175 -18.29 125.00 -111.87
N PRO H 176 -17.10 125.36 -112.35
CA PRO H 176 -17.00 126.50 -113.26
C PRO H 176 -17.56 126.15 -114.62
N ALA H 177 -17.91 127.17 -115.37
CA ALA H 177 -18.30 127.02 -116.76
C ALA H 177 -17.11 127.09 -117.70
N ASN H 178 -15.90 127.22 -117.16
CA ASN H 178 -14.71 127.29 -118.00
C ASN H 178 -14.25 125.91 -118.41
N SER H 179 -13.90 125.07 -117.44
CA SER H 179 -13.55 123.69 -117.73
C SER H 179 -14.78 122.93 -118.21
N ASP H 180 -14.55 121.93 -119.06
CA ASP H 180 -15.64 121.06 -119.47
C ASP H 180 -16.20 120.33 -118.26
N LEU H 181 -17.53 120.17 -118.25
CA LEU H 181 -18.21 119.66 -117.07
C LEU H 181 -17.71 118.27 -116.68
N ALA H 182 -17.16 117.53 -117.64
CA ALA H 182 -16.70 116.17 -117.38
C ALA H 182 -15.57 116.11 -116.35
N ASN H 183 -14.88 117.22 -116.12
CA ASN H 183 -13.76 117.26 -115.18
C ASN H 183 -14.18 117.60 -113.77
N SER H 184 -15.47 117.77 -113.49
CA SER H 184 -15.91 118.36 -112.24
C SER H 184 -15.58 117.51 -111.02
N ASP H 185 -14.59 117.97 -110.25
CA ASP H 185 -14.28 117.32 -108.97
C ASP H 185 -15.46 117.36 -108.02
N ALA H 186 -16.35 118.35 -108.17
CA ALA H 186 -17.55 118.38 -107.37
C ALA H 186 -18.50 117.25 -107.75
N LEU H 187 -18.73 117.08 -109.05
CA LEU H 187 -19.65 116.04 -109.50
C LEU H 187 -19.12 114.65 -109.20
N LYS H 188 -17.80 114.47 -109.24
CA LYS H 188 -17.24 113.15 -108.90
C LYS H 188 -17.64 112.75 -107.49
N VAL H 189 -17.40 113.63 -106.52
CA VAL H 189 -17.75 113.33 -105.13
C VAL H 189 -19.27 113.24 -104.97
N ALA H 190 -20.00 114.09 -105.69
CA ALA H 190 -21.45 114.08 -105.58
C ALA H 190 -22.03 112.75 -106.00
N LYS H 191 -21.61 112.24 -107.16
CA LYS H 191 -22.08 110.94 -107.61
C LYS H 191 -21.45 109.79 -106.82
N GLU H 192 -20.34 110.03 -106.14
CA GLU H 192 -19.73 108.98 -105.32
C GLU H 192 -20.49 108.76 -104.02
N VAL H 193 -20.97 109.84 -103.40
CA VAL H 193 -21.58 109.73 -102.08
C VAL H 193 -23.10 109.72 -102.17
N ASP H 194 -23.65 110.33 -103.22
CA ASP H 194 -25.09 110.45 -103.42
C ASP H 194 -25.38 109.95 -104.83
N PRO H 195 -25.46 108.63 -105.02
CA PRO H 195 -25.61 108.11 -106.39
C PRO H 195 -26.89 108.56 -107.07
N GLN H 196 -28.03 108.42 -106.40
CA GLN H 196 -29.30 108.80 -107.00
C GLN H 196 -29.45 110.30 -107.15
N GLY H 197 -28.58 111.10 -106.54
CA GLY H 197 -28.69 112.54 -106.64
C GLY H 197 -29.92 113.11 -105.98
N GLN H 198 -30.27 112.62 -104.79
CA GLN H 198 -31.45 113.11 -104.09
C GLN H 198 -31.14 114.21 -103.09
N ARG H 199 -29.88 114.40 -102.72
CA ARG H 199 -29.48 115.50 -101.84
C ARG H 199 -28.32 116.26 -102.45
N THR H 200 -28.30 116.37 -103.77
CA THR H 200 -27.23 117.03 -104.51
C THR H 200 -27.84 118.09 -105.41
N ILE H 201 -27.25 119.28 -105.41
CA ILE H 201 -27.67 120.37 -106.28
C ILE H 201 -26.44 120.91 -106.98
N GLY H 202 -26.52 121.03 -108.30
CA GLY H 202 -25.39 121.48 -109.11
C GLY H 202 -25.50 122.96 -109.44
N VAL H 203 -24.39 123.67 -109.28
CA VAL H 203 -24.32 125.08 -109.60
C VAL H 203 -23.16 125.32 -110.54
N ILE H 204 -23.39 126.12 -111.57
CA ILE H 204 -22.42 126.43 -112.61
C ILE H 204 -22.06 127.90 -112.45
N THR H 205 -20.80 128.16 -112.14
CA THR H 205 -20.31 129.52 -111.94
C THR H 205 -19.57 129.99 -113.17
N LYS H 206 -19.11 131.24 -113.13
CA LYS H 206 -18.22 131.80 -114.14
C LYS H 206 -18.82 131.72 -115.54
N LEU H 207 -20.14 131.82 -115.65
CA LEU H 207 -20.79 131.75 -116.96
C LEU H 207 -20.41 132.93 -117.85
N ASP H 208 -19.82 133.97 -117.31
CA ASP H 208 -19.35 135.10 -118.10
C ASP H 208 -17.94 134.90 -118.64
N LEU H 209 -17.27 133.82 -118.27
CA LEU H 209 -15.89 133.57 -118.65
C LEU H 209 -15.75 132.47 -119.69
N MET H 210 -16.82 132.15 -120.40
CA MET H 210 -16.78 131.09 -121.39
C MET H 210 -16.18 131.59 -122.69
N ASP H 211 -15.57 130.68 -123.44
CA ASP H 211 -14.88 131.03 -124.66
C ASP H 211 -15.85 131.56 -125.71
N GLU H 212 -15.34 132.42 -126.58
CA GLU H 212 -16.15 132.98 -127.65
C GLU H 212 -16.73 131.87 -128.51
N GLY H 213 -18.03 131.97 -128.80
CA GLY H 213 -18.70 130.98 -129.60
C GLY H 213 -19.18 129.76 -128.83
N THR H 214 -18.86 129.66 -127.55
CA THR H 214 -19.30 128.56 -126.72
C THR H 214 -20.37 129.03 -125.74
N ASP H 215 -21.23 128.10 -125.34
CA ASP H 215 -22.30 128.40 -124.40
C ASP H 215 -22.60 127.14 -123.58
N ALA H 216 -23.11 127.35 -122.37
CA ALA H 216 -23.44 126.26 -121.46
C ALA H 216 -24.89 125.83 -121.56
N ARG H 217 -25.50 125.99 -122.74
CA ARG H 217 -26.90 125.61 -122.90
C ARG H 217 -27.10 124.12 -122.67
N ASP H 218 -26.21 123.30 -123.24
CA ASP H 218 -26.37 121.85 -123.17
C ASP H 218 -26.31 121.32 -121.74
N VAL H 219 -25.67 122.06 -120.83
CA VAL H 219 -25.52 121.59 -119.45
C VAL H 219 -26.57 122.25 -118.57
N LEU H 220 -26.92 123.51 -118.86
CA LEU H 220 -27.94 124.18 -118.06
C LEU H 220 -29.33 123.64 -118.35
N GLU H 221 -29.57 123.14 -119.56
CA GLU H 221 -30.81 122.42 -119.83
C GLU H 221 -30.79 121.00 -119.26
N ASN H 222 -29.78 120.67 -118.46
CA ASN H 222 -29.70 119.39 -117.75
C ASN H 222 -29.75 118.21 -118.72
N LYS H 223 -29.15 118.39 -119.90
CA LYS H 223 -29.10 117.35 -120.91
C LYS H 223 -27.73 116.67 -121.00
N LEU H 224 -26.66 117.45 -120.92
CA LEU H 224 -25.31 116.88 -121.07
C LEU H 224 -25.03 115.85 -119.98
N LEU H 225 -25.24 116.22 -118.72
CA LEU H 225 -25.14 115.30 -117.59
C LEU H 225 -26.43 115.44 -116.79
N PRO H 226 -27.48 114.70 -117.17
CA PRO H 226 -28.77 114.84 -116.49
C PRO H 226 -28.68 114.58 -115.00
N LEU H 227 -28.92 115.62 -114.21
CA LEU H 227 -28.99 115.53 -112.76
C LEU H 227 -30.41 115.85 -112.32
N ARG H 228 -30.88 115.16 -111.28
CA ARG H 228 -32.29 115.24 -110.91
C ARG H 228 -32.69 116.66 -110.54
N ARG H 229 -31.87 117.34 -109.74
CA ARG H 229 -32.26 118.63 -109.20
C ARG H 229 -31.98 119.79 -110.14
N GLY H 230 -31.32 119.55 -111.27
CA GLY H 230 -31.03 120.59 -112.22
C GLY H 230 -29.78 121.38 -111.86
N TYR H 231 -29.37 122.23 -112.80
CA TYR H 231 -28.17 123.04 -112.65
C TYR H 231 -28.55 124.51 -112.63
N ILE H 232 -28.14 125.21 -111.59
CA ILE H 232 -28.41 126.63 -111.43
C ILE H 232 -27.17 127.42 -111.83
N GLY H 233 -27.33 128.38 -112.73
CA GLY H 233 -26.22 129.16 -113.22
C GLY H 233 -26.12 130.50 -112.51
N VAL H 234 -24.95 130.76 -111.95
CA VAL H 234 -24.72 132.00 -111.20
C VAL H 234 -23.52 132.72 -111.80
N VAL H 235 -23.48 134.03 -111.60
CA VAL H 235 -22.38 134.87 -112.08
C VAL H 235 -21.96 135.80 -110.95
N ASN H 236 -20.87 135.47 -110.27
CA ASN H 236 -20.41 136.21 -109.12
C ASN H 236 -19.62 137.44 -109.55
N ARG H 237 -18.93 138.07 -108.61
CA ARG H 237 -18.11 139.24 -108.90
C ARG H 237 -16.71 138.82 -109.28
N SER H 238 -16.20 139.38 -110.37
CA SER H 238 -14.85 139.07 -110.83
C SER H 238 -13.81 139.54 -109.81
N GLN H 239 -12.57 139.11 -110.02
CA GLN H 239 -11.50 139.52 -109.11
C GLN H 239 -11.27 141.02 -109.17
N LYS H 240 -11.40 141.61 -110.36
CA LYS H 240 -11.31 143.06 -110.47
C LYS H 240 -12.40 143.73 -109.64
N ASP H 241 -13.63 143.21 -109.71
CA ASP H 241 -14.71 143.78 -108.91
C ASP H 241 -14.46 143.60 -107.43
N ILE H 242 -13.90 142.47 -107.03
CA ILE H 242 -13.58 142.24 -105.62
C ILE H 242 -12.56 143.25 -105.14
N ASP H 243 -11.53 143.50 -105.95
CA ASP H 243 -10.53 144.51 -105.57
C ASP H 243 -11.13 145.91 -105.58
N GLY H 244 -12.07 146.18 -106.47
CA GLY H 244 -12.75 147.46 -106.53
C GLY H 244 -13.94 147.60 -105.60
N LYS H 245 -14.18 146.59 -104.76
CA LYS H 245 -15.24 146.63 -103.75
C LYS H 245 -16.61 146.84 -104.37
N LYS H 246 -16.94 146.00 -105.36
CA LYS H 246 -18.26 146.03 -105.95
C LYS H 246 -19.29 145.53 -104.94
N ASP H 247 -20.47 146.14 -104.98
CA ASP H 247 -21.52 145.85 -104.01
C ASP H 247 -22.49 144.79 -104.55
N ILE H 248 -23.13 144.09 -103.61
CA ILE H 248 -23.97 142.94 -103.94
C ILE H 248 -25.12 143.35 -104.84
N THR H 249 -25.75 144.50 -104.56
CA THR H 249 -26.94 144.88 -105.31
C THR H 249 -26.63 145.13 -106.78
N ALA H 250 -25.60 145.93 -107.07
CA ALA H 250 -25.24 146.18 -108.46
C ALA H 250 -24.68 144.92 -109.11
N ALA H 251 -24.00 144.07 -108.33
CA ALA H 251 -23.54 142.80 -108.89
C ALA H 251 -24.71 141.94 -109.35
N LEU H 252 -25.77 141.87 -108.52
CA LEU H 252 -26.95 141.10 -108.89
C LEU H 252 -27.65 141.73 -110.09
N ALA H 253 -27.70 143.06 -110.13
CA ALA H 253 -28.30 143.72 -111.29
C ALA H 253 -27.54 143.40 -112.56
N ALA H 254 -26.20 143.40 -112.49
CA ALA H 254 -25.40 143.05 -113.66
C ALA H 254 -25.60 141.59 -114.05
N GLU H 255 -25.73 140.70 -113.08
CA GLU H 255 -26.00 139.29 -113.39
C GLU H 255 -27.33 139.13 -114.10
N ARG H 256 -28.36 139.83 -113.61
CA ARG H 256 -29.66 139.78 -114.26
C ARG H 256 -29.58 140.34 -115.68
N LYS H 257 -28.84 141.43 -115.87
CA LYS H 257 -28.66 141.99 -117.21
C LYS H 257 -27.97 141.00 -118.13
N PHE H 258 -26.93 140.33 -117.63
CA PHE H 258 -26.23 139.34 -118.45
C PHE H 258 -27.13 138.19 -118.85
N PHE H 259 -27.93 137.68 -117.90
CA PHE H 259 -28.85 136.59 -118.24
C PHE H 259 -29.92 137.04 -119.22
N LEU H 260 -30.41 138.27 -119.12
CA LEU H 260 -31.39 138.74 -120.09
C LEU H 260 -30.78 139.08 -121.45
N SER H 261 -29.48 139.39 -121.50
CA SER H 261 -28.85 139.76 -122.76
C SER H 261 -28.25 138.59 -123.51
N HIS H 262 -27.81 137.56 -122.84
CA HIS H 262 -27.16 136.45 -123.52
C HIS H 262 -28.19 135.65 -124.30
N PRO H 263 -28.02 135.49 -125.61
CA PRO H 263 -29.05 134.78 -126.41
C PRO H 263 -29.23 133.32 -126.03
N SER H 264 -28.23 132.70 -125.42
CA SER H 264 -28.31 131.27 -125.12
C SER H 264 -28.84 130.97 -123.72
N TYR H 265 -29.23 132.00 -122.96
CA TYR H 265 -29.73 131.77 -121.61
C TYR H 265 -31.00 132.54 -121.27
N ARG H 266 -31.43 133.50 -122.11
CA ARG H 266 -32.56 134.33 -121.75
C ARG H 266 -33.84 133.52 -121.58
N HIS H 267 -33.97 132.40 -122.30
CA HIS H 267 -35.12 131.54 -122.12
C HIS H 267 -35.12 130.82 -120.79
N LEU H 268 -33.99 130.84 -120.07
CA LEU H 268 -33.91 130.26 -118.73
C LEU H 268 -33.50 131.29 -117.68
N ALA H 269 -33.57 132.58 -118.02
CA ALA H 269 -33.14 133.62 -117.08
C ALA H 269 -33.96 133.55 -115.79
N ASP H 270 -35.24 133.22 -115.89
CA ASP H 270 -36.08 133.12 -114.70
C ASP H 270 -35.58 132.04 -113.76
N ARG H 271 -35.19 130.89 -114.30
CA ARG H 271 -34.70 129.79 -113.48
C ARG H 271 -33.22 129.88 -113.16
N MET H 272 -32.50 130.83 -113.74
CA MET H 272 -31.10 131.02 -113.41
C MET H 272 -30.93 132.18 -112.42
N GLY H 273 -29.74 132.26 -111.84
CA GLY H 273 -29.43 133.34 -110.93
C GLY H 273 -29.36 132.88 -109.48
N THR H 274 -28.65 133.67 -108.68
CA THR H 274 -28.52 133.38 -107.25
C THR H 274 -29.85 133.36 -106.50
N PRO H 275 -30.77 134.32 -106.69
CA PRO H 275 -32.05 134.24 -105.97
C PRO H 275 -32.79 132.94 -106.21
N TYR H 276 -32.71 132.39 -107.43
CA TYR H 276 -33.34 131.11 -107.68
C TYR H 276 -32.68 130.00 -106.87
N LEU H 277 -31.35 130.06 -106.71
CA LEU H 277 -30.66 129.08 -105.88
C LEU H 277 -31.09 129.19 -104.43
N GLN H 278 -31.25 130.42 -103.94
CA GLN H 278 -31.78 130.60 -102.58
C GLN H 278 -33.17 130.00 -102.46
N LYS H 279 -34.02 130.23 -103.46
CA LYS H 279 -35.37 129.71 -103.44
C LYS H 279 -35.37 128.18 -103.47
N VAL H 280 -34.46 127.58 -104.24
CA VAL H 280 -34.41 126.13 -104.33
C VAL H 280 -33.93 125.52 -103.01
N LEU H 281 -32.94 126.15 -102.38
CA LEU H 281 -32.54 125.69 -101.05
C LEU H 281 -33.69 125.83 -100.07
N ASN H 282 -34.44 126.92 -100.15
CA ASN H 282 -35.61 127.07 -99.30
C ASN H 282 -36.62 125.96 -99.54
N GLN H 283 -36.83 125.58 -100.81
CA GLN H 283 -37.75 124.50 -101.13
C GLN H 283 -37.28 123.18 -100.54
N GLN H 284 -35.99 122.89 -100.68
CA GLN H 284 -35.47 121.64 -100.12
C GLN H 284 -35.60 121.62 -98.60
N LEU H 285 -35.30 122.73 -97.95
CA LEU H 285 -35.44 122.79 -96.50
C LEU H 285 -36.90 122.67 -96.07
N THR H 286 -37.81 123.27 -96.85
CA THR H 286 -39.23 123.11 -96.56
C THR H 286 -39.65 121.65 -96.67
N ASN H 287 -39.18 120.97 -97.71
CA ASN H 287 -39.51 119.55 -97.86
C ASN H 287 -38.85 118.67 -96.82
N HIS H 288 -37.76 119.14 -96.20
CA HIS H 288 -37.08 118.32 -95.22
C HIS H 288 -37.51 118.58 -93.78
N ILE H 289 -38.04 119.76 -93.47
CA ILE H 289 -38.49 120.03 -92.10
C ILE H 289 -39.71 119.18 -91.76
N ARG H 290 -40.61 118.98 -92.72
CA ARG H 290 -41.76 118.11 -92.49
C ARG H 290 -41.30 116.67 -92.35
N ASP H 291 -42.24 115.75 -92.13
CA ASP H 291 -42.08 114.37 -91.68
C ASP H 291 -41.78 114.39 -90.17
N THR H 292 -41.57 115.56 -89.58
CA THR H 292 -41.46 115.71 -88.14
C THR H 292 -42.49 116.66 -87.55
N LEU H 293 -43.13 117.48 -88.37
CA LEU H 293 -44.15 118.42 -87.89
C LEU H 293 -45.25 117.75 -87.08
N PRO H 294 -45.86 116.64 -87.51
CA PRO H 294 -46.90 116.01 -86.67
C PRO H 294 -46.40 115.66 -85.29
N GLY H 295 -45.16 115.21 -85.17
CA GLY H 295 -44.57 115.05 -83.85
C GLY H 295 -44.36 116.38 -83.14
N LEU H 296 -43.89 117.38 -83.87
CA LEU H 296 -43.61 118.69 -83.27
C LEU H 296 -44.88 119.49 -83.03
N ARG H 297 -45.85 119.39 -83.94
CA ARG H 297 -47.12 120.08 -83.73
C ARG H 297 -47.79 119.59 -82.46
N ASN H 298 -47.80 118.27 -82.24
CA ASN H 298 -48.29 117.74 -80.96
C ASN H 298 -47.37 118.15 -79.81
N LYS H 299 -46.06 118.14 -80.04
CA LYS H 299 -45.10 118.44 -78.98
C LYS H 299 -45.32 119.82 -78.39
N LEU H 300 -45.73 120.79 -79.22
CA LEU H 300 -46.08 122.09 -78.68
C LEU H 300 -47.58 122.31 -78.50
N GLN H 301 -48.42 121.44 -79.06
CA GLN H 301 -49.84 121.48 -78.75
C GLN H 301 -50.08 121.13 -77.29
N SER H 302 -49.36 120.12 -76.78
CA SER H 302 -49.43 119.81 -75.35
C SER H 302 -48.93 120.99 -74.52
N GLN H 303 -47.91 121.68 -75.03
CA GLN H 303 -47.43 122.89 -74.35
C GLN H 303 -48.52 123.94 -74.28
N LEU H 304 -49.25 124.16 -75.37
CA LEU H 304 -50.36 125.11 -75.35
C LEU H 304 -51.46 124.62 -74.41
N LEU H 305 -51.65 123.30 -74.31
CA LEU H 305 -52.64 122.75 -73.39
C LEU H 305 -52.28 123.09 -71.95
N SER H 306 -50.99 123.00 -71.60
CA SER H 306 -50.56 123.18 -70.22
C SER H 306 -50.76 124.60 -69.70
N ILE H 307 -51.07 125.54 -70.60
CA ILE H 307 -51.25 126.94 -70.23
C ILE H 307 -52.63 127.48 -70.59
N GLU H 308 -53.37 126.83 -71.49
CA GLU H 308 -54.68 127.34 -71.90
C GLU H 308 -55.61 127.57 -70.71
N LYS H 309 -55.45 126.79 -69.64
CA LYS H 309 -56.31 126.94 -68.46
C LYS H 309 -56.13 128.29 -67.80
N GLU H 310 -54.87 128.69 -67.56
CA GLU H 310 -54.59 129.99 -66.95
C GLU H 310 -54.79 131.12 -67.94
N VAL H 311 -54.62 130.86 -69.24
CA VAL H 311 -54.90 131.86 -70.24
C VAL H 311 -56.35 132.30 -70.18
N GLU H 312 -57.25 131.42 -69.72
CA GLU H 312 -58.65 131.79 -69.55
C GLU H 312 -58.80 132.94 -68.57
N GLU H 313 -58.15 132.85 -67.42
CA GLU H 313 -58.14 133.96 -66.48
C GLU H 313 -57.40 135.16 -67.03
N TYR H 314 -56.36 134.94 -67.84
CA TYR H 314 -55.53 136.06 -68.28
C TYR H 314 -56.04 136.83 -69.51
N LYS H 315 -56.95 136.28 -70.33
CA LYS H 315 -57.35 137.04 -71.53
C LYS H 315 -58.10 138.31 -71.18
N ASN H 316 -59.04 138.23 -70.25
CA ASN H 316 -59.87 139.37 -69.89
C ASN H 316 -59.70 139.62 -68.40
N PHE H 317 -58.63 140.33 -68.06
CA PHE H 317 -58.37 140.80 -66.71
C PHE H 317 -58.42 142.33 -66.73
N ARG H 318 -59.22 142.90 -65.83
CA ARG H 318 -59.24 144.33 -65.65
C ARG H 318 -59.06 144.65 -64.17
N PRO H 319 -58.16 145.57 -63.81
CA PRO H 319 -57.99 145.90 -62.39
C PRO H 319 -59.29 146.43 -61.81
N ASP H 320 -59.52 146.09 -60.54
CA ASP H 320 -60.69 146.47 -59.73
C ASP H 320 -61.93 145.65 -60.07
N ASP H 321 -61.80 144.55 -60.81
CA ASP H 321 -62.97 143.74 -61.13
C ASP H 321 -63.47 142.98 -59.90
N PRO H 322 -64.60 143.38 -59.30
CA PRO H 322 -65.04 142.72 -58.06
C PRO H 322 -65.31 141.25 -58.24
N ALA H 323 -65.85 140.84 -59.39
CA ALA H 323 -66.20 139.43 -59.57
C ALA H 323 -64.97 138.55 -59.50
N ARG H 324 -63.94 138.87 -60.28
CA ARG H 324 -62.72 138.07 -60.25
C ARG H 324 -62.03 138.18 -58.90
N LYS H 325 -62.00 139.38 -58.32
CA LYS H 325 -61.30 139.54 -57.04
C LYS H 325 -61.93 138.67 -55.96
N THR H 326 -63.26 138.76 -55.82
CA THR H 326 -63.93 137.99 -54.77
C THR H 326 -63.91 136.50 -55.07
N LYS H 327 -64.03 136.09 -56.34
CA LYS H 327 -63.91 134.67 -56.65
C LYS H 327 -62.55 134.13 -56.29
N ALA H 328 -61.48 134.88 -56.60
CA ALA H 328 -60.13 134.46 -56.24
C ALA H 328 -59.99 134.40 -54.73
N LEU H 329 -60.53 135.38 -54.01
CA LEU H 329 -60.45 135.37 -52.55
C LEU H 329 -61.12 134.12 -51.99
N LEU H 330 -62.31 133.79 -52.49
CA LEU H 330 -63.04 132.65 -51.96
C LEU H 330 -62.30 131.35 -52.23
N GLN H 331 -61.77 131.17 -53.45
CA GLN H 331 -61.05 129.93 -53.72
C GLN H 331 -59.75 129.85 -52.93
N MET H 332 -59.06 130.99 -52.74
CA MET H 332 -57.84 130.98 -51.94
C MET H 332 -58.14 130.55 -50.51
N VAL H 333 -59.21 131.10 -49.93
CA VAL H 333 -59.59 130.76 -48.56
C VAL H 333 -59.94 129.29 -48.46
N GLN H 334 -60.69 128.77 -49.44
CA GLN H 334 -61.09 127.37 -49.39
C GLN H 334 -59.88 126.45 -49.46
N GLN H 335 -58.93 126.75 -50.34
CA GLN H 335 -57.77 125.86 -50.41
C GLN H 335 -56.91 126.01 -49.17
N PHE H 336 -56.83 127.21 -48.59
CA PHE H 336 -56.10 127.36 -47.33
C PHE H 336 -56.69 126.48 -46.25
N ALA H 337 -58.02 126.49 -46.12
CA ALA H 337 -58.67 125.64 -45.13
C ALA H 337 -58.31 124.19 -45.37
N VAL H 338 -58.67 123.67 -46.56
CA VAL H 338 -58.51 122.23 -46.80
C VAL H 338 -57.05 121.83 -46.67
N ASP H 339 -56.11 122.72 -47.00
CA ASP H 339 -54.71 122.45 -46.76
C ASP H 339 -54.42 122.36 -45.26
N PHE H 340 -55.05 123.22 -44.46
CA PHE H 340 -54.81 123.18 -43.02
C PHE H 340 -55.27 121.86 -42.42
N GLU H 341 -56.48 121.41 -42.76
CA GLU H 341 -56.90 120.10 -42.25
C GLU H 341 -56.04 118.98 -42.83
N LYS H 342 -55.57 119.11 -44.07
CA LYS H 342 -54.69 118.10 -44.62
C LYS H 342 -53.40 117.99 -43.82
N ARG H 343 -52.87 119.13 -43.38
CA ARG H 343 -51.61 119.13 -42.65
C ARG H 343 -51.78 118.81 -41.17
N ILE H 344 -52.98 119.00 -40.61
CA ILE H 344 -53.17 118.72 -39.19
C ILE H 344 -53.74 117.32 -39.01
N GLU H 345 -54.97 117.09 -39.49
CA GLU H 345 -55.56 115.77 -39.33
C GLU H 345 -54.90 114.74 -40.25
N GLY H 346 -54.15 115.17 -41.25
CA GLY H 346 -53.58 114.24 -42.19
C GLY H 346 -54.60 113.54 -43.06
N SER H 347 -55.61 114.27 -43.52
CA SER H 347 -56.60 113.69 -44.42
C SER H 347 -55.91 113.17 -45.67
N GLY H 348 -56.21 111.94 -46.04
CA GLY H 348 -55.42 111.27 -47.05
C GLY H 348 -55.58 111.82 -48.45
N ASP H 349 -54.56 112.55 -48.90
CA ASP H 349 -54.32 112.89 -50.30
C ASP H 349 -53.03 113.69 -50.36
N GLN H 350 -52.35 113.63 -51.51
CA GLN H 350 -51.17 114.43 -51.83
C GLN H 350 -50.23 114.59 -50.64
N ILE H 351 -50.01 113.52 -49.89
CA ILE H 351 -49.28 113.59 -48.63
C ILE H 351 -47.78 113.67 -48.90
N ASP H 352 -47.13 114.68 -48.36
CA ASP H 352 -45.68 114.77 -48.43
C ASP H 352 -45.07 113.65 -47.59
N THR H 353 -44.06 113.00 -48.14
CA THR H 353 -43.34 111.93 -47.46
C THR H 353 -41.86 112.29 -47.29
N TYR H 354 -41.57 113.57 -47.17
CA TYR H 354 -40.19 114.06 -47.10
C TYR H 354 -39.80 114.55 -45.72
N GLU H 355 -40.75 115.10 -44.97
CA GLU H 355 -40.54 115.55 -43.60
C GLU H 355 -41.43 114.75 -42.67
N LEU H 356 -41.18 114.87 -41.37
CA LEU H 356 -42.03 114.19 -40.39
C LEU H 356 -43.47 114.66 -40.50
N SER H 357 -43.66 115.97 -40.67
CA SER H 357 -44.93 116.58 -41.06
C SER H 357 -44.71 118.08 -41.19
N GLY H 358 -45.74 118.76 -41.67
CA GLY H 358 -45.78 120.20 -41.57
C GLY H 358 -46.07 120.59 -40.14
N GLY H 359 -47.19 120.11 -39.61
CA GLY H 359 -47.52 120.35 -38.22
C GLY H 359 -48.24 119.23 -37.51
N ALA H 360 -48.19 118.02 -38.06
CA ALA H 360 -48.98 116.93 -37.50
C ALA H 360 -48.16 116.06 -36.54
N ARG H 361 -47.12 115.41 -37.04
CA ARG H 361 -46.26 114.63 -36.15
C ARG H 361 -45.27 115.47 -35.37
N ILE H 362 -44.90 116.65 -35.87
CA ILE H 362 -44.15 117.55 -34.99
C ILE H 362 -44.99 117.92 -33.77
N ASN H 363 -46.32 117.69 -33.83
CA ASN H 363 -47.21 117.97 -32.72
C ASN H 363 -47.50 116.71 -31.89
N ARG H 364 -47.83 115.59 -32.55
CA ARG H 364 -47.94 114.33 -31.83
C ARG H 364 -46.67 114.01 -31.05
N ILE H 365 -45.50 114.29 -31.60
CA ILE H 365 -44.29 113.98 -30.86
C ILE H 365 -44.19 114.90 -29.65
N PHE H 366 -44.78 116.09 -29.69
CA PHE H 366 -44.91 116.87 -28.47
C PHE H 366 -45.78 116.13 -27.45
N HIS H 367 -46.96 115.66 -27.89
CA HIS H 367 -47.88 115.03 -26.95
C HIS H 367 -47.33 113.76 -26.31
N GLU H 368 -46.57 112.95 -27.05
CA GLU H 368 -45.94 111.76 -26.48
C GLU H 368 -44.41 111.85 -26.39
N ARG H 369 -43.88 113.06 -26.25
CA ARG H 369 -42.52 113.30 -25.80
C ARG H 369 -42.46 114.12 -24.53
N PHE H 370 -43.45 114.99 -24.31
CA PHE H 370 -43.67 115.72 -23.05
C PHE H 370 -43.45 114.86 -21.80
N PRO H 371 -43.82 113.56 -21.83
CA PRO H 371 -43.38 112.68 -20.73
C PRO H 371 -41.89 112.74 -20.47
N PHE H 372 -41.06 113.03 -21.47
CA PHE H 372 -39.64 113.23 -21.20
C PHE H 372 -39.45 114.42 -20.26
N GLU H 373 -40.20 115.51 -20.47
CA GLU H 373 -40.13 116.64 -19.55
C GLU H 373 -40.57 116.24 -18.14
N LEU H 374 -41.70 115.54 -18.05
CA LEU H 374 -42.21 115.17 -16.73
C LEU H 374 -41.21 114.29 -15.99
N VAL H 375 -40.58 113.34 -16.68
CA VAL H 375 -39.55 112.53 -16.05
C VAL H 375 -38.34 113.38 -15.71
N LYS H 376 -37.98 114.33 -16.58
CA LYS H 376 -36.84 115.20 -16.37
C LYS H 376 -37.06 116.16 -15.22
N MET H 377 -38.27 116.21 -14.67
CA MET H 377 -38.47 116.89 -13.40
C MET H 377 -37.52 116.27 -12.35
N GLU H 378 -37.36 116.97 -11.22
CA GLU H 378 -36.26 116.75 -10.28
C GLU H 378 -36.02 115.28 -9.92
N PHE H 379 -36.95 114.62 -9.22
CA PHE H 379 -36.87 113.21 -8.86
C PHE H 379 -35.56 112.77 -8.21
N ASP H 380 -34.69 113.69 -7.78
CA ASP H 380 -33.36 113.29 -7.30
C ASP H 380 -33.02 113.98 -5.98
N GLU H 381 -33.44 113.38 -4.87
CA GLU H 381 -33.04 113.72 -3.51
C GLU H 381 -33.43 112.60 -2.56
N LYS H 382 -32.66 112.48 -1.48
CA LYS H 382 -33.14 111.88 -0.25
C LYS H 382 -33.59 112.93 0.75
N GLU H 383 -33.41 114.22 0.42
CA GLU H 383 -33.93 115.30 1.25
C GLU H 383 -35.43 115.22 1.40
N LEU H 384 -36.11 114.54 0.48
CA LEU H 384 -37.56 114.32 0.61
C LEU H 384 -37.89 113.63 1.92
N ARG H 385 -37.04 112.72 2.37
CA ARG H 385 -37.30 112.02 3.64
C ARG H 385 -37.31 113.00 4.81
N ARG H 386 -36.33 113.90 4.86
CA ARG H 386 -36.35 114.95 5.88
C ARG H 386 -37.56 115.85 5.71
N GLU H 387 -37.91 116.14 4.46
CA GLU H 387 -39.02 117.04 4.17
C GLU H 387 -40.34 116.46 4.69
N ILE H 388 -40.48 115.14 4.63
CA ILE H 388 -41.71 114.53 5.12
C ILE H 388 -41.64 114.22 6.60
N SER H 389 -40.44 114.01 7.14
CA SER H 389 -40.29 113.85 8.58
C SER H 389 -40.69 115.12 9.32
N TYR H 390 -40.34 116.28 8.77
CA TYR H 390 -40.80 117.52 9.38
C TYR H 390 -42.32 117.64 9.33
N ALA H 391 -42.94 117.18 8.24
CA ALA H 391 -44.40 117.19 8.18
C ALA H 391 -45.00 116.29 9.26
N ILE H 392 -44.42 115.10 9.44
CA ILE H 392 -44.81 114.23 10.54
C ILE H 392 -44.72 114.98 11.86
N LYS H 393 -43.59 115.64 12.09
CA LYS H 393 -43.34 116.25 13.38
C LYS H 393 -44.16 117.51 13.61
N ASN H 394 -44.73 118.09 12.56
CA ASN H 394 -45.60 119.25 12.72
C ASN H 394 -47.06 118.87 12.88
N ILE H 395 -47.54 117.85 12.17
CA ILE H 395 -48.93 117.42 12.39
C ILE H 395 -49.09 116.43 13.54
N HIS H 396 -47.99 115.98 14.13
CA HIS H 396 -48.05 115.36 15.45
C HIS H 396 -47.74 116.36 16.54
N GLY H 397 -48.18 117.59 16.32
CA GLY H 397 -47.72 118.77 17.04
C GLY H 397 -47.45 118.60 18.51
N ILE H 398 -48.46 118.17 19.27
CA ILE H 398 -48.33 117.96 20.71
C ILE H 398 -48.58 116.50 21.09
N ARG H 399 -49.66 115.92 20.59
CA ARG H 399 -49.98 114.54 20.89
C ARG H 399 -48.87 113.62 20.37
N THR H 400 -48.92 112.35 20.79
CA THR H 400 -47.72 111.54 20.69
C THR H 400 -48.05 110.08 20.41
N GLY H 401 -47.04 109.40 19.85
CA GLY H 401 -46.94 107.96 19.89
C GLY H 401 -47.90 107.18 19.03
N LEU H 402 -48.59 107.83 18.11
CA LEU H 402 -49.56 107.14 17.29
C LEU H 402 -49.00 106.85 15.90
N PHE H 403 -49.74 106.00 15.18
CA PHE H 403 -49.22 105.18 14.08
C PHE H 403 -48.48 105.99 13.02
N THR H 404 -49.24 106.78 12.26
CA THR H 404 -48.83 107.63 11.14
C THR H 404 -49.97 108.57 10.80
N PRO H 405 -49.68 109.84 10.56
CA PRO H 405 -50.72 110.77 10.09
C PRO H 405 -50.81 110.81 8.57
N ASP H 406 -52.03 110.72 8.03
CA ASP H 406 -52.19 110.68 6.58
C ASP H 406 -52.00 112.04 5.94
N MET H 407 -52.27 113.13 6.67
CA MET H 407 -52.11 114.41 6.02
C MET H 407 -50.64 114.72 5.75
N ALA H 408 -49.70 113.97 6.33
CA ALA H 408 -48.32 114.08 5.89
C ALA H 408 -48.19 113.69 4.42
N PHE H 409 -48.70 112.51 4.07
CA PHE H 409 -48.79 112.10 2.67
C PHE H 409 -49.52 113.15 1.84
N GLU H 410 -50.61 113.68 2.39
CA GLU H 410 -51.38 114.71 1.67
C GLU H 410 -50.52 115.92 1.33
N THR H 411 -49.85 116.48 2.33
CA THR H 411 -49.08 117.69 2.14
C THR H 411 -47.90 117.45 1.20
N ILE H 412 -47.29 116.27 1.31
CA ILE H 412 -46.14 116.00 0.46
C ILE H 412 -46.54 115.84 -0.99
N VAL H 413 -47.65 115.14 -1.26
CA VAL H 413 -48.06 115.05 -2.66
C VAL H 413 -48.53 116.40 -3.17
N LYS H 414 -49.17 117.21 -2.31
CA LYS H 414 -49.54 118.56 -2.74
C LYS H 414 -48.33 119.41 -3.06
N LYS H 415 -47.21 119.18 -2.38
CA LYS H 415 -45.98 119.89 -2.71
C LYS H 415 -45.30 119.35 -3.96
N GLN H 416 -45.42 118.03 -4.20
CA GLN H 416 -44.79 117.43 -5.37
C GLN H 416 -45.52 117.79 -6.66
N VAL H 417 -46.86 117.79 -6.63
CA VAL H 417 -47.62 118.03 -7.86
C VAL H 417 -47.86 119.50 -8.13
N LYS H 418 -47.34 120.39 -7.29
CA LYS H 418 -47.44 121.82 -7.58
C LYS H 418 -46.38 122.28 -8.58
N LYS H 419 -45.35 121.48 -8.80
CA LYS H 419 -44.33 121.81 -9.79
C LYS H 419 -44.58 121.16 -11.14
N ILE H 420 -45.65 120.36 -11.28
CA ILE H 420 -46.09 119.92 -12.59
C ILE H 420 -46.61 121.09 -13.41
N ARG H 421 -46.93 122.20 -12.75
CA ARG H 421 -47.50 123.35 -13.43
C ARG H 421 -46.57 123.95 -14.48
N GLU H 422 -45.27 123.75 -14.35
CA GLU H 422 -44.33 124.33 -15.32
C GLU H 422 -44.22 123.50 -16.60
N PRO H 423 -44.00 122.17 -16.53
CA PRO H 423 -43.90 121.41 -17.78
C PRO H 423 -45.15 121.46 -18.64
N CYS H 424 -46.33 121.50 -18.05
CA CYS H 424 -47.55 121.54 -18.85
C CYS H 424 -47.66 122.86 -19.61
N LEU H 425 -47.37 123.98 -18.94
CA LEU H 425 -47.36 125.26 -19.64
C LEU H 425 -46.26 125.30 -20.70
N LYS H 426 -45.12 124.67 -20.44
CA LYS H 426 -44.07 124.61 -21.45
C LYS H 426 -44.53 123.82 -22.67
N CYS H 427 -45.25 122.72 -22.46
CA CYS H 427 -45.78 121.97 -23.59
C CYS H 427 -46.81 122.78 -24.36
N VAL H 428 -47.64 123.55 -23.65
CA VAL H 428 -48.60 124.41 -24.34
C VAL H 428 -47.86 125.44 -25.19
N ASP H 429 -46.78 126.01 -24.65
CA ASP H 429 -45.97 126.94 -25.41
C ASP H 429 -45.37 126.27 -26.65
N MET H 430 -44.90 125.03 -26.50
CA MET H 430 -44.34 124.32 -27.65
C MET H 430 -45.39 124.07 -28.72
N VAL H 431 -46.59 123.66 -28.32
CA VAL H 431 -47.66 123.43 -29.29
C VAL H 431 -48.01 124.73 -30.00
N ILE H 432 -48.06 125.84 -29.25
CA ILE H 432 -48.26 127.15 -29.89
C ILE H 432 -47.17 127.41 -30.91
N SER H 433 -45.92 127.27 -30.50
CA SER H 433 -44.80 127.62 -31.37
C SER H 433 -44.74 126.73 -32.60
N GLU H 434 -45.32 125.54 -32.54
CA GLU H 434 -45.27 124.66 -33.70
C GLU H 434 -46.45 124.90 -34.63
N LEU H 435 -47.65 125.00 -34.08
CA LEU H 435 -48.82 125.25 -34.92
C LEU H 435 -48.74 126.61 -35.59
N ILE H 436 -48.25 127.63 -34.88
CA ILE H 436 -48.22 128.96 -35.46
C ILE H 436 -47.19 129.02 -36.59
N SER H 437 -46.22 128.11 -36.59
CA SER H 437 -45.31 127.99 -37.72
C SER H 437 -45.89 127.16 -38.85
N THR H 438 -46.70 126.16 -38.52
CA THR H 438 -47.38 125.39 -39.57
C THR H 438 -48.37 126.26 -40.34
N VAL H 439 -49.06 127.17 -39.65
CA VAL H 439 -49.92 128.12 -40.35
C VAL H 439 -49.11 128.94 -41.35
N ARG H 440 -47.92 129.39 -40.94
CA ARG H 440 -47.05 130.10 -41.88
C ARG H 440 -46.64 129.20 -43.03
N GLN H 441 -46.35 127.93 -42.73
CA GLN H 441 -45.94 127.01 -43.78
C GLN H 441 -47.03 126.79 -44.80
N CYS H 442 -48.29 126.82 -44.39
CA CYS H 442 -49.40 126.60 -45.30
C CYS H 442 -49.98 127.90 -45.85
N THR H 443 -49.46 129.06 -45.43
CA THR H 443 -49.83 130.32 -46.06
C THR H 443 -48.76 130.90 -46.97
N LYS H 444 -47.48 130.59 -46.73
CA LYS H 444 -46.41 131.19 -47.53
C LYS H 444 -46.42 130.66 -48.96
N LYS H 445 -46.71 129.37 -49.14
CA LYS H 445 -46.48 128.73 -50.43
C LYS H 445 -47.72 128.77 -51.33
N LEU H 446 -48.91 128.69 -50.75
CA LEU H 446 -50.12 128.80 -51.57
C LEU H 446 -50.35 130.25 -52.00
N GLN H 447 -50.07 131.20 -51.12
CA GLN H 447 -50.41 132.60 -51.37
C GLN H 447 -49.25 133.30 -52.07
N GLN H 448 -49.36 133.44 -53.38
CA GLN H 448 -48.51 134.38 -54.09
C GLN H 448 -48.90 135.81 -53.77
N TYR H 449 -50.16 136.03 -53.39
CA TYR H 449 -50.67 137.37 -53.18
C TYR H 449 -49.92 138.04 -52.02
N PRO H 450 -49.55 139.31 -52.17
CA PRO H 450 -49.10 140.09 -51.02
C PRO H 450 -50.29 140.62 -50.23
N ARG H 451 -50.07 140.74 -48.92
CA ARG H 451 -51.02 141.29 -47.96
C ARG H 451 -52.17 140.33 -47.69
N LEU H 452 -52.33 139.31 -48.54
CA LEU H 452 -53.31 138.27 -48.26
C LEU H 452 -52.68 137.05 -47.60
N ARG H 453 -51.37 136.93 -47.65
CA ARG H 453 -50.63 136.07 -46.74
C ARG H 453 -50.28 136.81 -45.46
N GLU H 454 -50.62 138.09 -45.37
CA GLU H 454 -50.41 138.89 -44.17
C GLU H 454 -51.67 138.98 -43.32
N GLU H 455 -52.79 139.39 -43.93
CA GLU H 455 -54.05 139.45 -43.19
C GLU H 455 -54.47 138.08 -42.69
N MET H 456 -54.30 137.05 -43.53
CA MET H 456 -54.67 135.70 -43.16
C MET H 456 -53.85 135.22 -41.97
N GLU H 457 -52.52 135.37 -42.05
CA GLU H 457 -51.66 134.98 -40.94
C GLU H 457 -51.99 135.78 -39.69
N ARG H 458 -52.21 137.08 -39.83
CA ARG H 458 -52.53 137.90 -38.67
C ARG H 458 -53.78 137.42 -37.98
N ILE H 459 -54.86 137.19 -38.74
CA ILE H 459 -56.12 136.79 -38.14
C ILE H 459 -55.99 135.44 -37.46
N VAL H 460 -55.41 134.46 -38.17
CA VAL H 460 -55.32 133.12 -37.60
C VAL H 460 -54.43 133.12 -36.36
N THR H 461 -53.30 133.83 -36.42
CA THR H 461 -52.39 133.86 -35.29
C THR H 461 -52.99 134.58 -34.10
N THR H 462 -53.76 135.65 -34.33
CA THR H 462 -54.44 136.31 -33.22
C THR H 462 -55.46 135.40 -32.58
N HIS H 463 -56.19 134.62 -33.40
CA HIS H 463 -57.13 133.67 -32.81
C HIS H 463 -56.39 132.61 -31.98
N ILE H 464 -55.26 132.13 -32.48
CA ILE H 464 -54.50 131.12 -31.75
C ILE H 464 -53.99 131.68 -30.42
N ARG H 465 -53.46 132.90 -30.45
CA ARG H 465 -52.97 133.52 -29.22
C ARG H 465 -54.09 133.99 -28.30
N GLU H 466 -55.32 134.08 -28.82
CA GLU H 466 -56.46 134.26 -27.93
C GLU H 466 -56.82 132.94 -27.26
N ARG H 467 -56.68 131.82 -27.98
CA ARG H 467 -57.01 130.52 -27.41
C ARG H 467 -55.96 130.04 -26.42
N GLU H 468 -54.72 130.51 -26.55
CA GLU H 468 -53.68 130.04 -25.63
C GLU H 468 -53.98 130.45 -24.20
N GLY H 469 -54.59 131.62 -24.01
CA GLY H 469 -54.98 132.02 -22.66
C GLY H 469 -55.99 131.06 -22.05
N ARG H 470 -57.02 130.70 -22.82
CA ARG H 470 -58.03 129.78 -22.31
C ARG H 470 -57.43 128.41 -22.01
N THR H 471 -56.57 127.91 -22.89
CA THR H 471 -56.03 126.57 -22.63
C THR H 471 -55.07 126.57 -21.45
N LYS H 472 -54.28 127.64 -21.27
CA LYS H 472 -53.43 127.72 -20.10
C LYS H 472 -54.27 127.81 -18.83
N GLU H 473 -55.37 128.57 -18.87
CA GLU H 473 -56.27 128.64 -17.72
C GLU H 473 -56.82 127.26 -17.39
N GLN H 474 -57.22 126.50 -18.41
CA GLN H 474 -57.78 125.19 -18.15
C GLN H 474 -56.72 124.23 -17.60
N VAL H 475 -55.48 124.33 -18.08
CA VAL H 475 -54.43 123.47 -17.54
C VAL H 475 -54.16 123.82 -16.08
N MET H 476 -54.08 125.12 -15.75
CA MET H 476 -53.89 125.51 -14.36
C MET H 476 -55.03 125.02 -13.49
N LEU H 477 -56.27 125.12 -13.99
CA LEU H 477 -57.41 124.68 -13.20
C LEU H 477 -57.45 123.17 -13.07
N LEU H 478 -56.95 122.44 -14.06
CA LEU H 478 -56.79 121.00 -13.91
C LEU H 478 -55.80 120.66 -12.80
N ILE H 479 -54.69 121.39 -12.74
CA ILE H 479 -53.75 121.18 -11.65
C ILE H 479 -54.40 121.50 -10.31
N ASP H 480 -55.12 122.62 -10.24
CA ASP H 480 -55.77 123.01 -8.99
C ASP H 480 -56.90 122.06 -8.61
N ILE H 481 -57.47 121.33 -9.56
CA ILE H 481 -58.37 120.23 -9.20
C ILE H 481 -57.58 119.05 -8.66
N GLU H 482 -56.42 118.74 -9.24
CA GLU H 482 -55.65 117.62 -8.75
C GLU H 482 -55.01 117.89 -7.40
N LEU H 483 -55.02 119.15 -6.96
CA LEU H 483 -54.68 119.48 -5.56
C LEU H 483 -55.92 119.61 -4.68
N ALA H 484 -56.94 118.77 -4.84
CA ALA H 484 -58.14 118.90 -4.04
C ALA H 484 -58.48 117.69 -3.18
N TYR H 485 -58.37 116.48 -3.72
CA TYR H 485 -58.88 115.35 -2.95
C TYR H 485 -57.83 114.29 -2.63
N MET H 486 -56.90 114.03 -3.54
CA MET H 486 -55.82 113.07 -3.32
C MET H 486 -56.39 111.69 -3.02
N ASN H 487 -57.06 111.12 -4.03
CA ASN H 487 -57.79 109.89 -3.83
C ASN H 487 -56.85 108.73 -3.50
N THR H 488 -57.41 107.74 -2.81
CA THR H 488 -56.69 106.51 -2.50
C THR H 488 -57.48 105.28 -2.92
N ASN H 489 -58.76 105.42 -3.23
CA ASN H 489 -59.57 104.30 -3.71
C ASN H 489 -59.16 103.83 -5.09
N HIS H 490 -58.29 104.58 -5.78
CA HIS H 490 -57.81 104.19 -7.10
C HIS H 490 -56.84 103.02 -6.96
N GLU H 491 -56.21 102.64 -8.07
CA GLU H 491 -55.35 101.46 -8.14
C GLU H 491 -53.98 101.65 -7.51
N ASP H 492 -53.72 102.69 -6.73
CA ASP H 492 -52.52 102.70 -5.90
C ASP H 492 -52.69 101.71 -4.74
N PHE H 493 -51.63 101.00 -4.41
CA PHE H 493 -51.70 100.02 -3.35
C PHE H 493 -51.58 100.70 -1.99
N ILE H 494 -52.43 100.30 -1.06
CA ILE H 494 -52.47 100.90 0.26
C ILE H 494 -51.52 100.18 1.21
N ASP H 652 -33.84 105.32 15.17
CA ASP H 652 -34.98 105.00 14.34
C ASP H 652 -36.26 104.87 15.15
N PRO H 653 -36.66 105.94 15.84
CA PRO H 653 -37.84 105.86 16.71
C PRO H 653 -39.12 105.89 15.91
N GLN H 654 -39.47 104.74 15.32
CA GLN H 654 -40.62 104.57 14.45
C GLN H 654 -40.45 105.40 13.18
N LEU H 655 -39.35 106.13 13.07
CA LEU H 655 -39.12 106.96 11.90
C LEU H 655 -38.83 106.10 10.68
N GLU H 656 -37.91 105.14 10.80
CA GLU H 656 -37.64 104.27 9.67
C GLU H 656 -38.83 103.40 9.30
N ARG H 657 -39.93 103.50 10.05
CA ARG H 657 -41.20 102.86 9.70
C ARG H 657 -42.18 103.83 9.07
N GLN H 658 -42.22 105.07 9.54
CA GLN H 658 -43.18 106.06 9.06
C GLN H 658 -42.68 106.80 7.83
N VAL H 659 -41.45 107.32 7.88
CA VAL H 659 -40.91 108.12 6.78
C VAL H 659 -40.81 107.29 5.51
N GLU H 660 -40.34 106.04 5.63
CA GLU H 660 -40.20 105.19 4.46
C GLU H 660 -41.55 104.81 3.88
N THR H 661 -42.53 104.53 4.73
CA THR H 661 -43.87 104.24 4.25
C THR H 661 -44.47 105.44 3.53
N ILE H 662 -44.30 106.64 4.08
CA ILE H 662 -44.82 107.82 3.44
C ILE H 662 -44.15 108.04 2.09
N ARG H 663 -42.84 107.81 2.01
CA ARG H 663 -42.15 107.96 0.73
C ARG H 663 -42.65 106.95 -0.29
N ASN H 664 -42.81 105.69 0.12
CA ASN H 664 -43.22 104.65 -0.81
C ASN H 664 -44.70 104.75 -1.18
N LEU H 665 -45.47 105.57 -0.46
CA LEU H 665 -46.82 105.87 -0.91
C LEU H 665 -46.88 107.14 -1.76
N VAL H 666 -46.04 108.13 -1.47
CA VAL H 666 -45.95 109.30 -2.32
C VAL H 666 -45.51 108.91 -3.72
N ASP H 667 -44.53 108.01 -3.84
CA ASP H 667 -44.13 107.55 -5.16
C ASP H 667 -45.27 106.81 -5.86
N SER H 668 -45.99 105.97 -5.12
CA SER H 668 -47.07 105.20 -5.70
C SER H 668 -48.22 106.07 -6.16
N TYR H 669 -48.38 107.26 -5.57
CA TYR H 669 -49.39 108.18 -6.06
C TYR H 669 -48.86 109.16 -7.10
N MET H 670 -47.56 109.45 -7.10
CA MET H 670 -46.98 110.25 -8.17
C MET H 670 -47.04 109.50 -9.48
N ALA H 671 -46.85 108.19 -9.45
CA ALA H 671 -47.05 107.41 -10.68
C ALA H 671 -48.43 107.66 -11.26
N ILE H 672 -49.47 107.59 -10.43
CA ILE H 672 -50.84 107.73 -10.92
C ILE H 672 -51.12 109.16 -11.37
N VAL H 673 -50.68 110.16 -10.61
CA VAL H 673 -50.98 111.53 -11.02
C VAL H 673 -50.24 111.88 -12.31
N ASN H 674 -49.00 111.40 -12.45
CA ASN H 674 -48.28 111.61 -13.70
C ASN H 674 -48.99 110.94 -14.86
N LYS H 675 -49.47 109.72 -14.66
CA LYS H 675 -50.19 109.04 -15.74
C LYS H 675 -51.46 109.79 -16.12
N THR H 676 -52.23 110.24 -15.14
CA THR H 676 -53.48 110.90 -15.44
C THR H 676 -53.32 112.36 -15.83
N VAL H 677 -52.11 112.90 -15.79
CA VAL H 677 -51.89 114.22 -16.37
C VAL H 677 -51.36 114.03 -17.79
N ARG H 678 -50.56 112.98 -18.02
CA ARG H 678 -50.08 112.73 -19.37
C ARG H 678 -51.20 112.27 -20.28
N ASP H 679 -52.17 111.53 -19.76
CA ASP H 679 -53.27 111.05 -20.56
C ASP H 679 -54.33 112.13 -20.81
N LEU H 680 -54.27 113.24 -20.07
CA LEU H 680 -55.31 114.25 -20.14
C LEU H 680 -54.86 115.60 -20.66
N MET H 681 -53.57 115.92 -20.60
CA MET H 681 -53.14 117.25 -21.00
C MET H 681 -53.18 117.42 -22.52
N PRO H 682 -52.84 116.42 -23.34
CA PRO H 682 -53.12 116.56 -24.78
C PRO H 682 -54.57 116.83 -25.10
N LYS H 683 -55.50 116.15 -24.40
CA LYS H 683 -56.91 116.30 -24.72
C LYS H 683 -57.40 117.72 -24.49
N THR H 684 -56.98 118.34 -23.38
CA THR H 684 -57.50 119.67 -23.06
C THR H 684 -56.99 120.72 -24.05
N ILE H 685 -55.71 120.68 -24.39
CA ILE H 685 -55.19 121.64 -25.35
C ILE H 685 -55.82 121.40 -26.71
N MET H 686 -56.05 120.14 -27.06
CA MET H 686 -56.52 119.86 -28.42
C MET H 686 -58.03 119.95 -28.53
N HIS H 687 -58.74 120.14 -27.42
CA HIS H 687 -60.12 120.57 -27.46
C HIS H 687 -60.30 122.07 -27.37
N LEU H 688 -59.39 122.78 -26.70
CA LEU H 688 -59.55 124.22 -26.56
C LEU H 688 -58.83 125.01 -27.64
N MET H 689 -57.83 124.43 -28.29
CA MET H 689 -57.02 125.14 -29.27
C MET H 689 -57.14 124.53 -30.66
N ILE H 690 -56.81 123.24 -30.81
CA ILE H 690 -56.76 122.63 -32.14
C ILE H 690 -58.14 122.63 -32.76
N ASN H 691 -59.07 121.92 -32.13
CA ASN H 691 -60.41 121.75 -32.65
C ASN H 691 -61.27 123.00 -32.48
N ASN H 692 -60.68 124.10 -32.04
CA ASN H 692 -61.38 125.38 -32.07
C ASN H 692 -60.83 126.33 -33.11
N THR H 693 -59.50 126.42 -33.28
CA THR H 693 -58.97 127.18 -34.39
C THR H 693 -59.29 126.51 -35.71
N LYS H 694 -59.39 125.18 -35.73
CA LYS H 694 -59.80 124.50 -36.95
C LYS H 694 -61.23 124.85 -37.32
N GLU H 695 -62.12 124.87 -36.33
CA GLU H 695 -63.50 125.27 -36.57
C GLU H 695 -63.57 126.73 -37.01
N PHE H 696 -62.73 127.58 -36.40
CA PHE H 696 -62.67 128.98 -36.79
C PHE H 696 -62.24 129.11 -38.25
N ILE H 697 -61.27 128.31 -38.67
CA ILE H 697 -60.84 128.29 -40.07
C ILE H 697 -61.98 127.87 -40.98
N PHE H 698 -62.74 126.83 -40.59
CA PHE H 698 -63.92 126.49 -41.38
C PHE H 698 -64.91 127.64 -41.50
N SER H 699 -65.30 128.23 -40.38
CA SER H 699 -66.58 128.91 -40.34
C SER H 699 -66.54 130.40 -40.04
N GLU H 700 -65.36 131.00 -39.86
CA GLU H 700 -65.34 132.43 -39.58
C GLU H 700 -64.25 133.19 -40.32
N LEU H 701 -63.30 132.51 -40.97
CA LEU H 701 -62.15 133.21 -41.55
C LEU H 701 -62.58 134.19 -42.62
N LEU H 702 -63.52 133.81 -43.48
CA LEU H 702 -63.93 134.70 -44.55
C LEU H 702 -64.72 135.89 -44.00
N ALA H 703 -65.52 135.68 -42.95
CA ALA H 703 -66.37 136.76 -42.44
C ALA H 703 -65.55 137.93 -41.96
N ASN H 704 -64.49 137.68 -41.18
CA ASN H 704 -63.65 138.78 -40.71
C ASN H 704 -62.56 139.14 -41.71
N LEU H 705 -62.23 138.23 -42.64
CA LEU H 705 -61.29 138.58 -43.69
C LEU H 705 -61.88 139.61 -44.63
N TYR H 706 -63.19 139.52 -44.90
CA TYR H 706 -63.88 140.57 -45.64
C TYR H 706 -63.81 141.92 -44.91
N SER H 707 -63.89 141.90 -43.58
CA SER H 707 -64.00 143.13 -42.81
C SER H 707 -62.66 143.81 -42.59
N CYS H 708 -61.60 143.05 -42.38
CA CYS H 708 -60.29 143.64 -42.13
C CYS H 708 -59.74 144.26 -43.41
N GLY H 709 -59.23 145.47 -43.29
CA GLY H 709 -58.65 146.16 -44.43
C GLY H 709 -59.70 146.85 -45.29
N ASP H 710 -59.36 147.00 -46.57
CA ASP H 710 -60.21 147.71 -47.51
C ASP H 710 -61.26 146.80 -48.15
N GLN H 711 -60.95 145.51 -48.30
CA GLN H 711 -61.76 144.55 -49.04
C GLN H 711 -61.71 144.87 -50.54
N ASN H 712 -61.08 145.98 -50.89
CA ASN H 712 -60.86 146.38 -52.28
C ASN H 712 -59.38 146.43 -52.64
N THR H 713 -58.57 147.13 -51.85
CA THR H 713 -57.12 147.09 -52.03
C THR H 713 -56.51 145.93 -51.25
N LEU H 714 -57.13 144.76 -51.42
CA LEU H 714 -56.63 143.51 -50.91
C LEU H 714 -56.48 142.57 -52.10
N MET H 715 -55.66 141.53 -51.93
CA MET H 715 -55.33 140.59 -53.00
C MET H 715 -54.92 141.33 -54.28
N GLU H 716 -54.01 142.27 -54.11
CA GLU H 716 -53.39 142.98 -55.23
C GLU H 716 -52.25 142.13 -55.76
N GLU H 717 -52.11 142.10 -57.08
CA GLU H 717 -51.09 141.28 -57.70
C GLU H 717 -49.71 141.73 -57.28
N SER H 718 -48.91 140.79 -56.78
CA SER H 718 -47.49 141.06 -56.57
C SER H 718 -46.83 141.35 -57.92
N ALA H 719 -45.80 142.21 -57.89
CA ALA H 719 -45.11 142.58 -59.12
C ALA H 719 -44.64 141.35 -59.88
N GLU H 720 -44.24 140.30 -59.17
CA GLU H 720 -43.84 139.06 -59.83
C GLU H 720 -44.99 138.47 -60.64
N GLN H 721 -46.19 138.43 -60.06
CA GLN H 721 -47.34 137.91 -60.79
C GLN H 721 -47.74 138.84 -61.93
N ALA H 722 -47.62 140.15 -61.72
CA ALA H 722 -47.97 141.10 -62.77
C ALA H 722 -47.06 140.93 -63.99
N GLN H 723 -45.76 140.73 -63.77
CA GLN H 723 -44.86 140.50 -64.88
C GLN H 723 -44.88 139.05 -65.38
N ARG H 724 -45.46 138.13 -64.61
CA ARG H 724 -45.59 136.75 -65.04
C ARG H 724 -46.79 136.56 -65.96
N ARG H 725 -47.91 137.22 -65.66
CA ARG H 725 -49.10 137.07 -66.50
C ARG H 725 -48.84 137.60 -67.90
N ASP H 726 -48.12 138.72 -68.02
CA ASP H 726 -47.86 139.30 -69.34
C ASP H 726 -47.06 138.35 -70.21
N GLU H 727 -46.01 137.75 -69.65
CA GLU H 727 -45.21 136.83 -70.44
C GLU H 727 -45.97 135.53 -70.73
N MET H 728 -46.78 135.05 -69.80
CA MET H 728 -47.55 133.85 -70.05
C MET H 728 -48.69 134.09 -71.03
N LEU H 729 -49.07 135.35 -71.27
CA LEU H 729 -50.04 135.66 -72.30
C LEU H 729 -49.38 135.86 -73.67
N ARG H 730 -48.22 136.51 -73.70
CA ARG H 730 -47.53 136.64 -74.98
C ARG H 730 -47.04 135.28 -75.47
N MET H 731 -46.71 134.37 -74.56
CA MET H 731 -46.36 133.02 -74.98
C MET H 731 -47.57 132.30 -75.56
N TYR H 732 -48.76 132.55 -75.03
CA TYR H 732 -49.97 132.01 -75.64
C TYR H 732 -50.15 132.52 -77.06
N HIS H 733 -49.97 133.83 -77.25
CA HIS H 733 -50.09 134.41 -78.58
C HIS H 733 -49.06 133.80 -79.54
N ALA H 734 -47.82 133.65 -79.08
CA ALA H 734 -46.77 133.11 -79.92
C ALA H 734 -47.04 131.65 -80.29
N LEU H 735 -47.54 130.86 -79.33
CA LEU H 735 -47.88 129.47 -79.63
C LEU H 735 -49.02 129.38 -80.63
N LYS H 736 -50.03 130.25 -80.49
CA LYS H 736 -51.11 130.29 -81.46
C LYS H 736 -50.58 130.61 -82.85
N GLU H 737 -49.66 131.58 -82.94
CA GLU H 737 -49.09 131.94 -84.23
C GLU H 737 -48.28 130.79 -84.82
N ALA H 738 -47.51 130.09 -83.98
CA ALA H 738 -46.73 128.96 -84.47
C ALA H 738 -47.63 127.85 -85.01
N LEU H 739 -48.72 127.55 -84.31
CA LEU H 739 -49.66 126.56 -84.82
C LEU H 739 -50.31 127.04 -86.12
N SER H 740 -50.61 128.33 -86.22
CA SER H 740 -51.14 128.86 -87.48
C SER H 740 -50.17 128.66 -88.63
N ILE H 741 -48.88 128.91 -88.38
CA ILE H 741 -47.88 128.73 -89.43
C ILE H 741 -47.73 127.26 -89.80
N ILE H 742 -47.80 126.37 -88.81
CA ILE H 742 -47.73 124.94 -89.11
C ILE H 742 -48.91 124.52 -89.99
N GLY H 743 -50.10 125.01 -89.66
CA GLY H 743 -51.25 124.73 -90.51
C GLY H 743 -51.08 125.27 -91.92
N ASN H 744 -50.54 126.49 -92.04
CA ASN H 744 -50.33 127.08 -93.35
C ASN H 744 -49.34 126.28 -94.18
N ILE H 745 -48.25 125.82 -93.55
CA ILE H 745 -47.25 125.06 -94.31
C ILE H 745 -47.78 123.68 -94.66
N ASN H 746 -48.64 123.10 -93.81
CA ASN H 746 -49.28 121.84 -94.17
C ASN H 746 -50.23 122.03 -95.34
N THR H 747 -50.93 123.16 -95.38
CA THR H 747 -51.73 123.49 -96.56
C THR H 747 -50.85 123.63 -97.79
N THR H 748 -49.71 124.30 -97.65
CA THR H 748 -48.74 124.50 -98.72
C THR H 748 -49.38 125.15 -99.94
N ASN I 3 82.56 -131.47 -89.32
CA ASN I 3 83.33 -130.24 -89.43
C ASN I 3 84.40 -130.16 -88.34
N ARG I 4 85.60 -129.74 -88.74
CA ARG I 4 86.74 -129.69 -87.81
C ARG I 4 86.63 -128.54 -86.82
N GLY I 5 85.83 -127.52 -87.12
CA GLY I 5 85.66 -126.43 -86.18
C GLY I 5 85.11 -126.89 -84.86
N MET I 6 84.23 -127.90 -84.89
CA MET I 6 83.65 -128.40 -83.65
C MET I 6 84.63 -129.27 -82.88
N GLU I 7 85.47 -130.04 -83.59
CA GLU I 7 86.60 -130.70 -82.95
C GLU I 7 87.54 -129.70 -82.28
N ASP I 8 87.66 -128.50 -82.83
CA ASP I 8 88.51 -127.49 -82.21
C ASP I 8 87.96 -127.06 -80.86
N LEU I 9 86.66 -127.22 -80.63
CA LEU I 9 86.03 -126.74 -79.40
C LEU I 9 85.65 -127.84 -78.42
N ILE I 10 85.55 -129.10 -78.86
CA ILE I 10 85.19 -130.18 -77.92
C ILE I 10 86.13 -130.28 -76.72
N PRO I 11 87.46 -130.15 -76.84
CA PRO I 11 88.26 -130.32 -75.62
C PRO I 11 88.10 -129.19 -74.63
N LEU I 12 87.93 -127.95 -75.11
CA LEU I 12 87.84 -126.81 -74.21
C LEU I 12 86.49 -126.74 -73.48
N VAL I 13 85.51 -127.55 -73.88
CA VAL I 13 84.24 -127.61 -73.17
C VAL I 13 84.18 -128.91 -72.37
N ASN I 14 84.83 -129.96 -72.88
CA ASN I 14 84.86 -131.23 -72.17
C ASN I 14 85.75 -131.15 -70.94
N ARG I 15 86.80 -130.34 -70.99
CA ARG I 15 87.66 -130.11 -69.83
C ARG I 15 87.00 -129.13 -68.85
N LEU I 16 85.99 -128.41 -69.30
CA LEU I 16 85.37 -127.34 -68.52
C LEU I 16 84.13 -127.82 -67.78
N GLN I 17 83.12 -128.29 -68.52
CA GLN I 17 81.85 -128.66 -67.92
C GLN I 17 82.00 -129.85 -66.98
N ASP I 18 82.92 -130.77 -67.29
CA ASP I 18 83.14 -131.89 -66.38
C ASP I 18 83.60 -131.40 -65.02
N ALA I 19 84.47 -130.40 -64.98
CA ALA I 19 84.92 -129.86 -63.70
C ALA I 19 83.81 -129.10 -62.99
N PHE I 20 83.14 -128.18 -63.71
CA PHE I 20 82.07 -127.43 -63.08
C PHE I 20 80.91 -128.30 -62.63
N SER I 21 80.79 -129.52 -63.14
CA SER I 21 79.79 -130.45 -62.64
C SER I 21 80.35 -131.43 -61.61
N ALA I 22 81.67 -131.63 -61.60
CA ALA I 22 82.29 -132.45 -60.58
C ALA I 22 82.33 -131.73 -59.24
N ILE I 23 82.38 -130.39 -59.26
CA ILE I 23 82.23 -129.65 -58.01
C ILE I 23 80.83 -129.78 -57.43
N GLY I 24 79.90 -130.35 -58.20
CA GLY I 24 78.54 -130.58 -57.74
C GLY I 24 77.59 -129.43 -57.95
N GLN I 25 78.08 -128.23 -58.25
CA GLN I 25 77.20 -127.09 -58.45
C GLN I 25 76.48 -127.19 -59.78
N ASN I 26 75.31 -126.54 -59.86
CA ASN I 26 74.58 -126.45 -61.11
C ASN I 26 75.11 -125.31 -61.95
N ALA I 27 76.43 -125.28 -62.15
CA ALA I 27 77.06 -124.31 -63.02
C ALA I 27 77.09 -124.84 -64.44
N ASP I 28 76.71 -123.98 -65.39
CA ASP I 28 76.57 -124.42 -66.77
C ASP I 28 77.04 -123.32 -67.70
N LEU I 29 77.43 -123.73 -68.91
CA LEU I 29 77.88 -122.78 -69.92
C LEU I 29 76.72 -122.17 -70.68
N ASP I 30 75.68 -122.97 -70.96
CA ASP I 30 74.53 -122.54 -71.75
C ASP I 30 74.97 -122.07 -73.13
N LEU I 31 75.50 -123.01 -73.91
CA LEU I 31 75.76 -122.74 -75.31
C LEU I 31 74.47 -122.32 -76.01
N PRO I 32 74.47 -121.21 -76.74
CA PRO I 32 73.24 -120.76 -77.40
C PRO I 32 72.76 -121.79 -78.41
N GLN I 33 71.44 -121.89 -78.53
CA GLN I 33 70.83 -122.82 -79.47
C GLN I 33 70.61 -122.14 -80.80
N ILE I 34 70.77 -122.90 -81.88
CA ILE I 34 70.77 -122.37 -83.23
C ILE I 34 69.41 -122.62 -83.87
N ALA I 35 68.67 -121.55 -84.14
CA ALA I 35 67.41 -121.63 -84.86
C ALA I 35 67.55 -120.89 -86.18
N VAL I 36 66.74 -121.28 -87.17
CA VAL I 36 66.75 -120.67 -88.49
C VAL I 36 65.35 -120.19 -88.81
N VAL I 37 65.26 -118.99 -89.38
CA VAL I 37 63.99 -118.40 -89.76
C VAL I 37 64.07 -117.91 -91.19
N GLY I 38 62.91 -117.72 -91.80
CA GLY I 38 62.83 -117.24 -93.16
C GLY I 38 61.56 -117.72 -93.82
N GLY I 39 61.44 -117.39 -95.10
CA GLY I 39 60.29 -117.82 -95.88
C GLY I 39 60.47 -119.22 -96.42
N GLN I 40 59.38 -119.73 -96.99
CA GLN I 40 59.41 -121.07 -97.55
C GLN I 40 60.41 -121.14 -98.71
N SER I 41 61.05 -122.30 -98.84
CA SER I 41 62.02 -122.57 -99.90
C SER I 41 63.22 -121.63 -99.83
N ALA I 42 63.59 -121.20 -98.62
CA ALA I 42 64.81 -120.43 -98.45
C ALA I 42 66.05 -121.31 -98.32
N GLY I 43 65.89 -122.60 -98.07
CA GLY I 43 67.03 -123.50 -97.96
C GLY I 43 67.51 -123.75 -96.55
N LYS I 44 66.65 -123.59 -95.55
CA LYS I 44 67.09 -123.67 -94.16
C LYS I 44 67.58 -125.07 -93.80
N SER I 45 66.84 -126.10 -94.22
CA SER I 45 67.25 -127.46 -93.92
C SER I 45 68.60 -127.79 -94.55
N SER I 46 68.82 -127.31 -95.78
CA SER I 46 70.11 -127.52 -96.42
C SER I 46 71.22 -126.69 -95.79
N VAL I 47 70.88 -125.58 -95.12
CA VAL I 47 71.88 -124.84 -94.36
C VAL I 47 72.28 -125.65 -93.13
N LEU I 48 71.31 -126.19 -92.39
CA LEU I 48 71.64 -126.97 -91.20
C LEU I 48 72.42 -128.22 -91.57
N GLU I 49 72.01 -128.91 -92.64
CA GLU I 49 72.76 -130.09 -93.09
C GLU I 49 74.22 -129.76 -93.34
N ASN I 50 74.49 -128.64 -94.01
CA ASN I 50 75.86 -128.30 -94.34
C ASN I 50 76.63 -127.79 -93.13
N PHE I 51 75.95 -127.14 -92.18
CA PHE I 51 76.62 -126.73 -90.96
C PHE I 51 77.04 -127.92 -90.13
N VAL I 52 76.19 -128.95 -90.06
CA VAL I 52 76.56 -130.17 -89.34
C VAL I 52 77.65 -130.91 -90.09
N GLY I 53 77.37 -131.31 -91.33
CA GLY I 53 78.35 -132.02 -92.13
C GLY I 53 77.88 -133.40 -92.57
N ARG I 54 76.61 -133.72 -92.30
CA ARG I 54 76.06 -135.02 -92.65
C ARG I 54 74.66 -134.82 -93.23
N ASP I 55 74.25 -135.79 -94.06
CA ASP I 55 73.02 -135.68 -94.84
C ASP I 55 71.92 -136.41 -94.08
N PHE I 56 71.19 -135.69 -93.23
CA PHE I 56 70.16 -136.32 -92.41
C PHE I 56 68.92 -135.44 -92.30
N LEU I 57 68.63 -134.65 -93.31
CA LEU I 57 67.46 -133.78 -93.26
C LEU I 57 66.68 -133.86 -94.56
N PRO I 58 65.36 -133.61 -94.51
CA PRO I 58 64.57 -133.61 -95.74
C PRO I 58 64.60 -132.25 -96.41
N ARG I 59 64.61 -132.26 -97.74
CA ARG I 59 64.62 -131.03 -98.50
C ARG I 59 64.07 -131.30 -99.90
N GLY I 60 63.58 -130.25 -100.54
CA GLY I 60 63.08 -130.38 -101.89
C GLY I 60 62.23 -129.18 -102.25
N SER I 61 61.75 -129.19 -103.49
CA SER I 61 60.83 -128.16 -103.95
C SER I 61 59.52 -128.27 -103.19
N GLY I 62 58.76 -127.18 -103.18
CA GLY I 62 57.55 -127.18 -102.41
C GLY I 62 57.86 -127.11 -100.92
N ILE I 63 56.86 -127.47 -100.12
CA ILE I 63 56.98 -127.46 -98.68
C ILE I 63 57.53 -128.80 -98.21
N VAL I 64 58.63 -128.77 -97.45
CA VAL I 64 59.28 -129.99 -97.00
C VAL I 64 59.38 -130.02 -95.49
N THR I 65 60.09 -129.05 -94.91
CA THR I 65 60.22 -129.00 -93.46
C THR I 65 58.88 -128.59 -92.86
N ARG I 66 58.07 -129.58 -92.53
CA ARG I 66 56.67 -129.37 -92.17
C ARG I 66 56.44 -129.41 -90.67
N ARG I 67 57.40 -129.90 -89.89
CA ARG I 67 57.32 -129.94 -88.43
C ARG I 67 58.64 -129.46 -87.86
N PRO I 68 58.60 -128.69 -86.77
CA PRO I 68 59.85 -128.25 -86.14
C PRO I 68 60.68 -129.44 -85.71
N LEU I 69 61.98 -129.34 -85.92
CA LEU I 69 62.91 -130.41 -85.59
C LEU I 69 63.91 -129.89 -84.56
N VAL I 70 63.89 -130.47 -83.38
CA VAL I 70 64.85 -130.12 -82.33
C VAL I 70 65.94 -131.17 -82.39
N LEU I 71 66.97 -130.90 -83.18
CA LEU I 71 68.17 -131.72 -83.18
C LEU I 71 69.02 -131.39 -81.96
N GLN I 72 69.58 -132.42 -81.35
CA GLN I 72 70.49 -132.25 -80.23
C GLN I 72 71.74 -133.05 -80.53
N LEU I 73 72.81 -132.35 -80.87
CA LEU I 73 74.11 -132.98 -80.98
C LEU I 73 74.64 -133.21 -79.58
N VAL I 74 75.06 -134.43 -79.28
CA VAL I 74 75.54 -134.81 -77.96
C VAL I 74 76.86 -135.57 -78.10
N ASN I 75 77.87 -135.13 -77.37
CA ASN I 75 79.16 -135.80 -77.39
C ASN I 75 79.06 -137.15 -76.70
N ALA I 76 79.53 -138.19 -77.38
CA ALA I 76 79.43 -139.55 -76.85
C ALA I 76 80.59 -140.37 -77.40
N THR I 77 80.53 -141.68 -77.18
CA THR I 77 81.62 -142.57 -77.58
C THR I 77 81.59 -142.85 -79.08
N THR I 78 80.49 -143.44 -79.56
CA THR I 78 80.36 -143.84 -80.95
C THR I 78 79.33 -142.96 -81.67
N GLU I 79 79.24 -143.16 -82.98
CA GLU I 79 78.36 -142.37 -83.84
C GLU I 79 77.05 -143.12 -84.03
N TYR I 80 75.95 -142.48 -83.66
CA TYR I 80 74.61 -142.99 -83.93
C TYR I 80 73.63 -141.86 -83.69
N ALA I 81 72.35 -142.14 -83.91
CA ALA I 81 71.30 -141.16 -83.69
C ALA I 81 70.01 -141.87 -83.32
N GLU I 82 69.21 -141.24 -82.46
CA GLU I 82 67.95 -141.81 -82.04
C GLU I 82 66.88 -140.73 -81.97
N PHE I 83 65.67 -141.11 -82.38
CA PHE I 83 64.50 -140.25 -82.21
C PHE I 83 64.00 -140.35 -80.79
N LEU I 84 62.84 -139.75 -80.53
CA LEU I 84 62.20 -139.81 -79.23
C LEU I 84 60.93 -140.66 -79.23
N HIS I 85 60.15 -140.61 -80.31
CA HIS I 85 58.95 -141.44 -80.42
C HIS I 85 59.27 -142.92 -80.56
N CYS I 86 60.52 -143.28 -80.85
CA CYS I 86 60.94 -144.66 -81.07
C CYS I 86 62.14 -145.00 -80.19
N LYS I 87 61.98 -144.73 -78.89
CA LYS I 87 63.08 -144.91 -77.94
C LYS I 87 63.75 -146.27 -78.08
N GLY I 88 65.07 -146.27 -77.99
CA GLY I 88 65.86 -147.48 -78.11
C GLY I 88 66.22 -147.88 -79.52
N LYS I 89 65.57 -147.31 -80.53
CA LYS I 89 65.87 -147.63 -81.92
C LYS I 89 67.00 -146.72 -82.39
N LYS I 90 68.23 -147.19 -82.25
CA LYS I 90 69.40 -146.42 -82.65
C LYS I 90 69.55 -146.46 -84.16
N PHE I 91 69.77 -145.29 -84.76
CA PHE I 91 69.92 -145.16 -86.20
C PHE I 91 71.36 -144.84 -86.54
N THR I 92 71.93 -145.62 -87.47
CA THR I 92 73.26 -145.37 -88.00
C THR I 92 73.24 -145.01 -89.48
N ASP I 93 72.21 -145.44 -90.22
CA ASP I 93 72.10 -145.14 -91.65
C ASP I 93 71.35 -143.82 -91.81
N PHE I 94 72.07 -142.78 -92.23
CA PHE I 94 71.48 -141.46 -92.35
C PHE I 94 70.40 -141.41 -93.42
N GLU I 95 70.44 -142.30 -94.41
CA GLU I 95 69.31 -142.40 -95.34
C GLU I 95 68.06 -142.88 -94.61
N GLU I 96 68.20 -143.84 -93.70
CA GLU I 96 67.06 -144.24 -92.87
C GLU I 96 66.60 -143.10 -91.99
N VAL I 97 67.53 -142.31 -91.46
CA VAL I 97 67.14 -141.15 -90.65
C VAL I 97 66.32 -140.17 -91.49
N ARG I 98 66.78 -139.90 -92.72
CA ARG I 98 66.07 -138.97 -93.59
C ARG I 98 64.70 -139.48 -93.96
N LEU I 99 64.57 -140.78 -94.25
CA LEU I 99 63.27 -141.34 -94.56
C LEU I 99 62.35 -141.29 -93.34
N GLU I 100 62.86 -141.64 -92.16
CA GLU I 100 62.01 -141.71 -90.99
C GLU I 100 61.56 -140.34 -90.54
N ILE I 101 62.40 -139.30 -90.72
CA ILE I 101 61.99 -137.98 -90.26
C ILE I 101 60.79 -137.49 -91.05
N GLU I 102 60.78 -137.69 -92.37
CA GLU I 102 59.60 -137.28 -93.14
C GLU I 102 58.43 -138.24 -92.94
N ALA I 103 58.71 -139.51 -92.64
CA ALA I 103 57.62 -140.42 -92.29
C ALA I 103 56.91 -139.96 -91.02
N GLU I 104 57.66 -139.55 -90.01
CA GLU I 104 57.06 -138.98 -88.82
C GLU I 104 56.41 -137.63 -89.12
N THR I 105 57.00 -136.88 -90.05
CA THR I 105 56.45 -135.57 -90.41
C THR I 105 55.06 -135.69 -90.98
N ASP I 106 54.84 -136.64 -91.89
CA ASP I 106 53.50 -136.77 -92.46
C ASP I 106 52.61 -137.74 -91.69
N ARG I 107 53.17 -138.52 -90.75
CA ARG I 107 52.35 -139.39 -89.91
C ARG I 107 51.42 -138.61 -88.99
N VAL I 108 51.67 -137.32 -88.79
CA VAL I 108 50.86 -136.52 -87.90
C VAL I 108 49.96 -135.55 -88.65
N THR I 109 50.41 -135.03 -89.80
CA THR I 109 49.67 -134.00 -90.52
C THR I 109 49.04 -134.50 -91.81
N GLY I 110 49.54 -135.57 -92.40
CA GLY I 110 49.07 -136.01 -93.70
C GLY I 110 49.99 -135.57 -94.81
N THR I 111 49.47 -135.70 -96.03
CA THR I 111 50.21 -135.32 -97.23
C THR I 111 49.66 -134.02 -97.83
N ASN I 112 48.74 -133.37 -97.13
CA ASN I 112 48.06 -132.19 -97.65
C ASN I 112 48.66 -130.90 -97.08
N LYS I 113 49.96 -130.92 -96.77
CA LYS I 113 50.73 -129.72 -96.44
C LYS I 113 50.21 -128.99 -95.20
N GLY I 114 49.56 -129.71 -94.27
CA GLY I 114 49.24 -129.11 -93.00
C GLY I 114 50.40 -129.24 -92.02
N ILE I 115 50.41 -128.41 -90.98
CA ILE I 115 51.53 -128.41 -90.06
C ILE I 115 51.03 -128.63 -88.64
N SER I 116 51.97 -128.98 -87.76
CA SER I 116 51.70 -129.27 -86.37
C SER I 116 52.73 -128.56 -85.52
N PRO I 117 52.33 -127.83 -84.48
CA PRO I 117 53.29 -127.11 -83.66
C PRO I 117 53.95 -127.99 -82.61
N VAL I 118 53.84 -129.30 -82.75
CA VAL I 118 54.44 -130.24 -81.81
C VAL I 118 55.81 -130.64 -82.35
N PRO I 119 56.90 -130.31 -81.65
CA PRO I 119 58.24 -130.55 -82.21
C PRO I 119 58.56 -132.02 -82.43
N ILE I 120 59.71 -132.28 -83.02
CA ILE I 120 60.23 -133.63 -83.21
C ILE I 120 61.62 -133.62 -82.61
N ASN I 121 61.78 -134.24 -81.45
CA ASN I 121 63.10 -134.33 -80.84
C ASN I 121 63.94 -135.38 -81.55
N LEU I 122 65.24 -135.10 -81.64
CA LEU I 122 66.17 -136.02 -82.27
C LEU I 122 67.50 -135.81 -81.57
N ARG I 123 68.25 -136.89 -81.33
CA ARG I 123 69.55 -136.78 -80.67
C ARG I 123 70.59 -137.54 -81.46
N VAL I 124 71.60 -136.84 -81.95
CA VAL I 124 72.73 -137.46 -82.61
C VAL I 124 73.89 -137.52 -81.64
N TYR I 125 74.27 -138.73 -81.25
CA TYR I 125 75.38 -138.95 -80.34
C TYR I 125 76.63 -139.26 -81.17
N SER I 126 77.68 -138.49 -80.94
CA SER I 126 78.90 -138.67 -81.71
C SER I 126 80.06 -138.05 -80.96
N PRO I 127 81.29 -138.56 -81.14
CA PRO I 127 82.46 -137.88 -80.56
C PRO I 127 82.83 -136.60 -81.29
N HIS I 128 82.14 -136.27 -82.38
CA HIS I 128 82.49 -135.13 -83.22
C HIS I 128 81.51 -133.97 -83.06
N VAL I 129 80.73 -133.95 -81.99
CA VAL I 129 79.74 -132.91 -81.78
C VAL I 129 79.82 -132.39 -80.35
N LEU I 130 79.36 -131.15 -80.19
CA LEU I 130 79.21 -130.54 -78.86
C LEU I 130 77.88 -130.99 -78.27
N ASN I 131 77.47 -130.33 -77.19
CA ASN I 131 76.12 -130.48 -76.64
C ASN I 131 75.22 -129.35 -77.13
N LEU I 132 74.94 -129.38 -78.43
CA LEU I 132 74.25 -128.28 -79.10
C LEU I 132 72.81 -128.61 -79.41
N THR I 133 72.00 -127.55 -79.49
CA THR I 133 70.58 -127.63 -79.84
C THR I 133 70.35 -126.87 -81.13
N LEU I 134 70.05 -127.58 -82.20
CA LEU I 134 69.78 -126.99 -83.51
C LEU I 134 68.28 -127.11 -83.76
N VAL I 135 67.60 -125.97 -83.83
CA VAL I 135 66.15 -125.95 -83.96
C VAL I 135 65.83 -125.58 -85.40
N ASP I 136 65.63 -126.61 -86.24
CA ASP I 136 65.10 -126.37 -87.57
C ASP I 136 63.62 -126.07 -87.48
N LEU I 137 63.17 -125.11 -88.27
CA LEU I 137 61.81 -124.62 -88.20
C LEU I 137 61.16 -124.69 -89.57
N PRO I 138 59.85 -124.78 -89.65
CA PRO I 138 59.18 -124.80 -90.96
C PRO I 138 59.22 -123.43 -91.60
N GLY I 139 59.17 -123.43 -92.93
CA GLY I 139 59.17 -122.17 -93.66
C GLY I 139 57.93 -121.36 -93.36
N MET I 140 58.10 -120.04 -93.39
CA MET I 140 56.99 -119.13 -93.12
C MET I 140 56.11 -119.01 -94.34
N THR I 141 54.80 -118.98 -94.11
CA THR I 141 53.79 -118.98 -95.16
C THR I 141 52.80 -117.86 -94.88
N LYS I 142 52.21 -117.32 -95.95
CA LYS I 142 51.30 -116.20 -95.79
C LYS I 142 49.88 -116.53 -96.25
N VAL I 143 49.75 -117.41 -97.24
CA VAL I 143 48.43 -117.83 -97.70
C VAL I 143 48.29 -119.34 -97.52
N PRO I 144 47.17 -119.82 -97.00
CA PRO I 144 47.03 -121.26 -96.73
C PRO I 144 46.86 -122.09 -97.99
N VAL I 145 47.86 -122.91 -98.29
CA VAL I 145 47.79 -123.86 -99.39
C VAL I 145 47.48 -125.25 -98.82
N GLY I 146 46.55 -125.95 -99.46
CA GLY I 146 46.15 -127.25 -98.96
C GLY I 146 45.01 -127.16 -97.96
N ASP I 147 45.04 -128.00 -96.93
CA ASP I 147 44.03 -127.98 -95.89
C ASP I 147 44.46 -127.16 -94.68
N GLN I 148 45.44 -126.29 -94.84
CA GLN I 148 45.88 -125.47 -93.73
C GLN I 148 44.79 -124.50 -93.31
N PRO I 149 44.66 -124.24 -92.01
CA PRO I 149 43.61 -123.34 -91.52
C PRO I 149 43.87 -121.92 -91.96
N PRO I 150 42.88 -121.03 -91.84
CA PRO I 150 43.04 -119.67 -92.36
C PRO I 150 44.14 -118.86 -91.68
N ASP I 151 44.59 -119.26 -90.49
CA ASP I 151 45.60 -118.53 -89.74
C ASP I 151 46.93 -119.26 -89.73
N ILE I 152 47.31 -119.81 -90.89
CA ILE I 152 48.58 -120.52 -91.01
C ILE I 152 49.74 -119.57 -90.72
N GLU I 153 49.66 -118.33 -91.20
CA GLU I 153 50.74 -117.37 -90.97
C GLU I 153 50.89 -117.09 -89.49
N PHE I 154 49.79 -116.93 -88.77
CA PHE I 154 49.89 -116.59 -87.37
C PHE I 154 50.34 -117.79 -86.54
N GLN I 155 49.91 -119.00 -86.90
CA GLN I 155 50.38 -120.14 -86.12
C GLN I 155 51.77 -120.61 -86.53
N ILE I 156 52.33 -120.08 -87.61
CA ILE I 156 53.75 -120.32 -87.87
C ILE I 156 54.61 -119.24 -87.22
N ARG I 157 54.13 -117.99 -87.19
CA ARG I 157 54.86 -116.94 -86.49
C ARG I 157 54.89 -117.21 -84.98
N ASP I 158 53.76 -117.61 -84.41
CA ASP I 158 53.75 -117.97 -83.00
C ASP I 158 54.54 -119.23 -82.74
N MET I 159 54.65 -120.10 -83.75
CA MET I 159 55.56 -121.24 -83.64
C MET I 159 57.00 -120.77 -83.51
N LEU I 160 57.39 -119.79 -84.33
CA LEU I 160 58.79 -119.35 -84.32
C LEU I 160 59.12 -118.52 -83.09
N MET I 161 58.14 -117.80 -82.54
CA MET I 161 58.42 -116.98 -81.37
C MET I 161 58.88 -117.81 -80.18
N GLN I 162 58.20 -118.92 -79.90
CA GLN I 162 58.56 -119.70 -78.73
C GLN I 162 59.94 -120.32 -78.85
N PHE I 163 60.53 -120.31 -80.04
CA PHE I 163 61.87 -120.86 -80.24
C PHE I 163 62.94 -119.79 -80.40
N VAL I 164 62.59 -118.57 -80.83
CA VAL I 164 63.60 -117.54 -81.07
C VAL I 164 63.55 -116.40 -80.07
N THR I 165 62.49 -116.28 -79.27
CA THR I 165 62.46 -115.16 -78.33
C THR I 165 63.36 -115.39 -77.14
N LYS I 166 63.67 -116.66 -76.83
CA LYS I 166 64.53 -116.96 -75.70
C LYS I 166 65.95 -116.50 -76.00
N GLU I 167 66.58 -115.86 -75.00
CA GLU I 167 67.94 -115.41 -75.16
C GLU I 167 68.88 -116.60 -75.35
N ASN I 168 70.11 -116.30 -75.76
CA ASN I 168 71.07 -117.32 -76.13
C ASN I 168 70.50 -118.24 -77.20
N CYS I 169 69.89 -117.61 -78.21
CA CYS I 169 69.34 -118.32 -79.37
C CYS I 169 69.85 -117.61 -80.62
N LEU I 170 70.91 -118.16 -81.22
CA LEU I 170 71.39 -117.64 -82.48
C LEU I 170 70.30 -117.77 -83.54
N ILE I 171 70.00 -116.66 -84.21
CA ILE I 171 68.94 -116.63 -85.20
C ILE I 171 69.59 -116.51 -86.56
N LEU I 172 69.57 -117.60 -87.32
CA LEU I 172 70.03 -117.58 -88.71
C LEU I 172 68.87 -117.10 -89.56
N ALA I 173 68.90 -115.82 -89.91
CA ALA I 173 67.92 -115.26 -90.85
C ALA I 173 68.36 -115.69 -92.25
N VAL I 174 67.73 -116.74 -92.77
CA VAL I 174 68.06 -117.26 -94.08
C VAL I 174 67.15 -116.60 -95.10
N SER I 175 67.74 -115.91 -96.07
CA SER I 175 66.98 -115.23 -97.09
C SER I 175 67.48 -115.67 -98.46
N PRO I 176 66.60 -115.83 -99.43
CA PRO I 176 67.04 -116.19 -100.77
C PRO I 176 67.56 -114.98 -101.52
N ALA I 177 68.55 -115.22 -102.38
CA ALA I 177 69.11 -114.13 -103.16
C ALA I 177 68.13 -113.67 -104.23
N ASN I 178 67.39 -114.62 -104.83
CA ASN I 178 66.48 -114.26 -105.91
C ASN I 178 65.44 -113.26 -105.45
N SER I 179 64.79 -113.53 -104.32
CA SER I 179 63.84 -112.57 -103.79
C SER I 179 64.58 -111.35 -103.24
N ASP I 180 63.88 -110.23 -103.21
CA ASP I 180 64.48 -109.00 -102.71
C ASP I 180 64.66 -109.12 -101.20
N LEU I 181 65.70 -108.45 -100.69
CA LEU I 181 66.02 -108.55 -99.28
C LEU I 181 64.95 -107.88 -98.42
N ALA I 182 64.30 -106.85 -98.94
CA ALA I 182 63.26 -106.17 -98.18
C ALA I 182 62.06 -107.09 -97.91
N ASN I 183 61.96 -108.20 -98.63
CA ASN I 183 60.89 -109.17 -98.43
C ASN I 183 61.29 -110.33 -97.54
N SER I 184 62.43 -110.24 -96.85
CA SER I 184 62.91 -111.35 -96.03
C SER I 184 62.12 -111.41 -94.73
N ASP I 185 61.18 -112.36 -94.65
CA ASP I 185 60.48 -112.60 -93.39
C ASP I 185 61.46 -112.96 -92.30
N ALA I 186 62.57 -113.60 -92.67
CA ALA I 186 63.64 -113.88 -91.70
C ALA I 186 64.13 -112.60 -91.05
N LEU I 187 64.44 -111.59 -91.87
CA LEU I 187 64.93 -110.33 -91.31
C LEU I 187 63.84 -109.60 -90.57
N LYS I 188 62.59 -109.72 -90.99
CA LYS I 188 61.51 -109.11 -90.22
C LYS I 188 61.44 -109.69 -88.82
N VAL I 189 61.48 -111.02 -88.72
CA VAL I 189 61.45 -111.68 -87.43
C VAL I 189 62.68 -111.32 -86.61
N ALA I 190 63.83 -111.25 -87.25
CA ALA I 190 65.07 -110.92 -86.54
C ALA I 190 65.01 -109.51 -85.97
N LYS I 191 64.51 -108.54 -86.75
CA LYS I 191 64.38 -107.19 -86.22
C LYS I 191 63.24 -107.07 -85.21
N GLU I 192 62.31 -108.02 -85.18
CA GLU I 192 61.28 -108.00 -84.15
C GLU I 192 61.80 -108.53 -82.82
N VAL I 193 62.51 -109.66 -82.85
CA VAL I 193 62.91 -110.36 -81.62
C VAL I 193 64.38 -110.17 -81.29
N ASP I 194 65.06 -109.28 -82.00
CA ASP I 194 66.47 -109.00 -81.78
C ASP I 194 66.81 -107.66 -82.41
N PRO I 195 66.34 -106.55 -81.83
CA PRO I 195 66.45 -105.26 -82.53
C PRO I 195 67.87 -104.88 -82.88
N GLN I 196 68.79 -104.90 -81.91
CA GLN I 196 70.16 -104.48 -82.19
C GLN I 196 70.94 -105.51 -83.00
N GLY I 197 70.37 -106.68 -83.25
CA GLY I 197 71.07 -107.71 -83.99
C GLY I 197 72.28 -108.27 -83.27
N GLN I 198 72.19 -108.46 -81.96
CA GLN I 198 73.31 -109.01 -81.21
C GLN I 198 73.57 -110.46 -81.58
N ARG I 199 72.50 -111.25 -81.77
CA ARG I 199 72.58 -112.69 -81.95
C ARG I 199 71.92 -113.12 -83.26
N THR I 200 72.05 -112.29 -84.29
CA THR I 200 71.43 -112.52 -85.59
C THR I 200 72.52 -112.71 -86.63
N ILE I 201 72.48 -113.85 -87.32
CA ILE I 201 73.41 -114.15 -88.41
C ILE I 201 72.60 -114.15 -89.69
N GLY I 202 72.94 -113.27 -90.62
CA GLY I 202 72.28 -113.23 -91.91
C GLY I 202 72.92 -114.19 -92.89
N VAL I 203 72.10 -114.99 -93.56
CA VAL I 203 72.58 -115.94 -94.55
C VAL I 203 71.82 -115.70 -95.84
N ILE I 204 72.54 -115.67 -96.96
CA ILE I 204 71.95 -115.43 -98.27
C ILE I 204 72.16 -116.68 -99.11
N THR I 205 71.06 -117.31 -99.52
CA THR I 205 71.09 -118.57 -100.24
C THR I 205 70.70 -118.36 -101.69
N LYS I 206 70.99 -119.37 -102.50
CA LYS I 206 70.63 -119.39 -103.93
C LYS I 206 71.25 -118.20 -104.66
N LEU I 207 72.58 -118.11 -104.57
CA LEU I 207 73.32 -117.08 -105.28
C LEU I 207 73.62 -117.45 -106.72
N ASP I 208 73.42 -118.71 -107.10
CA ASP I 208 73.64 -119.13 -108.47
C ASP I 208 72.37 -119.05 -109.33
N LEU I 209 71.27 -118.58 -108.77
CA LEU I 209 70.01 -118.46 -109.49
C LEU I 209 69.49 -117.03 -109.52
N MET I 210 70.37 -116.04 -109.31
CA MET I 210 69.94 -114.66 -109.32
C MET I 210 69.54 -114.24 -110.74
N ASP I 211 68.70 -113.20 -110.81
CA ASP I 211 68.29 -112.67 -112.10
C ASP I 211 69.51 -112.25 -112.89
N GLU I 212 69.53 -112.65 -114.16
CA GLU I 212 70.72 -112.43 -114.99
C GLU I 212 71.03 -110.94 -115.09
N GLY I 213 72.30 -110.61 -114.96
CA GLY I 213 72.74 -109.23 -114.98
C GLY I 213 72.65 -108.51 -113.66
N THR I 214 72.24 -109.19 -112.60
CA THR I 214 72.14 -108.61 -111.27
C THR I 214 73.06 -109.37 -110.33
N ASP I 215 73.43 -108.72 -109.22
CA ASP I 215 74.28 -109.34 -108.22
C ASP I 215 73.95 -108.73 -106.86
N ALA I 216 74.00 -109.56 -105.82
CA ALA I 216 73.68 -109.15 -104.47
C ALA I 216 74.90 -108.60 -103.72
N ARG I 217 75.87 -108.06 -104.46
CA ARG I 217 77.09 -107.54 -103.83
C ARG I 217 76.78 -106.52 -102.75
N ASP I 218 75.86 -105.60 -103.02
CA ASP I 218 75.50 -104.58 -102.04
C ASP I 218 74.81 -105.16 -100.81
N VAL I 219 74.36 -106.41 -100.87
CA VAL I 219 73.81 -107.08 -99.70
C VAL I 219 74.88 -107.86 -98.96
N LEU I 220 75.70 -108.63 -99.69
CA LEU I 220 76.74 -109.41 -99.06
C LEU I 220 77.80 -108.54 -98.42
N GLU I 221 77.96 -107.31 -98.90
CA GLU I 221 78.90 -106.38 -98.28
C GLU I 221 78.26 -105.57 -97.17
N ASN I 222 77.12 -106.02 -96.66
CA ASN I 222 76.45 -105.40 -95.50
C ASN I 222 76.17 -103.91 -95.76
N LYS I 223 75.88 -103.57 -97.01
CA LYS I 223 75.61 -102.19 -97.39
C LYS I 223 74.12 -101.87 -97.44
N LEU I 224 73.33 -102.73 -98.07
CA LEU I 224 71.90 -102.46 -98.22
C LEU I 224 71.21 -102.38 -96.86
N LEU I 225 71.19 -103.49 -96.13
CA LEU I 225 70.57 -103.55 -94.81
C LEU I 225 71.64 -103.77 -93.75
N PRO I 226 71.96 -102.78 -92.93
CA PRO I 226 73.05 -102.93 -91.97
C PRO I 226 72.74 -104.01 -90.95
N LEU I 227 73.66 -104.95 -90.81
CA LEU I 227 73.52 -106.06 -89.87
C LEU I 227 74.84 -106.20 -89.11
N ARG I 228 74.74 -106.46 -87.80
CA ARG I 228 75.92 -106.42 -86.95
C ARG I 228 76.93 -107.50 -87.35
N ARG I 229 76.47 -108.73 -87.53
CA ARG I 229 77.36 -109.83 -87.87
C ARG I 229 77.58 -109.97 -89.37
N GLY I 230 76.90 -109.20 -90.20
CA GLY I 230 77.06 -109.28 -91.63
C GLY I 230 76.35 -110.49 -92.22
N TYR I 231 76.33 -110.53 -93.53
CA TYR I 231 75.69 -111.60 -94.27
C TYR I 231 76.72 -112.57 -94.82
N ILE I 232 76.32 -113.84 -94.92
CA ILE I 232 77.17 -114.89 -95.45
C ILE I 232 76.44 -115.53 -96.61
N GLY I 233 77.04 -115.43 -97.80
CA GLY I 233 76.45 -116.10 -98.95
C GLY I 233 76.85 -117.55 -99.04
N VAL I 234 75.90 -118.38 -99.45
CA VAL I 234 76.14 -119.81 -99.61
C VAL I 234 75.38 -120.30 -100.83
N VAL I 235 75.95 -121.30 -101.50
CA VAL I 235 75.31 -121.96 -102.63
C VAL I 235 75.17 -123.43 -102.27
N ASN I 236 73.93 -123.92 -102.25
CA ASN I 236 73.64 -125.27 -101.84
C ASN I 236 73.43 -126.14 -103.08
N ARG I 237 73.04 -127.40 -102.86
CA ARG I 237 72.75 -128.29 -103.97
C ARG I 237 71.43 -127.87 -104.62
N SER I 238 71.43 -127.76 -105.94
CA SER I 238 70.18 -127.48 -106.65
C SER I 238 69.23 -128.66 -106.53
N GLN I 239 67.97 -128.42 -106.89
CA GLN I 239 66.97 -129.48 -106.81
C GLN I 239 67.32 -130.63 -107.74
N LYS I 240 67.85 -130.31 -108.92
CA LYS I 240 68.33 -131.37 -109.81
C LYS I 240 69.46 -132.16 -109.16
N ASP I 241 70.35 -131.47 -108.44
CA ASP I 241 71.42 -132.16 -107.74
C ASP I 241 70.88 -133.08 -106.65
N ILE I 242 69.84 -132.62 -105.94
CA ILE I 242 69.22 -133.46 -104.91
C ILE I 242 68.61 -134.70 -105.54
N ASP I 243 67.92 -134.53 -106.67
CA ASP I 243 67.33 -135.68 -107.35
C ASP I 243 68.39 -136.63 -107.86
N GLY I 244 69.50 -136.10 -108.38
CA GLY I 244 70.60 -136.91 -108.84
C GLY I 244 71.53 -137.42 -107.76
N LYS I 245 71.27 -137.07 -106.50
CA LYS I 245 72.03 -137.54 -105.35
C LYS I 245 73.50 -137.11 -105.45
N LYS I 246 73.70 -135.82 -105.65
CA LYS I 246 75.05 -135.27 -105.66
C LYS I 246 75.65 -135.30 -104.25
N ASP I 247 76.97 -135.30 -104.19
CA ASP I 247 77.66 -135.47 -102.92
C ASP I 247 78.20 -134.14 -102.38
N ILE I 248 78.56 -134.17 -101.09
CA ILE I 248 79.05 -132.98 -100.41
C ILE I 248 80.36 -132.51 -101.03
N THR I 249 81.23 -133.43 -101.44
CA THR I 249 82.51 -133.03 -102.02
C THR I 249 82.31 -132.20 -103.29
N ALA I 250 81.52 -132.73 -104.23
CA ALA I 250 81.28 -131.99 -105.47
C ALA I 250 80.52 -130.71 -105.21
N ALA I 251 79.55 -130.74 -104.29
CA ALA I 251 78.81 -129.52 -103.98
C ALA I 251 79.73 -128.43 -103.44
N LEU I 252 80.63 -128.79 -102.52
CA LEU I 252 81.57 -127.82 -101.97
C LEU I 252 82.53 -127.33 -103.03
N ALA I 253 83.00 -128.22 -103.90
CA ALA I 253 83.90 -127.78 -104.97
C ALA I 253 83.23 -126.77 -105.88
N ALA I 254 81.97 -127.05 -106.28
CA ALA I 254 81.25 -126.12 -107.13
C ALA I 254 80.98 -124.80 -106.42
N GLU I 255 80.60 -124.86 -105.14
CA GLU I 255 80.33 -123.64 -104.39
C GLU I 255 81.59 -122.80 -104.25
N ARG I 256 82.73 -123.43 -104.01
CA ARG I 256 83.99 -122.69 -103.90
C ARG I 256 84.38 -122.07 -105.23
N LYS I 257 84.26 -122.83 -106.33
CA LYS I 257 84.66 -122.29 -107.62
C LYS I 257 83.70 -121.22 -108.13
N PHE I 258 82.45 -121.22 -107.66
CA PHE I 258 81.50 -120.20 -108.10
C PHE I 258 81.94 -118.81 -107.66
N PHE I 259 82.34 -118.67 -106.39
CA PHE I 259 82.73 -117.36 -105.89
C PHE I 259 84.05 -116.87 -106.46
N LEU I 260 84.82 -117.76 -107.11
CA LEU I 260 85.98 -117.32 -107.87
C LEU I 260 85.61 -116.98 -109.30
N SER I 261 84.65 -117.69 -109.89
CA SER I 261 84.23 -117.39 -111.26
C SER I 261 83.49 -116.06 -111.32
N HIS I 262 82.67 -115.76 -110.34
CA HIS I 262 81.83 -114.57 -110.41
C HIS I 262 82.67 -113.31 -110.24
N PRO I 263 82.65 -112.39 -111.21
CA PRO I 263 83.46 -111.17 -111.07
C PRO I 263 83.07 -110.31 -109.88
N SER I 264 81.79 -110.26 -109.51
CA SER I 264 81.37 -109.41 -108.40
C SER I 264 81.74 -109.99 -107.05
N TYR I 265 81.97 -111.30 -106.96
CA TYR I 265 82.28 -111.96 -105.70
C TYR I 265 83.68 -112.54 -105.66
N ARG I 266 84.54 -112.21 -106.64
CA ARG I 266 85.89 -112.74 -106.65
C ARG I 266 86.67 -112.30 -105.42
N HIS I 267 86.45 -111.07 -104.97
CA HIS I 267 87.16 -110.52 -103.83
C HIS I 267 86.50 -110.86 -102.50
N LEU I 268 85.63 -111.88 -102.48
CA LEU I 268 84.97 -112.29 -101.24
C LEU I 268 84.94 -113.80 -101.08
N ALA I 269 85.66 -114.55 -101.91
CA ALA I 269 85.55 -116.01 -101.89
C ALA I 269 85.93 -116.58 -100.53
N ASP I 270 86.93 -116.00 -99.87
CA ASP I 270 87.31 -116.49 -98.55
C ASP I 270 86.30 -116.10 -97.48
N ARG I 271 85.55 -115.03 -97.68
CA ARG I 271 84.61 -114.54 -96.68
C ARG I 271 83.18 -115.02 -96.91
N MET I 272 82.92 -115.73 -98.01
CA MET I 272 81.61 -116.28 -98.30
C MET I 272 81.73 -117.79 -98.50
N GLY I 273 80.66 -118.50 -98.16
CA GLY I 273 80.64 -119.94 -98.34
C GLY I 273 80.30 -120.72 -97.08
N THR I 274 79.94 -121.99 -97.26
CA THR I 274 79.60 -122.83 -96.12
C THR I 274 80.73 -123.01 -95.11
N PRO I 275 81.99 -123.25 -95.52
CA PRO I 275 83.05 -123.31 -94.50
C PRO I 275 83.17 -122.03 -93.70
N TYR I 276 83.02 -120.87 -94.34
CA TYR I 276 83.10 -119.63 -93.59
C TYR I 276 81.89 -119.45 -92.69
N LEU I 277 80.72 -119.96 -93.10
CA LEU I 277 79.57 -119.95 -92.22
C LEU I 277 79.83 -120.79 -90.98
N GLN I 278 80.43 -121.96 -91.16
CA GLN I 278 80.79 -122.79 -90.01
C GLN I 278 81.77 -122.07 -89.11
N LYS I 279 82.77 -121.41 -89.70
CA LYS I 279 83.75 -120.68 -88.90
C LYS I 279 83.09 -119.56 -88.11
N VAL I 280 82.18 -118.81 -88.72
CA VAL I 280 81.50 -117.73 -88.02
C VAL I 280 80.64 -118.26 -86.89
N LEU I 281 79.90 -119.35 -87.14
CA LEU I 281 79.06 -119.91 -86.08
C LEU I 281 79.90 -120.40 -84.91
N ASN I 282 81.01 -121.09 -85.20
CA ASN I 282 81.86 -121.57 -84.12
C ASN I 282 82.53 -120.42 -83.38
N GLN I 283 82.90 -119.36 -84.10
CA GLN I 283 83.42 -118.17 -83.44
C GLN I 283 82.38 -117.56 -82.52
N GLN I 284 81.11 -117.54 -82.95
CA GLN I 284 80.07 -116.99 -82.11
C GLN I 284 79.83 -117.83 -80.88
N LEU I 285 79.97 -119.16 -80.99
CA LEU I 285 79.86 -120.01 -79.82
C LEU I 285 81.02 -119.78 -78.85
N THR I 286 82.23 -119.68 -79.39
CA THR I 286 83.41 -119.45 -78.55
C THR I 286 83.33 -118.09 -77.85
N ASN I 287 82.82 -117.07 -78.55
CA ASN I 287 82.66 -115.75 -77.96
C ASN I 287 81.57 -115.70 -76.93
N HIS I 288 80.84 -116.79 -76.71
CA HIS I 288 79.95 -116.94 -75.57
C HIS I 288 80.56 -117.77 -74.46
N ILE I 289 81.24 -118.87 -74.83
CA ILE I 289 81.95 -119.66 -73.82
C ILE I 289 82.93 -118.78 -73.06
N ARG I 290 83.75 -118.03 -73.79
CA ARG I 290 84.73 -117.16 -73.17
C ARG I 290 84.12 -115.88 -72.63
N ASP I 291 82.92 -115.52 -73.08
CA ASP I 291 82.21 -114.39 -72.49
C ASP I 291 81.74 -114.72 -71.08
N THR I 292 81.28 -115.96 -70.87
CA THR I 292 80.69 -116.31 -69.58
C THR I 292 81.74 -116.41 -68.47
N LEU I 293 82.99 -116.69 -68.82
CA LEU I 293 83.99 -117.04 -67.81
C LEU I 293 84.18 -116.01 -66.69
N PRO I 294 84.21 -114.70 -66.95
CA PRO I 294 84.36 -113.76 -65.82
C PRO I 294 83.31 -113.93 -64.72
N GLY I 295 82.05 -114.12 -65.10
CA GLY I 295 81.02 -114.31 -64.11
C GLY I 295 81.25 -115.55 -63.26
N LEU I 296 81.57 -116.67 -63.92
CA LEU I 296 81.87 -117.89 -63.18
C LEU I 296 83.05 -117.71 -62.25
N ARG I 297 84.10 -117.05 -62.74
CA ARG I 297 85.30 -116.88 -61.92
C ARG I 297 85.01 -116.05 -60.68
N ASN I 298 84.29 -114.93 -60.84
CA ASN I 298 84.04 -114.09 -59.67
C ASN I 298 83.08 -114.76 -58.70
N LYS I 299 82.06 -115.45 -59.22
CA LYS I 299 81.11 -116.13 -58.33
C LYS I 299 81.80 -117.25 -57.56
N LEU I 300 82.65 -118.03 -58.23
CA LEU I 300 83.37 -119.09 -57.53
C LEU I 300 84.41 -118.53 -56.58
N GLN I 301 84.98 -117.36 -56.88
CA GLN I 301 85.85 -116.69 -55.91
C GLN I 301 85.07 -116.30 -54.68
N SER I 302 83.85 -115.80 -54.84
CA SER I 302 83.01 -115.50 -53.69
C SER I 302 82.69 -116.75 -52.87
N GLN I 303 82.39 -117.87 -53.54
CA GLN I 303 82.08 -119.09 -52.82
C GLN I 303 83.32 -119.64 -52.09
N LEU I 304 84.48 -119.58 -52.73
CA LEU I 304 85.71 -119.98 -52.06
C LEU I 304 86.03 -119.05 -50.90
N LEU I 305 85.68 -117.77 -51.01
CA LEU I 305 85.80 -116.85 -49.88
C LEU I 305 84.91 -117.30 -48.74
N SER I 306 83.70 -117.76 -49.06
CA SER I 306 82.79 -118.24 -48.02
C SER I 306 83.35 -119.49 -47.34
N ILE I 307 83.97 -120.40 -48.09
CA ILE I 307 84.39 -121.66 -47.48
C ILE I 307 85.77 -121.56 -46.83
N GLU I 308 86.60 -120.60 -47.23
CA GLU I 308 87.97 -120.55 -46.74
C GLU I 308 88.03 -120.28 -45.25
N LYS I 309 87.07 -119.51 -44.72
CA LYS I 309 87.05 -119.25 -43.29
C LYS I 309 86.86 -120.54 -42.51
N GLU I 310 85.93 -121.39 -42.96
CA GLU I 310 85.75 -122.68 -42.33
C GLU I 310 86.98 -123.56 -42.50
N VAL I 311 87.66 -123.44 -43.65
CA VAL I 311 88.89 -124.21 -43.84
C VAL I 311 90.01 -123.70 -42.94
N GLU I 312 89.92 -122.45 -42.46
CA GLU I 312 90.98 -121.90 -41.63
C GLU I 312 91.16 -122.71 -40.35
N GLU I 313 90.07 -122.98 -39.63
CA GLU I 313 90.16 -123.86 -38.47
C GLU I 313 90.31 -125.32 -38.86
N TYR I 314 90.19 -125.64 -40.15
CA TYR I 314 90.34 -127.00 -40.66
C TYR I 314 91.53 -127.14 -41.60
N LYS I 315 92.63 -126.46 -41.30
CA LYS I 315 93.86 -126.70 -42.06
C LYS I 315 94.34 -128.14 -41.88
N ASN I 316 94.30 -128.63 -40.64
CA ASN I 316 94.85 -129.92 -40.28
C ASN I 316 93.88 -130.72 -39.42
N PHE I 317 93.98 -132.04 -39.50
CA PHE I 317 93.16 -132.94 -38.69
C PHE I 317 93.91 -134.26 -38.56
N ARG I 318 94.37 -134.56 -37.35
CA ARG I 318 95.02 -135.82 -37.05
C ARG I 318 94.10 -136.72 -36.25
N PRO I 319 94.32 -138.03 -36.28
CA PRO I 319 93.53 -138.92 -35.41
C PRO I 319 93.72 -138.57 -33.95
N ASP I 320 92.61 -138.66 -33.21
CA ASP I 320 92.55 -138.47 -31.76
C ASP I 320 92.70 -137.01 -31.35
N ASP I 321 93.01 -136.12 -32.30
CA ASP I 321 92.99 -134.68 -32.13
C ASP I 321 93.58 -134.23 -30.80
N PRO I 322 94.91 -134.28 -30.65
CA PRO I 322 95.49 -134.03 -29.32
C PRO I 322 95.16 -132.67 -28.72
N ALA I 323 95.10 -131.62 -29.54
CA ALA I 323 94.83 -130.27 -29.04
C ALA I 323 93.54 -129.67 -29.56
N ARG I 324 93.07 -130.12 -30.73
CA ARG I 324 91.78 -129.65 -31.23
C ARG I 324 90.67 -129.98 -30.25
N LYS I 325 90.78 -131.13 -29.58
CA LYS I 325 89.77 -131.51 -28.59
C LYS I 325 89.71 -130.50 -27.45
N THR I 326 90.86 -130.14 -26.89
CA THR I 326 90.86 -129.16 -25.80
C THR I 326 90.37 -127.80 -26.28
N LYS I 327 90.80 -127.39 -27.48
CA LYS I 327 90.37 -126.08 -27.98
C LYS I 327 88.86 -126.05 -28.16
N ALA I 328 88.29 -127.09 -28.78
CA ALA I 328 86.85 -127.14 -28.99
C ALA I 328 86.10 -127.24 -27.68
N LEU I 329 86.66 -127.96 -26.70
CA LEU I 329 86.05 -128.00 -25.37
C LEU I 329 85.96 -126.61 -24.79
N LEU I 330 87.05 -125.83 -24.89
CA LEU I 330 87.01 -124.47 -24.38
C LEU I 330 86.00 -123.63 -25.12
N GLN I 331 85.92 -123.77 -26.45
CA GLN I 331 84.94 -123.01 -27.21
C GLN I 331 83.53 -123.33 -26.76
N MET I 332 83.21 -124.62 -26.62
CA MET I 332 81.88 -125.02 -26.18
C MET I 332 81.57 -124.50 -24.78
N VAL I 333 82.54 -124.59 -23.87
CA VAL I 333 82.31 -124.12 -22.50
C VAL I 333 82.05 -122.62 -22.48
N GLN I 334 82.84 -121.86 -23.25
CA GLN I 334 82.62 -120.42 -23.30
C GLN I 334 81.29 -120.08 -23.93
N GLN I 335 80.89 -120.80 -24.99
CA GLN I 335 79.58 -120.57 -25.59
C GLN I 335 78.47 -120.84 -24.59
N PHE I 336 78.57 -121.95 -23.86
CA PHE I 336 77.55 -122.27 -22.86
C PHE I 336 77.49 -121.20 -21.78
N ALA I 337 78.65 -120.76 -21.28
CA ALA I 337 78.66 -119.76 -20.22
C ALA I 337 78.06 -118.45 -20.69
N VAL I 338 78.47 -117.98 -21.87
CA VAL I 338 77.95 -116.71 -22.37
C VAL I 338 76.47 -116.82 -22.68
N ASP I 339 76.01 -117.99 -23.13
CA ASP I 339 74.59 -118.13 -23.43
C ASP I 339 73.76 -118.23 -22.15
N PHE I 340 74.29 -118.87 -21.11
CA PHE I 340 73.62 -118.87 -19.82
C PHE I 340 73.49 -117.45 -19.29
N GLU I 341 74.58 -116.68 -19.34
CA GLU I 341 74.55 -115.31 -18.86
C GLU I 341 73.61 -114.45 -19.71
N LYS I 342 73.59 -114.68 -21.02
CA LYS I 342 72.68 -113.95 -21.89
C LYS I 342 71.23 -114.33 -21.61
N ARG I 343 70.98 -115.59 -21.30
CA ARG I 343 69.62 -116.06 -21.08
C ARG I 343 69.06 -115.57 -19.77
N ILE I 344 69.89 -115.47 -18.73
CA ILE I 344 69.43 -115.13 -17.38
C ILE I 344 69.76 -113.69 -17.03
N GLU I 345 71.05 -113.33 -17.00
CA GLU I 345 71.42 -111.96 -16.68
C GLU I 345 70.88 -110.99 -17.72
N GLY I 346 70.99 -111.33 -18.99
CA GLY I 346 70.55 -110.45 -20.06
C GLY I 346 71.68 -109.65 -20.66
N SER I 347 72.79 -110.31 -20.96
CA SER I 347 73.92 -109.63 -21.57
C SER I 347 73.56 -109.14 -22.98
N GLY I 348 74.48 -108.42 -23.59
CA GLY I 348 74.24 -107.86 -24.90
C GLY I 348 74.29 -108.89 -26.02
N ASP I 349 74.55 -108.43 -27.24
CA ASP I 349 74.74 -109.27 -28.42
C ASP I 349 73.48 -110.08 -28.75
N GLN I 350 72.41 -109.34 -29.07
CA GLN I 350 71.27 -109.89 -29.80
C GLN I 350 70.55 -111.03 -29.10
N ILE I 351 69.90 -110.76 -27.97
CA ILE I 351 69.00 -111.74 -27.39
C ILE I 351 67.71 -111.80 -28.20
N ASP I 352 67.19 -113.02 -28.39
CA ASP I 352 66.06 -113.22 -29.29
C ASP I 352 64.81 -112.53 -28.78
N THR I 353 63.98 -112.07 -29.72
CA THR I 353 62.75 -111.36 -29.43
C THR I 353 61.50 -112.16 -29.79
N TYR I 354 61.65 -113.45 -30.11
CA TYR I 354 60.52 -114.22 -30.62
C TYR I 354 59.52 -114.54 -29.51
N GLU I 355 59.99 -115.14 -28.42
CA GLU I 355 59.12 -115.61 -27.35
C GLU I 355 59.43 -114.86 -26.07
N LEU I 356 58.80 -115.31 -24.98
CA LEU I 356 59.17 -114.81 -23.67
C LEU I 356 60.60 -115.16 -23.34
N SER I 357 61.16 -116.15 -24.05
CA SER I 357 62.59 -116.28 -24.34
C SER I 357 63.43 -116.38 -23.07
N GLY I 358 63.26 -117.49 -22.38
CA GLY I 358 64.24 -117.91 -21.43
C GLY I 358 63.79 -117.76 -20.00
N GLY I 359 64.55 -118.40 -19.10
CA GLY I 359 64.17 -118.43 -17.70
C GLY I 359 64.14 -117.06 -17.06
N ALA I 360 64.97 -116.13 -17.53
CA ALA I 360 65.15 -114.85 -16.83
C ALA I 360 63.81 -114.19 -16.53
N ARG I 361 62.95 -114.07 -17.52
CA ARG I 361 61.67 -113.43 -17.29
C ARG I 361 60.64 -114.42 -16.75
N ILE I 362 60.78 -115.71 -17.07
CA ILE I 362 60.00 -116.72 -16.36
C ILE I 362 60.37 -116.72 -14.88
N ASN I 363 61.66 -116.64 -14.59
CA ASN I 363 62.11 -116.52 -13.20
C ASN I 363 61.57 -115.26 -12.56
N ARG I 364 61.56 -114.14 -13.30
CA ARG I 364 60.89 -112.97 -12.77
C ARG I 364 59.40 -113.14 -12.55
N ILE I 365 58.68 -113.78 -13.46
CA ILE I 365 57.25 -113.90 -13.24
C ILE I 365 57.02 -114.74 -12.00
N PHE I 366 57.94 -115.64 -11.68
CA PHE I 366 57.90 -116.32 -10.39
C PHE I 366 58.11 -115.34 -9.23
N HIS I 367 59.18 -114.54 -9.30
CA HIS I 367 59.48 -113.60 -8.21
C HIS I 367 58.41 -112.53 -8.04
N GLU I 368 57.54 -112.33 -9.02
CA GLU I 368 56.49 -111.33 -8.92
C GLU I 368 55.08 -111.92 -9.06
N ARG I 369 54.94 -113.24 -9.03
CA ARG I 369 53.66 -113.89 -8.81
C ARG I 369 53.58 -114.61 -7.48
N PHE I 370 54.72 -115.00 -6.91
CA PHE I 370 54.80 -115.51 -5.55
C PHE I 370 54.18 -114.53 -4.55
N PRO I 371 54.34 -113.20 -4.71
CA PRO I 371 53.54 -112.27 -3.90
C PRO I 371 52.04 -112.32 -4.15
N PHE I 372 51.59 -113.18 -5.05
CA PHE I 372 50.18 -113.52 -5.09
C PHE I 372 49.89 -114.85 -4.40
N GLU I 373 50.80 -115.80 -4.48
CA GLU I 373 50.64 -117.06 -3.75
C GLU I 373 50.72 -116.85 -2.24
N LEU I 374 51.42 -115.82 -1.79
CA LEU I 374 51.40 -115.48 -0.37
C LEU I 374 50.02 -114.96 0.05
N VAL I 375 49.45 -114.05 -0.75
CA VAL I 375 48.18 -113.44 -0.40
C VAL I 375 47.06 -114.48 -0.46
N LYS I 376 47.05 -115.31 -1.50
CA LYS I 376 45.91 -116.17 -1.77
C LYS I 376 45.71 -117.23 -0.68
N MET I 377 46.78 -117.95 -0.35
CA MET I 377 46.63 -119.16 0.45
C MET I 377 46.24 -118.87 1.90
N GLU I 378 46.73 -117.77 2.47
CA GLU I 378 46.60 -117.50 3.90
C GLU I 378 45.41 -116.61 4.17
N PHE I 379 44.49 -117.08 5.02
CA PHE I 379 43.32 -116.31 5.43
C PHE I 379 42.60 -117.04 6.55
N ASP I 380 42.02 -116.25 7.46
CA ASP I 380 41.00 -116.71 8.40
C ASP I 380 40.43 -115.48 9.09
N GLU I 381 39.20 -115.63 9.59
CA GLU I 381 38.54 -114.52 10.27
C GLU I 381 37.40 -115.08 11.11
N LYS I 382 37.08 -114.35 12.19
CA LYS I 382 35.96 -114.64 13.09
C LYS I 382 36.16 -115.92 13.88
N GLU I 383 37.27 -116.62 13.63
CA GLU I 383 37.79 -117.62 14.54
C GLU I 383 38.98 -117.10 15.31
N LEU I 384 39.79 -116.25 14.67
CA LEU I 384 40.83 -115.52 15.39
C LEU I 384 40.23 -114.61 16.44
N ARG I 385 39.00 -114.14 16.23
CA ARG I 385 38.33 -113.36 17.27
C ARG I 385 38.17 -114.19 18.55
N ARG I 386 37.68 -115.42 18.42
CA ARG I 386 37.54 -116.29 19.56
C ARG I 386 38.88 -116.63 20.19
N GLU I 387 39.88 -116.92 19.35
CA GLU I 387 41.20 -117.25 19.88
C GLU I 387 41.80 -116.07 20.65
N ILE I 388 41.65 -114.86 20.12
CA ILE I 388 42.15 -113.66 20.79
C ILE I 388 41.39 -113.44 22.09
N SER I 389 40.08 -113.62 22.09
CA SER I 389 39.31 -113.46 23.31
C SER I 389 39.83 -114.39 24.40
N TYR I 390 40.05 -115.66 24.06
CA TYR I 390 40.55 -116.60 25.05
C TYR I 390 41.97 -116.26 25.48
N ALA I 391 42.81 -115.80 24.57
CA ALA I 391 44.17 -115.39 24.96
C ALA I 391 44.13 -114.22 25.93
N ILE I 392 43.25 -113.25 25.67
CA ILE I 392 43.11 -112.12 26.60
C ILE I 392 42.66 -112.61 27.96
N LYS I 393 41.64 -113.47 27.98
CA LYS I 393 41.10 -113.94 29.25
C LYS I 393 41.99 -114.97 29.93
N ASN I 394 43.09 -115.39 29.30
CA ASN I 394 43.96 -116.36 29.95
C ASN I 394 45.37 -115.89 30.25
N ILE I 395 45.89 -114.87 29.58
CA ILE I 395 47.28 -114.48 29.85
C ILE I 395 47.40 -113.48 31.01
N HIS I 396 46.30 -112.88 31.44
CA HIS I 396 46.29 -112.25 32.75
C HIS I 396 45.24 -113.01 33.56
N GLY I 397 45.37 -114.34 33.49
CA GLY I 397 44.24 -115.22 33.74
C GLY I 397 43.64 -115.16 35.12
N ILE I 398 44.44 -114.85 36.14
CA ILE I 398 43.90 -114.88 37.50
C ILE I 398 43.35 -113.54 37.96
N ARG I 399 43.78 -112.43 37.36
CA ARG I 399 43.50 -111.10 37.88
C ARG I 399 42.93 -110.22 36.79
N THR I 400 42.02 -109.33 37.19
CA THR I 400 41.36 -108.44 36.24
C THR I 400 42.36 -107.60 35.48
N GLY I 401 42.53 -107.87 34.19
CA GLY I 401 43.45 -107.11 33.37
C GLY I 401 42.83 -105.80 32.97
N LEU I 402 43.38 -104.71 33.50
CA LEU I 402 42.89 -103.38 33.20
C LEU I 402 43.62 -102.75 32.02
N PHE I 403 44.51 -103.49 31.37
CA PHE I 403 45.20 -103.05 30.17
C PHE I 403 45.23 -104.21 29.18
N THR I 404 45.07 -103.89 27.90
CA THR I 404 45.04 -104.92 26.88
C THR I 404 46.39 -105.63 26.84
N PRO I 405 46.43 -106.93 27.07
CA PRO I 405 47.72 -107.63 27.21
C PRO I 405 48.39 -107.85 25.87
N ASP I 406 49.63 -108.32 25.94
CA ASP I 406 50.59 -108.25 24.85
C ASP I 406 51.02 -109.61 24.32
N MET I 407 51.20 -110.59 25.21
CA MET I 407 51.54 -111.92 24.76
C MET I 407 50.44 -112.51 23.88
N ALA I 408 49.21 -111.99 23.97
CA ALA I 408 48.17 -112.44 23.04
C ALA I 408 48.47 -112.00 21.62
N PHE I 409 48.83 -110.72 21.44
CA PHE I 409 49.26 -110.25 20.13
C PHE I 409 50.44 -111.06 19.64
N GLU I 410 51.42 -111.31 20.52
CA GLU I 410 52.58 -112.09 20.13
C GLU I 410 52.17 -113.49 19.67
N THR I 411 51.28 -114.13 20.42
CA THR I 411 50.85 -115.48 20.08
C THR I 411 50.08 -115.53 18.78
N ILE I 412 49.21 -114.56 18.52
CA ILE I 412 48.46 -114.55 17.27
C ILE I 412 49.40 -114.37 16.08
N VAL I 413 50.29 -113.38 16.14
CA VAL I 413 51.15 -113.14 14.99
C VAL I 413 52.13 -114.29 14.82
N LYS I 414 52.59 -114.90 15.91
CA LYS I 414 53.49 -116.04 15.78
C LYS I 414 52.77 -117.25 15.21
N LYS I 415 51.50 -117.44 15.56
CA LYS I 415 50.71 -118.52 14.99
C LYS I 415 50.35 -118.27 13.54
N GLN I 416 50.39 -117.01 13.09
CA GLN I 416 50.04 -116.71 11.71
C GLN I 416 51.23 -116.60 10.77
N VAL I 417 52.43 -116.27 11.27
CA VAL I 417 53.59 -116.12 10.40
C VAL I 417 54.35 -117.44 10.30
N LYS I 418 53.74 -118.53 10.76
CA LYS I 418 54.36 -119.83 10.57
C LYS I 418 53.74 -120.62 9.42
N LYS I 419 52.68 -120.12 8.81
CA LYS I 419 52.13 -120.75 7.62
C LYS I 419 52.85 -120.32 6.36
N ILE I 420 53.81 -119.39 6.46
CA ILE I 420 54.57 -118.94 5.31
C ILE I 420 55.56 -120.00 4.84
N ARG I 421 55.81 -121.04 5.64
CA ARG I 421 56.79 -122.05 5.27
C ARG I 421 56.42 -122.78 3.98
N GLU I 422 55.13 -122.88 3.65
CA GLU I 422 54.75 -123.57 2.43
C GLU I 422 54.98 -122.71 1.18
N PRO I 423 54.43 -121.48 1.11
CA PRO I 423 54.60 -120.70 -0.13
C PRO I 423 56.05 -120.44 -0.49
N CYS I 424 56.92 -120.20 0.49
CA CYS I 424 58.31 -119.91 0.18
C CYS I 424 59.02 -121.12 -0.40
N LEU I 425 58.80 -122.30 0.19
CA LEU I 425 59.40 -123.52 -0.37
C LEU I 425 58.84 -123.82 -1.75
N LYS I 426 57.55 -123.57 -1.96
CA LYS I 426 56.97 -123.75 -3.29
C LYS I 426 57.64 -122.83 -4.30
N CYS I 427 57.87 -121.57 -3.91
CA CYS I 427 58.56 -120.64 -4.80
C CYS I 427 59.96 -121.12 -5.12
N VAL I 428 60.69 -121.59 -4.12
CA VAL I 428 62.06 -122.06 -4.35
C VAL I 428 62.06 -123.23 -5.32
N ASP I 429 61.17 -124.20 -5.12
CA ASP I 429 61.13 -125.35 -6.02
C ASP I 429 60.70 -124.94 -7.43
N MET I 430 59.78 -123.98 -7.54
CA MET I 430 59.34 -123.53 -8.86
C MET I 430 60.48 -122.87 -9.61
N VAL I 431 61.25 -122.02 -8.92
CA VAL I 431 62.42 -121.39 -9.53
C VAL I 431 63.45 -122.44 -9.91
N ILE I 432 63.62 -123.46 -9.07
CA ILE I 432 64.54 -124.55 -9.40
C ILE I 432 64.12 -125.21 -10.70
N SER I 433 62.83 -125.49 -10.85
CA SER I 433 62.34 -126.13 -12.06
C SER I 433 62.62 -125.28 -13.29
N GLU I 434 62.29 -123.98 -13.23
CA GLU I 434 62.50 -123.18 -14.43
C GLU I 434 63.99 -123.02 -14.74
N LEU I 435 64.83 -122.96 -13.71
CA LEU I 435 66.26 -122.79 -13.94
C LEU I 435 66.92 -124.06 -14.47
N ILE I 436 66.37 -125.23 -14.14
CA ILE I 436 66.86 -126.43 -14.81
C ILE I 436 66.38 -126.48 -16.25
N SER I 437 65.15 -126.03 -16.50
CA SER I 437 64.66 -125.96 -17.88
C SER I 437 65.54 -125.03 -18.71
N THR I 438 65.95 -123.91 -18.13
CA THR I 438 66.82 -122.98 -18.85
C THR I 438 68.16 -123.62 -19.20
N VAL I 439 68.75 -124.38 -18.26
CA VAL I 439 70.01 -125.04 -18.55
C VAL I 439 69.85 -126.03 -19.69
N ARG I 440 68.77 -126.83 -19.66
CA ARG I 440 68.58 -127.76 -20.76
C ARG I 440 68.36 -127.02 -22.09
N GLN I 441 67.60 -125.93 -22.05
CA GLN I 441 67.29 -125.19 -23.27
C GLN I 441 68.54 -124.56 -23.86
N CYS I 442 69.44 -124.05 -23.02
CA CYS I 442 70.65 -123.39 -23.49
C CYS I 442 71.83 -124.36 -23.62
N THR I 443 71.61 -125.64 -23.33
CA THR I 443 72.56 -126.67 -23.74
C THR I 443 72.12 -127.41 -24.99
N LYS I 444 70.83 -127.35 -25.35
CA LYS I 444 70.37 -128.00 -26.57
C LYS I 444 71.19 -127.62 -27.79
N LYS I 445 71.60 -126.36 -27.90
CA LYS I 445 72.38 -125.91 -29.04
C LYS I 445 73.80 -126.42 -29.03
N LEU I 446 74.18 -127.28 -28.11
CA LEU I 446 75.51 -127.88 -28.10
C LEU I 446 75.51 -129.25 -28.74
N GLN I 447 74.42 -129.62 -29.42
CA GLN I 447 74.25 -130.93 -30.02
C GLN I 447 75.30 -131.24 -31.08
N GLN I 448 76.20 -130.29 -31.35
CA GLN I 448 77.33 -130.57 -32.25
C GLN I 448 78.14 -131.75 -31.73
N TYR I 449 78.50 -131.73 -30.45
CA TYR I 449 79.15 -132.87 -29.83
C TYR I 449 78.16 -133.57 -28.91
N PRO I 450 77.77 -134.81 -29.19
CA PRO I 450 77.10 -135.61 -28.17
C PRO I 450 78.12 -136.08 -27.15
N ARG I 451 77.61 -136.66 -26.06
CA ARG I 451 78.39 -137.20 -24.96
C ARG I 451 79.10 -136.11 -24.16
N LEU I 452 79.00 -134.85 -24.58
CA LEU I 452 79.46 -133.73 -23.77
C LEU I 452 78.32 -132.86 -23.26
N ARG I 453 77.25 -132.72 -24.04
CA ARG I 453 76.05 -132.08 -23.52
C ARG I 453 75.50 -132.86 -22.34
N GLU I 454 75.56 -134.19 -22.41
CA GLU I 454 75.11 -135.02 -21.30
C GLU I 454 75.92 -134.72 -20.04
N GLU I 455 77.25 -134.67 -20.16
CA GLU I 455 78.09 -134.37 -19.01
C GLU I 455 77.83 -132.98 -18.47
N MET I 456 77.70 -131.99 -19.36
CA MET I 456 77.50 -130.62 -18.92
C MET I 456 76.18 -130.47 -18.17
N GLU I 457 75.10 -131.04 -18.72
CA GLU I 457 73.82 -131.00 -18.03
C GLU I 457 73.89 -131.77 -16.71
N ARG I 458 74.51 -132.94 -16.72
CA ARG I 458 74.62 -133.75 -15.52
C ARG I 458 75.45 -133.08 -14.43
N ILE I 459 76.35 -132.17 -14.78
CA ILE I 459 77.11 -131.45 -13.77
C ILE I 459 76.36 -130.24 -13.27
N VAL I 460 75.83 -129.42 -14.19
CA VAL I 460 75.15 -128.20 -13.76
C VAL I 460 73.89 -128.52 -12.96
N THR I 461 73.10 -129.50 -13.42
CA THR I 461 71.87 -129.85 -12.71
C THR I 461 72.18 -130.43 -11.33
N THR I 462 73.22 -131.27 -11.23
CA THR I 462 73.59 -131.77 -9.92
C THR I 462 74.04 -130.63 -9.01
N HIS I 463 74.75 -129.65 -9.54
CA HIS I 463 75.12 -128.50 -8.73
C HIS I 463 73.89 -127.75 -8.23
N ILE I 464 72.91 -127.54 -9.11
CA ILE I 464 71.70 -126.83 -8.71
C ILE I 464 70.95 -127.61 -7.65
N ARG I 465 70.89 -128.94 -7.78
CA ARG I 465 70.22 -129.74 -6.76
C ARG I 465 70.99 -129.70 -5.44
N GLU I 466 72.32 -129.75 -5.50
CA GLU I 466 73.12 -129.64 -4.28
C GLU I 466 72.99 -128.27 -3.64
N ARG I 467 72.56 -127.27 -4.39
CA ARG I 467 72.35 -125.94 -3.83
C ARG I 467 70.92 -125.72 -3.34
N GLU I 468 69.95 -126.51 -3.82
CA GLU I 468 68.57 -126.32 -3.37
C GLU I 468 68.44 -126.57 -1.87
N GLY I 469 69.21 -127.52 -1.34
CA GLY I 469 69.14 -127.77 0.09
C GLY I 469 69.54 -126.56 0.90
N ARG I 470 70.66 -125.93 0.54
CA ARG I 470 71.11 -124.75 1.27
C ARG I 470 70.13 -123.60 1.12
N THR I 471 69.61 -123.38 -0.08
CA THR I 471 68.70 -122.23 -0.21
C THR I 471 67.39 -122.47 0.52
N LYS I 472 66.88 -123.70 0.53
CA LYS I 472 65.68 -123.99 1.31
C LYS I 472 65.95 -123.85 2.80
N GLU I 473 67.13 -124.26 3.26
CA GLU I 473 67.48 -124.10 4.66
C GLU I 473 67.48 -122.64 5.06
N GLN I 474 68.10 -121.79 4.25
CA GLN I 474 68.11 -120.36 4.55
C GLN I 474 66.72 -119.76 4.45
N VAL I 475 65.90 -120.23 3.52
CA VAL I 475 64.53 -119.74 3.40
C VAL I 475 63.74 -120.04 4.66
N MET I 476 63.85 -121.27 5.17
CA MET I 476 63.18 -121.59 6.42
C MET I 476 63.72 -120.76 7.57
N LEU I 477 65.04 -120.60 7.62
CA LEU I 477 65.65 -119.89 8.75
C LEU I 477 65.27 -118.41 8.76
N LEU I 478 65.02 -117.80 7.59
CA LEU I 478 64.62 -116.40 7.59
C LEU I 478 63.29 -116.19 8.30
N ILE I 479 62.27 -116.95 7.92
CA ILE I 479 60.99 -116.80 8.60
C ILE I 479 61.06 -117.30 10.04
N ASP I 480 61.89 -118.31 10.30
CA ASP I 480 62.07 -118.75 11.67
C ASP I 480 62.66 -117.64 12.53
N ILE I 481 63.53 -116.82 11.94
CA ILE I 481 64.00 -115.60 12.60
C ILE I 481 62.83 -114.63 12.79
N GLU I 482 62.00 -114.49 11.77
CA GLU I 482 60.86 -113.57 11.88
C GLU I 482 59.94 -113.96 13.02
N LEU I 483 59.87 -115.24 13.36
CA LEU I 483 59.08 -115.72 14.48
C LEU I 483 59.71 -115.45 15.84
N ALA I 484 60.69 -114.55 15.94
CA ALA I 484 61.40 -114.41 17.21
C ALA I 484 61.06 -113.13 17.98
N TYR I 485 60.95 -111.99 17.33
CA TYR I 485 60.96 -110.73 18.08
C TYR I 485 59.68 -109.93 17.98
N MET I 486 59.01 -109.93 16.84
CA MET I 486 57.77 -109.18 16.64
C MET I 486 57.98 -107.68 16.92
N ASN I 487 58.83 -107.07 16.10
CA ASN I 487 59.18 -105.67 16.28
C ASN I 487 57.95 -104.79 16.11
N THR I 488 57.86 -103.77 16.96
CA THR I 488 56.70 -102.89 16.91
C THR I 488 57.14 -101.42 16.97
N ASN I 489 58.43 -101.14 16.99
CA ASN I 489 58.92 -99.78 16.88
C ASN I 489 59.32 -99.49 15.43
N HIS I 490 58.83 -100.29 14.50
CA HIS I 490 58.94 -100.05 13.08
C HIS I 490 57.91 -98.98 12.69
N GLU I 491 57.69 -98.77 11.40
CA GLU I 491 56.63 -97.84 11.04
C GLU I 491 55.23 -98.42 11.31
N ASP I 492 55.14 -99.58 11.94
CA ASP I 492 53.86 -100.06 12.49
C ASP I 492 53.29 -99.01 13.42
N PHE I 493 52.04 -98.63 13.17
CA PHE I 493 51.42 -97.58 13.98
C PHE I 493 51.11 -98.09 15.38
N ILE I 494 51.15 -97.18 16.34
CA ILE I 494 50.88 -97.50 17.73
C ILE I 494 49.43 -97.94 17.90
N PRO I 653 31.28 -106.63 26.08
CA PRO I 653 32.01 -106.07 27.22
C PRO I 653 33.21 -105.24 26.77
N GLN I 654 34.31 -105.37 27.51
CA GLN I 654 35.59 -104.82 27.08
C GLN I 654 36.34 -105.77 26.15
N LEU I 655 35.90 -107.02 26.07
CA LEU I 655 36.56 -108.01 25.22
C LEU I 655 36.47 -107.61 23.75
N GLU I 656 35.31 -107.11 23.31
CA GLU I 656 35.18 -106.75 21.91
C GLU I 656 36.11 -105.61 21.53
N ARG I 657 36.23 -104.59 22.37
CA ARG I 657 37.16 -103.51 22.08
C ARG I 657 38.61 -104.00 22.12
N GLN I 658 38.95 -104.85 23.09
CA GLN I 658 40.29 -105.39 23.14
C GLN I 658 40.62 -106.21 21.90
N VAL I 659 39.69 -107.05 21.45
CA VAL I 659 39.92 -107.88 20.27
C VAL I 659 40.01 -107.04 19.01
N GLU I 660 39.19 -105.99 18.91
CA GLU I 660 39.30 -105.10 17.75
C GLU I 660 40.66 -104.41 17.73
N THR I 661 41.12 -103.95 18.89
CA THR I 661 42.44 -103.32 18.94
C THR I 661 43.53 -104.31 18.61
N ILE I 662 43.36 -105.58 19.00
CA ILE I 662 44.37 -106.59 18.69
C ILE I 662 44.38 -106.90 17.20
N ARG I 663 43.19 -106.97 16.58
CA ARG I 663 43.12 -107.27 15.16
C ARG I 663 43.67 -106.14 14.32
N ASN I 664 43.37 -104.89 14.67
CA ASN I 664 43.90 -103.76 13.92
C ASN I 664 45.42 -103.70 13.96
N LEU I 665 46.05 -104.36 14.93
CA LEU I 665 47.50 -104.45 15.00
C LEU I 665 48.02 -105.70 14.34
N VAL I 666 47.30 -106.81 14.47
CA VAL I 666 47.71 -108.07 13.85
C VAL I 666 47.72 -107.92 12.33
N ASP I 667 46.70 -107.27 11.77
CA ASP I 667 46.68 -107.07 10.33
C ASP I 667 47.86 -106.22 9.87
N SER I 668 48.16 -105.15 10.60
CA SER I 668 49.29 -104.30 10.25
C SER I 668 50.59 -105.07 10.27
N TYR I 669 50.82 -105.84 11.34
CA TYR I 669 52.08 -106.57 11.42
C TYR I 669 52.13 -107.71 10.40
N MET I 670 50.98 -108.28 10.05
CA MET I 670 50.94 -109.25 8.96
C MET I 670 51.39 -108.60 7.66
N ALA I 671 50.90 -107.40 7.38
CA ALA I 671 51.34 -106.70 6.18
C ALA I 671 52.83 -106.39 6.22
N ILE I 672 53.33 -105.97 7.38
CA ILE I 672 54.74 -105.56 7.48
C ILE I 672 55.69 -106.74 7.46
N VAL I 673 55.23 -107.92 7.88
CA VAL I 673 56.07 -109.10 7.71
C VAL I 673 55.94 -109.68 6.31
N ASN I 674 54.78 -109.49 5.66
CA ASN I 674 54.65 -109.89 4.27
C ASN I 674 55.58 -109.06 3.39
N LYS I 675 55.67 -107.76 3.64
CA LYS I 675 56.59 -106.92 2.86
C LYS I 675 58.03 -107.40 3.01
N THR I 676 58.43 -107.70 4.25
CA THR I 676 59.81 -108.08 4.52
C THR I 676 60.15 -109.47 4.01
N VAL I 677 59.19 -110.40 3.97
CA VAL I 677 59.46 -111.69 3.37
C VAL I 677 59.38 -111.62 1.85
N ARG I 678 58.55 -110.73 1.31
CA ARG I 678 58.45 -110.55 -0.14
C ARG I 678 59.69 -109.87 -0.71
N ASP I 679 60.35 -109.00 0.05
CA ASP I 679 61.57 -108.36 -0.41
C ASP I 679 62.80 -109.23 -0.22
N LEU I 680 62.72 -110.30 0.57
CA LEU I 680 63.87 -111.13 0.85
C LEU I 680 63.70 -112.57 0.41
N MET I 681 62.59 -112.94 -0.22
CA MET I 681 62.55 -114.26 -0.82
C MET I 681 63.31 -114.28 -2.14
N PRO I 682 63.12 -113.30 -3.04
CA PRO I 682 63.97 -113.26 -4.24
C PRO I 682 65.45 -113.22 -3.89
N LYS I 683 65.84 -112.21 -3.11
CA LYS I 683 67.25 -112.05 -2.77
C LYS I 683 67.81 -113.31 -2.14
N THR I 684 67.04 -113.97 -1.28
CA THR I 684 67.50 -115.20 -0.65
C THR I 684 67.74 -116.29 -1.68
N ILE I 685 66.80 -116.46 -2.62
CA ILE I 685 66.96 -117.51 -3.62
C ILE I 685 68.20 -117.26 -4.46
N MET I 686 68.34 -116.04 -4.97
CA MET I 686 69.35 -115.76 -5.99
C MET I 686 70.75 -115.72 -5.41
N HIS I 687 70.92 -115.11 -4.24
CA HIS I 687 72.25 -115.06 -3.64
C HIS I 687 72.78 -116.46 -3.34
N LEU I 688 71.89 -117.44 -3.19
CA LEU I 688 72.31 -118.81 -2.94
C LEU I 688 72.26 -119.68 -4.18
N MET I 689 71.26 -119.50 -5.05
CA MET I 689 71.07 -120.36 -6.21
C MET I 689 71.67 -119.78 -7.47
N ILE I 690 71.23 -118.60 -7.89
CA ILE I 690 71.53 -118.11 -9.23
C ILE I 690 72.89 -117.42 -9.25
N ASN I 691 73.09 -116.45 -8.36
CA ASN I 691 74.38 -115.79 -8.32
C ASN I 691 75.47 -116.68 -7.75
N ASN I 692 75.18 -117.96 -7.54
CA ASN I 692 76.19 -118.95 -7.23
C ASN I 692 76.36 -119.97 -8.34
N THR I 693 75.28 -120.38 -9.00
CA THR I 693 75.43 -121.24 -10.17
C THR I 693 76.12 -120.50 -11.31
N LYS I 694 75.92 -119.18 -11.38
CA LYS I 694 76.61 -118.39 -12.39
C LYS I 694 78.12 -118.42 -12.17
N GLU I 695 78.55 -118.24 -10.93
CA GLU I 695 79.98 -118.32 -10.63
C GLU I 695 80.50 -119.73 -10.78
N PHE I 696 79.68 -120.74 -10.49
CA PHE I 696 80.10 -122.11 -10.76
C PHE I 696 80.35 -122.32 -12.25
N ILE I 697 79.45 -121.80 -13.09
CA ILE I 697 79.63 -121.90 -14.54
C ILE I 697 80.91 -121.20 -14.97
N PHE I 698 81.10 -119.96 -14.49
CA PHE I 698 82.22 -119.15 -14.93
C PHE I 698 83.56 -119.56 -14.34
N SER I 699 83.57 -120.38 -13.29
CA SER I 699 84.83 -120.74 -12.65
C SER I 699 85.13 -122.23 -12.67
N GLU I 700 84.20 -123.06 -12.22
CA GLU I 700 84.50 -124.44 -11.85
C GLU I 700 84.09 -125.46 -12.91
N LEU I 701 83.23 -125.09 -13.85
CA LEU I 701 82.75 -126.05 -14.84
C LEU I 701 83.91 -126.60 -15.68
N LEU I 702 84.83 -125.71 -16.07
CA LEU I 702 85.94 -126.12 -16.92
C LEU I 702 86.80 -127.16 -16.22
N ALA I 703 87.06 -126.98 -14.93
CA ALA I 703 87.88 -127.94 -14.21
C ALA I 703 87.24 -129.31 -14.19
N ASN I 704 85.95 -129.39 -13.86
CA ASN I 704 85.27 -130.68 -13.82
C ASN I 704 85.27 -131.34 -15.19
N LEU I 705 84.95 -130.58 -16.23
CA LEU I 705 84.87 -131.16 -17.57
C LEU I 705 86.23 -131.66 -18.04
N TYR I 706 87.30 -130.91 -17.77
CA TYR I 706 88.61 -131.36 -18.21
C TYR I 706 89.14 -132.50 -17.34
N SER I 707 88.72 -132.56 -16.06
CA SER I 707 89.25 -133.56 -15.15
C SER I 707 88.53 -134.90 -15.27
N CYS I 708 87.28 -134.90 -15.73
CA CYS I 708 86.60 -136.19 -15.91
C CYS I 708 87.33 -137.02 -16.96
N GLY I 709 87.30 -138.33 -16.76
CA GLY I 709 88.17 -139.21 -17.52
C GLY I 709 87.75 -139.36 -18.98
N ASP I 710 88.67 -139.95 -19.74
CA ASP I 710 88.48 -140.29 -21.15
C ASP I 710 88.17 -139.04 -21.98
N GLN I 711 89.19 -138.18 -22.04
CA GLN I 711 89.13 -136.98 -22.87
C GLN I 711 88.78 -137.31 -24.31
N ASN I 712 89.26 -138.44 -24.83
CA ASN I 712 89.01 -138.80 -26.22
C ASN I 712 87.53 -139.05 -26.48
N THR I 713 86.78 -139.47 -25.46
CA THR I 713 85.36 -139.74 -25.63
C THR I 713 84.47 -138.65 -25.08
N LEU I 714 85.01 -137.73 -24.28
CA LEU I 714 84.20 -136.59 -23.86
C LEU I 714 83.80 -135.73 -25.05
N MET I 715 84.69 -135.57 -26.02
CA MET I 715 84.39 -134.90 -27.28
C MET I 715 84.26 -135.95 -28.37
N GLU I 716 83.05 -136.43 -28.58
CA GLU I 716 82.72 -137.29 -29.72
C GLU I 716 82.33 -136.43 -30.90
N GLU I 717 83.05 -136.59 -32.01
CA GLU I 717 82.59 -136.03 -33.26
C GLU I 717 81.25 -136.64 -33.63
N SER I 718 80.25 -135.80 -33.82
CA SER I 718 78.96 -136.28 -34.30
C SER I 718 79.09 -136.56 -35.79
N ALA I 719 78.33 -137.57 -36.25
CA ALA I 719 78.33 -137.89 -37.67
C ALA I 719 77.98 -136.68 -38.51
N GLU I 720 77.06 -135.84 -38.01
CA GLU I 720 76.65 -134.65 -38.76
C GLU I 720 77.83 -133.73 -39.02
N GLN I 721 78.55 -133.34 -37.97
CA GLN I 721 79.62 -132.38 -38.17
C GLN I 721 80.81 -133.02 -38.88
N ALA I 722 81.05 -134.31 -38.65
CA ALA I 722 82.18 -134.96 -39.32
C ALA I 722 81.94 -135.09 -40.81
N GLN I 723 80.75 -135.54 -41.21
CA GLN I 723 80.42 -135.61 -42.63
C GLN I 723 80.40 -134.22 -43.25
N ARG I 724 79.86 -133.23 -42.53
CA ARG I 724 79.86 -131.87 -43.05
C ARG I 724 81.28 -131.36 -43.26
N ARG I 725 82.17 -131.64 -42.32
CA ARG I 725 83.55 -131.18 -42.42
C ARG I 725 84.26 -131.83 -43.60
N ASP I 726 84.10 -133.14 -43.75
CA ASP I 726 84.75 -133.81 -44.88
C ASP I 726 84.19 -133.32 -46.21
N GLU I 727 82.87 -133.08 -46.28
CA GLU I 727 82.28 -132.59 -47.51
C GLU I 727 82.72 -131.16 -47.80
N MET I 728 82.91 -130.34 -46.77
CA MET I 728 83.56 -129.05 -46.95
C MET I 728 84.95 -129.19 -47.54
N LEU I 729 85.74 -130.13 -47.04
CA LEU I 729 87.09 -130.32 -47.56
C LEU I 729 87.06 -130.69 -49.04
N ARG I 730 86.20 -131.64 -49.39
CA ARG I 730 86.08 -132.05 -50.79
C ARG I 730 85.58 -130.91 -51.66
N MET I 731 84.64 -130.11 -51.14
CA MET I 731 84.11 -128.98 -51.88
C MET I 731 85.20 -127.94 -52.13
N TYR I 732 86.04 -127.67 -51.13
CA TYR I 732 87.13 -126.73 -51.30
C TYR I 732 88.11 -127.22 -52.35
N HIS I 733 88.47 -128.50 -52.31
CA HIS I 733 89.38 -129.03 -53.31
C HIS I 733 88.78 -128.96 -54.72
N ALA I 734 87.49 -129.28 -54.84
CA ALA I 734 86.84 -129.21 -56.15
C ALA I 734 86.79 -127.78 -56.67
N LEU I 735 86.52 -126.81 -55.79
CA LEU I 735 86.53 -125.41 -56.20
C LEU I 735 87.92 -124.96 -56.61
N LYS I 736 88.96 -125.43 -55.91
CA LYS I 736 90.33 -125.12 -56.32
C LYS I 736 90.60 -125.65 -57.72
N GLU I 737 90.18 -126.89 -58.00
CA GLU I 737 90.35 -127.46 -59.33
C GLU I 737 89.58 -126.65 -60.37
N ALA I 738 88.36 -126.23 -60.03
CA ALA I 738 87.56 -125.47 -60.99
C ALA I 738 88.21 -124.13 -61.31
N LEU I 739 88.74 -123.44 -60.31
CA LEU I 739 89.43 -122.18 -60.58
C LEU I 739 90.74 -122.39 -61.36
N SER I 740 91.44 -123.51 -61.12
CA SER I 740 92.60 -123.82 -61.95
C SER I 740 92.19 -124.05 -63.40
N ILE I 741 91.06 -124.71 -63.62
CA ILE I 741 90.57 -124.94 -64.98
C ILE I 741 90.18 -123.62 -65.64
N ILE I 742 89.53 -122.72 -64.89
CA ILE I 742 89.24 -121.40 -65.44
C ILE I 742 90.52 -120.69 -65.82
N GLY I 743 91.54 -120.78 -64.98
CA GLY I 743 92.81 -120.14 -65.29
C GLY I 743 93.43 -120.69 -66.55
N ASN I 744 93.43 -122.01 -66.71
CA ASN I 744 94.07 -122.63 -67.87
C ASN I 744 93.19 -122.64 -69.12
N ILE I 745 91.94 -122.23 -69.01
CA ILE I 745 91.06 -122.12 -70.18
C ILE I 745 90.95 -120.68 -70.66
N ASN I 746 90.87 -119.72 -69.74
CA ASN I 746 90.77 -118.32 -70.13
C ASN I 746 91.99 -117.88 -70.93
N THR I 747 93.12 -118.55 -70.77
CA THR I 747 94.32 -118.24 -71.54
C THR I 747 94.22 -118.80 -72.96
N ILE J 10 40.58 -106.87 -134.60
CA ILE J 10 40.57 -105.94 -133.47
C ILE J 10 39.28 -106.15 -132.67
N PRO J 11 39.38 -106.03 -131.35
CA PRO J 11 38.22 -106.31 -130.49
C PRO J 11 37.08 -105.33 -130.70
N LEU J 12 35.86 -105.87 -130.59
CA LEU J 12 34.66 -105.07 -130.81
C LEU J 12 34.48 -104.01 -129.73
N VAL J 13 35.00 -104.24 -128.52
CA VAL J 13 34.96 -103.19 -127.51
C VAL J 13 35.84 -102.02 -127.91
N ASN J 14 37.02 -102.30 -128.48
CA ASN J 14 37.84 -101.23 -129.04
C ASN J 14 37.13 -100.52 -130.18
N ARG J 15 36.46 -101.26 -131.06
CA ARG J 15 35.75 -100.60 -132.15
C ARG J 15 34.61 -99.73 -131.63
N LEU J 16 33.92 -100.21 -130.59
CA LEU J 16 32.86 -99.42 -129.99
C LEU J 16 33.41 -98.14 -129.36
N GLN J 17 34.56 -98.24 -128.69
CA GLN J 17 35.17 -97.04 -128.12
C GLN J 17 35.61 -96.08 -129.22
N ASP J 18 36.12 -96.61 -130.33
CA ASP J 18 36.46 -95.76 -131.47
C ASP J 18 35.23 -95.03 -131.98
N ALA J 19 34.10 -95.73 -132.09
CA ALA J 19 32.87 -95.09 -132.53
C ALA J 19 32.39 -94.04 -131.54
N PHE J 20 32.57 -94.30 -130.24
CA PHE J 20 32.19 -93.33 -129.22
C PHE J 20 33.04 -92.07 -129.34
N SER J 21 34.34 -92.23 -129.53
CA SER J 21 35.20 -91.07 -129.74
C SER J 21 34.80 -90.32 -131.00
N ALA J 22 34.42 -91.06 -132.05
CA ALA J 22 34.00 -90.44 -133.30
C ALA J 22 32.75 -89.58 -133.10
N ILE J 23 31.74 -90.13 -132.42
CA ILE J 23 30.55 -89.33 -132.14
C ILE J 23 30.88 -88.19 -131.18
N GLY J 24 31.96 -88.32 -130.41
CA GLY J 24 32.46 -87.23 -129.60
C GLY J 24 31.60 -86.81 -128.45
N GLN J 25 30.40 -87.35 -128.30
CA GLN J 25 29.58 -87.04 -127.14
C GLN J 25 30.28 -87.54 -125.88
N ASN J 26 30.07 -86.82 -124.77
CA ASN J 26 30.77 -87.10 -123.53
C ASN J 26 30.20 -88.34 -122.84
N ALA J 27 30.28 -89.46 -123.57
CA ALA J 27 29.84 -90.75 -123.09
C ALA J 27 31.03 -91.69 -123.01
N ASP J 28 30.90 -92.70 -122.14
CA ASP J 28 31.97 -93.67 -121.93
C ASP J 28 31.37 -95.02 -121.62
N LEU J 29 32.13 -96.08 -121.93
CA LEU J 29 31.64 -97.43 -121.67
C LEU J 29 31.67 -97.78 -120.19
N ASP J 30 32.31 -96.96 -119.36
CA ASP J 30 32.33 -97.13 -117.90
C ASP J 30 32.99 -98.46 -117.52
N LEU J 31 34.21 -98.67 -118.00
CA LEU J 31 34.96 -99.85 -117.63
C LEU J 31 35.46 -99.73 -116.20
N PRO J 32 35.63 -100.85 -115.50
CA PRO J 32 36.26 -100.81 -114.18
C PRO J 32 37.74 -100.49 -114.30
N GLN J 33 38.28 -99.88 -113.25
CA GLN J 33 39.70 -99.59 -113.23
C GLN J 33 40.49 -100.88 -112.97
N ILE J 34 41.78 -100.85 -113.30
CA ILE J 34 42.67 -101.98 -113.10
C ILE J 34 43.78 -101.53 -112.16
N ALA J 35 44.10 -102.37 -111.18
CA ALA J 35 45.21 -102.11 -110.27
C ALA J 35 46.15 -103.30 -110.30
N VAL J 36 47.43 -103.06 -110.49
CA VAL J 36 48.44 -104.11 -110.50
C VAL J 36 49.17 -104.07 -109.17
N VAL J 37 49.18 -105.20 -108.46
CA VAL J 37 49.75 -105.26 -107.12
C VAL J 37 50.52 -106.56 -106.96
N GLY J 38 51.50 -106.54 -106.07
CA GLY J 38 52.33 -107.69 -105.83
C GLY J 38 53.43 -107.37 -104.85
N GLY J 39 54.37 -108.31 -104.73
CA GLY J 39 55.53 -108.08 -103.89
C GLY J 39 56.56 -107.23 -104.59
N GLN J 40 57.53 -106.76 -103.81
CA GLN J 40 58.62 -105.97 -104.38
C GLN J 40 59.44 -106.83 -105.32
N SER J 41 59.82 -106.24 -106.46
CA SER J 41 60.57 -106.91 -107.52
C SER J 41 59.82 -108.10 -108.11
N ALA J 42 58.48 -108.07 -108.05
CA ALA J 42 57.70 -109.14 -108.66
C ALA J 42 57.73 -109.05 -110.19
N GLY J 43 57.55 -107.85 -110.72
CA GLY J 43 57.44 -107.67 -112.16
C GLY J 43 56.19 -106.88 -112.53
N LYS J 44 55.64 -106.17 -111.56
CA LYS J 44 54.36 -105.50 -111.73
C LYS J 44 54.42 -104.44 -112.84
N SER J 45 55.42 -103.55 -112.77
CA SER J 45 55.53 -102.50 -113.76
C SER J 45 55.80 -103.07 -115.14
N SER J 46 56.61 -104.11 -115.23
CA SER J 46 56.91 -104.72 -116.52
C SER J 46 55.66 -105.33 -117.14
N VAL J 47 54.86 -106.04 -116.33
CA VAL J 47 53.61 -106.60 -116.85
C VAL J 47 52.69 -105.48 -117.30
N LEU J 48 52.61 -104.39 -116.53
CA LEU J 48 51.73 -103.29 -116.90
C LEU J 48 52.15 -102.69 -118.23
N GLU J 49 53.44 -102.43 -118.42
CA GLU J 49 53.87 -101.81 -119.67
C GLU J 49 53.72 -102.75 -120.85
N ASN J 50 53.92 -104.06 -120.61
CA ASN J 50 53.73 -105.00 -121.71
C ASN J 50 52.27 -105.13 -122.09
N PHE J 51 51.36 -104.99 -121.11
CA PHE J 51 49.94 -104.96 -121.42
C PHE J 51 49.57 -103.68 -122.19
N VAL J 52 50.18 -102.56 -121.82
CA VAL J 52 49.95 -101.33 -122.56
C VAL J 52 50.43 -101.48 -124.00
N GLY J 53 51.62 -102.06 -124.18
CA GLY J 53 52.21 -102.29 -125.48
C GLY J 53 53.42 -101.44 -125.77
N ARG J 54 53.68 -100.42 -124.97
CA ARG J 54 54.75 -99.47 -125.23
C ARG J 54 55.52 -99.21 -123.94
N ASP J 55 56.85 -99.14 -124.06
CA ASP J 55 57.75 -99.13 -122.91
C ASP J 55 57.94 -97.72 -122.40
N PHE J 56 57.23 -97.37 -121.33
CA PHE J 56 57.34 -96.03 -120.75
C PHE J 56 57.29 -96.07 -119.22
N LEU J 57 57.76 -97.15 -118.61
CA LEU J 57 57.67 -97.30 -117.16
C LEU J 57 59.03 -97.61 -116.57
N PRO J 58 59.30 -97.11 -115.36
CA PRO J 58 60.59 -97.39 -114.72
C PRO J 58 60.68 -98.85 -114.30
N ARG J 59 61.72 -99.55 -114.77
CA ARG J 59 61.89 -100.97 -114.50
C ARG J 59 63.36 -101.25 -114.21
N GLY J 60 63.65 -101.69 -113.00
CA GLY J 60 65.01 -102.04 -112.62
C GLY J 60 65.00 -102.86 -111.34
N SER J 61 66.19 -103.36 -111.01
CA SER J 61 66.34 -104.11 -109.77
C SER J 61 66.24 -103.18 -108.57
N GLY J 62 65.87 -103.76 -107.44
CA GLY J 62 65.68 -102.96 -106.24
C GLY J 62 64.30 -102.32 -106.23
N ILE J 63 64.18 -101.28 -105.41
CA ILE J 63 62.94 -100.51 -105.33
C ILE J 63 62.93 -99.49 -106.46
N VAL J 64 61.93 -99.59 -107.33
CA VAL J 64 61.86 -98.73 -108.50
C VAL J 64 60.52 -98.00 -108.54
N THR J 65 59.42 -98.76 -108.60
CA THR J 65 58.08 -98.18 -108.63
C THR J 65 57.75 -97.69 -107.23
N ARG J 66 58.24 -96.50 -106.89
CA ARG J 66 58.17 -95.98 -105.55
C ARG J 66 57.11 -94.88 -105.37
N ARG J 67 56.11 -94.83 -106.26
CA ARG J 67 55.05 -93.86 -106.13
C ARG J 67 53.87 -94.30 -106.97
N PRO J 68 52.64 -94.23 -106.46
CA PRO J 68 51.48 -94.78 -107.19
C PRO J 68 51.22 -94.03 -108.47
N LEU J 69 51.40 -94.72 -109.59
CA LEU J 69 51.19 -94.14 -110.92
C LEU J 69 49.78 -94.44 -111.38
N VAL J 70 48.95 -93.39 -111.47
CA VAL J 70 47.58 -93.52 -111.96
C VAL J 70 47.62 -93.20 -113.45
N LEU J 71 47.77 -94.24 -114.25
CA LEU J 71 47.71 -94.16 -115.70
C LEU J 71 46.26 -94.10 -116.17
N GLN J 72 46.02 -93.30 -117.20
CA GLN J 72 44.73 -93.30 -117.89
C GLN J 72 45.00 -93.44 -119.39
N LEU J 73 44.81 -94.64 -119.92
CA LEU J 73 44.83 -94.85 -121.35
C LEU J 73 43.53 -94.33 -121.94
N VAL J 74 43.63 -93.42 -122.91
CA VAL J 74 42.46 -92.85 -123.57
C VAL J 74 42.66 -92.96 -125.07
N ASN J 75 41.56 -92.76 -125.80
CA ASN J 75 41.55 -92.91 -127.25
C ASN J 75 41.57 -91.55 -127.93
N ALA J 76 42.40 -91.43 -128.95
CA ALA J 76 42.50 -90.21 -129.75
C ALA J 76 43.11 -90.56 -131.09
N THR J 77 43.35 -89.53 -131.91
CA THR J 77 43.83 -89.76 -133.26
C THR J 77 45.25 -90.35 -133.26
N THR J 78 46.17 -89.73 -132.53
CA THR J 78 47.54 -90.20 -132.46
C THR J 78 48.07 -90.06 -131.03
N GLU J 79 49.19 -90.74 -130.78
CA GLU J 79 49.63 -91.03 -129.42
C GLU J 79 50.56 -89.95 -128.88
N TYR J 80 50.38 -89.64 -127.60
CA TYR J 80 51.29 -88.82 -126.82
C TYR J 80 50.97 -89.08 -125.35
N ALA J 81 51.57 -88.29 -124.46
CA ALA J 81 51.33 -88.44 -123.04
C ALA J 81 51.39 -87.08 -122.37
N GLU J 82 50.55 -86.91 -121.34
CA GLU J 82 50.53 -85.68 -120.56
C GLU J 82 50.41 -86.00 -119.08
N PHE J 83 51.19 -85.28 -118.28
CA PHE J 83 51.12 -85.39 -116.83
C PHE J 83 50.12 -84.34 -116.32
N LEU J 84 50.06 -84.18 -115.00
CA LEU J 84 49.28 -83.10 -114.39
C LEU J 84 50.17 -82.09 -113.69
N HIS J 85 51.45 -82.04 -114.06
CA HIS J 85 52.34 -80.99 -113.58
C HIS J 85 53.03 -80.24 -114.71
N CYS J 86 53.38 -80.92 -115.79
CA CYS J 86 53.90 -80.27 -116.99
C CYS J 86 52.74 -79.87 -117.91
N LYS J 87 51.84 -79.05 -117.36
CA LYS J 87 50.62 -78.68 -118.05
C LYS J 87 50.94 -77.98 -119.36
N GLY J 88 50.27 -78.41 -120.43
CA GLY J 88 50.51 -77.91 -121.76
C GLY J 88 51.52 -78.74 -122.55
N LYS J 89 52.54 -79.25 -121.87
CA LYS J 89 53.56 -80.04 -122.54
C LYS J 89 52.98 -81.36 -123.01
N LYS J 90 53.48 -81.84 -124.15
CA LYS J 90 53.01 -83.07 -124.77
C LYS J 90 54.21 -83.99 -124.96
N PHE J 91 54.53 -84.78 -123.93
CA PHE J 91 55.59 -85.76 -124.02
C PHE J 91 55.27 -86.76 -125.13
N THR J 92 56.24 -87.03 -125.98
CA THR J 92 56.01 -87.88 -127.14
C THR J 92 56.95 -89.07 -127.21
N ASP J 93 58.21 -88.90 -126.84
CA ASP J 93 59.16 -90.01 -126.84
C ASP J 93 59.26 -90.61 -125.44
N PHE J 94 59.12 -91.93 -125.38
CA PHE J 94 58.89 -92.62 -124.13
C PHE J 94 60.14 -92.71 -123.26
N GLU J 95 61.33 -92.56 -123.83
CA GLU J 95 62.50 -92.37 -123.00
C GLU J 95 62.37 -91.10 -122.17
N GLU J 96 61.95 -90.00 -122.81
CA GLU J 96 61.69 -88.77 -122.06
C GLU J 96 60.56 -88.97 -121.07
N VAL J 97 59.53 -89.72 -121.45
CA VAL J 97 58.42 -89.97 -120.51
C VAL J 97 58.92 -90.69 -119.27
N ARG J 98 59.72 -91.73 -119.45
CA ARG J 98 60.23 -92.49 -118.31
C ARG J 98 61.15 -91.64 -117.45
N LEU J 99 62.03 -90.85 -118.07
CA LEU J 99 62.91 -89.98 -117.29
C LEU J 99 62.11 -88.97 -116.49
N GLU J 100 61.07 -88.40 -117.09
CA GLU J 100 60.21 -87.47 -116.36
C GLU J 100 59.50 -88.17 -115.21
N ILE J 101 59.07 -89.41 -115.42
CA ILE J 101 58.42 -90.16 -114.35
C ILE J 101 59.35 -90.34 -113.17
N GLU J 102 60.57 -90.82 -113.43
CA GLU J 102 61.49 -91.07 -112.32
C GLU J 102 61.91 -89.77 -111.64
N ALA J 103 62.10 -88.70 -112.42
CA ALA J 103 62.43 -87.41 -111.81
C ALA J 103 61.28 -86.91 -110.94
N GLU J 104 60.04 -87.09 -111.40
CA GLU J 104 58.90 -86.67 -110.60
C GLU J 104 58.81 -87.46 -109.31
N THR J 105 59.08 -88.76 -109.37
CA THR J 105 59.10 -89.56 -108.15
C THR J 105 60.17 -89.05 -107.19
N ASP J 106 61.37 -88.78 -107.71
CA ASP J 106 62.47 -88.36 -106.84
C ASP J 106 62.22 -86.98 -106.23
N ARG J 107 61.55 -86.09 -106.97
CA ARG J 107 61.39 -84.73 -106.49
C ARG J 107 60.58 -84.63 -105.20
N VAL J 108 59.83 -85.67 -104.85
CA VAL J 108 59.08 -85.69 -103.60
C VAL J 108 59.54 -86.80 -102.68
N THR J 109 59.88 -87.97 -103.22
CA THR J 109 60.28 -89.09 -102.36
C THR J 109 61.69 -88.91 -101.83
N GLY J 110 62.60 -88.40 -102.65
CA GLY J 110 64.00 -88.35 -102.32
C GLY J 110 64.78 -89.44 -103.03
N THR J 111 66.10 -89.37 -102.90
CA THR J 111 67.01 -90.27 -103.59
C THR J 111 67.63 -91.30 -102.65
N ASN J 112 66.86 -91.78 -101.68
CA ASN J 112 67.31 -92.79 -100.74
C ASN J 112 66.23 -93.83 -100.52
N LYS J 113 65.60 -94.26 -101.61
CA LYS J 113 64.61 -95.34 -101.61
C LYS J 113 63.37 -95.01 -100.78
N GLY J 114 63.13 -93.73 -100.50
CA GLY J 114 61.88 -93.35 -99.87
C GLY J 114 60.71 -93.45 -100.82
N ILE J 115 59.50 -93.49 -100.26
CA ILE J 115 58.28 -93.57 -101.04
C ILE J 115 57.33 -92.48 -100.59
N SER J 116 56.29 -92.25 -101.41
CA SER J 116 55.29 -91.23 -101.14
C SER J 116 53.95 -91.70 -101.67
N PRO J 117 52.89 -91.62 -100.88
CA PRO J 117 51.57 -92.10 -101.33
C PRO J 117 50.84 -91.17 -102.29
N VAL J 118 51.39 -90.00 -102.58
CA VAL J 118 50.71 -89.03 -103.44
C VAL J 118 50.76 -89.51 -104.88
N PRO J 119 49.60 -89.67 -105.53
CA PRO J 119 49.58 -90.29 -106.86
C PRO J 119 50.16 -89.40 -107.94
N ILE J 120 50.85 -90.02 -108.89
CA ILE J 120 51.28 -89.36 -110.12
C ILE J 120 50.20 -89.61 -111.16
N ASN J 121 49.45 -88.58 -111.52
CA ASN J 121 48.35 -88.70 -112.47
C ASN J 121 48.91 -88.52 -113.88
N LEU J 122 48.88 -89.58 -114.69
CA LEU J 122 49.41 -89.54 -116.04
C LEU J 122 48.33 -90.00 -117.01
N ARG J 123 48.34 -89.44 -118.21
CA ARG J 123 47.37 -89.81 -119.23
C ARG J 123 48.11 -90.08 -120.54
N VAL J 124 47.76 -91.17 -121.20
CA VAL J 124 48.34 -91.55 -122.48
C VAL J 124 47.21 -91.59 -123.50
N TYR J 125 47.52 -91.16 -124.72
CA TYR J 125 46.56 -91.23 -125.82
C TYR J 125 47.01 -92.29 -126.80
N SER J 126 46.04 -92.99 -127.39
CA SER J 126 46.35 -94.07 -128.30
C SER J 126 45.17 -94.28 -129.23
N PRO J 127 45.39 -94.79 -130.45
CA PRO J 127 44.28 -94.89 -131.39
C PRO J 127 43.28 -95.99 -131.09
N HIS J 128 43.71 -97.10 -130.50
CA HIS J 128 42.84 -98.28 -130.35
C HIS J 128 42.93 -98.84 -128.94
N VAL J 129 42.76 -97.99 -127.94
CA VAL J 129 42.70 -98.46 -126.56
C VAL J 129 41.43 -97.94 -125.91
N LEU J 130 40.99 -98.65 -124.87
CA LEU J 130 39.83 -98.22 -124.10
C LEU J 130 40.18 -96.99 -123.25
N ASN J 131 39.15 -96.34 -122.72
CA ASN J 131 39.33 -95.33 -121.69
C ASN J 131 39.57 -96.03 -120.34
N LEU J 132 40.70 -96.72 -120.28
CA LEU J 132 41.02 -97.51 -119.10
C LEU J 132 41.55 -96.62 -117.99
N THR J 133 41.77 -97.22 -116.82
CA THR J 133 42.35 -96.51 -115.69
C THR J 133 43.27 -97.51 -114.98
N LEU J 134 44.54 -97.49 -115.37
CA LEU J 134 45.53 -98.40 -114.81
C LEU J 134 46.15 -97.77 -113.57
N VAL J 135 46.51 -98.60 -112.60
CA VAL J 135 47.13 -98.13 -111.38
C VAL J 135 48.32 -99.03 -111.09
N ASP J 136 49.53 -98.49 -111.27
CA ASP J 136 50.74 -99.18 -110.83
C ASP J 136 51.06 -98.72 -109.43
N LEU J 137 51.44 -99.67 -108.58
CA LEU J 137 51.65 -99.42 -107.17
C LEU J 137 53.00 -99.97 -106.74
N PRO J 138 53.57 -99.44 -105.66
CA PRO J 138 54.79 -100.03 -105.12
C PRO J 138 54.54 -101.43 -104.55
N GLY J 139 55.58 -102.24 -104.59
CA GLY J 139 55.49 -103.58 -104.02
C GLY J 139 55.42 -103.53 -102.50
N MET J 140 55.09 -104.68 -101.93
CA MET J 140 54.92 -104.80 -100.49
C MET J 140 56.22 -105.24 -99.84
N THR J 141 56.65 -104.48 -98.84
CA THR J 141 57.88 -104.79 -98.10
C THR J 141 57.58 -104.77 -96.62
N LYS J 142 58.40 -105.50 -95.85
CA LYS J 142 58.22 -105.58 -94.40
C LYS J 142 59.30 -104.83 -93.63
N VAL J 143 60.57 -105.00 -93.98
CA VAL J 143 61.69 -104.34 -93.31
C VAL J 143 62.00 -103.04 -94.05
N PRO J 144 61.98 -101.89 -93.39
CA PRO J 144 62.38 -100.65 -94.06
C PRO J 144 63.84 -100.68 -94.47
N VAL J 145 64.13 -100.06 -95.61
CA VAL J 145 65.49 -99.94 -96.13
C VAL J 145 65.72 -98.48 -96.48
N GLY J 146 66.98 -98.05 -96.38
CA GLY J 146 67.28 -96.66 -96.64
C GLY J 146 66.71 -95.79 -95.54
N ASP J 147 65.95 -94.76 -95.93
CA ASP J 147 65.38 -93.81 -94.99
C ASP J 147 63.88 -93.97 -94.81
N GLN J 148 63.33 -95.11 -95.21
CA GLN J 148 61.90 -95.33 -95.04
C GLN J 148 61.55 -95.37 -93.55
N PRO J 149 60.35 -94.93 -93.18
CA PRO J 149 59.92 -95.01 -91.78
C PRO J 149 59.79 -96.45 -91.33
N PRO J 150 59.88 -96.71 -90.04
CA PRO J 150 59.81 -98.10 -89.56
C PRO J 150 58.52 -98.82 -89.89
N ASP J 151 57.43 -98.10 -90.14
CA ASP J 151 56.14 -98.70 -90.46
C ASP J 151 55.89 -98.73 -91.97
N ILE J 152 56.95 -98.93 -92.75
CA ILE J 152 56.83 -98.91 -94.20
C ILE J 152 55.87 -100.00 -94.68
N GLU J 153 55.82 -101.13 -93.97
CA GLU J 153 54.92 -102.20 -94.36
C GLU J 153 53.47 -101.75 -94.30
N PHE J 154 53.06 -101.18 -93.16
CA PHE J 154 51.70 -100.69 -93.02
C PHE J 154 51.43 -99.54 -93.99
N GLN J 155 52.44 -98.69 -94.21
CA GLN J 155 52.27 -97.58 -95.13
C GLN J 155 51.93 -98.07 -96.53
N ILE J 156 52.74 -98.98 -97.07
CA ILE J 156 52.47 -99.52 -98.40
C ILE J 156 51.15 -100.28 -98.39
N ARG J 157 50.88 -101.04 -97.33
CA ARG J 157 49.68 -101.85 -97.27
C ARG J 157 48.43 -100.98 -97.39
N ASP J 158 48.23 -100.05 -96.46
CA ASP J 158 47.01 -99.25 -96.51
C ASP J 158 47.03 -98.29 -97.71
N MET J 159 48.22 -97.89 -98.17
CA MET J 159 48.30 -97.02 -99.34
C MET J 159 47.74 -97.70 -100.58
N LEU J 160 48.05 -98.98 -100.78
CA LEU J 160 47.45 -99.69 -101.91
C LEU J 160 46.07 -100.24 -101.59
N MET J 161 45.74 -100.41 -100.31
CA MET J 161 44.40 -100.82 -99.93
C MET J 161 43.39 -99.74 -100.27
N GLN J 162 43.76 -98.47 -100.07
CA GLN J 162 42.86 -97.38 -100.40
C GLN J 162 42.55 -97.31 -101.88
N PHE J 163 43.36 -97.96 -102.72
CA PHE J 163 43.08 -98.04 -104.15
C PHE J 163 42.41 -99.35 -104.57
N VAL J 164 42.66 -100.44 -103.86
CA VAL J 164 42.17 -101.74 -104.30
C VAL J 164 40.81 -102.05 -103.69
N THR J 165 40.60 -101.66 -102.43
CA THR J 165 39.40 -102.06 -101.71
C THR J 165 38.12 -101.50 -102.34
N LYS J 166 38.22 -100.47 -103.17
CA LYS J 166 37.06 -99.98 -103.88
C LYS J 166 36.58 -101.00 -104.91
N GLU J 167 35.28 -101.00 -105.16
CA GLU J 167 34.70 -101.90 -106.13
C GLU J 167 35.10 -101.45 -107.55
N ASN J 168 34.68 -102.22 -108.55
CA ASN J 168 35.04 -102.02 -109.96
C ASN J 168 36.53 -101.75 -110.10
N CYS J 169 37.34 -102.50 -109.35
CA CYS J 169 38.79 -102.39 -109.38
C CYS J 169 39.35 -103.80 -109.58
N LEU J 170 39.53 -104.19 -110.83
CA LEU J 170 40.15 -105.47 -111.13
C LEU J 170 41.55 -105.50 -110.55
N ILE J 171 41.98 -106.68 -110.09
CA ILE J 171 43.26 -106.85 -109.42
C ILE J 171 44.13 -107.75 -110.29
N LEU J 172 45.34 -107.29 -110.55
CA LEU J 172 46.38 -108.13 -111.16
C LEU J 172 47.35 -108.51 -110.06
N ALA J 173 47.20 -109.73 -109.54
CA ALA J 173 48.06 -110.24 -108.48
C ALA J 173 49.30 -110.83 -109.14
N VAL J 174 50.41 -110.09 -109.06
CA VAL J 174 51.66 -110.48 -109.68
C VAL J 174 52.48 -111.26 -108.66
N SER J 175 52.96 -112.44 -109.06
CA SER J 175 53.84 -113.20 -108.20
C SER J 175 54.96 -113.79 -109.03
N PRO J 176 56.18 -113.78 -108.52
CA PRO J 176 57.27 -114.43 -109.23
C PRO J 176 57.13 -115.94 -109.15
N ALA J 177 57.79 -116.62 -110.08
CA ALA J 177 57.90 -118.06 -110.04
C ALA J 177 59.11 -118.52 -109.26
N ASN J 178 59.85 -117.59 -108.66
CA ASN J 178 61.03 -117.95 -107.89
C ASN J 178 60.63 -118.37 -106.48
N SER J 179 60.03 -117.47 -105.72
CA SER J 179 59.52 -117.82 -104.41
C SER J 179 58.36 -118.78 -104.52
N ASP J 180 58.21 -119.64 -103.52
CA ASP J 180 57.04 -120.50 -103.48
C ASP J 180 55.77 -119.66 -103.41
N LEU J 181 54.73 -120.13 -104.10
CA LEU J 181 53.52 -119.33 -104.26
C LEU J 181 52.89 -119.00 -102.91
N ALA J 182 53.15 -119.81 -101.89
CA ALA J 182 52.54 -119.59 -100.58
C ALA J 182 52.94 -118.27 -99.96
N ASN J 183 54.04 -117.66 -100.40
CA ASN J 183 54.51 -116.41 -99.83
C ASN J 183 53.95 -115.17 -100.52
N SER J 184 53.04 -115.34 -101.49
CA SER J 184 52.66 -114.25 -102.36
C SER J 184 51.95 -113.12 -101.63
N ASP J 185 52.65 -111.99 -101.46
CA ASP J 185 52.03 -110.79 -100.91
C ASP J 185 50.88 -110.31 -101.78
N ALA J 186 50.93 -110.60 -103.09
CA ALA J 186 49.81 -110.26 -103.95
C ALA J 186 48.58 -111.09 -103.61
N LEU J 187 48.76 -112.41 -103.49
CA LEU J 187 47.63 -113.28 -103.20
C LEU J 187 47.05 -113.02 -101.82
N LYS J 188 47.88 -112.63 -100.85
CA LYS J 188 47.34 -112.31 -99.53
C LYS J 188 46.31 -111.19 -99.63
N VAL J 189 46.69 -110.08 -100.26
CA VAL J 189 45.77 -108.95 -100.41
C VAL J 189 44.59 -109.33 -101.30
N ALA J 190 44.85 -110.12 -102.34
CA ALA J 190 43.78 -110.52 -103.25
C ALA J 190 42.70 -111.29 -102.52
N LYS J 191 43.09 -112.30 -101.74
CA LYS J 191 42.11 -113.05 -100.97
C LYS J 191 41.57 -112.27 -99.78
N GLU J 192 42.26 -111.22 -99.35
CA GLU J 192 41.75 -110.41 -98.25
C GLU J 192 40.64 -109.49 -98.70
N VAL J 193 40.75 -108.92 -99.91
CA VAL J 193 39.78 -107.91 -100.34
C VAL J 193 38.74 -108.51 -101.27
N ASP J 194 39.10 -109.58 -101.97
CA ASP J 194 38.22 -110.25 -102.94
C ASP J 194 38.21 -111.72 -102.57
N PRO J 195 37.41 -112.11 -101.58
CA PRO J 195 37.46 -113.51 -101.11
C PRO J 195 37.06 -114.51 -102.19
N GLN J 196 35.94 -114.30 -102.86
CA GLN J 196 35.49 -115.23 -103.89
C GLN J 196 36.37 -115.22 -105.13
N GLY J 197 37.25 -114.25 -105.26
CA GLY J 197 38.10 -114.17 -106.43
C GLY J 197 37.35 -113.90 -107.73
N GLN J 198 36.39 -112.98 -107.69
CA GLN J 198 35.62 -112.66 -108.88
C GLN J 198 36.16 -111.47 -109.66
N ARG J 199 37.04 -110.67 -109.07
CA ARG J 199 37.70 -109.57 -109.76
C ARG J 199 39.20 -109.63 -109.55
N THR J 200 39.74 -110.84 -109.48
CA THR J 200 41.16 -111.08 -109.25
C THR J 200 41.70 -111.98 -110.34
N ILE J 201 42.84 -111.60 -110.90
CA ILE J 201 43.52 -112.41 -111.91
C ILE J 201 44.97 -112.57 -111.49
N GLY J 202 45.46 -113.80 -111.48
CA GLY J 202 46.81 -114.11 -111.03
C GLY J 202 47.76 -114.26 -112.20
N VAL J 203 48.93 -113.63 -112.08
CA VAL J 203 49.96 -113.71 -113.10
C VAL J 203 51.25 -114.16 -112.45
N ILE J 204 51.93 -115.08 -113.11
CA ILE J 204 53.18 -115.67 -112.63
C ILE J 204 54.29 -115.21 -113.56
N THR J 205 55.23 -114.45 -113.01
CA THR J 205 56.34 -113.91 -113.78
C THR J 205 57.58 -114.74 -113.54
N LYS J 206 58.66 -114.38 -114.23
CA LYS J 206 59.99 -114.94 -113.99
C LYS J 206 60.01 -116.45 -114.15
N LEU J 207 59.17 -116.99 -115.03
CA LEU J 207 59.14 -118.43 -115.25
C LEU J 207 60.44 -118.97 -115.82
N ASP J 208 61.32 -118.11 -116.33
CA ASP J 208 62.61 -118.54 -116.81
C ASP J 208 63.67 -118.59 -115.72
N LEU J 209 63.34 -118.17 -114.50
CA LEU J 209 64.31 -118.10 -113.42
C LEU J 209 64.08 -119.17 -112.36
N MET J 210 63.37 -120.23 -112.70
CA MET J 210 63.09 -121.29 -111.74
C MET J 210 64.29 -122.23 -111.61
N ASP J 211 64.41 -122.84 -110.44
CA ASP J 211 65.55 -123.70 -110.14
C ASP J 211 65.55 -124.92 -111.05
N GLU J 212 66.75 -125.44 -111.30
CA GLU J 212 66.89 -126.64 -112.11
C GLU J 212 66.10 -127.79 -111.52
N GLY J 213 65.35 -128.49 -112.37
CA GLY J 213 64.54 -129.60 -111.94
C GLY J 213 63.19 -129.21 -111.37
N THR J 214 62.90 -127.92 -111.25
CA THR J 214 61.63 -127.45 -110.75
C THR J 214 60.81 -126.84 -111.89
N ASP J 215 59.49 -126.89 -111.75
CA ASP J 215 58.59 -126.33 -112.75
C ASP J 215 57.33 -125.85 -112.06
N ALA J 216 56.67 -124.87 -112.68
CA ALA J 216 55.45 -124.29 -112.14
C ALA J 216 54.20 -124.93 -112.70
N ARG J 217 54.27 -126.21 -113.08
CA ARG J 217 53.11 -126.89 -113.63
C ARG J 217 51.97 -126.95 -112.63
N ASP J 218 52.28 -127.28 -111.38
CA ASP J 218 51.25 -127.48 -110.36
C ASP J 218 50.48 -126.20 -110.07
N VAL J 219 51.06 -125.03 -110.34
CA VAL J 219 50.40 -123.77 -110.04
C VAL J 219 49.76 -123.20 -111.30
N LEU J 220 50.39 -123.42 -112.47
CA LEU J 220 49.80 -122.93 -113.71
C LEU J 220 48.60 -123.75 -114.13
N GLU J 221 48.53 -125.02 -113.75
CA GLU J 221 47.31 -125.79 -113.94
C GLU J 221 46.25 -125.46 -112.89
N ASN J 222 46.48 -124.42 -112.09
CA ASN J 222 45.50 -123.91 -111.14
C ASN J 222 45.08 -124.99 -110.14
N LYS J 223 46.02 -125.85 -109.77
CA LYS J 223 45.76 -126.92 -108.81
C LYS J 223 46.33 -126.63 -107.44
N LEU J 224 47.55 -126.09 -107.37
CA LEU J 224 48.20 -125.84 -106.08
C LEU J 224 47.37 -124.88 -105.24
N LEU J 225 47.02 -123.73 -105.80
CA LEU J 225 46.13 -122.78 -105.14
C LEU J 225 45.03 -122.46 -106.15
N PRO J 226 43.97 -123.26 -106.19
CA PRO J 226 42.90 -123.04 -107.16
C PRO J 226 42.29 -121.66 -107.08
N LEU J 227 42.47 -120.87 -108.13
CA LEU J 227 41.86 -119.55 -108.26
C LEU J 227 40.92 -119.59 -109.44
N ARG J 228 39.80 -118.88 -109.32
CA ARG J 228 38.72 -119.00 -110.29
C ARG J 228 39.18 -118.58 -111.69
N ARG J 229 39.90 -117.47 -111.79
CA ARG J 229 40.24 -116.92 -113.10
C ARG J 229 41.49 -117.54 -113.71
N GLY J 230 42.19 -118.40 -112.99
CA GLY J 230 43.38 -119.04 -113.52
C GLY J 230 44.62 -118.18 -113.38
N TYR J 231 45.75 -118.79 -113.69
CA TYR J 231 47.04 -118.13 -113.58
C TYR J 231 47.68 -118.04 -114.96
N ILE J 232 48.04 -116.83 -115.35
CA ILE J 232 48.67 -116.58 -116.64
C ILE J 232 50.17 -116.42 -116.43
N GLY J 233 50.97 -117.18 -117.18
CA GLY J 233 52.40 -117.16 -117.04
C GLY J 233 53.06 -116.28 -118.09
N VAL J 234 53.85 -115.31 -117.63
CA VAL J 234 54.51 -114.37 -118.52
C VAL J 234 56.01 -114.42 -118.26
N VAL J 235 56.78 -114.05 -119.29
CA VAL J 235 58.23 -114.00 -119.20
C VAL J 235 58.71 -112.67 -119.78
N ASN J 236 59.04 -111.73 -118.91
CA ASN J 236 59.41 -110.38 -119.33
C ASN J 236 60.89 -110.36 -119.75
N ARG J 237 61.44 -109.16 -119.90
CA ARG J 237 62.83 -108.98 -120.28
C ARG J 237 63.69 -108.93 -119.02
N SER J 238 64.79 -109.69 -119.03
CA SER J 238 65.69 -109.70 -117.90
C SER J 238 66.36 -108.34 -117.72
N GLN J 239 67.05 -108.17 -116.60
CA GLN J 239 67.74 -106.91 -116.34
C GLN J 239 68.84 -106.67 -117.36
N LYS J 240 69.54 -107.74 -117.76
CA LYS J 240 70.53 -107.62 -118.82
C LYS J 240 69.89 -107.13 -120.12
N ASP J 241 68.72 -107.67 -120.47
CA ASP J 241 68.03 -107.22 -121.67
C ASP J 241 67.58 -105.77 -121.55
N ILE J 242 67.14 -105.37 -120.35
CA ILE J 242 66.74 -103.98 -120.14
C ILE J 242 67.91 -103.05 -120.34
N ASP J 243 69.07 -103.41 -119.80
CA ASP J 243 70.26 -102.59 -120.00
C ASP J 243 70.71 -102.60 -121.47
N GLY J 244 70.53 -103.72 -122.16
CA GLY J 244 70.86 -103.83 -123.57
C GLY J 244 69.78 -103.34 -124.52
N LYS J 245 68.69 -102.78 -123.99
CA LYS J 245 67.63 -102.19 -124.79
C LYS J 245 66.99 -103.22 -125.73
N LYS J 246 66.61 -104.35 -125.18
CA LYS J 246 65.89 -105.35 -125.95
C LYS J 246 64.50 -104.84 -126.33
N ASP J 247 64.06 -105.18 -127.52
CA ASP J 247 62.79 -104.68 -128.06
C ASP J 247 61.65 -105.65 -127.80
N ILE J 248 60.44 -105.10 -127.76
CA ILE J 248 59.27 -105.86 -127.34
C ILE J 248 59.00 -107.03 -128.28
N THR J 249 59.18 -106.81 -129.58
CA THR J 249 58.83 -107.86 -130.55
C THR J 249 59.72 -109.09 -130.39
N ALA J 250 61.04 -108.89 -130.31
CA ALA J 250 61.92 -110.03 -130.13
C ALA J 250 61.79 -110.63 -128.74
N ALA J 251 61.46 -109.79 -127.74
CA ALA J 251 61.20 -110.33 -126.41
C ALA J 251 60.00 -111.27 -126.42
N LEU J 252 58.93 -110.87 -127.11
CA LEU J 252 57.75 -111.72 -127.22
C LEU J 252 58.05 -112.99 -128.01
N ALA J 253 58.85 -112.86 -129.07
CA ALA J 253 59.25 -114.05 -129.82
C ALA J 253 60.03 -115.02 -128.95
N ALA J 254 60.95 -114.50 -128.13
CA ALA J 254 61.71 -115.36 -127.23
C ALA J 254 60.80 -116.00 -126.19
N GLU J 255 59.82 -115.26 -125.68
CA GLU J 255 58.87 -115.83 -124.72
C GLU J 255 58.08 -116.97 -125.35
N ARG J 256 57.62 -116.76 -126.59
CA ARG J 256 56.91 -117.82 -127.30
C ARG J 256 57.80 -119.04 -127.51
N LYS J 257 59.06 -118.81 -127.88
CA LYS J 257 59.99 -119.91 -128.04
C LYS J 257 60.19 -120.67 -126.75
N PHE J 258 60.32 -119.95 -125.64
CA PHE J 258 60.50 -120.61 -124.34
C PHE J 258 59.30 -121.45 -123.97
N PHE J 259 58.09 -120.91 -124.18
CA PHE J 259 56.89 -121.68 -123.88
C PHE J 259 56.75 -122.90 -124.76
N LEU J 260 57.13 -122.80 -126.04
CA LEU J 260 57.07 -123.97 -126.91
C LEU J 260 58.17 -124.98 -126.63
N SER J 261 59.30 -124.55 -126.06
CA SER J 261 60.42 -125.45 -125.82
C SER J 261 60.39 -126.11 -124.46
N HIS J 262 59.82 -125.47 -123.45
CA HIS J 262 59.83 -126.05 -122.12
C HIS J 262 58.89 -127.23 -122.05
N PRO J 263 59.36 -128.42 -121.67
CA PRO J 263 58.48 -129.61 -121.68
C PRO J 263 57.32 -129.51 -120.71
N SER J 264 57.42 -128.70 -119.66
CA SER J 264 56.39 -128.64 -118.63
C SER J 264 55.33 -127.57 -118.90
N TYR J 265 55.43 -126.84 -120.01
CA TYR J 265 54.47 -125.78 -120.31
C TYR J 265 53.93 -125.80 -121.73
N ARG J 266 54.52 -126.59 -122.64
CA ARG J 266 54.10 -126.53 -124.04
C ARG J 266 52.63 -126.91 -124.22
N HIS J 267 52.11 -127.79 -123.36
CA HIS J 267 50.70 -128.14 -123.43
C HIS J 267 49.80 -126.98 -123.02
N LEU J 268 50.34 -125.93 -122.41
CA LEU J 268 49.58 -124.74 -122.06
C LEU J 268 50.14 -123.49 -122.72
N ALA J 269 51.00 -123.63 -123.73
CA ALA J 269 51.61 -122.48 -124.37
C ALA J 269 50.55 -121.56 -124.97
N ASP J 270 49.48 -122.14 -125.50
CA ASP J 270 48.41 -121.32 -126.08
C ASP J 270 47.77 -120.43 -125.04
N ARG J 271 47.52 -120.96 -123.83
CA ARG J 271 46.90 -120.18 -122.78
C ARG J 271 47.89 -119.37 -121.96
N MET J 272 49.19 -119.53 -122.18
CA MET J 272 50.18 -118.72 -121.49
C MET J 272 50.66 -117.59 -122.39
N GLY J 273 51.35 -116.63 -121.79
CA GLY J 273 51.92 -115.53 -122.52
C GLY J 273 51.18 -114.22 -122.29
N THR J 274 51.89 -113.12 -122.56
CA THR J 274 51.29 -111.79 -122.40
C THR J 274 50.09 -111.55 -123.30
N PRO J 275 50.10 -111.92 -124.59
CA PRO J 275 48.89 -111.68 -125.41
C PRO J 275 47.65 -112.34 -124.83
N TYR J 276 47.80 -113.53 -124.23
CA TYR J 276 46.65 -114.15 -123.59
C TYR J 276 46.15 -113.31 -122.42
N LEU J 277 47.07 -112.71 -121.66
CA LEU J 277 46.66 -111.85 -120.56
C LEU J 277 45.92 -110.63 -121.08
N GLN J 278 46.39 -110.04 -122.17
CA GLN J 278 45.66 -108.95 -122.80
C GLN J 278 44.26 -109.39 -123.21
N LYS J 279 44.16 -110.58 -123.81
CA LYS J 279 42.87 -111.09 -124.24
C LYS J 279 41.94 -111.32 -123.07
N VAL J 280 42.48 -111.82 -121.95
CA VAL J 280 41.65 -112.09 -120.78
C VAL J 280 41.16 -110.78 -120.16
N LEU J 281 42.02 -109.76 -120.10
CA LEU J 281 41.56 -108.46 -119.65
C LEU J 281 40.49 -107.90 -120.58
N ASN J 282 40.66 -108.10 -121.89
CA ASN J 282 39.64 -107.68 -122.83
C ASN J 282 38.31 -108.40 -122.56
N GLN J 283 38.39 -109.69 -122.26
CA GLN J 283 37.17 -110.46 -121.97
C GLN J 283 36.49 -109.94 -120.71
N GLN J 284 37.26 -109.67 -119.66
CA GLN J 284 36.67 -109.14 -118.43
C GLN J 284 36.03 -107.78 -118.66
N LEU J 285 36.70 -106.93 -119.43
CA LEU J 285 36.13 -105.60 -119.71
C LEU J 285 34.88 -105.73 -120.57
N THR J 286 34.87 -106.67 -121.52
CA THR J 286 33.67 -106.91 -122.31
C THR J 286 32.52 -107.35 -121.43
N ASN J 287 32.79 -108.26 -120.49
CA ASN J 287 31.73 -108.71 -119.59
C ASN J 287 31.30 -107.63 -118.61
N HIS J 288 32.14 -106.63 -118.37
CA HIS J 288 31.77 -105.59 -117.42
C HIS J 288 31.12 -104.36 -118.05
N ILE J 289 31.38 -104.09 -119.33
CA ILE J 289 30.74 -102.94 -119.96
C ILE J 289 29.24 -103.14 -120.11
N ARG J 290 28.82 -104.38 -120.39
CA ARG J 290 27.40 -104.67 -120.47
C ARG J 290 26.77 -104.59 -119.08
N ASP J 291 25.47 -104.83 -118.99
CA ASP J 291 24.57 -104.55 -117.86
C ASP J 291 24.27 -103.04 -117.86
N THR J 292 24.94 -102.25 -118.70
CA THR J 292 24.60 -100.86 -118.91
C THR J 292 24.25 -100.53 -120.35
N LEU J 293 24.59 -101.40 -121.30
CA LEU J 293 24.28 -101.16 -122.71
C LEU J 293 22.81 -100.87 -122.97
N PRO J 294 21.85 -101.64 -122.44
CA PRO J 294 20.44 -101.29 -122.71
C PRO J 294 20.09 -99.88 -122.28
N GLY J 295 20.65 -99.41 -121.17
CA GLY J 295 20.51 -98.01 -120.82
C GLY J 295 21.22 -97.10 -121.80
N LEU J 296 22.44 -97.48 -122.20
CA LEU J 296 23.23 -96.64 -123.09
C LEU J 296 22.74 -96.74 -124.54
N ARG J 297 22.30 -97.93 -124.97
CA ARG J 297 21.77 -98.06 -126.31
C ARG J 297 20.55 -97.17 -126.49
N ASN J 298 19.66 -97.15 -125.50
CA ASN J 298 18.54 -96.20 -125.54
C ASN J 298 19.03 -94.77 -125.42
N LYS J 299 20.03 -94.55 -124.57
CA LYS J 299 20.52 -93.19 -124.32
C LYS J 299 21.02 -92.53 -125.59
N LEU J 300 21.60 -93.30 -126.51
CA LEU J 300 21.99 -92.73 -127.79
C LEU J 300 20.99 -93.05 -128.91
N GLN J 301 20.06 -93.98 -128.70
CA GLN J 301 18.98 -94.16 -129.65
C GLN J 301 18.08 -92.92 -129.69
N SER J 302 17.79 -92.35 -128.52
CA SER J 302 17.05 -91.10 -128.49
C SER J 302 17.84 -89.98 -129.17
N GLN J 303 19.17 -90.01 -129.02
CA GLN J 303 20.01 -89.05 -129.73
C GLN J 303 19.86 -89.21 -131.24
N LEU J 304 19.87 -90.45 -131.73
CA LEU J 304 19.66 -90.67 -133.16
C LEU J 304 18.26 -90.23 -133.58
N LEU J 305 17.28 -90.39 -132.68
CA LEU J 305 15.92 -89.95 -132.97
C LEU J 305 15.87 -88.43 -133.17
N SER J 306 16.61 -87.69 -132.34
CA SER J 306 16.54 -86.24 -132.37
C SER J 306 17.09 -85.62 -133.65
N ILE J 307 17.78 -86.43 -134.46
CA ILE J 307 18.37 -85.95 -135.71
C ILE J 307 17.86 -86.69 -136.95
N GLU J 308 17.25 -87.86 -136.80
CA GLU J 308 16.78 -88.62 -137.97
C GLU J 308 15.86 -87.79 -138.86
N LYS J 309 15.12 -86.85 -138.27
CA LYS J 309 14.19 -86.03 -139.06
C LYS J 309 14.93 -85.15 -140.06
N GLU J 310 15.98 -84.45 -139.63
CA GLU J 310 16.76 -83.61 -140.52
C GLU J 310 17.66 -84.45 -141.41
N VAL J 311 18.07 -85.63 -140.95
CA VAL J 311 18.85 -86.52 -141.80
C VAL J 311 18.07 -86.90 -143.05
N GLU J 312 16.73 -86.90 -142.97
CA GLU J 312 15.92 -87.16 -144.15
C GLU J 312 16.18 -86.15 -145.25
N GLU J 313 16.18 -84.86 -144.89
CA GLU J 313 16.54 -83.82 -145.85
C GLU J 313 18.00 -83.92 -146.27
N TYR J 314 18.87 -84.36 -145.35
CA TYR J 314 20.30 -84.34 -145.66
C TYR J 314 20.85 -85.54 -146.43
N LYS J 315 20.16 -86.69 -146.48
CA LYS J 315 20.76 -87.83 -147.18
C LYS J 315 20.90 -87.58 -148.67
N ASN J 316 19.86 -87.05 -149.29
CA ASN J 316 19.86 -86.85 -150.74
C ASN J 316 19.61 -85.36 -150.99
N PHE J 317 20.68 -84.59 -150.92
CA PHE J 317 20.69 -83.18 -151.27
C PHE J 317 21.59 -83.00 -152.48
N ARG J 318 21.07 -82.36 -153.52
CA ARG J 318 21.88 -81.99 -154.65
C ARG J 318 21.68 -80.51 -154.95
N PRO J 319 22.76 -79.75 -155.15
CA PRO J 319 22.59 -78.32 -155.47
C PRO J 319 21.80 -78.15 -156.75
N ASP J 320 20.99 -77.09 -156.77
CA ASP J 320 20.12 -76.69 -157.88
C ASP J 320 18.86 -77.53 -157.98
N ASP J 321 18.52 -78.33 -156.97
CA ASP J 321 17.30 -79.13 -157.03
C ASP J 321 16.06 -78.26 -156.89
N PRO J 322 15.30 -78.03 -157.97
CA PRO J 322 14.15 -77.13 -157.88
C PRO J 322 13.11 -77.58 -156.88
N ALA J 323 12.88 -78.89 -156.78
CA ALA J 323 11.82 -79.37 -155.88
C ALA J 323 12.13 -79.01 -154.43
N ARG J 324 13.32 -79.36 -153.96
CA ARG J 324 13.68 -79.02 -152.58
C ARG J 324 13.76 -77.52 -152.39
N LYS J 325 14.33 -76.80 -153.36
CA LYS J 325 14.47 -75.35 -153.19
C LYS J 325 13.10 -74.68 -153.05
N THR J 326 12.17 -74.99 -153.95
CA THR J 326 10.86 -74.35 -153.89
C THR J 326 10.07 -74.81 -152.68
N LYS J 327 10.18 -76.10 -152.30
CA LYS J 327 9.48 -76.55 -151.09
C LYS J 327 9.99 -75.82 -149.86
N ALA J 328 11.31 -75.66 -149.75
CA ALA J 328 11.87 -74.91 -148.63
C ALA J 328 11.40 -73.46 -148.65
N LEU J 329 11.38 -72.84 -149.84
CA LEU J 329 10.93 -71.46 -149.94
C LEU J 329 9.49 -71.33 -149.45
N LEU J 330 8.63 -72.25 -149.89
CA LEU J 330 7.22 -72.17 -149.51
C LEU J 330 7.03 -72.35 -148.01
N GLN J 331 7.71 -73.31 -147.41
CA GLN J 331 7.55 -73.50 -145.98
C GLN J 331 8.14 -72.34 -145.19
N MET J 332 9.26 -71.77 -145.66
CA MET J 332 9.84 -70.62 -144.98
C MET J 332 8.87 -69.44 -145.00
N VAL J 333 8.25 -69.19 -146.16
CA VAL J 333 7.30 -68.09 -146.28
C VAL J 333 6.10 -68.33 -145.37
N GLN J 334 5.60 -69.56 -145.34
CA GLN J 334 4.44 -69.84 -144.50
C GLN J 334 4.74 -69.62 -143.02
N GLN J 335 5.90 -70.08 -142.57
CA GLN J 335 6.19 -69.87 -141.15
C GLN J 335 6.46 -68.40 -140.86
N PHE J 336 7.06 -67.67 -141.81
CA PHE J 336 7.22 -66.23 -141.62
C PHE J 336 5.88 -65.55 -141.42
N ALA J 337 4.91 -65.88 -142.28
CA ALA J 337 3.59 -65.29 -142.12
C ALA J 337 3.03 -65.61 -140.74
N VAL J 338 2.86 -66.89 -140.44
CA VAL J 338 2.17 -67.27 -139.20
C VAL J 338 2.90 -66.70 -137.99
N ASP J 339 4.23 -66.57 -138.06
CA ASP J 339 4.97 -65.91 -137.01
C ASP J 339 4.60 -64.44 -136.92
N PHE J 340 4.41 -63.79 -138.07
CA PHE J 340 4.05 -62.37 -138.06
C PHE J 340 2.70 -62.15 -137.38
N GLU J 341 1.69 -62.95 -137.75
CA GLU J 341 0.40 -62.79 -137.06
C GLU J 341 0.52 -63.18 -135.59
N LYS J 342 1.37 -64.17 -135.27
CA LYS J 342 1.55 -64.52 -133.86
C LYS J 342 2.12 -63.36 -133.07
N ARG J 343 3.05 -62.61 -133.67
CA ARG J 343 3.67 -61.50 -132.97
C ARG J 343 2.85 -60.23 -132.99
N ILE J 344 1.91 -60.09 -133.94
CA ILE J 344 1.12 -58.86 -134.00
C ILE J 344 -0.22 -59.08 -133.30
N GLU J 345 -1.05 -59.97 -133.83
CA GLU J 345 -2.34 -60.22 -133.19
C GLU J 345 -2.20 -60.98 -131.88
N GLY J 346 -1.06 -61.60 -131.64
CA GLY J 346 -0.89 -62.41 -130.45
C GLY J 346 -1.74 -63.67 -130.45
N SER J 347 -1.84 -64.33 -131.60
CA SER J 347 -2.58 -65.60 -131.66
C SER J 347 -1.97 -66.60 -130.69
N GLY J 348 -2.83 -67.21 -129.88
CA GLY J 348 -2.33 -67.97 -128.76
C GLY J 348 -1.61 -69.25 -129.13
N ASP J 349 -0.28 -69.23 -129.01
CA ASP J 349 0.58 -70.40 -128.97
C ASP J 349 2.01 -69.90 -128.77
N GLN J 350 2.85 -70.75 -128.18
CA GLN J 350 4.29 -70.54 -128.02
C GLN J 350 4.64 -69.09 -127.70
N ILE J 351 3.88 -68.47 -126.81
CA ILE J 351 3.99 -67.04 -126.56
C ILE J 351 5.19 -66.77 -125.65
N ASP J 352 6.09 -65.91 -126.10
CA ASP J 352 7.18 -65.46 -125.25
C ASP J 352 6.64 -64.63 -124.10
N THR J 353 7.14 -64.90 -122.90
CA THR J 353 6.75 -64.17 -121.70
C THR J 353 7.94 -63.46 -121.07
N TYR J 354 8.91 -63.06 -121.90
CA TYR J 354 10.15 -62.47 -121.43
C TYR J 354 10.24 -60.98 -121.72
N GLU J 355 9.65 -60.53 -122.83
CA GLU J 355 9.61 -59.12 -123.18
C GLU J 355 8.15 -58.67 -123.23
N LEU J 356 7.95 -57.34 -123.31
CA LEU J 356 6.59 -56.83 -123.43
C LEU J 356 5.91 -57.35 -124.67
N SER J 357 6.65 -57.40 -125.79
CA SER J 357 6.25 -58.11 -127.00
C SER J 357 7.38 -57.95 -128.01
N GLY J 358 7.24 -58.64 -129.13
CA GLY J 358 8.07 -58.36 -130.28
C GLY J 358 7.61 -57.08 -130.93
N GLY J 359 6.34 -57.03 -131.32
CA GLY J 359 5.77 -55.82 -131.85
C GLY J 359 4.32 -55.56 -131.51
N ALA J 360 3.80 -56.23 -130.49
CA ALA J 360 2.38 -56.12 -130.19
C ALA J 360 2.08 -55.06 -129.13
N ARG J 361 2.59 -55.27 -127.91
CA ARG J 361 2.40 -54.26 -126.87
C ARG J 361 3.35 -53.08 -126.99
N ILE J 362 4.51 -53.25 -127.62
CA ILE J 362 5.28 -52.06 -127.95
C ILE J 362 4.49 -51.16 -128.90
N ASN J 363 3.45 -51.70 -129.54
CA ASN J 363 2.59 -50.92 -130.44
C ASN J 363 1.33 -50.44 -129.74
N ARG J 364 0.63 -51.31 -129.00
CA ARG J 364 -0.47 -50.85 -128.17
C ARG J 364 -0.06 -49.75 -127.22
N ILE J 365 1.14 -49.82 -126.65
CA ILE J 365 1.55 -48.75 -125.74
C ILE J 365 1.75 -47.47 -126.52
N PHE J 366 2.10 -47.55 -127.80
CA PHE J 366 2.04 -46.34 -128.63
C PHE J 366 0.63 -45.80 -128.70
N HIS J 367 -0.33 -46.66 -129.03
CA HIS J 367 -1.71 -46.19 -129.22
C HIS J 367 -2.33 -45.59 -127.97
N GLU J 368 -2.03 -46.12 -126.78
CA GLU J 368 -2.52 -45.55 -125.53
C GLU J 368 -1.41 -44.94 -124.67
N ARG J 369 -0.34 -44.46 -125.28
CA ARG J 369 0.61 -43.55 -124.67
C ARG J 369 0.71 -42.23 -125.41
N PHE J 370 0.48 -42.23 -126.73
CA PHE J 370 0.33 -41.04 -127.56
C PHE J 370 -0.49 -39.92 -126.90
N PRO J 371 -1.54 -40.25 -126.12
CA PRO J 371 -2.15 -39.21 -125.28
C PRO J 371 -1.16 -38.45 -124.43
N PHE J 372 -0.04 -39.05 -124.04
CA PHE J 372 0.98 -38.29 -123.34
C PHE J 372 1.53 -37.19 -124.24
N GLU J 373 1.75 -37.49 -125.53
CA GLU J 373 2.17 -36.46 -126.47
C GLU J 373 1.12 -35.36 -126.59
N LEU J 374 -0.14 -35.75 -126.77
CA LEU J 374 -1.18 -34.74 -126.94
C LEU J 374 -1.29 -33.83 -125.72
N VAL J 375 -1.18 -34.41 -124.52
CA VAL J 375 -1.18 -33.57 -123.32
C VAL J 375 0.08 -32.73 -123.25
N LYS J 376 1.22 -33.29 -123.66
CA LYS J 376 2.49 -32.58 -123.66
C LYS J 376 2.53 -31.45 -124.68
N MET J 377 1.52 -31.35 -125.52
CA MET J 377 1.35 -30.14 -126.31
C MET J 377 1.26 -28.92 -125.37
N GLU J 378 1.42 -27.72 -125.94
CA GLU J 378 1.73 -26.51 -125.18
C GLU J 378 0.87 -26.29 -123.92
N PHE J 379 -0.42 -26.04 -124.07
CA PHE J 379 -1.38 -25.88 -122.97
C PHE J 379 -0.96 -24.88 -121.89
N ASP J 380 0.08 -24.07 -122.11
CA ASP J 380 0.60 -23.22 -121.03
C ASP J 380 0.81 -21.79 -121.50
N GLU J 381 -0.25 -20.98 -121.41
CA GLU J 381 -0.23 -19.53 -121.59
C GLU J 381 -1.53 -18.94 -121.07
N LYS J 382 -1.44 -17.69 -120.62
CA LYS J 382 -2.57 -16.78 -120.58
C LYS J 382 -2.60 -15.86 -121.79
N GLU J 383 -1.56 -15.93 -122.64
CA GLU J 383 -1.54 -15.19 -123.89
C GLU J 383 -2.71 -15.57 -124.79
N LEU J 384 -3.29 -16.76 -124.57
CA LEU J 384 -4.48 -17.15 -125.32
C LEU J 384 -5.60 -16.14 -125.15
N ARG J 385 -5.72 -15.55 -123.95
CA ARG J 385 -6.78 -14.56 -123.72
C ARG J 385 -6.58 -13.34 -124.61
N ARG J 386 -5.36 -12.83 -124.71
CA ARG J 386 -5.08 -11.74 -125.64
C ARG J 386 -5.33 -12.19 -127.07
N GLU J 387 -4.95 -13.43 -127.39
CA GLU J 387 -5.08 -13.96 -128.74
C GLU J 387 -6.55 -13.99 -129.16
N ILE J 388 -7.45 -14.28 -128.23
CA ILE J 388 -8.87 -14.34 -128.57
C ILE J 388 -9.52 -12.97 -128.44
N SER J 389 -8.98 -12.09 -127.60
CA SER J 389 -9.49 -10.72 -127.54
C SER J 389 -9.24 -10.00 -128.86
N TYR J 390 -8.09 -10.23 -129.49
CA TYR J 390 -7.85 -9.65 -130.80
C TYR J 390 -8.83 -10.19 -131.83
N ALA J 391 -9.18 -11.48 -131.74
CA ALA J 391 -10.19 -12.02 -132.65
C ALA J 391 -11.53 -11.35 -132.44
N ILE J 392 -11.92 -11.15 -131.18
CA ILE J 392 -13.13 -10.39 -130.87
C ILE J 392 -13.06 -9.02 -131.54
N LYS J 393 -11.93 -8.34 -131.38
CA LYS J 393 -11.83 -6.96 -131.84
C LYS J 393 -11.71 -6.85 -133.36
N ASN J 394 -11.39 -7.94 -134.04
CA ASN J 394 -11.34 -7.92 -135.50
C ASN J 394 -12.67 -8.32 -136.13
N ILE J 395 -13.38 -9.29 -135.56
CA ILE J 395 -14.69 -9.62 -136.13
C ILE J 395 -15.81 -8.74 -135.59
N HIS J 396 -15.54 -7.87 -134.61
CA HIS J 396 -16.42 -6.76 -134.31
C HIS J 396 -15.96 -5.50 -135.02
N GLY J 397 -15.44 -5.68 -136.23
CA GLY J 397 -14.64 -4.70 -136.93
C GLY J 397 -15.07 -3.25 -136.80
N ILE J 398 -16.30 -2.95 -137.18
CA ILE J 398 -16.84 -1.59 -137.10
C ILE J 398 -18.04 -1.53 -136.15
N ARG J 399 -19.00 -2.44 -136.32
CA ARG J 399 -20.19 -2.46 -135.49
C ARG J 399 -19.80 -2.70 -134.03
N THR J 400 -20.75 -2.50 -133.12
CA THR J 400 -20.37 -2.30 -131.74
C THR J 400 -21.40 -2.88 -130.78
N GLY J 401 -20.92 -3.14 -129.56
CA GLY J 401 -21.76 -3.27 -128.38
C GLY J 401 -22.61 -4.51 -128.29
N LEU J 402 -22.38 -5.51 -129.12
CA LEU J 402 -23.21 -6.70 -129.09
C LEU J 402 -22.50 -7.84 -128.36
N PHE J 403 -23.29 -8.88 -128.09
CA PHE J 403 -23.05 -9.83 -127.02
C PHE J 403 -21.67 -10.47 -127.06
N THR J 404 -21.43 -11.32 -128.07
CA THR J 404 -20.24 -12.10 -128.33
C THR J 404 -20.33 -12.67 -129.74
N PRO J 405 -19.27 -12.62 -130.52
CA PRO J 405 -19.27 -13.28 -131.83
C PRO J 405 -18.77 -14.72 -131.74
N ASP J 406 -19.50 -15.64 -132.38
CA ASP J 406 -19.13 -17.06 -132.28
C ASP J 406 -17.93 -17.39 -133.14
N MET J 407 -17.70 -16.66 -134.23
CA MET J 407 -16.58 -17.03 -135.06
C MET J 407 -15.25 -16.75 -134.35
N ALA J 408 -15.27 -16.00 -133.25
CA ALA J 408 -14.06 -15.92 -132.42
C ALA J 408 -13.70 -17.29 -131.88
N PHE J 409 -14.66 -17.97 -131.25
CA PHE J 409 -14.49 -19.35 -130.82
C PHE J 409 -14.07 -20.22 -132.00
N GLU J 410 -14.71 -20.01 -133.15
CA GLU J 410 -14.37 -20.80 -134.35
C GLU J 410 -12.89 -20.65 -134.71
N THR J 411 -12.42 -19.42 -134.84
CA THR J 411 -11.05 -19.16 -135.27
C THR J 411 -10.06 -19.67 -134.25
N ILE J 412 -10.38 -19.54 -132.96
CA ILE J 412 -9.44 -19.96 -131.94
C ILE J 412 -9.32 -21.48 -131.91
N VAL J 413 -10.44 -22.20 -132.02
CA VAL J 413 -10.30 -23.65 -132.06
C VAL J 413 -9.62 -24.10 -133.35
N LYS J 414 -9.87 -23.41 -134.46
CA LYS J 414 -9.15 -23.74 -135.69
C LYS J 414 -7.65 -23.52 -135.56
N LYS J 415 -7.25 -22.54 -134.76
CA LYS J 415 -5.83 -22.32 -134.50
C LYS J 415 -5.25 -23.33 -133.52
N GLN J 416 -6.06 -23.78 -132.56
CA GLN J 416 -5.58 -24.73 -131.57
C GLN J 416 -5.43 -26.13 -132.15
N VAL J 417 -6.37 -26.56 -132.99
CA VAL J 417 -6.34 -27.92 -133.52
C VAL J 417 -5.50 -28.06 -134.78
N LYS J 418 -4.88 -26.97 -135.24
CA LYS J 418 -3.97 -27.09 -136.37
C LYS J 418 -2.59 -27.58 -135.96
N LYS J 419 -2.27 -27.56 -134.67
CA LYS J 419 -1.00 -28.08 -134.18
C LYS J 419 -1.11 -29.52 -133.68
N ILE J 420 -2.30 -30.12 -133.71
CA ILE J 420 -2.43 -31.54 -133.49
C ILE J 420 -1.80 -32.32 -134.63
N ARG J 421 -1.56 -31.66 -135.77
CA ARG J 421 -1.02 -32.34 -136.94
C ARG J 421 0.37 -32.92 -136.70
N GLU J 422 1.13 -32.38 -135.75
CA GLU J 422 2.48 -32.88 -135.51
C GLU J 422 2.49 -34.15 -134.66
N PRO J 423 1.80 -34.19 -133.51
CA PRO J 423 1.84 -35.42 -132.70
C PRO J 423 1.30 -36.65 -133.43
N CYS J 424 0.27 -36.49 -134.26
CA CYS J 424 -0.28 -37.65 -134.97
C CYS J 424 0.72 -38.21 -135.97
N LEU J 425 1.38 -37.33 -136.73
CA LEU J 425 2.42 -37.79 -137.63
C LEU J 425 3.60 -38.40 -136.88
N LYS J 426 3.91 -37.87 -135.69
CA LYS J 426 4.98 -38.46 -134.89
C LYS J 426 4.59 -39.86 -134.42
N CYS J 427 3.33 -40.05 -134.04
CA CYS J 427 2.89 -41.39 -133.66
C CYS J 427 2.93 -42.34 -134.85
N VAL J 428 2.57 -41.86 -136.03
CA VAL J 428 2.67 -42.70 -137.23
C VAL J 428 4.11 -43.10 -137.47
N ASP J 429 5.04 -42.15 -137.29
CA ASP J 429 6.46 -42.46 -137.42
C ASP J 429 6.90 -43.50 -136.40
N MET J 430 6.41 -43.39 -135.16
CA MET J 430 6.78 -44.35 -134.13
C MET J 430 6.25 -45.74 -134.47
N VAL J 431 5.01 -45.83 -134.94
CA VAL J 431 4.45 -47.13 -135.33
C VAL J 431 5.26 -47.73 -136.47
N ILE J 432 5.64 -46.90 -137.45
CA ILE J 432 6.53 -47.38 -138.51
C ILE J 432 7.81 -47.92 -137.93
N SER J 433 8.47 -47.14 -137.08
CA SER J 433 9.77 -47.52 -136.55
C SER J 433 9.70 -48.76 -135.70
N GLU J 434 8.53 -49.07 -135.15
CA GLU J 434 8.44 -50.25 -134.30
C GLU J 434 8.08 -51.48 -135.10
N LEU J 435 7.10 -51.37 -136.00
CA LEU J 435 6.72 -52.51 -136.83
C LEU J 435 7.85 -52.91 -137.77
N ILE J 436 8.58 -51.95 -138.32
CA ILE J 436 9.63 -52.30 -139.26
C ILE J 436 10.78 -52.99 -138.56
N SER J 437 10.91 -52.79 -137.24
CA SER J 437 11.87 -53.54 -136.45
C SER J 437 11.34 -54.90 -136.05
N THR J 438 10.03 -55.01 -135.82
CA THR J 438 9.45 -56.33 -135.53
C THR J 438 9.55 -57.25 -136.73
N VAL J 439 9.39 -56.73 -137.94
CA VAL J 439 9.62 -57.54 -139.13
C VAL J 439 11.03 -58.08 -139.14
N ARG J 440 12.01 -57.24 -138.80
CA ARG J 440 13.39 -57.71 -138.71
C ARG J 440 13.53 -58.76 -137.62
N GLN J 441 12.85 -58.58 -136.50
CA GLN J 441 12.93 -59.53 -135.40
C GLN J 441 12.38 -60.90 -135.80
N CYS J 442 11.37 -60.93 -136.66
CA CYS J 442 10.78 -62.18 -137.09
C CYS J 442 11.36 -62.71 -138.38
N THR J 443 12.29 -61.98 -139.00
CA THR J 443 13.03 -62.52 -140.14
C THR J 443 14.46 -62.92 -139.82
N LYS J 444 15.09 -62.30 -138.80
CA LYS J 444 16.49 -62.61 -138.52
C LYS J 444 16.65 -64.01 -137.95
N LYS J 445 15.72 -64.45 -137.11
CA LYS J 445 15.93 -65.67 -136.34
C LYS J 445 15.40 -66.91 -137.03
N LEU J 446 14.30 -66.80 -137.78
CA LEU J 446 13.82 -67.95 -138.53
C LEU J 446 14.69 -68.23 -139.74
N GLN J 447 15.17 -67.19 -140.41
CA GLN J 447 15.88 -67.34 -141.67
C GLN J 447 17.37 -67.50 -141.42
N GLN J 448 17.84 -68.75 -141.45
CA GLN J 448 19.27 -68.98 -141.56
C GLN J 448 19.76 -68.61 -142.95
N TYR J 449 18.88 -68.65 -143.94
CA TYR J 449 19.28 -68.45 -145.32
C TYR J 449 19.82 -67.03 -145.51
N PRO J 450 20.91 -66.86 -146.25
CA PRO J 450 21.30 -65.52 -146.70
C PRO J 450 20.52 -65.12 -147.93
N ARG J 451 20.29 -63.81 -148.04
CA ARG J 451 19.63 -63.16 -149.16
C ARG J 451 18.13 -63.45 -149.17
N LEU J 452 17.68 -64.43 -148.39
CA LEU J 452 16.25 -64.64 -148.22
C LEU J 452 15.72 -63.98 -146.97
N ARG J 453 16.59 -63.61 -146.03
CA ARG J 453 16.25 -62.62 -145.02
C ARG J 453 16.52 -61.21 -145.51
N GLU J 454 17.03 -61.07 -146.73
CA GLU J 454 17.25 -59.76 -147.34
C GLU J 454 16.13 -59.40 -148.31
N GLU J 455 15.80 -60.27 -149.25
CA GLU J 455 14.69 -60.01 -150.16
C GLU J 455 13.37 -59.88 -149.41
N MET J 456 13.15 -60.75 -148.43
CA MET J 456 11.92 -60.71 -147.64
C MET J 456 11.79 -59.39 -146.89
N GLU J 457 12.85 -59.00 -146.18
CA GLU J 457 12.83 -57.74 -145.46
C GLU J 457 12.65 -56.56 -146.42
N ARG J 458 13.35 -56.59 -147.56
CA ARG J 458 13.23 -55.51 -148.52
C ARG J 458 11.80 -55.35 -149.00
N ILE J 459 11.18 -56.46 -149.41
CA ILE J 459 9.82 -56.38 -149.96
C ILE J 459 8.85 -55.90 -148.90
N VAL J 460 8.89 -56.49 -147.71
CA VAL J 460 7.93 -56.12 -146.66
C VAL J 460 8.13 -54.66 -146.26
N THR J 461 9.38 -54.23 -146.10
CA THR J 461 9.66 -52.87 -145.69
C THR J 461 9.26 -51.87 -146.74
N THR J 462 9.46 -52.20 -148.03
CA THR J 462 9.01 -51.30 -149.08
C THR J 462 7.49 -51.19 -149.08
N HIS J 463 6.79 -52.29 -148.84
CA HIS J 463 5.33 -52.20 -148.75
C HIS J 463 4.90 -51.33 -147.58
N ILE J 464 5.58 -51.47 -146.44
CA ILE J 464 5.23 -50.66 -145.27
C ILE J 464 5.48 -49.18 -145.53
N ARG J 465 6.61 -48.86 -146.15
CA ARG J 465 6.92 -47.47 -146.45
C ARG J 465 6.10 -46.94 -147.62
N GLU J 466 5.47 -47.82 -148.40
CA GLU J 466 4.45 -47.35 -149.34
C GLU J 466 3.16 -47.04 -148.62
N ARG J 467 2.82 -47.80 -147.58
CA ARG J 467 1.58 -47.57 -146.86
C ARG J 467 1.68 -46.36 -145.93
N GLU J 468 2.89 -45.99 -145.51
CA GLU J 468 3.01 -44.85 -144.61
C GLU J 468 2.55 -43.56 -145.27
N GLY J 469 2.78 -43.43 -146.57
CA GLY J 469 2.28 -42.25 -147.28
C GLY J 469 0.77 -42.16 -147.23
N ARG J 470 0.09 -43.27 -147.51
CA ARG J 470 -1.37 -43.27 -147.48
C ARG J 470 -1.90 -42.98 -146.08
N THR J 471 -1.29 -43.57 -145.06
CA THR J 471 -1.83 -43.34 -143.72
C THR J 471 -1.56 -41.92 -143.25
N LYS J 472 -0.42 -41.33 -143.60
CA LYS J 472 -0.17 -39.94 -143.28
C LYS J 472 -1.15 -39.03 -144.01
N GLU J 473 -1.44 -39.34 -145.28
CA GLU J 473 -2.44 -38.57 -146.02
C GLU J 473 -3.79 -38.64 -145.33
N GLN J 474 -4.19 -39.83 -144.88
CA GLN J 474 -5.49 -39.96 -144.23
C GLN J 474 -5.52 -39.23 -142.89
N VAL J 475 -4.42 -39.24 -142.15
CA VAL J 475 -4.39 -38.48 -140.89
C VAL J 475 -4.50 -36.99 -141.15
N MET J 476 -3.76 -36.48 -142.14
CA MET J 476 -3.86 -35.07 -142.49
C MET J 476 -5.28 -34.72 -142.91
N LEU J 477 -5.91 -35.59 -143.70
CA LEU J 477 -7.26 -35.30 -144.17
C LEU J 477 -8.27 -35.41 -143.03
N LEU J 478 -8.01 -36.25 -142.04
CA LEU J 478 -8.86 -36.26 -140.84
C LEU J 478 -8.75 -34.94 -140.10
N ILE J 479 -7.54 -34.40 -139.97
CA ILE J 479 -7.38 -33.09 -139.34
C ILE J 479 -8.11 -32.02 -140.16
N ASP J 480 -7.95 -32.05 -141.48
CA ASP J 480 -8.61 -31.06 -142.32
C ASP J 480 -10.12 -31.21 -142.33
N ILE J 481 -10.65 -32.39 -142.01
CA ILE J 481 -12.08 -32.52 -141.75
C ILE J 481 -12.45 -31.91 -140.41
N GLU J 482 -11.62 -32.10 -139.40
CA GLU J 482 -11.94 -31.53 -138.09
C GLU J 482 -11.79 -30.02 -138.06
N LEU J 483 -11.18 -29.44 -139.08
CA LEU J 483 -11.22 -27.99 -139.29
C LEU J 483 -12.32 -27.56 -140.26
N ALA J 484 -13.49 -28.18 -140.23
CA ALA J 484 -14.55 -27.81 -141.18
C ALA J 484 -15.83 -27.31 -140.54
N TYR J 485 -16.31 -27.93 -139.48
CA TYR J 485 -17.64 -27.56 -139.00
C TYR J 485 -17.67 -27.05 -137.57
N MET J 486 -16.85 -27.61 -136.68
CA MET J 486 -16.75 -27.18 -135.29
C MET J 486 -18.12 -27.28 -134.61
N ASN J 487 -18.59 -28.52 -134.47
CA ASN J 487 -19.94 -28.75 -133.99
C ASN J 487 -20.10 -28.29 -132.55
N THR J 488 -21.35 -27.97 -132.20
CA THR J 488 -21.72 -27.62 -130.85
C THR J 488 -22.88 -28.43 -130.33
N ASN J 489 -23.60 -29.15 -131.21
CA ASN J 489 -24.68 -30.03 -130.78
C ASN J 489 -24.19 -31.24 -130.01
N HIS J 490 -22.88 -31.48 -129.97
CA HIS J 490 -22.32 -32.59 -129.23
C HIS J 490 -22.41 -32.30 -127.73
N GLU J 491 -21.82 -33.17 -126.93
CA GLU J 491 -21.92 -33.11 -125.46
C GLU J 491 -21.05 -32.03 -124.83
N ASP J 492 -20.49 -31.07 -125.57
CA ASP J 492 -19.93 -29.89 -124.91
C ASP J 492 -21.07 -29.01 -124.39
N PHE J 493 -20.87 -28.44 -123.21
CA PHE J 493 -21.90 -27.62 -122.61
C PHE J 493 -21.87 -26.21 -123.21
N ILE J 494 -23.05 -25.70 -123.54
CA ILE J 494 -23.16 -24.40 -124.18
C ILE J 494 -23.27 -23.29 -123.13
N ASP J 652 -12.50 -3.58 -117.66
CA ASP J 652 -13.22 -4.79 -118.04
C ASP J 652 -14.48 -4.49 -118.83
N PRO J 653 -14.34 -3.84 -119.98
CA PRO J 653 -15.52 -3.44 -120.74
C PRO J 653 -16.14 -4.61 -121.47
N GLN J 654 -16.88 -5.44 -120.73
CA GLN J 654 -17.49 -6.66 -121.22
C GLN J 654 -16.42 -7.68 -121.61
N LEU J 655 -15.15 -7.29 -121.49
CA LEU J 655 -14.07 -8.20 -121.85
C LEU J 655 -13.97 -9.35 -120.87
N GLU J 656 -13.95 -9.06 -119.57
CA GLU J 656 -13.91 -10.14 -118.60
C GLU J 656 -15.16 -11.01 -118.63
N ARG J 657 -16.13 -10.68 -119.47
CA ARG J 657 -17.30 -11.52 -119.73
C ARG J 657 -17.17 -12.30 -121.03
N GLN J 658 -16.59 -11.69 -122.05
CA GLN J 658 -16.50 -12.35 -123.37
C GLN J 658 -15.25 -13.21 -123.50
N VAL J 659 -14.09 -12.67 -123.13
CA VAL J 659 -12.83 -13.40 -123.29
C VAL J 659 -12.83 -14.66 -122.44
N GLU J 660 -13.31 -14.56 -121.20
CA GLU J 660 -13.33 -15.73 -120.32
C GLU J 660 -14.30 -16.78 -120.82
N THR J 661 -15.47 -16.36 -121.30
CA THR J 661 -16.43 -17.31 -121.85
C THR J 661 -15.86 -18.01 -123.07
N ILE J 662 -15.19 -17.26 -123.95
CA ILE J 662 -14.59 -17.88 -125.13
C ILE J 662 -13.53 -18.88 -124.72
N ARG J 663 -12.71 -18.54 -123.73
CA ARG J 663 -11.69 -19.48 -123.26
C ARG J 663 -12.31 -20.74 -122.68
N ASN J 664 -13.34 -20.58 -121.84
CA ASN J 664 -13.96 -21.72 -121.20
C ASN J 664 -14.80 -22.56 -122.16
N LEU J 665 -15.09 -22.04 -123.35
CA LEU J 665 -15.70 -22.88 -124.38
C LEU J 665 -14.67 -23.51 -125.29
N VAL J 666 -13.55 -22.82 -125.57
CA VAL J 666 -12.48 -23.42 -126.33
C VAL J 666 -11.92 -24.62 -125.60
N ASP J 667 -11.75 -24.52 -124.28
CA ASP J 667 -11.28 -25.68 -123.52
C ASP J 667 -12.30 -26.82 -123.58
N SER J 668 -13.58 -26.50 -123.46
CA SER J 668 -14.62 -27.51 -123.47
C SER J 668 -14.73 -28.20 -124.82
N TYR J 669 -14.32 -27.54 -125.90
CA TYR J 669 -14.29 -28.22 -127.19
C TYR J 669 -12.96 -28.87 -127.50
N MET J 670 -11.85 -28.38 -126.92
CA MET J 670 -10.59 -29.07 -127.06
C MET J 670 -10.62 -30.42 -126.37
N ALA J 671 -11.31 -30.51 -125.23
CA ALA J 671 -11.50 -31.82 -124.62
C ALA J 671 -12.12 -32.81 -125.62
N ILE J 672 -13.18 -32.39 -126.30
CA ILE J 672 -13.89 -33.30 -127.20
C ILE J 672 -13.05 -33.62 -128.43
N VAL J 673 -12.39 -32.62 -129.01
CA VAL J 673 -11.61 -32.91 -130.22
C VAL J 673 -10.42 -33.81 -129.88
N ASN J 674 -9.79 -33.59 -128.72
CA ASN J 674 -8.72 -34.48 -128.31
C ASN J 674 -9.23 -35.89 -128.10
N LYS J 675 -10.41 -36.03 -127.47
CA LYS J 675 -10.95 -37.38 -127.26
C LYS J 675 -11.24 -38.06 -128.60
N THR J 676 -11.85 -37.34 -129.53
CA THR J 676 -12.23 -37.96 -130.80
C THR J 676 -11.07 -38.06 -131.78
N VAL J 677 -9.89 -37.53 -131.45
CA VAL J 677 -8.73 -37.83 -132.27
C VAL J 677 -7.96 -38.99 -131.64
N ARG J 678 -7.97 -39.07 -130.30
CA ARG J 678 -7.32 -40.21 -129.66
C ARG J 678 -8.08 -41.50 -129.90
N ASP J 679 -9.40 -41.44 -129.97
CA ASP J 679 -10.19 -42.63 -130.21
C ASP J 679 -10.18 -43.07 -131.67
N LEU J 680 -9.72 -42.21 -132.58
CA LEU J 680 -9.81 -42.48 -134.00
C LEU J 680 -8.47 -42.63 -134.71
N MET J 681 -7.39 -42.10 -134.16
CA MET J 681 -6.12 -42.14 -134.88
C MET J 681 -5.51 -43.54 -134.87
N PRO J 682 -5.61 -44.32 -133.79
CA PRO J 682 -5.21 -45.73 -133.91
C PRO J 682 -5.96 -46.49 -134.99
N LYS J 683 -7.27 -46.25 -135.12
CA LYS J 683 -8.07 -47.01 -136.08
C LYS J 683 -7.62 -46.76 -137.51
N THR J 684 -7.32 -45.50 -137.85
CA THR J 684 -6.97 -45.20 -139.24
C THR J 684 -5.63 -45.80 -139.62
N ILE J 685 -4.63 -45.68 -138.75
CA ILE J 685 -3.34 -46.27 -139.07
C ILE J 685 -3.45 -47.78 -139.12
N MET J 686 -4.27 -48.36 -138.25
CA MET J 686 -4.30 -49.82 -138.18
C MET J 686 -5.27 -50.43 -139.18
N HIS J 687 -6.04 -49.61 -139.88
CA HIS J 687 -6.75 -50.06 -141.07
C HIS J 687 -5.96 -49.82 -142.36
N LEU J 688 -5.13 -48.80 -142.42
CA LEU J 688 -4.40 -48.52 -143.64
C LEU J 688 -3.03 -49.17 -143.69
N MET J 689 -2.45 -49.51 -142.55
CA MET J 689 -1.11 -50.05 -142.48
C MET J 689 -1.07 -51.47 -141.92
N ILE J 690 -1.57 -51.68 -140.71
CA ILE J 690 -1.46 -52.97 -140.05
C ILE J 690 -2.22 -54.03 -140.84
N ASN J 691 -3.53 -53.86 -140.94
CA ASN J 691 -4.40 -54.82 -141.59
C ASN J 691 -4.29 -54.78 -143.10
N ASN J 692 -3.35 -54.02 -143.65
CA ASN J 692 -3.04 -54.10 -145.07
C ASN J 692 -1.70 -54.75 -145.35
N THR J 693 -0.66 -54.45 -144.57
CA THR J 693 0.58 -55.19 -144.71
C THR J 693 0.41 -56.62 -144.24
N LYS J 694 -0.49 -56.86 -143.27
CA LYS J 694 -0.77 -58.23 -142.85
C LYS J 694 -1.43 -59.00 -143.98
N GLU J 695 -2.40 -58.39 -144.66
CA GLU J 695 -3.03 -59.03 -145.81
C GLU J 695 -2.03 -59.25 -146.93
N PHE J 696 -1.13 -58.28 -147.13
CA PHE J 696 -0.08 -58.44 -148.14
C PHE J 696 0.81 -59.63 -147.81
N ILE J 697 1.14 -59.80 -146.53
CA ILE J 697 1.92 -60.96 -146.09
C ILE J 697 1.17 -62.25 -146.38
N PHE J 698 -0.13 -62.29 -146.09
CA PHE J 698 -0.91 -63.47 -146.47
C PHE J 698 -0.84 -63.76 -147.97
N SER J 699 -1.15 -62.77 -148.79
CA SER J 699 -1.65 -63.08 -150.13
C SER J 699 -0.79 -62.58 -151.28
N GLU J 700 0.33 -61.93 -151.04
CA GLU J 700 1.14 -61.45 -152.16
C GLU J 700 2.63 -61.66 -151.99
N LEU J 701 3.11 -62.03 -150.80
CA LEU J 701 4.55 -62.09 -150.56
C LEU J 701 5.23 -63.11 -151.46
N LEU J 702 4.63 -64.28 -151.65
CA LEU J 702 5.26 -65.30 -152.49
C LEU J 702 5.26 -64.88 -153.96
N ALA J 703 4.20 -64.21 -154.41
CA ALA J 703 4.08 -63.88 -155.82
C ALA J 703 5.22 -62.97 -156.29
N ASN J 704 5.53 -61.93 -155.51
CA ASN J 704 6.64 -61.06 -155.90
C ASN J 704 7.99 -61.57 -155.39
N LEU J 705 7.98 -62.44 -154.37
CA LEU J 705 9.22 -63.06 -153.94
C LEU J 705 9.78 -63.99 -155.00
N TYR J 706 8.88 -64.69 -155.71
CA TYR J 706 9.31 -65.47 -156.88
C TYR J 706 9.93 -64.58 -157.95
N SER J 707 9.40 -63.37 -158.13
CA SER J 707 9.81 -62.52 -159.24
C SER J 707 11.10 -61.77 -158.96
N CYS J 708 11.31 -61.32 -157.73
CA CYS J 708 12.51 -60.57 -157.41
C CYS J 708 13.73 -61.48 -157.40
N GLY J 709 14.79 -61.02 -158.03
CA GLY J 709 16.02 -61.80 -158.09
C GLY J 709 16.00 -62.86 -159.17
N ASP J 710 16.79 -63.91 -158.94
CA ASP J 710 16.95 -64.98 -159.91
C ASP J 710 15.88 -66.05 -159.79
N GLN J 711 15.35 -66.26 -158.58
CA GLN J 711 14.44 -67.38 -158.26
C GLN J 711 15.20 -68.70 -158.31
N ASN J 712 16.46 -68.66 -158.73
CA ASN J 712 17.34 -69.81 -158.75
C ASN J 712 18.53 -69.64 -157.83
N THR J 713 19.27 -68.53 -157.95
CA THR J 713 20.33 -68.22 -157.00
C THR J 713 19.76 -67.45 -155.81
N LEU J 714 18.68 -67.98 -155.27
CA LEU J 714 18.07 -67.51 -154.04
C LEU J 714 18.01 -68.69 -153.09
N MET J 715 17.89 -68.40 -151.79
CA MET J 715 17.91 -69.41 -150.74
C MET J 715 19.10 -70.36 -150.93
N GLU J 716 20.28 -69.76 -151.10
CA GLU J 716 21.53 -70.49 -151.14
C GLU J 716 22.00 -70.72 -149.72
N GLU J 717 22.54 -71.91 -149.46
CA GLU J 717 22.97 -72.25 -148.11
C GLU J 717 24.07 -71.33 -147.65
N SER J 718 23.89 -70.72 -146.47
CA SER J 718 24.98 -70.02 -145.83
C SER J 718 26.09 -71.00 -145.49
N ALA J 719 27.34 -70.51 -145.52
CA ALA J 719 28.48 -71.37 -145.23
C ALA J 719 28.33 -72.09 -143.90
N GLU J 720 27.71 -71.44 -142.92
CA GLU J 720 27.46 -72.08 -141.64
C GLU J 720 26.57 -73.31 -141.82
N GLN J 721 25.48 -73.18 -142.59
CA GLN J 721 24.62 -74.33 -142.81
C GLN J 721 25.29 -75.40 -143.66
N ALA J 722 26.13 -74.98 -144.62
CA ALA J 722 26.84 -75.94 -145.45
C ALA J 722 27.79 -76.79 -144.63
N GLN J 723 28.50 -76.17 -143.68
CA GLN J 723 29.39 -76.94 -142.82
C GLN J 723 28.66 -77.60 -141.66
N ARG J 724 27.41 -77.21 -141.40
CA ARG J 724 26.61 -77.85 -140.36
C ARG J 724 25.97 -79.14 -140.86
N ARG J 725 25.48 -79.15 -142.10
CA ARG J 725 24.85 -80.34 -142.63
C ARG J 725 25.84 -81.50 -142.72
N ASP J 726 27.08 -81.21 -143.13
CA ASP J 726 28.08 -82.26 -143.27
C ASP J 726 28.36 -82.93 -141.93
N GLU J 727 28.54 -82.14 -140.87
CA GLU J 727 28.82 -82.73 -139.57
C GLU J 727 27.58 -83.44 -139.02
N MET J 728 26.39 -82.91 -139.26
CA MET J 728 25.18 -83.57 -138.78
C MET J 728 24.87 -84.84 -139.56
N LEU J 729 25.47 -85.01 -140.74
CA LEU J 729 25.34 -86.26 -141.47
C LEU J 729 26.40 -87.28 -141.07
N ARG J 730 27.64 -86.83 -140.85
CA ARG J 730 28.64 -87.77 -140.37
C ARG J 730 28.32 -88.25 -138.96
N MET J 731 27.68 -87.41 -138.15
CA MET J 731 27.23 -87.88 -136.84
C MET J 731 26.14 -88.93 -136.97
N TYR J 732 25.26 -88.80 -137.96
CA TYR J 732 24.29 -89.85 -138.23
C TYR J 732 24.99 -91.16 -138.59
N HIS J 733 25.99 -91.09 -139.47
CA HIS J 733 26.72 -92.30 -139.83
C HIS J 733 27.40 -92.93 -138.61
N ALA J 734 28.02 -92.09 -137.78
CA ALA J 734 28.72 -92.59 -136.61
C ALA J 734 27.76 -93.23 -135.61
N LEU J 735 26.59 -92.62 -135.41
CA LEU J 735 25.59 -93.21 -134.52
C LEU J 735 25.09 -94.53 -135.05
N LYS J 736 24.86 -94.62 -136.37
CA LYS J 736 24.47 -95.89 -136.96
C LYS J 736 25.53 -96.95 -136.72
N GLU J 737 26.80 -96.59 -136.89
CA GLU J 737 27.87 -97.56 -136.67
C GLU J 737 27.95 -97.98 -135.21
N ALA J 738 27.76 -97.04 -134.28
CA ALA J 738 27.78 -97.39 -132.86
C ALA J 738 26.66 -98.36 -132.51
N LEU J 739 25.45 -98.11 -133.03
CA LEU J 739 24.36 -99.05 -132.80
C LEU J 739 24.64 -100.41 -133.42
N SER J 740 25.27 -100.43 -134.60
CA SER J 740 25.65 -101.70 -135.20
C SER J 740 26.63 -102.46 -134.31
N ILE J 741 27.60 -101.77 -133.73
CA ILE J 741 28.56 -102.42 -132.85
C ILE J 741 27.88 -102.93 -131.57
N ILE J 742 26.95 -102.15 -131.04
CA ILE J 742 26.21 -102.60 -129.86
C ILE J 742 25.44 -103.87 -130.17
N GLY J 743 24.78 -103.91 -131.33
CA GLY J 743 24.10 -105.13 -131.74
C GLY J 743 25.03 -106.30 -131.89
N ASN J 744 26.21 -106.06 -132.48
CA ASN J 744 27.18 -107.13 -132.67
C ASN J 744 27.67 -107.67 -131.33
N ILE J 745 27.95 -106.79 -130.37
CA ILE J 745 28.44 -107.26 -129.08
C ILE J 745 27.34 -107.96 -128.30
N ASN J 746 26.08 -107.53 -128.47
CA ASN J 746 24.98 -108.26 -127.86
C ASN J 746 24.83 -109.66 -128.46
N THR J 747 25.05 -109.77 -129.77
CA THR J 747 25.10 -111.09 -130.40
C THR J 747 26.24 -111.92 -129.82
N THR J 748 27.41 -111.31 -129.64
CA THR J 748 28.58 -111.95 -129.07
C THR J 748 28.96 -113.22 -129.84
N ASN K 3 72.50 -161.09 -20.09
CA ASN K 3 73.39 -159.99 -20.46
C ASN K 3 74.24 -159.54 -19.26
N ARG K 4 75.53 -159.31 -19.50
CA ARG K 4 76.46 -158.96 -18.44
C ARG K 4 76.28 -157.52 -17.96
N GLY K 5 75.65 -156.67 -18.77
CA GLY K 5 75.41 -155.30 -18.33
C GLY K 5 74.56 -155.25 -17.08
N MET K 6 73.63 -156.17 -16.93
CA MET K 6 72.76 -156.18 -15.76
C MET K 6 73.49 -156.73 -14.54
N GLU K 7 74.38 -157.73 -14.75
CA GLU K 7 75.30 -158.13 -13.69
C GLU K 7 76.17 -156.98 -13.22
N ASP K 8 76.52 -156.07 -14.13
CA ASP K 8 77.32 -154.91 -13.73
C ASP K 8 76.57 -154.01 -12.76
N LEU K 9 75.25 -154.06 -12.77
CA LEU K 9 74.45 -153.14 -11.96
C LEU K 9 73.78 -153.81 -10.75
N ILE K 10 73.65 -155.13 -10.73
CA ILE K 10 73.01 -155.79 -9.58
C ILE K 10 73.68 -155.48 -8.25
N PRO K 11 75.01 -155.42 -8.13
CA PRO K 11 75.55 -155.16 -6.78
C PRO K 11 75.31 -153.74 -6.32
N LEU K 12 75.36 -152.75 -7.22
CA LEU K 12 75.20 -151.36 -6.80
C LEU K 12 73.76 -151.01 -6.46
N VAL K 13 72.80 -151.89 -6.75
CA VAL K 13 71.41 -151.67 -6.35
C VAL K 13 71.08 -152.58 -5.18
N ASN K 14 71.72 -153.76 -5.15
CA ASN K 14 71.48 -154.69 -4.04
C ASN K 14 72.12 -154.18 -2.75
N ARG K 15 73.25 -153.47 -2.86
CA ARG K 15 73.87 -152.84 -1.70
C ARG K 15 73.15 -151.58 -1.29
N LEU K 16 72.30 -151.04 -2.17
CA LEU K 16 71.65 -149.75 -1.97
C LEU K 16 70.25 -149.90 -1.38
N GLN K 17 69.37 -150.59 -2.11
CA GLN K 17 67.97 -150.70 -1.71
C GLN K 17 67.83 -151.46 -0.40
N ASP K 18 68.70 -152.44 -0.16
CA ASP K 18 68.63 -153.17 1.10
C ASP K 18 68.87 -152.23 2.28
N ALA K 19 69.81 -151.30 2.15
CA ALA K 19 70.05 -150.34 3.23
C ALA K 19 68.91 -149.35 3.36
N PHE K 20 68.48 -148.76 2.24
CA PHE K 20 67.37 -147.79 2.32
C PHE K 20 66.07 -148.42 2.79
N SER K 21 65.93 -149.74 2.73
CA SER K 21 64.77 -150.40 3.30
C SER K 21 65.04 -150.95 4.69
N ALA K 22 66.30 -151.17 5.06
CA ALA K 22 66.63 -151.58 6.42
C ALA K 22 66.48 -150.41 7.39
N ILE K 23 66.67 -149.18 6.91
CA ILE K 23 66.36 -148.03 7.76
C ILE K 23 64.86 -147.91 8.03
N GLY K 24 64.04 -148.70 7.33
CA GLY K 24 62.61 -148.72 7.55
C GLY K 24 61.83 -147.70 6.75
N GLN K 25 62.48 -146.70 6.16
CA GLN K 25 61.77 -145.70 5.40
C GLN K 25 61.30 -146.27 4.06
N ASN K 26 60.24 -145.66 3.52
CA ASN K 26 59.78 -146.03 2.19
C ASN K 26 60.58 -145.27 1.13
N ALA K 27 61.90 -145.34 1.22
CA ALA K 27 62.78 -144.76 0.22
C ALA K 27 63.01 -145.77 -0.88
N ASP K 28 62.91 -145.31 -2.13
CA ASP K 28 63.00 -146.22 -3.27
C ASP K 28 63.74 -145.54 -4.40
N LEU K 29 64.32 -146.37 -5.27
CA LEU K 29 65.04 -145.86 -6.43
C LEU K 29 64.11 -145.55 -7.59
N ASP K 30 63.09 -146.37 -7.78
CA ASP K 30 62.15 -146.23 -8.90
C ASP K 30 62.88 -146.29 -10.24
N LEU K 31 63.45 -147.47 -10.50
CA LEU K 31 64.01 -147.73 -11.82
C LEU K 31 62.93 -147.56 -12.87
N PRO K 32 63.17 -146.79 -13.93
CA PRO K 32 62.14 -146.59 -14.95
C PRO K 32 61.76 -147.90 -15.62
N GLN K 33 60.48 -148.01 -15.97
CA GLN K 33 59.98 -149.21 -16.63
C GLN K 33 60.09 -149.06 -18.14
N ILE K 34 60.37 -150.16 -18.81
CA ILE K 34 60.68 -150.16 -20.23
C ILE K 34 59.44 -150.60 -21.01
N ALA K 35 58.89 -149.68 -21.80
CA ALA K 35 57.78 -149.99 -22.70
C ALA K 35 58.24 -149.77 -24.13
N VAL K 36 57.61 -150.49 -25.06
CA VAL K 36 57.94 -150.40 -26.48
C VAL K 36 56.68 -150.04 -27.25
N VAL K 37 56.81 -149.12 -28.21
CA VAL K 37 55.68 -148.69 -29.02
C VAL K 37 56.10 -148.75 -30.49
N GLY K 38 55.10 -148.77 -31.36
CA GLY K 38 55.33 -148.82 -32.78
C GLY K 38 54.15 -149.47 -33.49
N GLY K 39 54.32 -149.63 -34.80
CA GLY K 39 53.31 -150.28 -35.60
C GLY K 39 53.44 -151.79 -35.57
N GLN K 40 52.45 -152.45 -36.13
CA GLN K 40 52.46 -153.91 -36.17
C GLN K 40 53.64 -154.41 -37.00
N SER K 41 54.19 -155.55 -36.57
CA SER K 41 55.31 -156.21 -37.24
C SER K 41 56.57 -155.33 -37.24
N ALA K 42 56.74 -154.51 -36.21
CA ALA K 42 57.97 -153.74 -36.06
C ALA K 42 59.07 -154.54 -35.37
N GLY K 43 58.75 -155.66 -34.73
CA GLY K 43 59.75 -156.47 -34.07
C GLY K 43 59.92 -156.20 -32.59
N LYS K 44 58.90 -155.67 -31.92
CA LYS K 44 59.06 -155.25 -30.53
C LYS K 44 59.34 -156.44 -29.61
N SER K 45 58.60 -157.53 -29.78
CA SER K 45 58.81 -158.71 -28.95
C SER K 45 60.21 -159.26 -29.13
N SER K 46 60.71 -159.27 -30.37
CA SER K 46 62.08 -159.72 -30.60
C SER K 46 63.12 -158.74 -30.08
N VAL K 47 62.76 -157.46 -29.94
CA VAL K 47 63.66 -156.51 -29.28
C VAL K 47 63.75 -156.83 -27.79
N LEU K 48 62.60 -157.04 -27.14
CA LEU K 48 62.62 -157.35 -25.71
C LEU K 48 63.34 -158.66 -25.44
N GLU K 49 63.09 -159.68 -26.26
CA GLU K 49 63.77 -160.95 -26.11
C GLU K 49 65.28 -160.78 -26.14
N ASN K 50 65.78 -159.98 -27.07
CA ASN K 50 67.22 -159.81 -27.21
C ASN K 50 67.78 -158.91 -26.11
N PHE K 51 67.01 -157.95 -25.63
CA PHE K 51 67.47 -157.13 -24.51
C PHE K 51 67.60 -157.96 -23.24
N VAL K 52 66.66 -158.87 -23.00
CA VAL K 52 66.77 -159.75 -21.84
C VAL K 52 67.91 -160.74 -22.03
N GLY K 53 67.83 -161.57 -23.08
CA GLY K 53 68.87 -162.53 -23.35
C GLY K 53 68.36 -163.96 -23.38
N ARG K 54 67.05 -164.14 -23.28
CA ARG K 54 66.45 -165.46 -23.27
C ARG K 54 65.21 -165.47 -24.15
N ASP K 55 64.88 -166.64 -24.67
CA ASP K 55 63.83 -166.81 -25.67
C ASP K 55 62.54 -167.20 -24.97
N PHE K 56 61.74 -166.20 -24.60
CA PHE K 56 60.52 -166.47 -23.85
C PHE K 56 59.37 -165.59 -24.32
N LEU K 57 59.34 -165.20 -25.59
CA LEU K 57 58.28 -164.36 -26.09
C LEU K 57 57.76 -164.88 -27.41
N PRO K 58 56.50 -164.61 -27.73
CA PRO K 58 55.96 -165.04 -29.03
C PRO K 58 56.24 -164.02 -30.11
N ARG K 59 56.51 -164.51 -31.31
CA ARG K 59 56.77 -163.64 -32.45
C ARG K 59 56.48 -164.38 -33.73
N GLY K 60 56.23 -163.63 -34.79
CA GLY K 60 55.99 -164.22 -36.09
C GLY K 60 55.33 -163.22 -37.02
N SER K 61 55.11 -163.67 -38.25
CA SER K 61 54.39 -162.86 -39.21
C SER K 61 52.95 -162.66 -38.78
N GLY K 62 52.32 -161.63 -39.31
CA GLY K 62 50.99 -161.32 -38.86
C GLY K 62 51.01 -160.72 -37.46
N ILE K 63 49.84 -160.75 -36.82
CA ILE K 63 49.69 -160.22 -35.47
C ILE K 63 50.01 -161.31 -34.47
N VAL K 64 50.94 -161.02 -33.55
CA VAL K 64 51.37 -162.01 -32.58
C VAL K 64 51.17 -161.49 -31.16
N THR K 65 51.84 -160.39 -30.83
CA THR K 65 51.71 -159.82 -29.49
C THR K 65 50.32 -159.20 -29.38
N ARG K 66 49.36 -159.99 -28.89
CA ARG K 66 47.96 -159.63 -28.94
C ARG K 66 47.43 -159.12 -27.61
N ARG K 67 48.18 -159.32 -26.51
CA ARG K 67 47.82 -158.83 -25.20
C ARG K 67 49.04 -158.20 -24.55
N PRO K 68 48.87 -157.08 -23.84
CA PRO K 68 50.00 -156.46 -23.16
C PRO K 68 50.63 -157.44 -22.17
N LEU K 69 51.95 -157.45 -22.12
CA LEU K 69 52.69 -158.35 -21.24
C LEU K 69 53.52 -157.51 -20.28
N VAL K 70 53.23 -157.62 -18.99
CA VAL K 70 53.99 -156.93 -17.97
C VAL K 70 54.96 -157.96 -17.41
N LEU K 71 56.15 -158.01 -18.00
CA LEU K 71 57.24 -158.80 -17.46
C LEU K 71 57.86 -158.06 -16.29
N GLN K 72 58.20 -158.81 -15.25
CA GLN K 72 58.90 -158.27 -14.09
C GLN K 72 60.10 -159.15 -13.82
N LEU K 73 61.27 -158.64 -14.15
CA LEU K 73 62.50 -159.29 -13.76
C LEU K 73 62.74 -159.00 -12.28
N VAL K 74 62.97 -160.05 -11.48
CA VAL K 74 63.15 -159.93 -10.06
C VAL K 74 64.40 -160.72 -9.64
N ASN K 75 65.28 -160.06 -8.91
CA ASN K 75 66.49 -160.72 -8.41
C ASN K 75 66.13 -161.73 -7.34
N ALA K 76 66.60 -162.96 -7.48
CA ALA K 76 66.28 -164.02 -6.56
C ALA K 76 67.44 -165.01 -6.52
N THR K 77 67.22 -166.15 -5.87
CA THR K 77 68.27 -167.14 -5.70
C THR K 77 68.50 -167.95 -6.97
N THR K 78 67.47 -168.65 -7.43
CA THR K 78 67.56 -169.53 -8.60
C THR K 78 66.78 -168.94 -9.77
N GLU K 79 66.93 -169.60 -10.92
CA GLU K 79 66.30 -169.17 -12.16
C GLU K 79 64.99 -169.91 -12.36
N TYR K 80 63.90 -169.15 -12.48
CA TYR K 80 62.60 -169.70 -12.84
C TYR K 80 61.70 -168.53 -13.21
N ALA K 81 60.46 -168.86 -13.60
CA ALA K 81 59.50 -167.84 -13.96
C ALA K 81 58.09 -168.35 -13.64
N GLU K 82 57.22 -167.43 -13.26
CA GLU K 82 55.84 -167.78 -12.94
C GLU K 82 54.89 -166.73 -13.49
N PHE K 83 53.75 -167.19 -13.98
CA PHE K 83 52.66 -166.33 -14.38
C PHE K 83 51.87 -165.88 -13.15
N LEU K 84 50.75 -165.22 -13.39
CA LEU K 84 49.88 -164.79 -12.31
C LEU K 84 48.56 -165.55 -12.28
N HIS K 85 48.02 -165.88 -13.45
CA HIS K 85 46.79 -166.67 -13.51
C HIS K 85 46.97 -168.11 -13.04
N CYS K 86 48.22 -168.57 -12.93
CA CYS K 86 48.54 -169.94 -12.56
C CYS K 86 49.50 -169.96 -11.38
N LYS K 87 49.13 -169.24 -10.31
CA LYS K 87 49.99 -169.08 -9.15
C LYS K 87 50.55 -170.42 -8.68
N GLY K 88 51.83 -170.41 -8.30
CA GLY K 88 52.50 -171.59 -7.82
C GLY K 88 53.10 -172.48 -8.89
N LYS K 89 52.70 -172.31 -10.15
CA LYS K 89 53.22 -173.12 -11.24
C LYS K 89 54.50 -172.47 -11.74
N LYS K 90 55.64 -172.87 -11.19
CA LYS K 90 56.94 -172.32 -11.57
C LYS K 90 57.36 -172.91 -12.92
N PHE K 91 57.81 -172.05 -13.82
CA PHE K 91 58.25 -172.45 -15.14
C PHE K 91 59.75 -172.31 -15.26
N THR K 92 60.41 -173.38 -15.70
CA THR K 92 61.83 -173.36 -16.00
C THR K 92 62.12 -173.57 -17.48
N ASP K 93 61.23 -174.22 -18.23
CA ASP K 93 61.42 -174.45 -19.65
C ASP K 93 60.85 -173.26 -20.42
N PHE K 94 61.73 -172.47 -21.02
CA PHE K 94 61.30 -171.27 -21.71
C PHE K 94 60.44 -171.58 -22.93
N GLU K 95 60.59 -172.77 -23.52
CA GLU K 95 59.67 -173.19 -24.57
C GLU K 95 58.25 -173.33 -24.01
N GLU K 96 58.13 -173.90 -22.81
CA GLU K 96 56.82 -173.95 -22.17
C GLU K 96 56.31 -172.56 -21.86
N VAL K 97 57.19 -171.65 -21.45
CA VAL K 97 56.76 -170.27 -21.20
C VAL K 97 56.22 -169.65 -22.49
N ARG K 98 56.93 -169.84 -23.60
CA ARG K 98 56.50 -169.28 -24.88
C ARG K 98 55.17 -169.87 -25.33
N LEU K 99 54.99 -171.18 -25.16
CA LEU K 99 53.71 -171.79 -25.52
C LEU K 99 52.58 -171.28 -24.62
N GLU K 100 52.83 -171.19 -23.32
CA GLU K 100 51.77 -170.81 -22.40
C GLU K 100 51.38 -169.36 -22.57
N ILE K 101 52.32 -168.48 -22.92
CA ILE K 101 51.96 -167.07 -23.05
C ILE K 101 50.99 -166.87 -24.20
N GLU K 102 51.21 -167.54 -25.34
CA GLU K 102 50.25 -167.42 -26.43
C GLU K 102 48.98 -168.21 -26.16
N ALA K 103 49.07 -169.30 -25.39
CA ALA K 103 47.85 -169.99 -24.98
C ALA K 103 46.96 -169.09 -24.13
N GLU K 104 47.54 -168.36 -23.19
CA GLU K 104 46.78 -167.37 -22.44
C GLU K 104 46.33 -166.22 -23.33
N THR K 105 47.15 -165.87 -24.31
CA THR K 105 46.81 -164.78 -25.21
C THR K 105 45.54 -165.05 -25.99
N ASP K 106 45.41 -166.26 -26.54
CA ASP K 106 44.20 -166.58 -27.29
C ASP K 106 43.10 -167.18 -26.43
N ARG K 107 43.39 -167.57 -25.19
CA ARG K 107 42.34 -168.07 -24.30
C ARG K 107 41.33 -166.99 -23.93
N VAL K 108 41.67 -165.72 -24.14
CA VAL K 108 40.78 -164.63 -23.78
C VAL K 108 40.13 -163.98 -25.01
N THR K 109 40.84 -163.92 -26.13
CA THR K 109 40.36 -163.21 -27.31
C THR K 109 39.93 -164.12 -28.45
N GLY K 110 40.44 -165.35 -28.50
CA GLY K 110 40.19 -166.22 -29.63
C GLY K 110 41.35 -166.24 -30.60
N THR K 111 41.06 -166.79 -31.78
CA THR K 111 42.05 -166.88 -32.86
C THR K 111 41.75 -165.88 -33.97
N ASN K 112 40.77 -164.99 -33.76
CA ASN K 112 40.33 -164.07 -34.80
C ASN K 112 40.92 -162.68 -34.60
N LYS K 113 42.13 -162.61 -34.03
CA LYS K 113 42.93 -161.39 -33.98
C LYS K 113 42.26 -160.26 -33.21
N GLY K 114 41.38 -160.57 -32.26
CA GLY K 114 40.89 -159.54 -31.37
C GLY K 114 41.82 -159.33 -30.19
N ILE K 115 41.70 -158.18 -29.53
CA ILE K 115 42.63 -157.87 -28.45
C ILE K 115 41.84 -157.55 -27.18
N SER K 116 42.56 -157.57 -26.07
CA SER K 116 42.00 -157.34 -24.75
C SER K 116 42.92 -156.39 -24.00
N PRO K 117 42.38 -155.33 -23.40
CA PRO K 117 43.24 -154.38 -22.69
C PRO K 117 43.61 -154.83 -21.29
N VAL K 118 43.40 -156.10 -20.97
CA VAL K 118 43.71 -156.65 -19.66
C VAL K 118 45.11 -157.23 -19.73
N PRO K 119 46.07 -156.71 -18.97
CA PRO K 119 47.47 -157.15 -19.12
C PRO K 119 47.68 -158.60 -18.73
N ILE K 120 48.90 -159.09 -18.94
CA ILE K 120 49.31 -160.42 -18.52
C ILE K 120 50.55 -160.24 -17.68
N ASN K 121 50.43 -160.39 -16.37
CA ASN K 121 51.59 -160.28 -15.51
C ASN K 121 52.45 -161.53 -15.60
N LEU K 122 53.76 -161.33 -15.50
CA LEU K 122 54.71 -162.43 -15.54
C LEU K 122 55.90 -162.01 -14.71
N ARG K 123 56.47 -162.95 -13.95
CA ARG K 123 57.62 -162.62 -13.11
C ARG K 123 58.72 -163.65 -13.34
N VAL K 124 59.87 -163.19 -13.81
CA VAL K 124 61.05 -164.03 -13.97
C VAL K 124 61.98 -163.75 -12.80
N TYR K 125 62.16 -164.75 -11.95
CA TYR K 125 63.06 -164.65 -10.81
C TYR K 125 64.39 -165.25 -11.20
N SER K 126 65.46 -164.49 -11.02
CA SER K 126 66.78 -164.96 -11.41
C SER K 126 67.83 -164.12 -10.70
N PRO K 127 69.00 -164.70 -10.41
CA PRO K 127 70.11 -163.88 -9.87
C PRO K 127 70.73 -162.95 -10.91
N HIS K 128 70.31 -163.03 -12.17
CA HIS K 128 70.91 -162.27 -13.26
C HIS K 128 70.05 -161.12 -13.73
N VAL K 129 69.07 -160.70 -12.92
CA VAL K 129 68.16 -159.64 -13.31
C VAL K 129 68.01 -158.63 -12.17
N LEU K 130 67.66 -157.40 -12.55
CA LEU K 130 67.32 -156.36 -11.60
C LEU K 130 65.86 -156.53 -11.16
N ASN K 131 65.32 -155.51 -10.50
CA ASN K 131 63.88 -155.43 -10.25
C ASN K 131 63.20 -154.53 -11.29
N LEU K 132 63.17 -155.03 -12.51
CA LEU K 132 62.73 -154.23 -13.65
C LEU K 132 61.34 -154.63 -14.13
N THR K 133 60.67 -153.66 -14.75
CA THR K 133 59.34 -153.83 -15.33
C THR K 133 59.44 -153.57 -16.82
N LEU K 134 59.29 -154.63 -17.62
CA LEU K 134 59.33 -154.54 -19.08
C LEU K 134 57.90 -154.71 -19.59
N VAL K 135 57.36 -153.67 -20.20
CA VAL K 135 55.96 -153.66 -20.64
C VAL K 135 55.97 -153.84 -22.15
N ASP K 136 55.83 -155.09 -22.59
CA ASP K 136 55.60 -155.34 -24.00
C ASP K 136 54.16 -155.00 -24.34
N LEU K 137 53.96 -154.38 -25.49
CA LEU K 137 52.67 -153.86 -25.89
C LEU K 137 52.30 -154.42 -27.26
N PRO K 138 51.01 -154.51 -27.57
CA PRO K 138 50.61 -154.98 -28.90
C PRO K 138 50.91 -153.94 -29.96
N GLY K 139 51.12 -154.42 -31.19
CA GLY K 139 51.37 -153.52 -32.30
C GLY K 139 50.18 -152.63 -32.56
N MET K 140 50.47 -151.41 -33.01
CA MET K 140 49.44 -150.44 -33.33
C MET K 140 48.81 -150.75 -34.67
N THR K 141 47.49 -150.62 -34.75
CA THR K 141 46.71 -150.97 -35.92
C THR K 141 45.79 -149.82 -36.27
N LYS K 142 45.47 -149.68 -37.56
CA LYS K 142 44.66 -148.56 -38.01
C LYS K 142 43.33 -149.01 -38.61
N VAL K 143 43.31 -150.19 -39.23
CA VAL K 143 42.07 -150.72 -39.79
C VAL K 143 41.75 -152.05 -39.11
N PRO K 144 40.51 -152.30 -38.72
CA PRO K 144 40.19 -153.53 -38.00
C PRO K 144 40.19 -154.76 -38.89
N VAL K 145 41.14 -155.66 -38.66
CA VAL K 145 41.19 -156.94 -39.36
C VAL K 145 40.66 -158.02 -38.42
N GLY K 146 39.80 -158.89 -38.94
CA GLY K 146 39.18 -159.92 -38.12
C GLY K 146 37.90 -159.43 -37.49
N ASP K 147 37.64 -159.85 -36.25
CA ASP K 147 36.46 -159.43 -35.51
C ASP K 147 36.71 -158.24 -34.61
N GLN K 148 37.80 -157.50 -34.85
CA GLN K 148 38.10 -156.34 -34.04
C GLN K 148 37.04 -155.26 -34.22
N PRO K 149 36.68 -154.56 -33.15
CA PRO K 149 35.66 -153.53 -33.24
C PRO K 149 36.13 -152.36 -34.09
N PRO K 150 35.22 -151.47 -34.51
CA PRO K 150 35.61 -150.39 -35.42
C PRO K 150 36.63 -149.42 -34.84
N ASP K 151 36.80 -149.37 -33.53
CA ASP K 151 37.72 -148.43 -32.88
C ASP K 151 38.95 -149.14 -32.33
N ILE K 152 39.48 -150.08 -33.12
CA ILE K 152 40.69 -150.80 -32.70
C ILE K 152 41.85 -149.84 -32.53
N GLU K 153 41.98 -148.86 -33.42
CA GLU K 153 43.08 -147.91 -33.32
C GLU K 153 42.98 -147.10 -32.03
N PHE K 154 41.77 -146.67 -31.68
CA PHE K 154 41.63 -145.85 -30.48
C PHE K 154 41.80 -146.68 -29.22
N GLN K 155 41.34 -147.93 -29.21
CA GLN K 155 41.54 -148.70 -27.99
C GLN K 155 42.92 -149.33 -27.91
N ILE K 156 43.74 -149.24 -28.96
CA ILE K 156 45.15 -149.58 -28.80
C ILE K 156 45.96 -148.36 -28.41
N ARG K 157 45.61 -147.18 -28.93
CA ARG K 157 46.29 -145.96 -28.50
C ARG K 157 46.01 -145.67 -27.03
N ASP K 158 44.75 -145.80 -26.60
CA ASP K 158 44.42 -145.62 -25.19
C ASP K 158 45.05 -146.73 -24.35
N MET K 159 45.27 -147.91 -24.94
CA MET K 159 46.02 -148.94 -24.26
C MET K 159 47.44 -148.49 -23.98
N LEU K 160 48.08 -147.88 -24.98
CA LEU K 160 49.47 -147.49 -24.84
C LEU K 160 49.65 -146.28 -23.94
N MET K 161 48.66 -145.39 -23.90
CA MET K 161 48.79 -144.20 -23.06
C MET K 161 48.92 -144.56 -21.59
N GLN K 162 48.09 -145.49 -21.09
CA GLN K 162 48.16 -145.78 -19.67
C GLN K 162 49.47 -146.44 -19.26
N PHE K 163 50.27 -146.87 -20.23
CA PHE K 163 51.57 -147.47 -19.94
C PHE K 163 52.75 -146.56 -20.23
N VAL K 164 52.60 -145.59 -21.11
CA VAL K 164 53.73 -144.73 -21.48
C VAL K 164 53.61 -143.31 -20.97
N THR K 165 52.43 -142.88 -20.52
CA THR K 165 52.31 -141.49 -20.07
C THR K 165 52.95 -141.30 -18.70
N LYS K 166 53.07 -142.36 -17.92
CA LYS K 166 53.67 -142.26 -16.59
C LYS K 166 55.16 -141.97 -16.72
N GLU K 167 55.63 -141.03 -15.90
CA GLU K 167 57.04 -140.69 -15.92
C GLU K 167 57.88 -141.88 -15.47
N ASN K 168 59.19 -141.77 -15.68
CA ASN K 168 60.11 -142.89 -15.46
C ASN K 168 59.67 -144.12 -16.25
N CYS K 169 59.31 -143.89 -17.51
CA CYS K 169 58.94 -144.96 -18.43
C CYS K 169 59.74 -144.75 -19.71
N LEU K 170 60.83 -145.51 -19.84
CA LEU K 170 61.60 -145.48 -21.08
C LEU K 170 60.73 -145.96 -22.22
N ILE K 171 60.66 -145.18 -23.29
CA ILE K 171 59.82 -145.47 -24.43
C ILE K 171 60.74 -145.88 -25.58
N LEU K 172 60.76 -147.17 -25.89
CA LEU K 172 61.47 -147.66 -27.07
C LEU K 172 60.54 -147.50 -28.26
N ALA K 173 60.77 -146.45 -29.02
CA ALA K 173 60.05 -146.24 -30.28
C ALA K 173 60.69 -147.15 -31.31
N VAL K 174 60.08 -148.31 -31.55
CA VAL K 174 60.61 -149.28 -32.50
C VAL K 174 59.97 -149.01 -33.85
N SER K 175 60.80 -148.73 -34.85
CA SER K 175 60.32 -148.44 -36.19
C SER K 175 61.04 -149.36 -37.18
N PRO K 176 60.34 -149.85 -38.19
CA PRO K 176 61.00 -150.69 -39.19
C PRO K 176 61.77 -149.84 -40.19
N ALA K 177 62.87 -150.40 -40.68
CA ALA K 177 63.67 -149.67 -41.65
C ALA K 177 62.97 -149.61 -43.00
N ASN K 178 62.27 -150.68 -43.37
CA ASN K 178 61.62 -150.74 -44.68
C ASN K 178 60.60 -149.62 -44.83
N SER K 179 59.74 -149.44 -43.84
CA SER K 179 58.80 -148.33 -43.89
C SER K 179 59.53 -147.02 -43.66
N ASP K 180 58.94 -145.94 -44.18
CA ASP K 180 59.55 -144.63 -44.02
C ASP K 180 59.43 -144.19 -42.57
N LEU K 181 60.41 -143.41 -42.12
CA LEU K 181 60.45 -142.99 -40.72
C LEU K 181 59.30 -142.04 -40.40
N ALA K 182 58.86 -141.25 -41.38
CA ALA K 182 57.76 -140.33 -41.14
C ALA K 182 56.45 -141.06 -40.83
N ASN K 183 56.39 -142.35 -41.11
CA ASN K 183 55.21 -143.16 -40.83
C ASN K 183 55.32 -143.94 -39.52
N SER K 184 56.30 -143.62 -38.68
CA SER K 184 56.51 -144.36 -37.45
C SER K 184 55.48 -143.94 -36.41
N ASP K 185 54.46 -144.77 -36.21
CA ASP K 185 53.52 -144.53 -35.12
C ASP K 185 54.24 -144.49 -33.78
N ALA K 186 55.33 -145.24 -33.66
CA ALA K 186 56.16 -145.18 -32.46
C ALA K 186 56.63 -143.75 -32.20
N LEU K 187 57.19 -143.11 -33.23
CA LEU K 187 57.68 -141.76 -33.06
C LEU K 187 56.54 -140.77 -32.87
N LYS K 188 55.39 -141.02 -33.48
CA LYS K 188 54.25 -140.14 -33.23
C LYS K 188 53.85 -140.18 -31.76
N VAL K 189 53.74 -141.38 -31.20
CA VAL K 189 53.40 -141.52 -29.79
C VAL K 189 54.48 -140.92 -28.91
N ALA K 190 55.75 -141.11 -29.28
CA ALA K 190 56.85 -140.57 -28.49
C ALA K 190 56.82 -139.05 -28.47
N LYS K 191 56.57 -138.42 -29.61
CA LYS K 191 56.46 -136.96 -29.63
C LYS K 191 55.18 -136.46 -29.01
N GLU K 192 54.16 -137.32 -28.85
CA GLU K 192 52.96 -136.91 -28.13
C GLU K 192 53.17 -136.94 -26.62
N VAL K 193 53.77 -138.01 -26.09
CA VAL K 193 53.84 -138.23 -24.66
C VAL K 193 55.24 -137.95 -24.10
N ASP K 194 56.13 -137.39 -24.91
CA ASP K 194 57.49 -137.08 -24.50
C ASP K 194 58.07 -136.07 -25.47
N PRO K 195 57.60 -134.81 -25.44
CA PRO K 195 57.97 -133.87 -26.51
C PRO K 195 59.47 -133.67 -26.65
N GLN K 196 60.17 -133.36 -25.57
CA GLN K 196 61.60 -133.10 -25.67
C GLN K 196 62.42 -134.36 -25.89
N GLY K 197 61.80 -135.54 -25.82
CA GLY K 197 62.54 -136.78 -25.99
C GLY K 197 63.52 -137.07 -24.89
N GLN K 198 63.16 -136.76 -23.64
CA GLN K 198 64.06 -137.02 -22.52
C GLN K 198 64.24 -138.53 -22.30
N ARG K 199 63.16 -139.29 -22.42
CA ARG K 199 63.14 -140.71 -22.07
C ARG K 199 62.70 -141.56 -23.25
N THR K 200 63.11 -141.17 -24.46
CA THR K 200 62.72 -141.85 -25.69
C THR K 200 63.97 -142.43 -26.34
N ILE K 201 63.96 -143.74 -26.58
CA ILE K 201 65.04 -144.43 -27.27
C ILE K 201 64.49 -144.87 -28.62
N GLY K 202 65.10 -144.41 -29.71
CA GLY K 202 64.69 -144.82 -31.03
C GLY K 202 65.43 -146.08 -31.45
N VAL K 203 64.67 -147.05 -31.95
CA VAL K 203 65.24 -148.31 -32.43
C VAL K 203 64.76 -148.53 -33.85
N ILE K 204 65.68 -148.92 -34.72
CA ILE K 204 65.39 -149.16 -36.13
C ILE K 204 65.64 -150.64 -36.41
N THR K 205 64.58 -151.34 -36.80
CA THR K 205 64.62 -152.78 -37.01
C THR K 205 64.53 -153.11 -38.49
N LYS K 206 64.89 -154.35 -38.81
CA LYS K 206 64.80 -154.87 -40.18
C LYS K 206 65.67 -154.05 -41.13
N LEU K 207 66.95 -153.96 -40.80
CA LEU K 207 67.91 -153.26 -41.66
C LEU K 207 68.44 -154.14 -42.77
N ASP K 208 68.20 -155.45 -42.73
CA ASP K 208 68.63 -156.35 -43.78
C ASP K 208 67.57 -156.55 -44.85
N LEU K 209 66.42 -155.88 -44.75
CA LEU K 209 65.35 -156.01 -45.72
C LEU K 209 64.98 -154.68 -46.36
N MET K 210 65.89 -153.71 -46.32
CA MET K 210 65.62 -152.41 -46.92
C MET K 210 65.53 -152.52 -48.43
N ASP K 211 64.83 -151.57 -49.04
CA ASP K 211 64.72 -151.52 -50.49
C ASP K 211 66.10 -151.45 -51.11
N GLU K 212 66.33 -152.29 -52.11
CA GLU K 212 67.67 -152.40 -52.70
C GLU K 212 68.13 -151.06 -53.24
N GLY K 213 69.40 -150.73 -52.96
CA GLY K 213 69.95 -149.46 -53.38
C GLY K 213 69.68 -148.31 -52.44
N THR K 214 69.01 -148.55 -51.33
CA THR K 214 68.72 -147.53 -50.34
C THR K 214 69.37 -147.91 -49.01
N ASP K 215 69.56 -146.91 -48.16
CA ASP K 215 70.14 -147.14 -46.84
C ASP K 215 69.63 -146.08 -45.88
N ALA K 216 69.40 -146.48 -44.64
CA ALA K 216 68.86 -145.60 -43.61
C ALA K 216 69.96 -144.84 -42.87
N ARG K 217 71.11 -144.61 -43.52
CA ARG K 217 72.22 -143.93 -42.86
C ARG K 217 71.82 -142.58 -42.31
N ASP K 218 71.05 -141.80 -43.07
CA ASP K 218 70.61 -140.50 -42.61
C ASP K 218 69.65 -140.57 -41.43
N VAL K 219 69.10 -141.75 -41.15
CA VAL K 219 68.27 -141.95 -39.96
C VAL K 219 69.11 -142.41 -38.78
N LEU K 220 69.96 -143.41 -39.01
CA LEU K 220 70.78 -143.95 -37.93
C LEU K 220 71.79 -142.91 -37.43
N GLU K 221 72.16 -141.94 -38.26
CA GLU K 221 73.04 -140.88 -37.83
C GLU K 221 72.28 -139.69 -37.23
N ASN K 222 71.02 -139.91 -36.85
CA ASN K 222 70.21 -138.90 -36.16
C ASN K 222 70.13 -137.62 -36.97
N LYS K 223 70.11 -137.73 -38.30
CA LYS K 223 70.06 -136.58 -39.18
C LYS K 223 68.65 -136.27 -39.66
N LEU K 224 67.91 -137.29 -40.10
CA LEU K 224 66.56 -137.06 -40.63
C LEU K 224 65.64 -136.48 -39.57
N LEU K 225 65.38 -137.25 -38.52
CA LEU K 225 64.51 -136.81 -37.43
C LEU K 225 65.33 -136.66 -36.17
N PRO K 226 65.58 -135.44 -35.69
CA PRO K 226 66.45 -135.26 -34.53
C PRO K 226 65.84 -135.88 -33.28
N LEU K 227 66.63 -136.73 -32.63
CA LEU K 227 66.21 -137.41 -31.41
C LEU K 227 67.33 -137.30 -30.39
N ARG K 228 66.96 -137.07 -29.13
CA ARG K 228 67.96 -136.75 -28.12
C ARG K 228 68.92 -137.91 -27.88
N ARG K 229 68.38 -139.12 -27.71
CA ARG K 229 69.21 -140.28 -27.46
C ARG K 229 69.71 -140.97 -28.72
N GLY K 230 69.27 -140.53 -29.89
CA GLY K 230 69.68 -141.13 -31.13
C GLY K 230 69.00 -142.46 -31.40
N TYR K 231 69.23 -142.96 -32.61
CA TYR K 231 68.63 -144.23 -33.03
C TYR K 231 69.66 -145.34 -32.96
N ILE K 232 69.17 -146.55 -32.70
CA ILE K 232 69.99 -147.74 -32.62
C ILE K 232 69.45 -148.75 -33.62
N GLY K 233 70.26 -149.11 -34.62
CA GLY K 233 69.85 -150.12 -35.57
C GLY K 233 70.12 -151.51 -35.04
N VAL K 234 69.19 -152.42 -35.33
CA VAL K 234 69.32 -153.82 -34.93
C VAL K 234 68.76 -154.70 -36.03
N VAL K 235 69.35 -155.88 -36.17
CA VAL K 235 68.88 -156.90 -37.10
C VAL K 235 68.52 -158.14 -36.29
N ASN K 236 67.28 -158.56 -36.36
CA ASN K 236 66.78 -159.66 -35.58
C ASN K 236 66.72 -160.92 -36.44
N ARG K 237 66.18 -162.00 -35.89
CA ARG K 237 66.02 -163.22 -36.66
C ARG K 237 64.91 -163.04 -37.68
N SER K 238 65.17 -163.43 -38.92
CA SER K 238 64.11 -163.39 -39.93
C SER K 238 63.05 -164.43 -39.61
N GLN K 239 61.91 -164.31 -40.30
CA GLN K 239 60.81 -165.25 -40.06
C GLN K 239 61.22 -166.67 -40.43
N LYS K 240 62.00 -166.81 -41.50
CA LYS K 240 62.54 -168.13 -41.85
C LYS K 240 63.44 -168.65 -40.74
N ASP K 241 64.24 -167.77 -40.13
CA ASP K 241 65.08 -168.18 -39.02
C ASP K 241 64.25 -168.62 -37.82
N ILE K 242 63.16 -167.91 -37.55
CA ILE K 242 62.28 -168.32 -36.46
C ILE K 242 61.67 -169.69 -36.73
N ASP K 243 61.23 -169.92 -37.96
CA ASP K 243 60.66 -171.22 -38.30
C ASP K 243 61.72 -172.32 -38.22
N GLY K 244 62.95 -172.03 -38.63
CA GLY K 244 64.05 -172.97 -38.53
C GLY K 244 64.70 -173.08 -37.18
N LYS K 245 64.22 -172.30 -36.21
CA LYS K 245 64.71 -172.34 -34.83
C LYS K 245 66.21 -172.00 -34.76
N LYS K 246 66.57 -170.87 -35.36
CA LYS K 246 67.93 -170.37 -35.26
C LYS K 246 68.24 -169.93 -33.84
N ASP K 247 69.52 -169.92 -33.49
CA ASP K 247 69.93 -169.64 -32.13
C ASP K 247 70.49 -168.22 -31.99
N ILE K 248 70.59 -167.78 -30.73
CA ILE K 248 71.06 -166.43 -30.42
C ILE K 248 72.50 -166.24 -30.87
N THR K 249 73.33 -167.27 -30.75
CA THR K 249 74.74 -167.14 -31.14
C THR K 249 74.86 -166.83 -32.62
N ALA K 250 74.23 -167.63 -33.47
CA ALA K 250 74.29 -167.40 -34.91
C ALA K 250 73.62 -166.09 -35.29
N ALA K 251 72.50 -165.75 -34.64
CA ALA K 251 71.83 -164.50 -34.95
C ALA K 251 72.72 -163.30 -34.63
N LEU K 252 73.40 -163.33 -33.48
CA LEU K 252 74.30 -162.25 -33.11
C LEU K 252 75.50 -162.19 -34.04
N ALA K 253 76.04 -163.34 -34.43
CA ALA K 253 77.17 -163.34 -35.37
C ALA K 253 76.77 -162.71 -36.70
N ALA K 254 75.61 -163.09 -37.23
CA ALA K 254 75.14 -162.52 -38.49
C ALA K 254 74.87 -161.03 -38.36
N GLU K 255 74.25 -160.61 -37.25
CA GLU K 255 73.96 -159.21 -37.04
C GLU K 255 75.24 -158.39 -36.95
N ARG K 256 76.25 -158.93 -36.26
CA ARG K 256 77.53 -158.22 -36.15
C ARG K 256 78.23 -158.13 -37.50
N LYS K 257 78.25 -159.22 -38.26
CA LYS K 257 78.93 -159.20 -39.55
C LYS K 257 78.20 -158.36 -40.58
N PHE K 258 76.89 -158.17 -40.42
CA PHE K 258 76.14 -157.36 -41.38
C PHE K 258 76.62 -155.92 -41.38
N PHE K 259 76.78 -155.33 -40.19
CA PHE K 259 77.19 -153.94 -40.11
C PHE K 259 78.64 -153.73 -40.51
N LEU K 260 79.43 -154.79 -40.63
CA LEU K 260 80.75 -154.69 -41.24
C LEU K 260 80.70 -154.88 -42.74
N SER K 261 79.80 -155.74 -43.23
CA SER K 261 79.67 -155.95 -44.66
C SER K 261 79.10 -154.72 -45.36
N HIS K 262 78.13 -154.06 -44.73
CA HIS K 262 77.44 -152.96 -45.40
C HIS K 262 78.35 -151.74 -45.50
N PRO K 263 78.61 -151.24 -46.72
CA PRO K 263 79.48 -150.06 -46.84
C PRO K 263 78.96 -148.82 -46.14
N SER K 264 77.65 -148.62 -46.10
CA SER K 264 77.10 -147.42 -45.48
C SER K 264 77.15 -147.48 -43.95
N TYR K 265 77.24 -148.67 -43.37
CA TYR K 265 77.24 -148.83 -41.92
C TYR K 265 78.54 -149.39 -41.38
N ARG K 266 79.59 -149.45 -42.21
CA ARG K 266 80.87 -149.98 -41.74
C ARG K 266 81.43 -149.13 -40.61
N HIS K 267 81.26 -147.82 -40.68
CA HIS K 267 81.78 -146.90 -39.67
C HIS K 267 80.84 -146.73 -38.48
N LEU K 268 79.90 -147.65 -38.30
CA LEU K 268 78.97 -147.57 -37.17
C LEU K 268 78.77 -148.92 -36.49
N ALA K 269 79.55 -149.95 -36.85
CA ALA K 269 79.31 -151.29 -36.33
C ALA K 269 79.37 -151.33 -34.81
N ASP K 270 80.27 -150.57 -34.19
CA ASP K 270 80.34 -150.56 -32.74
C ASP K 270 79.18 -149.79 -32.11
N ARG K 271 78.59 -148.84 -32.83
CA ARG K 271 77.53 -148.02 -32.29
C ARG K 271 76.13 -148.52 -32.64
N MET K 272 76.02 -149.57 -33.45
CA MET K 272 74.74 -150.17 -33.80
C MET K 272 74.75 -151.65 -33.43
N GLY K 273 73.58 -152.16 -33.10
CA GLY K 273 73.45 -153.56 -32.76
C GLY K 273 72.80 -153.83 -31.42
N THR K 274 72.37 -155.07 -31.20
CA THR K 274 71.73 -155.44 -29.95
C THR K 274 72.64 -155.25 -28.73
N PRO K 275 73.92 -155.66 -28.74
CA PRO K 275 74.75 -155.36 -27.57
C PRO K 275 74.84 -153.88 -27.25
N TYR K 276 74.93 -153.03 -28.28
CA TYR K 276 74.97 -151.60 -28.01
C TYR K 276 73.64 -151.08 -27.51
N LEU K 277 72.54 -151.68 -27.96
CA LEU K 277 71.23 -151.34 -27.41
C LEU K 277 71.17 -151.67 -25.92
N GLN K 278 71.68 -152.84 -25.54
CA GLN K 278 71.73 -153.20 -24.14
C GLN K 278 72.58 -152.23 -23.35
N LYS K 279 73.73 -151.84 -23.91
CA LYS K 279 74.61 -150.90 -23.23
C LYS K 279 73.93 -149.55 -23.04
N VAL K 280 73.22 -149.06 -24.06
CA VAL K 280 72.53 -147.78 -23.93
C VAL K 280 71.41 -147.85 -22.90
N LEU K 281 70.64 -148.94 -22.90
CA LEU K 281 69.57 -149.07 -21.93
C LEU K 281 70.11 -149.11 -20.51
N ASN K 282 71.19 -149.88 -20.29
CA ASN K 282 71.77 -149.96 -18.96
C ASN K 282 72.39 -148.63 -18.54
N GLN K 283 72.99 -147.91 -19.50
CA GLN K 283 73.49 -146.57 -19.21
C GLN K 283 72.35 -145.65 -18.79
N GLN K 284 71.20 -145.77 -19.47
CA GLN K 284 70.07 -144.92 -19.11
C GLN K 284 69.51 -145.26 -17.74
N LEU K 285 69.55 -146.54 -17.36
CA LEU K 285 69.14 -146.91 -16.01
C LEU K 285 70.11 -146.37 -14.96
N THR K 286 71.41 -146.48 -15.23
CA THR K 286 72.41 -145.98 -14.29
C THR K 286 72.34 -144.48 -14.15
N ASN K 287 72.07 -143.77 -15.25
CA ASN K 287 71.93 -142.32 -15.22
C ASN K 287 70.66 -141.87 -14.52
N HIS K 288 69.81 -142.80 -14.10
CA HIS K 288 68.70 -142.50 -13.20
C HIS K 288 69.01 -142.89 -11.76
N ILE K 289 69.63 -144.06 -11.56
CA ILE K 289 70.06 -144.45 -10.22
C ILE K 289 70.96 -143.37 -9.62
N ARG K 290 71.97 -142.95 -10.39
CA ARG K 290 72.90 -141.94 -9.90
C ARG K 290 72.31 -140.54 -9.98
N ASP K 291 71.26 -140.34 -10.79
CA ASP K 291 70.57 -139.06 -10.78
C ASP K 291 69.80 -138.84 -9.48
N THR K 292 69.19 -139.91 -8.96
CA THR K 292 68.34 -139.76 -7.79
C THR K 292 69.14 -139.47 -6.52
N LEU K 293 70.40 -139.89 -6.47
CA LEU K 293 71.16 -139.87 -5.21
C LEU K 293 71.23 -138.51 -4.52
N PRO K 294 71.43 -137.38 -5.20
CA PRO K 294 71.45 -136.09 -4.48
C PRO K 294 70.20 -135.83 -3.64
N GLY K 295 69.02 -136.13 -4.18
CA GLY K 295 67.80 -135.92 -3.43
C GLY K 295 67.74 -136.77 -2.17
N LEU K 296 68.08 -138.06 -2.31
CA LEU K 296 68.11 -138.94 -1.15
C LEU K 296 69.11 -138.45 -0.11
N ARG K 297 70.29 -138.03 -0.56
CA ARG K 297 71.32 -137.61 0.38
C ARG K 297 70.88 -136.37 1.16
N ASN K 298 70.31 -135.37 0.47
CA ASN K 298 69.94 -134.17 1.19
C ASN K 298 68.74 -134.42 2.10
N LYS K 299 67.77 -135.23 1.66
CA LYS K 299 66.63 -135.52 2.50
C LYS K 299 67.03 -136.30 3.74
N LEU K 300 67.92 -137.29 3.59
CA LEU K 300 68.39 -138.04 4.74
C LEU K 300 69.28 -137.18 5.64
N GLN K 301 70.00 -136.22 5.07
CA GLN K 301 70.72 -135.27 5.90
C GLN K 301 69.76 -134.43 6.74
N SER K 302 68.64 -134.01 6.15
CA SER K 302 67.63 -133.29 6.91
C SER K 302 67.06 -134.16 8.03
N GLN K 303 66.78 -135.43 7.75
CA GLN K 303 66.23 -136.31 8.77
C GLN K 303 67.23 -136.57 9.89
N LEU K 304 68.51 -136.77 9.53
CA LEU K 304 69.54 -136.93 10.55
C LEU K 304 69.71 -135.65 11.35
N LEU K 305 69.53 -134.49 10.72
CA LEU K 305 69.51 -133.23 11.45
C LEU K 305 68.37 -133.22 12.47
N SER K 306 67.21 -133.74 12.07
CA SER K 306 66.09 -133.80 13.00
C SER K 306 66.38 -134.71 14.18
N ILE K 307 67.04 -135.84 13.94
CA ILE K 307 67.21 -136.82 15.02
C ILE K 307 68.45 -136.51 15.89
N GLU K 308 69.42 -135.77 15.36
CA GLU K 308 70.68 -135.58 16.08
C GLU K 308 70.47 -134.79 17.36
N LYS K 309 69.51 -133.86 17.36
CA LYS K 309 69.23 -133.09 18.58
C LYS K 309 68.77 -134.01 19.70
N GLU K 310 67.87 -134.95 19.38
CA GLU K 310 67.45 -135.93 20.38
C GLU K 310 68.61 -136.83 20.79
N VAL K 311 69.50 -137.15 19.85
CA VAL K 311 70.66 -137.95 20.21
C VAL K 311 71.64 -137.18 21.08
N GLU K 312 71.57 -135.84 21.07
CA GLU K 312 72.50 -135.04 21.86
C GLU K 312 72.36 -135.34 23.35
N GLU K 313 71.13 -135.31 23.86
CA GLU K 313 70.91 -135.71 25.25
C GLU K 313 70.99 -137.22 25.43
N TYR K 314 71.09 -137.98 24.34
CA TYR K 314 71.20 -139.43 24.39
C TYR K 314 72.53 -139.93 23.83
N LYS K 315 73.61 -139.21 24.10
CA LYS K 315 74.94 -139.73 23.76
C LYS K 315 75.23 -141.02 24.54
N ASN K 316 74.90 -141.03 25.82
CA ASN K 316 75.26 -142.11 26.72
C ASN K 316 74.06 -142.52 27.57
N PHE K 317 74.05 -143.79 27.99
CA PHE K 317 73.01 -144.31 28.86
C PHE K 317 73.58 -145.51 29.61
N ARG K 318 73.78 -145.36 30.91
CA ARG K 318 74.25 -146.44 31.77
C ARG K 318 73.09 -146.97 32.62
N PRO K 319 73.20 -148.20 33.10
CA PRO K 319 72.17 -148.71 34.02
C PRO K 319 72.10 -147.85 35.27
N ASP K 320 70.87 -147.64 35.76
CA ASP K 320 70.56 -146.94 37.00
C ASP K 320 70.76 -145.44 36.89
N ASP K 321 71.34 -144.96 35.78
CA ASP K 321 71.42 -143.54 35.41
C ASP K 321 71.79 -142.66 36.60
N PRO K 322 73.05 -142.67 37.05
CA PRO K 322 73.40 -141.98 38.29
C PRO K 322 73.07 -140.48 38.29
N ALA K 323 73.28 -139.81 37.17
CA ALA K 323 73.05 -138.37 37.09
C ALA K 323 71.95 -137.97 36.13
N ARG K 324 71.67 -138.80 35.12
CA ARG K 324 70.55 -138.51 34.22
C ARG K 324 69.24 -138.45 35.00
N LYS K 325 69.12 -139.28 36.04
CA LYS K 325 67.90 -139.25 36.85
C LYS K 325 67.72 -137.90 37.53
N THR K 326 68.77 -137.38 38.16
CA THR K 326 68.65 -136.08 38.81
C THR K 326 68.40 -134.97 37.79
N LYS K 327 69.09 -135.02 36.65
CA LYS K 327 68.89 -133.99 35.63
C LYS K 327 67.45 -133.99 35.14
N ALA K 328 66.91 -135.17 34.82
CA ALA K 328 65.54 -135.27 34.33
C ALA K 328 64.55 -134.88 35.41
N LEU K 329 64.84 -135.19 36.68
CA LEU K 329 63.99 -134.74 37.77
C LEU K 329 63.92 -133.23 37.79
N LEU K 330 65.08 -132.56 37.66
CA LEU K 330 65.08 -131.11 37.65
C LEU K 330 64.30 -130.57 36.46
N GLN K 331 64.47 -131.18 35.28
CA GLN K 331 63.73 -130.73 34.10
C GLN K 331 62.23 -130.84 34.32
N MET K 332 61.78 -131.98 34.85
CA MET K 332 60.36 -132.17 35.10
C MET K 332 59.83 -131.17 36.12
N VAL K 333 60.60 -130.94 37.20
CA VAL K 333 60.16 -130.02 38.23
C VAL K 333 60.05 -128.60 37.67
N GLN K 334 61.03 -128.18 36.87
CA GLN K 334 60.97 -126.86 36.27
C GLN K 334 59.81 -126.74 35.30
N GLN K 335 59.57 -127.79 34.50
CA GLN K 335 58.43 -127.77 33.59
C GLN K 335 57.11 -127.64 34.36
N PHE K 336 56.97 -128.40 35.44
CA PHE K 336 55.76 -128.31 36.24
C PHE K 336 55.58 -126.93 36.84
N ALA K 337 56.67 -126.36 37.38
CA ALA K 337 56.57 -125.04 38.01
C ALA K 337 56.19 -123.98 36.99
N VAL K 338 56.86 -123.99 35.84
CA VAL K 338 56.59 -122.97 34.83
C VAL K 338 55.19 -123.15 34.26
N ASP K 339 54.71 -124.40 34.18
CA ASP K 339 53.37 -124.61 33.65
C ASP K 339 52.30 -124.22 34.67
N PHE K 340 52.56 -124.45 35.95
CA PHE K 340 51.65 -123.97 36.99
C PHE K 340 51.57 -122.45 36.94
N GLU K 341 52.72 -121.78 36.86
CA GLU K 341 52.71 -120.32 36.81
C GLU K 341 52.04 -119.82 35.54
N LYS K 342 52.26 -120.50 34.42
CA LYS K 342 51.61 -120.11 33.17
C LYS K 342 50.10 -120.33 33.25
N ARG K 343 49.67 -121.40 33.93
CA ARG K 343 48.26 -121.73 33.99
C ARG K 343 47.50 -120.78 34.91
N ILE K 344 48.12 -120.33 36.00
CA ILE K 344 47.46 -119.52 37.00
C ILE K 344 47.85 -118.05 36.89
N GLU K 345 49.13 -117.74 37.07
CA GLU K 345 49.57 -116.35 36.96
C GLU K 345 49.33 -115.80 35.56
N GLY K 346 49.65 -116.59 34.53
CA GLY K 346 49.50 -116.14 33.17
C GLY K 346 50.81 -115.64 32.57
N SER K 347 51.89 -116.39 32.77
CA SER K 347 53.17 -116.01 32.21
C SER K 347 53.13 -116.05 30.69
N GLY K 348 54.22 -115.62 30.07
CA GLY K 348 54.28 -115.58 28.63
C GLY K 348 54.45 -116.93 27.99
N ASP K 349 54.98 -116.94 26.76
CA ASP K 349 55.31 -118.16 26.02
C ASP K 349 54.07 -119.01 25.73
N GLN K 350 53.17 -118.42 24.95
CA GLN K 350 52.13 -119.17 24.24
C GLN K 350 51.18 -119.96 25.12
N ILE K 351 50.36 -119.30 25.92
CA ILE K 351 49.27 -119.97 26.60
C ILE K 351 48.17 -120.31 25.61
N ASP K 352 47.58 -121.49 25.75
CA ASP K 352 46.63 -121.99 24.76
C ASP K 352 45.37 -121.13 24.71
N THR K 353 44.79 -121.03 23.52
CA THR K 353 43.59 -120.23 23.28
C THR K 353 42.37 -121.09 22.95
N TYR K 354 42.46 -122.40 23.15
CA TYR K 354 41.38 -123.28 22.71
C TYR K 354 40.15 -123.17 23.63
N GLU K 355 40.35 -123.34 24.93
CA GLU K 355 39.25 -123.37 25.88
C GLU K 355 39.37 -122.21 26.86
N LEU K 356 38.51 -122.23 27.87
CA LEU K 356 38.66 -121.29 28.98
C LEU K 356 39.97 -121.53 29.71
N SER K 357 40.56 -122.71 29.51
CA SER K 357 41.99 -122.97 29.60
C SER K 357 42.57 -122.62 30.97
N GLY K 358 42.15 -123.40 31.95
CA GLY K 358 42.90 -123.47 33.19
C GLY K 358 42.20 -122.80 34.35
N GLY K 359 42.71 -123.09 35.54
CA GLY K 359 42.07 -122.61 36.75
C GLY K 359 42.04 -121.09 36.85
N ALA K 360 43.02 -120.41 36.27
CA ALA K 360 43.19 -118.97 36.49
C ALA K 360 41.90 -118.22 36.26
N ARG K 361 41.25 -118.46 35.12
CA ARG K 361 40.02 -117.74 34.84
C ARG K 361 38.81 -118.45 35.46
N ILE K 362 38.89 -119.77 35.65
CA ILE K 362 37.89 -120.43 36.49
C ILE K 362 37.97 -119.90 37.91
N ASN K 363 39.19 -119.76 38.42
CA ASN K 363 39.37 -119.16 39.74
C ASN K 363 38.83 -117.73 39.77
N ARG K 364 39.08 -116.96 38.71
CA ARG K 364 38.44 -115.66 38.62
C ARG K 364 36.92 -115.71 38.58
N ILE K 365 36.33 -116.63 37.82
CA ILE K 365 34.88 -116.62 37.76
C ILE K 365 34.33 -116.95 39.13
N PHE K 366 35.09 -117.69 39.94
CA PHE K 366 34.73 -117.85 41.34
C PHE K 366 34.82 -116.53 42.10
N HIS K 367 35.95 -115.83 41.99
CA HIS K 367 36.12 -114.57 42.71
C HIS K 367 35.14 -113.49 42.27
N GLU K 368 34.51 -113.64 41.12
CA GLU K 368 33.56 -112.64 40.64
C GLU K 368 32.15 -113.21 40.41
N ARG K 369 31.88 -114.44 40.88
CA ARG K 369 30.52 -114.94 41.03
C ARG K 369 30.12 -115.12 42.48
N PHE K 370 31.09 -115.30 43.38
CA PHE K 370 30.86 -115.29 44.81
C PHE K 370 30.16 -114.00 45.25
N PRO K 371 30.48 -112.82 44.67
CA PRO K 371 29.63 -111.65 44.92
C PRO K 371 28.21 -111.76 44.39
N PHE K 372 27.85 -112.87 43.77
CA PHE K 372 26.45 -113.18 43.55
C PHE K 372 25.90 -114.15 44.58
N GLU K 373 26.72 -115.09 45.04
CA GLU K 373 26.30 -115.99 46.11
C GLU K 373 26.11 -115.26 47.43
N LEU K 374 26.80 -114.13 47.63
CA LEU K 374 26.55 -113.31 48.80
C LEU K 374 25.17 -112.65 48.71
N VAL K 375 24.86 -112.08 47.54
CA VAL K 375 23.59 -111.36 47.38
C VAL K 375 22.42 -112.33 47.44
N LYS K 376 22.53 -113.48 46.79
CA LYS K 376 21.37 -114.35 46.60
C LYS K 376 20.89 -114.94 47.92
N MET K 377 21.79 -115.51 48.70
CA MET K 377 21.38 -116.35 49.82
C MET K 377 20.75 -115.54 50.96
N GLU K 378 21.22 -114.33 51.20
CA GLU K 378 20.85 -113.56 52.38
C GLU K 378 19.71 -112.60 52.06
N PHE K 379 18.61 -112.71 52.79
CA PHE K 379 17.47 -111.82 52.66
C PHE K 379 16.48 -112.08 53.78
N ASP K 380 15.80 -111.01 54.21
CA ASP K 380 14.59 -111.08 55.02
C ASP K 380 14.01 -109.67 55.09
N GLU K 381 12.71 -109.59 55.34
CA GLU K 381 12.03 -108.31 55.42
C GLU K 381 10.71 -108.50 56.15
N LYS K 382 10.26 -107.43 56.81
CA LYS K 382 8.97 -107.34 57.49
C LYS K 382 8.89 -108.25 58.71
N GLU K 383 9.95 -109.02 58.96
CA GLU K 383 10.20 -109.64 60.25
C GLU K 383 11.26 -108.89 61.03
N LEU K 384 12.25 -108.35 60.32
CA LEU K 384 13.20 -107.43 60.93
C LEU K 384 12.50 -106.18 61.45
N ARG K 385 11.38 -105.80 60.83
CA ARG K 385 10.60 -104.68 61.37
C ARG K 385 10.12 -104.99 62.78
N ARG K 386 9.56 -106.17 62.99
CA ARG K 386 9.11 -106.57 64.31
C ARG K 386 10.27 -106.68 65.29
N GLU K 387 11.38 -107.28 64.84
CA GLU K 387 12.54 -107.41 65.71
C GLU K 387 13.08 -106.05 66.13
N ILE K 388 13.16 -105.11 65.18
CA ILE K 388 13.62 -103.77 65.49
C ILE K 388 12.66 -103.07 66.44
N SER K 389 11.36 -103.21 66.22
CA SER K 389 10.39 -102.61 67.12
C SER K 389 10.60 -103.08 68.55
N TYR K 390 10.77 -104.40 68.72
CA TYR K 390 10.97 -104.92 70.07
C TYR K 390 12.31 -104.48 70.65
N ALA K 391 13.35 -104.40 69.83
CA ALA K 391 14.64 -103.90 70.33
C ALA K 391 14.52 -102.47 70.80
N ILE K 392 13.81 -101.63 70.04
CA ILE K 392 13.61 -100.25 70.45
C ILE K 392 12.85 -100.19 71.77
N LYS K 393 11.78 -100.97 71.88
CA LYS K 393 10.96 -100.95 73.08
C LYS K 393 11.60 -101.67 74.25
N ASN K 394 12.75 -102.30 74.07
CA ASN K 394 13.39 -102.99 75.17
C ASN K 394 14.75 -102.47 75.59
N ILE K 395 15.49 -101.78 74.73
CA ILE K 395 16.82 -101.34 75.14
C ILE K 395 16.82 -100.00 75.86
N HIS K 396 15.72 -99.25 75.82
CA HIS K 396 15.52 -98.19 76.79
C HIS K 396 14.27 -98.60 77.57
N GLY K 397 14.28 -99.86 78.01
CA GLY K 397 13.04 -100.57 78.29
C GLY K 397 12.19 -99.98 79.41
N ILE K 398 12.81 -99.35 80.40
CA ILE K 398 12.01 -98.88 81.53
C ILE K 398 11.52 -97.45 81.36
N ARG K 399 12.17 -96.65 80.52
CA ARG K 399 11.92 -95.22 80.47
C ARG K 399 11.65 -94.76 79.05
N THR K 400 10.78 -93.78 78.90
CA THR K 400 10.39 -93.29 77.59
C THR K 400 11.60 -92.79 76.81
N GLY K 401 11.98 -93.52 75.77
CA GLY K 401 13.12 -93.13 74.95
C GLY K 401 12.72 -92.03 73.99
N LEU K 402 13.26 -90.84 74.21
CA LEU K 402 12.97 -89.70 73.36
C LEU K 402 13.97 -89.55 72.23
N PHE K 403 14.88 -90.51 72.08
CA PHE K 403 15.83 -90.54 70.99
C PHE K 403 15.94 -91.97 70.48
N THR K 404 16.06 -92.13 69.18
CA THR K 404 16.12 -93.47 68.60
C THR K 404 17.38 -94.17 69.10
N PRO K 405 17.25 -95.31 69.78
CA PRO K 405 18.42 -95.92 70.42
C PRO K 405 19.31 -96.64 69.42
N ASP K 406 20.46 -97.07 69.92
CA ASP K 406 21.62 -97.42 69.11
C ASP K 406 22.00 -98.89 69.18
N MET K 407 21.92 -99.47 70.38
CA MET K 407 22.21 -100.89 70.51
C MET K 407 21.25 -101.73 69.68
N ALA K 408 20.08 -101.20 69.31
CA ALA K 408 19.20 -101.93 68.41
C ALA K 408 19.80 -102.04 67.02
N PHE K 409 20.31 -100.92 66.48
CA PHE K 409 21.02 -100.97 65.22
C PHE K 409 22.20 -101.93 65.30
N GLU K 410 22.96 -101.86 66.39
CA GLU K 410 24.10 -102.75 66.55
C GLU K 410 23.66 -104.21 66.55
N THR K 411 22.58 -104.52 67.27
CA THR K 411 22.09 -105.89 67.34
C THR K 411 21.59 -106.40 66.00
N ILE K 412 20.88 -105.56 65.24
CA ILE K 412 20.39 -106.00 63.93
C ILE K 412 21.55 -106.28 62.99
N VAL K 413 22.50 -105.35 62.89
CA VAL K 413 23.59 -105.56 61.95
C VAL K 413 24.47 -106.72 62.39
N LYS K 414 24.65 -106.89 63.70
CA LYS K 414 25.44 -108.02 64.18
C LYS K 414 24.73 -109.35 63.93
N LYS K 415 23.41 -109.36 64.04
CA LYS K 415 22.63 -110.57 63.73
C LYS K 415 22.59 -110.85 62.23
N GLN K 416 22.85 -109.84 61.41
CA GLN K 416 22.78 -110.05 59.97
C GLN K 416 24.14 -110.32 59.32
N VAL K 417 25.25 -109.85 59.91
CA VAL K 417 26.56 -110.05 59.31
C VAL K 417 27.19 -111.33 59.84
N LYS K 418 26.41 -112.16 60.52
CA LYS K 418 26.92 -113.46 60.94
C LYS K 418 26.47 -114.60 60.04
N LYS K 419 25.59 -114.34 59.08
CA LYS K 419 25.22 -115.34 58.09
C LYS K 419 26.22 -115.42 56.94
N ILE K 420 27.22 -114.53 56.91
CA ILE K 420 28.23 -114.54 55.87
C ILE K 420 29.18 -115.73 56.02
N ARG K 421 29.17 -116.41 57.17
CA ARG K 421 30.10 -117.50 57.39
C ARG K 421 29.91 -118.64 56.39
N GLU K 422 28.72 -118.82 55.86
CA GLU K 422 28.52 -119.90 54.90
C GLU K 422 29.06 -119.56 53.51
N PRO K 423 28.65 -118.43 52.90
CA PRO K 423 29.13 -118.16 51.53
C PRO K 423 30.64 -118.07 51.41
N CYS K 424 31.32 -117.51 52.41
CA CYS K 424 32.77 -117.38 52.33
C CYS K 424 33.45 -118.74 52.37
N LEU K 425 33.02 -119.62 53.27
CA LEU K 425 33.60 -120.96 53.32
C LEU K 425 33.28 -121.74 52.05
N LYS K 426 32.08 -121.55 51.50
CA LYS K 426 31.76 -122.19 50.23
C LYS K 426 32.69 -121.71 49.12
N CYS K 427 32.96 -120.41 49.09
CA CYS K 427 33.89 -119.87 48.09
C CYS K 427 35.29 -120.46 48.27
N VAL K 428 35.76 -120.56 49.51
CA VAL K 428 37.09 -121.10 49.75
C VAL K 428 37.17 -122.55 49.28
N ASP K 429 36.16 -123.35 49.61
CA ASP K 429 36.20 -124.75 49.18
C ASP K 429 36.07 -124.88 47.66
N MET K 430 35.29 -124.01 47.02
CA MET K 430 35.16 -124.05 45.57
C MET K 430 36.49 -123.73 44.89
N VAL K 431 37.18 -122.70 45.39
CA VAL K 431 38.51 -122.36 44.87
C VAL K 431 39.48 -123.50 45.11
N ILE K 432 39.39 -124.15 46.27
CA ILE K 432 40.25 -125.30 46.54
C ILE K 432 40.03 -126.38 45.50
N SER K 433 38.76 -126.66 45.18
CA SER K 433 38.45 -127.70 44.21
C SER K 433 39.05 -127.35 42.84
N GLU K 434 38.85 -126.12 42.37
CA GLU K 434 39.36 -125.80 41.05
C GLU K 434 40.87 -125.80 41.02
N LEU K 435 41.51 -125.40 42.12
CA LEU K 435 42.96 -125.35 42.14
C LEU K 435 43.59 -126.72 42.26
N ILE K 436 42.88 -127.69 42.84
CA ILE K 436 43.37 -129.07 42.76
C ILE K 436 43.17 -129.62 41.37
N SER K 437 42.06 -129.27 40.71
CA SER K 437 41.86 -129.69 39.33
C SER K 437 42.96 -129.15 38.43
N THR K 438 43.37 -127.89 38.65
CA THR K 438 44.44 -127.31 37.86
C THR K 438 45.75 -128.05 38.06
N VAL K 439 46.07 -128.44 39.29
CA VAL K 439 47.30 -129.18 39.54
C VAL K 439 47.26 -130.52 38.82
N ARG K 440 46.13 -131.23 38.89
CA ARG K 440 46.05 -132.50 38.16
C ARG K 440 46.17 -132.29 36.66
N GLN K 441 45.53 -131.24 36.14
CA GLN K 441 45.53 -130.97 34.71
C GLN K 441 46.93 -130.63 34.20
N CYS K 442 47.69 -129.87 34.99
CA CYS K 442 49.03 -129.46 34.58
C CYS K 442 50.11 -130.42 35.07
N THR K 443 49.72 -131.51 35.73
CA THR K 443 50.63 -132.64 35.91
C THR K 443 50.37 -133.77 34.93
N LYS K 444 49.19 -133.81 34.31
CA LYS K 444 48.90 -134.86 33.33
C LYS K 444 49.97 -134.95 32.26
N LYS K 445 50.51 -133.83 31.81
CA LYS K 445 51.54 -133.84 30.78
C LYS K 445 52.87 -134.34 31.26
N LEU K 446 52.99 -134.83 32.49
CA LEU K 446 54.23 -135.40 32.99
C LEU K 446 54.22 -136.92 32.89
N GLN K 447 53.25 -137.48 32.16
CA GLN K 447 53.07 -138.92 32.04
C GLN K 447 54.27 -139.61 31.41
N GLN K 448 55.30 -138.85 31.01
CA GLN K 448 56.53 -139.45 30.54
C GLN K 448 57.12 -140.38 31.59
N TYR K 449 57.23 -139.91 32.83
CA TYR K 449 57.63 -140.75 33.94
C TYR K 449 56.43 -141.05 34.81
N PRO K 450 55.98 -142.30 34.90
CA PRO K 450 55.05 -142.67 35.97
C PRO K 450 55.80 -142.75 37.29
N ARG K 451 55.04 -142.89 38.37
CA ARG K 451 55.54 -143.00 39.74
C ARG K 451 56.19 -141.72 40.23
N LEU K 452 56.30 -140.69 39.39
CA LEU K 452 56.69 -139.37 39.83
C LEU K 452 55.57 -138.35 39.75
N ARG K 453 54.68 -138.48 38.76
CA ARG K 453 53.48 -137.67 38.75
C ARG K 453 52.63 -137.96 39.99
N GLU K 454 52.59 -139.22 40.41
CA GLU K 454 51.85 -139.58 41.61
C GLU K 454 52.43 -138.86 42.83
N GLU K 455 53.76 -138.89 42.97
CA GLU K 455 54.39 -138.22 44.11
C GLU K 455 54.16 -136.71 44.06
N MET K 456 54.30 -136.11 42.87
CA MET K 456 54.15 -134.67 42.75
C MET K 456 52.73 -134.23 43.09
N GLU K 457 51.73 -134.94 42.57
CA GLU K 457 50.36 -134.63 42.91
C GLU K 457 50.09 -134.86 44.39
N ARG K 458 50.58 -135.97 44.93
CA ARG K 458 50.39 -136.30 46.34
C ARG K 458 51.05 -135.30 47.27
N ILE K 459 52.08 -134.59 46.82
CA ILE K 459 52.70 -133.58 47.66
C ILE K 459 51.99 -132.24 47.52
N VAL K 460 51.72 -131.81 46.29
CA VAL K 460 51.10 -130.50 46.10
C VAL K 460 49.68 -130.48 46.68
N THR K 461 48.91 -131.55 46.43
CA THR K 461 47.54 -131.58 46.94
C THR K 461 47.51 -131.63 48.46
N THR K 462 48.43 -132.40 49.07
CA THR K 462 48.50 -132.40 50.52
C THR K 462 48.86 -131.02 51.06
N HIS K 463 49.76 -130.31 50.37
CA HIS K 463 50.08 -128.95 50.80
C HIS K 463 48.86 -128.05 50.72
N ILE K 464 48.09 -128.16 49.64
CA ILE K 464 46.89 -127.32 49.50
C ILE K 464 45.87 -127.65 50.58
N ARG K 465 45.71 -128.93 50.90
CA ARG K 465 44.80 -129.30 51.98
C ARG K 465 45.29 -128.80 53.33
N GLU K 466 46.60 -128.89 53.59
CA GLU K 466 47.16 -128.36 54.82
C GLU K 466 47.04 -126.86 54.90
N ARG K 467 46.86 -126.18 53.78
CA ARG K 467 46.67 -124.74 53.76
C ARG K 467 45.20 -124.32 53.84
N GLU K 468 44.28 -125.22 53.47
CA GLU K 468 42.86 -124.85 53.52
C GLU K 468 42.43 -124.53 54.95
N GLY K 469 42.98 -125.25 55.93
CA GLY K 469 42.62 -124.96 57.31
C GLY K 469 42.96 -123.54 57.71
N ARG K 470 44.19 -123.11 57.39
CA ARG K 470 44.61 -121.75 57.74
C ARG K 470 43.79 -120.72 57.01
N THR K 471 43.53 -120.93 55.72
CA THR K 471 42.78 -119.89 55.00
C THR K 471 41.33 -119.82 55.48
N LYS K 472 40.71 -120.96 55.80
CA LYS K 472 39.36 -120.92 56.35
C LYS K 472 39.35 -120.25 57.72
N GLU K 473 40.38 -120.50 58.53
CA GLU K 473 40.46 -119.85 59.84
C GLU K 473 40.54 -118.34 59.68
N GLN K 474 41.38 -117.85 58.78
CA GLN K 474 41.47 -116.41 58.57
C GLN K 474 40.18 -115.87 57.96
N VAL K 475 39.51 -116.64 57.11
CA VAL K 475 38.25 -116.19 56.53
C VAL K 475 37.20 -115.98 57.62
N MET K 476 37.09 -116.94 58.54
CA MET K 476 36.16 -116.79 59.65
C MET K 476 36.55 -115.61 60.52
N LEU K 477 37.85 -115.46 60.79
CA LEU K 477 38.29 -114.40 61.70
C LEU K 477 38.06 -113.01 61.11
N LEU K 478 38.10 -112.87 59.78
CA LEU K 478 37.85 -111.55 59.19
C LEU K 478 36.44 -111.07 59.50
N ILE K 479 35.44 -111.89 59.20
CA ILE K 479 34.06 -111.48 59.49
C ILE K 479 33.82 -111.43 60.98
N ASP K 480 34.48 -112.29 61.75
CA ASP K 480 34.34 -112.21 63.21
C ASP K 480 34.87 -110.88 63.72
N ILE K 481 35.91 -110.35 63.08
CA ILE K 481 36.35 -108.98 63.36
C ILE K 481 35.28 -107.99 62.95
N GLU K 482 34.67 -108.20 61.78
CA GLU K 482 33.63 -107.30 61.32
C GLU K 482 32.47 -107.22 62.31
N LEU K 483 32.22 -108.30 63.04
CA LEU K 483 31.17 -108.31 64.07
C LEU K 483 31.56 -107.58 65.35
N ALA K 484 32.58 -106.72 65.34
CA ALA K 484 33.05 -106.15 66.59
C ALA K 484 32.69 -104.67 66.78
N TYR K 485 32.82 -103.84 65.76
CA TYR K 485 32.80 -102.40 66.00
C TYR K 485 31.65 -101.65 65.36
N MET K 486 31.22 -102.06 64.17
CA MET K 486 30.11 -101.40 63.47
C MET K 486 30.42 -99.92 63.25
N ASN K 487 31.46 -99.67 62.47
CA ASN K 487 31.91 -98.30 62.21
C ASN K 487 30.81 -97.51 61.49
N THR K 488 30.65 -96.25 61.89
CA THR K 488 29.62 -95.42 61.28
C THR K 488 30.17 -94.04 60.91
N ASN K 489 31.47 -93.80 61.13
CA ASN K 489 32.10 -92.58 60.64
C ASN K 489 32.79 -92.84 59.30
N HIS K 490 32.41 -93.93 58.63
CA HIS K 490 32.82 -94.21 57.27
C HIS K 490 31.99 -93.34 56.33
N GLU K 491 32.04 -93.61 55.03
CA GLU K 491 31.15 -92.85 54.14
C GLU K 491 29.68 -93.25 54.30
N ASP K 492 29.36 -94.12 55.26
CA ASP K 492 27.97 -94.33 55.65
C ASP K 492 27.33 -93.00 56.01
N PHE K 493 26.19 -92.70 55.39
CA PHE K 493 25.53 -91.44 55.62
C PHE K 493 24.92 -91.39 57.01
N ILE K 494 24.85 -90.19 57.58
CA ILE K 494 24.29 -89.99 58.90
C ILE K 494 22.80 -90.32 58.90
N PRO K 653 2.67 -95.08 65.54
CA PRO K 653 3.23 -94.17 66.54
C PRO K 653 4.56 -93.57 66.10
N GLN K 654 5.48 -93.45 67.05
CA GLN K 654 6.87 -93.12 66.73
C GLN K 654 7.68 -94.35 66.37
N LEU K 655 7.15 -95.54 66.65
CA LEU K 655 7.87 -96.78 66.35
C LEU K 655 8.09 -96.95 64.86
N GLU K 656 7.10 -96.61 64.04
CA GLU K 656 7.27 -96.77 62.61
C GLU K 656 8.37 -95.88 62.06
N ARG K 657 8.41 -94.62 62.50
CA ARG K 657 9.49 -93.73 62.05
C ARG K 657 10.84 -94.21 62.57
N GLN K 658 10.90 -94.66 63.82
CA GLN K 658 12.16 -95.17 64.35
C GLN K 658 12.64 -96.39 63.57
N VAL K 659 11.72 -97.31 63.24
CA VAL K 659 12.11 -98.52 62.52
C VAL K 659 12.52 -98.19 61.10
N GLU K 660 11.83 -97.24 60.45
CA GLU K 660 12.24 -96.83 59.12
C GLU K 660 13.64 -96.22 59.14
N THR K 661 13.92 -95.38 60.13
CA THR K 661 15.25 -94.80 60.25
C THR K 661 16.30 -95.87 60.54
N ILE K 662 15.94 -96.90 61.30
CA ILE K 662 16.88 -97.98 61.58
C ILE K 662 17.13 -98.81 60.33
N ARG K 663 16.10 -99.07 59.54
CA ARG K 663 16.26 -99.87 58.33
C ARG K 663 17.08 -99.13 57.27
N ASN K 664 16.83 -97.83 57.11
CA ASN K 664 17.61 -97.06 56.13
C ASN K 664 19.09 -97.03 56.47
N LEU K 665 19.44 -97.30 57.73
CA LEU K 665 20.85 -97.39 58.12
C LEU K 665 21.37 -98.81 58.07
N VAL K 666 20.52 -99.79 58.43
CA VAL K 666 20.93 -101.18 58.38
C VAL K 666 21.24 -101.60 56.96
N ASP K 667 20.42 -101.17 56.00
CA ASP K 667 20.69 -101.50 54.61
C ASP K 667 22.01 -100.91 54.14
N SER K 668 22.27 -99.64 54.51
CA SER K 668 23.51 -99.00 54.11
C SER K 668 24.71 -99.74 54.69
N TYR K 669 24.67 -100.08 55.97
CA TYR K 669 25.81 -100.75 56.58
C TYR K 669 25.94 -102.18 56.06
N MET K 670 24.83 -102.82 55.69
CA MET K 670 24.91 -104.12 55.03
C MET K 670 25.66 -104.01 53.71
N ALA K 671 25.36 -102.97 52.93
CA ALA K 671 26.08 -102.76 51.68
C ALA K 671 27.56 -102.48 51.93
N ILE K 672 27.86 -101.67 52.96
CA ILE K 672 29.25 -101.29 53.19
C ILE K 672 30.07 -102.42 53.80
N VAL K 673 29.44 -103.36 54.50
CA VAL K 673 30.17 -104.54 54.94
C VAL K 673 30.26 -105.58 53.83
N ASN K 674 29.27 -105.61 52.93
CA ASN K 674 29.37 -106.48 51.76
C ASN K 674 30.53 -106.05 50.87
N LYS K 675 30.69 -104.75 50.66
CA LYS K 675 31.81 -104.27 49.86
C LYS K 675 33.14 -104.69 50.48
N THR K 676 33.28 -104.54 51.79
CA THR K 676 34.54 -104.81 52.46
C THR K 676 34.82 -106.31 52.56
N VAL K 677 33.81 -107.16 52.64
CA VAL K 677 34.08 -108.59 52.60
C VAL K 677 34.29 -109.07 51.17
N ARG K 678 33.67 -108.42 50.19
CA ARG K 678 33.87 -108.77 48.79
C ARG K 678 35.25 -108.38 48.29
N ASP K 679 35.82 -107.30 48.83
CA ASP K 679 37.17 -106.90 48.44
C ASP K 679 38.25 -107.67 49.17
N LEU K 680 37.92 -108.37 50.25
CA LEU K 680 38.92 -109.07 51.04
C LEU K 680 38.69 -110.57 51.12
N MET K 681 37.69 -111.11 50.44
CA MET K 681 37.64 -112.56 50.34
C MET K 681 38.64 -113.08 49.31
N PRO K 682 38.72 -112.49 48.09
CA PRO K 682 39.78 -112.91 47.17
C PRO K 682 41.16 -112.77 47.79
N LYS K 683 41.49 -111.55 48.24
CA LYS K 683 42.81 -111.30 48.79
C LYS K 683 43.13 -112.26 49.93
N THR K 684 42.14 -112.55 50.78
CA THR K 684 42.36 -113.48 51.87
C THR K 684 42.68 -114.88 51.37
N ILE K 685 41.93 -115.35 50.37
CA ILE K 685 42.19 -116.70 49.86
C ILE K 685 43.58 -116.79 49.27
N MET K 686 43.93 -115.85 48.42
CA MET K 686 45.13 -115.98 47.60
C MET K 686 46.40 -115.75 48.41
N HIS K 687 46.39 -114.76 49.30
CA HIS K 687 47.58 -114.53 50.12
C HIS K 687 47.90 -115.74 50.98
N LEU K 688 46.92 -116.57 51.28
CA LEU K 688 47.15 -117.77 52.09
C LEU K 688 47.26 -119.03 51.25
N MET K 689 46.47 -119.15 50.18
CA MET K 689 46.41 -120.37 49.39
C MET K 689 47.29 -120.31 48.15
N ILE K 690 47.06 -119.34 47.27
CA ILE K 690 47.66 -119.37 45.94
C ILE K 690 49.06 -118.77 45.96
N ASN K 691 49.18 -117.56 46.47
CA ASN K 691 50.50 -116.94 46.55
C ASN K 691 51.36 -117.59 47.62
N ASN K 692 50.91 -118.69 48.21
CA ASN K 692 51.75 -119.53 49.04
C ASN K 692 52.03 -120.89 48.43
N THR K 693 51.06 -121.49 47.73
CA THR K 693 51.35 -122.73 47.01
C THR K 693 52.31 -122.45 45.85
N LYS K 694 52.25 -121.25 45.28
CA LYS K 694 53.20 -120.88 44.23
C LYS K 694 54.63 -120.87 44.76
N GLU K 695 54.83 -120.25 45.92
CA GLU K 695 56.15 -120.25 46.53
C GLU K 695 56.56 -121.64 47.00
N PHE K 696 55.61 -122.45 47.44
CA PHE K 696 55.94 -123.84 47.76
C PHE K 696 56.45 -124.57 46.53
N ILE K 697 55.79 -124.37 45.39
CA ILE K 697 56.23 -125.01 44.15
C ILE K 697 57.62 -124.53 43.78
N PHE K 698 57.83 -123.21 43.83
CA PHE K 698 59.09 -122.64 43.37
C PHE K 698 60.25 -122.83 44.35
N SER K 699 59.98 -123.21 45.59
CA SER K 699 61.06 -123.34 46.57
C SER K 699 61.21 -124.74 47.14
N GLU K 700 60.13 -125.33 47.65
CA GLU K 700 60.23 -126.49 48.53
C GLU K 700 59.93 -127.81 47.83
N LEU K 701 59.30 -127.79 46.65
CA LEU K 701 58.95 -129.04 45.99
C LEU K 701 60.17 -129.87 45.66
N LEU K 702 61.23 -129.21 45.19
CA LEU K 702 62.45 -129.93 44.79
C LEU K 702 63.05 -130.66 45.98
N ALA K 703 63.07 -130.03 47.15
CA ALA K 703 63.64 -130.67 48.32
C ALA K 703 62.88 -131.94 48.69
N ASN K 704 61.55 -131.86 48.73
CA ASN K 704 60.76 -133.03 49.08
C ASN K 704 60.96 -134.15 48.06
N LEU K 705 60.91 -133.81 46.77
CA LEU K 705 61.04 -134.83 45.74
C LEU K 705 62.41 -135.50 45.78
N TYR K 706 63.47 -134.72 45.99
CA TYR K 706 64.79 -135.32 46.03
C TYR K 706 65.04 -136.07 47.33
N SER K 707 64.37 -135.66 48.42
CA SER K 707 64.61 -136.28 49.72
C SER K 707 63.82 -137.55 49.92
N CYS K 708 62.68 -137.71 49.24
CA CYS K 708 61.93 -138.94 49.38
C CYS K 708 62.75 -140.12 48.87
N GLY K 709 62.57 -141.27 49.50
CA GLY K 709 63.48 -142.38 49.30
C GLY K 709 63.34 -143.03 47.94
N ASP K 710 64.33 -143.89 47.64
CA ASP K 710 64.37 -144.71 46.45
C ASP K 710 64.35 -143.83 45.18
N GLN K 711 65.44 -143.08 45.04
CA GLN K 711 65.67 -142.27 43.85
C GLN K 711 65.55 -143.09 42.58
N ASN K 712 66.03 -144.34 42.60
CA ASN K 712 66.01 -145.17 41.41
C ASN K 712 64.58 -145.47 40.94
N THR K 713 63.62 -145.49 41.86
CA THR K 713 62.24 -145.76 41.49
C THR K 713 61.37 -144.52 41.43
N LEU K 714 61.83 -143.39 41.95
CA LEU K 714 61.07 -142.16 41.76
C LEU K 714 60.99 -141.78 40.29
N MET K 715 62.06 -142.00 39.54
CA MET K 715 62.07 -141.82 38.09
C MET K 715 62.05 -143.20 37.44
N GLU K 716 60.86 -143.70 37.15
CA GLU K 716 60.69 -144.91 36.35
C GLU K 716 60.62 -144.52 34.88
N GLU K 717 61.50 -145.09 34.09
CA GLU K 717 61.35 -145.00 32.65
C GLU K 717 60.05 -145.69 32.24
N SER K 718 59.19 -144.94 31.56
CA SER K 718 57.98 -145.55 31.01
C SER K 718 58.36 -146.35 29.78
N ALA K 719 57.62 -147.44 29.55
CA ALA K 719 57.86 -148.26 28.36
C ALA K 719 57.79 -147.43 27.10
N GLU K 720 56.88 -146.45 27.06
CA GLU K 720 56.74 -145.61 25.88
C GLU K 720 58.03 -144.87 25.57
N GLN K 721 58.57 -144.14 26.56
CA GLN K 721 59.74 -143.33 26.25
C GLN K 721 60.97 -144.21 26.10
N ALA K 722 61.05 -145.33 26.80
CA ALA K 722 62.22 -146.19 26.66
C ALA K 722 62.26 -146.85 25.28
N GLN K 723 61.13 -147.40 24.83
CA GLN K 723 61.07 -147.97 23.49
C GLN K 723 61.30 -146.90 22.44
N ARG K 724 60.73 -145.70 22.63
CA ARG K 724 60.95 -144.63 21.67
C ARG K 724 62.43 -144.26 21.61
N ARG K 725 63.09 -144.19 22.76
CA ARG K 725 64.51 -143.83 22.80
C ARG K 725 65.36 -144.87 22.11
N ASP K 726 65.12 -146.16 22.39
CA ASP K 726 65.89 -147.20 21.73
C ASP K 726 65.65 -147.21 20.23
N GLU K 727 64.40 -146.98 19.81
CA GLU K 727 64.11 -146.97 18.39
C GLU K 727 64.72 -145.75 17.70
N MET K 728 64.80 -144.61 18.41
CA MET K 728 65.59 -143.48 17.92
C MET K 728 67.05 -143.87 17.73
N LEU K 729 67.63 -144.58 18.68
CA LEU K 729 69.04 -144.96 18.57
C LEU K 729 69.25 -145.84 17.34
N ARG K 730 68.38 -146.84 17.16
CA ARG K 730 68.50 -147.73 16.01
C ARG K 730 68.29 -146.97 14.71
N MET K 731 67.34 -146.02 14.70
CA MET K 731 67.08 -145.21 13.52
C MET K 731 68.29 -144.37 13.16
N TYR K 732 68.94 -143.77 14.16
CA TYR K 732 70.13 -142.97 13.91
C TYR K 732 71.25 -143.83 13.33
N HIS K 733 71.45 -145.02 13.89
CA HIS K 733 72.50 -145.89 13.36
C HIS K 733 72.19 -146.33 11.93
N ALA K 734 70.92 -146.65 11.65
CA ALA K 734 70.54 -147.04 10.29
C ALA K 734 70.73 -145.89 9.31
N LEU K 735 70.39 -144.67 9.71
CA LEU K 735 70.61 -143.51 8.84
C LEU K 735 72.10 -143.27 8.61
N LYS K 736 72.93 -143.47 9.64
CA LYS K 736 74.36 -143.36 9.45
C LYS K 736 74.85 -144.37 8.41
N GLU K 737 74.38 -145.61 8.50
CA GLU K 737 74.74 -146.63 7.52
C GLU K 737 74.27 -146.25 6.12
N ALA K 738 73.06 -145.70 6.02
CA ALA K 738 72.53 -145.31 4.72
C ALA K 738 73.35 -144.19 4.09
N LEU K 739 73.76 -143.21 4.88
CA LEU K 739 74.60 -142.15 4.33
C LEU K 739 75.99 -142.65 3.98
N SER K 740 76.52 -143.62 4.73
CA SER K 740 77.80 -144.23 4.33
C SER K 740 77.65 -144.96 3.00
N ILE K 741 76.51 -145.63 2.80
CA ILE K 741 76.29 -146.33 1.54
C ILE K 741 76.16 -145.34 0.39
N ILE K 742 75.46 -144.23 0.61
CA ILE K 742 75.41 -143.18 -0.41
C ILE K 742 76.81 -142.67 -0.73
N GLY K 743 77.63 -142.47 0.30
CA GLY K 743 78.99 -142.02 0.05
C GLY K 743 79.79 -143.00 -0.79
N ASN K 744 79.69 -144.29 -0.47
CA ASN K 744 80.48 -145.30 -1.16
C ASN K 744 79.85 -145.74 -2.49
N ILE K 745 78.64 -145.30 -2.81
CA ILE K 745 78.03 -145.60 -4.09
C ILE K 745 78.15 -144.43 -5.06
N ASN K 746 77.98 -143.20 -4.57
CA ASN K 746 78.11 -142.03 -5.43
C ASN K 746 79.49 -141.94 -6.07
N THR K 747 80.50 -142.53 -5.44
CA THR K 747 81.84 -142.55 -6.00
C THR K 747 81.97 -143.59 -7.11
N ILE L 10 42.52 -153.73 -78.95
CA ILE L 10 42.38 -152.45 -78.25
C ILE L 10 40.95 -152.32 -77.72
N PRO L 11 40.81 -151.74 -76.54
CA PRO L 11 39.49 -151.67 -75.91
C PRO L 11 38.50 -150.81 -76.68
N LEU L 12 37.24 -151.24 -76.66
CA LEU L 12 36.18 -150.55 -77.38
C LEU L 12 35.91 -149.17 -76.81
N VAL L 13 36.16 -148.95 -75.52
CA VAL L 13 36.02 -147.61 -74.97
C VAL L 13 37.08 -146.68 -75.57
N ASN L 14 38.31 -147.17 -75.73
CA ASN L 14 39.32 -146.40 -76.44
C ASN L 14 38.91 -146.13 -77.87
N ARG L 15 38.36 -147.13 -78.56
CA ARG L 15 37.94 -146.89 -79.95
C ARG L 15 36.81 -145.88 -80.01
N LEU L 16 35.88 -145.92 -79.05
CA LEU L 16 34.81 -144.95 -79.00
C LEU L 16 35.34 -143.55 -78.75
N GLN L 17 36.33 -143.42 -77.87
CA GLN L 17 36.94 -142.11 -77.64
C GLN L 17 37.67 -141.62 -78.89
N ASP L 18 38.33 -142.52 -79.60
CA ASP L 18 38.96 -142.15 -80.87
C ASP L 18 37.93 -141.63 -81.85
N ALA L 19 36.78 -142.30 -81.95
CA ALA L 19 35.73 -141.84 -82.84
C ALA L 19 35.16 -140.49 -82.40
N PHE L 20 35.06 -140.28 -81.08
CA PHE L 20 34.60 -138.99 -80.58
C PHE L 20 35.56 -137.87 -80.94
N SER L 21 36.86 -138.12 -80.78
CA SER L 21 37.85 -137.14 -81.20
C SER L 21 37.76 -136.88 -82.70
N ALA L 22 37.53 -137.95 -83.48
CA ALA L 22 37.42 -137.80 -84.93
C ALA L 22 36.24 -136.91 -85.30
N ILE L 23 35.07 -137.15 -84.70
CA ILE L 23 33.93 -136.28 -84.98
C ILE L 23 34.18 -134.88 -84.44
N GLY L 24 35.08 -134.75 -83.47
CA GLY L 24 35.52 -133.44 -83.01
C GLY L 24 34.49 -132.62 -82.28
N GLN L 25 33.24 -133.05 -82.21
CA GLN L 25 32.24 -132.32 -81.43
C GLN L 25 32.64 -132.34 -79.96
N ASN L 26 32.29 -131.27 -79.25
CA ASN L 26 32.71 -131.08 -77.87
C ASN L 26 31.90 -131.99 -76.93
N ALA L 27 32.02 -133.29 -77.19
CA ALA L 27 31.37 -134.32 -76.39
C ALA L 27 32.43 -135.19 -75.73
N ASP L 28 32.04 -135.81 -74.61
CA ASP L 28 32.95 -136.65 -73.86
C ASP L 28 32.17 -137.79 -73.22
N LEU L 29 32.87 -138.90 -72.97
CA LEU L 29 32.22 -140.06 -72.37
C LEU L 29 31.93 -139.85 -70.90
N ASP L 30 32.47 -138.79 -70.28
CA ASP L 30 32.20 -138.43 -68.89
C ASP L 30 32.64 -139.54 -67.94
N LEU L 31 33.90 -139.93 -68.04
CA LEU L 31 34.45 -140.92 -67.14
C LEU L 31 34.67 -140.29 -65.75
N PRO L 32 34.60 -141.09 -64.70
CA PRO L 32 34.97 -140.59 -63.37
C PRO L 32 36.47 -140.37 -63.28
N GLN L 33 36.85 -139.43 -62.42
CA GLN L 33 38.27 -139.18 -62.20
C GLN L 33 38.86 -140.29 -61.34
N ILE L 34 40.19 -140.42 -61.39
CA ILE L 34 40.92 -141.41 -60.61
C ILE L 34 41.86 -140.68 -59.67
N ALA L 35 41.91 -141.11 -58.42
CA ALA L 35 42.84 -140.57 -57.45
C ALA L 35 43.64 -141.70 -56.85
N VAL L 36 44.96 -141.56 -56.84
CA VAL L 36 45.85 -142.57 -56.27
C VAL L 36 46.31 -142.07 -54.91
N VAL L 37 46.07 -142.86 -53.86
CA VAL L 37 46.37 -142.45 -52.50
C VAL L 37 46.97 -143.62 -51.73
N GLY L 38 47.75 -143.29 -50.72
CA GLY L 38 48.41 -144.30 -49.92
C GLY L 38 49.33 -143.66 -48.91
N GLY L 39 50.13 -144.51 -48.26
CA GLY L 39 51.13 -144.02 -47.33
C GLY L 39 52.35 -143.50 -48.05
N GLN L 40 53.19 -142.81 -47.29
CA GLN L 40 54.43 -142.29 -47.85
C GLN L 40 55.35 -143.46 -48.24
N SER L 41 55.98 -143.32 -49.40
CA SER L 41 56.86 -144.35 -49.98
C SER L 41 56.12 -145.65 -50.27
N ALA L 42 54.81 -145.59 -50.50
CA ALA L 42 54.06 -146.78 -50.84
C ALA L 42 54.38 -147.25 -52.26
N GLY L 43 54.43 -146.32 -53.21
CA GLY L 43 54.61 -146.67 -54.61
C GLY L 43 53.55 -146.05 -55.49
N LYS L 44 52.88 -145.02 -54.97
CA LYS L 44 51.73 -144.43 -55.64
C LYS L 44 52.11 -143.85 -57.00
N SER L 45 53.14 -143.02 -57.03
CA SER L 45 53.55 -142.39 -58.29
C SER L 45 54.01 -143.43 -59.29
N SER L 46 54.74 -144.45 -58.83
CA SER L 46 55.21 -145.49 -59.74
C SER L 46 54.05 -146.26 -60.35
N VAL L 47 53.06 -146.63 -59.54
CA VAL L 47 51.87 -147.29 -60.07
C VAL L 47 51.16 -146.40 -61.08
N LEU L 48 51.04 -145.11 -60.77
CA LEU L 48 50.36 -144.21 -61.69
C LEU L 48 51.09 -144.12 -63.03
N GLU L 49 52.42 -143.99 -63.01
CA GLU L 49 53.13 -143.85 -64.27
C GLU L 49 53.11 -145.17 -65.04
N ASN L 50 53.14 -146.31 -64.34
CA ASN L 50 53.07 -147.58 -65.05
C ASN L 50 51.71 -147.81 -65.66
N PHE L 51 50.65 -147.30 -65.01
CA PHE L 51 49.32 -147.36 -65.61
C PHE L 51 49.23 -146.44 -66.82
N VAL L 52 49.87 -145.27 -66.76
CA VAL L 52 49.90 -144.38 -67.91
C VAL L 52 50.63 -145.06 -69.07
N GLY L 53 51.77 -145.68 -68.77
CA GLY L 53 52.56 -146.38 -69.76
C GLY L 53 53.89 -145.72 -70.07
N ARG L 54 54.09 -144.49 -69.63
CA ARG L 54 55.28 -143.72 -69.98
C ARG L 54 55.82 -143.02 -68.73
N ASP L 55 57.13 -143.02 -68.58
CA ASP L 55 57.79 -142.62 -67.33
C ASP L 55 58.02 -141.11 -67.33
N PHE L 56 57.16 -140.39 -66.62
CA PHE L 56 57.27 -138.94 -66.54
C PHE L 56 56.93 -138.43 -65.15
N LEU L 57 57.16 -139.22 -64.11
CA LEU L 57 56.79 -138.83 -62.77
C LEU L 57 57.98 -138.93 -61.83
N PRO L 58 58.06 -138.04 -60.83
CA PRO L 58 59.17 -138.09 -59.86
C PRO L 58 59.03 -139.31 -58.96
N ARG L 59 60.07 -140.13 -58.92
CA ARG L 59 60.05 -141.37 -58.14
C ARG L 59 61.40 -141.56 -57.48
N GLY L 60 61.41 -141.53 -56.14
CA GLY L 60 62.64 -141.75 -55.39
C GLY L 60 62.31 -142.05 -53.94
N SER L 61 63.36 -142.43 -53.20
CA SER L 61 63.20 -142.67 -51.79
C SER L 61 62.96 -141.37 -51.04
N GLY L 62 62.32 -141.48 -49.87
CA GLY L 62 61.98 -140.31 -49.10
C GLY L 62 60.70 -139.68 -49.61
N ILE L 63 60.51 -138.41 -49.25
CA ILE L 63 59.36 -137.63 -49.71
C ILE L 63 59.67 -137.10 -51.11
N VAL L 64 58.84 -137.48 -52.08
CA VAL L 64 59.08 -137.11 -53.47
C VAL L 64 57.85 -136.41 -54.04
N THR L 65 56.72 -137.12 -54.06
CA THR L 65 55.47 -136.56 -54.59
C THR L 65 54.92 -135.59 -53.54
N ARG L 66 55.45 -134.37 -53.55
CA ARG L 66 55.18 -133.39 -52.51
C ARG L 66 54.22 -132.29 -52.97
N ARG L 67 53.42 -132.54 -54.00
CA ARG L 67 52.43 -131.56 -54.45
C ARG L 67 51.41 -132.27 -55.33
N PRO L 68 50.12 -131.99 -55.14
CA PRO L 68 49.08 -132.74 -55.85
C PRO L 68 49.14 -132.50 -57.35
N LEU L 69 49.46 -133.56 -58.09
CA LEU L 69 49.56 -133.49 -59.55
C LEU L 69 48.24 -133.91 -60.16
N VAL L 70 47.56 -132.95 -60.79
CA VAL L 70 46.30 -133.22 -61.48
C VAL L 70 46.65 -133.46 -62.94
N LEU L 71 46.86 -134.72 -63.28
CA LEU L 71 47.08 -135.17 -64.65
C LEU L 71 45.76 -135.25 -65.40
N GLN L 72 45.80 -134.88 -66.67
CA GLN L 72 44.68 -135.11 -67.58
C GLN L 72 45.21 -135.78 -68.84
N LEU L 73 45.01 -137.09 -68.94
CA LEU L 73 45.29 -137.81 -70.17
C LEU L 73 44.18 -137.51 -71.17
N VAL L 74 44.54 -137.01 -72.36
CA VAL L 74 43.58 -136.70 -73.39
C VAL L 74 44.06 -137.34 -74.69
N ASN L 75 43.15 -137.40 -75.66
CA ASN L 75 43.40 -138.08 -76.93
C ASN L 75 43.68 -137.05 -78.02
N ALA L 76 44.70 -137.33 -78.83
CA ALA L 76 45.06 -136.48 -79.96
C ALA L 76 45.88 -137.31 -80.93
N THR L 77 46.37 -136.65 -81.98
CA THR L 77 47.08 -137.36 -83.03
C THR L 77 48.41 -137.94 -82.51
N THR L 78 49.22 -137.11 -81.87
CA THR L 78 50.51 -137.55 -81.35
C THR L 78 50.76 -136.92 -79.99
N GLU L 79 51.73 -137.48 -79.28
CA GLU L 79 51.88 -137.26 -77.85
C GLU L 79 52.79 -136.10 -77.52
N TYR L 80 52.40 -135.33 -76.51
CA TYR L 80 53.22 -134.31 -75.89
C TYR L 80 52.60 -134.00 -74.53
N ALA L 81 53.09 -132.96 -73.87
CA ALA L 81 52.57 -132.58 -72.57
C ALA L 81 52.63 -131.06 -72.42
N GLU L 82 51.63 -130.51 -71.73
CA GLU L 82 51.58 -129.09 -71.45
C GLU L 82 51.15 -128.85 -70.01
N PHE L 83 51.82 -127.91 -69.36
CA PHE L 83 51.46 -127.48 -68.02
C PHE L 83 50.49 -126.31 -68.13
N LEU L 84 50.19 -125.66 -67.00
CA LEU L 84 49.42 -124.43 -66.99
C LEU L 84 50.26 -123.24 -66.52
N HIS L 85 51.58 -123.36 -66.59
CA HIS L 85 52.46 -122.22 -66.33
C HIS L 85 53.41 -121.96 -67.48
N CYS L 86 53.90 -123.00 -68.15
CA CYS L 86 54.69 -122.82 -69.36
C CYS L 86 53.78 -122.75 -70.59
N LYS L 87 52.88 -121.78 -70.56
CA LYS L 87 51.85 -121.66 -71.59
C LYS L 87 52.49 -121.49 -72.96
N GLY L 88 51.99 -122.26 -73.92
CA GLY L 88 52.53 -122.29 -75.27
C GLY L 88 53.58 -123.36 -75.48
N LYS L 89 54.41 -123.61 -74.46
CA LYS L 89 55.46 -124.60 -74.58
C LYS L 89 54.85 -126.00 -74.67
N LYS L 90 55.51 -126.87 -75.44
CA LYS L 90 55.06 -128.24 -75.67
C LYS L 90 56.18 -129.18 -75.26
N PHE L 91 56.21 -129.54 -73.98
CA PHE L 91 57.18 -130.53 -73.50
C PHE L 91 56.98 -131.84 -74.22
N THR L 92 58.06 -132.42 -74.70
CA THR L 92 57.98 -133.63 -75.50
C THR L 92 58.79 -134.78 -74.96
N ASP L 93 59.98 -134.51 -74.40
CA ASP L 93 60.80 -135.57 -73.82
C ASP L 93 60.56 -135.63 -72.31
N PHE L 94 60.30 -136.84 -71.82
CA PHE L 94 59.76 -137.02 -70.49
C PHE L 94 60.81 -136.82 -69.40
N GLU L 95 62.09 -136.90 -69.72
CA GLU L 95 63.11 -136.44 -68.77
C GLU L 95 62.93 -134.95 -68.48
N GLU L 96 62.75 -134.16 -69.54
CA GLU L 96 62.47 -132.74 -69.36
C GLU L 96 61.15 -132.54 -68.62
N VAL L 97 60.15 -133.36 -68.92
CA VAL L 97 58.87 -133.23 -68.22
C VAL L 97 59.04 -133.46 -66.72
N ARG L 98 59.76 -134.51 -66.36
CA ARG L 98 59.97 -134.81 -64.94
C ARG L 98 60.79 -133.73 -64.25
N LEU L 99 61.83 -133.23 -64.91
CA LEU L 99 62.63 -132.16 -64.31
C LEU L 99 61.79 -130.91 -64.12
N GLU L 100 60.94 -130.57 -65.09
CA GLU L 100 60.06 -129.43 -64.93
C GLU L 100 59.08 -129.65 -63.78
N ILE L 101 58.58 -130.88 -63.62
CA ILE L 101 57.66 -131.17 -62.53
C ILE L 101 58.32 -130.93 -61.19
N GLU L 102 59.53 -131.49 -61.00
CA GLU L 102 60.19 -131.35 -59.71
C GLU L 102 60.59 -129.90 -59.45
N ALA L 103 61.03 -129.19 -60.49
CA ALA L 103 61.36 -127.77 -60.32
C ALA L 103 60.12 -126.97 -59.95
N GLU L 104 58.98 -127.27 -60.57
CA GLU L 104 57.75 -126.58 -60.24
C GLU L 104 57.34 -126.83 -58.79
N THR L 105 57.49 -128.08 -58.34
CA THR L 105 57.20 -128.38 -56.94
C THR L 105 58.11 -127.58 -56.02
N ASP L 106 59.41 -127.54 -56.33
CA ASP L 106 60.36 -126.86 -55.45
C ASP L 106 60.12 -125.35 -55.43
N ARG L 107 59.70 -124.77 -56.56
CA ARG L 107 59.59 -123.33 -56.63
C ARG L 107 58.55 -122.75 -55.67
N VAL L 108 57.65 -123.58 -55.14
CA VAL L 108 56.68 -123.13 -54.16
C VAL L 108 56.85 -123.83 -52.82
N THR L 109 57.17 -125.13 -52.83
CA THR L 109 57.29 -125.87 -51.58
C THR L 109 58.58 -125.53 -50.85
N GLY L 110 59.67 -125.37 -51.59
CA GLY L 110 60.99 -125.24 -51.00
C GLY L 110 61.78 -126.53 -51.10
N THR L 111 63.05 -126.44 -50.72
CA THR L 111 63.99 -127.55 -50.85
C THR L 111 64.31 -128.18 -49.49
N ASN L 112 63.33 -128.25 -48.61
CA ASN L 112 63.50 -128.87 -47.30
C ASN L 112 62.29 -129.74 -46.96
N LYS L 113 61.84 -130.51 -47.94
CA LYS L 113 60.78 -131.50 -47.77
C LYS L 113 59.44 -130.87 -47.40
N GLY L 114 59.27 -129.58 -47.65
CA GLY L 114 57.97 -128.96 -47.47
C GLY L 114 57.00 -129.37 -48.56
N ILE L 115 55.71 -129.19 -48.28
CA ILE L 115 54.65 -129.53 -49.22
C ILE L 115 53.74 -128.32 -49.40
N SER L 116 52.90 -128.39 -50.44
CA SER L 116 51.98 -127.31 -50.77
C SER L 116 50.72 -127.93 -51.38
N PRO L 117 49.54 -127.54 -50.91
CA PRO L 117 48.30 -128.12 -51.43
C PRO L 117 47.86 -127.59 -52.78
N VAL L 118 48.56 -126.60 -53.35
CA VAL L 118 48.15 -126.01 -54.62
C VAL L 118 48.43 -126.98 -55.76
N PRO L 119 47.41 -127.34 -56.54
CA PRO L 119 47.59 -128.40 -57.53
C PRO L 119 48.44 -127.97 -58.71
N ILE L 120 49.24 -128.91 -59.21
CA ILE L 120 49.96 -128.75 -60.47
C ILE L 120 49.08 -129.34 -61.57
N ASN L 121 48.52 -128.49 -62.42
CA ASN L 121 47.62 -128.93 -63.48
C ASN L 121 48.44 -129.28 -64.71
N LEU L 122 48.46 -130.55 -65.07
CA LEU L 122 49.25 -131.02 -66.21
C LEU L 122 48.34 -131.78 -67.16
N ARG L 123 48.63 -131.69 -68.45
CA ARG L 123 47.84 -132.39 -69.46
C ARG L 123 48.79 -133.13 -70.40
N VAL L 124 48.46 -134.39 -70.70
CA VAL L 124 49.24 -135.21 -71.61
C VAL L 124 48.34 -135.58 -72.77
N TYR L 125 48.91 -135.64 -73.96
CA TYR L 125 48.18 -136.08 -75.15
C TYR L 125 48.71 -137.44 -75.57
N SER L 126 47.80 -138.28 -76.07
CA SER L 126 48.18 -139.64 -76.46
C SER L 126 47.18 -140.13 -77.49
N PRO L 127 47.58 -141.06 -78.36
CA PRO L 127 46.67 -141.47 -79.44
C PRO L 127 45.52 -142.36 -78.98
N HIS L 128 45.72 -143.20 -77.97
CA HIS L 128 44.74 -144.21 -77.60
C HIS L 128 44.50 -144.24 -76.10
N VAL L 129 44.22 -143.08 -75.51
CA VAL L 129 43.86 -143.01 -74.11
C VAL L 129 42.54 -142.27 -73.97
N LEU L 130 41.85 -142.53 -72.87
CA LEU L 130 40.62 -141.84 -72.56
C LEU L 130 40.90 -140.40 -72.14
N ASN L 131 39.85 -139.58 -72.12
CA ASN L 131 39.93 -138.27 -71.48
C ASN L 131 39.84 -138.43 -69.96
N LEU L 132 40.87 -139.08 -69.42
CA LEU L 132 40.87 -139.39 -68.00
C LEU L 132 41.28 -138.17 -67.19
N THR L 133 41.20 -138.31 -65.86
CA THR L 133 41.62 -137.25 -64.94
C THR L 133 42.28 -137.94 -63.76
N LEU L 134 43.60 -138.09 -63.85
CA LEU L 134 44.37 -138.76 -62.81
C LEU L 134 44.80 -137.73 -61.77
N VAL L 135 44.89 -138.17 -60.52
CA VAL L 135 45.31 -137.29 -59.43
C VAL L 135 46.33 -138.05 -58.60
N ASP L 136 47.59 -137.64 -58.70
CA ASP L 136 48.63 -138.14 -57.81
C ASP L 136 48.72 -137.21 -56.61
N LEU L 137 48.84 -137.79 -55.43
CA LEU L 137 48.79 -137.07 -54.18
C LEU L 137 49.97 -137.45 -53.31
N PRO L 138 50.38 -136.57 -52.39
CA PRO L 138 51.40 -136.96 -51.42
C PRO L 138 50.92 -138.03 -50.47
N GLY L 139 51.86 -138.84 -50.00
CA GLY L 139 51.54 -139.86 -49.04
C GLY L 139 51.18 -139.28 -47.68
N MET L 140 50.65 -140.14 -46.82
CA MET L 140 50.19 -139.71 -45.51
C MET L 140 51.29 -139.92 -44.48
N THR L 141 51.60 -138.87 -43.74
CA THR L 141 52.63 -138.90 -42.71
C THR L 141 52.05 -138.35 -41.41
N LYS L 142 52.64 -138.76 -40.28
CA LYS L 142 52.18 -138.31 -38.98
C LYS L 142 53.15 -137.36 -38.31
N VAL L 143 54.44 -137.66 -38.30
CA VAL L 143 55.46 -136.82 -37.68
C VAL L 143 56.04 -135.89 -38.74
N PRO L 144 56.00 -134.58 -38.54
CA PRO L 144 56.64 -133.67 -39.50
C PRO L 144 58.15 -133.88 -39.55
N VAL L 145 58.71 -133.72 -40.75
CA VAL L 145 60.14 -133.82 -40.98
C VAL L 145 60.57 -132.59 -41.76
N GLY L 146 61.82 -132.19 -41.55
CA GLY L 146 62.30 -130.99 -42.21
C GLY L 146 61.62 -129.77 -41.64
N ASP L 147 61.05 -128.93 -42.51
CA ASP L 147 60.41 -127.69 -42.10
C ASP L 147 58.89 -127.74 -42.21
N GLN L 148 58.32 -128.94 -42.28
CA GLN L 148 56.87 -129.06 -42.36
C GLN L 148 56.23 -128.55 -41.07
N PRO L 149 55.03 -127.99 -41.14
CA PRO L 149 54.35 -127.54 -39.93
C PRO L 149 53.99 -128.72 -39.05
N PRO L 150 53.81 -128.49 -37.75
CA PRO L 150 53.52 -129.62 -36.83
C PRO L 150 52.25 -130.38 -37.16
N ASP L 151 51.30 -129.77 -37.88
CA ASP L 151 50.04 -130.43 -38.23
C ASP L 151 50.09 -130.98 -39.65
N ILE L 152 51.25 -131.48 -40.07
CA ILE L 152 51.41 -131.99 -41.43
C ILE L 152 50.47 -133.16 -41.68
N GLU L 153 50.17 -133.95 -40.65
CA GLU L 153 49.26 -135.08 -40.82
C GLU L 153 47.88 -134.60 -41.24
N PHE L 154 47.32 -133.66 -40.48
CA PHE L 154 46.00 -133.12 -40.83
C PHE L 154 46.04 -132.40 -42.16
N GLN L 155 47.15 -131.71 -42.45
CA GLN L 155 47.26 -130.99 -43.71
C GLN L 155 47.16 -131.95 -44.89
N ILE L 156 47.98 -133.01 -44.89
CA ILE L 156 47.90 -133.99 -45.97
C ILE L 156 46.54 -134.66 -45.99
N ARG L 157 46.01 -134.99 -44.80
CA ARG L 157 44.73 -135.69 -44.72
C ARG L 157 43.63 -134.90 -45.41
N ASP L 158 43.34 -133.70 -44.92
CA ASP L 158 42.23 -132.95 -45.52
C ASP L 158 42.57 -132.48 -46.93
N MET L 159 43.86 -132.31 -47.24
CA MET L 159 44.25 -131.93 -48.59
C MET L 159 43.88 -133.00 -49.61
N LEU L 160 44.10 -134.27 -49.28
CA LEU L 160 43.66 -135.32 -50.18
C LEU L 160 42.19 -135.69 -50.00
N MET L 161 41.61 -135.38 -48.83
CA MET L 161 40.18 -135.60 -48.63
C MET L 161 39.37 -134.70 -49.54
N GLN L 162 39.81 -133.44 -49.72
CA GLN L 162 39.10 -132.52 -50.59
C GLN L 162 39.08 -132.99 -52.04
N PHE L 163 39.97 -133.92 -52.41
CA PHE L 163 39.97 -134.51 -53.75
C PHE L 163 39.29 -135.87 -53.81
N VAL L 164 39.29 -136.63 -52.73
CA VAL L 164 38.76 -137.99 -52.78
C VAL L 164 37.28 -138.04 -52.40
N THR L 165 36.88 -137.20 -51.43
CA THR L 165 35.52 -137.29 -50.89
C THR L 165 34.45 -136.97 -51.93
N LYS L 166 34.82 -136.33 -53.03
CA LYS L 166 33.86 -136.10 -54.10
C LYS L 166 33.49 -137.41 -54.77
N GLU L 167 32.26 -137.48 -55.29
CA GLU L 167 31.79 -138.66 -55.98
C GLU L 167 32.51 -138.76 -57.34
N ASN L 168 32.21 -139.82 -58.08
CA ASN L 168 32.85 -140.16 -59.36
C ASN L 168 34.36 -140.00 -59.26
N CYS L 169 34.94 -140.43 -58.14
CA CYS L 169 36.37 -140.37 -57.89
C CYS L 169 36.82 -141.77 -57.46
N LEU L 170 37.20 -142.59 -58.44
CA LEU L 170 37.74 -143.90 -58.13
C LEU L 170 38.99 -143.74 -57.28
N ILE L 171 39.20 -144.69 -56.37
CA ILE L 171 40.32 -144.63 -55.43
C ILE L 171 41.25 -145.80 -55.70
N LEU L 172 42.53 -145.50 -55.85
CA LEU L 172 43.57 -146.52 -55.89
C LEU L 172 44.28 -146.49 -54.55
N ALA L 173 43.92 -147.44 -53.68
CA ALA L 173 44.51 -147.55 -52.35
C ALA L 173 45.79 -148.36 -52.49
N VAL L 174 46.92 -147.66 -52.43
CA VAL L 174 48.23 -148.28 -52.59
C VAL L 174 48.76 -148.65 -51.23
N SER L 175 49.19 -149.90 -51.07
CA SER L 175 49.80 -150.32 -49.83
C SER L 175 51.00 -151.18 -50.14
N PRO L 176 52.10 -151.02 -49.41
CA PRO L 176 53.24 -151.91 -49.61
C PRO L 176 52.95 -153.28 -49.03
N ALA L 177 53.71 -154.27 -49.51
CA ALA L 177 53.66 -155.60 -48.95
C ALA L 177 54.65 -155.77 -47.81
N ASN L 178 55.35 -154.70 -47.43
CA ASN L 178 56.32 -154.78 -46.35
C ASN L 178 55.63 -154.65 -45.00
N SER L 179 54.98 -153.52 -44.75
CA SER L 179 54.20 -153.36 -43.54
C SER L 179 52.99 -154.29 -43.56
N ASP L 180 52.56 -154.71 -42.38
CA ASP L 180 51.33 -155.48 -42.28
C ASP L 180 50.16 -154.65 -42.77
N LEU L 181 49.23 -155.31 -43.47
CA LEU L 181 48.16 -154.60 -44.15
C LEU L 181 47.32 -153.78 -43.18
N ALA L 182 47.29 -154.18 -41.91
CA ALA L 182 46.47 -153.49 -40.92
C ALA L 182 46.87 -152.04 -40.72
N ASN L 183 48.09 -151.66 -41.11
CA ASN L 183 48.56 -150.29 -40.93
C ASN L 183 48.26 -149.39 -42.11
N SER L 184 47.53 -149.87 -43.12
CA SER L 184 47.44 -149.15 -44.40
C SER L 184 46.72 -147.82 -44.27
N ASP L 185 47.47 -146.73 -44.36
CA ASP L 185 46.88 -145.40 -44.41
C ASP L 185 45.97 -145.24 -45.62
N ALA L 186 46.23 -145.99 -46.68
CA ALA L 186 45.34 -145.96 -47.84
C ALA L 186 44.00 -146.59 -47.49
N LEU L 187 44.02 -147.77 -46.89
CA LEU L 187 42.78 -148.46 -46.57
C LEU L 187 41.97 -147.70 -45.52
N LYS L 188 42.64 -147.01 -44.60
CA LYS L 188 41.89 -146.22 -43.62
C LYS L 188 41.01 -145.19 -44.32
N VAL L 189 41.61 -144.39 -45.21
CA VAL L 189 40.85 -143.37 -45.92
C VAL L 189 39.82 -144.02 -46.86
N ALA L 190 40.20 -145.15 -47.48
CA ALA L 190 39.30 -145.82 -48.40
C ALA L 190 38.03 -146.26 -47.69
N LYS L 191 38.16 -146.93 -46.55
CA LYS L 191 36.98 -147.33 -45.79
C LYS L 191 36.31 -146.15 -45.09
N GLU L 192 37.00 -145.04 -44.91
CA GLU L 192 36.37 -143.87 -44.30
C GLU L 192 35.45 -143.15 -45.28
N VAL L 193 35.84 -143.06 -46.55
CA VAL L 193 35.08 -142.26 -47.51
C VAL L 193 34.19 -143.13 -48.38
N ASP L 194 34.56 -144.40 -48.55
CA ASP L 194 33.83 -145.34 -49.39
C ASP L 194 33.60 -146.59 -48.54
N PRO L 195 32.60 -146.57 -47.67
CA PRO L 195 32.41 -147.71 -46.76
C PRO L 195 32.15 -149.02 -47.47
N GLN L 196 31.20 -149.05 -48.39
CA GLN L 196 30.86 -150.28 -49.09
C GLN L 196 31.96 -150.73 -50.05
N GLY L 197 32.94 -149.89 -50.32
CA GLY L 197 34.01 -150.27 -51.24
C GLY L 197 33.55 -150.47 -52.67
N GLN L 198 32.70 -149.58 -53.17
CA GLN L 198 32.19 -149.69 -54.53
C GLN L 198 32.99 -148.88 -55.53
N ARG L 199 33.81 -147.94 -55.08
CA ARG L 199 34.68 -147.18 -55.96
C ARG L 199 36.11 -147.19 -55.43
N THR L 200 36.51 -148.30 -54.83
CA THR L 200 37.82 -148.47 -54.24
C THR L 200 38.48 -149.71 -54.81
N ILE L 201 39.74 -149.60 -55.20
CA ILE L 201 40.52 -150.72 -55.69
C ILE L 201 41.84 -150.74 -54.93
N GLY L 202 42.19 -151.91 -54.39
CA GLY L 202 43.39 -152.06 -53.60
C GLY L 202 44.54 -152.63 -54.41
N VAL L 203 45.71 -152.03 -54.27
CA VAL L 203 46.91 -152.49 -54.95
C VAL L 203 48.01 -152.70 -53.92
N ILE L 204 48.71 -153.82 -54.05
CA ILE L 204 49.78 -154.22 -53.14
C ILE L 204 51.08 -154.14 -53.91
N THR L 205 51.97 -153.26 -53.48
CA THR L 205 53.25 -153.05 -54.14
C THR L 205 54.35 -153.76 -53.36
N LYS L 206 55.56 -153.69 -53.90
CA LYS L 206 56.76 -154.16 -53.19
C LYS L 206 56.67 -155.63 -52.80
N LEU L 207 55.97 -156.43 -53.60
CA LEU L 207 55.83 -157.86 -53.29
C LEU L 207 57.16 -158.60 -53.36
N ASP L 208 58.20 -157.99 -53.92
CA ASP L 208 59.52 -158.59 -53.95
C ASP L 208 60.34 -158.27 -52.70
N LEU L 209 59.83 -157.42 -51.81
CA LEU L 209 60.57 -156.98 -50.64
C LEU L 209 60.04 -157.59 -49.35
N MET L 210 59.31 -158.69 -49.43
CA MET L 210 58.75 -159.32 -48.25
C MET L 210 59.81 -160.17 -47.55
N ASP L 211 59.64 -160.33 -46.24
CA ASP L 211 60.62 -161.04 -45.43
C ASP L 211 60.67 -162.51 -45.82
N GLU L 212 61.84 -163.11 -45.61
CA GLU L 212 62.03 -164.52 -45.91
C GLU L 212 61.03 -165.37 -45.14
N GLY L 213 60.39 -166.31 -45.83
CA GLY L 213 59.41 -167.17 -45.21
C GLY L 213 58.02 -166.57 -45.12
N THR L 214 57.83 -165.33 -45.52
CA THR L 214 56.53 -164.68 -45.51
C THR L 214 56.03 -164.51 -46.93
N ASP L 215 54.70 -164.48 -47.07
CA ASP L 215 54.07 -164.29 -48.36
C ASP L 215 52.75 -163.57 -48.18
N ALA L 216 52.32 -162.87 -49.23
CA ALA L 216 51.08 -162.10 -49.20
C ALA L 216 49.90 -162.89 -49.76
N ARG L 217 49.92 -164.21 -49.63
CA ARG L 217 48.83 -165.03 -50.15
C ARG L 217 47.51 -164.70 -49.45
N ASP L 218 47.55 -164.56 -48.12
CA ASP L 218 46.33 -164.35 -47.36
C ASP L 218 45.64 -163.04 -47.70
N VAL L 219 46.37 -162.06 -48.24
CA VAL L 219 45.79 -160.77 -48.54
C VAL L 219 45.46 -160.68 -50.03
N LEU L 220 46.28 -161.33 -50.87
CA LEU L 220 45.98 -161.30 -52.31
C LEU L 220 44.81 -162.19 -52.66
N GLU L 221 44.56 -163.24 -51.88
CA GLU L 221 43.32 -164.00 -52.05
C GLU L 221 42.13 -163.28 -51.44
N ASN L 222 42.29 -162.04 -51.02
CA ASN L 222 41.20 -161.20 -50.53
C ASN L 222 40.49 -161.83 -49.34
N LYS L 223 41.26 -162.52 -48.50
CA LYS L 223 40.73 -163.16 -47.31
C LYS L 223 41.05 -162.41 -46.03
N LEU L 224 42.28 -161.90 -45.90
CA LEU L 224 42.68 -161.22 -44.67
C LEU L 224 41.82 -160.00 -44.42
N LEU L 225 41.69 -159.13 -45.40
CA LEU L 225 40.77 -157.98 -45.33
C LEU L 225 39.92 -158.02 -46.60
N PRO L 226 38.82 -158.77 -46.57
CA PRO L 226 37.99 -158.90 -47.77
C PRO L 226 37.50 -157.56 -48.30
N LEU L 227 37.96 -157.21 -49.50
CA LEU L 227 37.52 -156.02 -50.21
C LEU L 227 36.81 -156.46 -51.49
N ARG L 228 35.76 -155.73 -51.86
CA ARG L 228 34.89 -156.17 -52.94
C ARG L 228 35.65 -156.31 -54.25
N ARG L 229 36.47 -155.32 -54.58
CA ARG L 229 37.11 -155.28 -55.89
C ARG L 229 38.38 -156.12 -55.97
N GLY L 230 38.85 -156.66 -54.86
CA GLY L 230 40.05 -157.48 -54.86
C GLY L 230 41.31 -156.65 -54.78
N TYR L 231 42.43 -157.35 -54.60
CA TYR L 231 43.74 -156.73 -54.46
C TYR L 231 44.62 -157.15 -55.61
N ILE L 232 45.17 -156.18 -56.32
CA ILE L 232 46.05 -156.43 -57.44
C ILE L 232 47.50 -156.23 -56.99
N GLY L 233 48.35 -157.23 -57.24
CA GLY L 233 49.73 -157.18 -56.82
C GLY L 233 50.64 -156.75 -57.94
N VAL L 234 51.42 -155.70 -57.69
CA VAL L 234 52.33 -155.17 -58.69
C VAL L 234 53.74 -155.15 -58.12
N VAL L 235 54.72 -155.20 -59.02
CA VAL L 235 56.14 -155.14 -58.64
C VAL L 235 56.83 -154.12 -59.54
N ASN L 236 57.08 -152.93 -59.00
CA ASN L 236 57.65 -151.84 -59.78
C ASN L 236 59.18 -152.00 -59.86
N ARG L 237 59.86 -150.95 -60.30
CA ARG L 237 61.31 -150.95 -60.40
C ARG L 237 61.92 -150.46 -59.10
N SER L 238 62.91 -151.19 -58.61
CA SER L 238 63.58 -150.82 -57.37
C SER L 238 64.33 -149.49 -57.55
N GLN L 239 64.80 -148.94 -56.43
CA GLN L 239 65.55 -147.69 -56.49
C GLN L 239 66.85 -147.86 -57.27
N LYS L 240 67.50 -149.01 -57.12
CA LYS L 240 68.69 -149.30 -57.92
C LYS L 240 68.35 -149.30 -59.41
N ASP L 241 67.23 -149.91 -59.79
CA ASP L 241 66.83 -149.92 -61.19
C ASP L 241 66.50 -148.51 -61.67
N ILE L 242 65.88 -147.70 -60.81
CA ILE L 242 65.57 -146.32 -61.20
C ILE L 242 66.85 -145.55 -61.47
N ASP L 243 67.85 -145.71 -60.59
CA ASP L 243 69.12 -145.04 -60.81
C ASP L 243 69.84 -145.59 -62.04
N GLY L 244 69.69 -146.88 -62.33
CA GLY L 244 70.27 -147.50 -63.50
C GLY L 244 69.45 -147.37 -64.76
N LYS L 245 68.34 -146.63 -64.71
CA LYS L 245 67.51 -146.35 -65.87
C LYS L 245 66.98 -147.64 -66.51
N LYS L 246 66.37 -148.49 -65.68
CA LYS L 246 65.73 -149.68 -66.21
C LYS L 246 64.50 -149.31 -67.02
N ASP L 247 64.26 -150.06 -68.09
CA ASP L 247 63.18 -149.76 -69.01
C ASP L 247 61.92 -150.55 -68.68
N ILE L 248 60.78 -149.99 -69.10
CA ILE L 248 59.48 -150.52 -68.70
C ILE L 248 59.29 -151.95 -69.21
N THR L 249 59.74 -152.23 -70.43
CA THR L 249 59.48 -153.55 -71.02
C THR L 249 60.20 -154.64 -70.26
N ALA L 250 61.49 -154.47 -69.98
CA ALA L 250 62.21 -155.49 -69.22
C ALA L 250 61.74 -155.52 -67.77
N ALA L 251 61.33 -154.38 -67.22
CA ALA L 251 60.77 -154.39 -65.88
C ALA L 251 59.50 -155.25 -65.81
N LEU L 252 58.63 -155.11 -66.81
CA LEU L 252 57.41 -155.92 -66.86
C LEU L 252 57.74 -157.38 -67.07
N ALA L 253 58.73 -157.67 -67.91
CA ALA L 253 59.16 -159.05 -68.10
C ALA L 253 59.66 -159.66 -66.80
N ALA L 254 60.45 -158.90 -66.04
CA ALA L 254 60.93 -159.38 -64.75
C ALA L 254 59.79 -159.59 -63.77
N GLU L 255 58.80 -158.69 -63.78
CA GLU L 255 57.64 -158.86 -62.91
C GLU L 255 56.88 -160.14 -63.25
N ARG L 256 56.68 -160.38 -64.55
CA ARG L 256 56.02 -161.60 -64.97
C ARG L 256 56.81 -162.83 -64.56
N LYS L 257 58.14 -162.78 -64.70
CA LYS L 257 58.98 -163.89 -64.27
C LYS L 257 58.85 -164.14 -62.78
N PHE L 258 58.84 -163.06 -61.98
CA PHE L 258 58.71 -163.21 -60.53
C PHE L 258 57.37 -163.84 -60.16
N PHE L 259 56.29 -163.38 -60.80
CA PHE L 259 54.98 -163.96 -60.51
C PHE L 259 54.90 -165.43 -60.92
N LEU L 260 55.52 -165.81 -62.04
CA LEU L 260 55.52 -167.21 -62.44
C LEU L 260 56.45 -168.06 -61.60
N SER L 261 57.48 -167.49 -60.99
CA SER L 261 58.44 -168.25 -60.21
C SER L 261 58.09 -168.38 -58.74
N HIS L 262 57.40 -167.41 -58.17
CA HIS L 262 57.10 -167.45 -56.75
C HIS L 262 56.05 -168.52 -56.47
N PRO L 263 56.32 -169.50 -55.61
CA PRO L 263 55.36 -170.58 -55.39
C PRO L 263 54.05 -170.13 -54.79
N SER L 264 54.02 -168.99 -54.10
CA SER L 264 52.82 -168.55 -53.40
C SER L 264 51.95 -167.61 -54.23
N TYR L 265 52.32 -167.35 -55.49
CA TYR L 265 51.54 -166.45 -56.34
C TYR L 265 51.28 -166.97 -57.73
N ARG L 266 51.95 -168.04 -58.17
CA ARG L 266 51.83 -168.48 -59.55
C ARG L 266 50.39 -168.87 -59.90
N HIS L 267 49.64 -169.37 -58.92
CA HIS L 267 48.23 -169.69 -59.16
C HIS L 267 47.38 -168.46 -59.38
N LEU L 268 47.91 -167.26 -59.08
CA LEU L 268 47.20 -166.02 -59.34
C LEU L 268 47.99 -165.09 -60.26
N ALA L 269 49.02 -165.62 -60.94
CA ALA L 269 49.84 -164.78 -61.81
C ALA L 269 49.01 -164.12 -62.90
N ASP L 270 48.01 -164.83 -63.41
CA ASP L 270 47.16 -164.26 -64.45
C ASP L 270 46.42 -163.04 -63.95
N ARG L 271 45.90 -163.09 -62.72
CA ARG L 271 45.16 -161.98 -62.16
C ARG L 271 46.04 -160.95 -61.48
N MET L 272 47.34 -161.19 -61.36
CA MET L 272 48.25 -160.21 -60.81
C MET L 272 49.01 -159.49 -61.92
N GLY L 273 49.66 -158.40 -61.55
CA GLY L 273 50.46 -157.65 -62.49
C GLY L 273 49.81 -156.32 -62.89
N THR L 274 50.67 -155.41 -63.37
CA THR L 274 50.18 -154.11 -63.81
C THR L 274 49.21 -154.18 -64.98
N PRO L 275 49.42 -154.99 -66.03
CA PRO L 275 48.42 -155.04 -67.11
C PRO L 275 47.04 -155.43 -66.62
N TYR L 276 46.94 -156.31 -65.63
CA TYR L 276 45.64 -156.64 -65.07
C TYR L 276 45.01 -155.43 -64.40
N LEU L 277 45.82 -154.60 -63.73
CA LEU L 277 45.29 -153.39 -63.11
C LEU L 277 44.78 -152.43 -64.17
N GLN L 278 45.51 -152.30 -65.27
CA GLN L 278 45.03 -151.47 -66.38
C GLN L 278 43.70 -152.01 -66.90
N LYS L 279 43.60 -153.33 -67.05
CA LYS L 279 42.37 -153.95 -67.55
C LYS L 279 41.22 -153.73 -66.58
N VAL L 280 41.48 -153.78 -65.28
CA VAL L 280 40.42 -153.59 -64.29
C VAL L 280 39.95 -152.14 -64.29
N LEU L 281 40.87 -151.19 -64.41
CA LEU L 281 40.45 -149.81 -64.55
C LEU L 281 39.65 -149.60 -65.81
N ASN L 282 40.05 -150.25 -66.91
CA ASN L 282 39.26 -150.19 -68.14
C ASN L 282 37.86 -150.74 -67.91
N GLN L 283 37.74 -151.84 -67.17
CA GLN L 283 36.43 -152.42 -66.90
C GLN L 283 35.57 -151.46 -66.09
N GLN L 284 36.15 -150.85 -65.05
CA GLN L 284 35.38 -149.90 -64.24
C GLN L 284 34.93 -148.71 -65.07
N LEU L 285 35.82 -148.19 -65.92
CA LEU L 285 35.45 -147.06 -66.76
C LEU L 285 34.38 -147.46 -67.77
N THR L 286 34.46 -148.68 -68.31
CA THR L 286 33.42 -149.17 -69.20
C THR L 286 32.07 -149.24 -68.49
N ASN L 287 32.07 -149.74 -67.26
CA ASN L 287 30.83 -149.82 -66.50
C ASN L 287 30.32 -148.45 -66.09
N HIS L 288 31.18 -147.44 -66.03
CA HIS L 288 30.75 -146.12 -65.61
C HIS L 288 30.35 -145.20 -66.75
N ILE L 289 30.87 -145.42 -67.96
CA ILE L 289 30.48 -144.55 -69.08
C ILE L 289 29.03 -144.77 -69.46
N ARG L 290 28.55 -146.01 -69.38
CA ARG L 290 27.15 -146.29 -69.64
C ARG L 290 26.27 -145.69 -68.54
N ASP L 291 24.96 -145.86 -68.64
CA ASP L 291 23.90 -145.17 -67.92
C ASP L 291 23.75 -143.76 -68.50
N THR L 292 24.64 -143.34 -69.40
CA THR L 292 24.48 -142.11 -70.16
C THR L 292 24.45 -142.31 -71.66
N LEU L 293 24.88 -143.48 -72.15
CA LEU L 293 24.87 -143.76 -73.59
C LEU L 293 23.51 -143.56 -74.23
N PRO L 294 22.40 -144.07 -73.69
CA PRO L 294 21.10 -143.81 -74.35
C PRO L 294 20.81 -142.34 -74.53
N GLY L 295 21.19 -141.50 -73.56
CA GLY L 295 21.12 -140.07 -73.76
C GLY L 295 22.09 -139.58 -74.82
N LEU L 296 23.32 -140.11 -74.80
CA LEU L 296 24.35 -139.67 -75.74
C LEU L 296 24.13 -140.28 -77.13
N ARG L 297 23.68 -141.53 -77.19
CA ARG L 297 23.41 -142.13 -78.50
C ARG L 297 22.33 -141.35 -79.23
N ASN L 298 21.26 -140.95 -78.52
CA ASN L 298 20.27 -140.06 -79.11
C ASN L 298 20.87 -138.69 -79.41
N LYS L 299 21.71 -138.19 -78.50
CA LYS L 299 22.27 -136.85 -78.64
C LYS L 299 23.06 -136.71 -79.93
N LEU L 300 23.73 -137.76 -80.37
CA LEU L 300 24.40 -137.70 -81.66
C LEU L 300 23.63 -138.38 -82.78
N GLN L 301 22.58 -139.15 -82.46
CA GLN L 301 21.68 -139.64 -83.50
C GLN L 301 20.93 -138.50 -84.15
N SER L 302 20.48 -137.53 -83.35
CA SER L 302 19.88 -136.33 -83.92
C SER L 302 20.88 -135.56 -84.77
N GLN L 303 22.15 -135.56 -84.33
CA GLN L 303 23.21 -134.94 -85.13
C GLN L 303 23.33 -135.63 -86.48
N LEU L 304 23.31 -136.96 -86.50
CA LEU L 304 23.36 -137.68 -87.77
C LEU L 304 22.12 -137.40 -88.61
N LEU L 305 20.97 -137.21 -87.95
CA LEU L 305 19.74 -136.86 -88.65
C LEU L 305 19.88 -135.53 -89.37
N SER L 306 20.51 -134.55 -88.73
CA SER L 306 20.58 -133.20 -89.27
C SER L 306 21.43 -133.11 -90.53
N ILE L 307 22.18 -134.16 -90.85
CA ILE L 307 23.04 -134.18 -92.02
C ILE L 307 22.71 -135.31 -93.01
N GLU L 308 21.97 -136.34 -92.59
CA GLU L 308 21.68 -137.45 -93.49
C GLU L 308 21.01 -136.98 -94.78
N LYS L 309 20.27 -135.88 -94.74
CA LYS L 309 19.59 -135.39 -95.94
C LYS L 309 20.59 -134.95 -97.01
N GLU L 310 21.60 -134.16 -96.63
CA GLU L 310 22.62 -133.71 -97.57
C GLU L 310 23.59 -134.84 -97.91
N VAL L 311 23.78 -135.77 -96.97
CA VAL L 311 24.62 -136.93 -97.27
C VAL L 311 24.06 -137.72 -98.44
N GLU L 312 22.74 -137.67 -98.66
CA GLU L 312 22.15 -138.32 -99.82
C GLU L 312 22.71 -137.77 -101.13
N GLU L 313 22.76 -136.45 -101.24
CA GLU L 313 23.40 -135.84 -102.41
C GLU L 313 24.89 -136.11 -102.44
N TYR L 314 25.54 -136.21 -101.27
CA TYR L 314 26.99 -136.32 -101.25
C TYR L 314 27.56 -137.74 -101.42
N LYS L 315 26.79 -138.82 -101.22
CA LYS L 315 27.40 -140.14 -101.32
C LYS L 315 27.84 -140.45 -102.74
N ASN L 316 26.99 -140.16 -103.72
CA ASN L 316 27.28 -140.49 -105.11
C ASN L 316 27.24 -139.20 -105.91
N PHE L 317 28.35 -138.48 -105.88
CA PHE L 317 28.56 -137.28 -106.70
C PHE L 317 29.68 -137.58 -107.67
N ARG L 318 29.43 -137.34 -108.95
CA ARG L 318 30.48 -137.42 -109.95
C ARG L 318 30.49 -136.15 -110.78
N PRO L 319 31.65 -135.54 -110.99
CA PRO L 319 31.68 -134.32 -111.82
C PRO L 319 31.17 -134.61 -113.22
N ASP L 320 30.48 -133.62 -113.78
CA ASP L 320 29.89 -133.62 -115.12
C ASP L 320 28.58 -134.42 -115.19
N ASP L 321 28.00 -134.79 -114.06
CA ASP L 321 26.74 -135.53 -114.09
C ASP L 321 25.57 -134.65 -114.53
N PRO L 322 25.07 -134.82 -115.75
CA PRO L 322 24.01 -133.91 -116.23
C PRO L 322 22.75 -133.95 -115.39
N ALA L 323 22.38 -135.13 -114.88
CA ALA L 323 21.15 -135.23 -114.12
C ALA L 323 21.20 -134.38 -112.87
N ARG L 324 22.24 -134.54 -112.06
CA ARG L 324 22.36 -133.75 -110.84
C ARG L 324 22.54 -132.28 -111.18
N LYS L 325 23.35 -131.96 -112.20
CA LYS L 325 23.60 -130.56 -112.52
C LYS L 325 22.30 -129.86 -112.90
N THR L 326 21.54 -130.45 -113.82
CA THR L 326 20.31 -129.81 -114.27
C THR L 326 19.25 -129.79 -113.17
N LYS L 327 19.15 -130.85 -112.36
CA LYS L 327 18.21 -130.82 -111.25
C LYS L 327 18.53 -129.70 -110.27
N ALA L 328 19.82 -129.53 -109.94
CA ALA L 328 20.22 -128.44 -109.07
C ALA L 328 19.92 -127.10 -109.69
N LEU L 329 20.19 -126.95 -110.99
CA LEU L 329 19.88 -125.69 -111.66
C LEU L 329 18.39 -125.36 -111.58
N LEU L 330 17.55 -126.35 -111.83
CA LEU L 330 16.11 -126.12 -111.82
C LEU L 330 15.63 -125.73 -110.43
N GLN L 331 16.08 -126.45 -109.39
CA GLN L 331 15.63 -126.09 -108.05
C GLN L 331 16.18 -124.73 -107.61
N MET L 332 17.41 -124.39 -108.01
CA MET L 332 17.95 -123.08 -107.67
C MET L 332 17.12 -121.98 -108.31
N VAL L 333 16.76 -122.15 -109.59
CA VAL L 333 15.96 -121.15 -110.28
C VAL L 333 14.59 -121.01 -109.63
N GLN L 334 13.97 -122.14 -109.26
CA GLN L 334 12.65 -122.07 -108.65
C GLN L 334 12.69 -121.35 -107.32
N GLN L 335 13.69 -121.63 -106.49
CA GLN L 335 13.74 -120.93 -105.21
C GLN L 335 14.07 -119.46 -105.41
N PHE L 336 14.91 -119.13 -106.40
CA PHE L 336 15.17 -117.72 -106.70
C PHE L 336 13.89 -116.99 -107.04
N ALA L 337 13.07 -117.59 -107.91
CA ALA L 337 11.80 -116.96 -108.26
C ALA L 337 10.97 -116.75 -107.01
N VAL L 338 10.62 -117.83 -106.31
CA VAL L 338 9.68 -117.72 -105.21
C VAL L 338 10.21 -116.76 -104.14
N ASP L 339 11.54 -116.70 -103.97
CA ASP L 339 12.12 -115.71 -103.08
C ASP L 339 11.88 -114.30 -103.60
N PHE L 340 11.98 -114.10 -104.92
CA PHE L 340 11.76 -112.77 -105.47
C PHE L 340 10.33 -112.30 -105.23
N GLU L 341 9.34 -113.15 -105.50
CA GLU L 341 7.97 -112.73 -105.19
C GLU L 341 7.76 -112.57 -103.69
N LYS L 342 8.44 -113.38 -102.87
CA LYS L 342 8.31 -113.20 -101.42
C LYS L 342 8.82 -111.85 -100.99
N ARG L 343 9.91 -111.39 -101.61
CA ARG L 343 10.50 -110.11 -101.22
C ARG L 343 9.82 -108.91 -101.86
N ILE L 344 9.10 -109.11 -102.97
CA ILE L 344 8.45 -107.98 -103.63
C ILE L 344 7.00 -107.90 -103.20
N GLU L 345 6.19 -108.91 -103.54
CA GLU L 345 4.79 -108.88 -103.15
C GLU L 345 4.61 -109.12 -101.66
N GLY L 346 5.62 -109.63 -100.97
CA GLY L 346 5.47 -109.96 -99.58
C GLY L 346 4.53 -111.11 -99.32
N SER L 347 4.58 -112.15 -100.15
CA SER L 347 3.75 -113.32 -99.93
C SER L 347 4.06 -113.92 -98.56
N GLY L 348 3.01 -114.17 -97.79
CA GLY L 348 3.21 -114.50 -96.39
C GLY L 348 3.86 -115.84 -96.12
N ASP L 349 5.14 -115.80 -95.75
CA ASP L 349 5.86 -116.89 -95.12
C ASP L 349 7.27 -116.38 -94.81
N GLN L 350 7.89 -116.98 -93.78
CA GLN L 350 9.29 -116.75 -93.41
C GLN L 350 9.72 -115.29 -93.55
N ILE L 351 8.85 -114.38 -93.12
CA ILE L 351 9.05 -112.95 -93.36
C ILE L 351 10.08 -112.40 -92.37
N ASP L 352 11.12 -111.77 -92.89
CA ASP L 352 12.07 -111.08 -92.04
C ASP L 352 11.39 -109.87 -91.41
N THR L 353 11.63 -109.70 -90.10
CA THR L 353 11.08 -108.57 -89.35
C THR L 353 12.20 -107.71 -88.77
N TYR L 354 13.34 -107.66 -89.46
CA TYR L 354 14.51 -106.96 -88.98
C TYR L 354 14.81 -105.69 -89.74
N GLU L 355 14.49 -105.65 -91.03
CA GLU L 355 14.65 -104.46 -91.86
C GLU L 355 13.28 -104.04 -92.38
N LEU L 356 13.22 -102.83 -92.95
CA LEU L 356 11.97 -102.36 -93.53
C LEU L 356 11.49 -103.28 -94.64
N SER L 357 12.42 -103.76 -95.47
CA SER L 357 12.20 -104.83 -96.42
C SER L 357 13.51 -105.08 -97.15
N GLY L 358 13.52 -106.13 -97.96
CA GLY L 358 14.58 -106.30 -98.92
C GLY L 358 14.37 -105.32 -100.07
N GLY L 359 13.21 -105.40 -100.71
CA GLY L 359 12.88 -104.46 -101.74
C GLY L 359 11.42 -104.06 -101.84
N ALA L 360 10.66 -104.30 -100.77
CA ALA L 360 9.21 -104.07 -100.85
C ALA L 360 8.82 -102.70 -100.31
N ARG L 361 9.07 -102.45 -99.02
CA ARG L 361 8.78 -101.13 -98.46
C ARG L 361 9.84 -100.09 -98.79
N ILE L 362 11.07 -100.50 -99.05
CA ILE L 362 12.02 -99.53 -99.60
C ILE L 362 11.51 -99.02 -100.95
N ASN L 363 10.56 -99.73 -101.57
CA ASN L 363 9.97 -99.32 -102.85
C ASN L 363 8.64 -98.58 -102.65
N ARG L 364 7.75 -99.12 -101.82
CA ARG L 364 6.55 -98.37 -101.46
C ARG L 364 6.88 -97.00 -100.89
N ILE L 365 7.94 -96.88 -100.09
CA ILE L 365 8.26 -95.57 -99.54
C ILE L 365 8.74 -94.66 -100.66
N PHE L 366 9.30 -95.20 -101.74
CA PHE L 366 9.53 -94.39 -102.92
C PHE L 366 8.21 -93.87 -103.48
N HIS L 367 7.25 -94.78 -103.68
CA HIS L 367 5.99 -94.38 -104.30
C HIS L 367 5.20 -93.35 -103.50
N GLU L 368 5.22 -93.42 -102.18
CA GLU L 368 4.55 -92.42 -101.34
C GLU L 368 5.53 -91.57 -100.53
N ARG L 369 6.73 -91.36 -101.03
CA ARG L 369 7.63 -90.31 -100.59
C ARG L 369 8.00 -89.35 -101.70
N PHE L 370 8.02 -89.83 -102.96
CA PHE L 370 8.16 -89.02 -104.17
C PHE L 370 7.33 -87.72 -104.13
N PRO L 371 6.13 -87.73 -103.52
CA PRO L 371 5.47 -86.44 -103.26
C PRO L 371 6.35 -85.44 -102.53
N PHE L 372 7.30 -85.89 -101.72
CA PHE L 372 8.25 -84.94 -101.14
C PHE L 372 9.06 -84.25 -102.23
N GLU L 373 9.49 -85.00 -103.25
CA GLU L 373 10.18 -84.39 -104.38
C GLU L 373 9.28 -83.39 -105.10
N LEU L 374 8.05 -83.79 -105.38
CA LEU L 374 7.16 -82.90 -106.12
C LEU L 374 6.91 -81.61 -105.35
N VAL L 375 6.73 -81.70 -104.03
CA VAL L 375 6.58 -80.50 -103.23
C VAL L 375 7.89 -79.71 -103.19
N LYS L 376 9.01 -80.40 -103.13
CA LYS L 376 10.33 -79.76 -103.11
C LYS L 376 10.67 -79.08 -104.42
N MET L 377 9.84 -79.27 -105.45
CA MET L 377 9.95 -78.43 -106.62
C MET L 377 9.81 -76.95 -106.21
N GLU L 378 10.18 -76.04 -107.12
CA GLU L 378 10.45 -74.65 -106.78
C GLU L 378 9.40 -73.97 -105.89
N PHE L 379 8.18 -73.76 -106.40
CA PHE L 379 7.05 -73.20 -105.65
C PHE L 379 7.36 -71.89 -104.93
N ASP L 380 8.49 -71.23 -105.18
CA ASP L 380 8.87 -70.06 -104.39
C ASP L 380 9.30 -68.88 -105.27
N GLU L 381 8.32 -68.09 -105.71
CA GLU L 381 8.53 -66.80 -106.37
C GLU L 381 7.20 -66.03 -106.38
N LYS L 382 7.33 -64.71 -106.39
CA LYS L 382 6.31 -63.83 -106.91
C LYS L 382 6.60 -63.42 -108.34
N GLU L 383 7.77 -63.81 -108.87
CA GLU L 383 8.10 -63.56 -110.27
C GLU L 383 7.09 -64.22 -111.20
N LEU L 384 6.37 -65.23 -110.72
CA LEU L 384 5.32 -65.85 -111.51
C LEU L 384 4.28 -64.82 -111.94
N ARG L 385 3.99 -63.84 -111.08
CA ARG L 385 3.01 -62.81 -111.45
C ARG L 385 3.47 -62.00 -112.65
N ARG L 386 4.75 -61.58 -112.66
CA ARG L 386 5.30 -60.93 -113.83
C ARG L 386 5.29 -61.85 -115.03
N GLU L 387 5.60 -63.12 -114.80
CA GLU L 387 5.68 -64.10 -115.87
C GLU L 387 4.33 -64.26 -116.56
N ILE L 388 3.24 -64.17 -115.80
CA ILE L 388 1.93 -64.32 -116.40
C ILE L 388 1.39 -62.99 -116.90
N SER L 389 1.83 -61.87 -116.32
CA SER L 389 1.47 -60.56 -116.86
C SER L 389 2.02 -60.38 -118.26
N TYR L 390 3.25 -60.84 -118.49
CA TYR L 390 3.79 -60.78 -119.85
C TYR L 390 2.97 -61.64 -120.81
N ALA L 391 2.50 -62.80 -120.35
CA ALA L 391 1.63 -63.61 -121.20
C ALA L 391 0.34 -62.89 -121.55
N ILE L 392 -0.27 -62.24 -120.54
CA ILE L 392 -1.42 -61.38 -120.78
C ILE L 392 -1.09 -60.36 -121.86
N LYS L 393 0.04 -59.68 -121.72
CA LYS L 393 0.36 -58.58 -122.60
C LYS L 393 0.78 -59.02 -123.98
N ASN L 394 1.12 -60.29 -124.16
CA ASN L 394 1.45 -60.80 -125.49
C ASN L 394 0.23 -61.38 -126.21
N ILE L 395 -0.67 -62.05 -125.51
CA ILE L 395 -1.88 -62.55 -126.18
C ILE L 395 -2.99 -61.50 -126.24
N HIS L 396 -2.81 -60.35 -125.59
CA HIS L 396 -3.63 -59.19 -125.90
C HIS L 396 -2.93 -58.28 -126.89
N GLY L 397 -2.21 -58.90 -127.81
CA GLY L 397 -1.20 -58.25 -128.63
C GLY L 397 -1.50 -56.85 -129.11
N ILE L 398 -2.61 -56.67 -129.81
CA ILE L 398 -3.02 -55.37 -130.33
C ILE L 398 -4.37 -54.95 -129.75
N ARG L 399 -5.35 -55.84 -129.79
CA ARG L 399 -6.68 -55.54 -129.27
C ARG L 399 -6.60 -55.23 -127.78
N THR L 400 -7.69 -54.70 -127.23
CA THR L 400 -7.57 -54.01 -125.96
C THR L 400 -8.80 -54.19 -125.10
N GLY L 401 -8.60 -54.00 -123.79
CA GLY L 401 -9.65 -53.67 -122.85
C GLY L 401 -10.62 -54.78 -122.51
N LEU L 402 -10.33 -56.02 -122.87
CA LEU L 402 -11.26 -57.10 -122.60
C LEU L 402 -10.82 -57.91 -121.40
N PHE L 403 -11.75 -58.77 -120.95
CA PHE L 403 -11.80 -59.27 -119.58
C PHE L 403 -10.50 -59.91 -119.10
N THR L 404 -10.17 -61.07 -119.67
CA THR L 404 -9.01 -61.92 -119.39
C THR L 404 -8.90 -62.96 -120.50
N PRO L 405 -7.71 -63.22 -120.99
CA PRO L 405 -7.51 -64.31 -121.95
C PRO L 405 -7.19 -65.62 -121.27
N ASP L 406 -7.86 -66.70 -121.68
CA ASP L 406 -7.65 -67.99 -121.01
C ASP L 406 -6.34 -68.64 -121.42
N MET L 407 -5.86 -68.36 -122.63
CA MET L 407 -4.62 -69.02 -123.01
C MET L 407 -3.44 -68.54 -122.18
N ALA L 408 -3.59 -67.44 -121.44
CA ALA L 408 -2.57 -67.08 -120.47
C ALA L 408 -2.45 -68.17 -119.40
N PHE L 409 -3.58 -68.56 -118.81
CA PHE L 409 -3.62 -69.70 -117.90
C PHE L 409 -3.07 -70.94 -118.57
N GLU L 410 -3.45 -71.15 -119.83
CA GLU L 410 -2.97 -72.31 -120.57
C GLU L 410 -1.44 -72.35 -120.64
N THR L 411 -0.84 -71.25 -121.10
CA THR L 411 0.61 -71.20 -121.29
C THR L 411 1.33 -71.33 -119.96
N ILE L 412 0.78 -70.72 -118.91
CA ILE L 412 1.47 -70.77 -117.63
C ILE L 412 1.43 -72.17 -117.04
N VAL L 413 0.29 -72.86 -117.13
CA VAL L 413 0.29 -74.22 -116.62
C VAL L 413 1.16 -75.13 -117.49
N LYS L 414 1.20 -74.89 -118.81
CA LYS L 414 2.11 -75.66 -119.66
C LYS L 414 3.57 -75.43 -119.30
N LYS L 415 3.90 -74.24 -118.82
CA LYS L 415 5.26 -73.96 -118.37
C LYS L 415 5.53 -74.56 -116.99
N GLN L 416 4.52 -74.62 -116.13
CA GLN L 416 4.71 -75.16 -114.79
C GLN L 416 4.84 -76.67 -114.80
N VAL L 417 4.03 -77.36 -115.61
CA VAL L 417 4.04 -78.83 -115.60
C VAL L 417 5.08 -79.42 -116.54
N LYS L 418 5.89 -78.59 -117.20
CA LYS L 418 6.98 -79.12 -118.00
C LYS L 418 8.20 -79.46 -117.16
N LYS L 419 8.26 -78.98 -115.92
CA LYS L 419 9.36 -79.32 -115.03
C LYS L 419 9.02 -80.46 -114.09
N ILE L 420 7.80 -81.02 -114.17
CA ILE L 420 7.50 -82.27 -113.49
C ILE L 420 8.26 -83.42 -114.12
N ARG L 421 8.77 -83.21 -115.33
CA ARG L 421 9.47 -84.28 -116.06
C ARG L 421 10.72 -84.76 -115.34
N GLU L 422 11.33 -83.93 -114.49
CA GLU L 422 12.56 -84.33 -113.82
C GLU L 422 12.28 -85.21 -112.60
N PRO L 423 11.38 -84.82 -111.67
CA PRO L 423 11.15 -85.68 -110.50
C PRO L 423 10.64 -87.07 -110.84
N CYS L 424 9.81 -87.21 -111.88
CA CYS L 424 9.30 -88.53 -112.24
C CYS L 424 10.42 -89.43 -112.74
N LEU L 425 11.30 -88.90 -113.60
CA LEU L 425 12.44 -89.69 -114.04
C LEU L 425 13.38 -90.00 -112.88
N LYS L 426 13.52 -89.08 -111.93
CA LYS L 426 14.34 -89.35 -110.76
C LYS L 426 13.75 -90.49 -109.93
N CYS L 427 12.42 -90.51 -109.78
CA CYS L 427 11.79 -91.60 -109.06
C CYS L 427 11.97 -92.93 -109.80
N VAL L 428 11.89 -92.90 -111.13
CA VAL L 428 12.14 -94.12 -111.90
C VAL L 428 13.55 -94.61 -111.67
N ASP L 429 14.52 -93.68 -111.64
CA ASP L 429 15.90 -94.04 -111.35
C ASP L 429 16.02 -94.65 -109.96
N MET L 430 15.32 -94.08 -108.98
CA MET L 430 15.39 -94.61 -107.62
C MET L 430 14.81 -96.03 -107.56
N VAL L 431 13.68 -96.26 -108.21
CA VAL L 431 13.09 -97.59 -108.24
C VAL L 431 14.04 -98.58 -108.90
N ILE L 432 14.68 -98.17 -110.00
CA ILE L 432 15.70 -99.02 -110.61
C ILE L 432 16.80 -99.34 -109.61
N SER L 433 17.35 -98.31 -108.97
CA SER L 433 18.49 -98.50 -108.08
C SER L 433 18.13 -99.36 -106.88
N GLU L 434 16.86 -99.41 -106.51
CA GLU L 434 16.49 -100.21 -105.35
C GLU L 434 16.17 -101.65 -105.74
N LEU L 435 15.40 -101.84 -106.81
CA LEU L 435 15.08 -103.19 -107.24
C LEU L 435 16.31 -103.94 -107.71
N ILE L 436 17.23 -103.25 -108.40
CA ILE L 436 18.40 -103.94 -108.92
C ILE L 436 19.33 -104.35 -107.78
N SER L 437 19.22 -103.69 -106.62
CA SER L 437 19.94 -104.12 -105.44
C SER L 437 19.21 -105.23 -104.70
N THR L 438 17.88 -105.24 -104.73
CA THR L 438 17.12 -106.33 -104.13
C THR L 438 17.36 -107.64 -104.88
N VAL L 439 17.50 -107.58 -106.20
CA VAL L 439 17.86 -108.77 -106.96
C VAL L 439 19.21 -109.32 -106.48
N ARG L 440 20.17 -108.43 -106.26
CA ARG L 440 21.45 -108.85 -105.71
C ARG L 440 21.29 -109.45 -104.32
N GLN L 441 20.42 -108.86 -103.51
CA GLN L 441 20.20 -109.35 -102.15
C GLN L 441 19.61 -110.75 -102.15
N CYS L 442 18.78 -111.06 -103.14
CA CYS L 442 18.16 -112.38 -103.21
C CYS L 442 18.93 -113.36 -104.10
N THR L 443 20.02 -112.91 -104.72
CA THR L 443 20.92 -113.84 -105.41
C THR L 443 22.22 -114.13 -104.67
N LYS L 444 22.69 -113.21 -103.83
CA LYS L 444 23.97 -113.42 -103.17
C LYS L 444 23.89 -114.52 -102.12
N LYS L 445 22.78 -114.61 -101.40
CA LYS L 445 22.73 -115.47 -100.22
C LYS L 445 22.21 -116.87 -100.54
N LEU L 446 21.30 -117.00 -101.49
CA LEU L 446 20.85 -118.34 -101.88
C LEU L 446 21.91 -119.06 -102.69
N GLN L 447 22.61 -118.33 -103.56
CA GLN L 447 23.53 -118.96 -104.52
C GLN L 447 24.92 -119.04 -103.91
N GLN L 448 25.27 -120.22 -103.39
CA GLN L 448 26.66 -120.51 -103.12
C GLN L 448 27.45 -120.68 -104.41
N TYR L 449 26.77 -121.05 -105.48
CA TYR L 449 27.44 -121.37 -106.74
C TYR L 449 28.13 -120.13 -107.28
N PRO L 450 29.36 -120.26 -107.79
CA PRO L 450 29.96 -119.19 -108.58
C PRO L 450 29.48 -119.25 -110.02
N ARG L 451 29.40 -118.07 -110.61
CA ARG L 451 29.03 -117.86 -112.01
C ARG L 451 27.54 -118.09 -112.23
N LEU L 452 26.85 -118.71 -111.27
CA LEU L 452 25.41 -118.82 -111.35
C LEU L 452 24.71 -117.74 -110.55
N ARG L 453 25.41 -117.07 -109.65
CA ARG L 453 24.99 -115.78 -109.14
C ARG L 453 25.47 -114.64 -110.02
N GLU L 454 26.23 -114.97 -111.07
CA GLU L 454 26.68 -113.98 -112.05
C GLU L 454 25.80 -113.96 -113.30
N GLU L 455 25.57 -115.12 -113.92
CA GLU L 455 24.70 -115.17 -115.07
C GLU L 455 23.28 -114.76 -114.72
N MET L 456 22.79 -115.20 -113.56
CA MET L 456 21.44 -114.85 -113.12
C MET L 456 21.30 -113.36 -112.93
N GLU L 457 22.24 -112.76 -112.19
CA GLU L 457 22.19 -111.31 -111.99
C GLU L 457 22.32 -110.58 -113.30
N ARG L 458 23.21 -111.02 -114.18
CA ARG L 458 23.39 -110.35 -115.46
C ARG L 458 22.10 -110.36 -116.26
N ILE L 459 21.46 -111.53 -116.39
CA ILE L 459 20.25 -111.62 -117.19
C ILE L 459 19.14 -110.77 -116.61
N VAL L 460 18.90 -110.89 -115.30
CA VAL L 460 17.81 -110.15 -114.69
C VAL L 460 18.05 -108.65 -114.78
N THR L 461 19.28 -108.22 -114.53
CA THR L 461 19.60 -106.79 -114.56
C THR L 461 19.51 -106.24 -115.97
N THR L 462 19.93 -107.02 -116.98
CA THR L 462 19.76 -106.55 -118.35
C THR L 462 18.30 -106.42 -118.72
N HIS L 463 17.46 -107.35 -118.26
CA HIS L 463 16.03 -107.20 -118.52
C HIS L 463 15.47 -105.95 -117.85
N ILE L 464 15.90 -105.68 -116.61
CA ILE L 464 15.41 -104.51 -115.90
C ILE L 464 15.85 -103.22 -116.60
N ARG L 465 17.10 -103.17 -117.04
CA ARG L 465 17.59 -101.99 -117.75
C ARG L 465 17.07 -101.90 -119.17
N GLU L 466 16.52 -102.99 -119.71
CA GLU L 466 15.75 -102.88 -120.93
C GLU L 466 14.38 -102.30 -120.66
N ARG L 467 13.78 -102.64 -119.52
CA ARG L 467 12.45 -102.13 -119.21
C ARG L 467 12.48 -100.66 -118.77
N GLU L 468 13.62 -100.19 -118.26
CA GLU L 468 13.67 -98.80 -117.80
C GLU L 468 13.48 -97.84 -118.95
N GLY L 469 13.97 -98.19 -120.15
CA GLY L 469 13.71 -97.33 -121.30
C GLY L 469 12.25 -97.20 -121.62
N ARG L 470 11.52 -98.32 -121.62
CA ARG L 470 10.10 -98.28 -121.92
C ARG L 470 9.34 -97.49 -120.85
N THR L 471 9.67 -97.69 -119.58
CA THR L 471 8.91 -96.97 -118.56
C THR L 471 9.23 -95.48 -118.56
N LYS L 472 10.47 -95.10 -118.85
CA LYS L 472 10.78 -93.68 -118.99
C LYS L 472 10.06 -93.08 -120.19
N GLU L 473 9.98 -93.82 -121.29
CA GLU L 473 9.22 -93.35 -122.45
C GLU L 473 7.76 -93.14 -122.09
N GLN L 474 7.17 -94.08 -121.34
CA GLN L 474 5.77 -93.94 -120.99
C GLN L 474 5.54 -92.77 -120.04
N VAL L 475 6.48 -92.52 -119.11
CA VAL L 475 6.34 -91.38 -118.23
C VAL L 475 6.43 -90.07 -119.01
N MET L 476 7.39 -89.98 -119.93
CA MET L 476 7.49 -88.78 -120.76
C MET L 476 6.22 -88.57 -121.58
N LEU L 477 5.67 -89.66 -122.12
CA LEU L 477 4.47 -89.53 -122.94
C LEU L 477 3.25 -89.20 -122.08
N LEU L 478 3.23 -89.64 -120.82
CA LEU L 478 2.18 -89.19 -119.91
C LEU L 478 2.27 -87.69 -119.68
N ILE L 479 3.48 -87.18 -119.49
CA ILE L 479 3.63 -85.73 -119.34
C ILE L 479 3.18 -85.01 -120.61
N ASP L 480 3.59 -85.52 -121.77
CA ASP L 480 3.20 -84.89 -123.03
C ASP L 480 1.71 -85.00 -123.31
N ILE L 481 1.02 -85.98 -122.71
CA ILE L 481 -0.43 -85.97 -122.74
C ILE L 481 -0.99 -84.92 -121.81
N GLU L 482 -0.39 -84.74 -120.64
CA GLU L 482 -0.90 -83.74 -119.71
C GLU L 482 -0.61 -82.31 -120.18
N LEU L 483 0.23 -82.16 -121.18
CA LEU L 483 0.37 -80.87 -121.89
C LEU L 483 -0.48 -80.82 -123.16
N ALA L 484 -1.70 -81.35 -123.17
CA ALA L 484 -2.50 -81.33 -124.38
C ALA L 484 -3.83 -80.61 -124.25
N TYR L 485 -4.57 -80.79 -123.17
CA TYR L 485 -5.92 -80.24 -123.16
C TYR L 485 -6.17 -79.25 -122.03
N MET L 486 -5.59 -79.47 -120.85
CA MET L 486 -5.73 -78.56 -119.71
C MET L 486 -7.21 -78.38 -119.34
N ASN L 487 -7.80 -79.48 -118.89
CA ASN L 487 -9.24 -79.50 -118.65
C ASN L 487 -9.63 -78.53 -117.53
N THR L 488 -10.88 -78.09 -117.59
CA THR L 488 -11.47 -77.26 -116.56
C THR L 488 -12.78 -77.81 -116.05
N ASN L 489 -13.38 -78.78 -116.75
CA ASN L 489 -14.61 -79.41 -116.30
C ASN L 489 -14.40 -80.28 -115.06
N HIS L 490 -13.15 -80.51 -114.66
CA HIS L 490 -12.84 -81.29 -113.47
C HIS L 490 -13.19 -80.47 -112.23
N GLU L 491 -12.85 -81.01 -111.06
CA GLU L 491 -13.22 -80.42 -109.78
C GLU L 491 -12.40 -79.20 -109.40
N ASP L 492 -11.62 -78.58 -110.27
CA ASP L 492 -11.08 -77.26 -109.97
C ASP L 492 -12.20 -76.23 -110.05
N PHE L 493 -12.19 -75.27 -109.12
CA PHE L 493 -13.23 -74.27 -109.10
C PHE L 493 -12.95 -73.18 -110.12
N ILE L 494 -13.99 -72.80 -110.85
CA ILE L 494 -13.85 -71.81 -111.92
C ILE L 494 -14.04 -70.40 -111.37
N ASP L 652 -2.69 -50.27 -110.98
CA ASP L 652 -3.43 -51.52 -111.06
C ASP L 652 -4.50 -51.49 -112.15
N PRO L 653 -4.06 -51.30 -113.40
CA PRO L 653 -5.03 -51.19 -114.49
C PRO L 653 -5.61 -52.54 -114.88
N GLN L 654 -6.56 -53.02 -114.07
CA GLN L 654 -7.18 -54.34 -114.22
C GLN L 654 -6.16 -55.44 -113.99
N LEU L 655 -4.90 -55.06 -113.74
CA LEU L 655 -3.86 -56.06 -113.53
C LEU L 655 -4.06 -56.78 -112.21
N GLU L 656 -4.27 -56.03 -111.13
CA GLU L 656 -4.52 -56.69 -109.84
C GLU L 656 -5.81 -57.49 -109.84
N ARG L 657 -6.58 -57.46 -110.93
CA ARG L 657 -7.74 -58.31 -111.11
C ARG L 657 -7.45 -59.51 -112.00
N GLN L 658 -6.63 -59.35 -113.03
CA GLN L 658 -6.34 -60.42 -113.97
C GLN L 658 -5.18 -61.30 -113.53
N VAL L 659 -4.07 -60.69 -113.13
CA VAL L 659 -2.87 -61.45 -112.76
C VAL L 659 -3.16 -62.32 -111.54
N GLU L 660 -3.86 -61.77 -110.54
CA GLU L 660 -4.15 -62.54 -109.34
C GLU L 660 -5.12 -63.67 -109.63
N THR L 661 -6.12 -63.43 -110.47
CA THR L 661 -7.04 -64.49 -110.85
C THR L 661 -6.31 -65.61 -111.59
N ILE L 662 -5.43 -65.24 -112.51
CA ILE L 662 -4.67 -66.26 -113.23
C ILE L 662 -3.80 -67.06 -112.29
N ARG L 663 -3.17 -66.40 -111.32
CA ARG L 663 -2.35 -67.13 -110.36
C ARG L 663 -3.19 -68.08 -109.51
N ASN L 664 -4.34 -67.60 -109.03
CA ASN L 664 -5.17 -68.43 -108.17
C ASN L 664 -5.90 -69.53 -108.94
N LEU L 665 -5.90 -69.48 -110.26
CA LEU L 665 -6.37 -70.62 -111.04
C LEU L 665 -5.25 -71.56 -111.43
N VAL L 666 -4.05 -71.03 -111.70
CA VAL L 666 -2.90 -71.90 -111.94
C VAL L 666 -2.62 -72.76 -110.73
N ASP L 667 -2.69 -72.20 -109.53
CA ASP L 667 -2.50 -73.01 -108.34
C ASP L 667 -3.58 -74.08 -108.20
N SER L 668 -4.83 -73.70 -108.49
CA SER L 668 -5.94 -74.63 -108.36
C SER L 668 -5.85 -75.76 -109.37
N TYR L 669 -5.18 -75.55 -110.50
CA TYR L 669 -4.97 -76.65 -111.44
C TYR L 669 -3.67 -77.39 -111.20
N MET L 670 -2.66 -76.75 -110.61
CA MET L 670 -1.45 -77.47 -110.22
C MET L 670 -1.75 -78.47 -109.12
N ALA L 671 -2.65 -78.14 -108.21
CA ALA L 671 -3.09 -79.13 -107.24
C ALA L 671 -3.60 -80.39 -107.92
N ILE L 672 -4.46 -80.23 -108.92
CA ILE L 672 -5.06 -81.39 -109.58
C ILE L 672 -4.04 -82.15 -110.42
N VAL L 673 -3.18 -81.44 -111.15
CA VAL L 673 -2.22 -82.16 -111.99
C VAL L 673 -1.22 -82.90 -111.11
N ASN L 674 -0.80 -82.30 -110.00
CA ASN L 674 0.09 -82.98 -109.08
C ASN L 674 -0.59 -84.23 -108.49
N LYS L 675 -1.87 -84.11 -108.12
CA LYS L 675 -2.56 -85.27 -107.58
C LYS L 675 -2.66 -86.38 -108.62
N THR L 676 -3.01 -86.04 -109.85
CA THR L 676 -3.19 -87.07 -110.88
C THR L 676 -1.89 -87.55 -111.48
N VAL L 677 -0.75 -86.96 -111.12
CA VAL L 677 0.52 -87.55 -111.51
C VAL L 677 1.03 -88.41 -110.36
N ARG L 678 0.75 -88.02 -109.12
CA ARG L 678 1.17 -88.84 -108.00
C ARG L 678 0.35 -90.13 -107.93
N ASP L 679 -0.92 -90.07 -108.30
CA ASP L 679 -1.78 -91.26 -108.27
C ASP L 679 -1.52 -92.19 -109.44
N LEU L 680 -0.81 -91.73 -110.47
CA LEU L 680 -0.65 -92.50 -111.70
C LEU L 680 0.78 -92.92 -112.00
N MET L 681 1.78 -92.24 -111.46
CA MET L 681 3.15 -92.56 -111.83
C MET L 681 3.61 -93.88 -111.20
N PRO L 682 3.23 -94.22 -109.96
CA PRO L 682 3.51 -95.58 -109.50
C PRO L 682 2.91 -96.66 -110.37
N LYS L 683 1.68 -96.46 -110.85
CA LYS L 683 1.02 -97.51 -111.63
C LYS L 683 1.75 -97.79 -112.93
N THR L 684 2.23 -96.75 -113.62
CA THR L 684 2.86 -96.98 -114.92
C THR L 684 4.19 -97.70 -114.77
N ILE L 685 5.01 -97.30 -113.80
CA ILE L 685 6.27 -97.98 -113.61
C ILE L 685 6.03 -99.41 -113.15
N MET L 686 5.01 -99.62 -112.33
CA MET L 686 4.82 -100.95 -111.77
C MET L 686 4.01 -101.86 -112.67
N HIS L 687 3.47 -101.34 -113.76
CA HIS L 687 2.98 -102.17 -114.85
C HIS L 687 4.00 -102.44 -115.93
N LEU L 688 4.92 -101.52 -116.17
CA LEU L 688 5.91 -101.72 -117.23
C LEU L 688 7.19 -102.37 -116.75
N MET L 689 7.50 -102.29 -115.46
CA MET L 689 8.75 -102.80 -114.92
C MET L 689 8.54 -103.91 -113.91
N ILE L 690 7.79 -103.66 -112.84
CA ILE L 690 7.66 -104.64 -111.76
C ILE L 690 6.97 -105.88 -112.27
N ASN L 691 5.72 -105.73 -112.70
CA ASN L 691 4.91 -106.85 -113.15
C ASN L 691 5.30 -107.36 -114.52
N ASN L 692 6.41 -106.87 -115.08
CA ASN L 692 6.97 -107.47 -116.28
C ASN L 692 8.27 -108.20 -116.02
N THR L 693 9.16 -107.65 -115.19
CA THR L 693 10.33 -108.42 -114.79
C THR L 693 9.93 -109.58 -113.90
N LYS L 694 8.86 -109.43 -113.12
CA LYS L 694 8.36 -110.55 -112.32
C LYS L 694 7.86 -111.67 -113.22
N GLU L 695 7.11 -111.32 -114.27
CA GLU L 695 6.65 -112.32 -115.22
C GLU L 695 7.82 -112.95 -115.96
N PHE L 696 8.83 -112.15 -116.29
CA PHE L 696 10.04 -112.68 -116.92
C PHE L 696 10.72 -113.69 -116.03
N ILE L 697 10.79 -113.39 -114.73
CA ILE L 697 11.36 -114.32 -113.76
C ILE L 697 10.55 -115.62 -113.72
N PHE L 698 9.21 -115.53 -113.72
CA PHE L 698 8.42 -116.75 -113.81
C PHE L 698 8.75 -117.55 -115.07
N SER L 699 8.70 -116.92 -116.23
CA SER L 699 8.44 -117.69 -117.45
C SER L 699 9.54 -117.66 -118.50
N GLU L 700 10.66 -116.99 -118.27
CA GLU L 700 11.70 -116.97 -119.28
C GLU L 700 13.11 -117.14 -118.73
N LEU L 701 13.32 -117.06 -117.41
CA LEU L 701 14.66 -117.05 -116.87
C LEU L 701 15.42 -118.34 -117.19
N LEU L 702 14.75 -119.49 -117.09
CA LEU L 702 15.43 -120.75 -117.36
C LEU L 702 15.74 -120.91 -118.84
N ALA L 703 14.86 -120.41 -119.71
CA ALA L 703 15.05 -120.61 -121.15
C ALA L 703 16.33 -119.96 -121.64
N ASN L 704 16.60 -118.73 -121.23
CA ASN L 704 17.83 -118.07 -121.66
C ASN L 704 18.99 -118.39 -120.72
N LEU L 705 18.71 -118.83 -119.49
CA LEU L 705 19.79 -119.27 -118.62
C LEU L 705 20.44 -120.54 -119.15
N TYR L 706 19.64 -121.43 -119.74
CA TYR L 706 20.21 -122.59 -120.43
C TYR L 706 21.11 -122.17 -121.59
N SER L 707 20.74 -121.09 -122.29
CA SER L 707 21.43 -120.71 -123.52
C SER L 707 22.71 -119.93 -123.25
N CYS L 708 22.72 -119.07 -122.25
CA CYS L 708 23.90 -118.28 -121.95
C CYS L 708 25.00 -119.16 -121.37
N GLY L 709 26.21 -118.97 -121.88
CA GLY L 709 27.34 -119.74 -121.39
C GLY L 709 27.43 -121.13 -122.02
N ASP L 710 28.05 -122.03 -121.25
CA ASP L 710 28.30 -123.38 -121.74
C ASP L 710 27.13 -124.32 -121.49
N GLN L 711 26.36 -124.07 -120.42
CA GLN L 711 25.30 -124.96 -119.93
C GLN L 711 25.92 -126.23 -119.35
N ASN L 712 27.24 -126.37 -119.49
CA ASN L 712 27.99 -127.47 -118.91
C ASN L 712 29.00 -127.00 -117.87
N THR L 713 29.85 -126.04 -118.22
CA THR L 713 30.72 -125.42 -117.23
C THR L 713 30.02 -124.26 -116.55
N LEU L 714 28.81 -124.54 -116.09
CA LEU L 714 28.02 -123.64 -115.27
C LEU L 714 27.68 -124.40 -114.00
N MET L 715 27.34 -123.65 -112.94
CA MET L 715 27.05 -124.21 -111.62
C MET L 715 28.17 -125.19 -111.20
N GLU L 716 29.40 -124.72 -111.33
CA GLU L 716 30.56 -125.44 -110.84
C GLU L 716 30.72 -125.14 -109.36
N GLU L 717 31.09 -126.17 -108.59
CA GLU L 717 31.21 -126.01 -107.15
C GLU L 717 32.30 -125.00 -106.81
N SER L 718 31.96 -124.01 -106.00
CA SER L 718 32.97 -123.14 -105.42
C SER L 718 33.89 -123.95 -104.54
N ALA L 719 35.16 -123.53 -104.46
CA ALA L 719 36.14 -124.25 -103.66
C ALA L 719 35.67 -124.45 -102.23
N GLU L 720 34.94 -123.46 -101.70
CA GLU L 720 34.38 -123.60 -100.36
C GLU L 720 33.42 -124.78 -100.27
N GLN L 721 32.53 -124.92 -101.26
CA GLN L 721 31.61 -126.06 -101.24
C GLN L 721 32.34 -127.37 -101.50
N ALA L 722 33.38 -127.35 -102.34
CA ALA L 722 34.14 -128.55 -102.62
C ALA L 722 34.83 -129.07 -101.37
N GLN L 723 35.40 -128.17 -100.56
CA GLN L 723 36.03 -128.58 -99.32
C GLN L 723 35.02 -128.77 -98.19
N ARG L 724 33.80 -128.28 -98.35
CA ARG L 724 32.76 -128.49 -97.34
C ARG L 724 32.11 -129.86 -97.48
N ARG L 725 31.86 -130.30 -98.72
CA ARG L 725 31.23 -131.60 -98.92
C ARG L 725 32.11 -132.73 -98.38
N ASP L 726 33.43 -132.63 -98.60
CA ASP L 726 34.32 -133.68 -98.14
C ASP L 726 34.28 -133.83 -96.62
N GLU L 727 34.33 -132.70 -95.90
CA GLU L 727 34.29 -132.79 -94.45
C GLU L 727 32.91 -133.23 -93.95
N MET L 728 31.84 -132.79 -94.62
CA MET L 728 30.51 -133.22 -94.21
C MET L 728 30.23 -134.68 -94.55
N LEU L 729 31.03 -135.28 -95.43
CA LEU L 729 30.92 -136.70 -95.69
C LEU L 729 31.78 -137.53 -94.74
N ARG L 730 32.99 -137.05 -94.42
CA ARG L 730 33.80 -137.78 -93.45
C ARG L 730 33.17 -137.70 -92.06
N MET L 731 32.46 -136.61 -91.75
CA MET L 731 31.74 -136.57 -90.49
C MET L 731 30.59 -137.57 -90.48
N TYR L 732 29.94 -137.80 -91.62
CA TYR L 732 28.93 -138.85 -91.70
C TYR L 732 29.56 -140.21 -91.41
N HIS L 733 30.72 -140.48 -92.02
CA HIS L 733 31.38 -141.76 -91.78
C HIS L 733 31.76 -141.91 -90.31
N ALA L 734 32.28 -140.84 -89.71
CA ALA L 734 32.69 -140.91 -88.31
C ALA L 734 31.49 -141.12 -87.39
N LEU L 735 30.37 -140.45 -87.67
CA LEU L 735 29.18 -140.65 -86.86
C LEU L 735 28.65 -142.09 -86.99
N LYS L 736 28.68 -142.63 -88.20
CA LYS L 736 28.28 -144.02 -88.39
C LYS L 736 29.18 -144.95 -87.56
N GLU L 737 30.49 -144.70 -87.58
CA GLU L 737 31.40 -145.54 -86.81
C GLU L 737 31.15 -145.41 -85.31
N ALA L 738 30.87 -144.20 -84.84
CA ALA L 738 30.60 -144.00 -83.42
C ALA L 738 29.34 -144.75 -83.00
N LEU L 739 28.29 -144.68 -83.82
CA LEU L 739 27.08 -145.46 -83.51
C LEU L 739 27.35 -146.95 -83.54
N SER L 740 28.19 -147.41 -84.47
CA SER L 740 28.55 -148.82 -84.50
C SER L 740 29.25 -149.23 -83.21
N ILE L 741 30.16 -148.38 -82.72
CA ILE L 741 30.88 -148.71 -81.48
C ILE L 741 29.92 -148.69 -80.28
N ILE L 742 28.97 -147.75 -80.26
CA ILE L 742 27.99 -147.74 -79.18
C ILE L 742 27.17 -149.02 -79.19
N GLY L 743 26.74 -149.46 -80.38
CA GLY L 743 26.04 -150.73 -80.46
C GLY L 743 26.87 -151.90 -79.99
N ASN L 744 28.16 -151.91 -80.37
CA ASN L 744 29.04 -153.00 -79.95
C ASN L 744 29.21 -153.03 -78.43
N ILE L 745 29.38 -151.87 -77.81
CA ILE L 745 29.57 -151.84 -76.36
C ILE L 745 28.27 -152.19 -75.64
N ASN L 746 27.12 -151.82 -76.22
CA ASN L 746 25.85 -152.26 -75.64
C ASN L 746 25.70 -153.78 -75.74
N THR L 747 26.14 -154.37 -76.85
CA THR L 747 26.19 -155.83 -76.94
C THR L 747 27.11 -156.41 -75.88
N THR L 748 28.28 -155.79 -75.69
CA THR L 748 29.26 -156.21 -74.69
C THR L 748 29.65 -157.67 -74.87
N ASN M 3 46.57 -163.41 51.28
CA ASN M 3 47.61 -162.54 50.75
C ASN M 3 48.25 -161.71 51.87
N ARG M 4 49.58 -161.61 51.83
CA ARG M 4 50.31 -160.92 52.88
C ARG M 4 50.18 -159.40 52.78
N GLY M 5 49.81 -158.88 51.61
CA GLY M 5 49.62 -157.45 51.48
C GLY M 5 48.57 -156.92 52.42
N MET M 6 47.53 -157.72 52.68
CA MET M 6 46.46 -157.28 53.57
C MET M 6 46.89 -157.38 55.03
N GLU M 7 47.69 -158.38 55.38
CA GLU M 7 48.35 -158.40 56.68
C GLU M 7 49.24 -157.18 56.89
N ASP M 8 49.83 -156.65 55.82
CA ASP M 8 50.65 -155.45 55.96
C ASP M 8 49.82 -154.25 56.36
N LEU M 9 48.52 -154.27 56.08
CA LEU M 9 47.66 -153.10 56.33
C LEU M 9 46.72 -153.28 57.52
N ILE M 10 46.46 -154.51 57.98
CA ILE M 10 45.55 -154.69 59.12
C ILE M 10 45.98 -153.92 60.36
N PRO M 11 47.26 -153.86 60.74
CA PRO M 11 47.55 -153.14 62.00
C PRO M 11 47.36 -151.64 61.88
N LEU M 12 47.69 -151.04 60.72
CA LEU M 12 47.59 -149.60 60.57
C LEU M 12 46.15 -149.11 60.45
N VAL M 13 45.18 -150.02 60.31
CA VAL M 13 43.77 -149.64 60.28
C VAL M 13 43.14 -150.06 61.60
N ASN M 14 43.63 -151.15 62.18
CA ASN M 14 43.11 -151.62 63.45
C ASN M 14 43.53 -150.69 64.60
N ARG M 15 44.71 -150.08 64.49
CA ARG M 15 45.17 -149.10 65.46
C ARG M 15 44.50 -147.75 65.24
N LEU M 16 43.89 -147.56 64.07
CA LEU M 16 43.35 -146.28 63.66
C LEU M 16 41.85 -146.16 63.95
N GLN M 17 41.06 -147.06 63.34
CA GLN M 17 39.61 -146.98 63.44
C GLN M 17 39.15 -147.21 64.88
N ASP M 18 39.86 -148.06 65.63
CA ASP M 18 39.48 -148.29 67.01
C ASP M 18 39.57 -146.99 67.81
N ALA M 19 40.61 -146.18 67.57
CA ALA M 19 40.73 -144.91 68.27
C ALA M 19 39.68 -143.90 67.80
N PHE M 20 39.53 -143.75 66.47
CA PHE M 20 38.53 -142.81 65.97
C PHE M 20 37.11 -143.19 66.35
N SER M 21 36.86 -144.44 66.72
CA SER M 21 35.56 -144.82 67.22
C SER M 21 35.49 -144.84 68.75
N ALA M 22 36.64 -144.94 69.42
CA ALA M 22 36.66 -144.83 70.88
C ALA M 22 36.44 -143.39 71.32
N ILE M 23 36.84 -142.42 70.50
CA ILE M 23 36.47 -141.04 70.80
C ILE M 23 34.97 -140.80 70.69
N GLY M 24 34.23 -141.77 70.15
CA GLY M 24 32.79 -141.67 70.05
C GLY M 24 32.27 -141.00 68.80
N GLN M 25 33.12 -140.30 68.05
CA GLN M 25 32.67 -139.62 66.85
C GLN M 25 32.41 -140.62 65.73
N ASN M 26 31.54 -140.24 64.81
CA ASN M 26 31.30 -141.04 63.61
C ASN M 26 32.37 -140.75 62.56
N ALA M 27 33.63 -140.80 62.95
CA ALA M 27 34.74 -140.64 62.01
C ALA M 27 35.08 -141.99 61.41
N ASP M 28 35.28 -142.01 60.09
CA ASP M 28 35.49 -143.26 59.39
C ASP M 28 36.50 -143.06 58.28
N LEU M 29 37.15 -144.16 57.90
CA LEU M 29 38.13 -144.13 56.82
C LEU M 29 37.47 -144.22 55.45
N ASP M 30 36.42 -145.05 55.34
CA ASP M 30 35.73 -145.30 54.08
C ASP M 30 36.70 -145.87 53.03
N LEU M 31 37.19 -147.07 53.33
CA LEU M 31 37.96 -147.79 52.34
C LEU M 31 37.12 -148.00 51.08
N PRO M 32 37.64 -147.67 49.90
CA PRO M 32 36.85 -147.83 48.68
C PRO M 32 36.47 -149.29 48.46
N GLN M 33 35.30 -149.49 47.90
CA GLN M 33 34.81 -150.83 47.60
C GLN M 33 35.22 -151.24 46.20
N ILE M 34 35.52 -152.52 46.02
CA ILE M 34 36.10 -153.04 44.80
C ILE M 34 35.00 -153.70 43.97
N ALA M 35 34.69 -153.12 42.82
CA ALA M 35 33.76 -153.71 41.87
C ALA M 35 34.50 -154.04 40.59
N VAL M 36 33.99 -155.03 39.85
CA VAL M 36 34.59 -155.46 38.60
C VAL M 36 33.54 -155.38 37.50
N VAL M 37 33.94 -154.88 36.34
CA VAL M 37 33.04 -154.74 35.20
C VAL M 37 33.72 -155.34 33.98
N GLY M 38 32.92 -155.66 32.98
CA GLY M 38 33.40 -156.22 31.74
C GLY M 38 32.34 -157.06 31.08
N GLY M 39 32.73 -157.68 29.96
CA GLY M 39 31.83 -158.57 29.25
C GLY M 39 31.82 -159.95 29.83
N GLN M 40 30.89 -160.77 29.34
CA GLN M 40 30.76 -162.14 29.81
C GLN M 40 32.03 -162.92 29.49
N SER M 41 32.37 -163.84 30.40
CA SER M 41 33.54 -164.71 30.26
C SER M 41 34.84 -163.92 30.21
N ALA M 42 34.89 -162.80 30.91
CA ALA M 42 36.14 -162.05 31.04
C ALA M 42 37.01 -162.56 32.17
N GLY M 43 36.46 -163.37 33.08
CA GLY M 43 37.22 -163.91 34.19
C GLY M 43 37.14 -163.13 35.47
N LYS M 44 36.07 -162.37 35.69
CA LYS M 44 36.00 -161.48 36.84
C LYS M 44 35.98 -162.25 38.15
N SER M 45 35.17 -163.32 38.22
CA SER M 45 35.11 -164.12 39.44
C SER M 45 36.47 -164.73 39.77
N SER M 46 37.20 -165.20 38.75
CA SER M 46 38.53 -165.73 38.99
C SER M 46 39.54 -164.64 39.34
N VAL M 47 39.28 -163.40 38.95
CA VAL M 47 40.13 -162.30 39.41
C VAL M 47 39.90 -162.05 40.89
N LEU M 48 38.64 -161.99 41.32
CA LEU M 48 38.35 -161.76 42.73
C LEU M 48 38.88 -162.91 43.60
N GLU M 49 38.68 -164.14 43.15
CA GLU M 49 39.21 -165.28 43.89
C GLU M 49 40.70 -165.17 44.11
N ASN M 50 41.44 -164.77 43.08
CA ASN M 50 42.89 -164.69 43.21
C ASN M 50 43.32 -163.48 44.02
N PHE M 51 42.55 -162.38 43.95
CA PHE M 51 42.87 -161.22 44.79
C PHE M 51 42.69 -161.54 46.26
N VAL M 52 41.63 -162.29 46.60
CA VAL M 52 41.43 -162.68 47.99
C VAL M 52 42.49 -163.70 48.41
N GLY M 53 42.53 -164.84 47.72
CA GLY M 53 43.50 -165.87 48.03
C GLY M 53 42.88 -167.19 48.40
N ARG M 54 41.55 -167.30 48.26
CA ARG M 54 40.84 -168.51 48.62
C ARG M 54 39.80 -168.81 47.54
N ASP M 55 39.46 -170.09 47.42
CA ASP M 55 38.62 -170.59 46.33
C ASP M 55 37.19 -170.67 46.83
N PHE M 56 36.43 -169.59 46.66
CA PHE M 56 35.06 -169.54 47.16
C PHE M 56 34.11 -168.86 46.18
N LEU M 57 34.38 -168.97 44.89
CA LEU M 57 33.51 -168.33 43.91
C LEU M 57 33.20 -169.30 42.77
N PRO M 58 32.06 -169.14 42.12
CA PRO M 58 31.73 -169.99 40.98
C PRO M 58 32.32 -169.44 39.69
N ARG M 59 32.77 -170.33 38.81
CA ARG M 59 33.33 -169.94 37.53
C ARG M 59 33.22 -171.10 36.56
N GLY M 60 33.25 -170.78 35.28
CA GLY M 60 33.19 -171.79 34.25
C GLY M 60 32.84 -171.18 32.92
N SER M 61 32.80 -172.04 31.90
CA SER M 61 32.38 -171.62 30.59
C SER M 61 30.90 -171.24 30.61
N GLY M 62 30.49 -170.46 29.62
CA GLY M 62 29.13 -169.98 29.64
C GLY M 62 28.94 -168.92 30.71
N ILE M 63 27.68 -168.69 31.06
CA ILE M 63 27.32 -167.70 32.06
C ILE M 63 27.33 -168.37 33.43
N VAL M 64 28.09 -167.78 34.37
CA VAL M 64 28.24 -168.36 35.69
C VAL M 64 27.82 -167.36 36.76
N THR M 65 28.52 -166.23 36.82
CA THR M 65 28.18 -165.21 37.81
C THR M 65 26.86 -164.57 37.41
N ARG M 66 25.76 -165.10 37.92
CA ARG M 66 24.43 -164.75 37.45
C ARG M 66 23.71 -163.79 38.38
N ARG M 67 24.21 -163.59 39.60
CA ARG M 67 23.65 -162.65 40.55
C ARG M 67 24.78 -161.84 41.19
N PRO M 68 24.58 -160.55 41.40
CA PRO M 68 25.63 -159.75 42.06
C PRO M 68 25.95 -160.31 43.43
N LEU M 69 27.23 -160.33 43.77
CA LEU M 69 27.70 -160.87 45.04
C LEU M 69 28.41 -159.75 45.79
N VAL M 70 27.86 -159.38 46.94
CA VAL M 70 28.48 -158.39 47.81
C VAL M 70 29.23 -159.16 48.88
N LEU M 71 30.49 -159.45 48.61
CA LEU M 71 31.38 -160.01 49.61
C LEU M 71 31.83 -158.92 50.56
N GLN M 72 31.88 -159.24 51.84
CA GLN M 72 32.39 -158.33 52.85
C GLN M 72 33.43 -159.08 53.66
N LEU M 73 34.69 -158.75 53.44
CA LEU M 73 35.75 -159.25 54.30
C LEU M 73 35.73 -158.44 55.59
N VAL M 74 35.70 -159.13 56.72
CA VAL M 74 35.62 -158.51 58.03
C VAL M 74 36.67 -159.11 58.95
N ASN M 75 37.47 -158.26 59.58
CA ASN M 75 38.48 -158.72 60.51
C ASN M 75 37.83 -159.26 61.77
N ALA M 76 38.21 -160.47 62.17
CA ALA M 76 37.61 -161.12 63.32
C ALA M 76 38.64 -162.05 63.95
N THR M 77 38.19 -162.87 64.89
CA THR M 77 39.08 -163.76 65.62
C THR M 77 39.48 -164.98 64.79
N THR M 78 38.49 -165.77 64.39
CA THR M 78 38.72 -167.01 63.66
C THR M 78 38.24 -166.87 62.22
N GLU M 79 38.54 -167.91 61.43
CA GLU M 79 38.21 -167.95 60.01
C GLU M 79 36.89 -168.68 59.82
N TYR M 80 35.93 -167.99 59.20
CA TYR M 80 34.67 -168.60 58.79
C TYR M 80 33.98 -167.64 57.84
N ALA M 81 32.81 -168.06 57.35
CA ALA M 81 32.03 -167.22 56.45
C ALA M 81 30.56 -167.54 56.62
N GLU M 82 29.72 -166.54 56.46
CA GLU M 82 28.28 -166.72 56.57
C GLU M 82 27.55 -165.91 55.51
N PHE M 83 26.49 -166.51 54.97
CA PHE M 83 25.58 -165.82 54.08
C PHE M 83 24.62 -164.95 54.88
N LEU M 84 23.64 -164.38 54.19
CA LEU M 84 22.62 -163.58 54.84
C LEU M 84 21.25 -164.25 54.84
N HIS M 85 20.91 -164.97 53.78
CA HIS M 85 19.64 -165.70 53.73
C HIS M 85 19.61 -166.87 54.69
N CYS M 86 20.75 -167.29 55.24
CA CYS M 86 20.87 -168.45 56.12
C CYS M 86 21.57 -168.05 57.41
N LYS M 87 21.08 -166.99 58.05
CA LYS M 87 21.71 -166.44 59.25
C LYS M 87 22.04 -167.53 60.26
N GLY M 88 23.21 -167.41 60.88
CA GLY M 88 23.67 -168.35 61.87
C GLY M 88 24.36 -169.57 61.33
N LYS M 89 24.24 -169.86 60.04
CA LYS M 89 24.88 -171.03 59.43
C LYS M 89 26.28 -170.62 59.02
N LYS M 90 27.26 -170.83 59.92
CA LYS M 90 28.64 -170.49 59.65
C LYS M 90 29.26 -171.52 58.73
N PHE M 91 29.95 -171.05 57.70
CA PHE M 91 30.60 -171.92 56.72
C PHE M 91 32.10 -171.86 56.88
N THR M 92 32.73 -173.03 56.99
CA THR M 92 34.18 -173.15 57.02
C THR M 92 34.72 -173.89 55.80
N ASP M 93 33.93 -174.74 55.17
CA ASP M 93 34.37 -175.48 53.98
C ASP M 93 34.07 -174.64 52.74
N PHE M 94 35.12 -174.13 52.10
CA PHE M 94 34.95 -173.25 50.96
C PHE M 94 34.33 -173.97 49.78
N GLU M 95 34.47 -175.29 49.70
CA GLU M 95 33.72 -176.04 48.68
C GLU M 95 32.22 -175.95 48.93
N GLU M 96 31.81 -176.04 50.21
CA GLU M 96 30.41 -175.83 50.54
C GLU M 96 29.97 -174.41 50.22
N VAL M 97 30.85 -173.43 50.46
CA VAL M 97 30.52 -172.05 50.10
C VAL M 97 30.29 -171.92 48.60
N ARG M 98 31.18 -172.53 47.81
CA ARG M 98 31.06 -172.45 46.36
C ARG M 98 29.79 -173.13 45.87
N LEU M 99 29.46 -174.29 46.44
CA LEU M 99 28.22 -174.96 46.05
C LEU M 99 27.00 -174.14 46.44
N GLU M 100 27.00 -173.58 47.66
CA GLU M 100 25.82 -172.88 48.14
C GLU M 100 25.61 -171.58 47.40
N ILE M 101 26.68 -170.91 46.97
CA ILE M 101 26.50 -169.64 46.28
C ILE M 101 25.78 -169.85 44.95
N GLU M 102 26.15 -170.89 44.20
CA GLU M 102 25.44 -171.15 42.96
C GLU M 102 24.07 -171.77 43.20
N ALA M 103 23.90 -172.50 44.31
CA ALA M 103 22.57 -172.97 44.67
C ALA M 103 21.62 -171.81 44.93
N GLU M 104 22.08 -170.80 45.66
CA GLU M 104 21.28 -169.59 45.84
C GLU M 104 21.12 -168.83 44.53
N THR M 105 22.15 -168.88 43.68
CA THR M 105 22.10 -168.17 42.41
C THR M 105 20.98 -168.69 41.52
N ASP M 106 20.84 -170.02 41.42
CA ASP M 106 19.78 -170.55 40.59
C ASP M 106 18.48 -170.78 41.34
N ARG M 107 18.48 -170.70 42.67
CA ARG M 107 17.25 -170.81 43.44
C ARG M 107 16.29 -169.67 43.18
N VAL M 108 16.78 -168.56 42.61
CA VAL M 108 15.95 -167.40 42.37
C VAL M 108 15.62 -167.22 40.89
N THR M 109 16.53 -167.58 39.99
CA THR M 109 16.36 -167.34 38.57
C THR M 109 16.07 -168.60 37.75
N GLY M 110 16.46 -169.77 38.24
CA GLY M 110 16.33 -170.99 37.47
C GLY M 110 17.65 -171.38 36.83
N THR M 111 17.55 -172.31 35.89
CA THR M 111 18.71 -172.80 35.15
C THR M 111 18.73 -172.27 33.73
N ASN M 112 17.82 -171.35 33.40
CA ASN M 112 17.67 -170.86 32.03
C ASN M 112 18.35 -169.50 31.85
N LYS M 113 19.43 -169.26 32.60
CA LYS M 113 20.32 -168.12 32.40
C LYS M 113 19.63 -166.76 32.56
N GLY M 114 18.55 -166.69 33.34
CA GLY M 114 18.00 -165.40 33.70
C GLY M 114 18.69 -164.80 34.89
N ILE M 115 18.57 -163.48 35.06
CA ILE M 115 19.30 -162.83 36.15
C ILE M 115 18.31 -162.06 37.02
N SER M 116 18.80 -161.68 38.21
CA SER M 116 18.01 -160.97 39.20
C SER M 116 18.87 -159.83 39.75
N PRO M 117 18.33 -158.62 39.81
CA PRO M 117 19.13 -157.49 40.31
C PRO M 117 19.17 -157.41 41.82
N VAL M 118 18.78 -158.48 42.50
CA VAL M 118 18.78 -158.53 43.96
C VAL M 118 20.12 -159.12 44.41
N PRO M 119 20.96 -158.38 45.12
CA PRO M 119 22.31 -158.88 45.44
C PRO M 119 22.30 -160.10 46.34
N ILE M 120 23.49 -160.64 46.59
CA ILE M 120 23.67 -161.76 47.52
C ILE M 120 24.75 -161.29 48.49
N ASN M 121 24.35 -160.97 49.71
CA ASN M 121 25.34 -160.57 50.70
C ASN M 121 26.07 -161.79 51.24
N LEU M 122 27.35 -161.60 51.54
CA LEU M 122 28.18 -162.66 52.08
C LEU M 122 29.22 -161.98 52.96
N ARG M 123 29.55 -162.59 54.10
CA ARG M 123 30.54 -162.01 55.00
C ARG M 123 31.56 -163.07 55.38
N VAL M 124 32.82 -162.83 55.04
CA VAL M 124 33.92 -163.70 55.44
C VAL M 124 34.63 -163.04 56.60
N TYR M 125 34.55 -163.66 57.77
CA TYR M 125 35.21 -163.17 58.97
C TYR M 125 36.54 -163.91 59.12
N SER M 126 37.62 -163.15 59.23
CA SER M 126 38.94 -163.76 59.33
C SER M 126 39.90 -162.74 59.91
N PRO M 127 40.94 -163.20 60.61
CA PRO M 127 41.99 -162.27 61.06
C PRO M 127 42.89 -161.79 59.92
N HIS M 128 42.71 -162.31 58.71
CA HIS M 128 43.58 -162.01 57.59
C HIS M 128 42.94 -161.09 56.56
N VAL M 129 41.87 -160.39 56.95
CA VAL M 129 41.15 -159.51 56.03
C VAL M 129 40.90 -158.16 56.68
N LEU M 130 40.74 -157.15 55.84
CA LEU M 130 40.32 -155.82 56.26
C LEU M 130 38.80 -155.79 56.41
N ASN M 131 38.24 -154.60 56.54
CA ASN M 131 36.79 -154.39 56.44
C ASN M 131 36.42 -153.92 55.03
N LEU M 132 36.58 -154.83 54.07
CA LEU M 132 36.44 -154.49 52.67
C LEU M 132 35.14 -155.01 52.06
N THR M 133 34.69 -154.31 51.02
CA THR M 133 33.49 -154.66 50.27
C THR M 133 33.91 -154.96 48.83
N LEU M 134 33.81 -156.22 48.45
CA LEU M 134 34.13 -156.68 47.09
C LEU M 134 32.82 -156.99 46.39
N VAL M 135 32.51 -156.23 45.35
CA VAL M 135 31.23 -156.34 44.65
C VAL M 135 31.50 -157.07 43.33
N ASP M 136 31.34 -158.39 43.34
CA ASP M 136 31.35 -159.13 42.09
C ASP M 136 30.04 -158.89 41.35
N LEU M 137 30.13 -158.74 40.04
CA LEU M 137 28.99 -158.38 39.22
C LEU M 137 28.85 -159.37 38.09
N PRO M 138 27.64 -159.55 37.56
CA PRO M 138 27.46 -160.46 36.43
C PRO M 138 28.06 -159.88 35.15
N GLY M 139 28.44 -160.78 34.26
CA GLY M 139 28.99 -160.35 32.99
C GLY M 139 27.97 -159.58 32.16
N MET M 140 28.46 -158.62 31.40
CA MET M 140 27.60 -157.81 30.55
C MET M 140 27.22 -158.58 29.30
N THR M 141 25.97 -158.44 28.90
CA THR M 141 25.39 -159.19 27.79
C THR M 141 24.67 -158.21 26.87
N LYS M 142 24.61 -158.55 25.58
CA LYS M 142 24.01 -157.65 24.61
C LYS M 142 22.80 -158.26 23.93
N VAL M 143 22.77 -159.59 23.77
CA VAL M 143 21.61 -160.25 23.19
C VAL M 143 21.06 -161.25 24.19
N PRO M 144 19.74 -161.30 24.37
CA PRO M 144 19.16 -162.19 25.40
C PRO M 144 19.22 -163.65 25.02
N VAL M 145 20.01 -164.43 25.74
CA VAL M 145 20.07 -165.88 25.57
C VAL M 145 19.27 -166.53 26.69
N GLY M 146 18.45 -167.52 26.32
CA GLY M 146 17.59 -168.16 27.30
C GLY M 146 16.26 -167.45 27.44
N ASP M 147 15.73 -167.39 28.66
CA ASP M 147 14.48 -166.71 28.93
C ASP M 147 14.66 -165.28 29.40
N GLN M 148 15.84 -164.70 29.15
CA GLN M 148 16.09 -163.33 29.55
C GLN M 148 15.19 -162.37 28.78
N PRO M 149 14.72 -161.32 29.43
CA PRO M 149 13.82 -160.36 28.76
C PRO M 149 14.56 -159.60 27.67
N PRO M 150 13.84 -158.90 26.80
CA PRO M 150 14.51 -158.23 25.67
C PRO M 150 15.48 -157.13 26.08
N ASP M 151 15.40 -156.62 27.29
CA ASP M 151 16.26 -155.53 27.74
C ASP M 151 17.29 -156.02 28.76
N ILE M 152 17.87 -157.19 28.48
CA ILE M 152 18.89 -157.73 29.38
C ILE M 152 20.09 -156.80 29.46
N GLU M 153 20.48 -156.21 28.32
CA GLU M 153 21.63 -155.31 28.31
C GLU M 153 21.37 -154.10 29.19
N PHE M 154 20.16 -153.55 29.10
CA PHE M 154 19.87 -152.34 29.87
C PHE M 154 19.72 -152.65 31.35
N GLN M 155 19.14 -153.81 31.70
CA GLN M 155 19.03 -154.10 33.12
C GLN M 155 20.31 -154.67 33.71
N ILE M 156 21.31 -154.98 32.90
CA ILE M 156 22.63 -155.28 33.46
C ILE M 156 23.47 -154.01 33.56
N ARG M 157 23.34 -153.09 32.61
CA ARG M 157 24.02 -151.81 32.72
C ARG M 157 23.50 -151.01 33.90
N ASP M 158 22.17 -150.95 34.06
CA ASP M 158 21.61 -150.27 35.23
C ASP M 158 21.95 -151.01 36.51
N MET M 159 22.16 -152.32 36.43
CA MET M 159 22.66 -153.06 37.57
C MET M 159 24.04 -152.56 37.96
N LEU M 160 24.92 -152.37 36.98
CA LEU M 160 26.29 -151.99 37.27
C LEU M 160 26.41 -150.54 37.71
N MET M 161 25.52 -149.67 37.22
CA MET M 161 25.59 -148.26 37.60
C MET M 161 25.41 -148.06 39.10
N GLN M 162 24.41 -148.73 39.70
CA GLN M 162 24.18 -148.50 41.11
C GLN M 162 25.31 -148.99 41.99
N PHE M 163 26.25 -149.76 41.43
CA PHE M 163 27.40 -150.24 42.18
C PHE M 163 28.69 -149.52 41.86
N VAL M 164 28.82 -148.93 40.67
CA VAL M 164 30.07 -148.29 40.29
C VAL M 164 29.99 -146.77 40.21
N THR M 165 28.79 -146.18 40.23
CA THR M 165 28.72 -144.72 40.13
C THR M 165 29.10 -144.07 41.45
N LYS M 166 28.96 -144.78 42.56
CA LYS M 166 29.30 -144.22 43.85
C LYS M 166 30.81 -144.01 43.96
N GLU M 167 31.21 -142.86 44.48
CA GLU M 167 32.63 -142.57 44.64
C GLU M 167 33.24 -143.55 45.65
N ASN M 168 34.57 -143.55 45.70
CA ASN M 168 35.33 -144.51 46.48
C ASN M 168 34.92 -145.94 46.10
N CYS M 169 34.84 -146.18 44.80
CA CYS M 169 34.56 -147.50 44.25
C CYS M 169 35.60 -147.80 43.19
N LEU M 170 36.62 -148.56 43.56
CA LEU M 170 37.60 -149.01 42.59
C LEU M 170 36.92 -149.85 41.52
N ILE M 171 37.15 -149.50 40.26
CA ILE M 171 36.52 -150.17 39.15
C ILE M 171 37.59 -150.98 38.44
N LEU M 172 37.55 -152.30 38.60
CA LEU M 172 38.42 -153.19 37.86
C LEU M 172 37.76 -153.46 36.53
N ALA M 173 38.22 -152.76 35.50
CA ALA M 173 37.79 -153.01 34.13
C ALA M 173 38.52 -154.24 33.65
N VAL M 174 37.86 -155.40 33.70
CA VAL M 174 38.46 -156.65 33.28
C VAL M 174 38.13 -156.87 31.81
N SER M 175 39.15 -157.00 30.99
CA SER M 175 38.97 -157.22 29.57
C SER M 175 39.77 -158.44 29.14
N PRO M 176 39.24 -159.25 28.23
CA PRO M 176 40.00 -160.40 27.76
C PRO M 176 41.01 -159.98 26.72
N ALA M 177 42.14 -160.71 26.70
CA ALA M 177 43.18 -160.40 25.72
C ALA M 177 42.75 -160.82 24.33
N ASN M 178 42.04 -161.94 24.21
CA ASN M 178 41.65 -162.45 22.91
C ASN M 178 40.79 -161.44 22.15
N SER M 179 39.77 -160.90 22.82
CA SER M 179 38.97 -159.86 22.18
C SER M 179 39.77 -158.56 22.08
N ASP M 180 39.41 -157.75 21.11
CA ASP M 180 40.09 -156.48 20.93
C ASP M 180 39.73 -155.53 22.08
N LEU M 181 40.68 -154.66 22.42
CA LEU M 181 40.48 -153.77 23.55
C LEU M 181 39.40 -152.74 23.27
N ALA M 182 39.24 -152.35 22.01
CA ALA M 182 38.20 -151.39 21.67
C ALA M 182 36.80 -151.93 21.93
N ASN M 183 36.66 -153.25 22.10
CA ASN M 183 35.38 -153.86 22.40
C ASN M 183 35.17 -154.11 23.88
N SER M 184 36.00 -153.54 24.75
CA SER M 184 35.88 -153.79 26.19
C SER M 184 34.73 -152.98 26.76
N ASP M 185 33.60 -153.67 27.02
CA ASP M 185 32.50 -153.04 27.72
C ASP M 185 32.95 -152.52 29.08
N ALA M 186 33.92 -153.20 29.69
CA ALA M 186 34.50 -152.72 30.94
C ALA M 186 35.05 -151.32 30.77
N LEU M 187 35.86 -151.11 29.74
CA LEU M 187 36.44 -149.79 29.52
C LEU M 187 35.39 -148.78 29.10
N LYS M 188 34.35 -149.21 28.38
CA LYS M 188 33.26 -148.28 28.07
C LYS M 188 32.60 -147.77 29.34
N VAL M 189 32.27 -148.69 30.25
CA VAL M 189 31.65 -148.31 31.51
C VAL M 189 32.60 -147.44 32.33
N ALA M 190 33.89 -147.78 32.33
CA ALA M 190 34.86 -147.01 33.10
C ALA M 190 34.97 -145.58 32.58
N LYS M 191 35.01 -145.40 31.26
CA LYS M 191 35.05 -144.06 30.71
C LYS M 191 33.72 -143.33 30.83
N GLU M 192 32.62 -144.06 31.05
CA GLU M 192 31.36 -143.38 31.32
C GLU M 192 31.26 -142.86 32.75
N VAL M 193 31.63 -143.69 33.73
CA VAL M 193 31.41 -143.37 35.14
C VAL M 193 32.69 -142.95 35.84
N ASP M 194 33.78 -142.74 35.09
CA ASP M 194 35.06 -142.33 35.65
C ASP M 194 35.91 -141.75 34.53
N PRO M 195 35.56 -140.56 34.03
CA PRO M 195 36.22 -140.07 32.80
C PRO M 195 37.73 -139.97 32.91
N GLN M 196 38.24 -139.30 33.94
CA GLN M 196 39.68 -139.13 34.06
C GLN M 196 40.40 -140.40 34.48
N GLY M 197 39.67 -141.46 34.82
CA GLY M 197 40.30 -142.69 35.26
C GLY M 197 41.02 -142.58 36.58
N GLN M 198 40.46 -141.83 37.54
CA GLN M 198 41.10 -141.70 38.83
C GLN M 198 41.08 -143.01 39.61
N ARG M 199 39.98 -143.75 39.53
CA ARG M 199 39.76 -144.95 40.35
C ARG M 199 39.48 -146.16 39.48
N THR M 200 40.14 -146.23 38.32
CA THR M 200 39.94 -147.31 37.35
C THR M 200 41.22 -148.11 37.23
N ILE M 201 41.13 -149.41 37.46
CA ILE M 201 42.25 -150.33 37.30
C ILE M 201 41.93 -151.23 36.11
N GLY M 202 42.78 -151.20 35.09
CA GLY M 202 42.60 -152.06 33.94
C GLY M 202 43.28 -153.39 34.16
N VAL M 203 42.54 -154.47 33.87
CA VAL M 203 43.07 -155.82 34.01
C VAL M 203 42.85 -156.53 32.67
N ILE M 204 43.88 -157.23 32.22
CA ILE M 204 43.85 -157.97 30.95
C ILE M 204 44.00 -159.45 31.27
N THR M 205 42.97 -160.22 30.94
CA THR M 205 42.91 -161.63 31.25
C THR M 205 43.08 -162.48 29.99
N LYS M 206 43.37 -163.76 30.22
CA LYS M 206 43.50 -164.74 29.14
C LYS M 206 44.60 -164.34 28.15
N LEU M 207 45.80 -164.15 28.70
CA LEU M 207 46.96 -163.83 27.89
C LEU M 207 47.62 -165.07 27.29
N ASP M 208 47.24 -166.27 27.74
CA ASP M 208 47.78 -167.50 27.17
C ASP M 208 46.93 -168.06 26.05
N LEU M 209 45.86 -167.37 25.67
CA LEU M 209 44.98 -167.82 24.60
C LEU M 209 44.87 -166.80 23.47
N MET M 210 45.85 -165.90 23.36
CA MET M 210 45.82 -164.90 22.31
C MET M 210 46.02 -165.54 20.94
N ASP M 211 45.53 -164.87 19.90
CA ASP M 211 45.71 -165.34 18.54
C ASP M 211 47.19 -165.53 18.25
N GLU M 212 47.54 -166.68 17.67
CA GLU M 212 48.94 -167.02 17.47
C GLU M 212 49.62 -165.98 16.60
N GLY M 213 50.83 -165.60 16.99
CA GLY M 213 51.59 -164.58 16.30
C GLY M 213 51.25 -163.16 16.70
N THR M 214 50.35 -162.96 17.66
CA THR M 214 49.98 -161.65 18.13
C THR M 214 50.31 -161.54 19.62
N ASP M 215 50.45 -160.30 20.09
CA ASP M 215 50.73 -160.05 21.49
C ASP M 215 50.15 -158.70 21.89
N ALA M 216 49.65 -158.62 23.11
CA ALA M 216 49.02 -157.42 23.63
C ALA M 216 50.01 -156.47 24.28
N ARG M 217 51.28 -156.51 23.85
CA ARG M 217 52.32 -155.66 24.44
C ARG M 217 51.93 -154.19 24.39
N ASP M 218 51.40 -153.74 23.26
CA ASP M 218 51.01 -152.34 23.13
C ASP M 218 49.84 -151.97 24.03
N VAL M 219 49.14 -152.95 24.58
CA VAL M 219 48.09 -152.68 25.56
C VAL M 219 48.63 -152.70 26.97
N LEU M 220 49.41 -153.74 27.30
CA LEU M 220 49.96 -153.87 28.64
C LEU M 220 50.94 -152.74 28.95
N GLU M 221 51.56 -152.15 27.93
CA GLU M 221 52.44 -151.01 28.14
C GLU M 221 51.70 -149.69 28.12
N ASN M 222 50.37 -149.72 28.27
CA ASN M 222 49.55 -148.51 28.36
C ASN M 222 49.74 -147.60 27.16
N LYS M 223 49.98 -148.19 25.99
CA LYS M 223 50.20 -147.43 24.77
C LYS M 223 48.94 -147.29 23.92
N LEU M 224 48.20 -148.38 23.72
CA LEU M 224 47.02 -148.33 22.87
C LEU M 224 45.96 -147.39 23.44
N LEU M 225 45.43 -147.72 24.61
CA LEU M 225 44.41 -146.91 25.26
C LEU M 225 44.99 -146.32 26.54
N PRO M 226 45.26 -145.02 26.59
CA PRO M 226 45.91 -144.44 27.79
C PRO M 226 45.02 -144.56 29.01
N LEU M 227 45.57 -145.13 30.07
CA LEU M 227 44.87 -145.32 31.33
C LEU M 227 45.78 -144.88 32.46
N ARG M 228 45.19 -144.19 33.45
CA ARG M 228 46.01 -143.55 34.48
C ARG M 228 46.78 -144.56 35.30
N ARG M 229 46.11 -145.62 35.75
CA ARG M 229 46.77 -146.63 36.58
C ARG M 229 47.42 -147.73 35.78
N GLY M 230 47.26 -147.73 34.45
CA GLY M 230 47.85 -148.76 33.63
C GLY M 230 47.10 -150.07 33.70
N TYR M 231 47.51 -150.99 32.84
CA TYR M 231 46.88 -152.30 32.75
C TYR M 231 47.77 -153.35 33.43
N ILE M 232 47.12 -154.36 33.98
CA ILE M 232 47.80 -155.47 34.64
C ILE M 232 47.37 -156.75 33.96
N GLY M 233 48.31 -157.46 33.36
CA GLY M 233 47.99 -158.73 32.76
C GLY M 233 48.02 -159.85 33.79
N VAL M 234 47.08 -160.79 33.64
CA VAL M 234 47.00 -161.95 34.52
C VAL M 234 46.59 -163.15 33.71
N VAL M 235 47.07 -164.32 34.12
CA VAL M 235 46.69 -165.60 33.52
C VAL M 235 46.07 -166.45 34.62
N ASN M 236 44.82 -166.84 34.43
CA ASN M 236 44.07 -167.58 35.43
C ASN M 236 44.06 -169.06 35.06
N ARG M 237 43.33 -169.85 35.83
CA ARG M 237 43.21 -171.27 35.52
C ARG M 237 42.33 -171.45 34.30
N SER M 238 42.78 -172.26 33.35
CA SER M 238 41.96 -172.57 32.19
C SER M 238 40.75 -173.40 32.62
N GLN M 239 39.78 -173.51 31.71
CA GLN M 239 38.57 -174.28 32.02
C GLN M 239 38.91 -175.74 32.26
N LYS M 240 39.87 -176.28 31.50
CA LYS M 240 40.33 -177.64 31.76
C LYS M 240 40.94 -177.75 33.15
N ASP M 241 41.69 -176.72 33.57
CA ASP M 241 42.27 -176.72 34.91
C ASP M 241 41.18 -176.69 35.97
N ILE M 242 40.12 -175.90 35.75
CA ILE M 242 39.01 -175.86 36.69
C ILE M 242 38.35 -177.23 36.80
N ASP M 243 38.13 -177.88 35.66
CA ASP M 243 37.52 -179.21 35.68
C ASP M 243 38.43 -180.23 36.37
N GLY M 244 39.74 -180.13 36.15
CA GLY M 244 40.70 -181.00 36.80
C GLY M 244 41.06 -180.62 38.22
N LYS M 245 40.49 -179.52 38.72
CA LYS M 245 40.70 -179.08 40.11
C LYS M 245 42.17 -178.76 40.36
N LYS M 246 42.75 -177.93 39.50
CA LYS M 246 44.11 -177.47 39.71
C LYS M 246 44.19 -176.54 40.91
N ASP M 247 45.37 -176.44 41.50
CA ASP M 247 45.55 -175.69 42.73
C ASP M 247 46.20 -174.33 42.48
N ILE M 248 46.10 -173.46 43.50
CA ILE M 248 46.62 -172.11 43.42
C ILE M 248 48.13 -172.13 43.24
N THR M 249 48.83 -173.06 43.90
CA THR M 249 50.28 -173.10 43.79
C THR M 249 50.72 -173.34 42.35
N ALA M 250 50.18 -174.39 41.73
CA ALA M 250 50.54 -174.70 40.36
C ALA M 250 50.10 -173.60 39.41
N ALA M 251 48.90 -173.03 39.64
CA ALA M 251 48.43 -171.96 38.78
C ALA M 251 49.36 -170.75 38.84
N LEU M 252 49.79 -170.37 40.05
CA LEU M 252 50.71 -169.24 40.19
C LEU M 252 52.06 -169.56 39.57
N ALA M 253 52.56 -170.79 39.74
CA ALA M 253 53.82 -171.15 39.12
C ALA M 253 53.76 -171.03 37.61
N ALA M 254 52.68 -171.55 37.01
CA ALA M 254 52.53 -171.46 35.56
C ALA M 254 52.38 -170.03 35.11
N GLU M 255 51.60 -169.23 35.83
CA GLU M 255 51.42 -167.83 35.47
C GLU M 255 52.73 -167.06 35.55
N ARG M 256 53.54 -167.33 36.57
CA ARG M 256 54.83 -166.66 36.70
C ARG M 256 55.78 -167.08 35.58
N LYS M 257 55.84 -168.38 35.28
CA LYS M 257 56.76 -168.84 34.25
C LYS M 257 56.32 -168.41 32.85
N PHE M 258 55.03 -168.15 32.65
CA PHE M 258 54.56 -167.72 31.32
C PHE M 258 55.17 -166.39 30.93
N PHE M 259 55.15 -165.41 31.84
CA PHE M 259 55.67 -164.10 31.52
C PHE M 259 57.18 -164.08 31.38
N LEU M 260 57.87 -165.13 31.82
CA LEU M 260 59.29 -165.28 31.51
C LEU M 260 59.51 -166.00 30.20
N SER M 261 58.64 -166.96 29.86
CA SER M 261 58.78 -167.67 28.59
C SER M 261 58.47 -166.76 27.42
N HIS M 262 57.47 -165.90 27.54
CA HIS M 262 57.03 -165.10 26.40
C HIS M 262 58.05 -164.03 26.08
N PRO M 263 58.58 -164.00 24.85
CA PRO M 263 59.57 -162.97 24.51
C PRO M 263 59.05 -161.55 24.61
N SER M 264 57.78 -161.32 24.29
CA SER M 264 57.24 -159.96 24.33
C SER M 264 57.00 -159.47 25.75
N TYR M 265 56.85 -160.37 26.71
CA TYR M 265 56.55 -159.99 28.09
C TYR M 265 57.67 -160.34 29.05
N ARG M 266 58.86 -160.72 28.54
CA ARG M 266 59.96 -161.08 29.42
C ARG M 266 60.37 -159.88 30.29
N HIS M 267 60.34 -158.68 29.72
CA HIS M 267 60.74 -157.48 30.44
C HIS M 267 59.61 -156.87 31.25
N LEU M 268 58.58 -157.64 31.55
CA LEU M 268 57.46 -157.14 32.36
C LEU M 268 57.00 -158.14 33.40
N ALA M 269 57.73 -159.24 33.60
CA ALA M 269 57.27 -160.30 34.49
C ALA M 269 57.03 -159.79 35.90
N ASP M 270 57.87 -158.88 36.39
CA ASP M 270 57.66 -158.34 37.73
C ASP M 270 56.48 -157.38 37.80
N ARG M 271 56.13 -156.74 36.67
CA ARG M 271 55.07 -155.75 36.65
C ARG M 271 53.72 -156.31 36.21
N MET M 272 53.67 -157.58 35.82
CA MET M 272 52.43 -158.25 35.43
C MET M 272 52.22 -159.48 36.28
N GLY M 273 50.96 -159.83 36.51
CA GLY M 273 50.65 -161.01 37.29
C GLY M 273 49.73 -160.76 38.47
N THR M 274 49.15 -161.83 39.00
CA THR M 274 48.25 -161.70 40.14
C THR M 274 48.91 -161.11 41.38
N PRO M 275 50.12 -161.52 41.79
CA PRO M 275 50.75 -160.83 42.93
C PRO M 275 50.91 -159.34 42.72
N TYR M 276 51.28 -158.92 41.51
CA TYR M 276 51.41 -157.49 41.26
C TYR M 276 50.06 -156.80 41.25
N LEU M 277 49.01 -157.50 40.82
CA LEU M 277 47.66 -156.96 40.92
C LEU M 277 47.29 -156.72 42.39
N GLN M 278 47.59 -157.69 43.25
CA GLN M 278 47.34 -157.52 44.67
C GLN M 278 48.12 -156.33 45.22
N LYS M 279 49.38 -156.21 44.82
CA LYS M 279 50.21 -155.10 45.30
C LYS M 279 49.63 -153.75 44.86
N VAL M 280 49.19 -153.65 43.61
CA VAL M 280 48.62 -152.41 43.12
C VAL M 280 47.32 -152.08 43.86
N LEU M 281 46.46 -153.07 44.06
CA LEU M 281 45.21 -152.82 44.77
C LEU M 281 45.47 -152.36 46.20
N ASN M 282 46.40 -153.01 46.89
CA ASN M 282 46.70 -152.62 48.26
C ASN M 282 47.35 -151.24 48.30
N GLN M 283 48.19 -150.93 47.31
CA GLN M 283 48.75 -149.59 47.22
C GLN M 283 47.66 -148.56 47.03
N GLN M 284 46.65 -148.88 46.21
CA GLN M 284 45.56 -147.94 45.99
C GLN M 284 44.72 -147.75 47.25
N LEU M 285 44.56 -148.79 48.05
CA LEU M 285 43.85 -148.66 49.33
C LEU M 285 44.65 -147.79 50.29
N THR M 286 45.97 -148.02 50.37
CA THR M 286 46.81 -147.24 51.27
C THR M 286 46.86 -145.78 50.84
N ASN M 287 46.87 -145.51 49.54
CA ASN M 287 46.87 -144.14 49.05
C ASN M 287 45.54 -143.45 49.25
N HIS M 288 44.54 -144.15 49.77
CA HIS M 288 43.32 -143.52 50.25
C HIS M 288 43.30 -143.37 51.77
N ILE M 289 43.76 -144.39 52.49
CA ILE M 289 43.88 -144.28 53.94
C ILE M 289 44.75 -143.08 54.30
N ARG M 290 45.92 -142.98 53.67
CA ARG M 290 46.84 -141.88 53.96
C ARG M 290 46.41 -140.60 53.26
N ASP M 291 45.56 -140.69 52.24
CA ASP M 291 45.01 -139.47 51.65
C ASP M 291 44.03 -138.80 52.60
N THR M 292 43.23 -139.58 53.32
CA THR M 292 42.19 -138.99 54.15
C THR M 292 42.76 -138.28 55.38
N LEU M 293 43.94 -138.68 55.85
CA LEU M 293 44.44 -138.22 57.14
C LEU M 293 44.51 -136.71 57.32
N PRO M 294 44.94 -135.90 56.34
CA PRO M 294 44.94 -134.45 56.55
C PRO M 294 43.60 -133.87 56.96
N GLY M 295 42.51 -134.32 56.33
CA GLY M 295 41.19 -133.84 56.67
C GLY M 295 40.82 -134.17 58.11
N LEU M 296 41.05 -135.42 58.51
CA LEU M 296 40.77 -135.83 59.87
C LEU M 296 41.59 -135.01 60.86
N ARG M 297 42.88 -134.81 60.55
CA ARG M 297 43.75 -134.09 61.48
C ARG M 297 43.28 -132.65 61.67
N ASN M 298 42.97 -131.96 60.57
CA ASN M 298 42.56 -130.57 60.72
C ASN M 298 41.19 -130.45 61.39
N LYS M 299 40.26 -131.35 61.06
CA LYS M 299 38.94 -131.28 61.69
C LYS M 299 39.03 -131.57 63.18
N LEU M 300 39.83 -132.57 63.57
CA LEU M 300 39.99 -132.85 65.00
C LEU M 300 40.77 -131.75 65.70
N GLN M 301 41.68 -131.08 65.00
CA GLN M 301 42.32 -129.91 65.58
C GLN M 301 41.30 -128.81 65.85
N SER M 302 40.37 -128.61 64.92
CA SER M 302 39.30 -127.63 65.15
C SER M 302 38.44 -128.02 66.34
N GLN M 303 38.11 -129.31 66.47
CA GLN M 303 37.28 -129.74 67.60
C GLN M 303 38.03 -129.61 68.92
N LEU M 304 39.32 -129.94 68.94
CA LEU M 304 40.11 -129.75 70.14
C LEU M 304 40.25 -128.27 70.47
N LEU M 305 40.30 -127.41 69.45
CA LEU M 305 40.26 -125.97 69.68
C LEU M 305 38.97 -125.56 70.35
N SER M 306 37.86 -126.17 69.92
CA SER M 306 36.57 -125.86 70.54
C SER M 306 36.54 -126.29 72.01
N ILE M 307 37.12 -127.45 72.32
CA ILE M 307 36.99 -127.97 73.69
C ILE M 307 38.06 -127.40 74.62
N GLU M 308 39.19 -126.92 74.09
CA GLU M 308 40.29 -126.52 74.96
C GLU M 308 39.92 -125.31 75.81
N LYS M 309 39.08 -124.42 75.28
CA LYS M 309 38.65 -123.25 76.06
C LYS M 309 37.88 -123.70 77.31
N GLU M 310 36.99 -124.67 77.15
CA GLU M 310 36.29 -125.21 78.32
C GLU M 310 37.25 -125.93 79.25
N VAL M 311 38.26 -126.58 78.69
CA VAL M 311 39.26 -127.23 79.55
C VAL M 311 40.12 -126.20 80.29
N GLU M 312 40.19 -124.97 79.79
CA GLU M 312 41.02 -123.95 80.44
C GLU M 312 40.57 -123.68 81.87
N GLU M 313 39.26 -123.44 82.06
CA GLU M 313 38.76 -123.32 83.43
C GLU M 313 38.66 -124.65 84.13
N TYR M 314 38.89 -125.76 83.43
CA TYR M 314 38.84 -127.10 84.00
C TYR M 314 40.20 -127.80 83.95
N LYS M 315 41.28 -127.05 84.17
CA LYS M 315 42.58 -127.69 84.33
C LYS M 315 42.59 -128.61 85.54
N ASN M 316 42.03 -128.14 86.66
CA ASN M 316 42.10 -128.84 87.93
C ASN M 316 40.72 -128.88 88.60
N PHE M 317 40.51 -129.91 89.41
CA PHE M 317 39.28 -130.07 90.17
C PHE M 317 39.58 -130.93 91.39
N ARG M 318 39.54 -130.31 92.58
CA ARG M 318 39.72 -131.02 93.84
C ARG M 318 38.39 -131.18 94.54
N PRO M 319 38.27 -132.16 95.43
CA PRO M 319 37.05 -132.28 96.23
C PRO M 319 36.83 -131.02 97.06
N ASP M 320 35.55 -130.63 97.17
CA ASP M 320 35.08 -129.52 97.99
C ASP M 320 35.43 -128.16 97.41
N ASP M 321 36.25 -128.13 96.35
CA ASP M 321 36.55 -126.95 95.54
C ASP M 321 36.76 -125.71 96.39
N PRO M 322 37.91 -125.58 97.08
CA PRO M 322 38.07 -124.48 98.05
C PRO M 322 37.90 -123.10 97.45
N ALA M 323 38.38 -122.86 96.23
CA ALA M 323 38.31 -121.54 95.61
C ALA M 323 37.46 -121.50 94.36
N ARG M 324 37.29 -122.63 93.67
CA ARG M 324 36.41 -122.67 92.51
C ARG M 324 34.98 -122.30 92.92
N LYS M 325 34.58 -122.69 94.12
CA LYS M 325 33.24 -122.36 94.61
C LYS M 325 33.07 -120.84 94.70
N THR M 326 34.02 -120.15 95.32
CA THR M 326 33.91 -118.70 95.44
C THR M 326 33.96 -118.03 94.07
N LYS M 327 34.85 -118.51 93.19
CA LYS M 327 34.95 -117.91 91.86
C LYS M 327 33.64 -118.07 91.10
N ALA M 328 33.07 -119.26 91.11
CA ALA M 328 31.81 -119.50 90.40
C ALA M 328 30.67 -118.73 91.04
N LEU M 329 30.68 -118.57 92.36
CA LEU M 329 29.68 -117.74 93.02
C LEU M 329 29.75 -116.31 92.50
N LEU M 330 30.97 -115.77 92.39
CA LEU M 330 31.12 -114.42 91.88
C LEU M 330 30.64 -114.33 90.43
N GLN M 331 30.97 -115.33 89.62
CA GLN M 331 30.52 -115.32 88.22
C GLN M 331 29.01 -115.31 88.14
N MET M 332 28.34 -116.17 88.92
CA MET M 332 26.89 -116.22 88.91
C MET M 332 26.28 -114.92 89.39
N VAL M 333 26.84 -114.33 90.45
CA VAL M 333 26.31 -113.08 90.98
C VAL M 333 26.44 -111.97 89.95
N GLN M 334 27.59 -111.89 89.28
CA GLN M 334 27.78 -110.87 88.26
C GLN M 334 26.85 -111.09 87.07
N GLN M 335 26.66 -112.35 86.66
CA GLN M 335 25.72 -112.64 85.58
C GLN M 335 24.31 -112.21 85.96
N PHE M 336 23.88 -112.53 87.18
CA PHE M 336 22.55 -112.13 87.63
C PHE M 336 22.41 -110.62 87.66
N ALA M 337 23.41 -109.91 88.18
CA ALA M 337 23.32 -108.46 88.27
C ALA M 337 23.26 -107.82 86.88
N VAL M 338 24.13 -108.26 85.97
CA VAL M 338 24.14 -107.67 84.64
C VAL M 338 22.88 -108.03 83.89
N ASP M 339 22.31 -109.20 84.14
CA ASP M 339 21.07 -109.57 83.45
C ASP M 339 19.87 -108.81 84.02
N PHE M 340 19.86 -108.57 85.33
CA PHE M 340 18.82 -107.72 85.91
C PHE M 340 18.89 -106.32 85.31
N GLU M 341 20.09 -105.75 85.25
CA GLU M 341 20.25 -104.41 84.70
C GLU M 341 19.88 -104.38 83.22
N LYS M 342 20.23 -105.43 82.48
CA LYS M 342 19.87 -105.51 81.07
C LYS M 342 18.37 -105.66 80.89
N ARG M 343 17.72 -106.40 81.80
CA ARG M 343 16.30 -106.65 81.67
C ARG M 343 15.47 -105.41 82.01
N ILE M 344 15.92 -104.62 82.98
CA ILE M 344 15.14 -103.48 83.47
C ILE M 344 15.69 -102.16 82.93
N GLU M 345 16.94 -101.83 83.26
CA GLU M 345 17.53 -100.59 82.77
C GLU M 345 17.61 -100.58 81.25
N GLY M 346 18.05 -101.69 80.66
CA GLY M 346 18.21 -101.77 79.23
C GLY M 346 19.64 -101.55 78.79
N SER M 347 20.59 -102.20 79.46
CA SER M 347 21.99 -102.06 79.09
C SER M 347 22.24 -102.65 77.70
N GLY M 348 23.46 -102.49 77.23
CA GLY M 348 23.81 -102.98 75.91
C GLY M 348 23.96 -104.48 75.83
N ASP M 349 24.71 -104.94 74.83
CA ASP M 349 25.05 -106.35 74.66
C ASP M 349 23.82 -107.23 74.42
N GLN M 350 23.14 -106.94 73.31
CA GLN M 350 22.19 -107.87 72.70
C GLN M 350 21.02 -108.28 73.59
N ILE M 351 20.13 -107.35 73.89
CA ILE M 351 18.87 -107.71 74.54
C ILE M 351 17.95 -108.36 73.50
N ASP M 352 17.24 -109.40 73.91
CA ASP M 352 16.44 -110.19 72.99
C ASP M 352 15.31 -109.39 72.37
N THR M 353 14.98 -109.72 71.12
CA THR M 353 13.94 -109.04 70.37
C THR M 353 12.73 -109.92 70.12
N TYR M 354 12.64 -111.09 70.78
CA TYR M 354 11.59 -112.04 70.46
C TYR M 354 10.23 -111.58 70.98
N GLU M 355 10.15 -111.27 72.27
CA GLU M 355 8.89 -110.93 72.92
C GLU M 355 8.94 -109.50 73.42
N LEU M 356 7.89 -109.13 74.18
CA LEU M 356 7.93 -107.86 74.89
C LEU M 356 9.04 -107.85 75.91
N SER M 357 9.54 -109.03 76.28
CA SER M 357 10.90 -109.27 76.75
C SER M 357 11.23 -108.46 78.00
N GLY M 358 10.57 -108.82 79.09
CA GLY M 358 11.05 -108.46 80.39
C GLY M 358 10.20 -107.40 81.07
N GLY M 359 10.44 -107.24 82.37
CA GLY M 359 9.64 -106.34 83.16
C GLY M 359 9.73 -104.89 82.72
N ALA M 360 10.88 -104.49 82.17
CA ALA M 360 11.13 -103.07 81.90
C ALA M 360 9.98 -102.42 81.15
N ARG M 361 9.55 -103.05 80.06
CA ARG M 361 8.47 -102.45 79.29
C ARG M 361 7.10 -102.87 79.83
N ILE M 362 7.02 -104.03 80.50
CA ILE M 362 5.80 -104.33 81.27
C ILE M 362 5.67 -103.31 82.41
N ASN M 363 6.77 -103.02 83.08
CA ASN M 363 6.75 -101.99 84.11
C ASN M 363 6.36 -100.64 83.53
N ARG M 364 6.89 -100.31 82.34
CA ARG M 364 6.40 -99.11 81.67
C ARG M 364 4.92 -99.15 81.33
N ILE M 365 4.40 -100.26 80.82
CA ILE M 365 2.99 -100.26 80.46
C ILE M 365 2.16 -100.05 81.70
N PHE M 366 2.68 -100.46 82.87
CA PHE M 366 2.05 -100.10 84.13
C PHE M 366 2.11 -98.59 84.37
N HIS M 367 3.31 -98.00 84.27
CA HIS M 367 3.46 -96.57 84.53
C HIS M 367 2.69 -95.71 83.53
N GLU M 368 2.27 -96.26 82.39
CA GLU M 368 1.53 -95.48 81.41
C GLU M 368 0.15 -96.05 81.11
N ARG M 369 -0.32 -97.02 81.89
CA ARG M 369 -1.73 -97.41 81.91
C ARG M 369 -2.41 -97.04 83.22
N PHE M 370 -1.65 -96.91 84.31
CA PHE M 370 -2.16 -96.37 85.56
C PHE M 370 -2.80 -95.00 85.37
N PRO M 371 -2.26 -94.11 84.49
CA PRO M 371 -3.03 -92.91 84.13
C PRO M 371 -4.32 -93.17 83.38
N PHE M 372 -4.65 -94.44 83.13
CA PHE M 372 -6.02 -94.77 82.73
C PHE M 372 -6.85 -95.30 83.90
N GLU M 373 -6.22 -96.02 84.82
CA GLU M 373 -6.92 -96.46 86.02
C GLU M 373 -7.30 -95.30 86.92
N LEU M 374 -6.54 -94.19 86.87
CA LEU M 374 -6.95 -93.00 87.59
C LEU M 374 -8.21 -92.39 86.98
N VAL M 375 -8.23 -92.27 85.66
CA VAL M 375 -9.36 -91.64 84.98
C VAL M 375 -10.61 -92.48 85.13
N LYS M 376 -10.49 -93.79 84.96
CA LYS M 376 -11.67 -94.66 84.85
C LYS M 376 -12.46 -94.71 86.15
N MET M 377 -11.78 -94.99 87.26
CA MET M 377 -12.48 -95.34 88.48
C MET M 377 -13.23 -94.18 89.10
N GLU M 378 -12.70 -92.96 89.00
CA GLU M 378 -13.22 -91.82 89.73
C GLU M 378 -14.17 -91.00 88.85
N PHE M 379 -15.41 -90.82 89.33
CA PHE M 379 -16.41 -90.02 88.65
C PHE M 379 -17.62 -89.84 89.55
N ASP M 380 -18.25 -88.67 89.43
CA ASP M 380 -19.59 -88.41 89.92
C ASP M 380 -20.04 -87.06 89.38
N GLU M 381 -21.35 -86.87 89.30
CA GLU M 381 -21.91 -85.63 88.79
C GLU M 381 -23.35 -85.52 89.23
N LYS M 382 -23.82 -84.28 89.36
CA LYS M 382 -25.20 -83.91 89.68
C LYS M 382 -25.60 -84.32 91.10
N GLU M 383 -24.69 -84.98 91.81
CA GLU M 383 -24.75 -85.08 93.26
C GLU M 383 -23.79 -84.12 93.93
N LEU M 384 -22.64 -83.90 93.30
CA LEU M 384 -21.75 -82.85 93.75
C LEU M 384 -22.41 -81.48 93.63
N ARG M 385 -23.35 -81.32 92.70
CA ARG M 385 -24.10 -80.08 92.63
C ARG M 385 -24.86 -79.83 93.92
N ARG M 386 -25.57 -80.86 94.40
CA ARG M 386 -26.30 -80.74 95.66
C ARG M 386 -25.36 -80.51 96.84
N GLU M 387 -24.25 -81.25 96.87
CA GLU M 387 -23.30 -81.08 97.97
C GLU M 387 -22.72 -79.68 97.98
N ILE M 388 -22.38 -79.15 96.81
CA ILE M 388 -21.85 -77.78 96.72
C ILE M 388 -22.90 -76.77 97.13
N SER M 389 -24.15 -76.96 96.70
CA SER M 389 -25.21 -76.05 97.11
C SER M 389 -25.32 -75.99 98.62
N TYR M 390 -25.32 -77.15 99.27
CA TYR M 390 -25.43 -77.16 100.73
C TYR M 390 -24.20 -76.55 101.39
N ALA M 391 -23.00 -76.80 100.84
CA ALA M 391 -21.80 -76.19 101.39
C ALA M 391 -21.86 -74.67 101.30
N ILE M 392 -22.34 -74.15 100.16
CA ILE M 392 -22.48 -72.71 100.00
C ILE M 392 -23.47 -72.17 101.03
N LYS M 393 -24.61 -72.83 101.17
CA LYS M 393 -25.64 -72.36 102.08
C LYS M 393 -25.30 -72.62 103.54
N ASN M 394 -24.20 -73.30 103.84
CA ASN M 394 -23.86 -73.56 105.23
C ASN M 394 -22.56 -72.95 105.72
N ILE M 395 -21.61 -72.63 104.84
CA ILE M 395 -20.34 -72.10 105.35
C ILE M 395 -20.35 -70.59 105.55
N HIS M 396 -21.35 -69.89 105.00
CA HIS M 396 -21.63 -68.54 105.48
C HIS M 396 -23.04 -68.61 106.06
N GLY M 397 -23.24 -69.62 106.90
CA GLY M 397 -24.56 -70.15 107.15
C GLY M 397 -25.54 -69.20 107.79
N ILE M 398 -25.08 -68.26 108.60
CA ILE M 398 -26.02 -67.38 109.30
C ILE M 398 -26.34 -66.11 108.53
N ARG M 399 -25.47 -65.68 107.63
CA ARG M 399 -25.57 -64.36 107.03
C ARG M 399 -25.51 -64.45 105.51
N THR M 400 -26.24 -63.57 104.85
CA THR M 400 -26.31 -63.57 103.40
C THR M 400 -24.93 -63.41 102.77
N GLY M 401 -24.43 -64.49 102.16
CA GLY M 401 -23.14 -64.43 101.52
C GLY M 401 -23.23 -63.76 100.18
N LEU M 402 -22.63 -62.58 100.08
CA LEU M 402 -22.64 -61.81 98.84
C LEU M 402 -21.44 -62.12 97.97
N PHE M 403 -20.61 -63.07 98.36
CA PHE M 403 -19.47 -63.52 97.58
C PHE M 403 -19.42 -65.04 97.65
N THR M 404 -19.06 -65.67 96.54
CA THR M 404 -19.01 -67.11 96.49
C THR M 404 -17.95 -67.62 97.46
N PRO M 405 -18.30 -68.43 98.45
CA PRO M 405 -17.36 -68.80 99.50
C PRO M 405 -16.36 -69.84 99.02
N ASP M 406 -15.38 -70.08 99.87
CA ASP M 406 -14.11 -70.73 99.50
C ASP M 406 -13.90 -72.07 100.17
N MET M 407 -14.26 -72.19 101.45
CA MET M 407 -14.16 -73.47 102.12
C MET M 407 -15.01 -74.54 101.46
N ALA M 408 -16.02 -74.15 100.69
CA ALA M 408 -16.79 -75.14 99.93
C ALA M 408 -15.95 -75.75 98.83
N PHE M 409 -15.24 -74.92 98.06
CA PHE M 409 -14.29 -75.43 97.07
C PHE M 409 -13.26 -76.32 97.73
N GLU M 410 -12.72 -75.87 98.87
CA GLU M 410 -11.72 -76.68 99.57
C GLU M 410 -12.30 -78.02 99.98
N THR M 411 -13.52 -78.03 100.52
CA THR M 411 -14.14 -79.27 100.96
C THR M 411 -14.43 -80.22 99.81
N ILE M 412 -14.89 -79.70 98.67
CA ILE M 412 -15.15 -80.57 97.53
C ILE M 412 -13.87 -81.19 97.00
N VAL M 413 -12.83 -80.38 96.79
CA VAL M 413 -11.60 -80.94 96.23
C VAL M 413 -10.94 -81.88 97.24
N LYS M 414 -11.04 -81.58 98.53
CA LYS M 414 -10.46 -82.47 99.54
C LYS M 414 -11.23 -83.78 99.62
N LYS M 415 -12.55 -83.73 99.44
CA LYS M 415 -13.36 -84.95 99.42
C LYS M 415 -13.14 -85.75 98.14
N GLN M 416 -12.64 -85.13 97.08
CA GLN M 416 -12.44 -85.84 95.83
C GLN M 416 -11.02 -86.34 95.63
N VAL M 417 -10.02 -85.72 96.24
CA VAL M 417 -8.64 -86.15 96.04
C VAL M 417 -8.23 -87.16 97.11
N LYS M 418 -9.21 -87.68 97.86
CA LYS M 418 -8.92 -88.75 98.80
C LYS M 418 -9.30 -90.12 98.28
N LYS M 419 -9.95 -90.21 97.13
CA LYS M 419 -10.21 -91.50 96.49
C LYS M 419 -9.02 -92.01 95.69
N ILE M 420 -7.96 -91.20 95.56
CA ILE M 420 -6.78 -91.62 94.83
C ILE M 420 -5.99 -92.69 95.58
N ARG M 421 -6.28 -92.90 96.87
CA ARG M 421 -5.53 -93.86 97.65
C ARG M 421 -5.62 -95.27 97.10
N GLU M 422 -6.71 -95.62 96.42
CA GLU M 422 -6.83 -96.97 95.88
C GLU M 422 -6.00 -97.16 94.61
N PRO M 423 -6.16 -96.33 93.57
CA PRO M 423 -5.41 -96.58 92.33
C PRO M 423 -3.90 -96.57 92.52
N CYS M 424 -3.37 -95.70 93.37
CA CYS M 424 -1.93 -95.63 93.55
C CYS M 424 -1.40 -96.90 94.22
N LEU M 425 -2.08 -97.39 95.26
CA LEU M 425 -1.66 -98.63 95.89
C LEU M 425 -1.80 -99.80 94.94
N LYS M 426 -2.84 -99.81 94.11
CA LYS M 426 -2.98 -100.86 93.12
C LYS M 426 -1.81 -100.83 92.13
N CYS M 427 -1.41 -99.63 91.70
CA CYS M 427 -0.27 -99.51 90.81
C CYS M 427 1.00 -100.02 91.47
N VAL M 428 1.22 -99.68 92.74
CA VAL M 428 2.42 -100.13 93.43
C VAL M 428 2.45 -101.65 93.52
N ASP M 429 1.33 -102.26 93.89
CA ASP M 429 1.30 -103.72 93.99
C ASP M 429 1.47 -104.39 92.63
N MET M 430 0.91 -103.80 91.58
CA MET M 430 1.06 -104.35 90.24
C MET M 430 2.51 -104.32 89.79
N VAL M 431 3.19 -103.20 90.04
CA VAL M 431 4.62 -103.10 89.73
C VAL M 431 5.42 -104.10 90.55
N ILE M 432 5.04 -104.28 91.83
CA ILE M 432 5.72 -105.27 92.65
C ILE M 432 5.60 -106.66 92.03
N SER M 433 4.39 -107.00 91.57
CA SER M 433 4.19 -108.31 90.97
C SER M 433 5.06 -108.50 89.74
N GLU M 434 5.06 -107.51 88.84
CA GLU M 434 5.85 -107.71 87.62
C GLU M 434 7.34 -107.74 87.93
N LEU M 435 7.79 -106.98 88.92
CA LEU M 435 9.21 -106.95 89.24
C LEU M 435 9.66 -108.22 89.95
N ILE M 436 8.77 -108.90 90.68
CA ILE M 436 9.13 -110.21 91.19
C ILE M 436 9.15 -111.23 90.07
N SER M 437 8.23 -111.11 89.10
CA SER M 437 8.25 -112.01 87.96
C SER M 437 9.54 -111.85 87.17
N THR M 438 10.02 -110.61 87.03
CA THR M 438 11.28 -110.37 86.33
C THR M 438 12.45 -111.02 87.05
N VAL M 439 12.50 -110.93 88.38
CA VAL M 439 13.57 -111.57 89.12
C VAL M 439 13.55 -113.08 88.93
N ARG M 440 12.36 -113.69 89.00
CA ARG M 440 12.31 -115.13 88.77
C ARG M 440 12.73 -115.48 87.34
N GLN M 441 12.30 -114.68 86.36
CA GLN M 441 12.60 -114.96 84.97
C GLN M 441 14.10 -114.85 84.69
N CYS M 442 14.77 -113.87 85.29
CA CYS M 442 16.19 -113.66 85.07
C CYS M 442 17.06 -114.41 86.08
N THR M 443 16.45 -115.17 86.98
CA THR M 443 17.18 -116.17 87.74
C THR M 443 17.02 -117.57 87.18
N LYS M 444 15.98 -117.81 86.39
CA LYS M 444 15.79 -119.14 85.79
C LYS M 444 17.04 -119.64 85.08
N LYS M 445 17.74 -118.76 84.39
CA LYS M 445 18.94 -119.17 83.67
C LYS M 445 20.11 -119.49 84.57
N LEU M 446 19.94 -119.50 85.89
CA LEU M 446 21.00 -119.88 86.81
C LEU M 446 20.86 -121.33 87.24
N GLN M 447 20.00 -122.09 86.57
CA GLN M 447 19.72 -123.48 86.92
C GLN M 447 20.94 -124.38 86.84
N GLN M 448 22.10 -123.82 86.44
CA GLN M 448 23.34 -124.59 86.49
C GLN M 448 23.61 -125.09 87.90
N TYR M 449 23.53 -124.20 88.88
CA TYR M 449 23.63 -124.59 90.27
C TYR M 449 22.26 -124.54 90.91
N PRO M 450 21.68 -125.65 91.34
CA PRO M 450 20.53 -125.59 92.25
C PRO M 450 21.01 -125.21 93.64
N ARG M 451 20.04 -124.93 94.51
CA ARG M 451 20.26 -124.54 95.90
C ARG M 451 20.92 -123.19 96.04
N LEU M 452 21.28 -122.53 94.94
CA LEU M 452 21.71 -121.15 94.97
C LEU M 452 20.73 -120.21 94.28
N ARG M 453 20.05 -120.67 93.25
CA ARG M 453 18.94 -119.89 92.70
C ARG M 453 17.86 -119.69 93.74
N GLU M 454 17.61 -120.72 94.56
CA GLU M 454 16.62 -120.60 95.62
C GLU M 454 17.03 -119.51 96.60
N GLU M 455 18.29 -119.51 97.04
CA GLU M 455 18.75 -118.48 97.97
C GLU M 455 18.68 -117.09 97.35
N MET M 456 19.11 -116.97 96.08
CA MET M 456 19.12 -115.66 95.44
C MET M 456 17.72 -115.10 95.30
N GLU M 457 16.77 -115.93 94.85
CA GLU M 457 15.39 -115.48 94.75
C GLU M 457 14.82 -115.16 96.14
N ARG M 458 15.09 -116.01 97.13
CA ARG M 458 14.60 -115.80 98.48
C ARG M 458 15.16 -114.54 99.12
N ILE M 459 16.32 -114.07 98.69
CA ILE M 459 16.87 -112.84 99.22
C ILE M 459 16.33 -111.63 98.48
N VAL M 460 16.35 -111.66 97.14
CA VAL M 460 15.90 -110.49 96.39
C VAL M 460 14.41 -110.25 96.61
N THR M 461 13.60 -111.30 96.59
CA THR M 461 12.16 -111.13 96.76
C THR M 461 11.84 -110.63 98.17
N THR M 462 12.54 -111.13 99.19
CA THR M 462 12.33 -110.62 100.53
C THR M 462 12.72 -109.14 100.61
N HIS M 463 13.79 -108.74 99.92
CA HIS M 463 14.15 -107.33 99.91
C HIS M 463 13.05 -106.49 99.26
N ILE M 464 12.50 -106.97 98.14
CA ILE M 464 11.44 -106.22 97.47
C ILE M 464 10.21 -106.11 98.36
N ARG M 465 9.87 -107.18 99.07
CA ARG M 465 8.73 -107.12 99.98
C ARG M 465 9.01 -106.18 101.15
N GLU M 466 10.23 -106.20 101.69
CA GLU M 466 10.59 -105.27 102.76
C GLU M 466 10.60 -103.83 102.28
N ARG M 467 10.71 -103.60 100.97
CA ARG M 467 10.65 -102.27 100.41
C ARG M 467 9.25 -101.82 100.02
N GLU M 468 8.33 -102.76 99.80
CA GLU M 468 6.97 -102.37 99.42
C GLU M 468 6.30 -101.55 100.51
N GLY M 469 6.59 -101.87 101.79
CA GLY M 469 6.00 -101.10 102.86
C GLY M 469 6.40 -99.64 102.80
N ARG M 470 7.70 -99.38 102.63
CA ARG M 470 8.17 -98.00 102.56
C ARG M 470 7.61 -97.28 101.34
N THR M 471 7.58 -97.94 100.19
CA THR M 471 7.09 -97.23 99.02
C THR M 471 5.59 -96.95 99.12
N LYS M 472 4.82 -97.88 99.68
CA LYS M 472 3.39 -97.61 99.88
C LYS M 472 3.18 -96.50 100.90
N GLU M 473 4.01 -96.46 101.95
CA GLU M 473 3.90 -95.38 102.92
C GLU M 473 4.15 -94.03 102.27
N GLN M 474 5.19 -93.92 101.46
CA GLN M 474 5.46 -92.65 100.77
C GLN M 474 4.37 -92.34 99.75
N VAL M 475 3.80 -93.35 99.09
CA VAL M 475 2.72 -93.11 98.15
C VAL M 475 1.52 -92.51 98.85
N MET M 476 1.14 -93.08 99.99
CA MET M 476 0.03 -92.51 100.76
C MET M 476 0.36 -91.09 101.22
N LEU M 477 1.59 -90.88 101.70
CA LEU M 477 1.95 -89.59 102.25
C LEU M 477 1.98 -88.50 101.18
N LEU M 478 2.27 -88.84 99.93
CA LEU M 478 2.28 -87.83 98.88
C LEU M 478 0.88 -87.24 98.67
N ILE M 479 -0.12 -88.09 98.48
CA ILE M 479 -1.48 -87.57 98.30
C ILE M 479 -1.99 -86.98 99.60
N ASP M 480 -1.59 -87.52 100.75
CA ASP M 480 -1.99 -86.91 102.01
C ASP M 480 -1.44 -85.49 102.13
N ILE M 481 -0.25 -85.25 101.59
CA ILE M 481 0.26 -83.89 101.46
C ILE M 481 -0.61 -83.09 100.50
N GLU M 482 -1.00 -83.70 99.39
CA GLU M 482 -1.85 -83.00 98.43
C GLU M 482 -3.17 -82.54 99.05
N LEU M 483 -3.66 -83.28 100.04
CA LEU M 483 -4.87 -82.91 100.76
C LEU M 483 -4.66 -81.76 101.75
N ALA M 484 -3.59 -81.00 101.66
CA ALA M 484 -3.31 -80.01 102.70
C ALA M 484 -3.56 -78.57 102.28
N TYR M 485 -3.16 -78.15 101.09
CA TYR M 485 -3.07 -76.73 100.81
C TYR M 485 -4.01 -76.24 99.70
N MET M 486 -4.25 -77.05 98.67
CA MET M 486 -5.13 -76.65 97.57
C MET M 486 -4.65 -75.37 96.91
N ASN M 487 -3.45 -75.43 96.34
CA ASN M 487 -2.84 -74.26 95.72
C ASN M 487 -3.69 -73.76 94.55
N THR M 488 -3.79 -72.44 94.43
CA THR M 488 -4.61 -71.86 93.38
C THR M 488 -3.87 -70.73 92.67
N ASN M 489 -2.63 -70.45 93.06
CA ASN M 489 -1.80 -69.51 92.32
C ASN M 489 -0.90 -70.25 91.35
N HIS M 490 -1.24 -71.49 91.03
CA HIS M 490 -0.60 -72.26 89.98
C HIS M 490 -1.15 -71.76 88.64
N GLU M 491 -0.88 -72.48 87.56
CA GLU M 491 -1.50 -72.09 86.30
C GLU M 491 -3.00 -72.37 86.26
N ASP M 492 -3.59 -72.83 87.38
CA ASP M 492 -5.03 -72.86 87.51
C ASP M 492 -5.61 -71.47 87.24
N PHE M 493 -6.57 -71.40 86.32
CA PHE M 493 -7.14 -70.12 85.95
C PHE M 493 -8.01 -69.57 87.07
N ILE M 494 -8.06 -68.24 87.16
CA ILE M 494 -8.84 -67.56 88.18
C ILE M 494 -10.33 -67.83 87.96
N PRO M 653 -31.72 -69.45 91.38
CA PRO M 653 -31.28 -68.24 92.09
C PRO M 653 -29.84 -67.88 91.77
N GLN M 654 -29.10 -67.45 92.78
CA GLN M 654 -27.66 -67.28 92.68
C GLN M 654 -26.91 -68.57 92.96
N LEU M 655 -27.60 -69.57 93.51
CA LEU M 655 -26.96 -70.84 93.83
C LEU M 655 -26.47 -71.55 92.57
N GLU M 656 -27.26 -71.50 91.50
CA GLU M 656 -26.83 -72.19 90.28
C GLU M 656 -25.56 -71.57 89.71
N ARG M 657 -25.49 -70.23 89.67
CA ARG M 657 -24.26 -69.59 89.19
C ARG M 657 -23.08 -69.88 90.11
N GLN M 658 -23.31 -69.85 91.42
CA GLN M 658 -22.23 -70.16 92.36
C GLN M 658 -21.73 -71.59 92.18
N VAL M 659 -22.65 -72.54 92.01
CA VAL M 659 -22.25 -73.94 91.85
C VAL M 659 -21.55 -74.16 90.52
N GLU M 660 -22.01 -73.49 89.46
CA GLU M 660 -21.30 -73.61 88.18
C GLU M 660 -19.89 -73.06 88.30
N THR M 661 -19.72 -71.92 88.97
CA THR M 661 -18.39 -71.37 89.14
C THR M 661 -17.52 -72.28 90.00
N ILE M 662 -18.12 -72.96 90.98
CA ILE M 662 -17.36 -73.88 91.82
C ILE M 662 -16.95 -75.12 91.03
N ARG M 663 -17.84 -75.62 90.17
CA ARG M 663 -17.52 -76.81 89.38
C ARG M 663 -16.45 -76.51 88.34
N ASN M 664 -16.53 -75.36 87.68
CA ASN M 664 -15.52 -75.01 86.68
C ASN M 664 -14.14 -74.88 87.30
N LEU M 665 -14.05 -74.70 88.62
CA LEU M 665 -12.77 -74.66 89.31
C LEU M 665 -12.38 -76.03 89.87
N VAL M 666 -13.37 -76.78 90.36
CA VAL M 666 -13.10 -78.10 90.90
C VAL M 666 -12.57 -79.02 89.81
N ASP M 667 -13.14 -78.94 88.60
CA ASP M 667 -12.64 -79.77 87.51
C ASP M 667 -11.20 -79.41 87.16
N SER M 668 -10.90 -78.10 87.10
CA SER M 668 -9.54 -77.68 86.78
C SER M 668 -8.56 -78.18 87.83
N TYR M 669 -8.89 -78.03 89.11
CA TYR M 669 -7.95 -78.46 90.13
C TYR M 669 -7.85 -79.98 90.20
N MET M 670 -8.93 -80.69 89.85
CA MET M 670 -8.85 -82.13 89.71
C MET M 670 -7.86 -82.52 88.63
N ALA M 671 -7.90 -81.83 87.48
CA ALA M 671 -6.94 -82.11 86.43
C ALA M 671 -5.52 -81.79 86.88
N ILE M 672 -5.34 -80.67 87.60
CA ILE M 672 -3.98 -80.26 87.97
C ILE M 672 -3.41 -81.11 89.10
N VAL M 673 -4.25 -81.72 89.93
CA VAL M 673 -3.74 -82.67 90.89
C VAL M 673 -3.54 -84.05 90.27
N ASN M 674 -4.33 -84.39 89.25
CA ASN M 674 -4.09 -85.61 88.52
C ASN M 674 -2.75 -85.56 87.80
N LYS M 675 -2.43 -84.43 87.19
CA LYS M 675 -1.13 -84.29 86.53
C LYS M 675 0.01 -84.49 87.51
N THR M 676 -0.10 -83.87 88.69
CA THR M 676 0.97 -83.91 89.67
C THR M 676 1.09 -85.27 90.34
N VAL M 677 0.01 -86.02 90.49
CA VAL M 677 0.13 -87.37 91.02
C VAL M 677 0.58 -88.35 89.93
N ARG M 678 0.21 -88.08 88.67
CA ARG M 678 0.65 -88.92 87.57
C ARG M 678 2.13 -88.76 87.27
N ASP M 679 2.69 -87.57 87.50
CA ASP M 679 4.12 -87.38 87.29
C ASP M 679 4.96 -87.84 88.47
N LEU M 680 4.35 -88.10 89.62
CA LEU M 680 5.11 -88.48 90.80
C LEU M 680 4.74 -89.85 91.35
N MET M 681 3.84 -90.58 90.70
CA MET M 681 3.66 -91.97 91.10
C MET M 681 4.80 -92.85 90.56
N PRO M 682 5.17 -92.74 89.26
CA PRO M 682 6.34 -93.48 88.80
C PRO M 682 7.58 -93.16 89.61
N LYS M 683 7.92 -91.87 89.66
CA LYS M 683 9.14 -91.46 90.36
C LYS M 683 9.14 -91.95 91.80
N THR M 684 7.97 -91.89 92.46
CA THR M 684 7.89 -92.37 93.84
C THR M 684 8.18 -93.86 93.93
N ILE M 685 7.59 -94.65 93.03
CA ILE M 685 7.79 -96.09 93.09
C ILE M 685 9.27 -96.43 92.87
N MET M 686 9.87 -95.86 91.84
CA MET M 686 11.18 -96.29 91.40
C MET M 686 12.29 -95.82 92.33
N HIS M 687 12.20 -94.57 92.80
CA HIS M 687 13.23 -94.09 93.72
C HIS M 687 13.27 -94.91 94.99
N LEU M 688 12.17 -95.56 95.35
CA LEU M 688 12.13 -96.38 96.54
C LEU M 688 12.26 -97.87 96.25
N MET M 689 11.68 -98.35 95.15
CA MET M 689 11.66 -99.77 94.84
C MET M 689 12.78 -100.17 93.88
N ILE M 690 12.81 -99.59 92.68
CA ILE M 690 13.64 -100.12 91.62
C ILE M 690 15.06 -99.58 91.72
N ASN M 691 15.20 -98.26 91.79
CA ASN M 691 16.53 -97.69 91.93
C ASN M 691 17.11 -97.92 93.32
N ASN M 692 16.45 -98.73 94.13
CA ASN M 692 17.03 -99.23 95.37
C ASN M 692 17.29 -100.72 95.34
N THR M 693 16.41 -101.52 94.72
CA THR M 693 16.72 -102.93 94.55
C THR M 693 17.90 -103.11 93.61
N LYS M 694 18.08 -102.20 92.65
CA LYS M 694 19.24 -102.26 91.76
C LYS M 694 20.53 -102.08 92.56
N GLU M 695 20.56 -101.09 93.44
CA GLU M 695 21.75 -100.90 94.27
C GLU M 695 21.91 -102.03 95.27
N PHE M 696 20.82 -102.60 95.76
CA PHE M 696 20.95 -103.79 96.60
C PHE M 696 21.62 -104.92 95.85
N ILE M 697 21.20 -105.15 94.59
CA ILE M 697 21.81 -106.19 93.78
C ILE M 697 23.29 -105.90 93.57
N PHE M 698 23.62 -104.67 93.20
CA PHE M 698 24.99 -104.32 92.85
C PHE M 698 25.91 -104.18 94.06
N SER M 699 25.38 -104.07 95.27
CA SER M 699 26.23 -103.86 96.44
C SER M 699 26.13 -104.96 97.47
N GLU M 700 24.92 -105.31 97.92
CA GLU M 700 24.74 -106.07 99.14
C GLU M 700 24.46 -107.55 98.91
N LEU M 701 24.07 -107.95 97.70
CA LEU M 701 23.72 -109.34 97.45
C LEU M 701 24.90 -110.26 97.70
N LEU M 702 26.10 -109.84 97.26
CA LEU M 702 27.29 -110.67 97.42
C LEU M 702 27.58 -110.94 98.88
N ALA M 703 27.44 -109.92 99.73
CA ALA M 703 27.71 -110.12 101.16
C ALA M 703 26.78 -111.15 101.76
N ASN M 704 25.48 -111.03 101.49
CA ASN M 704 24.52 -111.98 102.06
C ASN M 704 24.80 -113.40 101.56
N LEU M 705 25.04 -113.54 100.26
CA LEU M 705 25.26 -114.87 99.69
C LEU M 705 26.53 -115.50 100.25
N TYR M 706 27.61 -114.73 100.41
CA TYR M 706 28.83 -115.31 100.94
C TYR M 706 28.75 -115.54 102.44
N SER M 707 27.93 -114.75 103.15
CA SER M 707 27.85 -114.86 104.60
C SER M 707 26.90 -115.95 105.06
N CYS M 708 25.92 -116.32 104.24
CA CYS M 708 25.03 -117.41 104.65
C CYS M 708 25.83 -118.70 104.76
N GLY M 709 25.42 -119.54 105.71
CA GLY M 709 26.23 -120.67 106.11
C GLY M 709 26.30 -121.76 105.07
N ASP M 710 27.23 -122.69 105.31
CA ASP M 710 27.43 -123.89 104.50
C ASP M 710 27.74 -123.52 103.05
N GLN M 711 28.90 -122.91 102.88
CA GLN M 711 29.43 -122.58 101.57
C GLN M 711 29.48 -123.80 100.66
N ASN M 712 29.81 -124.97 101.22
CA ASN M 712 29.95 -126.17 100.42
C ASN M 712 28.62 -126.60 99.80
N THR M 713 27.50 -126.25 100.43
CA THR M 713 26.19 -126.62 99.90
C THR M 713 25.47 -125.47 99.22
N LEU M 714 25.94 -124.23 99.39
CA LEU M 714 25.35 -123.14 98.64
C LEU M 714 25.59 -123.32 97.15
N MET M 715 26.76 -123.82 96.76
CA MET M 715 27.06 -124.18 95.38
C MET M 715 27.04 -125.69 95.27
N GLU M 716 25.88 -126.24 94.93
CA GLU M 716 25.75 -127.65 94.58
C GLU M 716 26.00 -127.82 93.09
N GLU M 717 26.97 -128.66 92.75
CA GLU M 717 27.10 -129.10 91.38
C GLU M 717 25.84 -129.85 90.97
N SER M 718 25.20 -129.40 89.90
CA SER M 718 24.08 -130.13 89.36
C SER M 718 24.60 -131.33 88.59
N ALA M 719 23.81 -132.41 88.60
CA ALA M 719 24.20 -133.61 87.87
C ALA M 719 24.45 -133.29 86.40
N GLU M 720 23.67 -132.36 85.84
CA GLU M 720 23.83 -132.02 84.44
C GLU M 720 25.23 -131.45 84.17
N GLN M 721 25.63 -130.43 84.92
CA GLN M 721 26.92 -129.81 84.62
C GLN M 721 28.07 -130.72 85.04
N ALA M 722 27.90 -131.51 86.10
CA ALA M 722 28.98 -132.39 86.52
C ALA M 722 29.22 -133.51 85.50
N GLN M 723 28.15 -134.15 85.04
CA GLN M 723 28.30 -135.17 84.01
C GLN M 723 28.83 -134.56 82.71
N ARG M 724 28.35 -133.37 82.34
CA ARG M 724 28.85 -132.71 81.15
C ARG M 724 30.35 -132.43 81.27
N ARG M 725 30.78 -131.96 82.45
CA ARG M 725 32.18 -131.63 82.65
C ARG M 725 33.06 -132.87 82.57
N ASP M 726 32.63 -133.96 83.22
CA ASP M 726 33.42 -135.20 83.15
C ASP M 726 33.48 -135.74 81.73
N GLU M 727 32.36 -135.65 81.01
CA GLU M 727 32.34 -136.15 79.64
C GLU M 727 33.20 -135.28 78.73
N MET M 728 33.23 -133.96 78.98
CA MET M 728 34.21 -133.10 78.32
C MET M 728 35.64 -133.56 78.58
N LEU M 729 35.95 -133.89 79.83
CA LEU M 729 37.31 -134.32 80.16
C LEU M 729 37.68 -135.59 79.40
N ARG M 730 36.77 -136.56 79.40
CA ARG M 730 37.01 -137.81 78.68
C ARG M 730 37.12 -137.57 77.18
N MET M 731 36.29 -136.67 76.65
CA MET M 731 36.35 -136.34 75.23
C MET M 731 37.68 -135.71 74.86
N TYR M 732 38.17 -134.80 75.70
CA TYR M 732 39.47 -134.17 75.44
C TYR M 732 40.59 -135.20 75.46
N HIS M 733 40.56 -136.11 76.43
CA HIS M 733 41.60 -137.15 76.48
C HIS M 733 41.53 -138.06 75.25
N ALA M 734 40.32 -138.43 74.84
CA ALA M 734 40.17 -139.28 73.66
C ALA M 734 40.65 -138.57 72.40
N LEU M 735 40.35 -137.28 72.27
CA LEU M 735 40.85 -136.52 71.12
C LEU M 735 42.38 -136.41 71.15
N LYS M 736 42.97 -136.24 72.33
CA LYS M 736 44.42 -136.24 72.42
C LYS M 736 45.00 -137.57 71.94
N GLU M 737 44.39 -138.68 72.35
CA GLU M 737 44.85 -139.99 71.89
C GLU M 737 44.69 -140.12 70.38
N ALA M 738 43.57 -139.63 69.83
CA ALA M 738 43.34 -139.72 68.40
C ALA M 738 44.38 -138.94 67.61
N LEU M 739 44.72 -137.73 68.06
CA LEU M 739 45.74 -136.97 67.37
C LEU M 739 47.13 -137.59 67.54
N SER M 740 47.40 -138.22 68.67
CA SER M 740 48.66 -138.97 68.79
C SER M 740 48.71 -140.13 67.81
N ILE M 741 47.58 -140.81 67.61
CA ILE M 741 47.53 -141.91 66.66
C ILE M 741 47.72 -141.40 65.24
N ILE M 742 47.10 -140.26 64.90
CA ILE M 742 47.35 -139.66 63.59
C ILE M 742 48.83 -139.34 63.41
N GLY M 743 49.45 -138.79 64.45
CA GLY M 743 50.87 -138.48 64.37
C GLY M 743 51.72 -139.72 64.11
N ASN M 744 51.44 -140.80 64.84
CA ASN M 744 52.24 -142.02 64.73
C ASN M 744 51.84 -142.89 63.55
N ILE M 745 50.76 -142.57 62.83
CA ILE M 745 50.37 -143.30 61.64
C ILE M 745 50.79 -142.57 60.37
N ASN M 746 50.66 -141.24 60.35
CA ASN M 746 51.06 -140.46 59.18
C ASN M 746 52.54 -140.63 58.87
N THR M 747 53.35 -140.99 59.86
CA THR M 747 54.77 -141.23 59.64
C THR M 747 55.00 -142.60 59.02
N ILE N 10 29.27 -177.24 -11.40
CA ILE N 10 29.13 -175.81 -11.23
C ILE N 10 27.65 -175.46 -11.10
N PRO N 11 27.34 -174.48 -10.26
CA PRO N 11 25.93 -174.16 -9.98
C PRO N 11 25.20 -173.63 -11.21
N LEU N 12 23.92 -173.99 -11.29
CA LEU N 12 23.10 -173.59 -12.43
C LEU N 12 22.85 -172.09 -12.44
N VAL N 13 22.87 -171.43 -11.29
CA VAL N 13 22.76 -169.97 -11.29
C VAL N 13 24.00 -169.35 -11.93
N ASN N 14 25.18 -169.89 -11.64
CA ASN N 14 26.39 -169.44 -12.35
C ASN N 14 26.28 -169.70 -13.84
N ARG N 15 25.78 -170.87 -14.23
CA ARG N 15 25.66 -171.14 -15.67
C ARG N 15 24.66 -170.20 -16.32
N LEU N 16 23.57 -169.89 -15.64
CA LEU N 16 22.60 -168.92 -16.15
C LEU N 16 23.21 -167.54 -16.31
N GLN N 17 24.02 -167.12 -15.33
CA GLN N 17 24.70 -165.84 -15.45
C GLN N 17 25.70 -165.84 -16.61
N ASP N 18 26.39 -166.96 -16.80
CA ASP N 18 27.29 -167.08 -17.95
C ASP N 18 26.52 -166.92 -19.25
N ALA N 19 25.35 -167.56 -19.35
CA ALA N 19 24.54 -167.44 -20.55
C ALA N 19 24.03 -166.01 -20.74
N PHE N 20 23.70 -165.34 -19.64
CA PHE N 20 23.27 -163.94 -19.73
C PHE N 20 24.39 -163.04 -20.24
N SER N 21 25.61 -163.25 -19.73
CA SER N 21 26.74 -162.50 -20.24
C SER N 21 26.98 -162.81 -21.71
N ALA N 22 26.79 -164.08 -22.11
CA ALA N 22 26.97 -164.46 -23.51
C ALA N 22 25.98 -163.74 -24.41
N ILE N 23 24.70 -163.73 -24.03
CA ILE N 23 23.73 -162.99 -24.84
C ILE N 23 24.00 -161.50 -24.77
N GLY N 24 24.70 -161.04 -23.74
CA GLY N 24 25.18 -159.67 -23.68
C GLY N 24 24.11 -158.61 -23.53
N GLN N 25 22.83 -158.97 -23.58
CA GLN N 25 21.78 -157.99 -23.34
C GLN N 25 21.88 -157.48 -21.90
N ASN N 26 21.50 -156.21 -21.71
CA ASN N 26 21.67 -155.55 -20.42
C ASN N 26 20.61 -156.04 -19.43
N ALA N 27 20.65 -157.35 -19.18
CA ALA N 27 19.76 -158.00 -18.23
C ALA N 27 20.59 -158.60 -17.09
N ASP N 28 19.94 -158.76 -15.94
CA ASP N 28 20.61 -159.29 -14.76
C ASP N 28 19.61 -160.11 -13.96
N LEU N 29 20.13 -161.06 -13.19
CA LEU N 29 19.28 -161.92 -12.37
C LEU N 29 18.73 -161.18 -11.16
N ASP N 30 19.24 -159.98 -10.86
CA ASP N 30 18.75 -159.14 -9.77
C ASP N 30 18.89 -159.83 -8.42
N LEU N 31 20.10 -160.26 -8.11
CA LEU N 31 20.37 -160.86 -6.81
C LEU N 31 20.37 -159.79 -5.73
N PRO N 32 20.03 -160.15 -4.50
CA PRO N 32 20.19 -159.20 -3.39
C PRO N 32 21.66 -158.99 -3.07
N GLN N 33 21.96 -157.82 -2.53
CA GLN N 33 23.32 -157.54 -2.10
C GLN N 33 23.63 -158.28 -0.81
N ILE N 34 24.91 -158.44 -0.53
CA ILE N 34 25.38 -159.10 0.69
C ILE N 34 26.19 -158.10 1.49
N ALA N 35 25.96 -158.05 2.80
CA ALA N 35 26.74 -157.20 3.69
C ALA N 35 27.29 -158.06 4.80
N VAL N 36 28.60 -157.96 5.04
CA VAL N 36 29.25 -158.71 6.12
C VAL N 36 29.49 -157.76 7.27
N VAL N 37 28.99 -158.11 8.45
CA VAL N 37 29.05 -157.24 9.61
C VAL N 37 29.38 -158.06 10.85
N GLY N 38 29.99 -157.41 11.83
CA GLY N 38 30.36 -158.08 13.05
C GLY N 38 31.14 -157.13 13.95
N GLY N 39 31.71 -157.70 15.01
CA GLY N 39 32.55 -156.94 15.89
C GLY N 39 33.93 -156.74 15.33
N GLN N 40 34.68 -155.82 15.95
CA GLN N 40 36.04 -155.58 15.53
C GLN N 40 36.90 -156.82 15.77
N SER N 41 37.76 -157.13 14.81
CA SER N 41 38.62 -158.31 14.81
C SER N 41 37.83 -159.61 14.85
N ALA N 42 36.61 -159.61 14.33
CA ALA N 42 35.82 -160.84 14.28
C ALA N 42 36.37 -161.79 13.22
N GLY N 43 36.69 -161.27 12.04
CA GLY N 43 37.10 -162.10 10.92
C GLY N 43 36.29 -161.83 9.67
N LYS N 44 35.64 -160.66 9.65
CA LYS N 44 34.70 -160.33 8.59
C LYS N 44 35.39 -160.29 7.22
N SER N 45 36.48 -159.55 7.12
CA SER N 45 37.18 -159.43 5.85
C SER N 45 37.74 -160.77 5.39
N SER N 46 38.24 -161.57 6.34
CA SER N 46 38.78 -162.88 5.97
C SER N 46 37.70 -163.80 5.43
N VAL N 47 36.53 -163.81 6.08
CA VAL N 47 35.42 -164.61 5.57
C VAL N 47 35.00 -164.13 4.19
N LEU N 48 34.95 -162.81 4.00
CA LEU N 48 34.55 -162.28 2.70
C LEU N 48 35.52 -162.70 1.61
N GLU N 49 36.82 -162.60 1.86
CA GLU N 49 37.77 -162.95 0.81
C GLU N 49 37.79 -164.45 0.56
N ASN N 50 37.57 -165.26 1.60
CA ASN N 50 37.52 -166.70 1.39
C ASN N 50 36.28 -167.11 0.62
N PHE N 51 35.17 -166.38 0.81
CA PHE N 51 33.98 -166.61 0.00
C PHE N 51 34.21 -166.21 -1.45
N VAL N 52 34.93 -165.10 -1.66
CA VAL N 52 35.27 -164.70 -3.03
C VAL N 52 36.14 -165.76 -3.68
N GLY N 53 37.14 -166.26 -2.95
CA GLY N 53 38.04 -167.28 -3.43
C GLY N 53 39.45 -166.80 -3.65
N ARG N 54 39.69 -165.50 -3.66
CA ARG N 54 40.99 -164.93 -3.98
C ARG N 54 41.33 -163.85 -2.97
N ASP N 55 42.59 -163.81 -2.55
CA ASP N 55 43.04 -163.01 -1.42
C ASP N 55 43.40 -161.61 -1.88
N PHE N 56 42.49 -160.66 -1.68
CA PHE N 56 42.74 -159.27 -2.09
C PHE N 56 42.18 -158.28 -1.07
N LEU N 57 42.13 -158.66 0.20
CA LEU N 57 41.54 -157.79 1.21
C LEU N 57 42.52 -157.58 2.36
N PRO N 58 42.49 -156.38 2.98
CA PRO N 58 43.38 -156.10 4.10
C PRO N 58 42.95 -156.91 5.32
N ARG N 59 43.89 -157.69 5.88
CA ARG N 59 43.60 -158.56 7.01
C ARG N 59 44.77 -158.52 7.98
N GLY N 60 44.53 -158.02 9.18
CA GLY N 60 45.56 -157.98 10.22
C GLY N 60 44.94 -157.72 11.56
N SER N 61 45.78 -157.82 12.59
CA SER N 61 45.33 -157.54 13.94
C SER N 61 45.08 -156.05 14.12
N GLY N 62 44.22 -155.72 15.08
CA GLY N 62 43.85 -154.34 15.30
C GLY N 62 42.76 -153.91 14.34
N ILE N 63 42.63 -152.60 14.18
CA ILE N 63 41.67 -152.02 13.26
C ILE N 63 42.29 -152.02 11.85
N VAL N 64 41.63 -152.72 10.93
CA VAL N 64 42.17 -152.88 9.58
C VAL N 64 41.15 -152.41 8.56
N THR N 65 39.98 -153.05 8.53
CA THR N 65 38.91 -152.69 7.60
C THR N 65 38.27 -151.40 8.10
N ARG N 66 38.90 -150.28 7.77
CA ARG N 66 38.53 -148.99 8.32
C ARG N 66 37.78 -148.10 7.31
N ARG N 67 37.18 -148.70 6.28
CA ARG N 67 36.41 -147.93 5.31
C ARG N 67 35.49 -148.87 4.55
N PRO N 68 34.22 -148.52 4.35
CA PRO N 68 33.28 -149.46 3.74
C PRO N 68 33.65 -149.79 2.30
N LEU N 69 33.99 -151.04 2.06
CA LEU N 69 34.39 -151.51 0.74
C LEU N 69 33.17 -152.10 0.03
N VAL N 70 32.71 -151.42 -1.02
CA VAL N 70 31.59 -151.89 -1.82
C VAL N 70 32.19 -152.65 -3.01
N LEU N 71 32.34 -153.95 -2.82
CA LEU N 71 32.78 -154.88 -3.86
C LEU N 71 31.63 -155.19 -4.80
N GLN N 72 31.95 -155.31 -6.09
CA GLN N 72 31.00 -155.82 -7.07
C GLN N 72 31.70 -156.92 -7.87
N LEU N 73 31.39 -158.17 -7.54
CA LEU N 73 31.83 -159.29 -8.37
C LEU N 73 30.97 -159.35 -9.62
N VAL N 74 31.60 -159.33 -10.79
CA VAL N 74 30.89 -159.40 -12.06
C VAL N 74 31.55 -160.47 -12.91
N ASN N 75 30.83 -160.86 -13.97
CA ASN N 75 31.26 -161.94 -14.84
C ASN N 75 31.83 -161.40 -16.13
N ALA N 76 32.97 -161.96 -16.55
CA ALA N 76 33.61 -161.59 -17.79
C ALA N 76 34.53 -162.74 -18.22
N THR N 77 35.26 -162.50 -19.30
CA THR N 77 36.09 -163.56 -19.86
C THR N 77 37.24 -163.95 -18.91
N THR N 78 37.99 -162.95 -18.43
CA THR N 78 39.10 -163.21 -17.53
C THR N 78 39.15 -162.13 -16.46
N GLU N 79 39.90 -162.41 -15.41
CA GLU N 79 39.80 -161.70 -14.14
C GLU N 79 40.74 -160.51 -14.07
N TYR N 80 40.24 -159.42 -13.49
CA TYR N 80 41.01 -158.26 -13.10
C TYR N 80 40.18 -157.47 -12.10
N ALA N 81 40.64 -156.27 -11.77
CA ALA N 81 39.91 -155.43 -10.82
C ALA N 81 40.07 -153.97 -11.20
N GLU N 82 39.03 -153.19 -10.97
CA GLU N 82 39.06 -151.76 -11.24
C GLU N 82 38.39 -151.01 -10.10
N PHE N 83 39.01 -149.91 -9.69
CA PHE N 83 38.45 -149.01 -8.69
C PHE N 83 37.63 -147.94 -9.41
N LEU N 84 37.18 -146.94 -8.67
CA LEU N 84 36.55 -145.75 -9.25
C LEU N 84 37.39 -144.50 -9.06
N HIS N 85 38.69 -144.66 -8.81
CA HIS N 85 39.59 -143.53 -8.77
C HIS N 85 40.78 -143.71 -9.71
N CYS N 86 41.28 -144.93 -9.87
CA CYS N 86 42.31 -145.23 -10.86
C CYS N 86 41.67 -145.59 -12.19
N LYS N 87 40.86 -144.65 -12.70
CA LYS N 87 40.07 -144.89 -13.90
C LYS N 87 40.97 -145.24 -15.07
N GLY N 88 40.60 -146.30 -15.79
CA GLY N 88 41.38 -146.83 -16.89
C GLY N 88 42.34 -147.92 -16.48
N LYS N 89 42.93 -147.80 -15.29
CA LYS N 89 43.88 -148.80 -14.82
C LYS N 89 43.17 -150.12 -14.55
N LYS N 90 43.88 -151.21 -14.81
CA LYS N 90 43.35 -152.56 -14.63
C LYS N 90 44.28 -153.32 -13.69
N PHE N 91 44.02 -153.20 -12.39
CA PHE N 91 44.79 -153.95 -11.41
C PHE N 91 44.60 -155.44 -11.65
N THR N 92 45.70 -156.17 -11.65
CA THR N 92 45.65 -157.59 -11.97
C THR N 92 46.24 -158.48 -10.90
N ASP N 93 47.31 -158.06 -10.23
CA ASP N 93 47.89 -158.85 -9.16
C ASP N 93 47.37 -158.34 -7.81
N PHE N 94 46.91 -159.29 -6.99
CA PHE N 94 46.11 -158.97 -5.83
C PHE N 94 46.94 -158.40 -4.69
N GLU N 95 48.25 -158.63 -4.67
CA GLU N 95 49.10 -157.89 -3.75
C GLU N 95 49.02 -156.39 -4.05
N GLU N 96 49.12 -156.02 -5.33
CA GLU N 96 48.94 -154.63 -5.72
C GLU N 96 47.54 -154.14 -5.40
N VAL N 97 46.53 -155.00 -5.60
CA VAL N 97 45.16 -154.61 -5.28
C VAL N 97 45.03 -154.27 -3.80
N ARG N 98 45.56 -155.13 -2.94
CA ARG N 98 45.46 -154.91 -1.50
C ARG N 98 46.23 -153.67 -1.07
N LEU N 99 47.42 -153.46 -1.63
CA LEU N 99 48.19 -152.26 -1.29
C LEU N 99 47.46 -151.01 -1.72
N GLU N 100 46.84 -151.03 -2.91
CA GLU N 100 46.06 -149.89 -3.35
C GLU N 100 44.86 -149.66 -2.43
N ILE N 101 44.23 -150.74 -1.97
CA ILE N 101 43.08 -150.59 -1.07
C ILE N 101 43.51 -149.90 0.22
N GLU N 102 44.59 -150.38 0.84
CA GLU N 102 45.00 -149.79 2.11
C GLU N 102 45.49 -148.35 1.93
N ALA N 103 46.19 -148.07 0.82
CA ALA N 103 46.60 -146.71 0.55
C ALA N 103 45.41 -145.79 0.34
N GLU N 104 44.38 -146.28 -0.35
CA GLU N 104 43.18 -145.47 -0.56
C GLU N 104 42.48 -145.19 0.76
N THR N 105 42.41 -146.19 1.64
CA THR N 105 41.83 -145.96 2.96
C THR N 105 42.62 -144.89 3.71
N ASP N 106 43.95 -144.99 3.69
CA ASP N 106 44.77 -144.06 4.46
C ASP N 106 44.69 -142.65 3.90
N ARG N 107 44.55 -142.51 2.59
CA ARG N 107 44.60 -141.19 1.98
C ARG N 107 43.45 -140.28 2.44
N VAL N 108 42.40 -140.84 3.02
CA VAL N 108 41.29 -140.05 3.55
C VAL N 108 41.14 -140.22 5.05
N THR N 109 41.32 -141.44 5.56
CA THR N 109 41.13 -141.68 6.99
C THR N 109 42.29 -141.13 7.81
N GLY N 110 43.52 -141.27 7.32
CA GLY N 110 44.69 -140.96 8.09
C GLY N 110 45.37 -142.22 8.61
N THR N 111 46.55 -142.03 9.20
CA THR N 111 47.38 -143.12 9.67
C THR N 111 47.38 -143.23 11.20
N ASN N 112 46.24 -142.95 11.82
CA ASN N 112 46.09 -143.05 13.27
C ASN N 112 44.76 -143.72 13.62
N LYS N 113 44.44 -144.79 12.90
CA LYS N 113 43.27 -145.62 13.17
C LYS N 113 41.95 -144.87 13.01
N GLY N 114 41.96 -143.75 12.29
CA GLY N 114 40.72 -143.09 11.97
C GLY N 114 39.93 -143.85 10.92
N ILE N 115 38.64 -143.55 10.82
CA ILE N 115 37.76 -144.19 9.85
C ILE N 115 37.01 -143.11 9.07
N SER N 116 36.39 -143.53 7.97
CA SER N 116 35.66 -142.63 7.10
C SER N 116 34.48 -143.39 6.48
N PRO N 117 33.28 -142.83 6.53
CA PRO N 117 32.11 -143.54 5.99
C PRO N 117 31.99 -143.52 4.47
N VAL N 118 32.88 -142.83 3.77
CA VAL N 118 32.78 -142.72 2.31
C VAL N 118 33.17 -144.05 1.67
N PRO N 119 32.29 -144.64 0.87
CA PRO N 119 32.55 -146.00 0.37
C PRO N 119 33.66 -146.04 -0.67
N ILE N 120 34.45 -147.11 -0.62
CA ILE N 120 35.40 -147.44 -1.68
C ILE N 120 34.70 -148.36 -2.66
N ASN N 121 34.40 -147.86 -3.85
CA ASN N 121 33.68 -148.64 -4.86
C ASN N 121 34.69 -149.43 -5.68
N LEU N 122 34.66 -150.75 -5.56
CA LEU N 122 35.60 -151.61 -6.27
C LEU N 122 34.82 -152.64 -7.07
N ARG N 123 35.36 -153.04 -8.22
CA ARG N 123 34.72 -154.04 -9.06
C ARG N 123 35.75 -155.09 -9.45
N VAL N 124 35.36 -156.35 -9.36
CA VAL N 124 36.22 -157.47 -9.73
C VAL N 124 35.52 -158.23 -10.85
N TYR N 125 36.31 -158.72 -11.80
CA TYR N 125 35.78 -159.54 -12.88
C TYR N 125 36.25 -160.97 -12.69
N SER N 126 35.37 -161.92 -13.03
CA SER N 126 35.69 -163.32 -12.84
C SER N 126 34.86 -164.14 -13.82
N PRO N 127 35.34 -165.33 -14.20
CA PRO N 127 34.61 -166.09 -15.23
C PRO N 127 33.32 -166.74 -14.75
N HIS N 128 33.24 -167.14 -13.49
CA HIS N 128 32.11 -167.94 -13.02
C HIS N 128 31.58 -167.41 -11.69
N VAL N 129 31.30 -166.12 -11.62
CA VAL N 129 30.70 -165.53 -10.44
C VAL N 129 29.45 -164.76 -10.86
N LEU N 130 28.53 -164.60 -9.90
CA LEU N 130 27.33 -163.81 -10.13
C LEU N 130 27.69 -162.33 -10.19
N ASN N 131 26.73 -161.53 -10.67
CA ASN N 131 26.81 -160.08 -10.54
C ASN N 131 26.42 -159.68 -9.12
N LEU N 132 27.24 -160.11 -8.18
CA LEU N 132 26.95 -159.90 -6.77
C LEU N 132 27.30 -158.46 -6.37
N THR N 133 26.96 -158.11 -5.13
CA THR N 133 27.30 -156.80 -4.57
C THR N 133 27.66 -157.04 -3.11
N LEU N 134 28.94 -157.23 -2.85
CA LEU N 134 29.44 -157.49 -1.51
C LEU N 134 29.76 -156.17 -0.82
N VAL N 135 29.55 -156.12 0.48
CA VAL N 135 29.84 -154.92 1.26
C VAL N 135 30.61 -155.35 2.50
N ASP N 136 31.90 -155.03 2.54
CA ASP N 136 32.69 -155.20 3.75
C ASP N 136 32.63 -153.90 4.54
N LEU N 137 32.48 -154.02 5.84
CA LEU N 137 32.25 -152.87 6.71
C LEU N 137 33.20 -152.95 7.90
N PRO N 138 33.51 -151.80 8.51
CA PRO N 138 34.30 -151.83 9.75
C PRO N 138 33.53 -152.49 10.88
N GLY N 139 34.28 -153.08 11.80
CA GLY N 139 33.69 -153.69 12.98
C GLY N 139 33.14 -152.64 13.93
N MET N 140 32.37 -153.12 14.89
CA MET N 140 31.71 -152.24 15.85
C MET N 140 32.57 -152.08 17.09
N THR N 141 32.83 -150.84 17.47
CA THR N 141 33.63 -150.51 18.65
C THR N 141 32.87 -149.52 19.50
N LYS N 142 33.18 -149.51 20.80
CA LYS N 142 32.53 -148.60 21.74
C LYS N 142 33.45 -147.49 22.23
N VAL N 143 34.67 -147.81 22.62
CA VAL N 143 35.63 -146.82 23.10
C VAL N 143 36.50 -146.35 21.94
N PRO N 144 36.55 -145.05 21.65
CA PRO N 144 37.43 -144.57 20.59
C PRO N 144 38.90 -144.81 20.94
N VAL N 145 39.69 -145.11 19.92
CA VAL N 145 41.12 -145.32 20.04
C VAL N 145 41.81 -144.45 19.00
N GLY N 146 43.04 -144.04 19.31
CA GLY N 146 43.75 -143.16 18.39
C GLY N 146 43.08 -141.79 18.34
N ASP N 147 42.77 -141.33 17.13
CA ASP N 147 42.19 -140.01 16.93
C ASP N 147 40.72 -140.07 16.53
N GLN N 148 40.06 -141.20 16.76
CA GLN N 148 38.65 -141.30 16.42
C GLN N 148 37.83 -140.36 17.29
N PRO N 149 36.72 -139.82 16.77
CA PRO N 149 35.87 -138.96 17.56
C PRO N 149 35.24 -139.73 18.71
N PRO N 150 34.82 -139.05 19.78
CA PRO N 150 34.27 -139.76 20.95
C PRO N 150 33.02 -140.57 20.63
N ASP N 151 32.28 -140.23 19.57
CA ASP N 151 31.06 -140.95 19.21
C ASP N 151 31.32 -141.98 18.12
N ILE N 152 32.50 -142.62 18.15
CA ILE N 152 32.86 -143.59 17.13
C ILE N 152 31.88 -144.75 17.11
N GLU N 153 31.31 -145.10 18.27
CA GLU N 153 30.35 -146.21 18.30
C GLU N 153 29.13 -145.87 17.46
N PHE N 154 28.52 -144.71 17.71
CA PHE N 154 27.35 -144.31 16.92
C PHE N 154 27.72 -144.12 15.46
N GLN N 155 28.92 -143.61 15.20
CA GLN N 155 29.34 -143.40 13.81
C GLN N 155 29.38 -144.71 13.05
N ILE N 156 30.07 -145.72 13.59
CA ILE N 156 30.11 -147.03 12.94
C ILE N 156 28.71 -147.63 12.87
N ARG N 157 27.94 -147.49 13.95
CA ARG N 157 26.61 -148.09 13.99
C ARG N 157 25.74 -147.58 12.86
N ASP N 158 25.48 -146.28 12.82
CA ASP N 158 24.58 -145.77 11.78
C ASP N 158 25.23 -145.86 10.40
N MET N 159 26.56 -145.83 10.33
CA MET N 159 27.25 -145.97 9.04
C MET N 159 26.98 -147.33 8.41
N LEU N 160 27.00 -148.40 9.21
CA LEU N 160 26.65 -149.70 8.66
C LEU N 160 25.14 -149.95 8.63
N MET N 161 24.38 -149.23 9.46
CA MET N 161 22.93 -149.33 9.42
C MET N 161 22.40 -148.79 8.11
N GLN N 162 22.97 -147.71 7.60
CA GLN N 162 22.54 -147.15 6.33
C GLN N 162 22.77 -148.12 5.17
N PHE N 163 23.61 -149.13 5.36
CA PHE N 163 23.80 -150.16 4.33
C PHE N 163 23.02 -151.43 4.61
N VAL N 164 22.74 -151.76 5.86
CA VAL N 164 22.10 -153.03 6.18
C VAL N 164 20.58 -152.90 6.21
N THR N 165 20.08 -151.77 6.73
CA THR N 165 18.65 -151.64 6.96
C THR N 165 17.83 -151.69 5.67
N LYS N 166 18.46 -151.48 4.52
CA LYS N 166 17.74 -151.64 3.26
C LYS N 166 17.39 -153.10 3.03
N GLU N 167 16.30 -153.32 2.31
CA GLU N 167 15.85 -154.67 1.99
C GLU N 167 16.80 -155.26 0.95
N ASN N 168 16.54 -156.52 0.57
CA ASN N 168 17.39 -157.31 -0.33
C ASN N 168 18.86 -157.15 0.03
N CYS N 169 19.16 -157.18 1.32
CA CYS N 169 20.53 -157.05 1.83
C CYS N 169 20.74 -158.21 2.81
N LEU N 170 21.22 -159.33 2.29
CA LEU N 170 21.56 -160.45 3.14
C LEU N 170 22.63 -160.02 4.13
N ILE N 171 22.58 -160.58 5.33
CA ILE N 171 23.49 -160.21 6.41
C ILE N 171 24.34 -161.41 6.76
N LEU N 172 25.65 -161.22 6.80
CA LEU N 172 26.58 -162.20 7.34
C LEU N 172 27.01 -161.71 8.72
N ALA N 173 26.40 -162.27 9.76
CA ALA N 173 26.71 -161.90 11.13
C ALA N 173 27.92 -162.73 11.57
N VAL N 174 29.08 -162.09 11.61
CA VAL N 174 30.32 -162.75 11.97
C VAL N 174 30.55 -162.61 13.46
N SER N 175 30.81 -163.72 14.12
CA SER N 175 31.13 -163.68 15.53
C SER N 175 32.29 -164.62 15.81
N PRO N 176 33.23 -164.23 16.64
CA PRO N 176 34.30 -165.14 17.03
C PRO N 176 33.77 -166.22 17.97
N ALA N 177 34.51 -167.31 18.04
CA ALA N 177 34.22 -168.36 19.01
C ALA N 177 34.96 -168.13 20.32
N ASN N 178 35.67 -167.00 20.44
CA ASN N 178 36.40 -166.70 21.67
C ASN N 178 35.48 -166.09 22.71
N SER N 179 34.91 -164.93 22.39
CA SER N 179 33.92 -164.32 23.27
C SER N 179 32.66 -165.17 23.31
N ASP N 180 31.98 -165.12 24.45
CA ASP N 180 30.68 -165.78 24.56
C ASP N 180 29.72 -165.15 23.56
N LEU N 181 28.89 -166.01 22.95
CA LEU N 181 28.03 -165.58 21.86
C LEU N 181 27.09 -164.45 22.27
N ALA N 182 26.79 -164.35 23.57
CA ALA N 182 25.86 -163.34 24.06
C ALA N 182 26.36 -161.92 23.81
N ASN N 183 27.66 -161.73 23.59
CA ASN N 183 28.22 -160.41 23.38
C ASN N 183 28.24 -159.98 21.92
N SER N 184 27.68 -160.77 21.01
CA SER N 184 27.90 -160.57 19.58
C SER N 184 27.29 -159.27 19.07
N ASP N 185 28.16 -158.30 18.77
CA ASP N 185 27.71 -157.07 18.13
C ASP N 185 27.08 -157.34 16.78
N ALA N 186 27.46 -158.43 16.13
CA ALA N 186 26.82 -158.80 14.87
C ALA N 186 25.37 -159.24 15.11
N LEU N 187 25.17 -160.12 16.09
CA LEU N 187 23.83 -160.62 16.37
C LEU N 187 22.91 -159.52 16.87
N LYS N 188 23.45 -158.56 17.62
CA LYS N 188 22.60 -157.45 18.07
C LYS N 188 21.99 -156.72 16.88
N VAL N 189 22.81 -156.31 15.93
CA VAL N 189 22.30 -155.61 14.75
C VAL N 189 21.43 -156.53 13.91
N ALA N 190 21.80 -157.81 13.82
CA ALA N 190 21.04 -158.75 13.02
C ALA N 190 19.61 -158.87 13.54
N LYS N 191 19.46 -159.08 14.85
CA LYS N 191 18.12 -159.17 15.44
C LYS N 191 17.44 -157.80 15.51
N GLU N 192 18.19 -156.71 15.43
CA GLU N 192 17.58 -155.39 15.45
C GLU N 192 16.94 -155.04 14.11
N VAL N 193 17.57 -155.44 13.00
CA VAL N 193 17.09 -155.02 11.68
C VAL N 193 16.30 -156.13 11.01
N ASP N 194 16.58 -157.38 11.37
CA ASP N 194 15.93 -158.55 10.79
C ASP N 194 15.43 -159.40 11.95
N PRO N 195 14.28 -159.05 12.52
CA PRO N 195 13.81 -159.77 13.71
C PRO N 195 13.56 -161.24 13.47
N GLN N 196 12.80 -161.59 12.42
CA GLN N 196 12.50 -162.99 12.15
C GLN N 196 13.70 -163.77 11.67
N GLY N 197 14.81 -163.11 11.33
CA GLY N 197 15.98 -163.81 10.86
C GLY N 197 15.79 -164.50 9.53
N GLN N 198 15.14 -163.84 8.58
CA GLN N 198 14.90 -164.43 7.26
C GLN N 198 15.95 -164.06 6.23
N ARG N 199 16.75 -163.03 6.49
CA ARG N 199 17.85 -162.65 5.61
C ARG N 199 19.14 -162.51 6.40
N THR N 200 19.30 -163.33 7.43
CA THR N 200 20.46 -163.31 8.30
C THR N 200 21.09 -164.68 8.37
N ILE N 201 22.41 -164.74 8.24
CA ILE N 201 23.15 -165.97 8.35
C ILE N 201 24.30 -165.75 9.32
N GLY N 202 24.43 -166.65 10.30
CA GLY N 202 25.43 -166.52 11.34
C GLY N 202 26.64 -167.38 11.04
N VAL N 203 27.82 -166.79 11.21
CA VAL N 203 29.08 -167.50 11.01
C VAL N 203 29.94 -167.34 12.25
N ILE N 204 30.54 -168.44 12.67
CA ILE N 204 31.37 -168.50 13.87
C ILE N 204 32.80 -168.75 13.41
N THR N 205 33.67 -167.78 13.68
CA THR N 205 35.07 -167.85 13.29
C THR N 205 35.92 -168.26 14.49
N LYS N 206 37.22 -168.41 14.24
CA LYS N 206 38.21 -168.62 15.30
C LYS N 206 37.90 -169.85 16.15
N LEU N 207 37.29 -170.87 15.55
CA LEU N 207 36.96 -172.08 16.29
C LEU N 207 38.20 -172.82 16.79
N ASP N 208 39.38 -172.48 16.28
CA ASP N 208 40.62 -173.08 16.75
C ASP N 208 41.21 -172.35 17.95
N LEU N 209 40.62 -171.22 18.36
CA LEU N 209 41.16 -170.40 19.42
C LEU N 209 40.34 -170.49 20.70
N MET N 210 39.54 -171.54 20.86
CA MET N 210 38.71 -171.68 22.04
C MET N 210 39.52 -172.24 23.19
N ASP N 211 39.09 -171.91 24.40
CA ASP N 211 39.82 -172.30 25.60
C ASP N 211 39.81 -173.82 25.78
N GLU N 212 40.85 -174.32 26.43
CA GLU N 212 40.96 -175.75 26.69
C GLU N 212 39.75 -176.23 27.48
N GLY N 213 39.17 -177.34 27.04
CA GLY N 213 38.01 -177.90 27.69
C GLY N 213 36.69 -177.29 27.27
N THR N 214 36.72 -176.27 26.42
CA THR N 214 35.49 -175.63 25.94
C THR N 214 35.29 -175.98 24.47
N ASP N 215 34.03 -175.98 24.05
CA ASP N 215 33.68 -176.26 22.67
C ASP N 215 32.42 -175.49 22.30
N ALA N 216 32.27 -175.21 21.01
CA ALA N 216 31.13 -174.46 20.51
C ALA N 216 30.00 -175.36 20.02
N ARG N 217 29.88 -176.56 20.60
CA ARG N 217 28.83 -177.48 20.18
C ARG N 217 27.45 -176.89 20.42
N ASP N 218 27.24 -176.29 21.59
CA ASP N 218 25.92 -175.79 21.96
C ASP N 218 25.44 -174.67 21.04
N VAL N 219 26.36 -173.98 20.36
CA VAL N 219 25.97 -172.87 19.50
C VAL N 219 25.94 -173.32 18.05
N LEU N 220 26.84 -174.24 17.67
CA LEU N 220 26.83 -174.72 16.30
C LEU N 220 25.66 -175.66 16.04
N GLU N 221 25.16 -176.36 17.05
CA GLU N 221 23.92 -177.10 16.91
C GLU N 221 22.69 -176.18 16.96
N ASN N 222 22.90 -174.87 16.94
CA ASN N 222 21.82 -173.89 16.86
C ASN N 222 20.85 -174.03 18.01
N LYS N 223 21.37 -174.39 19.19
CA LYS N 223 20.55 -174.55 20.39
C LYS N 223 20.70 -173.39 21.36
N LEU N 224 21.92 -172.89 21.56
CA LEU N 224 22.14 -171.83 22.52
C LEU N 224 21.36 -170.58 22.15
N LEU N 225 21.51 -170.11 20.92
CA LEU N 225 20.72 -169.00 20.39
C LEU N 225 20.13 -169.48 19.07
N PRO N 226 18.97 -170.15 19.11
CA PRO N 226 18.37 -170.69 17.88
C PRO N 226 18.13 -169.61 16.83
N LEU N 227 18.85 -169.74 15.71
CA LEU N 227 18.67 -168.88 14.55
C LEU N 227 18.18 -169.73 13.40
N ARG N 228 17.29 -169.16 12.58
CA ARG N 228 16.61 -169.95 11.57
C ARG N 228 17.57 -170.57 10.57
N ARG N 229 18.54 -169.79 10.10
CA ARG N 229 19.42 -170.25 9.03
C ARG N 229 20.60 -171.07 9.52
N GLY N 230 20.79 -171.19 10.83
CA GLY N 230 21.88 -171.97 11.37
C GLY N 230 23.18 -171.20 11.42
N TYR N 231 24.17 -171.81 12.07
CA TYR N 231 25.47 -171.20 12.26
C TYR N 231 26.53 -172.04 11.54
N ILE N 232 27.30 -171.39 10.67
CA ILE N 232 28.35 -172.05 9.92
C ILE N 232 29.69 -171.73 10.58
N GLY N 233 30.47 -172.76 10.88
CA GLY N 233 31.73 -172.60 11.54
C GLY N 233 32.89 -172.63 10.56
N VAL N 234 33.70 -171.57 10.59
CA VAL N 234 34.84 -171.45 9.69
C VAL N 234 36.11 -171.25 10.50
N VAL N 235 37.23 -171.64 9.91
CA VAL N 235 38.54 -171.49 10.53
C VAL N 235 39.50 -170.88 9.51
N ASN N 236 39.75 -169.59 9.63
CA ASN N 236 40.57 -168.86 8.67
C ASN N 236 42.06 -169.07 8.98
N ARG N 237 42.91 -168.27 8.35
CA ARG N 237 44.34 -168.34 8.56
C ARG N 237 44.73 -167.41 9.72
N SER N 238 45.54 -167.93 10.64
CA SER N 238 45.99 -167.16 11.77
C SER N 238 46.89 -166.00 11.31
N GLN N 239 47.18 -165.09 12.23
CA GLN N 239 48.05 -163.97 11.90
C GLN N 239 49.45 -164.43 11.53
N LYS N 240 49.94 -165.47 12.22
CA LYS N 240 51.22 -166.05 11.83
C LYS N 240 51.19 -166.57 10.41
N ASP N 241 50.10 -167.26 10.04
CA ASP N 241 49.99 -167.76 8.67
C ASP N 241 49.89 -166.63 7.66
N ILE N 242 49.20 -165.54 8.03
CA ILE N 242 49.10 -164.39 7.13
C ILE N 242 50.48 -163.80 6.90
N ASP N 243 51.27 -163.65 7.97
CA ASP N 243 52.62 -163.14 7.80
C ASP N 243 53.51 -164.11 7.02
N GLY N 244 53.30 -165.41 7.18
CA GLY N 244 54.02 -166.42 6.45
C GLY N 244 53.48 -166.74 5.08
N LYS N 245 52.45 -166.01 4.64
CA LYS N 245 51.89 -166.15 3.30
C LYS N 245 51.36 -167.57 3.05
N LYS N 246 50.54 -168.06 3.97
CA LYS N 246 49.90 -169.34 3.77
C LYS N 246 48.88 -169.26 2.63
N ASP N 247 48.78 -170.35 1.88
CA ASP N 247 47.93 -170.38 0.70
C ASP N 247 46.57 -170.97 1.01
N ILE N 248 45.58 -170.57 0.19
CA ILE N 248 44.19 -170.90 0.45
C ILE N 248 43.97 -172.41 0.46
N THR N 249 44.60 -173.12 -0.47
CA THR N 249 44.34 -174.55 -0.60
C THR N 249 44.79 -175.33 0.64
N ALA N 250 46.02 -175.08 1.11
CA ALA N 250 46.48 -175.77 2.31
C ALA N 250 45.75 -175.27 3.54
N ALA N 251 45.34 -174.00 3.55
CA ALA N 251 44.53 -173.51 4.67
C ALA N 251 43.20 -174.26 4.74
N LEU N 252 42.55 -174.47 3.61
CA LEU N 252 41.30 -175.21 3.58
C LEU N 252 41.52 -176.67 3.97
N ALA N 253 42.62 -177.26 3.52
CA ALA N 253 42.94 -178.63 3.91
C ALA N 253 43.12 -178.73 5.43
N ALA N 254 43.82 -177.77 6.02
CA ALA N 254 44.00 -177.76 7.47
C ALA N 254 42.67 -177.57 8.19
N GLU N 255 41.80 -176.72 7.66
CA GLU N 255 40.48 -176.53 8.27
C GLU N 255 39.68 -177.83 8.24
N ARG N 256 39.71 -178.53 7.10
CA ARG N 256 39.03 -179.81 6.99
C ARG N 256 39.60 -180.82 7.98
N LYS N 257 40.93 -180.84 8.11
CA LYS N 257 41.57 -181.74 9.07
C LYS N 257 41.13 -181.43 10.49
N PHE N 258 41.06 -180.14 10.84
CA PHE N 258 40.64 -179.75 12.18
C PHE N 258 39.21 -180.17 12.45
N PHE N 259 38.32 -179.95 11.48
CA PHE N 259 36.93 -180.37 11.67
C PHE N 259 36.79 -181.87 11.78
N LEU N 260 37.57 -182.64 11.04
CA LEU N 260 37.52 -184.09 11.16
C LEU N 260 38.17 -184.61 12.43
N SER N 261 39.12 -183.87 13.00
CA SER N 261 39.84 -184.33 14.18
C SER N 261 39.20 -183.90 15.49
N HIS N 262 38.51 -182.77 15.52
CA HIS N 262 37.95 -182.30 16.78
C HIS N 262 36.77 -183.17 17.18
N PRO N 263 36.77 -183.77 18.36
CA PRO N 263 35.68 -184.69 18.73
C PRO N 263 34.32 -184.02 18.84
N SER N 264 34.28 -182.71 19.07
CA SER N 264 33.02 -182.01 19.29
C SER N 264 32.41 -181.44 18.02
N TYR N 265 33.04 -181.64 16.86
CA TYR N 265 32.53 -181.09 15.62
C TYR N 265 32.50 -182.09 14.46
N ARG N 266 33.13 -183.25 14.58
CA ARG N 266 33.22 -184.17 13.45
C ARG N 266 31.86 -184.63 12.97
N HIS N 267 30.88 -184.72 13.87
CA HIS N 267 29.53 -185.08 13.47
C HIS N 267 28.86 -183.98 12.65
N LEU N 268 29.42 -182.78 12.62
CA LEU N 268 28.91 -181.69 11.79
C LEU N 268 29.95 -181.18 10.80
N ALA N 269 31.03 -181.94 10.58
CA ALA N 269 32.09 -181.49 9.68
C ALA N 269 31.54 -181.26 8.27
N ASP N 270 30.59 -182.08 7.84
CA ASP N 270 30.02 -181.91 6.51
C ASP N 270 29.31 -180.57 6.38
N ARG N 271 28.56 -180.17 7.40
CA ARG N 271 27.84 -178.91 7.37
C ARG N 271 28.67 -177.71 7.81
N MET N 272 29.90 -177.94 8.29
CA MET N 272 30.77 -176.84 8.66
C MET N 272 31.80 -176.58 7.54
N GLY N 273 32.47 -175.45 7.64
CA GLY N 273 33.50 -175.10 6.69
C GLY N 273 33.07 -174.00 5.73
N THR N 274 34.09 -173.35 5.15
CA THR N 274 33.83 -172.28 4.18
C THR N 274 33.09 -172.75 2.93
N PRO N 275 33.42 -173.89 2.30
CA PRO N 275 32.64 -174.30 1.13
C PRO N 275 31.16 -174.46 1.41
N TYR N 276 30.81 -174.92 2.61
CA TYR N 276 29.39 -174.99 2.96
C TYR N 276 28.76 -173.60 3.01
N LEU N 277 29.50 -172.62 3.51
CA LEU N 277 28.98 -171.26 3.53
C LEU N 277 28.77 -170.73 2.12
N GLN N 278 29.72 -171.02 1.22
CA GLN N 278 29.53 -170.65 -0.18
C GLN N 278 28.28 -171.31 -0.75
N LYS N 279 28.09 -172.60 -0.45
CA LYS N 279 26.93 -173.33 -0.95
C LYS N 279 25.63 -172.74 -0.40
N VAL N 280 25.63 -172.33 0.88
CA VAL N 280 24.44 -171.77 1.49
C VAL N 280 24.11 -170.41 0.88
N LEU N 281 25.12 -169.59 0.64
CA LEU N 281 24.88 -168.33 -0.06
C LEU N 281 24.36 -168.59 -1.47
N ASN N 282 24.89 -169.60 -2.15
CA ASN N 282 24.37 -169.97 -3.46
C ASN N 282 22.90 -170.37 -3.37
N GLN N 283 22.54 -171.13 -2.34
CA GLN N 283 21.15 -171.53 -2.16
C GLN N 283 20.24 -170.34 -1.93
N GLN N 284 20.67 -169.40 -1.09
CA GLN N 284 19.86 -168.20 -0.84
C GLN N 284 19.69 -167.38 -2.11
N LEU N 285 20.76 -167.22 -2.87
CA LEU N 285 20.68 -166.47 -4.12
C LEU N 285 19.79 -167.19 -5.13
N THR N 286 19.85 -168.52 -5.17
CA THR N 286 18.97 -169.28 -6.05
C THR N 286 17.51 -169.06 -5.65
N ASN N 287 17.22 -169.09 -4.36
CA ASN N 287 15.85 -168.86 -3.90
C ASN N 287 15.41 -167.42 -4.11
N HIS N 288 16.34 -166.47 -4.24
CA HIS N 288 15.96 -165.08 -4.39
C HIS N 288 15.88 -164.63 -5.85
N ILE N 289 16.59 -165.28 -6.77
CA ILE N 289 16.52 -164.87 -8.17
C ILE N 289 15.14 -165.18 -8.75
N ARG N 290 14.54 -166.30 -8.35
CA ARG N 290 13.19 -166.63 -8.79
C ARG N 290 12.20 -165.65 -8.18
N ASP N 291 10.91 -165.83 -8.50
CA ASP N 291 9.81 -164.89 -8.30
C ASP N 291 9.90 -163.79 -9.36
N THR N 292 10.98 -163.74 -10.14
CA THR N 292 11.09 -162.85 -11.29
C THR N 292 11.33 -163.60 -12.59
N LEU N 293 11.73 -164.87 -12.54
CA LEU N 293 11.97 -165.65 -13.75
C LEU N 293 10.79 -165.67 -14.71
N PRO N 294 9.55 -165.92 -14.28
CA PRO N 294 8.44 -165.89 -15.25
C PRO N 294 8.32 -164.58 -15.99
N GLY N 295 8.60 -163.46 -15.31
CA GLY N 295 8.70 -162.19 -16.01
C GLY N 295 9.90 -162.16 -16.94
N LEU N 296 11.05 -162.66 -16.47
CA LEU N 296 12.26 -162.62 -17.26
C LEU N 296 12.27 -163.67 -18.37
N ARG N 297 11.72 -164.85 -18.09
CA ARG N 297 11.64 -165.88 -19.12
C ARG N 297 10.80 -165.39 -20.29
N ASN N 298 9.67 -164.74 -20.02
CA ASN N 298 8.90 -164.11 -21.08
C ASN N 298 9.68 -162.94 -21.70
N LYS N 299 10.37 -162.17 -20.86
CA LYS N 299 11.07 -160.98 -21.34
C LYS N 299 12.09 -161.33 -22.40
N LEU N 300 12.75 -162.49 -22.28
CA LEU N 300 13.65 -162.92 -23.34
C LEU N 300 13.04 -163.95 -24.29
N GLN N 301 11.88 -164.52 -23.95
CA GLN N 301 11.16 -165.34 -24.93
C GLN N 301 10.67 -164.49 -26.08
N SER N 302 10.16 -163.29 -25.78
CA SER N 302 9.79 -162.36 -26.84
C SER N 302 11.01 -161.98 -27.67
N GLN N 303 12.17 -161.84 -27.01
CA GLN N 303 13.41 -161.58 -27.72
C GLN N 303 13.72 -162.71 -28.69
N LEU N 304 13.59 -163.96 -28.25
CA LEU N 304 13.80 -165.09 -29.15
C LEU N 304 12.77 -165.10 -30.27
N LEU N 305 11.55 -164.66 -29.99
CA LEU N 305 10.51 -164.58 -31.02
C LEU N 305 10.91 -163.59 -32.11
N SER N 306 11.51 -162.46 -31.72
CA SER N 306 11.81 -161.40 -32.66
C SER N 306 12.90 -161.79 -33.67
N ILE N 307 13.58 -162.91 -33.43
CA ILE N 307 14.65 -163.37 -34.31
C ILE N 307 14.40 -164.76 -34.88
N GLU N 308 13.50 -165.56 -34.30
CA GLU N 308 13.28 -166.92 -34.80
C GLU N 308 12.93 -166.94 -36.29
N LYS N 309 12.30 -165.87 -36.79
CA LYS N 309 11.92 -165.83 -38.20
C LYS N 309 13.14 -165.84 -39.12
N GLU N 310 14.12 -164.98 -38.83
CA GLU N 310 15.34 -164.93 -39.63
C GLU N 310 16.25 -166.11 -39.33
N VAL N 311 16.17 -166.66 -38.12
CA VAL N 311 16.93 -167.86 -37.81
C VAL N 311 16.54 -169.01 -38.72
N GLU N 312 15.29 -169.01 -39.22
CA GLU N 312 14.88 -170.02 -40.17
C GLU N 312 15.72 -170.00 -41.43
N GLU N 313 15.93 -168.81 -41.99
CA GLU N 313 16.82 -168.69 -43.14
C GLU N 313 18.27 -168.97 -42.74
N TYR N 314 18.66 -168.65 -41.50
CA TYR N 314 20.07 -168.78 -41.14
C TYR N 314 20.52 -170.17 -40.68
N LYS N 315 19.63 -171.09 -40.28
CA LYS N 315 20.11 -172.37 -39.78
C LYS N 315 20.79 -173.19 -40.87
N ASN N 316 20.18 -173.25 -42.04
CA ASN N 316 20.70 -174.07 -43.14
C ASN N 316 20.93 -173.15 -44.33
N PHE N 317 22.08 -172.49 -44.33
CA PHE N 317 22.55 -171.68 -45.43
C PHE N 317 23.81 -172.33 -45.98
N ARG N 318 23.84 -172.57 -47.29
CA ARG N 318 25.04 -173.03 -47.94
C ARG N 318 25.33 -172.15 -49.14
N PRO N 319 26.56 -171.68 -49.31
CA PRO N 319 26.87 -170.84 -50.47
C PRO N 319 26.61 -171.61 -51.76
N ASP N 320 26.15 -170.87 -52.78
CA ASP N 320 25.82 -171.35 -54.12
C ASP N 320 24.48 -172.09 -54.18
N ASP N 321 23.65 -172.01 -53.14
CA ASP N 321 22.36 -172.69 -53.19
C ASP N 321 21.40 -171.99 -54.14
N PRO N 322 21.12 -172.59 -55.31
CA PRO N 322 20.27 -171.90 -56.29
C PRO N 322 18.88 -171.61 -55.78
N ALA N 323 18.30 -172.51 -54.97
CA ALA N 323 16.93 -172.31 -54.51
C ALA N 323 16.83 -171.05 -53.66
N ARG N 324 17.68 -170.95 -52.63
CA ARG N 324 17.63 -169.76 -51.78
C ARG N 324 18.02 -168.51 -52.56
N LYS N 325 19.03 -168.60 -53.42
CA LYS N 325 19.47 -167.42 -54.16
C LYS N 325 18.35 -166.88 -55.03
N THR N 326 17.72 -167.74 -55.83
CA THR N 326 16.66 -167.29 -56.73
C THR N 326 15.41 -166.85 -55.96
N LYS N 327 15.08 -167.53 -54.86
CA LYS N 327 13.94 -167.09 -54.06
C LYS N 327 14.18 -165.70 -53.49
N ALA N 328 15.39 -165.45 -52.98
CA ALA N 328 15.72 -164.13 -52.47
C ALA N 328 15.67 -163.10 -53.58
N LEU N 329 16.19 -163.43 -54.76
CA LEU N 329 16.14 -162.49 -55.87
C LEU N 329 14.71 -162.13 -56.22
N LEU N 330 13.83 -163.13 -56.30
CA LEU N 330 12.45 -162.87 -56.67
C LEU N 330 11.75 -162.01 -55.64
N GLN N 331 11.93 -162.29 -54.35
CA GLN N 331 11.26 -161.47 -53.35
C GLN N 331 11.84 -160.06 -53.31
N MET N 332 13.15 -159.91 -53.52
CA MET N 332 13.74 -158.58 -53.56
C MET N 332 13.16 -157.77 -54.70
N VAL N 333 13.04 -158.38 -55.88
CA VAL N 333 12.49 -157.69 -57.05
C VAL N 333 11.04 -157.29 -56.79
N GLN N 334 10.26 -158.19 -56.19
CA GLN N 334 8.86 -157.90 -55.94
C GLN N 334 8.71 -156.73 -54.97
N GLN N 335 9.51 -156.71 -53.89
CA GLN N 335 9.36 -155.60 -52.97
C GLN N 335 9.87 -154.31 -53.59
N PHE N 336 10.91 -154.38 -54.43
CA PHE N 336 11.36 -153.18 -55.13
C PHE N 336 10.24 -152.60 -55.98
N ALA N 337 9.56 -153.45 -56.74
CA ALA N 337 8.45 -152.96 -57.55
C ALA N 337 7.40 -152.29 -56.66
N VAL N 338 6.83 -153.05 -55.72
CA VAL N 338 5.72 -152.51 -54.96
C VAL N 338 6.12 -151.25 -54.20
N ASP N 339 7.38 -151.16 -53.79
CA ASP N 339 7.88 -149.93 -53.19
C ASP N 339 7.88 -148.80 -54.21
N PHE N 340 8.25 -149.09 -55.46
CA PHE N 340 8.26 -148.05 -56.49
C PHE N 340 6.87 -147.49 -56.72
N GLU N 341 5.87 -148.36 -56.89
CA GLU N 341 4.52 -147.82 -57.05
C GLU N 341 4.03 -147.13 -55.78
N LYS N 342 4.46 -147.61 -54.60
CA LYS N 342 4.08 -146.92 -53.37
C LYS N 342 4.63 -145.50 -53.34
N ARG N 343 5.86 -145.32 -53.84
CA ARG N 343 6.48 -144.01 -53.80
C ARG N 343 6.05 -143.11 -54.96
N ILE N 344 5.55 -143.68 -56.05
CA ILE N 344 5.15 -142.85 -57.18
C ILE N 344 3.65 -142.58 -57.13
N GLU N 345 2.83 -143.63 -57.27
CA GLU N 345 1.39 -143.44 -57.22
C GLU N 345 0.90 -143.12 -55.81
N GLY N 346 1.72 -143.36 -54.79
CA GLY N 346 1.26 -143.16 -53.42
C GLY N 346 0.18 -144.12 -53.00
N SER N 347 0.29 -145.40 -53.37
CA SER N 347 -0.67 -146.40 -52.94
C SER N 347 -0.69 -146.46 -51.42
N GLY N 348 -1.88 -146.40 -50.85
CA GLY N 348 -1.99 -146.20 -49.43
C GLY N 348 -1.53 -147.37 -48.57
N ASP N 349 -0.36 -147.21 -47.96
CA ASP N 349 0.13 -148.01 -46.85
C ASP N 349 1.49 -147.46 -46.45
N GLN N 350 1.84 -147.65 -45.18
CA GLN N 350 3.16 -147.34 -44.61
C GLN N 350 3.74 -146.04 -45.16
N ILE N 351 2.91 -145.01 -45.27
CA ILE N 351 3.29 -143.78 -45.95
C ILE N 351 4.14 -142.93 -45.02
N ASP N 352 5.32 -142.55 -45.49
CA ASP N 352 6.16 -141.61 -44.75
C ASP N 352 5.49 -140.24 -44.74
N THR N 353 5.49 -139.62 -43.57
CA THR N 353 4.92 -138.28 -43.39
C THR N 353 5.98 -137.29 -42.92
N TYR N 354 7.23 -137.52 -43.32
CA TYR N 354 8.36 -136.72 -42.87
C TYR N 354 8.92 -135.81 -43.96
N GLU N 355 8.85 -136.23 -45.21
CA GLU N 355 9.27 -135.44 -46.35
C GLU N 355 8.08 -135.20 -47.27
N LEU N 356 8.25 -134.27 -48.22
CA LEU N 356 7.19 -134.02 -49.17
C LEU N 356 6.84 -135.27 -49.97
N SER N 357 7.87 -136.04 -50.37
CA SER N 357 7.73 -137.38 -50.90
C SER N 357 9.13 -137.91 -51.21
N GLY N 358 9.19 -139.18 -51.58
CA GLY N 358 10.40 -139.71 -52.17
C GLY N 358 10.51 -139.20 -53.59
N GLY N 359 9.48 -139.48 -54.40
CA GLY N 359 9.45 -138.97 -55.75
C GLY N 359 8.08 -138.61 -56.28
N ALA N 360 7.10 -138.43 -55.39
CA ALA N 360 5.73 -138.21 -55.85
C ALA N 360 5.38 -136.73 -55.92
N ARG N 361 5.40 -136.03 -54.78
CA ARG N 361 5.13 -134.60 -54.79
C ARG N 361 6.33 -133.78 -55.22
N ILE N 362 7.55 -134.28 -55.06
CA ILE N 362 8.67 -133.59 -55.70
C ILE N 362 8.48 -133.59 -57.23
N ASN N 363 7.61 -134.46 -57.74
CA ASN N 363 7.31 -134.53 -59.17
C ASN N 363 6.05 -133.74 -59.53
N ARG N 364 4.97 -133.91 -58.78
CA ARG N 364 3.80 -133.07 -58.98
C ARG N 364 4.14 -131.58 -58.86
N ILE N 365 5.04 -131.21 -57.94
CA ILE N 365 5.37 -129.80 -57.83
C ILE N 365 6.13 -129.36 -59.07
N PHE N 366 6.84 -130.27 -59.74
CA PHE N 366 7.38 -129.93 -61.05
C PHE N 366 6.24 -129.64 -62.03
N HIS N 367 5.25 -130.53 -62.10
CA HIS N 367 4.18 -130.37 -63.08
C HIS N 367 3.35 -129.10 -62.87
N GLU N 368 3.11 -128.68 -61.63
CA GLU N 368 2.40 -127.44 -61.37
C GLU N 368 3.27 -126.36 -60.72
N ARG N 369 4.57 -126.39 -61.00
CA ARG N 369 5.47 -125.27 -60.76
C ARG N 369 6.13 -124.79 -62.04
N PHE N 370 6.35 -125.68 -63.00
CA PHE N 370 6.78 -125.37 -64.36
C PHE N 370 6.10 -124.13 -64.96
N PRO N 371 4.82 -123.88 -64.67
CA PRO N 371 4.24 -122.58 -65.02
C PRO N 371 5.05 -121.40 -64.52
N PHE N 372 5.79 -121.54 -63.41
CA PHE N 372 6.69 -120.48 -63.01
C PHE N 372 7.75 -120.25 -64.07
N GLU N 373 8.29 -121.32 -64.65
CA GLU N 373 9.25 -121.17 -65.74
C GLU N 373 8.61 -120.48 -66.94
N LEU N 374 7.41 -120.94 -67.33
CA LEU N 374 6.78 -120.34 -68.51
C LEU N 374 6.51 -118.86 -68.31
N VAL N 375 6.07 -118.47 -67.11
CA VAL N 375 5.89 -117.05 -66.82
C VAL N 375 7.23 -116.33 -66.80
N LYS N 376 8.26 -116.98 -66.25
CA LYS N 376 9.59 -116.39 -66.17
C LYS N 376 10.24 -116.25 -67.53
N MET N 377 9.62 -116.78 -68.58
CA MET N 377 10.03 -116.42 -69.93
C MET N 377 9.95 -114.89 -70.10
N GLU N 378 10.58 -114.38 -71.16
CA GLU N 378 10.92 -112.97 -71.28
C GLU N 378 9.77 -111.99 -70.94
N PHE N 379 8.71 -111.95 -71.73
CA PHE N 379 7.51 -111.13 -71.49
C PHE N 379 7.80 -109.66 -71.22
N ASP N 380 9.02 -109.16 -71.44
CA ASP N 380 9.35 -107.79 -71.04
C ASP N 380 10.06 -107.03 -72.17
N GLU N 381 9.26 -106.42 -73.06
CA GLU N 381 9.70 -105.47 -74.06
C GLU N 381 8.50 -104.73 -74.63
N LYS N 382 8.74 -103.50 -75.07
CA LYS N 382 7.93 -102.84 -76.07
C LYS N 382 8.53 -102.98 -77.46
N GLU N 383 9.73 -103.56 -77.55
CA GLU N 383 10.35 -103.84 -78.84
C GLU N 383 9.48 -104.78 -79.68
N LEU N 384 8.59 -105.53 -79.05
CA LEU N 384 7.65 -106.37 -79.78
C LEU N 384 6.82 -105.55 -80.75
N ARG N 385 6.47 -104.32 -80.37
CA ARG N 385 5.68 -103.48 -81.27
C ARG N 385 6.45 -103.15 -82.55
N ARG N 386 7.73 -102.80 -82.43
CA ARG N 386 8.56 -102.62 -83.62
C ARG N 386 8.69 -103.92 -84.39
N GLU N 387 8.83 -105.03 -83.67
CA GLU N 387 9.02 -106.33 -84.29
C GLU N 387 7.82 -106.71 -85.15
N ILE N 388 6.62 -106.32 -84.72
CA ILE N 388 5.42 -106.65 -85.50
C ILE N 388 5.12 -105.58 -86.53
N SER N 389 5.56 -104.33 -86.30
CA SER N 389 5.43 -103.31 -87.32
C SER N 389 6.26 -103.65 -88.55
N TYR N 390 7.45 -104.19 -88.34
CA TYR N 390 8.24 -104.63 -89.49
C TYR N 390 7.55 -105.77 -90.23
N ALA N 391 6.88 -106.67 -89.51
CA ALA N 391 6.13 -107.73 -90.18
C ALA N 391 5.01 -107.14 -91.03
N ILE N 392 4.29 -106.16 -90.47
CA ILE N 392 3.28 -105.43 -91.24
C ILE N 392 3.90 -104.87 -92.50
N LYS N 393 5.04 -104.21 -92.36
CA LYS N 393 5.64 -103.51 -93.49
C LYS N 393 6.27 -104.43 -94.52
N ASN N 394 6.52 -105.69 -94.16
CA ASN N 394 7.03 -106.65 -95.12
C ASN N 394 5.94 -107.42 -95.83
N ILE N 395 4.85 -107.77 -95.14
CA ILE N 395 3.75 -108.46 -95.86
C ILE N 395 2.78 -107.48 -96.50
N HIS N 396 2.94 -106.18 -96.28
CA HIS N 396 2.31 -105.18 -97.14
C HIS N 396 3.28 -104.71 -98.21
N GLY N 397 4.10 -105.64 -98.69
CA GLY N 397 5.31 -105.36 -99.44
C GLY N 397 5.24 -104.21 -100.43
N ILE N 398 4.31 -104.28 -101.37
CA ILE N 398 4.13 -103.25 -102.38
C ILE N 398 2.73 -102.62 -102.30
N ARG N 399 1.70 -103.44 -102.23
CA ARG N 399 0.34 -102.94 -102.15
C ARG N 399 0.16 -102.13 -100.88
N THR N 400 -0.96 -101.41 -100.79
CA THR N 400 -1.02 -100.31 -99.84
C THR N 400 -2.41 -100.13 -99.26
N GLY N 401 -2.44 -99.49 -98.10
CA GLY N 401 -3.61 -98.83 -97.56
C GLY N 401 -4.74 -99.71 -97.09
N LEU N 402 -4.51 -101.00 -96.91
CA LEU N 402 -5.56 -101.90 -96.50
C LEU N 402 -5.45 -102.22 -95.01
N PHE N 403 -6.52 -102.84 -94.50
CA PHE N 403 -6.88 -102.81 -93.09
C PHE N 403 -5.77 -103.26 -92.16
N THR N 404 -5.45 -104.55 -92.19
CA THR N 404 -4.46 -105.27 -91.40
C THR N 404 -4.23 -106.64 -92.02
N PRO N 405 -3.00 -107.08 -92.12
CA PRO N 405 -2.74 -108.45 -92.58
C PRO N 405 -2.67 -109.44 -91.42
N ASP N 406 -3.35 -110.58 -91.56
CA ASP N 406 -3.40 -111.54 -90.47
C ASP N 406 -2.11 -112.33 -90.33
N MET N 407 -1.36 -112.50 -91.43
CA MET N 407 -0.16 -113.30 -91.28
C MET N 407 0.89 -112.56 -90.44
N ALA N 408 0.70 -111.26 -90.18
CA ALA N 408 1.55 -110.60 -89.20
C ALA N 408 1.36 -111.24 -87.82
N PHE N 409 0.11 -111.35 -87.39
CA PHE N 409 -0.22 -112.08 -86.16
C PHE N 409 0.33 -113.50 -86.23
N GLU N 410 0.17 -114.14 -87.38
CA GLU N 410 0.68 -115.51 -87.55
C GLU N 410 2.17 -115.59 -87.27
N THR N 411 2.96 -114.75 -87.94
CA THR N 411 4.41 -114.80 -87.82
C THR N 411 4.85 -114.45 -86.42
N ILE N 412 4.17 -113.50 -85.78
CA ILE N 412 4.60 -113.10 -84.45
C ILE N 412 4.31 -114.19 -83.44
N VAL N 413 3.14 -114.84 -83.52
CA VAL N 413 2.92 -115.93 -82.58
C VAL N 413 3.85 -117.11 -82.88
N LYS N 414 4.16 -117.35 -84.15
CA LYS N 414 5.13 -118.39 -84.46
C LYS N 414 6.52 -118.08 -83.91
N LYS N 415 6.87 -116.80 -83.82
CA LYS N 415 8.14 -116.42 -83.20
C LYS N 415 8.08 -116.48 -81.68
N GLN N 416 6.92 -116.20 -81.09
CA GLN N 416 6.79 -116.22 -79.63
C GLN N 416 6.78 -117.64 -79.08
N VAL N 417 6.08 -118.56 -79.77
CA VAL N 417 5.94 -119.92 -79.25
C VAL N 417 7.08 -120.83 -79.66
N LYS N 418 8.08 -120.31 -80.38
CA LYS N 418 9.24 -121.13 -80.70
C LYS N 418 10.24 -121.16 -79.55
N LYS N 419 10.11 -120.26 -78.57
CA LYS N 419 10.98 -120.28 -77.40
C LYS N 419 10.36 -121.00 -76.22
N ILE N 420 9.13 -121.52 -76.36
CA ILE N 420 8.58 -122.44 -75.37
C ILE N 420 9.34 -123.75 -75.38
N ARG N 421 10.10 -124.01 -76.45
CA ARG N 421 10.81 -125.28 -76.59
C ARG N 421 11.84 -125.49 -75.50
N GLU N 422 12.35 -124.43 -74.89
CA GLU N 422 13.38 -124.59 -73.86
C GLU N 422 12.79 -124.95 -72.50
N PRO N 423 11.78 -124.24 -71.99
CA PRO N 423 11.25 -124.61 -70.67
C PRO N 423 10.69 -126.02 -70.60
N CYS N 424 10.06 -126.50 -71.68
CA CYS N 424 9.50 -127.85 -71.66
C CYS N 424 10.61 -128.90 -71.55
N LEU N 425 11.67 -128.74 -72.34
CA LEU N 425 12.80 -129.64 -72.22
C LEU N 425 13.47 -129.55 -70.86
N LYS N 426 13.51 -128.33 -70.28
CA LYS N 426 14.06 -128.19 -68.94
C LYS N 426 13.21 -128.94 -67.91
N CYS N 427 11.88 -128.87 -68.05
CA CYS N 427 11.02 -129.62 -67.15
C CYS N 427 11.21 -131.13 -67.32
N VAL N 428 11.39 -131.58 -68.56
CA VAL N 428 11.66 -133.00 -68.78
C VAL N 428 12.96 -133.39 -68.10
N ASP N 429 13.98 -132.54 -68.20
CA ASP N 429 15.24 -132.81 -67.50
C ASP N 429 15.05 -132.87 -66.00
N MET N 430 14.23 -131.97 -65.46
CA MET N 430 13.98 -131.98 -64.02
C MET N 430 13.26 -133.26 -63.58
N VAL N 431 12.26 -133.69 -64.36
CA VAL N 431 11.56 -134.93 -64.03
C VAL N 431 12.52 -136.11 -64.08
N ILE N 432 13.39 -136.14 -65.09
CA ILE N 432 14.43 -137.18 -65.14
C ILE N 432 15.28 -137.13 -63.88
N SER N 433 15.79 -135.95 -63.53
CA SER N 433 16.72 -135.83 -62.41
C SER N 433 16.06 -136.18 -61.09
N GLU N 434 14.73 -136.08 -61.02
CA GLU N 434 14.08 -136.39 -59.75
C GLU N 434 13.69 -137.87 -59.67
N LEU N 435 13.13 -138.41 -60.74
CA LEU N 435 12.77 -139.83 -60.73
C LEU N 435 14.00 -140.72 -60.64
N ILE N 436 15.09 -140.34 -61.31
CA ILE N 436 16.27 -141.19 -61.29
C ILE N 436 16.90 -141.20 -59.91
N SER N 437 16.65 -140.16 -59.11
CA SER N 437 17.08 -140.14 -57.72
C SER N 437 16.12 -140.90 -56.83
N THR N 438 14.83 -140.87 -57.13
CA THR N 438 13.88 -141.67 -56.36
C THR N 438 14.12 -143.16 -56.54
N VAL N 439 14.52 -143.59 -57.74
CA VAL N 439 14.90 -144.99 -57.92
C VAL N 439 16.07 -145.34 -57.02
N ARG N 440 17.06 -144.46 -56.92
CA ARG N 440 18.16 -144.68 -56.00
C ARG N 440 17.68 -144.73 -54.55
N GLN N 441 16.73 -143.86 -54.20
CA GLN N 441 16.21 -143.83 -52.85
C GLN N 441 15.50 -145.12 -52.49
N CYS N 442 14.84 -145.76 -53.46
CA CYS N 442 14.12 -147.00 -53.19
C CYS N 442 14.96 -148.24 -53.49
N THR N 443 16.19 -148.08 -53.97
CA THR N 443 17.10 -149.22 -54.09
C THR N 443 18.20 -149.24 -53.04
N LYS N 444 18.58 -148.08 -52.50
CA LYS N 444 19.69 -148.06 -51.54
C LYS N 444 19.30 -148.71 -50.22
N LYS N 445 18.07 -148.50 -49.76
CA LYS N 445 17.72 -148.88 -48.41
C LYS N 445 17.14 -150.28 -48.31
N LEU N 446 16.41 -150.75 -49.33
CA LEU N 446 15.92 -152.12 -49.30
C LEU N 446 17.05 -153.11 -49.58
N GLN N 447 17.96 -152.76 -50.47
CA GLN N 447 18.98 -153.71 -50.93
C GLN N 447 20.22 -153.59 -50.05
N GLN N 448 20.35 -154.52 -49.10
CA GLN N 448 21.63 -154.71 -48.44
C GLN N 448 22.63 -155.36 -49.39
N TYR N 449 22.14 -156.08 -50.38
CA TYR N 449 23.00 -156.83 -51.27
C TYR N 449 23.91 -155.90 -52.06
N PRO N 450 25.18 -156.23 -52.21
CA PRO N 450 26.02 -155.53 -53.18
C PRO N 450 25.83 -156.09 -54.57
N ARG N 451 25.98 -155.21 -55.54
CA ARG N 451 25.90 -155.50 -56.97
C ARG N 451 24.47 -155.77 -57.42
N LEU N 452 23.56 -155.99 -56.47
CA LEU N 452 22.14 -156.10 -56.81
C LEU N 452 21.40 -154.78 -56.61
N ARG N 453 21.99 -153.85 -55.87
CA ARG N 453 21.61 -152.45 -55.95
C ARG N 453 22.35 -151.73 -57.04
N GLU N 454 23.26 -152.42 -57.73
CA GLU N 454 23.99 -151.86 -58.87
C GLU N 454 23.37 -152.27 -60.20
N GLU N 455 23.16 -153.58 -60.41
CA GLU N 455 22.51 -154.04 -61.64
C GLU N 455 21.10 -153.49 -61.75
N MET N 456 20.37 -153.47 -60.64
CA MET N 456 18.99 -152.96 -60.66
C MET N 456 18.96 -151.49 -61.04
N GLU N 457 19.80 -150.68 -60.38
CA GLU N 457 19.85 -149.26 -60.69
C GLU N 457 20.29 -149.05 -62.14
N ARG N 458 21.30 -149.81 -62.58
CA ARG N 458 21.78 -149.65 -63.95
C ARG N 458 20.67 -149.92 -64.96
N ILE N 459 19.96 -151.04 -64.80
CA ILE N 459 18.92 -151.40 -65.76
C ILE N 459 17.81 -150.36 -65.76
N VAL N 460 17.32 -150.00 -64.57
CA VAL N 460 16.20 -149.07 -64.51
C VAL N 460 16.60 -147.71 -65.07
N THR N 461 17.79 -147.24 -64.72
CA THR N 461 18.25 -145.93 -65.18
C THR N 461 18.48 -145.92 -66.68
N THR N 462 19.01 -147.01 -67.24
CA THR N 462 19.16 -147.09 -68.69
C THR N 462 17.81 -147.05 -69.38
N HIS N 463 16.81 -147.75 -68.82
CA HIS N 463 15.49 -147.67 -69.42
C HIS N 463 14.92 -146.25 -69.36
N ILE N 464 15.14 -145.56 -68.24
CA ILE N 464 14.63 -144.20 -68.10
C ILE N 464 15.32 -143.26 -69.10
N ARG N 465 16.63 -143.40 -69.25
CA ARG N 465 17.36 -142.57 -70.20
C ARG N 465 17.13 -142.99 -71.64
N GLU N 466 16.60 -144.18 -71.86
CA GLU N 466 16.09 -144.50 -73.19
C GLU N 466 14.74 -143.84 -73.44
N ARG N 467 13.91 -143.74 -72.41
CA ARG N 467 12.61 -143.10 -72.58
C ARG N 467 12.69 -141.59 -72.69
N GLU N 468 13.76 -140.99 -72.15
CA GLU N 468 13.85 -139.53 -72.20
C GLU N 468 13.97 -139.04 -73.64
N GLY N 469 14.65 -139.81 -74.50
CA GLY N 469 14.71 -139.44 -75.89
C GLY N 469 13.34 -139.39 -76.55
N ARG N 470 12.53 -140.43 -76.32
CA ARG N 470 11.20 -140.47 -76.90
C ARG N 470 10.33 -139.33 -76.38
N THR N 471 10.39 -139.05 -75.07
CA THR N 471 9.53 -138.00 -74.55
C THR N 471 9.98 -136.62 -75.02
N LYS N 472 11.29 -136.39 -75.14
CA LYS N 472 11.74 -135.13 -75.70
C LYS N 472 11.32 -134.99 -77.16
N GLU N 473 11.39 -136.08 -77.92
CA GLU N 473 10.92 -136.05 -79.30
C GLU N 473 9.45 -135.68 -79.35
N GLN N 474 8.63 -136.27 -78.48
CA GLN N 474 7.21 -135.99 -78.50
C GLN N 474 6.92 -134.55 -78.08
N VAL N 475 7.68 -134.01 -77.13
CA VAL N 475 7.49 -132.62 -76.75
C VAL N 475 7.84 -131.69 -77.90
N MET N 476 8.97 -131.95 -78.58
CA MET N 476 9.34 -131.13 -79.73
C MET N 476 8.29 -131.22 -80.81
N LEU N 477 7.74 -132.42 -81.05
CA LEU N 477 6.74 -132.56 -82.10
C LEU N 477 5.41 -131.92 -81.70
N LEU N 478 5.11 -131.87 -80.40
CA LEU N 478 3.96 -131.11 -79.94
C LEU N 478 4.14 -129.62 -80.23
N ILE N 479 5.34 -129.09 -79.98
CA ILE N 479 5.60 -127.70 -80.32
C ILE N 479 5.46 -127.48 -81.82
N ASP N 480 6.04 -128.38 -82.62
CA ASP N 480 5.97 -128.25 -84.07
C ASP N 480 4.55 -128.42 -84.61
N ILE N 481 3.67 -129.10 -83.88
CA ILE N 481 2.25 -129.07 -84.21
C ILE N 481 1.63 -127.74 -83.84
N GLU N 482 2.01 -127.16 -82.71
CA GLU N 482 1.43 -125.88 -82.33
C GLU N 482 1.94 -124.73 -83.19
N LEU N 483 2.97 -124.97 -83.99
CA LEU N 483 3.37 -124.03 -85.05
C LEU N 483 2.79 -124.42 -86.41
N ALA N 484 1.55 -124.89 -86.49
CA ALA N 484 0.99 -125.30 -87.77
C ALA N 484 -0.26 -124.55 -88.19
N TYR N 485 -1.20 -124.32 -87.29
CA TYR N 485 -2.47 -123.76 -87.76
C TYR N 485 -2.82 -122.43 -87.14
N MET N 486 -2.52 -122.22 -85.86
CA MET N 486 -2.79 -120.95 -85.17
C MET N 486 -4.28 -120.62 -85.21
N ASN N 487 -5.06 -121.47 -84.54
CA ASN N 487 -6.51 -121.37 -84.63
C ASN N 487 -7.01 -120.06 -84.03
N THR N 488 -8.18 -119.65 -84.50
CA THR N 488 -8.87 -118.49 -83.97
C THR N 488 -10.30 -118.79 -83.60
N ASN N 489 -10.85 -119.94 -84.02
CA ASN N 489 -12.20 -120.34 -83.64
C ASN N 489 -12.31 -120.70 -82.18
N HIS N 490 -11.19 -120.80 -81.46
CA HIS N 490 -11.20 -121.10 -80.04
C HIS N 490 -11.70 -119.88 -79.27
N GLU N 491 -11.64 -119.96 -77.94
CA GLU N 491 -12.19 -118.94 -77.05
C GLU N 491 -11.33 -117.69 -76.96
N ASP N 492 -10.35 -117.44 -77.81
CA ASP N 492 -9.76 -116.11 -77.89
C ASP N 492 -10.74 -115.15 -78.55
N PHE N 493 -10.81 -113.93 -78.04
CA PHE N 493 -11.74 -112.95 -78.59
C PHE N 493 -11.16 -112.33 -79.84
N ILE N 494 -11.99 -112.21 -80.87
CA ILE N 494 -11.56 -111.68 -82.16
C ILE N 494 -11.72 -110.17 -82.19
N ASP N 652 1.23 -91.49 -86.45
CA ASP N 652 0.40 -92.68 -86.23
C ASP N 652 -0.42 -93.02 -87.47
N PRO N 653 0.25 -93.32 -88.58
CA PRO N 653 -0.48 -93.57 -89.83
C PRO N 653 -1.10 -94.95 -89.83
N GLN N 654 -2.22 -95.10 -89.13
CA GLN N 654 -2.93 -96.37 -88.94
C GLN N 654 -2.07 -97.33 -88.13
N LEU N 655 -0.85 -96.92 -87.76
CA LEU N 655 0.02 -97.80 -87.00
C LEU N 655 -0.50 -97.98 -85.59
N GLU N 656 -0.84 -96.89 -84.90
CA GLU N 656 -1.39 -97.03 -83.56
C GLU N 656 -2.74 -97.75 -83.55
N ARG N 657 -3.26 -98.10 -84.72
CA ARG N 657 -4.45 -98.94 -84.84
C ARG N 657 -4.11 -100.38 -85.16
N GLN N 658 -3.10 -100.61 -85.98
CA GLN N 658 -2.74 -101.96 -86.41
C GLN N 658 -1.78 -102.65 -85.44
N VAL N 659 -0.70 -101.96 -85.06
CA VAL N 659 0.32 -102.56 -84.20
C VAL N 659 -0.28 -102.92 -82.84
N GLU N 660 -1.10 -102.03 -82.28
CA GLU N 660 -1.70 -102.30 -80.97
C GLU N 660 -2.69 -103.45 -81.04
N THR N 661 -3.49 -103.50 -82.11
CA THR N 661 -4.42 -104.61 -82.28
C THR N 661 -3.67 -105.94 -82.41
N ILE N 662 -2.58 -105.94 -83.19
CA ILE N 662 -1.81 -107.18 -83.34
C ILE N 662 -1.22 -107.60 -82.01
N ARG N 663 -0.72 -106.64 -81.23
CA ARG N 663 -0.18 -107.00 -79.91
C ARG N 663 -1.25 -107.55 -78.99
N ASN N 664 -2.42 -106.91 -78.96
CA ASN N 664 -3.48 -107.35 -78.07
C ASN N 664 -4.15 -108.64 -78.53
N LEU N 665 -3.89 -109.07 -79.77
CA LEU N 665 -4.32 -110.40 -80.17
C LEU N 665 -3.23 -111.46 -79.96
N VAL N 666 -1.96 -111.08 -80.12
CA VAL N 666 -0.88 -112.00 -79.81
C VAL N 666 -0.91 -112.37 -78.34
N ASP N 667 -1.16 -111.41 -77.46
CA ASP N 667 -1.27 -111.73 -76.04
C ASP N 667 -2.47 -112.66 -75.78
N SER N 668 -3.60 -112.38 -76.43
CA SER N 668 -4.79 -113.18 -76.24
C SER N 668 -4.62 -114.60 -76.74
N TYR N 669 -3.73 -114.83 -77.69
CA TYR N 669 -3.45 -116.19 -78.13
C TYR N 669 -2.29 -116.83 -77.38
N MET N 670 -1.36 -116.04 -76.84
CA MET N 670 -0.33 -116.60 -75.99
C MET N 670 -0.92 -117.13 -74.70
N ALA N 671 -1.95 -116.46 -74.17
CA ALA N 671 -2.65 -117.02 -73.02
C ALA N 671 -3.14 -118.44 -73.32
N ILE N 672 -3.78 -118.64 -74.47
CA ILE N 672 -4.35 -119.94 -74.79
C ILE N 672 -3.27 -120.97 -75.07
N VAL N 673 -2.22 -120.60 -75.81
CA VAL N 673 -1.19 -121.59 -76.10
C VAL N 673 -0.44 -121.98 -74.84
N ASN N 674 -0.20 -121.02 -73.95
CA ASN N 674 0.42 -121.35 -72.67
C ASN N 674 -0.46 -122.28 -71.86
N LYS N 675 -1.77 -122.01 -71.83
CA LYS N 675 -2.67 -122.89 -71.08
C LYS N 675 -2.68 -124.30 -71.66
N THR N 676 -2.74 -124.42 -72.98
CA THR N 676 -2.82 -125.74 -73.59
C THR N 676 -1.48 -126.44 -73.70
N VAL N 677 -0.38 -125.77 -73.34
CA VAL N 677 0.87 -126.50 -73.21
C VAL N 677 1.07 -126.90 -71.76
N ARG N 678 0.61 -126.07 -70.81
CA ARG N 678 0.71 -126.45 -69.41
C ARG N 678 -0.23 -127.59 -69.07
N ASP N 679 -1.39 -127.65 -69.70
CA ASP N 679 -2.34 -128.72 -69.45
C ASP N 679 -1.96 -130.02 -70.14
N LEU N 680 -1.02 -129.99 -71.09
CA LEU N 680 -0.71 -131.15 -71.90
C LEU N 680 0.71 -131.68 -71.73
N MET N 681 1.65 -130.88 -71.25
CA MET N 681 3.03 -131.33 -71.18
C MET N 681 3.23 -132.36 -70.05
N PRO N 682 2.59 -132.21 -68.89
CA PRO N 682 2.64 -133.32 -67.92
C PRO N 682 2.12 -134.63 -68.47
N LYS N 683 1.02 -134.59 -69.25
CA LYS N 683 0.42 -135.82 -69.74
C LYS N 683 1.37 -136.58 -70.65
N THR N 684 2.06 -135.87 -71.56
CA THR N 684 2.91 -136.57 -72.52
C THR N 684 4.10 -137.22 -71.85
N ILE N 685 4.77 -136.50 -70.94
CA ILE N 685 5.90 -137.10 -70.24
C ILE N 685 5.43 -138.26 -69.38
N MET N 686 4.25 -138.14 -68.78
CA MET N 686 3.85 -139.16 -67.83
C MET N 686 3.14 -140.33 -68.52
N HIS N 687 2.87 -140.23 -69.82
CA HIS N 687 2.51 -141.39 -70.61
C HIS N 687 3.69 -142.05 -71.30
N LEU N 688 4.74 -141.29 -71.63
CA LEU N 688 5.87 -141.89 -72.32
C LEU N 688 6.97 -142.35 -71.38
N MET N 689 7.03 -141.80 -70.17
CA MET N 689 8.11 -142.11 -69.23
C MET N 689 7.60 -142.78 -67.97
N ILE N 690 6.68 -142.14 -67.23
CA ILE N 690 6.26 -142.66 -65.94
C ILE N 690 5.55 -143.99 -66.11
N ASN N 691 4.44 -143.99 -66.83
CA ASN N 691 3.61 -145.16 -67.02
C ASN N 691 4.22 -146.15 -68.01
N ASN N 692 5.45 -145.91 -68.45
CA ASN N 692 6.17 -146.92 -69.21
C ASN N 692 7.32 -147.53 -68.45
N THR N 693 8.09 -146.75 -67.70
CA THR N 693 9.08 -147.34 -66.81
C THR N 693 8.41 -148.09 -65.67
N LYS N 694 7.23 -147.65 -65.25
CA LYS N 694 6.48 -148.39 -64.23
C LYS N 694 6.06 -149.76 -64.77
N GLU N 695 5.55 -149.78 -66.01
CA GLU N 695 5.19 -151.05 -66.63
C GLU N 695 6.42 -151.93 -66.83
N PHE N 696 7.54 -151.33 -67.19
CA PHE N 696 8.79 -152.07 -67.34
C PHE N 696 9.19 -152.70 -66.01
N ILE N 697 9.04 -151.96 -64.91
CA ILE N 697 9.32 -152.48 -63.58
C ILE N 697 8.40 -153.66 -63.25
N PHE N 698 7.10 -153.54 -63.59
CA PHE N 698 6.24 -154.71 -63.41
C PHE N 698 6.71 -155.92 -64.20
N SER N 699 6.95 -155.76 -65.50
CA SER N 699 6.85 -156.90 -66.39
C SER N 699 8.13 -157.28 -67.14
N GLU N 700 9.25 -156.59 -66.91
CA GLU N 700 10.46 -156.96 -67.62
C GLU N 700 11.72 -156.95 -66.76
N LEU N 701 11.67 -156.40 -65.54
CA LEU N 701 12.88 -156.23 -64.76
C LEU N 701 13.55 -157.56 -64.44
N LEU N 702 12.77 -158.57 -64.09
CA LEU N 702 13.37 -159.86 -63.75
C LEU N 702 13.94 -160.55 -64.98
N ALA N 703 13.29 -160.39 -66.14
CA ALA N 703 13.74 -161.10 -67.34
C ALA N 703 15.15 -160.71 -67.73
N ASN N 704 15.45 -159.40 -67.75
CA ASN N 704 16.80 -158.96 -68.09
C ASN N 704 17.72 -158.95 -66.88
N LEU N 705 17.16 -158.92 -65.66
CA LEU N 705 18.01 -159.03 -64.48
C LEU N 705 18.62 -160.42 -64.38
N TYR N 706 17.87 -161.44 -64.78
CA TYR N 706 18.45 -162.79 -64.90
C TYR N 706 19.58 -162.83 -65.91
N SER N 707 19.47 -162.08 -67.00
CA SER N 707 20.41 -162.18 -68.11
C SER N 707 21.69 -161.39 -67.86
N CYS N 708 21.59 -160.22 -67.23
CA CYS N 708 22.75 -159.39 -67.00
C CYS N 708 23.63 -160.02 -65.92
N GLY N 709 24.94 -160.07 -66.18
CA GLY N 709 25.88 -160.63 -65.24
C GLY N 709 25.95 -162.15 -65.30
N ASP N 710 26.32 -162.73 -64.17
CA ASP N 710 26.53 -164.17 -64.08
C ASP N 710 25.24 -164.92 -63.77
N GLN N 711 24.30 -164.30 -63.05
CA GLN N 711 23.10 -164.92 -62.52
C GLN N 711 23.47 -165.90 -61.41
N ASN N 712 24.77 -166.11 -61.20
CA ASN N 712 25.29 -166.95 -60.13
C ASN N 712 26.12 -166.16 -59.13
N THR N 713 27.11 -165.40 -59.60
CA THR N 713 27.84 -164.48 -58.73
C THR N 713 27.13 -163.13 -58.66
N LEU N 714 25.82 -163.22 -58.42
CA LEU N 714 24.99 -162.06 -58.14
C LEU N 714 24.33 -162.30 -56.80
N MET N 715 23.87 -161.21 -56.16
CA MET N 715 23.29 -161.25 -54.82
C MET N 715 24.19 -162.03 -53.86
N GLU N 716 25.48 -161.67 -53.87
CA GLU N 716 26.45 -162.18 -52.93
C GLU N 716 26.35 -161.37 -51.65
N GLU N 717 26.46 -162.06 -50.50
CA GLU N 717 26.32 -161.40 -49.22
C GLU N 717 27.41 -160.35 -49.04
N SER N 718 27.01 -159.13 -48.71
CA SER N 718 27.98 -158.13 -48.28
C SER N 718 28.63 -158.59 -46.99
N ALA N 719 29.89 -158.19 -46.80
CA ALA N 719 30.63 -158.60 -45.61
C ALA N 719 29.87 -158.25 -44.33
N GLU N 720 29.15 -157.12 -44.35
CA GLU N 720 28.34 -156.76 -43.20
C GLU N 720 27.28 -157.81 -42.92
N GLN N 721 26.58 -158.27 -43.94
CA GLN N 721 25.57 -159.31 -43.74
C GLN N 721 26.20 -160.64 -43.36
N ALA N 722 27.38 -160.94 -43.91
CA ALA N 722 28.06 -162.19 -43.57
C ALA N 722 28.45 -162.23 -42.11
N GLN N 723 28.93 -161.10 -41.57
CA GLN N 723 29.27 -161.05 -40.15
C GLN N 723 28.05 -160.80 -39.27
N ARG N 724 26.93 -160.38 -39.85
CA ARG N 724 25.71 -160.18 -39.08
C ARG N 724 24.97 -161.50 -38.87
N ARG N 725 24.92 -162.34 -39.90
CA ARG N 725 24.22 -163.62 -39.76
C ARG N 725 24.87 -164.50 -38.69
N ASP N 726 26.20 -164.51 -38.63
CA ASP N 726 26.89 -165.35 -37.66
C ASP N 726 26.55 -164.93 -36.23
N GLU N 727 26.55 -163.63 -35.96
CA GLU N 727 26.23 -163.18 -34.61
C GLU N 727 24.76 -163.38 -34.29
N MET N 728 23.88 -163.19 -35.28
CA MET N 728 22.46 -163.41 -35.04
C MET N 728 22.11 -164.88 -34.91
N LEU N 729 23.00 -165.78 -35.33
CA LEU N 729 22.80 -167.20 -35.09
C LEU N 729 23.38 -167.64 -33.75
N ARG N 730 24.54 -167.11 -33.37
CA ARG N 730 25.08 -167.46 -32.06
C ARG N 730 24.21 -166.87 -30.96
N MET N 731 23.56 -165.72 -31.21
CA MET N 731 22.61 -165.21 -30.23
C MET N 731 21.40 -166.12 -30.11
N TYR N 732 20.96 -166.72 -31.20
CA TYR N 732 19.89 -167.72 -31.12
C TYR N 732 20.32 -168.89 -30.26
N HIS N 733 21.54 -169.40 -30.47
CA HIS N 733 22.01 -170.52 -29.66
C HIS N 733 22.09 -170.13 -28.19
N ALA N 734 22.59 -168.93 -27.90
CA ALA N 734 22.71 -168.48 -26.51
C ALA N 734 21.34 -168.33 -25.85
N LEU N 735 20.36 -167.79 -26.58
CA LEU N 735 19.02 -167.65 -26.02
C LEU N 735 18.41 -169.02 -25.76
N LYS N 736 18.61 -169.97 -26.68
CA LYS N 736 18.12 -171.33 -26.43
C LYS N 736 18.75 -171.91 -25.17
N GLU N 737 20.06 -171.71 -24.99
CA GLU N 737 20.72 -172.23 -23.80
C GLU N 737 20.20 -171.56 -22.54
N ALA N 738 19.95 -170.26 -22.58
CA ALA N 738 19.43 -169.56 -21.41
C ALA N 738 18.05 -170.07 -21.04
N LEU N 739 17.19 -170.29 -22.04
CA LEU N 739 15.87 -170.87 -21.74
C LEU N 739 15.99 -172.28 -21.19
N SER N 740 16.95 -173.06 -21.70
CA SER N 740 17.18 -174.39 -21.15
C SER N 740 17.57 -174.32 -19.69
N ILE N 741 18.45 -173.37 -19.33
CA ILE N 741 18.88 -173.24 -17.94
C ILE N 741 17.72 -172.78 -17.06
N ILE N 742 16.87 -171.88 -17.57
CA ILE N 742 15.71 -171.45 -16.81
C ILE N 742 14.78 -172.63 -16.54
N GLY N 743 14.56 -173.46 -17.56
CA GLY N 743 13.76 -174.66 -17.34
C GLY N 743 14.38 -175.60 -16.33
N ASN N 744 15.70 -175.78 -16.39
CA ASN N 744 16.38 -176.65 -15.44
C ASN N 744 16.26 -176.13 -14.02
N ILE N 745 16.41 -174.82 -13.82
CA ILE N 745 16.32 -174.28 -12.46
C ILE N 745 14.87 -174.32 -11.96
N ASN N 746 13.89 -174.17 -12.86
CA ASN N 746 12.51 -174.35 -12.45
C ASN N 746 12.23 -175.78 -12.04
N THR N 747 12.83 -176.74 -12.75
CA THR N 747 12.75 -178.13 -12.32
C THR N 747 13.39 -178.31 -10.95
N THR N 748 14.55 -177.69 -10.74
CA THR N 748 15.27 -177.75 -9.47
C THR N 748 15.55 -179.19 -9.04
N ASN O 3 7.33 -139.21 111.63
CA ASN O 3 8.53 -138.61 111.07
C ASN O 3 9.02 -137.44 111.93
N ARG O 4 10.33 -137.39 112.15
CA ARG O 4 10.92 -136.37 113.02
C ARG O 4 10.96 -135.00 112.37
N GLY O 5 10.87 -134.93 111.04
CA GLY O 5 10.85 -133.64 110.38
C GLY O 5 9.69 -132.78 110.84
N MET O 6 8.55 -133.41 111.12
CA MET O 6 7.37 -132.67 111.56
C MET O 6 7.50 -132.23 113.02
N GLU O 7 8.13 -133.06 113.86
CA GLU O 7 8.52 -132.62 115.20
C GLU O 7 9.45 -131.43 115.15
N ASP O 8 10.30 -131.34 114.12
CA ASP O 8 11.19 -130.18 113.99
C ASP O 8 10.41 -128.89 113.76
N LEU O 9 9.19 -128.99 113.24
CA LEU O 9 8.42 -127.80 112.89
C LEU O 9 7.25 -127.51 113.82
N ILE O 10 6.79 -128.48 114.62
CA ILE O 10 5.67 -128.22 115.52
C ILE O 10 5.93 -127.06 116.48
N PRO O 11 7.11 -126.89 117.09
CA PRO O 11 7.23 -125.77 118.04
C PRO O 11 7.21 -124.42 117.36
N LEU O 12 7.81 -124.29 116.17
CA LEU O 12 7.87 -123.00 115.51
C LEU O 12 6.53 -122.56 114.93
N VAL O 13 5.53 -123.43 114.89
CA VAL O 13 4.19 -123.06 114.44
C VAL O 13 3.29 -122.96 115.66
N ASN O 14 3.55 -123.78 116.68
CA ASN O 14 2.75 -123.74 117.89
C ASN O 14 3.03 -122.48 118.69
N ARG O 15 4.26 -121.98 118.64
CA ARG O 15 4.61 -120.72 119.28
C ARG O 15 4.14 -119.52 118.47
N LEU O 16 3.79 -119.75 117.19
CA LEU O 16 3.45 -118.69 116.26
C LEU O 16 1.95 -118.46 116.17
N GLN O 17 1.21 -119.49 115.76
CA GLN O 17 -0.22 -119.35 115.52
C GLN O 17 -0.97 -119.04 116.80
N ASP O 18 -0.51 -119.58 117.94
CA ASP O 18 -1.16 -119.27 119.20
C ASP O 18 -1.10 -117.78 119.49
N ALA O 19 0.04 -117.14 119.20
CA ALA O 19 0.16 -115.70 119.43
C ALA O 19 -0.70 -114.92 118.43
N PHE O 20 -0.57 -115.24 117.14
CA PHE O 20 -1.36 -114.52 116.13
C PHE O 20 -2.86 -114.71 116.31
N SER O 21 -3.28 -115.75 117.04
CA SER O 21 -4.70 -115.89 117.35
C SER O 21 -5.05 -115.35 118.73
N ALA O 22 -4.08 -115.22 119.62
CA ALA O 22 -4.32 -114.60 120.91
C ALA O 22 -4.48 -113.09 120.78
N ILE O 23 -3.85 -112.49 119.77
CA ILE O 23 -4.13 -111.09 119.48
C ILE O 23 -5.55 -110.88 118.98
N GLY O 24 -6.27 -111.95 118.66
CA GLY O 24 -7.63 -111.88 118.24
C GLY O 24 -7.84 -111.70 116.75
N GLN O 25 -6.80 -111.32 116.00
CA GLN O 25 -6.94 -111.12 114.57
C GLN O 25 -7.08 -112.45 113.85
N ASN O 26 -7.71 -112.40 112.68
CA ASN O 26 -7.80 -113.58 111.83
C ASN O 26 -6.53 -113.71 110.99
N ALA O 27 -5.37 -113.65 111.63
CA ALA O 27 -4.10 -113.85 110.96
C ALA O 27 -3.78 -115.34 110.95
N ASP O 28 -3.34 -115.84 109.79
CA ASP O 28 -3.12 -117.26 109.64
C ASP O 28 -1.90 -117.50 108.77
N LEU O 29 -1.29 -118.67 108.94
CA LEU O 29 -0.13 -119.05 108.16
C LEU O 29 -0.52 -119.62 106.80
N ASP O 30 -1.60 -120.41 106.77
CA ASP O 30 -2.05 -121.08 105.56
C ASP O 30 -0.96 -122.01 105.01
N LEU O 31 -0.65 -123.04 105.79
CA LEU O 31 0.22 -124.09 105.32
C LEU O 31 -0.38 -124.72 104.05
N PRO O 32 0.38 -124.84 102.98
CA PRO O 32 -0.18 -125.42 101.76
C PRO O 32 -0.63 -126.85 101.98
N GLN O 33 -1.70 -127.22 101.28
CA GLN O 33 -2.24 -128.56 101.39
C GLN O 33 -1.61 -129.46 100.32
N ILE O 34 -1.41 -130.72 100.68
CA ILE O 34 -0.66 -131.67 99.87
C ILE O 34 -1.64 -132.55 99.12
N ALA O 35 -1.66 -132.43 97.79
CA ALA O 35 -2.44 -133.30 96.93
C ALA O 35 -1.51 -134.09 96.03
N VAL O 36 -1.96 -135.26 95.60
CA VAL O 36 -1.18 -136.13 94.73
C VAL O 36 -1.99 -136.43 93.48
N VAL O 37 -1.33 -136.39 92.33
CA VAL O 37 -1.97 -136.65 91.05
C VAL O 37 -1.13 -137.67 90.29
N GLY O 38 -1.76 -138.31 89.31
CA GLY O 38 -1.10 -139.29 88.49
C GLY O 38 -2.09 -140.30 87.95
N GLY O 39 -1.56 -141.28 87.24
CA GLY O 39 -2.38 -142.34 86.70
C GLY O 39 -2.64 -143.43 87.71
N GLN O 40 -3.53 -144.34 87.34
CA GLN O 40 -3.87 -145.45 88.22
C GLN O 40 -2.65 -146.32 88.48
N SER O 41 -2.58 -146.86 89.70
CA SER O 41 -1.50 -147.75 90.13
C SER O 41 -0.14 -147.06 90.09
N ALA O 42 -0.12 -145.75 90.33
CA ALA O 42 1.15 -145.05 90.46
C ALA O 42 1.73 -145.13 91.87
N GLY O 43 0.94 -145.53 92.86
CA GLY O 43 1.43 -145.65 94.22
C GLY O 43 1.18 -144.46 95.11
N LYS O 44 0.16 -143.65 94.81
CA LYS O 44 -0.05 -142.40 95.53
C LYS O 44 -0.39 -142.66 97.00
N SER O 45 -1.28 -143.61 97.26
CA SER O 45 -1.65 -143.91 98.63
C SER O 45 -0.45 -144.39 99.44
N SER O 46 0.41 -145.21 98.82
CA SER O 46 1.61 -145.65 99.50
C SER O 46 2.63 -144.53 99.67
N VAL O 47 2.58 -143.50 98.82
CA VAL O 47 3.43 -142.33 99.04
C VAL O 47 2.93 -141.55 100.26
N LEU O 48 1.63 -141.32 100.35
CA LEU O 48 1.10 -140.59 101.51
C LEU O 48 1.33 -141.34 102.80
N GLU O 49 1.11 -142.67 102.78
CA GLU O 49 1.38 -143.48 103.97
C GLU O 49 2.80 -143.30 104.46
N ASN O 50 3.77 -143.33 103.54
CA ASN O 50 5.16 -143.24 103.93
C ASN O 50 5.55 -141.82 104.33
N PHE O 51 4.92 -140.81 103.73
CA PHE O 51 5.17 -139.44 104.15
C PHE O 51 4.68 -139.20 105.57
N VAL O 52 3.51 -139.74 105.91
CA VAL O 52 3.01 -139.61 107.27
C VAL O 52 3.86 -140.43 108.24
N GLY O 53 3.93 -141.74 108.02
CA GLY O 53 4.72 -142.61 108.86
C GLY O 53 3.91 -143.69 109.53
N ARG O 54 2.64 -143.81 109.16
CA ARG O 54 1.76 -144.80 109.75
C ARG O 54 0.92 -145.46 108.66
N ASP O 55 0.49 -146.69 108.92
CA ASP O 55 -0.18 -147.52 107.92
C ASP O 55 -1.68 -147.38 108.11
N PHE O 56 -2.28 -146.43 107.41
CA PHE O 56 -3.71 -146.17 107.56
C PHE O 56 -4.38 -145.87 106.24
N LEU O 57 -3.89 -146.44 105.14
CA LEU O 57 -4.48 -146.19 103.84
C LEU O 57 -4.66 -147.49 103.08
N PRO O 58 -5.64 -147.55 102.17
CA PRO O 58 -5.81 -148.76 101.36
C PRO O 58 -4.95 -148.71 100.11
N ARG O 59 -4.43 -149.88 99.73
CA ARG O 59 -3.60 -149.98 98.55
C ARG O 59 -3.63 -151.41 98.04
N GLY O 60 -3.33 -151.58 96.76
CA GLY O 60 -3.27 -152.89 96.16
C GLY O 60 -3.31 -152.80 94.66
N SER O 61 -3.23 -153.97 94.03
CA SER O 61 -3.36 -154.04 92.58
C SER O 61 -4.77 -153.65 92.17
N GLY O 62 -4.90 -153.28 90.90
CA GLY O 62 -6.19 -152.79 90.45
C GLY O 62 -6.47 -151.41 91.03
N ILE O 63 -7.75 -151.05 90.99
CA ILE O 63 -8.20 -149.74 91.49
C ILE O 63 -8.51 -149.87 92.98
N VAL O 64 -7.90 -149.01 93.78
CA VAL O 64 -8.07 -149.08 95.23
C VAL O 64 -8.58 -147.75 95.76
N THR O 65 -7.80 -146.68 95.58
CA THR O 65 -8.23 -145.37 96.05
C THR O 65 -9.37 -144.88 95.17
N ARG O 66 -10.59 -145.18 95.60
CA ARG O 66 -11.77 -145.00 94.77
C ARG O 66 -12.56 -143.74 95.12
N ARG O 67 -12.29 -143.13 96.26
CA ARG O 67 -12.92 -141.90 96.69
C ARG O 67 -11.87 -140.95 97.23
N PRO O 68 -11.98 -139.65 96.93
CA PRO O 68 -11.01 -138.69 97.47
C PRO O 68 -11.01 -138.73 98.99
N LEU O 69 -9.83 -138.65 99.58
CA LEU O 69 -9.66 -138.70 101.03
C LEU O 69 -9.01 -137.40 101.48
N VAL O 70 -9.74 -136.63 102.28
CA VAL O 70 -9.19 -135.40 102.85
C VAL O 70 -8.75 -135.75 104.27
N LEU O 71 -7.48 -136.15 104.38
CA LEU O 71 -6.86 -136.33 105.68
C LEU O 71 -6.49 -134.97 106.26
N GLN O 72 -6.72 -134.82 107.56
CA GLN O 72 -6.33 -133.61 108.27
C GLN O 72 -5.54 -134.04 109.49
N LEU O 73 -4.23 -133.84 109.44
CA LEU O 73 -3.41 -134.00 110.62
C LEU O 73 -3.61 -132.79 111.52
N VAL O 74 -3.92 -133.03 112.79
CA VAL O 74 -4.19 -131.96 113.75
C VAL O 74 -3.40 -132.23 115.02
N ASN O 75 -2.66 -131.21 115.47
CA ASN O 75 -1.88 -131.33 116.70
C ASN O 75 -2.82 -131.36 117.89
N ALA O 76 -2.64 -132.36 118.76
CA ALA O 76 -3.51 -132.53 119.91
C ALA O 76 -2.71 -133.20 121.03
N THR O 77 -3.41 -133.62 122.07
CA THR O 77 -2.76 -134.18 123.24
C THR O 77 -2.34 -135.63 122.99
N THR O 78 -3.30 -136.50 122.70
CA THR O 78 -3.06 -137.92 122.51
C THR O 78 -3.23 -138.31 121.04
N GLU O 79 -2.89 -139.56 120.75
CA GLU O 79 -2.94 -140.10 119.40
C GLU O 79 -4.26 -140.83 119.19
N TYR O 80 -5.02 -140.39 118.20
CA TYR O 80 -6.23 -141.08 117.77
C TYR O 80 -6.64 -140.52 116.41
N ALA O 81 -7.72 -141.06 115.86
CA ALA O 81 -8.22 -140.58 114.57
C ALA O 81 -9.73 -140.80 114.53
N GLU O 82 -10.42 -139.89 113.86
CA GLU O 82 -11.86 -140.00 113.72
C GLU O 82 -12.30 -139.62 112.31
N PHE O 83 -13.28 -140.34 111.81
CA PHE O 83 -13.93 -140.01 110.55
C PHE O 83 -14.93 -138.88 110.77
N LEU O 84 -15.71 -138.58 109.74
CA LEU O 84 -16.76 -137.58 109.83
C LEU O 84 -18.16 -138.18 109.78
N HIS O 85 -18.36 -139.22 108.99
CA HIS O 85 -19.66 -139.89 108.93
C HIS O 85 -19.99 -140.64 110.22
N CYS O 86 -19.02 -140.86 111.09
CA CYS O 86 -19.19 -141.62 112.33
C CYS O 86 -18.71 -140.80 113.52
N LYS O 87 -19.20 -139.57 113.62
CA LYS O 87 -18.76 -138.64 114.65
C LYS O 87 -18.74 -139.29 116.03
N GLY O 88 -17.70 -138.98 116.80
CA GLY O 88 -17.54 -139.51 118.14
C GLY O 88 -16.87 -140.86 118.22
N LYS O 89 -16.78 -141.59 117.12
CA LYS O 89 -16.14 -142.91 117.11
C LYS O 89 -14.65 -142.71 116.90
N LYS O 90 -13.90 -142.60 117.99
CA LYS O 90 -12.46 -142.41 117.91
C LYS O 90 -11.78 -143.72 117.56
N PHE O 91 -10.86 -143.67 116.61
CA PHE O 91 -10.12 -144.84 116.16
C PHE O 91 -8.68 -144.76 116.61
N THR O 92 -8.20 -145.82 117.25
CA THR O 92 -6.81 -145.96 117.62
C THR O 92 -6.11 -147.09 116.89
N ASP O 93 -6.84 -148.10 116.44
CA ASP O 93 -6.26 -149.23 115.71
C ASP O 93 -6.23 -148.88 114.22
N PHE O 94 -5.04 -148.67 113.69
CA PHE O 94 -4.90 -148.25 112.30
C PHE O 94 -5.35 -149.34 111.33
N GLU O 95 -5.33 -150.61 111.75
CA GLU O 95 -5.93 -151.66 110.93
C GLU O 95 -7.43 -151.45 110.81
N GLU O 96 -8.09 -151.06 111.91
CA GLU O 96 -9.50 -150.72 111.84
C GLU O 96 -9.73 -149.50 110.96
N VAL O 97 -8.82 -148.52 111.03
CA VAL O 97 -8.95 -147.35 110.16
C VAL O 97 -8.87 -147.77 108.69
N ARG O 98 -7.91 -148.64 108.37
CA ARG O 98 -7.74 -149.09 106.98
C ARG O 98 -8.96 -149.88 106.51
N LEU O 99 -9.50 -150.74 107.37
CA LEU O 99 -10.70 -151.49 106.97
C LEU O 99 -11.89 -150.55 106.79
N GLU O 100 -12.07 -149.60 107.71
CA GLU O 100 -13.25 -148.74 107.65
C GLU O 100 -13.18 -147.79 106.47
N ILE O 101 -11.99 -147.34 106.08
CA ILE O 101 -11.91 -146.40 104.96
C ILE O 101 -12.38 -147.07 103.67
N GLU O 102 -11.97 -148.31 103.43
CA GLU O 102 -12.46 -148.99 102.23
C GLU O 102 -13.91 -149.45 102.38
N ALA O 103 -14.35 -149.74 103.61
CA ALA O 103 -15.76 -150.01 103.82
C ALA O 103 -16.63 -148.81 103.45
N GLU O 104 -16.22 -147.62 103.85
CA GLU O 104 -16.92 -146.41 103.43
C GLU O 104 -16.75 -146.17 101.94
N THR O 105 -15.58 -146.54 101.40
CA THR O 105 -15.33 -146.34 99.98
C THR O 105 -16.30 -147.12 99.11
N ASP O 106 -16.54 -148.39 99.46
CA ASP O 106 -17.47 -149.17 98.65
C ASP O 106 -18.92 -149.09 99.14
N ARG O 107 -19.16 -148.53 100.34
CA ARG O 107 -20.52 -148.33 100.80
C ARG O 107 -21.29 -147.33 99.97
N VAL O 108 -20.60 -146.52 99.17
CA VAL O 108 -21.25 -145.51 98.36
C VAL O 108 -21.28 -145.87 96.88
N THR O 109 -20.25 -146.56 96.38
CA THR O 109 -20.13 -146.84 94.96
C THR O 109 -20.37 -148.29 94.60
N GLY O 110 -20.19 -149.22 95.53
CA GLY O 110 -20.28 -150.63 95.23
C GLY O 110 -18.91 -151.25 95.06
N THR O 111 -18.92 -152.47 94.51
CA THR O 111 -17.69 -153.21 94.25
C THR O 111 -17.35 -153.23 92.76
N ASN O 112 -18.09 -152.48 91.96
CA ASN O 112 -17.93 -152.50 90.51
C ASN O 112 -17.09 -151.32 90.01
N LYS O 113 -16.16 -150.85 90.84
CA LYS O 113 -15.14 -149.87 90.45
C LYS O 113 -15.73 -148.54 89.97
N GLY O 114 -16.92 -148.17 90.44
CA GLY O 114 -17.41 -146.83 90.18
C GLY O 114 -16.89 -145.85 91.22
N ILE O 115 -16.91 -144.55 90.89
CA ILE O 115 -16.36 -143.57 91.79
C ILE O 115 -17.40 -142.51 92.12
N SER O 116 -17.13 -141.75 93.17
CA SER O 116 -18.00 -140.72 93.67
C SER O 116 -17.18 -139.47 93.96
N PRO O 117 -17.59 -138.31 93.48
CA PRO O 117 -16.81 -137.09 93.70
C PRO O 117 -17.05 -136.47 95.06
N VAL O 118 -17.66 -137.20 95.99
CA VAL O 118 -17.93 -136.72 97.33
C VAL O 118 -16.78 -137.15 98.23
N PRO O 119 -16.02 -136.22 98.79
CA PRO O 119 -14.82 -136.59 99.55
C PRO O 119 -15.11 -137.39 100.79
N ILE O 120 -14.06 -137.84 101.46
CA ILE O 120 -14.15 -138.54 102.74
C ILE O 120 -13.25 -137.79 103.69
N ASN O 121 -13.83 -137.03 104.61
CA ASN O 121 -13.03 -136.33 105.59
C ASN O 121 -12.52 -137.29 106.66
N LEU O 122 -11.31 -137.03 107.14
CA LEU O 122 -10.72 -137.83 108.19
C LEU O 122 -9.80 -136.91 108.97
N ARG O 123 -9.75 -137.07 110.29
CA ARG O 123 -8.90 -136.23 111.12
C ARG O 123 -8.08 -137.10 112.06
N VAL O 124 -6.77 -137.02 111.93
CA VAL O 124 -5.85 -137.71 112.83
C VAL O 124 -5.31 -136.70 113.82
N TYR O 125 -5.68 -136.85 115.09
CA TYR O 125 -5.21 -135.98 116.15
C TYR O 125 -4.02 -136.64 116.82
N SER O 126 -2.91 -135.91 116.90
CA SER O 126 -1.70 -136.46 117.48
C SER O 126 -0.77 -135.32 117.85
N PRO O 127 0.07 -135.52 118.87
CA PRO O 127 1.10 -134.51 119.18
C PRO O 127 2.24 -134.49 118.18
N HIS O 128 2.25 -135.41 117.21
CA HIS O 128 3.34 -135.56 116.26
C HIS O 128 2.99 -135.05 114.87
N VAL O 129 1.95 -134.24 114.75
CA VAL O 129 1.51 -133.74 113.44
C VAL O 129 1.27 -132.24 113.52
N LEU O 130 1.36 -131.60 112.36
CA LEU O 130 1.00 -130.20 112.20
C LEU O 130 -0.51 -130.09 112.00
N ASN O 131 -0.97 -128.92 111.58
CA ASN O 131 -2.34 -128.74 111.11
C ASN O 131 -2.40 -128.79 109.58
N LEU O 132 -2.14 -129.99 109.06
CA LEU O 132 -1.97 -130.18 107.62
C LEU O 132 -3.18 -130.86 106.98
N THR O 133 -3.35 -130.57 105.69
CA THR O 133 -4.40 -131.13 104.87
C THR O 133 -3.76 -131.94 103.75
N LEU O 134 -3.90 -133.26 103.82
CA LEU O 134 -3.37 -134.18 102.81
C LEU O 134 -4.54 -134.70 102.00
N VAL O 135 -4.57 -134.36 100.71
CA VAL O 135 -5.71 -134.69 99.84
C VAL O 135 -5.25 -135.85 98.95
N ASP O 136 -5.55 -137.07 99.39
CA ASP O 136 -5.36 -138.22 98.51
C ASP O 136 -6.48 -138.24 97.48
N LEU O 137 -6.12 -138.57 96.24
CA LEU O 137 -7.05 -138.50 95.13
C LEU O 137 -7.06 -139.85 94.41
N PRO O 138 -8.16 -140.17 93.72
CA PRO O 138 -8.20 -141.43 92.97
C PRO O 138 -7.32 -141.37 91.74
N GLY O 139 -6.86 -142.53 91.31
CA GLY O 139 -6.04 -142.60 90.12
C GLY O 139 -6.80 -142.16 88.89
N MET O 140 -6.09 -141.55 87.95
CA MET O 140 -6.69 -141.08 86.72
C MET O 140 -6.89 -142.24 85.76
N THR O 141 -8.04 -142.24 85.08
CA THR O 141 -8.45 -143.32 84.21
C THR O 141 -8.90 -142.73 82.87
N LYS O 142 -8.73 -143.51 81.81
CA LYS O 142 -9.04 -143.01 80.47
C LYS O 142 -10.17 -143.80 79.81
N VAL O 143 -10.28 -145.09 80.12
CA VAL O 143 -11.37 -145.90 79.57
C VAL O 143 -12.20 -146.46 80.72
N PRO O 144 -13.53 -146.41 80.62
CA PRO O 144 -14.36 -146.85 81.74
C PRO O 144 -14.37 -148.36 81.92
N VAL O 145 -13.81 -148.84 83.02
CA VAL O 145 -13.86 -150.25 83.38
C VAL O 145 -14.92 -150.44 84.46
N GLY O 146 -15.75 -151.46 84.30
CA GLY O 146 -16.84 -151.69 85.22
C GLY O 146 -18.10 -150.96 84.83
N ASP O 147 -18.84 -150.45 85.81
CA ASP O 147 -20.06 -149.70 85.54
C ASP O 147 -19.82 -148.19 85.51
N GLN O 148 -18.57 -147.78 85.33
CA GLN O 148 -18.27 -146.35 85.28
C GLN O 148 -18.91 -145.72 84.05
N PRO O 149 -19.40 -144.50 84.16
CA PRO O 149 -20.05 -143.83 83.04
C PRO O 149 -19.05 -143.52 81.94
N PRO O 150 -19.52 -143.17 80.74
CA PRO O 150 -18.58 -142.97 79.62
C PRO O 150 -17.62 -141.82 79.81
N ASP O 151 -17.87 -140.90 80.73
CA ASP O 151 -17.01 -139.73 80.94
C ASP O 151 -16.24 -139.85 82.26
N ILE O 152 -15.74 -141.04 82.54
CA ILE O 152 -14.96 -141.26 83.76
C ILE O 152 -13.71 -140.38 83.76
N GLU O 153 -13.06 -140.25 82.60
CA GLU O 153 -11.85 -139.44 82.53
C GLU O 153 -12.16 -137.98 82.85
N PHE O 154 -13.27 -137.47 82.32
CA PHE O 154 -13.58 -136.07 82.54
C PHE O 154 -14.05 -135.83 83.97
N GLN O 155 -14.79 -136.76 84.56
CA GLN O 155 -15.20 -136.51 85.93
C GLN O 155 -14.12 -136.87 86.95
N ILE O 156 -13.01 -137.47 86.54
CA ILE O 156 -11.87 -137.57 87.42
C ILE O 156 -10.94 -136.37 87.26
N ARG O 157 -10.80 -135.86 86.04
CA ARG O 157 -10.02 -134.64 85.84
C ARG O 157 -10.68 -133.45 86.52
N ASP O 158 -12.00 -133.31 86.37
CA ASP O 158 -12.71 -132.24 87.07
C ASP O 158 -12.70 -132.47 88.57
N MET O 159 -12.60 -133.73 89.01
CA MET O 159 -12.41 -134.01 90.42
C MET O 159 -11.08 -133.44 90.89
N LEU O 160 -10.01 -133.64 90.11
CA LEU O 160 -8.69 -133.21 90.54
C LEU O 160 -8.53 -131.69 90.45
N MET O 161 -9.23 -131.04 89.52
CA MET O 161 -9.09 -129.60 89.39
C MET O 161 -9.53 -128.87 90.64
N GLN O 162 -10.68 -129.25 91.22
CA GLN O 162 -11.17 -128.51 92.37
C GLN O 162 -10.26 -128.68 93.59
N PHE O 163 -9.33 -129.62 93.55
CA PHE O 163 -8.40 -129.82 94.65
C PHE O 163 -7.00 -129.29 94.37
N VAL O 164 -6.59 -129.17 93.11
CA VAL O 164 -5.23 -128.74 92.80
C VAL O 164 -5.15 -127.35 92.19
N THR O 165 -6.27 -126.77 91.74
CA THR O 165 -6.17 -125.44 91.13
C THR O 165 -6.00 -124.36 92.19
N LYS O 166 -6.41 -124.62 93.42
CA LYS O 166 -6.27 -123.63 94.48
C LYS O 166 -4.80 -123.44 94.82
N GLU O 167 -4.39 -122.18 94.98
CA GLU O 167 -3.02 -121.88 95.34
C GLU O 167 -2.70 -122.44 96.72
N ASN O 168 -1.41 -122.46 97.05
CA ASN O 168 -0.93 -123.09 98.27
C ASN O 168 -1.39 -124.55 98.33
N CYS O 169 -1.23 -125.24 97.21
CA CYS O 169 -1.54 -126.67 97.11
C CYS O 169 -0.34 -127.35 96.46
N LEU O 170 0.52 -127.94 97.29
CA LEU O 170 1.62 -128.73 96.76
C LEU O 170 1.08 -129.89 95.95
N ILE O 171 1.57 -130.02 94.71
CA ILE O 171 1.10 -131.05 93.79
C ILE O 171 2.20 -132.07 93.67
N LEU O 172 2.01 -133.24 94.27
CA LEU O 172 2.92 -134.36 94.09
C LEU O 172 2.51 -135.08 92.82
N ALA O 173 3.22 -134.80 91.73
CA ALA O 173 3.03 -135.52 90.48
C ALA O 173 3.73 -136.87 90.63
N VAL O 174 2.96 -137.90 90.94
CA VAL O 174 3.51 -139.24 91.12
C VAL O 174 3.44 -139.97 89.79
N SER O 175 4.59 -140.41 89.30
CA SER O 175 4.67 -141.12 88.04
C SER O 175 5.40 -142.43 88.25
N PRO O 176 4.99 -143.50 87.59
CA PRO O 176 5.70 -144.76 87.72
C PRO O 176 6.94 -144.78 86.83
N ALA O 177 7.97 -145.47 87.32
CA ALA O 177 9.20 -145.56 86.54
C ALA O 177 9.02 -146.45 85.32
N ASN O 178 8.23 -147.52 85.46
CA ASN O 178 8.05 -148.46 84.35
C ASN O 178 7.45 -147.77 83.13
N SER O 179 6.38 -147.01 83.32
CA SER O 179 5.82 -146.26 82.22
C SER O 179 6.75 -145.10 81.85
N ASP O 180 6.65 -144.67 80.59
CA ASP O 180 7.47 -143.57 80.13
C ASP O 180 7.00 -142.28 80.77
N LEU O 181 7.94 -141.36 80.99
CA LEU O 181 7.62 -140.11 81.67
C LEU O 181 6.72 -139.23 80.82
N ALA O 182 6.84 -139.33 79.50
CA ALA O 182 5.98 -138.52 78.63
C ALA O 182 4.51 -138.91 78.75
N ASN O 183 4.21 -140.06 79.35
CA ASN O 183 2.85 -140.51 79.56
C ASN O 183 2.33 -140.20 80.96
N SER O 184 3.02 -139.37 81.72
CA SER O 184 2.62 -139.09 83.09
C SER O 184 1.45 -138.10 83.09
N ASP O 185 0.25 -138.63 83.33
CA ASP O 185 -0.91 -137.75 83.51
C ASP O 185 -0.68 -136.79 84.67
N ALA O 186 0.09 -137.23 85.67
CA ALA O 186 0.46 -136.35 86.77
C ALA O 186 1.17 -135.10 86.24
N LEU O 187 2.18 -135.30 85.39
CA LEU O 187 2.92 -134.16 84.86
C LEU O 187 2.06 -133.35 83.91
N LYS O 188 1.14 -133.98 83.17
CA LYS O 188 0.23 -133.21 82.32
C LYS O 188 -0.62 -132.27 83.17
N VAL O 189 -1.19 -132.79 84.26
CA VAL O 189 -2.01 -131.96 85.14
C VAL O 189 -1.16 -130.87 85.79
N ALA O 190 0.07 -131.21 86.18
CA ALA O 190 0.95 -130.25 86.82
C ALA O 190 1.29 -129.10 85.87
N LYS O 191 1.60 -129.41 84.61
CA LYS O 191 1.87 -128.36 83.65
C LYS O 191 0.62 -127.61 83.23
N GLU O 192 -0.57 -128.18 83.45
CA GLU O 192 -1.78 -127.43 83.18
C GLU O 192 -2.10 -126.44 84.29
N VAL O 193 -2.00 -126.85 85.55
CA VAL O 193 -2.46 -126.04 86.68
C VAL O 193 -1.30 -125.43 87.44
N ASP O 194 -0.09 -125.51 86.92
CA ASP O 194 1.09 -124.97 87.56
C ASP O 194 2.20 -124.84 86.51
N PRO O 195 2.07 -123.91 85.57
CA PRO O 195 3.00 -123.92 84.41
C PRO O 195 4.46 -123.81 84.81
N GLN O 196 4.83 -122.82 85.62
CA GLN O 196 6.23 -122.65 85.97
C GLN O 196 6.72 -123.70 86.96
N GLY O 197 5.85 -124.54 87.48
CA GLY O 197 6.26 -125.54 88.44
C GLY O 197 6.72 -124.99 89.77
N GLN O 198 6.06 -123.94 90.25
CA GLN O 198 6.45 -123.35 91.53
C GLN O 198 6.17 -124.29 92.69
N ARG O 199 5.03 -124.99 92.64
CA ARG O 199 4.55 -125.80 93.76
C ARG O 199 4.32 -127.25 93.32
N THR O 200 5.17 -127.74 92.44
CA THR O 200 5.06 -129.09 91.89
C THR O 200 6.27 -129.91 92.33
N ILE O 201 6.01 -131.04 92.99
CA ILE O 201 7.05 -131.98 93.39
C ILE O 201 6.88 -133.23 92.56
N GLY O 202 7.91 -133.59 91.79
CA GLY O 202 7.86 -134.80 90.99
C GLY O 202 8.36 -135.99 91.81
N VAL O 203 7.59 -137.07 91.77
CA VAL O 203 7.95 -138.30 92.47
C VAL O 203 7.93 -139.44 91.46
N ILE O 204 8.95 -140.29 91.50
CA ILE O 204 9.09 -141.42 90.61
C ILE O 204 9.02 -142.69 91.43
N THR O 205 8.02 -143.51 91.18
CA THR O 205 7.76 -144.71 91.96
C THR O 205 8.09 -145.95 91.14
N LYS O 206 8.21 -147.07 91.84
CA LYS O 206 8.45 -148.38 91.23
C LYS O 206 9.75 -148.38 90.43
N LEU O 207 10.84 -148.03 91.13
CA LEU O 207 12.16 -148.06 90.52
C LEU O 207 12.79 -149.44 90.54
N ASP O 208 12.23 -150.39 91.28
CA ASP O 208 12.74 -151.75 91.33
C ASP O 208 12.08 -152.66 90.31
N LEU O 209 11.16 -152.14 89.49
CA LEU O 209 10.46 -152.93 88.48
C LEU O 209 10.68 -152.38 87.08
N MET O 210 11.74 -151.60 86.87
CA MET O 210 12.01 -151.05 85.55
C MET O 210 12.40 -152.15 84.58
N ASP O 211 12.19 -151.88 83.29
CA ASP O 211 12.58 -152.83 82.25
C ASP O 211 14.06 -153.13 82.36
N GLU O 212 14.40 -154.42 82.31
CA GLU O 212 15.77 -154.85 82.54
C GLU O 212 16.71 -154.20 81.53
N GLY O 213 17.85 -153.72 82.02
CA GLY O 213 18.81 -153.03 81.19
C GLY O 213 18.55 -151.56 80.98
N THR O 214 17.51 -151.02 81.59
CA THR O 214 17.18 -149.61 81.50
C THR O 214 17.23 -148.98 82.88
N ASP O 215 17.39 -147.65 82.91
CA ASP O 215 17.42 -146.93 84.17
C ASP O 215 16.91 -145.51 83.93
N ALA O 216 16.20 -144.98 84.91
CA ALA O 216 15.60 -143.66 84.83
C ALA O 216 16.53 -142.56 85.29
N ARG O 217 17.85 -142.78 85.20
CA ARG O 217 18.82 -141.80 85.66
C ARG O 217 18.60 -140.44 85.02
N ASP O 218 18.35 -140.41 83.71
CA ASP O 218 18.13 -139.15 83.02
C ASP O 218 16.85 -138.46 83.46
N VAL O 219 15.97 -139.15 84.16
CA VAL O 219 14.76 -138.53 84.74
C VAL O 219 15.03 -138.06 86.16
N LEU O 220 15.63 -138.92 86.97
CA LEU O 220 15.89 -138.55 88.36
C LEU O 220 16.90 -137.42 88.47
N GLU O 221 17.76 -137.25 87.46
CA GLU O 221 18.69 -136.13 87.44
C GLU O 221 18.09 -134.88 86.79
N ASN O 222 16.76 -134.83 86.67
CA ASN O 222 16.05 -133.67 86.15
C ASN O 222 16.56 -133.25 84.78
N LYS O 223 16.95 -134.23 83.97
CA LYS O 223 17.49 -133.97 82.64
C LYS O 223 16.43 -134.11 81.55
N LEU O 224 15.64 -135.19 81.59
CA LEU O 224 14.66 -135.42 80.54
C LEU O 224 13.61 -134.32 80.50
N LEU O 225 12.84 -134.20 81.58
CA LEU O 225 11.79 -133.17 81.67
C LEU O 225 12.16 -132.18 82.75
N PRO O 226 12.54 -130.95 82.40
CA PRO O 226 13.00 -130.00 83.43
C PRO O 226 11.88 -129.65 84.40
N LEU O 227 12.17 -129.82 85.68
CA LEU O 227 11.23 -129.52 86.75
C LEU O 227 11.94 -128.71 87.82
N ARG O 228 11.24 -127.70 88.36
CA ARG O 228 11.90 -126.75 89.24
C ARG O 228 12.40 -127.42 90.51
N ARG O 229 11.57 -128.22 91.16
CA ARG O 229 11.95 -128.87 92.41
C ARG O 229 12.64 -130.21 92.20
N GLY O 230 12.72 -130.69 90.96
CA GLY O 230 13.37 -131.95 90.68
C GLY O 230 12.50 -133.13 91.04
N TYR O 231 12.97 -134.32 90.66
CA TYR O 231 12.25 -135.55 90.91
C TYR O 231 12.88 -136.30 92.08
N ILE O 232 12.06 -137.03 92.81
CA ILE O 232 12.49 -137.83 93.94
C ILE O 232 12.07 -139.27 93.68
N GLY O 233 13.04 -140.17 93.58
CA GLY O 233 12.73 -141.57 93.41
C GLY O 233 12.45 -142.24 94.74
N VAL O 234 11.47 -143.15 94.72
CA VAL O 234 11.11 -143.90 95.92
C VAL O 234 10.73 -145.32 95.51
N VAL O 235 11.02 -146.26 96.39
CA VAL O 235 10.64 -147.66 96.22
C VAL O 235 9.74 -148.04 97.39
N ASN O 236 8.52 -148.46 97.08
CA ASN O 236 7.53 -148.77 98.09
C ASN O 236 7.46 -150.28 98.27
N ARG O 237 6.52 -150.72 99.10
CA ARG O 237 6.32 -152.16 99.28
C ARG O 237 5.67 -152.75 98.03
N SER O 238 6.21 -153.85 97.55
CA SER O 238 5.61 -154.55 96.43
C SER O 238 4.26 -155.14 96.85
N GLN O 239 3.48 -155.56 95.85
CA GLN O 239 2.17 -156.13 96.14
C GLN O 239 2.31 -157.42 96.95
N LYS O 240 3.34 -158.22 96.65
CA LYS O 240 3.61 -159.39 97.46
C LYS O 240 3.94 -159.00 98.89
N ASP O 241 4.68 -157.91 99.08
CA ASP O 241 4.99 -157.45 100.42
C ASP O 241 3.73 -157.00 101.15
N ILE O 242 2.82 -156.34 100.44
CA ILE O 242 1.55 -155.94 101.05
C ILE O 242 0.75 -157.15 101.48
N ASP O 243 0.69 -158.17 100.63
CA ASP O 243 -0.03 -159.39 100.98
C ASP O 243 0.63 -160.11 102.16
N GLY O 244 1.95 -160.12 102.21
CA GLY O 244 2.68 -160.71 103.31
C GLY O 244 2.80 -159.86 104.54
N LYS O 245 2.25 -158.64 104.50
CA LYS O 245 2.24 -157.73 105.64
C LYS O 245 3.66 -157.37 106.09
N LYS O 246 4.47 -156.92 105.14
CA LYS O 246 5.80 -156.45 105.46
C LYS O 246 5.73 -155.14 106.25
N ASP O 247 6.78 -154.86 106.99
CA ASP O 247 6.79 -153.72 107.89
C ASP O 247 7.60 -152.55 107.33
N ILE O 248 7.38 -151.38 107.94
CA ILE O 248 8.05 -150.16 107.50
C ILE O 248 9.56 -150.27 107.66
N THR O 249 10.03 -150.90 108.74
CA THR O 249 11.46 -151.02 108.98
C THR O 249 12.15 -151.78 107.84
N ALA O 250 11.63 -152.97 107.52
CA ALA O 250 12.23 -153.75 106.44
C ALA O 250 12.07 -153.06 105.10
N ALA O 251 10.91 -152.43 104.86
CA ALA O 251 10.72 -151.73 103.60
C ALA O 251 11.73 -150.60 103.43
N LEU O 252 11.96 -149.81 104.50
CA LEU O 252 12.94 -148.74 104.43
C LEU O 252 14.35 -149.28 104.27
N ALA O 253 14.68 -150.38 104.95
CA ALA O 253 16.00 -150.96 104.79
C ALA O 253 16.24 -151.39 103.35
N ALA O 254 15.26 -152.07 102.75
CA ALA O 254 15.39 -152.52 101.37
C ALA O 254 15.48 -151.33 100.42
N GLU O 255 14.65 -150.31 100.63
CA GLU O 255 14.67 -149.14 99.78
C GLU O 255 16.02 -148.42 99.86
N ARG O 256 16.58 -148.32 101.06
CA ARG O 256 17.88 -147.67 101.21
C ARG O 256 18.99 -148.49 100.55
N LYS O 257 18.98 -149.81 100.74
CA LYS O 257 20.03 -150.63 100.15
C LYS O 257 19.90 -150.74 98.64
N PHE O 258 18.71 -150.54 98.08
CA PHE O 258 18.55 -150.60 96.63
C PHE O 258 19.35 -149.52 95.93
N PHE O 259 19.24 -148.28 96.42
CA PHE O 259 19.94 -147.17 95.77
C PHE O 259 21.44 -147.23 95.97
N LEU O 260 21.93 -148.08 96.88
CA LEU O 260 23.36 -148.35 96.95
C LEU O 260 23.76 -149.51 96.05
N SER O 261 22.89 -150.50 95.90
CA SER O 261 23.20 -151.63 95.02
C SER O 261 23.20 -151.21 93.56
N HIS O 262 22.28 -150.34 93.16
CA HIS O 262 22.14 -149.99 91.76
C HIS O 262 23.31 -149.13 91.29
N PRO O 263 24.07 -149.55 90.28
CA PRO O 263 25.21 -148.74 89.82
C PRO O 263 24.81 -147.36 89.30
N SER O 264 23.65 -147.24 88.66
CA SER O 264 23.24 -145.96 88.11
C SER O 264 22.78 -144.98 89.18
N TYR O 265 22.37 -145.46 90.35
CA TYR O 265 21.85 -144.61 91.41
C TYR O 265 22.73 -144.61 92.65
N ARG O 266 23.94 -145.17 92.56
CA ARG O 266 24.82 -145.20 93.73
C ARG O 266 25.17 -143.79 94.19
N HIS O 267 25.36 -142.87 93.25
CA HIS O 267 25.74 -141.50 93.57
C HIS O 267 24.54 -140.62 93.85
N LEU O 268 23.38 -141.20 94.18
CA LEU O 268 22.20 -140.42 94.49
C LEU O 268 21.44 -140.97 95.70
N ALA O 269 22.02 -141.94 96.43
CA ALA O 269 21.29 -142.59 97.50
C ALA O 269 20.83 -141.61 98.57
N ASP O 270 21.65 -140.60 98.88
CA ASP O 270 21.24 -139.61 99.87
C ASP O 270 20.18 -138.65 99.33
N ARG O 271 20.11 -138.46 98.01
CA ARG O 271 19.17 -137.53 97.41
C ARG O 271 17.89 -138.19 96.92
N MET O 272 17.78 -139.51 97.00
CA MET O 272 16.59 -140.24 96.62
C MET O 272 16.11 -141.08 97.78
N GLY O 273 14.80 -141.29 97.85
CA GLY O 273 14.23 -142.11 98.90
C GLY O 273 13.13 -141.43 99.69
N THR O 274 12.35 -142.22 100.43
CA THR O 274 11.27 -141.67 101.23
C THR O 274 11.74 -140.68 102.30
N PRO O 275 12.81 -140.94 103.07
CA PRO O 275 13.26 -139.90 104.01
C PRO O 275 13.60 -138.60 103.33
N TYR O 276 14.23 -138.65 102.15
CA TYR O 276 14.55 -137.41 101.45
C TYR O 276 13.29 -136.74 100.92
N LEU O 277 12.29 -137.53 100.54
CA LEU O 277 11.00 -136.95 100.16
C LEU O 277 10.37 -136.20 101.33
N GLN O 278 10.43 -136.80 102.52
CA GLN O 278 9.92 -136.11 103.71
C GLN O 278 10.69 -134.83 103.96
N LYS O 279 12.01 -134.88 103.82
CA LYS O 279 12.83 -133.69 104.04
C LYS O 279 12.48 -132.59 103.05
N VAL O 280 12.29 -132.94 101.79
CA VAL O 280 11.94 -131.93 100.78
C VAL O 280 10.57 -131.34 101.06
N LEU O 281 9.59 -132.18 101.41
CA LEU O 281 8.26 -131.66 101.71
C LEU O 281 8.28 -130.71 102.90
N ASN O 282 9.00 -131.10 103.96
CA ASN O 282 9.07 -130.23 105.14
C ASN O 282 9.83 -128.95 104.84
N GLN O 283 10.87 -129.04 104.01
CA GLN O 283 11.56 -127.83 103.56
C GLN O 283 10.62 -126.91 102.80
N GLN O 284 9.77 -127.49 101.95
CA GLN O 284 8.84 -126.67 101.20
C GLN O 284 7.79 -126.02 102.09
N LEU O 285 7.38 -126.71 103.16
CA LEU O 285 6.47 -126.10 104.12
C LEU O 285 7.15 -124.96 104.87
N THR O 286 8.39 -125.17 105.29
CA THR O 286 9.12 -124.14 106.03
C THR O 286 9.39 -122.93 105.15
N ASN O 287 9.68 -123.16 103.86
CA ASN O 287 9.90 -122.06 102.93
C ASN O 287 8.63 -121.31 102.59
N HIS O 288 7.48 -121.74 103.10
CA HIS O 288 6.26 -120.96 103.06
C HIS O 288 5.97 -120.28 104.38
N ILE O 289 6.18 -120.98 105.50
CA ILE O 289 6.04 -120.35 106.81
C ILE O 289 6.93 -119.12 106.91
N ARG O 290 8.21 -119.29 106.55
CA ARG O 290 9.15 -118.18 106.62
C ARG O 290 8.99 -117.22 105.45
N ASP O 291 8.35 -117.65 104.36
CA ASP O 291 8.03 -116.73 103.27
C ASP O 291 6.97 -115.73 103.69
N THR O 292 5.97 -116.18 104.47
CA THR O 292 4.84 -115.32 104.80
C THR O 292 5.23 -114.22 105.79
N LEU O 293 6.26 -114.44 106.61
CA LEU O 293 6.54 -113.56 107.73
C LEU O 293 6.72 -112.09 107.38
N PRO O 294 7.41 -111.70 106.30
CA PRO O 294 7.51 -110.26 105.99
C PRO O 294 6.17 -109.56 105.87
N GLY O 295 5.19 -110.19 105.22
CA GLY O 295 3.88 -109.57 105.08
C GLY O 295 3.21 -109.37 106.43
N LEU O 296 3.24 -110.39 107.28
CA LEU O 296 2.67 -110.28 108.61
C LEU O 296 3.36 -109.17 109.40
N ARG O 297 4.69 -109.12 109.32
CA ARG O 297 5.43 -108.13 110.11
C ARG O 297 5.08 -106.71 109.68
N ASN O 298 5.04 -106.46 108.36
CA ASN O 298 4.76 -105.09 107.93
C ASN O 298 3.30 -104.72 108.20
N LYS O 299 2.37 -105.66 108.02
CA LYS O 299 0.97 -105.34 108.29
C LYS O 299 0.74 -105.07 109.78
N LEU O 300 1.35 -105.87 110.65
CA LEU O 300 1.21 -105.63 112.08
C LEU O 300 1.94 -104.37 112.50
N GLN O 301 3.03 -104.00 111.82
CA GLN O 301 3.66 -102.72 112.08
C GLN O 301 2.72 -101.58 111.73
N SER O 302 2.00 -101.69 110.61
CA SER O 302 1.01 -100.69 110.25
C SER O 302 -0.10 -100.60 111.30
N GLN O 303 -0.58 -101.75 111.78
CA GLN O 303 -1.64 -101.73 112.79
C GLN O 303 -1.15 -101.15 114.12
N LEU O 304 0.07 -101.48 114.53
CA LEU O 304 0.64 -100.87 115.72
C LEU O 304 0.85 -99.38 115.53
N LEU O 305 1.18 -98.95 114.31
CA LEU O 305 1.24 -97.53 114.00
C LEU O 305 -0.12 -96.87 114.20
N SER O 306 -1.18 -97.57 113.78
CA SER O 306 -2.52 -97.03 113.98
C SER O 306 -2.87 -96.91 115.45
N ILE O 307 -2.48 -97.89 116.28
CA ILE O 307 -2.92 -97.87 117.67
C ILE O 307 -2.00 -97.03 118.56
N GLU O 308 -0.75 -96.79 118.14
CA GLU O 308 0.20 -96.12 119.03
C GLU O 308 -0.21 -94.68 119.29
N LYS O 309 -0.85 -94.02 118.33
CA LYS O 309 -1.31 -92.66 118.54
C LYS O 309 -2.33 -92.61 119.67
N GLU O 310 -3.27 -93.54 119.68
CA GLU O 310 -4.22 -93.61 120.78
C GLU O 310 -3.54 -93.97 122.08
N VAL O 311 -2.50 -94.80 122.03
CA VAL O 311 -1.75 -95.12 123.24
C VAL O 311 -0.95 -93.90 123.73
N GLU O 312 -0.68 -92.93 122.87
CA GLU O 312 0.11 -91.77 123.29
C GLU O 312 -0.59 -91.00 124.40
N GLU O 313 -1.87 -90.68 124.22
CA GLU O 313 -2.62 -90.05 125.30
C GLU O 313 -2.98 -91.05 126.40
N TYR O 314 -2.72 -92.34 126.19
CA TYR O 314 -3.00 -93.37 127.17
C TYR O 314 -1.73 -94.07 127.66
N LYS O 315 -0.64 -93.31 127.83
CA LYS O 315 0.54 -93.88 128.47
C LYS O 315 0.23 -94.30 129.91
N ASN O 316 -0.50 -93.45 130.63
CA ASN O 316 -0.74 -93.64 132.05
C ASN O 316 -2.21 -93.41 132.39
N PHE O 317 -2.67 -94.07 133.45
CA PHE O 317 -4.03 -93.92 133.94
C PHE O 317 -4.06 -94.28 135.41
N ARG O 318 -4.27 -93.29 136.27
CA ARG O 318 -4.40 -93.49 137.70
C ARG O 318 -5.86 -93.36 138.12
N PRO O 319 -6.23 -93.95 139.24
CA PRO O 319 -7.59 -93.74 139.76
C PRO O 319 -7.85 -92.26 140.03
N ASP O 320 -9.08 -91.84 139.72
CA ASP O 320 -9.59 -90.49 139.98
C ASP O 320 -9.01 -89.44 139.05
N ASP O 321 -7.99 -89.81 138.25
CA ASP O 321 -7.44 -89.01 137.16
C ASP O 321 -7.27 -87.55 137.55
N PRO O 322 -6.27 -87.21 138.37
CA PRO O 322 -6.20 -85.84 138.90
C PRO O 322 -6.11 -84.76 137.84
N ALA O 323 -5.38 -84.99 136.75
CA ALA O 323 -5.22 -83.98 135.71
C ALA O 323 -5.81 -84.38 134.37
N ARG O 324 -5.94 -85.69 134.11
CA ARG O 324 -6.58 -86.12 132.87
C ARG O 324 -8.01 -85.60 132.81
N LYS O 325 -8.68 -85.52 133.96
CA LYS O 325 -10.04 -85.00 134.00
C LYS O 325 -10.10 -83.56 133.52
N THR O 326 -9.22 -82.71 134.05
CA THR O 326 -9.20 -81.31 133.62
C THR O 326 -8.83 -81.19 132.16
N LYS O 327 -7.84 -81.97 131.71
CA LYS O 327 -7.43 -81.89 130.30
C LYS O 327 -8.57 -82.27 129.39
N ALA O 328 -9.26 -83.38 129.69
CA ALA O 328 -10.37 -83.83 128.86
C ALA O 328 -11.53 -82.85 128.92
N LEU O 329 -11.76 -82.22 130.09
CA LEU O 329 -12.78 -81.19 130.17
C LEU O 329 -12.47 -80.05 129.22
N LEU O 330 -11.21 -79.62 129.20
CA LEU O 330 -10.84 -78.54 128.28
C LEU O 330 -11.02 -78.97 126.84
N GLN O 331 -10.64 -80.21 126.51
CA GLN O 331 -10.81 -80.69 125.13
C GLN O 331 -12.27 -80.68 124.74
N MET O 332 -13.15 -81.19 125.61
CA MET O 332 -14.57 -81.21 125.30
C MET O 332 -15.14 -79.81 125.16
N VAL O 333 -14.73 -78.89 126.04
CA VAL O 333 -15.24 -77.52 125.96
C VAL O 333 -14.80 -76.86 124.67
N GLN O 334 -13.54 -77.05 124.28
CA GLN O 334 -13.07 -76.48 123.03
C GLN O 334 -13.77 -77.09 121.83
N GLN O 335 -14.00 -78.40 121.85
CA GLN O 335 -14.74 -79.04 120.76
C GLN O 335 -16.14 -78.49 120.66
N PHE O 336 -16.82 -78.33 121.80
CA PHE O 336 -18.17 -77.77 121.78
C PHE O 336 -18.17 -76.35 121.24
N ALA O 337 -17.23 -75.52 121.69
CA ALA O 337 -17.19 -74.13 121.24
C ALA O 337 -16.93 -74.04 119.75
N VAL O 338 -15.94 -74.80 119.26
CA VAL O 338 -15.62 -74.73 117.84
C VAL O 338 -16.75 -75.30 117.01
N ASP O 339 -17.46 -76.30 117.52
CA ASP O 339 -18.58 -76.86 116.76
C ASP O 339 -19.78 -75.93 116.76
N PHE O 340 -20.02 -75.23 117.87
CA PHE O 340 -21.06 -74.21 117.88
C PHE O 340 -20.75 -73.12 116.85
N GLU O 341 -19.51 -72.63 116.86
CA GLU O 341 -19.12 -71.59 115.92
C GLU O 341 -19.20 -72.08 114.49
N LYS O 342 -18.81 -73.34 114.26
CA LYS O 342 -18.90 -73.91 112.91
C LYS O 342 -20.35 -74.08 112.49
N ARG O 343 -21.23 -74.43 113.43
CA ARG O 343 -22.62 -74.69 113.10
C ARG O 343 -23.37 -73.40 112.80
N ILE O 344 -23.04 -72.32 113.51
CA ILE O 344 -23.79 -71.06 113.39
C ILE O 344 -23.02 -70.03 112.55
N GLU O 345 -21.83 -69.63 113.00
CA GLU O 345 -21.05 -68.66 112.25
C GLU O 345 -20.67 -69.21 110.88
N GLY O 346 -20.24 -70.46 110.83
CA GLY O 346 -19.80 -71.06 109.57
C GLY O 346 -18.30 -71.03 109.40
N SER O 347 -17.58 -71.42 110.44
CA SER O 347 -16.13 -71.46 110.36
C SER O 347 -15.67 -72.52 109.35
N GLY O 348 -14.37 -72.56 109.12
CA GLY O 348 -13.83 -73.50 108.16
C GLY O 348 -13.81 -74.94 108.65
N ASP O 349 -12.93 -75.75 108.06
CA ASP O 349 -12.69 -77.13 108.46
C ASP O 349 -13.94 -78.00 108.28
N GLN O 350 -14.36 -78.12 107.03
CA GLN O 350 -15.25 -79.18 106.60
C GLN O 350 -16.61 -79.22 107.30
N ILE O 351 -17.45 -78.23 107.06
CA ILE O 351 -18.84 -78.31 107.50
C ILE O 351 -19.60 -79.26 106.59
N ASP O 352 -20.48 -80.07 107.18
CA ASP O 352 -21.15 -81.14 106.45
C ASP O 352 -22.06 -80.58 105.36
N THR O 353 -22.17 -81.32 104.26
CA THR O 353 -22.99 -80.95 103.12
C THR O 353 -24.21 -81.84 102.94
N TYR O 354 -24.53 -82.68 103.93
CA TYR O 354 -25.59 -83.66 103.74
C TYR O 354 -26.96 -83.01 103.77
N GLU O 355 -27.26 -82.26 104.82
CA GLU O 355 -28.59 -81.69 105.03
C GLU O 355 -28.50 -80.17 105.01
N LEU O 356 -29.62 -79.53 105.33
CA LEU O 356 -29.61 -78.09 105.54
C LEU O 356 -28.71 -77.73 106.72
N SER O 357 -28.42 -78.71 107.57
CA SER O 357 -27.19 -78.79 108.37
C SER O 357 -27.04 -77.59 109.31
N GLY O 358 -27.93 -77.52 110.28
CA GLY O 358 -27.67 -76.73 111.45
C GLY O 358 -28.52 -75.47 111.52
N GLY O 359 -28.53 -74.86 112.69
CA GLY O 359 -29.38 -73.72 112.93
C GLY O 359 -29.07 -72.53 112.05
N ALA O 360 -27.80 -72.39 111.64
CA ALA O 360 -27.36 -71.16 110.96
C ALA O 360 -28.28 -70.81 109.80
N ARG O 361 -28.55 -71.78 108.93
CA ARG O 361 -29.41 -71.47 107.79
C ARG O 361 -30.89 -71.64 108.15
N ILE O 362 -31.21 -72.47 109.14
CA ILE O 362 -32.56 -72.45 109.69
C ILE O 362 -32.82 -71.09 110.35
N ASN O 363 -31.84 -70.59 111.09
CA ASN O 363 -31.95 -69.26 111.67
C ASN O 363 -32.10 -68.21 110.57
N ARG O 364 -31.33 -68.33 109.50
CA ARG O 364 -31.57 -67.45 108.36
C ARG O 364 -32.94 -67.58 107.74
N ILE O 365 -33.47 -68.79 107.56
CA ILE O 365 -34.76 -68.89 106.93
C ILE O 365 -35.79 -68.22 107.82
N PHE O 366 -35.55 -68.21 109.13
CA PHE O 366 -36.38 -67.40 110.02
C PHE O 366 -36.21 -65.91 109.73
N HIS O 367 -34.97 -65.42 109.69
CA HIS O 367 -34.73 -63.99 109.45
C HIS O 367 -35.21 -63.53 108.08
N GLU O 368 -35.45 -64.44 107.15
CA GLU O 368 -35.92 -64.06 105.81
C GLU O 368 -37.27 -64.68 105.44
N ARG O 369 -37.96 -65.29 106.40
CA ARG O 369 -39.38 -65.61 106.26
C ARG O 369 -40.27 -64.79 107.17
N PHE O 370 -39.73 -64.28 108.28
CA PHE O 370 -40.40 -63.32 109.13
C PHE O 370 -40.86 -62.10 108.33
N PRO O 371 -40.09 -61.60 107.34
CA PRO O 371 -40.65 -60.59 106.43
C PRO O 371 -41.80 -61.08 105.56
N PHE O 372 -42.20 -62.34 105.69
CA PHE O 372 -43.48 -62.77 105.17
C PHE O 372 -44.56 -62.82 106.23
N GLU O 373 -44.20 -63.17 107.46
CA GLU O 373 -45.15 -63.14 108.56
C GLU O 373 -45.57 -61.72 108.90
N LEU O 374 -44.73 -60.73 108.62
CA LEU O 374 -45.14 -59.33 108.78
C LEU O 374 -46.19 -58.96 107.75
N VAL O 375 -45.96 -59.34 106.49
CA VAL O 375 -46.87 -58.96 105.41
C VAL O 375 -48.21 -59.67 105.57
N LYS O 376 -48.18 -60.96 105.90
CA LYS O 376 -49.39 -61.79 105.85
C LYS O 376 -50.41 -61.35 106.89
N MET O 377 -49.99 -61.21 108.15
CA MET O 377 -50.95 -61.09 109.24
C MET O 377 -51.69 -59.76 109.24
N GLU O 378 -51.03 -58.68 108.82
CA GLU O 378 -51.58 -57.33 108.98
C GLU O 378 -52.25 -56.88 107.70
N PHE O 379 -53.53 -56.51 107.81
CA PHE O 379 -54.30 -55.99 106.69
C PHE O 379 -55.64 -55.46 107.20
N ASP O 380 -56.13 -54.41 106.54
CA ASP O 380 -57.51 -53.96 106.61
C ASP O 380 -57.71 -52.89 105.55
N GLU O 381 -58.96 -52.72 105.13
CA GLU O 381 -59.28 -51.73 104.12
C GLU O 381 -60.77 -51.44 104.16
N LYS O 382 -61.13 -50.22 103.75
CA LYS O 382 -62.51 -49.75 103.63
C LYS O 382 -63.20 -49.60 104.97
N GLU O 383 -62.51 -49.97 106.05
CA GLU O 383 -62.87 -49.55 107.40
C GLU O 383 -61.97 -48.43 107.89
N LEU O 384 -60.69 -48.47 107.49
CA LEU O 384 -59.80 -47.34 107.71
C LEU O 384 -60.29 -46.10 106.98
N ARG O 385 -61.02 -46.27 105.87
CA ARG O 385 -61.62 -45.12 105.21
C ARG O 385 -62.60 -44.41 106.14
N ARG O 386 -63.48 -45.18 106.79
CA ARG O 386 -64.43 -44.60 107.74
C ARG O 386 -63.71 -43.98 108.94
N GLU O 387 -62.70 -44.68 109.46
CA GLU O 387 -61.97 -44.15 110.60
C GLU O 387 -61.26 -42.84 110.26
N ILE O 388 -60.65 -42.77 109.07
CA ILE O 388 -59.99 -41.55 108.63
C ILE O 388 -61.00 -40.43 108.43
N SER O 389 -62.16 -40.75 107.83
CA SER O 389 -63.19 -39.72 107.66
C SER O 389 -63.58 -39.11 108.99
N TYR O 390 -63.80 -39.96 110.00
CA TYR O 390 -64.20 -39.44 111.30
C TYR O 390 -63.06 -38.67 111.96
N ALA O 391 -61.81 -39.12 111.80
CA ALA O 391 -60.69 -38.38 112.35
C ALA O 391 -60.58 -36.99 111.72
N ILE O 392 -60.77 -36.91 110.40
CA ILE O 392 -60.76 -35.62 109.72
C ILE O 392 -61.86 -34.73 110.25
N LYS O 393 -63.06 -35.26 110.37
CA LYS O 393 -64.20 -34.48 110.82
C LYS O 393 -64.18 -34.20 112.32
N ASN O 394 -63.23 -34.75 113.06
CA ASN O 394 -63.19 -34.49 114.49
C ASN O 394 -61.95 -33.77 115.00
N ILE O 395 -60.81 -33.81 114.30
CA ILE O 395 -59.63 -33.17 114.85
C ILE O 395 -59.53 -31.68 114.49
N HIS O 396 -60.32 -31.21 113.55
CA HIS O 396 -60.57 -29.78 113.44
C HIS O 396 -62.06 -29.60 113.69
N GLY O 397 -62.52 -30.24 114.77
CA GLY O 397 -63.91 -30.61 114.90
C GLY O 397 -64.90 -29.47 114.94
N ILE O 398 -64.51 -28.30 115.46
CA ILE O 398 -65.48 -27.23 115.59
C ILE O 398 -65.52 -26.31 114.37
N ARG O 399 -64.46 -26.26 113.58
CA ARG O 399 -64.31 -25.24 112.55
C ARG O 399 -63.97 -25.87 111.21
N THR O 400 -64.48 -25.27 110.15
CA THR O 400 -64.27 -25.80 108.80
C THR O 400 -62.79 -25.91 108.48
N GLY O 401 -62.29 -27.13 108.40
CA GLY O 401 -60.88 -27.34 108.08
C GLY O 401 -60.66 -27.20 106.58
N LEU O 402 -59.94 -26.15 106.21
CA LEU O 402 -59.65 -25.88 104.82
C LEU O 402 -58.32 -26.51 104.38
N PHE O 403 -57.69 -27.27 105.26
CA PHE O 403 -56.47 -27.99 104.94
C PHE O 403 -56.57 -29.38 105.54
N THR O 404 -56.07 -30.38 104.82
CA THR O 404 -56.16 -31.75 105.29
C THR O 404 -55.35 -31.89 106.58
N PRO O 405 -55.97 -32.28 107.69
CA PRO O 405 -55.27 -32.26 108.98
C PRO O 405 -54.31 -33.42 109.13
N ASP O 406 -53.53 -33.36 110.20
CA ASP O 406 -52.30 -34.13 110.35
C ASP O 406 -52.34 -35.14 111.48
N MET O 407 -52.95 -34.78 112.60
CA MET O 407 -53.09 -35.74 113.70
C MET O 407 -53.90 -36.96 113.27
N ALA O 408 -54.71 -36.85 112.22
CA ALA O 408 -55.41 -38.03 111.70
C ALA O 408 -54.43 -39.02 111.10
N PHE O 409 -53.51 -38.53 110.26
CA PHE O 409 -52.46 -39.39 109.74
C PHE O 409 -51.65 -40.00 110.87
N GLU O 410 -51.30 -39.18 111.86
CA GLU O 410 -50.54 -39.69 113.00
C GLU O 410 -51.31 -40.79 113.72
N THR O 411 -52.61 -40.58 113.95
CA THR O 411 -53.42 -41.57 114.66
C THR O 411 -53.57 -42.86 113.87
N ILE O 412 -53.75 -42.78 112.56
CA ILE O 412 -53.88 -44.00 111.77
C ILE O 412 -52.58 -44.79 111.78
N VAL O 413 -51.45 -44.13 111.52
CA VAL O 413 -50.20 -44.88 111.48
C VAL O 413 -49.83 -45.41 112.85
N LYS O 414 -50.14 -44.66 113.91
CA LYS O 414 -49.85 -45.15 115.26
C LYS O 414 -50.75 -46.32 115.63
N LYS O 415 -52.00 -46.31 115.17
CA LYS O 415 -52.90 -47.43 115.40
C LYS O 415 -52.53 -48.65 114.57
N GLN O 416 -51.78 -48.45 113.48
CA GLN O 416 -51.41 -49.57 112.63
C GLN O 416 -50.02 -50.15 112.93
N VAL O 417 -49.11 -49.36 113.48
CA VAL O 417 -47.75 -49.86 113.75
C VAL O 417 -47.66 -50.44 115.16
N LYS O 418 -48.81 -50.63 115.81
CA LYS O 418 -48.82 -51.28 117.11
C LYS O 418 -49.21 -52.75 117.03
N LYS O 419 -49.63 -53.23 115.87
CA LYS O 419 -49.90 -54.65 115.69
C LYS O 419 -48.63 -55.44 115.38
N ILE O 420 -47.49 -54.77 115.22
CA ILE O 420 -46.23 -55.45 114.94
C ILE O 420 -45.71 -56.18 116.17
N ARG O 421 -46.26 -55.91 117.36
CA ARG O 421 -45.77 -56.54 118.57
C ARG O 421 -45.89 -58.05 118.54
N GLU O 422 -46.85 -58.60 117.80
CA GLU O 422 -47.00 -60.04 117.76
C GLU O 422 -45.96 -60.70 116.85
N PRO O 423 -45.85 -60.29 115.57
CA PRO O 423 -44.89 -61.00 114.69
C PRO O 423 -43.45 -60.96 115.18
N CYS O 424 -43.02 -59.84 115.77
CA CYS O 424 -41.64 -59.74 116.22
C CYS O 424 -41.37 -60.70 117.38
N LEU O 425 -42.30 -60.76 118.35
CA LEU O 425 -42.11 -61.70 119.45
C LEU O 425 -42.17 -63.14 118.97
N LYS O 426 -43.05 -63.42 117.98
CA LYS O 426 -43.08 -64.75 117.41
C LYS O 426 -41.75 -65.10 116.76
N CYS O 427 -41.16 -64.15 116.04
CA CYS O 427 -39.86 -64.38 115.42
C CYS O 427 -38.80 -64.66 116.46
N VAL O 428 -38.80 -63.88 117.55
CA VAL O 428 -37.79 -64.07 118.60
C VAL O 428 -37.93 -65.46 119.22
N ASP O 429 -39.15 -65.87 119.53
CA ASP O 429 -39.34 -67.19 120.13
C ASP O 429 -38.98 -68.30 119.15
N MET O 430 -39.28 -68.12 117.86
CA MET O 430 -38.92 -69.13 116.88
C MET O 430 -37.42 -69.29 116.77
N VAL O 431 -36.69 -68.18 116.74
CA VAL O 431 -35.23 -68.22 116.72
C VAL O 431 -34.70 -68.87 118.00
N ILE O 432 -35.33 -68.58 119.14
CA ILE O 432 -34.92 -69.21 120.38
C ILE O 432 -35.05 -70.73 120.27
N SER O 433 -36.17 -71.19 119.72
CA SER O 433 -36.38 -72.62 119.59
C SER O 433 -35.31 -73.27 118.71
N GLU O 434 -35.04 -72.67 117.55
CA GLU O 434 -34.06 -73.31 116.68
C GLU O 434 -32.67 -73.26 117.28
N LEU O 435 -32.34 -72.20 118.02
CA LEU O 435 -31.01 -72.09 118.60
C LEU O 435 -30.83 -73.02 119.79
N ILE O 436 -31.91 -73.37 120.50
CA ILE O 436 -31.78 -74.42 121.51
C ILE O 436 -31.64 -75.77 120.83
N SER O 437 -32.36 -76.00 119.72
CA SER O 437 -32.19 -77.24 118.99
C SER O 437 -30.75 -77.40 118.50
N THR O 438 -30.15 -76.31 118.04
CA THR O 438 -28.76 -76.37 117.58
C THR O 438 -27.82 -76.74 118.72
N VAL O 439 -28.02 -76.17 119.91
CA VAL O 439 -27.17 -76.53 121.04
C VAL O 439 -27.31 -78.00 121.38
N ARG O 440 -28.54 -78.52 121.41
CA ARG O 440 -28.69 -79.95 121.69
C ARG O 440 -28.04 -80.80 120.60
N GLN O 441 -28.19 -80.39 119.33
CA GLN O 441 -27.65 -81.16 118.22
C GLN O 441 -26.13 -81.19 118.25
N CYS O 442 -25.50 -80.08 118.60
CA CYS O 442 -24.04 -79.99 118.62
C CYS O 442 -23.46 -80.34 119.99
N THR O 443 -24.30 -80.71 120.95
CA THR O 443 -23.82 -81.38 122.14
C THR O 443 -24.01 -82.89 122.10
N LYS O 444 -24.90 -83.38 121.23
CA LYS O 444 -25.10 -84.82 121.11
C LYS O 444 -23.80 -85.58 120.90
N LYS O 445 -22.89 -85.02 120.11
CA LYS O 445 -21.61 -85.69 119.85
C LYS O 445 -20.67 -85.68 121.05
N LEU O 446 -21.10 -85.22 122.21
CA LEU O 446 -20.27 -85.25 123.41
C LEU O 446 -20.63 -86.45 124.29
N GLN O 447 -21.42 -87.38 123.76
CA GLN O 447 -21.89 -88.54 124.49
C GLN O 447 -20.77 -89.43 125.00
N GLN O 448 -19.52 -89.09 124.69
CA GLN O 448 -18.39 -89.82 125.25
C GLN O 448 -18.43 -89.77 126.77
N TYR O 449 -18.61 -88.59 127.35
CA TYR O 449 -18.82 -88.45 128.78
C TYR O 449 -20.28 -88.13 129.05
N PRO O 450 -21.03 -89.02 129.70
CA PRO O 450 -22.31 -88.60 130.27
C PRO O 450 -22.08 -87.75 131.51
N ARG O 451 -23.16 -87.16 132.00
CA ARG O 451 -23.19 -86.31 133.18
C ARG O 451 -22.43 -85.00 132.97
N LEU O 452 -21.82 -84.79 131.81
CA LEU O 452 -21.26 -83.50 131.45
C LEU O 452 -22.00 -82.86 130.29
N ARG O 453 -22.52 -83.65 129.35
CA ARG O 453 -23.41 -83.10 128.35
C ARG O 453 -24.65 -82.51 129.00
N GLU O 454 -25.16 -83.18 130.05
CA GLU O 454 -26.30 -82.65 130.78
C GLU O 454 -26.00 -81.29 131.38
N GLU O 455 -24.85 -81.16 132.04
CA GLU O 455 -24.47 -79.87 132.62
C GLU O 455 -24.28 -78.81 131.55
N MET O 456 -23.62 -79.15 130.45
CA MET O 456 -23.36 -78.17 129.42
C MET O 456 -24.65 -77.67 128.78
N GLU O 457 -25.57 -78.58 128.47
CA GLU O 457 -26.86 -78.18 127.94
C GLU O 457 -27.64 -77.36 128.95
N ARG O 458 -27.65 -77.81 130.22
CA ARG O 458 -28.36 -77.11 131.28
C ARG O 458 -27.82 -75.72 131.53
N ILE O 459 -26.56 -75.46 131.23
CA ILE O 459 -26.01 -74.12 131.40
C ILE O 459 -26.29 -73.25 130.18
N VAL O 460 -26.01 -73.77 128.98
CA VAL O 460 -26.20 -72.94 127.78
C VAL O 460 -27.67 -72.61 127.58
N THR O 461 -28.56 -73.58 127.76
CA THR O 461 -29.98 -73.32 127.56
C THR O 461 -30.52 -72.35 128.59
N THR O 462 -30.07 -72.46 129.85
CA THR O 462 -30.48 -71.49 130.85
C THR O 462 -29.98 -70.09 130.49
N HIS O 463 -28.76 -69.99 129.96
CA HIS O 463 -28.28 -68.68 129.52
C HIS O 463 -29.14 -68.11 128.41
N ILE O 464 -29.51 -68.95 127.44
CA ILE O 464 -30.34 -68.48 126.34
C ILE O 464 -31.70 -68.03 126.85
N ARG O 465 -32.28 -68.77 127.79
CA ARG O 465 -33.55 -68.35 128.36
C ARG O 465 -33.42 -67.05 129.16
N GLU O 466 -32.33 -66.91 129.92
CA GLU O 466 -32.11 -65.67 130.64
C GLU O 466 -31.85 -64.49 129.71
N ARG O 467 -31.49 -64.76 128.46
CA ARG O 467 -31.30 -63.70 127.48
C ARG O 467 -32.55 -63.40 126.66
N GLU O 468 -33.50 -64.34 126.59
CA GLU O 468 -34.71 -64.10 125.82
C GLU O 468 -35.49 -62.92 126.39
N GLY O 469 -35.49 -62.77 127.71
CA GLY O 469 -36.20 -61.64 128.31
C GLY O 469 -35.66 -60.31 127.83
N ARG O 470 -34.33 -60.15 127.86
CA ARG O 470 -33.73 -58.90 127.41
C ARG O 470 -33.97 -58.67 125.93
N THR O 471 -33.84 -59.71 125.10
CA THR O 471 -34.03 -59.44 123.68
C THR O 471 -35.48 -59.12 123.35
N LYS O 472 -36.44 -59.76 124.03
CA LYS O 472 -37.84 -59.42 123.82
C LYS O 472 -38.13 -58.00 124.30
N GLU O 473 -37.53 -57.61 125.42
CA GLU O 473 -37.71 -56.24 125.92
C GLU O 473 -37.22 -55.22 124.90
N GLN O 474 -36.03 -55.45 124.35
CA GLN O 474 -35.52 -54.52 123.33
C GLN O 474 -36.36 -54.56 122.06
N VAL O 475 -36.88 -55.73 121.70
CA VAL O 475 -37.74 -55.84 120.52
C VAL O 475 -38.99 -55.00 120.69
N MET O 476 -39.63 -55.09 121.86
CA MET O 476 -40.81 -54.27 122.12
C MET O 476 -40.43 -52.79 122.11
N LEU O 477 -39.30 -52.45 122.73
CA LEU O 477 -38.94 -51.04 122.86
C LEU O 477 -38.61 -50.42 121.51
N LEU O 478 -38.10 -51.20 120.56
CA LEU O 478 -37.80 -50.63 119.24
C LEU O 478 -39.07 -50.13 118.56
N ILE O 479 -40.10 -50.97 118.47
CA ILE O 479 -41.33 -50.52 117.83
C ILE O 479 -42.03 -49.49 118.70
N ASP O 480 -41.90 -49.59 120.02
CA ASP O 480 -42.47 -48.56 120.88
C ASP O 480 -41.83 -47.21 120.60
N ILE O 481 -40.55 -47.20 120.27
CA ILE O 481 -39.89 -45.99 119.79
C ILE O 481 -40.48 -45.57 118.46
N GLU O 482 -40.71 -46.53 117.56
CA GLU O 482 -41.28 -46.20 116.26
C GLU O 482 -42.65 -45.53 116.39
N LEU O 483 -43.39 -45.85 117.45
CA LEU O 483 -44.68 -45.21 117.72
C LEU O 483 -44.55 -43.80 118.27
N ALA O 484 -43.41 -43.13 118.15
CA ALA O 484 -43.24 -41.84 118.81
C ALA O 484 -43.26 -40.65 117.88
N TYR O 485 -42.60 -40.71 116.72
CA TYR O 485 -42.33 -39.47 115.98
C TYR O 485 -42.99 -39.41 114.62
N MET O 486 -43.11 -40.52 113.90
CA MET O 486 -43.71 -40.54 112.57
C MET O 486 -43.00 -39.58 111.62
N ASN O 487 -41.72 -39.88 111.38
CA ASN O 487 -40.89 -39.03 110.53
C ASN O 487 -41.46 -38.96 109.13
N THR O 488 -41.41 -37.77 108.53
CA THR O 488 -41.95 -37.60 107.18
C THR O 488 -40.98 -36.80 106.31
N ASN O 489 -39.81 -36.44 106.83
CA ASN O 489 -38.77 -35.83 106.00
C ASN O 489 -37.77 -36.90 105.56
N HIS O 490 -38.17 -38.17 105.64
CA HIS O 490 -37.42 -39.27 105.07
C HIS O 490 -37.65 -39.29 103.56
N GLU O 491 -37.25 -40.36 102.88
CA GLU O 491 -37.57 -40.42 101.47
C GLU O 491 -39.07 -40.68 101.22
N ASP O 492 -39.89 -40.68 102.26
CA ASP O 492 -41.33 -40.64 102.08
C ASP O 492 -41.71 -39.43 101.23
N PHE O 493 -42.46 -39.67 100.17
CA PHE O 493 -42.82 -38.60 99.26
C PHE O 493 -43.84 -37.66 99.90
N ILE O 494 -43.77 -36.40 99.51
CA ILE O 494 -44.67 -35.38 100.04
C ILE O 494 -46.11 -35.67 99.62
N PRO O 653 -67.82 -35.51 98.74
CA PRO O 653 -67.41 -34.13 99.06
C PRO O 653 -65.90 -33.94 98.95
N GLN O 654 -65.33 -33.18 99.88
CA GLN O 654 -63.89 -33.10 100.04
C GLN O 654 -63.33 -34.21 100.91
N LEU O 655 -64.21 -34.93 101.61
CA LEU O 655 -63.77 -36.02 102.48
C LEU O 655 -63.12 -37.14 101.68
N GLU O 656 -63.67 -37.47 100.51
CA GLU O 656 -63.08 -38.56 99.74
C GLU O 656 -61.68 -38.22 99.26
N ARG O 657 -61.47 -36.98 98.79
CA ARG O 657 -60.12 -36.59 98.38
C ARG O 657 -59.17 -36.55 99.57
N GLN O 658 -59.65 -36.04 100.72
CA GLN O 658 -58.80 -36.02 101.91
C GLN O 658 -58.41 -37.42 102.34
N VAL O 659 -59.36 -38.35 102.33
CA VAL O 659 -59.09 -39.71 102.76
C VAL O 659 -58.17 -40.42 101.77
N GLU O 660 -58.34 -40.16 100.47
CA GLU O 660 -57.42 -40.75 99.50
C GLU O 660 -56.01 -40.23 99.70
N THR O 661 -55.87 -38.93 99.96
CA THR O 661 -54.54 -38.38 100.22
C THR O 661 -53.96 -38.94 101.50
N ILE O 662 -54.79 -39.21 102.50
CA ILE O 662 -54.29 -39.77 103.75
C ILE O 662 -53.85 -41.22 103.54
N ARG O 663 -54.61 -41.99 102.76
CA ARG O 663 -54.26 -43.39 102.51
C ARG O 663 -52.99 -43.51 101.69
N ASN O 664 -52.84 -42.67 100.66
CA ASN O 664 -51.63 -42.72 99.85
C ASN O 664 -50.37 -42.41 100.66
N LEU O 665 -50.53 -41.77 101.82
CA LEU O 665 -49.41 -41.50 102.71
C LEU O 665 -49.26 -42.58 103.78
N VAL O 666 -50.39 -43.09 104.28
CA VAL O 666 -50.37 -44.14 105.29
C VAL O 666 -49.71 -45.39 104.72
N ASP O 667 -50.05 -45.75 103.48
CA ASP O 667 -49.42 -46.92 102.88
C ASP O 667 -47.91 -46.73 102.73
N SER O 668 -47.48 -45.55 102.29
CA SER O 668 -46.06 -45.30 102.15
C SER O 668 -45.34 -45.40 103.49
N TYR O 669 -45.90 -44.79 104.53
CA TYR O 669 -45.21 -44.85 105.82
C TYR O 669 -45.28 -46.25 106.41
N MET O 670 -46.34 -47.01 106.13
CA MET O 670 -46.37 -48.41 106.52
C MET O 670 -45.23 -49.18 105.88
N ALA O 671 -44.99 -48.95 104.59
CA ALA O 671 -43.87 -49.61 103.93
C ALA O 671 -42.54 -49.17 104.53
N ILE O 672 -42.40 -47.88 104.83
CA ILE O 672 -41.10 -47.39 105.31
C ILE O 672 -40.84 -47.78 106.77
N VAL O 673 -41.88 -48.04 107.55
CA VAL O 673 -41.65 -48.58 108.88
C VAL O 673 -41.47 -50.09 108.83
N ASN O 674 -42.09 -50.77 107.84
CA ASN O 674 -41.83 -52.18 107.65
C ASN O 674 -40.38 -52.42 107.27
N LYS O 675 -39.83 -51.58 106.39
CA LYS O 675 -38.43 -51.73 106.01
C LYS O 675 -37.52 -51.58 107.22
N THR O 676 -37.79 -50.58 108.05
CA THR O 676 -36.94 -50.28 109.20
C THR O 676 -37.08 -51.32 110.31
N VAL O 677 -38.24 -51.93 110.47
CA VAL O 677 -38.35 -53.00 111.46
C VAL O 677 -37.80 -54.32 110.90
N ARG O 678 -37.88 -54.51 109.58
CA ARG O 678 -37.34 -55.70 108.95
C ARG O 678 -35.80 -55.69 108.94
N ASP O 679 -35.19 -54.52 108.86
CA ASP O 679 -33.74 -54.43 108.91
C ASP O 679 -33.18 -54.47 110.32
N LEU O 680 -34.02 -54.27 111.34
CA LEU O 680 -33.55 -54.22 112.71
C LEU O 680 -34.15 -55.29 113.60
N MET O 681 -34.97 -56.19 113.08
CA MET O 681 -35.35 -57.33 113.88
C MET O 681 -34.23 -58.37 113.95
N PRO O 682 -33.61 -58.74 112.80
CA PRO O 682 -32.44 -59.63 112.88
C PRO O 682 -31.36 -59.06 113.77
N LYS O 683 -30.90 -57.85 113.45
CA LYS O 683 -29.81 -57.24 114.20
C LYS O 683 -30.14 -57.17 115.69
N THR O 684 -31.40 -56.86 116.02
CA THR O 684 -31.79 -56.80 117.42
C THR O 684 -31.67 -58.16 118.09
N ILE O 685 -32.15 -59.21 117.42
CA ILE O 685 -32.09 -60.54 118.02
C ILE O 685 -30.65 -60.96 118.26
N MET O 686 -29.81 -60.82 117.25
CA MET O 686 -28.48 -61.41 117.27
C MET O 686 -27.54 -60.66 118.20
N HIS O 687 -27.59 -59.33 118.17
CA HIS O 687 -26.72 -58.56 119.05
C HIS O 687 -27.00 -58.86 120.51
N LEU O 688 -28.21 -59.31 120.83
CA LEU O 688 -28.57 -59.66 122.20
C LEU O 688 -28.50 -61.15 122.48
N MET O 689 -28.91 -61.98 121.51
CA MET O 689 -29.01 -63.43 121.73
C MET O 689 -27.77 -64.16 121.23
N ILE O 690 -27.46 -64.05 119.94
CA ILE O 690 -26.49 -64.95 119.33
C ILE O 690 -25.07 -64.44 119.54
N ASN O 691 -24.82 -63.19 119.17
CA ASN O 691 -23.50 -62.63 119.39
C ASN O 691 -23.22 -62.36 120.84
N ASN O 692 -24.10 -62.81 121.75
CA ASN O 692 -23.82 -62.83 123.17
C ASN O 692 -23.70 -64.24 123.72
N THR O 693 -24.51 -65.19 123.24
CA THR O 693 -24.31 -66.57 123.65
C THR O 693 -22.99 -67.11 123.09
N LYS O 694 -22.55 -66.60 121.95
CA LYS O 694 -21.26 -67.01 121.41
C LYS O 694 -20.13 -66.58 122.34
N GLU O 695 -20.17 -65.34 122.81
CA GLU O 695 -19.16 -64.88 123.75
C GLU O 695 -19.29 -65.58 125.09
N PHE O 696 -20.50 -65.92 125.51
CA PHE O 696 -20.66 -66.71 126.72
C PHE O 696 -19.98 -68.07 126.58
N ILE O 697 -20.15 -68.72 125.42
CA ILE O 697 -19.50 -70.00 125.17
C ILE O 697 -17.99 -69.84 125.20
N PHE O 698 -17.48 -68.82 124.49
CA PHE O 698 -16.04 -68.65 124.34
C PHE O 698 -15.36 -68.10 125.59
N SER O 699 -16.10 -67.56 126.54
CA SER O 699 -15.48 -66.95 127.72
C SER O 699 -15.88 -67.61 129.03
N GLU O 700 -17.17 -67.73 129.30
CA GLU O 700 -17.66 -68.01 130.65
C GLU O 700 -18.04 -69.47 130.89
N LEU O 701 -18.21 -70.27 129.83
CA LEU O 701 -18.64 -71.65 130.02
C LEU O 701 -17.62 -72.44 130.83
N LEU O 702 -16.34 -72.23 130.54
CA LEU O 702 -15.29 -72.97 131.21
C LEU O 702 -15.30 -72.70 132.71
N ALA O 703 -15.50 -71.44 133.11
CA ALA O 703 -15.53 -71.11 134.53
C ALA O 703 -16.67 -71.83 135.24
N ASN O 704 -17.87 -71.80 134.67
CA ASN O 704 -19.00 -72.47 135.32
C ASN O 704 -18.76 -73.96 135.42
N LEU O 705 -18.30 -74.58 134.33
CA LEU O 705 -18.10 -76.02 134.33
C LEU O 705 -17.02 -76.44 135.33
N TYR O 706 -15.94 -75.67 135.42
CA TYR O 706 -14.89 -76.05 136.37
C TYR O 706 -15.29 -75.73 137.81
N SER O 707 -16.14 -74.71 138.00
CA SER O 707 -16.51 -74.29 139.34
C SER O 707 -17.62 -75.12 139.95
N CYS O 708 -18.47 -75.74 139.13
CA CYS O 708 -19.51 -76.59 139.68
C CYS O 708 -18.89 -77.77 140.41
N GLY O 709 -19.55 -78.20 141.48
CA GLY O 709 -18.94 -79.13 142.41
C GLY O 709 -18.77 -80.53 141.86
N ASP O 710 -18.00 -81.32 142.60
CA ASP O 710 -17.77 -82.74 142.33
C ASP O 710 -17.15 -82.93 140.94
N GLN O 711 -15.92 -82.43 140.82
CA GLN O 711 -15.13 -82.62 139.62
C GLN O 711 -15.02 -84.09 139.23
N ASN O 712 -14.91 -84.97 140.22
CA ASN O 712 -14.74 -86.40 139.93
C ASN O 712 -15.96 -86.99 139.23
N THR O 713 -17.15 -86.42 139.45
CA THR O 713 -18.35 -86.91 138.82
C THR O 713 -18.81 -86.07 137.64
N LEU O 714 -18.27 -84.87 137.47
CA LEU O 714 -18.61 -84.12 136.27
C LEU O 714 -18.10 -84.83 135.02
N MET O 715 -16.93 -85.46 135.10
CA MET O 715 -16.40 -86.29 134.02
C MET O 715 -16.55 -87.75 134.45
N GLU O 716 -17.67 -88.36 134.07
CA GLU O 716 -17.87 -89.79 134.22
C GLU O 716 -17.36 -90.50 132.97
N GLU O 717 -16.42 -91.42 133.17
CA GLU O 717 -16.08 -92.33 132.09
C GLU O 717 -17.29 -93.15 131.72
N SER O 718 -17.67 -93.10 130.45
CA SER O 718 -18.74 -93.96 129.97
C SER O 718 -18.20 -95.37 129.80
N ALA O 719 -19.07 -96.35 130.02
CA ALA O 719 -18.66 -97.74 129.85
C ALA O 719 -18.10 -97.98 128.45
N GLU O 720 -18.68 -97.31 127.45
CA GLU O 720 -18.22 -97.49 126.08
C GLU O 720 -16.76 -97.09 125.94
N GLN O 721 -16.40 -95.88 126.36
CA GLN O 721 -15.03 -95.44 126.14
C GLN O 721 -14.07 -96.15 127.09
N ALA O 722 -14.52 -96.51 128.30
CA ALA O 722 -13.63 -97.20 129.21
C ALA O 722 -13.30 -98.61 128.73
N GLN O 723 -14.32 -99.36 128.30
CA GLN O 723 -14.08 -100.68 127.74
C GLN O 723 -13.25 -100.58 126.46
N ARG O 724 -13.54 -99.59 125.61
CA ARG O 724 -12.75 -99.42 124.40
C ARG O 724 -11.29 -99.14 124.74
N ARG O 725 -11.05 -98.30 125.73
CA ARG O 725 -9.68 -97.95 126.11
C ARG O 725 -8.93 -99.16 126.65
N ASP O 726 -9.57 -99.92 127.53
CA ASP O 726 -8.91 -101.11 128.07
C ASP O 726 -8.64 -102.13 126.97
N GLU O 727 -9.58 -102.29 126.04
CA GLU O 727 -9.38 -103.25 124.96
C GLU O 727 -8.29 -102.78 124.01
N MET O 728 -8.18 -101.47 123.79
CA MET O 728 -7.01 -100.92 123.09
C MET O 728 -5.71 -101.29 123.80
N LEU O 729 -5.67 -101.14 125.12
CA LEU O 729 -4.45 -101.46 125.86
C LEU O 729 -4.08 -102.92 125.68
N ARG O 730 -5.06 -103.81 125.83
CA ARG O 730 -4.80 -105.25 125.66
C ARG O 730 -4.37 -105.56 124.23
N MET O 731 -5.00 -104.90 123.26
CA MET O 731 -4.64 -105.11 121.86
C MET O 731 -3.21 -104.68 121.58
N TYR O 732 -2.80 -103.54 122.14
CA TYR O 732 -1.43 -103.07 121.97
C TYR O 732 -0.43 -104.05 122.58
N HIS O 733 -0.73 -104.55 123.78
CA HIS O 733 0.17 -105.51 124.39
C HIS O 733 0.25 -106.80 123.58
N ALA O 734 -0.90 -107.27 123.08
CA ALA O 734 -0.89 -108.49 122.26
C ALA O 734 -0.11 -108.29 120.97
N LEU O 735 -0.25 -107.13 120.34
CA LEU O 735 0.53 -106.86 119.13
C LEU O 735 2.02 -106.76 119.44
N LYS O 736 2.38 -106.20 120.59
CA LYS O 736 3.79 -106.19 120.99
C LYS O 736 4.32 -107.62 121.13
N GLU O 737 3.54 -108.49 121.77
CA GLU O 737 3.95 -109.88 121.90
C GLU O 737 4.07 -110.56 120.53
N ALA O 738 3.14 -110.27 119.62
CA ALA O 738 3.18 -110.88 118.30
C ALA O 738 4.41 -110.44 117.53
N LEU O 739 4.77 -109.16 117.60
CA LEU O 739 5.98 -108.72 116.92
C LEU O 739 7.24 -109.27 117.57
N SER O 740 7.23 -109.46 118.89
CA SER O 740 8.36 -110.13 119.53
C SER O 740 8.48 -111.58 119.04
N ILE O 741 7.35 -112.26 118.87
CA ILE O 741 7.38 -113.63 118.36
C ILE O 741 7.89 -113.66 116.93
N ILE O 742 7.47 -112.71 116.09
CA ILE O 742 8.01 -112.63 114.74
C ILE O 742 9.52 -112.42 114.78
N GLY O 743 9.98 -111.55 115.68
CA GLY O 743 11.42 -111.33 115.79
C GLY O 743 12.18 -112.59 116.18
N ASN O 744 11.66 -113.33 117.16
CA ASN O 744 12.35 -114.52 117.64
C ASN O 744 12.10 -115.75 116.79
N ILE O 745 11.21 -115.69 115.80
CA ILE O 745 10.99 -116.79 114.87
C ILE O 745 11.71 -116.58 113.55
N ASN O 746 11.72 -115.34 113.04
CA ASN O 746 12.40 -115.05 111.79
C ASN O 746 13.89 -115.35 111.88
N THR O 747 14.46 -115.34 113.08
CA THR O 747 15.86 -115.67 113.27
C THR O 747 16.08 -117.19 113.22
N ASN P 3 118.37 -109.07 89.35
CA ASN P 3 119.48 -108.28 88.80
C ASN P 3 120.06 -107.32 89.83
N ARG P 4 121.39 -107.26 89.90
CA ARG P 4 122.06 -106.43 90.89
C ARG P 4 121.99 -104.95 90.58
N GLY P 5 121.72 -104.59 89.33
CA GLY P 5 121.58 -103.18 89.00
C GLY P 5 120.47 -102.51 89.77
N MET P 6 119.39 -103.25 90.05
CA MET P 6 118.28 -102.66 90.79
C MET P 6 118.58 -102.57 92.28
N GLU P 7 119.34 -103.55 92.82
CA GLU P 7 119.90 -103.40 94.16
C GLU P 7 120.79 -102.17 94.28
N ASP P 8 121.48 -101.81 93.20
CA ASP P 8 122.33 -100.62 93.23
C ASP P 8 121.49 -99.35 93.40
N LEU P 9 120.21 -99.38 93.03
CA LEU P 9 119.38 -98.19 93.06
C LEU P 9 118.34 -98.18 94.18
N ILE P 10 118.02 -99.33 94.77
CA ILE P 10 117.03 -99.34 95.85
C ILE P 10 117.39 -98.42 97.02
N PRO P 11 118.64 -98.32 97.48
CA PRO P 11 118.86 -97.45 98.65
C PRO P 11 118.71 -95.97 98.31
N LEU P 12 119.14 -95.55 97.12
CA LEU P 12 119.08 -94.14 96.77
C LEU P 12 117.67 -93.66 96.47
N VAL P 13 116.70 -94.55 96.37
CA VAL P 13 115.30 -94.14 96.19
C VAL P 13 114.56 -94.37 97.51
N ASN P 14 114.98 -95.39 98.26
CA ASN P 14 114.35 -95.67 99.54
C ASN P 14 114.71 -94.61 100.57
N ARG P 15 115.91 -94.04 100.48
CA ARG P 15 116.32 -92.94 101.34
C ARG P 15 115.71 -91.62 100.89
N LEU P 16 115.20 -91.57 99.66
CA LEU P 16 114.72 -90.35 99.05
C LEU P 16 113.22 -90.18 99.19
N GLN P 17 112.45 -91.13 98.66
CA GLN P 17 110.99 -91.01 98.64
C GLN P 17 110.42 -91.04 100.04
N ASP P 18 111.04 -91.79 100.95
CA ASP P 18 110.56 -91.82 102.33
C ASP P 18 110.63 -90.42 102.94
N ALA P 19 111.70 -89.68 102.67
CA ALA P 19 111.81 -88.33 103.21
C ALA P 19 110.83 -87.38 102.52
N PHE P 20 110.77 -87.40 101.19
CA PHE P 20 109.85 -86.51 100.49
C PHE P 20 108.39 -86.82 100.80
N SER P 21 108.08 -88.00 101.32
CA SER P 21 106.73 -88.29 101.76
C SER P 21 106.55 -88.10 103.26
N ALA P 22 107.63 -88.13 104.04
CA ALA P 22 107.55 -87.83 105.45
C ALA P 22 107.34 -86.34 105.69
N ILE P 23 107.82 -85.49 104.77
CA ILE P 23 107.48 -84.07 104.86
C ILE P 23 106.00 -83.82 104.60
N GLY P 24 105.27 -84.84 104.15
CA GLY P 24 103.84 -84.74 103.91
C GLY P 24 103.44 -84.24 102.55
N GLN P 25 104.36 -83.65 101.79
CA GLN P 25 104.03 -83.14 100.47
C GLN P 25 103.83 -84.28 99.49
N ASN P 26 103.04 -84.00 98.45
CA ASN P 26 102.87 -84.96 97.35
C ASN P 26 104.01 -84.82 96.36
N ALA P 27 105.25 -84.85 96.85
CA ALA P 27 106.42 -84.84 95.99
C ALA P 27 106.78 -86.27 95.60
N ASP P 28 107.06 -86.46 94.32
CA ASP P 28 107.29 -87.81 93.81
C ASP P 28 108.38 -87.78 92.76
N LEU P 29 109.03 -88.93 92.58
CA LEU P 29 110.09 -89.05 91.59
C LEU P 29 109.53 -89.33 90.20
N ASP P 30 108.48 -90.14 90.12
CA ASP P 30 107.88 -90.54 88.85
C ASP P 30 108.90 -91.26 87.98
N LEU P 31 109.34 -92.43 88.46
CA LEU P 31 110.17 -93.30 87.64
C LEU P 31 109.41 -93.65 86.37
N PRO P 32 110.03 -93.50 85.19
CA PRO P 32 109.33 -93.81 83.95
C PRO P 32 108.93 -95.28 83.90
N GLN P 33 107.79 -95.53 83.28
CA GLN P 33 107.30 -96.88 83.12
C GLN P 33 107.80 -97.49 81.81
N ILE P 34 108.06 -98.79 81.85
CA ILE P 34 108.72 -99.48 80.75
C ILE P 34 107.67 -100.22 79.94
N ALA P 35 107.47 -99.80 78.70
CA ALA P 35 106.59 -100.50 77.76
C ALA P 35 107.42 -101.01 76.60
N VAL P 36 106.94 -102.08 75.97
CA VAL P 36 107.62 -102.69 74.83
C VAL P 36 106.66 -102.74 73.66
N VAL P 37 107.16 -102.41 72.47
CA VAL P 37 106.35 -102.41 71.25
C VAL P 37 107.11 -103.19 70.18
N GLY P 38 106.37 -103.61 69.17
CA GLY P 38 106.93 -104.35 68.06
C GLY P 38 105.89 -105.26 67.44
N GLY P 39 106.35 -106.03 66.45
CA GLY P 39 105.49 -106.98 65.79
C GLY P 39 105.38 -108.29 66.56
N GLN P 40 104.48 -109.14 66.10
CA GLN P 40 104.28 -110.42 66.74
C GLN P 40 105.54 -111.27 66.64
N SER P 41 105.79 -112.06 67.67
CA SER P 41 106.93 -112.97 67.74
C SER P 41 108.26 -112.22 67.69
N ALA P 42 108.29 -111.00 68.23
CA ALA P 42 109.55 -110.28 68.36
C ALA P 42 110.31 -110.64 69.62
N GLY P 43 109.67 -111.30 70.58
CA GLY P 43 110.35 -111.70 71.81
C GLY P 43 110.19 -110.76 72.97
N LYS P 44 109.13 -109.96 73.00
CA LYS P 44 108.98 -108.91 74.02
C LYS P 44 108.85 -109.51 75.40
N SER P 45 108.01 -110.54 75.55
CA SER P 45 107.84 -111.16 76.86
C SER P 45 109.15 -111.75 77.37
N SER P 46 109.93 -112.36 76.49
CA SER P 46 111.23 -112.88 76.89
C SER P 46 112.24 -111.78 77.18
N VAL P 47 112.06 -110.59 76.60
CA VAL P 47 112.89 -109.45 76.97
C VAL P 47 112.55 -109.00 78.39
N LEU P 48 111.26 -108.86 78.71
CA LEU P 48 110.88 -108.44 80.06
C LEU P 48 111.30 -109.46 81.10
N GLU P 49 111.11 -110.75 80.80
CA GLU P 49 111.55 -111.79 81.72
C GLU P 49 113.02 -111.67 82.05
N ASN P 50 113.86 -111.44 81.04
CA ASN P 50 115.29 -111.35 81.27
C ASN P 50 115.68 -110.05 81.94
N PHE P 51 114.97 -108.96 81.67
CA PHE P 51 115.25 -107.71 82.36
C PHE P 51 114.94 -107.82 83.84
N VAL P 52 113.85 -108.49 84.19
CA VAL P 52 113.53 -108.70 85.60
C VAL P 52 114.52 -109.66 86.23
N GLY P 53 114.59 -110.88 85.71
CA GLY P 53 115.50 -111.88 86.24
C GLY P 53 114.82 -113.13 86.73
N ARG P 54 113.51 -113.23 86.50
CA ARG P 54 112.73 -114.37 86.96
C ARG P 54 111.77 -114.80 85.85
N ASP P 55 111.40 -116.08 85.88
CA ASP P 55 110.63 -116.70 84.81
C ASP P 55 109.16 -116.69 85.21
N PHE P 56 108.45 -115.63 84.82
CA PHE P 56 107.05 -115.49 85.21
C PHE P 56 106.20 -114.93 84.08
N LEU P 57 106.56 -115.22 82.83
CA LEU P 57 105.79 -114.71 81.71
C LEU P 57 105.54 -115.81 80.70
N PRO P 58 104.44 -115.72 79.94
CA PRO P 58 104.19 -116.71 78.89
C PRO P 58 104.88 -116.35 77.60
N ARG P 59 105.36 -117.37 76.89
CA ARG P 59 106.04 -117.15 75.62
C ARG P 59 105.97 -118.43 74.81
N GLY P 60 106.10 -118.28 73.49
CA GLY P 60 106.10 -119.43 72.61
C GLY P 60 105.85 -119.00 71.18
N SER P 61 105.88 -120.00 70.30
CA SER P 61 105.57 -119.75 68.90
C SER P 61 104.10 -119.34 68.76
N GLY P 62 103.78 -118.69 67.64
CA GLY P 62 102.44 -118.19 67.49
C GLY P 62 102.20 -116.99 68.39
N ILE P 63 100.93 -116.70 68.61
CA ILE P 63 100.52 -115.57 69.44
C ILE P 63 100.42 -116.04 70.88
N VAL P 64 101.11 -115.36 71.79
CA VAL P 64 101.14 -115.75 73.19
C VAL P 64 100.67 -114.61 74.08
N THR P 65 101.40 -113.49 74.05
CA THR P 65 101.01 -112.34 74.86
C THR P 65 99.75 -111.74 74.27
N ARG P 66 98.61 -112.18 74.76
CA ARG P 66 97.32 -111.87 74.15
C ARG P 66 96.56 -110.77 74.87
N ARG P 67 96.97 -110.43 76.09
CA ARG P 67 96.37 -109.35 76.86
C ARG P 67 97.47 -108.49 77.47
N PRO P 68 97.29 -107.18 77.50
CA PRO P 68 98.30 -106.31 78.12
C PRO P 68 98.50 -106.69 79.58
N LEU P 69 99.76 -106.68 80.00
CA LEU P 69 100.12 -107.05 81.37
C LEU P 69 100.79 -105.86 82.02
N VAL P 70 100.17 -105.33 83.08
CA VAL P 70 100.75 -104.23 83.84
C VAL P 70 101.40 -104.87 85.06
N LEU P 71 102.66 -105.21 84.93
CA LEU P 71 103.46 -105.66 86.06
C LEU P 71 103.87 -104.45 86.89
N GLN P 72 103.82 -104.60 88.20
CA GLN P 72 104.28 -103.56 89.12
C GLN P 72 105.23 -104.22 90.11
N LEU P 73 106.51 -103.94 89.94
CA LEU P 73 107.50 -104.33 90.93
C LEU P 73 107.39 -103.36 92.10
N VAL P 74 107.26 -103.89 93.31
CA VAL P 74 107.10 -103.09 94.51
C VAL P 74 108.06 -103.59 95.59
N ASN P 75 108.83 -102.67 96.16
CA ASN P 75 109.77 -103.01 97.22
C ASN P 75 108.99 -103.37 98.49
N ALA P 76 109.32 -104.52 99.07
CA ALA P 76 108.61 -105.00 100.24
C ALA P 76 109.57 -105.86 101.07
N THR P 77 109.02 -106.54 102.07
CA THR P 77 109.83 -107.33 102.98
C THR P 77 110.25 -108.65 102.36
N THR P 78 109.28 -109.48 101.99
CA THR P 78 109.53 -110.81 101.46
C THR P 78 109.16 -110.86 99.97
N GLU P 79 109.49 -112.00 99.36
CA GLU P 79 109.27 -112.22 97.93
C GLU P 79 107.95 -112.95 97.74
N TYR P 80 107.05 -112.33 96.96
CA TYR P 80 105.81 -112.97 96.54
C TYR P 80 105.22 -112.14 95.43
N ALA P 81 104.08 -112.59 94.89
CA ALA P 81 103.40 -111.87 93.84
C ALA P 81 101.91 -112.15 93.92
N GLU P 82 101.11 -111.15 93.56
CA GLU P 82 99.66 -111.30 93.60
C GLU P 82 99.04 -110.63 92.38
N PHE P 83 98.00 -111.27 91.85
CA PHE P 83 97.18 -110.70 90.80
C PHE P 83 96.20 -109.71 91.40
N LEU P 84 95.28 -109.22 90.57
CA LEU P 84 94.24 -108.32 91.02
C LEU P 84 92.86 -108.95 91.01
N HIS P 85 92.58 -109.81 90.03
CA HIS P 85 91.30 -110.52 89.98
C HIS P 85 91.15 -111.55 91.09
N CYS P 86 92.24 -111.91 91.77
CA CYS P 86 92.26 -112.94 92.80
C CYS P 86 92.88 -112.39 94.08
N LYS P 87 92.37 -111.24 94.53
CA LYS P 87 92.93 -110.54 95.69
C LYS P 87 93.14 -111.48 96.86
N GLY P 88 94.27 -111.31 97.54
CA GLY P 88 94.62 -112.11 98.68
C GLY P 88 95.32 -113.42 98.38
N LYS P 89 95.28 -113.87 97.13
CA LYS P 89 95.94 -115.12 96.74
C LYS P 89 97.38 -114.80 96.39
N LYS P 90 98.27 -114.89 97.37
CA LYS P 90 99.69 -114.62 97.17
C LYS P 90 100.35 -115.79 96.44
N PHE P 91 101.13 -115.47 95.41
CA PHE P 91 101.82 -116.47 94.61
C PHE P 91 103.31 -116.41 94.89
N THR P 92 103.89 -117.58 95.20
CA THR P 92 105.32 -117.72 95.36
C THR P 92 105.95 -118.61 94.31
N ASP P 93 105.18 -119.53 93.71
CA ASP P 93 105.69 -120.43 92.69
C ASP P 93 105.50 -119.76 91.33
N PHE P 94 106.61 -119.37 90.72
CA PHE P 94 106.56 -118.65 89.45
C PHE P 94 106.00 -119.51 88.33
N GLU P 95 106.11 -120.84 88.43
CA GLU P 95 105.41 -121.69 87.47
C GLU P 95 103.90 -121.55 87.59
N GLU P 96 103.41 -121.46 88.83
CA GLU P 96 101.99 -121.18 89.02
C GLU P 96 101.62 -119.81 88.48
N VAL P 97 102.50 -118.82 88.65
CA VAL P 97 102.24 -117.49 88.10
C VAL P 97 102.12 -117.57 86.58
N ARG P 98 103.05 -118.29 85.94
CA ARG P 98 103.05 -118.41 84.49
C ARG P 98 101.80 -119.14 84.00
N LEU P 99 101.39 -120.19 84.70
CA LEU P 99 100.17 -120.89 84.30
C LEU P 99 98.94 -120.00 84.48
N GLU P 100 98.86 -119.28 85.61
CA GLU P 100 97.67 -118.50 85.91
C GLU P 100 97.55 -117.31 84.97
N ILE P 101 98.67 -116.72 84.55
CA ILE P 101 98.58 -115.55 83.68
C ILE P 101 97.96 -115.94 82.34
N GLU P 102 98.36 -117.07 81.76
CA GLU P 102 97.73 -117.48 80.51
C GLU P 102 96.32 -118.03 80.73
N ALA P 103 96.06 -118.61 81.92
CA ALA P 103 94.70 -119.01 82.22
C ALA P 103 93.76 -117.80 82.25
N GLU P 104 94.20 -116.71 82.87
CA GLU P 104 93.41 -115.47 82.83
C GLU P 104 93.38 -114.90 81.42
N THR P 105 94.47 -115.08 80.67
CA THR P 105 94.53 -114.55 79.31
C THR P 105 93.46 -115.16 78.42
N ASP P 106 93.30 -116.48 78.49
CA ASP P 106 92.29 -117.11 77.65
C ASP P 106 90.92 -117.20 78.33
N ARG P 107 90.83 -116.96 79.63
CA ARG P 107 89.53 -116.94 80.30
C ARG P 107 88.63 -115.81 79.82
N VAL P 108 89.20 -114.81 79.15
CA VAL P 108 88.42 -113.67 78.69
C VAL P 108 88.21 -113.69 77.19
N THR P 109 89.17 -114.20 76.41
CA THR P 109 89.11 -114.15 74.96
C THR P 109 88.86 -115.50 74.30
N GLY P 110 89.18 -116.60 74.97
CA GLY P 110 89.08 -117.91 74.36
C GLY P 110 90.43 -118.40 73.89
N THR P 111 90.37 -119.46 73.07
CA THR P 111 91.57 -120.05 72.51
C THR P 111 91.70 -119.72 71.02
N ASN P 112 90.85 -118.84 70.50
CA ASN P 112 90.81 -118.53 69.07
C ASN P 112 91.55 -117.23 68.77
N LYS P 113 92.57 -116.90 69.56
CA LYS P 113 93.51 -115.81 69.28
C LYS P 113 92.84 -114.44 69.19
N GLY P 114 91.72 -114.25 69.89
CA GLY P 114 91.17 -112.91 70.01
C GLY P 114 91.79 -112.17 71.17
N ILE P 115 91.69 -110.83 71.16
CA ILE P 115 92.36 -110.05 72.19
C ILE P 115 91.33 -109.15 72.87
N SER P 116 91.74 -108.63 74.03
CA SER P 116 90.90 -107.78 74.86
C SER P 116 91.74 -106.60 75.32
N PRO P 117 91.23 -105.38 75.18
CA PRO P 117 92.02 -104.20 75.58
C PRO P 117 91.95 -103.92 77.06
N VAL P 118 91.48 -104.87 77.86
CA VAL P 118 91.38 -104.71 79.31
C VAL P 118 92.65 -105.28 79.93
N PRO P 119 93.46 -104.46 80.59
CA PRO P 119 94.76 -104.93 81.09
C PRO P 119 94.65 -106.01 82.14
N ILE P 120 95.81 -106.55 82.55
CA ILE P 120 95.89 -107.53 83.62
C ILE P 120 96.91 -106.95 84.61
N ASN P 121 96.43 -106.45 85.74
CA ASN P 121 97.34 -105.95 86.74
C ASN P 121 98.00 -107.10 87.50
N LEU P 122 99.26 -106.89 87.86
CA LEU P 122 100.02 -107.88 88.62
C LEU P 122 101.01 -107.11 89.47
N ARG P 123 101.23 -107.57 90.70
CA ARG P 123 102.16 -106.89 91.59
C ARG P 123 103.12 -107.91 92.19
N VAL P 124 104.40 -107.73 91.92
CA VAL P 124 105.45 -108.56 92.52
C VAL P 124 106.09 -107.77 93.63
N TYR P 125 105.91 -108.22 94.87
CA TYR P 125 106.49 -107.59 96.03
C TYR P 125 107.78 -108.32 96.38
N SER P 126 108.87 -107.57 96.49
CA SER P 126 110.17 -108.18 96.76
C SER P 126 111.11 -107.12 97.27
N PRO P 127 112.09 -107.48 98.11
CA PRO P 127 113.13 -106.52 98.51
C PRO P 127 114.11 -106.22 97.39
N HIS P 128 114.01 -106.88 96.25
CA HIS P 128 114.97 -106.76 95.17
C HIS P 128 114.43 -105.98 93.98
N VAL P 129 113.36 -105.21 94.18
CA VAL P 129 112.75 -104.46 93.10
C VAL P 129 112.48 -103.03 93.55
N LEU P 130 112.41 -102.14 92.57
CA LEU P 130 112.00 -100.76 92.78
C LEU P 130 110.47 -100.68 92.80
N ASN P 131 109.93 -99.47 92.72
CA ASN P 131 108.51 -99.26 92.49
C ASN P 131 108.25 -98.98 91.00
N LEU P 132 108.45 -100.01 90.19
CA LEU P 132 108.44 -99.85 88.75
C LEU P 132 107.17 -100.43 88.12
N THR P 133 106.82 -99.87 86.96
CA THR P 133 105.67 -100.30 86.16
C THR P 133 106.18 -100.80 84.83
N LEU P 134 106.07 -102.10 84.60
CA LEU P 134 106.48 -102.73 83.35
C LEU P 134 105.23 -103.12 82.59
N VAL P 135 105.02 -102.51 81.44
CA VAL P 135 103.80 -102.69 80.66
C VAL P 135 104.14 -103.59 79.48
N ASP P 136 103.95 -104.89 79.65
CA ASP P 136 104.03 -105.79 78.52
C ASP P 136 102.78 -105.64 77.66
N LEU P 137 102.97 -105.66 76.35
CA LEU P 137 101.91 -105.40 75.39
C LEU P 137 101.83 -106.53 74.39
N PRO P 138 100.65 -106.76 73.81
CA PRO P 138 100.53 -107.81 72.79
C PRO P 138 101.25 -107.42 71.51
N GLY P 139 101.67 -108.45 70.77
CA GLY P 139 102.32 -108.19 69.50
C GLY P 139 101.39 -107.53 68.51
N MET P 140 101.96 -106.69 67.66
CA MET P 140 101.19 -105.98 66.65
C MET P 140 100.88 -106.91 65.48
N THR P 141 99.67 -106.81 64.97
CA THR P 141 99.16 -107.69 63.93
C THR P 141 98.53 -106.83 62.83
N LYS P 142 98.56 -107.34 61.60
CA LYS P 142 98.06 -106.57 60.46
C LYS P 142 96.88 -107.25 59.80
N VAL P 143 96.84 -108.58 59.80
CA VAL P 143 95.71 -109.30 59.23
C VAL P 143 95.05 -110.14 60.32
N PRO P 144 93.72 -110.14 60.40
CA PRO P 144 93.06 -110.87 61.48
C PRO P 144 93.09 -112.38 61.31
N VAL P 145 93.80 -113.06 62.18
CA VAL P 145 93.84 -114.52 62.21
C VAL P 145 92.94 -115.00 63.34
N GLY P 146 92.12 -116.00 63.05
CA GLY P 146 91.17 -116.50 64.04
C GLY P 146 89.85 -115.76 63.98
N ASP P 147 89.24 -115.53 65.13
CA ASP P 147 87.98 -114.79 65.21
C ASP P 147 88.18 -113.31 65.49
N GLN P 148 89.38 -112.79 65.26
CA GLN P 148 89.64 -111.39 65.49
C GLN P 148 88.83 -110.53 64.53
N PRO P 149 88.34 -109.39 64.99
CA PRO P 149 87.53 -108.52 64.14
C PRO P 149 88.36 -107.92 63.02
N PRO P 150 87.72 -107.33 62.00
CA PRO P 150 88.49 -106.83 60.85
C PRO P 150 89.46 -105.71 61.19
N ASP P 151 89.31 -105.03 62.32
CA ASP P 151 90.16 -103.90 62.69
C ASP P 151 91.09 -104.27 63.83
N ILE P 152 91.67 -105.47 63.76
CA ILE P 152 92.60 -105.91 64.79
C ILE P 152 93.82 -105.00 64.84
N GLU P 153 94.31 -104.58 63.67
CA GLU P 153 95.48 -103.70 63.63
C GLU P 153 95.18 -102.39 64.32
N PHE P 154 94.00 -101.82 64.06
CA PHE P 154 93.69 -100.52 64.64
C PHE P 154 93.42 -100.63 66.14
N GLN P 155 92.78 -101.71 66.58
CA GLN P 155 92.56 -101.81 68.01
C GLN P 155 93.77 -102.32 68.78
N ILE P 156 94.82 -102.76 68.09
CA ILE P 156 96.08 -103.00 68.79
C ILE P 156 96.95 -101.74 68.79
N ARG P 157 96.92 -100.96 67.71
CA ARG P 157 97.63 -99.69 67.70
C ARG P 157 97.04 -98.72 68.72
N ASP P 158 95.71 -98.62 68.77
CA ASP P 158 95.08 -97.78 69.78
C ASP P 158 95.30 -98.34 71.18
N MET P 159 95.48 -99.66 71.29
CA MET P 159 95.87 -100.24 72.57
C MET P 159 97.24 -99.72 72.99
N LEU P 160 98.19 -99.68 72.06
CA LEU P 160 99.55 -99.29 72.41
C LEU P 160 99.67 -97.79 72.65
N MET P 161 98.84 -96.98 71.98
CA MET P 161 98.92 -95.54 72.17
C MET P 161 98.64 -95.14 73.62
N GLN P 162 97.59 -95.69 74.22
CA GLN P 162 97.24 -95.27 75.57
C GLN P 162 98.30 -95.65 76.58
N PHE P 163 99.25 -96.52 76.22
CA PHE P 163 100.32 -96.91 77.11
C PHE P 163 101.66 -96.26 76.79
N VAL P 164 101.89 -95.84 75.55
CA VAL P 164 103.19 -95.28 75.18
C VAL P 164 103.15 -93.78 74.91
N THR P 165 101.97 -93.18 74.74
CA THR P 165 101.96 -91.75 74.45
C THR P 165 102.25 -90.92 75.70
N LYS P 166 102.01 -91.47 76.88
CA LYS P 166 102.27 -90.75 78.11
C LYS P 166 103.77 -90.56 78.30
N GLU P 167 104.17 -89.35 78.69
CA GLU P 167 105.57 -89.07 78.93
C GLU P 167 106.08 -89.91 80.10
N ASN P 168 107.40 -89.93 80.25
CA ASN P 168 108.06 -90.80 81.22
C ASN P 168 107.65 -92.25 81.00
N CYS P 169 107.67 -92.66 79.74
CA CYS P 169 107.38 -94.04 79.35
C CYS P 169 108.50 -94.49 78.41
N LEU P 170 109.46 -95.22 78.96
CA LEU P 170 110.51 -95.81 78.14
C LEU P 170 109.89 -96.78 77.16
N ILE P 171 110.21 -96.61 75.88
CA ILE P 171 109.64 -97.41 74.81
C ILE P 171 110.75 -98.33 74.31
N LEU P 172 110.65 -99.61 74.65
CA LEU P 172 111.56 -100.62 74.10
C LEU P 172 110.99 -101.05 72.76
N ALA P 173 111.55 -100.50 71.69
CA ALA P 173 111.21 -100.92 70.34
C ALA P 173 111.94 -102.22 70.08
N VAL P 174 111.25 -103.35 70.24
CA VAL P 174 111.85 -104.65 70.04
C VAL P 174 111.61 -105.07 68.60
N SER P 175 112.70 -105.33 67.88
CA SER P 175 112.62 -105.73 66.49
C SER P 175 113.41 -107.02 66.29
N PRO P 176 112.93 -107.92 65.46
CA PRO P 176 113.68 -109.14 65.21
C PRO P 176 114.79 -108.90 64.20
N ALA P 177 115.89 -109.62 64.37
CA ALA P 177 117.00 -109.48 63.45
C ALA P 177 116.67 -110.07 62.09
N ASN P 178 115.94 -111.19 62.07
CA ASN P 178 115.64 -111.86 60.81
C ASN P 178 114.87 -110.95 59.86
N SER P 179 113.82 -110.31 60.36
CA SER P 179 113.10 -109.36 59.54
C SER P 179 113.93 -108.10 59.34
N ASP P 180 113.67 -107.40 58.24
CA ASP P 180 114.40 -106.18 57.94
C ASP P 180 113.98 -105.09 58.92
N LEU P 181 114.93 -104.20 59.22
CA LEU P 181 114.67 -103.16 60.20
C LEU P 181 113.64 -102.16 59.70
N ALA P 182 113.58 -101.94 58.39
CA ALA P 182 112.60 -101.02 57.84
C ALA P 182 111.17 -101.49 58.05
N ASN P 183 110.99 -102.77 58.40
CA ASN P 183 109.67 -103.31 58.67
C ASN P 183 109.33 -103.36 60.15
N SER P 184 110.11 -102.68 61.00
CA SER P 184 109.89 -102.74 62.44
C SER P 184 108.71 -101.85 62.81
N ASP P 185 107.56 -102.47 63.07
CA ASP P 185 106.42 -101.72 63.59
C ASP P 185 106.77 -101.04 64.91
N ALA P 186 107.68 -101.65 65.68
CA ALA P 186 108.18 -101.02 66.89
C ALA P 186 108.79 -99.65 66.58
N LEU P 187 109.68 -99.60 65.59
CA LEU P 187 110.31 -98.34 65.25
C LEU P 187 109.31 -97.37 64.62
N LYS P 188 108.33 -97.87 63.87
CA LYS P 188 107.30 -96.97 63.35
C LYS P 188 106.55 -96.29 64.50
N VAL P 189 106.13 -97.07 65.49
CA VAL P 189 105.42 -96.51 66.64
C VAL P 189 106.32 -95.55 67.41
N ALA P 190 107.61 -95.91 67.56
CA ALA P 190 108.53 -95.07 68.29
C ALA P 190 108.73 -93.73 67.59
N LYS P 191 108.87 -93.73 66.27
CA LYS P 191 108.99 -92.47 65.55
C LYS P 191 107.67 -91.71 65.47
N GLU P 192 106.54 -92.38 65.71
CA GLU P 192 105.28 -91.66 65.77
C GLU P 192 105.09 -90.95 67.11
N VAL P 193 105.37 -91.64 68.21
CA VAL P 193 105.05 -91.13 69.54
C VAL P 193 106.29 -90.64 70.28
N ASP P 194 107.42 -90.55 69.60
CA ASP P 194 108.67 -90.10 70.20
C ASP P 194 109.63 -89.68 69.08
N PRO P 195 109.35 -88.57 68.39
CA PRO P 195 110.10 -88.26 67.17
C PRO P 195 111.61 -88.17 67.38
N GLN P 196 112.06 -87.38 68.36
CA GLN P 196 113.49 -87.22 68.56
C GLN P 196 114.14 -88.44 69.20
N GLY P 197 113.36 -89.42 69.63
CA GLY P 197 113.91 -90.59 70.27
C GLY P 197 114.54 -90.32 71.61
N GLN P 198 113.93 -89.44 72.42
CA GLN P 198 114.47 -89.14 73.74
C GLN P 198 114.37 -90.33 74.67
N ARG P 199 113.25 -91.07 74.61
CA ARG P 199 112.94 -92.13 75.55
C ARG P 199 112.68 -93.45 74.84
N THR P 200 113.43 -93.69 73.76
CA THR P 200 113.28 -94.88 72.93
C THR P 200 114.54 -95.71 73.01
N ILE P 201 114.40 -96.97 73.41
CA ILE P 201 115.50 -97.92 73.46
C ILE P 201 115.24 -98.96 72.38
N GLY P 202 116.16 -99.08 71.44
CA GLY P 202 116.05 -100.09 70.40
C GLY P 202 116.67 -101.40 70.85
N VAL P 203 115.93 -102.49 70.65
CA VAL P 203 116.40 -103.81 71.00
C VAL P 203 116.28 -104.70 69.77
N ILE P 204 117.31 -105.48 69.49
CA ILE P 204 117.35 -106.38 68.34
C ILE P 204 117.43 -107.80 68.85
N THR P 205 116.41 -108.59 68.55
CA THR P 205 116.29 -109.95 69.05
C THR P 205 116.54 -110.95 67.93
N LYS P 206 116.76 -112.20 68.34
CA LYS P 206 116.95 -113.32 67.42
C LYS P 206 118.13 -113.07 66.48
N LEU P 207 119.29 -112.83 67.09
CA LEU P 207 120.52 -112.66 66.34
C LEU P 207 121.18 -113.97 65.96
N ASP P 208 120.75 -115.09 66.53
CA ASP P 208 121.29 -116.39 66.19
C ASP P 208 120.51 -117.08 65.08
N LEU P 209 119.49 -116.44 64.53
CA LEU P 209 118.68 -117.01 63.46
C LEU P 209 118.69 -116.15 62.20
N MET P 210 119.69 -115.29 62.05
CA MET P 210 119.78 -114.45 60.87
C MET P 210 120.06 -115.28 59.63
N ASP P 211 119.67 -114.73 58.47
CA ASP P 211 119.94 -115.39 57.21
C ASP P 211 121.43 -115.65 57.05
N GLU P 212 121.78 -116.86 56.67
CA GLU P 212 123.18 -117.26 56.62
C GLU P 212 123.97 -116.36 55.68
N GLY P 213 125.15 -115.95 56.12
CA GLY P 213 125.98 -115.04 55.35
C GLY P 213 125.65 -113.58 55.52
N THR P 214 124.69 -113.24 56.37
CA THR P 214 124.32 -111.86 56.64
C THR P 214 124.55 -111.56 58.12
N ASP P 215 124.68 -110.27 58.43
CA ASP P 215 124.87 -109.84 59.80
C ASP P 215 124.30 -108.44 59.97
N ALA P 216 123.71 -108.19 61.13
CA ALA P 216 123.07 -106.91 61.44
C ALA P 216 124.05 -105.90 62.02
N ARG P 217 125.33 -106.03 61.71
CA ARG P 217 126.34 -105.12 62.26
C ARG P 217 126.01 -103.67 61.99
N ASP P 218 125.58 -103.35 60.76
CA ASP P 218 125.24 -101.98 60.42
C ASP P 218 124.02 -101.47 61.16
N VAL P 219 123.25 -102.36 61.78
CA VAL P 219 122.13 -101.94 62.63
C VAL P 219 122.56 -101.79 64.07
N LEU P 220 123.29 -102.78 64.59
CA LEU P 220 123.73 -102.73 65.97
C LEU P 220 124.73 -101.60 66.21
N GLU P 221 125.42 -101.15 65.17
CA GLU P 221 126.33 -100.02 65.30
C GLU P 221 125.62 -98.69 65.04
N ASN P 222 124.28 -98.68 65.09
CA ASN P 222 123.49 -97.46 64.96
C ASN P 222 123.80 -96.72 63.67
N LYS P 223 124.10 -97.47 62.61
CA LYS P 223 124.44 -96.89 61.31
C LYS P 223 123.26 -96.84 60.37
N LEU P 224 122.50 -97.93 60.25
CA LEU P 224 121.39 -97.98 59.31
C LEU P 224 120.32 -96.95 59.66
N LEU P 225 119.70 -97.11 60.83
CA LEU P 225 118.66 -96.19 61.28
C LEU P 225 119.14 -95.45 62.51
N PRO P 226 119.46 -94.16 62.41
CA PRO P 226 120.02 -93.44 63.55
C PRO P 226 119.04 -93.38 64.71
N LEU P 227 119.49 -93.81 65.88
CA LEU P 227 118.69 -93.82 67.10
C LEU P 227 119.53 -93.23 68.22
N ARG P 228 118.89 -92.41 69.07
CA ARG P 228 119.64 -91.64 70.05
C ARG P 228 120.33 -92.56 71.06
N ARG P 229 119.59 -93.53 71.61
CA ARG P 229 120.15 -94.42 72.61
C ARG P 229 120.84 -95.64 72.02
N GLY P 230 120.77 -95.82 70.70
CA GLY P 230 121.40 -96.96 70.05
C GLY P 230 120.61 -98.24 70.24
N TYR P 231 121.06 -99.27 69.54
CA TYR P 231 120.40 -100.57 69.60
C TYR P 231 121.20 -101.53 70.47
N ILE P 232 120.49 -102.45 71.10
CA ILE P 232 121.09 -103.46 71.96
C ILE P 232 120.66 -104.82 71.43
N GLY P 233 121.64 -105.62 70.99
CA GLY P 233 121.33 -106.96 70.55
C GLY P 233 121.25 -107.94 71.71
N VAL P 234 120.30 -108.86 71.62
CA VAL P 234 120.11 -109.89 72.64
C VAL P 234 119.72 -111.19 71.96
N VAL P 235 120.15 -112.30 72.56
CA VAL P 235 119.77 -113.63 72.12
C VAL P 235 119.05 -114.31 73.27
N ASN P 236 117.81 -114.70 73.04
CA ASN P 236 116.97 -115.30 74.06
C ASN P 236 116.95 -116.81 73.89
N ARG P 237 116.14 -117.48 74.71
CA ARG P 237 116.00 -118.92 74.58
C ARG P 237 115.21 -119.25 73.32
N SER P 238 115.71 -120.19 72.54
CA SER P 238 114.97 -120.64 71.37
C SER P 238 113.71 -121.38 71.79
N GLN P 239 112.81 -121.59 70.84
CA GLN P 239 111.56 -122.30 71.16
C GLN P 239 111.83 -123.72 71.61
N LYS P 240 112.83 -124.37 71.01
CA LYS P 240 113.23 -125.69 71.49
C LYS P 240 113.74 -125.62 72.92
N ASP P 241 114.48 -124.56 73.25
CA ASP P 241 114.95 -124.39 74.63
C ASP P 241 113.80 -124.19 75.60
N ILE P 242 112.78 -123.43 75.17
CA ILE P 242 111.61 -123.24 76.02
C ILE P 242 110.89 -124.56 76.25
N ASP P 243 110.75 -125.36 75.19
CA ASP P 243 110.10 -126.67 75.35
C ASP P 243 110.92 -127.59 76.24
N GLY P 244 112.24 -127.55 76.11
CA GLY P 244 113.12 -128.34 76.95
C GLY P 244 113.39 -127.78 78.32
N LYS P 245 112.82 -126.61 78.63
CA LYS P 245 112.94 -125.98 79.95
C LYS P 245 114.39 -125.67 80.28
N LYS P 246 115.06 -124.97 79.37
CA LYS P 246 116.42 -124.52 79.62
C LYS P 246 116.42 -123.43 80.68
N ASP P 247 117.56 -123.27 81.34
CA ASP P 247 117.66 -122.36 82.47
C ASP P 247 118.37 -121.06 82.10
N ILE P 248 118.21 -120.06 82.98
CA ILE P 248 118.79 -118.75 82.76
C ILE P 248 120.30 -118.81 82.70
N THR P 249 120.92 -119.65 83.53
CA THR P 249 122.38 -119.74 83.54
C THR P 249 122.92 -120.18 82.20
N ALA P 250 122.39 -121.30 81.67
CA ALA P 250 122.85 -121.79 80.38
C ALA P 250 122.50 -120.82 79.26
N ALA P 251 121.32 -120.21 79.32
CA ALA P 251 120.94 -119.25 78.30
C ALA P 251 121.89 -118.07 78.27
N LEU P 252 122.24 -117.53 79.44
CA LEU P 252 123.18 -116.41 79.50
C LEU P 252 124.57 -116.82 79.04
N ALA P 253 125.01 -118.03 79.41
CA ALA P 253 126.31 -118.50 78.95
C ALA P 253 126.37 -118.58 77.43
N ALA P 254 125.33 -119.16 76.82
CA ALA P 254 125.28 -119.28 75.37
C ALA P 254 125.22 -117.90 74.71
N GLU P 255 124.40 -117.00 75.27
CA GLU P 255 124.28 -115.67 74.70
C GLU P 255 125.61 -114.92 74.78
N ARG P 256 126.33 -115.06 75.89
CA ARG P 256 127.62 -114.40 76.03
C ARG P 256 128.64 -114.98 75.06
N LYS P 257 128.69 -116.31 74.94
CA LYS P 257 129.67 -116.92 74.05
C LYS P 257 129.35 -116.69 72.58
N PHE P 258 128.08 -116.43 72.24
CA PHE P 258 127.74 -116.18 70.85
C PHE P 258 128.41 -114.91 70.33
N PHE P 259 128.34 -113.83 71.09
CA PHE P 259 128.92 -112.57 70.63
C PHE P 259 130.44 -112.60 70.62
N LEU P 260 131.06 -113.59 71.25
CA LEU P 260 132.49 -113.81 71.07
C LEU P 260 132.80 -114.71 69.89
N SER P 261 131.93 -115.69 69.62
CA SER P 261 132.15 -116.56 68.48
C SER P 261 131.94 -115.83 67.15
N HIS P 262 130.96 -114.94 67.09
CA HIS P 262 130.63 -114.29 65.82
C HIS P 262 131.70 -113.29 65.44
N PRO P 263 132.33 -113.43 64.26
CA PRO P 263 133.38 -112.48 63.87
C PRO P 263 132.89 -111.05 63.73
N SER P 264 131.64 -110.84 63.29
CA SER P 264 131.14 -109.49 63.11
C SER P 264 130.81 -108.79 64.42
N TYR P 265 130.57 -109.56 65.49
CA TYR P 265 130.18 -109.00 66.77
C TYR P 265 131.21 -109.23 67.86
N ARG P 266 132.41 -109.70 67.50
CA ARG P 266 133.44 -109.94 68.50
C ARG P 266 133.82 -108.65 69.23
N HIS P 267 133.86 -107.53 68.51
CA HIS P 267 134.25 -106.26 69.08
C HIS P 267 133.07 -105.52 69.72
N LEU P 268 131.99 -106.22 70.04
CA LEU P 268 130.84 -105.60 70.67
C LEU P 268 130.27 -106.44 71.81
N ALA P 269 130.96 -107.52 72.21
CA ALA P 269 130.39 -108.44 73.20
C ALA P 269 130.06 -107.75 74.50
N ASP P 270 130.89 -106.80 74.93
CA ASP P 270 130.60 -106.07 76.17
C ASP P 270 129.45 -105.08 76.00
N ARG P 271 129.20 -104.60 74.79
CA ARG P 271 128.17 -103.60 74.55
C ARG P 271 126.86 -104.20 74.08
N MET P 272 126.79 -105.51 73.86
CA MET P 272 125.56 -106.20 73.47
C MET P 272 125.26 -107.31 74.46
N GLY P 273 123.98 -107.58 74.65
CA GLY P 273 123.57 -108.65 75.54
C GLY P 273 122.57 -108.22 76.60
N THR P 274 121.93 -109.20 77.22
CA THR P 274 120.95 -108.90 78.26
C THR P 274 121.53 -108.16 79.45
N PRO P 275 122.69 -108.53 80.01
CA PRO P 275 123.25 -107.71 81.10
C PRO P 275 123.47 -106.26 80.70
N TYR P 276 123.94 -106.02 79.47
CA TYR P 276 124.13 -104.64 79.04
C TYR P 276 122.80 -103.93 78.84
N LEU P 277 121.78 -104.67 78.43
CA LEU P 277 120.43 -104.08 78.35
C LEU P 277 119.95 -103.65 79.73
N GLN P 278 120.18 -104.50 80.73
CA GLN P 278 119.83 -104.13 82.10
C GLN P 278 120.58 -102.90 82.55
N LYS P 279 121.88 -102.85 82.24
CA LYS P 279 122.69 -101.70 82.62
C LYS P 279 122.20 -100.42 81.97
N VAL P 280 121.84 -100.48 80.68
CA VAL P 280 121.34 -99.29 79.99
C VAL P 280 120.00 -98.85 80.56
N LEU P 281 119.11 -99.80 80.84
CA LEU P 281 117.82 -99.42 81.41
C LEU P 281 117.98 -98.78 82.78
N ASN P 282 118.83 -99.35 83.62
CA ASN P 282 119.04 -98.78 84.94
C ASN P 282 119.73 -97.42 84.85
N GLN P 283 120.65 -97.25 83.90
CA GLN P 283 121.25 -95.95 83.67
C GLN P 283 120.20 -94.94 83.25
N GLN P 284 119.25 -95.35 82.42
CA GLN P 284 118.21 -94.43 81.99
C GLN P 284 117.28 -94.05 83.14
N LEU P 285 117.04 -94.99 84.05
CA LEU P 285 116.25 -94.66 85.24
C LEU P 285 116.99 -93.69 86.15
N THR P 286 118.29 -93.92 86.35
CA THR P 286 119.08 -93.05 87.20
C THR P 286 119.20 -91.66 86.59
N ASN P 287 119.32 -91.57 85.27
CA ASN P 287 119.39 -90.28 84.60
C ASN P 287 118.07 -89.54 84.60
N HIS P 288 117.02 -90.14 85.14
CA HIS P 288 115.78 -89.43 85.43
C HIS P 288 115.66 -89.08 86.90
N ILE P 289 116.03 -90.01 87.79
CA ILE P 289 116.05 -89.70 89.22
C ILE P 289 116.92 -88.48 89.49
N ARG P 290 118.14 -88.49 88.94
CA ARG P 290 119.06 -87.38 89.14
C ARG P 290 118.72 -86.19 88.26
N ASP P 291 117.94 -86.39 87.19
CA ASP P 291 117.47 -85.27 86.40
C ASP P 291 116.45 -84.45 87.16
N THR P 292 115.57 -85.11 87.92
CA THR P 292 114.49 -84.40 88.59
C THR P 292 114.98 -83.55 89.75
N LEU P 293 116.11 -83.89 90.36
CA LEU P 293 116.53 -83.27 91.61
C LEU P 293 116.62 -81.75 91.59
N PRO P 294 117.16 -81.09 90.55
CA PRO P 294 117.18 -79.63 90.57
C PRO P 294 115.82 -78.98 90.79
N GLY P 295 114.77 -79.49 90.13
CA GLY P 295 113.45 -78.93 90.31
C GLY P 295 112.96 -79.06 91.74
N LEU P 296 113.12 -80.26 92.32
CA LEU P 296 112.73 -80.47 93.70
C LEU P 296 113.50 -79.54 94.63
N ARG P 297 114.81 -79.40 94.41
CA ARG P 297 115.62 -78.59 95.30
C ARG P 297 115.19 -77.13 95.25
N ASN P 298 114.97 -76.58 94.05
CA ASN P 298 114.60 -75.18 93.98
C ASN P 298 113.19 -74.95 94.52
N LYS P 299 112.26 -75.87 94.24
CA LYS P 299 110.90 -75.69 94.74
C LYS P 299 110.86 -75.78 96.27
N LEU P 300 111.61 -76.72 96.85
CA LEU P 300 111.65 -76.81 98.30
C LEU P 300 112.41 -75.65 98.92
N GLN P 301 113.39 -75.08 98.20
CA GLN P 301 114.01 -73.85 98.67
C GLN P 301 113.01 -72.71 98.72
N SER P 302 112.15 -72.61 97.70
CA SER P 302 111.10 -71.60 97.71
C SER P 302 110.14 -71.82 98.88
N GLN P 303 109.76 -73.07 99.14
CA GLN P 303 108.84 -73.33 100.25
C GLN P 303 109.49 -73.03 101.60
N LEU P 304 110.76 -73.39 101.76
CA LEU P 304 111.47 -73.04 102.99
C LEU P 304 111.63 -71.54 103.12
N LEU P 305 111.78 -70.82 102.00
CA LEU P 305 111.77 -69.37 102.03
C LEU P 305 110.43 -68.85 102.53
N SER P 306 109.34 -69.49 102.11
CA SER P 306 108.02 -69.08 102.58
C SER P 306 107.87 -69.31 104.09
N ILE P 307 108.39 -70.42 104.60
CA ILE P 307 108.15 -70.74 106.01
C ILE P 307 109.16 -70.07 106.94
N GLU P 308 110.34 -69.69 106.44
CA GLU P 308 111.38 -69.19 107.33
C GLU P 308 110.98 -67.87 107.97
N LYS P 309 110.20 -67.05 107.27
CA LYS P 309 109.75 -65.79 107.85
C LYS P 309 108.89 -66.04 109.08
N GLU P 310 107.97 -67.00 108.99
CA GLU P 310 107.18 -67.37 110.16
C GLU P 310 108.04 -67.97 111.24
N VAL P 311 109.08 -68.72 110.87
CA VAL P 311 109.98 -69.26 111.88
C VAL P 311 110.82 -68.16 112.53
N GLU P 312 110.96 -67.00 111.89
CA GLU P 312 111.76 -65.92 112.45
C GLU P 312 111.21 -65.46 113.79
N GLU P 313 109.91 -65.17 113.85
CA GLU P 313 109.30 -64.85 115.13
C GLU P 313 109.11 -66.08 116.01
N TYR P 314 109.36 -67.27 115.48
CA TYR P 314 109.24 -68.51 116.22
C TYR P 314 110.57 -69.24 116.37
N LYS P 315 111.66 -68.49 116.58
CA LYS P 315 112.93 -69.13 116.92
C LYS P 315 112.82 -69.87 118.24
N ASN P 316 112.19 -69.25 119.23
CA ASN P 316 112.14 -69.77 120.59
C ASN P 316 110.72 -69.70 121.15
N PHE P 317 110.42 -70.60 122.08
CA PHE P 317 109.13 -70.63 122.76
C PHE P 317 109.32 -71.32 124.11
N ARG P 318 109.20 -70.55 125.18
CA ARG P 318 109.27 -71.08 126.53
C ARG P 318 107.88 -71.12 127.15
N PRO P 319 107.67 -71.98 128.15
CA PRO P 319 106.39 -71.96 128.87
C PRO P 319 106.14 -70.59 129.50
N ASP P 320 104.87 -70.18 129.44
CA ASP P 320 104.37 -68.96 130.07
C ASP P 320 104.80 -67.70 129.34
N ASP P 321 105.71 -67.82 128.36
CA ASP P 321 106.08 -66.76 127.43
C ASP P 321 106.27 -65.41 128.11
N PRO P 322 107.37 -65.22 128.86
CA PRO P 322 107.48 -64.01 129.68
C PRO P 322 107.40 -62.72 128.90
N ALA P 323 107.98 -62.65 127.70
CA ALA P 323 107.99 -61.43 126.91
C ALA P 323 107.24 -61.54 125.59
N ARG P 324 107.10 -62.76 125.06
CA ARG P 324 106.30 -62.94 123.85
C ARG P 324 104.86 -62.48 124.09
N LYS P 325 104.36 -62.70 125.30
CA LYS P 325 103.00 -62.28 125.62
C LYS P 325 102.85 -60.77 125.51
N THR P 326 103.77 -60.01 126.11
CA THR P 326 103.70 -58.57 126.01
C THR P 326 103.87 -58.09 124.58
N LYS P 327 104.81 -58.69 123.85
CA LYS P 327 105.03 -58.28 122.46
C LYS P 327 103.77 -58.51 121.63
N ALA P 328 103.17 -59.69 121.74
CA ALA P 328 101.96 -60.00 120.99
C ALA P 328 100.80 -59.13 121.41
N LEU P 329 100.72 -58.78 122.71
CA LEU P 329 99.69 -57.86 123.16
C LEU P 329 99.85 -56.51 122.47
N LEU P 330 101.08 -56.02 122.38
CA LEU P 330 101.30 -54.74 121.70
C LEU P 330 100.93 -54.86 120.23
N GLN P 331 101.30 -55.96 119.57
CA GLN P 331 100.96 -56.13 118.17
C GLN P 331 99.45 -56.10 117.97
N MET P 332 98.72 -56.84 118.80
CA MET P 332 97.26 -56.88 118.69
C MET P 332 96.65 -55.50 118.94
N VAL P 333 97.15 -54.78 119.95
CA VAL P 333 96.61 -53.47 120.25
C VAL P 333 96.85 -52.50 119.10
N GLN P 334 98.06 -52.54 118.53
CA GLN P 334 98.35 -51.67 117.39
C GLN P 334 97.50 -52.03 116.18
N GLN P 335 97.31 -53.33 115.92
CA GLN P 335 96.45 -53.74 114.82
C GLN P 335 95.02 -53.24 115.03
N PHE P 336 94.50 -53.38 116.24
CA PHE P 336 93.15 -52.91 116.52
C PHE P 336 93.04 -51.41 116.34
N ALA P 337 94.02 -50.66 116.85
CA ALA P 337 93.97 -49.21 116.73
C ALA P 337 94.03 -48.76 115.27
N VAL P 338 94.95 -49.33 114.51
CA VAL P 338 95.09 -48.92 113.11
C VAL P 338 93.87 -49.36 112.31
N ASP P 339 93.25 -50.48 112.67
CA ASP P 339 92.06 -50.90 111.94
C ASP P 339 90.84 -50.07 112.31
N PHE P 340 90.74 -49.65 113.58
CA PHE P 340 89.68 -48.71 113.95
C PHE P 340 89.84 -47.41 113.18
N GLU P 341 91.06 -46.87 113.14
CA GLU P 341 91.28 -45.62 112.42
C GLU P 341 91.04 -45.79 110.93
N LYS P 342 91.42 -46.93 110.37
CA LYS P 342 91.16 -47.19 108.96
C LYS P 342 89.66 -47.34 108.68
N ARG P 343 88.93 -47.94 109.63
CA ARG P 343 87.51 -48.18 109.42
C ARG P 343 86.71 -46.90 109.53
N ILE P 344 87.10 -45.98 110.41
CA ILE P 344 86.32 -44.78 110.69
C ILE P 344 86.94 -43.55 110.03
N GLU P 345 88.17 -43.20 110.40
CA GLU P 345 88.83 -42.05 109.79
C GLU P 345 89.03 -42.25 108.31
N GLY P 346 89.48 -43.44 107.90
CA GLY P 346 89.74 -43.71 106.51
C GLY P 346 91.21 -43.57 106.15
N SER P 347 92.09 -44.15 106.98
CA SER P 347 93.51 -44.08 106.70
C SER P 347 93.84 -44.87 105.44
N GLY P 348 95.10 -44.79 105.04
CA GLY P 348 95.53 -45.46 103.83
C GLY P 348 95.65 -46.97 103.97
N ASP P 349 96.46 -47.57 103.10
CA ASP P 349 96.77 -49.00 103.14
C ASP P 349 95.54 -49.87 102.92
N GLN P 350 94.95 -49.72 101.73
CA GLN P 350 94.04 -50.71 101.19
C GLN P 350 92.78 -50.98 102.03
N ILE P 351 91.90 -49.99 102.13
CA ILE P 351 90.58 -50.24 102.72
C ILE P 351 89.73 -51.01 101.71
N ASP P 352 88.96 -51.97 102.21
CA ASP P 352 88.21 -52.88 101.33
C ASP P 352 87.16 -52.13 100.53
N THR P 353 86.91 -52.62 99.31
CA THR P 353 85.94 -52.04 98.40
C THR P 353 84.73 -52.93 98.17
N TYR P 354 84.56 -53.99 98.97
CA TYR P 354 83.51 -54.95 98.69
C TYR P 354 82.13 -54.40 99.05
N GLU P 355 81.97 -53.92 100.27
CA GLU P 355 80.67 -53.48 100.77
C GLU P 355 80.72 -51.99 101.08
N LEU P 356 79.64 -51.50 101.70
CA LEU P 356 79.65 -50.15 102.22
C LEU P 356 80.69 -50.02 103.33
N SER P 357 81.12 -51.15 103.88
CA SER P 357 82.43 -51.34 104.49
C SER P 357 82.69 -50.37 105.65
N GLY P 358 81.93 -50.58 106.72
CA GLY P 358 82.34 -50.05 107.99
C GLY P 358 81.46 -48.89 108.45
N GLY P 359 81.61 -48.56 109.73
CA GLY P 359 80.77 -47.55 110.33
C GLY P 359 80.94 -46.18 109.71
N ALA P 360 82.13 -45.88 109.20
CA ALA P 360 82.45 -44.51 108.77
C ALA P 360 81.38 -43.95 107.85
N ARG P 361 81.01 -44.71 106.82
CA ARG P 361 80.01 -44.21 105.89
C ARG P 361 78.59 -44.52 106.39
N ILE P 362 78.43 -45.58 107.19
CA ILE P 362 77.16 -45.74 107.90
C ILE P 362 76.96 -44.59 108.88
N ASN P 363 78.02 -44.22 109.59
CA ASN P 363 77.95 -43.06 110.46
C ASN P 363 77.64 -41.80 109.68
N ARG P 364 78.26 -41.64 108.50
CA ARG P 364 77.85 -40.54 107.64
C ARG P 364 76.41 -40.59 107.19
N ILE P 365 75.90 -41.75 106.80
CA ILE P 365 74.53 -41.77 106.33
C ILE P 365 73.61 -41.39 107.47
N PHE P 366 74.03 -41.65 108.71
CA PHE P 366 73.31 -41.11 109.86
C PHE P 366 73.40 -39.58 109.90
N HIS P 367 74.62 -39.03 109.81
CA HIS P 367 74.79 -37.59 109.89
C HIS P 367 74.12 -36.85 108.74
N GLU P 368 73.77 -37.53 107.65
CA GLU P 368 73.13 -36.89 106.52
C GLU P 368 71.76 -37.48 106.18
N ARG P 369 71.20 -38.32 107.06
CA ARG P 369 69.79 -38.68 107.02
C ARG P 369 69.02 -38.12 108.20
N PHE P 370 69.70 -37.86 109.33
CA PHE P 370 69.11 -37.15 110.45
C PHE P 370 68.53 -35.80 110.02
N PRO P 371 69.16 -35.05 109.08
CA PRO P 371 68.45 -33.90 108.51
C PRO P 371 67.21 -34.24 107.69
N PHE P 372 66.86 -35.52 107.59
CA PHE P 372 65.52 -35.87 107.15
C PHE P 372 64.61 -36.23 108.29
N GLU P 373 65.13 -36.82 109.35
CA GLU P 373 64.33 -37.09 110.55
C GLU P 373 63.93 -35.81 111.26
N LEU P 374 64.70 -34.73 111.10
CA LEU P 374 64.29 -33.44 111.63
C LEU P 374 63.10 -32.90 110.84
N VAL P 375 63.18 -32.96 109.52
CA VAL P 375 62.11 -32.40 108.68
C VAL P 375 60.82 -33.21 108.84
N LYS P 376 60.92 -34.53 108.85
CA LYS P 376 59.74 -35.37 108.76
C LYS P 376 58.85 -35.24 109.99
N MET P 377 59.44 -35.37 111.19
CA MET P 377 58.64 -35.55 112.39
C MET P 377 57.88 -34.29 112.79
N GLU P 378 58.44 -33.12 112.56
CA GLU P 378 57.90 -31.87 113.09
C GLU P 378 57.04 -31.17 112.04
N PHE P 379 55.78 -30.90 112.40
CA PHE P 379 54.85 -30.18 111.53
C PHE P 379 53.59 -29.86 112.31
N ASP P 380 53.00 -28.71 111.98
CA ASP P 380 51.63 -28.36 112.33
C ASP P 380 51.27 -27.10 111.58
N GLU P 381 49.96 -26.89 111.37
CA GLU P 381 49.49 -25.72 110.65
C GLU P 381 48.01 -25.53 110.95
N LYS P 382 47.57 -24.27 110.89
CA LYS P 382 46.18 -23.85 111.05
C LYS P 382 45.67 -24.05 112.47
N GLU P 383 46.51 -24.61 113.33
CA GLU P 383 46.33 -24.53 114.78
C GLU P 383 47.26 -23.50 115.39
N LEU P 384 48.47 -23.38 114.83
CA LEU P 384 49.36 -22.29 115.20
C LEU P 384 48.75 -20.95 114.85
N ARG P 385 47.88 -20.90 113.83
CA ARG P 385 47.17 -19.66 113.53
C ARG P 385 46.32 -19.23 114.72
N ARG P 386 45.54 -20.16 115.28
CA ARG P 386 44.73 -19.86 116.45
C ARG P 386 45.58 -19.50 117.65
N GLU P 387 46.67 -20.25 117.87
CA GLU P 387 47.54 -19.94 119.01
C GLU P 387 48.16 -18.56 118.88
N ILE P 388 48.60 -18.19 117.68
CA ILE P 388 49.17 -16.87 117.45
C ILE P 388 48.13 -15.80 117.64
N SER P 389 46.90 -16.02 117.14
CA SER P 389 45.84 -15.05 117.34
C SER P 389 45.62 -14.77 118.81
N TYR P 390 45.54 -15.83 119.62
CA TYR P 390 45.32 -15.64 121.04
C TYR P 390 46.51 -14.98 121.72
N ALA P 391 47.74 -15.32 121.29
CA ALA P 391 48.92 -14.67 121.86
C ALA P 391 48.91 -13.17 121.56
N ILE P 392 48.53 -12.80 120.32
CA ILE P 392 48.44 -11.39 119.96
C ILE P 392 47.39 -10.70 120.83
N LYS P 393 46.22 -11.32 120.96
CA LYS P 393 45.14 -10.71 121.72
C LYS P 393 45.35 -10.77 123.23
N ASN P 394 46.41 -11.43 123.70
CA ASN P 394 46.64 -11.51 125.14
C ASN P 394 47.92 -10.85 125.64
N ILE P 395 48.95 -10.67 124.81
CA ILE P 395 50.18 -10.11 125.34
C ILE P 395 50.20 -8.58 125.33
N HIS P 396 49.28 -7.94 124.62
CA HIS P 396 48.99 -6.54 124.88
C HIS P 396 47.54 -6.49 125.36
N GLY P 397 47.26 -7.39 126.31
CA GLY P 397 45.90 -7.86 126.51
C GLY P 397 44.89 -6.80 126.94
N ILE P 398 45.32 -5.77 127.66
CA ILE P 398 44.35 -4.79 128.16
C ILE P 398 44.13 -3.63 127.21
N ARG P 399 45.08 -3.34 126.31
CA ARG P 399 45.07 -2.12 125.55
C ARG P 399 45.23 -2.41 124.07
N THR P 400 44.58 -1.61 123.23
CA THR P 400 44.62 -1.81 121.80
C THR P 400 46.03 -1.76 121.27
N GLY P 401 46.56 -2.91 120.84
CA GLY P 401 47.90 -2.98 120.31
C GLY P 401 47.92 -2.49 118.87
N LEU P 402 48.56 -1.35 118.66
CA LEU P 402 48.66 -0.76 117.34
C LEU P 402 49.92 -1.20 116.61
N PHE P 403 50.70 -2.09 117.20
CA PHE P 403 51.87 -2.67 116.58
C PHE P 403 51.89 -4.16 116.85
N THR P 404 52.30 -4.94 115.87
CA THR P 404 52.31 -6.39 116.01
C THR P 404 53.28 -6.78 117.12
N PRO P 405 52.83 -7.43 118.17
CA PRO P 405 53.68 -7.67 119.34
C PRO P 405 54.68 -8.79 119.09
N ASP P 406 55.60 -8.93 120.04
CA ASP P 406 56.86 -9.65 119.85
C ASP P 406 56.99 -10.89 120.71
N MET P 407 56.53 -10.83 121.96
CA MET P 407 56.55 -12.00 122.81
C MET P 407 55.72 -13.14 122.23
N ALA P 408 54.77 -12.84 121.33
CA ALA P 408 54.05 -13.90 120.66
C ALA P 408 54.96 -14.68 119.72
N PHE P 409 55.74 -13.97 118.90
CA PHE P 409 56.74 -14.63 118.08
C PHE P 409 57.70 -15.44 118.92
N GLU P 410 58.16 -14.85 120.02
CA GLU P 410 59.08 -15.57 120.91
C GLU P 410 58.44 -16.84 121.44
N THR P 411 57.18 -16.75 121.89
CA THR P 411 56.50 -17.91 122.44
C THR P 411 56.27 -18.99 121.40
N ILE P 412 55.91 -18.64 120.17
CA ILE P 412 55.70 -19.65 119.14
C ILE P 412 57.01 -20.35 118.81
N VAL P 413 58.08 -19.60 118.57
CA VAL P 413 59.33 -20.26 118.19
C VAL P 413 59.89 -21.06 119.36
N LYS P 414 59.70 -20.58 120.59
CA LYS P 414 60.18 -21.34 121.75
C LYS P 414 59.37 -22.61 121.94
N LYS P 415 58.06 -22.56 121.66
CA LYS P 415 57.23 -23.75 121.73
C LYS P 415 57.52 -24.73 120.60
N GLN P 416 58.11 -24.26 119.51
CA GLN P 416 58.39 -25.14 118.38
C GLN P 416 59.81 -25.70 118.36
N VAL P 417 60.78 -25.01 118.96
CA VAL P 417 62.16 -25.48 118.93
C VAL P 417 62.44 -26.36 120.15
N LYS P 418 61.41 -26.75 120.88
CA LYS P 418 61.59 -27.68 121.98
C LYS P 418 61.21 -29.11 121.62
N LYS P 419 60.65 -29.34 120.43
CA LYS P 419 60.41 -30.69 119.97
C LYS P 419 61.63 -31.33 119.33
N ILE P 420 62.73 -30.57 119.19
CA ILE P 420 63.95 -31.11 118.60
C ILE P 420 64.65 -32.07 119.56
N ARG P 421 64.25 -32.11 120.83
CA ARG P 421 64.92 -32.96 121.79
C ARG P 421 64.83 -34.43 121.43
N GLU P 422 63.79 -34.85 120.72
CA GLU P 422 63.67 -36.26 120.36
C GLU P 422 64.59 -36.63 119.20
N PRO P 423 64.52 -35.94 118.04
CA PRO P 423 65.36 -36.38 116.90
C PRO P 423 66.85 -36.37 117.21
N CYS P 424 67.33 -35.40 117.99
CA CYS P 424 68.76 -35.33 118.27
C CYS P 424 69.21 -36.51 119.14
N LEU P 425 68.43 -36.84 120.17
CA LEU P 425 68.77 -37.99 121.00
C LEU P 425 68.67 -39.29 120.20
N LYS P 426 67.69 -39.38 119.30
CA LYS P 426 67.60 -40.56 118.45
C LYS P 426 68.84 -40.68 117.56
N CYS P 427 69.30 -39.56 117.01
CA CYS P 427 70.51 -39.58 116.20
C CYS P 427 71.72 -40.03 117.02
N VAL P 428 71.85 -39.51 118.24
CA VAL P 428 72.98 -39.89 119.09
C VAL P 428 72.97 -41.37 119.38
N ASP P 429 71.80 -41.91 119.74
CA ASP P 429 71.73 -43.34 120.03
C ASP P 429 71.98 -44.19 118.79
N MET P 430 71.52 -43.73 117.62
CA MET P 430 71.74 -44.47 116.39
C MET P 430 73.23 -44.54 116.06
N VAL P 431 73.93 -43.39 116.20
CA VAL P 431 75.36 -43.36 115.99
C VAL P 431 76.07 -44.25 117.01
N ILE P 432 75.59 -44.26 118.25
CA ILE P 432 76.18 -45.13 119.26
C ILE P 432 76.07 -46.59 118.82
N SER P 433 74.90 -46.98 118.32
CA SER P 433 74.70 -48.35 117.89
C SER P 433 75.66 -48.72 116.76
N GLU P 434 75.76 -47.86 115.74
CA GLU P 434 76.63 -48.24 114.62
C GLU P 434 78.09 -48.26 115.05
N LEU P 435 78.49 -47.38 115.97
CA LEU P 435 79.88 -47.33 116.39
C LEU P 435 80.24 -48.49 117.30
N ILE P 436 79.27 -49.05 118.03
CA ILE P 436 79.56 -50.29 118.74
C ILE P 436 79.63 -51.45 117.77
N SER P 437 78.78 -51.45 116.74
CA SER P 437 78.87 -52.50 115.72
C SER P 437 80.23 -52.46 115.02
N THR P 438 80.76 -51.27 114.76
CA THR P 438 82.07 -51.15 114.14
C THR P 438 83.16 -51.72 115.03
N VAL P 439 83.10 -51.45 116.33
CA VAL P 439 84.10 -52.00 117.23
C VAL P 439 84.04 -53.51 117.24
N ARG P 440 82.85 -54.09 117.30
CA ARG P 440 82.77 -55.55 117.25
C ARG P 440 83.29 -56.10 115.92
N GLN P 441 82.95 -55.43 114.83
CA GLN P 441 83.35 -55.89 113.50
C GLN P 441 84.86 -55.85 113.32
N CYS P 442 85.51 -54.81 113.85
CA CYS P 442 86.96 -54.66 113.72
C CYS P 442 87.72 -55.28 114.87
N THR P 443 87.03 -55.90 115.82
CA THR P 443 87.68 -56.80 116.76
C THR P 443 87.51 -58.26 116.39
N LYS P 444 86.53 -58.60 115.54
CA LYS P 444 86.35 -59.98 115.12
C LYS P 444 87.63 -60.60 114.59
N LYS P 445 88.42 -59.84 113.84
CA LYS P 445 89.65 -60.36 113.28
C LYS P 445 90.74 -60.58 114.31
N LEU P 446 90.48 -60.41 115.59
CA LEU P 446 91.45 -60.67 116.64
C LEU P 446 91.24 -62.05 117.25
N GLN P 447 90.41 -62.87 116.62
CA GLN P 447 90.06 -64.20 117.12
C GLN P 447 91.26 -65.13 117.27
N GLN P 448 92.46 -64.65 116.89
CA GLN P 448 93.67 -65.42 117.13
C GLN P 448 93.82 -65.72 118.61
N TYR P 449 93.70 -64.71 119.46
CA TYR P 449 93.67 -64.92 120.90
C TYR P 449 92.26 -64.75 121.41
N PRO P 450 91.63 -65.79 121.94
CA PRO P 450 90.42 -65.58 122.73
C PRO P 450 90.79 -65.03 124.09
N ARG P 451 89.78 -64.61 124.84
CA ARG P 451 89.90 -64.05 126.19
C ARG P 451 90.58 -62.70 126.19
N LEU P 452 91.04 -62.20 125.05
CA LEU P 452 91.51 -60.83 124.92
C LEU P 452 90.60 -59.98 124.05
N ARG P 453 89.99 -60.56 123.03
CA ARG P 453 88.96 -59.85 122.30
C ARG P 453 87.80 -59.49 123.21
N GLU P 454 87.46 -60.40 124.14
CA GLU P 454 86.41 -60.11 125.11
C GLU P 454 86.76 -58.90 125.96
N GLU P 455 87.98 -58.87 126.49
CA GLU P 455 88.41 -57.73 127.30
C GLU P 455 88.43 -56.45 126.48
N MET P 456 88.95 -56.50 125.26
CA MET P 456 89.05 -55.29 124.45
C MET P 456 87.66 -54.73 124.12
N GLU P 457 86.74 -55.60 123.72
CA GLU P 457 85.37 -55.14 123.46
C GLU P 457 84.72 -54.63 124.73
N ARG P 458 84.89 -55.34 125.85
CA ARG P 458 84.31 -54.94 127.12
C ARG P 458 84.85 -53.61 127.63
N ILE P 459 86.06 -53.23 127.23
CA ILE P 459 86.60 -51.94 127.63
C ILE P 459 86.14 -50.83 126.70
N VAL P 460 86.26 -51.05 125.38
CA VAL P 460 85.90 -49.99 124.45
C VAL P 460 84.41 -49.69 124.51
N THR P 461 83.57 -50.72 124.57
CA THR P 461 82.13 -50.50 124.62
C THR P 461 81.72 -49.81 125.91
N THR P 462 82.33 -50.18 127.04
CA THR P 462 82.04 -49.48 128.28
C THR P 462 82.45 -48.03 128.19
N HIS P 463 83.58 -47.74 127.54
CA HIS P 463 83.98 -46.35 127.37
C HIS P 463 82.96 -45.58 126.53
N ILE P 464 82.49 -46.19 125.45
CA ILE P 464 81.51 -45.53 124.59
C ILE P 464 80.22 -45.28 125.36
N ARG P 465 79.78 -46.24 126.18
CA ARG P 465 78.59 -46.03 126.99
C ARG P 465 78.80 -44.95 128.03
N GLU P 466 79.98 -44.91 128.66
CA GLU P 466 80.27 -43.86 129.62
C GLU P 466 80.37 -42.50 128.96
N ARG P 467 80.57 -42.45 127.65
CA ARG P 467 80.60 -41.20 126.91
C ARG P 467 79.25 -40.78 126.36
N GLU P 468 78.32 -41.73 126.20
CA GLU P 468 77.01 -41.37 125.65
C GLU P 468 76.28 -40.40 126.57
N GLY P 469 76.46 -40.55 127.89
CA GLY P 469 75.81 -39.63 128.81
C GLY P 469 76.25 -38.20 128.59
N ARG P 470 77.57 -37.99 128.48
CA ARG P 470 78.08 -36.64 128.27
C ARG P 470 77.65 -36.08 126.92
N THR P 471 77.68 -36.89 125.87
CA THR P 471 77.30 -36.33 124.58
C THR P 471 75.80 -36.02 124.53
N LYS P 472 74.96 -36.85 125.15
CA LYS P 472 73.54 -36.53 125.20
C LYS P 472 73.29 -35.28 126.03
N GLU P 473 74.02 -35.12 127.13
CA GLU P 473 73.88 -33.92 127.94
C GLU P 473 74.20 -32.67 127.13
N GLN P 474 75.32 -32.69 126.39
CA GLN P 474 75.66 -31.55 125.57
C GLN P 474 74.66 -31.34 124.44
N VAL P 475 74.13 -32.43 123.89
CA VAL P 475 73.13 -32.30 122.83
C VAL P 475 71.89 -31.58 123.35
N MET P 476 71.41 -31.98 124.53
CA MET P 476 70.26 -31.30 125.12
C MET P 476 70.60 -29.85 125.41
N LEU P 477 71.80 -29.60 125.95
CA LEU P 477 72.14 -28.23 126.35
C LEU P 477 72.28 -27.30 125.15
N LEU P 478 72.66 -27.82 123.99
CA LEU P 478 72.77 -26.95 122.81
C LEU P 478 71.41 -26.37 122.42
N ILE P 479 70.40 -27.23 122.26
CA ILE P 479 69.09 -26.72 121.91
C ILE P 479 68.48 -25.95 123.08
N ASP P 480 68.79 -26.33 124.31
CA ASP P 480 68.32 -25.55 125.45
C ASP P 480 68.88 -24.14 125.42
N ILE P 481 70.12 -23.99 124.94
CA ILE P 481 70.68 -22.67 124.67
C ILE P 481 69.91 -21.99 123.55
N GLU P 482 69.58 -22.74 122.50
CA GLU P 482 68.83 -22.16 121.39
C GLU P 482 67.48 -21.61 121.84
N LEU P 483 66.90 -22.18 122.89
CA LEU P 483 65.65 -21.70 123.45
C LEU P 483 65.80 -20.44 124.30
N ALA P 484 66.91 -19.71 124.19
CA ALA P 484 67.14 -18.59 125.10
C ALA P 484 66.96 -17.22 124.48
N TYR P 485 67.46 -16.98 123.27
CA TYR P 485 67.61 -15.60 122.81
C TYR P 485 66.77 -15.25 121.59
N MET P 486 66.58 -16.19 120.65
CA MET P 486 65.80 -15.94 119.44
C MET P 486 66.36 -14.75 118.65
N ASN P 487 67.60 -14.92 118.19
CA ASN P 487 68.29 -13.86 117.47
C ASN P 487 67.54 -13.50 116.19
N THR P 488 67.49 -12.21 115.89
CA THR P 488 66.76 -11.77 114.70
C THR P 488 67.59 -10.75 113.92
N ASN P 489 68.81 -10.44 114.35
CA ASN P 489 69.71 -9.62 113.57
C ASN P 489 70.67 -10.50 112.77
N HIS P 490 70.32 -11.77 112.60
CA HIS P 490 71.01 -12.69 111.70
C HIS P 490 70.57 -12.37 110.28
N GLU P 491 70.91 -13.23 109.32
CA GLU P 491 70.40 -13.00 107.98
C GLU P 491 68.89 -13.27 107.86
N ASP P 492 68.21 -13.55 108.98
CA ASP P 492 66.75 -13.54 109.00
C ASP P 492 66.24 -12.20 108.51
N PHE P 493 65.37 -12.23 107.52
CA PHE P 493 64.86 -11.00 106.92
C PHE P 493 63.92 -10.28 107.90
N ILE P 494 63.90 -8.96 107.80
CA ILE P 494 63.06 -8.13 108.65
C ILE P 494 61.59 -8.40 108.36
N PRO P 653 39.97 -9.16 110.28
CA PRO P 653 40.38 -7.88 110.86
C PRO P 653 41.85 -7.59 110.61
N GLN P 654 42.53 -7.04 111.62
CA GLN P 654 43.98 -6.91 111.60
C GLN P 654 44.67 -8.17 112.11
N LEU P 655 43.91 -9.07 112.73
CA LEU P 655 44.48 -10.30 113.27
C LEU P 655 45.05 -11.17 112.15
N GLU P 656 44.35 -11.27 111.02
CA GLU P 656 44.85 -12.12 109.94
C GLU P 656 46.17 -11.60 109.39
N ARG P 657 46.29 -10.28 109.19
CA ARG P 657 47.56 -9.74 108.72
C ARG P 657 48.66 -9.91 109.77
N GLN P 658 48.33 -9.71 111.04
CA GLN P 658 49.33 -9.90 112.09
C GLN P 658 49.80 -11.36 112.14
N VAL P 659 48.87 -12.31 112.03
CA VAL P 659 49.24 -13.71 112.10
C VAL P 659 50.03 -14.13 110.86
N GLU P 660 49.68 -13.61 109.69
CA GLU P 660 50.47 -13.90 108.50
C GLU P 660 51.89 -13.37 108.65
N THR P 661 52.04 -12.15 109.17
CA THR P 661 53.37 -11.61 109.38
C THR P 661 54.14 -12.41 110.42
N ILE P 662 53.45 -12.93 111.43
CA ILE P 662 54.12 -13.75 112.43
C ILE P 662 54.56 -15.08 111.84
N ARG P 663 53.72 -15.70 111.00
CA ARG P 663 54.07 -16.98 110.41
C ARG P 663 55.22 -16.84 109.42
N ASN P 664 55.22 -15.79 108.60
CA ASN P 664 56.31 -15.60 107.66
C ASN P 664 57.65 -15.41 108.36
N LEU P 665 57.64 -15.05 109.64
CA LEU P 665 58.87 -14.94 110.42
C LEU P 665 59.17 -16.21 111.19
N VAL P 666 58.13 -16.89 111.69
CA VAL P 666 58.32 -18.14 112.42
C VAL P 666 58.91 -19.19 111.50
N ASP P 667 58.42 -19.28 110.27
CA ASP P 667 58.99 -20.25 109.33
C ASP P 667 60.46 -19.96 109.05
N SER P 668 60.79 -18.69 108.85
CA SER P 668 62.18 -18.34 108.58
C SER P 668 63.07 -18.71 109.75
N TYR P 669 62.66 -18.37 110.97
CA TYR P 669 63.50 -18.69 112.12
C TYR P 669 63.55 -20.18 112.39
N MET P 670 62.49 -20.91 112.06
CA MET P 670 62.53 -22.37 112.12
C MET P 670 63.59 -22.91 111.19
N ALA P 671 63.65 -22.38 109.95
CA ALA P 671 64.68 -22.82 109.02
C ALA P 671 66.08 -22.46 109.54
N ILE P 672 66.24 -21.27 110.11
CA ILE P 672 67.57 -20.82 110.53
C ILE P 672 68.02 -21.53 111.80
N VAL P 673 67.11 -22.00 112.65
CA VAL P 673 67.52 -22.82 113.77
C VAL P 673 67.73 -24.27 113.34
N ASN P 674 67.01 -24.73 112.31
CA ASN P 674 67.27 -26.05 111.78
C ASN P 674 68.65 -26.13 111.16
N LYS P 675 69.06 -25.08 110.44
CA LYS P 675 70.40 -25.06 109.86
C LYS P 675 71.46 -25.15 110.96
N THR P 676 71.28 -24.38 112.02
CA THR P 676 72.28 -24.31 113.09
C THR P 676 72.31 -25.57 113.94
N VAL P 677 71.19 -26.27 114.11
CA VAL P 677 71.24 -27.54 114.82
C VAL P 677 71.73 -28.66 113.90
N ARG P 678 71.48 -28.55 112.60
CA ARG P 678 71.97 -29.54 111.65
C ARG P 678 73.47 -29.45 111.45
N ASP P 679 74.05 -28.25 111.56
CA ASP P 679 75.50 -28.11 111.45
C ASP P 679 76.23 -28.43 112.73
N LEU P 680 75.53 -28.52 113.86
CA LEU P 680 76.19 -28.75 115.14
C LEU P 680 75.74 -30.02 115.84
N MET P 681 74.88 -30.82 115.22
CA MET P 681 74.63 -32.14 115.80
C MET P 681 75.77 -33.10 115.46
N PRO P 682 76.24 -33.17 114.20
CA PRO P 682 77.42 -34.00 113.92
C PRO P 682 78.60 -33.58 114.77
N LYS P 683 78.98 -32.31 114.69
CA LYS P 683 80.15 -31.83 115.42
C LYS P 683 80.02 -32.12 116.90
N THR P 684 78.82 -31.95 117.46
CA THR P 684 78.62 -32.23 118.87
C THR P 684 78.85 -33.71 119.18
N ILE P 685 78.31 -34.59 118.36
CA ILE P 685 78.48 -36.02 118.63
C ILE P 685 79.95 -36.42 118.58
N MET P 686 80.65 -36.00 117.52
CA MET P 686 81.98 -36.52 117.25
C MET P 686 83.03 -35.94 118.20
N HIS P 687 82.94 -34.63 118.48
CA HIS P 687 83.91 -34.05 119.40
C HIS P 687 83.82 -34.69 120.78
N LEU P 688 82.68 -35.27 121.13
CA LEU P 688 82.52 -35.92 122.42
C LEU P 688 82.65 -37.44 122.33
N MET P 689 82.13 -38.05 121.27
CA MET P 689 82.10 -39.51 121.15
C MET P 689 83.27 -40.05 120.34
N ILE P 690 83.40 -39.63 119.09
CA ILE P 690 84.30 -40.32 118.16
C ILE P 690 85.73 -39.80 118.31
N ASN P 691 85.90 -38.48 118.21
CA ASN P 691 87.22 -37.91 118.38
C ASN P 691 87.69 -37.97 119.83
N ASN P 692 86.95 -38.65 120.69
CA ASN P 692 87.42 -38.99 122.03
C ASN P 692 87.64 -40.47 122.22
N THR P 693 86.80 -41.33 121.63
CA THR P 693 87.08 -42.75 121.68
C THR P 693 88.32 -43.09 120.87
N LYS P 694 88.60 -42.32 119.81
CA LYS P 694 89.81 -42.52 119.04
C LYS P 694 91.04 -42.25 119.90
N GLU P 695 91.04 -41.15 120.65
CA GLU P 695 92.16 -40.87 121.53
C GLU P 695 92.22 -41.86 122.68
N PHE P 696 91.08 -42.35 123.15
CA PHE P 696 91.11 -43.40 124.16
C PHE P 696 91.80 -44.64 123.62
N ILE P 697 91.49 -45.03 122.38
CA ILE P 697 92.12 -46.18 121.76
C ILE P 697 93.62 -45.95 121.63
N PHE P 698 94.00 -44.78 121.13
CA PHE P 698 95.41 -44.52 120.84
C PHE P 698 96.23 -44.22 122.08
N SER P 699 95.62 -43.94 123.23
CA SER P 699 96.39 -43.59 124.42
C SER P 699 96.18 -44.54 125.59
N GLU P 700 94.93 -44.80 125.97
CA GLU P 700 94.63 -45.39 127.27
C GLU P 700 94.32 -46.88 127.21
N LEU P 701 94.02 -47.43 126.04
CA LEU P 701 93.65 -48.84 125.95
C LEU P 701 94.79 -49.74 126.42
N LEU P 702 96.02 -49.40 126.02
CA LEU P 702 97.17 -50.22 126.37
C LEU P 702 97.36 -50.30 127.89
N ALA P 703 97.17 -49.17 128.58
CA ALA P 703 97.33 -49.17 130.03
C ALA P 703 96.33 -50.10 130.70
N ASN P 704 95.05 -50.00 130.30
CA ASN P 704 94.03 -50.84 130.92
C ASN P 704 94.31 -52.32 130.64
N LEU P 705 94.65 -52.64 129.39
CA LEU P 705 94.87 -54.04 129.03
C LEU P 705 96.07 -54.61 129.78
N TYR P 706 97.15 -53.84 129.90
CA TYR P 706 98.32 -54.36 130.59
C TYR P 706 98.11 -54.39 132.10
N SER P 707 97.27 -53.49 132.63
CA SER P 707 97.08 -53.40 134.08
C SER P 707 96.07 -54.41 134.60
N CYS P 708 95.14 -54.87 133.77
CA CYS P 708 94.19 -55.88 134.24
C CYS P 708 94.94 -57.16 134.60
N GLY P 709 94.44 -57.85 135.61
CA GLY P 709 95.18 -58.93 136.22
C GLY P 709 95.31 -60.16 135.34
N ASP P 710 96.19 -61.06 135.78
CA ASP P 710 96.41 -62.36 135.16
C ASP P 710 96.84 -62.21 133.69
N GLN P 711 98.03 -61.63 133.54
CA GLN P 711 98.66 -61.50 132.24
C GLN P 711 98.75 -62.83 131.51
N ASN P 712 99.01 -63.91 132.25
CA ASN P 712 99.17 -65.23 131.62
C ASN P 712 97.88 -65.70 130.97
N THR P 713 96.73 -65.26 131.45
CA THR P 713 95.45 -65.66 130.88
C THR P 713 94.82 -64.61 129.99
N LEU P 714 95.30 -63.37 130.05
CA LEU P 714 94.80 -62.38 129.09
C LEU P 714 95.15 -62.76 127.67
N MET P 715 96.33 -63.33 127.45
CA MET P 715 96.73 -63.87 126.16
C MET P 715 96.67 -65.39 126.25
N GLU P 716 95.53 -65.96 125.89
CA GLU P 716 95.39 -67.40 125.73
C GLU P 716 95.73 -67.78 124.30
N GLU P 717 96.70 -68.67 124.14
CA GLU P 717 96.92 -69.30 122.85
C GLU P 717 95.68 -70.07 122.46
N SER P 718 95.14 -69.75 121.30
CA SER P 718 94.03 -70.54 120.77
C SER P 718 94.58 -71.84 120.21
N ALA P 719 93.76 -72.90 120.31
CA ALA P 719 94.18 -74.18 119.77
C ALA P 719 94.55 -74.07 118.30
N GLU P 720 93.83 -73.22 117.55
CA GLU P 720 94.11 -73.06 116.14
C GLU P 720 95.53 -72.57 115.91
N GLN P 721 95.91 -71.47 116.55
CA GLN P 721 97.23 -70.92 116.26
C GLN P 721 98.32 -71.78 116.89
N ALA P 722 98.05 -72.42 118.03
CA ALA P 722 99.07 -73.25 118.65
C ALA P 722 99.36 -74.50 117.81
N GLN P 723 98.31 -75.18 117.35
CA GLN P 723 98.50 -76.33 116.47
C GLN P 723 99.14 -75.91 115.17
N ARG P 724 98.72 -74.77 114.61
CA ARG P 724 99.34 -74.29 113.38
C ARG P 724 100.82 -74.01 113.57
N ARG P 725 101.19 -73.41 114.70
CA ARG P 725 102.58 -73.08 114.98
C ARG P 725 103.42 -74.33 115.14
N ASP P 726 102.92 -75.31 115.89
CA ASP P 726 103.68 -76.56 116.04
C ASP P 726 103.82 -77.29 114.72
N GLU P 727 102.76 -77.28 113.90
CA GLU P 727 102.83 -77.97 112.61
C GLU P 727 103.78 -77.24 111.66
N MET P 728 103.83 -75.90 111.75
CA MET P 728 104.88 -75.15 111.05
C MET P 728 106.27 -75.59 111.49
N LEU P 729 106.48 -75.75 112.79
CA LEU P 729 107.80 -76.17 113.27
C LEU P 729 108.19 -77.53 112.72
N ARG P 730 107.25 -78.48 112.78
CA ARG P 730 107.52 -79.81 112.26
C ARG P 730 107.75 -79.78 110.75
N MET P 731 106.98 -78.95 110.04
CA MET P 731 107.16 -78.82 108.60
C MET P 731 108.53 -78.27 108.25
N TYR P 732 108.98 -77.26 109.00
CA TYR P 732 110.31 -76.69 108.77
C TYR P 732 111.40 -77.73 109.01
N HIS P 733 111.27 -78.50 110.09
CA HIS P 733 112.28 -79.54 110.34
C HIS P 733 112.27 -80.61 109.25
N ALA P 734 111.08 -81.01 108.80
CA ALA P 734 110.99 -82.01 107.74
C ALA P 734 111.60 -81.48 106.44
N LEU P 735 111.35 -80.22 106.11
CA LEU P 735 111.95 -79.64 104.92
C LEU P 735 113.46 -79.55 105.04
N LYS P 736 113.97 -79.23 106.23
CA LYS P 736 115.42 -79.24 106.44
C LYS P 736 116.00 -80.63 106.18
N GLU P 737 115.32 -81.66 106.70
CA GLU P 737 115.77 -83.03 106.45
C GLU P 737 115.72 -83.37 104.96
N ALA P 738 114.67 -82.94 104.27
CA ALA P 738 114.54 -83.22 102.85
C ALA P 738 115.66 -82.57 102.05
N LEU P 739 115.99 -81.32 102.36
CA LEU P 739 117.10 -80.67 101.66
C LEU P 739 118.45 -81.29 102.01
N SER P 740 118.62 -81.76 103.24
CA SER P 740 119.84 -82.51 103.56
C SER P 740 119.93 -83.79 102.74
N ILE P 741 118.79 -84.48 102.55
CA ILE P 741 118.79 -85.70 101.75
C ILE P 741 119.09 -85.38 100.29
N ILE P 742 118.55 -84.29 99.76
CA ILE P 742 118.90 -83.88 98.41
C ILE P 742 120.39 -83.60 98.30
N GLY P 743 120.95 -82.94 99.31
CA GLY P 743 122.38 -82.67 99.29
C GLY P 743 123.21 -83.94 99.28
N ASN P 744 122.85 -84.90 100.11
CA ASN P 744 123.62 -86.14 100.22
C ASN P 744 123.29 -87.17 99.15
N ILE P 745 122.28 -86.92 98.31
CA ILE P 745 121.96 -87.80 97.20
C ILE P 745 122.50 -87.26 95.88
N ASN P 746 122.40 -85.93 95.68
CA ASN P 746 122.91 -85.34 94.44
C ASN P 746 124.41 -85.57 94.27
N THR P 747 125.12 -85.80 95.37
CA THR P 747 126.55 -86.10 95.30
C THR P 747 126.79 -87.54 94.88
N ILE Q 10 105.47 -130.95 27.94
CA ILE Q 10 105.36 -129.50 27.90
C ILE Q 10 103.88 -129.11 27.86
N PRO Q 11 103.53 -128.03 28.54
CA PRO Q 11 102.11 -127.65 28.66
C PRO Q 11 101.50 -127.27 27.32
N LEU Q 12 100.22 -127.61 27.18
CA LEU Q 12 99.49 -127.36 25.94
C LEU Q 12 99.29 -125.88 25.70
N VAL Q 13 99.25 -125.06 26.76
CA VAL Q 13 99.18 -123.62 26.56
C VAL Q 13 100.47 -123.10 25.95
N ASN Q 14 101.62 -123.63 26.38
CA ASN Q 14 102.88 -123.30 25.73
C ASN Q 14 102.88 -123.75 24.28
N ARG Q 15 102.37 -124.97 24.00
CA ARG Q 15 102.36 -125.42 22.61
C ARG Q 15 101.44 -124.56 21.76
N LEU Q 16 100.30 -124.13 22.32
CA LEU Q 16 99.40 -123.23 21.60
C LEU Q 16 100.07 -121.90 21.31
N GLN Q 17 100.81 -121.36 22.28
CA GLN Q 17 101.53 -120.12 22.04
C GLN Q 17 102.61 -120.29 20.99
N ASP Q 18 103.29 -121.44 20.99
CA ASP Q 18 104.25 -121.73 19.95
C ASP Q 18 103.60 -121.74 18.58
N ALA Q 19 102.43 -122.37 18.48
CA ALA Q 19 101.71 -122.39 17.20
C ALA Q 19 101.26 -120.99 16.80
N PHE Q 20 100.87 -120.17 17.76
CA PHE Q 20 100.48 -118.80 17.45
C PHE Q 20 101.66 -118.00 16.92
N SER Q 21 102.83 -118.15 17.54
CA SER Q 21 104.03 -117.49 17.03
C SER Q 21 104.36 -118.01 15.63
N ALA Q 22 104.17 -119.31 15.39
CA ALA Q 22 104.44 -119.89 14.09
C ALA Q 22 103.54 -119.29 13.02
N ILE Q 23 102.23 -119.19 13.29
CA ILE Q 23 101.35 -118.56 12.32
C ILE Q 23 101.65 -117.08 12.20
N GLY Q 24 102.29 -116.49 13.22
CA GLY Q 24 102.80 -115.13 13.13
C GLY Q 24 101.75 -114.04 13.05
N GLN Q 25 100.47 -114.38 12.95
CA GLN Q 25 99.44 -113.36 12.97
C GLN Q 25 99.44 -112.67 14.34
N ASN Q 26 99.09 -111.38 14.32
CA ASN Q 26 99.18 -110.55 15.53
C ASN Q 26 98.03 -110.88 16.49
N ALA Q 27 98.01 -112.14 16.91
CA ALA Q 27 97.04 -112.64 17.87
C ALA Q 27 97.77 -113.09 19.14
N ASP Q 28 97.03 -113.09 20.24
CA ASP Q 28 97.57 -113.47 21.53
C ASP Q 28 96.51 -114.15 22.35
N LEU Q 29 96.94 -115.00 23.29
CA LEU Q 29 96.00 -115.72 24.14
C LEU Q 29 95.38 -114.81 25.20
N ASP Q 30 95.91 -113.60 25.36
CA ASP Q 30 95.36 -112.60 26.30
C ASP Q 30 95.37 -113.12 27.73
N LEU Q 31 96.55 -113.52 28.19
CA LEU Q 31 96.70 -113.94 29.57
C LEU Q 31 96.66 -112.73 30.50
N PRO Q 32 96.22 -112.92 31.74
CA PRO Q 32 96.31 -111.83 32.72
C PRO Q 32 97.76 -111.61 33.14
N GLN Q 33 98.05 -110.37 33.53
CA GLN Q 33 99.39 -110.07 34.01
C GLN Q 33 99.57 -110.63 35.42
N ILE Q 34 100.83 -110.77 35.82
CA ILE Q 34 101.18 -111.27 37.15
C ILE Q 34 101.97 -110.18 37.86
N ALA Q 35 101.63 -109.95 39.13
CA ALA Q 35 102.36 -109.01 39.95
C ALA Q 35 102.81 -109.72 41.22
N VAL Q 36 104.09 -109.61 41.55
CA VAL Q 36 104.65 -110.21 42.75
C VAL Q 36 104.83 -109.12 43.79
N VAL Q 37 104.22 -109.30 44.97
CA VAL Q 37 104.23 -108.28 46.00
C VAL Q 37 104.44 -108.94 47.36
N GLY Q 38 104.98 -108.17 48.29
CA GLY Q 38 105.25 -108.67 49.61
C GLY Q 38 105.99 -107.62 50.43
N GLY Q 39 106.46 -108.06 51.59
CA GLY Q 39 107.25 -107.19 52.43
C GLY Q 39 108.68 -107.09 51.95
N GLN Q 40 109.41 -106.12 52.51
CA GLN Q 40 110.80 -105.96 52.17
C GLN Q 40 111.60 -107.17 52.64
N SER Q 41 112.51 -107.62 51.79
CA SER Q 41 113.35 -108.81 52.04
C SER Q 41 112.52 -110.08 52.19
N ALA Q 42 111.33 -110.12 51.57
CA ALA Q 42 110.53 -111.33 51.62
C ALA Q 42 111.12 -112.43 50.74
N GLY Q 43 111.55 -112.08 49.53
CA GLY Q 43 112.01 -113.07 48.57
C GLY Q 43 111.30 -112.95 47.24
N LYS Q 44 110.69 -111.79 47.01
CA LYS Q 44 109.84 -111.59 45.83
C LYS Q 44 110.63 -111.74 44.54
N SER Q 45 111.76 -111.04 44.43
CA SER Q 45 112.55 -111.11 43.21
C SER Q 45 113.10 -112.51 42.98
N SER Q 46 113.51 -113.18 44.05
CA SER Q 46 114.04 -114.53 43.91
C SER Q 46 112.97 -115.49 43.42
N VAL Q 47 111.76 -115.41 43.97
CA VAL Q 47 110.66 -116.24 43.50
C VAL Q 47 110.37 -115.94 42.04
N LEU Q 48 110.37 -114.66 41.66
CA LEU Q 48 110.08 -114.31 40.28
C LEU Q 48 111.12 -114.90 39.32
N GLU Q 49 112.41 -114.78 39.66
CA GLU Q 49 113.42 -115.29 38.74
C GLU Q 49 113.41 -116.81 38.70
N ASN Q 50 113.10 -117.47 39.83
CA ASN Q 50 113.02 -118.92 39.81
C ASN Q 50 111.82 -119.40 39.00
N PHE Q 51 110.73 -118.64 39.00
CA PHE Q 51 109.60 -118.96 38.13
C PHE Q 51 109.95 -118.75 36.68
N VAL Q 52 110.71 -117.70 36.38
CA VAL Q 52 111.17 -117.49 35.00
C VAL Q 52 112.05 -118.65 34.56
N GLY Q 53 112.98 -119.07 35.42
CA GLY Q 53 113.88 -120.16 35.15
C GLY Q 53 115.32 -119.74 34.98
N ARG Q 54 115.59 -118.45 34.83
CA ARG Q 54 116.93 -117.95 34.53
C ARG Q 54 117.24 -116.75 35.41
N ASP Q 55 118.46 -116.69 35.92
CA ASP Q 55 118.84 -115.74 36.97
C ASP Q 55 119.28 -114.42 36.34
N PHE Q 56 118.38 -113.43 36.35
CA PHE Q 56 118.69 -112.13 35.77
C PHE Q 56 118.08 -111.00 36.61
N LEU Q 57 117.93 -111.19 37.91
CA LEU Q 57 117.29 -110.19 38.75
C LEU Q 57 118.19 -109.83 39.93
N PRO Q 58 118.15 -108.58 40.37
CA PRO Q 58 118.96 -108.16 41.52
C PRO Q 58 118.42 -108.78 42.80
N ARG Q 59 119.29 -109.49 43.52
CA ARG Q 59 118.89 -110.20 44.74
C ARG Q 59 119.99 -110.05 45.78
N GLY Q 60 119.67 -109.38 46.89
CA GLY Q 60 120.61 -109.22 47.97
C GLY Q 60 119.91 -108.77 49.24
N SER Q 61 120.66 -108.75 50.33
CA SER Q 61 120.11 -108.28 51.58
C SER Q 61 119.90 -106.77 51.55
N GLY Q 62 118.98 -106.30 52.38
CA GLY Q 62 118.63 -104.90 52.39
C GLY Q 62 117.63 -104.58 51.29
N ILE Q 63 117.55 -103.30 50.95
CA ILE Q 63 116.68 -102.83 49.88
C ILE Q 63 117.40 -103.05 48.55
N VAL Q 64 116.80 -103.85 47.67
CA VAL Q 64 117.42 -104.20 46.41
C VAL Q 64 116.50 -103.86 45.26
N THR Q 65 115.31 -104.47 45.24
CA THR Q 65 114.33 -104.22 44.17
C THR Q 65 113.69 -102.87 44.44
N ARG Q 66 114.39 -101.81 44.02
CA ARG Q 66 114.00 -100.45 44.35
C ARG Q 66 113.36 -99.70 43.18
N ARG Q 67 112.81 -100.42 42.20
CA ARG Q 67 112.14 -99.77 41.08
C ARG Q 67 111.26 -100.79 40.38
N PRO Q 68 110.02 -100.45 40.03
CA PRO Q 68 109.10 -101.45 39.49
C PRO Q 68 109.56 -101.97 38.14
N LEU Q 69 109.90 -103.25 38.10
CA LEU Q 69 110.38 -103.90 36.88
C LEU Q 69 109.20 -104.55 36.17
N VAL Q 70 108.84 -104.02 35.00
CA VAL Q 70 107.77 -104.57 34.18
C VAL Q 70 108.44 -105.50 33.17
N LEU Q 71 108.54 -106.77 33.54
CA LEU Q 71 109.02 -107.83 32.66
C LEU Q 71 107.94 -108.25 31.69
N GLN Q 72 108.35 -108.54 30.46
CA GLN Q 72 107.46 -109.17 29.47
C GLN Q 72 108.19 -110.38 28.89
N LEU Q 73 107.82 -111.57 29.35
CA LEU Q 73 108.30 -112.80 28.73
C LEU Q 73 107.52 -113.01 27.44
N VAL Q 74 108.24 -113.15 26.32
CA VAL Q 74 107.63 -113.38 25.02
C VAL Q 74 108.31 -114.58 24.37
N ASN Q 75 107.67 -115.09 23.33
CA ASN Q 75 108.13 -116.29 22.64
C ASN Q 75 108.83 -115.93 21.34
N ALA Q 76 109.96 -116.57 21.09
CA ALA Q 76 110.71 -116.39 19.86
C ALA Q 76 111.62 -117.59 19.67
N THR Q 77 112.44 -117.53 18.63
CA THR Q 77 113.29 -118.67 18.28
C THR Q 77 114.34 -118.94 19.35
N THR Q 78 115.08 -117.90 19.76
CA THR Q 78 116.12 -118.05 20.77
C THR Q 78 116.11 -116.84 21.69
N GLU Q 79 116.79 -116.99 22.82
CA GLU Q 79 116.60 -116.11 23.96
C GLU Q 79 117.56 -114.93 23.96
N TYR Q 80 117.05 -113.78 24.33
CA TYR Q 80 117.83 -112.58 24.63
C TYR Q 80 116.94 -111.65 25.45
N ALA Q 81 117.41 -110.42 25.66
CA ALA Q 81 116.64 -109.45 26.42
C ALA Q 81 116.87 -108.06 25.86
N GLU Q 82 115.83 -107.23 25.91
CA GLU Q 82 115.92 -105.85 25.45
C GLU Q 82 115.19 -104.94 26.42
N PHE Q 83 115.82 -103.81 26.73
CA PHE Q 83 115.19 -102.78 27.54
C PHE Q 83 114.47 -101.80 26.63
N LEU Q 84 113.99 -100.69 27.20
CA LEU Q 84 113.44 -99.59 26.41
C LEU Q 84 114.30 -98.34 26.49
N HIS Q 85 115.56 -98.48 26.88
CA HIS Q 85 116.50 -97.37 26.82
C HIS Q 85 117.75 -97.70 26.02
N CYS Q 86 118.23 -98.94 26.07
CA CYS Q 86 119.32 -99.39 25.21
C CYS Q 86 118.76 -99.92 23.89
N LYS Q 87 118.03 -99.04 23.20
CA LYS Q 87 117.32 -99.43 21.99
C LYS Q 87 118.29 -99.96 20.94
N GLY Q 88 117.95 -101.09 20.35
CA GLY Q 88 118.80 -101.77 19.39
C GLY Q 88 119.70 -102.82 20.01
N LYS Q 89 120.20 -102.55 21.22
CA LYS Q 89 121.08 -103.49 21.89
C LYS Q 89 120.32 -104.75 22.28
N LYS Q 90 121.01 -105.88 22.23
CA LYS Q 90 120.43 -107.19 22.55
C LYS Q 90 121.27 -107.83 23.65
N PHE Q 91 120.92 -107.52 24.90
CA PHE Q 91 121.59 -108.15 26.03
C PHE Q 91 121.37 -109.66 25.97
N THR Q 92 122.45 -110.40 26.16
CA THR Q 92 122.39 -111.84 26.02
C THR Q 92 122.87 -112.59 27.25
N ASP Q 93 123.90 -112.10 27.93
CA ASP Q 93 124.37 -112.74 29.15
C ASP Q 93 123.76 -112.06 30.37
N PHE Q 94 123.21 -112.89 31.26
CA PHE Q 94 122.34 -112.39 32.31
C PHE Q 94 123.10 -111.69 33.42
N GLU Q 95 124.40 -111.94 33.58
CA GLU Q 95 125.20 -111.08 34.44
C GLU Q 95 125.18 -109.64 33.94
N GLU Q 96 125.39 -109.45 32.64
CA GLU Q 96 125.28 -108.12 32.06
C GLU Q 96 123.86 -107.58 32.20
N VAL Q 97 122.86 -108.44 32.05
CA VAL Q 97 121.48 -107.97 32.19
C VAL Q 97 121.23 -107.44 33.60
N ARG Q 98 121.68 -108.19 34.61
CA ARG Q 98 121.48 -107.76 35.99
C ARG Q 98 122.25 -106.49 36.30
N LEU Q 99 123.49 -106.39 35.83
CA LEU Q 99 124.27 -105.17 36.06
C LEU Q 99 123.60 -103.97 35.40
N GLU Q 100 123.08 -104.15 34.19
CA GLU Q 100 122.36 -103.06 33.54
C GLU Q 100 121.11 -102.68 34.32
N ILE Q 101 120.41 -103.68 34.87
CA ILE Q 101 119.20 -103.39 35.65
C ILE Q 101 119.55 -102.54 36.86
N GLU Q 102 120.56 -102.95 37.62
CA GLU Q 102 120.89 -102.20 38.84
C GLU Q 102 121.44 -100.81 38.50
N ALA Q 103 122.22 -100.70 37.43
CA ALA Q 103 122.71 -99.39 37.01
C ALA Q 103 121.54 -98.49 36.59
N GLU Q 104 120.56 -99.05 35.88
CA GLU Q 104 119.40 -98.26 35.48
C GLU Q 104 118.62 -97.79 36.69
N THR Q 105 118.46 -98.65 37.69
CA THR Q 105 117.79 -98.23 38.92
C THR Q 105 118.54 -97.10 39.58
N ASP Q 106 119.86 -97.22 39.68
CA ASP Q 106 120.66 -96.21 40.38
C ASP Q 106 120.65 -94.88 39.63
N ARG Q 107 120.62 -94.91 38.29
CA ARG Q 107 120.74 -93.69 37.52
C ARG Q 107 119.60 -92.71 37.77
N VAL Q 108 118.47 -93.16 38.33
CA VAL Q 108 117.36 -92.29 38.66
C VAL Q 108 117.09 -92.26 40.16
N THR Q 109 117.21 -93.40 40.85
CA THR Q 109 116.90 -93.43 42.27
C THR Q 109 118.01 -92.80 43.10
N GLY Q 110 119.26 -93.03 42.72
CA GLY Q 110 120.39 -92.64 43.54
C GLY Q 110 120.98 -93.83 44.28
N THR Q 111 122.12 -93.58 44.92
CA THR Q 111 122.88 -94.61 45.60
C THR Q 111 122.77 -94.51 47.12
N ASN Q 112 121.59 -94.13 47.61
CA ASN Q 112 121.33 -94.03 49.04
C ASN Q 112 119.97 -94.62 49.38
N LYS Q 113 119.67 -95.78 48.79
CA LYS Q 113 118.45 -96.54 49.07
C LYS Q 113 117.18 -95.81 48.70
N GLY Q 114 117.27 -94.79 47.85
CA GLY Q 114 116.07 -94.15 47.34
C GLY Q 114 115.35 -95.03 46.34
N ILE Q 115 114.07 -94.72 46.12
CA ILE Q 115 113.25 -95.47 45.17
C ILE Q 115 112.60 -94.50 44.20
N SER Q 116 112.05 -95.05 43.11
CA SER Q 116 111.41 -94.26 42.08
C SER Q 116 110.26 -95.08 41.49
N PRO Q 117 109.07 -94.50 41.35
CA PRO Q 117 107.93 -95.26 40.83
C PRO Q 117 107.93 -95.44 39.32
N VAL Q 118 108.89 -94.87 38.59
CA VAL Q 118 108.90 -94.96 37.14
C VAL Q 118 109.30 -96.36 36.70
N PRO Q 119 108.47 -97.05 35.93
CA PRO Q 119 108.73 -98.46 35.64
C PRO Q 119 109.91 -98.66 34.69
N ILE Q 120 110.67 -99.73 34.95
CA ILE Q 120 111.69 -100.21 34.02
C ILE Q 120 111.03 -101.25 33.13
N ASN Q 121 110.84 -100.92 31.86
CA ASN Q 121 110.16 -101.81 30.91
C ASN Q 121 111.21 -102.72 30.28
N LEU Q 122 111.15 -104.01 30.57
CA LEU Q 122 112.10 -104.97 30.06
C LEU Q 122 111.35 -106.09 29.35
N ARG Q 123 111.97 -106.65 28.31
CA ARG Q 123 111.36 -107.74 27.57
C ARG Q 123 112.39 -108.85 27.39
N VAL Q 124 111.97 -110.09 27.64
CA VAL Q 124 112.82 -111.26 27.48
C VAL Q 124 112.19 -112.15 26.42
N TYR Q 125 113.03 -112.77 25.61
CA TYR Q 125 112.56 -113.73 24.61
C TYR Q 125 112.97 -115.13 25.03
N SER Q 126 112.10 -116.09 24.75
CA SER Q 126 112.36 -117.47 25.15
C SER Q 126 111.58 -118.40 24.23
N PRO Q 127 112.05 -119.64 24.04
CA PRO Q 127 111.38 -120.51 23.06
C PRO Q 127 110.04 -121.07 23.53
N HIS Q 128 109.85 -121.29 24.83
CA HIS Q 128 108.68 -122.00 25.31
C HIS Q 128 108.06 -121.29 26.51
N VAL Q 129 107.82 -119.99 26.38
CA VAL Q 129 107.14 -119.24 27.44
C VAL Q 129 105.95 -118.52 26.81
N LEU Q 130 104.97 -118.21 27.66
CA LEU Q 130 103.81 -117.44 27.24
C LEU Q 130 104.21 -115.99 27.01
N ASN Q 131 103.31 -115.24 26.35
CA ASN Q 131 103.43 -113.79 26.30
C ASN Q 131 102.94 -113.19 27.62
N LEU Q 132 103.69 -113.50 28.66
CA LEU Q 132 103.29 -113.10 30.01
C LEU Q 132 103.65 -111.63 30.23
N THR Q 133 103.23 -111.11 31.38
CA THR Q 133 103.56 -109.74 31.79
C THR Q 133 103.80 -109.78 33.30
N LEU Q 134 105.05 -109.96 33.67
CA LEU Q 134 105.44 -110.05 35.08
C LEU Q 134 105.74 -108.65 35.60
N VAL Q 135 105.45 -108.42 36.87
CA VAL Q 135 105.71 -107.13 37.50
C VAL Q 135 106.36 -107.40 38.84
N ASP Q 136 107.66 -107.10 38.94
CA ASP Q 136 108.36 -107.11 40.21
C ASP Q 136 108.27 -105.72 40.81
N LEU Q 137 108.01 -105.66 42.11
CA LEU Q 137 107.76 -104.41 42.80
C LEU Q 137 108.62 -104.33 44.05
N PRO Q 138 108.91 -103.14 44.53
CA PRO Q 138 109.60 -103.00 45.82
C PRO Q 138 108.73 -103.48 46.98
N GLY Q 139 109.39 -103.96 48.02
CA GLY Q 139 108.69 -104.39 49.21
C GLY Q 139 108.11 -103.21 49.97
N MET Q 140 107.24 -103.54 50.93
CA MET Q 140 106.54 -102.53 51.70
C MET Q 140 107.31 -102.22 52.97
N THR Q 141 107.58 -100.94 53.20
CA THR Q 141 108.30 -100.48 54.38
C THR Q 141 107.51 -99.36 55.03
N LYS Q 142 107.73 -99.18 56.34
CA LYS Q 142 107.02 -98.15 57.09
C LYS Q 142 107.94 -96.99 57.51
N VAL Q 143 109.12 -97.28 58.03
CA VAL Q 143 110.07 -96.24 58.44
C VAL Q 143 111.02 -95.96 57.30
N PRO Q 144 111.13 -94.71 56.85
CA PRO Q 144 112.12 -94.39 55.80
C PRO Q 144 113.53 -94.61 56.30
N VAL Q 145 114.40 -95.05 55.38
CA VAL Q 145 115.81 -95.27 55.66
C VAL Q 145 116.61 -94.57 54.56
N GLY Q 146 117.81 -94.13 54.91
CA GLY Q 146 118.61 -93.40 53.95
C GLY Q 146 117.99 -92.04 53.66
N ASP Q 147 117.79 -91.75 52.37
CA ASP Q 147 117.26 -90.46 51.96
C ASP Q 147 115.82 -90.54 51.46
N GLN Q 148 115.11 -91.63 51.78
CA GLN Q 148 113.73 -91.75 51.34
C GLN Q 148 112.88 -90.67 52.01
N PRO Q 149 111.83 -90.20 51.33
CA PRO Q 149 110.93 -89.21 51.95
C PRO Q 149 110.20 -89.82 53.13
N PRO Q 150 109.73 -88.99 54.06
CA PRO Q 150 109.07 -89.52 55.25
C PRO Q 150 107.81 -90.34 54.96
N ASP Q 151 107.17 -90.14 53.82
CA ASP Q 151 105.96 -90.88 53.45
C ASP Q 151 106.28 -92.05 52.54
N ILE Q 152 107.43 -92.70 52.75
CA ILE Q 152 107.84 -93.81 51.89
C ILE Q 152 106.83 -94.94 51.95
N GLU Q 153 106.17 -95.13 53.10
CA GLU Q 153 105.18 -96.19 53.21
C GLU Q 153 104.03 -95.96 52.25
N PHE Q 154 103.44 -94.77 52.27
CA PHE Q 154 102.34 -94.46 51.36
C PHE Q 154 102.82 -94.47 49.92
N GLN Q 155 104.06 -94.02 49.68
CA GLN Q 155 104.59 -94.01 48.33
C GLN Q 155 104.64 -95.42 47.75
N ILE Q 156 105.26 -96.35 48.47
CA ILE Q 156 105.31 -97.73 48.00
C ILE Q 156 103.91 -98.32 47.90
N ARG Q 157 103.06 -98.02 48.90
CA ARG Q 157 101.72 -98.58 48.91
C ARG Q 157 100.95 -98.22 47.65
N ASP Q 158 100.73 -96.93 47.42
CA ASP Q 158 99.93 -96.55 46.25
C ASP Q 158 100.68 -96.84 44.95
N MET Q 159 102.01 -96.84 44.99
CA MET Q 159 102.79 -97.17 43.79
C MET Q 159 102.53 -98.59 43.33
N LEU Q 160 102.46 -99.55 44.25
CA LEU Q 160 102.11 -100.90 43.85
C LEU Q 160 100.60 -101.12 43.76
N MET Q 161 99.81 -100.28 44.42
CA MET Q 161 98.36 -100.36 44.27
C MET Q 161 97.95 -100.01 42.85
N GLN Q 162 98.59 -99.01 42.26
CA GLN Q 162 98.27 -98.62 40.89
C GLN Q 162 98.55 -99.74 39.90
N PHE Q 163 99.35 -100.73 40.28
CA PHE Q 163 99.59 -101.89 39.43
C PHE Q 163 98.75 -103.11 39.80
N VAL Q 164 98.37 -103.24 41.07
CA VAL Q 164 97.67 -104.46 41.50
C VAL Q 164 96.16 -104.30 41.41
N THR Q 165 95.66 -103.10 41.72
CA THR Q 165 94.21 -102.91 41.81
C THR Q 165 93.49 -103.12 40.48
N LYS Q 166 94.21 -103.09 39.37
CA LYS Q 166 93.59 -103.40 38.09
C LYS Q 166 93.22 -104.87 38.02
N GLU Q 167 92.17 -105.16 37.26
CA GLU Q 167 91.71 -106.53 37.09
C GLU Q 167 92.71 -107.29 36.22
N ASN Q 168 92.46 -108.58 35.99
CA ASN Q 168 93.34 -109.49 35.28
C ASN Q 168 94.79 -109.32 35.72
N CYS Q 169 95.00 -109.16 37.02
CA CYS Q 169 96.32 -109.00 37.61
C CYS Q 169 96.43 -110.02 38.75
N LEU Q 170 96.92 -111.21 38.43
CA LEU Q 170 97.15 -112.21 39.45
C LEU Q 170 98.17 -111.67 40.45
N ILE Q 171 98.00 -112.06 41.71
CA ILE Q 171 98.84 -111.55 42.80
C ILE Q 171 99.63 -112.72 43.37
N LEU Q 172 100.94 -112.54 43.49
CA LEU Q 172 101.79 -113.47 44.23
C LEU Q 172 102.13 -112.79 45.55
N ALA Q 173 101.44 -113.20 46.60
CA ALA Q 173 101.65 -112.65 47.95
C ALA Q 173 102.79 -113.43 48.58
N VAL Q 174 103.97 -112.81 48.63
CA VAL Q 174 105.16 -113.44 49.16
C VAL Q 174 105.28 -113.10 50.64
N SER Q 175 105.46 -114.13 51.46
CA SER Q 175 105.68 -113.89 52.88
C SER Q 175 106.77 -114.82 53.36
N PRO Q 176 107.67 -114.33 54.21
CA PRO Q 176 108.68 -115.21 54.80
C PRO Q 176 108.04 -116.13 55.83
N ALA Q 177 108.75 -117.22 56.10
CA ALA Q 177 108.37 -118.11 57.18
C ALA Q 177 109.01 -117.71 58.49
N ASN Q 178 109.74 -116.61 58.51
CA ASN Q 178 110.38 -116.16 59.74
C ASN Q 178 109.40 -115.39 60.61
N SER Q 179 108.88 -114.28 60.11
CA SER Q 179 107.85 -113.53 60.82
C SER Q 179 106.57 -114.34 60.88
N ASP Q 180 105.80 -114.13 61.94
CA ASP Q 180 104.49 -114.75 62.03
C ASP Q 180 103.62 -114.25 60.89
N LEU Q 181 102.81 -115.16 60.34
CA LEU Q 181 102.05 -114.86 59.13
C LEU Q 181 101.13 -113.67 59.32
N ALA Q 182 100.72 -113.40 60.57
CA ALA Q 182 99.79 -112.31 60.83
C ALA Q 182 100.34 -110.94 60.44
N ASN Q 183 101.67 -110.82 60.29
CA ASN Q 183 102.27 -109.54 59.95
C ASN Q 183 102.41 -109.31 58.46
N SER Q 184 101.90 -110.22 57.63
CA SER Q 184 102.23 -110.21 56.20
C SER Q 184 101.71 -108.98 55.47
N ASP Q 185 102.62 -108.08 55.12
CA ASP Q 185 102.26 -106.94 54.29
C ASP Q 185 101.72 -107.37 52.93
N ALA Q 186 102.12 -108.55 52.46
CA ALA Q 186 101.56 -109.08 51.23
C ALA Q 186 100.10 -109.45 51.41
N LEU Q 187 99.79 -110.19 52.48
CA LEU Q 187 98.42 -110.62 52.71
C LEU Q 187 97.50 -109.45 53.00
N LYS Q 188 98.01 -108.40 53.65
CA LYS Q 188 97.17 -107.22 53.87
C LYS Q 188 96.65 -106.66 52.56
N VAL Q 189 97.56 -106.40 51.62
CA VAL Q 189 97.16 -105.85 50.33
C VAL Q 189 96.33 -106.86 49.55
N ALA Q 190 96.67 -108.15 49.66
CA ALA Q 190 95.93 -109.18 48.95
C ALA Q 190 94.47 -109.20 49.37
N LYS Q 191 94.22 -109.23 50.67
CA LYS Q 191 92.85 -109.20 51.15
C LYS Q 191 92.20 -107.84 51.00
N GLU Q 192 92.98 -106.77 50.82
CA GLU Q 192 92.40 -105.46 50.62
C GLU Q 192 91.88 -105.29 49.20
N VAL Q 193 92.57 -105.84 48.21
CA VAL Q 193 92.21 -105.59 46.81
C VAL Q 193 91.43 -106.77 46.23
N ASP Q 194 91.66 -107.96 46.77
CA ASP Q 194 91.03 -109.19 46.31
C ASP Q 194 90.41 -109.87 47.52
N PRO Q 195 89.23 -109.42 47.95
CA PRO Q 195 88.66 -109.97 49.19
C PRO Q 195 88.38 -111.46 49.13
N GLN Q 196 87.70 -111.92 48.08
CA GLN Q 196 87.37 -113.34 47.98
C GLN Q 196 88.60 -114.21 47.71
N GLY Q 197 89.73 -113.62 47.37
CA GLY Q 197 90.92 -114.40 47.09
C GLY Q 197 90.81 -115.25 45.85
N GLN Q 198 90.25 -114.72 44.77
CA GLN Q 198 90.09 -115.47 43.54
C GLN Q 198 91.23 -115.27 42.55
N ARG Q 199 92.04 -114.23 42.72
CA ARG Q 199 93.21 -113.99 41.89
C ARG Q 199 94.44 -113.76 42.75
N THR Q 200 94.50 -114.44 43.89
CA THR Q 200 95.59 -114.32 44.84
C THR Q 200 96.18 -115.68 45.14
N ILE Q 201 97.50 -115.77 45.12
CA ILE Q 201 98.21 -117.01 45.45
C ILE Q 201 99.27 -116.68 46.48
N GLY Q 202 99.30 -117.43 47.57
CA GLY Q 202 100.23 -117.18 48.66
C GLY Q 202 101.44 -118.09 48.57
N VAL Q 203 102.62 -117.50 48.75
CA VAL Q 203 103.86 -118.26 48.75
C VAL Q 203 104.63 -117.95 50.03
N ILE Q 204 105.17 -118.99 50.64
CA ILE Q 204 105.90 -118.91 51.90
C ILE Q 204 107.35 -119.23 51.58
N THR Q 205 108.23 -118.25 51.80
CA THR Q 205 109.65 -118.40 51.53
C THR Q 205 110.40 -118.66 52.83
N LYS Q 206 111.70 -118.87 52.70
CA LYS Q 206 112.60 -118.94 53.85
C LYS Q 206 112.20 -120.04 54.84
N LEU Q 207 111.61 -121.12 54.33
CA LEU Q 207 111.19 -122.22 55.20
C LEU Q 207 112.37 -122.91 55.88
N ASP Q 208 113.59 -122.66 55.43
CA ASP Q 208 114.77 -123.21 56.07
C ASP Q 208 115.30 -122.33 57.20
N LEU Q 209 114.71 -121.16 57.41
CA LEU Q 209 115.20 -120.21 58.40
C LEU Q 209 114.27 -120.10 59.61
N MET Q 210 113.44 -121.11 59.84
CA MET Q 210 112.51 -121.07 60.95
C MET Q 210 113.22 -121.48 62.24
N ASP Q 211 112.71 -120.98 63.36
CA ASP Q 211 113.34 -121.23 64.65
C ASP Q 211 113.27 -122.70 65.02
N GLU Q 212 114.25 -123.13 65.82
CA GLU Q 212 114.30 -124.51 66.27
C GLU Q 212 113.01 -124.86 67.03
N GLY Q 213 112.45 -126.02 66.69
CA GLY Q 213 111.22 -126.47 67.32
C GLY Q 213 109.95 -125.89 66.72
N THR Q 214 110.07 -124.99 65.75
CA THR Q 214 108.91 -124.41 65.09
C THR Q 214 108.81 -124.95 63.67
N ASP Q 215 107.58 -124.97 63.15
CA ASP Q 215 107.33 -125.44 61.80
C ASP Q 215 106.12 -124.71 61.24
N ALA Q 216 106.08 -124.59 59.91
CA ALA Q 216 104.99 -123.90 59.23
C ALA Q 216 103.89 -124.85 58.78
N ARG Q 217 103.68 -125.94 59.50
CA ARG Q 217 102.65 -126.89 59.12
C ARG Q 217 101.27 -126.26 59.18
N ASP Q 218 100.99 -125.50 60.24
CA ASP Q 218 99.66 -124.93 60.43
C ASP Q 218 99.28 -123.94 59.33
N VAL Q 219 100.26 -123.36 58.65
CA VAL Q 219 99.97 -122.37 57.62
C VAL Q 219 100.04 -123.02 56.24
N LEU Q 220 100.94 -123.99 56.07
CA LEU Q 220 101.02 -124.66 54.77
C LEU Q 220 99.85 -125.60 54.55
N GLU Q 221 99.25 -126.14 55.61
CA GLU Q 221 98.00 -126.87 55.46
C GLU Q 221 96.80 -125.94 55.29
N ASN Q 222 97.05 -124.65 55.11
CA ASN Q 222 96.01 -123.67 54.81
C ASN Q 222 94.94 -123.64 55.91
N LYS Q 223 95.37 -123.84 57.15
CA LYS Q 223 94.46 -123.82 58.29
C LYS Q 223 94.56 -122.54 59.10
N LEU Q 224 95.78 -122.05 59.33
CA LEU Q 224 95.96 -120.86 60.16
C LEU Q 224 95.25 -119.66 59.57
N LEU Q 225 95.50 -119.37 58.30
CA LEU Q 225 94.78 -118.33 57.56
C LEU Q 225 94.27 -118.97 56.28
N PRO Q 226 93.10 -119.60 56.32
CA PRO Q 226 92.58 -120.29 55.13
C PRO Q 226 92.45 -119.38 53.92
N LEU Q 227 93.25 -119.65 52.90
CA LEU Q 227 93.18 -118.96 51.63
C LEU Q 227 92.75 -119.95 50.56
N ARG Q 228 91.95 -119.48 49.60
CA ARG Q 228 91.31 -120.40 48.65
C ARG Q 228 92.34 -121.15 47.82
N ARG Q 229 93.36 -120.46 47.34
CA ARG Q 229 94.31 -121.08 46.40
C ARG Q 229 95.42 -121.84 47.09
N GLY Q 230 95.51 -121.79 48.42
CA GLY Q 230 96.53 -122.51 49.14
C GLY Q 230 97.85 -121.75 49.19
N TYR Q 231 98.77 -122.29 49.98
CA TYR Q 231 100.08 -121.68 50.20
C TYR Q 231 101.15 -122.63 49.68
N ILE Q 232 102.00 -122.13 48.79
CA ILE Q 232 103.09 -122.90 48.22
C ILE Q 232 104.38 -122.52 48.93
N GLY Q 233 105.11 -123.52 49.43
CA GLY Q 233 106.32 -123.29 50.17
C GLY Q 233 107.55 -123.47 49.29
N VAL Q 234 108.38 -122.43 49.25
CA VAL Q 234 109.59 -122.46 48.42
C VAL Q 234 110.81 -122.17 49.30
N VAL Q 235 111.96 -122.66 48.86
CA VAL Q 235 113.22 -122.45 49.55
C VAL Q 235 114.27 -121.99 48.54
N ASN Q 236 114.54 -120.70 48.51
CA ASN Q 236 115.45 -120.13 47.53
C ASN Q 236 116.91 -120.32 47.97
N ARG Q 237 117.83 -119.62 47.31
CA ARG Q 237 119.24 -119.68 47.65
C ARG Q 237 119.56 -118.62 48.69
N SER Q 238 120.28 -119.04 49.73
CA SER Q 238 120.68 -118.11 50.78
C SER Q 238 121.63 -117.04 50.24
N GLN Q 239 121.88 -116.03 51.06
CA GLN Q 239 122.80 -114.97 50.65
C GLN Q 239 124.21 -115.51 50.45
N LYS Q 240 124.62 -116.45 51.30
CA LYS Q 240 125.91 -117.10 51.11
C LYS Q 240 125.97 -117.82 49.77
N ASP Q 241 124.90 -118.52 49.41
CA ASP Q 241 124.87 -119.21 48.11
C ASP Q 241 124.88 -118.21 46.97
N ILE Q 242 124.20 -117.08 47.12
CA ILE Q 242 124.20 -116.06 46.08
C ILE Q 242 125.61 -115.52 45.87
N ASP Q 243 126.32 -115.25 46.97
CA ASP Q 243 127.69 -114.78 46.84
C ASP Q 243 128.61 -115.86 46.27
N GLY Q 244 128.34 -117.13 46.58
CA GLY Q 244 129.09 -118.25 46.06
C GLY Q 244 128.65 -118.73 44.69
N LYS Q 245 127.68 -118.06 44.09
CA LYS Q 245 127.21 -118.37 42.73
C LYS Q 245 126.68 -119.80 42.64
N LYS Q 246 125.77 -120.14 43.55
CA LYS Q 246 125.10 -121.43 43.48
C LYS Q 246 124.18 -121.48 42.27
N ASP Q 247 124.10 -122.66 41.66
CA ASP Q 247 123.35 -122.84 40.43
C ASP Q 247 121.94 -123.36 40.70
N ILE Q 248 121.04 -123.06 39.77
CA ILE Q 248 119.62 -123.32 39.96
C ILE Q 248 119.36 -124.81 40.14
N THR Q 249 120.05 -125.65 39.37
CA THR Q 249 119.75 -127.09 39.42
C THR Q 249 120.09 -127.68 40.78
N ALA Q 250 121.28 -127.41 41.31
CA ALA Q 250 121.63 -127.93 42.62
C ALA Q 250 120.82 -127.27 43.72
N ALA Q 251 120.44 -125.99 43.53
CA ALA Q 251 119.57 -125.35 44.49
C ALA Q 251 118.22 -126.05 44.58
N LEU Q 252 117.65 -126.41 43.42
CA LEU Q 252 116.39 -127.12 43.40
C LEU Q 252 116.53 -128.51 43.99
N ALA Q 253 117.66 -129.18 43.71
CA ALA Q 253 117.90 -130.49 44.32
C ALA Q 253 117.97 -130.39 45.84
N ALA Q 254 118.64 -129.35 46.35
CA ALA Q 254 118.71 -129.16 47.80
C ALA Q 254 117.34 -128.86 48.39
N GLU Q 255 116.54 -128.06 47.67
CA GLU Q 255 115.18 -127.78 48.15
C GLU Q 255 114.35 -129.05 48.22
N ARG Q 256 114.44 -129.90 47.19
CA ARG Q 256 113.74 -131.18 47.21
C ARG Q 256 114.21 -132.05 48.36
N LYS Q 257 115.52 -132.08 48.60
CA LYS Q 257 116.05 -132.85 49.72
C LYS Q 257 115.52 -132.34 51.04
N PHE Q 258 115.47 -131.01 51.21
CA PHE Q 258 114.97 -130.44 52.46
C PHE Q 258 113.50 -130.79 52.66
N PHE Q 259 112.68 -130.69 51.61
CA PHE Q 259 111.27 -131.05 51.74
C PHE Q 259 111.09 -132.53 52.05
N LEU Q 260 111.90 -133.41 51.47
CA LEU Q 260 111.80 -134.82 51.78
C LEU Q 260 112.35 -135.18 53.15
N SER Q 261 113.27 -134.39 53.69
CA SER Q 261 113.88 -134.69 54.97
C SER Q 261 113.16 -134.08 56.17
N HIS Q 262 112.50 -132.94 55.99
CA HIS Q 262 111.85 -132.29 57.12
C HIS Q 262 110.62 -133.08 57.54
N PRO Q 263 110.53 -133.53 58.79
CA PRO Q 263 109.37 -134.36 59.20
C PRO Q 263 108.04 -133.65 59.11
N SER Q 264 108.01 -132.33 59.15
CA SER Q 264 106.76 -131.59 59.19
C SER Q 264 106.27 -131.18 57.80
N TYR Q 265 106.97 -131.55 56.74
CA TYR Q 265 106.57 -131.17 55.39
C TYR Q 265 106.60 -132.30 54.37
N ARG Q 266 107.19 -133.45 54.71
CA ARG Q 266 107.35 -134.51 53.72
C ARG Q 266 106.00 -135.02 53.19
N HIS Q 267 104.97 -134.96 54.02
CA HIS Q 267 103.63 -135.34 53.56
C HIS Q 267 103.05 -134.36 52.56
N LEU Q 268 103.66 -133.18 52.41
CA LEU Q 268 103.24 -132.20 51.41
C LEU Q 268 104.36 -131.86 50.44
N ALA Q 269 105.43 -132.66 50.41
CA ALA Q 269 106.56 -132.35 49.54
C ALA Q 269 106.14 -132.30 48.08
N ASP Q 270 105.20 -133.16 47.69
CA ASP Q 270 104.73 -133.16 46.30
C ASP Q 270 104.07 -131.84 45.95
N ARG Q 271 103.26 -131.28 46.84
CA ARG Q 271 102.58 -130.03 46.59
C ARG Q 271 103.42 -128.80 46.93
N MET Q 272 104.59 -128.98 47.53
CA MET Q 272 105.47 -127.86 47.80
C MET Q 272 106.58 -127.78 46.75
N GLY Q 273 107.26 -126.65 46.74
CA GLY Q 273 108.38 -126.45 45.84
C GLY Q 273 108.06 -125.48 44.72
N THR Q 274 109.13 -124.93 44.14
CA THR Q 274 108.97 -124.00 43.02
C THR Q 274 108.32 -124.63 41.79
N PRO Q 275 108.66 -125.84 41.34
CA PRO Q 275 107.96 -126.40 40.18
C PRO Q 275 106.47 -126.50 40.36
N TYR Q 276 106.01 -126.77 41.57
CA TYR Q 276 104.56 -126.78 41.82
C TYR Q 276 103.98 -125.39 41.64
N LEU Q 277 104.70 -124.35 42.06
CA LEU Q 277 104.22 -122.99 41.86
C LEU Q 277 104.14 -122.66 40.38
N GLN Q 278 105.14 -123.08 39.60
CA GLN Q 278 105.06 -122.90 38.16
C GLN Q 278 103.85 -123.61 37.58
N LYS Q 279 103.60 -124.84 38.04
CA LYS Q 279 102.46 -125.61 37.55
C LYS Q 279 101.14 -124.93 37.92
N VAL Q 280 101.06 -124.35 39.11
CA VAL Q 280 99.83 -123.70 39.55
C VAL Q 280 99.59 -122.43 38.74
N LEU Q 281 100.64 -121.66 38.48
CA LEU Q 281 100.49 -120.51 37.59
C LEU Q 281 100.06 -120.94 36.20
N ASN Q 282 100.61 -122.06 35.71
CA ASN Q 282 100.18 -122.58 34.42
C ASN Q 282 98.71 -122.94 34.45
N GLN Q 283 98.25 -123.55 35.55
CA GLN Q 283 96.84 -123.90 35.67
C GLN Q 283 95.95 -122.66 35.66
N GLN Q 284 96.33 -121.63 36.40
CA GLN Q 284 95.55 -120.40 36.42
C GLN Q 284 95.50 -119.76 35.05
N LEU Q 285 96.63 -119.72 34.35
CA LEU Q 285 96.65 -119.15 33.01
C LEU Q 285 95.82 -119.97 32.04
N THR Q 286 95.86 -121.30 32.18
CA THR Q 286 95.01 -122.15 31.35
C THR Q 286 93.54 -121.86 31.59
N ASN Q 287 93.15 -121.70 32.85
CA ASN Q 287 91.76 -121.39 33.16
C ASN Q 287 91.37 -119.99 32.73
N HIS Q 288 92.34 -119.08 32.57
CA HIS Q 288 92.01 -117.72 32.18
C HIS Q 288 92.05 -117.46 30.69
N ILE Q 289 92.82 -118.25 29.92
CA ILE Q 289 92.85 -118.04 28.47
C ILE Q 289 91.52 -118.40 27.84
N ARG Q 290 90.86 -119.44 28.33
CA ARG Q 290 89.54 -119.80 27.83
C ARG Q 290 88.53 -118.73 28.23
N ASP Q 291 87.27 -118.92 27.83
CA ASP Q 291 86.17 -117.95 27.82
C ASP Q 291 86.39 -117.00 26.64
N THR Q 292 87.52 -117.08 25.94
CA THR Q 292 87.75 -116.36 24.70
C THR Q 292 88.05 -117.28 23.53
N LEU Q 293 88.41 -118.54 23.77
CA LEU Q 293 88.72 -119.48 22.70
C LEU Q 293 87.61 -119.61 21.67
N PRO Q 294 86.33 -119.77 22.03
CA PRO Q 294 85.30 -119.86 20.98
C PRO Q 294 85.29 -118.66 20.07
N GLY Q 295 85.53 -117.47 20.60
CA GLY Q 295 85.73 -116.31 19.75
C GLY Q 295 87.00 -116.41 18.92
N LEU Q 296 88.09 -116.86 19.54
CA LEU Q 296 89.36 -116.95 18.85
C LEU Q 296 89.42 -118.15 17.90
N ARG Q 297 88.82 -119.27 18.30
CA ARG Q 297 88.79 -120.43 17.41
C ARG Q 297 88.06 -120.08 16.12
N ASN Q 298 86.93 -119.39 16.22
CA ASN Q 298 86.26 -118.89 15.02
C ASN Q 298 87.10 -117.84 14.32
N LYS Q 299 87.75 -116.96 15.09
CA LYS Q 299 88.52 -115.87 14.51
C LYS Q 299 89.62 -116.38 13.59
N LEU Q 300 90.22 -117.52 13.92
CA LEU Q 300 91.19 -118.10 13.00
C LEU Q 300 90.62 -119.24 12.15
N GLN Q 301 89.44 -119.74 12.47
CA GLN Q 301 88.76 -120.67 11.57
C GLN Q 301 88.38 -119.98 10.27
N SER Q 302 87.89 -118.74 10.37
CA SER Q 302 87.63 -117.95 9.16
C SER Q 302 88.92 -117.71 8.39
N GLN Q 303 90.02 -117.50 9.10
CA GLN Q 303 91.32 -117.36 8.46
C GLN Q 303 91.68 -118.62 7.68
N LEU Q 304 91.47 -119.80 8.29
CA LEU Q 304 91.72 -121.04 7.57
C LEU Q 304 90.78 -121.19 6.38
N LEU Q 305 89.55 -120.69 6.50
CA LEU Q 305 88.60 -120.73 5.40
C LEU Q 305 89.11 -119.91 4.21
N SER Q 306 89.69 -118.75 4.49
CA SER Q 306 90.11 -117.82 3.43
C SER Q 306 91.25 -118.38 2.57
N ILE Q 307 91.88 -119.46 3.03
CA ILE Q 307 93.00 -120.05 2.29
C ILE Q 307 92.75 -121.51 1.89
N GLU Q 308 91.80 -122.21 2.51
CA GLU Q 308 91.58 -123.61 2.18
C GLU Q 308 91.33 -123.82 0.69
N LYS Q 309 90.77 -122.83 -0.01
CA LYS Q 309 90.50 -122.97 -1.43
C LYS Q 309 91.78 -123.12 -2.24
N GLU Q 310 92.77 -122.25 -1.99
CA GLU Q 310 94.04 -122.33 -2.69
C GLU Q 310 94.90 -123.47 -2.17
N VAL Q 311 94.71 -123.85 -0.90
CA VAL Q 311 95.41 -125.02 -0.38
C VAL Q 311 95.05 -126.27 -1.16
N GLU Q 312 93.85 -126.31 -1.74
CA GLU Q 312 93.48 -127.45 -2.58
C GLU Q 312 94.42 -127.60 -3.77
N GLU Q 313 94.70 -126.51 -4.47
CA GLU Q 313 95.69 -126.55 -5.53
C GLU Q 313 97.09 -126.81 -5.00
N TYR Q 314 97.39 -126.33 -3.79
CA TYR Q 314 98.77 -126.44 -3.30
C TYR Q 314 99.14 -127.76 -2.62
N LYS Q 315 98.19 -128.59 -2.18
CA LYS Q 315 98.60 -129.81 -1.47
C LYS Q 315 99.34 -130.77 -2.39
N ASN Q 316 98.82 -130.98 -3.59
CA ASN Q 316 99.39 -131.96 -4.52
C ASN Q 316 99.73 -131.22 -5.80
N PHE Q 317 100.90 -130.58 -5.79
CA PHE Q 317 101.48 -129.93 -6.96
C PHE Q 317 102.76 -130.67 -7.32
N ARG Q 318 102.88 -131.08 -8.57
CA ARG Q 318 104.11 -131.65 -9.06
C ARG Q 318 104.52 -130.94 -10.35
N PRO Q 319 105.77 -130.52 -10.47
CA PRO Q 319 106.19 -129.86 -11.71
C PRO Q 319 106.01 -130.78 -12.91
N ASP Q 320 105.63 -130.19 -14.04
CA ASP Q 320 105.40 -130.83 -15.33
C ASP Q 320 104.05 -131.55 -15.40
N ASP Q 321 103.15 -131.33 -14.45
CA ASP Q 321 101.84 -131.97 -14.49
C ASP Q 321 100.98 -131.40 -15.61
N PRO Q 322 100.76 -132.14 -16.71
CA PRO Q 322 100.01 -131.57 -17.83
C PRO Q 322 98.60 -131.19 -17.47
N ALA Q 323 97.94 -131.97 -16.61
CA ALA Q 323 96.55 -131.69 -16.29
C ALA Q 323 96.41 -130.32 -15.62
N ARG Q 324 97.18 -130.09 -14.55
CA ARG Q 324 97.11 -128.80 -13.87
C ARG Q 324 97.59 -127.67 -14.78
N LYS Q 325 98.65 -127.91 -15.54
CA LYS Q 325 99.19 -126.84 -16.39
C LYS Q 325 98.15 -126.40 -17.42
N THR Q 326 97.55 -127.36 -18.14
CA THR Q 326 96.58 -127.01 -19.16
C THR Q 326 95.30 -126.44 -18.56
N LYS Q 327 94.85 -126.97 -17.41
CA LYS Q 327 93.67 -126.40 -16.77
C LYS Q 327 93.90 -124.95 -16.37
N ALA Q 328 95.07 -124.66 -15.80
CA ALA Q 328 95.41 -123.28 -15.45
C ALA Q 328 95.47 -122.40 -16.69
N LEU Q 329 96.07 -122.91 -17.77
CA LEU Q 329 96.14 -122.13 -19.01
C LEU Q 329 94.74 -121.79 -19.51
N LEU Q 330 93.84 -122.78 -19.52
CA LEU Q 330 92.50 -122.55 -20.03
C LEU Q 330 91.75 -121.54 -19.19
N GLN Q 331 91.83 -121.66 -17.86
CA GLN Q 331 91.10 -120.70 -17.04
C GLN Q 331 91.72 -119.30 -17.14
N MET Q 332 93.05 -119.21 -17.26
CA MET Q 332 93.68 -117.90 -17.42
C MET Q 332 93.20 -117.24 -18.71
N VAL Q 333 93.16 -118.01 -19.81
CA VAL Q 333 92.71 -117.47 -21.09
C VAL Q 333 91.26 -117.01 -21.00
N GLN Q 334 90.41 -117.81 -20.35
CA GLN Q 334 89.01 -117.45 -20.26
C GLN Q 334 88.81 -116.16 -19.47
N GLN Q 335 89.53 -116.02 -18.34
CA GLN Q 335 89.35 -114.79 -17.59
C GLN Q 335 89.94 -113.60 -18.33
N PHE Q 336 91.04 -113.80 -19.07
CA PHE Q 336 91.57 -112.73 -19.89
C PHE Q 336 90.54 -112.23 -20.90
N ALA Q 337 89.89 -113.17 -21.59
CA ALA Q 337 88.86 -112.78 -22.53
C ALA Q 337 87.77 -111.98 -21.83
N VAL Q 338 87.11 -112.59 -20.85
CA VAL Q 338 85.94 -111.94 -20.24
C VAL Q 338 86.33 -110.60 -19.64
N ASP Q 339 87.56 -110.47 -19.14
CA ASP Q 339 88.05 -109.17 -18.68
C ASP Q 339 88.16 -108.19 -19.84
N PHE Q 340 88.60 -108.66 -21.01
CA PHE Q 340 88.73 -107.77 -22.16
C PHE Q 340 87.38 -107.22 -22.58
N GLU Q 341 86.36 -108.09 -22.70
CA GLU Q 341 85.04 -107.55 -23.04
C GLU Q 341 84.49 -106.68 -21.91
N LYS Q 342 84.81 -107.01 -20.65
CA LYS Q 342 84.35 -106.16 -19.56
C LYS Q 342 84.95 -104.76 -19.68
N ARG Q 343 86.20 -104.66 -20.09
CA ARG Q 343 86.87 -103.36 -20.18
C ARG Q 343 86.55 -102.62 -21.48
N ILE Q 344 86.11 -103.33 -22.52
CA ILE Q 344 85.83 -102.64 -23.79
C ILE Q 344 84.33 -102.36 -23.89
N GLU Q 345 83.50 -103.41 -23.94
CA GLU Q 345 82.06 -103.17 -24.03
C GLU Q 345 81.48 -102.66 -22.73
N GLY Q 346 82.20 -102.78 -21.62
CA GLY Q 346 81.66 -102.39 -20.34
C GLY Q 346 80.53 -103.26 -19.87
N SER Q 347 80.63 -104.58 -20.07
CA SER Q 347 79.61 -105.49 -19.57
C SER Q 347 79.47 -105.35 -18.07
N GLY Q 348 78.24 -105.19 -17.60
CA GLY Q 348 78.03 -104.79 -16.23
C GLY Q 348 78.38 -105.84 -15.20
N ASP Q 349 79.52 -105.64 -14.52
CA ASP Q 349 79.90 -106.28 -13.27
C ASP Q 349 81.25 -105.71 -12.85
N GLN Q 350 81.49 -105.74 -11.54
CA GLN Q 350 82.77 -105.36 -10.93
C GLN Q 350 83.43 -104.16 -11.59
N ILE Q 351 82.63 -103.14 -11.91
CA ILE Q 351 83.10 -102.02 -12.71
C ILE Q 351 83.90 -101.07 -11.84
N ASP Q 352 85.13 -100.78 -12.27
CA ASP Q 352 85.93 -99.76 -11.60
C ASP Q 352 85.31 -98.39 -11.81
N THR Q 353 85.23 -97.62 -10.74
CA THR Q 353 84.69 -96.26 -10.79
C THR Q 353 85.74 -95.24 -10.37
N TYR Q 354 87.01 -95.53 -10.64
CA TYR Q 354 88.12 -94.70 -10.22
C TYR Q 354 88.78 -93.96 -11.36
N GLU Q 355 88.79 -94.54 -12.56
CA GLU Q 355 89.33 -93.92 -13.75
C GLU Q 355 88.21 -93.79 -14.78
N LEU Q 356 88.49 -93.00 -15.83
CA LEU Q 356 87.50 -92.86 -16.90
C LEU Q 356 87.19 -94.21 -17.54
N SER Q 357 88.21 -95.03 -17.76
CA SER Q 357 88.07 -96.44 -18.11
C SER Q 357 89.48 -97.01 -18.23
N GLY Q 358 89.53 -98.33 -18.42
CA GLY Q 358 90.76 -98.96 -18.85
C GLY Q 358 91.00 -98.66 -20.31
N GLY Q 359 90.03 -99.02 -21.15
CA GLY Q 359 90.11 -98.70 -22.55
C GLY Q 359 88.79 -98.38 -23.23
N ALA Q 360 87.76 -98.07 -22.45
CA ALA Q 360 86.44 -97.89 -23.04
C ALA Q 360 86.13 -96.42 -23.33
N ARG Q 361 86.09 -95.58 -22.31
CA ARG Q 361 85.86 -94.16 -22.53
C ARG Q 361 87.11 -93.42 -22.97
N ILE Q 362 88.30 -93.92 -22.65
CA ILE Q 362 89.48 -93.34 -23.29
C ILE Q 362 89.40 -93.54 -24.80
N ASN Q 363 88.55 -94.46 -25.26
CA ASN Q 363 88.36 -94.71 -26.70
C ASN Q 363 87.15 -93.96 -27.26
N ARG Q 364 86.01 -94.02 -26.57
CA ARG Q 364 84.88 -93.18 -26.97
C ARG Q 364 85.26 -91.71 -27.02
N ILE Q 365 86.09 -91.22 -26.10
CA ILE Q 365 86.46 -89.83 -26.15
C ILE Q 365 87.32 -89.57 -27.38
N PHE Q 366 88.05 -90.57 -27.86
CA PHE Q 366 88.69 -90.43 -29.16
C PHE Q 366 87.64 -90.25 -30.25
N HIS Q 367 86.64 -91.13 -30.28
CA HIS Q 367 85.66 -91.07 -31.36
C HIS Q 367 84.85 -89.77 -31.39
N GLU Q 368 84.52 -89.20 -30.23
CA GLU Q 368 83.82 -87.91 -30.20
C GLU Q 368 84.68 -86.77 -29.63
N ARG Q 369 85.99 -86.86 -29.79
CA ARG Q 369 86.90 -85.73 -29.64
C ARG Q 369 87.68 -85.44 -30.92
N PHE Q 370 87.94 -86.45 -31.74
CA PHE Q 370 88.49 -86.34 -33.09
C PHE Q 370 87.88 -85.18 -33.89
N PRO Q 371 86.58 -84.88 -33.74
CA PRO Q 371 86.07 -83.62 -34.30
C PRO Q 371 86.88 -82.39 -33.91
N PHE Q 372 87.52 -82.40 -32.74
CA PHE Q 372 88.42 -81.30 -32.42
C PHE Q 372 89.57 -81.24 -33.41
N GLU Q 373 90.12 -82.39 -33.79
CA GLU Q 373 91.16 -82.41 -34.82
C GLU Q 373 90.63 -81.88 -36.14
N LEU Q 374 89.46 -82.36 -36.57
CA LEU Q 374 88.93 -81.93 -37.85
C LEU Q 374 88.68 -80.42 -37.87
N VAL Q 375 88.18 -79.86 -36.78
CA VAL Q 375 88.00 -78.42 -36.70
C VAL Q 375 89.37 -77.72 -36.67
N LYS Q 376 90.33 -78.32 -35.96
CA LYS Q 376 91.67 -77.75 -35.86
C LYS Q 376 92.42 -77.79 -37.17
N MET Q 377 91.86 -78.45 -38.18
CA MET Q 377 92.39 -78.29 -39.54
C MET Q 377 92.36 -76.80 -39.91
N GLU Q 378 93.09 -76.45 -40.97
CA GLU Q 378 93.46 -75.06 -41.26
C GLU Q 378 92.33 -74.03 -41.14
N PHE Q 379 91.32 -74.09 -42.01
CA PHE Q 379 90.14 -73.22 -41.98
C PHE Q 379 90.45 -71.73 -41.88
N ASP Q 380 91.69 -71.28 -42.07
CA ASP Q 380 92.03 -69.87 -41.84
C ASP Q 380 92.84 -69.29 -43.00
N GLU Q 381 92.14 -68.79 -44.01
CA GLU Q 381 92.67 -67.99 -45.11
C GLU Q 381 91.54 -67.31 -45.85
N LYS Q 382 91.85 -66.16 -46.44
CA LYS Q 382 91.14 -65.63 -47.58
C LYS Q 382 91.84 -65.96 -48.88
N GLU Q 383 93.02 -66.58 -48.81
CA GLU Q 383 93.73 -67.04 -49.99
C GLU Q 383 92.90 -68.07 -50.76
N LEU Q 384 91.94 -68.71 -50.10
CA LEU Q 384 91.04 -69.62 -50.79
C LEU Q 384 90.30 -68.93 -51.93
N ARG Q 385 89.96 -67.65 -51.74
CA ARG Q 385 89.26 -66.92 -52.81
C ARG Q 385 90.14 -66.80 -54.05
N ARG Q 386 91.41 -66.45 -53.88
CA ARG Q 386 92.34 -66.45 -55.01
C ARG Q 386 92.48 -67.84 -55.60
N GLU Q 387 92.54 -68.85 -54.72
CA GLU Q 387 92.73 -70.23 -55.15
C GLU Q 387 91.59 -70.68 -56.04
N ILE Q 388 90.38 -70.22 -55.76
CA ILE Q 388 89.24 -70.64 -56.57
C ILE Q 388 89.04 -69.71 -57.77
N SER Q 389 89.50 -68.45 -57.67
CA SER Q 389 89.46 -67.57 -58.83
C SER Q 389 90.38 -68.09 -59.92
N TYR Q 390 91.55 -68.62 -59.55
CA TYR Q 390 92.40 -69.23 -60.57
C TYR Q 390 91.74 -70.44 -61.21
N ALA Q 391 91.00 -71.23 -60.43
CA ALA Q 391 90.27 -72.36 -61.01
C ALA Q 391 89.22 -71.86 -62.00
N ILE Q 392 88.49 -70.80 -61.64
CA ILE Q 392 87.56 -70.17 -62.58
C ILE Q 392 88.29 -69.81 -63.86
N LYS Q 393 89.45 -69.14 -63.71
CA LYS Q 393 90.14 -68.61 -64.88
C LYS Q 393 90.82 -69.67 -65.71
N ASN Q 394 91.00 -70.88 -65.17
CA ASN Q 394 91.57 -71.97 -65.95
C ASN Q 394 90.50 -72.81 -66.64
N ILE Q 395 89.36 -73.05 -66.00
CA ILE Q 395 88.31 -73.79 -66.69
C ILE Q 395 87.41 -72.91 -67.54
N HIS Q 396 87.58 -71.60 -67.49
CA HIS Q 396 87.05 -70.71 -68.52
C HIS Q 396 88.10 -70.40 -69.56
N GLY Q 397 88.94 -71.40 -69.84
CA GLY Q 397 90.20 -71.24 -70.54
C GLY Q 397 90.24 -70.24 -71.67
N ILE Q 398 89.38 -70.43 -72.67
CA ILE Q 398 89.31 -69.54 -73.82
C ILE Q 398 87.94 -68.88 -73.93
N ARG Q 399 86.88 -69.67 -73.83
CA ARG Q 399 85.52 -69.13 -73.92
C ARG Q 399 85.27 -68.14 -72.79
N THR Q 400 84.18 -67.40 -72.89
CA THR Q 400 84.08 -66.19 -72.10
C THR Q 400 82.65 -65.91 -71.67
N GLY Q 401 82.54 -65.11 -70.59
CA GLY Q 401 81.36 -64.36 -70.26
C GLY Q 401 80.17 -65.16 -69.75
N LEU Q 402 80.36 -66.42 -69.38
CA LEU Q 402 79.24 -67.22 -68.93
C LEU Q 402 79.24 -67.34 -67.41
N PHE Q 403 78.12 -67.87 -66.92
CA PHE Q 403 77.65 -67.65 -65.55
C PHE Q 403 78.68 -67.98 -64.49
N THR Q 404 78.96 -69.28 -64.32
CA THR Q 404 79.87 -69.89 -63.36
C THR Q 404 80.10 -71.34 -63.77
N PRO Q 405 81.33 -71.82 -63.72
CA PRO Q 405 81.59 -73.23 -63.97
C PRO Q 405 81.54 -74.06 -62.69
N ASP Q 406 80.84 -75.20 -62.73
CA ASP Q 406 80.68 -76.00 -61.52
C ASP Q 406 81.94 -76.78 -61.18
N MET Q 407 82.75 -77.12 -62.18
CA MET Q 407 83.92 -77.90 -61.84
C MET Q 407 84.92 -77.09 -61.03
N ALA Q 408 84.76 -75.76 -60.96
CA ALA Q 408 85.54 -74.99 -60.00
C ALA Q 408 85.23 -75.42 -58.59
N PHE Q 409 83.95 -75.45 -58.23
CA PHE Q 409 83.51 -76.01 -56.95
C PHE Q 409 84.02 -77.43 -56.79
N GLU Q 410 83.94 -78.23 -57.85
CA GLU Q 410 84.42 -79.61 -57.79
C GLU Q 410 85.89 -79.67 -57.39
N THR Q 411 86.74 -78.95 -58.10
CA THR Q 411 88.17 -79.02 -57.87
C THR Q 411 88.52 -78.48 -56.48
N ILE Q 412 87.82 -77.43 -56.04
CA ILE Q 412 88.15 -76.86 -54.75
C ILE Q 412 87.76 -77.81 -53.62
N VAL Q 413 86.59 -78.44 -53.70
CA VAL Q 413 86.26 -79.39 -52.65
C VAL Q 413 87.18 -80.61 -52.71
N LYS Q 414 87.59 -81.03 -53.92
CA LYS Q 414 88.54 -82.13 -54.01
C LYS Q 414 89.88 -81.76 -53.39
N LYS Q 415 90.27 -80.49 -53.44
CA LYS Q 415 91.50 -80.05 -52.79
C LYS Q 415 91.33 -79.91 -51.29
N GLN Q 416 90.13 -79.52 -50.83
CA GLN Q 416 89.89 -79.35 -49.40
C GLN Q 416 89.80 -80.68 -48.67
N VAL Q 417 89.12 -81.68 -49.27
CA VAL Q 417 88.91 -82.95 -48.58
C VAL Q 417 90.06 -83.93 -48.78
N LYS Q 418 91.12 -83.53 -49.49
CA LYS Q 418 92.28 -84.40 -49.60
C LYS Q 418 93.19 -84.29 -48.38
N LYS Q 419 93.01 -83.26 -47.55
CA LYS Q 419 93.78 -83.14 -46.33
C LYS Q 419 93.06 -83.68 -45.10
N ILE Q 420 91.83 -84.19 -45.27
CA ILE Q 420 91.18 -84.96 -44.21
C ILE Q 420 91.91 -86.28 -43.99
N ARG Q 421 92.72 -86.70 -44.96
CA ARG Q 421 93.41 -87.98 -44.86
C ARG Q 421 94.36 -88.06 -43.68
N GLU Q 422 94.86 -86.93 -43.18
CA GLU Q 422 95.80 -86.97 -42.07
C GLU Q 422 95.09 -87.14 -40.71
N PRO Q 423 94.07 -86.35 -40.39
CA PRO Q 423 93.43 -86.53 -39.07
C PRO Q 423 92.82 -87.90 -38.87
N CYS Q 424 92.26 -88.52 -39.91
CA CYS Q 424 91.67 -89.84 -39.74
C CYS Q 424 92.74 -90.88 -39.43
N LEU Q 425 93.86 -90.84 -40.14
CA LEU Q 425 94.95 -91.75 -39.81
C LEU Q 425 95.51 -91.48 -38.42
N LYS Q 426 95.55 -90.21 -38.01
CA LYS Q 426 96.00 -89.89 -36.66
C LYS Q 426 95.06 -90.47 -35.61
N CYS Q 427 93.75 -90.40 -35.87
CA CYS Q 427 92.79 -91.01 -34.94
C CYS Q 427 92.95 -92.52 -34.89
N VAL Q 428 93.21 -93.14 -36.04
CA VAL Q 428 93.47 -94.59 -36.06
C VAL Q 428 94.70 -94.91 -35.22
N ASP Q 429 95.74 -94.09 -35.35
CA ASP Q 429 96.94 -94.29 -34.54
C ASP Q 429 96.63 -94.14 -33.06
N MET Q 430 95.80 -93.16 -32.71
CA MET Q 430 95.44 -92.97 -31.30
C MET Q 430 94.66 -94.17 -30.76
N VAL Q 431 93.71 -94.68 -31.53
CA VAL Q 431 92.95 -95.86 -31.11
C VAL Q 431 93.87 -97.05 -30.92
N ILE Q 432 94.82 -97.23 -31.85
CA ILE Q 432 95.83 -98.27 -31.68
C ILE Q 432 96.58 -98.08 -30.37
N SER Q 433 97.10 -96.87 -30.15
CA SER Q 433 97.94 -96.62 -28.98
C SER Q 433 97.17 -96.77 -27.69
N GLU Q 434 95.85 -96.64 -27.73
CA GLU Q 434 95.09 -96.77 -26.50
C GLU Q 434 94.67 -98.21 -26.24
N LEU Q 435 94.17 -98.89 -27.27
CA LEU Q 435 93.77 -100.28 -27.10
C LEU Q 435 94.97 -101.17 -26.78
N ILE Q 436 96.11 -100.91 -27.42
CA ILE Q 436 97.26 -101.78 -27.19
C ILE Q 436 97.80 -101.59 -25.78
N SER Q 437 97.50 -100.46 -25.15
CA SER Q 437 97.83 -100.25 -23.75
C SER Q 437 96.79 -100.87 -22.83
N THR Q 438 95.52 -100.86 -23.25
CA THR Q 438 94.49 -101.53 -22.46
C THR Q 438 94.71 -103.04 -22.41
N VAL Q 439 95.18 -103.63 -23.50
CA VAL Q 439 95.54 -105.05 -23.47
C VAL Q 439 96.63 -105.30 -22.43
N ARG Q 440 97.63 -104.42 -22.38
CA ARG Q 440 98.66 -104.54 -21.35
C ARG Q 440 98.06 -104.38 -19.96
N GLN Q 441 97.12 -103.46 -19.81
CA GLN Q 441 96.50 -103.23 -18.50
C GLN Q 441 95.72 -104.46 -18.03
N CYS Q 442 95.13 -105.21 -18.96
CA CYS Q 442 94.35 -106.39 -18.58
C CYS Q 442 95.16 -107.67 -18.65
N THR Q 443 96.43 -107.60 -19.05
CA THR Q 443 97.32 -108.75 -18.94
C THR Q 443 98.34 -108.66 -17.82
N LYS Q 444 98.72 -107.44 -17.40
CA LYS Q 444 99.75 -107.32 -16.38
C LYS Q 444 99.25 -107.77 -15.02
N LYS Q 445 97.99 -107.48 -14.69
CA LYS Q 445 97.52 -107.67 -13.33
C LYS Q 445 96.90 -109.04 -13.09
N LEU Q 446 96.24 -109.61 -14.09
CA LEU Q 446 95.71 -110.96 -13.92
C LEU Q 446 96.82 -112.00 -13.97
N GLN Q 447 97.81 -111.80 -14.82
CA GLN Q 447 98.84 -112.80 -15.07
C GLN Q 447 100.01 -112.59 -14.12
N GLN Q 448 100.04 -113.39 -13.05
CA GLN Q 448 101.26 -113.51 -12.27
C GLN Q 448 102.31 -114.30 -13.04
N TYR Q 449 101.88 -115.14 -13.97
CA TYR Q 449 102.79 -116.03 -14.68
C TYR Q 449 103.77 -115.22 -15.51
N PRO Q 450 105.05 -115.59 -15.51
CA PRO Q 450 105.97 -115.04 -16.49
C PRO Q 450 105.87 -115.79 -17.81
N ARG Q 451 106.12 -115.04 -18.89
CA ARG Q 451 106.14 -115.53 -20.26
C ARG Q 451 104.73 -115.83 -20.78
N LEU Q 452 103.75 -115.90 -19.88
CA LEU Q 452 102.36 -116.02 -20.31
C LEU Q 452 101.65 -114.68 -20.36
N ARG Q 453 102.20 -113.66 -19.70
CA ARG Q 453 101.86 -112.29 -19.99
C ARG Q 453 102.72 -111.72 -21.11
N GLU Q 454 103.65 -112.52 -21.64
CA GLU Q 454 104.48 -112.14 -22.77
C GLU Q 454 103.95 -112.72 -24.08
N GLU Q 455 103.71 -114.04 -24.12
CA GLU Q 455 103.16 -114.64 -25.33
C GLU Q 455 101.77 -114.09 -25.63
N MET Q 456 100.95 -113.91 -24.59
CA MET Q 456 99.61 -113.39 -24.78
C MET Q 456 99.64 -111.98 -25.36
N GLU Q 457 100.44 -111.10 -24.75
CA GLU Q 457 100.56 -109.75 -25.25
C GLU Q 457 101.13 -109.74 -26.66
N ARG Q 458 102.13 -110.56 -26.93
CA ARG Q 458 102.72 -110.61 -28.26
C ARG Q 458 101.68 -110.99 -29.30
N ILE Q 459 100.93 -112.06 -29.06
CA ILE Q 459 99.95 -112.53 -30.04
C ILE Q 459 98.87 -111.49 -30.27
N VAL Q 460 98.30 -110.96 -29.18
CA VAL Q 460 97.20 -110.01 -29.33
C VAL Q 460 97.69 -108.74 -30.03
N THR Q 461 98.87 -108.25 -29.66
CA THR Q 461 99.39 -107.03 -30.25
C THR Q 461 99.74 -107.22 -31.72
N THR Q 462 100.27 -108.40 -32.09
CA THR Q 462 100.54 -108.66 -33.50
C THR Q 462 99.24 -108.70 -34.29
N HIS Q 463 98.19 -109.29 -33.71
CA HIS Q 463 96.91 -109.26 -34.42
C HIS Q 463 96.39 -107.84 -34.59
N ILE Q 464 96.53 -107.01 -33.56
CA ILE Q 464 96.05 -105.63 -33.65
C ILE Q 464 96.85 -104.86 -34.70
N ARG Q 465 98.17 -105.03 -34.73
CA ARG Q 465 98.98 -104.35 -35.73
C ARG Q 465 98.84 -104.96 -37.12
N GLU Q 466 98.30 -106.16 -37.22
CA GLU Q 466 97.89 -106.66 -38.52
C GLU Q 466 96.59 -106.01 -38.96
N ARG Q 467 95.68 -105.75 -38.03
CA ARG Q 467 94.41 -105.13 -38.39
C ARG Q 467 94.55 -103.64 -38.69
N GLU Q 468 95.58 -102.99 -38.14
CA GLU Q 468 95.71 -101.56 -38.39
C GLU Q 468 95.96 -101.27 -39.86
N GLY Q 469 96.67 -102.16 -40.55
CA GLY Q 469 96.85 -101.98 -41.98
C GLY Q 469 95.55 -102.00 -42.74
N ARG Q 470 94.69 -102.98 -42.43
CA ARG Q 470 93.40 -103.07 -43.12
C ARG Q 470 92.52 -101.86 -42.80
N THR Q 471 92.51 -101.41 -41.55
CA THR Q 471 91.63 -100.28 -41.25
C THR Q 471 92.14 -98.99 -41.85
N LYS Q 472 93.46 -98.80 -41.91
CA LYS Q 472 94.00 -97.63 -42.59
C LYS Q 472 93.70 -97.69 -44.08
N GLU Q 473 93.80 -98.87 -44.69
CA GLU Q 473 93.42 -99.02 -46.09
C GLU Q 473 91.98 -98.64 -46.32
N GLN Q 474 91.08 -99.09 -45.43
CA GLN Q 474 89.67 -98.79 -45.60
C GLN Q 474 89.39 -97.30 -45.41
N VAL Q 475 90.10 -96.64 -44.48
CA VAL Q 475 89.91 -95.21 -44.30
C VAL Q 475 90.38 -94.44 -45.54
N MET Q 476 91.54 -94.82 -46.08
CA MET Q 476 92.02 -94.18 -47.30
C MET Q 476 91.05 -94.39 -48.45
N LEU Q 477 90.50 -95.60 -48.56
CA LEU Q 477 89.57 -95.87 -49.65
C LEU Q 477 88.24 -95.15 -49.44
N LEU Q 478 87.84 -94.93 -48.19
CA LEU Q 478 86.68 -94.08 -47.93
C LEU Q 478 86.92 -92.66 -48.41
N ILE Q 479 88.11 -92.13 -48.13
CA ILE Q 479 88.43 -90.79 -48.63
C ILE Q 479 88.42 -90.77 -50.16
N ASP Q 480 89.03 -91.78 -50.78
CA ASP Q 480 89.07 -91.84 -52.23
C ASP Q 480 87.70 -92.07 -52.85
N ILE Q 481 86.74 -92.62 -52.11
CA ILE Q 481 85.36 -92.62 -52.56
C ILE Q 481 84.75 -91.24 -52.43
N GLU Q 482 85.05 -90.52 -51.35
CA GLU Q 482 84.49 -89.19 -51.19
C GLU Q 482 85.08 -88.18 -52.16
N LEU Q 483 86.17 -88.53 -52.83
CA LEU Q 483 86.66 -87.76 -53.98
C LEU Q 483 86.19 -88.32 -55.31
N ALA Q 484 84.94 -88.77 -55.41
CA ALA Q 484 84.47 -89.35 -56.67
C ALA Q 484 83.29 -88.63 -57.29
N TYR Q 485 82.27 -88.26 -56.51
CA TYR Q 485 81.06 -87.76 -57.14
C TYR Q 485 80.69 -86.34 -56.73
N MET Q 486 80.90 -85.97 -55.47
CA MET Q 486 80.63 -84.63 -54.99
C MET Q 486 79.15 -84.26 -55.19
N ASN Q 487 78.31 -85.01 -54.46
CA ASN Q 487 76.87 -84.90 -54.68
C ASN Q 487 76.35 -83.52 -54.30
N THR Q 488 75.23 -83.15 -54.92
CA THR Q 488 74.55 -81.90 -54.61
C THR Q 488 73.07 -82.13 -54.31
N ASN Q 489 72.54 -83.31 -54.62
CA ASN Q 489 71.16 -83.63 -54.30
C ASN Q 489 70.92 -83.79 -52.80
N HIS Q 490 71.98 -83.81 -52.00
CA HIS Q 490 71.86 -83.92 -50.55
C HIS Q 490 71.34 -82.60 -49.99
N GLU Q 491 71.30 -82.50 -48.67
CA GLU Q 491 70.71 -81.35 -47.97
C GLU Q 491 71.58 -80.11 -47.98
N ASP Q 492 72.64 -80.00 -48.77
CA ASP Q 492 73.27 -78.71 -48.98
C ASP Q 492 72.37 -77.84 -49.84
N PHE Q 493 72.29 -76.55 -49.50
CA PHE Q 493 71.43 -75.64 -50.25
C PHE Q 493 72.12 -75.20 -51.54
N ILE Q 494 71.38 -75.21 -52.62
CA ILE Q 494 71.92 -74.87 -53.93
C ILE Q 494 71.81 -73.37 -54.18
N ASP Q 652 85.55 -55.69 -59.87
CA ASP Q 652 84.67 -56.81 -59.57
C ASP Q 652 83.94 -57.31 -60.81
N PRO Q 653 84.69 -57.75 -61.81
CA PRO Q 653 84.05 -58.17 -63.07
C PRO Q 653 83.39 -59.52 -62.93
N GLN Q 654 82.21 -59.55 -62.31
CA GLN Q 654 81.46 -60.77 -62.01
C GLN Q 654 82.23 -61.64 -61.01
N LEU Q 655 83.42 -61.19 -60.61
CA LEU Q 655 84.21 -61.97 -59.67
C LEU Q 655 83.58 -61.95 -58.28
N GLU Q 656 83.22 -60.78 -57.78
CA GLU Q 656 82.56 -60.72 -56.48
C GLU Q 656 81.21 -61.41 -56.48
N ARG Q 657 80.76 -61.90 -57.63
CA ARG Q 657 79.56 -62.73 -57.73
C ARG Q 657 79.88 -64.21 -57.82
N GLN Q 658 80.95 -64.57 -58.53
CA GLN Q 658 81.30 -65.97 -58.75
C GLN Q 658 82.16 -66.54 -57.62
N VAL Q 659 83.23 -65.82 -57.25
CA VAL Q 659 84.16 -66.33 -56.24
C VAL Q 659 83.46 -66.48 -54.90
N GLU Q 660 82.63 -65.51 -54.52
CA GLU Q 660 81.93 -65.59 -53.24
C GLU Q 660 80.91 -66.72 -53.24
N THR Q 661 80.20 -66.90 -54.35
CA THR Q 661 79.25 -68.01 -54.44
C THR Q 661 79.96 -69.35 -54.34
N ILE Q 662 81.10 -69.49 -55.01
CA ILE Q 662 81.84 -70.73 -54.94
C ILE Q 662 82.32 -70.99 -53.52
N ARG Q 663 82.79 -69.94 -52.84
CA ARG Q 663 83.23 -70.12 -51.45
C ARG Q 663 82.07 -70.53 -50.55
N ASN Q 664 80.92 -69.87 -50.70
CA ASN Q 664 79.78 -70.17 -49.84
C ASN Q 664 79.11 -71.50 -50.18
N LEU Q 665 79.46 -72.09 -51.31
CA LEU Q 665 79.03 -73.47 -51.58
C LEU Q 665 80.07 -74.49 -51.13
N VAL Q 666 81.35 -74.16 -51.26
CA VAL Q 666 82.38 -75.06 -50.74
C VAL Q 666 82.22 -75.22 -49.24
N ASP Q 667 81.94 -74.14 -48.52
CA ASP Q 667 81.71 -74.28 -47.07
C ASP Q 667 80.48 -75.13 -46.79
N SER Q 668 79.40 -74.92 -47.56
CA SER Q 668 78.18 -75.67 -47.35
C SER Q 668 78.34 -77.15 -47.65
N TYR Q 669 79.31 -77.53 -48.50
CA TYR Q 669 79.57 -78.94 -48.72
C TYR Q 669 80.65 -79.49 -47.79
N MET Q 670 81.56 -78.64 -47.30
CA MET Q 670 82.51 -79.10 -46.30
C MET Q 670 81.81 -79.45 -45.00
N ALA Q 671 80.76 -78.69 -44.66
CA ALA Q 671 79.96 -79.08 -43.49
C ALA Q 671 79.46 -80.52 -43.64
N ILE Q 672 78.90 -80.86 -44.80
CA ILE Q 672 78.32 -82.18 -44.99
C ILE Q 672 79.39 -83.25 -45.04
N VAL Q 673 80.51 -83.01 -45.73
CA VAL Q 673 81.52 -84.06 -45.82
C VAL Q 673 82.16 -84.28 -44.46
N ASN Q 674 82.36 -83.21 -43.68
CA ASN Q 674 82.88 -83.38 -42.33
C ASN Q 674 81.91 -84.17 -41.48
N LYS Q 675 80.61 -83.88 -41.58
CA LYS Q 675 79.63 -84.63 -40.80
C LYS Q 675 79.63 -86.10 -41.18
N THR Q 676 79.66 -86.40 -42.48
CA THR Q 676 79.59 -87.79 -42.91
C THR Q 676 80.92 -88.51 -42.82
N VAL Q 677 82.00 -87.83 -42.46
CA VAL Q 677 83.23 -88.56 -42.14
C VAL Q 677 83.31 -88.76 -40.64
N ARG Q 678 82.80 -87.81 -39.85
CA ARG Q 678 82.78 -87.98 -38.41
C ARG Q 678 81.79 -89.06 -37.99
N ASP Q 679 80.67 -89.18 -38.70
CA ASP Q 679 79.68 -90.19 -38.37
C ASP Q 679 80.07 -91.58 -38.86
N LEU Q 680 81.08 -91.69 -39.73
CA LEU Q 680 81.41 -92.96 -40.35
C LEU Q 680 82.81 -93.48 -40.00
N MET Q 681 83.73 -92.64 -39.56
CA MET Q 681 85.08 -93.10 -39.32
C MET Q 681 85.18 -93.97 -38.06
N PRO Q 682 84.45 -93.65 -36.97
CA PRO Q 682 84.40 -94.63 -35.87
C PRO Q 682 83.88 -95.99 -36.28
N LYS Q 683 82.86 -96.03 -37.13
CA LYS Q 683 82.25 -97.32 -37.50
C LYS Q 683 83.25 -98.20 -38.24
N THR Q 684 84.02 -97.63 -39.16
CA THR Q 684 84.91 -98.47 -39.96
C THR Q 684 86.04 -99.04 -39.11
N ILE Q 685 86.65 -98.22 -38.25
CA ILE Q 685 87.72 -98.74 -37.39
C ILE Q 685 87.15 -99.77 -36.43
N MET Q 686 85.93 -99.54 -35.94
CA MET Q 686 85.42 -100.43 -34.91
C MET Q 686 84.74 -101.66 -35.47
N HIS Q 687 84.57 -101.72 -36.80
CA HIS Q 687 84.24 -102.98 -37.45
C HIS Q 687 85.46 -103.74 -37.95
N LEU Q 688 86.53 -103.06 -38.30
CA LEU Q 688 87.70 -103.76 -38.81
C LEU Q 688 88.72 -104.11 -37.74
N MET Q 689 88.71 -103.42 -36.60
CA MET Q 689 89.69 -103.61 -35.55
C MET Q 689 89.08 -104.09 -34.25
N ILE Q 690 88.13 -103.34 -33.69
CA ILE Q 690 87.60 -103.67 -32.37
C ILE Q 690 86.86 -105.01 -32.43
N ASN Q 691 85.81 -105.07 -33.22
CA ASN Q 691 84.97 -106.26 -33.31
C ASN Q 691 85.61 -107.37 -34.11
N ASN Q 692 86.88 -107.22 -34.48
CA ASN Q 692 87.63 -108.34 -35.05
C ASN Q 692 88.71 -108.87 -34.12
N THR Q 693 89.43 -107.99 -33.42
CA THR Q 693 90.34 -108.47 -32.39
C THR Q 693 89.56 -109.05 -31.21
N LYS Q 694 88.36 -108.54 -30.95
CA LYS Q 694 87.53 -109.13 -29.91
C LYS Q 694 87.10 -110.54 -30.29
N GLU Q 695 86.70 -110.73 -31.54
CA GLU Q 695 86.34 -112.06 -32.01
C GLU Q 695 87.55 -112.99 -32.00
N PHE Q 696 88.72 -112.45 -32.35
CA PHE Q 696 89.95 -113.23 -32.29
C PHE Q 696 90.24 -113.68 -30.87
N ILE Q 697 90.03 -112.79 -29.90
CA ILE Q 697 90.20 -113.14 -28.48
C ILE Q 697 89.21 -114.25 -28.10
N PHE Q 698 87.95 -114.15 -28.53
CA PHE Q 698 87.03 -115.27 -28.27
C PHE Q 698 87.54 -116.58 -28.85
N SER Q 699 87.87 -116.60 -30.14
CA SER Q 699 87.82 -117.85 -30.88
C SER Q 699 89.14 -118.35 -31.45
N GLU Q 700 90.25 -117.65 -31.24
CA GLU Q 700 91.51 -118.14 -31.79
C GLU Q 700 92.69 -118.03 -30.84
N LEU Q 701 92.57 -117.33 -29.72
CA LEU Q 701 93.73 -117.08 -28.87
C LEU Q 701 94.33 -118.36 -28.33
N LEU Q 702 93.50 -119.30 -27.90
CA LEU Q 702 94.03 -120.54 -27.35
C LEU Q 702 94.67 -121.40 -28.43
N ALA Q 703 94.12 -121.39 -29.65
CA ALA Q 703 94.64 -122.26 -30.70
C ALA Q 703 96.08 -121.94 -31.04
N ASN Q 704 96.42 -120.67 -31.20
CA ASN Q 704 97.80 -120.30 -31.49
C ASN Q 704 98.63 -120.14 -30.23
N LEU Q 705 97.99 -119.94 -29.07
CA LEU Q 705 98.74 -119.90 -27.83
C LEU Q 705 99.30 -121.27 -27.49
N TYR Q 706 98.55 -122.33 -27.81
CA TYR Q 706 99.10 -123.69 -27.70
C TYR Q 706 100.31 -123.89 -28.60
N SER Q 707 100.29 -123.29 -29.79
CA SER Q 707 101.31 -123.55 -30.79
C SER Q 707 102.59 -122.76 -30.56
N CYS Q 708 102.47 -121.52 -30.10
CA CYS Q 708 103.65 -120.69 -29.89
C CYS Q 708 104.43 -121.18 -28.68
N GLY Q 709 105.73 -121.29 -28.83
CA GLY Q 709 106.59 -121.73 -27.74
C GLY Q 709 106.62 -123.24 -27.60
N ASP Q 710 106.89 -123.67 -26.37
CA ASP Q 710 107.05 -125.09 -26.07
C ASP Q 710 105.72 -125.77 -25.77
N GLN Q 711 104.76 -125.03 -25.21
CA GLN Q 711 103.49 -125.56 -24.70
C GLN Q 711 103.76 -126.40 -23.44
N ASN Q 712 105.04 -126.59 -23.10
CA ASN Q 712 105.44 -127.29 -21.89
C ASN Q 712 106.22 -126.38 -20.95
N THR Q 713 107.26 -125.71 -21.44
CA THR Q 713 107.95 -124.70 -20.65
C THR Q 713 107.27 -123.34 -20.81
N LEU Q 714 105.96 -123.36 -20.66
CA LEU Q 714 105.13 -122.16 -20.61
C LEU Q 714 104.37 -122.20 -19.30
N MET Q 715 103.90 -121.05 -18.86
CA MET Q 715 103.21 -120.89 -17.57
C MET Q 715 104.02 -121.55 -16.45
N GLU Q 716 105.31 -121.21 -16.41
CA GLU Q 716 106.19 -121.60 -15.33
C GLU Q 716 106.02 -120.64 -14.18
N GLU Q 717 106.02 -121.16 -12.95
CA GLU Q 717 105.81 -120.32 -11.78
C GLU Q 717 106.92 -119.28 -11.65
N SER Q 718 106.52 -118.02 -11.54
CA SER Q 718 107.47 -116.99 -11.16
C SER Q 718 108.03 -117.28 -9.77
N ALA Q 719 109.28 -116.89 -9.55
CA ALA Q 719 109.91 -117.14 -8.25
C ALA Q 719 109.08 -116.60 -7.10
N GLU Q 720 108.38 -115.48 -7.32
CA GLU Q 720 107.50 -114.94 -6.29
C GLU Q 720 106.39 -115.93 -5.96
N GLN Q 721 105.75 -116.52 -6.97
CA GLN Q 721 104.71 -117.50 -6.70
C GLN Q 721 105.28 -118.78 -6.10
N ALA Q 722 106.48 -119.17 -6.52
CA ALA Q 722 107.10 -120.38 -5.96
C ALA Q 722 107.37 -120.22 -4.47
N GLN Q 723 107.85 -119.04 -4.06
CA GLN Q 723 108.08 -118.81 -2.64
C GLN Q 723 106.81 -118.41 -1.89
N ARG Q 724 105.74 -118.06 -2.61
CA ARG Q 724 104.47 -117.74 -1.98
C ARG Q 724 103.68 -119.00 -1.65
N ARG Q 725 103.69 -119.98 -2.55
CA ARG Q 725 102.94 -121.21 -2.30
C ARG Q 725 103.48 -121.94 -1.08
N ASP Q 726 104.81 -121.97 -0.92
CA ASP Q 726 105.40 -122.68 0.22
C ASP Q 726 104.96 -122.07 1.54
N GLU Q 727 104.99 -120.74 1.63
CA GLU Q 727 104.58 -120.11 2.88
C GLU Q 727 103.07 -120.24 3.10
N MET Q 728 102.27 -120.17 2.04
CA MET Q 728 100.83 -120.33 2.18
C MET Q 728 100.44 -121.77 2.50
N LEU Q 729 101.34 -122.73 2.26
CA LEU Q 729 101.07 -124.10 2.68
C LEU Q 729 101.54 -124.36 4.11
N ARG Q 730 102.70 -123.81 4.50
CA ARG Q 730 103.11 -123.97 5.89
C ARG Q 730 102.18 -123.23 6.82
N MET Q 731 101.58 -122.12 6.37
CA MET Q 731 100.58 -121.47 7.21
C MET Q 731 99.33 -122.32 7.35
N TYR Q 732 98.96 -123.07 6.30
CA TYR Q 732 97.87 -124.02 6.43
C TYR Q 732 98.19 -125.07 7.49
N HIS Q 733 99.41 -125.62 7.43
CA HIS Q 733 99.79 -126.63 8.43
C HIS Q 733 99.76 -126.05 9.84
N ALA Q 734 100.28 -124.83 10.00
CA ALA Q 734 100.31 -124.21 11.32
C ALA Q 734 98.89 -123.93 11.84
N LEU Q 735 97.99 -123.48 10.97
CA LEU Q 735 96.62 -123.25 11.39
C LEU Q 735 95.94 -124.55 11.79
N LYS Q 736 96.19 -125.63 11.04
CA LYS Q 736 95.65 -126.93 11.42
C LYS Q 736 96.16 -127.34 12.79
N GLU Q 737 97.45 -127.15 13.05
CA GLU Q 737 98.01 -127.51 14.34
C GLU Q 737 97.42 -126.67 15.46
N ALA Q 738 97.21 -125.38 15.22
CA ALA Q 738 96.63 -124.52 16.24
C ALA Q 738 95.20 -124.95 16.57
N LEU Q 739 94.41 -125.29 15.55
CA LEU Q 739 93.07 -125.80 15.81
C LEU Q 739 93.11 -127.12 16.56
N SER Q 740 94.08 -127.98 16.23
CA SER Q 740 94.22 -129.23 16.97
C SER Q 740 94.51 -128.97 18.45
N ILE Q 741 95.37 -128.00 18.73
CA ILE Q 741 95.70 -127.68 20.12
C ILE Q 741 94.50 -127.09 20.83
N ILE Q 742 93.72 -126.25 20.15
CA ILE Q 742 92.52 -125.70 20.76
C ILE Q 742 91.54 -126.82 21.10
N GLY Q 743 91.37 -127.79 20.19
CA GLY Q 743 90.52 -128.92 20.50
C GLY Q 743 91.04 -129.72 21.68
N ASN Q 744 92.35 -129.93 21.74
CA ASN Q 744 92.93 -130.69 22.85
C ASN Q 744 92.71 -129.98 24.18
N ILE Q 745 92.89 -128.66 24.21
CA ILE Q 745 92.71 -127.93 25.47
C ILE Q 745 91.24 -127.88 25.86
N ASN Q 746 90.34 -127.84 24.88
CA ASN Q 746 88.91 -127.92 25.20
C ASN Q 746 88.57 -129.29 25.78
N THR Q 747 89.18 -130.35 25.24
CA THR Q 747 89.03 -131.67 25.85
C THR Q 747 89.57 -131.67 27.28
N THR Q 748 90.72 -131.04 27.49
CA THR Q 748 91.35 -130.94 28.81
C THR Q 748 91.56 -132.30 29.45
N ASN R 3 75.44 -76.27 142.73
CA ASN R 3 76.70 -75.77 142.19
C ASN R 3 77.15 -74.51 142.92
N ARG R 4 78.44 -74.44 143.23
CA ARG R 4 78.99 -73.34 144.00
C ARG R 4 79.12 -72.06 143.19
N GLY R 5 79.13 -72.17 141.86
CA GLY R 5 79.19 -70.98 141.03
C GLY R 5 78.02 -70.05 141.27
N MET R 6 76.85 -70.62 141.55
CA MET R 6 75.67 -69.79 141.79
C MET R 6 75.70 -69.17 143.18
N GLU R 7 76.24 -69.89 144.17
CA GLU R 7 76.54 -69.28 145.46
C GLU R 7 77.51 -68.11 145.33
N ASP R 8 78.42 -68.17 144.36
CA ASP R 8 79.35 -67.07 144.15
C ASP R 8 78.63 -65.81 143.69
N LEU R 9 77.45 -65.95 143.10
CA LEU R 9 76.74 -64.81 142.53
C LEU R 9 75.52 -64.37 143.32
N ILE R 10 74.98 -65.22 144.20
CA ILE R 10 73.80 -64.82 144.98
C ILE R 10 74.01 -63.55 145.79
N PRO R 11 75.16 -63.32 146.45
CA PRO R 11 75.23 -62.08 147.25
C PRO R 11 75.30 -60.83 146.40
N LEU R 12 75.99 -60.88 145.26
CA LEU R 12 76.13 -59.69 144.43
C LEU R 12 74.85 -59.31 143.69
N VAL R 13 73.84 -60.16 143.71
CA VAL R 13 72.55 -59.82 143.10
C VAL R 13 71.55 -59.54 144.22
N ASN R 14 71.72 -60.23 145.35
CA ASN R 14 70.83 -60.01 146.49
C ASN R 14 71.08 -58.66 147.13
N ARG R 15 72.34 -58.20 147.11
CA ARG R 15 72.67 -56.86 147.61
C ARG R 15 72.29 -55.78 146.60
N LEU R 16 72.03 -56.17 145.35
CA LEU R 16 71.80 -55.24 144.26
C LEU R 16 70.31 -55.00 144.01
N GLN R 17 69.58 -56.06 143.70
CA GLN R 17 68.17 -55.93 143.32
C GLN R 17 67.34 -55.44 144.49
N ASP R 18 67.71 -55.83 145.72
CA ASP R 18 66.96 -55.34 146.87
C ASP R 18 67.05 -53.82 146.97
N ALA R 19 68.21 -53.24 146.70
CA ALA R 19 68.35 -51.79 146.73
C ALA R 19 67.61 -51.14 145.57
N PHE R 20 67.83 -51.63 144.34
CA PHE R 20 67.13 -51.04 143.20
C PHE R 20 65.62 -51.19 143.28
N SER R 21 65.11 -52.10 144.10
CA SER R 21 63.66 -52.18 144.32
C SER R 21 63.22 -51.46 145.58
N ALA R 22 64.13 -51.22 146.52
CA ALA R 22 63.81 -50.42 147.70
C ALA R 22 63.70 -48.94 147.35
N ILE R 23 64.43 -48.50 146.32
CA ILE R 23 64.21 -47.14 145.83
C ILE R 23 62.84 -46.97 145.20
N GLY R 24 62.12 -48.07 144.98
CA GLY R 24 60.78 -48.03 144.42
C GLY R 24 60.69 -48.04 142.92
N GLN R 25 61.80 -47.80 142.22
CA GLN R 25 61.77 -47.79 140.77
C GLN R 25 61.66 -49.21 140.21
N ASN R 26 61.11 -49.31 139.01
CA ASN R 26 61.06 -50.59 138.31
C ASN R 26 62.38 -50.84 137.59
N ALA R 27 63.49 -50.72 138.32
CA ALA R 27 64.80 -51.04 137.78
C ALA R 27 65.09 -52.52 138.00
N ASP R 28 65.59 -53.18 136.95
CA ASP R 28 65.78 -54.61 137.01
C ASP R 28 67.06 -54.99 136.28
N LEU R 29 67.61 -56.14 136.65
CA LEU R 29 68.83 -56.64 136.03
C LEU R 29 68.52 -57.39 134.73
N ASP R 30 67.42 -58.15 134.71
CA ASP R 30 67.04 -58.97 133.57
C ASP R 30 68.14 -59.97 133.24
N LEU R 31 68.37 -60.90 134.17
CA LEU R 31 69.25 -62.02 133.91
C LEU R 31 68.72 -62.79 132.71
N PRO R 32 69.56 -63.09 131.72
CA PRO R 32 69.09 -63.81 130.54
C PRO R 32 68.57 -65.19 130.92
N GLN R 33 67.55 -65.62 130.20
CA GLN R 33 66.96 -66.94 130.43
C GLN R 33 67.64 -67.98 129.55
N ILE R 34 67.78 -69.19 130.09
CA ILE R 34 68.57 -70.24 129.47
C ILE R 34 67.62 -71.21 128.77
N ALA R 35 67.70 -71.26 127.45
CA ALA R 35 66.95 -72.23 126.66
C ALA R 35 67.94 -73.15 125.94
N VAL R 36 67.49 -74.36 125.64
CA VAL R 36 68.31 -75.35 124.95
C VAL R 36 67.59 -75.81 123.70
N VAL R 37 68.34 -75.93 122.61
CA VAL R 37 67.79 -76.36 121.33
C VAL R 37 68.65 -77.48 120.77
N GLY R 38 68.08 -78.24 119.86
CA GLY R 38 68.77 -79.34 119.22
C GLY R 38 67.80 -80.38 118.74
N GLY R 39 68.35 -81.47 118.21
CA GLY R 39 67.55 -82.58 117.75
C GLY R 39 67.19 -83.52 118.89
N GLN R 40 66.29 -84.45 118.57
CA GLN R 40 65.86 -85.42 119.57
C GLN R 40 67.03 -86.27 120.03
N SER R 41 67.00 -86.64 121.31
CA SER R 41 68.02 -87.49 121.94
C SER R 41 69.39 -86.83 121.91
N ALA R 42 69.43 -85.50 121.98
CA ALA R 42 70.70 -84.81 122.12
C ALA R 42 71.17 -84.70 123.56
N GLY R 43 70.30 -84.96 124.53
CA GLY R 43 70.69 -84.91 125.93
C GLY R 43 70.40 -83.60 126.63
N LYS R 44 69.44 -82.82 126.15
CA LYS R 44 69.20 -81.48 126.67
C LYS R 44 68.75 -81.53 128.13
N SER R 45 67.81 -82.42 128.44
CA SER R 45 67.33 -82.52 129.82
C SER R 45 68.45 -82.91 130.77
N SER R 46 69.33 -83.82 130.34
CA SER R 46 70.47 -84.19 131.16
C SER R 46 71.51 -83.07 131.26
N VAL R 47 71.55 -82.17 130.28
CA VAL R 47 72.40 -80.99 130.40
C VAL R 47 71.86 -80.04 131.46
N LEU R 48 70.54 -79.78 131.43
CA LEU R 48 69.95 -78.89 132.43
C LEU R 48 70.07 -79.48 133.83
N GLU R 49 69.82 -80.77 133.96
CA GLU R 49 69.96 -81.43 135.26
C GLU R 49 71.35 -81.22 135.84
N ASN R 50 72.38 -81.38 135.01
CA ASN R 50 73.75 -81.26 135.48
C ASN R 50 74.13 -79.81 135.73
N PHE R 51 73.58 -78.88 134.95
CA PHE R 51 73.84 -77.47 135.21
C PHE R 51 73.25 -77.03 136.53
N VAL R 52 72.05 -77.51 136.85
CA VAL R 52 71.45 -77.18 138.15
C VAL R 52 72.20 -77.88 139.27
N GLY R 53 72.25 -79.20 139.23
CA GLY R 53 72.95 -79.96 140.25
C GLY R 53 72.07 -80.93 140.99
N ARG R 54 70.82 -81.08 140.55
CA ARG R 54 69.87 -81.96 141.19
C ARG R 54 69.10 -82.74 140.14
N ASP R 55 68.61 -83.92 140.52
CA ASP R 55 68.00 -84.87 139.59
C ASP R 55 66.49 -84.69 139.64
N PHE R 56 65.97 -83.81 138.77
CA PHE R 56 64.55 -83.52 138.78
C PHE R 56 63.98 -83.39 137.37
N LEU R 57 64.54 -84.12 136.41
CA LEU R 57 64.05 -84.03 135.04
C LEU R 57 63.90 -85.42 134.45
N PRO R 58 62.98 -85.59 133.49
CA PRO R 58 62.84 -86.88 132.84
C PRO R 58 63.80 -87.03 131.67
N ARG R 59 64.32 -88.25 131.48
CA ARG R 59 65.23 -88.52 130.39
C ARG R 59 65.20 -90.00 130.08
N GLY R 60 65.59 -90.35 128.86
CA GLY R 60 65.65 -91.73 128.45
C GLY R 60 65.73 -91.84 126.95
N SER R 61 65.83 -93.09 126.49
CA SER R 61 65.81 -93.35 125.07
C SER R 61 64.44 -93.00 124.48
N GLY R 62 64.41 -92.79 123.17
CA GLY R 62 63.17 -92.35 122.57
C GLY R 62 62.89 -90.90 122.93
N ILE R 63 61.63 -90.53 122.75
CA ILE R 63 61.18 -89.16 123.03
C ILE R 63 60.75 -89.08 124.49
N VAL R 64 61.32 -88.13 125.22
CA VAL R 64 61.05 -87.99 126.65
C VAL R 64 60.54 -86.60 126.96
N THR R 65 61.35 -85.58 126.69
CA THR R 65 60.94 -84.21 126.95
C THR R 65 59.87 -83.83 125.93
N ARG R 66 58.61 -84.03 126.29
CA ARG R 66 57.51 -83.95 125.34
C ARG R 66 56.72 -82.64 125.47
N ARG R 67 56.93 -81.89 126.54
CA ARG R 67 56.29 -80.60 126.75
C ARG R 67 57.34 -79.60 127.23
N PRO R 68 57.29 -78.35 126.76
CA PRO R 68 58.23 -77.35 127.23
C PRO R 68 58.12 -77.18 128.75
N LEU R 69 59.26 -77.05 129.41
CA LEU R 69 59.32 -76.90 130.86
C LEU R 69 59.96 -75.57 131.18
N VAL R 70 59.21 -74.68 131.82
CA VAL R 70 59.73 -73.39 132.25
C VAL R 70 60.07 -73.55 133.73
N LEU R 71 61.30 -73.96 134.00
CA LEU R 71 61.81 -73.97 135.36
C LEU R 71 62.17 -72.56 135.78
N GLN R 72 61.86 -72.22 137.02
CA GLN R 72 62.23 -70.93 137.60
C GLN R 72 62.91 -71.21 138.92
N LEU R 73 64.22 -71.04 138.95
CA LEU R 73 64.95 -71.06 140.20
C LEU R 73 64.72 -69.73 140.90
N VAL R 74 64.31 -69.79 142.17
CA VAL R 74 64.00 -68.60 142.95
C VAL R 74 64.68 -68.70 144.30
N ASN R 75 65.41 -67.65 144.67
CA ASN R 75 66.09 -67.61 145.96
C ASN R 75 65.06 -67.46 147.08
N ALA R 76 65.16 -68.34 148.08
CA ALA R 76 64.19 -68.34 149.17
C ALA R 76 64.89 -68.86 150.42
N THR R 77 64.10 -69.12 151.45
CA THR R 77 64.64 -69.55 152.74
C THR R 77 65.05 -71.01 152.72
N THR R 78 64.09 -71.90 152.47
CA THR R 78 64.31 -73.33 152.49
C THR R 78 64.23 -73.91 151.09
N GLU R 79 64.56 -75.20 150.99
CA GLU R 79 64.59 -75.92 149.72
C GLU R 79 63.27 -76.64 149.51
N TYR R 80 62.60 -76.33 148.41
CA TYR R 80 61.41 -77.05 147.98
C TYR R 80 61.12 -76.67 146.53
N ALA R 81 60.07 -77.26 145.98
CA ALA R 81 59.68 -76.96 144.61
C ALA R 81 58.18 -77.15 144.47
N GLU R 82 57.55 -76.33 143.63
CA GLU R 82 56.12 -76.43 143.39
C GLU R 82 55.81 -76.23 141.92
N PHE R 83 54.84 -77.01 141.44
CA PHE R 83 54.30 -76.83 140.10
C PHE R 83 53.31 -75.67 140.10
N LEU R 84 52.63 -75.51 138.98
CA LEU R 84 51.61 -74.47 138.85
C LEU R 84 50.20 -75.04 138.77
N HIS R 85 50.03 -76.19 138.12
CA HIS R 85 48.72 -76.83 138.04
C HIS R 85 48.27 -77.40 139.38
N CYS R 86 49.17 -77.52 140.36
CA CYS R 86 48.89 -78.09 141.67
C CYS R 86 49.30 -77.13 142.77
N LYS R 87 48.83 -75.88 142.67
CA LYS R 87 49.22 -74.83 143.60
C LYS R 87 49.11 -75.29 145.05
N GLY R 88 50.10 -74.90 145.85
CA GLY R 88 50.15 -75.25 147.25
C GLY R 88 50.76 -76.58 147.57
N LYS R 89 50.92 -77.46 146.59
CA LYS R 89 51.52 -78.78 146.80
C LYS R 89 53.03 -78.63 146.67
N LYS R 90 53.71 -78.39 147.80
CA LYS R 90 55.14 -78.23 147.82
C LYS R 90 55.82 -79.60 147.71
N PHE R 91 56.81 -79.68 146.82
CA PHE R 91 57.54 -80.93 146.59
C PHE R 91 58.95 -80.81 147.14
N THR R 92 59.34 -81.79 147.96
CA THR R 92 60.70 -81.89 148.45
C THR R 92 61.43 -83.12 147.93
N ASP R 93 60.70 -84.17 147.56
CA ASP R 93 61.31 -85.39 147.04
C ASP R 93 61.45 -85.26 145.52
N PHE R 94 62.70 -85.14 145.06
CA PHE R 94 62.95 -84.93 143.64
C PHE R 94 62.53 -86.12 142.81
N GLU R 95 62.49 -87.32 143.38
CA GLU R 95 61.93 -88.45 142.67
C GLU R 95 60.44 -88.25 142.41
N GLU R 96 59.72 -87.70 143.39
CA GLU R 96 58.32 -87.34 143.16
C GLU R 96 58.20 -86.25 142.12
N VAL R 97 59.12 -85.28 142.12
CA VAL R 97 59.10 -84.25 141.09
C VAL R 97 59.28 -84.86 139.71
N ARG R 98 60.23 -85.78 139.57
CA ARG R 98 60.49 -86.42 138.29
C ARG R 98 59.29 -87.25 137.83
N LEU R 99 58.66 -87.97 138.75
CA LEU R 99 57.48 -88.75 138.37
C LEU R 99 56.33 -87.82 137.96
N GLU R 100 56.11 -86.75 138.72
CA GLU R 100 54.96 -85.89 138.47
C GLU R 100 55.14 -85.11 137.17
N ILE R 101 56.38 -84.73 136.82
CA ILE R 101 56.55 -83.96 135.60
C ILE R 101 56.17 -84.79 134.37
N GLU R 102 56.56 -86.06 134.34
CA GLU R 102 56.15 -86.88 133.20
C GLU R 102 54.69 -87.29 133.30
N ALA R 103 54.14 -87.39 134.52
CA ALA R 103 52.70 -87.62 134.65
C ALA R 103 51.90 -86.47 134.06
N GLU R 104 52.32 -85.23 134.33
CA GLU R 104 51.68 -84.08 133.70
C GLU R 104 51.97 -84.05 132.20
N THR R 105 53.16 -84.51 131.81
CA THR R 105 53.53 -84.51 130.40
C THR R 105 52.60 -85.39 129.57
N ASP R 106 52.30 -86.59 130.07
CA ASP R 106 51.42 -87.46 129.30
C ASP R 106 49.95 -87.28 129.67
N ARG R 107 49.63 -86.57 130.75
CA ARG R 107 48.23 -86.29 131.08
C ARG R 107 47.56 -85.40 130.05
N VAL R 108 48.33 -84.71 129.21
CA VAL R 108 47.77 -83.81 128.22
C VAL R 108 47.85 -84.36 126.81
N THR R 109 48.89 -85.12 126.49
CA THR R 109 49.11 -85.61 125.14
C THR R 109 48.86 -87.09 124.95
N GLY R 110 48.94 -87.89 126.02
CA GLY R 110 48.83 -89.32 125.89
C GLY R 110 50.19 -89.99 125.92
N THR R 111 50.20 -91.25 125.53
CA THR R 111 51.41 -92.05 125.48
C THR R 111 51.87 -92.27 124.04
N ASN R 112 51.21 -91.63 123.07
CA ASN R 112 51.49 -91.86 121.66
C ASN R 112 52.38 -90.77 121.09
N LYS R 113 53.26 -90.19 121.91
CA LYS R 113 54.33 -89.31 121.47
C LYS R 113 53.83 -88.04 120.78
N GLY R 114 52.62 -87.59 121.09
CA GLY R 114 52.18 -86.28 120.63
C GLY R 114 52.64 -85.18 121.56
N ILE R 115 52.69 -83.94 121.06
CA ILE R 115 53.20 -82.85 121.87
C ILE R 115 52.16 -81.75 121.96
N SER R 116 52.38 -80.85 122.92
CA SER R 116 51.49 -79.75 123.21
C SER R 116 52.33 -78.49 123.39
N PRO R 117 51.98 -77.40 122.73
CA PRO R 117 52.79 -76.17 122.85
C PRO R 117 52.46 -75.37 124.09
N VAL R 118 51.76 -75.96 125.05
CA VAL R 118 51.40 -75.30 126.29
C VAL R 118 52.47 -75.62 127.33
N PRO R 119 53.21 -74.63 127.82
CA PRO R 119 54.35 -74.92 128.71
C PRO R 119 53.93 -75.55 130.02
N ILE R 120 54.93 -75.92 130.83
CA ILE R 120 54.71 -76.44 132.18
C ILE R 120 55.57 -75.57 133.09
N ASN R 121 54.93 -74.69 133.84
CA ASN R 121 55.68 -73.87 134.79
C ASN R 121 56.07 -74.69 136.01
N LEU R 122 57.25 -74.38 136.54
CA LEU R 122 57.75 -75.05 137.73
C LEU R 122 58.64 -74.05 138.45
N ARG R 123 58.57 -74.03 139.78
CA ARG R 123 59.37 -73.10 140.55
C ARG R 123 60.10 -73.85 141.67
N VAL R 124 61.43 -73.81 141.62
CA VAL R 124 62.25 -74.39 142.68
C VAL R 124 62.74 -73.26 143.57
N TYR R 125 62.28 -73.23 144.81
CA TYR R 125 62.69 -72.23 145.78
C TYR R 125 63.81 -72.81 146.63
N SER R 126 64.93 -72.10 146.69
CA SER R 126 66.08 -72.60 147.42
C SER R 126 67.00 -71.43 147.73
N PRO R 127 67.76 -71.50 148.83
CA PRO R 127 68.78 -70.48 149.07
C PRO R 127 70.00 -70.61 148.17
N HIS R 128 70.05 -71.66 147.33
CA HIS R 128 71.22 -71.95 146.51
C HIS R 128 70.99 -71.64 145.04
N VAL R 129 69.98 -70.83 144.72
CA VAL R 129 69.65 -70.50 143.34
C VAL R 129 69.45 -69.01 143.19
N LEU R 130 69.65 -68.52 141.97
CA LEU R 130 69.34 -67.15 141.59
C LEU R 130 67.85 -67.05 141.26
N ASN R 131 67.45 -65.94 140.65
CA ASN R 131 66.13 -65.79 140.05
C ASN R 131 66.19 -66.06 138.56
N LEU R 132 66.44 -67.32 138.21
CA LEU R 132 66.72 -67.70 136.83
C LEU R 132 65.54 -68.43 136.20
N THR R 133 65.48 -68.33 134.87
CA THR R 133 64.47 -68.98 134.05
C THR R 133 65.18 -69.94 133.10
N LEU R 134 65.00 -71.24 133.33
CA LEU R 134 65.57 -72.30 132.51
C LEU R 134 64.45 -72.91 131.68
N VAL R 135 64.53 -72.73 130.36
CA VAL R 135 63.46 -73.16 129.47
C VAL R 135 63.93 -74.43 128.78
N ASP R 136 63.59 -75.58 129.34
CA ASP R 136 63.80 -76.84 128.64
C ASP R 136 62.77 -76.98 127.53
N LEU R 137 63.20 -77.48 126.39
CA LEU R 137 62.36 -77.55 125.21
C LEU R 137 62.37 -78.98 124.68
N PRO R 138 61.31 -79.37 123.95
CA PRO R 138 61.29 -80.72 123.38
C PRO R 138 62.27 -80.84 122.22
N GLY R 139 62.73 -82.07 122.00
CA GLY R 139 63.63 -82.30 120.89
C GLY R 139 62.97 -82.02 119.56
N MET R 140 63.78 -81.55 118.60
CA MET R 140 63.28 -81.25 117.28
C MET R 140 63.12 -82.53 116.47
N THR R 141 62.03 -82.59 115.71
CA THR R 141 61.65 -83.78 114.95
C THR R 141 61.33 -83.36 113.52
N LYS R 142 61.55 -84.29 112.58
CA LYS R 142 61.36 -83.97 111.18
C LYS R 142 60.27 -84.82 110.54
N VAL R 143 60.10 -86.05 111.01
CA VAL R 143 59.03 -86.91 110.49
C VAL R 143 58.10 -87.29 111.63
N PRO R 144 56.78 -87.23 111.43
CA PRO R 144 55.85 -87.50 112.53
C PRO R 144 55.78 -88.98 112.91
N VAL R 145 56.24 -89.31 114.10
CA VAL R 145 56.13 -90.66 114.64
C VAL R 145 54.99 -90.68 115.65
N GLY R 146 54.15 -91.71 115.56
CA GLY R 146 52.99 -91.79 116.42
C GLY R 146 51.78 -91.10 115.83
N ASP R 147 50.98 -90.44 116.68
CA ASP R 147 49.81 -89.71 116.22
C ASP R 147 50.10 -88.23 116.01
N GLN R 148 51.36 -87.86 115.86
CA GLN R 148 51.71 -86.46 115.65
C GLN R 148 51.17 -85.99 114.30
N PRO R 149 50.71 -84.75 114.22
CA PRO R 149 50.17 -84.23 112.96
C PRO R 149 51.26 -84.10 111.91
N PRO R 150 50.89 -83.91 110.65
CA PRO R 150 51.90 -83.87 109.57
C PRO R 150 52.89 -82.73 109.70
N ASP R 151 52.59 -81.68 110.45
CA ASP R 151 53.47 -80.52 110.58
C ASP R 151 54.13 -80.46 111.95
N ILE R 152 54.58 -81.62 112.43
CA ILE R 152 55.25 -81.69 113.72
C ILE R 152 56.52 -80.83 113.71
N GLU R 153 57.26 -80.87 112.60
CA GLU R 153 58.50 -80.09 112.51
C GLU R 153 58.21 -78.61 112.61
N PHE R 154 57.15 -78.15 111.93
CA PHE R 154 56.86 -76.73 111.94
C PHE R 154 56.30 -76.29 113.28
N GLN R 155 55.49 -77.12 113.92
CA GLN R 155 54.99 -76.69 115.23
C GLN R 155 55.98 -76.91 116.36
N ILE R 156 57.10 -77.59 116.11
CA ILE R 156 58.17 -77.59 117.10
C ILE R 156 59.14 -76.44 116.84
N ARG R 157 59.38 -76.10 115.58
CA ARG R 157 60.21 -74.93 115.29
C ARG R 157 59.53 -73.65 115.74
N ASP R 158 58.23 -73.50 115.47
CA ASP R 158 57.50 -72.34 115.97
C ASP R 158 57.39 -72.36 117.48
N MET R 159 57.43 -73.56 118.08
CA MET R 159 57.50 -73.65 119.53
C MET R 159 58.81 -73.04 120.04
N LEU R 160 59.92 -73.35 119.37
CA LEU R 160 61.22 -72.89 119.83
C LEU R 160 61.43 -71.41 119.56
N MET R 161 60.83 -70.88 118.49
CA MET R 161 61.02 -69.46 118.18
C MET R 161 60.50 -68.56 119.29
N GLN R 162 59.30 -68.86 119.82
CA GLN R 162 58.74 -67.96 120.82
C GLN R 162 59.55 -67.97 122.12
N PHE R 163 60.46 -68.92 122.29
CA PHE R 163 61.30 -68.99 123.47
C PHE R 163 62.73 -68.53 123.24
N VAL R 164 63.24 -68.59 122.00
CA VAL R 164 64.62 -68.23 121.74
C VAL R 164 64.78 -66.93 120.96
N THR R 165 63.73 -66.40 120.35
CA THR R 165 63.90 -65.17 119.58
C THR R 165 64.03 -63.96 120.49
N LYS R 166 63.52 -64.04 121.72
CA LYS R 166 63.60 -62.92 122.64
C LYS R 166 65.05 -62.71 123.06
N GLU R 167 65.48 -61.45 123.09
CA GLU R 167 66.83 -61.13 123.50
C GLU R 167 67.02 -61.51 124.97
N ASN R 168 68.29 -61.50 125.40
CA ASN R 168 68.66 -61.97 126.73
C ASN R 168 68.17 -63.39 126.95
N CYS R 169 68.38 -64.23 125.95
CA CYS R 169 68.04 -65.66 126.01
C CYS R 169 69.27 -66.44 125.55
N LEU R 170 70.03 -66.94 126.52
CA LEU R 170 71.16 -67.80 126.20
C LEU R 170 70.65 -69.05 125.50
N ILE R 171 71.23 -69.35 124.35
CA ILE R 171 70.79 -70.48 123.53
C ILE R 171 71.88 -71.54 123.62
N LEU R 172 71.60 -72.61 124.36
CA LEU R 172 72.50 -73.76 124.41
C LEU R 172 72.16 -74.64 123.20
N ALA R 173 72.96 -74.52 122.16
CA ALA R 173 72.85 -75.40 121.00
C ALA R 173 73.49 -76.73 121.39
N VAL R 174 72.68 -77.70 121.77
CA VAL R 174 73.17 -79.01 122.17
C VAL R 174 73.18 -79.90 120.96
N SER R 175 74.35 -80.43 120.61
CA SER R 175 74.50 -81.31 119.48
C SER R 175 75.19 -82.58 119.91
N PRO R 176 74.79 -83.73 119.37
CA PRO R 176 75.47 -84.98 119.73
C PRO R 176 76.76 -85.13 118.95
N ALA R 177 77.73 -85.77 119.59
CA ALA R 177 79.01 -85.99 118.94
C ALA R 177 78.90 -87.03 117.84
N ASN R 178 78.07 -88.06 118.06
CA ASN R 178 77.95 -89.14 117.08
C ASN R 178 77.47 -88.61 115.73
N SER R 179 76.41 -87.81 115.74
CA SER R 179 75.95 -87.21 114.50
C SER R 179 76.93 -86.13 114.05
N ASP R 180 76.94 -85.87 112.75
CA ASP R 180 77.83 -84.86 112.20
C ASP R 180 77.35 -83.48 112.63
N LEU R 181 78.29 -82.56 112.80
CA LEU R 181 77.96 -81.23 113.27
C LEU R 181 77.14 -80.45 112.25
N ALA R 182 77.35 -80.73 110.96
CA ALA R 182 76.59 -80.03 109.93
C ALA R 182 75.11 -80.38 109.99
N ASN R 183 74.74 -81.43 110.71
CA ASN R 183 73.34 -81.82 110.87
C ASN R 183 72.73 -81.31 112.17
N SER R 184 73.39 -80.40 112.87
CA SER R 184 72.89 -79.92 114.15
C SER R 184 71.76 -78.93 113.93
N ASP R 185 70.52 -79.39 114.14
CA ASP R 185 69.38 -78.49 114.11
C ASP R 185 69.55 -77.40 115.15
N ALA R 186 70.22 -77.69 116.25
CA ALA R 186 70.55 -76.67 117.24
C ALA R 186 71.32 -75.53 116.62
N LEU R 187 72.39 -75.86 115.88
CA LEU R 187 73.19 -74.82 115.26
C LEU R 187 72.43 -74.12 114.14
N LYS R 188 71.56 -74.84 113.43
CA LYS R 188 70.74 -74.17 112.42
C LYS R 188 69.85 -73.10 113.07
N VAL R 189 69.18 -73.46 114.15
CA VAL R 189 68.32 -72.51 114.86
C VAL R 189 69.15 -71.36 115.42
N ALA R 190 70.34 -71.67 115.95
CA ALA R 190 71.19 -70.63 116.53
C ALA R 190 71.64 -69.65 115.46
N LYS R 191 72.03 -70.12 114.28
CA LYS R 191 72.40 -69.21 113.21
C LYS R 191 71.21 -68.51 112.60
N GLU R 192 69.99 -69.02 112.80
CA GLU R 192 68.82 -68.30 112.33
C GLU R 192 68.44 -67.15 113.27
N VAL R 193 68.44 -67.39 114.58
CA VAL R 193 67.92 -66.44 115.55
C VAL R 193 69.04 -65.74 116.31
N ASP R 194 70.29 -65.92 115.90
CA ASP R 194 71.43 -65.31 116.56
C ASP R 194 72.61 -65.35 115.60
N PRO R 195 72.58 -64.55 114.52
CA PRO R 195 73.59 -64.72 113.46
C PRO R 195 75.02 -64.59 113.95
N GLN R 196 75.35 -63.51 114.65
CA GLN R 196 76.73 -63.32 115.08
C GLN R 196 77.12 -64.23 116.23
N GLY R 197 76.18 -64.98 116.80
CA GLY R 197 76.50 -65.86 117.91
C GLY R 197 76.88 -65.13 119.18
N GLN R 198 76.20 -64.01 119.46
CA GLN R 198 76.51 -63.26 120.68
C GLN R 198 76.12 -64.04 121.93
N ARG R 199 74.96 -64.71 121.90
CA ARG R 199 74.38 -65.36 123.06
C ARG R 199 74.14 -66.84 122.81
N THR R 200 75.05 -67.47 122.07
CA THR R 200 74.95 -68.88 121.69
C THR R 200 76.09 -69.66 122.34
N ILE R 201 75.75 -70.68 123.12
CA ILE R 201 76.73 -71.57 123.72
C ILE R 201 76.58 -72.92 123.05
N GLY R 202 77.66 -73.39 122.42
CA GLY R 202 77.65 -74.70 121.79
C GLY R 202 78.04 -75.77 122.80
N VAL R 203 77.25 -76.85 122.84
CA VAL R 203 77.52 -77.97 123.72
C VAL R 203 77.54 -79.24 122.89
N ILE R 204 78.54 -80.08 123.12
CA ILE R 204 78.71 -81.33 122.39
C ILE R 204 78.55 -82.48 123.37
N THR R 205 77.54 -83.30 123.16
CA THR R 205 77.20 -84.39 124.07
C THR R 205 77.55 -85.73 123.45
N LYS R 206 77.58 -86.76 124.30
CA LYS R 206 77.82 -88.14 123.89
C LYS R 206 79.18 -88.26 123.21
N LEU R 207 80.22 -87.85 123.93
CA LEU R 207 81.59 -87.99 123.43
C LEU R 207 82.18 -89.35 123.70
N ASP R 208 81.53 -90.18 124.51
CA ASP R 208 82.00 -91.53 124.77
C ASP R 208 81.39 -92.56 123.83
N LEU R 209 80.56 -92.13 122.88
CA LEU R 209 79.92 -93.04 121.94
C LEU R 209 80.26 -92.69 120.50
N MET R 210 81.35 -91.97 120.27
CA MET R 210 81.73 -91.61 118.91
C MET R 210 82.16 -92.84 118.13
N ASP R 211 82.06 -92.73 116.80
CA ASP R 211 82.50 -93.82 115.94
C ASP R 211 83.96 -94.14 116.20
N GLU R 212 84.26 -95.43 116.35
CA GLU R 212 85.61 -95.84 116.74
C GLU R 212 86.63 -95.35 115.73
N GLY R 213 87.74 -94.84 116.25
CA GLY R 213 88.79 -94.28 115.40
C GLY R 213 88.58 -92.85 114.99
N THR R 214 87.51 -92.21 115.43
CA THR R 214 87.23 -90.82 115.12
C THR R 214 87.19 -90.01 116.41
N ASP R 215 87.39 -88.70 116.27
CA ASP R 215 87.35 -87.81 117.42
C ASP R 215 86.89 -86.43 116.96
N ALA R 216 86.12 -85.76 117.80
CA ALA R 216 85.57 -84.45 117.50
C ALA R 216 86.50 -83.31 117.88
N ARG R 217 87.81 -83.57 117.92
CA ARG R 217 88.77 -82.55 118.33
C ARG R 217 88.64 -81.28 117.49
N ASP R 218 88.48 -81.43 116.18
CA ASP R 218 88.35 -80.27 115.31
C ASP R 218 87.07 -79.49 115.55
N VAL R 219 86.11 -80.08 116.26
CA VAL R 219 84.90 -79.36 116.65
C VAL R 219 85.06 -78.71 118.01
N LEU R 220 85.57 -79.46 118.98
CA LEU R 220 85.74 -78.92 120.32
C LEU R 220 86.77 -77.80 120.35
N GLU R 221 87.70 -77.78 119.41
CA GLU R 221 88.66 -76.69 119.31
C GLU R 221 88.15 -75.54 118.45
N ASN R 222 86.84 -75.48 118.22
CA ASN R 222 86.20 -74.37 117.51
C ASN R 222 86.83 -74.16 116.14
N LYS R 223 87.25 -75.24 115.49
CA LYS R 223 87.88 -75.18 114.18
C LYS R 223 86.92 -75.45 113.04
N LEU R 224 86.10 -76.49 113.16
CA LEU R 224 85.19 -76.86 112.08
C LEU R 224 84.18 -75.75 111.81
N LEU R 225 83.32 -75.46 112.80
CA LEU R 225 82.31 -74.42 112.67
C LEU R 225 82.63 -73.30 113.65
N PRO R 226 83.07 -72.14 113.16
CA PRO R 226 83.47 -71.06 114.09
C PRO R 226 82.29 -70.56 114.91
N LEU R 227 82.48 -70.56 116.22
CA LEU R 227 81.47 -70.11 117.16
C LEU R 227 82.12 -69.16 118.16
N ARG R 228 81.41 -68.09 118.51
CA ARG R 228 82.03 -67.03 119.31
C ARG R 228 82.42 -67.54 120.69
N ARG R 229 81.51 -68.22 121.37
CA ARG R 229 81.77 -68.71 122.71
C ARG R 229 82.44 -70.08 122.74
N GLY R 230 82.61 -70.72 121.59
CA GLY R 230 83.23 -72.02 121.53
C GLY R 230 82.31 -73.12 121.99
N TYR R 231 82.77 -74.35 121.80
CA TYR R 231 82.00 -75.53 122.16
C TYR R 231 82.53 -76.12 123.46
N ILE R 232 81.62 -76.74 124.21
CA ILE R 232 81.95 -77.39 125.47
C ILE R 232 81.51 -78.84 125.37
N GLY R 233 82.46 -79.77 125.47
CA GLY R 233 82.12 -81.16 125.46
C GLY R 233 81.73 -81.65 126.84
N VAL R 234 80.72 -82.52 126.88
CA VAL R 234 80.25 -83.10 128.13
C VAL R 234 79.88 -84.56 127.89
N VAL R 235 80.07 -85.39 128.91
CA VAL R 235 79.66 -86.78 128.90
C VAL R 235 78.67 -86.99 130.02
N ASN R 236 77.46 -87.42 129.69
CA ASN R 236 76.39 -87.56 130.65
C ASN R 236 76.25 -89.04 131.02
N ARG R 237 75.24 -89.35 131.82
CA ARG R 237 75.00 -90.75 132.18
C ARG R 237 74.43 -91.49 130.98
N SER R 238 74.97 -92.66 130.69
CA SER R 238 74.43 -93.49 129.63
C SER R 238 73.05 -94.00 130.02
N GLN R 239 72.33 -94.53 129.03
CA GLN R 239 70.99 -95.04 129.29
C GLN R 239 71.04 -96.20 130.27
N LYS R 240 72.05 -97.06 130.16
CA LYS R 240 72.24 -98.11 131.14
C LYS R 240 72.46 -97.54 132.53
N ASP R 241 73.22 -96.45 132.62
CA ASP R 241 73.43 -95.81 133.91
C ASP R 241 72.14 -95.25 134.48
N ILE R 242 71.30 -94.67 133.62
CA ILE R 242 70.01 -94.16 134.06
C ILE R 242 69.14 -95.30 134.59
N ASP R 243 69.13 -96.42 133.87
CA ASP R 243 68.34 -97.56 134.34
C ASP R 243 68.88 -98.13 135.64
N GLY R 244 70.21 -98.15 135.80
CA GLY R 244 70.84 -98.61 137.02
C GLY R 244 70.88 -97.59 138.13
N LYS R 245 70.37 -96.39 137.89
CA LYS R 245 70.30 -95.33 138.90
C LYS R 245 71.68 -94.94 139.40
N LYS R 246 72.58 -94.63 138.46
CA LYS R 246 73.90 -94.15 138.82
C LYS R 246 73.80 -92.75 139.42
N ASP R 247 74.81 -92.38 140.21
CA ASP R 247 74.77 -91.13 140.94
C ASP R 247 75.66 -90.07 140.29
N ILE R 248 75.44 -88.82 140.72
CA ILE R 248 76.17 -87.68 140.17
C ILE R 248 77.65 -87.80 140.47
N THR R 249 78.02 -88.29 141.65
CA THR R 249 79.43 -88.39 142.01
C THR R 249 80.17 -89.32 141.04
N ALA R 250 79.66 -90.52 140.84
CA ALA R 250 80.31 -91.46 139.94
C ALA R 250 80.27 -90.96 138.50
N ALA R 251 79.16 -90.34 138.09
CA ALA R 251 79.08 -89.81 136.74
C ALA R 251 80.13 -88.74 136.51
N LEU R 252 80.29 -87.82 137.46
CA LEU R 252 81.30 -86.78 137.33
C LEU R 252 82.71 -87.36 137.35
N ALA R 253 82.95 -88.36 138.20
CA ALA R 253 84.28 -88.98 138.22
C ALA R 253 84.60 -89.61 136.87
N ALA R 254 83.66 -90.36 136.30
CA ALA R 254 83.88 -90.99 135.00
C ALA R 254 84.06 -89.94 133.91
N GLU R 255 83.25 -88.88 133.93
CA GLU R 255 83.37 -87.83 132.92
C GLU R 255 84.72 -87.14 133.01
N ARG R 256 85.20 -86.88 134.23
CA ARG R 256 86.50 -86.24 134.40
C ARG R 256 87.63 -87.16 133.94
N LYS R 257 87.56 -88.44 134.30
CA LYS R 257 88.65 -89.35 133.91
C LYS R 257 88.63 -89.66 132.42
N PHE R 258 87.48 -89.52 131.75
CA PHE R 258 87.43 -89.78 130.32
C PHE R 258 88.31 -88.81 129.54
N PHE R 259 88.21 -87.51 129.85
CA PHE R 259 88.98 -86.52 129.12
C PHE R 259 90.46 -86.58 129.43
N LEU R 260 90.86 -87.29 130.49
CA LEU R 260 92.27 -87.58 130.71
C LEU R 260 92.70 -88.86 130.00
N SER R 261 91.81 -89.85 129.91
CA SER R 261 92.16 -91.09 129.22
C SER R 261 92.28 -90.87 127.72
N HIS R 262 91.42 -90.04 127.14
CA HIS R 262 91.39 -89.90 125.69
C HIS R 262 92.62 -89.12 125.21
N PRO R 263 93.44 -89.70 124.33
CA PRO R 263 94.64 -88.96 123.86
C PRO R 263 94.31 -87.68 123.13
N SER R 264 93.21 -87.62 122.39
CA SER R 264 92.88 -86.41 121.64
C SER R 264 92.37 -85.29 122.52
N TYR R 265 91.86 -85.61 123.71
CA TYR R 265 91.28 -84.60 124.61
C TYR R 265 92.07 -84.46 125.91
N ARG R 266 93.26 -85.04 126.00
CA ARG R 266 94.05 -84.93 127.21
C ARG R 266 94.40 -83.47 127.51
N HIS R 267 94.69 -82.70 126.47
CA HIS R 267 95.08 -81.30 126.62
C HIS R 267 93.89 -80.36 126.71
N LEU R 268 92.70 -80.88 127.01
CA LEU R 268 91.51 -80.05 127.13
C LEU R 268 90.66 -80.42 128.34
N ALA R 269 91.15 -81.28 129.23
CA ALA R 269 90.33 -81.77 130.33
C ALA R 269 89.82 -80.64 131.20
N ASP R 270 90.63 -79.61 131.44
CA ASP R 270 90.18 -78.49 132.25
C ASP R 270 89.19 -77.61 131.52
N ARG R 271 89.23 -77.59 130.18
CA ARG R 271 88.35 -76.73 129.39
C ARG R 271 87.10 -77.42 128.89
N MET R 272 86.95 -78.72 129.14
CA MET R 272 85.77 -79.48 128.76
C MET R 272 85.18 -80.15 129.99
N GLY R 273 83.86 -80.32 129.98
CA GLY R 273 83.18 -80.98 131.08
C GLY R 273 82.05 -80.18 131.69
N THR R 274 81.20 -80.85 132.46
CA THR R 274 80.08 -80.18 133.09
C THR R 274 80.49 -79.07 134.05
N PRO R 275 81.49 -79.23 134.93
CA PRO R 275 81.90 -78.09 135.76
C PRO R 275 82.33 -76.89 134.94
N TYR R 276 83.05 -77.11 133.83
CA TYR R 276 83.46 -75.98 133.00
C TYR R 276 82.25 -75.38 132.28
N LEU R 277 81.26 -76.19 131.94
CA LEU R 277 80.02 -75.65 131.38
C LEU R 277 79.33 -74.74 132.38
N GLN R 278 79.27 -75.16 133.65
CA GLN R 278 78.70 -74.31 134.69
C GLN R 278 79.48 -73.03 134.83
N LYS R 279 80.81 -73.12 134.80
CA LYS R 279 81.64 -71.93 134.93
C LYS R 279 81.40 -70.96 133.78
N VAL R 280 81.29 -71.47 132.55
CA VAL R 280 81.06 -70.61 131.40
C VAL R 280 79.68 -69.95 131.49
N LEU R 281 78.66 -70.72 131.88
CA LEU R 281 77.33 -70.14 131.99
C LEU R 281 77.29 -69.05 133.05
N ASN R 282 77.90 -69.30 134.20
CA ASN R 282 77.91 -68.28 135.25
C ASN R 282 78.73 -67.07 134.84
N GLN R 283 79.83 -67.28 134.11
CA GLN R 283 80.58 -66.16 133.58
C GLN R 283 79.73 -65.34 132.62
N GLN R 284 78.92 -66.00 131.80
CA GLN R 284 78.07 -65.28 130.86
C GLN R 284 76.99 -64.50 131.58
N LEU R 285 76.48 -65.03 132.70
CA LEU R 285 75.52 -64.28 133.49
C LEU R 285 76.16 -63.07 134.14
N THR R 286 77.37 -63.24 134.68
CA THR R 286 78.06 -62.13 135.32
C THR R 286 78.43 -61.06 134.30
N ASN R 287 78.81 -61.45 133.09
CA ASN R 287 79.13 -60.50 132.05
C ASN R 287 77.91 -59.78 131.50
N HIS R 288 76.72 -60.12 131.99
CA HIS R 288 75.52 -59.33 131.74
C HIS R 288 75.16 -58.47 132.93
N ILE R 289 75.26 -59.02 134.14
CA ILE R 289 75.04 -58.21 135.34
C ILE R 289 75.95 -57.00 135.35
N ARG R 290 77.25 -57.23 135.12
CA ARG R 290 78.21 -56.15 135.11
C ARG R 290 78.16 -55.34 133.81
N ASP R 291 77.59 -55.90 132.75
CA ASP R 291 77.39 -55.14 131.53
C ASP R 291 76.32 -54.07 131.72
N THR R 292 75.26 -54.40 132.46
CA THR R 292 74.14 -53.48 132.59
C THR R 292 74.48 -52.26 133.45
N LEU R 293 75.44 -52.40 134.37
CA LEU R 293 75.66 -51.37 135.38
C LEU R 293 75.91 -49.96 134.86
N PRO R 294 76.69 -49.73 133.79
CA PRO R 294 76.84 -48.35 133.30
C PRO R 294 75.54 -47.65 132.98
N GLY R 295 74.60 -48.34 132.34
CA GLY R 295 73.31 -47.73 132.03
C GLY R 295 72.56 -47.33 133.27
N LEU R 296 72.49 -48.24 134.25
CA LEU R 296 71.82 -47.92 135.51
C LEU R 296 72.49 -46.74 136.20
N ARG R 297 73.82 -46.71 136.22
CA ARG R 297 74.52 -45.65 136.92
C ARG R 297 74.24 -44.30 136.28
N ASN R 298 74.32 -44.22 134.95
CA ASN R 298 74.10 -42.92 134.32
C ASN R 298 72.64 -42.49 134.42
N LYS R 299 71.70 -43.43 134.29
CA LYS R 299 70.29 -43.06 134.41
C LYS R 299 69.96 -42.59 135.82
N LEU R 300 70.48 -43.27 136.83
CA LEU R 300 70.24 -42.83 138.21
C LEU R 300 70.97 -41.54 138.51
N GLN R 301 72.11 -41.29 137.87
CA GLN R 301 72.75 -39.99 138.01
C GLN R 301 71.87 -38.88 137.43
N SER R 302 71.25 -39.15 136.28
CA SER R 302 70.31 -38.18 135.72
C SER R 302 69.12 -37.93 136.66
N GLN R 303 68.59 -39.00 137.25
CA GLN R 303 67.46 -38.83 138.16
C GLN R 303 67.85 -38.07 139.44
N LEU R 304 69.04 -38.37 139.97
CA LEU R 304 69.52 -37.61 141.13
C LEU R 304 69.80 -36.17 140.75
N LEU R 305 70.23 -35.92 139.51
CA LEU R 305 70.35 -34.55 139.03
C LEU R 305 69.00 -33.85 139.03
N SER R 306 67.95 -34.57 138.62
CA SER R 306 66.61 -34.00 138.64
C SER R 306 66.15 -33.66 140.05
N ILE R 307 66.46 -34.53 141.02
CA ILE R 307 65.91 -34.32 142.37
C ILE R 307 66.80 -33.37 143.20
N GLU R 308 68.08 -33.22 142.86
CA GLU R 308 68.98 -32.46 143.71
C GLU R 308 68.59 -30.98 143.77
N LYS R 309 68.04 -30.46 142.66
CA LYS R 309 67.60 -29.06 142.66
C LYS R 309 66.51 -28.83 143.69
N GLU R 310 65.53 -29.75 143.75
CA GLU R 310 64.50 -29.65 144.76
C GLU R 310 65.08 -29.84 146.16
N VAL R 311 66.10 -30.69 146.29
CA VAL R 311 66.73 -30.85 147.59
C VAL R 311 67.53 -29.60 147.99
N GLU R 312 67.89 -28.76 147.02
CA GLU R 312 68.68 -27.56 147.33
C GLU R 312 67.93 -26.63 148.28
N GLU R 313 66.68 -26.32 147.96
CA GLU R 313 65.86 -25.54 148.88
C GLU R 313 65.40 -26.37 150.07
N TYR R 314 65.63 -27.68 150.06
CA TYR R 314 65.24 -28.58 151.14
C TYR R 314 66.45 -29.21 151.82
N LYS R 315 67.54 -28.47 151.98
CA LYS R 315 68.65 -28.95 152.78
C LYS R 315 68.23 -29.17 154.22
N ASN R 316 67.48 -28.23 154.78
CA ASN R 316 67.13 -28.22 156.19
C ASN R 316 65.64 -27.92 156.36
N PHE R 317 65.09 -28.42 157.46
CA PHE R 317 63.69 -28.17 157.82
C PHE R 317 63.55 -28.34 159.33
N ARG R 318 63.30 -27.24 160.02
CA ARG R 318 63.05 -27.24 161.45
C ARG R 318 61.58 -27.03 161.74
N PRO R 319 61.10 -27.45 162.90
CA PRO R 319 59.71 -27.15 163.28
C PRO R 319 59.48 -25.64 163.32
N ASP R 320 58.29 -25.24 162.86
CA ASP R 320 57.79 -23.87 162.90
C ASP R 320 58.48 -22.96 161.88
N ASP R 321 59.53 -23.46 161.23
CA ASP R 321 60.19 -22.82 160.08
C ASP R 321 60.37 -21.32 160.29
N PRO R 322 61.32 -20.89 161.13
CA PRO R 322 61.39 -19.46 161.48
C PRO R 322 61.58 -18.54 160.29
N ALA R 323 62.37 -18.93 159.30
CA ALA R 323 62.66 -18.08 158.15
C ALA R 323 62.16 -18.64 156.83
N ARG R 324 62.01 -19.97 156.74
CA ARG R 324 61.45 -20.55 155.53
C ARG R 324 60.05 -20.01 155.28
N LYS R 325 59.29 -19.78 156.36
CA LYS R 325 57.95 -19.24 156.22
C LYS R 325 57.97 -17.87 155.55
N THR R 326 58.83 -16.96 156.03
CA THR R 326 58.92 -15.64 155.42
C THR R 326 59.41 -15.72 153.98
N LYS R 327 60.40 -16.57 153.72
CA LYS R 327 60.92 -16.68 152.36
C LYS R 327 59.83 -17.18 151.41
N ALA R 328 59.10 -18.22 151.81
CA ALA R 328 58.04 -18.76 150.97
C ALA R 328 56.91 -17.76 150.80
N LEU R 329 56.61 -16.99 151.85
CA LEU R 329 55.61 -15.93 151.72
C LEU R 329 56.02 -14.94 150.65
N LEU R 330 57.30 -14.52 150.66
CA LEU R 330 57.76 -13.59 149.64
C LEU R 330 57.67 -14.21 148.26
N GLN R 331 58.05 -15.49 148.13
CA GLN R 331 57.97 -16.15 146.83
C GLN R 331 56.54 -16.17 146.32
N MET R 332 55.59 -16.54 147.18
CA MET R 332 54.19 -16.58 146.77
C MET R 332 53.68 -15.19 146.39
N VAL R 333 54.04 -14.17 147.17
CA VAL R 333 53.58 -12.82 146.88
C VAL R 333 54.12 -12.35 145.54
N GLN R 334 55.41 -12.62 145.29
CA GLN R 334 56.00 -12.22 144.01
C GLN R 334 55.36 -12.98 142.84
N GLN R 335 55.10 -14.28 143.03
CA GLN R 335 54.43 -15.04 141.99
C GLN R 335 53.05 -14.48 141.69
N PHE R 336 52.30 -14.15 142.74
CA PHE R 336 50.97 -13.58 142.54
C PHE R 336 51.04 -12.24 141.83
N ALA R 337 51.98 -11.38 142.24
CA ALA R 337 52.09 -10.07 141.61
C ALA R 337 52.46 -10.18 140.14
N VAL R 338 53.46 -11.02 139.84
CA VAL R 338 53.89 -11.14 138.45
C VAL R 338 52.81 -11.81 137.61
N ASP R 339 52.02 -12.72 138.21
CA ASP R 339 50.96 -13.35 137.43
C ASP R 339 49.79 -12.41 137.22
N PHE R 340 49.48 -11.56 138.19
CA PHE R 340 48.48 -10.53 137.98
C PHE R 340 48.90 -9.59 136.86
N GLU R 341 50.14 -9.13 136.89
CA GLU R 341 50.63 -8.23 135.85
C GLU R 341 50.65 -8.93 134.50
N LYS R 342 51.02 -10.21 134.46
CA LYS R 342 51.02 -10.95 133.21
C LYS R 342 49.60 -11.16 132.70
N ARG R 343 48.64 -11.35 133.61
CA ARG R 343 47.27 -11.62 133.21
C ARG R 343 46.58 -10.38 132.68
N ILE R 344 46.88 -9.22 133.25
CA ILE R 344 46.19 -7.97 132.93
C ILE R 344 47.04 -7.09 132.02
N GLU R 345 48.20 -6.64 132.50
CA GLU R 345 49.07 -5.81 131.69
C GLU R 345 49.53 -6.53 130.43
N GLY R 346 49.93 -7.79 130.58
CA GLY R 346 50.44 -8.56 129.47
C GLY R 346 51.95 -8.58 129.40
N SER R 347 52.59 -8.83 130.54
CA SER R 347 54.04 -8.91 130.58
C SER R 347 54.53 -10.10 129.75
N GLY R 348 55.85 -10.20 129.63
CA GLY R 348 56.44 -11.27 128.86
C GLY R 348 56.38 -12.63 129.53
N ASP R 349 57.28 -13.53 129.13
CA ASP R 349 57.44 -14.85 129.74
C ASP R 349 56.20 -15.72 129.58
N GLN R 350 55.86 -15.99 128.31
CA GLN R 350 54.97 -17.10 127.97
C GLN R 350 53.57 -17.01 128.56
N ILE R 351 52.78 -16.04 128.12
CA ILE R 351 51.36 -16.04 128.46
C ILE R 351 50.64 -17.10 127.63
N ASP R 352 49.70 -17.80 128.25
CA ASP R 352 49.05 -18.94 127.62
C ASP R 352 48.24 -18.52 126.39
N THR R 353 48.20 -19.41 125.40
CA THR R 353 47.48 -19.17 124.16
C THR R 353 46.25 -20.06 124.00
N TYR R 354 45.83 -20.75 125.07
CA TYR R 354 44.77 -21.74 124.93
C TYR R 354 43.41 -21.06 124.77
N GLU R 355 43.05 -20.17 125.69
CA GLU R 355 41.74 -19.56 125.70
C GLU R 355 41.86 -18.06 125.49
N LEU R 356 40.74 -17.35 125.64
CA LEU R 356 40.77 -15.90 125.65
C LEU R 356 41.59 -15.40 126.83
N SER R 357 41.79 -16.26 127.83
CA SER R 357 42.95 -16.25 128.73
C SER R 357 43.07 -14.93 129.50
N GLY R 358 42.10 -14.72 130.39
CA GLY R 358 42.30 -13.77 131.46
C GLY R 358 41.48 -12.51 131.29
N GLY R 359 41.41 -11.75 132.37
CA GLY R 359 40.57 -10.57 132.38
C GLY R 359 40.98 -9.52 131.37
N ALA R 360 42.28 -9.45 131.06
CA ALA R 360 42.79 -8.34 130.26
C ALA R 360 41.98 -8.13 129.00
N ARG R 361 41.76 -9.20 128.24
CA ARG R 361 40.99 -9.05 127.00
C ARG R 361 39.49 -9.13 127.26
N ILE R 362 39.06 -9.83 128.32
CA ILE R 362 37.67 -9.69 128.76
C ILE R 362 37.40 -8.26 129.21
N ASN R 363 38.34 -7.68 129.95
CA ASN R 363 38.22 -6.28 130.34
C ASN R 363 38.19 -5.38 129.11
N ARG R 364 39.04 -5.67 128.11
CA ARG R 364 38.91 -4.94 126.86
C ARG R 364 37.58 -5.13 126.16
N ILE R 365 37.04 -6.34 126.11
CA ILE R 365 35.80 -6.50 125.38
C ILE R 365 34.71 -5.71 126.09
N PHE R 366 34.86 -5.52 127.40
CA PHE R 366 33.99 -4.58 128.11
C PHE R 366 34.22 -3.15 127.64
N HIS R 367 35.47 -2.69 127.63
CA HIS R 367 35.76 -1.31 127.22
C HIS R 367 35.41 -1.03 125.77
N GLU R 368 35.21 -2.06 124.96
CA GLU R 368 34.86 -1.85 123.55
C GLU R 368 33.53 -2.49 123.16
N ARG R 369 32.74 -2.95 124.13
CA ARG R 369 31.32 -3.27 123.93
C ARG R 369 30.40 -2.31 124.65
N PHE R 370 30.87 -1.67 125.71
CA PHE R 370 30.16 -0.59 126.37
C PHE R 370 29.80 0.52 125.39
N PRO R 371 30.66 0.87 124.40
CA PRO R 371 30.20 1.75 123.33
C PRO R 371 29.11 1.17 122.43
N PHE R 372 28.65 -0.06 122.71
CA PHE R 372 27.40 -0.53 122.14
C PHE R 372 26.25 -0.42 123.12
N GLU R 373 26.51 -0.60 124.42
CA GLU R 373 25.47 -0.41 125.42
C GLU R 373 25.06 1.05 125.53
N LEU R 374 25.96 1.98 125.19
CA LEU R 374 25.56 3.39 125.13
C LEU R 374 24.61 3.63 123.97
N VAL R 375 24.93 3.10 122.79
CA VAL R 375 24.10 3.34 121.62
C VAL R 375 22.75 2.67 121.76
N LYS R 376 22.72 1.44 122.27
CA LYS R 376 21.49 0.64 122.23
C LYS R 376 20.40 1.24 123.11
N MET R 377 20.73 1.53 124.37
CA MET R 377 19.70 1.81 125.35
C MET R 377 19.00 3.15 125.12
N GLU R 378 19.72 4.15 124.63
CA GLU R 378 19.20 5.51 124.55
C GLU R 378 18.64 5.79 123.17
N PHE R 379 17.37 6.21 123.13
CA PHE R 379 16.69 6.58 121.90
C PHE R 379 15.34 7.19 122.22
N ASP R 380 14.93 8.16 121.39
CA ASP R 380 13.55 8.63 121.30
C ASP R 380 13.47 9.56 120.09
N GLU R 381 12.25 9.69 119.56
CA GLU R 381 12.04 10.54 118.39
C GLU R 381 10.55 10.86 118.29
N LYS R 382 10.27 12.02 117.69
CA LYS R 382 8.92 12.49 117.40
C LYS R 382 8.13 12.83 118.65
N GLU R 383 8.72 12.60 119.82
CA GLU R 383 8.28 13.20 121.06
C GLU R 383 9.17 14.37 121.46
N LEU R 384 10.47 14.24 121.17
CA LEU R 384 11.36 15.38 121.32
C LEU R 384 10.96 16.51 120.40
N ARG R 385 10.33 16.22 119.27
CA ARG R 385 9.81 17.27 118.41
C ARG R 385 8.79 18.12 119.16
N ARG R 386 7.84 17.47 119.84
CA ARG R 386 6.84 18.19 120.62
C ARG R 386 7.48 18.95 121.76
N GLU R 387 8.43 18.31 122.46
CA GLU R 387 9.09 18.98 123.57
C GLU R 387 9.85 20.21 123.11
N ILE R 388 10.55 20.11 121.99
CA ILE R 388 11.28 21.24 121.44
C ILE R 388 10.32 22.34 121.01
N SER R 389 9.20 21.97 120.37
CA SER R 389 8.22 22.97 119.98
C SER R 389 7.74 23.77 121.19
N TYR R 390 7.42 23.07 122.27
CA TYR R 390 6.94 23.76 123.47
C TYR R 390 8.05 24.60 124.11
N ALA R 391 9.29 24.12 124.10
CA ALA R 391 10.39 24.91 124.63
C ALA R 391 10.58 26.19 123.83
N ILE R 392 10.49 26.09 122.50
CA ILE R 392 10.61 27.28 121.66
C ILE R 392 9.49 28.26 121.98
N LYS R 393 8.26 27.76 122.07
CA LYS R 393 7.12 28.62 122.33
C LYS R 393 7.03 29.10 123.76
N ASN R 394 7.91 28.63 124.65
CA ASN R 394 7.84 29.08 126.04
C ASN R 394 9.06 29.85 126.53
N ILE R 395 10.24 29.69 125.93
CA ILE R 395 11.41 30.39 126.49
C ILE R 395 11.57 31.80 125.94
N HIS R 396 10.86 32.16 124.88
CA HIS R 396 10.66 33.57 124.57
C HIS R 396 9.17 33.80 124.68
N GLY R 397 8.61 33.33 125.80
CA GLY R 397 7.20 33.00 125.86
C GLY R 397 6.24 34.15 125.67
N ILE R 398 6.63 35.36 126.06
CA ILE R 398 5.67 36.47 125.97
C ILE R 398 5.75 37.22 124.65
N ARG R 399 6.88 37.15 123.93
CA ARG R 399 7.13 38.01 122.80
C ARG R 399 7.55 37.20 121.59
N THR R 400 7.14 37.66 120.41
CA THR R 400 7.43 36.95 119.17
C THR R 400 8.94 36.77 118.97
N GLY R 401 9.41 35.54 119.11
CA GLY R 401 10.82 35.26 118.92
C GLY R 401 11.16 35.20 117.45
N LEU R 402 11.94 36.17 116.99
CA LEU R 402 12.35 36.24 115.60
C LEU R 402 13.67 35.55 115.35
N PHE R 403 14.23 34.90 116.37
CA PHE R 403 15.45 34.11 116.26
C PHE R 403 15.26 32.82 117.02
N THR R 404 15.78 31.73 116.49
CA THR R 404 15.62 30.43 117.13
C THR R 404 16.32 30.46 118.48
N PRO R 405 15.61 30.23 119.58
CA PRO R 405 16.21 30.42 120.90
C PRO R 405 17.13 29.26 121.28
N ASP R 406 17.82 29.46 122.40
CA ASP R 406 19.02 28.70 122.75
C ASP R 406 18.86 27.84 123.99
N MET R 407 18.18 28.36 125.01
CA MET R 407 17.92 27.57 126.20
C MET R 407 17.12 26.32 125.88
N ALA R 408 16.40 26.30 124.76
CA ALA R 408 15.71 25.07 124.36
C ALA R 408 16.70 23.99 123.97
N PHE R 409 17.69 24.35 123.15
CA PHE R 409 18.77 23.40 122.83
C PHE R 409 19.46 22.94 124.10
N GLU R 410 19.76 23.88 125.00
CA GLU R 410 20.42 23.52 126.24
C GLU R 410 19.57 22.53 127.05
N THR R 411 18.27 22.80 127.14
CA THR R 411 17.38 21.94 127.91
C THR R 411 17.25 20.55 127.30
N ILE R 412 17.17 20.45 125.97
CA ILE R 412 17.07 19.14 125.34
C ILE R 412 18.33 18.33 125.57
N VAL R 413 19.50 18.93 125.30
CA VAL R 413 20.73 18.16 125.46
C VAL R 413 20.97 17.81 126.93
N LYS R 414 20.60 18.71 127.84
CA LYS R 414 20.78 18.41 129.26
C LYS R 414 19.82 17.31 129.71
N LYS R 415 18.61 17.27 129.16
CA LYS R 415 17.66 16.22 129.47
C LYS R 415 18.07 14.89 128.83
N GLN R 416 18.90 14.92 127.80
CA GLN R 416 19.31 13.69 127.14
C GLN R 416 20.65 13.14 127.61
N VAL R 417 21.55 13.98 128.13
CA VAL R 417 22.86 13.49 128.56
C VAL R 417 22.82 13.11 130.04
N LYS R 418 21.63 13.03 130.62
CA LYS R 418 21.51 12.55 131.99
C LYS R 418 21.08 11.10 132.08
N LYS R 419 20.73 10.47 130.96
CA LYS R 419 20.44 9.04 130.95
C LYS R 419 21.70 8.20 130.85
N ILE R 420 22.87 8.83 130.69
CA ILE R 420 24.13 8.10 130.61
C ILE R 420 24.53 7.52 131.96
N ARG R 421 23.90 7.96 133.04
CA ARG R 421 24.30 7.49 134.37
C ARG R 421 24.13 5.99 134.53
N GLU R 422 23.21 5.37 133.81
CA GLU R 422 23.02 3.93 133.95
C GLU R 422 24.11 3.14 133.21
N PRO R 423 24.33 3.36 131.90
CA PRO R 423 25.33 2.55 131.20
C PRO R 423 26.72 2.62 131.79
N CYS R 424 27.14 3.80 132.26
CA CYS R 424 28.49 3.93 132.80
C CYS R 424 28.64 3.14 134.10
N LEU R 425 27.66 3.22 134.99
CA LEU R 425 27.72 2.44 136.22
C LEU R 425 27.66 0.95 135.93
N LYS R 426 26.86 0.56 134.93
CA LYS R 426 26.82 -0.84 134.54
C LYS R 426 28.19 -1.31 134.04
N CYS R 427 28.86 -0.47 133.25
CA CYS R 427 30.20 -0.81 132.77
C CYS R 427 31.17 -0.96 133.93
N VAL R 428 31.12 -0.03 134.89
CA VAL R 428 32.02 -0.10 136.04
C VAL R 428 31.80 -1.38 136.82
N ASP R 429 30.55 -1.73 137.09
CA ASP R 429 30.29 -2.96 137.84
C ASP R 429 30.68 -4.20 137.06
N MET R 430 30.50 -4.19 135.73
CA MET R 430 30.88 -5.33 134.92
C MET R 430 32.40 -5.53 134.95
N VAL R 431 33.16 -4.44 134.83
CA VAL R 431 34.61 -4.51 134.94
C VAL R 431 35.02 -4.99 136.32
N ILE R 432 34.32 -4.53 137.36
CA ILE R 432 34.62 -5.00 138.71
C ILE R 432 34.45 -6.51 138.79
N SER R 433 33.36 -7.02 138.22
CA SER R 433 33.12 -8.47 138.26
C SER R 433 34.23 -9.24 137.57
N GLU R 434 34.61 -8.80 136.36
CA GLU R 434 35.63 -9.58 135.66
C GLU R 434 36.98 -9.48 136.36
N LEU R 435 37.27 -8.33 136.98
CA LEU R 435 38.56 -8.16 137.64
C LEU R 435 38.62 -8.92 138.96
N ILE R 436 37.50 -9.16 139.61
CA ILE R 436 37.51 -10.06 140.76
C ILE R 436 37.66 -11.51 140.29
N SER R 437 37.03 -11.85 139.16
CA SER R 437 37.21 -13.19 138.62
C SER R 437 38.68 -13.44 138.27
N THR R 438 39.35 -12.44 137.72
CA THR R 438 40.76 -12.58 137.38
C THR R 438 41.61 -12.81 138.63
N VAL R 439 41.33 -12.08 139.71
CA VAL R 439 42.08 -12.29 140.94
C VAL R 439 41.88 -13.70 141.46
N ARG R 440 40.64 -14.20 141.46
CA ARG R 440 40.43 -15.57 141.92
C ARG R 440 41.14 -16.57 141.00
N GLN R 441 41.09 -16.33 139.69
CA GLN R 441 41.69 -17.25 138.74
C GLN R 441 43.20 -17.31 138.88
N CYS R 442 43.84 -16.16 139.14
CA CYS R 442 45.28 -16.10 139.26
C CYS R 442 45.76 -16.27 140.70
N THR R 443 44.84 -16.49 141.64
CA THR R 443 45.21 -17.01 142.95
C THR R 443 44.98 -18.51 143.08
N LYS R 444 44.14 -19.10 142.23
CA LYS R 444 43.90 -20.54 142.28
C LYS R 444 45.20 -21.33 142.28
N LYS R 445 46.20 -20.91 141.50
CA LYS R 445 47.46 -21.63 141.44
C LYS R 445 48.30 -21.48 142.69
N LEU R 446 47.81 -20.85 143.74
CA LEU R 446 48.53 -20.73 144.99
C LEU R 446 48.08 -21.80 145.99
N GLN R 447 47.31 -22.78 145.53
CA GLN R 447 46.75 -23.82 146.37
C GLN R 447 47.81 -24.66 147.08
N GLN R 448 49.08 -24.38 146.82
CA GLN R 448 50.15 -25.04 147.58
C GLN R 448 50.00 -24.79 149.06
N TYR R 449 49.80 -23.54 149.45
CA TYR R 449 49.50 -23.21 150.83
C TYR R 449 48.03 -22.83 150.95
N PRO R 450 47.20 -23.60 151.66
CA PRO R 450 45.89 -23.09 152.05
C PRO R 450 46.05 -22.08 153.18
N ARG R 451 44.96 -21.41 153.50
CA ARG R 451 44.87 -20.41 154.56
C ARG R 451 45.67 -19.15 154.24
N LEU R 452 46.38 -19.12 153.11
CA LEU R 452 47.00 -17.90 152.62
C LEU R 452 46.37 -17.40 151.33
N ARG R 453 45.91 -18.30 150.47
CA ARG R 453 45.09 -17.88 149.34
C ARG R 453 43.83 -17.19 149.81
N GLU R 454 43.23 -17.69 150.89
CA GLU R 454 42.05 -17.06 151.45
C GLU R 454 42.34 -15.63 151.88
N GLU R 455 43.45 -15.43 152.62
CA GLU R 455 43.81 -14.09 153.05
C GLU R 455 44.10 -13.18 151.86
N MET R 456 44.84 -13.68 150.87
CA MET R 456 45.21 -12.85 149.73
C MET R 456 43.98 -12.42 148.94
N GLU R 457 43.07 -13.35 148.68
CA GLU R 457 41.83 -13.00 148.00
C GLU R 457 41.00 -12.04 148.83
N ARG R 458 40.88 -12.31 150.13
CA ARG R 458 40.11 -11.46 151.04
C ARG R 458 40.66 -10.06 151.15
N ILE R 459 41.95 -9.87 150.91
CA ILE R 459 42.52 -8.53 150.95
C ILE R 459 42.37 -7.83 149.61
N VAL R 460 42.72 -8.50 148.51
CA VAL R 460 42.65 -7.85 147.21
C VAL R 460 41.21 -7.51 146.84
N THR R 461 40.28 -8.44 147.09
CA THR R 461 38.88 -8.18 146.73
C THR R 461 38.30 -7.06 147.59
N THR R 462 38.65 -7.02 148.87
CA THR R 462 38.18 -5.91 149.70
C THR R 462 38.76 -4.59 149.20
N HIS R 463 40.01 -4.58 148.76
CA HIS R 463 40.56 -3.35 148.19
C HIS R 463 39.80 -2.92 146.94
N ILE R 464 39.48 -3.88 146.07
CA ILE R 464 38.75 -3.54 144.85
C ILE R 464 37.36 -3.01 145.19
N ARG R 465 36.70 -3.60 146.17
CA ARG R 465 35.40 -3.09 146.58
C ARG R 465 35.51 -1.70 147.21
N GLU R 466 36.54 -1.47 148.02
CA GLU R 466 36.75 -0.15 148.59
C GLU R 466 37.10 0.89 147.53
N ARG R 467 37.55 0.45 146.36
CA ARG R 467 37.85 1.35 145.26
C ARG R 467 36.66 1.56 144.32
N GLU R 468 35.69 0.63 144.30
CA GLU R 468 34.56 0.80 143.41
C GLU R 468 33.76 2.05 143.75
N GLY R 469 33.67 2.38 145.05
CA GLY R 469 32.96 3.59 145.42
C GLY R 469 33.56 4.84 144.82
N ARG R 470 34.89 4.97 144.92
CA ARG R 470 35.56 6.14 144.37
C ARG R 470 35.43 6.19 142.86
N THR R 471 35.59 5.04 142.18
CA THR R 471 35.52 5.11 140.73
C THR R 471 34.10 5.41 140.25
N LYS R 472 33.09 4.88 140.93
CA LYS R 472 31.71 5.22 140.56
C LYS R 472 31.43 6.68 140.83
N GLU R 473 31.96 7.23 141.93
CA GLU R 473 31.78 8.65 142.22
C GLU R 473 32.37 9.50 141.12
N GLN R 474 33.59 9.19 140.69
CA GLN R 474 34.20 9.96 139.61
C GLN R 474 33.46 9.77 138.30
N VAL R 475 32.93 8.57 138.05
CA VAL R 475 32.18 8.32 136.84
C VAL R 475 30.93 9.19 136.80
N MET R 476 30.20 9.26 137.90
CA MET R 476 29.04 10.14 137.97
C MET R 476 29.44 11.60 137.79
N LEU R 477 30.53 12.00 138.45
CA LEU R 477 30.93 13.40 138.42
C LEU R 477 31.38 13.83 137.02
N LEU R 478 31.93 12.92 136.22
CA LEU R 478 32.34 13.30 134.87
C LEU R 478 31.15 13.73 134.03
N ILE R 479 30.11 12.90 133.96
CA ILE R 479 28.93 13.27 133.19
C ILE R 479 28.20 14.44 133.85
N ASP R 480 28.23 14.51 135.17
CA ASP R 480 27.62 15.65 135.84
C ASP R 480 28.32 16.95 135.44
N ILE R 481 29.63 16.88 135.22
CA ILE R 481 30.35 18.01 134.63
C ILE R 481 29.87 18.26 133.21
N GLU R 482 29.69 17.19 132.44
CA GLU R 482 29.22 17.34 131.07
C GLU R 482 27.87 18.04 131.00
N LEU R 483 27.04 17.89 132.03
CA LEU R 483 25.76 18.58 132.10
C LEU R 483 25.88 20.05 132.48
N ALA R 484 27.05 20.67 132.35
CA ALA R 484 27.20 22.04 132.84
C ALA R 484 27.28 23.10 131.76
N TYR R 485 28.02 22.88 130.69
CA TYR R 485 28.38 23.98 129.81
C TYR R 485 27.84 23.89 128.40
N MET R 486 27.74 22.69 127.82
CA MET R 486 27.23 22.50 126.47
C MET R 486 28.04 23.31 125.46
N ASN R 487 29.33 22.96 125.35
CA ASN R 487 30.24 23.68 124.48
C ASN R 487 29.79 23.55 123.03
N THR R 488 29.91 24.65 122.28
CA THR R 488 29.48 24.66 120.89
C THR R 488 30.54 25.30 120.00
N ASN R 489 31.66 25.71 120.55
CA ASN R 489 32.78 26.18 119.73
C ASN R 489 33.78 25.04 119.52
N HIS R 490 33.35 23.81 119.74
CA HIS R 490 34.11 22.62 119.39
C HIS R 490 33.98 22.41 117.87
N GLU R 491 34.42 21.25 117.39
CA GLU R 491 34.19 21.00 115.96
C GLU R 491 32.72 20.74 115.63
N ASP R 492 31.81 20.89 116.60
CA ASP R 492 30.39 20.94 116.31
C ASP R 492 30.12 22.02 115.28
N PHE R 493 29.44 21.65 114.20
CA PHE R 493 29.17 22.60 113.12
C PHE R 493 28.15 23.63 113.55
N ILE R 494 28.28 24.83 113.01
CA ILE R 494 27.37 25.93 113.32
C ILE R 494 25.96 25.61 112.83
N PRO R 653 4.39 26.03 110.24
CA PRO R 653 4.81 27.43 110.41
C PRO R 653 6.33 27.57 110.39
N GLN R 654 6.84 28.44 111.26
CA GLN R 654 8.27 28.53 111.52
C GLN R 654 8.73 27.53 112.56
N LEU R 655 7.78 26.92 113.29
CA LEU R 655 8.13 25.95 114.32
C LEU R 655 8.81 24.73 113.73
N GLU R 656 8.33 24.25 112.59
CA GLU R 656 8.94 23.05 112.01
C GLU R 656 10.39 23.30 111.60
N ARG R 657 10.67 24.46 110.99
CA ARG R 657 12.05 24.77 110.64
C ARG R 657 12.91 24.97 111.88
N GLN R 658 12.38 25.63 112.91
CA GLN R 658 13.12 25.79 114.14
C GLN R 658 13.44 24.45 114.80
N VAL R 659 12.46 23.55 114.83
CA VAL R 659 12.67 22.25 115.46
C VAL R 659 13.64 21.41 114.65
N GLU R 660 13.56 21.48 113.32
CA GLU R 660 14.55 20.76 112.51
C GLU R 660 15.96 21.28 112.75
N THR R 661 16.11 22.60 112.84
CA THR R 661 17.43 23.15 113.12
C THR R 661 17.90 22.76 114.52
N ILE R 662 16.98 22.65 115.47
CA ILE R 662 17.38 22.25 116.82
C ILE R 662 17.78 20.78 116.85
N ARG R 663 17.07 19.92 116.11
CA ARG R 663 17.39 18.50 116.09
C ARG R 663 18.72 18.25 115.39
N ASN R 664 18.98 18.94 114.27
CA ASN R 664 20.24 18.75 113.58
C ASN R 664 21.43 19.15 114.43
N LEU R 665 21.22 19.94 115.48
CA LEU R 665 22.28 20.30 116.41
C LEU R 665 22.30 19.38 117.62
N VAL R 666 21.13 18.96 118.09
CA VAL R 666 21.06 18.06 119.23
C VAL R 666 21.70 16.74 118.90
N ASP R 667 21.46 16.22 117.70
CA ASP R 667 22.09 14.96 117.29
C ASP R 667 23.61 15.10 117.25
N SER R 668 24.11 16.21 116.70
CA SER R 668 25.55 16.41 116.62
C SER R 668 26.16 16.47 118.02
N TYR R 669 25.54 17.23 118.93
CA TYR R 669 26.12 17.34 120.25
C TYR R 669 25.98 16.04 121.04
N MET R 670 24.92 15.26 120.76
CA MET R 670 24.82 13.93 121.34
C MET R 670 25.99 13.06 120.90
N ALA R 671 26.32 13.11 119.61
CA ALA R 671 27.47 12.35 119.13
C ALA R 671 28.76 12.83 119.77
N ILE R 672 28.92 14.15 119.91
CA ILE R 672 30.19 14.68 120.42
C ILE R 672 30.33 14.49 121.92
N VAL R 673 29.23 14.36 122.66
CA VAL R 673 29.34 13.99 124.06
C VAL R 673 29.48 12.48 124.21
N ASN R 674 28.92 11.70 123.29
CA ASN R 674 29.16 10.26 123.32
C ASN R 674 30.63 9.95 123.08
N LYS R 675 31.26 10.64 122.14
CA LYS R 675 32.68 10.44 121.90
C LYS R 675 33.50 10.73 123.15
N THR R 676 33.20 11.84 123.82
CA THR R 676 33.97 12.27 124.97
C THR R 676 33.72 11.41 126.20
N VAL R 677 32.53 10.83 126.35
CA VAL R 677 32.32 9.90 127.46
C VAL R 677 32.87 8.52 127.12
N ARG R 678 32.88 8.14 125.84
CA ARG R 678 33.45 6.88 125.42
C ARG R 678 34.96 6.86 125.53
N ASP R 679 35.61 7.99 125.34
CA ASP R 679 37.06 8.06 125.48
C ASP R 679 37.51 8.21 126.93
N LEU R 680 36.60 8.56 127.85
CA LEU R 680 36.98 8.79 129.23
C LEU R 680 36.27 7.86 130.21
N MET R 681 35.48 6.92 129.75
CA MET R 681 35.00 5.90 130.68
C MET R 681 36.08 4.85 130.95
N PRO R 682 36.78 4.31 129.92
CA PRO R 682 37.91 3.43 130.20
C PRO R 682 38.94 4.10 131.09
N LYS R 683 39.45 5.24 130.66
CA LYS R 683 40.50 5.93 131.40
C LYS R 683 40.07 6.20 132.83
N THR R 684 38.80 6.59 133.02
CA THR R 684 38.30 6.84 134.38
C THR R 684 38.33 5.58 135.22
N ILE R 685 37.88 4.46 134.65
CA ILE R 685 37.85 3.22 135.44
C ILE R 685 39.26 2.80 135.84
N MET R 686 40.17 2.80 134.88
CA MET R 686 41.48 2.19 135.11
C MET R 686 42.38 3.05 135.97
N HIS R 687 42.36 4.36 135.77
CA HIS R 687 43.18 5.23 136.62
C HIS R 687 42.79 5.14 138.08
N LEU R 688 41.55 4.74 138.35
CA LEU R 688 41.08 4.60 139.73
C LEU R 688 41.08 3.16 140.20
N MET R 689 40.72 2.22 139.33
CA MET R 689 40.57 0.82 139.73
C MET R 689 41.81 -0.01 139.43
N ILE R 690 42.23 -0.08 138.17
CA ILE R 690 43.21 -1.07 137.76
C ILE R 690 44.62 -0.56 138.01
N ASN R 691 44.93 0.63 137.49
CA ASN R 691 46.26 1.18 137.74
C ASN R 691 46.44 1.65 139.17
N ASN R 692 45.48 1.35 140.04
CA ASN R 692 45.65 1.50 141.47
C ASN R 692 45.69 0.19 142.22
N THR R 693 44.89 -0.80 141.80
CA THR R 693 45.02 -2.12 142.41
C THR R 693 46.35 -2.75 142.05
N LYS R 694 46.90 -2.43 140.87
CA LYS R 694 48.21 -2.92 140.49
C LYS R 694 49.28 -2.39 141.44
N GLU R 695 49.24 -1.10 141.75
CA GLU R 695 50.19 -0.52 142.69
C GLU R 695 49.94 -1.03 144.11
N PHE R 696 48.68 -1.29 144.46
CA PHE R 696 48.42 -1.92 145.75
C PHE R 696 49.08 -3.29 145.84
N ILE R 697 48.97 -4.08 144.78
CA ILE R 697 49.60 -5.39 144.74
C ILE R 697 51.11 -5.26 144.86
N PHE R 698 51.70 -4.36 144.08
CA PHE R 698 53.15 -4.24 144.03
C PHE R 698 53.75 -3.53 145.23
N SER R 699 52.95 -2.85 146.05
CA SER R 699 53.51 -2.11 147.18
C SER R 699 52.99 -2.57 148.52
N GLU R 700 51.67 -2.64 148.71
CA GLU R 700 51.08 -2.72 150.04
C GLU R 700 50.64 -4.13 150.44
N LEU R 701 50.52 -5.06 149.49
CA LEU R 701 50.04 -6.39 149.83
C LEU R 701 50.98 -7.08 150.81
N LEU R 702 52.29 -6.94 150.60
CA LEU R 702 53.27 -7.60 151.44
C LEU R 702 53.14 -7.13 152.89
N ALA R 703 52.95 -5.82 153.09
CA ALA R 703 52.83 -5.30 154.45
C ALA R 703 51.62 -5.91 155.17
N ASN R 704 50.47 -5.93 154.51
CA ASN R 704 49.27 -6.48 155.14
C ASN R 704 49.45 -7.95 155.46
N LEU R 705 49.98 -8.71 154.50
CA LEU R 705 50.14 -10.15 154.71
C LEU R 705 51.12 -10.44 155.84
N TYR R 706 52.23 -9.70 155.92
CA TYR R 706 53.18 -9.96 156.99
C TYR R 706 52.69 -9.44 158.33
N SER R 707 51.85 -8.39 158.32
CA SER R 707 51.40 -7.78 159.57
C SER R 707 50.21 -8.51 160.19
N CYS R 708 49.42 -9.21 159.39
CA CYS R 708 48.31 -9.96 159.97
C CYS R 708 48.85 -11.04 160.90
N GLY R 709 48.10 -11.31 161.97
CA GLY R 709 48.61 -12.12 163.05
C GLY R 709 48.77 -13.58 162.70
N ASP R 710 49.48 -14.28 163.60
CA ASP R 710 49.69 -15.72 163.54
C ASP R 710 50.40 -16.12 162.24
N GLN R 711 51.64 -15.66 162.16
CA GLN R 711 52.52 -16.02 161.05
C GLN R 711 52.62 -17.53 160.88
N ASN R 712 52.63 -18.28 161.98
CA ASN R 712 52.78 -19.73 161.90
C ASN R 712 51.60 -20.39 161.19
N THR R 713 50.42 -19.77 161.24
CA THR R 713 49.25 -20.33 160.59
C THR R 713 48.90 -19.64 159.27
N LEU R 714 49.48 -18.48 158.98
CA LEU R 714 49.26 -17.90 157.67
C LEU R 714 49.84 -18.78 156.57
N MET R 715 50.98 -19.41 156.82
CA MET R 715 51.57 -20.39 155.92
C MET R 715 51.35 -21.77 156.52
N GLU R 716 50.24 -22.41 156.15
CA GLU R 716 50.00 -23.81 156.47
C GLU R 716 50.58 -24.68 155.37
N GLU R 717 51.47 -25.59 155.76
CA GLU R 717 51.87 -26.64 154.84
C GLU R 717 50.66 -27.49 154.49
N SER R 718 50.38 -27.60 153.20
CA SER R 718 49.33 -28.50 152.76
C SER R 718 49.84 -29.92 152.81
N ALA R 719 48.93 -30.86 153.10
CA ALA R 719 49.31 -32.26 153.15
C ALA R 719 49.96 -32.69 151.85
N GLU R 720 49.49 -32.16 150.72
CA GLU R 720 50.05 -32.53 149.43
C GLU R 720 51.53 -32.18 149.35
N GLN R 721 51.87 -30.93 149.63
CA GLN R 721 53.28 -30.55 149.47
C GLN R 721 54.14 -31.14 150.56
N ALA R 722 53.60 -31.32 151.77
CA ALA R 722 54.40 -31.90 152.84
C ALA R 722 54.72 -33.37 152.58
N GLN R 723 53.71 -34.15 152.17
CA GLN R 723 53.97 -35.54 151.82
C GLN R 723 54.88 -35.64 150.60
N ARG R 724 54.68 -34.76 149.62
CA ARG R 724 55.57 -34.78 148.45
C ARG R 724 57.00 -34.47 148.86
N ARG R 725 57.20 -33.50 149.75
CA ARG R 725 58.53 -33.13 150.18
C ARG R 725 59.22 -34.26 150.94
N ASP R 726 58.48 -34.90 151.87
CA ASP R 726 59.07 -36.01 152.60
C ASP R 726 59.39 -37.18 151.68
N GLU R 727 58.52 -37.45 150.70
CA GLU R 727 58.77 -38.55 149.78
C GLU R 727 59.95 -38.23 148.87
N MET R 728 60.12 -36.96 148.49
CA MET R 728 61.35 -36.54 147.81
C MET R 728 62.58 -36.82 148.66
N LEU R 729 62.52 -36.50 149.95
CA LEU R 729 63.67 -36.73 150.81
C LEU R 729 64.02 -38.22 150.87
N ARG R 730 63.00 -39.06 151.06
CA ARG R 730 63.24 -40.50 151.10
C ARG R 730 63.76 -41.02 149.77
N MET R 731 63.23 -40.48 148.66
CA MET R 731 63.69 -40.88 147.33
C MET R 731 65.14 -40.53 147.12
N TYR R 732 65.54 -39.32 147.55
CA TYR R 732 66.93 -38.91 147.41
C TYR R 732 67.85 -39.81 148.23
N HIS R 733 67.46 -40.14 149.46
CA HIS R 733 68.29 -41.03 150.27
C HIS R 733 68.38 -42.42 149.65
N ALA R 734 67.27 -42.94 149.12
CA ALA R 734 67.29 -44.25 148.49
C ALA R 734 68.18 -44.24 147.24
N LEU R 735 68.12 -43.17 146.45
CA LEU R 735 69.00 -43.07 145.28
C LEU R 735 70.46 -42.98 145.69
N LYS R 736 70.76 -42.27 146.78
CA LYS R 736 72.13 -42.23 147.28
C LYS R 736 72.61 -43.63 147.66
N GLU R 737 71.76 -44.39 148.34
CA GLU R 737 72.11 -45.77 148.69
C GLU R 737 72.31 -46.62 147.44
N ALA R 738 71.46 -46.44 146.43
CA ALA R 738 71.58 -47.22 145.21
C ALA R 738 72.89 -46.92 144.47
N LEU R 739 73.27 -45.65 144.40
CA LEU R 739 74.54 -45.32 143.77
C LEU R 739 75.74 -45.80 144.59
N SER R 740 75.63 -45.81 145.92
CA SER R 740 76.69 -46.41 146.72
C SER R 740 76.80 -47.90 146.45
N ILE R 741 75.66 -48.59 146.27
CA ILE R 741 75.70 -50.01 145.96
C ILE R 741 76.31 -50.26 144.59
N ILE R 742 75.97 -49.41 143.61
CA ILE R 742 76.62 -49.53 142.30
C ILE R 742 78.13 -49.34 142.43
N GLY R 743 78.55 -48.37 143.24
CA GLY R 743 79.97 -48.15 143.43
C GLY R 743 80.67 -49.36 144.04
N ASN R 744 80.06 -49.95 145.07
CA ASN R 744 80.68 -51.08 145.75
C ASN R 744 80.46 -52.42 145.06
N ILE R 745 79.65 -52.47 144.01
CA ILE R 745 79.47 -53.68 143.23
C ILE R 745 80.29 -53.66 141.95
N ASN R 746 80.37 -52.50 141.27
CA ASN R 746 81.15 -52.40 140.05
C ASN R 746 82.63 -52.71 140.29
N THR R 747 83.10 -52.55 141.53
CA THR R 747 84.47 -52.88 141.88
C THR R 747 84.65 -54.38 142.05
N ILE S 10 72.48 -118.61 91.58
CA ILE S 10 72.51 -117.27 91.01
C ILE S 10 71.12 -116.88 90.53
N PRO S 11 70.75 -115.61 90.70
CA PRO S 11 69.38 -115.20 90.36
C PRO S 11 69.07 -115.31 88.88
N LEU S 12 67.81 -115.67 88.60
CA LEU S 12 67.37 -115.86 87.23
C LEU S 12 67.36 -114.55 86.45
N VAL S 13 67.18 -113.41 87.12
CA VAL S 13 67.29 -112.14 86.42
C VAL S 13 68.73 -111.91 85.95
N ASN S 14 69.72 -112.26 86.79
CA ASN S 14 71.10 -112.22 86.34
C ASN S 14 71.34 -113.17 85.18
N ARG S 15 70.78 -114.38 85.23
CA ARG S 15 70.98 -115.31 84.13
C ARG S 15 70.34 -114.79 82.84
N LEU S 16 69.16 -114.17 82.97
CA LEU S 16 68.51 -113.58 81.81
C LEU S 16 69.34 -112.45 81.22
N GLN S 17 69.93 -111.61 82.08
CA GLN S 17 70.80 -110.55 81.58
C GLN S 17 72.04 -111.11 80.91
N ASP S 18 72.58 -112.21 81.45
CA ASP S 18 73.71 -112.88 80.81
C ASP S 18 73.32 -113.36 79.42
N ALA S 19 72.13 -113.97 79.30
CA ALA S 19 71.67 -114.43 77.99
C ALA S 19 71.46 -113.26 77.03
N PHE S 20 70.96 -112.13 77.54
CA PHE S 20 70.78 -110.96 76.70
C PHE S 20 72.11 -110.44 76.19
N SER S 21 73.12 -110.37 77.06
CA SER S 21 74.45 -109.98 76.61
C SER S 21 74.99 -110.97 75.59
N ALA S 22 74.72 -112.26 75.80
CA ALA S 22 75.19 -113.28 74.86
C ALA S 22 74.57 -113.08 73.47
N ILE S 23 73.25 -112.87 73.42
CA ILE S 23 72.63 -112.62 72.12
C ILE S 23 73.09 -111.28 71.56
N GLY S 24 73.58 -110.38 72.42
CA GLY S 24 74.21 -109.16 71.97
C GLY S 24 73.32 -108.14 71.30
N GLN S 25 72.06 -108.47 71.05
CA GLN S 25 71.14 -107.49 70.50
C GLN S 25 70.94 -106.35 71.49
N ASN S 26 70.72 -105.15 70.96
CA ASN S 26 70.66 -103.94 71.79
C ASN S 26 69.33 -103.88 72.54
N ALA S 27 69.10 -104.91 73.36
CA ALA S 27 67.93 -105.01 74.21
C ALA S 27 68.34 -104.98 75.67
N ASP S 28 67.41 -104.57 76.52
CA ASP S 28 67.67 -104.46 77.94
C ASP S 28 66.40 -104.78 78.71
N LEU S 29 66.57 -105.25 79.95
CA LEU S 29 65.42 -105.58 80.78
C LEU S 29 64.70 -104.35 81.29
N ASP S 30 65.29 -103.16 81.14
CA ASP S 30 64.67 -101.89 81.52
C ASP S 30 64.36 -101.84 83.02
N LEU S 31 65.39 -102.08 83.83
CA LEU S 31 65.24 -101.98 85.26
C LEU S 31 65.13 -100.52 85.68
N PRO S 32 64.44 -100.23 86.78
CA PRO S 32 64.45 -98.86 87.31
C PRO S 32 65.81 -98.53 87.92
N GLN S 33 66.13 -97.25 87.91
CA GLN S 33 67.38 -96.82 88.53
C GLN S 33 67.23 -96.83 90.05
N ILE S 34 68.37 -96.85 90.74
CA ILE S 34 68.42 -96.84 92.18
C ILE S 34 69.14 -95.58 92.63
N ALA S 35 68.60 -94.90 93.64
CA ALA S 35 69.25 -93.74 94.23
C ALA S 35 69.37 -93.96 95.71
N VAL S 36 70.58 -93.75 96.25
CA VAL S 36 70.82 -93.90 97.68
C VAL S 36 70.91 -92.50 98.28
N VAL S 37 70.07 -92.25 99.28
CA VAL S 37 69.98 -90.91 99.88
C VAL S 37 69.86 -91.05 101.38
N GLY S 38 70.29 -90.00 102.08
CA GLY S 38 70.25 -89.99 103.52
C GLY S 38 70.91 -88.73 104.07
N GLY S 39 71.11 -88.74 105.38
CA GLY S 39 71.81 -87.64 106.01
C GLY S 39 73.31 -87.75 105.84
N GLN S 40 73.99 -86.66 106.16
CA GLN S 40 75.45 -86.66 106.09
C GLN S 40 76.02 -87.63 107.11
N SER S 41 77.04 -88.38 106.70
CA SER S 41 77.69 -89.41 107.51
C SER S 41 76.73 -90.52 107.91
N ALA S 42 75.69 -90.77 107.12
CA ALA S 42 74.76 -91.86 107.41
C ALA S 42 75.41 -93.21 107.13
N GLY S 43 76.09 -93.34 105.99
CA GLY S 43 76.64 -94.61 105.56
C GLY S 43 76.21 -94.96 104.14
N LYS S 44 75.77 -93.95 103.40
CA LYS S 44 75.18 -94.17 102.08
C LYS S 44 76.18 -94.80 101.13
N SER S 45 77.37 -94.21 101.02
CA SER S 45 78.37 -94.73 100.09
C SER S 45 78.82 -96.13 100.48
N SER S 46 78.96 -96.38 101.79
CA SER S 46 79.37 -97.70 102.25
C SER S 46 78.33 -98.76 101.90
N VAL S 47 77.05 -98.45 102.13
CA VAL S 47 75.99 -99.38 101.74
C VAL S 47 76.00 -99.62 100.24
N LEU S 48 76.20 -98.56 99.45
CA LEU S 48 76.22 -98.72 98.01
C LEU S 48 77.36 -99.64 97.56
N GLU S 49 78.56 -99.44 98.11
CA GLU S 49 79.68 -100.26 97.67
C GLU S 49 79.53 -101.69 98.16
N ASN S 50 78.94 -101.89 99.34
CA ASN S 50 78.73 -103.26 99.81
C ASN S 50 77.68 -103.97 99.00
N PHE S 51 76.68 -103.23 98.50
CA PHE S 51 75.70 -103.83 97.58
C PHE S 51 76.35 -104.17 96.24
N VAL S 52 77.25 -103.31 95.76
CA VAL S 52 77.98 -103.63 94.54
C VAL S 52 78.82 -104.88 94.72
N GLY S 53 79.52 -104.97 95.85
CA GLY S 53 80.34 -106.11 96.18
C GLY S 53 81.83 -105.81 96.19
N ARG S 54 82.25 -104.67 95.65
CA ARG S 54 83.66 -104.34 95.50
C ARG S 54 83.90 -102.90 95.94
N ASP S 55 85.00 -102.69 96.64
CA ASP S 55 85.26 -101.44 97.35
C ASP S 55 85.94 -100.44 96.42
N PHE S 56 85.16 -99.50 95.88
CA PHE S 56 85.69 -98.49 94.98
C PHE S 56 85.05 -97.13 95.21
N LEU S 57 84.64 -96.84 96.43
CA LEU S 57 83.95 -95.58 96.71
C LEU S 57 84.62 -94.85 97.86
N PRO S 58 84.63 -93.51 97.81
CA PRO S 58 85.24 -92.72 98.89
C PRO S 58 84.41 -92.82 100.16
N ARG S 59 85.04 -93.25 101.25
CA ARG S 59 84.36 -93.46 102.52
C ARG S 59 85.25 -92.96 103.65
N GLY S 60 84.79 -91.94 104.36
CA GLY S 60 85.52 -91.42 105.51
C GLY S 60 84.63 -90.53 106.34
N SER S 61 85.16 -90.13 107.49
CA SER S 61 84.43 -89.22 108.36
C SER S 61 84.37 -87.83 107.75
N GLY S 62 83.36 -87.07 108.15
CA GLY S 62 83.16 -85.75 107.59
C GLY S 62 82.41 -85.83 106.27
N ILE S 63 82.53 -84.76 105.50
CA ILE S 63 81.92 -84.70 104.17
C ILE S 63 82.86 -85.39 103.19
N VAL S 64 82.36 -86.43 102.54
CA VAL S 64 83.19 -87.24 101.64
C VAL S 64 82.53 -87.31 100.26
N THR S 65 81.32 -87.87 100.21
CA THR S 65 80.59 -88.00 98.94
C THR S 65 80.04 -86.63 98.58
N ARG S 66 80.90 -85.81 97.97
CA ARG S 66 80.60 -84.41 97.73
C ARG S 66 80.26 -84.12 96.26
N ARG S 67 79.85 -85.14 95.50
CA ARG S 67 79.47 -84.93 94.11
C ARG S 67 78.64 -86.11 93.64
N PRO S 68 77.54 -85.89 92.94
CA PRO S 68 76.64 -87.01 92.58
C PRO S 68 77.30 -87.99 91.64
N LEU S 69 77.51 -89.20 92.12
CA LEU S 69 78.16 -90.26 91.33
C LEU S 69 77.07 -91.10 90.67
N VAL S 70 77.00 -91.02 89.33
CA VAL S 70 76.05 -91.81 88.55
C VAL S 70 76.81 -93.05 88.10
N LEU S 71 76.71 -94.11 88.90
CA LEU S 71 77.25 -95.42 88.57
C LEU S 71 76.35 -96.14 87.59
N GLN S 72 76.95 -96.87 86.66
CA GLN S 72 76.22 -97.79 85.80
C GLN S 72 76.92 -99.14 85.84
N LEU S 73 76.36 -100.08 86.61
CA LEU S 73 76.82 -101.45 86.57
C LEU S 73 76.30 -102.11 85.30
N VAL S 74 77.19 -102.66 84.48
CA VAL S 74 76.83 -103.33 83.25
C VAL S 74 77.50 -104.69 83.20
N ASN S 75 77.04 -105.53 82.30
CA ASN S 75 77.49 -106.91 82.20
C ASN S 75 78.45 -107.06 81.02
N ALA S 76 79.55 -107.77 81.26
CA ALA S 76 80.54 -108.06 80.24
C ALA S 76 81.35 -109.26 80.67
N THR S 77 82.36 -109.60 79.88
CA THR S 77 83.14 -110.81 80.14
C THR S 77 83.93 -110.69 81.44
N THR S 78 84.68 -109.60 81.60
CA THR S 78 85.48 -109.39 82.79
C THR S 78 85.42 -107.93 83.21
N GLU S 79 85.85 -107.67 84.44
CA GLU S 79 85.53 -106.43 85.14
C GLU S 79 86.59 -105.35 84.93
N TYR S 80 86.12 -104.13 84.76
CA TYR S 80 86.95 -102.93 84.77
C TYR S 80 86.01 -101.75 85.00
N ALA S 81 86.54 -100.53 84.87
CA ALA S 81 85.73 -99.34 85.06
C ALA S 81 86.21 -98.25 84.12
N GLU S 82 85.26 -97.45 83.64
CA GLU S 82 85.57 -96.32 82.78
C GLU S 82 84.76 -95.10 83.18
N PHE S 83 85.41 -93.96 83.20
CA PHE S 83 84.75 -92.68 83.45
C PHE S 83 84.31 -92.09 82.12
N LEU S 84 83.84 -90.83 82.15
CA LEU S 84 83.56 -90.09 80.94
C LEU S 84 84.50 -88.91 80.76
N HIS S 85 85.65 -88.93 81.42
CA HIS S 85 86.69 -87.93 81.19
C HIS S 85 88.03 -88.55 80.82
N CYS S 86 88.37 -89.70 81.41
CA CYS S 86 89.55 -90.45 81.01
C CYS S 86 89.21 -91.41 79.88
N LYS S 87 88.71 -90.83 78.79
CA LYS S 87 88.22 -91.61 77.67
C LYS S 87 89.31 -92.50 77.10
N GLY S 88 88.98 -93.77 76.89
CA GLY S 88 89.93 -94.76 76.43
C GLY S 88 90.59 -95.53 77.55
N LYS S 89 90.87 -94.86 78.67
CA LYS S 89 91.51 -95.51 79.79
C LYS S 89 90.57 -96.53 80.43
N LYS S 90 91.15 -97.61 80.93
CA LYS S 90 90.41 -98.71 81.54
C LYS S 90 90.94 -98.93 82.95
N PHE S 91 90.40 -98.18 83.91
CA PHE S 91 90.77 -98.38 85.30
C PHE S 91 90.43 -99.79 85.73
N THR S 92 91.37 -100.43 86.39
CA THR S 92 91.20 -101.84 86.75
C THR S 92 91.36 -102.10 88.25
N ASP S 93 92.29 -101.42 88.92
CA ASP S 93 92.45 -101.58 90.35
C ASP S 93 91.69 -100.49 91.10
N PHE S 94 90.91 -100.92 92.08
CA PHE S 94 89.90 -100.06 92.68
C PHE S 94 90.49 -99.02 93.61
N GLU S 95 91.72 -99.23 94.11
CA GLU S 95 92.40 -98.14 94.78
C GLU S 95 92.62 -96.98 93.82
N GLU S 96 93.10 -97.28 92.61
CA GLU S 96 93.23 -96.24 91.59
C GLU S 96 91.87 -95.65 91.23
N VAL S 97 90.84 -96.49 91.17
CA VAL S 97 89.50 -95.97 90.84
C VAL S 97 89.05 -94.97 91.90
N ARG S 98 89.22 -95.30 93.17
CA ARG S 98 88.80 -94.41 94.25
C ARG S 98 89.61 -93.12 94.25
N LEU S 99 90.93 -93.23 94.04
CA LEU S 99 91.75 -92.03 93.99
C LEU S 99 91.34 -91.13 92.83
N GLU S 100 91.05 -91.71 91.67
CA GLU S 100 90.57 -90.93 90.55
C GLU S 100 89.24 -90.27 90.86
N ILE S 101 88.35 -90.99 91.56
CA ILE S 101 87.06 -90.41 91.92
C ILE S 101 87.25 -89.18 92.80
N GLU S 102 88.05 -89.30 93.85
CA GLU S 102 88.22 -88.18 94.77
C GLU S 102 88.94 -87.02 94.10
N ALA S 103 89.93 -87.32 93.25
CA ALA S 103 90.60 -86.25 92.50
C ALA S 103 89.64 -85.54 91.56
N GLU S 104 88.76 -86.30 90.90
CA GLU S 104 87.78 -85.69 90.01
C GLU S 104 86.81 -84.79 90.78
N THR S 105 86.38 -85.23 91.96
CA THR S 105 85.54 -84.39 92.80
C THR S 105 86.26 -83.10 93.17
N ASP S 106 87.53 -83.21 93.58
CA ASP S 106 88.26 -82.04 94.03
C ASP S 106 88.52 -81.06 92.89
N ARG S 107 88.75 -81.58 91.68
CA ARG S 107 89.13 -80.71 90.56
C ARG S 107 88.07 -79.69 90.20
N VAL S 108 86.82 -79.89 90.64
CA VAL S 108 85.75 -78.94 90.40
C VAL S 108 85.20 -78.36 91.70
N THR S 109 85.07 -79.18 92.74
CA THR S 109 84.49 -78.69 93.99
C THR S 109 85.48 -77.82 94.76
N GLY S 110 86.76 -78.19 94.77
CA GLY S 110 87.73 -77.56 95.62
C GLY S 110 88.06 -78.41 96.83
N THR S 111 89.07 -77.97 97.57
CA THR S 111 89.59 -78.70 98.72
C THR S 111 89.19 -78.05 100.04
N ASN S 112 87.99 -77.50 100.11
CA ASN S 112 87.48 -76.89 101.32
C ASN S 112 86.01 -77.28 101.54
N LYS S 113 85.72 -78.57 101.34
CA LYS S 113 84.42 -79.16 101.62
C LYS S 113 83.31 -78.58 100.75
N GLY S 114 83.65 -77.94 99.63
CA GLY S 114 82.64 -77.50 98.69
C GLY S 114 82.05 -78.68 97.93
N ILE S 115 80.87 -78.44 97.35
CA ILE S 115 80.18 -79.46 96.57
C ILE S 115 79.82 -78.89 95.20
N SER S 116 79.44 -79.78 94.29
CA SER S 116 79.08 -79.42 92.93
C SER S 116 78.01 -80.37 92.43
N PRO S 117 76.93 -79.85 91.85
CA PRO S 117 75.83 -80.72 91.40
C PRO S 117 76.10 -81.44 90.09
N VAL S 118 77.23 -81.19 89.43
CA VAL S 118 77.52 -81.80 88.13
C VAL S 118 77.86 -83.27 88.32
N PRO S 119 77.14 -84.18 87.67
CA PRO S 119 77.31 -85.61 87.96
C PRO S 119 78.61 -86.15 87.41
N ILE S 120 79.19 -87.07 88.18
CA ILE S 120 80.32 -87.88 87.72
C ILE S 120 79.76 -89.16 87.12
N ASN S 121 79.84 -89.30 85.80
CA ASN S 121 79.29 -90.46 85.12
C ASN S 121 80.35 -91.56 85.08
N LEU S 122 80.09 -92.65 85.78
CA LEU S 122 81.04 -93.76 85.86
C LEU S 122 80.34 -95.04 85.44
N ARG S 123 81.09 -95.95 84.82
CA ARG S 123 80.53 -97.22 84.39
C ARG S 123 81.46 -98.34 84.84
N VAL S 124 80.88 -99.40 85.41
CA VAL S 124 81.63 -100.57 85.85
C VAL S 124 81.13 -101.76 85.06
N TYR S 125 82.04 -102.67 84.72
CA TYR S 125 81.69 -103.90 84.03
C TYR S 125 81.88 -105.07 84.99
N SER S 126 80.99 -106.05 84.90
CA SER S 126 81.04 -107.19 85.80
C SER S 126 80.36 -108.37 85.11
N PRO S 127 80.74 -109.60 85.47
CA PRO S 127 80.19 -110.76 84.74
C PRO S 127 78.74 -111.08 85.08
N HIS S 128 78.28 -110.81 86.30
CA HIS S 128 76.96 -111.28 86.74
C HIS S 128 76.22 -110.17 87.46
N VAL S 129 76.13 -109.00 86.83
CA VAL S 129 75.33 -107.91 87.38
C VAL S 129 74.36 -107.43 86.31
N LEU S 130 73.27 -106.81 86.77
CA LEU S 130 72.29 -106.23 85.87
C LEU S 130 72.85 -104.96 85.23
N ASN S 131 72.18 -104.50 84.18
CA ASN S 131 72.44 -103.16 83.66
C ASN S 131 71.76 -102.12 84.54
N LEU S 132 72.26 -102.04 85.76
CA LEU S 132 71.66 -101.17 86.77
C LEU S 132 72.11 -99.72 86.55
N THR S 133 71.53 -98.82 87.32
CA THR S 133 71.90 -97.40 87.28
C THR S 133 71.86 -96.90 88.72
N LEU S 134 72.99 -96.96 89.40
CA LEU S 134 73.08 -96.54 90.79
C LEU S 134 73.41 -95.05 90.83
N VAL S 135 72.91 -94.37 91.85
CA VAL S 135 73.16 -92.95 92.03
C VAL S 135 73.52 -92.73 93.50
N ASP S 136 74.80 -92.44 93.76
CA ASP S 136 75.23 -92.01 95.07
C ASP S 136 75.17 -90.49 95.11
N LEU S 137 74.67 -89.95 96.22
CA LEU S 137 74.41 -88.54 96.36
C LEU S 137 75.02 -88.03 97.66
N PRO S 138 75.33 -86.74 97.74
CA PRO S 138 75.76 -86.17 99.01
C PRO S 138 74.65 -86.19 100.05
N GLY S 139 75.05 -86.26 101.31
CA GLY S 139 74.10 -86.22 102.39
C GLY S 139 73.50 -84.85 102.56
N MET S 140 72.44 -84.78 103.36
CA MET S 140 71.70 -83.54 103.56
C MET S 140 72.23 -82.81 104.78
N THR S 141 72.58 -81.54 104.60
CA THR S 141 73.10 -80.70 105.67
C THR S 141 72.31 -79.40 105.71
N LYS S 142 72.29 -78.77 106.88
CA LYS S 142 71.57 -77.52 107.06
C LYS S 142 72.48 -76.31 107.23
N VAL S 143 73.51 -76.41 108.05
CA VAL S 143 74.45 -75.32 108.28
C VAL S 143 75.63 -75.49 107.33
N PRO S 144 75.95 -74.48 106.51
CA PRO S 144 77.14 -74.59 105.66
C PRO S 144 78.40 -74.64 106.49
N VAL S 145 79.38 -75.40 105.99
CA VAL S 145 80.69 -75.53 106.62
C VAL S 145 81.74 -75.30 105.53
N GLY S 146 82.90 -74.79 105.96
CA GLY S 146 83.93 -74.47 104.99
C GLY S 146 83.51 -73.30 104.13
N ASP S 147 83.58 -73.48 102.81
CA ASP S 147 83.27 -72.42 101.86
C ASP S 147 81.96 -72.65 101.14
N GLN S 148 81.10 -73.52 101.65
CA GLN S 148 79.82 -73.76 101.01
C GLN S 148 78.96 -72.51 101.06
N PRO S 149 78.12 -72.29 100.05
CA PRO S 149 77.22 -71.14 100.07
C PRO S 149 76.21 -71.26 101.21
N PRO S 150 75.66 -70.13 101.67
CA PRO S 150 74.73 -70.18 102.81
C PRO S 150 73.49 -71.02 102.57
N ASP S 151 73.10 -71.25 101.31
CA ASP S 151 71.92 -72.04 100.97
C ASP S 151 72.28 -73.47 100.62
N ILE S 152 73.30 -74.03 101.28
CA ILE S 152 73.76 -75.37 100.98
C ILE S 152 72.66 -76.39 101.21
N GLU S 153 71.78 -76.13 102.18
CA GLU S 153 70.68 -77.06 102.43
C GLU S 153 69.77 -77.17 101.23
N PHE S 154 69.30 -76.04 100.71
CA PHE S 154 68.44 -76.05 99.54
C PHE S 154 69.18 -76.60 98.33
N GLN S 155 70.48 -76.29 98.22
CA GLN S 155 71.26 -76.78 97.09
C GLN S 155 71.28 -78.31 97.07
N ILE S 156 71.66 -78.93 98.19
CA ILE S 156 71.68 -80.38 98.25
C ILE S 156 70.26 -80.93 98.07
N ARG S 157 69.27 -80.28 98.69
CA ARG S 157 67.90 -80.78 98.62
C ARG S 157 67.42 -80.87 97.18
N ASP S 158 67.39 -79.74 96.46
CA ASP S 158 66.87 -79.81 95.10
C ASP S 158 67.81 -80.55 94.17
N MET S 159 69.11 -80.58 94.49
CA MET S 159 70.06 -81.33 93.67
C MET S 159 69.75 -82.81 93.69
N LEU S 160 69.42 -83.37 94.86
CA LEU S 160 69.03 -84.77 94.89
C LEU S 160 67.56 -84.98 94.56
N MET S 161 66.73 -83.95 94.70
CA MET S 161 65.34 -84.04 94.29
C MET S 161 65.23 -84.21 92.78
N GLN S 162 66.08 -83.50 92.03
CA GLN S 162 66.06 -83.63 90.58
C GLN S 162 66.42 -85.05 90.12
N PHE S 163 67.04 -85.85 90.98
CA PHE S 163 67.32 -87.24 90.67
C PHE S 163 66.31 -88.22 91.24
N VAL S 164 65.68 -87.89 92.37
CA VAL S 164 64.80 -88.85 93.04
C VAL S 164 63.36 -88.70 92.58
N THR S 165 62.92 -87.46 92.34
CA THR S 165 61.52 -87.22 92.05
C THR S 165 61.05 -87.88 90.76
N LYS S 166 61.96 -88.27 89.89
CA LYS S 166 61.57 -89.00 88.69
C LYS S 166 61.07 -90.40 89.07
N GLU S 167 60.17 -90.92 88.25
CA GLU S 167 59.62 -92.26 88.48
C GLU S 167 60.70 -93.29 88.15
N ASN S 168 60.37 -94.57 88.35
CA ASN S 168 61.28 -95.70 88.20
C ASN S 168 62.63 -95.41 88.84
N CYS S 169 62.59 -94.79 90.03
CA CYS S 169 63.79 -94.46 90.79
C CYS S 169 63.58 -95.00 92.20
N LEU S 170 64.00 -96.24 92.44
CA LEU S 170 63.95 -96.80 93.77
C LEU S 170 64.80 -95.96 94.71
N ILE S 171 64.36 -95.86 95.96
CA ILE S 171 65.02 -95.03 96.95
C ILE S 171 65.56 -95.92 98.05
N LEU S 172 66.83 -95.73 98.37
CA LEU S 172 67.45 -96.34 99.55
C LEU S 172 67.60 -95.24 100.59
N ALA S 173 66.66 -95.22 101.56
CA ALA S 173 66.67 -94.24 102.63
C ALA S 173 67.59 -94.76 103.73
N VAL S 174 68.78 -94.18 103.80
CA VAL S 174 69.80 -94.61 104.76
C VAL S 174 69.66 -93.76 106.01
N SER S 175 69.58 -94.42 107.16
CA SER S 175 69.54 -93.69 108.42
C SER S 175 70.44 -94.40 109.42
N PRO S 176 71.19 -93.65 110.22
CA PRO S 176 71.98 -94.28 111.28
C PRO S 176 71.09 -94.76 112.40
N ALA S 177 71.60 -95.69 113.18
CA ALA S 177 70.95 -96.13 114.39
C ALA S 177 71.35 -95.29 115.59
N ASN S 178 72.18 -94.27 115.38
CA ASN S 178 72.61 -93.42 116.48
C ASN S 178 71.56 -92.36 116.80
N SER S 179 71.26 -91.50 115.83
CA SER S 179 70.19 -90.53 116.02
C SER S 179 68.84 -91.24 116.07
N ASP S 180 67.91 -90.64 116.81
CA ASP S 180 66.55 -91.16 116.82
C ASP S 180 65.96 -91.10 115.42
N LEU S 181 65.18 -92.12 115.07
CA LEU S 181 64.71 -92.27 113.69
C LEU S 181 63.89 -91.07 113.26
N ALA S 182 63.28 -90.35 114.21
CA ALA S 182 62.43 -89.22 113.88
C ALA S 182 63.17 -88.11 113.16
N ASN S 183 64.49 -88.06 113.26
CA ASN S 183 65.28 -87.01 112.63
C ASN S 183 65.72 -87.34 111.22
N SER S 184 65.30 -88.48 110.67
CA SER S 184 65.89 -88.99 109.44
C SER S 184 65.63 -88.10 108.23
N ASP S 185 66.68 -87.40 107.79
CA ASP S 185 66.59 -86.63 106.55
C ASP S 185 66.29 -87.51 105.36
N ALA S 186 66.66 -88.79 105.42
CA ALA S 186 66.29 -89.72 104.36
C ALA S 186 64.80 -89.97 104.35
N LEU S 187 64.22 -90.26 105.52
CA LEU S 187 62.80 -90.55 105.58
C LEU S 187 61.96 -89.34 105.25
N LYS S 188 62.43 -88.13 105.57
CA LYS S 188 61.67 -86.95 105.20
C LYS S 188 61.49 -86.88 103.69
N VAL S 189 62.57 -86.99 102.93
CA VAL S 189 62.48 -86.95 101.47
C VAL S 189 61.72 -88.15 100.94
N ALA S 190 61.91 -89.31 101.56
CA ALA S 190 61.23 -90.52 101.11
C ALA S 190 59.72 -90.36 101.19
N LYS S 191 59.22 -89.91 102.34
CA LYS S 191 57.79 -89.69 102.48
C LYS S 191 57.31 -88.45 101.72
N GLU S 192 58.22 -87.53 101.37
CA GLU S 192 57.81 -86.37 100.59
C GLU S 192 57.59 -86.71 99.12
N VAL S 193 58.40 -87.60 98.56
CA VAL S 193 58.34 -87.87 97.12
C VAL S 193 57.59 -89.16 96.84
N ASP S 194 57.58 -90.08 97.81
CA ASP S 194 56.94 -91.39 97.67
C ASP S 194 56.04 -91.56 98.88
N PRO S 195 54.85 -90.96 98.87
CA PRO S 195 54.00 -91.01 100.07
C PRO S 195 53.61 -92.42 100.47
N GLN S 196 53.09 -93.22 99.53
CA GLN S 196 52.65 -94.57 99.86
C GLN S 196 53.82 -95.51 100.17
N GLY S 197 55.05 -95.09 99.91
CA GLY S 197 56.19 -95.95 100.18
C GLY S 197 56.24 -97.19 99.32
N GLN S 198 55.94 -97.07 98.02
CA GLN S 198 55.96 -98.23 97.13
C GLN S 198 57.27 -98.41 96.39
N ARG S 199 58.13 -97.39 96.37
CA ARG S 199 59.46 -97.50 95.77
C ARG S 199 60.51 -97.00 96.74
N THR S 200 60.29 -97.23 98.03
CA THR S 200 61.19 -96.78 99.09
C THR S 200 61.57 -97.97 99.96
N ILE S 201 62.86 -98.09 100.27
CA ILE S 201 63.36 -99.13 101.14
C ILE S 201 64.24 -98.46 102.20
N GLY S 202 63.99 -98.78 103.46
CA GLY S 202 64.71 -98.17 104.56
C GLY S 202 65.82 -99.08 105.06
N VAL S 203 67.00 -98.49 105.27
CA VAL S 203 68.15 -99.22 105.80
C VAL S 203 68.68 -98.48 107.01
N ILE S 204 68.99 -99.24 108.06
CA ILE S 204 69.48 -98.73 109.32
C ILE S 204 70.92 -99.17 109.47
N THR S 205 71.83 -98.20 109.50
CA THR S 205 73.25 -98.47 109.61
C THR S 205 73.71 -98.25 111.05
N LYS S 206 74.99 -98.51 111.28
CA LYS S 206 75.64 -98.19 112.56
C LYS S 206 74.96 -98.85 113.75
N LEU S 207 74.37 -100.03 113.54
CA LEU S 207 73.70 -100.73 114.63
C LEU S 207 74.64 -101.14 115.74
N ASP S 208 75.95 -101.10 115.50
CA ASP S 208 76.93 -101.41 116.53
C ASP S 208 77.30 -100.20 117.37
N LEU S 209 76.80 -99.01 117.01
CA LEU S 209 77.18 -97.78 117.70
C LEU S 209 76.06 -97.23 118.57
N MET S 210 75.10 -98.07 118.94
CA MET S 210 73.99 -97.61 119.76
C MET S 210 74.40 -97.55 121.23
N ASP S 211 73.74 -96.66 121.96
CA ASP S 211 74.08 -96.43 123.35
C ASP S 211 73.80 -97.67 124.20
N GLU S 212 74.56 -97.81 125.29
CA GLU S 212 74.38 -98.93 126.19
C GLU S 212 72.95 -98.96 126.73
N GLY S 213 72.35 -100.14 126.71
CA GLY S 213 70.99 -100.30 127.17
C GLY S 213 69.92 -99.96 126.15
N THR S 214 70.30 -99.47 124.98
CA THR S 214 69.36 -99.15 123.92
C THR S 214 69.48 -100.16 122.79
N ASP S 215 68.38 -100.34 122.07
CA ASP S 215 68.34 -101.26 120.95
C ASP S 215 67.34 -100.76 119.93
N ALA S 216 67.56 -101.13 118.66
CA ALA S 216 66.71 -100.71 117.56
C ALA S 216 65.62 -101.73 117.25
N ARG S 217 65.17 -102.49 118.25
CA ARG S 217 64.14 -103.49 118.02
C ARG S 217 62.84 -102.85 117.55
N ASP S 218 62.44 -101.76 118.19
CA ASP S 218 61.17 -101.13 117.88
C ASP S 218 61.10 -100.60 116.46
N VAL S 219 62.24 -100.32 115.84
CA VAL S 219 62.25 -99.76 114.50
C VAL S 219 62.52 -100.86 113.48
N LEU S 220 63.33 -101.86 113.85
CA LEU S 220 63.59 -102.95 112.92
C LEU S 220 62.41 -103.89 112.79
N GLU S 221 61.58 -103.99 113.83
CA GLU S 221 60.31 -104.70 113.68
C GLU S 221 59.26 -103.87 112.95
N ASN S 222 59.67 -102.73 112.38
CA ASN S 222 58.80 -101.90 111.54
C ASN S 222 57.54 -101.47 112.30
N LYS S 223 57.70 -101.21 113.60
CA LYS S 223 56.60 -100.76 114.44
C LYS S 223 56.66 -99.27 114.76
N LEU S 224 57.86 -98.75 115.06
CA LEU S 224 57.99 -97.35 115.44
C LEU S 224 57.52 -96.43 114.33
N LEU S 225 58.04 -96.63 113.11
CA LEU S 225 57.58 -95.91 111.92
C LEU S 225 57.27 -96.95 110.87
N PRO S 226 56.05 -97.52 110.89
CA PRO S 226 55.70 -98.57 109.92
C PRO S 226 55.90 -98.15 108.48
N LEU S 227 56.84 -98.80 107.81
CA LEU S 227 57.09 -98.61 106.39
C LEU S 227 56.78 -99.92 105.67
N ARG S 228 56.22 -99.81 104.46
CA ARG S 228 55.70 -100.98 103.78
C ARG S 228 56.78 -102.01 103.51
N ARG S 229 57.95 -101.56 103.04
CA ARG S 229 58.99 -102.49 102.61
C ARG S 229 59.87 -102.98 103.74
N GLY S 230 59.71 -102.46 104.94
CA GLY S 230 60.50 -102.89 106.07
C GLY S 230 61.85 -102.20 106.14
N TYR S 231 62.54 -102.42 107.25
CA TYR S 231 63.84 -101.81 107.51
C TYR S 231 64.89 -102.90 107.60
N ILE S 232 65.95 -102.76 106.79
CA ILE S 232 67.05 -103.71 106.77
C ILE S 232 68.20 -103.13 107.56
N GLY S 233 68.72 -103.90 108.52
CA GLY S 233 69.80 -103.43 109.37
C GLY S 233 71.14 -103.95 108.89
N VAL S 234 72.07 -103.02 108.68
CA VAL S 234 73.40 -103.36 108.19
C VAL S 234 74.44 -102.81 109.15
N VAL S 235 75.60 -103.45 109.15
CA VAL S 235 76.74 -103.02 109.98
C VAL S 235 77.99 -103.00 109.13
N ASN S 236 78.39 -101.80 108.70
CA ASN S 236 79.53 -101.64 107.80
C ASN S 236 80.84 -101.69 108.58
N ARG S 237 81.92 -101.29 107.93
CA ARG S 237 83.24 -101.26 108.56
C ARG S 237 83.46 -99.91 109.21
N SER S 238 83.92 -99.92 110.46
CA SER S 238 84.19 -98.69 111.18
C SER S 238 85.33 -97.91 110.52
N GLN S 239 85.52 -96.67 110.96
CA GLN S 239 86.59 -95.85 110.40
C GLN S 239 87.95 -96.46 110.72
N LYS S 240 88.11 -97.04 111.91
CA LYS S 240 89.35 -97.73 112.23
C LYS S 240 89.59 -98.89 111.28
N ASP S 241 88.55 -99.66 110.96
CA ASP S 241 88.69 -100.76 110.02
C ASP S 241 89.02 -100.25 108.62
N ILE S 242 88.43 -99.13 108.23
CA ILE S 242 88.73 -98.55 106.92
C ILE S 242 90.19 -98.15 106.84
N ASP S 243 90.71 -97.52 107.90
CA ASP S 243 92.12 -97.15 107.92
C ASP S 243 93.01 -98.39 107.97
N GLY S 244 92.58 -99.45 108.64
CA GLY S 244 93.31 -100.70 108.71
C GLY S 244 93.09 -101.63 107.54
N LYS S 245 92.33 -101.21 106.54
CA LYS S 245 92.09 -101.98 105.32
C LYS S 245 91.45 -103.32 105.62
N LYS S 246 90.36 -103.30 106.37
CA LYS S 246 89.59 -104.51 106.62
C LYS S 246 88.92 -104.99 105.34
N ASP S 247 88.86 -106.30 105.17
CA ASP S 247 88.34 -106.89 103.94
C ASP S 247 86.85 -107.25 104.08
N ILE S 248 86.19 -107.29 102.93
CA ILE S 248 84.73 -107.43 102.90
C ILE S 248 84.30 -108.75 103.53
N THR S 249 85.03 -109.83 103.27
CA THR S 249 84.60 -111.14 103.75
C THR S 249 84.61 -111.22 105.27
N ALA S 250 85.71 -110.80 105.91
CA ALA S 250 85.75 -110.82 107.37
C ALA S 250 84.81 -109.77 107.96
N ALA S 251 84.60 -108.66 107.26
CA ALA S 251 83.63 -107.68 107.73
C ALA S 251 82.22 -108.29 107.77
N LEU S 252 81.85 -109.01 106.71
CA LEU S 252 80.55 -109.67 106.68
C LEU S 252 80.45 -110.76 107.73
N ALA S 253 81.53 -111.51 107.95
CA ALA S 253 81.53 -112.51 109.01
C ALA S 253 81.31 -111.86 110.38
N ALA S 254 81.97 -110.74 110.64
CA ALA S 254 81.78 -110.03 111.89
C ALA S 254 80.36 -109.50 112.03
N GLU S 255 79.79 -109.01 110.93
CA GLU S 255 78.40 -108.54 110.98
C GLU S 255 77.45 -109.69 111.31
N ARG S 256 77.66 -110.85 110.70
CA ARG S 256 76.84 -112.01 111.00
C ARG S 256 77.01 -112.42 112.46
N LYS S 257 78.24 -112.39 112.97
CA LYS S 257 78.47 -112.72 114.38
C LYS S 257 77.75 -111.74 115.29
N PHE S 258 77.79 -110.45 114.96
CA PHE S 258 77.11 -109.46 115.79
C PHE S 258 75.61 -109.68 115.80
N PHE S 259 75.02 -109.96 114.62
CA PHE S 259 73.59 -110.21 114.57
C PHE S 259 73.20 -111.48 115.33
N LEU S 260 74.03 -112.52 115.27
CA LEU S 260 73.72 -113.72 116.03
C LEU S 260 73.97 -113.57 117.53
N SER S 261 74.83 -112.65 117.94
CA SER S 261 75.16 -112.49 119.34
C SER S 261 74.28 -111.47 120.06
N HIS S 262 73.79 -110.47 119.37
CA HIS S 262 73.00 -109.44 120.04
C HIS S 262 71.64 -110.00 120.43
N PRO S 263 71.26 -109.95 121.71
CA PRO S 263 69.99 -110.55 122.12
C PRO S 263 68.77 -109.90 121.52
N SER S 264 68.86 -108.65 121.08
CA SER S 264 67.70 -107.92 120.59
C SER S 264 67.53 -108.04 119.07
N TYR S 265 68.38 -108.78 118.38
CA TYR S 265 68.28 -108.91 116.94
C TYR S 265 68.41 -110.33 116.42
N ARG S 266 68.80 -111.30 117.24
CA ARG S 266 69.04 -112.64 116.74
C ARG S 266 67.78 -113.26 116.15
N HIS S 267 66.60 -112.90 116.67
CA HIS S 267 65.36 -113.40 116.10
C HIS S 267 65.09 -112.84 114.72
N LEU S 268 65.81 -111.80 114.30
CA LEU S 268 65.69 -111.25 112.96
C LEU S 268 67.01 -111.29 112.20
N ALA S 269 67.98 -112.07 112.67
CA ALA S 269 69.29 -112.12 112.02
C ALA S 269 69.15 -112.60 110.57
N ASP S 270 68.23 -113.51 110.32
CA ASP S 270 68.04 -114.01 108.95
C ASP S 270 67.59 -112.89 108.02
N ARG S 271 66.67 -112.04 108.47
CA ARG S 271 66.18 -110.94 107.66
C ARG S 271 67.04 -109.70 107.73
N MET S 272 68.06 -109.67 108.58
CA MET S 272 68.97 -108.53 108.62
C MET S 272 70.26 -108.87 107.87
N GLY S 273 71.05 -107.82 107.62
CA GLY S 273 72.33 -108.00 106.97
C GLY S 273 72.33 -107.50 105.53
N THR S 274 73.52 -107.21 105.04
CA THR S 274 73.68 -106.74 103.66
C THR S 274 73.21 -107.76 102.61
N PRO S 275 73.53 -109.06 102.71
CA PRO S 275 73.02 -109.99 101.69
C PRO S 275 71.51 -109.97 101.56
N TYR S 276 70.79 -109.79 102.68
CA TYR S 276 69.34 -109.67 102.60
C TYR S 276 68.93 -108.44 101.82
N LEU S 277 69.67 -107.33 102.00
CA LEU S 277 69.36 -106.13 101.24
C LEU S 277 69.59 -106.35 99.75
N GLN S 278 70.67 -107.05 99.40
CA GLN S 278 70.90 -107.40 98.01
C GLN S 278 69.76 -108.25 97.47
N LYS S 279 69.30 -109.22 98.27
CA LYS S 279 68.20 -110.08 97.84
C LYS S 279 66.91 -109.30 97.66
N VAL S 280 66.66 -108.33 98.54
CA VAL S 280 65.44 -107.53 98.44
C VAL S 280 65.49 -106.63 97.21
N LEU S 281 66.64 -106.03 96.92
CA LEU S 281 66.76 -105.27 95.68
C LEU S 281 66.57 -106.18 94.47
N ASN S 282 67.10 -107.40 94.52
CA ASN S 282 66.87 -108.36 93.44
C ASN S 282 65.39 -108.65 93.27
N GLN S 283 64.67 -108.80 94.39
CA GLN S 283 63.24 -109.07 94.33
C GLN S 283 62.49 -107.90 93.70
N GLN S 284 62.83 -106.67 94.10
CA GLN S 284 62.17 -105.50 93.52
C GLN S 284 62.45 -105.40 92.03
N LEU S 285 63.69 -105.64 91.63
CA LEU S 285 64.02 -105.58 90.21
C LEU S 285 63.33 -106.69 89.43
N THR S 286 63.20 -107.88 90.02
CA THR S 286 62.45 -108.95 89.39
C THR S 286 60.99 -108.56 89.20
N ASN S 287 60.39 -107.95 90.21
CA ASN S 287 59.00 -107.52 90.08
C ASN S 287 58.84 -106.35 89.12
N HIS S 288 59.91 -105.60 88.85
CA HIS S 288 59.79 -104.46 87.97
C HIS S 288 60.14 -104.76 86.52
N ILE S 289 60.95 -105.79 86.26
CA ILE S 289 61.29 -106.11 84.87
C ILE S 289 60.07 -106.65 84.13
N ARG S 290 59.23 -107.43 84.81
CA ARG S 290 58.01 -107.92 84.20
C ARG S 290 57.05 -106.76 83.96
N ASP S 291 55.87 -107.06 83.41
CA ASP S 291 54.90 -106.13 82.82
C ASP S 291 55.42 -105.69 81.45
N THR S 292 56.66 -106.03 81.09
CA THR S 292 57.18 -105.81 79.75
C THR S 292 57.62 -107.10 79.06
N LEU S 293 57.81 -108.19 79.82
CA LEU S 293 58.22 -109.46 79.23
C LEU S 293 57.32 -109.93 78.09
N PRO S 294 55.99 -109.93 78.21
CA PRO S 294 55.17 -110.36 77.07
C PRO S 294 55.44 -109.57 75.80
N GLY S 295 55.70 -108.27 75.94
CA GLY S 295 56.16 -107.51 74.79
C GLY S 295 57.55 -107.93 74.34
N LEU S 296 58.45 -108.15 75.30
CA LEU S 296 59.83 -108.51 74.96
C LEU S 296 59.94 -109.97 74.53
N ARG S 297 59.17 -110.86 75.16
CA ARG S 297 59.21 -112.25 74.74
C ARG S 297 58.77 -112.39 73.29
N ASN S 298 57.72 -111.67 72.90
CA ASN S 298 57.33 -111.64 71.49
C ASN S 298 58.40 -110.93 70.66
N LYS S 299 58.97 -109.85 71.19
CA LYS S 299 59.94 -109.05 70.45
C LYS S 299 61.14 -109.88 70.03
N LEU S 300 61.55 -110.85 70.84
CA LEU S 300 62.63 -111.73 70.42
C LEU S 300 62.12 -113.09 69.92
N GLN S 301 60.85 -113.42 70.14
CA GLN S 301 60.27 -114.60 69.49
C GLN S 301 60.21 -114.41 67.98
N SER S 302 59.83 -113.20 67.54
CA SER S 302 59.88 -112.92 66.10
C SER S 302 61.32 -112.99 65.59
N GLN S 303 62.28 -112.56 66.42
CA GLN S 303 63.68 -112.69 66.05
C GLN S 303 64.06 -114.15 65.86
N LEU S 304 63.63 -115.02 66.76
CA LEU S 304 63.89 -116.45 66.60
C LEU S 304 63.18 -117.00 65.37
N LEU S 305 62.01 -116.46 65.04
CA LEU S 305 61.29 -116.87 63.85
C LEU S 305 62.09 -116.55 62.59
N SER S 306 62.72 -115.38 62.56
CA SER S 306 63.42 -114.91 61.36
C SER S 306 64.64 -115.75 61.01
N ILE S 307 65.08 -116.62 61.93
CA ILE S 307 66.24 -117.45 61.72
C ILE S 307 65.95 -118.95 61.81
N GLU S 308 64.83 -119.37 62.41
CA GLU S 308 64.53 -120.78 62.55
C GLU S 308 64.56 -121.52 61.22
N LYS S 309 64.25 -120.83 60.12
CA LYS S 309 64.23 -121.47 58.80
C LYS S 309 65.63 -121.93 58.39
N GLU S 310 66.63 -121.05 58.52
CA GLU S 310 68.00 -121.40 58.18
C GLU S 310 68.62 -122.30 59.24
N VAL S 311 68.17 -122.19 60.48
CA VAL S 311 68.64 -123.09 61.53
C VAL S 311 68.32 -124.54 61.18
N GLU S 312 67.26 -124.78 60.40
CA GLU S 312 66.94 -126.12 59.94
C GLU S 312 68.07 -126.71 59.12
N GLU S 313 68.58 -125.96 58.17
CA GLU S 313 69.75 -126.40 57.41
C GLU S 313 70.99 -126.48 58.29
N TYR S 314 71.10 -125.60 59.29
CA TYR S 314 72.34 -125.55 60.06
C TYR S 314 72.45 -126.54 61.23
N LYS S 315 71.35 -127.14 61.72
CA LYS S 315 71.50 -128.03 62.88
C LYS S 315 72.31 -129.27 62.53
N ASN S 316 72.01 -129.90 61.41
CA ASN S 316 72.65 -131.15 61.02
C ASN S 316 73.31 -130.93 59.66
N PHE S 317 74.50 -130.35 59.70
CA PHE S 317 75.35 -130.19 58.53
C PHE S 317 76.61 -131.03 58.73
N ARG S 318 76.92 -131.87 57.76
CA ARG S 318 78.16 -132.60 57.77
C ARG S 318 78.87 -132.42 56.44
N PRO S 319 80.16 -132.09 56.44
CA PRO S 319 80.87 -131.93 55.16
C PRO S 319 80.83 -133.22 54.36
N ASP S 320 80.74 -133.07 53.03
CA ASP S 320 80.70 -134.13 52.03
C ASP S 320 79.33 -134.80 51.95
N ASP S 321 78.29 -134.23 52.54
CA ASP S 321 76.96 -134.82 52.45
C ASP S 321 76.38 -134.68 51.04
N PRO S 322 76.31 -135.76 50.25
CA PRO S 322 75.85 -135.62 48.86
C PRO S 322 74.43 -135.10 48.76
N ALA S 323 73.55 -135.51 49.68
CA ALA S 323 72.15 -135.09 49.58
C ALA S 323 72.02 -133.57 49.68
N ARG S 324 72.59 -132.99 50.74
CA ARG S 324 72.52 -131.55 50.89
C ARG S 324 73.26 -130.83 49.77
N LYS S 325 74.43 -131.35 49.39
CA LYS S 325 75.22 -130.67 48.36
C LYS S 325 74.44 -130.61 47.05
N THR S 326 73.90 -131.75 46.59
CA THR S 326 73.18 -131.77 45.33
C THR S 326 71.87 -131.00 45.42
N LYS S 327 71.16 -131.07 46.55
CA LYS S 327 69.94 -130.28 46.68
C LYS S 327 70.23 -128.79 46.59
N ALA S 328 71.30 -128.34 47.25
CA ALA S 328 71.69 -126.94 47.16
C ALA S 328 72.07 -126.57 45.74
N LEU S 329 72.82 -127.44 45.06
CA LEU S 329 73.19 -127.16 43.67
C LEU S 329 71.96 -126.99 42.80
N LEU S 330 70.99 -127.90 42.95
CA LEU S 330 69.79 -127.85 42.11
C LEU S 330 68.99 -126.58 42.37
N GLN S 331 68.81 -126.21 43.63
CA GLN S 331 68.03 -125.00 43.90
C GLN S 331 68.78 -123.75 43.45
N MET S 332 70.12 -123.74 43.58
CA MET S 332 70.89 -122.60 43.11
C MET S 332 70.73 -122.44 41.61
N VAL S 333 70.82 -123.54 40.87
CA VAL S 333 70.68 -123.49 39.41
C VAL S 333 69.29 -123.00 39.03
N GLN S 334 68.27 -123.51 39.72
CA GLN S 334 66.90 -123.11 39.37
C GLN S 334 66.69 -121.62 39.61
N GLN S 335 67.19 -121.08 40.73
CA GLN S 335 66.99 -119.66 40.95
C GLN S 335 67.83 -118.84 39.98
N PHE S 336 69.01 -119.32 39.61
CA PHE S 336 69.80 -118.62 38.61
C PHE S 336 69.03 -118.50 37.30
N ALA S 337 68.44 -119.61 36.86
CA ALA S 337 67.65 -119.58 35.63
C ALA S 337 66.53 -118.55 35.76
N VAL S 338 65.63 -118.74 36.73
CA VAL S 338 64.44 -117.90 36.80
C VAL S 338 64.84 -116.44 36.98
N ASP S 339 65.96 -116.16 37.65
CA ASP S 339 66.46 -114.80 37.72
C ASP S 339 66.89 -114.30 36.34
N PHE S 340 67.51 -115.18 35.54
CA PHE S 340 67.93 -114.76 34.21
C PHE S 340 66.74 -114.38 33.34
N GLU S 341 65.69 -115.21 33.32
CA GLU S 341 64.52 -114.81 32.54
C GLU S 341 63.84 -113.58 33.15
N LYS S 342 63.89 -113.43 34.47
CA LYS S 342 63.32 -112.23 35.08
C LYS S 342 64.05 -110.97 34.61
N ARG S 343 65.37 -111.06 34.47
CA ARG S 343 66.15 -109.90 34.07
C ARG S 343 66.17 -109.68 32.56
N ILE S 344 65.87 -110.70 31.76
CA ILE S 344 65.89 -110.52 30.32
C ILE S 344 64.48 -110.25 29.80
N GLU S 345 63.58 -111.23 29.94
CA GLU S 345 62.22 -111.02 29.47
C GLU S 345 61.45 -110.06 30.36
N GLY S 346 61.93 -109.78 31.55
CA GLY S 346 61.20 -108.94 32.48
C GLY S 346 59.90 -109.57 32.98
N SER S 347 59.92 -110.86 33.27
CA SER S 347 58.74 -111.52 33.81
C SER S 347 58.33 -110.84 35.11
N GLY S 348 57.06 -110.49 35.22
CA GLY S 348 56.63 -109.63 36.30
C GLY S 348 56.68 -110.24 37.68
N ASP S 349 57.68 -109.83 38.46
CA ASP S 349 57.75 -109.99 39.91
C ASP S 349 59.03 -109.32 40.38
N GLN S 350 59.02 -108.88 41.64
CA GLN S 350 60.19 -108.33 42.35
C GLN S 350 61.07 -107.46 41.46
N ILE S 351 60.46 -106.62 40.65
CA ILE S 351 61.17 -105.87 39.62
C ILE S 351 61.88 -104.69 40.26
N ASP S 352 63.19 -104.59 40.03
CA ASP S 352 63.94 -103.43 40.45
C ASP S 352 63.51 -102.21 39.65
N THR S 353 63.30 -101.09 40.33
CA THR S 353 62.91 -99.84 39.70
C THR S 353 63.95 -98.75 39.95
N TYR S 354 65.21 -99.16 40.07
CA TYR S 354 66.30 -98.25 40.41
C TYR S 354 67.23 -97.99 39.24
N GLU S 355 67.42 -98.97 38.36
CA GLU S 355 68.24 -98.83 37.16
C GLU S 355 67.35 -99.04 35.94
N LEU S 356 67.89 -98.71 34.77
CA LEU S 356 67.15 -98.94 33.53
C LEU S 356 66.84 -100.41 33.35
N SER S 357 67.79 -101.29 33.67
CA SER S 357 67.60 -102.72 33.80
C SER S 357 68.94 -103.33 34.20
N GLY S 358 68.90 -104.62 34.49
CA GLY S 358 70.13 -105.39 34.59
C GLY S 358 70.66 -105.65 33.19
N GLY S 359 69.84 -106.27 32.35
CA GLY S 359 70.22 -106.48 30.97
C GLY S 359 69.10 -106.40 29.96
N ALA S 360 67.96 -105.80 30.34
CA ALA S 360 66.81 -105.82 29.46
C ALA S 360 66.71 -104.56 28.61
N ARG S 361 66.54 -103.40 29.25
CA ARG S 361 66.50 -102.15 28.50
C ARG S 361 67.87 -101.65 28.11
N ILE S 362 68.93 -102.02 28.83
CA ILE S 362 70.27 -101.74 28.30
C ILE S 362 70.46 -102.47 26.97
N ASN S 363 69.62 -103.48 26.68
CA ASN S 363 69.69 -104.23 25.43
C ASN S 363 68.69 -103.70 24.40
N ARG S 364 67.44 -103.48 24.81
CA ARG S 364 66.49 -102.82 23.90
C ARG S 364 67.01 -101.48 23.41
N ILE S 365 67.69 -100.70 24.27
CA ILE S 365 68.19 -99.43 23.81
C ILE S 365 69.30 -99.66 22.79
N PHE S 366 70.00 -100.78 22.85
CA PHE S 366 70.89 -101.12 21.75
C PHE S 366 70.09 -101.32 20.47
N HIS S 367 69.03 -102.14 20.54
CA HIS S 367 68.28 -102.46 19.32
C HIS S 367 67.63 -101.25 18.67
N GLU S 368 67.14 -100.28 19.45
CA GLU S 368 66.57 -99.05 18.90
C GLU S 368 67.41 -97.81 19.19
N ARG S 369 68.72 -97.97 19.34
CA ARG S 369 69.69 -96.88 19.29
C ARG S 369 70.72 -97.09 18.19
N PHE S 370 71.03 -98.34 17.85
CA PHE S 370 71.84 -98.73 16.70
C PHE S 370 71.50 -97.94 15.42
N PRO S 371 70.23 -97.56 15.18
CA PRO S 371 69.97 -96.58 14.13
C PRO S 371 70.80 -95.32 14.23
N PHE S 372 71.20 -94.92 15.44
CA PHE S 372 72.12 -93.79 15.54
C PHE S 372 73.44 -94.12 14.85
N GLU S 373 73.95 -95.34 15.02
CA GLU S 373 75.16 -95.75 14.31
C GLU S 373 74.95 -95.73 12.80
N LEU S 374 73.83 -96.30 12.33
CA LEU S 374 73.60 -96.35 10.90
C LEU S 374 73.51 -94.95 10.31
N VAL S 375 72.86 -94.02 11.00
CA VAL S 375 72.82 -92.65 10.52
C VAL S 375 74.21 -92.01 10.61
N LYS S 376 74.96 -92.33 11.66
CA LYS S 376 76.29 -91.79 11.85
C LYS S 376 77.28 -92.32 10.82
N MET S 377 76.87 -93.29 10.01
CA MET S 377 77.65 -93.64 8.83
C MET S 377 77.84 -92.38 7.96
N GLU S 378 78.79 -92.45 7.02
CA GLU S 378 79.34 -91.28 6.36
C GLU S 378 78.32 -90.25 5.87
N PHE S 379 77.49 -90.60 4.88
CA PHE S 379 76.41 -89.75 4.36
C PHE S 379 76.84 -88.33 3.98
N ASP S 380 78.13 -88.01 3.92
CA ASP S 380 78.55 -86.62 3.72
C ASP S 380 79.61 -86.51 2.62
N GLU S 381 79.17 -86.39 1.37
CA GLU S 381 79.98 -86.06 0.21
C GLU S 381 79.08 -85.67 -0.94
N LYS S 382 79.61 -84.81 -1.81
CA LYS S 382 79.17 -84.72 -3.20
C LYS S 382 80.08 -85.51 -4.12
N GLU S 383 81.17 -86.09 -3.58
CA GLU S 383 82.04 -86.96 -4.35
C GLU S 383 81.28 -88.17 -4.88
N LEU S 384 80.15 -88.52 -4.25
CA LEU S 384 79.32 -89.61 -4.75
C LEU S 384 78.88 -89.34 -6.19
N ARG S 385 78.63 -88.08 -6.54
CA ARG S 385 78.23 -87.78 -7.91
C ARG S 385 79.33 -88.13 -8.90
N ARG S 386 80.57 -87.77 -8.60
CA ARG S 386 81.69 -88.19 -9.43
C ARG S 386 81.82 -89.71 -9.45
N GLU S 387 81.60 -90.33 -8.28
CA GLU S 387 81.75 -91.76 -8.15
C GLU S 387 80.76 -92.50 -9.05
N ILE S 388 79.56 -91.94 -9.21
CA ILE S 388 78.56 -92.60 -10.05
C ILE S 388 78.70 -92.16 -11.51
N SER S 389 79.24 -90.97 -11.76
CA SER S 389 79.52 -90.57 -13.14
C SER S 389 80.57 -91.47 -13.76
N TYR S 390 81.59 -91.85 -12.99
CA TYR S 390 82.57 -92.80 -13.52
C TYR S 390 81.92 -94.15 -13.82
N ALA S 391 80.96 -94.59 -12.99
CA ALA S 391 80.25 -95.82 -13.29
C ALA S 391 79.47 -95.71 -14.59
N ILE S 392 78.79 -94.58 -14.79
CA ILE S 392 78.13 -94.29 -16.06
C ILE S 392 79.12 -94.43 -17.20
N LYS S 393 80.28 -93.79 -17.05
CA LYS S 393 81.23 -93.73 -18.16
C LYS S 393 81.95 -95.04 -18.40
N ASN S 394 81.92 -95.97 -17.45
CA ASN S 394 82.51 -97.27 -17.65
C ASN S 394 81.52 -98.29 -18.22
N ILE S 395 80.26 -98.26 -17.80
CA ILE S 395 79.29 -99.18 -18.39
C ILE S 395 78.66 -98.65 -19.67
N HIS S 396 78.94 -97.40 -20.03
CA HIS S 396 78.71 -96.94 -21.40
C HIS S 396 79.97 -97.06 -22.23
N GLY S 397 80.74 -98.11 -21.97
CA GLY S 397 82.12 -98.23 -22.39
C GLY S 397 82.47 -97.71 -23.76
N ILE S 398 81.81 -98.23 -24.78
CA ILE S 398 82.04 -97.81 -26.17
C ILE S 398 80.78 -97.21 -26.78
N ARG S 399 79.65 -97.88 -26.64
CA ARG S 399 78.40 -97.39 -27.21
C ARG S 399 78.03 -96.05 -26.57
N THR S 400 77.05 -95.38 -27.16
CA THR S 400 76.92 -93.96 -26.87
C THR S 400 75.47 -93.51 -26.89
N GLY S 401 75.23 -92.37 -26.21
CA GLY S 401 74.09 -91.54 -26.42
C GLY S 401 72.76 -92.06 -25.93
N LEU S 402 72.75 -93.11 -25.12
CA LEU S 402 71.49 -93.68 -24.65
C LEU S 402 71.19 -93.25 -23.23
N PHE S 403 69.94 -93.52 -22.83
CA PHE S 403 69.25 -92.82 -21.77
C PHE S 403 70.02 -92.76 -20.46
N THR S 404 70.14 -93.92 -19.80
CA THR S 404 70.79 -94.17 -18.51
C THR S 404 70.95 -95.67 -18.33
N PRO S 405 72.09 -96.12 -17.85
CA PRO S 405 72.26 -97.53 -17.53
C PRO S 405 71.89 -97.84 -16.09
N ASP S 406 71.09 -98.90 -15.87
CA ASP S 406 70.64 -99.22 -14.52
C ASP S 406 71.73 -99.84 -13.68
N MET S 407 72.69 -100.54 -14.30
CA MET S 407 73.69 -101.17 -13.46
C MET S 407 74.59 -100.12 -12.79
N ALA S 408 74.54 -98.87 -13.23
CA ALA S 408 75.19 -97.81 -12.46
C ALA S 408 74.58 -97.71 -11.07
N PHE S 409 73.25 -97.57 -11.02
CA PHE S 409 72.53 -97.63 -9.75
C PHE S 409 72.86 -98.90 -8.99
N GLU S 410 72.91 -100.03 -9.70
CA GLU S 410 73.23 -101.30 -9.06
C GLU S 410 74.58 -101.25 -8.36
N THR S 411 75.62 -100.85 -9.09
CA THR S 411 76.97 -100.85 -8.54
C THR S 411 77.10 -99.86 -7.39
N ILE S 412 76.43 -98.72 -7.50
CA ILE S 412 76.56 -97.72 -6.45
C ILE S 412 75.87 -98.18 -5.17
N VAL S 413 74.69 -98.78 -5.28
CA VAL S 413 74.07 -99.28 -4.05
C VAL S 413 74.86 -100.46 -3.50
N LYS S 414 75.45 -101.30 -4.36
CA LYS S 414 76.29 -102.37 -3.85
C LYS S 414 77.52 -101.84 -3.13
N LYS S 415 78.03 -100.68 -3.54
CA LYS S 415 79.14 -100.05 -2.84
C LYS S 415 78.71 -99.37 -1.54
N GLN S 416 77.49 -98.83 -1.52
CA GLN S 416 77.00 -98.14 -0.33
C GLN S 416 76.64 -99.12 0.78
N VAL S 417 76.00 -100.25 0.44
CA VAL S 417 75.54 -101.18 1.46
C VAL S 417 76.60 -102.19 1.86
N LYS S 418 77.81 -102.09 1.30
CA LYS S 418 78.89 -102.97 1.76
C LYS S 418 79.55 -102.45 3.03
N LYS S 419 79.32 -101.19 3.38
CA LYS S 419 79.85 -100.65 4.63
C LYS S 419 78.85 -100.69 5.77
N ILE S 420 77.64 -101.20 5.54
CA ILE S 420 76.73 -101.51 6.64
C ILE S 420 77.27 -102.68 7.46
N ARG S 421 78.22 -103.43 6.90
CA ARG S 421 78.73 -104.62 7.57
C ARG S 421 79.43 -104.28 8.89
N GLU S 422 79.93 -103.06 9.05
CA GLU S 422 80.64 -102.72 10.28
C GLU S 422 79.67 -102.37 11.43
N PRO S 423 78.68 -101.49 11.22
CA PRO S 423 77.79 -101.16 12.36
C PRO S 423 77.02 -102.36 12.89
N CYS S 424 76.62 -103.30 12.03
CA CYS S 424 75.89 -104.47 12.52
C CYS S 424 76.77 -105.35 13.40
N LEU S 425 78.00 -105.58 12.99
CA LEU S 425 78.92 -106.34 13.83
C LEU S 425 79.22 -105.59 15.12
N LYS S 426 79.31 -104.26 15.05
CA LYS S 426 79.51 -103.48 16.27
C LYS S 426 78.34 -103.62 17.23
N CYS S 427 77.12 -103.63 16.70
CA CYS S 427 75.95 -103.84 17.56
C CYS S 427 75.95 -105.24 18.16
N VAL S 428 76.37 -106.24 17.38
CA VAL S 428 76.48 -107.59 17.93
C VAL S 428 77.49 -107.62 19.06
N ASP S 429 78.62 -106.93 18.89
CA ASP S 429 79.61 -106.84 19.95
C ASP S 429 79.04 -106.17 21.18
N MET S 430 78.25 -105.10 20.99
CA MET S 430 77.65 -104.41 22.13
C MET S 430 76.67 -105.31 22.87
N VAL S 431 75.84 -106.05 22.13
CA VAL S 431 74.90 -106.98 22.78
C VAL S 431 75.66 -108.04 23.55
N ILE S 432 76.75 -108.56 22.98
CA ILE S 432 77.60 -109.49 23.71
C ILE S 432 78.10 -108.86 25.00
N SER S 433 78.68 -107.66 24.89
CA SER S 433 79.30 -107.02 26.04
C SER S 433 78.29 -106.69 27.12
N GLU S 434 77.02 -106.54 26.76
CA GLU S 434 76.03 -106.20 27.76
C GLU S 434 75.43 -107.44 28.40
N LEU S 435 75.08 -108.44 27.60
CA LEU S 435 74.52 -109.67 28.16
C LEU S 435 75.54 -110.41 29.00
N ILE S 436 76.81 -110.42 28.58
CA ILE S 436 77.80 -111.17 29.33
C ILE S 436 78.07 -110.49 30.67
N SER S 437 77.78 -109.21 30.79
CA SER S 437 77.84 -108.51 32.07
C SER S 437 76.59 -108.73 32.90
N THR S 438 75.43 -108.86 32.25
CA THR S 438 74.22 -109.18 32.98
C THR S 438 74.27 -110.56 33.60
N VAL S 439 74.89 -111.52 32.91
CA VAL S 439 75.10 -112.84 33.50
C VAL S 439 75.93 -112.71 34.77
N ARG S 440 76.99 -111.90 34.73
CA ARG S 440 77.78 -111.66 35.93
C ARG S 440 76.95 -111.00 37.01
N GLN S 441 76.08 -110.07 36.63
CA GLN S 441 75.25 -109.38 37.61
C GLN S 441 74.29 -110.32 38.30
N CYS S 442 73.81 -111.34 37.59
CA CYS S 442 72.88 -112.30 38.18
C CYS S 442 73.55 -113.53 38.74
N THR S 443 74.88 -113.64 38.62
CA THR S 443 75.62 -114.69 39.31
C THR S 443 76.40 -114.21 40.52
N LYS S 444 76.81 -112.94 40.56
CA LYS S 444 77.63 -112.48 41.67
C LYS S 444 76.84 -112.39 42.96
N LYS S 445 75.57 -111.98 42.89
CA LYS S 445 74.84 -111.65 44.10
C LYS S 445 74.06 -112.83 44.66
N LEU S 446 73.55 -113.71 43.81
CA LEU S 446 72.87 -114.90 44.33
C LEU S 446 73.87 -115.91 44.88
N GLN S 447 75.02 -116.05 44.23
CA GLN S 447 75.97 -117.10 44.58
C GLN S 447 76.95 -116.58 45.63
N GLN S 448 76.70 -116.93 46.89
CA GLN S 448 77.73 -116.80 47.91
C GLN S 448 78.83 -117.83 47.69
N TYR S 449 78.50 -118.94 47.05
CA TYR S 449 79.44 -120.04 46.90
C TYR S 449 80.64 -119.61 46.08
N PRO S 450 81.85 -119.98 46.47
CA PRO S 450 83.00 -119.85 45.58
C PRO S 450 83.08 -121.02 44.61
N ARG S 451 83.60 -120.72 43.43
CA ARG S 451 83.83 -121.67 42.35
C ARG S 451 82.52 -122.10 41.68
N LEU S 452 81.39 -121.83 42.32
CA LEU S 452 80.11 -122.08 41.67
C LEU S 452 79.54 -120.82 41.02
N ARG S 453 80.06 -119.65 41.38
CA ARG S 453 79.91 -118.46 40.56
C ARG S 453 81.02 -118.36 39.52
N GLU S 454 81.95 -119.31 39.52
CA GLU S 454 83.01 -119.38 38.53
C GLU S 454 82.69 -120.39 37.42
N GLU S 455 82.34 -121.62 37.78
CA GLU S 455 81.98 -122.61 36.78
C GLU S 455 80.73 -122.17 36.02
N MET S 456 79.75 -121.62 36.73
CA MET S 456 78.52 -121.17 36.09
C MET S 456 78.80 -120.06 35.08
N GLU S 457 79.54 -119.04 35.49
CA GLU S 457 79.89 -117.97 34.59
C GLU S 457 80.71 -118.47 33.42
N ARG S 458 81.67 -119.36 33.68
CA ARG S 458 82.49 -119.91 32.60
C ARG S 458 81.63 -120.61 31.57
N ILE S 459 80.76 -121.51 32.01
CA ILE S 459 79.95 -122.28 31.06
C ILE S 459 79.04 -121.37 30.26
N VAL S 460 78.32 -120.47 30.95
CA VAL S 460 77.38 -119.61 30.25
C VAL S 460 78.10 -118.70 29.26
N THR S 461 79.23 -118.13 29.69
CA THR S 461 79.97 -117.21 28.83
C THR S 461 80.57 -117.94 27.63
N THR S 462 81.05 -119.17 27.82
CA THR S 462 81.55 -119.93 26.68
C THR S 462 80.43 -120.23 25.70
N HIS S 463 79.23 -120.54 26.20
CA HIS S 463 78.12 -120.76 25.28
C HIS S 463 77.79 -119.48 24.51
N ILE S 464 77.81 -118.34 25.19
CA ILE S 464 77.49 -117.08 24.53
C ILE S 464 78.54 -116.75 23.46
N ARG S 465 79.82 -116.96 23.78
CA ARG S 465 80.86 -116.69 22.82
C ARG S 465 80.94 -117.76 21.73
N GLU S 466 80.31 -118.91 21.94
CA GLU S 466 80.11 -119.83 20.83
C GLU S 466 78.99 -119.36 19.92
N ARG S 467 77.95 -118.76 20.49
CA ARG S 467 76.83 -118.29 19.68
C ARG S 467 77.17 -117.01 18.92
N GLU S 468 78.14 -116.23 19.41
CA GLU S 468 78.46 -114.98 18.72
C GLU S 468 79.00 -115.25 17.33
N GLY S 469 79.74 -116.34 17.15
CA GLY S 469 80.21 -116.70 15.82
C GLY S 469 79.08 -116.96 14.86
N ARG S 470 78.09 -117.75 15.30
CA ARG S 470 76.95 -118.05 14.43
C ARG S 470 76.16 -116.80 14.11
N THR S 471 75.94 -115.92 15.09
CA THR S 471 75.13 -114.74 14.79
C THR S 471 75.87 -113.76 13.89
N LYS S 472 77.20 -113.64 14.06
CA LYS S 472 77.96 -112.80 13.14
C LYS S 472 77.94 -113.39 11.73
N GLU S 473 78.04 -114.72 11.62
CA GLU S 473 77.93 -115.35 10.31
C GLU S 473 76.59 -115.04 9.66
N GLN S 474 75.51 -115.14 10.44
CA GLN S 474 74.19 -114.88 9.88
C GLN S 474 74.03 -113.42 9.48
N VAL S 475 74.60 -112.49 10.24
CA VAL S 475 74.52 -111.09 9.86
C VAL S 475 75.29 -110.83 8.56
N MET S 476 76.49 -111.39 8.45
CA MET S 476 77.26 -111.25 7.22
C MET S 476 76.51 -111.84 6.04
N LEU S 477 75.87 -113.00 6.24
CA LEU S 477 75.14 -113.63 5.15
C LEU S 477 73.88 -112.85 4.80
N LEU S 478 73.27 -112.18 5.77
CA LEU S 478 72.17 -111.28 5.46
C LEU S 478 72.63 -110.13 4.58
N ILE S 479 73.79 -109.56 4.90
CA ILE S 479 74.33 -108.50 4.05
C ILE S 479 74.61 -109.03 2.65
N ASP S 480 75.23 -110.21 2.56
CA ASP S 480 75.54 -110.80 1.27
C ASP S 480 74.30 -111.20 0.48
N ILE S 481 73.17 -111.43 1.16
CA ILE S 481 71.90 -111.56 0.46
C ILE S 481 71.41 -110.20 -0.04
N GLU S 482 71.57 -109.16 0.76
CA GLU S 482 71.12 -107.85 0.32
C GLU S 482 71.98 -107.27 -0.79
N LEU S 483 73.14 -107.86 -1.05
CA LEU S 483 73.92 -107.56 -2.26
C LEU S 483 73.65 -108.56 -3.38
N ALA S 484 72.41 -109.00 -3.59
CA ALA S 484 72.14 -109.98 -4.63
C ALA S 484 71.16 -109.51 -5.70
N TYR S 485 70.06 -108.86 -5.33
CA TYR S 485 69.04 -108.60 -6.35
C TYR S 485 68.75 -107.12 -6.54
N MET S 486 68.75 -106.32 -5.48
CA MET S 486 68.51 -104.89 -5.55
C MET S 486 67.14 -104.59 -6.17
N ASN S 487 66.11 -105.00 -5.45
CA ASN S 487 64.76 -104.95 -5.98
C ASN S 487 64.31 -103.52 -6.23
N THR S 488 63.38 -103.37 -7.16
CA THR S 488 62.76 -102.08 -7.46
C THR S 488 61.24 -102.17 -7.43
N ASN S 489 60.66 -103.36 -7.41
CA ASN S 489 59.22 -103.52 -7.30
C ASN S 489 58.69 -103.12 -5.93
N HIS S 490 59.58 -102.87 -4.96
CA HIS S 490 59.16 -102.45 -3.63
C HIS S 490 58.68 -101.00 -3.69
N GLU S 491 58.39 -100.42 -2.52
CA GLU S 491 57.80 -99.11 -2.41
C GLU S 491 58.77 -97.96 -2.66
N ASP S 492 59.96 -98.18 -3.21
CA ASP S 492 60.74 -97.05 -3.71
C ASP S 492 60.10 -96.54 -5.00
N PHE S 493 60.09 -95.21 -5.15
CA PHE S 493 59.49 -94.62 -6.34
C PHE S 493 60.45 -94.68 -7.51
N ILE S 494 59.93 -95.07 -8.66
CA ILE S 494 60.74 -95.23 -9.86
C ILE S 494 60.82 -93.92 -10.63
N ASP S 652 77.04 -79.78 -19.08
CA ASP S 652 76.00 -80.70 -18.59
C ASP S 652 75.48 -81.60 -19.71
N PRO S 653 76.36 -82.40 -20.31
CA PRO S 653 75.94 -83.21 -21.45
C PRO S 653 75.13 -84.42 -20.99
N GLN S 654 73.86 -84.20 -20.66
CA GLN S 654 72.96 -85.20 -20.12
C GLN S 654 73.43 -85.66 -18.75
N LEU S 655 74.56 -85.13 -18.28
CA LEU S 655 75.08 -85.54 -16.98
C LEU S 655 74.20 -85.01 -15.86
N GLU S 656 73.86 -83.72 -15.88
CA GLU S 656 72.98 -83.19 -14.85
C GLU S 656 71.58 -83.79 -14.91
N ARG S 657 71.32 -84.67 -15.88
CA ARG S 657 70.09 -85.45 -15.93
C ARG S 657 70.28 -86.87 -15.44
N GLN S 658 71.42 -87.49 -15.73
CA GLN S 658 71.68 -88.87 -15.36
C GLN S 658 72.25 -89.02 -13.96
N VAL S 659 73.29 -88.24 -13.64
CA VAL S 659 73.96 -88.35 -12.35
C VAL S 659 73.00 -88.00 -11.21
N GLU S 660 72.20 -86.94 -11.38
CA GLU S 660 71.27 -86.54 -10.34
C GLU S 660 70.17 -87.57 -10.16
N THR S 661 69.67 -88.13 -11.26
CA THR S 661 68.65 -89.17 -11.16
C THR S 661 69.20 -90.40 -10.45
N ILE S 662 70.43 -90.80 -10.77
CA ILE S 662 71.02 -91.95 -10.11
C ILE S 662 71.19 -91.68 -8.63
N ARG S 663 71.62 -90.47 -8.26
CA ARG S 663 71.76 -90.14 -6.85
C ARG S 663 70.42 -90.18 -6.13
N ASN S 664 69.39 -89.59 -6.74
CA ASN S 664 68.09 -89.54 -6.10
C ASN S 664 67.38 -90.88 -6.08
N LEU S 665 67.87 -91.86 -6.84
CA LEU S 665 67.37 -93.22 -6.69
C LEU S 665 68.20 -94.03 -5.71
N VAL S 666 69.51 -93.80 -5.65
CA VAL S 666 70.33 -94.47 -4.65
C VAL S 666 69.87 -94.08 -3.26
N ASP S 667 69.56 -92.80 -3.04
CA ASP S 667 69.05 -92.40 -1.72
C ASP S 667 67.71 -93.08 -1.43
N SER S 668 66.83 -93.14 -2.43
CA SER S 668 65.52 -93.73 -2.24
C SER S 668 65.59 -95.22 -1.96
N TYR S 669 66.65 -95.89 -2.40
CA TYR S 669 66.83 -97.30 -2.05
C TYR S 669 67.65 -97.50 -0.79
N MET S 670 68.53 -96.56 -0.44
CA MET S 670 69.22 -96.64 0.85
C MET S 670 68.25 -96.47 2.00
N ALA S 671 67.23 -95.63 1.83
CA ALA S 671 66.19 -95.56 2.84
C ALA S 671 65.59 -96.93 3.11
N ILE S 672 65.24 -97.66 2.05
CA ILE S 672 64.58 -98.94 2.22
C ILE S 672 65.54 -99.99 2.77
N VAL S 673 66.78 -100.03 2.29
CA VAL S 673 67.69 -101.06 2.79
C VAL S 673 68.03 -100.80 4.25
N ASN S 674 68.19 -99.52 4.63
CA ASN S 674 68.41 -99.19 6.03
C ASN S 674 67.22 -99.60 6.88
N LYS S 675 66.01 -99.35 6.40
CA LYS S 675 64.82 -99.74 7.18
C LYS S 675 64.75 -101.26 7.34
N THR S 676 65.00 -102.00 6.27
CA THR S 676 64.89 -103.45 6.34
C THR S 676 66.10 -104.13 6.97
N VAL S 677 67.16 -103.38 7.29
CA VAL S 677 68.22 -103.96 8.09
C VAL S 677 67.98 -103.61 9.55
N ARG S 678 67.43 -102.42 9.82
CA ARG S 678 67.12 -102.07 11.20
C ARG S 678 65.97 -102.91 11.75
N ASP S 679 65.00 -103.25 10.90
CA ASP S 679 63.87 -104.06 11.34
C ASP S 679 64.22 -105.53 11.47
N LEU S 680 65.36 -105.96 10.93
CA LEU S 680 65.68 -107.38 10.88
C LEU S 680 66.92 -107.77 11.67
N MET S 681 67.82 -106.84 11.97
CA MET S 681 69.06 -107.22 12.65
C MET S 681 68.82 -107.57 14.11
N PRO S 682 67.94 -106.87 14.84
CA PRO S 682 67.57 -107.37 16.18
C PRO S 682 67.02 -108.79 16.17
N LYS S 683 66.17 -109.12 15.19
CA LYS S 683 65.54 -110.43 15.18
C LYS S 683 66.56 -111.54 15.03
N THR S 684 67.55 -111.36 14.15
CA THR S 684 68.50 -112.45 13.91
C THR S 684 69.38 -112.70 15.12
N ILE S 685 69.90 -111.64 15.75
CA ILE S 685 70.72 -111.83 16.93
C ILE S 685 69.89 -112.43 18.05
N MET S 686 68.62 -112.02 18.16
CA MET S 686 67.84 -112.46 19.31
C MET S 686 67.17 -113.80 19.07
N HIS S 687 67.25 -114.33 17.86
CA HIS S 687 66.94 -115.74 17.62
C HIS S 687 68.14 -116.65 17.70
N LEU S 688 69.32 -116.16 17.36
CA LEU S 688 70.50 -117.02 17.39
C LEU S 688 71.26 -116.99 18.71
N MET S 689 71.09 -115.92 19.50
CA MET S 689 71.83 -115.74 20.73
C MET S 689 70.94 -115.71 21.96
N ILE S 690 69.98 -114.78 22.01
CA ILE S 690 69.17 -114.61 23.21
C ILE S 690 68.34 -115.86 23.47
N ASN S 691 67.45 -116.19 22.54
CA ASN S 691 66.53 -117.31 22.70
C ASN S 691 67.21 -118.65 22.50
N ASN S 692 68.54 -118.67 22.37
CA ASN S 692 69.27 -119.93 22.40
C ASN S 692 70.09 -120.10 23.67
N THR S 693 70.75 -119.05 24.16
CA THR S 693 71.39 -119.15 25.46
C THR S 693 70.35 -119.25 26.57
N LYS S 694 69.18 -118.65 26.37
CA LYS S 694 68.11 -118.80 27.35
C LYS S 694 67.63 -120.24 27.41
N GLU S 695 67.45 -120.87 26.25
CA GLU S 695 67.08 -122.28 26.20
C GLU S 695 68.16 -123.15 26.79
N PHE S 696 69.43 -122.81 26.54
CA PHE S 696 70.54 -123.54 27.12
C PHE S 696 70.51 -123.46 28.64
N ILE S 697 70.20 -122.26 29.17
CA ILE S 697 70.06 -122.09 30.62
C ILE S 697 68.91 -122.95 31.16
N PHE S 698 67.78 -123.00 30.46
CA PHE S 698 66.73 -123.92 30.88
C PHE S 698 67.20 -125.37 30.92
N SER S 699 67.78 -125.86 29.83
CA SER S 699 67.75 -127.29 29.58
C SER S 699 69.09 -127.98 29.51
N GLU S 700 70.21 -127.29 29.69
CA GLU S 700 71.49 -127.96 29.62
C GLU S 700 72.48 -127.55 30.70
N LEU S 701 72.21 -126.49 31.46
CA LEU S 701 73.20 -125.96 32.39
C LEU S 701 73.57 -126.98 33.47
N LEU S 702 72.58 -127.68 34.00
CA LEU S 702 72.88 -128.66 35.05
C LEU S 702 73.63 -129.86 34.51
N ALA S 703 73.34 -130.27 33.28
CA ALA S 703 73.95 -131.48 32.72
C ALA S 703 75.46 -131.34 32.62
N ASN S 704 75.93 -130.21 32.09
CA ASN S 704 77.38 -130.01 32.00
C ASN S 704 77.97 -129.42 33.27
N LEU S 705 77.13 -128.79 34.11
CA LEU S 705 77.63 -128.32 35.40
C LEU S 705 77.98 -129.49 36.30
N TYR S 706 77.21 -130.58 36.22
CA TYR S 706 77.60 -131.81 36.92
C TYR S 706 78.93 -132.35 36.42
N SER S 707 79.20 -132.23 35.12
CA SER S 707 80.37 -132.86 34.52
C SER S 707 81.64 -132.06 34.73
N CYS S 708 81.56 -130.73 34.68
CA CYS S 708 82.75 -129.90 34.84
C CYS S 708 83.23 -129.94 36.28
N GLY S 709 84.52 -130.12 36.46
CA GLY S 709 85.11 -130.16 37.78
C GLY S 709 84.97 -131.51 38.45
N ASP S 710 84.96 -131.47 39.78
CA ASP S 710 84.92 -132.70 40.58
C ASP S 710 83.50 -133.20 40.81
N GLN S 711 82.52 -132.28 40.86
CA GLN S 711 81.14 -132.56 41.25
C GLN S 711 81.08 -132.89 42.73
N ASN S 712 82.24 -132.99 43.38
CA ASN S 712 82.33 -133.19 44.82
C ASN S 712 83.00 -132.04 45.53
N THR S 713 84.18 -131.60 45.06
CA THR S 713 84.79 -130.38 45.58
C THR S 713 84.30 -129.17 44.83
N LEU S 714 82.98 -129.10 44.68
CA LEU S 714 82.28 -127.96 44.14
C LEU S 714 81.28 -127.50 45.19
N MET S 715 80.84 -126.25 45.07
CA MET S 715 79.95 -125.63 46.06
C MET S 715 80.45 -125.85 47.49
N GLU S 716 81.74 -125.55 47.67
CA GLU S 716 82.36 -125.54 48.98
C GLU S 716 82.06 -124.22 49.66
N GLU S 717 81.78 -124.27 50.96
CA GLU S 717 81.43 -123.06 51.68
C GLU S 717 82.58 -122.08 51.67
N SER S 718 82.29 -120.84 51.27
CA SER S 718 83.26 -119.77 51.45
C SER S 718 83.50 -119.54 52.94
N ALA S 719 84.72 -119.12 53.27
CA ALA S 719 85.06 -118.91 54.68
C ALA S 719 84.08 -117.97 55.36
N GLU S 720 83.55 -116.99 54.63
CA GLU S 720 82.55 -116.09 55.18
C GLU S 720 81.30 -116.87 55.60
N GLN S 721 80.82 -117.78 54.75
CA GLN S 721 79.66 -118.58 55.11
C GLN S 721 79.97 -119.56 56.23
N ALA S 722 81.19 -120.10 56.24
CA ALA S 722 81.57 -121.04 57.29
C ALA S 722 81.56 -120.36 58.66
N GLN S 723 82.06 -119.12 58.73
CA GLN S 723 82.04 -118.39 59.99
C GLN S 723 80.69 -117.73 60.26
N ARG S 724 79.83 -117.64 59.26
CA ARG S 724 78.49 -117.08 59.45
C ARG S 724 77.53 -118.12 60.03
N ARG S 725 77.62 -119.36 59.54
CA ARG S 725 76.73 -120.40 60.04
C ARG S 725 76.96 -120.66 61.53
N ASP S 726 78.22 -120.65 61.97
CA ASP S 726 78.51 -120.92 63.38
C ASP S 726 77.88 -119.85 64.28
N GLU S 727 78.01 -118.59 63.91
CA GLU S 727 77.43 -117.54 64.73
C GLU S 727 75.92 -117.55 64.66
N MET S 728 75.35 -117.84 63.49
CA MET S 728 73.90 -117.92 63.38
C MET S 728 73.31 -119.14 64.08
N LEU S 729 74.13 -120.13 64.40
CA LEU S 729 73.68 -121.27 65.20
C LEU S 729 73.84 -120.99 66.69
N ARG S 730 74.94 -120.37 67.10
CA ARG S 730 75.07 -120.03 68.52
C ARG S 730 74.04 -118.97 68.91
N MET S 731 73.65 -118.09 67.99
CA MET S 731 72.58 -117.15 68.30
C MET S 731 71.25 -117.88 68.47
N TYR S 732 71.02 -118.94 67.70
CA TYR S 732 69.83 -119.76 67.91
C TYR S 732 69.85 -120.37 69.31
N HIS S 733 70.99 -120.93 69.72
CA HIS S 733 71.08 -121.51 71.06
C HIS S 733 70.84 -120.46 72.13
N ALA S 734 71.43 -119.27 71.96
CA ALA S 734 71.26 -118.22 72.96
C ALA S 734 69.81 -117.74 73.04
N LEU S 735 69.14 -117.62 71.90
CA LEU S 735 67.74 -117.22 71.90
C LEU S 735 66.87 -118.29 72.58
N LYS S 736 67.16 -119.56 72.32
CA LYS S 736 66.43 -120.62 73.00
C LYS S 736 66.63 -120.54 74.51
N GLU S 737 67.86 -120.28 74.95
CA GLU S 737 68.12 -120.17 76.38
C GLU S 737 67.40 -118.96 76.99
N ALA S 738 67.38 -117.83 76.27
CA ALA S 738 66.69 -116.66 76.77
C ALA S 738 65.20 -116.92 76.93
N LEU S 739 64.59 -117.58 75.94
CA LEU S 739 63.18 -117.92 76.07
C LEU S 739 62.95 -118.89 77.22
N SER S 740 63.88 -119.83 77.43
CA SER S 740 63.75 -120.74 78.57
C SER S 740 63.78 -119.96 79.89
N ILE S 741 64.67 -118.98 80.00
CA ILE S 741 64.75 -118.19 81.23
C ILE S 741 63.49 -117.34 81.42
N ILE S 742 62.94 -116.80 80.33
CA ILE S 742 61.71 -116.04 80.43
C ILE S 742 60.58 -116.94 80.94
N GLY S 743 60.49 -118.16 80.40
CA GLY S 743 59.50 -119.10 80.90
C GLY S 743 59.69 -119.43 82.36
N ASN S 744 60.95 -119.62 82.77
CA ASN S 744 61.23 -119.94 84.17
C ASN S 744 60.83 -118.79 85.10
N ILE S 745 61.12 -117.55 84.70
CA ILE S 745 60.78 -116.42 85.56
C ILE S 745 59.28 -116.19 85.57
N ASN S 746 58.58 -116.50 84.48
CA ASN S 746 57.13 -116.43 84.49
C ASN S 746 56.54 -117.49 85.43
N THR S 747 57.15 -118.68 85.44
CA THR S 747 56.75 -119.68 86.42
C THR S 747 57.00 -119.18 87.84
N THR S 748 58.15 -118.55 88.07
CA THR S 748 58.53 -117.99 89.36
C THR S 748 58.47 -119.04 90.47
N ASN T 3 26.42 -25.44 170.72
CA ASN T 3 27.80 -25.20 170.32
C ASN T 3 28.22 -23.77 170.65
N ARG T 4 29.43 -23.62 171.18
CA ARG T 4 29.93 -22.32 171.62
C ARG T 4 30.33 -21.44 170.45
N GLY T 5 30.59 -22.02 169.28
CA GLY T 5 30.92 -21.21 168.13
C GLY T 5 29.82 -20.23 167.77
N MET T 6 28.56 -20.63 167.97
CA MET T 6 27.45 -19.75 167.64
C MET T 6 27.28 -18.67 168.70
N GLU T 7 27.54 -19.00 169.97
CA GLU T 7 27.65 -17.96 171.01
C GLU T 7 28.73 -16.94 170.68
N ASP T 8 29.80 -17.38 170.03
CA ASP T 8 30.86 -16.44 169.64
C ASP T 8 30.36 -15.42 168.63
N LEU T 9 29.31 -15.74 167.87
CA LEU T 9 28.84 -14.87 166.80
C LEU T 9 27.53 -14.15 167.12
N ILE T 10 26.75 -14.61 168.11
CA ILE T 10 25.49 -13.93 168.42
C ILE T 10 25.67 -12.46 168.76
N PRO T 11 26.68 -12.02 169.53
CA PRO T 11 26.71 -10.58 169.85
C PRO T 11 27.06 -9.73 168.64
N LEU T 12 27.95 -10.20 167.76
CA LEU T 12 28.36 -9.39 166.62
C LEU T 12 27.29 -9.28 165.54
N VAL T 13 26.22 -10.05 165.64
CA VAL T 13 25.10 -9.93 164.70
C VAL T 13 23.94 -9.24 165.41
N ASN T 14 23.83 -9.47 166.71
CA ASN T 14 22.76 -8.84 167.48
C ASN T 14 23.01 -7.35 167.65
N ARG T 15 24.28 -6.95 167.73
CA ARG T 15 24.65 -5.55 167.78
C ARG T 15 24.57 -4.89 166.41
N LEU T 16 24.52 -5.70 165.35
CA LEU T 16 24.59 -5.23 163.97
C LEU T 16 23.20 -5.06 163.36
N GLN T 17 22.46 -6.15 163.28
CA GLN T 17 21.16 -6.13 162.59
C GLN T 17 20.17 -5.23 163.31
N ASP T 18 20.26 -5.15 164.64
CA ASP T 18 19.36 -4.27 165.38
C ASP T 18 19.57 -2.82 164.94
N ALA T 19 20.82 -2.41 164.74
CA ALA T 19 21.08 -1.04 164.29
C ALA T 19 20.64 -0.83 162.84
N PHE T 20 21.03 -1.75 161.94
CA PHE T 20 20.63 -1.60 160.55
C PHE T 20 19.13 -1.67 160.35
N SER T 21 18.38 -2.22 161.31
CA SER T 21 16.93 -2.18 161.24
C SER T 21 16.32 -1.04 162.03
N ALA T 22 17.05 -0.49 163.01
CA ALA T 22 16.59 0.68 163.72
C ALA T 22 16.70 1.93 162.87
N ILE T 23 17.65 1.96 161.93
CA ILE T 23 17.66 3.05 160.96
C ILE T 23 16.46 3.00 160.03
N GLY T 24 15.69 1.91 160.06
CA GLY T 24 14.49 1.78 159.26
C GLY T 24 14.70 1.22 157.88
N GLN T 25 15.93 1.18 157.39
CA GLN T 25 16.18 0.66 156.04
C GLN T 25 16.04 -0.85 156.02
N ASN T 26 15.73 -1.39 154.84
CA ASN T 26 15.68 -2.82 154.64
C ASN T 26 17.08 -3.35 154.36
N ALA T 27 18.04 -3.00 155.21
CA ALA T 27 19.40 -3.51 155.11
C ALA T 27 19.49 -4.82 155.89
N ASP T 28 20.13 -5.82 155.27
CA ASP T 28 20.17 -7.14 155.87
C ASP T 28 21.52 -7.79 155.60
N LEU T 29 21.87 -8.73 156.47
CA LEU T 29 23.13 -9.45 156.32
C LEU T 29 23.00 -10.61 155.34
N ASP T 30 21.87 -11.30 155.36
CA ASP T 30 21.63 -12.48 154.52
C ASP T 30 22.67 -13.56 154.82
N LEU T 31 22.63 -14.08 156.04
CA LEU T 31 23.43 -15.24 156.37
C LEU T 31 23.08 -16.39 155.43
N PRO T 32 24.06 -17.04 154.82
CA PRO T 32 23.74 -18.13 153.90
C PRO T 32 23.04 -19.27 154.61
N GLN T 33 22.13 -19.92 153.89
CA GLN T 33 21.39 -21.04 154.43
C GLN T 33 22.12 -22.34 154.15
N ILE T 34 22.04 -23.27 155.10
CA ILE T 34 22.82 -24.50 155.07
C ILE T 34 21.95 -25.63 154.56
N ALA T 35 22.26 -26.16 153.39
CA ALA T 35 21.60 -27.33 152.84
C ALA T 35 22.60 -28.47 152.73
N VAL T 36 22.11 -29.71 152.78
CA VAL T 36 22.95 -30.90 152.68
C VAL T 36 22.44 -31.76 151.54
N VAL T 37 23.37 -32.28 150.75
CA VAL T 37 23.04 -33.13 149.61
C VAL T 37 23.87 -34.40 149.69
N GLY T 38 23.42 -35.42 148.98
CA GLY T 38 24.11 -36.69 148.94
C GLY T 38 23.15 -37.82 148.67
N GLY T 39 23.69 -39.04 148.68
CA GLY T 39 22.88 -40.22 148.48
C GLY T 39 22.22 -40.67 149.77
N GLN T 40 21.32 -41.64 149.62
CA GLN T 40 20.61 -42.18 150.77
C GLN T 40 21.59 -42.82 151.74
N SER T 41 21.27 -42.71 153.03
CA SER T 41 22.06 -43.28 154.11
C SER T 41 23.47 -42.71 154.16
N ALA T 42 23.64 -41.45 153.77
CA ALA T 42 24.92 -40.77 153.91
C ALA T 42 25.11 -40.17 155.29
N GLY T 43 24.05 -40.04 156.08
CA GLY T 43 24.16 -39.49 157.42
C GLY T 43 23.87 -38.01 157.54
N LYS T 44 23.10 -37.45 156.62
CA LYS T 44 22.90 -35.99 156.59
C LYS T 44 22.17 -35.50 157.83
N SER T 45 21.11 -36.20 158.23
CA SER T 45 20.37 -35.80 159.41
C SER T 45 21.25 -35.83 160.65
N SER T 46 22.10 -36.84 160.78
CA SER T 46 23.02 -36.91 161.90
C SER T 46 24.11 -35.86 161.81
N VAL T 47 24.43 -35.38 160.60
CA VAL T 47 25.36 -34.26 160.49
C VAL T 47 24.70 -32.97 161.01
N LEU T 48 23.46 -32.71 160.61
CA LEU T 48 22.78 -31.51 161.09
C LEU T 48 22.57 -31.55 162.59
N GLU T 49 22.17 -32.71 163.12
CA GLU T 49 22.00 -32.84 164.55
C GLU T 49 23.27 -32.47 165.31
N ASN T 50 24.41 -32.95 164.83
CA ASN T 50 25.67 -32.68 165.52
C ASN T 50 26.15 -31.25 165.31
N PHE T 51 25.84 -30.65 164.15
CA PHE T 51 26.19 -29.26 163.95
C PHE T 51 25.40 -28.36 164.88
N VAL T 52 24.12 -28.66 165.08
CA VAL T 52 23.31 -27.87 166.02
C VAL T 52 23.77 -28.13 167.45
N GLY T 53 23.69 -29.38 167.89
CA GLY T 53 24.11 -29.73 169.23
C GLY T 53 23.01 -30.35 170.07
N ARG T 54 21.86 -30.63 169.43
CA ARG T 54 20.72 -31.19 170.14
C ARG T 54 20.10 -32.29 169.28
N ASP T 55 19.44 -33.23 169.95
CA ASP T 55 18.93 -34.45 169.30
C ASP T 55 17.47 -34.22 168.96
N PHE T 56 17.21 -33.72 167.75
CA PHE T 56 15.84 -33.41 167.35
C PHE T 56 15.57 -33.79 165.90
N LEU T 57 16.23 -34.82 165.40
CA LEU T 57 16.02 -35.23 164.01
C LEU T 57 15.85 -36.73 163.92
N PRO T 58 15.13 -37.22 162.92
CA PRO T 58 14.99 -38.66 162.74
C PRO T 58 16.14 -39.24 161.92
N ARG T 59 16.55 -40.46 162.30
CA ARG T 59 17.64 -41.12 161.59
C ARG T 59 17.52 -42.62 161.83
N GLY T 60 18.11 -43.39 160.91
CA GLY T 60 18.10 -44.83 161.04
C GLY T 60 18.46 -45.48 159.73
N SER T 61 18.52 -46.81 159.77
CA SER T 61 18.76 -47.57 158.55
C SER T 61 17.56 -47.42 157.60
N GLY T 62 17.80 -47.71 156.33
CA GLY T 62 16.75 -47.49 155.36
C GLY T 62 16.54 -46.00 155.12
N ILE T 63 15.38 -45.69 154.56
CA ILE T 63 15.02 -44.31 154.24
C ILE T 63 14.33 -43.69 155.45
N VAL T 64 14.85 -42.55 155.91
CA VAL T 64 14.31 -41.90 157.10
C VAL T 64 13.89 -40.48 156.78
N THR T 65 14.83 -39.65 156.36
CA THR T 65 14.51 -38.27 156.02
C THR T 65 13.70 -38.26 154.73
N ARG T 66 12.38 -38.30 154.87
CA ARG T 66 11.49 -38.53 153.75
C ARG T 66 10.83 -37.27 153.23
N ARG T 67 10.89 -36.17 154.00
CA ARG T 67 10.36 -34.88 153.60
C ARG T 67 11.38 -33.80 153.91
N PRO T 68 11.54 -32.81 153.03
CA PRO T 68 12.48 -31.71 153.31
C PRO T 68 12.09 -31.01 154.60
N LEU T 69 13.09 -30.67 155.40
CA LEU T 69 12.88 -30.02 156.69
C LEU T 69 13.58 -28.66 156.65
N VAL T 70 12.80 -27.60 156.76
CA VAL T 70 13.36 -26.24 156.82
C VAL T 70 13.38 -25.86 158.29
N LEU T 71 14.50 -26.16 158.96
CA LEU T 71 14.74 -25.69 160.30
C LEU T 71 15.15 -24.24 160.26
N GLN T 72 14.63 -23.46 161.21
CA GLN T 72 15.02 -22.06 161.36
C GLN T 72 15.40 -21.85 162.82
N LEU T 73 16.69 -21.72 163.05
CA LEU T 73 17.16 -21.29 164.37
C LEU T 73 16.93 -19.80 164.50
N VAL T 74 16.28 -19.39 165.58
CA VAL T 74 15.94 -17.98 165.81
C VAL T 74 16.34 -17.60 167.22
N ASN T 75 17.09 -16.51 167.34
CA ASN T 75 17.51 -16.02 168.65
C ASN T 75 16.31 -15.45 169.40
N ALA T 76 16.12 -15.90 170.64
CA ALA T 76 14.98 -15.49 171.43
C ALA T 76 15.36 -15.53 172.90
N THR T 77 14.36 -15.39 173.78
CA THR T 77 14.61 -15.32 175.20
C THR T 77 14.86 -16.71 175.79
N THR T 78 13.89 -17.60 175.66
CA THR T 78 13.95 -18.94 176.24
C THR T 78 14.10 -19.99 175.14
N GLU T 79 14.32 -21.23 175.57
CA GLU T 79 14.53 -22.36 174.68
C GLU T 79 13.20 -23.09 174.45
N TYR T 80 12.78 -23.18 173.20
CA TYR T 80 11.64 -23.98 172.80
C TYR T 80 11.67 -24.14 171.29
N ALA T 81 10.69 -24.87 170.76
CA ALA T 81 10.59 -25.08 169.32
C ALA T 81 9.14 -25.28 168.95
N GLU T 82 8.78 -24.81 167.77
CA GLU T 82 7.41 -24.96 167.28
C GLU T 82 7.41 -25.30 165.80
N PHE T 83 6.47 -26.18 165.43
CA PHE T 83 6.22 -26.48 164.03
C PHE T 83 5.37 -25.39 163.41
N LEU T 84 4.93 -25.62 162.18
CA LEU T 84 4.05 -24.69 161.48
C LEU T 84 2.64 -25.22 161.31
N HIS T 85 2.48 -26.52 161.08
CA HIS T 85 1.17 -27.12 160.96
C HIS T 85 0.41 -27.16 162.29
N CYS T 86 1.09 -26.92 163.41
CA CYS T 86 0.51 -26.98 164.74
C CYS T 86 0.80 -25.69 165.51
N LYS T 87 0.48 -24.56 164.88
CA LYS T 87 0.78 -23.25 165.44
C LYS T 87 0.36 -23.15 166.90
N GLY T 88 1.21 -22.51 167.70
CA GLY T 88 0.95 -22.32 169.11
C GLY T 88 1.36 -23.47 170.01
N LYS T 89 1.63 -24.65 169.44
CA LYS T 89 2.04 -25.81 170.23
C LYS T 89 3.55 -25.76 170.39
N LYS T 90 4.01 -25.14 171.47
CA LYS T 90 5.44 -25.01 171.74
C LYS T 90 5.98 -26.34 172.26
N PHE T 91 7.11 -26.76 171.70
CA PHE T 91 7.76 -28.01 172.07
C PHE T 91 9.04 -27.73 172.83
N THR T 92 9.17 -28.36 174.00
CA THR T 92 10.39 -28.31 174.78
C THR T 92 11.09 -29.65 174.89
N ASP T 93 10.35 -30.75 174.77
CA ASP T 93 10.91 -32.10 174.84
C ASP T 93 11.36 -32.52 173.45
N PHE T 94 12.68 -32.59 173.24
CA PHE T 94 13.22 -32.92 171.94
C PHE T 94 12.86 -34.33 171.50
N GLU T 95 12.60 -35.24 172.44
CA GLU T 95 12.06 -36.55 172.07
C GLU T 95 10.68 -36.41 171.44
N GLU T 96 9.84 -35.53 171.99
CA GLU T 96 8.55 -35.26 171.36
C GLU T 96 8.74 -34.61 170.00
N VAL T 97 9.73 -33.73 169.86
CA VAL T 97 10.01 -33.13 168.55
C VAL T 97 10.39 -34.21 167.54
N ARG T 98 11.25 -35.14 167.95
CA ARG T 98 11.69 -36.21 167.05
C ARG T 98 10.53 -37.12 166.67
N LEU T 99 9.67 -37.45 167.63
CA LEU T 99 8.52 -38.28 167.29
C LEU T 99 7.56 -37.54 166.36
N GLU T 100 7.30 -36.26 166.64
CA GLU T 100 6.32 -35.53 165.86
C GLU T 100 6.80 -35.28 164.44
N ILE T 101 8.12 -35.08 164.25
CA ILE T 101 8.60 -34.81 162.90
C ILE T 101 8.38 -36.01 161.99
N GLU T 102 8.65 -37.22 162.48
CA GLU T 102 8.38 -38.39 161.66
C GLU T 102 6.89 -38.71 161.57
N ALA T 103 6.11 -38.36 162.60
CA ALA T 103 4.67 -38.49 162.50
C ALA T 103 4.11 -37.61 161.39
N GLU T 104 4.58 -36.37 161.29
CA GLU T 104 4.19 -35.52 160.17
C GLU T 104 4.76 -36.03 158.86
N THR T 105 5.96 -36.63 158.91
CA THR T 105 6.59 -37.15 157.71
C THR T 105 5.76 -38.24 157.07
N ASP T 106 5.25 -39.18 157.87
CA ASP T 106 4.45 -40.25 157.29
C ASP T 106 2.96 -39.92 157.24
N ARG T 107 2.51 -38.86 157.91
CA ARG T 107 1.11 -38.44 157.82
C ARG T 107 0.73 -37.97 156.43
N VAL T 108 1.72 -37.66 155.59
CA VAL T 108 1.44 -37.15 154.25
C VAL T 108 1.73 -38.19 153.17
N THR T 109 2.74 -39.04 153.37
CA THR T 109 3.17 -39.98 152.35
C THR T 109 2.81 -41.43 152.65
N GLY T 110 2.61 -41.79 153.91
CA GLY T 110 2.39 -43.17 154.29
C GLY T 110 3.66 -43.80 154.83
N THR T 111 3.61 -45.13 154.92
CA THR T 111 4.73 -45.91 155.41
C THR T 111 5.43 -46.65 154.27
N ASN T 112 5.04 -46.39 153.03
CA ASN T 112 5.55 -47.12 151.88
C ASN T 112 6.64 -46.33 151.16
N LYS T 113 7.40 -45.52 151.90
CA LYS T 113 8.61 -44.87 151.42
C LYS T 113 8.38 -43.93 150.22
N GLY T 114 7.17 -43.37 150.10
CA GLY T 114 6.97 -42.31 149.13
C GLY T 114 7.35 -40.96 149.69
N ILE T 115 7.60 -39.99 148.81
CA ILE T 115 8.05 -38.69 149.28
C ILE T 115 7.13 -37.60 148.75
N SER T 116 7.24 -36.42 149.36
CA SER T 116 6.43 -35.27 149.04
C SER T 116 7.33 -34.05 148.95
N PRO T 117 7.22 -33.27 147.89
CA PRO T 117 8.10 -32.10 147.74
C PRO T 117 7.63 -30.90 148.52
N VAL T 118 6.70 -31.09 149.45
CA VAL T 118 6.17 -30.01 150.28
C VAL T 118 6.99 -29.95 151.56
N PRO T 119 7.71 -28.87 151.82
CA PRO T 119 8.62 -28.84 152.98
C PRO T 119 7.91 -28.93 154.32
N ILE T 120 8.69 -29.01 155.39
CA ILE T 120 8.18 -29.00 156.75
C ILE T 120 8.91 -27.89 157.46
N ASN T 121 8.24 -26.77 157.71
CA ASN T 121 8.87 -25.69 158.44
C ASN T 121 8.94 -26.01 159.92
N LEU T 122 10.02 -25.55 160.55
CA LEU T 122 10.22 -25.76 161.97
C LEU T 122 11.03 -24.58 162.47
N ARG T 123 10.72 -24.08 163.66
CA ARG T 123 11.45 -22.94 164.22
C ARG T 123 11.87 -23.26 165.64
N VAL T 124 13.18 -23.27 165.88
CA VAL T 124 13.73 -23.44 167.22
C VAL T 124 14.14 -22.08 167.73
N TYR T 125 13.45 -21.59 168.76
CA TYR T 125 13.77 -20.32 169.38
C TYR T 125 14.64 -20.57 170.60
N SER T 126 15.79 -19.91 170.64
CA SER T 126 16.73 -20.12 171.74
C SER T 126 17.70 -18.95 171.80
N PRO T 127 18.21 -18.63 172.99
CA PRO T 127 19.27 -17.61 173.07
C PRO T 127 20.61 -18.10 172.55
N HIS T 128 20.73 -19.37 172.17
CA HIS T 128 21.99 -19.96 171.76
C HIS T 128 22.07 -20.20 170.26
N VAL T 129 21.23 -19.53 169.48
CA VAL T 129 21.21 -19.73 168.03
C VAL T 129 21.17 -18.38 167.32
N LEU T 130 21.66 -18.39 166.09
CA LEU T 130 21.56 -17.24 165.19
C LEU T 130 20.17 -17.23 164.54
N ASN T 131 20.01 -16.41 163.52
CA ASN T 131 18.84 -16.46 162.64
C ASN T 131 19.17 -17.25 161.38
N LEU T 132 19.35 -18.55 161.56
CA LEU T 132 19.85 -19.42 160.49
C LEU T 132 18.76 -20.31 159.91
N THR T 133 18.96 -20.69 158.66
CA THR T 133 18.07 -21.58 157.93
C THR T 133 18.85 -22.84 157.55
N LEU T 134 18.50 -23.96 158.18
CA LEU T 134 19.12 -25.24 157.91
C LEU T 134 18.13 -26.09 157.13
N VAL T 135 18.47 -26.41 155.88
CA VAL T 135 17.55 -27.12 154.99
C VAL T 135 18.03 -28.56 154.90
N ASP T 136 17.47 -29.42 155.75
CA ASP T 136 17.70 -30.85 155.61
C ASP T 136 16.88 -31.36 154.43
N LEU T 137 17.48 -32.24 153.64
CA LEU T 137 16.89 -32.73 152.41
C LEU T 137 16.84 -34.25 152.43
N PRO T 138 15.91 -34.86 151.69
CA PRO T 138 15.87 -36.31 151.63
C PRO T 138 17.03 -36.86 150.82
N GLY T 139 17.41 -38.10 151.14
CA GLY T 139 18.48 -38.74 150.40
C GLY T 139 18.12 -38.96 148.95
N MET T 140 19.14 -38.88 148.09
CA MET T 140 18.93 -39.07 146.67
C MET T 140 18.81 -40.55 146.35
N THR T 141 17.88 -40.87 145.44
CA THR T 141 17.54 -42.23 145.09
C THR T 141 17.55 -42.36 143.57
N LYS T 142 17.85 -43.56 143.08
CA LYS T 142 17.96 -43.77 141.65
C LYS T 142 16.92 -44.77 141.13
N VAL T 143 16.55 -45.75 141.96
CA VAL T 143 15.53 -46.71 141.56
C VAL T 143 14.36 -46.63 142.54
N PRO T 144 13.13 -46.62 142.05
CA PRO T 144 11.98 -46.46 142.95
C PRO T 144 11.70 -47.70 143.79
N VAL T 145 11.89 -47.58 145.10
CA VAL T 145 11.55 -48.64 146.04
C VAL T 145 10.24 -48.28 146.73
N GLY T 146 9.33 -49.25 146.82
CA GLY T 146 8.02 -48.98 147.40
C GLY T 146 7.03 -48.53 146.35
N ASP T 147 6.15 -47.60 146.72
CA ASP T 147 5.17 -47.06 145.80
C ASP T 147 5.62 -45.76 145.15
N GLN T 148 6.93 -45.49 145.16
CA GLN T 148 7.43 -44.28 144.54
C GLN T 148 7.22 -44.32 143.04
N PRO T 149 6.91 -43.18 142.43
CA PRO T 149 6.66 -43.15 140.99
C PRO T 149 7.94 -43.42 140.22
N PRO T 150 7.84 -43.70 138.91
CA PRO T 150 9.04 -44.07 138.14
C PRO T 150 10.10 -42.98 138.06
N ASP T 151 9.75 -41.73 138.33
CA ASP T 151 10.69 -40.62 138.21
C ASP T 151 11.08 -40.08 139.59
N ILE T 152 11.33 -40.99 140.54
CA ILE T 152 11.73 -40.59 141.87
C ILE T 152 13.05 -39.84 141.84
N GLU T 153 13.99 -40.29 141.00
CA GLU T 153 15.28 -39.63 140.90
C GLU T 153 15.12 -38.20 140.41
N PHE T 154 14.26 -38.00 139.41
CA PHE T 154 14.12 -36.67 138.85
C PHE T 154 13.35 -35.75 139.80
N GLN T 155 12.36 -36.27 140.51
CA GLN T 155 11.65 -35.38 141.43
C GLN T 155 12.39 -35.21 142.76
N ILE T 156 13.46 -35.95 143.01
CA ILE T 156 14.33 -35.62 144.14
C ILE T 156 15.43 -34.66 143.71
N ARG T 157 15.95 -34.80 142.49
CA ARG T 157 16.92 -33.84 141.98
C ARG T 157 16.30 -32.46 141.81
N ASP T 158 15.09 -32.40 141.23
CA ASP T 158 14.39 -31.12 141.12
C ASP T 158 13.99 -30.60 142.49
N MET T 159 13.79 -31.48 143.46
CA MET T 159 13.59 -31.04 144.83
C MET T 159 14.82 -30.32 145.36
N LEU T 160 16.01 -30.89 145.09
CA LEU T 160 17.24 -30.31 145.64
C LEU T 160 17.63 -29.04 144.92
N MET T 161 17.29 -28.91 143.63
CA MET T 161 17.68 -27.72 142.88
C MET T 161 17.04 -26.47 143.48
N GLN T 162 15.75 -26.51 143.80
CA GLN T 162 15.09 -25.30 144.29
C GLN T 162 15.64 -24.86 145.64
N PHE T 163 16.40 -25.71 146.32
CA PHE T 163 16.99 -25.35 147.60
C PHE T 163 18.48 -25.05 147.53
N VAL T 164 19.20 -25.55 146.53
CA VAL T 164 20.64 -25.34 146.47
C VAL T 164 21.07 -24.42 145.34
N THR T 165 20.20 -24.12 144.36
CA THR T 165 20.65 -23.26 143.27
C THR T 165 20.71 -21.81 143.71
N LYS T 166 19.97 -21.43 144.75
CA LYS T 166 19.98 -20.06 145.21
C LYS T 166 21.33 -19.73 145.83
N GLU T 167 21.87 -18.56 145.50
CA GLU T 167 23.14 -18.14 146.06
C GLU T 167 23.01 -17.95 147.57
N ASN T 168 24.17 -17.82 148.22
CA ASN T 168 24.24 -17.79 149.68
C ASN T 168 23.56 -19.02 150.27
N CYS T 169 23.89 -20.17 149.70
CA CYS T 169 23.41 -21.47 150.18
C CYS T 169 24.62 -22.39 150.31
N LEU T 170 25.13 -22.51 151.52
CA LEU T 170 26.21 -23.46 151.77
C LEU T 170 25.73 -24.87 151.46
N ILE T 171 26.48 -25.58 150.64
CA ILE T 171 26.11 -26.93 150.21
C ILE T 171 27.05 -27.90 150.89
N LEU T 172 26.54 -28.63 151.88
CA LEU T 172 27.29 -29.70 152.52
C LEU T 172 27.10 -30.94 151.65
N ALA T 173 28.10 -31.23 150.83
CA ALA T 173 28.13 -32.47 150.06
C ALA T 173 28.55 -33.57 151.01
N VAL T 174 27.59 -34.33 151.53
CA VAL T 174 27.87 -35.40 152.46
C VAL T 174 28.02 -36.69 151.66
N SER T 175 29.19 -37.32 151.79
CA SER T 175 29.47 -38.55 151.08
C SER T 175 29.93 -39.60 152.08
N PRO T 176 29.54 -40.85 151.89
CA PRO T 176 30.00 -41.90 152.80
C PRO T 176 31.41 -42.35 152.42
N ALA T 177 32.17 -42.74 153.44
CA ALA T 177 33.52 -43.21 153.19
C ALA T 177 33.52 -44.57 152.53
N ASN T 178 32.58 -45.43 152.92
CA ASN T 178 32.54 -46.78 152.37
C ASN T 178 32.38 -46.78 150.86
N SER T 179 31.42 -46.00 150.36
CA SER T 179 31.27 -45.88 148.92
C SER T 179 32.41 -45.06 148.35
N ASP T 180 32.70 -45.30 147.07
CA ASP T 180 33.77 -44.57 146.41
C ASP T 180 33.34 -43.12 146.21
N LEU T 181 34.33 -42.22 146.24
CA LEU T 181 34.04 -40.80 146.14
C LEU T 181 33.51 -40.43 144.75
N ALA T 182 33.93 -41.16 143.72
CA ALA T 182 33.46 -40.87 142.37
C ALA T 182 31.97 -41.14 142.24
N ASN T 183 31.36 -41.85 143.18
CA ASN T 183 29.94 -42.13 143.17
C ASN T 183 29.14 -41.18 144.04
N SER T 184 29.73 -40.08 144.50
CA SER T 184 29.05 -39.16 145.40
C SER T 184 28.07 -38.30 144.60
N ASP T 185 26.78 -38.63 144.70
CA ASP T 185 25.76 -37.77 144.12
C ASP T 185 25.83 -36.37 144.71
N ALA T 186 26.25 -36.27 145.98
CA ALA T 186 26.47 -34.97 146.59
C ALA T 186 27.46 -34.15 145.77
N LEU T 187 28.61 -34.73 145.45
CA LEU T 187 29.61 -34.00 144.68
C LEU T 187 29.15 -33.75 143.27
N LYS T 188 28.37 -34.66 142.68
CA LYS T 188 27.82 -34.39 141.35
C LYS T 188 26.94 -33.15 141.37
N VAL T 189 26.03 -33.07 142.35
CA VAL T 189 25.16 -31.91 142.47
C VAL T 189 25.97 -30.64 142.76
N ALA T 190 27.00 -30.77 143.60
CA ALA T 190 27.82 -29.61 143.94
C ALA T 190 28.56 -29.08 142.73
N LYS T 191 29.12 -29.97 141.90
CA LYS T 191 29.78 -29.51 140.68
C LYS T 191 28.79 -29.05 139.62
N GLU T 192 27.52 -29.44 139.73
CA GLU T 192 26.53 -28.91 138.80
C GLU T 192 26.10 -27.49 139.18
N VAL T 193 25.81 -27.25 140.45
CA VAL T 193 25.21 -25.99 140.89
C VAL T 193 26.22 -25.09 141.59
N ASP T 194 27.50 -25.43 141.54
CA ASP T 194 28.56 -24.64 142.16
C ASP T 194 29.89 -25.05 141.56
N PRO T 195 30.14 -24.70 140.29
CA PRO T 195 31.32 -25.26 139.60
C PRO T 195 32.64 -25.00 140.30
N GLN T 196 32.92 -23.74 140.63
CA GLN T 196 34.21 -23.42 141.26
C GLN T 196 34.29 -23.88 142.70
N GLY T 197 33.19 -24.35 143.28
CA GLY T 197 33.20 -24.77 144.67
C GLY T 197 33.39 -23.63 145.65
N GLN T 198 32.80 -22.48 145.38
CA GLN T 198 32.93 -21.34 146.29
C GLN T 198 32.23 -21.61 147.61
N ARG T 199 31.05 -22.22 147.57
CA ARG T 199 30.19 -22.39 148.74
C ARG T 199 29.87 -23.86 148.99
N THR T 200 30.84 -24.73 148.72
CA THR T 200 30.67 -26.18 148.85
C THR T 200 31.59 -26.69 149.95
N ILE T 201 31.01 -27.36 150.94
CA ILE T 201 31.76 -27.98 152.02
C ILE T 201 31.62 -29.49 151.85
N GLY T 202 32.74 -30.18 151.67
CA GLY T 202 32.72 -31.62 151.56
C GLY T 202 32.82 -32.27 152.93
N VAL T 203 31.93 -33.23 153.18
CA VAL T 203 31.92 -33.96 154.43
C VAL T 203 31.98 -35.45 154.12
N ILE T 204 32.83 -36.17 154.84
CA ILE T 204 33.02 -37.60 154.64
C ILE T 204 32.57 -38.31 155.92
N THR T 205 31.54 -39.14 155.80
CA THR T 205 30.93 -39.81 156.92
C THR T 205 31.26 -41.30 156.91
N LYS T 206 31.03 -41.94 158.05
CA LYS T 206 31.22 -43.37 158.21
C LYS T 206 32.67 -43.78 157.92
N LEU T 207 33.58 -43.16 158.65
CA LEU T 207 34.99 -43.48 158.54
C LEU T 207 35.39 -44.68 159.38
N ASP T 208 34.52 -45.15 160.29
CA ASP T 208 34.81 -46.31 161.10
C ASP T 208 34.29 -47.60 160.47
N LEU T 209 33.70 -47.53 159.28
CA LEU T 209 33.16 -48.71 158.60
C LEU T 209 33.81 -48.91 157.23
N MET T 210 34.98 -48.34 157.00
CA MET T 210 35.65 -48.51 155.72
C MET T 210 36.10 -49.94 155.53
N ASP T 211 36.27 -50.33 154.27
CA ASP T 211 36.75 -51.66 153.95
C ASP T 211 38.10 -51.89 154.61
N GLU T 212 38.25 -53.05 155.26
CA GLU T 212 39.44 -53.31 156.05
C GLU T 212 40.69 -53.25 155.17
N GLY T 213 41.72 -52.60 155.69
CA GLY T 213 42.95 -52.41 154.97
C GLY T 213 42.97 -51.23 154.03
N THR T 214 41.90 -50.44 153.99
CA THR T 214 41.82 -49.26 153.15
C THR T 214 41.62 -48.03 154.04
N ASP T 215 41.96 -46.87 153.49
CA ASP T 215 41.79 -45.62 154.22
C ASP T 215 41.56 -44.50 153.22
N ALA T 216 40.71 -43.55 153.59
CA ALA T 216 40.35 -42.43 152.73
C ALA T 216 41.30 -41.25 152.89
N ARG T 217 42.55 -41.50 153.29
CA ARG T 217 43.51 -40.43 153.51
C ARG T 217 43.66 -39.54 152.28
N ASP T 218 43.75 -40.15 151.10
CA ASP T 218 43.89 -39.38 149.87
C ASP T 218 42.66 -38.55 149.54
N VAL T 219 41.53 -38.82 150.19
CA VAL T 219 40.34 -37.98 150.04
C VAL T 219 40.31 -36.88 151.08
N LEU T 220 40.55 -37.24 152.34
CA LEU T 220 40.51 -36.26 153.42
C LEU T 220 41.62 -35.22 153.27
N GLU T 221 42.72 -35.56 152.59
CA GLU T 221 43.78 -34.61 152.33
C GLU T 221 43.56 -33.83 151.04
N ASN T 222 42.32 -33.84 150.52
CA ASN T 222 41.94 -33.05 149.34
C ASN T 222 42.83 -33.36 148.15
N LYS T 223 43.26 -34.61 148.04
CA LYS T 223 44.14 -35.04 146.96
C LYS T 223 43.39 -35.68 145.81
N LEU T 224 42.46 -36.60 146.11
CA LEU T 224 41.74 -37.32 145.06
C LEU T 224 40.91 -36.35 144.21
N LEU T 225 39.93 -35.72 144.82
CA LEU T 225 39.05 -34.77 144.13
C LEU T 225 39.28 -33.38 144.69
N PRO T 226 39.92 -32.48 143.94
CA PRO T 226 40.25 -31.15 144.49
C PRO T 226 38.98 -30.36 144.81
N LEU T 227 38.91 -29.89 146.05
CA LEU T 227 37.79 -29.11 146.53
C LEU T 227 38.32 -27.88 147.25
N ARG T 228 37.67 -26.73 147.04
CA ARG T 228 38.22 -25.48 147.53
C ARG T 228 38.29 -25.44 149.05
N ARG T 229 37.20 -25.83 149.72
CA ARG T 229 37.16 -25.79 151.17
C ARG T 229 37.68 -27.07 151.82
N GLY T 230 38.00 -28.09 151.03
CA GLY T 230 38.49 -29.33 151.56
C GLY T 230 37.40 -30.19 152.17
N TYR T 231 37.77 -31.40 152.53
CA TYR T 231 36.84 -32.36 153.11
C TYR T 231 37.04 -32.45 154.62
N ILE T 232 35.96 -32.73 155.32
CA ILE T 232 35.97 -32.88 156.77
C ILE T 232 35.42 -34.26 157.10
N GLY T 233 36.24 -35.11 157.70
CA GLY T 233 35.77 -36.40 158.12
C GLY T 233 35.08 -36.35 159.47
N VAL T 234 34.01 -37.14 159.59
CA VAL T 234 33.25 -37.21 160.83
C VAL T 234 32.79 -38.64 161.04
N VAL T 235 32.71 -39.04 162.31
CA VAL T 235 32.18 -40.34 162.69
C VAL T 235 30.98 -40.10 163.58
N ASN T 236 29.83 -40.60 163.17
CA ASN T 236 28.57 -40.38 163.87
C ASN T 236 28.23 -41.61 164.71
N ARG T 237 27.06 -41.59 165.33
CA ARG T 237 26.61 -42.75 166.09
C ARG T 237 26.22 -43.87 165.13
N SER T 238 26.70 -45.08 165.40
CA SER T 238 26.29 -46.22 164.61
C SER T 238 24.81 -46.53 164.84
N GLN T 239 24.25 -47.36 163.97
CA GLN T 239 22.84 -47.71 164.11
C GLN T 239 22.59 -48.44 165.42
N LYS T 240 23.52 -49.30 165.83
CA LYS T 240 23.42 -49.94 167.13
C LYS T 240 23.42 -48.90 168.24
N ASP T 241 24.25 -47.87 168.11
CA ASP T 241 24.28 -46.81 169.11
C ASP T 241 22.95 -46.05 169.15
N ILE T 242 22.35 -45.81 167.98
CA ILE T 242 21.05 -45.14 167.94
C ILE T 242 20.00 -46.00 168.64
N ASP T 243 20.02 -47.30 168.38
CA ASP T 243 19.05 -48.18 169.02
C ASP T 243 19.28 -48.24 170.53
N GLY T 244 20.53 -48.24 170.96
CA GLY T 244 20.87 -48.24 172.37
C GLY T 244 20.81 -46.89 173.04
N LYS T 245 20.46 -45.84 172.29
CA LYS T 245 20.30 -44.49 172.82
C LYS T 245 21.60 -43.97 173.44
N LYS T 246 22.68 -44.05 172.66
CA LYS T 246 23.95 -43.49 173.10
C LYS T 246 23.87 -41.97 173.14
N ASP T 247 24.74 -41.36 173.94
CA ASP T 247 24.69 -39.93 174.16
C ASP T 247 25.78 -39.19 173.39
N ILE T 248 25.60 -37.87 173.30
CA ILE T 248 26.52 -37.02 172.55
C ILE T 248 27.91 -37.04 173.18
N THR T 249 27.99 -37.09 174.51
CA THR T 249 29.29 -37.09 175.18
C THR T 249 30.12 -38.30 174.77
N ALA T 250 29.53 -39.49 174.91
CA ALA T 250 30.25 -40.72 174.54
C ALA T 250 30.54 -40.76 173.05
N ALA T 251 29.59 -40.31 172.22
CA ALA T 251 29.82 -40.31 170.79
C ALA T 251 31.00 -39.42 170.42
N LEU T 252 31.06 -38.23 171.01
CA LEU T 252 32.17 -37.32 170.73
C LEU T 252 33.49 -37.88 171.26
N ALA T 253 33.46 -38.51 172.44
CA ALA T 253 34.69 -39.10 172.95
C ALA T 253 35.21 -40.19 172.01
N ALA T 254 34.32 -41.07 171.55
CA ALA T 254 34.74 -42.13 170.63
C ALA T 254 35.22 -41.56 169.31
N GLU T 255 34.53 -40.55 168.78
CA GLU T 255 34.94 -39.94 167.53
C GLU T 255 36.30 -39.28 167.65
N ARG T 256 36.57 -38.62 168.78
CA ARG T 256 37.86 -37.99 168.98
C ARG T 256 38.96 -39.03 169.12
N LYS T 257 38.71 -40.10 169.89
CA LYS T 257 39.75 -41.10 170.08
C LYS T 257 39.99 -41.93 168.82
N PHE T 258 39.01 -42.02 167.92
CA PHE T 258 39.22 -42.78 166.70
C PHE T 258 40.31 -42.17 165.84
N PHE T 259 40.27 -40.85 165.64
CA PHE T 259 41.26 -40.21 164.79
C PHE T 259 42.64 -40.18 165.41
N LEU T 260 42.76 -40.48 166.71
CA LEU T 260 44.07 -40.70 167.32
C LEU T 260 44.51 -42.14 167.21
N SER T 261 43.57 -43.09 167.29
CA SER T 261 43.91 -44.49 167.16
C SER T 261 44.34 -44.84 165.74
N HIS T 262 43.69 -44.26 164.74
CA HIS T 262 43.96 -44.65 163.36
C HIS T 262 45.32 -44.13 162.92
N PRO T 263 46.24 -44.99 162.49
CA PRO T 263 47.56 -44.51 162.06
C PRO T 263 47.51 -43.56 160.87
N SER T 264 46.58 -43.75 159.94
CA SER T 264 46.52 -42.90 158.76
C SER T 264 45.95 -41.52 159.06
N TYR T 265 45.20 -41.37 160.16
CA TYR T 265 44.56 -40.11 160.50
C TYR T 265 45.10 -39.51 161.79
N ARG T 266 46.19 -40.05 162.33
CA ARG T 266 46.74 -39.52 163.57
C ARG T 266 47.17 -38.07 163.41
N HIS T 267 47.72 -37.72 162.25
CA HIS T 267 48.21 -36.38 161.99
C HIS T 267 47.11 -35.45 161.47
N LEU T 268 45.84 -35.81 161.68
CA LEU T 268 44.74 -34.95 161.24
C LEU T 268 43.65 -34.84 162.30
N ALA T 269 43.87 -35.33 163.52
CA ALA T 269 42.80 -35.38 164.51
C ALA T 269 42.24 -34.00 164.82
N ASP T 270 43.10 -32.97 164.85
CA ASP T 270 42.61 -31.62 165.09
C ASP T 270 41.87 -31.04 163.89
N ARG T 271 42.16 -31.51 162.69
CA ARG T 271 41.54 -30.98 161.48
C ARG T 271 40.34 -31.78 161.00
N MET T 272 40.04 -32.90 161.65
CA MET T 272 38.87 -33.71 161.31
C MET T 272 38.00 -33.89 162.54
N GLY T 273 36.69 -34.02 162.31
CA GLY T 273 35.77 -34.22 163.40
C GLY T 273 34.62 -33.23 163.43
N THR T 274 33.58 -33.56 164.20
CA THR T 274 32.42 -32.67 164.30
C THR T 274 32.74 -31.30 164.87
N PRO T 275 33.53 -31.16 165.94
CA PRO T 275 33.89 -29.80 166.38
C PRO T 275 34.59 -28.99 165.31
N TYR T 276 35.47 -29.61 164.53
CA TYR T 276 36.14 -28.87 163.46
C TYR T 276 35.17 -28.54 162.34
N LEU T 277 34.17 -29.40 162.10
CA LEU T 277 33.13 -29.07 161.14
C LEU T 277 32.35 -27.85 161.59
N GLN T 278 32.01 -27.79 162.88
CA GLN T 278 31.33 -26.61 163.41
C GLN T 278 32.19 -25.37 163.25
N LYS T 279 33.49 -25.49 163.54
CA LYS T 279 34.39 -24.35 163.42
C LYS T 279 34.47 -23.87 161.97
N VAL T 280 34.55 -24.79 161.01
CA VAL T 280 34.62 -24.39 159.60
C VAL T 280 33.32 -23.73 159.16
N LEU T 281 32.17 -24.28 159.57
CA LEU T 281 30.90 -23.67 159.19
C LEU T 281 30.77 -22.27 159.76
N ASN T 282 31.13 -22.09 161.03
CA ASN T 282 31.04 -20.77 161.64
C ASN T 282 32.03 -19.80 161.01
N GLN T 283 33.21 -20.29 160.65
CA GLN T 283 34.17 -19.45 159.94
C GLN T 283 33.60 -19.02 158.59
N GLN T 284 32.90 -19.92 157.91
CA GLN T 284 32.32 -19.58 156.61
C GLN T 284 31.19 -18.56 156.76
N LEU T 285 30.43 -18.64 157.86
CA LEU T 285 29.41 -17.63 158.12
C LEU T 285 30.04 -16.27 158.42
N THR T 286 31.10 -16.26 159.24
CA THR T 286 31.76 -15.01 159.57
C THR T 286 32.42 -14.38 158.35
N ASN T 287 32.98 -15.21 157.47
CA ASN T 287 33.59 -14.71 156.25
C ASN T 287 32.57 -14.20 155.24
N HIS T 288 31.27 -14.32 155.54
CA HIS T 288 30.23 -13.65 154.78
C HIS T 288 29.72 -12.40 155.50
N ILE T 289 29.54 -12.49 156.82
CA ILE T 289 29.17 -11.29 157.58
C ILE T 289 30.18 -10.18 157.35
N ARG T 290 31.47 -10.51 157.50
CA ARG T 290 32.51 -9.52 157.32
C ARG T 290 32.80 -9.24 155.85
N ASP T 291 32.39 -10.14 154.95
CA ASP T 291 32.50 -9.86 153.52
C ASP T 291 31.52 -8.78 153.10
N THR T 292 30.31 -8.79 153.67
CA THR T 292 29.28 -7.86 153.22
C THR T 292 29.56 -6.43 153.65
N LEU T 293 30.30 -6.24 154.74
CA LEU T 293 30.43 -4.92 155.36
C LEU T 293 30.91 -3.80 154.43
N PRO T 294 31.90 -4.00 153.54
CA PRO T 294 32.28 -2.89 152.64
C PRO T 294 31.13 -2.32 151.83
N GLY T 295 30.27 -3.18 151.29
CA GLY T 295 29.13 -2.69 150.52
C GLY T 295 28.19 -1.85 151.35
N LEU T 296 27.85 -2.34 152.55
CA LEU T 296 26.99 -1.58 153.45
C LEU T 296 27.62 -0.24 153.80
N ARG T 297 28.91 -0.24 154.10
CA ARG T 297 29.57 0.99 154.51
C ARG T 297 29.56 2.02 153.39
N ASN T 298 29.89 1.61 152.16
CA ASN T 298 29.92 2.60 151.09
C ASN T 298 28.52 3.07 150.72
N LYS T 299 27.53 2.17 150.72
CA LYS T 299 26.17 2.59 150.41
C LYS T 299 25.62 3.54 151.46
N LEU T 300 25.87 3.26 152.74
CA LEU T 300 25.42 4.17 153.78
C LEU T 300 26.20 5.47 153.76
N GLN T 301 27.47 5.45 153.34
CA GLN T 301 28.18 6.70 153.14
C GLN T 301 27.54 7.53 152.04
N SER T 302 27.12 6.89 150.95
CA SER T 302 26.41 7.61 149.91
C SER T 302 25.09 8.19 150.42
N GLN T 303 24.35 7.44 151.22
CA GLN T 303 23.09 7.95 151.74
C GLN T 303 23.31 9.10 152.72
N LEU T 304 24.33 9.00 153.58
CA LEU T 304 24.66 10.10 154.46
C LEU T 304 25.14 11.32 153.68
N LEU T 305 25.82 11.09 152.55
CA LEU T 305 26.17 12.19 151.65
C LEU T 305 24.91 12.86 151.12
N SER T 306 23.89 12.06 150.79
CA SER T 306 22.63 12.64 150.30
C SER T 306 21.95 13.47 151.38
N ILE T 307 21.99 13.00 152.64
CA ILE T 307 21.22 13.71 153.68
C ILE T 307 22.00 14.87 154.29
N GLU T 308 23.34 14.86 154.20
CA GLU T 308 24.13 15.86 154.90
C GLU T 308 23.88 17.26 154.34
N LYS T 309 23.61 17.37 153.04
CA LYS T 309 23.31 18.67 152.46
C LYS T 309 22.06 19.28 153.08
N GLU T 310 21.02 18.47 153.25
CA GLU T 310 19.82 18.95 153.92
C GLU T 310 20.10 19.27 155.38
N VAL T 311 20.99 18.50 156.02
CA VAL T 311 21.35 18.82 157.39
C VAL T 311 22.17 20.11 157.48
N GLU T 312 22.80 20.53 156.39
CA GLU T 312 23.61 21.74 156.42
C GLU T 312 22.79 22.96 156.80
N GLU T 313 21.66 23.16 156.13
CA GLU T 313 20.77 24.24 156.53
C GLU T 313 19.99 23.91 157.80
N TYR T 314 20.10 22.68 158.30
CA TYR T 314 19.43 22.25 159.52
C TYR T 314 20.42 21.88 160.62
N LYS T 315 21.53 22.61 160.73
CA LYS T 315 22.42 22.42 161.87
C LYS T 315 21.70 22.75 163.18
N ASN T 316 20.96 23.85 163.19
CA ASN T 316 20.34 24.38 164.39
C ASN T 316 18.88 24.75 164.14
N PHE T 317 18.08 24.69 165.20
CA PHE T 317 16.67 25.08 165.14
C PHE T 317 16.23 25.48 166.54
N ARG T 318 15.97 26.76 166.73
CA ARG T 318 15.46 27.28 167.98
C ARG T 318 13.98 27.61 167.86
N PRO T 319 13.25 27.66 168.97
CA PRO T 319 11.85 28.09 168.91
C PRO T 319 11.75 29.51 168.38
N ASP T 320 10.72 29.75 167.55
CA ASP T 320 10.36 31.05 167.00
C ASP T 320 11.31 31.51 165.91
N ASP T 321 12.43 30.79 165.72
CA ASP T 321 13.34 30.96 164.59
C ASP T 321 13.62 32.43 164.28
N PRO T 322 14.43 33.11 165.10
CA PRO T 322 14.56 34.57 164.93
C PRO T 322 15.07 35.00 163.57
N ALA T 323 16.00 34.26 162.97
CA ALA T 323 16.57 34.63 161.69
C ALA T 323 16.29 33.63 160.58
N ARG T 324 16.03 32.37 160.91
CA ARG T 324 15.66 31.39 159.90
C ARG T 324 14.39 31.84 159.19
N LYS T 325 13.47 32.46 159.92
CA LYS T 325 12.24 32.94 159.32
C LYS T 325 12.51 33.98 158.24
N THR T 326 13.35 34.98 158.54
CA THR T 326 13.68 35.99 157.54
C THR T 326 14.42 35.37 156.36
N LYS T 327 15.36 34.47 156.64
CA LYS T 327 16.11 33.85 155.54
C LYS T 327 15.19 33.07 154.62
N ALA T 328 14.30 32.26 155.19
CA ALA T 328 13.38 31.48 154.39
C ALA T 328 12.39 32.37 153.64
N LEU T 329 11.98 33.48 154.27
CA LEU T 329 11.13 34.44 153.57
C LEU T 329 11.83 34.97 152.32
N LEU T 330 13.11 35.33 152.47
CA LEU T 330 13.85 35.83 151.31
C LEU T 330 13.97 34.74 150.24
N GLN T 331 14.23 33.50 150.65
CA GLN T 331 14.35 32.42 149.69
C GLN T 331 13.04 32.23 148.92
N MET T 332 11.92 32.23 149.63
CA MET T 332 10.62 32.07 148.98
C MET T 332 10.33 33.23 148.04
N VAL T 333 10.63 34.46 148.47
CA VAL T 333 10.36 35.62 147.63
C VAL T 333 11.21 35.56 146.36
N GLN T 334 12.47 35.20 146.49
CA GLN T 334 13.33 35.09 145.31
C GLN T 334 12.86 33.98 144.38
N GLN T 335 12.44 32.84 144.95
CA GLN T 335 11.92 31.77 144.12
C GLN T 335 10.68 32.21 143.36
N PHE T 336 9.77 32.91 144.04
CA PHE T 336 8.57 33.39 143.38
C PHE T 336 8.90 34.38 142.28
N ALA T 337 9.83 35.31 142.55
CA ALA T 337 10.17 36.30 141.54
C ALA T 337 10.81 35.65 140.32
N VAL T 338 11.76 34.75 140.54
CA VAL T 338 12.45 34.12 139.42
C VAL T 338 11.49 33.22 138.66
N ASP T 339 10.52 32.61 139.35
CA ASP T 339 9.57 31.76 138.64
C ASP T 339 8.55 32.58 137.86
N PHE T 340 8.15 33.74 138.39
CA PHE T 340 7.30 34.64 137.63
C PHE T 340 8.01 35.09 136.36
N GLU T 341 9.27 35.51 136.50
CA GLU T 341 10.03 35.97 135.34
C GLU T 341 10.24 34.82 134.35
N LYS T 342 10.49 33.62 134.84
CA LYS T 342 10.65 32.47 133.96
C LYS T 342 9.34 32.11 133.26
N ARG T 343 8.21 32.28 133.96
CA ARG T 343 6.92 31.91 133.40
C ARG T 343 6.47 32.89 132.33
N ILE T 344 6.78 34.18 132.52
CA ILE T 344 6.28 35.22 131.62
C ILE T 344 7.37 35.72 130.67
N GLU T 345 8.45 36.27 131.20
CA GLU T 345 9.53 36.74 130.36
C GLU T 345 10.15 35.60 129.57
N GLY T 346 10.40 34.47 130.22
CA GLY T 346 11.04 33.34 129.58
C GLY T 346 12.52 33.27 129.86
N SER T 347 12.90 33.43 131.12
CA SER T 347 14.30 33.34 131.49
C SER T 347 14.83 31.92 131.26
N GLY T 348 16.13 31.76 131.47
CA GLY T 348 16.75 30.47 131.26
C GLY T 348 16.43 29.45 132.34
N ASP T 349 17.30 28.45 132.48
CA ASP T 349 17.22 27.44 133.53
C ASP T 349 15.95 26.60 133.42
N GLN T 350 15.84 25.89 132.29
CA GLN T 350 14.93 24.75 132.17
C GLN T 350 13.46 25.07 132.39
N ILE T 351 12.86 25.83 131.48
CA ILE T 351 11.40 25.99 131.48
C ILE T 351 10.76 24.72 130.95
N ASP T 352 9.65 24.31 131.56
CA ASP T 352 9.04 23.03 131.23
C ASP T 352 8.52 22.99 129.81
N THR T 353 8.58 21.81 129.20
CA THR T 353 8.14 21.59 127.83
C THR T 353 6.89 20.73 127.74
N TYR T 354 6.21 20.48 128.87
CA TYR T 354 5.09 19.54 128.86
C TYR T 354 3.86 20.14 128.18
N GLU T 355 3.43 21.30 128.63
CA GLU T 355 2.20 21.91 128.16
C GLU T 355 2.50 23.23 127.45
N LEU T 356 1.45 23.96 127.11
CA LEU T 356 1.62 25.31 126.61
C LEU T 356 2.24 26.20 127.70
N SER T 357 2.16 25.75 128.95
CA SER T 357 3.12 26.07 130.02
C SER T 357 3.22 27.57 130.28
N GLY T 358 2.13 28.10 130.81
CA GLY T 358 2.21 29.37 131.49
C GLY T 358 1.56 30.50 130.72
N GLY T 359 1.35 31.61 131.43
CA GLY T 359 0.64 32.74 130.85
C GLY T 359 1.34 33.33 129.65
N ALA T 360 2.68 33.26 129.61
CA ALA T 360 3.44 33.99 128.60
C ALA T 360 2.90 33.74 127.20
N ARG T 361 2.71 32.48 126.84
CA ARG T 361 2.23 32.19 125.50
C ARG T 361 0.71 32.24 125.44
N ILE T 362 0.02 31.98 126.57
CA ILE T 362 -1.41 32.29 126.62
C ILE T 362 -1.62 33.79 126.47
N ASN T 363 -0.79 34.59 127.15
CA ASN T 363 -0.85 36.03 126.98
C ASN T 363 -0.56 36.42 125.54
N ARG T 364 0.43 35.78 124.91
CA ARG T 364 0.62 36.00 123.48
C ARG T 364 -0.57 35.60 122.63
N ILE T 365 -1.20 34.46 122.89
CA ILE T 365 -2.30 34.07 122.02
C ILE T 365 -3.41 35.10 122.16
N PHE T 366 -3.50 35.75 123.32
CA PHE T 366 -4.39 36.90 123.45
C PHE T 366 -3.95 38.06 122.57
N HIS T 367 -2.68 38.46 122.67
CA HIS T 367 -2.18 39.59 121.88
C HIS T 367 -2.23 39.32 120.38
N GLU T 368 -2.36 38.08 119.94
CA GLU T 368 -2.42 37.76 118.53
C GLU T 368 -3.70 37.05 118.11
N ARG T 369 -4.71 37.00 118.99
CA ARG T 369 -6.07 36.65 118.60
C ARG T 369 -7.03 37.82 118.73
N PHE T 370 -6.70 38.80 119.59
CA PHE T 370 -7.43 40.06 119.65
C PHE T 370 -7.48 40.75 118.29
N PRO T 371 -6.42 40.69 117.45
CA PRO T 371 -6.58 41.13 116.06
C PRO T 371 -7.53 40.29 115.23
N PHE T 372 -8.13 39.26 115.80
CA PHE T 372 -9.30 38.65 115.18
C PHE T 372 -10.61 39.12 115.79
N GLU T 373 -10.62 39.41 117.10
CA GLU T 373 -11.80 39.98 117.72
C GLU T 373 -12.08 41.40 117.22
N LEU T 374 -11.05 42.11 116.78
CA LEU T 374 -11.29 43.41 116.15
C LEU T 374 -11.97 43.24 114.80
N VAL T 375 -11.50 42.31 113.99
CA VAL T 375 -12.05 42.11 112.64
C VAL T 375 -13.47 41.58 112.73
N LYS T 376 -13.71 40.61 113.61
CA LYS T 376 -14.98 39.88 113.59
C LYS T 376 -16.15 40.78 113.96
N MET T 377 -16.04 41.50 115.08
CA MET T 377 -17.21 42.15 115.66
C MET T 377 -17.71 43.31 114.83
N GLU T 378 -16.83 44.05 114.17
CA GLU T 378 -17.18 45.31 113.53
C GLU T 378 -17.45 45.09 112.04
N PHE T 379 -18.65 45.48 111.59
CA PHE T 379 -19.03 45.40 110.19
C PHE T 379 -20.36 46.11 109.98
N ASP T 380 -20.50 46.72 108.80
CA ASP T 380 -21.79 47.15 108.26
C ASP T 380 -21.56 47.58 106.82
N GLU T 381 -22.62 47.53 106.02
CA GLU T 381 -22.52 47.90 104.62
C GLU T 381 -23.93 48.20 104.10
N LYS T 382 -23.98 49.07 103.09
CA LYS T 382 -25.19 49.43 102.35
C LYS T 382 -26.18 50.21 103.22
N GLU T 383 -25.85 50.41 104.49
CA GLU T 383 -26.46 51.44 105.31
C GLU T 383 -25.54 52.65 105.47
N LEU T 384 -24.24 52.40 105.52
CA LEU T 384 -23.28 53.49 105.45
C LEU T 384 -23.39 54.22 104.12
N ARG T 385 -23.82 53.54 103.06
CA ARG T 385 -24.07 54.24 101.80
C ARG T 385 -25.12 55.32 101.97
N ARG T 386 -26.25 54.97 102.61
CA ARG T 386 -27.29 55.95 102.86
C ARG T 386 -26.82 57.06 103.78
N GLU T 387 -26.08 56.69 104.84
CA GLU T 387 -25.59 57.71 105.76
C GLU T 387 -24.64 58.67 105.07
N ILE T 388 -23.75 58.15 104.22
CA ILE T 388 -22.82 59.00 103.48
C ILE T 388 -23.58 59.89 102.50
N SER T 389 -24.58 59.34 101.82
CA SER T 389 -25.37 60.15 100.89
C SER T 389 -25.99 61.34 101.62
N TYR T 390 -26.58 61.09 102.79
CA TYR T 390 -27.21 62.18 103.53
C TYR T 390 -26.17 63.16 104.05
N ALA T 391 -25.00 62.68 104.48
CA ALA T 391 -23.95 63.59 104.92
C ALA T 391 -23.49 64.49 103.78
N ILE T 392 -23.34 63.92 102.59
CA ILE T 392 -22.95 64.72 101.43
C ILE T 392 -24.01 65.77 101.14
N LYS T 393 -25.27 65.36 101.13
CA LYS T 393 -26.36 66.28 100.82
C LYS T 393 -26.67 67.24 101.95
N ASN T 394 -26.02 67.13 103.11
CA ASN T 394 -26.31 68.04 104.20
C ASN T 394 -25.14 68.91 104.65
N ILE T 395 -23.88 68.52 104.41
CA ILE T 395 -22.79 69.35 104.91
C ILE T 395 -22.39 70.47 103.96
N HIS T 396 -22.84 70.43 102.71
CA HIS T 396 -22.84 71.64 101.88
C HIS T 396 -24.30 71.93 101.59
N GLY T 397 -25.10 71.90 102.65
CA GLY T 397 -26.52 71.64 102.54
C GLY T 397 -27.31 72.66 101.74
N ILE T 398 -26.90 73.93 101.76
CA ILE T 398 -27.70 74.95 101.08
C ILE T 398 -27.29 75.16 99.63
N ARG T 399 -26.07 74.82 99.25
CA ARG T 399 -25.52 75.20 97.97
C ARG T 399 -24.96 74.00 97.24
N THR T 400 -25.09 74.01 95.91
CA THR T 400 -24.64 72.89 95.10
C THR T 400 -23.16 72.63 95.30
N GLY T 401 -22.84 71.51 95.95
CA GLY T 401 -21.44 71.16 96.18
C GLY T 401 -20.84 70.56 94.93
N LEU T 402 -19.90 71.29 94.34
CA LEU T 402 -19.23 70.84 93.13
C LEU T 402 -17.96 70.07 93.43
N PHE T 403 -17.67 69.83 94.71
CA PHE T 403 -16.53 69.03 95.13
C PHE T 403 -16.98 68.10 96.25
N THR T 404 -16.47 66.88 96.25
CA THR T 404 -16.87 65.91 97.26
C THR T 404 -16.45 66.41 98.63
N PRO T 405 -17.37 66.62 99.56
CA PRO T 405 -17.03 67.25 100.84
C PRO T 405 -16.32 66.29 101.77
N ASP T 406 -15.83 66.86 102.87
CA ASP T 406 -14.79 66.27 103.71
C ASP T 406 -15.27 65.92 105.12
N MET T 407 -16.08 66.79 105.72
CA MET T 407 -16.63 66.49 107.02
C MET T 407 -17.48 65.22 107.01
N ALA T 408 -17.98 64.82 105.83
CA ALA T 408 -18.69 63.54 105.75
C ALA T 408 -17.75 62.37 105.98
N PHE T 409 -16.59 62.38 105.32
CA PHE T 409 -15.57 61.37 105.59
C PHE T 409 -15.17 61.38 107.05
N GLU T 410 -14.97 62.57 107.61
CA GLU T 410 -14.59 62.67 109.02
C GLU T 410 -15.68 62.07 109.91
N THR T 411 -16.94 62.37 109.63
CA THR T 411 -18.04 61.86 110.44
C THR T 411 -18.18 60.35 110.34
N ILE T 412 -18.02 59.79 109.14
CA ILE T 412 -18.12 58.34 109.01
C ILE T 412 -17.00 57.63 109.77
N VAL T 413 -15.75 58.07 109.57
CA VAL T 413 -14.66 57.39 110.24
C VAL T 413 -14.73 57.59 111.76
N LYS T 414 -15.18 58.77 112.19
CA LYS T 414 -15.32 59.00 113.63
C LYS T 414 -16.44 58.16 114.22
N LYS T 415 -17.52 57.96 113.48
CA LYS T 415 -18.60 57.10 113.93
C LYS T 415 -18.22 55.62 113.89
N GLN T 416 -17.19 55.26 113.12
CA GLN T 416 -16.80 53.87 113.03
C GLN T 416 -15.63 53.49 113.95
N VAL T 417 -14.77 54.45 114.32
CA VAL T 417 -13.62 54.12 115.16
C VAL T 417 -13.97 54.30 116.63
N LYS T 418 -15.26 54.47 116.94
CA LYS T 418 -15.68 54.52 118.33
C LYS T 418 -16.26 53.21 118.83
N LYS T 419 -16.45 52.22 117.95
CA LYS T 419 -16.86 50.90 118.38
C LYS T 419 -15.69 50.05 118.86
N ILE T 420 -14.46 50.56 118.74
CA ILE T 420 -13.28 49.81 119.19
C ILE T 420 -13.20 49.76 120.71
N ARG T 421 -13.99 50.58 121.42
CA ARG T 421 -13.90 50.62 122.87
C ARG T 421 -14.24 49.28 123.51
N GLU T 422 -15.05 48.45 122.87
CA GLU T 422 -15.41 47.17 123.46
C GLU T 422 -14.28 46.14 123.29
N PRO T 423 -13.79 45.87 122.07
CA PRO T 423 -12.76 44.82 121.93
C PRO T 423 -11.50 45.09 122.74
N CYS T 424 -11.07 46.35 122.85
CA CYS T 424 -9.85 46.64 123.58
C CYS T 424 -10.02 46.37 125.07
N LEU T 425 -11.15 46.80 125.64
CA LEU T 425 -11.40 46.51 127.06
C LEU T 425 -11.54 45.01 127.30
N LYS T 426 -12.17 44.31 126.36
CA LYS T 426 -12.26 42.86 126.49
C LYS T 426 -10.88 42.22 126.48
N CYS T 427 -9.99 42.70 125.60
CA CYS T 427 -8.63 42.18 125.58
C CYS T 427 -7.92 42.45 126.89
N VAL T 428 -8.06 43.65 127.44
CA VAL T 428 -7.40 43.99 128.69
C VAL T 428 -7.89 43.08 129.81
N ASP T 429 -9.20 42.88 129.91
CA ASP T 429 -9.72 42.01 130.97
C ASP T 429 -9.30 40.56 130.77
N MET T 430 -9.22 40.10 129.53
CA MET T 430 -8.79 38.73 129.26
C MET T 430 -7.35 38.52 129.69
N VAL T 431 -6.48 39.49 129.36
CA VAL T 431 -5.09 39.42 129.79
C VAL T 431 -4.99 39.47 131.31
N ILE T 432 -5.84 40.28 131.94
CA ILE T 432 -5.85 40.34 133.40
C ILE T 432 -6.17 38.96 133.97
N SER T 433 -7.18 38.29 133.40
CA SER T 433 -7.55 36.98 133.89
C SER T 433 -6.41 35.99 133.76
N GLU T 434 -5.77 35.94 132.59
CA GLU T 434 -4.71 34.95 132.44
C GLU T 434 -3.52 35.27 133.33
N LEU T 435 -3.24 36.55 133.55
CA LEU T 435 -2.09 36.92 134.37
C LEU T 435 -2.35 36.69 135.85
N ILE T 436 -3.62 36.74 136.29
CA ILE T 436 -3.90 36.31 137.65
C ILE T 436 -3.80 34.79 137.77
N SER T 437 -4.24 34.07 136.73
CA SER T 437 -4.08 32.62 136.74
C SER T 437 -2.61 32.22 136.82
N THR T 438 -1.75 32.95 136.11
CA THR T 438 -0.31 32.67 136.15
C THR T 438 0.25 32.89 137.55
N VAL T 439 -0.17 33.96 138.22
CA VAL T 439 0.32 34.20 139.58
C VAL T 439 -0.11 33.08 140.51
N ARG T 440 -1.37 32.64 140.42
CA ARG T 440 -1.80 31.54 141.26
C ARG T 440 -1.03 30.26 140.94
N GLN T 441 -0.80 30.01 139.65
CA GLN T 441 -0.12 28.78 139.23
C GLN T 441 1.33 28.76 139.70
N CYS T 442 2.01 29.90 139.66
CA CYS T 442 3.40 29.97 140.07
C CYS T 442 3.57 30.33 141.55
N THR T 443 2.48 30.48 142.27
CA THR T 443 2.53 30.47 143.72
C THR T 443 2.14 29.13 144.33
N LYS T 444 1.43 28.28 143.58
CA LYS T 444 1.05 26.96 144.08
C LYS T 444 2.25 26.19 144.63
N LYS T 445 3.40 26.29 143.99
CA LYS T 445 4.58 25.57 144.45
C LYS T 445 5.18 26.14 145.71
N LEU T 446 4.56 27.12 146.35
CA LEU T 446 5.04 27.66 147.61
C LEU T 446 4.31 27.05 148.79
N GLN T 447 3.55 25.99 148.55
CA GLN T 447 2.73 25.33 149.57
C GLN T 447 3.56 24.78 150.73
N GLN T 448 4.88 24.93 150.67
CA GLN T 448 5.72 24.56 151.81
C GLN T 448 5.31 25.34 153.05
N TYR T 449 5.16 26.66 152.93
CA TYR T 449 4.61 27.46 154.01
C TYR T 449 3.20 27.88 153.66
N PRO T 450 2.19 27.45 154.40
CA PRO T 450 0.89 28.09 154.32
C PRO T 450 0.93 29.43 155.02
N ARG T 451 -0.15 30.20 154.85
CA ARG T 451 -0.34 31.51 155.44
C ARG T 451 0.63 32.55 154.87
N LEU T 452 1.54 32.16 153.99
CA LEU T 452 2.36 33.11 153.24
C LEU T 452 2.02 33.12 151.76
N ARG T 453 1.65 31.98 151.20
CA ARG T 453 1.13 31.98 149.84
C ARG T 453 -0.14 32.82 149.75
N GLU T 454 -0.98 32.75 150.79
CA GLU T 454 -2.18 33.57 150.82
C GLU T 454 -1.83 35.05 150.78
N GLU T 455 -0.88 35.47 151.61
CA GLU T 455 -0.48 36.88 151.61
C GLU T 455 0.12 37.29 150.28
N MET T 456 0.99 36.45 149.71
CA MET T 456 1.64 36.80 148.46
C MET T 456 0.63 36.94 147.33
N GLU T 457 -0.30 35.99 147.22
CA GLU T 457 -1.34 36.10 146.21
C GLU T 457 -2.23 37.32 146.47
N ARG T 458 -2.61 37.55 147.73
CA ARG T 458 -3.46 38.67 148.07
C ARG T 458 -2.80 40.02 147.81
N ILE T 459 -1.48 40.07 147.79
CA ILE T 459 -0.81 41.33 147.48
C ILE T 459 -0.63 41.50 145.98
N VAL T 460 -0.14 40.46 145.28
CA VAL T 460 0.11 40.60 143.86
C VAL T 460 -1.20 40.81 143.10
N THR T 461 -2.25 40.06 143.45
CA THR T 461 -3.52 40.19 142.74
C THR T 461 -4.15 41.56 143.00
N THR T 462 -4.05 42.06 144.23
CA THR T 462 -4.56 43.40 144.50
C THR T 462 -3.77 44.44 143.71
N HIS T 463 -2.46 44.26 143.56
CA HIS T 463 -1.69 45.19 142.74
C HIS T 463 -2.15 45.15 141.29
N ILE T 464 -2.39 43.95 140.75
CA ILE T 464 -2.84 43.83 139.37
C ILE T 464 -4.21 44.49 139.19
N ARG T 465 -5.10 44.31 140.17
CA ARG T 465 -6.41 44.96 140.08
C ARG T 465 -6.29 46.47 140.18
N GLU T 466 -5.41 46.96 141.06
CA GLU T 466 -5.19 48.40 141.16
C GLU T 466 -4.55 48.96 139.91
N ARG T 467 -3.92 48.13 139.10
CA ARG T 467 -3.33 48.57 137.84
C ARG T 467 -4.29 48.44 136.65
N GLU T 468 -5.32 47.60 136.76
CA GLU T 468 -6.25 47.45 135.64
C GLU T 468 -6.97 48.76 135.35
N GLY T 469 -7.27 49.54 136.39
CA GLY T 469 -7.93 50.81 136.16
C GLY T 469 -7.10 51.74 135.30
N ARG T 470 -5.81 51.87 135.63
CA ARG T 470 -4.94 52.75 134.86
C ARG T 470 -4.77 52.24 133.44
N THR T 471 -4.59 50.93 133.26
CA THR T 471 -4.38 50.47 131.88
C THR T 471 -5.65 50.60 131.05
N LYS T 472 -6.82 50.38 131.63
CA LYS T 472 -8.06 50.59 130.90
C LYS T 472 -8.25 52.06 130.56
N GLU T 473 -7.89 52.95 131.49
CA GLU T 473 -7.98 54.38 131.22
C GLU T 473 -7.11 54.77 130.03
N GLN T 474 -5.86 54.31 130.02
CA GLN T 474 -4.99 54.62 128.89
C GLN T 474 -5.49 53.97 127.60
N VAL T 475 -6.06 52.77 127.69
CA VAL T 475 -6.60 52.11 126.50
C VAL T 475 -7.72 52.95 125.90
N MET T 476 -8.64 53.42 126.73
CA MET T 476 -9.70 54.28 126.23
C MET T 476 -9.13 55.57 125.65
N LEU T 477 -8.15 56.16 126.33
CA LEU T 477 -7.63 57.45 125.90
C LEU T 477 -6.88 57.34 124.58
N LEU T 478 -6.27 56.19 124.28
CA LEU T 478 -5.58 56.03 123.01
C LEU T 478 -6.55 56.15 121.83
N ILE T 479 -7.63 55.38 121.84
CA ILE T 479 -8.59 55.48 120.75
C ILE T 479 -9.33 56.81 120.79
N ASP T 480 -9.54 57.36 121.99
CA ASP T 480 -10.15 58.69 122.06
C ASP T 480 -9.27 59.73 121.39
N ILE T 481 -7.96 59.57 121.48
CA ILE T 481 -7.02 60.38 120.71
C ILE T 481 -7.20 60.11 119.22
N GLU T 482 -7.34 58.84 118.86
CA GLU T 482 -7.52 58.49 117.45
C GLU T 482 -8.75 59.15 116.85
N LEU T 483 -9.77 59.40 117.67
CA LEU T 483 -10.97 60.09 117.23
C LEU T 483 -10.79 61.59 117.07
N ALA T 484 -9.56 62.10 116.99
CA ALA T 484 -9.38 63.55 117.00
C ALA T 484 -8.99 64.15 115.65
N TYR T 485 -8.09 63.53 114.91
CA TYR T 485 -7.45 64.24 113.80
C TYR T 485 -7.73 63.65 112.43
N MET T 486 -7.83 62.33 112.31
CA MET T 486 -8.09 61.67 111.03
C MET T 486 -7.02 62.04 109.99
N ASN T 487 -5.77 61.65 110.30
CA ASN T 487 -4.65 61.98 109.44
C ASN T 487 -4.83 61.34 108.06
N THR T 488 -4.46 62.10 107.02
CA THR T 488 -4.62 61.60 105.66
C THR T 488 -3.35 61.86 104.85
N ASN T 489 -2.31 62.43 105.44
CA ASN T 489 -1.02 62.54 104.77
C ASN T 489 -0.11 61.39 105.19
N HIS T 490 -0.69 60.32 105.73
CA HIS T 490 0.00 59.07 105.99
C HIS T 490 0.15 58.33 104.65
N GLU T 491 0.55 57.07 104.70
CA GLU T 491 0.59 56.32 103.45
C GLU T 491 -0.82 55.98 102.92
N ASP T 492 -1.87 56.49 103.57
CA ASP T 492 -3.20 56.46 102.98
C ASP T 492 -3.17 57.11 101.60
N PHE T 493 -3.66 56.39 100.60
CA PHE T 493 -3.62 56.88 99.23
C PHE T 493 -4.61 58.02 99.04
N ILE T 494 -4.26 58.94 98.15
CA ILE T 494 -5.11 60.09 97.86
C ILE T 494 -6.42 59.64 97.24
N PRO T 653 -26.95 59.54 90.13
CA PRO T 653 -26.44 60.90 89.89
C PRO T 653 -24.95 61.00 90.14
N GLN T 654 -24.52 62.10 90.73
CA GLN T 654 -23.17 62.24 91.24
C GLN T 654 -23.02 61.69 92.64
N LEU T 655 -24.14 61.41 93.31
CA LEU T 655 -24.09 60.88 94.66
C LEU T 655 -23.43 59.51 94.71
N GLU T 656 -23.73 58.65 93.73
CA GLU T 656 -23.13 57.31 93.75
C GLU T 656 -21.61 57.38 93.61
N ARG T 657 -21.11 58.22 92.70
CA ARG T 657 -19.67 58.36 92.56
C ARG T 657 -19.05 58.97 93.81
N GLN T 658 -19.70 59.97 94.40
CA GLN T 658 -19.19 60.57 95.63
C GLN T 658 -19.14 59.54 96.76
N VAL T 659 -20.19 58.73 96.90
CA VAL T 659 -20.23 57.75 97.97
C VAL T 659 -19.21 56.64 97.74
N GLU T 660 -19.01 56.23 96.49
CA GLU T 660 -17.97 55.24 96.21
C GLU T 660 -16.60 55.79 96.54
N THR T 661 -16.32 57.04 96.19
CA THR T 661 -15.05 57.64 96.54
C THR T 661 -14.89 57.77 98.05
N ILE T 662 -15.98 58.03 98.77
CA ILE T 662 -15.90 58.14 100.21
C ILE T 662 -15.64 56.76 100.84
N ARG T 663 -16.28 55.72 100.32
CA ARG T 663 -16.09 54.38 100.87
C ARG T 663 -14.69 53.86 100.60
N ASN T 664 -14.16 54.10 99.40
CA ASN T 664 -12.81 53.64 99.10
C ASN T 664 -11.76 54.30 100.00
N LEU T 665 -12.10 55.42 100.62
CA LEU T 665 -11.20 56.08 101.57
C LEU T 665 -11.50 55.66 103.00
N VAL T 666 -12.78 55.46 103.33
CA VAL T 666 -13.17 55.04 104.66
C VAL T 666 -12.59 53.67 104.96
N ASP T 667 -12.65 52.74 104.00
CA ASP T 667 -12.07 51.42 104.21
C ASP T 667 -10.56 51.51 104.44
N SER T 668 -9.88 52.32 103.65
CA SER T 668 -8.43 52.46 103.82
C SER T 668 -8.09 53.01 105.20
N TYR T 669 -8.80 54.06 105.63
CA TYR T 669 -8.47 54.63 106.94
C TYR T 669 -8.89 53.70 108.06
N MET T 670 -9.94 52.91 107.86
CA MET T 670 -10.28 51.87 108.84
C MET T 670 -9.15 50.88 108.99
N ALA T 671 -8.56 50.45 107.86
CA ALA T 671 -7.42 49.54 107.94
C ALA T 671 -6.23 50.20 108.63
N ILE T 672 -5.97 51.47 108.33
CA ILE T 672 -4.79 52.13 108.88
C ILE T 672 -4.96 52.49 110.35
N VAL T 673 -6.19 52.66 110.83
CA VAL T 673 -6.38 52.82 112.26
C VAL T 673 -6.41 51.48 112.97
N ASN T 674 -6.86 50.42 112.28
CA ASN T 674 -6.77 49.08 112.85
C ASN T 674 -5.32 48.68 113.05
N LYS T 675 -4.46 48.97 112.09
CA LYS T 675 -3.04 48.65 112.24
C LYS T 675 -2.46 49.37 113.46
N THR T 676 -2.77 50.66 113.61
CA THR T 676 -2.19 51.45 114.68
C THR T 676 -2.76 51.09 116.05
N VAL T 677 -4.01 50.65 116.13
CA VAL T 677 -4.51 50.19 117.42
C VAL T 677 -4.05 48.77 117.72
N ARG T 678 -3.82 47.95 116.69
CA ARG T 678 -3.31 46.60 116.87
C ARG T 678 -1.86 46.60 117.30
N ASP T 679 -1.06 47.57 116.86
CA ASP T 679 0.32 47.66 117.28
C ASP T 679 0.50 48.32 118.64
N LEU T 680 -0.53 48.99 119.16
CA LEU T 680 -0.41 49.69 120.42
C LEU T 680 -1.37 49.20 121.49
N MET T 681 -2.15 48.16 121.23
CA MET T 681 -2.90 47.56 122.33
C MET T 681 -1.98 46.67 123.18
N PRO T 682 -1.16 45.78 122.58
CA PRO T 682 -0.19 45.04 123.39
C PRO T 682 0.71 45.96 124.20
N LYS T 683 1.39 46.86 123.49
CA LYS T 683 2.35 47.75 124.15
C LYS T 683 1.67 48.53 125.27
N THR T 684 0.44 48.98 125.04
CA THR T 684 -0.28 49.72 126.08
C THR T 684 -0.54 48.85 127.30
N ILE T 685 -0.98 47.61 127.09
CA ILE T 685 -1.28 46.74 128.23
C ILE T 685 -0.02 46.47 129.04
N MET T 686 1.06 46.10 128.36
CA MET T 686 2.24 45.59 129.06
C MET T 686 3.03 46.69 129.74
N HIS T 687 3.17 47.84 129.08
CA HIS T 687 3.90 48.93 129.73
C HIS T 687 3.22 49.38 131.01
N LEU T 688 1.92 49.14 131.14
CA LEU T 688 1.20 49.52 132.34
C LEU T 688 0.96 48.34 133.28
N MET T 689 0.69 47.16 132.74
CA MET T 689 0.33 46.00 133.55
C MET T 689 1.52 45.10 133.85
N ILE T 690 2.16 44.56 132.81
CA ILE T 690 3.11 43.48 132.98
C ILE T 690 4.49 44.01 133.34
N ASN T 691 5.00 44.92 132.52
CA ASN T 691 6.30 45.51 132.83
C ASN T 691 6.25 46.45 134.01
N ASN T 692 5.11 46.51 134.71
CA ASN T 692 5.02 47.17 135.99
C ASN T 692 4.79 46.21 137.15
N THR T 693 4.00 45.15 136.94
CA THR T 693 3.88 44.14 137.98
C THR T 693 5.19 43.39 138.15
N LYS T 694 5.98 43.27 137.08
CA LYS T 694 7.30 42.65 137.20
C LYS T 694 8.21 43.46 138.10
N GLU T 695 8.23 44.78 137.91
CA GLU T 695 9.04 45.62 138.78
C GLU T 695 8.47 45.67 140.19
N PHE T 696 7.15 45.59 140.34
CA PHE T 696 6.59 45.47 141.68
C PHE T 696 7.08 44.22 142.39
N ILE T 697 7.10 43.10 141.66
CA ILE T 697 7.60 41.85 142.23
C ILE T 697 9.06 41.98 142.62
N PHE T 698 9.87 42.53 141.72
CA PHE T 698 11.31 42.59 141.93
C PHE T 698 11.74 43.67 142.91
N SER T 699 10.87 44.62 143.25
CA SER T 699 11.26 45.71 144.13
C SER T 699 10.46 45.78 145.41
N GLU T 700 9.13 45.81 145.32
CA GLU T 700 8.29 46.23 146.43
C GLU T 700 7.65 45.08 147.20
N LEU T 701 7.62 43.87 146.64
CA LEU T 701 6.96 42.75 147.31
C LEU T 701 7.63 42.45 148.65
N LEU T 702 8.96 42.48 148.68
CA LEU T 702 9.68 42.15 149.90
C LEU T 702 9.34 43.12 151.03
N ALA T 703 9.23 44.41 150.71
CA ALA T 703 8.90 45.39 151.73
C ALA T 703 7.53 45.12 152.35
N ASN T 704 6.52 44.88 151.50
CA ASN T 704 5.19 44.62 152.02
C ASN T 704 5.16 43.36 152.87
N LEU T 705 5.79 42.29 152.38
CA LEU T 705 5.77 41.02 153.11
C LEU T 705 6.48 41.14 154.45
N TYR T 706 7.61 41.84 154.49
CA TYR T 706 8.32 41.96 155.76
C TYR T 706 7.63 42.95 156.70
N SER T 707 6.91 43.93 156.15
CA SER T 707 6.30 44.97 156.97
C SER T 707 4.95 44.54 157.54
N CYS T 708 4.26 43.61 156.89
CA CYS T 708 2.99 43.14 157.44
C CYS T 708 3.24 42.46 158.79
N GLY T 709 2.28 42.61 159.69
CA GLY T 709 2.49 42.24 161.08
C GLY T 709 2.57 40.75 161.30
N ASP T 710 3.01 40.42 162.52
CA ASP T 710 3.10 39.04 163.02
C ASP T 710 4.00 38.19 162.11
N GLN T 711 5.28 38.56 162.14
CA GLN T 711 6.32 37.80 161.45
C GLN T 711 6.30 36.34 161.85
N ASN T 712 6.03 36.03 163.11
CA ASN T 712 6.05 34.65 163.58
C ASN T 712 4.97 33.81 162.91
N THR T 713 3.87 34.43 162.49
CA THR T 713 2.79 33.68 161.84
C THR T 713 2.77 33.85 160.33
N LEU T 714 3.50 34.82 159.79
CA LEU T 714 3.60 34.89 158.34
C LEU T 714 4.29 33.66 157.76
N MET T 715 5.29 33.15 158.46
CA MET T 715 5.95 31.89 158.10
C MET T 715 5.48 30.82 159.09
N GLU T 716 4.42 30.11 158.74
CA GLU T 716 3.97 28.94 159.47
C GLU T 716 4.67 27.71 158.90
N GLU T 717 5.38 26.99 159.76
CA GLU T 717 5.85 25.67 159.37
C GLU T 717 4.65 24.78 159.08
N SER T 718 4.61 24.21 157.89
CA SER T 718 3.59 23.24 157.58
C SER T 718 3.94 21.92 158.25
N ALA T 719 2.90 21.17 158.63
CA ALA T 719 3.13 19.87 159.24
C ALA T 719 3.97 18.98 158.35
N GLU T 720 3.78 19.09 157.04
CA GLU T 720 4.54 18.25 156.11
C GLU T 720 6.03 18.52 156.23
N GLN T 721 6.44 19.78 156.12
CA GLN T 721 7.87 20.05 156.12
C GLN T 721 8.45 19.89 157.53
N ALA T 722 7.67 20.16 158.57
CA ALA T 722 8.20 19.99 159.93
C ALA T 722 8.42 18.52 160.27
N GLN T 723 7.43 17.67 159.95
CA GLN T 723 7.61 16.24 160.18
C GLN T 723 8.73 15.70 159.30
N ARG T 724 8.82 16.14 158.05
CA ARG T 724 9.90 15.70 157.18
C ARG T 724 11.26 16.09 157.75
N ARG T 725 11.37 17.32 158.27
CA ARG T 725 12.63 17.79 158.81
C ARG T 725 13.03 17.00 160.04
N ASP T 726 12.08 16.76 160.96
CA ASP T 726 12.41 15.98 162.14
C ASP T 726 12.79 14.55 161.77
N GLU T 727 12.10 13.96 160.80
CA GLU T 727 12.42 12.60 160.40
C GLU T 727 13.77 12.54 159.70
N MET T 728 14.13 13.59 158.94
CA MET T 728 15.50 13.71 158.44
C MET T 728 16.51 13.72 159.58
N LEU T 729 16.24 14.49 160.63
CA LEU T 729 17.18 14.57 161.74
C LEU T 729 17.36 13.20 162.39
N ARG T 730 16.25 12.50 162.65
CA ARG T 730 16.34 11.16 163.23
C ARG T 730 17.05 10.19 162.31
N MET T 731 16.80 10.30 161.00
CA MET T 731 17.45 9.43 160.03
C MET T 731 18.96 9.66 160.02
N TYR T 732 19.38 10.92 160.07
CA TYR T 732 20.80 11.24 160.11
C TYR T 732 21.45 10.67 161.36
N HIS T 733 20.80 10.82 162.51
CA HIS T 733 21.37 10.27 163.74
C HIS T 733 21.46 8.75 163.68
N ALA T 734 20.42 8.09 163.14
CA ALA T 734 20.44 6.65 163.03
C ALA T 734 21.54 6.18 162.08
N LEU T 735 21.74 6.89 160.97
CA LEU T 735 22.83 6.54 160.05
C LEU T 735 24.19 6.75 160.70
N LYS T 736 24.34 7.80 161.51
CA LYS T 736 25.58 7.99 162.25
C LYS T 736 25.85 6.82 163.17
N GLU T 737 24.81 6.37 163.89
CA GLU T 737 24.96 5.20 164.76
C GLU T 737 25.31 3.95 163.96
N ALA T 738 24.69 3.77 162.81
CA ALA T 738 24.97 2.59 161.98
C ALA T 738 26.42 2.58 161.50
N LEU T 739 26.92 3.73 161.07
CA LEU T 739 28.32 3.79 160.65
C LEU T 739 29.27 3.61 161.81
N SER T 740 28.92 4.08 163.00
CA SER T 740 29.74 3.79 164.17
C SER T 740 29.77 2.31 164.47
N ILE T 741 28.63 1.62 164.31
CA ILE T 741 28.58 0.19 164.53
C ILE T 741 29.42 -0.55 163.49
N ILE T 742 29.36 -0.11 162.24
CA ILE T 742 30.22 -0.71 161.22
C ILE T 742 31.68 -0.52 161.60
N GLY T 743 32.04 0.68 162.08
CA GLY T 743 33.41 0.92 162.49
C GLY T 743 33.86 -0.01 163.61
N ASN T 744 33.01 -0.17 164.62
CA ASN T 744 33.37 -0.98 165.78
C ASN T 744 33.17 -2.48 165.56
N ILE T 745 32.58 -2.89 164.44
CA ILE T 745 32.43 -4.31 164.12
C ILE T 745 33.49 -4.77 163.13
N ASN T 746 33.79 -3.93 162.13
CA ASN T 746 34.81 -4.29 161.14
C ASN T 746 36.16 -4.53 161.78
N THR T 747 36.41 -3.93 162.95
CA THR T 747 37.66 -4.15 163.68
C THR T 747 37.65 -5.49 164.40
N ILE U 10 29.25 -83.38 138.28
CA ILE U 10 29.51 -82.34 137.29
C ILE U 10 28.27 -82.13 136.43
N PRO U 11 28.01 -80.89 136.06
CA PRO U 11 26.78 -80.58 135.32
C PRO U 11 26.74 -81.22 133.94
N LEU U 12 25.54 -81.62 133.54
CA LEU U 12 25.35 -82.29 132.26
C LEU U 12 25.60 -81.36 131.09
N VAL U 13 25.42 -80.05 131.27
CA VAL U 13 25.79 -79.12 130.21
C VAL U 13 27.30 -79.10 130.00
N ASN U 14 28.07 -79.15 131.10
CA ASN U 14 29.51 -79.30 130.97
C ASN U 14 29.88 -80.61 130.29
N ARG U 15 29.21 -81.71 130.65
CA ARG U 15 29.53 -82.98 130.01
C ARG U 15 29.18 -82.95 128.52
N LEU U 16 28.07 -82.30 128.17
CA LEU U 16 27.71 -82.16 126.76
C LEU U 16 28.75 -81.34 126.00
N GLN U 17 29.25 -80.26 126.62
CA GLN U 17 30.28 -79.47 125.97
C GLN U 17 31.57 -80.27 125.83
N ASP U 18 31.90 -81.09 126.83
CA ASP U 18 33.05 -81.98 126.72
C ASP U 18 32.89 -82.93 125.53
N ALA U 19 31.70 -83.50 125.37
CA ALA U 19 31.45 -84.41 124.26
C ALA U 19 31.54 -83.66 122.93
N PHE U 20 31.07 -82.41 122.89
CA PHE U 20 31.16 -81.62 121.67
C PHE U 20 32.61 -81.34 121.31
N SER U 21 33.43 -80.99 122.29
CA SER U 21 34.85 -80.81 122.02
C SER U 21 35.48 -82.11 121.56
N ALA U 22 35.06 -83.25 122.14
CA ALA U 22 35.60 -84.54 121.74
C ALA U 22 35.28 -84.84 120.28
N ILE U 23 34.02 -84.64 119.87
CA ILE U 23 33.69 -84.86 118.46
C ILE U 23 34.37 -83.82 117.58
N GLY U 24 34.76 -82.69 118.16
CA GLY U 24 35.59 -81.72 117.46
C GLY U 24 34.94 -81.02 116.30
N GLN U 25 33.72 -81.38 115.92
CA GLN U 25 33.03 -80.65 114.88
C GLN U 25 32.75 -79.22 115.33
N ASN U 26 32.76 -78.28 114.39
CA ASN U 26 32.66 -76.86 114.70
C ASN U 26 31.21 -76.50 115.08
N ALA U 27 30.74 -77.15 116.15
CA ALA U 27 29.42 -76.92 116.70
C ALA U 27 29.55 -76.37 118.11
N ASP U 28 28.52 -75.65 118.54
CA ASP U 28 28.50 -75.05 119.87
C ASP U 28 27.08 -75.04 120.41
N LEU U 29 26.98 -75.04 121.73
CA LEU U 29 25.66 -75.02 122.36
C LEU U 29 24.98 -73.67 122.25
N ASP U 30 25.71 -72.63 121.82
CA ASP U 30 25.14 -71.29 121.59
C ASP U 30 24.56 -70.70 122.87
N LEU U 31 25.39 -70.65 123.91
CA LEU U 31 24.97 -70.03 125.15
C LEU U 31 24.92 -68.51 125.00
N PRO U 32 24.07 -67.83 125.75
CA PRO U 32 24.11 -66.37 125.76
C PRO U 32 25.35 -65.87 126.49
N GLN U 33 25.79 -64.68 126.10
CA GLN U 33 26.93 -64.08 126.78
C GLN U 33 26.50 -63.55 128.14
N ILE U 34 27.47 -63.33 129.01
CA ILE U 34 27.24 -62.80 130.35
C ILE U 34 27.99 -61.48 130.46
N ALA U 35 27.33 -60.47 131.03
CA ALA U 35 27.97 -59.19 131.29
C ALA U 35 27.79 -58.85 132.76
N VAL U 36 28.88 -58.50 133.43
CA VAL U 36 28.84 -58.12 134.84
C VAL U 36 28.94 -56.60 134.92
N VAL U 37 27.95 -55.98 135.57
CA VAL U 37 27.87 -54.52 135.62
C VAL U 37 27.45 -54.09 137.01
N GLY U 38 27.84 -52.88 137.37
CA GLY U 38 27.53 -52.34 138.68
C GLY U 38 28.19 -50.99 138.87
N GLY U 39 28.13 -50.52 140.11
CA GLY U 39 28.80 -49.28 140.46
C GLY U 39 30.29 -49.47 140.65
N GLN U 40 31.00 -48.36 140.71
CA GLN U 40 32.44 -48.42 140.96
C GLN U 40 32.70 -48.96 142.35
N SER U 41 33.70 -49.83 142.45
CA SER U 41 34.08 -50.51 143.69
C SER U 41 32.97 -51.39 144.25
N ALA U 42 32.08 -51.87 143.38
CA ALA U 42 31.02 -52.77 143.84
C ALA U 42 31.57 -54.14 144.19
N GLY U 43 32.44 -54.69 143.34
CA GLY U 43 32.93 -56.04 143.51
C GLY U 43 32.76 -56.88 142.26
N LYS U 44 32.56 -56.19 141.13
CA LYS U 44 32.22 -56.86 139.88
C LYS U 44 33.33 -57.82 139.43
N SER U 45 34.56 -57.33 139.38
CA SER U 45 35.67 -58.17 138.93
C SER U 45 35.90 -59.34 139.88
N SER U 46 35.75 -59.10 141.19
CA SER U 46 35.94 -60.18 142.16
C SER U 46 34.89 -61.26 141.99
N VAL U 47 33.63 -60.87 141.81
CA VAL U 47 32.57 -61.85 141.56
C VAL U 47 32.85 -62.63 140.28
N LEU U 48 33.30 -61.92 139.23
CA LEU U 48 33.58 -62.61 137.97
C LEU U 48 34.69 -63.64 138.14
N GLU U 49 35.78 -63.28 138.81
CA GLU U 49 36.88 -64.23 138.94
C GLU U 49 36.50 -65.38 139.85
N ASN U 50 35.69 -65.12 140.88
CA ASN U 50 35.25 -66.22 141.74
C ASN U 50 34.31 -67.16 141.02
N PHE U 51 33.50 -66.64 140.10
CA PHE U 51 32.66 -67.50 139.26
C PHE U 51 33.52 -68.32 138.30
N VAL U 52 34.58 -67.71 137.75
CA VAL U 52 35.49 -68.46 136.90
C VAL U 52 36.16 -69.58 137.69
N GLY U 53 36.61 -69.27 138.90
CA GLY U 53 37.25 -70.23 139.78
C GLY U 53 38.73 -69.98 140.00
N ARG U 54 39.34 -69.12 139.19
CA ARG U 54 40.78 -68.90 139.23
C ARG U 54 41.07 -67.41 139.19
N ASP U 55 42.04 -66.97 139.99
CA ASP U 55 42.27 -65.56 140.25
C ASP U 55 43.21 -64.98 139.19
N PHE U 56 42.64 -64.29 138.21
CA PHE U 56 43.43 -63.69 137.14
C PHE U 56 42.90 -62.31 136.73
N LEU U 57 42.28 -61.59 137.67
CA LEU U 57 41.67 -60.31 137.34
C LEU U 57 42.19 -59.21 138.27
N PRO U 58 42.33 -57.99 137.76
CA PRO U 58 42.79 -56.88 138.60
C PRO U 58 41.72 -56.50 139.61
N ARG U 59 42.11 -56.52 140.89
CA ARG U 59 41.17 -56.23 141.98
C ARG U 59 41.87 -55.38 143.03
N GLY U 60 41.38 -54.15 143.21
CA GLY U 60 41.93 -53.26 144.23
C GLY U 60 40.99 -52.12 144.50
N SER U 61 41.32 -51.34 145.52
CA SER U 61 40.53 -50.16 145.83
C SER U 61 40.72 -49.09 144.78
N GLY U 62 39.73 -48.21 144.67
CA GLY U 62 39.76 -47.18 143.64
C GLY U 62 39.28 -47.72 142.31
N ILE U 63 39.65 -47.00 141.26
CA ILE U 63 39.31 -47.41 139.89
C ILE U 63 40.35 -48.44 139.43
N VAL U 64 39.89 -49.64 139.11
CA VAL U 64 40.79 -50.73 138.74
C VAL U 64 40.40 -51.28 137.37
N THR U 65 39.18 -51.80 137.26
CA THR U 65 38.69 -52.36 136.00
C THR U 65 38.36 -51.21 135.07
N ARG U 66 39.39 -50.69 134.42
CA ARG U 66 39.28 -49.47 133.63
C ARG U 66 39.26 -49.72 132.12
N ARG U 67 38.90 -50.93 131.69
CA ARG U 67 38.82 -51.23 130.28
C ARG U 67 37.99 -52.49 130.08
N PRO U 68 37.06 -52.51 129.13
CA PRO U 68 36.14 -53.66 129.01
C PRO U 68 36.88 -54.94 128.63
N LEU U 69 36.88 -55.89 129.54
CA LEU U 69 37.55 -57.18 129.34
C LEU U 69 36.55 -58.17 128.78
N VAL U 70 36.73 -58.58 127.53
CA VAL U 70 35.88 -59.59 126.89
C VAL U 70 36.59 -60.93 127.07
N LEU U 71 36.24 -61.61 128.15
CA LEU U 71 36.72 -62.96 128.43
C LEU U 71 35.94 -63.97 127.60
N GLN U 72 36.64 -65.01 127.13
CA GLN U 72 36.00 -66.16 126.52
C GLN U 72 36.55 -67.42 127.17
N LEU U 73 35.77 -68.00 128.07
CA LEU U 73 36.09 -69.31 128.62
C LEU U 73 35.76 -70.37 127.58
N VAL U 74 36.74 -71.20 127.22
CA VAL U 74 36.55 -72.27 126.25
C VAL U 74 37.09 -73.55 126.84
N ASN U 75 36.72 -74.66 126.21
CA ASN U 75 37.05 -75.99 126.69
C ASN U 75 38.20 -76.57 125.88
N ALA U 76 39.16 -77.18 126.58
CA ALA U 76 40.30 -77.83 125.95
C ALA U 76 40.89 -78.81 126.95
N THR U 77 42.00 -79.44 126.55
CA THR U 77 42.59 -80.48 127.38
C THR U 77 43.13 -79.92 128.70
N THR U 78 43.94 -78.86 128.62
CA THR U 78 44.52 -78.25 129.81
C THR U 78 44.51 -76.73 129.66
N GLU U 79 44.72 -76.06 130.79
CA GLU U 79 44.39 -74.65 130.91
C GLU U 79 45.57 -73.74 130.57
N TYR U 80 45.26 -72.65 129.89
CA TYR U 80 46.18 -71.54 129.66
C TYR U 80 45.34 -70.33 129.25
N ALA U 81 46.00 -69.26 128.82
CA ALA U 81 45.28 -68.07 128.40
C ALA U 81 46.03 -67.41 127.27
N GLU U 82 45.27 -66.81 126.35
CA GLU U 82 45.85 -66.09 125.23
C GLU U 82 45.10 -64.78 125.00
N PHE U 83 45.85 -63.72 124.75
CA PHE U 83 45.27 -62.43 124.40
C PHE U 83 45.15 -62.35 122.88
N LEU U 84 44.81 -61.17 122.37
CA LEU U 84 44.83 -60.90 120.94
C LEU U 84 45.90 -59.88 120.56
N HIS U 85 46.90 -59.69 121.41
CA HIS U 85 48.05 -58.87 121.07
C HIS U 85 49.37 -59.60 121.25
N CYS U 86 49.47 -60.47 122.27
CA CYS U 86 50.64 -61.34 122.41
C CYS U 86 50.42 -62.64 121.64
N LYS U 87 50.21 -62.48 120.33
CA LYS U 87 49.87 -63.61 119.47
C LYS U 87 50.96 -64.66 119.51
N GLY U 88 50.56 -65.91 119.69
CA GLY U 88 51.48 -67.03 119.82
C GLY U 88 51.83 -67.34 121.25
N LYS U 89 51.96 -66.32 122.09
CA LYS U 89 52.31 -66.54 123.49
C LYS U 89 51.17 -67.23 124.23
N LYS U 90 51.54 -68.08 125.18
CA LYS U 90 50.59 -68.85 125.97
C LYS U 90 50.82 -68.56 127.45
N PHE U 91 50.17 -67.50 127.94
CA PHE U 91 50.24 -67.18 129.36
C PHE U 91 49.70 -68.34 130.18
N THR U 92 50.44 -68.73 131.20
CA THR U 92 50.06 -69.89 131.99
C THR U 92 49.92 -69.61 133.47
N ASP U 93 50.75 -68.74 134.05
CA ASP U 93 50.62 -68.38 135.45
C ASP U 93 49.84 -67.08 135.58
N PHE U 94 48.85 -67.11 136.46
CA PHE U 94 47.84 -66.06 136.49
C PHE U 94 48.33 -64.78 137.11
N GLU U 95 49.40 -64.81 137.90
CA GLU U 95 50.06 -63.56 138.27
C GLU U 95 50.57 -62.83 137.03
N GLU U 96 51.23 -63.56 136.14
CA GLU U 96 51.65 -62.97 134.87
C GLU U 96 50.46 -62.53 134.04
N VAL U 97 49.38 -63.31 134.05
CA VAL U 97 48.19 -62.92 133.30
C VAL U 97 47.64 -61.59 133.81
N ARG U 98 47.53 -61.45 135.13
CA ARG U 98 46.99 -60.21 135.70
C ARG U 98 47.91 -59.02 135.43
N LEU U 99 49.22 -59.22 135.56
CA LEU U 99 50.16 -58.15 135.27
C LEU U 99 50.07 -57.72 133.81
N GLU U 100 49.95 -58.68 132.89
CA GLU U 100 49.77 -58.34 131.48
C GLU U 100 48.47 -57.58 131.26
N ILE U 101 47.41 -57.98 131.97
CA ILE U 101 46.12 -57.29 131.82
C ILE U 101 46.26 -55.82 132.23
N GLU U 102 46.83 -55.58 133.40
CA GLU U 102 46.92 -54.20 133.88
C GLU U 102 47.88 -53.38 133.01
N ALA U 103 48.97 -53.98 132.55
CA ALA U 103 49.87 -53.28 131.64
C ALA U 103 49.18 -52.93 130.33
N GLU U 104 48.37 -53.87 129.80
CA GLU U 104 47.64 -53.59 128.57
C GLU U 104 46.65 -52.47 128.76
N THR U 105 45.96 -52.44 129.90
CA THR U 105 45.06 -51.33 130.18
C THR U 105 45.81 -50.01 130.22
N ASP U 106 46.95 -49.99 130.90
CA ASP U 106 47.71 -48.75 131.06
C ASP U 106 48.28 -48.26 129.73
N ARG U 107 48.67 -49.19 128.85
CA ARG U 107 49.34 -48.79 127.62
C ARG U 107 48.47 -47.95 126.71
N VAL U 108 47.15 -47.95 126.91
CA VAL U 108 46.23 -47.12 126.13
C VAL U 108 45.51 -46.10 126.99
N THR U 109 45.11 -46.49 128.21
CA THR U 109 44.35 -45.56 129.05
C THR U 109 45.25 -44.49 129.66
N GLY U 110 46.46 -44.86 130.06
CA GLY U 110 47.32 -43.98 130.83
C GLY U 110 47.32 -44.35 132.30
N THR U 111 48.21 -43.69 133.04
CA THR U 111 48.42 -43.96 134.45
C THR U 111 47.84 -42.88 135.34
N ASN U 112 46.70 -42.32 134.96
CA ASN U 112 46.02 -41.29 135.74
C ASN U 112 44.53 -41.55 135.78
N LYS U 113 44.16 -42.81 135.98
CA LYS U 113 42.77 -43.24 136.15
C LYS U 113 41.91 -42.98 134.92
N GLY U 114 42.52 -42.79 133.76
CA GLY U 114 41.75 -42.72 132.53
C GLY U 114 41.21 -44.07 132.12
N ILE U 115 40.19 -44.04 131.26
CA ILE U 115 39.57 -45.26 130.76
C ILE U 115 39.54 -45.21 129.23
N SER U 116 39.25 -46.38 128.63
CA SER U 116 39.20 -46.52 127.19
C SER U 116 38.15 -47.56 126.84
N PRO U 117 37.26 -47.26 125.90
CA PRO U 117 36.19 -48.22 125.55
C PRO U 117 36.63 -49.38 124.67
N VAL U 118 37.88 -49.40 124.21
CA VAL U 118 38.36 -50.44 123.31
C VAL U 118 38.51 -51.75 124.07
N PRO U 119 37.84 -52.82 123.64
CA PRO U 119 37.82 -54.05 124.43
C PRO U 119 39.15 -54.78 124.42
N ILE U 120 39.48 -55.38 125.56
CA ILE U 120 40.60 -56.32 125.66
C ILE U 120 40.03 -57.71 125.45
N ASN U 121 40.35 -58.32 124.31
CA ASN U 121 39.83 -59.65 123.97
C ASN U 121 40.77 -60.70 124.56
N LEU U 122 40.28 -61.46 125.52
CA LEU U 122 41.08 -62.48 126.18
C LEU U 122 40.36 -63.81 126.10
N ARG U 123 41.12 -64.90 126.01
CA ARG U 123 40.54 -66.23 125.95
C ARG U 123 41.25 -67.14 126.94
N VAL U 124 40.48 -67.90 127.71
CA VAL U 124 41.00 -68.84 128.68
C VAL U 124 40.56 -70.23 128.27
N TYR U 125 41.43 -71.22 128.47
CA TYR U 125 41.09 -72.60 128.21
C TYR U 125 40.97 -73.34 129.53
N SER U 126 40.05 -74.28 129.59
CA SER U 126 39.81 -75.01 130.83
C SER U 126 39.16 -76.36 130.47
N PRO U 127 39.34 -77.38 131.31
CA PRO U 127 38.83 -78.71 130.94
C PRO U 127 37.32 -78.85 131.04
N HIS U 128 36.67 -78.16 131.97
CA HIS U 128 35.26 -78.40 132.26
C HIS U 128 34.49 -77.10 132.36
N VAL U 129 34.63 -76.23 131.37
CA VAL U 129 33.86 -74.99 131.30
C VAL U 129 33.15 -74.92 129.96
N LEU U 130 32.07 -74.16 129.93
CA LEU U 130 31.34 -73.92 128.70
C LEU U 130 32.13 -72.99 127.79
N ASN U 131 31.72 -72.92 126.52
CA ASN U 131 32.20 -71.86 125.63
C ASN U 131 31.48 -70.55 125.93
N LEU U 132 31.73 -70.05 127.13
CA LEU U 132 31.04 -68.87 127.60
C LEU U 132 31.66 -67.61 126.99
N THR U 133 31.03 -66.47 127.26
CA THR U 133 31.54 -65.17 126.81
C THR U 133 31.26 -64.18 127.93
N LEU U 134 32.23 -64.02 128.81
CA LEU U 134 32.11 -63.12 129.95
C LEU U 134 32.56 -61.73 129.55
N VAL U 135 31.94 -60.71 130.13
CA VAL U 135 32.29 -59.32 129.85
C VAL U 135 32.38 -58.60 131.18
N ASP U 136 33.60 -58.27 131.59
CA ASP U 136 33.82 -57.39 132.73
C ASP U 136 33.90 -55.96 132.22
N LEU U 137 33.24 -55.05 132.94
CA LEU U 137 33.11 -53.66 132.52
C LEU U 137 33.50 -52.74 133.65
N PRO U 138 33.90 -51.52 133.34
CA PRO U 138 34.14 -50.53 134.39
C PRO U 138 32.85 -50.14 135.11
N GLY U 139 33.00 -49.77 136.38
CA GLY U 139 31.87 -49.32 137.14
C GLY U 139 31.38 -47.96 136.68
N MET U 140 30.20 -47.59 137.17
CA MET U 140 29.56 -46.35 136.75
C MET U 140 29.91 -45.24 137.73
N THR U 141 30.41 -44.12 137.19
CA THR U 141 30.80 -42.96 137.98
C THR U 141 30.14 -41.73 137.40
N LYS U 142 29.95 -40.71 138.23
CA LYS U 142 29.33 -39.47 137.81
C LYS U 142 30.31 -38.30 137.73
N VAL U 143 31.15 -38.12 138.73
CA VAL U 143 32.13 -37.03 138.76
C VAL U 143 33.45 -37.56 138.21
N PRO U 144 34.02 -36.93 137.17
CA PRO U 144 35.33 -37.36 136.68
C PRO U 144 36.40 -37.14 137.73
N VAL U 145 37.38 -38.04 137.76
CA VAL U 145 38.53 -37.97 138.65
C VAL U 145 39.79 -38.16 137.81
N GLY U 146 40.88 -37.56 138.27
CA GLY U 146 42.10 -37.63 137.49
C GLY U 146 41.97 -36.85 136.20
N ASP U 147 42.28 -37.49 135.08
CA ASP U 147 42.26 -36.84 133.78
C ASP U 147 41.09 -37.29 132.91
N GLN U 148 40.06 -37.90 133.51
CA GLN U 148 38.92 -38.34 132.73
C GLN U 148 38.19 -37.12 132.15
N PRO U 149 37.57 -37.27 130.98
CA PRO U 149 36.81 -36.17 130.40
C PRO U 149 35.60 -35.85 131.27
N PRO U 150 35.07 -34.62 131.17
CA PRO U 150 33.94 -34.24 132.03
C PRO U 150 32.69 -35.09 131.84
N ASP U 151 32.53 -35.74 130.70
CA ASP U 151 31.37 -36.57 130.41
C ASP U 151 31.65 -38.05 130.66
N ILE U 152 32.47 -38.34 131.68
CA ILE U 152 32.85 -39.72 131.97
C ILE U 152 31.63 -40.56 132.31
N GLU U 153 30.61 -39.95 132.92
CA GLU U 153 29.40 -40.70 133.25
C GLU U 153 28.72 -41.23 131.99
N PHE U 154 28.48 -40.34 131.02
CA PHE U 154 27.86 -40.77 129.77
C PHE U 154 28.76 -41.73 129.01
N GLN U 155 30.08 -41.50 129.08
CA GLN U 155 31.01 -42.39 128.39
C GLN U 155 30.89 -43.82 128.92
N ILE U 156 30.99 -43.99 130.23
CA ILE U 156 30.85 -45.34 130.80
C ILE U 156 29.45 -45.88 130.53
N ARG U 157 28.43 -45.03 130.65
CA ARG U 157 27.06 -45.48 130.47
C ARG U 157 26.86 -46.09 129.09
N ASP U 158 27.06 -45.30 128.03
CA ASP U 158 26.80 -45.83 126.70
C ASP U 158 27.84 -46.89 126.32
N MET U 159 29.05 -46.82 126.89
CA MET U 159 30.05 -47.84 126.61
C MET U 159 29.62 -49.22 127.08
N LEU U 160 29.01 -49.30 128.27
CA LEU U 160 28.48 -50.58 128.71
C LEU U 160 27.09 -50.87 128.17
N MET U 161 26.36 -49.83 127.76
CA MET U 161 25.07 -50.05 127.12
C MET U 161 25.23 -50.76 125.78
N GLN U 162 26.28 -50.39 125.03
CA GLN U 162 26.52 -51.03 123.75
C GLN U 162 26.82 -52.52 123.89
N PHE U 163 27.18 -52.97 125.10
CA PHE U 163 27.39 -54.39 125.36
C PHE U 163 26.19 -55.07 126.01
N VAL U 164 25.40 -54.33 126.79
CA VAL U 164 24.33 -54.96 127.55
C VAL U 164 23.02 -54.97 126.76
N THR U 165 22.75 -53.89 126.02
CA THR U 165 21.45 -53.74 125.37
C THR U 165 21.18 -54.82 124.33
N LYS U 166 22.20 -55.52 123.86
CA LYS U 166 21.98 -56.63 122.95
C LYS U 166 21.29 -57.77 123.67
N GLU U 167 20.51 -58.55 122.92
CA GLU U 167 19.81 -59.68 123.49
C GLU U 167 20.82 -60.79 123.78
N ASN U 168 20.34 -61.91 124.33
CA ASN U 168 21.16 -63.04 124.79
C ASN U 168 22.37 -62.55 125.56
N CYS U 169 22.16 -61.56 126.42
CA CYS U 169 23.22 -60.99 127.26
C CYS U 169 22.69 -60.97 128.68
N LEU U 170 22.95 -62.05 129.42
CA LEU U 170 22.58 -62.10 130.82
C LEU U 170 23.32 -60.99 131.57
N ILE U 171 22.67 -60.43 132.58
CA ILE U 171 23.19 -59.30 133.33
C ILE U 171 23.43 -59.75 134.76
N LEU U 172 24.63 -59.49 135.26
CA LEU U 172 24.95 -59.64 136.68
C LEU U 172 24.99 -58.25 137.28
N ALA U 173 23.90 -57.86 137.95
CA ALA U 173 23.79 -56.55 138.59
C ALA U 173 24.43 -56.66 139.96
N VAL U 174 25.64 -56.13 140.08
CA VAL U 174 26.41 -56.19 141.32
C VAL U 174 26.11 -54.94 142.14
N SER U 175 25.75 -55.13 143.40
CA SER U 175 25.55 -54.00 144.29
C SER U 175 26.16 -54.32 145.64
N PRO U 176 26.82 -53.35 146.26
CA PRO U 176 27.33 -53.57 147.62
C PRO U 176 26.19 -53.58 148.62
N ALA U 177 26.46 -54.18 149.77
CA ALA U 177 25.54 -54.13 150.89
C ALA U 177 25.79 -52.93 151.78
N ASN U 178 26.73 -52.06 151.40
CA ASN U 178 27.03 -50.89 152.20
C ASN U 178 26.04 -49.77 151.90
N SER U 179 26.02 -49.31 150.65
CA SER U 179 25.04 -48.32 150.24
C SER U 179 23.64 -48.92 150.25
N ASP U 180 22.64 -48.08 150.52
CA ASP U 180 21.26 -48.53 150.42
C ASP U 180 20.96 -48.97 148.99
N LEU U 181 20.17 -50.03 148.87
CA LEU U 181 19.96 -50.66 147.57
C LEU U 181 19.35 -49.68 146.58
N ALA U 182 18.65 -48.67 147.06
CA ALA U 182 17.98 -47.71 146.18
C ALA U 182 18.95 -46.94 145.30
N ASN U 183 20.23 -46.89 145.66
CA ASN U 183 21.22 -46.16 144.88
C ASN U 183 21.89 -46.99 143.80
N SER U 184 21.48 -48.24 143.60
CA SER U 184 22.24 -49.18 142.79
C SER U 184 22.31 -48.77 141.33
N ASP U 185 23.47 -48.31 140.89
CA ASP U 185 23.70 -48.03 139.48
C ASP U 185 23.55 -49.29 138.63
N ALA U 186 23.77 -50.46 139.22
CA ALA U 186 23.53 -51.71 138.50
C ALA U 186 22.05 -51.91 138.25
N LEU U 187 21.24 -51.75 139.30
CA LEU U 187 19.80 -51.97 139.17
C LEU U 187 19.16 -50.94 138.25
N LYS U 188 19.67 -49.71 138.23
CA LYS U 188 19.12 -48.72 137.30
C LYS U 188 19.24 -49.20 135.87
N VAL U 189 20.43 -49.61 135.45
CA VAL U 189 20.62 -50.08 134.08
C VAL U 189 19.87 -51.39 133.86
N ALA U 190 19.82 -52.25 134.87
CA ALA U 190 19.13 -53.53 134.74
C ALA U 190 17.65 -53.32 134.44
N LYS U 191 16.98 -52.47 135.22
CA LYS U 191 15.59 -52.18 134.96
C LYS U 191 15.39 -51.30 133.74
N GLU U 192 16.42 -50.59 133.28
CA GLU U 192 16.29 -49.79 132.08
C GLU U 192 16.31 -50.63 130.81
N VAL U 193 17.14 -51.67 130.78
CA VAL U 193 17.33 -52.45 129.56
C VAL U 193 16.51 -53.74 129.59
N ASP U 194 16.24 -54.24 130.79
CA ASP U 194 15.51 -55.49 130.99
C ASP U 194 14.39 -55.20 131.97
N PRO U 195 13.28 -54.63 131.49
CA PRO U 195 12.22 -54.22 132.42
C PRO U 195 11.62 -55.37 133.20
N GLN U 196 11.21 -56.44 132.51
CA GLN U 196 10.60 -57.58 133.19
C GLN U 196 11.58 -58.35 134.05
N GLY U 197 12.88 -58.10 133.93
CA GLY U 197 13.87 -58.82 134.72
C GLY U 197 13.96 -60.30 134.38
N GLN U 198 13.93 -60.65 133.10
CA GLN U 198 14.00 -62.04 132.69
C GLN U 198 15.41 -62.50 132.36
N ARG U 199 16.35 -61.59 132.16
CA ARG U 199 17.75 -61.92 131.94
C ARG U 199 18.65 -61.14 132.87
N THR U 200 18.16 -60.87 134.09
CA THR U 200 18.87 -60.09 135.08
C THR U 200 18.96 -60.88 136.37
N ILE U 201 20.16 -60.92 136.96
CA ILE U 201 20.38 -61.58 138.24
C ILE U 201 21.10 -60.60 139.15
N GLY U 202 20.58 -60.42 140.36
CA GLY U 202 21.14 -59.47 141.31
C GLY U 202 22.04 -60.16 142.32
N VAL U 203 23.21 -59.56 142.56
CA VAL U 203 24.16 -60.08 143.53
C VAL U 203 24.51 -58.96 144.50
N ILE U 204 24.54 -59.30 145.79
CA ILE U 204 24.82 -58.36 146.86
C ILE U 204 26.17 -58.75 147.45
N THR U 205 27.13 -57.85 147.34
CA THR U 205 28.48 -58.09 147.84
C THR U 205 28.68 -57.38 149.16
N LYS U 206 29.86 -57.57 149.75
CA LYS U 206 30.28 -56.82 150.93
C LYS U 206 29.32 -56.99 152.10
N LEU U 207 28.68 -58.15 152.21
CA LEU U 207 27.74 -58.39 153.29
C LEU U 207 28.42 -58.40 154.66
N ASP U 208 29.74 -58.47 154.70
CA ASP U 208 30.47 -58.40 155.96
C ASP U 208 30.79 -56.98 156.38
N LEU U 209 30.48 -55.99 155.54
CA LEU U 209 30.85 -54.60 155.80
C LEU U 209 29.64 -53.74 156.17
N MET U 210 28.55 -54.38 156.60
CA MET U 210 27.35 -53.62 156.95
C MET U 210 27.46 -53.04 158.35
N ASP U 211 26.77 -51.94 158.57
CA ASP U 211 26.86 -51.22 159.84
C ASP U 211 26.31 -52.07 160.98
N GLU U 212 26.83 -51.82 162.17
CA GLU U 212 26.38 -52.53 163.35
C GLU U 212 24.88 -52.34 163.55
N GLY U 213 24.18 -53.43 163.82
CA GLY U 213 22.74 -53.39 164.01
C GLY U 213 21.93 -53.42 162.74
N THR U 214 22.57 -53.39 161.58
CA THR U 214 21.88 -53.46 160.31
C THR U 214 22.12 -54.82 159.65
N ASP U 215 21.16 -55.22 158.82
CA ASP U 215 21.26 -56.48 158.11
C ASP U 215 20.52 -56.36 156.78
N ALA U 216 20.94 -57.17 155.81
CA ALA U 216 20.36 -57.17 154.48
C ALA U 216 19.26 -58.21 154.32
N ARG U 217 18.56 -58.54 155.41
CA ARG U 217 17.49 -59.54 155.33
C ARG U 217 16.38 -59.09 154.40
N ASP U 218 15.97 -57.83 154.51
CA ASP U 218 14.84 -57.32 153.74
C ASP U 218 15.10 -57.34 152.24
N VAL U 219 16.36 -57.34 151.82
CA VAL U 219 16.68 -57.30 150.40
C VAL U 219 17.03 -58.71 149.92
N LEU U 220 17.66 -59.51 150.78
CA LEU U 220 17.99 -60.87 150.37
C LEU U 220 16.77 -61.77 150.32
N GLU U 221 15.75 -61.47 151.13
CA GLU U 221 14.47 -62.16 150.97
C GLU U 221 13.66 -61.63 149.79
N ASN U 222 14.27 -60.78 148.96
CA ASN U 222 13.66 -60.30 147.73
C ASN U 222 12.34 -59.59 148.00
N LYS U 223 12.27 -58.89 149.12
CA LYS U 223 11.07 -58.14 149.50
C LYS U 223 11.22 -56.64 149.28
N LEU U 224 12.38 -56.07 149.63
CA LEU U 224 12.57 -54.63 149.52
C LEU U 224 12.41 -54.16 148.07
N LEU U 225 13.14 -54.80 147.15
CA LEU U 225 12.98 -54.56 145.72
C LEU U 225 12.77 -55.91 145.05
N PRO U 226 11.54 -56.39 145.00
CA PRO U 226 11.28 -57.72 144.43
C PRO U 226 11.78 -57.85 143.00
N LEU U 227 12.78 -58.72 142.82
CA LEU U 227 13.29 -59.07 141.50
C LEU U 227 13.01 -60.54 141.24
N ARG U 228 12.71 -60.86 139.98
CA ARG U 228 12.21 -62.19 139.66
C ARG U 228 13.23 -63.26 140.01
N ARG U 229 14.50 -63.05 139.67
CA ARG U 229 15.50 -64.09 139.82
C ARG U 229 16.10 -64.15 141.21
N GLY U 230 15.77 -63.23 142.10
CA GLY U 230 16.29 -63.24 143.44
C GLY U 230 17.66 -62.59 143.54
N TYR U 231 18.10 -62.41 144.78
CA TYR U 231 19.37 -61.77 145.09
C TYR U 231 20.28 -62.78 145.78
N ILE U 232 21.47 -62.97 145.22
CA ILE U 232 22.46 -63.89 145.77
C ILE U 232 23.50 -63.08 146.53
N GLY U 233 23.75 -63.45 147.77
CA GLY U 233 24.67 -62.74 148.62
C GLY U 233 26.04 -63.41 148.65
N VAL U 234 27.07 -62.66 148.32
CA VAL U 234 28.43 -63.18 148.28
C VAL U 234 29.32 -62.33 149.19
N VAL U 235 30.39 -62.95 149.66
CA VAL U 235 31.37 -62.27 150.50
C VAL U 235 32.77 -62.58 149.98
N ASN U 236 33.36 -61.63 149.26
CA ASN U 236 34.65 -61.84 148.62
C ASN U 236 35.78 -61.62 149.64
N ARG U 237 37.01 -61.51 149.14
CA ARG U 237 38.17 -61.28 149.97
C ARG U 237 38.40 -59.78 150.14
N SER U 238 38.61 -59.36 151.39
CA SER U 238 38.85 -57.95 151.67
C SER U 238 40.17 -57.50 151.03
N GLN U 239 40.38 -56.19 151.05
CA GLN U 239 41.62 -55.65 150.49
C GLN U 239 42.83 -56.12 151.27
N LYS U 240 42.70 -56.23 152.59
CA LYS U 240 43.77 -56.79 153.40
C LYS U 240 44.08 -58.22 152.98
N ASP U 241 43.05 -59.03 152.74
CA ASP U 241 43.27 -60.40 152.30
C ASP U 241 43.90 -60.44 150.92
N ILE U 242 43.51 -59.52 150.03
CA ILE U 242 44.11 -59.47 148.70
C ILE U 242 45.60 -59.16 148.81
N ASP U 243 45.96 -58.19 149.66
CA ASP U 243 47.36 -57.88 149.85
C ASP U 243 48.11 -59.02 150.52
N GLY U 244 47.46 -59.76 151.40
CA GLY U 244 48.03 -60.92 152.06
C GLY U 244 47.95 -62.20 151.29
N LYS U 245 47.44 -62.16 150.05
CA LYS U 245 47.37 -63.31 149.15
C LYS U 245 46.56 -64.45 149.76
N LYS U 246 45.35 -64.12 150.21
CA LYS U 246 44.44 -65.15 150.70
C LYS U 246 43.99 -66.04 149.55
N ASP U 247 43.82 -67.32 149.85
CA ASP U 247 43.49 -68.31 148.83
C ASP U 247 41.99 -68.56 148.76
N ILE U 248 41.55 -69.00 147.58
CA ILE U 248 40.12 -69.12 147.30
C ILE U 248 39.45 -70.11 148.24
N THR U 249 40.12 -71.22 148.54
CA THR U 249 39.48 -72.27 149.35
C THR U 249 39.19 -71.78 150.77
N ALA U 250 40.18 -71.18 151.43
CA ALA U 250 39.94 -70.67 152.77
C ALA U 250 39.00 -69.47 152.75
N ALA U 251 39.04 -68.66 151.68
CA ALA U 251 38.09 -67.58 151.55
C ALA U 251 36.66 -68.09 151.50
N LEU U 252 36.43 -69.15 150.72
CA LEU U 252 35.10 -69.74 150.63
C LEU U 252 34.69 -70.37 151.96
N ALA U 253 35.64 -71.01 152.66
CA ALA U 253 35.34 -71.56 153.97
C ALA U 253 34.93 -70.46 154.94
N ALA U 254 35.63 -69.33 154.92
CA ALA U 254 35.27 -68.22 155.79
C ALA U 254 33.91 -67.64 155.43
N GLU U 255 33.60 -67.56 154.12
CA GLU U 255 32.29 -67.09 153.71
C GLU U 255 31.18 -68.01 154.21
N ARG U 256 31.40 -69.33 154.10
CA ARG U 256 30.42 -70.29 154.62
C ARG U 256 30.27 -70.14 156.12
N LYS U 257 31.38 -69.95 156.84
CA LYS U 257 31.31 -69.75 158.28
C LYS U 257 30.51 -68.49 158.62
N PHE U 258 30.74 -67.41 157.89
CA PHE U 258 30.02 -66.17 158.14
C PHE U 258 28.53 -66.35 157.91
N PHE U 259 28.16 -67.01 156.81
CA PHE U 259 26.74 -67.25 156.55
C PHE U 259 26.10 -68.13 157.60
N LEU U 260 26.81 -69.15 158.09
CA LEU U 260 26.25 -69.99 159.14
C LEU U 260 26.22 -69.31 160.51
N SER U 261 27.08 -68.32 160.74
CA SER U 261 27.15 -67.66 162.04
C SER U 261 26.25 -66.44 162.14
N HIS U 262 25.99 -65.74 161.06
CA HIS U 262 25.19 -64.52 161.14
C HIS U 262 23.74 -64.88 161.40
N PRO U 263 23.13 -64.36 162.47
CA PRO U 263 21.74 -64.75 162.79
C PRO U 263 20.73 -64.34 161.75
N SER U 264 21.02 -63.34 160.93
CA SER U 264 20.06 -62.81 159.98
C SER U 264 20.16 -63.46 158.59
N TYR U 265 21.06 -64.42 158.42
CA TYR U 265 21.23 -65.06 157.11
C TYR U 265 21.30 -66.57 157.17
N ARG U 266 21.45 -67.19 158.35
CA ARG U 266 21.64 -68.63 158.40
C ARG U 266 20.47 -69.40 157.83
N HIS U 267 19.25 -68.84 157.92
CA HIS U 267 18.10 -69.48 157.31
C HIS U 267 18.15 -69.46 155.79
N LEU U 268 19.04 -68.67 155.20
CA LEU U 268 19.23 -68.62 153.76
C LEU U 268 20.66 -68.98 153.35
N ALA U 269 21.44 -69.55 154.27
CA ALA U 269 22.84 -69.86 153.96
C ALA U 269 22.94 -70.82 152.79
N ASP U 270 22.00 -71.76 152.68
CA ASP U 270 22.02 -72.71 151.57
C ASP U 270 21.87 -72.00 150.23
N ARG U 271 20.97 -71.01 150.15
CA ARG U 271 20.75 -70.28 148.91
C ARG U 271 21.71 -69.12 148.72
N MET U 272 22.54 -68.80 149.71
CA MET U 272 23.53 -67.75 149.56
C MET U 272 24.90 -68.35 149.26
N GLY U 273 25.81 -67.49 148.83
CA GLY U 273 27.17 -67.91 148.57
C GLY U 273 27.49 -67.96 147.08
N THR U 274 28.79 -67.90 146.79
CA THR U 274 29.25 -67.98 145.40
C THR U 274 28.90 -69.28 144.70
N PRO U 275 29.05 -70.47 145.31
CA PRO U 275 28.66 -71.70 144.60
C PRO U 275 27.21 -71.70 144.16
N TYR U 276 26.31 -71.11 144.96
CA TYR U 276 24.93 -71.00 144.53
C TYR U 276 24.79 -70.13 143.30
N LEU U 277 25.58 -69.04 143.23
CA LEU U 277 25.55 -68.19 142.06
C LEU U 277 26.04 -68.94 140.82
N GLN U 278 27.09 -69.73 140.98
CA GLN U 278 27.55 -70.57 139.88
C GLN U 278 26.45 -71.54 139.44
N LYS U 279 25.76 -72.14 140.41
CA LYS U 279 24.69 -73.08 140.10
C LYS U 279 23.54 -72.39 139.38
N VAL U 280 23.23 -71.16 139.78
CA VAL U 280 22.13 -70.43 139.16
C VAL U 280 22.49 -70.04 137.73
N LEU U 281 23.72 -69.61 137.51
CA LEU U 281 24.16 -69.36 136.13
C LEU U 281 24.11 -70.63 135.30
N ASN U 282 24.51 -71.76 135.89
CA ASN U 282 24.40 -73.04 135.19
C ASN U 282 22.95 -73.34 134.84
N GLN U 283 22.02 -73.07 135.75
CA GLN U 283 20.61 -73.31 135.48
C GLN U 283 20.11 -72.43 134.33
N GLN U 284 20.48 -71.15 134.34
CA GLN U 284 20.06 -70.25 133.27
C GLN U 284 20.63 -70.70 131.93
N LEU U 285 21.89 -71.10 131.90
CA LEU U 285 22.50 -71.57 130.67
C LEU U 285 21.85 -72.87 130.20
N THR U 286 21.50 -73.75 131.13
CA THR U 286 20.80 -74.98 130.77
C THR U 286 19.45 -74.65 130.14
N ASN U 287 18.72 -73.70 130.73
CA ASN U 287 17.43 -73.32 130.16
C ASN U 287 17.56 -72.58 128.84
N HIS U 288 18.73 -71.99 128.57
CA HIS U 288 18.89 -71.25 127.32
C HIS U 288 19.49 -72.07 126.19
N ILE U 289 20.23 -73.14 126.48
CA ILE U 289 20.80 -73.95 125.40
C ILE U 289 19.69 -74.69 124.66
N ARG U 290 18.67 -75.15 125.37
CA ARG U 290 17.54 -75.81 124.71
C ARG U 290 16.76 -74.79 123.90
N ASP U 291 15.69 -75.24 123.24
CA ASP U 291 14.95 -74.58 122.18
C ASP U 291 15.75 -74.66 120.88
N THR U 292 16.99 -75.14 120.94
CA THR U 292 17.78 -75.44 119.76
C THR U 292 18.23 -76.89 119.68
N LEU U 293 18.16 -77.64 120.78
CA LEU U 293 18.55 -79.04 120.77
C LEU U 293 17.85 -79.88 119.72
N PRO U 294 16.52 -79.81 119.53
CA PRO U 294 15.90 -80.61 118.48
C PRO U 294 16.48 -80.34 117.10
N GLY U 295 16.84 -79.08 116.82
CA GLY U 295 17.58 -78.79 115.60
C GLY U 295 18.98 -79.38 115.64
N LEU U 296 19.65 -79.26 116.78
CA LEU U 296 21.02 -79.74 116.90
C LEU U 296 21.09 -81.26 117.04
N ARG U 297 20.13 -81.85 117.76
CA ARG U 297 20.10 -83.30 117.87
C ARG U 297 19.95 -83.95 116.51
N ASN U 298 19.05 -83.40 115.67
CA ASN U 298 18.96 -83.87 114.29
C ASN U 298 20.22 -83.53 113.51
N LYS U 299 20.78 -82.33 113.75
CA LYS U 299 21.94 -81.88 112.99
C LYS U 299 23.12 -82.83 113.14
N LEU U 300 23.27 -83.44 114.31
CA LEU U 300 24.32 -84.45 114.47
C LEU U 300 23.79 -85.89 114.38
N GLN U 301 22.48 -86.08 114.43
CA GLN U 301 21.93 -87.41 114.13
C GLN U 301 22.17 -87.78 112.68
N SER U 302 22.01 -86.82 111.77
CA SER U 302 22.36 -87.06 110.37
C SER U 302 23.85 -87.35 110.23
N GLN U 303 24.67 -86.67 111.03
CA GLN U 303 26.09 -86.95 111.05
C GLN U 303 26.37 -88.39 111.46
N LEU U 304 25.68 -88.86 112.51
CA LEU U 304 25.84 -90.25 112.91
C LEU U 304 25.34 -91.20 111.83
N LEU U 305 24.29 -90.79 111.10
CA LEU U 305 23.78 -91.60 110.00
C LEU U 305 24.83 -91.76 108.91
N SER U 306 25.57 -90.70 108.60
CA SER U 306 26.52 -90.72 107.50
C SER U 306 27.70 -91.65 107.74
N ILE U 307 27.87 -92.13 108.97
CA ILE U 307 28.97 -93.01 109.31
C ILE U 307 28.52 -94.37 109.86
N GLU U 308 27.27 -94.51 110.31
CA GLU U 308 26.82 -95.78 110.87
C GLU U 308 27.03 -96.94 109.92
N LYS U 309 27.00 -96.69 108.61
CA LYS U 309 27.18 -97.77 107.64
C LYS U 309 28.58 -98.37 107.72
N GLU U 310 29.61 -97.54 107.74
CA GLU U 310 30.98 -98.02 107.85
C GLU U 310 31.30 -98.48 109.26
N VAL U 311 30.63 -97.91 110.26
CA VAL U 311 30.81 -98.39 111.63
C VAL U 311 30.42 -99.85 111.74
N GLU U 312 29.51 -100.33 110.89
CA GLU U 312 29.15 -101.74 110.89
C GLU U 312 30.36 -102.62 110.57
N GLU U 313 31.12 -102.27 109.54
CA GLU U 313 32.35 -102.99 109.26
C GLU U 313 33.40 -102.77 110.36
N TYR U 314 33.40 -101.59 110.99
CA TYR U 314 34.47 -101.28 111.94
C TYR U 314 34.25 -101.79 113.37
N LYS U 315 33.03 -102.13 113.80
CA LYS U 315 32.87 -102.56 115.20
C LYS U 315 33.60 -103.85 115.49
N ASN U 316 33.46 -104.84 114.61
CA ASN U 316 34.05 -106.15 114.84
C ASN U 316 34.97 -106.46 113.66
N PHE U 317 36.19 -105.93 113.75
CA PHE U 317 37.26 -106.23 112.80
C PHE U 317 38.36 -106.95 113.55
N ARG U 318 38.77 -108.10 113.03
CA ARG U 318 39.91 -108.81 113.56
C ARG U 318 40.88 -109.12 112.43
N PRO U 319 42.17 -108.85 112.59
CA PRO U 319 43.12 -109.18 111.53
C PRO U 319 43.12 -110.67 111.24
N ASP U 320 43.30 -111.01 109.95
CA ASP U 320 43.33 -112.36 109.40
C ASP U 320 41.96 -112.98 109.26
N ASP U 321 40.88 -112.22 109.38
CA ASP U 321 39.54 -112.78 109.22
C ASP U 321 39.26 -113.14 107.77
N PRO U 322 39.24 -114.42 107.41
CA PRO U 322 39.07 -114.80 106.00
C PRO U 322 37.75 -114.33 105.43
N ALA U 323 36.68 -114.34 106.21
CA ALA U 323 35.37 -113.97 105.68
C ALA U 323 35.37 -112.52 105.22
N ARG U 324 35.78 -111.60 106.10
CA ARG U 324 35.81 -110.19 105.71
C ARG U 324 36.82 -109.95 104.60
N LYS U 325 38.00 -110.59 104.68
CA LYS U 325 39.02 -110.35 103.67
C LYS U 325 38.52 -110.76 102.28
N THR U 326 37.98 -111.97 102.16
CA THR U 326 37.51 -112.44 100.86
C THR U 326 36.28 -111.67 100.38
N LYS U 327 35.37 -111.30 101.29
CA LYS U 327 34.23 -110.49 100.87
C LYS U 327 34.67 -109.14 100.33
N ALA U 328 35.63 -108.50 101.01
CA ALA U 328 36.16 -107.24 100.52
C ALA U 328 36.84 -107.42 99.18
N LEU U 329 37.62 -108.49 99.01
CA LEU U 329 38.27 -108.75 97.74
C LEU U 329 37.26 -108.88 96.61
N LEU U 330 36.19 -109.66 96.86
CA LEU U 330 35.19 -109.89 95.83
C LEU U 330 34.48 -108.59 95.45
N GLN U 331 34.09 -107.78 96.44
CA GLN U 331 33.40 -106.54 96.09
C GLN U 331 34.34 -105.55 95.40
N MET U 332 35.62 -105.52 95.80
CA MET U 332 36.58 -104.65 95.13
C MET U 332 36.72 -105.03 93.67
N VAL U 333 36.85 -106.34 93.41
CA VAL U 333 37.00 -106.82 92.03
C VAL U 333 35.76 -106.47 91.21
N GLN U 334 34.57 -106.67 91.80
CA GLN U 334 33.35 -106.40 91.06
C GLN U 334 33.24 -104.92 90.70
N GLN U 335 33.55 -104.03 91.65
CA GLN U 335 33.46 -102.62 91.31
C GLN U 335 34.53 -102.22 90.31
N PHE U 336 35.72 -102.82 90.40
CA PHE U 336 36.75 -102.55 89.40
C PHE U 336 36.25 -102.90 88.00
N ALA U 337 35.66 -104.09 87.86
CA ALA U 337 35.12 -104.47 86.56
C ALA U 337 34.10 -103.45 86.08
N VAL U 338 33.02 -103.27 86.85
CA VAL U 338 31.94 -102.42 86.36
C VAL U 338 32.42 -101.01 86.09
N ASP U 339 33.41 -100.54 86.85
CA ASP U 339 34.03 -99.25 86.55
C ASP U 339 34.75 -99.29 85.21
N PHE U 340 35.42 -100.41 84.90
CA PHE U 340 36.13 -100.52 83.64
C PHE U 340 35.17 -100.45 82.46
N GLU U 341 34.08 -101.21 82.51
CA GLU U 341 33.12 -101.09 81.40
C GLU U 341 32.45 -99.71 81.38
N LYS U 342 32.26 -99.09 82.55
CA LYS U 342 31.70 -97.74 82.56
C LYS U 342 32.63 -96.77 81.85
N ARG U 343 33.93 -96.92 82.03
CA ARG U 343 34.89 -96.00 81.43
C ARG U 343 35.21 -96.34 79.98
N ILE U 344 34.98 -97.58 79.54
CA ILE U 344 35.29 -97.93 78.16
C ILE U 344 34.04 -97.84 77.30
N GLU U 345 33.04 -98.68 77.58
CA GLU U 345 31.82 -98.63 76.79
C GLU U 345 30.99 -97.39 77.10
N GLY U 346 31.26 -96.71 78.20
CA GLY U 346 30.45 -95.58 78.59
C GLY U 346 29.03 -95.96 78.98
N SER U 347 28.86 -97.06 79.71
CA SER U 347 27.54 -97.44 80.19
C SER U 347 26.96 -96.33 81.05
N GLY U 348 25.73 -95.95 80.76
CA GLY U 348 25.19 -94.73 81.33
C GLY U 348 24.92 -94.81 82.82
N ASP U 349 25.78 -94.16 83.60
CA ASP U 349 25.56 -93.79 85.00
C ASP U 349 26.78 -93.02 85.47
N GLN U 350 26.58 -92.15 86.46
CA GLN U 350 27.63 -91.42 87.16
C GLN U 350 28.75 -90.96 86.23
N ILE U 351 28.38 -90.45 85.07
CA ILE U 351 29.35 -90.13 84.02
C ILE U 351 30.04 -88.82 84.33
N ASP U 352 31.37 -88.84 84.38
CA ASP U 352 32.13 -87.61 84.52
C ASP U 352 31.98 -86.76 83.25
N THR U 353 31.75 -85.46 83.45
CA THR U 353 31.61 -84.51 82.35
C THR U 353 32.69 -83.45 82.42
N TYR U 354 33.86 -83.80 82.94
CA TYR U 354 34.94 -82.85 83.16
C TYR U 354 36.10 -83.05 82.21
N GLU U 355 36.36 -84.28 81.78
CA GLU U 355 37.40 -84.60 80.82
C GLU U 355 36.75 -85.24 79.59
N LEU U 356 37.53 -85.36 78.51
CA LEU U 356 37.02 -86.01 77.31
C LEU U 356 36.60 -87.44 77.60
N SER U 357 37.40 -88.15 78.39
CA SER U 357 37.05 -89.44 78.97
C SER U 357 38.21 -89.90 79.83
N GLY U 358 38.00 -90.99 80.54
CA GLY U 358 39.11 -91.69 81.17
C GLY U 358 39.87 -92.45 80.10
N GLY U 359 39.17 -93.31 79.37
CA GLY U 359 39.79 -94.01 78.26
C GLY U 359 38.89 -94.29 77.08
N ALA U 360 37.77 -93.58 76.98
CA ALA U 360 36.80 -93.89 75.93
C ALA U 360 36.98 -93.02 74.69
N ARG U 361 36.81 -91.70 74.84
CA ARG U 361 37.03 -90.81 73.71
C ARG U 361 38.51 -90.51 73.47
N ILE U 362 39.36 -90.62 74.48
CA ILE U 362 40.79 -90.58 74.18
C ILE U 362 41.17 -91.75 73.27
N ASN U 363 40.31 -92.77 73.19
CA ASN U 363 40.53 -93.92 72.31
C ASN U 363 39.81 -93.79 70.97
N ARG U 364 38.53 -93.40 71.00
CA ARG U 364 37.84 -93.11 69.75
C ARG U 364 38.57 -92.04 68.94
N ILE U 365 39.15 -91.03 69.59
CA ILE U 365 39.85 -90.01 68.83
C ILE U 365 41.10 -90.61 68.21
N PHE U 366 41.68 -91.65 68.82
CA PHE U 366 42.72 -92.40 68.13
C PHE U 366 42.16 -93.02 66.86
N HIS U 367 41.04 -93.74 66.98
CA HIS U 367 40.50 -94.47 65.82
C HIS U 367 40.11 -93.55 64.67
N GLU U 368 39.58 -92.36 64.94
CA GLU U 368 39.25 -91.41 63.88
C GLU U 368 40.12 -90.16 63.89
N ARG U 369 41.35 -90.28 64.37
CA ARG U 369 42.41 -89.31 64.13
C ARG U 369 43.61 -89.92 63.42
N PHE U 370 43.86 -91.22 63.62
CA PHE U 370 44.83 -92.01 62.87
C PHE U 370 44.83 -91.72 61.37
N PRO U 371 43.68 -91.44 60.75
CA PRO U 371 43.71 -90.91 59.38
C PRO U 371 44.62 -89.71 59.21
N PHE U 372 44.82 -88.90 60.26
CA PHE U 372 45.82 -87.84 60.16
C PHE U 372 47.20 -88.41 59.92
N GLU U 373 47.54 -89.51 60.62
CA GLU U 373 48.82 -90.17 60.37
C GLU U 373 48.90 -90.69 58.94
N LEU U 374 47.85 -91.37 58.48
CA LEU U 374 47.90 -91.93 57.13
C LEU U 374 48.06 -90.84 56.08
N VAL U 375 47.37 -89.71 56.25
CA VAL U 375 47.56 -88.60 55.33
C VAL U 375 48.96 -88.01 55.47
N LYS U 376 49.46 -87.93 56.71
CA LYS U 376 50.78 -87.39 56.97
C LYS U 376 51.88 -88.29 56.44
N MET U 377 51.55 -89.47 55.95
CA MET U 377 52.51 -90.23 55.16
C MET U 377 52.97 -89.38 53.97
N GLU U 378 54.07 -89.82 53.34
CA GLU U 378 54.86 -88.97 52.44
C GLU U 378 54.05 -88.17 51.41
N PHE U 379 53.39 -88.83 50.45
CA PHE U 379 52.52 -88.21 49.45
C PHE U 379 53.15 -87.03 48.70
N ASP U 380 54.45 -86.79 48.81
CA ASP U 380 55.03 -85.57 48.22
C ASP U 380 56.30 -85.89 47.42
N GLU U 381 56.11 -86.23 46.15
CA GLU U 381 57.17 -86.35 45.14
C GLU U 381 56.54 -86.40 43.75
N LYS U 382 57.31 -85.92 42.78
CA LYS U 382 57.15 -86.32 41.39
C LYS U 382 58.14 -87.43 41.02
N GLU U 383 59.04 -87.79 41.93
CA GLU U 383 59.95 -88.90 41.73
C GLU U 383 59.19 -90.20 41.52
N LEU U 384 57.94 -90.28 41.97
CA LEU U 384 57.12 -91.45 41.71
C LEU U 384 56.99 -91.72 40.22
N ARG U 385 56.93 -90.67 39.40
CA ARG U 385 56.83 -90.87 37.96
C ARG U 385 58.06 -91.57 37.40
N ARG U 386 59.26 -91.15 37.83
CA ARG U 386 60.47 -91.87 37.45
C ARG U 386 60.45 -93.29 38.00
N GLU U 387 59.96 -93.45 39.22
CA GLU U 387 59.93 -94.75 39.88
C GLU U 387 59.07 -95.73 39.11
N ILE U 388 57.98 -95.24 38.51
CA ILE U 388 57.11 -96.14 37.77
C ILE U 388 57.56 -96.27 36.32
N SER U 389 58.25 -95.25 35.78
CA SER U 389 58.83 -95.38 34.44
C SER U 389 59.89 -96.47 34.41
N TYR U 390 60.69 -96.57 35.47
CA TYR U 390 61.66 -97.67 35.52
C TYR U 390 60.95 -99.02 35.58
N ALA U 391 59.82 -99.10 36.29
CA ALA U 391 59.07 -100.35 36.30
C ALA U 391 58.56 -100.70 34.91
N ILE U 392 58.05 -99.71 34.19
CA ILE U 392 57.67 -99.90 32.79
C ILE U 392 58.84 -100.45 32.01
N LYS U 393 60.01 -99.83 32.16
CA LYS U 393 61.16 -100.19 31.35
C LYS U 393 61.78 -101.51 31.74
N ASN U 394 61.47 -102.03 32.92
CA ASN U 394 61.96 -103.34 33.31
C ASN U 394 61.02 -104.47 32.94
N ILE U 395 59.70 -104.26 33.05
CA ILE U 395 58.78 -105.32 32.63
C ILE U 395 58.46 -105.27 31.14
N HIS U 396 58.93 -104.25 30.42
CA HIS U 396 59.01 -104.30 28.97
C HIS U 396 60.37 -104.74 28.52
N GLY U 397 60.99 -105.63 29.29
CA GLY U 397 62.40 -105.94 29.25
C GLY U 397 63.05 -105.96 27.89
N ILE U 398 62.55 -106.80 26.99
CA ILE U 398 63.08 -106.91 25.64
C ILE U 398 62.03 -106.55 24.60
N ARG U 399 60.83 -107.11 24.72
CA ARG U 399 59.77 -106.82 23.76
C ARG U 399 59.42 -105.34 23.80
N THR U 400 58.63 -104.90 22.82
CA THR U 400 58.59 -103.47 22.54
C THR U 400 57.21 -103.03 22.08
N GLY U 401 56.96 -101.73 22.24
CA GLY U 401 55.96 -101.00 21.51
C GLY U 401 54.52 -101.29 21.86
N LEU U 402 54.26 -101.97 22.97
CA LEU U 402 52.89 -102.30 23.32
C LEU U 402 52.36 -101.37 24.40
N PHE U 403 51.04 -101.46 24.60
CA PHE U 403 50.23 -100.40 25.18
C PHE U 403 50.73 -99.89 26.51
N THR U 404 50.61 -100.74 27.55
CA THR U 404 50.97 -100.51 28.95
C THR U 404 50.96 -101.85 29.67
N PRO U 405 51.95 -102.12 30.50
CA PRO U 405 51.91 -103.33 31.34
C PRO U 405 51.24 -103.08 32.68
N ASP U 406 50.32 -103.97 33.08
CA ASP U 406 49.59 -103.77 34.32
C ASP U 406 50.43 -104.06 35.54
N MET U 407 51.41 -104.95 35.43
CA MET U 407 52.17 -105.26 36.62
C MET U 407 53.02 -104.06 37.06
N ALA U 408 53.18 -103.05 36.21
CA ALA U 408 53.78 -101.80 36.69
C ALA U 408 52.92 -101.19 37.78
N PHE U 409 51.62 -101.02 37.50
CA PHE U 409 50.67 -100.59 38.52
C PHE U 409 50.73 -101.51 39.73
N GLU U 410 50.81 -102.82 39.48
CA GLU U 410 50.87 -103.78 40.58
C GLU U 410 52.06 -103.51 41.49
N THR U 411 53.26 -103.41 40.91
CA THR U 411 54.47 -103.25 41.70
C THR U 411 54.47 -101.91 42.42
N ILE U 412 53.95 -100.87 41.78
CA ILE U 412 53.97 -99.57 42.42
C ILE U 412 53.01 -99.52 43.60
N VAL U 413 51.81 -100.09 43.46
CA VAL U 413 50.94 -100.10 44.62
C VAL U 413 51.49 -101.01 45.71
N LYS U 414 52.14 -102.11 45.35
CA LYS U 414 52.77 -102.95 46.36
C LYS U 414 53.88 -102.21 47.10
N LYS U 415 54.57 -101.30 46.43
CA LYS U 415 55.58 -100.49 47.08
C LYS U 415 54.97 -99.37 47.93
N GLN U 416 53.82 -98.83 47.49
CA GLN U 416 53.19 -97.74 48.24
C GLN U 416 52.53 -98.24 49.52
N VAL U 417 51.87 -99.41 49.47
CA VAL U 417 51.13 -99.90 50.63
C VAL U 417 52.00 -100.71 51.57
N LYS U 418 53.29 -100.85 51.29
CA LYS U 418 54.17 -101.52 52.24
C LYS U 418 54.63 -100.60 53.36
N LYS U 419 54.45 -99.29 53.19
CA LYS U 419 54.79 -98.34 54.25
C LYS U 419 53.59 -97.94 55.10
N ILE U 420 52.40 -98.48 54.81
CA ILE U 420 51.27 -98.36 55.72
C ILE U 420 51.53 -99.16 56.99
N ARG U 421 52.49 -100.08 56.96
CA ARG U 421 52.75 -100.95 58.09
C ARG U 421 53.22 -100.18 59.32
N GLU U 422 53.79 -98.99 59.15
CA GLU U 422 54.27 -98.23 60.30
C GLU U 422 53.15 -97.47 61.01
N PRO U 423 52.31 -96.71 60.31
CA PRO U 423 51.24 -95.98 61.04
C PRO U 423 50.28 -96.88 61.79
N CYS U 424 49.96 -98.06 61.25
CA CYS U 424 49.04 -98.96 61.94
C CYS U 424 49.64 -99.47 63.25
N LEU U 425 50.91 -99.88 63.21
CA LEU U 425 51.58 -100.29 64.44
C LEU U 425 51.70 -99.13 65.42
N LYS U 426 51.92 -97.91 64.91
CA LYS U 426 51.96 -96.76 65.79
C LYS U 426 50.61 -96.52 66.47
N CYS U 427 49.52 -96.69 65.73
CA CYS U 427 48.20 -96.55 66.33
C CYS U 427 47.95 -97.63 67.37
N VAL U 428 48.41 -98.86 67.11
CA VAL U 428 48.28 -99.92 68.10
C VAL U 428 49.05 -99.55 69.35
N ASP U 429 50.25 -99.00 69.19
CA ASP U 429 51.03 -98.55 70.35
C ASP U 429 50.29 -97.45 71.11
N MET U 430 49.67 -96.52 70.39
CA MET U 430 48.93 -95.45 71.06
C MET U 430 47.74 -96.00 71.84
N VAL U 431 47.01 -96.95 71.26
CA VAL U 431 45.88 -97.55 71.97
C VAL U 431 46.37 -98.27 73.21
N ILE U 432 47.48 -98.99 73.10
CA ILE U 432 48.09 -99.62 74.27
C ILE U 432 48.40 -98.56 75.33
N SER U 433 49.09 -97.51 74.94
CA SER U 433 49.55 -96.50 75.90
C SER U 433 48.39 -95.77 76.55
N GLU U 434 47.23 -95.75 75.89
CA GLU U 434 46.10 -95.04 76.49
C GLU U 434 45.27 -95.96 77.37
N LEU U 435 44.99 -97.17 76.92
CA LEU U 435 44.22 -98.09 77.73
C LEU U 435 44.98 -98.51 78.99
N ILE U 436 46.30 -98.69 78.87
CA ILE U 436 47.05 -99.14 80.04
C ILE U 436 47.12 -98.03 81.07
N SER U 437 46.94 -96.78 80.66
CA SER U 437 46.83 -95.67 81.61
C SER U 437 45.42 -95.56 82.17
N THR U 438 44.41 -95.88 81.38
CA THR U 438 43.04 -95.89 81.90
C THR U 438 42.85 -96.95 82.96
N VAL U 439 43.49 -98.11 82.80
CA VAL U 439 43.45 -99.13 83.85
C VAL U 439 44.04 -98.57 85.13
N ARG U 440 45.16 -97.85 85.04
CA ARG U 440 45.73 -97.21 86.22
C ARG U 440 44.77 -96.18 86.80
N GLN U 441 44.09 -95.43 85.94
CA GLN U 441 43.15 -94.41 86.40
C GLN U 441 41.98 -95.03 87.16
N CYS U 442 41.56 -96.23 86.78
CA CYS U 442 40.44 -96.88 87.44
C CYS U 442 40.89 -97.84 88.54
N THR U 443 42.18 -98.02 88.75
CA THR U 443 42.67 -98.76 89.90
C THR U 443 43.25 -97.89 91.00
N LYS U 444 43.77 -96.70 90.68
CA LYS U 444 44.41 -95.88 91.70
C LYS U 444 43.40 -95.32 92.69
N LYS U 445 42.21 -94.93 92.21
CA LYS U 445 41.29 -94.17 93.04
C LYS U 445 40.31 -95.05 93.81
N LEU U 446 39.88 -96.17 93.22
CA LEU U 446 39.01 -97.08 93.96
C LEU U 446 39.79 -97.84 95.03
N GLN U 447 41.02 -98.22 94.74
CA GLN U 447 41.78 -99.11 95.63
C GLN U 447 42.59 -98.25 96.61
N GLN U 448 42.07 -98.12 97.83
CA GLN U 448 42.90 -97.65 98.93
C GLN U 448 43.91 -98.71 99.33
N TYR U 449 43.60 -99.97 99.07
CA TYR U 449 44.44 -101.06 99.52
C TYR U 449 45.82 -100.99 98.87
N PRO U 450 46.88 -101.22 99.62
CA PRO U 450 48.19 -101.44 99.00
C PRO U 450 48.33 -102.88 98.55
N ARG U 451 49.10 -103.04 97.47
CA ARG U 451 49.45 -104.33 96.87
C ARG U 451 48.26 -104.94 96.14
N LEU U 452 47.05 -104.44 96.38
CA LEU U 452 45.90 -104.87 95.59
C LEU U 452 45.60 -103.93 94.45
N ARG U 453 46.14 -102.72 94.47
CA ARG U 453 46.27 -101.91 93.28
C ARG U 453 47.56 -102.22 92.52
N GLU U 454 48.38 -103.12 93.07
CA GLU U 454 49.60 -103.57 92.41
C GLU U 454 49.40 -104.89 91.68
N GLU U 455 48.88 -105.91 92.37
CA GLU U 455 48.61 -107.18 91.72
C GLU U 455 47.57 -107.03 90.61
N MET U 456 46.54 -106.24 90.85
CA MET U 456 45.50 -106.03 89.85
C MET U 456 46.07 -105.37 88.60
N GLU U 457 46.82 -104.28 88.78
CA GLU U 457 47.44 -103.61 87.66
C GLU U 457 48.41 -104.52 86.94
N ARG U 458 49.21 -105.28 87.69
CA ARG U 458 50.17 -106.19 87.07
C ARG U 458 49.47 -107.21 86.19
N ILE U 459 48.44 -107.86 86.72
CA ILE U 459 47.75 -108.90 85.96
C ILE U 459 47.10 -108.33 84.72
N VAL U 460 46.36 -107.23 84.88
CA VAL U 460 45.64 -106.66 83.73
C VAL U 460 46.64 -106.18 82.67
N THR U 461 47.71 -105.52 83.11
CA THR U 461 48.68 -105.00 82.15
C THR U 461 49.44 -106.11 81.44
N THR U 462 49.74 -107.21 82.15
CA THR U 462 50.38 -108.33 81.48
C THR U 462 49.45 -108.96 80.45
N HIS U 463 48.16 -109.04 80.77
CA HIS U 463 47.22 -109.56 79.76
C HIS U 463 47.16 -108.64 78.55
N ILE U 464 47.17 -107.32 78.77
CA ILE U 464 47.11 -106.38 77.66
C ILE U 464 48.35 -106.49 76.80
N ARG U 465 49.52 -106.59 77.43
CA ARG U 465 50.77 -106.72 76.67
C ARG U 465 50.94 -108.10 76.08
N GLU U 466 50.17 -109.09 76.53
CA GLU U 466 50.10 -110.35 75.81
C GLU U 466 49.23 -110.21 74.58
N ARG U 467 48.16 -109.41 74.66
CA ARG U 467 47.26 -109.25 73.51
C ARG U 467 47.86 -108.34 72.45
N GLU U 468 48.79 -107.46 72.83
CA GLU U 468 49.36 -106.56 71.83
C GLU U 468 50.13 -107.32 70.76
N GLY U 469 50.78 -108.42 71.15
CA GLY U 469 51.46 -109.24 70.15
C GLY U 469 50.51 -109.81 69.13
N ARG U 470 49.39 -110.36 69.60
CA ARG U 470 48.41 -110.93 68.68
C ARG U 470 47.82 -109.87 67.77
N THR U 471 47.50 -108.69 68.32
CA THR U 471 46.88 -107.70 67.45
C THR U 471 47.87 -107.12 66.45
N LYS U 472 49.14 -106.97 66.84
CA LYS U 472 50.15 -106.54 65.87
C LYS U 472 50.35 -107.60 64.79
N GLU U 473 50.34 -108.88 65.16
CA GLU U 473 50.42 -109.94 64.17
C GLU U 473 49.26 -109.86 63.19
N GLN U 474 48.05 -109.64 63.70
CA GLN U 474 46.89 -109.58 62.82
C GLN U 474 46.95 -108.36 61.90
N VAL U 475 47.45 -107.23 62.41
CA VAL U 475 47.58 -106.05 61.54
C VAL U 475 48.60 -106.31 60.44
N MET U 476 49.75 -106.90 60.79
CA MET U 476 50.74 -107.23 59.78
C MET U 476 50.17 -108.19 58.75
N LEU U 477 49.41 -109.18 59.20
CA LEU U 477 48.84 -110.15 58.26
C LEU U 477 47.75 -109.53 57.41
N LEU U 478 47.03 -108.54 57.94
CA LEU U 478 46.10 -107.79 57.10
C LEU U 478 46.83 -107.04 55.99
N ILE U 479 47.96 -106.41 56.33
CA ILE U 479 48.76 -105.75 55.30
C ILE U 479 49.25 -106.77 54.27
N ASP U 480 49.75 -107.91 54.74
CA ASP U 480 50.25 -108.93 53.82
C ASP U 480 49.14 -109.56 52.98
N ILE U 481 47.88 -109.50 53.44
CA ILE U 481 46.76 -109.86 52.57
C ILE U 481 46.52 -108.76 51.55
N GLU U 482 46.62 -107.50 51.94
CA GLU U 482 46.39 -106.43 50.99
C GLU U 482 47.49 -106.31 49.96
N LEU U 483 48.62 -106.98 50.18
CA LEU U 483 49.64 -107.17 49.13
C LEU U 483 49.49 -108.49 48.39
N ALA U 484 48.28 -108.95 48.09
CA ALA U 484 48.12 -110.24 47.43
C ALA U 484 47.42 -110.16 46.09
N TYR U 485 46.34 -109.40 45.96
CA TYR U 485 45.57 -109.51 44.73
C TYR U 485 45.45 -108.20 43.96
N MET U 486 45.33 -107.06 44.67
CA MET U 486 45.25 -105.75 44.03
C MET U 486 44.06 -105.68 43.07
N ASN U 487 42.87 -105.78 43.66
CA ASN U 487 41.66 -105.90 42.86
C ASN U 487 41.41 -104.63 42.04
N THR U 488 40.69 -104.81 40.94
CA THR U 488 40.26 -103.72 40.10
C THR U 488 38.76 -103.75 39.82
N ASN U 489 38.08 -104.85 40.14
CA ASN U 489 36.64 -104.92 39.99
C ASN U 489 35.89 -104.04 40.98
N HIS U 490 36.59 -103.47 41.97
CA HIS U 490 35.99 -102.58 42.94
C HIS U 490 35.66 -101.25 42.29
N GLU U 491 35.21 -100.29 43.08
CA GLU U 491 34.73 -99.00 42.59
C GLU U 491 35.84 -98.05 42.17
N ASP U 492 37.09 -98.47 42.00
CA ASP U 492 38.06 -97.62 41.31
C ASP U 492 37.74 -97.59 39.84
N PHE U 493 37.88 -96.42 39.22
CA PHE U 493 37.57 -96.28 37.81
C PHE U 493 38.72 -96.78 36.96
N ILE U 494 38.40 -97.56 35.93
CA ILE U 494 39.41 -98.15 35.07
C ILE U 494 39.75 -97.22 33.92
N ASP U 652 58.56 -87.44 24.71
CA ASP U 652 57.38 -88.10 25.25
C ASP U 652 57.00 -89.33 24.44
N PRO U 653 57.89 -90.31 24.36
CA PRO U 653 57.62 -91.48 23.53
C PRO U 653 56.63 -92.42 24.20
N GLN U 654 55.35 -92.07 24.14
CA GLN U 654 54.27 -92.79 24.80
C GLN U 654 54.41 -92.73 26.32
N LEU U 655 55.48 -92.09 26.79
CA LEU U 655 55.70 -92.01 28.23
C LEU U 655 54.68 -91.09 28.88
N GLU U 656 54.48 -89.89 28.33
CA GLU U 656 53.48 -89.00 28.90
C GLU U 656 52.06 -89.56 28.76
N ARG U 657 51.91 -90.72 28.13
CA ARG U 657 50.64 -91.44 28.09
C ARG U 657 50.59 -92.59 29.09
N GLN U 658 51.71 -93.28 29.28
CA GLN U 658 51.75 -94.45 30.15
C GLN U 658 52.03 -94.08 31.60
N VAL U 659 53.06 -93.27 31.84
CA VAL U 659 53.45 -92.92 33.20
C VAL U 659 52.33 -92.17 33.91
N GLU U 660 51.69 -91.22 33.21
CA GLU U 660 50.62 -90.45 33.83
C GLU U 660 49.41 -91.32 34.12
N THR U 661 49.07 -92.23 33.20
CA THR U 661 47.96 -93.14 33.45
C THR U 661 48.24 -94.04 34.65
N ILE U 662 49.47 -94.56 34.75
CA ILE U 662 49.82 -95.41 35.88
C ILE U 662 49.72 -94.61 37.18
N ARG U 663 50.18 -93.36 37.17
CA ARG U 663 50.09 -92.55 38.38
C ARG U 663 48.63 -92.29 38.77
N ASN U 664 47.79 -91.95 37.79
CA ASN U 664 46.41 -91.63 38.07
C ASN U 664 45.59 -92.86 38.41
N LEU U 665 46.11 -94.06 38.16
CA LEU U 665 45.47 -95.27 38.67
C LEU U 665 46.01 -95.69 40.02
N VAL U 666 47.31 -95.48 40.27
CA VAL U 666 47.86 -95.75 41.59
C VAL U 666 47.18 -94.87 42.64
N ASP U 667 46.95 -93.60 42.32
CA ASP U 667 46.23 -92.74 43.27
C ASP U 667 44.81 -93.23 43.48
N SER U 668 44.13 -93.64 42.41
CA SER U 668 42.76 -94.10 42.51
C SER U 668 42.64 -95.38 43.30
N TYR U 669 43.70 -96.19 43.36
CA TYR U 669 43.66 -97.38 44.21
C TYR U 669 44.20 -97.12 45.61
N MET U 670 45.09 -96.13 45.78
CA MET U 670 45.51 -95.75 47.13
C MET U 670 44.36 -95.16 47.91
N ALA U 671 43.48 -94.42 47.25
CA ALA U 671 42.27 -93.96 47.93
C ALA U 671 41.51 -95.14 48.53
N ILE U 672 41.30 -96.19 47.74
CA ILE U 672 40.49 -97.32 48.20
C ILE U 672 41.21 -98.11 49.28
N VAL U 673 42.52 -98.35 49.12
CA VAL U 673 43.22 -99.14 50.13
C VAL U 673 43.30 -98.37 51.44
N ASN U 674 43.50 -97.05 51.37
CA ASN U 674 43.48 -96.25 52.58
C ASN U 674 42.12 -96.29 53.26
N LYS U 675 41.05 -96.20 52.46
CA LYS U 675 39.71 -96.26 53.06
C LYS U 675 39.46 -97.61 53.72
N THR U 676 39.84 -98.71 53.07
CA THR U 676 39.57 -100.02 53.61
C THR U 676 40.57 -100.45 54.67
N VAL U 677 41.61 -99.66 54.92
CA VAL U 677 42.44 -99.94 56.09
C VAL U 677 41.97 -99.07 57.25
N ARG U 678 41.48 -97.85 56.96
CA ARG U 678 40.95 -97.02 58.03
C ARG U 678 39.65 -97.58 58.57
N ASP U 679 38.83 -98.19 57.73
CA ASP U 679 37.57 -98.75 58.17
C ASP U 679 37.74 -100.09 58.88
N LEU U 680 38.91 -100.72 58.78
CA LEU U 680 39.11 -102.06 59.29
C LEU U 680 40.12 -102.15 60.42
N MET U 681 41.03 -101.20 60.56
CA MET U 681 42.08 -101.34 61.57
C MET U 681 41.53 -101.12 62.98
N PRO U 682 40.60 -100.19 63.21
CA PRO U 682 39.94 -100.16 64.53
C PRO U 682 39.27 -101.47 64.90
N LYS U 683 38.59 -102.12 63.95
CA LYS U 683 37.85 -103.34 64.25
C LYS U 683 38.78 -104.45 64.73
N THR U 684 39.92 -104.62 64.08
CA THR U 684 40.79 -105.73 64.43
C THR U 684 41.40 -105.55 65.81
N ILE U 685 41.88 -104.34 66.12
CA ILE U 685 42.44 -104.11 67.44
C ILE U 685 41.36 -104.24 68.49
N MET U 686 40.14 -103.79 68.19
CA MET U 686 39.11 -103.77 69.22
C MET U 686 38.37 -105.09 69.33
N HIS U 687 38.64 -106.04 68.43
CA HIS U 687 38.24 -107.42 68.64
C HIS U 687 39.31 -108.27 69.28
N LEU U 688 40.58 -107.96 69.07
CA LEU U 688 41.64 -108.78 69.64
C LEU U 688 42.13 -108.28 70.99
N MET U 689 41.92 -107.00 71.30
CA MET U 689 42.43 -106.40 72.52
C MET U 689 41.32 -105.91 73.44
N ILE U 690 40.46 -105.02 72.95
CA ILE U 690 39.45 -104.39 73.82
C ILE U 690 38.48 -105.44 74.32
N ASN U 691 37.76 -106.06 73.40
CA ASN U 691 36.73 -107.03 73.73
C ASN U 691 37.30 -108.37 74.16
N ASN U 692 38.62 -108.46 74.34
CA ASN U 692 39.20 -109.63 74.96
C ASN U 692 39.74 -109.36 76.36
N THR U 693 40.40 -108.22 76.58
CA THR U 693 40.76 -107.85 77.93
C THR U 693 39.53 -107.52 78.76
N LYS U 694 38.47 -107.01 78.12
CA LYS U 694 37.24 -106.78 78.84
C LYS U 694 36.62 -108.09 79.29
N GLU U 695 36.60 -109.10 78.41
CA GLU U 695 36.10 -110.41 78.79
C GLU U 695 36.97 -111.02 79.87
N PHE U 696 38.29 -110.82 79.78
CA PHE U 696 39.20 -111.32 80.81
C PHE U 696 38.88 -110.68 82.16
N ILE U 697 38.59 -109.38 82.16
CA ILE U 697 38.19 -108.69 83.38
C ILE U 697 36.89 -109.28 83.93
N PHE U 698 35.91 -109.55 83.07
CA PHE U 698 34.71 -110.23 83.56
C PHE U 698 35.04 -111.58 84.20
N SER U 699 35.75 -112.44 83.50
CA SER U 699 35.64 -113.86 83.76
C SER U 699 36.90 -114.57 84.23
N GLU U 700 38.02 -113.86 84.39
CA GLU U 700 39.22 -114.55 84.84
C GLU U 700 40.03 -113.80 85.89
N LEU U 701 39.72 -112.53 86.15
CA LEU U 701 40.57 -111.72 87.02
C LEU U 701 40.62 -112.28 88.44
N LEU U 702 39.48 -112.73 88.97
CA LEU U 702 39.47 -113.26 90.33
C LEU U 702 40.20 -114.59 90.41
N ALA U 703 40.10 -115.42 89.37
CA ALA U 703 40.69 -116.75 89.42
C ALA U 703 42.21 -116.70 89.60
N ASN U 704 42.87 -115.85 88.82
CA ASN U 704 44.32 -115.72 88.97
C ASN U 704 44.71 -114.72 90.05
N LEU U 705 43.80 -113.81 90.42
CA LEU U 705 44.08 -112.92 91.53
C LEU U 705 44.15 -113.69 92.85
N TYR U 706 43.30 -114.71 93.00
CA TYR U 706 43.43 -115.61 94.14
C TYR U 706 44.77 -116.32 94.16
N SER U 707 45.29 -116.68 92.99
CA SER U 707 46.49 -117.52 92.91
C SER U 707 47.78 -116.72 93.08
N CYS U 708 47.83 -115.50 92.57
CA CYS U 708 49.04 -114.70 92.67
C CYS U 708 49.23 -114.21 94.10
N GLY U 709 50.44 -114.35 94.60
CA GLY U 709 50.75 -113.92 95.96
C GLY U 709 50.36 -114.94 97.01
N ASP U 710 50.10 -114.41 98.21
CA ASP U 710 49.79 -115.26 99.35
C ASP U 710 48.31 -115.61 99.43
N GLN U 711 47.44 -114.73 98.95
CA GLN U 711 45.98 -114.83 99.11
C GLN U 711 45.60 -114.59 100.57
N ASN U 712 46.61 -114.46 101.44
CA ASN U 712 46.41 -114.14 102.84
C ASN U 712 47.04 -112.82 103.22
N THR U 713 48.31 -112.61 102.90
CA THR U 713 48.93 -111.30 103.08
C THR U 713 48.71 -110.42 101.85
N LEU U 714 47.46 -110.39 101.42
CA LEU U 714 46.99 -109.50 100.37
C LEU U 714 45.86 -108.69 100.96
N MET U 715 45.57 -107.54 100.32
CA MET U 715 44.56 -106.59 100.81
C MET U 715 44.77 -106.29 102.30
N GLU U 716 46.01 -105.97 102.64
CA GLU U 716 46.37 -105.50 103.96
C GLU U 716 46.08 -104.01 104.05
N GLU U 717 45.55 -103.58 105.19
CA GLU U 717 45.18 -102.19 105.37
C GLU U 717 46.41 -101.29 105.25
N SER U 718 46.33 -100.29 104.39
CA SER U 718 47.34 -99.24 104.38
C SER U 718 47.30 -98.50 105.71
N ALA U 719 48.46 -98.01 106.13
CA ALA U 719 48.56 -97.30 107.40
C ALA U 719 47.55 -96.16 107.49
N GLU U 720 47.28 -95.51 106.36
CA GLU U 720 46.27 -94.45 106.35
C GLU U 720 44.90 -95.00 106.74
N GLN U 721 44.50 -96.14 106.17
CA GLN U 721 43.22 -96.73 106.53
C GLN U 721 43.22 -97.25 107.96
N ALA U 722 44.36 -97.76 108.43
CA ALA U 722 44.44 -98.26 109.80
C ALA U 722 44.24 -97.14 110.80
N GLN U 723 44.83 -95.97 110.54
CA GLN U 723 44.64 -94.83 111.43
C GLN U 723 43.34 -94.10 111.16
N ARG U 724 42.69 -94.35 110.03
CA ARG U 724 41.41 -93.74 109.72
C ARG U 724 40.26 -94.48 110.41
N ARG U 725 40.32 -95.81 110.42
CA ARG U 725 39.25 -96.59 111.05
C ARG U 725 39.16 -96.28 112.54
N ASP U 726 40.31 -96.14 113.21
CA ASP U 726 40.30 -95.89 114.65
C ASP U 726 39.62 -94.56 114.96
N GLU U 727 39.94 -93.51 114.22
CA GLU U 727 39.31 -92.22 114.48
C GLU U 727 37.85 -92.23 114.09
N MET U 728 37.48 -92.92 113.01
CA MET U 728 36.08 -92.99 112.62
C MET U 728 35.26 -93.87 113.56
N LEU U 729 35.91 -94.70 114.37
CA LEU U 729 35.20 -95.45 115.41
C LEU U 729 35.09 -94.66 116.71
N ARG U 730 36.15 -93.94 117.10
CA ARG U 730 36.04 -93.12 118.29
C ARG U 730 35.06 -91.97 118.07
N MET U 731 34.95 -91.48 116.83
CA MET U 731 33.93 -90.48 116.56
C MET U 731 32.53 -91.06 116.68
N TYR U 732 32.34 -92.32 116.30
CA TYR U 732 31.07 -92.99 116.54
C TYR U 732 30.75 -93.05 118.03
N HIS U 733 31.74 -93.45 118.83
CA HIS U 733 31.52 -93.50 120.28
C HIS U 733 31.18 -92.13 120.85
N ALA U 734 31.89 -91.10 120.40
CA ALA U 734 31.65 -89.75 120.90
C ALA U 734 30.27 -89.25 120.50
N LEU U 735 29.84 -89.54 119.27
CA LEU U 735 28.50 -89.13 118.84
C LEU U 735 27.43 -89.85 119.64
N LYS U 736 27.63 -91.15 119.92
CA LYS U 736 26.69 -91.88 120.76
C LYS U 736 26.60 -91.25 122.15
N GLU U 737 27.75 -90.88 122.71
CA GLU U 737 27.74 -90.26 124.04
C GLU U 737 27.04 -88.90 124.02
N ALA U 738 27.27 -88.11 122.96
CA ALA U 738 26.60 -86.81 122.85
C ALA U 738 25.09 -86.97 122.77
N LEU U 739 24.62 -87.94 121.98
CA LEU U 739 23.18 -88.19 121.91
C LEU U 739 22.65 -88.66 123.26
N SER U 740 23.42 -89.49 123.97
CA SER U 740 23.00 -89.91 125.31
C SER U 740 22.85 -88.71 126.24
N ILE U 741 23.79 -87.77 126.18
CA ILE U 741 23.71 -86.59 127.04
C ILE U 741 22.53 -85.71 126.65
N ILE U 742 22.25 -85.59 125.36
CA ILE U 742 21.10 -84.82 124.93
C ILE U 742 19.81 -85.44 125.45
N GLY U 743 19.71 -86.77 125.38
CA GLY U 743 18.56 -87.45 125.95
C GLY U 743 18.43 -87.23 127.44
N ASN U 744 19.57 -87.28 128.15
CA ASN U 744 19.54 -87.08 129.60
C ASN U 744 19.09 -85.66 129.95
N ILE U 745 19.57 -84.66 129.22
CA ILE U 745 19.17 -83.29 129.53
C ILE U 745 17.72 -83.04 129.15
N ASN U 746 17.23 -83.71 128.10
CA ASN U 746 15.80 -83.61 127.79
C ASN U 746 14.96 -84.24 128.88
N THR U 747 15.44 -85.36 129.44
CA THR U 747 14.77 -85.93 130.61
C THR U 747 14.78 -84.96 131.77
N THR U 748 15.92 -84.31 132.00
CA THR U 748 16.09 -83.32 133.07
C THR U 748 15.73 -83.90 134.44
N ASN V 3 -21.99 33.04 168.06
CA ASN V 3 -20.54 33.09 167.91
C ASN V 3 -20.06 34.54 167.80
N ARG V 4 -18.95 34.84 168.50
CA ARG V 4 -18.43 36.20 168.54
C ARG V 4 -17.73 36.60 167.25
N GLY V 5 -17.32 35.62 166.44
CA GLY V 5 -16.69 35.95 165.17
C GLY V 5 -17.60 36.75 164.27
N MET V 6 -18.91 36.48 164.33
CA MET V 6 -19.85 37.20 163.49
C MET V 6 -20.12 38.60 164.04
N GLU V 7 -20.14 38.75 165.37
CA GLU V 7 -20.13 40.09 165.97
C GLU V 7 -18.91 40.89 165.55
N ASP V 8 -17.78 40.23 165.33
CA ASP V 8 -16.59 40.95 164.87
C ASP V 8 -16.78 41.54 163.48
N LEU V 9 -17.69 40.98 162.69
CA LEU V 9 -17.87 41.42 161.31
C LEU V 9 -19.14 42.23 161.07
N ILE V 10 -20.13 42.17 161.96
CA ILE V 10 -21.35 42.95 161.74
C ILE V 10 -21.11 44.45 161.57
N PRO V 11 -20.22 45.10 162.33
CA PRO V 11 -20.11 46.56 162.13
C PRO V 11 -19.46 46.91 160.81
N LEU V 12 -18.47 46.14 160.35
CA LEU V 12 -17.76 46.47 159.12
C LEU V 12 -18.59 46.20 157.87
N VAL V 13 -19.74 45.54 157.99
CA VAL V 13 -20.63 45.34 156.86
C VAL V 13 -21.84 46.26 157.02
N ASN V 14 -22.22 46.52 158.27
CA ASN V 14 -23.35 47.41 158.52
C ASN V 14 -22.99 48.85 158.21
N ARG V 15 -21.73 49.23 158.42
CA ARG V 15 -21.25 50.55 158.04
C ARG V 15 -21.00 50.66 156.55
N LEU V 16 -20.92 49.53 155.86
CA LEU V 16 -20.55 49.47 154.46
C LEU V 16 -21.77 49.43 153.53
N GLN V 17 -22.60 48.40 153.68
CA GLN V 17 -23.72 48.20 152.78
C GLN V 17 -24.74 49.32 152.91
N ASP V 18 -24.90 49.86 154.11
CA ASP V 18 -25.83 50.97 154.27
C ASP V 18 -25.42 52.16 153.42
N ALA V 19 -24.12 52.45 153.36
CA ALA V 19 -23.64 53.56 152.53
C ALA V 19 -23.77 53.23 151.04
N PHE V 20 -23.30 52.05 150.63
CA PHE V 20 -23.41 51.69 149.21
C PHE V 20 -24.85 51.58 148.73
N SER V 21 -25.81 51.44 149.63
CA SER V 21 -27.21 51.47 149.25
C SER V 21 -27.85 52.83 149.45
N ALA V 22 -27.27 53.68 150.31
CA ALA V 22 -27.74 55.04 150.45
C ALA V 22 -27.36 55.90 149.26
N ILE V 23 -26.26 55.56 148.59
CA ILE V 23 -25.95 56.23 147.32
C ILE V 23 -26.95 55.87 146.24
N GLY V 24 -27.81 54.88 146.49
CA GLY V 24 -28.85 54.50 145.55
C GLY V 24 -28.43 53.47 144.53
N GLN V 25 -27.14 53.22 144.35
CA GLN V 25 -26.68 52.26 143.37
C GLN V 25 -26.96 50.84 143.84
N ASN V 26 -27.09 49.92 142.88
CA ASN V 26 -27.23 48.51 143.20
C ASN V 26 -25.85 47.88 143.42
N ALA V 27 -25.06 48.51 144.28
CA ALA V 27 -23.76 47.96 144.65
C ALA V 27 -23.94 47.03 145.84
N ASP V 28 -23.31 45.86 145.77
CA ASP V 28 -23.51 44.83 146.79
C ASP V 28 -22.20 44.11 147.04
N LEU V 29 -22.11 43.54 148.25
CA LEU V 29 -20.92 42.79 148.64
C LEU V 29 -20.96 41.36 148.11
N ASP V 30 -22.15 40.75 148.13
CA ASP V 30 -22.33 39.35 147.73
C ASP V 30 -21.46 38.42 148.60
N LEU V 31 -21.79 38.39 149.89
CA LEU V 31 -21.19 37.41 150.77
C LEU V 31 -21.46 36.01 150.24
N PRO V 32 -20.45 35.16 150.12
CA PRO V 32 -20.69 33.81 149.58
C PRO V 32 -21.62 33.03 150.48
N GLN V 33 -22.43 32.18 149.86
CA GLN V 33 -23.36 31.34 150.60
C GLN V 33 -22.72 30.01 150.94
N ILE V 34 -23.07 29.49 152.12
CA ILE V 34 -22.42 28.32 152.68
C ILE V 34 -23.28 27.10 152.43
N ALA V 35 -22.79 26.17 151.62
CA ALA V 35 -23.45 24.90 151.39
C ALA V 35 -22.56 23.78 151.89
N VAL V 36 -23.17 22.66 152.27
CA VAL V 36 -22.45 21.49 152.77
C VAL V 36 -22.81 20.28 151.93
N VAL V 37 -21.80 19.48 151.59
CA VAL V 37 -21.99 18.29 150.78
C VAL V 37 -21.31 17.12 151.47
N GLY V 38 -21.71 15.92 151.08
CA GLY V 38 -21.15 14.71 151.63
C GLY V 38 -22.15 13.58 151.58
N GLY V 39 -21.73 12.44 152.13
CA GLY V 39 -22.60 11.28 152.19
C GLY V 39 -23.54 11.34 153.37
N GLN V 40 -24.48 10.40 153.39
CA GLN V 40 -25.44 10.34 154.47
C GLN V 40 -24.74 10.06 155.80
N SER V 41 -25.28 10.64 156.87
CA SER V 41 -24.77 10.48 158.22
C SER V 41 -23.34 11.00 158.37
N ALA V 42 -22.99 12.03 157.60
CA ALA V 42 -21.70 12.69 157.77
C ALA V 42 -21.72 13.75 158.86
N GLY V 43 -22.90 14.18 159.31
CA GLY V 43 -22.99 15.18 160.36
C GLY V 43 -23.15 16.61 159.89
N LYS V 44 -23.68 16.82 158.68
CA LYS V 44 -23.73 18.16 158.11
C LYS V 44 -24.63 19.08 158.92
N SER V 45 -25.81 18.60 159.29
CA SER V 45 -26.72 19.42 160.08
C SER V 45 -26.11 19.82 161.41
N SER V 46 -25.40 18.89 162.06
CA SER V 46 -24.72 19.22 163.30
C SER V 46 -23.52 20.14 163.08
N VAL V 47 -22.94 20.16 161.89
CA VAL V 47 -21.91 21.14 161.59
C VAL V 47 -22.53 22.53 161.48
N LEU V 48 -23.64 22.66 160.75
CA LEU V 48 -24.28 23.96 160.62
C LEU V 48 -24.78 24.48 161.96
N GLU V 49 -25.39 23.59 162.77
CA GLU V 49 -25.83 24.00 164.10
C GLU V 49 -24.70 24.58 164.91
N ASN V 50 -23.53 23.95 164.88
CA ASN V 50 -22.42 24.42 165.69
C ASN V 50 -21.78 25.67 165.10
N PHE V 51 -21.79 25.81 163.77
CA PHE V 51 -21.29 27.03 163.18
C PHE V 51 -22.15 28.23 163.53
N VAL V 52 -23.47 28.04 163.55
CA VAL V 52 -24.36 29.13 163.95
C VAL V 52 -24.20 29.40 165.45
N GLY V 53 -24.49 28.39 166.28
CA GLY V 53 -24.37 28.55 167.71
C GLY V 53 -25.67 28.30 168.45
N ARG V 54 -26.69 27.83 167.74
CA ARG V 54 -28.00 27.58 168.34
C ARG V 54 -28.54 26.26 167.79
N ASP V 55 -29.41 25.63 168.59
CA ASP V 55 -29.89 24.28 168.32
C ASP V 55 -31.24 24.39 167.62
N PHE V 56 -31.21 24.44 166.28
CA PHE V 56 -32.44 24.60 165.52
C PHE V 56 -32.46 23.73 164.28
N LEU V 57 -31.82 22.57 164.32
CA LEU V 57 -31.80 21.70 163.15
C LEU V 57 -32.10 20.26 163.56
N PRO V 58 -32.65 19.47 162.65
CA PRO V 58 -32.89 18.05 162.97
C PRO V 58 -31.67 17.20 162.68
N ARG V 59 -31.45 16.20 163.53
CA ARG V 59 -30.33 15.30 163.35
C ARG V 59 -30.62 13.98 164.06
N GLY V 60 -29.96 12.93 163.62
CA GLY V 60 -30.11 11.64 164.24
C GLY V 60 -29.57 10.54 163.34
N SER V 61 -29.65 9.32 163.86
CA SER V 61 -29.27 8.17 163.06
C SER V 61 -30.24 7.99 161.90
N GLY V 62 -29.79 7.25 160.89
CA GLY V 62 -30.60 7.13 159.70
C GLY V 62 -30.62 8.42 158.91
N ILE V 63 -31.61 8.54 158.04
CA ILE V 63 -31.78 9.72 157.20
C ILE V 63 -32.62 10.74 157.94
N VAL V 64 -32.10 11.96 158.07
CA VAL V 64 -32.78 13.01 158.81
C VAL V 64 -33.00 14.23 157.94
N THR V 65 -31.91 14.83 157.46
CA THR V 65 -32.04 16.00 156.60
C THR V 65 -32.58 15.56 155.25
N ARG V 66 -33.90 15.60 155.10
CA ARG V 66 -34.58 14.99 153.98
C ARG V 66 -35.00 16.01 152.92
N ARG V 67 -34.98 17.29 153.25
CA ARG V 67 -35.30 18.37 152.32
C ARG V 67 -34.26 19.47 152.44
N PRO V 68 -33.84 20.06 151.33
CA PRO V 68 -32.88 21.17 151.41
C PRO V 68 -33.44 22.30 152.26
N LEU V 69 -32.58 22.88 153.08
CA LEU V 69 -32.97 23.97 153.97
C LEU V 69 -32.15 25.20 153.62
N VAL V 70 -32.82 26.25 153.18
CA VAL V 70 -32.16 27.52 152.89
C VAL V 70 -32.39 28.41 154.10
N LEU V 71 -31.45 28.35 155.04
CA LEU V 71 -31.42 29.26 156.16
C LEU V 71 -30.88 30.60 155.70
N GLN V 72 -31.49 31.68 156.18
CA GLN V 72 -31.02 33.03 155.92
C GLN V 72 -30.91 33.74 157.25
N LEU V 73 -29.67 33.93 157.70
CA LEU V 73 -29.42 34.78 158.84
C LEU V 73 -29.53 36.23 158.39
N VAL V 74 -30.33 37.02 159.09
CA VAL V 74 -30.57 38.42 158.74
C VAL V 74 -30.41 39.28 159.98
N ASN V 75 -29.60 40.32 159.87
CA ASN V 75 -29.40 41.25 160.97
C ASN V 75 -30.66 42.07 161.21
N ALA V 76 -31.12 42.10 162.45
CA ALA V 76 -32.35 42.80 162.79
C ALA V 76 -32.26 43.29 164.23
N THR V 77 -33.39 43.75 164.77
CA THR V 77 -33.41 44.33 166.10
C THR V 77 -33.41 43.24 167.17
N THR V 78 -34.42 42.38 167.16
CA THR V 78 -34.60 41.34 168.16
C THR V 78 -34.35 39.96 167.56
N GLU V 79 -34.34 38.97 168.44
CA GLU V 79 -34.07 37.59 168.06
C GLU V 79 -35.39 36.85 167.83
N TYR V 80 -35.56 36.31 166.62
CA TYR V 80 -36.70 35.45 166.31
C TYR V 80 -36.38 34.75 164.99
N ALA V 81 -37.30 33.90 164.55
CA ALA V 81 -37.15 33.19 163.29
C ALA V 81 -38.51 32.90 162.71
N GLU V 82 -38.59 32.91 161.39
CA GLU V 82 -39.85 32.62 160.70
C GLU V 82 -39.61 31.77 159.47
N PHE V 83 -40.53 30.84 159.24
CA PHE V 83 -40.54 30.05 158.02
C PHE V 83 -41.15 30.87 156.88
N LEU V 84 -41.37 30.21 155.76
CA LEU V 84 -41.99 30.85 154.60
C LEU V 84 -43.39 30.32 154.34
N HIS V 85 -43.63 29.02 154.55
CA HIS V 85 -44.95 28.45 154.37
C HIS V 85 -45.95 28.92 155.43
N CYS V 86 -45.47 29.53 156.52
CA CYS V 86 -46.30 29.97 157.63
C CYS V 86 -46.04 31.43 157.94
N LYS V 87 -46.13 32.27 156.90
CA LYS V 87 -45.81 33.69 157.01
C LYS V 87 -46.50 34.32 158.22
N GLY V 88 -45.76 35.19 158.92
CA GLY V 88 -46.26 35.87 160.07
C GLY V 88 -46.13 35.12 161.38
N LYS V 89 -45.89 33.81 161.35
CA LYS V 89 -45.74 33.01 162.55
C LYS V 89 -44.29 33.08 163.00
N LYS V 90 -43.99 34.04 163.86
CA LYS V 90 -42.63 34.23 164.38
C LYS V 90 -42.33 33.17 165.42
N PHE V 91 -41.17 32.55 165.30
CA PHE V 91 -40.73 31.50 166.22
C PHE V 91 -39.59 32.02 167.08
N THR V 92 -39.75 31.86 168.40
CA THR V 92 -38.69 32.16 169.35
C THR V 92 -38.17 30.93 170.07
N ASP V 93 -38.97 29.88 170.19
CA ASP V 93 -38.55 28.64 170.85
C ASP V 93 -37.90 27.73 169.82
N PHE V 94 -36.58 27.56 169.95
CA PHE V 94 -35.84 26.78 168.97
C PHE V 94 -36.24 25.31 168.99
N GLU V 95 -36.76 24.81 170.11
CA GLU V 95 -37.34 23.47 170.11
C GLU V 95 -38.55 23.40 169.20
N GLU V 96 -39.40 24.43 169.22
CA GLU V 96 -40.51 24.48 168.28
C GLU V 96 -40.00 24.59 166.84
N VAL V 97 -38.92 25.34 166.62
CA VAL V 97 -38.34 25.42 165.28
C VAL V 97 -37.88 24.04 164.81
N ARG V 98 -37.20 23.30 165.69
CA ARG V 98 -36.70 21.97 165.35
C ARG V 98 -37.84 21.01 165.07
N LEU V 99 -38.91 21.06 165.87
CA LEU V 99 -40.05 20.20 165.61
C LEU V 99 -40.74 20.56 164.30
N GLU V 100 -40.92 21.86 164.05
CA GLU V 100 -41.65 22.28 162.86
C GLU V 100 -40.89 21.99 161.59
N ILE V 101 -39.55 22.08 161.63
CA ILE V 101 -38.79 21.83 160.41
C ILE V 101 -38.95 20.39 159.95
N GLU V 102 -38.90 19.44 160.88
CA GLU V 102 -39.11 18.05 160.48
C GLU V 102 -40.59 17.75 160.20
N ALA V 103 -41.50 18.48 160.85
CA ALA V 103 -42.91 18.34 160.49
C ALA V 103 -43.16 18.77 159.05
N GLU V 104 -42.57 19.88 158.62
CA GLU V 104 -42.65 20.28 157.23
C GLU V 104 -41.88 19.31 156.34
N THR V 105 -40.79 18.75 156.85
CA THR V 105 -39.99 17.82 156.06
C THR V 105 -40.78 16.58 155.68
N ASP V 106 -41.52 16.01 156.63
CA ASP V 106 -42.30 14.82 156.30
C ASP V 106 -43.71 15.13 155.82
N ARG V 107 -44.18 16.38 155.98
CA ARG V 107 -45.48 16.76 155.45
C ARG V 107 -45.54 16.71 153.93
N VAL V 108 -44.39 16.67 153.26
CA VAL V 108 -44.36 16.66 151.81
C VAL V 108 -43.97 15.30 151.26
N THR V 109 -43.10 14.56 151.95
CA THR V 109 -42.57 13.31 151.43
C THR V 109 -43.11 12.08 152.14
N GLY V 110 -43.59 12.20 153.37
CA GLY V 110 -44.00 11.06 154.14
C GLY V 110 -42.94 10.64 155.14
N THR V 111 -43.13 9.43 155.67
CA THR V 111 -42.20 8.86 156.63
C THR V 111 -41.37 7.73 156.01
N ASN V 112 -41.49 7.54 154.69
CA ASN V 112 -40.84 6.44 154.01
C ASN V 112 -39.56 6.89 153.30
N LYS V 113 -38.88 7.90 153.86
CA LYS V 113 -37.54 8.30 153.45
C LYS V 113 -37.46 8.75 151.99
N GLY V 114 -38.56 9.25 151.42
CA GLY V 114 -38.47 9.89 150.13
C GLY V 114 -38.08 11.35 150.24
N ILE V 115 -37.57 11.93 149.15
CA ILE V 115 -37.09 13.30 149.22
C ILE V 115 -37.79 14.14 148.16
N SER V 116 -37.69 15.46 148.33
CA SER V 116 -38.31 16.43 147.46
C SER V 116 -37.29 17.51 147.14
N PRO V 117 -37.11 17.87 145.88
CA PRO V 117 -36.12 18.88 145.52
C PRO V 117 -36.62 20.30 145.71
N VAL V 118 -37.72 20.48 146.43
CA VAL V 118 -38.29 21.79 146.69
C VAL V 118 -37.73 22.29 148.02
N PRO V 119 -36.96 23.38 148.03
CA PRO V 119 -36.30 23.81 149.26
C PRO V 119 -37.26 24.22 150.37
N ILE V 120 -36.72 24.52 151.55
CA ILE V 120 -37.47 25.03 152.68
C ILE V 120 -36.79 26.32 153.09
N ASN V 121 -37.38 27.45 152.78
CA ASN V 121 -36.80 28.72 153.21
C ASN V 121 -37.04 28.95 154.69
N LEU V 122 -36.07 29.58 155.34
CA LEU V 122 -36.18 29.89 156.74
C LEU V 122 -35.36 31.16 156.96
N ARG V 123 -35.85 32.07 157.81
CA ARG V 123 -35.13 33.31 158.07
C ARG V 123 -35.02 33.52 159.56
N VAL V 124 -33.78 33.57 160.07
CA VAL V 124 -33.53 33.90 161.46
C VAL V 124 -33.09 35.34 161.54
N TYR V 125 -33.91 36.18 162.16
CA TYR V 125 -33.60 37.58 162.35
C TYR V 125 -33.00 37.77 163.74
N SER V 126 -31.82 38.38 163.79
CA SER V 126 -31.14 38.56 165.07
C SER V 126 -30.10 39.65 164.92
N PRO V 127 -29.79 40.37 166.00
CA PRO V 127 -28.67 41.33 165.95
C PRO V 127 -27.31 40.66 165.92
N HIS V 128 -27.25 39.33 166.04
CA HIS V 128 -25.99 38.61 166.15
C HIS V 128 -25.64 37.84 164.88
N VAL V 129 -26.25 38.19 163.76
CA VAL V 129 -26.02 37.49 162.50
C VAL V 129 -25.79 38.49 161.38
N LEU V 130 -25.08 38.03 160.35
CA LEU V 130 -24.91 38.78 159.12
C LEU V 130 -26.12 38.57 158.23
N ASN V 131 -26.00 38.98 156.96
CA ASN V 131 -26.99 38.63 155.93
C ASN V 131 -26.50 37.43 155.12
N LEU V 132 -26.47 36.28 155.79
CA LEU V 132 -25.87 35.08 155.23
C LEU V 132 -26.91 34.06 154.78
N THR V 133 -26.51 33.25 153.81
CA THR V 133 -27.33 32.17 153.26
C THR V 133 -26.62 30.86 153.52
N LEU V 134 -27.19 30.04 154.41
CA LEU V 134 -26.65 28.72 154.76
C LEU V 134 -27.55 27.68 154.12
N VAL V 135 -27.01 26.92 153.18
CA VAL V 135 -27.80 25.96 152.41
C VAL V 135 -27.45 24.58 152.94
N ASP V 136 -28.25 24.09 153.89
CA ASP V 136 -28.13 22.70 154.30
C ASP V 136 -28.75 21.82 153.23
N LEU V 137 -28.11 20.69 152.96
CA LEU V 137 -28.49 19.80 151.88
C LEU V 137 -28.69 18.40 152.42
N PRO V 138 -29.51 17.59 151.75
CA PRO V 138 -29.68 16.20 152.20
C PRO V 138 -28.44 15.38 151.90
N GLY V 139 -28.25 14.34 152.71
CA GLY V 139 -27.12 13.45 152.49
C GLY V 139 -27.22 12.73 151.17
N MET V 140 -26.06 12.47 150.57
CA MET V 140 -26.01 11.78 149.29
C MET V 140 -26.21 10.29 149.48
N THR V 141 -26.96 9.68 148.58
CA THR V 141 -27.36 8.28 148.66
C THR V 141 -27.08 7.62 147.33
N LYS V 142 -26.81 6.31 147.36
CA LYS V 142 -26.44 5.59 146.15
C LYS V 142 -27.44 4.50 145.81
N VAL V 143 -28.06 3.89 146.83
CA VAL V 143 -29.07 2.88 146.58
C VAL V 143 -30.39 3.33 147.19
N PRO V 144 -31.51 3.19 146.48
CA PRO V 144 -32.79 3.69 147.01
C PRO V 144 -33.34 2.85 148.14
N VAL V 145 -33.39 3.42 149.34
CA VAL V 145 -34.01 2.78 150.50
C VAL V 145 -35.39 3.40 150.71
N GLY V 146 -36.38 2.54 150.95
CA GLY V 146 -37.74 3.03 151.10
C GLY V 146 -38.48 3.09 149.77
N ASP V 147 -39.31 4.11 149.60
CA ASP V 147 -40.05 4.30 148.36
C ASP V 147 -39.35 5.27 147.41
N GLN V 148 -38.06 5.49 147.60
CA GLN V 148 -37.33 6.39 146.73
C GLN V 148 -37.25 5.81 145.32
N PRO V 149 -37.33 6.66 144.30
CA PRO V 149 -37.29 6.18 142.92
C PRO V 149 -35.92 5.61 142.58
N PRO V 150 -35.80 4.88 141.47
CA PRO V 150 -34.51 4.23 141.16
C PRO V 150 -33.36 5.20 140.93
N ASP V 151 -33.62 6.47 140.65
CA ASP V 151 -32.58 7.45 140.36
C ASP V 151 -32.42 8.44 141.52
N ILE V 152 -32.44 7.92 142.74
CA ILE V 152 -32.27 8.77 143.92
C ILE V 152 -30.90 9.43 143.89
N GLU V 153 -29.86 8.68 143.49
CA GLU V 153 -28.52 9.25 143.44
C GLU V 153 -28.45 10.41 142.46
N PHE V 154 -29.06 10.25 141.30
CA PHE V 154 -28.98 11.29 140.29
C PHE V 154 -29.82 12.50 140.68
N GLN V 155 -30.98 12.29 141.30
CA GLN V 155 -31.76 13.46 141.68
C GLN V 155 -31.27 14.09 142.98
N ILE V 156 -30.35 13.47 143.69
CA ILE V 156 -29.68 14.17 144.79
C ILE V 156 -28.43 14.89 144.30
N ARG V 157 -27.71 14.31 143.34
CA ARG V 157 -26.57 15.00 142.76
C ARG V 157 -27.01 16.23 141.98
N ASP V 158 -28.08 16.11 141.18
CA ASP V 158 -28.61 17.27 140.49
C ASP V 158 -29.23 18.27 141.46
N MET V 159 -29.69 17.79 142.62
CA MET V 159 -30.10 18.70 143.67
C MET V 159 -28.93 19.54 144.16
N LEU V 160 -27.78 18.90 144.37
CA LEU V 160 -26.62 19.60 144.92
C LEU V 160 -25.98 20.52 143.91
N MET V 161 -26.05 20.17 142.61
CA MET V 161 -25.42 21.02 141.61
C MET V 161 -26.03 22.41 141.57
N GLN V 162 -27.36 22.51 141.60
CA GLN V 162 -27.97 23.82 141.48
C GLN V 162 -27.67 24.72 142.68
N PHE V 163 -27.13 24.15 143.76
CA PHE V 163 -26.76 24.94 144.93
C PHE V 163 -25.27 25.17 145.08
N VAL V 164 -24.42 24.32 144.49
CA VAL V 164 -22.98 24.46 144.67
C VAL V 164 -22.26 24.90 143.41
N THR V 165 -22.89 24.85 142.23
CA THR V 165 -22.16 25.24 141.03
C THR V 165 -22.04 26.76 140.93
N LYS V 166 -22.93 27.49 141.59
CA LYS V 166 -22.88 28.95 141.53
C LYS V 166 -21.65 29.45 142.27
N GLU V 167 -20.95 30.42 141.68
CA GLU V 167 -19.78 30.98 142.31
C GLU V 167 -20.17 31.70 143.60
N ASN V 168 -19.16 32.04 144.40
CA ASN V 168 -19.36 32.60 145.73
C ASN V 168 -20.25 31.68 146.56
N CYS V 169 -19.93 30.39 146.50
CA CYS V 169 -20.62 29.37 147.30
C CYS V 169 -19.55 28.53 147.99
N LEU V 170 -19.28 28.84 149.26
CA LEU V 170 -18.37 28.02 150.04
C LEU V 170 -18.93 26.61 150.15
N ILE V 171 -18.10 25.63 149.80
CA ILE V 171 -18.51 24.24 149.80
C ILE V 171 -17.81 23.55 150.97
N LEU V 172 -18.57 23.24 152.01
CA LEU V 172 -18.06 22.46 153.13
C LEU V 172 -18.20 20.99 152.74
N ALA V 173 -17.09 20.41 152.30
CA ALA V 173 -17.04 18.97 152.03
C ALA V 173 -16.91 18.28 153.38
N VAL V 174 -18.02 17.78 153.90
CA VAL V 174 -18.02 17.11 155.20
C VAL V 174 -17.85 15.62 154.96
N SER V 175 -16.79 15.05 155.54
CA SER V 175 -16.51 13.64 155.38
C SER V 175 -16.34 13.02 156.75
N PRO V 176 -16.82 11.79 156.95
CA PRO V 176 -16.63 11.13 158.24
C PRO V 176 -15.23 10.54 158.35
N ALA V 177 -14.72 10.55 159.58
CA ALA V 177 -13.39 9.99 159.80
C ALA V 177 -13.40 8.48 159.68
N ASN V 178 -14.48 7.83 160.12
CA ASN V 178 -14.54 6.37 160.09
C ASN V 178 -14.41 5.85 158.67
N SER V 179 -15.18 6.39 157.75
CA SER V 179 -15.04 5.99 156.36
C SER V 179 -13.73 6.53 155.79
N ASP V 180 -13.23 5.84 154.77
CA ASP V 180 -11.99 6.26 154.14
C ASP V 180 -12.22 7.54 153.36
N LEU V 181 -11.18 8.37 153.28
CA LEU V 181 -11.31 9.67 152.63
C LEU V 181 -11.53 9.52 151.13
N ALA V 182 -10.98 8.46 150.53
CA ALA V 182 -11.17 8.25 149.10
C ALA V 182 -12.62 7.98 148.75
N ASN V 183 -13.46 7.67 149.73
CA ASN V 183 -14.88 7.43 149.51
C ASN V 183 -15.74 8.66 149.81
N SER V 184 -15.13 9.83 149.97
CA SER V 184 -15.89 11.03 150.32
C SER V 184 -16.60 11.57 149.10
N ASP V 185 -17.91 11.31 149.02
CA ASP V 185 -18.71 11.93 147.96
C ASP V 185 -18.63 13.45 148.03
N ALA V 186 -18.45 13.99 149.24
CA ALA V 186 -18.23 15.42 149.38
C ALA V 186 -17.03 15.88 148.57
N LEU V 187 -15.90 15.18 148.73
CA LEU V 187 -14.71 15.56 147.99
C LEU V 187 -14.86 15.30 146.50
N LYS V 188 -15.60 14.26 146.12
CA LYS V 188 -15.85 14.04 144.70
C LYS V 188 -16.59 15.22 144.10
N VAL V 189 -17.66 15.67 144.77
CA VAL V 189 -18.44 16.81 144.29
C VAL V 189 -17.57 18.07 144.28
N ALA V 190 -16.74 18.24 145.32
CA ALA V 190 -15.90 19.42 145.40
C ALA V 190 -14.88 19.46 144.25
N LYS V 191 -14.27 18.33 143.93
CA LYS V 191 -13.34 18.29 142.80
C LYS V 191 -14.06 18.35 141.47
N GLU V 192 -15.36 18.07 141.42
CA GLU V 192 -16.11 18.25 140.18
C GLU V 192 -16.46 19.71 139.93
N VAL V 193 -16.96 20.41 140.95
CA VAL V 193 -17.50 21.75 140.79
C VAL V 193 -16.57 22.82 141.31
N ASP V 194 -15.34 22.46 141.67
CA ASP V 194 -14.35 23.39 142.19
C ASP V 194 -12.97 22.76 142.06
N PRO V 195 -12.45 22.63 140.84
CA PRO V 195 -11.22 21.83 140.65
C PRO V 195 -10.05 22.30 141.48
N GLN V 196 -9.70 23.59 141.41
CA GLN V 196 -8.55 24.09 142.14
C GLN V 196 -8.79 24.19 143.63
N GLY V 197 -10.01 23.99 144.09
CA GLY V 197 -10.32 24.10 145.51
C GLY V 197 -10.20 25.51 146.05
N GLN V 198 -10.63 26.50 145.26
CA GLN V 198 -10.56 27.88 145.73
C GLN V 198 -11.52 28.13 146.88
N ARG V 199 -12.73 27.56 146.81
CA ARG V 199 -13.80 27.84 147.74
C ARG V 199 -14.31 26.57 148.42
N THR V 200 -13.39 25.64 148.68
CA THR V 200 -13.72 24.34 149.28
C THR V 200 -13.08 24.24 150.65
N ILE V 201 -13.90 24.00 151.67
CA ILE V 201 -13.43 23.79 153.03
C ILE V 201 -13.68 22.33 153.36
N GLY V 202 -12.61 21.59 153.69
CA GLY V 202 -12.75 20.21 154.09
C GLY V 202 -12.98 20.09 155.58
N VAL V 203 -13.99 19.31 155.96
CA VAL V 203 -14.32 19.08 157.37
C VAL V 203 -14.33 17.59 157.60
N ILE V 204 -13.71 17.15 158.69
CA ILE V 204 -13.63 15.74 159.06
C ILE V 204 -14.38 15.56 160.37
N THR V 205 -15.45 14.76 160.33
CA THR V 205 -16.33 14.56 161.46
C THR V 205 -16.14 13.16 162.03
N LYS V 206 -16.64 12.98 163.26
CA LYS V 206 -16.63 11.69 163.95
C LYS V 206 -15.20 11.19 164.13
N LEU V 207 -14.38 12.02 164.77
CA LEU V 207 -13.01 11.64 165.10
C LEU V 207 -12.90 10.82 166.36
N ASP V 208 -13.96 10.74 167.16
CA ASP V 208 -13.96 9.93 168.37
C ASP V 208 -14.46 8.51 168.14
N LEU V 209 -14.80 8.16 166.90
CA LEU V 209 -15.30 6.83 166.58
C LEU V 209 -14.45 6.13 165.54
N MET V 210 -13.20 6.55 165.38
CA MET V 210 -12.31 5.93 164.41
C MET V 210 -11.96 4.50 164.84
N ASP V 211 -11.61 3.69 163.85
CA ASP V 211 -11.19 2.32 164.13
C ASP V 211 -10.02 2.31 165.11
N GLU V 212 -10.12 1.48 166.13
CA GLU V 212 -9.14 1.48 167.21
C GLU V 212 -7.74 1.20 166.65
N GLY V 213 -6.76 1.97 167.12
CA GLY V 213 -5.40 1.85 166.65
C GLY V 213 -5.09 2.62 165.38
N THR V 214 -6.06 3.36 164.85
CA THR V 214 -5.86 4.16 163.65
C THR V 214 -6.11 5.63 163.98
N ASP V 215 -5.56 6.52 163.16
CA ASP V 215 -5.75 7.94 163.34
C ASP V 215 -5.67 8.63 162.00
N ALA V 216 -6.49 9.67 161.82
CA ALA V 216 -6.56 10.41 160.56
C ALA V 216 -5.55 11.55 160.51
N ARG V 217 -4.44 11.43 161.22
CA ARG V 217 -3.43 12.49 161.25
C ARG V 217 -2.97 12.86 159.85
N ASP V 218 -2.72 11.87 159.00
CA ASP V 218 -2.27 12.14 157.64
C ASP V 218 -3.32 12.82 156.79
N VAL V 219 -4.57 12.83 157.23
CA VAL V 219 -5.62 13.58 156.54
C VAL V 219 -5.76 14.98 157.11
N LEU V 220 -5.79 15.10 158.44
CA LEU V 220 -5.94 16.41 159.06
C LEU V 220 -4.74 17.30 158.80
N GLU V 221 -3.57 16.70 158.54
CA GLU V 221 -2.39 17.49 158.19
C GLU V 221 -2.29 17.75 156.69
N ASN V 222 -3.39 17.58 155.96
CA ASN V 222 -3.46 17.90 154.54
C ASN V 222 -2.39 17.15 153.75
N LYS V 223 -2.07 15.94 154.17
CA LYS V 223 -1.05 15.12 153.52
C LYS V 223 -1.63 14.13 152.54
N LEU V 224 -2.66 13.39 152.93
CA LEU V 224 -3.24 12.37 152.06
C LEU V 224 -3.80 12.98 150.79
N LEU V 225 -4.82 13.80 150.91
CA LEU V 225 -5.45 14.46 149.76
C LEU V 225 -5.20 15.96 149.83
N PRO V 226 -4.35 16.50 148.96
CA PRO V 226 -4.01 17.94 149.07
C PRO V 226 -5.22 18.81 148.83
N LEU V 227 -5.49 19.71 149.78
CA LEU V 227 -6.61 20.63 149.70
C LEU V 227 -6.10 22.03 150.05
N ARG V 228 -6.58 23.03 149.31
CA ARG V 228 -6.02 24.37 149.43
C ARG V 228 -6.25 24.94 150.83
N ARG V 229 -7.47 24.86 151.34
CA ARG V 229 -7.79 25.41 152.65
C ARG V 229 -7.53 24.45 153.78
N GLY V 230 -7.16 23.20 153.49
CA GLY V 230 -6.89 22.23 154.52
C GLY V 230 -8.16 21.68 155.14
N TYR V 231 -7.99 20.66 155.97
CA TYR V 231 -9.10 20.00 156.64
C TYR V 231 -9.20 20.46 158.08
N ILE V 232 -10.43 20.47 158.59
CA ILE V 232 -10.71 20.86 159.97
C ILE V 232 -11.43 19.69 160.63
N GLY V 233 -10.82 19.12 161.66
CA GLY V 233 -11.49 18.06 162.40
C GLY V 233 -12.42 18.62 163.45
N VAL V 234 -13.56 17.96 163.62
CA VAL V 234 -14.55 18.35 164.62
C VAL V 234 -15.17 17.10 165.21
N VAL V 235 -15.54 17.18 166.48
CA VAL V 235 -16.25 16.12 167.17
C VAL V 235 -17.57 16.69 167.65
N ASN V 236 -18.67 16.10 167.21
CA ASN V 236 -20.00 16.59 167.50
C ASN V 236 -20.61 15.76 168.61
N ARG V 237 -21.88 16.02 168.93
CA ARG V 237 -22.57 15.22 169.93
C ARG V 237 -22.88 13.85 169.36
N SER V 238 -22.57 12.81 170.13
CA SER V 238 -22.94 11.46 169.72
C SER V 238 -24.45 11.29 169.72
N GLN V 239 -24.91 10.20 169.10
CA GLN V 239 -26.35 9.95 169.05
C GLN V 239 -26.92 9.75 170.44
N LYS V 240 -26.16 9.09 171.32
CA LYS V 240 -26.59 8.97 172.71
C LYS V 240 -26.69 10.33 173.37
N ASP V 241 -25.75 11.24 173.06
CA ASP V 241 -25.82 12.58 173.61
C ASP V 241 -27.04 13.33 173.10
N ILE V 242 -27.39 13.15 171.82
CA ILE V 242 -28.59 13.78 171.27
C ILE V 242 -29.83 13.26 171.98
N ASP V 243 -29.89 11.94 172.20
CA ASP V 243 -31.04 11.38 172.90
C ASP V 243 -31.11 11.86 174.34
N GLY V 244 -29.97 11.99 175.00
CA GLY V 244 -29.91 12.50 176.35
C GLY V 244 -29.97 14.00 176.48
N LYS V 245 -30.06 14.71 175.36
CA LYS V 245 -30.19 16.17 175.34
C LYS V 245 -28.99 16.84 175.99
N LYS V 246 -27.79 16.48 175.55
CA LYS V 246 -26.59 17.13 176.02
C LYS V 246 -26.52 18.57 175.50
N ASP V 247 -25.77 19.40 176.21
CA ASP V 247 -25.73 20.81 175.91
C ASP V 247 -24.45 21.20 175.17
N ILE V 248 -24.47 22.40 174.58
CA ILE V 248 -23.35 22.90 173.80
C ILE V 248 -22.12 23.08 174.68
N THR V 249 -22.30 23.52 175.93
CA THR V 249 -21.15 23.73 176.81
C THR V 249 -20.38 22.43 177.05
N ALA V 250 -21.10 21.38 177.46
CA ALA V 250 -20.44 20.11 177.71
C ALA V 250 -19.88 19.52 176.42
N ALA V 251 -20.61 19.65 175.31
CA ALA V 251 -20.11 19.13 174.05
C ALA V 251 -18.80 19.81 173.64
N LEU V 252 -18.73 21.14 173.78
CA LEU V 252 -17.50 21.85 173.45
C LEU V 252 -16.37 21.49 174.41
N ALA V 253 -16.68 21.34 175.69
CA ALA V 253 -15.64 20.94 176.64
C ALA V 253 -15.06 19.58 176.27
N ALA V 254 -15.93 18.61 175.97
CA ALA V 254 -15.45 17.28 175.59
C ALA V 254 -14.66 17.33 174.29
N GLU V 255 -15.14 18.09 173.31
CA GLU V 255 -14.44 18.19 172.03
C GLU V 255 -13.07 18.82 172.21
N ARG V 256 -12.97 19.84 173.06
CA ARG V 256 -11.68 20.48 173.30
C ARG V 256 -10.74 19.53 174.03
N LYS V 257 -11.22 18.83 175.05
CA LYS V 257 -10.35 17.93 175.79
C LYS V 257 -9.95 16.70 175.00
N PHE V 258 -10.74 16.32 173.99
CA PHE V 258 -10.39 15.16 173.19
C PHE V 258 -9.09 15.39 172.42
N PHE V 259 -8.96 16.55 171.77
CA PHE V 259 -7.76 16.82 170.98
C PHE V 259 -6.53 17.04 171.84
N LEU V 260 -6.69 17.24 173.15
CA LEU V 260 -5.56 17.22 174.06
C LEU V 260 -5.25 15.82 174.56
N SER V 261 -6.28 15.00 174.76
CA SER V 261 -6.05 13.63 175.21
C SER V 261 -5.38 12.79 174.13
N HIS V 262 -5.77 12.98 172.87
CA HIS V 262 -5.29 12.11 171.81
C HIS V 262 -3.82 12.41 171.51
N PRO V 263 -2.93 11.43 171.62
CA PRO V 263 -1.50 11.70 171.33
C PRO V 263 -1.23 12.15 169.91
N SER V 264 -1.99 11.64 168.93
CA SER V 264 -1.73 12.03 167.54
C SER V 264 -2.21 13.43 167.22
N TYR V 265 -3.15 13.97 168.00
CA TYR V 265 -3.72 15.29 167.73
C TYR V 265 -3.38 16.30 168.82
N ARG V 266 -2.47 15.97 169.73
CA ARG V 266 -2.13 16.91 170.80
C ARG V 266 -1.53 18.20 170.23
N HIS V 267 -0.74 18.09 169.17
CA HIS V 267 -0.09 19.24 168.57
C HIS V 267 -0.96 19.94 167.54
N LEU V 268 -2.28 19.72 167.58
CA LEU V 268 -3.19 20.37 166.65
C LEU V 268 -4.45 20.87 167.33
N ALA V 269 -4.51 20.85 168.67
CA ALA V 269 -5.74 21.19 169.37
C ALA V 269 -6.22 22.60 169.04
N ASP V 270 -5.28 23.55 168.89
CA ASP V 270 -5.68 24.90 168.54
C ASP V 270 -6.13 25.02 167.09
N ARG V 271 -5.66 24.14 166.21
CA ARG V 271 -5.98 24.23 164.79
C ARG V 271 -7.13 23.33 164.38
N MET V 272 -7.67 22.53 165.29
CA MET V 272 -8.81 21.67 165.03
C MET V 272 -9.92 21.98 166.03
N GLY V 273 -11.16 21.79 165.58
CA GLY V 273 -12.30 22.02 166.45
C GLY V 273 -13.34 22.98 165.89
N THR V 274 -14.53 22.96 166.48
CA THR V 274 -15.60 23.85 166.01
C THR V 274 -15.25 25.33 166.12
N PRO V 275 -14.67 25.83 167.22
CA PRO V 275 -14.27 27.25 167.23
C PRO V 275 -13.32 27.60 166.10
N TYR V 276 -12.36 26.71 165.80
CA TYR V 276 -11.44 27.01 164.71
C TYR V 276 -12.14 26.94 163.36
N LEU V 277 -13.15 26.06 163.24
CA LEU V 277 -13.95 26.05 162.02
C LEU V 277 -14.68 27.37 161.84
N GLN V 278 -15.25 27.90 162.92
CA GLN V 278 -15.90 29.20 162.85
C GLN V 278 -14.92 30.28 162.45
N LYS V 279 -13.72 30.25 163.04
CA LYS V 279 -12.71 31.24 162.72
C LYS V 279 -12.31 31.17 161.24
N VAL V 280 -12.13 29.97 160.71
CA VAL V 280 -11.76 29.82 159.31
C VAL V 280 -12.87 30.31 158.39
N LEU V 281 -14.12 29.96 158.71
CA LEU V 281 -15.23 30.41 157.88
C LEU V 281 -15.34 31.93 157.88
N ASN V 282 -15.21 32.55 159.05
CA ASN V 282 -15.29 34.00 159.13
C ASN V 282 -14.11 34.66 158.42
N GLN V 283 -12.93 34.05 158.52
CA GLN V 283 -11.78 34.56 157.77
C GLN V 283 -12.04 34.49 156.28
N GLN V 284 -12.68 33.41 155.83
CA GLN V 284 -12.96 33.27 154.40
C GLN V 284 -13.99 34.30 153.94
N LEU V 285 -14.96 34.64 154.80
CA LEU V 285 -15.91 35.69 154.47
C LEU V 285 -15.22 37.06 154.40
N THR V 286 -14.34 37.34 155.37
CA THR V 286 -13.64 38.61 155.39
C THR V 286 -12.71 38.74 154.19
N ASN V 287 -12.06 37.65 153.79
CA ASN V 287 -11.18 37.65 152.63
C ASN V 287 -11.94 37.78 151.32
N HIS V 288 -13.28 37.80 151.37
CA HIS V 288 -14.09 38.18 150.22
C HIS V 288 -14.60 39.61 150.32
N ILE V 289 -15.03 40.01 151.52
CA ILE V 289 -15.43 41.41 151.71
C ILE V 289 -14.29 42.34 151.33
N ARG V 290 -13.10 42.07 151.85
CA ARG V 290 -11.94 42.90 151.57
C ARG V 290 -11.36 42.62 150.19
N ASP V 291 -11.67 41.46 149.60
CA ASP V 291 -11.27 41.21 148.22
C ASP V 291 -12.04 42.09 147.24
N THR V 292 -13.33 42.29 147.51
CA THR V 292 -14.17 43.03 146.56
C THR V 292 -13.83 44.51 146.51
N LEU V 293 -13.30 45.07 147.60
CA LEU V 293 -13.17 46.52 147.73
C LEU V 293 -12.42 47.21 146.59
N PRO V 294 -11.30 46.69 146.06
CA PRO V 294 -10.65 47.39 144.94
C PRO V 294 -11.56 47.65 143.75
N GLY V 295 -12.38 46.66 143.37
CA GLY V 295 -13.29 46.86 142.26
C GLY V 295 -14.29 47.96 142.52
N LEU V 296 -14.90 47.96 143.71
CA LEU V 296 -15.84 49.01 144.08
C LEU V 296 -15.16 50.37 144.07
N ARG V 297 -13.95 50.45 144.61
CA ARG V 297 -13.28 51.74 144.70
C ARG V 297 -12.98 52.29 143.32
N ASN V 298 -12.46 51.45 142.41
CA ASN V 298 -12.12 51.99 141.09
C ASN V 298 -13.38 52.32 140.29
N LYS V 299 -14.43 51.50 140.40
CA LYS V 299 -15.65 51.81 139.67
C LYS V 299 -16.30 53.09 140.17
N LEU V 300 -16.33 53.29 141.50
CA LEU V 300 -16.89 54.52 142.03
C LEU V 300 -15.99 55.71 141.73
N GLN V 301 -14.68 55.51 141.62
CA GLN V 301 -13.82 56.59 141.16
C GLN V 301 -14.16 56.97 139.73
N SER V 302 -14.42 55.99 138.87
CA SER V 302 -14.85 56.30 137.51
C SER V 302 -16.17 57.06 137.49
N GLN V 303 -17.12 56.65 138.33
CA GLN V 303 -18.42 57.35 138.36
C GLN V 303 -18.27 58.77 138.89
N LEU V 304 -17.44 58.96 139.93
CA LEU V 304 -17.19 60.32 140.42
C LEU V 304 -16.45 61.14 139.38
N LEU V 305 -15.59 60.52 138.58
CA LEU V 305 -14.99 61.21 137.44
C LEU V 305 -16.05 61.66 136.46
N SER V 306 -17.05 60.82 136.22
CA SER V 306 -18.13 61.20 135.32
C SER V 306 -18.92 62.39 135.87
N ILE V 307 -19.18 62.41 137.17
CA ILE V 307 -20.06 63.45 137.71
C ILE V 307 -19.30 64.74 138.03
N GLU V 308 -17.98 64.67 138.24
CA GLU V 308 -17.25 65.85 138.69
C GLU V 308 -17.25 66.95 137.64
N LYS V 309 -17.26 66.59 136.36
CA LYS V 309 -17.31 67.59 135.31
C LYS V 309 -18.59 68.42 135.40
N GLU V 310 -19.72 67.74 135.61
CA GLU V 310 -20.97 68.46 135.80
C GLU V 310 -20.94 69.27 137.08
N VAL V 311 -20.27 68.78 138.13
CA VAL V 311 -20.15 69.56 139.35
C VAL V 311 -19.24 70.77 139.15
N GLU V 312 -18.39 70.77 138.14
CA GLU V 312 -17.47 71.89 137.92
C GLU V 312 -18.23 73.18 137.66
N GLU V 313 -19.19 73.15 136.74
CA GLU V 313 -20.04 74.32 136.54
C GLU V 313 -21.06 74.48 137.65
N TYR V 314 -21.17 73.52 138.55
CA TYR V 314 -22.10 73.57 139.67
C TYR V 314 -21.38 73.59 141.02
N LYS V 315 -20.25 74.29 141.10
CA LYS V 315 -19.62 74.51 142.39
C LYS V 315 -20.54 75.31 143.32
N ASN V 316 -21.16 76.35 142.78
CA ASN V 316 -21.94 77.30 143.57
C ASN V 316 -23.29 77.58 142.90
N PHE V 317 -24.28 77.93 143.71
CA PHE V 317 -25.60 78.29 143.22
C PHE V 317 -26.27 79.18 144.27
N ARG V 318 -26.44 80.46 143.94
CA ARG V 318 -27.13 81.40 144.79
C ARG V 318 -28.52 81.70 144.24
N PRO V 319 -29.44 82.15 145.09
CA PRO V 319 -30.75 82.57 144.57
C PRO V 319 -30.60 83.70 143.57
N ASP V 320 -31.43 83.64 142.52
CA ASP V 320 -31.56 84.66 141.49
C ASP V 320 -30.37 84.68 140.54
N ASP V 321 -29.32 83.91 140.85
CA ASP V 321 -28.19 83.64 139.95
C ASP V 321 -27.71 84.90 139.22
N PRO V 322 -27.02 85.81 139.90
CA PRO V 322 -26.71 87.11 139.27
C PRO V 322 -25.92 87.01 137.98
N ALA V 323 -24.97 86.07 137.89
CA ALA V 323 -24.13 85.95 136.72
C ALA V 323 -24.29 84.63 135.98
N ARG V 324 -24.72 83.57 136.69
CA ARG V 324 -24.98 82.30 136.02
C ARG V 324 -26.06 82.48 134.94
N LYS V 325 -27.03 83.36 135.20
CA LYS V 325 -28.07 83.61 134.22
C LYS V 325 -27.50 84.18 132.93
N THR V 326 -26.64 85.20 133.04
CA THR V 326 -26.03 85.77 131.84
C THR V 326 -25.14 84.76 131.13
N LYS V 327 -24.35 83.99 131.90
CA LYS V 327 -23.48 83.02 131.29
C LYS V 327 -24.27 81.97 130.51
N ALA V 328 -25.33 81.44 131.13
CA ALA V 328 -26.15 80.44 130.47
C ALA V 328 -26.89 81.02 129.27
N LEU V 329 -27.30 82.29 129.36
CA LEU V 329 -27.92 82.94 128.21
C LEU V 329 -26.93 82.98 127.04
N LEU V 330 -25.68 83.34 127.32
CA LEU V 330 -24.68 83.36 126.25
C LEU V 330 -24.47 81.96 125.69
N GLN V 331 -24.41 80.95 126.55
CA GLN V 331 -24.21 79.58 126.06
C GLN V 331 -25.36 79.17 125.15
N MET V 332 -26.59 79.44 125.56
CA MET V 332 -27.75 79.08 124.74
C MET V 332 -27.74 79.83 123.42
N VAL V 333 -27.41 81.12 123.45
CA VAL V 333 -27.40 81.91 122.22
C VAL V 333 -26.35 81.38 121.26
N GLN V 334 -25.16 81.06 121.78
CA GLN V 334 -24.11 80.52 120.92
C GLN V 334 -24.50 79.15 120.37
N GLN V 335 -25.13 78.30 121.18
CA GLN V 335 -25.58 77.01 120.70
C GLN V 335 -26.61 77.18 119.59
N PHE V 336 -27.56 78.10 119.78
CA PHE V 336 -28.56 78.33 118.74
C PHE V 336 -27.93 78.84 117.46
N ALA V 337 -26.99 79.79 117.57
CA ALA V 337 -26.36 80.34 116.39
C ALA V 337 -25.57 79.29 115.63
N VAL V 338 -24.76 78.50 116.36
CA VAL V 338 -23.95 77.50 115.70
C VAL V 338 -24.83 76.40 115.11
N ASP V 339 -25.95 76.09 115.75
CA ASP V 339 -26.83 75.07 115.20
C ASP V 339 -27.59 75.57 113.99
N PHE V 340 -27.99 76.84 113.98
CA PHE V 340 -28.58 77.43 112.78
C PHE V 340 -27.59 77.38 111.63
N GLU V 341 -26.36 77.79 111.87
CA GLU V 341 -25.35 77.78 110.81
C GLU V 341 -25.06 76.36 110.35
N LYS V 342 -25.03 75.40 111.29
CA LYS V 342 -24.81 74.02 110.92
C LYS V 342 -25.99 73.46 110.12
N ARG V 343 -27.21 73.89 110.46
CA ARG V 343 -28.39 73.37 109.80
C ARG V 343 -28.54 73.91 108.40
N ILE V 344 -28.16 75.16 108.17
CA ILE V 344 -28.36 75.83 106.88
C ILE V 344 -27.07 75.92 106.08
N GLU V 345 -26.06 76.61 106.61
CA GLU V 345 -24.80 76.72 105.88
C GLU V 345 -24.15 75.35 105.70
N GLY V 346 -24.15 74.53 106.75
CA GLY V 346 -23.51 73.24 106.69
C GLY V 346 -22.12 73.24 107.29
N SER V 347 -21.98 73.83 108.46
CA SER V 347 -20.68 73.86 109.12
C SER V 347 -20.26 72.45 109.53
N GLY V 348 -19.05 72.34 110.05
CA GLY V 348 -18.52 71.05 110.45
C GLY V 348 -19.14 70.50 111.72
N ASP V 349 -18.41 69.60 112.38
CA ASP V 349 -18.79 69.03 113.68
C ASP V 349 -20.09 68.24 113.60
N GLN V 350 -20.05 67.17 112.80
CA GLN V 350 -21.03 66.08 112.89
C GLN V 350 -22.48 66.49 112.66
N ILE V 351 -22.82 66.89 111.44
CA ILE V 351 -24.22 67.07 111.07
C ILE V 351 -24.86 65.70 110.90
N ASP V 352 -26.10 65.56 111.36
CA ASP V 352 -26.76 64.26 111.39
C ASP V 352 -27.01 63.72 109.98
N THR V 353 -26.94 62.40 109.86
CA THR V 353 -27.13 61.71 108.59
C THR V 353 -28.42 60.91 108.55
N TYR V 354 -29.32 61.09 109.51
CA TYR V 354 -30.50 60.23 109.59
C TYR V 354 -31.51 60.57 108.51
N GLU V 355 -31.91 61.83 108.42
CA GLU V 355 -32.96 62.25 107.50
C GLU V 355 -32.40 63.21 106.47
N LEU V 356 -33.30 63.80 105.68
CA LEU V 356 -32.91 64.87 104.80
C LEU V 356 -32.42 66.07 105.60
N SER V 357 -32.78 66.11 106.88
CA SER V 357 -32.03 66.77 107.95
C SER V 357 -31.83 68.27 107.69
N GLY V 358 -32.95 68.97 107.75
CA GLY V 358 -32.88 70.41 107.95
C GLY V 358 -33.26 71.19 106.71
N GLY V 359 -33.49 72.48 106.92
CA GLY V 359 -33.97 73.33 105.85
C GLY V 359 -32.99 73.45 104.70
N ALA V 360 -31.70 73.34 104.96
CA ALA V 360 -30.68 73.65 103.95
C ALA V 360 -30.96 72.92 102.64
N ARG V 361 -31.19 71.61 102.72
CA ARG V 361 -31.44 70.86 101.49
C ARG V 361 -32.92 70.92 101.10
N ILE V 362 -33.82 71.10 102.06
CA ILE V 362 -35.20 71.44 101.71
C ILE V 362 -35.23 72.78 101.00
N ASN V 363 -34.48 73.76 101.52
CA ASN V 363 -34.36 75.04 100.85
C ASN V 363 -33.76 74.88 99.45
N ARG V 364 -32.75 74.03 99.32
CA ARG V 364 -32.27 73.72 97.98
C ARG V 364 -33.30 73.06 97.09
N ILE V 365 -34.07 72.11 97.59
CA ILE V 365 -35.01 71.46 96.69
C ILE V 365 -36.03 72.48 96.23
N PHE V 366 -36.28 73.50 97.04
CA PHE V 366 -37.07 74.64 96.57
C PHE V 366 -36.35 75.40 95.45
N HIS V 367 -35.09 75.78 95.68
CA HIS V 367 -34.35 76.53 94.67
C HIS V 367 -34.12 75.75 93.38
N GLU V 368 -34.29 74.43 93.39
CA GLU V 368 -34.11 73.63 92.19
C GLU V 368 -35.36 72.84 91.79
N ARG V 369 -36.50 73.13 92.40
CA ARG V 369 -37.80 72.69 91.88
C ARG V 369 -38.64 73.85 91.38
N PHE V 370 -38.41 75.06 91.89
CA PHE V 370 -39.00 76.28 91.36
C PHE V 370 -38.72 76.43 89.85
N PRO V 371 -37.53 76.06 89.34
CA PRO V 371 -37.38 75.96 87.88
C PRO V 371 -38.23 74.89 87.21
N PHE V 372 -39.04 74.16 87.97
CA PHE V 372 -40.11 73.38 87.38
C PHE V 372 -41.46 74.08 87.49
N GLU V 373 -41.69 74.81 88.57
CA GLU V 373 -42.91 75.59 88.69
C GLU V 373 -42.96 76.74 87.68
N LEU V 374 -41.80 77.23 87.24
CA LEU V 374 -41.78 78.21 86.17
C LEU V 374 -42.21 77.58 84.84
N VAL V 375 -41.67 76.40 84.53
CA VAL V 375 -41.97 75.75 83.26
C VAL V 375 -43.43 75.31 83.21
N LYS V 376 -43.93 74.73 84.31
CA LYS V 376 -45.23 74.07 84.28
C LYS V 376 -46.36 75.07 84.05
N MET V 377 -46.40 76.14 84.84
CA MET V 377 -47.60 76.98 84.89
C MET V 377 -47.82 77.77 83.62
N GLU V 378 -46.75 78.21 82.95
CA GLU V 378 -46.86 79.15 81.84
C GLU V 378 -46.86 78.41 80.51
N PHE V 379 -47.90 78.64 79.71
CA PHE V 379 -48.02 78.07 78.37
C PHE V 379 -49.21 78.68 77.65
N ASP V 380 -49.06 78.82 76.34
CA ASP V 380 -50.17 79.06 75.41
C ASP V 380 -49.62 78.93 74.00
N GLU V 381 -50.51 78.62 73.07
CA GLU V 381 -50.12 78.46 71.68
C GLU V 381 -51.36 78.57 70.80
N LYS V 382 -51.13 79.01 69.55
CA LYS V 382 -52.15 79.11 68.51
C LYS V 382 -53.20 80.18 68.81
N GLU V 383 -53.09 80.80 69.97
CA GLU V 383 -53.75 82.08 70.24
C GLU V 383 -52.77 83.24 70.14
N LEU V 384 -51.54 83.01 70.56
CA LEU V 384 -50.48 83.97 70.31
C LEU V 384 -50.26 84.18 68.83
N ARG V 385 -50.55 83.17 68.00
CA ARG V 385 -50.48 83.37 66.56
C ARG V 385 -51.44 84.46 66.11
N ARG V 386 -52.69 84.39 66.58
CA ARG V 386 -53.67 85.41 66.24
C ARG V 386 -53.27 86.77 66.79
N GLU V 387 -52.79 86.80 68.04
CA GLU V 387 -52.39 88.07 68.63
C GLU V 387 -51.24 88.70 67.87
N ILE V 388 -50.26 87.88 67.46
CA ILE V 388 -49.13 88.39 66.69
C ILE V 388 -49.59 88.87 65.33
N SER V 389 -50.49 88.13 64.68
CA SER V 389 -51.01 88.58 63.39
C SER V 389 -51.64 89.95 63.51
N TYR V 390 -52.46 90.16 64.52
CA TYR V 390 -53.11 91.45 64.69
C TYR V 390 -52.11 92.54 65.04
N ALA V 391 -51.09 92.22 65.85
CA ALA V 391 -50.07 93.21 66.17
C ALA V 391 -49.31 93.63 64.91
N ILE V 392 -48.99 92.66 64.05
CA ILE V 392 -48.31 92.98 62.79
C ILE V 392 -49.19 93.87 61.94
N LYS V 393 -50.47 93.51 61.81
CA LYS V 393 -51.37 94.28 60.97
C LYS V 393 -51.80 95.60 61.59
N ASN V 394 -51.41 95.89 62.83
CA ASN V 394 -51.80 97.15 63.44
C ASN V 394 -50.67 98.09 63.80
N ILE V 395 -49.43 97.62 63.98
CA ILE V 395 -48.39 98.55 64.38
C ILE V 395 -47.70 99.24 63.21
N HIS V 396 -47.91 98.76 61.98
CA HIS V 396 -47.63 99.58 60.82
C HIS V 396 -48.97 99.78 60.13
N GLY V 397 -49.97 100.16 60.94
CA GLY V 397 -51.35 99.91 60.62
C GLY V 397 -51.87 100.59 59.37
N ILE V 398 -51.34 101.76 59.03
CA ILE V 398 -51.90 102.48 57.89
C ILE V 398 -51.22 102.14 56.57
N ARG V 399 -49.98 101.66 56.61
CA ARG V 399 -49.16 101.54 55.41
C ARG V 399 -48.59 100.15 55.29
N THR V 400 -48.46 99.68 54.05
CA THR V 400 -47.97 98.33 53.80
C THR V 400 -46.58 98.13 54.38
N GLY V 401 -46.50 97.32 55.44
CA GLY V 401 -45.23 97.05 56.07
C GLY V 401 -44.45 96.03 55.27
N LEU V 402 -43.35 96.47 54.67
CA LEU V 402 -42.50 95.60 53.88
C LEU V 402 -41.39 94.97 54.70
N PHE V 403 -41.37 95.19 56.00
CA PHE V 403 -40.42 94.58 56.91
C PHE V 403 -41.17 94.14 58.15
N THR V 404 -40.79 92.99 58.69
CA THR V 404 -41.46 92.46 59.86
C THR V 404 -41.27 93.41 61.04
N PRO V 405 -42.32 93.96 61.61
CA PRO V 405 -42.18 95.01 62.63
C PRO V 405 -41.75 94.44 63.97
N ASP V 406 -41.43 95.36 64.88
CA ASP V 406 -40.64 95.07 66.07
C ASP V 406 -41.40 95.28 67.38
N MET V 407 -42.23 96.32 67.44
CA MET V 407 -43.05 96.52 68.62
C MET V 407 -43.99 95.35 68.86
N ALA V 408 -44.29 94.56 67.84
CA ALA V 408 -45.09 93.36 68.06
C ALA V 408 -44.33 92.33 68.88
N PHE V 409 -43.07 92.07 68.52
CA PHE V 409 -42.22 91.21 69.33
C PHE V 409 -42.11 91.74 70.75
N GLU V 410 -41.91 93.05 70.89
CA GLU V 410 -41.80 93.65 72.21
C GLU V 410 -43.08 93.43 73.00
N THR V 411 -44.24 93.64 72.38
CA THR V 411 -45.52 93.48 73.06
C THR V 411 -45.77 92.04 73.46
N ILE V 412 -45.45 91.07 72.62
CA ILE V 412 -45.65 89.68 72.97
C ILE V 412 -44.77 89.28 74.14
N VAL V 413 -43.47 89.59 74.08
CA VAL V 413 -42.59 89.17 75.17
C VAL V 413 -42.94 89.91 76.46
N LYS V 414 -43.35 91.18 76.36
CA LYS V 414 -43.74 91.91 77.55
C LYS V 414 -45.03 91.37 78.15
N LYS V 415 -45.96 90.93 77.31
CA LYS V 415 -47.18 90.31 77.78
C LYS V 415 -46.95 88.92 78.35
N GLN V 416 -45.83 88.29 77.99
CA GLN V 416 -45.57 86.94 78.49
C GLN V 416 -44.64 86.90 79.70
N VAL V 417 -43.77 87.90 79.89
CA VAL V 417 -42.85 87.89 81.02
C VAL V 417 -43.46 88.59 82.21
N LYS V 418 -44.75 88.88 82.17
CA LYS V 418 -45.42 89.44 83.33
C LYS V 418 -46.21 88.42 84.11
N LYS V 419 -46.32 87.18 83.62
CA LYS V 419 -46.93 86.11 84.39
C LYS V 419 -45.96 85.47 85.37
N ILE V 420 -44.69 85.87 85.35
CA ILE V 420 -43.70 85.32 86.27
C ILE V 420 -43.92 85.82 87.70
N ARG V 421 -44.74 86.85 87.88
CA ARG V 421 -44.93 87.41 89.22
C ARG V 421 -45.52 86.40 90.20
N GLU V 422 -46.26 85.42 89.72
CA GLU V 422 -46.83 84.44 90.64
C GLU V 422 -45.81 83.41 91.09
N PRO V 423 -45.13 82.70 90.18
CA PRO V 423 -44.19 81.66 90.62
C PRO V 423 -43.09 82.16 91.54
N CYS V 424 -42.57 83.37 91.28
CA CYS V 424 -41.49 83.88 92.12
C CYS V 424 -41.97 84.17 93.53
N LEU V 425 -43.14 84.80 93.68
CA LEU V 425 -43.68 85.05 95.00
C LEU V 425 -44.01 83.74 95.71
N LYS V 426 -44.51 82.75 94.97
CA LYS V 426 -44.77 81.45 95.57
C LYS V 426 -43.48 80.83 96.09
N CYS V 427 -42.40 80.94 95.31
CA CYS V 427 -41.11 80.43 95.76
C CYS V 427 -40.64 81.13 97.02
N VAL V 428 -40.77 82.46 97.06
CA VAL V 428 -40.32 83.21 98.23
C VAL V 428 -41.10 82.78 99.47
N ASP V 429 -42.43 82.66 99.35
CA ASP V 429 -43.22 82.24 100.51
C ASP V 429 -42.91 80.81 100.93
N MET V 430 -42.64 79.92 99.96
CA MET V 430 -42.31 78.55 100.29
C MET V 430 -40.99 78.48 101.06
N VAL V 431 -39.99 79.24 100.61
CA VAL V 431 -38.71 79.30 101.32
C VAL V 431 -38.91 79.90 102.71
N ILE V 432 -39.78 80.91 102.83
CA ILE V 432 -40.06 81.48 104.13
C ILE V 432 -40.62 80.42 105.06
N SER V 433 -41.55 79.61 104.56
CA SER V 433 -42.15 78.56 105.39
C SER V 433 -41.10 77.57 105.86
N GLU V 434 -40.25 77.09 104.95
CA GLU V 434 -39.29 76.08 105.38
C GLU V 434 -38.26 76.68 106.34
N LEU V 435 -37.91 77.95 106.15
CA LEU V 435 -36.91 78.57 107.01
C LEU V 435 -37.46 78.90 108.39
N ILE V 436 -38.78 79.13 108.51
CA ILE V 436 -39.35 79.22 109.84
C ILE V 436 -39.43 77.84 110.49
N SER V 437 -39.72 76.81 109.70
CA SER V 437 -39.72 75.46 110.26
C SER V 437 -38.33 75.09 110.78
N THR V 438 -37.28 75.50 110.06
CA THR V 438 -35.93 75.22 110.50
C THR V 438 -35.61 75.92 111.82
N VAL V 439 -36.05 77.17 111.97
CA VAL V 439 -35.81 77.87 113.23
C VAL V 439 -36.52 77.17 114.37
N ARG V 440 -37.77 76.76 114.18
CA ARG V 440 -38.45 76.04 115.25
C ARG V 440 -37.76 74.71 115.56
N GLN V 441 -37.33 74.01 114.52
CA GLN V 441 -36.69 72.71 114.71
C GLN V 441 -35.37 72.82 115.46
N CYS V 442 -34.59 73.87 115.17
CA CYS V 442 -33.30 74.06 115.81
C CYS V 442 -33.38 74.90 117.07
N THR V 443 -34.59 75.33 117.45
CA THR V 443 -34.80 75.85 118.79
C THR V 443 -35.43 74.83 119.73
N LYS V 444 -36.05 73.78 119.18
CA LYS V 444 -36.65 72.74 120.03
C LYS V 444 -35.66 72.20 121.06
N LYS V 445 -34.41 72.03 120.68
CA LYS V 445 -33.40 71.51 121.59
C LYS V 445 -33.01 72.48 122.68
N LEU V 446 -33.65 73.64 122.78
CA LEU V 446 -33.36 74.59 123.84
C LEU V 446 -34.36 74.47 124.99
N GLN V 447 -35.17 73.40 124.97
CA GLN V 447 -36.21 73.17 125.96
C GLN V 447 -35.68 73.07 127.39
N GLN V 448 -34.36 73.16 127.57
CA GLN V 448 -33.80 73.21 128.92
C GLN V 448 -34.38 74.39 129.69
N TYR V 449 -34.36 75.58 129.08
CA TYR V 449 -35.02 76.73 129.66
C TYR V 449 -36.30 77.03 128.91
N PRO V 450 -37.47 76.91 129.51
CA PRO V 450 -38.66 77.50 128.93
C PRO V 450 -38.63 79.01 129.12
N ARG V 451 -39.57 79.68 128.46
CA ARG V 451 -39.75 81.13 128.49
C ARG V 451 -38.60 81.87 127.82
N LEU V 452 -37.57 81.17 127.35
CA LEU V 452 -36.54 81.77 126.51
C LEU V 452 -36.58 81.24 125.09
N ARG V 453 -36.95 79.98 124.88
CA ARG V 453 -37.21 79.50 123.54
C ARG V 453 -38.34 80.28 122.90
N GLU V 454 -39.36 80.61 123.69
CA GLU V 454 -40.46 81.40 123.18
C GLU V 454 -39.98 82.77 122.69
N GLU V 455 -39.17 83.44 123.51
CA GLU V 455 -38.63 84.75 123.11
C GLU V 455 -37.76 84.63 121.87
N MET V 456 -36.89 83.63 121.83
CA MET V 456 -35.97 83.49 120.70
C MET V 456 -36.73 83.23 119.41
N GLU V 457 -37.71 82.33 119.44
CA GLU V 457 -38.52 82.08 118.26
C GLU V 457 -39.32 83.32 117.87
N ARG V 458 -39.92 84.00 118.86
CA ARG V 458 -40.70 85.20 118.61
C ARG V 458 -39.88 86.34 118.04
N ILE V 459 -38.58 86.36 118.29
CA ILE V 459 -37.73 87.40 117.70
C ILE V 459 -37.27 87.02 116.32
N VAL V 460 -36.75 85.79 116.15
CA VAL V 460 -36.23 85.39 114.85
C VAL V 460 -37.34 85.34 113.81
N THR V 461 -38.50 84.78 114.17
CA THR V 461 -39.59 84.68 113.21
C THR V 461 -40.13 86.06 112.83
N THR V 462 -40.21 86.98 113.79
CA THR V 462 -40.63 88.33 113.46
C THR V 462 -39.62 88.99 112.54
N HIS V 463 -38.33 88.75 112.76
CA HIS V 463 -37.33 89.30 111.84
C HIS V 463 -37.51 88.74 110.43
N ILE V 464 -37.75 87.45 110.32
CA ILE V 464 -37.94 86.84 109.00
C ILE V 464 -39.17 87.41 108.31
N ARG V 465 -40.25 87.61 109.07
CA ARG V 465 -41.45 88.21 108.49
C ARG V 465 -41.20 89.66 108.09
N GLU V 466 -40.47 90.42 108.90
CA GLU V 466 -40.14 91.79 108.54
C GLU V 466 -39.21 91.85 107.33
N ARG V 467 -38.52 90.76 107.02
CA ARG V 467 -37.67 90.70 105.84
C ARG V 467 -38.39 90.18 104.60
N GLU V 468 -39.49 89.45 104.77
CA GLU V 468 -40.20 88.93 103.60
C GLU V 468 -40.73 90.05 102.72
N GLY V 469 -41.15 91.17 103.34
CA GLY V 469 -41.62 92.28 102.54
C GLY V 469 -40.56 92.83 101.61
N ARG V 470 -39.35 93.04 102.15
CA ARG V 470 -38.27 93.56 101.32
C ARG V 470 -37.87 92.57 100.23
N THR V 471 -37.80 91.28 100.56
CA THR V 471 -37.36 90.35 99.52
C THR V 471 -38.43 90.20 98.44
N LYS V 472 -39.72 90.22 98.80
CA LYS V 472 -40.76 90.17 97.79
C LYS V 472 -40.75 91.43 96.93
N GLU V 473 -40.49 92.59 97.54
CA GLU V 473 -40.39 93.82 96.78
C GLU V 473 -39.28 93.74 95.75
N GLN V 474 -38.10 93.28 96.16
CA GLN V 474 -37.00 93.14 95.21
C GLN V 474 -37.29 92.08 94.15
N VAL V 475 -37.99 91.00 94.53
CA VAL V 475 -38.35 89.98 93.56
C VAL V 475 -39.24 90.55 92.48
N MET V 476 -40.26 91.32 92.88
CA MET V 476 -41.12 91.96 91.88
C MET V 476 -40.33 92.93 91.03
N LEU V 477 -39.45 93.72 91.66
CA LEU V 477 -38.73 94.75 90.93
C LEU V 477 -37.76 94.15 89.91
N LEU V 478 -37.21 92.96 90.18
CA LEU V 478 -36.31 92.34 89.21
C LEU V 478 -37.01 92.06 87.90
N ILE V 479 -38.15 91.36 87.95
CA ILE V 479 -38.87 91.06 86.71
C ILE V 479 -39.47 92.34 86.13
N ASP V 480 -39.85 93.29 86.97
CA ASP V 480 -40.34 94.57 86.45
C ASP V 480 -39.25 95.28 85.66
N ILE V 481 -38.00 95.13 86.09
CA ILE V 481 -36.87 95.59 85.29
C ILE V 481 -36.78 94.80 84.00
N GLU V 482 -36.97 93.48 84.08
CA GLU V 482 -36.91 92.66 82.88
C GLU V 482 -37.93 93.09 81.83
N LEU V 483 -39.06 93.64 82.28
CA LEU V 483 -40.08 94.14 81.37
C LEU V 483 -39.73 95.48 80.74
N ALA V 484 -38.47 95.91 80.76
CA ALA V 484 -38.15 97.25 80.30
C ALA V 484 -37.46 97.31 78.95
N TYR V 485 -36.49 96.44 78.68
CA TYR V 485 -35.59 96.70 77.55
C TYR V 485 -35.65 95.66 76.44
N MET V 486 -35.85 94.38 76.78
CA MET V 486 -35.93 93.30 75.78
C MET V 486 -34.64 93.25 74.94
N ASN V 487 -33.53 92.98 75.62
CA ASN V 487 -32.24 92.96 74.96
C ASN V 487 -32.20 91.87 73.88
N THR V 488 -31.57 92.19 72.75
CA THR V 488 -31.51 91.24 71.66
C THR V 488 -30.10 91.15 71.09
N ASN V 489 -29.14 91.88 71.65
CA ASN V 489 -27.74 91.71 71.29
C ASN V 489 -27.04 90.77 72.26
N HIS V 490 -27.82 89.98 72.99
CA HIS V 490 -27.31 88.89 73.82
C HIS V 490 -26.98 87.72 72.90
N GLU V 491 -26.72 86.55 73.47
CA GLU V 491 -26.52 85.40 72.60
C GLU V 491 -27.83 84.93 71.93
N ASP V 492 -28.92 85.66 72.11
CA ASP V 492 -30.12 85.44 71.30
C ASP V 492 -29.76 85.54 69.83
N PHE V 493 -30.11 84.51 69.06
CA PHE V 493 -29.76 84.48 67.65
C PHE V 493 -30.59 85.50 66.87
N ILE V 494 -29.99 86.02 65.81
CA ILE V 494 -30.65 87.01 64.96
C ILE V 494 -31.85 86.39 64.26
N PRO V 653 -50.56 84.15 53.44
CA PRO V 653 -49.89 85.31 52.85
C PRO V 653 -48.45 85.46 53.37
N GLN V 654 -48.05 86.70 53.61
CA GLN V 654 -46.81 86.99 54.32
C GLN V 654 -46.99 86.97 55.82
N LEU V 655 -48.24 86.97 56.29
CA LEU V 655 -48.51 86.97 57.73
C LEU V 655 -48.00 85.70 58.39
N GLU V 656 -48.18 84.55 57.73
CA GLU V 656 -47.73 83.30 58.34
C GLU V 656 -46.21 83.28 58.50
N ARG V 657 -45.47 83.72 57.50
CA ARG V 657 -44.02 83.76 57.63
C ARG V 657 -43.59 84.78 58.68
N GLN V 658 -44.25 85.94 58.73
CA GLN V 658 -43.93 86.93 59.76
C GLN V 658 -44.19 86.39 61.16
N VAL V 659 -45.32 85.70 61.35
CA VAL V 659 -45.66 85.17 62.67
C VAL V 659 -44.72 84.04 63.05
N GLU V 660 -44.33 83.20 62.09
CA GLU V 660 -43.36 82.15 62.40
C GLU V 660 -42.03 82.75 62.82
N THR V 661 -41.58 83.80 62.11
CA THR V 661 -40.33 84.44 62.49
C THR V 661 -40.45 85.12 63.86
N ILE V 662 -41.63 85.64 64.19
CA ILE V 662 -41.82 86.26 65.50
C ILE V 662 -41.82 85.21 66.59
N ARG V 663 -42.45 84.05 66.35
CA ARG V 663 -42.49 83.00 67.36
C ARG V 663 -41.12 82.39 67.60
N ASN V 664 -40.34 82.16 66.53
CA ASN V 664 -39.01 81.60 66.70
C ASN V 664 -38.11 82.52 67.51
N LEU V 665 -38.44 83.80 67.62
CA LEU V 665 -37.70 84.74 68.44
C LEU V 665 -38.30 84.87 69.83
N VAL V 666 -39.63 84.83 69.93
CA VAL V 666 -40.30 84.93 71.21
C VAL V 666 -39.93 83.75 72.10
N ASP V 667 -39.89 82.54 71.52
CA ASP V 667 -39.49 81.37 72.30
C ASP V 667 -38.06 81.50 72.80
N SER V 668 -37.15 81.97 71.95
CA SER V 668 -35.76 82.12 72.36
C SER V 668 -35.64 83.13 73.49
N TYR V 669 -36.31 84.27 73.37
CA TYR V 669 -36.19 85.27 74.42
C TYR V 669 -36.90 84.82 75.70
N MET V 670 -37.97 84.03 75.57
CA MET V 670 -38.59 83.43 76.74
C MET V 670 -37.59 82.53 77.47
N ALA V 671 -36.85 81.71 76.72
CA ALA V 671 -35.84 80.87 77.36
C ALA V 671 -34.75 81.71 78.01
N ILE V 672 -34.31 82.78 77.34
CA ILE V 672 -33.21 83.57 77.87
C ILE V 672 -33.62 84.44 79.04
N VAL V 673 -34.89 84.81 79.16
CA VAL V 673 -35.34 85.48 80.36
C VAL V 673 -35.64 84.47 81.47
N ASN V 674 -36.04 83.25 81.11
CA ASN V 674 -36.19 82.22 82.13
C ASN V 674 -34.86 81.87 82.77
N LYS V 675 -33.79 81.79 81.96
CA LYS V 675 -32.48 81.52 82.52
C LYS V 675 -32.06 82.61 83.51
N THR V 676 -32.29 83.87 83.13
CA THR V 676 -31.85 84.99 83.95
C THR V 676 -32.69 85.17 85.20
N VAL V 677 -33.97 84.80 85.17
CA VAL V 677 -34.75 84.85 86.40
C VAL V 677 -34.49 83.62 87.26
N ARG V 678 -34.16 82.49 86.65
CA ARG V 678 -33.82 81.29 87.41
C ARG V 678 -32.48 81.40 88.11
N ASP V 679 -31.53 82.13 87.53
CA ASP V 679 -30.25 82.34 88.18
C ASP V 679 -30.28 83.44 89.22
N LEU V 680 -31.31 84.27 89.25
CA LEU V 680 -31.37 85.39 90.18
C LEU V 680 -32.56 85.34 91.13
N MET V 681 -33.37 84.30 91.09
CA MET V 681 -34.36 84.15 92.14
C MET V 681 -33.72 83.61 93.42
N PRO V 682 -32.89 82.54 93.35
CA PRO V 682 -32.18 82.12 94.57
C PRO V 682 -31.36 83.25 95.16
N LYS V 683 -30.46 83.82 94.35
CA LYS V 683 -29.58 84.87 94.85
C LYS V 683 -30.38 86.02 95.45
N THR V 684 -31.49 86.38 94.83
CA THR V 684 -32.32 87.46 95.36
C THR V 684 -32.89 87.09 96.72
N ILE V 685 -33.41 85.88 96.87
CA ILE V 685 -33.99 85.49 98.15
C ILE V 685 -32.94 85.51 99.25
N MET V 686 -31.79 84.89 98.99
CA MET V 686 -30.83 84.64 100.05
C MET V 686 -30.09 85.90 100.47
N HIS V 687 -29.70 86.73 99.50
CA HIS V 687 -29.01 87.96 99.86
C HIS V 687 -29.88 88.86 100.72
N LEU V 688 -31.19 88.72 100.64
CA LEU V 688 -32.10 89.50 101.45
C LEU V 688 -32.62 88.76 102.67
N MET V 689 -32.91 87.46 102.54
CA MET V 689 -33.51 86.69 103.61
C MET V 689 -32.50 85.93 104.44
N ILE V 690 -31.73 85.04 103.81
CA ILE V 690 -30.94 84.07 104.57
C ILE V 690 -29.60 84.67 104.99
N ASN V 691 -28.85 85.21 104.03
CA ASN V 691 -27.58 85.84 104.39
C ASN V 691 -27.78 87.15 105.12
N ASN V 692 -29.01 87.48 105.50
CA ASN V 692 -29.29 88.57 106.42
C ASN V 692 -29.82 88.09 107.76
N THR V 693 -30.66 87.05 107.78
CA THR V 693 -31.07 86.49 109.06
C THR V 693 -29.89 85.83 109.75
N LYS V 694 -28.93 85.30 108.99
CA LYS V 694 -27.73 84.74 109.59
C LYS V 694 -26.94 85.81 110.33
N GLU V 695 -26.74 86.97 109.70
CA GLU V 695 -26.05 88.05 110.36
C GLU V 695 -26.86 88.62 111.52
N PHE V 696 -28.19 88.62 111.40
CA PHE V 696 -29.01 89.01 112.55
C PHE V 696 -28.78 88.09 113.72
N ILE V 697 -28.73 86.78 113.47
CA ILE V 697 -28.48 85.81 114.53
C ILE V 697 -27.10 86.05 115.15
N PHE V 698 -26.09 86.22 114.29
CA PHE V 698 -24.72 86.32 114.78
C PHE V 698 -24.40 87.68 115.39
N SER V 699 -25.21 88.70 115.18
CA SER V 699 -24.89 90.03 115.69
C SER V 699 -25.92 90.58 116.66
N GLU V 700 -27.20 90.59 116.29
CA GLU V 700 -28.19 91.40 116.97
C GLU V 700 -29.07 90.62 117.94
N LEU V 701 -29.10 89.30 117.85
CA LEU V 701 -29.98 88.51 118.71
C LEU V 701 -29.62 88.70 120.18
N LEU V 702 -28.32 88.71 120.48
CA LEU V 702 -27.87 88.83 121.86
C LEU V 702 -28.34 90.14 122.48
N ALA V 703 -28.26 91.24 121.72
CA ALA V 703 -28.68 92.53 122.24
C ALA V 703 -30.17 92.52 122.60
N ASN V 704 -31.01 92.01 121.70
CA ASN V 704 -32.45 91.99 121.97
C ASN V 704 -32.75 91.12 123.19
N LEU V 705 -32.14 89.93 123.24
CA LEU V 705 -32.43 89.02 124.35
C LEU V 705 -31.98 89.60 125.68
N TYR V 706 -30.81 90.24 125.71
CA TYR V 706 -30.35 90.80 126.98
C TYR V 706 -31.11 92.08 127.34
N SER V 707 -31.61 92.81 126.34
CA SER V 707 -32.27 94.08 126.61
C SER V 707 -33.74 93.92 126.99
N CYS V 708 -34.38 92.82 126.57
CA CYS V 708 -35.76 92.62 126.97
C CYS V 708 -35.85 92.47 128.49
N GLY V 709 -36.94 92.95 129.06
CA GLY V 709 -37.03 93.11 130.49
C GLY V 709 -37.14 91.80 131.25
N ASP V 710 -36.97 91.91 132.57
CA ASP V 710 -37.12 90.81 133.50
C ASP V 710 -36.15 89.67 133.18
N GLN V 711 -34.86 90.01 133.35
CA GLN V 711 -33.79 89.03 133.20
C GLN V 711 -34.03 87.80 134.07
N ASN V 712 -34.57 87.99 135.28
CA ASN V 712 -34.77 86.87 136.19
C ASN V 712 -35.78 85.86 135.64
N THR V 713 -36.72 86.31 134.80
CA THR V 713 -37.71 85.41 134.25
C THR V 713 -37.42 85.02 132.81
N LEU V 714 -36.50 85.70 132.13
CA LEU V 714 -36.13 85.24 130.79
C LEU V 714 -35.46 83.87 130.85
N MET V 715 -34.67 83.62 131.89
CA MET V 715 -34.09 82.31 132.14
C MET V 715 -34.83 81.68 133.31
N GLU V 716 -35.87 80.92 133.00
CA GLU V 716 -36.55 80.10 133.99
C GLU V 716 -35.88 78.74 134.05
N GLU V 717 -35.42 78.36 135.24
CA GLU V 717 -35.02 76.98 135.45
C GLU V 717 -36.22 76.06 135.25
N SER V 718 -36.08 75.10 134.34
CA SER V 718 -37.12 74.11 134.18
C SER V 718 -37.02 73.11 135.32
N ALA V 719 -38.18 72.58 135.72
CA ALA V 719 -38.20 71.59 136.78
C ALA V 719 -37.29 70.42 136.46
N GLU V 720 -37.21 70.03 135.18
CA GLU V 720 -36.38 68.91 134.78
C GLU V 720 -34.92 69.18 135.12
N GLN V 721 -34.38 70.31 134.67
CA GLN V 721 -32.95 70.53 134.89
C GLN V 721 -32.68 70.87 136.35
N ALA V 722 -33.61 71.52 137.03
CA ALA V 722 -33.37 71.84 138.44
C ALA V 722 -33.36 70.59 139.31
N GLN V 723 -34.35 69.70 139.11
CA GLN V 723 -34.35 68.44 139.85
C GLN V 723 -33.14 67.59 139.49
N ARG V 724 -32.77 67.56 138.20
CA ARG V 724 -31.59 66.80 137.80
C ARG V 724 -30.34 67.36 138.47
N ARG V 725 -30.21 68.68 138.54
CA ARG V 725 -29.04 69.30 139.14
C ARG V 725 -28.96 69.00 140.63
N ASP V 726 -30.08 69.12 141.34
CA ASP V 726 -30.06 68.82 142.77
C ASP V 726 -29.75 67.35 143.02
N GLU V 727 -30.30 66.46 142.17
CA GLU V 727 -30.05 65.04 142.35
C GLU V 727 -28.60 64.70 142.03
N MET V 728 -28.01 65.39 141.04
CA MET V 728 -26.56 65.30 140.84
C MET V 728 -25.79 65.70 142.09
N LEU V 729 -26.18 66.81 142.72
CA LEU V 729 -25.47 67.25 143.92
C LEU V 729 -25.53 66.21 145.02
N ARG V 730 -26.74 65.67 145.25
CA ARG V 730 -26.90 64.65 146.28
C ARG V 730 -26.12 63.39 145.93
N MET V 731 -26.11 63.02 144.64
CA MET V 731 -25.36 61.85 144.20
C MET V 731 -23.87 62.03 144.42
N TYR V 732 -23.35 63.21 144.13
CA TYR V 732 -21.93 63.48 144.35
C TYR V 732 -21.59 63.41 145.83
N HIS V 733 -22.43 63.97 146.70
CA HIS V 733 -22.17 63.89 148.13
C HIS V 733 -22.22 62.45 148.62
N ALA V 734 -23.19 61.67 148.14
CA ALA V 734 -23.29 60.27 148.55
C ALA V 734 -22.07 59.47 148.08
N LEU V 735 -21.60 59.73 146.86
CA LEU V 735 -20.39 59.05 146.38
C LEU V 735 -19.17 59.45 147.19
N LYS V 736 -19.08 60.72 147.59
CA LYS V 736 -17.98 61.14 148.46
C LYS V 736 -18.02 60.37 149.77
N GLU V 737 -19.21 60.24 150.36
CA GLU V 737 -19.34 59.47 151.60
C GLU V 737 -18.96 58.01 151.39
N ALA V 738 -19.36 57.43 150.25
CA ALA V 738 -19.06 56.03 149.98
C ALA V 738 -17.55 55.81 149.85
N LEU V 739 -16.85 56.72 149.16
CA LEU V 739 -15.41 56.58 149.05
C LEU V 739 -14.71 56.83 150.38
N SER V 740 -15.24 57.71 151.23
CA SER V 740 -14.69 57.85 152.57
C SER V 740 -14.87 56.56 153.37
N ILE V 741 -16.01 55.90 153.21
CA ILE V 741 -16.25 54.63 153.91
C ILE V 741 -15.30 53.56 153.40
N ILE V 742 -15.07 53.50 152.10
CA ILE V 742 -14.08 52.56 151.56
C ILE V 742 -12.71 52.85 152.15
N GLY V 743 -12.34 54.13 152.24
CA GLY V 743 -11.06 54.47 152.82
C GLY V 743 -10.92 54.02 154.26
N ASN V 744 -11.97 54.23 155.06
CA ASN V 744 -11.91 53.89 156.48
C ASN V 744 -12.21 52.43 156.77
N ILE V 745 -12.61 51.65 155.77
CA ILE V 745 -12.83 50.22 155.93
C ILE V 745 -11.65 49.41 155.41
N ASN V 746 -11.08 49.82 154.27
CA ASN V 746 -9.94 49.10 153.72
C ASN V 746 -8.75 49.09 154.68
N THR V 747 -8.69 50.06 155.58
CA THR V 747 -7.62 50.10 156.58
C THR V 747 -7.89 49.11 157.71
N ILE W 10 -18.56 -32.77 159.34
CA ILE W 10 -18.01 -32.15 158.13
C ILE W 10 -19.04 -32.25 157.00
N PRO W 11 -19.10 -31.21 156.17
CA PRO W 11 -20.14 -31.17 155.14
C PRO W 11 -19.97 -32.27 154.09
N LEU W 12 -21.11 -32.77 153.61
CA LEU W 12 -21.11 -33.85 152.63
C LEU W 12 -20.54 -33.40 151.29
N VAL W 13 -20.64 -32.12 150.96
CA VAL W 13 -19.99 -31.64 149.74
C VAL W 13 -18.47 -31.74 149.87
N ASN W 14 -17.93 -31.40 151.05
CA ASN W 14 -16.51 -31.62 151.29
C ASN W 14 -16.15 -33.09 151.21
N ARG W 15 -16.98 -33.96 151.78
CA ARG W 15 -16.67 -35.39 151.71
C ARG W 15 -16.72 -35.89 150.27
N LEU W 16 -17.67 -35.40 149.48
CA LEU W 16 -17.74 -35.77 148.07
C LEU W 16 -16.50 -35.29 147.32
N GLN W 17 -16.03 -34.08 147.60
CA GLN W 17 -14.82 -33.60 146.96
C GLN W 17 -13.61 -34.42 147.39
N ASP W 18 -13.56 -34.83 148.65
CA ASP W 18 -12.50 -35.72 149.10
C ASP W 18 -12.52 -37.03 148.32
N ALA W 19 -13.71 -37.60 148.13
CA ALA W 19 -13.82 -38.83 147.37
C ALA W 19 -13.41 -38.63 145.91
N PHE W 20 -13.75 -37.47 145.35
CA PHE W 20 -13.34 -37.17 143.98
C PHE W 20 -11.83 -37.08 143.85
N SER W 21 -11.18 -36.41 144.81
CA SER W 21 -9.73 -36.37 144.80
C SER W 21 -9.15 -37.77 144.97
N ALA W 22 -9.78 -38.60 145.79
CA ALA W 22 -9.30 -39.96 146.01
C ALA W 22 -9.36 -40.77 144.71
N ILE W 23 -10.49 -40.70 144.00
CA ILE W 23 -10.57 -41.40 142.72
C ILE W 23 -9.63 -40.78 141.71
N GLY W 24 -9.24 -39.52 141.91
CA GLY W 24 -8.22 -38.89 141.11
C GLY W 24 -8.56 -38.64 139.67
N GLN W 25 -9.72 -39.08 139.19
CA GLN W 25 -10.13 -38.77 137.83
C GLN W 25 -10.34 -37.26 137.71
N ASN W 26 -10.07 -36.74 136.51
CA ASN W 26 -10.10 -35.29 136.28
C ASN W 26 -11.54 -34.79 136.19
N ALA W 27 -12.26 -35.00 137.28
CA ALA W 27 -13.64 -34.56 137.42
C ALA W 27 -13.73 -33.54 138.56
N ASP W 28 -14.76 -32.70 138.48
CA ASP W 28 -14.95 -31.66 139.47
C ASP W 28 -16.45 -31.42 139.65
N LEU W 29 -16.81 -30.93 140.83
CA LEU W 29 -18.22 -30.66 141.12
C LEU W 29 -18.73 -29.43 140.40
N ASP W 30 -17.84 -28.63 139.81
CA ASP W 30 -18.22 -27.46 139.01
C ASP W 30 -18.97 -26.43 139.85
N LEU W 31 -18.36 -26.03 140.95
CA LEU W 31 -18.95 -24.99 141.78
C LEU W 31 -18.82 -23.63 141.09
N PRO W 32 -19.74 -22.71 141.36
CA PRO W 32 -19.55 -21.34 140.88
C PRO W 32 -18.44 -20.63 141.62
N GLN W 33 -17.81 -19.68 140.95
CA GLN W 33 -16.77 -18.89 141.60
C GLN W 33 -17.40 -17.90 142.57
N ILE W 34 -16.59 -17.40 143.49
CA ILE W 34 -17.03 -16.41 144.47
C ILE W 34 -16.20 -15.16 144.28
N ALA W 35 -16.85 -14.00 144.30
CA ALA W 35 -16.15 -12.72 144.22
C ALA W 35 -16.59 -11.87 145.41
N VAL W 36 -15.61 -11.33 146.13
CA VAL W 36 -15.88 -10.46 147.27
C VAL W 36 -15.65 -9.02 146.83
N VAL W 37 -16.68 -8.18 147.00
CA VAL W 37 -16.63 -6.81 146.52
C VAL W 37 -17.26 -5.89 147.56
N GLY W 38 -16.83 -4.64 147.54
CA GLY W 38 -17.34 -3.66 148.48
C GLY W 38 -16.61 -2.34 148.33
N GLY W 39 -16.85 -1.45 149.27
CA GLY W 39 -16.16 -0.19 149.30
C GLY W 39 -14.75 -0.33 149.87
N GLN W 40 -13.96 0.72 149.68
CA GLN W 40 -12.61 0.73 150.23
C GLN W 40 -12.67 0.72 151.75
N SER W 41 -11.79 -0.08 152.36
CA SER W 41 -11.73 -0.28 153.81
C SER W 41 -13.01 -0.86 154.38
N ALA W 42 -13.76 -1.61 153.57
CA ALA W 42 -14.97 -2.26 154.08
C ALA W 42 -14.62 -3.42 154.99
N GLY W 43 -13.66 -4.26 154.59
CA GLY W 43 -13.34 -5.46 155.33
C GLY W 43 -13.36 -6.69 154.44
N LYS W 44 -13.26 -6.46 153.13
CA LYS W 44 -13.42 -7.53 152.15
C LYS W 44 -12.35 -8.60 152.32
N SER W 45 -11.09 -8.20 152.35
CA SER W 45 -10.00 -9.16 152.48
C SER W 45 -10.09 -9.91 153.81
N SER W 46 -10.44 -9.22 154.88
CA SER W 46 -10.54 -9.87 156.18
C SER W 46 -11.64 -10.92 156.18
N VAL W 47 -12.80 -10.60 155.61
CA VAL W 47 -13.88 -11.58 155.51
C VAL W 47 -13.43 -12.77 154.67
N LEU W 48 -12.73 -12.50 153.57
CA LEU W 48 -12.29 -13.61 152.72
C LEU W 48 -11.33 -14.53 153.46
N GLU W 49 -10.36 -13.97 154.18
CA GLU W 49 -9.40 -14.83 154.86
C GLU W 49 -10.06 -15.57 156.02
N ASN W 50 -11.03 -14.95 156.69
CA ASN W 50 -11.72 -15.64 157.77
C ASN W 50 -12.59 -16.75 157.24
N PHE W 51 -13.15 -16.59 156.04
CA PHE W 51 -13.89 -17.68 155.41
C PHE W 51 -12.95 -18.81 155.00
N VAL W 52 -11.76 -18.46 154.51
CA VAL W 52 -10.77 -19.49 154.19
C VAL W 52 -10.37 -20.26 155.44
N GLY W 53 -10.14 -19.53 156.54
CA GLY W 53 -9.78 -20.13 157.81
C GLY W 53 -8.34 -19.85 158.23
N ARG W 54 -7.50 -19.35 157.33
CA ARG W 54 -6.10 -19.16 157.60
C ARG W 54 -5.66 -17.79 157.10
N ASP W 55 -4.82 -17.12 157.88
CA ASP W 55 -4.51 -15.70 157.67
C ASP W 55 -3.34 -15.57 156.71
N PHE W 56 -3.64 -15.27 155.44
CA PHE W 56 -2.61 -15.11 154.43
C PHE W 56 -2.93 -13.97 153.47
N LEU W 57 -3.63 -12.94 153.94
CA LEU W 57 -4.04 -11.85 153.06
C LEU W 57 -3.60 -10.51 153.63
N PRO W 58 -3.25 -9.55 152.77
CA PRO W 58 -2.85 -8.23 153.24
C PRO W 58 -4.05 -7.48 153.81
N ARG W 59 -3.93 -7.03 155.06
CA ARG W 59 -5.02 -6.36 155.76
C ARG W 59 -4.47 -5.20 156.56
N GLY W 60 -4.86 -3.99 156.21
CA GLY W 60 -4.43 -2.80 156.93
C GLY W 60 -5.29 -1.62 156.57
N SER W 61 -5.08 -0.53 157.30
CA SER W 61 -5.80 0.70 157.02
C SER W 61 -5.31 1.31 155.71
N GLY W 62 -6.18 2.11 155.10
CA GLY W 62 -5.86 2.69 153.81
C GLY W 62 -6.12 1.73 152.67
N ILE W 63 -5.50 2.00 151.54
CA ILE W 63 -5.59 1.13 150.38
C ILE W 63 -4.59 0.00 150.54
N VAL W 64 -5.10 -1.24 150.55
CA VAL W 64 -4.25 -2.41 150.80
C VAL W 64 -4.42 -3.40 149.66
N THR W 65 -5.64 -3.90 149.48
CA THR W 65 -5.93 -4.87 148.42
C THR W 65 -5.97 -4.13 147.10
N ARG W 66 -4.79 -3.90 146.54
CA ARG W 66 -4.63 -3.04 145.36
C ARG W 66 -4.38 -3.82 144.08
N ARG W 67 -4.76 -5.10 144.03
CA ARG W 67 -4.60 -5.89 142.82
C ARG W 67 -5.50 -7.12 142.92
N PRO W 68 -6.22 -7.46 141.86
CA PRO W 68 -7.20 -8.56 141.95
C PRO W 68 -6.53 -9.90 142.21
N LEU W 69 -6.81 -10.47 143.38
CA LEU W 69 -6.22 -11.75 143.78
C LEU W 69 -7.20 -12.86 143.42
N VAL W 70 -6.82 -13.70 142.46
CA VAL W 70 -7.62 -14.84 142.04
C VAL W 70 -7.09 -16.05 142.82
N LEU W 71 -7.71 -16.29 143.97
CA LEU W 71 -7.43 -17.46 144.80
C LEU W 71 -8.12 -18.68 144.23
N GLN W 72 -7.45 -19.82 144.32
CA GLN W 72 -8.07 -21.11 144.02
C GLN W 72 -7.77 -22.05 145.17
N LEU W 73 -8.76 -22.26 146.04
CA LEU W 73 -8.68 -23.29 147.06
C LEU W 73 -8.91 -24.64 146.41
N VAL W 74 -7.96 -25.57 146.59
CA VAL W 74 -8.06 -26.90 146.03
C VAL W 74 -7.77 -27.91 147.14
N ASN W 75 -8.12 -29.15 146.86
CA ASN W 75 -8.01 -30.23 147.84
C ASN W 75 -6.79 -31.09 147.55
N ALA W 76 -6.04 -31.42 148.60
CA ALA W 76 -4.88 -32.27 148.50
C ALA W 76 -4.58 -32.84 149.88
N THR W 77 -3.48 -33.60 149.98
CA THR W 77 -3.16 -34.28 151.23
C THR W 77 -2.83 -33.30 152.34
N THR W 78 -1.93 -32.35 152.08
CA THR W 78 -1.53 -31.36 153.07
C THR W 78 -1.37 -30.00 152.40
N GLU W 79 -1.32 -28.97 153.24
CA GLU W 79 -1.52 -27.60 152.79
C GLU W 79 -0.22 -26.91 152.41
N TYR W 80 -0.29 -26.13 151.35
CA TYR W 80 0.76 -25.19 150.94
C TYR W 80 0.13 -24.20 149.97
N ALA W 81 0.96 -23.38 149.34
CA ALA W 81 0.46 -22.40 148.40
C ALA W 81 1.47 -22.21 147.28
N GLU W 82 0.96 -21.96 146.07
CA GLU W 82 1.80 -21.70 144.92
C GLU W 82 1.24 -20.56 144.09
N PHE W 83 2.13 -19.68 143.65
CA PHE W 83 1.75 -18.59 142.77
C PHE W 83 1.94 -19.06 141.33
N LEU W 84 1.81 -18.13 140.37
CA LEU W 84 2.13 -18.41 138.98
C LEU W 84 3.36 -17.62 138.50
N HIS W 85 4.17 -17.15 139.43
CA HIS W 85 5.45 -16.54 139.07
C HIS W 85 6.63 -17.18 139.78
N CYS W 86 6.46 -17.62 141.02
CA CYS W 86 7.48 -18.40 141.72
C CYS W 86 7.31 -19.89 141.41
N LYS W 87 7.35 -20.21 140.11
CA LYS W 87 7.07 -21.56 139.66
C LYS W 87 8.03 -22.56 140.29
N GLY W 88 7.49 -23.65 140.80
CA GLY W 88 8.25 -24.66 141.51
C GLY W 88 8.29 -24.44 143.01
N LYS W 89 8.35 -23.19 143.44
CA LYS W 89 8.40 -22.89 144.87
C LYS W 89 7.09 -23.25 145.54
N LYS W 90 7.19 -23.70 146.79
CA LYS W 90 6.03 -24.11 147.58
C LYS W 90 6.00 -23.31 148.86
N PHE W 91 5.38 -22.14 148.81
CA PHE W 91 5.21 -21.33 150.01
C PHE W 91 4.41 -22.10 151.04
N THR W 92 4.89 -22.10 152.27
CA THR W 92 4.27 -22.89 153.32
C THR W 92 3.86 -22.08 154.53
N ASP W 93 4.65 -21.09 154.94
CA ASP W 93 4.30 -20.24 156.06
C ASP W 93 3.63 -18.96 155.56
N PHE W 94 2.49 -18.66 156.16
CA PHE W 94 1.60 -17.65 155.61
C PHE W 94 2.09 -16.23 155.82
N GLU W 95 2.98 -16.00 156.78
CA GLU W 95 3.67 -14.72 156.83
C GLU W 95 4.47 -14.50 155.55
N GLU W 96 5.23 -15.52 155.13
CA GLU W 96 5.93 -15.44 153.86
C GLU W 96 4.96 -15.29 152.69
N VAL W 97 3.83 -15.99 152.76
CA VAL W 97 2.85 -15.88 151.67
C VAL W 97 2.34 -14.44 151.55
N ARG W 98 1.99 -13.83 152.69
CA ARG W 98 1.49 -12.46 152.67
C ARG W 98 2.55 -11.48 152.20
N LEU W 99 3.79 -11.64 152.66
CA LEU W 99 4.87 -10.76 152.22
C LEU W 99 5.09 -10.88 150.71
N GLU W 100 5.05 -12.11 150.19
CA GLU W 100 5.19 -12.31 148.76
C GLU W 100 4.03 -11.65 148.02
N ILE W 101 2.82 -11.74 148.57
CA ILE W 101 1.65 -11.12 147.91
C ILE W 101 1.85 -9.62 147.81
N GLU W 102 2.21 -8.98 148.91
CA GLU W 102 2.34 -7.52 148.88
C GLU W 102 3.51 -7.10 148.01
N ALA W 103 4.62 -7.85 148.03
CA ALA W 103 5.73 -7.53 147.15
C ALA W 103 5.35 -7.68 145.69
N GLU W 104 4.57 -8.71 145.36
CA GLU W 104 4.12 -8.90 143.98
C GLU W 104 3.22 -7.75 143.54
N THR W 105 2.33 -7.31 144.43
CA THR W 105 1.49 -6.15 144.11
C THR W 105 2.36 -4.92 143.85
N ASP W 106 3.34 -4.67 144.70
CA ASP W 106 4.16 -3.48 144.57
C ASP W 106 5.02 -3.52 143.31
N ARG W 107 5.48 -4.71 142.91
CA ARG W 107 6.41 -4.80 141.80
C ARG W 107 5.82 -4.33 140.48
N VAL W 108 4.49 -4.22 140.38
CA VAL W 108 3.83 -3.72 139.19
C VAL W 108 3.06 -2.43 139.47
N THR W 109 2.39 -2.35 140.63
CA THR W 109 1.58 -1.17 140.90
C THR W 109 2.44 0.03 141.28
N GLY W 110 3.51 -0.19 142.03
CA GLY W 110 4.28 0.88 142.61
C GLY W 110 3.97 1.08 144.08
N THR W 111 4.76 1.95 144.71
CA THR W 111 4.68 2.19 146.14
C THR W 111 4.04 3.55 146.46
N ASN W 112 3.06 3.95 145.66
CA ASN W 112 2.35 5.20 145.88
C ASN W 112 0.85 5.00 145.68
N LYS W 113 0.33 3.91 146.22
CA LYS W 113 -1.10 3.60 146.24
C LYS W 113 -1.68 3.41 144.83
N GLY W 114 -0.84 3.15 143.84
CA GLY W 114 -1.35 2.80 142.53
C GLY W 114 -1.93 1.40 142.52
N ILE W 115 -2.75 1.13 141.50
CA ILE W 115 -3.39 -0.17 141.33
C ILE W 115 -3.13 -0.68 139.92
N SER W 116 -3.40 -1.97 139.72
CA SER W 116 -3.19 -2.62 138.45
C SER W 116 -4.24 -3.70 138.27
N PRO W 117 -4.92 -3.75 137.12
CA PRO W 117 -5.98 -4.75 136.91
C PRO W 117 -5.48 -6.15 136.59
N VAL W 118 -4.18 -6.36 136.46
CA VAL W 118 -3.65 -7.68 136.10
C VAL W 118 -3.77 -8.63 137.29
N PRO W 119 -4.44 -9.75 137.12
CA PRO W 119 -4.74 -10.62 138.27
C PRO W 119 -3.50 -11.33 138.80
N ILE W 120 -3.45 -11.48 140.12
CA ILE W 120 -2.47 -12.34 140.77
C ILE W 120 -3.11 -13.71 140.95
N ASN W 121 -2.64 -14.69 140.20
CA ASN W 121 -3.21 -16.04 140.23
C ASN W 121 -2.51 -16.83 141.33
N LEU W 122 -3.24 -17.18 142.38
CA LEU W 122 -2.68 -17.90 143.51
C LEU W 122 -3.50 -19.16 143.75
N ARG W 123 -2.85 -20.23 144.21
CA ARG W 123 -3.53 -21.48 144.49
C ARG W 123 -3.12 -21.97 145.87
N VAL W 124 -4.08 -22.40 146.66
CA VAL W 124 -3.85 -22.93 148.00
C VAL W 124 -4.34 -24.37 148.02
N TYR W 125 -3.62 -25.23 148.73
CA TYR W 125 -4.03 -26.61 148.90
C TYR W 125 -4.47 -26.82 150.34
N SER W 126 -5.48 -27.65 150.53
CA SER W 126 -6.02 -27.88 151.86
C SER W 126 -6.70 -29.24 151.87
N PRO W 127 -6.80 -29.90 153.04
CA PRO W 127 -7.35 -31.26 153.04
C PRO W 127 -8.85 -31.33 152.88
N HIS W 128 -9.60 -30.33 153.34
CA HIS W 128 -11.06 -30.43 153.38
C HIS W 128 -11.71 -29.16 152.85
N VAL W 129 -11.30 -28.70 151.67
CA VAL W 129 -11.92 -27.57 151.03
C VAL W 129 -12.34 -27.97 149.62
N LEU W 130 -13.33 -27.25 149.10
CA LEU W 130 -13.78 -27.45 147.72
C LEU W 130 -12.74 -26.94 146.75
N ASN W 131 -12.90 -27.31 145.48
CA ASN W 131 -12.15 -26.67 144.40
C ASN W 131 -12.80 -25.32 144.06
N LEU W 132 -12.72 -24.43 145.03
CA LEU W 132 -13.38 -23.14 144.91
C LEU W 132 -12.54 -22.20 144.04
N THR W 133 -13.09 -21.03 143.74
CA THR W 133 -12.39 -20.00 142.99
C THR W 133 -12.78 -18.65 143.61
N LEU W 134 -11.98 -18.20 144.56
CA LEU W 134 -12.24 -16.96 145.26
C LEU W 134 -11.59 -15.81 144.51
N VAL W 135 -12.21 -14.65 144.55
CA VAL W 135 -11.68 -13.46 143.88
C VAL W 135 -11.77 -12.30 144.86
N ASP W 136 -10.62 -11.87 145.38
CA ASP W 136 -10.55 -10.65 146.16
C ASP W 136 -10.24 -9.49 145.21
N LEU W 137 -10.92 -8.37 145.41
CA LEU W 137 -10.85 -7.24 144.51
C LEU W 137 -10.60 -5.98 145.31
N PRO W 138 -10.02 -4.95 144.67
CA PRO W 138 -9.89 -3.65 145.34
C PRO W 138 -11.24 -3.01 145.58
N GLY W 139 -11.31 -2.22 146.64
CA GLY W 139 -12.52 -1.49 146.95
C GLY W 139 -12.79 -0.38 145.94
N MET W 140 -13.99 0.17 146.00
CA MET W 140 -14.42 1.19 145.07
C MET W 140 -14.15 2.58 145.64
N THR W 141 -13.46 3.40 144.85
CA THR W 141 -13.12 4.76 145.26
C THR W 141 -13.53 5.72 144.15
N LYS W 142 -13.79 6.97 144.52
CA LYS W 142 -14.19 7.99 143.57
C LYS W 142 -13.11 9.03 143.30
N VAL W 143 -12.45 9.55 144.33
CA VAL W 143 -11.40 10.54 144.18
C VAL W 143 -10.05 9.84 144.14
N PRO W 144 -9.25 10.03 143.10
CA PRO W 144 -7.92 9.42 143.09
C PRO W 144 -7.03 9.99 144.19
N VAL W 145 -6.18 9.13 144.73
CA VAL W 145 -5.22 9.50 145.77
C VAL W 145 -3.86 8.99 145.34
N GLY W 146 -2.81 9.70 145.76
CA GLY W 146 -1.48 9.32 145.35
C GLY W 146 -1.28 9.59 143.88
N ASP W 147 -0.83 8.57 143.14
CA ASP W 147 -0.54 8.72 141.72
C ASP W 147 -1.55 8.00 140.84
N GLN W 148 -2.72 7.67 141.38
CA GLN W 148 -3.74 7.01 140.58
C GLN W 148 -4.22 7.94 139.47
N PRO W 149 -4.62 7.39 138.33
CA PRO W 149 -5.15 8.23 137.25
C PRO W 149 -6.46 8.86 137.66
N PRO W 150 -6.84 9.98 137.04
CA PRO W 150 -8.08 10.68 137.45
C PRO W 150 -9.33 9.84 137.30
N ASP W 151 -9.33 8.82 136.45
CA ASP W 151 -10.51 7.97 136.24
C ASP W 151 -10.41 6.68 137.05
N ILE W 152 -9.84 6.76 138.25
CA ILE W 152 -9.66 5.57 139.08
C ILE W 152 -10.99 4.93 139.43
N GLU W 153 -12.05 5.74 139.54
CA GLU W 153 -13.36 5.18 139.85
C GLU W 153 -13.83 4.26 138.74
N PHE W 154 -13.80 4.73 137.50
CA PHE W 154 -14.20 3.90 136.37
C PHE W 154 -13.27 2.71 136.21
N GLN W 155 -11.98 2.91 136.48
CA GLN W 155 -11.03 1.82 136.35
C GLN W 155 -11.37 0.68 137.30
N ILE W 156 -11.55 0.99 138.59
CA ILE W 156 -11.93 -0.05 139.54
C ILE W 156 -13.29 -0.63 139.19
N ARG W 157 -14.23 0.23 138.79
CA ARG W 157 -15.58 -0.23 138.49
C ARG W 157 -15.57 -1.29 137.40
N ASP W 158 -15.09 -0.94 136.20
CA ASP W 158 -15.13 -1.91 135.12
C ASP W 158 -14.16 -3.06 135.36
N MET W 159 -13.08 -2.82 136.12
CA MET W 159 -12.14 -3.88 136.44
C MET W 159 -12.79 -4.98 137.25
N LEU W 160 -13.61 -4.62 138.23
CA LEU W 160 -14.33 -5.65 138.98
C LEU W 160 -15.61 -6.09 138.28
N MET W 161 -16.16 -5.26 137.39
CA MET W 161 -17.31 -5.66 136.61
C MET W 161 -16.97 -6.79 135.67
N GLN W 162 -15.77 -6.75 135.07
CA GLN W 162 -15.35 -7.82 134.18
C GLN W 162 -15.22 -9.16 134.91
N PHE W 163 -15.15 -9.15 136.23
CA PHE W 163 -15.13 -10.38 137.01
C PHE W 163 -16.48 -10.75 137.60
N VAL W 164 -17.34 -9.78 137.88
CA VAL W 164 -18.60 -10.07 138.55
C VAL W 164 -19.72 -10.32 137.56
N THR W 165 -19.73 -9.59 136.45
CA THR W 165 -20.87 -9.65 135.53
C THR W 165 -21.04 -11.03 134.90
N LYS W 166 -20.01 -11.88 134.93
CA LYS W 166 -20.17 -13.24 134.45
C LYS W 166 -21.09 -14.02 135.36
N GLU W 167 -21.77 -15.00 134.78
CA GLU W 167 -22.68 -15.85 135.54
C GLU W 167 -21.85 -16.79 136.40
N ASN W 168 -22.54 -17.62 137.21
CA ASN W 168 -21.94 -18.53 138.19
C ASN W 168 -20.85 -17.82 138.98
N CYS W 169 -21.12 -16.57 139.38
CA CYS W 169 -20.20 -15.77 140.16
C CYS W 169 -20.98 -15.22 141.36
N LEU W 170 -20.98 -15.97 142.44
CA LEU W 170 -21.60 -15.49 143.67
C LEU W 170 -20.93 -14.21 144.11
N ILE W 171 -21.71 -13.31 144.70
CA ILE W 171 -21.23 -11.99 145.11
C ILE W 171 -21.31 -11.90 146.62
N LEU W 172 -20.21 -11.50 147.24
CA LEU W 172 -20.19 -11.14 148.66
C LEU W 172 -20.12 -9.61 148.72
N ALA W 173 -21.27 -8.99 148.97
CA ALA W 173 -21.38 -7.53 149.07
C ALA W 173 -21.02 -7.16 150.50
N VAL W 174 -19.82 -6.63 150.68
CA VAL W 174 -19.32 -6.26 151.99
C VAL W 174 -19.64 -4.80 152.24
N SER W 175 -20.25 -4.52 153.38
CA SER W 175 -20.51 -3.13 153.76
C SER W 175 -20.20 -2.95 155.23
N PRO W 176 -19.59 -1.84 155.59
CA PRO W 176 -19.37 -1.56 157.01
C PRO W 176 -20.68 -1.19 157.69
N ALA W 177 -20.68 -1.34 159.01
CA ALA W 177 -21.80 -0.87 159.82
C ALA W 177 -21.61 0.57 160.26
N ASN W 178 -20.53 1.22 159.81
CA ASN W 178 -20.28 2.60 160.19
C ASN W 178 -21.09 3.56 159.32
N SER W 179 -20.82 3.53 158.01
CA SER W 179 -21.61 4.33 157.08
C SER W 179 -23.04 3.80 157.02
N ASP W 180 -23.98 4.70 156.74
CA ASP W 180 -25.35 4.28 156.52
C ASP W 180 -25.41 3.36 155.31
N LEU W 181 -26.26 2.33 155.40
CA LEU W 181 -26.29 1.29 154.38
C LEU W 181 -26.60 1.85 153.00
N ALA W 182 -27.27 2.99 152.95
CA ALA W 182 -27.66 3.57 151.67
C ALA W 182 -26.48 3.95 150.80
N ASN W 183 -25.28 4.09 151.38
CA ASN W 183 -24.10 4.48 150.63
C ASN W 183 -23.32 3.30 150.08
N SER W 184 -23.81 2.07 150.24
CA SER W 184 -23.00 0.90 149.99
C SER W 184 -22.62 0.73 148.53
N ASP W 185 -21.34 0.99 148.22
CA ASP W 185 -20.82 0.72 146.89
C ASP W 185 -20.94 -0.75 146.52
N ALA W 186 -20.94 -1.64 147.51
CA ALA W 186 -21.15 -3.05 147.24
C ALA W 186 -22.57 -3.29 146.77
N LEU W 187 -23.56 -2.75 147.49
CA LEU W 187 -24.95 -2.98 147.14
C LEU W 187 -25.29 -2.34 145.81
N LYS W 188 -24.68 -1.20 145.47
CA LYS W 188 -24.94 -0.61 144.16
C LYS W 188 -24.61 -1.58 143.04
N VAL W 189 -23.39 -2.14 143.06
CA VAL W 189 -22.99 -3.08 142.02
C VAL W 189 -23.82 -4.36 142.11
N ALA W 190 -24.13 -4.79 143.33
CA ALA W 190 -24.91 -6.02 143.51
C ALA W 190 -26.27 -5.90 142.84
N LYS W 191 -26.99 -4.81 143.11
CA LYS W 191 -28.28 -4.61 142.49
C LYS W 191 -28.16 -4.23 141.01
N GLU W 192 -26.99 -3.76 140.58
CA GLU W 192 -26.82 -3.43 139.17
C GLU W 192 -26.63 -4.68 138.31
N VAL W 193 -25.91 -5.68 138.83
CA VAL W 193 -25.58 -6.85 138.02
C VAL W 193 -26.50 -8.02 138.32
N ASP W 194 -27.05 -8.06 139.54
CA ASP W 194 -27.91 -9.14 140.00
C ASP W 194 -29.17 -8.49 140.55
N PRO W 195 -30.10 -8.10 139.68
CA PRO W 195 -31.29 -7.36 140.16
C PRO W 195 -32.13 -8.15 141.14
N GLN W 196 -32.49 -9.38 140.81
CA GLN W 196 -33.33 -10.18 141.70
C GLN W 196 -32.61 -10.62 142.96
N GLY W 197 -31.29 -10.45 143.04
CA GLY W 197 -30.56 -10.85 144.21
C GLY W 197 -30.55 -12.35 144.45
N GLN W 198 -30.35 -13.14 143.39
CA GLN W 198 -30.34 -14.59 143.52
C GLN W 198 -28.95 -15.17 143.69
N ARG W 199 -27.90 -14.40 143.38
CA ARG W 199 -26.52 -14.82 143.60
C ARG W 199 -25.75 -13.77 144.36
N THR W 200 -26.43 -13.08 145.27
CA THR W 200 -25.86 -12.00 146.06
C THR W 200 -26.08 -12.28 147.53
N ILE W 201 -25.04 -12.12 148.33
CA ILE W 201 -25.13 -12.28 149.78
C ILE W 201 -24.50 -11.05 150.43
N GLY W 202 -25.23 -10.43 151.35
CA GLY W 202 -24.78 -9.22 152.01
C GLY W 202 -24.15 -9.51 153.37
N VAL W 203 -23.01 -8.89 153.62
CA VAL W 203 -22.31 -9.04 154.89
C VAL W 203 -22.04 -7.65 155.46
N ILE W 204 -22.29 -7.50 156.75
CA ILE W 204 -22.13 -6.25 157.48
C ILE W 204 -20.97 -6.43 158.43
N THR W 205 -19.91 -5.65 158.23
CA THR W 205 -18.72 -5.72 159.05
C THR W 205 -18.72 -4.58 160.05
N LYS W 206 -17.69 -4.56 160.90
CA LYS W 206 -17.43 -3.45 161.81
C LYS W 206 -18.61 -3.17 162.73
N LEU W 207 -19.37 -4.20 163.09
CA LEU W 207 -20.51 -4.00 163.97
C LEU W 207 -20.12 -3.53 165.36
N ASP W 208 -18.85 -3.61 165.71
CA ASP W 208 -18.37 -3.11 166.99
C ASP W 208 -17.99 -1.64 166.93
N LEU W 209 -18.03 -1.01 165.76
CA LEU W 209 -17.61 0.37 165.59
C LEU W 209 -18.77 1.32 165.38
N MET W 210 -19.98 0.92 165.75
CA MET W 210 -21.15 1.76 165.55
C MET W 210 -21.24 2.81 166.66
N ASP W 211 -21.86 3.93 166.32
CA ASP W 211 -21.95 5.06 167.25
C ASP W 211 -22.79 4.69 168.46
N GLU W 212 -22.47 5.35 169.58
CA GLU W 212 -23.22 5.12 170.81
C GLU W 212 -24.70 5.41 170.61
N GLY W 213 -25.54 4.50 171.08
CA GLY W 213 -26.97 4.64 170.94
C GLY W 213 -27.52 4.17 169.61
N THR W 214 -26.67 3.76 168.68
CA THR W 214 -27.11 3.25 167.39
C THR W 214 -26.89 1.75 167.31
N ASP W 215 -27.70 1.09 166.50
CA ASP W 215 -27.59 -0.36 166.32
C ASP W 215 -28.05 -0.70 164.91
N ALA W 216 -27.53 -1.82 164.40
CA ALA W 216 -27.84 -2.29 163.05
C ALA W 216 -28.98 -3.29 163.04
N ARG W 217 -29.91 -3.20 164.00
CA ARG W 217 -31.02 -4.13 164.04
C ARG W 217 -31.89 -4.02 162.80
N ASP W 218 -32.20 -2.79 162.37
CA ASP W 218 -33.10 -2.59 161.25
C ASP W 218 -32.56 -3.15 159.95
N VAL W 219 -31.25 -3.32 159.83
CA VAL W 219 -30.66 -3.82 158.59
C VAL W 219 -30.36 -5.31 158.71
N LEU W 220 -29.99 -5.75 159.92
CA LEU W 220 -29.71 -7.18 160.09
C LEU W 220 -30.99 -8.00 160.10
N GLU W 221 -32.12 -7.42 160.52
CA GLU W 221 -33.40 -8.08 160.34
C GLU W 221 -33.91 -8.01 158.91
N ASN W 222 -33.08 -7.53 157.98
CA ASN W 222 -33.38 -7.52 156.55
C ASN W 222 -34.67 -6.73 156.28
N LYS W 223 -34.88 -5.66 157.04
CA LYS W 223 -36.05 -4.80 156.87
C LYS W 223 -35.72 -3.49 156.18
N LEU W 224 -34.60 -2.86 156.53
CA LEU W 224 -34.26 -1.56 155.97
C LEU W 224 -34.09 -1.65 154.46
N LEU W 225 -33.27 -2.59 153.99
CA LEU W 225 -33.12 -2.87 152.57
C LEU W 225 -33.32 -4.36 152.39
N PRO W 226 -34.57 -4.82 152.25
CA PRO W 226 -34.84 -6.26 152.13
C PRO W 226 -34.08 -6.91 150.99
N LEU W 227 -33.16 -7.81 151.33
CA LEU W 227 -32.43 -8.61 150.37
C LEU W 227 -32.80 -10.06 150.58
N ARG W 228 -32.89 -10.82 149.49
CA ARG W 228 -33.43 -12.17 149.55
C ARG W 228 -32.62 -13.07 150.47
N ARG W 229 -31.30 -13.01 150.35
CA ARG W 229 -30.44 -13.95 151.05
C ARG W 229 -30.13 -13.52 152.49
N GLY W 230 -30.54 -12.32 152.89
CA GLY W 230 -30.28 -11.85 154.23
C GLY W 230 -28.91 -11.25 154.39
N TYR W 231 -28.70 -10.64 155.56
CA TYR W 231 -27.45 -9.97 155.88
C TYR W 231 -26.78 -10.66 157.06
N ILE W 232 -25.53 -11.07 156.87
CA ILE W 232 -24.76 -11.75 157.90
C ILE W 232 -23.81 -10.74 158.53
N GLY W 233 -23.84 -10.64 159.86
CA GLY W 233 -23.03 -9.69 160.58
C GLY W 233 -21.78 -10.33 161.13
N VAL W 234 -20.63 -9.77 160.79
CA VAL W 234 -19.34 -10.30 161.22
C VAL W 234 -18.57 -9.20 161.94
N VAL W 235 -17.66 -9.62 162.82
CA VAL W 235 -16.80 -8.71 163.57
C VAL W 235 -15.37 -9.22 163.49
N ASN W 236 -14.57 -8.61 162.63
CA ASN W 236 -13.20 -9.05 162.39
C ASN W 236 -12.27 -8.50 163.48
N ARG W 237 -10.97 -8.61 163.24
CA ARG W 237 -9.97 -8.12 164.18
C ARG W 237 -9.64 -6.66 163.86
N SER W 238 -9.63 -5.82 164.89
CA SER W 238 -9.31 -4.41 164.70
C SER W 238 -7.86 -4.24 164.25
N GLN W 239 -7.52 -3.03 163.84
CA GLN W 239 -6.16 -2.74 163.41
C GLN W 239 -5.17 -2.93 164.55
N LYS W 240 -5.57 -2.56 165.76
CA LYS W 240 -4.72 -2.81 166.92
C LYS W 240 -4.47 -4.30 167.11
N ASP W 241 -5.52 -5.11 166.96
CA ASP W 241 -5.35 -6.55 167.08
C ASP W 241 -4.47 -7.11 165.96
N ILE W 242 -4.59 -6.56 164.76
CA ILE W 242 -3.75 -7.01 163.65
C ILE W 242 -2.29 -6.71 163.95
N ASP W 243 -2.00 -5.51 164.47
CA ASP W 243 -0.64 -5.18 164.83
C ASP W 243 -0.14 -6.02 165.99
N GLY W 244 -1.03 -6.37 166.93
CA GLY W 244 -0.69 -7.21 168.05
C GLY W 244 -0.75 -8.70 167.77
N LYS W 245 -1.02 -9.09 166.53
CA LYS W 245 -1.02 -10.49 166.10
C LYS W 245 -2.04 -11.31 166.88
N LYS W 246 -3.28 -10.82 166.92
CA LYS W 246 -4.35 -11.58 167.53
C LYS W 246 -4.66 -12.82 166.70
N ASP W 247 -5.00 -13.91 167.38
CA ASP W 247 -5.23 -15.18 166.73
C ASP W 247 -6.71 -15.42 166.43
N ILE W 248 -6.95 -16.25 165.42
CA ILE W 248 -8.30 -16.43 164.90
C ILE W 248 -9.23 -16.99 165.96
N THR W 249 -8.74 -17.94 166.77
CA THR W 249 -9.63 -18.60 167.72
C THR W 249 -10.13 -17.64 168.79
N ALA W 250 -9.24 -16.85 169.39
CA ALA W 250 -9.68 -15.89 170.40
C ALA W 250 -10.47 -14.76 169.74
N ALA W 251 -10.15 -14.40 168.51
CA ALA W 251 -10.96 -13.40 167.80
C ALA W 251 -12.39 -13.89 167.63
N LEU W 252 -12.57 -15.15 167.24
CA LEU W 252 -13.91 -15.70 167.09
C LEU W 252 -14.62 -15.79 168.43
N ALA W 253 -13.88 -16.16 169.49
CA ALA W 253 -14.48 -16.19 170.81
C ALA W 253 -14.97 -14.80 171.23
N ALA W 254 -14.17 -13.78 170.96
CA ALA W 254 -14.58 -12.42 171.29
C ALA W 254 -15.78 -11.99 170.46
N GLU W 255 -15.83 -12.38 169.19
CA GLU W 255 -16.98 -12.06 168.36
C GLU W 255 -18.25 -12.72 168.91
N ARG W 256 -18.14 -13.98 169.31
CA ARG W 256 -19.28 -14.67 169.91
C ARG W 256 -19.71 -13.99 171.21
N LYS W 257 -18.75 -13.58 172.02
CA LYS W 257 -19.07 -12.86 173.26
C LYS W 257 -19.79 -11.56 172.96
N PHE W 258 -19.33 -10.82 171.95
CA PHE W 258 -19.96 -9.56 171.60
C PHE W 258 -21.39 -9.77 171.13
N PHE W 259 -21.61 -10.78 170.29
CA PHE W 259 -22.96 -11.06 169.83
C PHE W 259 -23.88 -11.51 170.95
N LEU W 260 -23.37 -12.27 171.91
CA LEU W 260 -24.20 -12.67 173.05
C LEU W 260 -24.43 -11.54 174.04
N SER W 261 -23.53 -10.55 174.09
CA SER W 261 -23.65 -9.48 175.06
C SER W 261 -24.44 -8.27 174.55
N HIS W 262 -24.41 -8.01 173.25
CA HIS W 262 -25.10 -6.84 172.72
C HIS W 262 -26.61 -7.04 172.78
N PRO W 263 -27.36 -6.16 173.45
CA PRO W 263 -28.80 -6.37 173.58
C PRO W 263 -29.55 -6.35 172.26
N SER W 264 -29.02 -5.71 171.23
CA SER W 264 -29.72 -5.55 169.97
C SER W 264 -29.42 -6.65 168.97
N TYR W 265 -28.61 -7.64 169.33
CA TYR W 265 -28.26 -8.70 168.40
C TYR W 265 -28.33 -10.10 169.00
N ARG W 266 -28.47 -10.24 170.32
CA ARG W 266 -28.43 -11.57 170.92
C ARG W 266 -29.54 -12.47 170.41
N HIS W 267 -30.69 -11.90 170.03
CA HIS W 267 -31.75 -12.71 169.46
C HIS W 267 -31.42 -13.23 168.07
N LEU W 268 -30.36 -12.72 167.45
CA LEU W 268 -29.89 -13.21 166.16
C LEU W 268 -28.46 -13.70 166.22
N ALA W 269 -27.93 -13.93 167.42
CA ALA W 269 -26.53 -14.36 167.55
C ALA W 269 -26.30 -15.68 166.84
N ASP W 270 -27.29 -16.57 166.86
CA ASP W 270 -27.14 -17.85 166.19
C ASP W 270 -26.97 -17.68 164.68
N ARG W 271 -27.74 -16.77 164.08
CA ARG W 271 -27.65 -16.54 162.65
C ARG W 271 -26.56 -15.54 162.27
N MET W 272 -25.91 -14.90 163.23
CA MET W 272 -24.82 -14.00 162.94
C MET W 272 -23.47 -14.69 163.17
N GLY W 273 -22.42 -14.07 162.67
CA GLY W 273 -21.08 -14.58 162.86
C GLY W 273 -20.49 -15.17 161.60
N THR W 274 -19.16 -15.25 161.58
CA THR W 274 -18.45 -15.83 160.44
C THR W 274 -18.78 -17.30 160.19
N PRO W 275 -18.86 -18.18 161.20
CA PRO W 275 -19.23 -19.57 160.88
C PRO W 275 -20.56 -19.70 160.18
N TYR W 276 -21.53 -18.85 160.51
CA TYR W 276 -22.79 -18.87 159.79
C TYR W 276 -22.61 -18.50 158.33
N LEU W 277 -21.72 -17.53 158.05
CA LEU W 277 -21.44 -17.16 156.67
C LEU W 277 -20.81 -18.31 155.92
N GLN W 278 -19.88 -19.03 156.58
CA GLN W 278 -19.30 -20.22 155.95
C GLN W 278 -20.38 -21.25 155.66
N LYS W 279 -21.30 -21.45 156.61
CA LYS W 279 -22.38 -22.41 156.42
C LYS W 279 -23.30 -22.00 155.27
N VAL W 280 -23.57 -20.70 155.15
CA VAL W 280 -24.45 -20.23 154.08
C VAL W 280 -23.78 -20.39 152.73
N LEU W 281 -22.49 -20.11 152.64
CA LEU W 281 -21.77 -20.37 151.39
C LEU W 281 -21.78 -21.86 151.07
N ASN W 282 -21.62 -22.70 152.09
CA ASN W 282 -21.72 -24.14 151.87
C ASN W 282 -23.09 -24.53 151.34
N GLN W 283 -24.15 -23.92 151.88
CA GLN W 283 -25.50 -24.22 151.42
C GLN W 283 -25.68 -23.80 149.96
N GLN W 284 -25.20 -22.61 149.60
CA GLN W 284 -25.32 -22.16 148.21
C GLN W 284 -24.55 -23.07 147.27
N LEU W 285 -23.35 -23.48 147.66
CA LEU W 285 -22.57 -24.38 146.81
C LEU W 285 -23.23 -25.74 146.71
N THR W 286 -23.83 -26.22 147.79
CA THR W 286 -24.58 -27.47 147.74
C THR W 286 -25.74 -27.37 146.77
N ASN W 287 -26.48 -26.27 146.81
CA ASN W 287 -27.59 -26.08 145.90
C ASN W 287 -27.13 -25.87 144.46
N HIS W 288 -25.89 -25.45 144.25
CA HIS W 288 -25.42 -25.21 142.89
C HIS W 288 -24.70 -26.40 142.26
N ILE W 289 -24.13 -27.30 143.06
CA ILE W 289 -23.45 -28.45 142.49
C ILE W 289 -24.45 -29.40 141.83
N ARG W 290 -25.64 -29.55 142.43
CA ARG W 290 -26.67 -30.37 141.82
C ARG W 290 -27.18 -29.71 140.55
N ASP W 291 -28.15 -30.35 139.87
CA ASP W 291 -28.61 -30.09 138.52
C ASP W 291 -27.58 -30.66 137.55
N THR W 292 -26.42 -31.12 138.03
CA THR W 292 -25.45 -31.84 137.22
C THR W 292 -25.15 -33.23 137.74
N LEU W 293 -25.49 -33.52 138.99
CA LEU W 293 -25.24 -34.84 139.57
C LEU W 293 -25.80 -35.99 138.74
N PRO W 294 -27.06 -35.96 138.27
CA PRO W 294 -27.54 -37.08 137.45
C PRO W 294 -26.68 -37.33 136.23
N GLY W 295 -26.16 -36.27 135.60
CA GLY W 295 -25.17 -36.46 134.56
C GLY W 295 -23.88 -37.02 135.10
N LEU W 296 -23.42 -36.51 136.24
CA LEU W 296 -22.15 -36.95 136.81
C LEU W 296 -22.26 -38.31 137.48
N ARG W 297 -23.39 -38.58 138.14
CA ARG W 297 -23.58 -39.90 138.74
C ARG W 297 -23.53 -40.98 137.69
N ASN W 298 -24.19 -40.76 136.54
CA ASN W 298 -24.06 -41.70 135.43
C ASN W 298 -22.65 -41.69 134.86
N LYS W 299 -22.03 -40.50 134.79
CA LYS W 299 -20.71 -40.38 134.18
C LYS W 299 -19.68 -41.23 134.91
N LEU W 300 -19.82 -41.38 136.23
CA LEU W 300 -18.92 -42.28 136.94
C LEU W 300 -19.55 -43.63 137.25
N GLN W 301 -20.87 -43.78 137.08
CA GLN W 301 -21.47 -45.11 137.15
C GLN W 301 -20.98 -45.98 136.01
N SER W 302 -20.89 -45.42 134.80
CA SER W 302 -20.30 -46.16 133.69
C SER W 302 -18.85 -46.50 133.99
N GLN W 303 -18.14 -45.60 134.65
CA GLN W 303 -16.76 -45.88 135.07
C GLN W 303 -16.72 -47.08 136.01
N LEU W 304 -17.63 -47.12 136.98
CA LEU W 304 -17.69 -48.28 137.87
C LEU W 304 -18.07 -49.55 137.11
N LEU W 305 -18.91 -49.41 136.08
CA LEU W 305 -19.27 -50.55 135.25
C LEU W 305 -18.06 -51.12 134.54
N SER W 306 -17.18 -50.25 134.04
CA SER W 306 -16.03 -50.68 133.24
C SER W 306 -15.02 -51.50 134.04
N ILE W 307 -15.14 -51.50 135.36
CA ILE W 307 -14.21 -52.22 136.22
C ILE W 307 -14.88 -53.28 137.10
N GLU W 308 -16.20 -53.22 137.28
CA GLU W 308 -16.87 -54.19 138.15
C GLU W 308 -16.59 -55.64 137.74
N LYS W 309 -16.34 -55.87 136.44
CA LYS W 309 -16.08 -57.23 135.97
C LYS W 309 -14.80 -57.79 136.57
N GLU W 310 -13.71 -57.01 136.50
CA GLU W 310 -12.44 -57.46 137.06
C GLU W 310 -12.44 -57.38 138.58
N VAL W 311 -13.24 -56.47 139.15
CA VAL W 311 -13.37 -56.43 140.60
C VAL W 311 -13.91 -57.74 141.14
N GLU W 312 -14.68 -58.48 140.33
CA GLU W 312 -15.16 -59.79 140.75
C GLU W 312 -14.01 -60.74 141.04
N GLU W 313 -13.03 -60.80 140.13
CA GLU W 313 -11.84 -61.60 140.39
C GLU W 313 -11.01 -61.02 141.52
N TYR W 314 -11.03 -59.69 141.69
CA TYR W 314 -10.13 -59.08 142.67
C TYR W 314 -10.67 -59.04 144.12
N LYS W 315 -11.98 -59.19 144.38
CA LYS W 315 -12.43 -59.07 145.76
C LYS W 315 -11.90 -60.18 146.63
N ASN W 316 -11.96 -61.42 146.15
CA ASN W 316 -11.56 -62.57 146.94
C ASN W 316 -10.46 -63.30 146.17
N PHE W 317 -9.24 -62.80 146.33
CA PHE W 317 -8.05 -63.44 145.78
C PHE W 317 -7.18 -63.87 146.96
N ARG W 318 -6.79 -65.14 146.97
CA ARG W 318 -5.85 -65.62 147.95
C ARG W 318 -4.71 -66.35 147.24
N PRO W 319 -3.46 -66.06 147.56
CA PRO W 319 -2.36 -66.78 146.90
C PRO W 319 -2.45 -68.27 147.17
N ASP W 320 -2.06 -69.05 146.16
CA ASP W 320 -2.05 -70.52 146.13
C ASP W 320 -3.43 -71.11 145.93
N ASP W 321 -4.42 -70.33 145.53
CA ASP W 321 -5.75 -70.90 145.30
C ASP W 321 -5.79 -71.75 144.05
N PRO W 322 -5.86 -73.08 144.17
CA PRO W 322 -5.80 -73.92 142.97
C PRO W 322 -6.93 -73.67 142.00
N ALA W 323 -8.13 -73.38 142.49
CA ALA W 323 -9.26 -73.19 141.60
C ALA W 323 -9.04 -72.01 140.67
N ARG W 324 -8.72 -70.84 141.24
CA ARG W 324 -8.48 -69.68 140.40
C ARG W 324 -7.25 -69.87 139.52
N LYS W 325 -6.18 -70.47 140.07
CA LYS W 325 -4.97 -70.63 139.28
C LYS W 325 -5.23 -71.50 138.05
N THR W 326 -5.86 -72.66 138.24
CA THR W 326 -6.11 -73.56 137.12
C THR W 326 -7.14 -72.99 136.16
N LYS W 327 -8.17 -72.30 136.66
CA LYS W 327 -9.13 -71.68 135.76
C LYS W 327 -8.46 -70.62 134.89
N ALA W 328 -7.60 -69.80 135.48
CA ALA W 328 -6.86 -68.81 134.71
C ALA W 328 -5.96 -69.48 133.69
N LEU W 329 -5.28 -70.55 134.08
CA LEU W 329 -4.41 -71.26 133.14
C LEU W 329 -5.21 -71.78 131.95
N LEU W 330 -6.36 -72.39 132.22
CA LEU W 330 -7.16 -72.96 131.14
C LEU W 330 -7.66 -71.88 130.19
N GLN W 331 -8.16 -70.76 130.73
CA GLN W 331 -8.64 -69.71 129.83
C GLN W 331 -7.49 -69.06 129.06
N MET W 332 -6.32 -68.90 129.68
CA MET W 332 -5.18 -68.35 128.98
C MET W 332 -4.79 -69.24 127.81
N VAL W 333 -4.74 -70.56 128.05
CA VAL W 333 -4.38 -71.51 127.00
C VAL W 333 -5.40 -71.46 125.87
N GLN W 334 -6.69 -71.40 126.21
CA GLN W 334 -7.72 -71.39 125.18
C GLN W 334 -7.61 -70.14 124.31
N GLN W 335 -7.40 -68.98 124.94
CA GLN W 335 -7.30 -67.78 124.11
C GLN W 335 -6.01 -67.79 123.29
N PHE W 336 -4.92 -68.35 123.83
CA PHE W 336 -3.71 -68.48 123.05
C PHE W 336 -3.96 -69.30 121.79
N ALA W 337 -4.63 -70.45 121.95
CA ALA W 337 -4.94 -71.26 120.79
C ALA W 337 -5.74 -70.46 119.77
N VAL W 338 -6.93 -69.99 120.18
CA VAL W 338 -7.82 -69.36 119.21
C VAL W 338 -7.15 -68.15 118.56
N ASP W 339 -6.29 -67.45 119.30
CA ASP W 339 -5.51 -66.38 118.70
C ASP W 339 -4.55 -66.93 117.65
N PHE W 340 -3.93 -68.08 117.92
CA PHE W 340 -3.01 -68.65 116.95
C PHE W 340 -3.71 -69.00 115.64
N GLU W 341 -4.87 -69.67 115.72
CA GLU W 341 -5.59 -69.94 114.47
C GLU W 341 -6.09 -68.65 113.83
N LYS W 342 -6.45 -67.64 114.64
CA LYS W 342 -6.87 -66.37 114.05
C LYS W 342 -5.74 -65.74 113.26
N ARG W 343 -4.50 -65.84 113.76
CA ARG W 343 -3.37 -65.23 113.08
C ARG W 343 -2.81 -66.07 111.96
N ILE W 344 -3.08 -67.38 111.94
CA ILE W 344 -2.54 -68.21 110.87
C ILE W 344 -3.59 -68.41 109.79
N GLU W 345 -4.70 -69.08 110.12
CA GLU W 345 -5.74 -69.28 109.12
C GLU W 345 -6.49 -68.01 108.79
N GLY W 346 -6.37 -66.99 109.62
CA GLY W 346 -7.13 -65.77 109.40
C GLY W 346 -8.62 -65.94 109.59
N SER W 347 -9.03 -66.71 110.61
CA SER W 347 -10.45 -66.87 110.90
C SER W 347 -11.07 -65.51 111.16
N GLY W 348 -12.18 -65.23 110.50
CA GLY W 348 -12.71 -63.88 110.50
C GLY W 348 -13.27 -63.40 111.82
N ASP W 349 -12.51 -62.53 112.48
CA ASP W 349 -12.97 -61.68 113.58
C ASP W 349 -11.78 -60.82 114.00
N GLN W 350 -12.09 -59.64 114.56
CA GLN W 350 -11.13 -58.73 115.16
C GLN W 350 -9.81 -58.65 114.40
N ILE W 351 -9.90 -58.60 113.07
CA ILE W 351 -8.72 -58.70 112.21
C ILE W 351 -7.97 -57.37 112.19
N ASP W 352 -6.69 -57.41 112.51
CA ASP W 352 -5.86 -56.22 112.38
C ASP W 352 -5.69 -55.89 110.90
N THR W 353 -5.82 -54.61 110.57
CA THR W 353 -5.65 -54.12 109.21
C THR W 353 -4.51 -53.12 109.13
N TYR W 354 -3.50 -53.28 109.99
CA TYR W 354 -2.40 -52.34 110.07
C TYR W 354 -1.09 -52.90 109.52
N GLU W 355 -0.88 -54.21 109.63
CA GLU W 355 0.28 -54.87 109.08
C GLU W 355 -0.18 -55.89 108.04
N LEU W 356 0.79 -56.41 107.27
CA LEU W 356 0.46 -57.44 106.29
C LEU W 356 -0.14 -58.67 106.96
N SER W 357 0.42 -59.06 108.10
CA SER W 357 -0.17 -60.04 109.01
C SER W 357 0.77 -60.18 110.21
N GLY W 358 0.32 -60.94 111.20
CA GLY W 358 1.21 -61.39 112.24
C GLY W 358 2.09 -62.50 111.69
N GLY W 359 1.46 -63.55 111.19
CA GLY W 359 2.20 -64.62 110.55
C GLY W 359 1.53 -65.28 109.37
N ALA W 360 0.52 -64.63 108.80
CA ALA W 360 -0.25 -65.28 107.74
C ALA W 360 0.25 -64.92 106.35
N ARG W 361 0.18 -63.65 105.98
CA ARG W 361 0.70 -63.21 104.68
C ARG W 361 2.21 -63.06 104.67
N ILE W 362 2.84 -62.81 105.82
CA ILE W 362 4.30 -62.92 105.83
C ILE W 362 4.73 -64.33 105.50
N ASN W 363 3.81 -65.30 105.59
CA ASN W 363 4.09 -66.70 105.25
C ASN W 363 3.65 -67.04 103.82
N ARG W 364 2.42 -66.66 103.44
CA ARG W 364 2.03 -66.81 102.05
C ARG W 364 2.99 -66.12 101.09
N ILE W 365 3.53 -64.96 101.46
CA ILE W 365 4.46 -64.30 100.56
C ILE W 365 5.74 -65.11 100.47
N PHE W 366 6.09 -65.87 101.52
CA PHE W 366 7.17 -66.84 101.36
C PHE W 366 6.81 -67.88 100.31
N HIS W 367 5.61 -68.47 100.42
CA HIS W 367 5.25 -69.55 99.51
C HIS W 367 5.17 -69.12 98.05
N GLU W 368 4.71 -67.89 97.77
CA GLU W 368 4.69 -67.38 96.40
C GLU W 368 5.66 -66.23 96.16
N ARG W 369 6.76 -66.20 96.90
CA ARG W 369 7.93 -65.40 96.57
C ARG W 369 9.18 -66.25 96.39
N PHE W 370 9.26 -67.40 97.08
CA PHE W 370 10.28 -68.43 96.89
C PHE W 370 10.59 -68.70 95.41
N PRO W 371 9.61 -68.64 94.50
CA PRO W 371 9.95 -68.64 93.08
C PRO W 371 10.99 -67.60 92.70
N PHE W 372 11.06 -66.48 93.41
CA PHE W 372 12.16 -65.55 93.15
C PHE W 372 13.50 -66.19 93.44
N GLU W 373 13.60 -66.96 94.52
CA GLU W 373 14.83 -67.70 94.80
C GLU W 373 15.13 -68.70 93.69
N LEU W 374 14.12 -69.47 93.29
CA LEU W 374 14.38 -70.49 92.28
C LEU W 374 14.84 -69.86 90.97
N VAL W 375 14.24 -68.73 90.58
CA VAL W 375 14.71 -68.03 89.39
C VAL W 375 16.10 -67.46 89.62
N LYS W 376 16.37 -66.95 90.82
CA LYS W 376 17.66 -66.38 91.16
C LYS W 376 18.76 -67.42 91.22
N MET W 377 18.41 -68.70 91.11
CA MET W 377 19.41 -69.72 90.86
C MET W 377 20.19 -69.36 89.58
N GLU W 378 21.34 -70.02 89.39
CA GLU W 378 22.36 -69.57 88.44
C GLU W 378 21.84 -69.19 87.05
N PHE W 379 21.32 -70.14 86.27
CA PHE W 379 20.73 -69.90 84.95
C PHE W 379 21.58 -69.09 83.99
N ASP W 380 22.86 -68.84 84.28
CA ASP W 380 23.67 -67.94 83.44
C ASP W 380 25.02 -68.55 83.09
N GLU W 381 25.05 -69.32 82.00
CA GLU W 381 26.26 -69.82 81.35
C GLU W 381 25.90 -70.35 79.97
N LYS W 382 26.89 -70.28 79.08
CA LYS W 382 26.96 -71.15 77.92
C LYS W 382 27.89 -72.33 78.18
N GLU W 383 28.57 -72.35 79.34
CA GLU W 383 29.39 -73.49 79.73
C GLU W 383 28.57 -74.76 79.83
N LEU W 384 27.25 -74.63 80.00
CA LEU W 384 26.38 -75.81 80.00
C LEU W 384 26.51 -76.60 78.70
N ARG W 385 26.72 -75.92 77.57
CA ARG W 385 26.88 -76.62 76.30
C ARG W 385 28.12 -77.51 76.32
N ARG W 386 29.24 -76.99 76.81
CA ARG W 386 30.43 -77.82 76.98
C ARG W 386 30.17 -78.94 77.96
N GLU W 387 29.45 -78.63 79.04
CA GLU W 387 29.17 -79.61 80.08
C GLU W 387 28.38 -80.79 79.54
N ILE W 388 27.48 -80.53 78.60
CA ILE W 388 26.69 -81.62 78.04
C ILE W 388 27.39 -82.26 76.85
N SER W 389 28.26 -81.53 76.16
CA SER W 389 29.07 -82.14 75.10
C SER W 389 30.00 -83.19 75.69
N TYR W 390 30.58 -82.91 76.86
CA TYR W 390 31.41 -83.94 77.50
C TYR W 390 30.58 -85.16 77.87
N ALA W 391 29.33 -84.96 78.32
CA ALA W 391 28.47 -86.10 78.60
C ALA W 391 28.22 -86.92 77.34
N ILE W 392 27.93 -86.25 76.22
CA ILE W 392 27.82 -86.92 74.93
C ILE W 392 29.06 -87.75 74.67
N LYS W 393 30.23 -87.14 74.84
CA LYS W 393 31.48 -87.79 74.46
C LYS W 393 31.88 -88.90 75.42
N ASN W 394 31.31 -88.94 76.61
CA ASN W 394 31.59 -90.03 77.53
C ASN W 394 30.62 -91.20 77.39
N ILE W 395 29.34 -90.94 77.12
CA ILE W 395 28.41 -92.06 76.91
C ILE W 395 28.39 -92.55 75.48
N HIS W 396 29.09 -91.86 74.56
CA HIS W 396 29.43 -92.44 73.27
C HIS W 396 30.82 -93.04 73.31
N GLY W 397 31.18 -93.61 74.46
CA GLY W 397 32.54 -93.93 74.83
C GLY W 397 33.44 -94.45 73.73
N ILE W 398 33.04 -95.56 73.09
CA ILE W 398 33.81 -96.17 72.01
C ILE W 398 33.02 -96.18 70.72
N ARG W 399 31.77 -96.63 70.76
CA ARG W 399 30.94 -96.69 69.57
C ARG W 399 30.73 -95.29 69.00
N THR W 400 30.19 -95.22 67.79
CA THR W 400 30.34 -93.99 67.04
C THR W 400 29.12 -93.72 66.16
N GLY W 401 28.98 -92.44 65.80
CA GLY W 401 28.20 -92.00 64.67
C GLY W 401 26.70 -92.11 64.78
N LEU W 402 26.17 -92.34 65.97
CA LEU W 402 24.73 -92.51 66.12
C LEU W 402 24.09 -91.23 66.67
N PHE W 403 22.77 -91.21 66.60
CA PHE W 403 21.96 -90.01 66.58
C PHE W 403 22.25 -89.06 67.73
N THR W 404 21.85 -89.46 68.94
CA THR W 404 21.96 -88.75 70.21
C THR W 404 21.67 -89.74 71.34
N PRO W 405 22.45 -89.71 72.41
CA PRO W 405 22.14 -90.53 73.58
C PRO W 405 21.25 -89.80 74.58
N ASP W 406 20.21 -90.47 75.05
CA ASP W 406 19.26 -89.81 75.96
C ASP W 406 19.81 -89.67 77.36
N MET W 407 20.72 -90.56 77.77
CA MET W 407 21.21 -90.42 79.14
C MET W 407 22.06 -89.17 79.29
N ALA W 408 22.48 -88.53 78.20
CA ALA W 408 23.09 -87.21 78.32
C ALA W 408 22.11 -86.22 78.93
N PHE W 409 20.90 -86.14 78.34
CA PHE W 409 19.83 -85.36 78.91
C PHE W 409 19.56 -85.77 80.35
N GLU W 410 19.55 -87.08 80.61
CA GLU W 410 19.32 -87.58 81.95
C GLU W 410 20.34 -87.02 82.95
N THR W 411 21.62 -87.17 82.64
CA THR W 411 22.67 -86.76 83.55
C THR W 411 22.66 -85.26 83.75
N ILE W 412 22.37 -84.50 82.69
CA ILE W 412 22.40 -83.05 82.82
C ILE W 412 21.24 -82.56 83.67
N VAL W 413 20.04 -83.13 83.49
CA VAL W 413 18.95 -82.69 84.36
C VAL W 413 19.19 -83.16 85.80
N LYS W 414 19.81 -84.33 85.98
CA LYS W 414 20.15 -84.75 87.34
C LYS W 414 21.16 -83.83 87.99
N LYS W 415 22.05 -83.23 87.20
CA LYS W 415 22.99 -82.25 87.73
C LYS W 415 22.34 -80.90 87.98
N GLN W 416 21.35 -80.52 87.16
CA GLN W 416 20.70 -79.24 87.33
C GLN W 416 19.75 -79.23 88.53
N VAL W 417 19.01 -80.31 88.74
CA VAL W 417 18.02 -80.34 89.81
C VAL W 417 18.61 -80.77 91.15
N LYS W 418 19.91 -81.03 91.21
CA LYS W 418 20.53 -81.32 92.50
C LYS W 418 20.84 -80.07 93.29
N LYS W 419 20.83 -78.90 92.65
CA LYS W 419 21.04 -77.65 93.34
C LYS W 419 19.75 -76.95 93.74
N ILE W 420 18.59 -77.53 93.40
CA ILE W 420 17.33 -77.06 93.95
C ILE W 420 17.26 -77.35 95.44
N ARG W 421 18.11 -78.25 95.93
CA ARG W 421 18.07 -78.64 97.34
C ARG W 421 18.37 -77.49 98.28
N GLU W 422 19.07 -76.46 97.83
CA GLU W 422 19.40 -75.34 98.72
C GLU W 422 18.24 -74.36 98.87
N PRO W 423 17.61 -73.88 97.78
CA PRO W 423 16.52 -72.92 97.97
C PRO W 423 15.34 -73.47 98.76
N CYS W 424 15.02 -74.76 98.61
CA CYS W 424 13.90 -75.32 99.36
C CYS W 424 14.19 -75.34 100.85
N LEU W 425 15.40 -75.76 101.24
CA LEU W 425 15.76 -75.71 102.64
C LEU W 425 15.82 -74.27 103.16
N LYS W 426 16.24 -73.34 102.32
CA LYS W 426 16.23 -71.93 102.73
C LYS W 426 14.80 -71.43 102.97
N CYS W 427 13.86 -71.84 102.12
CA CYS W 427 12.46 -71.47 102.34
C CYS W 427 11.93 -72.10 103.62
N VAL W 428 12.31 -73.35 103.90
CA VAL W 428 11.89 -73.97 105.15
C VAL W 428 12.43 -73.19 106.34
N ASP W 429 13.69 -72.76 106.25
CA ASP W 429 14.27 -71.95 107.30
C ASP W 429 13.52 -70.63 107.47
N MET W 430 13.12 -70.00 106.35
CA MET W 430 12.39 -68.75 106.43
C MET W 430 11.03 -68.96 107.09
N VAL W 431 10.32 -70.03 106.72
CA VAL W 431 9.03 -70.32 107.34
C VAL W 431 9.20 -70.55 108.83
N ILE W 432 10.25 -71.29 109.22
CA ILE W 432 10.55 -71.45 110.64
C ILE W 432 10.74 -70.10 111.30
N SER W 433 11.60 -69.26 110.72
CA SER W 433 11.95 -67.99 111.34
C SER W 433 10.77 -67.06 111.43
N GLU W 434 9.76 -67.25 110.58
CA GLU W 434 8.62 -66.35 110.63
C GLU W 434 7.55 -66.86 111.60
N LEU W 435 7.24 -68.16 111.53
CA LEU W 435 6.24 -68.71 112.44
C LEU W 435 6.72 -68.65 113.88
N ILE W 436 8.01 -68.89 114.13
CA ILE W 436 8.47 -68.90 115.50
C ILE W 436 8.45 -67.49 116.09
N SER W 437 8.48 -66.47 115.23
CA SER W 437 8.28 -65.10 115.69
C SER W 437 6.82 -64.75 115.85
N THR W 438 5.94 -65.33 115.03
CA THR W 438 4.51 -65.11 115.22
C THR W 438 4.02 -65.72 116.53
N VAL W 439 4.56 -66.87 116.91
CA VAL W 439 4.24 -67.44 118.21
C VAL W 439 4.61 -66.46 119.32
N ARG W 440 5.78 -65.85 119.22
CA ARG W 440 6.18 -64.84 120.19
C ARG W 440 5.23 -63.65 120.16
N GLN W 441 4.80 -63.24 118.96
CA GLN W 441 3.89 -62.11 118.83
C GLN W 441 2.56 -62.38 119.49
N CYS W 442 2.10 -63.63 119.47
CA CYS W 442 0.81 -63.97 120.07
C CYS W 442 0.94 -64.49 121.50
N THR W 443 2.16 -64.60 122.02
CA THR W 443 2.35 -64.88 123.44
C THR W 443 2.78 -63.68 124.27
N LYS W 444 3.47 -62.71 123.67
CA LYS W 444 3.97 -61.59 124.45
C LYS W 444 2.84 -60.68 124.93
N LYS W 445 1.81 -60.48 124.10
CA LYS W 445 0.83 -59.45 124.40
C LYS W 445 -0.36 -59.97 125.20
N LEU W 446 -0.77 -61.22 124.97
CA LEU W 446 -1.85 -61.78 125.78
C LEU W 446 -1.38 -62.11 127.19
N GLN W 447 -0.14 -62.60 127.31
CA GLN W 447 0.34 -63.11 128.60
C GLN W 447 1.02 -61.99 129.37
N GLN W 448 0.29 -61.40 130.32
CA GLN W 448 0.94 -60.59 131.33
C GLN W 448 1.75 -61.45 132.29
N TYR W 449 1.38 -62.72 132.42
CA TYR W 449 2.00 -63.59 133.40
C TYR W 449 3.48 -63.78 133.07
N PRO W 450 4.36 -63.74 134.07
CA PRO W 450 5.74 -64.20 133.86
C PRO W 450 5.82 -65.71 133.97
N ARG W 451 6.76 -66.27 133.21
CA ARG W 451 7.09 -67.68 133.19
C ARG W 451 6.01 -68.50 132.49
N LEU W 452 4.84 -67.92 132.26
CA LEU W 452 3.82 -68.58 131.46
C LEU W 452 3.84 -68.12 130.02
N ARG W 453 4.48 -66.99 129.74
CA ARG W 453 4.91 -66.67 128.39
C ARG W 453 6.28 -67.25 128.09
N GLU W 454 6.89 -67.92 129.07
CA GLU W 454 8.17 -68.60 128.88
C GLU W 454 7.99 -70.09 128.64
N GLU W 455 7.25 -70.77 129.52
CA GLU W 455 6.99 -72.20 129.31
C GLU W 455 6.20 -72.43 128.03
N MET W 456 5.22 -71.58 127.75
CA MET W 456 4.42 -71.73 126.54
C MET W 456 5.28 -71.58 125.29
N GLU W 457 6.08 -70.51 125.24
CA GLU W 457 6.96 -70.31 124.10
C GLU W 457 7.97 -71.45 123.98
N ARG W 458 8.54 -71.89 125.09
CA ARG W 458 9.50 -72.98 125.06
C ARG W 458 8.89 -74.24 124.46
N ILE W 459 7.71 -74.63 124.96
CA ILE W 459 7.09 -75.87 124.48
C ILE W 459 6.75 -75.76 123.00
N VAL W 460 6.10 -74.67 122.60
CA VAL W 460 5.67 -74.55 121.21
C VAL W 460 6.89 -74.50 120.29
N THR W 461 7.93 -73.75 120.68
CA THR W 461 9.11 -73.63 119.84
C THR W 461 9.87 -74.94 119.74
N THR W 462 9.93 -75.71 120.83
CA THR W 462 10.57 -77.01 120.76
C THR W 462 9.79 -77.94 119.84
N HIS W 463 8.47 -77.88 119.87
CA HIS W 463 7.69 -78.71 118.94
C HIS W 463 7.96 -78.29 117.50
N ILE W 464 8.03 -76.98 117.24
CA ILE W 464 8.29 -76.50 115.88
C ILE W 464 9.66 -76.94 115.40
N ARG W 465 10.68 -76.83 116.26
CA ARG W 465 12.02 -77.24 115.88
C ARG W 465 12.18 -78.76 115.86
N GLU W 466 11.25 -79.50 116.46
CA GLU W 466 11.19 -80.93 116.22
C GLU W 466 10.59 -81.24 114.86
N ARG W 467 9.60 -80.45 114.44
CA ARG W 467 8.97 -80.69 113.15
C ARG W 467 9.84 -80.24 111.98
N GLU W 468 10.76 -79.30 112.21
CA GLU W 468 11.58 -78.83 111.10
C GLU W 468 12.47 -79.94 110.56
N GLY W 469 12.93 -80.84 111.45
CA GLY W 469 13.70 -81.98 110.97
C GLY W 469 12.92 -82.86 110.03
N ARG W 470 11.67 -83.19 110.41
CA ARG W 470 10.85 -84.03 109.56
C ARG W 470 10.55 -83.36 108.23
N THR W 471 10.23 -82.06 108.26
CA THR W 471 9.89 -81.43 106.98
C THR W 471 11.11 -81.27 106.08
N LYS W 472 12.29 -81.02 106.66
CA LYS W 472 13.51 -80.99 105.83
C LYS W 472 13.80 -82.37 105.26
N GLU W 473 13.60 -83.42 106.05
CA GLU W 473 13.77 -84.77 105.53
C GLU W 473 12.83 -85.04 104.36
N GLN W 474 11.57 -84.62 104.49
CA GLN W 474 10.62 -84.86 103.42
C GLN W 474 10.96 -84.06 102.17
N VAL W 475 11.46 -82.83 102.33
CA VAL W 475 11.86 -82.05 101.17
C VAL W 475 13.06 -82.71 100.47
N MET W 476 14.05 -83.15 101.24
CA MET W 476 15.19 -83.85 100.64
C MET W 476 14.73 -85.10 99.91
N LEU W 477 13.80 -85.85 100.51
CA LEU W 477 13.34 -87.08 99.88
C LEU W 477 12.49 -86.79 98.65
N LEU W 478 11.79 -85.66 98.62
CA LEU W 478 11.11 -85.24 97.41
C LEU W 478 12.11 -84.96 96.30
N ILE W 479 13.21 -84.29 96.62
CA ILE W 479 14.24 -84.05 95.62
C ILE W 479 14.83 -85.38 95.14
N ASP W 480 15.12 -86.28 96.06
CA ASP W 480 15.68 -87.58 95.70
C ASP W 480 14.70 -88.44 94.92
N ILE W 481 13.39 -88.21 95.05
CA ILE W 481 12.43 -88.83 94.14
C ILE W 481 12.49 -88.17 92.77
N GLU W 482 12.64 -86.86 92.71
CA GLU W 482 12.68 -86.20 91.41
C GLU W 482 13.99 -86.48 90.67
N LEU W 483 14.98 -87.05 91.35
CA LEU W 483 16.16 -87.62 90.68
C LEU W 483 16.03 -89.12 90.43
N ALA W 484 14.85 -89.63 90.06
CA ALA W 484 14.70 -91.07 89.87
C ALA W 484 14.28 -91.47 88.47
N TYR W 485 13.32 -90.79 87.87
CA TYR W 485 12.80 -91.31 86.60
C TYR W 485 12.95 -90.37 85.43
N MET W 486 12.81 -89.06 85.64
CA MET W 486 12.98 -88.05 84.59
C MET W 486 12.01 -88.32 83.43
N ASN W 487 10.72 -88.17 83.75
CA ASN W 487 9.68 -88.54 82.81
C ASN W 487 9.71 -87.66 81.56
N THR W 488 9.21 -88.22 80.47
CA THR W 488 9.05 -87.48 79.22
C THR W 488 7.64 -87.57 78.67
N ASN W 489 6.81 -88.48 79.19
CA ASN W 489 5.42 -88.57 78.78
C ASN W 489 4.59 -87.38 79.22
N HIS W 490 5.14 -86.51 80.07
CA HIS W 490 4.43 -85.31 80.52
C HIS W 490 4.37 -84.30 79.38
N GLU W 491 3.88 -83.11 79.67
CA GLU W 491 3.63 -82.07 78.68
C GLU W 491 4.88 -81.37 78.19
N ASP W 492 6.10 -81.84 78.46
CA ASP W 492 7.24 -81.32 77.74
C ASP W 492 7.22 -81.83 76.30
N PHE W 493 7.58 -80.95 75.37
CA PHE W 493 7.56 -81.33 73.96
C PHE W 493 8.82 -82.13 73.61
N ILE W 494 8.62 -83.22 72.88
CA ILE W 494 9.71 -84.11 72.51
C ILE W 494 10.36 -83.66 71.21
N ASP W 652 31.44 -78.25 63.40
CA ASP W 652 30.12 -78.65 63.87
C ASP W 652 29.77 -80.09 63.48
N PRO W 653 30.57 -81.04 63.94
CA PRO W 653 30.35 -82.43 63.53
C PRO W 653 29.18 -83.05 64.26
N GLN W 654 27.96 -82.71 63.81
CA GLN W 654 26.70 -83.13 64.44
C GLN W 654 26.57 -82.52 65.83
N LEU W 655 27.59 -81.78 66.27
CA LEU W 655 27.53 -81.18 67.60
C LEU W 655 26.50 -80.07 67.65
N GLU W 656 26.53 -79.15 66.69
CA GLU W 656 25.51 -78.10 66.67
C GLU W 656 24.11 -78.63 66.45
N ARG W 657 23.97 -79.94 66.25
CA ARG W 657 22.67 -80.60 66.19
C ARG W 657 22.31 -81.31 67.49
N GLN W 658 23.30 -81.92 68.15
CA GLN W 658 23.07 -82.69 69.36
C GLN W 658 23.10 -81.82 70.62
N VAL W 659 24.13 -81.00 70.77
CA VAL W 659 24.30 -80.19 71.98
C VAL W 659 23.13 -79.20 72.11
N GLU W 660 22.73 -78.56 71.01
CA GLU W 660 21.64 -77.60 71.07
C GLU W 660 20.31 -78.28 71.39
N THR W 661 20.08 -79.46 70.80
CA THR W 661 18.86 -80.20 71.11
C THR W 661 18.82 -80.60 72.57
N ILE W 662 19.95 -81.08 73.10
CA ILE W 662 19.99 -81.47 74.51
C ILE W 662 19.73 -80.25 75.40
N ARG W 663 20.30 -79.10 75.06
CA ARG W 663 20.05 -77.90 75.86
C ARG W 663 18.58 -77.50 75.80
N ASN W 664 17.99 -77.51 74.61
CA ASN W 664 16.60 -77.09 74.47
C ASN W 664 15.61 -78.09 75.02
N LEU W 665 16.06 -79.31 75.33
CA LEU W 665 15.22 -80.23 76.07
C LEU W 665 15.45 -80.15 77.58
N VAL W 666 16.68 -79.89 78.01
CA VAL W 666 16.94 -79.67 79.43
C VAL W 666 16.16 -78.47 79.92
N ASP W 667 16.13 -77.39 79.14
CA ASP W 667 15.34 -76.24 79.56
C ASP W 667 13.85 -76.58 79.63
N SER W 668 13.36 -77.34 78.64
CA SER W 668 11.95 -77.70 78.59
C SER W 668 11.56 -78.61 79.75
N TYR W 669 12.51 -79.36 80.31
CA TYR W 669 12.19 -80.15 81.49
C TYR W 669 12.48 -79.42 82.79
N MET W 670 13.40 -78.46 82.79
CA MET W 670 13.59 -77.63 83.97
C MET W 670 12.37 -76.77 84.24
N ALA W 671 11.71 -76.30 83.19
CA ALA W 671 10.46 -75.60 83.39
C ALA W 671 9.48 -76.46 84.19
N ILE W 672 9.32 -77.73 83.79
CA ILE W 672 8.34 -78.59 84.43
C ILE W 672 8.77 -78.96 85.85
N VAL W 673 10.04 -79.26 86.06
CA VAL W 673 10.45 -79.65 87.40
C VAL W 673 10.36 -78.45 88.35
N ASN W 674 10.70 -77.26 87.87
CA ASN W 674 10.53 -76.07 88.69
C ASN W 674 9.05 -75.84 89.03
N LYS W 675 8.17 -76.02 88.05
CA LYS W 675 6.75 -75.84 88.33
C LYS W 675 6.25 -76.84 89.35
N THR W 676 6.64 -78.11 89.21
CA THR W 676 6.14 -79.14 90.11
C THR W 676 6.88 -79.17 91.45
N VAL W 677 7.91 -78.36 91.62
CA VAL W 677 8.48 -78.22 92.96
C VAL W 677 7.88 -76.98 93.61
N ARG W 678 7.58 -75.94 92.82
CA ARG W 678 6.94 -74.76 93.39
C ARG W 678 5.51 -75.07 93.81
N ASP W 679 4.81 -75.92 93.07
CA ASP W 679 3.43 -76.26 93.40
C ASP W 679 3.34 -77.25 94.55
N LEU W 680 4.45 -77.90 94.93
CA LEU W 680 4.40 -78.97 95.91
C LEU W 680 5.18 -78.67 97.19
N MET W 681 6.13 -77.75 97.18
CA MET W 681 6.94 -77.53 98.37
C MET W 681 6.16 -76.80 99.47
N PRO W 682 5.29 -75.84 99.15
CA PRO W 682 4.41 -75.32 100.21
C PRO W 682 3.54 -76.40 100.86
N LYS W 683 3.02 -77.33 100.06
CA LYS W 683 2.11 -78.33 100.61
C LYS W 683 2.81 -79.22 101.63
N THR W 684 4.05 -79.63 101.34
CA THR W 684 4.72 -80.56 102.25
C THR W 684 5.07 -79.91 103.58
N ILE W 685 5.59 -78.68 103.53
CA ILE W 685 5.90 -78.00 104.78
C ILE W 685 4.63 -77.72 105.55
N MET W 686 3.55 -77.38 104.86
CA MET W 686 2.35 -76.98 105.57
C MET W 686 1.48 -78.15 105.97
N HIS W 687 1.82 -79.36 105.53
CA HIS W 687 1.25 -80.56 106.12
C HIS W 687 2.09 -81.15 107.24
N LEU W 688 3.41 -80.96 107.21
CA LEU W 688 4.26 -81.54 108.24
C LEU W 688 4.52 -80.59 109.40
N MET W 689 4.38 -79.28 109.19
CA MET W 689 4.70 -78.29 110.20
C MET W 689 3.49 -77.48 110.63
N ILE W 690 2.83 -76.80 109.69
CA ILE W 690 1.75 -75.89 110.05
C ILE W 690 0.60 -76.66 110.67
N ASN W 691 0.01 -77.57 109.90
CA ASN W 691 -1.15 -78.33 110.32
C ASN W 691 -0.81 -79.42 111.31
N ASN W 692 0.43 -79.48 111.78
CA ASN W 692 0.77 -80.36 112.88
C ASN W 692 1.06 -79.61 114.16
N THR W 693 1.76 -78.48 114.11
CA THR W 693 1.90 -77.66 115.30
C THR W 693 0.57 -77.02 115.67
N LYS W 694 -0.29 -76.75 114.68
CA LYS W 694 -1.62 -76.24 114.99
C LYS W 694 -2.44 -77.30 115.73
N GLU W 695 -2.37 -78.55 115.27
CA GLU W 695 -3.06 -79.63 115.97
C GLU W 695 -2.47 -79.83 117.37
N PHE W 696 -1.15 -79.70 117.49
CA PHE W 696 -0.51 -79.81 118.80
C PHE W 696 -1.01 -78.73 119.74
N ILE W 697 -1.18 -77.51 119.22
CA ILE W 697 -1.74 -76.41 120.01
C ILE W 697 -3.16 -76.73 120.45
N PHE W 698 -3.98 -77.28 119.54
CA PHE W 698 -5.32 -77.71 119.98
C PHE W 698 -5.25 -78.74 121.10
N SER W 699 -4.49 -79.81 120.91
CA SER W 699 -4.81 -81.04 121.63
C SER W 699 -3.72 -81.55 122.57
N GLU W 700 -2.60 -80.87 122.71
CA GLU W 700 -1.57 -81.37 123.61
C GLU W 700 -0.92 -80.29 124.47
N LEU W 701 -1.14 -79.01 124.21
CA LEU W 701 -0.40 -77.96 124.91
C LEU W 701 -0.69 -77.97 126.40
N LEU W 702 -1.94 -78.17 126.80
CA LEU W 702 -2.25 -78.18 128.22
C LEU W 702 -1.68 -79.40 128.92
N ALA W 703 -1.66 -80.55 128.23
CA ALA W 703 -1.22 -81.79 128.88
C ALA W 703 0.23 -81.70 129.34
N ASN W 704 1.11 -81.20 128.48
CA ASN W 704 2.51 -81.05 128.88
C ASN W 704 2.77 -79.75 129.59
N LEU W 705 1.91 -78.74 129.43
CA LEU W 705 2.05 -77.52 130.18
C LEU W 705 1.79 -77.76 131.67
N TYR W 706 0.84 -78.65 131.98
CA TYR W 706 0.66 -79.08 133.36
C TYR W 706 1.90 -79.76 133.91
N SER W 707 2.60 -80.52 133.08
CA SER W 707 3.70 -81.36 133.56
C SER W 707 5.00 -80.57 133.72
N CYS W 708 5.27 -79.63 132.83
CA CYS W 708 6.51 -78.87 132.90
C CYS W 708 6.46 -77.90 134.07
N GLY W 709 7.54 -77.87 134.84
CA GLY W 709 7.63 -76.98 135.98
C GLY W 709 6.94 -77.54 137.21
N ASP W 710 6.51 -76.62 138.08
CA ASP W 710 5.91 -76.99 139.35
C ASP W 710 4.41 -77.26 139.24
N GLN W 711 3.73 -76.59 138.30
CA GLN W 711 2.27 -76.60 138.17
C GLN W 711 1.65 -75.83 139.33
N ASN W 712 2.48 -75.42 140.30
CA ASN W 712 2.04 -74.61 141.42
C ASN W 712 2.70 -73.25 141.44
N THR W 713 4.04 -73.20 141.34
CA THR W 713 4.74 -71.92 141.18
C THR W 713 4.84 -71.55 139.71
N LEU W 714 3.70 -71.65 139.03
CA LEU W 714 3.53 -71.20 137.67
C LEU W 714 2.39 -70.19 137.68
N MET W 715 2.33 -69.35 136.64
CA MET W 715 1.35 -68.27 136.53
C MET W 715 1.29 -67.46 137.84
N GLU W 716 2.48 -67.06 138.29
CA GLU W 716 2.61 -66.15 139.42
C GLU W 716 2.46 -64.73 138.92
N GLU W 717 1.77 -63.90 139.70
CA GLU W 717 1.51 -62.53 139.28
C GLU W 717 2.80 -61.76 139.13
N SER W 718 2.99 -61.14 137.97
CA SER W 718 4.08 -60.19 137.80
C SER W 718 3.86 -59.00 138.76
N ALA W 719 4.97 -58.43 139.22
CA ALA W 719 4.88 -57.31 140.16
C ALA W 719 4.00 -56.20 139.62
N GLU W 720 4.00 -55.99 138.30
CA GLU W 720 3.12 -54.99 137.70
C GLU W 720 1.66 -55.33 137.96
N GLN W 721 1.27 -56.59 137.76
CA GLN W 721 -0.11 -56.98 138.02
C GLN W 721 -0.43 -56.94 139.51
N ALA W 722 0.54 -57.29 140.35
CA ALA W 722 0.31 -57.26 141.79
C ALA W 722 0.04 -55.84 142.28
N GLN W 723 0.77 -54.86 141.76
CA GLN W 723 0.52 -53.48 142.13
C GLN W 723 -0.63 -52.85 141.34
N ARG W 724 -1.07 -53.50 140.26
CA ARG W 724 -2.21 -53.00 139.50
C ARG W 724 -3.53 -53.42 140.14
N ARG W 725 -3.61 -54.66 140.63
CA ARG W 725 -4.84 -55.12 141.25
C ARG W 725 -5.18 -54.30 142.48
N ASP W 726 -4.17 -53.96 143.28
CA ASP W 726 -4.43 -53.20 144.50
C ASP W 726 -5.04 -51.84 144.19
N GLU W 727 -4.48 -51.13 143.21
CA GLU W 727 -5.01 -49.82 142.86
C GLU W 727 -6.38 -49.95 142.19
N MET W 728 -6.59 -50.97 141.38
CA MET W 728 -7.89 -51.15 140.75
C MET W 728 -8.95 -51.61 141.74
N LEU W 729 -8.57 -52.09 142.91
CA LEU W 729 -9.52 -52.41 143.96
C LEU W 729 -9.81 -51.20 144.85
N ARG W 730 -8.77 -50.42 145.18
CA ARG W 730 -9.03 -49.22 145.96
C ARG W 730 -9.83 -48.21 145.15
N MET W 731 -9.67 -48.19 143.82
CA MET W 731 -10.51 -47.33 143.01
C MET W 731 -11.95 -47.80 143.02
N TYR W 732 -12.19 -49.12 143.08
CA TYR W 732 -13.54 -49.63 143.25
C TYR W 732 -14.14 -49.13 144.56
N HIS W 733 -13.37 -49.24 145.65
CA HIS W 733 -13.86 -48.76 146.94
C HIS W 733 -14.17 -47.27 146.91
N ALA W 734 -13.28 -46.48 146.29
CA ALA W 734 -13.50 -45.04 146.22
C ALA W 734 -14.72 -44.69 145.38
N LEU W 735 -14.93 -45.39 144.27
CA LEU W 735 -16.11 -45.15 143.46
C LEU W 735 -17.39 -45.51 144.21
N LYS W 736 -17.36 -46.61 144.96
CA LYS W 736 -18.51 -46.97 145.78
C LYS W 736 -18.81 -45.88 146.80
N GLU W 737 -17.76 -45.36 147.44
CA GLU W 737 -17.96 -44.29 148.42
C GLU W 737 -18.51 -43.02 147.78
N ALA W 738 -18.02 -42.68 146.59
CA ALA W 738 -18.52 -41.50 145.90
C ALA W 738 -20.00 -41.64 145.56
N LEU W 739 -20.40 -42.81 145.07
CA LEU W 739 -21.81 -43.04 144.80
C LEU W 739 -22.64 -42.99 146.07
N SER W 740 -22.10 -43.51 147.18
CA SER W 740 -22.81 -43.41 148.45
C SER W 740 -23.02 -41.96 148.86
N ILE W 741 -22.00 -41.12 148.67
CA ILE W 741 -22.13 -39.71 149.02
C ILE W 741 -23.12 -39.01 148.11
N ILE W 742 -23.13 -39.36 146.83
CA ILE W 742 -24.11 -38.77 145.91
C ILE W 742 -25.52 -39.14 146.34
N GLY W 743 -25.74 -40.40 146.71
CA GLY W 743 -27.04 -40.80 147.23
C GLY W 743 -27.41 -40.05 148.49
N ASN W 744 -26.45 -39.87 149.40
CA ASN W 744 -26.74 -39.16 150.64
C ASN W 744 -27.11 -37.70 150.38
N ILE W 745 -26.40 -37.04 149.46
CA ILE W 745 -26.71 -35.64 149.18
C ILE W 745 -28.04 -35.51 148.43
N ASN W 746 -28.39 -36.51 147.60
CA ASN W 746 -29.71 -36.50 146.97
C ASN W 746 -30.80 -36.68 148.02
N THR W 747 -30.55 -37.53 149.02
CA THR W 747 -31.48 -37.63 150.14
C THR W 747 -31.60 -36.30 150.88
N THR W 748 -30.47 -35.63 151.10
CA THR W 748 -30.41 -34.33 151.76
C THR W 748 -31.08 -34.36 153.13
N ASN X 3 -63.13 87.58 134.88
CA ASN X 3 -61.68 87.54 135.03
C ASN X 3 -61.04 88.83 134.52
N ARG X 4 -60.08 89.34 135.29
CA ARG X 4 -59.44 90.62 134.97
C ARG X 4 -58.47 90.51 133.80
N GLY X 5 -58.00 89.30 133.49
CA GLY X 5 -57.12 89.14 132.35
C GLY X 5 -57.76 89.58 131.06
N MET X 6 -59.08 89.37 130.93
CA MET X 6 -59.75 89.75 129.70
C MET X 6 -60.00 91.27 129.66
N GLU X 7 -60.25 91.88 130.82
CA GLU X 7 -60.23 93.35 130.90
C GLU X 7 -58.89 93.92 130.50
N ASP X 8 -57.80 93.20 130.76
CA ASP X 8 -56.48 93.68 130.36
C ASP X 8 -56.35 93.74 128.84
N LEU X 9 -57.14 92.95 128.12
CA LEU X 9 -57.01 92.86 126.67
C LEU X 9 -58.12 93.55 125.89
N ILE X 10 -59.26 93.84 126.51
CA ILE X 10 -60.34 94.51 125.78
C ILE X 10 -59.93 95.83 125.16
N PRO X 11 -59.15 96.71 125.81
CA PRO X 11 -58.86 97.99 125.14
C PRO X 11 -57.93 97.83 123.95
N LEU X 12 -56.95 96.92 124.02
CA LEU X 12 -56.00 96.77 122.93
C LEU X 12 -56.59 96.09 121.70
N VAL X 13 -57.80 95.54 121.81
CA VAL X 13 -58.48 94.96 120.65
C VAL X 13 -59.59 95.89 120.21
N ASN X 14 -60.19 96.60 121.17
CA ASN X 14 -61.25 97.54 120.86
C ASN X 14 -60.69 98.77 120.14
N ARG X 15 -59.47 99.16 120.47
CA ARG X 15 -58.80 100.26 119.78
C ARG X 15 -58.26 99.81 118.42
N LEU X 16 -58.16 98.50 118.20
CA LEU X 16 -57.53 97.93 117.02
C LEU X 16 -58.55 97.59 115.93
N GLN X 17 -59.48 96.70 116.26
CA GLN X 17 -60.43 96.20 115.26
C GLN X 17 -61.35 97.32 114.77
N ASP X 18 -61.68 98.27 115.64
CA ASP X 18 -62.51 99.38 115.21
C ASP X 18 -61.83 100.17 114.10
N ALA X 19 -60.51 100.38 114.23
CA ALA X 19 -59.79 101.10 113.18
C ALA X 19 -59.66 100.27 111.91
N PHE X 20 -59.24 99.01 112.05
CA PHE X 20 -59.10 98.16 110.86
C PHE X 20 -60.43 97.92 110.15
N SER X 21 -61.56 98.13 110.82
CA SER X 21 -62.85 98.05 110.16
C SER X 21 -63.38 99.40 109.73
N ALA X 22 -62.90 100.49 110.34
CA ALA X 22 -63.26 101.84 109.89
C ALA X 22 -62.57 102.18 108.58
N ILE X 23 -61.40 101.61 108.33
CA ILE X 23 -60.79 101.77 107.01
C ILE X 23 -61.60 101.06 105.93
N GLY X 24 -62.58 100.25 106.31
CA GLY X 24 -63.44 99.56 105.37
C GLY X 24 -62.94 98.23 104.88
N GLN X 25 -61.67 97.91 105.09
CA GLN X 25 -61.13 96.64 104.63
C GLN X 25 -61.63 95.50 105.50
N ASN X 26 -61.67 94.30 104.91
CA ASN X 26 -61.99 93.10 105.66
C ASN X 26 -60.76 92.57 106.39
N ALA X 27 -60.07 93.44 107.12
CA ALA X 27 -58.94 93.05 107.93
C ALA X 27 -59.42 92.61 109.30
N ASP X 28 -58.90 91.48 109.77
CA ASP X 28 -59.39 90.90 111.02
C ASP X 28 -58.24 90.30 111.79
N LEU X 29 -58.43 90.19 113.10
CA LEU X 29 -57.41 89.61 113.97
C LEU X 29 -57.49 88.09 113.99
N ASP X 30 -58.71 87.55 113.97
CA ASP X 30 -58.95 86.11 114.06
C ASP X 30 -58.37 85.54 115.35
N LEU X 31 -58.94 85.97 116.46
CA LEU X 31 -58.61 85.37 117.75
C LEU X 31 -58.91 83.88 117.70
N PRO X 32 -57.98 83.02 118.09
CA PRO X 32 -58.24 81.58 118.03
C PRO X 32 -59.40 81.20 118.93
N GLN X 33 -60.15 80.19 118.48
CA GLN X 33 -61.29 79.70 119.24
C GLN X 33 -60.84 78.58 120.17
N ILE X 34 -61.47 78.51 121.34
CA ILE X 34 -61.05 77.62 122.40
C ILE X 34 -61.97 76.41 122.42
N ALA X 35 -61.43 75.24 122.10
CA ALA X 35 -62.15 73.98 122.21
C ALA X 35 -61.48 73.10 123.25
N VAL X 36 -62.25 72.20 123.85
CA VAL X 36 -61.76 71.29 124.87
C VAL X 36 -62.06 69.86 124.44
N VAL X 37 -61.09 68.97 124.63
CA VAL X 37 -61.23 67.58 124.26
C VAL X 37 -60.81 66.72 125.45
N GLY X 38 -61.25 65.47 125.43
CA GLY X 38 -60.92 64.54 126.48
C GLY X 38 -61.99 63.47 126.61
N GLY X 39 -61.81 62.60 127.59
CA GLY X 39 -62.78 61.57 127.87
C GLY X 39 -63.91 62.07 128.73
N GLN X 40 -64.92 61.21 128.87
CA GLN X 40 -66.08 61.57 129.68
C GLN X 40 -65.67 61.78 131.14
N SER X 41 -66.35 62.72 131.79
CA SER X 41 -66.12 63.05 133.19
C SER X 41 -64.70 63.55 133.45
N ALA X 42 -64.13 64.23 132.46
CA ALA X 42 -62.83 64.88 132.66
C ALA X 42 -62.95 66.27 133.29
N GLY X 43 -64.15 66.85 133.29
CA GLY X 43 -64.35 68.16 133.88
C GLY X 43 -64.27 69.33 132.92
N LYS X 44 -64.55 69.10 131.63
CA LYS X 44 -64.35 70.14 130.63
C LYS X 44 -65.30 71.31 130.85
N SER X 45 -66.57 71.02 131.12
CA SER X 45 -67.53 72.10 131.34
C SER X 45 -67.15 72.93 132.56
N SER X 46 -66.67 72.29 133.62
CA SER X 46 -66.21 73.03 134.78
C SER X 46 -64.91 73.79 134.52
N VAL X 47 -64.12 73.35 133.54
CA VAL X 47 -62.96 74.14 133.15
C VAL X 47 -63.40 75.42 132.43
N LEU X 48 -64.33 75.28 131.49
CA LEU X 48 -64.81 76.47 130.77
C LEU X 48 -65.51 77.44 131.71
N GLU X 49 -66.34 76.93 132.62
CA GLU X 49 -66.99 77.79 133.59
C GLU X 49 -65.98 78.61 134.38
N ASN X 50 -64.90 77.98 134.83
CA ASN X 50 -63.92 78.69 135.63
C ASN X 50 -63.06 79.63 134.79
N PHE X 51 -62.81 79.28 133.54
CA PHE X 51 -62.08 80.19 132.66
C PHE X 51 -62.88 81.45 132.39
N VAL X 52 -64.19 81.32 132.19
CA VAL X 52 -65.03 82.50 131.99
C VAL X 52 -65.15 83.29 133.29
N GLY X 53 -65.67 82.65 134.34
CA GLY X 53 -65.82 83.31 135.62
C GLY X 53 -67.25 83.37 136.11
N ARG X 54 -68.16 82.70 135.40
CA ARG X 54 -69.57 82.71 135.75
C ARG X 54 -70.13 81.30 135.60
N ASP X 55 -71.19 81.02 136.37
CA ASP X 55 -71.74 79.67 136.48
C ASP X 55 -72.91 79.55 135.52
N PHE X 56 -72.62 79.10 134.29
CA PHE X 56 -73.66 79.01 133.27
C PHE X 56 -73.53 77.75 132.44
N LEU X 57 -73.02 76.66 133.02
CA LEU X 57 -72.85 75.43 132.27
C LEU X 57 -73.36 74.25 133.09
N PRO X 58 -73.81 73.19 132.42
CA PRO X 58 -74.24 71.99 133.15
C PRO X 58 -73.07 71.07 133.43
N ARG X 59 -73.13 70.43 134.61
CA ARG X 59 -72.07 69.50 135.00
C ARG X 59 -72.63 68.55 136.04
N GLY X 60 -71.99 67.39 136.15
CA GLY X 60 -72.39 66.41 137.15
C GLY X 60 -71.80 65.06 136.81
N SER X 61 -72.09 64.10 137.70
CA SER X 61 -71.67 62.74 137.46
C SER X 61 -72.41 62.16 136.26
N GLY X 62 -71.85 61.11 135.68
CA GLY X 62 -72.43 60.58 134.47
C GLY X 62 -72.17 61.51 133.30
N ILE X 63 -72.96 61.32 132.24
CA ILE X 63 -72.85 62.11 131.03
C ILE X 63 -73.72 63.35 131.16
N VAL X 64 -73.11 64.52 130.97
CA VAL X 64 -73.82 65.79 131.14
C VAL X 64 -73.75 66.60 129.86
N THR X 65 -72.55 66.97 129.45
CA THR X 65 -72.38 67.75 128.23
C THR X 65 -72.70 66.87 127.04
N ARG X 66 -73.96 66.88 126.62
CA ARG X 66 -74.46 65.92 125.65
C ARG X 66 -74.57 66.49 124.24
N ARG X 67 -74.49 67.81 124.09
CA ARG X 67 -74.52 68.48 122.80
C ARG X 67 -73.42 69.52 122.75
N PRO X 68 -72.74 69.67 121.62
CA PRO X 68 -71.71 70.72 121.51
C PRO X 68 -72.31 72.08 121.77
N LEU X 69 -71.57 72.92 122.50
CA LEU X 69 -72.02 74.24 122.85
C LEU X 69 -71.04 75.25 122.28
N VAL X 70 -71.50 76.09 121.37
CA VAL X 70 -70.69 77.15 120.79
C VAL X 70 -71.05 78.42 121.54
N LEU X 71 -70.32 78.68 122.61
CA LEU X 71 -70.42 79.94 123.32
C LEU X 71 -69.67 81.01 122.55
N GLN X 72 -70.26 82.20 122.49
CA GLN X 72 -69.62 83.35 121.87
C GLN X 72 -69.69 84.51 122.87
N LEU X 73 -68.56 84.82 123.47
CA LEU X 73 -68.45 86.02 124.26
C LEU X 73 -68.33 87.21 123.32
N VAL X 74 -69.17 88.21 123.52
CA VAL X 74 -69.20 89.39 122.66
C VAL X 74 -69.21 90.64 123.53
N ASN X 75 -68.29 91.57 123.23
CA ASN X 75 -68.21 92.81 123.96
C ASN X 75 -69.41 93.70 123.61
N ALA X 76 -70.10 94.18 124.64
CA ALA X 76 -71.30 94.97 124.44
C ALA X 76 -71.44 95.95 125.61
N THR X 77 -72.60 96.60 125.68
CA THR X 77 -72.83 97.62 126.70
C THR X 77 -73.13 97.00 128.06
N THR X 78 -74.20 96.22 128.13
CA THR X 78 -74.66 95.61 129.38
C THR X 78 -74.44 94.10 129.36
N GLU X 79 -74.69 93.49 130.51
CA GLU X 79 -74.49 92.06 130.71
C GLU X 79 -75.81 91.32 130.47
N TYR X 80 -75.80 90.39 129.52
CA TYR X 80 -76.91 89.49 129.30
C TYR X 80 -76.43 88.36 128.40
N ALA X 81 -77.33 87.43 128.10
CA ALA X 81 -77.00 86.30 127.24
C ALA X 81 -78.25 85.84 126.52
N GLU X 82 -78.08 85.38 125.29
CA GLU X 82 -79.21 84.89 124.49
C GLU X 82 -78.81 83.65 123.73
N PHE X 83 -79.76 82.72 123.64
CA PHE X 83 -79.61 81.54 122.80
C PHE X 83 -79.91 81.91 121.35
N LEU X 84 -79.97 80.89 120.50
CA LEU X 84 -80.30 81.08 119.09
C LEU X 84 -81.67 80.52 118.73
N HIS X 85 -82.05 79.39 119.34
CA HIS X 85 -83.37 78.82 119.09
C HIS X 85 -84.50 79.65 119.68
N CYS X 86 -84.19 80.61 120.56
CA CYS X 86 -85.17 81.44 121.24
C CYS X 86 -84.84 82.91 121.06
N LYS X 87 -84.64 83.31 119.81
CA LYS X 87 -84.22 84.68 119.48
C LYS X 87 -85.06 85.71 120.22
N GLY X 88 -84.39 86.76 120.71
CA GLY X 88 -85.03 87.83 121.42
C GLY X 88 -85.24 87.60 122.90
N LYS X 89 -85.10 86.35 123.37
CA LYS X 89 -85.28 86.04 124.78
C LYS X 89 -83.94 86.25 125.48
N LYS X 90 -83.72 87.45 126.00
CA LYS X 90 -82.47 87.78 126.69
C LYS X 90 -82.48 87.16 128.07
N PHE X 91 -81.37 86.51 128.44
CA PHE X 91 -81.22 85.87 129.73
C PHE X 91 -80.23 86.64 130.58
N THR X 92 -80.65 86.96 131.80
CA THR X 92 -79.77 87.57 132.79
C THR X 92 -79.52 86.68 134.00
N ASP X 93 -80.42 85.75 134.29
CA ASP X 93 -80.27 84.83 135.42
C ASP X 93 -79.52 83.60 134.94
N PHE X 94 -78.27 83.46 135.39
CA PHE X 94 -77.44 82.35 134.94
C PHE X 94 -77.96 81.01 135.39
N GLU X 95 -78.74 80.95 136.47
CA GLU X 95 -79.43 79.72 136.82
C GLU X 95 -80.44 79.33 135.75
N GLU X 96 -81.18 80.33 135.23
CA GLU X 96 -82.07 80.06 134.11
C GLU X 96 -81.29 79.63 132.88
N VAL X 97 -80.13 80.23 132.64
CA VAL X 97 -79.29 79.80 131.50
C VAL X 97 -78.89 78.34 131.66
N ARG X 98 -78.47 77.95 132.87
CA ARG X 98 -78.04 76.58 133.12
C ARG X 98 -79.20 75.60 132.95
N LEU X 99 -80.38 75.97 133.45
CA LEU X 99 -81.54 75.09 133.28
C LEU X 99 -81.92 74.97 131.80
N GLU X 100 -81.93 76.10 131.08
CA GLU X 100 -82.38 76.07 129.70
C GLU X 100 -81.41 75.33 128.80
N ILE X 101 -80.10 75.40 129.09
CA ILE X 101 -79.15 74.72 128.22
C ILE X 101 -79.36 73.20 128.28
N GLU X 102 -79.58 72.65 129.48
CA GLU X 102 -79.84 71.21 129.54
C GLU X 102 -81.25 70.87 129.07
N ALA X 103 -82.20 71.80 129.22
CA ALA X 103 -83.52 71.57 128.64
C ALA X 103 -83.45 71.45 127.12
N GLU X 104 -82.68 72.33 126.48
CA GLU X 104 -82.46 72.19 125.04
C GLU X 104 -81.63 70.95 124.73
N THR X 105 -80.72 70.59 125.62
CA THR X 105 -79.87 69.42 125.40
C THR X 105 -80.70 68.15 125.32
N ASP X 106 -81.65 67.97 126.23
CA ASP X 106 -82.46 66.76 126.19
C ASP X 106 -83.72 66.91 125.33
N ARG X 107 -84.09 68.14 124.93
CA ARG X 107 -85.23 68.33 124.05
C ARG X 107 -84.99 67.73 122.67
N VAL X 108 -83.75 67.43 122.31
CA VAL X 108 -83.43 66.89 121.00
C VAL X 108 -83.08 65.41 121.05
N THR X 109 -82.44 64.96 122.12
CA THR X 109 -81.94 63.59 122.21
C THR X 109 -82.72 62.71 123.17
N GLY X 110 -83.41 63.28 124.14
CA GLY X 110 -84.08 62.51 125.17
C GLY X 110 -83.26 62.45 126.44
N THR X 111 -83.67 61.53 127.31
CA THR X 111 -83.01 61.32 128.59
C THR X 111 -82.18 60.03 128.59
N ASN X 112 -82.06 59.38 127.43
CA ASN X 112 -81.40 58.09 127.33
C ASN X 112 -79.97 58.23 126.80
N LYS X 113 -79.32 59.36 127.11
CA LYS X 113 -77.90 59.55 126.87
C LYS X 113 -77.49 59.44 125.40
N GLY X 114 -78.40 59.73 124.47
CA GLY X 114 -78.02 59.85 123.08
C GLY X 114 -77.51 61.25 122.76
N ILE X 115 -76.75 61.38 121.68
CA ILE X 115 -76.16 62.67 121.36
C ILE X 115 -76.56 63.08 119.95
N SER X 116 -76.37 64.37 119.67
CA SER X 116 -76.72 64.98 118.41
C SER X 116 -75.56 65.85 117.96
N PRO X 117 -75.11 65.72 116.71
CA PRO X 117 -73.97 66.51 116.25
C PRO X 117 -74.35 67.92 115.82
N VAL X 118 -75.55 68.36 116.17
CA VAL X 118 -76.04 69.69 115.83
C VAL X 118 -75.69 70.63 116.99
N PRO X 119 -74.84 71.64 116.79
CA PRO X 119 -74.39 72.47 117.91
C PRO X 119 -75.50 73.27 118.56
N ILE X 120 -75.17 73.96 119.64
CA ILE X 120 -76.07 74.86 120.34
C ILE X 120 -75.34 76.19 120.41
N ASN X 121 -75.77 77.16 119.61
CA ASN X 121 -75.16 78.47 119.67
C ASN X 121 -75.66 79.23 120.88
N LEU X 122 -74.77 80.03 121.47
CA LEU X 122 -75.11 80.85 122.63
C LEU X 122 -74.24 82.09 122.55
N ARG X 123 -74.79 83.24 122.90
CA ARG X 123 -74.02 84.49 122.86
C ARG X 123 -74.18 85.22 124.17
N VAL X 124 -73.06 85.43 124.87
CA VAL X 124 -73.05 86.22 126.10
C VAL X 124 -72.49 87.59 125.76
N TYR X 125 -73.34 88.61 125.85
CA TYR X 125 -72.93 89.98 125.60
C TYR X 125 -72.60 90.64 126.93
N SER X 126 -71.40 91.21 127.01
CA SER X 126 -70.95 91.82 128.26
C SER X 126 -69.81 92.77 127.96
N PRO X 127 -69.65 93.82 128.77
CA PRO X 127 -68.45 94.67 128.62
C PRO X 127 -67.18 94.01 129.12
N HIS X 128 -67.27 92.83 129.71
CA HIS X 128 -66.13 92.16 130.33
C HIS X 128 -65.63 90.98 129.51
N VAL X 129 -65.97 90.91 128.24
CA VAL X 129 -65.57 89.79 127.39
C VAL X 129 -65.04 90.32 126.06
N LEU X 130 -64.19 89.49 125.44
CA LEU X 130 -63.71 89.75 124.09
C LEU X 130 -64.75 89.26 123.08
N ASN X 131 -64.34 89.17 121.82
CA ASN X 131 -65.14 88.51 120.79
C ASN X 131 -64.63 87.08 120.57
N LEU X 132 -64.84 86.24 121.59
CA LEU X 132 -64.26 84.91 121.62
C LEU X 132 -65.29 83.82 121.35
N THR X 133 -64.79 82.70 120.83
CA THR X 133 -65.59 81.52 120.54
C THR X 133 -65.08 80.37 121.39
N LEU X 134 -65.88 79.94 122.36
CA LEU X 134 -65.54 78.84 123.25
C LEU X 134 -66.40 77.64 122.85
N VAL X 135 -65.77 76.59 122.36
CA VAL X 135 -66.48 75.44 121.84
C VAL X 135 -66.38 74.32 122.87
N ASP X 136 -67.39 74.23 123.75
CA ASP X 136 -67.48 73.09 124.63
C ASP X 136 -67.97 71.88 123.83
N LEU X 137 -67.40 70.73 124.11
CA LEU X 137 -67.65 69.53 123.35
C LEU X 137 -68.07 68.41 124.28
N PRO X 138 -68.83 67.43 123.80
CA PRO X 138 -69.22 66.30 124.65
C PRO X 138 -68.03 65.40 124.94
N GLY X 139 -68.10 64.72 126.08
CA GLY X 139 -67.04 63.79 126.43
C GLY X 139 -66.95 62.64 125.44
N MET X 140 -65.73 62.16 125.24
CA MET X 140 -65.49 61.05 124.33
C MET X 140 -65.87 59.73 124.98
N THR X 141 -66.49 58.86 124.21
CA THR X 141 -67.04 57.59 124.68
C THR X 141 -66.57 56.48 123.76
N LYS X 142 -66.44 55.27 124.31
CA LYS X 142 -65.91 54.16 123.53
C LYS X 142 -66.93 53.04 123.39
N VAL X 143 -67.78 52.86 124.40
CA VAL X 143 -68.83 51.84 124.32
C VAL X 143 -70.19 52.51 124.43
N PRO X 144 -71.16 52.13 123.60
CA PRO X 144 -72.46 52.82 123.62
C PRO X 144 -73.30 52.46 124.84
N VAL X 145 -73.53 53.43 125.72
CA VAL X 145 -74.40 53.27 126.86
C VAL X 145 -75.74 53.95 126.55
N GLY X 146 -76.84 53.26 126.85
CA GLY X 146 -78.15 53.79 126.54
C GLY X 146 -78.61 53.39 125.15
N ASP X 147 -79.29 54.30 124.45
CA ASP X 147 -79.75 54.04 123.09
C ASP X 147 -78.80 54.58 122.04
N GLN X 148 -77.55 54.83 122.41
CA GLN X 148 -76.57 55.33 121.46
C GLN X 148 -76.29 54.28 120.40
N PRO X 149 -76.09 54.70 119.15
CA PRO X 149 -75.83 53.75 118.07
C PRO X 149 -74.49 53.07 118.25
N PRO X 150 -74.21 51.99 117.51
CA PRO X 150 -72.97 51.25 117.73
C PRO X 150 -71.71 52.04 117.43
N ASP X 151 -71.79 53.14 116.68
CA ASP X 151 -70.62 53.92 116.30
C ASP X 151 -70.59 55.25 117.03
N ILE X 152 -70.90 55.22 118.33
CA ILE X 152 -70.87 56.43 119.14
C ILE X 152 -69.46 57.01 119.18
N GLU X 153 -68.45 56.15 119.29
CA GLU X 153 -67.07 56.63 119.34
C GLU X 153 -66.70 57.35 118.05
N PHE X 154 -67.10 56.79 116.92
CA PHE X 154 -66.71 57.40 115.65
C PHE X 154 -67.50 58.69 115.40
N GLN X 155 -68.78 58.74 115.79
CA GLN X 155 -69.48 59.99 115.57
C GLN X 155 -69.21 61.03 116.63
N ILE X 156 -68.50 60.70 117.71
CA ILE X 156 -67.99 61.73 118.60
C ILE X 156 -66.61 62.20 118.16
N ARG X 157 -65.78 61.29 117.66
CA ARG X 157 -64.48 61.70 117.12
C ARG X 157 -64.65 62.58 115.88
N ASP X 158 -65.55 62.19 114.98
CA ASP X 158 -65.83 63.03 113.82
C ASP X 158 -66.51 64.33 114.23
N MET X 159 -67.23 64.31 115.36
CA MET X 159 -67.75 65.55 115.91
C MET X 159 -66.62 66.48 116.30
N LEU X 160 -65.59 65.94 116.98
CA LEU X 160 -64.51 66.77 117.48
C LEU X 160 -63.59 67.25 116.36
N MET X 161 -63.44 66.46 115.29
CA MET X 161 -62.55 66.86 114.21
C MET X 161 -63.02 68.16 113.56
N GLN X 162 -64.31 68.29 113.27
CA GLN X 162 -64.76 69.50 112.58
C GLN X 162 -64.61 70.74 113.42
N PHE X 163 -64.34 70.60 114.71
CA PHE X 163 -64.14 71.75 115.59
C PHE X 163 -62.68 71.99 115.96
N VAL X 164 -61.82 70.97 115.91
CA VAL X 164 -60.43 71.13 116.32
C VAL X 164 -59.45 71.08 115.18
N THR X 165 -59.84 70.61 113.99
CA THR X 165 -58.87 70.53 112.90
C THR X 165 -58.58 71.89 112.31
N LYS X 166 -59.51 72.85 112.46
CA LYS X 166 -59.31 74.18 111.92
C LYS X 166 -58.20 74.89 112.68
N GLU X 167 -57.30 75.55 111.95
CA GLU X 167 -56.22 76.29 112.58
C GLU X 167 -56.79 77.43 113.41
N ASN X 168 -55.92 78.02 114.24
CA ASN X 168 -56.31 79.02 115.21
C ASN X 168 -57.43 78.48 116.11
N CYS X 169 -57.24 77.25 116.58
CA CYS X 169 -58.15 76.61 117.51
C CYS X 169 -57.33 76.05 118.66
N LEU X 170 -57.28 76.79 119.77
CA LEU X 170 -56.62 76.30 120.96
C LEU X 170 -57.32 75.04 121.44
N ILE X 171 -56.54 73.98 121.65
CA ILE X 171 -57.07 72.69 122.04
C ILE X 171 -56.68 72.46 123.49
N LEU X 172 -57.64 72.57 124.39
CA LEU X 172 -57.45 72.23 125.78
C LEU X 172 -57.64 70.73 125.91
N ALA X 173 -56.53 70.00 125.97
CA ALA X 173 -56.58 68.57 126.23
C ALA X 173 -56.77 68.40 127.73
N VAL X 174 -58.00 68.16 128.15
CA VAL X 174 -58.33 67.99 129.56
C VAL X 174 -58.24 66.51 129.90
N SER X 175 -57.38 66.17 130.85
CA SER X 175 -57.21 64.80 131.26
C SER X 175 -57.37 64.71 132.77
N PRO X 176 -57.99 63.65 133.27
CA PRO X 176 -58.12 63.50 134.72
C PRO X 176 -56.83 62.96 135.32
N ALA X 177 -56.57 63.39 136.55
CA ALA X 177 -55.36 62.93 137.24
C ALA X 177 -55.49 61.47 137.65
N ASN X 178 -56.69 61.06 138.05
CA ASN X 178 -56.89 59.69 138.52
C ASN X 178 -56.54 58.67 137.44
N SER X 179 -57.06 58.87 136.23
CA SER X 179 -56.69 57.99 135.14
C SER X 179 -55.25 58.26 134.71
N ASP X 180 -54.63 57.24 134.13
CA ASP X 180 -53.26 57.37 133.67
C ASP X 180 -53.22 58.30 132.46
N LEU X 181 -52.11 59.02 132.32
CA LEU X 181 -51.99 59.99 131.25
C LEU X 181 -51.92 59.31 129.89
N ALA X 182 -51.37 58.09 129.83
CA ALA X 182 -51.31 57.38 128.56
C ALA X 182 -52.69 57.04 128.02
N ASN X 183 -53.71 57.12 128.85
CA ASN X 183 -55.09 56.86 128.43
C ASN X 183 -55.86 58.12 128.08
N SER X 184 -55.19 59.26 127.95
CA SER X 184 -55.89 60.52 127.69
C SER X 184 -56.29 60.59 126.23
N ASP X 185 -57.58 60.35 125.96
CA ASP X 185 -58.10 60.56 124.62
C ASP X 185 -57.89 61.99 124.17
N ALA X 186 -57.90 62.94 125.12
CA ALA X 186 -57.57 64.32 124.80
C ALA X 186 -56.19 64.42 124.16
N LEU X 187 -55.19 63.81 124.78
CA LEU X 187 -53.85 63.87 124.23
C LEU X 187 -53.73 63.09 122.93
N LYS X 188 -54.48 61.99 122.79
CA LYS X 188 -54.48 61.28 121.52
C LYS X 188 -54.98 62.19 120.40
N VAL X 189 -56.10 62.87 120.63
CA VAL X 189 -56.65 63.78 119.62
C VAL X 189 -55.70 64.93 119.36
N ALA X 190 -55.06 65.44 120.42
CA ALA X 190 -54.13 66.56 120.26
C ALA X 190 -52.93 66.16 119.42
N LYS X 191 -52.37 64.97 119.65
CA LYS X 191 -51.26 64.51 118.84
C LYS X 191 -51.69 64.10 117.44
N GLU X 192 -52.98 63.84 117.22
CA GLU X 192 -53.46 63.57 115.87
C GLU X 192 -53.62 64.86 115.06
N VAL X 193 -54.23 65.89 115.64
CA VAL X 193 -54.60 67.09 114.90
C VAL X 193 -53.68 68.26 115.21
N ASP X 194 -52.59 68.03 115.92
CA ASP X 194 -51.64 69.07 116.28
C ASP X 194 -50.32 68.41 116.67
N PRO X 195 -49.59 67.83 115.71
CA PRO X 195 -48.43 66.98 116.08
C PRO X 195 -47.39 67.70 116.92
N GLN X 196 -46.93 68.87 116.49
CA GLN X 196 -45.89 69.56 117.23
C GLN X 196 -46.40 70.21 118.50
N GLY X 197 -47.71 70.21 118.74
CA GLY X 197 -48.27 70.83 119.92
C GLY X 197 -48.12 72.34 119.94
N GLN X 198 -48.29 72.99 118.80
CA GLN X 198 -48.18 74.44 118.75
C GLN X 198 -49.31 75.12 119.51
N ARG X 199 -50.53 74.59 119.38
CA ARG X 199 -51.73 75.21 119.91
C ARG X 199 -52.48 74.27 120.85
N THR X 200 -51.73 73.49 121.62
CA THR X 200 -52.28 72.50 122.55
C THR X 200 -51.94 72.89 123.96
N ILE X 201 -52.95 73.04 124.81
CA ILE X 201 -52.77 73.34 126.22
C ILE X 201 -53.22 72.11 126.99
N GLY X 202 -52.31 71.51 127.77
CA GLY X 202 -52.66 70.37 128.59
C GLY X 202 -53.18 70.81 129.94
N VAL X 203 -54.31 70.24 130.35
CA VAL X 203 -54.92 70.54 131.63
C VAL X 203 -55.13 69.23 132.37
N ILE X 204 -54.78 69.21 133.65
CA ILE X 204 -54.90 68.03 134.49
C ILE X 204 -55.90 68.34 135.59
N THR X 205 -57.01 67.60 135.61
CA THR X 205 -58.11 67.84 136.53
C THR X 205 -58.16 66.74 137.58
N LYS X 206 -58.91 67.03 138.65
CA LYS X 206 -59.15 66.09 139.73
C LYS X 206 -57.83 65.64 140.38
N LEU X 207 -57.08 66.64 140.86
CA LEU X 207 -55.84 66.37 141.56
C LEU X 207 -56.06 66.07 143.04
N ASP X 208 -57.26 66.29 143.56
CA ASP X 208 -57.56 65.99 144.95
C ASP X 208 -58.15 64.59 145.12
N LEU X 209 -58.28 63.82 144.05
CA LEU X 209 -58.84 62.47 144.12
C LEU X 209 -57.86 61.43 143.59
N MET X 210 -56.57 61.74 143.57
CA MET X 210 -55.59 60.79 143.09
C MET X 210 -55.47 59.61 144.05
N ASP X 211 -54.99 58.48 143.52
CA ASP X 211 -54.78 57.30 144.34
C ASP X 211 -53.83 57.63 145.48
N GLU X 212 -54.20 57.22 146.69
CA GLU X 212 -53.43 57.59 147.87
C GLU X 212 -52.00 57.10 147.76
N GLY X 213 -51.06 57.96 148.13
CA GLY X 213 -49.65 57.66 148.04
C GLY X 213 -49.03 57.92 146.67
N THR X 214 -49.81 58.42 145.72
CA THR X 214 -49.31 58.73 144.39
C THR X 214 -49.48 60.23 144.13
N ASP X 215 -48.70 60.75 143.18
CA ASP X 215 -48.78 62.15 142.82
C ASP X 215 -48.37 62.29 141.36
N ALA X 216 -49.04 63.22 140.66
CA ALA X 216 -48.80 63.46 139.25
C ALA X 216 -47.69 64.47 139.01
N ARG X 217 -46.74 64.60 139.94
CA ARG X 217 -45.67 65.57 139.80
C ARG X 217 -44.91 65.41 138.50
N ASP X 218 -44.60 64.17 138.12
CA ASP X 218 -43.87 63.91 136.89
C ASP X 218 -44.68 64.27 135.65
N VAL X 219 -45.99 64.46 135.78
CA VAL X 219 -46.81 64.92 134.67
C VAL X 219 -46.91 66.45 134.67
N LEU X 220 -47.19 67.03 135.83
CA LEU X 220 -47.32 68.49 135.91
C LEU X 220 -46.01 69.19 135.62
N GLU X 221 -44.88 68.53 135.83
CA GLU X 221 -43.59 69.10 135.49
C GLU X 221 -43.18 68.80 134.06
N ASN X 222 -44.13 68.40 133.22
CA ASN X 222 -43.90 68.19 131.79
C ASN X 222 -42.77 67.18 131.56
N LYS X 223 -42.65 66.20 132.44
CA LYS X 223 -41.61 65.19 132.35
C LYS X 223 -42.08 63.91 131.67
N LEU X 224 -43.25 63.40 132.07
CA LEU X 224 -43.74 62.14 131.52
C LEU X 224 -43.97 62.25 130.01
N LEU X 225 -44.92 63.10 129.62
CA LEU X 225 -45.24 63.29 128.21
C LEU X 225 -44.87 64.71 127.81
N PRO X 226 -43.82 64.90 127.01
CA PRO X 226 -43.38 66.25 126.67
C PRO X 226 -44.43 67.01 125.89
N LEU X 227 -44.79 68.19 126.38
CA LEU X 227 -45.78 69.05 125.74
C LEU X 227 -45.21 70.46 125.68
N ARG X 228 -45.45 71.14 124.56
CA ARG X 228 -44.79 72.42 124.32
C ARG X 228 -45.22 73.46 125.34
N ARG X 229 -46.53 73.60 125.58
CA ARG X 229 -47.04 74.60 126.51
C ARG X 229 -47.10 74.10 127.95
N GLY X 230 -46.79 72.83 128.19
CA GLY X 230 -46.83 72.28 129.53
C GLY X 230 -48.24 72.02 130.01
N TYR X 231 -48.33 71.38 131.16
CA TYR X 231 -49.61 71.02 131.76
C TYR X 231 -49.93 71.98 132.90
N ILE X 232 -51.22 72.20 133.10
CA ILE X 232 -51.72 73.05 134.17
C ILE X 232 -52.67 72.23 135.02
N GLY X 233 -52.34 72.05 136.29
CA GLY X 233 -53.23 71.35 137.18
C GLY X 233 -54.28 72.27 137.75
N VAL X 234 -55.50 71.73 137.89
CA VAL X 234 -56.61 72.49 138.46
C VAL X 234 -57.46 71.54 139.31
N VAL X 235 -58.05 72.09 140.36
CA VAL X 235 -58.98 71.37 141.21
C VAL X 235 -60.31 72.10 141.16
N ASN X 236 -61.35 71.41 140.72
CA ASN X 236 -62.66 72.00 140.54
C ASN X 236 -63.56 71.64 141.71
N ARG X 237 -64.82 72.03 141.64
CA ARG X 237 -65.77 71.66 142.69
C ARG X 237 -66.09 70.18 142.58
N SER X 238 -66.05 69.48 143.72
CA SER X 238 -66.44 68.08 143.73
C SER X 238 -67.94 67.96 143.48
N GLN X 239 -68.37 66.73 143.19
CA GLN X 239 -69.80 66.52 142.92
C GLN X 239 -70.64 66.85 144.15
N LYS X 240 -70.14 66.52 145.33
CA LYS X 240 -70.83 66.92 146.55
C LYS X 240 -70.92 68.44 146.66
N ASP X 241 -69.86 69.14 146.26
CA ASP X 241 -69.90 70.60 146.27
C ASP X 241 -70.93 71.13 145.29
N ILE X 242 -71.03 70.51 144.11
CA ILE X 242 -72.04 70.93 143.13
C ILE X 242 -73.44 70.71 143.69
N ASP X 243 -73.67 69.58 144.34
CA ASP X 243 -74.98 69.32 144.93
C ASP X 243 -75.29 70.30 146.06
N GLY X 244 -74.27 70.64 146.86
CA GLY X 244 -74.43 71.60 147.93
C GLY X 244 -74.37 73.05 147.51
N LYS X 245 -74.17 73.30 146.22
CA LYS X 245 -74.15 74.66 145.66
C LYS X 245 -73.04 75.50 146.28
N LYS X 246 -71.83 74.97 146.25
CA LYS X 246 -70.67 75.72 146.72
C LYS X 246 -70.37 76.87 145.76
N ASP X 247 -69.69 77.89 146.27
CA ASP X 247 -69.46 79.10 145.50
C ASP X 247 -68.02 79.17 144.98
N ILE X 248 -67.83 80.07 144.01
CA ILE X 248 -66.53 80.24 143.37
C ILE X 248 -65.48 80.70 144.37
N THR X 249 -65.86 81.56 145.32
CA THR X 249 -64.88 82.06 146.29
C THR X 249 -64.30 80.92 147.12
N ALA X 250 -65.17 80.10 147.71
CA ALA X 250 -64.71 78.98 148.53
C ALA X 250 -63.98 77.96 147.68
N ALA X 251 -64.45 77.70 146.46
CA ALA X 251 -63.77 76.75 145.60
C ALA X 251 -62.35 77.21 145.28
N LEU X 252 -62.19 78.49 144.95
CA LEU X 252 -60.86 79.01 144.66
C LEU X 252 -59.97 78.99 145.90
N ALA X 253 -60.54 79.32 147.07
CA ALA X 253 -59.74 79.28 148.28
C ALA X 253 -59.23 77.87 148.56
N ALA X 254 -60.11 76.87 148.43
CA ALA X 254 -59.70 75.48 148.65
C ALA X 254 -58.68 75.04 147.61
N GLU X 255 -58.89 75.40 146.35
CA GLU X 255 -57.94 75.02 145.30
C GLU X 255 -56.58 75.64 145.54
N ARG X 256 -56.54 76.90 145.97
CA ARG X 256 -55.27 77.55 146.26
C ARG X 256 -54.57 76.92 147.44
N LYS X 257 -55.32 76.64 148.51
CA LYS X 257 -54.69 76.05 149.70
C LYS X 257 -54.27 74.61 149.48
N PHE X 258 -54.89 73.91 148.53
CA PHE X 258 -54.49 72.53 148.28
C PHE X 258 -53.06 72.44 147.78
N PHE X 259 -52.70 73.28 146.81
CA PHE X 259 -51.36 73.22 146.25
C PHE X 259 -50.30 73.72 147.22
N LEU X 260 -50.69 74.37 148.30
CA LEU X 260 -49.76 74.68 149.38
C LEU X 260 -49.67 73.54 150.40
N SER X 261 -50.79 72.86 150.65
CA SER X 261 -50.79 71.75 151.58
C SER X 261 -50.02 70.56 151.04
N HIS X 262 -50.15 70.29 149.74
CA HIS X 262 -49.54 69.08 149.17
C HIS X 262 -48.03 69.22 149.11
N PRO X 263 -47.27 68.33 149.75
CA PRO X 263 -45.80 68.44 149.69
C PRO X 263 -45.21 68.35 148.30
N SER X 264 -45.81 67.54 147.42
CA SER X 264 -45.27 67.39 146.07
C SER X 264 -45.54 68.59 145.18
N TYR X 265 -46.54 69.40 145.51
CA TYR X 265 -46.92 70.53 144.68
C TYR X 265 -46.71 71.87 145.39
N ARG X 266 -46.03 71.87 146.54
CA ARG X 266 -45.80 73.13 147.26
C ARG X 266 -44.99 74.11 146.41
N HIS X 267 -44.02 73.60 145.65
CA HIS X 267 -43.16 74.45 144.85
C HIS X 267 -43.75 74.75 143.47
N LEU X 268 -45.07 74.57 143.30
CA LEU X 268 -45.71 74.87 142.03
C LEU X 268 -47.02 75.61 142.21
N ALA X 269 -47.35 76.07 143.42
CA ALA X 269 -48.65 76.67 143.68
C ALA X 269 -48.92 77.87 142.79
N ASP X 270 -47.89 78.69 142.51
CA ASP X 270 -48.07 79.83 141.63
C ASP X 270 -48.22 79.43 140.17
N ARG X 271 -47.68 78.28 139.78
CA ARG X 271 -47.70 77.84 138.39
C ARG X 271 -48.84 76.87 138.09
N MET X 272 -49.62 76.48 139.09
CA MET X 272 -50.77 75.60 138.89
C MET X 272 -52.02 76.28 139.46
N GLY X 273 -53.16 75.97 138.86
CA GLY X 273 -54.41 76.52 139.33
C GLY X 273 -55.22 77.23 138.26
N THR X 274 -56.50 77.45 138.55
CA THR X 274 -57.37 78.13 137.59
C THR X 274 -56.92 79.55 137.24
N PRO X 275 -56.52 80.40 138.19
CA PRO X 275 -55.99 81.72 137.78
C PRO X 275 -54.80 81.62 136.84
N TYR X 276 -53.89 80.67 137.08
CA TYR X 276 -52.76 80.53 136.18
C TYR X 276 -53.19 79.99 134.83
N LEU X 277 -54.23 79.14 134.80
CA LEU X 277 -54.79 78.71 133.53
C LEU X 277 -55.34 79.88 132.74
N GLN X 278 -56.05 80.78 133.42
CA GLN X 278 -56.56 81.98 132.76
C GLN X 278 -55.41 82.83 132.23
N LYS X 279 -54.35 82.99 133.04
CA LYS X 279 -53.21 83.78 132.61
C LYS X 279 -52.55 83.17 131.38
N VAL X 280 -52.38 81.85 131.35
CA VAL X 280 -51.77 81.20 130.20
C VAL X 280 -52.63 81.34 128.96
N LEU X 281 -53.95 81.16 129.10
CA LEU X 281 -54.83 81.30 127.95
C LEU X 281 -54.79 82.72 127.39
N ASN X 282 -54.82 83.72 128.28
CA ASN X 282 -54.78 85.10 127.82
C ASN X 282 -53.43 85.44 127.20
N GLN X 283 -52.36 84.88 127.75
CA GLN X 283 -51.04 85.06 127.14
C GLN X 283 -51.02 84.45 125.75
N GLN X 284 -51.64 83.29 125.57
CA GLN X 284 -51.67 82.67 124.25
C GLN X 284 -52.49 83.47 123.26
N LEU X 285 -53.57 84.12 123.73
CA LEU X 285 -54.33 85.00 122.85
C LEU X 285 -53.51 86.23 122.46
N THR X 286 -52.82 86.83 123.43
CA THR X 286 -52.01 88.01 123.15
C THR X 286 -50.85 87.67 122.21
N ASN X 287 -50.26 86.50 122.37
CA ASN X 287 -49.17 86.07 121.49
C ASN X 287 -49.65 85.72 120.09
N HIS X 288 -50.96 85.79 119.84
CA HIS X 288 -51.49 85.74 118.49
C HIS X 288 -51.88 87.12 117.97
N ILE X 289 -52.49 87.94 118.83
CA ILE X 289 -52.79 89.32 118.44
C ILE X 289 -51.50 90.03 118.01
N ARG X 290 -50.47 89.93 118.83
CA ARG X 290 -49.20 90.59 118.52
C ARG X 290 -48.40 89.81 117.49
N ASP X 291 -48.70 88.53 117.29
CA ASP X 291 -48.06 87.79 116.21
C ASP X 291 -48.55 88.26 114.85
N THR X 292 -49.83 88.58 114.74
CA THR X 292 -50.40 88.93 113.44
C THR X 292 -49.92 90.30 112.95
N LEU X 293 -49.55 91.20 113.86
CA LEU X 293 -49.32 92.60 113.49
C LEU X 293 -48.30 92.82 112.38
N PRO X 294 -47.16 92.12 112.32
CA PRO X 294 -46.23 92.35 111.19
C PRO X 294 -46.87 92.18 109.81
N GLY X 295 -47.70 91.14 109.64
CA GLY X 295 -48.35 90.94 108.36
C GLY X 295 -49.28 92.08 108.00
N LEU X 296 -50.10 92.52 108.96
CA LEU X 296 -50.98 93.65 108.72
C LEU X 296 -50.20 94.89 108.39
N ARG X 297 -49.11 95.15 109.12
CA ARG X 297 -48.34 96.37 108.88
C ARG X 297 -47.73 96.38 107.49
N ASN X 298 -47.13 95.26 107.08
CA ASN X 298 -46.50 95.26 105.76
C ASN X 298 -47.54 95.32 104.64
N LYS X 299 -48.66 94.62 104.80
CA LYS X 299 -49.69 94.66 103.77
C LYS X 299 -50.30 96.05 103.64
N LEU X 300 -50.56 96.71 104.77
CA LEU X 300 -51.10 98.06 104.72
C LEU X 300 -50.05 99.05 104.20
N GLN X 301 -48.76 98.79 104.46
CA GLN X 301 -47.72 99.61 103.84
C GLN X 301 -47.75 99.46 102.33
N SER X 302 -47.94 98.24 101.84
CA SER X 302 -48.07 98.04 100.40
C SER X 302 -49.27 98.78 99.83
N GLN X 303 -50.40 98.72 100.53
CA GLN X 303 -51.61 99.41 100.05
C GLN X 303 -51.43 100.92 100.07
N LEU X 304 -50.80 101.46 101.11
CA LEU X 304 -50.51 102.89 101.15
C LEU X 304 -49.52 103.28 100.07
N LEU X 305 -48.59 102.38 99.74
CA LEU X 305 -47.71 102.60 98.59
C LEU X 305 -48.52 102.69 97.31
N SER X 306 -49.53 101.83 97.16
CA SER X 306 -50.37 101.89 95.98
C SER X 306 -51.14 103.21 95.89
N ILE X 307 -51.64 103.71 97.03
CA ILE X 307 -52.50 104.89 96.97
C ILE X 307 -51.70 106.19 96.98
N GLU X 308 -50.45 106.18 97.46
CA GLU X 308 -49.71 107.43 97.63
C GLU X 308 -49.41 108.07 96.28
N LYS X 309 -49.20 107.26 95.24
CA LYS X 309 -48.94 107.83 93.91
C LYS X 309 -50.13 108.65 93.44
N GLU X 310 -51.35 108.12 93.63
CA GLU X 310 -52.54 108.89 93.29
C GLU X 310 -52.68 110.11 94.17
N VAL X 311 -52.27 110.01 95.44
CA VAL X 311 -52.32 111.18 96.30
C VAL X 311 -51.28 112.22 95.90
N GLU X 312 -50.24 111.82 95.16
CA GLU X 312 -49.20 112.78 94.76
C GLU X 312 -49.77 113.90 93.92
N GLU X 313 -50.54 113.56 92.87
CA GLU X 313 -51.21 114.59 92.10
C GLU X 313 -52.41 115.18 92.84
N TYR X 314 -52.78 114.60 93.99
CA TYR X 314 -53.90 115.07 94.79
C TYR X 314 -53.46 115.57 96.16
N LYS X 315 -52.30 116.23 96.23
CA LYS X 315 -51.91 116.89 97.47
C LYS X 315 -52.90 117.98 97.84
N ASN X 316 -53.31 118.78 96.85
CA ASN X 316 -54.13 119.95 97.07
C ASN X 316 -55.29 120.00 96.07
N PHE X 317 -56.38 120.65 96.48
CA PHE X 317 -57.55 120.83 95.62
C PHE X 317 -58.30 122.05 96.12
N ARG X 318 -58.29 123.12 95.35
CA ARG X 318 -59.04 124.33 95.65
C ARG X 318 -60.26 124.44 94.74
N PRO X 319 -61.28 125.18 95.16
CA PRO X 319 -62.42 125.41 94.26
C PRO X 319 -61.98 126.10 92.98
N ASP X 320 -62.60 125.69 91.87
CA ASP X 320 -62.42 126.26 90.55
C ASP X 320 -61.08 125.91 89.92
N ASP X 321 -60.18 125.28 90.70
CA ASP X 321 -58.93 124.68 90.22
C ASP X 321 -58.21 125.58 89.20
N PRO X 322 -57.58 126.67 89.66
CA PRO X 322 -57.03 127.64 88.70
C PRO X 322 -56.02 127.05 87.73
N ALA X 323 -55.15 126.14 88.18
CA ALA X 323 -54.11 125.58 87.32
C ALA X 323 -54.26 124.09 87.09
N ARG X 324 -54.92 123.37 88.01
CA ARG X 324 -55.18 121.95 87.78
C ARG X 324 -56.00 121.75 86.52
N LYS X 325 -56.91 122.68 86.23
CA LYS X 325 -57.72 122.58 85.02
C LYS X 325 -56.85 122.63 83.78
N THR X 326 -55.94 123.60 83.70
CA THR X 326 -55.06 123.69 82.54
C THR X 326 -54.15 122.47 82.44
N LYS X 327 -53.60 122.02 83.57
CA LYS X 327 -52.72 120.87 83.54
C LYS X 327 -53.46 119.63 83.03
N ALA X 328 -54.65 119.38 83.55
CA ALA X 328 -55.43 118.22 83.12
C ALA X 328 -55.86 118.36 81.67
N LEU X 329 -56.16 119.56 81.22
CA LEU X 329 -56.47 119.78 79.81
C LEU X 329 -55.30 119.37 78.94
N LEU X 330 -54.08 119.77 79.34
CA LEU X 330 -52.91 119.38 78.56
C LEU X 330 -52.72 117.88 78.58
N GLN X 331 -52.92 117.25 79.74
CA GLN X 331 -52.78 115.79 79.82
C GLN X 331 -53.76 115.10 78.88
N MET X 332 -55.02 115.53 78.90
CA MET X 332 -56.02 114.92 78.03
C MET X 332 -55.69 115.14 76.56
N VAL X 333 -55.25 116.36 76.21
CA VAL X 333 -54.93 116.64 74.81
C VAL X 333 -53.77 115.77 74.35
N GLN X 334 -52.74 115.64 75.19
CA GLN X 334 -51.59 114.80 74.82
C GLN X 334 -52.00 113.34 74.71
N GLN X 335 -52.85 112.86 75.62
CA GLN X 335 -53.33 111.49 75.53
C GLN X 335 -54.10 111.26 74.24
N PHE X 336 -54.98 112.20 73.88
CA PHE X 336 -55.74 112.07 72.65
C PHE X 336 -54.82 112.06 71.44
N ALA X 337 -53.84 112.96 71.41
CA ALA X 337 -52.94 113.05 70.26
C ALA X 337 -52.12 111.77 70.12
N VAL X 338 -51.55 111.28 71.22
CA VAL X 338 -50.72 110.09 71.15
C VAL X 338 -51.57 108.87 70.81
N ASP X 339 -52.83 108.85 71.25
CA ASP X 339 -53.68 107.72 70.93
C ASP X 339 -54.14 107.76 69.48
N PHE X 340 -54.40 108.95 68.95
CA PHE X 340 -54.70 109.08 67.52
C PHE X 340 -53.52 108.59 66.69
N GLU X 341 -52.31 109.04 67.04
CA GLU X 341 -51.13 108.62 66.29
C GLU X 341 -50.89 107.12 66.43
N LYS X 342 -51.13 106.57 67.62
CA LYS X 342 -50.98 105.13 67.82
C LYS X 342 -52.04 104.35 67.04
N ARG X 343 -53.25 104.90 66.94
CA ARG X 343 -54.33 104.20 66.26
C ARG X 343 -54.16 104.20 64.76
N ILE X 344 -53.62 105.28 64.20
CA ILE X 344 -53.51 105.44 62.75
C ILE X 344 -52.09 105.20 62.26
N GLU X 345 -51.13 106.01 62.71
CA GLU X 345 -49.75 105.82 62.29
C GLU X 345 -49.22 104.47 62.73
N GLY X 346 -49.50 104.10 63.98
CA GLY X 346 -48.98 102.85 64.52
C GLY X 346 -47.74 103.04 65.36
N SER X 347 -47.76 104.01 66.25
CA SER X 347 -46.63 104.26 67.13
C SER X 347 -46.43 103.08 68.08
N GLY X 348 -45.36 103.14 68.85
CA GLY X 348 -45.04 102.07 69.77
C GLY X 348 -45.94 102.03 70.99
N ASP X 349 -45.44 101.42 72.06
CA ASP X 349 -46.11 101.37 73.36
C ASP X 349 -47.45 100.63 73.29
N GLN X 350 -47.36 99.34 72.94
CA GLN X 350 -48.43 98.38 73.20
C GLN X 350 -49.76 98.71 72.54
N ILE X 351 -49.82 98.64 71.21
CA ILE X 351 -51.11 98.71 70.52
C ILE X 351 -51.83 97.37 70.70
N ASP X 352 -53.14 97.44 70.91
CA ASP X 352 -53.92 96.26 71.24
C ASP X 352 -53.94 95.25 70.09
N THR X 353 -53.99 93.97 70.46
CA THR X 353 -53.99 92.87 69.51
C THR X 353 -55.32 92.13 69.47
N TYR X 354 -56.36 92.67 70.09
CA TYR X 354 -57.61 91.93 70.21
C TYR X 354 -58.36 91.87 68.90
N GLU X 355 -58.61 93.02 68.28
CA GLU X 355 -59.43 93.10 67.07
C GLU X 355 -58.59 93.62 65.92
N LEU X 356 -59.26 93.89 64.80
CA LEU X 356 -58.60 94.57 63.70
C LEU X 356 -58.16 95.96 64.12
N SER X 357 -58.76 96.48 65.20
CA SER X 357 -58.17 97.46 66.11
C SER X 357 -57.77 98.76 65.38
N GLY X 358 -58.81 99.46 64.95
CA GLY X 358 -58.64 100.86 64.64
C GLY X 358 -58.70 101.16 63.15
N GLY X 359 -58.84 102.45 62.86
CA GLY X 359 -59.01 102.86 61.48
C GLY X 359 -57.84 102.53 60.59
N ALA X 360 -56.62 102.49 61.15
CA ALA X 360 -55.42 102.39 60.34
C ALA X 360 -55.51 101.24 59.34
N ARG X 361 -55.88 100.06 59.82
CA ARG X 361 -55.96 98.92 58.91
C ARG X 361 -57.32 98.87 58.21
N ILE X 362 -58.37 99.40 58.84
CA ILE X 362 -59.62 99.62 58.10
C ILE X 362 -59.38 100.62 56.98
N ASN X 363 -58.65 101.69 57.27
CA ASN X 363 -58.29 102.65 56.23
C ASN X 363 -57.45 101.97 55.14
N ARG X 364 -56.50 101.11 55.54
CA ARG X 364 -55.81 100.33 54.52
C ARG X 364 -56.72 99.41 53.72
N ILE X 365 -57.66 98.72 54.35
CA ILE X 365 -58.47 97.81 53.57
C ILE X 365 -59.28 98.62 52.57
N PHE X 366 -59.57 99.87 52.89
CA PHE X 366 -60.15 100.78 51.90
C PHE X 366 -59.16 101.06 50.76
N HIS X 367 -57.93 101.47 51.11
CA HIS X 367 -56.94 101.79 50.08
C HIS X 367 -56.56 100.59 49.22
N GLU X 368 -56.85 99.37 49.66
CA GLU X 368 -56.52 98.19 48.89
C GLU X 368 -57.73 97.34 48.52
N ARG X 369 -58.95 97.84 48.74
CA ARG X 369 -60.15 97.29 48.14
C ARG X 369 -60.76 98.20 47.10
N PHE X 370 -60.51 99.51 47.19
CA PHE X 370 -60.87 100.46 46.15
C PHE X 370 -60.31 100.04 44.79
N PRO X 371 -59.08 99.48 44.71
CA PRO X 371 -58.66 98.87 43.44
C PRO X 371 -59.47 97.65 43.01
N PHE X 372 -60.46 97.25 43.80
CA PHE X 372 -61.47 96.34 43.29
C PHE X 372 -62.75 97.05 42.86
N GLU X 373 -63.11 98.14 43.54
CA GLU X 373 -64.25 98.94 43.12
C GLU X 373 -63.99 99.63 41.79
N LEU X 374 -62.73 99.90 41.46
CA LEU X 374 -62.40 100.43 40.15
C LEU X 374 -62.64 99.38 39.07
N VAL X 375 -62.17 98.15 39.31
CA VAL X 375 -62.28 97.09 38.32
C VAL X 375 -63.74 96.70 38.12
N LYS X 376 -64.49 96.56 39.21
CA LYS X 376 -65.82 95.96 39.14
C LYS X 376 -66.79 96.83 38.34
N MET X 377 -66.87 98.12 38.67
CA MET X 377 -67.96 98.95 38.18
C MET X 377 -67.86 99.23 36.68
N GLU X 378 -66.65 99.38 36.15
CA GLU X 378 -66.45 99.85 34.79
C GLU X 378 -66.27 98.68 33.84
N PHE X 379 -67.11 98.62 32.80
CA PHE X 379 -67.02 97.60 31.76
C PHE X 379 -67.98 97.94 30.64
N ASP X 380 -67.58 97.60 29.42
CA ASP X 380 -68.46 97.51 28.26
C ASP X 380 -67.67 96.86 27.13
N GLU X 381 -68.39 96.26 26.19
CA GLU X 381 -67.75 95.59 25.06
C GLU X 381 -68.78 95.40 23.96
N LYS X 382 -68.29 95.36 22.73
CA LYS X 382 -69.07 95.10 21.51
C LYS X 382 -70.05 96.22 21.19
N GLU X 383 -70.11 97.23 22.05
CA GLU X 383 -70.68 98.52 21.71
C GLU X 383 -69.60 99.55 21.43
N LEU X 384 -68.49 99.45 22.16
CA LEU X 384 -67.31 100.24 21.82
C LEU X 384 -66.80 99.90 20.43
N ARG X 385 -67.01 98.67 19.98
CA ARG X 385 -66.65 98.32 18.61
C ARG X 385 -67.40 99.20 17.61
N ARG X 386 -68.72 99.33 17.79
CA ARG X 386 -69.52 100.18 16.92
C ARG X 386 -69.10 101.64 17.03
N GLU X 387 -68.87 102.11 18.26
CA GLU X 387 -68.47 103.50 18.45
C GLU X 387 -67.13 103.78 17.77
N ILE X 388 -66.17 102.86 17.90
CA ILE X 388 -64.88 103.02 17.25
C ILE X 388 -65.03 103.00 15.74
N SER X 389 -65.84 102.09 15.21
CA SER X 389 -66.07 102.04 13.78
C SER X 389 -66.56 103.38 13.27
N TYR X 390 -67.56 103.96 13.95
CA TYR X 390 -68.08 105.24 13.51
C TYR X 390 -67.06 106.36 13.66
N ALA X 391 -66.27 106.34 14.73
CA ALA X 391 -65.22 107.34 14.89
C ALA X 391 -64.21 107.26 13.76
N ILE X 392 -63.82 106.04 13.39
CA ILE X 392 -62.89 105.88 12.27
C ILE X 392 -63.50 106.42 10.99
N LYS X 393 -64.75 106.06 10.72
CA LYS X 393 -65.40 106.49 9.49
C LYS X 393 -65.81 107.95 9.51
N ASN X 394 -65.64 108.66 10.63
CA ASN X 394 -66.02 110.07 10.66
C ASN X 394 -64.89 111.05 10.90
N ILE X 395 -63.77 110.65 11.50
CA ILE X 395 -62.72 111.64 11.76
C ILE X 395 -61.77 111.85 10.58
N HIS X 396 -61.78 110.96 9.60
CA HIS X 396 -61.21 111.30 8.30
C HIS X 396 -62.37 111.26 7.32
N GLY X 397 -63.46 111.93 7.71
CA GLY X 397 -64.77 111.60 7.22
C GLY X 397 -64.99 111.80 5.73
N ILE X 398 -64.29 112.76 5.11
CA ILE X 398 -64.54 113.03 3.71
C ILE X 398 -63.65 112.22 2.77
N ARG X 399 -62.50 111.75 3.23
CA ARG X 399 -61.48 111.20 2.36
C ARG X 399 -61.03 109.84 2.86
N THR X 400 -60.71 108.95 1.92
CA THR X 400 -60.31 107.60 2.27
C THR X 400 -59.09 107.60 3.17
N GLY X 401 -59.29 107.22 4.44
CA GLY X 401 -58.19 107.16 5.38
C GLY X 401 -57.37 105.91 5.17
N LEU X 402 -56.14 106.08 4.71
CA LEU X 402 -55.26 104.96 4.46
C LEU X 402 -54.38 104.65 5.67
N PHE X 403 -54.59 105.34 6.78
CA PHE X 403 -53.89 105.07 8.03
C PHE X 403 -54.91 105.13 9.16
N THR X 404 -54.75 104.24 10.13
CA THR X 404 -55.69 104.18 11.24
C THR X 404 -55.63 105.50 12.03
N PRO X 405 -56.72 106.23 12.13
CA PRO X 405 -56.67 107.58 12.72
C PRO X 405 -56.56 107.52 14.24
N ASP X 406 -56.33 108.70 14.81
CA ASP X 406 -55.82 108.86 16.16
C ASP X 406 -56.80 109.52 17.12
N MET X 407 -57.52 110.54 16.64
CA MET X 407 -58.52 111.18 17.47
C MET X 407 -59.60 110.20 17.90
N ALA X 408 -59.78 109.09 17.19
CA ALA X 408 -60.71 108.06 17.62
C ALA X 408 -60.22 107.39 18.90
N PHE X 409 -58.95 107.00 18.93
CA PHE X 409 -58.37 106.46 20.15
C PHE X 409 -58.48 107.48 21.29
N GLU X 410 -58.17 108.74 20.99
CA GLU X 410 -58.27 109.77 22.01
C GLU X 410 -59.70 109.88 22.55
N THR X 411 -60.69 109.87 21.65
CA THR X 411 -62.07 110.00 22.06
C THR X 411 -62.55 108.81 22.88
N ILE X 412 -62.15 107.59 22.51
CA ILE X 412 -62.56 106.43 23.28
C ILE X 412 -61.96 106.46 24.68
N VAL X 413 -60.65 106.70 24.79
CA VAL X 413 -60.05 106.68 26.11
C VAL X 413 -60.56 107.85 26.95
N LYS X 414 -60.82 109.00 26.33
CA LYS X 414 -61.35 110.13 27.09
C LYS X 414 -62.78 109.86 27.55
N LYS X 415 -63.57 109.17 26.73
CA LYS X 415 -64.92 108.79 27.12
C LYS X 415 -64.92 107.70 28.18
N GLN X 416 -63.84 106.95 28.30
CA GLN X 416 -63.79 105.87 29.29
C GLN X 416 -63.12 106.25 30.61
N VAL X 417 -62.22 107.23 30.60
CA VAL X 417 -61.54 107.61 31.84
C VAL X 417 -62.29 108.72 32.56
N LYS X 418 -63.52 108.99 32.13
CA LYS X 418 -64.35 109.96 32.85
C LYS X 418 -65.36 109.29 33.77
N LYS X 419 -65.50 107.97 33.72
CA LYS X 419 -66.35 107.26 34.67
C LYS X 419 -65.65 107.00 36.00
N ILE X 420 -64.36 107.34 36.11
CA ILE X 420 -63.62 107.14 37.34
C ILE X 420 -64.06 108.13 38.42
N ARG X 421 -64.80 109.17 38.06
CA ARG X 421 -65.19 110.18 39.04
C ARG X 421 -66.04 109.60 40.16
N GLU X 422 -66.78 108.54 39.91
CA GLU X 422 -67.62 107.97 40.97
C GLU X 422 -66.79 107.14 41.96
N PRO X 423 -66.01 106.14 41.51
CA PRO X 423 -65.29 105.31 42.49
C PRO X 423 -64.34 106.09 43.39
N CYS X 424 -63.67 107.11 42.85
CA CYS X 424 -62.72 107.87 43.66
C CYS X 424 -63.43 108.66 44.74
N LEU X 425 -64.54 109.32 44.40
CA LEU X 425 -65.30 110.04 45.42
C LEU X 425 -65.89 109.10 46.45
N LYS X 426 -66.33 107.92 46.01
CA LYS X 426 -66.82 106.93 46.97
C LYS X 426 -65.71 106.50 47.92
N CYS X 427 -64.50 106.30 47.41
CA CYS X 427 -63.38 105.96 48.27
C CYS X 427 -63.09 107.06 49.27
N VAL X 428 -63.10 108.32 48.82
CA VAL X 428 -62.82 109.43 49.71
C VAL X 428 -63.87 109.49 50.83
N ASP X 429 -65.14 109.36 50.48
CA ASP X 429 -66.18 109.41 51.51
C ASP X 429 -66.09 108.23 52.46
N MET X 430 -65.74 107.05 51.95
CA MET X 430 -65.60 105.87 52.80
C MET X 430 -64.47 106.06 53.81
N VAL X 431 -63.33 106.58 53.34
CA VAL X 431 -62.22 106.88 54.25
C VAL X 431 -62.62 107.94 55.26
N ILE X 432 -63.39 108.94 54.83
CA ILE X 432 -63.87 109.95 55.76
C ILE X 432 -64.69 109.31 56.86
N SER X 433 -65.58 108.39 56.48
CA SER X 433 -66.43 107.73 57.48
C SER X 433 -65.59 106.96 58.49
N GLU X 434 -64.63 106.16 58.00
CA GLU X 434 -63.86 105.36 58.96
C GLU X 434 -62.99 106.24 59.83
N LEU X 435 -62.48 107.35 59.30
CA LEU X 435 -61.62 108.22 60.08
C LEU X 435 -62.40 109.04 61.11
N ILE X 436 -63.67 109.31 60.85
CA ILE X 436 -64.49 109.91 61.91
C ILE X 436 -64.81 108.86 62.97
N SER X 437 -65.05 107.61 62.55
CA SER X 437 -65.29 106.55 63.53
C SER X 437 -64.06 106.37 64.43
N THR X 438 -62.86 106.46 63.85
CA THR X 438 -61.64 106.34 64.65
C THR X 438 -61.53 107.46 65.67
N VAL X 439 -61.86 108.69 65.28
CA VAL X 439 -61.81 109.79 66.23
C VAL X 439 -62.77 109.57 67.37
N ARG X 440 -64.00 109.15 67.07
CA ARG X 440 -64.95 108.87 68.15
C ARG X 440 -64.46 107.74 69.04
N GLN X 441 -63.90 106.69 68.44
CA GLN X 441 -63.44 105.53 69.19
C GLN X 441 -62.29 105.89 70.12
N CYS X 442 -61.36 106.74 69.67
CA CYS X 442 -60.21 107.11 70.46
C CYS X 442 -60.45 108.37 71.29
N THR X 443 -61.66 108.93 71.23
CA THR X 443 -62.07 109.90 72.23
C THR X 443 -62.97 109.31 73.31
N LYS X 444 -63.57 108.14 73.04
CA LYS X 444 -64.42 107.49 74.05
C LYS X 444 -63.70 107.34 75.38
N LYS X 445 -62.42 107.02 75.36
CA LYS X 445 -61.67 106.84 76.61
C LYS X 445 -61.39 108.14 77.34
N LEU X 446 -61.93 109.27 76.89
CA LEU X 446 -61.76 110.53 77.58
C LEU X 446 -62.98 110.84 78.46
N GLN X 447 -63.86 109.87 78.65
CA GLN X 447 -65.09 110.04 79.40
C GLN X 447 -64.86 110.44 80.85
N GLN X 448 -63.60 110.56 81.27
CA GLN X 448 -63.30 111.08 82.59
C GLN X 448 -63.89 112.48 82.76
N TYR X 449 -63.65 113.36 81.79
CA TYR X 449 -64.29 114.67 81.79
C TYR X 449 -65.36 114.70 80.72
N PRO X 450 -66.63 114.82 81.08
CA PRO X 450 -67.64 115.19 80.07
C PRO X 450 -67.50 116.66 79.73
N ARG X 451 -68.22 117.06 78.69
CA ARG X 451 -68.26 118.44 78.18
C ARG X 451 -66.94 118.86 77.55
N LEU X 452 -65.91 118.01 77.58
CA LEU X 452 -64.69 118.24 76.82
C LEU X 452 -64.51 117.25 75.70
N ARG X 453 -64.94 116.00 75.89
CA ARG X 453 -64.99 115.07 74.77
C ARG X 453 -65.90 115.59 73.67
N GLU X 454 -67.01 116.21 74.05
CA GLU X 454 -67.92 116.79 73.08
C GLU X 454 -67.22 117.87 72.26
N GLU X 455 -66.52 118.78 72.94
CA GLU X 455 -65.79 119.83 72.23
C GLU X 455 -64.70 119.26 71.33
N MET X 456 -63.95 118.29 71.83
CA MET X 456 -62.85 117.74 71.06
C MET X 456 -63.37 117.05 69.79
N GLU X 457 -64.42 116.23 69.94
CA GLU X 457 -65.01 115.59 68.77
C GLU X 457 -65.60 116.63 67.82
N ARG X 458 -66.31 117.62 68.36
CA ARG X 458 -66.90 118.67 67.54
C ARG X 458 -65.89 119.50 66.79
N ILE X 459 -64.66 119.59 67.29
CA ILE X 459 -63.63 120.33 66.57
C ILE X 459 -62.94 119.46 65.54
N VAL X 460 -62.52 118.25 65.93
CA VAL X 460 -61.80 117.39 64.99
C VAL X 460 -62.69 116.99 63.82
N THR X 461 -63.95 116.62 64.10
CA THR X 461 -64.84 116.21 63.02
C THR X 461 -65.15 117.36 62.08
N THR X 462 -65.34 118.57 62.63
CA THR X 462 -65.55 119.72 61.75
C THR X 462 -64.32 119.98 60.90
N HIS X 463 -63.12 119.80 61.46
CA HIS X 463 -61.92 119.97 60.65
C HIS X 463 -61.88 118.95 59.52
N ILE X 464 -62.22 117.69 59.82
CA ILE X 464 -62.21 116.67 58.78
C ILE X 464 -63.23 116.98 57.70
N ARG X 465 -64.41 117.46 58.09
CA ARG X 465 -65.41 117.84 57.09
C ARG X 465 -64.95 119.03 56.26
N GLU X 466 -64.32 120.02 56.90
CA GLU X 466 -63.79 121.16 56.16
C GLU X 466 -62.65 120.76 55.24
N ARG X 467 -62.02 119.62 55.48
CA ARG X 467 -60.97 119.11 54.60
C ARG X 467 -61.48 118.19 53.50
N GLU X 468 -62.67 117.60 53.68
CA GLU X 468 -63.18 116.70 52.65
C GLU X 468 -63.42 117.44 51.34
N GLY X 469 -63.84 118.71 51.41
CA GLY X 469 -64.04 119.48 50.20
C GLY X 469 -62.78 119.62 49.39
N ARG X 470 -61.68 119.99 50.06
CA ARG X 470 -60.41 120.15 49.36
C ARG X 470 -59.92 118.83 48.79
N THR X 471 -60.02 117.75 49.56
CA THR X 471 -59.50 116.49 49.03
C THR X 471 -60.34 115.98 47.88
N LYS X 472 -61.66 116.16 47.92
CA LYS X 472 -62.50 115.77 46.79
C LYS X 472 -62.19 116.63 45.57
N GLU X 473 -61.94 117.93 45.78
CA GLU X 473 -61.59 118.80 44.67
C GLU X 473 -60.31 118.33 43.99
N GLN X 474 -59.28 118.02 44.79
CA GLN X 474 -58.04 117.52 44.20
C GLN X 474 -58.23 116.16 43.54
N VAL X 475 -59.08 115.31 44.11
CA VAL X 475 -59.35 114.01 43.52
C VAL X 475 -59.96 114.17 42.13
N MET X 476 -60.96 115.04 42.01
CA MET X 476 -61.54 115.31 40.71
C MET X 476 -60.51 115.90 39.75
N LEU X 477 -59.70 116.83 40.24
CA LEU X 477 -58.75 117.51 39.36
C LEU X 477 -57.67 116.57 38.86
N LEU X 478 -57.30 115.54 39.63
CA LEU X 478 -56.30 114.60 39.15
C LEU X 478 -56.75 113.86 37.91
N ILE X 479 -57.94 113.26 37.96
CA ILE X 479 -58.44 112.55 36.78
C ILE X 479 -58.78 113.54 35.68
N ASP X 480 -59.24 114.75 36.02
CA ASP X 480 -59.49 115.75 35.00
C ASP X 480 -58.20 116.11 34.26
N ILE X 481 -57.08 116.09 34.97
CA ILE X 481 -55.78 116.22 34.33
C ILE X 481 -55.51 115.01 33.44
N GLU X 482 -55.84 113.81 33.93
CA GLU X 482 -55.63 112.61 33.14
C GLU X 482 -56.39 112.65 31.82
N LEU X 483 -57.53 113.35 31.80
CA LEU X 483 -58.30 113.51 30.58
C LEU X 483 -57.70 114.53 29.61
N ALA X 484 -56.44 114.90 29.74
CA ALA X 484 -55.91 115.98 28.91
C ALA X 484 -54.97 115.53 27.81
N TYR X 485 -54.05 114.61 28.07
CA TYR X 485 -52.94 114.42 27.14
C TYR X 485 -52.88 113.05 26.48
N MET X 486 -53.27 111.98 27.20
CA MET X 486 -53.24 110.62 26.65
C MET X 486 -51.84 110.24 26.17
N ASN X 487 -50.91 110.21 27.12
CA ASN X 487 -49.52 109.92 26.81
C ASN X 487 -49.38 108.52 26.22
N THR X 488 -48.52 108.39 25.21
CA THR X 488 -48.34 107.11 24.55
C THR X 488 -46.86 106.80 24.37
N ASN X 489 -45.96 107.66 24.84
CA ASN X 489 -44.55 107.34 24.85
C ASN X 489 -44.14 106.80 26.22
N HIS X 490 -45.12 106.35 27.00
CA HIS X 490 -44.88 105.63 28.24
C HIS X 490 -44.50 104.19 27.88
N GLU X 491 -44.46 103.31 28.86
CA GLU X 491 -44.21 101.91 28.51
C GLU X 491 -45.40 101.25 27.79
N ASP X 492 -46.44 102.02 27.47
CA ASP X 492 -47.47 101.54 26.55
C ASP X 492 -46.83 101.11 25.25
N PHE X 493 -47.13 99.88 24.84
CA PHE X 493 -46.53 99.33 23.63
C PHE X 493 -47.08 100.01 22.38
N ILE X 494 -46.24 100.10 21.36
CA ILE X 494 -46.63 100.73 20.10
C ILE X 494 -47.73 99.92 19.43
N PRO X 653 -64.13 94.29 6.35
CA PRO X 653 -63.26 95.15 5.56
C PRO X 653 -61.94 95.45 6.28
N GLN X 654 -61.48 96.70 6.15
CA GLN X 654 -60.37 97.19 6.96
C GLN X 654 -60.83 97.72 8.29
N LEU X 655 -62.14 97.92 8.46
CA LEU X 655 -62.68 98.45 9.71
C LEU X 655 -62.44 97.49 10.86
N GLU X 656 -62.59 96.19 10.62
CA GLU X 656 -62.39 95.23 11.71
C GLU X 656 -60.95 95.24 12.20
N ARG X 657 -59.98 95.26 11.27
CA ARG X 657 -58.59 95.33 11.70
C ARG X 657 -58.28 96.65 12.40
N GLN X 658 -58.83 97.76 11.89
CA GLN X 658 -58.61 99.04 12.55
C GLN X 658 -59.18 99.05 13.96
N VAL X 659 -60.39 98.51 14.13
CA VAL X 659 -61.03 98.50 15.45
C VAL X 659 -60.29 97.56 16.40
N GLU X 660 -59.81 96.41 15.90
CA GLU X 660 -59.02 95.53 16.75
C GLU X 660 -57.73 96.23 17.21
N THR X 661 -57.06 96.93 16.29
CA THR X 661 -55.85 97.65 16.68
C THR X 661 -56.17 98.76 17.67
N ILE X 662 -57.34 99.40 17.54
CA ILE X 662 -57.72 100.45 18.47
C ILE X 662 -58.03 99.87 19.84
N ARG X 663 -58.70 98.73 19.89
CA ARG X 663 -59.04 98.10 21.17
C ARG X 663 -57.80 97.59 21.89
N ASN X 664 -56.87 96.98 21.16
CA ASN X 664 -55.65 96.49 21.80
C ASN X 664 -54.83 97.62 22.41
N LEU X 665 -55.06 98.86 21.98
CA LEU X 665 -54.40 100.01 22.57
C LEU X 665 -55.24 100.65 23.66
N VAL X 666 -56.56 100.68 23.47
CA VAL X 666 -57.45 101.25 24.48
C VAL X 666 -57.37 100.46 25.77
N ASP X 667 -57.33 99.13 25.68
CA ASP X 667 -57.21 98.31 26.88
C ASP X 667 -55.90 98.59 27.60
N SER X 668 -54.80 98.69 26.85
CA SER X 668 -53.51 98.96 27.47
C SER X 668 -53.52 100.30 28.18
N TYR X 669 -54.03 101.34 27.53
CA TYR X 669 -54.02 102.65 28.16
C TYR X 669 -55.00 102.71 29.33
N MET X 670 -56.09 101.94 29.27
CA MET X 670 -56.99 101.82 30.42
C MET X 670 -56.24 101.23 31.60
N ALA X 671 -55.45 100.17 31.36
CA ALA X 671 -54.66 99.60 32.45
C ALA X 671 -53.64 100.60 32.98
N ILE X 672 -53.00 101.35 32.09
CA ILE X 672 -51.93 102.25 32.53
C ILE X 672 -52.47 103.49 33.22
N VAL X 673 -53.70 103.90 32.93
CA VAL X 673 -54.31 104.97 33.69
C VAL X 673 -54.91 104.45 34.99
N ASN X 674 -55.35 103.18 35.01
CA ASN X 674 -55.79 102.59 36.26
C ASN X 674 -54.65 102.48 37.25
N LYS X 675 -53.46 102.08 36.77
CA LYS X 675 -52.31 102.01 37.66
C LYS X 675 -51.99 103.37 38.26
N THR X 676 -52.01 104.41 37.43
CA THR X 676 -51.63 105.74 37.87
C THR X 676 -52.68 106.38 38.77
N VAL X 677 -53.96 106.06 38.60
CA VAL X 677 -54.95 106.56 39.54
C VAL X 677 -54.98 105.73 40.81
N ARG X 678 -54.64 104.44 40.72
CA ARG X 678 -54.58 103.58 41.90
C ARG X 678 -53.39 103.92 42.79
N ASP X 679 -52.29 104.38 42.22
CA ASP X 679 -51.13 104.78 43.01
C ASP X 679 -51.26 106.18 43.57
N LEU X 680 -52.19 106.99 43.07
CA LEU X 680 -52.33 108.36 43.53
C LEU X 680 -53.67 108.68 44.15
N MET X 681 -54.56 107.71 44.30
CA MET X 681 -55.74 107.98 45.11
C MET X 681 -55.41 107.92 46.60
N PRO X 682 -54.69 106.89 47.09
CA PRO X 682 -54.26 106.92 48.49
C PRO X 682 -53.47 108.18 48.82
N LYS X 683 -52.39 108.40 48.08
CA LYS X 683 -51.52 109.54 48.35
C LYS X 683 -52.30 110.84 48.32
N THR X 684 -53.24 110.98 47.39
CA THR X 684 -54.05 112.18 47.32
C THR X 684 -54.90 112.35 48.58
N ILE X 685 -55.55 111.28 49.02
CA ILE X 685 -56.41 111.39 50.20
C ILE X 685 -55.59 111.79 51.42
N MET X 686 -54.48 111.10 51.64
CA MET X 686 -53.76 111.23 52.91
C MET X 686 -52.99 112.53 53.00
N HIS X 687 -52.36 112.95 51.91
CA HIS X 687 -51.63 114.21 51.96
C HIS X 687 -52.55 115.38 52.25
N LEU X 688 -53.84 115.24 51.94
CA LEU X 688 -54.80 116.30 52.22
C LEU X 688 -55.62 116.05 53.47
N MET X 689 -55.99 114.80 53.74
CA MET X 689 -56.87 114.48 54.86
C MET X 689 -56.10 114.05 56.10
N ILE X 690 -55.31 112.99 56.00
CA ILE X 690 -54.78 112.33 57.20
C ILE X 690 -53.50 113.02 57.66
N ASN X 691 -52.54 113.16 56.76
CA ASN X 691 -51.31 113.85 57.13
C ASN X 691 -51.51 115.34 57.31
N ASN X 692 -52.76 115.81 57.27
CA ASN X 692 -53.09 117.16 57.67
C ASN X 692 -53.93 117.22 58.95
N THR X 693 -54.85 116.27 59.14
CA THR X 693 -55.55 116.21 60.42
C THR X 693 -54.59 115.83 61.55
N LYS X 694 -53.56 115.04 61.23
CA LYS X 694 -52.55 114.71 62.23
C LYS X 694 -51.81 115.96 62.70
N GLU X 695 -51.40 116.81 61.76
CA GLU X 695 -50.74 118.05 62.14
C GLU X 695 -51.70 119.00 62.82
N PHE X 696 -52.98 118.99 62.43
CA PHE X 696 -53.95 119.79 63.16
C PHE X 696 -54.05 119.35 64.61
N ILE X 697 -54.08 118.04 64.84
CA ILE X 697 -54.12 117.51 66.21
C ILE X 697 -52.88 117.93 66.98
N PHE X 698 -51.71 117.75 66.36
CA PHE X 698 -50.46 118.00 67.06
C PHE X 698 -50.12 119.47 67.21
N SER X 699 -50.78 120.37 66.48
CA SER X 699 -50.44 121.79 66.55
C SER X 699 -51.58 122.68 67.04
N GLU X 700 -52.76 122.58 66.41
CA GLU X 700 -53.77 123.61 66.54
C GLU X 700 -54.90 123.24 67.51
N LEU X 701 -55.04 121.97 67.88
CA LEU X 701 -56.14 121.58 68.76
C LEU X 701 -56.05 122.27 70.10
N LEU X 702 -54.84 122.36 70.66
CA LEU X 702 -54.66 122.97 71.97
C LEU X 702 -55.10 124.42 71.97
N ALA X 703 -54.77 125.16 70.91
CA ALA X 703 -55.16 126.57 70.84
C ALA X 703 -56.68 126.72 70.86
N ASN X 704 -57.38 125.94 70.04
CA ASN X 704 -58.84 126.05 69.98
C ASN X 704 -59.44 125.68 71.34
N LEU X 705 -58.98 124.58 71.93
CA LEU X 705 -59.56 124.14 73.19
C LEU X 705 -59.33 125.15 74.31
N TYR X 706 -58.12 125.74 74.36
CA TYR X 706 -57.86 126.71 75.42
C TYR X 706 -58.55 128.04 75.14
N SER X 707 -58.79 128.38 73.86
CA SER X 707 -59.35 129.67 73.52
C SER X 707 -60.87 129.69 73.61
N CYS X 708 -61.53 128.53 73.48
CA CYS X 708 -62.97 128.52 73.62
C CYS X 708 -63.37 128.92 75.03
N GLY X 709 -64.50 129.59 75.15
CA GLY X 709 -64.85 130.26 76.38
C GLY X 709 -65.22 129.32 77.51
N ASP X 710 -65.30 129.90 78.70
CA ASP X 710 -65.73 129.22 79.92
C ASP X 710 -64.82 128.02 80.23
N GLN X 711 -63.57 128.37 80.54
CA GLN X 711 -62.59 127.38 80.99
C GLN X 711 -63.10 126.55 82.15
N ASN X 712 -63.84 127.18 83.07
CA ASN X 712 -64.32 126.47 84.25
C ASN X 712 -65.30 125.36 83.89
N THR X 713 -66.01 125.48 82.77
CA THR X 713 -66.97 124.46 82.37
C THR X 713 -66.44 123.56 81.24
N LEU X 714 -65.36 123.95 80.58
CA LEU X 714 -64.77 123.03 79.61
C LEU X 714 -64.27 121.77 80.28
N MET X 715 -63.71 121.88 81.48
CA MET X 715 -63.32 120.74 82.30
C MET X 715 -64.33 120.59 83.42
N GLU X 716 -65.36 119.80 83.20
CA GLU X 716 -66.29 119.40 84.24
C GLU X 716 -65.78 118.13 84.90
N GLU X 717 -65.60 118.20 86.22
CA GLU X 717 -65.37 116.99 86.98
C GLU X 717 -66.60 116.10 86.86
N SER X 718 -66.38 114.87 86.40
CA SER X 718 -67.46 113.89 86.39
C SER X 718 -67.68 113.38 87.79
N ALA X 719 -68.94 113.05 88.09
CA ALA X 719 -69.26 112.51 89.40
C ALA X 719 -68.42 111.29 89.71
N GLU X 720 -68.14 110.47 88.69
CA GLU X 720 -67.35 109.26 88.90
C GLU X 720 -65.97 109.59 89.44
N GLN X 721 -65.24 110.47 88.73
CA GLN X 721 -63.87 110.73 89.17
C GLN X 721 -63.85 111.56 90.43
N ALA X 722 -64.84 112.45 90.64
CA ALA X 722 -64.84 113.25 91.86
C ALA X 722 -65.12 112.40 93.09
N GLN X 723 -66.12 111.52 93.02
CA GLN X 723 -66.39 110.62 94.13
C GLN X 723 -65.22 109.66 94.35
N ARG X 724 -64.62 109.16 93.26
CA ARG X 724 -63.46 108.29 93.41
C ARG X 724 -62.31 109.02 94.10
N ARG X 725 -62.07 110.27 93.73
CA ARG X 725 -60.98 111.05 94.31
C ARG X 725 -61.22 111.30 95.79
N ASP X 726 -62.43 111.70 96.16
CA ASP X 726 -62.73 111.93 97.57
C ASP X 726 -62.61 110.64 98.37
N GLU X 727 -63.07 109.52 97.81
CA GLU X 727 -63.00 108.25 98.52
C GLU X 727 -61.55 107.79 98.65
N MET X 728 -60.72 108.07 97.64
CA MET X 728 -59.27 107.87 97.79
C MET X 728 -58.72 108.69 98.95
N LEU X 729 -59.12 109.95 99.06
CA LEU X 729 -58.61 110.79 100.14
C LEU X 729 -58.99 110.23 101.50
N ARG X 730 -60.26 109.83 101.65
CA ARG X 730 -60.71 109.25 102.91
C ARG X 730 -60.00 107.93 103.19
N MET X 731 -59.78 107.13 102.15
CA MET X 731 -59.07 105.86 102.32
C MET X 731 -57.65 106.07 102.78
N TYR X 732 -56.96 107.06 102.21
CA TYR X 732 -55.60 107.37 102.62
C TYR X 732 -55.55 107.83 104.06
N HIS X 733 -56.49 108.69 104.47
CA HIS X 733 -56.51 109.12 105.86
C HIS X 733 -56.79 107.95 106.81
N ALA X 734 -57.73 107.07 106.44
CA ALA X 734 -58.04 105.91 107.28
C ALA X 734 -56.84 104.98 107.38
N LEU X 735 -56.12 104.76 106.29
CA LEU X 735 -54.91 103.94 106.35
C LEU X 735 -53.84 104.58 107.20
N LYS X 736 -53.70 105.90 107.14
CA LYS X 736 -52.75 106.58 108.03
C LYS X 736 -53.12 106.35 109.49
N GLU X 737 -54.40 106.46 109.82
CA GLU X 737 -54.84 106.19 111.19
C GLU X 737 -54.58 104.74 111.58
N ALA X 738 -54.81 103.81 110.66
CA ALA X 738 -54.58 102.40 110.97
C ALA X 738 -53.11 102.12 111.25
N LEU X 739 -52.21 102.69 110.44
CA LEU X 739 -50.79 102.50 110.70
C LEU X 739 -50.34 103.19 111.99
N SER X 740 -50.94 104.34 112.34
CA SER X 740 -50.64 104.94 113.63
C SER X 740 -51.09 104.03 114.77
N ILE X 741 -52.24 103.38 114.62
CA ILE X 741 -52.73 102.46 115.65
C ILE X 741 -51.81 101.25 115.76
N ILE X 742 -51.34 100.73 114.63
CA ILE X 742 -50.37 99.64 114.68
C ILE X 742 -49.11 100.09 115.41
N GLY X 743 -48.64 101.30 115.13
CA GLY X 743 -47.47 101.81 115.82
C GLY X 743 -47.66 101.90 117.32
N ASN X 744 -48.81 102.42 117.75
CA ASN X 744 -49.06 102.62 119.17
C ASN X 744 -49.55 101.36 119.88
N ILE X 745 -49.83 100.28 119.16
CA ILE X 745 -50.21 99.01 119.76
C ILE X 745 -49.03 98.04 119.82
N ASN X 746 -48.21 98.00 118.77
CA ASN X 746 -47.06 97.11 118.74
C ASN X 746 -46.09 97.42 119.87
N THR X 747 -46.10 98.64 120.38
CA THR X 747 -45.26 99.02 121.51
C THR X 747 -45.83 98.51 122.82
N ILE Y 10 -64.43 23.02 150.65
CA ILE Y 10 -63.61 23.14 149.46
C ILE Y 10 -64.40 22.67 148.25
N PRO Y 11 -64.21 23.33 147.11
CA PRO Y 11 -65.01 23.01 145.93
C PRO Y 11 -64.76 21.61 145.39
N LEU Y 12 -65.83 21.00 144.88
CA LEU Y 12 -65.74 19.64 144.37
C LEU Y 12 -64.89 19.55 143.12
N VAL Y 13 -64.79 20.63 142.34
CA VAL Y 13 -63.88 20.62 141.20
C VAL Y 13 -62.43 20.55 141.67
N ASN Y 14 -62.10 21.28 142.75
CA ASN Y 14 -60.78 21.14 143.36
C ASN Y 14 -60.56 19.73 143.87
N ARG Y 15 -61.56 19.14 144.52
CA ARG Y 15 -61.38 17.78 145.03
C ARG Y 15 -61.19 16.78 143.88
N LEU Y 16 -61.93 16.98 142.78
CA LEU Y 16 -61.75 16.13 141.60
C LEU Y 16 -60.37 16.27 141.02
N GLN Y 17 -59.85 17.50 140.96
CA GLN Y 17 -58.49 17.69 140.46
C GLN Y 17 -57.46 17.05 141.39
N ASP Y 18 -57.70 17.12 142.70
CA ASP Y 18 -56.83 16.44 143.65
C ASP Y 18 -56.82 14.94 143.39
N ALA Y 19 -58.01 14.37 143.16
CA ALA Y 19 -58.09 12.93 142.87
C ALA Y 19 -57.40 12.59 141.56
N PHE Y 20 -57.50 13.47 140.56
CA PHE Y 20 -56.82 13.24 139.30
C PHE Y 20 -55.31 13.25 139.48
N SER Y 21 -54.79 14.21 140.25
CA SER Y 21 -53.36 14.22 140.54
C SER Y 21 -52.96 12.96 141.31
N ALA Y 22 -53.82 12.51 142.22
CA ALA Y 22 -53.52 11.29 142.98
C ALA Y 22 -53.42 10.08 142.07
N ILE Y 23 -54.37 9.90 141.16
CA ILE Y 23 -54.28 8.79 140.23
C ILE Y 23 -53.10 8.98 139.28
N GLY Y 24 -52.64 10.23 139.11
CA GLY Y 24 -51.43 10.51 138.38
C GLY Y 24 -51.46 10.23 136.90
N GLN Y 25 -52.54 9.66 136.37
CA GLN Y 25 -52.64 9.47 134.94
C GLN Y 25 -52.69 10.83 134.24
N ASN Y 26 -52.15 10.88 133.03
CA ASN Y 26 -51.99 12.14 132.31
C ASN Y 26 -53.33 12.61 131.75
N ALA Y 27 -54.27 12.82 132.66
CA ALA Y 27 -55.59 13.31 132.35
C ALA Y 27 -55.81 14.67 133.00
N ASP Y 28 -56.71 15.45 132.41
CA ASP Y 28 -57.00 16.79 132.91
C ASP Y 28 -58.46 17.10 132.68
N LEU Y 29 -59.00 18.00 133.50
CA LEU Y 29 -60.40 18.38 133.38
C LEU Y 29 -60.65 19.28 132.18
N ASP Y 30 -59.59 19.79 131.54
CA ASP Y 30 -59.69 20.59 130.33
C ASP Y 30 -60.49 21.87 130.57
N LEU Y 31 -60.07 22.64 131.57
CA LEU Y 31 -60.70 23.92 131.83
C LEU Y 31 -60.31 24.94 130.77
N PRO Y 32 -61.16 25.91 130.50
CA PRO Y 32 -60.77 27.01 129.60
C PRO Y 32 -59.74 27.91 130.28
N GLN Y 33 -58.91 28.55 129.47
CA GLN Y 33 -57.96 29.49 130.01
C GLN Y 33 -58.65 30.78 130.40
N ILE Y 34 -57.99 31.57 131.24
CA ILE Y 34 -58.50 32.84 131.70
C ILE Y 34 -57.54 33.93 131.27
N ALA Y 35 -58.07 35.03 130.74
CA ALA Y 35 -57.26 36.18 130.37
C ALA Y 35 -57.82 37.40 131.07
N VAL Y 36 -56.96 38.16 131.75
CA VAL Y 36 -57.36 39.39 132.42
C VAL Y 36 -56.92 40.57 131.57
N VAL Y 37 -57.87 41.42 131.20
CA VAL Y 37 -57.59 42.53 130.30
C VAL Y 37 -58.32 43.78 130.79
N GLY Y 38 -57.78 44.93 130.43
CA GLY Y 38 -58.36 46.19 130.83
C GLY Y 38 -57.48 47.35 130.39
N GLY Y 39 -57.82 48.53 130.89
CA GLY Y 39 -57.02 49.70 130.62
C GLY Y 39 -55.79 49.74 131.49
N GLN Y 40 -54.87 50.64 131.12
CA GLN Y 40 -53.66 50.81 131.90
C GLN Y 40 -54.01 51.36 133.29
N SER Y 41 -53.35 50.82 134.30
CA SER Y 41 -53.58 51.16 135.71
C SER Y 41 -54.99 50.84 136.16
N ALA Y 42 -55.65 49.87 135.53
CA ALA Y 42 -56.98 49.47 135.96
C ALA Y 42 -56.93 48.71 137.28
N GLY Y 43 -55.99 47.77 137.41
CA GLY Y 43 -55.94 46.90 138.56
C GLY Y 43 -55.91 45.44 138.18
N LYS Y 44 -55.54 45.18 136.93
CA LYS Y 44 -55.61 43.83 136.37
C LYS Y 44 -54.70 42.86 137.13
N SER Y 45 -53.43 43.23 137.30
CA SER Y 45 -52.48 42.35 137.98
C SER Y 45 -52.89 42.14 139.44
N SER Y 46 -53.39 43.19 140.09
CA SER Y 46 -53.80 43.04 141.49
C SER Y 46 -54.98 42.09 141.62
N VAL Y 47 -55.97 42.21 140.73
CA VAL Y 47 -57.09 41.28 140.75
C VAL Y 47 -56.60 39.86 140.50
N LEU Y 48 -55.69 39.69 139.55
CA LEU Y 48 -55.19 38.35 139.25
C LEU Y 48 -54.49 37.74 140.46
N GLU Y 49 -53.63 38.50 141.13
CA GLU Y 49 -52.91 37.92 142.26
C GLU Y 49 -53.84 37.67 143.43
N ASN Y 50 -54.85 38.52 143.62
CA ASN Y 50 -55.79 38.27 144.70
C ASN Y 50 -56.66 37.05 144.42
N PHE Y 51 -56.97 36.80 143.15
CA PHE Y 51 -57.66 35.56 142.80
C PHE Y 51 -56.77 34.34 143.02
N VAL Y 52 -55.49 34.46 142.70
CA VAL Y 52 -54.56 33.36 142.98
C VAL Y 52 -54.49 33.10 144.48
N GLY Y 53 -54.40 34.16 145.28
CA GLY Y 53 -54.34 34.07 146.72
C GLY Y 53 -53.00 34.45 147.31
N ARG Y 54 -51.96 34.57 146.49
CA ARG Y 54 -50.61 34.82 146.98
C ARG Y 54 -49.96 35.90 146.13
N ASP Y 55 -49.23 36.80 146.79
CA ASP Y 55 -48.74 38.04 146.17
C ASP Y 55 -47.41 37.78 145.50
N PHE Y 56 -47.43 37.61 144.17
CA PHE Y 56 -46.21 37.37 143.42
C PHE Y 56 -46.22 38.09 142.07
N LEU Y 57 -46.90 39.23 141.98
CA LEU Y 57 -47.02 39.93 140.72
C LEU Y 57 -46.59 41.38 140.86
N PRO Y 58 -45.99 41.95 139.81
CA PRO Y 58 -45.57 43.36 139.87
C PRO Y 58 -46.77 44.28 139.88
N ARG Y 59 -46.86 45.15 140.89
CA ARG Y 59 -47.99 46.06 141.05
C ARG Y 59 -47.47 47.41 141.50
N GLY Y 60 -47.67 48.43 140.66
CA GLY Y 60 -47.29 49.78 141.00
C GLY Y 60 -47.94 50.77 140.07
N SER Y 61 -47.78 52.05 140.40
CA SER Y 61 -48.31 53.10 139.56
C SER Y 61 -47.52 53.20 138.27
N GLY Y 62 -48.17 53.73 137.24
CA GLY Y 62 -47.55 53.81 135.93
C GLY Y 62 -47.68 52.50 135.18
N ILE Y 63 -46.83 52.33 134.18
CA ILE Y 63 -46.79 51.10 133.40
C ILE Y 63 -45.95 50.07 134.16
N VAL Y 64 -46.57 48.95 134.50
CA VAL Y 64 -45.90 47.93 135.30
C VAL Y 64 -45.94 46.59 134.58
N THR Y 65 -47.15 46.08 134.33
CA THR Y 65 -47.32 44.80 133.65
C THR Y 65 -47.03 45.02 132.17
N ARG Y 66 -45.74 45.00 131.83
CA ARG Y 66 -45.29 45.38 130.50
C ARG Y 66 -44.87 44.18 129.65
N ARG Y 67 -45.36 42.98 129.97
CA ARG Y 67 -45.04 41.80 129.18
C ARG Y 67 -46.06 40.71 129.50
N PRO Y 68 -46.60 40.01 128.50
CA PRO Y 68 -47.68 39.05 128.76
C PRO Y 68 -47.20 37.88 129.61
N LEU Y 69 -47.74 37.78 130.81
CA LEU Y 69 -47.39 36.72 131.75
C LEU Y 69 -48.37 35.57 131.60
N VAL Y 70 -47.89 34.44 131.09
CA VAL Y 70 -48.70 33.23 130.95
C VAL Y 70 -48.45 32.39 132.20
N LEU Y 71 -49.29 32.59 133.19
CA LEU Y 71 -49.30 31.80 134.41
C LEU Y 71 -49.99 30.46 134.18
N GLN Y 72 -49.45 29.42 134.80
CA GLN Y 72 -50.13 28.12 134.85
C GLN Y 72 -50.16 27.65 136.30
N LEU Y 73 -51.31 27.79 136.94
CA LEU Y 73 -51.51 27.21 138.25
C LEU Y 73 -51.74 25.71 138.09
N VAL Y 74 -50.94 24.90 138.77
CA VAL Y 74 -51.05 23.45 138.71
C VAL Y 74 -51.08 22.91 140.13
N ASN Y 75 -51.49 21.65 140.25
CA ASN Y 75 -51.67 21.01 141.53
C ASN Y 75 -50.51 20.08 141.84
N ALA Y 76 -50.02 20.14 143.07
CA ALA Y 76 -48.95 19.27 143.52
C ALA Y 76 -48.97 19.23 145.04
N THR Y 77 -47.99 18.55 145.63
CA THR Y 77 -47.98 18.36 147.07
C THR Y 77 -47.78 19.67 147.81
N THR Y 78 -46.76 20.43 147.43
CA THR Y 78 -46.47 21.71 148.07
C THR Y 78 -46.04 22.74 147.03
N GLU Y 79 -46.05 23.99 147.45
CA GLU Y 79 -46.04 25.13 146.52
C GLU Y 79 -44.63 25.60 146.21
N TYR Y 80 -44.41 25.94 144.95
CA TYR Y 80 -43.22 26.64 144.47
C TYR Y 80 -43.56 27.22 143.11
N ALA Y 81 -42.55 27.75 142.42
CA ALA Y 81 -42.76 28.34 141.11
C ALA Y 81 -41.53 28.08 140.24
N GLU Y 82 -41.78 27.89 138.95
CA GLU Y 82 -40.71 27.69 137.98
C GLU Y 82 -41.00 28.47 136.72
N PHE Y 83 -39.96 29.12 136.19
CA PHE Y 83 -40.05 29.81 134.92
C PHE Y 83 -39.64 28.85 133.81
N LEU Y 84 -39.49 29.37 132.59
CA LEU Y 84 -38.93 28.60 131.48
C LEU Y 84 -37.58 29.14 131.03
N HIS Y 85 -36.91 29.90 131.88
CA HIS Y 85 -35.54 30.32 131.62
C HIS Y 85 -34.57 29.94 132.74
N CYS Y 86 -35.03 29.99 133.99
CA CYS Y 86 -34.23 29.49 135.12
C CYS Y 86 -34.50 28.00 135.33
N LYS Y 87 -34.23 27.23 134.27
CA LYS Y 87 -34.54 25.81 134.26
C LYS Y 87 -33.82 25.09 135.39
N GLY Y 88 -34.57 24.27 136.13
CA GLY Y 88 -34.05 23.56 137.29
C GLY Y 88 -34.27 24.31 138.59
N LYS Y 89 -34.18 25.64 138.55
CA LYS Y 89 -34.36 26.43 139.76
C LYS Y 89 -35.81 26.37 140.22
N LYS Y 90 -36.01 26.40 141.53
CA LYS Y 90 -37.33 26.31 142.15
C LYS Y 90 -37.52 27.53 143.04
N PHE Y 91 -38.00 28.62 142.45
CA PHE Y 91 -38.32 29.81 143.22
C PHE Y 91 -39.39 29.49 144.26
N THR Y 92 -39.15 29.92 145.49
CA THR Y 92 -40.03 29.57 146.58
C THR Y 92 -40.59 30.78 147.33
N ASP Y 93 -39.80 31.83 147.51
CA ASP Y 93 -40.28 33.03 148.17
C ASP Y 93 -40.70 34.06 147.12
N PHE Y 94 -41.90 34.59 147.32
CA PHE Y 94 -42.58 35.34 146.27
C PHE Y 94 -42.00 36.73 146.08
N GLU Y 95 -41.29 37.28 147.07
CA GLU Y 95 -40.51 38.47 146.80
C GLU Y 95 -39.46 38.20 145.73
N GLU Y 96 -38.74 37.08 145.87
CA GLU Y 96 -37.78 36.68 144.83
C GLU Y 96 -38.50 36.42 143.51
N VAL Y 97 -39.69 35.80 143.56
CA VAL Y 97 -40.42 35.54 142.33
C VAL Y 97 -40.76 36.85 141.62
N ARG Y 98 -41.25 37.84 142.36
CA ARG Y 98 -41.61 39.12 141.75
C ARG Y 98 -40.39 39.84 141.21
N LEU Y 99 -39.29 39.82 141.96
CA LEU Y 99 -38.07 40.47 141.47
C LEU Y 99 -37.58 39.80 140.19
N GLU Y 100 -37.62 38.47 140.14
CA GLU Y 100 -37.24 37.77 138.92
C GLU Y 100 -38.17 38.13 137.77
N ILE Y 101 -39.47 38.27 138.04
CA ILE Y 101 -40.41 38.63 136.98
C ILE Y 101 -40.06 39.99 136.40
N GLU Y 102 -39.86 40.99 137.27
CA GLU Y 102 -39.58 42.33 136.76
C GLU Y 102 -38.23 42.39 136.05
N ALA Y 103 -37.23 41.67 136.58
CA ALA Y 103 -35.94 41.62 135.90
C ALA Y 103 -36.05 40.97 134.54
N GLU Y 104 -36.84 39.90 134.43
CA GLU Y 104 -37.04 39.23 133.15
C GLU Y 104 -37.72 40.16 132.15
N THR Y 105 -38.72 40.92 132.61
CA THR Y 105 -39.36 41.90 131.75
C THR Y 105 -38.36 42.93 131.25
N ASP Y 106 -37.53 43.45 132.17
CA ASP Y 106 -36.59 44.50 131.80
C ASP Y 106 -35.51 43.99 130.84
N ARG Y 107 -35.10 42.73 131.00
CA ARG Y 107 -33.99 42.22 130.21
C ARG Y 107 -34.27 42.19 128.72
N VAL Y 108 -35.54 42.29 128.31
CA VAL Y 108 -35.90 42.34 126.90
C VAL Y 108 -36.60 43.64 126.54
N THR Y 109 -37.45 44.16 127.42
CA THR Y 109 -38.19 45.38 127.10
C THR Y 109 -37.30 46.61 127.20
N GLY Y 110 -36.43 46.65 128.20
CA GLY Y 110 -35.68 47.85 128.51
C GLY Y 110 -36.24 48.58 129.72
N THR Y 111 -35.51 49.60 130.15
CA THR Y 111 -35.84 50.35 131.36
C THR Y 111 -36.39 51.73 131.04
N ASN Y 112 -37.16 51.84 129.97
CA ASN Y 112 -37.78 53.10 129.56
C ASN Y 112 -39.22 52.87 129.13
N LYS Y 113 -39.95 52.07 129.91
CA LYS Y 113 -41.37 51.81 129.72
C LYS Y 113 -41.68 51.14 128.38
N GLY Y 114 -40.70 50.51 127.75
CA GLY Y 114 -40.98 49.73 126.57
C GLY Y 114 -41.68 48.43 126.91
N ILE Y 115 -42.31 47.82 125.91
CA ILE Y 115 -43.03 46.56 126.08
C ILE Y 115 -42.55 45.58 125.02
N SER Y 116 -42.90 44.31 125.24
CA SER Y 116 -42.51 43.23 124.35
C SER Y 116 -43.61 42.19 124.33
N PRO Y 117 -44.06 41.73 123.16
CA PRO Y 117 -45.15 40.75 123.08
C PRO Y 117 -44.74 39.32 123.40
N VAL Y 118 -43.46 39.05 123.63
CA VAL Y 118 -43.00 37.69 123.87
C VAL Y 118 -43.43 37.23 125.26
N PRO Y 119 -44.17 36.14 125.36
CA PRO Y 119 -44.76 35.75 126.65
C PRO Y 119 -43.72 35.25 127.64
N ILE Y 120 -43.93 35.59 128.91
CA ILE Y 120 -43.19 35.01 130.02
C ILE Y 120 -43.99 33.81 130.52
N ASN Y 121 -43.48 32.60 130.28
CA ASN Y 121 -44.17 31.38 130.66
C ASN Y 121 -43.77 31.02 132.08
N LEU Y 122 -44.73 31.09 133.01
CA LEU Y 122 -44.46 30.81 134.41
C LEU Y 122 -45.43 29.74 134.90
N ARG Y 123 -44.98 28.91 135.82
CA ARG Y 123 -45.82 27.85 136.37
C ARG Y 123 -45.72 27.89 137.90
N VAL Y 124 -46.87 27.80 138.56
CA VAL Y 124 -46.94 27.79 140.01
C VAL Y 124 -47.56 26.46 140.43
N TYR Y 125 -47.08 25.90 141.54
CA TYR Y 125 -47.65 24.67 142.09
C TYR Y 125 -48.37 25.02 143.38
N SER Y 126 -49.48 24.33 143.63
CA SER Y 126 -50.28 24.60 144.81
C SER Y 126 -51.08 23.36 145.14
N PRO Y 127 -51.45 23.17 146.41
CA PRO Y 127 -52.13 21.91 146.79
C PRO Y 127 -53.57 21.82 146.33
N HIS Y 128 -54.30 22.94 146.25
CA HIS Y 128 -55.74 22.89 146.00
C HIS Y 128 -56.15 23.90 144.94
N VAL Y 129 -55.47 23.87 143.79
CA VAL Y 129 -55.85 24.72 142.67
C VAL Y 129 -56.03 23.85 141.44
N LEU Y 130 -56.83 24.34 140.50
CA LEU Y 130 -57.03 23.66 139.23
C LEU Y 130 -55.77 23.78 138.38
N ASN Y 131 -55.71 22.97 137.31
CA ASN Y 131 -54.72 23.16 136.26
C ASN Y 131 -55.15 24.30 135.35
N LEU Y 132 -55.18 25.50 135.94
CA LEU Y 132 -55.67 26.66 135.23
C LEU Y 132 -54.59 27.20 134.30
N THR Y 133 -54.97 28.20 133.50
CA THR Y 133 -54.03 28.87 132.60
C THR Y 133 -54.41 30.35 132.61
N LEU Y 134 -53.76 31.10 133.50
CA LEU Y 134 -54.04 32.52 133.64
C LEU Y 134 -53.14 33.31 132.69
N VAL Y 135 -53.65 34.42 132.18
CA VAL Y 135 -52.89 35.27 131.28
C VAL Y 135 -53.05 36.71 131.74
N ASP Y 136 -51.99 37.28 132.31
CA ASP Y 136 -51.95 38.70 132.61
C ASP Y 136 -51.36 39.42 131.41
N LEU Y 137 -51.95 40.55 131.06
CA LEU Y 137 -51.60 41.28 129.85
C LEU Y 137 -51.38 42.75 130.19
N PRO Y 138 -50.60 43.45 129.38
CA PRO Y 138 -50.48 44.90 129.56
C PRO Y 138 -51.80 45.62 129.27
N GLY Y 139 -51.98 46.75 129.94
CA GLY Y 139 -53.15 47.56 129.70
C GLY Y 139 -53.11 48.23 128.34
N MET Y 140 -54.25 48.79 127.95
CA MET Y 140 -54.38 49.41 126.64
C MET Y 140 -54.10 50.91 126.74
N THR Y 141 -53.20 51.38 125.90
CA THR Y 141 -52.81 52.78 125.86
C THR Y 141 -52.91 53.28 124.42
N LYS Y 142 -53.11 54.59 124.27
CA LYS Y 142 -53.21 55.20 122.95
C LYS Y 142 -52.01 56.04 122.57
N VAL Y 143 -51.52 56.89 123.48
CA VAL Y 143 -50.37 57.75 123.22
C VAL Y 143 -49.11 57.04 123.72
N PRO Y 144 -48.11 56.83 122.87
CA PRO Y 144 -46.86 56.24 123.35
C PRO Y 144 -46.16 57.15 124.35
N VAL Y 145 -45.51 56.52 125.33
CA VAL Y 145 -44.74 57.22 126.35
C VAL Y 145 -43.37 56.56 126.43
N GLY Y 146 -42.37 57.36 126.79
CA GLY Y 146 -41.01 56.82 126.83
C GLY Y 146 -40.52 56.54 125.43
N ASP Y 147 -40.03 55.32 125.22
CA ASP Y 147 -39.46 54.93 123.93
C ASP Y 147 -40.35 53.96 123.16
N GLN Y 148 -41.63 53.88 123.52
CA GLN Y 148 -42.53 52.99 122.80
C GLN Y 148 -42.71 53.47 121.36
N PRO Y 149 -42.92 52.55 120.43
CA PRO Y 149 -43.16 52.95 119.03
C PRO Y 149 -44.46 53.72 118.91
N PRO Y 150 -44.60 54.55 117.87
CA PRO Y 150 -45.82 55.36 117.74
C PRO Y 150 -47.10 54.56 117.63
N ASP Y 151 -47.04 53.30 117.21
CA ASP Y 151 -48.22 52.46 117.07
C ASP Y 151 -48.40 51.54 118.28
N ILE Y 152 -48.07 52.04 119.46
CA ILE Y 152 -48.16 51.24 120.68
C ILE Y 152 -49.59 50.79 120.93
N GLU Y 153 -50.58 51.60 120.53
CA GLU Y 153 -51.97 51.22 120.73
C GLU Y 153 -52.30 49.97 119.94
N PHE Y 154 -51.99 49.96 118.65
CA PHE Y 154 -52.25 48.79 117.82
C PHE Y 154 -51.42 47.60 118.29
N GLN Y 155 -50.18 47.86 118.73
CA GLN Y 155 -49.33 46.78 119.21
C GLN Y 155 -49.97 46.07 120.40
N ILE Y 156 -50.36 46.82 121.42
CA ILE Y 156 -51.01 46.21 122.57
C ILE Y 156 -52.33 45.57 122.17
N ARG Y 157 -53.09 46.24 121.30
CA ARG Y 157 -54.39 45.73 120.90
C ARG Y 157 -54.28 44.35 120.29
N ASP Y 158 -53.55 44.23 119.16
CA ASP Y 158 -53.47 42.93 118.51
C ASP Y 158 -52.68 41.93 119.33
N MET Y 159 -51.75 42.41 120.17
CA MET Y 159 -50.99 41.51 121.04
C MET Y 159 -51.89 40.80 122.03
N LEU Y 160 -52.85 41.51 122.62
CA LEU Y 160 -53.79 40.83 123.51
C LEU Y 160 -54.95 40.21 122.75
N MET Y 161 -55.23 40.66 121.53
CA MET Y 161 -56.25 40.03 120.71
C MET Y 161 -55.83 38.62 120.32
N GLN Y 162 -54.55 38.43 120.02
CA GLN Y 162 -54.07 37.09 119.67
C GLN Y 162 -54.21 36.11 120.82
N PHE Y 163 -54.40 36.59 122.06
CA PHE Y 163 -54.65 35.73 123.19
C PHE Y 163 -56.12 35.63 123.57
N VAL Y 164 -56.91 36.65 123.30
CA VAL Y 164 -58.30 36.65 123.76
C VAL Y 164 -59.23 36.08 122.71
N THR Y 165 -58.96 36.36 121.43
CA THR Y 165 -59.90 35.99 120.37
C THR Y 165 -60.07 34.48 120.24
N LYS Y 166 -59.16 33.69 120.78
CA LYS Y 166 -59.35 32.24 120.78
C LYS Y 166 -60.50 31.86 121.69
N GLU Y 167 -61.15 30.75 121.36
CA GLU Y 167 -62.27 30.26 122.15
C GLU Y 167 -61.71 29.68 123.45
N ASN Y 168 -62.61 29.20 124.32
CA ASN Y 168 -62.31 28.70 125.66
C ASN Y 168 -61.32 29.63 126.38
N CYS Y 169 -61.54 30.94 126.24
CA CYS Y 169 -60.72 31.96 126.87
C CYS Y 169 -61.66 32.91 127.60
N LEU Y 170 -61.94 32.61 128.86
CA LEU Y 170 -62.74 33.52 129.68
C LEU Y 170 -62.04 34.85 129.77
N ILE Y 171 -62.83 35.92 129.83
CA ILE Y 171 -62.31 37.28 129.84
C ILE Y 171 -62.67 37.92 131.17
N LEU Y 172 -61.67 38.50 131.84
CA LEU Y 172 -61.89 39.35 133.00
C LEU Y 172 -61.69 40.79 132.55
N ALA Y 173 -62.81 41.48 132.31
CA ALA Y 173 -62.78 42.88 131.87
C ALA Y 173 -62.68 43.74 133.11
N VAL Y 174 -61.48 44.27 133.35
CA VAL Y 174 -61.22 45.08 134.53
C VAL Y 174 -61.43 46.54 134.18
N SER Y 175 -62.23 47.23 134.99
CA SER Y 175 -62.42 48.66 134.79
C SER Y 175 -62.39 49.35 136.13
N PRO Y 176 -61.75 50.51 136.21
CA PRO Y 176 -61.78 51.28 137.45
C PRO Y 176 -63.15 51.90 137.67
N ALA Y 177 -63.42 52.23 138.91
CA ALA Y 177 -64.62 52.99 139.25
C ALA Y 177 -64.38 54.49 139.19
N ASN Y 178 -63.18 54.90 138.79
CA ASN Y 178 -62.88 56.32 138.70
C ASN Y 178 -63.40 56.91 137.40
N SER Y 179 -62.90 56.42 136.28
CA SER Y 179 -63.41 56.84 134.98
C SER Y 179 -64.85 56.35 134.79
N ASP Y 180 -65.63 57.11 134.04
CA ASP Y 180 -66.97 56.66 133.69
C ASP Y 180 -66.88 55.36 132.89
N LEU Y 181 -67.83 54.46 133.15
CA LEU Y 181 -67.75 53.12 132.59
C LEU Y 181 -67.74 53.15 131.06
N ALA Y 182 -68.28 54.21 130.46
CA ALA Y 182 -68.37 54.30 129.00
C ALA Y 182 -67.00 54.31 128.34
N ASN Y 183 -65.93 54.63 129.07
CA ASN Y 183 -64.59 54.69 128.50
C ASN Y 183 -63.84 53.38 128.58
N SER Y 184 -64.47 52.30 129.06
CA SER Y 184 -63.73 51.09 129.42
C SER Y 184 -63.10 50.41 128.21
N ASP Y 185 -61.77 50.50 128.13
CA ASP Y 185 -61.03 49.77 127.12
C ASP Y 185 -61.21 48.27 127.26
N ALA Y 186 -61.50 47.80 128.48
CA ALA Y 186 -61.78 46.39 128.67
C ALA Y 186 -63.12 46.02 128.03
N LEU Y 187 -64.16 46.81 128.30
CA LEU Y 187 -65.47 46.50 127.76
C LEU Y 187 -65.50 46.61 126.24
N LYS Y 188 -64.71 47.54 125.66
CA LYS Y 188 -64.66 47.63 124.21
C LYS Y 188 -64.22 46.31 123.60
N VAL Y 189 -63.08 45.78 124.07
CA VAL Y 189 -62.59 44.50 123.54
C VAL Y 189 -63.53 43.36 123.89
N ALA Y 190 -64.12 43.41 125.09
CA ALA Y 190 -65.02 42.35 125.50
C ALA Y 190 -66.22 42.25 124.58
N LYS Y 191 -66.87 43.37 124.29
CA LYS Y 191 -67.99 43.36 123.36
C LYS Y 191 -67.56 43.18 121.92
N GLU Y 192 -66.28 43.44 121.60
CA GLU Y 192 -65.81 43.23 120.24
C GLU Y 192 -65.58 41.75 119.94
N VAL Y 193 -65.08 41.00 120.91
CA VAL Y 193 -64.71 39.60 120.64
C VAL Y 193 -65.77 38.63 121.14
N ASP Y 194 -66.55 39.06 122.14
CA ASP Y 194 -67.59 38.23 122.76
C ASP Y 194 -68.86 39.07 122.76
N PRO Y 195 -69.56 39.13 121.64
CA PRO Y 195 -70.74 40.02 121.56
C PRO Y 195 -71.83 39.66 122.55
N GLN Y 196 -72.24 38.39 122.61
CA GLN Y 196 -73.30 37.98 123.51
C GLN Y 196 -72.88 38.02 124.97
N GLY Y 197 -71.60 38.19 125.26
CA GLY Y 197 -71.14 38.22 126.64
C GLY Y 197 -71.32 36.90 127.38
N GLN Y 198 -71.01 35.79 126.73
CA GLN Y 198 -71.16 34.48 127.35
C GLN Y 198 -69.88 33.97 128.01
N ARG Y 199 -68.73 34.55 127.69
CA ARG Y 199 -67.47 34.20 128.33
C ARG Y 199 -66.76 35.45 128.82
N THR Y 200 -67.54 36.43 129.26
CA THR Y 200 -67.01 37.71 129.73
C THR Y 200 -67.55 37.99 131.12
N ILE Y 201 -66.66 38.41 132.02
CA ILE Y 201 -67.04 38.80 133.38
C ILE Y 201 -66.44 40.15 133.66
N GLY Y 202 -67.27 41.08 134.14
CA GLY Y 202 -66.83 42.43 134.41
C GLY Y 202 -66.51 42.64 135.89
N VAL Y 203 -65.38 43.29 136.14
CA VAL Y 203 -64.95 43.60 137.50
C VAL Y 203 -64.68 45.09 137.59
N ILE Y 204 -65.15 45.71 138.67
CA ILE Y 204 -65.01 47.13 138.92
C ILE Y 204 -64.08 47.29 140.11
N THR Y 205 -62.94 47.91 139.88
CA THR Y 205 -61.93 48.12 140.90
C THR Y 205 -62.01 49.56 141.42
N LYS Y 206 -61.16 49.85 142.41
CA LYS Y 206 -60.99 51.22 142.90
C LYS Y 206 -62.28 51.83 143.39
N LEU Y 207 -63.20 51.02 143.92
CA LEU Y 207 -64.46 51.54 144.41
C LEU Y 207 -64.30 52.48 145.60
N ASP Y 208 -63.12 52.50 146.22
CA ASP Y 208 -62.85 53.43 147.31
C ASP Y 208 -62.34 54.77 146.83
N LEU Y 209 -62.10 54.93 145.52
CA LEU Y 209 -61.51 56.14 144.98
C LEU Y 209 -62.51 56.98 144.20
N MET Y 210 -63.81 56.76 144.43
CA MET Y 210 -64.82 57.50 143.71
C MET Y 210 -65.03 58.88 144.33
N ASP Y 211 -65.47 59.82 143.49
CA ASP Y 211 -65.61 61.20 143.92
C ASP Y 211 -66.70 61.32 144.98
N GLU Y 212 -66.56 62.33 145.83
CA GLU Y 212 -67.54 62.59 146.88
C GLU Y 212 -68.92 62.81 146.28
N GLY Y 213 -69.92 62.14 146.85
CA GLY Y 213 -71.28 62.25 146.36
C GLY Y 213 -71.61 61.34 145.20
N THR Y 214 -70.64 60.60 144.68
CA THR Y 214 -70.86 59.68 143.59
C THR Y 214 -70.78 58.24 144.09
N ASP Y 215 -71.48 57.35 143.40
CA ASP Y 215 -71.47 55.94 143.76
C ASP Y 215 -71.68 55.11 142.51
N ALA Y 216 -71.18 53.87 142.54
CA ALA Y 216 -71.28 52.96 141.41
C ALA Y 216 -72.49 52.04 141.50
N ARG Y 217 -73.56 52.50 142.14
CA ARG Y 217 -74.76 51.66 142.28
C ARG Y 217 -75.36 51.33 140.92
N ASP Y 218 -75.45 52.33 140.04
CA ASP Y 218 -76.10 52.14 138.75
C ASP Y 218 -75.38 51.13 137.87
N VAL Y 219 -74.09 50.90 138.10
CA VAL Y 219 -73.33 49.97 137.27
C VAL Y 219 -73.20 48.63 137.97
N LEU Y 220 -73.11 48.64 139.31
CA LEU Y 220 -73.02 47.37 140.01
C LEU Y 220 -74.34 46.63 140.04
N GLU Y 221 -75.46 47.35 139.98
CA GLU Y 221 -76.75 46.68 139.78
C GLU Y 221 -76.96 46.25 138.33
N ASN Y 222 -75.91 46.35 137.50
CA ASN Y 222 -75.95 45.86 136.12
C ASN Y 222 -77.07 46.51 135.32
N LYS Y 223 -77.33 47.79 135.60
CA LYS Y 223 -78.35 48.55 134.90
C LYS Y 223 -77.77 49.51 133.87
N LEU Y 224 -76.68 50.21 134.23
CA LEU Y 224 -76.11 51.21 133.32
C LEU Y 224 -75.67 50.58 132.01
N LEU Y 225 -74.87 49.52 132.09
CA LEU Y 225 -74.48 48.73 130.93
C LEU Y 225 -74.79 47.27 131.24
N PRO Y 226 -76.02 46.83 131.00
CA PRO Y 226 -76.40 45.45 131.34
C PRO Y 226 -75.51 44.41 130.69
N LEU Y 227 -74.76 43.69 131.51
CA LEU Y 227 -73.94 42.58 131.07
C LEU Y 227 -74.49 41.30 131.70
N ARG Y 228 -74.43 40.20 130.94
CA ARG Y 228 -75.11 38.97 131.35
C ARG Y 228 -74.56 38.45 132.67
N ARG Y 229 -73.24 38.44 132.83
CA ARG Y 229 -72.64 37.81 134.00
C ARG Y 229 -72.56 38.72 135.21
N GLY Y 230 -72.92 39.98 135.08
CA GLY Y 230 -72.90 40.90 136.19
C GLY Y 230 -71.52 41.50 136.42
N TYR Y 231 -71.48 42.48 137.31
CA TYR Y 231 -70.26 43.20 137.64
C TYR Y 231 -69.90 42.96 139.10
N ILE Y 232 -68.68 42.49 139.33
CA ILE Y 232 -68.19 42.21 140.67
C ILE Y 232 -67.29 43.36 141.10
N GLY Y 233 -67.56 43.93 142.27
CA GLY Y 233 -66.81 45.07 142.77
C GLY Y 233 -65.76 44.64 143.77
N VAL Y 234 -64.51 45.02 143.49
CA VAL Y 234 -63.40 44.66 144.35
C VAL Y 234 -62.67 45.92 144.79
N VAL Y 235 -62.00 45.83 145.93
CA VAL Y 235 -61.21 46.93 146.47
C VAL Y 235 -59.85 46.41 146.89
N ASN Y 236 -58.84 46.64 146.07
CA ASN Y 236 -57.51 46.12 146.30
C ASN Y 236 -56.75 47.00 147.30
N ARG Y 237 -55.44 46.79 147.40
CA ARG Y 237 -54.60 47.57 148.28
C ARG Y 237 -54.08 48.79 147.56
N SER Y 238 -54.18 49.96 148.21
CA SER Y 238 -53.70 51.19 147.62
C SER Y 238 -52.18 51.15 147.46
N GLN Y 239 -51.66 52.14 146.73
CA GLN Y 239 -50.22 52.22 146.52
C GLN Y 239 -49.49 52.44 147.84
N LYS Y 240 -50.07 53.24 148.73
CA LYS Y 240 -49.49 53.41 150.06
C LYS Y 240 -49.43 52.08 150.80
N ASP Y 241 -50.50 51.27 150.72
CA ASP Y 241 -50.49 49.97 151.37
C ASP Y 241 -49.46 49.04 150.74
N ILE Y 242 -49.31 49.11 149.42
CA ILE Y 242 -48.32 48.27 148.74
C ILE Y 242 -46.92 48.64 149.23
N ASP Y 243 -46.63 49.94 149.34
CA ASP Y 243 -45.33 50.35 149.84
C ASP Y 243 -45.15 49.98 151.31
N GLY Y 244 -46.23 50.01 152.10
CA GLY Y 244 -46.20 49.62 153.49
C GLY Y 244 -46.35 48.13 153.74
N LYS Y 245 -46.40 47.33 152.68
CA LYS Y 245 -46.45 45.87 152.78
C LYS Y 245 -47.68 45.41 153.57
N LYS Y 246 -48.85 45.90 153.17
CA LYS Y 246 -50.09 45.43 153.76
C LYS Y 246 -50.35 43.99 153.36
N ASP Y 247 -50.92 43.23 154.29
CA ASP Y 247 -51.13 41.80 154.10
C ASP Y 247 -52.55 41.51 153.60
N ILE Y 248 -52.67 40.37 152.91
CA ILE Y 248 -53.91 40.05 152.21
C ILE Y 248 -55.08 39.92 153.18
N THR Y 249 -54.84 39.32 154.35
CA THR Y 249 -55.95 39.07 155.26
C THR Y 249 -56.56 40.37 155.79
N ALA Y 250 -55.72 41.30 156.25
CA ALA Y 250 -56.26 42.57 156.74
C ALA Y 250 -56.80 43.40 155.59
N ALA Y 251 -56.21 43.28 154.40
CA ALA Y 251 -56.76 43.98 153.24
C ALA Y 251 -58.18 43.49 152.94
N LEU Y 252 -58.39 42.18 152.98
CA LEU Y 252 -59.73 41.63 152.75
C LEU Y 252 -60.69 42.04 153.85
N ALA Y 253 -60.21 42.07 155.10
CA ALA Y 253 -61.06 42.54 156.20
C ALA Y 253 -61.47 43.99 155.99
N ALA Y 254 -60.55 44.83 155.56
CA ALA Y 254 -60.88 46.23 155.30
C ALA Y 254 -61.85 46.36 154.13
N GLU Y 255 -61.69 45.53 153.10
CA GLU Y 255 -62.64 45.55 151.99
C GLU Y 255 -64.03 45.16 152.44
N ARG Y 256 -64.13 44.13 153.28
CA ARG Y 256 -65.43 43.72 153.82
C ARG Y 256 -66.03 44.84 154.66
N LYS Y 257 -65.20 45.50 155.48
CA LYS Y 257 -65.69 46.61 156.29
C LYS Y 257 -66.21 47.74 155.40
N PHE Y 258 -65.49 48.06 154.32
CA PHE Y 258 -65.92 49.12 153.43
C PHE Y 258 -67.25 48.78 152.77
N PHE Y 259 -67.40 47.53 152.31
CA PHE Y 259 -68.66 47.13 151.69
C PHE Y 259 -69.82 47.15 152.69
N LEU Y 260 -69.57 46.77 153.94
CA LEU Y 260 -70.64 46.82 154.94
C LEU Y 260 -70.94 48.24 155.40
N SER Y 261 -69.99 49.17 155.29
CA SER Y 261 -70.19 50.53 155.77
C SER Y 261 -70.74 51.47 154.71
N HIS Y 262 -70.44 51.25 153.44
CA HIS Y 262 -70.89 52.17 152.41
C HIS Y 262 -72.39 52.04 152.21
N PRO Y 263 -73.16 53.11 152.35
CA PRO Y 263 -74.63 52.98 152.24
C PRO Y 263 -75.11 52.55 150.87
N SER Y 264 -74.33 52.76 149.82
CA SER Y 264 -74.77 52.47 148.46
C SER Y 264 -74.37 51.08 147.99
N TYR Y 265 -73.73 50.26 148.84
CA TYR Y 265 -73.32 48.93 148.45
C TYR Y 265 -73.64 47.84 149.46
N ARG Y 266 -74.06 48.19 150.68
CA ARG Y 266 -74.25 47.16 151.70
C ARG Y 266 -75.33 46.16 151.31
N HIS Y 267 -76.33 46.59 150.54
CA HIS Y 267 -77.33 45.66 150.06
C HIS Y 267 -76.79 44.66 149.05
N LEU Y 268 -75.59 44.89 148.52
CA LEU Y 268 -74.93 43.96 147.62
C LEU Y 268 -73.59 43.48 148.16
N ALA Y 269 -73.31 43.70 149.44
CA ALA Y 269 -72.02 43.32 150.01
C ALA Y 269 -71.79 41.82 149.87
N ASP Y 270 -72.84 41.02 149.99
CA ASP Y 270 -72.69 39.57 149.85
C ASP Y 270 -72.22 39.19 148.46
N ARG Y 271 -72.77 39.83 147.43
CA ARG Y 271 -72.37 39.53 146.06
C ARG Y 271 -71.15 40.30 145.59
N MET Y 272 -70.64 41.24 146.40
CA MET Y 272 -69.42 41.95 146.04
C MET Y 272 -68.23 41.35 146.79
N GLY Y 273 -67.03 41.73 146.33
CA GLY Y 273 -65.82 41.31 146.98
C GLY Y 273 -65.06 40.27 146.16
N THR Y 274 -63.76 40.17 146.46
CA THR Y 274 -62.91 39.20 145.77
C THR Y 274 -63.33 37.75 145.97
N PRO Y 275 -63.68 37.29 147.18
CA PRO Y 275 -64.11 35.88 147.32
C PRO Y 275 -65.29 35.54 146.43
N TYR Y 276 -66.21 36.48 146.23
CA TYR Y 276 -67.32 36.22 145.31
C TYR Y 276 -66.81 36.04 143.88
N LEU Y 277 -65.81 36.82 143.49
CA LEU Y 277 -65.24 36.66 142.16
C LEU Y 277 -64.57 35.29 142.01
N GLN Y 278 -63.86 34.85 143.05
CA GLN Y 278 -63.30 33.51 143.03
C GLN Y 278 -64.40 32.46 142.88
N LYS Y 279 -65.49 32.63 143.63
CA LYS Y 279 -66.61 31.69 143.56
C LYS Y 279 -67.25 31.68 142.18
N VAL Y 280 -67.36 32.85 141.55
CA VAL Y 280 -67.97 32.92 140.23
C VAL Y 280 -67.08 32.27 139.19
N LEU Y 281 -65.76 32.48 139.28
CA LEU Y 281 -64.86 31.76 138.38
C LEU Y 281 -64.95 30.26 138.61
N ASN Y 282 -65.07 29.84 139.87
CA ASN Y 282 -65.25 28.43 140.15
C ASN Y 282 -66.53 27.89 139.51
N GLN Y 283 -67.61 28.68 139.57
CA GLN Y 283 -68.87 28.26 138.96
C GLN Y 283 -68.73 28.13 137.45
N GLN Y 284 -68.07 29.10 136.80
CA GLN Y 284 -67.88 29.02 135.36
C GLN Y 284 -67.04 27.80 134.98
N LEU Y 285 -65.98 27.55 135.74
CA LEU Y 285 -65.14 26.39 135.45
C LEU Y 285 -65.90 25.09 135.68
N THR Y 286 -66.74 25.05 136.71
CA THR Y 286 -67.58 23.87 136.95
C THR Y 286 -68.52 23.64 135.78
N ASN Y 287 -69.14 24.71 135.27
CA ASN Y 287 -70.03 24.57 134.12
C ASN Y 287 -69.29 24.24 132.85
N HIS Y 288 -68.00 24.52 132.77
CA HIS Y 288 -67.25 24.24 131.55
C HIS Y 288 -66.54 22.90 131.54
N ILE Y 289 -66.22 22.34 132.72
CA ILE Y 289 -65.56 21.04 132.73
C ILE Y 289 -66.50 19.94 132.26
N ARG Y 290 -67.79 20.04 132.60
CA ARG Y 290 -68.76 19.08 132.10
C ARG Y 290 -68.96 19.25 130.61
N ASP Y 291 -69.83 18.43 130.01
CA ASP Y 291 -70.00 18.18 128.58
C ASP Y 291 -68.85 17.28 128.12
N THR Y 292 -67.86 17.01 128.96
CA THR Y 292 -66.84 16.02 128.68
C THR Y 292 -66.77 14.91 129.71
N LEU Y 293 -67.38 15.09 130.89
CA LEU Y 293 -67.37 14.06 131.93
C LEU Y 293 -67.87 12.71 131.45
N PRO Y 294 -69.00 12.59 130.74
CA PRO Y 294 -69.42 11.26 130.29
C PRO Y 294 -68.37 10.57 129.44
N GLY Y 295 -67.65 11.31 128.61
CA GLY Y 295 -66.50 10.74 127.93
C GLY Y 295 -65.39 10.38 128.90
N LEU Y 296 -65.10 11.27 129.86
CA LEU Y 296 -64.02 11.04 130.80
C LEU Y 296 -64.39 10.02 131.86
N ARG Y 297 -65.65 10.03 132.31
CA ARG Y 297 -66.07 9.03 133.29
C ARG Y 297 -65.93 7.63 132.71
N ASN Y 298 -66.32 7.43 131.45
CA ASN Y 298 -66.08 6.16 130.79
C ASN Y 298 -64.58 5.94 130.58
N LYS Y 299 -63.86 7.00 130.22
CA LYS Y 299 -62.44 6.87 129.91
C LYS Y 299 -61.65 6.31 131.09
N LEU Y 300 -62.05 6.66 132.31
CA LEU Y 300 -61.41 6.05 133.48
C LEU Y 300 -62.21 4.92 134.09
N GLN Y 301 -63.48 4.74 133.71
CA GLN Y 301 -64.21 3.55 134.11
C GLN Y 301 -63.60 2.31 133.47
N SER Y 302 -63.21 2.40 132.20
CA SER Y 302 -62.50 1.29 131.58
C SER Y 302 -61.17 1.04 132.27
N GLN Y 303 -60.51 2.12 132.71
CA GLN Y 303 -59.29 1.98 133.49
C GLN Y 303 -59.54 1.19 134.78
N LEU Y 304 -60.61 1.53 135.49
CA LEU Y 304 -60.96 0.76 136.69
C LEU Y 304 -61.30 -0.68 136.35
N LEU Y 305 -61.91 -0.90 135.18
CA LEU Y 305 -62.21 -2.25 134.74
C LEU Y 305 -60.95 -3.08 134.55
N SER Y 306 -59.90 -2.46 133.99
CA SER Y 306 -58.68 -3.18 133.65
C SER Y 306 -57.91 -3.67 134.88
N ILE Y 307 -58.29 -3.19 136.06
CA ILE Y 307 -57.62 -3.57 137.29
C ILE Y 307 -58.54 -4.22 138.32
N GLU Y 308 -59.86 -4.07 138.19
CA GLU Y 308 -60.77 -4.65 139.18
C GLU Y 308 -60.57 -6.15 139.36
N LYS Y 309 -60.10 -6.84 138.33
CA LYS Y 309 -59.89 -8.28 138.43
C LYS Y 309 -58.80 -8.63 139.43
N GLU Y 310 -57.65 -7.94 139.34
CA GLU Y 310 -56.55 -8.18 140.27
C GLU Y 310 -56.84 -7.56 141.63
N VAL Y 311 -57.64 -6.49 141.67
CA VAL Y 311 -58.04 -5.92 142.95
C VAL Y 311 -58.80 -6.94 143.78
N GLU Y 312 -59.47 -7.91 143.13
CA GLU Y 312 -60.15 -8.97 143.87
C GLU Y 312 -59.16 -9.77 144.71
N GLU Y 313 -58.05 -10.18 144.12
CA GLU Y 313 -57.01 -10.85 144.89
C GLU Y 313 -56.36 -9.91 145.89
N TYR Y 314 -56.27 -8.61 145.58
CA TYR Y 314 -55.53 -7.71 146.47
C TYR Y 314 -56.33 -7.14 147.64
N LYS Y 315 -57.67 -7.16 147.65
CA LYS Y 315 -58.37 -6.53 148.77
C LYS Y 315 -58.12 -7.26 150.07
N ASN Y 316 -58.21 -8.59 150.05
CA ASN Y 316 -58.08 -9.39 151.26
C ASN Y 316 -56.93 -10.37 151.05
N PHE Y 317 -55.73 -9.88 151.27
CA PHE Y 317 -54.51 -10.68 151.27
C PHE Y 317 -53.93 -10.69 152.67
N ARG Y 318 -53.68 -11.87 153.21
CA ARG Y 318 -52.99 -11.98 154.47
C ARG Y 318 -51.82 -12.95 154.32
N PRO Y 319 -50.62 -12.58 154.78
CA PRO Y 319 -49.49 -13.51 154.67
C PRO Y 319 -49.77 -14.81 155.40
N ASP Y 320 -49.27 -15.90 154.84
CA ASP Y 320 -49.39 -17.28 155.33
C ASP Y 320 -50.77 -17.89 155.07
N ASP Y 321 -51.59 -17.28 154.22
CA ASP Y 321 -52.90 -17.86 153.92
C ASP Y 321 -52.77 -19.10 153.06
N PRO Y 322 -53.00 -20.30 153.62
CA PRO Y 322 -52.78 -21.53 152.84
C PRO Y 322 -53.67 -21.62 151.62
N ALA Y 323 -54.92 -21.14 151.71
CA ALA Y 323 -55.84 -21.27 150.59
C ALA Y 323 -55.32 -20.51 149.38
N ARG Y 324 -55.01 -19.22 149.56
CA ARG Y 324 -54.50 -18.44 148.44
C ARG Y 324 -53.16 -18.97 147.97
N LYS Y 325 -52.28 -19.35 148.90
CA LYS Y 325 -50.95 -19.80 148.50
C LYS Y 325 -51.05 -21.06 147.62
N THR Y 326 -51.82 -22.06 148.07
CA THR Y 326 -51.93 -23.30 147.31
C THR Y 326 -52.71 -23.10 146.01
N LYS Y 327 -53.74 -22.25 146.02
CA LYS Y 327 -54.44 -21.97 144.76
C LYS Y 327 -53.52 -21.32 143.74
N ALA Y 328 -52.71 -20.36 144.19
CA ALA Y 328 -51.75 -19.73 143.29
C ALA Y 328 -50.73 -20.73 142.78
N LEU Y 329 -50.25 -21.61 143.66
CA LEU Y 329 -49.29 -22.63 143.24
C LEU Y 329 -49.89 -23.53 142.16
N LEU Y 330 -51.13 -23.97 142.38
CA LEU Y 330 -51.76 -24.87 141.42
C LEU Y 330 -51.95 -24.20 140.07
N GLN Y 331 -52.44 -22.96 140.07
CA GLN Y 331 -52.64 -22.30 138.77
C GLN Y 331 -51.31 -21.99 138.08
N MET Y 332 -50.27 -21.64 138.85
CA MET Y 332 -48.95 -21.41 138.26
C MET Y 332 -48.44 -22.68 137.58
N VAL Y 333 -48.57 -23.81 138.28
CA VAL Y 333 -48.11 -25.08 137.72
C VAL Y 333 -48.87 -25.43 136.46
N GLN Y 334 -50.20 -25.23 136.48
CA GLN Y 334 -51.00 -25.56 135.32
C GLN Y 334 -50.62 -24.71 134.11
N GLN Y 335 -50.42 -23.41 134.31
CA GLN Y 335 -50.04 -22.60 133.17
C GLN Y 335 -48.63 -22.94 132.70
N PHE Y 336 -47.73 -23.28 133.62
CA PHE Y 336 -46.39 -23.70 133.21
C PHE Y 336 -46.48 -24.92 132.30
N ALA Y 337 -47.27 -25.92 132.70
CA ALA Y 337 -47.43 -27.10 131.86
C ALA Y 337 -47.95 -26.70 130.48
N VAL Y 338 -49.14 -26.09 130.43
CA VAL Y 338 -49.77 -25.83 129.13
C VAL Y 338 -48.87 -24.95 128.27
N ASP Y 339 -48.10 -24.06 128.88
CA ASP Y 339 -47.12 -23.28 128.13
C ASP Y 339 -46.03 -24.18 127.57
N PHE Y 340 -45.60 -25.19 128.33
CA PHE Y 340 -44.57 -26.09 127.85
C PHE Y 340 -45.04 -26.87 126.63
N GLU Y 341 -46.24 -27.45 126.69
CA GLU Y 341 -46.73 -28.13 125.49
C GLU Y 341 -46.98 -27.16 124.35
N LYS Y 342 -47.38 -25.92 124.65
CA LYS Y 342 -47.56 -24.94 123.59
C LYS Y 342 -46.23 -24.65 122.89
N ARG Y 343 -45.14 -24.60 123.64
CA ARG Y 343 -43.85 -24.28 123.06
C ARG Y 343 -43.17 -25.50 122.43
N ILE Y 344 -43.54 -26.71 122.83
CA ILE Y 344 -42.90 -27.89 122.26
C ILE Y 344 -43.73 -28.45 121.12
N GLU Y 345 -44.94 -28.93 121.41
CA GLU Y 345 -45.79 -29.46 120.35
C GLU Y 345 -46.33 -28.37 119.45
N GLY Y 346 -46.28 -27.11 119.87
CA GLY Y 346 -46.86 -26.05 119.08
C GLY Y 346 -48.38 -26.12 119.00
N SER Y 347 -49.05 -26.45 120.11
CA SER Y 347 -50.50 -26.47 120.12
C SER Y 347 -51.03 -25.09 119.76
N GLY Y 348 -51.96 -25.04 118.82
CA GLY Y 348 -52.34 -23.78 118.23
C GLY Y 348 -53.09 -22.84 119.15
N ASP Y 349 -52.40 -21.80 119.61
CA ASP Y 349 -52.97 -20.61 120.21
C ASP Y 349 -51.80 -19.68 120.56
N GLN Y 350 -52.10 -18.37 120.59
CA GLN Y 350 -51.19 -17.32 121.02
C GLN Y 350 -49.75 -17.55 120.58
N ILE Y 351 -49.57 -17.98 119.33
CA ILE Y 351 -48.27 -18.41 118.84
C ILE Y 351 -47.42 -17.19 118.51
N ASP Y 352 -46.23 -17.14 119.10
CA ASP Y 352 -45.28 -16.11 118.73
C ASP Y 352 -44.79 -16.33 117.30
N THR Y 353 -44.73 -15.25 116.53
CA THR Y 353 -44.26 -15.29 115.15
C THR Y 353 -43.03 -14.41 114.97
N TYR Y 354 -42.23 -14.28 116.02
CA TYR Y 354 -41.08 -13.39 116.01
C TYR Y 354 -39.76 -14.13 115.98
N GLU Y 355 -39.69 -15.32 116.58
CA GLU Y 355 -38.51 -16.17 116.57
C GLU Y 355 -38.85 -17.49 115.88
N LEU Y 356 -37.82 -18.27 115.56
CA LEU Y 356 -38.06 -19.57 114.94
C LEU Y 356 -38.89 -20.45 115.86
N SER Y 357 -38.60 -20.43 117.17
CA SER Y 357 -39.44 -21.00 118.21
C SER Y 357 -38.76 -20.71 119.55
N GLY Y 358 -39.46 -21.05 120.62
CA GLY Y 358 -38.84 -21.11 121.92
C GLY Y 358 -37.98 -22.36 121.99
N GLY Y 359 -38.60 -23.51 121.77
CA GLY Y 359 -37.85 -24.75 121.73
C GLY Y 359 -38.36 -25.79 120.73
N ALA Y 360 -39.16 -25.37 119.76
CA ALA Y 360 -39.78 -26.34 118.87
C ALA Y 360 -38.99 -26.52 117.58
N ARG Y 361 -38.86 -25.45 116.77
CA ARG Y 361 -38.07 -25.54 115.56
C ARG Y 361 -36.57 -25.43 115.82
N ILE Y 362 -36.15 -24.80 116.90
CA ILE Y 362 -34.74 -24.91 117.27
C ILE Y 362 -34.39 -26.38 117.55
N ASN Y 363 -35.41 -27.22 117.78
CA ASN Y 363 -35.20 -28.65 118.01
C ASN Y 363 -35.38 -29.48 116.74
N ARG Y 364 -36.47 -29.24 116.00
CA ARG Y 364 -36.61 -29.87 114.69
C ARG Y 364 -35.42 -29.59 113.79
N ILE Y 365 -34.86 -28.38 113.83
CA ILE Y 365 -33.71 -28.13 112.98
C ILE Y 365 -32.52 -28.93 113.46
N PHE Y 366 -32.45 -29.28 114.74
CA PHE Y 366 -31.46 -30.25 115.18
C PHE Y 366 -31.71 -31.59 114.50
N HIS Y 367 -32.96 -32.08 114.56
CA HIS Y 367 -33.24 -33.41 114.03
C HIS Y 367 -32.99 -33.53 112.52
N GLU Y 368 -33.27 -32.49 111.74
CA GLU Y 368 -32.99 -32.51 110.31
C GLU Y 368 -31.87 -31.53 109.90
N ARG Y 369 -30.95 -31.26 110.79
CA ARG Y 369 -29.65 -30.66 110.47
C ARG Y 369 -28.49 -31.54 110.87
N PHE Y 370 -28.64 -32.36 111.92
CA PHE Y 370 -27.72 -33.41 112.31
C PHE Y 370 -27.16 -34.21 111.13
N PRO Y 371 -27.94 -34.46 110.07
CA PRO Y 371 -27.32 -34.99 108.84
C PRO Y 371 -26.14 -34.18 108.35
N PHE Y 372 -26.09 -32.87 108.63
CA PHE Y 372 -24.89 -32.12 108.30
C PHE Y 372 -23.69 -32.65 109.08
N GLU Y 373 -23.88 -32.98 110.35
CA GLU Y 373 -22.80 -33.59 111.13
C GLU Y 373 -22.39 -34.93 110.54
N LEU Y 374 -23.37 -35.78 110.22
CA LEU Y 374 -23.03 -37.10 109.70
C LEU Y 374 -22.26 -36.99 108.39
N VAL Y 375 -22.66 -36.07 107.51
CA VAL Y 375 -21.91 -35.85 106.28
C VAL Y 375 -20.54 -35.27 106.58
N LYS Y 376 -20.46 -34.36 107.57
CA LYS Y 376 -19.21 -33.73 107.94
C LYS Y 376 -18.24 -34.72 108.60
N MET Y 377 -18.70 -35.93 108.87
CA MET Y 377 -17.76 -37.00 109.22
C MET Y 377 -16.72 -37.14 108.09
N GLU Y 378 -15.63 -37.85 108.38
CA GLU Y 378 -14.41 -37.78 107.59
C GLU Y 378 -14.61 -37.92 106.08
N PHE Y 379 -15.06 -39.08 105.58
CA PHE Y 379 -15.37 -39.32 104.17
C PHE Y 379 -14.26 -38.93 103.19
N ASP Y 380 -13.05 -38.63 103.64
CA ASP Y 380 -12.01 -38.11 102.74
C ASP Y 380 -10.69 -38.83 102.92
N GLU Y 381 -10.52 -39.95 102.20
CA GLU Y 381 -9.27 -40.67 102.04
C GLU Y 381 -9.39 -41.65 100.89
N LYS Y 382 -8.26 -41.93 100.26
CA LYS Y 382 -8.05 -43.18 99.53
C LYS Y 382 -7.30 -44.19 100.37
N GLU Y 383 -6.86 -43.80 101.57
CA GLU Y 383 -6.25 -44.74 102.50
C GLU Y 383 -7.19 -45.87 102.87
N LEU Y 384 -8.49 -45.67 102.70
CA LEU Y 384 -9.46 -46.75 102.93
C LEU Y 384 -9.16 -47.96 102.06
N ARG Y 385 -8.68 -47.73 100.82
CA ARG Y 385 -8.34 -48.85 99.95
C ARG Y 385 -7.22 -49.70 100.53
N ARG Y 386 -6.17 -49.06 101.04
CA ARG Y 386 -5.12 -49.80 101.73
C ARG Y 386 -5.66 -50.48 102.98
N GLU Y 387 -6.55 -49.78 103.69
CA GLU Y 387 -7.12 -50.30 104.93
C GLU Y 387 -7.90 -51.58 104.68
N ILE Y 388 -8.57 -51.67 103.53
CA ILE Y 388 -9.34 -52.87 103.23
C ILE Y 388 -8.49 -53.92 102.53
N SER Y 389 -7.44 -53.50 101.82
CA SER Y 389 -6.50 -54.47 101.25
C SER Y 389 -5.81 -55.26 102.35
N TYR Y 390 -5.44 -54.59 103.44
CA TYR Y 390 -4.85 -55.33 104.56
C TYR Y 390 -5.85 -56.31 105.15
N ALA Y 391 -7.13 -55.94 105.21
CA ALA Y 391 -8.14 -56.89 105.69
C ALA Y 391 -8.23 -58.10 104.78
N ILE Y 392 -8.22 -57.87 103.47
CA ILE Y 392 -8.15 -58.97 102.50
C ILE Y 392 -6.96 -59.86 102.81
N LYS Y 393 -5.79 -59.25 103.00
CA LYS Y 393 -4.58 -60.02 103.15
C LYS Y 393 -4.46 -60.72 104.49
N ASN Y 394 -5.26 -60.31 105.47
CA ASN Y 394 -5.26 -61.00 106.76
C ASN Y 394 -6.30 -62.12 106.83
N ILE Y 395 -7.48 -61.94 106.23
CA ILE Y 395 -8.44 -63.04 106.22
C ILE Y 395 -8.23 -64.02 105.08
N HIS Y 396 -7.32 -63.73 104.16
CA HIS Y 396 -6.79 -64.75 103.26
C HIS Y 396 -5.49 -65.32 103.79
N GLY Y 397 -5.42 -65.43 105.12
CA GLY Y 397 -4.19 -65.63 105.86
C GLY Y 397 -3.16 -66.53 105.22
N ILE Y 398 -3.53 -67.78 104.95
CA ILE Y 398 -2.63 -68.75 104.34
C ILE Y 398 -3.15 -69.22 102.99
N ARG Y 399 -4.43 -69.61 102.93
CA ARG Y 399 -5.02 -70.07 101.69
C ARG Y 399 -4.98 -68.97 100.63
N THR Y 400 -5.27 -69.33 99.39
CA THR Y 400 -4.86 -68.46 98.30
C THR Y 400 -5.85 -68.51 97.15
N GLY Y 401 -5.80 -67.44 96.34
CA GLY Y 401 -6.30 -67.42 94.99
C GLY Y 401 -7.79 -67.46 94.81
N LEU Y 402 -8.56 -67.22 95.87
CA LEU Y 402 -10.02 -67.29 95.75
C LEU Y 402 -10.61 -65.89 95.67
N PHE Y 403 -11.90 -65.88 95.31
CA PHE Y 403 -12.56 -64.74 94.71
C PHE Y 403 -12.42 -63.44 95.49
N THR Y 404 -13.07 -63.38 96.64
CA THR Y 404 -13.14 -62.26 97.58
C THR Y 404 -13.73 -62.77 98.89
N PRO Y 405 -13.18 -62.37 100.02
CA PRO Y 405 -13.78 -62.70 101.31
C PRO Y 405 -14.77 -61.64 101.77
N ASP Y 406 -15.95 -62.06 102.22
CA ASP Y 406 -16.98 -61.11 102.61
C ASP Y 406 -16.70 -60.48 103.96
N MET Y 407 -15.98 -61.18 104.84
CA MET Y 407 -15.76 -60.57 106.14
C MET Y 407 -14.83 -59.36 106.03
N ALA Y 408 -14.14 -59.17 104.91
CA ALA Y 408 -13.44 -57.91 104.68
C ALA Y 408 -14.43 -56.75 104.67
N PHE Y 409 -15.48 -56.87 103.85
CA PHE Y 409 -16.57 -55.89 103.88
C PHE Y 409 -17.15 -55.76 105.28
N GLU Y 410 -17.33 -56.88 105.96
CA GLU Y 410 -17.86 -56.87 107.32
C GLU Y 410 -17.01 -56.01 108.24
N THR Y 411 -15.70 -56.28 108.29
CA THR Y 411 -14.82 -55.59 109.20
C THR Y 411 -14.72 -54.10 108.86
N ILE Y 412 -14.72 -53.79 107.56
CA ILE Y 412 -14.58 -52.39 107.17
C ILE Y 412 -15.84 -51.60 107.54
N VAL Y 413 -17.03 -52.16 107.32
CA VAL Y 413 -18.21 -51.42 107.72
C VAL Y 413 -18.30 -51.35 109.25
N LYS Y 414 -17.85 -52.38 109.96
CA LYS Y 414 -17.82 -52.30 111.42
C LYS Y 414 -16.86 -51.21 111.90
N LYS Y 415 -15.78 -50.96 111.17
CA LYS Y 415 -14.88 -49.88 111.51
C LYS Y 415 -15.43 -48.51 111.12
N GLN Y 416 -16.20 -48.44 110.04
CA GLN Y 416 -16.74 -47.16 109.59
C GLN Y 416 -17.89 -46.70 110.48
N VAL Y 417 -18.77 -47.62 110.90
CA VAL Y 417 -19.95 -47.24 111.68
C VAL Y 417 -19.67 -47.17 113.17
N LYS Y 418 -18.43 -47.42 113.60
CA LYS Y 418 -18.11 -47.24 115.01
C LYS Y 418 -17.83 -45.79 115.35
N LYS Y 419 -17.61 -44.93 114.37
CA LYS Y 419 -17.41 -43.51 114.61
C LYS Y 419 -18.68 -42.70 114.44
N ILE Y 420 -19.81 -43.34 114.09
CA ILE Y 420 -21.10 -42.67 114.16
C ILE Y 420 -21.48 -42.40 115.60
N ARG Y 421 -20.82 -43.07 116.55
CA ARG Y 421 -21.17 -42.93 117.96
C ARG Y 421 -20.95 -41.52 118.48
N GLU Y 422 -20.09 -40.74 117.86
CA GLU Y 422 -19.83 -39.39 118.35
C GLU Y 422 -20.90 -38.39 117.90
N PRO Y 423 -21.25 -38.32 116.61
CA PRO Y 423 -22.27 -37.33 116.20
C PRO Y 423 -23.61 -37.54 116.87
N CYS Y 424 -24.03 -38.79 117.11
CA CYS Y 424 -25.31 -39.02 117.75
C CYS Y 424 -25.32 -38.51 119.18
N LEU Y 425 -24.26 -38.78 119.93
CA LEU Y 425 -24.15 -38.24 121.28
C LEU Y 425 -24.07 -36.72 121.26
N LYS Y 426 -23.41 -36.15 120.25
CA LYS Y 426 -23.37 -34.69 120.14
C LYS Y 426 -24.75 -34.11 119.88
N CYS Y 427 -25.54 -34.78 119.05
CA CYS Y 427 -26.91 -34.33 118.82
C CYS Y 427 -27.75 -34.43 120.09
N VAL Y 428 -27.55 -35.51 120.86
CA VAL Y 428 -28.26 -35.63 122.13
C VAL Y 428 -27.88 -34.49 123.06
N ASP Y 429 -26.59 -34.14 123.09
CA ASP Y 429 -26.15 -33.00 123.89
C ASP Y 429 -26.79 -31.71 123.43
N MET Y 430 -26.90 -31.52 122.11
CA MET Y 430 -27.52 -30.31 121.58
C MET Y 430 -29.00 -30.23 121.96
N VAL Y 431 -29.72 -31.35 121.85
CA VAL Y 431 -31.12 -31.37 122.25
C VAL Y 431 -31.27 -31.05 123.72
N ILE Y 432 -30.39 -31.62 124.55
CA ILE Y 432 -30.39 -31.26 125.98
C ILE Y 432 -30.19 -29.76 126.14
N SER Y 433 -29.15 -29.21 125.51
CA SER Y 433 -28.81 -27.81 125.70
C SER Y 433 -29.89 -26.88 125.20
N GLU Y 434 -30.73 -27.35 124.29
CA GLU Y 434 -31.77 -26.47 123.77
C GLU Y 434 -33.06 -26.58 124.59
N LEU Y 435 -33.46 -27.80 124.93
CA LEU Y 435 -34.67 -27.97 125.73
C LEU Y 435 -34.48 -27.39 127.14
N ILE Y 436 -33.29 -27.55 127.72
CA ILE Y 436 -33.10 -27.08 129.08
C ILE Y 436 -33.10 -25.56 129.11
N SER Y 437 -32.81 -24.92 127.98
CA SER Y 437 -32.95 -23.47 127.87
C SER Y 437 -34.38 -23.06 127.59
N THR Y 438 -35.13 -23.87 126.85
CA THR Y 438 -36.54 -23.57 126.64
C THR Y 438 -37.34 -23.65 127.94
N VAL Y 439 -36.99 -24.60 128.81
CA VAL Y 439 -37.62 -24.64 130.13
C VAL Y 439 -37.37 -23.34 130.88
N ARG Y 440 -36.13 -22.84 130.82
CA ARG Y 440 -35.84 -21.55 131.44
C ARG Y 440 -36.65 -20.43 130.79
N GLN Y 441 -36.80 -20.48 129.47
CA GLN Y 441 -37.55 -19.45 128.76
C GLN Y 441 -39.01 -19.44 129.18
N CYS Y 442 -39.58 -20.60 129.49
CA CYS Y 442 -40.98 -20.68 129.88
C CYS Y 442 -41.18 -20.64 131.40
N THR Y 443 -40.10 -20.59 132.17
CA THR Y 443 -40.21 -20.34 133.61
C THR Y 443 -39.83 -18.93 134.04
N LYS Y 444 -38.96 -18.25 133.29
CA LYS Y 444 -38.50 -16.93 133.72
C LYS Y 444 -39.62 -15.89 133.60
N LYS Y 445 -40.43 -15.97 132.56
CA LYS Y 445 -41.36 -14.89 132.26
C LYS Y 445 -42.72 -15.06 132.90
N LEU Y 446 -43.20 -16.31 133.05
CA LEU Y 446 -44.47 -16.51 133.75
C LEU Y 446 -44.30 -16.33 135.25
N GLN Y 447 -43.17 -16.76 135.82
CA GLN Y 447 -42.99 -16.78 137.26
C GLN Y 447 -42.37 -15.47 137.71
N GLN Y 448 -43.21 -14.57 138.22
CA GLN Y 448 -42.70 -13.45 139.01
C GLN Y 448 -42.16 -13.92 140.35
N TYR Y 449 -42.68 -15.05 140.83
CA TYR Y 449 -42.34 -15.52 142.16
C TYR Y 449 -40.85 -15.85 142.25
N PRO Y 450 -40.17 -15.47 143.33
CA PRO Y 450 -38.84 -15.99 143.59
C PRO Y 450 -38.92 -17.37 144.25
N ARG Y 451 -37.91 -18.18 143.94
CA ARG Y 451 -37.71 -19.52 144.48
C ARG Y 451 -38.71 -20.51 143.90
N LEU Y 452 -39.77 -20.02 143.24
CA LEU Y 452 -40.67 -20.91 142.53
C LEU Y 452 -40.33 -21.00 141.06
N ARG Y 453 -39.54 -20.07 140.53
CA ARG Y 453 -38.83 -20.26 139.29
C ARG Y 453 -37.49 -20.95 139.51
N GLU Y 454 -37.15 -21.22 140.77
CA GLU Y 454 -35.93 -21.95 141.11
C GLU Y 454 -36.20 -23.42 141.38
N GLU Y 455 -37.17 -23.73 142.25
CA GLU Y 455 -37.51 -25.12 142.51
C GLU Y 455 -38.05 -25.80 141.26
N MET Y 456 -38.88 -25.09 140.49
CA MET Y 456 -39.44 -25.64 139.26
C MET Y 456 -38.34 -25.97 138.26
N GLU Y 457 -37.45 -25.01 138.01
CA GLU Y 457 -36.35 -25.25 137.10
C GLU Y 457 -35.46 -26.37 137.58
N ARG Y 458 -35.16 -26.39 138.88
CA ARG Y 458 -34.32 -27.45 139.44
C ARG Y 458 -34.93 -28.82 139.20
N ILE Y 459 -36.20 -28.98 139.54
CA ILE Y 459 -36.84 -30.30 139.40
C ILE Y 459 -36.88 -30.73 137.94
N VAL Y 460 -37.33 -29.84 137.06
CA VAL Y 460 -37.46 -30.23 135.66
C VAL Y 460 -36.10 -30.53 135.06
N THR Y 461 -35.09 -29.72 135.38
CA THR Y 461 -33.76 -29.93 134.82
C THR Y 461 -33.13 -31.20 135.35
N THR Y 462 -33.35 -31.52 136.63
CA THR Y 462 -32.84 -32.79 137.15
C THR Y 462 -33.50 -33.97 136.46
N HIS Y 463 -34.80 -33.87 136.20
CA HIS Y 463 -35.46 -34.96 135.47
C HIS Y 463 -34.88 -35.10 134.06
N ILE Y 464 -34.62 -33.97 133.39
CA ILE Y 464 -34.08 -34.03 132.04
C ILE Y 464 -32.68 -34.64 132.05
N ARG Y 465 -31.85 -34.24 133.01
CA ARG Y 465 -30.51 -34.80 133.09
C ARG Y 465 -30.49 -36.22 133.64
N GLU Y 466 -31.59 -36.67 134.24
CA GLU Y 466 -31.73 -38.09 134.51
C GLU Y 466 -32.09 -38.85 133.25
N ARG Y 467 -32.90 -38.25 132.38
CA ARG Y 467 -33.29 -38.94 131.15
C ARG Y 467 -32.17 -38.96 130.12
N GLU Y 468 -31.24 -38.01 130.20
CA GLU Y 468 -30.16 -38.00 129.20
C GLU Y 468 -29.31 -39.24 129.29
N GLY Y 469 -29.11 -39.77 130.49
CA GLY Y 469 -28.37 -41.01 130.63
C GLY Y 469 -29.05 -42.17 129.91
N ARG Y 470 -30.36 -42.31 130.11
CA ARG Y 470 -31.09 -43.38 129.46
C ARG Y 470 -31.07 -43.23 127.94
N THR Y 471 -31.24 -42.00 127.44
CA THR Y 471 -31.27 -41.86 125.98
C THR Y 471 -29.90 -42.08 125.37
N LYS Y 472 -28.82 -41.65 126.05
CA LYS Y 472 -27.49 -41.95 125.55
C LYS Y 472 -27.22 -43.45 125.57
N GLU Y 473 -27.67 -44.14 126.62
CA GLU Y 473 -27.54 -45.60 126.66
C GLU Y 473 -28.26 -46.24 125.48
N GLN Y 474 -29.47 -45.78 125.19
CA GLN Y 474 -30.22 -46.37 124.08
C GLN Y 474 -29.56 -46.09 122.75
N VAL Y 475 -28.99 -44.89 122.58
CA VAL Y 475 -28.29 -44.59 121.32
C VAL Y 475 -27.06 -45.49 121.16
N MET Y 476 -26.28 -45.64 122.23
CA MET Y 476 -25.13 -46.53 122.17
C MET Y 476 -25.55 -47.96 121.85
N LEU Y 477 -26.64 -48.42 122.47
CA LEU Y 477 -27.09 -49.78 122.22
C LEU Y 477 -27.66 -49.93 120.81
N LEU Y 478 -28.23 -48.87 120.25
CA LEU Y 478 -28.62 -48.92 118.84
C LEU Y 478 -27.40 -49.08 117.94
N ILE Y 479 -26.33 -48.35 118.24
CA ILE Y 479 -25.10 -48.52 117.46
C ILE Y 479 -24.57 -49.94 117.61
N ASP Y 480 -24.55 -50.46 118.84
CA ASP Y 480 -24.06 -51.80 119.08
C ASP Y 480 -24.95 -52.87 118.46
N ILE Y 481 -26.23 -52.58 118.22
CA ILE Y 481 -27.05 -53.46 117.40
C ILE Y 481 -26.67 -53.35 115.93
N GLU Y 482 -26.38 -52.15 115.46
CA GLU Y 482 -26.02 -52.02 114.05
C GLU Y 482 -24.64 -52.56 113.75
N LEU Y 483 -23.85 -52.87 114.77
CA LEU Y 483 -22.63 -53.67 114.61
C LEU Y 483 -22.85 -55.16 114.89
N ALA Y 484 -23.98 -55.73 114.47
CA ALA Y 484 -24.22 -57.14 114.77
C ALA Y 484 -24.41 -58.02 113.55
N TYR Y 485 -25.16 -57.58 112.55
CA TYR Y 485 -25.49 -58.52 111.47
C TYR Y 485 -25.01 -58.06 110.10
N MET Y 486 -25.07 -56.77 109.81
CA MET Y 486 -24.61 -56.22 108.54
C MET Y 486 -25.37 -56.86 107.36
N ASN Y 487 -26.66 -56.57 107.32
CA ASN Y 487 -27.53 -57.24 106.37
C ASN Y 487 -27.18 -56.87 104.94
N THR Y 488 -27.52 -57.78 104.03
CA THR Y 488 -27.36 -57.55 102.60
C THR Y 488 -28.64 -57.80 101.82
N ASN Y 489 -29.64 -58.44 102.44
CA ASN Y 489 -30.93 -58.64 101.80
C ASN Y 489 -31.71 -57.35 101.60
N HIS Y 490 -31.25 -56.26 102.19
CA HIS Y 490 -31.91 -54.96 102.04
C HIS Y 490 -31.65 -54.43 100.63
N GLU Y 491 -32.08 -53.20 100.38
CA GLU Y 491 -32.03 -52.59 99.05
C GLU Y 491 -30.65 -52.13 98.63
N ASP Y 492 -29.56 -52.50 99.29
CA ASP Y 492 -28.25 -52.31 98.70
C ASP Y 492 -28.04 -53.30 97.56
N PHE Y 493 -27.42 -52.83 96.49
CA PHE Y 493 -27.20 -53.68 95.33
C PHE Y 493 -26.00 -54.58 95.56
N ILE Y 494 -26.15 -55.86 95.22
CA ILE Y 494 -25.11 -56.84 95.43
C ILE Y 494 -24.18 -56.91 94.23
N ASP Y 652 -1.58 -55.14 89.72
CA ASP Y 652 -3.00 -55.30 90.01
C ASP Y 652 -3.39 -56.78 90.08
N PRO Y 653 -2.79 -57.53 91.00
CA PRO Y 653 -3.06 -58.96 91.07
C PRO Y 653 -4.41 -59.24 91.70
N GLN Y 654 -5.48 -59.07 90.91
CA GLN Y 654 -6.86 -59.21 91.36
C GLN Y 654 -7.20 -58.14 92.38
N LEU Y 655 -6.23 -57.30 92.74
CA LEU Y 655 -6.48 -56.26 93.74
C LEU Y 655 -7.39 -55.19 93.17
N GLU Y 656 -7.09 -54.68 91.98
CA GLU Y 656 -7.97 -53.68 91.39
C GLU Y 656 -9.35 -54.23 91.07
N ARG Y 657 -9.58 -55.52 91.31
CA ARG Y 657 -10.90 -56.13 91.21
C ARG Y 657 -11.55 -56.32 92.58
N GLN Y 658 -10.77 -56.66 93.59
CA GLN Y 658 -11.32 -56.94 94.92
C GLN Y 658 -11.44 -55.67 95.77
N VAL Y 659 -10.38 -54.87 95.83
CA VAL Y 659 -10.38 -53.69 96.69
C VAL Y 659 -11.45 -52.69 96.23
N GLU Y 660 -11.57 -52.49 94.92
CA GLU Y 660 -12.55 -51.56 94.40
C GLU Y 660 -13.96 -52.04 94.64
N THR Y 661 -14.20 -53.34 94.46
CA THR Y 661 -15.52 -53.91 94.74
C THR Y 661 -15.88 -53.74 96.21
N ILE Y 662 -14.93 -54.02 97.10
CA ILE Y 662 -15.20 -53.86 98.53
C ILE Y 662 -15.50 -52.42 98.86
N ARG Y 663 -14.77 -51.46 98.27
CA ARG Y 663 -15.05 -50.06 98.52
C ARG Y 663 -16.44 -49.68 98.02
N ASN Y 664 -16.79 -50.10 96.80
CA ASN Y 664 -18.07 -49.73 96.23
C ASN Y 664 -19.24 -50.45 96.89
N LEU Y 665 -18.99 -51.48 97.69
CA LEU Y 665 -20.04 -52.05 98.51
C LEU Y 665 -20.09 -51.44 99.90
N VAL Y 666 -18.94 -51.07 100.47
CA VAL Y 666 -18.94 -50.35 101.74
C VAL Y 666 -19.68 -49.04 101.60
N ASP Y 667 -19.46 -48.32 100.51
CA ASP Y 667 -20.20 -47.08 100.31
C ASP Y 667 -21.70 -47.34 100.17
N SER Y 668 -22.06 -48.39 99.44
CA SER Y 668 -23.47 -48.72 99.23
C SER Y 668 -24.16 -49.14 100.51
N TYR Y 669 -23.42 -49.65 101.48
CA TYR Y 669 -24.02 -49.96 102.77
C TYR Y 669 -23.91 -48.81 103.77
N MET Y 670 -22.93 -47.94 103.62
CA MET Y 670 -22.89 -46.73 104.46
C MET Y 670 -24.05 -45.81 104.14
N ALA Y 671 -24.45 -45.74 102.87
CA ALA Y 671 -25.65 -44.99 102.55
C ALA Y 671 -26.83 -45.48 103.36
N ILE Y 672 -27.03 -46.80 103.41
CA ILE Y 672 -28.20 -47.36 104.09
C ILE Y 672 -28.09 -47.19 105.60
N VAL Y 673 -26.91 -47.43 106.18
CA VAL Y 673 -26.81 -47.31 107.63
C VAL Y 673 -26.97 -45.86 108.05
N ASN Y 674 -26.43 -44.92 107.26
CA ASN Y 674 -26.64 -43.51 107.57
C ASN Y 674 -28.11 -43.15 107.48
N LYS Y 675 -28.82 -43.65 106.46
CA LYS Y 675 -30.23 -43.35 106.35
C LYS Y 675 -31.02 -43.90 107.52
N THR Y 676 -30.73 -45.14 107.91
CA THR Y 676 -31.49 -45.76 109.00
C THR Y 676 -31.04 -45.33 110.38
N VAL Y 677 -29.97 -44.54 110.48
CA VAL Y 677 -29.65 -43.93 111.77
C VAL Y 677 -30.26 -42.53 111.81
N ARG Y 678 -30.30 -41.84 110.66
CA ARG Y 678 -30.92 -40.52 110.63
C ARG Y 678 -32.42 -40.62 110.80
N ASP Y 679 -33.05 -41.67 110.28
CA ASP Y 679 -34.49 -41.84 110.41
C ASP Y 679 -34.89 -42.35 111.79
N LEU Y 680 -33.94 -42.83 112.59
CA LEU Y 680 -34.27 -43.47 113.86
C LEU Y 680 -33.74 -42.75 115.08
N MET Y 681 -32.72 -41.91 114.96
CA MET Y 681 -32.13 -41.30 116.14
C MET Y 681 -33.03 -40.21 116.72
N PRO Y 682 -33.73 -39.39 115.91
CA PRO Y 682 -34.76 -38.52 116.50
C PRO Y 682 -35.82 -39.27 117.28
N LYS Y 683 -36.27 -40.41 116.77
CA LYS Y 683 -37.36 -41.13 117.43
C LYS Y 683 -36.95 -41.60 118.82
N THR Y 684 -35.74 -42.13 118.96
CA THR Y 684 -35.34 -42.68 120.25
C THR Y 684 -35.19 -41.59 121.31
N ILE Y 685 -34.55 -40.47 120.96
CA ILE Y 685 -34.42 -39.39 121.92
C ILE Y 685 -35.78 -38.83 122.26
N MET Y 686 -36.68 -38.74 121.28
CA MET Y 686 -37.94 -38.07 121.53
C MET Y 686 -38.99 -39.01 122.12
N HIS Y 687 -38.69 -40.30 122.22
CA HIS Y 687 -39.47 -41.19 123.05
C HIS Y 687 -38.91 -41.35 124.45
N LEU Y 688 -37.60 -41.22 124.64
CA LEU Y 688 -37.03 -41.40 125.97
C LEU Y 688 -36.91 -40.11 126.75
N MET Y 689 -36.88 -38.96 126.07
CA MET Y 689 -36.66 -37.67 126.73
C MET Y 689 -37.85 -36.74 126.57
N ILE Y 690 -38.25 -36.43 125.33
CA ILE Y 690 -39.29 -35.43 125.11
C ILE Y 690 -40.61 -35.90 125.70
N ASN Y 691 -41.13 -37.01 125.18
CA ASN Y 691 -42.41 -37.54 125.59
C ASN Y 691 -42.37 -38.22 126.94
N ASN Y 692 -41.26 -38.13 127.66
CA ASN Y 692 -41.21 -38.55 129.04
C ASN Y 692 -41.11 -37.39 130.02
N THR Y 693 -40.29 -36.38 129.72
CA THR Y 693 -40.32 -35.17 130.55
C THR Y 693 -41.62 -34.43 130.38
N LYS Y 694 -42.25 -34.52 129.20
CA LYS Y 694 -43.55 -33.91 129.02
C LYS Y 694 -44.59 -34.60 129.89
N GLU Y 695 -44.56 -35.93 129.93
CA GLU Y 695 -45.48 -36.67 130.79
C GLU Y 695 -45.20 -36.37 132.26
N PHE Y 696 -43.91 -36.23 132.61
CA PHE Y 696 -43.55 -35.87 133.98
C PHE Y 696 -44.12 -34.51 134.35
N ILE Y 697 -44.06 -33.55 133.42
CA ILE Y 697 -44.65 -32.23 133.64
C ILE Y 697 -46.16 -32.35 133.84
N PHE Y 698 -46.84 -33.16 133.02
CA PHE Y 698 -48.27 -33.39 133.29
C PHE Y 698 -48.52 -33.94 134.69
N SER Y 699 -47.85 -35.03 135.06
CA SER Y 699 -48.41 -35.91 136.07
C SER Y 699 -47.58 -36.06 137.34
N GLU Y 700 -46.43 -35.39 137.47
CA GLU Y 700 -45.65 -35.55 138.69
C GLU Y 700 -45.07 -34.26 139.24
N LEU Y 701 -45.13 -33.15 138.49
CA LEU Y 701 -44.44 -31.95 138.92
C LEU Y 701 -45.00 -31.41 140.23
N LEU Y 702 -46.32 -31.42 140.40
CA LEU Y 702 -46.90 -30.90 141.63
C LEU Y 702 -46.60 -31.81 142.82
N ALA Y 703 -46.55 -33.12 142.60
CA ALA Y 703 -46.37 -34.05 143.71
C ALA Y 703 -45.04 -33.83 144.40
N ASN Y 704 -43.96 -33.69 143.64
CA ASN Y 704 -42.65 -33.45 144.25
C ASN Y 704 -42.41 -31.97 144.50
N LEU Y 705 -43.12 -31.08 143.82
CA LEU Y 705 -43.01 -29.66 144.11
C LEU Y 705 -43.58 -29.35 145.49
N TYR Y 706 -44.65 -30.04 145.88
CA TYR Y 706 -45.14 -29.94 147.25
C TYR Y 706 -44.10 -30.40 148.26
N SER Y 707 -43.32 -31.43 147.92
CA SER Y 707 -42.42 -32.05 148.88
C SER Y 707 -41.10 -31.29 149.03
N CYS Y 708 -40.57 -30.74 147.94
CA CYS Y 708 -39.32 -30.03 148.01
C CYS Y 708 -39.49 -28.71 148.74
N GLY Y 709 -38.57 -28.42 149.66
CA GLY Y 709 -38.63 -27.18 150.40
C GLY Y 709 -39.58 -27.24 151.58
N ASP Y 710 -40.08 -26.06 151.95
CA ASP Y 710 -40.95 -25.93 153.11
C ASP Y 710 -42.42 -26.19 152.77
N GLN Y 711 -42.84 -25.90 151.54
CA GLN Y 711 -44.23 -25.92 151.11
C GLN Y 711 -44.99 -24.78 151.78
N ASN Y 712 -44.34 -24.06 152.69
CA ASN Y 712 -44.89 -22.88 153.35
C ASN Y 712 -44.12 -21.62 153.02
N THR Y 713 -42.80 -21.64 153.20
CA THR Y 713 -41.96 -20.52 152.75
C THR Y 713 -41.54 -20.71 151.30
N LEU Y 714 -42.53 -21.03 150.49
CA LEU Y 714 -42.40 -21.09 149.04
C LEU Y 714 -43.42 -20.14 148.45
N MET Y 715 -43.19 -19.72 147.21
CA MET Y 715 -44.02 -18.74 146.52
C MET Y 715 -44.25 -17.51 147.41
N GLU Y 716 -43.14 -16.99 147.93
CA GLU Y 716 -43.14 -15.74 148.68
C GLU Y 716 -43.06 -14.59 147.69
N GLU Y 717 -43.80 -13.52 147.96
CA GLU Y 717 -43.84 -12.39 147.04
C GLU Y 717 -42.47 -11.76 146.92
N SER Y 718 -42.01 -11.60 145.68
CA SER Y 718 -40.83 -10.79 145.43
C SER Y 718 -41.10 -9.35 145.85
N ALA Y 719 -40.06 -8.66 146.30
CA ALA Y 719 -40.22 -7.28 146.74
C ALA Y 719 -40.87 -6.42 145.67
N GLU Y 720 -40.60 -6.70 144.40
CA GLU Y 720 -41.24 -5.97 143.32
C GLU Y 720 -42.75 -6.17 143.36
N GLN Y 721 -43.21 -7.40 143.53
CA GLN Y 721 -44.65 -7.64 143.61
C GLN Y 721 -45.24 -7.06 144.88
N ALA Y 722 -44.50 -7.10 145.99
CA ALA Y 722 -44.99 -6.55 147.24
C ALA Y 722 -45.21 -5.04 147.13
N GLN Y 723 -44.30 -4.34 146.47
CA GLN Y 723 -44.49 -2.90 146.28
C GLN Y 723 -45.40 -2.58 145.10
N ARG Y 724 -45.69 -3.57 144.24
CA ARG Y 724 -46.60 -3.35 143.12
C ARG Y 724 -48.06 -3.50 143.57
N ARG Y 725 -48.35 -4.46 144.43
CA ARG Y 725 -49.71 -4.65 144.90
C ARG Y 725 -50.20 -3.43 145.67
N ASP Y 726 -49.34 -2.83 146.50
CA ASP Y 726 -49.75 -1.68 147.28
C ASP Y 726 -50.16 -0.51 146.39
N GLU Y 727 -49.35 -0.23 145.37
CA GLU Y 727 -49.68 0.88 144.49
C GLU Y 727 -50.89 0.56 143.62
N MET Y 728 -51.05 -0.70 143.19
CA MET Y 728 -52.21 -1.06 142.41
C MET Y 728 -53.48 -1.11 143.24
N LEU Y 729 -53.38 -1.15 144.57
CA LEU Y 729 -54.54 -1.04 145.43
C LEU Y 729 -54.88 0.41 145.76
N ARG Y 730 -53.85 1.23 146.00
CA ARG Y 730 -54.13 2.65 146.23
C ARG Y 730 -54.67 3.31 144.98
N MET Y 731 -54.25 2.84 143.79
CA MET Y 731 -54.84 3.37 142.57
C MET Y 731 -56.29 2.96 142.44
N TYR Y 732 -56.65 1.76 142.90
CA TYR Y 732 -58.06 1.39 142.95
C TYR Y 732 -58.85 2.32 143.85
N HIS Y 733 -58.31 2.61 145.04
CA HIS Y 733 -59.01 3.53 145.94
C HIS Y 733 -59.15 4.91 145.32
N ALA Y 734 -58.10 5.41 144.67
CA ALA Y 734 -58.16 6.73 144.07
C ALA Y 734 -59.16 6.78 142.92
N LEU Y 735 -59.21 5.72 142.10
CA LEU Y 735 -60.19 5.68 141.02
C LEU Y 735 -61.61 5.64 141.56
N LYS Y 736 -61.83 4.88 142.63
CA LYS Y 736 -63.15 4.87 143.27
C LYS Y 736 -63.53 6.26 143.76
N GLU Y 737 -62.58 6.96 144.37
CA GLU Y 737 -62.86 8.32 144.86
C GLU Y 737 -63.15 9.27 143.72
N ALA Y 738 -62.41 9.15 142.61
CA ALA Y 738 -62.65 10.03 141.46
C ALA Y 738 -64.04 9.79 140.88
N LEU Y 739 -64.45 8.53 140.76
CA LEU Y 739 -65.81 8.25 140.30
C LEU Y 739 -66.86 8.78 141.26
N SER Y 740 -66.59 8.68 142.57
CA SER Y 740 -67.51 9.25 143.54
C SER Y 740 -67.66 10.75 143.36
N ILE Y 741 -66.54 11.45 143.12
CA ILE Y 741 -66.61 12.89 142.92
C ILE Y 741 -67.34 13.23 141.63
N ILE Y 742 -67.13 12.44 140.57
CA ILE Y 742 -67.85 12.68 139.33
C ILE Y 742 -69.36 12.52 139.55
N GLY Y 743 -69.75 11.48 140.28
CA GLY Y 743 -71.16 11.32 140.61
C GLY Y 743 -71.70 12.49 141.42
N ASN Y 744 -70.92 12.97 142.39
CA ASN Y 744 -71.36 14.09 143.21
C ASN Y 744 -71.54 15.36 142.38
N ILE Y 745 -70.61 15.62 141.46
CA ILE Y 745 -70.72 16.83 140.66
C ILE Y 745 -71.87 16.70 139.65
N ASN Y 746 -72.13 15.49 139.16
CA ASN Y 746 -73.31 15.30 138.31
C ASN Y 746 -74.59 15.53 139.08
N THR Y 747 -74.63 15.10 140.35
CA THR Y 747 -75.75 15.43 141.21
C THR Y 747 -75.87 16.94 141.39
N THR Y 748 -74.75 17.61 141.60
CA THR Y 748 -74.70 19.07 141.76
C THR Y 748 -75.63 19.55 142.87
N ASN Z 3 -91.72 127.23 76.77
CA ASN Z 3 -90.34 127.22 77.22
C ASN Z 3 -89.50 128.23 76.45
N ARG Z 4 -88.65 128.96 77.18
CA ARG Z 4 -87.84 130.02 76.57
C ARG Z 4 -86.68 129.46 75.75
N GLY Z 5 -86.28 128.22 76.00
CA GLY Z 5 -85.22 127.64 75.20
C GLY Z 5 -85.56 127.60 73.73
N MET Z 6 -86.83 127.38 73.41
CA MET Z 6 -87.23 127.32 72.00
C MET Z 6 -87.30 128.71 71.38
N GLU Z 7 -87.72 129.71 72.17
CA GLU Z 7 -87.58 131.11 71.75
C GLU Z 7 -86.13 131.47 71.45
N ASP Z 8 -85.19 130.86 72.18
CA ASP Z 8 -83.78 131.14 71.93
C ASP Z 8 -83.35 130.64 70.56
N LEU Z 9 -84.06 129.66 69.99
CA LEU Z 9 -83.66 129.05 68.74
C LEU Z 9 -84.52 129.43 67.55
N ILE Z 10 -85.74 129.95 67.77
CA ILE Z 10 -86.59 130.34 66.63
C ILE Z 10 -85.94 131.34 65.69
N PRO Z 11 -85.22 132.37 66.15
CA PRO Z 11 -84.68 133.31 65.15
C PRO Z 11 -83.57 132.71 64.32
N LEU Z 12 -82.71 131.88 64.91
CA LEU Z 12 -81.59 131.32 64.18
C LEU Z 12 -81.99 130.26 63.17
N VAL Z 13 -83.25 129.80 63.19
CA VAL Z 13 -83.74 128.85 62.19
C VAL Z 13 -84.66 129.59 61.23
N ASN Z 14 -85.36 130.62 61.74
CA ASN Z 14 -86.24 131.40 60.89
C ASN Z 14 -85.45 132.27 59.93
N ARG Z 15 -84.27 132.74 60.35
CA ARG Z 15 -83.38 133.49 59.48
C ARG Z 15 -82.64 132.57 58.51
N LEU Z 16 -82.62 131.27 58.79
CA LEU Z 16 -81.84 130.29 58.05
C LEU Z 16 -82.65 129.61 56.96
N GLN Z 17 -83.72 128.91 57.37
CA GLN Z 17 -84.49 128.11 56.43
C GLN Z 17 -85.18 128.99 55.40
N ASP Z 18 -85.60 130.20 55.79
CA ASP Z 18 -86.22 131.10 54.82
C ASP Z 18 -85.26 131.41 53.69
N ALA Z 19 -83.98 131.63 54.00
CA ALA Z 19 -83.00 131.91 52.95
C ALA Z 19 -82.72 130.67 52.12
N PHE Z 20 -82.45 129.53 52.77
CA PHE Z 20 -82.17 128.31 52.01
C PHE Z 20 -83.36 127.86 51.17
N SER Z 21 -84.57 128.33 51.46
CA SER Z 21 -85.70 128.03 50.61
C SER Z 21 -86.02 129.16 49.63
N ALA Z 22 -85.55 130.38 49.91
CA ALA Z 22 -85.69 131.47 48.96
C ALA Z 22 -84.73 131.31 47.79
N ILE Z 23 -83.60 130.66 48.00
CA ILE Z 23 -82.74 130.31 46.88
C ILE Z 23 -83.38 129.27 45.97
N GLY Z 24 -84.50 128.68 46.40
CA GLY Z 24 -85.23 127.72 45.60
C GLY Z 24 -84.77 126.29 45.72
N GLN Z 25 -83.60 126.04 46.29
CA GLN Z 25 -83.10 124.69 46.43
C GLN Z 25 -83.87 123.94 47.52
N ASN Z 26 -83.90 122.62 47.39
CA ASN Z 26 -84.48 121.77 48.43
C ASN Z 26 -83.46 121.52 49.53
N ALA Z 27 -82.86 122.58 50.04
CA ALA Z 27 -81.94 122.48 51.17
C ALA Z 27 -82.72 122.59 52.46
N ASP Z 28 -82.41 121.69 53.40
CA ASP Z 28 -83.19 121.61 54.63
C ASP Z 28 -82.26 121.30 55.79
N LEU Z 29 -82.71 121.69 56.99
CA LEU Z 29 -81.94 121.44 58.21
C LEU Z 29 -82.17 120.03 58.73
N ASP Z 30 -83.41 119.54 58.65
CA ASP Z 30 -83.79 118.23 59.17
C ASP Z 30 -83.52 118.16 60.68
N LEU Z 31 -84.26 118.99 61.42
CA LEU Z 31 -84.23 118.87 62.87
C LEU Z 31 -84.67 117.48 63.28
N PRO Z 32 -83.91 116.80 64.14
CA PRO Z 32 -84.30 115.44 64.54
C PRO Z 32 -85.64 115.43 65.24
N GLN Z 33 -86.38 114.35 65.02
CA GLN Z 33 -87.68 114.19 65.65
C GLN Z 33 -87.54 113.47 66.98
N ILE Z 34 -88.38 113.85 67.94
CA ILE Z 34 -88.26 113.39 69.32
C ILE Z 34 -89.28 112.28 69.55
N ALA Z 35 -88.79 111.07 69.79
CA ALA Z 35 -89.65 109.95 70.16
C ALA Z 35 -89.27 109.50 71.57
N VAL Z 36 -90.23 108.89 72.26
CA VAL Z 36 -90.03 108.40 73.62
C VAL Z 36 -90.38 106.92 73.67
N VAL Z 37 -89.55 106.14 74.36
CA VAL Z 37 -89.76 104.70 74.48
C VAL Z 37 -89.66 104.33 75.95
N GLY Z 38 -90.20 103.18 76.28
CA GLY Z 38 -90.17 102.67 77.63
C GLY Z 38 -91.35 101.75 77.89
N GLY Z 39 -91.43 101.29 79.13
CA GLY Z 39 -92.53 100.45 79.54
C GLY Z 39 -93.77 101.25 79.91
N GLN Z 40 -94.86 100.53 80.13
CA GLN Z 40 -96.11 101.17 80.49
C GLN Z 40 -95.97 101.89 81.83
N SER Z 41 -96.67 103.02 81.96
CA SER Z 41 -96.68 103.82 83.17
C SER Z 41 -95.30 104.36 83.52
N ALA Z 42 -94.47 104.62 82.51
CA ALA Z 42 -93.19 105.27 82.75
C ALA Z 42 -93.30 106.78 82.80
N GLY Z 43 -94.41 107.36 82.35
CA GLY Z 43 -94.58 108.80 82.38
C GLY Z 43 -94.23 109.53 81.12
N LYS Z 44 -94.26 108.86 79.96
CA LYS Z 44 -93.78 109.46 78.73
C LYS Z 44 -94.64 110.66 78.32
N SER Z 45 -95.96 110.51 78.39
CA SER Z 45 -96.84 111.61 78.01
C SER Z 45 -96.61 112.82 78.91
N SER Z 46 -96.40 112.60 80.21
CA SER Z 46 -96.11 113.70 81.11
C SER Z 46 -94.73 114.28 80.88
N VAL Z 47 -93.80 113.51 80.31
CA VAL Z 47 -92.51 114.08 79.92
C VAL Z 47 -92.68 115.01 78.72
N LEU Z 48 -93.43 114.58 77.71
CA LEU Z 48 -93.66 115.43 76.54
C LEU Z 48 -94.41 116.69 76.91
N GLU Z 49 -95.45 116.55 77.75
CA GLU Z 49 -96.19 117.73 78.19
C GLU Z 49 -95.28 118.75 78.84
N ASN Z 50 -94.37 118.30 79.69
CA ASN Z 50 -93.49 119.23 80.40
C ASN Z 50 -92.41 119.78 79.48
N PHE Z 51 -91.96 119.01 78.51
CA PHE Z 51 -90.98 119.52 77.55
C PHE Z 51 -91.59 120.62 76.70
N VAL Z 52 -92.84 120.45 76.29
CA VAL Z 52 -93.52 121.49 75.50
C VAL Z 52 -93.80 122.70 76.39
N GLY Z 53 -94.57 122.50 77.45
CA GLY Z 53 -94.90 123.57 78.36
C GLY Z 53 -96.39 123.84 78.48
N ARG Z 54 -97.20 122.98 77.87
CA ARG Z 54 -98.65 123.14 77.89
C ARG Z 54 -99.30 121.79 78.13
N ASP Z 55 -100.50 121.82 78.70
CA ASP Z 55 -101.20 120.62 79.16
C ASP Z 55 -102.17 120.19 78.07
N PHE Z 56 -101.70 119.31 77.17
CA PHE Z 56 -102.52 118.88 76.05
C PHE Z 56 -102.35 117.40 75.76
N LEU Z 57 -102.07 116.59 76.78
CA LEU Z 57 -101.89 115.17 76.56
C LEU Z 57 -102.65 114.37 77.61
N PRO Z 58 -103.07 113.15 77.27
CA PRO Z 58 -103.75 112.31 78.26
C PRO Z 58 -102.75 111.53 79.10
N ARG Z 59 -103.08 111.36 80.37
CA ARG Z 59 -102.22 110.62 81.29
C ARG Z 59 -103.05 110.12 82.46
N GLY Z 60 -102.56 109.07 83.10
CA GLY Z 60 -103.23 108.51 84.26
C GLY Z 60 -102.73 107.12 84.56
N SER Z 61 -103.27 106.57 85.64
CA SER Z 61 -102.95 105.19 85.98
C SER Z 61 -103.49 104.23 84.93
N GLY Z 62 -102.93 103.04 84.90
CA GLY Z 62 -103.33 102.12 83.85
C GLY Z 62 -102.75 102.55 82.51
N ILE Z 63 -103.35 102.01 81.45
CA ILE Z 63 -102.93 102.30 80.09
C ILE Z 63 -103.68 103.54 79.59
N VAL Z 64 -102.94 104.54 79.14
CA VAL Z 64 -103.55 105.79 78.69
C VAL Z 64 -103.15 106.09 77.26
N THR Z 65 -101.86 106.26 77.01
CA THR Z 65 -101.40 106.55 75.66
C THR Z 65 -101.56 105.29 74.82
N ARG Z 66 -102.70 105.17 74.15
CA ARG Z 66 -103.10 103.94 73.51
C ARG Z 66 -102.89 103.96 72.00
N ARG Z 67 -102.65 105.14 71.41
CA ARG Z 67 -102.37 105.30 70.00
C ARG Z 67 -101.19 106.23 69.83
N PRO Z 68 -100.29 105.94 68.88
CA PRO Z 68 -99.17 106.86 68.64
C PRO Z 68 -99.67 108.24 68.27
N LEU Z 69 -99.01 109.25 68.80
CA LEU Z 69 -99.39 110.64 68.56
C LEU Z 69 -98.22 111.35 67.89
N VAL Z 70 -98.41 111.80 66.66
CA VAL Z 70 -97.41 112.57 65.94
C VAL Z 70 -97.79 114.03 66.11
N LEU Z 71 -97.25 114.65 67.16
CA LEU Z 71 -97.37 116.08 67.34
C LEU Z 71 -96.39 116.79 66.42
N GLN Z 72 -96.83 117.89 65.82
CA GLN Z 72 -95.97 118.72 64.99
C GLN Z 72 -96.12 120.15 65.48
N LEU Z 73 -95.10 120.64 66.16
CA LEU Z 73 -95.03 122.05 66.50
C LEU Z 73 -94.62 122.81 65.24
N VAL Z 74 -95.38 123.84 64.89
CA VAL Z 74 -95.14 124.63 63.68
C VAL Z 74 -95.19 126.10 64.05
N ASN Z 75 -94.15 126.83 63.64
CA ASN Z 75 -94.10 128.26 63.89
C ASN Z 75 -95.11 128.98 63.01
N ALA Z 76 -95.94 129.82 63.63
CA ALA Z 76 -97.00 130.51 62.92
C ALA Z 76 -97.26 131.85 63.61
N THR Z 77 -98.34 132.51 63.20
CA THR Z 77 -98.67 133.83 63.73
C THR Z 77 -99.28 133.75 65.11
N THR Z 78 -100.42 133.07 65.23
CA THR Z 78 -101.16 132.97 66.47
C THR Z 78 -101.08 131.55 67.04
N GLU Z 79 -101.61 131.40 68.25
CA GLU Z 79 -101.59 130.13 68.96
C GLU Z 79 -102.90 129.39 68.74
N TYR Z 80 -102.79 128.18 68.20
CA TYR Z 80 -103.93 127.28 68.06
C TYR Z 80 -103.41 125.89 67.75
N ALA Z 81 -104.31 124.93 67.61
CA ALA Z 81 -103.93 123.57 67.28
C ALA Z 81 -105.06 122.90 66.52
N GLU Z 82 -104.70 122.02 65.59
CA GLU Z 82 -105.69 121.31 64.80
C GLU Z 82 -105.29 119.86 64.62
N PHE Z 83 -106.28 118.97 64.66
CA PHE Z 83 -106.08 117.57 64.35
C PHE Z 83 -106.07 117.40 62.83
N LEU Z 84 -106.06 116.14 62.40
CA LEU Z 84 -106.10 115.82 60.98
C LEU Z 84 -107.42 115.19 60.56
N HIS Z 85 -108.02 114.37 61.41
CA HIS Z 85 -109.32 113.77 61.11
C HIS Z 85 -110.45 114.79 61.12
N CYS Z 86 -110.22 115.98 61.65
CA CYS Z 86 -111.23 117.03 61.78
C CYS Z 86 -110.73 118.33 61.16
N LYS Z 87 -110.26 118.25 59.92
CA LYS Z 87 -109.65 119.38 59.23
C LYS Z 87 -110.52 120.64 59.37
N GLY Z 88 -109.85 121.77 59.59
CA GLY Z 88 -110.51 123.04 59.73
C GLY Z 88 -111.02 123.37 61.12
N LYS Z 89 -111.11 122.39 62.01
CA LYS Z 89 -111.57 122.61 63.37
C LYS Z 89 -110.37 123.02 64.22
N LYS Z 90 -110.14 124.33 64.32
CA LYS Z 90 -109.03 124.85 65.10
C LYS Z 90 -109.35 124.79 66.58
N PHE Z 91 -108.41 124.28 67.37
CA PHE Z 91 -108.57 124.14 68.81
C PHE Z 91 -107.70 125.16 69.53
N THR Z 92 -108.31 125.90 70.44
CA THR Z 92 -107.58 126.82 71.32
C THR Z 92 -107.65 126.41 72.78
N ASP Z 93 -108.68 125.67 73.19
CA ASP Z 93 -108.83 125.22 74.56
C ASP Z 93 -108.12 123.88 74.72
N PHE Z 94 -107.00 123.89 75.45
CA PHE Z 94 -106.20 122.68 75.59
C PHE Z 94 -106.94 121.60 76.36
N GLU Z 95 -107.91 121.96 77.20
CA GLU Z 95 -108.77 120.94 77.81
C GLU Z 95 -109.60 120.23 76.74
N GLU Z 96 -110.12 120.98 75.77
CA GLU Z 96 -110.80 120.34 74.64
C GLU Z 96 -109.85 119.48 73.84
N VAL Z 97 -108.60 119.92 73.66
CA VAL Z 97 -107.61 119.10 72.96
C VAL Z 97 -107.40 117.78 73.71
N ARG Z 98 -107.25 117.86 75.03
CA ARG Z 98 -107.01 116.65 75.83
C ARG Z 98 -108.19 115.71 75.78
N LEU Z 99 -109.42 116.25 75.84
CA LEU Z 99 -110.59 115.40 75.74
C LEU Z 99 -110.70 114.76 74.36
N GLU Z 100 -110.46 115.55 73.30
CA GLU Z 100 -110.64 115.04 71.96
C GLU Z 100 -109.59 113.99 71.61
N ILE Z 101 -108.36 114.14 72.12
CA ILE Z 101 -107.34 113.17 71.77
C ILE Z 101 -107.69 111.78 72.31
N GLU Z 102 -108.19 111.71 73.54
CA GLU Z 102 -108.60 110.40 74.05
C GLU Z 102 -109.92 109.94 73.44
N ALA Z 103 -110.79 110.87 73.06
CA ALA Z 103 -111.98 110.48 72.32
C ALA Z 103 -111.64 109.82 71.00
N GLU Z 104 -110.68 110.38 70.26
CA GLU Z 104 -110.20 109.73 69.05
C GLU Z 104 -109.45 108.45 69.37
N THR Z 105 -108.76 108.41 70.52
CA THR Z 105 -108.01 107.23 70.90
C THR Z 105 -108.92 106.02 71.10
N ASP Z 106 -110.04 106.21 71.79
CA ASP Z 106 -110.94 105.08 71.99
C ASP Z 106 -112.00 104.95 70.90
N ARG Z 107 -112.16 105.95 70.02
CA ARG Z 107 -113.08 105.83 68.90
C ARG Z 107 -112.65 104.77 67.90
N VAL Z 108 -111.39 104.33 67.95
CA VAL Z 108 -110.88 103.35 67.01
C VAL Z 108 -110.69 101.99 67.65
N THR Z 109 -110.31 101.93 68.93
CA THR Z 109 -109.97 100.68 69.58
C THR Z 109 -111.02 100.22 70.60
N GLY Z 110 -111.82 101.12 71.14
CA GLY Z 110 -112.74 100.78 72.21
C GLY Z 110 -112.19 101.17 73.56
N THR Z 111 -112.84 100.64 74.59
CA THR Z 111 -112.46 100.90 75.97
C THR Z 111 -111.77 99.67 76.59
N ASN Z 112 -111.51 98.65 75.79
CA ASN Z 112 -110.96 97.40 76.30
C ASN Z 112 -109.45 97.30 76.06
N LYS Z 113 -108.77 98.45 76.08
CA LYS Z 113 -107.31 98.53 76.11
C LYS Z 113 -106.64 97.87 74.89
N GLY Z 114 -107.33 97.84 73.75
CA GLY Z 114 -106.67 97.43 72.53
C GLY Z 114 -105.99 98.60 71.85
N ILE Z 115 -105.02 98.32 70.98
CA ILE Z 115 -104.26 99.39 70.36
C ILE Z 115 -104.34 99.28 68.85
N SER Z 116 -103.97 100.38 68.18
CA SER Z 116 -104.01 100.49 66.75
C SER Z 116 -102.71 101.11 66.27
N PRO Z 117 -102.05 100.53 65.29
CA PRO Z 117 -100.77 101.08 64.82
C PRO Z 117 -100.93 102.24 63.86
N VAL Z 118 -102.12 102.81 63.78
CA VAL Z 118 -102.40 103.94 62.89
C VAL Z 118 -102.20 105.22 63.69
N PRO Z 119 -101.23 106.07 63.33
CA PRO Z 119 -100.93 107.24 64.16
C PRO Z 119 -102.06 108.25 64.25
N ILE Z 120 -101.87 109.27 65.06
CA ILE Z 120 -102.80 110.38 65.18
C ILE Z 120 -101.99 111.63 64.95
N ASN Z 121 -102.15 112.26 63.78
CA ASN Z 121 -101.44 113.49 63.50
C ASN Z 121 -102.09 114.65 64.25
N LEU Z 122 -101.25 115.59 64.68
CA LEU Z 122 -101.73 116.77 65.38
C LEU Z 122 -100.74 117.88 65.07
N ARG Z 123 -101.22 119.10 64.86
CA ARG Z 123 -100.35 120.22 64.56
C ARG Z 123 -100.69 121.39 65.47
N VAL Z 124 -99.72 121.81 66.28
CA VAL Z 124 -99.86 122.99 67.11
C VAL Z 124 -99.12 124.13 66.45
N TYR Z 125 -99.86 125.14 66.00
CA TYR Z 125 -99.29 126.32 65.36
C TYR Z 125 -99.15 127.41 66.43
N SER Z 126 -97.94 127.94 66.56
CA SER Z 126 -97.69 128.95 67.57
C SER Z 126 -96.43 129.70 67.22
N PRO Z 127 -96.32 130.97 67.61
CA PRO Z 127 -95.05 131.69 67.44
C PRO Z 127 -93.96 131.23 68.40
N HIS Z 128 -94.27 130.33 69.34
CA HIS Z 128 -93.35 129.92 70.38
C HIS Z 128 -92.81 128.51 70.15
N VAL Z 129 -92.91 127.99 68.93
CA VAL Z 129 -92.46 126.64 68.64
C VAL Z 129 -91.63 126.63 67.36
N LEU Z 130 -90.77 125.63 67.26
CA LEU Z 130 -90.01 125.36 66.04
C LEU Z 130 -90.88 124.56 65.07
N ASN Z 131 -90.25 124.02 64.04
CA ASN Z 131 -90.90 123.04 63.16
C ASN Z 131 -90.50 121.61 63.58
N LEU Z 132 -90.98 121.21 64.75
CA LEU Z 132 -90.54 119.97 65.37
C LEU Z 132 -91.60 118.88 65.28
N THR Z 133 -91.12 117.64 65.30
CA THR Z 133 -91.96 116.44 65.27
C THR Z 133 -91.73 115.67 66.56
N LEU Z 134 -92.74 115.64 67.43
CA LEU Z 134 -92.69 114.93 68.70
C LEU Z 134 -93.57 113.69 68.56
N VAL Z 135 -92.96 112.52 68.63
CA VAL Z 135 -93.67 111.26 68.40
C VAL Z 135 -93.87 110.61 69.76
N ASP Z 136 -95.03 110.85 70.36
CA ASP Z 136 -95.41 110.11 71.56
C ASP Z 136 -95.84 108.71 71.14
N LEU Z 137 -95.45 107.72 71.93
CA LEU Z 137 -95.67 106.32 71.59
C LEU Z 137 -96.37 105.63 72.76
N PRO Z 138 -97.11 104.56 72.49
CA PRO Z 138 -97.75 103.83 73.58
C PRO Z 138 -96.74 103.07 74.41
N GLY Z 139 -97.09 102.84 75.67
CA GLY Z 139 -96.21 102.08 76.55
C GLY Z 139 -96.04 100.66 76.07
N MET Z 140 -94.86 100.10 76.31
CA MET Z 140 -94.56 98.74 75.91
C MET Z 140 -95.18 97.76 76.89
N THR Z 141 -95.73 96.67 76.35
CA THR Z 141 -96.46 95.68 77.11
C THR Z 141 -95.95 94.30 76.76
N LYS Z 142 -96.03 93.37 77.71
CA LYS Z 142 -95.48 92.04 77.50
C LYS Z 142 -96.56 90.96 77.55
N VAL Z 143 -97.60 91.17 78.35
CA VAL Z 143 -98.70 90.21 78.41
C VAL Z 143 -99.99 90.91 77.99
N PRO Z 144 -100.82 90.29 77.15
CA PRO Z 144 -102.02 90.95 76.66
C PRO Z 144 -103.12 91.08 77.72
N VAL Z 145 -103.40 92.30 78.13
CA VAL Z 145 -104.51 92.59 79.04
C VAL Z 145 -105.68 93.13 78.24
N GLY Z 146 -106.87 92.63 78.52
CA GLY Z 146 -108.05 93.04 77.77
C GLY Z 146 -108.26 92.16 76.54
N ASP Z 147 -108.71 92.77 75.45
CA ASP Z 147 -108.93 92.05 74.20
C ASP Z 147 -107.74 92.15 73.25
N GLN Z 148 -106.57 92.50 73.77
CA GLN Z 148 -105.40 92.61 72.93
C GLN Z 148 -105.00 91.23 72.39
N PRO Z 149 -104.54 91.17 71.14
CA PRO Z 149 -104.17 89.88 70.55
C PRO Z 149 -102.95 89.30 71.24
N PRO Z 150 -102.65 88.01 71.00
CA PRO Z 150 -101.55 87.37 71.72
C PRO Z 150 -100.18 87.97 71.44
N ASP Z 151 -100.01 88.73 70.36
CA ASP Z 151 -98.72 89.29 69.98
C ASP Z 151 -98.70 90.80 70.20
N ILE Z 152 -99.26 91.24 71.33
CA ILE Z 152 -99.26 92.67 71.65
C ILE Z 152 -97.84 93.19 71.79
N GLU Z 153 -96.96 92.41 72.41
CA GLU Z 153 -95.57 92.85 72.58
C GLU Z 153 -94.90 93.04 71.23
N PHE Z 154 -95.13 92.12 70.30
CA PHE Z 154 -94.45 92.22 69.02
C PHE Z 154 -95.04 93.34 68.17
N GLN Z 155 -96.35 93.56 68.24
CA GLN Z 155 -96.89 94.65 67.44
C GLN Z 155 -96.71 96.01 68.11
N ILE Z 156 -96.26 96.07 69.36
CA ILE Z 156 -95.84 97.35 69.92
C ILE Z 156 -94.36 97.60 69.66
N ARG Z 157 -93.54 96.55 69.69
CA ARG Z 157 -92.14 96.71 69.33
C ARG Z 157 -91.98 97.08 67.86
N ASP Z 158 -92.72 96.42 66.96
CA ASP Z 158 -92.68 96.79 65.56
C ASP Z 158 -93.31 98.16 65.34
N MET Z 159 -94.23 98.57 66.22
CA MET Z 159 -94.72 99.94 66.18
C MET Z 159 -93.60 100.92 66.46
N LEU Z 160 -92.78 100.63 67.47
CA LEU Z 160 -91.73 101.57 67.87
C LEU Z 160 -90.59 101.59 66.88
N MET Z 161 -90.31 100.46 66.22
CA MET Z 161 -89.20 100.43 65.27
C MET Z 161 -89.40 101.42 64.14
N GLN Z 162 -90.60 101.46 63.55
CA GLN Z 162 -90.79 102.34 62.39
C GLN Z 162 -90.67 103.81 62.75
N PHE Z 163 -90.68 104.14 64.05
CA PHE Z 163 -90.53 105.51 64.49
C PHE Z 163 -89.16 105.84 65.05
N VAL Z 164 -88.42 104.86 65.55
CA VAL Z 164 -87.12 105.14 66.17
C VAL Z 164 -85.93 104.64 65.35
N THR Z 165 -86.15 103.79 64.34
CA THR Z 165 -84.99 103.30 63.59
C THR Z 165 -84.47 104.36 62.63
N LYS Z 166 -85.31 105.31 62.24
CA LYS Z 166 -84.88 106.35 61.32
C LYS Z 166 -83.87 107.27 62.00
N GLU Z 167 -82.79 107.60 61.29
CA GLU Z 167 -81.79 108.50 61.85
C GLU Z 167 -82.39 109.87 62.09
N ASN Z 168 -81.64 110.70 62.82
CA ASN Z 168 -82.13 112.00 63.27
C ASN Z 168 -83.44 111.85 64.04
N CYS Z 169 -83.46 110.86 64.94
CA CYS Z 169 -84.60 110.61 65.82
C CYS Z 169 -84.05 110.50 67.24
N LEU Z 170 -84.15 111.58 67.99
CA LEU Z 170 -83.79 111.55 69.40
C LEU Z 170 -84.67 110.55 70.13
N ILE Z 171 -84.06 109.63 70.85
CA ILE Z 171 -84.78 108.58 71.56
C ILE Z 171 -84.69 108.89 73.03
N LEU Z 172 -85.81 109.33 73.62
CA LEU Z 172 -85.90 109.51 75.05
C LEU Z 172 -86.27 108.16 75.65
N ALA Z 173 -85.27 107.48 76.18
CA ALA Z 173 -85.49 106.25 76.92
C ALA Z 173 -85.98 106.63 78.30
N VAL Z 174 -87.30 106.59 78.51
CA VAL Z 174 -87.89 106.95 79.78
C VAL Z 174 -88.02 105.69 80.63
N SER Z 175 -87.39 105.70 81.80
CA SER Z 175 -87.44 104.56 82.70
C SER Z 175 -87.90 105.03 84.07
N PRO Z 176 -88.69 104.23 84.76
CA PRO Z 176 -89.11 104.62 86.11
C PRO Z 176 -88.02 104.31 87.12
N ALA Z 177 -87.95 105.16 88.15
CA ALA Z 177 -86.96 104.96 89.19
C ALA Z 177 -87.31 103.75 90.05
N ASN Z 178 -88.60 103.53 90.31
CA ASN Z 178 -89.00 102.42 91.17
C ASN Z 178 -88.55 101.09 90.62
N SER Z 179 -88.82 100.84 89.33
CA SER Z 179 -88.33 99.62 88.72
C SER Z 179 -86.82 99.68 88.55
N ASP Z 180 -86.20 98.51 88.50
CA ASP Z 180 -84.76 98.44 88.33
C ASP Z 180 -84.40 98.86 86.92
N LEU Z 181 -83.22 99.46 86.77
CA LEU Z 181 -82.80 99.97 85.48
C LEU Z 181 -82.54 98.84 84.49
N ALA Z 182 -82.11 97.68 84.98
CA ALA Z 182 -81.87 96.56 84.08
C ALA Z 182 -83.15 96.07 83.42
N ASN Z 183 -84.31 96.48 83.92
CA ASN Z 183 -85.59 96.10 83.34
C ASN Z 183 -86.16 97.16 82.42
N SER Z 184 -85.37 98.16 82.05
CA SER Z 184 -85.87 99.26 81.22
C SER Z 184 -85.99 98.80 79.77
N ASP Z 185 -87.22 98.51 79.34
CA ASP Z 185 -87.45 98.23 77.93
C ASP Z 185 -87.01 99.40 77.06
N ALA Z 186 -87.11 100.62 77.60
CA ALA Z 186 -86.60 101.79 76.89
C ALA Z 186 -85.13 101.63 76.57
N LEU Z 187 -84.32 101.26 77.56
CA LEU Z 187 -82.90 101.09 77.32
C LEU Z 187 -82.61 99.89 76.43
N LYS Z 188 -83.43 98.84 76.53
CA LYS Z 188 -83.24 97.71 75.62
C LYS Z 188 -83.43 98.15 74.17
N VAL Z 189 -84.51 98.89 73.91
CA VAL Z 189 -84.77 99.39 72.55
C VAL Z 189 -83.66 100.35 72.11
N ALA Z 190 -83.20 101.20 73.04
CA ALA Z 190 -82.16 102.16 72.70
C ALA Z 190 -80.85 101.46 72.33
N LYS Z 191 -80.47 100.43 73.07
CA LYS Z 191 -79.28 99.68 72.72
C LYS Z 191 -79.47 98.80 71.51
N GLU Z 192 -80.72 98.51 71.12
CA GLU Z 192 -80.94 97.78 69.87
C GLU Z 192 -80.82 98.68 68.66
N VAL Z 193 -81.43 99.86 68.70
CA VAL Z 193 -81.54 100.73 67.52
C VAL Z 193 -80.59 101.91 67.59
N ASP Z 194 -79.67 101.92 68.55
CA ASP Z 194 -78.71 103.00 68.73
C ASP Z 194 -77.57 102.50 69.60
N PRO Z 195 -76.73 101.60 69.08
CA PRO Z 195 -75.75 100.93 69.96
C PRO Z 195 -74.83 101.89 70.69
N GLN Z 196 -74.18 102.80 69.98
CA GLN Z 196 -73.24 103.70 70.64
C GLN Z 196 -73.92 104.77 71.47
N GLY Z 197 -75.24 104.88 71.40
CA GLY Z 197 -75.95 105.90 72.15
C GLY Z 197 -75.67 107.30 71.67
N GLN Z 198 -75.55 107.51 70.36
CA GLN Z 198 -75.29 108.84 69.83
C GLN Z 198 -76.48 109.76 70.05
N ARG Z 199 -77.70 109.25 69.86
CA ARG Z 199 -78.92 110.05 69.86
C ARG Z 199 -79.91 109.53 70.90
N THR Z 200 -79.40 109.07 72.04
CA THR Z 200 -80.22 108.50 73.10
C THR Z 200 -80.11 109.36 74.34
N ILE Z 201 -81.25 109.84 74.83
CA ILE Z 201 -81.32 110.61 76.06
C ILE Z 201 -82.02 109.74 77.09
N GLY Z 202 -81.34 109.46 78.20
CA GLY Z 202 -81.95 108.70 79.28
C GLY Z 202 -82.67 109.62 80.24
N VAL Z 203 -83.91 109.25 80.57
CA VAL Z 203 -84.72 110.01 81.51
C VAL Z 203 -85.19 109.06 82.61
N ILE Z 204 -85.10 109.49 83.85
CA ILE Z 204 -85.50 108.70 85.00
C ILE Z 204 -86.65 109.41 85.69
N THR Z 205 -87.81 108.76 85.72
CA THR Z 205 -89.03 109.34 86.25
C THR Z 205 -89.39 108.70 87.58
N LYS Z 206 -90.30 109.36 88.29
CA LYS Z 206 -90.83 108.86 89.56
C LYS Z 206 -89.72 108.67 90.59
N LEU Z 207 -88.98 109.75 90.83
CA LEU Z 207 -87.93 109.74 91.83
C LEU Z 207 -88.45 109.99 93.24
N ASP Z 208 -89.70 110.42 93.38
CA ASP Z 208 -90.29 110.64 94.69
C ASP Z 208 -91.03 109.41 95.22
N LEU Z 209 -91.03 108.31 94.48
CA LEU Z 209 -91.71 107.09 94.88
C LEU Z 209 -90.76 105.91 94.98
N MET Z 210 -89.47 106.16 95.12
CA MET Z 210 -88.50 105.08 95.24
C MET Z 210 -88.68 104.33 96.55
N ASP Z 211 -88.23 103.07 96.56
CA ASP Z 211 -88.30 102.26 97.77
C ASP Z 211 -87.55 102.96 98.89
N GLU Z 212 -88.19 103.02 100.06
CA GLU Z 212 -87.63 103.79 101.17
C GLU Z 212 -86.25 103.26 101.54
N GLY Z 213 -85.32 104.18 101.79
CA GLY Z 213 -83.96 103.83 102.10
C GLY Z 213 -83.07 103.57 100.91
N THR Z 214 -83.59 103.71 99.69
CA THR Z 214 -82.82 103.51 98.47
C THR Z 214 -82.78 104.81 97.69
N ASP Z 215 -81.79 104.93 96.81
CA ASP Z 215 -81.67 106.10 95.96
C ASP Z 215 -80.98 105.72 94.66
N ALA Z 216 -81.41 106.33 93.56
CA ALA Z 216 -80.88 106.03 92.24
C ALA Z 216 -79.66 106.86 91.90
N ARG Z 217 -78.90 107.31 92.91
CA ARG Z 217 -77.73 108.15 92.68
C ARG Z 217 -76.75 107.50 91.70
N ASP Z 218 -76.50 106.20 91.86
CA ASP Z 218 -75.57 105.51 90.98
C ASP Z 218 -76.09 105.41 89.56
N VAL Z 219 -77.37 105.66 89.33
CA VAL Z 219 -77.92 105.71 87.98
C VAL Z 219 -77.87 107.12 87.42
N LEU Z 220 -78.31 108.10 88.21
CA LEU Z 220 -78.32 109.48 87.76
C LEU Z 220 -76.92 110.01 87.52
N GLU Z 221 -75.91 109.44 88.19
CA GLU Z 221 -74.53 109.83 87.95
C GLU Z 221 -73.89 109.02 86.84
N ASN Z 222 -74.69 108.36 86.00
CA ASN Z 222 -74.21 107.63 84.82
C ASN Z 222 -73.16 106.60 85.21
N LYS Z 223 -73.31 105.99 86.38
CA LYS Z 223 -72.37 105.00 86.87
C LYS Z 223 -72.83 103.57 86.60
N LEU Z 224 -74.09 103.27 86.90
CA LEU Z 224 -74.58 101.90 86.73
C LEU Z 224 -74.52 101.47 85.27
N LEU Z 225 -75.29 102.13 84.42
CA LEU Z 225 -75.32 101.81 82.99
C LEU Z 225 -74.74 102.98 82.20
N PRO Z 226 -73.54 102.84 81.63
CA PRO Z 226 -72.91 103.97 80.95
C PRO Z 226 -73.72 104.42 79.74
N LEU Z 227 -74.04 105.70 79.70
CA LEU Z 227 -74.80 106.29 78.62
C LEU Z 227 -74.11 107.58 78.18
N ARG Z 228 -74.06 107.80 76.87
CA ARG Z 228 -73.25 108.90 76.34
C ARG Z 228 -73.76 110.25 76.82
N ARG Z 229 -75.07 110.49 76.71
CA ARG Z 229 -75.64 111.77 77.10
C ARG Z 229 -76.02 111.82 78.58
N GLY Z 230 -75.91 110.72 79.30
CA GLY Z 230 -76.25 110.71 80.71
C GLY Z 230 -77.74 110.66 80.94
N TYR Z 231 -78.10 110.48 82.20
CA TYR Z 231 -79.50 110.39 82.60
C TYR Z 231 -79.96 111.70 83.24
N ILE Z 232 -81.23 112.01 83.07
CA ILE Z 232 -81.84 113.21 83.63
C ILE Z 232 -83.01 112.76 84.49
N GLY Z 233 -82.94 113.05 85.78
CA GLY Z 233 -84.05 112.74 86.66
C GLY Z 233 -85.10 113.83 86.64
N VAL Z 234 -86.37 113.40 86.69
CA VAL Z 234 -87.49 114.33 86.70
C VAL Z 234 -88.57 113.77 87.62
N VAL Z 235 -89.29 114.68 88.26
CA VAL Z 235 -90.44 114.33 89.10
C VAL Z 235 -91.66 115.02 88.51
N ASN Z 236 -92.66 114.24 88.13
CA ASN Z 236 -93.84 114.76 87.48
C ASN Z 236 -94.98 114.86 88.48
N ARG Z 237 -96.16 115.22 88.01
CA ARG Z 237 -97.32 115.28 88.89
C ARG Z 237 -97.76 113.86 89.25
N SER Z 238 -98.00 113.63 90.53
CA SER Z 238 -98.52 112.34 90.96
C SER Z 238 -99.95 112.16 90.44
N GLN Z 239 -100.45 110.93 90.51
CA GLN Z 239 -101.80 110.65 90.05
C GLN Z 239 -102.83 111.41 90.86
N LYS Z 240 -102.59 111.54 92.17
CA LYS Z 240 -103.46 112.36 93.00
C LYS Z 240 -103.43 113.82 92.55
N ASP Z 241 -102.25 114.31 92.16
CA ASP Z 241 -102.15 115.67 91.65
C ASP Z 241 -102.91 115.83 90.35
N ILE Z 242 -102.85 114.83 89.47
CA ILE Z 242 -103.61 114.89 88.22
C ILE Z 242 -105.10 114.92 88.51
N ASP Z 243 -105.55 114.10 89.44
CA ASP Z 243 -106.98 114.10 89.79
C ASP Z 243 -107.40 115.43 90.42
N GLY Z 244 -106.53 116.01 91.25
CA GLY Z 244 -106.79 117.31 91.85
C GLY Z 244 -106.51 118.50 90.98
N LYS Z 245 -106.05 118.26 89.75
CA LYS Z 245 -105.80 119.33 88.77
C LYS Z 245 -104.75 120.31 89.27
N LYS Z 246 -103.60 119.78 89.70
CA LYS Z 246 -102.50 120.62 90.10
C LYS Z 246 -101.91 121.34 88.90
N ASP Z 247 -101.24 122.46 89.15
CA ASP Z 247 -100.76 123.31 88.07
C ASP Z 247 -99.24 123.16 87.88
N ILE Z 248 -98.78 123.64 86.72
CA ILE Z 248 -97.38 123.54 86.36
C ILE Z 248 -96.50 124.30 87.33
N THR Z 249 -96.96 125.46 87.81
CA THR Z 249 -96.15 126.26 88.73
C THR Z 249 -95.86 125.48 90.01
N ALA Z 250 -96.90 124.95 90.65
CA ALA Z 250 -96.70 124.19 91.89
C ALA Z 250 -95.92 122.91 91.63
N ALA Z 251 -96.19 122.25 90.51
CA ALA Z 251 -95.44 121.03 90.20
C ALA Z 251 -93.96 121.31 90.05
N LEU Z 252 -93.61 122.38 89.34
CA LEU Z 252 -92.20 122.74 89.17
C LEU Z 252 -91.57 123.16 90.49
N ALA Z 253 -92.32 123.89 91.33
CA ALA Z 253 -91.77 124.28 92.63
C ALA Z 253 -91.46 123.05 93.47
N ALA Z 254 -92.39 122.09 93.52
CA ALA Z 254 -92.17 120.87 94.29
C ALA Z 254 -91.02 120.06 93.72
N GLU Z 255 -90.94 119.95 92.39
CA GLU Z 255 -89.87 119.19 91.77
C GLU Z 255 -88.51 119.83 92.06
N ARG Z 256 -88.44 121.16 92.02
CA ARG Z 256 -87.19 121.85 92.33
C ARG Z 256 -86.79 121.67 93.78
N LYS Z 257 -87.76 121.81 94.70
CA LYS Z 257 -87.43 121.68 96.12
C LYS Z 257 -87.11 120.25 96.51
N PHE Z 258 -87.60 119.26 95.76
CA PHE Z 258 -87.30 117.87 96.09
C PHE Z 258 -85.81 117.57 95.98
N PHE Z 259 -85.19 118.01 94.87
CA PHE Z 259 -83.78 117.72 94.67
C PHE Z 259 -82.88 118.51 95.60
N LEU Z 260 -83.41 119.53 96.28
CA LEU Z 260 -82.67 120.17 97.36
C LEU Z 260 -82.91 119.49 98.70
N SER Z 261 -84.12 118.97 98.93
CA SER Z 261 -84.40 118.27 100.17
C SER Z 261 -83.65 116.95 100.25
N HIS Z 262 -83.54 116.23 99.14
CA HIS Z 262 -82.97 114.89 99.18
C HIS Z 262 -81.46 114.96 99.39
N PRO Z 263 -80.93 114.34 100.44
CA PRO Z 263 -79.48 114.40 100.67
C PRO Z 263 -78.65 113.79 99.56
N SER Z 264 -79.14 112.74 98.90
CA SER Z 264 -78.37 112.09 97.86
C SER Z 264 -78.34 112.90 96.56
N TYR Z 265 -79.31 113.79 96.36
CA TYR Z 265 -79.40 114.56 95.12
C TYR Z 265 -79.21 116.06 95.35
N ARG Z 266 -78.75 116.46 96.54
CA ARG Z 266 -78.56 117.88 96.81
C ARG Z 266 -77.51 118.47 95.88
N HIS Z 267 -76.46 117.71 95.55
CA HIS Z 267 -75.39 118.18 94.71
C HIS Z 267 -75.67 117.98 93.22
N LEU Z 268 -76.94 117.79 92.85
CA LEU Z 268 -77.31 117.61 91.45
C LEU Z 268 -78.55 118.40 91.07
N ALA Z 269 -79.04 119.27 91.95
CA ALA Z 269 -80.32 119.95 91.70
C ALA Z 269 -80.28 120.76 90.40
N ASP Z 270 -79.15 121.39 90.09
CA ASP Z 270 -79.05 122.15 88.85
C ASP Z 270 -78.96 121.24 87.63
N ARG Z 271 -78.46 120.02 87.79
CA ARG Z 271 -78.27 119.11 86.66
C ARG Z 271 -79.41 118.12 86.48
N MET Z 272 -80.41 118.13 87.36
CA MET Z 272 -81.57 117.27 87.25
C MET Z 272 -82.83 118.12 87.27
N GLY Z 273 -83.86 117.65 86.58
CA GLY Z 273 -85.12 118.35 86.55
C GLY Z 273 -85.64 118.65 85.16
N THR Z 274 -86.92 118.99 85.06
CA THR Z 274 -87.52 119.29 83.76
C THR Z 274 -86.88 120.47 83.06
N PRO Z 275 -86.59 121.61 83.71
CA PRO Z 275 -85.86 122.67 82.99
C PRO Z 275 -84.53 122.22 82.41
N TYR Z 276 -83.79 121.40 83.16
CA TYR Z 276 -82.52 120.92 82.63
C TYR Z 276 -82.74 119.93 81.50
N LEU Z 277 -83.83 119.16 81.54
CA LEU Z 277 -84.18 118.30 80.42
C LEU Z 277 -84.45 119.12 79.17
N GLN Z 278 -85.19 120.22 79.33
CA GLN Z 278 -85.43 121.11 78.20
C GLN Z 278 -84.13 121.69 77.66
N LYS Z 279 -83.23 122.10 78.56
CA LYS Z 279 -81.96 122.66 78.14
C LYS Z 279 -81.14 121.63 77.38
N VAL Z 280 -81.10 120.39 77.85
CA VAL Z 280 -80.34 119.35 77.16
C VAL Z 280 -80.93 119.06 75.79
N LEU Z 281 -82.26 118.97 75.70
CA LEU Z 281 -82.89 118.70 74.41
C LEU Z 281 -82.61 119.82 73.41
N ASN Z 282 -82.72 121.07 73.86
CA ASN Z 282 -82.45 122.20 72.97
C ASN Z 282 -80.98 122.26 72.58
N GLN Z 283 -80.09 121.92 73.51
CA GLN Z 283 -78.68 121.83 73.17
C GLN Z 283 -78.44 120.76 72.11
N GLN Z 284 -79.14 119.63 72.22
CA GLN Z 284 -78.96 118.58 71.24
C GLN Z 284 -79.50 118.98 69.87
N LEU Z 285 -80.57 119.77 69.84
CA LEU Z 285 -81.07 120.29 68.57
C LEU Z 285 -80.08 121.28 67.96
N THR Z 286 -79.52 122.17 68.79
CA THR Z 286 -78.57 123.15 68.29
C THR Z 286 -77.29 122.48 67.80
N ASN Z 287 -76.85 121.42 68.47
CA ASN Z 287 -75.67 120.69 68.06
C ASN Z 287 -75.90 119.86 66.80
N HIS Z 288 -77.13 119.86 66.27
CA HIS Z 288 -77.40 119.34 64.93
C HIS Z 288 -77.54 120.45 63.91
N ILE Z 289 -78.22 121.53 64.27
CA ILE Z 289 -78.30 122.69 63.36
C ILE Z 289 -76.91 123.16 63.00
N ARG Z 290 -76.06 123.35 64.01
CA ARG Z 290 -74.70 123.83 63.77
C ARG Z 290 -73.79 122.71 63.26
N ASP Z 291 -74.17 121.44 63.46
CA ASP Z 291 -73.41 120.36 62.87
C ASP Z 291 -73.58 120.32 61.36
N THR Z 292 -74.79 120.60 60.88
CA THR Z 292 -75.05 120.47 59.45
C THR Z 292 -74.36 121.55 58.62
N LEU Z 293 -74.08 122.71 59.22
CA LEU Z 293 -73.65 123.88 58.45
C LEU Z 293 -72.42 123.65 57.58
N PRO Z 294 -71.36 122.95 58.00
CA PRO Z 294 -70.22 122.75 57.09
C PRO Z 294 -70.61 122.11 55.76
N GLY Z 295 -71.47 121.09 55.79
CA GLY Z 295 -71.88 120.46 54.55
C GLY Z 295 -72.61 121.41 53.62
N LEU Z 296 -73.56 122.18 54.18
CA LEU Z 296 -74.26 123.16 53.38
C LEU Z 296 -73.31 124.19 52.80
N ARG Z 297 -72.37 124.66 53.61
CA ARG Z 297 -71.45 125.71 53.13
C ARG Z 297 -70.59 125.19 51.99
N ASN Z 298 -70.03 123.99 52.13
CA ASN Z 298 -69.16 123.50 51.06
C ASN Z 298 -69.95 123.17 49.80
N LYS Z 299 -71.15 122.60 49.95
CA LYS Z 299 -71.96 122.28 48.78
C LYS Z 299 -72.39 123.54 48.05
N LEU Z 300 -72.80 124.58 48.79
CA LEU Z 300 -73.17 125.84 48.15
C LEU Z 300 -71.96 126.55 47.57
N GLN Z 301 -70.79 126.37 48.15
CA GLN Z 301 -69.57 126.89 47.54
C GLN Z 301 -69.32 126.21 46.20
N SER Z 302 -69.53 124.89 46.13
CA SER Z 302 -69.40 124.18 44.87
C SER Z 302 -70.40 124.69 43.83
N GLN Z 303 -71.64 124.92 44.25
CA GLN Z 303 -72.66 125.40 43.31
C GLN Z 303 -72.35 126.82 42.84
N LEU Z 304 -71.88 127.69 43.74
CA LEU Z 304 -71.47 129.02 43.34
C LEU Z 304 -70.26 128.97 42.43
N LEU Z 305 -69.37 128.00 42.64
CA LEU Z 305 -68.27 127.77 41.70
C LEU Z 305 -68.79 127.41 40.32
N SER Z 306 -69.84 126.59 40.28
CA SER Z 306 -70.43 126.22 39.00
C SER Z 306 -71.04 127.43 38.29
N ILE Z 307 -71.69 128.32 39.05
CA ILE Z 307 -72.42 129.42 38.39
C ILE Z 307 -71.50 130.63 38.11
N GLU Z 308 -70.38 130.75 38.84
CA GLU Z 308 -69.57 131.96 38.71
C GLU Z 308 -68.95 132.07 37.32
N LYS Z 309 -68.63 130.93 36.69
CA LYS Z 309 -68.08 130.98 35.34
C LYS Z 309 -69.07 131.60 34.37
N GLU Z 310 -70.35 131.20 34.46
CA GLU Z 310 -71.36 131.81 33.63
C GLU Z 310 -71.55 133.27 33.98
N VAL Z 311 -71.41 133.63 35.26
CA VAL Z 311 -71.50 135.04 35.64
C VAL Z 311 -70.32 135.84 35.12
N GLU Z 312 -69.19 135.19 34.80
CA GLU Z 312 -68.01 135.90 34.33
C GLU Z 312 -68.30 136.65 33.04
N GLU Z 313 -68.88 135.97 32.05
CA GLU Z 313 -69.30 136.66 30.84
C GLU Z 313 -70.55 137.50 31.05
N TYR Z 314 -71.19 137.39 32.22
CA TYR Z 314 -72.38 138.14 32.54
C TYR Z 314 -72.16 139.10 33.72
N LYS Z 315 -70.98 139.71 33.80
CA LYS Z 315 -70.77 140.77 34.78
C LYS Z 315 -71.71 141.94 34.52
N ASN Z 316 -71.85 142.33 33.26
CA ASN Z 316 -72.58 143.53 32.87
C ASN Z 316 -73.51 143.23 31.70
N PHE Z 317 -74.60 144.01 31.62
CA PHE Z 317 -75.55 143.90 30.53
C PHE Z 317 -76.27 145.23 30.39
N ARG Z 318 -76.00 145.94 29.30
CA ARG Z 318 -76.67 147.19 28.99
C ARG Z 318 -77.69 146.99 27.88
N PRO Z 319 -78.69 147.86 27.78
CA PRO Z 319 -79.62 147.77 26.63
C PRO Z 319 -78.87 147.95 25.33
N ASP Z 320 -79.30 147.17 24.33
CA ASP Z 320 -78.82 147.22 22.95
C ASP Z 320 -77.42 146.64 22.79
N ASP Z 321 -76.75 146.32 23.91
CA ASP Z 321 -75.50 145.56 23.94
C ASP Z 321 -74.51 146.01 22.87
N PRO Z 322 -73.88 147.17 23.04
CA PRO Z 322 -73.06 147.72 21.93
C PRO Z 322 -71.95 146.81 21.46
N ALA Z 323 -71.28 146.10 22.38
CA ALA Z 323 -70.16 145.24 22.02
C ALA Z 323 -70.40 143.77 22.29
N ARG Z 324 -71.29 143.44 23.24
CA ARG Z 324 -71.63 142.04 23.48
C ARG Z 324 -72.20 141.42 22.21
N LYS Z 325 -72.96 142.20 21.44
CA LYS Z 325 -73.53 141.69 20.20
C LYS Z 325 -72.43 141.26 19.23
N THR Z 326 -71.44 142.12 19.01
CA THR Z 326 -70.34 141.76 18.11
C THR Z 326 -69.55 140.57 18.64
N LYS Z 327 -69.28 140.56 19.94
CA LYS Z 327 -68.52 139.45 20.51
C LYS Z 327 -69.26 138.12 20.32
N ALA Z 328 -70.56 138.11 20.64
CA ALA Z 328 -71.34 136.90 20.47
C ALA Z 328 -71.48 136.50 19.02
N LEU Z 329 -71.57 137.48 18.11
CA LEU Z 329 -71.58 137.17 16.70
C LEU Z 329 -70.30 136.44 16.30
N LEU Z 330 -69.16 136.94 16.77
CA LEU Z 330 -67.89 136.28 16.45
C LEU Z 330 -67.86 134.87 17.03
N GLN Z 331 -68.34 134.71 18.26
CA GLN Z 331 -68.35 133.38 18.88
C GLN Z 331 -69.20 132.41 18.06
N MET Z 332 -70.39 132.85 17.66
CA MET Z 332 -71.27 131.98 16.86
C MET Z 332 -70.64 131.65 15.52
N VAL Z 333 -70.02 132.64 14.86
CA VAL Z 333 -69.42 132.40 13.56
C VAL Z 333 -68.27 131.40 13.68
N GLN Z 334 -67.44 131.55 14.72
CA GLN Z 334 -66.34 130.61 14.92
C GLN Z 334 -66.85 129.22 15.24
N GLN Z 335 -67.91 129.12 16.06
CA GLN Z 335 -68.48 127.82 16.36
C GLN Z 335 -69.02 127.16 15.10
N PHE Z 336 -69.71 127.93 14.25
CA PHE Z 336 -70.22 127.37 13.01
C PHE Z 336 -69.09 126.91 12.10
N ALA Z 337 -68.05 127.72 11.97
CA ALA Z 337 -66.94 127.36 11.08
C ALA Z 337 -66.24 126.10 11.57
N VAL Z 338 -65.94 126.04 12.87
CA VAL Z 338 -65.23 124.88 13.39
C VAL Z 338 -66.12 123.65 13.33
N ASP Z 339 -67.44 123.80 13.49
CA ASP Z 339 -68.31 122.64 13.40
C ASP Z 339 -68.48 122.17 11.96
N PHE Z 340 -68.51 123.09 11.00
CA PHE Z 340 -68.51 122.70 9.60
C PHE Z 340 -67.26 121.92 9.26
N GLU Z 341 -66.10 122.45 9.68
CA GLU Z 341 -64.84 121.76 9.41
C GLU Z 341 -64.78 120.41 10.10
N LYS Z 342 -65.30 120.33 11.33
CA LYS Z 342 -65.33 119.06 12.04
C LYS Z 342 -66.28 118.07 11.37
N ARG Z 343 -67.40 118.57 10.83
CA ARG Z 343 -68.39 117.70 10.24
C ARG Z 343 -67.92 117.15 8.90
N ILE Z 344 -67.19 117.94 8.12
CA ILE Z 344 -66.80 117.56 6.76
C ILE Z 344 -65.33 117.13 6.71
N GLU Z 345 -64.41 118.03 7.04
CA GLU Z 345 -63.00 117.68 7.01
C GLU Z 345 -62.69 116.58 8.01
N GLY Z 346 -63.23 116.68 9.22
CA GLY Z 346 -62.96 115.70 10.25
C GLY Z 346 -61.89 116.15 11.22
N SER Z 347 -61.99 117.39 11.69
CA SER Z 347 -61.03 117.90 12.64
C SER Z 347 -61.13 117.15 13.97
N GLY Z 348 -60.22 117.47 14.88
CA GLY Z 348 -60.19 116.79 16.16
C GLY Z 348 -61.31 117.22 17.10
N ASP Z 349 -61.08 117.02 18.40
CA ASP Z 349 -61.99 117.45 19.45
C ASP Z 349 -63.35 116.77 19.36
N GLN Z 350 -63.32 115.45 19.51
CA GLN Z 350 -64.52 114.67 19.86
C GLN Z 350 -65.65 114.75 18.85
N ILE Z 351 -65.47 114.22 17.65
CA ILE Z 351 -66.59 114.06 16.73
C ILE Z 351 -67.45 112.89 17.20
N ASP Z 352 -68.77 113.06 17.09
CA ASP Z 352 -69.70 112.09 17.63
C ASP Z 352 -69.60 110.73 16.94
N THR Z 353 -69.84 109.67 17.71
CA THR Z 353 -69.77 108.31 17.23
C THR Z 353 -71.13 107.63 17.17
N TYR Z 354 -72.22 108.38 17.33
CA TYR Z 354 -73.53 107.76 17.43
C TYR Z 354 -74.03 107.24 16.08
N GLU Z 355 -74.03 108.10 15.07
CA GLU Z 355 -74.59 107.75 13.77
C GLU Z 355 -73.50 107.80 12.72
N LEU Z 356 -73.91 107.66 11.45
CA LEU Z 356 -73.00 107.88 10.35
C LEU Z 356 -72.52 109.33 10.35
N SER Z 357 -73.26 110.21 11.02
CA SER Z 357 -72.75 111.45 11.63
C SER Z 357 -72.11 112.37 10.60
N GLY Z 358 -72.97 112.90 9.74
CA GLY Z 358 -72.62 114.09 9.01
C GLY Z 358 -72.36 113.83 7.53
N GLY Z 359 -72.31 114.91 6.78
CA GLY Z 359 -72.18 114.81 5.33
C GLY Z 359 -70.89 114.16 4.90
N ALA Z 360 -69.82 114.30 5.68
CA ALA Z 360 -68.50 113.89 5.23
C ALA Z 360 -68.51 112.46 4.70
N ARG Z 361 -69.06 111.54 5.48
CA ARG Z 361 -69.08 110.15 5.02
C ARG Z 361 -70.28 109.88 4.12
N ILE Z 362 -71.38 110.62 4.28
CA ILE Z 362 -72.43 110.58 3.27
C ILE Z 362 -71.89 111.09 1.94
N ASN Z 363 -71.13 112.19 1.98
CA ASN Z 363 -70.49 112.70 0.79
C ASN Z 363 -69.52 111.66 0.21
N ARG Z 364 -68.76 110.98 1.07
CA ARG Z 364 -67.97 109.88 0.57
C ARG Z 364 -68.78 108.74 -0.03
N ILE Z 365 -69.89 108.35 0.57
CA ILE Z 365 -70.62 107.23 0.00
C ILE Z 365 -71.14 107.64 -1.37
N PHE Z 366 -71.37 108.94 -1.57
CA PHE Z 366 -71.65 109.43 -2.92
C PHE Z 366 -70.44 109.26 -3.84
N HIS Z 367 -69.27 109.74 -3.40
CA HIS Z 367 -68.07 109.65 -4.25
C HIS Z 367 -67.65 108.21 -4.52
N GLU Z 368 -68.14 107.24 -3.76
CA GLU Z 368 -67.77 105.85 -3.98
C GLU Z 368 -68.97 104.95 -4.27
N ARG Z 369 -70.15 105.52 -4.52
CA ARG Z 369 -71.26 104.81 -5.12
C ARG Z 369 -71.58 105.30 -6.52
N PHE Z 370 -71.23 106.55 -6.84
CA PHE Z 370 -71.29 107.06 -8.20
C PHE Z 370 -70.52 106.18 -9.18
N PRO Z 371 -69.35 105.59 -8.80
CA PRO Z 371 -68.76 104.55 -9.65
C PRO Z 371 -69.58 103.28 -9.78
N PHE Z 372 -70.75 103.22 -9.14
CA PHE Z 372 -71.73 102.20 -9.49
C PHE Z 372 -72.81 102.74 -10.41
N GLU Z 373 -73.20 104.01 -10.24
CA GLU Z 373 -74.15 104.62 -11.15
C GLU Z 373 -73.58 104.78 -12.55
N LEU Z 374 -72.26 104.90 -12.68
CA LEU Z 374 -71.64 104.90 -14.00
C LEU Z 374 -71.76 103.53 -14.66
N VAL Z 375 -71.46 102.47 -13.90
CA VAL Z 375 -71.48 101.12 -14.47
C VAL Z 375 -72.91 100.71 -14.83
N LYS Z 376 -73.87 101.00 -13.95
CA LYS Z 376 -75.20 100.44 -14.08
C LYS Z 376 -75.92 100.98 -15.32
N MET Z 377 -75.94 102.30 -15.48
CA MET Z 377 -76.84 102.92 -16.46
C MET Z 377 -76.42 102.64 -17.90
N GLU Z 378 -75.12 102.56 -18.17
CA GLU Z 378 -74.62 102.50 -19.54
C GLU Z 378 -74.37 101.06 -19.97
N PHE Z 379 -75.00 100.65 -21.07
CA PHE Z 379 -74.82 99.33 -21.64
C PHE Z 379 -75.51 99.25 -23.00
N ASP Z 380 -74.91 98.48 -23.90
CA ASP Z 380 -75.56 97.99 -25.11
C ASP Z 380 -74.63 96.96 -25.74
N GLU Z 381 -75.22 96.08 -26.54
CA GLU Z 381 -74.44 95.03 -27.21
C GLU Z 381 -75.25 94.49 -28.36
N LYS Z 382 -74.53 93.98 -29.38
CA LYS Z 382 -75.09 93.32 -30.55
C LYS Z 382 -75.88 94.26 -31.45
N GLU Z 383 -76.00 95.53 -31.02
CA GLU Z 383 -76.37 96.62 -31.91
C GLU Z 383 -75.16 97.44 -32.30
N LEU Z 384 -74.22 97.60 -31.36
CA LEU Z 384 -72.93 98.19 -31.70
C LEU Z 384 -72.21 97.35 -32.73
N ARG Z 385 -72.44 96.04 -32.76
CA ARG Z 385 -71.86 95.22 -33.81
C ARG Z 385 -72.32 95.69 -35.18
N ARG Z 386 -73.63 95.90 -35.35
CA ARG Z 386 -74.16 96.39 -36.62
C ARG Z 386 -73.63 97.78 -36.93
N GLU Z 387 -73.60 98.67 -35.92
CA GLU Z 387 -73.11 100.03 -36.17
C GLU Z 387 -71.65 100.01 -36.59
N ILE Z 388 -70.82 99.18 -35.95
CA ILE Z 388 -69.42 99.08 -36.31
C ILE Z 388 -69.27 98.51 -37.71
N SER Z 389 -70.06 97.49 -38.05
CA SER Z 389 -70.00 96.93 -39.40
C SER Z 389 -70.27 98.00 -40.44
N TYR Z 390 -71.31 98.80 -40.22
CA TYR Z 390 -71.63 99.85 -41.20
C TYR Z 390 -70.55 100.93 -41.22
N ALA Z 391 -69.98 101.27 -40.07
CA ALA Z 391 -68.89 102.26 -40.05
C ALA Z 391 -67.69 101.76 -40.84
N ILE Z 392 -67.35 100.47 -40.68
CA ILE Z 392 -66.25 99.89 -41.43
C ILE Z 392 -66.55 99.94 -42.92
N LYS Z 393 -67.76 99.54 -43.31
CA LYS Z 393 -68.11 99.51 -44.72
C LYS Z 393 -68.38 100.88 -45.30
N ASN Z 394 -68.35 101.95 -44.50
CA ASN Z 394 -68.59 103.27 -45.03
C ASN Z 394 -67.44 104.25 -44.92
N ILE Z 395 -66.49 104.08 -44.00
CA ILE Z 395 -65.44 105.07 -43.88
C ILE Z 395 -64.26 104.82 -44.81
N HIS Z 396 -64.16 103.64 -45.42
CA HIS Z 396 -63.33 103.47 -46.60
C HIS Z 396 -64.28 103.11 -47.72
N GLY Z 397 -65.34 103.89 -47.82
CA GLY Z 397 -66.57 103.44 -48.45
C GLY Z 397 -66.47 103.09 -49.92
N ILE Z 398 -65.58 103.74 -50.66
CA ILE Z 398 -65.54 103.49 -52.10
C ILE Z 398 -64.56 102.39 -52.48
N ARG Z 399 -63.57 102.09 -51.65
CA ARG Z 399 -62.46 101.24 -52.03
C ARG Z 399 -62.25 100.14 -51.01
N THR Z 400 -61.85 98.97 -51.49
CA THR Z 400 -61.65 97.82 -50.62
C THR Z 400 -60.63 98.12 -49.53
N GLY Z 401 -61.11 98.23 -48.28
CA GLY Z 401 -60.22 98.49 -47.17
C GLY Z 401 -59.50 97.23 -46.75
N LEU Z 402 -58.19 97.20 -46.97
CA LEU Z 402 -57.38 96.05 -46.61
C LEU Z 402 -56.79 96.17 -45.22
N PHE Z 403 -57.15 97.23 -44.49
CA PHE Z 403 -56.73 97.42 -43.11
C PHE Z 403 -57.93 97.89 -42.31
N THR Z 404 -58.05 97.42 -41.08
CA THR Z 404 -59.18 97.80 -40.25
C THR Z 404 -59.15 99.30 -39.97
N PRO Z 405 -60.17 100.04 -40.37
CA PRO Z 405 -60.09 101.50 -40.29
C PRO Z 405 -60.29 102.01 -38.87
N ASP Z 406 -60.07 103.30 -38.70
CA ASP Z 406 -59.81 103.93 -37.41
C ASP Z 406 -60.87 104.92 -36.99
N MET Z 407 -61.39 105.71 -37.93
CA MET Z 407 -62.47 106.63 -37.60
C MET Z 407 -63.70 105.89 -37.10
N ALA Z 408 -63.85 104.59 -37.41
CA ALA Z 408 -64.94 103.83 -36.85
C ALA Z 408 -64.77 103.64 -35.35
N PHE Z 409 -63.57 103.27 -34.91
CA PHE Z 409 -63.29 103.20 -33.48
C PHE Z 409 -63.51 104.55 -32.82
N GLU Z 410 -63.04 105.62 -33.47
CA GLU Z 410 -63.24 106.95 -32.92
C GLU Z 410 -64.71 107.27 -32.78
N THR Z 411 -65.50 106.96 -33.81
CA THR Z 411 -66.93 107.26 -33.77
C THR Z 411 -67.66 106.46 -32.71
N ILE Z 412 -67.32 105.18 -32.54
CA ILE Z 412 -67.99 104.38 -31.51
C ILE Z 412 -67.66 104.90 -30.13
N VAL Z 413 -66.38 105.14 -29.83
CA VAL Z 413 -66.05 105.59 -28.49
C VAL Z 413 -66.59 106.99 -28.23
N LYS Z 414 -66.62 107.84 -29.26
CA LYS Z 414 -67.18 109.18 -29.08
C LYS Z 414 -68.68 109.13 -28.87
N LYS Z 415 -69.37 108.21 -29.54
CA LYS Z 415 -70.80 108.02 -29.33
C LYS Z 415 -71.11 107.39 -27.99
N GLN Z 416 -70.14 106.71 -27.38
CA GLN Z 416 -70.39 106.06 -26.10
C GLN Z 416 -69.95 106.89 -24.89
N VAL Z 417 -68.98 107.79 -25.03
CA VAL Z 417 -68.50 108.57 -23.89
C VAL Z 417 -69.27 109.87 -23.79
N LYS Z 418 -70.37 109.99 -24.53
CA LYS Z 418 -71.22 111.17 -24.39
C LYS Z 418 -72.46 110.91 -23.54
N LYS Z 419 -72.70 109.66 -23.15
CA LYS Z 419 -73.78 109.36 -22.23
C LYS Z 419 -73.38 109.58 -20.77
N ILE Z 420 -72.11 109.91 -20.51
CA ILE Z 420 -71.65 110.16 -19.15
C ILE Z 420 -72.18 111.47 -18.61
N ARG Z 421 -72.73 112.34 -19.47
CA ARG Z 421 -73.21 113.64 -19.01
C ARG Z 421 -74.31 113.53 -17.96
N GLU Z 422 -75.09 112.46 -17.97
CA GLU Z 422 -76.15 112.33 -16.99
C GLU Z 422 -75.62 111.90 -15.62
N PRO Z 423 -74.87 110.79 -15.51
CA PRO Z 423 -74.43 110.35 -14.17
C PRO Z 423 -73.61 111.39 -13.43
N CYS Z 424 -72.75 112.12 -14.14
CA CYS Z 424 -71.91 113.11 -13.47
C CYS Z 424 -72.73 114.25 -12.90
N LEU Z 425 -73.69 114.77 -13.67
CA LEU Z 425 -74.55 115.82 -13.17
C LEU Z 425 -75.42 115.33 -12.01
N LYS Z 426 -75.88 114.07 -12.10
CA LYS Z 426 -76.63 113.50 -10.99
C LYS Z 426 -75.78 113.45 -9.73
N CYS Z 427 -74.52 113.04 -9.87
CA CYS Z 427 -73.62 113.01 -8.72
C CYS Z 427 -73.42 114.39 -8.14
N VAL Z 428 -73.22 115.39 -8.99
CA VAL Z 428 -73.02 116.76 -8.50
C VAL Z 428 -74.23 117.24 -7.73
N ASP Z 429 -75.43 117.01 -8.28
CA ASP Z 429 -76.64 117.46 -7.57
C ASP Z 429 -76.85 116.70 -6.27
N MET Z 430 -76.51 115.41 -6.25
CA MET Z 430 -76.66 114.62 -5.03
C MET Z 430 -75.72 115.13 -3.94
N VAL Z 431 -74.47 115.43 -4.30
CA VAL Z 431 -73.54 116.00 -3.35
C VAL Z 431 -74.02 117.37 -2.88
N ILE Z 432 -74.59 118.16 -3.79
CA ILE Z 432 -75.14 119.45 -3.39
C ILE Z 432 -76.22 119.26 -2.34
N SER Z 433 -77.10 118.29 -2.55
CA SER Z 433 -78.18 118.06 -1.59
C SER Z 433 -77.63 117.68 -0.22
N GLU Z 434 -76.68 116.74 -0.19
CA GLU Z 434 -76.19 116.33 1.13
C GLU Z 434 -75.42 117.45 1.81
N LEU Z 435 -74.72 118.28 1.03
CA LEU Z 435 -73.94 119.36 1.63
C LEU Z 435 -74.82 120.50 2.12
N ILE Z 436 -75.99 120.69 1.52
CA ILE Z 436 -76.93 121.64 2.10
C ILE Z 436 -77.55 121.07 3.37
N SER Z 437 -77.83 119.75 3.37
CA SER Z 437 -78.33 119.13 4.58
C SER Z 437 -77.34 119.26 5.72
N THR Z 438 -76.05 119.11 5.43
CA THR Z 438 -75.02 119.26 6.46
C THR Z 438 -75.00 120.67 7.02
N VAL Z 439 -75.13 121.68 6.17
CA VAL Z 439 -75.14 123.06 6.65
C VAL Z 439 -76.34 123.28 7.57
N ARG Z 440 -77.52 122.79 7.17
CA ARG Z 440 -78.68 122.96 8.05
C ARG Z 440 -78.48 122.21 9.37
N GLN Z 441 -77.91 121.01 9.31
CA GLN Z 441 -77.73 120.20 10.50
C GLN Z 441 -76.73 120.83 11.47
N CYS Z 442 -75.67 121.44 10.95
CA CYS Z 442 -74.66 122.05 11.79
C CYS Z 442 -74.93 123.53 12.06
N THR Z 443 -76.04 124.06 11.55
CA THR Z 443 -76.55 125.33 12.03
C THR Z 443 -77.68 125.18 13.02
N LYS Z 444 -78.34 124.01 13.07
CA LYS Z 444 -79.42 123.79 14.03
C LYS Z 444 -78.99 124.12 15.45
N LYS Z 445 -77.76 123.79 15.83
CA LYS Z 445 -77.28 124.05 17.18
C LYS Z 445 -77.03 125.52 17.45
N LEU Z 446 -77.35 126.43 16.54
CA LEU Z 446 -77.20 127.86 16.76
C LEU Z 446 -78.53 128.49 17.20
N GLN Z 447 -79.52 127.66 17.52
CA GLN Z 447 -80.86 128.11 17.88
C GLN Z 447 -80.86 129.02 19.11
N GLN Z 448 -79.70 129.24 19.72
CA GLN Z 448 -79.61 130.21 20.81
C GLN Z 448 -80.08 131.58 20.36
N TYR Z 449 -79.58 132.05 19.22
CA TYR Z 449 -80.09 133.28 18.62
C TYR Z 449 -80.92 132.94 17.40
N PRO Z 450 -82.23 133.21 17.40
CA PRO Z 450 -82.97 133.21 16.15
C PRO Z 450 -82.63 134.46 15.35
N ARG Z 451 -83.10 134.48 14.10
CA ARG Z 451 -82.91 135.57 13.16
C ARG Z 451 -81.46 135.70 12.72
N LEU Z 452 -80.55 134.91 13.26
CA LEU Z 452 -79.19 134.83 12.75
C LEU Z 452 -78.88 133.47 12.12
N ARG Z 453 -79.47 132.40 12.62
CA ARG Z 453 -79.37 131.13 11.92
C ARG Z 453 -80.01 131.23 10.55
N GLU Z 454 -81.11 131.97 10.45
CA GLU Z 454 -81.76 132.18 9.15
C GLU Z 454 -80.81 132.88 8.18
N GLU Z 455 -80.16 133.95 8.63
CA GLU Z 455 -79.23 134.66 7.77
C GLU Z 455 -78.05 133.78 7.38
N MET Z 456 -77.50 133.05 8.34
CA MET Z 456 -76.33 132.22 8.06
C MET Z 456 -76.66 131.13 7.04
N GLU Z 457 -77.79 130.45 7.22
CA GLU Z 457 -78.20 129.45 6.26
C GLU Z 457 -78.50 130.07 4.90
N ARG Z 458 -79.19 131.22 4.89
CA ARG Z 458 -79.53 131.90 3.65
C ARG Z 458 -78.30 132.39 2.90
N ILE Z 459 -77.19 132.63 3.58
CA ILE Z 459 -75.97 133.04 2.90
C ILE Z 459 -75.18 131.83 2.40
N VAL Z 460 -74.98 130.83 3.27
CA VAL Z 460 -74.17 129.69 2.87
C VAL Z 460 -74.85 128.91 1.75
N THR Z 461 -76.17 128.69 1.87
CA THR Z 461 -76.87 127.93 0.84
C THR Z 461 -76.89 128.68 -0.49
N THR Z 462 -77.07 130.00 -0.45
CA THR Z 462 -76.99 130.77 -1.70
C THR Z 462 -75.60 130.67 -2.31
N HIS Z 463 -74.56 130.69 -1.48
CA HIS Z 463 -73.21 130.52 -2.03
C HIS Z 463 -73.05 129.16 -2.69
N ILE Z 464 -73.57 128.10 -2.05
CA ILE Z 464 -73.45 126.77 -2.63
C ILE Z 464 -74.21 126.69 -3.95
N ARG Z 465 -75.39 127.30 -4.01
CA ARG Z 465 -76.14 127.31 -5.26
C ARG Z 465 -75.42 128.12 -6.33
N GLU Z 466 -74.83 129.26 -5.96
CA GLU Z 466 -74.06 130.03 -6.92
C GLU Z 466 -72.81 129.31 -7.39
N ARG Z 467 -72.36 128.32 -6.63
CA ARG Z 467 -71.21 127.52 -7.03
C ARG Z 467 -71.59 126.27 -7.82
N GLU Z 468 -72.83 125.80 -7.70
CA GLU Z 468 -73.22 124.60 -8.44
C GLU Z 468 -73.13 124.83 -9.95
N GLY Z 469 -73.44 126.05 -10.41
CA GLY Z 469 -73.33 126.32 -11.83
C GLY Z 469 -71.92 126.14 -12.35
N ARG Z 470 -70.94 126.70 -11.64
CA ARG Z 470 -69.55 126.57 -12.06
C ARG Z 470 -69.09 125.12 -12.00
N THR Z 471 -69.46 124.39 -10.95
CA THR Z 471 -68.95 123.02 -10.88
C THR Z 471 -69.60 122.14 -11.94
N LYS Z 472 -70.89 122.35 -12.24
CA LYS Z 472 -71.52 121.60 -13.32
C LYS Z 472 -70.91 121.95 -14.66
N GLU Z 473 -70.59 123.23 -14.88
CA GLU Z 473 -69.93 123.64 -16.12
C GLU Z 473 -68.61 122.93 -16.29
N GLN Z 474 -67.78 122.90 -15.25
CA GLN Z 474 -66.50 122.21 -15.34
C GLN Z 474 -66.69 120.70 -15.50
N VAL Z 475 -67.72 120.13 -14.87
CA VAL Z 475 -67.99 118.70 -15.02
C VAL Z 475 -68.31 118.37 -16.47
N MET Z 476 -69.17 119.16 -17.09
CA MET Z 476 -69.47 118.95 -18.51
C MET Z 476 -68.23 119.12 -19.36
N LEU Z 477 -67.44 120.15 -19.06
CA LEU Z 477 -66.28 120.45 -19.90
C LEU Z 477 -65.21 119.37 -19.80
N LEU Z 478 -65.11 118.69 -18.66
CA LEU Z 478 -64.11 117.62 -18.55
C LEU Z 478 -64.40 116.48 -19.53
N ILE Z 479 -65.62 115.96 -19.53
CA ILE Z 479 -65.95 114.90 -20.46
C ILE Z 479 -65.99 115.42 -21.89
N ASP Z 480 -66.38 116.68 -22.08
CA ASP Z 480 -66.32 117.25 -23.42
C ASP Z 480 -64.90 117.29 -23.95
N ILE Z 481 -63.93 117.51 -23.05
CA ILE Z 481 -62.53 117.36 -23.42
C ILE Z 481 -62.22 115.91 -23.74
N GLU Z 482 -62.74 114.98 -22.94
CA GLU Z 482 -62.50 113.57 -23.20
C GLU Z 482 -63.00 113.14 -24.58
N LEU Z 483 -64.03 113.81 -25.09
CA LEU Z 483 -64.54 113.54 -26.42
C LEU Z 483 -63.67 114.12 -27.53
N ALA Z 484 -62.43 114.49 -27.28
CA ALA Z 484 -61.65 115.19 -28.30
C ALA Z 484 -60.55 114.35 -28.94
N TYR Z 485 -59.80 113.56 -28.19
CA TYR Z 485 -58.55 113.02 -28.73
C TYR Z 485 -58.52 111.51 -28.83
N MET Z 486 -59.13 110.79 -27.90
CA MET Z 486 -59.13 109.32 -27.91
C MET Z 486 -57.70 108.76 -27.92
N ASN Z 487 -56.98 109.05 -26.84
CA ASN Z 487 -55.59 108.64 -26.73
C ASN Z 487 -55.48 107.12 -26.75
N THR Z 488 -54.45 106.63 -27.45
CA THR Z 488 -54.28 105.18 -27.56
C THR Z 488 -52.82 104.79 -27.30
N ASN Z 489 -51.95 105.75 -26.98
CA ASN Z 489 -50.60 105.43 -26.56
C ASN Z 489 -50.52 105.41 -25.03
N HIS Z 490 -51.67 105.29 -24.37
CA HIS Z 490 -51.74 105.06 -22.93
C HIS Z 490 -51.44 103.58 -22.68
N GLU Z 491 -51.67 103.11 -21.46
CA GLU Z 491 -51.49 101.68 -21.25
C GLU Z 491 -52.59 100.84 -21.92
N ASP Z 492 -53.47 101.46 -22.71
CA ASP Z 492 -54.35 100.71 -23.60
C ASP Z 492 -53.50 99.81 -24.50
N PHE Z 493 -53.84 98.53 -24.52
CA PHE Z 493 -53.07 97.56 -25.29
C PHE Z 493 -53.31 97.76 -26.78
N ILE Z 494 -52.28 97.46 -27.57
CA ILE Z 494 -52.36 97.59 -29.01
C ILE Z 494 -53.38 96.62 -29.59
N PRO Z 653 -67.44 86.98 -43.05
CA PRO Z 653 -66.35 87.47 -43.89
C PRO Z 653 -65.18 87.99 -43.06
N GLN Z 654 -64.58 89.08 -43.51
CA GLN Z 654 -63.60 89.82 -42.72
C GLN Z 654 -64.26 90.81 -41.77
N LEU Z 655 -65.56 91.09 -41.97
CA LEU Z 655 -66.27 92.03 -41.13
C LEU Z 655 -66.34 91.55 -39.69
N GLU Z 656 -66.58 90.25 -39.48
CA GLU Z 656 -66.68 89.76 -38.11
C GLU Z 656 -65.36 89.90 -37.36
N ARG Z 657 -64.24 89.58 -38.01
CA ARG Z 657 -62.95 89.77 -37.35
C ARG Z 657 -62.66 91.24 -37.10
N GLN Z 658 -62.99 92.10 -38.08
CA GLN Z 658 -62.78 93.54 -37.88
C GLN Z 658 -63.61 94.06 -36.71
N VAL Z 659 -64.87 93.65 -36.62
CA VAL Z 659 -65.74 94.12 -35.56
C VAL Z 659 -65.30 93.58 -34.21
N GLU Z 660 -64.85 92.32 -34.15
CA GLU Z 660 -64.32 91.80 -32.90
C GLU Z 660 -63.09 92.58 -32.45
N THR Z 661 -62.19 92.89 -33.39
CA THR Z 661 -61.03 93.67 -33.03
C THR Z 661 -61.41 95.08 -32.59
N ILE Z 662 -62.46 95.65 -33.18
CA ILE Z 662 -62.89 96.97 -32.78
C ILE Z 662 -63.53 96.94 -31.39
N ARG Z 663 -64.30 95.89 -31.08
CA ARG Z 663 -64.94 95.78 -29.78
C ARG Z 663 -63.92 95.55 -28.68
N ASN Z 664 -62.93 94.69 -28.93
CA ASN Z 664 -61.91 94.45 -27.92
C ASN Z 664 -61.12 95.70 -27.58
N LEU Z 665 -61.14 96.70 -28.45
CA LEU Z 665 -60.49 97.98 -28.17
C LEU Z 665 -61.47 98.99 -27.59
N VAL Z 666 -62.72 98.97 -28.04
CA VAL Z 666 -63.72 99.89 -27.52
C VAL Z 666 -63.97 99.62 -26.04
N ASP Z 667 -64.04 98.34 -25.66
CA ASP Z 667 -64.23 98.01 -24.25
C ASP Z 667 -63.06 98.51 -23.41
N SER Z 668 -61.83 98.31 -23.90
CA SER Z 668 -60.66 98.75 -23.15
C SER Z 668 -60.68 100.26 -22.97
N TYR Z 669 -60.96 101.00 -24.05
CA TYR Z 669 -60.94 102.45 -23.91
C TYR Z 669 -62.12 102.95 -23.08
N MET Z 670 -63.24 102.24 -23.11
CA MET Z 670 -64.34 102.56 -22.20
C MET Z 670 -63.90 102.42 -20.76
N ALA Z 671 -63.18 101.34 -20.43
CA ALA Z 671 -62.68 101.18 -19.07
C ALA Z 671 -61.69 102.27 -18.72
N ILE Z 672 -60.81 102.65 -19.66
CA ILE Z 672 -59.77 103.62 -19.35
C ILE Z 672 -60.31 105.04 -19.27
N VAL Z 673 -61.42 105.34 -19.95
CA VAL Z 673 -62.06 106.63 -19.75
C VAL Z 673 -62.94 106.62 -18.51
N ASN Z 674 -63.49 105.46 -18.14
CA ASN Z 674 -64.23 105.37 -16.88
C ASN Z 674 -63.31 105.60 -15.70
N LYS Z 675 -62.10 105.03 -15.74
CA LYS Z 675 -61.15 105.26 -14.66
C LYS Z 675 -60.82 106.74 -14.52
N THR Z 676 -60.58 107.41 -15.65
CA THR Z 676 -60.17 108.80 -15.63
C THR Z 676 -61.30 109.75 -15.25
N VAL Z 677 -62.56 109.40 -15.56
CA VAL Z 677 -63.65 110.24 -15.10
C VAL Z 677 -64.01 109.92 -13.66
N ARG Z 678 -63.79 108.68 -13.20
CA ARG Z 678 -64.02 108.31 -11.83
C ARG Z 678 -63.00 108.92 -10.88
N ASP Z 679 -61.77 109.11 -11.33
CA ASP Z 679 -60.76 109.75 -10.51
C ASP Z 679 -60.86 111.27 -10.51
N LEU Z 680 -61.60 111.86 -11.44
CA LEU Z 680 -61.67 113.31 -11.54
C LEU Z 680 -63.08 113.86 -11.36
N MET Z 681 -64.06 113.03 -11.08
CA MET Z 681 -65.35 113.59 -10.69
C MET Z 681 -65.33 114.07 -9.24
N PRO Z 682 -64.81 113.27 -8.28
CA PRO Z 682 -64.66 113.80 -6.91
C PRO Z 682 -63.83 115.07 -6.89
N LYS Z 683 -62.60 114.99 -7.41
CA LYS Z 683 -61.70 116.12 -7.37
C LYS Z 683 -62.34 117.35 -8.02
N THR Z 684 -63.06 117.16 -9.12
CA THR Z 684 -63.72 118.28 -9.78
C THR Z 684 -64.77 118.90 -8.88
N ILE Z 685 -65.60 118.08 -8.23
CA ILE Z 685 -66.65 118.62 -7.38
C ILE Z 685 -66.05 119.41 -6.23
N MET Z 686 -65.06 118.83 -5.54
CA MET Z 686 -64.60 119.39 -4.28
C MET Z 686 -63.74 120.64 -4.49
N HIS Z 687 -62.87 120.62 -5.50
CA HIS Z 687 -62.04 121.80 -5.75
C HIS Z 687 -62.90 123.01 -6.08
N LEU Z 688 -64.11 122.79 -6.58
CA LEU Z 688 -65.00 123.90 -6.91
C LEU Z 688 -66.06 124.14 -5.85
N MET Z 689 -66.59 123.08 -5.25
CA MET Z 689 -67.70 123.21 -4.29
C MET Z 689 -67.23 123.23 -2.85
N ILE Z 690 -66.54 122.19 -2.40
CA ILE Z 690 -66.31 122.00 -0.97
C ILE Z 690 -65.09 122.79 -0.52
N ASN Z 691 -63.95 122.57 -1.19
CA ASN Z 691 -62.77 123.33 -0.82
C ASN Z 691 -62.85 124.78 -1.24
N ASN Z 692 -64.02 125.23 -1.69
CA ASN Z 692 -64.29 126.64 -1.87
C ASN Z 692 -65.33 127.17 -0.90
N THR Z 693 -66.37 126.38 -0.59
CA THR Z 693 -67.30 126.80 0.45
C THR Z 693 -66.62 126.83 1.81
N LYS Z 694 -65.63 125.97 2.01
CA LYS Z 694 -64.87 125.99 3.26
C LYS Z 694 -64.12 127.31 3.41
N GLU Z 695 -63.45 127.75 2.35
CA GLU Z 695 -62.76 129.04 2.40
C GLU Z 695 -63.74 130.19 2.48
N PHE Z 696 -64.91 130.07 1.86
CA PHE Z 696 -65.93 131.09 2.03
C PHE Z 696 -66.34 131.21 3.49
N ILE Z 697 -66.54 130.07 4.15
CA ILE Z 697 -66.90 130.08 5.58
C ILE Z 697 -65.79 130.72 6.39
N PHE Z 698 -64.54 130.31 6.15
CA PHE Z 698 -63.43 130.77 6.97
C PHE Z 698 -62.99 132.20 6.66
N SER Z 699 -63.41 132.77 5.54
CA SER Z 699 -62.96 134.11 5.18
C SER Z 699 -64.07 135.13 5.07
N GLU Z 700 -65.11 134.84 4.29
CA GLU Z 700 -66.03 135.87 3.82
C GLU Z 700 -67.35 135.91 4.60
N LEU Z 701 -67.69 134.86 5.34
CA LEU Z 701 -68.96 134.83 6.05
C LEU Z 701 -69.07 135.97 7.06
N LEU Z 702 -67.98 136.22 7.78
CA LEU Z 702 -67.99 137.26 8.81
C LEU Z 702 -68.29 138.63 8.21
N ALA Z 703 -67.70 138.92 7.06
CA ALA Z 703 -67.93 140.21 6.42
C ALA Z 703 -69.39 140.39 6.06
N ASN Z 704 -70.00 139.39 5.42
CA ASN Z 704 -71.40 139.50 5.04
C ASN Z 704 -72.30 139.66 6.26
N LEU Z 705 -72.06 138.84 7.28
CA LEU Z 705 -72.91 138.89 8.47
C LEU Z 705 -72.79 140.24 9.19
N TYR Z 706 -71.57 140.78 9.29
CA TYR Z 706 -71.43 142.06 9.96
C TYR Z 706 -71.92 143.22 9.10
N SER Z 707 -71.87 143.07 7.77
CA SER Z 707 -72.23 144.16 6.88
C SER Z 707 -73.73 144.25 6.64
N CYS Z 708 -74.46 143.13 6.77
CA CYS Z 708 -75.90 143.19 6.60
C CYS Z 708 -76.51 144.10 7.67
N GLY Z 709 -77.58 144.79 7.30
CA GLY Z 709 -78.09 145.87 8.11
C GLY Z 709 -78.76 145.41 9.39
N ASP Z 710 -79.02 146.38 10.26
CA ASP Z 710 -79.73 146.20 11.52
C ASP Z 710 -79.03 145.17 12.41
N GLN Z 711 -77.83 145.58 12.84
CA GLN Z 711 -77.04 144.80 13.80
C GLN Z 711 -77.85 144.47 15.04
N ASN Z 712 -78.69 145.39 15.50
CA ASN Z 712 -79.45 145.17 16.73
C ASN Z 712 -80.44 144.02 16.58
N THR Z 713 -80.91 143.75 15.36
CA THR Z 713 -81.86 142.67 15.15
C THR Z 713 -81.23 141.42 14.55
N LEU Z 714 -80.00 141.51 14.04
CA LEU Z 714 -79.33 140.30 13.60
C LEU Z 714 -79.10 139.34 14.76
N MET Z 715 -78.76 139.88 15.94
CA MET Z 715 -78.64 139.10 17.16
C MET Z 715 -79.86 139.40 18.03
N GLU Z 716 -80.91 138.59 17.87
CA GLU Z 716 -82.06 138.61 18.77
C GLU Z 716 -81.80 137.67 19.93
N GLU Z 717 -81.86 138.20 21.14
CA GLU Z 717 -81.92 137.35 22.31
C GLU Z 717 -83.17 136.49 22.26
N SER Z 718 -82.99 135.18 22.31
CA SER Z 718 -84.13 134.29 22.40
C SER Z 718 -84.67 134.32 23.82
N ALA Z 719 -85.99 134.15 23.94
CA ALA Z 719 -86.60 134.13 25.25
C ALA Z 719 -85.96 133.08 26.14
N GLU Z 720 -85.58 131.94 25.56
CA GLU Z 720 -84.96 130.88 26.34
C GLU Z 720 -83.67 131.35 27.01
N GLN Z 721 -82.75 131.91 26.22
CA GLN Z 721 -81.47 132.27 26.81
C GLN Z 721 -81.60 133.51 27.68
N ALA Z 722 -82.52 134.43 27.35
CA ALA Z 722 -82.68 135.62 28.17
C ALA Z 722 -83.27 135.28 29.55
N GLN Z 723 -84.33 134.45 29.57
CA GLN Z 723 -84.88 134.02 30.84
C GLN Z 723 -83.87 133.18 31.62
N ARG Z 724 -83.13 132.31 30.94
CA ARG Z 724 -82.11 131.53 31.63
C ARG Z 724 -81.05 132.44 32.24
N ARG Z 725 -80.63 133.46 31.51
CA ARG Z 725 -79.60 134.36 32.01
C ARG Z 725 -80.09 135.14 33.23
N ASP Z 726 -81.31 135.68 33.16
CA ASP Z 726 -81.85 136.41 34.31
C ASP Z 726 -82.01 135.49 35.51
N GLU Z 727 -82.46 134.25 35.29
CA GLU Z 727 -82.64 133.34 36.40
C GLU Z 727 -81.30 132.92 36.99
N MET Z 728 -80.26 132.79 36.14
CA MET Z 728 -78.89 132.64 36.66
C MET Z 728 -78.50 133.81 37.55
N LEU Z 729 -78.80 135.04 37.12
CA LEU Z 729 -78.42 136.20 37.92
C LEU Z 729 -79.11 136.16 39.28
N ARG Z 730 -80.41 135.88 39.29
CA ARG Z 730 -81.15 135.80 40.54
C ARG Z 730 -80.64 134.66 41.41
N MET Z 731 -80.30 133.53 40.80
CA MET Z 731 -79.77 132.39 41.54
C MET Z 731 -78.44 132.74 42.19
N TYR Z 732 -77.57 133.43 41.46
CA TYR Z 732 -76.28 133.84 42.02
C TYR Z 732 -76.48 134.78 43.20
N HIS Z 733 -77.39 135.75 43.06
CA HIS Z 733 -77.63 136.66 44.18
C HIS Z 733 -78.21 135.93 45.39
N ALA Z 734 -79.12 134.99 45.16
CA ALA Z 734 -79.69 134.22 46.26
C ALA Z 734 -78.64 133.36 46.95
N LEU Z 735 -77.75 132.75 46.17
CA LEU Z 735 -76.66 131.97 46.77
C LEU Z 735 -75.70 132.86 47.56
N LYS Z 736 -75.44 134.07 47.07
CA LYS Z 736 -74.62 135.00 47.84
C LYS Z 736 -75.27 135.32 49.18
N GLU Z 737 -76.59 135.57 49.16
CA GLU Z 737 -77.30 135.83 50.41
C GLU Z 737 -77.25 134.61 51.34
N ALA Z 738 -77.40 133.41 50.78
CA ALA Z 738 -77.37 132.20 51.60
C ALA Z 738 -76.01 132.01 52.26
N LEU Z 739 -74.92 132.25 51.53
CA LEU Z 739 -73.60 132.13 52.13
C LEU Z 739 -73.34 133.24 53.15
N SER Z 740 -73.89 134.43 52.94
CA SER Z 740 -73.79 135.46 53.98
C SER Z 740 -74.54 135.04 55.24
N ILE Z 741 -75.69 134.39 55.08
CA ILE Z 741 -76.45 133.93 56.24
C ILE Z 741 -75.69 132.82 56.96
N ILE Z 742 -75.07 131.91 56.21
CA ILE Z 742 -74.23 130.89 56.84
C ILE Z 742 -73.09 131.55 57.62
N GLY Z 743 -72.48 132.57 57.05
CA GLY Z 743 -71.40 133.26 57.74
C GLY Z 743 -71.87 133.90 59.04
N ASN Z 744 -73.02 134.56 59.00
CA ASN Z 744 -73.52 135.26 60.18
C ASN Z 744 -74.26 134.36 61.16
N ILE Z 745 -74.50 133.10 60.82
CA ILE Z 745 -75.11 132.15 61.73
C ILE Z 745 -74.07 131.24 62.37
N ASN Z 746 -73.06 130.80 61.60
CA ASN Z 746 -72.02 129.94 62.14
C ASN Z 746 -71.26 130.61 63.27
N THR Z 747 -71.25 131.94 63.30
CA THR Z 747 -70.60 132.68 64.38
C THR Z 747 -71.47 132.70 65.63
N ILE AA 10 -102.22 72.81 113.45
CA ILE AA 10 -101.18 72.47 112.50
C ILE AA 10 -101.77 71.60 111.39
N PRO AA 11 -101.30 71.81 110.16
CA PRO AA 11 -101.88 71.10 109.02
C PRO AA 11 -101.67 69.59 109.08
N LEU AA 12 -102.67 68.86 108.60
CA LEU AA 12 -102.63 67.41 108.62
C LEU AA 12 -101.56 66.85 107.69
N VAL AA 13 -101.21 67.58 106.63
CA VAL AA 13 -100.10 67.14 105.79
C VAL AA 13 -98.79 67.21 106.56
N ASN AA 14 -98.60 68.27 107.35
CA ASN AA 14 -97.44 68.33 108.23
C ASN AA 14 -97.45 67.20 109.25
N ARG AA 15 -98.62 66.90 109.83
CA ARG AA 15 -98.66 65.81 110.80
C ARG AA 15 -98.36 64.47 110.14
N LEU AA 16 -98.85 64.28 108.91
CA LEU AA 16 -98.54 63.05 108.17
C LEU AA 16 -97.05 62.94 107.89
N GLN AA 17 -96.42 64.05 107.51
CA GLN AA 17 -94.97 64.02 107.28
C GLN AA 17 -94.22 63.74 108.57
N ASP AA 18 -94.70 64.29 109.69
CA ASP AA 18 -94.09 63.98 110.98
C ASP AA 18 -94.19 62.49 111.27
N ALA AA 19 -95.35 61.89 111.01
CA ALA AA 19 -95.51 60.46 111.23
C ALA AA 19 -94.61 59.65 110.31
N PHE AA 20 -94.44 60.11 109.06
CA PHE AA 20 -93.55 59.42 108.13
C PHE AA 20 -92.11 59.47 108.61
N SER AA 21 -91.67 60.62 109.10
CA SER AA 21 -90.32 60.72 109.67
C SER AA 21 -90.21 59.81 110.89
N ALA AA 22 -91.26 59.73 111.70
CA ALA AA 22 -91.23 58.88 112.88
C ALA AA 22 -91.07 57.41 112.50
N ILE AA 23 -91.85 56.94 111.52
CA ILE AA 23 -91.68 55.55 111.08
C ILE AA 23 -90.33 55.37 110.39
N GLY AA 24 -89.73 56.45 109.91
CA GLY AA 24 -88.38 56.42 109.41
C GLY AA 24 -88.15 55.63 108.15
N GLN AA 25 -89.16 54.94 107.64
CA GLN AA 25 -89.01 54.25 106.37
C GLN AA 25 -88.79 55.25 105.25
N ASN AA 26 -88.01 54.85 104.24
CA ASN AA 26 -87.60 55.76 103.18
C ASN AA 26 -88.76 56.03 102.22
N ALA AA 27 -89.84 56.57 102.77
CA ALA AA 27 -91.02 56.95 102.03
C ALA AA 27 -91.22 58.46 102.10
N ASP AA 28 -91.92 58.99 101.11
CA ASP AA 28 -92.17 60.42 101.03
C ASP AA 28 -93.52 60.66 100.40
N LEU AA 29 -94.11 61.80 100.72
CA LEU AA 29 -95.43 62.14 100.18
C LEU AA 29 -95.35 62.55 98.71
N ASP AA 30 -94.14 62.77 98.18
CA ASP AA 30 -93.93 63.09 96.77
C ASP AA 30 -94.64 64.38 96.37
N LEU AA 31 -94.34 65.45 97.11
CA LEU AA 31 -94.89 66.75 96.77
C LEU AA 31 -94.20 67.30 95.52
N PRO AA 32 -94.89 68.14 94.75
CA PRO AA 32 -94.23 68.82 93.64
C PRO AA 32 -93.28 69.89 94.16
N GLN AA 33 -92.25 70.17 93.37
CA GLN AA 33 -91.32 71.23 93.73
C GLN AA 33 -91.96 72.59 93.50
N ILE AA 34 -91.40 73.61 94.14
CA ILE AA 34 -91.87 74.98 93.99
C ILE AA 34 -90.73 75.81 93.42
N ALA AA 35 -91.05 76.65 92.44
CA ALA AA 35 -90.08 77.58 91.88
C ALA AA 35 -90.63 78.98 91.97
N VAL AA 36 -89.85 79.91 92.50
CA VAL AA 36 -90.26 81.31 92.61
C VAL AA 36 -89.55 82.09 91.51
N VAL AA 37 -90.32 82.78 90.67
CA VAL AA 37 -89.77 83.48 89.52
C VAL AA 37 -90.46 84.83 89.38
N GLY AA 38 -89.75 85.77 88.76
CA GLY AA 38 -90.27 87.09 88.57
C GLY AA 38 -89.22 87.99 87.94
N GLY AA 39 -89.53 89.29 87.91
CA GLY AA 39 -88.59 90.26 87.43
C GLY AA 39 -87.53 90.60 88.47
N GLN AA 40 -86.49 91.27 88.02
CA GLN AA 40 -85.44 91.69 88.93
C GLN AA 40 -85.99 92.72 89.93
N SER AA 41 -85.59 92.56 91.18
CA SER AA 41 -86.05 93.39 92.29
C SER AA 41 -87.56 93.30 92.51
N ALA AA 42 -88.16 92.17 92.14
CA ALA AA 42 -89.59 91.99 92.39
C ALA AA 42 -89.87 91.75 93.86
N GLY AA 43 -89.06 90.90 94.51
CA GLY AA 43 -89.32 90.51 95.88
C GLY AA 43 -89.36 89.00 96.06
N LYS AA 44 -88.79 88.30 95.08
CA LYS AA 44 -88.88 86.84 95.03
C LYS AA 44 -88.22 86.19 96.25
N SER AA 45 -86.98 86.58 96.54
CA SER AA 45 -86.27 85.99 97.67
C SER AA 45 -86.96 86.32 98.99
N SER AA 46 -87.47 87.55 99.12
CA SER AA 46 -88.15 87.92 100.35
C SER AA 46 -89.42 87.11 100.56
N VAL AA 47 -90.21 86.92 99.50
CA VAL AA 47 -91.40 86.09 99.60
C VAL AA 47 -91.02 84.66 99.98
N LEU AA 48 -89.96 84.14 99.36
CA LEU AA 48 -89.54 82.78 99.66
C LEU AA 48 -89.15 82.62 101.13
N GLU AA 49 -88.36 83.56 101.65
CA GLU AA 49 -87.92 83.41 103.04
C GLU AA 49 -89.08 83.62 104.00
N ASN AA 50 -90.03 84.51 103.66
CA ASN AA 50 -91.18 84.69 104.53
C ASN AA 50 -92.09 83.47 104.52
N PHE AA 51 -92.17 82.77 103.39
CA PHE AA 51 -92.90 81.51 103.34
C PHE AA 51 -92.20 80.43 104.16
N VAL AA 52 -90.86 80.41 104.11
CA VAL AA 52 -90.12 79.47 104.94
C VAL AA 52 -90.36 79.76 106.41
N GLY AA 53 -90.32 81.04 106.79
CA GLY AA 53 -90.56 81.46 108.15
C GLY AA 53 -89.32 82.01 108.85
N ARG AA 54 -88.13 81.81 108.27
CA ARG AA 54 -86.89 82.18 108.92
C ARG AA 54 -85.98 82.87 107.91
N ASP AA 55 -85.31 83.93 108.36
CA ASP AA 55 -84.61 84.85 107.46
C ASP AA 55 -83.19 84.34 107.22
N PHE AA 56 -82.97 83.70 106.06
CA PHE AA 56 -81.66 83.18 105.72
C PHE AA 56 -81.34 83.36 104.24
N LEU AA 57 -81.89 84.41 103.62
CA LEU AA 57 -81.69 84.61 102.19
C LEU AA 57 -81.16 86.00 101.91
N PRO AA 58 -80.31 86.15 100.87
CA PRO AA 58 -79.77 87.46 100.53
C PRO AA 58 -80.86 88.35 99.95
N ARG AA 59 -81.05 89.52 100.55
CA ARG AA 59 -82.11 90.45 100.14
C ARG AA 59 -81.56 91.87 100.19
N GLY AA 60 -81.50 92.52 99.02
CA GLY AA 60 -81.06 93.89 98.95
C GLY AA 60 -81.43 94.50 97.61
N SER AA 61 -81.21 95.80 97.51
CA SER AA 61 -81.47 96.49 96.25
C SER AA 61 -80.43 96.09 95.21
N GLY AA 62 -80.81 96.23 93.94
CA GLY AA 62 -79.96 95.81 92.86
C GLY AA 62 -80.07 94.33 92.60
N ILE AA 63 -79.06 93.79 91.93
CA ILE AA 63 -78.99 92.36 91.66
C ILE AA 63 -78.41 91.66 92.89
N VAL AA 64 -79.18 90.75 93.45
CA VAL AA 64 -78.79 90.08 94.69
C VAL AA 64 -78.82 88.56 94.50
N THR AA 65 -80.00 88.03 94.19
CA THR AA 65 -80.16 86.60 93.97
C THR AA 65 -79.58 86.24 92.61
N ARG AA 66 -78.25 86.09 92.58
CA ARG AA 66 -77.51 85.95 91.33
C ARG AA 66 -77.06 84.51 91.07
N ARG AA 67 -77.72 83.52 91.67
CA ARG AA 67 -77.37 82.12 91.43
C ARG AA 67 -78.53 81.25 91.89
N PRO AA 68 -78.93 80.25 91.10
CA PRO AA 68 -80.13 79.47 91.45
C PRO AA 68 -79.94 78.68 92.73
N LEU AA 69 -80.70 79.03 93.75
CA LEU AA 69 -80.64 78.37 95.05
C LEU AA 69 -81.68 77.28 95.11
N VAL AA 70 -81.23 76.02 95.14
CA VAL AA 70 -82.11 74.86 95.26
C VAL AA 70 -82.18 74.53 96.75
N LEU AA 71 -83.17 75.09 97.41
CA LEU AA 71 -83.50 74.79 98.79
C LEU AA 71 -84.24 73.47 98.90
N GLN AA 72 -83.95 72.71 99.94
CA GLN AA 72 -84.73 71.53 100.30
C GLN AA 72 -85.08 71.62 101.78
N LEU AA 73 -86.32 72.02 102.07
CA LEU AA 73 -86.83 71.94 103.43
C LEU AA 73 -87.17 70.50 103.75
N VAL AA 74 -86.59 69.97 104.83
CA VAL AA 74 -86.84 68.60 105.26
C VAL AA 74 -87.19 68.61 106.74
N ASN AA 75 -87.73 67.49 107.20
CA ASN AA 75 -88.22 67.36 108.56
C ASN AA 75 -87.22 66.57 109.41
N ALA AA 76 -86.97 67.08 110.62
CA ALA AA 76 -86.09 66.41 111.56
C ALA AA 76 -86.41 66.93 112.96
N THR AA 77 -85.63 66.48 113.94
CA THR AA 77 -85.92 66.82 115.32
C THR AA 77 -85.74 68.31 115.58
N THR AA 78 -84.59 68.87 115.18
CA THR AA 78 -84.31 70.27 115.39
C THR AA 78 -83.60 70.84 114.17
N GLU AA 79 -83.57 72.16 114.10
CA GLU AA 79 -83.27 72.88 112.87
C GLU AA 79 -81.78 73.19 112.72
N TYR AA 80 -81.30 73.04 111.50
CA TYR AA 80 -79.98 73.50 111.07
C TYR AA 80 -79.99 73.55 109.55
N ALA AA 81 -78.81 73.78 108.95
CA ALA AA 81 -78.72 73.84 107.51
C ALA AA 81 -77.38 73.27 107.07
N GLU AA 82 -77.39 72.63 105.90
CA GLU AA 82 -76.18 72.07 105.32
C GLU AA 82 -76.14 72.35 103.83
N PHE AA 83 -74.97 72.74 103.34
CA PHE AA 83 -74.75 72.93 101.92
C PHE AA 83 -74.22 71.62 101.33
N LEU AA 84 -73.79 71.66 100.07
CA LEU AA 84 -73.11 70.53 99.45
C LEU AA 84 -71.65 70.85 99.15
N HIS AA 85 -71.08 71.85 99.80
CA HIS AA 85 -69.66 72.11 99.70
C HIS AA 85 -68.97 72.15 101.06
N CYS AA 86 -69.65 72.65 102.08
CA CYS AA 86 -69.13 72.58 103.46
C CYS AA 86 -69.57 71.27 104.11
N LYS AA 87 -69.18 70.17 103.47
CA LYS AA 87 -69.63 68.85 103.90
C LYS AA 87 -69.21 68.58 105.33
N GLY AA 88 -70.14 68.09 106.13
CA GLY AA 88 -69.93 67.85 107.55
C GLY AA 88 -70.33 69.01 108.43
N LYS AA 89 -70.10 70.23 107.95
CA LYS AA 89 -70.45 71.41 108.73
C LYS AA 89 -71.95 71.55 108.86
N LYS AA 90 -72.39 72.06 110.02
CA LYS AA 90 -73.81 72.23 110.32
C LYS AA 90 -74.05 73.70 110.67
N PHE AA 91 -74.31 74.51 109.64
CA PHE AA 91 -74.65 75.90 109.87
C PHE AA 91 -75.91 76.00 110.70
N THR AA 92 -75.87 76.84 111.72
CA THR AA 92 -76.99 76.93 112.65
C THR AA 92 -77.55 78.33 112.80
N ASP AA 93 -76.71 79.36 112.77
CA ASP AA 93 -77.19 80.74 112.84
C ASP AA 93 -77.31 81.32 111.44
N PHE AA 94 -78.48 81.91 111.18
CA PHE AA 94 -78.85 82.25 109.82
C PHE AA 94 -78.13 83.46 109.27
N GLU AA 95 -77.57 84.31 110.13
CA GLU AA 95 -76.63 85.32 109.64
C GLU AA 95 -75.43 84.65 108.98
N GLU AA 96 -74.85 83.64 109.65
CA GLU AA 96 -73.77 82.87 109.04
C GLU AA 96 -74.24 82.16 107.79
N VAL AA 97 -75.47 81.64 107.80
CA VAL AA 97 -75.98 80.96 106.60
C VAL AA 97 -76.04 81.92 105.42
N ARG AA 98 -76.58 83.12 105.64
CA ARG AA 98 -76.69 84.11 104.57
C ARG AA 98 -75.33 84.56 104.08
N LEU AA 99 -74.39 84.80 105.00
CA LEU AA 99 -73.04 85.19 104.59
C LEU AA 99 -72.37 84.10 103.77
N GLU AA 100 -72.55 82.84 104.17
CA GLU AA 100 -72.00 81.74 103.39
C GLU AA 100 -72.65 81.67 102.02
N ILE AA 101 -73.96 81.93 101.94
CA ILE AA 101 -74.65 81.91 100.65
C ILE AA 101 -74.06 82.96 99.71
N GLU AA 102 -73.93 84.19 100.20
CA GLU AA 102 -73.44 85.25 99.32
C GLU AA 102 -71.97 85.02 98.96
N ALA AA 103 -71.17 84.53 99.89
CA ALA AA 103 -69.77 84.21 99.57
C ALA AA 103 -69.69 83.10 98.52
N GLU AA 104 -70.55 82.09 98.63
CA GLU AA 104 -70.56 81.01 97.65
C GLU AA 104 -70.95 81.54 96.28
N THR AA 105 -71.94 82.42 96.23
CA THR AA 105 -72.30 83.03 94.95
C THR AA 105 -71.13 83.80 94.35
N ASP AA 106 -70.45 84.59 95.18
CA ASP AA 106 -69.35 85.42 94.67
C ASP AA 106 -68.16 84.57 94.22
N ARG AA 107 -67.91 83.45 94.89
CA ARG AA 107 -66.72 82.66 94.58
C ARG AA 107 -66.72 82.11 93.16
N VAL AA 108 -67.87 82.07 92.50
CA VAL AA 108 -67.95 81.62 91.11
C VAL AA 108 -68.44 82.72 90.18
N THR AA 109 -69.39 83.53 90.62
CA THR AA 109 -69.93 84.58 89.74
C THR AA 109 -68.96 85.74 89.59
N GLY AA 110 -68.30 86.12 90.67
CA GLY AA 110 -67.51 87.33 90.70
C GLY AA 110 -68.23 88.45 91.43
N THR AA 111 -67.50 89.55 91.63
CA THR AA 111 -67.98 90.69 92.39
C THR AA 111 -68.32 91.87 91.50
N ASN AA 112 -68.85 91.61 90.31
CA ASN AA 112 -69.26 92.65 89.38
C ASN AA 112 -70.61 92.31 88.76
N LYS AA 113 -71.55 91.85 89.59
CA LYS AA 113 -72.92 91.58 89.21
C LYS AA 113 -73.04 90.48 88.15
N GLY AA 114 -72.01 89.64 88.00
CA GLY AA 114 -72.14 88.49 87.15
C GLY AA 114 -73.01 87.42 87.76
N ILE AA 115 -73.50 86.50 86.92
CA ILE AA 115 -74.35 85.41 87.37
C ILE AA 115 -73.77 84.09 86.86
N SER AA 116 -74.28 82.99 87.41
CA SER AA 116 -73.83 81.66 87.06
C SER AA 116 -75.01 80.70 87.18
N PRO AA 117 -75.26 79.87 86.17
CA PRO AA 117 -76.41 78.96 86.22
C PRO AA 117 -76.21 77.72 87.09
N VAL AA 118 -75.02 77.53 87.67
CA VAL AA 118 -74.75 76.33 88.46
C VAL AA 118 -75.48 76.42 89.80
N PRO AA 119 -76.33 75.45 90.11
CA PRO AA 119 -77.19 75.58 91.30
C PRO AA 119 -76.42 75.44 92.60
N ILE AA 120 -76.83 76.22 93.58
CA ILE AA 120 -76.37 76.07 94.97
C ILE AA 120 -77.36 75.14 95.67
N ASN AA 121 -76.93 73.92 95.98
CA ASN AA 121 -77.80 72.94 96.61
C ASN AA 121 -77.72 73.11 98.13
N LEU AA 122 -78.82 73.53 98.74
CA LEU AA 122 -78.86 73.77 100.17
C LEU AA 122 -80.00 72.97 100.78
N ARG AA 123 -79.82 72.52 102.01
CA ARG AA 123 -80.85 71.76 102.71
C ARG AA 123 -81.04 72.33 104.10
N VAL AA 124 -82.29 72.52 104.49
CA VAL AA 124 -82.65 73.03 105.81
C VAL AA 124 -83.46 71.96 106.52
N TYR AA 125 -83.25 71.82 107.82
CA TYR AA 125 -84.03 70.90 108.64
C TYR AA 125 -84.95 71.69 109.54
N SER AA 126 -86.15 71.18 109.77
CA SER AA 126 -87.14 71.87 110.58
C SER AA 126 -88.10 70.84 111.15
N PRO AA 127 -88.72 71.14 112.30
CA PRO AA 127 -89.57 70.12 112.93
C PRO AA 127 -90.91 69.89 112.24
N HIS AA 128 -91.49 70.91 111.63
CA HIS AA 128 -92.86 70.82 111.11
C HIS AA 128 -92.96 71.38 109.70
N VAL AA 129 -92.08 70.94 108.81
CA VAL AA 129 -92.16 71.32 107.41
C VAL AA 129 -92.18 70.07 106.55
N LEU AA 130 -92.72 70.20 105.35
CA LEU AA 130 -92.74 69.12 104.39
C LEU AA 130 -91.34 68.88 103.83
N ASN AA 131 -91.16 67.74 103.16
CA ASN AA 131 -89.97 67.53 102.35
C ASN AA 131 -90.10 68.27 101.02
N LEU AA 132 -90.14 69.59 101.13
CA LEU AA 132 -90.37 70.43 99.97
C LEU AA 132 -89.08 70.57 99.16
N THR AA 133 -89.20 71.23 98.01
CA THR AA 133 -88.04 71.51 97.15
C THR AA 133 -88.27 72.90 96.56
N LEU AA 134 -87.75 73.90 97.25
CA LEU AA 134 -87.90 75.29 96.82
C LEU AA 134 -86.76 75.65 95.87
N VAL AA 135 -87.06 76.52 94.91
CA VAL AA 135 -86.06 76.97 93.95
C VAL AA 135 -86.17 78.49 93.85
N ASP AA 136 -85.19 79.19 94.39
CA ASP AA 136 -85.07 80.62 94.17
C ASP AA 136 -84.19 80.85 92.95
N LEU AA 137 -84.60 81.78 92.11
CA LEU AA 137 -83.95 82.03 90.82
C LEU AA 137 -83.66 83.51 90.67
N PRO AA 138 -82.68 83.87 89.85
CA PRO AA 138 -82.46 85.27 89.53
C PRO AA 138 -83.62 85.86 88.74
N GLY AA 139 -83.81 87.16 88.91
CA GLY AA 139 -84.83 87.85 88.17
C GLY AA 139 -84.47 87.99 86.71
N MET AA 140 -85.45 88.39 85.91
CA MET AA 140 -85.28 88.50 84.46
C MET AA 140 -84.87 89.92 84.09
N THR AA 141 -83.78 90.04 83.35
CA THR AA 141 -83.27 91.32 82.90
C THR AA 141 -83.04 91.27 81.40
N LYS AA 142 -83.07 92.44 80.77
CA LYS AA 142 -82.87 92.53 79.32
C LYS AA 142 -81.54 93.16 78.94
N VAL AA 143 -81.15 94.26 79.57
CA VAL AA 143 -79.89 94.95 79.28
C VAL AA 143 -78.83 94.44 80.25
N PRO AA 144 -77.71 93.92 79.77
CA PRO AA 144 -76.63 93.51 80.69
C PRO AA 144 -76.06 94.71 81.42
N VAL AA 145 -75.66 94.46 82.67
CA VAL AA 145 -75.05 95.47 83.52
C VAL AA 145 -73.78 94.85 84.11
N GLY AA 146 -72.81 95.71 84.39
CA GLY AA 146 -71.54 95.20 84.89
C GLY AA 146 -70.82 94.42 83.82
N ASP AA 147 -70.42 93.19 84.16
CA ASP AA 147 -69.65 92.35 83.24
C ASP AA 147 -70.47 91.19 82.69
N GLN AA 148 -71.79 91.26 82.77
CA GLN AA 148 -72.62 90.20 82.23
C GLN AA 148 -72.47 90.13 80.71
N PRO AA 149 -72.58 88.94 80.14
CA PRO AA 149 -72.52 88.81 78.68
C PRO AA 149 -73.69 89.51 78.02
N PRO AA 150 -73.54 89.91 76.75
CA PRO AA 150 -74.63 90.64 76.08
C PRO AA 150 -75.94 89.89 76.00
N ASP AA 151 -75.91 88.55 76.06
CA ASP AA 151 -77.12 87.74 75.98
C ASP AA 151 -77.63 87.33 77.36
N ILE AA 152 -77.48 88.21 78.34
CA ILE AA 152 -77.87 87.91 79.71
C ILE AA 152 -79.37 87.61 79.78
N GLU AA 153 -80.17 88.25 78.93
CA GLU AA 153 -81.61 88.00 78.94
C GLU AA 153 -81.90 86.55 78.59
N PHE AA 154 -81.36 86.07 77.48
CA PHE AA 154 -81.56 84.68 77.10
C PHE AA 154 -80.95 83.73 78.11
N GLN AA 155 -79.81 84.10 78.69
CA GLN AA 155 -79.18 83.24 79.68
C GLN AA 155 -80.09 83.03 80.87
N ILE AA 156 -80.59 84.11 81.47
CA ILE AA 156 -81.51 83.97 82.60
C ILE AA 156 -82.78 83.25 82.17
N ARG AA 157 -83.29 83.58 80.98
CA ARG AA 157 -84.54 82.99 80.51
C ARG AA 157 -84.44 81.47 80.46
N ASP AA 158 -83.52 80.94 79.63
CA ASP AA 158 -83.45 79.50 79.51
C ASP AA 158 -82.93 78.85 80.77
N MET AA 159 -82.13 79.58 81.57
CA MET AA 159 -81.64 79.04 82.83
C MET AA 159 -82.79 78.75 83.80
N LEU AA 160 -83.76 79.65 83.88
CA LEU AA 160 -84.92 79.36 84.73
C LEU AA 160 -85.96 78.52 84.01
N MET AA 161 -85.96 78.51 82.68
CA MET AA 161 -86.86 77.65 81.93
C MET AA 161 -86.52 76.19 82.16
N GLN AA 162 -85.23 75.86 82.22
CA GLN AA 162 -84.82 74.49 82.47
C GLN AA 162 -85.27 73.99 83.84
N PHE AA 163 -85.64 74.89 84.76
CA PHE AA 163 -86.19 74.50 86.05
C PHE AA 163 -87.70 74.57 86.11
N VAL AA 164 -88.33 75.45 85.34
CA VAL AA 164 -89.77 75.65 85.46
C VAL AA 164 -90.54 74.74 84.49
N THR AA 165 -90.00 74.54 83.29
CA THR AA 165 -90.75 73.83 82.25
C THR AA 165 -91.05 72.38 82.63
N LYS AA 166 -90.33 71.82 83.60
CA LYS AA 166 -90.65 70.48 84.06
C LYS AA 166 -91.98 70.47 84.78
N GLU AA 167 -92.67 69.33 84.71
CA GLU AA 167 -93.95 69.19 85.38
C GLU AA 167 -93.72 69.10 86.89
N ASN AA 168 -94.81 68.99 87.65
CA ASN AA 168 -94.82 69.01 89.12
C ASN AA 168 -93.91 70.11 89.65
N CYS AA 169 -93.97 71.29 89.03
CA CYS AA 169 -93.18 72.45 89.43
C CYS AA 169 -94.15 73.62 89.56
N LEU AA 170 -94.69 73.80 90.75
CA LEU AA 170 -95.55 74.95 91.00
C LEU AA 170 -94.75 76.23 90.78
N ILE AA 171 -95.43 77.25 90.29
CA ILE AA 171 -94.80 78.51 89.93
C ILE AA 171 -95.34 79.60 90.84
N LEU AA 172 -94.44 80.36 91.46
CA LEU AA 172 -94.79 81.57 92.18
C LEU AA 172 -94.37 82.75 91.30
N ALA AA 173 -95.35 83.33 90.61
CA ALA AA 173 -95.11 84.48 89.72
C ALA AA 173 -95.16 85.73 90.58
N VAL AA 174 -94.00 86.28 90.87
CA VAL AA 174 -93.88 87.46 91.71
C VAL AA 174 -93.88 88.70 90.83
N SER AA 175 -94.74 89.65 91.17
CA SER AA 175 -94.76 90.91 90.44
C SER AA 175 -94.91 92.04 91.44
N PRO AA 176 -94.19 93.14 91.24
CA PRO AA 176 -94.39 94.30 92.10
C PRO AA 176 -95.70 94.99 91.77
N ALA AA 177 -96.18 95.76 92.74
CA ALA AA 177 -97.34 96.61 92.53
C ALA AA 177 -96.96 97.98 92.00
N ASN AA 178 -95.67 98.20 91.74
CA ASN AA 178 -95.21 99.49 91.23
C ASN AA 178 -95.42 99.57 89.72
N SER AA 179 -94.77 98.70 88.98
CA SER AA 179 -94.98 98.62 87.54
C SER AA 179 -96.38 98.13 87.25
N ASP AA 180 -96.93 98.59 86.12
CA ASP AA 180 -98.21 98.07 85.67
C ASP AA 180 -98.10 96.57 85.42
N LEU AA 181 -99.16 95.84 85.77
CA LEU AA 181 -99.11 94.38 85.73
C LEU AA 181 -98.81 93.86 84.34
N ALA AA 182 -99.12 94.64 83.31
CA ALA AA 182 -98.91 94.20 81.93
C ALA AA 182 -97.44 93.94 81.61
N ASN AA 183 -96.52 94.48 82.40
CA ASN AA 183 -95.10 94.31 82.13
C ASN AA 183 -94.50 93.09 82.83
N SER AA 184 -95.31 92.28 83.50
CA SER AA 184 -94.78 91.27 84.41
C SER AA 184 -93.99 90.18 83.69
N ASP AA 185 -92.67 90.21 83.86
CA ASP AA 185 -91.83 89.14 83.35
C ASP AA 185 -92.18 87.80 83.97
N ALA AA 186 -92.73 87.81 85.19
CA ALA AA 186 -93.18 86.57 85.80
C ALA AA 186 -94.39 86.02 85.05
N LEU AA 187 -95.39 86.88 84.80
CA LEU AA 187 -96.59 86.41 84.13
C LEU AA 187 -96.31 85.98 82.70
N LYS AA 188 -95.36 86.62 82.02
CA LYS AA 188 -95.02 86.17 80.67
C LYS AA 188 -94.59 84.70 80.67
N VAL AA 189 -93.63 84.36 81.52
CA VAL AA 189 -93.16 82.98 81.59
C VAL AA 189 -94.26 82.06 82.11
N ALA AA 190 -95.06 82.55 83.07
CA ALA AA 190 -96.13 81.73 83.62
C ALA AA 190 -97.13 81.32 82.55
N LYS AA 191 -97.60 82.28 81.77
CA LYS AA 191 -98.51 81.95 80.68
C LYS AA 191 -97.82 81.26 79.52
N GLU AA 192 -96.50 81.35 79.41
CA GLU AA 192 -95.80 80.66 78.34
C GLU AA 192 -95.67 79.17 78.64
N VAL AA 193 -95.43 78.80 79.90
CA VAL AA 193 -95.15 77.40 80.22
C VAL AA 193 -96.38 76.70 80.78
N ASP AA 194 -97.29 77.47 81.39
CA ASP AA 194 -98.50 76.95 82.01
C ASP AA 194 -99.67 77.76 81.45
N PRO AA 195 -100.13 77.43 80.25
CA PRO AA 195 -101.18 78.25 79.63
C PRO AA 195 -102.47 78.30 80.42
N GLN AA 196 -102.99 77.14 80.82
CA GLN AA 196 -104.25 77.11 81.57
C GLN AA 196 -104.12 77.67 82.98
N GLY AA 197 -102.90 77.89 83.45
CA GLY AA 197 -102.72 78.41 84.79
C GLY AA 197 -103.16 77.46 85.89
N GLN AA 198 -102.83 76.18 85.75
CA GLN AA 198 -103.24 75.19 86.75
C GLN AA 198 -102.16 74.93 87.80
N ARG AA 199 -100.92 75.33 87.55
CA ARG AA 199 -99.85 75.21 88.52
C ARG AA 199 -99.12 76.53 88.69
N THR AA 200 -99.87 77.63 88.59
CA THR AA 200 -99.32 78.97 88.67
C THR AA 200 -100.09 79.75 89.73
N ILE AA 201 -99.36 80.45 90.60
CA ILE AA 201 -99.95 81.30 91.62
C ILE AA 201 -99.29 82.66 91.53
N GLY AA 202 -100.10 83.71 91.47
CA GLY AA 202 -99.60 85.08 91.34
C GLY AA 202 -99.54 85.79 92.68
N VAL AA 203 -98.42 86.46 92.93
CA VAL AA 203 -98.24 87.24 94.15
C VAL AA 203 -97.84 88.65 93.76
N ILE AA 204 -98.45 89.62 94.44
CA ILE AA 204 -98.22 91.04 94.19
C ILE AA 204 -97.52 91.60 95.42
N THR AA 205 -96.31 92.07 95.23
CA THR AA 205 -95.50 92.61 96.31
C THR AA 205 -95.54 94.14 96.27
N LYS AA 206 -94.88 94.75 97.24
CA LYS AA 206 -94.65 96.20 97.26
C LYS AA 206 -95.96 96.98 97.21
N LEU AA 207 -97.03 96.43 97.78
CA LEU AA 207 -98.32 97.12 97.78
C LEU AA 207 -98.30 98.43 98.57
N ASP AA 208 -97.27 98.65 99.38
CA ASP AA 208 -97.12 99.90 100.11
C ASP AA 208 -96.39 100.97 99.31
N LEU AA 209 -95.89 100.64 98.11
CA LEU AA 209 -95.10 101.56 97.32
C LEU AA 209 -95.85 102.08 96.09
N MET AA 210 -97.18 101.99 96.10
CA MET AA 210 -97.97 102.44 94.97
C MET AA 210 -98.15 103.95 95.01
N ASP AA 211 -98.33 104.53 93.83
CA ASP AA 211 -98.42 105.97 93.71
C ASP AA 211 -99.68 106.49 94.40
N GLU AA 212 -99.60 107.74 94.86
CA GLU AA 212 -100.73 108.37 95.52
C GLU AA 212 -101.94 108.39 94.59
N GLY AA 213 -103.10 108.00 95.13
CA GLY AA 213 -104.32 107.96 94.37
C GLY AA 213 -104.50 106.70 93.54
N THR AA 214 -103.52 105.80 93.54
CA THR AA 214 -103.63 104.54 92.81
C THR AA 214 -103.78 103.39 93.80
N ASP AA 215 -104.42 102.32 93.34
CA ASP AA 215 -104.62 101.13 94.16
C ASP AA 215 -104.66 99.91 93.25
N ALA AA 216 -104.30 98.76 93.82
CA ALA AA 216 -104.26 97.50 93.08
C ALA AA 216 -105.55 96.70 93.24
N ARG AA 217 -106.68 97.38 93.44
CA ARG AA 217 -107.95 96.68 93.59
C ARG AA 217 -108.30 95.89 92.34
N ASP AA 218 -108.14 96.51 91.17
CA ASP AA 218 -108.55 95.88 89.92
C ASP AA 218 -107.77 94.60 89.63
N VAL AA 219 -106.57 94.44 90.20
CA VAL AA 219 -105.76 93.27 89.92
C VAL AA 219 -105.89 92.26 91.05
N LEU AA 220 -106.06 92.75 92.30
CA LEU AA 220 -106.23 91.82 93.41
C LEU AA 220 -107.61 91.17 93.40
N GLU AA 221 -108.61 91.84 92.85
CA GLU AA 221 -109.89 91.18 92.63
C GLU AA 221 -109.87 90.26 91.41
N ASN AA 222 -108.68 90.02 90.85
CA ASN AA 222 -108.49 89.06 89.76
C ASN AA 222 -109.38 89.41 88.55
N LYS AA 223 -109.56 90.70 88.31
CA LYS AA 223 -110.34 91.18 87.18
C LYS AA 223 -109.49 91.70 86.04
N LEU AA 224 -108.43 92.45 86.34
CA LEU AA 224 -107.60 93.04 85.30
C LEU AA 224 -106.98 91.97 84.42
N LEU AA 225 -106.32 90.99 85.03
CA LEU AA 225 -105.78 89.83 84.32
C LEU AA 225 -106.28 88.60 85.05
N PRO AA 226 -107.49 88.12 84.72
CA PRO AA 226 -108.06 86.97 85.43
C PRO AA 226 -107.16 85.75 85.40
N LEU AA 227 -106.66 85.35 86.56
CA LEU AA 227 -105.88 84.13 86.72
C LEU AA 227 -106.66 83.18 87.62
N ARG AA 228 -106.56 81.89 87.32
CA ARG AA 228 -107.42 80.91 87.98
C ARG AA 228 -107.20 80.89 89.49
N ARG AA 229 -105.94 80.90 89.93
CA ARG AA 229 -105.62 80.72 91.33
C ARG AA 229 -105.70 82.01 92.14
N GLY AA 230 -105.90 83.15 91.50
CA GLY AA 230 -106.00 84.41 92.20
C GLY AA 230 -104.64 85.02 92.49
N TYR AA 231 -104.68 86.25 92.98
CA TYR AA 231 -103.48 87.02 93.28
C TYR AA 231 -103.44 87.31 94.77
N ILE AA 232 -102.33 86.94 95.41
CA ILE AA 232 -102.14 87.16 96.83
C ILE AA 232 -101.23 88.36 97.01
N GLY AA 233 -101.67 89.33 97.83
CA GLY AA 233 -100.92 90.54 98.04
C GLY AA 233 -100.12 90.49 99.33
N VAL AA 234 -98.81 90.72 99.20
CA VAL AA 234 -97.93 90.66 100.36
C VAL AA 234 -97.18 91.99 100.46
N VAL AA 235 -96.75 92.30 101.69
CA VAL AA 235 -95.98 93.51 101.96
C VAL AA 235 -94.78 93.14 102.83
N ASN AA 236 -93.61 93.04 102.20
CA ASN AA 236 -92.41 92.61 102.88
C ASN AA 236 -91.77 93.77 103.64
N ARG AA 237 -90.54 93.59 104.09
CA ARG AA 237 -89.81 94.62 104.80
C ARG AA 237 -89.04 95.49 103.82
N SER AA 238 -89.15 96.80 103.99
CA SER AA 238 -88.46 97.73 103.12
C SER AA 238 -86.94 97.61 103.30
N GLN AA 239 -86.20 98.25 102.41
CA GLN AA 239 -84.74 98.22 102.51
C GLN AA 239 -84.26 98.88 103.79
N LYS AA 240 -84.92 99.97 104.20
CA LYS AA 240 -84.59 100.60 105.47
C LYS AA 240 -84.81 99.62 106.62
N ASP AA 241 -85.91 98.87 106.61
CA ASP AA 241 -86.16 97.90 107.66
C ASP AA 241 -85.12 96.78 107.62
N ILE AA 242 -84.71 96.36 106.43
CA ILE AA 242 -83.69 95.32 106.31
C ILE AA 242 -82.38 95.80 106.93
N ASP AA 243 -82.00 97.05 106.64
CA ASP AA 243 -80.78 97.59 107.23
C ASP AA 243 -80.93 97.77 108.75
N GLY AA 244 -82.12 98.10 109.21
CA GLY AA 244 -82.40 98.24 110.63
C GLY AA 244 -82.73 96.95 111.35
N LYS AA 245 -82.66 95.82 110.65
CA LYS AA 245 -82.87 94.50 111.24
C LYS AA 245 -84.27 94.37 111.85
N LYS AA 246 -85.29 94.71 111.07
CA LYS AA 246 -86.66 94.52 111.51
C LYS AA 246 -86.97 93.03 111.59
N ASP AA 247 -87.78 92.67 112.59
CA ASP AA 247 -88.09 91.28 112.87
C ASP AA 247 -89.40 90.86 112.20
N ILE AA 248 -89.50 89.56 111.95
CA ILE AA 248 -90.61 89.01 111.16
C ILE AA 248 -91.94 89.28 111.84
N THR AA 249 -92.00 89.13 113.16
CA THR AA 249 -93.28 89.25 113.85
C THR AA 249 -93.85 90.67 113.75
N ALA AA 250 -93.03 91.69 114.02
CA ALA AA 250 -93.52 93.05 113.91
C ALA AA 250 -93.75 93.43 112.46
N ALA AA 251 -92.96 92.87 111.53
CA ALA AA 251 -93.22 93.10 110.12
C ALA AA 251 -94.59 92.58 109.71
N LEU AA 252 -94.93 91.37 110.16
CA LEU AA 252 -96.25 90.81 109.86
C LEU AA 252 -97.36 91.62 110.52
N ALA AA 253 -97.13 92.08 111.75
CA ALA AA 253 -98.11 92.94 112.41
C ALA AA 253 -98.34 94.22 111.62
N ALA AA 254 -97.27 94.83 111.13
CA ALA AA 254 -97.40 96.04 110.33
C ALA AA 254 -98.13 95.75 109.02
N GLU AA 255 -97.85 94.61 108.39
CA GLU AA 255 -98.56 94.25 107.17
C GLU AA 255 -100.05 94.07 107.43
N ARG AA 256 -100.40 93.42 108.53
CA ARG AA 256 -101.81 93.27 108.88
C ARG AA 256 -102.46 94.63 109.14
N LYS AA 257 -101.74 95.52 109.83
CA LYS AA 257 -102.27 96.86 110.07
C LYS AA 257 -102.49 97.60 108.76
N PHE AA 258 -101.56 97.49 107.83
CA PHE AA 258 -101.71 98.16 106.54
C PHE AA 258 -102.91 97.64 105.77
N PHE AA 259 -103.08 96.31 105.76
CA PHE AA 259 -104.23 95.74 105.06
C PHE AA 259 -105.54 96.14 105.71
N LEU AA 260 -105.59 96.23 107.04
CA LEU AA 260 -106.81 96.67 107.71
C LEU AA 260 -107.07 98.16 107.56
N SER AA 261 -106.02 98.96 107.35
CA SER AA 261 -106.18 100.41 107.27
C SER AA 261 -106.43 100.92 105.87
N HIS AA 262 -105.91 100.24 104.85
CA HIS AA 262 -106.06 100.74 103.49
C HIS AA 262 -107.51 100.57 103.03
N PRO AA 263 -108.19 101.64 102.61
CA PRO AA 263 -109.61 101.52 102.24
C PRO AA 263 -109.85 100.62 101.05
N SER AA 264 -108.86 100.42 100.18
CA SER AA 264 -109.07 99.67 98.95
C SER AA 264 -108.73 98.19 99.09
N TYR AA 265 -108.35 97.73 100.29
CA TYR AA 265 -107.99 96.34 100.48
C TYR AA 265 -108.61 95.69 101.72
N ARG AA 266 -109.21 96.47 102.62
CA ARG AA 266 -109.70 95.90 103.88
C ARG AA 266 -110.77 94.84 103.63
N HIS AA 267 -111.55 94.97 102.57
CA HIS AA 267 -112.54 93.95 102.24
C HIS AA 267 -111.91 92.65 101.79
N LEU AA 268 -110.61 92.64 101.48
CA LEU AA 268 -109.89 91.43 101.13
C LEU AA 268 -108.72 91.15 102.07
N ALA AA 269 -108.68 91.82 103.22
CA ALA AA 269 -107.56 91.64 104.15
C ALA AA 269 -107.45 90.19 104.59
N ASP AA 270 -108.58 89.51 104.77
CA ASP AA 270 -108.55 88.11 105.18
C ASP AA 270 -107.85 87.25 104.13
N ARG AA 271 -108.13 87.49 102.86
CA ARG AA 271 -107.52 86.70 101.79
C ARG AA 271 -106.16 87.22 101.36
N MET AA 272 -105.72 88.36 101.87
CA MET AA 272 -104.40 88.88 101.56
C MET AA 272 -103.43 88.57 102.70
N GLY AA 273 -102.14 88.73 102.41
CA GLY AA 273 -101.12 88.54 103.42
C GLY AA 273 -100.32 87.27 103.19
N THR AA 274 -99.11 87.25 103.77
CA THR AA 274 -98.24 86.08 103.66
C THR AA 274 -98.84 84.82 104.27
N PRO AA 275 -99.46 84.83 105.45
CA PRO AA 275 -100.04 83.58 105.98
C PRO AA 275 -101.05 82.96 105.04
N TYR AA 276 -101.82 83.79 104.33
CA TYR AA 276 -102.75 83.22 103.35
C TYR AA 276 -102.00 82.54 102.22
N LEU AA 277 -100.87 83.10 101.79
CA LEU AA 277 -100.08 82.45 100.76
C LEU AA 277 -99.53 81.12 101.24
N GLN AA 278 -99.08 81.07 102.50
CA GLN AA 278 -98.65 79.79 103.06
C GLN AA 278 -99.80 78.79 103.07
N LYS AA 279 -100.99 79.24 103.45
CA LYS AA 279 -102.16 78.36 103.49
C LYS AA 279 -102.52 77.87 102.09
N VAL AA 280 -102.40 78.73 101.09
CA VAL AA 280 -102.73 78.33 99.72
C VAL AA 280 -101.72 77.32 99.19
N LEU AA 281 -100.44 77.52 99.48
CA LEU AA 281 -99.45 76.52 99.11
C LEU AA 281 -99.73 75.20 99.83
N ASN AA 282 -100.13 75.27 101.09
CA ASN AA 282 -100.50 74.05 101.81
C ASN AA 282 -101.67 73.36 101.14
N GLN AA 283 -102.66 74.13 100.68
CA GLN AA 283 -103.81 73.55 100.00
C GLN AA 283 -103.40 72.87 98.70
N GLN AA 284 -102.54 73.53 97.91
CA GLN AA 284 -102.09 72.93 96.67
C GLN AA 284 -101.31 71.65 96.92
N LEU AA 285 -100.45 71.66 97.93
CA LEU AA 285 -99.67 70.45 98.25
C LEU AA 285 -100.59 69.34 98.76
N THR AA 286 -101.61 69.70 99.53
CA THR AA 286 -102.59 68.70 99.98
C THR AA 286 -103.30 68.08 98.79
N ASN AA 287 -103.71 68.91 97.82
CA ASN AA 287 -104.38 68.38 96.64
C ASN AA 287 -103.44 67.59 95.74
N HIS AA 288 -102.13 67.81 95.85
CA HIS AA 288 -101.20 67.09 94.99
C HIS AA 288 -100.64 65.82 95.61
N ILE AA 289 -100.61 65.70 96.95
CA ILE AA 289 -100.09 64.49 97.56
C ILE AA 289 -101.03 63.31 97.30
N ARG AA 290 -102.34 63.56 97.30
CA ARG AA 290 -103.29 62.50 96.99
C ARG AA 290 -103.17 62.13 95.52
N ASP AA 291 -103.99 61.17 95.08
CA ASP AA 291 -103.90 60.43 93.82
C ASP AA 291 -102.79 59.38 93.96
N THR AA 292 -102.00 59.42 95.03
CA THR AA 292 -101.03 58.37 95.34
C THR AA 292 -101.28 57.71 96.68
N LEU AA 293 -102.07 58.32 97.56
CA LEU AA 293 -102.37 57.74 98.87
C LEU AA 293 -102.90 56.31 98.80
N PRO AA 294 -103.88 55.97 97.95
CA PRO AA 294 -104.33 54.58 97.92
C PRO AA 294 -103.21 53.60 97.61
N GLY AA 295 -102.26 53.98 96.75
CA GLY AA 295 -101.07 53.18 96.57
C GLY AA 295 -100.20 53.17 97.82
N LEU AA 296 -100.04 54.34 98.44
CA LEU AA 296 -99.17 54.44 99.61
C LEU AA 296 -99.84 53.89 100.86
N ARG AA 297 -101.14 54.08 101.01
CA ARG AA 297 -101.85 53.51 102.15
C ARG AA 297 -101.73 52.00 102.15
N ASN AA 298 -101.90 51.37 100.98
CA ASN AA 298 -101.65 49.93 100.88
C ASN AA 298 -100.17 49.61 101.08
N LYS AA 299 -99.29 50.46 100.54
CA LYS AA 299 -97.86 50.20 100.60
C LYS AA 299 -97.38 50.10 102.04
N LEU AA 300 -97.96 50.87 102.96
CA LEU AA 300 -97.61 50.71 104.36
C LEU AA 300 -98.63 49.89 105.15
N GLN AA 301 -99.81 49.62 104.59
CA GLN AA 301 -100.71 48.67 105.22
C GLN AA 301 -100.12 47.27 105.20
N SER AA 302 -99.49 46.88 104.09
CA SER AA 302 -98.78 45.61 104.05
C SER AA 302 -97.63 45.61 105.05
N GLN AA 303 -96.97 46.75 105.23
CA GLN AA 303 -95.94 46.87 106.25
C GLN AA 303 -96.51 46.61 107.64
N LEU AA 304 -97.66 47.20 107.94
CA LEU AA 304 -98.30 46.94 109.23
C LEU AA 304 -98.71 45.47 109.36
N LEU AA 305 -99.10 44.86 108.24
CA LEU AA 305 -99.45 43.44 108.25
C LEU AA 305 -98.25 42.58 108.64
N SER AA 306 -97.07 42.94 108.13
CA SER AA 306 -95.87 42.11 108.33
C SER AA 306 -95.41 42.08 109.79
N ILE AA 307 -95.96 42.97 110.61
CA ILE AA 307 -95.57 43.04 112.02
C ILE AA 307 -96.73 42.83 112.98
N GLU AA 308 -97.99 42.96 112.53
CA GLU AA 308 -99.12 42.79 113.45
C GLU AA 308 -99.10 41.45 114.18
N LYS AA 309 -98.51 40.42 113.57
CA LYS AA 309 -98.46 39.12 114.21
C LYS AA 309 -97.62 39.14 115.48
N GLU AA 310 -96.41 39.71 115.40
CA GLU AA 310 -95.55 39.81 116.57
C GLU AA 310 -96.02 40.88 117.54
N VAL AA 311 -96.72 41.91 117.02
CA VAL AA 311 -97.29 42.91 117.90
C VAL AA 311 -98.30 42.28 118.85
N GLU AA 312 -98.91 41.16 118.46
CA GLU AA 312 -99.82 40.46 119.36
C GLU AA 312 -99.10 39.98 120.62
N GLU AA 313 -97.94 39.37 120.46
CA GLU AA 313 -97.13 38.99 121.62
C GLU AA 313 -96.60 40.22 122.35
N TYR AA 314 -96.33 41.31 121.63
CA TYR AA 314 -95.70 42.46 122.27
C TYR AA 314 -96.63 43.44 122.97
N LYS AA 315 -97.95 43.45 122.70
CA LYS AA 315 -98.79 44.46 123.36
C LYS AA 315 -98.87 44.24 124.85
N ASN AA 316 -99.07 43.00 125.28
CA ASN AA 316 -99.26 42.69 126.70
C ASN AA 316 -98.19 41.67 127.08
N PHE AA 317 -97.00 42.19 127.38
CA PHE AA 317 -95.89 41.41 127.91
C PHE AA 317 -95.60 41.90 129.31
N ARG AA 318 -95.56 40.99 130.27
CA ARG AA 318 -95.15 41.32 131.62
C ARG AA 318 -94.06 40.35 132.06
N PRO AA 319 -92.95 40.83 132.61
CA PRO AA 319 -91.91 39.91 133.07
C PRO AA 319 -92.45 38.97 134.13
N ASP AA 320 -91.97 37.73 134.11
CA ASP AA 320 -92.31 36.63 135.02
C ASP AA 320 -93.66 35.99 134.69
N ASP AA 321 -94.24 36.27 133.53
CA ASP AA 321 -95.52 35.66 133.18
C ASP AA 321 -95.35 34.17 132.86
N PRO AA 322 -95.79 33.27 133.74
CA PRO AA 322 -95.55 31.84 133.51
C PRO AA 322 -96.20 31.33 132.23
N ALA AA 323 -97.39 31.84 131.89
CA ALA AA 323 -98.08 31.33 130.71
C ALA AA 323 -97.28 31.59 129.45
N ARG AA 324 -96.88 32.85 129.23
CA ARG AA 324 -96.09 33.15 128.04
C ARG AA 324 -94.74 32.47 128.09
N LYS AA 325 -94.09 32.43 129.26
CA LYS AA 325 -92.77 31.83 129.33
C LYS AA 325 -92.82 30.35 128.95
N THR AA 326 -93.74 29.60 129.55
CA THR AA 326 -93.83 28.17 129.26
C THR AA 326 -94.31 27.90 127.84
N LYS AA 327 -95.24 28.72 127.33
CA LYS AA 327 -95.66 28.54 125.94
C LYS AA 327 -94.51 28.75 124.97
N ALA AA 328 -93.70 29.80 125.22
CA ALA AA 328 -92.53 30.04 124.38
C ALA AA 328 -91.55 28.88 124.49
N LEU AA 329 -91.32 28.39 125.70
CA LEU AA 329 -90.41 27.26 125.88
C LEU AA 329 -90.87 26.05 125.09
N LEU AA 330 -92.17 25.74 125.17
CA LEU AA 330 -92.69 24.56 124.48
C LEU AA 330 -92.56 24.71 122.97
N GLN AA 331 -92.90 25.88 122.42
CA GLN AA 331 -92.79 26.02 120.98
C GLN AA 331 -91.33 26.03 120.52
N MET AA 332 -90.43 26.61 121.32
CA MET AA 332 -89.01 26.58 120.98
C MET AA 332 -88.50 25.15 120.92
N VAL AA 333 -88.87 24.34 121.92
CA VAL AA 333 -88.43 22.96 121.96
C VAL AA 333 -88.98 22.19 120.76
N GLN AA 334 -90.26 22.41 120.43
CA GLN AA 334 -90.85 21.69 119.30
C GLN AA 334 -90.16 22.04 117.99
N GLN AA 335 -89.87 23.33 117.78
CA GLN AA 335 -89.21 23.66 116.52
C GLN AA 335 -87.78 23.15 116.51
N PHE AA 336 -87.11 23.15 117.66
CA PHE AA 336 -85.76 22.57 117.72
C PHE AA 336 -85.79 21.10 117.29
N ALA AA 337 -86.74 20.34 117.84
CA ALA AA 337 -86.84 18.94 117.45
C ALA AA 337 -87.05 18.82 115.95
N VAL AA 338 -88.13 19.40 115.44
CA VAL AA 338 -88.48 19.19 114.03
C VAL AA 338 -87.36 19.67 113.12
N ASP AA 339 -86.63 20.71 113.53
CA ASP AA 339 -85.46 21.14 112.79
C ASP AA 339 -84.38 20.06 112.82
N PHE AA 340 -84.19 19.42 113.97
CA PHE AA 340 -83.17 18.37 114.06
C PHE AA 340 -83.47 17.21 113.12
N GLU AA 341 -84.73 16.72 113.12
CA GLU AA 341 -85.04 15.66 112.16
C GLU AA 341 -84.96 16.16 110.72
N LYS AA 342 -85.30 17.44 110.48
CA LYS AA 342 -85.17 17.97 109.13
C LYS AA 342 -83.73 17.95 108.67
N ARG AA 343 -82.79 18.25 109.58
CA ARG AA 343 -81.39 18.30 109.21
C ARG AA 343 -80.71 16.94 109.21
N ILE AA 344 -81.28 15.95 109.91
CA ILE AA 344 -80.65 14.64 109.94
C ILE AA 344 -81.30 13.71 108.92
N GLU AA 345 -82.59 13.41 109.10
CA GLU AA 345 -83.26 12.54 108.13
C GLU AA 345 -83.52 13.24 106.81
N GLY AA 346 -83.42 14.56 106.77
CA GLY AA 346 -83.74 15.28 105.55
C GLY AA 346 -85.21 15.22 105.18
N SER AA 347 -86.10 15.32 106.16
CA SER AA 347 -87.53 15.35 105.88
C SER AA 347 -87.84 16.51 104.95
N GLY AA 348 -88.57 16.22 103.87
CA GLY AA 348 -88.71 17.20 102.82
C GLY AA 348 -89.53 18.42 103.16
N ASP AA 349 -88.84 19.54 103.38
CA ASP AA 349 -89.40 20.89 103.38
C ASP AA 349 -88.24 21.85 103.62
N GLN AA 350 -88.41 23.08 103.12
CA GLN AA 350 -87.50 24.22 103.35
C GLN AA 350 -86.03 23.81 103.33
N ILE AA 351 -85.65 22.95 102.38
CA ILE AA 351 -84.34 22.34 102.37
C ILE AA 351 -83.32 23.34 101.82
N ASP AA 352 -82.27 23.57 102.59
CA ASP AA 352 -81.16 24.38 102.10
C ASP AA 352 -80.44 23.64 100.98
N THR AA 353 -80.13 24.37 99.91
CA THR AA 353 -79.42 23.83 98.76
C THR AA 353 -78.10 24.55 98.55
N TYR AA 354 -77.50 25.05 99.63
CA TYR AA 354 -76.28 25.85 99.56
C TYR AA 354 -75.05 25.11 100.07
N GLU AA 355 -75.22 24.23 101.06
CA GLU AA 355 -74.15 23.40 101.59
C GLU AA 355 -74.48 21.93 101.34
N LEU AA 356 -73.48 21.07 101.54
CA LEU AA 356 -73.73 19.64 101.40
C LEU AA 356 -74.79 19.16 102.36
N SER AA 357 -74.76 19.66 103.60
CA SER AA 357 -75.84 19.53 104.57
C SER AA 357 -75.40 20.25 105.83
N GLY AA 358 -76.33 20.34 106.78
CA GLY AA 358 -75.98 20.74 108.13
C GLY AA 358 -75.27 19.59 108.81
N GLY AA 359 -75.94 18.44 108.89
CA GLY AA 359 -75.32 17.25 109.43
C GLY AA 359 -75.71 15.95 108.79
N ALA AA 360 -76.28 16.00 107.59
CA ALA AA 360 -76.81 14.78 106.97
C ALA AA 360 -75.81 14.13 106.02
N ARG AA 361 -75.43 14.83 104.95
CA ARG AA 361 -74.43 14.29 104.04
C ARG AA 361 -73.00 14.46 104.55
N ILE AA 362 -72.73 15.44 105.42
CA ILE AA 362 -71.44 15.43 106.08
C ILE AA 362 -71.29 14.16 106.93
N ASN AA 363 -72.41 13.47 107.22
CA ASN AA 363 -72.40 12.22 107.98
C ASN AA 363 -72.41 11.00 107.06
N ARG AA 364 -73.31 10.98 106.07
CA ARG AA 364 -73.26 9.92 105.07
C ARG AA 364 -71.89 9.82 104.40
N ILE AA 365 -71.23 10.95 104.14
CA ILE AA 365 -69.93 10.87 103.52
C ILE AA 365 -68.93 10.26 104.49
N PHE AA 366 -69.14 10.40 105.79
CA PHE AA 366 -68.35 9.63 106.74
C PHE AA 366 -68.59 8.13 106.54
N HIS AA 367 -69.87 7.74 106.51
CA HIS AA 367 -70.17 6.31 106.42
C HIS AA 367 -69.65 5.64 105.14
N GLU AA 368 -69.68 6.34 104.00
CA GLU AA 368 -69.13 5.79 102.77
C GLU AA 368 -67.87 6.52 102.29
N ARG AA 369 -67.11 7.09 103.21
CA ARG AA 369 -65.72 7.50 102.98
C ARG AA 369 -64.74 6.80 103.90
N PHE AA 370 -65.19 6.42 105.10
CA PHE AA 370 -64.45 5.56 106.04
C PHE AA 370 -63.76 4.38 105.35
N PRO AA 371 -64.34 3.78 104.31
CA PRO AA 371 -63.55 2.84 103.50
C PRO AA 371 -62.22 3.38 103.02
N PHE AA 372 -62.11 4.71 102.83
CA PHE AA 372 -60.79 5.26 102.53
C PHE AA 372 -59.83 5.03 103.67
N GLU AA 373 -60.29 5.18 104.92
CA GLU AA 373 -59.43 4.87 106.06
C GLU AA 373 -59.05 3.40 106.08
N LEU AA 374 -60.03 2.52 105.88
CA LEU AA 374 -59.72 1.09 105.94
C LEU AA 374 -58.71 0.70 104.87
N VAL AA 375 -58.85 1.25 103.66
CA VAL AA 375 -57.86 0.99 102.63
C VAL AA 375 -56.52 1.62 102.99
N LYS AA 376 -56.55 2.81 103.58
CA LYS AA 376 -55.33 3.51 103.98
C LYS AA 376 -54.62 2.81 105.12
N MET AA 377 -55.22 1.78 105.70
CA MET AA 377 -54.47 0.91 106.58
C MET AA 377 -53.27 0.33 105.83
N GLU AA 378 -52.32 -0.24 106.58
CA GLU AA 378 -50.97 -0.50 106.09
C GLU AA 378 -50.88 -1.17 104.71
N PHE AA 379 -51.34 -2.41 104.58
CA PHE AA 379 -51.40 -3.15 103.31
C PHE AA 379 -50.09 -3.16 102.51
N ASP AA 380 -48.96 -2.74 103.08
CA ASP AA 380 -47.74 -2.60 102.29
C ASP AA 380 -46.53 -3.24 102.99
N GLU AA 381 -46.35 -4.54 102.76
CA GLU AA 381 -45.16 -5.29 103.14
C GLU AA 381 -45.16 -6.63 102.40
N LYS AA 382 -43.96 -7.14 102.17
CA LYS AA 382 -43.72 -8.56 101.99
C LYS AA 382 -43.25 -9.23 103.26
N GLU AA 383 -43.02 -8.44 104.32
CA GLU AA 383 -42.69 -8.98 105.63
C GLU AA 383 -43.79 -9.89 106.16
N LEU AA 384 -45.02 -9.74 105.65
CA LEU AA 384 -46.10 -10.63 106.02
C LEU AA 384 -45.75 -12.08 105.72
N ARG AA 385 -45.02 -12.33 104.62
CA ARG AA 385 -44.64 -13.69 104.29
C ARG AA 385 -43.74 -14.30 105.35
N ARG AA 386 -42.74 -13.54 105.82
CA ARG AA 386 -41.93 -14.00 106.93
C ARG AA 386 -42.77 -14.17 108.19
N GLU AA 387 -43.70 -13.25 108.40
CA GLU AA 387 -44.54 -13.28 109.59
C GLU AA 387 -45.38 -14.54 109.65
N ILE AA 388 -45.83 -15.02 108.49
CA ILE AA 388 -46.64 -16.23 108.47
C ILE AA 388 -45.77 -17.49 108.38
N SER AA 389 -44.57 -17.38 107.81
CA SER AA 389 -43.64 -18.50 107.83
C SER AA 389 -43.24 -18.85 109.25
N TYR AA 390 -43.03 -17.85 110.10
CA TYR AA 390 -42.74 -18.14 111.51
C TYR AA 390 -43.92 -18.83 112.18
N ALA AA 391 -45.15 -18.43 111.82
CA ALA AA 391 -46.32 -19.11 112.38
C ALA AA 391 -46.35 -20.57 111.95
N ILE AA 392 -46.07 -20.83 110.67
CA ILE AA 392 -45.92 -22.21 110.19
C ILE AA 392 -44.90 -22.95 111.04
N LYS AA 393 -43.74 -22.34 111.25
CA LYS AA 393 -42.65 -23.03 111.91
C LYS AA 393 -42.86 -23.19 113.41
N ASN AA 394 -43.79 -22.44 113.99
CA ASN AA 394 -44.11 -22.62 115.40
C ASN AA 394 -45.24 -23.62 115.64
N ILE AA 395 -46.26 -23.64 114.78
CA ILE AA 395 -47.30 -24.65 114.95
C ILE AA 395 -46.98 -25.97 114.29
N HIS AA 396 -45.88 -26.06 113.54
CA HIS AA 396 -45.29 -27.34 113.19
C HIS AA 396 -44.18 -27.71 114.16
N GLY AA 397 -44.38 -27.34 115.42
CA GLY AA 397 -43.33 -27.28 116.43
C GLY AA 397 -42.29 -28.37 116.40
N ILE AA 398 -42.72 -29.63 116.49
CA ILE AA 398 -41.83 -30.78 116.47
C ILE AA 398 -42.11 -31.69 115.29
N ARG AA 399 -43.38 -32.04 115.09
CA ARG AA 399 -43.77 -32.92 114.00
C ARG AA 399 -43.43 -32.27 112.67
N THR AA 400 -43.50 -33.05 111.59
CA THR AA 400 -42.82 -32.64 110.38
C THR AA 400 -43.56 -33.08 109.14
N GLY AA 401 -43.26 -32.38 108.04
CA GLY AA 401 -43.48 -32.84 106.69
C GLY AA 401 -44.91 -32.91 106.22
N LEU AA 402 -45.84 -32.30 106.94
CA LEU AA 402 -47.25 -32.37 106.54
C LEU AA 402 -47.69 -31.08 105.86
N PHE AA 403 -48.87 -31.17 105.26
CA PHE AA 403 -49.30 -30.32 104.15
C PHE AA 403 -49.17 -28.83 104.45
N THR AA 404 -50.03 -28.33 105.34
CA THR AA 404 -50.17 -26.94 105.79
C THR AA 404 -51.05 -26.93 107.03
N PRO AA 405 -50.68 -26.17 108.04
CA PRO AA 405 -51.55 -26.00 109.21
C PRO AA 405 -52.51 -24.82 109.06
N ASP AA 406 -53.79 -25.03 109.36
CA ASP AA 406 -54.78 -23.98 109.16
C ASP AA 406 -54.69 -22.91 110.24
N MET AA 407 -54.23 -23.26 111.43
CA MET AA 407 -54.20 -22.22 112.45
C MET AA 407 -53.15 -21.16 112.13
N ALA AA 408 -52.25 -21.40 111.19
CA ALA AA 408 -51.41 -20.32 110.68
C ALA AA 408 -52.26 -19.22 110.06
N PHE AA 409 -53.14 -19.60 109.13
CA PHE AA 409 -54.11 -18.67 108.58
C PHE AA 409 -54.93 -18.02 109.68
N GLU AA 410 -55.34 -18.83 110.67
CA GLU AA 410 -56.13 -18.30 111.78
C GLU AA 410 -55.38 -17.18 112.50
N THR AA 411 -54.15 -17.45 112.92
CA THR AA 411 -53.39 -16.49 113.70
C THR AA 411 -53.09 -15.24 112.88
N ILE AA 412 -52.81 -15.41 111.60
CA ILE AA 412 -52.47 -14.25 110.79
C ILE AA 412 -53.68 -13.36 110.57
N VAL AA 413 -54.86 -13.94 110.31
CA VAL AA 413 -56.02 -13.07 110.18
C VAL AA 413 -56.38 -12.45 111.52
N LYS AA 414 -56.19 -13.17 112.63
CA LYS AA 414 -56.42 -12.55 113.93
C LYS AA 414 -55.49 -11.40 114.20
N LYS AA 415 -54.27 -11.45 113.67
CA LYS AA 415 -53.34 -10.34 113.79
C LYS AA 415 -53.67 -9.19 112.85
N GLN AA 416 -54.21 -9.50 111.66
CA GLN AA 416 -54.54 -8.46 110.70
C GLN AA 416 -55.79 -7.69 111.11
N VAL AA 417 -56.81 -8.37 111.62
CA VAL AA 417 -58.07 -7.70 111.95
C VAL AA 417 -58.08 -7.11 113.35
N LYS AA 418 -56.98 -7.21 114.09
CA LYS AA 418 -56.91 -6.54 115.38
C LYS AA 418 -56.56 -5.07 115.25
N LYS AA 419 -56.07 -4.63 114.09
CA LYS AA 419 -55.79 -3.23 113.86
C LYS AA 419 -56.93 -2.50 113.15
N ILE AA 420 -58.02 -3.20 112.82
CA ILE AA 420 -59.23 -2.53 112.37
C ILE AA 420 -59.85 -1.75 113.51
N ARG AA 421 -59.46 -2.04 114.75
CA ARG AA 421 -60.05 -1.41 115.91
C ARG AA 421 -59.81 0.10 115.95
N GLU AA 422 -58.76 0.59 115.29
CA GLU AA 422 -58.48 2.02 115.32
C GLU AA 422 -59.33 2.81 114.33
N PRO AA 423 -59.42 2.41 113.05
CA PRO AA 423 -60.25 3.20 112.11
C PRO AA 423 -61.71 3.28 112.51
N CYS AA 424 -62.28 2.22 113.08
CA CYS AA 424 -63.69 2.26 113.47
C CYS AA 424 -63.92 3.26 114.59
N LEU AA 425 -63.05 3.26 115.60
CA LEU AA 425 -63.15 4.25 116.67
C LEU AA 425 -62.92 5.65 116.13
N LYS AA 426 -62.02 5.81 115.16
CA LYS AA 426 -61.82 7.12 114.54
C LYS AA 426 -63.07 7.59 113.82
N CYS AA 427 -63.76 6.69 113.11
CA CYS AA 427 -65.00 7.06 112.46
C CYS AA 427 -66.08 7.43 113.48
N VAL AA 428 -66.13 6.71 114.60
CA VAL AA 428 -67.07 7.07 115.65
C VAL AA 428 -66.77 8.46 116.18
N ASP AA 429 -65.49 8.77 116.37
CA ASP AA 429 -65.10 10.11 116.80
C ASP AA 429 -65.51 11.16 115.77
N MET AA 430 -65.34 10.86 114.48
CA MET AA 430 -65.74 11.81 113.45
C MET AA 430 -67.25 12.05 113.45
N VAL AA 431 -68.03 10.98 113.59
CA VAL AA 431 -69.48 11.14 113.65
C VAL AA 431 -69.87 11.98 114.86
N ILE AA 432 -69.24 11.73 116.01
CA ILE AA 432 -69.47 12.58 117.18
C ILE AA 432 -69.16 14.03 116.86
N SER AA 433 -67.97 14.29 116.30
CA SER AA 433 -67.54 15.66 116.07
C SER AA 433 -68.41 16.36 115.05
N GLU AA 434 -69.10 15.62 114.19
CA GLU AA 434 -69.94 16.27 113.19
C GLU AA 434 -71.36 16.49 113.72
N LEU AA 435 -71.94 15.49 114.36
CA LEU AA 435 -73.28 15.65 114.90
C LEU AA 435 -73.32 16.68 116.02
N ILE AA 436 -72.28 16.71 116.85
CA ILE AA 436 -72.30 17.66 117.97
C ILE AA 436 -72.16 19.09 117.47
N SER AA 437 -71.61 19.27 116.27
CA SER AA 437 -71.58 20.58 115.64
C SER AA 437 -72.89 20.89 114.93
N THR AA 438 -73.55 19.88 114.38
CA THR AA 438 -74.87 20.11 113.78
C THR AA 438 -75.90 20.52 114.82
N VAL AA 439 -75.82 19.94 116.03
CA VAL AA 439 -76.69 20.39 117.12
C VAL AA 439 -76.46 21.88 117.40
N ARG AA 440 -75.20 22.31 117.43
CA ARG AA 440 -74.91 23.72 117.61
C ARG AA 440 -75.47 24.54 116.45
N GLN AA 441 -75.36 24.02 115.23
CA GLN AA 441 -75.86 24.74 114.06
C GLN AA 441 -77.37 24.93 114.12
N CYS AA 442 -78.09 23.98 114.70
CA CYS AA 442 -79.54 24.07 114.79
C CYS AA 442 -80.02 24.66 116.11
N THR AA 443 -79.11 24.97 117.02
CA THR AA 443 -79.48 25.72 118.22
C THR AA 443 -79.04 27.18 118.21
N LYS AA 444 -77.99 27.53 117.47
CA LYS AA 444 -77.50 28.90 117.50
C LYS AA 444 -78.46 29.85 116.80
N LYS AA 445 -79.08 29.41 115.70
CA LYS AA 445 -79.81 30.33 114.84
C LYS AA 445 -81.29 30.44 115.22
N LEU AA 446 -81.90 29.35 115.67
CA LEU AA 446 -83.28 29.44 116.12
C LEU AA 446 -83.40 30.15 117.46
N GLN AA 447 -82.45 29.92 118.35
CA GLN AA 447 -82.54 30.42 119.72
C GLN AA 447 -81.90 31.80 119.81
N GLN AA 448 -82.73 32.84 119.79
CA GLN AA 448 -82.27 34.15 120.21
C GLN AA 448 -82.06 34.19 121.71
N TYR AA 449 -82.75 33.32 122.44
CA TYR AA 449 -82.72 33.36 123.90
C TYR AA 449 -81.31 33.05 124.41
N PRO AA 450 -80.83 33.78 125.40
CA PRO AA 450 -79.63 33.35 126.10
C PRO AA 450 -79.97 32.31 127.17
N ARG AA 451 -79.00 31.43 127.39
CA ARG AA 451 -79.04 30.38 128.40
C ARG AA 451 -80.00 29.25 128.00
N LEU AA 452 -80.85 29.49 127.01
CA LEU AA 452 -81.68 28.42 126.47
C LEU AA 452 -81.08 27.80 125.22
N ARG AA 453 -80.12 28.47 124.59
CA ARG AA 453 -79.20 27.83 123.68
C ARG AA 453 -78.01 27.23 124.41
N GLU AA 454 -77.94 27.42 125.72
CA GLU AA 454 -76.89 26.85 126.54
C GLU AA 454 -77.35 25.58 127.24
N GLU AA 455 -78.48 25.63 127.95
CA GLU AA 455 -79.00 24.43 128.60
C GLU AA 455 -79.36 23.36 127.57
N MET AA 456 -79.95 23.76 126.45
CA MET AA 456 -80.32 22.81 125.41
C MET AA 456 -79.09 22.12 124.84
N GLU AA 457 -78.08 22.90 124.46
CA GLU AA 457 -76.84 22.33 123.94
C GLU AA 457 -76.18 21.44 124.98
N ARG AA 458 -76.14 21.88 126.23
CA ARG AA 458 -75.52 21.09 127.28
C ARG AA 458 -76.20 19.73 127.42
N ILE AA 459 -77.53 19.72 127.52
CA ILE AA 459 -78.25 18.47 127.72
C ILE AA 459 -78.05 17.54 126.53
N VAL AA 460 -78.24 18.06 125.32
CA VAL AA 460 -78.14 17.20 124.14
C VAL AA 460 -76.72 16.66 123.99
N THR AA 461 -75.71 17.51 124.21
CA THR AA 461 -74.33 17.09 124.05
C THR AA 461 -73.93 16.08 125.13
N THR AA 462 -74.43 16.25 126.35
CA THR AA 462 -74.15 15.25 127.39
C THR AA 462 -74.78 13.91 127.04
N HIS AA 463 -75.99 13.93 126.47
CA HIS AA 463 -76.60 12.68 126.05
C HIS AA 463 -75.78 12.02 124.94
N ILE AA 464 -75.30 12.82 123.99
CA ILE AA 464 -74.50 12.27 122.90
C ILE AA 464 -73.20 11.67 123.41
N ARG AA 465 -72.53 12.37 124.33
CA ARG AA 465 -71.29 11.86 124.89
C ARG AA 465 -71.51 10.73 125.88
N GLU AA 466 -72.74 10.55 126.35
CA GLU AA 466 -73.08 9.33 127.07
C GLU AA 466 -73.25 8.16 126.10
N ARG AA 467 -73.83 8.43 124.92
CA ARG AA 467 -74.04 7.36 123.96
C ARG AA 467 -72.74 6.94 123.27
N GLU AA 468 -71.75 7.83 123.21
CA GLU AA 468 -70.51 7.47 122.51
C GLU AA 468 -69.81 6.31 123.23
N GLY AA 469 -69.90 6.25 124.55
CA GLY AA 469 -69.33 5.13 125.26
C GLY AA 469 -69.97 3.81 124.87
N ARG AA 470 -71.30 3.78 124.82
CA ARG AA 470 -71.99 2.55 124.44
C ARG AA 470 -71.66 2.14 123.01
N THR AA 471 -71.62 3.10 122.09
CA THR AA 471 -71.36 2.71 120.71
C THR AA 471 -69.91 2.26 120.51
N LYS AA 472 -68.96 2.88 121.22
CA LYS AA 472 -67.59 2.40 121.15
C LYS AA 472 -67.47 1.01 121.75
N GLU AA 473 -68.18 0.75 122.85
CA GLU AA 473 -68.19 -0.60 123.42
C GLU AA 473 -68.74 -1.60 122.42
N GLN AA 474 -69.81 -1.27 121.73
CA GLN AA 474 -70.39 -2.20 120.78
C GLN AA 474 -69.47 -2.42 119.58
N VAL AA 475 -68.76 -1.38 119.14
CA VAL AA 475 -67.82 -1.58 118.04
C VAL AA 475 -66.67 -2.49 118.47
N MET AA 476 -66.13 -2.27 119.67
CA MET AA 476 -65.07 -3.13 120.17
C MET AA 476 -65.56 -4.57 120.29
N LEU AA 477 -66.79 -4.76 120.77
CA LEU AA 477 -67.31 -6.11 120.93
C LEU AA 477 -67.61 -6.75 119.58
N LEU AA 478 -67.96 -5.96 118.57
CA LEU AA 478 -68.07 -6.50 117.21
C LEU AA 478 -66.73 -7.00 116.72
N ILE AA 479 -65.67 -6.24 116.96
CA ILE AA 479 -64.34 -6.70 116.57
C ILE AA 479 -63.98 -7.98 117.32
N ASP AA 480 -64.25 -8.01 118.63
CA ASP AA 480 -63.95 -9.20 119.42
C ASP AA 480 -64.80 -10.40 119.04
N ILE AA 481 -65.97 -10.18 118.44
CA ILE AA 481 -66.70 -11.29 117.83
C ILE AA 481 -66.04 -11.72 116.54
N GLU AA 482 -65.56 -10.79 115.74
CA GLU AA 482 -64.92 -11.18 114.48
C GLU AA 482 -63.56 -11.83 114.69
N LEU AA 483 -63.02 -11.76 115.90
CA LEU AA 483 -61.87 -12.59 116.30
C LEU AA 483 -62.29 -13.86 117.03
N ALA AA 484 -63.36 -14.53 116.61
CA ALA AA 484 -63.79 -15.74 117.32
C ALA AA 484 -63.82 -16.99 116.47
N TYR AA 485 -64.33 -16.93 115.24
CA TYR AA 485 -64.53 -18.18 114.53
C TYR AA 485 -63.76 -18.26 113.22
N MET AA 486 -63.63 -17.16 112.48
CA MET AA 486 -62.89 -17.12 111.23
C MET AA 486 -63.46 -18.12 110.22
N ASN AA 487 -64.69 -17.85 109.81
CA ASN AA 487 -65.43 -18.80 108.99
C ASN AA 487 -64.77 -18.99 107.63
N THR AA 488 -65.01 -20.14 107.03
CA THR AA 488 -64.56 -20.45 105.69
C THR AA 488 -65.70 -20.94 104.80
N ASN AA 489 -66.84 -21.29 105.37
CA ASN AA 489 -68.00 -21.68 104.58
C ASN AA 489 -68.60 -20.54 103.78
N HIS AA 490 -68.16 -19.31 104.04
CA HIS AA 490 -68.65 -18.14 103.30
C HIS AA 490 -68.08 -18.16 101.89
N GLU AA 491 -68.33 -17.11 101.13
CA GLU AA 491 -67.98 -17.02 99.72
C GLU AA 491 -66.50 -16.77 99.47
N ASP AA 492 -65.59 -16.90 100.43
CA ASP AA 492 -64.17 -16.95 100.11
C ASP AA 492 -63.85 -18.29 99.46
N PHE AA 493 -63.00 -18.26 98.45
CA PHE AA 493 -62.65 -19.48 97.74
C PHE AA 493 -61.60 -20.26 98.52
N ILE AA 494 -61.82 -21.57 98.63
CA ILE AA 494 -60.92 -22.43 99.39
C ILE AA 494 -59.79 -22.95 98.51
N ASP AA 652 -36.68 -23.40 98.60
CA ASP AA 652 -38.14 -23.42 98.62
C ASP AA 652 -38.68 -24.76 99.11
N PRO AA 653 -38.34 -25.14 100.35
CA PRO AA 653 -38.76 -26.45 100.84
C PRO AA 653 -40.23 -26.45 101.23
N GLN AA 654 -41.09 -26.56 100.22
CA GLN AA 654 -42.55 -26.49 100.39
C GLN AA 654 -42.97 -25.11 100.87
N LEU AA 655 -42.01 -24.23 101.12
CA LEU AA 655 -42.34 -22.90 101.61
C LEU AA 655 -43.03 -22.08 100.52
N GLU AA 656 -42.46 -22.04 99.32
CA GLU AA 656 -43.10 -21.30 98.24
C GLU AA 656 -44.45 -21.90 97.85
N ARG AA 657 -44.84 -23.02 98.47
CA ARG AA 657 -46.17 -23.59 98.31
C ARG AA 657 -47.09 -23.26 99.48
N GLN AA 658 -46.55 -23.22 100.70
CA GLN AA 658 -47.37 -22.99 101.89
C GLN AA 658 -47.53 -21.51 102.20
N VAL AA 659 -46.43 -20.75 102.21
CA VAL AA 659 -46.48 -19.34 102.58
C VAL AA 659 -47.34 -18.56 101.58
N GLU AA 660 -47.18 -18.85 100.28
CA GLU AA 660 -47.95 -18.13 99.27
C GLU AA 660 -49.43 -18.47 99.36
N THR AA 661 -49.75 -19.75 99.60
CA THR AA 661 -51.14 -20.14 99.77
C THR AA 661 -51.76 -19.45 100.98
N ILE AA 662 -51.02 -19.40 102.09
CA ILE AA 662 -51.54 -18.74 103.28
C ILE AA 662 -51.77 -17.27 103.01
N ARG AA 663 -50.85 -16.61 102.30
CA ARG AA 663 -51.04 -15.20 101.97
C ARG AA 663 -52.26 -14.99 101.09
N ASN AA 664 -52.42 -15.83 100.06
CA ASN AA 664 -53.52 -15.67 99.13
C ASN AA 664 -54.85 -16.07 99.73
N LEU AA 665 -54.85 -16.75 100.88
CA LEU AA 665 -56.10 -16.96 101.60
C LEU AA 665 -56.36 -15.88 102.64
N VAL AA 666 -55.31 -15.35 103.27
CA VAL AA 666 -55.48 -14.23 104.18
C VAL AA 666 -56.05 -13.04 103.45
N ASP AA 667 -55.56 -12.76 102.24
CA ASP AA 667 -56.13 -11.67 101.46
C ASP AA 667 -57.59 -11.93 101.11
N SER AA 668 -57.91 -13.17 100.72
CA SER AA 668 -59.27 -13.51 100.35
C SER AA 668 -60.23 -13.43 101.52
N TYR AA 669 -59.74 -13.58 102.75
CA TYR AA 669 -60.61 -13.39 103.91
C TYR AA 669 -60.59 -11.96 104.43
N MET AA 670 -59.50 -11.21 104.21
CA MET AA 670 -59.51 -9.79 104.56
C MET AA 670 -60.50 -9.03 103.70
N ALA AA 671 -60.63 -9.41 102.43
CA ALA AA 671 -61.68 -8.80 101.61
C ALA AA 671 -63.04 -8.94 102.28
N ILE AA 672 -63.37 -10.15 102.73
CA ILE AA 672 -64.69 -10.40 103.30
C ILE AA 672 -64.86 -9.70 104.65
N VAL AA 673 -63.84 -9.74 105.51
CA VAL AA 673 -64.00 -9.10 106.82
C VAL AA 673 -64.10 -7.58 106.66
N ASN AA 674 -63.34 -7.01 105.73
CA ASN AA 674 -63.46 -5.59 105.46
C ASN AA 674 -64.84 -5.25 104.94
N LYS AA 675 -65.38 -6.07 104.03
CA LYS AA 675 -66.72 -5.81 103.52
C LYS AA 675 -67.77 -5.88 104.63
N THR AA 676 -67.68 -6.89 105.48
CA THR AA 676 -68.69 -7.06 106.52
C THR AA 676 -68.46 -6.17 107.73
N VAL AA 677 -67.37 -5.41 107.78
CA VAL AA 677 -67.26 -4.39 108.80
C VAL AA 677 -67.71 -3.05 108.22
N ARG AA 678 -67.46 -2.83 106.92
CA ARG AA 678 -67.94 -1.60 106.30
C ARG AA 678 -69.46 -1.60 106.17
N ASP AA 679 -70.06 -2.76 105.93
CA ASP AA 679 -71.50 -2.84 105.80
C ASP AA 679 -72.22 -2.80 107.15
N LEU AA 680 -71.50 -2.99 108.25
CA LEU AA 680 -72.12 -3.11 109.56
C LEU AA 680 -71.77 -2.00 110.55
N MET AA 681 -70.66 -1.29 110.35
CA MET AA 681 -70.26 -0.31 111.34
C MET AA 681 -71.15 0.94 111.29
N PRO AA 682 -71.59 1.42 110.12
CA PRO AA 682 -72.62 2.47 110.14
C PRO AA 682 -73.88 2.08 110.88
N LYS AA 683 -74.34 0.83 110.72
CA LYS AA 683 -75.59 0.43 111.35
C LYS AA 683 -75.50 0.48 112.87
N THR AA 684 -74.40 0.02 113.45
CA THR AA 684 -74.31 -0.03 114.89
C THR AA 684 -74.26 1.36 115.51
N ILE AA 685 -73.47 2.26 114.93
CA ILE AA 685 -73.41 3.62 115.47
C ILE AA 685 -74.75 4.30 115.28
N MET AA 686 -75.43 4.04 114.16
CA MET AA 686 -76.66 4.77 113.90
C MET AA 686 -77.88 4.14 114.54
N HIS AA 687 -77.73 2.96 115.13
CA HIS AA 687 -78.73 2.44 116.05
C HIS AA 687 -78.47 2.80 117.50
N LEU AA 688 -77.22 2.96 117.91
CA LEU AA 688 -76.94 3.26 119.30
C LEU AA 688 -76.83 4.75 119.59
N MET AA 689 -76.57 5.57 118.57
CA MET AA 689 -76.36 7.00 118.76
C MET AA 689 -77.40 7.84 118.05
N ILE AA 690 -77.52 7.69 116.73
CA ILE AA 690 -78.40 8.56 115.95
C ILE AA 690 -79.85 8.36 116.37
N ASN AA 691 -80.35 7.14 116.17
CA ASN AA 691 -81.74 6.83 116.46
C ASN AA 691 -82.02 6.69 117.94
N ASN AA 692 -81.07 7.01 118.80
CA ASN AA 692 -81.33 7.12 120.22
C ASN AA 692 -81.30 8.55 120.72
N THR AA 693 -80.35 9.37 120.27
CA THR AA 693 -80.42 10.79 120.59
C THR AA 693 -81.59 11.45 119.90
N LYS AA 694 -81.99 10.96 118.73
CA LYS AA 694 -83.17 11.49 118.07
C LYS AA 694 -84.42 11.18 118.88
N GLU AA 695 -84.53 9.95 119.39
CA GLU AA 695 -85.66 9.60 120.24
C GLU AA 695 -85.63 10.40 121.54
N PHE AA 696 -84.43 10.63 122.08
CA PHE AA 696 -84.30 11.45 123.28
C PHE AA 696 -84.80 12.87 123.02
N ILE AA 697 -84.47 13.42 121.86
CA ILE AA 697 -84.96 14.74 121.46
C ILE AA 697 -86.49 14.74 121.37
N PHE AA 698 -87.08 13.70 120.77
CA PHE AA 698 -88.54 13.61 120.79
C PHE AA 698 -89.11 13.61 122.20
N SER AA 699 -88.62 12.72 123.05
CA SER AA 699 -89.44 12.28 124.17
C SER AA 699 -88.89 12.57 125.56
N GLU AA 700 -87.74 13.22 125.69
CA GLU AA 700 -87.23 13.49 127.02
C GLU AA 700 -86.64 14.89 127.20
N LEU AA 701 -86.45 15.65 126.12
CA LEU AA 701 -85.74 16.92 126.23
C LEU AA 701 -86.49 17.91 127.12
N LEU AA 702 -87.81 17.98 126.99
CA LEU AA 702 -88.56 18.92 127.81
C LEU AA 702 -88.57 18.50 129.28
N ALA AA 703 -88.62 17.20 129.55
CA ALA AA 703 -88.74 16.73 130.92
C ALA AA 703 -87.54 17.16 131.77
N ASN AA 704 -86.34 16.99 131.25
CA ASN AA 704 -85.16 17.41 132.00
C ASN AA 704 -84.82 18.87 131.76
N LEU AA 705 -85.31 19.47 130.66
CA LEU AA 705 -85.12 20.90 130.47
C LEU AA 705 -85.90 21.70 131.50
N TYR AA 706 -87.09 21.22 131.87
CA TYR AA 706 -87.82 21.81 132.98
C TYR AA 706 -87.04 21.73 134.28
N SER AA 707 -86.32 20.63 134.50
CA SER AA 707 -85.68 20.39 135.79
C SER AA 707 -84.36 21.12 135.94
N CYS AA 708 -83.58 21.22 134.86
CA CYS AA 708 -82.28 21.89 134.94
C CYS AA 708 -82.47 23.38 135.11
N GLY AA 709 -81.73 23.96 136.04
CA GLY AA 709 -81.80 25.39 136.29
C GLY AA 709 -82.97 25.78 137.17
N ASP AA 710 -83.41 27.02 136.98
CA ASP AA 710 -84.47 27.58 137.81
C ASP AA 710 -85.86 27.26 137.29
N GLN AA 711 -86.01 27.08 135.97
CA GLN AA 711 -87.30 26.95 135.29
C GLN AA 711 -88.05 28.26 135.34
N ASN AA 712 -87.51 29.25 136.05
CA ASN AA 712 -88.08 30.59 136.13
C ASN AA 712 -87.12 31.64 135.55
N THR AA 713 -85.88 31.67 136.01
CA THR AA 713 -84.87 32.52 135.39
C THR AA 713 -84.20 31.80 134.22
N LEU AA 714 -85.04 31.23 133.37
CA LEU AA 714 -84.64 30.65 132.10
C LEU AA 714 -85.43 31.35 131.02
N MET AA 715 -84.93 31.28 129.78
CA MET AA 715 -85.52 31.97 128.63
C MET AA 715 -85.78 33.44 128.97
N GLU AA 716 -84.76 34.09 129.50
CA GLU AA 716 -84.78 35.53 129.74
C GLU AA 716 -84.40 36.24 128.46
N GLU AA 717 -85.08 37.34 128.18
CA GLU AA 717 -84.84 38.07 126.93
C GLU AA 717 -83.41 38.58 126.89
N SER AA 718 -82.70 38.27 125.80
CA SER AA 718 -81.42 38.92 125.55
C SER AA 718 -81.64 40.41 125.35
N ALA AA 719 -80.63 41.20 125.75
CA ALA AA 719 -80.73 42.64 125.64
C ALA AA 719 -81.09 43.07 124.23
N GLU AA 720 -80.60 42.35 123.23
CA GLU AA 720 -80.95 42.65 121.85
C GLU AA 720 -82.46 42.52 121.63
N GLN AA 721 -83.06 41.43 122.12
CA GLN AA 721 -84.50 41.27 121.97
C GLN AA 721 -85.28 42.28 122.80
N ALA AA 722 -84.76 42.63 123.98
CA ALA AA 722 -85.42 43.61 124.82
C ALA AA 722 -85.49 44.98 124.14
N GLN AA 723 -84.40 45.37 123.49
CA GLN AA 723 -84.40 46.65 122.78
C GLN AA 723 -85.03 46.54 121.40
N ARG AA 724 -85.24 45.32 120.89
CA ARG AA 724 -85.91 45.13 119.61
C ARG AA 724 -87.42 45.19 119.75
N ARG AA 725 -87.96 44.61 120.82
CA ARG AA 725 -89.40 44.63 121.02
C ARG AA 725 -89.92 46.04 121.19
N ASP AA 726 -89.17 46.89 121.91
CA ASP AA 726 -89.63 48.26 122.15
C ASP AA 726 -89.73 49.03 120.84
N GLU AA 727 -88.72 48.92 119.98
CA GLU AA 727 -88.77 49.63 118.72
C GLU AA 727 -89.83 49.04 117.78
N MET AA 728 -90.01 47.72 117.79
CA MET AA 728 -91.03 47.12 116.95
C MET AA 728 -92.43 47.41 117.46
N LEU AA 729 -92.58 47.84 118.71
CA LEU AA 729 -93.88 48.28 119.21
C LEU AA 729 -94.13 49.77 118.93
N ARG AA 730 -93.09 50.60 119.08
CA ARG AA 730 -93.28 52.01 118.74
C ARG AA 730 -93.50 52.18 117.24
N MET AA 731 -92.91 51.30 116.42
CA MET AA 731 -93.20 51.36 114.99
C MET AA 731 -94.64 50.97 114.71
N TYR AA 732 -95.19 50.03 115.47
CA TYR AA 732 -96.61 49.72 115.35
C TYR AA 732 -97.46 50.94 115.67
N HIS AA 733 -97.13 51.62 116.77
CA HIS AA 733 -97.90 52.82 117.12
C HIS AA 733 -97.79 53.89 116.04
N ALA AA 734 -96.59 54.09 115.50
CA ALA AA 734 -96.39 55.11 114.47
C ALA AA 734 -97.16 54.76 113.20
N LEU AA 735 -97.16 53.48 112.81
CA LEU AA 735 -97.91 53.08 111.63
C LEU AA 735 -99.40 53.27 111.84
N LYS AA 736 -99.90 52.94 113.03
CA LYS AA 736 -101.31 53.19 113.33
C LYS AA 736 -101.63 54.67 113.21
N GLU AA 737 -100.75 55.53 113.73
CA GLU AA 737 -101.00 56.97 113.65
C GLU AA 737 -100.97 57.46 112.20
N ALA AA 738 -100.04 56.93 111.39
CA ALA AA 738 -99.98 57.33 109.99
C ALA AA 738 -101.25 56.93 109.24
N LEU AA 739 -101.75 55.72 109.49
CA LEU AA 739 -103.01 55.31 108.87
C LEU AA 739 -104.17 56.17 109.35
N SER AA 740 -104.16 56.56 110.63
CA SER AA 740 -105.20 57.46 111.12
C SER AA 740 -105.16 58.79 110.40
N ILE AA 741 -103.96 59.33 110.17
CA ILE AA 741 -103.84 60.61 109.47
C ILE AA 741 -104.28 60.47 108.02
N ILE AA 742 -103.95 59.36 107.38
CA ILE AA 742 -104.39 59.15 106.00
C ILE AA 742 -105.92 59.11 105.94
N GLY AA 743 -106.54 58.41 106.89
CA GLY AA 743 -107.99 58.41 106.93
C GLY AA 743 -108.57 59.79 107.16
N ASN AA 744 -107.95 60.58 108.04
CA ASN AA 744 -108.43 61.93 108.31
C ASN AA 744 -108.32 62.81 107.07
N ILE AA 745 -107.22 62.71 106.33
CA ILE AA 745 -107.06 63.55 105.14
C ILE AA 745 -107.98 63.08 104.03
N ASN AA 746 -108.27 61.78 103.96
CA ASN AA 746 -109.27 61.32 103.00
C ASN AA 746 -110.65 61.85 103.36
N THR AA 747 -110.97 61.91 104.65
CA THR AA 747 -112.20 62.55 105.07
C THR AA 747 -112.22 64.02 104.68
N THR AA 748 -111.09 64.70 104.88
CA THR AA 748 -110.93 66.11 104.54
C THR AA 748 -112.00 66.98 105.18
N ASN BA 3 -104.70 143.72 3.77
CA ASN BA 3 -103.44 143.85 4.49
C ASN BA 3 -102.36 144.50 3.61
N ARG BA 4 -101.60 145.43 4.20
CA ARG BA 4 -100.60 146.17 3.44
C ARG BA 4 -99.36 145.34 3.14
N GLY BA 5 -99.14 144.25 3.88
CA GLY BA 5 -98.00 143.40 3.58
C GLY BA 5 -98.06 142.83 2.18
N MET BA 6 -99.26 142.54 1.69
CA MET BA 6 -99.39 141.98 0.36
C MET BA 6 -99.21 143.06 -0.72
N GLU BA 7 -99.67 144.30 -0.44
CA GLU BA 7 -99.31 145.43 -1.29
C GLU BA 7 -97.81 145.63 -1.37
N ASP BA 8 -97.09 145.32 -0.29
CA ASP BA 8 -95.63 145.44 -0.32
C ASP BA 8 -95.00 144.48 -1.31
N LEU BA 9 -95.68 143.38 -1.62
CA LEU BA 9 -95.11 142.34 -2.47
C LEU BA 9 -95.69 142.28 -3.88
N ILE BA 10 -96.88 142.88 -4.11
CA ILE BA 10 -97.45 142.84 -5.47
C ILE BA 10 -96.53 143.42 -6.53
N PRO BA 11 -95.82 144.53 -6.32
CA PRO BA 11 -95.01 145.04 -7.45
C PRO BA 11 -93.82 144.15 -7.77
N LEU BA 12 -93.18 143.57 -6.75
CA LEU BA 12 -91.99 142.76 -6.99
C LEU BA 12 -92.30 141.41 -7.62
N VAL BA 13 -93.58 141.02 -7.71
CA VAL BA 13 -93.95 139.79 -8.39
C VAL BA 13 -94.61 140.15 -9.72
N ASN BA 14 -95.29 141.30 -9.76
CA ASN BA 14 -95.90 141.74 -11.00
C ASN BA 14 -94.86 142.19 -12.01
N ARG BA 15 -93.75 142.75 -11.54
CA ARG BA 15 -92.64 143.11 -12.42
C ARG BA 15 -91.82 141.90 -12.81
N LEU BA 16 -91.98 140.79 -12.10
CA LEU BA 16 -91.17 139.59 -12.27
C LEU BA 16 -91.82 138.57 -13.20
N GLN BA 17 -93.01 138.10 -12.81
CA GLN BA 17 -93.67 137.03 -13.55
C GLN BA 17 -94.07 137.49 -14.95
N ASP BA 18 -94.42 138.76 -15.10
CA ASP BA 18 -94.76 139.26 -16.43
C ASP BA 18 -93.57 139.12 -17.37
N ALA BA 19 -92.36 139.42 -16.89
CA ALA BA 19 -91.18 139.28 -17.73
C ALA BA 19 -90.86 137.81 -18.00
N PHE BA 20 -90.83 136.97 -16.95
CA PHE BA 20 -90.54 135.56 -17.15
C PHE BA 20 -91.58 134.86 -18.02
N SER BA 21 -92.77 135.43 -18.17
CA SER BA 21 -93.75 134.87 -19.09
C SER BA 21 -93.75 135.57 -20.44
N ALA BA 22 -93.24 136.79 -20.51
CA ALA BA 22 -93.08 137.47 -21.79
C ALA BA 22 -91.95 136.88 -22.60
N ILE BA 23 -90.93 136.33 -21.93
CA ILE BA 23 -89.91 135.58 -22.66
C ILE BA 23 -90.47 134.30 -23.27
N GLY BA 24 -91.69 133.92 -22.91
CA GLY BA 24 -92.34 132.76 -23.46
C GLY BA 24 -92.07 131.46 -22.74
N GLN BA 25 -91.05 131.40 -21.89
CA GLN BA 25 -90.73 130.18 -21.18
C GLN BA 25 -91.76 129.89 -20.09
N ASN BA 26 -91.90 128.61 -19.75
CA ASN BA 26 -92.74 128.22 -18.63
C ASN BA 26 -91.98 128.36 -17.32
N ALA BA 27 -91.38 129.53 -17.09
CA ALA BA 27 -90.71 129.81 -15.84
C ALA BA 27 -91.71 130.40 -14.85
N ASP BA 28 -91.68 129.90 -13.63
CA ASP BA 28 -92.68 130.29 -12.64
C ASP BA 28 -92.02 130.40 -11.27
N LEU BA 29 -92.65 131.20 -10.42
CA LEU BA 29 -92.15 131.40 -9.05
C LEU BA 29 -92.62 130.28 -8.13
N ASP BA 30 -93.86 129.81 -8.30
CA ASP BA 30 -94.46 128.80 -7.44
C ASP BA 30 -94.49 129.27 -5.98
N LEU BA 31 -95.26 130.32 -5.76
CA LEU BA 31 -95.54 130.75 -4.39
C LEU BA 31 -96.18 129.60 -3.62
N PRO BA 32 -95.66 129.27 -2.43
CA PRO BA 32 -96.24 128.15 -1.68
C PRO BA 32 -97.69 128.42 -1.32
N GLN BA 33 -98.48 127.36 -1.29
CA GLN BA 33 -99.89 127.47 -0.95
C GLN BA 33 -100.08 127.26 0.55
N ILE BA 34 -101.03 127.99 1.11
CA ILE BA 34 -101.23 128.06 2.55
C ILE BA 34 -102.37 127.14 2.94
N ALA BA 35 -102.07 126.08 3.69
CA ALA BA 35 -103.08 125.18 4.24
C ALA BA 35 -103.02 125.26 5.76
N VAL BA 36 -104.16 124.97 6.39
CA VAL BA 36 -104.26 125.00 7.85
C VAL BA 36 -104.76 123.65 8.33
N VAL BA 37 -104.15 123.15 9.40
CA VAL BA 37 -104.53 121.87 9.99
C VAL BA 37 -104.73 122.04 11.48
N GLY BA 38 -105.44 121.10 12.07
CA GLY BA 38 -105.72 121.12 13.49
C GLY BA 38 -107.01 120.38 13.79
N GLY BA 39 -107.38 120.41 15.07
CA GLY BA 39 -108.61 119.79 15.50
C GLY BA 39 -109.81 120.70 15.30
N GLN BA 40 -110.98 120.12 15.51
CA GLN BA 40 -112.21 120.88 15.35
C GLN BA 40 -112.26 122.04 16.35
N SER BA 41 -112.86 123.14 15.92
CA SER BA 41 -113.02 124.34 16.74
C SER BA 41 -111.69 124.94 17.18
N ALA BA 42 -110.67 124.79 16.34
CA ALA BA 42 -109.39 125.46 16.59
C ALA BA 42 -109.36 126.89 16.10
N GLY BA 43 -110.30 127.29 15.24
CA GLY BA 43 -110.34 128.65 14.74
C GLY BA 43 -109.68 128.86 13.40
N LYS BA 44 -109.56 127.82 12.58
CA LYS BA 44 -108.80 127.93 11.34
C LYS BA 44 -109.44 128.90 10.36
N SER BA 45 -110.76 128.83 10.20
CA SER BA 45 -111.44 129.73 9.28
C SER BA 45 -111.28 131.18 9.73
N SER BA 46 -111.34 131.44 11.03
CA SER BA 46 -111.12 132.79 11.53
C SER BA 46 -109.67 133.22 11.41
N VAL BA 47 -108.72 132.27 11.37
CA VAL BA 47 -107.34 132.63 11.09
C VAL BA 47 -107.19 133.07 9.63
N LEU BA 48 -107.77 132.31 8.70
CA LEU BA 48 -107.68 132.68 7.29
C LEU BA 48 -108.37 134.01 7.02
N GLU BA 49 -109.55 134.21 7.61
CA GLU BA 49 -110.25 135.48 7.44
C GLU BA 49 -109.38 136.65 7.87
N ASN BA 50 -108.70 136.53 9.01
CA ASN BA 50 -107.89 137.63 9.50
C ASN BA 50 -106.60 137.78 8.71
N PHE BA 51 -106.04 136.70 8.19
CA PHE BA 51 -104.87 136.81 7.35
C PHE BA 51 -105.19 137.54 6.04
N VAL BA 52 -106.35 137.26 5.46
CA VAL BA 52 -106.76 137.96 4.25
C VAL BA 52 -107.10 139.41 4.57
N GLY BA 53 -108.07 139.62 5.45
CA GLY BA 53 -108.46 140.97 5.83
C GLY BA 53 -109.91 141.28 5.52
N ARG BA 54 -110.66 140.28 5.09
CA ARG BA 54 -112.07 140.47 4.76
C ARG BA 54 -112.89 139.31 5.31
N ASP BA 55 -114.16 139.58 5.56
CA ASP BA 55 -115.05 138.64 6.25
C ASP BA 55 -115.83 137.85 5.20
N PHE BA 56 -115.28 136.71 4.79
CA PHE BA 56 -115.92 135.92 3.74
C PHE BA 56 -115.84 134.43 4.03
N LEU BA 57 -115.84 134.03 5.30
CA LEU BA 57 -115.76 132.63 5.64
C LEU BA 57 -116.78 132.28 6.71
N PRO BA 58 -117.23 131.03 6.75
CA PRO BA 58 -118.17 130.63 7.80
C PRO BA 58 -117.43 130.18 9.05
N ARG BA 59 -118.02 130.49 10.20
CA ARG BA 59 -117.42 130.11 11.47
C ARG BA 59 -118.50 130.08 12.53
N GLY BA 60 -118.25 129.33 13.59
CA GLY BA 60 -119.18 129.24 14.70
C GLY BA 60 -118.88 128.05 15.57
N SER BA 61 -119.67 127.93 16.63
CA SER BA 61 -119.55 126.77 17.50
C SER BA 61 -119.98 125.51 16.75
N GLY BA 62 -119.53 124.36 17.27
CA GLY BA 62 -119.81 123.14 16.55
C GLY BA 62 -118.96 123.04 15.30
N ILE BA 63 -119.38 122.17 14.39
CA ILE BA 63 -118.69 121.94 13.13
C ILE BA 63 -119.20 122.92 12.09
N VAL BA 64 -118.30 123.68 11.49
CA VAL BA 64 -118.69 124.70 10.52
C VAL BA 64 -118.00 124.45 9.18
N THR BA 65 -116.67 124.49 9.17
CA THR BA 65 -115.94 124.26 7.94
C THR BA 65 -116.05 122.78 7.58
N ARG BA 66 -117.06 122.46 6.76
CA ARG BA 66 -117.44 121.08 6.52
C ARG BA 66 -116.94 120.56 5.18
N ARG BA 67 -116.49 121.43 4.29
CA ARG BA 67 -115.93 121.06 3.00
C ARG BA 67 -114.65 121.85 2.77
N PRO BA 68 -113.62 121.22 2.20
CA PRO BA 68 -112.38 121.95 1.90
C PRO BA 68 -112.67 123.11 0.97
N LEU BA 69 -112.02 124.25 1.23
CA LEU BA 69 -112.22 125.45 0.46
C LEU BA 69 -110.88 125.84 -0.15
N VAL BA 70 -110.80 125.84 -1.47
CA VAL BA 70 -109.60 126.26 -2.18
C VAL BA 70 -109.85 127.70 -2.62
N LEU BA 71 -109.48 128.64 -1.77
CA LEU BA 71 -109.49 130.04 -2.14
C LEU BA 71 -108.29 130.34 -3.01
N GLN BA 72 -108.50 131.16 -4.03
CA GLN BA 72 -107.43 131.62 -4.90
C GLN BA 72 -107.53 133.14 -4.98
N LEU BA 73 -106.61 133.81 -4.31
CA LEU BA 73 -106.47 135.24 -4.50
C LEU BA 73 -105.76 135.49 -5.81
N VAL BA 74 -106.34 136.35 -6.66
CA VAL BA 74 -105.80 136.63 -7.98
C VAL BA 74 -105.76 138.14 -8.18
N ASN BA 75 -104.59 138.65 -8.58
CA ASN BA 75 -104.46 140.08 -8.84
C ASN BA 75 -105.21 140.45 -10.11
N ALA BA 76 -106.05 141.47 -10.01
CA ALA BA 76 -106.88 141.88 -11.14
C ALA BA 76 -107.15 143.38 -11.02
N THR BA 77 -108.06 143.87 -11.86
CA THR BA 77 -108.34 145.30 -11.91
C THR BA 77 -109.22 145.74 -10.75
N THR BA 78 -110.43 145.17 -10.65
CA THR BA 78 -111.40 145.54 -9.63
C THR BA 78 -111.57 144.42 -8.61
N GLU BA 79 -112.33 144.73 -7.57
CA GLU BA 79 -112.56 143.82 -6.46
C GLU BA 79 -113.87 143.06 -6.69
N TYR BA 80 -113.79 141.74 -6.73
CA TYR BA 80 -114.96 140.87 -6.79
C TYR BA 80 -114.51 139.46 -6.47
N ALA BA 81 -115.47 138.53 -6.45
CA ALA BA 81 -115.16 137.14 -6.19
C ALA BA 81 -116.19 136.27 -6.91
N GLU BA 82 -115.74 135.10 -7.37
CA GLU BA 82 -116.62 134.17 -8.05
C GLU BA 82 -116.34 132.74 -7.62
N PHE BA 83 -117.40 131.96 -7.48
CA PHE BA 83 -117.29 130.53 -7.24
C PHE BA 83 -116.99 129.82 -8.56
N LEU BA 84 -117.02 128.49 -8.51
CA LEU BA 84 -116.83 127.68 -9.70
C LEU BA 84 -118.09 126.96 -10.15
N HIS BA 85 -118.93 126.52 -9.21
CA HIS BA 85 -120.19 125.88 -9.55
C HIS BA 85 -121.20 126.86 -10.14
N CYS BA 86 -120.96 128.16 -10.02
CA CYS BA 86 -121.87 129.21 -10.48
C CYS BA 86 -121.14 130.18 -11.40
N LYS BA 87 -120.45 129.64 -12.40
CA LYS BA 87 -119.62 130.45 -13.30
C LYS BA 87 -120.37 131.68 -13.80
N GLY BA 88 -119.65 132.80 -13.85
CA GLY BA 88 -120.20 134.06 -14.31
C GLY BA 88 -120.93 134.87 -13.27
N LYS BA 89 -121.28 134.28 -12.12
CA LYS BA 89 -121.98 134.99 -11.05
C LYS BA 89 -120.93 135.65 -10.17
N LYS BA 90 -120.59 136.91 -10.49
CA LYS BA 90 -119.60 137.65 -9.73
C LYS BA 90 -120.21 138.14 -8.42
N PHE BA 91 -119.49 137.93 -7.32
CA PHE BA 91 -119.94 138.33 -6.00
C PHE BA 91 -119.12 139.51 -5.50
N THR BA 92 -119.81 140.55 -5.07
CA THR BA 92 -119.18 141.70 -4.43
C THR BA 92 -119.57 141.86 -2.97
N ASP BA 93 -120.73 141.35 -2.56
CA ASP BA 93 -121.18 141.42 -1.17
C ASP BA 93 -120.64 140.21 -0.42
N PHE BA 94 -119.70 140.45 0.48
CA PHE BA 94 -119.06 139.37 1.22
C PHE BA 94 -120.03 138.65 2.14
N GLU BA 95 -121.10 139.32 2.57
CA GLU BA 95 -122.15 138.61 3.29
C GLU BA 95 -122.82 137.57 2.39
N GLU BA 96 -123.07 137.93 1.13
CA GLU BA 96 -123.59 136.95 0.19
C GLU BA 96 -122.59 135.83 -0.04
N VAL BA 97 -121.29 136.15 -0.09
CA VAL BA 97 -120.28 135.11 -0.24
C VAL BA 97 -120.34 134.15 0.95
N ARG BA 98 -120.43 134.70 2.16
CA ARG BA 98 -120.47 133.87 3.36
C ARG BA 98 -121.72 132.99 3.39
N LEU BA 99 -122.86 133.54 3.00
CA LEU BA 99 -124.08 132.73 2.95
C LEU BA 99 -123.98 131.64 1.90
N GLU BA 100 -123.47 131.98 0.71
CA GLU BA 100 -123.43 131.02 -0.38
C GLU BA 100 -122.44 129.90 -0.11
N ILE BA 101 -121.33 130.20 0.57
CA ILE BA 101 -120.35 129.14 0.81
C ILE BA 101 -120.94 128.06 1.71
N GLU BA 102 -121.67 128.44 2.76
CA GLU BA 102 -122.28 127.41 3.59
C GLU BA 102 -123.51 126.79 2.92
N ALA BA 103 -124.20 127.54 2.05
CA ALA BA 103 -125.26 126.94 1.26
C ALA BA 103 -124.73 125.83 0.37
N GLU BA 104 -123.60 126.07 -0.31
CA GLU BA 104 -122.96 125.02 -1.08
C GLU BA 104 -122.42 123.91 -0.18
N THR BA 105 -121.97 124.28 1.02
CA THR BA 105 -121.41 123.31 1.96
C THR BA 105 -122.47 122.28 2.36
N ASP BA 106 -123.68 122.73 2.68
CA ASP BA 106 -124.70 121.77 3.07
C ASP BA 106 -125.53 121.26 1.90
N ARG BA 107 -125.42 121.89 0.71
CA ARG BA 107 -126.13 121.39 -0.46
C ARG BA 107 -125.62 120.03 -0.91
N VAL BA 108 -124.44 119.62 -0.45
CA VAL BA 108 -123.87 118.36 -0.86
C VAL BA 108 -123.92 117.30 0.25
N THR BA 109 -123.80 117.71 1.50
CA THR BA 109 -123.72 116.78 2.62
C THR BA 109 -124.97 116.74 3.49
N GLY BA 110 -125.77 117.80 3.49
CA GLY BA 110 -126.90 117.88 4.39
C GLY BA 110 -126.60 118.73 5.60
N THR BA 111 -127.48 118.62 6.59
CA THR BA 111 -127.34 119.34 7.84
C THR BA 111 -126.92 118.42 8.98
N ASN BA 112 -126.59 117.16 8.67
CA ASN BA 112 -126.29 116.16 9.69
C ASN BA 112 -124.77 115.97 9.83
N LYS BA 113 -124.00 117.03 9.59
CA LYS BA 113 -122.57 117.07 9.90
C LYS BA 113 -121.75 116.01 9.16
N GLY BA 114 -122.21 115.57 7.99
CA GLY BA 114 -121.37 114.74 7.15
C GLY BA 114 -120.45 115.57 6.27
N ILE BA 115 -119.38 114.97 5.77
CA ILE BA 115 -118.41 115.74 5.00
C ILE BA 115 -118.21 115.09 3.64
N SER BA 116 -117.62 115.85 2.73
CA SER BA 116 -117.38 115.44 1.36
C SER BA 116 -115.94 115.82 1.00
N PRO BA 117 -115.17 114.91 0.44
CA PRO BA 117 -113.78 115.23 0.10
C PRO BA 117 -113.64 115.97 -1.22
N VAL BA 118 -114.74 116.49 -1.75
CA VAL BA 118 -114.73 117.23 -3.01
C VAL BA 118 -114.56 118.71 -2.69
N PRO BA 119 -113.47 119.34 -3.11
CA PRO BA 119 -113.21 120.72 -2.69
C PRO BA 119 -114.24 121.72 -3.21
N ILE BA 120 -114.11 122.97 -2.78
CA ILE BA 120 -114.93 124.06 -3.26
C ILE BA 120 -113.97 125.13 -3.74
N ASN BA 121 -113.85 125.28 -5.06
CA ASN BA 121 -112.98 126.33 -5.59
C ASN BA 121 -113.65 127.68 -5.46
N LEU BA 122 -112.83 128.70 -5.21
CA LEU BA 122 -113.31 130.07 -5.09
C LEU BA 122 -112.18 130.97 -5.55
N ARG BA 123 -112.50 132.04 -6.26
CA ARG BA 123 -111.47 132.96 -6.75
C ARG BA 123 -111.87 134.38 -6.40
N VAL BA 124 -111.03 135.05 -5.61
CA VAL BA 124 -111.22 136.46 -5.29
C VAL BA 124 -110.24 137.26 -6.14
N TYR BA 125 -110.80 138.05 -7.05
CA TYR BA 125 -110.00 138.91 -7.92
C TYR BA 125 -109.96 140.30 -7.31
N SER BA 126 -108.75 140.82 -7.12
CA SER BA 126 -108.61 142.12 -6.49
C SER BA 126 -107.23 142.67 -6.80
N PRO BA 127 -107.07 143.99 -6.87
CA PRO BA 127 -105.73 144.57 -7.00
C PRO BA 127 -104.89 144.47 -5.73
N HIS BA 128 -105.47 143.98 -4.63
CA HIS BA 128 -104.80 143.95 -3.34
C HIS BA 128 -104.36 142.54 -2.94
N VAL BA 129 -104.28 141.62 -3.89
CA VAL BA 129 -103.92 140.25 -3.60
C VAL BA 129 -102.87 139.76 -4.58
N LEU BA 130 -102.10 138.77 -4.14
CA LEU BA 130 -101.16 138.06 -4.99
C LEU BA 130 -101.89 136.98 -5.78
N ASN BA 131 -101.14 136.08 -6.40
CA ASN BA 131 -101.70 134.87 -7.00
C ASN BA 131 -101.53 133.69 -6.04
N LEU BA 132 -102.25 133.75 -4.93
CA LEU BA 132 -102.07 132.81 -3.83
C LEU BA 132 -103.20 131.78 -3.76
N THR BA 133 -102.85 130.62 -3.20
CA THR BA 133 -103.78 129.51 -2.98
C THR BA 133 -103.87 129.25 -1.49
N LEU BA 134 -105.03 129.57 -0.91
CA LEU BA 134 -105.29 129.36 0.51
C LEU BA 134 -106.24 128.18 0.63
N VAL BA 135 -105.77 127.09 1.23
CA VAL BA 135 -106.54 125.85 1.31
C VAL BA 135 -107.06 125.74 2.73
N ASP BA 136 -108.29 126.21 2.95
CA ASP BA 136 -108.95 125.96 4.22
C ASP BA 136 -109.44 124.51 4.24
N LEU BA 137 -109.29 123.87 5.38
CA LEU BA 137 -109.59 122.46 5.52
C LEU BA 137 -110.56 122.25 6.68
N PRO BA 138 -111.33 121.16 6.65
CA PRO BA 138 -112.24 120.89 7.77
C PRO BA 138 -111.48 120.46 9.01
N GLY BA 139 -112.09 120.71 10.16
CA GLY BA 139 -111.47 120.31 11.41
C GLY BA 139 -111.35 118.80 11.51
N MET BA 140 -110.30 118.35 12.17
CA MET BA 140 -110.05 116.93 12.35
C MET BA 140 -110.95 116.38 13.45
N THR BA 141 -111.48 115.19 13.23
CA THR BA 141 -112.44 114.56 14.12
C THR BA 141 -112.00 113.12 14.39
N LYS BA 142 -112.36 112.61 15.56
CA LYS BA 142 -111.91 111.28 15.95
C LYS BA 142 -113.08 110.32 16.15
N VAL BA 143 -114.22 110.82 16.58
CA VAL BA 143 -115.41 109.98 16.73
C VAL BA 143 -116.52 110.51 15.83
N PRO BA 144 -117.22 109.63 15.12
CA PRO BA 144 -118.24 110.11 14.17
C PRO BA 144 -119.50 110.62 14.86
N VAL BA 145 -119.74 111.93 14.75
CA VAL BA 145 -120.96 112.54 15.25
C VAL BA 145 -121.90 112.79 14.07
N GLY BA 146 -123.17 112.44 14.26
CA GLY BA 146 -124.13 112.56 13.17
C GLY BA 146 -124.20 111.33 12.32
N ASP BA 147 -124.37 111.50 11.00
CA ASP BA 147 -124.42 110.38 10.07
C ASP BA 147 -123.06 110.10 9.43
N GLN BA 148 -121.99 110.59 10.02
CA GLN BA 148 -120.66 110.36 9.48
C GLN BA 148 -120.31 108.87 9.54
N PRO BA 149 -119.62 108.36 8.53
CA PRO BA 149 -119.27 106.94 8.51
C PRO BA 149 -118.27 106.61 9.61
N PRO BA 150 -118.07 105.32 9.91
CA PRO BA 150 -117.17 104.97 11.02
C PRO BA 150 -115.73 105.40 10.84
N ASP BA 151 -115.29 105.70 9.63
CA ASP BA 151 -113.90 106.06 9.37
C ASP BA 151 -113.77 107.55 9.04
N ILE BA 152 -114.49 108.38 9.80
CA ILE BA 152 -114.42 109.82 9.59
C ILE BA 152 -113.01 110.34 9.83
N GLU BA 153 -112.34 109.81 10.86
CA GLU BA 153 -110.98 110.25 11.16
C GLU BA 153 -110.05 109.93 10.00
N PHE BA 154 -110.18 108.74 9.43
CA PHE BA 154 -109.27 108.35 8.37
C PHE BA 154 -109.57 109.10 7.08
N GLN BA 155 -110.84 109.36 6.78
CA GLN BA 155 -111.11 110.10 5.57
C GLN BA 155 -110.94 111.61 5.74
N ILE BA 156 -110.73 112.10 6.95
CA ILE BA 156 -110.31 113.49 7.10
C ILE BA 156 -108.78 113.59 7.09
N ARG BA 157 -108.08 112.61 7.66
CA ARG BA 157 -106.62 112.60 7.58
C ARG BA 157 -106.16 112.42 6.14
N ASP BA 158 -106.77 111.49 5.41
CA ASP BA 158 -106.44 111.32 3.99
C ASP BA 158 -106.88 112.53 3.18
N MET BA 159 -107.90 113.25 3.64
CA MET BA 159 -108.25 114.52 3.02
C MET BA 159 -107.11 115.51 3.17
N LEU BA 160 -106.52 115.60 4.37
CA LEU BA 160 -105.49 116.59 4.63
C LEU BA 160 -104.17 116.23 3.97
N MET BA 161 -103.90 114.93 3.81
CA MET BA 161 -102.63 114.54 3.20
C MET BA 161 -102.51 115.05 1.77
N GLN BA 162 -103.56 114.90 0.97
CA GLN BA 162 -103.44 115.30 -0.43
C GLN BA 162 -103.26 116.80 -0.59
N PHE BA 163 -103.48 117.58 0.47
CA PHE BA 163 -103.29 119.02 0.43
C PHE BA 163 -102.02 119.50 1.12
N VAL BA 164 -101.48 118.75 2.07
CA VAL BA 164 -100.31 119.19 2.81
C VAL BA 164 -99.05 118.41 2.50
N THR BA 165 -99.14 117.26 1.82
CA THR BA 165 -97.92 116.51 1.56
C THR BA 165 -97.12 117.14 0.43
N LYS BA 166 -97.77 117.90 -0.44
CA LYS BA 166 -97.08 118.53 -1.56
C LYS BA 166 -96.14 119.61 -1.04
N GLU BA 167 -94.92 119.64 -1.57
CA GLU BA 167 -93.95 120.65 -1.17
C GLU BA 167 -94.46 122.04 -1.56
N ASN BA 168 -93.79 123.05 -1.02
CA ASN BA 168 -94.21 124.43 -1.17
C ASN BA 168 -95.66 124.60 -0.70
N CYS BA 169 -95.95 124.01 0.47
CA CYS BA 169 -97.24 124.12 1.12
C CYS BA 169 -97.01 124.52 2.57
N LEU BA 170 -97.14 125.81 2.86
CA LEU BA 170 -97.06 126.27 4.22
C LEU BA 170 -98.16 125.63 5.05
N ILE BA 171 -97.78 125.02 6.17
CA ILE BA 171 -98.71 124.31 7.02
C ILE BA 171 -98.89 125.13 8.28
N LEU BA 172 -100.04 125.78 8.41
CA LEU BA 172 -100.40 126.48 9.64
C LEU BA 172 -101.00 125.44 10.58
N ALA BA 173 -100.19 124.98 11.52
CA ALA BA 173 -100.66 124.09 12.58
C ALA BA 173 -101.37 124.97 13.60
N VAL BA 174 -102.70 125.02 13.52
CA VAL BA 174 -103.49 125.84 14.43
C VAL BA 174 -103.89 124.98 15.61
N SER BA 175 -103.51 125.39 16.82
CA SER BA 175 -103.83 124.66 18.02
C SER BA 175 -104.49 125.61 19.02
N PRO BA 176 -105.48 125.13 19.76
CA PRO BA 176 -106.11 125.98 20.76
C PRO BA 176 -105.27 126.05 22.02
N ALA BA 177 -105.32 127.20 22.68
CA ALA BA 177 -104.57 127.37 23.92
C ALA BA 177 -105.18 126.56 25.05
N ASN BA 178 -106.52 126.48 25.09
CA ASN BA 178 -107.19 125.78 26.17
C ASN BA 178 -106.77 124.31 26.23
N SER BA 179 -106.80 123.63 25.09
CA SER BA 179 -106.33 122.26 25.07
C SER BA 179 -104.82 122.22 25.20
N ASP BA 180 -104.32 121.09 25.70
CA ASP BA 180 -102.88 120.94 25.88
C ASP BA 180 -102.22 120.80 24.51
N LEU BA 181 -100.98 121.29 24.43
CA LEU BA 181 -100.28 121.29 23.15
C LEU BA 181 -99.95 119.88 22.70
N ALA BA 182 -99.73 118.96 23.64
CA ALA BA 182 -99.43 117.58 23.27
C ALA BA 182 -100.60 116.91 22.56
N ASN BA 183 -101.79 117.49 22.64
CA ASN BA 183 -102.97 116.96 21.96
C ASN BA 183 -103.25 117.64 20.63
N SER BA 184 -102.30 118.42 20.11
CA SER BA 184 -102.54 119.14 18.87
C SER BA 184 -102.41 118.20 17.68
N ASP BA 185 -103.56 117.80 17.13
CA ASP BA 185 -103.55 117.04 15.89
C ASP BA 185 -102.85 117.80 14.78
N ALA BA 186 -102.92 119.14 14.82
CA ALA BA 186 -102.17 119.96 13.88
C ALA BA 186 -100.68 119.65 13.95
N LEU BA 187 -100.13 119.65 15.16
CA LEU BA 187 -98.71 119.38 15.31
C LEU BA 187 -98.38 117.93 14.98
N LYS BA 188 -99.29 117.01 15.25
CA LYS BA 188 -99.05 115.61 14.85
C LYS BA 188 -98.91 115.51 13.34
N VAL BA 189 -99.83 116.13 12.61
CA VAL BA 189 -99.79 116.10 11.15
C VAL BA 189 -98.53 116.82 10.65
N ALA BA 190 -98.18 117.93 11.29
CA ALA BA 190 -97.00 118.68 10.87
C ALA BA 190 -95.73 117.88 11.05
N LYS BA 191 -95.59 117.18 12.17
CA LYS BA 191 -94.42 116.33 12.37
C LYS BA 191 -94.47 115.06 11.52
N GLU BA 192 -95.65 114.68 11.01
CA GLU BA 192 -95.69 113.56 10.08
C GLU BA 192 -95.26 113.95 8.68
N VAL BA 193 -95.75 115.08 8.18
CA VAL BA 193 -95.55 115.46 6.78
C VAL BA 193 -94.51 116.56 6.63
N ASP BA 194 -93.80 116.91 7.69
CA ASP BA 194 -92.79 117.96 7.68
C ASP BA 194 -91.89 117.78 8.89
N PRO BA 195 -91.06 116.74 8.92
CA PRO BA 195 -90.33 116.41 10.16
C PRO BA 195 -89.48 117.54 10.70
N GLN BA 196 -88.62 118.12 9.87
CA GLN BA 196 -87.74 119.17 10.35
C GLN BA 196 -88.46 120.50 10.59
N GLY BA 197 -89.73 120.59 10.21
CA GLY BA 197 -90.47 121.84 10.38
C GLY BA 197 -89.96 122.97 9.52
N GLN BA 198 -89.58 122.68 8.28
CA GLN BA 198 -89.10 123.73 7.38
C GLN BA 198 -90.21 124.69 7.00
N ARG BA 199 -91.42 124.17 6.75
CA ARG BA 199 -92.53 124.94 6.22
C ARG BA 199 -93.76 124.86 7.12
N THR BA 200 -93.52 124.82 8.43
CA THR BA 200 -94.57 124.69 9.43
C THR BA 200 -94.61 125.95 10.27
N ILE BA 201 -95.78 126.59 10.32
CA ILE BA 201 -96.01 127.76 11.16
C ILE BA 201 -96.98 127.35 12.26
N GLY BA 202 -96.55 127.47 13.51
CA GLY BA 202 -97.42 127.15 14.63
C GLY BA 202 -98.22 128.38 15.03
N VAL BA 203 -99.53 128.18 15.21
CA VAL BA 203 -100.43 129.24 15.62
C VAL BA 203 -101.19 128.76 16.85
N ILE BA 204 -101.29 129.62 17.85
CA ILE BA 204 -101.98 129.31 19.10
C ILE BA 204 -103.17 130.24 19.23
N THR BA 205 -104.36 129.67 19.24
CA THR BA 205 -105.60 130.42 19.25
C THR BA 205 -106.27 130.32 20.62
N LYS BA 206 -107.24 131.21 20.84
CA LYS BA 206 -108.05 131.23 22.06
C LYS BA 206 -107.17 131.40 23.29
N LEU BA 207 -106.39 132.47 23.30
CA LEU BA 207 -105.56 132.80 24.44
C LEU BA 207 -106.31 133.56 25.53
N ASP BA 208 -107.52 134.04 25.24
CA ASP BA 208 -108.32 134.73 26.24
C ASP BA 208 -109.27 133.79 26.99
N LEU BA 209 -109.23 132.50 26.70
CA LEU BA 209 -110.09 131.52 27.35
C LEU BA 209 -109.30 130.43 28.06
N MET BA 210 -108.03 130.70 28.38
CA MET BA 210 -107.21 129.71 29.06
C MET BA 210 -107.71 129.48 30.48
N ASP BA 211 -107.40 128.31 31.02
CA ASP BA 211 -107.77 127.99 32.39
C ASP BA 211 -107.19 129.04 33.34
N GLU BA 212 -108.02 129.54 34.24
CA GLU BA 212 -107.63 130.63 35.11
C GLU BA 212 -106.40 130.25 35.93
N GLY BA 213 -105.45 131.17 36.03
CA GLY BA 213 -104.20 130.93 36.72
C GLY BA 213 -103.14 130.24 35.92
N THR BA 214 -103.40 129.93 34.65
CA THR BA 214 -102.44 129.29 33.77
C THR BA 214 -102.12 130.22 32.60
N ASP BA 215 -100.97 129.99 31.97
CA ASP BA 215 -100.58 130.77 30.81
C ASP BA 215 -99.69 129.92 29.91
N ALA BA 216 -99.84 130.11 28.61
CA ALA BA 216 -99.11 129.35 27.62
C ALA BA 216 -97.76 129.97 27.27
N ARG BA 217 -97.18 130.73 28.21
CA ARG BA 217 -95.91 131.41 27.95
C ARG BA 217 -94.83 130.43 27.49
N ASP BA 218 -94.74 129.28 28.14
CA ASP BA 218 -93.73 128.29 27.78
C ASP BA 218 -93.98 127.69 26.40
N VAL BA 219 -95.16 127.87 25.83
CA VAL BA 219 -95.44 127.44 24.47
C VAL BA 219 -95.14 128.55 23.47
N LEU BA 220 -95.63 129.76 23.77
CA LEU BA 220 -95.42 130.88 22.86
C LEU BA 220 -93.95 131.26 22.76
N GLU BA 221 -93.15 130.95 23.78
CA GLU BA 221 -91.72 131.19 23.73
C GLU BA 221 -90.95 130.02 23.13
N ASN BA 222 -91.64 129.12 22.43
CA ASN BA 222 -91.02 128.01 21.71
C ASN BA 222 -90.17 127.16 22.65
N LYS BA 223 -90.60 127.03 23.89
CA LYS BA 223 -89.87 126.26 24.89
C LYS BA 223 -90.40 124.84 25.05
N LEU BA 224 -91.72 124.69 25.16
CA LEU BA 224 -92.31 123.37 25.38
C LEU BA 224 -92.01 122.43 24.21
N LEU BA 225 -92.52 122.75 23.03
CA LEU BA 225 -92.31 121.94 21.84
C LEU BA 225 -91.49 122.73 20.83
N PRO BA 226 -90.22 122.36 20.61
CA PRO BA 226 -89.37 123.17 19.73
C PRO BA 226 -89.88 123.16 18.30
N LEU BA 227 -90.07 124.35 17.75
CA LEU BA 227 -90.55 124.52 16.38
C LEU BA 227 -89.66 125.55 15.69
N ARG BA 228 -89.34 125.29 14.42
CA ARG BA 228 -88.34 126.10 13.73
C ARG BA 228 -88.81 127.54 13.58
N ARG BA 229 -90.04 127.75 13.13
CA ARG BA 229 -90.55 129.10 12.91
C ARG BA 229 -91.20 129.69 14.16
N GLY BA 230 -91.33 128.92 15.24
CA GLY BA 230 -91.93 129.42 16.44
C GLY BA 230 -93.44 129.49 16.36
N TYR BA 231 -94.05 129.79 17.49
CA TYR BA 231 -95.50 129.88 17.59
C TYR BA 231 -95.93 131.35 17.61
N ILE BA 232 -97.12 131.59 17.08
CA ILE BA 232 -97.71 132.93 17.04
C ILE BA 232 -99.06 132.85 17.73
N GLY BA 233 -99.21 133.59 18.83
CA GLY BA 233 -100.50 133.64 19.50
C GLY BA 233 -101.41 134.67 18.87
N VAL BA 234 -102.70 134.32 18.80
CA VAL BA 234 -103.70 135.21 18.25
C VAL BA 234 -104.99 135.05 19.05
N VAL BA 235 -105.73 136.14 19.17
CA VAL BA 235 -107.05 136.15 19.81
C VAL BA 235 -108.06 136.61 18.77
N ASN BA 236 -109.03 135.76 18.48
CA ASN BA 236 -110.02 136.03 17.45
C ASN BA 236 -111.31 136.52 18.10
N ARG BA 237 -112.35 136.71 17.29
CA ARG BA 237 -113.63 137.10 17.83
C ARG BA 237 -114.27 135.92 18.55
N SER BA 238 -114.78 136.17 19.75
CA SER BA 238 -115.49 135.13 20.48
C SER BA 238 -116.80 134.82 19.77
N GLN BA 239 -117.41 133.69 20.16
CA GLN BA 239 -118.68 133.30 19.55
C GLN BA 239 -119.76 134.33 19.81
N LYS BA 240 -119.77 134.92 21.00
CA LYS BA 240 -120.70 136.00 21.28
C LYS BA 240 -120.44 137.19 20.37
N ASP BA 241 -119.17 137.49 20.10
CA ASP BA 241 -118.84 138.57 19.17
C ASP BA 241 -119.32 138.27 17.76
N ILE BA 242 -119.18 137.01 17.34
CA ILE BA 242 -119.68 136.62 16.01
C ILE BA 242 -121.20 136.80 15.94
N ASP BA 243 -121.90 136.37 16.99
CA ASP BA 243 -123.35 136.54 16.99
C ASP BA 243 -123.75 138.01 17.01
N GLY BA 244 -123.01 138.84 17.75
CA GLY BA 244 -123.26 140.26 17.80
C GLY BA 244 -122.70 141.05 16.64
N LYS BA 245 -122.04 140.38 15.70
CA LYS BA 245 -121.50 141.00 14.49
C LYS BA 245 -120.48 142.09 14.83
N LYS BA 246 -119.49 141.72 15.64
CA LYS BA 246 -118.40 142.63 15.95
C LYS BA 246 -117.53 142.85 14.73
N ASP BA 247 -116.82 143.98 14.71
CA ASP BA 247 -116.06 144.36 13.53
C ASP BA 247 -114.56 144.12 13.73
N ILE BA 248 -113.84 144.14 12.61
CA ILE BA 248 -112.40 143.88 12.61
C ILE BA 248 -111.66 144.93 13.42
N THR BA 249 -112.10 146.18 13.36
CA THR BA 249 -111.40 147.24 14.09
C THR BA 249 -111.43 146.98 15.59
N ALA BA 250 -112.62 146.74 16.14
CA ALA BA 250 -112.74 146.48 17.57
C ALA BA 250 -112.05 145.19 17.95
N ALA BA 251 -112.16 144.15 17.10
CA ALA BA 251 -111.49 142.89 17.40
C ALA BA 251 -109.99 143.07 17.49
N LEU BA 252 -109.40 143.80 16.53
CA LEU BA 252 -107.97 144.05 16.55
C LEU BA 252 -107.57 144.90 17.76
N ALA BA 253 -108.38 145.90 18.09
CA ALA BA 253 -108.06 146.72 19.27
C ALA BA 253 -108.04 145.87 20.54
N ALA BA 254 -109.05 145.02 20.70
CA ALA BA 254 -109.10 144.15 21.89
C ALA BA 254 -107.94 143.17 21.90
N GLU BA 255 -107.62 142.58 20.74
CA GLU BA 255 -106.52 141.63 20.67
C GLU BA 255 -105.19 142.30 21.00
N ARG BA 256 -105.00 143.53 20.52
CA ARG BA 256 -103.75 144.24 20.81
C ARG BA 256 -103.67 144.60 22.29
N LYS BA 257 -104.77 145.09 22.87
CA LYS BA 257 -104.73 145.48 24.28
C LYS BA 257 -104.63 144.28 25.22
N PHE BA 258 -105.06 143.09 24.77
CA PHE BA 258 -104.97 141.91 25.63
C PHE BA 258 -103.52 141.56 25.93
N PHE BA 259 -102.66 141.55 24.91
CA PHE BA 259 -101.28 141.18 25.12
C PHE BA 259 -100.50 142.24 25.89
N LEU BA 260 -101.04 143.44 26.04
CA LEU BA 260 -100.47 144.42 26.96
C LEU BA 260 -101.02 144.27 28.37
N SER BA 261 -102.29 143.89 28.50
CA SER BA 261 -102.88 143.70 29.82
C SER BA 261 -102.29 142.48 30.52
N HIS BA 262 -102.05 141.40 29.78
CA HIS BA 262 -101.61 140.15 30.40
C HIS BA 262 -100.18 140.27 30.89
N PRO BA 263 -99.92 140.07 32.18
CA PRO BA 263 -98.53 140.17 32.68
C PRO BA 263 -97.58 139.18 32.04
N SER BA 264 -98.02 137.97 31.72
CA SER BA 264 -97.13 136.98 31.15
C SER BA 264 -96.78 137.26 29.69
N TYR BA 265 -97.61 138.03 28.98
CA TYR BA 265 -97.39 138.31 27.57
C TYR BA 265 -97.09 139.78 27.30
N ARG BA 266 -96.85 140.58 28.34
CA ARG BA 266 -96.56 141.99 28.13
C ARG BA 266 -95.30 142.19 27.29
N HIS BA 267 -94.29 141.33 27.49
CA HIS BA 267 -93.03 141.44 26.79
C HIS BA 267 -93.05 140.72 25.44
N LEU BA 268 -94.24 140.44 24.90
CA LEU BA 268 -94.34 139.78 23.60
C LEU BA 268 -95.42 140.39 22.72
N ALA BA 269 -95.98 141.55 23.11
CA ALA BA 269 -97.10 142.11 22.37
C ALA BA 269 -96.75 142.40 20.91
N ASP BA 270 -95.53 142.84 20.65
CA ASP BA 270 -95.12 143.09 19.27
C ASP BA 270 -94.88 141.81 18.49
N ARG BA 271 -94.54 140.71 19.17
CA ARG BA 271 -94.23 139.46 18.51
C ARG BA 271 -95.40 138.49 18.44
N MET BA 272 -96.55 138.84 19.04
CA MET BA 272 -97.75 138.03 18.99
C MET BA 272 -98.90 138.86 18.44
N GLY BA 273 -99.82 138.19 17.76
CA GLY BA 273 -100.98 138.86 17.21
C GLY BA 273 -101.18 138.63 15.72
N THR BA 274 -102.39 138.95 15.25
CA THR BA 274 -102.69 138.77 13.83
C THR BA 274 -101.82 139.60 12.91
N PRO BA 275 -101.55 140.89 13.16
CA PRO BA 275 -100.60 141.61 12.29
C PRO BA 275 -99.24 140.95 12.22
N TYR BA 276 -98.73 140.44 13.34
CA TYR BA 276 -97.43 139.77 13.29
C TYR BA 276 -97.52 138.44 12.56
N LEU BA 277 -98.68 137.77 12.64
CA LEU BA 277 -98.88 136.56 11.84
C LEU BA 277 -98.83 136.89 10.34
N GLN BA 278 -99.48 137.98 9.94
CA GLN BA 278 -99.42 138.41 8.55
C GLN BA 278 -97.98 138.72 8.15
N LYS BA 279 -97.25 139.41 9.01
CA LYS BA 279 -95.86 139.75 8.71
C LYS BA 279 -95.01 138.51 8.54
N VAL BA 280 -95.19 137.51 9.41
CA VAL BA 280 -94.40 136.28 9.30
C VAL BA 280 -94.76 135.52 8.03
N LEU BA 281 -96.05 135.43 7.71
CA LEU BA 281 -96.43 134.74 6.48
C LEU BA 281 -95.86 135.41 5.24
N ASN BA 282 -95.94 136.74 5.19
CA ASN BA 282 -95.41 137.46 4.04
C ASN BA 282 -93.89 137.34 3.99
N GLN BA 283 -93.23 137.34 5.14
CA GLN BA 283 -91.79 137.11 5.16
C GLN BA 283 -91.46 135.73 4.62
N GLN BA 284 -92.27 134.73 4.97
CA GLN BA 284 -92.01 133.38 4.48
C GLN BA 284 -92.24 133.27 2.97
N LEU BA 285 -93.20 134.03 2.44
CA LEU BA 285 -93.40 134.06 0.99
C LEU BA 285 -92.21 134.74 0.30
N THR BA 286 -91.75 135.86 0.86
CA THR BA 286 -90.63 136.58 0.27
C THR BA 286 -89.35 135.74 0.32
N ASN BA 287 -89.15 134.99 1.41
CA ASN BA 287 -87.99 134.13 1.54
C ASN BA 287 -88.06 132.91 0.63
N HIS BA 288 -89.14 132.75 -0.11
CA HIS BA 288 -89.20 131.78 -1.20
C HIS BA 288 -89.04 132.45 -2.57
N ILE BA 289 -89.67 133.60 -2.76
CA ILE BA 289 -89.47 134.35 -4.00
C ILE BA 289 -87.98 134.63 -4.21
N ARG BA 290 -87.32 135.15 -3.18
CA ARG BA 290 -85.91 135.47 -3.27
C ARG BA 290 -85.04 134.24 -3.14
N ASP BA 291 -85.57 133.14 -2.60
CA ASP BA 291 -84.82 131.89 -2.60
C ASP BA 291 -84.69 131.31 -4.00
N THR BA 292 -85.76 131.43 -4.80
CA THR BA 292 -85.76 130.79 -6.11
C THR BA 292 -84.82 131.49 -7.09
N LEU BA 293 -84.55 132.78 -6.90
CA LEU BA 293 -83.87 133.57 -7.92
C LEU BA 293 -82.52 133.02 -8.38
N PRO BA 294 -81.64 132.51 -7.51
CA PRO BA 294 -80.37 131.96 -8.03
C PRO BA 294 -80.55 130.89 -9.10
N GLY BA 295 -81.50 129.97 -8.91
CA GLY BA 295 -81.73 128.94 -9.90
C GLY BA 295 -82.17 129.51 -11.24
N LEU BA 296 -83.12 130.44 -11.21
CA LEU BA 296 -83.57 131.09 -12.43
C LEU BA 296 -82.43 131.82 -13.11
N ARG BA 297 -81.61 132.53 -12.33
CA ARG BA 297 -80.53 133.31 -12.94
C ARG BA 297 -79.52 132.40 -13.62
N ASN BA 298 -79.11 131.31 -12.96
CA ASN BA 298 -78.11 130.46 -13.57
C ASN BA 298 -78.68 129.70 -14.77
N LYS BA 299 -79.94 129.25 -14.69
CA LYS BA 299 -80.52 128.55 -15.83
C LYS BA 299 -80.69 129.48 -17.02
N LEU BA 300 -81.13 130.71 -16.79
CA LEU BA 300 -81.25 131.66 -17.89
C LEU BA 300 -79.89 132.09 -18.42
N GLN BA 301 -78.86 132.12 -17.57
CA GLN BA 301 -77.51 132.34 -18.07
C GLN BA 301 -77.07 131.22 -18.98
N SER BA 302 -77.39 129.97 -18.63
CA SER BA 302 -77.09 128.85 -19.51
C SER BA 302 -77.83 128.97 -20.84
N GLN BA 303 -79.10 129.36 -20.81
CA GLN BA 303 -79.86 129.50 -22.05
C GLN BA 303 -79.33 130.64 -22.92
N LEU BA 304 -78.97 131.76 -22.29
CA LEU BA 304 -78.36 132.85 -23.04
C LEU BA 304 -76.99 132.45 -23.59
N LEU BA 305 -76.27 131.59 -22.87
CA LEU BA 305 -75.03 131.03 -23.40
C LEU BA 305 -75.32 130.20 -24.65
N SER BA 306 -76.42 129.44 -24.63
CA SER BA 306 -76.79 128.65 -25.80
C SER BA 306 -77.13 129.54 -26.99
N ILE BA 307 -77.83 130.65 -26.75
CA ILE BA 307 -78.29 131.45 -27.88
C ILE BA 307 -77.24 132.45 -28.37
N GLU BA 308 -76.27 132.81 -27.52
CA GLU BA 308 -75.34 133.87 -27.89
C GLU BA 308 -74.46 133.46 -29.07
N LYS BA 309 -74.13 132.16 -29.17
CA LYS BA 309 -73.33 131.70 -30.29
C LYS BA 309 -74.05 131.95 -31.61
N GLU BA 310 -75.34 131.64 -31.65
CA GLU BA 310 -76.13 131.93 -32.85
C GLU BA 310 -76.24 133.43 -33.09
N VAL BA 311 -76.31 134.22 -32.01
CA VAL BA 311 -76.34 135.67 -32.18
C VAL BA 311 -74.99 136.20 -32.68
N GLU BA 312 -73.91 135.45 -32.50
CA GLU BA 312 -72.60 135.92 -32.93
C GLU BA 312 -72.55 136.17 -34.43
N GLU BA 313 -73.00 135.19 -35.22
CA GLU BA 313 -73.10 135.40 -36.66
C GLU BA 313 -74.28 136.28 -37.01
N TYR BA 314 -75.14 136.61 -36.04
CA TYR BA 314 -76.31 137.46 -36.27
C TYR BA 314 -76.22 138.76 -35.48
N LYS BA 315 -75.03 139.35 -35.38
CA LYS BA 315 -74.91 140.69 -34.80
C LYS BA 315 -75.66 141.70 -35.65
N ASN BA 316 -75.52 141.61 -36.97
CA ASN BA 316 -76.04 142.60 -37.90
C ASN BA 316 -76.75 141.92 -39.06
N PHE BA 317 -77.72 142.63 -39.64
CA PHE BA 317 -78.46 142.16 -40.80
C PHE BA 317 -79.01 143.37 -41.55
N ARG BA 318 -78.47 143.63 -42.72
CA ARG BA 318 -78.95 144.70 -43.59
C ARG BA 318 -79.74 144.13 -44.75
N PRO BA 319 -80.62 144.92 -45.36
CA PRO BA 319 -81.31 144.45 -46.56
C PRO BA 319 -80.31 144.11 -47.67
N ASP BA 320 -80.62 143.04 -48.40
CA ASP BA 320 -79.88 142.59 -49.57
C ASP BA 320 -78.54 141.94 -49.21
N ASP BA 321 -78.14 142.03 -47.93
CA ASP BA 321 -76.99 141.31 -47.38
C ASP BA 321 -75.78 141.32 -48.30
N PRO BA 322 -75.08 142.46 -48.42
CA PRO BA 322 -74.02 142.55 -49.45
C PRO BA 322 -72.92 141.51 -49.31
N ALA BA 323 -72.51 141.16 -48.09
CA ALA BA 323 -71.44 140.21 -47.88
C ALA BA 323 -71.87 138.95 -47.16
N ARG BA 324 -72.95 139.00 -46.38
CA ARG BA 324 -73.46 137.79 -45.74
C ARG BA 324 -73.84 136.77 -46.80
N LYS BA 325 -74.36 137.23 -47.95
CA LYS BA 325 -74.72 136.31 -49.01
C LYS BA 325 -73.51 135.54 -49.52
N THR BA 326 -72.41 136.24 -49.80
CA THR BA 326 -71.21 135.57 -50.27
C THR BA 326 -70.65 134.63 -49.21
N LYS BA 327 -70.64 135.08 -47.95
CA LYS BA 327 -70.11 134.23 -46.89
C LYS BA 327 -70.92 132.95 -46.75
N ALA BA 328 -72.25 133.07 -46.74
CA ALA BA 328 -73.11 131.90 -46.62
C ALA BA 328 -73.00 131.01 -47.85
N LEU BA 329 -72.82 131.59 -49.03
CA LEU BA 329 -72.59 130.79 -50.22
C LEU BA 329 -71.33 129.94 -50.06
N LEU BA 330 -70.25 130.56 -49.55
CA LEU BA 330 -69.02 129.79 -49.35
C LEU BA 330 -69.24 128.70 -48.32
N GLN BA 331 -69.96 129.00 -47.23
CA GLN BA 331 -70.21 127.97 -46.21
C GLN BA 331 -70.99 126.80 -46.80
N MET BA 332 -72.03 127.09 -47.57
CA MET BA 332 -72.81 126.02 -48.19
C MET BA 332 -71.98 125.20 -49.16
N VAL BA 333 -71.16 125.88 -49.98
CA VAL BA 333 -70.34 125.16 -50.95
C VAL BA 333 -69.34 124.25 -50.24
N GLN BA 334 -68.71 124.75 -49.17
CA GLN BA 334 -67.76 123.93 -48.43
C GLN BA 334 -68.46 122.76 -47.76
N GLN BA 335 -69.65 122.98 -47.20
CA GLN BA 335 -70.40 121.89 -46.60
C GLN BA 335 -70.74 120.83 -47.63
N PHE BA 336 -71.19 121.25 -48.81
CA PHE BA 336 -71.51 120.29 -49.86
C PHE BA 336 -70.28 119.52 -50.29
N ALA BA 337 -69.15 120.20 -50.47
CA ALA BA 337 -67.94 119.52 -50.91
C ALA BA 337 -67.46 118.51 -49.88
N VAL BA 338 -67.43 118.92 -48.61
CA VAL BA 338 -66.95 118.01 -47.58
C VAL BA 338 -67.92 116.86 -47.39
N ASP BA 339 -69.21 117.09 -47.60
CA ASP BA 339 -70.17 115.99 -47.44
C ASP BA 339 -70.11 115.04 -48.63
N PHE BA 340 -69.87 115.55 -49.84
CA PHE BA 340 -69.64 114.68 -50.98
C PHE BA 340 -68.42 113.80 -50.74
N GLU BA 341 -67.32 114.41 -50.30
CA GLU BA 341 -66.10 113.65 -50.04
C GLU BA 341 -66.31 112.64 -48.93
N LYS BA 342 -67.05 113.02 -47.89
CA LYS BA 342 -67.34 112.10 -46.80
C LYS BA 342 -68.25 110.96 -47.26
N ARG BA 343 -69.18 111.25 -48.17
CA ARG BA 343 -70.13 110.24 -48.62
C ARG BA 343 -69.47 109.23 -49.55
N ILE BA 344 -68.53 109.68 -50.37
CA ILE BA 344 -67.91 108.83 -51.39
C ILE BA 344 -66.51 108.37 -50.99
N GLU BA 345 -65.59 109.31 -50.80
CA GLU BA 345 -64.24 108.94 -50.40
C GLU BA 345 -64.24 108.26 -49.04
N GLY BA 346 -64.99 108.81 -48.10
CA GLY BA 346 -65.02 108.26 -46.75
C GLY BA 346 -64.11 109.01 -45.80
N SER BA 347 -64.18 110.34 -45.82
CA SER BA 347 -63.37 111.15 -44.93
C SER BA 347 -63.79 110.92 -43.48
N GLY BA 348 -63.05 111.53 -42.56
CA GLY BA 348 -63.33 111.37 -41.16
C GLY BA 348 -64.56 112.12 -40.69
N ASP BA 349 -64.60 112.40 -39.38
CA ASP BA 349 -65.66 113.22 -38.76
C ASP BA 349 -67.03 112.57 -38.90
N GLN BA 350 -67.16 111.40 -38.29
CA GLN BA 350 -68.47 110.82 -37.96
C GLN BA 350 -69.38 110.56 -39.15
N ILE BA 351 -69.02 109.62 -40.01
CA ILE BA 351 -69.95 109.16 -41.04
C ILE BA 351 -71.00 108.27 -40.39
N ASP BA 352 -72.25 108.40 -40.83
CA ASP BA 352 -73.36 107.72 -40.18
C ASP BA 352 -73.25 106.21 -40.32
N THR BA 353 -73.74 105.50 -39.30
CA THR BA 353 -73.70 104.05 -39.26
C THR BA 353 -75.10 103.42 -39.36
N TYR BA 354 -76.11 104.21 -39.71
CA TYR BA 354 -77.48 103.70 -39.67
C TYR BA 354 -77.74 102.74 -40.83
N GLU BA 355 -77.48 103.17 -42.05
CA GLU BA 355 -77.81 102.39 -43.24
C GLU BA 355 -76.54 102.02 -43.99
N LEU BA 356 -76.72 101.44 -45.17
CA LEU BA 356 -75.59 101.23 -46.06
C LEU BA 356 -74.99 102.56 -46.48
N SER BA 357 -75.75 103.65 -46.32
CA SER BA 357 -75.26 105.01 -46.09
C SER BA 357 -74.34 105.49 -47.22
N GLY BA 358 -74.97 105.69 -48.37
CA GLY BA 358 -74.36 106.53 -49.38
C GLY BA 358 -73.86 105.74 -50.57
N GLY BA 359 -73.56 106.48 -51.63
CA GLY BA 359 -73.17 105.86 -52.88
C GLY BA 359 -71.89 105.06 -52.79
N ALA BA 360 -70.98 105.45 -51.89
CA ALA BA 360 -69.64 104.88 -51.87
C ALA BA 360 -69.68 103.36 -51.85
N ARG BA 361 -70.47 102.79 -50.95
CA ARG BA 361 -70.53 101.34 -50.89
C ARG BA 361 -71.55 100.78 -51.87
N ILE BA 362 -72.58 101.56 -52.22
CA ILE BA 362 -73.42 101.17 -53.36
C ILE BA 362 -72.59 101.16 -54.63
N ASN BA 363 -71.75 102.18 -54.80
CA ASN BA 363 -70.85 102.20 -55.94
C ASN BA 363 -69.90 101.01 -55.90
N ARG BA 364 -69.38 100.68 -54.71
CA ARG BA 364 -68.61 99.44 -54.62
C ARG BA 364 -69.40 98.18 -54.95
N ILE BA 365 -70.64 98.06 -54.48
CA ILE BA 365 -71.35 96.83 -54.78
C ILE BA 365 -71.56 96.72 -56.27
N PHE BA 366 -71.62 97.87 -56.96
CA PHE BA 366 -71.59 97.83 -58.42
C PHE BA 366 -70.25 97.33 -58.95
N HIS BA 367 -69.14 97.91 -58.47
CA HIS BA 367 -67.83 97.49 -58.95
C HIS BA 367 -67.49 96.04 -58.61
N GLU BA 368 -68.21 95.43 -57.68
CA GLU BA 368 -67.95 94.04 -57.31
C GLU BA 368 -69.15 93.12 -57.52
N ARG BA 369 -70.20 93.59 -58.20
CA ARG BA 369 -71.24 92.73 -58.73
C ARG BA 369 -71.24 92.69 -60.25
N PHE BA 370 -70.70 93.73 -60.90
CA PHE BA 370 -70.46 93.72 -62.34
C PHE BA 370 -69.60 92.52 -62.76
N PRO BA 371 -68.59 92.09 -61.95
CA PRO BA 371 -67.96 90.80 -62.24
C PRO BA 371 -68.86 89.58 -62.09
N PHE BA 372 -70.13 89.79 -61.73
CA PHE BA 372 -71.11 88.73 -61.91
C PHE BA 372 -71.95 88.92 -63.16
N GLU BA 373 -72.23 90.17 -63.53
CA GLU BA 373 -72.93 90.43 -64.79
C GLU BA 373 -72.09 90.07 -66.00
N LEU BA 374 -70.76 90.09 -65.87
CA LEU BA 374 -69.90 89.60 -66.95
C LEU BA 374 -70.03 88.09 -67.09
N VAL BA 375 -69.99 87.37 -65.98
CA VAL BA 375 -70.03 85.91 -66.02
C VAL BA 375 -71.39 85.43 -66.51
N LYS BA 376 -72.47 86.04 -66.01
CA LYS BA 376 -73.81 85.49 -66.22
C LYS BA 376 -74.21 85.57 -67.69
N MET BA 377 -74.07 86.74 -68.30
CA MET BA 377 -74.70 86.98 -69.60
C MET BA 377 -74.05 86.19 -70.73
N GLU BA 378 -72.74 85.99 -70.68
CA GLU BA 378 -71.99 85.43 -71.80
C GLU BA 378 -71.80 83.93 -71.63
N PHE BA 379 -72.25 83.16 -72.62
CA PHE BA 379 -72.08 81.71 -72.65
C PHE BA 379 -72.51 81.16 -74.00
N ASP BA 380 -71.83 80.11 -74.42
CA ASP BA 380 -72.27 79.23 -75.50
C ASP BA 380 -71.35 78.02 -75.52
N GLU BA 381 -71.85 76.92 -76.07
CA GLU BA 381 -71.07 75.69 -76.13
C GLU BA 381 -71.70 74.77 -77.18
N LYS BA 382 -70.85 73.93 -77.77
CA LYS BA 382 -71.24 72.89 -78.73
C LYS BA 382 -71.74 73.47 -80.04
N GLU BA 383 -71.82 74.79 -80.13
CA GLU BA 383 -71.90 75.50 -81.39
C GLU BA 383 -70.57 76.11 -81.78
N LEU BA 384 -69.82 76.57 -80.78
CA LEU BA 384 -68.44 76.97 -81.02
C LEU BA 384 -67.61 75.80 -81.51
N ARG BA 385 -67.97 74.57 -81.14
CA ARG BA 385 -67.27 73.41 -81.69
C ARG BA 385 -67.42 73.36 -83.20
N ARG BA 386 -68.64 73.53 -83.70
CA ARG BA 386 -68.86 73.54 -85.14
C ARG BA 386 -68.16 74.72 -85.80
N GLU BA 387 -68.23 75.90 -85.19
CA GLU BA 387 -67.58 77.06 -85.77
C GLU BA 387 -66.07 76.87 -85.85
N ILE BA 388 -65.47 76.31 -84.80
CA ILE BA 388 -64.04 76.05 -84.79
C ILE BA 388 -63.68 75.01 -85.84
N SER BA 389 -64.49 73.95 -85.96
CA SER BA 389 -64.23 72.94 -86.98
C SER BA 389 -64.18 73.57 -88.36
N TYR BA 390 -65.17 74.41 -88.67
CA TYR BA 390 -65.19 75.05 -89.99
C TYR BA 390 -64.03 76.02 -90.15
N ALA BA 391 -63.65 76.76 -89.11
CA ALA BA 391 -62.50 77.64 -89.21
C ALA BA 391 -61.22 76.87 -89.49
N ILE BA 392 -61.05 75.72 -88.82
CA ILE BA 392 -59.88 74.88 -89.06
C ILE BA 392 -59.89 74.40 -90.51
N LYS BA 393 -61.03 73.91 -90.98
CA LYS BA 393 -61.11 73.38 -92.33
C LYS BA 393 -61.13 74.46 -93.40
N ASN BA 394 -61.16 75.73 -93.03
CA ASN BA 394 -61.16 76.78 -94.04
C ASN BA 394 -59.96 77.71 -94.04
N ILE BA 395 -59.22 77.86 -92.93
CA ILE BA 395 -58.13 78.81 -92.95
C ILE BA 395 -56.81 78.21 -93.46
N HIS BA 396 -56.73 76.89 -93.58
CA HIS BA 396 -55.70 76.29 -94.42
C HIS BA 396 -56.45 75.55 -95.52
N GLY BA 397 -57.40 76.27 -96.11
CA GLY BA 397 -58.51 75.66 -96.78
C GLY BA 397 -58.18 74.79 -97.98
N ILE BA 398 -57.10 75.12 -98.70
CA ILE BA 398 -56.81 74.35 -99.92
C ILE BA 398 -55.88 73.16 -99.67
N ARG BA 399 -55.10 73.18 -98.60
CA ARG BA 399 -54.03 72.22 -98.41
C ARG BA 399 -54.12 71.56 -97.04
N THR BA 400 -53.75 70.28 -96.98
CA THR BA 400 -53.84 69.53 -95.74
C THR BA 400 -53.02 70.18 -94.64
N GLY BA 401 -53.71 70.74 -93.65
CA GLY BA 401 -53.03 71.38 -92.54
C GLY BA 401 -52.54 70.34 -91.56
N LEU BA 402 -51.22 70.20 -91.47
CA LEU BA 402 -50.61 69.24 -90.57
C LEU BA 402 -50.28 69.85 -89.21
N PHE BA 403 -50.67 71.10 -88.99
CA PHE BA 403 -50.51 71.77 -87.70
C PHE BA 403 -51.78 72.54 -87.40
N THR BA 404 -52.18 72.54 -86.13
CA THR BA 404 -53.41 73.21 -85.75
C THR BA 404 -53.28 74.71 -86.03
N PRO BA 405 -54.13 75.28 -86.87
CA PRO BA 405 -53.93 76.67 -87.28
C PRO BA 405 -54.35 77.66 -86.20
N ASP BA 406 -54.03 78.92 -86.46
CA ASP BA 406 -53.97 79.97 -85.45
C ASP BA 406 -54.99 81.07 -85.63
N MET BA 407 -55.24 81.47 -86.87
CA MET BA 407 -56.27 82.46 -87.13
C MET BA 407 -57.65 81.99 -86.68
N ALA BA 408 -57.84 80.68 -86.54
CA ALA BA 408 -59.10 80.18 -85.99
C ALA BA 408 -59.24 80.55 -84.51
N PHE BA 409 -58.19 80.33 -83.74
CA PHE BA 409 -58.19 80.79 -82.34
C PHE BA 409 -58.41 82.28 -82.26
N GLU BA 410 -57.71 83.04 -83.13
CA GLU BA 410 -57.88 84.49 -83.14
C GLU BA 410 -59.33 84.87 -83.44
N THR BA 411 -59.94 84.22 -84.44
CA THR BA 411 -61.30 84.54 -84.81
C THR BA 411 -62.29 84.20 -83.71
N ILE BA 412 -62.12 83.06 -83.04
CA ILE BA 412 -63.04 82.69 -81.96
C ILE BA 412 -62.94 83.68 -80.80
N VAL BA 413 -61.72 83.98 -80.36
CA VAL BA 413 -61.60 84.88 -79.21
C VAL BA 413 -62.05 86.29 -79.59
N LYS BA 414 -61.80 86.71 -80.82
CA LYS BA 414 -62.25 88.04 -81.25
C LYS BA 414 -63.77 88.09 -81.36
N LYS BA 415 -64.40 87.01 -81.79
CA LYS BA 415 -65.86 86.94 -81.85
C LYS BA 415 -66.48 86.84 -80.47
N GLN BA 416 -65.72 86.42 -79.47
CA GLN BA 416 -66.26 86.28 -78.13
C GLN BA 416 -65.99 87.47 -77.22
N VAL BA 417 -64.92 88.24 -77.46
CA VAL BA 417 -64.60 89.37 -76.59
C VAL BA 417 -65.25 90.64 -77.11
N LYS BA 418 -66.16 90.51 -78.07
CA LYS BA 418 -66.91 91.68 -78.53
C LYS BA 418 -68.30 91.77 -77.94
N LYS BA 419 -68.74 90.75 -77.19
CA LYS BA 419 -69.99 90.83 -76.46
C LYS BA 419 -69.86 91.55 -75.14
N ILE BA 420 -68.63 91.93 -74.74
CA ILE BA 420 -68.42 92.64 -73.49
C ILE BA 420 -68.92 94.07 -73.57
N ARG BA 421 -69.21 94.58 -74.77
CA ARG BA 421 -69.64 95.96 -74.90
C ARG BA 421 -70.92 96.27 -74.15
N GLU BA 422 -71.79 95.28 -73.95
CA GLU BA 422 -73.03 95.55 -73.23
C GLU BA 422 -72.81 95.62 -71.72
N PRO BA 423 -72.21 94.62 -71.07
CA PRO BA 423 -72.08 94.68 -69.61
C PRO BA 423 -71.31 95.90 -69.11
N CYS BA 424 -70.26 96.32 -69.83
CA CYS BA 424 -69.47 97.46 -69.39
C CYS BA 424 -70.28 98.75 -69.45
N LEU BA 425 -71.01 98.96 -70.54
CA LEU BA 425 -71.85 100.15 -70.63
C LEU BA 425 -72.96 100.12 -69.59
N LYS BA 426 -73.52 98.94 -69.32
CA LYS BA 426 -74.52 98.83 -68.27
C LYS BA 426 -73.93 99.20 -66.92
N CYS BA 427 -72.71 98.75 -66.64
CA CYS BA 427 -72.05 99.11 -65.39
C CYS BA 427 -71.84 100.61 -65.29
N VAL BA 428 -71.39 101.23 -66.39
CA VAL BA 428 -71.16 102.68 -66.37
C VAL BA 428 -72.44 103.43 -66.09
N ASP BA 429 -73.53 103.05 -66.77
CA ASP BA 429 -74.79 103.75 -66.54
C ASP BA 429 -75.33 103.51 -65.13
N MET BA 430 -75.13 102.31 -64.59
CA MET BA 430 -75.58 102.02 -63.23
C MET BA 430 -74.83 102.88 -62.22
N VAL BA 431 -73.51 102.99 -62.38
CA VAL BA 431 -72.71 103.85 -61.52
C VAL BA 431 -73.15 105.31 -61.67
N ILE BA 432 -73.46 105.73 -62.89
CA ILE BA 432 -73.94 107.08 -63.10
C ILE BA 432 -75.22 107.32 -62.31
N SER BA 433 -76.14 106.36 -62.35
CA SER BA 433 -77.39 106.50 -61.62
C SER BA 433 -77.15 106.64 -60.12
N GLU BA 434 -76.32 105.76 -59.56
CA GLU BA 434 -76.13 105.84 -58.10
C GLU BA 434 -75.41 107.11 -57.72
N LEU BA 435 -74.49 107.59 -58.57
CA LEU BA 435 -73.73 108.79 -58.23
C LEU BA 435 -74.58 110.05 -58.37
N ILE BA 436 -75.59 110.04 -59.25
CA ILE BA 436 -76.53 111.16 -59.24
C ILE BA 436 -77.43 111.08 -58.01
N SER BA 437 -77.83 109.87 -57.62
CA SER BA 437 -78.62 109.74 -56.40
C SER BA 437 -77.85 110.25 -55.19
N THR BA 438 -76.54 109.98 -55.13
CA THR BA 438 -75.72 110.47 -54.03
C THR BA 438 -75.67 111.99 -54.00
N VAL BA 439 -75.53 112.63 -55.17
CA VAL BA 439 -75.52 114.08 -55.20
C VAL BA 439 -76.84 114.65 -54.70
N ARG BA 440 -77.95 114.08 -55.14
CA ARG BA 440 -79.24 114.58 -54.63
C ARG BA 440 -79.37 114.35 -53.13
N GLN BA 441 -78.92 113.19 -52.65
CA GLN BA 441 -79.05 112.86 -51.23
C GLN BA 441 -78.21 113.79 -50.37
N CYS BA 442 -77.01 114.14 -50.83
CA CYS BA 442 -76.11 114.99 -50.06
C CYS BA 442 -76.29 116.47 -50.40
N THR BA 443 -77.23 116.80 -51.28
CA THR BA 443 -77.70 118.18 -51.39
C THR BA 443 -79.01 118.42 -50.67
N LYS BA 444 -79.77 117.37 -50.37
CA LYS BA 444 -81.03 117.53 -49.64
C LYS BA 444 -80.85 118.34 -48.36
N LYS BA 445 -79.75 118.14 -47.64
CA LYS BA 445 -79.52 118.87 -46.40
C LYS BA 445 -79.19 120.33 -46.62
N LEU BA 446 -79.24 120.85 -47.83
CA LEU BA 446 -79.00 122.26 -48.09
C LEU BA 446 -80.31 123.03 -48.21
N GLN BA 447 -81.42 122.40 -47.83
CA GLN BA 447 -82.75 122.99 -47.95
C GLN BA 447 -82.91 124.27 -47.13
N GLN BA 448 -81.87 124.68 -46.41
CA GLN BA 448 -81.89 125.98 -45.74
C GLN BA 448 -82.14 127.10 -46.74
N TYR BA 449 -81.39 127.11 -47.83
CA TYR BA 449 -81.64 128.05 -48.91
C TYR BA 449 -82.26 127.31 -50.08
N PRO BA 450 -83.50 127.59 -50.46
CA PRO BA 450 -84.00 127.15 -51.76
C PRO BA 450 -83.39 128.02 -52.85
N ARG BA 451 -83.60 127.59 -54.10
CA ARG BA 451 -83.13 128.26 -55.30
C ARG BA 451 -81.62 128.20 -55.44
N LEU BA 452 -80.90 127.63 -54.47
CA LEU BA 452 -79.49 127.34 -54.61
C LEU BA 452 -79.20 125.85 -54.66
N ARG BA 453 -79.98 125.04 -53.94
CA ARG BA 453 -79.87 123.60 -54.12
C ARG BA 453 -80.22 123.21 -55.55
N GLU BA 454 -81.21 123.89 -56.13
CA GLU BA 454 -81.58 123.63 -57.52
C GLU BA 454 -80.40 123.91 -58.45
N GLU BA 455 -79.75 125.06 -58.28
CA GLU BA 455 -78.60 125.39 -59.11
C GLU BA 455 -77.46 124.41 -58.91
N MET BA 456 -77.17 124.05 -57.66
CA MET BA 456 -76.06 123.16 -57.38
C MET BA 456 -76.29 121.78 -58.00
N GLU BA 457 -77.49 121.23 -57.83
CA GLU BA 457 -77.81 119.95 -58.45
C GLU BA 457 -77.78 120.06 -59.97
N ARG BA 458 -78.34 121.13 -60.52
CA ARG BA 458 -78.37 121.33 -61.97
C ARG BA 458 -76.99 121.49 -62.57
N ILE BA 459 -76.01 121.93 -61.79
CA ILE BA 459 -74.65 122.03 -62.30
C ILE BA 459 -73.90 120.72 -62.15
N VAL BA 460 -73.95 120.10 -60.97
CA VAL BA 460 -73.21 118.87 -60.77
C VAL BA 460 -73.73 117.75 -61.66
N THR BA 461 -75.06 117.62 -61.76
CA THR BA 461 -75.62 116.55 -62.58
C THR BA 461 -75.32 116.77 -64.06
N THR BA 462 -75.36 118.02 -64.52
CA THR BA 462 -74.98 118.29 -65.91
C THR BA 462 -73.52 117.94 -66.14
N HIS BA 463 -72.64 118.23 -65.16
CA HIS BA 463 -71.25 117.85 -65.32
C HIS BA 463 -71.09 116.33 -65.42
N ILE BA 464 -71.82 115.60 -64.57
CA ILE BA 464 -71.73 114.14 -64.61
C ILE BA 464 -72.23 113.60 -65.94
N ARG BA 465 -73.31 114.18 -66.47
CA ARG BA 465 -73.81 113.75 -67.77
C ARG BA 465 -72.81 114.10 -68.88
N GLU BA 466 -72.20 115.28 -68.81
CA GLU BA 466 -71.19 115.64 -69.79
C GLU BA 466 -69.95 114.77 -69.70
N ARG BA 467 -69.75 114.11 -68.57
CA ARG BA 467 -68.62 113.19 -68.40
C ARG BA 467 -68.96 111.76 -68.78
N GLU BA 468 -70.25 111.38 -68.77
CA GLU BA 468 -70.61 110.01 -69.11
C GLU BA 468 -70.21 109.68 -70.54
N GLY BA 469 -70.30 110.65 -71.45
CA GLY BA 469 -69.91 110.39 -72.83
C GLY BA 469 -68.44 110.00 -72.93
N ARG BA 470 -67.57 110.76 -72.27
CA ARG BA 470 -66.14 110.45 -72.32
C ARG BA 470 -65.84 109.11 -71.66
N THR BA 471 -66.47 108.82 -70.51
CA THR BA 471 -66.12 107.56 -69.87
C THR BA 471 -66.64 106.37 -70.66
N LYS BA 472 -67.82 106.49 -71.29
CA LYS BA 472 -68.30 105.41 -72.14
C LYS BA 472 -67.41 105.23 -73.36
N GLU BA 473 -66.94 106.35 -73.93
CA GLU BA 473 -66.03 106.26 -75.07
C GLU BA 473 -64.76 105.50 -74.69
N GLN BA 474 -64.16 105.85 -73.56
CA GLN BA 474 -62.96 105.13 -73.14
C GLN BA 474 -63.26 103.68 -72.79
N VAL BA 475 -64.44 103.40 -72.23
CA VAL BA 475 -64.81 102.02 -71.92
C VAL BA 475 -64.88 101.19 -73.20
N MET BA 476 -65.53 101.72 -74.23
CA MET BA 476 -65.56 101.01 -75.51
C MET BA 476 -64.16 100.84 -76.09
N LEU BA 477 -63.36 101.89 -76.01
CA LEU BA 477 -62.03 101.85 -76.63
C LEU BA 477 -61.11 100.84 -75.93
N LEU BA 478 -61.30 100.62 -74.63
CA LEU BA 478 -60.45 99.65 -73.95
C LEU BA 478 -60.65 98.24 -74.51
N ILE BA 479 -61.90 97.78 -74.58
CA ILE BA 479 -62.15 96.45 -75.12
C ILE BA 479 -61.86 96.42 -76.62
N ASP BA 480 -62.08 97.53 -77.32
CA ASP BA 480 -61.71 97.58 -78.73
C ASP BA 480 -60.22 97.40 -78.92
N ILE BA 481 -59.43 97.92 -77.97
CA ILE BA 481 -58.00 97.61 -77.95
C ILE BA 481 -57.78 96.14 -77.68
N GLU BA 482 -58.54 95.57 -76.74
CA GLU BA 482 -58.39 94.15 -76.42
C GLU BA 482 -58.64 93.27 -77.64
N LEU BA 483 -59.49 93.72 -78.55
CA LEU BA 483 -59.76 93.00 -79.79
C LEU BA 483 -58.65 93.12 -80.83
N ALA BA 484 -57.44 93.54 -80.45
CA ALA BA 484 -56.42 93.80 -81.46
C ALA BA 484 -55.31 92.76 -81.53
N TYR BA 485 -54.79 92.28 -80.40
CA TYR BA 485 -53.53 91.56 -80.44
C TYR BA 485 -53.61 90.11 -80.00
N MET BA 486 -54.46 89.78 -79.02
CA MET BA 486 -54.60 88.42 -78.52
C MET BA 486 -53.26 87.87 -78.03
N ASN BA 487 -52.73 88.51 -76.99
CA ASN BA 487 -51.43 88.13 -76.45
C ASN BA 487 -51.46 86.71 -75.91
N THR BA 488 -50.39 85.97 -76.16
CA THR BA 488 -50.33 84.58 -75.72
C THR BA 488 -48.99 84.29 -75.04
N ASN BA 489 -48.11 85.27 -74.90
CA ASN BA 489 -46.90 85.10 -74.11
C ASN BA 489 -47.12 85.64 -72.69
N HIS BA 490 -48.37 85.79 -72.29
CA HIS BA 490 -48.75 86.09 -70.92
C HIS BA 490 -48.63 84.80 -70.10
N GLU BA 491 -49.15 84.81 -68.88
CA GLU BA 491 -49.16 83.55 -68.14
C GLU BA 491 -50.17 82.54 -68.70
N ASP BA 492 -50.82 82.86 -69.82
CA ASP BA 492 -51.58 81.85 -70.55
C ASP BA 492 -50.68 80.67 -70.89
N PHE BA 493 -51.13 79.48 -70.51
CA PHE BA 493 -50.32 78.28 -70.72
C PHE BA 493 -50.25 77.93 -72.20
N ILE BA 494 -49.13 77.34 -72.60
CA ILE BA 494 -48.91 76.94 -73.98
C ILE BA 494 -49.89 75.85 -74.38
N PRO BA 653 -61.99 62.30 -86.29
CA PRO BA 653 -60.72 62.43 -86.99
C PRO BA 653 -59.68 63.18 -86.16
N GLN BA 654 -58.90 64.03 -86.83
CA GLN BA 654 -58.03 64.97 -86.16
C GLN BA 654 -58.76 66.26 -85.79
N LEU BA 655 -59.96 66.47 -86.34
CA LEU BA 655 -60.72 67.67 -86.06
C LEU BA 655 -61.12 67.75 -84.58
N GLU BA 656 -61.51 66.62 -83.99
CA GLU BA 656 -61.92 66.65 -82.60
C GLU BA 656 -60.76 67.04 -81.68
N ARG BA 657 -59.58 66.48 -81.92
CA ARG BA 657 -58.42 66.85 -81.11
C ARG BA 657 -58.04 68.31 -81.33
N GLN BA 658 -58.09 68.78 -82.59
CA GLN BA 658 -57.79 70.18 -82.86
C GLN BA 658 -58.77 71.11 -82.16
N VAL BA 659 -60.06 70.77 -82.21
CA VAL BA 659 -61.07 71.62 -81.59
C VAL BA 659 -60.95 71.61 -80.07
N GLU BA 660 -60.63 70.44 -79.49
CA GLU BA 660 -60.41 70.39 -78.05
C GLU BA 660 -59.22 71.25 -77.65
N THR BA 661 -58.13 71.18 -78.42
CA THR BA 661 -56.98 72.02 -78.12
C THR BA 661 -57.31 73.50 -78.29
N ILE BA 662 -58.17 73.84 -79.25
CA ILE BA 662 -58.55 75.23 -79.44
C ILE BA 662 -59.42 75.71 -78.30
N ARG BA 663 -60.34 74.87 -77.83
CA ARG BA 663 -61.23 75.25 -76.73
C ARG BA 663 -60.46 75.40 -75.42
N ASN BA 664 -59.53 74.50 -75.14
CA ASN BA 664 -58.75 74.61 -73.91
C ASN BA 664 -57.92 75.88 -73.88
N LEU BA 665 -57.68 76.51 -75.03
CA LEU BA 665 -56.98 77.78 -75.08
C LEU BA 665 -57.94 78.96 -75.10
N VAL BA 666 -59.07 78.80 -75.78
CA VAL BA 666 -60.07 79.87 -75.84
C VAL BA 666 -60.62 80.15 -74.44
N ASP BA 667 -60.89 79.11 -73.66
CA ASP BA 667 -61.38 79.32 -72.31
C ASP BA 667 -60.34 80.06 -71.47
N SER BA 668 -59.07 79.67 -71.58
CA SER BA 668 -58.03 80.33 -70.80
C SER BA 668 -57.93 81.81 -71.17
N TYR BA 669 -57.93 82.11 -72.47
CA TYR BA 669 -57.80 83.51 -72.85
C TYR BA 669 -59.06 84.30 -72.53
N MET BA 670 -60.23 83.64 -72.54
CA MET BA 670 -61.43 84.30 -72.06
C MET BA 670 -61.30 84.68 -70.59
N ALA BA 671 -60.76 83.78 -69.77
CA ALA BA 671 -60.55 84.10 -68.37
C ALA BA 671 -59.53 85.24 -68.21
N ILE BA 672 -58.46 85.23 -69.01
CA ILE BA 672 -57.42 86.22 -68.85
C ILE BA 672 -57.82 87.58 -69.39
N VAL BA 673 -58.75 87.64 -70.34
CA VAL BA 673 -59.28 88.93 -70.75
C VAL BA 673 -60.39 89.38 -69.81
N ASN BA 674 -61.11 88.45 -69.18
CA ASN BA 674 -62.07 88.84 -68.17
C ASN BA 674 -61.37 89.46 -66.97
N LYS BA 675 -60.24 88.89 -66.55
CA LYS BA 675 -59.49 89.47 -65.44
C LYS BA 675 -59.06 90.89 -65.76
N THR BA 676 -58.54 91.11 -66.97
CA THR BA 676 -58.01 92.41 -67.35
C THR BA 676 -59.11 93.44 -67.58
N VAL BA 677 -60.29 93.04 -68.01
CA VAL BA 677 -61.38 94.01 -68.12
C VAL BA 677 -62.03 94.24 -66.76
N ARG BA 678 -62.01 93.24 -65.88
CA ARG BA 678 -62.55 93.41 -64.54
C ARG BA 678 -61.67 94.29 -63.66
N ASP BA 679 -60.37 94.29 -63.88
CA ASP BA 679 -59.47 95.16 -63.13
C ASP BA 679 -59.42 96.58 -63.69
N LEU BA 680 -59.91 96.81 -64.90
CA LEU BA 680 -59.83 98.12 -65.52
C LEU BA 680 -61.18 98.72 -65.85
N MET BA 681 -62.28 98.07 -65.51
CA MET BA 681 -63.56 98.76 -65.62
C MET BA 681 -63.75 99.74 -64.47
N PRO BA 682 -63.52 99.33 -63.19
CA PRO BA 682 -63.57 100.32 -62.11
C PRO BA 682 -62.65 101.49 -62.35
N LYS BA 683 -61.36 101.19 -62.54
CA LYS BA 683 -60.37 102.26 -62.71
C LYS BA 683 -60.75 103.18 -63.86
N THR BA 684 -61.27 102.61 -64.95
CA THR BA 684 -61.69 103.43 -66.08
C THR BA 684 -62.82 104.36 -65.71
N ILE BA 685 -63.83 103.85 -65.01
CA ILE BA 685 -64.97 104.68 -64.64
C ILE BA 685 -64.52 105.83 -63.75
N MET BA 686 -63.75 105.52 -62.71
CA MET BA 686 -63.48 106.48 -61.65
C MET BA 686 -62.48 107.54 -62.09
N HIS BA 687 -61.43 107.14 -62.82
CA HIS BA 687 -60.48 108.14 -63.28
C HIS BA 687 -61.13 109.17 -64.20
N LEU BA 688 -62.23 108.80 -64.84
CA LEU BA 688 -62.93 109.73 -65.72
C LEU BA 688 -64.14 110.36 -65.06
N MET BA 689 -64.89 109.61 -64.24
CA MET BA 689 -66.14 110.09 -63.66
C MET BA 689 -65.96 110.64 -62.25
N ILE BA 690 -65.47 109.81 -61.33
CA ILE BA 690 -65.54 110.14 -59.91
C ILE BA 690 -64.34 111.02 -59.50
N ASN BA 691 -63.14 110.56 -59.80
CA ASN BA 691 -61.96 111.36 -59.47
C ASN BA 691 -61.83 112.57 -60.38
N ASN BA 692 -62.84 112.84 -61.20
CA ASN BA 692 -62.94 114.10 -61.92
C ASN BA 692 -64.10 114.96 -61.45
N THR BA 693 -65.24 114.36 -61.10
CA THR BA 693 -66.32 115.16 -60.50
C THR BA 693 -65.90 115.66 -59.12
N LYS BA 694 -65.05 114.91 -58.42
CA LYS BA 694 -64.55 115.37 -57.14
C LYS BA 694 -63.72 116.64 -57.30
N GLU BA 695 -62.82 116.64 -58.28
CA GLU BA 695 -62.03 117.84 -58.54
C GLU BA 695 -62.89 118.98 -59.08
N PHE BA 696 -63.93 118.66 -59.85
CA PHE BA 696 -64.86 119.70 -60.27
C PHE BA 696 -65.53 120.35 -59.07
N ILE BA 697 -65.96 119.54 -58.10
CA ILE BA 697 -66.58 120.06 -56.89
C ILE BA 697 -65.59 120.93 -56.13
N PHE BA 698 -64.37 120.43 -55.95
CA PHE BA 698 -63.39 121.13 -55.12
C PHE BA 698 -62.76 122.33 -55.80
N SER BA 699 -62.90 122.49 -57.12
CA SER BA 699 -62.26 123.59 -57.81
C SER BA 699 -63.23 124.52 -58.52
N GLU BA 700 -64.13 123.99 -59.35
CA GLU BA 700 -64.84 124.81 -60.33
C GLU BA 700 -66.27 125.14 -59.92
N LEU BA 701 -66.83 124.45 -58.93
CA LEU BA 701 -68.23 124.70 -58.56
C LEU BA 701 -68.41 126.12 -58.06
N LEU BA 702 -67.45 126.61 -57.25
CA LEU BA 702 -67.57 127.95 -56.68
C LEU BA 702 -67.61 129.01 -57.77
N ALA BA 703 -66.78 128.85 -58.80
CA ALA BA 703 -66.77 129.83 -59.88
C ALA BA 703 -68.11 129.90 -60.59
N ASN BA 704 -68.67 128.75 -60.94
CA ASN BA 704 -69.96 128.74 -61.63
C ASN BA 704 -71.05 129.35 -60.76
N LEU BA 705 -71.10 128.95 -59.49
CA LEU BA 705 -72.15 129.46 -58.61
C LEU BA 705 -72.04 130.96 -58.40
N TYR BA 706 -70.82 131.48 -58.24
CA TYR BA 706 -70.68 132.91 -58.04
C TYR BA 706 -70.88 133.68 -59.33
N SER BA 707 -70.60 133.07 -60.49
CA SER BA 707 -70.68 133.77 -61.76
C SER BA 707 -72.09 133.79 -62.32
N CYS BA 708 -72.93 132.81 -61.96
CA CYS BA 708 -74.30 132.85 -62.45
C CYS BA 708 -75.01 134.09 -61.92
N GLY BA 709 -75.92 134.63 -62.74
CA GLY BA 709 -76.47 135.93 -62.47
C GLY BA 709 -77.41 135.97 -61.29
N ASP BA 710 -77.73 137.21 -60.90
CA ASP BA 710 -78.69 137.51 -59.84
C ASP BA 710 -78.27 136.86 -58.51
N GLN BA 711 -77.14 137.36 -58.00
CA GLN BA 711 -76.64 136.97 -56.70
C GLN BA 711 -77.69 137.13 -55.61
N ASN BA 712 -78.51 138.17 -55.70
CA ASN BA 712 -79.51 138.43 -54.66
C ASN BA 712 -80.56 137.33 -54.61
N THR BA 713 -80.81 136.64 -55.73
CA THR BA 713 -81.80 135.57 -55.74
C THR BA 713 -81.19 134.18 -55.72
N LEU BA 714 -79.89 134.05 -55.95
CA LEU BA 714 -79.27 132.75 -55.79
C LEU BA 714 -79.35 132.28 -54.34
N MET BA 715 -79.20 133.19 -53.39
CA MET BA 715 -79.39 132.91 -51.97
C MET BA 715 -80.72 133.53 -51.54
N GLU BA 716 -81.79 132.74 -51.62
CA GLU BA 716 -83.08 133.11 -51.07
C GLU BA 716 -83.15 132.65 -49.62
N GLU BA 717 -83.38 133.59 -48.71
CA GLU BA 717 -83.74 133.21 -47.36
C GLU BA 717 -85.04 132.42 -47.38
N SER BA 718 -84.99 131.22 -46.83
CA SER BA 718 -86.22 130.45 -46.68
C SER BA 718 -87.02 131.00 -45.51
N ALA BA 719 -88.34 130.91 -45.62
CA ALA BA 719 -89.19 131.39 -44.54
C ALA BA 719 -88.83 130.71 -43.23
N GLU BA 720 -88.45 129.44 -43.28
CA GLU BA 720 -88.12 128.72 -42.06
C GLU BA 720 -86.93 129.37 -41.35
N GLN BA 721 -85.83 129.57 -42.07
CA GLN BA 721 -84.65 130.11 -41.38
C GLN BA 721 -84.83 131.58 -41.05
N ALA BA 722 -85.58 132.33 -41.87
CA ALA BA 722 -85.78 133.74 -41.57
C ALA BA 722 -86.65 133.93 -40.32
N GLN BA 723 -87.76 133.20 -40.23
CA GLN BA 723 -88.59 133.26 -39.04
C GLN BA 723 -87.83 132.75 -37.82
N ARG BA 724 -87.06 131.67 -37.99
CA ARG BA 724 -86.27 131.17 -36.87
C ARG BA 724 -85.27 132.21 -36.39
N ARG BA 725 -84.61 132.90 -37.33
CA ARG BA 725 -83.62 133.90 -36.97
C ARG BA 725 -84.25 135.08 -36.24
N ASP BA 726 -85.38 135.57 -36.75
CA ASP BA 726 -86.05 136.68 -36.07
C ASP BA 726 -86.53 136.27 -34.69
N GLU BA 727 -87.04 135.05 -34.56
CA GLU BA 727 -87.52 134.59 -33.26
C GLU BA 727 -86.37 134.39 -32.29
N MET BA 728 -85.21 133.95 -32.79
CA MET BA 728 -83.99 133.96 -31.98
C MET BA 728 -83.66 135.36 -31.49
N LEU BA 729 -83.74 136.35 -32.37
CA LEU BA 729 -83.41 137.73 -31.97
C LEU BA 729 -84.35 138.20 -30.86
N ARG BA 730 -85.65 137.97 -31.04
CA ARG BA 730 -86.63 138.36 -30.02
C ARG BA 730 -86.40 137.61 -28.72
N MET BA 731 -86.06 136.32 -28.81
CA MET BA 731 -85.79 135.51 -27.63
C MET BA 731 -84.58 136.04 -26.87
N TYR BA 732 -83.53 136.41 -27.59
CA TYR BA 732 -82.34 136.97 -26.96
C TYR BA 732 -82.66 138.27 -26.25
N HIS BA 733 -83.44 139.15 -26.90
CA HIS BA 733 -83.79 140.41 -26.25
C HIS BA 733 -84.65 140.18 -25.01
N ALA BA 734 -85.61 139.23 -25.10
CA ALA BA 734 -86.45 138.93 -23.94
C ALA BA 734 -85.63 138.36 -22.79
N LEU BA 735 -84.66 137.49 -23.10
CA LEU BA 735 -83.79 136.95 -22.05
C LEU BA 735 -82.93 138.05 -21.43
N LYS BA 736 -82.45 139.00 -22.24
CA LYS BA 736 -81.72 140.13 -21.70
C LYS BA 736 -82.57 140.92 -20.72
N GLU BA 737 -83.83 141.18 -21.10
CA GLU BA 737 -84.75 141.88 -20.21
C GLU BA 737 -84.99 141.08 -18.93
N ALA BA 738 -85.14 139.76 -19.05
CA ALA BA 738 -85.39 138.94 -17.87
C ALA BA 738 -84.20 138.96 -16.91
N LEU BA 739 -82.98 138.89 -17.44
CA LEU BA 739 -81.82 138.97 -16.56
C LEU BA 739 -81.66 140.37 -15.96
N SER BA 740 -82.03 141.42 -16.68
CA SER BA 740 -82.03 142.75 -16.08
C SER BA 740 -83.04 142.84 -14.94
N ILE BA 741 -84.20 142.21 -15.11
CA ILE BA 741 -85.21 142.20 -14.04
C ILE BA 741 -84.72 141.42 -12.84
N ILE BA 742 -84.04 140.28 -13.07
CA ILE BA 742 -83.45 139.54 -11.96
C ILE BA 742 -82.43 140.41 -11.23
N GLY BA 743 -81.61 141.15 -11.99
CA GLY BA 743 -80.63 142.02 -11.37
C GLY BA 743 -81.27 143.09 -10.51
N ASN BA 744 -82.33 143.72 -11.02
CA ASN BA 744 -82.97 144.82 -10.30
C ASN BA 744 -83.97 144.34 -9.23
N ILE BA 745 -84.26 143.05 -9.16
CA ILE BA 745 -85.12 142.51 -8.12
C ILE BA 745 -84.31 141.86 -6.99
N ASN BA 746 -83.23 141.16 -7.33
CA ASN BA 746 -82.40 140.53 -6.32
C ASN BA 746 -81.80 141.55 -5.36
N THR BA 747 -81.67 142.80 -5.80
CA THR BA 747 -81.18 143.87 -4.94
C THR BA 747 -82.26 144.35 -3.98
N ILE CA 10 -127.21 106.52 54.04
CA ILE CA 10 -126.05 105.84 53.51
C ILE CA 10 -126.49 104.65 52.67
N PRO CA 11 -125.78 104.38 51.58
CA PRO CA 11 -126.20 103.32 50.66
C PRO CA 11 -126.15 101.94 51.30
N LEU CA 12 -127.11 101.10 50.90
CA LEU CA 12 -127.22 99.76 51.44
C LEU CA 12 -126.04 98.88 51.01
N VAL CA 13 -125.44 99.16 49.86
CA VAL CA 13 -124.23 98.42 49.48
C VAL CA 13 -123.08 98.74 50.44
N ASN CA 14 -122.95 100.01 50.84
CA ASN CA 14 -121.98 100.37 51.86
C ASN CA 14 -122.30 99.68 53.17
N ARG CA 15 -123.57 99.64 53.58
CA ARG CA 15 -123.91 98.97 54.83
C ARG CA 15 -123.62 97.48 54.75
N LEU CA 16 -123.88 96.86 53.61
CA LEU CA 16 -123.56 95.45 53.43
C LEU CA 16 -122.06 95.21 53.52
N GLN CA 17 -121.26 96.10 52.93
CA GLN CA 17 -119.81 95.95 53.03
C GLN CA 17 -119.35 96.14 54.47
N ASP CA 18 -119.96 97.07 55.20
CA ASP CA 18 -119.66 97.23 56.61
C ASP CA 18 -119.95 95.94 57.38
N ALA CA 19 -121.09 95.32 57.11
CA ALA CA 19 -121.43 94.07 57.76
C ALA CA 19 -120.46 92.96 57.40
N PHE CA 20 -120.00 92.95 56.14
CA PHE CA 20 -119.03 91.95 55.71
C PHE CA 20 -117.71 92.13 56.45
N SER CA 21 -117.25 93.37 56.58
CA SER CA 21 -116.04 93.64 57.35
C SER CA 21 -116.24 93.23 58.81
N ALA CA 22 -117.44 93.48 59.35
CA ALA CA 22 -117.72 93.10 60.73
C ALA CA 22 -117.63 91.60 60.94
N ILE CA 23 -118.25 90.82 60.05
CA ILE CA 23 -118.13 89.37 60.16
C ILE CA 23 -116.70 88.92 59.89
N GLY CA 24 -115.91 89.74 59.18
CA GLY CA 24 -114.50 89.50 59.03
C GLY CA 24 -114.12 88.30 58.20
N GLN CA 25 -115.07 87.49 57.77
CA GLN CA 25 -114.75 86.38 56.89
C GLN CA 25 -114.22 86.91 55.56
N ASN CA 26 -113.31 86.17 54.95
CA ASN CA 26 -112.62 86.62 53.74
C ASN CA 26 -113.54 86.53 52.53
N ALA CA 27 -114.65 87.27 52.61
CA ALA CA 27 -115.63 87.37 51.55
C ALA CA 27 -115.69 88.81 51.05
N ASP CA 28 -116.13 88.96 49.81
CA ASP CA 28 -116.21 90.27 49.18
C ASP CA 28 -117.40 90.30 48.23
N LEU CA 29 -117.94 91.49 48.00
CA LEU CA 29 -119.08 91.63 47.11
C LEU CA 29 -118.68 91.48 45.65
N ASP CA 30 -117.38 91.47 45.34
CA ASP CA 30 -116.87 91.25 43.99
C ASP CA 30 -117.37 92.33 43.02
N LEU CA 31 -117.10 93.58 43.38
CA LEU CA 31 -117.46 94.68 42.50
C LEU CA 31 -116.49 94.73 41.32
N PRO CA 32 -116.94 95.24 40.18
CA PRO CA 32 -116.01 95.47 39.06
C PRO CA 32 -115.07 96.63 39.37
N GLN CA 33 -113.89 96.58 38.76
CA GLN CA 33 -112.96 97.68 38.93
C GLN CA 33 -113.40 98.88 38.10
N ILE CA 34 -112.88 100.05 38.44
CA ILE CA 34 -113.18 101.28 37.74
C ILE CA 34 -111.88 101.82 37.16
N ALA CA 35 -111.91 102.26 35.91
CA ALA CA 35 -110.77 102.90 35.28
C ALA CA 35 -111.20 104.25 34.74
N VAL CA 36 -110.44 105.29 35.07
CA VAL CA 36 -110.73 106.64 34.60
C VAL CA 36 -109.75 106.96 33.48
N VAL CA 37 -110.28 107.31 32.31
CA VAL CA 37 -109.46 107.53 31.12
C VAL CA 37 -109.97 108.75 30.38
N GLY CA 38 -109.06 109.39 29.63
CA GLY CA 38 -109.41 110.57 28.88
C GLY CA 38 -108.17 111.16 28.23
N GLY CA 39 -108.35 112.36 27.68
CA GLY CA 39 -107.24 113.07 27.10
C GLY CA 39 -106.38 113.73 28.15
N GLN CA 40 -105.21 114.18 27.72
CA GLN CA 40 -104.32 114.89 28.63
C GLN CA 40 -104.94 116.20 29.07
N SER CA 41 -104.81 116.52 30.35
CA SER CA 41 -105.39 117.70 30.98
C SER CA 41 -106.91 117.72 30.89
N ALA CA 42 -107.54 116.55 30.82
CA ALA CA 42 -109.00 116.49 30.81
C ALA CA 42 -109.58 116.82 32.18
N GLY CA 43 -109.00 116.24 33.23
CA GLY CA 43 -109.55 116.39 34.58
C GLY CA 43 -109.75 115.04 35.25
N LYS CA 44 -109.08 114.02 34.72
CA LYS CA 44 -109.31 112.65 35.18
C LYS CA 44 -108.96 112.48 36.64
N SER CA 45 -107.76 112.90 37.04
CA SER CA 45 -107.35 112.76 38.44
C SER CA 45 -108.24 113.55 39.37
N SER CA 46 -108.65 114.75 38.95
CA SER CA 46 -109.51 115.57 39.80
C SER CA 46 -110.87 114.91 40.00
N VAL CA 47 -111.45 114.37 38.94
CA VAL CA 47 -112.72 113.65 39.06
C VAL CA 47 -112.55 112.45 39.98
N LEU CA 48 -111.45 111.72 39.84
CA LEU CA 48 -111.23 110.54 40.68
C LEU CA 48 -111.15 110.93 42.15
N GLU CA 49 -110.38 111.99 42.47
CA GLU CA 49 -110.24 112.33 43.88
C GLU CA 49 -111.54 112.89 44.44
N ASN CA 50 -112.31 113.62 43.62
CA ASN CA 50 -113.59 114.13 44.10
C ASN CA 50 -114.58 113.01 44.33
N PHE CA 51 -114.50 111.94 43.51
CA PHE CA 51 -115.34 110.77 43.76
C PHE CA 51 -114.91 110.05 45.03
N VAL CA 52 -113.60 109.98 45.28
CA VAL CA 52 -113.12 109.39 46.52
C VAL CA 52 -113.62 110.20 47.71
N GLY CA 53 -113.53 111.52 47.62
CA GLY CA 53 -113.97 112.43 48.66
C GLY CA 53 -112.85 113.16 49.36
N ARG CA 54 -111.60 112.74 49.17
CA ARG CA 54 -110.47 113.29 49.90
C ARG CA 54 -109.32 113.55 48.93
N ASP CA 55 -108.65 114.69 49.10
CA ASP CA 55 -107.69 115.19 48.12
C ASP CA 55 -106.31 114.61 48.38
N PHE CA 56 -105.95 113.60 47.59
CA PHE CA 56 -104.65 112.95 47.74
C PHE CA 56 -104.04 112.58 46.39
N LEU CA 57 -104.35 113.34 45.34
CA LEU CA 57 -103.87 113.01 44.00
C LEU CA 57 -103.15 114.19 43.37
N PRO CA 58 -102.13 113.93 42.57
CA PRO CA 58 -101.41 115.02 41.90
C PRO CA 58 -102.27 115.66 40.83
N ARG CA 59 -102.45 116.98 40.93
CA ARG CA 59 -103.32 117.72 40.01
C ARG CA 59 -102.66 119.04 39.67
N GLY CA 60 -102.32 119.23 38.40
CA GLY CA 60 -101.73 120.47 37.94
C GLY CA 60 -101.79 120.55 36.43
N SER CA 61 -101.42 121.72 35.93
CA SER CA 61 -101.36 121.92 34.49
C SER CA 61 -100.20 121.15 33.89
N GLY CA 62 -100.32 120.83 32.61
CA GLY CA 62 -99.31 120.03 31.94
C GLY CA 62 -99.52 118.55 32.21
N ILE CA 63 -98.45 117.79 32.00
CA ILE CA 63 -98.47 116.35 32.27
C ILE CA 63 -98.21 116.13 33.75
N VAL CA 64 -99.16 115.51 34.44
CA VAL CA 64 -99.07 115.32 35.88
C VAL CA 64 -99.22 113.84 36.22
N THR CA 65 -100.36 113.26 35.87
CA THR CA 65 -100.62 111.84 36.15
C THR CA 65 -99.81 111.01 35.14
N ARG CA 66 -98.54 110.83 35.46
CA ARG CA 66 -97.59 110.23 34.53
C ARG CA 66 -97.24 108.79 34.88
N ARG CA 67 -98.08 108.10 35.65
CA ARG CA 67 -97.83 106.70 35.98
C ARG CA 67 -99.14 106.07 36.46
N PRO CA 68 -99.48 104.86 36.01
CA PRO CA 68 -100.79 104.29 36.34
C PRO CA 68 -100.92 104.01 37.83
N LEU CA 69 -101.84 104.73 38.47
CA LEU CA 69 -102.08 104.59 39.90
C LEU CA 69 -103.22 103.60 40.12
N VAL CA 70 -102.90 102.44 40.69
CA VAL CA 70 -103.89 101.42 41.01
C VAL CA 70 -104.28 101.64 42.46
N LEU CA 71 -105.33 102.43 42.66
CA LEU CA 71 -105.93 102.67 43.96
C LEU CA 71 -106.81 101.49 44.37
N GLN CA 72 -106.79 101.15 45.65
CA GLN CA 72 -107.75 100.20 46.21
C GLN CA 72 -108.36 100.83 47.46
N LEU CA 73 -109.59 101.32 47.33
CA LEU CA 73 -110.35 101.76 48.48
C LEU CA 73 -110.88 100.54 49.20
N VAL CA 74 -110.57 100.43 50.50
CA VAL CA 74 -111.02 99.31 51.31
C VAL CA 74 -111.65 99.86 52.59
N ASN CA 75 -112.38 99.00 53.28
CA ASN CA 75 -113.13 99.38 54.47
C ASN CA 75 -112.39 98.93 55.73
N ALA CA 76 -112.33 99.83 56.71
CA ALA CA 76 -111.71 99.54 57.99
C ALA CA 76 -112.25 100.53 59.01
N THR CA 77 -111.72 100.45 60.23
CA THR CA 77 -112.23 101.27 61.32
C THR CA 77 -111.95 102.75 61.07
N THR CA 78 -110.71 103.10 60.76
CA THR CA 78 -110.33 104.49 60.51
C THR CA 78 -109.35 104.56 59.35
N GLU CA 79 -109.18 105.77 58.83
CA GLU CA 79 -108.59 105.98 57.52
C GLU CA 79 -107.07 106.18 57.59
N TYR CA 80 -106.38 105.59 56.63
CA TYR CA 80 -104.96 105.83 56.37
C TYR CA 80 -104.68 105.33 54.96
N ALA CA 81 -103.41 105.30 54.59
CA ALA CA 81 -103.02 104.84 53.26
C ALA CA 81 -101.69 104.12 53.34
N GLU CA 82 -101.54 103.10 52.51
CA GLU CA 82 -100.29 102.34 52.43
C GLU CA 82 -99.94 102.05 50.98
N PHE CA 83 -98.67 102.22 50.65
CA PHE CA 83 -98.16 101.88 49.33
C PHE CA 83 -97.67 100.43 49.37
N LEU CA 84 -97.01 100.01 48.29
CA LEU CA 84 -96.32 98.71 48.27
C LEU CA 84 -94.81 98.87 48.18
N HIS CA 85 -94.28 100.03 48.56
CA HIS CA 85 -92.85 100.21 48.67
C HIS CA 85 -92.43 100.71 50.04
N CYS CA 86 -93.24 101.57 50.68
CA CYS CA 86 -93.01 101.99 52.05
C CYS CA 86 -93.68 101.02 53.02
N LYS CA 87 -93.29 99.75 52.89
CA LYS CA 87 -93.94 98.68 53.65
C LYS CA 87 -93.83 98.94 55.15
N GLY CA 88 -94.94 98.80 55.85
CA GLY CA 88 -95.03 99.08 57.27
C GLY CA 88 -95.48 100.49 57.58
N LYS CA 89 -95.05 101.45 56.76
CA LYS CA 89 -95.41 102.84 57.00
C LYS CA 89 -96.89 103.05 56.74
N LYS CA 90 -97.49 103.94 57.52
CA LYS CA 90 -98.92 104.25 57.44
C LYS CA 90 -99.08 105.74 57.19
N PHE CA 91 -99.06 106.13 55.92
CA PHE CA 91 -99.30 107.52 55.56
C PHE CA 91 -100.68 107.94 56.02
N THR CA 92 -100.76 109.10 56.67
CA THR CA 92 -102.02 109.55 57.25
C THR CA 92 -102.46 110.91 56.76
N ASP CA 93 -101.53 111.84 56.56
CA ASP CA 93 -101.88 113.15 56.04
C ASP CA 93 -101.67 113.20 54.53
N PHE CA 94 -102.70 113.68 53.84
CA PHE CA 94 -102.78 113.50 52.39
C PHE CA 94 -101.85 114.42 51.63
N GLU CA 95 -101.38 115.51 52.24
CA GLU CA 95 -100.28 116.26 51.64
C GLU CA 95 -99.05 115.37 51.53
N GLU CA 96 -98.71 114.66 52.62
CA GLU CA 96 -97.62 113.70 52.56
C GLU CA 96 -97.90 112.60 51.56
N VAL CA 97 -99.15 112.14 51.49
CA VAL CA 97 -99.49 111.09 50.53
C VAL CA 97 -99.22 111.56 49.10
N ARG CA 98 -99.67 112.77 48.77
CA ARG CA 98 -99.49 113.29 47.42
C ARG CA 98 -98.01 113.50 47.10
N LEU CA 99 -97.25 114.04 48.07
CA LEU CA 99 -95.82 114.23 47.84
C LEU CA 99 -95.12 112.91 47.61
N GLU CA 100 -95.49 111.88 48.39
CA GLU CA 100 -94.91 110.56 48.17
C GLU CA 100 -95.29 110.01 46.81
N ILE CA 101 -96.53 110.25 46.37
CA ILE CA 101 -96.95 109.78 45.05
C ILE CA 101 -96.10 110.40 43.96
N GLU CA 102 -95.95 111.73 44.00
CA GLU CA 102 -95.20 112.39 42.93
C GLU CA 102 -93.72 112.00 42.98
N ALA CA 103 -93.16 111.87 44.18
CA ALA CA 103 -91.78 111.43 44.30
C ALA CA 103 -91.59 110.02 43.75
N GLU CA 104 -92.56 109.13 44.02
CA GLU CA 104 -92.48 107.77 43.50
C GLU CA 104 -92.54 107.76 41.98
N THR CA 105 -93.41 108.60 41.40
CA THR CA 105 -93.47 108.71 39.95
C THR CA 105 -92.13 109.18 39.40
N ASP CA 106 -91.54 110.21 40.02
CA ASP CA 106 -90.30 110.77 39.50
C ASP CA 106 -89.14 109.80 39.63
N ARG CA 107 -89.13 108.98 40.69
CA ARG CA 107 -87.98 108.12 40.94
C ARG CA 107 -87.76 107.09 39.84
N VAL CA 108 -88.77 106.83 38.99
CA VAL CA 108 -88.62 105.91 37.88
C VAL CA 108 -88.81 106.60 36.54
N THR CA 109 -89.75 107.55 36.45
CA THR CA 109 -90.01 108.21 35.18
C THR CA 109 -88.93 109.23 34.84
N GLY CA 110 -88.45 109.95 35.83
CA GLY CA 110 -87.56 111.08 35.60
C GLY CA 110 -88.29 112.40 35.72
N THR CA 111 -87.51 113.48 35.67
CA THR CA 111 -88.02 114.83 35.87
C THR CA 111 -88.06 115.61 34.56
N ASN CA 112 -88.39 114.95 33.46
CA ASN CA 112 -88.51 115.59 32.16
C ASN CA 112 -89.73 115.08 31.43
N LYS CA 113 -90.85 114.97 32.15
CA LYS CA 113 -92.15 114.61 31.59
C LYS CA 113 -92.17 113.20 31.01
N GLY CA 114 -91.23 112.35 31.37
CA GLY CA 114 -91.29 110.96 30.97
C GLY CA 114 -92.37 110.21 31.72
N ILE CA 115 -92.77 109.07 31.17
CA ILE CA 115 -93.79 108.23 31.77
C ILE CA 115 -93.26 106.80 31.89
N SER CA 116 -93.97 105.99 32.68
CA SER CA 116 -93.58 104.61 32.92
C SER CA 116 -94.86 103.78 33.11
N PRO CA 117 -94.98 102.65 32.42
CA PRO CA 117 -96.20 101.84 32.54
C PRO CA 117 -96.29 101.00 33.81
N VAL CA 118 -95.27 101.00 34.66
CA VAL CA 118 -95.27 100.17 35.86
C VAL CA 118 -96.23 100.76 36.89
N PRO CA 119 -97.21 99.98 37.35
CA PRO CA 119 -98.26 100.54 38.19
C PRO CA 119 -97.77 100.87 39.60
N ILE CA 120 -98.30 101.97 40.14
CA ILE CA 120 -98.12 102.31 41.55
C ILE CA 120 -99.31 101.74 42.30
N ASN CA 121 -99.07 100.70 43.10
CA ASN CA 121 -100.13 100.02 43.83
C ASN CA 121 -100.33 100.74 45.17
N LEU CA 122 -101.48 101.37 45.35
CA LEU CA 122 -101.77 102.11 46.57
C LEU CA 122 -103.07 101.61 47.15
N ARG CA 123 -103.18 101.63 48.48
CA ARG CA 123 -104.39 101.19 49.16
C ARG CA 123 -104.78 102.24 50.19
N VAL CA 124 -106.06 102.59 50.22
CA VAL CA 124 -106.61 103.55 51.17
C VAL CA 124 -107.64 102.83 52.01
N TYR CA 125 -107.71 103.16 53.29
CA TYR CA 125 -108.71 102.62 54.19
C TYR CA 125 -109.71 103.70 54.54
N SER CA 126 -110.97 103.33 54.68
CA SER CA 126 -112.02 104.30 54.96
C SER CA 126 -113.18 103.57 55.64
N PRO CA 127 -113.97 104.26 56.45
CA PRO CA 127 -115.02 103.56 57.20
C PRO CA 127 -116.21 103.14 56.37
N HIS CA 128 -116.57 103.88 55.32
CA HIS CA 128 -117.81 103.62 54.59
C HIS CA 128 -117.59 103.64 53.09
N VAL CA 129 -116.61 102.89 52.62
CA VAL CA 129 -116.37 102.74 51.19
C VAL CA 129 -116.35 101.26 50.84
N LEU CA 130 -116.65 100.97 49.58
CA LEU CA 130 -116.57 99.60 49.08
C LEU CA 130 -115.13 99.16 48.95
N ASN CA 131 -114.94 97.85 48.78
CA ASN CA 131 -113.64 97.32 48.37
C ASN CA 131 -113.45 97.53 46.87
N LEU CA 132 -113.37 98.81 46.51
CA LEU CA 132 -113.29 99.18 45.10
C LEU CA 132 -111.87 98.99 44.58
N THR CA 133 -111.70 99.18 43.28
CA THR CA 133 -110.39 99.11 42.64
C THR CA 133 -110.36 100.19 41.57
N LEU CA 134 -109.88 101.37 41.95
CA LEU CA 134 -109.81 102.50 41.05
C LEU CA 134 -108.49 102.47 40.30
N VAL CA 135 -108.51 102.94 39.06
CA VAL CA 135 -107.31 103.00 38.23
C VAL CA 135 -107.25 104.37 37.58
N ASP CA 136 -106.32 105.21 38.04
CA ASP CA 136 -106.02 106.46 37.37
C ASP CA 136 -104.91 106.21 36.36
N LEU CA 137 -105.06 106.78 35.18
CA LEU CA 137 -104.16 106.53 34.06
C LEU CA 137 -103.70 107.85 33.47
N PRO CA 138 -102.55 107.86 32.80
CA PRO CA 138 -102.13 109.05 32.07
C PRO CA 138 -103.06 109.34 30.90
N GLY CA 139 -103.16 110.62 30.56
CA GLY CA 139 -103.95 111.02 29.41
C GLY CA 139 -103.30 110.60 28.11
N MET CA 140 -104.07 110.72 27.04
CA MET CA 140 -103.61 110.28 25.72
C MET CA 140 -103.01 111.46 24.96
N THR CA 141 -101.78 111.28 24.47
CA THR CA 141 -101.07 112.30 23.73
C THR CA 141 -100.57 111.71 22.42
N LYS CA 142 -100.37 112.57 21.43
CA LYS CA 142 -99.89 112.14 20.13
C LYS CA 142 -98.45 112.55 19.84
N VAL CA 143 -98.10 113.80 20.11
CA VAL CA 143 -96.74 114.30 19.88
C VAL CA 143 -95.94 114.16 21.16
N PRO CA 144 -94.80 113.47 21.15
CA PRO CA 144 -93.96 113.40 22.35
C PRO CA 144 -93.43 114.77 22.73
N VAL CA 145 -93.30 114.99 24.04
CA VAL CA 145 -92.76 116.22 24.60
C VAL CA 145 -91.70 115.84 25.62
N GLY CA 146 -90.71 116.72 25.78
CA GLY CA 146 -89.62 116.40 26.68
C GLY CA 146 -88.79 115.25 26.14
N ASP CA 147 -88.58 114.23 26.96
CA ASP CA 147 -87.74 113.10 26.58
C ASP CA 147 -88.55 111.83 26.31
N GLN CA 148 -89.85 111.96 26.08
CA GLN CA 148 -90.66 110.79 25.78
C GLN CA 148 -90.23 110.17 24.46
N PRO CA 149 -90.35 108.85 24.32
CA PRO CA 149 -90.01 108.20 23.05
C PRO CA 149 -90.96 108.65 21.95
N PRO CA 150 -90.54 108.56 20.69
CA PRO CA 150 -91.41 109.02 19.60
C PRO CA 150 -92.74 108.31 19.49
N ASP CA 151 -92.85 107.09 20.03
CA ASP CA 151 -94.11 106.33 19.98
C ASP CA 151 -94.89 106.46 21.27
N ILE CA 152 -94.85 107.64 21.89
CA ILE CA 152 -95.54 107.85 23.16
C ILE CA 152 -97.03 107.63 23.02
N GLU CA 153 -97.59 107.94 21.84
CA GLU CA 153 -99.03 107.74 21.63
C GLU CA 153 -99.38 106.27 21.76
N PHE CA 154 -98.68 105.41 21.03
CA PHE CA 154 -98.95 103.97 21.12
C PHE CA 154 -98.64 103.44 22.51
N GLN CA 155 -97.60 103.98 23.15
CA GLN CA 155 -97.25 103.52 24.49
C GLN CA 155 -98.39 103.78 25.46
N ILE CA 156 -98.89 105.01 25.51
CA ILE CA 156 -100.02 105.31 26.40
C ILE CA 156 -101.24 104.52 25.98
N ARG CA 157 -101.48 104.40 24.68
CA ARG CA 157 -102.67 103.71 24.19
C ARG CA 157 -102.70 102.27 24.69
N ASP CA 158 -101.71 101.46 24.33
CA ASP CA 158 -101.75 100.06 24.73
C ASP CA 158 -101.54 99.91 26.23
N MET CA 159 -100.85 100.86 26.87
CA MET CA 159 -100.67 100.80 28.31
C MET CA 159 -101.99 100.90 29.05
N LEU CA 160 -102.88 101.79 28.61
CA LEU CA 160 -104.20 101.85 29.23
C LEU CA 160 -105.17 100.83 28.65
N MET CA 161 -104.91 100.35 27.44
CA MET CA 161 -105.73 99.29 26.87
C MET CA 161 -105.58 98.01 27.66
N GLN CA 162 -104.36 97.70 28.10
CA GLN CA 162 -104.13 96.50 28.91
C GLN CA 162 -104.89 96.54 30.23
N PHE CA 163 -105.34 97.72 30.67
CA PHE CA 163 -106.16 97.84 31.86
C PHE CA 163 -107.64 97.96 31.57
N VAL CA 164 -108.02 98.51 30.43
CA VAL CA 164 -109.44 98.77 30.16
C VAL CA 164 -110.09 97.59 29.44
N THR CA 165 -109.36 96.95 28.52
CA THR CA 165 -109.95 95.94 27.67
C THR CA 165 -110.45 94.73 28.45
N LYS CA 166 -109.99 94.54 29.69
CA LYS CA 166 -110.52 93.46 30.50
C LYS CA 166 -111.97 93.75 30.88
N GLU CA 167 -112.73 92.67 31.07
CA GLU CA 167 -114.13 92.81 31.46
C GLU CA 167 -114.20 93.27 32.92
N ASN CA 168 -115.42 93.47 33.42
CA ASN CA 168 -115.70 94.02 34.75
C ASN CA 168 -114.82 95.21 35.04
N CYS CA 169 -114.64 96.08 34.05
CA CYS CA 169 -113.83 97.29 34.18
C CYS CA 169 -114.69 98.45 33.68
N LEU CA 170 -115.44 99.07 34.59
CA LEU CA 170 -116.20 100.25 34.24
C LEU CA 170 -115.26 101.34 33.75
N ILE CA 171 -115.74 102.13 32.80
CA ILE CA 171 -114.92 103.17 32.17
C ILE CA 171 -115.52 104.52 32.51
N LEU CA 172 -114.69 105.43 32.99
CA LEU CA 172 -115.05 106.83 33.16
C LEU CA 172 -114.36 107.60 32.03
N ALA CA 173 -115.12 107.91 30.98
CA ALA CA 173 -114.61 108.65 29.83
C ALA CA 173 -114.70 110.13 30.16
N VAL CA 174 -113.56 110.72 30.48
CA VAL CA 174 -113.50 112.12 30.86
C VAL CA 174 -113.21 112.96 29.63
N SER CA 175 -114.03 113.99 29.41
CA SER CA 175 -113.78 114.90 28.31
C SER CA 175 -114.01 116.32 28.78
N PRO CA 176 -113.16 117.25 28.37
CA PRO CA 176 -113.41 118.66 28.71
C PRO CA 176 -114.57 119.21 27.89
N ALA CA 177 -115.15 120.28 28.41
CA ALA CA 177 -116.16 121.03 27.67
C ALA CA 177 -115.54 122.10 26.79
N ASN CA 178 -114.21 122.18 26.75
CA ASN CA 178 -113.55 123.19 25.94
C ASN CA 178 -113.45 122.73 24.48
N SER CA 179 -112.75 121.62 24.25
CA SER CA 179 -112.70 121.05 22.92
C SER CA 179 -114.07 120.51 22.52
N ASP CA 180 -114.34 120.53 21.22
CA ASP CA 180 -115.56 119.91 20.71
C ASP CA 180 -115.54 118.42 21.03
N LEU CA 181 -116.72 117.90 21.38
CA LEU CA 181 -116.80 116.53 21.87
C LEU CA 181 -116.28 115.52 20.85
N ALA CA 182 -116.32 115.89 19.56
CA ALA CA 182 -115.90 114.97 18.51
C ALA CA 182 -114.42 114.58 18.62
N ASN CA 183 -113.62 115.35 19.34
CA ASN CA 183 -112.19 115.07 19.46
C ASN CA 183 -111.87 114.17 20.66
N SER CA 184 -112.87 113.68 21.39
CA SER CA 184 -112.62 113.05 22.68
C SER CA 184 -111.82 111.75 22.57
N ASP CA 185 -110.55 111.82 22.99
CA ASP CA 185 -109.73 110.62 23.07
C ASP CA 185 -110.32 109.61 24.04
N ALA CA 186 -111.10 110.07 25.03
CA ALA CA 186 -111.77 109.14 25.93
C ALA CA 186 -112.87 108.39 25.19
N LEU CA 187 -113.71 109.11 24.44
CA LEU CA 187 -114.81 108.47 23.73
C LEU CA 187 -114.31 107.54 22.64
N LYS CA 188 -113.18 107.86 22.01
CA LYS CA 188 -112.64 106.95 21.00
C LYS CA 188 -112.35 105.58 21.60
N VAL CA 189 -111.61 105.53 22.71
CA VAL CA 189 -111.30 104.27 23.35
C VAL CA 189 -112.56 103.63 23.91
N ALA CA 190 -113.48 104.44 24.44
CA ALA CA 190 -114.71 103.91 25.01
C ALA CA 190 -115.52 103.16 23.96
N LYS CA 191 -115.74 103.77 22.81
CA LYS CA 191 -116.46 103.10 21.73
C LYS CA 191 -115.63 102.01 21.07
N GLU CA 192 -114.31 102.04 21.21
CA GLU CA 192 -113.48 100.98 20.64
C GLU CA 192 -113.55 99.70 21.45
N VAL CA 193 -113.59 99.80 22.78
CA VAL CA 193 -113.53 98.62 23.63
C VAL CA 193 -114.90 98.20 24.12
N ASP CA 194 -115.82 99.16 24.21
CA ASP CA 194 -117.18 98.92 24.71
C ASP CA 194 -118.13 99.49 23.66
N PRO CA 195 -118.39 98.75 22.58
CA PRO CA 195 -119.21 99.32 21.51
C PRO CA 195 -120.62 99.69 21.94
N GLN CA 196 -121.33 98.76 22.59
CA GLN CA 196 -122.70 99.03 23.01
C GLN CA 196 -122.78 100.05 24.13
N GLY CA 197 -121.67 100.41 24.76
CA GLY CA 197 -121.69 101.38 25.84
C GLY CA 197 -122.42 100.90 27.07
N GLN CA 198 -122.21 99.65 27.47
CA GLN CA 198 -122.88 99.10 28.64
C GLN CA 198 -122.06 99.21 29.91
N ARG CA 199 -120.76 99.46 29.80
CA ARG CA 199 -119.90 99.68 30.96
C ARG CA 199 -119.10 100.97 30.81
N THR CA 200 -119.70 101.96 30.17
CA THR CA 200 -119.06 103.23 29.90
C THR CA 200 -119.93 104.36 30.42
N ILE CA 201 -119.31 105.31 31.13
CA ILE CA 201 -120.00 106.48 31.63
C ILE CA 201 -119.20 107.71 31.22
N GLY CA 202 -119.88 108.68 30.63
CA GLY CA 202 -119.24 109.89 30.13
C GLY CA 202 -119.39 111.04 31.12
N VAL CA 203 -118.27 111.73 31.35
CA VAL CA 203 -118.25 112.89 32.23
C VAL CA 203 -117.64 114.06 31.48
N ILE CA 204 -118.28 115.23 31.62
CA ILE CA 204 -117.88 116.45 30.94
C ILE CA 204 -117.37 117.40 32.02
N THR CA 205 -116.09 117.75 31.94
CA THR CA 205 -115.46 118.63 32.91
C THR CA 205 -115.35 120.04 32.33
N LYS CA 206 -114.83 120.96 33.15
CA LYS CA 206 -114.47 122.30 32.70
C LYS CA 206 -115.67 123.04 32.10
N LEU CA 207 -116.87 122.75 32.58
CA LEU CA 207 -118.06 123.42 32.06
C LEU CA 207 -118.06 124.93 32.34
N ASP CA 208 -117.19 125.40 33.22
CA ASP CA 208 -117.06 126.83 33.48
C ASP CA 208 -116.10 127.51 32.53
N LEU CA 209 -115.41 126.77 31.67
CA LEU CA 209 -114.40 127.32 30.78
C LEU CA 209 -114.86 127.38 29.33
N MET CA 210 -116.16 127.32 29.08
CA MET CA 210 -116.67 127.34 27.72
C MET CA 210 -116.71 128.77 27.19
N ASP CA 211 -116.60 128.90 25.87
CA ASP CA 211 -116.53 130.20 25.24
C ASP CA 211 -117.84 130.96 25.42
N GLU CA 212 -117.73 132.29 25.41
CA GLU CA 212 -118.90 133.14 25.56
C GLU CA 212 -119.90 132.85 24.45
N GLY CA 213 -121.17 132.70 24.84
CA GLY CA 213 -122.22 132.41 23.89
C GLY CA 213 -122.37 130.94 23.54
N THR CA 214 -121.50 130.08 24.06
CA THR CA 214 -121.58 128.65 23.81
C THR CA 214 -122.02 127.94 25.09
N ASP CA 215 -122.67 126.78 24.90
CA ASP CA 215 -123.13 125.98 26.02
C ASP CA 215 -123.12 124.52 25.61
N ALA CA 216 -122.99 123.65 26.61
CA ALA CA 216 -122.94 122.20 26.39
C ALA CA 216 -124.30 121.55 26.53
N ARG CA 217 -125.38 122.27 26.23
CA ARG CA 217 -126.71 121.70 26.35
C ARG CA 217 -126.90 120.52 25.42
N ASP CA 218 -126.45 120.67 24.17
CA ASP CA 218 -126.67 119.63 23.15
C ASP CA 218 -125.98 118.32 23.50
N VAL CA 219 -124.94 118.36 24.33
CA VAL CA 219 -124.21 117.15 24.66
C VAL CA 219 -124.65 116.62 26.02
N LEU CA 220 -125.01 117.53 26.94
CA LEU CA 220 -125.46 117.07 28.25
C LEU CA 220 -126.87 116.49 28.18
N GLU CA 221 -127.69 116.94 27.23
CA GLU CA 221 -128.95 116.27 26.98
C GLU CA 221 -128.79 114.97 26.21
N ASN CA 222 -127.55 114.52 26.01
CA ASN CA 222 -127.25 113.23 25.40
C ASN CA 222 -127.85 113.13 24.00
N LYS CA 223 -127.85 114.25 23.28
CA LYS CA 223 -128.36 114.30 21.92
C LYS CA 223 -127.25 114.36 20.88
N LEU CA 224 -126.21 115.15 21.12
CA LEU CA 224 -125.14 115.30 20.13
C LEU CA 224 -124.47 113.96 19.84
N LEU CA 225 -124.03 113.27 20.88
CA LEU CA 225 -123.50 111.91 20.75
C LEU CA 225 -124.24 111.04 21.74
N PRO CA 226 -125.40 110.51 21.36
CA PRO CA 226 -126.20 109.70 22.29
C PRO CA 226 -125.44 108.53 22.87
N LEU CA 227 -125.21 108.56 24.18
CA LEU CA 227 -124.60 107.48 24.92
C LEU CA 227 -125.61 106.93 25.90
N ARG CA 228 -125.59 105.61 26.11
CA ARG CA 228 -126.65 104.97 26.86
C ARG CA 228 -126.72 105.48 28.29
N ARG CA 229 -125.57 105.63 28.95
CA ARG CA 229 -125.55 105.96 30.37
C ARG CA 229 -125.66 107.45 30.64
N GLY CA 230 -125.62 108.29 29.62
CA GLY CA 230 -125.73 109.72 29.79
C GLY CA 230 -124.41 110.37 30.13
N TYR CA 231 -124.41 111.70 30.13
CA TYR CA 231 -123.22 112.49 30.40
C TYR CA 231 -123.43 113.30 31.67
N ILE CA 232 -122.52 113.16 32.61
CA ILE CA 232 -122.58 113.87 33.88
C ILE CA 232 -121.61 115.05 33.82
N GLY CA 233 -122.09 116.24 34.13
CA GLY CA 233 -121.29 117.45 34.05
C GLY CA 233 -120.76 117.84 35.41
N VAL CA 234 -119.44 117.98 35.51
CA VAL CA 234 -118.80 118.33 36.76
C VAL CA 234 -117.96 119.59 36.56
N VAL CA 235 -117.73 120.31 37.66
CA VAL CA 235 -116.92 121.52 37.65
C VAL CA 235 -115.95 121.46 38.81
N ASN CA 236 -114.70 121.12 38.53
CA ASN CA 236 -113.69 120.94 39.56
C ASN CA 236 -113.12 122.29 39.99
N ARG CA 237 -112.01 122.25 40.72
CA ARG CA 237 -111.33 123.46 41.17
C ARG CA 237 -110.31 123.90 40.13
N SER CA 238 -110.32 125.18 39.80
CA SER CA 238 -109.38 125.72 38.83
C SER CA 238 -107.96 125.63 39.37
N GLN CA 239 -107.00 125.90 38.48
CA GLN CA 239 -105.59 125.87 38.89
C GLN CA 239 -105.31 126.94 39.92
N LYS CA 240 -105.93 128.12 39.79
CA LYS CA 240 -105.79 129.15 40.80
C LYS CA 240 -106.30 128.67 42.14
N ASP CA 241 -107.45 127.99 42.15
CA ASP CA 241 -107.98 127.46 43.40
C ASP CA 241 -107.08 126.38 43.99
N ILE CA 242 -106.49 125.56 43.12
CA ILE CA 242 -105.57 124.53 43.61
C ILE CA 242 -104.37 125.16 44.28
N ASP CA 243 -103.82 126.21 43.66
CA ASP CA 243 -102.69 126.91 44.27
C ASP CA 243 -103.11 127.62 45.55
N GLY CA 244 -104.33 128.13 45.61
CA GLY CA 244 -104.86 128.78 46.79
C GLY CA 244 -105.45 127.85 47.83
N LYS CA 245 -105.35 126.54 47.60
CA LYS CA 245 -105.80 125.53 48.56
C LYS CA 245 -107.29 125.66 48.86
N LYS CA 246 -108.09 125.71 47.80
CA LYS CA 246 -109.54 125.72 47.99
C LYS CA 246 -110.02 124.38 48.52
N ASP CA 247 -111.02 124.42 49.39
CA ASP CA 247 -111.52 123.22 50.05
C ASP CA 247 -112.71 122.62 49.32
N ILE CA 248 -112.89 121.31 49.53
CA ILE CA 248 -113.86 120.55 48.75
C ILE CA 248 -115.28 121.07 48.99
N THR CA 249 -115.60 121.42 50.24
CA THR CA 249 -116.97 121.81 50.57
C THR CA 249 -117.36 123.10 49.85
N ALA CA 250 -116.52 124.13 49.92
CA ALA CA 250 -116.85 125.37 49.23
C ALA CA 250 -116.76 125.20 47.72
N ALA CA 251 -115.86 124.33 47.25
CA ALA CA 251 -115.82 124.04 45.82
C ALA CA 251 -117.13 123.43 45.34
N LEU CA 252 -117.68 122.48 46.10
CA LEU CA 252 -118.95 121.88 45.74
C LEU CA 252 -120.08 122.89 45.83
N ALA CA 253 -120.05 123.76 46.83
CA ALA CA 253 -121.05 124.81 46.93
C ALA CA 253 -121.01 125.73 45.71
N ALA CA 254 -119.81 126.10 45.28
CA ALA CA 254 -119.67 126.95 44.09
C ALA CA 254 -120.16 126.23 42.84
N GLU CA 255 -119.87 124.92 42.73
CA GLU CA 255 -120.36 124.15 41.59
C GLU CA 255 -121.89 124.12 41.57
N ARG CA 256 -122.51 123.91 42.73
CA ARG CA 256 -123.96 123.93 42.80
C ARG CA 256 -124.51 125.30 42.43
N LYS CA 257 -123.86 126.37 42.89
CA LYS CA 257 -124.29 127.71 42.54
C LYS CA 257 -124.19 127.94 41.04
N PHE CA 258 -123.11 127.47 40.41
CA PHE CA 258 -122.94 127.64 38.97
C PHE CA 258 -124.02 126.89 38.21
N PHE CA 259 -124.31 125.65 38.62
CA PHE CA 259 -125.36 124.90 37.94
C PHE CA 259 -126.73 125.54 38.11
N LEU CA 260 -127.02 126.10 39.29
CA LEU CA 260 -128.30 126.78 39.48
C LEU CA 260 -128.37 128.13 38.78
N SER CA 261 -127.24 128.77 38.52
CA SER CA 261 -127.24 130.10 37.91
C SER CA 261 -127.16 130.06 36.39
N HIS CA 262 -126.53 129.05 35.81
CA HIS CA 262 -126.37 129.02 34.36
C HIS CA 262 -127.71 128.73 33.69
N PRO CA 263 -128.19 129.60 32.80
CA PRO CA 263 -129.51 129.38 32.20
C PRO CA 263 -129.61 128.12 31.37
N SER CA 264 -128.50 127.59 30.86
CA SER CA 264 -128.54 126.45 29.96
C SER CA 264 -128.38 125.12 30.68
N TYR CA 265 -128.28 125.12 32.01
CA TYR CA 265 -128.10 123.87 32.76
C TYR CA 265 -129.00 123.74 33.98
N ARG CA 266 -129.69 124.80 34.40
CA ARG CA 266 -130.46 124.73 35.63
C ARG CA 266 -131.57 123.68 35.57
N HIS CA 267 -132.10 123.44 34.37
CA HIS CA 267 -133.11 122.40 34.22
C HIS CA 267 -132.53 121.00 34.39
N LEU CA 268 -131.21 120.86 34.40
CA LEU CA 268 -130.55 119.58 34.65
C LEU CA 268 -129.62 119.64 35.86
N ALA CA 269 -129.74 120.67 36.68
CA ALA CA 269 -128.83 120.82 37.83
C ALA CA 269 -128.95 119.63 38.77
N ASP CA 270 -130.15 119.08 38.92
CA ASP CA 270 -130.34 117.93 39.79
C ASP CA 270 -129.55 116.73 39.29
N ARG CA 271 -129.55 116.49 37.99
CA ARG CA 271 -128.82 115.36 37.41
C ARG CA 271 -127.36 115.66 37.13
N MET CA 272 -126.92 116.90 37.29
CA MET CA 272 -125.52 117.24 37.11
C MET CA 272 -124.82 117.34 38.46
N GLY CA 273 -123.49 117.37 38.42
CA GLY CA 273 -122.70 117.53 39.61
C GLY CA 273 -121.99 116.24 40.02
N THR CA 274 -120.94 116.42 40.82
CA THR CA 274 -120.18 115.26 41.31
C THR CA 274 -120.99 114.32 42.19
N PRO CA 275 -121.83 114.77 43.13
CA PRO CA 275 -122.61 113.81 43.92
C PRO CA 275 -123.49 112.91 43.06
N TYR CA 276 -124.02 113.44 41.96
CA TYR CA 276 -124.80 112.59 41.07
C TYR CA 276 -123.91 111.52 40.44
N LEU CA 277 -122.67 111.87 40.10
CA LEU CA 277 -121.76 110.88 39.55
C LEU CA 277 -121.45 109.79 40.57
N GLN CA 278 -121.26 110.19 41.83
CA GLN CA 278 -121.07 109.20 42.88
C GLN CA 278 -122.29 108.29 43.00
N LYS CA 279 -123.48 108.88 42.94
CA LYS CA 279 -124.71 108.09 43.02
C LYS CA 279 -124.85 107.13 41.84
N VAL CA 280 -124.46 107.57 40.66
CA VAL CA 280 -124.56 106.72 39.48
C VAL CA 280 -123.58 105.56 39.56
N LEU CA 281 -122.35 105.83 40.03
CA LEU CA 281 -121.42 104.73 40.24
C LEU CA 281 -121.95 103.76 41.31
N ASN CA 282 -122.57 104.30 42.36
CA ASN CA 282 -123.19 103.43 43.35
C ASN CA 282 -124.28 102.56 42.73
N GLN CA 283 -125.08 103.14 41.84
CA GLN CA 283 -126.13 102.37 41.17
C GLN CA 283 -125.54 101.26 40.31
N GLN CA 284 -124.49 101.58 39.54
CA GLN CA 284 -123.87 100.55 38.71
C GLN CA 284 -123.28 99.44 39.56
N LEU CA 285 -122.63 99.80 40.66
CA LEU CA 285 -122.06 98.77 41.53
C LEU CA 285 -123.15 97.95 42.20
N THR CA 286 -124.27 98.58 42.56
CA THR CA 286 -125.40 97.83 43.10
C THR CA 286 -125.93 96.84 42.09
N ASN CA 287 -126.06 97.26 40.83
CA ASN CA 287 -126.54 96.36 39.79
C ASN CA 287 -125.53 95.27 39.45
N HIS CA 288 -124.25 95.49 39.76
CA HIS CA 288 -123.24 94.49 39.42
C HIS CA 288 -122.93 93.51 40.55
N ILE CA 289 -123.17 93.90 41.81
CA ILE CA 289 -122.90 92.97 42.91
C ILE CA 289 -123.88 91.81 42.89
N ARG CA 290 -125.14 92.06 42.52
CA ARG CA 290 -126.11 90.99 42.40
C ARG CA 290 -125.75 90.09 41.21
N ASP CA 291 -126.56 89.06 40.97
CA ASP CA 291 -126.31 87.91 40.11
C ASP CA 291 -125.34 86.96 40.83
N THR CA 292 -124.77 87.37 41.97
CA THR CA 292 -123.99 86.49 42.82
C THR CA 292 -124.55 86.37 44.23
N LEU CA 293 -125.44 87.27 44.64
CA LEU CA 293 -126.04 87.21 45.98
C LEU CA 293 -126.67 85.87 46.30
N PRO CA 294 -127.50 85.27 45.44
CA PRO CA 294 -128.07 83.96 45.80
C PRO CA 294 -127.01 82.91 46.09
N GLY CA 295 -125.89 82.94 45.37
CA GLY CA 295 -124.77 82.10 45.76
C GLY CA 295 -124.15 82.52 47.08
N LEU CA 296 -124.00 83.83 47.28
CA LEU CA 296 -123.37 84.34 48.49
C LEU CA 296 -124.31 84.28 49.69
N ARG CA 297 -125.60 84.55 49.47
CA ARG CA 297 -126.55 84.44 50.56
C ARG CA 297 -126.59 83.03 51.12
N ASN CA 298 -126.59 82.02 50.24
CA ASN CA 298 -126.47 80.65 50.69
C ASN CA 298 -125.10 80.39 51.30
N LYS CA 299 -124.05 80.95 50.70
CA LYS CA 299 -122.69 80.71 51.16
C LYS CA 299 -122.50 81.13 52.61
N LEU CA 300 -123.17 82.18 53.05
CA LEU CA 300 -123.11 82.54 54.46
C LEU CA 300 -124.34 82.09 55.25
N GLN CA 301 -125.40 81.66 54.59
CA GLN CA 301 -126.50 81.01 55.30
C GLN CA 301 -126.06 79.69 55.90
N SER CA 302 -125.26 78.92 55.15
CA SER CA 302 -124.69 77.71 55.71
C SER CA 302 -123.76 78.04 56.88
N GLN CA 303 -123.04 79.16 56.78
CA GLN CA 303 -122.21 79.61 57.89
C GLN CA 303 -123.05 79.90 59.12
N LEU CA 304 -124.19 80.58 58.94
CA LEU CA 304 -125.07 80.81 60.08
C LEU CA 304 -125.64 79.50 60.62
N LEU CA 305 -125.87 78.53 59.74
CA LEU CA 305 -126.34 77.21 60.16
C LEU CA 305 -125.34 76.53 61.06
N SER CA 306 -124.05 76.65 60.73
CA SER CA 306 -123.01 75.94 61.46
C SER CA 306 -122.82 76.43 62.89
N ILE CA 307 -123.44 77.55 63.23
CA ILE CA 307 -123.32 78.13 64.56
C ILE CA 307 -124.66 78.30 65.27
N GLU CA 308 -125.79 78.28 64.56
CA GLU CA 308 -127.09 78.48 65.20
C GLU CA 308 -127.33 77.51 66.34
N LYS CA 309 -126.74 76.31 66.26
CA LYS CA 309 -126.94 75.32 67.32
C LYS CA 309 -126.35 75.78 68.65
N GLU CA 310 -125.12 76.27 68.64
CA GLU CA 310 -124.48 76.76 69.86
C GLU CA 310 -125.03 78.12 70.26
N VAL CA 311 -125.50 78.90 69.28
CA VAL CA 311 -126.14 80.17 69.61
C VAL CA 311 -127.36 79.95 70.49
N GLU CA 312 -128.00 78.78 70.39
CA GLU CA 312 -129.12 78.47 71.26
C GLU CA 312 -128.71 78.47 72.73
N GLU CA 313 -127.60 77.81 73.05
CA GLU CA 313 -127.07 77.87 74.40
C GLU CA 313 -126.58 79.26 74.75
N TYR CA 314 -126.06 80.02 73.77
CA TYR CA 314 -125.45 81.30 74.09
C TYR CA 314 -126.42 82.50 74.20
N LYS CA 315 -127.64 82.44 73.67
CA LYS CA 315 -128.49 83.63 73.73
C LYS CA 315 -128.88 83.97 75.16
N ASN CA 316 -129.28 82.97 75.92
CA ASN CA 316 -129.76 83.20 77.29
C ASN CA 316 -128.89 82.37 78.23
N PHE CA 317 -127.74 82.93 78.57
CA PHE CA 317 -126.83 82.38 79.56
C PHE CA 317 -126.77 83.33 80.73
N ARG CA 318 -127.00 82.83 81.93
CA ARG CA 318 -126.81 83.63 83.13
C ARG CA 318 -125.94 82.85 84.11
N PRO CA 319 -124.91 83.47 84.69
CA PRO CA 319 -124.07 82.75 85.65
C PRO CA 319 -124.90 82.28 86.83
N ASP CA 320 -124.54 81.10 87.35
CA ASP CA 320 -125.15 80.42 88.49
C ASP CA 320 -126.47 79.74 88.12
N ASP CA 321 -126.79 79.59 86.85
CA ASP CA 321 -128.02 78.91 86.47
C ASP CA 321 -127.95 77.41 86.74
N PRO CA 322 -128.63 76.90 87.76
CA PRO CA 322 -128.48 75.47 88.09
C PRO CA 322 -128.93 74.55 86.96
N ALA CA 323 -129.97 74.92 86.23
CA ALA CA 323 -130.48 74.04 85.18
C ALA CA 323 -129.42 73.81 84.11
N ARG CA 324 -128.87 74.89 83.56
CA ARG CA 324 -127.84 74.74 82.53
C ARG CA 324 -126.60 74.08 83.10
N LYS CA 325 -126.19 74.47 84.32
CA LYS CA 325 -124.97 73.89 84.88
C LYS CA 325 -125.10 72.37 85.04
N THR CA 326 -126.19 71.91 85.65
CA THR CA 326 -126.35 70.48 85.87
C THR CA 326 -126.58 69.73 84.56
N LYS CA 327 -127.31 70.32 83.61
CA LYS CA 327 -127.47 69.66 82.32
C LYS CA 327 -126.14 69.49 81.61
N ALA CA 328 -125.30 70.52 81.64
CA ALA CA 328 -123.97 70.43 81.04
C ALA CA 328 -123.14 69.37 81.75
N LEU CA 329 -123.20 69.34 83.08
CA LEU CA 329 -122.45 68.34 83.83
C LEU CA 329 -122.87 66.93 83.43
N LEU CA 330 -124.18 66.70 83.33
CA LEU CA 330 -124.67 65.36 83.00
C LEU CA 330 -124.24 64.95 81.61
N GLN CA 331 -124.36 65.85 80.63
CA GLN CA 331 -123.96 65.46 79.28
C GLN CA 331 -122.45 65.27 79.18
N MET CA 332 -121.66 66.08 79.89
CA MET CA 332 -120.21 65.90 79.88
C MET CA 332 -119.84 64.54 80.45
N VAL CA 333 -120.47 64.16 81.57
CA VAL CA 333 -120.18 62.86 82.18
C VAL CA 333 -120.57 61.73 81.23
N GLN CA 334 -121.72 61.84 80.58
CA GLN CA 334 -122.16 60.78 79.69
C GLN CA 334 -121.21 60.61 78.51
N GLN CA 335 -120.75 61.72 77.92
CA GLN CA 335 -119.84 61.57 76.80
C GLN CA 335 -118.48 61.06 77.28
N PHE CA 336 -118.06 61.46 78.48
CA PHE CA 336 -116.81 60.91 79.02
C PHE CA 336 -116.90 59.39 79.13
N ALA CA 337 -118.00 58.90 79.70
CA ALA CA 337 -118.16 57.46 79.81
C ALA CA 337 -118.09 56.80 78.43
N VAL CA 338 -119.01 57.18 77.53
CA VAL CA 338 -119.08 56.48 76.26
C VAL CA 338 -117.77 56.58 75.49
N ASP CA 339 -117.04 57.68 75.66
CA ASP CA 339 -115.70 57.78 75.08
C ASP CA 339 -114.76 56.77 75.72
N PHE CA 340 -114.87 56.57 77.03
CA PHE CA 340 -113.99 55.61 77.70
C PHE CA 340 -114.22 54.19 77.18
N GLU CA 341 -115.48 53.77 77.08
CA GLU CA 341 -115.71 52.43 76.51
C GLU CA 341 -115.31 52.39 75.04
N LYS CA 342 -115.47 53.49 74.31
CA LYS CA 342 -115.04 53.49 72.92
C LYS CA 342 -113.53 53.29 72.81
N ARG CA 343 -112.77 53.87 73.72
CA ARG CA 343 -111.32 53.75 73.68
C ARG CA 343 -110.80 52.47 74.30
N ILE CA 344 -111.58 51.81 75.16
CA ILE CA 344 -111.10 50.58 75.78
C ILE CA 344 -111.62 49.37 75.03
N GLU CA 345 -112.95 49.18 75.03
CA GLU CA 345 -113.50 48.03 74.31
C GLU CA 345 -113.43 48.21 72.80
N GLY CA 346 -113.21 49.42 72.32
CA GLY CA 346 -113.22 49.67 70.89
C GLY CA 346 -114.58 49.51 70.27
N SER CA 347 -115.63 49.98 70.93
CA SER CA 347 -116.97 49.92 70.35
C SER CA 347 -116.98 50.68 69.04
N GLY CA 348 -117.52 50.04 68.00
CA GLY CA 348 -117.36 50.57 66.67
C GLY CA 348 -118.11 51.85 66.38
N ASP CA 349 -117.37 52.96 66.33
CA ASP CA 349 -117.78 54.23 65.75
C ASP CA 349 -116.60 55.19 65.87
N GLN CA 350 -116.56 56.16 64.96
CA GLN CA 350 -115.61 57.27 64.96
C GLN CA 350 -114.20 56.85 65.40
N ILE CA 351 -113.74 55.71 64.91
CA ILE CA 351 -112.51 55.10 65.39
C ILE CA 351 -111.31 55.81 64.77
N ASP CA 352 -110.41 56.29 65.60
CA ASP CA 352 -109.16 56.84 65.11
C ASP CA 352 -108.31 55.74 64.49
N THR CA 353 -107.73 56.02 63.33
CA THR CA 353 -106.86 55.08 62.63
C THR CA 353 -105.47 55.65 62.46
N TYR CA 354 -105.04 56.49 63.40
CA TYR CA 354 -103.76 57.17 63.32
C TYR CA 354 -102.73 56.67 64.31
N GLU CA 355 -103.17 56.19 65.47
CA GLU CA 355 -102.30 55.58 66.47
C GLU CA 355 -102.72 54.14 66.69
N LEU CA 356 -101.87 53.39 67.40
CA LEU CA 356 -102.22 52.01 67.71
C LEU CA 356 -103.50 51.93 68.54
N SER CA 357 -103.65 52.85 69.49
CA SER CA 357 -104.90 53.10 70.20
C SER CA 357 -104.64 54.22 71.19
N GLY CA 358 -105.72 54.67 71.83
CA GLY CA 358 -105.59 55.52 72.99
C GLY CA 358 -105.15 54.68 74.16
N GLY CA 359 -105.92 53.65 74.49
CA GLY CA 359 -105.54 52.74 75.53
C GLY CA 359 -105.94 51.28 75.32
N ALA CA 360 -106.24 50.91 74.08
CA ALA CA 360 -106.76 49.57 73.83
C ALA CA 360 -105.66 48.60 73.41
N ARG CA 361 -105.02 48.86 72.27
CA ARG CA 361 -103.92 48.00 71.84
C ARG CA 361 -102.62 48.31 72.56
N ILE CA 362 -102.43 49.53 73.06
CA ILE CA 362 -101.29 49.74 73.94
C ILE CA 362 -101.43 48.86 75.19
N ASN CA 363 -102.64 48.35 75.46
CA ASN CA 363 -102.88 47.45 76.59
C ASN CA 363 -102.85 45.98 76.19
N ARG CA 364 -103.54 45.62 75.10
CA ARG CA 364 -103.39 44.27 74.57
C ARG CA 364 -101.94 43.91 74.28
N ILE CA 365 -101.14 44.85 73.79
CA ILE CA 365 -99.76 44.52 73.52
C ILE CA 365 -99.03 44.28 74.83
N PHE CA 366 -99.48 44.90 75.93
CA PHE CA 366 -98.95 44.50 77.23
C PHE CA 366 -99.30 43.04 77.52
N HIS CA 367 -100.58 42.69 77.36
CA HIS CA 367 -100.99 41.32 77.72
C HIS CA 367 -100.31 40.24 76.89
N GLU CA 368 -100.05 40.48 75.61
CA GLU CA 368 -99.32 39.50 74.78
C GLU CA 368 -97.94 39.99 74.36
N ARG CA 369 -97.30 40.83 75.17
CA ARG CA 369 -95.88 41.10 75.10
C ARG CA 369 -95.17 40.76 76.40
N PHE CA 370 -95.86 40.85 77.54
CA PHE CA 370 -95.40 40.37 78.84
C PHE CA 370 -94.70 39.01 78.78
N PRO CA 371 -95.13 38.08 77.92
CA PRO CA 371 -94.30 36.89 77.67
C PRO CA 371 -92.86 37.21 77.33
N PHE CA 372 -92.59 38.36 76.72
CA PHE CA 372 -91.19 38.74 76.53
C PHE CA 372 -90.49 38.92 77.86
N GLU CA 373 -91.16 39.53 78.84
CA GLU CA 373 -90.58 39.64 80.17
C GLU CA 373 -90.35 38.26 80.79
N LEU CA 374 -91.35 37.39 80.71
CA LEU CA 374 -91.20 36.07 81.32
C LEU CA 374 -90.05 35.30 80.69
N VAL CA 375 -89.90 35.38 79.38
CA VAL CA 375 -88.76 34.73 78.73
C VAL CA 375 -87.46 35.42 79.13
N LYS CA 376 -87.49 36.75 79.25
CA LYS CA 376 -86.30 37.52 79.63
C LYS CA 376 -85.89 37.27 81.05
N MET CA 377 -86.69 36.53 81.82
CA MET CA 377 -86.21 36.02 83.10
C MET CA 377 -84.94 35.18 82.86
N GLU CA 378 -84.22 34.90 83.95
CA GLU CA 378 -82.83 34.46 83.89
C GLU CA 378 -82.56 33.33 82.88
N PHE CA 379 -83.09 32.13 83.09
CA PHE CA 379 -82.97 30.99 82.18
C PHE CA 379 -81.55 30.66 81.74
N ASP CA 380 -80.51 31.24 82.35
CA ASP CA 380 -79.15 31.05 81.83
C ASP CA 380 -78.17 30.69 82.96
N GLU CA 381 -78.07 29.39 83.24
CA GLU CA 381 -77.05 28.79 84.11
C GLU CA 381 -77.04 27.29 83.90
N LYS CA 382 -75.87 26.70 84.12
CA LYS CA 382 -75.75 25.30 84.50
C LYS CA 382 -75.60 25.13 86.00
N GLU CA 383 -75.50 26.25 86.74
CA GLU CA 383 -75.47 26.21 88.19
C GLU CA 383 -76.74 25.58 88.76
N LEU CA 384 -77.82 25.56 87.98
CA LEU CA 384 -79.04 24.88 88.40
C LEU CA 384 -78.78 23.41 88.71
N ARG CA 385 -77.89 22.78 87.95
CA ARG CA 385 -77.58 21.38 88.20
C ARG CA 385 -76.96 21.18 89.57
N ARG CA 386 -76.01 22.03 89.94
CA ARG CA 386 -75.46 21.99 91.30
C ARG CA 386 -76.54 22.30 92.33
N GLU CA 387 -77.41 23.26 92.00
CA GLU CA 387 -78.46 23.69 92.92
C GLU CA 387 -79.41 22.54 93.23
N ILE CA 388 -79.67 21.68 92.25
CA ILE CA 388 -80.58 20.57 92.48
C ILE CA 388 -79.83 19.35 93.02
N SER CA 389 -78.54 19.22 92.72
CA SER CA 389 -77.75 18.15 93.33
C SER CA 389 -77.66 18.33 94.84
N TYR CA 390 -77.51 19.58 95.30
CA TYR CA 390 -77.53 19.80 96.74
C TYR CA 390 -78.88 19.43 97.34
N ALA CA 391 -79.98 19.71 96.63
CA ALA CA 391 -81.28 19.29 97.12
C ALA CA 391 -81.38 17.77 97.23
N ILE CA 392 -80.88 17.06 96.23
CA ILE CA 392 -80.77 15.61 96.29
C ILE CA 392 -80.02 15.19 97.54
N LYS CA 393 -78.87 15.82 97.76
CA LYS CA 393 -77.99 15.39 98.85
C LYS CA 393 -78.51 15.78 100.22
N ASN CA 394 -79.45 16.72 100.30
CA ASN CA 394 -80.05 17.08 101.58
C ASN CA 394 -81.29 16.25 101.90
N ILE CA 395 -82.12 15.93 100.91
CA ILE CA 395 -83.28 15.08 101.20
C ILE CA 395 -82.96 13.60 101.13
N HIS CA 396 -81.75 13.24 100.71
CA HIS CA 396 -81.22 11.89 100.96
C HIS CA 396 -80.37 11.88 102.20
N GLY CA 397 -80.76 12.68 103.20
CA GLY CA 397 -79.94 13.08 104.31
C GLY CA 397 -79.02 12.03 104.88
N ILE CA 398 -79.58 10.91 105.32
CA ILE CA 398 -78.81 9.81 105.90
C ILE CA 398 -78.96 8.53 105.08
N ARG CA 399 -80.19 8.17 104.75
CA ARG CA 399 -80.45 6.95 103.98
C ARG CA 399 -79.79 7.07 102.59
N THR CA 400 -79.73 5.96 101.88
CA THR CA 400 -78.79 5.88 100.78
C THR CA 400 -79.32 5.04 99.63
N GLY CA 401 -78.75 5.30 98.45
CA GLY CA 401 -78.75 4.38 97.34
C GLY CA 401 -80.07 4.18 96.63
N LEU CA 402 -81.06 5.03 96.87
CA LEU CA 402 -82.36 4.84 96.24
C LEU CA 402 -82.54 5.80 95.07
N PHE CA 403 -83.58 5.53 94.30
CA PHE CA 403 -83.70 5.93 92.91
C PHE CA 403 -83.50 7.43 92.67
N THR CA 404 -84.46 8.23 93.14
CA THR CA 404 -84.55 9.69 93.03
C THR CA 404 -85.64 10.17 93.98
N PRO CA 405 -85.40 11.25 94.71
CA PRO CA 405 -86.46 11.84 95.53
C PRO CA 405 -87.25 12.90 94.77
N ASP CA 406 -88.58 12.84 94.84
CA ASP CA 406 -89.41 13.77 94.08
C ASP CA 406 -89.43 15.16 94.71
N MET CA 407 -89.24 15.26 96.02
CA MET CA 407 -89.29 16.59 96.60
C MET CA 407 -88.12 17.44 96.15
N ALA CA 408 -87.08 16.85 95.56
CA ALA CA 408 -86.05 17.66 94.91
C ALA CA 408 -86.65 18.48 93.78
N PHE CA 409 -87.38 17.80 92.88
CA PHE CA 409 -88.13 18.49 91.84
C PHE CA 409 -89.08 19.51 92.45
N GLU CA 410 -89.75 19.13 93.54
CA GLU CA 410 -90.68 20.03 94.20
C GLU CA 410 -89.98 21.33 94.63
N THR CA 411 -88.88 21.20 95.37
CA THR CA 411 -88.19 22.37 95.91
C THR CA 411 -87.63 23.23 94.79
N ILE CA 412 -87.13 22.59 93.73
CA ILE CA 412 -86.52 23.37 92.66
C ILE CA 412 -87.58 24.16 91.89
N VAL CA 413 -88.73 23.54 91.61
CA VAL CA 413 -89.76 24.32 90.93
C VAL CA 413 -90.31 25.40 91.86
N LYS CA 414 -90.40 25.14 93.17
CA LYS CA 414 -90.83 26.18 94.09
C LYS CA 414 -89.84 27.34 94.14
N LYS CA 415 -88.55 27.06 93.93
CA LYS CA 415 -87.57 28.13 93.85
C LYS CA 415 -87.60 28.86 92.52
N GLN CA 416 -87.93 28.16 91.43
CA GLN CA 416 -87.96 28.78 90.12
C GLN CA 416 -89.19 29.68 89.95
N VAL CA 417 -90.35 29.25 90.44
CA VAL CA 417 -91.58 30.02 90.23
C VAL CA 417 -91.79 31.07 91.30
N LYS CA 418 -90.88 31.23 92.24
CA LYS CA 418 -90.99 32.32 93.20
C LYS CA 418 -90.49 33.64 92.65
N LYS CA 419 -89.75 33.61 91.54
CA LYS CA 419 -89.29 34.83 90.89
C LYS CA 419 -90.19 35.27 89.76
N ILE CA 420 -91.26 34.53 89.46
CA ILE CA 420 -92.30 35.01 88.56
C ILE CA 420 -93.05 36.18 89.20
N ARG CA 421 -92.93 36.33 90.52
CA ARG CA 421 -93.66 37.37 91.23
C ARG CA 421 -93.29 38.78 90.78
N GLU CA 422 -92.09 38.97 90.24
CA GLU CA 422 -91.68 40.30 89.82
C GLU CA 422 -92.25 40.70 88.46
N PRO CA 423 -92.14 39.87 87.41
CA PRO CA 423 -92.69 40.29 86.11
C PRO CA 423 -94.19 40.53 86.13
N CYS CA 424 -94.95 39.76 86.90
CA CYS CA 424 -96.40 39.97 86.94
C CYS CA 424 -96.74 41.31 87.57
N LEU CA 425 -96.08 41.66 88.68
CA LEU CA 425 -96.29 42.97 89.28
C LEU CA 425 -95.83 44.08 88.34
N LYS CA 426 -94.75 43.86 87.59
CA LYS CA 426 -94.31 44.85 86.62
C LYS CA 426 -95.34 45.05 85.52
N CYS CA 427 -95.97 43.97 85.06
CA CYS CA 427 -97.02 44.11 84.07
C CYS CA 427 -98.22 44.85 84.63
N VAL CA 428 -98.57 44.58 85.90
CA VAL CA 428 -99.66 45.32 86.53
C VAL CA 428 -99.33 46.80 86.58
N ASP CA 429 -98.08 47.13 86.92
CA ASP CA 429 -97.66 48.52 86.93
C ASP CA 429 -97.76 49.14 85.54
N MET CA 430 -97.38 48.39 84.51
CA MET CA 430 -97.47 48.91 83.14
C MET CA 430 -98.92 49.17 82.74
N VAL CA 431 -99.82 48.24 83.07
CA VAL CA 431 -101.24 48.44 82.77
C VAL CA 431 -101.77 49.66 83.50
N ILE CA 432 -101.38 49.84 84.77
CA ILE CA 432 -101.75 51.05 85.49
C ILE CA 432 -101.25 52.29 84.74
N SER CA 433 -99.97 52.30 84.41
CA SER CA 433 -99.36 53.48 83.80
C SER CA 433 -99.96 53.79 82.44
N GLU CA 434 -100.54 52.80 81.78
CA GLU CA 434 -101.10 53.06 80.46
C GLU CA 434 -102.56 53.49 80.55
N LEU CA 435 -103.35 52.80 81.37
CA LEU CA 435 -104.75 53.17 81.51
C LEU CA 435 -104.89 54.55 82.17
N ILE CA 436 -104.04 54.85 83.15
CA ILE CA 436 -104.18 56.13 83.83
C ILE CA 436 -103.81 57.28 82.90
N SER CA 437 -103.02 57.01 81.86
CA SER CA 437 -102.75 57.99 80.83
C SER CA 437 -103.86 58.06 79.80
N THR CA 438 -104.51 56.93 79.51
CA THR CA 438 -105.66 56.96 78.60
C THR CA 438 -106.81 57.74 79.19
N VAL CA 439 -107.03 57.64 80.51
CA VAL CA 439 -108.03 58.47 81.15
C VAL CA 439 -107.72 59.94 80.94
N ARG CA 440 -106.46 60.33 81.09
CA ARG CA 440 -106.07 61.71 80.82
C ARG CA 440 -106.31 62.07 79.36
N GLN CA 441 -106.04 61.13 78.45
CA GLN CA 441 -106.23 61.40 77.03
C GLN CA 441 -107.70 61.63 76.69
N CYS CA 442 -108.60 60.96 77.40
CA CYS CA 442 -110.03 61.11 77.13
C CYS CA 442 -110.69 62.15 78.04
N THR CA 443 -109.94 62.75 78.96
CA THR CA 443 -110.46 63.89 79.71
C THR CA 443 -109.89 65.24 79.28
N LYS CA 444 -108.68 65.27 78.72
CA LYS CA 444 -108.09 66.55 78.36
C LYS CA 444 -108.80 67.21 77.18
N LYS CA 445 -109.23 66.41 76.20
CA LYS CA 445 -109.69 66.98 74.94
C LYS CA 445 -111.20 67.23 74.93
N LEU CA 446 -111.98 66.40 75.60
CA LEU CA 446 -113.42 66.67 75.67
C LEU CA 446 -113.72 67.82 76.62
N GLN CA 447 -112.98 67.92 77.72
CA GLN CA 447 -113.29 68.88 78.77
C GLN CA 447 -112.54 70.17 78.51
N GLN CA 448 -113.24 71.17 77.95
CA GLN CA 448 -112.75 72.53 77.98
C GLN CA 448 -112.83 73.11 79.38
N TYR CA 449 -113.73 72.58 80.21
CA TYR CA 449 -113.97 73.13 81.52
C TYR CA 449 -112.72 73.00 82.39
N PRO CA 450 -112.37 74.02 83.15
CA PRO CA 450 -111.37 73.86 84.20
C PRO CA 450 -112.01 73.29 85.46
N ARG CA 451 -111.19 72.52 86.18
CA ARG CA 451 -111.53 71.91 87.45
C ARG CA 451 -112.49 70.74 87.28
N LEU CA 452 -113.12 70.62 86.11
CA LEU CA 452 -113.93 69.45 85.81
C LEU CA 452 -113.16 68.40 85.02
N ARG CA 453 -112.04 68.78 84.43
CA ARG CA 453 -111.03 67.82 84.01
C ARG CA 453 -110.06 67.52 85.13
N GLU CA 454 -110.22 68.16 86.28
CA GLU CA 454 -109.41 67.91 87.46
C GLU CA 454 -110.12 66.98 88.44
N GLU CA 455 -111.36 67.31 88.83
CA GLU CA 455 -112.11 66.43 89.72
C GLU CA 455 -112.35 65.08 89.10
N MET CA 456 -112.67 65.06 87.80
CA MET CA 456 -112.93 63.81 87.10
C MET CA 456 -111.69 62.92 87.08
N GLU CA 457 -110.56 63.50 86.69
CA GLU CA 457 -109.31 62.75 86.68
C GLU CA 457 -108.94 62.28 88.07
N ARG CA 458 -109.10 63.15 89.07
CA ARG CA 458 -108.77 62.77 90.44
C ARG CA 458 -109.59 61.57 90.89
N ILE CA 459 -110.91 61.63 90.71
CA ILE CA 459 -111.78 60.55 91.17
C ILE CA 459 -111.44 59.25 90.46
N VAL CA 460 -111.35 59.30 89.12
CA VAL CA 460 -111.10 58.07 88.38
C VAL CA 460 -109.74 57.49 88.73
N THR CA 461 -108.72 58.33 88.85
CA THR CA 461 -107.38 57.85 89.15
C THR CA 461 -107.30 57.29 90.56
N THR CA 462 -107.99 57.90 91.52
CA THR CA 462 -108.01 57.34 92.86
C THR CA 462 -108.70 55.99 92.88
N HIS CA 463 -109.78 55.82 92.10
CA HIS CA 463 -110.40 54.51 92.03
C HIS CA 463 -109.45 53.48 91.42
N ILE CA 464 -108.72 53.87 90.38
CA ILE CA 464 -107.80 52.94 89.73
C ILE CA 464 -106.67 52.55 90.69
N ARG CA 465 -106.13 53.51 91.42
CA ARG CA 465 -105.07 53.21 92.38
C ARG CA 465 -105.60 52.53 93.63
N GLU CA 466 -106.91 52.56 93.86
CA GLU CA 466 -107.48 51.68 94.88
C GLU CA 466 -107.59 50.26 94.37
N ARG CA 467 -107.89 50.09 93.08
CA ARG CA 467 -108.02 48.75 92.52
C ARG CA 467 -106.66 48.07 92.31
N GLU CA 468 -105.60 48.86 92.16
CA GLU CA 468 -104.29 48.24 91.93
C GLU CA 468 -103.85 47.42 93.12
N GLY CA 469 -104.20 47.84 94.33
CA GLY CA 469 -103.88 47.03 95.50
C GLY CA 469 -104.56 45.68 95.46
N ARG CA 470 -105.85 45.65 95.14
CA ARG CA 470 -106.58 44.40 95.08
C ARG CA 470 -106.01 43.49 93.99
N THR CA 471 -105.71 44.05 92.81
CA THR CA 471 -105.23 43.18 91.76
C THR CA 471 -103.82 42.66 92.04
N LYS CA 472 -102.97 43.48 92.67
CA LYS CA 472 -101.66 42.97 93.07
C LYS CA 472 -101.79 41.88 94.12
N GLU CA 473 -102.72 42.06 95.07
CA GLU CA 473 -102.98 41.01 96.06
C GLU CA 473 -103.41 39.72 95.39
N GLN CA 474 -104.30 39.81 94.40
CA GLN CA 474 -104.78 38.61 93.74
C GLN CA 474 -103.66 37.95 92.93
N VAL CA 475 -102.79 38.73 92.31
CA VAL CA 475 -101.67 38.14 91.58
C VAL CA 475 -100.72 37.43 92.53
N MET CA 476 -100.40 38.06 93.66
CA MET CA 476 -99.55 37.40 94.65
C MET CA 476 -100.18 36.11 95.15
N LEU CA 477 -101.49 36.14 95.40
CA LEU CA 477 -102.17 34.95 95.91
C LEU CA 477 -102.26 33.87 94.84
N LEU CA 478 -102.34 34.25 93.56
CA LEU CA 478 -102.24 33.27 92.48
C LEU CA 478 -100.88 32.59 92.49
N ILE CA 479 -99.82 33.37 92.68
CA ILE CA 479 -98.49 32.76 92.77
C ILE CA 479 -98.41 31.83 93.98
N ASP CA 480 -98.93 32.28 95.12
CA ASP CA 480 -98.89 31.45 96.32
C ASP CA 480 -99.77 30.21 96.21
N ILE CA 481 -100.77 30.23 95.34
CA ILE CA 481 -101.48 28.99 95.01
C ILE CA 481 -100.63 28.10 94.13
N GLU CA 482 -99.92 28.67 93.18
CA GLU CA 482 -99.09 27.85 92.31
C GLU CA 482 -97.87 27.28 93.01
N LEU CA 483 -97.57 27.78 94.21
CA LEU CA 483 -96.60 27.13 95.10
C LEU CA 483 -97.27 26.21 96.12
N ALA CA 484 -98.30 25.45 95.76
CA ALA CA 484 -98.97 24.60 96.73
C ALA CA 484 -98.96 23.13 96.39
N TYR CA 485 -99.22 22.75 95.13
CA TYR CA 485 -99.40 21.32 94.88
C TYR CA 485 -98.40 20.76 93.87
N MET CA 486 -98.03 21.52 92.85
CA MET CA 486 -97.06 21.08 91.85
C MET CA 486 -97.53 19.80 91.16
N ASN CA 487 -98.62 19.93 90.42
CA ASN CA 487 -99.27 18.77 89.85
C ASN CA 487 -98.39 18.09 88.82
N THR CA 488 -98.63 16.79 88.63
CA THR CA 488 -97.95 16.02 87.60
C THR CA 488 -98.94 15.26 86.72
N ASN CA 489 -100.22 15.17 87.12
CA ASN CA 489 -101.23 14.53 86.29
C ASN CA 489 -101.55 15.33 85.04
N HIS CA 490 -101.05 16.55 84.92
CA HIS CA 490 -101.27 17.38 83.75
C HIS CA 490 -100.44 16.83 82.58
N GLU CA 491 -100.44 17.56 81.47
CA GLU CA 491 -99.82 17.12 80.22
C GLU CA 491 -98.31 17.23 80.23
N ASP CA 492 -97.63 17.44 81.35
CA ASP CA 492 -96.18 17.24 81.37
C ASP CA 492 -95.87 15.75 81.31
N PHE CA 493 -94.83 15.39 80.57
CA PHE CA 493 -94.48 13.99 80.42
C PHE CA 493 -93.68 13.52 81.63
N ILE CA 494 -94.03 12.35 82.14
CA ILE CA 494 -93.39 11.80 83.32
C ILE CA 494 -92.16 10.98 82.94
N ASP CA 652 -69.65 10.09 88.10
CA ASP CA 652 -71.08 10.11 87.82
C ASP CA 652 -71.84 9.05 88.62
N PRO CA 653 -71.78 9.15 89.95
CA PRO CA 653 -72.40 8.11 90.78
C PRO CA 653 -73.91 8.28 90.81
N GLN CA 654 -74.59 7.84 89.74
CA GLN CA 654 -76.03 7.99 89.56
C GLN CA 654 -76.40 9.46 89.44
N LEU CA 655 -75.42 10.36 89.55
CA LEU CA 655 -75.71 11.77 89.46
C LEU CA 655 -76.09 12.16 88.04
N GLU CA 656 -75.30 11.75 87.05
CA GLU CA 656 -75.66 12.06 85.68
C GLU CA 656 -76.96 11.38 85.24
N ARG CA 657 -77.57 10.59 86.12
CA ARG CA 657 -78.89 10.02 85.89
C ARG CA 657 -79.98 10.77 86.64
N GLN CA 658 -79.68 11.24 87.86
CA GLN CA 658 -80.69 11.90 88.69
C GLN CA 658 -80.76 13.40 88.42
N VAL CA 659 -79.61 14.07 88.39
CA VAL CA 659 -79.59 15.53 88.22
C VAL CA 659 -80.16 15.91 86.86
N GLU CA 660 -79.79 15.18 85.81
CA GLU CA 660 -80.28 15.49 84.47
C GLU CA 660 -81.78 15.23 84.36
N THR CA 661 -82.26 14.15 84.96
CA THR CA 661 -83.69 13.87 84.95
C THR CA 661 -84.46 14.96 85.69
N ILE CA 662 -83.95 15.39 86.84
CA ILE CA 662 -84.62 16.45 87.58
C ILE CA 662 -84.64 17.73 86.77
N ARG CA 663 -83.54 18.06 86.08
CA ARG CA 663 -83.54 19.27 85.26
C ARG CA 663 -84.53 19.16 84.11
N ASN CA 664 -84.57 18.02 83.44
CA ASN CA 664 -85.46 17.86 82.29
C ASN CA 664 -86.92 17.72 82.70
N LEU CA 665 -87.20 17.51 83.99
CA LEU CA 665 -88.58 17.60 84.45
C LEU CA 665 -88.92 18.99 84.97
N VAL CA 666 -87.96 19.68 85.59
CA VAL CA 666 -88.20 21.07 85.99
C VAL CA 666 -88.50 21.92 84.78
N ASP CA 667 -87.76 21.72 83.67
CA ASP CA 667 -88.07 22.48 82.47
C ASP CA 667 -89.45 22.15 81.93
N SER CA 668 -89.80 20.86 81.96
CA SER CA 668 -91.09 20.42 81.43
C SER CA 668 -92.25 20.95 82.27
N TYR CA 669 -92.02 21.25 83.55
CA TYR CA 669 -93.07 21.87 84.35
C TYR CA 669 -93.01 23.39 84.34
N MET CA 670 -91.85 23.98 84.10
CA MET CA 670 -91.78 25.42 83.92
C MET CA 670 -92.50 25.85 82.65
N ALA CA 671 -92.43 25.03 81.61
CA ALA CA 671 -93.23 25.33 80.43
C ALA CA 671 -94.70 25.46 80.79
N ILE CA 672 -95.23 24.51 81.56
CA ILE CA 672 -96.66 24.52 81.88
C ILE CA 672 -97.01 25.66 82.83
N VAL CA 673 -96.18 25.91 83.85
CA VAL CA 673 -96.53 26.99 84.77
C VAL CA 673 -96.45 28.34 84.08
N ASN CA 674 -95.47 28.53 83.20
CA ASN CA 674 -95.41 29.76 82.43
C ASN CA 674 -96.63 29.92 81.54
N LYS CA 675 -97.05 28.83 80.89
CA LYS CA 675 -98.24 28.91 80.04
C LYS CA 675 -99.48 29.27 80.85
N THR CA 676 -99.65 28.64 82.01
CA THR CA 676 -100.86 28.88 82.80
C THR CA 676 -100.78 30.14 83.63
N VAL CA 677 -99.65 30.84 83.65
CA VAL CA 677 -99.63 32.17 84.25
C VAL CA 677 -99.84 33.20 83.16
N ARG CA 678 -99.33 32.93 81.95
CA ARG CA 678 -99.55 33.87 80.85
C ARG CA 678 -101.01 33.86 80.41
N ASP CA 679 -101.66 32.71 80.46
CA ASP CA 679 -103.06 32.61 80.06
C ASP CA 679 -104.01 33.15 81.13
N LEU CA 680 -103.53 33.36 82.35
CA LEU CA 680 -104.40 33.73 83.46
C LEU CA 680 -104.14 35.11 84.04
N MET CA 681 -102.96 35.68 83.86
CA MET CA 681 -102.66 36.95 84.49
C MET CA 681 -103.39 38.11 83.83
N PRO CA 682 -103.56 38.14 82.50
CA PRO CA 682 -104.47 39.16 81.93
C PRO CA 682 -105.88 39.09 82.48
N LYS CA 683 -106.42 37.88 82.67
CA LYS CA 683 -107.80 37.75 83.11
C LYS CA 683 -108.00 38.35 84.50
N THR CA 684 -107.07 38.11 85.42
CA THR CA 684 -107.27 38.58 86.79
C THR CA 684 -107.19 40.10 86.86
N ILE CA 685 -106.22 40.71 86.19
CA ILE CA 685 -106.15 42.17 86.21
C ILE CA 685 -107.36 42.76 85.52
N MET CA 686 -107.83 42.13 84.46
CA MET CA 686 -108.90 42.75 83.69
C MET CA 686 -110.28 42.42 84.23
N HIS CA 687 -110.36 41.53 85.22
CA HIS CA 687 -111.57 41.40 86.03
C HIS CA 687 -111.57 42.25 87.29
N LEU CA 688 -110.39 42.52 87.86
CA LEU CA 688 -110.35 43.30 89.09
C LEU CA 688 -110.16 44.79 88.86
N MET CA 689 -109.63 45.18 87.70
CA MET CA 689 -109.33 46.57 87.42
C MET CA 689 -110.12 47.12 86.24
N ILE CA 690 -110.01 46.50 85.06
CA ILE CA 690 -110.63 47.05 83.86
C ILE CA 690 -112.14 47.05 84.01
N ASN CA 691 -112.72 45.86 84.15
CA ASN CA 691 -114.16 45.70 84.22
C ASN CA 691 -114.74 46.12 85.56
N ASN CA 692 -113.92 46.70 86.44
CA ASN CA 692 -114.45 47.33 87.64
C ASN CA 692 -114.38 48.84 87.61
N THR CA 693 -113.28 49.41 87.10
CA THR CA 693 -113.27 50.86 86.90
C THR CA 693 -114.22 51.26 85.78
N LYS CA 694 -114.43 50.37 84.80
CA LYS CA 694 -115.42 50.66 83.77
C LYS CA 694 -116.82 50.69 84.35
N GLU CA 695 -117.14 49.73 85.21
CA GLU CA 695 -118.44 49.73 85.89
C GLU CA 695 -118.58 50.95 86.78
N PHE CA 696 -117.49 51.33 87.46
CA PHE CA 696 -117.52 52.53 88.29
C PHE CA 696 -117.82 53.77 87.45
N ILE CA 697 -117.22 53.85 86.26
CA ILE CA 697 -117.50 54.95 85.34
C ILE CA 697 -118.97 54.95 84.92
N PHE CA 698 -119.53 53.77 84.62
CA PHE CA 698 -120.97 53.73 84.34
C PHE CA 698 -121.79 54.25 85.52
N SER CA 699 -121.58 53.72 86.72
CA SER CA 699 -122.63 53.74 87.71
C SER CA 699 -122.33 54.50 88.99
N GLU CA 700 -121.16 55.13 89.13
CA GLU CA 700 -120.90 55.85 90.37
C GLU CA 700 -120.22 57.20 90.16
N LEU CA 701 -119.75 57.52 88.95
CA LEU CA 701 -118.96 58.73 88.76
C LEU CA 701 -119.76 59.99 89.07
N LEU CA 702 -121.02 60.04 88.64
CA LEU CA 702 -121.82 61.22 88.91
C LEU CA 702 -122.16 61.37 90.38
N ALA CA 703 -122.38 60.25 91.07
CA ALA CA 703 -122.80 60.32 92.47
C ALA CA 703 -121.76 60.99 93.34
N ASN CA 704 -120.49 60.62 93.19
CA ASN CA 704 -119.45 61.26 93.98
C ASN CA 704 -118.93 62.53 93.32
N LEU CA 705 -119.15 62.70 92.01
CA LEU CA 705 -118.78 63.96 91.37
C LEU CA 705 -119.67 65.09 91.86
N TYR CA 706 -120.94 64.80 92.11
CA TYR CA 706 -121.80 65.79 92.76
C TYR CA 706 -121.30 66.16 94.14
N SER CA 707 -120.74 65.19 94.88
CA SER CA 707 -120.39 65.41 96.28
C SER CA 707 -119.05 66.12 96.44
N CYS CA 708 -118.08 65.82 95.59
CA CYS CA 708 -116.76 66.44 95.71
C CYS CA 708 -116.84 67.90 95.29
N GLY CA 709 -116.23 68.76 96.10
CA GLY CA 709 -116.21 70.18 95.80
C GLY CA 709 -117.48 70.89 96.23
N ASP CA 710 -117.76 71.99 95.53
CA ASP CA 710 -118.90 72.83 95.87
C ASP CA 710 -120.19 72.37 95.21
N GLN CA 711 -120.09 71.73 94.04
CA GLN CA 711 -121.23 71.38 93.18
C GLN CA 711 -121.87 72.65 92.61
N ASN CA 712 -121.38 73.81 93.04
CA ASN CA 712 -121.80 75.10 92.51
C ASN CA 712 -120.67 75.84 91.83
N THR CA 713 -119.53 76.01 92.49
CA THR CA 713 -118.34 76.56 91.85
C THR CA 713 -117.54 75.46 91.17
N LEU CA 714 -118.26 74.64 90.41
CA LEU CA 714 -117.67 73.63 89.55
C LEU CA 714 -118.18 73.90 88.14
N MET CA 715 -117.46 73.38 87.15
CA MET CA 715 -117.74 73.62 85.74
C MET CA 715 -117.93 75.11 85.46
N GLU CA 716 -116.96 75.89 85.95
CA GLU CA 716 -116.89 77.32 85.66
C GLU CA 716 -116.21 77.50 84.32
N GLU CA 717 -116.71 78.45 83.53
CA GLU CA 717 -116.16 78.67 82.20
C GLU CA 717 -114.71 79.10 82.28
N SER CA 718 -113.85 78.40 81.55
CA SER CA 718 -112.48 78.88 81.36
C SER CA 718 -112.51 80.21 80.62
N ALA CA 719 -111.53 81.07 80.92
CA ALA CA 719 -111.48 82.38 80.29
C ALA CA 719 -111.51 82.28 78.78
N GLU CA 720 -110.91 81.22 78.22
CA GLU CA 720 -110.96 81.01 76.77
C GLU CA 720 -112.40 80.84 76.30
N GLN CA 721 -113.19 80.02 77.01
CA GLN CA 721 -114.58 79.85 76.62
C GLN CA 721 -115.40 81.11 76.86
N ALA CA 722 -115.08 81.85 77.93
CA ALA CA 722 -115.80 83.08 78.21
C ALA CA 722 -115.59 84.11 77.10
N GLN CA 723 -114.37 84.22 76.59
CA GLN CA 723 -114.11 85.14 75.49
C GLN CA 723 -114.48 84.56 74.14
N ARG CA 724 -114.70 83.25 74.06
CA ARG CA 724 -115.13 82.62 72.82
C ARG CA 724 -116.63 82.77 72.61
N ARG CA 725 -117.42 82.62 73.67
CA ARG CA 725 -118.87 82.74 73.53
C ARG CA 725 -119.26 84.14 73.07
N ASP CA 726 -118.60 85.16 73.61
CA ASP CA 726 -118.95 86.53 73.25
C ASP CA 726 -118.72 86.78 71.76
N GLU CA 727 -117.58 86.34 71.23
CA GLU CA 727 -117.32 86.55 69.82
C GLU CA 727 -118.23 85.69 68.95
N MET CA 728 -118.53 84.46 69.38
CA MET CA 728 -119.43 83.62 68.60
C MET CA 728 -120.88 84.10 68.66
N LEU CA 729 -121.21 84.96 69.62
CA LEU CA 729 -122.53 85.58 69.65
C LEU CA 729 -122.58 86.86 68.82
N ARG CA 730 -121.52 87.68 68.89
CA ARG CA 730 -121.50 88.87 68.04
C ARG CA 730 -121.41 88.50 66.58
N MET CA 731 -120.76 87.37 66.26
CA MET CA 731 -120.77 86.91 64.88
C MET CA 731 -122.16 86.46 64.44
N TYR CA 732 -122.94 85.88 65.35
CA TYR CA 732 -124.34 85.58 65.04
C TYR CA 732 -125.10 86.85 64.73
N HIS CA 733 -124.93 87.88 65.56
CA HIS CA 733 -125.63 89.15 65.31
C HIS CA 733 -125.21 89.74 63.97
N ALA CA 734 -123.92 89.72 63.66
CA ALA CA 734 -123.43 90.28 62.41
C ALA CA 734 -123.97 89.51 61.21
N LEU CA 735 -124.01 88.17 61.29
CA LEU CA 735 -124.56 87.38 60.20
C LEU CA 735 -126.05 87.67 60.01
N LYS CA 736 -126.79 87.81 61.10
CA LYS CA 736 -128.20 88.18 60.99
C LYS CA 736 -128.35 89.53 60.29
N GLU CA 737 -127.51 90.50 60.66
CA GLU CA 737 -127.59 91.81 60.02
C GLU CA 737 -127.24 91.74 58.54
N ALA CA 738 -126.23 90.94 58.19
CA ALA CA 738 -125.86 90.80 56.78
C ALA CA 738 -127.00 90.19 55.97
N LEU CA 739 -127.64 89.15 56.51
CA LEU CA 739 -128.80 88.58 55.81
C LEU CA 739 -129.94 89.58 55.70
N SER CA 740 -130.14 90.40 56.74
CA SER CA 740 -131.17 91.45 56.65
C SER CA 740 -130.85 92.42 55.53
N ILE CA 741 -129.59 92.82 55.39
CA ILE CA 741 -129.22 93.76 54.34
C ILE CA 741 -129.37 93.11 52.96
N ILE CA 742 -129.04 91.83 52.84
CA ILE CA 742 -129.23 91.14 51.56
C ILE CA 742 -130.71 91.11 51.20
N GLY CA 743 -131.58 90.83 52.17
CA GLY CA 743 -133.00 90.87 51.91
C GLY CA 743 -133.47 92.26 51.50
N ASN CA 744 -132.96 93.30 52.17
CA ASN CA 744 -133.34 94.66 51.83
C ASN CA 744 -132.92 95.03 50.42
N ILE CA 745 -131.70 94.65 50.02
CA ILE CA 745 -131.24 94.99 48.68
C ILE CA 745 -131.99 94.18 47.62
N ASN CA 746 -132.38 92.95 47.94
CA ASN CA 746 -133.22 92.19 47.02
C ASN CA 746 -134.59 92.84 46.86
N THR CA 747 -135.13 93.36 47.96
CA THR CA 747 -136.36 94.15 47.86
C THR CA 747 -136.15 95.38 46.99
N THR CA 748 -135.03 96.06 47.17
CA THR CA 748 -134.67 97.25 46.38
C THR CA 748 -135.75 98.32 46.45
N ASN DA 3 -101.85 132.94 -71.37
CA ASN DA 3 -100.75 133.30 -70.49
C ASN DA 3 -99.47 133.55 -71.29
N ARG DA 4 -98.75 134.62 -70.93
CA ARG DA 4 -97.55 135.01 -71.66
C ARG DA 4 -96.36 134.11 -71.38
N GLY DA 5 -96.40 133.36 -70.28
CA GLY DA 5 -95.31 132.43 -70.01
C GLY DA 5 -95.15 131.40 -71.10
N MET DA 6 -96.26 130.98 -71.70
CA MET DA 6 -96.18 129.97 -72.75
C MET DA 6 -95.71 130.58 -74.07
N GLU DA 7 -96.09 131.83 -74.34
CA GLU DA 7 -95.47 132.59 -75.44
C GLU DA 7 -93.96 132.72 -75.26
N ASP DA 8 -93.49 132.79 -74.02
CA ASP DA 8 -92.05 132.88 -73.77
C ASP DA 8 -91.34 131.60 -74.21
N LEU DA 9 -92.05 130.48 -74.26
CA LEU DA 9 -91.42 129.19 -74.55
C LEU DA 9 -91.74 128.64 -75.94
N ILE DA 10 -92.78 129.13 -76.61
CA ILE DA 10 -93.10 128.62 -77.95
C ILE DA 10 -91.94 128.75 -78.93
N PRO DA 11 -91.18 129.86 -78.99
CA PRO DA 11 -90.13 129.89 -80.02
C PRO DA 11 -88.99 128.93 -79.74
N LEU DA 12 -88.61 128.75 -78.47
CA LEU DA 12 -87.48 127.88 -78.16
C LEU DA 12 -87.80 126.40 -78.32
N VAL DA 13 -89.06 126.03 -78.54
CA VAL DA 13 -89.42 124.65 -78.81
C VAL DA 13 -89.76 124.51 -80.29
N ASN DA 14 -90.31 125.58 -80.87
CA ASN DA 14 -90.65 125.56 -82.29
C ASN DA 14 -89.38 125.59 -83.15
N ARG DA 15 -88.33 126.26 -82.68
CA ARG DA 15 -87.05 126.26 -83.37
C ARG DA 15 -86.29 124.96 -83.14
N LEU DA 16 -86.70 124.18 -82.12
CA LEU DA 16 -85.98 123.00 -81.69
C LEU DA 16 -86.54 121.72 -82.31
N GLN DA 17 -87.82 121.44 -82.05
CA GLN DA 17 -88.43 120.20 -82.49
C GLN DA 17 -88.49 120.12 -84.01
N ASP DA 18 -88.70 121.27 -84.67
CA ASP DA 18 -88.72 121.26 -86.13
C ASP DA 18 -87.40 120.77 -86.69
N ALA DA 19 -86.28 121.18 -86.10
CA ALA DA 19 -84.98 120.72 -86.56
C ALA DA 19 -84.76 119.26 -86.23
N PHE DA 20 -85.01 118.85 -84.97
CA PHE DA 20 -84.82 117.46 -84.60
C PHE DA 20 -85.74 116.51 -85.37
N SER DA 21 -86.83 117.01 -85.95
CA SER DA 21 -87.66 116.18 -86.80
C SER DA 21 -87.33 116.34 -88.29
N ALA DA 22 -86.70 117.45 -88.68
CA ALA DA 22 -86.24 117.61 -90.04
C ALA DA 22 -85.03 116.75 -90.33
N ILE DA 23 -84.22 116.45 -89.31
CA ILE DA 23 -83.16 115.47 -89.50
C ILE DA 23 -83.71 114.06 -89.72
N GLY DA 24 -85.01 113.86 -89.52
CA GLY DA 24 -85.66 112.60 -89.76
C GLY DA 24 -85.65 111.64 -88.59
N GLN DA 25 -84.82 111.88 -87.58
CA GLN DA 25 -84.76 110.99 -86.44
C GLN DA 25 -85.99 111.14 -85.56
N ASN DA 26 -86.32 110.07 -84.82
CA ASN DA 26 -87.39 110.13 -83.85
C ASN DA 26 -86.89 110.71 -82.54
N ALA DA 27 -86.24 111.87 -82.61
CA ALA DA 27 -85.79 112.58 -81.43
C ALA DA 27 -86.90 113.50 -80.95
N ASP DA 28 -87.15 113.48 -79.64
CA ASP DA 28 -88.28 114.22 -79.09
C ASP DA 28 -87.88 114.81 -77.74
N LEU DA 29 -88.59 115.88 -77.37
CA LEU DA 29 -88.35 116.54 -76.09
C LEU DA 29 -89.08 115.85 -74.96
N ASP DA 30 -90.30 115.38 -75.22
CA ASP DA 30 -91.15 114.76 -74.21
C ASP DA 30 -91.41 115.72 -73.05
N LEU DA 31 -92.11 116.81 -73.37
CA LEU DA 31 -92.60 117.70 -72.33
C LEU DA 31 -93.48 116.92 -71.36
N PRO DA 32 -93.24 117.03 -70.06
CA PRO DA 32 -94.06 116.28 -69.10
C PRO DA 32 -95.51 116.69 -69.18
N GLN DA 33 -96.39 115.72 -68.95
CA GLN DA 33 -97.82 115.97 -68.97
C GLN DA 33 -98.30 116.34 -67.58
N ILE DA 34 -99.29 117.23 -67.52
CA ILE DA 34 -99.74 117.83 -66.27
C ILE DA 34 -101.03 117.13 -65.84
N ALA DA 35 -100.96 116.41 -64.72
CA ALA DA 35 -102.14 115.80 -64.12
C ALA DA 35 -102.37 116.42 -62.75
N VAL DA 36 -103.62 116.40 -62.30
CA VAL DA 36 -104.01 116.96 -61.01
C VAL DA 36 -104.72 115.89 -60.20
N VAL DA 37 -104.38 115.80 -58.92
CA VAL DA 37 -104.97 114.82 -58.02
C VAL DA 37 -105.45 115.54 -56.76
N GLY DA 38 -106.35 114.88 -56.05
CA GLY DA 38 -106.88 115.41 -54.82
C GLY DA 38 -108.27 114.86 -54.56
N GLY DA 39 -108.87 115.36 -53.47
CA GLY DA 39 -110.21 114.98 -53.13
C GLY DA 39 -111.26 115.76 -53.88
N GLN DA 40 -112.50 115.34 -53.75
CA GLN DA 40 -113.60 116.01 -54.42
C GLN DA 40 -113.73 117.44 -53.91
N SER DA 41 -114.12 118.33 -54.82
CA SER DA 41 -114.33 119.75 -54.52
C SER DA 41 -113.05 120.44 -54.05
N ALA DA 42 -111.90 119.98 -54.55
CA ALA DA 42 -110.65 120.67 -54.28
C ALA DA 42 -110.38 121.82 -55.23
N GLY DA 43 -111.10 121.90 -56.35
CA GLY DA 43 -110.91 122.98 -57.30
C GLY DA 43 -109.99 122.69 -58.45
N LYS DA 44 -109.81 121.42 -58.81
CA LYS DA 44 -108.82 121.05 -59.81
C LYS DA 44 -109.17 121.62 -61.18
N SER DA 45 -110.43 121.51 -61.58
CA SER DA 45 -110.84 122.05 -62.87
C SER DA 45 -110.62 123.55 -62.95
N SER DA 46 -110.91 124.27 -61.86
CA SER DA 46 -110.66 125.70 -61.82
C SER DA 46 -109.18 126.03 -61.78
N VAL DA 47 -108.34 125.10 -61.29
CA VAL DA 47 -106.89 125.31 -61.38
C VAL DA 47 -106.43 125.19 -62.83
N LEU DA 48 -106.90 124.15 -63.54
CA LEU DA 48 -106.49 123.99 -64.94
C LEU DA 48 -107.00 125.14 -65.79
N GLU DA 49 -108.24 125.57 -65.57
CA GLU DA 49 -108.78 126.71 -66.32
C GLU DA 49 -107.90 127.93 -66.16
N ASN DA 50 -107.46 128.22 -64.94
CA ASN DA 50 -106.65 129.40 -64.69
C ASN DA 50 -105.23 129.24 -65.19
N PHE DA 51 -104.69 128.02 -65.17
CA PHE DA 51 -103.36 127.80 -65.73
C PHE DA 51 -103.37 128.00 -67.23
N VAL DA 52 -104.42 127.56 -67.92
CA VAL DA 52 -104.51 127.79 -69.36
C VAL DA 52 -104.76 129.26 -69.64
N GLY DA 53 -105.87 129.80 -69.13
CA GLY DA 53 -106.19 131.19 -69.33
C GLY DA 53 -107.51 131.42 -70.03
N ARG DA 54 -108.27 130.34 -70.23
CA ARG DA 54 -109.56 130.42 -70.90
C ARG DA 54 -110.57 129.56 -70.17
N ASP DA 55 -111.84 129.92 -70.31
CA ASP DA 55 -112.93 129.32 -69.54
C ASP DA 55 -113.56 128.23 -70.38
N PHE DA 56 -113.06 127.00 -70.24
CA PHE DA 56 -113.56 125.90 -71.06
C PHE DA 56 -113.69 124.61 -70.26
N LEU DA 57 -113.96 124.71 -68.96
CA LEU DA 57 -114.08 123.52 -68.14
C LEU DA 57 -115.31 123.60 -67.25
N PRO DA 58 -115.89 122.46 -66.89
CA PRO DA 58 -117.04 122.47 -65.97
C PRO DA 58 -116.60 122.50 -64.52
N ARG DA 59 -117.37 123.22 -63.71
CA ARG DA 59 -117.06 123.32 -62.29
C ARG DA 59 -118.33 123.69 -61.53
N GLY DA 60 -118.35 123.37 -60.25
CA GLY DA 60 -119.48 123.72 -59.42
C GLY DA 60 -119.46 122.91 -58.14
N SER DA 61 -120.45 123.20 -57.29
CA SER DA 61 -120.62 122.43 -56.07
C SER DA 61 -121.01 120.99 -56.40
N GLY DA 62 -120.79 120.10 -55.44
CA GLY DA 62 -121.04 118.71 -55.72
C GLY DA 62 -119.97 118.15 -56.65
N ILE DA 63 -120.30 117.01 -57.26
CA ILE DA 63 -119.40 116.32 -58.18
C ILE DA 63 -119.62 116.88 -59.58
N VAL DA 64 -118.55 117.34 -60.21
CA VAL DA 64 -118.64 117.95 -61.53
C VAL DA 64 -117.74 117.22 -62.52
N THR DA 65 -116.44 117.23 -62.26
CA THR DA 65 -115.50 116.55 -63.15
C THR DA 65 -115.69 115.06 -62.99
N ARG DA 66 -116.54 114.47 -63.83
CA ARG DA 66 -117.01 113.11 -63.66
C ARG DA 66 -116.32 112.13 -64.58
N ARG DA 67 -115.62 112.61 -65.61
CA ARG DA 67 -114.86 111.79 -66.53
C ARG DA 67 -113.49 112.40 -66.75
N PRO DA 68 -112.44 111.59 -66.83
CA PRO DA 68 -111.11 112.14 -67.10
C PRO DA 68 -111.09 112.89 -68.41
N LEU DA 69 -110.41 114.02 -68.43
CA LEU DA 69 -110.33 114.88 -69.61
C LEU DA 69 -108.87 114.99 -70.01
N VAL DA 70 -108.54 114.50 -71.20
CA VAL DA 70 -107.19 114.62 -71.74
C VAL DA 70 -107.22 115.80 -72.70
N LEU DA 71 -106.92 116.98 -72.17
CA LEU DA 71 -106.73 118.16 -72.99
C LEU DA 71 -105.35 118.10 -73.65
N GLN DA 72 -105.29 118.49 -74.91
CA GLN DA 72 -104.04 118.58 -75.63
C GLN DA 72 -103.96 119.96 -76.26
N LEU DA 73 -103.14 120.82 -75.68
CA LEU DA 73 -102.83 122.09 -76.32
C LEU DA 73 -101.85 121.82 -77.46
N VAL DA 74 -102.18 122.32 -78.65
CA VAL DA 74 -101.36 122.10 -79.84
C VAL DA 74 -101.16 123.44 -80.55
N ASN DA 75 -99.89 123.74 -80.84
CA ASN DA 75 -99.56 124.97 -81.56
C ASN DA 75 -100.03 124.87 -83.00
N ALA DA 76 -100.77 125.88 -83.45
CA ALA DA 76 -101.33 125.88 -84.80
C ALA DA 76 -101.46 127.31 -85.27
N THR DA 77 -102.15 127.50 -86.40
CA THR DA 77 -102.27 128.81 -87.01
C THR DA 77 -103.32 129.66 -86.28
N THR DA 78 -104.56 129.20 -86.25
CA THR DA 78 -105.67 129.93 -85.66
C THR DA 78 -106.13 129.26 -84.38
N GLU DA 79 -107.05 129.94 -83.68
CA GLU DA 79 -107.59 129.49 -82.41
C GLU DA 79 -108.88 128.73 -82.63
N TYR DA 80 -108.92 127.48 -82.20
CA TYR DA 80 -110.14 126.68 -82.19
C TYR DA 80 -109.90 125.46 -81.31
N ALA DA 81 -110.93 124.63 -81.18
CA ALA DA 81 -110.81 123.41 -80.39
C ALA DA 81 -111.76 122.37 -80.94
N GLU DA 82 -111.36 121.11 -80.87
CA GLU DA 82 -112.18 120.01 -81.34
C GLU DA 82 -112.12 118.83 -80.40
N PHE DA 83 -113.25 118.18 -80.22
CA PHE DA 83 -113.32 116.93 -79.48
C PHE DA 83 -112.86 115.78 -80.37
N LEU DA 84 -113.03 114.57 -79.87
CA LEU DA 84 -112.68 113.37 -80.62
C LEU DA 84 -113.91 112.57 -81.05
N HIS DA 85 -114.94 112.51 -80.22
CA HIS DA 85 -116.17 111.82 -80.58
C HIS DA 85 -116.95 112.54 -81.68
N CYS DA 86 -116.61 113.79 -81.97
CA CYS DA 86 -117.31 114.61 -82.95
C CYS DA 86 -116.34 115.19 -83.96
N LYS DA 87 -115.51 114.30 -84.55
CA LYS DA 87 -114.46 114.71 -85.47
C LYS DA 87 -114.97 115.69 -86.51
N GLY DA 88 -114.16 116.71 -86.80
CA GLY DA 88 -114.49 117.72 -87.78
C GLY DA 88 -115.32 118.86 -87.27
N LYS DA 89 -115.94 118.73 -86.09
CA LYS DA 89 -116.74 119.80 -85.51
C LYS DA 89 -115.82 120.71 -84.72
N LYS DA 90 -115.32 121.76 -85.37
CA LYS DA 90 -114.42 122.71 -84.73
C LYS DA 90 -115.23 123.65 -83.83
N PHE DA 91 -114.75 123.84 -82.61
CA PHE DA 91 -115.40 124.70 -81.64
C PHE DA 91 -114.58 125.96 -81.42
N THR DA 92 -115.24 127.11 -81.54
CA THR DA 92 -114.64 128.40 -81.23
C THR DA 92 -115.28 129.08 -80.03
N ASP DA 93 -116.54 128.76 -79.72
CA ASP DA 93 -117.24 129.36 -78.58
C ASP DA 93 -116.98 128.49 -77.35
N PHE DA 94 -116.19 129.03 -76.42
CA PHE DA 94 -115.81 128.27 -75.23
C PHE DA 94 -117.01 127.95 -74.35
N GLU DA 95 -118.08 128.75 -74.42
CA GLU DA 95 -119.30 128.37 -73.73
C GLU DA 95 -119.90 127.10 -74.32
N GLU DA 96 -119.87 126.98 -75.66
CA GLU DA 96 -120.29 125.73 -76.29
C GLU DA 96 -119.36 124.58 -75.89
N VAL DA 97 -118.07 124.84 -75.77
CA VAL DA 97 -117.15 123.80 -75.32
C VAL DA 97 -117.52 123.32 -73.92
N ARG DA 98 -117.79 124.28 -73.03
CA ARG DA 98 -118.14 123.94 -71.65
C ARG DA 98 -119.44 123.16 -71.58
N LEU DA 99 -120.44 123.56 -72.37
CA LEU DA 99 -121.69 122.81 -72.39
C LEU DA 99 -121.49 121.41 -72.95
N GLU DA 100 -120.74 121.29 -74.04
CA GLU DA 100 -120.59 120.00 -74.69
C GLU DA 100 -119.78 119.03 -73.85
N ILE DA 101 -118.79 119.53 -73.09
CA ILE DA 101 -117.99 118.61 -72.29
C ILE DA 101 -118.84 117.94 -71.22
N GLU DA 102 -119.71 118.69 -70.55
CA GLU DA 102 -120.58 118.05 -69.57
C GLU DA 102 -121.69 117.26 -70.22
N ALA DA 103 -122.13 117.66 -71.43
CA ALA DA 103 -123.08 116.83 -72.16
C ALA DA 103 -122.50 115.46 -72.48
N GLU DA 104 -121.25 115.42 -72.93
CA GLU DA 104 -120.57 114.15 -73.13
C GLU DA 104 -120.32 113.43 -71.81
N THR DA 105 -120.08 114.20 -70.75
CA THR DA 105 -119.81 113.62 -69.44
C THR DA 105 -121.01 112.83 -68.94
N ASP DA 106 -122.20 113.39 -69.05
CA ASP DA 106 -123.37 112.65 -68.58
C ASP DA 106 -124.01 111.78 -69.66
N ARG DA 107 -123.62 111.92 -70.93
CA ARG DA 107 -124.13 111.05 -71.97
C ARG DA 107 -123.68 109.61 -71.80
N VAL DA 108 -122.66 109.37 -70.99
CA VAL DA 108 -122.14 108.03 -70.79
C VAL DA 108 -122.51 107.45 -69.43
N THR DA 109 -122.59 108.29 -68.40
CA THR DA 109 -122.82 107.82 -67.04
C THR DA 109 -124.20 108.12 -66.50
N GLY DA 110 -124.89 109.13 -67.03
CA GLY DA 110 -126.16 109.55 -66.48
C GLY DA 110 -126.00 110.78 -65.61
N THR DA 111 -127.07 111.05 -64.86
CA THR DA 111 -127.10 112.18 -63.94
C THR DA 111 -126.99 111.72 -62.48
N ASN DA 112 -126.73 110.43 -62.27
CA ASN DA 112 -126.72 109.86 -60.93
C ASN DA 112 -125.30 109.69 -60.40
N LYS DA 113 -124.39 110.58 -60.82
CA LYS DA 113 -123.05 110.70 -60.26
C LYS DA 113 -122.21 109.43 -60.39
N GLY DA 114 -122.47 108.61 -61.40
CA GLY DA 114 -121.58 107.51 -61.70
C GLY DA 114 -120.44 107.95 -62.59
N ILE DA 115 -119.35 107.18 -62.61
CA ILE DA 115 -118.18 107.60 -63.38
C ILE DA 115 -117.80 106.49 -64.35
N SER DA 116 -116.96 106.87 -65.32
CA SER DA 116 -116.50 105.98 -66.37
C SER DA 116 -115.00 106.18 -66.53
N PRO DA 117 -114.22 105.10 -66.55
CA PRO DA 117 -112.77 105.25 -66.69
C PRO DA 117 -112.31 105.45 -68.12
N VAL DA 118 -113.23 105.77 -69.01
CA VAL DA 118 -112.91 106.01 -70.42
C VAL DA 118 -112.66 107.50 -70.61
N PRO DA 119 -111.46 107.92 -70.98
CA PRO DA 119 -111.15 109.35 -71.03
C PRO DA 119 -111.97 110.11 -72.07
N ILE DA 120 -111.80 111.43 -72.09
CA ILE DA 120 -112.41 112.29 -73.09
C ILE DA 120 -111.27 113.09 -73.70
N ASN DA 121 -110.88 112.76 -74.92
CA ASN DA 121 -109.83 113.52 -75.58
C ASN DA 121 -110.38 114.85 -76.09
N LEU DA 122 -109.53 115.87 -76.04
CA LEU DA 122 -109.89 117.20 -76.51
C LEU DA 122 -108.61 117.84 -77.00
N ARG DA 123 -108.69 118.58 -78.10
CA ARG DA 123 -107.50 119.25 -78.65
C ARG DA 123 -107.81 120.71 -78.91
N VAL DA 124 -107.09 121.59 -78.24
CA VAL DA 124 -107.19 123.03 -78.48
C VAL DA 124 -106.01 123.44 -79.34
N TYR DA 125 -106.29 123.86 -80.56
CA TYR DA 125 -105.27 124.33 -81.48
C TYR DA 125 -105.22 125.85 -81.40
N SER DA 126 -104.03 126.39 -81.15
CA SER DA 126 -103.87 127.83 -81.00
C SER DA 126 -102.41 128.19 -81.19
N PRO DA 127 -102.12 129.40 -81.68
CA PRO DA 127 -100.72 129.85 -81.71
C PRO DA 127 -100.17 130.20 -80.35
N HIS DA 128 -100.97 130.15 -79.29
CA HIS DA 128 -100.58 130.58 -77.97
C HIS DA 128 -100.37 129.41 -77.01
N VAL DA 129 -100.20 128.19 -77.54
CA VAL DA 129 -100.03 127.01 -76.72
C VAL DA 129 -98.86 126.18 -77.21
N LEU DA 130 -98.29 125.40 -76.30
CA LEU DA 130 -97.27 124.41 -76.63
C LEU DA 130 -97.95 123.14 -77.13
N ASN DA 131 -97.18 122.06 -77.24
CA ASN DA 131 -97.73 120.73 -77.47
C ASN DA 131 -97.86 119.98 -76.14
N LEU DA 132 -98.77 120.45 -75.30
CA LEU DA 132 -98.89 119.96 -73.94
C LEU DA 132 -100.10 119.05 -73.75
N THR DA 133 -99.98 118.17 -72.76
CA THR DA 133 -101.04 117.23 -72.37
C THR DA 133 -101.44 117.54 -70.93
N LEU DA 134 -102.64 118.06 -70.76
CA LEU DA 134 -103.20 118.39 -69.45
C LEU DA 134 -104.26 117.35 -69.13
N VAL DA 135 -104.02 116.55 -68.10
CA VAL DA 135 -104.91 115.43 -67.76
C VAL DA 135 -105.70 115.85 -66.53
N ASP DA 136 -106.89 116.41 -66.75
CA ASP DA 136 -107.81 116.64 -65.65
C ASP DA 136 -108.43 115.32 -65.23
N LEU DA 137 -108.56 115.13 -63.94
CA LEU DA 137 -109.01 113.87 -63.37
C LEU DA 137 -110.20 114.10 -62.45
N PRO DA 138 -111.05 113.11 -62.26
CA PRO DA 138 -112.18 113.28 -61.34
C PRO DA 138 -111.72 113.30 -59.90
N GLY DA 139 -112.51 113.97 -59.06
CA GLY DA 139 -112.17 114.02 -57.65
C GLY DA 139 -112.23 112.66 -57.01
N MET DA 140 -111.37 112.46 -56.01
CA MET DA 140 -111.31 111.19 -55.31
C MET DA 140 -112.44 111.10 -54.29
N THR DA 141 -113.03 109.92 -54.20
CA THR DA 141 -114.21 109.67 -53.38
C THR DA 141 -113.95 108.43 -52.54
N LYS DA 142 -114.58 108.38 -51.36
CA LYS DA 142 -114.35 107.27 -50.44
C LYS DA 142 -115.61 106.47 -50.18
N VAL DA 143 -116.78 107.12 -50.21
CA VAL DA 143 -118.03 106.42 -50.02
C VAL DA 143 -118.90 106.60 -51.26
N PRO DA 144 -119.53 105.55 -51.75
CA PRO DA 144 -120.31 105.67 -53.00
C PRO DA 144 -121.61 106.43 -52.82
N VAL DA 145 -121.70 107.60 -53.43
CA VAL DA 145 -122.94 108.39 -53.45
C VAL DA 145 -123.60 108.21 -54.80
N GLY DA 146 -124.91 107.97 -54.80
CA GLY DA 146 -125.64 107.72 -56.02
C GLY DA 146 -125.65 106.26 -56.39
N ASP DA 147 -125.55 105.95 -57.68
CA ASP DA 147 -125.53 104.57 -58.15
C ASP DA 147 -124.11 104.05 -58.35
N GLN DA 148 -123.12 104.70 -57.74
CA GLN DA 148 -121.75 104.25 -57.89
C GLN DA 148 -121.56 102.89 -57.24
N PRO DA 149 -120.75 102.02 -57.83
CA PRO DA 149 -120.54 100.69 -57.27
C PRO DA 149 -119.81 100.76 -55.95
N PRO DA 150 -119.77 99.66 -55.18
CA PRO DA 150 -119.16 99.72 -53.85
C PRO DA 150 -117.67 100.02 -53.86
N ASP DA 151 -116.98 99.86 -54.97
CA ASP DA 151 -115.54 100.07 -55.05
C ASP DA 151 -115.21 101.33 -55.84
N ILE DA 152 -115.98 102.40 -55.60
CA ILE DA 152 -115.73 103.66 -56.27
C ILE DA 152 -114.34 104.20 -55.93
N GLU DA 153 -113.94 104.07 -54.67
CA GLU DA 153 -112.62 104.55 -54.26
C GLU DA 153 -111.52 103.82 -55.00
N PHE DA 154 -111.65 102.51 -55.13
CA PHE DA 154 -110.59 101.74 -55.78
C PHE DA 154 -110.58 101.98 -57.28
N GLN DA 155 -111.74 102.14 -57.91
CA GLN DA 155 -111.70 102.39 -59.34
C GLN DA 155 -111.42 103.86 -59.67
N ILE DA 156 -111.40 104.75 -58.69
CA ILE DA 156 -110.88 106.09 -58.96
C ILE DA 156 -109.38 106.15 -58.67
N ARG DA 157 -108.90 105.43 -57.66
CA ARG DA 157 -107.46 105.36 -57.43
C ARG DA 157 -106.75 104.65 -58.58
N ASP DA 158 -107.30 103.53 -59.05
CA ASP DA 158 -106.72 102.86 -60.20
C ASP DA 158 -106.87 103.71 -61.46
N MET DA 159 -107.89 104.57 -61.51
CA MET DA 159 -107.98 105.52 -62.59
C MET DA 159 -106.81 106.49 -62.57
N LEU DA 160 -106.47 106.99 -61.38
CA LEU DA 160 -105.41 107.99 -61.27
C LEU DA 160 -104.03 107.38 -61.46
N MET DA 161 -103.85 106.12 -61.10
CA MET DA 161 -102.53 105.49 -61.25
C MET DA 161 -102.09 105.45 -62.70
N GLN DA 162 -102.99 105.04 -63.61
CA GLN DA 162 -102.56 104.90 -65.00
C GLN DA 162 -102.21 106.24 -65.64
N PHE DA 163 -102.55 107.36 -64.98
CA PHE DA 163 -102.21 108.68 -65.49
C PHE DA 163 -101.07 109.35 -64.76
N VAL DA 164 -100.80 108.98 -63.50
CA VAL DA 164 -99.74 109.65 -62.74
C VAL DA 164 -98.52 108.77 -62.49
N THR DA 165 -98.60 107.46 -62.71
CA THR DA 165 -97.43 106.63 -62.44
C THR DA 165 -96.38 106.79 -63.52
N LYS DA 166 -96.77 107.20 -64.72
CA LYS DA 166 -95.82 107.37 -65.80
C LYS DA 166 -94.90 108.54 -65.51
N GLU DA 167 -93.60 108.35 -65.75
CA GLU DA 167 -92.64 109.42 -65.53
C GLU DA 167 -92.92 110.58 -66.48
N ASN DA 168 -92.27 111.71 -66.20
CA ASN DA 168 -92.53 112.96 -66.91
C ASN DA 168 -94.02 113.30 -66.83
N CYS DA 169 -94.58 113.19 -65.64
CA CYS DA 169 -95.96 113.56 -65.36
C CYS DA 169 -95.96 114.44 -64.12
N LEU DA 170 -96.02 115.75 -64.34
CA LEU DA 170 -96.16 116.68 -63.23
C LEU DA 170 -97.46 116.40 -62.49
N ILE DA 171 -97.35 116.23 -61.18
CA ILE DA 171 -98.50 115.90 -60.35
C ILE DA 171 -98.83 117.13 -59.52
N LEU DA 172 -99.92 117.80 -59.87
CA LEU DA 172 -100.43 118.91 -59.07
C LEU DA 172 -101.30 118.29 -57.97
N ALA DA 173 -100.73 118.18 -56.78
CA ALA DA 173 -101.49 117.75 -55.61
C ALA DA 173 -102.28 118.96 -55.13
N VAL DA 174 -103.56 119.00 -55.50
CA VAL DA 174 -104.43 120.11 -55.14
C VAL DA 174 -105.13 119.75 -53.84
N SER DA 175 -104.94 120.55 -52.81
CA SER DA 175 -105.56 120.32 -51.52
C SER DA 175 -106.30 121.57 -51.08
N PRO DA 176 -107.46 121.42 -50.45
CA PRO DA 176 -108.18 122.59 -49.97
C PRO DA 176 -107.60 123.09 -48.66
N ALA DA 177 -107.66 124.40 -48.47
CA ALA DA 177 -107.15 124.99 -47.24
C ALA DA 177 -108.03 124.66 -46.05
N ASN DA 178 -109.35 124.62 -46.28
CA ASN DA 178 -110.28 124.38 -45.19
C ASN DA 178 -110.03 123.03 -44.54
N SER DA 179 -109.91 121.99 -45.34
CA SER DA 179 -109.58 120.68 -44.79
C SER DA 179 -108.12 120.66 -44.32
N ASP DA 180 -107.85 119.79 -43.36
CA ASP DA 180 -106.49 119.67 -42.84
C ASP DA 180 -105.59 119.05 -43.90
N LEU DA 181 -104.32 119.44 -43.89
CA LEU DA 181 -103.38 118.96 -44.90
C LEU DA 181 -103.12 117.47 -44.75
N ALA DA 182 -103.18 116.96 -43.52
CA ALA DA 182 -102.94 115.53 -43.31
C ALA DA 182 -104.01 114.67 -43.98
N ASN DA 183 -105.14 115.27 -44.36
CA ASN DA 183 -106.21 114.55 -45.05
C ASN DA 183 -106.16 114.70 -46.55
N SER DA 184 -105.07 115.23 -47.10
CA SER DA 184 -104.98 115.46 -48.54
C SER DA 184 -104.73 114.15 -49.27
N ASP DA 185 -105.78 113.60 -49.88
CA ASP DA 185 -105.61 112.43 -50.74
C ASP DA 185 -104.63 112.73 -51.87
N ALA DA 186 -104.59 113.99 -52.31
CA ALA DA 186 -103.61 114.40 -53.30
C ALA DA 186 -102.20 114.11 -52.81
N LEU DA 187 -101.87 114.53 -51.59
CA LEU DA 187 -100.54 114.31 -51.06
C LEU DA 187 -100.29 112.83 -50.78
N LYS DA 188 -101.33 112.08 -50.40
CA LYS DA 188 -101.15 110.65 -50.23
C LYS DA 188 -100.74 110.00 -51.55
N VAL DA 189 -101.45 110.33 -52.63
CA VAL DA 189 -101.12 109.78 -53.94
C VAL DA 189 -99.74 110.23 -54.38
N ALA DA 190 -99.40 111.49 -54.11
CA ALA DA 190 -98.09 112.01 -54.50
C ALA DA 190 -96.96 111.30 -53.79
N LYS DA 191 -97.12 111.05 -52.48
CA LYS DA 191 -96.09 110.31 -51.76
C LYS DA 191 -96.10 108.82 -52.11
N GLU DA 192 -97.19 108.31 -52.69
CA GLU DA 192 -97.17 106.93 -53.15
C GLU DA 192 -96.43 106.78 -54.47
N VAL DA 193 -96.70 107.65 -55.43
CA VAL DA 193 -96.21 107.50 -56.80
C VAL DA 193 -95.06 108.46 -57.10
N ASP DA 194 -94.54 109.14 -56.10
CA ASP DA 194 -93.45 110.10 -56.27
C ASP DA 194 -92.81 110.35 -54.90
N PRO DA 195 -92.11 109.37 -54.34
CA PRO DA 195 -91.67 109.49 -52.94
C PRO DA 195 -90.83 110.74 -52.66
N GLN DA 196 -89.77 110.95 -53.44
CA GLN DA 196 -88.91 112.09 -53.18
C GLN DA 196 -89.53 113.42 -53.58
N GLY DA 197 -90.69 113.40 -54.23
CA GLY DA 197 -91.32 114.64 -54.67
C GLY DA 197 -90.55 115.37 -55.74
N GLN DA 198 -89.96 114.64 -56.70
CA GLN DA 198 -89.23 115.29 -57.77
C GLN DA 198 -90.16 116.06 -58.70
N ARG DA 199 -91.33 115.51 -58.99
CA ARG DA 199 -92.25 116.06 -59.99
C ARG DA 199 -93.62 116.34 -59.39
N THR DA 200 -93.64 116.77 -58.13
CA THR DA 200 -94.87 117.04 -57.40
C THR DA 200 -94.95 118.52 -57.08
N ILE DA 201 -96.04 119.16 -57.50
CA ILE DA 201 -96.30 120.56 -57.20
C ILE DA 201 -97.50 120.59 -56.26
N GLY DA 202 -97.31 121.14 -55.08
CA GLY DA 202 -98.40 121.28 -54.12
C GLY DA 202 -99.15 122.58 -54.35
N VAL DA 203 -100.48 122.49 -54.41
CA VAL DA 203 -101.33 123.65 -54.60
C VAL DA 203 -102.36 123.66 -53.46
N ILE DA 204 -102.56 124.83 -52.87
CA ILE DA 204 -103.51 125.00 -51.77
C ILE DA 204 -104.60 125.94 -52.23
N THR DA 205 -105.82 125.44 -52.27
CA THR DA 205 -106.97 126.17 -52.78
C THR DA 205 -107.90 126.58 -51.65
N LYS DA 206 -108.79 127.52 -51.96
CA LYS DA 206 -109.81 127.99 -51.03
C LYS DA 206 -109.18 128.58 -49.77
N LEU DA 207 -108.31 129.56 -49.98
CA LEU DA 207 -107.69 130.27 -48.87
C LEU DA 207 -108.55 131.38 -48.31
N ASP DA 208 -109.63 131.75 -48.99
CA ASP DA 208 -110.54 132.77 -48.50
C ASP DA 208 -111.69 132.19 -47.69
N LEU DA 209 -111.73 130.88 -47.50
CA LEU DA 209 -112.79 130.22 -46.74
C LEU DA 209 -112.25 129.45 -45.54
N MET DA 210 -111.06 129.79 -45.07
CA MET DA 210 -110.48 129.09 -43.93
C MET DA 210 -111.27 129.41 -42.66
N ASP DA 211 -111.17 128.50 -41.69
CA ASP DA 211 -111.83 128.72 -40.41
C ASP DA 211 -111.34 130.01 -39.79
N GLU DA 212 -112.27 130.82 -39.31
CA GLU DA 212 -111.95 132.15 -38.82
C GLU DA 212 -110.94 132.08 -37.67
N GLY DA 213 -109.94 132.94 -37.71
CA GLY DA 213 -108.88 132.95 -36.72
C GLY DA 213 -107.76 131.98 -36.99
N THR DA 214 -107.80 131.24 -38.10
CA THR DA 214 -106.75 130.31 -38.48
C THR DA 214 -106.14 130.75 -39.80
N ASP DA 215 -104.92 130.28 -40.05
CA ASP DA 215 -104.23 130.59 -41.29
C ASP DA 215 -103.28 129.44 -41.63
N ALA DA 216 -103.16 129.15 -42.92
CA ALA DA 216 -102.32 128.06 -43.40
C ALA DA 216 -100.88 128.49 -43.65
N ARG DA 217 -100.42 129.53 -42.94
CA ARG DA 217 -99.06 130.03 -43.15
C ARG DA 217 -98.01 128.94 -42.99
N ASP DA 218 -98.16 128.10 -41.96
CA ASP DA 218 -97.20 127.02 -41.74
C ASP DA 218 -97.23 125.97 -42.84
N VAL DA 219 -98.27 125.96 -43.67
CA VAL DA 219 -98.32 125.07 -44.82
C VAL DA 219 -97.74 125.74 -46.06
N LEU DA 220 -98.15 126.98 -46.32
CA LEU DA 220 -97.66 127.69 -47.50
C LEU DA 220 -96.18 127.97 -47.40
N GLU DA 221 -95.62 128.04 -46.19
CA GLU DA 221 -94.18 128.22 -46.03
C GLU DA 221 -93.43 126.89 -45.99
N ASN DA 222 -94.07 125.82 -46.47
CA ASN DA 222 -93.42 124.50 -46.61
C ASN DA 222 -92.85 124.03 -45.27
N LYS DA 223 -93.53 124.37 -44.18
CA LYS DA 223 -93.07 124.00 -42.84
C LYS DA 223 -93.76 122.75 -42.31
N LEU DA 224 -95.09 122.67 -42.44
CA LEU DA 224 -95.82 121.53 -41.91
C LEU DA 224 -95.40 120.23 -42.59
N LEU DA 225 -95.66 120.12 -43.88
CA LEU DA 225 -95.29 118.92 -44.64
C LEU DA 225 -94.22 119.27 -45.66
N PRO DA 226 -92.98 118.84 -45.46
CA PRO DA 226 -91.89 119.24 -46.37
C PRO DA 226 -92.13 118.72 -47.78
N LEU DA 227 -92.09 119.64 -48.74
CA LEU DA 227 -92.28 119.32 -50.13
C LEU DA 227 -91.19 120.00 -50.94
N ARG DA 228 -90.65 119.29 -51.95
CA ARG DA 228 -89.47 119.78 -52.64
C ARG DA 228 -89.76 121.08 -53.39
N ARG DA 229 -90.86 121.13 -54.13
CA ARG DA 229 -91.18 122.32 -54.90
C ARG DA 229 -92.00 123.34 -54.12
N GLY DA 230 -92.40 123.02 -52.90
CA GLY DA 230 -93.17 123.94 -52.09
C GLY DA 230 -94.62 124.00 -52.52
N TYR DA 231 -95.41 124.70 -51.72
CA TYR DA 231 -96.84 124.85 -51.97
C TYR DA 231 -97.12 126.23 -52.55
N ILE DA 232 -98.16 126.30 -53.39
CA ILE DA 232 -98.60 127.54 -54.00
C ILE DA 232 -100.06 127.75 -53.63
N GLY DA 233 -100.34 128.84 -52.92
CA GLY DA 233 -101.71 129.15 -52.60
C GLY DA 233 -102.39 129.90 -53.72
N VAL DA 234 -103.67 129.57 -53.95
CA VAL DA 234 -104.47 130.23 -54.97
C VAL DA 234 -105.88 130.40 -54.46
N VAL DA 235 -106.53 131.47 -54.89
CA VAL DA 235 -107.93 131.74 -54.59
C VAL DA 235 -108.68 131.81 -55.91
N ASN DA 236 -109.66 130.94 -56.08
CA ASN DA 236 -110.40 130.84 -57.33
C ASN DA 236 -111.74 131.56 -57.18
N ARG DA 237 -112.57 131.46 -58.21
CA ARG DA 237 -113.90 132.05 -58.12
C ARG DA 237 -114.78 131.23 -57.19
N SER DA 238 -115.48 131.91 -56.29
CA SER DA 238 -116.41 131.22 -55.42
C SER DA 238 -117.58 130.69 -56.23
N GLN DA 239 -118.37 129.80 -55.61
CA GLN DA 239 -119.52 129.23 -56.31
C GLN DA 239 -120.53 130.32 -56.66
N LYS DA 240 -120.71 131.30 -55.77
CA LYS DA 240 -121.57 132.43 -56.10
C LYS DA 240 -121.02 133.20 -57.29
N ASP DA 241 -119.70 133.35 -57.37
CA ASP DA 241 -119.11 134.02 -58.52
C ASP DA 241 -119.33 133.23 -59.81
N ILE DA 242 -119.25 131.90 -59.73
CA ILE DA 242 -119.51 131.07 -60.90
C ILE DA 242 -120.95 131.25 -61.36
N ASP DA 243 -121.89 131.25 -60.40
CA ASP DA 243 -123.30 131.43 -60.75
C ASP DA 243 -123.54 132.82 -61.34
N GLY DA 244 -122.88 133.83 -60.80
CA GLY DA 244 -122.99 135.19 -61.31
C GLY DA 244 -122.16 135.49 -62.52
N LYS DA 245 -121.39 134.51 -63.00
CA LYS DA 245 -120.57 134.65 -64.21
C LYS DA 245 -119.53 135.76 -64.06
N LYS DA 246 -118.76 135.69 -62.98
CA LYS DA 246 -117.67 136.63 -62.79
C LYS DA 246 -116.56 136.37 -63.80
N ASP DA 247 -115.76 137.39 -64.05
CA ASP DA 247 -114.75 137.31 -65.09
C ASP DA 247 -113.35 137.11 -64.51
N ILE DA 248 -112.42 136.72 -65.40
CA ILE DA 248 -111.06 136.45 -65.00
C ILE DA 248 -110.38 137.70 -64.46
N THR DA 249 -110.67 138.86 -65.05
CA THR DA 249 -110.02 140.10 -64.62
C THR DA 249 -110.37 140.40 -63.16
N ALA DA 250 -111.66 140.40 -62.82
CA ALA DA 250 -112.08 140.68 -61.46
C ALA DA 250 -111.59 139.59 -60.51
N ALA DA 251 -111.64 138.33 -60.94
CA ALA DA 251 -111.18 137.24 -60.08
C ALA DA 251 -109.70 137.41 -59.75
N LEU DA 252 -108.87 137.73 -60.76
CA LEU DA 252 -107.45 137.95 -60.52
C LEU DA 252 -107.20 139.16 -59.64
N ALA DA 253 -107.96 140.24 -59.85
CA ALA DA 253 -107.80 141.42 -58.99
C ALA DA 253 -108.11 141.09 -57.54
N ALA DA 254 -109.21 140.38 -57.30
CA ALA DA 254 -109.56 140.00 -55.94
C ALA DA 254 -108.53 139.06 -55.33
N GLU DA 255 -108.05 138.09 -56.11
CA GLU DA 255 -107.06 137.15 -55.61
C GLU DA 255 -105.76 137.87 -55.26
N ARG DA 256 -105.35 138.83 -56.08
CA ARG DA 256 -104.13 139.59 -55.80
C ARG DA 256 -104.29 140.45 -54.56
N LYS DA 257 -105.43 141.13 -54.44
CA LYS DA 257 -105.63 142.00 -53.28
C LYS DA 257 -105.83 141.22 -51.99
N PHE DA 258 -106.28 139.97 -52.07
CA PHE DA 258 -106.46 139.17 -50.86
C PHE DA 258 -105.13 138.93 -50.15
N PHE DA 259 -104.10 138.53 -50.90
CA PHE DA 259 -102.83 138.23 -50.27
C PHE DA 259 -102.11 139.48 -49.78
N LEU DA 260 -102.56 140.67 -50.17
CA LEU DA 260 -102.08 141.90 -49.56
C LEU DA 260 -102.89 142.28 -48.34
N SER DA 261 -104.19 142.00 -48.35
CA SER DA 261 -105.03 142.31 -47.20
C SER DA 261 -104.71 141.41 -46.02
N HIS DA 262 -104.44 140.14 -46.27
CA HIS DA 262 -104.26 139.20 -45.17
C HIS DA 262 -102.94 139.45 -44.46
N PRO DA 263 -102.95 139.72 -43.16
CA PRO DA 263 -101.68 139.97 -42.44
C PRO DA 263 -100.72 138.80 -42.47
N SER DA 264 -101.22 137.56 -42.45
CA SER DA 264 -100.33 136.40 -42.43
C SER DA 264 -99.69 136.13 -43.78
N TYR DA 265 -100.27 136.62 -44.87
CA TYR DA 265 -99.78 136.36 -46.21
C TYR DA 265 -99.29 137.63 -46.91
N ARG DA 266 -99.17 138.74 -46.19
CA ARG DA 266 -98.72 139.98 -46.81
C ARG DA 266 -97.30 139.82 -47.38
N HIS DA 267 -96.44 139.09 -46.68
CA HIS DA 267 -95.06 138.91 -47.11
C HIS DA 267 -94.89 137.75 -48.07
N LEU DA 268 -95.98 137.31 -48.72
CA LEU DA 268 -95.90 136.22 -49.69
C LEU DA 268 -96.72 136.51 -50.95
N ALA DA 269 -97.23 137.73 -51.11
CA ALA DA 269 -98.14 138.00 -52.23
C ALA DA 269 -97.49 137.74 -53.58
N ASP DA 270 -96.20 138.04 -53.71
CA ASP DA 270 -95.52 137.76 -54.97
C ASP DA 270 -95.25 136.28 -55.18
N ARG DA 271 -95.16 135.49 -54.11
CA ARG DA 271 -94.85 134.08 -54.21
C ARG DA 271 -96.08 133.19 -54.18
N MET DA 272 -97.26 133.75 -54.00
CA MET DA 272 -98.52 133.00 -54.02
C MET DA 272 -99.45 133.59 -55.06
N GLY DA 273 -100.29 132.74 -55.64
CA GLY DA 273 -101.25 133.20 -56.63
C GLY DA 273 -101.19 132.45 -57.94
N THR DA 274 -102.25 132.60 -58.74
CA THR DA 274 -102.29 131.93 -60.04
C THR DA 274 -101.18 132.35 -60.99
N PRO DA 275 -100.84 133.63 -61.14
CA PRO DA 275 -99.68 133.96 -61.99
C PRO DA 275 -98.40 133.29 -61.54
N TYR DA 276 -98.16 133.21 -60.23
CA TYR DA 276 -96.95 132.55 -59.76
C TYR DA 276 -97.04 131.05 -59.99
N LEU DA 277 -98.23 130.47 -59.92
CA LEU DA 277 -98.39 129.07 -60.28
C LEU DA 277 -98.03 128.83 -61.73
N GLN DA 278 -98.49 129.71 -62.61
CA GLN DA 278 -98.11 129.61 -64.03
C GLN DA 278 -96.61 129.72 -64.21
N LYS DA 279 -95.99 130.66 -63.49
CA LYS DA 279 -94.55 130.84 -63.60
C LYS DA 279 -93.80 129.60 -63.14
N VAL DA 280 -94.23 129.00 -62.04
CA VAL DA 280 -93.57 127.79 -61.53
C VAL DA 280 -93.74 126.63 -62.50
N LEU DA 281 -94.95 126.46 -63.05
CA LEU DA 281 -95.16 125.37 -63.99
C LEU DA 281 -94.30 125.55 -65.24
N ASN DA 282 -94.24 126.76 -65.77
CA ASN DA 282 -93.43 127.01 -66.96
C ASN DA 282 -91.95 126.84 -66.65
N GLN DA 283 -91.52 127.25 -65.46
CA GLN DA 283 -90.15 127.01 -65.05
C GLN DA 283 -89.85 125.51 -64.99
N GLN DA 284 -90.81 124.72 -64.50
CA GLN DA 284 -90.59 123.28 -64.42
C GLN DA 284 -90.53 122.66 -65.80
N LEU DA 285 -91.31 123.18 -66.76
CA LEU DA 285 -91.21 122.69 -68.13
C LEU DA 285 -89.87 123.04 -68.74
N THR DA 286 -89.41 124.28 -68.54
CA THR DA 286 -88.13 124.71 -69.08
C THR DA 286 -86.97 123.93 -68.47
N ASN DA 287 -87.06 123.62 -67.17
CA ASN DA 287 -86.03 122.84 -66.51
C ASN DA 287 -86.03 121.38 -66.92
N HIS DA 288 -86.97 120.97 -67.77
CA HIS DA 288 -86.92 119.68 -68.45
C HIS DA 288 -86.43 119.80 -69.88
N ILE DA 289 -86.90 120.82 -70.60
CA ILE DA 289 -86.39 121.07 -71.96
C ILE DA 289 -84.88 121.22 -71.93
N ARG DA 290 -84.39 122.08 -71.03
CA ARG DA 290 -82.96 122.31 -70.92
C ARG DA 290 -82.24 121.18 -70.19
N ASP DA 291 -82.97 120.37 -69.42
CA ASP DA 291 -82.36 119.19 -68.82
C ASP DA 291 -82.04 118.14 -69.87
N THR DA 292 -82.91 117.98 -70.87
CA THR DA 292 -82.71 116.92 -71.85
C THR DA 292 -81.55 117.18 -72.78
N LEU DA 293 -81.20 118.45 -73.00
CA LEU DA 293 -80.26 118.81 -74.06
C LEU DA 293 -78.90 118.11 -74.01
N PRO DA 294 -78.25 117.92 -72.85
CA PRO DA 294 -76.97 117.18 -72.86
C PRO DA 294 -77.05 115.80 -73.49
N GLY DA 295 -78.10 115.04 -73.21
CA GLY DA 295 -78.24 113.72 -73.80
C GLY DA 295 -78.35 113.78 -75.31
N LEU DA 296 -79.20 114.68 -75.81
CA LEU DA 296 -79.34 114.85 -77.24
C LEU DA 296 -78.03 115.26 -77.88
N ARG DA 297 -77.31 116.18 -77.25
CA ARG DA 297 -76.07 116.68 -77.84
C ARG DA 297 -75.03 115.56 -77.93
N ASN DA 298 -74.87 114.78 -76.86
CA ASN DA 298 -73.84 113.73 -76.91
C ASN DA 298 -74.25 112.61 -77.86
N LYS DA 299 -75.54 112.25 -77.89
CA LYS DA 299 -75.96 111.20 -78.81
C LYS DA 299 -75.80 111.62 -80.26
N LEU DA 300 -76.16 112.87 -80.58
CA LEU DA 300 -75.98 113.35 -81.95
C LEU DA 300 -74.50 113.54 -82.28
N GLN DA 301 -73.67 113.85 -81.29
CA GLN DA 301 -72.23 113.85 -81.54
C GLN DA 301 -71.74 112.46 -81.89
N SER DA 302 -72.23 111.44 -81.20
CA SER DA 302 -71.89 110.07 -81.55
C SER DA 302 -72.33 109.71 -82.96
N GLN DA 303 -73.55 110.11 -83.34
CA GLN DA 303 -74.04 109.81 -84.68
C GLN DA 303 -73.25 110.55 -85.75
N LEU DA 304 -72.90 111.81 -85.50
CA LEU DA 304 -72.06 112.54 -86.43
C LEU DA 304 -70.67 111.93 -86.51
N LEU DA 305 -70.17 111.39 -85.40
CA LEU DA 305 -68.92 110.63 -85.43
C LEU DA 305 -69.05 109.42 -86.33
N SER DA 306 -70.19 108.74 -86.28
CA SER DA 306 -70.41 107.59 -87.15
C SER DA 306 -70.42 108.00 -88.62
N ILE DA 307 -71.05 109.13 -88.95
CA ILE DA 307 -71.21 109.48 -90.35
C ILE DA 307 -69.99 110.21 -90.93
N GLU DA 308 -69.17 110.84 -90.06
CA GLU DA 308 -68.09 111.67 -90.58
C GLU DA 308 -67.05 110.85 -91.32
N LYS DA 309 -66.83 109.60 -90.89
CA LYS DA 309 -65.87 108.74 -91.58
C LYS DA 309 -66.31 108.51 -93.03
N GLU DA 310 -67.59 108.23 -93.24
CA GLU DA 310 -68.10 108.08 -94.59
C GLU DA 310 -68.02 109.39 -95.35
N VAL DA 311 -68.22 110.52 -94.66
CA VAL DA 311 -68.08 111.81 -95.34
C VAL DA 311 -66.62 112.10 -95.69
N GLU DA 312 -65.66 111.44 -95.03
CA GLU DA 312 -64.25 111.70 -95.32
C GLU DA 312 -63.90 111.38 -96.75
N GLU DA 313 -64.28 110.19 -97.23
CA GLU DA 313 -64.09 109.87 -98.64
C GLU DA 313 -65.09 110.59 -99.52
N TYR DA 314 -66.08 111.26 -98.94
CA TYR DA 314 -67.09 112.00 -99.69
C TYR DA 314 -67.03 113.50 -99.41
N LYS DA 315 -65.83 114.06 -99.26
CA LYS DA 315 -65.70 115.50 -99.18
C LYS DA 315 -66.18 116.17 -100.47
N ASN DA 316 -65.79 115.60 -101.61
CA ASN DA 316 -66.03 116.20 -102.91
C ASN DA 316 -66.57 115.16 -103.88
N PHE DA 317 -67.34 115.64 -104.87
CA PHE DA 317 -67.88 114.78 -105.92
C PHE DA 317 -68.15 115.65 -107.14
N ARG DA 318 -67.38 115.46 -108.19
CA ARG DA 318 -67.58 116.15 -109.46
C ARG DA 318 -68.19 115.21 -110.48
N PRO DA 319 -68.85 115.75 -111.50
CA PRO DA 319 -69.35 114.89 -112.58
C PRO DA 319 -68.20 114.17 -113.26
N ASP DA 320 -68.46 112.90 -113.61
CA ASP DA 320 -67.56 112.03 -114.38
C ASP DA 320 -66.38 111.54 -113.53
N ASP DA 321 -66.22 112.08 -112.32
CA ASP DA 321 -65.27 111.58 -111.31
C ASP DA 321 -63.91 111.24 -111.91
N PRO DA 322 -63.10 112.24 -112.26
CA PRO DA 322 -61.86 111.93 -113.00
C PRO DA 322 -60.91 110.98 -112.29
N ALA DA 323 -60.78 111.09 -110.97
CA ALA DA 323 -59.86 110.26 -110.21
C ALA DA 323 -60.54 109.35 -109.20
N ARG DA 324 -61.73 109.71 -108.73
CA ARG DA 324 -62.47 108.82 -107.84
C ARG DA 324 -62.75 107.49 -108.52
N LYS DA 325 -62.98 107.52 -109.84
CA LYS DA 325 -63.23 106.29 -110.58
C LYS DA 325 -62.03 105.36 -110.51
N THR DA 326 -60.83 105.88 -110.78
CA THR DA 326 -59.62 105.05 -110.72
C THR DA 326 -59.38 104.56 -109.30
N LYS DA 327 -59.56 105.43 -108.31
CA LYS DA 327 -59.33 105.02 -106.92
C LYS DA 327 -60.27 103.89 -106.54
N ALA DA 328 -61.56 104.03 -106.84
CA ALA DA 328 -62.53 103.01 -106.51
C ALA DA 328 -62.28 101.72 -107.28
N LEU DA 329 -61.81 101.84 -108.53
CA LEU DA 329 -61.44 100.65 -109.28
C LEU DA 329 -60.33 99.90 -108.58
N LEU DA 330 -59.31 100.63 -108.11
CA LEU DA 330 -58.23 99.97 -107.39
C LEU DA 330 -58.74 99.33 -106.11
N GLN DA 331 -59.62 100.01 -105.38
CA GLN DA 331 -60.16 99.43 -104.15
C GLN DA 331 -60.92 98.15 -104.44
N MET DA 332 -61.76 98.15 -105.47
CA MET DA 332 -62.51 96.95 -105.82
C MET DA 332 -61.59 95.82 -106.24
N VAL DA 333 -60.56 96.13 -107.04
CA VAL DA 333 -59.65 95.10 -107.51
C VAL DA 333 -58.90 94.49 -106.33
N GLN DA 334 -58.43 95.33 -105.41
CA GLN DA 334 -57.73 94.81 -104.24
C GLN DA 334 -58.65 93.97 -103.36
N GLN DA 335 -59.90 94.41 -103.18
CA GLN DA 335 -60.86 93.62 -102.41
C GLN DA 335 -61.09 92.27 -103.05
N PHE DA 336 -61.27 92.25 -104.37
CA PHE DA 336 -61.47 90.98 -105.07
C PHE DA 336 -60.26 90.08 -104.93
N ALA DA 337 -59.06 90.63 -105.09
CA ALA DA 337 -57.85 89.80 -104.99
C ALA DA 337 -57.69 89.22 -103.60
N VAL DA 338 -57.85 90.07 -102.57
CA VAL DA 338 -57.67 89.58 -101.21
C VAL DA 338 -58.76 88.60 -100.84
N ASP DA 339 -59.97 88.76 -101.39
CA ASP DA 339 -61.03 87.82 -101.08
C ASP DA 339 -60.84 86.51 -101.80
N PHE DA 340 -60.32 86.54 -103.03
CA PHE DA 340 -59.97 85.31 -103.72
C PHE DA 340 -58.91 84.54 -102.94
N GLU DA 341 -57.86 85.25 -102.52
CA GLU DA 341 -56.79 84.60 -101.76
C GLU DA 341 -57.30 84.08 -100.43
N LYS DA 342 -58.20 84.82 -99.77
CA LYS DA 342 -58.78 84.36 -98.52
C LYS DA 342 -59.67 83.15 -98.73
N ARG DA 343 -60.38 83.11 -99.86
CA ARG DA 343 -61.32 82.03 -100.12
C ARG DA 343 -60.59 80.74 -100.47
N ILE DA 344 -59.48 80.84 -101.19
CA ILE DA 344 -58.77 79.66 -101.70
C ILE DA 344 -57.52 79.36 -100.86
N GLU DA 345 -56.57 80.28 -100.83
CA GLU DA 345 -55.36 80.05 -100.05
C GLU DA 345 -55.68 79.91 -98.57
N GLY DA 346 -56.54 80.78 -98.04
CA GLY DA 346 -56.87 80.76 -96.64
C GLY DA 346 -56.10 81.79 -95.84
N SER DA 347 -56.03 83.01 -96.34
CA SER DA 347 -55.33 84.07 -95.64
C SER DA 347 -56.05 84.40 -94.32
N GLY DA 348 -55.44 85.27 -93.54
CA GLY DA 348 -56.00 85.64 -92.26
C GLY DA 348 -57.22 86.55 -92.36
N ASP DA 349 -57.49 87.28 -91.28
CA ASP DA 349 -58.54 88.28 -91.22
C ASP DA 349 -59.93 87.66 -91.41
N GLN DA 350 -60.29 86.78 -90.47
CA GLN DA 350 -61.67 86.39 -90.24
C GLN DA 350 -62.37 85.74 -91.44
N ILE DA 351 -61.94 84.55 -91.82
CA ILE DA 351 -62.70 83.77 -92.79
C ILE DA 351 -63.94 83.19 -92.10
N ASP DA 352 -65.05 83.19 -92.83
CA ASP DA 352 -66.33 82.80 -92.23
C ASP DA 352 -66.35 81.34 -91.81
N THR DA 353 -67.08 81.07 -90.73
CA THR DA 353 -67.20 79.73 -90.17
C THR DA 353 -68.59 79.14 -90.35
N TYR DA 354 -69.46 79.77 -91.16
CA TYR DA 354 -70.84 79.33 -91.24
C TYR DA 354 -70.98 78.03 -92.01
N GLU DA 355 -70.44 77.98 -93.22
CA GLU DA 355 -70.61 76.83 -94.10
C GLU DA 355 -69.26 76.19 -94.38
N LEU DA 356 -69.27 75.23 -95.30
CA LEU DA 356 -68.02 74.68 -95.80
C LEU DA 356 -67.22 75.76 -96.51
N SER DA 357 -67.88 76.84 -96.92
CA SER DA 357 -67.32 78.18 -97.07
C SER DA 357 -66.17 78.21 -98.08
N GLY DA 358 -66.54 77.99 -99.33
CA GLY DA 358 -65.68 78.38 -100.42
C GLY DA 358 -65.03 77.21 -101.12
N GLY DA 359 -64.47 77.51 -102.29
CA GLY DA 359 -63.90 76.47 -103.12
C GLY DA 359 -62.75 75.74 -102.49
N ALA DA 360 -62.00 76.41 -101.62
CA ALA DA 360 -60.74 75.85 -101.11
C ALA DA 360 -60.93 74.44 -100.58
N ARG DA 361 -61.93 74.25 -99.71
CA ARG DA 361 -62.14 72.93 -99.16
C ARG DA 361 -63.01 72.07 -100.08
N ILE DA 362 -63.87 72.69 -100.89
CA ILE DA 362 -64.51 71.94 -101.97
C ILE DA 362 -63.47 71.45 -102.96
N ASN DA 363 -62.51 72.32 -103.29
CA ASN DA 363 -61.40 71.90 -104.14
C ASN DA 363 -60.60 70.79 -103.49
N ARG DA 364 -60.36 70.89 -102.18
CA ARG DA 364 -59.75 69.77 -101.50
C ARG DA 364 -60.57 68.49 -101.52
N ILE DA 365 -61.88 68.57 -101.32
CA ILE DA 365 -62.64 67.33 -101.30
C ILE DA 365 -62.56 66.70 -102.68
N PHE DA 366 -62.39 67.51 -103.73
CA PHE DA 366 -62.08 66.96 -105.04
C PHE DA 366 -60.72 66.26 -105.05
N HIS DA 367 -59.68 66.95 -104.59
CA HIS DA 367 -58.33 66.36 -104.60
C HIS DA 367 -58.21 65.13 -103.71
N GLU DA 368 -59.15 64.90 -102.80
CA GLU DA 368 -59.10 63.74 -101.92
C GLU DA 368 -60.32 62.84 -102.04
N ARG DA 369 -61.17 63.05 -103.05
CA ARG DA 369 -62.18 62.07 -103.47
C ARG DA 369 -61.88 61.48 -104.83
N PHE DA 370 -61.14 62.21 -105.67
CA PHE DA 370 -60.63 61.67 -106.93
C PHE DA 370 -59.83 60.39 -106.70
N PRO DA 371 -59.04 60.26 -105.62
CA PRO DA 371 -58.48 58.94 -105.30
C PRO DA 371 -59.51 57.88 -104.91
N PHE DA 372 -60.79 58.22 -104.93
CA PHE DA 372 -61.83 57.20 -104.93
C PHE DA 372 -62.39 56.94 -106.32
N GLU DA 373 -62.47 57.97 -107.16
CA GLU DA 373 -62.89 57.78 -108.54
C GLU DA 373 -61.87 56.98 -109.34
N LEU DA 374 -60.59 57.03 -108.95
CA LEU DA 374 -59.60 56.16 -109.57
C LEU DA 374 -59.84 54.70 -109.21
N VAL DA 375 -60.08 54.43 -107.93
CA VAL DA 375 -60.25 53.06 -107.47
C VAL DA 375 -61.54 52.46 -108.03
N LYS DA 376 -62.62 53.23 -108.01
CA LYS DA 376 -63.94 52.68 -108.31
C LYS DA 376 -64.05 52.22 -109.76
N MET DA 377 -63.69 53.09 -110.70
CA MET DA 377 -64.04 52.85 -112.10
C MET DA 377 -63.25 51.69 -112.72
N GLU DA 378 -62.01 51.49 -112.31
CA GLU DA 378 -61.12 50.56 -113.00
C GLU DA 378 -61.11 49.22 -112.27
N PHE DA 379 -61.44 48.15 -113.00
CA PHE DA 379 -61.41 46.79 -112.48
C PHE DA 379 -61.61 45.80 -113.62
N ASP DA 380 -60.98 44.64 -113.49
CA ASP DA 380 -61.28 43.44 -114.26
C ASP DA 380 -60.49 42.29 -113.66
N GLU DA 381 -60.99 41.08 -113.87
CA GLU DA 381 -60.33 39.89 -113.35
C GLU DA 381 -60.84 38.67 -114.10
N LYS DA 382 -59.97 37.65 -114.17
CA LYS DA 382 -60.27 36.34 -114.76
C LYS DA 382 -60.46 36.42 -116.28
N GLU DA 383 -60.39 37.63 -116.83
CA GLU DA 383 -60.17 37.83 -118.26
C GLU DA 383 -58.73 38.23 -118.54
N LEU DA 384 -58.14 39.00 -117.63
CA LEU DA 384 -56.71 39.26 -117.70
C LEU DA 384 -55.91 37.98 -117.55
N ARG DA 385 -56.45 36.98 -116.86
CA ARG DA 385 -55.78 35.68 -116.81
C ARG DA 385 -55.63 35.09 -118.20
N ARG DA 386 -56.72 35.09 -118.98
CA ARG DA 386 -56.67 34.58 -120.34
C ARG DA 386 -55.74 35.43 -121.21
N GLU DA 387 -55.82 36.75 -121.08
CA GLU DA 387 -54.96 37.61 -121.88
C GLU DA 387 -53.49 37.37 -121.56
N ILE DA 388 -53.15 37.21 -120.27
CA ILE DA 388 -51.77 36.94 -119.88
C ILE DA 388 -51.33 35.59 -120.38
N SER DA 389 -52.20 34.57 -120.30
CA SER DA 389 -51.85 33.26 -120.82
C SER DA 389 -51.47 33.34 -122.30
N TYR DA 390 -52.30 34.04 -123.08
CA TYR DA 390 -52.00 34.15 -124.50
C TYR DA 390 -50.74 34.97 -124.76
N ALA DA 391 -50.51 36.02 -123.98
CA ALA DA 391 -49.28 36.80 -124.13
C ALA DA 391 -48.06 35.94 -123.85
N ILE DA 392 -48.12 35.11 -122.80
CA ILE DA 392 -47.02 34.21 -122.49
C ILE DA 392 -46.79 33.24 -123.64
N LYS DA 393 -47.87 32.64 -124.14
CA LYS DA 393 -47.74 31.66 -125.20
C LYS DA 393 -47.45 32.27 -126.56
N ASN DA 394 -47.42 33.60 -126.67
CA ASN DA 394 -47.14 34.21 -127.96
C ASN DA 394 -45.88 35.06 -128.03
N ILE DA 395 -45.35 35.58 -126.92
CA ILE DA 395 -44.18 36.44 -127.02
C ILE DA 395 -42.86 35.66 -127.00
N HIS DA 396 -42.88 34.39 -126.63
CA HIS DA 396 -41.77 33.51 -126.97
C HIS DA 396 -42.37 32.44 -127.87
N GLY DA 397 -43.11 32.92 -128.87
CA GLY DA 397 -44.15 32.12 -129.50
C GLY DA 397 -43.66 30.87 -130.22
N ILE DA 398 -42.44 30.89 -130.77
CA ILE DA 398 -41.99 29.74 -131.55
C ILE DA 398 -41.26 28.70 -130.71
N ARG DA 399 -40.70 29.08 -129.56
CA ARG DA 399 -39.78 28.23 -128.83
C ARG DA 399 -40.19 28.11 -127.38
N THR DA 400 -39.96 26.94 -126.80
CA THR DA 400 -40.35 26.68 -125.43
C THR DA 400 -39.70 27.68 -124.47
N GLY DA 401 -40.51 28.57 -123.90
CA GLY DA 401 -40.00 29.55 -122.97
C GLY DA 401 -39.80 28.92 -121.61
N LEU DA 402 -38.54 28.80 -121.20
CA LEU DA 402 -38.20 28.22 -119.91
C LEU DA 402 -38.09 29.27 -118.82
N PHE DA 403 -38.39 30.52 -119.14
CA PHE DA 403 -38.42 31.61 -118.16
C PHE DA 403 -39.65 32.46 -118.43
N THR DA 404 -40.28 32.93 -117.36
CA THR DA 404 -41.48 33.73 -117.50
C THR DA 404 -41.16 35.01 -118.25
N PRO DA 405 -41.77 35.27 -119.39
CA PRO DA 405 -41.38 36.41 -120.22
C PRO DA 405 -41.88 37.73 -119.66
N ASP DA 406 -41.41 38.80 -120.27
CA ASP DA 406 -41.44 40.15 -119.70
C ASP DA 406 -42.30 41.13 -120.48
N MET DA 407 -42.27 41.05 -121.81
CA MET DA 407 -43.13 41.91 -122.60
C MET DA 407 -44.60 41.66 -122.31
N ALA DA 408 -44.95 40.49 -121.77
CA ALA DA 408 -46.33 40.26 -121.37
C ALA DA 408 -46.71 41.14 -120.18
N PHE DA 409 -45.85 41.19 -119.17
CA PHE DA 409 -46.07 42.12 -118.06
C PHE DA 409 -46.16 43.56 -118.56
N GLU DA 410 -45.24 43.92 -119.46
CA GLU DA 410 -45.27 45.27 -120.00
C GLU DA 410 -46.59 45.55 -120.72
N THR DA 411 -47.04 44.61 -121.53
CA THR DA 411 -48.28 44.79 -122.28
C THR DA 411 -49.50 44.89 -121.37
N ILE DA 412 -49.56 44.07 -120.32
CA ILE DA 412 -50.70 44.14 -119.41
C ILE DA 412 -50.73 45.48 -118.68
N VAL DA 413 -49.60 45.89 -118.11
CA VAL DA 413 -49.61 47.14 -117.36
C VAL DA 413 -49.84 48.33 -118.28
N LYS DA 414 -49.32 48.27 -119.52
CA LYS DA 414 -49.55 49.36 -120.45
C LYS DA 414 -51.00 49.40 -120.90
N LYS DA 415 -51.64 48.24 -121.05
CA LYS DA 415 -53.06 48.20 -121.39
C LYS DA 415 -53.95 48.62 -120.22
N GLN DA 416 -53.43 48.57 -119.00
CA GLN DA 416 -54.24 48.94 -117.84
C GLN DA 416 -54.02 50.37 -117.37
N VAL DA 417 -52.86 50.97 -117.63
CA VAL DA 417 -52.61 52.34 -117.17
C VAL DA 417 -53.02 53.35 -118.23
N LYS DA 418 -53.74 52.90 -119.24
CA LYS DA 418 -54.27 53.83 -120.24
C LYS DA 418 -55.73 54.16 -120.01
N LYS DA 419 -56.39 53.50 -119.07
CA LYS DA 419 -57.76 53.85 -118.71
C LYS DA 419 -57.80 55.01 -117.72
N ILE DA 420 -56.65 55.48 -117.24
CA ILE DA 420 -56.61 56.59 -116.30
C ILE DA 420 -56.95 57.91 -116.98
N ARG DA 421 -56.96 57.95 -118.31
CA ARG DA 421 -57.21 59.20 -119.01
C ARG DA 421 -58.58 59.78 -118.70
N GLU DA 422 -59.56 58.95 -118.35
CA GLU DA 422 -60.88 59.48 -118.06
C GLU DA 422 -60.95 60.10 -116.66
N PRO DA 423 -60.58 59.38 -115.59
CA PRO DA 423 -60.73 59.98 -114.24
C PRO DA 423 -59.95 61.27 -114.06
N CYS DA 424 -58.75 61.37 -114.63
CA CYS DA 424 -57.96 62.58 -114.45
C CYS DA 424 -58.61 63.78 -115.14
N LEU DA 425 -59.10 63.60 -116.37
CA LEU DA 425 -59.79 64.70 -117.04
C LEU DA 425 -61.08 65.06 -116.32
N LYS DA 426 -61.78 64.07 -115.78
CA LYS DA 426 -62.98 64.37 -115.00
C LYS DA 426 -62.62 65.20 -113.77
N CYS DA 427 -61.53 64.85 -113.10
CA CYS DA 427 -61.08 65.63 -111.94
C CYS DA 427 -60.75 67.06 -112.34
N VAL DA 428 -60.04 67.23 -113.45
CA VAL DA 428 -59.67 68.57 -113.89
C VAL DA 428 -60.91 69.41 -114.18
N ASP DA 429 -61.88 68.83 -114.89
CA ASP DA 429 -63.10 69.59 -115.19
C ASP DA 429 -63.91 69.88 -113.94
N MET DA 430 -63.93 68.96 -112.98
CA MET DA 430 -64.66 69.19 -111.73
C MET DA 430 -64.04 70.35 -110.95
N VAL DA 431 -62.70 70.36 -110.87
CA VAL DA 431 -62.01 71.47 -110.21
C VAL DA 431 -62.26 72.78 -110.94
N ILE DA 432 -62.30 72.73 -112.28
CA ILE DA 432 -62.60 73.93 -113.05
C ILE DA 432 -63.97 74.46 -112.67
N SER DA 433 -64.95 73.57 -112.56
CA SER DA 433 -66.31 74.00 -112.22
C SER DA 433 -66.35 74.66 -110.85
N GLU DA 434 -65.72 74.02 -109.85
CA GLU DA 434 -65.81 74.62 -108.52
C GLU DA 434 -65.05 75.93 -108.45
N LEU DA 435 -63.95 76.06 -109.20
CA LEU DA 435 -63.16 77.28 -109.15
C LEU DA 435 -63.83 78.41 -109.90
N ILE DA 436 -64.66 78.12 -110.90
CA ILE DA 436 -65.47 79.18 -111.49
C ILE DA 436 -66.59 79.57 -110.54
N SER DA 437 -67.17 78.59 -109.84
CA SER DA 437 -68.18 78.93 -108.84
C SER DA 437 -67.61 79.83 -107.76
N THR DA 438 -66.38 79.57 -107.34
CA THR DA 438 -65.74 80.40 -106.32
C THR DA 438 -65.54 81.83 -106.81
N VAL DA 439 -65.13 82.00 -108.08
CA VAL DA 439 -64.97 83.34 -108.61
C VAL DA 439 -66.29 84.08 -108.63
N ARG DA 440 -67.36 83.41 -109.08
CA ARG DA 440 -68.66 84.08 -109.07
C ARG DA 440 -69.10 84.43 -107.64
N GLN DA 441 -68.86 83.51 -106.71
CA GLN DA 441 -69.29 83.72 -105.33
C GLN DA 441 -68.54 84.88 -104.68
N CYS DA 442 -67.25 85.01 -104.97
CA CYS DA 442 -66.44 86.06 -104.37
C CYS DA 442 -66.41 87.33 -105.23
N THR DA 443 -67.12 87.34 -106.36
CA THR DA 443 -67.42 88.59 -107.04
C THR DA 443 -68.82 89.11 -106.74
N LYS DA 444 -69.72 88.25 -106.26
CA LYS DA 444 -71.08 88.69 -105.91
C LYS DA 444 -71.07 89.90 -104.99
N LYS DA 445 -70.15 89.96 -104.04
CA LYS DA 445 -70.09 91.08 -103.11
C LYS DA 445 -69.59 92.35 -103.75
N LEU DA 446 -69.35 92.39 -105.05
CA LEU DA 446 -68.94 93.62 -105.73
C LEU DA 446 -70.12 94.31 -106.38
N GLN DA 447 -71.34 93.89 -106.05
CA GLN DA 447 -72.56 94.42 -106.64
C GLN DA 447 -72.74 95.92 -106.39
N GLN DA 448 -71.82 96.54 -105.65
CA GLN DA 448 -71.86 97.99 -105.49
C GLN DA 448 -71.79 98.68 -106.85
N TYR DA 449 -70.85 98.28 -107.70
CA TYR DA 449 -70.81 98.76 -109.07
C TYR DA 449 -71.26 97.66 -110.00
N PRO DA 450 -72.37 97.83 -110.70
CA PRO DA 450 -72.65 96.95 -111.84
C PRO DA 450 -71.76 97.34 -113.02
N ARG DA 451 -71.78 96.51 -114.05
CA ARG DA 451 -71.02 96.68 -115.28
C ARG DA 451 -69.52 96.54 -115.07
N LEU DA 452 -69.06 96.36 -113.83
CA LEU DA 452 -67.68 96.00 -113.56
C LEU DA 452 -67.53 94.59 -113.02
N ARG DA 453 -68.51 94.11 -112.25
CA ARG DA 453 -68.51 92.70 -111.89
C ARG DA 453 -68.62 91.83 -113.12
N GLU DA 454 -69.41 92.27 -114.11
CA GLU DA 454 -69.52 91.52 -115.36
C GLU DA 454 -68.17 91.43 -116.05
N GLU DA 455 -67.46 92.55 -116.16
CA GLU DA 455 -66.14 92.54 -116.80
C GLU DA 455 -65.16 91.65 -116.02
N MET DA 456 -65.16 91.78 -114.69
CA MET DA 456 -64.20 91.02 -113.90
C MET DA 456 -64.45 89.52 -114.02
N GLU DA 457 -65.71 89.09 -113.93
CA GLU DA 457 -66.03 87.69 -114.12
C GLU DA 457 -65.69 87.23 -115.54
N ARG DA 458 -66.03 88.05 -116.54
CA ARG DA 458 -65.76 87.71 -117.93
C ARG DA 458 -64.29 87.61 -118.23
N ILE DA 459 -63.44 88.29 -117.48
CA ILE DA 459 -62.00 88.17 -117.68
C ILE DA 459 -61.42 86.98 -116.94
N VAL DA 460 -61.76 86.83 -115.66
CA VAL DA 460 -61.18 85.73 -114.88
C VAL DA 460 -61.64 84.39 -115.41
N THR DA 461 -62.93 84.26 -115.74
CA THR DA 461 -63.43 82.97 -116.24
C THR DA 461 -62.82 82.64 -117.60
N THR DA 462 -62.66 83.64 -118.47
CA THR DA 462 -62.00 83.37 -119.73
C THR DA 462 -60.56 82.94 -119.53
N HIS DA 463 -59.86 83.54 -118.55
CA HIS DA 463 -58.50 83.10 -118.26
C HIS DA 463 -58.49 81.65 -117.79
N ILE DA 464 -59.42 81.29 -116.91
CA ILE DA 464 -59.47 79.91 -116.42
C ILE DA 464 -59.76 78.94 -117.55
N ARG DA 465 -60.66 79.31 -118.46
CA ARG DA 465 -60.93 78.44 -119.60
C ARG DA 465 -59.71 78.34 -120.53
N GLU DA 466 -59.02 79.46 -120.75
CA GLU DA 466 -57.81 79.43 -121.56
C GLU DA 466 -56.70 78.62 -120.91
N ARG DA 467 -56.77 78.41 -119.60
CA ARG DA 467 -55.81 77.59 -118.89
C ARG DA 467 -56.21 76.12 -118.80
N GLU DA 468 -57.49 75.81 -118.94
CA GLU DA 468 -57.91 74.41 -118.84
C GLU DA 468 -57.29 73.57 -119.95
N GLY DA 469 -57.11 74.15 -121.13
CA GLY DA 469 -56.48 73.40 -122.20
C GLY DA 469 -55.07 72.96 -121.86
N ARG DA 470 -54.27 73.90 -121.34
CA ARG DA 470 -52.90 73.56 -120.97
C ARG DA 470 -52.86 72.55 -119.84
N THR DA 471 -53.71 72.71 -118.82
CA THR DA 471 -53.62 71.75 -117.72
C THR DA 471 -54.09 70.37 -118.14
N LYS DA 472 -55.11 70.28 -119.00
CA LYS DA 472 -55.53 68.98 -119.51
C LYS DA 472 -54.44 68.35 -120.37
N GLU DA 473 -53.76 69.16 -121.18
CA GLU DA 473 -52.67 68.66 -121.99
C GLU DA 473 -51.57 68.06 -121.12
N GLN DA 474 -51.17 68.78 -120.07
CA GLN DA 474 -50.15 68.24 -119.17
C GLN DA 474 -50.64 67.02 -118.42
N VAL DA 475 -51.92 66.99 -118.07
CA VAL DA 475 -52.48 65.82 -117.38
C VAL DA 475 -52.39 64.59 -118.27
N MET DA 476 -52.77 64.72 -119.54
CA MET DA 476 -52.64 63.60 -120.47
C MET DA 476 -51.18 63.20 -120.64
N LEU DA 477 -50.29 64.20 -120.76
CA LEU DA 477 -48.89 63.89 -121.03
C LEU DA 477 -48.23 63.20 -119.84
N LEU DA 478 -48.67 63.46 -118.62
CA LEU DA 478 -48.06 62.78 -117.47
C LEU DA 478 -48.29 61.28 -117.53
N ILE DA 479 -49.54 60.85 -117.71
CA ILE DA 479 -49.80 59.42 -117.79
C ILE DA 479 -49.24 58.85 -119.09
N ASP DA 480 -49.22 59.63 -120.16
CA ASP DA 480 -48.59 59.15 -121.39
C ASP DA 480 -47.11 58.89 -121.17
N ILE DA 481 -46.46 59.69 -120.32
CA ILE DA 481 -45.11 59.38 -119.89
C ILE DA 481 -45.08 58.10 -119.09
N GLU DA 482 -46.05 57.94 -118.19
CA GLU DA 482 -46.11 56.72 -117.37
C GLU DA 482 -46.21 55.47 -118.22
N LEU DA 483 -46.82 55.58 -119.41
CA LEU DA 483 -46.92 54.46 -120.33
C LEU DA 483 -45.62 54.17 -121.09
N ALA DA 484 -44.48 54.67 -120.63
CA ALA DA 484 -43.26 54.53 -121.42
C ALA DA 484 -42.27 53.51 -120.89
N TYR DA 485 -42.01 53.47 -119.58
CA TYR DA 485 -40.84 52.76 -119.10
C TYR DA 485 -41.15 51.56 -118.20
N MET DA 486 -42.19 51.63 -117.38
CA MET DA 486 -42.56 50.53 -116.48
C MET DA 486 -41.39 50.17 -115.55
N ASN DA 487 -41.01 51.14 -114.71
CA ASN DA 487 -39.88 50.96 -113.82
C ASN DA 487 -40.16 49.82 -112.83
N THR DA 488 -39.13 49.02 -112.57
CA THR DA 488 -39.29 47.89 -111.67
C THR DA 488 -38.14 47.83 -110.66
N ASN DA 489 -37.21 48.78 -110.69
CA ASN DA 489 -36.20 48.88 -109.65
C ASN DA 489 -36.62 49.90 -108.59
N HIS DA 490 -37.91 50.21 -108.55
CA HIS DA 490 -38.52 51.00 -107.48
C HIS DA 490 -38.69 50.09 -106.26
N GLU DA 491 -39.42 50.55 -105.26
CA GLU DA 491 -39.69 49.65 -104.15
C GLU DA 491 -40.67 48.53 -104.52
N ASP DA 492 -41.06 48.43 -105.79
CA ASP DA 492 -41.76 47.24 -106.27
C ASP DA 492 -40.93 46.00 -105.96
N PHE DA 493 -41.55 45.03 -105.31
CA PHE DA 493 -40.84 43.83 -104.91
C PHE DA 493 -40.52 42.96 -106.12
N ILE DA 494 -39.40 42.24 -106.03
CA ILE DA 494 -38.97 41.37 -107.11
C ILE DA 494 -39.96 40.23 -107.30
N PRO DA 653 -50.82 23.53 -116.00
CA PRO DA 653 -49.42 23.38 -116.41
C PRO DA 653 -48.50 24.36 -115.70
N GLN DA 654 -47.53 24.89 -116.44
CA GLN DA 654 -46.72 26.00 -115.97
C GLN DA 654 -47.38 27.34 -116.23
N LEU DA 655 -48.42 27.36 -117.07
CA LEU DA 655 -49.10 28.61 -117.40
C LEU DA 655 -49.76 29.21 -116.16
N GLU DA 656 -50.37 28.39 -115.31
CA GLU DA 656 -51.03 28.93 -114.13
C GLU DA 656 -50.03 29.60 -113.19
N ARG DA 657 -48.89 28.97 -112.95
CA ARG DA 657 -47.88 29.59 -112.10
C ARG DA 657 -47.32 30.86 -112.75
N GLN DA 658 -47.08 30.84 -114.06
CA GLN DA 658 -46.60 32.04 -114.74
C GLN DA 658 -47.61 33.17 -114.63
N VAL DA 659 -48.89 32.89 -114.83
CA VAL DA 659 -49.92 33.92 -114.77
C VAL DA 659 -50.09 34.44 -113.36
N GLU DA 660 -50.00 33.57 -112.35
CA GLU DA 660 -50.06 34.04 -110.97
C GLU DA 660 -48.89 34.96 -110.66
N THR DA 661 -47.69 34.59 -111.11
CA THR DA 661 -46.53 35.45 -110.88
C THR DA 661 -46.69 36.77 -111.62
N ILE DA 662 -47.31 36.76 -112.80
CA ILE DA 662 -47.51 38.00 -113.54
C ILE DA 662 -48.55 38.88 -112.85
N ARG DA 663 -49.60 38.28 -112.32
CA ARG DA 663 -50.64 39.06 -111.64
C ARG DA 663 -50.14 39.67 -110.34
N ASN DA 664 -49.36 38.90 -109.57
CA ASN DA 664 -48.82 39.43 -108.32
C ASN DA 664 -47.89 40.61 -108.56
N LEU DA 665 -47.38 40.77 -109.78
CA LEU DA 665 -46.56 41.92 -110.12
C LEU DA 665 -47.38 43.04 -110.76
N VAL DA 666 -48.38 42.67 -111.56
CA VAL DA 666 -49.24 43.66 -112.20
C VAL DA 666 -50.01 44.44 -111.14
N ASP DA 667 -50.53 43.75 -110.13
CA ASP DA 667 -51.24 44.45 -109.06
C ASP DA 667 -50.32 45.42 -108.34
N SER DA 668 -49.09 44.99 -108.03
CA SER DA 668 -48.16 45.87 -107.34
C SER DA 668 -47.85 47.11 -108.17
N TYR DA 669 -47.57 46.91 -109.45
CA TYR DA 669 -47.24 48.08 -110.27
C TYR DA 669 -48.46 48.97 -110.51
N MET DA 670 -49.65 48.38 -110.54
CA MET DA 670 -50.87 49.18 -110.59
C MET DA 670 -50.98 50.07 -109.37
N ALA DA 671 -50.70 49.51 -108.18
CA ALA DA 671 -50.71 50.32 -106.97
C ALA DA 671 -49.66 51.41 -107.01
N ILE DA 672 -48.46 51.09 -107.50
CA ILE DA 672 -47.37 52.06 -107.48
C ILE DA 672 -47.53 53.14 -108.53
N VAL DA 673 -48.24 52.87 -109.62
CA VAL DA 673 -48.57 53.93 -110.56
C VAL DA 673 -49.78 54.72 -110.09
N ASN DA 674 -50.69 54.09 -109.35
CA ASN DA 674 -51.79 54.84 -108.76
C ASN DA 674 -51.27 55.84 -107.74
N LYS DA 675 -50.31 55.43 -106.91
CA LYS DA 675 -49.73 56.37 -105.94
C LYS DA 675 -49.11 57.56 -106.64
N THR DA 676 -48.35 57.31 -107.72
CA THR DA 676 -47.63 58.38 -108.41
C THR DA 676 -48.55 59.29 -109.21
N VAL DA 677 -49.68 58.77 -109.72
CA VAL DA 677 -50.62 59.67 -110.38
C VAL DA 677 -51.50 60.39 -109.36
N ARG DA 678 -51.75 59.77 -108.20
CA ARG DA 678 -52.51 60.42 -107.15
C ARG DA 678 -51.74 61.55 -106.49
N ASP DA 679 -50.42 61.42 -106.40
CA ASP DA 679 -49.61 62.49 -105.84
C ASP DA 679 -49.31 63.61 -106.82
N LEU DA 680 -49.54 63.39 -108.11
CA LEU DA 680 -49.21 64.39 -109.12
C LEU DA 680 -50.41 64.87 -109.92
N MET DA 681 -51.61 64.41 -109.61
CA MET DA 681 -52.77 65.04 -110.22
C MET DA 681 -53.10 66.37 -109.56
N PRO DA 682 -53.14 66.45 -108.21
CA PRO DA 682 -53.31 67.75 -107.57
C PRO DA 682 -52.25 68.74 -108.01
N LYS DA 683 -50.98 68.37 -107.80
CA LYS DA 683 -49.88 69.28 -108.12
C LYS DA 683 -49.95 69.73 -109.57
N THR DA 684 -50.29 68.81 -110.48
CA THR DA 684 -50.40 69.18 -111.88
C THR DA 684 -51.49 70.21 -112.10
N ILE DA 685 -52.67 70.00 -111.50
CA ILE DA 685 -53.77 70.95 -111.70
C ILE DA 685 -53.39 72.33 -111.19
N MET DA 686 -52.86 72.39 -109.97
CA MET DA 686 -52.72 73.67 -109.29
C MET DA 686 -51.55 74.48 -109.84
N HIS DA 687 -50.43 73.82 -110.14
CA HIS DA 687 -49.31 74.56 -110.71
C HIS DA 687 -49.67 75.20 -112.04
N LEU DA 688 -50.66 74.65 -112.74
CA LEU DA 688 -51.09 75.22 -114.02
C LEU DA 688 -52.34 76.07 -113.89
N MET DA 689 -53.29 75.68 -113.05
CA MET DA 689 -54.57 76.36 -112.94
C MET DA 689 -54.60 77.38 -111.82
N ILE DA 690 -54.39 76.93 -110.58
CA ILE DA 690 -54.70 77.77 -109.42
C ILE DA 690 -53.53 78.69 -109.10
N ASN DA 691 -52.33 78.12 -108.95
CA ASN DA 691 -51.18 78.97 -108.69
C ASN DA 691 -50.75 79.76 -109.91
N ASN DA 692 -51.56 79.75 -110.97
CA ASN DA 692 -51.40 80.66 -112.08
C ASN DA 692 -52.54 81.66 -112.20
N THR DA 693 -53.77 81.26 -111.91
CA THR DA 693 -54.86 82.23 -111.87
C THR DA 693 -54.67 83.18 -110.70
N LYS DA 694 -54.05 82.72 -109.62
CA LYS DA 694 -53.75 83.61 -108.50
C LYS DA 694 -52.80 84.71 -108.92
N GLU DA 695 -51.72 84.34 -109.63
CA GLU DA 695 -50.80 85.35 -110.11
C GLU DA 695 -51.42 86.23 -111.18
N PHE DA 696 -52.32 85.68 -112.00
CA PHE DA 696 -53.04 86.52 -112.94
C PHE DA 696 -53.86 87.57 -112.21
N ILE DA 697 -54.55 87.17 -111.14
CA ILE DA 697 -55.33 88.10 -110.35
C ILE DA 697 -54.43 89.18 -109.75
N PHE DA 698 -53.32 88.76 -109.15
CA PHE DA 698 -52.45 89.68 -108.43
C PHE DA 698 -51.60 90.55 -109.34
N SER DA 699 -51.46 90.21 -110.62
CA SER DA 699 -50.60 90.97 -111.51
C SER DA 699 -51.32 91.62 -112.68
N GLU DA 700 -52.09 90.83 -113.45
CA GLU DA 700 -52.52 91.24 -114.77
C GLU DA 700 -53.96 91.75 -114.82
N LEU DA 701 -54.77 91.47 -113.80
CA LEU DA 701 -56.18 91.87 -113.84
C LEU DA 701 -56.32 93.38 -113.92
N LEU DA 702 -55.49 94.10 -113.15
CA LEU DA 702 -55.58 95.55 -113.12
C LEU DA 702 -55.31 96.15 -114.50
N ALA DA 703 -54.32 95.62 -115.21
CA ALA DA 703 -54.01 96.14 -116.54
C ALA DA 703 -55.18 95.98 -117.49
N ASN DA 704 -55.78 94.78 -117.52
CA ASN DA 704 -56.90 94.56 -118.42
C ASN DA 704 -58.07 95.46 -118.08
N LEU DA 705 -58.40 95.55 -116.79
CA LEU DA 705 -59.54 96.36 -116.38
C LEU DA 705 -59.33 97.84 -116.70
N TYR DA 706 -58.12 98.35 -116.48
CA TYR DA 706 -57.89 99.76 -116.77
C TYR DA 706 -57.77 100.02 -118.26
N SER DA 707 -57.32 99.02 -119.03
CA SER DA 707 -57.09 99.21 -120.46
C SER DA 707 -58.36 99.05 -121.28
N CYS DA 708 -59.35 98.30 -120.80
CA CYS DA 708 -60.59 98.18 -121.54
C CYS DA 708 -61.27 99.54 -121.64
N GLY DA 709 -61.94 99.77 -122.76
CA GLY DA 709 -62.41 101.09 -123.10
C GLY DA 709 -63.55 101.58 -122.24
N ASP DA 710 -63.81 102.88 -122.37
CA ASP DA 710 -64.92 103.56 -121.71
C ASP DA 710 -64.83 103.42 -120.18
N GLN DA 711 -63.77 104.06 -119.66
CA GLN DA 711 -63.58 104.16 -118.22
C GLN DA 711 -64.79 104.72 -117.51
N ASN DA 712 -65.48 105.67 -118.13
CA ASN DA 712 -66.62 106.31 -117.49
C ASN DA 712 -67.77 105.33 -117.27
N THR DA 713 -67.87 104.30 -118.11
CA THR DA 713 -68.93 103.30 -117.96
C THR DA 713 -68.47 102.01 -117.33
N LEU DA 714 -67.17 101.78 -117.21
CA LEU DA 714 -66.72 100.60 -116.48
C LEU DA 714 -67.12 100.69 -115.01
N MET DA 715 -67.07 101.89 -114.43
CA MET DA 715 -67.55 102.14 -113.07
C MET DA 715 -68.87 102.90 -113.19
N GLU DA 716 -69.97 102.16 -113.20
CA GLU DA 716 -71.30 102.74 -113.11
C GLU DA 716 -71.69 102.84 -111.64
N GLU DA 717 -72.01 104.04 -111.19
CA GLU DA 717 -72.65 104.19 -109.90
C GLU DA 717 -73.99 103.47 -109.91
N SER DA 718 -74.17 102.54 -108.99
CA SER DA 718 -75.46 101.91 -108.84
C SER DA 718 -76.41 102.86 -108.14
N ALA DA 719 -77.70 102.77 -108.49
CA ALA DA 719 -78.69 103.62 -107.85
C ALA DA 719 -78.65 103.46 -106.34
N GLU DA 720 -78.40 102.24 -105.86
CA GLU DA 720 -78.36 102.01 -104.42
C GLU DA 720 -77.29 102.84 -103.75
N GLN DA 721 -76.04 102.76 -104.24
CA GLN DA 721 -74.98 103.48 -103.55
C GLN DA 721 -75.08 104.97 -103.80
N ALA DA 722 -75.58 105.39 -104.97
CA ALA DA 722 -75.70 106.83 -105.22
C ALA DA 722 -76.76 107.47 -104.35
N GLN DA 723 -77.94 106.84 -104.25
CA GLN DA 723 -78.97 107.34 -103.35
C GLN DA 723 -78.51 107.30 -101.91
N ARG DA 724 -77.83 106.22 -101.51
CA ARG DA 724 -77.32 106.13 -100.14
C ARG DA 724 -76.33 107.26 -99.87
N ARG DA 725 -75.44 107.55 -100.82
CA ARG DA 725 -74.45 108.59 -100.64
C ARG DA 725 -75.09 109.96 -100.52
N ASP DA 726 -76.05 110.27 -101.39
CA ASP DA 726 -76.72 111.55 -101.30
C ASP DA 726 -77.50 111.69 -100.00
N GLU DA 727 -78.14 110.60 -99.56
CA GLU DA 727 -78.90 110.66 -98.33
C GLU DA 727 -77.98 110.79 -97.12
N MET DA 728 -76.79 110.18 -97.17
CA MET DA 728 -75.75 110.46 -96.18
C MET DA 728 -75.38 111.94 -96.16
N LEU DA 729 -75.21 112.54 -97.33
CA LEU DA 729 -74.83 113.96 -97.36
C LEU DA 729 -75.91 114.82 -96.72
N ARG DA 730 -77.18 114.56 -97.07
CA ARG DA 730 -78.27 115.33 -96.50
C ARG DA 730 -78.38 115.08 -94.99
N MET DA 731 -78.15 113.84 -94.56
CA MET DA 731 -78.19 113.52 -93.13
C MET DA 731 -77.11 114.26 -92.37
N TYR DA 732 -75.90 114.32 -92.93
CA TYR DA 732 -74.81 115.04 -92.29
C TYR DA 732 -75.13 116.52 -92.18
N HIS DA 733 -75.68 117.12 -93.24
CA HIS DA 733 -76.03 118.54 -93.17
C HIS DA 733 -77.13 118.78 -92.13
N ALA DA 734 -78.13 117.89 -92.09
CA ALA DA 734 -79.20 118.05 -91.11
C ALA DA 734 -78.67 117.91 -89.68
N LEU DA 735 -77.76 116.98 -89.45
CA LEU DA 735 -77.17 116.84 -88.12
C LEU DA 735 -76.33 118.06 -87.76
N LYS DA 736 -75.62 118.64 -88.73
CA LYS DA 736 -74.89 119.87 -88.47
C LYS DA 736 -75.85 120.99 -88.04
N GLU DA 737 -76.98 121.12 -88.74
CA GLU DA 737 -77.97 122.12 -88.36
C GLU DA 737 -78.53 121.84 -86.98
N ALA DA 738 -78.78 120.58 -86.65
CA ALA DA 738 -79.33 120.23 -85.34
C ALA DA 738 -78.36 120.58 -84.22
N LEU DA 739 -77.06 120.30 -84.42
CA LEU DA 739 -76.09 120.68 -83.40
C LEU DA 739 -75.91 122.18 -83.31
N SER DA 740 -76.04 122.91 -84.41
CA SER DA 740 -76.02 124.37 -84.33
C SER DA 740 -77.21 124.87 -83.53
N ILE DA 741 -78.38 124.25 -83.71
CA ILE DA 741 -79.57 124.65 -82.95
C ILE DA 741 -79.39 124.35 -81.47
N ILE DA 742 -78.80 123.19 -81.14
CA ILE DA 742 -78.50 122.90 -79.74
C ILE DA 742 -77.56 123.96 -79.17
N GLY DA 743 -76.55 124.34 -79.94
CA GLY DA 743 -75.62 125.36 -79.48
C GLY DA 743 -76.32 126.68 -79.20
N ASN DA 744 -77.19 127.11 -80.12
CA ASN DA 744 -77.85 128.40 -79.97
C ASN DA 744 -79.06 128.37 -79.05
N ILE DA 745 -79.48 127.19 -78.59
CA ILE DA 745 -80.57 127.08 -77.64
C ILE DA 745 -80.06 126.88 -76.22
N ASN DA 746 -79.02 126.07 -76.05
CA ASN DA 746 -78.46 125.83 -74.72
C ASN DA 746 -77.96 127.12 -74.08
N THR DA 747 -77.62 128.13 -74.89
CA THR DA 747 -77.20 129.42 -74.37
C THR DA 747 -78.39 130.24 -73.90
N ILE EA 10 -137.02 116.96 -17.28
CA ILE EA 10 -135.84 116.11 -17.27
C ILE EA 10 -136.23 114.70 -17.71
N PRO EA 11 -135.36 114.04 -18.46
CA PRO EA 11 -135.69 112.74 -19.02
C PRO EA 11 -135.89 111.66 -17.95
N LEU EA 12 -136.83 110.76 -18.22
CA LEU EA 12 -137.17 109.71 -17.29
C LEU EA 12 -136.03 108.72 -17.12
N VAL EA 13 -135.19 108.55 -18.14
CA VAL EA 13 -134.01 107.69 -17.97
C VAL EA 13 -133.04 108.32 -16.97
N ASN EA 14 -132.86 109.63 -17.02
CA ASN EA 14 -132.08 110.32 -15.99
C ASN EA 14 -132.71 110.16 -14.62
N ARG EA 15 -134.03 110.29 -14.52
CA ARG EA 15 -134.67 110.14 -13.22
C ARG EA 15 -134.50 108.71 -12.70
N LEU EA 16 -134.60 107.72 -13.58
CA LEU EA 16 -134.39 106.34 -13.19
C LEU EA 16 -132.97 106.12 -12.70
N GLN EA 17 -131.98 106.71 -13.38
CA GLN EA 17 -130.60 106.59 -12.92
C GLN EA 17 -130.40 107.28 -11.58
N ASP EA 18 -131.06 108.41 -11.38
CA ASP EA 18 -131.02 109.06 -10.08
C ASP EA 18 -131.56 108.16 -8.99
N ALA EA 19 -132.70 107.50 -9.27
CA ALA EA 19 -133.27 106.58 -8.29
C ALA EA 19 -132.35 105.39 -8.04
N PHE EA 20 -131.68 104.91 -9.08
CA PHE EA 20 -130.74 103.81 -8.91
C PHE EA 20 -129.57 104.21 -8.02
N SER EA 21 -129.03 105.41 -8.25
CA SER EA 21 -127.97 105.91 -7.37
C SER EA 21 -128.48 106.07 -5.94
N ALA EA 22 -129.73 106.51 -5.79
CA ALA EA 22 -130.30 106.68 -4.45
C ALA EA 22 -130.39 105.34 -3.72
N ILE EA 23 -130.91 104.30 -4.40
CA ILE EA 23 -130.96 103.00 -3.76
C ILE EA 23 -129.55 102.45 -3.55
N GLY EA 24 -128.57 102.94 -4.31
CA GLY EA 24 -127.18 102.63 -4.07
C GLY EA 24 -126.76 101.20 -4.32
N GLN EA 25 -127.69 100.31 -4.64
CA GLN EA 25 -127.32 98.95 -4.99
C GLN EA 25 -126.50 98.96 -6.27
N ASN EA 26 -125.57 98.01 -6.38
CA ASN EA 26 -124.61 97.98 -7.48
C ASN EA 26 -125.30 97.49 -8.76
N ALA EA 27 -126.32 98.23 -9.17
CA ALA EA 27 -127.06 97.96 -10.38
C ALA EA 27 -126.89 99.12 -11.36
N ASP EA 28 -127.07 98.81 -12.64
CA ASP EA 28 -126.91 99.81 -13.69
C ASP EA 28 -127.88 99.52 -14.81
N LEU EA 29 -128.25 100.56 -15.55
CA LEU EA 29 -129.17 100.40 -16.67
C LEU EA 29 -128.53 99.72 -17.86
N ASP EA 30 -127.20 99.57 -17.85
CA ASP EA 30 -126.47 98.87 -18.91
C ASP EA 30 -126.66 99.53 -20.27
N LEU EA 31 -126.36 100.82 -20.33
CA LEU EA 31 -126.42 101.54 -21.59
C LEU EA 31 -125.25 101.14 -22.49
N PRO EA 32 -125.42 101.20 -23.80
CA PRO EA 32 -124.28 100.99 -24.70
C PRO EA 32 -123.31 102.16 -24.64
N GLN EA 33 -122.05 101.87 -24.91
CA GLN EA 33 -121.06 102.94 -24.94
C GLN EA 33 -121.22 103.76 -26.22
N ILE EA 34 -120.65 104.96 -26.20
CA ILE EA 34 -120.70 105.86 -27.34
C ILE EA 34 -119.27 106.15 -27.78
N ALA EA 35 -119.03 106.10 -29.08
CA ALA EA 35 -117.72 106.43 -29.62
C ALA EA 35 -117.91 107.52 -30.68
N VAL EA 36 -117.13 108.59 -30.58
CA VAL EA 36 -117.18 109.68 -31.55
C VAL EA 36 -115.99 109.54 -32.48
N VAL EA 37 -116.25 109.46 -33.79
CA VAL EA 37 -115.20 109.22 -34.76
C VAL EA 37 -115.44 110.10 -35.98
N GLY EA 38 -114.36 110.40 -36.69
CA GLY EA 38 -114.43 111.24 -37.87
C GLY EA 38 -113.05 111.53 -38.40
N GLY EA 39 -113.01 112.45 -39.36
CA GLY EA 39 -111.73 112.88 -39.90
C GLY EA 39 -111.03 113.86 -39.00
N GLN EA 40 -109.76 114.09 -39.29
CA GLN EA 40 -109.00 115.06 -38.52
C GLN EA 40 -109.56 116.46 -38.71
N SER EA 41 -109.65 117.22 -37.62
CA SER EA 41 -110.22 118.56 -37.58
C SER EA 41 -111.69 118.58 -37.99
N ALA EA 42 -112.40 117.47 -37.79
CA ALA EA 42 -113.83 117.45 -38.09
C ALA EA 42 -114.63 118.26 -37.07
N GLY EA 43 -114.32 118.09 -35.79
CA GLY EA 43 -115.10 118.72 -34.74
C GLY EA 43 -115.56 117.72 -33.70
N LYS EA 44 -114.90 116.57 -33.67
CA LYS EA 44 -115.33 115.45 -32.83
C LYS EA 44 -115.29 115.82 -31.35
N SER EA 45 -114.16 116.34 -30.88
CA SER EA 45 -114.03 116.70 -29.47
C SER EA 45 -115.01 117.80 -29.09
N SER EA 46 -115.21 118.77 -29.97
CA SER EA 46 -116.13 119.86 -29.67
C SER EA 46 -117.56 119.34 -29.54
N VAL EA 47 -117.99 118.46 -30.46
CA VAL EA 47 -119.32 117.87 -30.35
C VAL EA 47 -119.44 117.08 -29.06
N LEU EA 48 -118.41 116.32 -28.70
CA LEU EA 48 -118.47 115.52 -27.48
C LEU EA 48 -118.62 116.42 -26.25
N GLU EA 49 -117.84 117.49 -26.17
CA GLU EA 49 -117.93 118.34 -24.97
C GLU EA 49 -119.25 119.09 -24.94
N ASN EA 50 -119.78 119.48 -26.11
CA ASN EA 50 -121.07 120.15 -26.11
C ASN EA 50 -122.20 119.21 -25.73
N PHE EA 51 -122.07 117.93 -26.08
CA PHE EA 51 -123.04 116.94 -25.62
C PHE EA 51 -122.94 116.72 -24.12
N VAL EA 52 -121.71 116.71 -23.59
CA VAL EA 52 -121.54 116.61 -22.14
C VAL EA 52 -122.17 117.81 -21.45
N GLY EA 53 -121.94 119.01 -21.97
CA GLY EA 53 -122.48 120.23 -21.43
C GLY EA 53 -121.45 121.14 -20.80
N ARG EA 54 -120.24 120.65 -20.57
CA ARG EA 54 -119.21 121.40 -19.87
C ARG EA 54 -117.89 121.27 -20.60
N ASP EA 55 -117.15 122.38 -20.69
CA ASP EA 55 -115.98 122.49 -21.57
C ASP EA 55 -114.74 121.99 -20.83
N PHE EA 56 -114.33 120.76 -21.12
CA PHE EA 56 -113.15 120.18 -20.48
C PHE EA 56 -112.34 119.34 -21.46
N LEU EA 57 -112.36 119.67 -22.74
CA LEU EA 57 -111.67 118.87 -23.74
C LEU EA 57 -110.74 119.74 -24.58
N PRO EA 58 -109.61 119.18 -25.01
CA PRO EA 58 -108.66 119.93 -25.84
C PRO EA 58 -109.25 120.16 -27.23
N ARG EA 59 -109.32 121.43 -27.63
CA ARG EA 59 -109.92 121.80 -28.91
C ARG EA 59 -109.09 122.90 -29.55
N GLY EA 60 -108.48 122.60 -30.70
CA GLY EA 60 -107.72 123.59 -31.43
C GLY EA 60 -107.46 123.12 -32.85
N SER EA 61 -106.90 124.01 -33.65
CA SER EA 61 -106.55 123.68 -35.01
C SER EA 61 -105.37 122.71 -35.04
N GLY EA 62 -105.28 121.96 -36.12
CA GLY EA 62 -104.25 120.95 -36.23
C GLY EA 62 -104.63 119.67 -35.52
N ILE EA 63 -103.63 118.86 -35.22
CA ILE EA 63 -103.84 117.62 -34.47
C ILE EA 63 -103.88 117.95 -32.99
N VAL EA 64 -105.00 117.63 -32.35
CA VAL EA 64 -105.21 117.98 -30.95
C VAL EA 64 -105.55 116.74 -30.15
N THR EA 65 -106.66 116.08 -30.50
CA THR EA 65 -107.11 114.88 -29.82
C THR EA 65 -106.21 113.72 -30.26
N ARG EA 66 -105.03 113.63 -29.64
CA ARG EA 66 -103.99 112.71 -30.09
C ARG EA 66 -103.86 111.49 -29.18
N ARG EA 67 -104.90 111.14 -28.42
CA ARG EA 67 -104.85 109.96 -27.58
C ARG EA 67 -106.28 109.58 -27.19
N PRO EA 68 -106.64 108.30 -27.26
CA PRO EA 68 -108.04 107.91 -27.03
C PRO EA 68 -108.48 108.19 -25.61
N LEU EA 69 -109.42 109.11 -25.46
CA LEU EA 69 -109.95 109.50 -24.16
C LEU EA 69 -111.19 108.68 -23.86
N VAL EA 70 -111.11 107.80 -22.87
CA VAL EA 70 -112.24 106.99 -22.43
C VAL EA 70 -112.87 107.73 -21.26
N LEU EA 71 -113.86 108.56 -21.57
CA LEU EA 71 -114.67 109.26 -20.60
C LEU EA 71 -115.73 108.33 -20.01
N GLN EA 72 -115.98 108.48 -18.72
CA GLN EA 72 -117.11 107.83 -18.07
C GLN EA 72 -117.89 108.87 -17.29
N LEU EA 73 -119.01 109.31 -17.85
CA LEU EA 73 -119.94 110.16 -17.10
C LEU EA 73 -120.72 109.28 -16.12
N VAL EA 74 -120.66 109.64 -14.85
CA VAL EA 74 -121.38 108.90 -13.80
C VAL EA 74 -122.17 109.89 -12.96
N ASN EA 75 -123.10 109.35 -12.19
CA ASN EA 75 -124.02 110.16 -11.40
C ASN EA 75 -123.59 110.18 -9.93
N ALA EA 76 -123.63 111.37 -9.34
CA ALA EA 76 -123.30 111.55 -7.94
C ALA EA 76 -123.92 112.85 -7.47
N THR EA 77 -123.64 113.20 -6.21
CA THR EA 77 -124.27 114.39 -5.62
C THR EA 77 -123.81 115.67 -6.30
N THR EA 78 -122.49 115.85 -6.44
CA THR EA 78 -121.95 117.05 -7.07
C THR EA 78 -120.76 116.67 -7.95
N GLU EA 79 -120.38 117.60 -8.81
CA GLU EA 79 -119.52 117.32 -9.95
C GLU EA 79 -118.05 117.49 -9.64
N TYR EA 80 -117.24 116.57 -10.16
CA TYR EA 80 -115.79 116.68 -10.18
C TYR EA 80 -115.29 115.70 -11.24
N ALA EA 81 -113.97 115.51 -11.29
CA ALA EA 81 -113.39 114.60 -12.26
C ALA EA 81 -112.17 113.92 -11.65
N GLU EA 82 -111.96 112.66 -12.02
CA GLU EA 82 -110.81 111.90 -11.57
C GLU EA 82 -110.21 111.11 -12.72
N PHE EA 83 -108.89 111.11 -12.81
CA PHE EA 83 -108.18 110.31 -13.78
C PHE EA 83 -107.84 108.96 -13.14
N LEU EA 84 -107.02 108.16 -13.83
CA LEU EA 84 -106.49 106.94 -13.25
C LEU EA 84 -104.97 107.01 -13.06
N HIS EA 85 -104.42 108.21 -13.01
CA HIS EA 85 -103.02 108.40 -12.67
C HIS EA 85 -102.83 109.36 -11.50
N CYS EA 86 -103.66 110.40 -11.41
CA CYS EA 86 -103.65 111.29 -10.24
C CYS EA 86 -104.59 110.74 -9.16
N LYS EA 87 -104.31 109.51 -8.75
CA LYS EA 87 -105.18 108.80 -7.82
C LYS EA 87 -105.33 109.58 -6.52
N GLY EA 88 -106.58 109.72 -6.07
CA GLY EA 88 -106.90 110.50 -4.89
C GLY EA 88 -107.26 111.94 -5.20
N LYS EA 89 -106.59 112.53 -6.19
CA LYS EA 89 -106.85 113.92 -6.54
C LYS EA 89 -108.24 114.05 -7.16
N LYS EA 90 -108.89 115.19 -6.89
CA LYS EA 90 -110.23 115.47 -7.37
C LYS EA 90 -110.20 116.78 -8.15
N PHE EA 91 -109.90 116.68 -9.45
CA PHE EA 91 -109.93 117.85 -10.31
C PHE EA 91 -111.33 118.44 -10.33
N THR EA 92 -111.42 119.74 -10.17
CA THR EA 92 -112.72 120.40 -10.05
C THR EA 92 -112.92 121.51 -11.07
N ASP EA 93 -111.89 122.27 -11.39
CA ASP EA 93 -112.00 123.32 -12.39
C ASP EA 93 -111.51 122.81 -13.73
N PHE EA 94 -112.34 123.03 -14.75
CA PHE EA 94 -112.16 122.35 -16.03
C PHE EA 94 -111.01 122.91 -16.85
N GLU EA 95 -110.56 124.13 -16.58
CA GLU EA 95 -109.31 124.58 -17.15
C GLU EA 95 -108.16 123.70 -16.68
N GLU EA 96 -108.11 123.41 -15.37
CA GLU EA 96 -107.12 122.48 -14.86
C GLU EA 96 -107.31 121.09 -15.44
N VAL EA 97 -108.57 120.67 -15.61
CA VAL EA 97 -108.81 119.35 -16.18
C VAL EA 97 -108.25 119.27 -17.60
N ARG EA 98 -108.50 120.28 -18.42
CA ARG EA 98 -108.01 120.28 -19.79
C ARG EA 98 -106.49 120.34 -19.84
N LEU EA 99 -105.88 121.17 -18.99
CA LEU EA 99 -104.42 121.24 -18.96
C LEU EA 99 -103.82 119.89 -18.55
N GLU EA 100 -104.42 119.24 -17.57
CA GLU EA 100 -103.95 117.90 -17.18
C GLU EA 100 -104.11 116.92 -18.32
N ILE EA 101 -105.21 117.01 -19.06
CA ILE EA 101 -105.42 116.09 -20.19
C ILE EA 101 -104.32 116.26 -21.23
N GLU EA 102 -104.05 117.50 -21.62
CA GLU EA 102 -103.05 117.72 -22.67
C GLU EA 102 -101.66 117.35 -22.17
N ALA EA 103 -101.35 117.65 -20.90
CA ALA EA 103 -100.06 117.24 -20.35
C ALA EA 103 -99.92 115.73 -20.32
N GLU EA 104 -100.99 115.02 -19.96
CA GLU EA 104 -100.95 113.56 -19.95
C GLU EA 104 -100.73 113.01 -21.35
N THR EA 105 -101.38 113.60 -22.35
CA THR EA 105 -101.14 113.18 -23.73
C THR EA 105 -99.69 113.38 -24.11
N ASP EA 106 -99.14 114.55 -23.79
CA ASP EA 106 -97.78 114.87 -24.18
C ASP EA 106 -96.76 113.98 -23.49
N ARG EA 107 -97.03 113.61 -22.24
CA ARG EA 107 -96.04 112.86 -21.46
C ARG EA 107 -95.71 111.50 -22.05
N VAL EA 108 -96.55 110.97 -22.94
CA VAL EA 108 -96.29 109.72 -23.61
C VAL EA 108 -96.15 109.88 -25.12
N THR EA 109 -96.96 110.75 -25.73
CA THR EA 109 -96.90 110.90 -27.18
C THR EA 109 -95.68 111.71 -27.61
N GLY EA 110 -95.33 112.73 -26.86
CA GLY EA 110 -94.32 113.68 -27.28
C GLY EA 110 -94.93 114.98 -27.78
N THR EA 111 -94.05 115.94 -28.03
CA THR EA 111 -94.46 117.29 -28.44
C THR EA 111 -94.18 117.54 -29.91
N ASN EA 112 -94.35 116.53 -30.75
CA ASN EA 112 -94.15 116.66 -32.19
C ASN EA 112 -95.27 115.94 -32.94
N LYS EA 113 -96.50 116.13 -32.48
CA LYS EA 113 -97.70 115.61 -33.14
C LYS EA 113 -97.74 114.10 -33.19
N GLY EA 114 -96.97 113.41 -32.36
CA GLY EA 114 -97.09 111.98 -32.25
C GLY EA 114 -98.36 111.57 -31.53
N ILE EA 115 -98.76 110.31 -31.72
CA ILE EA 115 -99.95 109.77 -31.09
C ILE EA 115 -99.59 108.47 -30.37
N SER EA 116 -100.51 108.01 -29.52
CA SER EA 116 -100.32 106.80 -28.74
C SER EA 116 -101.67 106.14 -28.54
N PRO EA 117 -101.78 104.83 -28.80
CA PRO EA 117 -103.07 104.14 -28.67
C PRO EA 117 -103.48 103.83 -27.23
N VAL EA 118 -102.64 104.11 -26.25
CA VAL EA 118 -102.94 103.78 -24.85
C VAL EA 118 -104.03 104.72 -24.32
N PRO EA 119 -105.15 104.17 -23.85
CA PRO EA 119 -106.28 105.03 -23.49
C PRO EA 119 -106.03 105.84 -22.23
N ILE EA 120 -106.55 107.07 -22.22
CA ILE EA 120 -106.62 107.89 -21.03
C ILE EA 120 -107.98 107.65 -20.39
N ASN EA 121 -107.99 106.97 -19.25
CA ASN EA 121 -109.23 106.63 -18.56
C ASN EA 121 -109.61 107.78 -17.63
N LEU EA 122 -110.71 108.46 -17.94
CA LEU EA 122 -111.15 109.60 -17.15
C LEU EA 122 -112.59 109.37 -16.71
N ARG EA 123 -112.95 109.88 -15.54
CA ARG EA 123 -114.29 109.75 -15.02
C ARG EA 123 -114.78 111.10 -14.53
N VAL EA 124 -116.00 111.45 -14.90
CA VAL EA 124 -116.62 112.70 -14.48
C VAL EA 124 -117.86 112.36 -13.68
N TYR EA 125 -118.14 113.14 -12.64
CA TYR EA 125 -119.33 112.98 -11.84
C TYR EA 125 -120.28 114.14 -12.11
N SER EA 126 -121.57 113.87 -12.13
CA SER EA 126 -122.56 114.89 -12.43
C SER EA 126 -123.88 114.48 -11.80
N PRO EA 127 -124.75 115.45 -11.48
CA PRO EA 127 -125.99 115.09 -10.76
C PRO EA 127 -127.04 114.40 -11.63
N HIS EA 128 -127.11 114.73 -12.92
CA HIS EA 128 -128.21 114.26 -13.76
C HIS EA 128 -127.71 113.72 -15.09
N VAL EA 129 -126.73 112.82 -15.04
CA VAL EA 129 -126.24 112.16 -16.25
C VAL EA 129 -126.30 110.67 -16.04
N LEU EA 130 -126.37 109.93 -17.15
CA LEU EA 130 -126.34 108.49 -17.12
C LEU EA 130 -124.94 108.00 -16.77
N ASN EA 131 -124.85 106.71 -16.44
CA ASN EA 131 -123.55 106.04 -16.35
C ASN EA 131 -123.06 105.69 -17.76
N LEU EA 132 -122.79 106.74 -18.52
CA LEU EA 132 -122.42 106.58 -19.90
C LEU EA 132 -120.95 106.19 -20.01
N THR EA 133 -120.51 105.88 -21.22
CA THR EA 133 -119.11 105.57 -21.51
C THR EA 133 -118.78 106.19 -22.86
N LEU EA 134 -118.27 107.41 -22.81
CA LEU EA 134 -117.92 108.14 -24.03
C LEU EA 134 -116.49 107.82 -24.42
N VAL EA 135 -116.22 107.80 -25.72
CA VAL EA 135 -114.89 107.52 -26.23
C VAL EA 135 -114.58 108.57 -27.29
N ASP EA 136 -113.68 109.49 -26.98
CA ASP EA 136 -113.14 110.41 -27.96
C ASP EA 136 -111.88 109.79 -28.56
N LEU EA 137 -111.75 109.90 -29.87
CA LEU EA 137 -110.68 109.24 -30.61
C LEU EA 137 -109.99 110.25 -31.52
N PRO EA 138 -108.74 109.99 -31.88
CA PRO EA 138 -108.08 110.83 -32.89
C PRO EA 138 -108.73 110.69 -34.24
N GLY EA 139 -108.65 111.77 -35.03
CA GLY EA 139 -109.16 111.73 -36.38
C GLY EA 139 -108.31 110.86 -37.28
N MET EA 140 -108.85 110.59 -38.46
CA MET EA 140 -108.20 109.71 -39.42
C MET EA 140 -107.35 110.52 -40.39
N THR EA 141 -106.08 110.14 -40.51
CA THR EA 141 -105.14 110.81 -41.40
C THR EA 141 -104.46 109.78 -42.27
N LYS EA 142 -103.99 110.21 -43.45
CA LYS EA 142 -103.32 109.32 -44.38
C LYS EA 142 -101.82 109.57 -44.48
N VAL EA 143 -101.40 110.83 -44.59
CA VAL EA 143 -99.98 111.19 -44.69
C VAL EA 143 -99.46 111.50 -43.30
N PRO EA 144 -98.41 110.83 -42.83
CA PRO EA 144 -97.82 111.18 -41.54
C PRO EA 144 -97.25 112.58 -41.55
N VAL EA 145 -97.35 113.26 -40.41
CA VAL EA 145 -96.81 114.60 -40.22
C VAL EA 145 -96.01 114.59 -38.92
N GLY EA 146 -94.99 115.44 -38.87
CA GLY EA 146 -94.13 115.45 -37.70
C GLY EA 146 -93.31 114.18 -37.63
N ASP EA 147 -93.37 113.51 -36.47
CA ASP EA 147 -92.59 112.30 -36.25
C ASP EA 147 -93.44 111.04 -36.22
N GLN EA 148 -94.66 111.11 -36.76
CA GLN EA 148 -95.50 109.92 -36.78
C GLN EA 148 -94.89 108.85 -37.69
N PRO EA 149 -95.11 107.58 -37.38
CA PRO EA 149 -94.60 106.51 -38.24
C PRO EA 149 -95.27 106.54 -39.60
N PRO EA 150 -94.64 105.99 -40.63
CA PRO EA 150 -95.22 106.06 -41.98
C PRO EA 150 -96.58 105.38 -42.10
N ASP EA 151 -96.91 104.44 -41.21
CA ASP EA 151 -98.19 103.74 -41.25
C ASP EA 151 -99.20 104.34 -40.29
N ILE EA 152 -99.16 105.67 -40.12
CA ILE EA 152 -100.06 106.34 -39.19
C ILE EA 152 -101.51 106.12 -39.56
N GLU EA 153 -101.80 105.99 -40.86
CA GLU EA 153 -103.18 105.75 -41.28
C GLU EA 153 -103.70 104.44 -40.73
N PHE EA 154 -102.95 103.36 -40.95
CA PHE EA 154 -103.37 102.06 -40.42
C PHE EA 154 -103.38 102.05 -38.90
N GLN EA 155 -102.44 102.76 -38.28
CA GLN EA 155 -102.39 102.82 -36.83
C GLN EA 155 -103.67 103.44 -36.27
N ILE EA 156 -104.05 104.62 -36.76
CA ILE EA 156 -105.29 105.24 -36.29
C ILE EA 156 -106.48 104.37 -36.65
N ARG EA 157 -106.49 103.80 -37.86
CA ARG EA 157 -107.62 103.00 -38.31
C ARG EA 157 -107.89 101.85 -37.36
N ASP EA 158 -106.92 100.94 -37.20
CA ASP EA 158 -107.18 99.78 -36.35
C ASP EA 158 -107.27 100.18 -34.88
N MET EA 159 -106.63 101.28 -34.49
CA MET EA 159 -106.72 101.74 -33.12
C MET EA 159 -108.16 102.14 -32.76
N LEU EA 160 -108.85 102.82 -33.66
CA LEU EA 160 -110.25 103.13 -33.39
C LEU EA 160 -111.18 101.99 -33.77
N MET EA 161 -110.75 101.09 -34.66
CA MET EA 161 -111.54 99.92 -34.98
C MET EA 161 -111.67 99.00 -33.77
N GLN EA 162 -110.59 98.85 -33.00
CA GLN EA 162 -110.64 98.03 -31.81
C GLN EA 162 -111.63 98.56 -30.77
N PHE EA 163 -112.04 99.82 -30.88
CA PHE EA 163 -113.05 100.38 -29.99
C PHE EA 163 -114.43 100.43 -30.62
N VAL EA 164 -114.54 100.53 -31.95
CA VAL EA 164 -115.84 100.71 -32.58
C VAL EA 164 -116.45 99.36 -32.96
N THR EA 165 -115.62 98.42 -33.42
CA THR EA 165 -116.15 97.17 -33.97
C THR EA 165 -116.89 96.34 -32.94
N LYS EA 166 -116.70 96.60 -31.65
CA LYS EA 166 -117.48 95.90 -30.64
C LYS EA 166 -118.94 96.34 -30.70
N GLU EA 167 -119.83 95.44 -30.32
CA GLU EA 167 -121.25 95.72 -30.30
C GLU EA 167 -121.55 96.68 -29.15
N ASN EA 168 -122.82 97.08 -29.02
CA ASN EA 168 -123.30 98.07 -28.06
C ASN EA 168 -122.36 99.28 -28.02
N CYS EA 169 -121.92 99.72 -29.19
CA CYS EA 169 -121.04 100.88 -29.33
C CYS EA 169 -121.67 101.79 -30.38
N LEU EA 170 -122.51 102.72 -29.91
CA LEU EA 170 -123.09 103.71 -30.82
C LEU EA 170 -121.96 104.53 -31.44
N ILE EA 171 -122.17 104.93 -32.68
CA ILE EA 171 -121.16 105.65 -33.44
C ILE EA 171 -121.68 107.05 -33.74
N LEU EA 172 -120.87 108.05 -33.44
CA LEU EA 172 -121.12 109.42 -33.86
C LEU EA 172 -120.16 109.71 -35.00
N ALA EA 173 -120.67 109.65 -36.23
CA ALA EA 173 -119.88 109.90 -37.43
C ALA EA 173 -119.89 111.41 -37.67
N VAL EA 174 -118.78 112.05 -37.35
CA VAL EA 174 -118.65 113.49 -37.47
C VAL EA 174 -118.07 113.82 -38.83
N SER EA 175 -118.72 114.71 -39.56
CA SER EA 175 -118.18 115.16 -40.82
C SER EA 175 -118.36 116.66 -40.94
N PRO EA 176 -117.36 117.37 -41.46
CA PRO EA 176 -117.53 118.79 -41.71
C PRO EA 176 -118.45 119.04 -42.88
N ALA EA 177 -119.01 120.24 -42.92
CA ALA EA 177 -119.79 120.68 -44.06
C ALA EA 177 -118.92 121.35 -45.11
N ASN EA 178 -117.61 121.39 -44.89
CA ASN EA 178 -116.70 122.02 -45.84
C ASN EA 178 -116.37 121.06 -46.99
N SER EA 179 -115.76 119.94 -46.67
CA SER EA 179 -115.50 118.91 -47.68
C SER EA 179 -116.81 118.29 -48.14
N ASP EA 180 -116.83 117.85 -49.39
CA ASP EA 180 -117.98 117.12 -49.89
C ASP EA 180 -118.17 115.85 -49.08
N LEU EA 181 -119.43 115.50 -48.82
CA LEU EA 181 -119.74 114.41 -47.91
C LEU EA 181 -119.14 113.09 -48.39
N ALA EA 182 -118.90 112.97 -49.69
CA ALA EA 182 -118.38 111.73 -50.25
C ALA EA 182 -116.99 111.36 -49.70
N ASN EA 183 -116.27 112.33 -49.13
CA ASN EA 183 -114.93 112.08 -48.62
C ASN EA 183 -114.92 111.66 -47.16
N SER EA 184 -116.08 111.50 -46.53
CA SER EA 184 -116.15 111.37 -45.08
C SER EA 184 -115.46 110.11 -44.56
N ASP EA 185 -114.31 110.29 -43.92
CA ASP EA 185 -113.64 109.18 -43.24
C ASP EA 185 -114.50 108.60 -42.14
N ALA EA 186 -115.39 109.41 -41.57
CA ALA EA 186 -116.32 108.88 -40.57
C ALA EA 186 -117.32 107.93 -41.21
N LEU EA 187 -117.93 108.36 -42.32
CA LEU EA 187 -118.92 107.53 -42.98
C LEU EA 187 -118.32 106.26 -43.55
N LYS EA 188 -117.06 106.30 -43.99
CA LYS EA 188 -116.44 105.08 -44.48
C LYS EA 188 -116.41 104.02 -43.39
N VAL EA 189 -115.90 104.36 -42.21
CA VAL EA 189 -115.84 103.40 -41.11
C VAL EA 189 -117.24 103.03 -40.65
N ALA EA 190 -118.15 104.00 -40.64
CA ALA EA 190 -119.51 103.74 -40.19
C ALA EA 190 -120.17 102.68 -41.06
N LYS EA 191 -120.11 102.84 -42.38
CA LYS EA 191 -120.68 101.84 -43.28
C LYS EA 191 -119.84 100.56 -43.33
N GLU EA 192 -118.58 100.62 -42.92
CA GLU EA 192 -117.77 99.41 -42.90
C GLU EA 192 -118.11 98.50 -41.72
N VAL EA 193 -118.40 99.09 -40.56
CA VAL EA 193 -118.60 98.28 -39.36
C VAL EA 193 -120.09 98.10 -39.06
N ASP EA 194 -120.91 99.05 -39.49
CA ASP EA 194 -122.35 99.03 -39.25
C ASP EA 194 -123.03 99.21 -40.61
N PRO EA 195 -123.15 98.13 -41.39
CA PRO EA 195 -123.69 98.29 -42.75
C PRO EA 195 -125.11 98.82 -42.78
N GLN EA 196 -126.02 98.21 -42.00
CA GLN EA 196 -127.41 98.64 -42.00
C GLN EA 196 -127.60 100.01 -41.36
N GLY EA 197 -126.60 100.54 -40.68
CA GLY EA 197 -126.74 101.83 -40.04
C GLY EA 197 -127.73 101.85 -38.90
N GLN EA 198 -127.72 100.81 -38.05
CA GLN EA 198 -128.65 100.75 -36.94
C GLN EA 198 -128.08 101.29 -35.63
N ARG EA 199 -126.77 101.47 -35.54
CA ARG EA 199 -126.13 102.07 -34.38
C ARG EA 199 -125.20 103.19 -34.80
N THR EA 200 -125.57 103.90 -35.87
CA THR EA 200 -124.76 104.98 -36.43
C THR EA 200 -125.60 106.24 -36.52
N ILE EA 201 -125.04 107.36 -36.08
CA ILE EA 201 -125.71 108.65 -36.18
C ILE EA 201 -124.73 109.63 -36.81
N GLY EA 202 -125.18 110.33 -37.84
CA GLY EA 202 -124.34 111.27 -38.57
C GLY EA 202 -124.55 112.69 -38.11
N VAL EA 203 -123.44 113.40 -37.90
CA VAL EA 203 -123.48 114.81 -37.50
C VAL EA 203 -122.63 115.61 -38.47
N ILE EA 204 -123.17 116.75 -38.88
CA ILE EA 204 -122.53 117.65 -39.84
C ILE EA 204 -122.15 118.91 -39.08
N THR EA 205 -120.86 119.18 -39.00
CA THR EA 205 -120.34 120.33 -38.29
C THR EA 205 -119.98 121.43 -39.29
N LYS EA 206 -119.54 122.57 -38.76
CA LYS EA 206 -118.98 123.65 -39.57
C LYS EA 206 -119.96 124.15 -40.62
N LEU EA 207 -121.26 124.10 -40.33
CA LEU EA 207 -122.26 124.55 -41.30
C LEU EA 207 -122.17 126.05 -41.57
N ASP EA 208 -121.44 126.80 -40.75
CA ASP EA 208 -121.22 128.22 -40.98
C ASP EA 208 -120.04 128.50 -41.88
N LEU EA 209 -119.27 127.47 -42.26
CA LEU EA 209 -118.06 127.64 -43.05
C LEU EA 209 -118.22 127.18 -44.49
N MET EA 210 -119.45 127.07 -44.98
CA MET EA 210 -119.68 126.61 -46.34
C MET EA 210 -119.48 127.75 -47.32
N ASP EA 211 -119.12 127.37 -48.55
CA ASP EA 211 -118.80 128.36 -49.57
C ASP EA 211 -120.05 129.17 -49.94
N GLU EA 212 -119.80 130.40 -50.39
CA GLU EA 212 -120.89 131.27 -50.81
C GLU EA 212 -121.70 130.62 -51.93
N GLY EA 213 -123.02 130.65 -51.80
CA GLY EA 213 -123.90 130.05 -52.78
C GLY EA 213 -124.12 128.57 -52.61
N THR EA 214 -123.45 127.93 -51.66
CA THR EA 214 -123.62 126.51 -51.39
C THR EA 214 -124.36 126.31 -50.08
N ASP EA 215 -125.07 125.20 -49.99
CA ASP EA 215 -125.82 124.86 -48.79
C ASP EA 215 -125.86 123.35 -48.64
N ALA EA 216 -126.01 122.89 -47.39
CA ALA EA 216 -126.05 121.47 -47.08
C ALA EA 216 -127.48 120.93 -47.01
N ARG EA 217 -128.40 121.52 -47.77
CA ARG EA 217 -129.78 121.07 -47.74
C ARG EA 217 -129.91 119.63 -48.23
N ASP EA 218 -129.22 119.30 -49.32
CA ASP EA 218 -129.34 117.97 -49.92
C ASP EA 218 -128.85 116.87 -49.00
N VAL EA 219 -127.99 117.18 -48.04
CA VAL EA 219 -127.45 116.15 -47.16
C VAL EA 219 -128.19 116.17 -45.83
N LEU EA 220 -128.62 117.35 -45.37
CA LEU EA 220 -129.37 117.41 -44.13
C LEU EA 220 -130.79 116.88 -44.29
N GLU EA 221 -131.36 116.97 -45.48
CA GLU EA 221 -132.62 116.27 -45.74
C GLU EA 221 -132.44 114.78 -45.97
N ASN EA 222 -131.23 114.27 -45.71
CA ASN EA 222 -130.94 112.83 -45.75
C ASN EA 222 -131.27 112.25 -47.13
N LYS EA 223 -131.03 113.04 -48.18
CA LYS EA 223 -131.26 112.60 -49.55
C LYS EA 223 -129.98 112.24 -50.29
N LEU EA 224 -128.92 113.05 -50.11
CA LEU EA 224 -127.68 112.81 -50.85
C LEU EA 224 -127.10 111.44 -50.51
N LEU EA 225 -126.93 111.17 -49.21
CA LEU EA 225 -126.51 109.85 -48.74
C LEU EA 225 -127.52 109.41 -47.69
N PRO EA 226 -128.63 108.79 -48.11
CA PRO EA 226 -129.66 108.40 -47.15
C PRO EA 226 -129.14 107.49 -46.04
N LEU EA 227 -129.16 108.00 -44.82
CA LEU EA 227 -128.81 107.24 -43.63
C LEU EA 227 -130.04 107.12 -42.75
N ARG EA 228 -130.19 105.96 -42.10
CA ARG EA 228 -131.43 105.65 -41.41
C ARG EA 228 -131.72 106.66 -40.30
N ARG EA 229 -130.71 107.00 -39.51
CA ARG EA 229 -130.93 107.82 -38.32
C ARG EA 229 -130.94 109.32 -38.62
N GLY EA 230 -130.63 109.73 -39.85
CA GLY EA 230 -130.63 111.12 -40.21
C GLY EA 230 -129.34 111.82 -39.84
N TYR EA 231 -129.22 113.06 -40.30
CA TYR EA 231 -128.03 113.87 -40.10
C TYR EA 231 -128.40 115.09 -39.26
N ILE EA 232 -127.70 115.28 -38.15
CA ILE EA 232 -127.93 116.41 -37.26
C ILE EA 232 -126.86 117.46 -37.52
N GLY EA 233 -127.28 118.70 -37.76
CA GLY EA 233 -126.36 119.77 -38.07
C GLY EA 233 -126.07 120.62 -36.85
N VAL EA 234 -124.78 120.76 -36.54
CA VAL EA 234 -124.36 121.53 -35.38
C VAL EA 234 -123.38 122.61 -35.83
N VAL EA 235 -123.31 123.68 -35.03
CA VAL EA 235 -122.39 124.78 -35.29
C VAL EA 235 -121.67 125.13 -34.00
N ASN EA 236 -120.43 124.68 -33.87
CA ASN EA 236 -119.65 124.86 -32.65
C ASN EA 236 -119.04 126.26 -32.63
N ARG EA 237 -118.10 126.46 -31.70
CA ARG EA 237 -117.41 127.74 -31.57
C ARG EA 237 -116.17 127.75 -32.45
N SER EA 238 -116.00 128.83 -33.21
CA SER EA 238 -114.85 128.96 -34.09
C SER EA 238 -113.56 129.04 -33.26
N GLN EA 239 -112.42 128.95 -33.95
CA GLN EA 239 -111.15 129.04 -33.27
C GLN EA 239 -110.95 130.42 -32.64
N LYS EA 240 -111.42 131.46 -33.31
CA LYS EA 240 -111.38 132.80 -32.72
C LYS EA 240 -112.19 132.85 -31.43
N ASP EA 241 -113.38 132.24 -31.43
CA ASP EA 241 -114.19 132.21 -30.22
C ASP EA 241 -113.51 131.40 -29.12
N ILE EA 242 -112.85 130.30 -29.49
CA ILE EA 242 -112.15 129.49 -28.50
C ILE EA 242 -111.03 130.31 -27.85
N ASP EA 243 -110.28 131.05 -28.66
CA ASP EA 243 -109.23 131.89 -28.11
C ASP EA 243 -109.81 133.03 -27.28
N GLY EA 244 -110.97 133.56 -27.67
CA GLY EA 244 -111.65 134.60 -26.92
C GLY EA 244 -112.51 134.12 -25.78
N LYS EA 245 -112.49 132.82 -25.50
CA LYS EA 245 -113.21 132.22 -24.37
C LYS EA 245 -114.71 132.49 -24.46
N LYS EA 246 -115.30 132.18 -25.62
CA LYS EA 246 -116.75 132.28 -25.76
C LYS EA 246 -117.44 131.23 -24.90
N ASP EA 247 -118.59 131.61 -24.34
CA ASP EA 247 -119.30 130.75 -23.41
C ASP EA 247 -120.39 129.94 -24.13
N ILE EA 248 -120.74 128.80 -23.52
CA ILE EA 248 -121.61 127.83 -24.17
C ILE EA 248 -122.98 128.43 -24.43
N THR EA 249 -123.51 129.21 -23.48
CA THR EA 249 -124.87 129.72 -23.62
C THR EA 249 -125.00 130.68 -24.80
N ALA EA 250 -124.09 131.65 -24.92
CA ALA EA 250 -124.15 132.55 -26.06
C ALA EA 250 -123.80 131.85 -27.35
N ALA EA 251 -122.91 130.85 -27.29
CA ALA EA 251 -122.63 130.06 -28.49
C ALA EA 251 -123.88 129.36 -28.99
N LEU EA 252 -124.64 128.75 -28.08
CA LEU EA 252 -125.88 128.08 -28.46
C LEU EA 252 -126.91 129.08 -28.97
N ALA EA 253 -126.98 130.26 -28.35
CA ALA EA 253 -127.88 131.29 -28.86
C ALA EA 253 -127.52 131.71 -30.27
N ALA EA 254 -126.22 131.88 -30.55
CA ALA EA 254 -125.78 132.23 -31.89
C ALA EA 254 -126.08 131.11 -32.89
N GLU EA 255 -125.91 129.85 -32.47
CA GLU EA 255 -126.25 128.73 -33.34
C GLU EA 255 -127.74 128.73 -33.68
N ARG EA 256 -128.58 128.97 -32.69
CA ARG EA 256 -130.02 129.05 -32.92
C ARG EA 256 -130.35 130.19 -33.86
N LYS EA 257 -129.70 131.34 -33.67
CA LYS EA 257 -129.92 132.48 -34.57
C LYS EA 257 -129.52 132.14 -35.99
N PHE EA 258 -128.38 131.46 -36.16
CA PHE EA 258 -127.93 131.09 -37.50
C PHE EA 258 -128.91 130.14 -38.16
N PHE EA 259 -129.39 129.14 -37.42
CA PHE EA 259 -130.37 128.21 -38.00
C PHE EA 259 -131.68 128.90 -38.36
N LEU EA 260 -132.13 129.86 -37.54
CA LEU EA 260 -133.34 130.59 -37.88
C LEU EA 260 -133.15 131.59 -39.01
N SER EA 261 -131.94 132.08 -39.22
CA SER EA 261 -131.69 133.08 -40.25
C SER EA 261 -131.33 132.50 -41.60
N HIS EA 262 -130.69 131.34 -41.65
CA HIS EA 262 -130.27 130.78 -42.93
C HIS EA 262 -131.48 130.29 -43.71
N PRO EA 263 -131.69 130.79 -44.93
CA PRO EA 263 -132.90 130.39 -45.69
C PRO EA 263 -132.96 128.92 -46.03
N SER EA 264 -131.82 128.23 -46.07
CA SER EA 264 -131.80 126.83 -46.49
C SER EA 264 -131.91 125.85 -45.34
N TYR EA 265 -132.07 126.33 -44.11
CA TYR EA 265 -132.15 125.44 -42.96
C TYR EA 265 -133.27 125.78 -41.99
N ARG EA 266 -133.93 126.93 -42.11
CA ARG EA 266 -134.92 127.33 -41.12
C ARG EA 266 -136.09 126.35 -41.06
N HIS EA 267 -136.42 125.70 -42.18
CA HIS EA 267 -137.47 124.69 -42.17
C HIS EA 267 -137.08 123.44 -41.38
N LEU EA 268 -135.79 123.29 -41.06
CA LEU EA 268 -135.32 122.17 -40.25
C LEU EA 268 -134.64 122.65 -38.97
N ALA EA 269 -134.81 123.92 -38.60
CA ALA EA 269 -134.14 124.45 -37.42
C ALA EA 269 -134.53 123.68 -36.17
N ASP EA 270 -135.80 123.25 -36.09
CA ASP EA 270 -136.25 122.49 -34.93
C ASP EA 270 -135.49 121.17 -34.80
N ARG EA 271 -135.28 120.48 -35.90
CA ARG EA 271 -134.57 119.20 -35.88
C ARG EA 271 -133.05 119.35 -35.93
N MET EA 272 -132.53 120.56 -36.12
CA MET EA 272 -131.10 120.77 -36.11
C MET EA 272 -130.66 121.35 -34.76
N GLY EA 273 -129.36 121.33 -34.53
CA GLY EA 273 -128.80 121.89 -33.33
C GLY EA 273 -128.31 120.83 -32.35
N THR EA 274 -127.41 121.25 -31.47
CA THR EA 274 -126.87 120.35 -30.45
C THR EA 274 -127.92 119.80 -29.49
N PRO EA 275 -128.87 120.58 -28.97
CA PRO EA 275 -129.89 119.98 -28.08
C PRO EA 275 -130.66 118.86 -28.73
N TYR EA 276 -130.93 118.96 -30.03
CA TYR EA 276 -131.59 117.86 -30.73
C TYR EA 276 -130.72 116.62 -30.74
N LEU EA 277 -129.41 116.79 -30.91
CA LEU EA 277 -128.51 115.64 -30.87
C LEU EA 277 -128.50 115.00 -29.48
N GLN EA 278 -128.51 115.82 -28.43
CA GLN EA 278 -128.63 115.27 -27.08
C GLN EA 278 -129.93 114.50 -26.93
N LYS EA 279 -131.03 115.05 -27.44
CA LYS EA 279 -132.32 114.38 -27.35
C LYS EA 279 -132.31 113.06 -28.10
N VAL EA 280 -131.66 113.02 -29.27
CA VAL EA 280 -131.62 111.80 -30.07
C VAL EA 280 -130.78 110.73 -29.38
N LEU EA 281 -129.66 111.12 -28.78
CA LEU EA 281 -128.90 110.17 -28.00
C LEU EA 281 -129.70 109.67 -26.82
N ASN EA 282 -130.46 110.56 -26.17
CA ASN EA 282 -131.34 110.12 -25.10
C ASN EA 282 -132.36 109.12 -25.59
N GLN EA 283 -132.93 109.34 -26.77
CA GLN EA 283 -133.90 108.42 -27.34
C GLN EA 283 -133.27 107.06 -27.61
N GLN EA 284 -132.07 107.04 -28.20
CA GLN EA 284 -131.40 105.77 -28.47
C GLN EA 284 -131.09 105.03 -27.17
N LEU EA 285 -130.63 105.74 -26.16
CA LEU EA 285 -130.33 105.09 -24.88
C LEU EA 285 -131.62 104.59 -24.21
N THR EA 286 -132.71 105.33 -24.34
CA THR EA 286 -134.00 104.86 -23.82
C THR EA 286 -134.42 103.57 -24.52
N ASN EA 287 -134.26 103.52 -25.84
CA ASN EA 287 -134.62 102.31 -26.58
C ASN EA 287 -133.67 101.16 -26.30
N HIS EA 288 -132.45 101.44 -25.83
CA HIS EA 288 -131.51 100.37 -25.57
C HIS EA 288 -131.51 99.86 -24.13
N ILE EA 289 -131.95 100.67 -23.16
CA ILE EA 289 -131.98 100.21 -21.78
C ILE EA 289 -133.04 99.13 -21.60
N ARG EA 290 -134.18 99.26 -22.29
CA ARG EA 290 -135.21 98.24 -22.23
C ARG EA 290 -134.72 96.97 -22.93
N ASP EA 291 -135.56 95.94 -22.95
CA ASP EA 291 -135.26 94.55 -23.29
C ASP EA 291 -134.55 93.91 -22.09
N THR EA 292 -134.17 94.69 -21.08
CA THR EA 292 -133.66 94.16 -19.82
C THR EA 292 -134.48 94.57 -18.61
N LEU EA 293 -135.35 95.57 -18.74
CA LEU EA 293 -136.18 96.02 -17.63
C LEU EA 293 -137.00 94.89 -16.99
N PRO EA 294 -137.71 94.04 -17.75
CA PRO EA 294 -138.45 92.96 -17.08
C PRO EA 294 -137.58 92.07 -16.22
N GLY EA 295 -136.34 91.81 -16.65
CA GLY EA 295 -135.39 91.15 -15.78
C GLY EA 295 -135.01 92.00 -14.59
N LEU EA 296 -134.76 93.29 -14.83
CA LEU EA 296 -134.33 94.19 -13.77
C LEU EA 296 -135.49 94.59 -12.86
N ARG EA 297 -136.68 94.79 -13.42
CA ARG EA 297 -137.83 95.11 -12.59
C ARG EA 297 -138.11 94.00 -11.60
N ASN EA 298 -138.04 92.73 -12.05
CA ASN EA 298 -138.14 91.61 -11.12
C ASN EA 298 -136.93 91.57 -10.19
N LYS EA 299 -135.74 91.85 -10.71
CA LYS EA 299 -134.52 91.77 -9.92
C LYS EA 299 -134.57 92.67 -8.70
N LEU EA 300 -135.21 93.83 -8.81
CA LEU EA 300 -135.39 94.68 -7.64
C LEU EA 300 -136.79 94.57 -7.02
N GLN EA 301 -137.74 93.95 -7.70
CA GLN EA 301 -139.01 93.63 -7.06
C GLN EA 301 -138.82 92.61 -5.95
N SER EA 302 -137.97 91.60 -6.20
CA SER EA 302 -137.64 90.66 -5.13
C SER EA 302 -136.91 91.37 -3.99
N GLN EA 303 -136.09 92.35 -4.33
CA GLN EA 303 -135.45 93.17 -3.29
C GLN EA 303 -136.48 93.89 -2.44
N LEU EA 304 -137.48 94.49 -3.08
CA LEU EA 304 -138.55 95.13 -2.32
C LEU EA 304 -139.33 94.12 -1.49
N LEU EA 305 -139.48 92.90 -2.01
CA LEU EA 305 -140.16 91.84 -1.26
C LEU EA 305 -139.40 91.52 0.02
N SER EA 306 -138.07 91.47 -0.05
CA SER EA 306 -137.26 91.04 1.08
C SER EA 306 -137.31 92.02 2.26
N ILE EA 307 -137.86 93.22 2.04
CA ILE EA 307 -137.95 94.24 3.08
C ILE EA 307 -139.37 94.67 3.38
N GLU EA 308 -140.34 94.42 2.50
CA GLU EA 308 -141.72 94.87 2.74
C GLU EA 308 -142.26 94.37 4.07
N LYS EA 309 -141.78 93.22 4.55
CA LYS EA 309 -142.28 92.68 5.81
C LYS EA 309 -141.92 93.59 6.99
N GLU EA 310 -140.66 94.01 7.07
CA GLU EA 310 -140.22 94.90 8.14
C GLU EA 310 -140.70 96.32 7.91
N VAL EA 311 -140.90 96.70 6.66
CA VAL EA 311 -141.46 98.02 6.38
C VAL EA 311 -142.84 98.16 7.00
N GLU EA 312 -143.56 97.05 7.18
CA GLU EA 312 -144.86 97.09 7.85
C GLU EA 312 -144.73 97.61 9.27
N GLU EA 313 -143.77 97.10 10.02
CA GLU EA 313 -143.51 97.62 11.36
C GLU EA 313 -142.96 99.04 11.29
N TYR EA 314 -142.20 99.38 10.24
CA TYR EA 314 -141.54 100.68 10.22
C TYR EA 314 -142.38 101.84 9.69
N LYS EA 315 -143.49 101.62 8.96
CA LYS EA 315 -144.22 102.78 8.42
C LYS EA 315 -144.83 103.62 9.52
N ASN EA 316 -145.47 102.98 10.49
CA ASN EA 316 -146.18 103.69 11.56
C ASN EA 316 -145.58 103.24 12.89
N PHE EA 317 -144.46 103.87 13.25
CA PHE EA 317 -143.83 103.69 14.54
C PHE EA 317 -143.89 105.01 15.29
N ARG EA 318 -144.40 104.98 16.51
CA ARG EA 318 -144.37 106.14 17.37
C ARG EA 318 -143.77 105.76 18.71
N PRO EA 319 -142.82 106.52 19.23
CA PRO EA 319 -142.25 106.19 20.55
C PRO EA 319 -143.33 106.19 21.61
N ASP EA 320 -143.19 105.27 22.58
CA ASP EA 320 -144.08 105.06 23.72
C ASP EA 320 -145.35 104.32 23.35
N ASP EA 321 -145.44 103.73 22.16
CA ASP EA 321 -146.64 102.98 21.79
C ASP EA 321 -146.76 101.68 22.58
N PRO EA 322 -147.67 101.59 23.55
CA PRO EA 322 -147.73 100.38 24.38
C PRO EA 322 -148.04 99.13 23.58
N ALA EA 323 -148.88 99.23 22.56
CA ALA EA 323 -149.26 98.03 21.80
C ALA EA 323 -148.05 97.41 21.13
N ARG EA 324 -147.30 98.21 20.37
CA ARG EA 324 -146.12 97.67 19.70
C ARG EA 324 -145.07 97.23 20.72
N LYS EA 325 -144.87 98.02 21.78
CA LYS EA 325 -143.84 97.66 22.75
C LYS EA 325 -144.14 96.32 23.40
N THR EA 326 -145.36 96.13 23.89
CA THR EA 326 -145.70 94.88 24.55
C THR EA 326 -145.75 93.72 23.57
N LYS EA 327 -146.22 93.92 22.34
CA LYS EA 327 -146.21 92.85 21.37
C LYS EA 327 -144.78 92.40 21.07
N ALA EA 328 -143.87 93.37 20.90
CA ALA EA 328 -142.46 93.02 20.67
C ALA EA 328 -141.89 92.29 21.86
N LEU EA 329 -142.21 92.74 23.08
CA LEU EA 329 -141.72 92.06 24.28
C LEU EA 329 -142.18 90.61 24.31
N LEU EA 330 -143.47 90.39 24.03
CA LEU EA 330 -144.01 89.04 24.09
C LEU EA 330 -143.36 88.13 23.05
N GLN EA 331 -143.21 88.62 21.81
CA GLN EA 331 -142.59 87.76 20.81
C GLN EA 331 -141.12 87.52 21.10
N MET EA 332 -140.41 88.52 21.64
CA MET EA 332 -139.01 88.31 21.99
C MET EA 332 -138.88 87.24 23.07
N VAL EA 333 -139.74 87.30 24.09
CA VAL EA 333 -139.72 86.31 25.16
C VAL EA 333 -140.01 84.92 24.62
N GLN EA 334 -141.01 84.82 23.74
CA GLN EA 334 -141.37 83.51 23.20
C GLN EA 334 -140.23 82.91 22.39
N GLN EA 335 -139.57 83.72 21.56
CA GLN EA 335 -138.47 83.15 20.79
C GLN EA 335 -137.29 82.81 21.68
N PHE EA 336 -137.06 83.62 22.73
CA PHE EA 336 -136.00 83.27 23.68
C PHE EA 336 -136.25 81.91 24.30
N ALA EA 337 -137.49 81.67 24.75
CA ALA EA 337 -137.81 80.37 25.32
C ALA EA 337 -137.53 79.26 24.31
N VAL EA 338 -138.21 79.31 23.16
CA VAL EA 338 -138.12 78.20 22.23
C VAL EA 338 -136.68 77.98 21.77
N ASP EA 339 -135.89 79.05 21.69
CA ASP EA 339 -134.47 78.91 21.41
C ASP EA 339 -133.76 78.18 22.54
N PHE EA 340 -134.14 78.47 23.79
CA PHE EA 340 -133.50 77.80 24.92
C PHE EA 340 -133.76 76.30 24.89
N GLU EA 341 -135.02 75.89 24.69
CA GLU EA 341 -135.26 74.45 24.59
C GLU EA 341 -134.60 73.86 23.35
N LYS EA 342 -134.51 74.63 22.26
CA LYS EA 342 -133.81 74.12 21.08
C LYS EA 342 -132.35 73.85 21.37
N ARG EA 343 -131.73 74.71 22.17
CA ARG EA 343 -130.31 74.56 22.47
C ARG EA 343 -130.04 73.56 23.60
N ILE EA 344 -131.03 73.29 24.45
CA ILE EA 344 -130.79 72.36 25.55
C ILE EA 344 -131.29 70.97 25.18
N GLU EA 345 -132.59 70.82 24.96
CA GLU EA 345 -133.11 69.50 24.59
C GLU EA 345 -132.74 69.11 23.17
N GLY EA 346 -132.31 70.07 22.35
CA GLY EA 346 -132.02 69.78 20.96
C GLY EA 346 -133.25 69.43 20.15
N SER EA 347 -134.36 70.13 20.37
CA SER EA 347 -135.56 69.90 19.58
C SER EA 347 -135.25 70.13 18.11
N GLY EA 348 -135.64 69.17 17.28
CA GLY EA 348 -135.18 69.18 15.91
C GLY EA 348 -135.73 70.28 15.05
N ASP EA 349 -134.89 71.28 14.76
CA ASP EA 349 -135.06 72.27 13.70
C ASP EA 349 -133.84 73.17 13.73
N GLN EA 350 -133.53 73.75 12.56
CA GLN EA 350 -132.49 74.77 12.38
C GLN EA 350 -131.25 74.51 13.23
N ILE EA 351 -130.82 73.24 13.27
CA ILE EA 351 -129.76 72.83 14.19
C ILE EA 351 -128.40 73.25 13.62
N ASP EA 352 -127.63 73.97 14.41
CA ASP EA 352 -126.26 74.29 14.04
C ASP EA 352 -125.42 73.01 14.04
N THR EA 353 -124.61 72.84 13.01
CA THR EA 353 -123.73 71.70 12.87
C THR EA 353 -122.26 72.14 12.82
N TYR EA 354 -121.96 73.25 13.48
CA TYR EA 354 -120.62 73.84 13.43
C TYR EA 354 -119.85 73.69 14.73
N GLU EA 355 -120.54 73.67 15.87
CA GLU EA 355 -119.95 73.46 17.18
C GLU EA 355 -120.53 72.21 17.79
N LEU EA 356 -119.91 71.74 18.88
CA LEU EA 356 -120.44 70.57 19.58
C LEU EA 356 -121.86 70.84 20.08
N SER EA 357 -122.10 72.03 20.61
CA SER EA 357 -123.43 72.55 20.90
C SER EA 357 -123.27 73.95 21.46
N GLY EA 358 -124.40 74.62 21.65
CA GLY EA 358 -124.40 75.83 22.44
C GLY EA 358 -124.27 75.47 23.91
N GLY EA 359 -125.20 74.64 24.39
CA GLY EA 359 -125.12 74.15 25.76
C GLY EA 359 -125.59 72.74 25.98
N ALA EA 360 -125.70 71.94 24.91
CA ALA EA 360 -126.28 70.62 25.05
C ALA EA 360 -125.23 69.53 25.24
N ARG EA 361 -124.36 69.35 24.24
CA ARG EA 361 -123.28 68.37 24.39
C ARG EA 361 -122.12 68.89 25.20
N ILE EA 362 -121.91 70.20 25.27
CA ILE EA 362 -120.94 70.69 26.25
C ILE EA 362 -121.40 70.34 27.67
N ASN EA 363 -122.69 69.97 27.83
CA ASN EA 363 -123.23 69.56 29.13
C ASN EA 363 -123.26 68.03 29.27
N ARG EA 364 -123.75 67.33 28.26
CA ARG EA 364 -123.65 65.87 28.29
C ARG EA 364 -122.21 65.40 28.46
N ILE EA 365 -121.24 66.08 27.85
CA ILE EA 365 -119.87 65.64 28.02
C ILE EA 365 -119.43 65.89 29.45
N PHE EA 366 -120.01 66.87 30.15
CA PHE EA 366 -119.79 66.96 31.58
C PHE EA 366 -120.33 65.71 32.28
N HIS EA 367 -121.58 65.34 31.98
CA HIS EA 367 -122.19 64.22 32.69
C HIS EA 367 -121.46 62.89 32.47
N GLU EA 368 -120.93 62.63 31.27
CA GLU EA 368 -120.17 61.42 31.01
C GLU EA 368 -118.69 61.69 30.75
N ARG EA 369 -118.14 62.75 31.32
CA ARG EA 369 -116.71 62.95 31.47
C ARG EA 369 -116.29 63.09 32.93
N PHE EA 370 -117.18 63.60 33.79
CA PHE EA 370 -117.03 63.62 35.24
C PHE EA 370 -116.47 62.32 35.81
N PRO EA 371 -116.81 61.14 35.26
CA PRO EA 371 -116.07 59.93 35.63
C PRO EA 371 -114.57 60.07 35.51
N PHE EA 372 -114.07 60.92 34.61
CA PHE EA 372 -112.63 61.17 34.59
C PHE EA 372 -112.18 61.81 35.90
N GLU EA 373 -112.96 62.74 36.44
CA GLU EA 373 -112.64 63.31 37.75
C GLU EA 373 -112.67 62.25 38.83
N LEU EA 374 -113.72 61.43 38.85
CA LEU EA 374 -113.81 60.41 39.91
C LEU EA 374 -112.64 59.45 39.85
N VAL EA 375 -112.23 59.04 38.65
CA VAL EA 375 -111.06 58.18 38.53
C VAL EA 375 -109.79 58.94 38.93
N LYS EA 376 -109.72 60.22 38.56
CA LYS EA 376 -108.57 61.05 38.89
C LYS EA 376 -108.46 61.33 40.37
N MET EA 377 -109.46 60.94 41.16
CA MET EA 377 -109.28 60.91 42.61
C MET EA 377 -108.08 60.02 42.95
N GLU EA 378 -107.60 60.14 44.20
CA GLU EA 378 -106.28 59.67 44.59
C GLU EA 378 -105.93 58.25 44.12
N PHE EA 379 -106.61 57.21 44.62
CA PHE EA 379 -106.43 55.82 44.21
C PHE EA 379 -104.98 55.32 44.23
N ASP EA 380 -104.03 56.06 44.80
CA ASP EA 380 -102.61 55.67 44.69
C ASP EA 380 -101.91 55.72 46.05
N GLU EA 381 -101.99 54.61 46.79
CA GLU EA 381 -101.22 54.35 48.00
C GLU EA 381 -101.32 52.87 48.34
N LYS EA 382 -100.27 52.37 48.99
CA LYS EA 382 -100.36 51.20 49.86
C LYS EA 382 -100.52 51.59 51.32
N GLU EA 383 -100.45 52.89 51.62
CA GLU EA 383 -100.70 53.38 52.97
C GLU EA 383 -102.11 53.02 53.44
N LEU EA 384 -103.03 52.76 52.50
CA LEU EA 384 -104.36 52.31 52.86
C LEU EA 384 -104.30 51.03 53.71
N ARG EA 385 -103.35 50.15 53.43
CA ARG EA 385 -103.23 48.92 54.21
C ARG EA 385 -102.91 49.22 55.66
N ARG EA 386 -101.96 50.13 55.91
CA ARG EA 386 -101.68 50.58 57.28
C ARG EA 386 -102.91 51.25 57.88
N GLU EA 387 -103.61 52.05 57.07
CA GLU EA 387 -104.76 52.81 57.53
C GLU EA 387 -105.86 51.87 58.01
N ILE EA 388 -106.01 50.72 57.36
CA ILE EA 388 -107.05 49.78 57.77
C ILE EA 388 -106.55 48.82 58.84
N SER EA 389 -105.24 48.57 58.90
CA SER EA 389 -104.68 47.79 59.99
C SER EA 389 -104.86 48.50 61.32
N TYR EA 390 -104.69 49.81 61.34
CA TYR EA 390 -104.96 50.55 62.57
C TYR EA 390 -106.43 50.46 62.96
N ALA EA 391 -107.33 50.47 61.98
CA ALA EA 391 -108.76 50.29 62.30
C ALA EA 391 -109.01 48.92 62.92
N ILE EA 392 -108.39 47.88 62.34
CA ILE EA 392 -108.45 46.55 62.93
C ILE EA 392 -107.99 46.60 64.38
N LYS EA 393 -106.85 47.24 64.61
CA LYS EA 393 -106.24 47.22 65.93
C LYS EA 393 -106.96 48.08 66.94
N ASN EA 394 -107.81 49.01 66.49
CA ASN EA 394 -108.60 49.81 67.41
C ASN EA 394 -109.96 49.19 67.72
N ILE EA 395 -110.61 48.56 66.74
CA ILE EA 395 -111.88 47.89 67.07
C ILE EA 395 -111.70 46.48 67.58
N HIS EA 396 -110.47 45.96 67.59
CA HIS EA 396 -110.14 44.79 68.40
C HIS EA 396 -109.55 45.21 69.72
N GLY EA 397 -110.03 46.32 70.26
CA GLY EA 397 -109.40 47.08 71.32
C GLY EA 397 -108.71 46.29 72.41
N ILE EA 398 -109.44 45.41 73.07
CA ILE EA 398 -108.91 44.58 74.14
C ILE EA 398 -109.03 43.10 73.81
N ARG EA 399 -110.21 42.66 73.38
CA ARG EA 399 -110.42 41.27 73.04
C ARG EA 399 -109.51 40.86 71.88
N THR EA 400 -109.42 39.56 71.63
CA THR EA 400 -108.30 39.07 70.85
C THR EA 400 -108.68 37.89 69.98
N GLY EA 401 -107.87 37.68 68.94
CA GLY EA 401 -107.76 36.42 68.24
C GLY EA 401 -108.93 36.00 67.39
N LEU EA 402 -109.85 36.90 67.10
CA LEU EA 402 -111.02 36.53 66.32
C LEU EA 402 -110.87 37.00 64.88
N PHE EA 403 -111.78 36.49 64.05
CA PHE EA 403 -111.60 36.37 62.61
C PHE EA 403 -111.21 37.67 61.92
N THR EA 404 -112.15 38.61 61.86
CA THR EA 404 -112.09 39.92 61.23
C THR EA 404 -113.28 40.75 61.69
N PRO EA 405 -113.09 42.00 62.03
CA PRO EA 405 -114.22 42.88 62.35
C PRO EA 405 -114.74 43.61 61.12
N ASP EA 406 -116.06 43.61 60.93
CA ASP EA 406 -116.63 44.22 59.73
C ASP EA 406 -116.64 45.75 59.81
N MET EA 407 -116.69 46.30 61.02
CA MET EA 407 -116.74 47.76 61.06
C MET EA 407 -115.42 48.37 60.61
N ALA EA 408 -114.34 47.58 60.50
CA ALA EA 408 -113.15 48.07 59.84
C ALA EA 408 -113.44 48.44 58.40
N PHE EA 409 -114.03 47.50 57.65
CA PHE EA 409 -114.50 47.78 56.30
C PHE EA 409 -115.45 48.97 56.30
N GLU EA 410 -116.35 49.02 57.29
CA GLU EA 410 -117.30 50.13 57.38
C GLU EA 410 -116.57 51.47 57.46
N THR EA 411 -115.65 51.60 58.42
CA THR EA 411 -114.97 52.87 58.64
C THR EA 411 -114.12 53.25 57.45
N ILE EA 412 -113.49 52.26 56.81
CA ILE EA 412 -112.62 52.59 55.69
C ILE EA 412 -113.44 53.07 54.49
N VAL EA 413 -114.56 52.41 54.20
CA VAL EA 413 -115.36 52.93 53.10
C VAL EA 413 -115.98 54.28 53.44
N LYS EA 414 -116.33 54.50 54.71
CA LYS EA 414 -116.82 55.82 55.10
C LYS EA 414 -115.77 56.89 54.94
N LYS EA 415 -114.49 56.54 55.12
CA LYS EA 415 -113.41 57.49 54.89
C LYS EA 415 -113.12 57.69 53.41
N GLN EA 416 -113.30 56.64 52.60
CA GLN EA 416 -113.03 56.74 51.17
C GLN EA 416 -114.10 57.54 50.45
N VAL EA 417 -115.37 57.35 50.80
CA VAL EA 417 -116.46 58.01 50.08
C VAL EA 417 -116.77 59.39 50.63
N LYS EA 418 -116.04 59.85 51.64
CA LYS EA 418 -116.23 61.22 52.10
C LYS EA 418 -115.51 62.24 51.24
N LYS EA 419 -114.57 61.79 50.40
CA LYS EA 419 -113.89 62.69 49.49
C LYS EA 419 -114.51 62.71 48.09
N ILE EA 420 -115.57 61.93 47.86
CA ILE EA 420 -116.36 62.08 46.64
C ILE EA 420 -117.11 63.41 46.67
N ARG EA 421 -117.22 64.03 47.84
CA ARG EA 421 -117.98 65.27 47.96
C ARG EA 421 -117.39 66.40 47.15
N GLU EA 422 -116.10 66.36 46.84
CA GLU EA 422 -115.49 67.46 46.08
C GLU EA 422 -115.75 67.34 44.57
N PRO EA 423 -115.52 66.19 43.94
CA PRO EA 423 -115.77 66.12 42.49
C PRO EA 423 -117.21 66.38 42.10
N CYS EA 424 -118.18 65.96 42.91
CA CYS EA 424 -119.58 66.20 42.56
C CYS EA 424 -119.91 67.69 42.59
N LEU EA 425 -119.44 68.39 43.63
CA LEU EA 425 -119.63 69.84 43.66
C LEU EA 425 -118.90 70.53 42.53
N LYS EA 426 -117.72 70.01 42.15
CA LYS EA 426 -117.01 70.59 41.01
C LYS EA 426 -117.79 70.40 39.72
N CYS EA 427 -118.42 69.23 39.54
CA CYS EA 427 -119.24 69.03 38.36
C CYS EA 427 -120.46 69.95 38.37
N VAL EA 428 -121.06 70.16 39.54
CA VAL EA 428 -122.18 71.10 39.63
C VAL EA 428 -121.72 72.50 39.23
N ASP EA 429 -120.53 72.90 39.68
CA ASP EA 429 -119.98 74.19 39.30
C ASP EA 429 -119.76 74.27 37.79
N MET EA 430 -119.27 73.18 37.19
CA MET EA 430 -119.05 73.17 35.74
C MET EA 430 -120.36 73.30 34.98
N VAL EA 431 -121.39 72.58 35.42
CA VAL EA 431 -122.70 72.68 34.77
C VAL EA 431 -123.23 74.10 34.89
N ILE EA 432 -123.09 74.70 36.07
CA ILE EA 432 -123.47 76.11 36.23
C ILE EA 432 -122.72 76.98 35.22
N SER EA 433 -121.39 76.84 35.18
CA SER EA 433 -120.58 77.71 34.35
C SER EA 433 -120.88 77.52 32.87
N GLU EA 434 -121.40 76.37 32.49
CA GLU EA 434 -121.68 76.14 31.08
C GLU EA 434 -123.08 76.61 30.70
N LEU EA 435 -124.07 76.28 31.51
CA LEU EA 435 -125.44 76.72 31.22
C LEU EA 435 -125.57 78.23 31.31
N ILE EA 436 -124.90 78.86 32.27
CA ILE EA 436 -125.04 80.30 32.42
C ILE EA 436 -124.39 81.02 31.25
N SER EA 437 -123.45 80.37 30.57
CA SER EA 437 -122.89 80.91 29.34
C SER EA 437 -123.78 80.63 28.14
N THR EA 438 -124.46 79.49 28.13
CA THR EA 438 -125.40 79.21 27.05
C THR EA 438 -126.57 80.18 27.07
N VAL EA 439 -127.03 80.56 28.26
CA VAL EA 439 -128.07 81.58 28.35
C VAL EA 439 -127.59 82.88 27.70
N ARG EA 440 -126.34 83.26 27.97
CA ARG EA 440 -125.78 84.44 27.32
C ARG EA 440 -125.70 84.25 25.81
N GLN EA 441 -125.34 83.05 25.37
CA GLN EA 441 -125.24 82.78 23.93
C GLN EA 441 -126.58 82.90 23.24
N CYS EA 442 -127.67 82.56 23.93
CA CYS EA 442 -129.00 82.64 23.33
C CYS EA 442 -129.71 83.94 23.65
N THR EA 443 -129.10 84.83 24.43
CA THR EA 443 -129.64 86.17 24.61
C THR EA 443 -128.88 87.26 23.86
N LYS EA 444 -127.58 87.06 23.60
CA LYS EA 444 -126.81 88.11 22.95
C LYS EA 444 -127.21 88.30 21.50
N LYS EA 445 -127.53 87.22 20.79
CA LYS EA 445 -127.69 87.30 19.35
C LYS EA 445 -129.13 87.57 18.93
N LEU EA 446 -130.11 87.05 19.66
CA LEU EA 446 -131.49 87.36 19.33
C LEU EA 446 -131.85 88.79 19.73
N GLN EA 447 -131.33 89.25 20.86
CA GLN EA 447 -131.74 90.54 21.41
C GLN EA 447 -130.84 91.64 20.88
N GLN EA 448 -131.33 92.36 19.88
CA GLN EA 448 -130.72 93.64 19.52
C GLN EA 448 -131.00 94.69 20.60
N TYR EA 449 -132.10 94.51 21.34
CA TYR EA 449 -132.53 95.51 22.29
C TYR EA 449 -131.49 95.67 23.39
N PRO EA 450 -131.19 96.90 23.80
CA PRO EA 450 -130.43 97.11 25.04
C PRO EA 450 -131.34 97.04 26.24
N ARG EA 451 -130.75 96.58 27.34
CA ARG EA 451 -131.39 96.46 28.65
C ARG EA 451 -132.41 95.33 28.70
N LEU EA 452 -132.80 94.82 27.53
CA LEU EA 452 -133.66 93.63 27.50
C LEU EA 452 -132.85 92.36 27.31
N ARG EA 453 -131.61 92.46 26.87
CA ARG EA 453 -130.63 91.39 27.04
C ARG EA 453 -129.93 91.50 28.38
N GLU EA 454 -130.25 92.53 29.17
CA GLU EA 454 -129.70 92.69 30.51
C GLU EA 454 -130.67 92.21 31.58
N GLU EA 455 -131.92 92.68 31.55
CA GLU EA 455 -132.91 92.21 32.51
C GLU EA 455 -133.16 90.71 32.36
N MET EA 456 -133.23 90.23 31.11
CA MET EA 456 -133.47 88.82 30.86
C MET EA 456 -132.34 87.97 31.43
N GLU EA 457 -131.10 88.33 31.09
CA GLU EA 457 -129.95 87.60 31.62
C GLU EA 457 -129.90 87.66 33.13
N ARG EA 458 -130.17 88.84 33.71
CA ARG EA 458 -130.14 88.98 35.16
C ARG EA 458 -131.14 88.04 35.82
N ILE EA 459 -132.39 88.05 35.34
CA ILE EA 459 -133.43 87.24 35.97
C ILE EA 459 -133.09 85.75 35.84
N VAL EA 460 -132.74 85.31 34.63
CA VAL EA 460 -132.48 83.90 34.42
C VAL EA 460 -131.27 83.45 35.24
N THR EA 461 -130.22 84.27 35.26
CA THR EA 461 -129.01 83.90 35.99
C THR EA 461 -129.25 83.88 37.50
N THR EA 462 -130.06 84.81 38.01
CA THR EA 462 -130.39 84.78 39.43
C THR EA 462 -131.19 83.54 39.77
N HIS EA 463 -132.10 83.13 38.89
CA HIS EA 463 -132.83 81.88 39.15
C HIS EA 463 -131.89 80.69 39.16
N ILE EA 464 -130.94 80.66 38.22
CA ILE EA 464 -130.00 79.54 38.15
C ILE EA 464 -129.13 79.50 39.41
N ARG EA 465 -128.64 80.65 39.85
CA ARG EA 465 -127.82 80.69 41.05
C ARG EA 465 -128.64 80.52 42.33
N GLU EA 466 -129.95 80.66 42.25
CA GLU EA 466 -130.79 80.23 43.36
C GLU EA 466 -130.94 78.70 43.36
N ARG EA 467 -131.00 78.09 42.19
CA ARG EA 467 -131.15 76.64 42.13
C ARG EA 467 -129.85 75.92 42.45
N GLU EA 468 -128.71 76.57 42.26
CA GLU EA 468 -127.45 75.87 42.54
C GLU EA 468 -127.32 75.53 44.02
N GLY EA 469 -127.86 76.38 44.90
CA GLY EA 469 -127.85 76.04 46.31
C GLY EA 469 -128.62 74.78 46.61
N ARG EA 470 -129.84 74.67 46.05
CA ARG EA 470 -130.64 73.49 46.29
C ARG EA 470 -129.98 72.24 45.73
N THR EA 471 -129.40 72.33 44.52
CA THR EA 471 -128.81 71.12 43.95
C THR EA 471 -127.55 70.71 44.70
N LYS EA 472 -126.76 71.67 45.17
CA LYS EA 472 -125.60 71.32 45.99
C LYS EA 472 -126.04 70.70 47.31
N GLU EA 473 -127.11 71.22 47.92
CA GLU EA 473 -127.65 70.61 49.13
C GLU EA 473 -128.07 69.17 48.87
N GLN EA 474 -128.74 68.92 47.75
CA GLN EA 474 -129.19 67.57 47.46
C GLN EA 474 -128.03 66.64 47.19
N VAL EA 475 -126.97 67.13 46.54
CA VAL EA 475 -125.80 66.28 46.31
C VAL EA 475 -125.11 65.94 47.64
N MET EA 476 -124.96 66.93 48.52
CA MET EA 476 -124.38 66.66 49.83
C MET EA 476 -125.22 65.66 50.61
N LEU EA 477 -126.54 65.80 50.53
CA LEU EA 477 -127.41 64.89 51.28
C LEU EA 477 -127.41 63.49 50.65
N LEU EA 478 -127.19 63.39 49.35
CA LEU EA 478 -127.00 62.08 48.73
C LEU EA 478 -125.74 61.43 49.26
N ILE EA 479 -124.65 62.19 49.38
CA ILE EA 479 -123.43 61.63 49.96
C ILE EA 479 -123.67 61.20 51.41
N ASP EA 480 -124.35 62.04 52.18
CA ASP EA 480 -124.62 61.71 53.57
C ASP EA 480 -125.58 60.54 53.72
N ILE EA 481 -126.40 60.25 52.71
CA ILE EA 481 -127.15 59.00 52.69
C ILE EA 481 -126.24 57.83 52.38
N GLU EA 482 -125.29 58.00 51.45
CA GLU EA 482 -124.40 56.90 51.13
C GLU EA 482 -123.39 56.61 52.23
N LEU EA 483 -123.28 57.50 53.22
CA LEU EA 483 -122.57 57.18 54.46
C LEU EA 483 -123.50 56.72 55.57
N ALA EA 484 -124.51 55.90 55.28
CA ALA EA 484 -125.44 55.48 56.33
C ALA EA 484 -125.51 53.97 56.53
N TYR EA 485 -125.55 53.18 55.47
CA TYR EA 485 -125.81 51.76 55.69
C TYR EA 485 -124.71 50.85 55.19
N MET EA 486 -124.07 51.17 54.06
CA MET EA 486 -122.98 50.38 53.50
C MET EA 486 -123.43 48.95 53.23
N ASN EA 487 -124.34 48.83 52.28
CA ASN EA 487 -124.99 47.55 52.03
C ASN EA 487 -123.99 46.52 51.50
N THR EA 488 -124.32 45.25 51.73
CA THR EA 488 -123.54 44.15 51.22
C THR EA 488 -124.40 43.14 50.47
N ASN EA 489 -125.73 43.23 50.59
CA ASN EA 489 -126.63 42.35 49.85
C ASN EA 489 -126.63 42.66 48.35
N HIS EA 490 -126.00 43.74 47.93
CA HIS EA 490 -125.91 44.09 46.52
C HIS EA 490 -124.94 43.15 45.82
N GLU EA 491 -124.65 43.42 44.55
CA GLU EA 491 -123.85 42.54 43.71
C GLU EA 491 -122.36 42.62 43.99
N ASP EA 492 -121.89 43.21 45.09
CA ASP EA 492 -120.50 43.00 45.48
C ASP EA 492 -120.33 41.58 46.01
N PHE EA 493 -119.21 40.95 45.68
CA PHE EA 493 -118.97 39.58 46.10
C PHE EA 493 -118.46 39.57 47.54
N ILE EA 494 -119.01 38.67 48.35
CA ILE EA 494 -118.67 38.58 49.75
C ILE EA 494 -117.48 37.65 49.95
N ASP EA 652 -96.55 38.21 59.75
CA ASP EA 652 -97.90 38.15 59.19
C ASP EA 652 -98.88 37.47 60.12
N PRO EA 653 -99.07 38.04 61.32
CA PRO EA 653 -99.94 37.40 62.30
C PRO EA 653 -101.41 37.59 61.96
N GLN EA 654 -101.90 36.81 60.99
CA GLN EA 654 -103.26 36.91 60.47
C GLN EA 654 -103.46 38.25 59.76
N LEU EA 655 -102.44 39.10 59.77
CA LEU EA 655 -102.57 40.40 59.13
C LEU EA 655 -102.63 40.26 57.60
N GLU EA 656 -101.71 39.50 57.02
CA GLU EA 656 -101.78 39.29 55.58
C GLU EA 656 -103.02 38.54 55.15
N ARG EA 657 -103.86 38.11 56.09
CA ARG EA 657 -105.16 37.54 55.80
C ARG EA 657 -106.30 38.53 55.99
N GLN EA 658 -106.20 39.39 57.00
CA GLN EA 658 -107.27 40.34 57.32
C GLN EA 658 -107.14 41.63 56.52
N VAL EA 659 -105.95 42.24 56.51
CA VAL EA 659 -105.76 43.53 55.85
C VAL EA 659 -106.02 43.40 54.34
N GLU EA 660 -105.53 42.32 53.73
CA GLU EA 660 -105.73 42.15 52.30
C GLU EA 660 -107.19 41.90 51.97
N THR EA 661 -107.88 41.11 52.79
CA THR EA 661 -109.30 40.89 52.57
C THR EA 661 -110.09 42.18 52.70
N ILE EA 662 -109.77 42.99 53.72
CA ILE EA 662 -110.47 44.26 53.87
C ILE EA 662 -110.21 45.17 52.68
N ARG EA 663 -108.97 45.19 52.18
CA ARG EA 663 -108.69 46.02 51.01
C ARG EA 663 -109.46 45.53 49.78
N ASN EA 664 -109.47 44.22 49.55
CA ASN EA 664 -110.14 43.68 48.38
C ASN EA 664 -111.65 43.73 48.49
N LEU EA 665 -112.20 44.00 49.68
CA LEU EA 665 -113.63 44.29 49.78
C LEU EA 665 -113.92 45.77 49.70
N VAL EA 666 -113.04 46.62 50.22
CA VAL EA 666 -113.21 48.06 50.05
C VAL EA 666 -113.19 48.43 48.57
N ASP EA 667 -112.28 47.83 47.80
CA ASP EA 667 -112.28 48.11 46.37
C ASP EA 667 -113.56 47.62 45.71
N SER EA 668 -114.04 46.44 46.10
CA SER EA 668 -115.23 45.88 45.50
C SER EA 668 -116.47 46.69 45.84
N TYR EA 669 -116.46 47.43 46.95
CA TYR EA 669 -117.58 48.32 47.23
C TYR EA 669 -117.38 49.73 46.71
N MET EA 670 -116.13 50.16 46.53
CA MET EA 670 -115.90 51.45 45.87
C MET EA 670 -116.32 51.40 44.42
N ALA EA 671 -116.13 50.26 43.76
CA ALA EA 671 -116.67 50.12 42.41
C ALA EA 671 -118.15 50.42 42.39
N ILE EA 672 -118.91 49.82 43.31
CA ILE EA 672 -120.37 49.98 43.30
C ILE EA 672 -120.77 51.38 43.69
N VAL EA 673 -120.14 51.97 44.70
CA VAL EA 673 -120.55 53.32 45.11
C VAL EA 673 -120.21 54.32 44.01
N ASN EA 674 -119.06 54.15 43.35
CA ASN EA 674 -118.74 55.02 42.22
C ASN EA 674 -119.75 54.88 41.11
N LYS EA 675 -120.14 53.64 40.80
CA LYS EA 675 -121.14 53.44 39.74
C LYS EA 675 -122.46 54.09 40.10
N THR EA 676 -122.91 53.92 41.33
CA THR EA 676 -124.22 54.45 41.72
C THR EA 676 -124.18 55.94 42.05
N VAL EA 677 -123.00 56.56 42.06
CA VAL EA 677 -122.98 58.02 42.15
C VAL EA 677 -122.87 58.59 40.74
N ARG EA 678 -122.17 57.90 39.85
CA ARG EA 678 -122.09 58.37 38.47
C ARG EA 678 -123.43 58.23 37.76
N ASP EA 679 -124.20 57.20 38.07
CA ASP EA 679 -125.49 56.99 37.46
C ASP EA 679 -126.58 57.90 38.03
N LEU EA 680 -126.32 58.54 39.18
CA LEU EA 680 -127.34 59.29 39.86
C LEU EA 680 -127.06 60.79 39.97
N MET EA 681 -125.81 61.22 39.86
CA MET EA 681 -125.52 62.64 40.06
C MET EA 681 -126.00 63.49 38.89
N PRO EA 682 -125.91 63.04 37.63
CA PRO EA 682 -126.59 63.79 36.56
C PRO EA 682 -128.08 63.96 36.79
N LYS EA 683 -128.76 62.91 37.27
CA LYS EA 683 -130.20 62.98 37.42
C LYS EA 683 -130.60 64.05 38.44
N THR EA 684 -129.90 64.14 39.56
CA THR EA 684 -130.30 65.08 40.60
C THR EA 684 -130.11 66.52 40.15
N ILE EA 685 -128.97 66.83 39.53
CA ILE EA 685 -128.76 68.19 39.06
C ILE EA 685 -129.75 68.52 37.97
N MET EA 686 -130.07 67.56 37.12
CA MET EA 686 -130.91 67.87 35.97
C MET EA 686 -132.39 67.79 36.29
N HIS EA 687 -132.74 67.33 37.48
CA HIS EA 687 -134.09 67.52 38.01
C HIS EA 687 -134.24 68.77 38.85
N LEU EA 688 -133.18 69.21 39.54
CA LEU EA 688 -133.30 70.38 40.39
C LEU EA 688 -132.93 71.67 39.70
N MET EA 689 -132.16 71.61 38.62
CA MET EA 689 -131.67 72.80 37.94
C MET EA 689 -132.17 72.90 36.50
N ILE EA 690 -131.90 71.90 35.68
CA ILE EA 690 -132.22 71.99 34.26
C ILE EA 690 -133.73 72.07 34.07
N ASN EA 691 -134.43 71.02 34.49
CA ASN EA 691 -135.87 70.92 34.31
C ASN EA 691 -136.65 71.81 35.26
N ASN EA 692 -135.96 72.65 36.03
CA ASN EA 692 -136.64 73.69 36.80
C ASN EA 692 -136.42 75.09 36.25
N THR EA 693 -135.20 75.42 35.83
CA THR EA 693 -135.01 76.69 35.14
C THR EA 693 -135.70 76.67 33.78
N LYS EA 694 -135.80 75.50 33.14
CA LYS EA 694 -136.53 75.41 31.89
C LYS EA 694 -138.01 75.68 32.11
N GLU EA 695 -138.58 75.11 33.18
CA GLU EA 695 -139.97 75.38 33.50
C GLU EA 695 -140.16 76.84 33.87
N PHE EA 696 -139.19 77.42 34.58
CA PHE EA 696 -139.27 78.84 34.91
C PHE EA 696 -139.28 79.69 33.66
N ILE EA 697 -138.46 79.32 32.67
CA ILE EA 697 -138.45 80.02 31.39
C ILE EA 697 -139.80 79.90 30.69
N PHE EA 698 -140.41 78.71 30.71
CA PHE EA 698 -141.77 78.61 30.17
C PHE EA 698 -142.75 79.53 30.88
N SER EA 699 -142.81 79.46 32.21
CA SER EA 699 -144.03 79.87 32.88
C SER EA 699 -143.92 81.03 33.85
N GLU EA 700 -142.74 81.64 34.01
CA GLU EA 700 -142.64 82.76 34.93
C GLU EA 700 -141.82 83.93 34.41
N LEU EA 701 -141.08 83.77 33.30
CA LEU EA 701 -140.16 84.81 32.87
C LEU EA 701 -140.88 86.11 32.54
N LEU EA 702 -142.03 86.03 31.87
CA LEU EA 702 -142.75 87.25 31.52
C LEU EA 702 -143.34 87.93 32.75
N ALA EA 703 -143.80 87.14 33.73
CA ALA EA 703 -144.48 87.72 34.89
C ALA EA 703 -143.56 88.65 35.67
N ASN EA 704 -142.32 88.21 35.92
CA ASN EA 704 -141.39 89.08 36.64
C ASN EA 704 -140.64 90.02 35.71
N LEU EA 705 -140.58 89.70 34.41
CA LEU EA 705 -139.98 90.63 33.46
C LEU EA 705 -140.83 91.88 33.32
N TYR EA 706 -142.15 91.74 33.38
CA TYR EA 706 -143.03 92.89 33.45
C TYR EA 706 -142.76 93.75 34.69
N SER EA 707 -142.45 93.10 35.81
CA SER EA 707 -142.35 93.80 37.09
C SER EA 707 -141.01 94.49 37.27
N CYS EA 708 -139.92 93.88 36.81
CA CYS EA 708 -138.60 94.47 36.98
C CYS EA 708 -138.45 95.68 36.08
N GLY EA 709 -137.93 96.76 36.65
CA GLY EA 709 -137.72 97.98 35.88
C GLY EA 709 -138.98 98.82 35.75
N ASP EA 710 -139.01 99.60 34.67
CA ASP EA 710 -140.10 100.53 34.44
C ASP EA 710 -141.29 99.88 33.73
N GLN EA 711 -141.03 98.87 32.90
CA GLN EA 711 -142.01 98.26 32.00
C GLN EA 711 -142.39 99.24 30.90
N ASN EA 712 -141.89 100.47 30.99
CA ASN EA 712 -142.08 101.49 29.96
C ASN EA 712 -140.78 101.91 29.32
N THR EA 713 -139.77 102.28 30.11
CA THR EA 713 -138.44 102.54 29.58
C THR EA 713 -137.62 101.25 29.53
N LEU EA 714 -138.26 100.22 28.97
CA LEU EA 714 -137.63 98.96 28.66
C LEU EA 714 -137.82 98.72 27.17
N MET EA 715 -136.98 97.85 26.61
CA MET EA 715 -136.97 97.57 25.16
C MET EA 715 -136.95 98.86 24.35
N GLU EA 716 -136.03 99.75 24.73
CA GLU EA 716 -135.76 100.97 23.98
C GLU EA 716 -134.82 100.64 22.84
N GLU EA 717 -135.07 101.25 21.68
CA GLU EA 717 -134.27 100.97 20.51
C GLU EA 717 -132.82 101.37 20.74
N SER EA 718 -131.90 100.43 20.49
CA SER EA 718 -130.49 100.78 20.45
C SER EA 718 -130.25 101.75 19.30
N ALA EA 719 -129.26 102.63 19.49
CA ALA EA 719 -128.96 103.63 18.46
C ALA EA 719 -128.71 102.99 17.11
N GLU EA 720 -128.12 101.79 17.10
CA GLU EA 720 -127.93 101.07 15.84
C GLU EA 720 -129.26 100.77 15.16
N GLN EA 721 -130.23 100.28 15.92
CA GLN EA 721 -131.55 100.01 15.34
C GLN EA 721 -132.26 101.29 14.95
N ALA EA 722 -132.09 102.36 15.72
CA ALA EA 722 -132.72 103.63 15.40
C ALA EA 722 -132.21 104.18 14.08
N GLN EA 723 -130.91 104.07 13.83
CA GLN EA 723 -130.36 104.52 12.56
C GLN EA 723 -130.51 103.50 11.44
N ARG EA 724 -130.85 102.25 11.80
CA ARG EA 724 -131.08 101.22 10.78
C ARG EA 724 -132.50 101.31 10.22
N ARG EA 725 -133.48 101.57 11.08
CA ARG EA 725 -134.86 101.68 10.61
C ARG EA 725 -135.02 102.82 9.61
N ASP EA 726 -134.38 103.96 9.88
CA ASP EA 726 -134.51 105.10 9.00
C ASP EA 726 -133.99 104.80 7.60
N GLU EA 727 -132.82 104.16 7.51
CA GLU EA 727 -132.27 103.85 6.21
C GLU EA 727 -133.08 102.75 5.52
N MET EA 728 -133.58 101.78 6.28
CA MET EA 728 -134.40 100.73 5.68
C MET EA 728 -135.76 101.23 5.25
N LEU EA 729 -136.20 102.38 5.76
CA LEU EA 729 -137.43 102.99 5.28
C LEU EA 729 -137.19 103.90 4.08
N ARG EA 730 -136.10 104.65 4.07
CA ARG EA 730 -135.81 105.46 2.89
C ARG EA 730 -135.47 104.57 1.70
N MET EA 731 -134.88 103.39 1.94
CA MET EA 731 -134.66 102.46 0.85
C MET EA 731 -135.99 101.93 0.29
N TYR EA 732 -136.98 101.72 1.17
CA TYR EA 732 -138.31 101.36 0.70
C TYR EA 732 -138.88 102.45 -0.20
N HIS EA 733 -138.77 103.71 0.24
CA HIS EA 733 -139.28 104.80 -0.58
C HIS EA 733 -138.56 104.87 -1.92
N ALA EA 734 -137.24 104.70 -1.91
CA ALA EA 734 -136.47 104.77 -3.15
C ALA EA 734 -136.84 103.62 -4.10
N LEU EA 735 -137.03 102.42 -3.55
CA LEU EA 735 -137.44 101.30 -4.39
C LEU EA 735 -138.82 101.53 -5.00
N LYS EA 736 -139.74 102.07 -4.20
CA LYS EA 736 -141.06 102.40 -4.73
C LYS EA 736 -140.95 103.41 -5.86
N GLU EA 737 -140.10 104.42 -5.70
CA GLU EA 737 -139.94 105.43 -6.75
C GLU EA 737 -139.31 104.81 -8.00
N ALA EA 738 -138.34 103.91 -7.83
CA ALA EA 738 -137.73 103.26 -8.99
C ALA EA 738 -138.74 102.42 -9.76
N LEU EA 739 -139.58 101.68 -9.04
CA LEU EA 739 -140.62 100.92 -9.72
C LEU EA 739 -141.62 101.83 -10.42
N SER EA 740 -141.94 102.97 -9.80
CA SER EA 740 -142.82 103.93 -10.46
C SER EA 740 -142.22 104.44 -11.76
N ILE EA 741 -140.90 104.73 -11.75
CA ILE EA 741 -140.26 105.21 -12.96
C ILE EA 741 -140.21 104.11 -14.03
N ILE EA 742 -139.98 102.86 -13.62
CA ILE EA 742 -139.99 101.77 -14.58
C ILE EA 742 -141.38 101.65 -15.22
N GLY EA 743 -142.43 101.74 -14.42
CA GLY EA 743 -143.77 101.72 -14.97
C GLY EA 743 -144.02 102.88 -15.93
N ASN EA 744 -143.54 104.07 -15.58
CA ASN EA 744 -143.73 105.23 -16.45
C ASN EA 744 -143.00 105.06 -17.78
N ILE EA 745 -141.78 104.53 -17.74
CA ILE EA 745 -141.03 104.36 -19.00
C ILE EA 745 -141.64 103.23 -19.83
N ASN EA 746 -142.21 102.21 -19.18
CA ASN EA 746 -142.92 101.19 -19.94
C ASN EA 746 -144.16 101.76 -20.60
N THR EA 747 -144.86 102.67 -19.90
CA THR EA 747 -145.97 103.38 -20.52
C THR EA 747 -145.47 104.21 -21.71
N THR EA 748 -144.34 104.88 -21.55
CA THR EA 748 -143.73 105.70 -22.59
C THR EA 748 -144.70 106.74 -23.14
N ASN FA 3 -85.74 95.61 -135.52
CA ASN FA 3 -84.79 96.23 -134.60
C ASN FA 3 -83.36 96.16 -135.15
N ARG FA 4 -82.62 97.27 -135.04
CA ARG FA 4 -81.28 97.35 -135.59
C ARG FA 4 -80.27 96.58 -134.77
N GLY FA 5 -80.57 96.28 -133.50
CA GLY FA 5 -79.65 95.50 -132.70
C GLY FA 5 -79.38 94.14 -133.30
N MET FA 6 -80.40 93.55 -133.93
CA MET FA 6 -80.21 92.23 -134.53
C MET FA 6 -79.44 92.31 -135.84
N GLU FA 7 -79.64 93.39 -136.62
CA GLU FA 7 -78.74 93.68 -137.75
C GLU FA 7 -77.30 93.83 -137.31
N ASP FA 8 -77.07 94.35 -136.09
CA ASP FA 8 -75.70 94.48 -135.60
C ASP FA 8 -75.05 93.13 -135.39
N LEU FA 9 -75.84 92.07 -135.19
CA LEU FA 9 -75.30 90.76 -134.87
C LEU FA 9 -75.39 89.75 -136.02
N ILE FA 10 -76.24 89.98 -137.04
CA ILE FA 10 -76.34 89.03 -138.14
C ILE FA 10 -75.00 88.78 -138.84
N PRO FA 11 -74.13 89.76 -139.11
CA PRO FA 11 -72.90 89.41 -139.84
C PRO FA 11 -71.94 88.59 -139.00
N LEU FA 12 -71.84 88.86 -137.70
CA LEU FA 12 -70.88 88.15 -136.87
C LEU FA 12 -71.29 86.72 -136.57
N VAL FA 13 -72.52 86.32 -136.91
CA VAL FA 13 -72.95 84.95 -136.75
C VAL FA 13 -73.02 84.29 -138.12
N ASN FA 14 -73.34 85.08 -139.15
CA ASN FA 14 -73.40 84.56 -140.50
C ASN FA 14 -71.99 84.25 -141.03
N ARG FA 15 -70.99 85.02 -140.61
CA ARG FA 15 -69.61 84.75 -140.96
C ARG FA 15 -69.04 83.61 -140.13
N LEU FA 16 -69.70 83.26 -139.04
CA LEU FA 16 -69.19 82.29 -138.06
C LEU FA 16 -69.74 80.89 -138.32
N GLN FA 17 -71.07 80.76 -138.25
CA GLN FA 17 -71.70 79.44 -138.34
C GLN FA 17 -71.49 78.83 -139.71
N ASP FA 18 -71.43 79.65 -140.76
CA ASP FA 18 -71.18 79.12 -142.08
C ASP FA 18 -69.83 78.43 -142.15
N ALA FA 19 -68.81 79.02 -141.51
CA ALA FA 19 -67.49 78.39 -141.50
C ALA FA 19 -67.48 77.14 -140.64
N PHE FA 20 -68.02 77.23 -139.41
CA PHE FA 20 -68.02 76.06 -138.54
C PHE FA 20 -68.87 74.91 -139.10
N SER FA 21 -69.76 75.19 -140.04
CA SER FA 21 -70.49 74.12 -140.71
C SER FA 21 -69.88 73.73 -142.04
N ALA FA 22 -69.08 74.61 -142.65
CA ALA FA 22 -68.36 74.26 -143.86
C ALA FA 22 -67.20 73.32 -143.56
N ILE FA 23 -66.63 73.40 -142.36
CA ILE FA 23 -65.66 72.39 -141.95
C ILE FA 23 -66.29 71.01 -141.78
N GLY FA 24 -67.62 70.93 -141.81
CA GLY FA 24 -68.31 69.67 -141.72
C GLY FA 24 -68.62 69.20 -140.32
N GLN FA 25 -67.99 69.78 -139.30
CA GLN FA 25 -68.23 69.36 -137.93
C GLN FA 25 -69.60 69.84 -137.44
N ASN FA 26 -70.14 69.12 -136.48
CA ASN FA 26 -71.39 69.55 -135.83
C ASN FA 26 -71.09 70.56 -134.74
N ALA FA 27 -70.32 71.60 -135.08
CA ALA FA 27 -70.04 72.68 -134.15
C ALA FA 27 -71.14 73.73 -134.26
N ASP FA 28 -71.63 74.19 -133.12
CA ASP FA 28 -72.76 75.10 -133.11
C ASP FA 28 -72.58 76.13 -132.01
N LEU FA 29 -73.24 77.28 -132.19
CA LEU FA 29 -73.19 78.35 -131.20
C LEU FA 29 -74.19 78.13 -130.09
N ASP FA 30 -75.38 77.62 -130.42
CA ASP FA 30 -76.47 77.42 -129.46
C ASP FA 30 -76.85 78.75 -128.80
N LEU FA 31 -77.38 79.66 -129.62
CA LEU FA 31 -77.96 80.88 -129.09
C LEU FA 31 -79.08 80.52 -128.11
N PRO FA 32 -79.08 81.08 -126.91
CA PRO FA 32 -80.13 80.75 -125.95
C PRO FA 32 -81.51 81.13 -126.48
N GLN FA 33 -82.50 80.33 -126.12
CA GLN FA 33 -83.86 80.59 -126.53
C GLN FA 33 -84.57 81.44 -125.48
N ILE FA 34 -85.46 82.31 -125.96
CA ILE FA 34 -86.08 83.33 -125.12
C ILE FA 34 -87.49 82.86 -124.76
N ALA FA 35 -87.71 82.59 -123.48
CA ALA FA 35 -89.04 82.27 -122.96
C ALA FA 35 -89.46 83.35 -121.98
N VAL FA 36 -90.78 83.51 -121.83
CA VAL FA 36 -91.34 84.51 -120.94
C VAL FA 36 -92.29 83.82 -119.97
N VAL FA 37 -92.21 84.19 -118.70
CA VAL FA 37 -93.06 83.61 -117.66
C VAL FA 37 -93.70 84.74 -116.87
N GLY FA 38 -94.77 84.41 -116.17
CA GLY FA 38 -95.48 85.37 -115.35
C GLY FA 38 -96.94 84.97 -115.23
N GLY FA 39 -97.69 85.84 -114.54
CA GLY FA 39 -99.10 85.63 -114.36
C GLY FA 39 -99.90 86.11 -115.56
N GLN FA 40 -101.19 85.79 -115.55
CA GLN FA 40 -102.07 86.20 -116.63
C GLN FA 40 -102.15 87.72 -116.70
N SER FA 41 -102.28 88.23 -117.93
CA SER FA 41 -102.40 89.66 -118.20
C SER FA 41 -101.18 90.44 -117.73
N ALA FA 42 -100.01 89.81 -117.78
CA ALA FA 42 -98.76 90.53 -117.51
C ALA FA 42 -98.21 91.25 -118.72
N GLY FA 43 -98.69 90.94 -119.92
CA GLY FA 43 -98.22 91.60 -121.12
C GLY FA 43 -97.13 90.89 -121.88
N LYS FA 44 -97.02 89.57 -121.72
CA LYS FA 44 -95.89 88.85 -122.29
C LYS FA 44 -95.91 88.89 -123.81
N SER FA 45 -97.08 88.67 -124.42
CA SER FA 45 -97.17 88.71 -125.87
C SER FA 45 -96.80 90.08 -126.42
N SER FA 46 -97.23 91.14 -125.74
CA SER FA 46 -96.85 92.48 -126.16
C SER FA 46 -95.38 92.78 -125.90
N VAL FA 47 -94.75 92.09 -124.96
CA VAL FA 47 -93.31 92.21 -124.81
C VAL FA 47 -92.58 91.56 -125.99
N LEU FA 48 -92.99 90.35 -126.37
CA LEU FA 48 -92.35 89.69 -127.51
C LEU FA 48 -92.57 90.46 -128.80
N GLU FA 49 -93.79 90.96 -129.02
CA GLU FA 49 -94.05 91.77 -130.20
C GLU FA 49 -93.11 92.95 -130.30
N ASN FA 50 -92.88 93.64 -129.18
CA ASN FA 50 -92.04 94.82 -129.20
C ASN FA 50 -90.56 94.46 -129.31
N PHE FA 51 -90.16 93.33 -128.74
CA PHE FA 51 -88.78 92.88 -128.89
C PHE FA 51 -88.47 92.54 -130.34
N VAL FA 52 -89.41 91.89 -131.03
CA VAL FA 52 -89.22 91.59 -132.45
C VAL FA 52 -89.26 92.86 -133.28
N GLY FA 53 -90.38 93.57 -133.22
CA GLY FA 53 -90.52 94.81 -133.97
C GLY FA 53 -91.67 94.78 -134.97
N ARG FA 54 -92.47 93.73 -134.93
CA ARG FA 54 -93.59 93.58 -135.85
C ARG FA 54 -94.80 93.06 -135.09
N ASP FA 55 -95.99 93.37 -135.62
CA ASP FA 55 -97.25 93.11 -134.93
C ASP FA 55 -97.81 91.80 -135.46
N PHE FA 56 -97.46 90.70 -134.80
CA PHE FA 56 -97.90 89.38 -135.26
C PHE FA 56 -98.30 88.48 -134.10
N LEU FA 57 -98.81 89.04 -133.01
CA LEU FA 57 -99.20 88.23 -131.87
C LEU FA 57 -100.56 88.65 -131.37
N PRO FA 58 -101.29 87.73 -130.75
CA PRO FA 58 -102.59 88.10 -130.17
C PRO FA 58 -102.45 88.65 -128.76
N ARG FA 59 -103.27 89.63 -128.42
CA ARG FA 59 -103.25 90.22 -127.10
C ARG FA 59 -104.59 90.87 -126.82
N GLY FA 60 -104.89 91.03 -125.54
CA GLY FA 60 -106.12 91.68 -125.14
C GLY FA 60 -106.42 91.39 -123.69
N SER FA 61 -107.52 91.99 -123.22
CA SER FA 61 -107.99 91.71 -121.88
C SER FA 61 -108.44 90.26 -121.77
N GLY FA 62 -108.51 89.78 -120.53
CA GLY FA 62 -108.82 88.38 -120.35
C GLY FA 62 -107.66 87.50 -120.77
N ILE FA 63 -107.97 86.23 -121.01
CA ILE FA 63 -106.98 85.24 -121.41
C ILE FA 63 -106.88 85.25 -122.93
N VAL FA 64 -105.66 85.44 -123.44
CA VAL FA 64 -105.44 85.53 -124.88
C VAL FA 64 -104.44 84.47 -125.33
N THR FA 65 -103.22 84.55 -124.81
CA THR FA 65 -102.19 83.57 -125.20
C THR FA 65 -102.55 82.24 -124.56
N ARG FA 66 -103.28 81.41 -125.30
CA ARG FA 66 -103.90 80.22 -124.76
C ARG FA 66 -103.14 78.94 -125.12
N ARG FA 67 -102.21 79.01 -126.08
CA ARG FA 67 -101.38 77.89 -126.47
C ARG FA 67 -99.93 78.36 -126.60
N PRO FA 68 -98.98 77.56 -126.16
CA PRO FA 68 -97.57 77.94 -126.31
C PRO FA 68 -97.23 78.18 -127.77
N LEU FA 69 -96.45 79.21 -128.04
CA LEU FA 69 -96.06 79.58 -129.39
C LEU FA 69 -94.55 79.51 -129.49
N VAL FA 70 -94.05 78.61 -130.33
CA VAL FA 70 -92.62 78.50 -130.58
C VAL FA 70 -92.35 79.26 -131.87
N LEU FA 71 -92.05 80.54 -131.74
CA LEU FA 71 -91.58 81.34 -132.86
C LEU FA 71 -90.12 81.02 -133.15
N GLN FA 72 -89.79 80.92 -134.41
CA GLN FA 72 -88.41 80.72 -134.84
C GLN FA 72 -88.10 81.78 -135.89
N LEU FA 73 -87.31 82.77 -135.48
CA LEU FA 73 -86.77 83.72 -136.44
C LEU FA 73 -85.63 83.04 -137.18
N VAL FA 74 -85.66 83.08 -138.51
CA VAL FA 74 -84.66 82.42 -139.35
C VAL FA 74 -84.19 83.41 -140.41
N ASN FA 75 -82.88 83.56 -140.53
CA ASN FA 75 -82.31 84.44 -141.53
C ASN FA 75 -82.49 83.84 -142.91
N ALA FA 76 -83.03 84.63 -143.83
CA ALA FA 76 -83.31 84.15 -145.17
C ALA FA 76 -83.22 85.33 -146.14
N THR FA 77 -83.66 85.09 -147.38
CA THR FA 77 -83.54 86.11 -148.43
C THR FA 77 -84.62 87.18 -148.28
N THR FA 78 -85.88 86.78 -148.35
CA THR FA 78 -87.01 87.70 -148.31
C THR FA 78 -87.77 87.56 -147.01
N GLU FA 79 -88.73 88.46 -146.81
CA GLU FA 79 -89.54 88.51 -145.60
C GLU FA 79 -90.84 87.74 -145.82
N TYR FA 80 -91.08 86.73 -144.99
CA TYR FA 80 -92.36 86.02 -144.96
C TYR FA 80 -92.40 85.19 -143.68
N ALA FA 81 -93.50 84.49 -143.49
CA ALA FA 81 -93.66 83.64 -142.32
C ALA FA 81 -94.58 82.49 -142.66
N GLU FA 82 -94.32 81.33 -142.06
CA GLU FA 82 -95.13 80.15 -142.30
C GLU FA 82 -95.36 79.39 -141.00
N PHE FA 83 -96.57 78.87 -140.85
CA PHE FA 83 -96.91 77.97 -139.75
C PHE FA 83 -96.38 76.57 -140.06
N LEU FA 84 -96.76 75.62 -139.22
CA LEU FA 84 -96.40 74.22 -139.42
C LEU FA 84 -97.58 73.35 -139.80
N HIS FA 85 -98.76 73.62 -139.22
CA HIS FA 85 -99.96 72.87 -139.58
C HIS FA 85 -100.44 73.16 -140.99
N CYS FA 86 -99.94 74.20 -141.63
CA CYS FA 86 -100.36 74.64 -142.96
C CYS FA 86 -99.14 74.78 -143.88
N LYS FA 87 -98.33 73.72 -143.93
CA LYS FA 87 -97.07 73.76 -144.68
C LYS FA 87 -97.28 74.31 -146.09
N GLY FA 88 -96.34 75.12 -146.53
CA GLY FA 88 -96.38 75.73 -147.85
C GLY FA 88 -97.17 77.00 -147.96
N LYS FA 89 -98.01 77.31 -146.97
CA LYS FA 89 -98.81 78.53 -147.00
C LYS FA 89 -97.98 79.66 -146.39
N LYS FA 90 -97.26 80.37 -147.24
CA LYS FA 90 -96.42 81.48 -146.81
C LYS FA 90 -97.29 82.69 -146.49
N PHE FA 91 -97.04 83.31 -145.34
CA PHE FA 91 -97.78 84.48 -144.88
C PHE FA 91 -96.90 85.71 -144.96
N THR FA 92 -97.42 86.75 -145.60
CA THR FA 92 -96.77 88.05 -145.65
C THR FA 92 -97.56 89.13 -144.92
N ASP FA 93 -98.88 88.98 -144.80
CA ASP FA 93 -99.71 89.95 -144.12
C ASP FA 93 -99.78 89.59 -142.64
N PHE FA 94 -99.15 90.42 -141.81
CA PHE FA 94 -99.08 90.12 -140.38
C PHE FA 94 -100.44 90.17 -139.72
N GLU FA 95 -101.40 90.91 -140.29
CA GLU FA 95 -102.76 90.84 -139.79
C GLU FA 95 -103.35 89.44 -140.01
N GLU FA 96 -103.07 88.84 -141.18
CA GLU FA 96 -103.48 87.47 -141.41
C GLU FA 96 -102.77 86.52 -140.44
N VAL FA 97 -101.49 86.78 -140.15
CA VAL FA 97 -100.78 85.95 -139.18
C VAL FA 97 -101.45 86.02 -137.82
N ARG FA 98 -101.81 87.24 -137.40
CA ARG FA 98 -102.44 87.43 -136.09
C ARG FA 98 -103.80 86.76 -136.04
N LEU FA 99 -104.59 86.86 -137.12
CA LEU FA 99 -105.88 86.19 -137.13
C LEU FA 99 -105.72 84.68 -137.11
N GLU FA 100 -104.77 84.15 -137.90
CA GLU FA 100 -104.63 82.71 -138.01
C GLU FA 100 -104.09 82.10 -136.73
N ILE FA 101 -103.23 82.82 -136.00
CA ILE FA 101 -102.68 82.24 -134.78
C ILE FA 101 -103.77 82.01 -133.75
N GLU FA 102 -104.69 82.97 -133.59
CA GLU FA 102 -105.78 82.75 -132.65
C GLU FA 102 -106.83 81.79 -133.21
N ALA FA 103 -106.98 81.74 -134.54
CA ALA FA 103 -107.85 80.72 -135.12
C ALA FA 103 -107.35 79.32 -134.81
N GLU FA 104 -106.04 79.09 -134.94
CA GLU FA 104 -105.47 77.81 -134.53
C GLU FA 104 -105.55 77.63 -133.03
N THR FA 105 -105.43 78.73 -132.27
CA THR FA 105 -105.48 78.65 -130.82
C THR FA 105 -106.82 78.11 -130.34
N ASP FA 106 -107.92 78.62 -130.90
CA ASP FA 106 -109.22 78.13 -130.45
C ASP FA 106 -109.72 76.93 -131.27
N ARG FA 107 -109.08 76.61 -132.40
CA ARG FA 107 -109.46 75.42 -133.16
C ARG FA 107 -109.19 74.13 -132.39
N VAL FA 108 -108.37 74.18 -131.35
CA VAL FA 108 -108.02 72.99 -130.59
C VAL FA 108 -108.69 72.95 -129.23
N THR FA 109 -108.90 74.11 -128.59
CA THR FA 109 -109.43 74.17 -127.24
C THR FA 109 -110.86 74.67 -127.15
N GLY FA 110 -111.33 75.43 -128.13
CA GLY FA 110 -112.64 76.05 -128.06
C GLY FA 110 -112.53 77.51 -127.65
N THR FA 111 -113.69 78.05 -127.28
CA THR FA 111 -113.80 79.44 -126.85
C THR FA 111 -114.00 79.54 -125.34
N ASN FA 112 -113.92 78.41 -124.64
CA ASN FA 112 -114.22 78.36 -123.20
C ASN FA 112 -112.95 78.37 -122.37
N LYS FA 113 -111.90 79.02 -122.87
CA LYS FA 113 -110.68 79.32 -122.12
C LYS FA 113 -109.96 78.07 -121.62
N GLY FA 114 -110.10 76.94 -122.30
CA GLY FA 114 -109.27 75.80 -121.99
C GLY FA 114 -107.94 75.85 -122.72
N ILE FA 115 -106.95 75.12 -122.24
CA ILE FA 115 -105.62 75.20 -122.83
C ILE FA 115 -105.16 73.81 -123.25
N SER FA 116 -104.12 73.80 -124.09
CA SER FA 116 -103.56 72.58 -124.64
C SER FA 116 -102.04 72.67 -124.54
N PRO FA 117 -101.38 71.65 -124.02
CA PRO FA 117 -99.92 71.70 -123.88
C PRO FA 117 -99.18 71.37 -125.16
N VAL FA 118 -99.88 71.36 -126.29
CA VAL FA 118 -99.28 71.06 -127.59
C VAL FA 118 -98.86 72.38 -128.22
N PRO FA 119 -97.57 72.61 -128.45
CA PRO FA 119 -97.12 73.93 -128.93
C PRO FA 119 -97.65 74.27 -130.32
N ILE FA 120 -97.35 75.49 -130.77
CA ILE FA 120 -97.68 75.94 -132.11
C ILE FA 120 -96.37 76.45 -132.70
N ASN FA 121 -95.79 75.69 -133.62
CA ASN FA 121 -94.57 76.13 -134.27
C ASN FA 121 -94.88 77.21 -135.31
N LEU FA 122 -93.96 78.15 -135.44
CA LEU FA 122 -94.10 79.22 -136.41
C LEU FA 122 -92.69 79.63 -136.81
N ARG FA 123 -92.48 79.93 -138.08
CA ARG FA 123 -91.16 80.32 -138.57
C ARG FA 123 -91.27 81.59 -139.38
N VAL FA 124 -90.61 82.65 -138.93
CA VAL FA 124 -90.53 83.90 -139.67
C VAL FA 124 -89.17 83.95 -140.34
N TYR FA 125 -89.17 83.90 -141.67
CA TYR FA 125 -87.95 83.99 -142.45
C TYR FA 125 -87.77 85.43 -142.90
N SER FA 126 -86.60 85.99 -142.60
CA SER FA 126 -86.34 87.39 -142.95
C SER FA 126 -84.85 87.64 -142.93
N PRO FA 127 -84.36 88.58 -143.72
CA PRO FA 127 -82.94 88.96 -143.63
C PRO FA 127 -82.63 89.77 -142.39
N HIS FA 128 -83.62 90.12 -141.58
CA HIS FA 128 -83.45 91.00 -140.43
C HIS FA 128 -83.54 90.24 -139.11
N VAL FA 129 -83.38 88.92 -139.13
CA VAL FA 129 -83.49 88.12 -137.92
C VAL FA 129 -82.33 87.14 -137.84
N LEU FA 130 -82.02 86.72 -136.62
CA LEU FA 130 -81.06 85.66 -136.36
C LEU FA 130 -81.74 84.31 -136.52
N ASN FA 131 -81.07 83.26 -136.06
CA ASN FA 131 -81.70 81.94 -135.92
C ASN FA 131 -82.14 81.71 -134.48
N LEU FA 132 -83.16 82.48 -134.07
CA LEU FA 132 -83.58 82.52 -132.68
C LEU FA 132 -84.89 81.77 -132.45
N THR FA 133 -85.04 81.30 -131.22
CA THR FA 133 -86.24 80.59 -130.76
C THR FA 133 -86.87 81.40 -129.65
N LEU FA 134 -88.03 81.97 -129.92
CA LEU FA 134 -88.80 82.76 -128.96
C LEU FA 134 -89.99 81.93 -128.53
N VAL FA 135 -90.04 81.56 -127.26
CA VAL FA 135 -91.07 80.66 -126.74
C VAL FA 135 -92.05 81.51 -125.94
N ASP FA 136 -93.10 81.97 -126.59
CA ASP FA 136 -94.19 82.61 -125.86
C ASP FA 136 -95.00 81.53 -125.15
N LEU FA 137 -95.41 81.83 -123.92
CA LEU FA 137 -96.07 80.86 -123.07
C LEU FA 137 -97.38 81.45 -122.57
N PRO FA 138 -98.35 80.59 -122.22
CA PRO FA 138 -99.61 81.11 -121.69
C PRO FA 138 -99.43 81.65 -120.28
N GLY FA 139 -100.30 82.59 -119.92
CA GLY FA 139 -100.25 83.15 -118.58
C GLY FA 139 -100.55 82.11 -117.52
N MET FA 140 -99.92 82.26 -116.37
CA MET FA 140 -100.11 81.34 -115.26
C MET FA 140 -101.42 81.64 -114.55
N THR FA 141 -102.13 80.58 -114.18
CA THR FA 141 -103.46 80.68 -113.59
C THR FA 141 -103.50 79.81 -112.33
N LYS FA 142 -104.34 80.21 -111.38
CA LYS FA 142 -104.38 79.50 -110.10
C LYS FA 142 -105.76 78.88 -109.85
N VAL FA 143 -106.82 79.50 -110.36
CA VAL FA 143 -108.16 78.93 -110.20
C VAL FA 143 -108.75 78.67 -111.59
N PRO FA 144 -109.37 77.52 -111.81
CA PRO FA 144 -109.87 77.20 -113.15
C PRO FA 144 -111.10 78.00 -113.53
N VAL FA 145 -110.97 78.87 -114.52
CA VAL FA 145 -112.10 79.62 -115.07
C VAL FA 145 -112.50 78.98 -116.38
N GLY FA 146 -113.81 78.79 -116.58
CA GLY FA 146 -114.30 78.12 -117.76
C GLY FA 146 -114.39 76.63 -117.59
N ASP FA 147 -114.07 75.87 -118.64
CA ASP FA 147 -114.09 74.41 -118.57
C ASP FA 147 -112.72 73.83 -118.28
N GLN FA 148 -111.80 74.64 -117.74
CA GLN FA 148 -110.48 74.14 -117.42
C GLN FA 148 -110.55 73.11 -116.30
N PRO FA 149 -109.73 72.07 -116.37
CA PRO FA 149 -109.75 71.02 -115.35
C PRO FA 149 -109.27 71.55 -114.01
N PRO FA 150 -109.51 70.81 -112.92
CA PRO FA 150 -109.16 71.32 -111.59
C PRO FA 150 -107.67 71.58 -111.39
N ASP FA 151 -106.79 71.00 -112.21
CA ASP FA 151 -105.35 71.15 -112.05
C ASP FA 151 -104.75 72.04 -113.13
N ILE FA 152 -105.45 73.13 -113.45
CA ILE FA 152 -104.96 74.06 -114.45
C ILE FA 152 -103.62 74.65 -114.03
N GLU FA 153 -103.48 74.98 -112.75
CA GLU FA 153 -102.23 75.56 -112.27
C GLU FA 153 -101.09 74.58 -112.45
N PHE FA 154 -101.31 73.31 -112.14
CA PHE FA 154 -100.22 72.35 -112.24
C PHE FA 154 -99.89 72.03 -113.69
N GLN FA 155 -100.89 71.97 -114.57
CA GLN FA 155 -100.55 71.69 -115.96
C GLN FA 155 -100.08 72.92 -116.71
N ILE FA 156 -100.16 74.12 -116.12
CA ILE FA 156 -99.48 75.25 -116.71
C ILE FA 156 -98.06 75.38 -116.16
N ARG FA 157 -97.86 75.06 -114.89
CA ARG FA 157 -96.50 75.06 -114.35
C ARG FA 157 -95.66 73.98 -114.99
N ASP FA 158 -96.21 72.77 -115.15
CA ASP FA 158 -95.48 71.71 -115.85
C ASP FA 158 -95.31 72.04 -117.32
N MET FA 159 -96.21 72.85 -117.88
CA MET FA 159 -96.02 73.36 -119.23
C MET FA 159 -94.77 74.24 -119.29
N LEU FA 160 -94.61 75.12 -118.30
CA LEU FA 160 -93.51 76.08 -118.33
C LEU FA 160 -92.18 75.42 -118.00
N MET FA 161 -92.20 74.37 -117.18
CA MET FA 161 -90.95 73.71 -116.82
C MET FA 161 -90.24 73.12 -118.04
N GLN FA 162 -90.98 72.44 -118.91
CA GLN FA 162 -90.31 71.80 -120.04
C GLN FA 162 -89.72 72.81 -121.01
N PHE FA 163 -90.07 74.09 -120.88
CA PHE FA 163 -89.52 75.13 -121.74
C PHE FA 163 -88.47 76.00 -121.06
N VAL FA 164 -88.48 76.11 -119.73
CA VAL FA 164 -87.54 76.98 -119.05
C VAL FA 164 -86.48 76.24 -118.24
N THR FA 165 -86.64 74.93 -118.01
CA THR FA 165 -85.62 74.24 -117.21
C THR FA 165 -84.37 73.97 -118.04
N LYS FA 166 -84.49 73.93 -119.36
CA LYS FA 166 -83.34 73.68 -120.21
C LYS FA 166 -82.38 74.86 -120.15
N GLU FA 167 -81.08 74.57 -120.03
CA GLU FA 167 -80.08 75.62 -119.99
C GLU FA 167 -80.07 76.36 -121.32
N ASN FA 168 -79.38 77.50 -121.32
CA ASN FA 168 -79.38 78.42 -122.46
C ASN FA 168 -80.81 78.80 -122.84
N CYS FA 169 -81.60 79.13 -121.82
CA CYS FA 169 -82.97 79.61 -121.99
C CYS FA 169 -83.12 80.87 -121.17
N LEU FA 170 -83.02 82.03 -121.84
CA LEU FA 170 -83.28 83.30 -121.19
C LEU FA 170 -84.71 83.33 -120.68
N ILE FA 171 -84.88 83.64 -119.41
CA ILE FA 171 -86.19 83.65 -118.78
C ILE FA 171 -86.55 85.11 -118.52
N LEU FA 172 -87.49 85.62 -119.31
CA LEU FA 172 -88.04 86.96 -119.08
C LEU FA 172 -89.15 86.79 -118.05
N ALA FA 173 -88.84 87.11 -116.81
CA ALA FA 173 -89.84 87.16 -115.75
C ALA FA 173 -90.60 88.46 -115.90
N VAL FA 174 -91.77 88.39 -116.53
CA VAL FA 174 -92.58 89.58 -116.76
C VAL FA 174 -93.55 89.72 -115.60
N SER FA 175 -93.49 90.85 -114.90
CA SER FA 175 -94.36 91.11 -113.77
C SER FA 175 -95.05 92.44 -113.98
N PRO FA 176 -96.31 92.55 -113.60
CA PRO FA 176 -97.00 93.84 -113.72
C PRO FA 176 -96.64 94.76 -112.57
N ALA FA 177 -96.61 96.05 -112.88
CA ALA FA 177 -96.28 97.04 -111.85
C ALA FA 177 -97.41 97.17 -110.85
N ASN FA 178 -98.66 97.09 -111.31
CA ASN FA 178 -99.81 97.27 -110.43
C ASN FA 178 -99.81 96.24 -109.31
N SER FA 179 -99.64 94.98 -109.65
CA SER FA 179 -99.54 93.96 -108.63
C SER FA 179 -98.21 94.08 -107.89
N ASP FA 180 -98.21 93.61 -106.64
CA ASP FA 180 -96.99 93.67 -105.85
C ASP FA 180 -95.98 92.68 -106.39
N LEU FA 181 -94.70 93.03 -106.24
CA LEU FA 181 -93.63 92.19 -106.80
C LEU FA 181 -93.54 90.86 -106.09
N ALA FA 182 -93.89 90.82 -104.80
CA ALA FA 182 -93.83 89.56 -104.07
C ALA FA 182 -94.82 88.55 -104.60
N ASN FA 183 -95.80 88.98 -105.40
CA ASN FA 183 -96.78 88.09 -106.00
C ASN FA 183 -96.43 87.68 -107.41
N SER FA 184 -95.21 87.94 -107.87
CA SER FA 184 -94.82 87.64 -109.24
C SER FA 184 -94.57 86.15 -109.39
N ASP FA 185 -95.53 85.44 -109.98
CA ASP FA 185 -95.31 84.04 -110.32
C ASP FA 185 -94.11 83.89 -111.25
N ALA FA 186 -93.86 84.90 -112.08
CA ALA FA 186 -92.67 84.90 -112.92
C ALA FA 186 -91.41 84.78 -112.07
N LEU FA 187 -91.30 85.62 -111.04
CA LEU FA 187 -90.12 85.56 -110.19
C LEU FA 187 -90.07 84.29 -109.37
N LYS FA 188 -91.23 83.75 -108.98
CA LYS FA 188 -91.22 82.47 -108.28
C LYS FA 188 -90.63 81.38 -109.16
N VAL FA 189 -91.08 81.31 -110.41
CA VAL FA 189 -90.56 80.31 -111.35
C VAL FA 189 -89.08 80.55 -111.62
N ALA FA 190 -88.68 81.82 -111.74
CA ALA FA 190 -87.28 82.14 -112.01
C ALA FA 190 -86.39 81.71 -110.86
N LYS FA 191 -86.81 81.96 -109.62
CA LYS FA 191 -86.02 81.50 -108.48
C LYS FA 191 -86.10 79.99 -108.28
N GLU FA 192 -87.10 79.33 -108.86
CA GLU FA 192 -87.13 77.87 -108.79
C GLU FA 192 -86.16 77.23 -109.79
N VAL FA 193 -86.16 77.71 -111.04
CA VAL FA 193 -85.42 77.07 -112.12
C VAL FA 193 -84.16 77.83 -112.49
N ASP FA 194 -83.79 78.82 -111.70
CA ASP FA 194 -82.59 79.61 -111.95
C ASP FA 194 -82.21 80.34 -110.67
N PRO FA 195 -81.71 79.62 -109.66
CA PRO FA 195 -81.55 80.24 -108.33
C PRO FA 195 -80.67 81.46 -108.33
N GLN FA 196 -79.46 81.37 -108.89
CA GLN FA 196 -78.55 82.51 -108.87
C GLN FA 196 -78.96 83.61 -109.83
N GLY FA 197 -79.96 83.39 -110.67
CA GLY FA 197 -80.39 84.39 -111.63
C GLY FA 197 -79.36 84.67 -112.71
N GLN FA 198 -78.68 83.63 -113.19
CA GLN FA 198 -77.68 83.83 -114.24
C GLN FA 198 -78.33 84.24 -115.55
N ARG FA 199 -79.48 83.65 -115.88
CA ARG FA 199 -80.13 83.82 -117.18
C ARG FA 199 -81.56 84.31 -117.02
N THR FA 200 -81.79 85.17 -116.02
CA THR FA 200 -83.10 85.70 -115.72
C THR FA 200 -83.10 87.21 -115.96
N ILE FA 201 -84.02 87.67 -116.80
CA ILE FA 201 -84.21 89.09 -117.08
C ILE FA 201 -85.55 89.48 -116.49
N GLY FA 202 -85.55 90.43 -115.55
CA GLY FA 202 -86.78 90.92 -114.97
C GLY FA 202 -87.35 92.07 -115.79
N VAL FA 203 -88.64 91.97 -116.09
CA VAL FA 203 -89.33 93.01 -116.84
C VAL FA 203 -90.54 93.45 -116.04
N ILE FA 204 -90.75 94.76 -115.94
CA ILE FA 204 -91.86 95.34 -115.21
C ILE FA 204 -92.75 96.07 -116.20
N THR FA 205 -94.00 95.61 -116.32
CA THR FA 205 -94.94 96.13 -117.29
C THR FA 205 -96.02 96.94 -116.59
N LYS FA 206 -96.75 97.72 -117.39
CA LYS FA 206 -97.88 98.51 -116.93
C LYS FA 206 -97.45 99.50 -115.84
N LEU FA 207 -96.47 100.34 -116.20
CA LEU FA 207 -96.00 101.38 -115.30
C LEU FA 207 -96.84 102.64 -115.36
N ASP FA 208 -97.74 102.76 -116.34
CA ASP FA 208 -98.62 103.90 -116.44
C ASP FA 208 -99.96 103.68 -115.75
N LEU FA 209 -100.15 102.52 -115.11
CA LEU FA 209 -101.40 102.21 -114.43
C LEU FA 209 -101.18 101.91 -112.95
N MET FA 210 -100.06 102.37 -112.39
CA MET FA 210 -99.79 102.12 -110.97
C MET FA 210 -100.77 102.89 -110.10
N ASP FA 211 -100.95 102.39 -108.87
CA ASP FA 211 -101.81 103.07 -107.92
C ASP FA 211 -101.33 104.50 -107.70
N GLU FA 212 -102.27 105.45 -107.75
CA GLU FA 212 -101.90 106.85 -107.70
C GLU FA 212 -101.15 107.17 -106.41
N GLY FA 213 -100.09 107.95 -106.54
CA GLY FA 213 -99.25 108.29 -105.42
C GLY FA 213 -98.19 107.27 -105.08
N THR FA 214 -98.08 106.20 -105.84
CA THR FA 214 -97.07 105.16 -105.63
C THR FA 214 -96.18 105.07 -106.86
N ASP FA 215 -94.98 104.53 -106.67
CA ASP FA 215 -94.05 104.34 -107.76
C ASP FA 215 -93.16 103.14 -107.46
N ALA FA 216 -92.82 102.41 -108.52
CA ALA FA 216 -92.02 101.19 -108.40
C ALA FA 216 -90.53 101.47 -108.46
N ARG FA 217 -90.11 102.69 -108.08
CA ARG FA 217 -88.69 103.07 -108.15
C ARG FA 217 -87.81 102.07 -107.40
N ASP FA 218 -88.23 101.66 -106.21
CA ASP FA 218 -87.44 100.72 -105.42
C ASP FA 218 -87.36 99.35 -106.06
N VAL FA 219 -88.21 99.06 -107.04
CA VAL FA 219 -88.12 97.81 -107.79
C VAL FA 219 -87.25 97.98 -109.03
N LEU FA 220 -87.49 99.04 -109.79
CA LEU FA 220 -86.71 99.28 -111.00
C LEU FA 220 -85.25 99.55 -110.71
N GLU FA 221 -84.94 100.04 -109.51
CA GLU FA 221 -83.56 100.23 -109.11
C GLU FA 221 -82.95 99.00 -108.46
N ASN FA 222 -83.58 97.83 -108.66
CA ASN FA 222 -83.05 96.56 -108.17
C ASN FA 222 -82.79 96.58 -106.67
N LYS FA 223 -83.63 97.30 -105.94
CA LYS FA 223 -83.48 97.44 -104.50
C LYS FA 223 -84.37 96.47 -103.72
N LEU FA 224 -85.65 96.38 -104.09
CA LEU FA 224 -86.58 95.52 -103.37
C LEU FA 224 -86.16 94.07 -103.43
N LEU FA 225 -86.16 93.50 -104.63
CA LEU FA 225 -85.79 92.09 -104.83
C LEU FA 225 -84.50 92.03 -105.65
N PRO FA 226 -83.37 91.66 -105.05
CA PRO FA 226 -82.11 91.70 -105.79
C PRO FA 226 -82.11 90.71 -106.95
N LEU FA 227 -81.79 91.21 -108.13
CA LEU FA 227 -81.74 90.41 -109.34
C LEU FA 227 -80.46 90.74 -110.08
N ARG FA 228 -79.82 89.70 -110.63
CA ARG FA 228 -78.48 89.88 -111.20
C ARG FA 228 -78.49 90.84 -112.38
N ARG FA 229 -79.41 90.62 -113.32
CA ARG FA 229 -79.47 91.46 -114.51
C ARG FA 229 -80.32 92.71 -114.33
N GLY FA 230 -80.98 92.87 -113.17
CA GLY FA 230 -81.81 94.02 -112.93
C GLY FA 230 -83.13 93.95 -113.66
N TYR FA 231 -83.99 94.92 -113.34
CA TYR FA 231 -85.32 94.99 -113.93
C TYR FA 231 -85.35 96.08 -115.00
N ILE FA 232 -86.20 95.86 -116.00
CA ILE FA 232 -86.39 96.79 -117.09
C ILE FA 232 -87.87 97.15 -117.14
N GLY FA 233 -88.18 98.42 -116.93
CA GLY FA 233 -89.56 98.87 -117.04
C GLY FA 233 -89.93 99.17 -118.48
N VAL FA 234 -91.17 98.82 -118.82
CA VAL FA 234 -91.69 99.07 -120.17
C VAL FA 234 -93.15 99.44 -120.06
N VAL FA 235 -93.61 100.30 -120.97
CA VAL FA 235 -95.00 100.68 -121.08
C VAL FA 235 -95.47 100.28 -122.48
N ASN FA 236 -96.49 99.43 -122.54
CA ASN FA 236 -96.98 98.90 -123.79
C ASN FA 236 -98.24 99.65 -124.19
N ARG FA 237 -98.87 99.21 -125.27
CA ARG FA 237 -100.13 99.80 -125.70
C ARG FA 237 -101.24 99.40 -124.74
N SER FA 238 -102.03 100.37 -124.30
CA SER FA 238 -103.18 100.06 -123.46
C SER FA 238 -104.22 99.29 -124.27
N GLN FA 239 -105.19 98.71 -123.56
CA GLN FA 239 -106.23 97.95 -124.24
C GLN FA 239 -107.05 98.85 -125.16
N LYS FA 240 -107.30 100.09 -124.73
CA LYS FA 240 -107.96 101.05 -125.60
C LYS FA 240 -107.14 101.32 -126.84
N ASP FA 241 -105.81 101.40 -126.69
CA ASP FA 241 -104.95 101.60 -127.85
C ASP FA 241 -105.00 100.41 -128.80
N ILE FA 242 -105.05 99.19 -128.24
CA ILE FA 242 -105.16 98.01 -129.08
C ILE FA 242 -106.48 98.02 -129.86
N ASP FA 243 -107.57 98.40 -129.18
CA ASP FA 243 -108.85 98.46 -129.87
C ASP FA 243 -108.85 99.55 -130.94
N GLY FA 244 -108.22 100.68 -130.67
CA GLY FA 244 -108.10 101.76 -131.62
C GLY FA 244 -107.02 101.58 -132.66
N LYS FA 245 -106.27 100.48 -132.60
CA LYS FA 245 -105.23 100.15 -133.57
C LYS FA 245 -104.14 101.22 -133.60
N LYS FA 246 -103.60 101.54 -132.43
CA LYS FA 246 -102.48 102.46 -132.35
C LYS FA 246 -101.23 101.82 -132.94
N ASP FA 247 -100.30 102.68 -133.36
CA ASP FA 247 -99.12 102.20 -134.08
C ASP FA 247 -97.88 102.21 -133.17
N ILE FA 248 -96.85 101.50 -133.65
CA ILE FA 248 -95.61 101.37 -132.89
C ILE FA 248 -94.93 102.71 -132.71
N THR FA 249 -94.99 103.58 -133.71
CA THR FA 249 -94.34 104.89 -133.60
C THR FA 249 -94.92 105.69 -132.45
N ALA FA 250 -96.25 105.84 -132.42
CA ALA FA 250 -96.89 106.60 -131.36
C ALA FA 250 -96.71 105.93 -130.02
N ALA FA 251 -96.78 104.59 -129.98
CA ALA FA 251 -96.59 103.89 -128.71
C ALA FA 251 -95.21 104.13 -128.15
N LEU FA 252 -94.17 104.06 -129.01
CA LEU FA 252 -92.81 104.31 -128.56
C LEU FA 252 -92.62 105.76 -128.13
N ALA FA 253 -93.23 106.70 -128.86
CA ALA FA 253 -93.11 108.10 -128.46
C ALA FA 253 -93.72 108.33 -127.09
N ALA FA 254 -94.91 107.77 -126.84
CA ALA FA 254 -95.56 107.92 -125.55
C ALA FA 254 -94.75 107.25 -124.45
N GLU FA 255 -94.23 106.05 -124.72
CA GLU FA 255 -93.44 105.34 -123.73
C GLU FA 255 -92.17 106.11 -123.38
N ARG FA 256 -91.52 106.70 -124.38
CA ARG FA 256 -90.32 107.47 -124.13
C ARG FA 256 -90.63 108.74 -123.33
N LYS FA 257 -91.70 109.44 -123.70
CA LYS FA 257 -92.03 110.68 -122.99
C LYS FA 257 -92.55 110.42 -121.58
N PHE FA 258 -93.09 109.23 -121.32
CA PHE FA 258 -93.58 108.93 -119.98
C PHE FA 258 -92.44 108.94 -118.95
N PHE FA 259 -91.33 108.27 -119.28
CA PHE FA 259 -90.22 108.19 -118.33
C PHE FA 259 -89.50 109.52 -118.16
N LEU FA 260 -89.75 110.50 -119.04
CA LEU FA 260 -89.28 111.85 -118.80
C LEU FA 260 -90.28 112.67 -117.99
N SER FA 261 -91.57 112.43 -118.19
CA SER FA 261 -92.59 113.16 -117.43
C SER FA 261 -92.59 112.74 -115.97
N HIS FA 262 -92.39 111.45 -115.69
CA HIS FA 262 -92.51 110.97 -114.33
C HIS FA 262 -91.34 111.44 -113.48
N PRO FA 263 -91.57 112.16 -112.39
CA PRO FA 263 -90.45 112.63 -111.55
C PRO FA 263 -89.61 111.50 -110.96
N SER FA 264 -90.22 110.37 -110.62
CA SER FA 264 -89.47 109.29 -110.00
C SER FA 264 -88.60 108.53 -111.01
N TYR FA 265 -88.94 108.61 -112.29
CA TYR FA 265 -88.21 107.87 -113.32
C TYR FA 265 -87.48 108.78 -114.30
N ARG FA 266 -87.39 110.07 -114.00
CA ARG FA 266 -86.72 110.99 -114.91
C ARG FA 266 -85.25 110.62 -115.07
N HIS FA 267 -84.61 110.17 -113.99
CA HIS FA 267 -83.18 109.82 -114.02
C HIS FA 267 -82.95 108.38 -114.46
N LEU FA 268 -83.92 107.76 -115.13
CA LEU FA 268 -83.77 106.40 -115.62
C LEU FA 268 -84.29 106.22 -117.04
N ALA FA 269 -84.65 107.31 -117.73
CA ALA FA 269 -85.29 107.19 -119.03
C ALA FA 269 -84.42 106.44 -120.03
N ASP FA 270 -83.11 106.64 -119.99
CA ASP FA 270 -82.24 105.92 -120.90
C ASP FA 270 -82.08 104.45 -120.52
N ARG FA 271 -82.26 104.10 -119.24
CA ARG FA 271 -82.07 102.75 -118.76
C ARG FA 271 -83.37 101.95 -118.69
N MET FA 272 -84.50 102.56 -118.98
CA MET FA 272 -85.79 101.87 -119.00
C MET FA 272 -86.45 102.07 -120.35
N GLY FA 273 -87.23 101.08 -120.76
CA GLY FA 273 -87.95 101.18 -122.02
C GLY FA 273 -87.72 100.01 -122.95
N THR FA 274 -88.57 99.86 -123.96
CA THR FA 274 -88.43 98.77 -124.92
C THR FA 274 -87.13 98.80 -125.69
N PRO FA 275 -86.64 99.95 -126.21
CA PRO FA 275 -85.32 99.92 -126.86
C PRO FA 275 -84.21 99.42 -125.93
N TYR FA 276 -84.24 99.82 -124.66
CA TYR FA 276 -83.21 99.35 -123.74
C TYR FA 276 -83.39 97.88 -123.44
N LEU FA 277 -84.63 97.38 -123.43
CA LEU FA 277 -84.85 95.95 -123.30
C LEU FA 277 -84.24 95.19 -124.47
N GLN FA 278 -84.43 95.71 -125.69
CA GLN FA 278 -83.80 95.09 -126.85
C GLN FA 278 -82.30 95.10 -126.74
N LYS FA 279 -81.73 96.22 -126.28
CA LYS FA 279 -80.29 96.32 -126.14
C LYS FA 279 -79.77 95.31 -125.12
N VAL FA 280 -80.45 95.16 -124.00
CA VAL FA 280 -80.02 94.21 -122.97
C VAL FA 280 -80.11 92.78 -123.50
N LEU FA 281 -81.20 92.44 -124.19
CA LEU FA 281 -81.33 91.09 -124.72
C LEU FA 281 -80.24 90.78 -125.73
N ASN FA 282 -79.96 91.74 -126.63
CA ASN FA 282 -78.91 91.51 -127.62
C ASN FA 282 -77.54 91.44 -126.97
N GLN FA 283 -77.31 92.23 -125.93
CA GLN FA 283 -76.08 92.13 -125.18
C GLN FA 283 -75.94 90.77 -124.54
N GLN FA 284 -77.04 90.23 -124.02
CA GLN FA 284 -76.99 88.91 -123.40
C GLN FA 284 -76.72 87.81 -124.42
N LEU FA 285 -77.24 87.98 -125.64
CA LEU FA 285 -76.93 87.03 -126.71
C LEU FA 285 -75.47 87.10 -127.11
N THR FA 286 -74.94 88.32 -127.24
CA THR FA 286 -73.54 88.50 -127.62
C THR FA 286 -72.61 87.96 -126.54
N ASN FA 287 -72.97 88.15 -125.27
CA ASN FA 287 -72.16 87.64 -124.17
C ASN FA 287 -72.24 86.14 -124.04
N HIS FA 288 -73.03 85.46 -124.88
CA HIS FA 288 -72.96 84.02 -125.03
C HIS FA 288 -72.21 83.60 -126.28
N ILE FA 289 -72.42 84.30 -127.39
CA ILE FA 289 -71.65 84.03 -128.60
C ILE FA 289 -70.16 84.15 -128.30
N ARG FA 290 -69.77 85.26 -127.68
CA ARG FA 290 -68.37 85.50 -127.36
C ARG FA 290 -67.92 84.69 -126.15
N ASP FA 291 -68.86 84.22 -125.32
CA ASP FA 291 -68.49 83.34 -124.22
C ASP FA 291 -68.07 81.97 -124.75
N THR FA 292 -68.74 81.48 -125.78
CA THR FA 292 -68.47 80.13 -126.26
C THR FA 292 -67.12 80.02 -126.96
N LEU FA 293 -66.62 81.11 -127.53
CA LEU FA 293 -65.46 81.05 -128.43
C LEU FA 293 -64.22 80.38 -127.83
N PRO FA 294 -63.82 80.61 -126.58
CA PRO FA 294 -62.64 79.90 -126.06
C PRO FA 294 -62.72 78.38 -126.18
N GLY FA 295 -63.88 77.80 -125.86
CA GLY FA 295 -64.03 76.36 -125.97
C GLY FA 295 -63.85 75.87 -127.40
N LEU FA 296 -64.49 76.54 -128.35
CA LEU FA 296 -64.34 76.18 -129.75
C LEU FA 296 -62.89 76.31 -130.19
N ARG FA 297 -62.22 77.39 -129.79
CA ARG FA 297 -60.85 77.59 -130.23
C ARG FA 297 -59.92 76.51 -129.69
N ASN FA 298 -60.04 76.17 -128.42
CA ASN FA 298 -59.14 75.16 -127.88
C ASN FA 298 -59.45 73.77 -128.45
N LYS FA 299 -60.74 73.45 -128.62
CA LYS FA 299 -61.08 72.14 -129.18
C LYS FA 299 -60.61 72.01 -130.61
N LEU FA 300 -60.77 73.07 -131.42
CA LEU FA 300 -60.29 73.02 -132.79
C LEU FA 300 -58.77 73.04 -132.84
N GLN FA 301 -58.12 73.67 -131.88
CA GLN FA 301 -56.66 73.56 -131.80
C GLN FA 301 -56.23 72.12 -131.53
N SER FA 302 -56.96 71.43 -130.64
CA SER FA 302 -56.67 70.02 -130.41
C SER FA 302 -56.89 69.19 -131.67
N GLN FA 303 -57.95 69.45 -132.41
CA GLN FA 303 -58.21 68.69 -133.63
C GLN FA 303 -57.15 68.97 -134.71
N LEU FA 304 -56.74 70.24 -134.84
CA LEU FA 304 -55.67 70.56 -135.77
C LEU FA 304 -54.36 69.94 -135.33
N LEU FA 305 -54.14 69.82 -134.02
CA LEU FA 305 -52.99 69.09 -133.52
C LEU FA 305 -53.05 67.64 -133.95
N SER FA 306 -54.24 67.04 -133.90
CA SER FA 306 -54.40 65.65 -134.33
C SER FA 306 -54.09 65.51 -135.82
N ILE FA 307 -54.53 66.46 -136.65
CA ILE FA 307 -54.39 66.27 -138.09
C ILE FA 307 -53.02 66.73 -138.61
N GLU FA 308 -52.32 67.60 -137.88
CA GLU FA 308 -51.08 68.17 -138.39
C GLU FA 308 -50.00 67.11 -138.56
N LYS FA 309 -49.99 66.10 -137.69
CA LYS FA 309 -49.01 65.02 -137.82
C LYS FA 309 -49.18 64.31 -139.14
N GLU FA 310 -50.42 63.99 -139.51
CA GLU FA 310 -50.67 63.38 -140.81
C GLU FA 310 -50.32 64.32 -141.94
N VAL FA 311 -50.54 65.62 -141.75
CA VAL FA 311 -50.15 66.58 -142.78
C VAL FA 311 -48.62 66.69 -142.90
N GLU FA 312 -47.89 66.30 -141.86
CA GLU FA 312 -46.42 66.42 -141.91
C GLU FA 312 -45.83 65.58 -143.04
N GLU FA 313 -46.23 64.31 -143.13
CA GLU FA 313 -45.80 63.51 -144.27
C GLU FA 313 -46.55 63.87 -145.54
N TYR FA 314 -47.56 64.74 -145.46
CA TYR FA 314 -48.33 65.16 -146.62
C TYR FA 314 -48.19 66.66 -146.87
N LYS FA 315 -46.98 67.21 -146.67
CA LYS FA 315 -46.74 68.59 -147.08
C LYS FA 315 -46.90 68.75 -148.58
N ASN FA 316 -46.35 67.79 -149.35
CA ASN FA 316 -46.28 67.89 -150.80
C ASN FA 316 -46.72 66.58 -151.44
N PHE FA 317 -47.24 66.67 -152.66
CA PHE FA 317 -47.64 65.51 -153.44
C PHE FA 317 -47.60 65.88 -154.92
N ARG FA 318 -46.66 65.31 -155.64
CA ARG FA 318 -46.54 65.50 -157.08
C ARG FA 318 -47.03 64.27 -157.82
N PRO FA 319 -47.43 64.41 -159.08
CA PRO FA 319 -47.79 63.23 -159.86
C PRO FA 319 -46.60 62.28 -159.98
N ASP FA 320 -46.91 60.99 -159.92
CA ASP FA 320 -45.96 59.88 -160.12
C ASP FA 320 -45.02 59.70 -158.93
N ASP FA 321 -45.04 60.65 -157.97
CA ASP FA 321 -44.36 60.54 -156.68
C ASP FA 321 -42.95 59.97 -156.81
N PRO FA 322 -41.99 60.76 -157.31
CA PRO FA 322 -40.67 60.17 -157.62
C PRO FA 322 -39.97 59.53 -156.43
N ALA FA 323 -40.10 60.11 -155.23
CA ALA FA 323 -39.41 59.59 -154.06
C ALA FA 323 -40.36 59.12 -152.96
N ARG FA 324 -41.58 59.65 -152.92
CA ARG FA 324 -42.55 59.16 -151.95
C ARG FA 324 -42.82 57.67 -152.18
N LYS FA 325 -42.80 57.23 -153.43
CA LYS FA 325 -43.02 55.82 -153.72
C LYS FA 325 -41.94 54.96 -153.08
N THR FA 326 -40.66 55.33 -153.26
CA THR FA 326 -39.58 54.55 -152.65
C THR FA 326 -39.65 54.60 -151.12
N LYS FA 327 -39.95 55.77 -150.57
CA LYS FA 327 -40.02 55.89 -149.12
C LYS FA 327 -41.13 55.00 -148.56
N ALA FA 328 -42.31 55.05 -149.17
CA ALA FA 328 -43.42 54.22 -148.72
C ALA FA 328 -43.14 52.74 -148.92
N LEU FA 329 -42.45 52.39 -150.00
CA LEU FA 329 -42.05 51.00 -150.20
C LEU FA 329 -41.17 50.53 -149.04
N LEU FA 330 -40.20 51.37 -148.65
CA LEU FA 330 -39.34 50.99 -147.53
C LEU FA 330 -40.14 50.87 -146.25
N GLN FA 331 -41.08 51.79 -146.01
CA GLN FA 331 -41.90 51.70 -144.80
C GLN FA 331 -42.71 50.41 -144.77
N MET FA 332 -43.33 50.06 -145.89
CA MET FA 332 -44.11 48.83 -145.95
C MET FA 332 -43.24 47.60 -145.75
N VAL FA 333 -42.05 47.58 -146.38
CA VAL FA 333 -41.16 46.43 -146.24
C VAL FA 333 -40.71 46.28 -144.80
N GLN FA 334 -40.37 47.38 -144.14
CA GLN FA 334 -39.95 47.31 -142.75
C GLN FA 334 -41.10 46.87 -141.86
N GLN FA 335 -42.31 47.37 -142.11
CA GLN FA 335 -43.46 46.93 -141.33
C GLN FA 335 -43.71 45.44 -141.50
N PHE FA 336 -43.62 44.94 -142.73
CA PHE FA 336 -43.80 43.52 -142.96
C PHE FA 336 -42.74 42.70 -142.25
N ALA FA 337 -41.48 43.13 -142.34
CA ALA FA 337 -40.40 42.37 -141.72
C ALA FA 337 -40.56 42.34 -140.20
N VAL FA 338 -40.84 43.49 -139.60
CA VAL FA 338 -40.96 43.54 -138.14
C VAL FA 338 -42.19 42.77 -137.70
N ASP FA 339 -43.26 42.76 -138.52
CA ASP FA 339 -44.45 42.01 -138.12
C ASP FA 339 -44.24 40.51 -138.28
N PHE FA 340 -43.50 40.10 -139.31
CA PHE FA 340 -43.14 38.68 -139.43
C PHE FA 340 -42.32 38.25 -138.22
N GLU FA 341 -41.31 39.03 -137.86
CA GLU FA 341 -40.48 38.68 -136.73
C GLU FA 341 -41.28 38.68 -135.43
N LYS FA 342 -42.21 39.63 -135.28
CA LYS FA 342 -43.05 39.67 -134.10
C LYS FA 342 -44.01 38.48 -134.07
N ARG FA 343 -44.49 38.05 -135.24
CA ARG FA 343 -45.46 36.96 -135.28
C ARG FA 343 -44.81 35.63 -135.01
N ILE FA 344 -43.57 35.43 -135.45
CA ILE FA 344 -42.89 34.13 -135.35
C ILE FA 344 -41.86 34.12 -134.23
N GLU FA 345 -40.84 34.98 -134.32
CA GLU FA 345 -39.83 35.03 -133.26
C GLU FA 345 -40.45 35.44 -131.92
N GLY FA 346 -41.31 36.45 -131.94
CA GLY FA 346 -41.91 36.95 -130.72
C GLY FA 346 -41.21 38.18 -130.18
N SER FA 347 -40.93 39.14 -131.06
CA SER FA 347 -40.28 40.37 -130.63
C SER FA 347 -41.19 41.17 -129.70
N GLY FA 348 -40.67 42.26 -129.17
CA GLY FA 348 -41.43 43.07 -128.24
C GLY FA 348 -42.50 43.90 -128.91
N ASP FA 349 -42.91 44.98 -128.24
CA ASP FA 349 -43.86 45.96 -128.76
C ASP FA 349 -45.24 45.34 -129.02
N GLN FA 350 -45.85 44.87 -127.92
CA GLN FA 350 -47.29 44.62 -127.88
C GLN FA 350 -47.80 43.59 -128.89
N ILE FA 351 -47.42 42.32 -128.73
CA ILE FA 351 -48.05 41.27 -129.50
C ILE FA 351 -49.44 41.00 -128.94
N ASP FA 352 -50.40 40.76 -129.83
CA ASP FA 352 -51.79 40.64 -129.43
C ASP FA 352 -52.03 39.43 -128.54
N THR FA 353 -52.97 39.58 -127.62
CA THR FA 353 -53.33 38.54 -126.66
C THR FA 353 -54.71 37.96 -126.91
N TYR FA 354 -55.34 38.26 -128.04
CA TYR FA 354 -56.72 37.85 -128.26
C TYR FA 354 -56.82 36.36 -128.54
N GLU FA 355 -56.08 35.86 -129.52
CA GLU FA 355 -56.19 34.48 -129.95
C GLU FA 355 -54.87 33.75 -129.70
N LEU FA 356 -54.79 32.51 -130.20
CA LEU FA 356 -53.53 31.81 -130.20
C LEU FA 356 -52.51 32.54 -131.06
N SER FA 357 -52.98 33.42 -131.95
CA SER FA 357 -52.27 34.60 -132.43
C SER FA 357 -50.95 34.23 -133.12
N GLY FA 358 -51.09 33.58 -134.26
CA GLY FA 358 -50.00 33.54 -135.21
C GLY FA 358 -49.34 32.18 -135.30
N GLY FA 359 -48.55 32.03 -136.36
CA GLY FA 359 -47.94 30.74 -136.63
C GLY FA 359 -47.00 30.27 -135.55
N ALA FA 360 -46.36 31.19 -134.83
CA ALA FA 360 -45.28 30.83 -133.90
C ALA FA 360 -45.71 29.71 -132.96
N ARG FA 361 -46.87 29.87 -132.32
CA ARG FA 361 -47.31 28.85 -131.40
C ARG FA 361 -48.07 27.73 -132.12
N ILE FA 362 -48.69 28.03 -133.26
CA ILE FA 362 -49.18 26.95 -134.12
C ILE FA 362 -48.01 26.12 -134.62
N ASN FA 363 -46.94 26.79 -135.03
CA ASN FA 363 -45.73 26.07 -135.44
C ASN FA 363 -45.18 25.25 -134.27
N ARG FA 364 -45.18 25.82 -133.06
CA ARG FA 364 -44.82 25.00 -131.91
C ARG FA 364 -45.73 23.83 -131.67
N ILE FA 365 -47.05 23.99 -131.79
CA ILE FA 365 -47.92 22.86 -131.51
C ILE FA 365 -47.64 21.77 -132.52
N PHE FA 366 -47.19 22.15 -133.72
CA PHE FA 366 -46.69 21.15 -134.65
C PHE FA 366 -45.42 20.47 -134.14
N HIS FA 367 -44.42 21.26 -133.73
CA HIS FA 367 -43.17 20.68 -133.26
C HIS FA 367 -43.34 19.84 -131.99
N GLU FA 368 -44.45 19.99 -131.28
CA GLU FA 368 -44.68 19.22 -130.06
C GLU FA 368 -45.94 18.36 -130.11
N ARG FA 369 -46.55 18.21 -131.28
CA ARG FA 369 -47.55 17.16 -131.53
C ARG FA 369 -47.06 16.12 -132.52
N PHE FA 370 -46.10 16.48 -133.38
CA PHE FA 370 -45.41 15.51 -134.23
C PHE FA 370 -44.78 14.38 -133.40
N PRO FA 371 -44.24 14.64 -132.19
CA PRO FA 371 -43.88 13.52 -131.31
C PRO FA 371 -45.06 12.68 -130.82
N PHE FA 372 -46.28 13.02 -131.23
CA PHE FA 372 -47.39 12.08 -131.09
C PHE FA 372 -47.69 11.35 -132.39
N GLU FA 373 -47.51 12.01 -133.53
CA GLU FA 373 -47.67 11.35 -134.81
C GLU FA 373 -46.61 10.29 -135.04
N LEU FA 374 -45.43 10.45 -134.43
CA LEU FA 374 -44.42 9.40 -134.49
C LEU FA 374 -44.87 8.18 -133.70
N VAL FA 375 -45.36 8.39 -132.48
CA VAL FA 375 -45.75 7.28 -131.63
C VAL FA 375 -46.96 6.54 -132.21
N LYS FA 376 -47.95 7.29 -132.68
CA LYS FA 376 -49.23 6.69 -133.05
C LYS FA 376 -49.10 5.75 -134.23
N MET FA 377 -48.49 6.20 -135.31
CA MET FA 377 -48.58 5.49 -136.58
C MET FA 377 -47.81 4.17 -136.57
N GLU FA 378 -46.68 4.10 -135.87
CA GLU FA 378 -45.78 2.97 -135.96
C GLU FA 378 -46.04 1.98 -134.84
N PHE FA 379 -46.31 0.73 -135.20
CA PHE FA 379 -46.52 -0.35 -134.24
C PHE FA 379 -46.60 -1.68 -134.98
N ASP FA 380 -46.10 -2.72 -134.32
CA ASP FA 380 -46.38 -4.12 -134.67
C ASP FA 380 -45.82 -4.99 -133.55
N GLU FA 381 -46.39 -6.19 -133.44
CA GLU FA 381 -45.95 -7.11 -132.39
C GLU FA 381 -46.42 -8.52 -132.76
N LYS FA 382 -45.66 -9.52 -132.29
CA LYS FA 382 -45.95 -10.94 -132.44
C LYS FA 382 -45.85 -11.41 -133.88
N GLU FA 383 -45.56 -10.49 -134.79
CA GLU FA 383 -45.04 -10.82 -136.12
C GLU FA 383 -43.55 -10.58 -136.20
N LEU FA 384 -43.07 -9.54 -135.52
CA LEU FA 384 -41.64 -9.35 -135.36
C LEU FA 384 -41.01 -10.51 -134.61
N ARG FA 385 -41.76 -11.18 -133.75
CA ARG FA 385 -41.25 -12.38 -133.11
C ARG FA 385 -40.89 -13.45 -134.14
N ARG FA 386 -41.80 -13.70 -135.08
CA ARG FA 386 -41.54 -14.67 -136.14
C ARG FA 386 -40.39 -14.22 -137.02
N GLU FA 387 -40.36 -12.93 -137.38
CA GLU FA 387 -39.28 -12.44 -138.23
C GLU FA 387 -37.93 -12.57 -137.54
N ILE FA 388 -37.86 -12.26 -136.25
CA ILE FA 388 -36.63 -12.40 -135.50
C ILE FA 388 -36.22 -13.86 -135.39
N SER FA 389 -37.18 -14.75 -135.15
CA SER FA 389 -36.86 -16.17 -135.08
C SER FA 389 -36.21 -16.64 -136.37
N TYR FA 390 -36.79 -16.25 -137.52
CA TYR FA 390 -36.22 -16.66 -138.78
C TYR FA 390 -34.86 -16.02 -139.05
N ALA FA 391 -34.69 -14.76 -138.64
CA ALA FA 391 -33.39 -14.12 -138.80
C ALA FA 391 -32.32 -14.84 -137.97
N ILE FA 392 -32.66 -15.23 -136.74
CA ILE FA 392 -31.74 -15.98 -135.91
C ILE FA 392 -31.39 -17.30 -136.56
N LYS FA 393 -32.39 -18.02 -137.04
CA LYS FA 393 -32.16 -19.33 -137.64
C LYS FA 393 -31.55 -19.24 -139.03
N ASN FA 394 -31.38 -18.05 -139.59
CA ASN FA 394 -30.80 -17.96 -140.92
C ASN FA 394 -29.47 -17.21 -141.01
N ILE FA 395 -29.13 -16.34 -140.07
CA ILE FA 395 -27.88 -15.60 -140.21
C ILE FA 395 -26.67 -16.34 -139.65
N HIS FA 396 -26.88 -17.39 -138.86
CA HIS FA 396 -25.82 -18.37 -138.63
C HIS FA 396 -26.32 -19.67 -139.21
N GLY FA 397 -26.81 -19.57 -140.45
CA GLY FA 397 -27.77 -20.53 -140.96
C GLY FA 397 -27.28 -21.96 -141.07
N ILE FA 398 -25.99 -22.16 -141.32
CA ILE FA 398 -25.51 -23.53 -141.53
C ILE FA 398 -25.05 -24.20 -140.24
N ARG FA 399 -24.69 -23.45 -139.22
CA ARG FA 399 -24.01 -24.00 -138.06
C ARG FA 399 -24.70 -23.56 -136.78
N THR FA 400 -24.70 -24.46 -135.79
CA THR FA 400 -25.37 -24.19 -134.53
C THR FA 400 -24.83 -22.93 -133.86
N GLY FA 401 -25.64 -21.87 -133.84
CA GLY FA 401 -25.23 -20.63 -133.22
C GLY FA 401 -25.35 -20.73 -131.72
N LEU FA 402 -24.22 -20.72 -131.03
CA LEU FA 402 -24.19 -20.80 -129.59
C LEU FA 402 -24.19 -19.43 -128.93
N PHE FA 403 -24.30 -18.37 -129.72
CA PHE FA 403 -24.40 -17.01 -129.22
C PHE FA 403 -25.49 -16.28 -130.01
N THR FA 404 -26.25 -15.45 -129.34
CA THR FA 404 -27.33 -14.73 -130.01
C THR FA 404 -26.76 -13.81 -131.07
N PRO FA 405 -27.11 -13.97 -132.33
CA PRO FA 405 -26.45 -13.23 -133.40
C PRO FA 405 -26.93 -11.78 -133.47
N ASP FA 406 -26.24 -11.00 -134.30
CA ASP FA 406 -26.25 -9.55 -134.25
C ASP FA 406 -26.86 -8.90 -135.49
N MET FA 407 -26.57 -9.45 -136.67
CA MET FA 407 -27.17 -8.93 -137.88
C MET FA 407 -28.69 -9.03 -137.84
N ALA FA 408 -29.25 -9.92 -137.01
CA ALA FA 408 -30.70 -9.95 -136.84
C ALA FA 408 -31.21 -8.69 -136.16
N PHE FA 409 -30.57 -8.29 -135.07
CA PHE FA 409 -30.91 -7.03 -134.43
C PHE FA 409 -30.76 -5.87 -135.40
N GLU FA 410 -29.66 -5.87 -136.17
CA GLU FA 410 -29.45 -4.80 -137.14
C GLU FA 410 -30.58 -4.78 -138.17
N THR FA 411 -30.96 -5.95 -138.68
CA THR FA 411 -32.01 -6.01 -139.69
C THR FA 411 -33.36 -5.57 -139.15
N ILE FA 412 -33.70 -5.96 -137.92
CA ILE FA 412 -34.99 -5.54 -137.36
C ILE FA 412 -35.02 -4.03 -137.17
N VAL FA 413 -33.99 -3.46 -136.55
CA VAL FA 413 -34.03 -2.02 -136.31
C VAL FA 413 -33.97 -1.24 -137.62
N LYS FA 414 -33.22 -1.75 -138.60
CA LYS FA 414 -33.16 -1.08 -139.90
C LYS FA 414 -34.50 -1.16 -140.63
N LYS FA 415 -35.20 -2.29 -140.49
CA LYS FA 415 -36.53 -2.43 -141.08
C LYS FA 415 -37.57 -1.60 -140.36
N GLN FA 416 -37.31 -1.22 -139.11
CA GLN FA 416 -38.28 -0.44 -138.36
C GLN FA 416 -38.03 1.07 -138.38
N VAL FA 417 -36.78 1.51 -138.59
CA VAL FA 417 -36.49 2.95 -138.58
C VAL FA 417 -36.59 3.51 -140.00
N LYS FA 418 -37.15 2.74 -140.92
CA LYS FA 418 -37.38 3.26 -142.26
C LYS FA 418 -38.83 3.68 -142.49
N LYS FA 419 -39.72 3.41 -141.54
CA LYS FA 419 -41.09 3.91 -141.63
C LYS FA 419 -41.22 5.35 -141.13
N ILE FA 420 -40.14 5.93 -140.62
CA ILE FA 420 -40.17 7.31 -140.14
C ILE FA 420 -40.24 8.30 -141.28
N ARG FA 421 -39.99 7.85 -142.52
CA ARG FA 421 -39.99 8.77 -143.65
C ARG FA 421 -41.33 9.45 -143.86
N GLU FA 422 -42.43 8.82 -143.46
CA GLU FA 422 -43.73 9.45 -143.66
C GLU FA 422 -44.01 10.54 -142.62
N PRO FA 423 -43.92 10.25 -141.31
CA PRO FA 423 -44.26 11.29 -140.34
C PRO FA 423 -43.41 12.54 -140.44
N CYS FA 424 -42.12 12.41 -140.76
CA CYS FA 424 -41.27 13.59 -140.84
C CYS FA 424 -41.66 14.47 -142.02
N LEU FA 425 -41.92 13.87 -143.18
CA LEU FA 425 -42.36 14.65 -144.33
C LEU FA 425 -43.72 15.28 -144.06
N LYS FA 426 -44.61 14.57 -143.39
CA LYS FA 426 -45.89 15.15 -143.03
C LYS FA 426 -45.71 16.36 -142.12
N CYS FA 427 -44.80 16.26 -141.15
CA CYS FA 427 -44.52 17.40 -140.28
C CYS FA 427 -43.98 18.58 -141.07
N VAL FA 428 -43.05 18.32 -142.00
CA VAL FA 428 -42.48 19.41 -142.79
C VAL FA 428 -43.56 20.10 -143.60
N ASP FA 429 -44.43 19.33 -144.27
CA ASP FA 429 -45.48 19.95 -145.06
C ASP FA 429 -46.48 20.70 -144.19
N MET FA 430 -46.78 20.18 -143.00
CA MET FA 430 -47.71 20.86 -142.10
C MET FA 430 -47.14 22.21 -141.66
N VAL FA 431 -45.86 22.22 -141.29
CA VAL FA 431 -45.21 23.48 -140.94
C VAL FA 431 -45.18 24.43 -142.12
N ILE FA 432 -44.96 23.91 -143.32
CA ILE FA 432 -45.00 24.76 -144.51
C ILE FA 432 -46.35 25.42 -144.64
N SER FA 433 -47.42 24.64 -144.45
CA SER FA 433 -48.77 25.20 -144.58
C SER FA 433 -49.01 26.31 -143.56
N GLU FA 434 -48.65 26.07 -142.30
CA GLU FA 434 -48.93 27.10 -141.31
C GLU FA 434 -48.08 28.33 -141.55
N LEU FA 435 -46.85 28.16 -142.04
CA LEU FA 435 -45.97 29.29 -142.25
C LEU FA 435 -46.38 30.10 -143.48
N ILE FA 436 -47.02 29.48 -144.46
CA ILE FA 436 -47.59 30.27 -145.54
C ILE FA 436 -48.84 31.00 -145.06
N SER FA 437 -49.63 30.36 -144.19
CA SER FA 437 -50.79 31.04 -143.62
C SER FA 437 -50.35 32.27 -142.82
N THR FA 438 -49.24 32.16 -142.08
CA THR FA 438 -48.73 33.29 -141.32
C THR FA 438 -48.32 34.44 -142.23
N VAL FA 439 -47.66 34.13 -143.34
CA VAL FA 439 -47.27 35.18 -144.27
C VAL FA 439 -48.49 35.89 -144.83
N ARG FA 440 -49.51 35.13 -145.23
CA ARG FA 440 -50.72 35.79 -145.73
C ARG FA 440 -51.38 36.62 -144.64
N GLN FA 441 -51.42 36.11 -143.42
CA GLN FA 441 -52.08 36.81 -142.32
C GLN FA 441 -51.37 38.11 -141.98
N CYS FA 442 -50.03 38.11 -142.01
CA CYS FA 442 -49.26 39.28 -141.67
C CYS FA 442 -48.94 40.15 -142.88
N THR FA 443 -49.42 39.77 -144.07
CA THR FA 443 -49.47 40.69 -145.19
C THR FA 443 -50.85 41.30 -145.40
N LYS FA 444 -51.90 40.70 -144.85
CA LYS FA 444 -53.25 41.26 -144.98
C LYS FA 444 -53.30 42.73 -144.57
N LYS FA 445 -52.58 43.10 -143.52
CA LYS FA 445 -52.60 44.48 -143.05
C LYS FA 445 -51.86 45.43 -143.96
N LEU FA 446 -51.37 45.00 -145.13
CA LEU FA 446 -50.72 45.88 -146.08
C LEU FA 446 -51.69 46.32 -147.17
N GLN FA 447 -52.98 46.06 -146.98
CA GLN FA 447 -54.00 46.37 -147.97
C GLN FA 447 -54.10 47.86 -148.30
N GLN FA 448 -53.28 48.69 -147.65
CA GLN FA 448 -53.20 50.10 -148.02
C GLN FA 448 -52.82 50.25 -149.49
N TYR FA 449 -51.77 49.54 -149.91
CA TYR FA 449 -51.42 49.51 -151.32
C TYR FA 449 -51.78 48.15 -151.89
N PRO FA 450 -52.72 48.06 -152.83
CA PRO FA 450 -52.86 46.84 -153.61
C PRO FA 450 -51.74 46.77 -154.64
N ARG FA 451 -51.63 45.61 -155.29
CA ARG FA 451 -50.63 45.32 -156.31
C ARG FA 451 -49.23 45.24 -155.75
N LEU FA 452 -49.03 45.50 -154.46
CA LEU FA 452 -47.77 45.24 -153.79
C LEU FA 452 -47.86 44.12 -152.77
N ARG FA 453 -49.01 43.96 -152.10
CA ARG FA 453 -49.21 42.79 -151.28
C ARG FA 453 -49.16 41.53 -152.13
N GLU FA 454 -49.71 41.59 -153.35
CA GLU FA 454 -49.64 40.45 -154.25
C GLU FA 454 -48.20 40.08 -154.57
N GLU FA 455 -47.37 41.08 -154.91
CA GLU FA 455 -45.97 40.80 -155.20
C GLU FA 455 -45.24 40.25 -153.98
N MET FA 456 -45.48 40.84 -152.81
CA MET FA 456 -44.78 40.41 -151.61
C MET FA 456 -45.13 38.97 -151.25
N GLU FA 457 -46.42 38.64 -151.30
CA GLU FA 457 -46.83 37.26 -151.04
C GLU FA 457 -46.28 36.32 -152.10
N ARG FA 458 -46.35 36.71 -153.37
CA ARG FA 458 -45.85 35.90 -154.46
C ARG FA 458 -44.35 35.66 -154.39
N ILE FA 459 -43.60 36.55 -153.75
CA ILE FA 459 -42.17 36.33 -153.61
C ILE FA 459 -41.86 35.49 -152.38
N VAL FA 460 -42.45 35.82 -151.24
CA VAL FA 460 -42.14 35.07 -150.02
C VAL FA 460 -42.61 33.62 -150.13
N THR FA 461 -43.82 33.41 -150.65
CA THR FA 461 -44.33 32.05 -150.77
C THR FA 461 -43.52 31.23 -151.76
N THR FA 462 -43.09 31.84 -152.86
CA THR FA 462 -42.23 31.12 -153.80
C THR FA 462 -40.90 30.77 -153.14
N HIS FA 463 -40.36 31.67 -152.32
CA HIS FA 463 -39.13 31.33 -151.60
C HIS FA 463 -39.34 30.16 -150.66
N ILE FA 464 -40.45 30.15 -149.94
CA ILE FA 464 -40.73 29.05 -149.02
C ILE FA 464 -40.88 27.74 -149.77
N ARG FA 465 -41.55 27.77 -150.92
CA ARG FA 465 -41.68 26.55 -151.72
C ARG FA 465 -40.33 26.11 -152.27
N GLU FA 466 -39.49 27.05 -152.72
CA GLU FA 466 -38.16 26.70 -153.18
C GLU FA 466 -37.28 26.17 -152.06
N ARG FA 467 -37.63 26.45 -150.82
CA ARG FA 467 -36.89 25.92 -149.68
C ARG FA 467 -37.44 24.60 -149.16
N GLU FA 468 -38.71 24.28 -149.46
CA GLU FA 468 -39.27 23.02 -148.97
C GLU FA 468 -38.52 21.82 -149.54
N GLY FA 469 -38.06 21.93 -150.80
CA GLY FA 469 -37.31 20.83 -151.38
C GLY FA 469 -36.05 20.52 -150.62
N ARG FA 470 -35.27 21.56 -150.29
CA ARG FA 470 -34.04 21.36 -149.55
C ARG FA 470 -34.31 20.82 -148.16
N THR FA 471 -35.32 21.36 -147.47
CA THR FA 471 -35.54 20.86 -146.11
C THR FA 471 -36.05 19.43 -146.11
N LYS FA 472 -36.89 19.06 -147.08
CA LYS FA 472 -37.32 17.66 -147.16
C LYS FA 472 -36.16 16.75 -147.51
N GLU FA 473 -35.25 17.20 -148.38
CA GLU FA 473 -34.07 16.41 -148.71
C GLU FA 473 -33.23 16.15 -147.47
N GLN FA 474 -32.97 17.19 -146.69
CA GLN FA 474 -32.19 17.00 -145.46
C GLN FA 474 -32.94 16.13 -144.45
N VAL FA 475 -34.27 16.26 -144.39
CA VAL FA 475 -35.05 15.43 -143.48
C VAL FA 475 -34.91 13.96 -143.83
N MET FA 476 -35.02 13.64 -145.12
CA MET FA 476 -34.83 12.25 -145.54
C MET FA 476 -33.40 11.79 -145.25
N LEU FA 477 -32.42 12.65 -145.52
CA LEU FA 477 -31.03 12.25 -145.36
C LEU FA 477 -30.66 12.02 -143.89
N LEU FA 478 -31.31 12.71 -142.96
CA LEU FA 478 -31.01 12.49 -141.55
C LEU FA 478 -31.36 11.06 -141.13
N ILE FA 479 -32.59 10.62 -141.40
CA ILE FA 479 -32.97 9.27 -141.04
C ILE FA 479 -32.22 8.26 -141.89
N ASP FA 480 -31.92 8.60 -143.15
CA ASP FA 480 -31.12 7.70 -143.97
C ASP FA 480 -29.73 7.49 -143.37
N ILE FA 481 -29.20 8.53 -142.73
CA ILE FA 481 -27.98 8.39 -141.94
C ILE FA 481 -28.23 7.49 -140.75
N GLU FA 482 -29.37 7.67 -140.08
CA GLU FA 482 -29.69 6.83 -138.92
C GLU FA 482 -29.74 5.36 -139.28
N LEU FA 483 -30.11 5.05 -140.52
CA LEU FA 483 -30.13 3.67 -141.01
C LEU FA 483 -28.74 3.10 -141.32
N ALA FA 484 -27.66 3.71 -140.83
CA ALA FA 484 -26.34 3.26 -141.24
C ALA FA 484 -25.57 2.50 -140.18
N TYR FA 485 -25.58 2.92 -138.93
CA TYR FA 485 -24.60 2.41 -137.99
C TYR FA 485 -25.18 1.63 -136.82
N MET FA 486 -26.34 2.02 -136.31
CA MET FA 486 -26.99 1.33 -135.18
C MET FA 486 -26.05 1.30 -133.97
N ASN FA 487 -25.76 2.49 -133.46
CA ASN FA 487 -24.84 2.63 -132.34
C ASN FA 487 -25.40 1.93 -131.11
N THR FA 488 -24.52 1.27 -130.36
CA THR FA 488 -24.96 0.54 -129.18
C THR FA 488 -24.04 0.82 -127.99
N ASN FA 489 -23.04 1.68 -128.15
CA ASN FA 489 -22.24 2.13 -127.03
C ASN FA 489 -22.75 3.47 -126.51
N HIS FA 490 -23.99 3.81 -126.86
CA HIS FA 490 -24.71 4.93 -126.28
C HIS FA 490 -25.20 4.54 -124.89
N GLU FA 491 -26.07 5.34 -124.28
CA GLU FA 491 -26.62 4.91 -123.02
C GLU FA 491 -27.62 3.75 -123.17
N ASP FA 492 -27.77 3.20 -124.37
CA ASP FA 492 -28.46 1.93 -124.55
C ASP FA 492 -27.84 0.87 -123.66
N PHE FA 493 -28.66 0.22 -122.85
CA PHE FA 493 -28.16 -0.78 -121.92
C PHE FA 493 -27.69 -2.02 -122.65
N ILE FA 494 -26.69 -2.68 -122.08
CA ILE FA 494 -26.14 -3.90 -122.67
C ILE FA 494 -27.19 -5.01 -122.66
N PRO FA 653 -37.70 -23.50 -127.06
CA PRO FA 653 -36.27 -23.83 -127.08
C PRO FA 653 -35.42 -22.67 -126.58
N GLN FA 654 -34.27 -22.47 -127.24
CA GLN FA 654 -33.47 -21.27 -127.03
C GLN FA 654 -33.94 -20.10 -127.88
N LEU FA 655 -34.80 -20.37 -128.86
CA LEU FA 655 -35.27 -19.32 -129.74
C LEU FA 655 -36.10 -18.29 -128.97
N GLU FA 656 -36.93 -18.75 -128.04
CA GLU FA 656 -37.76 -17.79 -127.30
C GLU FA 656 -36.90 -16.85 -126.46
N ARG FA 657 -35.89 -17.38 -125.77
CA ARG FA 657 -35.00 -16.50 -125.00
C ARG FA 657 -34.22 -15.58 -125.91
N GLN FA 658 -33.74 -16.07 -127.05
CA GLN FA 658 -33.02 -15.20 -127.98
C GLN FA 658 -33.92 -14.09 -128.50
N VAL FA 659 -35.16 -14.41 -128.85
CA VAL FA 659 -36.07 -13.40 -129.38
C VAL FA 659 -36.46 -12.40 -128.31
N GLU FA 660 -36.65 -12.86 -127.07
CA GLU FA 660 -36.94 -11.92 -125.99
C GLU FA 660 -35.77 -10.97 -125.78
N THR FA 661 -34.53 -11.49 -125.80
CA THR FA 661 -33.38 -10.63 -125.65
C THR FA 661 -33.25 -9.66 -126.82
N ILE FA 662 -33.63 -10.09 -128.03
CA ILE FA 662 -33.57 -9.20 -129.17
C ILE FA 662 -34.63 -8.11 -129.08
N ARG FA 663 -35.83 -8.45 -128.60
CA ARG FA 663 -36.90 -7.46 -128.49
C ARG FA 663 -36.59 -6.44 -127.40
N ASN FA 664 -36.06 -6.89 -126.26
CA ASN FA 664 -35.72 -5.95 -125.19
C ASN FA 664 -34.66 -4.95 -125.62
N LEU FA 665 -33.90 -5.26 -126.69
CA LEU FA 665 -32.93 -4.32 -127.23
C LEU FA 665 -33.50 -3.50 -128.38
N VAL FA 666 -34.35 -4.11 -129.19
CA VAL FA 666 -34.98 -3.41 -130.30
C VAL FA 666 -35.86 -2.28 -129.78
N ASP FA 667 -36.62 -2.55 -128.72
CA ASP FA 667 -37.46 -1.49 -128.15
C ASP FA 667 -36.61 -0.34 -127.62
N SER FA 668 -35.51 -0.66 -126.93
CA SER FA 668 -34.64 0.39 -126.40
C SER FA 668 -34.07 1.24 -127.53
N TYR FA 669 -33.56 0.59 -128.58
CA TYR FA 669 -32.97 1.38 -129.67
C TYR FA 669 -34.04 2.13 -130.44
N MET FA 670 -35.26 1.60 -130.52
CA MET FA 670 -36.36 2.36 -131.11
C MET FA 670 -36.61 3.63 -130.32
N ALA FA 671 -36.62 3.53 -128.99
CA ALA FA 671 -36.79 4.73 -128.17
C ALA FA 671 -35.65 5.71 -128.37
N ILE FA 672 -34.41 5.20 -128.45
CA ILE FA 672 -33.26 6.09 -128.53
C ILE FA 672 -33.11 6.72 -129.91
N VAL FA 673 -33.63 6.09 -130.95
CA VAL FA 673 -33.66 6.74 -132.25
C VAL FA 673 -34.86 7.68 -132.37
N ASN FA 674 -35.96 7.37 -131.66
CA ASN FA 674 -37.07 8.31 -131.62
C ASN FA 674 -36.67 9.60 -130.92
N LYS FA 675 -35.91 9.50 -129.82
CA LYS FA 675 -35.46 10.71 -129.15
C LYS FA 675 -34.59 11.56 -130.07
N THR FA 676 -33.68 10.92 -130.80
CA THR FA 676 -32.75 11.65 -131.65
C THR FA 676 -33.41 12.22 -132.89
N VAL FA 677 -34.46 11.59 -133.42
CA VAL FA 677 -35.17 12.19 -134.54
C VAL FA 677 -36.14 13.26 -134.05
N ARG FA 678 -36.68 13.11 -132.83
CA ARG FA 678 -37.56 14.11 -132.25
C ARG FA 678 -36.82 15.38 -131.88
N ASP FA 679 -35.56 15.27 -131.48
CA ASP FA 679 -34.77 16.46 -131.16
C ASP FA 679 -34.19 17.14 -132.39
N LEU FA 680 -34.18 16.47 -133.54
CA LEU FA 680 -33.57 17.04 -134.74
C LEU FA 680 -34.55 17.22 -135.89
N MET FA 681 -35.82 16.92 -135.71
CA MET FA 681 -36.78 17.30 -136.74
C MET FA 681 -37.09 18.79 -136.66
N PRO FA 682 -37.39 19.36 -135.46
CA PRO FA 682 -37.56 20.81 -135.38
C PRO FA 682 -36.34 21.55 -135.89
N LYS FA 683 -35.19 21.26 -135.31
CA LYS FA 683 -33.95 21.96 -135.68
C LYS FA 683 -33.70 21.86 -137.18
N THR FA 684 -33.95 20.68 -137.76
CA THR FA 684 -33.76 20.52 -139.20
C THR FA 684 -34.68 21.42 -139.99
N ILE FA 685 -35.96 21.47 -139.61
CA ILE FA 685 -36.91 22.29 -140.37
C ILE FA 685 -36.51 23.76 -140.30
N MET FA 686 -36.23 24.25 -139.10
CA MET FA 686 -36.08 25.68 -138.89
C MET FA 686 -34.77 26.21 -139.43
N HIS FA 687 -33.67 25.47 -139.24
CA HIS FA 687 -32.40 25.93 -139.78
C HIS FA 687 -32.43 26.05 -141.29
N LEU FA 688 -33.32 25.31 -141.95
CA LEU FA 688 -33.44 25.38 -143.39
C LEU FA 688 -34.61 26.24 -143.86
N MET FA 689 -35.74 26.21 -143.15
CA MET FA 689 -36.94 26.91 -143.57
C MET FA 689 -37.10 28.26 -142.89
N ILE FA 690 -37.17 28.28 -141.56
CA ILE FA 690 -37.61 29.49 -140.87
C ILE FA 690 -36.44 30.45 -140.65
N ASN FA 691 -35.36 29.96 -140.06
CA ASN FA 691 -34.20 30.81 -139.87
C ASN FA 691 -33.48 31.10 -141.17
N ASN FA 692 -34.06 30.72 -142.30
CA ASN FA 692 -33.60 31.17 -143.61
C ASN FA 692 -34.59 32.08 -144.30
N THR FA 693 -35.90 31.82 -144.17
CA THR FA 693 -36.87 32.77 -144.70
C THR FA 693 -36.82 34.08 -143.93
N LYS FA 694 -36.47 34.03 -142.65
CA LYS FA 694 -36.32 35.25 -141.87
C LYS FA 694 -35.19 36.11 -142.43
N GLU FA 695 -34.05 35.49 -142.73
CA GLU FA 695 -32.94 36.24 -143.32
C GLU FA 695 -33.27 36.68 -144.73
N PHE FA 696 -34.04 35.88 -145.48
CA PHE FA 696 -34.49 36.34 -146.79
C PHE FA 696 -35.33 37.60 -146.67
N ILE FA 697 -36.24 37.64 -145.69
CA ILE FA 697 -37.07 38.81 -145.47
C ILE FA 697 -36.20 40.01 -145.11
N PHE FA 698 -35.27 39.80 -144.17
CA PHE FA 698 -34.48 40.91 -143.65
C PHE FA 698 -33.39 41.37 -144.61
N SER FA 699 -33.04 40.59 -145.63
CA SER FA 699 -31.95 40.96 -146.51
C SER FA 699 -32.37 41.15 -147.97
N GLU FA 700 -33.05 40.16 -148.56
CA GLU FA 700 -33.18 40.08 -150.00
C GLU FA 700 -34.53 40.56 -150.53
N LEU FA 701 -35.54 40.68 -149.68
CA LEU FA 701 -36.87 41.07 -150.15
C LEU FA 701 -36.84 42.44 -150.78
N LEU FA 702 -36.13 43.38 -150.16
CA LEU FA 702 -36.07 44.75 -150.66
C LEU FA 702 -35.50 44.80 -152.06
N ALA FA 703 -34.44 44.03 -152.32
CA ALA FA 703 -33.83 44.03 -153.64
C ALA FA 703 -34.80 43.55 -154.70
N ASN FA 704 -35.50 42.44 -154.45
CA ASN FA 704 -36.44 41.92 -155.42
C ASN FA 704 -37.57 42.92 -155.68
N LEU FA 705 -38.12 43.48 -154.60
CA LEU FA 705 -39.24 44.40 -154.76
C LEU FA 705 -38.83 45.65 -155.52
N TYR FA 706 -37.65 46.19 -155.23
CA TYR FA 706 -37.23 47.39 -155.94
C TYR FA 706 -36.80 47.09 -157.37
N SER FA 707 -36.31 45.87 -157.63
CA SER FA 707 -35.79 45.53 -158.95
C SER FA 707 -36.90 45.11 -159.91
N CYS FA 708 -38.02 44.60 -159.41
CA CYS FA 708 -39.10 44.24 -160.32
C CYS FA 708 -39.61 45.48 -161.04
N GLY FA 709 -40.04 45.30 -162.28
CA GLY FA 709 -40.30 46.42 -163.15
C GLY FA 709 -41.54 47.22 -162.77
N ASP FA 710 -41.65 48.38 -163.40
CA ASP FA 710 -42.80 49.29 -163.29
C ASP FA 710 -43.01 49.71 -161.83
N GLN FA 711 -42.01 50.47 -161.34
CA GLN FA 711 -42.08 51.07 -160.02
C GLN FA 711 -43.36 51.88 -159.83
N ASN FA 712 -43.81 52.56 -160.88
CA ASN FA 712 -45.00 53.41 -160.76
C ASN FA 712 -46.25 52.59 -160.46
N THR FA 713 -46.29 51.32 -160.88
CA THR FA 713 -47.46 50.48 -160.63
C THR FA 713 -47.25 49.50 -159.49
N LEU FA 714 -46.02 49.29 -159.04
CA LEU FA 714 -45.83 48.46 -157.86
C LEU FA 714 -46.49 49.08 -156.63
N MET FA 715 -46.44 50.41 -156.51
CA MET FA 715 -47.15 51.13 -155.47
C MET FA 715 -48.35 51.83 -156.12
N GLU FA 716 -49.49 51.16 -156.12
CA GLU FA 716 -50.75 51.76 -156.51
C GLU FA 716 -51.40 52.38 -155.28
N GLU FA 717 -51.69 53.67 -155.36
CA GLU FA 717 -52.54 54.29 -154.37
C GLU FA 717 -53.92 53.64 -154.42
N SER FA 718 -54.36 53.11 -153.29
CA SER FA 718 -55.71 52.61 -153.21
C SER FA 718 -56.68 53.77 -153.11
N ALA FA 719 -57.88 53.58 -153.67
CA ALA FA 719 -58.90 54.62 -153.59
C ALA FA 719 -59.17 55.02 -152.15
N GLU FA 720 -59.13 54.05 -151.24
CA GLU FA 720 -59.39 54.35 -149.83
C GLU FA 720 -58.38 55.36 -149.28
N GLN FA 721 -57.08 55.07 -149.43
CA GLN FA 721 -56.11 55.97 -148.83
C GLN FA 721 -56.01 57.28 -149.61
N ALA FA 722 -56.23 57.25 -150.93
CA ALA FA 722 -56.17 58.50 -151.69
C ALA FA 722 -57.31 59.43 -151.34
N GLN FA 723 -58.55 58.91 -151.27
CA GLN FA 723 -59.67 59.72 -150.86
C GLN FA 723 -59.51 60.20 -149.43
N ARG FA 724 -59.02 59.32 -148.54
CA ARG FA 724 -58.80 59.74 -147.16
C ARG FA 724 -57.77 60.86 -147.08
N ARG FA 725 -56.69 60.76 -147.87
CA ARG FA 725 -55.66 61.78 -147.85
C ARG FA 725 -56.18 63.11 -148.35
N ASP FA 726 -56.93 63.10 -149.47
CA ASP FA 726 -57.47 64.35 -149.98
C ASP FA 726 -58.47 64.96 -149.01
N GLU FA 727 -59.28 64.12 -148.36
CA GLU FA 727 -60.26 64.64 -147.41
C GLU FA 727 -59.57 65.18 -146.16
N MET FA 728 -58.46 64.56 -145.75
CA MET FA 728 -57.61 65.17 -144.72
C MET FA 728 -57.12 66.54 -145.13
N LEU FA 729 -56.66 66.68 -146.38
CA LEU FA 729 -56.15 67.98 -146.82
C LEU FA 729 -57.25 69.04 -146.77
N ARG FA 730 -58.43 68.70 -147.27
CA ARG FA 730 -59.55 69.63 -147.24
C ARG FA 730 -59.96 69.96 -145.81
N MET FA 731 -59.95 68.95 -144.93
CA MET FA 731 -60.29 69.17 -143.53
C MET FA 731 -59.31 70.11 -142.87
N TYR FA 732 -58.02 69.94 -143.14
CA TYR FA 732 -57.00 70.83 -142.57
C TYR FA 732 -57.20 72.26 -143.06
N HIS FA 733 -57.47 72.43 -144.35
CA HIS FA 733 -57.71 73.79 -144.86
C HIS FA 733 -58.95 74.41 -144.23
N ALA FA 734 -60.02 73.63 -144.10
CA ALA FA 734 -61.23 74.14 -143.48
C ALA FA 734 -61.01 74.52 -142.02
N LEU FA 735 -60.25 73.72 -141.28
CA LEU FA 735 -59.94 74.06 -139.90
C LEU FA 735 -59.07 75.31 -139.82
N LYS FA 736 -58.13 75.48 -140.75
CA LYS FA 736 -57.36 76.72 -140.80
C LYS FA 736 -58.27 77.92 -141.00
N GLU FA 737 -59.23 77.81 -141.93
CA GLU FA 737 -60.17 78.90 -142.14
C GLU FA 737 -61.01 79.16 -140.89
N ALA FA 738 -61.44 78.10 -140.21
CA ALA FA 738 -62.25 78.26 -139.02
C ALA FA 738 -61.48 78.98 -137.91
N LEU FA 739 -60.22 78.62 -137.71
CA LEU FA 739 -59.43 79.32 -136.71
C LEU FA 739 -59.12 80.75 -137.11
N SER FA 740 -58.96 81.03 -138.40
CA SER FA 740 -58.84 82.42 -138.83
C SER FA 740 -60.10 83.21 -138.54
N ILE FA 741 -61.27 82.58 -138.73
CA ILE FA 741 -62.52 83.25 -138.43
C ILE FA 741 -62.67 83.50 -136.93
N ILE FA 742 -62.26 82.54 -136.11
CA ILE FA 742 -62.27 82.77 -134.67
C ILE FA 742 -61.35 83.93 -134.31
N GLY FA 743 -60.18 83.99 -134.93
CA GLY FA 743 -59.27 85.10 -134.67
C GLY FA 743 -59.88 86.44 -135.03
N ASN FA 744 -60.51 86.53 -136.19
CA ASN FA 744 -61.06 87.79 -136.66
C ASN FA 744 -62.44 88.12 -136.06
N ILE FA 745 -63.04 87.19 -135.33
CA ILE FA 745 -64.30 87.46 -134.65
C ILE FA 745 -64.10 87.78 -133.17
N ASN FA 746 -63.17 87.06 -132.51
CA ASN FA 746 -62.91 87.32 -131.10
C ASN FA 746 -62.42 88.75 -130.86
N THR FA 747 -61.85 89.37 -131.88
CA THR FA 747 -61.41 90.75 -131.77
C THR FA 747 -62.59 91.72 -131.88
N ILE GA 10 -51.83 162.43 -30.20
CA ILE GA 10 -50.68 161.57 -29.99
C ILE GA 10 -51.07 160.12 -30.27
N PRO GA 11 -50.16 159.36 -30.85
CA PRO GA 11 -50.49 157.99 -31.26
C PRO GA 11 -50.80 157.08 -30.07
N LEU GA 12 -51.74 156.17 -30.30
CA LEU GA 12 -52.18 155.25 -29.25
C LEU GA 12 -51.08 154.27 -28.86
N VAL GA 13 -50.16 153.95 -29.77
CA VAL GA 13 -49.02 153.12 -29.40
C VAL GA 13 -48.12 153.85 -28.41
N ASN GA 14 -47.90 155.16 -28.64
CA ASN GA 14 -47.18 155.95 -27.65
C ASN GA 14 -47.91 156.00 -26.33
N ARG GA 15 -49.24 156.16 -26.35
CA ARG GA 15 -49.97 156.20 -25.09
C ARG GA 15 -49.89 154.85 -24.37
N LEU GA 16 -49.94 153.75 -25.13
CA LEU GA 16 -49.80 152.43 -24.53
C LEU GA 16 -48.42 152.26 -23.90
N GLN GA 17 -47.38 152.74 -24.59
CA GLN GA 17 -46.04 152.65 -24.00
C GLN GA 17 -45.92 153.52 -22.76
N ASP GA 18 -46.56 154.68 -22.75
CA ASP GA 18 -46.60 155.51 -21.55
C ASP GA 18 -47.26 154.76 -20.40
N ALA GA 19 -48.37 154.08 -20.68
CA ALA GA 19 -49.04 153.32 -19.64
C ALA GA 19 -48.18 152.16 -19.16
N PHE GA 20 -47.44 151.53 -20.06
CA PHE GA 20 -46.54 150.45 -19.67
C PHE GA 20 -45.43 150.95 -18.76
N SER GA 21 -44.85 152.10 -19.10
CA SER GA 21 -43.85 152.71 -18.22
C SER GA 21 -44.46 153.05 -16.87
N ALA GA 22 -45.71 153.55 -16.87
CA ALA GA 22 -46.38 153.90 -15.63
C ALA GA 22 -46.56 152.67 -14.73
N ILE GA 23 -47.04 151.56 -15.30
CA ILE GA 23 -47.17 150.35 -14.50
C ILE GA 23 -45.80 149.81 -14.10
N GLY GA 24 -44.75 150.18 -14.84
CA GLY GA 24 -43.40 149.89 -14.45
C GLY GA 24 -43.00 148.44 -14.48
N GLN GA 25 -43.92 147.53 -14.75
CA GLN GA 25 -43.56 146.13 -14.88
C GLN GA 25 -42.64 145.94 -16.08
N ASN GA 26 -41.73 144.98 -15.99
CA ASN GA 26 -40.69 144.78 -17.00
C ASN GA 26 -41.29 144.13 -18.25
N ALA GA 27 -42.26 144.82 -18.84
CA ALA GA 27 -42.91 144.40 -20.06
C ALA GA 27 -42.64 145.42 -21.16
N ASP GA 28 -42.73 144.95 -22.39
CA ASP GA 28 -42.47 145.80 -23.55
C ASP GA 28 -43.36 145.36 -24.71
N LEU GA 29 -43.64 146.29 -25.61
CA LEU GA 29 -44.49 145.99 -26.75
C LEU GA 29 -43.77 145.14 -27.79
N ASP GA 30 -42.45 144.99 -27.66
CA ASP GA 30 -41.65 144.13 -28.55
C ASP GA 30 -41.73 144.61 -30.00
N LEU GA 31 -41.38 145.87 -30.21
CA LEU GA 31 -41.34 146.41 -31.56
C LEU GA 31 -40.11 145.87 -32.29
N PRO GA 32 -40.18 145.76 -33.62
CA PRO GA 32 -38.98 145.42 -34.38
C PRO GA 32 -37.99 146.57 -34.40
N GLN GA 33 -36.71 146.23 -34.54
CA GLN GA 33 -35.70 147.26 -34.63
C GLN GA 33 -35.74 147.91 -36.01
N ILE GA 34 -35.16 149.09 -36.12
CA ILE GA 34 -35.09 149.83 -37.37
C ILE GA 34 -33.62 150.03 -37.72
N ALA GA 35 -33.28 149.80 -38.99
CA ALA GA 35 -31.94 150.04 -39.47
C ALA GA 35 -32.01 150.96 -40.68
N VAL GA 36 -31.22 152.02 -40.66
CA VAL GA 36 -31.17 152.98 -41.77
C VAL GA 36 -29.91 152.70 -42.57
N VAL GA 37 -30.08 152.45 -43.87
CA VAL GA 37 -28.96 152.06 -44.73
C VAL GA 37 -29.08 152.76 -46.07
N GLY GA 38 -27.94 152.96 -46.71
CA GLY GA 38 -27.91 153.63 -48.00
C GLY GA 38 -26.49 153.81 -48.46
N GLY GA 39 -26.34 154.59 -49.52
CA GLY GA 39 -25.02 154.93 -50.02
C GLY GA 39 -24.37 156.02 -49.19
N GLN GA 40 -23.07 156.19 -49.42
CA GLN GA 40 -22.34 157.25 -48.73
C GLN GA 40 -22.86 158.61 -49.16
N SER GA 41 -23.01 159.51 -48.18
CA SER GA 41 -23.54 160.85 -48.38
C SER GA 41 -24.98 160.84 -48.90
N ALA GA 42 -25.73 159.78 -48.60
CA ALA GA 42 -27.13 159.74 -49.01
C ALA GA 42 -27.98 160.69 -48.18
N GLY GA 43 -27.78 160.69 -46.86
CA GLY GA 43 -28.61 161.47 -45.96
C GLY GA 43 -29.18 160.63 -44.85
N LYS GA 44 -28.55 159.48 -44.61
CA LYS GA 44 -29.08 158.50 -43.67
C LYS GA 44 -29.14 159.07 -42.25
N SER GA 45 -28.03 159.63 -41.77
CA SER GA 45 -28.01 160.16 -40.41
C SER GA 45 -28.99 161.32 -40.26
N SER GA 46 -29.09 162.16 -41.28
CA SER GA 46 -30.00 163.30 -41.20
C SER GA 46 -31.45 162.83 -41.12
N VAL GA 47 -31.83 161.84 -41.93
CA VAL GA 47 -33.18 161.29 -41.86
C VAL GA 47 -33.42 160.69 -40.48
N LEU GA 48 -32.43 159.97 -39.94
CA LEU GA 48 -32.60 159.35 -38.64
C LEU GA 48 -32.83 160.40 -37.55
N GLU GA 49 -32.03 161.47 -37.55
CA GLU GA 49 -32.19 162.46 -36.49
C GLU GA 49 -33.50 163.23 -36.66
N ASN GA 50 -33.92 163.47 -37.91
CA ASN GA 50 -35.19 164.16 -38.12
C ASN GA 50 -36.37 163.29 -37.69
N PHE GA 51 -36.25 161.98 -37.86
CA PHE GA 51 -37.28 161.07 -37.35
C PHE GA 51 -37.28 161.05 -35.83
N VAL GA 52 -36.10 161.10 -35.21
CA VAL GA 52 -36.04 161.19 -33.74
C VAL GA 52 -36.70 162.48 -33.27
N GLY GA 53 -36.40 163.59 -33.93
CA GLY GA 53 -36.95 164.89 -33.61
C GLY GA 53 -35.94 165.86 -33.04
N ARG GA 54 -34.77 165.39 -32.64
CA ARG GA 54 -33.78 166.22 -31.97
C ARG GA 54 -32.40 165.97 -32.56
N ASP GA 55 -31.63 167.04 -32.75
CA ASP GA 55 -30.40 167.01 -33.54
C ASP GA 55 -29.23 166.61 -32.65
N PHE GA 56 -28.83 165.34 -32.73
CA PHE GA 56 -27.72 164.83 -31.93
C PHE GA 56 -26.86 163.85 -32.71
N LEU GA 57 -26.78 164.01 -34.04
CA LEU GA 57 -26.03 163.07 -34.86
C LEU GA 57 -25.02 163.79 -35.73
N PRO GA 58 -23.87 163.17 -35.98
CA PRO GA 58 -22.85 163.79 -36.84
C PRO GA 58 -23.32 163.83 -38.28
N ARG GA 59 -23.33 165.04 -38.86
CA ARG GA 59 -23.82 165.24 -40.22
C ARG GA 59 -22.91 166.23 -40.94
N GLY GA 60 -22.24 165.77 -41.98
CA GLY GA 60 -21.38 166.63 -42.78
C GLY GA 60 -21.04 165.97 -44.10
N SER GA 61 -20.39 166.75 -44.96
CA SER GA 61 -19.95 166.22 -46.23
C SER GA 61 -18.80 165.24 -46.04
N GLY GA 62 -18.64 164.34 -47.00
CA GLY GA 62 -17.63 163.31 -46.89
C GLY GA 62 -18.11 162.15 -46.05
N ILE GA 63 -17.15 161.38 -45.56
CA ILE GA 63 -17.44 160.25 -44.67
C ILE GA 63 -17.59 160.78 -43.25
N VAL GA 64 -18.77 160.58 -42.67
CA VAL GA 64 -19.07 161.11 -41.35
C VAL GA 64 -19.51 159.99 -40.42
N THR GA 65 -20.60 159.31 -40.77
CA THR GA 65 -21.12 158.21 -39.95
C THR GA 65 -20.23 156.99 -40.18
N ARG GA 66 -19.11 156.98 -39.46
CA ARG GA 66 -18.05 155.99 -39.69
C ARG GA 66 -18.01 154.90 -38.62
N ARG GA 67 -19.13 154.67 -37.91
CA ARG GA 67 -19.17 153.62 -36.90
C ARG GA 67 -20.63 153.32 -36.59
N PRO GA 68 -21.02 152.04 -36.51
CA PRO GA 68 -22.44 151.71 -36.35
C PRO GA 68 -22.98 152.19 -35.00
N LEU GA 69 -23.91 153.13 -35.06
CA LEU GA 69 -24.52 153.70 -33.87
C LEU GA 69 -25.81 152.95 -33.56
N VAL GA 70 -25.81 152.21 -32.46
CA VAL GA 70 -27.00 151.48 -32.00
C VAL GA 70 -27.70 152.39 -31.00
N LEU GA 71 -28.64 153.18 -31.50
CA LEU GA 71 -29.50 154.02 -30.69
C LEU GA 71 -30.62 153.19 -30.07
N GLN GA 72 -30.97 153.53 -28.83
CA GLN GA 72 -32.17 152.98 -28.20
C GLN GA 72 -32.97 154.13 -27.62
N LEU GA 73 -34.04 154.51 -28.32
CA LEU GA 73 -35.00 155.46 -27.77
C LEU GA 73 -35.87 154.74 -26.75
N VAL GA 74 -35.90 155.27 -25.53
CA VAL GA 74 -36.71 154.70 -24.46
C VAL GA 74 -37.54 155.80 -23.83
N ASN GA 75 -38.54 155.39 -23.06
CA ASN GA 75 -39.49 156.31 -22.46
C ASN GA 75 -39.18 156.52 -20.99
N ALA GA 76 -39.22 157.78 -20.56
CA ALA GA 76 -39.01 158.14 -19.17
C ALA GA 76 -39.63 159.51 -18.93
N THR GA 77 -39.44 160.03 -17.71
CA THR GA 77 -40.07 161.28 -17.34
C THR GA 77 -39.54 162.45 -18.15
N THR GA 78 -38.21 162.60 -18.21
CA THR GA 78 -37.58 163.69 -18.95
C THR GA 78 -36.35 163.17 -19.68
N GLU GA 79 -35.87 163.98 -20.62
CA GLU GA 79 -34.94 163.52 -21.64
C GLU GA 79 -33.49 163.73 -21.24
N TYR GA 80 -32.67 162.73 -21.57
CA TYR GA 80 -31.22 162.81 -21.50
C TYR GA 80 -30.66 161.69 -22.37
N ALA GA 81 -29.35 161.47 -22.29
CA ALA GA 81 -28.72 160.42 -23.07
C ALA GA 81 -27.58 159.82 -22.28
N GLU GA 82 -27.37 158.52 -22.46
CA GLU GA 82 -26.27 157.81 -21.82
C GLU GA 82 -25.62 156.86 -22.81
N PHE GA 83 -24.29 156.84 -22.79
CA PHE GA 83 -23.53 155.89 -23.59
C PHE GA 83 -23.27 154.64 -22.75
N LEU GA 84 -22.43 153.74 -23.25
CA LEU GA 84 -21.96 152.60 -22.48
C LEU GA 84 -20.47 152.68 -22.18
N HIS GA 85 -19.90 153.87 -22.25
CA HIS GA 85 -18.52 154.07 -21.82
C HIS GA 85 -18.39 155.18 -20.79
N CYS GA 86 -19.19 156.24 -20.89
CA CYS GA 86 -19.25 157.28 -19.86
C CYS GA 86 -20.29 156.90 -18.81
N LYS GA 87 -20.07 155.73 -18.20
CA LYS GA 87 -21.03 155.17 -17.26
C LYS GA 87 -21.26 156.12 -16.09
N GLY GA 88 -22.52 156.34 -15.77
CA GLY GA 88 -22.92 157.28 -14.74
C GLY GA 88 -23.21 158.66 -15.26
N LYS GA 89 -22.46 159.11 -16.26
CA LYS GA 89 -22.66 160.44 -16.81
C LYS GA 89 -23.99 160.51 -17.56
N LYS GA 90 -24.63 161.67 -17.49
CA LYS GA 90 -25.93 161.91 -18.11
C LYS GA 90 -25.80 163.10 -19.06
N PHE GA 91 -25.41 162.82 -20.30
CA PHE GA 91 -25.34 163.86 -21.32
C PHE GA 91 -26.72 164.46 -21.52
N THR GA 92 -26.79 165.78 -21.53
CA THR GA 92 -28.07 166.47 -21.62
C THR GA 92 -28.17 167.43 -22.79
N ASP GA 93 -27.10 168.13 -23.13
CA ASP GA 93 -27.11 169.03 -24.27
C ASP GA 93 -26.53 168.33 -25.50
N PHE GA 94 -27.28 168.42 -26.60
CA PHE GA 94 -27.01 167.57 -27.75
C PHE GA 94 -25.80 167.99 -28.54
N GLU GA 95 -25.35 169.25 -28.40
CA GLU GA 95 -24.03 169.59 -28.93
C GLU GA 95 -22.94 168.76 -28.25
N GLU GA 96 -23.00 168.66 -26.92
CA GLU GA 96 -22.08 167.79 -26.21
C GLU GA 96 -22.27 166.34 -26.61
N VAL GA 97 -23.51 165.91 -26.82
CA VAL GA 97 -23.75 164.53 -27.23
C VAL GA 97 -23.07 164.25 -28.58
N ARG GA 98 -23.25 165.14 -29.54
CA ARG GA 98 -22.66 164.95 -30.86
C ARG GA 98 -21.13 164.97 -30.80
N LEU GA 99 -20.57 165.90 -30.02
CA LEU GA 99 -19.11 165.95 -29.89
C LEU GA 99 -18.57 164.67 -29.26
N GLU GA 100 -19.26 164.16 -28.24
CA GLU GA 100 -18.86 162.89 -27.64
C GLU GA 100 -18.95 161.75 -28.64
N ILE GA 101 -19.99 161.76 -29.47
CA ILE GA 101 -20.15 160.71 -30.48
C ILE GA 101 -18.96 160.71 -31.44
N GLU GA 102 -18.63 161.89 -31.98
CA GLU GA 102 -17.55 161.95 -32.96
C GLU GA 102 -16.21 161.63 -32.32
N ALA GA 103 -15.99 162.09 -31.08
CA ALA GA 103 -14.75 161.75 -30.38
C ALA GA 103 -14.65 160.25 -30.13
N GLU GA 104 -15.78 159.61 -29.77
CA GLU GA 104 -15.76 158.17 -29.55
C GLU GA 104 -15.45 157.43 -30.85
N THR GA 105 -16.02 157.89 -31.96
CA THR GA 105 -15.69 157.27 -33.25
C THR GA 105 -14.20 157.41 -33.55
N ASP GA 106 -13.65 158.61 -33.33
CA ASP GA 106 -12.25 158.84 -33.66
C ASP GA 106 -11.31 158.04 -32.77
N ARG GA 107 -11.68 157.84 -31.50
CA ARG GA 107 -10.77 157.19 -30.56
C ARG GA 107 -10.44 155.76 -30.94
N VAL GA 108 -11.22 155.14 -31.81
CA VAL GA 108 -10.95 153.79 -32.28
C VAL GA 108 -10.68 153.75 -33.79
N THR GA 109 -11.43 154.54 -34.57
CA THR GA 109 -11.26 154.49 -36.01
C THR GA 109 -9.99 155.20 -36.45
N GLY GA 110 -9.67 156.32 -35.83
CA GLY GA 110 -8.60 157.19 -36.28
C GLY GA 110 -9.13 158.41 -37.01
N THR GA 111 -8.22 159.32 -37.32
CA THR GA 111 -8.55 160.60 -37.93
C THR GA 111 -8.16 160.66 -39.40
N ASN GA 112 -8.29 159.54 -40.10
CA ASN GA 112 -7.98 159.47 -41.53
C ASN GA 112 -9.06 158.67 -42.27
N LYS GA 113 -10.32 158.93 -41.92
CA LYS GA 113 -11.48 158.36 -42.60
C LYS GA 113 -11.55 156.84 -42.45
N GLY GA 114 -10.86 156.27 -41.47
CA GLY GA 114 -11.03 154.86 -41.19
C GLY GA 114 -12.36 154.58 -40.52
N ILE GA 115 -12.77 153.31 -40.57
CA ILE GA 115 -14.03 152.87 -39.97
C ILE GA 115 -13.76 151.68 -39.05
N SER GA 116 -14.74 151.36 -38.22
CA SER GA 116 -14.65 150.27 -37.27
C SER GA 116 -16.03 149.66 -37.10
N PRO GA 117 -16.15 148.32 -37.18
CA PRO GA 117 -17.47 147.68 -37.06
C PRO GA 117 -17.98 147.57 -35.63
N VAL GA 118 -17.22 147.98 -34.63
CA VAL GA 118 -17.63 147.84 -33.24
C VAL GA 118 -18.73 148.85 -32.92
N PRO GA 119 -19.89 148.40 -32.47
CA PRO GA 119 -21.04 149.31 -32.33
C PRO GA 119 -20.86 150.28 -31.16
N ILE GA 120 -21.34 151.50 -31.37
CA ILE GA 120 -21.48 152.49 -30.30
C ILE GA 120 -22.89 152.35 -29.74
N ASN GA 121 -23.01 151.84 -28.52
CA ASN GA 121 -24.31 151.61 -27.90
C ASN GA 121 -24.72 152.88 -27.17
N LEU GA 122 -25.78 153.54 -27.64
CA LEU GA 122 -26.25 154.78 -27.06
C LEU GA 122 -27.72 154.63 -26.71
N ARG GA 123 -28.15 155.30 -25.64
CA ARG GA 123 -29.54 155.25 -25.21
C ARG GA 123 -30.02 156.67 -24.95
N VAL GA 124 -31.21 156.99 -25.46
CA VAL GA 124 -31.82 158.29 -25.27
C VAL GA 124 -33.14 158.08 -24.53
N TYR GA 125 -33.46 159.01 -23.63
CA TYR GA 125 -34.73 158.97 -22.91
C TYR GA 125 -35.61 160.11 -23.40
N SER GA 126 -36.91 159.84 -23.49
CA SER GA 126 -37.84 160.83 -24.00
C SER GA 126 -39.23 160.53 -23.43
N PRO GA 127 -40.09 161.54 -23.31
CA PRO GA 127 -41.39 161.30 -22.65
C PRO GA 127 -42.38 160.52 -23.50
N HIS GA 128 -42.35 160.66 -24.83
CA HIS GA 128 -43.39 160.11 -25.67
C HIS GA 128 -42.80 159.39 -26.88
N VAL GA 129 -41.85 158.49 -26.63
CA VAL GA 129 -41.29 157.66 -27.70
C VAL GA 129 -41.41 156.20 -27.29
N LEU GA 130 -41.41 155.33 -28.30
CA LEU GA 130 -41.42 153.90 -28.07
C LEU GA 130 -40.06 153.44 -27.55
N ASN GA 131 -40.03 152.21 -27.04
CA ASN GA 131 -38.76 151.54 -26.76
C ASN GA 131 -38.17 151.00 -28.06
N LEU GA 132 -37.82 151.94 -28.93
CA LEU GA 132 -37.34 151.58 -30.25
C LEU GA 132 -35.89 151.15 -30.19
N THR GA 133 -35.37 150.68 -31.32
CA THR GA 133 -33.96 150.30 -31.44
C THR GA 133 -33.51 150.73 -32.84
N LEU GA 134 -32.96 151.94 -32.92
CA LEU GA 134 -32.51 152.49 -34.19
C LEU GA 134 -31.06 152.10 -34.42
N VAL GA 135 -30.70 151.90 -35.68
CA VAL GA 135 -29.34 151.54 -36.04
C VAL GA 135 -28.92 152.42 -37.21
N ASP GA 136 -28.03 153.37 -36.94
CA ASP GA 136 -27.39 154.13 -38.01
C ASP GA 136 -26.11 153.42 -38.41
N LEU GA 137 -25.87 153.35 -39.71
CA LEU GA 137 -24.77 152.58 -40.26
C LEU GA 137 -23.99 153.44 -41.24
N PRO GA 138 -22.72 153.12 -41.47
CA PRO GA 138 -21.97 153.81 -42.52
C PRO GA 138 -22.52 153.49 -43.90
N GLY GA 139 -22.34 154.44 -44.81
CA GLY GA 139 -22.76 154.24 -46.19
C GLY GA 139 -21.86 153.24 -46.90
N MET GA 140 -22.32 152.82 -48.06
CA MET GA 140 -21.61 151.80 -48.84
C MET GA 140 -20.68 152.45 -49.84
N THR GA 141 -19.41 152.06 -49.81
CA THR GA 141 -18.39 152.58 -50.70
C THR GA 141 -17.67 151.43 -51.37
N LYS GA 142 -17.11 151.69 -52.55
CA LYS GA 142 -16.38 150.67 -53.30
C LYS GA 142 -14.87 150.89 -53.32
N VAL GA 143 -14.41 152.11 -53.57
CA VAL GA 143 -12.99 152.42 -53.60
C VAL GA 143 -12.56 152.92 -52.22
N PRO GA 144 -11.57 152.30 -51.59
CA PRO GA 144 -11.08 152.82 -50.31
C PRO GA 144 -10.46 154.20 -50.47
N VAL GA 145 -10.65 155.03 -49.44
CA VAL GA 145 -10.08 156.37 -49.39
C VAL GA 145 -9.38 156.52 -48.05
N GLY GA 146 -8.35 157.36 -48.03
CA GLY GA 146 -7.58 157.52 -46.81
C GLY GA 146 -6.81 156.25 -46.50
N ASP GA 147 -6.96 155.75 -45.28
CA ASP GA 147 -6.23 154.57 -44.82
C ASP GA 147 -7.12 153.34 -44.70
N GLN GA 148 -8.29 153.35 -45.33
CA GLN GA 148 -9.16 152.19 -45.26
C GLN GA 148 -8.49 151.00 -45.96
N PRO GA 149 -8.77 149.78 -45.51
CA PRO GA 149 -8.23 148.60 -46.17
C PRO GA 149 -8.80 148.46 -47.57
N PRO GA 150 -8.10 147.75 -48.46
CA PRO GA 150 -8.58 147.64 -49.85
C PRO GA 150 -9.94 146.97 -49.99
N ASP GA 151 -10.36 146.17 -49.01
CA ASP GA 151 -11.65 145.49 -49.05
C ASP GA 151 -12.72 146.24 -48.26
N ILE GA 152 -12.66 147.57 -48.28
CA ILE GA 152 -13.60 148.38 -47.51
C ILE GA 152 -15.03 148.13 -47.97
N GLU GA 153 -15.23 147.83 -49.26
CA GLU GA 153 -16.57 147.55 -49.75
C GLU GA 153 -17.17 146.34 -49.06
N PHE GA 154 -16.43 145.22 -49.07
CA PHE GA 154 -16.92 144.02 -48.41
C PHE GA 154 -17.05 144.23 -46.92
N GLN GA 155 -16.13 145.00 -46.33
CA GLN GA 155 -16.20 145.25 -44.89
C GLN GA 155 -17.50 145.95 -44.53
N ILE GA 156 -17.81 147.06 -45.20
CA ILE GA 156 -19.07 147.75 -44.92
C ILE GA 156 -20.25 146.87 -45.25
N ARG GA 157 -20.18 146.14 -46.36
CA ARG GA 157 -21.29 145.30 -46.79
C ARG GA 157 -21.66 144.29 -45.72
N ASP GA 158 -20.73 143.40 -45.37
CA ASP GA 158 -21.08 142.37 -44.39
C ASP GA 158 -21.27 142.97 -43.00
N MET GA 159 -20.63 144.11 -42.70
CA MET GA 159 -20.83 144.75 -41.42
C MET GA 159 -22.27 145.21 -41.23
N LEU GA 160 -22.88 145.78 -42.27
CA LEU GA 160 -24.28 146.14 -42.16
C LEU GA 160 -25.21 144.98 -42.45
N MET GA 161 -24.73 143.95 -43.17
CA MET GA 161 -25.53 142.76 -43.39
C MET GA 161 -25.78 142.02 -42.09
N GLN GA 162 -24.76 141.97 -41.22
CA GLN GA 162 -24.93 141.30 -39.93
C GLN GA 162 -25.97 141.99 -39.06
N PHE GA 163 -26.34 143.23 -39.37
CA PHE GA 163 -27.41 143.92 -38.65
C PHE GA 163 -28.74 143.90 -39.39
N VAL GA 164 -28.73 143.82 -40.71
CA VAL GA 164 -29.98 143.93 -41.47
C VAL GA 164 -30.60 142.56 -41.71
N THR GA 165 -29.76 141.55 -41.98
CA THR GA 165 -30.27 140.24 -42.39
C THR GA 165 -31.11 139.57 -41.32
N LYS GA 166 -31.02 140.01 -40.06
CA LYS GA 166 -31.89 139.47 -39.04
C LYS GA 166 -33.32 139.91 -39.27
N GLU GA 167 -34.26 139.08 -38.83
CA GLU GA 167 -35.67 139.39 -38.97
C GLU GA 167 -36.03 140.50 -37.98
N ASN GA 168 -37.30 140.92 -38.01
CA ASN GA 168 -37.82 142.05 -37.23
C ASN GA 168 -36.86 143.24 -37.28
N CYS GA 169 -36.32 143.50 -38.46
CA CYS GA 169 -35.41 144.62 -38.70
C CYS GA 169 -35.93 145.40 -39.89
N LEU GA 170 -36.78 146.39 -39.63
CA LEU GA 170 -37.26 147.25 -40.70
C LEU GA 170 -36.08 147.96 -41.33
N ILE GA 171 -36.17 148.20 -42.64
CA ILE GA 171 -35.09 148.79 -43.40
C ILE GA 171 -35.55 150.14 -43.93
N LEU GA 172 -34.74 151.17 -43.69
CA LEU GA 172 -34.92 152.47 -44.32
C LEU GA 172 -33.87 152.59 -45.42
N ALA GA 173 -34.30 152.35 -46.66
CA ALA GA 173 -33.41 152.44 -47.82
C ALA GA 173 -33.36 153.89 -48.26
N VAL GA 174 -32.26 154.56 -47.94
CA VAL GA 174 -32.09 155.98 -48.24
C VAL GA 174 -31.39 156.10 -49.59
N SER GA 175 -31.97 156.90 -50.48
CA SER GA 175 -31.31 157.16 -51.75
C SER GA 175 -31.45 158.63 -52.07
N PRO GA 176 -30.41 159.24 -52.61
CA PRO GA 176 -30.51 160.63 -53.05
C PRO GA 176 -31.34 160.72 -54.32
N ALA GA 177 -31.86 161.92 -54.56
CA ALA GA 177 -32.54 162.22 -55.81
C ALA GA 177 -31.57 162.72 -56.86
N ASN GA 178 -30.28 162.77 -56.55
CA ASN GA 178 -29.30 163.25 -57.51
C ASN GA 178 -28.91 162.14 -58.48
N SER GA 179 -28.34 161.06 -57.97
CA SER GA 179 -28.04 159.90 -58.80
C SER GA 179 -29.33 159.25 -59.28
N ASP GA 180 -29.25 158.64 -60.46
CA ASP GA 180 -30.38 157.86 -60.94
C ASP GA 180 -30.67 156.71 -59.99
N LEU GA 181 -31.95 156.43 -59.79
CA LEU GA 181 -32.37 155.47 -58.77
C LEU GA 181 -31.76 154.10 -59.01
N ALA GA 182 -31.42 153.79 -60.27
CA ALA GA 182 -30.88 152.47 -60.60
C ALA GA 182 -29.56 152.17 -59.90
N ASN GA 183 -28.86 153.19 -59.42
CA ASN GA 183 -27.57 153.00 -58.77
C ASN GA 183 -27.68 152.78 -57.27
N SER GA 184 -28.89 152.72 -56.72
CA SER GA 184 -29.07 152.79 -55.27
C SER GA 184 -28.46 151.61 -54.53
N ASP GA 185 -27.35 151.86 -53.84
CA ASP GA 185 -26.77 150.85 -52.97
C ASP GA 185 -27.71 150.43 -51.87
N ALA GA 186 -28.63 151.32 -51.47
CA ALA GA 186 -29.65 150.95 -50.50
C ALA GA 186 -30.62 149.94 -51.08
N LEU GA 187 -31.12 150.21 -52.28
CA LEU GA 187 -32.09 149.32 -52.90
C LEU GA 187 -31.48 147.97 -53.24
N LYS GA 188 -30.20 147.94 -53.59
CA LYS GA 188 -29.56 146.65 -53.85
C LYS GA 188 -29.64 145.74 -52.63
N VAL GA 189 -29.22 146.24 -51.48
CA VAL GA 189 -29.26 145.44 -50.26
C VAL GA 189 -30.70 145.16 -49.85
N ALA GA 190 -31.60 146.14 -50.06
CA ALA GA 190 -32.99 145.95 -49.69
C ALA GA 190 -33.61 144.79 -50.45
N LYS GA 191 -33.45 144.77 -51.77
CA LYS GA 191 -33.96 143.66 -52.56
C LYS GA 191 -33.16 142.39 -52.38
N GLU GA 192 -31.93 142.47 -51.87
CA GLU GA 192 -31.15 141.26 -51.64
C GLU GA 192 -31.60 140.54 -50.38
N VAL GA 193 -31.96 141.28 -49.33
CA VAL GA 193 -32.28 140.65 -48.05
C VAL GA 193 -33.78 140.54 -47.84
N ASP GA 194 -34.55 141.41 -48.47
CA ASP GA 194 -36.00 141.46 -48.34
C ASP GA 194 -36.58 141.46 -49.75
N PRO GA 195 -36.66 140.29 -50.39
CA PRO GA 195 -37.10 140.27 -51.80
C PRO GA 195 -38.50 140.81 -52.01
N GLN GA 196 -39.48 140.32 -51.23
CA GLN GA 196 -40.84 140.77 -51.41
C GLN GA 196 -41.06 142.22 -50.97
N GLY GA 197 -40.09 142.82 -50.29
CA GLY GA 197 -40.25 144.20 -49.84
C GLY GA 197 -41.32 144.38 -48.79
N GLN GA 198 -41.41 143.47 -47.82
CA GLN GA 198 -42.42 143.56 -46.78
C GLN GA 198 -41.94 144.28 -45.52
N ARG GA 199 -40.62 144.44 -45.36
CA ARG GA 199 -40.07 145.19 -44.23
C ARG GA 199 -39.07 146.22 -44.74
N THR GA 200 -39.35 146.80 -45.91
CA THR GA 200 -38.47 147.77 -46.55
C THR GA 200 -39.27 149.01 -46.87
N ILE GA 201 -38.72 150.18 -46.55
CA ILE GA 201 -39.34 151.46 -46.86
C ILE GA 201 -38.29 152.32 -47.54
N GLY GA 202 -38.65 152.90 -48.69
CA GLY GA 202 -37.73 153.70 -49.48
C GLY GA 202 -37.94 155.19 -49.23
N VAL GA 203 -36.84 155.90 -49.04
CA VAL GA 203 -36.87 157.34 -48.83
C VAL GA 203 -35.93 158.00 -49.83
N ILE GA 204 -36.40 159.08 -50.43
CA ILE GA 204 -35.67 159.83 -51.45
C ILE GA 204 -35.31 161.17 -50.84
N THR GA 205 -34.03 161.43 -50.70
CA THR GA 205 -33.54 162.66 -50.12
C THR GA 205 -33.07 163.61 -51.21
N LYS GA 206 -32.64 164.80 -50.81
CA LYS GA 206 -31.99 165.76 -51.70
C LYS GA 206 -32.88 166.12 -52.90
N LEU GA 207 -34.20 166.12 -52.70
CA LEU GA 207 -35.11 166.46 -53.79
C LEU GA 207 -34.96 167.90 -54.25
N ASP GA 208 -34.27 168.75 -53.49
CA ASP GA 208 -34.01 170.12 -53.90
C ASP GA 208 -32.75 170.25 -54.74
N LEU GA 209 -31.99 169.18 -54.91
CA LEU GA 209 -30.71 169.22 -55.62
C LEU GA 209 -30.77 168.56 -56.99
N MET GA 210 -31.97 168.42 -57.55
CA MET GA 210 -32.11 167.78 -58.84
C MET GA 210 -31.82 168.76 -59.97
N ASP GA 211 -31.36 168.22 -61.09
CA ASP GA 211 -30.95 169.06 -62.21
C ASP GA 211 -32.13 169.82 -62.79
N GLU GA 212 -31.83 170.97 -63.37
CA GLU GA 212 -32.87 171.79 -63.98
C GLU GA 212 -33.59 171.01 -65.07
N GLY GA 213 -34.92 171.07 -65.06
CA GLY GA 213 -35.74 170.37 -66.01
C GLY GA 213 -36.00 168.92 -65.66
N THR GA 214 -35.43 168.42 -64.58
CA THR GA 214 -35.65 167.05 -64.14
C THR GA 214 -36.51 167.04 -62.88
N ASP GA 215 -37.24 165.94 -62.69
CA ASP GA 215 -38.09 165.79 -61.51
C ASP GA 215 -38.18 164.31 -61.17
N ALA GA 216 -38.44 164.04 -59.88
CA ALA GA 216 -38.53 162.67 -59.39
C ALA GA 216 -39.97 162.17 -59.36
N ARG GA 217 -40.82 162.67 -60.25
CA ARG GA 217 -42.22 162.24 -60.28
C ARG GA 217 -42.33 160.75 -60.58
N ASP GA 218 -41.56 160.27 -61.56
CA ASP GA 218 -41.68 158.88 -61.98
C ASP GA 218 -41.30 157.90 -60.89
N VAL GA 219 -40.49 158.32 -59.91
CA VAL GA 219 -40.06 157.41 -58.86
C VAL GA 219 -40.90 157.63 -57.60
N LEU GA 220 -41.34 158.86 -57.36
CA LEU GA 220 -42.17 159.10 -56.19
C LEU GA 220 -43.59 158.58 -56.38
N GLU GA 221 -44.06 158.50 -57.62
CA GLU GA 221 -45.32 157.81 -57.88
C GLU GA 221 -45.15 156.30 -57.89
N ASN GA 222 -43.98 155.81 -57.47
CA ASN GA 222 -43.73 154.37 -57.31
C ASN GA 222 -43.96 153.61 -58.61
N LYS GA 223 -43.63 154.24 -59.73
CA LYS GA 223 -43.76 153.63 -61.04
C LYS GA 223 -42.43 153.16 -61.62
N LEU GA 224 -41.38 153.96 -61.48
CA LEU GA 224 -40.10 153.61 -62.07
C LEU GA 224 -39.57 152.30 -61.50
N LEU GA 225 -39.51 152.18 -60.18
CA LEU GA 225 -39.16 150.94 -59.50
C LEU GA 225 -40.25 150.66 -58.48
N PRO GA 226 -41.35 150.01 -58.89
CA PRO GA 226 -42.45 149.77 -57.97
C PRO GA 226 -42.04 149.02 -56.72
N LEU GA 227 -42.15 149.69 -55.58
CA LEU GA 227 -41.91 149.09 -54.28
C LEU GA 227 -43.20 149.10 -53.49
N ARG GA 228 -43.43 148.05 -52.71
CA ARG GA 228 -44.73 147.86 -52.07
C ARG GA 228 -45.07 149.01 -51.14
N ARG GA 229 -44.11 149.44 -50.32
CA ARG GA 229 -44.41 150.42 -49.29
C ARG GA 229 -44.36 151.86 -49.78
N GLY GA 230 -43.95 152.09 -51.03
CA GLY GA 230 -43.89 153.43 -51.56
C GLY GA 230 -42.60 154.15 -51.19
N TYR GA 231 -42.42 155.31 -51.82
CA TYR GA 231 -41.23 156.13 -51.62
C TYR GA 231 -41.63 157.45 -50.99
N ILE GA 232 -41.01 157.79 -49.86
CA ILE GA 232 -41.27 159.03 -49.15
C ILE GA 232 -40.17 160.01 -49.47
N GLY GA 233 -40.54 161.22 -49.91
CA GLY GA 233 -39.57 162.22 -50.29
C GLY GA 233 -39.35 163.23 -49.17
N VAL GA 234 -38.08 163.39 -48.78
CA VAL GA 234 -37.73 164.30 -47.71
C VAL GA 234 -36.69 165.30 -48.22
N VAL GA 235 -36.66 166.46 -47.57
CA VAL GA 235 -35.70 167.51 -47.90
C VAL GA 235 -35.06 168.01 -46.62
N ASN GA 236 -33.85 167.57 -46.34
CA ASN GA 236 -33.17 167.90 -45.09
C ASN GA 236 -32.52 169.28 -45.20
N ARG GA 237 -31.65 169.60 -44.24
CA ARG GA 237 -30.94 170.87 -44.23
C ARG GA 237 -29.64 170.74 -45.01
N SER GA 238 -29.38 171.71 -45.90
CA SER GA 238 -28.16 171.70 -46.68
C SER GA 238 -26.94 171.87 -45.78
N GLN GA 239 -25.76 171.67 -46.36
CA GLN GA 239 -24.52 171.83 -45.60
C GLN GA 239 -24.35 173.28 -45.15
N LYS GA 240 -24.73 174.23 -45.99
CA LYS GA 240 -24.71 175.62 -45.58
C LYS GA 240 -25.61 175.86 -44.38
N ASP GA 241 -26.81 175.28 -44.39
CA ASP GA 241 -27.71 175.44 -43.25
C ASP GA 241 -27.15 174.77 -42.01
N ILE GA 242 -26.49 173.62 -42.17
CA ILE GA 242 -25.88 172.95 -41.03
C ILE GA 242 -24.80 173.82 -40.41
N ASP GA 243 -23.96 174.44 -41.25
CA ASP GA 243 -22.93 175.33 -40.74
C ASP GA 243 -23.55 176.59 -40.12
N GLY GA 244 -24.66 177.07 -40.66
CA GLY GA 244 -25.37 178.21 -40.12
C GLY GA 244 -26.33 177.91 -39.00
N LYS GA 245 -26.37 176.65 -38.55
CA LYS GA 245 -27.19 176.24 -37.41
C LYS GA 245 -28.67 176.51 -37.64
N LYS GA 246 -29.17 176.04 -38.79
CA LYS GA 246 -30.59 176.15 -39.06
C LYS GA 246 -31.38 175.24 -38.13
N ASP GA 247 -32.56 175.71 -37.71
CA ASP GA 247 -33.37 174.99 -36.73
C ASP GA 247 -34.41 174.11 -37.42
N ILE GA 248 -34.83 173.06 -36.70
CA ILE GA 248 -35.68 172.03 -37.27
C ILE GA 248 -37.02 172.62 -37.72
N THR GA 249 -37.59 173.53 -36.92
CA THR GA 249 -38.93 174.03 -37.24
C THR GA 249 -38.94 174.81 -38.55
N ALA GA 250 -38.00 175.74 -38.72
CA ALA GA 250 -37.95 176.49 -39.97
C ALA GA 250 -37.52 175.61 -41.13
N ALA GA 251 -36.67 174.61 -40.86
CA ALA GA 251 -36.32 173.67 -41.91
C ALA GA 251 -37.54 172.92 -42.42
N LEU GA 252 -38.38 172.46 -41.49
CA LEU GA 252 -39.61 171.76 -41.88
C LEU GA 252 -40.56 172.69 -42.61
N ALA GA 253 -40.65 173.95 -42.16
CA ALA GA 253 -41.49 174.92 -42.86
C ALA GA 253 -41.00 175.13 -44.28
N ALA GA 254 -39.69 175.23 -44.48
CA ALA GA 254 -39.14 175.39 -45.82
C ALA GA 254 -39.40 174.16 -46.67
N GLU GA 255 -39.29 172.97 -46.08
CA GLU GA 255 -39.59 171.74 -46.82
C GLU GA 255 -41.05 171.71 -47.27
N ARG GA 256 -41.96 172.10 -46.37
CA ARG GA 256 -43.37 172.16 -46.74
C ARG GA 256 -43.61 173.18 -47.85
N LYS GA 257 -42.94 174.33 -47.76
CA LYS GA 257 -43.05 175.35 -48.82
C LYS GA 257 -42.55 174.81 -50.14
N PHE GA 258 -41.43 174.09 -50.14
CA PHE GA 258 -40.89 173.54 -51.38
C PHE GA 258 -41.84 172.52 -51.98
N PHE GA 259 -42.40 171.64 -51.15
CA PHE GA 259 -43.35 170.66 -51.67
C PHE GA 259 -44.62 171.31 -52.22
N LEU GA 260 -45.10 172.37 -51.57
CA LEU GA 260 -46.27 173.06 -52.11
C LEU GA 260 -45.96 173.90 -53.34
N SER GA 261 -44.73 174.33 -53.53
CA SER GA 261 -44.38 175.19 -54.65
C SER GA 261 -43.93 174.42 -55.88
N HIS GA 262 -43.33 173.25 -55.71
CA HIS GA 262 -42.82 172.53 -56.87
C HIS GA 262 -43.98 171.96 -57.68
N PRO GA 263 -44.09 172.28 -58.97
CA PRO GA 263 -45.24 171.81 -59.75
C PRO GA 263 -45.31 170.31 -59.90
N SER GA 264 -44.19 169.59 -59.76
CA SER GA 264 -44.17 168.16 -59.99
C SER GA 264 -44.39 167.33 -58.73
N TYR GA 265 -44.62 167.98 -57.58
CA TYR GA 265 -44.83 167.26 -56.33
C TYR GA 265 -46.01 167.73 -55.51
N ARG GA 266 -46.62 168.87 -55.84
CA ARG GA 266 -47.68 169.42 -54.99
C ARG GA 266 -48.87 168.48 -54.89
N HIS GA 267 -49.13 167.68 -55.93
CA HIS GA 267 -50.21 166.70 -55.86
C HIS GA 267 -49.90 165.57 -54.90
N LEU GA 268 -48.65 165.44 -54.45
CA LEU GA 268 -48.27 164.44 -53.47
C LEU GA 268 -47.67 165.08 -52.21
N ALA GA 269 -47.84 166.38 -52.03
CA ALA GA 269 -47.24 167.06 -50.88
C ALA GA 269 -47.77 166.48 -49.57
N ASP GA 270 -49.04 166.07 -49.54
CA ASP GA 270 -49.59 165.49 -48.33
C ASP GA 270 -48.89 164.19 -47.96
N ARG GA 271 -48.60 163.35 -48.94
CA ARG GA 271 -47.92 162.09 -48.69
C ARG GA 271 -46.41 162.20 -48.65
N MET GA 272 -45.85 163.36 -48.96
CA MET GA 272 -44.41 163.56 -48.86
C MET GA 272 -44.07 164.31 -47.57
N GLY GA 273 -42.78 164.29 -47.23
CA GLY GA 273 -42.30 165.01 -46.08
C GLY GA 273 -41.92 164.07 -44.94
N THR GA 274 -41.08 164.61 -44.04
CA THR GA 274 -40.64 163.84 -42.88
C THR GA 274 -41.78 163.44 -41.95
N PRO GA 275 -42.75 164.31 -41.60
CA PRO GA 275 -43.83 163.85 -40.73
C PRO GA 275 -44.58 162.66 -41.28
N TYR GA 276 -44.75 162.59 -42.60
CA TYR GA 276 -45.39 161.40 -43.18
C TYR GA 276 -44.55 160.16 -42.95
N LEU GA 277 -43.22 160.29 -43.04
CA LEU GA 277 -42.36 159.15 -42.78
C LEU GA 277 -42.47 158.70 -41.33
N GLN GA 278 -42.54 159.66 -40.41
CA GLN GA 278 -42.77 159.30 -39.01
C GLN GA 278 -44.10 158.58 -38.85
N LYS GA 279 -45.14 159.06 -39.52
CA LYS GA 279 -46.45 158.43 -39.44
C LYS GA 279 -46.43 157.02 -40.01
N VAL GA 280 -45.69 156.82 -41.10
CA VAL GA 280 -45.63 155.50 -41.72
C VAL GA 280 -44.86 154.53 -40.83
N LEU GA 281 -43.78 154.98 -40.21
CA LEU GA 281 -43.09 154.12 -39.24
C LEU GA 281 -44.01 153.80 -38.07
N ASN GA 282 -44.79 154.78 -37.61
CA ASN GA 282 -45.76 154.51 -36.56
C ASN GA 282 -46.77 153.46 -36.99
N GLN GA 283 -47.23 153.53 -38.24
CA GLN GA 283 -48.18 152.55 -38.75
C GLN GA 283 -47.57 151.15 -38.78
N GLN GA 284 -46.33 151.04 -39.27
CA GLN GA 284 -45.67 149.75 -39.31
C GLN GA 284 -45.48 149.18 -37.91
N LEU GA 285 -45.08 150.01 -36.96
CA LEU GA 285 -44.90 149.55 -35.58
C LEU GA 285 -46.24 149.14 -34.97
N THR GA 286 -47.30 149.89 -35.28
CA THR GA 286 -48.63 149.51 -34.81
C THR GA 286 -49.03 148.15 -35.35
N ASN GA 287 -48.78 147.91 -36.64
CA ASN GA 287 -49.11 146.62 -37.23
C ASN GA 287 -48.22 145.50 -36.72
N HIS GA 288 -47.04 145.82 -36.20
CA HIS GA 288 -46.14 144.78 -35.72
C HIS GA 288 -46.27 144.48 -34.24
N ILE GA 289 -46.75 145.43 -33.43
CA ILE GA 289 -46.90 145.15 -31.99
C ILE GA 289 -48.00 144.13 -31.76
N ARG GA 290 -49.07 144.18 -32.55
CA ARG GA 290 -50.13 143.19 -32.43
C ARG GA 290 -49.63 141.83 -32.91
N ASP GA 291 -50.49 140.82 -32.87
CA ASP GA 291 -50.20 139.38 -32.98
C ASP GA 291 -49.59 138.91 -31.66
N THR GA 292 -49.28 139.81 -30.73
CA THR GA 292 -48.87 139.45 -29.38
C THR GA 292 -49.78 140.03 -28.31
N LEU GA 293 -50.60 141.03 -28.64
CA LEU GA 293 -51.51 141.63 -27.66
C LEU GA 293 -52.40 140.61 -26.95
N PRO GA 294 -53.07 139.68 -27.63
CA PRO GA 294 -53.89 138.71 -26.89
C PRO GA 294 -53.10 137.94 -25.85
N GLY GA 295 -51.85 137.59 -26.14
CA GLY GA 295 -51.00 137.05 -25.11
C GLY GA 295 -50.67 138.06 -24.02
N LEU GA 296 -50.38 139.29 -24.42
CA LEU GA 296 -50.00 140.32 -23.46
C LEU GA 296 -51.21 140.86 -22.70
N ARG GA 297 -52.35 140.99 -23.38
CA ARG GA 297 -53.56 141.45 -22.69
C ARG GA 297 -53.93 140.48 -21.58
N ASN GA 298 -53.87 139.17 -21.86
CA ASN GA 298 -54.06 138.19 -20.80
C ASN GA 298 -52.94 138.24 -19.77
N LYS GA 299 -51.70 138.44 -20.24
CA LYS GA 299 -50.55 138.44 -19.35
C LYS GA 299 -50.67 139.51 -18.26
N LEU GA 300 -51.27 140.65 -18.59
CA LEU GA 300 -51.51 141.65 -17.56
C LEU GA 300 -52.95 141.64 -17.03
N GLN GA 301 -53.88 140.95 -17.70
CA GLN GA 301 -55.19 140.75 -17.12
C GLN GA 301 -55.11 139.88 -15.87
N SER GA 302 -54.27 138.83 -15.91
CA SER GA 302 -54.04 138.04 -14.71
C SER GA 302 -53.40 138.90 -13.62
N GLN GA 303 -52.52 139.81 -14.02
CA GLN GA 303 -51.94 140.74 -13.07
C GLN GA 303 -53.01 141.60 -12.41
N LEU GA 304 -53.95 142.12 -13.19
CA LEU GA 304 -55.06 142.87 -12.62
C LEU GA 304 -55.92 142.00 -11.72
N LEU GA 305 -56.06 140.72 -12.07
CA LEU GA 305 -56.81 139.79 -11.25
C LEU GA 305 -56.17 139.63 -9.87
N SER GA 306 -54.84 139.55 -9.83
CA SER GA 306 -54.12 139.27 -8.59
C SER GA 306 -54.25 140.40 -7.57
N ILE GA 307 -54.75 141.56 -7.99
CA ILE GA 307 -54.88 142.71 -7.10
C ILE GA 307 -56.32 143.21 -6.98
N GLU GA 308 -57.22 142.85 -7.89
CA GLU GA 308 -58.59 143.34 -7.83
C GLU GA 308 -59.25 143.05 -6.49
N LYS GA 309 -58.85 141.97 -5.82
CA LYS GA 309 -59.45 141.61 -4.54
C LYS GA 309 -59.15 142.66 -3.47
N GLU GA 310 -57.89 143.07 -3.35
CA GLU GA 310 -57.51 144.10 -2.38
C GLU GA 310 -57.94 145.47 -2.83
N VAL GA 311 -58.03 145.69 -4.15
CA VAL GA 311 -58.55 146.96 -4.63
C VAL GA 311 -59.96 147.21 -4.15
N GLU GA 312 -60.73 146.14 -3.88
CA GLU GA 312 -62.07 146.30 -3.33
C GLU GA 312 -62.03 147.01 -1.98
N GLU GA 313 -61.14 146.58 -1.09
CA GLU GA 313 -60.97 147.28 0.17
C GLU GA 313 -60.38 148.67 -0.04
N TYR GA 314 -59.53 148.84 -1.06
CA TYR GA 314 -58.84 150.13 -1.21
C TYR GA 314 -59.61 151.22 -1.96
N LYS GA 315 -60.66 150.91 -2.73
CA LYS GA 315 -61.32 152.00 -3.48
C LYS GA 315 -62.00 152.99 -2.55
N ASN GA 316 -62.72 152.49 -1.55
CA ASN GA 316 -63.49 153.36 -0.66
C ASN GA 316 -63.01 153.09 0.76
N PHE GA 317 -61.91 153.74 1.12
CA PHE GA 317 -61.37 153.73 2.48
C PHE GA 317 -61.46 155.14 3.03
N ARG GA 318 -62.05 155.28 4.20
CA ARG GA 318 -62.06 156.55 4.89
C ARG GA 318 -61.59 156.34 6.32
N PRO GA 319 -60.66 157.16 6.81
CA PRO GA 319 -60.19 156.99 8.19
C PRO GA 319 -61.36 157.16 9.17
N ASP GA 320 -61.30 156.39 10.25
CA ASP GA 320 -62.28 156.34 11.34
C ASP GA 320 -63.55 155.57 10.98
N ASP GA 321 -63.56 154.83 9.88
CA ASP GA 321 -64.75 154.06 9.52
C ASP GA 321 -64.95 152.88 10.46
N PRO GA 322 -65.94 152.93 11.36
CA PRO GA 322 -66.09 151.85 12.33
C PRO GA 322 -66.37 150.51 11.70
N ALA GA 323 -67.13 150.48 10.60
CA ALA GA 323 -67.49 149.20 9.99
C ALA GA 323 -66.24 148.47 9.50
N ARG GA 324 -65.41 149.14 8.70
CA ARG GA 324 -64.20 148.50 8.21
C ARG GA 324 -63.24 148.19 9.35
N LYS GA 325 -63.10 149.11 10.31
CA LYS GA 325 -62.16 148.88 11.40
C LYS GA 325 -62.54 147.64 12.20
N THR GA 326 -63.80 147.54 12.61
CA THR GA 326 -64.22 146.39 13.40
C THR GA 326 -64.23 145.10 12.59
N LYS GA 327 -64.61 145.16 11.32
CA LYS GA 327 -64.53 143.95 10.49
C LYS GA 327 -63.10 143.45 10.36
N ALA GA 328 -62.16 144.37 10.14
CA ALA GA 328 -60.76 143.98 10.08
C ALA GA 328 -60.29 143.40 11.41
N LEU GA 329 -60.69 144.03 12.52
CA LEU GA 329 -60.30 143.50 13.82
C LEU GA 329 -60.80 142.08 14.02
N LEU GA 330 -62.06 141.84 13.67
CA LEU GA 330 -62.64 140.52 13.88
C LEU GA 330 -61.95 139.47 13.02
N GLN GA 331 -61.69 139.78 11.74
CA GLN GA 331 -61.02 138.78 10.91
C GLN GA 331 -59.58 138.56 11.34
N MET GA 332 -58.89 139.62 11.80
CA MET GA 332 -57.53 139.45 12.29
C MET GA 332 -57.51 138.53 13.51
N VAL GA 333 -58.44 138.73 14.44
CA VAL GA 333 -58.51 137.90 15.64
C VAL GA 333 -58.81 136.45 15.26
N GLN GA 334 -59.74 136.24 14.32
CA GLN GA 334 -60.09 134.88 13.94
C GLN GA 334 -58.90 134.16 13.31
N GLN GA 335 -58.16 134.83 12.43
CA GLN GA 335 -57.03 134.15 11.83
C GLN GA 335 -55.93 133.93 12.86
N PHE GA 336 -55.75 134.85 13.81
CA PHE GA 336 -54.78 134.63 14.87
C PHE GA 336 -55.11 133.37 15.64
N ALA GA 337 -56.38 133.22 16.03
CA ALA GA 337 -56.78 132.01 16.74
C ALA GA 337 -56.46 130.78 15.91
N VAL GA 338 -57.06 130.67 14.72
CA VAL GA 338 -56.91 129.43 13.96
C VAL GA 338 -55.45 129.14 13.65
N ASP GA 339 -54.63 130.18 13.48
CA ASP GA 339 -53.19 129.98 13.34
C ASP GA 339 -52.59 129.40 14.61
N PHE GA 340 -53.05 129.87 15.78
CA PHE GA 340 -52.52 129.35 17.03
C PHE GA 340 -52.82 127.87 17.19
N GLU GA 341 -54.06 127.45 16.95
CA GLU GA 341 -54.33 126.00 17.01
C GLU GA 341 -53.59 125.24 15.92
N LYS GA 342 -53.40 125.85 14.75
CA LYS GA 342 -52.64 125.18 13.71
C LYS GA 342 -51.21 124.93 14.15
N ARG GA 343 -50.62 125.89 14.87
CA ARG GA 343 -49.23 125.74 15.30
C ARG GA 343 -49.08 124.93 16.57
N ILE GA 344 -50.14 124.78 17.37
CA ILE GA 344 -50.01 124.01 18.61
C ILE GA 344 -50.51 122.58 18.38
N GLU GA 345 -51.80 122.42 18.08
CA GLU GA 345 -52.32 121.07 17.86
C GLU GA 345 -51.85 120.49 16.53
N GLY GA 346 -51.33 121.32 15.63
CA GLY GA 346 -50.96 120.84 14.32
C GLY GA 346 -52.12 120.40 13.47
N SER GA 347 -53.23 121.15 13.50
CA SER GA 347 -54.37 120.82 12.67
C SER GA 347 -53.95 120.85 11.20
N GLY GA 348 -54.30 119.79 10.47
CA GLY GA 348 -53.73 119.60 9.16
C GLY GA 348 -54.19 120.58 8.11
N ASP GA 349 -53.31 121.52 7.77
CA ASP GA 349 -53.37 122.36 6.57
C ASP GA 349 -52.14 123.24 6.57
N GLN GA 350 -51.72 123.65 5.37
CA GLN GA 350 -50.65 124.62 5.13
C GLN GA 350 -49.48 124.45 6.11
N ILE GA 351 -49.08 123.21 6.35
CA ILE GA 351 -48.11 122.91 7.39
C ILE GA 351 -46.70 123.22 6.88
N ASP GA 352 -45.97 124.03 7.63
CA ASP GA 352 -44.57 124.27 7.32
C ASP GA 352 -43.77 123.00 7.57
N THR GA 353 -42.89 122.68 6.63
CA THR GA 353 -42.02 121.51 6.72
C THR GA 353 -40.56 121.92 6.72
N TYR GA 354 -40.26 123.11 7.25
CA TYR GA 354 -38.91 123.67 7.23
C TYR GA 354 -38.25 123.68 8.60
N GLU GA 355 -39.02 123.84 9.66
CA GLU GA 355 -38.54 123.79 11.03
C GLU GA 355 -39.20 122.64 11.77
N LEU GA 356 -38.68 122.32 12.94
CA LEU GA 356 -39.29 121.27 13.74
C LEU GA 356 -40.73 121.61 14.10
N SER GA 357 -40.98 122.87 14.44
CA SER GA 357 -42.31 123.45 14.56
C SER GA 357 -42.16 124.91 14.94
N GLY GA 358 -43.28 125.61 14.95
CA GLY GA 358 -43.32 126.92 15.56
C GLY GA 358 -43.31 126.76 17.07
N GLY GA 359 -44.29 126.02 17.59
CA GLY GA 359 -44.32 125.72 19.01
C GLY GA 359 -44.85 124.36 19.38
N ALA GA 360 -44.90 123.43 18.43
CA ALA GA 360 -45.53 122.15 18.70
C ALA GA 360 -44.51 121.08 19.11
N ARG GA 361 -43.57 120.75 18.22
CA ARG GA 361 -42.53 119.78 18.57
C ARG GA 361 -41.43 120.39 19.41
N ILE GA 362 -41.19 121.70 19.31
CA ILE GA 362 -40.29 122.30 20.29
C ILE GA 362 -40.86 122.15 21.71
N ASN GA 363 -42.16 121.83 21.82
CA ASN GA 363 -42.81 121.60 23.10
C ASN GA 363 -42.88 120.12 23.45
N ARG GA 364 -43.33 119.28 22.51
CA ARG GA 364 -43.26 117.84 22.74
C ARG GA 364 -41.85 117.38 23.09
N ILE GA 365 -40.82 117.96 22.46
CA ILE GA 365 -39.47 117.53 22.80
C ILE GA 365 -39.14 117.96 24.22
N PHE GA 366 -39.75 119.03 24.72
CA PHE GA 366 -39.64 119.31 26.15
C PHE GA 366 -40.26 118.18 26.97
N HIS GA 367 -41.49 117.79 26.63
CA HIS GA 367 -42.18 116.79 27.43
C HIS GA 367 -41.48 115.43 27.45
N GLU GA 368 -40.87 115.01 26.33
CA GLU GA 368 -40.11 113.76 26.31
C GLU GA 368 -38.61 113.97 26.13
N ARG GA 369 -38.08 115.10 26.59
CA ARG GA 369 -36.66 115.28 26.83
C ARG GA 369 -36.35 115.61 28.28
N PHE GA 370 -37.28 116.25 28.99
CA PHE GA 370 -37.25 116.47 30.43
C PHE GA 370 -36.76 115.24 31.23
N PRO GA 371 -37.09 114.01 30.79
CA PRO GA 371 -36.41 112.85 31.39
C PRO GA 371 -34.90 112.95 31.37
N PHE GA 372 -34.31 113.65 30.40
CA PHE GA 372 -32.87 113.89 30.47
C PHE GA 372 -32.51 114.68 31.71
N GLU GA 373 -33.31 115.69 32.05
CA GLU GA 373 -33.07 116.43 33.29
C GLU GA 373 -33.19 115.52 34.51
N LEU GA 374 -34.28 114.73 34.56
CA LEU GA 374 -34.47 113.88 35.73
C LEU GA 374 -33.33 112.89 35.89
N VAL GA 375 -32.84 112.32 34.80
CA VAL GA 375 -31.68 111.43 34.88
C VAL GA 375 -30.43 112.23 35.27
N LYS GA 376 -30.29 113.44 34.74
CA LYS GA 376 -29.15 114.29 35.05
C LYS GA 376 -29.15 114.77 36.48
N MET GA 377 -30.21 114.50 37.23
CA MET GA 377 -30.15 114.67 38.68
C MET GA 377 -29.00 113.82 39.24
N GLU GA 378 -28.62 114.09 40.49
CA GLU GA 378 -27.34 113.66 41.04
C GLU GA 378 -26.98 112.19 40.79
N PHE GA 379 -27.73 111.25 41.37
CA PHE GA 379 -27.56 109.80 41.18
C PHE GA 379 -26.12 109.29 41.37
N ASP GA 380 -25.21 110.09 41.92
CA ASP GA 380 -23.80 109.67 41.97
C ASP GA 380 -23.20 109.88 43.36
N GLU GA 381 -23.36 108.89 44.23
CA GLU GA 381 -22.69 108.78 45.53
C GLU GA 381 -22.85 107.37 46.05
N LYS GA 382 -21.87 106.95 46.85
CA LYS GA 382 -22.05 105.91 47.85
C LYS GA 382 -22.31 106.50 49.22
N GLU GA 383 -22.23 107.82 49.36
CA GLU GA 383 -22.57 108.50 50.60
C GLU GA 383 -24.02 108.23 51.00
N LEU GA 384 -24.87 107.85 50.04
CA LEU GA 384 -26.23 107.47 50.36
C LEU GA 384 -26.29 106.33 51.36
N ARG GA 385 -25.32 105.39 51.28
CA ARG GA 385 -25.30 104.29 52.24
C ARG GA 385 -25.08 104.78 53.67
N ARG GA 386 -24.13 105.70 53.85
CA ARG GA 386 -23.95 106.32 55.17
C ARG GA 386 -25.20 107.10 55.57
N GLU GA 387 -25.81 107.78 54.60
CA GLU GA 387 -26.98 108.61 54.87
C GLU GA 387 -28.13 107.76 55.38
N ILE GA 388 -28.27 106.54 54.88
CA ILE GA 388 -29.36 105.68 55.33
C ILE GA 388 -28.96 104.87 56.56
N SER GA 389 -27.67 104.61 56.75
CA SER GA 389 -27.21 103.97 57.97
C SER GA 389 -27.48 104.86 59.18
N TYR GA 390 -27.27 106.16 59.03
CA TYR GA 390 -27.62 107.06 60.13
C TYR GA 390 -29.12 107.05 60.41
N ALA GA 391 -29.95 106.94 59.38
CA ALA GA 391 -31.38 106.83 59.61
C ALA GA 391 -31.71 105.56 60.37
N ILE GA 392 -31.09 104.44 60.00
CA ILE GA 392 -31.23 103.21 60.76
C ILE GA 392 -30.87 103.44 62.22
N LYS GA 393 -29.73 104.09 62.45
CA LYS GA 393 -29.23 104.24 63.81
C LYS GA 393 -30.01 105.25 64.63
N ASN GA 394 -30.80 106.11 64.00
CA ASN GA 394 -31.64 107.05 64.72
C ASN GA 394 -33.02 106.50 65.02
N ILE GA 395 -33.62 105.74 64.08
CA ILE GA 395 -34.92 105.14 64.39
C ILE GA 395 -34.82 103.81 65.10
N HIS GA 396 -33.61 103.29 65.28
CA HIS GA 396 -33.37 102.23 66.27
C HIS GA 396 -32.86 102.81 67.56
N GLY GA 397 -33.36 104.00 67.90
CA GLY GA 397 -32.79 104.88 68.89
C GLY GA 397 -32.21 104.24 70.12
N ILE GA 398 -33.02 103.47 70.85
CA ILE GA 398 -32.59 102.79 72.06
C ILE GA 398 -32.71 101.28 71.93
N ARG GA 399 -33.87 100.81 71.46
CA ARG GA 399 -34.09 99.38 71.30
C ARG GA 399 -33.10 98.80 70.29
N THR GA 400 -33.03 97.48 70.22
CA THR GA 400 -31.87 96.87 69.60
C THR GA 400 -32.21 95.58 68.88
N GLY GA 401 -31.33 95.23 67.94
CA GLY GA 401 -31.19 93.88 67.42
C GLY GA 401 -32.30 93.38 66.54
N LEU GA 402 -33.19 94.23 66.07
CA LEU GA 402 -34.30 93.78 65.25
C LEU GA 402 -34.04 94.05 63.78
N PHE GA 403 -34.89 93.44 62.95
CA PHE GA 403 -34.60 93.12 61.56
C PHE GA 403 -34.13 94.31 60.74
N THR GA 404 -35.03 95.24 60.47
CA THR GA 404 -34.89 96.47 59.69
C THR GA 404 -36.09 97.36 59.94
N PRO GA 405 -35.89 98.65 60.12
CA PRO GA 405 -37.03 99.58 60.23
C PRO GA 405 -37.44 100.14 58.87
N ASP GA 406 -38.74 100.13 58.58
CA ASP GA 406 -39.20 100.59 57.27
C ASP GA 406 -39.17 102.10 57.14
N MET GA 407 -39.30 102.82 58.25
CA MET GA 407 -39.31 104.27 58.10
C MET GA 407 -37.95 104.79 57.68
N ALA GA 408 -36.89 103.97 57.76
CA ALA GA 408 -35.64 104.36 57.13
C ALA GA 408 -35.80 104.53 55.63
N PHE GA 409 -36.37 103.51 54.98
CA PHE GA 409 -36.73 103.61 53.57
C PHE GA 409 -37.65 104.80 53.33
N GLU GA 410 -38.61 105.00 54.22
CA GLU GA 410 -39.53 106.13 54.10
C GLU GA 410 -38.79 107.45 54.06
N THR GA 411 -37.93 107.70 55.04
CA THR GA 411 -37.24 108.97 55.16
C THR GA 411 -36.29 109.17 53.99
N ILE GA 412 -35.64 108.10 53.54
CA ILE GA 412 -34.68 108.26 52.46
C ILE GA 412 -35.39 108.58 51.15
N VAL GA 413 -36.51 107.92 50.86
CA VAL GA 413 -37.21 108.28 49.63
C VAL GA 413 -37.81 109.68 49.75
N LYS GA 414 -38.26 110.08 50.95
CA LYS GA 414 -38.75 111.44 51.12
C LYS GA 414 -37.64 112.46 50.90
N LYS GA 415 -36.40 112.12 51.22
CA LYS GA 415 -35.28 113.01 50.95
C LYS GA 415 -34.88 113.00 49.48
N GLN GA 416 -35.02 111.86 48.81
CA GLN GA 416 -34.64 111.76 47.40
C GLN GA 416 -35.63 112.48 46.50
N VAL GA 417 -36.94 112.34 46.77
CA VAL GA 417 -37.94 112.92 45.88
C VAL GA 417 -38.27 114.37 46.22
N LYS GA 418 -37.60 114.95 47.21
CA LYS GA 418 -37.79 116.38 47.48
C LYS GA 418 -36.97 117.25 46.54
N LYS GA 419 -35.99 116.68 45.84
CA LYS GA 419 -35.21 117.44 44.87
C LYS GA 419 -35.73 117.27 43.44
N ILE GA 420 -36.79 116.49 43.24
CA ILE GA 420 -37.48 116.48 41.95
C ILE GA 420 -38.19 117.82 41.74
N ARG GA 421 -38.38 118.58 42.80
CA ARG GA 421 -39.12 119.85 42.70
C ARG GA 421 -38.44 120.85 41.79
N GLU GA 422 -37.13 120.75 41.58
CA GLU GA 422 -36.43 121.71 40.74
C GLU GA 422 -36.59 121.40 39.25
N PRO GA 423 -36.34 120.17 38.79
CA PRO GA 423 -36.48 119.91 37.35
C PRO GA 423 -37.88 120.14 36.82
N CYS GA 424 -38.92 119.84 37.60
CA CYS GA 424 -40.28 120.05 37.12
C CYS GA 424 -40.56 121.54 36.92
N LEU GA 425 -40.17 122.37 37.88
CA LEU GA 425 -40.32 123.81 37.71
C LEU GA 425 -39.48 124.32 36.55
N LYS GA 426 -38.30 123.75 36.33
CA LYS GA 426 -37.49 124.15 35.19
C LYS GA 426 -38.17 123.80 33.88
N CYS GA 427 -38.81 122.64 33.82
CA CYS GA 427 -39.56 122.28 32.61
C CYS GA 427 -40.74 123.21 32.40
N VAL GA 428 -41.42 123.59 33.48
CA VAL GA 428 -42.52 124.55 33.35
C VAL GA 428 -42.00 125.87 32.81
N ASP GA 429 -40.84 126.31 33.30
CA ASP GA 429 -40.23 127.54 32.78
C ASP GA 429 -39.90 127.40 31.30
N MET GA 430 -39.38 126.23 30.89
CA MET GA 430 -39.05 126.03 29.48
C MET GA 430 -40.30 126.07 28.61
N VAL GA 431 -41.38 125.43 29.05
CA VAL GA 431 -42.62 125.45 28.30
C VAL GA 431 -43.14 126.89 28.19
N ILE GA 432 -43.07 127.65 29.28
CA ILE GA 432 -43.42 129.06 29.21
C ILE GA 432 -42.58 129.78 28.17
N SER GA 433 -41.26 129.62 28.25
CA SER GA 433 -40.36 130.35 27.36
C SER GA 433 -40.55 129.97 25.91
N GLU GA 434 -41.08 128.78 25.65
CA GLU GA 434 -41.25 128.37 24.26
C GLU GA 434 -42.61 128.81 23.72
N LEU GA 435 -43.67 128.60 24.50
CA LEU GA 435 -45.00 129.01 24.04
C LEU GA 435 -45.09 130.53 23.91
N ILE GA 436 -44.47 131.26 24.83
CA ILE GA 436 -44.59 132.71 24.76
C ILE GA 436 -43.84 133.27 23.56
N SER GA 437 -42.86 132.51 23.06
CA SER GA 437 -42.21 132.88 21.81
C SER GA 437 -43.00 132.44 20.59
N THR GA 438 -43.71 131.31 20.68
CA THR GA 438 -44.57 130.91 19.58
C THR GA 438 -45.73 131.88 19.37
N VAL GA 439 -46.26 132.44 20.47
CA VAL GA 439 -47.27 133.48 20.33
C VAL GA 439 -46.71 134.67 19.56
N ARG GA 440 -45.48 135.07 19.86
CA ARG GA 440 -44.83 136.14 19.11
C ARG GA 440 -44.65 135.74 17.66
N GLN GA 441 -44.29 134.49 17.41
CA GLN GA 441 -44.09 134.03 16.04
C GLN GA 441 -45.37 134.07 15.23
N CYS GA 442 -46.52 133.83 15.87
CA CYS GA 442 -47.79 133.85 15.17
C CYS GA 442 -48.49 135.20 15.24
N THR GA 443 -47.93 136.17 15.95
CA THR GA 443 -48.44 137.54 15.91
C THR GA 443 -47.59 138.49 15.08
N LYS GA 444 -46.29 138.25 14.94
CA LYS GA 444 -45.43 139.19 14.23
C LYS GA 444 -45.73 139.19 12.73
N LYS GA 445 -46.01 138.02 12.16
CA LYS GA 445 -46.07 137.90 10.70
C LYS GA 445 -47.45 138.14 10.13
N LEU GA 446 -48.51 137.75 10.86
CA LEU GA 446 -49.86 138.02 10.38
C LEU GA 446 -50.21 139.50 10.55
N GLN GA 447 -49.76 140.11 11.65
CA GLN GA 447 -50.19 141.47 11.99
C GLN GA 447 -49.22 142.47 11.39
N GLN GA 448 -49.61 143.05 10.25
CA GLN GA 448 -48.94 144.25 9.79
C GLN GA 448 -49.28 145.44 10.68
N TYR GA 449 -50.43 145.39 11.35
CA TYR GA 449 -50.90 146.51 12.12
C TYR GA 449 -49.95 146.81 13.27
N PRO GA 450 -49.65 148.08 13.53
CA PRO GA 450 -48.98 148.44 14.78
C PRO GA 450 -49.98 148.56 15.92
N ARG GA 451 -49.49 148.23 17.11
CA ARG GA 451 -50.23 148.31 18.36
C ARG GA 451 -51.28 147.22 18.48
N LEU GA 452 -51.60 146.55 17.38
CA LEU GA 452 -52.47 145.39 17.44
C LEU GA 452 -51.69 144.08 17.48
N ARG GA 453 -50.41 144.11 17.13
CA ARG GA 453 -49.49 143.06 17.52
C ARG GA 453 -48.88 143.33 18.88
N GLU GA 454 -49.23 144.47 19.50
CA GLU GA 454 -48.78 144.80 20.84
C GLU GA 454 -49.84 144.48 21.89
N GLU GA 455 -51.08 144.96 21.70
CA GLU GA 455 -52.14 144.64 22.63
C GLU GA 455 -52.42 143.14 22.66
N MET GA 456 -52.41 142.50 21.50
CA MET GA 456 -52.66 141.07 21.42
C MET GA 456 -51.60 140.29 22.17
N GLU GA 457 -50.33 140.58 21.90
CA GLU GA 457 -49.24 139.92 22.60
C GLU GA 457 -49.31 140.18 24.10
N ARG GA 458 -49.59 141.43 24.49
CA ARG GA 458 -49.67 141.77 25.90
C ARG GA 458 -50.74 140.94 26.60
N ILE GA 459 -51.94 140.90 26.02
CA ILE GA 459 -53.05 140.19 26.67
C ILE GA 459 -52.74 138.71 26.77
N VAL GA 460 -52.31 138.10 25.66
CA VAL GA 460 -52.07 136.67 25.67
C VAL GA 460 -50.95 136.32 26.64
N THR GA 461 -49.87 137.10 26.63
CA THR GA 461 -48.74 136.83 27.50
C THR GA 461 -49.09 137.01 28.96
N THR GA 462 -49.90 138.03 29.28
CA THR GA 462 -50.34 138.19 30.66
C THR GA 462 -51.20 137.01 31.10
N HIS GA 463 -52.06 136.51 30.21
CA HIS GA 463 -52.83 135.32 30.59
C HIS GA 463 -51.92 134.13 30.83
N ILE GA 464 -50.91 133.95 29.99
CA ILE GA 464 -50.00 132.82 30.15
C ILE GA 464 -49.22 132.94 31.46
N ARG GA 465 -48.74 134.14 31.78
CA ARG GA 465 -48.01 134.33 33.02
C ARG GA 465 -48.92 134.33 34.24
N GLU GA 466 -50.23 134.49 34.05
CA GLU GA 466 -51.15 134.22 35.13
C GLU GA 466 -51.34 132.73 35.33
N ARG GA 467 -51.33 131.95 34.24
CA ARG GA 467 -51.51 130.52 34.37
C ARG GA 467 -50.26 129.81 34.89
N GLU GA 468 -49.09 130.42 34.71
CA GLU GA 468 -47.87 129.76 35.17
C GLU GA 468 -47.87 129.61 36.68
N GLY GA 469 -48.44 130.58 37.40
CA GLY GA 469 -48.55 130.44 38.84
C GLY GA 469 -49.39 129.23 39.25
N ARG GA 470 -50.55 129.06 38.61
CA ARG GA 470 -51.40 127.94 38.94
C ARG GA 470 -50.73 126.62 38.60
N THR GA 471 -50.06 126.54 37.45
CA THR GA 471 -49.47 125.25 37.11
C THR GA 471 -48.27 124.93 37.99
N LYS GA 472 -47.49 125.93 38.39
CA LYS GA 472 -46.41 125.68 39.34
C LYS GA 472 -46.97 125.25 40.69
N GLU GA 473 -48.06 125.87 41.13
CA GLU GA 473 -48.71 125.44 42.37
C GLU GA 473 -49.14 123.98 42.28
N GLN GA 474 -49.74 123.60 41.16
CA GLN GA 474 -50.20 122.22 41.01
C GLN GA 474 -49.03 121.24 40.97
N VAL GA 475 -47.92 121.62 40.34
CA VAL GA 475 -46.76 120.74 40.32
C VAL GA 475 -46.19 120.57 41.73
N MET GA 476 -46.07 121.67 42.48
CA MET GA 476 -45.60 121.57 43.85
C MET GA 476 -46.52 120.70 44.68
N LEU GA 477 -47.84 120.85 44.50
CA LEU GA 477 -48.77 120.06 45.28
C LEU GA 477 -48.77 118.60 44.86
N LEU GA 478 -48.46 118.32 43.59
CA LEU GA 478 -48.24 116.93 43.18
C LEU GA 478 -47.04 116.33 43.89
N ILE GA 479 -45.96 117.09 43.99
CA ILE GA 479 -44.80 116.59 44.73
C ILE GA 479 -45.16 116.36 46.20
N ASP GA 480 -45.86 117.32 46.80
CA ASP GA 480 -46.26 117.19 48.20
C ASP GA 480 -47.25 116.06 48.43
N ILE GA 481 -48.00 115.65 47.41
CA ILE GA 481 -48.77 114.41 47.49
C ILE GA 481 -47.86 113.20 47.42
N GLU GA 482 -46.85 113.23 46.55
CA GLU GA 482 -45.97 112.09 46.45
C GLU GA 482 -45.06 111.93 47.66
N LEU GA 483 -45.00 112.94 48.52
CA LEU GA 483 -44.39 112.80 49.85
C LEU GA 483 -45.42 112.50 50.94
N ALA GA 484 -46.43 111.66 50.67
CA ALA GA 484 -47.44 111.40 51.69
C ALA GA 484 -47.56 109.94 52.09
N TYR GA 485 -47.54 109.00 51.15
CA TYR GA 485 -47.86 107.64 51.54
C TYR GA 485 -46.74 106.65 51.25
N MET GA 486 -46.02 106.80 50.14
CA MET GA 486 -44.89 105.93 49.78
C MET GA 486 -45.36 104.48 49.67
N ASN GA 487 -46.21 104.25 48.68
CA ASN GA 487 -46.87 102.95 48.55
C ASN GA 487 -45.86 101.85 48.25
N THR GA 488 -46.23 100.63 48.62
CA THR GA 488 -45.44 99.45 48.33
C THR GA 488 -46.27 98.36 47.65
N ASN GA 489 -47.60 98.49 47.66
CA ASN GA 489 -48.46 97.53 46.97
C ASN GA 489 -48.34 97.63 45.45
N HIS GA 490 -47.66 98.64 44.94
CA HIS GA 490 -47.45 98.80 43.51
C HIS GA 490 -46.45 97.74 43.03
N GLU GA 491 -46.06 97.84 41.75
CA GLU GA 491 -45.22 96.84 41.10
C GLU GA 491 -43.75 96.93 41.49
N ASP GA 492 -43.34 97.66 42.52
CA ASP GA 492 -42.00 97.48 43.05
C ASP GA 492 -41.91 96.15 43.79
N PHE GA 493 -40.78 95.46 43.62
CA PHE GA 493 -40.61 94.17 44.25
C PHE GA 493 -40.21 94.34 45.72
N ILE GA 494 -40.85 93.56 46.58
CA ILE GA 494 -40.62 93.66 48.01
C ILE GA 494 -39.47 92.75 48.43
N ASP GA 652 -19.33 94.33 59.68
CA ASP GA 652 -20.63 94.22 59.02
C ASP GA 652 -21.71 93.69 59.96
N PRO GA 653 -21.97 94.42 61.05
CA PRO GA 653 -22.93 93.92 62.04
C PRO GA 653 -24.36 94.09 61.56
N GLN GA 654 -24.79 93.19 60.67
CA GLN GA 654 -26.11 93.25 60.03
C GLN GA 654 -26.22 94.47 59.14
N LEU GA 655 -25.19 95.30 59.10
CA LEU GA 655 -25.22 96.50 58.28
C LEU GA 655 -25.19 96.16 56.81
N GLU GA 656 -24.24 95.31 56.39
CA GLU GA 656 -24.20 94.91 55.00
C GLU GA 656 -25.42 94.12 54.57
N ARG GA 657 -26.35 93.85 55.50
CA ARG GA 657 -27.64 93.26 55.19
C ARG GA 657 -28.76 94.28 55.16
N GLN GA 658 -28.71 95.27 56.04
CA GLN GA 658 -29.78 96.26 56.14
C GLN GA 658 -29.57 97.45 55.19
N VAL GA 659 -28.36 98.02 55.19
CA VAL GA 659 -28.08 99.20 54.39
C VAL GA 659 -28.24 98.88 52.90
N GLU GA 660 -27.73 97.72 52.47
CA GLU GA 660 -27.81 97.35 51.06
C GLU GA 660 -29.26 97.08 50.66
N THR GA 661 -30.02 96.43 51.52
CA THR GA 661 -31.43 96.19 51.22
C THR GA 661 -32.20 97.50 51.11
N ILE GA 662 -31.92 98.44 52.02
CA ILE GA 662 -32.60 99.73 51.96
C ILE GA 662 -32.24 100.46 50.68
N ARG GA 663 -30.96 100.40 50.28
CA ARG GA 663 -30.58 101.06 49.03
C ARG GA 663 -31.26 100.42 47.82
N ASN GA 664 -31.30 99.09 47.78
CA ASN GA 664 -31.88 98.39 46.64
C ASN GA 664 -33.40 98.49 46.62
N LEU GA 665 -34.02 98.93 47.72
CA LEU GA 665 -35.44 99.24 47.68
C LEU GA 665 -35.70 100.70 47.36
N VAL GA 666 -34.84 101.61 47.83
CA VAL GA 666 -34.96 103.02 47.46
C VAL GA 666 -34.82 103.17 45.95
N ASP GA 667 -33.87 102.47 45.35
CA ASP GA 667 -33.74 102.54 43.89
C ASP GA 667 -34.99 102.00 43.20
N SER GA 668 -35.51 100.88 43.70
CA SER GA 668 -36.69 100.26 43.10
C SER GA 668 -37.93 101.13 43.22
N TYR GA 669 -37.97 102.01 44.22
CA TYR GA 669 -39.09 102.95 44.30
C TYR GA 669 -38.81 104.27 43.60
N MET GA 670 -37.55 104.66 43.46
CA MET GA 670 -37.23 105.84 42.67
C MET GA 670 -37.54 105.61 41.21
N ALA GA 671 -37.33 104.38 40.72
CA ALA GA 671 -37.77 104.06 39.36
C ALA GA 671 -39.25 104.38 39.18
N ILE GA 672 -40.09 103.92 40.11
CA ILE GA 672 -41.52 104.10 39.97
C ILE GA 672 -41.93 105.55 40.13
N VAL GA 673 -41.35 106.26 41.10
CA VAL GA 673 -41.76 107.65 41.29
C VAL GA 673 -41.31 108.49 40.10
N ASN GA 674 -40.13 108.22 39.56
CA ASN GA 674 -39.70 108.93 38.36
C ASN GA 674 -40.62 108.64 37.19
N LYS GA 675 -41.02 107.38 37.02
CA LYS GA 675 -41.94 107.06 35.92
C LYS GA 675 -43.28 107.77 36.08
N THR GA 676 -43.82 107.77 37.30
CA THR GA 676 -45.13 108.38 37.50
C THR GA 676 -45.08 109.89 37.64
N VAL GA 677 -43.91 110.49 37.65
CA VAL GA 677 -43.85 111.95 37.54
C VAL GA 677 -43.61 112.32 36.08
N ARG GA 678 -42.86 111.50 35.35
CA ARG GA 678 -42.67 111.78 33.93
C ARG GA 678 -43.96 111.57 33.14
N ASP GA 679 -44.77 110.59 33.54
CA ASP GA 679 -46.01 110.33 32.84
C ASP GA 679 -47.11 111.32 33.21
N LEU GA 680 -46.93 112.10 34.28
CA LEU GA 680 -47.99 112.96 34.78
C LEU GA 680 -47.68 114.45 34.70
N MET GA 681 -46.41 114.85 34.62
CA MET GA 681 -46.10 116.27 34.66
C MET GA 681 -46.47 116.97 33.34
N PRO GA 682 -46.29 116.35 32.17
CA PRO GA 682 -46.87 116.96 30.97
C PRO GA 682 -48.37 117.17 31.05
N LYS GA 683 -49.10 116.22 31.61
CA LYS GA 683 -50.55 116.33 31.64
C LYS GA 683 -51.01 117.52 32.46
N THR GA 684 -50.38 117.75 33.61
CA THR GA 684 -50.85 118.83 34.48
C THR GA 684 -50.58 120.19 33.87
N ILE GA 685 -49.39 120.40 33.30
CA ILE GA 685 -49.11 121.69 32.67
C ILE GA 685 -50.01 121.88 31.47
N MET GA 686 -50.29 120.81 30.73
CA MET GA 686 -51.03 120.97 29.49
C MET GA 686 -52.53 120.96 29.70
N HIS GA 687 -52.99 120.67 30.92
CA HIS GA 687 -54.36 120.96 31.30
C HIS GA 687 -54.55 122.32 31.96
N LEU GA 688 -53.54 122.82 32.66
CA LEU GA 688 -53.69 124.10 33.33
C LEU GA 688 -53.23 125.29 32.50
N MET GA 689 -52.37 125.06 31.51
CA MET GA 689 -51.81 126.14 30.71
C MET GA 689 -52.20 126.06 29.25
N ILE GA 690 -51.88 124.94 28.58
CA ILE GA 690 -52.10 124.84 27.13
C ILE GA 690 -53.58 124.92 26.82
N ASN GA 691 -54.35 123.95 27.33
CA ASN GA 691 -55.77 123.86 27.05
C ASN GA 691 -56.60 124.87 27.82
N ASN GA 692 -55.95 125.81 28.50
CA ASN GA 692 -56.66 126.94 29.07
C ASN GA 692 -56.36 128.25 28.36
N THR GA 693 -55.11 128.50 27.99
CA THR GA 693 -54.83 129.65 27.15
C THR GA 693 -55.41 129.47 25.76
N LYS GA 694 -55.48 128.22 25.28
CA LYS GA 694 -56.13 127.97 24.00
C LYS GA 694 -57.62 128.30 24.06
N GLU GA 695 -58.28 127.88 25.14
CA GLU GA 695 -59.69 128.22 25.33
C GLU GA 695 -59.87 129.72 25.48
N PHE GA 696 -58.95 130.37 26.18
CA PHE GA 696 -59.00 131.82 26.31
C PHE GA 696 -58.90 132.50 24.95
N ILE GA 697 -58.01 131.99 24.09
CA ILE GA 697 -57.89 132.50 22.74
C ILE GA 697 -59.19 132.31 21.96
N PHE GA 698 -59.82 131.13 22.08
CA PHE GA 698 -61.14 130.98 21.46
C PHE GA 698 -62.15 132.01 21.96
N SER GA 699 -62.31 132.14 23.27
CA SER GA 699 -63.57 132.64 23.79
C SER GA 699 -63.49 133.92 24.59
N GLU GA 700 -62.32 134.52 24.76
CA GLU GA 700 -62.26 135.76 25.53
C GLU GA 700 -61.37 136.83 24.93
N LEU GA 701 -60.57 136.52 23.91
CA LEU GA 701 -59.58 137.48 23.41
C LEU GA 701 -60.25 138.73 22.86
N LEU GA 702 -61.35 138.58 22.12
CA LEU GA 702 -62.00 139.75 21.55
C LEU GA 702 -62.67 140.59 22.62
N ALA GA 703 -63.22 139.95 23.66
CA ALA GA 703 -63.96 140.69 24.67
C ALA GA 703 -63.09 141.70 25.40
N ASN GA 704 -61.89 141.29 25.80
CA ASN GA 704 -60.98 142.23 26.47
C ASN GA 704 -60.15 143.02 25.48
N LEU GA 705 -60.00 142.53 24.25
CA LEU GA 705 -59.30 143.31 23.23
C LEU GA 705 -60.11 144.55 22.86
N TYR GA 706 -61.43 144.43 22.84
CA TYR GA 706 -62.29 145.61 22.67
C TYR GA 706 -62.09 146.60 23.80
N SER GA 707 -61.89 146.12 25.02
CA SER GA 707 -61.86 146.98 26.20
C SER GA 707 -60.52 147.67 26.39
N CYS GA 708 -59.42 146.99 26.10
CA CYS GA 708 -58.11 147.58 26.30
C CYS GA 708 -57.85 148.66 25.25
N GLY GA 709 -57.35 149.79 25.70
CA GLY GA 709 -57.05 150.89 24.80
C GLY GA 709 -58.27 151.72 24.47
N ASP GA 710 -58.20 152.35 23.29
CA ASP GA 710 -59.25 153.26 22.85
C ASP GA 710 -60.39 152.54 22.15
N GLN GA 711 -60.09 151.42 21.47
CA GLN GA 711 -61.02 150.70 20.60
C GLN GA 711 -61.29 151.52 19.34
N ASN GA 712 -60.77 152.76 19.31
CA ASN GA 712 -60.86 153.63 18.14
C ASN GA 712 -59.49 153.94 17.55
N THR GA 713 -58.55 154.40 18.37
CA THR GA 713 -57.17 154.56 17.91
C THR GA 713 -56.39 153.26 18.09
N LEU GA 714 -57.00 152.18 17.63
CA LEU GA 714 -56.39 150.88 17.54
C LEU GA 714 -56.47 150.44 16.10
N MET GA 715 -55.61 149.49 15.71
CA MET GA 715 -55.49 149.02 14.34
C MET GA 715 -55.38 150.19 13.36
N GLU GA 716 -54.48 151.10 13.69
CA GLU GA 716 -54.13 152.21 12.81
C GLU GA 716 -53.10 151.71 11.80
N GLU GA 717 -53.25 152.15 10.55
CA GLU GA 717 -52.37 151.70 9.49
C GLU GA 717 -50.92 152.11 9.78
N SER GA 718 -50.02 151.14 9.74
CA SER GA 718 -48.60 151.45 9.76
C SER GA 718 -48.25 152.26 8.51
N ALA GA 719 -47.25 153.15 8.65
CA ALA GA 719 -46.85 153.99 7.52
C ALA GA 719 -46.52 153.15 6.29
N GLU GA 720 -45.96 151.96 6.49
CA GLU GA 720 -45.69 151.07 5.37
C GLU GA 720 -46.97 150.70 4.63
N GLN GA 721 -48.01 150.34 5.37
CA GLN GA 721 -49.29 150.01 4.73
C GLN GA 721 -49.94 151.23 4.10
N ALA GA 722 -49.80 152.39 4.75
CA ALA GA 722 -50.37 153.62 4.20
C ALA GA 722 -49.75 153.98 2.86
N GLN GA 723 -48.43 153.82 2.74
CA GLN GA 723 -47.77 154.09 1.46
C GLN GA 723 -47.88 152.92 0.49
N ARG GA 724 -48.26 151.73 0.97
CA ARG GA 724 -48.45 150.58 0.10
C ARG GA 724 -49.81 150.62 -0.59
N ARG GA 725 -50.85 151.01 0.16
CA ARG GA 725 -52.19 151.06 -0.43
C ARG GA 725 -52.25 152.07 -1.58
N ASP GA 726 -51.59 153.21 -1.42
CA ASP GA 726 -51.63 154.23 -2.46
C ASP GA 726 -51.02 153.73 -3.75
N GLU GA 727 -49.86 153.08 -3.66
CA GLU GA 727 -49.22 152.58 -4.87
C GLU GA 727 -50.00 151.41 -5.46
N MET GA 728 -50.58 150.55 -4.62
CA MET GA 728 -51.37 149.44 -5.14
C MET GA 728 -52.70 149.90 -5.73
N LEU GA 729 -53.14 151.12 -5.43
CA LEU GA 729 -54.31 151.68 -6.08
C LEU GA 729 -53.96 152.41 -7.36
N ARG GA 730 -52.85 153.14 -7.38
CA ARG GA 730 -52.45 153.78 -8.64
C ARG GA 730 -52.05 152.73 -9.67
N MET GA 731 -51.51 151.58 -9.23
CA MET GA 731 -51.23 150.51 -10.17
C MET GA 731 -52.52 149.93 -10.74
N TYR GA 732 -53.58 149.86 -9.92
CA TYR GA 732 -54.88 149.46 -10.44
C TYR GA 732 -55.35 150.42 -11.53
N HIS GA 733 -55.25 151.72 -11.26
CA HIS GA 733 -55.66 152.71 -12.25
C HIS GA 733 -54.84 152.57 -13.53
N ALA GA 734 -53.53 152.39 -13.40
CA ALA GA 734 -52.68 152.27 -14.57
C ALA GA 734 -53.00 151.02 -15.38
N LEU GA 735 -53.26 149.90 -14.69
CA LEU GA 735 -53.63 148.68 -15.41
C LEU GA 735 -54.96 148.85 -16.14
N LYS GA 736 -55.92 149.51 -15.50
CA LYS GA 736 -57.18 149.79 -16.17
C LYS GA 736 -56.97 150.62 -17.42
N GLU GA 737 -56.11 151.64 -17.32
CA GLU GA 737 -55.84 152.48 -18.49
C GLU GA 737 -55.13 151.70 -19.59
N ALA GA 738 -54.20 150.82 -19.23
CA ALA GA 738 -53.51 150.02 -20.23
C ALA GA 738 -54.48 149.09 -20.95
N LEU GA 739 -55.40 148.46 -20.22
CA LEU GA 739 -56.41 147.63 -20.86
C LEU GA 739 -57.33 148.46 -21.75
N SER GA 740 -57.66 149.67 -21.33
CA SER GA 740 -58.47 150.54 -22.17
C SER GA 740 -57.75 150.86 -23.48
N ILE GA 741 -56.45 151.12 -23.41
CA ILE GA 741 -55.69 151.42 -24.62
C ILE GA 741 -55.59 150.20 -25.52
N ILE GA 742 -55.43 149.01 -24.93
CA ILE GA 742 -55.40 147.80 -25.73
C ILE GA 742 -56.72 147.60 -26.46
N GLY GA 743 -57.84 147.82 -25.76
CA GLY GA 743 -59.13 147.76 -26.41
C GLY GA 743 -59.27 148.77 -27.53
N ASN GA 744 -58.80 150.00 -27.30
CA ASN GA 744 -58.89 151.03 -28.33
C ASN GA 744 -58.07 150.66 -29.56
N ILE GA 745 -56.86 150.13 -29.37
CA ILE GA 745 -56.04 149.77 -30.52
C ILE GA 745 -56.60 148.56 -31.24
N ASN GA 746 -57.24 147.64 -30.51
CA ASN GA 746 -57.92 146.53 -31.17
C ASN GA 746 -59.09 147.03 -32.00
N THR GA 747 -59.82 148.03 -31.48
CA THR GA 747 -60.85 148.67 -32.28
C THR GA 747 -60.26 149.32 -33.53
N THR GA 748 -59.13 150.00 -33.37
CA THR GA 748 -58.41 150.66 -34.47
C THR GA 748 -59.31 151.63 -35.23
N ILE HA 10 -47.70 161.62 42.42
CA ILE HA 10 -46.50 160.85 42.07
C ILE HA 10 -46.92 159.55 41.38
N PRO HA 11 -46.13 159.13 40.39
CA PRO HA 11 -46.52 157.97 39.59
C PRO HA 11 -46.54 156.68 40.41
N LEU HA 12 -47.49 155.81 40.05
CA LEU HA 12 -47.67 154.55 40.76
C LEU HA 12 -46.50 153.61 40.54
N VAL HA 13 -45.80 153.72 39.42
CA VAL HA 13 -44.59 152.92 39.24
C VAL HA 13 -43.51 153.35 40.23
N ASN HA 14 -43.37 154.66 40.45
CA ASN HA 14 -42.47 155.13 41.51
C ASN HA 14 -42.91 154.64 42.87
N ARG HA 15 -44.21 154.67 43.16
CA ARG HA 15 -44.65 154.19 44.46
C ARG HA 15 -44.40 152.69 44.62
N LEU HA 16 -44.59 151.92 43.54
CA LEU HA 16 -44.29 150.50 43.59
C LEU HA 16 -42.81 150.24 43.83
N GLN HA 17 -41.94 151.03 43.18
CA GLN HA 17 -40.52 150.89 43.42
C GLN HA 17 -40.15 151.26 44.85
N ASP HA 18 -40.80 152.28 45.40
CA ASP HA 18 -40.59 152.64 46.80
C ASP HA 18 -40.97 151.47 47.71
N ALA HA 19 -42.11 150.84 47.43
CA ALA HA 19 -42.53 149.69 48.22
C ALA HA 19 -41.56 148.53 48.08
N PHE HA 20 -41.02 148.33 46.88
CA PHE HA 20 -40.04 147.27 46.68
C PHE HA 20 -38.77 147.53 47.48
N SER HA 21 -38.30 148.78 47.48
CA SER HA 21 -37.14 149.12 48.30
C SER HA 21 -37.46 148.92 49.77
N ALA HA 22 -38.68 149.25 50.19
CA ALA HA 22 -39.08 149.08 51.58
C ALA HA 22 -39.05 147.62 51.99
N ILE HA 23 -39.62 146.73 51.16
CA ILE HA 23 -39.55 145.31 51.48
C ILE HA 23 -38.12 144.81 51.38
N GLY HA 24 -37.26 145.51 50.65
CA GLY HA 24 -35.84 145.23 50.63
C GLY HA 24 -35.43 143.92 50.01
N GLN HA 25 -36.37 143.08 49.61
CA GLN HA 25 -36.01 141.85 48.91
C GLN HA 25 -35.37 142.19 47.58
N ASN HA 26 -34.43 141.34 47.14
CA ASN HA 26 -33.64 141.62 45.95
C ASN HA 26 -34.47 141.38 44.68
N ALA HA 27 -35.56 142.14 44.58
CA ALA HA 27 -36.45 142.12 43.44
C ALA HA 27 -36.44 143.48 42.75
N ASP HA 28 -36.78 143.47 41.47
CA ASP HA 28 -36.79 144.67 40.67
C ASP HA 28 -37.89 144.59 39.63
N LEU HA 29 -38.38 145.75 39.20
CA LEU HA 29 -39.44 145.80 38.21
C LEU HA 29 -38.95 145.43 36.82
N ASP HA 30 -37.62 145.37 36.62
CA ASP HA 30 -37.02 144.95 35.35
C ASP HA 30 -37.42 145.90 34.21
N LEU HA 31 -37.15 147.19 34.42
CA LEU HA 31 -37.40 148.16 33.37
C LEU HA 31 -36.35 148.03 32.27
N PRO HA 32 -36.70 148.39 31.04
CA PRO HA 32 -35.68 148.44 29.99
C PRO HA 32 -34.74 149.62 30.21
N GLN HA 33 -33.52 149.48 29.71
CA GLN HA 33 -32.57 150.57 29.80
C GLN HA 33 -32.92 151.65 28.78
N ILE HA 34 -32.39 152.84 29.01
CA ILE HA 34 -32.60 153.98 28.11
C ILE HA 34 -31.25 154.42 27.58
N ALA HA 35 -31.18 154.69 26.28
CA ALA HA 35 -29.98 155.20 25.66
C ALA HA 35 -30.32 156.48 24.92
N VAL HA 36 -29.57 157.54 25.16
CA VAL HA 36 -29.79 158.82 24.49
C VAL HA 36 -28.71 158.96 23.41
N VAL HA 37 -29.15 159.17 22.16
CA VAL HA 37 -28.23 159.22 21.04
C VAL HA 37 -28.66 160.33 20.09
N GLY HA 38 -27.68 160.84 19.35
CA GLY HA 38 -27.94 161.92 18.42
C GLY HA 38 -26.64 162.39 17.78
N GLY HA 39 -26.75 163.51 17.08
CA GLY HA 39 -25.57 164.11 16.49
C GLY HA 39 -24.78 164.90 17.50
N GLN HA 40 -23.57 165.27 17.11
CA GLN HA 40 -22.73 166.08 17.99
C GLN HA 40 -23.36 167.46 18.20
N SER HA 41 -23.31 167.93 19.43
CA SER HA 41 -23.90 169.20 19.84
C SER HA 41 -25.41 169.23 19.64
N ALA HA 42 -26.07 168.07 19.67
CA ALA HA 42 -27.52 168.04 19.56
C ALA HA 42 -28.19 168.55 20.82
N GLY HA 43 -27.71 168.12 21.98
CA GLY HA 43 -28.35 168.45 23.24
C GLY HA 43 -28.65 167.22 24.07
N LYS HA 44 -27.96 166.13 23.74
CA LYS HA 44 -28.26 164.83 24.36
C LYS HA 44 -28.02 164.85 25.86
N SER HA 45 -26.85 165.32 26.30
CA SER HA 45 -26.54 165.35 27.73
C SER HA 45 -27.49 166.28 28.47
N SER HA 46 -27.83 167.42 27.86
CA SER HA 46 -28.73 168.35 28.52
C SER HA 46 -30.12 167.75 28.70
N VAL HA 47 -30.63 167.08 27.67
CA VAL HA 47 -31.92 166.41 27.81
C VAL HA 47 -31.85 165.34 28.89
N LEU HA 48 -30.76 164.58 28.92
CA LEU HA 48 -30.65 163.53 29.93
C LEU HA 48 -30.66 164.11 31.34
N GLU HA 49 -29.90 165.18 31.57
CA GLU HA 49 -29.85 165.72 32.92
C GLU HA 49 -31.17 166.38 33.30
N ASN HA 50 -31.85 166.99 32.33
CA ASN HA 50 -33.16 167.58 32.64
C ASN HA 50 -34.19 166.52 32.93
N PHE HA 51 -34.09 165.35 32.28
CA PHE HA 51 -34.96 164.24 32.62
C PHE HA 51 -34.65 163.69 34.00
N VAL HA 52 -33.37 163.63 34.36
CA VAL HA 52 -33.00 163.21 35.71
C VAL HA 52 -33.56 164.18 36.74
N GLY HA 53 -33.43 165.48 36.48
CA GLY HA 53 -33.93 166.52 37.35
C GLY HA 53 -32.84 167.32 38.04
N ARG HA 54 -31.59 166.86 38.00
CA ARG HA 54 -30.51 167.48 38.73
C ARG HA 54 -29.29 167.60 37.82
N ASP HA 55 -28.60 168.73 37.90
CA ASP HA 55 -27.56 169.09 36.92
C ASP HA 55 -26.22 168.52 37.38
N PHE HA 56 -25.82 167.40 36.76
CA PHE HA 56 -24.56 166.76 37.09
C PHE HA 56 -23.86 166.21 35.86
N LEU HA 57 -24.06 166.83 34.70
CA LEU HA 57 -23.49 166.30 33.46
C LEU HA 57 -22.71 167.37 32.74
N PRO HA 58 -21.62 167.00 32.05
CA PRO HA 58 -20.82 167.97 31.31
C PRO HA 58 -21.59 168.47 30.10
N ARG HA 59 -21.76 169.80 30.01
CA ARG HA 59 -22.52 170.42 28.93
C ARG HA 59 -21.81 171.68 28.46
N GLY HA 60 -21.36 171.67 27.21
CA GLY HA 60 -20.71 172.84 26.64
C GLY HA 60 -20.64 172.72 25.13
N SER HA 61 -20.21 173.80 24.50
CA SER HA 61 -20.04 173.79 23.06
C SER HA 61 -18.86 172.93 22.66
N GLY HA 62 -18.89 172.44 21.42
CA GLY HA 62 -17.85 171.54 20.96
C GLY HA 62 -18.11 170.12 21.40
N ILE HA 63 -17.06 169.32 21.38
CA ILE HA 63 -17.14 167.93 21.83
C ILE HA 63 -17.00 167.92 23.36
N VAL HA 64 -18.01 167.41 24.04
CA VAL HA 64 -18.04 167.42 25.50
C VAL HA 64 -18.24 166.00 26.02
N THR HA 65 -19.37 165.39 25.67
CA THR HA 65 -19.69 164.03 26.11
C THR HA 65 -18.84 163.06 25.29
N ARG HA 66 -17.58 162.89 25.73
CA ARG HA 66 -16.58 162.16 24.96
C ARG HA 66 -16.30 160.77 25.54
N ARG HA 67 -17.23 160.21 26.31
CA ARG HA 67 -17.04 158.87 26.86
C ARG HA 67 -18.39 158.33 27.32
N PRO HA 68 -18.72 157.09 27.00
CA PRO HA 68 -20.07 156.58 27.31
C PRO HA 68 -20.32 156.50 28.81
N LEU HA 69 -21.27 157.32 29.27
CA LEU HA 69 -21.61 157.38 30.69
C LEU HA 69 -22.80 156.45 30.94
N VAL HA 70 -22.55 155.37 31.68
CA VAL HA 70 -23.60 154.42 32.06
C VAL HA 70 -24.08 154.84 33.43
N LEU HA 71 -25.13 155.67 33.45
CA LEU HA 71 -25.82 156.08 34.65
C LEU HA 71 -26.76 154.99 35.13
N GLN HA 72 -26.84 154.83 36.45
CA GLN HA 72 -27.86 153.99 37.06
C GLN HA 72 -28.55 154.78 38.16
N LEU HA 73 -29.74 155.27 37.86
CA LEU HA 73 -30.59 155.88 38.88
C LEU HA 73 -31.20 154.78 39.72
N VAL HA 74 -30.99 154.83 41.04
CA VAL HA 74 -31.54 153.85 41.96
C VAL HA 74 -32.24 154.58 43.09
N ASN HA 75 -33.04 153.82 43.85
CA ASN HA 75 -33.87 154.38 44.90
C ASN HA 75 -33.24 154.09 46.26
N ALA HA 76 -33.23 155.11 47.11
CA ALA HA 76 -32.73 154.98 48.48
C ALA HA 76 -33.31 156.12 49.31
N THR HA 77 -32.87 156.19 50.57
CA THR HA 77 -33.44 157.17 51.49
C THR HA 77 -33.11 158.60 51.07
N THR HA 78 -31.84 158.88 50.81
CA THR HA 78 -31.41 160.21 50.41
C THR HA 78 -30.34 160.11 49.33
N GLU HA 79 -30.10 161.23 48.66
CA GLU HA 79 -29.39 161.26 47.39
C GLU HA 79 -27.89 161.44 47.56
N TYR HA 80 -27.14 160.72 46.73
CA TYR HA 80 -25.71 160.89 46.55
C TYR HA 80 -25.33 160.21 45.25
N ALA HA 81 -24.03 160.10 44.99
CA ALA HA 81 -23.56 159.46 43.77
C ALA HA 81 -22.25 158.74 44.05
N GLU HA 82 -22.06 157.60 43.37
CA GLU HA 82 -20.85 156.83 43.50
C GLU HA 82 -20.40 156.34 42.13
N PHE HA 83 -19.09 156.44 41.88
CA PHE HA 83 -18.50 155.92 40.67
C PHE HA 83 -18.04 154.48 40.93
N LEU HA 84 -17.31 153.90 39.99
CA LEU HA 84 -16.67 152.61 40.19
C LEU HA 84 -15.14 152.72 40.20
N HIS HA 85 -14.63 153.91 40.45
CA HIS HA 85 -13.19 154.08 40.66
C HIS HA 85 -12.87 154.77 41.98
N CYS HA 86 -13.70 155.71 42.42
CA CYS HA 86 -13.56 156.31 43.74
C CYS HA 86 -14.34 155.49 44.77
N LYS HA 87 -13.97 154.22 44.86
CA LYS HA 87 -14.69 153.27 45.69
C LYS HA 87 -14.69 153.72 47.14
N GLY HA 88 -15.86 153.70 47.77
CA GLY HA 88 -16.04 154.17 49.13
C GLY HA 88 -16.47 155.62 49.20
N LYS HA 89 -15.96 156.45 48.31
CA LYS HA 89 -16.31 157.87 48.33
C LYS HA 89 -17.76 158.07 47.93
N LYS HA 90 -18.39 159.07 48.53
CA LYS HA 90 -19.80 159.38 48.30
C LYS HA 90 -19.90 160.83 47.84
N PHE HA 91 -19.78 161.05 46.53
CA PHE HA 91 -19.95 162.37 45.97
C PHE HA 91 -21.36 162.87 46.26
N THR HA 92 -21.45 164.10 46.73
CA THR HA 92 -22.74 164.65 47.15
C THR HA 92 -23.10 165.94 46.45
N ASP HA 93 -22.14 166.82 46.20
CA ASP HA 93 -22.42 168.06 45.49
C ASP HA 93 -22.10 167.89 44.01
N PHE HA 94 -23.05 168.29 43.17
CA PHE HA 94 -23.03 167.92 41.77
C PHE HA 94 -22.01 168.71 40.96
N GLU HA 95 -21.58 169.87 41.45
CA GLU HA 95 -20.41 170.50 40.85
C GLU HA 95 -19.19 169.59 40.96
N GLU HA 96 -18.96 169.03 42.14
CA GLU HA 96 -17.88 168.06 42.31
C GLU HA 96 -18.12 166.83 41.45
N VAL HA 97 -19.38 166.38 41.34
CA VAL HA 97 -19.67 165.22 40.51
C VAL HA 97 -19.29 165.48 39.06
N ARG HA 98 -19.68 166.65 38.53
CA ARG HA 98 -19.38 166.98 37.14
C ARG HA 98 -17.88 167.12 36.92
N LEU HA 99 -17.17 167.78 37.85
CA LEU HA 99 -15.73 167.92 37.72
C LEU HA 99 -15.05 166.55 37.73
N GLU HA 100 -15.50 165.66 38.60
CA GLU HA 100 -14.94 164.31 38.61
C GLU HA 100 -15.23 163.58 37.30
N ILE HA 101 -16.43 163.78 36.74
CA ILE HA 101 -16.76 163.14 35.47
C ILE HA 101 -15.82 163.59 34.37
N GLU HA 102 -15.63 164.91 34.24
CA GLU HA 102 -14.78 165.41 33.16
C GLU HA 102 -13.32 165.01 33.38
N ALA HA 103 -12.86 165.03 34.64
CA ALA HA 103 -11.50 164.59 34.91
C ALA HA 103 -11.32 163.12 34.57
N GLU HA 104 -12.31 162.29 34.88
CA GLU HA 104 -12.23 160.87 34.56
C GLU HA 104 -12.19 160.65 33.05
N THR HA 105 -12.99 161.42 32.31
CA THR HA 105 -12.93 161.33 30.85
C THR HA 105 -11.55 161.70 30.34
N ASP HA 106 -10.98 162.80 30.86
CA ASP HA 106 -9.69 163.26 30.38
C ASP HA 106 -8.57 162.30 30.72
N ARG HA 107 -8.66 161.63 31.88
CA ARG HA 107 -7.56 160.79 32.33
C ARG HA 107 -7.28 159.62 31.41
N VAL HA 108 -8.22 159.26 30.54
CA VAL HA 108 -8.02 158.20 29.56
C VAL HA 108 -8.08 158.71 28.12
N THR HA 109 -9.00 159.65 27.84
CA THR HA 109 -9.14 160.13 26.48
C THR HA 109 -8.00 161.07 26.09
N GLY HA 110 -7.57 161.93 27.00
CA GLY HA 110 -6.65 162.99 26.69
C GLY HA 110 -7.35 164.34 26.58
N THR HA 111 -6.54 165.38 26.45
CA THR HA 111 -7.03 166.75 26.42
C THR HA 111 -6.96 167.36 25.02
N ASN HA 112 -7.21 166.54 24.00
CA ASN HA 112 -7.21 167.01 22.62
C ASN HA 112 -8.40 166.42 21.87
N LYS HA 113 -9.57 166.43 22.51
CA LYS HA 113 -10.83 166.02 21.90
C LYS HA 113 -10.85 164.54 21.51
N GLY HA 114 -9.95 163.73 22.06
CA GLY HA 114 -10.02 162.31 21.84
C GLY HA 114 -11.18 161.68 22.60
N ILE HA 115 -11.56 160.48 22.18
CA ILE HA 115 -12.65 159.74 22.81
C ILE HA 115 -12.16 158.34 23.15
N SER HA 116 -12.95 157.65 23.98
CA SER HA 116 -12.63 156.31 24.44
C SER HA 116 -13.92 155.54 24.65
N PRO HA 117 -14.03 154.32 24.11
CA PRO HA 117 -15.27 153.55 24.24
C PRO HA 117 -15.48 152.90 25.60
N VAL HA 118 -14.52 153.00 26.52
CA VAL HA 118 -14.63 152.35 27.82
C VAL HA 118 -15.66 153.08 28.69
N PRO HA 119 -16.69 152.39 29.16
CA PRO HA 119 -17.80 153.08 29.83
C PRO HA 119 -17.40 153.59 31.21
N ILE HA 120 -17.93 154.76 31.55
CA ILE HA 120 -17.86 155.28 32.91
C ILE HA 120 -19.12 154.83 33.65
N ASN HA 121 -18.96 153.91 34.60
CA ASN HA 121 -20.10 153.36 35.34
C ASN HA 121 -20.36 154.25 36.54
N LEU HA 122 -21.51 154.92 36.55
CA LEU HA 122 -21.88 155.83 37.62
C LEU HA 122 -23.24 155.43 38.16
N ARG HA 123 -23.44 155.63 39.47
CA ARG HA 123 -24.71 155.31 40.11
C ARG HA 123 -25.15 156.50 40.95
N VAL HA 124 -26.42 156.87 40.83
CA VAL HA 124 -27.01 157.95 41.60
C VAL HA 124 -28.13 157.36 42.45
N TYR HA 125 -28.27 157.88 43.66
CA TYR HA 125 -29.36 157.47 44.55
C TYR HA 125 -30.35 158.62 44.67
N SER HA 126 -31.63 158.28 44.75
CA SER HA 126 -32.67 159.29 44.82
C SER HA 126 -33.89 158.69 45.50
N PRO HA 127 -34.73 159.50 46.14
CA PRO HA 127 -35.86 158.92 46.90
C PRO HA 127 -36.99 158.40 46.03
N HIS HA 128 -37.25 158.99 44.87
CA HIS HA 128 -38.44 158.67 44.08
C HIS HA 128 -38.10 158.48 42.62
N VAL HA 129 -37.10 157.64 42.34
CA VAL HA 129 -36.77 157.30 40.96
C VAL HA 129 -36.76 155.79 40.81
N LEU HA 130 -36.97 155.33 39.59
CA LEU HA 130 -36.90 153.91 39.28
C LEU HA 130 -35.45 153.43 39.33
N ASN HA 131 -35.28 152.11 39.34
CA ASN HA 131 -33.97 151.51 39.12
C ASN HA 131 -33.66 151.52 37.62
N LEU HA 132 -33.52 152.73 37.10
CA LEU HA 132 -33.33 152.91 35.67
C LEU HA 132 -31.88 152.62 35.30
N THR HA 133 -31.61 152.63 33.99
CA THR HA 133 -30.25 152.45 33.47
C THR HA 133 -30.12 153.38 32.27
N LEU HA 134 -29.62 154.59 32.53
CA LEU HA 134 -29.47 155.59 31.49
C LEU HA 134 -28.09 155.44 30.86
N VAL HA 135 -28.00 155.73 29.57
CA VAL HA 135 -26.74 155.65 28.84
C VAL HA 135 -26.60 156.93 28.01
N ASP HA 136 -25.69 157.80 28.43
CA ASP HA 136 -25.31 158.94 27.61
C ASP HA 136 -24.13 158.55 26.75
N LEU HA 137 -24.17 158.95 25.49
CA LEU HA 137 -23.20 158.54 24.49
C LEU HA 137 -22.67 159.76 23.76
N PRO HA 138 -21.47 159.66 23.20
CA PRO HA 138 -20.97 160.74 22.34
C PRO HA 138 -21.79 160.87 21.07
N GLY HA 139 -21.83 162.09 20.56
CA GLY HA 139 -22.53 162.35 19.31
C GLY HA 139 -21.79 161.75 18.13
N MET HA 140 -22.47 161.72 16.99
CA MET HA 140 -21.92 161.11 15.78
C MET HA 140 -21.24 162.17 14.93
N THR HA 141 -19.99 161.90 14.57
CA THR HA 141 -19.20 162.80 13.75
C THR HA 141 -18.61 162.02 12.58
N LYS HA 142 -18.31 162.74 11.49
CA LYS HA 142 -17.74 162.12 10.30
C LYS HA 142 -16.28 162.48 10.08
N VAL HA 143 -15.91 163.74 10.21
CA VAL HA 143 -14.53 164.18 10.01
C VAL HA 143 -13.83 164.21 11.37
N PRO HA 144 -12.72 163.51 11.53
CA PRO HA 144 -11.97 163.59 12.79
C PRO HA 144 -11.43 164.99 13.03
N VAL HA 145 -11.41 165.38 14.30
CA VAL HA 145 -10.88 166.67 14.73
C VAL HA 145 -9.90 166.41 15.87
N GLY HA 146 -8.91 167.28 16.00
CA GLY HA 146 -7.90 167.08 17.01
C GLY HA 146 -7.05 165.86 16.69
N ASP HA 147 -6.93 164.95 17.66
CA ASP HA 147 -6.10 163.77 17.51
C ASP HA 147 -6.92 162.49 17.34
N GLN HA 148 -8.19 162.60 16.99
CA GLN HA 148 -9.01 161.42 16.80
C GLN HA 148 -8.49 160.62 15.60
N PRO HA 149 -8.63 159.30 15.64
CA PRO HA 149 -8.23 158.48 14.49
C PRO HA 149 -9.07 158.78 13.27
N PRO HA 150 -8.56 158.51 12.07
CA PRO HA 150 -9.32 158.84 10.85
C PRO HA 150 -10.67 158.13 10.75
N ASP HA 151 -10.86 157.01 11.43
CA ASP HA 151 -12.12 156.27 11.39
C ASP HA 151 -13.00 156.58 12.59
N ILE HA 152 -12.98 157.83 13.04
CA ILE HA 152 -13.75 158.23 14.22
C ILE HA 152 -15.23 158.02 13.98
N GLU HA 153 -15.70 158.17 12.74
CA GLU HA 153 -17.11 157.96 12.45
C GLU HA 153 -17.52 156.53 12.75
N PHE HA 154 -16.79 155.56 12.20
CA PHE HA 154 -17.09 154.16 12.45
C PHE HA 154 -16.90 153.82 13.92
N GLN HA 155 -15.90 154.42 14.56
CA GLN HA 155 -15.66 154.15 15.98
C GLN HA 155 -16.87 154.55 16.81
N ILE HA 156 -17.34 155.79 16.66
CA ILE HA 156 -18.52 156.22 17.41
C ILE HA 156 -19.73 155.39 17.01
N ARG HA 157 -19.88 155.10 15.71
CA ARG HA 157 -21.05 154.37 15.24
C ARG HA 157 -21.15 153.01 15.92
N ASP HA 158 -20.15 152.15 15.75
CA ASP HA 158 -20.26 150.82 16.33
C ASP HA 158 -20.17 150.88 17.85
N MET HA 159 -19.51 151.89 18.40
CA MET HA 159 -19.44 152.03 19.85
C MET HA 159 -20.81 152.25 20.46
N LEU HA 160 -21.64 153.09 19.84
CA LEU HA 160 -23.00 153.24 20.34
C LEU HA 160 -23.94 152.18 19.83
N MET HA 161 -23.61 151.52 18.71
CA MET HA 161 -24.41 150.41 18.23
C MET HA 161 -24.36 149.24 19.20
N GLN HA 162 -23.18 148.99 19.77
CA GLN HA 162 -23.05 147.89 20.74
C GLN HA 162 -23.90 148.13 21.99
N PHE HA 163 -24.35 149.36 22.22
CA PHE HA 163 -25.25 149.65 23.32
C PHE HA 163 -26.71 149.76 22.91
N VAL HA 164 -26.99 150.16 21.67
CA VAL HA 164 -28.37 150.39 21.26
C VAL HA 164 -28.99 149.15 20.65
N THR HA 165 -28.21 148.38 19.89
CA THR HA 165 -28.77 147.26 19.14
C THR HA 165 -29.35 146.18 20.04
N LYS HA 166 -29.00 146.16 21.31
CA LYS HA 166 -29.62 145.21 22.23
C LYS HA 166 -31.08 145.56 22.45
N GLU HA 167 -31.88 144.54 22.73
CA GLU HA 167 -33.31 144.75 22.98
C GLU HA 167 -33.46 145.40 24.36
N ASN HA 168 -34.72 145.68 24.72
CA ASN HA 168 -35.09 146.42 25.94
C ASN HA 168 -34.19 147.63 26.15
N CYS HA 169 -33.92 148.35 25.06
CA CYS HA 169 -33.09 149.55 25.08
C CYS HA 169 -33.88 150.65 24.36
N LEU HA 170 -34.67 151.40 25.13
CA LEU HA 170 -35.38 152.53 24.56
C LEU HA 170 -34.38 153.53 24.02
N ILE HA 171 -34.75 154.20 22.92
CA ILE HA 171 -33.88 155.12 22.23
C ILE HA 171 -34.47 156.52 22.33
N LEU HA 172 -33.64 157.47 22.76
CA LEU HA 172 -33.98 158.89 22.70
C LEU HA 172 -33.19 159.48 21.54
N ALA HA 173 -33.86 159.66 20.40
CA ALA HA 173 -33.25 160.22 19.20
C ALA HA 173 -33.33 161.74 19.32
N VAL HA 174 -32.19 162.35 19.65
CA VAL HA 174 -32.12 163.79 19.84
C VAL HA 174 -31.73 164.44 18.53
N SER HA 175 -32.49 165.45 18.12
CA SER HA 175 -32.14 166.19 16.92
C SER HA 175 -32.37 167.67 17.18
N PRO HA 176 -31.47 168.53 16.72
CA PRO HA 176 -31.70 169.97 16.84
C PRO HA 176 -32.78 170.41 15.87
N ALA HA 177 -33.36 171.56 16.19
CA ALA HA 177 -34.29 172.22 15.28
C ALA HA 177 -33.59 173.15 14.32
N ASN HA 178 -32.26 173.20 14.37
CA ASN HA 178 -31.51 174.08 13.47
C ASN HA 178 -31.32 173.42 12.11
N SER HA 179 -30.63 172.28 12.09
CA SER HA 179 -30.49 171.53 10.86
C SER HA 179 -31.84 170.97 10.43
N ASP HA 180 -32.01 170.82 9.12
CA ASP HA 180 -33.20 170.15 8.61
C ASP HA 180 -33.25 168.72 9.12
N LEU HA 181 -34.46 168.26 9.45
CA LEU HA 181 -34.61 166.97 10.11
C LEU HA 181 -34.05 165.84 9.27
N ALA HA 182 -33.98 166.02 7.96
CA ALA HA 182 -33.50 164.96 7.07
C ALA HA 182 -32.06 164.57 7.34
N ASN HA 183 -31.29 165.42 8.02
CA ASN HA 183 -29.88 165.13 8.29
C ASN HA 183 -29.67 164.40 9.61
N SER HA 184 -30.73 164.03 10.32
CA SER HA 184 -30.60 163.58 11.70
C SER HA 184 -29.83 162.27 11.83
N ASP HA 185 -28.59 162.36 12.34
CA ASP HA 185 -27.82 161.18 12.65
C ASP HA 185 -28.51 160.32 13.69
N ALA HA 186 -29.34 160.92 14.54
CA ALA HA 186 -30.11 160.14 15.49
C ALA HA 186 -31.17 159.30 14.79
N LEU HA 187 -31.92 159.93 13.88
CA LEU HA 187 -32.98 159.22 13.19
C LEU HA 187 -32.43 158.13 12.28
N LYS HA 188 -31.25 158.35 11.69
CA LYS HA 188 -30.66 157.31 10.86
C LYS HA 188 -30.45 156.02 11.66
N VAL HA 189 -29.80 156.12 12.82
CA VAL HA 189 -29.57 154.95 13.65
C VAL HA 189 -30.89 154.41 14.19
N ALA HA 190 -31.81 155.30 14.53
CA ALA HA 190 -33.10 154.88 15.07
C ALA HA 190 -33.85 153.99 14.08
N LYS HA 191 -33.96 154.45 12.83
CA LYS HA 191 -34.61 153.65 11.81
C LYS HA 191 -33.77 152.46 11.35
N GLU HA 192 -32.46 152.49 11.61
CA GLU HA 192 -31.63 151.36 11.25
C GLU HA 192 -31.79 150.20 12.22
N VAL HA 193 -31.93 150.49 13.51
CA VAL HA 193 -31.95 149.43 14.51
C VAL HA 193 -33.37 149.10 14.95
N ASP HA 194 -34.28 150.07 14.83
CA ASP HA 194 -35.67 149.92 15.24
C ASP HA 194 -36.53 150.36 14.07
N PRO HA 195 -36.72 149.49 13.08
CA PRO HA 195 -37.45 149.92 11.86
C PRO HA 195 -38.87 150.36 12.15
N GLN HA 196 -39.65 149.55 12.86
CA GLN HA 196 -41.03 149.89 13.13
C GLN HA 196 -41.18 151.06 14.09
N GLY HA 197 -40.10 151.49 14.74
CA GLY HA 197 -40.19 152.59 15.69
C GLY HA 197 -41.02 152.29 16.91
N GLN HA 198 -40.87 151.10 17.49
CA GLN HA 198 -41.65 150.73 18.66
C GLN HA 198 -40.91 151.00 19.97
N ARG HA 199 -39.60 151.22 19.93
CA ARG HA 199 -38.84 151.58 21.12
C ARG HA 199 -38.00 152.81 20.85
N THR HA 200 -38.52 153.73 20.04
CA THR HA 200 -37.82 154.94 19.65
C THR HA 200 -38.71 156.14 19.95
N ILE HA 201 -38.12 157.16 20.56
CA ILE HA 201 -38.82 158.41 20.85
C ILE HA 201 -37.96 159.55 20.34
N GLY HA 202 -38.56 160.45 19.57
CA GLY HA 202 -37.85 161.57 18.97
C GLY HA 202 -38.03 162.84 19.78
N VAL HA 203 -36.92 163.54 20.00
CA VAL HA 203 -36.94 164.81 20.72
C VAL HA 203 -36.25 165.86 19.86
N ILE HA 204 -36.86 167.03 19.80
CA ILE HA 204 -36.38 168.15 19.00
C ILE HA 204 -35.93 169.23 19.98
N THR HA 205 -34.64 169.55 19.95
CA THR HA 205 -34.06 170.54 20.83
C THR HA 205 -33.87 171.85 20.08
N LYS HA 206 -33.39 172.86 20.80
CA LYS HA 206 -32.97 174.13 20.21
C LYS HA 206 -34.10 174.81 19.42
N LEU HA 207 -35.34 174.60 19.85
CA LEU HA 207 -36.47 175.22 19.15
C LEU HA 207 -36.45 176.73 19.23
N ASP HA 208 -35.64 177.32 20.10
CA ASP HA 208 -35.50 178.77 20.17
C ASP HA 208 -34.44 179.30 19.22
N LEU HA 209 -33.71 178.43 18.51
CA LEU HA 209 -32.62 178.85 17.65
C LEU HA 209 -32.96 178.71 16.16
N MET HA 210 -34.24 178.65 15.83
CA MET HA 210 -34.64 178.49 14.45
C MET HA 210 -34.60 179.83 13.73
N ASP HA 211 -34.40 179.77 12.42
CA ASP HA 211 -34.25 180.98 11.62
C ASP HA 211 -35.54 181.77 11.60
N GLU HA 212 -35.40 183.08 11.42
CA GLU HA 212 -36.55 183.96 11.35
C GLU HA 212 -37.49 183.54 10.21
N GLY HA 213 -38.78 183.48 10.52
CA GLY HA 213 -39.76 183.06 9.54
C GLY HA 213 -39.93 181.58 9.39
N THR HA 214 -39.12 180.77 10.08
CA THR HA 214 -39.22 179.33 10.03
C THR HA 214 -39.77 178.80 11.33
N ASP HA 215 -40.43 177.65 11.26
CA ASP HA 215 -41.00 177.01 12.44
C ASP HA 215 -41.00 175.51 12.23
N ALA HA 216 -40.96 174.77 13.35
CA ALA HA 216 -40.93 173.32 13.33
C ALA HA 216 -42.32 172.70 13.44
N ARG HA 217 -43.35 173.40 12.98
CA ARG HA 217 -44.70 172.87 13.07
C ARG HA 217 -44.85 171.58 12.28
N ASP HA 218 -44.30 171.54 11.06
CA ASP HA 218 -44.48 170.39 10.19
C ASP HA 218 -43.84 169.12 10.77
N VAL HA 219 -42.87 169.25 11.66
CA VAL HA 219 -42.19 168.09 12.20
C VAL HA 219 -42.75 167.76 13.59
N LEU HA 220 -43.15 168.79 14.34
CA LEU HA 220 -43.72 168.52 15.66
C LEU HA 220 -45.13 167.96 15.56
N GLU HA 221 -45.87 168.29 14.50
CA GLU HA 221 -47.13 167.61 14.24
C GLU HA 221 -46.94 166.22 13.66
N ASN HA 222 -45.70 165.72 13.63
CA ASN HA 222 -45.39 164.35 13.22
C ASN HA 222 -45.87 164.08 11.80
N LYS HA 223 -45.80 165.09 10.95
CA LYS HA 223 -46.20 164.96 9.55
C LYS HA 223 -45.02 164.85 8.60
N LEU HA 224 -43.97 165.64 8.82
CA LEU HA 224 -42.83 165.66 7.91
C LEU HA 224 -42.17 164.28 7.84
N LEU HA 225 -41.83 163.73 9.00
CA LEU HA 225 -41.33 162.35 9.10
C LEU HA 225 -42.17 161.64 10.14
N PRO HA 226 -43.30 161.07 9.73
CA PRO HA 226 -44.20 160.42 10.70
C PRO HA 226 -43.51 159.32 11.50
N LEU HA 227 -43.37 159.54 12.80
CA LEU HA 227 -42.86 158.55 13.73
C LEU HA 227 -43.96 158.16 14.70
N ARG HA 228 -43.98 156.89 15.08
CA ARG HA 228 -45.12 156.36 15.83
C ARG HA 228 -45.28 157.07 17.17
N ARG HA 229 -44.18 157.28 17.89
CA ARG HA 229 -44.26 157.81 19.24
C ARG HA 229 -44.34 159.33 19.30
N GLY HA 230 -44.21 160.01 18.17
CA GLY HA 230 -44.29 161.46 18.14
C GLY HA 230 -42.98 162.12 18.50
N TYR HA 231 -42.96 163.43 18.32
CA TYR HA 231 -41.77 164.24 18.57
C TYR HA 231 -42.05 165.22 19.70
N ILE HA 232 -41.22 165.19 20.72
CA ILE HA 232 -41.35 166.08 21.88
C ILE HA 232 -40.35 167.22 21.73
N GLY HA 233 -40.83 168.45 21.84
CA GLY HA 233 -39.99 169.61 21.67
C GLY HA 233 -39.56 170.18 23.00
N VAL HA 234 -38.25 170.32 23.17
CA VAL HA 234 -37.68 170.83 24.42
C VAL HA 234 -36.81 172.03 24.12
N VAL HA 235 -36.65 172.90 25.12
CA VAL HA 235 -35.80 174.08 25.01
C VAL HA 235 -34.92 174.17 26.26
N ASN HA 236 -33.67 173.76 26.11
CA ASN HA 236 -32.74 173.70 27.23
C ASN HA 236 -32.17 175.10 27.52
N ARG HA 237 -31.12 175.14 28.34
CA ARG HA 237 -30.44 176.38 28.67
C ARG HA 237 -29.33 176.66 27.67
N SER HA 238 -29.30 177.89 27.16
CA SER HA 238 -28.27 178.28 26.20
C SER HA 238 -26.89 178.24 26.85
N GLN HA 239 -25.85 178.37 26.02
CA GLN HA 239 -24.49 178.37 26.55
C GLN HA 239 -24.25 179.58 27.45
N LYS HA 240 -24.83 180.72 27.10
CA LYS HA 240 -24.74 181.89 27.97
C LYS HA 240 -25.37 181.60 29.32
N ASP HA 241 -26.53 180.95 29.33
CA ASP HA 241 -27.17 180.61 30.59
C ASP HA 241 -26.35 179.60 31.38
N ILE HA 242 -25.71 178.66 30.70
CA ILE HA 242 -24.86 177.68 31.38
C ILE HA 242 -23.69 178.39 32.05
N ASP HA 243 -23.07 179.33 31.34
CA ASP HA 243 -21.98 180.09 31.95
C ASP HA 243 -22.47 180.98 33.08
N GLY HA 244 -23.68 181.51 32.97
CA GLY HA 244 -24.28 182.32 34.01
C GLY HA 244 -24.96 181.55 35.12
N LYS HA 245 -24.89 180.22 35.08
CA LYS HA 245 -25.43 179.35 36.12
C LYS HA 245 -26.94 179.55 36.29
N LYS HA 246 -27.66 179.48 35.18
CA LYS HA 246 -29.12 179.52 35.24
C LYS HA 246 -29.67 178.27 35.91
N ASP HA 247 -30.73 178.45 36.68
CA ASP HA 247 -31.30 177.37 37.46
C ASP HA 247 -32.46 176.69 36.72
N ILE HA 248 -32.68 175.42 37.08
CA ILE HA 248 -33.62 174.57 36.36
C ILE HA 248 -35.03 175.15 36.41
N THR HA 249 -35.44 175.66 37.57
CA THR HA 249 -36.82 176.12 37.73
C THR HA 249 -37.13 177.30 36.82
N ALA HA 250 -36.26 178.32 36.82
CA ALA HA 250 -36.51 179.47 35.94
C ALA HA 250 -36.30 179.09 34.49
N ALA HA 251 -35.40 178.14 34.20
CA ALA HA 251 -35.26 177.67 32.83
C ALA HA 251 -36.54 177.02 32.34
N LEU HA 252 -37.17 176.19 33.17
CA LEU HA 252 -38.43 175.56 32.80
C LEU HA 252 -39.54 176.60 32.66
N ALA HA 253 -39.55 177.60 33.54
CA ALA HA 253 -40.54 178.66 33.42
C ALA HA 253 -40.38 179.41 32.09
N ALA HA 254 -39.13 179.70 31.70
CA ALA HA 254 -38.89 180.37 30.43
C ALA HA 254 -39.29 179.48 29.25
N GLU HA 255 -39.03 178.18 29.34
CA GLU HA 255 -39.46 177.28 28.29
C GLU HA 255 -40.98 177.26 28.14
N ARG HA 256 -41.69 177.22 29.27
CA ARG HA 256 -43.15 177.27 29.24
C ARG HA 256 -43.63 178.59 28.63
N LYS HA 257 -42.99 179.70 29.01
CA LYS HA 257 -43.35 180.99 28.43
C LYS HA 257 -43.14 181.01 26.92
N PHE HA 258 -42.01 180.45 26.46
CA PHE HA 258 -41.74 180.41 25.02
C PHE HA 258 -42.78 179.58 24.29
N PHE HA 259 -43.14 178.42 24.83
CA PHE HA 259 -44.15 177.59 24.19
C PHE HA 259 -45.51 178.28 24.16
N LEU HA 260 -45.88 179.00 25.22
CA LEU HA 260 -47.14 179.71 25.22
C LEU HA 260 -47.13 180.95 24.34
N SER HA 261 -45.96 181.54 24.09
CA SER HA 261 -45.88 182.76 23.31
C SER HA 261 -45.69 182.53 21.82
N HIS HA 262 -45.04 181.44 21.43
CA HIS HA 262 -44.77 181.21 20.01
C HIS HA 262 -46.06 180.85 19.29
N PRO HA 263 -46.45 181.59 18.25
CA PRO HA 263 -47.73 181.31 17.59
C PRO HA 263 -47.81 179.96 16.93
N SER HA 264 -46.67 179.35 16.59
CA SER HA 264 -46.67 178.09 15.85
C SER HA 264 -46.60 176.87 16.75
N TYR HA 265 -46.60 177.05 18.07
CA TYR HA 265 -46.52 175.92 18.98
C TYR HA 265 -47.51 175.96 20.14
N ARG HA 266 -48.20 177.09 20.36
CA ARG HA 266 -49.06 177.19 21.53
C ARG HA 266 -50.18 176.16 21.51
N HIS HA 267 -50.64 175.77 20.33
CA HIS HA 267 -51.66 174.72 20.24
C HIS HA 267 -51.13 173.36 20.65
N LEU HA 268 -49.81 173.20 20.77
CA LEU HA 268 -49.21 171.97 21.24
C LEU HA 268 -48.38 172.16 22.50
N ALA HA 269 -48.52 173.31 23.17
CA ALA HA 269 -47.72 173.59 24.35
C ALA HA 269 -47.93 172.55 25.43
N ASP HA 270 -49.15 172.04 25.55
CA ASP HA 270 -49.44 171.02 26.57
C ASP HA 270 -48.64 169.75 26.29
N ARG HA 271 -48.54 169.33 25.03
CA ARG HA 271 -47.81 168.13 24.69
C ARG HA 271 -46.32 168.37 24.47
N MET HA 272 -45.87 169.60 24.50
CA MET HA 272 -44.44 169.89 24.38
C MET HA 272 -43.85 170.17 25.76
N GLY HA 273 -42.52 170.17 25.82
CA GLY HA 273 -41.81 170.48 27.04
C GLY HA 273 -41.18 169.25 27.67
N THR HA 274 -40.18 169.51 28.52
CA THR HA 274 -39.49 168.43 29.22
C THR HA 274 -40.40 167.62 30.15
N PRO HA 275 -41.28 168.22 30.96
CA PRO HA 275 -42.15 167.38 31.80
C PRO HA 275 -42.98 166.39 31.01
N TYR HA 276 -43.42 166.76 29.81
CA TYR HA 276 -44.15 165.82 28.97
C TYR HA 276 -43.25 164.66 28.56
N LEU HA 277 -41.97 164.94 28.28
CA LEU HA 277 -41.05 163.86 27.94
C LEU HA 277 -40.85 162.92 29.12
N GLN HA 278 -40.74 163.48 30.33
CA GLN HA 278 -40.65 162.64 31.51
C GLN HA 278 -41.90 161.78 31.65
N LYS HA 279 -43.07 162.37 31.42
CA LYS HA 279 -44.33 161.63 31.52
C LYS HA 279 -44.40 160.52 30.47
N VAL HA 280 -43.91 160.78 29.27
CA VAL HA 280 -43.94 159.77 28.21
C VAL HA 280 -42.99 158.63 28.52
N LEU HA 281 -41.81 158.93 29.05
CA LEU HA 281 -40.91 157.87 29.49
C LEU HA 281 -41.55 157.06 30.62
N ASN HA 282 -42.24 157.75 31.54
CA ASN HA 282 -42.96 157.03 32.59
C ASN HA 282 -44.01 156.11 32.00
N GLN HA 283 -44.73 156.57 30.98
CA GLN HA 283 -45.75 155.74 30.35
C GLN HA 283 -45.13 154.51 29.69
N GLN HA 284 -44.01 154.70 28.98
CA GLN HA 284 -43.36 153.56 28.34
C GLN HA 284 -42.86 152.56 29.38
N LEU HA 285 -42.29 153.05 30.47
CA LEU HA 285 -41.81 152.15 31.51
C LEU HA 285 -42.97 151.43 32.19
N THR HA 286 -44.10 152.13 32.38
CA THR HA 286 -45.28 151.48 32.92
C THR HA 286 -45.76 150.37 32.01
N ASN HA 287 -45.79 150.62 30.70
CA ASN HA 287 -46.21 149.59 29.76
C ASN HA 287 -45.20 148.46 29.65
N HIS HA 288 -43.95 148.69 30.02
CA HIS HA 288 -42.95 147.64 29.90
C HIS HA 288 -42.75 146.82 31.18
N ILE HA 289 -43.07 147.38 32.35
CA ILE HA 289 -42.91 146.60 33.58
C ILE HA 289 -43.91 145.47 33.63
N ARG HA 290 -45.12 145.68 33.14
CA ARG HA 290 -46.11 144.62 33.10
C ARG HA 290 -45.70 143.57 32.08
N ASP HA 291 -46.51 142.52 31.91
CA ASP HA 291 -46.22 141.27 31.24
C ASP HA 291 -45.33 140.41 32.15
N THR HA 292 -44.85 140.96 33.26
CA THR HA 292 -44.15 140.19 34.29
C THR HA 292 -44.83 140.27 35.65
N LEU HA 293 -45.72 141.23 35.87
CA LEU HA 293 -46.41 141.36 37.14
C LEU HA 293 -47.11 140.09 37.60
N PRO HA 294 -47.89 139.39 36.75
CA PRO HA 294 -48.52 138.15 37.25
C PRO HA 294 -47.51 137.14 37.76
N GLY HA 295 -46.33 137.06 37.14
CA GLY HA 295 -45.27 136.25 37.71
C GLY HA 295 -44.74 136.85 39.00
N LEU HA 296 -44.56 138.16 39.04
CA LEU HA 296 -44.02 138.82 40.22
C LEU HA 296 -45.05 138.94 41.34
N ARG HA 297 -46.31 139.20 40.98
CA ARG HA 297 -47.35 139.26 42.00
C ARG HA 297 -47.46 137.94 42.73
N ASN HA 298 -47.42 136.82 42.00
CA ASN HA 298 -47.37 135.51 42.65
C ASN HA 298 -46.06 135.32 43.40
N LYS HA 299 -44.95 135.79 42.81
CA LYS HA 299 -43.64 135.58 43.39
C LYS HA 299 -43.55 136.18 44.79
N LEU HA 300 -44.22 137.30 45.02
CA LEU HA 300 -44.25 137.85 46.38
C LEU HA 300 -45.55 137.52 47.12
N GLN HA 301 -46.58 137.02 46.44
CA GLN HA 301 -47.74 136.50 47.15
C GLN HA 301 -47.38 135.26 47.95
N SER HA 302 -46.55 134.39 47.38
CA SER HA 302 -46.05 133.26 48.15
C SER HA 302 -45.20 133.73 49.33
N GLN HA 303 -44.45 134.81 49.13
CA GLN HA 303 -43.70 135.40 50.22
C GLN HA 303 -44.62 135.86 51.34
N LEU HA 304 -45.72 136.53 50.99
CA LEU HA 304 -46.69 136.92 52.01
C LEU HA 304 -47.32 135.72 52.67
N LEU HA 305 -47.51 134.63 51.91
CA LEU HA 305 -48.06 133.40 52.48
C LEU HA 305 -47.13 132.84 53.54
N SER HA 306 -45.83 132.88 53.29
CA SER HA 306 -44.85 132.25 54.19
C SER HA 306 -44.77 132.94 55.55
N ILE HA 307 -45.37 134.12 55.68
CA ILE HA 307 -45.34 134.87 56.94
C ILE HA 307 -46.73 135.15 57.51
N GLU HA 308 -47.80 135.05 56.71
CA GLU HA 308 -49.14 135.35 57.22
C GLU HA 308 -49.49 134.55 58.45
N LYS HA 309 -48.93 133.34 58.60
CA LYS HA 309 -49.24 132.51 59.75
C LYS HA 309 -48.74 133.14 61.05
N GLU HA 310 -47.49 133.59 61.07
CA GLU HA 310 -46.94 134.24 62.25
C GLU HA 310 -47.48 135.65 62.42
N VAL HA 311 -47.85 136.30 61.32
CA VAL HA 311 -48.49 137.61 61.43
C VAL HA 311 -49.77 137.53 62.22
N GLU HA 312 -50.44 136.37 62.24
CA GLU HA 312 -51.63 136.20 63.06
C GLU HA 312 -51.32 136.39 64.53
N GLU HA 313 -50.26 135.76 65.02
CA GLU HA 313 -49.83 135.99 66.39
C GLU HA 313 -49.33 137.42 66.59
N TYR HA 314 -48.72 138.02 65.56
CA TYR HA 314 -48.11 139.33 65.75
C TYR HA 314 -49.04 140.54 65.62
N LYS HA 315 -50.23 140.43 65.01
CA LYS HA 315 -51.05 141.63 64.84
C LYS HA 315 -51.53 142.17 66.18
N ASN HA 316 -52.02 141.29 67.04
CA ASN HA 316 -52.60 141.71 68.32
C ASN HA 316 -51.82 141.01 69.42
N PHE HA 317 -50.69 141.59 69.77
CA PHE HA 317 -49.87 141.15 70.91
C PHE HA 317 -49.86 142.28 71.94
N ARG HA 318 -50.20 141.94 73.17
CA ARG HA 318 -50.09 142.88 74.27
C ARG HA 318 -49.30 142.23 75.40
N PRO HA 319 -48.32 142.91 75.96
CA PRO HA 319 -47.57 142.32 77.08
C PRO HA 319 -48.49 142.03 78.25
N ASP HA 320 -48.20 140.93 78.94
CA ASP HA 320 -48.92 140.41 80.11
C ASP HA 320 -50.22 139.71 79.74
N ASP HA 321 -50.45 139.39 78.48
CA ASP HA 321 -51.67 138.68 78.09
C ASP HA 321 -51.65 137.24 78.57
N PRO HA 322 -52.42 136.88 79.60
CA PRO HA 322 -52.34 135.51 80.13
C PRO HA 322 -52.72 134.45 79.10
N ALA HA 323 -53.69 134.73 78.24
CA ALA HA 323 -54.14 133.73 77.29
C ALA HA 323 -53.02 133.34 76.35
N ARG HA 324 -52.39 134.32 75.70
CA ARG HA 324 -51.30 134.01 74.78
C ARG HA 324 -50.12 133.42 75.54
N LYS HA 325 -49.79 133.96 76.71
CA LYS HA 325 -48.64 133.45 77.44
C LYS HA 325 -48.81 131.98 77.79
N THR HA 326 -49.96 131.62 78.38
CA THR HA 326 -50.18 130.23 78.77
C THR HA 326 -50.33 129.31 77.56
N LYS HA 327 -50.96 129.78 76.49
CA LYS HA 327 -51.05 128.95 75.29
C LYS HA 327 -49.67 128.66 74.72
N ALA HA 328 -48.81 129.68 74.67
CA ALA HA 328 -47.44 129.48 74.19
C ALA HA 328 -46.70 128.52 75.10
N LEU HA 329 -46.85 128.67 76.42
CA LEU HA 329 -46.19 127.77 77.35
C LEU HA 329 -46.61 126.32 77.11
N LEU HA 330 -47.92 126.10 76.95
CA LEU HA 330 -48.42 124.74 76.76
C LEU HA 330 -47.90 124.13 75.47
N GLN HA 331 -47.92 124.89 74.38
CA GLN HA 331 -47.42 124.32 73.13
C GLN HA 331 -45.92 124.09 73.17
N MET HA 332 -45.17 124.99 73.83
CA MET HA 332 -43.73 124.78 73.96
C MET HA 332 -43.43 123.50 74.73
N VAL HA 333 -44.16 123.28 75.83
CA VAL HA 333 -43.96 122.07 76.64
C VAL HA 333 -44.29 120.83 75.82
N GLN HA 334 -45.39 120.88 75.07
CA GLN HA 334 -45.78 119.71 74.30
C GLN HA 334 -44.75 119.38 73.24
N GLN HA 335 -44.23 120.39 72.54
CA GLN HA 335 -43.24 120.06 71.52
C GLN HA 335 -41.94 119.61 72.17
N PHE HA 336 -41.58 120.16 73.34
CA PHE HA 336 -40.41 119.66 74.04
C PHE HA 336 -40.53 118.18 74.36
N ALA HA 337 -41.68 117.79 74.89
CA ALA HA 337 -41.90 116.37 75.18
C ALA HA 337 -41.74 115.54 73.92
N VAL HA 338 -42.57 115.80 72.91
CA VAL HA 338 -42.57 114.93 71.73
C VAL HA 338 -41.20 114.91 71.06
N ASP HA 339 -40.45 116.01 71.13
CA ASP HA 339 -39.08 116.02 70.65
C ASP HA 339 -38.21 115.08 71.50
N PHE HA 340 -38.42 115.06 72.81
CA PHE HA 340 -37.63 114.19 73.67
C PHE HA 340 -37.85 112.73 73.33
N GLU HA 341 -39.12 112.31 73.20
CA GLU HA 341 -39.33 110.92 72.79
C GLU HA 341 -38.83 110.65 71.38
N LYS HA 342 -38.90 111.65 70.49
CA LYS HA 342 -38.37 111.46 69.15
C LYS HA 342 -36.86 111.21 69.19
N ARG HA 343 -36.16 111.91 70.07
CA ARG HA 343 -34.71 111.77 70.16
C ARG HA 343 -34.28 110.56 70.98
N ILE HA 344 -35.13 110.05 71.86
CA ILE HA 344 -34.73 108.91 72.68
C ILE HA 344 -35.23 107.62 72.06
N GLU HA 345 -36.56 107.44 71.98
CA GLU HA 345 -37.08 106.22 71.38
C GLU HA 345 -36.89 106.19 69.87
N GLY HA 346 -36.60 107.32 69.25
CA GLY HA 346 -36.50 107.37 67.81
C GLY HA 346 -37.82 107.14 67.10
N SER HA 347 -38.90 107.71 67.62
CA SER HA 347 -40.19 107.60 66.95
C SER HA 347 -40.09 108.17 65.54
N GLY HA 348 -40.56 107.42 64.56
CA GLY HA 348 -40.28 107.75 63.19
C GLY HA 348 -40.98 108.99 62.68
N ASP HA 349 -40.21 110.07 62.53
CA ASP HA 349 -40.54 111.25 61.76
C ASP HA 349 -39.35 112.20 61.84
N GLN HA 350 -39.21 113.04 60.80
CA GLN HA 350 -38.23 114.13 60.74
C GLN HA 350 -36.88 113.75 61.34
N ILE HA 351 -36.41 112.54 61.04
CA ILE HA 351 -35.23 111.99 61.70
C ILE HA 351 -33.98 112.59 61.07
N ASP HA 352 -33.12 113.17 61.91
CA ASP HA 352 -31.82 113.63 61.45
C ASP HA 352 -30.96 112.44 61.06
N THR HA 353 -30.29 112.55 59.92
CA THR HA 353 -29.40 111.50 59.42
C THR HA 353 -27.98 112.03 59.29
N TYR HA 354 -27.60 112.98 60.14
CA TYR HA 354 -26.31 113.63 60.06
C TYR HA 354 -25.37 113.23 61.19
N GLU HA 355 -25.90 112.93 62.37
CA GLU HA 355 -25.13 112.46 63.50
C GLU HA 355 -25.60 111.07 63.89
N LEU HA 356 -24.83 110.40 64.74
CA LEU HA 356 -25.23 109.08 65.22
C LEU HA 356 -26.57 109.15 65.93
N SER HA 357 -26.78 110.18 66.75
CA SER HA 357 -28.06 110.54 67.32
C SER HA 357 -27.86 111.79 68.17
N GLY HA 358 -28.96 112.33 68.65
CA GLY HA 358 -28.90 113.33 69.69
C GLY HA 358 -28.57 112.66 71.00
N GLY HA 359 -29.40 111.69 71.39
CA GLY HA 359 -29.11 110.92 72.59
C GLY HA 359 -29.52 109.46 72.53
N ALA HA 360 -29.76 108.93 71.34
CA ALA HA 360 -30.28 107.57 71.24
C ALA HA 360 -29.19 106.52 71.04
N ARG HA 361 -28.46 106.62 69.92
CA ARG HA 361 -27.35 105.70 69.70
C ARG HA 361 -26.09 106.08 70.47
N ILE HA 362 -25.92 107.36 70.81
CA ILE HA 362 -24.84 107.66 71.75
C ILE HA 362 -25.09 106.97 73.09
N ASN HA 363 -26.32 106.51 73.32
CA ASN HA 363 -26.68 105.79 74.54
C ASN HA 363 -26.66 104.28 74.34
N ARG HA 364 -27.27 103.78 73.26
CA ARG HA 364 -27.12 102.37 72.93
C ARG HA 364 -25.67 101.95 72.82
N ILE HA 365 -24.81 102.80 72.26
CA ILE HA 365 -23.41 102.42 72.16
C ILE HA 365 -22.79 102.35 73.53
N PHE HA 366 -23.30 103.11 74.51
CA PHE HA 366 -22.89 102.88 75.88
C PHE HA 366 -23.29 101.50 76.33
N HIS HA 367 -24.56 101.13 76.13
CA HIS HA 367 -25.05 99.84 76.63
C HIS HA 367 -24.34 98.64 76.02
N GLU HA 368 -23.97 98.69 74.73
CA GLU HA 368 -23.21 97.62 74.11
C GLU HA 368 -21.78 98.01 73.73
N ARG HA 369 -21.19 98.95 74.47
CA ARG HA 369 -19.76 99.19 74.48
C ARG HA 369 -19.15 99.02 75.86
N PHE HA 370 -19.92 99.27 76.92
CA PHE HA 370 -19.58 98.97 78.31
C PHE HA 370 -18.91 97.59 78.49
N PRO HA 371 -19.30 96.57 77.72
CA PRO HA 371 -18.49 95.34 77.71
C PRO HA 371 -17.02 95.58 77.45
N PHE HA 372 -16.67 96.64 76.70
CA PHE HA 372 -15.25 96.97 76.57
C PHE HA 372 -14.64 97.31 77.92
N GLU HA 373 -15.38 98.06 78.75
CA GLU HA 373 -14.90 98.34 80.10
C GLU HA 373 -14.74 97.06 80.91
N LEU HA 374 -15.77 96.19 80.87
CA LEU HA 374 -15.69 94.97 81.67
C LEU HA 374 -14.52 94.10 81.24
N VAL HA 375 -14.26 94.00 79.94
CA VAL HA 375 -13.09 93.26 79.48
C VAL HA 375 -11.81 93.98 79.88
N LYS HA 376 -11.82 95.31 79.82
CA LYS HA 376 -10.65 96.10 80.18
C LYS HA 376 -10.35 96.04 81.66
N MET HA 377 -11.22 95.43 82.45
CA MET HA 377 -10.86 95.09 83.82
C MET HA 377 -9.60 94.21 83.80
N GLU HA 378 -8.96 94.07 84.97
CA GLU HA 378 -7.59 93.59 85.07
C GLU HA 378 -7.26 92.34 84.26
N PHE HA 379 -7.84 91.19 84.58
CA PHE HA 379 -7.70 89.93 83.84
C PHE HA 379 -6.24 89.52 83.57
N ASP HA 380 -5.24 90.16 84.18
CA ASP HA 380 -3.85 89.89 83.80
C ASP HA 380 -2.97 89.66 85.03
N GLU HA 381 -2.92 88.42 85.49
CA GLU HA 381 -1.99 87.92 86.51
C GLU HA 381 -2.00 86.40 86.51
N LYS HA 382 -0.87 85.83 86.89
CA LYS HA 382 -0.81 84.50 87.47
C LYS HA 382 -0.78 84.53 88.98
N GLU HA 383 -0.71 85.73 89.57
CA GLU HA 383 -0.80 85.89 91.01
C GLU HA 383 -2.11 85.37 91.55
N LEU HA 384 -3.14 85.27 90.70
CA LEU HA 384 -4.40 84.67 91.12
C LEU HA 384 -4.21 83.25 91.63
N ARG HA 385 -3.27 82.49 91.04
CA ARG HA 385 -3.02 81.14 91.51
C ARG HA 385 -2.52 81.12 92.94
N ARG HA 386 -1.56 82.01 93.27
CA ARG HA 386 -1.13 82.14 94.66
C ARG HA 386 -2.27 82.60 95.54
N GLU HA 387 -3.08 83.52 95.03
CA GLU HA 387 -4.19 84.08 95.79
C GLU HA 387 -5.19 83.01 96.18
N ILE HA 388 -5.40 82.03 95.30
CA ILE HA 388 -6.35 80.97 95.61
C ILE HA 388 -5.68 79.82 96.36
N SER HA 389 -4.37 79.63 96.19
CA SER HA 389 -3.66 78.65 96.99
C SER HA 389 -3.68 79.03 98.46
N TYR HA 390 -3.54 80.32 98.76
CA TYR HA 390 -3.65 80.74 100.16
C TYR HA 390 -5.06 80.49 100.70
N ALA HA 391 -6.09 80.67 99.87
CA ALA HA 391 -7.44 80.35 100.31
C ALA HA 391 -7.58 78.87 100.62
N ILE HA 392 -7.02 78.02 99.75
CA ILE HA 392 -6.97 76.58 100.03
C ILE HA 392 -6.32 76.33 101.37
N LYS HA 393 -5.17 76.96 101.60
CA LYS HA 393 -4.39 76.68 102.79
C LYS HA 393 -4.99 77.26 104.06
N ASN HA 394 -5.92 78.20 103.93
CA ASN HA 394 -6.60 78.74 105.11
C ASN HA 394 -7.88 77.99 105.43
N ILE HA 395 -8.66 77.56 104.43
CA ILE HA 395 -9.85 76.76 104.75
C ILE HA 395 -9.57 75.28 104.91
N HIS HA 396 -8.33 74.85 104.63
CA HIS HA 396 -7.88 73.54 105.10
C HIS HA 396 -7.11 73.68 106.40
N GLY HA 397 -7.56 74.62 107.23
CA GLY HA 397 -6.80 75.15 108.35
C GLY HA 397 -5.96 74.18 109.13
N ILE HA 398 -6.58 73.13 109.67
CA ILE HA 398 -5.88 72.12 110.44
C ILE HA 398 -6.00 70.74 109.79
N ARG HA 399 -7.22 70.35 109.42
CA ARG HA 399 -7.44 69.05 108.80
C ARG HA 399 -6.68 68.97 107.48
N THR HA 400 -6.60 67.77 106.92
CA THR HA 400 -5.58 67.53 105.92
C THR HA 400 -6.04 66.55 104.86
N GLY HA 401 -5.38 66.63 103.70
CA GLY HA 401 -5.33 65.57 102.72
C GLY HA 401 -6.59 65.30 101.95
N LEU HA 402 -7.57 66.18 102.00
CA LEU HA 402 -8.82 65.94 101.30
C LEU HA 402 -8.88 66.72 100.00
N PHE HA 403 -9.88 66.37 99.19
CA PHE HA 403 -9.89 66.59 97.75
C PHE HA 403 -9.62 68.02 97.34
N THR HA 404 -10.60 68.90 97.61
CA THR HA 404 -10.64 70.33 97.30
C THR HA 404 -11.79 70.95 98.09
N PRO HA 405 -11.57 72.12 98.68
CA PRO HA 405 -12.68 72.83 99.33
C PRO HA 405 -13.37 73.79 98.37
N ASP HA 406 -14.70 73.76 98.36
CA ASP HA 406 -15.45 74.60 97.41
C ASP HA 406 -15.49 76.06 97.85
N MET HA 407 -15.39 76.33 99.14
CA MET HA 407 -15.46 77.72 99.53
C MET HA 407 -14.22 78.49 99.06
N ALA HA 408 -13.16 77.81 98.64
CA ALA HA 408 -12.08 78.51 97.97
C ALA HA 408 -12.56 79.17 96.70
N PHE HA 409 -13.23 78.40 95.84
CA PHE HA 409 -13.89 78.95 94.66
C PHE HA 409 -14.86 80.05 95.05
N GLU HA 410 -15.61 79.84 96.12
CA GLU HA 410 -16.56 80.84 96.59
C GLU HA 410 -15.87 82.16 96.89
N THR HA 411 -14.83 82.12 97.72
CA THR HA 411 -14.16 83.34 98.15
C THR HA 411 -13.49 84.03 96.98
N ILE HA 412 -12.93 83.25 96.05
CA ILE HA 412 -12.22 83.86 94.94
C ILE HA 412 -13.19 84.56 93.99
N VAL HA 413 -14.33 83.93 93.70
CA VAL HA 413 -15.29 84.63 92.86
C VAL HA 413 -15.88 85.83 93.58
N LYS HA 414 -16.07 85.74 94.90
CA LYS HA 414 -16.54 86.91 95.64
C LYS HA 414 -15.53 88.04 95.61
N LYS HA 415 -14.24 87.74 95.54
CA LYS HA 415 -13.22 88.76 95.40
C LYS HA 415 -13.14 89.30 93.97
N GLN HA 416 -13.40 88.47 92.98
CA GLN HA 416 -13.33 88.90 91.59
C GLN HA 416 -14.50 89.79 91.21
N VAL HA 417 -15.72 89.44 91.66
CA VAL HA 417 -16.90 90.19 91.25
C VAL HA 417 -17.17 91.39 92.15
N LYS HA 418 -16.31 91.66 93.13
CA LYS HA 418 -16.48 92.88 93.93
C LYS HA 418 -15.90 94.09 93.24
N LYS HA 419 -15.07 93.90 92.20
CA LYS HA 419 -14.55 95.03 91.44
C LYS HA 419 -15.34 95.32 90.19
N ILE HA 420 -16.41 94.55 89.91
CA ILE HA 420 -17.36 94.93 88.87
C ILE HA 420 -18.13 96.18 89.28
N ARG HA 421 -18.10 96.51 90.58
CA ARG HA 421 -18.87 97.65 91.08
C ARG HA 421 -18.42 98.97 90.48
N GLU HA 422 -17.18 99.07 90.01
CA GLU HA 422 -16.70 100.34 89.45
C GLU HA 422 -17.16 100.55 88.01
N PRO HA 423 -16.98 99.58 87.10
CA PRO HA 423 -17.43 99.83 85.72
C PRO HA 423 -18.92 100.09 85.58
N CYS HA 424 -19.75 99.45 86.38
CA CYS HA 424 -21.19 99.68 86.28
C CYS HA 424 -21.55 101.11 86.69
N LEU HA 425 -20.97 101.59 87.80
CA LEU HA 425 -21.19 102.97 88.20
C LEU HA 425 -20.62 103.94 87.17
N LYS HA 426 -19.51 103.59 86.54
CA LYS HA 426 -18.96 104.44 85.48
C LYS HA 426 -19.90 104.51 84.28
N CYS HA 427 -20.52 103.38 83.92
CA CYS HA 427 -21.50 103.40 82.84
C CYS HA 427 -22.72 104.23 83.20
N VAL HA 428 -23.16 104.14 84.47
CA VAL HA 428 -24.28 104.97 84.91
C VAL HA 428 -23.91 106.45 84.79
N ASP HA 429 -22.69 106.80 85.17
CA ASP HA 429 -22.23 108.17 85.02
C ASP HA 429 -22.21 108.61 83.56
N MET HA 430 -21.77 107.71 82.67
CA MET HA 430 -21.75 108.04 81.25
C MET HA 430 -23.15 108.26 80.71
N VAL HA 431 -24.10 107.41 81.09
CA VAL HA 431 -25.48 107.57 80.65
C VAL HA 431 -26.03 108.90 81.15
N ILE HA 432 -25.74 109.24 82.41
CA ILE HA 432 -26.14 110.55 82.94
C ILE HA 432 -25.55 111.65 82.08
N SER HA 433 -24.24 111.61 81.83
CA SER HA 433 -23.56 112.69 81.14
C SER HA 433 -24.04 112.82 79.70
N GLU HA 434 -24.60 111.75 79.14
CA GLU HA 434 -25.05 111.84 77.75
C GLU HA 434 -26.50 112.30 77.67
N LEU HA 435 -27.37 111.74 78.51
CA LEU HA 435 -28.77 112.16 78.49
C LEU HA 435 -28.93 113.60 78.94
N ILE HA 436 -28.14 114.03 79.94
CA ILE HA 436 -28.30 115.39 80.42
C ILE HA 436 -27.83 116.39 79.38
N SER HA 437 -26.98 115.97 78.45
CA SER HA 437 -26.60 116.81 77.32
C SER HA 437 -27.63 116.75 76.21
N THR HA 438 -28.28 115.61 76.02
CA THR HA 438 -29.34 115.52 75.03
C THR HA 438 -30.54 116.40 75.42
N VAL HA 439 -30.84 116.48 76.72
CA VAL HA 439 -31.88 117.40 77.17
C VAL HA 439 -31.52 118.83 76.79
N ARG HA 440 -30.25 119.21 76.98
CA ARG HA 440 -29.81 120.54 76.55
C ARG HA 440 -29.93 120.69 75.04
N GLN HA 441 -29.61 119.64 74.29
CA GLN HA 441 -29.68 119.71 72.84
C GLN HA 441 -31.12 119.91 72.36
N CYS HA 442 -32.09 119.36 73.08
CA CYS HA 442 -33.49 119.51 72.68
C CYS HA 442 -34.20 120.66 73.38
N THR HA 443 -33.51 121.38 74.27
CA THR HA 443 -34.04 122.62 74.82
C THR HA 443 -33.41 123.88 74.25
N LYS HA 444 -32.16 123.82 73.79
CA LYS HA 444 -31.51 125.03 73.31
C LYS HA 444 -32.11 125.53 72.00
N LYS HA 445 -32.49 124.62 71.11
CA LYS HA 445 -32.84 125.01 69.76
C LYS HA 445 -34.33 125.29 69.59
N LEU HA 446 -35.19 124.57 70.30
CA LEU HA 446 -36.62 124.87 70.23
C LEU HA 446 -36.95 126.14 70.98
N GLN HA 447 -36.30 126.36 72.12
CA GLN HA 447 -36.66 127.47 73.02
C GLN HA 447 -35.86 128.72 72.63
N GLN HA 448 -36.50 129.62 71.89
CA GLN HA 448 -35.97 130.97 71.77
C GLN HA 448 -36.14 131.73 73.07
N TYR HA 449 -37.12 131.33 73.89
CA TYR HA 449 -37.44 132.07 75.09
C TYR HA 449 -36.27 132.04 76.06
N PRO HA 450 -35.95 133.15 76.70
CA PRO HA 450 -35.04 133.12 77.84
C PRO HA 450 -35.77 132.73 79.12
N ARG HA 451 -35.03 132.06 80.00
CA ARG HA 451 -35.49 131.62 81.31
C ARG HA 451 -36.46 130.46 81.22
N LEU HA 452 -37.00 130.20 80.03
CA LEU HA 452 -37.82 129.00 79.83
C LEU HA 452 -37.02 127.84 79.25
N ARG HA 453 -35.85 128.12 78.70
CA ARG HA 453 -34.83 127.10 78.49
C ARG HA 453 -33.95 126.93 79.72
N GLU HA 454 -34.19 127.74 80.76
CA GLU HA 454 -33.47 127.63 82.01
C GLU HA 454 -34.28 126.86 83.06
N GLU HA 455 -35.54 127.25 83.30
CA GLU HA 455 -36.37 126.53 84.24
C GLU HA 455 -36.61 125.10 83.78
N MET HA 456 -36.83 124.91 82.49
CA MET HA 456 -37.07 123.57 81.94
C MET HA 456 -35.85 122.68 82.15
N GLU HA 457 -34.67 123.18 81.76
CA GLU HA 457 -33.45 122.41 81.95
C GLU HA 457 -33.20 122.14 83.42
N ARG HA 458 -33.41 123.13 84.28
CA ARG HA 458 -33.20 122.94 85.71
C ARG HA 458 -34.08 121.83 86.25
N ILE HA 459 -35.38 121.88 85.95
CA ILE HA 459 -36.31 120.89 86.49
C ILE HA 459 -35.95 119.49 85.98
N VAL HA 460 -35.76 119.36 84.67
CA VAL HA 460 -35.49 118.03 84.11
C VAL HA 460 -34.17 117.48 84.65
N THR HA 461 -33.15 118.33 84.73
CA THR HA 461 -31.84 117.87 85.19
C THR HA 461 -31.88 117.51 86.68
N THR HA 462 -32.64 118.26 87.49
CA THR HA 462 -32.77 117.88 88.88
C THR HA 462 -33.49 116.55 89.03
N HIS HA 463 -34.50 116.31 88.20
CA HIS HA 463 -35.16 115.00 88.26
C HIS HA 463 -34.20 113.88 87.87
N ILE HA 464 -33.37 114.11 86.84
CA ILE HA 464 -32.43 113.10 86.41
C ILE HA 464 -31.40 112.82 87.49
N ARG HA 465 -30.89 113.87 88.13
CA ARG HA 465 -29.91 113.69 89.20
C ARG HA 465 -30.54 113.18 90.48
N GLU HA 466 -31.87 113.26 90.60
CA GLU HA 466 -32.54 112.55 91.68
C GLU HA 466 -32.64 111.06 91.36
N ARG HA 467 -32.85 110.73 90.08
CA ARG HA 467 -32.97 109.32 89.71
C ARG HA 467 -31.63 108.61 89.69
N GLU HA 468 -30.52 109.35 89.53
CA GLU HA 468 -29.23 108.68 89.48
C GLU HA 468 -28.90 108.01 90.80
N GLY HA 469 -29.33 108.61 91.92
CA GLY HA 469 -29.11 107.96 93.20
C GLY HA 469 -29.82 106.63 93.29
N ARG HA 470 -31.09 106.59 92.88
CA ARG HA 470 -31.84 105.33 92.94
C ARG HA 470 -31.22 104.28 92.02
N THR HA 471 -30.82 104.68 90.81
CA THR HA 471 -30.27 103.66 89.91
C THR HA 471 -28.91 103.16 90.38
N LYS HA 472 -28.08 104.04 90.96
CA LYS HA 472 -26.83 103.56 91.52
C LYS HA 472 -27.07 102.64 92.70
N GLU HA 473 -28.05 102.96 93.54
CA GLU HA 473 -28.41 102.06 94.63
C GLU HA 473 -28.83 100.70 94.11
N GLN HA 474 -29.64 100.67 93.06
CA GLN HA 474 -30.10 99.39 92.52
C GLN HA 474 -28.95 98.61 91.90
N VAL HA 475 -28.00 99.29 91.26
CA VAL HA 475 -26.86 98.58 90.70
C VAL HA 475 -25.99 97.99 91.81
N MET HA 476 -25.75 98.76 92.87
CA MET HA 476 -24.98 98.24 93.99
C MET HA 476 -25.69 97.04 94.62
N LEU HA 477 -27.02 97.12 94.76
CA LEU HA 477 -27.76 96.02 95.37
C LEU HA 477 -27.80 94.81 94.44
N LEU HA 478 -27.77 95.02 93.13
CA LEU HA 478 -27.62 93.89 92.21
C LEU HA 478 -26.28 93.20 92.41
N ILE HA 479 -25.21 93.97 92.57
CA ILE HA 479 -23.92 93.36 92.85
C ILE HA 479 -23.95 92.61 94.17
N ASP HA 480 -24.53 93.22 95.20
CA ASP HA 480 -24.61 92.56 96.50
C ASP HA 480 -25.51 91.34 96.50
N ILE HA 481 -26.45 91.24 95.55
CA ILE HA 481 -27.17 89.98 95.34
C ILE HA 481 -26.27 88.97 94.65
N GLU HA 482 -25.47 89.40 93.68
CA GLU HA 482 -24.60 88.45 93.00
C GLU HA 482 -23.46 87.97 93.88
N LEU HA 483 -23.23 88.61 95.02
CA LEU HA 483 -22.35 88.07 96.06
C LEU HA 483 -23.12 87.31 97.14
N ALA HA 484 -24.13 86.54 96.79
CA ALA HA 484 -24.90 85.84 97.82
C ALA HA 484 -24.91 84.33 97.68
N TYR HA 485 -25.07 83.79 96.47
CA TYR HA 485 -25.27 82.35 96.40
C TYR HA 485 -24.22 81.64 95.56
N MET HA 486 -23.76 82.24 94.47
CA MET HA 486 -22.72 81.65 93.62
C MET HA 486 -23.17 80.30 93.08
N ASN HA 487 -24.20 80.35 92.24
CA ASN HA 487 -24.84 79.12 91.78
C ASN HA 487 -23.90 78.29 90.91
N THR HA 488 -24.16 76.98 90.89
CA THR HA 488 -23.43 76.07 90.04
C THR HA 488 -24.36 75.22 89.19
N ASN HA 489 -25.66 75.20 89.49
CA ASN HA 489 -26.63 74.47 88.69
C ASN HA 489 -26.84 75.10 87.32
N HIS HA 490 -26.30 76.29 87.08
CA HIS HA 490 -26.41 76.95 85.79
C HIS HA 490 -25.51 76.24 84.78
N GLU HA 491 -25.40 76.80 83.58
CA GLU HA 491 -24.70 76.19 82.47
C GLU HA 491 -23.18 76.28 82.56
N ASP HA 492 -22.58 76.63 83.70
CA ASP HA 492 -21.16 76.41 83.86
C ASP HA 492 -20.88 74.91 84.02
N PHE HA 493 -19.80 74.44 83.41
CA PHE HA 493 -19.47 73.03 83.48
C PHE HA 493 -18.77 72.72 84.80
N ILE HA 494 -19.20 71.63 85.43
CA ILE HA 494 -18.67 71.24 86.74
C ILE HA 494 -17.44 70.36 86.56
N ASP HA 652 4.60 69.83 93.55
CA ASP HA 652 3.19 69.83 93.15
C ASP HA 652 2.35 68.90 94.03
N PRO HA 653 2.32 69.18 95.33
CA PRO HA 653 1.60 68.28 96.24
C PRO HA 653 0.09 68.47 96.14
N GLN HA 654 -0.50 67.90 95.08
CA GLN HA 654 -1.92 68.04 94.77
C GLN HA 654 -2.25 69.49 94.43
N LEU HA 655 -1.26 70.38 94.50
CA LEU HA 655 -1.50 71.78 94.19
C LEU HA 655 -1.77 71.98 92.71
N GLU HA 656 -0.92 71.41 91.85
CA GLU HA 656 -1.16 71.54 90.42
C GLU HA 656 -2.44 70.83 89.98
N ARG HA 657 -3.13 70.17 90.90
CA ARG HA 657 -4.45 69.60 90.64
C ARG HA 657 -5.57 70.47 91.20
N GLN HA 658 -5.36 71.08 92.36
CA GLN HA 658 -6.40 71.87 93.02
C GLN HA 658 -6.41 73.32 92.54
N VAL HA 659 -5.25 73.97 92.52
CA VAL HA 659 -5.18 75.38 92.15
C VAL HA 659 -5.63 75.58 90.71
N GLU HA 660 -5.21 74.70 89.80
CA GLU HA 660 -5.59 74.85 88.40
C GLU HA 660 -7.07 74.61 88.21
N THR HA 661 -7.63 73.61 88.91
CA THR HA 661 -9.06 73.36 88.83
C THR HA 661 -9.86 74.55 89.35
N ILE HA 662 -9.43 75.13 90.46
CA ILE HA 662 -10.12 76.29 91.01
C ILE HA 662 -10.05 77.45 90.02
N ARG HA 663 -8.89 77.67 89.39
CA ARG HA 663 -8.79 78.74 88.41
C ARG HA 663 -9.70 78.50 87.22
N ASN HA 664 -9.72 77.27 86.71
CA ASN HA 664 -10.52 76.98 85.52
C ASN HA 664 -12.01 76.92 85.83
N LEU HA 665 -12.39 76.89 87.10
CA LEU HA 665 -13.80 77.06 87.46
C LEU HA 665 -14.15 78.51 87.75
N VAL HA 666 -13.22 79.27 88.34
CA VAL HA 666 -13.45 80.70 88.53
C VAL HA 666 -13.64 81.39 87.19
N ASP HA 667 -12.82 81.03 86.20
CA ASP HA 667 -13.01 81.63 84.87
C ASP HA 667 -14.36 81.24 84.28
N SER HA 668 -14.75 79.97 84.45
CA SER HA 668 -16.01 79.49 83.89
C SER HA 668 -17.21 80.14 84.55
N TYR HA 669 -17.07 80.61 85.79
CA TYR HA 669 -18.15 81.34 86.42
C TYR HA 669 -18.06 82.85 86.21
N MET HA 670 -16.86 83.39 85.98
CA MET HA 670 -16.74 84.79 85.62
C MET HA 670 -17.35 85.05 84.26
N ALA HA 671 -17.23 84.10 83.33
CA ALA HA 671 -17.94 84.24 82.06
C ALA HA 671 -19.43 84.45 82.29
N ILE HA 672 -20.04 83.62 83.15
CA ILE HA 672 -21.48 83.70 83.35
C ILE HA 672 -21.86 84.96 84.10
N VAL HA 673 -21.11 85.34 85.13
CA VAL HA 673 -21.50 86.53 85.89
C VAL HA 673 -21.34 87.77 85.02
N ASN HA 674 -20.29 87.82 84.20
CA ASN HA 674 -20.13 88.94 83.28
C ASN HA 674 -21.28 88.99 82.29
N LYS HA 675 -21.69 87.84 81.75
CA LYS HA 675 -22.81 87.83 80.81
C LYS HA 675 -24.09 88.30 81.47
N THR HA 676 -24.36 87.84 82.68
CA THR HA 676 -25.61 88.20 83.33
C THR HA 676 -25.57 89.56 84.00
N VAL HA 677 -24.42 90.24 84.01
CA VAL HA 677 -24.43 91.64 84.42
C VAL HA 677 -24.52 92.52 83.18
N ARG HA 678 -23.92 92.08 82.07
CA ARG HA 678 -24.04 92.86 80.84
C ARG HA 678 -25.46 92.82 80.29
N ASP HA 679 -26.15 91.69 80.45
CA ASP HA 679 -27.51 91.57 79.96
C ASP HA 679 -28.53 92.25 80.86
N LEU HA 680 -28.14 92.63 82.09
CA LEU HA 680 -29.07 93.16 83.06
C LEU HA 680 -28.82 94.60 83.46
N MET HA 681 -27.61 95.11 83.30
CA MET HA 681 -27.33 96.46 83.79
C MET HA 681 -27.99 97.54 82.91
N PRO HA 682 -28.05 97.38 81.59
CA PRO HA 682 -28.88 98.32 80.81
C PRO HA 682 -30.34 98.35 81.26
N LYS HA 683 -30.91 97.19 81.56
CA LYS HA 683 -32.33 97.15 81.91
C LYS HA 683 -32.62 97.93 83.17
N THR HA 684 -31.76 97.80 84.19
CA THR HA 684 -32.05 98.46 85.46
C THR HA 684 -31.95 99.97 85.35
N ILE HA 685 -30.92 100.47 84.68
CA ILE HA 685 -30.81 101.91 84.51
C ILE HA 685 -31.94 102.43 83.65
N MET HA 686 -32.35 101.66 82.64
CA MET HA 686 -33.34 102.19 81.72
C MET HA 686 -34.76 101.95 82.19
N HIS HA 687 -34.95 101.21 83.28
CA HIS HA 687 -36.21 101.21 84.00
C HIS HA 687 -36.28 102.23 85.13
N LEU HA 688 -35.15 102.56 85.75
CA LEU HA 688 -35.18 103.50 86.87
C LEU HA 688 -34.94 104.93 86.45
N MET HA 689 -34.31 105.16 85.29
CA MET HA 689 -33.94 106.50 84.85
C MET HA 689 -34.64 106.89 83.56
N ILE HA 690 -34.46 106.12 82.49
CA ILE HA 690 -34.97 106.50 81.18
C ILE HA 690 -36.49 106.54 81.20
N ASN HA 691 -37.10 105.39 81.45
CA ASN HA 691 -38.55 105.26 81.43
C ASN HA 691 -39.21 105.86 82.66
N ASN HA 692 -38.45 106.56 83.51
CA ASN HA 692 -39.05 107.35 84.57
C ASN HA 692 -38.94 108.83 84.34
N THR HA 693 -37.80 109.33 83.86
CA THR HA 693 -37.74 110.73 83.46
C THR HA 693 -38.58 110.98 82.23
N LYS HA 694 -38.75 109.98 81.36
CA LYS HA 694 -39.63 110.13 80.22
C LYS HA 694 -41.08 110.27 80.68
N GLU HA 695 -41.48 109.44 81.64
CA GLU HA 695 -42.84 109.55 82.20
C GLU HA 695 -43.01 110.88 82.91
N PHE HA 696 -41.97 111.34 83.61
CA PHE HA 696 -42.03 112.65 84.27
C PHE HA 696 -42.23 113.76 83.25
N ILE HA 697 -41.54 113.66 82.11
CA ILE HA 697 -41.72 114.63 81.03
C ILE HA 697 -43.15 114.60 80.51
N PHE HA 698 -43.72 113.40 80.32
CA PHE HA 698 -45.14 113.35 79.95
C PHE HA 698 -46.03 114.04 80.97
N SER HA 699 -45.92 113.67 82.24
CA SER HA 699 -47.05 113.84 83.14
C SER HA 699 -46.82 114.76 84.32
N GLU HA 700 -45.66 115.38 84.47
CA GLU HA 700 -45.46 116.27 85.61
C GLU HA 700 -44.75 117.57 85.27
N LEU HA 701 -44.16 117.70 84.07
CA LEU HA 701 -43.34 118.87 83.79
C LEU HA 701 -44.12 120.17 83.86
N LEU HA 702 -45.34 120.17 83.34
CA LEU HA 702 -46.13 121.40 83.37
C LEU HA 702 -46.58 121.74 84.78
N ALA HA 703 -46.88 120.74 85.61
CA ALA HA 703 -47.40 121.00 86.94
C ALA HA 703 -46.41 121.78 87.79
N ASN HA 704 -45.15 121.37 87.79
CA ASN HA 704 -44.15 122.09 88.56
C ASN HA 704 -43.54 123.25 87.78
N LEU HA 705 -43.66 123.24 86.45
CA LEU HA 705 -43.21 124.40 85.68
C LEU HA 705 -44.10 125.60 85.94
N TYR HA 706 -45.41 125.37 86.13
CA TYR HA 706 -46.29 126.44 86.57
C TYR HA 706 -45.88 126.99 87.93
N SER HA 707 -45.41 126.14 88.82
CA SER HA 707 -45.15 126.53 90.20
C SER HA 707 -43.82 127.24 90.38
N CYS HA 708 -42.79 126.80 89.65
CA CYS HA 708 -41.48 127.41 89.80
C CYS HA 708 -41.47 128.81 89.18
N GLY HA 709 -40.91 129.75 89.91
CA GLY HA 709 -40.83 131.12 89.43
C GLY HA 709 -42.11 131.90 89.65
N ASP HA 710 -42.30 132.90 88.79
CA ASP HA 710 -43.45 133.81 88.92
C ASP HA 710 -44.69 133.28 88.23
N GLN HA 711 -44.53 132.49 87.16
CA GLN HA 711 -45.60 132.05 86.28
C GLN HA 711 -46.15 133.22 85.49
N ASN HA 712 -45.67 134.42 85.79
CA ASN HA 712 -46.03 135.64 85.06
C ASN HA 712 -44.82 136.27 84.38
N THR HA 713 -43.73 136.49 85.11
CA THR HA 713 -42.49 136.94 84.49
C THR HA 713 -41.67 135.75 84.03
N LEU HA 714 -42.34 134.84 83.33
CA LEU HA 714 -41.73 133.71 82.66
C LEU HA 714 -42.11 133.80 81.20
N MET HA 715 -41.33 133.13 80.34
CA MET HA 715 -41.50 133.18 78.90
C MET HA 715 -41.63 134.64 78.40
N GLU HA 716 -40.69 135.45 78.86
CA GLU HA 716 -40.56 136.82 78.39
C GLU HA 716 -39.76 136.82 77.09
N GLU HA 717 -40.18 137.64 76.15
CA GLU HA 717 -39.53 137.68 74.84
C GLU HA 717 -38.08 138.10 74.98
N SER HA 718 -37.18 137.30 74.42
CA SER HA 718 -35.79 137.73 74.28
C SER HA 718 -35.73 138.93 73.37
N ALA HA 719 -34.75 139.81 73.63
CA ALA HA 719 -34.61 141.03 72.83
C ALA HA 719 -34.54 140.71 71.34
N GLU HA 720 -33.92 139.59 70.98
CA GLU HA 720 -33.88 139.18 69.59
C GLU HA 720 -35.28 138.97 69.02
N GLN HA 721 -36.13 138.27 69.76
CA GLN HA 721 -37.51 138.06 69.31
C GLN HA 721 -38.30 139.36 69.31
N ALA HA 722 -38.05 140.23 70.28
CA ALA HA 722 -38.75 141.50 70.33
C ALA HA 722 -38.44 142.37 69.12
N GLN HA 723 -37.18 142.40 68.70
CA GLN HA 723 -36.81 143.15 67.51
C GLN HA 723 -37.09 142.39 66.22
N ARG HA 724 -37.34 141.08 66.30
CA ARG HA 724 -37.69 140.30 65.13
C ARG HA 724 -39.17 140.44 64.78
N ARG HA 725 -40.03 140.45 65.79
CA ARG HA 725 -41.47 140.57 65.52
C ARG HA 725 -41.79 141.90 64.86
N ASP HA 726 -41.14 142.98 65.29
CA ASP HA 726 -41.41 144.29 64.72
C ASP HA 726 -41.08 144.33 63.24
N GLU HA 727 -39.91 143.80 62.87
CA GLU HA 727 -39.54 143.82 61.46
C GLU HA 727 -40.40 142.87 60.65
N MET HA 728 -40.77 141.72 61.22
CA MET HA 728 -41.64 140.79 60.50
C MET HA 728 -43.07 141.30 60.37
N LEU HA 729 -43.46 142.28 61.17
CA LEU HA 729 -44.76 142.92 61.02
C LEU HA 729 -44.70 144.08 60.03
N ARG HA 730 -43.64 144.88 60.06
CA ARG HA 730 -43.52 145.94 59.08
C ARG HA 730 -43.32 145.37 57.68
N MET HA 731 -42.69 144.20 57.56
CA MET HA 731 -42.59 143.55 56.26
C MET HA 731 -43.96 143.09 55.78
N TYR HA 732 -44.82 142.63 56.70
CA TYR HA 732 -46.19 142.32 56.33
C TYR HA 732 -46.91 143.55 55.78
N HIS HA 733 -46.77 144.68 56.48
CA HIS HA 733 -47.41 145.90 56.01
C HIS HA 733 -46.88 146.31 54.64
N ALA HA 734 -45.57 146.22 54.44
CA ALA HA 734 -44.97 146.60 53.16
C ALA HA 734 -45.44 145.68 52.03
N LEU HA 735 -45.53 144.37 52.30
CA LEU HA 735 -46.01 143.45 51.28
C LEU HA 735 -47.46 143.74 50.93
N LYS HA 736 -48.29 144.03 51.94
CA LYS HA 736 -49.67 144.41 51.67
C LYS HA 736 -49.74 145.65 50.79
N GLU HA 737 -48.91 146.64 51.08
CA GLU HA 737 -48.90 147.87 50.27
C GLU HA 737 -48.43 147.58 48.84
N ALA HA 738 -47.43 146.72 48.68
CA ALA HA 738 -46.96 146.39 47.34
C ALA HA 738 -48.04 145.69 46.53
N LEU HA 739 -48.76 144.76 47.16
CA LEU HA 739 -49.87 144.11 46.46
C LEU HA 739 -50.97 145.10 46.13
N SER HA 740 -51.23 146.06 47.02
CA SER HA 740 -52.21 147.09 46.71
C SER HA 740 -51.80 147.90 45.50
N ILE HA 741 -50.52 148.26 45.41
CA ILE HA 741 -50.05 149.03 44.26
C ILE HA 741 -50.12 148.22 42.99
N ILE HA 742 -49.81 146.91 43.06
CA ILE HA 742 -49.92 146.07 41.89
C ILE HA 742 -51.37 146.01 41.40
N GLY HA 743 -52.30 145.87 42.34
CA GLY HA 743 -53.72 145.91 41.96
C GLY HA 743 -54.11 147.24 41.34
N ASN HA 744 -53.62 148.34 41.90
CA ASN HA 744 -53.95 149.65 41.35
C ASN HA 744 -53.40 149.83 39.94
N ILE HA 745 -52.18 149.38 39.69
CA ILE HA 745 -51.60 149.53 38.36
C ILE HA 745 -52.29 148.58 37.36
N ASN HA 746 -52.73 147.42 37.82
CA ASN HA 746 -53.51 146.55 36.94
C ASN HA 746 -54.86 147.19 36.60
N THR HA 747 -55.47 147.88 37.56
CA THR HA 747 -56.67 148.65 37.26
C THR HA 747 -56.37 149.75 36.25
N THR HA 748 -55.23 150.44 36.42
CA THR HA 748 -54.79 151.50 35.52
C THR HA 748 -55.85 152.58 35.36
N ILE IA 10 -28.20 135.83 107.59
CA ILE IA 10 -27.10 135.35 106.77
C ILE IA 10 -27.62 134.35 105.74
N PRO IA 11 -27.05 134.38 104.54
CA PRO IA 11 -27.57 133.53 103.47
C PRO IA 11 -27.39 132.04 103.75
N LEU IA 12 -28.38 131.27 103.29
CA LEU IA 12 -28.38 129.83 103.52
C LEU IA 12 -27.26 129.14 102.75
N VAL IA 13 -26.81 129.71 101.63
CA VAL IA 13 -25.66 129.14 100.95
C VAL IA 13 -24.39 129.30 101.80
N ASN IA 14 -24.24 130.46 102.46
CA ASN IA 14 -23.15 130.61 103.41
C ASN IA 14 -23.27 129.63 104.56
N ARG IA 15 -24.48 129.44 105.09
CA ARG IA 15 -24.63 128.48 106.19
C ARG IA 15 -24.31 127.07 105.74
N LEU IA 16 -24.71 126.70 104.52
CA LEU IA 16 -24.38 125.39 103.98
C LEU IA 16 -22.88 125.22 103.83
N GLN IA 17 -22.18 126.26 103.35
CA GLN IA 17 -20.73 126.17 103.24
C GLN IA 17 -20.08 126.06 104.62
N ASP IA 18 -20.62 126.77 105.62
CA ASP IA 18 -20.13 126.61 106.98
C ASP IA 18 -20.29 125.18 107.46
N ALA IA 19 -21.45 124.58 107.18
CA ALA IA 19 -21.65 123.19 107.59
C ALA IA 19 -20.72 122.25 106.85
N PHE IA 20 -20.43 122.54 105.58
CA PHE IA 20 -19.49 121.72 104.82
C PHE IA 20 -18.09 121.80 105.40
N SER IA 21 -17.66 123.01 105.75
CA SER IA 21 -16.36 123.15 106.42
C SER IA 21 -16.35 122.42 107.75
N ALA IA 22 -17.47 122.47 108.48
CA ALA IA 22 -17.56 121.78 109.76
C ALA IA 22 -17.40 120.28 109.60
N ILE IA 23 -18.11 119.69 108.63
CA ILE IA 23 -17.95 118.25 108.40
C ILE IA 23 -16.56 117.96 107.85
N GLY IA 24 -15.89 118.96 107.27
CA GLY IA 24 -14.51 118.84 106.88
C GLY IA 24 -14.21 117.88 105.76
N GLN IA 25 -15.19 117.13 105.27
CA GLN IA 25 -14.97 116.27 104.12
C GLN IA 25 -14.64 117.13 102.90
N ASN IA 26 -13.80 116.57 102.03
CA ASN IA 26 -13.28 117.33 100.88
C ASN IA 26 -14.36 117.47 99.81
N ALA IA 27 -15.46 118.11 100.20
CA ALA IA 27 -16.57 118.39 99.31
C ALA IA 27 -16.74 119.90 99.17
N ASP IA 28 -17.35 120.30 98.06
CA ASP IA 28 -17.55 121.71 97.77
C ASP IA 28 -18.84 121.89 97.01
N LEU IA 29 -19.44 123.08 97.14
CA LEU IA 29 -20.69 123.35 96.44
C LEU IA 29 -20.49 123.56 94.95
N ASP IA 30 -19.25 123.69 94.49
CA ASP IA 30 -18.92 123.81 93.07
C ASP IA 30 -19.56 125.05 92.45
N LEU IA 31 -19.29 126.20 93.06
CA LEU IA 31 -19.78 127.45 92.50
C LEU IA 31 -18.99 127.82 91.25
N PRO IA 32 -19.59 128.55 90.32
CA PRO IA 32 -18.83 129.08 89.18
C PRO IA 32 -17.89 130.18 89.62
N GLN IA 33 -16.80 130.34 88.89
CA GLN IA 33 -15.87 131.42 89.18
C GLN IA 33 -16.46 132.75 88.71
N ILE IA 34 -15.92 133.83 89.25
CA ILE IA 34 -16.34 135.17 88.90
C ILE IA 34 -15.14 135.91 88.31
N ALA IA 35 -15.36 136.61 87.20
CA ALA IA 35 -14.33 137.43 86.60
C ALA IA 35 -14.86 138.84 86.44
N VAL IA 36 -14.09 139.83 86.92
CA VAL IA 36 -14.46 141.24 86.80
C VAL IA 36 -13.65 141.85 85.67
N VAL IA 37 -14.35 142.44 84.69
CA VAL IA 37 -13.69 142.96 83.49
C VAL IA 37 -14.33 144.29 83.13
N GLY IA 38 -13.55 145.12 82.44
CA GLY IA 38 -14.03 146.42 82.03
C GLY IA 38 -12.91 147.21 81.38
N GLY IA 39 -13.19 148.48 81.16
CA GLY IA 39 -12.18 149.38 80.62
C GLY IA 39 -11.20 149.83 81.69
N GLN IA 40 -10.10 150.42 81.22
CA GLN IA 40 -9.12 150.96 82.16
C GLN IA 40 -9.72 152.10 82.96
N SER IA 41 -9.42 152.12 84.25
CA SER IA 41 -9.94 153.10 85.21
C SER IA 41 -11.46 153.05 85.32
N ALA IA 42 -12.06 151.90 85.05
CA ALA IA 42 -13.51 151.77 85.20
C ALA IA 42 -13.91 151.74 86.68
N GLY IA 43 -13.18 150.98 87.49
CA GLY IA 43 -13.55 150.78 88.88
C GLY IA 43 -13.63 149.32 89.25
N LYS IA 44 -13.00 148.48 88.42
CA LYS IA 44 -13.13 147.03 88.56
C LYS IA 44 -12.59 146.54 89.90
N SER IA 45 -11.36 146.94 90.24
CA SER IA 45 -10.76 146.49 91.49
C SER IA 45 -11.55 147.02 92.70
N SER IA 46 -12.03 148.26 92.62
CA SER IA 46 -12.80 148.82 93.73
C SER IA 46 -14.09 148.04 93.94
N VAL IA 47 -14.80 147.73 92.86
CA VAL IA 47 -16.02 146.94 92.98
C VAL IA 47 -15.70 145.57 93.57
N LEU IA 48 -14.60 144.95 93.11
CA LEU IA 48 -14.25 143.63 93.63
C LEU IA 48 -13.97 143.68 95.14
N GLU IA 49 -13.21 144.67 95.59
CA GLU IA 49 -12.88 144.70 97.01
C GLU IA 49 -14.11 145.06 97.85
N ASN IA 50 -15.00 145.90 97.31
CA ASN IA 50 -16.21 146.22 98.06
C ASN IA 50 -17.15 145.02 98.14
N PHE IA 51 -17.16 144.17 97.10
CA PHE IA 51 -17.91 142.93 97.17
C PHE IA 51 -17.30 141.96 98.17
N VAL IA 52 -15.97 141.91 98.24
CA VAL IA 52 -15.31 141.09 99.24
C VAL IA 52 -15.66 141.57 100.64
N GLY IA 53 -15.62 142.88 100.84
CA GLY IA 53 -15.93 143.50 102.11
C GLY IA 53 -14.75 144.12 102.82
N ARG IA 54 -13.54 143.83 102.38
CA ARG IA 54 -12.33 144.26 103.07
C ARG IA 54 -11.33 144.80 102.04
N ASP IA 55 -10.66 145.90 102.39
CA ASP IA 55 -9.87 146.67 101.45
C ASP IA 55 -8.45 146.11 101.39
N PHE IA 56 -8.17 145.33 100.35
CA PHE IA 56 -6.84 144.74 100.18
C PHE IA 56 -6.41 144.71 98.72
N LEU IA 57 -6.88 145.68 97.92
CA LEU IA 57 -6.57 145.68 96.50
C LEU IA 57 -5.98 147.01 96.07
N PRO IA 58 -5.06 146.99 95.10
CA PRO IA 58 -4.46 148.24 94.63
C PRO IA 58 -5.48 149.06 93.85
N ARG IA 59 -5.68 150.31 94.27
CA ARG IA 59 -6.68 151.19 93.66
C ARG IA 59 -6.11 152.60 93.56
N GLY IA 60 -5.94 153.07 92.33
CA GLY IA 60 -5.46 154.42 92.10
C GLY IA 60 -5.71 154.84 90.67
N SER IA 61 -5.45 156.12 90.41
CA SER IA 61 -5.59 156.63 89.06
C SER IA 61 -4.49 156.08 88.15
N GLY IA 62 -4.78 156.06 86.86
CA GLY IA 62 -3.85 155.48 85.91
C GLY IA 62 -3.98 153.97 85.85
N ILE IA 63 -2.93 153.34 85.33
CA ILE IA 63 -2.87 151.89 85.27
C ILE IA 63 -2.42 151.35 86.61
N VAL IA 64 -3.25 150.53 87.25
CA VAL IA 64 -2.97 150.03 88.58
C VAL IA 64 -3.02 148.51 88.59
N THR IA 65 -4.18 147.95 88.27
CA THR IA 65 -4.37 146.50 88.24
C THR IA 65 -3.69 145.97 86.98
N ARG IA 66 -2.37 145.79 87.08
CA ARG IA 66 -1.55 145.45 85.92
C ARG IA 66 -1.11 144.00 85.88
N ARG IA 67 -1.84 143.11 86.57
CA ARG IA 67 -1.51 141.69 86.54
C ARG IA 67 -2.72 140.90 87.02
N PRO IA 68 -3.09 139.81 86.35
CA PRO IA 68 -4.33 139.10 86.70
C PRO IA 68 -4.26 138.49 88.09
N LEU IA 69 -5.10 138.99 88.99
CA LEU IA 69 -5.14 138.52 90.37
C LEU IA 69 -6.21 137.44 90.49
N VAL IA 70 -5.79 136.20 90.73
CA VAL IA 70 -6.72 135.09 90.93
C VAL IA 70 -6.91 134.95 92.44
N LEU IA 71 -7.94 135.61 92.94
CA LEU IA 71 -8.36 135.51 94.32
C LEU IA 71 -9.16 134.23 94.54
N GLN IA 72 -8.95 133.62 95.70
CA GLN IA 72 -9.80 132.51 96.15
C GLN IA 72 -10.26 132.81 97.57
N LEU IA 73 -11.50 133.25 97.70
CA LEU IA 73 -12.11 133.38 99.02
C LEU IA 73 -12.51 131.99 99.50
N VAL IA 74 -12.03 131.61 100.69
CA VAL IA 74 -12.35 130.32 101.27
C VAL IA 74 -12.81 130.53 102.71
N ASN IA 75 -13.41 129.49 103.27
CA ASN IA 75 -14.00 129.55 104.60
C ASN IA 75 -13.10 128.88 105.62
N ALA IA 76 -12.92 129.53 106.76
CA ALA IA 76 -12.14 128.99 107.85
C ALA IA 76 -12.56 129.69 109.14
N THR IA 77 -11.86 129.36 110.23
CA THR IA 77 -12.24 129.90 111.53
C THR IA 77 -12.04 131.41 111.60
N THR IA 78 -10.86 131.89 111.23
CA THR IA 78 -10.56 133.31 111.26
C THR IA 78 -9.74 133.70 110.04
N GLU IA 79 -9.67 135.00 109.79
CA GLU IA 79 -9.25 135.53 108.50
C GLU IA 79 -7.75 135.80 108.43
N TYR IA 80 -7.18 135.47 107.27
CA TYR IA 80 -5.83 135.85 106.90
C TYR IA 80 -5.71 135.70 105.38
N ALA IA 81 -4.50 135.82 104.87
CA ALA IA 81 -4.29 135.69 103.44
C ALA IA 81 -2.94 135.05 103.17
N GLU IA 82 -2.88 134.25 102.11
CA GLU IA 82 -1.64 133.60 101.71
C GLU IA 82 -1.48 133.67 100.19
N PHE IA 83 -0.27 133.98 99.76
CA PHE IA 83 0.08 133.96 98.35
C PHE IA 83 0.60 132.58 97.98
N LEU IA 84 1.13 132.44 96.77
CA LEU IA 84 1.83 131.23 96.37
C LEU IA 84 3.32 131.48 96.13
N HIS IA 85 3.86 132.55 96.69
CA HIS IA 85 5.29 132.78 96.66
C HIS IA 85 5.87 132.99 98.05
N CYS IA 86 5.13 133.64 98.96
CA CYS IA 86 5.54 133.74 100.35
C CYS IA 86 5.01 132.54 101.15
N LYS IA 87 5.42 131.36 100.69
CA LYS IA 87 4.91 130.11 101.25
C LYS IA 87 5.22 130.03 102.74
N GLY IA 88 4.21 129.67 103.52
CA GLY IA 88 4.31 129.62 104.97
C GLY IA 88 3.88 130.90 105.64
N LYS IA 89 4.16 132.04 105.03
CA LYS IA 89 3.81 133.32 105.62
C LYS IA 89 2.29 133.49 105.61
N LYS IA 90 1.78 134.17 106.64
CA LYS IA 90 0.35 134.40 106.82
C LYS IA 90 0.12 135.90 106.95
N PHE IA 91 -0.04 136.57 105.80
CA PHE IA 91 -0.36 137.99 105.81
C PHE IA 91 -1.68 138.22 106.52
N THR IA 92 -1.70 139.19 107.42
CA THR IA 92 -2.88 139.42 108.24
C THR IA 92 -3.41 140.84 108.14
N ASP IA 93 -2.55 141.83 108.04
CA ASP IA 93 -2.99 143.21 107.89
C ASP IA 93 -3.00 143.61 106.41
N PHE IA 94 -4.11 144.17 106.00
CA PHE IA 94 -4.38 144.33 104.57
C PHE IA 94 -3.58 145.44 103.93
N GLU IA 95 -3.07 146.39 104.70
CA GLU IA 95 -2.07 147.31 104.16
C GLU IA 95 -0.84 146.55 103.70
N GLU IA 96 -0.35 145.63 104.53
CA GLU IA 96 0.76 144.77 104.13
C GLU IA 96 0.36 143.90 102.94
N VAL IA 97 -0.87 143.40 102.92
CA VAL IA 97 -1.31 142.57 101.79
C VAL IA 97 -1.25 143.37 100.49
N ARG IA 98 -1.77 144.60 100.51
CA ARG IA 98 -1.78 145.43 99.31
C ARG IA 98 -0.37 145.79 98.87
N LEU IA 99 0.50 146.13 99.83
CA LEU IA 99 1.88 146.45 99.47
C LEU IA 99 2.58 145.25 98.86
N GLU IA 100 2.34 144.05 99.42
CA GLU IA 100 2.92 142.84 98.83
C GLU IA 100 2.38 142.60 97.43
N ILE IA 101 1.09 142.87 97.21
CA ILE IA 101 0.49 142.68 95.90
C ILE IA 101 1.18 143.58 94.88
N GLU IA 102 1.30 144.87 95.20
CA GLU IA 102 1.89 145.79 94.23
C GLU IA 102 3.37 145.50 94.01
N ALA IA 103 4.09 145.11 95.07
CA ALA IA 103 5.49 144.74 94.90
C ALA IA 103 5.63 143.51 94.02
N GLU IA 104 4.74 142.53 94.20
CA GLU IA 104 4.78 141.33 93.38
C GLU IA 104 4.50 141.66 91.91
N THR IA 105 3.55 142.55 91.67
CA THR IA 105 3.29 142.98 90.29
C THR IA 105 4.54 143.65 89.70
N ASP IA 106 5.17 144.53 90.46
CA ASP IA 106 6.32 145.26 89.94
C ASP IA 106 7.52 144.36 89.69
N ARG IA 107 7.69 143.32 90.53
CA ARG IA 107 8.88 142.49 90.42
C ARG IA 107 8.97 141.74 89.10
N VAL IA 108 7.87 141.63 88.35
CA VAL IA 108 7.89 140.99 87.04
C VAL IA 108 7.50 141.97 85.93
N THR IA 109 6.54 142.85 86.19
CA THR IA 109 6.10 143.77 85.13
C THR IA 109 7.10 144.89 84.91
N GLY IA 110 7.69 145.41 85.97
CA GLY IA 110 8.51 146.60 85.91
C GLY IA 110 7.77 147.82 86.42
N THR IA 111 8.51 148.92 86.52
CA THR IA 111 8.00 150.16 87.08
C THR IA 111 7.76 151.22 86.01
N ASN IA 112 7.31 150.80 84.84
CA ASN IA 112 7.00 151.71 83.74
C ASN IA 112 5.69 151.31 83.07
N LYS IA 113 4.69 150.98 83.88
CA LYS IA 113 3.34 150.68 83.43
C LYS IA 113 3.27 149.45 82.53
N GLY IA 114 4.28 148.59 82.57
CA GLY IA 114 4.19 147.32 81.87
C GLY IA 114 3.24 146.36 82.55
N ILE IA 115 2.80 145.35 81.81
CA ILE IA 115 1.90 144.34 82.33
C ILE IA 115 2.47 142.97 82.04
N SER IA 116 1.89 141.96 82.70
CA SER IA 116 2.34 140.58 82.56
C SER IA 116 1.13 139.67 82.72
N PRO IA 117 0.93 138.70 81.82
CA PRO IA 117 -0.24 137.82 81.89
C PRO IA 117 -0.13 136.72 82.93
N VAL IA 118 1.00 136.58 83.63
CA VAL IA 118 1.18 135.51 84.60
C VAL IA 118 0.34 135.78 85.84
N PRO IA 119 -0.54 134.88 86.22
CA PRO IA 119 -1.49 135.18 87.31
C PRO IA 119 -0.81 135.21 88.67
N ILE IA 120 -1.29 136.12 89.51
CA ILE IA 120 -0.94 136.15 90.93
C ILE IA 120 -2.00 135.35 91.68
N ASN IA 121 -1.64 134.17 92.18
CA ASN IA 121 -2.57 133.30 92.86
C ASN IA 121 -2.60 133.67 94.33
N LEU IA 122 -3.74 134.19 94.81
CA LEU IA 122 -3.87 134.63 96.19
C LEU IA 122 -5.08 133.92 96.80
N ARG IA 123 -5.00 133.65 98.10
CA ARG IA 123 -6.10 133.00 98.80
C ARG IA 123 -6.38 133.76 100.08
N VAL IA 124 -7.66 134.03 100.35
CA VAL IA 124 -8.09 134.71 101.56
C VAL IA 124 -8.99 133.76 102.33
N TYR IA 125 -8.88 133.80 103.66
CA TYR IA 125 -9.75 133.01 104.52
C TYR IA 125 -10.72 133.93 105.24
N SER IA 126 -11.93 133.46 105.44
CA SER IA 126 -12.96 134.28 106.07
C SER IA 126 -14.00 133.36 106.70
N PRO IA 127 -14.69 133.81 107.75
CA PRO IA 127 -15.61 132.90 108.44
C PRO IA 127 -16.90 132.60 107.69
N HIS IA 128 -17.41 133.54 106.88
CA HIS IA 128 -18.74 133.40 106.28
C HIS IA 128 -18.72 133.76 104.81
N VAL IA 129 -17.78 133.19 104.05
CA VAL IA 129 -17.74 133.38 102.61
C VAL IA 129 -17.73 132.02 101.93
N LEU IA 130 -18.18 132.01 100.68
CA LEU IA 130 -18.15 130.80 99.88
C LEU IA 130 -16.71 130.47 99.47
N ASN IA 131 -16.52 129.25 98.97
CA ASN IA 131 -15.28 128.89 98.30
C ASN IA 131 -15.29 129.46 96.87
N LEU IA 132 -15.29 130.78 96.80
CA LEU IA 132 -15.42 131.47 95.53
C LEU IA 132 -14.07 131.47 94.81
N THR IA 133 -14.09 131.96 93.57
CA THR IA 133 -12.87 132.11 92.77
C THR IA 133 -13.01 133.41 92.00
N LEU IA 134 -12.51 134.49 92.58
CA LEU IA 134 -12.59 135.80 91.96
C LEU IA 134 -11.38 136.02 91.06
N VAL IA 135 -11.57 136.75 89.97
CA VAL IA 135 -10.50 137.06 89.04
C VAL IA 135 -10.56 138.54 88.72
N ASP IA 136 -9.61 139.31 89.24
CA ASP IA 136 -9.43 140.69 88.85
C ASP IA 136 -8.46 140.74 87.68
N LEU IA 137 -8.78 141.55 86.69
CA LEU IA 137 -8.03 141.61 85.45
C LEU IA 137 -7.69 143.05 85.11
N PRO IA 138 -6.64 143.27 84.33
CA PRO IA 138 -6.36 144.63 83.85
C PRO IA 138 -7.43 145.12 82.90
N GLY IA 139 -7.62 146.43 82.88
CA GLY IA 139 -8.56 147.04 81.96
C GLY IA 139 -8.07 146.97 80.53
N MET IA 140 -8.99 147.27 79.61
CA MET IA 140 -8.70 147.17 78.19
C MET IA 140 -8.23 148.52 77.65
N THR IA 141 -7.08 148.53 76.99
CA THR IA 141 -6.51 149.73 76.41
C THR IA 141 -6.16 149.48 74.96
N LYS IA 142 -6.12 150.55 74.17
CA LYS IA 142 -5.80 150.44 72.75
C LYS IA 142 -4.43 150.99 72.39
N VAL IA 143 -4.07 152.16 72.89
CA VAL IA 143 -2.78 152.78 72.62
C VAL IA 143 -1.80 152.39 73.74
N PRO IA 144 -0.66 151.79 73.41
CA PRO IA 144 0.33 151.50 74.45
C PRO IA 144 0.88 152.77 75.07
N VAL IA 145 1.17 152.70 76.37
CA VAL IA 145 1.75 153.80 77.12
C VAL IA 145 2.95 153.25 77.89
N GLY IA 146 3.93 154.12 78.13
CA GLY IA 146 5.13 153.66 78.80
C GLY IA 146 5.92 152.73 77.89
N ASP IA 147 6.26 151.56 78.42
CA ASP IA 147 7.07 150.59 77.70
C ASP IA 147 6.27 149.37 77.24
N GLN IA 148 4.94 149.48 77.20
CA GLN IA 148 4.12 148.37 76.75
C GLN IA 148 4.40 148.08 75.27
N PRO IA 149 4.29 146.83 74.84
CA PRO IA 149 4.47 146.50 73.43
C PRO IA 149 3.37 147.13 72.60
N PRO IA 150 3.62 147.35 71.30
CA PRO IA 150 2.60 148.01 70.46
C PRO IA 150 1.28 147.26 70.37
N ASP IA 151 1.27 145.95 70.62
CA ASP IA 151 0.05 145.14 70.55
C ASP IA 151 -0.56 144.93 71.93
N ILE IA 152 -0.46 145.95 72.79
CA ILE IA 152 -0.98 145.83 74.15
C ILE IA 152 -2.48 145.57 74.15
N GLU IA 153 -3.20 146.10 73.15
CA GLU IA 153 -4.64 145.88 73.08
C GLU IA 153 -4.94 144.39 72.91
N PHE IA 154 -4.32 143.76 71.92
CA PHE IA 154 -4.53 142.34 71.71
C PHE IA 154 -4.03 141.52 72.88
N GLN IA 155 -2.93 141.95 73.50
CA GLN IA 155 -2.39 141.23 74.64
C GLN IA 155 -3.40 141.19 75.78
N ILE IA 156 -3.92 142.36 76.18
CA ILE IA 156 -4.92 142.38 77.25
C ILE IA 156 -6.17 141.63 76.81
N ARG IA 157 -6.58 141.81 75.55
CA ARG IA 157 -7.80 141.17 75.08
C ARG IA 157 -7.74 139.66 75.23
N ASP IA 158 -6.78 139.01 74.57
CA ASP IA 158 -6.73 137.56 74.64
C ASP IA 158 -6.32 137.08 76.03
N MET IA 159 -5.58 137.89 76.77
CA MET IA 159 -5.19 137.52 78.13
C MET IA 159 -6.41 137.39 79.03
N LEU IA 160 -7.38 138.30 78.92
CA LEU IA 160 -8.59 138.15 79.70
C LEU IA 160 -9.61 137.24 79.01
N MET IA 161 -9.50 137.05 77.71
CA MET IA 161 -10.37 136.10 77.01
C MET IA 161 -10.08 134.68 77.47
N GLN IA 162 -8.80 134.36 77.67
CA GLN IA 162 -8.46 133.02 78.13
C GLN IA 162 -9.02 132.72 79.52
N PHE IA 163 -9.43 133.74 80.27
CA PHE IA 163 -10.09 133.53 81.56
C PHE IA 163 -11.60 133.64 81.49
N VAL IA 164 -12.15 134.41 80.56
CA VAL IA 164 -13.58 134.64 80.54
C VAL IA 164 -14.30 133.64 79.64
N THR IA 165 -13.68 133.27 78.52
CA THR IA 165 -14.37 132.43 77.54
C THR IA 165 -14.73 131.05 78.08
N LYS IA 166 -14.10 130.62 79.17
CA LYS IA 166 -14.49 129.35 79.78
C LYS IA 166 -15.88 129.47 80.39
N GLU IA 167 -16.58 128.34 80.42
CA GLU IA 167 -17.92 128.30 81.00
C GLU IA 167 -17.80 128.42 82.52
N ASN IA 168 -18.95 128.44 83.20
CA ASN IA 168 -19.06 128.65 84.64
C ASN IA 168 -18.17 129.79 85.10
N CYS IA 169 -18.15 130.87 84.31
CA CYS IA 169 -17.37 132.07 84.62
C CYS IA 169 -18.31 133.26 84.51
N LEU IA 170 -18.94 133.61 85.62
CA LEU IA 170 -19.78 134.80 85.65
C LEU IA 170 -18.94 136.02 85.32
N ILE IA 171 -19.56 136.98 84.64
CA ILE IA 171 -18.86 138.18 84.18
C ILE IA 171 -19.45 139.39 84.89
N LEU IA 172 -18.57 140.20 85.47
CA LEU IA 172 -18.95 141.51 85.99
C LEU IA 172 -18.43 142.55 84.99
N ALA IA 173 -19.34 143.04 84.15
CA ALA IA 173 -19.00 144.05 83.14
C ALA IA 173 -19.09 145.41 83.81
N VAL IA 174 -17.93 145.98 84.13
CA VAL IA 174 -17.84 147.27 84.80
C VAL IA 174 -17.76 148.36 83.78
N SER IA 175 -18.62 149.37 83.91
CA SER IA 175 -18.54 150.52 83.02
C SER IA 175 -18.74 151.78 83.84
N PRO IA 176 -17.98 152.83 83.55
CA PRO IA 176 -18.21 154.11 84.23
C PRO IA 176 -19.49 154.76 83.72
N ALA IA 177 -20.01 155.66 84.53
CA ALA IA 177 -21.13 156.49 84.11
C ALA IA 177 -20.67 157.77 83.44
N ASN IA 178 -19.36 157.93 83.25
CA ASN IA 178 -18.84 159.13 82.61
C ASN IA 178 -18.92 159.02 81.10
N SER IA 179 -18.23 158.03 80.53
CA SER IA 179 -18.34 157.77 79.10
C SER IA 179 -19.74 157.26 78.77
N ASP IA 180 -20.18 157.57 77.55
CA ASP IA 180 -21.44 157.02 77.08
C ASP IA 180 -21.35 155.50 77.04
N LEU IA 181 -22.45 154.84 77.39
CA LEU IA 181 -22.43 153.39 77.56
C LEU IA 181 -22.04 152.68 76.28
N ALA IA 182 -22.25 153.32 75.13
CA ALA IA 182 -21.95 152.69 73.84
C ALA IA 182 -20.48 152.36 73.67
N ASN IA 183 -19.59 152.99 74.45
CA ASN IA 183 -18.16 152.76 74.33
C ASN IA 183 -17.65 151.65 75.23
N SER IA 184 -18.53 150.95 75.94
CA SER IA 184 -18.10 150.05 77.01
C SER IA 184 -17.28 148.87 76.51
N ASP IA 185 -15.97 148.90 76.77
CA ASP IA 185 -15.12 147.76 76.48
C ASP IA 185 -15.56 146.52 77.25
N ALA IA 186 -16.20 146.71 78.40
CA ALA IA 186 -16.73 145.57 79.13
C ALA IA 186 -17.90 144.94 78.39
N LEU IA 187 -18.84 145.76 77.94
CA LEU IA 187 -20.01 145.24 77.24
C LEU IA 187 -19.63 144.61 75.92
N LYS IA 188 -18.61 145.13 75.24
CA LYS IA 188 -18.18 144.50 73.98
C LYS IA 188 -17.80 143.04 74.21
N VAL IA 189 -16.91 142.80 75.19
CA VAL IA 189 -16.48 141.43 75.47
C VAL IA 189 -17.64 140.61 76.02
N ALA IA 190 -18.50 141.24 76.83
CA ALA IA 190 -19.63 140.52 77.41
C ALA IA 190 -20.55 139.98 76.33
N LYS IA 191 -20.94 140.84 75.38
CA LYS IA 191 -21.78 140.38 74.28
C LYS IA 191 -21.02 139.52 73.28
N GLU IA 192 -19.69 139.58 73.27
CA GLU IA 192 -18.93 138.73 72.37
C GLU IA 192 -18.85 137.30 72.86
N VAL IA 193 -18.72 137.10 74.18
CA VAL IA 193 -18.51 135.75 74.71
C VAL IA 193 -19.80 135.16 75.25
N ASP IA 194 -20.73 136.02 75.68
CA ASP IA 194 -21.99 135.60 76.27
C ASP IA 194 -23.09 136.34 75.52
N PRO IA 195 -23.47 135.86 74.34
CA PRO IA 195 -24.45 136.60 73.53
C PRO IA 195 -25.79 136.78 74.21
N GLN IA 196 -26.38 135.70 74.71
CA GLN IA 196 -27.69 135.79 75.36
C GLN IA 196 -27.65 136.54 76.68
N GLY IA 197 -26.47 136.80 77.22
CA GLY IA 197 -26.37 137.49 78.50
C GLY IA 197 -26.92 136.71 79.67
N GLN IA 198 -26.62 135.41 79.74
CA GLN IA 198 -27.12 134.58 80.82
C GLN IA 198 -26.13 134.44 81.97
N ARG IA 199 -24.87 134.78 81.77
CA ARG IA 199 -23.87 134.78 82.83
C ARG IA 199 -23.13 136.11 82.87
N THR IA 200 -23.84 137.20 82.57
CA THR IA 200 -23.27 138.52 82.52
C THR IA 200 -24.09 139.45 83.39
N ILE IA 201 -23.40 140.25 84.21
CA ILE IA 201 -24.06 141.24 85.06
C ILE IA 201 -23.35 142.57 84.85
N GLY IA 202 -24.12 143.62 84.59
CA GLY IA 202 -23.58 144.93 84.31
C GLY IA 202 -23.61 145.82 85.53
N VAL IA 203 -22.50 146.51 85.78
CA VAL IA 203 -22.39 147.44 86.90
C VAL IA 203 -21.93 148.78 86.37
N ILE IA 204 -22.56 149.85 86.85
CA ILE IA 204 -22.28 151.21 86.44
C ILE IA 204 -21.66 151.92 87.63
N THR IA 205 -20.41 152.34 87.47
CA THR IA 205 -19.68 153.02 88.53
C THR IA 205 -19.68 154.52 88.28
N LYS IA 206 -19.08 155.26 89.21
CA LYS IA 206 -18.83 156.68 89.05
C LYS IA 206 -20.11 157.47 88.79
N LEU IA 207 -21.23 157.02 89.34
CA LEU IA 207 -22.49 157.72 89.15
C LEU IA 207 -22.49 159.12 89.76
N ASP IA 208 -21.52 159.44 90.61
CA ASP IA 208 -21.40 160.77 91.17
C ASP IA 208 -20.58 161.71 90.30
N LEU IA 209 -20.01 161.22 89.21
CA LEU IA 209 -19.13 162.01 88.35
C LEU IA 209 -19.78 162.37 87.02
N MET IA 210 -21.10 162.30 86.94
CA MET IA 210 -21.78 162.60 85.69
C MET IA 210 -21.94 164.11 85.51
N ASP IA 211 -22.00 164.53 84.25
CA ASP IA 211 -22.05 165.95 83.93
C ASP IA 211 -23.34 166.58 84.45
N GLU IA 212 -23.26 167.87 84.74
CA GLU IA 212 -24.43 168.60 85.22
C GLU IA 212 -25.57 168.52 84.21
N GLY IA 213 -26.76 168.21 84.70
CA GLY IA 213 -27.93 168.08 83.85
C GLY IA 213 -28.09 166.72 83.20
N THR IA 214 -27.13 165.82 83.39
CA THR IA 214 -27.21 164.49 82.84
C THR IA 214 -27.47 163.47 83.95
N ASP IA 215 -28.10 162.36 83.59
CA ASP IA 215 -28.39 161.31 84.54
C ASP IA 215 -28.39 159.97 83.81
N ALA IA 216 -28.11 158.91 84.55
CA ALA IA 216 -28.05 157.55 84.01
C ALA IA 216 -29.37 156.81 84.15
N ARG IA 217 -30.49 157.52 84.17
CA ARG IA 217 -31.78 156.87 84.31
C ARG IA 217 -32.06 155.92 83.16
N ASP IA 218 -31.79 156.37 81.93
CA ASP IA 218 -32.12 155.58 80.75
C ASP IA 218 -31.35 154.26 80.70
N VAL IA 219 -30.21 154.16 81.37
CA VAL IA 219 -29.41 152.96 81.32
C VAL IA 219 -29.66 152.11 82.57
N LEU IA 220 -29.90 152.77 83.70
CA LEU IA 220 -30.18 152.01 84.92
C LEU IA 220 -31.57 151.38 84.90
N GLU IA 221 -32.51 151.98 84.18
CA GLU IA 221 -33.79 151.32 83.96
C GLU IA 221 -33.70 150.24 82.88
N ASN IA 222 -32.47 149.91 82.44
CA ASN IA 222 -32.23 148.81 81.51
C ASN IA 222 -33.00 149.00 80.21
N LYS IA 223 -33.14 150.26 79.78
CA LYS IA 223 -33.82 150.59 78.53
C LYS IA 223 -32.87 150.93 77.40
N LEU IA 224 -31.82 151.70 77.68
CA LEU IA 224 -30.91 152.13 76.64
C LEU IA 224 -30.23 150.94 75.96
N LEU IA 225 -29.65 150.05 76.75
CA LEU IA 225 -29.10 148.79 76.25
C LEU IA 225 -29.69 147.68 77.10
N PRO IA 226 -30.87 147.18 76.75
CA PRO IA 226 -31.52 146.14 77.55
C PRO IA 226 -30.65 144.91 77.76
N LEU IA 227 -30.25 144.67 79.00
CA LEU IA 227 -29.52 143.48 79.38
C LEU IA 227 -30.38 142.67 80.33
N ARG IA 228 -30.31 141.34 80.22
CA ARG IA 228 -31.23 140.48 80.94
C ARG IA 228 -31.13 140.65 82.45
N ARG IA 229 -29.90 140.71 82.97
CA ARG IA 229 -29.71 140.72 84.41
C ARG IA 229 -29.81 142.11 85.02
N GLY IA 230 -29.93 143.15 84.22
CA GLY IA 230 -30.05 144.50 84.74
C GLY IA 230 -28.70 145.12 85.05
N TYR IA 231 -28.75 146.41 85.37
CA TYR IA 231 -27.56 147.19 85.65
C TYR IA 231 -27.61 147.68 87.10
N ILE IA 232 -26.58 147.38 87.86
CA ILE IA 232 -26.48 147.79 89.26
C ILE IA 232 -25.56 148.99 89.34
N GLY IA 233 -26.03 150.06 89.98
CA GLY IA 233 -25.27 151.29 90.09
C GLY IA 233 -24.57 151.39 91.43
N VAL IA 234 -23.26 151.59 91.39
CA VAL IA 234 -22.46 151.68 92.59
C VAL IA 234 -21.69 152.99 92.59
N VAL IA 235 -21.35 153.45 93.79
CA VAL IA 235 -20.57 154.68 93.96
C VAL IA 235 -19.44 154.41 94.94
N ASN IA 236 -18.23 154.21 94.43
CA ASN IA 236 -17.10 153.86 95.26
C ASN IA 236 -16.50 155.10 95.91
N ARG IA 237 -15.30 154.97 96.47
CA ARG IA 237 -14.61 156.07 97.10
C ARG IA 237 -13.74 156.79 96.07
N SER IA 238 -13.83 158.12 96.05
CA SER IA 238 -13.05 158.91 95.12
C SER IA 238 -11.56 158.79 95.45
N GLN IA 239 -10.73 159.29 94.53
CA GLN IA 239 -9.28 159.24 94.75
C GLN IA 239 -8.89 160.08 95.96
N LYS IA 240 -9.55 161.22 96.17
CA LYS IA 240 -9.31 162.00 97.37
C LYS IA 240 -9.62 161.20 98.62
N ASP IA 241 -10.74 160.47 98.62
CA ASP IA 241 -11.09 159.65 99.76
C ASP IA 241 -10.09 158.52 99.96
N ILE IA 242 -9.60 157.94 98.87
CA ILE IA 242 -8.60 156.88 98.98
C ILE IA 242 -7.33 157.41 99.62
N ASP IA 243 -6.90 158.60 99.20
CA ASP IA 243 -5.71 159.21 99.82
C ASP IA 243 -5.97 159.59 101.27
N GLY IA 244 -7.19 160.00 101.59
CA GLY IA 244 -7.57 160.33 102.95
C GLY IA 244 -7.99 159.16 103.81
N LYS IA 245 -7.90 157.94 103.27
CA LYS IA 245 -8.18 156.72 104.02
C LYS IA 245 -9.62 156.70 104.53
N LYS IA 246 -10.57 156.95 103.62
CA LYS IA 246 -11.97 156.83 103.98
C LYS IA 246 -12.34 155.38 104.24
N ASP IA 247 -13.22 155.17 105.21
CA ASP IA 247 -13.59 153.83 105.65
C ASP IA 247 -14.86 153.34 104.95
N ILE IA 248 -14.97 152.02 104.86
CA ILE IA 248 -16.02 151.39 104.07
C ILE IA 248 -17.40 151.76 104.59
N THR IA 249 -17.56 151.80 105.92
CA THR IA 249 -18.89 152.04 106.49
C THR IA 249 -19.42 153.43 106.15
N ALA IA 250 -18.59 154.47 106.35
CA ALA IA 250 -19.04 155.81 106.00
C ALA IA 250 -19.14 155.99 104.50
N ALA IA 251 -18.30 155.29 103.73
CA ALA IA 251 -18.44 155.34 102.28
C ALA IA 251 -19.79 154.79 101.85
N LEU IA 252 -20.20 153.66 102.42
CA LEU IA 252 -21.50 153.09 102.10
C LEU IA 252 -22.64 153.99 102.55
N ALA IA 253 -22.50 154.62 103.72
CA ALA IA 253 -23.50 155.56 104.19
C ALA IA 253 -23.64 156.73 103.22
N ALA IA 254 -22.52 157.26 102.73
CA ALA IA 254 -22.57 158.35 101.77
C ALA IA 254 -23.19 157.90 100.45
N GLU IA 255 -22.89 156.67 100.02
CA GLU IA 255 -23.51 156.16 98.80
C GLU IA 255 -25.03 156.05 98.95
N ARG IA 256 -25.48 155.55 100.10
CA ARG IA 256 -26.90 155.47 100.37
C ARG IA 256 -27.54 156.85 100.38
N LYS IA 257 -26.86 157.82 101.01
CA LYS IA 257 -27.36 159.19 101.01
C LYS IA 257 -27.48 159.76 99.60
N PHE IA 258 -26.46 159.51 98.78
CA PHE IA 258 -26.50 160.01 97.40
C PHE IA 258 -27.65 159.39 96.62
N PHE IA 259 -27.87 158.07 96.77
CA PHE IA 259 -28.97 157.44 96.07
C PHE IA 259 -30.32 157.94 96.55
N LEU IA 260 -30.47 158.21 97.85
CA LEU IA 260 -31.72 158.76 98.35
C LEU IA 260 -31.93 160.22 97.99
N SER IA 261 -30.85 160.97 97.76
CA SER IA 261 -30.96 162.39 97.47
C SER IA 261 -31.09 162.71 95.99
N HIS IA 262 -30.51 161.89 95.11
CA HIS IA 262 -30.55 162.20 93.70
C HIS IA 262 -31.95 161.99 93.15
N PRO IA 263 -32.58 163.01 92.55
CA PRO IA 263 -33.97 162.86 92.09
C PRO IA 263 -34.15 161.81 91.00
N SER IA 264 -33.10 161.49 90.26
CA SER IA 264 -33.22 160.57 89.13
C SER IA 264 -32.94 159.12 89.49
N TYR IA 265 -32.67 158.82 90.76
CA TYR IA 265 -32.36 157.47 91.17
C TYR IA 265 -33.08 157.00 92.42
N ARG IA 266 -33.73 157.90 93.17
CA ARG IA 266 -34.33 157.51 94.45
C ARG IA 266 -35.40 156.45 94.27
N HIS IA 267 -36.09 156.45 93.13
CA HIS IA 267 -37.09 155.41 92.87
C HIS IA 267 -36.45 154.05 92.64
N LEU IA 268 -35.14 153.98 92.45
CA LEU IA 268 -34.42 152.72 92.31
C LEU IA 268 -33.34 152.56 93.38
N ALA IA 269 -33.36 153.37 94.43
CA ALA IA 269 -32.33 153.31 95.45
C ALA IA 269 -32.28 151.93 96.10
N ASP IA 270 -33.45 151.30 96.26
CA ASP IA 270 -33.48 149.96 96.86
C ASP IA 270 -32.73 148.95 96.01
N ARG IA 271 -32.90 149.02 94.69
CA ARG IA 271 -32.24 148.09 93.79
C ARG IA 271 -30.83 148.52 93.40
N MET IA 272 -30.40 149.72 93.79
CA MET IA 272 -29.05 150.16 93.51
C MET IA 272 -28.18 150.00 94.76
N GLY IA 273 -26.88 150.10 94.56
CA GLY IA 273 -25.93 150.03 95.65
C GLY IA 273 -25.14 148.73 95.66
N THR IA 274 -23.99 148.77 96.33
CA THR IA 274 -23.14 147.59 96.45
C THR IA 274 -23.82 146.42 97.17
N PRO IA 275 -24.52 146.62 98.31
CA PRO IA 275 -25.17 145.45 98.93
C PRO IA 275 -26.13 144.73 98.00
N TYR IA 276 -26.83 145.45 97.13
CA TYR IA 276 -27.69 144.78 96.16
C TYR IA 276 -26.88 143.94 95.21
N LEU IA 277 -25.69 144.42 94.80
CA LEU IA 277 -24.84 143.63 93.93
C LEU IA 277 -24.37 142.37 94.63
N GLN IA 278 -24.01 142.47 95.91
CA GLN IA 278 -23.67 141.28 96.67
C GLN IA 278 -24.83 140.31 96.73
N LYS IA 279 -26.05 140.83 96.95
CA LYS IA 279 -27.23 139.98 97.01
C LYS IA 279 -27.49 139.31 95.67
N VAL IA 280 -27.28 140.02 94.57
CA VAL IA 280 -27.52 139.44 93.25
C VAL IA 280 -26.50 138.36 92.94
N LEU IA 281 -25.24 138.58 93.30
CA LEU IA 281 -24.25 137.52 93.14
C LEU IA 281 -24.61 136.31 94.00
N ASN IA 282 -25.10 136.55 95.22
CA ASN IA 282 -25.57 135.46 96.06
C ASN IA 282 -26.70 134.70 95.39
N GLN IA 283 -27.63 135.41 94.77
CA GLN IA 283 -28.74 134.75 94.08
C GLN IA 283 -28.25 133.91 92.92
N GLN IA 284 -27.32 134.44 92.12
CA GLN IA 284 -26.79 133.67 91.00
C GLN IA 284 -26.06 132.42 91.48
N LEU IA 285 -25.27 132.55 92.56
CA LEU IA 285 -24.57 131.39 93.09
C LEU IA 285 -25.54 130.38 93.67
N THR IA 286 -26.62 130.85 94.30
CA THR IA 286 -27.65 129.94 94.80
C THR IA 286 -28.29 129.17 93.65
N ASN IA 287 -28.60 129.87 92.56
CA ASN IA 287 -29.18 129.19 91.41
C ASN IA 287 -28.20 128.27 90.70
N HIS IA 288 -26.90 128.48 90.88
CA HIS IA 288 -25.93 127.64 90.21
C HIS IA 288 -25.45 126.45 91.03
N ILE IA 289 -25.51 126.53 92.36
CA ILE IA 289 -25.08 125.39 93.18
C ILE IA 289 -26.02 124.21 93.00
N ARG IA 290 -27.32 124.47 92.87
CA ARG IA 290 -28.27 123.40 92.63
C ARG IA 290 -28.06 122.83 91.23
N ASP IA 291 -28.86 121.83 90.86
CA ASP IA 291 -28.70 120.92 89.73
C ASP IA 291 -27.63 119.89 90.09
N THR IA 292 -26.92 120.06 91.21
CA THR IA 292 -26.01 119.05 91.73
C THR IA 292 -26.37 118.59 93.13
N LEU IA 293 -27.22 119.32 93.85
CA LEU IA 293 -27.62 118.93 95.20
C LEU IA 293 -28.18 117.51 95.27
N PRO IA 294 -29.10 117.07 94.41
CA PRO IA 294 -29.58 115.68 94.53
C PRO IA 294 -28.47 114.67 94.44
N GLY IA 295 -27.46 114.91 93.61
CA GLY IA 295 -26.27 114.08 93.65
C GLY IA 295 -25.50 114.23 94.94
N LEU IA 296 -25.35 115.46 95.41
CA LEU IA 296 -24.58 115.71 96.62
C LEU IA 296 -25.35 115.34 97.88
N ARG IA 297 -26.67 115.58 97.89
CA ARG IA 297 -27.46 115.17 99.05
C ARG IA 297 -27.38 113.67 99.25
N ASN IA 298 -27.48 112.90 98.17
CA ASN IA 298 -27.26 111.46 98.28
C ASN IA 298 -25.82 111.14 98.64
N LYS IA 299 -24.87 111.89 98.07
CA LYS IA 299 -23.45 111.62 98.28
C LYS IA 299 -23.09 111.70 99.74
N LEU IA 300 -23.72 112.60 100.50
CA LEU IA 300 -23.48 112.64 101.94
C LEU IA 300 -24.58 111.95 102.75
N GLN IA 301 -25.72 111.62 102.14
CA GLN IA 301 -26.68 110.77 102.82
C GLN IA 301 -26.13 109.37 103.04
N SER IA 302 -25.43 108.83 102.04
CA SER IA 302 -24.75 107.55 102.23
C SER IA 302 -23.69 107.67 103.31
N GLN IA 303 -23.02 108.82 103.38
CA GLN IA 303 -22.05 109.06 104.46
C GLN IA 303 -22.73 109.00 105.82
N LEU IA 304 -23.89 109.64 105.95
CA LEU IA 304 -24.64 109.57 107.20
C LEU IA 304 -25.08 108.14 107.49
N LEU IA 305 -25.41 107.38 106.44
CA LEU IA 305 -25.80 105.99 106.61
C LEU IA 305 -24.65 105.18 107.20
N SER IA 306 -23.42 105.43 106.75
CA SER IA 306 -22.27 104.62 107.15
C SER IA 306 -21.91 104.79 108.63
N ILE IA 307 -22.51 105.79 109.29
CA ILE IA 307 -22.22 106.05 110.69
C ILE IA 307 -23.46 105.98 111.59
N GLU IA 308 -24.68 106.06 111.03
CA GLU IA 308 -25.88 106.05 111.85
C GLU IA 308 -25.94 104.82 112.76
N LYS IA 309 -25.34 103.70 112.35
CA LYS IA 309 -25.38 102.49 113.16
C LYS IA 309 -24.63 102.67 114.48
N GLU IA 310 -23.40 103.22 114.42
CA GLU IA 310 -22.63 103.46 115.63
C GLU IA 310 -23.16 104.66 116.39
N VAL IA 311 -23.77 105.62 115.70
CA VAL IA 311 -24.39 106.74 116.39
C VAL IA 311 -25.48 106.26 117.34
N GLU IA 312 -26.10 105.11 117.05
CA GLU IA 312 -27.09 104.54 117.96
C GLU IA 312 -26.47 104.24 119.32
N GLU IA 313 -25.31 103.59 119.33
CA GLU IA 313 -24.61 103.36 120.59
C GLU IA 313 -24.11 104.68 121.20
N TYR IA 314 -23.75 105.65 120.36
CA TYR IA 314 -23.13 106.86 120.89
C TYR IA 314 -24.11 107.94 121.38
N LYS IA 315 -25.39 107.94 121.01
CA LYS IA 315 -26.25 109.04 121.45
C LYS IA 315 -26.46 109.03 122.95
N ASN IA 316 -26.72 107.86 123.52
CA ASN IA 316 -27.02 107.75 124.95
C ASN IA 316 -26.02 106.78 125.55
N PHE IA 317 -24.84 107.31 125.87
CA PHE IA 317 -23.80 106.60 126.58
C PHE IA 317 -23.60 107.27 127.93
N ARG IA 318 -23.66 106.50 129.00
CA ARG IA 318 -23.34 107.00 130.32
C ARG IA 318 -22.32 106.08 130.97
N PRO IA 319 -21.24 106.61 131.53
CA PRO IA 319 -20.26 105.75 132.20
C PRO IA 319 -20.91 104.97 133.34
N ASP IA 320 -20.45 103.73 133.52
CA ASP IA 320 -20.89 102.77 134.54
C ASP IA 320 -22.23 102.11 134.19
N ASP IA 321 -22.71 102.23 132.96
CA ASP IA 321 -23.98 101.60 132.60
C ASP IA 321 -23.82 100.09 132.50
N PRO IA 322 -24.34 99.32 133.45
CA PRO IA 322 -24.12 97.87 133.42
C PRO IA 322 -24.69 97.20 132.18
N ALA IA 323 -25.83 97.67 131.68
CA ALA IA 323 -26.45 97.02 130.53
C ALA IA 323 -25.55 97.09 129.31
N ARG IA 324 -25.09 98.30 128.97
CA ARG IA 324 -24.21 98.43 127.81
C ARG IA 324 -22.88 97.74 128.06
N LYS IA 325 -22.33 97.85 129.27
CA LYS IA 325 -21.03 97.25 129.52
C LYS IA 325 -21.09 95.73 129.34
N THR IA 326 -22.09 95.07 129.96
CA THR IA 326 -22.19 93.63 129.86
C THR IA 326 -22.56 93.18 128.45
N LYS IA 327 -23.43 93.93 127.76
CA LYS IA 327 -23.75 93.57 126.38
C LYS IA 327 -22.52 93.64 125.50
N ALA IA 328 -21.71 94.69 125.65
CA ALA IA 328 -20.47 94.79 124.89
C ALA IA 328 -19.53 93.66 125.23
N LEU IA 329 -19.41 93.32 126.52
CA LEU IA 329 -18.54 92.22 126.91
C LEU IA 329 -18.97 90.91 126.25
N LEU IA 330 -20.27 90.64 126.28
CA LEU IA 330 -20.77 89.39 125.71
C LEU IA 330 -20.52 89.32 124.21
N GLN IA 331 -20.80 90.42 123.49
CA GLN IA 331 -20.57 90.36 122.04
C GLN IA 331 -19.08 90.29 121.71
N MET IA 332 -18.23 90.95 122.50
CA MET IA 332 -16.79 90.86 122.27
C MET IA 332 -16.31 89.43 122.45
N VAL IA 333 -16.78 88.77 123.51
CA VAL IA 333 -16.38 87.39 123.77
C VAL IA 333 -16.86 86.48 122.65
N GLN IA 334 -18.09 86.67 122.19
CA GLN IA 334 -18.62 85.82 121.14
C GLN IA 334 -17.83 85.98 119.84
N GLN IA 335 -17.49 87.21 119.48
CA GLN IA 335 -16.72 87.36 118.24
C GLN IA 335 -15.31 86.83 118.41
N PHE IA 336 -14.73 86.97 119.61
CA PHE IA 336 -13.41 86.38 119.85
C PHE IA 336 -13.44 84.88 119.62
N ALA IA 337 -14.45 84.21 120.19
CA ALA IA 337 -14.56 82.78 119.98
C ALA IA 337 -14.65 82.45 118.50
N VAL IA 338 -15.69 82.98 117.83
CA VAL IA 338 -15.93 82.57 116.44
C VAL IA 338 -14.73 82.92 115.56
N ASP IA 339 -14.01 84.00 115.89
CA ASP IA 339 -12.76 84.30 115.19
C ASP IA 339 -11.72 83.23 115.45
N PHE IA 340 -11.65 82.73 116.68
CA PHE IA 340 -10.66 81.70 117.00
C PHE IA 340 -10.92 80.42 116.20
N GLU IA 341 -12.17 79.96 116.17
CA GLU IA 341 -12.45 78.77 115.34
C GLU IA 341 -12.25 79.07 113.86
N LYS IA 342 -12.53 80.32 113.42
CA LYS IA 342 -12.29 80.65 112.02
C LYS IA 342 -10.81 80.56 111.69
N ARG IA 343 -9.94 80.96 112.61
CA ARG IA 343 -8.51 80.93 112.35
C ARG IA 343 -7.88 79.57 112.59
N ILE IA 344 -8.52 78.70 113.38
CA ILE IA 344 -7.92 77.40 113.63
C ILE IA 344 -8.52 76.35 112.69
N GLU IA 345 -9.83 76.08 112.81
CA GLU IA 345 -10.44 75.11 111.92
C GLU IA 345 -10.58 75.62 110.49
N GLY IA 346 -10.45 76.93 110.28
CA GLY IA 346 -10.66 77.48 108.96
C GLY IA 346 -12.09 77.40 108.49
N SER IA 347 -13.06 77.65 109.37
CA SER IA 347 -14.46 77.65 108.97
C SER IA 347 -14.67 78.68 107.88
N GLY IA 348 -15.32 78.28 106.80
CA GLY IA 348 -15.35 79.09 105.61
C GLY IA 348 -16.17 80.36 105.73
N ASP IA 349 -15.47 81.49 105.84
CA ASP IA 349 -15.99 82.84 105.62
C ASP IA 349 -14.83 83.80 105.82
N GLN IA 350 -14.93 84.96 105.15
CA GLN IA 350 -14.01 86.09 105.30
C GLN IA 350 -12.55 85.66 105.44
N ILE IA 351 -12.14 84.68 104.65
CA ILE IA 351 -10.82 84.06 104.82
C ILE IA 351 -9.75 84.95 104.23
N ASP IA 352 -8.75 85.27 105.04
CA ASP IA 352 -7.59 85.99 104.54
C ASP IA 352 -6.80 85.11 103.58
N THR IA 353 -6.40 85.68 102.45
CA THR IA 353 -5.60 84.96 101.45
C THR IA 353 -4.26 85.64 101.25
N TYR IA 354 -3.73 86.27 102.30
CA TYR IA 354 -2.50 87.02 102.22
C TYR IA 354 -1.32 86.35 102.92
N GLU IA 355 -1.60 85.60 103.99
CA GLU IA 355 -0.59 84.85 104.70
C GLU IA 355 -0.93 83.37 104.64
N LEU IA 356 0.02 82.52 105.03
CA LEU IA 356 -0.25 81.08 105.06
C LEU IA 356 -1.40 80.76 106.00
N SER IA 357 -1.44 81.42 107.15
CA SER IA 357 -2.60 81.43 108.06
C SER IA 357 -2.24 82.32 109.24
N GLY IA 358 -3.23 82.56 110.09
CA GLY IA 358 -2.97 83.12 111.39
C GLY IA 358 -2.35 82.07 112.28
N GLY IA 359 -3.06 80.96 112.44
CA GLY IA 359 -2.51 79.84 113.19
C GLY IA 359 -2.89 78.47 112.70
N ALA IA 360 -3.36 78.36 111.45
CA ALA IA 360 -3.87 77.09 110.98
C ALA IA 360 -2.81 76.29 110.20
N ARG IA 361 -2.33 76.83 109.08
CA ARG IA 361 -1.28 76.17 108.34
C ARG IA 361 0.10 76.38 108.93
N ILE IA 362 0.32 77.46 109.67
CA ILE IA 362 1.56 77.52 110.44
C ILE IA 362 1.62 76.37 111.45
N ASN IA 363 0.46 75.75 111.74
CA ASN IA 363 0.40 74.61 112.66
C ASN IA 363 0.41 73.27 111.92
N ARG IA 364 -0.41 73.13 110.87
CA ARG IA 364 -0.31 71.95 110.03
C ARG IA 364 1.11 71.74 109.50
N ILE IA 365 1.81 72.82 109.13
CA ILE IA 365 3.15 72.62 108.63
C ILE IA 365 4.06 72.14 109.75
N PHE IA 366 3.75 72.46 111.01
CA PHE IA 366 4.45 71.81 112.11
C PHE IA 366 4.18 70.32 112.09
N HIS IA 367 2.90 69.92 112.01
CA HIS IA 367 2.57 68.51 112.09
C HIS IA 367 3.16 67.67 110.97
N GLU IA 368 3.24 68.20 109.74
CA GLU IA 368 3.88 67.49 108.64
C GLU IA 368 5.18 68.13 108.16
N ARG IA 369 5.89 68.80 109.07
CA ARG IA 369 7.29 69.16 108.88
C ARG IA 369 8.18 68.57 109.97
N PHE IA 370 7.64 68.37 111.17
CA PHE IA 370 8.28 67.63 112.27
C PHE IA 370 9.00 66.36 111.80
N PRO IA 371 8.48 65.63 110.81
CA PRO IA 371 9.30 64.57 110.20
C PRO IA 371 10.68 65.04 109.76
N PHE IA 372 10.84 66.30 109.40
CA PHE IA 372 12.18 66.80 109.12
C PHE IA 372 13.06 66.70 110.37
N GLU IA 373 12.51 67.04 111.54
CA GLU IA 373 13.26 66.88 112.78
C GLU IA 373 13.61 65.42 113.02
N LEU IA 374 12.62 64.52 112.87
CA LEU IA 374 12.89 63.11 113.14
C LEU IA 374 13.96 62.57 112.22
N VAL IA 375 13.93 62.95 110.94
CA VAL IA 375 15.00 62.53 110.03
C VAL IA 375 16.32 63.19 110.41
N LYS IA 376 16.27 64.45 110.83
CA LYS IA 376 17.48 65.18 111.23
C LYS IA 376 18.08 64.63 112.51
N MET IA 377 17.41 63.70 113.18
CA MET IA 377 18.07 62.94 114.22
C MET IA 377 19.32 62.25 113.64
N GLU IA 378 20.19 61.77 114.54
CA GLU IA 378 21.56 61.43 114.19
C GLU IA 378 21.73 60.59 112.93
N PHE IA 379 21.26 59.33 112.92
CA PHE IA 379 21.27 58.43 111.77
C PHE IA 379 22.64 58.29 111.09
N ASP IA 380 23.73 58.77 111.68
CA ASP IA 380 25.02 58.78 110.98
C ASP IA 380 26.15 58.23 111.85
N GLU IA 381 26.32 56.90 111.81
CA GLU IA 381 27.46 56.18 112.38
C GLU IA 381 27.47 54.77 111.83
N LYS IA 382 28.68 54.21 111.77
CA LYS IA 382 28.89 52.77 111.79
C LYS IA 382 29.24 52.28 113.19
N GLU IA 383 29.41 53.21 114.14
CA GLU IA 383 29.63 52.83 115.54
C GLU IA 383 28.47 52.03 116.09
N LEU IA 384 27.29 52.13 115.46
CA LEU IA 384 26.15 51.31 115.87
C LEU IA 384 26.49 49.82 115.79
N ARG IA 385 27.29 49.42 114.80
CA ARG IA 385 27.66 48.01 114.68
C ARG IA 385 28.47 47.55 115.89
N ARG IA 386 29.44 48.35 116.32
CA ARG IA 386 30.16 48.03 117.55
C ARG IA 386 29.22 48.04 118.75
N GLU IA 387 28.30 49.00 118.77
CA GLU IA 387 27.37 49.15 119.88
C GLU IA 387 26.50 47.91 120.03
N ILE IA 388 26.13 47.28 118.91
CA ILE IA 388 25.29 46.10 118.99
C ILE IA 388 26.13 44.83 119.14
N SER IA 389 27.38 44.85 118.67
CA SER IA 389 28.27 43.71 118.91
C SER IA 389 28.55 43.56 120.39
N TYR IA 390 28.72 44.67 121.10
CA TYR IA 390 28.89 44.56 122.55
C TYR IA 390 27.64 43.99 123.22
N ALA IA 391 26.46 44.36 122.73
CA ALA IA 391 25.24 43.77 123.28
C ALA IA 391 25.21 42.26 123.04
N ILE IA 392 25.58 41.83 121.83
CA ILE IA 392 25.73 40.40 121.55
C ILE IA 392 26.66 39.77 122.57
N LYS IA 393 27.81 40.38 122.79
CA LYS IA 393 28.83 39.77 123.62
C LYS IA 393 28.50 39.82 125.10
N ASN IA 394 27.54 40.65 125.51
CA ASN IA 394 27.11 40.68 126.90
C ASN IA 394 25.95 39.74 127.18
N ILE IA 395 25.00 39.61 126.25
CA ILE IA 395 23.91 38.65 126.48
C ILE IA 395 24.26 37.24 126.03
N HIS IA 396 25.41 37.05 125.39
CA HIS IA 396 26.00 35.71 125.26
C HIS IA 396 27.01 35.46 126.35
N GLY IA 397 26.73 36.00 127.54
CA GLY IA 397 27.70 36.18 128.60
C GLY IA 397 28.71 35.08 128.80
N ILE IA 398 28.25 33.86 129.03
CA ILE IA 398 29.11 32.70 129.23
C ILE IA 398 28.88 31.65 128.17
N ARG IA 399 27.62 31.29 127.92
CA ARG IA 399 27.30 30.27 126.93
C ARG IA 399 27.76 30.73 125.55
N THR IA 400 27.74 29.81 124.58
CA THR IA 400 28.54 30.04 123.39
C THR IA 400 27.88 29.46 122.15
N GLY IA 401 28.28 30.00 121.01
CA GLY IA 401 28.15 29.36 119.72
C GLY IA 401 26.76 29.25 119.16
N LEU IA 402 25.78 29.97 119.70
CA LEU IA 402 24.42 29.86 119.22
C LEU IA 402 24.06 31.04 118.33
N PHE IA 403 22.93 30.90 117.65
CA PHE IA 403 22.61 31.60 116.41
C PHE IA 403 22.75 33.12 116.51
N THR IA 404 21.84 33.74 117.27
CA THR IA 404 21.70 35.17 117.51
C THR IA 404 20.73 35.37 118.67
N PRO IA 405 21.04 36.26 119.60
CA PRO IA 405 20.09 36.60 120.66
C PRO IA 405 19.18 37.76 120.26
N ASP IA 406 17.87 37.61 120.49
CA ASP IA 406 16.93 38.65 120.07
C ASP IA 406 16.96 39.86 121.01
N MET IA 407 17.32 39.66 122.27
CA MET IA 407 17.30 40.82 123.13
C MET IA 407 18.39 41.82 122.76
N ALA IA 408 19.36 41.43 121.92
CA ALA IA 408 20.26 42.42 121.36
C ALA IA 408 19.50 43.44 120.53
N PHE IA 409 18.68 42.95 119.59
CA PHE IA 409 17.78 43.81 118.84
C PHE IA 409 16.88 44.61 119.79
N GLU IA 410 16.38 43.97 120.83
CA GLU IA 410 15.53 44.64 121.80
C GLU IA 410 16.24 45.84 122.43
N THR IA 411 17.43 45.61 122.96
CA THR IA 411 18.15 46.66 123.67
C THR IA 411 18.55 47.78 122.72
N ILE IA 412 18.92 47.42 121.49
CA ILE IA 412 19.35 48.47 120.56
C ILE IA 412 18.19 49.33 120.13
N VAL IA 413 17.02 48.74 119.87
CA VAL IA 413 15.89 49.60 119.52
C VAL IA 413 15.44 50.41 120.73
N LYS IA 414 15.54 49.85 121.94
CA LYS IA 414 15.22 50.63 123.13
C LYS IA 414 16.17 51.80 123.31
N LYS IA 415 17.42 51.66 122.89
CA LYS IA 415 18.36 52.76 122.94
C LYS IA 415 18.13 53.77 121.83
N GLN IA 416 17.68 53.31 120.66
CA GLN IA 416 17.45 54.22 119.54
C GLN IA 416 16.19 55.06 119.73
N VAL IA 417 15.12 54.47 120.26
CA VAL IA 417 13.86 55.20 120.39
C VAL IA 417 13.75 55.97 121.69
N LYS IA 418 14.79 55.96 122.53
CA LYS IA 418 14.77 56.80 123.71
C LYS IA 418 15.17 58.23 123.41
N LYS IA 419 15.76 58.49 122.24
CA LYS IA 419 16.09 59.85 121.86
C LYS IA 419 15.04 60.49 120.97
N ILE IA 420 13.95 59.78 120.65
CA ILE IA 420 12.80 60.39 120.02
C ILE IA 420 12.11 61.34 120.99
N ARG IA 421 12.40 61.20 122.29
CA ARG IA 421 11.74 62.01 123.30
C ARG IA 421 12.01 63.49 123.15
N GLU IA 422 13.12 63.87 122.52
CA GLU IA 422 13.44 65.29 122.38
C GLU IA 422 12.68 65.95 121.23
N PRO IA 423 12.68 65.39 120.01
CA PRO IA 423 11.94 66.06 118.92
C PRO IA 423 10.45 66.21 119.18
N CYS IA 424 9.83 65.24 119.84
CA CYS IA 424 8.39 65.35 120.12
C CYS IA 424 8.10 66.51 121.07
N LEU IA 425 8.90 66.62 122.14
CA LEU IA 425 8.73 67.75 123.04
C LEU IA 425 9.04 69.07 122.34
N LYS IA 426 10.01 69.07 121.43
CA LYS IA 426 10.30 70.28 120.67
C LYS IA 426 9.12 70.68 119.79
N CYS IA 427 8.47 69.70 119.17
CA CYS IA 427 7.28 69.99 118.37
C CYS IA 427 6.15 70.51 119.24
N VAL IA 428 5.99 69.96 120.44
CA VAL IA 428 4.98 70.47 121.36
C VAL IA 428 5.27 71.92 121.71
N ASP IA 429 6.55 72.23 121.95
CA ASP IA 429 6.93 73.61 122.23
C ASP IA 429 6.63 74.52 121.05
N MET IA 430 6.88 74.04 119.83
CA MET IA 430 6.60 74.84 118.64
C MET IA 430 5.11 75.11 118.50
N VAL IA 431 4.29 74.08 118.72
CA VAL IA 431 2.83 74.27 118.64
C VAL IA 431 2.37 75.27 119.69
N ILE IA 432 2.91 75.17 120.91
CA ILE IA 432 2.62 76.16 121.93
C ILE IA 432 2.98 77.55 121.45
N SER IA 433 4.21 77.72 120.96
CA SER IA 433 4.70 79.04 120.56
C SER IA 433 3.92 79.61 119.41
N GLU IA 434 3.28 78.77 118.61
CA GLU IA 434 2.54 79.29 117.47
C GLU IA 434 1.10 79.61 117.84
N LEU IA 435 0.44 78.70 118.56
CA LEU IA 435 -0.94 78.96 118.96
C LEU IA 435 -1.03 80.14 119.93
N ILE IA 436 -0.05 80.27 120.84
CA ILE IA 436 -0.14 81.34 121.81
C ILE IA 436 0.08 82.69 121.13
N SER IA 437 0.73 82.70 119.97
CA SER IA 437 0.83 83.91 119.17
C SER IA 437 -0.41 84.16 118.33
N THR IA 438 -1.06 83.09 117.87
CA THR IA 438 -2.31 83.25 117.15
C THR IA 438 -3.41 83.81 118.04
N VAL IA 439 -3.43 83.40 119.31
CA VAL IA 439 -4.38 84.01 120.25
C VAL IA 439 -4.13 85.52 120.35
N ARG IA 440 -2.86 85.92 120.42
CA ARG IA 440 -2.55 87.34 120.43
C ARG IA 440 -3.00 88.02 119.14
N GLN IA 441 -2.81 87.32 118.01
CA GLN IA 441 -3.20 87.89 116.72
C GLN IA 441 -4.71 88.11 116.63
N CYS IA 442 -5.50 87.25 117.28
CA CYS IA 442 -6.95 87.38 117.24
C CYS IA 442 -7.51 88.15 118.42
N THR IA 443 -6.66 88.58 119.36
CA THR IA 443 -7.11 89.48 120.42
C THR IA 443 -6.63 90.92 120.24
N LYS IA 444 -5.52 91.15 119.55
CA LYS IA 444 -5.00 92.51 119.43
C LYS IA 444 -5.87 93.37 118.53
N LYS IA 445 -6.41 92.79 117.45
CA LYS IA 445 -7.06 93.60 116.43
C LYS IA 445 -8.55 93.77 116.66
N LEU IA 446 -9.23 92.76 117.22
CA LEU IA 446 -10.64 92.93 117.54
C LEU IA 446 -10.84 93.82 118.75
N GLN IA 447 -9.96 93.71 119.74
CA GLN IA 447 -10.15 94.39 121.02
C GLN IA 447 -9.47 95.75 120.98
N GLN IA 448 -10.27 96.79 120.74
CA GLN IA 448 -9.81 98.15 121.03
C GLN IA 448 -9.71 98.39 122.52
N TYR IA 449 -10.49 97.64 123.30
CA TYR IA 449 -10.57 97.86 124.74
C TYR IA 449 -9.22 97.61 125.39
N PRO IA 450 -8.79 98.46 126.31
CA PRO IA 450 -7.65 98.12 127.17
C PRO IA 450 -8.10 97.24 128.33
N ARG IA 451 -7.17 96.38 128.74
CA ARG IA 451 -7.32 95.47 129.88
C ARG IA 451 -8.27 94.32 129.55
N LEU IA 452 -9.04 94.44 128.48
CA LEU IA 452 -9.86 93.32 128.02
C LEU IA 452 -9.18 92.52 126.92
N ARG IA 453 -8.15 93.09 126.29
CA ARG IA 453 -7.19 92.30 125.54
C ARG IA 453 -6.07 91.80 126.44
N GLU IA 454 -6.09 92.17 127.72
CA GLU IA 454 -5.12 91.69 128.69
C GLU IA 454 -5.66 90.54 129.51
N GLU IA 455 -6.85 90.70 130.11
CA GLU IA 455 -7.45 89.61 130.87
C GLU IA 455 -7.75 88.41 129.98
N MET IA 456 -8.24 88.67 128.77
CA MET IA 456 -8.56 87.60 127.83
C MET IA 456 -7.31 86.81 127.47
N GLU IA 457 -6.25 87.52 127.07
CA GLU IA 457 -5.00 86.85 126.73
C GLU IA 457 -4.44 86.11 127.92
N ARG IA 458 -4.48 86.71 129.11
CA ARG IA 458 -3.96 86.06 130.30
C ARG IA 458 -4.69 84.75 130.57
N ILE IA 459 -6.02 84.78 130.55
CA ILE IA 459 -6.78 83.57 130.87
C ILE IA 459 -6.52 82.49 129.83
N VAL IA 460 -6.60 82.84 128.55
CA VAL IA 460 -6.43 81.83 127.51
C VAL IA 460 -5.02 81.25 127.55
N THR IA 461 -4.02 82.10 127.73
CA THR IA 461 -2.63 81.65 127.74
C THR IA 461 -2.35 80.78 128.97
N THR IA 462 -2.93 81.13 130.12
CA THR IA 462 -2.76 80.28 131.29
C THR IA 462 -3.40 78.91 131.07
N HIS IA 463 -4.56 78.88 130.42
CA HIS IA 463 -5.16 77.58 130.13
C HIS IA 463 -4.27 76.77 129.18
N ILE IA 464 -3.70 77.42 128.18
CA ILE IA 464 -2.84 76.71 127.22
C ILE IA 464 -1.60 76.18 127.92
N ARG IA 465 -0.99 76.98 128.78
CA ARG IA 465 0.20 76.54 129.50
C ARG IA 465 -0.13 75.55 130.61
N GLU IA 466 -1.40 75.46 131.01
CA GLU IA 466 -1.82 74.35 131.86
C GLU IA 466 -1.96 73.07 131.05
N ARG IA 467 -2.42 73.18 129.81
CA ARG IA 467 -2.58 71.99 128.97
C ARG IA 467 -1.26 71.46 128.44
N GLU IA 468 -0.24 72.32 128.35
CA GLU IA 468 1.04 71.85 127.81
C GLU IA 468 1.65 70.79 128.72
N GLY IA 469 1.46 70.91 130.04
CA GLY IA 469 1.95 69.88 130.93
C GLY IA 469 1.31 68.54 130.67
N ARG IA 470 -0.01 68.52 130.51
CA ARG IA 470 -0.71 67.26 130.25
C ARG IA 470 -0.27 66.66 128.92
N THR IA 471 -0.14 67.48 127.88
CA THR IA 471 0.21 66.91 126.60
C THR IA 471 1.66 66.41 126.58
N LYS IA 472 2.56 67.11 127.26
CA LYS IA 472 3.93 66.59 127.38
C LYS IA 472 3.96 65.30 128.16
N GLU IA 473 3.17 65.20 129.23
CA GLU IA 473 3.07 63.95 129.97
C GLU IA 473 2.58 62.82 129.07
N GLN IA 474 1.57 63.08 128.26
CA GLN IA 474 1.04 62.03 127.39
C GLN IA 474 2.04 61.64 126.33
N VAL IA 475 2.81 62.59 125.80
CA VAL IA 475 3.83 62.23 124.82
C VAL IA 475 4.92 61.38 125.45
N MET IA 476 5.37 61.75 126.66
CA MET IA 476 6.37 60.94 127.35
C MET IA 476 5.83 59.55 127.62
N LEU IA 477 4.57 59.44 128.02
CA LEU IA 477 4.01 58.13 128.32
C LEU IA 477 3.79 57.32 127.05
N LEU IA 478 3.54 57.98 125.92
CA LEU IA 478 3.51 57.26 124.65
C LEU IA 478 4.88 56.67 124.32
N ILE IA 479 5.93 57.45 124.54
CA ILE IA 479 7.28 56.91 124.33
C ILE IA 479 7.54 55.74 125.27
N ASP IA 480 7.18 55.89 126.54
CA ASP IA 480 7.39 54.81 127.50
C ASP IA 480 6.54 53.59 127.23
N ILE IA 481 5.42 53.74 126.51
CA ILE IA 481 4.71 52.57 125.99
C ILE IA 481 5.46 51.95 124.83
N GLU IA 482 6.02 52.77 123.95
CA GLU IA 482 6.75 52.21 122.82
C GLU IA 482 8.07 51.57 123.22
N LEU IA 483 8.52 51.79 124.45
CA LEU IA 483 9.61 51.01 125.04
C LEU IA 483 9.11 49.84 125.90
N ALA IA 484 8.05 49.15 125.50
CA ALA IA 484 7.54 48.05 126.32
C ALA IA 484 7.53 46.70 125.65
N TYR IA 485 7.13 46.61 124.39
CA TYR IA 485 6.95 45.27 123.83
C TYR IA 485 7.81 44.99 122.61
N MET IA 486 8.02 45.99 121.74
CA MET IA 486 8.87 45.84 120.56
C MET IA 486 8.34 44.72 119.66
N ASN IA 487 7.15 44.96 119.12
CA ASN IA 487 6.46 43.91 118.38
C ASN IA 487 7.21 43.54 117.10
N THR IA 488 6.98 42.31 116.66
CA THR IA 488 7.53 41.81 115.40
C THR IA 488 6.46 41.23 114.51
N ASN IA 489 5.25 40.98 115.02
CA ASN IA 489 4.15 40.49 114.20
C ASN IA 489 3.64 41.53 113.22
N HIS IA 490 4.10 42.78 113.33
CA HIS IA 490 3.69 43.83 112.42
C HIS IA 490 4.38 43.62 111.07
N GLU IA 491 4.20 44.57 110.16
CA GLU IA 491 4.67 44.46 108.78
C GLU IA 491 6.17 44.65 108.62
N ASP IA 492 6.99 44.64 109.67
CA ASP IA 492 8.43 44.52 109.45
C ASP IA 492 8.76 43.10 109.02
N PHE IA 493 9.70 42.98 108.08
CA PHE IA 493 10.07 41.66 107.57
C PHE IA 493 11.03 40.98 108.53
N ILE IA 494 10.78 39.71 108.80
CA ILE IA 494 11.58 38.95 109.74
C ILE IA 494 12.77 38.30 109.02
N ASP IA 652 35.79 37.50 111.00
CA ASP IA 652 34.33 37.50 110.90
C ASP IA 652 33.72 36.25 111.52
N PRO IA 653 33.96 36.05 112.82
CA PRO IA 653 33.47 34.83 113.45
C PRO IA 653 31.97 34.89 113.73
N GLN IA 654 31.17 34.67 112.68
CA GLN IA 654 29.72 34.78 112.71
C GLN IA 654 29.29 36.22 112.97
N LEU IA 655 30.26 37.12 113.17
CA LEU IA 655 29.93 38.50 113.45
C LEU IA 655 29.35 39.18 112.21
N GLU IA 656 30.01 39.04 111.07
CA GLU IA 656 29.45 39.63 109.86
C GLU IA 656 28.14 39.00 109.44
N ARG IA 657 27.67 38.00 110.18
CA ARG IA 657 26.34 37.43 109.99
C ARG IA 657 25.34 37.93 111.03
N GLN IA 658 25.78 38.12 112.26
CA GLN IA 658 24.89 38.52 113.34
C GLN IA 658 24.74 40.03 113.44
N VAL IA 659 25.86 40.77 113.43
CA VAL IA 659 25.83 42.21 113.60
C VAL IA 659 25.06 42.87 112.45
N GLU IA 660 25.30 42.41 111.22
CA GLU IA 660 24.63 42.98 110.06
C GLU IA 660 23.14 42.67 110.08
N THR IA 661 22.77 41.46 110.47
CA THR IA 661 21.36 41.11 110.57
C THR IA 661 20.67 41.97 111.63
N ILE IA 662 21.32 42.16 112.78
CA ILE IA 662 20.73 42.98 113.82
C ILE IA 662 20.56 44.41 113.34
N ARG IA 663 21.55 44.94 112.61
CA ARG IA 663 21.42 46.30 112.10
C ARG IA 663 20.28 46.41 111.09
N ASN IA 664 20.18 45.44 110.18
CA ASN IA 664 19.16 45.49 109.15
C ASN IA 664 17.77 45.20 109.69
N LEU IA 665 17.67 44.69 110.92
CA LEU IA 665 16.36 44.58 111.57
C LEU IA 665 16.05 45.81 112.43
N VAL IA 666 17.07 46.39 113.06
CA VAL IA 666 16.86 47.63 113.80
C VAL IA 666 16.38 48.72 112.86
N ASP IA 667 16.97 48.82 111.67
CA ASP IA 667 16.48 49.81 110.72
C ASP IA 667 15.05 49.53 110.29
N SER IA 668 14.73 48.26 110.06
CA SER IA 668 13.39 47.88 109.62
C SER IA 668 12.35 48.14 110.69
N TYR IA 669 12.74 48.15 111.96
CA TYR IA 669 11.79 48.51 113.00
C TYR IA 669 11.81 49.99 113.34
N MET IA 670 12.92 50.69 113.10
CA MET IA 670 12.93 52.15 113.26
C MET IA 670 12.03 52.81 112.23
N ALA IA 671 11.98 52.25 111.01
CA ALA IA 671 11.01 52.76 110.05
C ALA IA 671 9.60 52.73 110.62
N ILE IA 672 9.20 51.60 111.20
CA ILE IA 672 7.85 51.45 111.69
C ILE IA 672 7.59 52.33 112.91
N VAL IA 673 8.54 52.39 113.84
CA VAL IA 673 8.29 53.20 115.04
C VAL IA 673 8.25 54.69 114.67
N ASN IA 674 9.10 55.12 113.74
CA ASN IA 674 9.03 56.50 113.27
C ASN IA 674 7.69 56.78 112.61
N LYS IA 675 7.20 55.85 111.78
CA LYS IA 675 5.92 56.07 111.13
C LYS IA 675 4.78 56.15 112.15
N THR IA 676 4.79 55.27 113.14
CA THR IA 676 3.70 55.25 114.11
C THR IA 676 3.85 56.30 115.20
N VAL IA 677 4.96 57.04 115.22
CA VAL IA 677 5.02 58.19 116.11
C VAL IA 677 4.65 59.45 115.32
N ARG IA 678 5.00 59.49 114.03
CA ARG IA 678 4.60 60.62 113.22
C ARG IA 678 3.10 60.63 112.97
N ASP IA 679 2.49 59.47 112.85
CA ASP IA 679 1.05 59.39 112.61
C ASP IA 679 0.25 59.61 113.88
N LEU IA 680 0.88 59.58 115.05
CA LEU IA 680 0.15 59.63 116.30
C LEU IA 680 0.45 60.86 117.16
N MET IA 681 1.58 61.52 116.96
CA MET IA 681 1.94 62.63 117.83
C MET IA 681 1.09 63.87 117.56
N PRO IA 682 0.75 64.19 116.30
CA PRO IA 682 -0.25 65.25 116.10
C PRO IA 682 -1.58 64.98 116.78
N LYS IA 683 -2.05 63.74 116.75
CA LYS IA 683 -3.35 63.44 117.32
C LYS IA 683 -3.39 63.70 118.82
N THR IA 684 -2.34 63.30 119.54
CA THR IA 684 -2.36 63.44 120.99
C THR IA 684 -2.32 64.90 121.41
N ILE IA 685 -1.46 65.71 120.79
CA ILE IA 685 -1.42 67.12 121.13
C ILE IA 685 -2.73 67.79 120.75
N MET IA 686 -3.32 67.39 119.63
CA MET IA 686 -4.50 68.11 119.17
C MET IA 686 -5.78 67.58 119.80
N HIS IA 687 -5.71 66.50 120.56
CA HIS IA 687 -6.80 66.12 121.44
C HIS IA 687 -6.64 66.66 122.86
N LEU IA 688 -5.41 66.86 123.33
CA LEU IA 688 -5.22 67.34 124.69
C LEU IA 688 -5.11 68.85 124.78
N MET IA 689 -4.74 69.53 123.70
CA MET IA 689 -4.52 70.96 123.70
C MET IA 689 -5.47 71.72 122.80
N ILE IA 690 -5.50 71.39 121.51
CA ILE IA 690 -6.30 72.16 120.56
C ILE IA 690 -7.78 72.04 120.88
N ASN IA 691 -8.30 70.82 120.82
CA ASN IA 691 -9.72 70.56 121.02
C ASN IA 691 -10.11 70.63 122.49
N ASN IA 692 -9.21 71.05 123.37
CA ASN IA 692 -9.58 71.36 124.74
C ASN IA 692 -9.55 72.84 125.04
N THR IA 693 -8.55 73.58 124.56
CA THR IA 693 -8.61 75.03 124.69
C THR IA 693 -9.70 75.61 123.83
N LYS IA 694 -10.02 74.97 122.70
CA LYS IA 694 -11.14 75.43 121.89
C LYS IA 694 -12.46 75.24 122.63
N GLU IA 695 -12.63 74.10 123.29
CA GLU IA 695 -13.82 73.88 124.09
C GLU IA 695 -13.87 74.85 125.26
N PHE IA 696 -12.72 75.13 125.86
CA PHE IA 696 -12.66 76.11 126.95
C PHE IA 696 -13.10 77.48 126.47
N ILE IA 697 -12.67 77.86 125.26
CA ILE IA 697 -13.09 79.13 124.66
C ILE IA 697 -14.61 79.14 124.45
N PHE IA 698 -15.18 78.04 123.94
CA PHE IA 698 -16.64 77.97 123.86
C PHE IA 698 -17.31 78.18 125.21
N SER IA 699 -16.92 77.40 126.21
CA SER IA 699 -17.84 77.12 127.30
C SER IA 699 -17.39 77.60 128.68
N GLU IA 700 -16.23 78.24 128.81
CA GLU IA 700 -15.82 78.68 130.14
C GLU IA 700 -15.21 80.08 130.17
N LEU IA 701 -14.91 80.68 129.02
CA LEU IA 701 -14.18 81.95 129.01
C LEU IA 701 -14.96 83.07 129.70
N LEU IA 702 -16.27 83.13 129.46
CA LEU IA 702 -17.05 84.19 130.08
C LEU IA 702 -17.20 83.97 131.59
N ALA IA 703 -17.30 82.71 132.02
CA ALA IA 703 -17.53 82.45 133.43
C ALA IA 703 -16.40 82.97 134.30
N ASN IA 704 -15.15 82.70 133.91
CA ASN IA 704 -14.02 83.21 134.69
C ASN IA 704 -13.63 84.62 134.29
N LEU IA 705 -14.02 85.06 133.09
CA LEU IA 705 -13.78 86.45 132.71
C LEU IA 705 -14.62 87.40 133.56
N TYR IA 706 -15.85 86.99 133.90
CA TYR IA 706 -16.63 87.75 134.86
C TYR IA 706 -15.96 87.83 136.22
N SER IA 707 -15.29 86.76 136.64
CA SER IA 707 -14.76 86.68 137.99
C SER IA 707 -13.43 87.40 138.14
N CYS IA 708 -12.57 87.35 137.14
CA CYS IA 708 -11.27 87.99 137.23
C CYS IA 708 -11.42 89.51 137.17
N GLY IA 709 -10.74 90.20 138.08
CA GLY IA 709 -10.80 91.64 138.12
C GLY IA 709 -12.02 92.17 138.84
N ASP IA 710 -12.42 93.38 138.46
CA ASP IA 710 -13.52 94.07 139.12
C ASP IA 710 -14.87 93.69 138.54
N GLN IA 711 -14.92 93.35 137.26
CA GLN IA 711 -16.15 93.14 136.49
C GLN IA 711 -16.88 94.46 136.30
N ASN IA 712 -16.38 95.51 136.92
CA ASN IA 712 -16.90 96.87 136.77
C ASN IA 712 -15.89 97.81 136.14
N THR IA 713 -14.67 97.88 136.68
CA THR IA 713 -13.60 98.63 136.04
C THR IA 713 -12.87 97.76 135.03
N LEU IA 714 -13.65 97.09 134.19
CA LEU IA 714 -13.18 96.33 133.06
C LEU IA 714 -13.86 96.89 131.83
N MET IA 715 -13.27 96.64 130.66
CA MET IA 715 -13.75 97.19 129.39
C MET IA 715 -14.00 98.69 129.49
N GLU IA 716 -13.01 99.38 130.02
CA GLU IA 716 -13.01 100.84 130.06
C GLU IA 716 -12.52 101.36 128.72
N GLU IA 717 -13.14 102.43 128.25
CA GLU IA 717 -12.78 102.98 126.95
C GLU IA 717 -11.34 103.47 126.95
N SER IA 718 -10.57 103.00 125.96
CA SER IA 718 -9.25 103.58 125.73
C SER IA 718 -9.41 105.04 125.32
N ALA IA 719 -8.42 105.85 125.69
CA ALA IA 719 -8.49 107.28 125.37
C ALA IA 719 -8.72 107.52 123.89
N GLU IA 720 -8.17 106.66 123.03
CA GLU IA 720 -8.42 106.77 121.61
C GLU IA 720 -9.90 106.63 121.28
N GLN IA 721 -10.57 105.63 121.88
CA GLN IA 721 -11.99 105.46 121.63
C GLN IA 721 -12.80 106.60 122.26
N ALA IA 722 -12.36 107.10 123.41
CA ALA IA 722 -13.07 108.20 124.07
C ALA IA 722 -13.04 109.45 123.21
N GLN IA 723 -11.90 109.74 122.59
CA GLN IA 723 -11.81 110.91 121.71
C GLN IA 723 -12.35 110.62 120.31
N ARG IA 724 -12.54 109.34 119.96
CA ARG IA 724 -13.12 108.99 118.67
C ARG IA 724 -14.63 109.10 118.69
N ARG IA 725 -15.27 108.67 119.78
CA ARG IA 725 -16.72 108.74 119.86
C ARG IA 725 -17.21 110.19 119.80
N ASP IA 726 -16.50 111.10 120.46
CA ASP IA 726 -16.93 112.50 120.47
C ASP IA 726 -16.92 113.09 119.07
N GLU IA 727 -15.85 112.84 118.31
CA GLU IA 727 -15.78 113.38 116.96
C GLU IA 727 -16.77 112.69 116.04
N MET IA 728 -16.99 111.39 116.21
CA MET IA 728 -17.97 110.69 115.38
C MET IA 728 -19.40 111.06 115.73
N LEU IA 729 -19.63 111.66 116.89
CA LEU IA 729 -20.95 112.19 117.23
C LEU IA 729 -21.13 113.61 116.73
N ARG IA 730 -20.10 114.45 116.85
CA ARG IA 730 -20.23 115.80 116.31
C ARG IA 730 -20.33 115.78 114.79
N MET IA 731 -19.69 114.79 114.15
CA MET IA 731 -19.87 114.66 112.71
C MET IA 731 -21.29 114.25 112.36
N TYR IA 732 -21.93 113.43 113.19
CA TYR IA 732 -23.35 113.13 113.00
C TYR IA 732 -24.19 114.39 113.09
N HIS IA 733 -23.93 115.21 114.12
CA HIS IA 733 -24.68 116.46 114.24
C HIS IA 733 -24.46 117.37 113.04
N ALA IA 734 -23.22 117.48 112.58
CA ALA IA 734 -22.92 118.34 111.43
C ALA IA 734 -23.59 117.84 110.16
N LEU IA 735 -23.59 116.52 109.95
CA LEU IA 735 -24.27 115.97 108.77
C LEU IA 735 -25.76 116.21 108.84
N LYS IA 736 -26.36 116.05 110.02
CA LYS IA 736 -27.78 116.36 110.17
C LYS IA 736 -28.05 117.82 109.83
N GLU IA 737 -27.21 118.73 110.30
CA GLU IA 737 -27.40 120.14 110.00
C GLU IA 737 -27.24 120.43 108.52
N ALA IA 738 -26.28 119.78 107.86
CA ALA IA 738 -26.10 119.99 106.43
C ALA IA 738 -27.31 119.52 105.64
N LEU IA 739 -27.86 118.36 106.01
CA LEU IA 739 -29.08 117.89 105.35
C LEU IA 739 -30.25 118.83 105.61
N SER IA 740 -30.33 119.38 106.82
CA SER IA 740 -31.38 120.35 107.11
C SER IA 740 -31.25 121.58 106.22
N ILE IA 741 -30.03 122.06 106.02
CA ILE IA 741 -29.82 123.23 105.17
C ILE IA 741 -30.14 122.91 103.71
N ILE IA 742 -29.80 121.70 103.26
CA ILE IA 742 -30.15 121.31 101.90
C ILE IA 742 -31.66 121.28 101.72
N GLY IA 743 -32.38 120.73 102.70
CA GLY IA 743 -33.82 120.76 102.64
C GLY IA 743 -34.38 122.18 102.62
N ASN IA 744 -33.80 123.07 103.44
CA ASN IA 744 -34.27 124.45 103.48
C ASN IA 744 -34.04 125.15 102.15
N ILE IA 745 -32.89 124.93 101.52
CA ILE IA 745 -32.62 125.60 100.25
C ILE IA 745 -33.47 125.01 99.14
N ASN IA 746 -33.79 123.71 99.21
CA ASN IA 746 -34.72 123.14 98.25
C ASN IA 746 -36.12 123.72 98.42
N THR IA 747 -36.53 123.96 99.67
CA THR IA 747 -37.78 124.68 99.91
C THR IA 747 -37.73 126.09 99.32
N THR IA 748 -36.59 126.78 99.51
CA THR IA 748 -36.38 128.12 98.99
C THR IA 748 -37.46 129.09 99.44
N ILE JA 10 124.38 -117.02 -40.91
CA ILE JA 10 124.23 -115.66 -40.40
C ILE JA 10 122.77 -115.43 -40.01
N PRO JA 11 122.55 -114.69 -38.93
CA PRO JA 11 121.19 -114.50 -38.41
C PRO JA 11 120.29 -113.75 -39.38
N LEU JA 12 119.02 -114.14 -39.38
CA LEU JA 12 118.05 -113.55 -40.29
C LEU JA 12 117.76 -112.09 -39.93
N VAL JA 13 117.92 -111.71 -38.66
CA VAL JA 13 117.79 -110.31 -38.31
C VAL JA 13 118.90 -109.48 -38.94
N ASN JA 14 120.14 -110.01 -38.94
CA ASN JA 14 121.22 -109.36 -39.66
C ASN JA 14 120.92 -109.28 -41.16
N ARG JA 15 120.40 -110.35 -41.73
CA ARG JA 15 120.09 -110.30 -43.16
C ARG JA 15 119.00 -109.28 -43.46
N LEU JA 16 118.00 -109.18 -42.58
CA LEU JA 16 116.95 -108.19 -42.74
C LEU JA 16 117.51 -106.78 -42.65
N GLN JA 17 118.44 -106.55 -41.71
CA GLN JA 17 119.05 -105.22 -41.61
C GLN JA 17 119.89 -104.92 -42.84
N ASP JA 18 120.58 -105.93 -43.39
CA ASP JA 18 121.31 -105.75 -44.64
C ASP JA 18 120.37 -105.34 -45.76
N ALA JA 19 119.21 -106.00 -45.85
CA ALA JA 19 118.25 -105.64 -46.89
C ALA JA 19 117.69 -104.24 -46.67
N PHE JA 20 117.50 -103.85 -45.41
CA PHE JA 20 117.03 -102.49 -45.12
C PHE JA 20 118.05 -101.46 -45.55
N SER JA 21 119.33 -101.70 -45.25
CA SER JA 21 120.38 -100.80 -45.72
C SER JA 21 120.42 -100.76 -47.24
N ALA JA 22 120.20 -101.91 -47.89
CA ALA JA 22 120.20 -101.96 -49.35
C ALA JA 22 119.08 -101.11 -49.93
N ILE JA 23 117.87 -101.23 -49.40
CA ILE JA 23 116.77 -100.39 -49.89
C ILE JA 23 117.03 -98.94 -49.52
N GLY JA 24 117.86 -98.69 -48.49
CA GLY JA 24 118.30 -97.35 -48.18
C GLY JA 24 117.23 -96.41 -47.66
N GLN JA 25 115.97 -96.81 -47.63
CA GLN JA 25 114.95 -95.97 -47.04
C GLN JA 25 115.22 -95.78 -45.55
N ASN JA 26 114.85 -94.63 -45.03
CA ASN JA 26 115.17 -94.26 -43.65
C ASN JA 26 114.28 -95.01 -42.67
N ALA JA 27 114.37 -96.34 -42.73
CA ALA JA 27 113.63 -97.24 -41.86
C ALA JA 27 114.62 -98.03 -41.00
N ASP JA 28 114.13 -98.49 -39.85
CA ASP JA 28 114.95 -99.24 -38.92
C ASP JA 28 114.09 -100.26 -38.20
N LEU JA 29 114.74 -101.34 -37.76
CA LEU JA 29 114.02 -102.38 -37.05
C LEU JA 29 113.61 -101.98 -35.64
N ASP JA 30 114.15 -100.86 -35.14
CA ASP JA 30 113.79 -100.31 -33.83
C ASP JA 30 114.11 -101.28 -32.71
N LEU JA 31 115.38 -101.71 -32.66
CA LEU JA 31 115.82 -102.57 -31.59
C LEU JA 31 115.95 -101.78 -30.29
N PRO JA 32 115.79 -102.42 -29.13
CA PRO JA 32 116.06 -101.74 -27.87
C PRO JA 32 117.56 -101.54 -27.69
N GLN JA 33 117.90 -100.50 -26.94
CA GLN JA 33 119.31 -100.25 -26.64
C GLN JA 33 119.80 -101.26 -25.61
N ILE JA 34 121.11 -101.41 -25.52
CA ILE JA 34 121.75 -102.30 -24.57
C ILE JA 34 122.64 -101.46 -23.66
N ALA JA 35 122.59 -101.73 -22.36
CA ALA JA 35 123.46 -101.06 -21.40
C ALA JA 35 124.18 -102.13 -20.60
N VAL JA 36 125.50 -102.01 -20.50
CA VAL JA 36 126.31 -102.95 -19.73
C VAL JA 36 126.68 -102.27 -18.42
N VAL JA 37 126.34 -102.91 -17.30
CA VAL JA 37 126.55 -102.31 -15.99
C VAL JA 37 127.06 -103.40 -15.03
N GLY JA 38 127.77 -102.95 -14.01
CA GLY JA 38 128.33 -103.84 -13.03
C GLY JA 38 129.20 -103.10 -12.04
N GLY JA 39 129.92 -103.86 -11.23
CA GLY JA 39 130.86 -103.27 -10.30
C GLY JA 39 132.15 -102.87 -10.97
N GLN JA 40 132.95 -102.09 -10.25
CA GLN JA 40 134.25 -101.69 -10.78
C GLN JA 40 135.15 -102.91 -10.94
N SER JA 41 135.87 -102.94 -12.05
CA SER JA 41 136.75 -104.06 -12.41
C SER JA 41 136.00 -105.37 -12.58
N ALA JA 42 134.72 -105.31 -12.93
CA ALA JA 42 133.96 -106.53 -13.18
C ALA JA 42 134.38 -107.20 -14.48
N GLY JA 43 134.53 -106.40 -15.54
CA GLY JA 43 134.80 -106.94 -16.86
C GLY JA 43 133.83 -106.43 -17.90
N LYS JA 44 133.15 -105.33 -17.57
CA LYS JA 44 132.07 -104.81 -18.40
C LYS JA 44 132.57 -104.42 -19.79
N SER JA 45 133.63 -103.63 -19.86
CA SER JA 45 134.15 -103.19 -21.15
C SER JA 45 134.66 -104.36 -21.97
N SER JA 46 135.31 -105.32 -21.31
CA SER JA 46 135.83 -106.49 -22.03
C SER JA 46 134.69 -107.31 -22.63
N VAL JA 47 133.62 -107.54 -21.86
CA VAL JA 47 132.47 -108.26 -22.39
C VAL JA 47 131.86 -107.49 -23.56
N LEU JA 48 131.75 -106.17 -23.43
CA LEU JA 48 131.18 -105.38 -24.51
C LEU JA 48 132.00 -105.49 -25.80
N GLU JA 49 133.33 -105.39 -25.68
CA GLU JA 49 134.13 -105.44 -26.89
C GLU JA 49 134.14 -106.85 -27.49
N ASN JA 50 134.08 -107.88 -26.64
CA ASN JA 50 134.04 -109.24 -27.17
C ASN JA 50 132.70 -109.51 -27.85
N PHE JA 51 131.62 -108.91 -27.36
CA PHE JA 51 130.34 -109.02 -28.05
C PHE JA 51 130.37 -108.27 -29.38
N VAL JA 52 131.03 -107.11 -29.42
CA VAL JA 52 131.18 -106.40 -30.68
C VAL JA 52 131.98 -107.24 -31.67
N GLY JA 53 133.06 -107.84 -31.21
CA GLY JA 53 133.91 -108.68 -32.03
C GLY JA 53 135.28 -108.10 -32.31
N ARG JA 54 135.48 -106.81 -32.04
CA ARG JA 54 136.71 -106.12 -32.38
C ARG JA 54 137.17 -105.27 -31.20
N ASP JA 55 138.48 -105.27 -30.94
CA ASP JA 55 139.05 -104.72 -29.72
C ASP JA 55 139.32 -103.24 -29.90
N PHE JA 56 138.43 -102.40 -29.37
CA PHE JA 56 138.57 -100.96 -29.47
C PHE JA 56 138.15 -100.25 -28.19
N LEU JA 57 138.28 -100.90 -27.04
CA LEU JA 57 137.82 -100.32 -25.79
C LEU JA 57 138.92 -100.32 -24.75
N PRO JA 58 138.96 -99.30 -23.89
CA PRO JA 58 139.99 -99.24 -22.84
C PRO JA 58 139.74 -100.32 -21.80
N ARG JA 59 140.76 -101.16 -21.56
CA ARG JA 59 140.65 -102.27 -20.64
C ARG JA 59 141.94 -102.39 -19.84
N GLY JA 60 141.85 -102.19 -18.52
CA GLY JA 60 143.00 -102.33 -17.66
C GLY JA 60 142.57 -102.42 -16.21
N SER JA 61 143.53 -102.71 -15.35
CA SER JA 61 143.26 -102.76 -13.92
C SER JA 61 143.01 -101.36 -13.38
N GLY JA 62 142.28 -101.31 -12.27
CA GLY JA 62 141.91 -100.03 -11.69
C GLY JA 62 140.69 -99.45 -12.38
N ILE JA 63 140.52 -98.14 -12.21
CA ILE JA 63 139.43 -97.42 -12.86
C ILE JA 63 139.86 -97.09 -14.28
N VAL JA 64 139.10 -97.58 -15.25
CA VAL JA 64 139.45 -97.41 -16.66
C VAL JA 64 138.28 -96.77 -17.41
N THR JA 65 137.14 -97.45 -17.43
CA THR JA 65 135.95 -96.94 -18.12
C THR JA 65 135.35 -95.83 -17.27
N ARG JA 66 135.92 -94.63 -17.40
CA ARG JA 66 135.59 -93.51 -16.52
C ARG JA 66 134.70 -92.47 -17.19
N ARG JA 67 133.97 -92.85 -18.25
CA ARG JA 67 133.06 -91.92 -18.91
C ARG JA 67 132.08 -92.71 -19.75
N PRO JA 68 130.79 -92.39 -19.70
CA PRO JA 68 129.78 -93.22 -20.39
C PRO JA 68 129.96 -93.19 -21.90
N LEU JA 69 130.31 -94.33 -22.47
CA LEU JA 69 130.53 -94.47 -23.89
C LEU JA 69 129.24 -94.93 -24.55
N VAL JA 70 128.64 -94.07 -25.36
CA VAL JA 70 127.42 -94.40 -26.10
C VAL JA 70 127.88 -94.84 -27.49
N LEU JA 71 128.07 -96.14 -27.63
CA LEU JA 71 128.39 -96.78 -28.90
C LEU JA 71 127.13 -96.93 -29.75
N GLN JA 72 127.28 -96.74 -31.05
CA GLN JA 72 126.21 -97.07 -32.00
C GLN JA 72 126.82 -97.91 -33.11
N LEU JA 73 126.59 -99.22 -33.05
CA LEU JA 73 126.93 -100.10 -34.16
C LEU JA 73 125.91 -99.93 -35.27
N VAL JA 74 126.38 -99.61 -36.47
CA VAL JA 74 125.51 -99.42 -37.63
C VAL JA 74 126.07 -100.24 -38.79
N ASN JA 75 125.23 -100.41 -39.80
CA ASN JA 75 125.55 -101.25 -40.94
C ASN JA 75 125.94 -100.39 -42.13
N ALA JA 76 127.01 -100.80 -42.81
CA ALA JA 76 127.48 -100.11 -44.00
C ALA JA 76 128.36 -101.08 -44.79
N THR JA 77 128.94 -100.59 -45.88
CA THR JA 77 129.72 -101.45 -46.77
C THR JA 77 130.97 -101.97 -46.09
N THR JA 78 131.76 -101.08 -45.49
CA THR JA 78 132.98 -101.47 -44.82
C THR JA 78 133.16 -100.66 -43.54
N GLU JA 79 134.06 -101.13 -42.69
CA GLU JA 79 134.10 -100.73 -41.29
C GLU JA 79 135.03 -99.54 -41.06
N TYR JA 80 134.58 -98.65 -40.19
CA TYR JA 80 135.38 -97.55 -39.64
C TYR JA 80 134.67 -97.06 -38.39
N ALA JA 81 135.14 -95.94 -37.84
CA ALA JA 81 134.52 -95.39 -36.64
C ALA JA 81 134.62 -93.87 -36.70
N GLU JA 82 133.59 -93.21 -36.16
CA GLU JA 82 133.56 -91.76 -36.09
C GLU JA 82 133.02 -91.32 -34.73
N PHE JA 83 133.68 -90.31 -34.16
CA PHE JA 83 133.23 -89.70 -32.93
C PHE JA 83 132.30 -88.53 -33.27
N LEU JA 84 131.94 -87.74 -32.27
CA LEU JA 84 131.21 -86.51 -32.48
C LEU JA 84 132.04 -85.28 -32.10
N HIS JA 85 133.36 -85.42 -32.06
CA HIS JA 85 134.25 -84.28 -31.88
C HIS JA 85 135.29 -84.19 -32.98
N CYS JA 86 135.80 -85.32 -33.47
CA CYS JA 86 136.69 -85.33 -34.62
C CYS JA 86 135.87 -85.41 -35.91
N LYS JA 87 135.00 -84.43 -36.09
CA LYS JA 87 134.06 -84.42 -37.20
C LYS JA 87 134.80 -84.45 -38.53
N GLY JA 88 134.35 -85.34 -39.41
CA GLY JA 88 134.99 -85.56 -40.70
C GLY JA 88 136.03 -86.67 -40.68
N LYS JA 89 136.76 -86.79 -39.58
CA LYS JA 89 137.78 -87.82 -39.48
C LYS JA 89 137.15 -89.20 -39.43
N LYS JA 90 137.85 -90.17 -40.02
CA LYS JA 90 137.37 -91.55 -40.10
C LYS JA 90 138.43 -92.46 -39.47
N PHE JA 91 138.35 -92.64 -38.17
CA PHE JA 91 139.25 -93.56 -37.48
C PHE JA 91 139.06 -94.96 -38.04
N THR JA 92 140.17 -95.62 -38.34
CA THR JA 92 140.11 -96.93 -38.99
C THR JA 92 140.85 -98.01 -38.22
N ASP JA 93 141.99 -97.70 -37.62
CA ASP JA 93 142.73 -98.67 -36.83
C ASP JA 93 142.39 -98.51 -35.36
N PHE JA 94 142.05 -99.64 -34.73
CA PHE JA 94 141.42 -99.63 -33.43
C PHE JA 94 142.38 -99.30 -32.29
N GLU JA 95 143.68 -99.46 -32.51
CA GLU JA 95 144.63 -98.90 -31.55
C GLU JA 95 144.48 -97.38 -31.49
N GLU JA 96 144.40 -96.73 -32.64
CA GLU JA 96 144.15 -95.30 -32.67
C GLU JA 96 142.79 -94.97 -32.08
N VAL JA 97 141.79 -95.81 -32.34
CA VAL JA 97 140.46 -95.56 -31.78
C VAL JA 97 140.51 -95.58 -30.25
N ARG JA 98 141.18 -96.59 -29.69
CA ARG JA 98 141.27 -96.70 -28.23
C ARG JA 98 142.06 -95.54 -27.64
N LEU JA 99 143.17 -95.16 -28.27
CA LEU JA 99 143.95 -94.04 -27.77
C LEU JA 99 143.14 -92.75 -27.79
N GLU JA 100 142.37 -92.54 -28.87
CA GLU JA 100 141.51 -91.37 -28.93
C GLU JA 100 140.44 -91.41 -27.84
N ILE JA 101 139.89 -92.60 -27.57
CA ILE JA 101 138.88 -92.72 -26.52
C ILE JA 101 139.46 -92.31 -25.17
N GLU JA 102 140.62 -92.86 -24.82
CA GLU JA 102 141.19 -92.56 -23.51
C GLU JA 102 141.61 -91.10 -23.42
N ALA JA 103 142.16 -90.54 -24.50
CA ALA JA 103 142.50 -89.13 -24.51
C ALA JA 103 141.27 -88.25 -24.34
N GLU JA 104 140.17 -88.62 -24.99
CA GLU JA 104 138.94 -87.86 -24.86
C GLU JA 104 138.42 -87.91 -23.44
N THR JA 105 138.49 -89.08 -22.80
CA THR JA 105 138.09 -89.19 -21.40
C THR JA 105 138.94 -88.29 -20.53
N ASP JA 106 140.26 -88.31 -20.74
CA ASP JA 106 141.17 -87.54 -19.89
C ASP JA 106 140.98 -86.04 -20.09
N ARG JA 107 140.65 -85.61 -21.31
CA ARG JA 107 140.59 -84.18 -21.60
C ARG JA 107 139.50 -83.47 -20.80
N VAL JA 108 138.54 -84.19 -20.23
CA VAL JA 108 137.50 -83.60 -19.41
C VAL JA 108 137.56 -84.12 -17.97
N THR JA 109 137.84 -85.41 -17.79
CA THR JA 109 137.85 -85.98 -16.44
C THR JA 109 139.08 -85.56 -15.67
N GLY JA 110 140.23 -85.53 -16.33
CA GLY JA 110 141.51 -85.35 -15.66
C GLY JA 110 142.27 -86.66 -15.53
N THR JA 111 143.51 -86.54 -15.07
CA THR JA 111 144.42 -87.66 -14.97
C THR JA 111 144.62 -88.11 -13.52
N ASN JA 112 143.57 -88.05 -12.72
CA ASN JA 112 143.63 -88.48 -11.33
C ASN JA 112 142.38 -89.27 -10.97
N LYS JA 113 141.98 -90.17 -11.87
CA LYS JA 113 140.87 -91.10 -11.66
C LYS JA 113 139.52 -90.40 -11.48
N GLY JA 114 139.42 -89.15 -11.91
CA GLY JA 114 138.12 -88.50 -11.91
C GLY JA 114 137.22 -89.04 -13.01
N ILE JA 115 135.92 -88.79 -12.86
CA ILE JA 115 134.94 -89.23 -13.83
C ILE JA 115 134.07 -88.05 -14.25
N SER JA 116 133.31 -88.23 -15.33
CA SER JA 116 132.45 -87.20 -15.87
C SER JA 116 131.23 -87.87 -16.49
N PRO JA 117 130.02 -87.40 -16.17
CA PRO JA 117 128.80 -88.02 -16.70
C PRO JA 117 128.49 -87.67 -18.14
N VAL JA 118 129.26 -86.79 -18.78
CA VAL JA 118 128.97 -86.36 -20.14
C VAL JA 118 129.30 -87.49 -21.12
N PRO JA 119 128.34 -87.93 -21.92
CA PRO JA 119 128.55 -89.12 -22.75
C PRO JA 119 129.50 -88.86 -23.91
N ILE JA 120 130.31 -89.87 -24.20
CA ILE JA 120 131.12 -89.90 -25.42
C ILE JA 120 130.31 -90.62 -26.49
N ASN JA 121 129.85 -89.89 -27.49
CA ASN JA 121 129.01 -90.45 -28.54
C ASN JA 121 129.92 -90.97 -29.65
N LEU JA 122 129.94 -92.28 -29.83
CA LEU JA 122 130.79 -92.92 -30.84
C LEU JA 122 129.93 -93.78 -31.74
N ARG JA 123 130.32 -93.88 -33.01
CA ARG JA 123 129.59 -94.69 -33.97
C ARG JA 123 130.58 -95.57 -34.73
N VAL JA 124 130.24 -96.85 -34.87
CA VAL JA 124 131.07 -97.80 -35.61
C VAL JA 124 130.24 -98.32 -36.77
N TYR JA 125 130.89 -98.55 -37.90
CA TYR JA 125 130.25 -99.12 -39.08
C TYR JA 125 130.76 -100.54 -39.27
N SER JA 126 129.88 -101.42 -39.71
CA SER JA 126 130.24 -102.82 -39.89
C SER JA 126 129.31 -103.43 -40.92
N PRO JA 127 129.75 -104.48 -41.62
CA PRO JA 127 128.91 -105.02 -42.71
C PRO JA 127 127.71 -105.83 -42.23
N HIS JA 128 127.81 -106.51 -41.09
CA HIS JA 128 126.77 -107.46 -40.68
C HIS JA 128 126.41 -107.27 -39.21
N VAL JA 129 126.13 -106.03 -38.80
CA VAL JA 129 125.66 -105.76 -37.45
C VAL JA 129 124.36 -104.99 -37.53
N LEU JA 130 123.58 -105.09 -36.45
CA LEU JA 130 122.34 -104.34 -36.34
C LEU JA 130 122.64 -102.86 -36.10
N ASN JA 131 121.62 -102.03 -36.26
CA ASN JA 131 121.69 -100.64 -35.80
C ASN JA 131 121.48 -100.59 -34.29
N LEU JA 132 122.44 -101.17 -33.58
CA LEU JA 132 122.33 -101.31 -32.14
C LEU JA 132 122.70 -99.99 -31.47
N THR JA 133 122.52 -99.94 -30.16
CA THR JA 133 122.91 -98.78 -29.36
C THR JA 133 123.46 -99.31 -28.04
N LEU JA 134 124.77 -99.51 -28.00
CA LEU JA 134 125.45 -100.03 -26.82
C LEU JA 134 125.82 -98.88 -25.90
N VAL JA 135 125.80 -99.14 -24.60
CA VAL JA 135 126.17 -98.13 -23.61
C VAL JA 135 127.10 -98.80 -22.61
N ASP JA 136 128.38 -98.43 -22.66
CA ASP JA 136 129.32 -98.82 -21.63
C ASP JA 136 129.34 -97.73 -20.56
N LEU JA 137 129.37 -98.16 -19.32
CA LEU JA 137 129.24 -97.26 -18.17
C LEU JA 137 130.34 -97.54 -17.17
N PRO JA 138 130.71 -96.57 -16.36
CA PRO JA 138 131.64 -96.82 -15.26
C PRO JA 138 131.06 -97.77 -14.23
N GLY JA 139 131.94 -98.51 -13.57
CA GLY JA 139 131.51 -99.39 -12.51
C GLY JA 139 131.08 -98.63 -11.28
N MET JA 140 130.46 -99.34 -10.36
CA MET JA 140 129.90 -98.73 -9.15
C MET JA 140 130.92 -98.82 -8.02
N THR JA 141 131.21 -97.68 -7.40
CA THR JA 141 132.16 -97.59 -6.30
C THR JA 141 131.50 -96.86 -5.14
N LYS JA 142 131.98 -97.13 -3.93
CA LYS JA 142 131.45 -96.49 -2.73
C LYS JA 142 132.39 -95.47 -2.12
N VAL JA 143 133.67 -95.81 -1.97
CA VAL JA 143 134.66 -94.91 -1.39
C VAL JA 143 135.35 -94.14 -2.52
N PRO JA 144 135.33 -92.81 -2.50
CA PRO JA 144 136.06 -92.06 -3.52
C PRO JA 144 137.56 -92.29 -3.42
N VAL JA 145 138.21 -92.31 -4.59
CA VAL JA 145 139.66 -92.47 -4.68
C VAL JA 145 140.18 -91.36 -5.58
N GLY JA 146 141.43 -90.96 -5.34
CA GLY JA 146 141.99 -89.87 -6.11
C GLY JA 146 141.30 -88.57 -5.76
N ASP JA 147 140.83 -87.85 -6.78
CA ASP JA 147 140.20 -86.55 -6.59
C ASP JA 147 138.68 -86.60 -6.81
N GLN JA 148 138.08 -87.78 -6.77
CA GLN JA 148 136.64 -87.87 -6.95
C GLN JA 148 135.93 -87.18 -5.78
N PRO JA 149 134.75 -86.62 -6.03
CA PRO JA 149 133.99 -86.00 -4.94
C PRO JA 149 133.53 -87.04 -3.94
N PRO JA 150 133.25 -86.63 -2.70
CA PRO JA 150 132.87 -87.62 -1.68
C PRO JA 150 131.60 -88.39 -1.99
N ASP JA 151 130.72 -87.87 -2.85
CA ASP JA 151 129.48 -88.55 -3.22
C ASP JA 151 129.62 -89.30 -4.54
N ILE JA 152 130.81 -89.86 -4.80
CA ILE JA 152 131.04 -90.55 -6.06
C ILE JA 152 130.09 -91.73 -6.22
N GLU JA 153 129.69 -92.37 -5.12
CA GLU JA 153 128.77 -93.50 -5.21
C GLU JA 153 127.44 -93.05 -5.80
N PHE JA 154 126.85 -92.00 -5.22
CA PHE JA 154 125.58 -91.49 -5.74
C PHE JA 154 125.74 -90.96 -7.15
N GLN JA 155 126.88 -90.33 -7.44
CA GLN JA 155 127.11 -89.80 -8.78
C GLN JA 155 127.07 -90.90 -9.82
N ILE JA 156 127.86 -91.98 -9.61
CA ILE JA 156 127.83 -93.08 -10.56
C ILE JA 156 126.45 -93.73 -10.59
N ARG JA 157 125.83 -93.88 -9.41
CA ARG JA 157 124.53 -94.54 -9.34
C ARG JA 157 123.50 -93.84 -10.21
N ASP JA 158 123.21 -92.57 -9.92
CA ASP JA 158 122.18 -91.89 -10.69
C ASP JA 158 122.63 -91.63 -12.13
N MET JA 159 123.95 -91.52 -12.35
CA MET JA 159 124.45 -91.33 -13.70
C MET JA 159 124.13 -92.52 -14.59
N LEU JA 160 124.28 -93.74 -14.08
CA LEU JA 160 123.88 -94.90 -14.87
C LEU JA 160 122.39 -95.20 -14.75
N MET JA 161 121.74 -94.74 -13.69
CA MET JA 161 120.29 -94.90 -13.58
C MET JA 161 119.58 -94.11 -14.66
N GLN JA 162 120.07 -92.90 -14.96
CA GLN JA 162 119.45 -92.10 -16.00
C GLN JA 162 119.54 -92.77 -17.38
N PHE JA 163 120.42 -93.76 -17.54
CA PHE JA 163 120.49 -94.51 -18.78
C PHE JA 163 119.78 -95.86 -18.72
N VAL JA 164 119.68 -96.45 -17.54
CA VAL JA 164 119.12 -97.81 -17.45
C VAL JA 164 117.61 -97.77 -17.20
N THR JA 165 117.16 -96.81 -16.38
CA THR JA 165 115.77 -96.81 -15.94
C THR JA 165 114.80 -96.61 -17.10
N LYS JA 166 115.26 -96.12 -18.25
CA LYS JA 166 114.37 -96.02 -19.40
C LYS JA 166 114.03 -97.41 -19.92
N GLU JA 167 112.85 -97.51 -20.52
CA GLU JA 167 112.39 -98.78 -21.07
C GLU JA 167 113.21 -99.06 -22.35
N ASN JA 168 112.93 -100.22 -22.97
CA ASN JA 168 113.66 -100.74 -24.13
C ASN JA 168 115.16 -100.59 -23.94
N CYS JA 169 115.64 -100.88 -22.73
CA CYS JA 169 117.06 -100.81 -22.39
C CYS JA 169 117.42 -102.15 -21.74
N LEU JA 170 117.85 -103.10 -22.55
CA LEU JA 170 118.33 -104.37 -22.03
C LEU JA 170 119.52 -104.12 -21.12
N ILE JA 171 119.64 -104.94 -20.08
CA ILE JA 171 120.67 -104.77 -19.06
C ILE JA 171 121.58 -105.98 -19.11
N LEU JA 172 122.89 -105.72 -19.19
CA LEU JA 172 123.91 -106.76 -19.03
C LEU JA 172 124.50 -106.57 -17.63
N ALA JA 173 124.05 -107.38 -16.68
CA ALA JA 173 124.54 -107.33 -15.30
C ALA JA 173 125.80 -108.17 -15.23
N VAL JA 174 126.95 -107.49 -15.18
CA VAL JA 174 128.24 -108.16 -15.15
C VAL JA 174 128.66 -108.34 -13.70
N SER JA 175 129.03 -109.56 -13.36
CA SER JA 175 129.54 -109.82 -12.02
C SER JA 175 130.74 -110.75 -12.12
N PRO JA 176 131.78 -110.50 -11.34
CA PRO JA 176 132.91 -111.43 -11.31
C PRO JA 176 132.53 -112.71 -10.59
N ALA JA 177 133.29 -113.76 -10.87
CA ALA JA 177 133.17 -115.00 -10.14
C ALA JA 177 134.07 -115.04 -8.92
N ASN JA 178 134.77 -113.93 -8.64
CA ASN JA 178 135.64 -113.89 -7.47
C ASN JA 178 134.86 -113.57 -6.21
N SER JA 179 134.22 -112.40 -6.18
CA SER JA 179 133.36 -112.05 -5.06
C SER JA 179 132.13 -112.96 -5.05
N ASP JA 180 131.61 -113.20 -3.86
CA ASP JA 180 130.35 -113.93 -3.75
C ASP JA 180 129.25 -113.16 -4.45
N LEU JA 181 128.36 -113.89 -5.12
CA LEU JA 181 127.35 -113.26 -5.98
C LEU JA 181 126.47 -112.30 -5.19
N ALA JA 182 126.33 -112.52 -3.88
CA ALA JA 182 125.46 -111.69 -3.06
C ALA JA 182 125.89 -110.23 -3.03
N ASN JA 183 127.13 -109.93 -3.37
CA ASN JA 183 127.64 -108.56 -3.33
C ASN JA 183 127.45 -107.81 -4.65
N SER JA 184 126.80 -108.42 -5.64
CA SER JA 184 126.82 -107.89 -7.00
C SER JA 184 126.11 -106.53 -7.11
N ASP JA 185 126.91 -105.48 -7.29
CA ASP JA 185 126.36 -104.16 -7.57
C ASP JA 185 125.56 -104.14 -8.85
N ALA JA 186 125.88 -105.04 -9.79
CA ALA JA 186 125.07 -105.15 -11.00
C ALA JA 186 123.69 -105.70 -10.68
N LEU JA 187 123.63 -106.79 -9.92
CA LEU JA 187 122.35 -107.41 -9.60
C LEU JA 187 121.49 -106.50 -8.73
N LYS JA 188 122.10 -105.70 -7.86
CA LYS JA 188 121.30 -104.77 -7.07
C LYS JA 188 120.52 -103.83 -7.96
N VAL JA 189 121.20 -103.17 -8.90
CA VAL JA 189 120.51 -102.24 -9.81
C VAL JA 189 119.56 -103.00 -10.72
N ALA JA 190 119.95 -104.21 -11.15
CA ALA JA 190 119.10 -104.98 -12.04
C ALA JA 190 117.75 -105.29 -11.39
N LYS JA 191 117.78 -105.80 -10.16
CA LYS JA 191 116.54 -106.07 -9.45
C LYS JA 191 115.85 -104.80 -8.97
N GLU JA 192 116.57 -103.68 -8.89
CA GLU JA 192 115.92 -102.43 -8.49
C GLU JA 192 115.10 -101.83 -9.62
N VAL JA 193 115.59 -101.93 -10.86
CA VAL JA 193 114.93 -101.25 -11.97
C VAL JA 193 114.07 -102.21 -12.78
N ASP JA 194 114.42 -103.49 -12.76
CA ASP JA 194 113.74 -104.54 -13.51
C ASP JA 194 113.41 -105.66 -12.53
N PRO JA 195 112.34 -105.50 -11.75
CA PRO JA 195 112.06 -106.50 -10.70
C PRO JA 195 111.81 -107.89 -11.25
N GLN JA 196 110.92 -108.02 -12.24
CA GLN JA 196 110.61 -109.34 -12.79
C GLN JA 196 111.76 -109.94 -13.59
N GLY JA 197 112.78 -109.15 -13.89
CA GLY JA 197 113.91 -109.67 -14.66
C GLY JA 197 113.56 -110.05 -16.08
N GLN JA 198 112.77 -109.22 -16.76
CA GLN JA 198 112.36 -109.52 -18.14
C GLN JA 198 113.26 -108.86 -19.18
N ARG JA 199 114.07 -107.88 -18.80
CA ARG JA 199 115.03 -107.26 -19.69
C ARG JA 199 116.41 -107.23 -19.06
N THR JA 200 116.73 -108.26 -18.28
CA THR JA 200 117.99 -108.36 -17.57
C THR JA 200 118.65 -109.68 -17.91
N ILE JA 201 119.94 -109.64 -18.22
CA ILE JA 201 120.73 -110.84 -18.49
C ILE JA 201 121.98 -110.78 -17.64
N GLY JA 202 122.26 -111.87 -16.92
CA GLY JA 202 123.39 -111.93 -16.02
C GLY JA 202 124.57 -112.63 -16.66
N VAL JA 203 125.75 -112.04 -16.51
CA VAL JA 203 126.98 -112.62 -17.03
C VAL JA 203 127.99 -112.70 -15.89
N ILE JA 204 128.68 -113.84 -15.81
CA ILE JA 204 129.66 -114.13 -14.78
C ILE JA 204 131.01 -114.18 -15.45
N THR JA 205 131.90 -113.27 -15.07
CA THR JA 205 133.23 -113.17 -15.65
C THR JA 205 134.24 -113.80 -14.69
N LYS JA 206 135.50 -113.82 -15.13
CA LYS JA 206 136.62 -114.20 -14.29
C LYS JA 206 136.46 -115.61 -13.71
N LEU JA 207 135.80 -116.50 -14.45
CA LEU JA 207 135.60 -117.86 -13.97
C LEU JA 207 136.90 -118.63 -13.82
N ASP JA 208 138.00 -118.13 -14.38
CA ASP JA 208 139.30 -118.76 -14.22
C ASP JA 208 140.03 -118.28 -12.98
N LEU JA 209 139.48 -117.31 -12.24
CA LEU JA 209 140.15 -116.72 -11.09
C LEU JA 209 139.50 -117.15 -9.77
N MET JA 210 138.75 -118.24 -9.77
CA MET JA 210 138.09 -118.69 -8.56
C MET JA 210 139.06 -119.46 -7.67
N ASP JA 211 138.79 -119.43 -6.37
CA ASP JA 211 139.68 -120.04 -5.40
C ASP JA 211 139.73 -121.55 -5.59
N GLU JA 212 140.86 -122.14 -5.20
CA GLU JA 212 141.02 -123.58 -5.29
C GLU JA 212 139.95 -124.29 -4.49
N GLY JA 213 139.34 -125.31 -5.09
CA GLY JA 213 138.28 -126.06 -4.45
C GLY JA 213 136.91 -125.43 -4.55
N THR JA 214 136.80 -124.25 -5.13
CA THR JA 214 135.51 -123.58 -5.30
C THR JA 214 135.12 -123.59 -6.78
N ASP JA 215 133.81 -123.56 -7.02
CA ASP JA 215 133.29 -123.54 -8.37
C ASP JA 215 131.97 -122.78 -8.38
N ALA JA 216 131.65 -122.22 -9.55
CA ALA JA 216 130.42 -121.43 -9.72
C ALA JA 216 129.28 -122.26 -10.26
N ARG JA 217 129.24 -123.56 -9.96
CA ARG JA 217 128.17 -124.41 -10.45
C ARG JA 217 126.82 -123.97 -9.91
N ASP JA 218 126.76 -123.66 -8.61
CA ASP JA 218 125.49 -123.33 -7.97
C ASP JA 218 124.87 -122.05 -8.55
N VAL JA 219 125.67 -121.18 -9.15
CA VAL JA 219 125.15 -119.93 -9.67
C VAL JA 219 124.93 -120.04 -11.18
N LEU JA 220 125.79 -120.80 -11.86
CA LEU JA 220 125.61 -120.96 -13.30
C LEU JA 220 124.44 -121.88 -13.62
N GLU JA 221 124.10 -122.81 -12.73
CA GLU JA 221 122.86 -123.56 -12.89
C GLU JA 221 121.64 -122.74 -12.48
N ASN JA 222 121.82 -121.45 -12.22
CA ASN JA 222 120.71 -120.53 -11.94
C ASN JA 222 119.89 -120.99 -10.74
N LYS JA 223 120.57 -121.57 -9.75
CA LYS JA 223 119.94 -122.04 -8.53
C LYS JA 223 120.19 -121.12 -7.34
N LEU JA 224 121.42 -120.62 -7.19
CA LEU JA 224 121.74 -119.79 -6.03
C LEU JA 224 120.89 -118.53 -6.00
N LEU JA 225 120.87 -117.80 -7.11
CA LEU JA 225 119.99 -116.64 -7.27
C LEU JA 225 119.23 -116.83 -8.57
N PRO JA 226 118.11 -117.55 -8.54
CA PRO JA 226 117.36 -117.82 -9.78
C PRO JA 226 116.96 -116.56 -10.52
N LEU JA 227 117.53 -116.38 -11.71
CA LEU JA 227 117.17 -115.29 -12.60
C LEU JA 227 116.54 -115.90 -13.86
N ARG JA 228 115.55 -115.20 -14.41
CA ARG JA 228 114.75 -115.76 -15.48
C ARG JA 228 115.59 -116.09 -16.70
N ARG JA 229 116.47 -115.18 -17.10
CA ARG JA 229 117.21 -115.34 -18.35
C ARG JA 229 118.45 -116.18 -18.21
N GLY JA 230 118.82 -116.59 -17.00
CA GLY JA 230 119.99 -117.41 -16.81
C GLY JA 230 121.28 -116.61 -16.73
N TYR JA 231 122.34 -117.30 -16.38
CA TYR JA 231 123.65 -116.69 -16.22
C TYR JA 231 124.62 -117.28 -17.23
N ILE JA 232 125.25 -116.42 -18.02
CA ILE JA 232 126.21 -116.84 -19.03
C ILE JA 232 127.62 -116.60 -18.49
N GLY JA 233 128.45 -117.64 -18.55
CA GLY JA 233 129.79 -117.57 -18.01
C GLY JA 233 130.80 -117.31 -19.11
N VAL JA 234 131.59 -116.25 -18.95
CA VAL JA 234 132.59 -115.87 -19.93
C VAL JA 234 133.96 -115.81 -19.26
N VAL JA 235 135.00 -115.98 -20.07
CA VAL JA 235 136.38 -115.91 -19.60
C VAL JA 235 137.17 -115.04 -20.55
N ASN JA 236 137.41 -113.79 -20.17
CA ASN JA 236 138.08 -112.82 -21.03
C ASN JA 236 139.60 -113.03 -20.97
N ARG JA 237 140.34 -112.06 -21.49
CA ARG JA 237 141.79 -112.09 -21.48
C ARG JA 237 142.31 -111.44 -20.22
N SER JA 238 143.25 -112.12 -19.55
CA SER JA 238 143.84 -111.59 -18.32
C SER JA 238 144.63 -110.31 -18.62
N GLN JA 239 145.03 -109.62 -17.56
CA GLN JA 239 145.82 -108.41 -17.72
C GLN JA 239 147.17 -108.71 -18.37
N LYS JA 240 147.77 -109.84 -18.01
CA LYS JA 240 149.01 -110.26 -18.67
C LYS JA 240 148.78 -110.45 -20.16
N ASP JA 241 147.68 -111.08 -20.54
CA ASP JA 241 147.39 -111.27 -21.95
C ASP JA 241 147.13 -109.94 -22.66
N ILE JA 242 146.48 -109.01 -21.97
CA ILE JA 242 146.23 -107.70 -22.55
C ILE JA 242 147.56 -106.98 -22.82
N ASP JA 243 148.48 -107.05 -21.86
CA ASP JA 243 149.79 -106.44 -22.06
C ASP JA 243 150.57 -107.17 -23.15
N GLY JA 244 150.41 -108.48 -23.27
CA GLY JA 244 151.06 -109.26 -24.30
C GLY JA 244 150.35 -109.28 -25.63
N LYS JA 245 149.26 -108.53 -25.76
CA LYS JA 245 148.51 -108.39 -27.02
C LYS JA 245 148.00 -109.74 -27.51
N LYS JA 246 147.31 -110.46 -26.63
CA LYS JA 246 146.67 -111.71 -27.04
C LYS JA 246 145.51 -111.42 -27.99
N ASP JA 247 145.34 -112.31 -28.96
CA ASP JA 247 144.34 -112.12 -30.00
C ASP JA 247 143.03 -112.83 -29.67
N ILE JA 248 141.95 -112.31 -30.24
CA ILE JA 248 140.60 -112.77 -29.88
C ILE JA 248 140.42 -114.24 -30.20
N THR JA 249 140.94 -114.69 -31.35
CA THR JA 249 140.70 -116.07 -31.76
C THR JA 249 141.32 -117.07 -30.80
N ALA JA 250 142.60 -116.88 -30.45
CA ALA JA 250 143.23 -117.80 -29.51
C ALA JA 250 142.66 -117.64 -28.11
N ALA JA 251 142.23 -116.42 -27.76
CA ALA JA 251 141.56 -116.24 -26.47
C ALA JA 251 140.27 -117.05 -26.40
N LEU JA 252 139.48 -117.03 -27.47
CA LEU JA 252 138.25 -117.82 -27.50
C LEU JA 252 138.55 -119.31 -27.50
N ALA JA 253 139.60 -119.72 -28.20
CA ALA JA 253 140.00 -121.13 -28.18
C ALA JA 253 140.38 -121.56 -26.77
N ALA JA 254 141.13 -120.72 -26.05
CA ALA JA 254 141.50 -121.04 -24.68
C ALA JA 254 140.28 -121.08 -23.77
N GLU JA 255 139.33 -120.17 -23.97
CA GLU JA 255 138.10 -120.20 -23.18
C GLU JA 255 137.32 -121.49 -23.42
N ARG JA 256 137.22 -121.91 -24.67
CA ARG JA 256 136.56 -123.18 -24.99
C ARG JA 256 137.28 -124.35 -24.35
N LYS JA 257 138.61 -124.34 -24.39
CA LYS JA 257 139.39 -125.39 -23.76
C LYS JA 257 139.14 -125.43 -22.26
N PHE JA 258 139.10 -124.26 -21.61
CA PHE JA 258 138.86 -124.20 -20.17
C PHE JA 258 137.48 -124.75 -19.83
N PHE JA 259 136.46 -124.37 -20.60
CA PHE JA 259 135.11 -124.89 -20.34
C PHE JA 259 135.03 -126.39 -20.56
N LEU JA 260 135.71 -126.92 -21.56
CA LEU JA 260 135.71 -128.36 -21.77
C LEU JA 260 136.54 -129.12 -20.75
N SER JA 261 137.54 -128.48 -20.15
CA SER JA 261 138.43 -129.16 -19.20
C SER JA 261 137.96 -129.07 -17.76
N HIS JA 262 137.26 -128.01 -17.39
CA HIS JA 262 136.85 -127.87 -15.99
C HIS JA 262 135.75 -128.86 -15.66
N PRO JA 263 135.93 -129.72 -14.65
CA PRO JA 263 134.92 -130.75 -14.37
C PRO JA 263 133.57 -130.19 -13.93
N SER JA 264 133.53 -128.97 -13.42
CA SER JA 264 132.30 -128.41 -12.88
C SER JA 264 131.52 -127.59 -13.89
N TYR JA 265 131.98 -127.50 -15.14
CA TYR JA 265 131.30 -126.72 -16.15
C TYR JA 265 131.15 -127.41 -17.49
N ARG JA 266 131.81 -128.55 -17.71
CA ARG JA 266 131.77 -129.17 -19.04
C ARG JA 266 130.35 -129.58 -19.44
N HIS JA 267 129.52 -129.93 -18.46
CA HIS JA 267 128.12 -130.25 -18.77
C HIS JA 267 127.32 -129.04 -19.22
N LEU JA 268 127.86 -127.83 -19.05
CA LEU JA 268 127.22 -126.60 -19.52
C LEU JA 268 128.10 -125.83 -20.49
N ALA JA 269 129.15 -126.47 -21.02
CA ALA JA 269 130.07 -125.77 -21.91
C ALA JA 269 129.34 -125.25 -23.15
N ASP JA 270 128.37 -126.01 -23.64
CA ASP JA 270 127.61 -125.57 -24.81
C ASP JA 270 126.86 -124.27 -24.54
N ARG JA 271 126.26 -124.15 -23.36
CA ARG JA 271 125.51 -122.95 -23.01
C ARG JA 271 126.38 -121.86 -22.41
N MET JA 272 127.64 -122.12 -22.16
CA MET JA 272 128.54 -121.08 -21.66
C MET JA 272 129.40 -120.54 -22.81
N GLY JA 273 130.05 -119.41 -22.54
CA GLY JA 273 130.94 -118.81 -23.50
C GLY JA 273 130.37 -117.54 -24.12
N THR JA 274 131.27 -116.72 -24.65
CA THR JA 274 130.87 -115.48 -25.31
C THR JA 274 129.98 -115.69 -26.53
N PRO JA 275 130.25 -116.63 -27.44
CA PRO JA 275 129.33 -116.82 -28.58
C PRO JA 275 127.90 -117.11 -28.15
N TYR JA 276 127.71 -117.85 -27.06
CA TYR JA 276 126.36 -118.07 -26.56
C TYR JA 276 125.72 -116.77 -26.10
N LEU JA 277 126.50 -115.88 -25.49
CA LEU JA 277 125.96 -114.58 -25.09
C LEU JA 277 125.56 -113.76 -26.30
N GLN JA 278 126.38 -113.79 -27.35
CA GLN JA 278 125.99 -113.13 -28.59
C GLN JA 278 124.70 -113.71 -29.15
N LYS JA 279 124.57 -115.03 -29.13
CA LYS JA 279 123.37 -115.68 -29.63
C LYS JA 279 122.15 -115.31 -28.80
N VAL JA 280 122.31 -115.20 -27.48
CA VAL JA 280 121.19 -114.86 -26.62
C VAL JA 280 120.76 -113.42 -26.84
N LEU JA 281 121.72 -112.50 -27.02
CA LEU JA 281 121.36 -111.13 -27.37
C LEU JA 281 120.65 -111.09 -28.72
N ASN JA 282 121.11 -111.90 -29.67
CA ASN JA 282 120.42 -111.99 -30.95
C ASN JA 282 118.99 -112.47 -30.78
N GLN JA 283 118.79 -113.46 -29.91
CA GLN JA 283 117.44 -113.97 -29.66
C GLN JA 283 116.55 -112.90 -29.05
N GLN JA 284 117.07 -112.16 -28.06
CA GLN JA 284 116.27 -111.10 -27.45
C GLN JA 284 115.92 -110.02 -28.46
N LEU JA 285 116.88 -109.64 -29.30
CA LEU JA 285 116.60 -108.63 -30.32
C LEU JA 285 115.61 -109.14 -31.35
N THR JA 286 115.69 -110.42 -31.70
CA THR JA 286 114.71 -111.01 -32.61
C THR JA 286 113.31 -110.96 -32.01
N ASN JA 287 113.20 -111.29 -30.72
CA ASN JA 287 111.90 -111.24 -30.05
C ASN JA 287 111.41 -109.82 -29.86
N HIS JA 288 112.30 -108.83 -29.88
CA HIS JA 288 111.87 -107.45 -29.67
C HIS JA 288 111.59 -106.69 -30.96
N ILE JA 289 112.19 -107.07 -32.08
CA ILE JA 289 111.91 -106.37 -33.33
C ILE JA 289 110.47 -106.61 -33.79
N ARG JA 290 109.95 -107.82 -33.58
CA ARG JA 290 108.57 -108.10 -33.93
C ARG JA 290 107.64 -107.34 -32.99
N ASP JA 291 106.33 -107.50 -33.16
CA ASP JA 291 105.24 -106.70 -32.62
C ASP JA 291 105.18 -105.38 -33.40
N THR JA 292 106.14 -105.11 -34.27
CA THR JA 292 106.08 -103.98 -35.20
C THR JA 292 106.15 -104.39 -36.66
N LEU JA 293 106.58 -105.62 -36.95
CA LEU JA 293 106.67 -106.09 -38.33
C LEU JA 293 105.37 -105.96 -39.11
N PRO JA 294 104.20 -106.36 -38.59
CA PRO JA 294 102.98 -106.17 -39.38
C PRO JA 294 102.73 -104.73 -39.77
N GLY JA 295 103.07 -103.78 -38.90
CA GLY JA 295 103.06 -102.39 -39.30
C GLY JA 295 104.12 -102.08 -40.33
N LEU JA 296 105.33 -102.60 -40.14
CA LEU JA 296 106.43 -102.32 -41.05
C LEU JA 296 106.30 -103.11 -42.36
N ARG JA 297 105.83 -104.35 -42.29
CA ARG JA 297 105.63 -105.12 -43.51
C ARG JA 297 104.63 -104.42 -44.42
N ASN JA 298 103.53 -103.91 -43.87
CA ASN JA 298 102.61 -103.09 -44.65
C ASN JA 298 103.27 -101.78 -45.08
N LYS JA 299 104.05 -101.18 -44.18
CA LYS JA 299 104.66 -99.88 -44.45
C LYS JA 299 105.55 -99.92 -45.69
N LEU JA 300 106.22 -101.04 -45.92
CA LEU JA 300 106.99 -101.18 -47.15
C LEU JA 300 106.28 -101.99 -48.23
N GLN JA 301 105.19 -102.69 -47.90
CA GLN JA 301 104.36 -103.30 -48.93
C GLN JA 301 103.70 -102.23 -49.78
N SER JA 302 103.22 -101.16 -49.16
CA SER JA 302 102.69 -100.05 -49.92
C SER JA 302 103.78 -99.41 -50.79
N GLN JA 303 105.01 -99.37 -50.26
CA GLN JA 303 106.14 -98.90 -51.05
C GLN JA 303 106.34 -99.76 -52.28
N LEU JA 304 106.29 -101.08 -52.12
CA LEU JA 304 106.41 -101.97 -53.27
C LEU JA 304 105.24 -101.78 -54.24
N LEU JA 305 104.06 -101.47 -53.70
CA LEU JA 305 102.90 -101.21 -54.55
C LEU JA 305 103.13 -99.99 -55.42
N SER JA 306 103.73 -98.95 -54.87
CA SER JA 306 103.89 -97.68 -55.57
C SER JA 306 104.83 -97.78 -56.77
N ILE JA 307 105.57 -98.88 -56.88
CA ILE JA 307 106.52 -99.07 -57.97
C ILE JA 307 106.22 -100.31 -58.82
N GLU JA 308 105.44 -101.28 -58.33
CA GLU JA 308 105.17 -102.49 -59.10
C GLU JA 308 104.62 -102.19 -60.48
N LYS JA 309 103.91 -101.07 -60.64
CA LYS JA 309 103.34 -100.73 -61.95
C LYS JA 309 104.42 -100.46 -62.99
N GLU JA 310 105.42 -99.65 -62.63
CA GLU JA 310 106.52 -99.36 -63.54
C GLU JA 310 107.48 -100.53 -63.65
N VAL JA 311 107.59 -101.34 -62.60
CA VAL JA 311 108.41 -102.54 -62.67
C VAL JA 311 107.92 -103.47 -63.75
N GLU JA 312 106.62 -103.42 -64.09
CA GLU JA 312 106.09 -104.22 -65.20
C GLU JA 312 106.77 -103.86 -66.51
N GLU JA 313 106.87 -102.57 -66.80
CA GLU JA 313 107.60 -102.14 -67.98
C GLU JA 313 109.10 -102.44 -67.86
N TYR JA 314 109.65 -102.38 -66.65
CA TYR JA 314 111.09 -102.52 -66.50
C TYR JA 314 111.62 -103.95 -66.42
N LYS JA 315 110.81 -104.98 -66.14
CA LYS JA 315 111.38 -106.32 -66.01
C LYS JA 315 111.92 -106.82 -67.34
N ASN JA 316 111.17 -106.66 -68.41
CA ASN JA 316 111.56 -107.19 -69.72
C ASN JA 316 111.60 -106.01 -70.69
N PHE JA 317 112.72 -105.31 -70.67
CA PHE JA 317 113.03 -104.24 -71.62
C PHE JA 317 114.22 -104.67 -72.46
N ARG JA 318 114.07 -104.62 -73.77
CA ARG JA 318 115.19 -104.86 -74.66
C ARG JA 318 115.29 -103.71 -75.66
N PRO JA 319 116.49 -103.15 -75.86
CA PRO JA 319 116.61 -102.06 -76.83
C PRO JA 319 116.21 -102.52 -78.22
N ASP JA 320 115.59 -101.60 -78.96
CA ASP JA 320 115.09 -101.78 -80.33
C ASP JA 320 113.78 -102.56 -80.39
N ASP JA 321 113.10 -102.76 -79.27
CA ASP JA 321 111.83 -103.47 -79.30
C ASP JA 321 110.73 -102.64 -79.94
N PRO JA 322 110.31 -102.96 -81.17
CA PRO JA 322 109.32 -102.11 -81.85
C PRO JA 322 107.99 -102.01 -81.11
N ALA JA 323 107.56 -103.10 -80.47
CA ALA JA 323 106.26 -103.08 -79.81
C ALA JA 323 106.24 -102.07 -78.69
N ARG JA 324 107.22 -102.14 -77.77
CA ARG JA 324 107.27 -101.18 -76.67
C ARG JA 324 107.52 -99.78 -77.19
N LYS JA 325 108.41 -99.62 -78.17
CA LYS JA 325 108.72 -98.28 -78.66
C LYS JA 325 107.48 -97.61 -79.24
N THR JA 326 106.77 -98.31 -80.13
CA THR JA 326 105.59 -97.71 -80.75
C THR JA 326 104.45 -97.52 -79.75
N LYS JA 327 104.27 -98.46 -78.81
CA LYS JA 327 103.25 -98.26 -77.79
C LYS JA 327 103.53 -97.03 -76.95
N ALA JA 328 104.79 -96.84 -76.55
CA ALA JA 328 105.16 -95.65 -75.79
C ALA JA 328 104.94 -94.40 -76.61
N LEU JA 329 105.31 -94.43 -77.91
CA LEU JA 329 105.09 -93.27 -78.75
C LEU JA 329 103.61 -92.90 -78.82
N LEU JA 330 102.75 -93.91 -79.02
CA LEU JA 330 101.33 -93.65 -79.15
C LEU JA 330 100.75 -93.07 -77.87
N GLN JA 331 101.12 -93.64 -76.72
CA GLN JA 331 100.57 -93.09 -75.47
C GLN JA 331 101.12 -91.70 -75.18
N MET JA 332 102.39 -91.45 -75.52
CA MET JA 332 102.95 -90.11 -75.31
C MET JA 332 102.19 -89.09 -76.16
N VAL JA 333 101.93 -89.43 -77.42
CA VAL JA 333 101.21 -88.52 -78.31
C VAL JA 333 99.80 -88.26 -77.78
N GLN JA 334 99.12 -89.32 -77.33
CA GLN JA 334 97.76 -89.15 -76.84
C GLN JA 334 97.72 -88.24 -75.62
N GLN JA 335 98.66 -88.43 -74.68
CA GLN JA 335 98.61 -87.57 -73.51
C GLN JA 335 99.00 -86.14 -73.87
N PHE JA 336 99.92 -85.97 -74.84
CA PHE JA 336 100.25 -84.62 -75.29
C PHE JA 336 99.02 -83.91 -75.83
N ALA JA 337 98.26 -84.61 -76.67
CA ALA JA 337 97.04 -84.02 -77.20
C ALA JA 337 96.11 -83.62 -76.07
N VAL JA 338 95.69 -84.59 -75.26
CA VAL JA 338 94.66 -84.31 -74.25
C VAL JA 338 95.15 -83.23 -73.28
N ASP JA 339 96.45 -83.17 -73.02
CA ASP JA 339 97.00 -82.08 -72.22
C ASP JA 339 96.84 -80.74 -72.95
N PHE JA 340 97.04 -80.73 -74.27
CA PHE JA 340 96.90 -79.48 -75.01
C PHE JA 340 95.48 -78.96 -74.95
N GLU JA 341 94.48 -79.82 -75.19
CA GLU JA 341 93.11 -79.34 -75.04
C GLU JA 341 92.79 -78.97 -73.59
N LYS JA 342 93.38 -79.67 -72.62
CA LYS JA 342 93.15 -79.30 -71.23
C LYS JA 342 93.66 -77.90 -70.94
N ARG JA 343 94.81 -77.55 -71.52
CA ARG JA 343 95.40 -76.25 -71.26
C ARG JA 343 94.81 -75.14 -72.12
N ILE JA 344 94.18 -75.47 -73.25
CA ILE JA 344 93.61 -74.42 -74.09
C ILE JA 344 92.13 -74.26 -73.80
N GLU JA 345 91.32 -75.29 -74.07
CA GLU JA 345 89.89 -75.19 -73.79
C GLU JA 345 89.58 -75.22 -72.30
N GLY JA 346 90.54 -75.64 -71.48
CA GLY JA 346 90.27 -75.79 -70.06
C GLY JA 346 89.27 -76.86 -69.73
N SER JA 347 89.36 -78.02 -70.41
CA SER JA 347 88.48 -79.13 -70.09
C SER JA 347 88.67 -79.54 -68.64
N GLY JA 348 87.56 -79.67 -67.92
CA GLY JA 348 87.65 -79.81 -66.48
C GLY JA 348 88.24 -81.11 -65.99
N ASP JA 349 89.48 -81.04 -65.52
CA ASP JA 349 90.13 -82.05 -64.69
C ASP JA 349 91.52 -81.53 -64.35
N GLN JA 350 92.05 -81.99 -63.20
CA GLN JA 350 93.42 -81.74 -62.76
C GLN JA 350 93.89 -80.33 -63.05
N ILE JA 351 93.02 -79.34 -62.82
CA ILE JA 351 93.29 -77.97 -63.24
C ILE JA 351 94.24 -77.32 -62.26
N ASP JA 352 95.35 -76.78 -62.77
CA ASP JA 352 96.25 -75.99 -61.95
C ASP JA 352 95.56 -74.70 -61.53
N THR JA 353 95.70 -74.35 -60.26
CA THR JA 353 95.14 -73.13 -59.70
C THR JA 353 96.23 -72.22 -59.16
N TYR JA 354 97.42 -72.28 -59.76
CA TYR JA 354 98.58 -71.53 -59.27
C TYR JA 354 98.97 -70.38 -60.18
N GLU JA 355 98.74 -70.51 -61.49
CA GLU JA 355 98.99 -69.46 -62.45
C GLU JA 355 97.69 -69.08 -63.13
N LEU JA 356 97.70 -67.96 -63.86
CA LEU JA 356 96.51 -67.55 -64.59
C LEU JA 356 96.09 -68.61 -65.60
N SER JA 357 97.07 -69.20 -66.29
CA SER JA 357 96.89 -70.40 -67.10
C SER JA 357 98.24 -70.77 -67.69
N GLY JA 358 98.28 -71.91 -68.35
CA GLY JA 358 99.41 -72.24 -69.20
C GLY JA 358 99.31 -71.42 -70.47
N GLY JA 359 98.21 -71.56 -71.18
CA GLY JA 359 97.98 -70.76 -72.36
C GLY JA 359 96.55 -70.36 -72.61
N ALA JA 360 95.69 -70.43 -71.59
CA ALA JA 360 94.27 -70.19 -71.80
C ALA JA 360 93.87 -68.75 -71.49
N ARG JA 361 94.03 -68.33 -70.24
CA ARG JA 361 93.74 -66.94 -69.88
C ARG JA 361 94.85 -65.99 -70.26
N ILE JA 362 96.10 -66.45 -70.37
CA ILE JA 362 97.09 -65.58 -70.98
C ILE JA 362 96.71 -65.24 -72.42
N ASN JA 363 95.80 -66.02 -73.00
CA ASN JA 363 95.31 -65.77 -74.36
C ASN JA 363 93.99 -64.99 -74.36
N ARG JA 364 93.03 -65.39 -73.54
CA ARG JA 364 91.82 -64.58 -73.39
C ARG JA 364 92.15 -63.14 -72.98
N ILE JA 365 93.14 -62.94 -72.12
CA ILE JA 365 93.46 -61.59 -71.73
C ILE JA 365 94.04 -60.83 -72.92
N PHE JA 366 94.67 -61.53 -73.86
CA PHE JA 366 95.02 -60.88 -75.13
C PHE JA 366 93.75 -60.42 -75.85
N HIS JA 367 92.79 -61.34 -76.01
CA HIS JA 367 91.60 -61.00 -76.78
C HIS JA 367 90.78 -59.86 -76.19
N GLU JA 368 90.69 -59.75 -74.86
CA GLU JA 368 90.00 -58.63 -74.22
C GLU JA 368 90.93 -57.69 -73.46
N ARG JA 369 92.18 -57.59 -73.89
CA ARG JA 369 93.07 -56.50 -73.52
C ARG JA 369 93.55 -55.71 -74.73
N PHE JA 370 93.65 -56.35 -75.90
CA PHE JA 370 93.90 -55.71 -77.19
C PHE JA 370 93.11 -54.41 -77.39
N PRO JA 371 91.87 -54.30 -76.89
CA PRO JA 371 91.23 -52.98 -76.84
C PRO JA 371 92.07 -51.91 -76.20
N PHE JA 372 92.95 -52.26 -75.26
CA PHE JA 372 93.88 -51.26 -74.74
C PHE JA 372 94.79 -50.74 -75.84
N GLU JA 373 95.27 -51.63 -76.72
CA GLU JA 373 96.07 -51.19 -77.86
C GLU JA 373 95.26 -50.29 -78.78
N LEU JA 374 94.03 -50.70 -79.11
CA LEU JA 374 93.23 -49.89 -80.02
C LEU JA 374 92.96 -48.51 -79.44
N VAL JA 375 92.68 -48.42 -78.15
CA VAL JA 375 92.50 -47.11 -77.52
C VAL JA 375 93.82 -46.35 -77.50
N LYS JA 376 94.93 -47.05 -77.26
CA LYS JA 376 96.25 -46.43 -77.21
C LYS JA 376 96.71 -45.95 -78.57
N MET JA 377 95.96 -46.26 -79.63
CA MET JA 377 96.18 -45.58 -80.90
C MET JA 377 96.05 -44.06 -80.69
N GLU JA 378 96.51 -43.29 -81.68
CA GLU JA 378 96.80 -41.87 -81.51
C GLU JA 378 95.70 -41.06 -80.82
N PHE JA 379 94.52 -40.90 -81.43
CA PHE JA 379 93.37 -40.22 -80.86
C PHE JA 379 93.66 -38.83 -80.29
N ASP JA 380 94.83 -38.23 -80.55
CA ASP JA 380 95.17 -36.97 -79.89
C ASP JA 380 95.70 -35.94 -80.89
N GLU JA 381 94.78 -35.19 -81.50
CA GLU JA 381 95.07 -34.01 -82.31
C GLU JA 381 93.78 -33.23 -82.53
N LYS JA 382 93.94 -31.91 -82.70
CA LYS JA 382 92.99 -31.10 -83.42
C LYS JA 382 93.40 -30.89 -84.86
N GLU JA 383 94.59 -31.36 -85.24
CA GLU JA 383 95.04 -31.32 -86.63
C GLU JA 383 94.09 -32.08 -87.55
N LEU JA 384 93.30 -33.00 -86.99
CA LEU JA 384 92.29 -33.70 -87.77
C LEU JA 384 91.32 -32.72 -88.42
N ARG JA 385 90.99 -31.63 -87.72
CA ARG JA 385 90.07 -30.65 -88.30
C ARG JA 385 90.66 -30.01 -89.56
N ARG JA 386 91.93 -29.63 -89.51
CA ARG JA 386 92.60 -29.14 -90.72
C ARG JA 386 92.65 -30.22 -91.79
N GLU JA 387 92.90 -31.46 -91.36
CA GLU JA 387 93.03 -32.58 -92.28
C GLU JA 387 91.74 -32.80 -93.05
N ILE JA 388 90.59 -32.59 -92.39
CA ILE JA 388 89.32 -32.79 -93.07
C ILE JA 388 88.86 -31.53 -93.79
N SER JA 389 89.30 -30.35 -93.32
CA SER JA 389 89.00 -29.12 -94.06
C SER JA 389 89.67 -29.14 -95.43
N TYR JA 390 90.90 -29.65 -95.51
CA TYR JA 390 91.54 -29.79 -96.82
C TYR JA 390 90.78 -30.75 -97.71
N ALA JA 391 90.23 -31.83 -97.14
CA ALA JA 391 89.42 -32.74 -97.94
C ALA JA 391 88.17 -32.04 -98.47
N ILE JA 392 87.51 -31.25 -97.62
CA ILE JA 392 86.41 -30.42 -98.07
C ILE JA 392 86.84 -29.55 -99.24
N LYS JA 393 87.98 -28.88 -99.09
CA LYS JA 393 88.39 -27.92 -100.09
C LYS JA 393 88.90 -28.55 -101.36
N ASN JA 394 89.23 -29.84 -101.35
CA ASN JA 394 89.63 -30.53 -102.56
C ASN JA 394 88.46 -31.18 -103.29
N ILE JA 395 87.49 -31.74 -102.57
CA ILE JA 395 86.32 -32.28 -103.27
C ILE JA 395 85.24 -31.25 -103.55
N HIS JA 396 85.41 -30.02 -103.06
CA HIS JA 396 84.65 -28.89 -103.58
C HIS JA 396 85.44 -28.14 -104.62
N GLY JA 397 86.22 -28.90 -105.40
CA GLY JA 397 87.30 -28.38 -106.21
C GLY JA 397 87.08 -27.05 -106.89
N ILE JA 398 86.04 -26.96 -107.70
CA ILE JA 398 85.70 -25.74 -108.42
C ILE JA 398 84.33 -25.21 -108.02
N ARG JA 399 83.32 -26.07 -108.01
CA ARG JA 399 81.97 -25.68 -107.65
C ARG JA 399 81.95 -25.18 -106.20
N THR JA 400 80.83 -24.55 -105.82
CA THR JA 400 80.89 -23.71 -104.63
C THR JA 400 79.57 -23.74 -103.86
N GLY JA 401 79.68 -23.38 -102.59
CA GLY JA 401 78.58 -22.92 -101.78
C GLY JA 401 77.55 -23.94 -101.38
N LEU JA 402 77.83 -25.23 -101.54
CA LEU JA 402 76.86 -26.25 -101.21
C LEU JA 402 77.18 -26.89 -99.86
N PHE JA 403 76.20 -27.66 -99.38
CA PHE JA 403 76.03 -27.97 -97.97
C PHE JA 403 77.26 -28.55 -97.31
N THR JA 404 77.60 -29.79 -97.69
CA THR JA 404 78.71 -30.62 -97.20
C THR JA 404 78.88 -31.80 -98.15
N PRO JA 405 80.09 -32.14 -98.51
CA PRO JA 405 80.33 -33.36 -99.31
C PRO JA 405 80.57 -34.58 -98.42
N ASP JA 406 79.89 -35.70 -98.73
CA ASP JA 406 80.01 -36.88 -97.89
C ASP JA 406 81.33 -37.60 -98.11
N MET JA 407 81.93 -37.49 -99.29
CA MET JA 407 83.16 -38.23 -99.49
C MET JA 407 84.28 -37.65 -98.64
N ALA JA 408 84.11 -36.46 -98.07
CA ALA JA 408 85.07 -36.00 -97.07
C ALA JA 408 85.08 -36.93 -95.87
N PHE JA 409 83.89 -37.21 -95.32
CA PHE JA 409 83.76 -38.21 -94.27
C PHE JA 409 84.32 -39.55 -94.72
N GLU JA 410 84.03 -39.92 -95.97
CA GLU JA 410 84.53 -41.18 -96.51
C GLU JA 410 86.05 -41.26 -96.44
N THR JA 411 86.72 -40.24 -97.00
CA THR JA 411 88.17 -40.25 -97.08
C THR JA 411 88.80 -40.21 -95.70
N ILE JA 412 88.18 -39.45 -94.78
CA ILE JA 412 88.77 -39.34 -93.45
C ILE JA 412 88.65 -40.65 -92.69
N VAL JA 413 87.50 -41.33 -92.78
CA VAL JA 413 87.43 -42.61 -92.09
C VAL JA 413 88.33 -43.63 -92.77
N LYS JA 414 88.48 -43.57 -94.10
CA LYS JA 414 89.42 -44.46 -94.76
C LYS JA 414 90.85 -44.22 -94.32
N LYS JA 415 91.20 -42.98 -93.99
CA LYS JA 415 92.52 -42.68 -93.46
C LYS JA 415 92.68 -43.09 -92.00
N GLN JA 416 91.59 -43.01 -91.22
CA GLN JA 416 91.67 -43.36 -89.81
C GLN JA 416 91.75 -44.87 -89.60
N VAL JA 417 90.99 -45.64 -90.38
CA VAL JA 417 90.95 -47.09 -90.18
C VAL JA 417 92.04 -47.82 -90.93
N LYS JA 418 92.93 -47.11 -91.64
CA LYS JA 418 94.05 -47.76 -92.28
C LYS JA 418 95.20 -48.01 -91.30
N LYS JA 419 95.18 -47.36 -90.14
CA LYS JA 419 96.20 -47.60 -89.13
C LYS JA 419 95.75 -48.60 -88.07
N ILE JA 420 94.53 -49.13 -88.17
CA ILE JA 420 94.14 -50.28 -87.35
C ILE JA 420 94.92 -51.51 -87.76
N ARG JA 421 95.53 -51.50 -88.95
CA ARG JA 421 96.24 -52.66 -89.46
C ARG JA 421 97.43 -53.06 -88.59
N GLU JA 422 97.98 -52.13 -87.83
CA GLU JA 422 99.14 -52.46 -87.00
C GLU JA 422 98.75 -53.15 -85.70
N PRO JA 423 97.80 -52.63 -84.92
CA PRO JA 423 97.46 -53.33 -83.66
C PRO JA 423 96.94 -54.73 -83.85
N CYS JA 424 96.18 -54.99 -84.92
CA CYS JA 424 95.66 -56.35 -85.14
C CYS JA 424 96.79 -57.33 -85.42
N LEU JA 425 97.74 -56.94 -86.27
CA LEU JA 425 98.90 -57.79 -86.52
C LEU JA 425 99.74 -57.96 -85.26
N LYS JA 426 99.83 -56.92 -84.43
CA LYS JA 426 100.55 -57.05 -83.17
C LYS JA 426 99.86 -58.05 -82.24
N CYS JA 427 98.53 -58.03 -82.20
CA CYS JA 427 97.81 -59.01 -81.39
C CYS JA 427 98.01 -60.42 -81.93
N VAL JA 428 98.03 -60.57 -83.26
CA VAL JA 428 98.30 -61.88 -83.83
C VAL JA 428 99.69 -62.36 -83.43
N ASP JA 429 100.67 -61.46 -83.45
CA ASP JA 429 102.02 -61.82 -83.01
C ASP JA 429 102.02 -62.22 -81.55
N MET JA 430 101.27 -61.51 -80.70
CA MET JA 430 101.21 -61.86 -79.28
C MET JA 430 100.59 -63.23 -79.07
N VAL JA 431 99.50 -63.53 -79.79
CA VAL JA 431 98.87 -64.85 -79.68
C VAL JA 431 99.84 -65.94 -80.12
N ILE JA 432 100.58 -65.69 -81.20
CA ILE JA 432 101.62 -66.62 -81.63
C ILE JA 432 102.63 -66.84 -80.51
N SER JA 433 103.16 -65.74 -79.97
CA SER JA 433 104.22 -65.83 -78.98
C SER JA 433 103.75 -66.50 -77.70
N GLU JA 434 102.45 -66.49 -77.44
CA GLU JA 434 101.97 -67.10 -76.21
C GLU JA 434 101.64 -68.58 -76.42
N LEU JA 435 100.95 -68.90 -77.51
CA LEU JA 435 100.63 -70.30 -77.78
C LEU JA 435 101.87 -71.12 -78.04
N ILE JA 436 102.85 -70.55 -78.75
CA ILE JA 436 104.04 -71.32 -79.08
C ILE JA 436 104.86 -71.60 -77.82
N SER JA 437 104.69 -70.79 -76.78
CA SER JA 437 105.29 -71.05 -75.49
C SER JA 437 104.48 -72.05 -74.67
N THR JA 438 103.15 -72.02 -74.81
CA THR JA 438 102.34 -73.03 -74.14
C THR JA 438 102.59 -74.42 -74.68
N VAL JA 439 102.83 -74.54 -75.98
CA VAL JA 439 103.21 -75.84 -76.54
C VAL JA 439 104.50 -76.33 -75.88
N ARG JA 440 105.47 -75.44 -75.71
CA ARG JA 440 106.70 -75.82 -75.01
C ARG JA 440 106.41 -76.21 -73.57
N GLN JA 441 105.50 -75.49 -72.92
CA GLN JA 441 105.17 -75.79 -71.53
C GLN JA 441 104.54 -77.17 -71.40
N CYS JA 442 103.77 -77.61 -72.39
CA CYS JA 442 103.12 -78.91 -72.34
C CYS JA 442 103.93 -80.01 -73.02
N THR JA 443 105.08 -79.68 -73.60
CA THR JA 443 106.00 -80.70 -74.09
C THR JA 443 107.23 -80.91 -73.22
N LYS JA 444 107.67 -79.89 -72.48
CA LYS JA 444 108.88 -80.03 -71.69
C LYS JA 444 108.69 -80.98 -70.51
N LYS JA 445 107.53 -80.95 -69.88
CA LYS JA 445 107.36 -81.64 -68.60
C LYS JA 445 106.84 -83.06 -68.77
N LEU JA 446 105.98 -83.31 -69.77
CA LEU JA 446 105.53 -84.68 -70.00
C LEU JA 446 106.63 -85.52 -70.63
N GLN JA 447 107.41 -84.93 -71.52
CA GLN JA 447 108.38 -85.69 -72.32
C GLN JA 447 109.72 -85.72 -71.59
N GLN JA 448 109.99 -86.83 -70.90
CA GLN JA 448 111.36 -87.11 -70.48
C GLN JA 448 112.23 -87.46 -71.67
N TYR JA 449 111.63 -87.97 -72.73
CA TYR JA 449 112.38 -88.46 -73.87
C TYR JA 449 113.16 -87.33 -74.53
N PRO JA 450 114.41 -87.55 -74.91
CA PRO JA 450 115.09 -86.61 -75.79
C PRO JA 450 114.72 -86.85 -77.24
N ARG JA 451 114.72 -85.75 -77.99
CA ARG JA 451 114.47 -85.72 -79.43
C ARG JA 451 112.99 -85.95 -79.73
N LEU JA 452 112.21 -86.42 -78.76
CA LEU JA 452 110.77 -86.52 -78.93
C LEU JA 452 110.05 -85.33 -78.35
N ARG JA 453 110.70 -84.56 -77.49
CA ARG JA 453 110.28 -83.20 -77.19
C ARG JA 453 110.86 -82.21 -78.18
N GLU JA 454 111.68 -82.68 -79.12
CA GLU JA 454 112.23 -81.85 -80.18
C GLU JA 454 111.46 -81.99 -81.47
N GLU JA 455 111.24 -83.21 -81.95
CA GLU JA 455 110.45 -83.40 -83.17
C GLU JA 455 109.02 -82.91 -82.97
N MET JA 456 108.44 -83.19 -81.81
CA MET JA 456 107.07 -82.76 -81.53
C MET JA 456 106.96 -81.25 -81.55
N GLU JA 457 107.85 -80.57 -80.83
CA GLU JA 457 107.84 -79.12 -80.82
C GLU JA 457 108.08 -78.56 -82.21
N ARG JA 458 109.03 -79.14 -82.94
CA ARG JA 458 109.32 -78.66 -84.29
C ARG JA 458 108.09 -78.76 -85.18
N ILE JA 459 107.44 -79.91 -85.20
CA ILE JA 459 106.28 -80.10 -86.08
C ILE JA 459 105.15 -79.14 -85.70
N VAL JA 460 104.82 -79.09 -84.41
CA VAL JA 460 103.70 -78.25 -84.00
C VAL JA 460 103.99 -76.78 -84.27
N THR JA 461 105.22 -76.34 -83.98
CA THR JA 461 105.58 -74.94 -84.17
C THR JA 461 105.61 -74.58 -85.66
N THR JA 462 106.08 -75.49 -86.51
CA THR JA 462 106.03 -75.22 -87.94
C THR JA 462 104.60 -75.11 -88.43
N HIS JA 463 103.70 -75.95 -87.93
CA HIS JA 463 102.30 -75.82 -88.31
C HIS JA 463 101.73 -74.47 -87.86
N ILE JA 464 102.07 -74.05 -86.64
CA ILE JA 464 101.57 -72.78 -86.14
C ILE JA 464 102.10 -71.61 -86.96
N ARG JA 465 103.38 -71.65 -87.31
CA ARG JA 465 103.95 -70.58 -88.13
C ARG JA 465 103.54 -70.67 -89.58
N GLU JA 466 103.00 -71.82 -90.02
CA GLU JA 466 102.33 -71.86 -91.30
C GLU JA 466 100.96 -71.21 -91.23
N ARG JA 467 100.26 -71.39 -90.09
CA ARG JA 467 98.94 -70.81 -89.96
C ARG JA 467 98.98 -69.30 -89.71
N GLU JA 468 100.09 -68.79 -89.18
CA GLU JA 468 100.14 -67.36 -88.91
C GLU JA 468 100.06 -66.55 -90.20
N GLY JA 469 100.63 -67.07 -91.29
CA GLY JA 469 100.50 -66.39 -92.57
C GLY JA 469 99.06 -66.26 -93.01
N ARG JA 470 98.31 -67.36 -92.92
CA ARG JA 470 96.91 -67.34 -93.33
C ARG JA 470 96.09 -66.39 -92.45
N THR JA 471 96.33 -66.42 -91.13
CA THR JA 471 95.52 -65.56 -90.28
C THR JA 471 95.86 -64.09 -90.47
N LYS JA 472 97.14 -63.76 -90.70
CA LYS JA 472 97.49 -62.39 -91.00
C LYS JA 472 96.87 -61.94 -92.32
N GLU JA 473 96.87 -62.84 -93.33
CA GLU JA 473 96.21 -62.50 -94.58
C GLU JA 473 94.74 -62.22 -94.37
N GLN JA 474 94.07 -63.03 -93.56
CA GLN JA 474 92.64 -62.82 -93.33
C GLN JA 474 92.39 -61.53 -92.57
N VAL JA 475 93.26 -61.18 -91.62
CA VAL JA 475 93.09 -59.92 -90.90
C VAL JA 475 93.26 -58.73 -91.85
N MET JA 476 94.30 -58.78 -92.70
CA MET JA 476 94.49 -57.71 -93.67
C MET JA 476 93.29 -57.61 -94.60
N LEU JA 477 92.76 -58.74 -95.04
CA LEU JA 477 91.63 -58.70 -95.96
C LEU JA 477 90.35 -58.24 -95.25
N LEU JA 478 90.23 -58.49 -93.95
CA LEU JA 478 89.13 -57.91 -93.19
C LEU JA 478 89.24 -56.40 -93.15
N ILE JA 479 90.45 -55.88 -92.93
CA ILE JA 479 90.63 -54.43 -92.97
C ILE JA 479 90.30 -53.88 -94.36
N ASP JA 480 90.78 -54.55 -95.41
CA ASP JA 480 90.50 -54.09 -96.77
C ASP JA 480 89.04 -54.21 -97.15
N ILE JA 481 88.27 -55.08 -96.48
CA ILE JA 481 86.82 -55.06 -96.62
C ILE JA 481 86.23 -53.87 -95.88
N GLU JA 482 86.74 -53.55 -94.70
CA GLU JA 482 86.19 -52.42 -93.97
C GLU JA 482 86.56 -51.08 -94.60
N LEU JA 483 87.48 -51.08 -95.54
CA LEU JA 483 87.71 -49.90 -96.41
C LEU JA 483 86.96 -50.01 -97.73
N ALA JA 484 85.73 -50.51 -97.76
CA ALA JA 484 85.02 -50.65 -99.03
C ALA JA 484 83.71 -49.89 -99.10
N TYR JA 485 82.89 -49.92 -98.06
CA TYR JA 485 81.55 -49.32 -98.23
C TYR JA 485 81.25 -48.19 -97.28
N MET JA 486 81.73 -48.27 -96.03
CA MET JA 486 81.53 -47.20 -95.04
C MET JA 486 80.04 -46.95 -94.81
N ASN JA 487 79.38 -47.96 -94.27
CA ASN JA 487 77.93 -47.92 -94.15
C ASN JA 487 77.48 -46.81 -93.20
N THR JA 488 76.25 -46.36 -93.41
CA THR JA 488 75.62 -45.38 -92.54
C THR JA 488 74.24 -45.84 -92.08
N ASN JA 489 73.68 -46.88 -92.68
CA ASN JA 489 72.40 -47.43 -92.24
C ASN JA 489 72.50 -48.12 -90.89
N HIS JA 490 73.70 -48.31 -90.37
CA HIS JA 490 73.89 -48.93 -89.06
C HIS JA 490 73.48 -47.95 -87.97
N GLU JA 491 73.71 -48.32 -86.72
CA GLU JA 491 73.26 -47.57 -85.56
C GLU JA 491 74.09 -46.32 -85.28
N ASP JA 492 74.95 -45.84 -86.18
CA ASP JA 492 75.50 -44.50 -86.01
C ASP JA 492 74.41 -43.47 -86.31
N PHE JA 493 74.39 -42.40 -85.52
CA PHE JA 493 73.38 -41.37 -85.71
C PHE JA 493 73.77 -40.44 -86.85
N ILE JA 494 72.80 -40.14 -87.71
CA ILE JA 494 73.05 -39.31 -88.88
C ILE JA 494 72.85 -37.83 -88.54
N ASP JA 652 84.72 -18.05 -89.97
CA ASP JA 652 83.95 -19.29 -89.93
C ASP JA 652 82.97 -19.39 -91.10
N PRO JA 653 83.50 -19.38 -92.32
CA PRO JA 653 82.62 -19.39 -93.50
C PRO JA 653 82.04 -20.78 -93.74
N GLN JA 654 81.01 -21.12 -92.95
CA GLN JA 654 80.37 -22.44 -92.97
C GLN JA 654 81.34 -23.52 -92.52
N LEU JA 655 82.59 -23.14 -92.23
CA LEU JA 655 83.57 -24.11 -91.80
C LEU JA 655 83.25 -24.65 -90.41
N GLU JA 656 82.98 -23.75 -89.45
CA GLU JA 656 82.63 -24.22 -88.13
C GLU JA 656 81.30 -24.99 -88.11
N ARG JA 657 80.64 -25.10 -89.25
CA ARG JA 657 79.46 -25.95 -89.42
C ARG JA 657 79.79 -27.26 -90.10
N GLN JA 658 80.69 -27.24 -91.08
CA GLN JA 658 81.01 -28.45 -91.85
C GLN JA 658 82.11 -29.28 -91.19
N VAL JA 659 83.22 -28.64 -90.80
CA VAL JA 659 84.34 -29.37 -90.24
C VAL JA 659 83.95 -30.06 -88.93
N GLU JA 660 83.19 -29.36 -88.08
CA GLU JA 660 82.79 -29.95 -86.81
C GLU JA 660 81.81 -31.10 -87.02
N THR JA 661 80.89 -30.96 -87.96
CA THR JA 661 79.97 -32.05 -88.27
C THR JA 661 80.71 -33.27 -88.79
N ILE JA 662 81.68 -33.04 -89.69
CA ILE JA 662 82.45 -34.17 -90.21
C ILE JA 662 83.22 -34.85 -89.09
N ARG JA 663 83.81 -34.07 -88.18
CA ARG JA 663 84.53 -34.68 -87.07
C ARG JA 663 83.60 -35.49 -86.17
N ASN JA 664 82.43 -34.93 -85.85
CA ASN JA 664 81.50 -35.61 -84.95
C ASN JA 664 80.81 -36.80 -85.61
N LEU JA 665 80.91 -36.92 -86.94
CA LEU JA 665 80.47 -38.15 -87.59
C LEU JA 665 81.59 -39.16 -87.75
N VAL JA 666 82.82 -38.70 -87.99
CA VAL JA 666 83.96 -39.61 -88.03
C VAL JA 666 84.12 -40.30 -86.70
N ASP JA 667 83.98 -39.57 -85.59
CA ASP JA 667 84.06 -40.23 -84.29
C ASP JA 667 82.94 -41.24 -84.10
N SER JA 668 81.73 -40.89 -84.53
CA SER JA 668 80.58 -41.77 -84.37
C SER JA 668 80.71 -43.03 -85.21
N TYR JA 669 81.48 -42.98 -86.29
CA TYR JA 669 81.72 -44.19 -87.06
C TYR JA 669 82.98 -44.93 -86.63
N MET JA 670 83.96 -44.23 -86.04
CA MET JA 670 85.11 -44.92 -85.48
C MET JA 670 84.70 -45.76 -84.27
N ALA JA 671 83.73 -45.28 -83.50
CA ALA JA 671 83.21 -46.12 -82.42
C ALA JA 671 82.72 -47.46 -82.98
N ILE JA 672 81.94 -47.41 -84.06
CA ILE JA 672 81.35 -48.64 -84.59
C ILE JA 672 82.41 -49.53 -85.23
N VAL JA 673 83.35 -48.95 -85.99
CA VAL JA 673 84.34 -49.79 -86.65
C VAL JA 673 85.26 -50.42 -85.60
N ASN JA 674 85.61 -49.68 -84.55
CA ASN JA 674 86.40 -50.25 -83.48
C ASN JA 674 85.65 -51.39 -82.79
N LYS JA 675 84.35 -51.20 -82.54
CA LYS JA 675 83.58 -52.27 -81.91
C LYS JA 675 83.52 -53.51 -82.79
N THR JA 676 83.29 -53.33 -84.09
CA THR JA 676 83.15 -54.48 -84.96
C THR JA 676 84.48 -55.06 -85.40
N VAL JA 677 85.59 -54.44 -85.03
CA VAL JA 677 86.88 -55.12 -85.24
C VAL JA 677 87.28 -55.83 -83.95
N ARG JA 678 86.93 -55.25 -82.80
CA ARG JA 678 87.23 -55.93 -81.54
C ARG JA 678 86.37 -57.17 -81.36
N ASP JA 679 85.12 -57.14 -81.85
CA ASP JA 679 84.25 -58.30 -81.72
C ASP JA 679 84.57 -59.39 -82.74
N LEU JA 680 85.36 -59.09 -83.77
CA LEU JA 680 85.59 -60.02 -84.86
C LEU JA 680 87.02 -60.50 -84.99
N MET JA 681 88.00 -59.77 -84.46
CA MET JA 681 89.38 -60.17 -84.68
C MET JA 681 89.77 -61.41 -83.85
N PRO JA 682 89.28 -61.56 -82.61
CA PRO JA 682 89.47 -62.86 -81.93
C PRO JA 682 88.91 -64.03 -82.72
N LYS JA 683 87.73 -63.87 -83.31
CA LYS JA 683 87.10 -64.99 -83.98
C LYS JA 683 87.92 -65.47 -85.17
N THR JA 684 88.48 -64.54 -85.95
CA THR JA 684 89.20 -64.96 -87.15
C THR JA 684 90.50 -65.68 -86.81
N ILE JA 685 91.25 -65.16 -85.85
CA ILE JA 685 92.48 -65.84 -85.46
C ILE JA 685 92.16 -67.18 -84.84
N MET JA 686 91.07 -67.27 -84.08
CA MET JA 686 90.81 -68.51 -83.36
C MET JA 686 90.04 -69.51 -84.19
N HIS JA 687 89.60 -69.13 -85.39
CA HIS JA 687 89.16 -70.10 -86.38
C HIS JA 687 90.26 -70.53 -87.34
N LEU JA 688 91.22 -69.66 -87.63
CA LEU JA 688 92.27 -70.03 -88.57
C LEU JA 688 93.50 -70.62 -87.91
N MET JA 689 93.71 -70.37 -86.62
CA MET JA 689 94.90 -70.82 -85.92
C MET JA 689 94.58 -71.80 -84.79
N ILE JA 690 93.76 -71.39 -83.83
CA ILE JA 690 93.53 -72.20 -82.64
C ILE JA 690 92.84 -73.50 -83.03
N ASN JA 691 91.63 -73.38 -83.58
CA ASN JA 691 90.82 -74.53 -83.93
C ASN JA 691 91.30 -75.23 -85.18
N ASN JA 692 92.46 -74.84 -85.72
CA ASN JA 692 93.09 -75.61 -86.77
C ASN JA 692 94.34 -76.33 -86.32
N THR JA 693 95.19 -75.68 -85.51
CA THR JA 693 96.30 -76.42 -84.92
C THR JA 693 95.81 -77.43 -83.91
N LYS JA 694 94.68 -77.17 -83.24
CA LYS JA 694 94.10 -78.16 -82.35
C LYS JA 694 93.63 -79.38 -83.13
N GLU JA 695 92.97 -79.16 -84.26
CA GLU JA 695 92.55 -80.26 -85.11
C GLU JA 695 93.76 -81.01 -85.66
N PHE JA 696 94.81 -80.28 -86.02
CA PHE JA 696 96.05 -80.91 -86.48
C PHE JA 696 96.64 -81.81 -85.40
N ILE JA 697 96.62 -81.33 -84.15
CA ILE JA 697 97.08 -82.14 -83.02
C ILE JA 697 96.24 -83.40 -82.87
N PHE JA 698 94.91 -83.29 -82.99
CA PHE JA 698 94.09 -84.50 -82.98
C PHE JA 698 94.49 -85.48 -84.09
N SER JA 699 94.54 -85.00 -85.33
CA SER JA 699 94.36 -85.92 -86.44
C SER JA 699 95.53 -86.05 -87.41
N GLU JA 700 96.65 -85.37 -87.17
CA GLU JA 700 97.77 -85.51 -88.10
C GLU JA 700 99.12 -85.63 -87.43
N LEU JA 701 99.23 -85.39 -86.11
CA LEU JA 701 100.54 -85.34 -85.47
C LEU JA 701 101.27 -86.67 -85.55
N LEU JA 702 100.56 -87.77 -85.35
CA LEU JA 702 101.22 -89.07 -85.40
C LEU JA 702 101.64 -89.43 -86.82
N ALA JA 703 100.84 -89.04 -87.81
CA ALA JA 703 101.13 -89.45 -89.19
C ALA JA 703 102.48 -88.89 -89.66
N ASN JA 704 102.74 -87.61 -89.41
CA ASN JA 704 104.02 -87.05 -89.81
C ASN JA 704 105.10 -87.25 -88.76
N LEU JA 705 104.71 -87.52 -87.50
CA LEU JA 705 105.71 -87.85 -86.49
C LEU JA 705 106.37 -89.20 -86.80
N TYR JA 706 105.59 -90.15 -87.33
CA TYR JA 706 106.17 -91.39 -87.82
C TYR JA 706 107.15 -91.15 -88.94
N SER JA 707 106.88 -90.17 -89.82
CA SER JA 707 107.67 -89.98 -91.02
C SER JA 707 108.95 -89.19 -90.77
N CYS JA 708 108.90 -88.20 -89.87
CA CYS JA 708 110.09 -87.40 -89.61
C CYS JA 708 111.11 -88.20 -88.83
N GLY JA 709 112.36 -88.13 -89.25
CA GLY JA 709 113.44 -88.84 -88.58
C GLY JA 709 113.53 -90.29 -89.00
N ASP JA 710 114.06 -91.10 -88.08
CA ASP JA 710 114.30 -92.51 -88.37
C ASP JA 710 113.09 -93.38 -88.08
N GLN JA 711 112.25 -92.98 -87.12
CA GLN JA 711 111.14 -93.77 -86.60
C GLN JA 711 111.68 -94.97 -85.81
N ASN JA 712 113.00 -95.14 -85.82
CA ASN JA 712 113.67 -96.17 -85.04
C ASN JA 712 114.61 -95.58 -84.01
N THR JA 713 115.51 -94.69 -84.41
CA THR JA 713 116.33 -93.95 -83.45
C THR JA 713 115.61 -92.70 -82.98
N LEU JA 714 114.35 -92.89 -82.59
CA LEU JA 714 113.54 -91.88 -81.96
C LEU JA 714 113.07 -92.45 -80.63
N MET JA 715 112.67 -91.56 -79.72
CA MET JA 715 112.29 -91.93 -78.35
C MET JA 715 113.32 -92.87 -77.72
N GLU JA 716 114.58 -92.44 -77.82
CA GLU JA 716 115.69 -93.10 -77.14
C GLU JA 716 115.74 -92.62 -75.71
N GLU JA 717 116.02 -93.53 -74.78
CA GLU JA 717 116.04 -93.18 -73.37
C GLU JA 717 117.12 -92.16 -73.09
N SER JA 718 116.74 -91.06 -72.44
CA SER JA 718 117.73 -90.14 -71.91
C SER JA 718 118.57 -90.83 -70.85
N ALA JA 719 119.84 -90.43 -70.74
CA ALA JA 719 120.73 -91.06 -69.78
C ALA JA 719 120.15 -91.03 -68.37
N GLU JA 720 119.41 -89.99 -68.03
CA GLU JA 720 118.75 -89.93 -66.73
C GLU JA 720 117.76 -91.08 -66.57
N GLN JA 721 116.94 -91.33 -67.58
CA GLN JA 721 115.99 -92.43 -67.50
C GLN JA 721 116.69 -93.79 -67.52
N ALA JA 722 117.80 -93.89 -68.27
CA ALA JA 722 118.54 -95.14 -68.32
C ALA JA 722 119.12 -95.50 -66.96
N GLN JA 723 119.65 -94.51 -66.24
CA GLN JA 723 120.18 -94.75 -64.91
C GLN JA 723 119.08 -94.77 -63.84
N ARG JA 724 117.89 -94.29 -64.17
CA ARG JA 724 116.77 -94.33 -63.22
C ARG JA 724 116.09 -95.70 -63.23
N ARG JA 725 115.93 -96.30 -64.41
CA ARG JA 725 115.28 -97.60 -64.49
C ARG JA 725 116.08 -98.66 -63.74
N ASP JA 726 117.41 -98.62 -63.85
CA ASP JA 726 118.24 -99.61 -63.20
C ASP JA 726 118.08 -99.56 -61.69
N GLU JA 727 118.10 -98.35 -61.12
CA GLU JA 727 117.95 -98.23 -59.67
C GLU JA 727 116.54 -98.58 -59.23
N MET JA 728 115.52 -98.21 -60.03
CA MET JA 728 114.16 -98.56 -59.67
C MET JA 728 113.86 -100.03 -59.83
N LEU JA 729 114.71 -100.77 -60.57
CA LEU JA 729 114.58 -102.22 -60.63
C LEU JA 729 115.34 -102.92 -59.52
N ARG JA 730 116.53 -102.42 -59.18
CA ARG JA 730 117.24 -103.03 -58.06
C ARG JA 730 116.51 -102.75 -56.74
N MET JA 731 115.81 -101.62 -56.64
CA MET JA 731 115.00 -101.39 -55.46
C MET JA 731 113.82 -102.36 -55.39
N TYR JA 732 113.25 -102.72 -56.54
CA TYR JA 732 112.23 -103.77 -56.56
C TYR JA 732 112.79 -105.08 -56.05
N HIS JA 733 113.98 -105.46 -56.53
CA HIS JA 733 114.59 -106.71 -56.06
C HIS JA 733 114.85 -106.66 -54.56
N ALA JA 734 115.36 -105.53 -54.06
CA ALA JA 734 115.66 -105.41 -52.64
C ALA JA 734 114.40 -105.47 -51.80
N LEU JA 735 113.32 -104.83 -52.25
CA LEU JA 735 112.05 -104.90 -51.52
C LEU JA 735 111.51 -106.32 -51.50
N LYS JA 736 111.61 -107.02 -52.63
CA LYS JA 736 111.18 -108.42 -52.64
C LYS JA 736 111.98 -109.25 -51.65
N GLU JA 737 113.29 -109.03 -51.59
CA GLU JA 737 114.13 -109.77 -50.64
C GLU JA 737 113.77 -109.43 -49.21
N ALA JA 738 113.49 -108.16 -48.91
CA ALA JA 738 113.12 -107.77 -47.56
C ALA JA 738 111.81 -108.43 -47.14
N LEU JA 739 110.83 -108.46 -48.05
CA LEU JA 739 109.57 -109.15 -47.73
C LEU JA 739 109.80 -110.65 -47.54
N SER JA 740 110.70 -111.24 -48.34
CA SER JA 740 111.02 -112.65 -48.14
C SER JA 740 111.61 -112.90 -46.76
N ILE JA 741 112.50 -112.01 -46.32
CA ILE JA 741 113.11 -112.17 -44.99
C ILE JA 741 112.08 -111.98 -43.89
N ILE JA 742 111.15 -111.03 -44.07
CA ILE JA 742 110.09 -110.85 -43.09
C ILE JA 742 109.23 -112.10 -42.99
N GLY JA 743 108.88 -112.70 -44.13
CA GLY JA 743 108.15 -113.95 -44.10
C GLY JA 743 108.92 -115.07 -43.42
N ASN JA 744 110.23 -115.14 -43.68
CA ASN JA 744 111.04 -116.19 -43.05
C ASN JA 744 111.10 -116.01 -41.55
N ILE JA 745 111.25 -114.78 -41.07
CA ILE JA 745 111.33 -114.56 -39.63
C ILE JA 745 109.98 -114.78 -38.97
N ASN JA 746 108.88 -114.48 -39.68
CA ASN JA 746 107.56 -114.81 -39.14
C ASN JA 746 107.38 -116.33 -39.05
N THR JA 747 107.88 -117.06 -40.04
CA THR JA 747 107.89 -118.52 -39.93
C THR JA 747 108.72 -118.97 -38.73
N THR JA 748 109.88 -118.36 -38.52
CA THR JA 748 110.77 -118.66 -37.41
C THR JA 748 111.14 -120.14 -37.36
PG GCP KA . 53.84 -72.71 -143.08
O1G GCP KA . 54.78 -72.55 -141.91
O2G GCP KA . 52.56 -71.98 -142.78
O3G GCP KA . 53.55 -74.16 -143.32
C3B GCP KA . 54.64 -72.00 -144.61
PB GCP KA . 56.47 -72.27 -144.54
O1B GCP KA . 57.02 -71.66 -143.28
O2B GCP KA . 56.77 -73.74 -144.56
O3A GCP KA . 57.16 -71.55 -145.85
PA GCP KA . 57.85 -72.39 -147.07
O1A GCP KA . 59.27 -72.77 -146.71
O2A GCP KA . 57.06 -73.65 -147.32
O5' GCP KA . 57.87 -71.47 -148.43
C5' GCP KA . 56.64 -71.17 -149.03
C4' GCP KA . 56.89 -70.82 -150.52
O4' GCP KA . 57.57 -69.69 -150.58
C3' GCP KA . 57.78 -71.90 -151.15
O3' GCP KA . 57.27 -72.28 -152.35
C2' GCP KA . 59.14 -71.23 -151.35
O2' GCP KA . 59.83 -71.77 -152.56
C1' GCP KA . 58.85 -69.97 -151.52
N9 GCP KA . 59.94 -69.15 -151.08
C8 GCP KA . 60.41 -69.16 -149.83
N7 GCP KA . 61.42 -68.30 -149.76
C5 GCP KA . 61.58 -67.75 -150.97
C6 GCP KA . 62.46 -66.81 -151.45
O6 GCP KA . 63.27 -66.34 -150.73
N1 GCP KA . 62.40 -66.43 -152.71
C2 GCP KA . 61.49 -66.97 -153.55
N2 GCP KA . 61.47 -66.52 -154.92
N3 GCP KA . 60.61 -67.90 -153.07
C4 GCP KA . 60.67 -68.28 -151.79
MG MG LA . 55.90 -73.88 -142.84
PG GCP MA . 49.19 -47.76 -144.86
O1G GCP MA . 49.40 -46.31 -144.53
O2G GCP MA . 47.71 -48.05 -144.99
O3G GCP MA . 49.77 -48.61 -143.76
C3B GCP MA . 50.05 -48.15 -146.46
PB GCP MA . 48.85 -47.99 -147.88
O1B GCP MA . 48.42 -46.55 -148.03
O2B GCP MA . 47.64 -48.84 -147.61
O3A GCP MA . 49.56 -48.52 -149.25
PA GCP MA . 49.45 -47.75 -150.69
O1A GCP MA . 49.65 -46.28 -150.49
O2A GCP MA . 48.09 -48.00 -151.30
O5' GCP MA . 50.63 -48.33 -151.67
C5' GCP MA . 51.86 -48.59 -151.08
C4' GCP MA . 52.73 -49.39 -152.07
O4' GCP MA . 52.06 -50.43 -152.49
C3' GCP MA . 52.98 -48.52 -153.32
O3' GCP MA . 54.29 -48.52 -153.62
C2' GCP MA . 52.18 -49.21 -154.43
O2' GCP MA . 52.85 -49.00 -155.75
C1' GCP MA . 52.26 -50.47 -154.09
N9 GCP MA . 51.21 -51.22 -154.72
C8 GCP MA . 49.94 -51.19 -154.34
N7 GCP MA . 49.26 -52.01 -155.14
C5 GCP MA . 50.12 -52.54 -156.02
C6 GCP MA . 49.95 -53.43 -157.05
O6 GCP MA . 48.88 -53.85 -157.29
N1 GCP MA . 50.98 -53.80 -157.79
C2 GCP MA . 52.20 -53.30 -157.52
N2 GCP MA . 53.30 -53.75 -158.35
N3 GCP MA . 52.38 -52.42 -156.51
C4 GCP MA . 51.33 -52.05 -155.76
MG MG NA . 47.87 -46.34 -146.16
PG GCP OA . 36.29 -7.88 -165.93
O1G GCP OA . 37.46 -8.05 -164.99
O2G GCP OA . 35.09 -7.43 -165.15
O3G GCP OA . 35.98 -9.18 -166.62
C3B GCP OA . 36.71 -6.62 -167.22
PB GCP OA . 38.53 -6.71 -167.61
O1B GCP OA . 39.32 -6.53 -166.35
O2B GCP OA . 38.85 -8.04 -168.22
O3A GCP OA . 38.92 -5.52 -168.67
PA GCP OA . 39.35 -5.81 -170.24
O1A GCP OA . 40.81 -6.15 -170.30
O2A GCP OA . 38.54 -6.97 -170.76
O5' GCP OA . 39.05 -4.47 -171.13
C5' GCP OA . 37.72 -4.09 -171.34
C4' GCP OA . 37.64 -3.22 -172.62
O4' GCP OA . 38.26 -2.10 -172.40
C3' GCP OA . 38.39 -3.93 -173.76
O3' GCP OA . 37.64 -3.91 -174.90
C2' GCP OA . 39.68 -3.10 -173.96
O2' GCP OA . 40.09 -3.12 -175.39
C1' GCP OA . 39.32 -1.91 -173.60
N9 GCP OA . 40.47 -1.19 -173.11
C8 GCP OA . 41.19 -1.59 -172.07
N7 GCP OA . 42.18 -0.70 -171.89
C5 GCP OA . 42.06 0.24 -172.82
C6 GCP OA . 42.80 1.37 -173.09
O6 GCP OA . 43.73 1.63 -172.41
N1 GCP OA . 42.47 2.16 -174.10
C2 GCP OA . 41.40 1.85 -174.87
N2 GCP OA . 41.09 2.76 -175.95
N3 GCP OA . 40.67 0.75 -174.61
C4 GCP OA . 41.01 -0.05 -173.58
MG MG PA . 38.37 -8.87 -166.53
PG GCP QA . 30.88 15.54 -157.63
O1G GCP QA . 31.12 16.81 -156.84
O2G GCP QA . 29.41 15.18 -157.56
O3G GCP QA . 31.69 14.42 -157.03
C3B GCP QA . 31.37 15.83 -159.40
PB GCP QA . 29.90 16.36 -160.39
O1B GCP QA . 29.43 17.71 -159.94
O2B GCP QA . 28.78 15.36 -160.23
O3A GCP QA . 30.32 16.41 -161.98
PA GCP QA . 29.89 17.62 -162.99
O1A GCP QA . 30.09 18.95 -162.31
O2A GCP QA . 28.43 17.47 -163.38
O5' GCP QA . 30.83 17.54 -164.33
C5' GCP QA . 32.17 17.21 -164.11
C4' GCP QA . 32.82 16.90 -165.47
O4' GCP QA . 32.10 16.01 -166.10
C3' GCP QA . 32.77 18.17 -166.34
O3' GCP QA . 34.01 18.40 -166.87
C2' GCP QA . 31.78 17.82 -167.46
O2' GCP QA . 32.14 18.55 -168.71
C1' GCP QA . 31.96 16.55 -167.61
N9 GCP QA . 30.82 15.97 -168.27
C8 GCP QA . 29.65 15.74 -167.66
N7 GCP QA . 28.83 15.20 -168.56
C5 GCP QA . 29.49 15.09 -169.72
C6 GCP QA . 29.13 14.61 -170.95
O6 GCP QA . 28.03 14.19 -171.10
N1 GCP QA . 29.98 14.62 -171.95
C2 GCP QA . 31.22 15.10 -171.77
N2 GCP QA . 32.12 15.08 -172.89
N3 GCP QA . 31.59 15.57 -170.55
C4 GCP QA . 30.71 15.57 -169.53
MG MG RA . 29.28 17.19 -158.05
PG GCP SA . 12.95 58.83 -159.93
O1G GCP SA . 14.28 58.44 -159.35
O2G GCP SA . 11.93 58.85 -158.81
O3G GCP SA . 12.52 57.83 -160.97
C3B GCP SA . 13.06 60.50 -160.73
PB GCP SA . 14.75 60.72 -161.46
O1B GCP SA . 15.80 60.51 -160.40
O2B GCP SA . 14.96 59.71 -162.56
O3A GCP SA . 14.88 62.24 -162.07
PA GCP SA . 14.98 62.55 -163.68
O1A GCP SA . 16.40 62.39 -164.15
O2A GCP SA . 14.10 61.58 -164.44
O5' GCP SA . 14.47 64.08 -163.96
C5' GCP SA . 13.11 64.37 -163.77
C4' GCP SA . 12.74 65.63 -164.59
O4' GCP SA . 13.37 66.67 -164.12
C3' GCP SA . 13.24 65.44 -166.04
O3' GCP SA . 12.28 65.78 -166.92
C2' GCP SA . 14.44 66.40 -166.17
O2' GCP SA . 14.53 66.92 -167.56
C1' GCP SA . 14.15 67.36 -165.34
N9 GCP SA . 15.36 67.97 -164.85
C8 GCP SA . 16.30 67.30 -164.18
N7 GCP SA . 17.28 68.15 -163.89
C5 GCP SA . 16.94 69.35 -164.38
C6 GCP SA . 17.58 70.57 -164.35
O6 GCP SA . 18.64 70.66 -163.83
N1 GCP SA . 17.04 71.62 -164.92
C2 GCP SA . 15.83 71.51 -165.54
N2 GCP SA . 15.27 72.70 -166.15
N3 GCP SA . 15.19 70.32 -165.56
C4 GCP SA . 15.75 69.24 -164.98
MG MG TA . 14.87 58.31 -161.23
PG GCP UA . 8.94 77.24 -142.84
O1G GCP UA . 9.33 78.15 -141.71
O2G GCP UA . 7.53 76.73 -142.64
O3G GCP UA . 9.89 76.07 -142.86
C3B GCP UA . 9.05 78.17 -144.44
PB GCP UA . 7.39 78.86 -144.88
O1B GCP UA . 6.98 79.92 -143.88
O2B GCP UA . 6.35 77.77 -144.88
O3A GCP UA . 7.46 79.51 -146.39
PA GCP UA . 6.78 80.95 -146.79
O1A GCP UA . 7.11 81.97 -145.73
O2A GCP UA . 5.29 80.81 -146.92
O5' GCP UA . 7.44 81.43 -148.21
C5' GCP UA . 8.79 81.17 -148.40
C4' GCP UA . 9.14 81.41 -149.88
O4' GCP UA . 8.32 80.74 -150.63
C3' GCP UA . 8.89 82.90 -150.20
O3' GCP UA . 9.97 83.42 -150.84
C2' GCP UA . 7.68 82.89 -151.15
O2' GCP UA . 7.76 84.02 -152.10
C1' GCP UA . 7.84 81.76 -151.79
N9 GCP UA . 6.61 81.33 -152.37
C8 GCP UA . 5.60 80.80 -151.69
N7 GCP UA . 4.62 80.53 -152.54
C5 GCP UA . 5.02 80.90 -153.76
C6 GCP UA . 4.41 80.85 -154.99
O6 GCP UA . 3.31 80.40 -155.08
N1 GCP UA . 5.03 81.29 -156.07
C2 GCP UA . 6.28 81.79 -155.96
N2 GCP UA . 6.92 82.26 -157.17
N3 GCP UA . 6.89 81.85 -154.76
C4 GCP UA . 6.25 81.39 -153.66
MG MG VA . 7.27 78.77 -142.32
PG GCP WA . -9.94 116.66 -125.84
O1G GCP WA . -8.49 116.23 -125.71
O2G GCP WA . -10.70 116.19 -124.62
O3G GCP WA . -10.54 116.04 -127.07
C3B GCP WA . -10.02 118.50 -125.99
PB GCP WA . -8.54 119.13 -126.91
O1B GCP WA . -7.28 118.67 -126.20
O2B GCP WA . -8.54 118.60 -128.32
O3A GCP WA . -8.57 120.77 -126.93
PA GCP WA . -8.83 121.63 -128.31
O1A GCP WA . -7.54 121.79 -129.06
O2A GCP WA . -9.83 120.91 -129.17
O5' GCP WA . -9.42 123.12 -127.91
C5' GCP WA . -10.71 123.18 -127.36
C4' GCP WA . -11.26 124.61 -127.60
O4' GCP WA . -10.57 125.46 -126.91
C3' GCP WA . -11.09 124.99 -129.08
O3' GCP WA . -12.22 125.52 -129.58
C2' GCP WA . -9.97 126.04 -129.07
O2' GCP WA . -10.18 127.03 -130.18
C1' GCP WA . -10.09 126.62 -127.92
N9 GCP WA . -8.81 127.14 -127.49
C8 GCP WA . -7.75 126.37 -127.30
N7 GCP WA . -6.74 127.16 -126.90
C5 GCP WA . -7.20 128.41 -126.86
C6 GCP WA . -6.59 129.59 -126.52
O6 GCP WA . -5.45 129.60 -126.20
N1 GCP WA . -7.27 130.72 -126.55
C2 GCP WA . -8.57 130.72 -126.92
N2 GCP WA . -9.28 131.98 -126.94
N3 GCP WA . -9.18 129.55 -127.25
C4 GCP WA . -8.48 128.40 -127.21
MG MG XA . -8.32 116.81 -127.58
PG GCP YA . -10.74 127.36 -102.85
O1G GCP YA . -10.15 127.86 -101.57
O2G GCP YA . -12.06 126.68 -102.57
O3G GCP YA . -9.79 126.38 -103.47
C3B GCP YA . -11.00 128.80 -103.99
PB GCP YA . -12.73 129.44 -103.83
O1B GCP YA . -12.93 130.04 -102.46
O2B GCP YA . -13.71 128.32 -104.02
O3A GCP YA . -13.00 130.58 -104.98
PA GCP YA . -13.76 132.00 -104.70
O1A GCP YA . -13.25 132.60 -103.42
O2A GCP YA . -15.25 131.77 -104.58
O5' GCP YA . -13.45 133.01 -105.95
C5' GCP YA . -12.15 132.96 -106.47
C4' GCP YA . -12.13 133.74 -107.80
O4' GCP YA . -13.09 133.29 -108.58
C3' GCP YA . -12.48 135.21 -107.51
O3' GCP YA . -11.58 136.02 -108.11
C2' GCP YA . -13.86 135.41 -108.14
O2' GCP YA . -14.01 136.81 -108.62
C1' GCP YA . -13.82 134.60 -109.17
N9 GCP YA . -15.15 134.29 -109.61
C8 GCP YA . -15.97 133.46 -108.99
N7 GCP YA . -17.11 133.41 -109.68
C5 GCP YA . -16.98 134.22 -110.73
C6 GCP YA . -17.84 134.54 -111.76
O6 GCP YA . -18.92 134.05 -111.80
N1 GCP YA . -17.47 135.39 -112.70
C2 GCP YA . -16.25 135.94 -112.66
N2 GCP YA . -15.89 136.86 -113.72
N3 GCP YA . -15.40 135.62 -111.66
C4 GCP YA . -15.78 134.77 -110.70
MG MG ZA . -12.29 128.45 -101.49
PG GCP AB . 60.40 -125.20 -95.82
O1G GCP AB . 61.10 -124.65 -94.62
O2G GCP AB . 59.15 -124.40 -96.08
O3G GCP AB . 60.02 -126.63 -95.60
C3B GCP AB . 61.52 -125.12 -97.30
PB GCP AB . 63.28 -125.37 -96.75
O1B GCP AB . 63.63 -124.36 -95.70
O2B GCP AB . 63.44 -126.76 -96.19
O3A GCP AB . 64.28 -125.19 -98.05
PA GCP AB . 65.11 -126.44 -98.72
O1A GCP AB . 66.38 -126.68 -97.95
O2A GCP AB . 64.27 -127.68 -98.69
O5' GCP AB . 65.46 -126.06 -100.28
C5' GCP AB . 64.41 -125.98 -101.20
C4' GCP AB . 64.98 -126.19 -102.62
O4' GCP AB . 65.75 -125.19 -102.93
C3' GCP AB . 65.86 -127.45 -102.63
O3' GCP AB . 65.56 -128.22 -103.71
C2' GCP AB . 67.30 -126.92 -102.75
O2' GCP AB . 68.14 -127.89 -103.52
C1' GCP AB . 67.17 -125.81 -103.41
N9 GCP AB . 68.23 -124.91 -103.06
C8 GCP AB . 68.44 -124.47 -101.83
N7 GCP AB . 69.50 -123.66 -101.85
C5 GCP AB . 69.94 -123.59 -103.11
C6 GCP AB . 70.98 -122.91 -103.69
O6 GCP AB . 71.67 -122.23 -103.01
N1 GCP AB . 71.21 -123.02 -104.99
C2 GCP AB . 70.41 -123.80 -105.74
N2 GCP AB . 70.71 -123.88 -107.17
N3 GCP AB . 69.38 -124.47 -105.19
C4 GCP AB . 69.15 -124.37 -103.87
MG MG BB . 62.24 -126.25 -94.76
PG GCP CB . 58.59 -102.50 -107.16
O1G GCP CB . 58.86 -101.03 -107.32
O2G GCP CB . 57.14 -102.78 -107.49
O3G GCP CB . 58.86 -102.90 -105.74
C3B GCP CB . 59.69 -103.46 -108.30
PB GCP CB . 58.81 -103.80 -109.91
O1B GCP CB . 58.56 -102.52 -110.64
O2B GCP CB . 57.49 -104.48 -109.63
O3A GCP CB . 59.72 -104.80 -110.82
PA GCP CB . 59.95 -104.61 -112.43
O1A GCP CB . 60.25 -103.16 -112.71
O2A GCP CB . 58.73 -105.04 -113.19
O5' GCP CB . 61.24 -105.53 -112.88
C5' GCP CB . 62.31 -105.58 -111.98
C4' GCP CB . 63.26 -106.70 -112.42
O4' GCP CB . 62.59 -107.80 -112.57
C3' GCP CB . 63.83 -106.34 -113.80
O3' GCP CB . 65.18 -106.48 -113.81
C2' GCP CB . 63.20 -107.38 -114.75
O2' GCP CB . 64.12 -107.67 -115.88
C1' GCP CB . 63.09 -108.42 -113.98
N9 GCP CB . 62.12 -109.33 -114.52
C8 GCP CB . 60.80 -109.14 -114.45
N7 GCP CB . 60.21 -110.18 -115.05
C5 GCP CB . 61.17 -111.01 -115.48
C6 GCP CB . 61.11 -112.21 -116.14
O6 GCP CB . 60.07 -112.68 -116.44
N1 GCP CB . 62.22 -112.84 -116.47
C2 GCP CB . 63.42 -112.30 -116.13
N2 GCP CB . 64.61 -113.04 -116.51
N3 GCP CB . 63.48 -111.13 -115.47
C4 GCP CB . 62.34 -110.49 -115.15
MG MG DB . 57.69 -101.63 -109.12
PG GCP EB . 52.69 -157.15 -32.94
O1G GCP EB . 53.20 -156.21 -31.87
O2G GCP EB . 51.61 -156.47 -33.73
O3G GCP EB . 52.14 -158.39 -32.31
C3B GCP EB . 54.09 -157.62 -34.08
PB GCP EB . 55.68 -157.71 -33.12
O1B GCP EB . 55.91 -156.38 -32.43
O2B GCP EB . 55.58 -158.80 -32.09
O3A GCP EB . 56.92 -158.02 -34.15
PA GCP EB . 57.74 -159.44 -34.15
O1A GCP EB . 58.81 -159.42 -33.09
O2A GCP EB . 56.78 -160.57 -33.86
O5' GCP EB . 58.42 -159.67 -35.63
C5' GCP EB . 57.57 -159.90 -36.71
C4' GCP EB . 58.38 -160.62 -37.82
O4' GCP EB . 59.29 -159.82 -38.28
C3' GCP EB . 59.12 -161.82 -37.20
O3' GCP EB . 58.96 -162.93 -37.97
C2' GCP EB . 60.60 -161.41 -37.18
O2' GCP EB . 61.48 -162.60 -37.38
C1' GCP EB . 60.70 -160.60 -38.21
N9 GCP EB . 61.76 -159.66 -37.98
C8 GCP EB . 61.77 -158.80 -36.95
N7 GCP EB . 62.90 -158.08 -37.04
C5 GCP EB . 63.57 -158.48 -38.12
C6 GCP EB . 64.75 -158.08 -38.66
O6 GCP EB . 65.37 -157.22 -38.14
N1 GCP EB . 65.22 -158.65 -39.76
C2 GCP EB . 64.51 -159.64 -40.35
N2 GCP EB . 65.06 -160.24 -41.55
N3 GCP EB . 63.34 -160.04 -39.82
C4 GCP EB . 62.87 -159.46 -38.70
MG MG FB . 54.19 -157.77 -31.21
PG GCP GB . 55.26 -140.07 -51.62
O1G GCP GB . 55.71 -138.77 -52.22
O2G GCP GB . 53.90 -140.42 -52.13
O3G GCP GB . 55.23 -139.93 -50.11
C3B GCP GB . 56.48 -141.40 -52.09
PB GCP GB . 55.88 -142.27 -53.62
O1B GCP GB . 55.91 -141.34 -54.80
O2B GCP GB . 54.48 -142.78 -53.41
O3A GCP GB . 56.86 -143.57 -53.91
PA GCP GB . 57.41 -143.97 -55.39
O1A GCP GB . 57.91 -142.74 -56.10
O2A GCP GB . 56.32 -144.62 -56.20
O5' GCP GB . 58.67 -145.01 -55.20
C5' GCP GB . 59.53 -144.75 -54.13
C4' GCP GB . 60.45 -145.99 -53.94
O4' GCP GB . 59.71 -147.05 -53.84
C3' GCP GB . 61.30 -146.17 -55.21
O3' GCP GB . 62.60 -146.32 -54.87
C2' GCP GB . 60.76 -147.46 -55.84
O2' GCP GB . 61.86 -148.16 -56.57
C1' GCP GB . 60.41 -148.14 -54.81
N9 GCP GB . 59.47 -149.17 -55.18
C8 GCP GB . 58.20 -148.95 -55.46
N7 GCP GB . 57.64 -150.12 -55.77
C5 GCP GB . 58.58 -151.06 -55.67
C6 GCP GB . 58.53 -152.42 -55.87
O6 GCP GB . 57.53 -152.93 -56.19
N1 GCP GB . 59.62 -153.14 -55.70
C2 GCP GB . 60.78 -152.56 -55.33
N2 GCP GB . 61.94 -153.40 -55.17
N3 GCP GB . 60.82 -151.22 -55.13
C4 GCP GB . 59.71 -150.48 -55.31
MG MG HB . 54.85 -139.94 -53.90
PG GCP IB . 30.06 -163.99 33.94
O1G GCP IB . 30.45 -162.74 34.70
O2G GCP IB . 29.21 -163.60 32.76
O3G GCP IB . 29.28 -164.91 34.83
C3B GCP IB . 31.60 -164.87 33.37
PB GCP IB . 32.95 -164.63 34.62
O1B GCP IB . 33.18 -163.16 34.83
O2B GCP IB . 32.56 -165.27 35.93
O3A GCP IB . 34.33 -165.32 34.06
PA GCP IB . 35.00 -166.66 34.72
O1A GCP IB . 35.84 -166.28 35.91
O2A GCP IB . 33.90 -167.60 35.18
O5' GCP IB . 35.93 -167.43 33.60
C5' GCP IB . 35.28 -168.02 32.51
C4' GCP IB . 36.22 -169.11 31.93
O4' GCP IB . 37.27 -168.55 31.41
C3' GCP IB . 36.71 -170.01 33.07
O3' GCP IB . 36.59 -171.32 32.72
C2' GCP IB . 38.19 -169.66 33.25
O2' GCP IB . 38.97 -170.85 33.68
C1' GCP IB . 38.56 -169.28 32.06
N9 GCP IB . 39.65 -168.34 32.17
C8 GCP IB . 39.54 -167.17 32.80
N7 GCP IB . 40.72 -166.55 32.72
C5 GCP IB . 41.55 -167.33 32.02
C6 GCP IB . 42.86 -167.17 31.64
O6 GCP IB . 43.44 -166.19 31.94
N1 GCP IB . 43.46 -168.11 30.92
C2 GCP IB . 42.78 -169.23 30.58
N2 GCP IB . 43.49 -170.24 29.81
N3 GCP IB . 41.50 -169.39 30.96
C4 GCP IB . 40.88 -168.43 31.67
MG MG JB . 31.13 -163.98 36.07
PG GCP KB . 37.80 -154.89 11.49
O1G GCP KB . 38.48 -153.90 10.57
O2G GCP KB . 36.53 -155.37 10.85
O3G GCP KB . 37.49 -154.21 12.80
C3B GCP KB . 38.95 -156.32 11.78
PB GCP KB . 38.57 -157.68 10.57
O1B GCP KB . 38.92 -157.23 9.17
O2B GCP KB . 37.12 -158.04 10.62
O3A GCP KB . 39.46 -159.00 10.97
PA GCP KB . 40.25 -159.94 9.87
O1A GCP KB . 40.98 -159.05 8.89
O2A GCP KB . 39.27 -160.80 9.12
O5' GCP KB . 41.34 -160.86 10.67
C5' GCP KB . 42.00 -160.25 11.73
C4' GCP KB . 42.74 -161.34 12.54
O4' GCP KB . 41.90 -162.29 12.85
C3' GCP KB . 43.79 -161.99 11.63
O3' GCP KB . 44.99 -162.04 12.27
C2' GCP KB . 43.27 -163.41 11.39
O2' GCP KB . 44.41 -164.35 11.20
C1' GCP KB . 42.66 -163.67 12.50
N9 GCP KB . 41.72 -164.74 12.31
C8 GCP KB . 40.55 -164.61 11.71
N7 GCP KB . 39.94 -165.79 11.72
C5 GCP KB . 40.75 -166.66 12.33
C6 GCP KB . 40.62 -168.00 12.62
O6 GCP KB . 39.65 -168.59 12.29
N1 GCP KB . 41.58 -168.65 13.26
C2 GCP KB . 42.70 -167.98 13.63
N2 GCP KB . 43.72 -168.74 14.34
N3 GCP KB . 42.83 -166.67 13.37
C4 GCP KB . 41.85 -166.02 12.71
MG MG LB . 37.85 -155.59 9.27
PG GCP MB . -5.53 -145.66 92.49
O1G GCP MB . -5.17 -144.24 92.83
O2G GCP MB . -6.09 -145.72 91.10
O3G GCP MB . -6.55 -146.19 93.46
C3B GCP MB . -4.01 -146.73 92.61
PB GCP MB . -2.90 -146.09 93.94
O1B GCP MB . -2.57 -144.64 93.68
O2B GCP MB . -3.59 -146.20 95.28
O3A GCP MB . -1.51 -146.96 93.97
PA GCP MB . -1.12 -147.99 95.19
O1A GCP MB . -0.48 -147.21 96.32
O2A GCP MB . -2.36 -148.66 95.70
O5' GCP MB . -0.07 -149.11 94.63
C5' GCP MB . -0.53 -150.05 93.71
C4' GCP MB . 0.37 -151.29 93.75
O4' GCP MB . 1.57 -150.98 93.32
C3' GCP MB . 0.55 -151.74 95.22
O3' GCP MB . 0.38 -153.08 95.33
C2' GCP MB . 2.00 -151.36 95.57
O2' GCP MB . 2.56 -152.35 96.55
C1' GCP MB . 2.63 -151.45 94.44
N9 GCP MB . 3.75 -150.56 94.43
C8 GCP MB . 3.65 -149.24 94.59
N7 GCP MB . 4.87 -148.72 94.53
C5 GCP MB . 5.74 -149.72 94.35
C6 GCP MB . 7.10 -149.74 94.22
O6 GCP MB . 7.70 -148.72 94.28
N1 GCP MB . 7.73 -150.88 94.04
C2 GCP MB . 7.05 -152.04 93.97
N2 GCP MB . 7.79 -153.26 93.77
N3 GCP MB . 5.69 -152.02 94.09
C4 GCP MB . 5.05 -150.86 94.28
MG MG NB . -4.90 -144.91 94.66
PG GCP OB . 103.22 -111.69 71.02
O1G GCP OB . 103.58 -110.35 71.63
O2G GCP OB . 102.47 -111.46 69.73
O3G GCP OB . 102.34 -112.47 71.96
C3B GCP OB . 104.76 -112.67 70.69
PB GCP OB . 106.02 -112.29 72.00
O1B GCP OB . 106.28 -110.80 72.03
O2B GCP OB . 105.53 -112.74 73.34
O3A GCP OB . 107.43 -113.08 71.64
PA GCP OB . 108.00 -114.32 72.53
O1A GCP OB . 108.76 -113.80 73.72
O2A GCP OB . 106.85 -115.16 73.02
O5' GCP OB . 108.99 -115.24 71.60
C5' GCP OB . 108.41 -115.97 70.56
C4' GCP OB . 109.36 -117.14 70.19
O4' GCP OB . 110.46 -116.67 69.69
C3' GCP OB . 109.74 -117.90 71.48
O3' GCP OB . 109.61 -119.24 71.30
C2' GCP OB . 111.21 -117.53 71.72
O2' GCP OB . 111.92 -118.68 72.37
C1' GCP OB . 111.68 -117.33 70.53
N9 GCP OB . 112.78 -116.41 70.59
C8 GCP OB . 112.66 -115.17 71.06
N7 GCP OB . 113.86 -114.58 70.98
C5 GCP OB . 114.71 -115.47 70.46
C6 GCP OB . 116.05 -115.39 70.16
O6 GCP OB . 116.63 -114.38 70.37
N1 GCP OB . 116.68 -116.42 69.64
C2 GCP OB . 116.00 -117.56 69.40
N2 GCP OB . 116.74 -118.68 68.82
N3 GCP OB . 114.69 -117.65 69.69
C4 GCP OB . 114.05 -116.59 70.22
MG MG PB . 104.12 -111.41 73.20
PG GCP QB . 112.87 -105.85 48.22
O1G GCP QB . 113.64 -105.01 47.24
O2G GCP QB . 111.64 -106.39 47.56
O3G GCP QB . 112.48 -105.00 49.40
C3B GCP QB . 113.95 -107.25 48.78
PB GCP QB . 113.64 -108.76 47.74
O1B GCP QB . 114.10 -108.51 46.33
O2B GCP QB . 112.17 -109.08 47.74
O3A GCP QB . 114.44 -110.04 48.38
PA GCP QB . 115.29 -111.11 47.48
O1A GCP QB . 116.11 -110.38 46.46
O2A GCP QB . 114.36 -112.06 46.79
O5' GCP QB . 116.29 -111.94 48.48
C5' GCP QB . 116.89 -111.21 49.51
C4' GCP QB . 117.53 -112.20 50.51
O4' GCP QB . 116.65 -113.08 50.88
C3' GCP QB . 118.64 -112.98 49.78
O3' GCP QB . 119.78 -112.96 50.51
C2' GCP QB . 118.09 -114.41 49.69
O2' GCP QB . 119.22 -115.39 49.72
C1' GCP QB . 117.39 -114.50 50.78
N9 GCP QB . 116.44 -115.57 50.67
C8 GCP QB . 115.32 -115.50 49.95
N7 GCP QB . 114.68 -116.67 50.07
C5 GCP QB . 115.42 -117.46 50.87
C6 GCP QB . 115.23 -118.74 51.32
O6 GCP QB . 114.27 -119.34 50.98
N1 GCP QB . 116.12 -119.31 52.11
C2 GCP QB . 117.22 -118.62 52.48
N2 GCP QB . 118.17 -119.28 53.36
N3 GCP QB . 117.41 -117.35 52.04
C4 GCP QB . 116.50 -116.78 51.24
MG MG RB . 113.07 -106.85 46.13
PG GCP SB . 63.88 -85.03 123.68
O1G GCP SB . 64.25 -83.58 123.85
O2G GCP SB . 63.42 -85.27 122.27
O3G GCP SB . 62.77 -85.40 124.63
C3B GCP SB . 65.35 -86.09 124.05
PB GCP SB . 66.38 -85.29 125.37
O1B GCP SB . 66.77 -83.90 124.95
O2B GCP SB . 65.59 -85.22 126.66
O3A GCP SB . 67.74 -86.18 125.63
PA GCP SB . 68.01 -87.03 127.00
O1A GCP SB . 68.59 -86.13 128.06
O2A GCP SB . 66.71 -87.62 127.50
O5' GCP SB . 69.07 -88.25 126.68
C5' GCP SB . 68.64 -89.29 125.86
C4' GCP SB . 69.52 -90.54 126.14
O4' GCP SB . 70.74 -90.31 125.76
C3' GCP SB . 69.57 -90.78 127.67
O3' GCP SB . 69.35 -92.09 127.93
C2' GCP SB . 71.00 -90.39 128.08
O2' GCP SB . 71.45 -91.23 129.21
C1' GCP SB . 71.70 -90.63 127.01
N9 GCP SB . 72.85 -89.77 126.98
C8 GCP SB . 72.77 -88.44 126.95
N7 GCP SB . 74.01 -87.96 126.92
C5 GCP SB . 74.86 -88.99 126.93
C6 GCP SB . 76.23 -89.05 126.92
O6 GCP SB . 76.85 -88.05 126.89
N1 GCP SB . 76.85 -90.22 126.95
C2 GCP SB . 76.12 -91.36 126.98
N2 GCP SB . 76.84 -92.61 127.00
N3 GCP SB . 74.77 -91.30 126.99
C4 GCP SB . 74.15 -90.12 126.97
MG MG TB . 64.38 -83.99 125.76
PG GCP UB . 78.23 -88.02 102.90
O1G GCP UB . 79.25 -87.60 101.88
O2G GCP UB . 77.10 -88.75 102.21
O3G GCP UB . 77.70 -86.79 103.59
C3B GCP UB . 79.04 -89.15 104.14
PB GCP UB . 78.79 -90.92 103.64
O1B GCP UB . 79.53 -91.22 102.36
O2B GCP UB . 77.33 -91.20 103.43
O3A GCP UB . 79.34 -91.90 104.84
PA GCP UB . 80.23 -93.25 104.58
O1A GCP UB . 81.31 -92.95 103.57
O2A GCP UB . 79.36 -94.36 104.07
O5' GCP UB . 80.94 -93.68 106.00
C5' GCP UB . 81.40 -92.64 106.81
C4' GCP UB . 81.74 -93.20 108.20
O4' GCP UB . 80.72 -93.88 108.65
C3' GCP UB . 82.88 -94.22 108.03
O3' GCP UB . 83.87 -93.97 108.94
C2' GCP UB . 82.23 -95.58 108.34
O2' GCP UB . 83.23 -96.51 108.95
C1' GCP UB . 81.33 -95.27 109.22
N9 GCP UB . 80.32 -96.28 109.29
C8 GCP UB . 79.38 -96.45 108.37
N7 GCP UB . 78.61 -97.48 108.75
C5 GCP UB . 79.10 -97.95 109.91
C6 GCP UB . 78.71 -98.97 110.72
O6 GCP UB . 77.78 -99.63 110.43
N1 GCP UB . 79.38 -99.23 111.83
C2 GCP UB . 80.44 -98.48 112.17
N2 GCP UB . 81.13 -98.81 113.40
N3 GCP UB . 80.83 -97.46 111.37
C4 GCP UB . 80.16 -97.20 110.24
MG MG VB . 78.72 -89.72 101.38
PG GCP WB . 17.93 -40.28 153.96
O1G GCP WB . 18.39 -38.87 153.68
O2G GCP WB . 17.73 -41.01 152.66
O3G GCP WB . 16.63 -40.26 154.72
C3B GCP WB . 19.20 -41.16 154.99
PB GCP WB . 20.02 -39.95 156.14
O1B GCP WB . 20.62 -38.83 155.34
O2B GCP WB . 19.01 -39.41 157.11
O3A GCP WB . 21.21 -40.73 156.97
PA GCP WB . 21.14 -41.02 158.58
O1A GCP WB . 21.58 -39.81 159.35
O2A GCP WB . 19.72 -41.37 158.95
O5' GCP WB . 22.12 -42.29 158.93
C5' GCP WB . 21.75 -43.56 158.46
C4' GCP WB . 22.43 -44.64 159.34
O4' GCP WB . 23.73 -44.58 159.17
C3' GCP WB . 22.18 -44.31 160.82
O3' GCP WB . 21.78 -45.43 161.49
C2' GCP WB . 23.52 -43.82 161.36
O2' GCP WB . 23.68 -44.21 162.80
C1' GCP WB . 24.40 -44.46 160.64
N9 GCP WB . 25.61 -43.68 160.55
C8 GCP WB . 25.66 -42.46 160.03
N7 GCP WB . 26.92 -42.04 160.10
C5 GCP WB . 27.65 -43.01 160.66
C6 GCP WB . 28.98 -43.10 160.96
O6 GCP WB . 29.70 -42.19 160.71
N1 GCP WB . 29.48 -44.19 161.52
C2 GCP WB . 28.65 -45.23 161.79
N2 GCP WB . 29.23 -46.41 162.41
N3 GCP WB . 27.34 -45.14 161.51
C4 GCP WB . 26.84 -44.03 160.93
MG MG XB . 18.11 -38.57 155.61
PG GCP YB . 35.64 -50.90 139.11
O1G GCP YB . 36.86 -50.91 138.25
O2G GCP YB . 34.59 -51.80 138.51
O3G GCP YB . 35.10 -49.50 139.20
C3B GCP YB . 36.08 -51.52 140.81
PB GCP YB . 35.77 -53.35 140.93
O1B GCP YB . 36.70 -54.10 140.02
O2B GCP YB . 34.34 -53.64 140.53
O3A GCP YB . 35.97 -53.83 142.48
PA GCP YB . 36.77 -55.21 142.90
O1A GCP YB . 38.04 -55.31 142.10
O2A GCP YB . 35.90 -56.41 142.65
O5' GCP YB . 37.14 -55.10 144.50
C5' GCP YB . 37.54 -53.84 144.97
C4' GCP YB . 37.55 -53.88 146.51
O4' GCP YB . 36.40 -54.32 146.94
C3' GCP YB . 38.61 -54.91 146.96
O3' GCP YB . 39.41 -54.37 147.91
C2' GCP YB . 37.77 -56.05 147.57
O2' GCP YB . 38.55 -56.71 148.67
C1' GCP YB . 36.76 -55.42 148.07
N9 GCP YB . 35.66 -56.32 148.28
C8 GCP YB . 34.89 -56.79 147.29
N7 GCP YB . 33.98 -57.60 147.85
C5 GCP YB . 34.20 -57.62 149.17
C6 GCP YB . 33.55 -58.27 150.19
O6 GCP YB . 32.63 -58.97 149.95
N1 GCP YB . 33.97 -58.13 151.43
C2 GCP YB . 35.02 -57.32 151.70
N2 GCP YB . 35.43 -57.20 153.09
N3 GCP YB . 35.65 -56.67 150.70
C4 GCP YB . 35.23 -56.83 149.44
MG MG ZB . 36.25 -53.04 138.42
PG GCP AC . -28.49 13.32 156.16
O1G GCP AC . -27.86 14.51 155.51
O2G GCP AC . -28.51 12.17 155.18
O3G GCP AC . -29.90 13.64 156.56
C3B GCP AC . -27.54 12.84 157.67
PB GCP AC . -26.84 14.36 158.47
O1B GCP AC . -25.99 15.11 157.48
O2B GCP AC . -27.95 15.24 158.95
O3A GCP AC . -25.90 13.91 159.75
PA GCP AC . -26.32 14.22 161.31
O1A GCP AC . -25.92 15.62 161.69
O2A GCP AC . -27.80 14.07 161.47
O5' GCP AC . -25.55 13.15 162.29
C5' GCP AC . -25.93 11.80 162.22
C4' GCP AC . -25.54 11.11 163.55
O4' GCP AC . -24.24 11.07 163.64
C3' GCP AC . -26.05 11.95 164.73
O3' GCP AC . -26.67 11.16 165.64
C2' GCP AC . -24.78 12.57 165.34
O2' GCP AC . -24.95 12.73 166.81
C1' GCP AC . -23.86 11.70 165.08
N9 GCP AC . -22.58 12.36 164.99
C8 GCP AC . -22.32 13.32 164.11
N7 GCP AC . -21.05 13.71 164.29
C5 GCP AC . -20.54 13.00 165.29
C6 GCP AC . -19.30 12.99 165.88
O6 GCP AC . -18.47 13.73 165.49
N1 GCP AC . -19.04 12.17 166.87
C2 GCP AC . -20.00 11.32 167.31
N2 GCP AC . -19.66 10.44 168.41
N3 GCP AC . -21.22 11.31 166.74
C4 GCP AC . -21.49 12.16 165.72
MG MG BC . -28.47 15.50 157.10
PG GCP CC . -9.38 -2.32 150.10
O1G GCP CC . -8.01 -2.67 149.58
O2G GCP CC . -10.36 -3.36 149.64
O3G GCP CC . -9.77 -0.97 149.58
C3B GCP CC . -9.31 -2.30 151.96
PB GCP CC . -9.83 -3.95 152.63
O1B GCP CC . -8.81 -4.99 152.27
O2B GCP CC . -11.17 -4.34 152.07
O3A GCP CC . -9.97 -3.83 154.26
PA GCP CC . -9.40 -4.98 155.29
O1A GCP CC . -8.02 -5.39 154.88
O2A GCP CC . -10.32 -6.18 155.30
O5' GCP CC . -9.33 -4.31 156.80
C5' GCP CC . -8.91 -2.99 156.87
C4' GCP CC . -9.20 -2.46 158.29
O4' GCP CC . -10.45 -2.69 158.60
C3' GCP CC . -8.36 -3.28 159.29
O3' GCP CC . -7.70 -2.44 160.13
C2' GCP CC . -9.40 -4.10 160.08
O2' GCP CC . -8.92 -4.34 161.47
C1' GCP CC . -10.42 -3.31 160.09
N9 GCP CC . -11.62 -4.05 160.36
C8 GCP CC . -12.23 -4.83 159.47
N7 GCP CC . -13.30 -5.37 160.06
C5 GCP CC . -13.34 -4.91 161.32
C6 GCP CC . -14.23 -5.14 162.34
O6 GCP CC . -15.15 -5.86 162.18
N1 GCP CC . -14.05 -4.56 163.51
C2 GCP CC . -13.00 -3.74 163.70
N2 GCP CC . -12.85 -3.13 165.00
N3 GCP CC . -12.13 -3.51 162.69
C4 GCP CC . -12.31 -4.10 161.50
MG MG DC . -8.84 -4.58 150.35
PG GCP EC . -69.10 65.02 129.53
O1G GCP EC . -68.23 65.89 128.65
O2G GCP EC . -69.03 63.60 129.03
O3G GCP EC . -70.52 65.50 129.48
C3B GCP EC . -68.49 65.10 131.28
PB GCP EC . -67.82 66.80 131.63
O1B GCP EC . -66.74 67.12 130.63
O2B GCP EC . -68.92 67.81 131.52
O3A GCP EC . -67.19 66.83 133.14
PA GCP EC . -67.87 67.69 134.37
O1A GCP EC . -67.42 69.12 134.31
O2A GCP EC . -69.37 67.63 134.25
O5' GCP EC . -67.41 67.02 135.80
C5' GCP EC . -67.90 65.75 136.13
C4' GCP EC . -67.84 65.57 137.67
O4' GCP EC . -66.59 65.55 138.05
C3' GCP EC . -68.48 66.80 138.34
O3' GCP EC . -69.34 66.40 139.32
C2' GCP EC . -67.30 67.58 138.95
O2' GCP EC . -67.73 68.26 140.21
C1' GCP EC . -66.43 66.65 139.22
N9 GCP EC . -65.10 67.21 139.18
C8 GCP EC . -64.59 67.77 138.09
N7 GCP EC . -63.35 68.18 138.39
C5 GCP EC . -63.11 67.86 139.66
C6 GCP EC . -62.02 68.05 140.47
O6 GCP EC . -61.06 68.59 140.03
N1 GCP EC . -62.02 67.64 141.72
C2 GCP EC . -63.13 67.02 142.21
N2 GCP EC . -63.09 66.59 143.59
N3 GCP EC . -64.20 66.83 141.43
C4 GCP EC . -64.19 67.26 140.15
MG MG FC . -69.04 67.39 129.63
PG GCP GC . -50.76 47.86 133.55
O1G GCP GC . -49.35 47.32 133.48
O2G GCP GC . -51.75 46.74 133.28
O3G GCP GC . -50.93 48.94 132.51
C3B GCP GC . -51.06 48.56 135.24
PB GCP GC . -51.85 47.27 136.33
O1B GCP GC . -50.88 46.14 136.58
O2B GCP GC . -53.08 46.73 135.67
O3A GCP GC . -52.29 47.96 137.75
PA GCP GC . -52.04 47.27 139.22
O1A GCP GC . -50.65 46.69 139.27
O2A GCP GC . -53.04 46.17 139.44
O5' GCP GC . -52.20 48.42 140.36
C5' GCP GC . -51.68 49.68 140.06
C4' GCP GC . -52.18 50.69 141.11
O4' GCP GC . -53.47 50.61 141.20
C3' GCP GC . -51.62 50.27 142.48
O3' GCP GC . -51.06 51.34 143.09
C2' GCP GC . -52.86 49.81 143.27
O2' GCP GC . -52.69 50.09 144.72
C1' GCP GC . -53.79 50.58 142.78
N9 GCP GC . -55.09 50.00 143.03
C8 GCP GC . -55.59 48.97 142.37
N7 GCP GC . -56.80 48.70 142.85
C5 GCP GC . -57.04 49.59 143.83
C6 GCP GC . -58.13 49.77 144.66
O6 GCP GC . -59.06 49.05 144.57
N1 GCP GC . -58.12 50.73 145.57
C2 GCP GC . -57.05 51.53 145.68
N2 GCP GC . -57.09 52.58 146.68
N3 GCP GC . -55.98 51.37 144.86
C4 GCP GC . -55.98 50.39 143.94
MG MG HC . -50.51 45.83 134.68
PG GCP IC . -98.69 104.39 78.49
O1G GCP IC . -97.59 104.86 77.58
O2G GCP IC . -98.67 102.89 78.55
O3G GCP IC . -100.03 104.85 77.98
C3B GCP IC . -98.44 105.09 80.19
PB GCP IC . -97.68 106.78 80.07
O1B GCP IC . -96.39 106.70 79.28
O2B GCP IC . -98.64 107.72 79.37
O3A GCP IC . -97.36 107.35 81.58
PA GCP IC . -98.17 108.61 82.25
O1A GCP IC . -97.57 109.91 81.79
O2A GCP IC . -99.62 108.55 81.84
O5' GCP IC . -98.07 108.50 83.88
C5' GCP IC . -98.72 107.45 84.52
C4' GCP IC . -98.97 107.83 86.00
O4' GCP IC . -97.83 107.93 86.62
C3' GCP IC . -99.61 109.23 86.05
O3' GCP IC . -100.67 109.24 86.90
C2' GCP IC . -98.51 110.15 86.59
O2' GCP IC . -99.10 111.25 87.40
C1' GCP IC . -97.79 109.37 87.34
N9 GCP IC . -96.44 109.84 87.39
C8 GCP IC . -95.66 109.97 86.31
N7 GCP IC . -94.48 110.43 86.71
C5 GCP IC . -94.52 110.59 88.03
C6 GCP IC . -93.58 111.03 88.93
O6 GCP IC . -92.51 111.35 88.55
N1 GCP IC . -93.88 111.10 90.22
C2 GCP IC . -95.10 110.73 90.65
N2 GCP IC . -95.37 110.82 92.06
N3 GCP IC . -96.03 110.29 89.77
C4 GCP IC . -95.73 110.23 88.46
MG MG JC . -98.43 106.65 77.77
PG GCP KC . -83.21 89.48 92.08
O1G GCP KC . -81.87 88.93 92.51
O2G GCP KC . -84.22 88.35 92.01
O3G GCP KC . -83.07 90.11 90.72
C3B GCP KC . -83.76 90.74 93.32
PB GCP KC . -84.86 89.95 94.59
O1B GCP KC . -84.06 88.98 95.42
O2B GCP KC . -85.99 89.24 93.91
O3A GCP KC . -85.49 91.13 95.55
PA GCP KC . -85.60 91.00 97.18
O1A GCP KC . -84.31 90.46 97.73
O2A GCP KC . -86.73 90.09 97.55
O5' GCP KC . -85.86 92.50 97.79
C5' GCP KC . -85.17 93.54 97.18
C4' GCP KC . -85.77 94.88 97.68
O4' GCP KC . -87.06 94.87 97.52
C3' GCP KC . -85.53 94.98 99.20
O3' GCP KC . -85.00 96.18 99.51
C2' GCP KC . -86.93 94.86 99.81
O2' GCP KC . -87.01 95.64 101.08
C1' GCP KC . -87.68 95.41 98.91
N9 GCP KC . -89.04 95.00 99.06
C8 GCP KC . -89.50 93.80 98.70
N7 GCP KC . -90.81 93.76 98.99
C5 GCP KC . -91.15 94.94 99.52
C6 GCP KC . -92.34 95.43 99.98
O6 GCP KC . -93.30 94.75 99.94
N1 GCP KC . -92.42 96.66 100.47
C2 GCP KC . -91.32 97.42 100.51
N2 GCP KC . -91.45 98.76 101.06
N3 GCP KC . -90.13 96.95 100.06
C4 GCP KC . -90.06 95.71 99.56
MG MG LC . -83.37 87.98 93.87
PG GCP MC . -114.04 123.22 11.86
O1G GCP MC . -112.75 123.31 11.08
O2G GCP MC . -114.18 121.84 12.44
O3G GCP MC . -115.21 123.50 10.94
C3B GCP MC . -114.05 124.48 13.22
PB GCP MC . -113.12 125.99 12.66
O1B GCP MC . -111.73 125.60 12.25
O2B GCP MC . -113.83 126.64 11.51
O3A GCP MC . -113.04 127.06 13.91
PA GCP MC . -113.84 128.50 13.92
O1A GCP MC . -113.04 129.54 13.17
O2A GCP MC . -115.18 128.33 13.25
O5' GCP MC . -114.06 128.98 15.47
C5' GCP MC . -114.92 128.25 16.27
C4' GCP MC . -115.42 129.15 17.44
O4' GCP MC . -114.41 129.44 18.21
C3' GCP MC . -115.92 130.48 16.86
O3' GCP MC . -117.11 130.81 17.40
C2' GCP MC . -114.85 131.51 17.26
O2' GCP MC . -115.47 132.85 17.50
C1' GCP MC . -114.37 131.04 18.37
N9 GCP MC . -113.01 131.47 18.54
C8 GCP MC . -112.03 131.18 17.68
N7 GCP MC . -110.91 131.73 18.13
C5 GCP MC . -111.18 132.35 19.28
C6 GCP MC . -110.40 133.08 20.14
O6 GCP MC . -109.26 133.22 19.91
N1 GCP MC . -110.93 133.61 21.23
C2 GCP MC . -112.24 133.45 21.49
N2 GCP MC . -112.77 134.06 22.69
N3 GCP MC . -113.03 132.75 20.64
C4 GCP MC . -112.49 132.20 19.53
MG MG NC . -113.43 125.05 10.46
PG GCP OC . -102.95 113.91 32.77
O1G GCP OC . -101.78 113.52 33.63
O2G GCP OC . -104.03 112.86 32.87
O3G GCP OC . -102.49 114.01 31.33
C3B GCP OC . -103.61 115.56 33.33
PB GCP OC . -105.00 115.30 34.53
O1B GCP OC . -104.47 114.67 35.80
O2B GCP OC . -106.04 114.41 33.92
O3A GCP OC . -105.68 116.75 34.87
PA GCP OC . -106.12 117.23 36.38
O1A GCP OC . -105.00 116.90 37.34
O2A GCP OC . -107.38 116.53 36.80
O5' GCP OC . -106.34 118.86 36.35
C5' GCP OC . -105.45 119.60 35.57
C4' GCP OC . -106.00 121.03 35.44
O4' GCP OC . -107.23 120.99 35.02
C3' GCP OC . -106.04 121.67 36.84
O3' GCP OC . -105.47 122.89 36.81
C2' GCP OC . -107.54 121.81 37.14
O2' GCP OC . -107.79 122.99 38.00
C1' GCP OC . -108.05 122.01 35.97
N9 GCP OC . -109.45 121.71 35.95
C8 GCP OC . -109.95 120.47 35.95
N7 GCP OC . -111.28 120.57 35.95
C5 GCP OC . -111.60 121.87 35.95
C6 GCP OC . -112.80 122.51 35.95
O6 GCP OC . -113.81 121.89 35.94
N1 GCP OC . -112.86 123.83 35.94
C2 GCP OC . -111.72 124.55 35.95
N2 GCP OC . -111.82 126.00 35.95
N3 GCP OC . -110.52 123.91 35.95
C4 GCP OC . -110.47 122.57 35.95
MG MG PC . -103.60 113.18 34.88
PG GCP QC . -114.50 116.96 -58.81
O1G GCP QC . -113.08 116.74 -59.26
O2G GCP QC . -114.88 115.89 -57.82
O3G GCP QC . -115.43 116.91 -59.98
C3B GCP QC . -114.64 118.63 -58.02
PB GCP QC . -113.49 119.82 -58.84
O1B GCP QC . -112.08 119.27 -58.80
O2B GCP QC . -113.89 120.01 -60.28
O3A GCP QC . -113.54 121.27 -58.06
PA GCP QC . -114.18 122.62 -58.73
O1A GCP QC . -113.17 123.30 -59.61
O2A GCP QC . -115.39 122.25 -59.56
O5' GCP QC . -114.64 123.64 -57.53
C5' GCP QC . -115.72 123.26 -56.72
C4' GCP QC . -116.33 124.54 -56.08
O4' GCP QC . -115.47 125.06 -55.26
C3' GCP QC . -116.58 125.58 -57.19
O3' GCP QC . -117.82 126.12 -57.06
C2' GCP QC . -115.51 126.66 -56.95
O2' GCP QC . -116.05 128.00 -57.34
C1' GCP QC . -115.30 126.62 -55.67
N9 GCP QC . -113.97 127.05 -55.37
C8 GCP QC . -112.89 126.45 -55.86
N7 GCP QC . -111.81 127.10 -55.39
C5 GCP QC . -112.24 128.11 -54.63
C6 GCP QC . -111.57 129.07 -53.92
O6 GCP QC . -110.39 129.09 -53.94
N1 GCP QC . -112.24 129.97 -53.22
C2 GCP QC . -113.59 129.94 -53.21
N2 GCP QC . -114.28 130.96 -52.44
N3 GCP QC . -114.26 128.99 -53.91
C4 GCP QC . -113.58 128.08 -54.61
MG MG RC . -113.46 118.15 -60.59
PG GCP SC . -108.55 115.62 -34.12
O1G GCP SC . -107.60 115.54 -32.95
O2G GCP SC . -109.72 114.71 -33.88
O3G GCP SC . -107.81 115.18 -35.36
C3B GCP SC . -109.13 117.37 -34.31
PB GCP SC . -110.74 117.60 -33.43
O1B GCP SC . -110.54 117.46 -31.94
O2B GCP SC . -111.74 116.57 -33.89
O3A GCP SC . -111.34 119.08 -33.78
PA GCP SC . -112.00 120.09 -32.66
O1A GCP SC . -111.14 120.11 -31.42
O2A GCP SC . -113.39 119.63 -32.30
O5' GCP SC . -112.06 121.60 -33.29
C5' GCP SC . -110.98 121.99 -34.07
C4' GCP SC . -111.34 123.29 -34.81
O4' GCP SC . -112.47 123.13 -35.45
C3' GCP SC . -111.60 124.39 -33.77
O3' GCP SC . -110.91 125.51 -34.10
C2' GCP SC . -113.11 124.66 -33.87
O2' GCP SC . -113.39 126.08 -33.54
C1' GCP SC . -113.35 124.44 -35.12
N9 GCP SC . -114.75 124.18 -35.32
C8 GCP SC . -115.35 123.04 -34.99
N7 GCP SC . -116.64 123.15 -35.31
C5 GCP SC . -116.83 124.37 -35.83
C6 GCP SC . -117.95 125.00 -36.32
O6 GCP SC . -118.99 124.44 -36.32
N1 GCP SC . -117.87 126.23 -36.78
C2 GCP SC . -116.69 126.87 -36.80
N2 GCP SC . -116.65 128.22 -37.32
N3 GCP SC . -115.58 126.25 -36.32
C4 GCP SC . -115.66 125.01 -35.84
MG MG TC . -109.65 115.72 -32.07
PG GCP UC . -102.02 85.51 -121.16
O1G GCP UC . -100.56 85.11 -121.20
O2G GCP UC . -102.67 84.87 -119.97
O3G GCP UC . -102.71 85.05 -122.42
C3B GCP UC . -102.14 87.36 -121.04
PB GCP UC . -100.74 88.14 -121.98
O1B GCP UC . -99.43 87.62 -121.43
O2B GCP UC . -100.85 87.81 -123.44
O3A GCP UC . -100.81 89.77 -121.77
PA GCP UC . -101.18 90.80 -123.01
O1A GCP UC . -99.96 91.09 -123.82
O2A GCP UC . -102.23 90.19 -123.88
O5' GCP UC . -101.76 92.20 -122.37
C5' GCP UC . -103.01 92.16 -121.73
C4' GCP UC . -103.60 93.59 -121.71
O4' GCP UC . -102.88 94.37 -120.96
C3' GCP UC . -103.54 94.17 -123.14
O3' GCP UC . -104.72 94.74 -123.48
C2' GCP UC . -102.44 95.24 -123.08
O2' GCP UC . -102.76 96.36 -124.01
C1' GCP UC . -102.48 95.66 -121.85
N9 GCP UC . -101.20 96.14 -121.45
C8 GCP UC . -100.10 95.38 -121.44
N7 GCP UC . -99.08 96.13 -121.02
C5 GCP UC . -99.55 97.36 -120.76
C6 GCP UC . -98.94 98.51 -120.32
O6 GCP UC . -97.78 98.50 -120.08
N1 GCP UC . -99.64 99.61 -120.14
C2 GCP UC . -100.97 99.61 -120.41
N2 GCP UC . -101.68 100.86 -120.21
N3 GCP UC . -101.57 98.50 -120.85
C4 GCP UC . -100.86 97.37 -121.02
MG MG VC . -100.54 85.95 -122.98
PG GCP WC . -22.21 158.39 -44.43
O1G GCP WC . -21.37 158.46 -43.18
O2G GCP WC . -23.43 157.54 -44.15
O3G GCP WC . -21.40 157.77 -45.54
C3B GCP WC . -22.74 160.11 -44.90
PB GCP WC . -24.40 160.48 -44.18
O1B GCP WC . -24.32 160.53 -42.68
O2B GCP WC . -25.39 159.41 -44.58
O3A GCP WC . -24.94 161.92 -44.78
PA GCP WC . -25.66 163.06 -43.86
O1A GCP WC . -24.88 163.23 -42.57
O2A GCP WC . -27.08 162.67 -43.55
O5' GCP WC . -25.63 164.48 -44.69
C5' GCP WC . -24.47 164.74 -45.43
C4' GCP WC . -24.75 165.93 -46.36
O4' GCP WC . -25.83 165.70 -47.05
C3' GCP WC . -25.06 167.17 -45.50
O3' GCP WC . -24.31 168.22 -45.93
C2' GCP WC . -26.55 167.44 -45.75
O2' GCP WC . -26.83 168.90 -45.64
C1' GCP WC . -26.71 167.05 -46.97
N9 GCP WC . -28.08 166.79 -47.25
C8 GCP WC . -28.74 165.72 -46.82
N7 GCP WC . -30.00 165.81 -47.25
C5 GCP WC . -30.12 166.94 -47.95
C6 GCP WC . -31.18 167.52 -48.61
O6 GCP WC . -32.23 166.98 -48.61
N1 GCP WC . -31.04 168.67 -49.22
C2 GCP WC . -29.84 169.29 -49.22
N2 GCP WC . -29.74 170.55 -49.92
N3 GCP WC . -28.79 168.73 -48.58
C4 GCP WC . -28.94 167.55 -47.95
MG MG XC . -23.47 158.78 -42.50
PG GCP YC . -21.71 165.65 22.31
O1G GCP YC . -20.61 165.37 23.31
O2G GCP YC . -22.82 164.64 22.47
O3G GCP YC . -21.13 165.54 20.91
C3B GCP YC . -22.36 167.37 22.60
PB GCP YC . -23.84 167.31 23.71
O1B GCP YC . -23.44 166.85 25.08
O2B GCP YC . -24.86 166.35 23.14
O3A GCP YC . -24.51 168.80 23.78
PA GCP YC . -25.05 169.47 25.18
O1A GCP YC . -24.02 169.26 26.26
O2A GCP YC . -26.36 168.87 25.59
O5' GCP YC . -25.23 171.09 24.92
C5' GCP YC . -24.26 171.71 24.13
C4' GCP YC . -24.76 173.11 23.75
O4' GCP YC . -25.96 173.04 23.25
C3' GCP YC . -24.90 173.95 25.05
O3' GCP YC . -24.29 175.14 24.90
C2' GCP YC . -26.41 174.14 25.21
O2' GCP YC . -26.69 175.44 25.89
C1' GCP YC . -26.81 174.19 23.97
N9 GCP YC . -28.22 173.91 23.90
C8 GCP YC . -28.75 172.70 24.03
N7 GCP YC . -30.07 172.81 23.90
C5 GCP YC . -30.36 174.11 23.71
C6 GCP YC . -31.54 174.76 23.52
O6 GCP YC . -32.56 174.15 23.52
N1 GCP YC . -31.56 176.06 23.34
C2 GCP YC . -30.40 176.76 23.34
N2 GCP YC . -30.47 178.19 23.13
N3 GCP YC . -29.23 176.11 23.52
C4 GCP YC . -29.22 174.78 23.70
MG MG ZC . -22.53 165.23 24.45
PG GCP AD . -7.19 149.15 85.74
O1G GCP AD . -5.91 148.63 86.34
O2G GCP AD . -8.23 148.05 85.74
O3G GCP AD . -6.93 149.59 84.32
C3B GCP AD . -7.80 150.58 86.75
PB GCP AD . -9.01 149.99 88.02
O1B GCP AD . -8.32 149.11 89.04
O2B GCP AD . -10.11 149.20 87.36
O3A GCP AD . -9.68 151.29 88.76
PA GCP AD . -9.92 151.38 90.39
O1A GCP AD . -8.69 150.91 91.10
O2A GCP AD . -11.10 150.55 90.79
O5' GCP AD . -10.19 152.96 90.77
C5' GCP AD . -9.43 153.90 90.08
C4' GCP AD . -10.03 155.30 90.35
O4' GCP AD . -11.30 155.29 90.08
C3' GCP AD . -9.90 155.60 91.85
O3' GCP AD . -9.36 156.83 92.03
C2' GCP AD . -11.35 155.58 92.36
O2' GCP AD . -11.51 156.53 93.50
C1' GCP AD . -12.01 156.02 91.33
N9 GCP AD . -13.39 155.66 91.43
C8 GCP AD . -13.85 154.42 91.21
N7 GCP AD . -15.17 154.44 91.38
C5 GCP AD . -15.53 155.69 91.73
C6 GCP AD . -16.75 156.25 92.03
O6 GCP AD . -17.72 155.59 92.00
N1 GCP AD . -16.82 157.54 92.34
C2 GCP AD . -15.71 158.29 92.37
N2 GCP AD . -15.85 159.69 92.72
N3 GCP AD . -14.51 157.74 92.08
C4 GCP AD . -14.42 156.43 91.75
MG MG BD . -7.53 147.92 87.69
PG GCP CD . 135.42 -100.01 -14.73
O1G GCP CD . 135.94 -98.81 -15.47
O2G GCP CD . 134.08 -100.41 -15.30
O3G GCP CD . 135.27 -99.67 -13.28
C3B GCP CD . 136.63 -101.42 -14.93
PB GCP CD . 136.12 -102.48 -16.37
O1B GCP CD . 136.27 -101.71 -17.66
O2B GCP CD . 134.70 -102.92 -16.20
O3A GCP CD . 137.08 -103.81 -16.40
PA GCP CD . 137.74 -104.43 -17.77
O1A GCP CD . 138.31 -103.30 -18.59
O2A GCP CD . 136.69 -105.16 -18.57
O5' GCP CD . 138.94 -105.45 -17.35
C5' GCP CD . 139.73 -105.08 -16.26
C4' GCP CD . 140.59 -106.28 -15.83
O4' GCP CD . 139.82 -107.31 -15.65
C3' GCP CD . 141.53 -106.64 -17.00
O3' GCP CD . 142.80 -106.78 -16.55
C2' GCP CD . 141.01 -108.01 -17.49
O2' GCP CD . 142.12 -108.82 -18.03
C1' GCP CD . 140.56 -108.54 -16.40
N9 GCP CD . 139.62 -109.59 -16.71
C8 GCP CD . 138.38 -109.38 -17.12
N7 GCP CD . 137.81 -110.57 -17.31
C5 GCP CD . 138.70 -111.52 -17.01
C6 GCP CD . 138.65 -112.89 -17.03
O6 GCP CD . 137.65 -113.42 -17.36
N1 GCP CD . 139.70 -113.60 -16.69
C2 GCP CD . 140.83 -112.99 -16.31
N2 GCP CD . 141.95 -113.82 -15.93
N3 GCP CD . 140.89 -111.63 -16.28
C4 GCP CD . 139.83 -110.90 -16.64
MG MG DD . 135.18 -100.19 -17.05
#